data_2MSC
#
_entry.id   2MSC
#
loop_
_entity.id
_entity.type
_entity.pdbx_description
1 polymer 'Apolipoprotein A-I'
2 polymer 'GTPase KRas'
3 non-polymer 1,2-DIOLEOYL-SN-GLYCERO-3-PHOSPHOCHOLINE
4 non-polymer O-[(S)-({(2R)-2,3-bis[(9Z)-octadec-9-enoyloxy]propyl}oxy)(hydroxy)phosphoryl]-L-serine
5 non-polymer "GUANOSINE-5'-DIPHOSPHATE"
6 non-polymer 'MAGNESIUM ION'
#
loop_
_entity_poly.entity_id
_entity_poly.type
_entity_poly.pdbx_seq_one_letter_code
_entity_poly.pdbx_strand_id
1 'polypeptide(L)'
;GPLKLLDNWDSVTSTFSKLREQLGPVTQEFWDNLEKETEGLRQEMSKDLEEVKAKVQPYLDDFQKKWQEEMELYRQKVEP
LRAELQEGARQKLHELQEKLSPLGEEMRDRARAHVDALRTHLAPYSDELRQRLAARLEALKENGGARLAEYHAKATEHLS
TLSEKAKPALEDLRQGLLPVLESFKVSFLSALEEYTKKLN
;
A,C
2 'polypeptide(L)'
;GSMTEYKLVVVGAGGVGKSALTIQLIQNHFVDEYDPTIEDSYRKQVVIDGETCLLDILDTAGQEEYSAMRDQYMRTGEGF
LCVFAINNTKSFEDIHHYREQIKRVKDSEDVPMVLVGNKCDLPSRTVDTKQAQDLARSYGIPFIETSAKTRQGVDDAFYT
LVREIRKHKEKMSKDGKKKKKKSKTKC
;
B
#
loop_
_chem_comp.id
_chem_comp.type
_chem_comp.name
_chem_comp.formula
17F non-polymer O-[(S)-({(2R)-2,3-bis[(9Z)-octadec-9-enoyloxy]propyl}oxy)(hydroxy)phosphoryl]-L-serine 'C42 H78 N O10 P'
GDP RNA linking GUANOSINE-5'-DIPHOSPHATE 'C10 H15 N5 O11 P2'
MG non-polymer 'MAGNESIUM ION' 'Mg 2'
PCW non-polymer 1,2-DIOLEOYL-SN-GLYCERO-3-PHOSPHOCHOLINE 'C44 H85 N O8 P 1'
#
# COMPACT_ATOMS: atom_id res chain seq x y z
N LEU A 3 -29.81 1.82 -34.39
CA LEU A 3 -30.88 0.82 -34.43
C LEU A 3 -30.35 -0.53 -33.97
N LYS A 4 -29.06 -0.74 -34.19
CA LYS A 4 -28.41 -2.00 -33.80
C LYS A 4 -28.55 -2.25 -32.31
N LEU A 5 -28.17 -1.25 -31.52
CA LEU A 5 -28.25 -1.36 -30.06
C LEU A 5 -29.68 -1.26 -29.56
N LEU A 6 -30.61 -0.95 -30.46
CA LEU A 6 -32.02 -0.84 -30.09
C LEU A 6 -32.73 -2.17 -30.27
N ASP A 7 -32.61 -2.75 -31.46
CA ASP A 7 -33.24 -4.03 -31.75
C ASP A 7 -32.60 -5.15 -30.94
N ASN A 8 -31.29 -5.10 -30.82
CA ASN A 8 -30.56 -6.10 -30.06
C ASN A 8 -30.94 -6.04 -28.58
N TRP A 9 -31.16 -4.81 -28.10
CA TRP A 9 -31.55 -4.62 -26.71
C TRP A 9 -32.93 -5.22 -26.45
N ASP A 10 -33.80 -5.13 -27.45
CA ASP A 10 -35.14 -5.68 -27.33
C ASP A 10 -35.06 -7.19 -27.18
N SER A 11 -34.09 -7.80 -27.86
CA SER A 11 -33.90 -9.25 -27.79
C SER A 11 -33.46 -9.64 -26.37
N VAL A 12 -32.72 -8.74 -25.73
CA VAL A 12 -32.28 -8.98 -24.37
C VAL A 12 -33.42 -8.68 -23.40
N THR A 13 -34.18 -7.63 -23.69
CA THR A 13 -35.32 -7.23 -22.87
C THR A 13 -36.38 -8.33 -22.83
N SER A 14 -36.67 -8.91 -24.00
CA SER A 14 -37.65 -9.98 -24.09
C SER A 14 -37.16 -11.21 -23.33
N THR A 15 -35.84 -11.34 -23.24
CA THR A 15 -35.23 -12.45 -22.52
C THR A 15 -35.35 -12.21 -21.02
N PHE A 16 -35.12 -10.96 -20.61
CA PHE A 16 -35.19 -10.58 -19.21
C PHE A 16 -36.62 -10.69 -18.67
N SER A 17 -37.58 -10.19 -19.45
CA SER A 17 -38.98 -10.23 -19.06
C SER A 17 -39.44 -11.68 -18.89
N LYS A 18 -39.16 -12.51 -19.89
CA LYS A 18 -39.53 -13.91 -19.84
C LYS A 18 -38.72 -14.65 -18.78
N LEU A 19 -37.54 -14.13 -18.48
CA LEU A 19 -36.71 -14.72 -17.45
C LEU A 19 -37.39 -14.52 -16.11
N ARG A 20 -37.98 -13.34 -15.93
CA ARG A 20 -38.70 -13.00 -14.72
C ARG A 20 -39.96 -13.86 -14.63
N GLU A 21 -40.51 -14.21 -15.79
CA GLU A 21 -41.69 -15.06 -15.85
C GLU A 21 -41.37 -16.43 -15.28
N GLN A 22 -40.10 -16.81 -15.39
CA GLN A 22 -39.63 -18.09 -14.87
C GLN A 22 -39.13 -17.89 -13.44
N LEU A 23 -38.54 -16.72 -13.19
CA LEU A 23 -38.02 -16.38 -11.87
C LEU A 23 -39.13 -16.37 -10.83
N GLY A 24 -40.33 -15.97 -11.26
CA GLY A 24 -41.48 -15.94 -10.37
C GLY A 24 -41.70 -17.29 -9.73
N PRO A 25 -42.09 -18.32 -10.50
CA PRO A 25 -42.30 -19.67 -9.98
C PRO A 25 -41.02 -20.20 -9.34
N VAL A 26 -39.87 -19.87 -9.92
CA VAL A 26 -38.57 -20.31 -9.39
C VAL A 26 -38.42 -19.89 -7.93
N THR A 27 -38.69 -18.63 -7.61
CA THR A 27 -38.57 -18.16 -6.25
C THR A 27 -39.61 -18.81 -5.35
N GLN A 28 -40.81 -19.03 -5.90
CA GLN A 28 -41.89 -19.67 -5.15
C GLN A 28 -41.55 -21.12 -4.84
N GLU A 29 -41.10 -21.84 -5.85
CA GLU A 29 -40.72 -23.24 -5.70
C GLU A 29 -39.49 -23.36 -4.81
N PHE A 30 -38.55 -22.43 -4.98
CA PHE A 30 -37.36 -22.42 -4.15
C PHE A 30 -37.76 -22.19 -2.71
N TRP A 31 -38.71 -21.28 -2.52
CA TRP A 31 -39.21 -20.97 -1.20
C TRP A 31 -39.92 -22.19 -0.62
N ASP A 32 -40.73 -22.86 -1.45
CA ASP A 32 -41.45 -24.05 -1.04
C ASP A 32 -40.47 -25.11 -0.57
N ASN A 33 -39.44 -25.34 -1.37
CA ASN A 33 -38.40 -26.31 -1.03
C ASN A 33 -37.66 -25.87 0.21
N LEU A 34 -37.39 -24.56 0.32
CA LEU A 34 -36.70 -24.01 1.48
C LEU A 34 -37.57 -24.16 2.71
N GLU A 35 -38.89 -24.09 2.53
CA GLU A 35 -39.84 -24.27 3.61
C GLU A 35 -39.72 -25.68 4.14
N LYS A 36 -39.70 -26.65 3.23
CA LYS A 36 -39.58 -28.05 3.60
C LYS A 36 -38.20 -28.28 4.23
N GLU A 37 -37.21 -27.59 3.70
CA GLU A 37 -35.84 -27.67 4.20
C GLU A 37 -35.81 -27.18 5.64
N THR A 38 -36.37 -25.98 5.86
CA THR A 38 -36.40 -25.39 7.19
C THR A 38 -37.34 -26.18 8.11
N GLU A 39 -38.35 -26.81 7.52
CA GLU A 39 -39.29 -27.63 8.28
C GLU A 39 -38.55 -28.80 8.89
N GLY A 40 -37.78 -29.49 8.04
CA GLY A 40 -37.01 -30.62 8.51
C GLY A 40 -35.97 -30.15 9.50
N LEU A 41 -35.27 -29.07 9.13
CA LEU A 41 -34.23 -28.49 9.98
C LEU A 41 -34.80 -27.98 11.30
N ARG A 42 -36.07 -27.58 11.29
CA ARG A 42 -36.72 -27.10 12.50
C ARG A 42 -36.83 -28.23 13.49
N GLN A 43 -37.39 -29.34 13.04
CA GLN A 43 -37.53 -30.52 13.89
C GLN A 43 -36.15 -31.05 14.23
N GLU A 44 -35.23 -30.92 13.27
CA GLU A 44 -33.86 -31.35 13.45
C GLU A 44 -33.23 -30.56 14.57
N MET A 45 -33.28 -29.23 14.46
CA MET A 45 -32.70 -28.34 15.47
C MET A 45 -33.34 -28.58 16.83
N SER A 46 -34.61 -28.97 16.83
CA SER A 46 -35.32 -29.25 18.07
C SER A 46 -34.69 -30.44 18.77
N LYS A 47 -34.23 -31.41 17.97
CA LYS A 47 -33.60 -32.61 18.49
C LYS A 47 -32.11 -32.37 18.69
N ASP A 48 -31.50 -31.75 17.69
CA ASP A 48 -30.07 -31.44 17.71
C ASP A 48 -29.71 -30.65 18.96
N LEU A 49 -30.25 -29.45 19.08
CA LEU A 49 -29.97 -28.59 20.22
C LEU A 49 -30.36 -29.26 21.53
N GLU A 50 -31.38 -30.11 21.49
CA GLU A 50 -31.83 -30.83 22.67
C GLU A 50 -30.77 -31.82 23.12
N GLU A 51 -30.36 -32.69 22.21
CA GLU A 51 -29.34 -33.70 22.52
C GLU A 51 -27.95 -33.07 22.62
N VAL A 52 -27.85 -31.81 22.24
CA VAL A 52 -26.59 -31.09 22.32
C VAL A 52 -26.49 -30.33 23.63
N LYS A 53 -27.55 -29.60 24.00
CA LYS A 53 -27.55 -28.82 25.23
C LYS A 53 -27.89 -29.68 26.46
N ALA A 54 -28.98 -30.43 26.39
CA ALA A 54 -29.39 -31.26 27.52
C ALA A 54 -28.31 -32.30 27.83
N LYS A 55 -27.59 -32.71 26.79
CA LYS A 55 -26.54 -33.69 26.96
C LYS A 55 -25.17 -33.02 27.16
N VAL A 56 -25.09 -31.71 26.91
CA VAL A 56 -23.83 -31.00 27.11
C VAL A 56 -23.62 -30.79 28.60
N GLN A 57 -24.72 -30.78 29.34
CA GLN A 57 -24.67 -30.62 30.79
C GLN A 57 -23.83 -31.75 31.40
N PRO A 58 -24.22 -33.04 31.21
CA PRO A 58 -23.45 -34.17 31.73
C PRO A 58 -22.04 -34.19 31.13
N TYR A 59 -21.90 -33.66 29.91
CA TYR A 59 -20.60 -33.60 29.25
C TYR A 59 -19.69 -32.65 30.01
N LEU A 60 -20.16 -31.43 30.18
CA LEU A 60 -19.41 -30.40 30.89
C LEU A 60 -19.28 -30.76 32.36
N ASP A 61 -20.34 -31.32 32.94
CA ASP A 61 -20.33 -31.73 34.33
C ASP A 61 -19.26 -32.79 34.56
N ASP A 62 -19.05 -33.61 33.54
CA ASP A 62 -18.05 -34.67 33.58
C ASP A 62 -16.67 -34.06 33.42
N PHE A 63 -16.52 -33.22 32.40
CA PHE A 63 -15.25 -32.56 32.12
C PHE A 63 -14.84 -31.62 33.25
N GLN A 64 -15.83 -30.98 33.87
CA GLN A 64 -15.58 -30.06 34.98
C GLN A 64 -14.98 -30.78 36.17
N LYS A 65 -15.47 -31.98 36.45
CA LYS A 65 -14.95 -32.79 37.56
C LYS A 65 -13.47 -33.05 37.31
N LYS A 66 -13.17 -33.50 36.11
CA LYS A 66 -11.81 -33.78 35.71
C LYS A 66 -10.98 -32.50 35.69
N TRP A 67 -11.53 -31.44 35.11
CA TRP A 67 -10.86 -30.16 35.03
C TRP A 67 -10.54 -29.63 36.42
N GLN A 68 -11.48 -29.82 37.34
CA GLN A 68 -11.30 -29.38 38.72
C GLN A 68 -10.15 -30.17 39.35
N GLU A 69 -10.24 -31.49 39.27
CA GLU A 69 -9.20 -32.35 39.82
C GLU A 69 -7.87 -32.07 39.13
N GLU A 70 -7.92 -31.81 37.83
CA GLU A 70 -6.74 -31.49 37.05
C GLU A 70 -6.09 -30.22 37.58
N MET A 71 -6.91 -29.19 37.78
CA MET A 71 -6.43 -27.92 38.29
C MET A 71 -5.96 -28.06 39.73
N GLU A 72 -6.76 -28.76 40.54
CA GLU A 72 -6.44 -28.98 41.94
C GLU A 72 -5.13 -29.74 42.07
N LEU A 73 -5.01 -30.84 41.35
CA LEU A 73 -3.80 -31.64 41.38
C LEU A 73 -2.63 -30.83 40.86
N TYR A 74 -2.88 -30.03 39.81
CA TYR A 74 -1.86 -29.17 39.24
C TYR A 74 -1.36 -28.19 40.28
N ARG A 75 -2.29 -27.53 40.96
CA ARG A 75 -1.95 -26.56 42.02
C ARG A 75 -1.24 -27.28 43.15
N GLN A 76 -1.76 -28.44 43.51
CA GLN A 76 -1.20 -29.28 44.57
C GLN A 76 0.24 -29.64 44.23
N LYS A 77 0.53 -29.72 42.95
CA LYS A 77 1.87 -30.03 42.47
C LYS A 77 2.68 -28.74 42.39
N VAL A 78 2.06 -27.69 41.86
CA VAL A 78 2.70 -26.39 41.70
C VAL A 78 3.39 -25.91 42.98
N GLU A 79 2.69 -26.00 44.11
CA GLU A 79 3.26 -25.56 45.38
C GLU A 79 4.65 -26.16 45.66
N PRO A 80 4.76 -27.51 45.84
CA PRO A 80 6.05 -28.14 46.08
C PRO A 80 6.98 -28.07 44.86
N LEU A 81 6.42 -28.19 43.66
CA LEU A 81 7.22 -28.14 42.44
C LEU A 81 7.87 -26.76 42.26
N ARG A 82 7.12 -25.72 42.58
CA ARG A 82 7.63 -24.35 42.48
C ARG A 82 8.71 -24.16 43.53
N ALA A 83 8.49 -24.81 44.68
CA ALA A 83 9.45 -24.76 45.76
C ALA A 83 10.74 -25.45 45.33
N GLU A 84 10.60 -26.63 44.72
CA GLU A 84 11.73 -27.39 44.21
C GLU A 84 12.49 -26.56 43.19
N LEU A 85 11.74 -25.98 42.25
CA LEU A 85 12.32 -25.15 41.20
C LEU A 85 13.01 -23.94 41.81
N GLN A 86 12.35 -23.30 42.77
CA GLN A 86 12.90 -22.12 43.43
C GLN A 86 14.14 -22.48 44.24
N GLU A 87 14.09 -23.61 44.94
CA GLU A 87 15.23 -24.07 45.73
C GLU A 87 16.39 -24.38 44.81
N GLY A 88 16.11 -25.16 43.76
CA GLY A 88 17.13 -25.50 42.80
C GLY A 88 17.67 -24.25 42.13
N ALA A 89 16.77 -23.35 41.77
CA ALA A 89 17.14 -22.10 41.13
C ALA A 89 17.97 -21.25 42.08
N ARG A 90 17.63 -21.30 43.36
CA ARG A 90 18.35 -20.55 44.38
C ARG A 90 19.79 -21.01 44.42
N GLN A 91 19.99 -22.33 44.40
CA GLN A 91 21.34 -22.89 44.41
C GLN A 91 22.07 -22.49 43.13
N LYS A 92 21.40 -22.63 42.01
CA LYS A 92 21.96 -22.29 40.71
C LYS A 92 22.28 -20.80 40.63
N LEU A 93 21.36 -19.97 41.14
CA LEU A 93 21.55 -18.53 41.12
C LEU A 93 22.66 -18.12 42.08
N HIS A 94 22.67 -18.73 43.26
CA HIS A 94 23.70 -18.42 44.25
C HIS A 94 25.07 -18.84 43.73
N GLU A 95 25.09 -19.96 43.02
CA GLU A 95 26.31 -20.46 42.42
C GLU A 95 26.77 -19.45 41.36
N LEU A 96 25.80 -18.91 40.64
CA LEU A 96 26.07 -17.92 39.61
C LEU A 96 26.55 -16.62 40.26
N GLN A 97 25.98 -16.29 41.40
CA GLN A 97 26.37 -15.08 42.12
C GLN A 97 27.84 -15.14 42.49
N GLU A 98 28.26 -16.29 43.01
CA GLU A 98 29.64 -16.51 43.42
C GLU A 98 30.54 -16.79 42.22
N LYS A 99 29.93 -16.85 41.04
CA LYS A 99 30.67 -17.08 39.82
C LYS A 99 30.83 -15.76 39.06
N LEU A 100 29.77 -14.95 39.09
CA LEU A 100 29.78 -13.66 38.42
C LEU A 100 30.74 -12.69 39.09
N SER A 101 30.97 -12.88 40.38
CA SER A 101 31.89 -12.02 41.11
C SER A 101 33.31 -12.12 40.56
N PRO A 102 33.94 -13.31 40.58
CA PRO A 102 35.28 -13.47 40.02
C PRO A 102 35.29 -13.30 38.51
N LEU A 103 34.24 -13.77 37.85
CA LEU A 103 34.12 -13.66 36.41
C LEU A 103 34.13 -12.19 36.00
N GLY A 104 33.33 -11.39 36.69
CA GLY A 104 33.25 -9.97 36.40
C GLY A 104 34.52 -9.25 36.78
N GLU A 105 35.02 -9.52 37.98
CA GLU A 105 36.24 -8.90 38.46
C GLU A 105 37.41 -9.22 37.54
N GLU A 106 37.56 -10.49 37.18
CA GLU A 106 38.63 -10.91 36.29
C GLU A 106 38.41 -10.34 34.91
N MET A 107 37.14 -10.19 34.51
CA MET A 107 36.81 -9.62 33.21
C MET A 107 37.25 -8.17 33.19
N ARG A 108 37.04 -7.48 34.31
CA ARG A 108 37.42 -6.09 34.45
C ARG A 108 38.94 -5.98 34.41
N ASP A 109 39.61 -6.91 35.07
CA ASP A 109 41.07 -6.93 35.11
C ASP A 109 41.62 -7.28 33.72
N ARG A 110 40.93 -8.18 33.03
CA ARG A 110 41.34 -8.57 31.68
C ARG A 110 41.14 -7.37 30.77
N ALA A 111 40.13 -6.57 31.05
CA ALA A 111 39.84 -5.37 30.27
C ALA A 111 40.98 -4.37 30.43
N ARG A 112 41.67 -4.44 31.57
CA ARG A 112 42.81 -3.56 31.85
C ARG A 112 43.98 -3.98 30.96
N ALA A 113 43.93 -5.20 30.47
CA ALA A 113 44.96 -5.71 29.58
C ALA A 113 44.39 -5.86 28.18
N HIS A 114 43.14 -5.47 28.03
CA HIS A 114 42.44 -5.53 26.77
C HIS A 114 42.23 -4.13 26.22
N VAL A 115 41.23 -3.45 26.77
CA VAL A 115 40.89 -2.09 26.36
C VAL A 115 42.00 -1.11 26.74
N ASP A 116 42.46 -1.20 27.98
CA ASP A 116 43.51 -0.31 28.47
C ASP A 116 44.79 -0.48 27.66
N ALA A 117 45.11 -1.72 27.31
CA ALA A 117 46.30 -2.00 26.50
C ALA A 117 46.07 -1.51 25.08
N LEU A 118 44.82 -1.55 24.64
CA LEU A 118 44.45 -1.10 23.31
C LEU A 118 44.53 0.42 23.24
N ARG A 119 44.31 1.07 24.38
CA ARG A 119 44.39 2.53 24.45
C ARG A 119 45.80 2.97 24.08
N THR A 120 46.78 2.32 24.67
CA THR A 120 48.19 2.63 24.42
C THR A 120 48.63 2.13 23.05
N HIS A 121 47.73 1.45 22.34
CA HIS A 121 48.01 0.95 21.00
C HIS A 121 47.30 1.78 19.96
N LEU A 122 46.03 2.06 20.20
CA LEU A 122 45.22 2.85 19.28
C LEU A 122 45.71 4.29 19.22
N ALA A 123 46.22 4.80 20.34
CA ALA A 123 46.72 6.17 20.40
C ALA A 123 47.84 6.41 19.37
N PRO A 124 48.96 5.66 19.44
CA PRO A 124 50.06 5.82 18.48
C PRO A 124 49.62 5.48 17.06
N TYR A 125 48.75 4.48 16.93
CA TYR A 125 48.26 4.07 15.62
C TYR A 125 47.47 5.20 14.96
N SER A 126 46.54 5.80 15.71
CA SER A 126 45.75 6.90 15.18
C SER A 126 46.61 8.12 14.93
N ASP A 127 47.60 8.32 15.80
CA ASP A 127 48.52 9.44 15.66
C ASP A 127 49.34 9.27 14.40
N GLU A 128 49.81 8.05 14.17
CA GLU A 128 50.58 7.73 12.97
C GLU A 128 49.67 7.80 11.76
N LEU A 129 48.40 7.43 11.96
CA LEU A 129 47.41 7.48 10.89
C LEU A 129 47.24 8.91 10.41
N ARG A 130 47.46 9.86 11.32
CA ARG A 130 47.36 11.27 10.99
C ARG A 130 48.47 11.66 10.02
N GLN A 131 49.63 11.02 10.17
CA GLN A 131 50.76 11.26 9.29
C GLN A 131 50.49 10.62 7.94
N ARG A 132 49.90 9.43 7.99
CA ARG A 132 49.56 8.69 6.79
C ARG A 132 48.49 9.46 6.02
N LEU A 133 47.51 9.98 6.76
CA LEU A 133 46.45 10.77 6.17
C LEU A 133 47.03 12.01 5.52
N ALA A 134 48.06 12.58 6.15
CA ALA A 134 48.71 13.77 5.63
C ALA A 134 49.40 13.43 4.31
N ALA A 135 50.08 12.28 4.27
CA ALA A 135 50.75 11.84 3.07
C ALA A 135 49.75 11.63 1.95
N ARG A 136 48.64 10.96 2.29
CA ARG A 136 47.58 10.71 1.32
C ARG A 136 46.93 12.02 0.89
N LEU A 137 46.65 12.88 1.87
CA LEU A 137 46.05 14.18 1.60
C LEU A 137 46.94 15.02 0.69
N GLU A 138 48.24 14.97 0.93
CA GLU A 138 49.19 15.73 0.12
C GLU A 138 49.15 15.22 -1.32
N ALA A 139 49.12 13.90 -1.47
CA ALA A 139 49.05 13.31 -2.80
C ALA A 139 47.71 13.67 -3.44
N LEU A 140 46.65 13.64 -2.63
CA LEU A 140 45.32 13.99 -3.10
C LEU A 140 45.23 15.48 -3.40
N LYS A 141 46.12 16.27 -2.81
CA LYS A 141 46.14 17.70 -3.05
C LYS A 141 46.90 17.97 -4.34
N GLU A 142 48.03 17.28 -4.49
CA GLU A 142 48.85 17.41 -5.69
C GLU A 142 48.09 16.88 -6.89
N ASN A 143 47.62 15.64 -6.76
CA ASN A 143 46.86 15.00 -7.83
C ASN A 143 45.50 15.65 -7.96
N GLY A 144 44.97 16.16 -6.84
CA GLY A 144 43.68 16.82 -6.87
C GLY A 144 43.76 18.13 -7.62
N GLY A 145 44.78 18.92 -7.31
CA GLY A 145 44.97 20.19 -7.98
C GLY A 145 45.24 19.96 -9.44
N ALA A 146 46.02 18.92 -9.73
CA ALA A 146 46.33 18.55 -11.10
C ALA A 146 45.05 18.08 -11.79
N ARG A 147 44.28 17.26 -11.08
CA ARG A 147 43.01 16.76 -11.60
C ARG A 147 42.12 17.91 -11.99
N LEU A 148 41.99 18.88 -11.09
CA LEU A 148 41.16 20.06 -11.33
C LEU A 148 41.65 20.81 -12.56
N ALA A 149 42.96 20.97 -12.67
CA ALA A 149 43.55 21.67 -13.80
C ALA A 149 43.33 20.88 -15.09
N GLU A 150 43.74 19.61 -15.05
CA GLU A 150 43.60 18.72 -16.20
C GLU A 150 42.15 18.60 -16.63
N TYR A 151 41.26 18.36 -15.67
CA TYR A 151 39.84 18.22 -15.96
C TYR A 151 39.26 19.52 -16.47
N HIS A 152 39.72 20.65 -15.93
CA HIS A 152 39.25 21.94 -16.37
C HIS A 152 39.66 22.18 -17.81
N ALA A 153 40.91 21.87 -18.12
CA ALA A 153 41.42 22.03 -19.47
C ALA A 153 40.61 21.16 -20.43
N LYS A 154 40.37 19.92 -20.02
CA LYS A 154 39.59 19.00 -20.83
C LYS A 154 38.15 19.48 -20.95
N ALA A 155 37.65 20.10 -19.89
CA ALA A 155 36.28 20.62 -19.88
C ALA A 155 36.14 21.71 -20.92
N THR A 156 37.12 22.61 -21.00
CA THR A 156 37.08 23.69 -21.97
C THR A 156 37.11 23.13 -23.38
N GLU A 157 37.94 22.11 -23.59
CA GLU A 157 38.06 21.47 -24.90
C GLU A 157 36.76 20.73 -25.22
N HIS A 158 36.09 20.27 -24.18
CA HIS A 158 34.82 19.58 -24.34
C HIS A 158 33.77 20.60 -24.71
N LEU A 159 33.80 21.74 -24.03
CA LEU A 159 32.85 22.82 -24.27
C LEU A 159 33.01 23.41 -25.67
N SER A 160 34.26 23.63 -26.09
CA SER A 160 34.51 24.19 -27.42
C SER A 160 34.00 23.27 -28.51
N THR A 161 34.26 21.97 -28.36
CA THR A 161 33.79 21.00 -29.33
C THR A 161 32.29 20.78 -29.16
N LEU A 162 31.78 21.04 -27.96
CA LEU A 162 30.37 20.90 -27.68
C LEU A 162 29.58 21.97 -28.39
N SER A 163 30.09 23.20 -28.36
CA SER A 163 29.43 24.32 -29.03
C SER A 163 29.42 24.10 -30.53
N GLU A 164 30.44 23.41 -31.03
CA GLU A 164 30.53 23.10 -32.45
C GLU A 164 29.45 22.10 -32.82
N LYS A 165 28.94 21.42 -31.81
CA LYS A 165 27.88 20.43 -31.98
C LYS A 165 26.60 20.96 -31.35
N ALA A 166 26.62 22.23 -30.98
CA ALA A 166 25.46 22.86 -30.35
C ALA A 166 24.91 23.97 -31.23
N LYS A 167 25.79 24.60 -32.00
CA LYS A 167 25.36 25.67 -32.89
C LYS A 167 25.20 25.17 -34.33
N PRO A 168 26.31 24.78 -35.03
CA PRO A 168 26.22 24.28 -36.40
C PRO A 168 25.35 23.03 -36.50
N ALA A 169 25.47 22.16 -35.49
CA ALA A 169 24.71 20.94 -35.44
C ALA A 169 23.23 21.23 -35.21
N LEU A 170 22.94 22.23 -34.37
CA LEU A 170 21.57 22.60 -34.09
C LEU A 170 20.95 23.20 -35.33
N GLU A 171 21.74 23.97 -36.09
CA GLU A 171 21.27 24.57 -37.33
C GLU A 171 20.93 23.45 -38.30
N ASP A 172 21.76 22.42 -38.29
CA ASP A 172 21.56 21.25 -39.13
C ASP A 172 20.26 20.57 -38.73
N LEU A 173 20.02 20.53 -37.42
CA LEU A 173 18.81 19.92 -36.86
C LEU A 173 17.61 20.78 -37.20
N ARG A 174 17.78 22.10 -37.13
CA ARG A 174 16.72 23.04 -37.45
C ARG A 174 16.37 22.91 -38.92
N GLN A 175 17.39 22.74 -39.74
CA GLN A 175 17.21 22.58 -41.17
C GLN A 175 16.58 21.23 -41.50
N GLY A 176 16.39 20.41 -40.48
CA GLY A 176 15.77 19.11 -40.62
C GLY A 176 14.37 19.16 -40.02
N LEU A 177 14.30 19.67 -38.79
CA LEU A 177 13.05 19.80 -38.05
C LEU A 177 12.02 20.62 -38.83
N LEU A 178 12.43 21.76 -39.35
CA LEU A 178 11.54 22.63 -40.10
C LEU A 178 10.88 21.91 -41.29
N PRO A 179 11.67 21.43 -42.29
CA PRO A 179 11.12 20.73 -43.45
C PRO A 179 10.37 19.46 -43.05
N VAL A 180 10.95 18.69 -42.12
CA VAL A 180 10.33 17.46 -41.65
C VAL A 180 8.97 17.74 -41.02
N LEU A 181 8.90 18.80 -40.21
CA LEU A 181 7.64 19.18 -39.57
C LEU A 181 6.61 19.54 -40.62
N GLU A 182 7.05 20.24 -41.66
CA GLU A 182 6.16 20.63 -42.76
C GLU A 182 5.58 19.38 -43.42
N SER A 183 6.45 18.43 -43.75
CA SER A 183 6.03 17.19 -44.38
C SER A 183 5.13 16.40 -43.43
N PHE A 184 5.57 16.27 -42.18
CA PHE A 184 4.80 15.55 -41.17
C PHE A 184 3.43 16.18 -41.00
N LYS A 185 3.37 17.51 -41.04
CA LYS A 185 2.11 18.22 -40.91
C LYS A 185 1.18 17.87 -42.06
N VAL A 186 1.74 17.82 -43.26
CA VAL A 186 0.96 17.48 -44.45
C VAL A 186 0.37 16.07 -44.30
N SER A 187 1.20 15.14 -43.84
CA SER A 187 0.79 13.76 -43.63
C SER A 187 -0.24 13.67 -42.51
N PHE A 188 -0.02 14.41 -41.44
CA PHE A 188 -0.93 14.41 -40.31
C PHE A 188 -2.26 15.05 -40.66
N LEU A 189 -2.20 16.19 -41.37
CA LEU A 189 -3.41 16.89 -41.78
C LEU A 189 -4.33 16.00 -42.59
N SER A 190 -3.75 15.28 -43.54
CA SER A 190 -4.51 14.37 -44.39
C SER A 190 -4.97 13.14 -43.61
N ALA A 191 -4.08 12.56 -42.81
CA ALA A 191 -4.40 11.37 -42.03
C ALA A 191 -5.54 11.63 -41.06
N LEU A 192 -5.42 12.71 -40.29
CA LEU A 192 -6.46 13.05 -39.32
C LEU A 192 -7.78 13.32 -40.02
N GLU A 193 -7.69 13.90 -41.23
CA GLU A 193 -8.87 14.21 -42.01
C GLU A 193 -9.51 12.95 -42.57
N GLU A 194 -8.69 12.03 -43.04
CA GLU A 194 -9.16 10.77 -43.59
C GLU A 194 -9.70 9.84 -42.50
N TYR A 195 -9.20 10.03 -41.27
CA TYR A 195 -9.62 9.21 -40.13
C TYR A 195 -11.09 9.45 -39.81
N THR A 196 -11.53 10.69 -39.94
CA THR A 196 -12.90 11.05 -39.66
C THR A 196 -13.78 10.94 -40.90
N LYS A 197 -13.21 10.36 -41.95
CA LYS A 197 -13.93 10.18 -43.20
C LYS A 197 -14.37 8.74 -43.34
N LYS A 198 -14.72 8.12 -42.21
CA LYS A 198 -15.16 6.74 -42.19
C LYS A 198 -15.49 6.31 -40.75
N LEU A 199 -16.75 6.54 -40.34
CA LEU A 199 -17.17 6.20 -38.99
C LEU A 199 -17.07 7.42 -38.11
N ASN A 200 -18.01 8.36 -38.32
CA ASN A 200 -18.05 9.61 -37.57
C ASN A 200 -19.27 10.45 -37.94
N LEU B 3 15.95 10.13 -46.82
CA LEU B 3 16.52 11.12 -47.72
C LEU B 3 17.34 12.12 -46.93
N LYS B 4 16.69 12.95 -46.11
CA LYS B 4 17.38 13.93 -45.29
C LYS B 4 18.25 13.23 -44.25
N LEU B 5 17.92 11.96 -43.98
CA LEU B 5 18.68 11.15 -43.03
C LEU B 5 20.15 11.06 -43.42
N LEU B 6 20.43 11.11 -44.71
CA LEU B 6 21.80 11.05 -45.22
C LEU B 6 22.57 12.30 -44.82
N ASP B 7 21.88 13.42 -44.84
CA ASP B 7 22.48 14.70 -44.49
C ASP B 7 22.70 14.76 -42.99
N ASN B 8 21.72 14.28 -42.23
CA ASN B 8 21.80 14.27 -40.79
C ASN B 8 22.89 13.31 -40.30
N TRP B 9 23.04 12.20 -41.00
CA TRP B 9 24.08 11.23 -40.65
C TRP B 9 25.46 11.81 -40.94
N ASP B 10 25.52 12.73 -41.89
CA ASP B 10 26.77 13.39 -42.22
C ASP B 10 27.18 14.25 -41.03
N SER B 11 26.19 14.86 -40.38
CA SER B 11 26.44 15.67 -39.20
C SER B 11 26.94 14.77 -38.08
N VAL B 12 26.40 13.55 -38.03
CA VAL B 12 26.80 12.57 -37.05
C VAL B 12 28.26 12.18 -37.30
N THR B 13 28.63 12.19 -38.58
CA THR B 13 29.99 11.88 -38.99
C THR B 13 30.92 12.98 -38.45
N SER B 14 30.46 14.23 -38.54
CA SER B 14 31.22 15.34 -38.02
C SER B 14 31.29 15.23 -36.50
N THR B 15 30.19 14.75 -35.92
CA THR B 15 30.11 14.55 -34.48
C THR B 15 31.14 13.50 -34.05
N PHE B 16 31.21 12.42 -34.82
CA PHE B 16 32.15 11.33 -34.56
C PHE B 16 33.58 11.86 -34.66
N SER B 17 33.83 12.67 -35.69
CA SER B 17 35.14 13.24 -35.89
C SER B 17 35.51 14.14 -34.70
N LYS B 18 34.54 14.95 -34.28
CA LYS B 18 34.74 15.85 -33.14
C LYS B 18 34.95 15.04 -31.86
N LEU B 19 34.33 13.87 -31.79
CA LEU B 19 34.49 13.01 -30.63
C LEU B 19 35.89 12.40 -30.65
N ARG B 20 36.33 12.00 -31.84
CA ARG B 20 37.65 11.42 -32.02
C ARG B 20 38.73 12.42 -31.65
N GLU B 21 38.49 13.68 -31.97
CA GLU B 21 39.44 14.75 -31.65
C GLU B 21 39.62 14.83 -30.14
N GLN B 22 38.53 14.60 -29.41
CA GLN B 22 38.57 14.63 -27.95
C GLN B 22 39.22 13.36 -27.44
N LEU B 23 39.08 12.28 -28.19
CA LEU B 23 39.68 11.00 -27.82
C LEU B 23 41.19 11.01 -28.07
N GLY B 24 41.68 12.14 -28.57
CA GLY B 24 43.11 12.27 -28.82
C GLY B 24 43.83 12.90 -27.63
N PRO B 25 44.04 14.23 -27.67
CA PRO B 25 44.72 14.96 -26.59
C PRO B 25 44.09 14.74 -25.23
N VAL B 26 42.77 14.81 -25.16
CA VAL B 26 42.05 14.65 -23.90
C VAL B 26 42.31 13.27 -23.27
N THR B 27 42.17 12.22 -24.06
CA THR B 27 42.39 10.87 -23.58
C THR B 27 43.85 10.66 -23.19
N GLN B 28 44.77 11.24 -23.97
CA GLN B 28 46.19 11.12 -23.68
C GLN B 28 46.50 11.83 -22.37
N GLU B 29 45.89 12.99 -22.17
CA GLU B 29 46.06 13.76 -20.96
C GLU B 29 45.45 12.98 -19.79
N PHE B 30 44.40 12.23 -20.07
CA PHE B 30 43.75 11.42 -19.07
C PHE B 30 44.73 10.38 -18.55
N TRP B 31 45.52 9.82 -19.47
CA TRP B 31 46.52 8.83 -19.10
C TRP B 31 47.61 9.51 -18.29
N ASP B 32 48.01 10.70 -18.73
CA ASP B 32 49.04 11.47 -18.02
C ASP B 32 48.53 11.77 -16.61
N ASN B 33 47.27 12.16 -16.53
CA ASN B 33 46.64 12.46 -15.26
C ASN B 33 46.61 11.20 -14.40
N LEU B 34 46.31 10.06 -15.04
CA LEU B 34 46.29 8.78 -14.36
C LEU B 34 47.68 8.43 -13.87
N GLU B 35 48.69 8.80 -14.66
CA GLU B 35 50.08 8.57 -14.28
C GLU B 35 50.40 9.37 -13.03
N LYS B 36 49.89 10.61 -13.00
CA LYS B 36 50.08 11.48 -11.85
C LYS B 36 49.43 10.83 -10.63
N GLU B 37 48.19 10.37 -10.81
CA GLU B 37 47.45 9.72 -9.75
C GLU B 37 48.20 8.49 -9.25
N THR B 38 48.61 7.63 -10.18
CA THR B 38 49.34 6.43 -9.82
C THR B 38 50.67 6.76 -9.18
N GLU B 39 51.30 7.85 -9.62
CA GLU B 39 52.57 8.29 -9.04
C GLU B 39 52.38 8.59 -7.57
N GLY B 40 51.34 9.36 -7.26
CA GLY B 40 51.05 9.68 -5.88
C GLY B 40 50.62 8.45 -5.13
N LEU B 41 49.79 7.63 -5.77
CA LEU B 41 49.29 6.40 -5.19
C LEU B 41 50.42 5.42 -4.92
N ARG B 42 51.49 5.49 -5.72
CA ARG B 42 52.64 4.61 -5.51
C ARG B 42 53.29 4.93 -4.18
N GLN B 43 53.39 6.23 -3.89
CA GLN B 43 53.97 6.69 -2.65
C GLN B 43 53.03 6.33 -1.50
N GLU B 44 51.74 6.54 -1.74
CA GLU B 44 50.72 6.21 -0.75
C GLU B 44 50.71 4.72 -0.45
N MET B 45 50.60 3.91 -1.50
CA MET B 45 50.57 2.46 -1.37
C MET B 45 51.83 1.93 -0.69
N SER B 46 52.99 2.44 -1.12
CA SER B 46 54.26 2.02 -0.53
C SER B 46 54.26 2.26 0.96
N LYS B 47 53.98 3.50 1.34
CA LYS B 47 53.96 3.88 2.74
C LYS B 47 52.85 3.13 3.48
N ASP B 48 51.72 2.98 2.82
CA ASP B 48 50.58 2.29 3.41
C ASP B 48 50.92 0.83 3.67
N LEU B 49 51.35 0.12 2.64
CA LEU B 49 51.70 -1.29 2.76
C LEU B 49 52.80 -1.52 3.79
N GLU B 50 53.88 -0.76 3.70
CA GLU B 50 54.98 -0.90 4.63
C GLU B 50 54.55 -0.61 6.06
N GLU B 51 53.80 0.46 6.24
CA GLU B 51 53.32 0.82 7.57
C GLU B 51 52.26 -0.15 8.07
N VAL B 52 51.46 -0.68 7.15
CA VAL B 52 50.42 -1.63 7.51
C VAL B 52 51.07 -2.92 7.99
N LYS B 53 52.09 -3.37 7.28
CA LYS B 53 52.81 -4.58 7.64
C LYS B 53 53.53 -4.39 8.97
N ALA B 54 54.06 -3.19 9.16
CA ALA B 54 54.79 -2.87 10.39
C ALA B 54 53.85 -2.76 11.58
N LYS B 55 52.66 -2.21 11.35
CA LYS B 55 51.68 -2.05 12.42
C LYS B 55 50.84 -3.30 12.63
N VAL B 56 50.62 -4.05 11.55
CA VAL B 56 49.82 -5.27 11.63
C VAL B 56 50.48 -6.30 12.52
N GLN B 57 51.81 -6.27 12.62
CA GLN B 57 52.54 -7.19 13.46
C GLN B 57 52.16 -7.00 14.93
N PRO B 58 52.47 -5.85 15.56
CA PRO B 58 52.12 -5.61 16.96
C PRO B 58 50.61 -5.61 17.17
N TYR B 59 49.87 -5.16 16.15
CA TYR B 59 48.41 -5.12 16.25
C TYR B 59 47.86 -6.53 16.37
N LEU B 60 48.24 -7.40 15.43
CA LEU B 60 47.78 -8.78 15.44
C LEU B 60 48.36 -9.55 16.61
N ASP B 61 49.65 -9.40 16.85
CA ASP B 61 50.31 -10.11 17.94
C ASP B 61 49.74 -9.70 19.30
N ASP B 62 49.47 -8.42 19.48
CA ASP B 62 48.90 -7.94 20.74
C ASP B 62 47.44 -8.35 20.82
N PHE B 63 46.79 -8.44 19.65
CA PHE B 63 45.40 -8.87 19.57
C PHE B 63 45.34 -10.36 19.89
N GLN B 64 46.36 -11.08 19.44
CA GLN B 64 46.48 -12.51 19.71
C GLN B 64 46.57 -12.71 21.20
N LYS B 65 47.27 -11.78 21.86
CA LYS B 65 47.41 -11.82 23.31
C LYS B 65 46.04 -11.61 23.95
N LYS B 66 45.27 -10.69 23.37
CA LYS B 66 43.93 -10.41 23.85
C LYS B 66 43.10 -11.68 23.70
N TRP B 67 43.25 -12.32 22.55
CA TRP B 67 42.55 -13.56 22.26
C TRP B 67 43.00 -14.66 23.20
N GLN B 68 44.28 -14.64 23.57
CA GLN B 68 44.80 -15.63 24.50
C GLN B 68 44.16 -15.43 25.86
N GLU B 69 44.22 -14.20 26.37
CA GLU B 69 43.63 -13.88 27.66
C GLU B 69 42.13 -14.15 27.65
N GLU B 70 41.52 -13.92 26.50
CA GLU B 70 40.10 -14.13 26.34
C GLU B 70 39.76 -15.61 26.23
N MET B 71 40.48 -16.33 25.37
CA MET B 71 40.24 -17.75 25.17
C MET B 71 40.61 -18.55 26.41
N GLU B 72 41.78 -18.29 26.97
CA GLU B 72 42.22 -18.99 28.17
C GLU B 72 41.32 -18.59 29.33
N LEU B 73 41.01 -17.29 29.37
CA LEU B 73 40.14 -16.74 30.40
C LEU B 73 38.76 -17.37 30.31
N TYR B 74 38.21 -17.40 29.09
CA TYR B 74 36.90 -17.98 28.86
C TYR B 74 36.93 -19.47 29.13
N ARG B 75 38.04 -20.13 28.80
CA ARG B 75 38.18 -21.56 29.05
C ARG B 75 38.09 -21.81 30.55
N GLN B 76 38.76 -20.96 31.33
CA GLN B 76 38.75 -21.07 32.79
C GLN B 76 37.45 -20.55 33.38
N LYS B 77 36.55 -20.10 32.51
CA LYS B 77 35.25 -19.61 32.94
C LYS B 77 34.21 -20.65 32.54
N VAL B 78 34.33 -21.14 31.32
CA VAL B 78 33.42 -22.13 30.78
C VAL B 78 33.62 -23.48 31.46
N GLU B 79 34.87 -23.84 31.78
CA GLU B 79 35.14 -25.11 32.45
C GLU B 79 34.33 -25.23 33.76
N PRO B 80 34.50 -24.31 34.72
CA PRO B 80 33.74 -24.35 35.98
C PRO B 80 32.25 -24.08 35.74
N LEU B 81 31.96 -23.18 34.81
CA LEU B 81 30.58 -22.85 34.50
C LEU B 81 29.86 -24.07 33.93
N ARG B 82 30.56 -24.83 33.09
CA ARG B 82 30.00 -26.03 32.50
C ARG B 82 29.66 -27.03 33.59
N ALA B 83 30.54 -27.14 34.57
CA ALA B 83 30.31 -28.05 35.68
C ALA B 83 29.06 -27.63 36.44
N GLU B 84 28.98 -26.34 36.77
CA GLU B 84 27.84 -25.79 37.48
C GLU B 84 26.58 -25.89 36.62
N LEU B 85 26.71 -25.57 35.34
CA LEU B 85 25.60 -25.64 34.41
C LEU B 85 25.14 -27.07 34.21
N GLN B 86 26.08 -28.00 34.15
CA GLN B 86 25.75 -29.41 34.00
C GLN B 86 25.08 -29.94 35.26
N GLU B 87 25.61 -29.55 36.42
CA GLU B 87 25.03 -29.95 37.68
C GLU B 87 23.64 -29.35 37.79
N GLY B 88 23.53 -28.08 37.39
CA GLY B 88 22.26 -27.39 37.42
C GLY B 88 21.29 -27.94 36.39
N ALA B 89 21.83 -28.36 35.25
CA ALA B 89 21.02 -28.95 34.18
C ALA B 89 20.56 -30.33 34.57
N ARG B 90 21.46 -31.11 35.17
CA ARG B 90 21.13 -32.45 35.62
C ARG B 90 20.11 -32.34 36.74
N GLN B 91 20.28 -31.31 37.57
CA GLN B 91 19.35 -31.05 38.65
C GLN B 91 18.01 -30.69 38.02
N LYS B 92 18.07 -29.81 37.02
CA LYS B 92 16.88 -29.40 36.29
C LYS B 92 16.21 -30.61 35.65
N LEU B 93 17.02 -31.50 35.12
CA LEU B 93 16.53 -32.72 34.50
C LEU B 93 15.88 -33.60 35.55
N HIS B 94 16.50 -33.69 36.71
CA HIS B 94 15.97 -34.48 37.81
C HIS B 94 14.68 -33.82 38.31
N GLU B 95 14.75 -32.51 38.48
CA GLU B 95 13.61 -31.73 38.93
C GLU B 95 12.45 -31.95 37.97
N LEU B 96 12.73 -31.84 36.67
CA LEU B 96 11.72 -32.04 35.65
C LEU B 96 11.26 -33.49 35.61
N GLN B 97 12.21 -34.42 35.64
CA GLN B 97 11.87 -35.85 35.61
C GLN B 97 11.02 -36.24 36.81
N GLU B 98 11.31 -35.68 37.97
CA GLU B 98 10.56 -35.97 39.18
C GLU B 98 9.16 -35.34 39.11
N LYS B 99 8.94 -34.56 38.06
CA LYS B 99 7.66 -33.91 37.83
C LYS B 99 6.96 -34.61 36.67
N LEU B 100 7.74 -34.95 35.65
CA LEU B 100 7.25 -35.63 34.47
C LEU B 100 6.66 -37.00 34.80
N SER B 101 7.15 -37.63 35.86
CA SER B 101 6.62 -38.93 36.27
C SER B 101 5.21 -38.79 36.85
N PRO B 102 5.03 -38.05 37.98
CA PRO B 102 3.71 -37.87 38.57
C PRO B 102 2.75 -37.13 37.62
N LEU B 103 3.25 -36.07 36.97
CA LEU B 103 2.44 -35.31 36.04
C LEU B 103 2.14 -36.14 34.80
N GLY B 104 3.07 -37.04 34.47
CA GLY B 104 2.87 -37.92 33.34
C GLY B 104 1.76 -38.90 33.64
N GLU B 105 1.82 -39.47 34.85
CA GLU B 105 0.79 -40.40 35.31
C GLU B 105 -0.54 -39.68 35.32
N GLU B 106 -0.52 -38.45 35.84
CA GLU B 106 -1.69 -37.61 35.89
C GLU B 106 -2.22 -37.35 34.50
N MET B 107 -1.35 -36.85 33.62
CA MET B 107 -1.73 -36.56 32.24
C MET B 107 -2.29 -37.79 31.55
N ARG B 108 -1.69 -38.94 31.79
CA ARG B 108 -2.15 -40.18 31.20
C ARG B 108 -3.53 -40.52 31.71
N ASP B 109 -3.73 -40.39 33.01
CA ASP B 109 -5.03 -40.66 33.63
C ASP B 109 -6.03 -39.61 33.18
N ARG B 110 -5.57 -38.37 33.05
CA ARG B 110 -6.41 -37.27 32.59
C ARG B 110 -6.85 -37.59 31.18
N ALA B 111 -5.91 -38.06 30.37
CA ALA B 111 -6.17 -38.44 29.00
C ALA B 111 -7.16 -39.59 28.95
N ARG B 112 -7.01 -40.53 29.87
CA ARG B 112 -7.91 -41.67 29.96
C ARG B 112 -9.32 -41.17 30.24
N ALA B 113 -9.44 -40.39 31.31
CA ALA B 113 -10.71 -39.84 31.74
C ALA B 113 -11.30 -38.89 30.69
N HIS B 114 -10.46 -38.30 29.85
CA HIS B 114 -10.93 -37.39 28.82
C HIS B 114 -11.28 -38.13 27.54
N VAL B 115 -10.36 -38.97 27.08
CA VAL B 115 -10.55 -39.74 25.86
C VAL B 115 -11.68 -40.76 26.03
N ASP B 116 -11.71 -41.43 27.18
CA ASP B 116 -12.76 -42.41 27.42
C ASP B 116 -14.11 -41.70 27.51
N ALA B 117 -14.09 -40.51 28.10
CA ALA B 117 -15.29 -39.71 28.20
C ALA B 117 -15.70 -39.32 26.78
N LEU B 118 -14.71 -38.91 25.99
CA LEU B 118 -14.95 -38.53 24.60
C LEU B 118 -15.54 -39.71 23.85
N ARG B 119 -15.06 -40.91 24.15
CA ARG B 119 -15.58 -42.12 23.49
C ARG B 119 -17.08 -42.24 23.73
N THR B 120 -17.46 -42.18 25.00
CA THR B 120 -18.87 -42.31 25.38
C THR B 120 -19.65 -41.01 25.18
N HIS B 121 -18.98 -39.96 24.73
CA HIS B 121 -19.64 -38.69 24.49
C HIS B 121 -19.78 -38.43 23.00
N LEU B 122 -18.81 -38.90 22.23
CA LEU B 122 -18.80 -38.75 20.78
C LEU B 122 -19.54 -39.89 20.11
N ALA B 123 -19.51 -41.08 20.71
CA ALA B 123 -20.22 -42.23 20.15
C ALA B 123 -21.71 -41.90 19.97
N PRO B 124 -22.40 -41.46 21.04
CA PRO B 124 -23.81 -41.08 20.95
C PRO B 124 -23.97 -39.84 20.08
N TYR B 125 -22.99 -38.92 20.18
CA TYR B 125 -23.00 -37.68 19.40
C TYR B 125 -23.01 -37.98 17.91
N SER B 126 -22.08 -38.83 17.48
CA SER B 126 -21.99 -39.20 16.08
C SER B 126 -23.20 -40.00 15.66
N ASP B 127 -23.68 -40.86 16.56
CA ASP B 127 -24.86 -41.67 16.29
C ASP B 127 -26.07 -40.76 16.11
N GLU B 128 -26.16 -39.75 16.98
CA GLU B 128 -27.24 -38.78 16.92
C GLU B 128 -27.12 -38.01 15.62
N LEU B 129 -25.89 -37.65 15.27
CA LEU B 129 -25.61 -36.94 14.04
C LEU B 129 -25.98 -37.79 12.85
N ARG B 130 -25.78 -39.11 12.97
CA ARG B 130 -26.13 -40.04 11.90
C ARG B 130 -27.63 -39.99 11.64
N GLN B 131 -28.41 -39.97 12.71
CA GLN B 131 -29.86 -39.91 12.62
C GLN B 131 -30.28 -38.56 12.05
N ARG B 132 -29.64 -37.51 12.55
CA ARG B 132 -29.93 -36.16 12.11
C ARG B 132 -29.55 -35.99 10.64
N LEU B 133 -28.35 -36.40 10.29
CA LEU B 133 -27.87 -36.32 8.92
C LEU B 133 -28.73 -37.17 8.01
N ALA B 134 -29.32 -38.23 8.56
CA ALA B 134 -30.20 -39.09 7.78
C ALA B 134 -31.44 -38.30 7.40
N ALA B 135 -32.00 -37.60 8.39
CA ALA B 135 -33.17 -36.77 8.17
C ALA B 135 -32.81 -35.62 7.23
N ARG B 136 -31.62 -35.07 7.43
CA ARG B 136 -31.11 -33.99 6.61
C ARG B 136 -30.97 -34.46 5.18
N LEU B 137 -30.39 -35.66 5.01
CA LEU B 137 -30.21 -36.24 3.69
C LEU B 137 -31.56 -36.54 3.07
N GLU B 138 -32.48 -37.04 3.89
CA GLU B 138 -33.83 -37.34 3.41
C GLU B 138 -34.51 -36.07 2.93
N ALA B 139 -34.34 -34.99 3.69
CA ALA B 139 -34.89 -33.70 3.32
C ALA B 139 -34.27 -33.23 2.02
N LEU B 140 -32.96 -33.43 1.91
CA LEU B 140 -32.21 -33.05 0.72
C LEU B 140 -32.64 -33.93 -0.46
N LYS B 141 -33.15 -35.11 -0.16
CA LYS B 141 -33.63 -36.02 -1.20
C LYS B 141 -35.03 -35.62 -1.62
N GLU B 142 -35.87 -35.32 -0.63
CA GLU B 142 -37.25 -34.89 -0.87
C GLU B 142 -37.23 -33.62 -1.71
N ASN B 143 -36.43 -32.65 -1.29
CA ASN B 143 -36.31 -31.39 -1.99
C ASN B 143 -35.45 -31.55 -3.22
N GLY B 144 -34.49 -32.47 -3.16
CA GLY B 144 -33.61 -32.72 -4.28
C GLY B 144 -34.35 -33.31 -5.45
N GLY B 145 -35.15 -34.34 -5.18
CA GLY B 145 -35.94 -34.98 -6.23
C GLY B 145 -36.91 -33.99 -6.84
N ALA B 146 -37.51 -33.17 -5.97
CA ALA B 146 -38.45 -32.15 -6.41
C ALA B 146 -37.73 -31.12 -7.27
N ARG B 147 -36.62 -30.59 -6.73
CA ARG B 147 -35.82 -29.59 -7.43
C ARG B 147 -35.30 -30.12 -8.75
N LEU B 148 -35.00 -31.42 -8.81
CA LEU B 148 -34.51 -32.03 -10.04
C LEU B 148 -35.55 -31.89 -11.14
N ALA B 149 -36.81 -32.10 -10.78
CA ALA B 149 -37.91 -31.98 -11.73
C ALA B 149 -38.11 -30.52 -12.07
N GLU B 150 -38.04 -29.66 -11.05
CA GLU B 150 -38.18 -28.22 -11.24
C GLU B 150 -37.09 -27.69 -12.15
N TYR B 151 -35.86 -28.09 -11.87
CA TYR B 151 -34.71 -27.66 -12.67
C TYR B 151 -34.89 -28.10 -14.11
N HIS B 152 -35.28 -29.35 -14.31
CA HIS B 152 -35.48 -29.87 -15.65
C HIS B 152 -36.60 -29.12 -16.37
N ALA B 153 -37.69 -28.87 -15.65
CA ALA B 153 -38.83 -28.16 -16.21
C ALA B 153 -38.44 -26.73 -16.60
N LYS B 154 -37.83 -26.02 -15.67
CA LYS B 154 -37.39 -24.65 -15.91
C LYS B 154 -36.31 -24.60 -16.99
N ALA B 155 -35.51 -25.66 -17.05
CA ALA B 155 -34.46 -25.75 -18.06
C ALA B 155 -35.10 -25.88 -19.44
N THR B 156 -36.19 -26.65 -19.50
CA THR B 156 -36.91 -26.85 -20.75
C THR B 156 -37.50 -25.51 -21.19
N GLU B 157 -38.13 -24.81 -20.24
CA GLU B 157 -38.73 -23.52 -20.52
C GLU B 157 -37.66 -22.51 -20.93
N HIS B 158 -36.54 -22.52 -20.23
CA HIS B 158 -35.45 -21.62 -20.53
C HIS B 158 -34.81 -21.99 -21.86
N LEU B 159 -34.80 -23.27 -22.18
CA LEU B 159 -34.25 -23.73 -23.44
C LEU B 159 -35.15 -23.23 -24.57
N SER B 160 -36.46 -23.31 -24.34
CA SER B 160 -37.43 -22.84 -25.31
C SER B 160 -37.32 -21.34 -25.49
N THR B 161 -37.09 -20.62 -24.39
CA THR B 161 -36.95 -19.17 -24.45
C THR B 161 -35.61 -18.82 -25.10
N LEU B 162 -34.70 -19.78 -25.13
CA LEU B 162 -33.40 -19.58 -25.74
C LEU B 162 -33.51 -19.83 -27.24
N SER B 163 -34.21 -20.89 -27.62
CA SER B 163 -34.39 -21.22 -29.02
C SER B 163 -35.29 -20.21 -29.71
N GLU B 164 -36.34 -19.77 -29.01
CA GLU B 164 -37.26 -18.77 -29.54
C GLU B 164 -36.55 -17.43 -29.69
N LYS B 165 -35.42 -17.29 -29.03
CA LYS B 165 -34.64 -16.08 -29.11
C LYS B 165 -33.54 -16.24 -30.13
N ALA B 166 -32.87 -17.39 -30.08
CA ALA B 166 -31.78 -17.69 -30.99
C ALA B 166 -32.24 -17.72 -32.45
N LYS B 167 -33.39 -18.34 -32.69
CA LYS B 167 -33.93 -18.43 -34.06
C LYS B 167 -34.01 -17.05 -34.75
N PRO B 168 -34.76 -16.08 -34.19
CA PRO B 168 -34.86 -14.74 -34.80
C PRO B 168 -33.58 -13.93 -34.64
N ALA B 169 -32.91 -14.08 -33.49
CA ALA B 169 -31.68 -13.34 -33.24
C ALA B 169 -30.59 -13.72 -34.24
N LEU B 170 -30.41 -15.01 -34.46
CA LEU B 170 -29.40 -15.48 -35.40
C LEU B 170 -29.73 -15.04 -36.81
N GLU B 171 -30.99 -15.21 -37.20
CA GLU B 171 -31.43 -14.83 -38.53
C GLU B 171 -31.32 -13.33 -38.73
N ASP B 172 -31.71 -12.55 -37.73
CA ASP B 172 -31.63 -11.11 -37.81
C ASP B 172 -30.19 -10.65 -37.77
N LEU B 173 -29.37 -11.33 -36.96
CA LEU B 173 -27.96 -11.00 -36.87
C LEU B 173 -27.30 -11.26 -38.22
N ARG B 174 -27.67 -12.37 -38.85
CA ARG B 174 -27.13 -12.72 -40.16
C ARG B 174 -27.67 -11.73 -41.20
N GLN B 175 -28.96 -11.45 -41.11
CA GLN B 175 -29.61 -10.53 -42.03
C GLN B 175 -29.02 -9.14 -41.94
N GLY B 176 -28.64 -8.73 -40.75
CA GLY B 176 -28.04 -7.43 -40.53
C GLY B 176 -26.54 -7.48 -40.82
N LEU B 177 -25.94 -8.63 -40.57
CA LEU B 177 -24.52 -8.82 -40.82
C LEU B 177 -24.19 -8.66 -42.28
N LEU B 178 -25.14 -9.05 -43.15
CA LEU B 178 -24.94 -8.92 -44.58
C LEU B 178 -24.63 -7.48 -44.98
N PRO B 179 -25.57 -6.52 -44.78
CA PRO B 179 -25.33 -5.11 -45.10
C PRO B 179 -24.22 -4.50 -44.24
N VAL B 180 -24.11 -4.97 -43.00
CA VAL B 180 -23.09 -4.48 -42.07
C VAL B 180 -21.69 -4.85 -42.55
N LEU B 181 -21.49 -6.12 -42.87
CA LEU B 181 -20.20 -6.59 -43.34
C LEU B 181 -19.85 -5.91 -44.66
N GLU B 182 -20.87 -5.70 -45.50
CA GLU B 182 -20.69 -5.05 -46.78
C GLU B 182 -20.34 -3.57 -46.61
N SER B 183 -21.06 -2.89 -45.72
CA SER B 183 -20.78 -1.49 -45.47
C SER B 183 -19.40 -1.34 -44.83
N PHE B 184 -19.07 -2.29 -43.95
CA PHE B 184 -17.77 -2.29 -43.30
C PHE B 184 -16.70 -2.54 -44.35
N LYS B 185 -16.99 -3.45 -45.27
CA LYS B 185 -16.07 -3.76 -46.36
C LYS B 185 -15.82 -2.50 -47.16
N VAL B 186 -16.89 -1.81 -47.53
CA VAL B 186 -16.79 -0.57 -48.30
C VAL B 186 -16.00 0.47 -47.51
N SER B 187 -16.34 0.60 -46.23
CA SER B 187 -15.66 1.56 -45.36
C SER B 187 -14.17 1.26 -45.31
N PHE B 188 -13.83 -0.01 -45.12
CA PHE B 188 -12.44 -0.43 -45.06
C PHE B 188 -11.78 -0.28 -46.43
N LEU B 189 -12.50 -0.62 -47.49
CA LEU B 189 -11.98 -0.51 -48.85
C LEU B 189 -11.62 0.94 -49.16
N SER B 190 -12.45 1.87 -48.69
CA SER B 190 -12.20 3.28 -48.90
C SER B 190 -11.04 3.73 -48.02
N ALA B 191 -11.09 3.35 -46.76
CA ALA B 191 -10.05 3.72 -45.79
C ALA B 191 -8.68 3.18 -46.20
N LEU B 192 -8.63 1.89 -46.50
CA LEU B 192 -7.37 1.25 -46.90
C LEU B 192 -6.79 1.89 -48.16
N GLU B 193 -7.68 2.32 -49.05
CA GLU B 193 -7.25 2.96 -50.28
C GLU B 193 -6.74 4.37 -50.02
N GLU B 194 -7.22 4.99 -48.97
CA GLU B 194 -6.77 6.33 -48.63
C GLU B 194 -5.50 6.28 -47.81
N TYR B 195 -5.43 5.30 -46.90
CA TYR B 195 -4.26 5.11 -46.05
C TYR B 195 -3.03 4.73 -46.85
N THR B 196 -3.22 3.97 -47.93
CA THR B 196 -2.11 3.57 -48.78
C THR B 196 -1.47 4.78 -49.45
N LYS B 197 -2.27 5.82 -49.65
CA LYS B 197 -1.80 7.06 -50.27
C LYS B 197 -0.91 7.82 -49.31
N LYS B 198 -1.04 7.50 -48.02
CA LYS B 198 -0.24 8.15 -46.99
C LYS B 198 1.05 7.36 -46.78
N LEU B 199 1.00 6.08 -47.13
CA LEU B 199 2.15 5.20 -47.00
C LEU B 199 2.95 5.16 -48.30
N ASN B 200 2.56 6.01 -49.24
CA ASN B 200 3.24 6.08 -50.52
C ASN B 200 3.71 7.51 -50.77
N MET C 3 -10.46 3.94 19.67
CA MET C 3 -10.93 4.81 20.78
C MET C 3 -10.54 6.27 20.59
N THR C 4 -9.99 6.60 19.43
CA THR C 4 -9.57 7.97 19.13
C THR C 4 -10.79 8.84 18.79
N GLU C 5 -10.61 10.15 18.82
CA GLU C 5 -11.69 11.08 18.51
C GLU C 5 -11.21 12.15 17.54
N TYR C 6 -12.08 12.54 16.61
CA TYR C 6 -11.75 13.56 15.63
C TYR C 6 -12.90 14.57 15.50
N LYS C 7 -12.60 15.83 15.71
CA LYS C 7 -13.62 16.87 15.62
C LYS C 7 -13.58 17.53 14.25
N LEU C 8 -14.67 17.38 13.49
CA LEU C 8 -14.75 17.93 12.15
C LEU C 8 -15.91 18.91 12.01
N VAL C 9 -15.65 20.02 11.32
CA VAL C 9 -16.67 21.03 11.09
C VAL C 9 -16.98 21.13 9.60
N VAL C 10 -18.23 20.89 9.24
CA VAL C 10 -18.65 20.95 7.84
C VAL C 10 -19.22 22.32 7.52
N VAL C 11 -18.52 23.06 6.66
CA VAL C 11 -18.95 24.39 6.27
C VAL C 11 -19.43 24.38 4.82
N GLY C 12 -19.94 25.51 4.37
CA GLY C 12 -20.43 25.63 3.01
C GLY C 12 -21.66 26.51 2.95
N ALA C 13 -22.07 26.85 1.74
CA ALA C 13 -23.23 27.71 1.53
C ALA C 13 -24.54 26.96 1.80
N GLY C 14 -25.65 27.68 1.69
CA GLY C 14 -26.94 27.08 1.92
C GLY C 14 -27.47 26.38 0.68
N GLY C 15 -27.92 25.14 0.85
CA GLY C 15 -28.46 24.39 -0.26
C GLY C 15 -27.44 23.44 -0.88
N VAL C 16 -26.20 23.47 -0.38
CA VAL C 16 -25.15 22.60 -0.89
C VAL C 16 -25.38 21.13 -0.51
N GLY C 17 -25.96 20.91 0.66
CA GLY C 17 -26.24 19.55 1.10
C GLY C 17 -25.34 19.09 2.25
N LYS C 18 -24.92 20.03 3.09
CA LYS C 18 -24.06 19.70 4.23
C LYS C 18 -24.74 18.69 5.16
N SER C 19 -25.95 19.02 5.57
CA SER C 19 -26.73 18.17 6.46
C SER C 19 -27.02 16.83 5.81
N ALA C 20 -27.22 16.85 4.50
CA ALA C 20 -27.52 15.63 3.75
C ALA C 20 -26.35 14.66 3.84
N LEU C 21 -25.15 15.17 3.66
CA LEU C 21 -23.94 14.36 3.72
C LEU C 21 -23.74 13.82 5.14
N THR C 22 -23.91 14.70 6.12
CA THR C 22 -23.75 14.33 7.53
C THR C 22 -24.76 13.25 7.93
N ILE C 23 -26.02 13.46 7.57
CA ILE C 23 -27.08 12.52 7.91
C ILE C 23 -26.88 11.19 7.17
N GLN C 24 -26.34 11.25 5.97
CA GLN C 24 -26.09 10.05 5.17
C GLN C 24 -25.05 9.15 5.85
N LEU C 25 -24.13 9.77 6.57
CA LEU C 25 -23.08 9.02 7.27
C LEU C 25 -23.54 8.60 8.66
N ILE C 26 -24.18 9.51 9.38
CA ILE C 26 -24.63 9.23 10.74
C ILE C 26 -25.85 8.33 10.78
N GLN C 27 -26.94 8.74 10.13
CA GLN C 27 -28.17 7.97 10.12
C GLN C 27 -28.19 6.96 8.99
N ASN C 28 -27.24 7.08 8.08
CA ASN C 28 -27.11 6.17 6.94
C ASN C 28 -28.29 6.29 5.97
N HIS C 29 -28.75 7.51 5.72
CA HIS C 29 -29.85 7.74 4.80
C HIS C 29 -29.84 9.17 4.26
N PHE C 30 -30.34 9.35 3.05
CA PHE C 30 -30.39 10.66 2.42
C PHE C 30 -31.67 11.38 2.82
N VAL C 31 -31.58 12.69 3.01
CA VAL C 31 -32.74 13.48 3.39
C VAL C 31 -33.25 14.30 2.21
N ASP C 32 -34.56 14.29 2.01
CA ASP C 32 -35.17 15.03 0.92
C ASP C 32 -35.17 16.52 1.23
N GLU C 33 -35.36 16.83 2.50
CA GLU C 33 -35.36 18.22 2.96
C GLU C 33 -34.97 18.26 4.43
N TYR C 34 -34.38 19.37 4.84
CA TYR C 34 -33.96 19.56 6.22
C TYR C 34 -33.85 21.05 6.52
N ASP C 35 -33.80 21.39 7.80
CA ASP C 35 -33.68 22.79 8.20
C ASP C 35 -32.23 23.25 8.07
N PRO C 36 -31.97 24.22 7.18
CA PRO C 36 -30.62 24.73 6.95
C PRO C 36 -30.11 25.59 8.11
N THR C 37 -31.01 26.03 8.97
CA THR C 37 -30.65 26.88 10.08
C THR C 37 -30.25 26.07 11.33
N ILE C 38 -30.12 24.75 11.17
CA ILE C 38 -29.72 23.89 12.29
C ILE C 38 -28.20 23.77 12.36
N GLU C 39 -27.64 24.15 13.50
CA GLU C 39 -26.20 24.11 13.71
C GLU C 39 -25.79 23.11 14.78
N ASP C 40 -26.46 21.97 14.81
CA ASP C 40 -26.15 20.93 15.80
C ASP C 40 -25.02 20.03 15.29
N SER C 41 -24.59 19.09 16.11
CA SER C 41 -23.52 18.19 15.75
C SER C 41 -23.94 16.73 15.92
N TYR C 42 -23.34 15.86 15.12
CA TYR C 42 -23.64 14.44 15.14
C TYR C 42 -22.37 13.65 15.45
N ARG C 43 -22.47 12.71 16.39
CA ARG C 43 -21.32 11.90 16.78
C ARG C 43 -21.56 10.42 16.53
N LYS C 44 -20.61 9.78 15.87
CA LYS C 44 -20.72 8.36 15.55
C LYS C 44 -19.34 7.73 15.48
N GLN C 45 -19.22 6.50 15.98
CA GLN C 45 -17.95 5.78 15.96
C GLN C 45 -17.87 4.89 14.74
N VAL C 46 -16.79 5.00 13.98
CA VAL C 46 -16.61 4.21 12.77
C VAL C 46 -15.19 3.63 12.71
N VAL C 47 -14.96 2.78 11.70
CA VAL C 47 -13.66 2.16 11.51
C VAL C 47 -13.03 2.68 10.22
N ILE C 48 -12.00 3.50 10.36
CA ILE C 48 -11.31 4.09 9.22
C ILE C 48 -9.90 3.51 9.10
N ASP C 49 -9.67 2.77 8.01
CA ASP C 49 -8.37 2.14 7.74
C ASP C 49 -7.97 1.17 8.85
N GLY C 50 -8.97 0.63 9.54
CA GLY C 50 -8.71 -0.31 10.61
C GLY C 50 -8.74 0.36 11.98
N GLU C 51 -8.66 1.68 12.00
CA GLU C 51 -8.68 2.45 13.23
C GLU C 51 -10.12 2.81 13.61
N THR C 52 -10.53 2.44 14.81
CA THR C 52 -11.87 2.74 15.29
C THR C 52 -11.88 4.07 16.04
N CYS C 53 -12.52 5.08 15.47
CA CYS C 53 -12.55 6.40 16.08
C CYS C 53 -13.95 6.98 16.11
N LEU C 54 -14.15 7.96 16.98
CA LEU C 54 -15.42 8.63 17.13
C LEU C 54 -15.39 9.93 16.33
N LEU C 55 -16.29 10.06 15.38
CA LEU C 55 -16.36 11.25 14.55
C LEU C 55 -17.34 12.26 15.12
N ASP C 56 -16.83 13.45 15.40
CA ASP C 56 -17.63 14.54 15.94
C ASP C 56 -17.82 15.56 14.82
N ILE C 57 -18.91 15.40 14.06
CA ILE C 57 -19.18 16.28 12.93
C ILE C 57 -20.25 17.33 13.27
N LEU C 58 -19.88 18.59 13.13
CA LEU C 58 -20.79 19.70 13.40
C LEU C 58 -21.39 20.24 12.10
N ASP C 59 -22.71 20.13 11.97
CA ASP C 59 -23.39 20.62 10.77
C ASP C 59 -23.76 22.10 10.94
N THR C 60 -22.99 22.96 10.30
CA THR C 60 -23.21 24.40 10.38
C THR C 60 -24.61 24.80 9.90
N ALA C 61 -24.81 26.10 9.81
CA ALA C 61 -26.07 26.68 9.37
C ALA C 61 -25.81 28.06 8.81
N GLY C 62 -25.02 28.84 9.54
CA GLY C 62 -24.71 30.19 9.13
C GLY C 62 -25.68 31.18 9.71
N GLN C 63 -26.08 30.93 10.95
CA GLN C 63 -27.03 31.79 11.65
C GLN C 63 -26.33 32.87 12.45
N GLU C 64 -27.03 33.97 12.68
CA GLU C 64 -26.49 35.08 13.45
C GLU C 64 -26.52 34.75 14.93
N GLU C 65 -27.38 33.80 15.29
CA GLU C 65 -27.52 33.35 16.67
C GLU C 65 -26.19 32.82 17.18
N TYR C 66 -25.85 33.20 18.40
CA TYR C 66 -24.59 32.77 19.00
C TYR C 66 -24.73 31.42 19.70
N SER C 67 -24.05 30.42 19.18
CA SER C 67 -24.08 29.09 19.75
C SER C 67 -22.76 28.81 20.44
N ALA C 68 -22.82 28.49 21.74
CA ALA C 68 -21.63 28.20 22.51
C ALA C 68 -20.95 26.95 21.95
N MET C 69 -21.77 25.98 21.57
CA MET C 69 -21.28 24.73 21.00
C MET C 69 -20.49 25.02 19.73
N ARG C 70 -21.05 25.83 18.86
CA ARG C 70 -20.40 26.18 17.60
C ARG C 70 -19.08 26.91 17.84
N ASP C 71 -19.10 27.87 18.76
CA ASP C 71 -17.91 28.64 19.08
C ASP C 71 -16.78 27.75 19.61
N GLN C 72 -17.13 26.83 20.49
CA GLN C 72 -16.15 25.90 21.06
C GLN C 72 -15.62 24.98 19.97
N TYR C 73 -16.54 24.50 19.13
CA TYR C 73 -16.20 23.58 18.05
C TYR C 73 -15.33 24.22 16.97
N MET C 74 -15.50 25.52 16.77
CA MET C 74 -14.70 26.22 15.77
C MET C 74 -13.24 26.33 16.21
N ARG C 75 -13.04 26.48 17.52
CA ARG C 75 -11.70 26.60 18.06
C ARG C 75 -11.03 25.24 18.24
N THR C 76 -11.80 24.26 18.70
CA THR C 76 -11.26 22.92 18.91
C THR C 76 -11.22 22.11 17.61
N GLY C 77 -12.09 22.47 16.67
CA GLY C 77 -12.17 21.80 15.39
C GLY C 77 -10.83 21.67 14.70
N GLU C 78 -10.51 20.45 14.29
CA GLU C 78 -9.25 20.18 13.63
C GLU C 78 -9.45 20.01 12.13
N GLY C 79 -10.47 19.25 11.75
CA GLY C 79 -10.74 19.01 10.36
C GLY C 79 -11.92 19.83 9.86
N PHE C 80 -11.71 20.52 8.75
CA PHE C 80 -12.77 21.34 8.17
C PHE C 80 -13.11 20.86 6.77
N LEU C 81 -14.40 20.77 6.50
CA LEU C 81 -14.87 20.31 5.20
C LEU C 81 -15.69 21.38 4.50
N CYS C 82 -15.23 21.82 3.34
CA CYS C 82 -15.93 22.84 2.58
C CYS C 82 -16.79 22.18 1.51
N VAL C 83 -18.09 22.15 1.74
CA VAL C 83 -19.01 21.53 0.80
C VAL C 83 -19.68 22.54 -0.10
N PHE C 84 -19.61 22.30 -1.40
CA PHE C 84 -20.23 23.15 -2.39
C PHE C 84 -20.98 22.30 -3.40
N ALA C 85 -22.03 22.86 -3.99
CA ALA C 85 -22.82 22.14 -4.97
C ALA C 85 -22.31 22.42 -6.38
N ILE C 86 -21.98 21.38 -7.11
CA ILE C 86 -21.47 21.53 -8.47
C ILE C 86 -22.56 21.93 -9.45
N ASN C 87 -23.81 21.87 -9.02
CA ASN C 87 -24.94 22.24 -9.86
C ASN C 87 -25.28 23.72 -9.68
N ASN C 88 -24.48 24.40 -8.87
CA ASN C 88 -24.66 25.82 -8.60
C ASN C 88 -23.31 26.49 -8.44
N THR C 89 -22.93 27.31 -9.42
CA THR C 89 -21.64 27.99 -9.43
C THR C 89 -21.45 28.93 -8.25
N LYS C 90 -22.55 29.46 -7.71
CA LYS C 90 -22.49 30.37 -6.58
C LYS C 90 -21.73 29.76 -5.40
N SER C 91 -22.01 28.49 -5.13
CA SER C 91 -21.38 27.78 -4.03
C SER C 91 -19.86 27.70 -4.21
N PHE C 92 -19.43 27.63 -5.46
CA PHE C 92 -18.00 27.54 -5.78
C PHE C 92 -17.28 28.85 -5.45
N GLU C 93 -18.01 29.95 -5.56
CA GLU C 93 -17.46 31.28 -5.29
C GLU C 93 -17.36 31.55 -3.79
N ASP C 94 -18.29 30.96 -3.03
CA ASP C 94 -18.33 31.15 -1.57
C ASP C 94 -17.21 30.35 -0.89
N ILE C 95 -16.63 29.41 -1.61
CA ILE C 95 -15.56 28.56 -1.08
C ILE C 95 -14.36 29.38 -0.58
N HIS C 96 -13.91 30.32 -1.40
CA HIS C 96 -12.77 31.16 -1.03
C HIS C 96 -13.09 31.97 0.22
N HIS C 97 -14.35 32.38 0.33
CA HIS C 97 -14.80 33.17 1.47
C HIS C 97 -14.67 32.36 2.76
N TYR C 98 -15.02 31.09 2.71
CA TYR C 98 -14.94 30.23 3.89
C TYR C 98 -13.48 29.85 4.20
N ARG C 99 -12.69 29.66 3.15
CA ARG C 99 -11.29 29.31 3.31
C ARG C 99 -10.53 30.34 4.13
N GLU C 100 -10.69 31.62 3.77
CA GLU C 100 -10.01 32.69 4.46
C GLU C 100 -10.54 32.88 5.88
N GLN C 101 -11.83 32.60 6.08
CA GLN C 101 -12.44 32.72 7.39
C GLN C 101 -11.90 31.66 8.34
N ILE C 102 -11.90 30.40 7.88
CA ILE C 102 -11.42 29.29 8.67
C ILE C 102 -9.94 29.46 9.00
N LYS C 103 -9.18 29.92 8.02
CA LYS C 103 -7.75 30.13 8.19
C LYS C 103 -7.49 31.18 9.28
N ARG C 104 -8.35 32.18 9.34
CA ARG C 104 -8.21 33.23 10.34
C ARG C 104 -8.50 32.67 11.73
N VAL C 105 -9.48 31.78 11.82
CA VAL C 105 -9.86 31.16 13.09
C VAL C 105 -8.74 30.25 13.60
N LYS C 106 -8.11 29.54 12.68
CA LYS C 106 -7.02 28.63 13.02
C LYS C 106 -5.70 29.38 13.15
N ASP C 107 -5.64 30.56 12.54
CA ASP C 107 -4.46 31.42 12.57
C ASP C 107 -3.27 30.74 11.90
N SER C 108 -3.52 30.18 10.71
CA SER C 108 -2.49 29.49 9.94
C SER C 108 -3.08 28.97 8.63
N GLU C 109 -2.20 28.71 7.66
CA GLU C 109 -2.65 28.19 6.36
C GLU C 109 -2.65 26.67 6.42
N ASP C 110 -1.89 26.12 7.38
CA ASP C 110 -1.80 24.68 7.58
C ASP C 110 -3.04 24.20 8.33
N VAL C 111 -4.14 24.07 7.61
CA VAL C 111 -5.40 23.64 8.20
C VAL C 111 -5.95 22.47 7.41
N PRO C 112 -6.18 21.33 8.08
CA PRO C 112 -6.74 20.13 7.44
C PRO C 112 -8.13 20.41 6.88
N MET C 113 -8.19 20.67 5.59
CA MET C 113 -9.43 20.98 4.92
C MET C 113 -9.55 20.23 3.62
N VAL C 114 -10.74 19.78 3.30
CA VAL C 114 -10.99 19.06 2.06
C VAL C 114 -12.11 19.73 1.27
N LEU C 115 -11.93 19.84 -0.04
CA LEU C 115 -12.94 20.45 -0.89
C LEU C 115 -13.93 19.37 -1.33
N VAL C 116 -15.19 19.56 -0.98
CA VAL C 116 -16.22 18.57 -1.30
C VAL C 116 -17.21 19.09 -2.32
N GLY C 117 -17.21 18.48 -3.50
CA GLY C 117 -18.14 18.85 -4.54
C GLY C 117 -19.33 17.94 -4.51
N ASN C 118 -20.39 18.36 -3.84
CA ASN C 118 -21.60 17.55 -3.70
C ASN C 118 -22.50 17.65 -4.92
N LYS C 119 -23.38 16.65 -5.06
CA LYS C 119 -24.34 16.56 -6.15
C LYS C 119 -23.67 16.15 -7.47
N CYS C 120 -22.69 15.26 -7.36
CA CYS C 120 -21.96 14.77 -8.54
C CYS C 120 -22.82 13.81 -9.38
N ASP C 121 -23.99 13.47 -8.86
CA ASP C 121 -24.90 12.56 -9.56
C ASP C 121 -25.82 13.33 -10.50
N LEU C 122 -25.77 14.65 -10.41
CA LEU C 122 -26.60 15.50 -11.26
C LEU C 122 -25.86 15.87 -12.53
N PRO C 123 -26.44 15.54 -13.70
CA PRO C 123 -25.84 15.85 -15.00
C PRO C 123 -25.74 17.35 -15.25
N SER C 124 -26.59 18.10 -14.56
CA SER C 124 -26.61 19.55 -14.70
C SER C 124 -25.54 20.20 -13.83
N ARG C 125 -24.30 19.78 -14.00
CA ARG C 125 -23.20 20.33 -13.24
C ARG C 125 -22.53 21.46 -13.99
N THR C 126 -22.56 22.65 -13.41
CA THR C 126 -21.97 23.82 -14.03
C THR C 126 -20.50 23.93 -13.64
N VAL C 127 -20.15 23.36 -12.49
CA VAL C 127 -18.78 23.38 -12.01
C VAL C 127 -18.02 22.17 -12.53
N ASP C 128 -17.01 22.42 -13.35
CA ASP C 128 -16.19 21.35 -13.91
C ASP C 128 -15.14 20.88 -12.90
N THR C 129 -14.83 19.60 -12.94
CA THR C 129 -13.87 19.02 -12.02
C THR C 129 -12.49 19.69 -12.09
N LYS C 130 -12.04 20.00 -13.31
CA LYS C 130 -10.74 20.63 -13.50
C LYS C 130 -10.66 21.97 -12.76
N GLN C 131 -11.74 22.76 -12.85
CA GLN C 131 -11.79 24.05 -12.19
C GLN C 131 -11.63 23.89 -10.68
N ALA C 132 -12.40 22.98 -10.11
CA ALA C 132 -12.37 22.72 -8.68
C ALA C 132 -11.06 22.08 -8.25
N GLN C 133 -10.58 21.11 -9.02
CA GLN C 133 -9.34 20.42 -8.72
C GLN C 133 -8.17 21.40 -8.69
N ASP C 134 -8.09 22.24 -9.70
CA ASP C 134 -7.01 23.23 -9.77
C ASP C 134 -7.12 24.24 -8.63
N LEU C 135 -8.37 24.58 -8.28
CA LEU C 135 -8.61 25.52 -7.19
C LEU C 135 -8.11 24.93 -5.88
N ALA C 136 -8.41 23.66 -5.68
CA ALA C 136 -7.98 22.95 -4.49
C ALA C 136 -6.45 22.87 -4.42
N ARG C 137 -5.83 22.57 -5.56
CA ARG C 137 -4.37 22.48 -5.64
C ARG C 137 -3.72 23.84 -5.32
N SER C 138 -4.46 24.92 -5.58
CA SER C 138 -3.95 26.26 -5.33
C SER C 138 -3.85 26.51 -3.82
N TYR C 139 -4.69 25.82 -3.06
CA TYR C 139 -4.70 25.98 -1.60
C TYR C 139 -3.91 24.85 -0.94
N GLY C 140 -3.61 23.82 -1.71
CA GLY C 140 -2.87 22.68 -1.19
C GLY C 140 -3.78 21.72 -0.45
N ILE C 141 -5.02 21.64 -0.90
CA ILE C 141 -6.00 20.75 -0.28
C ILE C 141 -6.58 19.80 -1.33
N PRO C 142 -7.04 18.62 -0.91
CA PRO C 142 -7.62 17.63 -1.83
C PRO C 142 -9.08 17.95 -2.18
N PHE C 143 -9.51 17.49 -3.35
CA PHE C 143 -10.88 17.71 -3.80
C PHE C 143 -11.52 16.38 -4.18
N ILE C 144 -12.73 16.14 -3.68
CA ILE C 144 -13.45 14.91 -3.97
C ILE C 144 -14.88 15.20 -4.39
N GLU C 145 -15.31 14.60 -5.50
CA GLU C 145 -16.69 14.77 -5.98
C GLU C 145 -17.57 13.79 -5.22
N THR C 146 -18.59 14.30 -4.54
CA THR C 146 -19.45 13.43 -3.76
C THR C 146 -20.93 13.66 -4.06
N SER C 147 -21.75 12.78 -3.51
CA SER C 147 -23.19 12.86 -3.66
C SER C 147 -23.86 12.19 -2.47
N ALA C 148 -24.53 12.99 -1.65
CA ALA C 148 -25.21 12.47 -0.48
C ALA C 148 -26.42 11.62 -0.89
N LYS C 149 -26.83 11.78 -2.14
CA LYS C 149 -27.97 11.05 -2.66
C LYS C 149 -27.62 9.59 -2.96
N THR C 150 -26.51 9.38 -3.64
CA THR C 150 -26.08 8.03 -3.99
C THR C 150 -25.02 7.52 -3.01
N ARG C 151 -24.56 8.40 -2.13
CA ARG C 151 -23.53 8.08 -1.15
C ARG C 151 -22.20 7.76 -1.83
N GLN C 152 -21.87 8.54 -2.84
CA GLN C 152 -20.62 8.34 -3.56
C GLN C 152 -19.54 9.28 -3.04
N GLY C 153 -18.44 8.70 -2.56
CA GLY C 153 -17.32 9.48 -2.07
C GLY C 153 -17.57 10.16 -0.73
N VAL C 154 -18.79 10.05 -0.21
CA VAL C 154 -19.16 10.67 1.06
C VAL C 154 -18.25 10.22 2.20
N ASP C 155 -18.29 8.92 2.48
CA ASP C 155 -17.47 8.35 3.56
C ASP C 155 -15.99 8.54 3.28
N ASP C 156 -15.59 8.29 2.04
CA ASP C 156 -14.18 8.41 1.66
C ASP C 156 -13.63 9.82 1.84
N ALA C 157 -14.49 10.82 1.69
CA ALA C 157 -14.07 12.21 1.87
C ALA C 157 -13.60 12.41 3.31
N PHE C 158 -14.34 11.84 4.25
CA PHE C 158 -14.01 11.93 5.66
C PHE C 158 -12.80 11.04 5.96
N TYR C 159 -12.77 9.88 5.32
CA TYR C 159 -11.68 8.93 5.49
C TYR C 159 -10.35 9.55 5.07
N THR C 160 -10.33 10.13 3.87
CA THR C 160 -9.15 10.77 3.34
C THR C 160 -8.67 11.90 4.25
N LEU C 161 -9.61 12.64 4.83
CA LEU C 161 -9.27 13.72 5.75
C LEU C 161 -8.45 13.17 6.92
N VAL C 162 -8.92 12.07 7.49
CA VAL C 162 -8.23 11.43 8.61
C VAL C 162 -6.90 10.87 8.13
N ARG C 163 -6.90 10.34 6.91
CA ARG C 163 -5.69 9.77 6.31
C ARG C 163 -4.60 10.84 6.18
N GLU C 164 -5.01 12.05 5.86
CA GLU C 164 -4.07 13.16 5.72
C GLU C 164 -3.61 13.64 7.10
N ILE C 165 -4.53 13.63 8.07
CA ILE C 165 -4.20 14.05 9.43
C ILE C 165 -3.13 13.12 10.01
N ARG C 166 -3.30 11.82 9.78
CA ARG C 166 -2.34 10.83 10.25
C ARG C 166 -0.96 11.10 9.64
N LYS C 167 -0.95 11.31 8.34
CA LYS C 167 0.29 11.57 7.62
C LYS C 167 0.92 12.88 8.06
N HIS C 168 0.09 13.83 8.49
CA HIS C 168 0.58 15.12 8.97
C HIS C 168 1.36 14.93 10.25
N LYS C 169 0.89 14.02 11.10
CA LYS C 169 1.55 13.72 12.37
C LYS C 169 2.85 12.98 12.10
N GLU C 170 2.79 12.02 11.19
CA GLU C 170 3.96 11.24 10.81
C GLU C 170 5.01 12.16 10.18
N LYS C 171 4.53 13.07 9.36
CA LYS C 171 5.40 14.02 8.68
C LYS C 171 6.13 14.89 9.69
N MET C 172 5.43 15.30 10.73
CA MET C 172 6.00 16.15 11.78
C MET C 172 7.07 15.37 12.56
N SER C 173 6.84 14.08 12.73
CA SER C 173 7.77 13.23 13.46
C SER C 173 9.05 12.98 12.67
N LYS C 174 8.92 12.91 11.36
CA LYS C 174 10.08 12.68 10.48
C LYS C 174 10.74 13.99 10.07
N ASP C 175 10.05 15.10 10.34
CA ASP C 175 10.58 16.42 9.99
C ASP C 175 11.67 16.85 10.95
N GLY C 176 12.08 18.11 10.85
CA GLY C 176 13.13 18.62 11.70
C GLY C 176 14.45 18.61 10.94
N LYS C 177 14.37 18.99 9.67
CA LYS C 177 15.53 19.03 8.79
C LYS C 177 16.63 19.94 9.32
N LYS C 178 17.73 19.32 9.76
CA LYS C 178 18.87 20.05 10.29
C LYS C 178 20.16 19.52 9.68
N LYS C 179 21.04 20.45 9.29
CA LYS C 179 22.31 20.08 8.67
C LYS C 179 23.43 20.04 9.71
N LYS C 180 23.34 20.89 10.71
CA LYS C 180 24.37 20.95 11.74
C LYS C 180 23.87 20.46 13.09
N LYS C 181 24.24 19.24 13.43
CA LYS C 181 23.86 18.65 14.70
C LYS C 181 25.08 18.08 15.42
N LYS C 182 26.19 18.00 14.67
CA LYS C 182 27.48 17.52 15.17
C LYS C 182 27.51 16.00 15.39
N SER C 183 26.48 15.46 16.03
CA SER C 183 26.40 14.03 16.29
C SER C 183 26.52 13.20 15.01
N LYS C 184 27.17 12.05 15.11
CA LYS C 184 27.34 11.17 13.96
C LYS C 184 25.99 10.60 13.51
N THR C 185 25.23 10.09 14.47
CA THR C 185 23.92 9.52 14.19
C THR C 185 22.89 10.62 13.91
N LYS C 186 21.79 10.23 13.28
CA LYS C 186 20.72 11.18 12.96
C LYS C 186 19.39 10.69 13.54
N CYS C 187 19.21 9.37 13.55
CA CYS C 187 18.00 8.76 14.07
C CYS C 187 18.02 8.69 15.59
C1 PCW D . 6.10 14.59 -4.48
C2 PCW D . 5.39 14.13 -5.82
C3 PCW D . 5.13 15.36 -6.76
C4 PCW D . 6.93 13.96 -0.39
C5 PCW D . 5.59 14.36 0.20
C6 PCW D . 4.34 12.17 -0.16
C7 PCW D . 3.67 13.71 1.63
C8 PCW D . 3.61 14.00 -0.21
C11 PCW D . 3.15 15.09 -8.10
C12 PCW D . 2.70 14.56 -9.43
C13 PCW D . 2.26 15.78 -10.33
C14 PCW D . 1.77 15.41 -11.73
C15 PCW D . 0.65 16.32 -12.31
C16 PCW D . 0.23 15.84 -13.75
C17 PCW D . 1.05 16.39 -14.97
C18 PCW D . 2.04 15.38 -15.54
C19 PCW D . 3.49 15.92 -15.59
C20 PCW D . 4.55 15.13 -16.00
C21 PCW D . 4.65 13.72 -16.46
C22 PCW D . 5.51 12.96 -15.40
C23 PCW D . 6.90 12.44 -15.87
C24 PCW D . 7.20 10.99 -15.59
C25 PCW D . 6.70 9.88 -16.55
C26 PCW D . 7.53 8.60 -16.59
C27 PCW D . 7.36 7.67 -17.79
C28 PCW D . 6.99 6.27 -17.32
C31 PCW D . 6.03 11.89 -6.32
C32 PCW D . 7.01 11.06 -7.15
C33 PCW D . 8.42 10.76 -6.45
C34 PCW D . 8.38 9.61 -5.44
C35 PCW D . 8.38 8.28 -6.29
C36 PCW D . 7.95 7.04 -5.48
C37 PCW D . 7.93 5.69 -6.26
C38 PCW D . 8.02 4.51 -5.35
C39 PCW D . 8.01 3.20 -6.09
C40 PCW D . 9.04 2.39 -6.34
C41 PCW D . 10.46 2.66 -5.89
C42 PCW D . 11.45 1.96 -6.93
C43 PCW D . 12.94 2.16 -6.77
C44 PCW D . 13.62 1.39 -7.89
C45 PCW D . 14.63 0.36 -7.44
C46 PCW D . 15.42 -0.23 -8.58
C47 PCW D . 16.92 -0.20 -8.44
C48 PCW D . 17.61 -0.83 -9.66
N PCW D . 4.67 13.36 0.65
O2 PCW D . 6.27 13.18 -6.56
O3 PCW D . 4.50 14.92 -7.96
O11 PCW D . 2.43 15.60 -7.27
O31 PCW D . 5.14 11.44 -5.55
O1P PCW D . 8.85 12.99 -2.34
O2P PCW D . 8.77 15.34 -3.17
O3P PCW D . 7.01 13.61 -3.93
O4P PCW D . 7.03 14.58 -1.70
P PCW D . 8.00 14.13 -2.77
C1 PCW E . 24.99 21.20 -9.07
C2 PCW E . 25.66 20.60 -10.38
C3 PCW E . 27.02 19.91 -10.02
C4 PCW E . 20.45 21.05 -7.25
C5 PCW E . 19.53 22.27 -7.29
C6 PCW E . 17.28 23.15 -6.45
C7 PCW E . 19.07 22.58 -4.86
C8 PCW E . 19.07 23.90 -6.15
C11 PCW E . 28.35 20.19 -12.01
C12 PCW E . 28.90 19.41 -13.16
C13 PCW E . 28.25 19.94 -14.50
C14 PCW E . 28.72 19.24 -15.77
C15 PCW E . 29.90 19.92 -16.52
C16 PCW E . 30.63 18.90 -17.47
C17 PCW E . 30.22 18.90 -18.99
C18 PCW E . 31.41 18.75 -19.94
C19 PCW E . 32.13 17.39 -19.79
C20 PCW E . 32.06 16.39 -20.76
C21 PCW E . 31.36 16.32 -22.07
C22 PCW E . 31.26 14.81 -22.43
C23 PCW E . 32.23 14.25 -23.49
C24 PCW E . 32.94 12.98 -23.15
C25 PCW E . 33.95 12.33 -24.14
C26 PCW E . 34.58 11.01 -23.72
C27 PCW E . 35.83 11.07 -22.83
C28 PCW E . 35.72 10.06 -21.70
C31 PCW E . 24.28 19.90 -12.17
C32 PCW E . 23.39 18.74 -12.67
C33 PCW E . 23.68 18.26 -14.17
C34 PCW E . 23.24 16.82 -14.44
C35 PCW E . 23.73 16.50 -15.91
C36 PCW E . 23.80 14.98 -16.21
C37 PCW E . 24.27 14.60 -17.64
C38 PCW E . 25.40 13.63 -17.61
C39 PCW E . 25.88 13.24 -18.99
C40 PCW E . 26.27 12.04 -19.40
C41 PCW E . 26.30 10.81 -18.50
C42 PCW E . 26.30 9.52 -19.45
C43 PCW E . 26.30 8.14 -18.79
C44 PCW E . 26.30 7.12 -19.92
C45 PCW E . 25.93 5.71 -19.51
C46 PCW E . 27.10 4.78 -19.44
C47 PCW E . 26.91 3.53 -18.61
C48 PCW E . 28.18 2.67 -18.62
N PCW E . 18.59 22.49 -6.23
O2 PCW E . 24.78 19.56 -10.98
O3 PCW E . 27.62 19.36 -11.21
O11 PCW E . 28.53 21.37 -11.82
O31 PCW E . 24.49 20.98 -12.79
O1P PCW E . 22.70 19.20 -7.35
O2P PCW E . 23.95 21.15 -6.42
O3P PCW E . 23.57 20.92 -8.97
O4P PCW E . 21.81 21.55 -7.41
P PCW E . 23.02 20.65 -7.48
C1 PCW F . -1.35 -6.10 31.22
C2 PCW F . -0.59 -7.41 30.76
C3 PCW F . -1.18 -8.66 31.49
C4 PCW F . -4.20 -6.44 27.54
C5 PCW F . -4.48 -7.95 27.57
C6 PCW F . -6.91 -8.56 28.00
C7 PCW F . -5.78 -9.31 25.96
C8 PCW F . -5.39 -9.76 27.71
C11 PCW F . -1.23 -10.85 30.49
C12 PCW F . -0.33 -11.99 30.12
C13 PCW F . -0.30 -13.00 31.32
C14 PCW F . 0.57 -14.24 31.12
C15 PCW F . 0.54 -15.29 32.26
C16 PCW F . 1.66 -16.38 32.06
C17 PCW F . 2.40 -16.89 33.35
C18 PCW F . 2.04 -18.34 33.71
C19 PCW F . 2.99 -18.94 34.78
C20 PCW F . 2.72 -20.14 35.42
C21 PCW F . 1.60 -21.09 35.31
C22 PCW F . 2.16 -22.39 34.65
C23 PCW F . 2.00 -22.52 33.11
C24 PCW F . 1.30 -23.75 32.62
C25 PCW F . 1.08 -23.99 31.09
C26 PCW F . 2.09 -24.87 30.39
C27 PCW F . 2.61 -24.42 29.01
C28 PCW F . 3.61 -25.42 28.47
C31 PCW F . 0.11 -7.02 28.52
C32 PCW F . -0.23 -7.33 27.05
C33 PCW F . -0.43 -8.88 26.71
C34 PCW F . 0.77 -9.52 26.01
C35 PCW F . 1.90 -9.64 27.12
C36 PCW F . 2.68 -10.97 27.03
C37 PCW F . 3.81 -11.15 28.09
C38 PCW F . 3.35 -11.92 29.28
C39 PCW F . 4.44 -12.10 30.31
C40 PCW F . 4.98 -13.24 30.74
C41 PCW F . 4.57 -14.61 30.23
C42 PCW F . 5.68 -15.66 30.67
C43 PCW F . 6.09 -16.74 29.68
C44 PCW F . 7.15 -17.59 30.36
C45 PCW F . 8.02 -18.39 29.44
C46 PCW F . 9.26 -18.93 30.09
C47 PCW F . 10.05 -19.95 29.31
C48 PCW F . 11.30 -20.41 30.09
N PCW F . -5.74 -8.44 27.11
O2 PCW F . -0.80 -7.62 29.29
O3 PCW F . -0.49 -9.85 31.05
O11 PCW F . -2.42 -10.82 30.32
O31 PCW F . 1.07 -6.30 28.91
O1P PCW F . -4.11 -4.28 29.50
O2P PCW F . -1.67 -4.34 29.01
O3P PCW F . -2.70 -5.97 30.73
O4P PCW F . -3.00 -6.21 28.33
P PCW F . -2.87 -5.11 29.37
C1 PCW G . -15.98 7.71 -13.50
C2 PCW G . -16.26 6.75 -14.72
C3 PCW G . -17.79 6.77 -15.10
C4 PCW G . -16.14 11.82 -11.49
C5 PCW G . -14.86 12.30 -12.18
C6 PCW G . -15.98 14.21 -13.46
C7 PCW G . -13.54 14.15 -13.19
C8 PCW G . -14.61 12.96 -14.11
C11 PCW G . -18.41 4.60 -15.94
C12 PCW G . -18.56 3.85 -17.23
C13 PCW G . -19.91 4.30 -17.90
C14 PCW G . -20.23 3.63 -19.24
C15 PCW G . -20.37 4.57 -20.46
C16 PCW G . -19.06 4.59 -21.31
C17 PCW G . -18.42 5.98 -21.66
C18 PCW G . -17.24 6.36 -20.76
C19 PCW G . -17.22 7.85 -20.38
C20 PCW G . -16.48 8.79 -21.07
C21 PCW G . -15.57 8.68 -22.25
C22 PCW G . -16.43 9.00 -23.51
C23 PCW G . -16.36 8.01 -24.70
C24 PCW G . -15.57 8.44 -25.89
C25 PCW G . -14.19 7.78 -26.22
C26 PCW G . -12.99 8.71 -26.24
C27 PCW G . -12.36 9.04 -27.61
C28 PCW G . -12.16 10.53 -27.75
C31 PCW G . -14.46 6.43 -16.23
C32 PCW G . -13.79 7.01 -17.47
C33 PCW G . -13.01 5.95 -18.39
C34 PCW G . -13.88 5.30 -19.46
C35 PCW G . -14.45 3.98 -18.80
C36 PCW G . -15.31 3.16 -19.79
C37 PCW G . -15.91 1.84 -19.20
C38 PCW G . -17.03 1.31 -20.05
C39 PCW G . -17.63 0.04 -19.50
C40 PCW G . -17.53 -1.19 -20.01
C41 PCW G . -16.78 -1.52 -21.29
C42 PCW G . -15.82 -2.76 -20.98
C43 PCW G . -15.80 -3.91 -21.97
C44 PCW G . -14.82 -4.95 -21.43
C45 PCW G . -15.44 -6.21 -20.89
C46 PCW G . -15.54 -6.23 -19.38
C47 PCW G . -16.89 -5.90 -18.79
C48 PCW G . -16.86 -5.96 -17.26
N PCW G . -14.83 13.61 -12.77
O2 PCW G . -15.51 7.19 -15.93
O3 PCW G . -18.01 5.89 -16.21
O11 PCW G . -18.58 4.15 -14.84
O31 PCW G . -14.10 5.39 -15.60
O1P PCW G . -18.34 10.59 -12.93
O2P PCW G . -17.78 8.62 -11.49
O3P PCW G . -16.48 9.05 -13.68
O4P PCW G . -16.17 10.38 -11.66
P PCW G . -17.27 9.66 -12.41
C1 PCW H . 14.15 20.86 -8.51
C2 PCW H . 14.04 20.17 -9.91
C3 PCW H . 15.22 19.14 -10.11
C4 PCW H . 12.52 23.53 -10.87
C5 PCW H . 13.54 23.54 -12.01
C6 PCW H . 12.17 22.90 -14.07
C7 PCW H . 13.91 24.62 -14.22
C8 PCW H . 14.12 22.82 -13.83
C11 PCW H . 15.51 19.23 -12.49
C12 PCW H . 15.30 18.39 -13.73
C13 PCW H . 16.66 17.69 -14.09
C14 PCW H . 16.62 16.80 -15.33
C15 PCW H . 17.08 17.47 -16.65
C16 PCW H . 16.38 16.79 -17.89
C17 PCW H . 15.84 17.74 -19.02
C18 PCW H . 15.99 17.15 -20.42
C19 PCW H . 17.18 17.74 -21.20
C20 PCW H . 18.44 17.15 -21.22
C21 PCW H . 18.96 15.91 -20.58
C22 PCW H . 19.46 14.99 -21.73
C23 PCW H . 19.89 13.54 -21.34
C24 PCW H . 21.09 13.41 -20.43
C25 PCW H . 22.36 12.65 -20.89
C26 PCW H . 22.44 11.18 -20.53
C27 PCW H . 23.04 10.21 -21.56
C28 PCW H . 22.84 8.78 -21.13
C31 PCW H . 12.00 19.75 -11.05
C32 PCW H . 10.74 18.87 -11.01
C33 PCW H . 10.61 17.81 -12.22
C34 PCW H . 11.79 16.84 -12.29
C35 PCW H . 11.45 15.69 -11.25
C36 PCW H . 12.56 15.53 -10.17
C37 PCW H . 12.28 14.41 -9.11
C38 PCW H . 12.81 14.78 -7.77
C39 PCW H . 12.56 13.72 -6.74
C40 PCW H . 13.32 13.43 -5.68
C41 PCW H . 14.60 14.15 -5.33
C42 PCW H . 15.83 13.16 -5.61
C43 PCW H . 16.20 12.15 -4.55
C44 PCW H . 17.39 11.36 -5.07
C45 PCW H . 17.05 10.04 -5.73
C46 PCW H . 17.59 9.89 -7.12
C47 PCW H . 17.69 8.49 -7.65
C48 PCW H . 18.26 8.48 -9.08
N PCW H . 13.10 23.80 -13.35
O2 PCW H . 12.77 19.39 -10.02
O3 PCW H . 15.11 18.52 -11.40
O11 PCW H . 15.96 20.34 -12.47
O31 PCW H . 12.25 20.64 -11.91
O1P PCW H . 11.09 23.12 -8.36
O2P PCW H . 13.27 23.82 -7.37
O3P PCW H . 12.88 21.37 -8.02
O4P PCW H . 13.25 23.15 -9.67
P PCW H . 12.58 22.93 -8.33
C1 PCW I . -12.34 0.67 -3.54
C2 PCW I . -11.72 -0.71 -3.05
C3 PCW I . -12.51 -1.91 -3.68
C4 PCW I . -14.73 0.62 0.11
C5 PCW I . -13.87 1.69 0.79
C6 PCW I . -12.12 3.21 -0.26
C7 PCW I . -14.40 4.01 0.11
C8 PCW I . -13.15 3.52 1.38
C11 PCW I . -12.26 -3.60 -1.98
C12 PCW I . -11.55 -4.90 -1.71
C13 PCW I . -10.66 -4.71 -0.43
C14 PCW I . -9.86 -5.95 -0.02
C15 PCW I . -9.14 -5.86 1.36
C16 PCW I . -7.67 -6.41 1.26
C17 PCW I . -7.41 -7.86 1.78
C18 PCW I . -7.58 -8.94 0.70
C19 PCW I . -8.27 -10.22 1.23
C20 PCW I . -9.28 -10.85 0.52
C21 PCW I . -9.94 -10.56 -0.78
C22 PCW I . -10.58 -11.88 -1.27
C23 PCW I . -11.32 -11.87 -2.63
C24 PCW I . -12.81 -12.08 -2.60
C25 PCW I . -13.72 -11.60 -3.76
C26 PCW I . -14.97 -12.42 -4.03
C27 PCW I . -14.80 -13.86 -4.55
C28 PCW I . -15.92 -14.20 -5.50
C31 PCW I . -9.44 -0.16 -2.73
C32 PCW I . -8.04 -0.39 -3.33
C33 PCW I . -7.84 0.09 -4.84
C34 PCW I . -6.89 -0.80 -5.64
C35 PCW I . -7.53 -0.91 -7.08
C36 PCW I . -6.55 -0.49 -8.20
C37 PCW I . -7.12 -0.57 -9.66
C38 PCW I . -6.05 -0.94 -10.65
C39 PCW I . -6.58 -1.03 -12.06
C40 PCW I . -5.90 -0.80 -13.18
C41 PCW I . -4.44 -0.41 -13.22
C42 PCW I . -3.68 -1.39 -14.22
C43 PCW I . -2.98 -2.61 -13.65
C44 PCW I . -2.36 -3.36 -14.82
C45 PCW I . -0.94 -2.97 -15.16
C46 PCW I . -0.16 -4.06 -15.83
C47 PCW I . 1.35 -4.04 -15.61
C48 PCW I . 2.03 -5.20 -16.35
N PCW I . -13.52 2.87 0.07
O2 PCW I . -10.31 -0.83 -3.49
O3 PCW I . -11.94 -3.15 -3.23
O11 PCW I . -12.98 -3.03 -1.21
O31 PCW I . -9.70 0.54 -1.72
O1P PCW I . -16.10 1.18 -2.67
O2P PCW I . -14.25 1.93 -2.15
O3P PCW I . -13.76 0.64 -3.79
O4P PCW I . -14.09 0.30 -1.17
P PCW I . -14.73 0.56 -2.51
C1 PCW J . -13.22 9.56 -9.77
C2 PCW J . -12.54 8.27 -10.40
C3 PCW J . -13.44 7.02 -10.14
C4 PCW J . -10.10 12.74 -9.12
C5 PCW J . -8.88 11.90 -9.52
C6 PCW J . -8.97 9.78 -8.36
C7 PCW J . -8.12 11.65 -7.25
C8 PCW J . -6.81 10.72 -8.87
C11 PCW J . -13.60 4.89 -11.25
C12 PCW J . -12.75 3.79 -11.81
C13 PCW J . -12.18 4.29 -13.20
C14 PCW J . -11.28 3.29 -13.92
C15 PCW J . -10.86 3.69 -15.36
C16 PCW J . -10.66 2.42 -16.26
C17 PCW J . -10.01 2.64 -17.67
C18 PCW J . -10.47 1.62 -18.72
C19 PCW J . -9.50 1.51 -19.92
C20 PCW J . -9.86 1.82 -21.21
C21 PCW J . -11.14 2.32 -21.80
C22 PCW J . -10.80 3.63 -22.56
C23 PCW J . -11.78 4.09 -23.67
C24 PCW J . -13.08 4.66 -23.23
C25 PCW J . -14.40 4.34 -24.00
C26 PCW J . -15.08 3.02 -23.69
C27 PCW J . -16.62 3.00 -23.65
C28 PCW J . -17.12 1.60 -23.90
C31 PCW J . -11.23 8.86 -12.29
C32 PCW J . -11.27 8.94 -13.83
C33 PCW J . -10.66 7.67 -14.60
C34 PCW J . -9.14 7.61 -14.55
C35 PCW J . -8.71 6.73 -15.80
C36 PCW J . -7.30 6.10 -15.63
C37 PCW J . -6.81 5.21 -16.82
C38 PCW J . -5.38 4.78 -16.64
C39 PCW J . -4.88 3.92 -17.78
C40 PCW J . -3.63 3.86 -18.24
C41 PCW J . -2.48 4.66 -17.69
C42 PCW J . -1.34 3.64 -17.23
C43 PCW J . -0.18 3.36 -18.15
C44 PCW J . 0.73 2.37 -17.45
C45 PCW J . 0.73 0.98 -18.04
C46 PCW J . 1.78 0.79 -19.10
C47 PCW J . 1.33 0.12 -20.38
C48 PCW J . 2.50 -0.02 -21.37
N PCW J . -8.23 11.06 -8.55
O2 PCW J . -12.42 8.42 -11.88
O3 PCW J . -12.81 5.86 -10.71
O11 PCW J . -14.81 4.91 -11.27
O31 PCW J . -10.25 9.15 -11.55
O1P PCW J . -12.75 13.31 -10.20
O2P PCW J . -13.49 12.00 -8.22
O3P PCW J . -12.80 10.79 -10.39
O4P PCW J . -11.19 11.82 -8.87
P PCW J . -12.61 12.05 -9.39
C1 PCW K . 31.13 9.39 19.65
C2 PCW K . 31.86 8.02 19.39
C3 PCW K . 33.08 7.87 20.37
C4 PCW K . 26.21 9.74 19.56
C5 PCW K . 25.47 8.50 20.07
C6 PCW K . 24.11 9.59 21.76
C7 PCW K . 23.63 7.39 21.14
C8 PCW K . 23.10 9.02 19.65
C11 PCW K . 34.69 6.59 19.14
C12 PCW K . 35.28 5.21 19.06
C13 PCW K . 36.62 5.21 19.89
C14 PCW K . 37.36 3.87 19.94
C15 PCW K . 37.99 3.41 18.59
C16 PCW K . 37.47 1.98 18.19
C17 PCW K . 38.54 0.92 17.77
C18 PCW K . 37.94 -0.45 17.46
C19 PCW K . 38.82 -1.29 16.50
C20 PCW K . 38.73 -2.68 16.43
C21 PCW K . 37.90 -3.66 17.16
C22 PCW K . 38.28 -5.07 16.60
C23 PCW K . 37.23 -6.20 16.74
C24 PCW K . 37.39 -7.39 15.86
C25 PCW K . 36.17 -8.14 15.28
C26 PCW K . 36.33 -9.63 15.03
C27 PCW K . 35.22 -10.58 15.55
C28 PCW K . 35.84 -11.81 16.16
C31 PCW K . 30.62 6.18 18.57
C32 PCW K . 29.65 5.06 18.99
C33 PCW K . 28.12 5.52 19.12
C34 PCW K . 27.40 5.60 17.79
C35 PCW K . 26.79 4.15 17.54
C36 PCW K . 27.49 3.40 16.39
C37 PCW K . 26.95 1.96 16.10
C38 PCW K . 27.32 0.99 17.18
C39 PCW K . 26.81 -0.40 16.94
C40 PCW K . 26.78 -1.40 17.82
C41 PCW K . 27.26 -1.30 19.25
C42 PCW K . 28.86 -1.25 19.26
C43 PCW K . 29.54 -0.13 20.00
C44 PCW K . 31.04 -0.32 19.83
C45 PCW K . 31.85 0.94 19.71
C46 PCW K . 32.01 1.41 18.29
C47 PCW K . 32.92 2.60 18.08
C48 PCW K . 33.00 2.97 16.58
N PCW K . 24.15 8.62 20.63
O2 PCW K . 30.93 6.89 19.65
O3 PCW K . 33.75 6.63 20.13
O11 PCW K . 35.00 7.51 18.42
O31 PCW K . 31.06 6.36 17.39
O1P PCW K . 28.56 11.47 19.63
O2P PCW K . 29.19 10.18 17.58
O3P PCW K . 29.72 9.25 19.93
O4P PCW K . 27.47 9.28 19.00
P PCW K . 28.74 10.11 19.00
C1 PCW L . -5.48 -2.53 11.18
C2 PCW L . -5.23 -2.31 9.62
C3 PCW L . -3.74 -1.93 9.37
C4 PCW L . -2.39 -0.21 12.15
C5 PCW L . -1.21 -0.01 11.20
C6 PCW L . -0.96 2.35 10.72
C7 PCW L . 0.92 0.97 10.76
C8 PCW L . -0.03 1.49 12.77
C11 PCW L . -2.88 -0.61 7.56
C12 PCW L . -2.74 -0.61 6.06
C13 PCW L . -1.45 -1.44 5.70
C14 PCW L . -1.14 -1.56 4.20
C15 PCW L . -0.17 -2.70 3.80
C16 PCW L . 0.53 -2.39 2.43
C17 PCW L . 2.05 -2.77 2.30
C18 PCW L . 2.33 -3.71 1.13
C19 PCW L . 2.94 -2.99 -0.09
C20 PCW L . 2.66 -3.38 -1.39
C21 PCW L . 1.82 -4.47 -1.96
C22 PCW L . 2.69 -5.21 -3.01
C23 PCW L . 1.99 -6.26 -3.91
C24 PCW L . 2.10 -6.06 -5.39
C25 PCW L . 1.47 -4.82 -6.09
C26 PCW L . 1.98 -4.49 -7.47
C27 PCW L . 1.80 -3.04 -7.98
C28 PCW L . 3.10 -2.52 -8.53
C31 PCW L . -6.74 -3.71 8.43
C32 PCW L . -6.84 -5.05 7.69
C33 PCW L . -6.49 -6.35 8.56
C34 PCW L . -5.17 -7.01 8.14
C35 PCW L . -4.50 -7.47 9.50
C36 PCW L . -3.57 -6.39 10.09
C37 PCW L . -2.87 -6.78 11.43
C38 PCW L . -3.74 -6.55 12.62
C39 PCW L . -3.09 -6.93 13.92
C40 PCW L . -3.41 -7.95 14.71
C41 PCW L . -4.55 -8.91 14.42
C42 PCW L . -3.97 -10.09 13.49
C43 PCW L . -4.64 -10.32 12.15
C44 PCW L . -3.92 -11.48 11.48
C45 PCW L . -4.75 -12.30 10.53
C46 PCW L . -4.55 -11.94 9.09
C47 PCW L . -5.15 -12.89 8.07
C48 PCW L . -4.88 -12.40 6.64
N PCW L . -0.36 1.15 11.36
O2 PCW L . -5.49 -3.58 8.88
O3 PCW L . -3.52 -1.74 7.96
O11 PCW L . -2.47 0.26 8.28
O31 PCW L . -7.69 -2.88 8.59
O1P PCW L . -4.71 -1.28 13.55
O2P PCW L . -3.13 -3.12 14.13
O3P PCW L . -4.39 -3.15 11.88
O4P PCW L . -2.53 -1.65 12.33
P PCW L . -3.70 -2.28 13.05
C1 PCW M . 25.29 10.50 7.29
C2 PCW M . 26.85 10.30 7.23
C3 PCW M . 27.20 8.79 7.45
C4 PCW M . 21.33 11.46 7.89
C5 PCW M . 20.46 11.74 6.66
C6 PCW M . 19.22 10.24 5.02
C7 PCW M . 18.14 10.95 7.09
C8 PCW M . 18.68 12.01 5.69
C11 PCW M . 29.12 7.76 6.44
C12 PCW M . 30.62 7.72 6.55
C13 PCW M . 31.02 6.47 7.41
C14 PCW M . 32.52 6.28 7.61
C15 PCW M . 32.97 5.89 9.06
C16 PCW M . 33.00 4.34 9.23
C17 PCW M . 33.14 3.79 10.70
C18 PCW M . 31.82 3.33 11.31
C19 PCW M . 31.24 4.33 12.34
C20 PCW M . 30.09 4.08 13.07
C21 PCW M . 29.16 2.93 13.10
C22 PCW M . 27.96 3.29 12.18
C23 PCW M . 27.57 2.25 11.10
C24 PCW M . 26.14 1.79 11.10
C25 PCW M . 25.75 0.36 10.61
C26 PCW M . 25.97 -0.77 11.60
C27 PCW M . 26.20 -2.18 11.04
C28 PCW M . 26.71 -3.10 12.12
C31 PCW M . 28.46 11.42 5.88
C32 PCW M . 28.85 11.73 4.43
C33 PCW M . 28.79 10.49 3.41
C34 PCW M . 30.05 10.35 2.57
C35 PCW M . 30.95 9.30 3.33
C36 PCW M . 31.21 8.01 2.52
C37 PCW M . 32.10 6.94 3.22
C38 PCW M . 33.56 7.21 3.06
C39 PCW M . 34.43 6.18 3.74
C40 PCW M . 35.20 5.28 3.15
C41 PCW M . 35.35 5.11 1.65
C42 PCW M . 36.69 4.29 1.38
C43 PCW M . 36.58 2.94 0.68
C44 PCW M . 37.99 2.39 0.56
C45 PCW M . 38.10 1.00 -0.01
C46 PCW M . 39.21 0.85 -1.01
C47 PCW M . 39.11 -0.32 -1.97
C48 PCW M . 40.31 -0.36 -2.92
N PCW M . 19.38 10.86 6.34
O2 PCW M . 27.35 10.68 5.87
O3 PCW M . 28.62 8.60 7.38
O11 PCW M . 28.46 7.15 5.65
O31 PCW M . 29.08 11.81 6.91
O1P PCW M . 23.26 12.58 9.79
O2P PCW M . 24.34 13.46 7.73
O3P PCW M . 24.83 11.07 8.53
O4P PCW M . 22.71 11.70 7.49
P PCW M . 23.77 12.28 8.41
C1 PCW N . -10.38 -1.56 4.06
C2 PCW N . -8.91 -1.99 3.64
C3 PCW N . -8.50 -3.28 4.43
C4 PCW N . -12.82 0.17 6.32
C5 PCW N . -14.25 -0.34 6.47
C6 PCW N . -15.93 -1.97 7.03
C7 PCW N . -14.12 -1.65 8.47
C8 PCW N . -13.72 -2.76 6.51
C11 PCW N . -6.12 -3.01 4.59
C12 PCW N . -4.83 -3.62 4.09
C13 PCW N . -4.69 -3.31 2.55
C14 PCW N . -3.43 -3.88 1.89
C15 PCW N . -3.57 -5.29 1.26
C16 PCW N . -2.20 -6.06 1.31
C17 PCW N . -2.02 -7.28 0.34
C18 PCW N . -1.11 -8.37 0.90
C19 PCW N . -0.75 -9.45 -0.15
C20 PCW N . -0.34 -10.73 0.20
C21 PCW N . -0.14 -11.38 1.52
C22 PCW N . -0.78 -12.81 1.40
C23 PCW N . -1.26 -13.47 2.71
C24 PCW N . -2.41 -14.43 2.59
C25 PCW N . -2.19 -15.91 2.17
C26 PCW N . -2.67 -16.97 3.13
C27 PCW N . -2.25 -18.43 2.86
C28 PCW N . -3.45 -19.35 3.03
C31 PCW N . -7.93 -1.70 1.50
C32 PCW N . -8.03 -2.15 0.04
C33 PCW N . -6.78 -3.01 -0.50
C34 PCW N . -7.05 -3.69 -1.83
C35 PCW N . -6.08 -4.94 -1.87
C36 PCW N . -6.71 -6.17 -2.56
C37 PCW N . -5.81 -7.44 -2.63
C38 PCW N . -6.26 -8.39 -3.70
C39 PCW N . -5.40 -9.62 -3.80
C40 PCW N . -4.99 -10.23 -4.91
C41 PCW N . -5.32 -9.76 -6.32
C42 PCW N . -6.28 -10.85 -6.98
C43 PCW N . -5.74 -11.68 -8.13
C44 PCW N . -6.85 -12.62 -8.56
C45 PCW N . -6.66 -14.07 -8.17
C46 PCW N . -6.37 -14.98 -9.33
C47 PCW N . -7.47 -15.94 -9.73
C48 PCW N . -7.04 -16.80 -10.92
N PCW N . -14.50 -1.61 7.09
O2 PCW N . -8.89 -2.33 2.18
O3 PCW N . -7.17 -3.69 4.06
O11 PCW N . -6.19 -2.09 5.35
O31 PCW N . -7.09 -0.89 1.98
O1P PCW N . -10.21 1.03 5.37
O2P PCW N . -11.54 2.10 3.57
O3P PCW N . -10.86 -0.38 3.38
O4P PCW N . -12.60 0.41 4.89
P PCW N . -11.27 0.86 4.33
C1 PCW O . 16.03 7.53 8.89
C2 PCW O . 17.14 6.45 8.54
C3 PCW O . 17.07 5.26 9.55
C4 PCW O . 14.45 11.15 10.18
C5 PCW O . 15.09 12.54 10.28
C6 PCW O . 15.94 13.01 12.49
C7 PCW O . 13.65 13.16 12.10
C8 PCW O . 14.97 14.81 11.23
C11 PCW O . 18.94 3.89 10.17
C12 PCW O . 19.91 2.87 9.60
C13 PCW O . 20.76 3.59 8.49
C14 PCW O . 21.79 2.70 7.79
C15 PCW O . 23.28 3.12 7.99
C16 PCW O . 24.16 2.62 6.79
C17 PCW O . 25.64 3.14 6.73
C18 PCW O . 26.53 2.31 5.80
C19 PCW O . 27.67 1.57 6.53
C20 PCW O . 28.98 2.06 6.54
C21 PCW O . 29.60 3.27 5.93
C22 PCW O . 30.67 2.76 4.91
C23 PCW O . 32.14 3.17 5.16
C24 PCW O . 33.18 2.12 4.94
C25 PCW O . 33.22 0.83 5.82
C26 PCW O . 33.53 1.01 7.29
C27 PCW O . 32.65 0.26 8.32
C28 PCW O . 33.47 -0.08 9.54
C31 PCW O . 17.38 6.68 6.19
C32 PCW O . 17.07 5.98 4.85
C33 PCW O . 18.04 6.35 3.63
C34 PCW O . 17.81 5.50 2.39
C35 PCW O . 19.25 5.22 1.80
C36 PCW O . 19.21 4.27 0.58
C37 PCW O . 20.60 3.96 -0.07
C38 PCW O . 20.83 2.49 -0.20
C39 PCW O . 22.18 2.17 -0.82
C40 PCW O . 22.41 1.38 -1.86
C41 PCW O . 21.33 0.63 -2.63
C42 PCW O . 22.03 -0.51 -3.49
C43 PCW O . 21.56 -0.75 -4.91
C44 PCW O . 22.40 -1.88 -5.47
C45 PCW O . 22.28 -2.09 -6.96
C46 PCW O . 21.14 -2.99 -7.36
C47 PCW O . 20.85 -3.11 -8.84
C48 PCW O . 19.67 -4.06 -9.09
N PCW O . 14.93 13.34 11.46
O2 PCW O . 16.92 5.91 7.17
O3 PCW O . 18.09 4.29 9.20
O11 PCW O . 18.93 4.26 11.31
O31 PCW O . 17.95 7.81 6.33
O1P PCW O . 16.28 9.81 11.96
O2P PCW O . 17.79 9.83 9.98
O3P PCW O . 16.04 7.97 10.27
O4P PCW O . 15.45 10.25 9.63
P PCW O . 16.45 9.50 10.50
C1 PCW P . 9.52 -3.10 19.14
C2 PCW P . 9.50 -4.22 20.24
C3 PCW P . 9.58 -5.63 19.57
C4 PCW P . 8.43 0.60 17.20
C5 PCW P . 9.73 1.24 16.67
C6 PCW P . 9.45 2.28 14.35
C7 PCW P . 10.26 3.63 16.24
C8 PCW P . 11.08 2.17 15.45
C11 PCW P . 8.35 -7.05 21.08
C12 PCW P . 8.56 -8.12 22.11
C13 PCW P . 9.07 -9.42 21.38
C14 PCW P . 9.34 -10.61 22.29
C15 PCW P . 10.04 -11.84 21.61
C16 PCW P . 11.15 -12.44 22.55
C17 PCW P . 11.04 -13.96 22.90
C18 PCW P . 11.22 -14.26 24.39
C19 PCW P . 12.55 -14.99 24.70
C20 PCW P . 12.70 -16.36 24.54
C21 PCW P . 11.78 -17.43 24.10
C22 PCW P . 11.24 -18.13 25.38
C23 PCW P . 9.82 -18.75 25.32
C24 PCW P . 9.71 -20.23 25.50
C25 PCW P . 8.35 -20.97 25.35
C26 PCW P . 7.34 -20.74 26.46
C27 PCW P . 5.84 -20.77 26.09
C28 PCW P . 5.18 -19.50 26.56
C31 PCW P . 10.37 -3.88 22.42
C32 PCW P . 11.69 -3.74 23.21
C33 PCW P . 12.18 -5.09 23.93
C34 PCW P . 13.68 -5.34 23.78
C35 PCW P . 14.04 -6.41 24.89
C36 PCW P . 15.38 -6.11 25.59
C37 PCW P . 15.79 -7.13 26.70
C38 PCW P . 16.49 -8.32 26.14
C39 PCW P . 16.89 -9.31 27.21
C40 PCW P . 17.76 -10.30 27.09
C41 PCW P . 18.54 -10.63 25.82
C42 PCW P . 19.68 -11.67 26.20
C43 PCW P . 20.86 -11.19 27.02
C44 PCW P . 21.78 -12.38 27.22
C45 PCW P . 22.26 -12.61 28.62
C46 PCW P . 21.46 -13.63 29.38
C47 PCW P . 21.65 -13.66 30.88
C48 PCW P . 20.78 -14.75 31.52
N PCW P . 9.65 2.38 15.81
O2 PCW P . 10.69 -4.07 21.14
O3 PCW P . 9.56 -6.66 20.58
O11 PCW P . 7.28 -6.62 20.75
O31 PCW P . 9.21 -3.82 22.90
O1P PCW P . 7.28 -1.78 18.35
O2P PCW P . 7.38 -0.46 20.47
O3P PCW P . 9.44 -1.76 19.65
O4P PCW P . 8.68 0.29 18.60
P PCW P . 8.11 -0.94 19.28
C1 PCW Q . -0.17 -1.69 15.64
C2 PCW Q . 1.13 -2.52 15.27
C3 PCW Q . 1.70 -3.21 16.54
C4 PCW Q . -2.55 -2.62 17.99
C5 PCW Q . -3.82 -2.84 17.17
C6 PCW Q . -5.31 -4.42 15.82
C7 PCW Q . -3.43 -5.30 17.10
C8 PCW Q . -4.94 -4.47 17.75
C11 PCW Q . 2.88 -5.30 16.46
C12 PCW Q . 4.20 -5.89 16.04
C13 PCW Q . 5.24 -5.64 17.20
C14 PCW Q . 6.65 -6.18 16.95
C15 PCW Q . 6.77 -7.71 16.76
C16 PCW Q . 7.53 -8.05 15.43
C17 PCW Q . 9.08 -8.29 15.52
C18 PCW Q . 9.87 -7.44 14.52
C19 PCW Q . 10.63 -8.31 13.48
C20 PCW Q . 11.45 -7.75 12.52
C21 PCW Q . 11.81 -6.35 12.21
C22 PCW Q . 12.97 -6.41 11.16
C23 PCW Q . 13.94 -5.19 11.10
C24 PCW Q . 14.76 -5.03 9.86
C25 PCW Q . 16.20 -5.62 9.74
C26 PCW Q . 16.32 -6.93 9.00
C27 PCW Q . 17.54 -7.11 8.05
C28 PCW Q . 17.32 -8.28 7.13
C31 PCW Q . 0.60 -3.14 13.04
C32 PCW Q . 0.25 -4.36 12.17
C33 PCW Q . 1.29 -4.68 10.99
C34 PCW Q . 0.69 -5.54 9.88
C35 PCW Q . 1.27 -6.99 10.10
C36 PCW Q . 1.89 -7.59 8.82
C37 PCW Q . 2.48 -9.03 8.97
C38 PCW Q . 3.97 -9.03 8.88
C39 PCW Q . 4.58 -10.41 9.03
C40 PCW Q . 5.66 -10.87 8.41
C41 PCW Q . 6.50 -10.07 7.44
C42 PCW Q . 7.67 -9.35 8.26
C43 PCW Q . 8.34 -8.14 7.65
C44 PCW Q . 9.39 -7.68 8.64
C45 PCW Q . 10.82 -8.01 8.29
C46 PCW Q . 11.33 -9.26 8.96
C47 PCW Q . 12.76 -9.64 8.68
C48 PCW Q . 13.14 -10.93 9.43
N PCW Q . -4.08 -4.12 16.57
O2 PCW Q . 0.79 -3.58 14.29
O3 PCW Q . 2.88 -3.97 16.21
O11 PCW Q . 1.98 -5.92 16.95
O31 PCW Q . 0.69 -1.95 12.64
O1P PCW Q . 0.13 -1.86 18.80
O2P PCW Q . -0.83 0.44 18.76
O3P PCW Q . 0.05 -0.63 16.59
O4P PCW Q . -2.04 -1.31 17.65
P PCW Q . -0.64 -0.83 18.03
C1 PCW R . -24.82 -1.06 -8.95
C2 PCW R . -26.24 -1.47 -8.40
C3 PCW R . -27.26 -1.61 -9.59
C4 PCW R . -22.39 2.09 -6.04
C5 PCW R . -22.54 2.36 -4.54
C6 PCW R . -20.58 3.66 -3.98
C7 PCW R . -22.48 3.82 -2.64
C8 PCW R . -22.56 4.83 -4.69
C11 PCW R . -29.51 -1.03 -9.00
C12 PCW R . -30.75 -1.63 -8.40
C13 PCW R . -31.39 -2.60 -9.47
C14 PCW R . -32.67 -3.30 -9.01
C15 PCW R . -33.02 -4.63 -9.75
C16 PCW R . -33.88 -4.34 -11.03
C17 PCW R . -34.71 -5.53 -11.62
C18 PCW R . -33.86 -6.61 -12.30
C19 PCW R . -34.61 -7.96 -12.45
C20 PCW R . -34.22 -8.92 -13.37
C21 PCW R . -33.13 -8.96 -14.37
C22 PCW R . -32.67 -10.45 -14.49
C23 PCW R . -31.69 -10.99 -13.42
C24 PCW R . -30.39 -10.27 -13.27
C25 PCW R . -29.04 -11.03 -13.35
C26 PCW R . -28.39 -11.13 -14.72
C27 PCW R . -28.74 -12.35 -15.60
C28 PCW R . -28.47 -12.03 -17.05
C31 PCW R . -26.87 -2.89 -6.60
C32 PCW R . -26.70 -4.30 -6.03
C33 PCW R . -27.37 -5.46 -6.90
C34 PCW R . -28.87 -5.29 -7.12
C35 PCW R . -29.24 -6.24 -8.33
C36 PCW R . -30.23 -7.35 -7.92
C37 PCW R . -30.65 -8.33 -9.07
C38 PCW R . -30.87 -9.72 -8.58
C39 PCW R . -31.27 -10.68 -9.66
C40 PCW R . -31.23 -12.01 -9.61
C41 PCW R . -30.76 -12.80 -8.40
C42 PCW R . -31.98 -13.69 -7.89
C43 PCW R . -32.09 -13.98 -6.41
C44 PCW R . -33.34 -14.82 -6.21
C45 PCW R . -33.10 -16.23 -5.72
C46 PCW R . -33.29 -16.40 -4.24
C47 PCW R . -32.16 -17.07 -3.49
C48 PCW R . -32.50 -17.18 -1.99
N PCW R . -22.06 3.60 -3.99
O2 PCW R . -26.16 -2.81 -7.73
O3 PCW R . -28.54 -1.97 -9.08
O11 PCW R . -29.38 0.12 -9.32
O31 PCW R . -27.57 -1.96 -6.09
O1P PCW R . -22.80 1.57 -8.86
O2P PCW R . -25.21 1.75 -8.25
O3P PCW R . -23.95 -0.47 -7.96
O4P PCW R . -23.61 1.43 -6.49
P PCW R . -23.90 1.13 -7.95
C1 PCW S . -15.52 3.81 -4.43
C2 PCW S . -15.97 2.59 -5.33
C3 PCW S . -17.53 2.51 -5.39
C4 PCW S . -17.28 5.53 -7.65
C5 PCW S . -17.20 5.82 -9.15
C6 PCW S . -19.36 4.91 -9.73
C7 PCW S . -17.43 3.65 -10.15
C8 PCW S . -17.84 5.44 -11.51
C11 PCW S . -18.88 1.64 -7.16
C12 PCW S . -19.15 0.37 -7.93
C13 PCW S . -20.21 -0.46 -7.14
C14 PCW S . -20.60 -1.80 -7.78
C15 PCW S . -19.62 -2.98 -7.53
C16 PCW S . -20.32 -4.35 -7.84
C17 PCW S . -21.21 -4.99 -6.72
C18 PCW S . -20.39 -5.73 -5.65
C19 PCW S . -21.27 -6.60 -4.73
C20 PCW S . -20.82 -7.08 -3.51
C21 PCW S . -19.51 -6.94 -2.81
C22 PCW S . -19.50 -8.01 -1.68
C23 PCW S . -18.20 -8.81 -1.45
C24 PCW S . -17.94 -9.97 -2.38
C25 PCW S . -19.10 -10.88 -2.87
C26 PCW S . -19.41 -10.84 -4.36
C27 PCW S . -19.74 -12.18 -5.05
C28 PCW S . -19.17 -12.18 -6.46
C31 PCW S . -14.79 1.72 -7.19
C32 PCW S . -14.35 2.03 -8.62
C33 PCW S . -14.00 0.75 -9.51
C34 PCW S . -12.51 0.64 -9.88
C35 PCW S . -11.76 0.19 -8.57
C36 PCW S . -11.84 -1.33 -8.32
C37 PCW S . -11.11 -1.85 -7.03
C38 PCW S . -10.55 -3.22 -7.22
C39 PCW S . -9.85 -3.73 -5.99
C40 PCW S . -8.74 -4.48 -5.95
C41 PCW S . -7.99 -4.95 -7.17
C42 PCW S . -8.11 -6.54 -7.23
C43 PCW S . -9.31 -7.15 -7.95
C44 PCW S . -9.17 -8.65 -7.86
C45 PCW S . -10.42 -9.39 -7.42
C46 PCW S . -10.16 -10.79 -6.94
C47 PCW S . -11.26 -11.80 -7.19
C48 PCW S . -10.88 -13.18 -6.66
N PCW S . -17.92 5.00 -10.08
O2 PCW S . -15.47 2.77 -6.72
O3 PCW S . -17.93 1.41 -6.21
O11 PCW S . -19.41 2.70 -7.38
O31 PCW S . -14.57 0.65 -6.56
O1P PCW S . -16.95 6.14 -4.82
O2P PCW S . -14.92 7.36 -5.62
O3P PCW S . -14.81 4.84 -5.16
O4P PCW S . -15.95 5.77 -7.10
P PCW S . -15.69 6.10 -5.64
C1 PCW T . 14.60 21.65 -3.14
C2 PCW T . 15.71 20.52 -3.04
C3 PCW T . 15.70 19.88 -1.61
C4 PCW T . 10.73 18.94 -3.25
C5 PCW T . 10.01 18.31 -4.44
C6 PCW T . 11.36 16.16 -4.31
C7 PCW T . 9.45 16.33 -5.83
C8 PCW T . 11.03 17.29 -5.88
C11 PCW T . 16.99 18.32 -0.32
C12 PCW T . 18.07 17.28 -0.47
C13 PCW T . 19.46 18.02 -0.51
C14 PCW T . 20.68 17.11 -0.68
C15 PCW T . 21.63 17.45 -1.86
C16 PCW T . 22.50 16.20 -2.24
C17 PCW T . 21.99 15.29 -3.42
C18 PCW T . 22.64 15.63 -4.76
C19 PCW T . 23.45 14.44 -5.34
C20 PCW T . 22.87 13.47 -6.14
C21 PCW T . 21.49 13.28 -6.65
C22 PCW T . 21.41 11.83 -7.19
C23 PCW T . 20.89 11.62 -8.63
C24 PCW T . 21.85 11.06 -9.63
C25 PCW T . 21.89 9.53 -9.94
C26 PCW T . 22.96 9.06 -10.91
C27 PCW T . 24.41 9.01 -10.40
C28 PCW T . 25.25 8.14 -11.32
C31 PCW T . 16.16 19.45 -5.11
C32 PCW T . 15.73 18.27 -6.01
C33 PCW T . 16.72 17.02 -6.00
C34 PCW T . 17.71 17.01 -7.16
C35 PCW T . 16.97 16.31 -8.36
C36 PCW T . 17.62 14.97 -8.77
C37 PCW T . 16.93 14.22 -9.95
C38 PCW T . 17.83 13.17 -10.53
C39 PCW T . 17.19 12.42 -11.68
C40 PCW T . 17.75 11.50 -12.45
C41 PCW T . 19.18 11.03 -12.30
C42 PCW T . 19.81 10.87 -13.76
C43 PCW T . 20.64 9.64 -14.07
C44 PCW T . 21.10 9.75 -15.52
C45 PCW T . 22.48 9.23 -15.80
C46 PCW T . 23.58 10.21 -15.51
C47 PCW T . 24.82 9.66 -14.85
C48 PCW T . 25.85 10.77 -14.60
N PCW T . 10.16 16.92 -4.71
O2 PCW T . 15.40 19.43 -4.01
O3 PCW T . 16.70 18.86 -1.53
O11 PCW T . 16.46 18.61 0.72
O31 PCW T . 17.07 20.29 -5.39
O1P PCW T . 12.49 20.50 -1.55
O2P PCW T . 11.41 22.44 -2.69
O3P PCW T . 13.39 21.23 -3.78
O4P PCW T . 11.16 20.26 -3.67
P PCW T . 12.08 21.13 -2.85
C1 PCW U . 4.60 -7.02 27.50
C2 PCW U . 5.82 -7.32 26.54
C3 PCW U . 7.11 -7.64 27.38
C4 PCW U . 4.28 -4.01 24.46
C5 PCW U . 5.66 -3.47 24.07
C6 PCW U . 4.67 -1.30 23.14
C7 PCW U . 7.10 -1.63 23.25
C8 PCW U . 5.88 -2.57 22.24
C11 PCW U . 9.47 -7.66 26.94
C12 PCW U . 10.46 -7.96 25.84
C13 PCW U . 11.34 -9.17 26.28
C14 PCW U . 12.40 -9.60 25.25
C15 PCW U . 13.18 -10.91 25.57
C16 PCW U . 14.45 -11.04 24.66
C17 PCW U . 14.30 -10.63 23.16
C18 PCW U . 15.63 -10.63 22.38
C19 PCW U . 15.70 -9.53 21.30
C20 PCW U . 16.29 -9.74 20.06
C21 PCW U . 16.96 -10.92 19.45
C22 PCW U . 15.99 -11.48 18.39
C23 PCW U . 16.55 -12.51 17.39
C24 PCW U . 15.90 -13.86 17.36
C25 PCW U . 16.65 -15.10 16.81
C26 PCW U . 17.47 -15.90 17.80
C27 PCW U . 18.65 -16.74 17.27
C28 PCW U . 19.91 -15.90 17.24
C31 PCW U . 4.96 -8.23 24.53
C32 PCW U . 4.70 -9.55 23.79
C33 PCW U . 5.93 -10.59 23.76
C34 PCW U . 5.84 -11.61 22.63
C35 PCW U . 6.29 -12.98 23.28
C36 PCW U . 5.52 -14.19 22.70
C37 PCW U . 5.92 -15.58 23.29
C38 PCW U . 5.38 -16.71 22.48
C39 PCW U . 5.75 -18.06 23.02
C40 PCW U . 6.70 -18.87 22.56
C41 PCW U . 7.61 -18.55 21.38
C42 PCW U . 8.44 -19.86 21.02
C43 PCW U . 9.86 -19.98 21.55
C44 PCW U . 10.42 -21.32 21.06
C45 PCW U . 10.45 -22.41 22.09
C46 PCW U . 11.35 -23.55 21.72
C47 PCW U . 12.23 -24.10 22.82
C48 PCW U . 13.09 -25.26 22.32
N PCW U . 5.80 -2.11 23.66
O2 PCW U . 5.52 -8.52 25.71
O3 PCW U . 8.21 -7.90 26.48
O11 PCW U . 9.75 -7.24 28.03
O31 PCW U . 4.68 -7.08 24.09
O1P PCW U . 1.93 -4.70 26.00
O2P PCW U . 3.44 -4.28 27.93
O3P PCW U . 3.42 -6.58 26.80
O4P PCW U . 4.43 -4.60 25.79
P PCW U . 3.26 -4.99 26.65
C1 PCW V . -8.97 -12.99 25.77
C2 PCW V . -7.43 -12.81 25.47
C3 PCW V . -6.57 -13.47 26.60
C4 PCW V . -10.21 -9.20 23.07
C5 PCW V . -9.26 -8.15 22.50
C6 PCW V . -10.87 -6.50 21.77
C7 PCW V . -10.04 -8.05 20.23
C8 PCW V . -8.64 -6.38 20.89
C11 PCW V . -4.30 -13.24 27.36
C12 PCW V . -2.90 -13.05 26.85
C13 PCW V . -2.10 -14.38 27.11
C14 PCW V . -0.64 -14.37 26.64
C15 PCW V . -0.34 -15.19 25.35
C16 PCW V . -0.59 -16.72 25.60
C17 PCW V . 0.67 -17.63 25.79
C18 PCW V . 1.02 -17.87 27.26
C19 PCW V . 0.97 -19.37 27.65
C20 PCW V . 1.73 -19.89 28.69
C21 PCW V . 2.69 -19.27 29.63
C22 PCW V . 3.30 -20.43 30.47
C23 PCW V . 4.82 -20.68 30.34
C24 PCW V . 5.42 -21.69 31.26
C25 PCW V . 5.78 -21.32 32.74
C26 PCW V . 7.20 -20.88 33.00
C27 PCW V . 8.11 -21.81 33.84
C28 PCW V . 9.22 -22.36 32.97
C31 PCW V . -6.74 -12.66 23.21
C32 PCW V . -6.41 -13.50 21.96
C33 PCW V . -7.68 -13.97 21.09
C34 PCW V . -8.62 -14.93 21.83
C35 PCW V . -8.07 -16.38 21.51
C36 PCW V . -7.50 -17.09 22.77
C37 PCW V . -6.95 -18.53 22.52
C38 PCW V . -5.57 -18.70 23.07
C39 PCW V . -5.02 -20.09 22.85
C40 PCW V . -4.11 -20.72 23.58
C41 PCW V . -3.43 -20.13 24.81
C42 PCW V . -2.62 -21.30 25.53
C43 PCW V . -1.16 -21.50 25.17
C44 PCW V . -0.65 -22.67 26.00
C45 PCW V . 0.78 -23.05 25.74
C46 PCW V . 0.94 -24.09 24.65
C47 PCW V . 1.47 -25.44 25.08
C48 PCW V . 1.58 -26.39 23.89
N PCW V . -9.68 -7.31 21.41
O2 PCW V . -7.08 -13.49 24.19
O3 PCW V . -5.17 -13.30 26.31
O11 PCW V . -4.61 -13.33 28.53
O31 PCW V . -6.69 -11.40 23.28
O1P PCW V . -11.44 -10.38 25.43
O2P PCW V . -9.13 -10.24 26.34
O3P PCW V . -9.83 -12.24 24.90
O4P PCW V . -9.42 -10.02 23.97
P PCW V . -9.99 -10.68 25.21
C1 PCW W . -28.35 -5.87 2.73
C2 PCW W . -27.86 -7.16 3.51
C3 PCW W . -26.31 -7.34 3.34
C4 PCW W . -26.62 -2.80 5.89
C5 PCW W . -25.77 -1.56 5.64
C6 PCW W . -23.45 -0.62 6.17
C7 PCW W . -23.71 -2.48 4.60
C8 PCW W . -24.33 -0.75 4.42
C11 PCW W . -25.74 -9.67 3.34
C12 PCW W . -25.29 -10.77 4.27
C13 PCW W . -26.54 -11.66 4.63
C14 PCW W . -26.24 -12.84 5.56
C15 PCW W . -26.88 -14.19 5.17
C16 PCW W . -25.80 -15.33 5.19
C17 PCW W . -26.22 -16.69 5.84
C18 PCW W . -25.07 -17.69 5.97
C19 PCW W . -25.48 -19.13 5.60
C20 PCW W . -24.88 -19.82 4.55
C21 PCW W . -23.81 -19.45 3.59
C22 PCW W . -24.37 -19.74 2.17
C23 PCW W . -24.74 -18.52 1.29
C24 PCW W . -26.16 -18.38 0.89
C25 PCW W . -27.26 -18.00 1.93
C26 PCW W . -28.57 -18.75 1.81
C27 PCW W . -28.66 -20.17 2.40
C28 PCW W . -29.19 -21.14 1.37
C31 PCW W . -29.00 -7.92 5.44
C32 PCW W . -29.19 -7.66 6.94
C33 PCW W . -29.36 -8.96 7.85
C34 PCW W . -28.24 -9.99 7.66
C35 PCW W . -28.69 -11.26 8.47
C36 PCW W . -27.51 -11.93 9.22
C37 PCW W . -27.88 -13.20 10.06
C38 PCW W . -27.85 -14.44 9.22
C39 PCW W . -28.19 -15.68 10.00
C40 PCW W . -28.68 -16.81 9.53
C41 PCW W . -28.99 -17.08 8.07
C42 PCW W . -29.87 -18.41 7.98
C43 PCW W . -29.78 -19.25 6.72
C44 PCW W . -30.72 -20.44 6.91
C45 PCW W . -31.45 -20.89 5.67
C46 PCW W . -31.59 -22.38 5.57
C47 PCW W . -31.19 -22.99 4.24
C48 PCW W . -31.38 -24.51 4.26
N PCW W . -24.34 -1.66 5.60
O2 PCW W . -28.14 -7.02 4.96
O3 PCW W . -25.89 -8.51 4.05
O11 PCW W . -25.94 -9.79 2.16
O31 PCW W . -29.56 -8.84 4.77
O1P PCW W . -26.10 -4.25 3.46
O2P PCW W . -27.66 -2.59 2.47
O3P PCW W . -28.57 -4.72 3.59
O4P PCW W . -27.63 -2.85 4.85
P PCW W . -27.44 -3.58 3.54
C1 PCW X . 20.46 14.73 3.23
C2 PCW X . 21.53 14.02 2.31
C3 PCW X . 22.36 15.09 1.53
C4 PCW X . 23.95 15.79 4.79
C5 PCW X . 25.23 15.32 5.46
C6 PCW X . 26.93 16.89 4.40
C7 PCW X . 27.24 16.11 6.69
C8 PCW X . 27.25 15.10 5.15
C11 PCW X . 24.65 14.59 1.05
C12 PCW X . 25.51 13.83 0.07
C13 PCW X . 26.13 14.86 -0.95
C14 PCW X . 27.04 14.25 -2.02
C15 PCW X . 26.31 13.59 -3.22
C16 PCW X . 26.78 12.10 -3.40
C17 PCW X . 28.07 11.84 -4.25
C18 PCW X . 27.85 10.84 -5.38
C19 PCW X . 27.61 11.51 -6.75
C20 PCW X . 28.55 11.48 -7.77
C21 PCW X . 29.91 10.88 -7.88
C22 PCW X . 30.92 12.05 -7.67
C23 PCW X . 32.42 11.66 -7.52
C24 PCW X . 33.07 11.99 -6.22
C25 PCW X . 34.61 11.92 -6.05
C26 PCW X . 35.16 10.75 -5.26
C27 PCW X . 35.64 11.02 -3.82
C28 PCW X . 35.73 9.72 -3.05
C31 PCW X . 22.16 11.96 3.30
C32 PCW X . 23.23 11.29 4.19
C33 PCW X . 24.20 10.26 3.43
C34 PCW X . 25.09 10.93 2.38
C35 PCW X . 25.19 9.91 1.19
C36 PCW X . 26.53 10.01 0.42
C37 PCW X . 26.69 9.02 -0.77
C38 PCW X . 27.59 7.88 -0.44
C39 PCW X . 27.77 6.91 -1.59
C40 PCW X . 28.75 6.03 -1.75
C41 PCW X . 29.90 5.85 -0.77
C42 PCW X . 31.07 5.07 -1.54
C43 PCW X . 32.48 5.18 -0.99
C44 PCW X . 33.36 4.36 -1.91
C45 PCW X . 34.64 5.03 -2.34
C46 PCW X . 35.51 4.17 -3.23
C47 PCW X . 36.98 4.52 -3.29
C48 PCW X . 37.73 3.57 -4.23
N PCW X . 26.34 16.22 5.57
O2 PCW X . 22.49 13.24 3.16
O3 PCW X . 23.34 14.44 0.72
O11 PCW X . 25.06 15.24 1.97
O31 PCW X . 21.14 11.38 2.81
O1P PCW X . 21.29 16.92 4.76
O2P PCW X . 21.05 15.64 6.90
O3P PCW X . 20.62 14.48 4.64
O4P PCW X . 22.86 15.07 5.43
P PCW X . 21.43 15.60 5.46
C1 PCW Y . 19.62 5.19 16.70
C2 PCW Y . 19.51 3.92 15.77
C3 PCW Y . 18.17 3.98 14.94
C4 PCW Y . 22.53 3.41 19.13
C5 PCW Y . 22.02 1.98 19.03
C6 PCW Y . 23.78 0.24 19.69
C7 PCW Y . 21.59 0.29 20.81
C8 PCW Y . 21.94 -0.07 19.03
C11 PCW Y . 16.89 2.58 13.47
C12 PCW Y . 17.01 1.35 12.63
C13 PCW Y . 16.79 0.09 13.56
C14 PCW Y . 16.88 -1.26 12.84
C15 PCW Y . 18.30 -1.87 12.74
C16 PCW Y . 18.29 -3.20 11.89
C17 PCW Y . 19.58 -3.54 11.06
C18 PCW Y . 20.22 -4.86 11.46
C19 PCW Y . 20.33 -5.87 10.28
C20 PCW Y . 21.44 -5.91 9.44
C21 PCW Y . 22.70 -5.13 9.42
C22 PCW Y . 23.50 -5.62 8.17
C23 PCW Y . 24.98 -5.16 8.05
C24 PCW Y . 25.23 -3.84 7.39
C25 PCW Y . 25.86 -3.76 5.97
C26 PCW Y . 27.33 -4.08 5.84
C27 PCW Y . 28.35 -2.99 6.25
C28 PCW Y . 29.59 -3.09 5.41
C31 PCW Y . 21.31 2.75 14.77
C32 PCW Y . 22.44 2.89 13.72
C33 PCW Y . 22.21 3.95 12.55
C34 PCW Y . 23.44 4.80 12.25
C35 PCW Y . 23.13 5.55 10.91
C36 PCW Y . 22.82 7.05 11.13
C37 PCW Y . 22.50 7.86 9.84
C38 PCW Y . 21.35 7.28 9.08
C39 PCW Y . 21.03 8.05 7.83
C40 PCW Y . 21.67 8.01 6.67
C41 PCW Y . 22.89 7.14 6.40
C42 PCW Y . 22.98 6.88 4.83
C43 PCW Y . 22.68 5.49 4.30
C44 PCW Y . 22.84 5.54 2.79
C45 PCW Y . 23.76 4.49 2.20
C46 PCW Y . 25.22 4.81 2.36
C47 PCW Y . 26.18 3.93 1.60
C48 PCW Y . 27.64 4.36 1.85
N PCW Y . 22.52 0.99 19.93
O2 PCW Y . 20.63 3.90 14.80
O3 PCW Y . 18.07 2.82 14.09
O11 PCW Y . 15.89 3.26 13.58
O31 PCW Y . 21.09 1.73 15.49
O1P PCW Y . 22.96 6.19 18.32
O2P PCW Y . 20.68 6.49 19.28
O3P PCW Y . 20.97 5.69 16.86
O4P PCW Y . 21.40 4.26 18.78
P PCW Y . 21.54 5.71 18.36
C1 PCW Z . -2.80 -6.84 21.43
C2 PCW Z . -1.34 -7.41 21.18
C3 PCW Z . -0.29 -6.61 22.02
C4 PCW Z . -2.09 -4.32 24.36
C5 PCW Z . -1.54 -4.01 25.76
C6 PCW Z . 0.11 -2.71 27.21
C7 PCW Z . 0.14 -2.46 24.78
C8 PCW Z . -1.22 -1.99 25.95
C11 PCW Z . 1.99 -6.27 21.36
C12 PCW Z . 3.28 -7.02 21.15
C13 PCW Z . 3.11 -7.95 19.88
C14 PCW Z . 4.33 -8.78 19.51
C15 PCW Z . 4.06 -9.95 18.51
C16 PCW Z . 4.35 -11.34 19.17
C17 PCW Z . 4.70 -12.53 18.21
C18 PCW Z . 5.67 -13.53 18.82
C19 PCW Z . 6.43 -14.37 17.75
C20 PCW Z . 6.39 -15.75 17.72
C21 PCW Z . 5.70 -16.75 18.58
C22 PCW Z . 5.23 -17.89 17.64
C23 PCW Z . 5.72 -19.33 17.93
C24 PCW Z . 4.73 -20.44 17.76
C25 PCW Z . 4.03 -20.69 16.38
C26 PCW Z . 4.33 -22.01 15.70
C27 PCW Z . 4.54 -22.00 14.17
C28 PCW Z . 4.51 -23.40 13.62
C31 PCW Z . -1.37 -9.70 20.60
C32 PCW Z . -1.28 -11.12 21.18
C33 PCW Z . -0.01 -11.98 20.72
C34 PCW Z . 0.07 -12.18 19.21
C35 PCW Z . -0.64 -13.57 18.92
C36 PCW Z . 0.36 -14.66 18.46
C37 PCW Z . -0.25 -16.07 18.16
C38 PCW Z . -0.55 -16.82 19.41
C39 PCW Z . -1.14 -18.18 19.15
C40 PCW Z . -2.42 -18.55 19.27
C41 PCW Z . -3.55 -17.62 19.71
C42 PCW Z . -4.92 -18.26 19.23
C43 PCW Z . -5.90 -17.37 18.47
C44 PCW Z . -7.12 -18.24 18.14
C45 PCW Z . -7.19 -18.73 16.71
C46 PCW Z . -8.42 -19.54 16.43
C47 PCW Z . -8.21 -20.82 15.65
C48 PCW Z . -9.53 -21.55 15.41
N PCW Z . -0.36 -3.21 25.91
O2 PCW Z . -1.27 -8.84 21.60
O3 PCW Z . 1.02 -7.15 21.77
O11 PCW Z . 1.84 -5.10 21.18
O31 PCW Z . -1.51 -9.41 19.38
O1P PCW Z . -4.39 -4.90 22.67
O2P PCW Z . -5.00 -6.43 24.54
O3P PCW Z . -3.37 -7.21 22.71
O4P PCW Z . -2.74 -5.62 24.44
P PCW Z . -3.95 -5.99 23.59
C1 PCW AA . -14.16 -3.00 1.69
C2 PCW AA . -14.28 -4.58 1.89
C3 PCW AA . -13.11 -5.09 2.80
C4 PCW AA . -17.85 0.10 2.37
C5 PCW AA . -17.79 1.61 2.62
C6 PCW AA . -19.45 3.53 2.43
C7 PCW AA . -19.38 2.16 4.45
C8 PCW AA . -18.05 3.26 3.79
C11 PCW AA . -12.24 -7.18 3.60
C12 PCW AA . -12.58 -8.65 3.68
C13 PCW AA . -12.54 -9.24 2.22
C14 PCW AA . -12.87 -10.73 2.10
C15 PCW AA . -14.39 -11.08 2.08
C16 PCW AA . -14.71 -12.07 0.90
C17 PCW AA . -16.20 -12.13 0.41
C18 PCW AA . -16.49 -13.34 -0.48
C19 PCW AA . -17.05 -14.55 0.31
C20 PCW AA . -16.74 -15.86 -0.04
C21 PCW AA . -15.91 -16.44 -1.11
C22 PCW AA . -14.44 -16.50 -0.55
C23 PCW AA . -13.39 -15.62 -1.25
C24 PCW AA . -12.12 -16.30 -1.70
C25 PCW AA . -10.98 -16.61 -0.68
C26 PCW AA . -9.83 -15.61 -0.63
C27 PCW AA . -9.45 -15.02 0.74
C28 PCW AA . -7.94 -14.91 0.84
C31 PCW AA . -16.34 -5.74 1.89
C32 PCW AA . -17.61 -5.98 2.72
C33 PCW AA . -18.97 -6.13 1.87
C34 PCW AA . -19.70 -7.44 2.12
C35 PCW AA . -21.20 -7.18 1.65
C36 PCW AA . -21.87 -8.46 1.08
C37 PCW AA . -23.35 -8.27 0.61
C38 PCW AA . -23.43 -7.80 -0.81
C39 PCW AA . -24.84 -7.62 -1.29
C40 PCW AA . -25.33 -7.90 -2.49
C41 PCW AA . -24.50 -8.47 -3.63
C42 PCW AA . -24.75 -10.05 -3.67
C43 PCW AA . -23.53 -10.96 -3.67
C44 PCW AA . -24.06 -12.39 -3.72
C45 PCW AA . -23.02 -13.45 -3.97
C46 PCW AA . -23.40 -14.41 -5.06
C47 PCW AA . -22.39 -15.49 -5.36
C48 PCW AA . -22.89 -16.40 -6.50
N PCW AA . -18.95 2.30 3.07
O2 PCW AA . -15.56 -4.90 2.57
O3 PCW AA . -13.23 -6.52 2.96
O11 PCW AA . -11.26 -6.68 4.07
O31 PCW AA . -16.09 -6.25 0.76
O1P PCW AA . -17.35 -2.66 3.10
O2P PCW AA . -15.23 -1.73 3.99
O3P PCW AA . -15.43 -2.35 1.51
O4P PCW AA . -16.49 -0.38 2.47
P PCW AA . -16.15 -1.81 2.84
C1 PCW BA . -16.89 -5.90 13.27
C2 PCW BA . -16.70 -6.74 11.95
C3 PCW BA . -17.42 -6.02 10.74
C4 PCW BA . -13.21 -2.88 14.50
C5 PCW BA . -12.49 -3.52 15.69
C6 PCW BA . -11.00 -5.48 16.37
C7 PCW BA . -10.27 -3.92 14.63
C8 PCW BA . -10.56 -3.56 16.42
C11 PCW BA . -18.29 -7.56 9.11
C12 PCW BA . -17.90 -8.31 7.88
C13 PCW BA . -17.44 -9.76 8.30
C14 PCW BA . -16.99 -10.66 7.14
C15 PCW BA . -16.15 -11.90 7.56
C16 PCW BA . -15.19 -12.34 6.39
C17 PCW BA . -13.96 -11.42 6.09
C18 PCW BA . -12.62 -12.15 6.20
C19 PCW BA . -11.44 -11.20 6.50
C20 PCW BA . -10.19 -11.68 6.89
C21 PCW BA . -9.66 -13.05 7.12
C22 PCW BA . -9.44 -13.21 8.64
C23 PCW BA . -9.35 -14.65 9.21
C24 PCW BA . -8.00 -15.29 9.18
C25 PCW BA . -7.79 -16.69 8.53
C26 PCW BA . -6.87 -16.74 7.32
C27 PCW BA . -7.51 -16.76 5.92
C28 PCW BA . -6.45 -16.67 4.86
C31 PCW BA . -14.65 -7.92 12.09
C32 PCW BA . -13.18 -7.87 11.66
C33 PCW BA . -12.48 -9.29 11.46
C34 PCW BA . -12.55 -9.82 10.03
C35 PCW BA . -13.52 -11.07 10.09
C36 PCW BA . -12.76 -12.39 10.38
C37 PCW BA . -13.64 -13.68 10.46
C38 PCW BA . -13.31 -14.65 9.39
C39 PCW BA . -14.14 -15.90 9.44
C40 PCW BA . -13.81 -17.05 10.01
C41 PCW BA . -12.50 -17.32 10.70
C42 PCW BA . -11.62 -18.26 9.74
C43 PCW BA . -11.68 -19.76 9.96
C44 PCW BA . -10.76 -20.38 8.91
C45 PCW BA . -11.39 -21.47 8.08
C46 PCW BA . -10.52 -22.69 7.91
C47 PCW BA . -11.14 -23.84 7.16
C48 PCW BA . -10.15 -25.01 7.06
N PCW BA . -11.37 -4.38 15.46
O2 PCW BA . -15.26 -6.83 11.61
O3 PCW BA . -17.24 -6.80 9.56
O11 PCW BA . -19.37 -7.62 9.65
O31 PCW BA . -15.19 -8.83 12.80
O1P PCW BA . -14.57 -3.81 12.11
O2P PCW BA . -16.62 -3.00 13.30
O3P PCW BA . -15.67 -5.34 13.79
O4P PCW BA . -14.60 -3.31 14.58
P PCW BA . -15.37 -3.81 13.38
C1 PCW CA . -1.07 6.04 1.49
C2 PCW CA . -1.18 4.74 0.61
C3 PCW CA . -0.88 5.08 -0.89
C4 PCW CA . -4.33 4.73 4.01
C5 PCW CA . -5.00 3.72 3.08
C6 PCW CA . -5.30 1.73 4.63
C7 PCW CA . -6.92 2.16 2.85
C8 PCW CA . -5.13 1.72 2.67
C11 PCW CA . -0.66 3.97 -3.01
C12 PCW CA . -0.82 2.63 -3.66
C13 PCW CA . 0.60 2.15 -4.14
C14 PCW CA . 0.62 0.78 -4.83
C15 PCW CA . 1.55 -0.29 -4.19
C16 PCW CA . 2.87 -0.45 -5.03
C17 PCW CA . 4.10 -1.08 -4.32
C18 PCW CA . 5.20 -1.55 -5.29
C19 PCW CA . 6.15 -2.59 -4.65
C20 PCW CA . 6.35 -3.85 -5.19
C21 PCW CA . 5.81 -4.52 -6.40
C22 PCW CA . 6.93 -4.51 -7.47
C23 PCW CA . 7.42 -5.88 -8.01
C24 PCW CA . 8.77 -6.35 -7.54
C25 PCW CA . 8.91 -7.56 -6.56
C26 PCW CA . 8.59 -8.93 -7.12
C27 PCW CA . 9.57 -10.07 -6.83
C28 PCW CA . 8.90 -11.15 -6.04
C31 PCW CA . -0.63 2.71 1.73
C32 PCW CA . 0.55 1.78 2.08
C33 PCW CA . 1.22 1.03 0.84
C34 PCW CA . 2.71 1.35 0.67
C35 PCW CA . 2.78 2.68 -0.17
C36 PCW CA . 3.68 2.54 -1.42
C37 PCW CA . 3.80 3.83 -2.31
C38 PCW CA . 4.15 3.51 -3.72
C39 PCW CA . 4.26 4.75 -4.58
C40 PCW CA . 3.78 4.92 -5.81
C41 PCW CA . 3.02 3.87 -6.59
C42 PCW CA . 3.97 3.29 -7.73
C43 PCW CA . 4.55 1.89 -7.55
C44 PCW CA . 5.41 1.61 -8.77
C45 PCW CA . 5.74 0.15 -8.99
C46 PCW CA . 7.09 -0.24 -8.48
C47 PCW CA . 8.12 -0.65 -9.51
C48 PCW CA . 9.45 -1.04 -8.84
N PCW CA . -5.81 2.67 3.62
O2 PCW CA . -0.14 3.74 1.04
O3 PCW CA . -0.97 3.88 -1.68
O11 PCW CA . -0.34 4.98 -3.58
O31 PCW CA . -1.84 2.52 2.04
O1P PCW CA . -2.13 6.24 5.17
O2P PCW CA . -2.63 7.83 3.32
O3P PCW CA . -1.10 5.80 2.91
O4P PCW CA . -3.51 5.60 3.18
P PCW CA . -2.36 6.42 3.70
C1 PCW DA . 20.65 3.66 25.11
C2 PCW DA . 21.39 2.30 24.82
C3 PCW DA . 22.93 2.44 25.08
C4 PCW DA . 16.49 5.48 23.27
C5 PCW DA . 16.26 6.64 22.29
C6 PCW DA . 18.32 7.60 21.47
C7 PCW DA . 16.46 7.48 20.07
C8 PCW DA . 17.56 5.54 20.50
C11 PCW DA . 23.92 0.89 23.51
C12 PCW DA . 24.57 -0.46 23.46
C13 PCW DA . 26.02 -0.30 22.88
C14 PCW DA . 26.83 -1.58 22.76
C15 PCW DA . 27.89 -1.84 23.87
C16 PCW DA . 29.11 -0.87 23.71
C17 PCW DA . 29.38 0.16 24.86
C18 PCW DA . 30.41 -0.34 25.87
C19 PCW DA . 31.63 0.61 25.99
C20 PCW DA . 32.79 0.42 25.25
C21 PCW DA . 33.19 -0.60 24.26
C22 PCW DA . 34.04 0.14 23.19
C23 PCW DA . 35.50 -0.35 22.96
C24 PCW DA . 35.97 -0.43 21.55
C25 PCW DA . 36.09 -1.79 20.81
C26 PCW DA . 37.35 -2.58 21.04
C27 PCW DA . 37.22 -4.04 21.55
C28 PCW DA . 37.54 -4.10 23.03
C31 PCW DA . 21.02 1.41 27.03
C32 PCW DA . 20.41 0.20 27.76
C33 PCW DA . 21.46 -0.95 28.12
C34 PCW DA . 21.92 -1.76 26.91
C35 PCW DA . 23.42 -2.14 27.20
C36 PCW DA . 24.05 -2.99 26.07
C37 PCW DA . 25.53 -3.41 26.28
C38 PCW DA . 25.71 -4.89 26.17
C39 PCW DA . 27.14 -5.32 26.37
C40 PCW DA . 27.90 -5.97 25.51
C41 PCW DA . 27.46 -6.43 24.13
C42 PCW DA . 27.30 -8.02 24.15
C43 PCW DA . 28.55 -8.88 24.23
C44 PCW DA . 28.08 -10.33 24.24
C45 PCW DA . 29.17 -11.36 24.12
C46 PCW DA . 29.13 -12.41 25.19
C47 PCW DA . 30.39 -13.20 25.42
C48 PCW DA . 30.20 -14.23 26.54
N PCW DA . 17.11 6.79 21.14
O2 PCW DA . 20.87 1.21 25.71
O3 PCW DA . 23.58 1.19 24.81
O11 PCW DA . 23.71 1.59 22.56
O31 PCW DA . 21.55 2.41 27.59
O1P PCW DA . 17.36 4.33 25.82
O2P PCW DA . 19.16 6.06 25.61
O3P PCW DA . 19.38 3.79 24.43
O4P PCW DA . 17.89 5.53 23.66
P PCW DA . 18.42 4.96 24.96
C1 PCW EA . -6.42 3.40 -2.40
C2 PCW EA . -5.56 2.11 -2.69
C3 PCW EA . -4.63 2.34 -3.92
C4 PCW EA . -9.22 6.30 -1.10
C5 PCW EA . -9.54 6.58 -2.57
C6 PCW EA . -11.97 5.88 -3.01
C7 PCW EA . -11.14 8.05 -3.78
C8 PCW EA . -10.59 6.38 -4.32
C11 PCW EA . -3.59 0.79 -5.46
C12 PCW EA . -2.76 -0.47 -5.47
C13 PCW EA . -3.35 -1.44 -6.55
C14 PCW EA . -2.62 -2.78 -6.69
C15 PCW EA . -2.23 -3.19 -8.14
C16 PCW EA . -2.71 -4.65 -8.43
C17 PCW EA . -4.11 -4.84 -9.11
C18 PCW EA . -4.02 -5.39 -10.54
C19 PCW EA . -4.30 -6.91 -10.61
C20 PCW EA . -4.18 -7.63 -11.79
C21 PCW EA . -3.81 -7.24 -13.16
C22 PCW EA . -2.88 -8.37 -13.71
C23 PCW EA . -1.65 -7.91 -14.54
C24 PCW EA . -1.62 -8.34 -15.98
C25 PCW EA . -0.35 -8.12 -16.85
C26 PCW EA . 0.00 -9.21 -17.84
C27 PCW EA . 0.92 -10.35 -17.37
C28 PCW EA . 1.92 -10.69 -18.45
C31 PCW EA . -4.54 0.49 -1.28
C32 PCW EA . -3.63 0.32 -0.07
C33 PCW EA . -2.10 -0.03 -0.40
C34 PCW EA . -1.75 -1.49 -0.19
C35 PCW EA . -1.37 -2.07 -1.61
C36 PCW EA . -2.04 -3.44 -1.90
C37 PCW EA . -1.71 -4.07 -3.29
C38 PCW EA . -2.37 -5.40 -3.46
C39 PCW EA . -2.06 -6.03 -4.79
C40 PCW EA . -1.74 -7.30 -5.02
C41 PCW EA . -1.62 -8.36 -3.92
C42 PCW EA . -0.52 -9.42 -4.37
C43 PCW EA . -0.62 -10.83 -3.82
C44 PCW EA . 0.54 -11.62 -4.41
C45 PCW EA . 0.65 -13.05 -3.93
C46 PCW EA . 1.63 -13.88 -4.72
C47 PCW EA . 1.18 -15.27 -5.08
C48 PCW EA . 2.27 -16.00 -5.88
N PCW EA . -10.90 6.89 -2.95
O2 PCW EA . -4.70 1.79 -1.51
O3 PCW EA . -3.86 1.14 -4.16
O11 PCW EA . -3.96 1.40 -6.43
O31 PCW EA . -5.06 -0.45 -1.94
O1P PCW EA . -9.27 3.69 0.17
O2P PCW EA . -6.84 4.14 0.52
O3P PCW EA . -7.66 3.16 -1.71
O4P PCW EA . -8.01 5.48 -1.09
P PCW EA . -7.97 4.10 -0.45
C1 PCW FA . -16.46 -11.36 22.01
C2 PCW FA . -16.94 -12.74 21.43
C3 PCW FA . -18.40 -12.62 20.88
C4 PCW FA . -14.00 -9.03 24.56
C5 PCW FA . -14.55 -9.62 25.84
C6 PCW FA . -13.71 -11.80 26.85
C7 PCW FA . -13.15 -9.65 27.89
C8 PCW FA . -14.82 -10.42 27.71
C11 PCW FA . -19.52 -14.72 21.17
C12 PCW FA . -19.87 -15.98 20.42
C13 PCW FA . -21.40 -15.93 20.05
C14 PCW FA . -21.93 -17.14 19.28
C15 PCW FA . -21.57 -18.53 19.87
C16 PCW FA . -21.84 -19.67 18.82
C17 PCW FA . -21.17 -21.06 19.09
C18 PCW FA . -22.18 -22.17 19.35
C19 PCW FA . -21.52 -23.56 19.50
C20 PCW FA . -21.97 -24.68 18.83
C21 PCW FA . -23.08 -24.89 17.87
C22 PCW FA . -23.98 -26.02 18.46
C23 PCW FA . -24.78 -26.88 17.46
C24 PCW FA . -24.56 -28.37 17.54
C25 PCW FA . -24.12 -29.18 16.28
C26 PCW FA . -23.60 -30.58 16.54
C27 PCW FA . -22.19 -30.72 17.16
C28 PCW FA . -21.36 -31.67 16.34
C31 PCW FA . -15.54 -14.36 20.41
C32 PCW FA . -14.67 -14.63 19.17
C33 PCW FA . -13.11 -14.33 19.33
C34 PCW FA . -12.22 -15.49 18.92
C35 PCW FA . -12.15 -15.42 17.34
C36 PCW FA . -10.71 -15.20 16.83
C37 PCW FA . -10.56 -15.12 15.27
C38 PCW FA . -9.17 -15.43 14.82
C39 PCW FA . -8.99 -15.35 13.34
C40 PCW FA . -8.88 -16.37 12.49
C41 PCW FA . -8.89 -17.83 12.89
C42 PCW FA . -8.16 -18.68 11.75
C43 PCW FA . -8.01 -20.17 11.94
C44 PCW FA . -7.28 -20.70 10.71
C45 PCW FA . -7.63 -22.12 10.32
C46 PCW FA . -6.73 -22.70 9.26
C47 PCW FA . -6.30 -24.14 9.45
C48 PCW FA . -5.40 -24.59 8.30
N PCW FA . -13.69 -10.34 26.73
O2 PCW FA . -16.07 -13.14 20.28
O3 PCW FA . -18.83 -13.89 20.35
O11 PCW FA . -19.80 -14.50 22.32
O31 PCW FA . -15.72 -15.17 21.36
O1P PCW FA . -13.08 -9.54 21.85
O2P PCW FA . -15.34 -8.65 21.23
O3P PCW FA . -15.04 -11.13 21.90
O4P PCW FA . -14.95 -9.32 23.50
P PCW FA . -14.56 -9.61 22.07
C1 PCW GA . 4.22 5.01 10.02
C2 PCW GA . 5.60 4.64 9.33
C3 PCW GA . 6.79 5.00 10.29
C4 PCW GA . 4.35 6.06 13.44
C5 PCW GA . 5.85 6.37 13.49
C6 PCW GA . 6.44 7.27 15.65
C7 PCW GA . 5.45 8.66 14.06
C8 PCW GA . 7.62 8.06 13.71
C11 PCW GA . 9.04 4.16 10.44
C12 PCW GA . 10.25 3.87 9.60
C13 PCW GA . 11.19 5.13 9.63
C14 PCW GA . 12.48 5.02 8.83
C15 PCW GA . 13.46 3.88 9.26
C16 PCW GA . 14.40 3.48 8.07
C17 PCW GA . 13.73 2.73 6.85
C18 PCW GA . 14.74 2.29 5.79
C19 PCW GA . 15.10 0.79 5.90
C20 PCW GA . 16.40 0.33 5.80
C21 PCW GA . 17.69 1.03 5.60
C22 PCW GA . 18.79 -0.07 5.47
C23 PCW GA . 20.23 0.37 5.10
C24 PCW GA . 21.29 -0.68 5.16
C25 PCW GA . 21.87 -1.30 3.86
C26 PCW GA . 21.15 -2.51 3.30
C27 PCW GA . 20.75 -2.49 1.80
C28 PCW GA . 19.28 -2.15 1.67
C31 PCW GA . 5.90 2.84 7.83
C32 PCW GA . 5.94 1.31 7.72
C33 PCW GA . 7.12 0.70 6.83
C34 PCW GA . 8.11 -0.14 7.64
C35 PCW GA . 8.25 -1.50 6.83
C36 PCW GA . 9.59 -2.22 7.11
C37 PCW GA . 9.81 -3.57 6.35
C38 PCW GA . 11.23 -4.00 6.39
C39 PCW GA . 11.46 -5.31 5.66
C40 PCW GA . 12.62 -5.97 5.54
C41 PCW GA . 13.93 -5.50 6.13
C42 PCW GA . 15.00 -5.39 4.95
C43 PCW GA . 16.22 -4.51 5.15
C44 PCW GA . 17.04 -4.59 3.87
C45 PCW GA . 18.32 -5.38 3.98
C46 PCW GA . 18.46 -6.44 2.91
C47 PCW GA . 18.64 -7.86 3.39
C48 PCW GA . 18.76 -8.82 2.19
N PCW GA . 6.31 7.53 14.19
O2 PCW GA . 5.67 3.17 9.09
O3 PCW GA . 8.04 4.65 9.66
O11 PCW GA . 8.97 4.00 11.64
O31 PCW GA . 6.07 3.65 6.86
O1P PCW GA . 1.93 5.29 12.01
O2P PCW GA . 2.51 3.02 12.83
O3P PCW GA . 3.56 3.92 10.68
O4P PCW GA . 4.22 4.71 12.90
P PCW GA . 2.98 4.24 12.15
C1 PCW HA . -19.70 -2.61 9.84
C2 PCW HA . -20.99 -3.45 10.18
C3 PCW HA . -21.83 -3.71 8.87
C4 PCW HA . -19.24 -1.95 14.53
C5 PCW HA . -19.78 -3.08 15.39
C6 PCW HA . -22.21 -2.32 15.15
C7 PCW HA . -21.68 -4.39 16.33
C8 PCW HA . -21.20 -2.66 16.80
C11 PCW HA . -23.99 -4.56 8.28
C12 PCW HA . -25.11 -5.41 8.82
C13 PCW HA . -24.58 -6.90 8.92
C14 PCW HA . -25.61 -7.91 9.46
C15 PCW HA . -25.01 -9.21 10.05
C16 PCW HA . -24.80 -9.08 11.60
C17 PCW HA . -23.83 -10.09 12.29
C18 PCW HA . -24.53 -11.10 13.20
C19 PCW HA . -23.59 -11.71 14.26
C20 PCW HA . -23.51 -13.08 14.48
C21 PCW HA . -24.21 -14.24 13.87
C22 PCW HA . -23.98 -15.45 14.81
C23 PCW HA . -22.75 -16.36 14.52
C24 PCW HA . -22.67 -17.65 15.28
C25 PCW HA . -22.16 -18.95 14.60
C26 PCW HA . -22.53 -20.26 15.28
C27 PCW HA . -23.61 -21.14 14.60
C28 PCW HA . -23.11 -22.56 14.52
C31 PCW HA . -21.02 -5.03 11.96
C32 PCW HA . -20.55 -6.44 12.36
C33 PCW HA . -20.71 -6.80 13.91
C34 PCW HA . -21.07 -8.27 14.14
C35 PCW HA . -19.69 -9.04 14.23
C36 PCW HA . -19.78 -10.48 13.67
C37 PCW HA . -18.47 -11.30 13.70
C38 PCW HA . -18.73 -12.76 13.86
C39 PCW HA . -17.46 -13.59 13.91
C40 PCW HA . -17.37 -14.89 14.16
C41 PCW HA . -18.55 -15.79 14.45
C42 PCW HA . -18.08 -17.31 14.32
C43 PCW HA . -18.17 -18.22 15.53
C44 PCW HA . -17.67 -19.59 15.10
C45 PCW HA . -18.68 -20.70 15.18
C46 PCW HA . -18.10 -22.03 15.59
C47 PCW HA . -19.07 -23.14 15.93
C48 PCW HA . -18.32 -24.42 16.33
N PCW HA . -21.19 -3.33 15.47
O2 PCW HA . -20.60 -4.79 10.72
O3 PCW HA . -22.99 -4.49 9.20
O11 PCW HA . -23.99 -4.03 7.20
O31 PCW HA . -21.68 -4.24 12.70
O1P PCW HA . -18.43 -0.21 12.32
O2P PCW HA . -20.76 -0.63 11.55
O3P PCW HA . -18.88 -2.30 10.99
O4P PCW HA . -19.86 -2.08 13.22
P PCW HA . -19.49 -1.23 12.02
C1 PCW IA . -1.86 17.31 -21.63
C2 PCW IA . -2.87 16.12 -21.85
C3 PCW IA . -3.57 16.27 -23.25
C4 PCW IA . -2.37 20.53 -18.15
C5 PCW IA . -1.39 20.71 -16.98
C6 PCW IA . 0.09 22.01 -15.60
C7 PCW IA . -2.16 22.61 -15.73
C8 PCW IA . -0.86 23.07 -17.54
C11 PCW IA . -4.13 14.18 -24.28
C12 PCW IA . -5.22 13.15 -24.34
C13 PCW IA . -5.80 13.14 -25.82
C14 PCW IA . -6.93 12.15 -26.06
C15 PCW IA . -6.49 10.73 -26.56
C16 PCW IA . -7.41 9.62 -25.94
C17 PCW IA . -8.65 9.17 -26.78
C18 PCW IA . -8.46 7.83 -27.49
C19 PCW IA . -7.33 7.85 -28.55
C20 PCW IA . -7.57 7.70 -29.90
C21 PCW IA . -8.80 7.49 -30.69
C22 PCW IA . -8.37 7.28 -32.17
C23 PCW IA . -9.46 7.46 -33.26
C24 PCW IA . -10.34 6.28 -33.53
C25 PCW IA . -10.14 5.40 -34.79
C26 PCW IA . -9.65 3.98 -34.55
C27 PCW IA . -8.49 3.46 -35.41
C28 PCW IA . -8.94 2.29 -36.26
C31 PCW IA . -1.87 14.33 -20.65
C32 PCW IA . -1.11 13.00 -20.84
C33 PCW IA . 0.03 12.99 -21.96
C34 PCW IA . -0.19 11.93 -23.04
C35 PCW IA . 1.13 11.93 -23.92
C36 PCW IA . 0.92 12.55 -25.31
C37 PCW IA . 2.19 12.60 -26.23
C38 PCW IA . 3.11 13.71 -25.85
C39 PCW IA . 4.34 13.77 -26.71
C40 PCW IA . 5.59 13.52 -26.35
C41 PCW IA . 6.00 13.13 -24.93
C42 PCW IA . 6.36 11.57 -24.94
C43 PCW IA . 5.28 10.58 -24.53
C44 PCW IA . 5.90 9.19 -24.64
C45 PCW IA . 4.97 8.05 -24.30
C46 PCW IA . 4.68 7.14 -25.46
C47 PCW IA . 3.36 7.32 -26.16
C48 PCW IA . 3.21 6.33 -27.32
N PCW IA . -1.10 22.02 -16.49
O2 PCW IA . -2.15 14.82 -21.86
O3 PCW IA . -4.49 15.19 -23.45
O11 PCW IA . -3.09 14.12 -24.89
O31 PCW IA . -2.16 14.86 -19.55
O1P PCW IA . -3.43 19.55 -20.67
O2P PCW IA . -4.12 17.60 -19.28
O3P PCW IA . -1.74 17.73 -20.26
O4P PCW IA . -2.48 19.10 -18.38
P PCW IA . -3.03 18.51 -19.67
C1 17F JA . -10.37 15.49 -16.54
N1 17F JA . -12.14 14.58 -18.10
O1 17F JA . -9.77 15.77 -20.30
P1 17F JA . -9.42 15.30 -18.89
C2 17F JA . -11.82 15.01 -16.74
O2 17F JA . -8.28 16.29 -18.82
C3 17F JA . -12.80 16.11 -16.31
O3 17F JA . -9.88 16.14 -17.68
C4 17F JA . -7.79 13.82 -17.44
O4 17F JA . -13.73 16.53 -17.10
C5 17F JA . -6.57 12.85 -17.48
O5 17F JA . -12.74 16.63 -15.21
C6 17F JA . -6.70 11.81 -16.35
O6 17F JA . -8.19 14.32 -18.72
C7 17F JA . -5.83 9.69 -16.74
O7 17F JA . -5.62 10.90 -16.34
C8 17F JA . -4.50 8.90 -16.63
O8 17F JA . -6.83 9.15 -17.15
C9 17F JA . -4.13 8.54 -15.16
O9 17F JA . -6.40 12.23 -18.76
C10 17F JA . -2.80 7.74 -14.97
O10 17F JA . -4.66 13.69 -19.16
C11 17F JA . -2.96 6.37 -14.20
C12 17F JA . -1.60 5.61 -14.03
C17 17F JA . -5.44 12.79 -19.48
C18 17F JA . -5.36 12.20 -20.87
C19 17F JA . -4.45 10.95 -20.99
C20 17F JA . -4.68 10.18 -22.34
C1X 17F JA . -1.81 4.29 -13.29
C1Y 17F JA . -3.77 8.93 -22.42
C1Z 17F JA . -2.60 9.17 -23.39
C2X 17F JA . -0.44 3.47 -13.09
C21 17F JA . -0.68 1.93 -13.02
C22 17F JA . 0.17 1.03 -13.39
C23 17F JA . 1.52 1.24 -13.95
C24 17F JA . 2.39 -0.01 -14.00
C25 17F JA . 3.78 0.16 -14.57
C26 17F JA . 4.11 -0.72 -15.86
C27 17F JA . 5.51 -0.54 -16.43
C28 17F JA . 5.64 -1.47 -17.69
C29 17F JA . 6.84 -2.32 -17.54
C30 17F JA . 7.09 -3.26 -18.68
C31 17F JA . -2.57 8.29 -24.69
C32 17F JA . -1.38 8.56 -25.65
C33 17F JA . -1.88 9.31 -26.88
C34 17F JA . -1.12 9.70 -27.89
C35 17F JA . 0.37 9.48 -28.06
C36 17F JA . 0.99 10.16 -29.31
C37 17F JA . 2.00 9.24 -29.90
C38 17F JA . 2.39 9.55 -31.37
C39 17F JA . 3.42 8.56 -31.91
C40 17F JA . 4.37 9.25 -32.91
C41 17F JA . 4.30 8.55 -34.32
C42 17F JA . 5.42 8.82 -35.33
C1 17F KA . 4.29 4.20 17.33
N1 17F KA . 4.41 5.21 19.62
O1 17F KA . 7.06 3.28 17.64
P1 17F KA . 6.50 3.57 16.27
C2 17F KA . 4.16 5.45 18.21
O2 17F KA . 7.42 4.25 15.29
C3 17F KA . 2.75 6.06 18.06
O3 17F KA . 5.21 4.42 16.32
C4 17F KA . 5.48 2.29 14.23
O4 17F KA . 1.98 6.28 19.06
C5 17F KA . 5.09 0.89 13.64
O5 17F KA . 2.31 6.34 16.94
C6 17F KA . 5.02 0.99 12.11
O6 17F KA . 6.04 2.25 15.53
C7 17F KA . 5.55 -0.88 10.79
O7 17F KA . 4.67 -0.25 11.51
C8 17F KA . 4.90 -2.17 10.25
O8 17F KA . 6.69 -0.58 10.52
C9 17F KA . 4.12 -1.93 8.93
O9 17F KA . 5.98 -0.14 14.07
C10 17F KA . 3.43 -3.20 8.31
O10 17F KA . 4.71 -0.51 15.96
C11 17F KA . 3.99 -3.65 6.91
C12 17F KA . 3.24 -4.93 6.36
C17 17F KA . 5.49 -0.86 15.07
C18 17F KA . 6.00 -2.28 15.05
C19 17F KA . 5.62 -3.08 13.77
C20 17F KA . 6.61 -4.27 13.49
C1X 17F KA . 3.82 -5.34 4.99
C1Y 17F KA . 6.20 -5.04 12.22
C1Z 17F KA . 4.94 -5.87 12.46
C2X 17F KA . 3.09 -6.64 4.40
C21 17F KA . 3.31 -6.79 2.86
C22 17F KA . 4.34 -7.31 2.31
C23 17F KA . 5.53 -7.88 2.98
C24 17F KA . 6.83 -7.13 2.69
C25 17F KA . 8.08 -7.67 3.36
C26 17F KA . 9.34 -7.91 2.39
C27 17F KA . 10.59 -8.44 3.07
C28 17F KA . 11.70 -8.59 1.96
C29 17F KA . 12.67 -7.50 2.12
C30 17F KA . 13.80 -7.52 1.13
C31 17F KA . 5.11 -7.44 12.41
C32 17F KA . 3.82 -8.26 12.66
C33 17F KA . 4.12 -9.38 13.65
C34 17F KA . 3.23 -10.27 14.08
C35 17F KA . 1.77 -10.36 13.70
C36 17F KA . 1.30 -11.77 13.27
C37 17F KA . 0.25 -11.64 12.23
C38 17F KA . 0.63 -12.25 10.85
C39 17F KA . -0.51 -12.07 9.83
C40 17F KA . -0.43 -13.18 8.76
C41 17F KA . -1.45 -14.35 9.09
C42 17F KA . -1.97 -15.21 7.94
C1 17F LA . -4.74 15.78 -7.99
N1 17F LA . -6.06 13.69 -8.39
O1 17F LA . -2.49 16.98 -9.21
P1 17F LA . -3.51 16.35 -10.13
C2 17F LA . -5.55 14.62 -7.40
O2 17F LA . -4.11 17.26 -11.17
C3 17F LA . -6.72 15.17 -6.57
O3 17F LA . -4.69 15.70 -9.38
C4 17F LA . -3.65 14.41 -11.90
O4 17F LA . -7.94 14.82 -6.77
C5 17F LA . -2.86 13.28 -12.60
O5 17F LA . -6.52 15.98 -5.66
C6 17F LA . -3.06 13.36 -14.13
O6 17F LA . -2.88 15.16 -10.96
C7 17F LA . -1.89 12.56 -15.99
O7 17F LA . -2.34 12.33 -14.81
C8 17F LA . -1.14 11.29 -16.47
O8 17F LA . -1.97 13.54 -16.69
C9 17F LA . -1.73 10.69 -17.78
O9 17F LA . -1.47 13.29 -12.26
C10 17F LA . -1.00 9.40 -18.30
O10 17F LA . -1.68 11.79 -10.53
C11 17F LA . -0.47 9.51 -19.79
C12 17F LA . 0.25 8.19 -20.25
C17 17F LA . -1.13 12.26 -11.53
C18 17F LA . 0.14 11.58 -12.04
C19 17F LA . -0.09 10.26 -12.82
C20 17F LA . 1.26 9.50 -13.13
C1X 17F LA . 0.76 8.33 -21.69
C1Y 17F LA . 0.99 8.19 -13.90
C1Z 17F LA . 1.40 8.33 -15.36
C2X 17F LA . 1.50 7.00 -22.21
C21 17F LA . 0.51 5.97 -22.84
C22 17F LA . 0.79 4.73 -23.05
C23 17F LA . 2.06 4.04 -22.77
C24 17F LA . 2.87 3.67 -24.01
C25 17F LA . 4.19 2.95 -23.77
C26 17F LA . 5.47 3.57 -24.55
C27 17F LA . 6.77 2.84 -24.30
C28 17F LA . 7.88 3.57 -25.14
C29 17F LA . 9.09 2.72 -25.17
C30 17F LA . 10.25 3.30 -25.93
C31 17F LA . 2.93 8.19 -15.69
C32 17F LA . 3.32 8.33 -17.18
C33 17F LA . 3.09 9.77 -17.62
C34 17F LA . 3.32 10.24 -18.84
C35 17F LA . 3.85 9.47 -20.02
C36 17F LA . 5.33 9.77 -20.40
C37 17F LA . 5.44 11.18 -20.86
C38 17F LA . 6.31 12.10 -19.94
C39 17F LA . 6.38 13.53 -20.48
C40 17F LA . 7.78 14.12 -20.29
C41 17F LA . 8.43 14.47 -21.68
C42 17F LA . 7.97 15.73 -22.43
C1 17F MA . 17.26 16.29 6.96
N1 17F MA . 17.67 14.23 8.33
O1 17F MA . 18.28 17.39 3.92
P1 17F MA . 17.27 16.39 4.42
C2 17F MA . 16.69 15.21 7.90
O2 17F MA . 15.87 16.88 4.62
C3 17F MA . 15.51 14.49 7.21
O3 17F MA . 17.70 15.73 5.77
C4 17F MA . 16.25 14.07 3.69
O4 17F MA . 15.48 13.21 7.07
C5 17F MA . 16.27 12.98 2.58
O5 17F MA . 14.56 15.12 6.76
C6 17F MA . 14.83 12.81 2.00
O6 17F MA . 17.14 15.16 3.42
C7 17F MA . 13.85 10.93 1.01
O7 17F MA . 14.80 11.83 0.98
C8 17F MA . 14.03 10.00 -0.20
O8 17F MA . 12.94 10.78 1.79
C9 17F MA . 13.50 8.56 0.04
O9 17F MA . 17.23 13.25 1.55
C10 17F MA . 13.67 7.56 -1.16
O10 17F MA . 18.45 11.34 1.98
C11 17F MA . 12.70 7.82 -2.38
C12 17F MA . 12.93 6.78 -3.54
C17 17F MA . 17.93 12.17 1.23
C18 17F MA . 18.08 12.02 -0.27
C19 17F MA . 19.47 12.39 -0.82
C20 17F MA . 20.50 11.21 -0.66
C1X 17F MA . 11.98 7.07 -4.71
C1Y 17F MA . 21.90 11.61 -1.22
C1Z 17F MA . 22.18 10.91 -2.56
C2X 17F MA . 12.17 6.04 -5.92
C21 17F MA . 12.01 6.72 -7.31
C22 17F MA . 12.74 6.45 -8.35
C23 17F MA . 13.84 5.48 -8.44
C24 17F MA . 14.72 5.63 -9.67
C25 17F MA . 15.87 4.64 -9.80
C26 17F MA . 17.18 5.20 -10.53
C27 17F MA . 18.31 4.20 -10.65
C28 17F MA . 19.49 4.92 -11.41
C29 17F MA . 20.75 4.67 -10.68
C30 17F MA . 21.96 5.30 -11.29
C31 17F MA . 22.18 9.35 -2.55
C32 17F MA . 22.47 8.67 -3.92
C33 17F MA . 21.20 8.70 -4.77
C34 17F MA . 21.09 8.20 -5.98
C35 17F MA . 22.17 7.51 -6.79
C36 17F MA . 21.86 6.03 -7.18
C37 17F MA . 23.11 5.25 -7.15
C38 17F MA . 23.35 4.44 -5.83
C39 17F MA . 24.67 3.65 -5.88
C40 17F MA . 24.61 2.46 -4.92
C41 17F MA . 25.85 2.47 -3.94
C42 17F MA . 25.81 3.36 -2.68
C1 17F NA . 14.43 3.39 20.25
N1 17F NA . 15.01 5.22 18.63
O1 17F NA . 14.39 2.87 23.31
P1 17F NA . 15.42 2.36 22.34
C2 17F NA . 14.88 3.79 18.82
O2 17F NA . 16.81 2.19 22.87
C3 17F NA . 13.88 3.23 17.79
O3 17F NA . 15.54 3.23 21.07
C4 17F NA . 15.84 0.25 20.83
O4 17F NA . 13.30 3.98 16.92
C5 17F NA . 15.27 -1.14 20.40
O5 17F NA . 13.60 2.04 17.75
C6 17F NA . 15.10 -1.17 18.86
O6 17F NA . 15.02 0.93 21.77
C7 17F NA . 15.17 -3.03 17.45
O7 17F NA . 14.58 -2.42 18.42
C8 17F NA . 14.41 -4.34 17.15
O8 17F NA . 16.15 -2.72 16.80
C9 17F NA . 14.90 -5.54 17.99
O9 17F NA . 16.06 -2.24 20.87
C10 17F NA . 14.17 -6.91 17.74
O10 17F NA . 14.98 -2.08 22.91
C11 17F NA . 14.70 -7.73 16.50
C12 17F NA . 13.93 -9.08 16.31
C17 17F NA . 15.86 -2.52 22.15
C18 17F NA . 16.85 -3.53 22.68
C19 17F NA . 18.34 -3.22 22.35
C20 17F NA . 19.13 -2.72 23.62
C1X 17F NA . 14.48 -9.84 15.09
C1Y 17F NA . 20.61 -2.43 23.26
C1Z 17F NA . 21.38 -3.72 23.03
C2X 17F NA . 13.72 -11.23 14.85
C21 17F NA . 13.71 -11.65 13.35
C22 17F NA . 14.52 -12.50 12.82
C23 17F NA . 15.59 -13.26 13.48
C24 17F NA . 16.75 -13.63 12.58
C25 17F NA . 17.89 -14.40 13.21
C26 17F NA . 17.99 -15.96 12.83
C27 17F NA . 19.13 -16.70 13.48
C28 17F NA . 19.08 -18.20 12.98
C29 17F NA . 18.70 -19.07 14.11
C30 17F NA . 18.62 -20.53 13.79
C31 17F NA . 22.23 -3.84 21.72
C32 17F NA . 22.98 -5.17 21.53
C33 17F NA . 22.19 -6.06 20.58
C34 17F NA . 22.56 -7.29 20.20
C35 17F NA . 23.80 -8.03 20.62
C36 17F NA . 23.56 -9.51 21.05
C37 17F NA . 24.30 -9.76 22.31
C38 17F NA . 23.41 -10.21 23.51
C39 17F NA . 24.25 -10.46 24.77
C40 17F NA . 24.05 -9.31 25.78
C41 17F NA . 24.98 -9.53 27.04
C42 17F NA . 24.40 -9.25 28.44
C1 17F OA . 3.41 20.33 -9.88
N1 17F OA . 3.87 19.69 -7.49
O1 17F OA . 6.49 22.08 -9.77
P1 17F OA . 5.57 21.35 -10.73
C2 17F OA . 3.06 20.51 -8.39
O2 17F OA . 4.58 22.20 -11.48
C3 17F OA . 1.57 20.20 -8.17
O3 17F OA . 4.78 20.21 -10.05
C4 17F OA . 5.73 19.85 -12.88
O4 17F OA . 1.17 19.33 -7.30
C5 17F OA . 6.70 19.18 -13.91
O5 17F OA . 0.70 20.78 -8.81
C6 17F OA . 7.56 20.27 -14.59
O6 17F OA . 6.40 20.61 -11.87
C7 17F OA . 9.73 19.79 -15.33
O7 17F OA . 8.46 19.71 -15.54
C8 17F OA . 10.45 19.11 -16.52
O8 17F OA . 10.35 20.27 -14.42
C9 17F OA . 10.24 19.86 -17.86
O9 17F OA . 7.51 18.16 -13.31
C10 17F OA . 10.94 19.24 -19.12
O10 17F OA . 5.79 16.62 -13.18
C11 17F OA . 10.15 19.46 -20.47
C12 17F OA . 10.90 18.81 -21.69
C17 17F OA . 6.97 16.96 -13.41
C18 17F OA . 7.95 15.92 -13.86
C19 17F OA . 8.33 15.99 -15.36
C20 17F OA . 9.75 15.38 -15.66
C1X 17F OA . 10.11 19.04 -22.99
C1Y 17F OA . 10.08 15.46 -17.18
C1Z 17F OA . 10.91 14.24 -17.61
C2X 17F OA . 10.83 18.39 -24.27
C21 17F OA . 10.92 19.39 -25.46
C22 17F OA . 11.41 19.10 -26.62
C23 17F OA . 11.97 17.82 -27.05
C24 17F OA . 13.42 17.89 -27.53
C25 17F OA . 14.05 16.59 -27.98
C26 17F OA . 15.23 16.73 -29.05
C27 17F OA . 15.85 15.42 -29.50
C28 17F OA . 16.98 15.76 -30.53
C29 17F OA . 16.90 14.82 -31.66
C30 17F OA . 17.92 15.02 -32.73
C31 17F OA . 12.31 14.53 -18.24
C32 17F OA . 13.12 13.28 -18.68
C33 17F OA . 14.57 13.69 -18.92
C34 17F OA . 15.55 12.86 -19.30
C35 17F OA . 15.42 11.38 -19.57
C36 17F OA . 16.78 10.63 -19.74
C37 17F OA . 16.79 9.95 -21.07
C38 17F OA . 18.20 9.62 -21.62
C39 17F OA . 18.13 8.92 -22.98
C40 17F OA . 19.53 8.55 -23.47
C41 17F OA . 19.48 7.34 -24.51
C42 17F OA . 19.59 7.65 -26.00
C1 17F PA . -21.80 0.63 0.35
N1 17F PA . -21.62 0.96 2.83
O1 17F PA . -18.88 2.34 -0.18
P1 17F PA . -19.63 1.20 -0.84
C2 17F PA . -22.00 1.56 1.56
O2 17F PA . -20.56 1.56 -1.97
C3 17F PA . -23.48 2.00 1.63
O3 17F PA . -20.45 0.35 0.17
C4 17F PA . -19.10 -1.01 -2.15
O4 17F PA . -24.20 1.84 2.69
C5 17F PA . -17.96 -1.92 -2.70
O5 17F PA . -24.02 2.54 0.67
C6 17F PA . -17.44 -1.36 -4.05
O6 17F PA . -18.62 0.15 -1.46
C7 17F PA . -16.12 -2.11 -5.84
O7 17F PA . -16.39 -2.17 -4.57
C8 17F PA . -14.93 -3.07 -6.12
O8 17F PA . -16.64 -1.47 -6.72
C9 17F PA . -15.13 -3.94 -7.38
O9 17F PA . -16.88 -2.07 -1.76
C10 17F PA . -13.96 -4.94 -7.72
O10 17F PA . -17.53 -3.80 -0.38
C11 17F PA . -14.25 -5.93 -8.91
C12 17F PA . -13.02 -6.88 -9.19
C17 17F PA . -16.83 -3.29 -1.28
C18 17F PA . -15.76 -4.13 -1.94
C19 17F PA . -16.23 -5.51 -2.46
C20 17F PA . -15.36 -6.03 -3.66
C1X 17F PA . -13.34 -7.83 -10.35
C1Y 17F PA . -15.86 -7.41 -4.15
C1Z 17F PA . -16.14 -7.40 -5.66
C2X 17F PA . -12.12 -8.83 -10.67
C21 17F PA . -12.36 -9.66 -11.97
C22 17F PA . -11.43 -10.28 -12.63
C23 17F PA . -9.99 -10.33 -12.31
C24 17F PA . -9.07 -10.31 -13.52
C25 17F PA . -7.58 -10.37 -13.24
C26 17F PA . -6.71 -11.24 -14.25
C27 17F PA . -5.23 -11.28 -13.95
C28 17F PA . -4.53 -12.18 -15.05
C29 17F PA . -3.08 -12.04 -14.94
C30 17F PA . -2.29 -12.85 -15.93
C31 17F PA . -17.42 -8.16 -6.15
C32 17F PA . -17.68 -8.14 -7.67
C33 17F PA . -19.05 -8.74 -7.96
C34 17F PA . -19.58 -8.87 -9.17
C35 17F PA . -18.97 -8.47 -10.49
C36 17F PA . -19.98 -7.89 -11.52
C37 17F PA . -19.52 -6.55 -11.95
C38 17F PA . -20.50 -5.79 -12.87
C39 17F PA . -19.97 -4.40 -13.26
C40 17F PA . -20.07 -4.21 -14.78
C41 17F PA . -19.66 -2.73 -15.17
C42 17F PA . -18.46 -2.51 -16.10
C1 17F QA . 8.59 13.19 3.37
N1 17F QA . 7.59 14.97 4.80
O1 17F QA . 6.15 12.06 2.36
P1 17F QA . 7.00 11.20 3.26
C2 17F QA . 8.78 14.21 4.49
O2 17F QA . 6.30 10.51 4.40
C3 17F QA . 9.92 15.18 4.13
O3 17F QA . 8.19 11.95 3.89
C4 17F QA . 8.55 9.08 3.08
O4 17F QA . 9.74 16.46 4.12
C5 17F QA . 9.14 8.02 2.11
O5 17F QA . 11.03 14.77 3.83
C6 17F QA . 10.55 7.61 2.58
O6 17F QA . 7.70 10.03 2.44
C7 17F QA . 11.73 5.61 2.28
O7 17F QA . 11.14 6.63 1.74
C8 17F QA . 12.27 4.70 1.15
O8 17F QA . 11.87 5.32 3.44
C9 17F QA . 13.77 4.36 1.32
O9 17F QA . 8.29 6.87 1.97
C10 17F QA . 14.39 3.43 0.21
O10 17F QA . 8.25 6.75 -0.32
C11 17F QA . 15.23 4.20 -0.89
C12 17F QA . 15.81 3.21 -1.96
C17 17F QA . 7.72 6.82 0.79
C18 17F QA . 6.21 6.84 0.90
C19 17F QA . 5.57 5.49 1.30
C20 17F QA . 5.42 5.34 2.86
C1X 17F QA . 16.63 3.98 -3.01
C1Y 17F QA . 4.79 3.98 3.22
C1Z 17F QA . 5.84 2.86 3.15
C2X 17F QA . 17.24 3.01 -4.13
C21 17F QA . 16.59 3.23 -5.53
C22 17F QA . 17.25 3.42 -6.63
C23 17F QA . 18.72 3.47 -6.79
C24 17F QA . 19.36 2.12 -7.10
C25 17F QA . 20.87 2.12 -7.28
C26 17F QA . 21.41 1.51 -8.66
C27 17F QA . 22.91 1.52 -8.82
C28 17F QA . 23.24 0.88 -10.22
C29 17F QA . 23.96 1.88 -11.03
C30 17F QA . 24.35 1.41 -12.40
C31 17F QA . 5.31 1.39 3.36
C32 17F QA . 6.41 0.29 3.28
C33 17F QA . 5.76 -1.02 2.88
C34 17F QA . 6.42 -2.17 2.74
C35 17F QA . 7.91 -2.39 2.92
C36 17F QA . 8.38 -3.85 2.65
C37 17F QA . 9.26 -3.85 1.45
C38 17F QA . 8.77 -4.75 0.29
C39 17F QA . 9.74 -4.70 -0.91
C40 17F QA . 10.47 -6.04 -1.08
C41 17F QA . 9.98 -6.77 -2.38
C42 17F QA . 10.66 -8.10 -2.80
C1 PCW RA . 1.91 -16.49 -28.87
C2 PCW RA . 0.60 -15.69 -29.21
C3 PCW RA . -0.50 -15.95 -28.12
C4 PCW RA . 4.40 -15.39 -31.33
C5 PCW RA . 5.17 -15.38 -32.66
C6 PCW RA . 7.41 -15.49 -33.88
C7 PCW RA . 7.09 -16.67 -31.75
C8 PCW RA . 6.23 -16.96 -33.37
C11 PCW RA . -2.77 -15.89 -28.90
C12 PCW RA . -3.89 -14.92 -29.18
C13 PCW RA . -4.45 -14.40 -27.81
C14 PCW RA . -5.59 -13.39 -27.91
C15 PCW RA . -6.94 -13.83 -27.29
C16 PCW RA . -8.15 -13.33 -28.18
C17 PCW RA . -9.20 -12.40 -27.50
C18 PCW RA . -10.02 -11.58 -28.50
C19 PCW RA . -10.47 -10.21 -27.94
C20 PCW RA . -11.59 -9.55 -28.41
C21 PCW RA . -12.59 -9.90 -29.45
C22 PCW RA . -13.81 -10.53 -28.71
C23 PCW RA . -15.20 -9.87 -28.91
C24 PCW RA . -15.71 -9.02 -27.79
C25 PCW RA . -17.23 -9.00 -27.42
C26 PCW RA . -17.70 -10.08 -26.48
C27 PCW RA . -19.18 -10.52 -26.57
C28 PCW RA . -19.27 -12.03 -26.64
C31 PCW RA . 0.96 -13.68 -30.42
C32 PCW RA . 1.25 -12.18 -30.25
C33 PCW RA . 0.10 -11.37 -29.50
C34 PCW RA . 0.14 -9.86 -29.77
C35 PCW RA . -0.92 -9.62 -30.92
C36 PCW RA . -2.33 -9.31 -30.39
C37 PCW RA . -3.42 -9.05 -31.48
C38 PCW RA . -4.55 -8.22 -30.95
C39 PCW RA . -5.61 -7.95 -31.99
C40 PCW RA . -6.90 -7.71 -31.77
C41 PCW RA . -7.54 -7.68 -30.39
C42 PCW RA . -7.75 -6.15 -29.98
C43 PCW RA . -9.05 -5.47 -30.37
C44 PCW RA . -8.97 -4.04 -29.85
C45 PCW RA . -10.07 -3.12 -30.32
C46 PCW RA . -9.64 -2.18 -31.42
C47 PCW RA . -9.73 -0.71 -31.11
C48 PCW RA . -9.25 0.13 -32.30
N PCW RA . 6.57 -15.68 -32.68
O2 PCW RA . 0.87 -14.23 -29.20
O3 PCW RA . -1.68 -15.21 -28.44
O11 PCW RA . -2.83 -17.07 -29.06
O31 PCW RA . 0.83 -14.29 -31.53
O1P PCW RA . 4.64 -17.63 -29.50
O2P PCW RA . 3.61 -18.89 -31.38
O3P PCW RA . 2.12 -17.65 -29.71
O4P PCW RA . 3.46 -16.50 -31.41
P PCW RA . 3.53 -17.72 -30.49
C1 PCW SA . 9.03 -22.19 -18.59
C2 PCW SA . 7.64 -21.46 -18.43
C3 PCW SA . 7.70 -20.43 -17.25
C4 PCW SA . 8.10 -25.61 -21.78
C5 PCW SA . 6.94 -26.37 -21.15
C6 PCW SA . 6.22 -25.49 -18.86
C7 PCW SA . 4.63 -25.56 -20.73
C8 PCW SA . 5.45 -26.99 -19.88
C11 PCW SA . 5.72 -19.97 -15.97
C12 PCW SA . 4.42 -19.22 -16.06
C13 PCW SA . 3.44 -20.08 -16.95
C14 PCW SA . 2.05 -19.47 -17.16
C15 PCW SA . 1.83 -18.72 -18.50
C16 PCW SA . 1.33 -19.69 -19.63
C17 PCW SA . 2.09 -19.67 -21.00
C18 PCW SA . 1.66 -18.51 -21.91
C19 PCW SA . 2.66 -17.34 -21.88
C20 PCW SA . 2.66 -16.34 -22.85
C21 PCW SA . 1.81 -16.11 -24.05
C22 PCW SA . 1.55 -14.58 -24.11
C23 PCW SA . 0.08 -14.10 -23.96
C24 PCW SA . -0.63 -13.66 -25.21
C25 PCW SA . -2.07 -13.07 -25.15
C26 PCW SA . -2.28 -11.74 -25.84
C27 PCW SA . -3.55 -10.94 -25.50
C28 PCW SA . -3.22 -9.78 -24.60
C31 PCW SA . 6.60 -21.37 -20.56
C32 PCW SA . 6.36 -20.44 -21.76
C33 PCW SA . 7.65 -19.70 -22.33
C34 PCW SA . 7.37 -18.29 -22.85
C35 PCW SA . 7.39 -17.35 -21.56
C36 PCW SA . 6.43 -16.15 -21.70
C37 PCW SA . 6.39 -15.18 -20.48
C38 PCW SA . 5.16 -15.37 -19.65
C39 PCW SA . 5.11 -14.43 -18.47
C40 PCW SA . 4.23 -14.46 -17.47
C41 PCW SA . 3.09 -15.46 -17.36
C42 PCW SA . 1.71 -14.68 -17.60
C43 PCW SA . 0.97 -14.93 -18.89
C44 PCW SA . -0.30 -14.08 -18.85
C45 PCW SA . -0.55 -13.23 -20.06
C46 PCW SA . -1.99 -12.84 -20.24
C47 PCW SA . -2.42 -11.52 -19.65
C48 PCW SA . -3.90 -11.25 -19.90
N PCW SA . 6.01 -25.66 -20.32
O2 PCW SA . 7.31 -20.70 -19.66
O3 PCW SA . 6.42 -19.79 -17.12
O11 PCW SA . 6.08 -20.62 -15.03
O31 PCW SA . 6.19 -22.56 -20.45
O1P PCW SA . 9.01 -22.89 -21.46
O2P PCW SA . 11.02 -23.98 -20.45
O3P PCW SA . 8.92 -23.55 -19.03
O4P PCW SA . 9.02 -25.28 -20.71
P PCW SA . 9.54 -23.88 -20.48
C1 PCW TA . 19.68 -18.89 -16.16
C2 PCW TA . 19.20 -17.74 -15.18
C3 PCW TA . 18.15 -16.83 -15.90
C4 PCW TA . 17.03 -21.24 -16.64
C5 PCW TA . 16.00 -20.17 -16.30
C6 PCW TA . 13.54 -19.71 -15.80
C7 PCW TA . 14.76 -21.43 -14.55
C8 PCW TA . 15.08 -19.62 -14.56
C11 PCW TA . 16.43 -15.82 -14.55
C12 PCW TA . 16.22 -14.66 -13.60
C13 PCW TA . 15.51 -13.50 -14.39
C14 PCW TA . 15.21 -12.24 -13.58
C15 PCW TA . 16.12 -11.01 -13.88
C16 PCW TA . 15.44 -9.69 -13.39
C17 PCW TA . 16.31 -8.69 -12.56
C18 PCW TA . 15.58 -8.12 -11.33
C19 PCW TA . 15.90 -6.63 -11.08
C20 PCW TA . 15.68 -6.02 -9.85
C21 PCW TA . 15.13 -6.53 -8.57
C22 PCW TA . 16.34 -6.78 -7.63
C23 PCW TA . 16.50 -5.84 -6.41
C24 PCW TA . 17.90 -5.48 -6.02
C25 PCW TA . 18.58 -6.13 -4.77
C26 PCW TA . 18.06 -5.68 -3.42
C27 PCW TA . 17.27 -6.70 -2.57
C28 PCW TA . 16.07 -6.04 -1.94
C31 PCW TA . 19.36 -18.45 -12.92
C32 PCW TA . 18.55 -19.06 -11.77
C33 PCW TA . 17.91 -18.00 -10.75
C34 PCW TA . 18.92 -17.00 -10.21
C35 PCW TA . 18.07 -15.75 -9.72
C36 PCW TA . 18.43 -15.31 -8.28
C37 PCW TA . 17.63 -14.09 -7.73
C38 PCW TA . 18.02 -13.76 -6.32
C39 PCW TA . 17.27 -12.58 -5.77
C40 PCW TA . 17.68 -11.32 -5.70
C41 PCW TA . 19.03 -10.83 -6.18
C42 PCW TA . 18.91 -10.45 -7.72
C43 PCW TA . 19.89 -11.10 -8.70
C44 PCW TA . 19.55 -10.56 -10.08
C45 PCW TA . 19.76 -11.53 -11.22
C46 PCW TA . 21.19 -11.62 -11.68
C47 PCW TA . 21.72 -13.00 -11.96
C48 PCW TA . 23.19 -12.94 -12.41
N PCW TA . 14.76 -20.54 -15.69
O2 PCW TA . 18.55 -18.33 -13.97
O3 PCW TA . 17.72 -15.80 -14.99
O11 PCW TA . 15.60 -16.63 -14.85
O31 PCW TA . 20.59 -18.13 -12.87
O1P PCW TA . 19.82 -21.78 -17.27
O2P PCW TA . 19.90 -22.53 -14.90
O3P PCW TA . 20.20 -20.05 -15.48
O4P PCW TA . 18.04 -21.19 -15.60
P PCW TA . 19.51 -21.46 -15.84
C1 PCW UA . 11.55 -14.35 -29.37
C2 PCW UA . 11.71 -12.86 -29.84
C3 PCW UA . 10.31 -12.29 -30.26
C4 PCW UA . 14.31 -16.17 -30.56
C5 PCW UA . 14.68 -17.59 -30.98
C6 PCW UA . 13.97 -17.96 -33.40
C7 PCW UA . 16.23 -18.54 -32.66
C8 PCW UA . 14.64 -19.28 -32.11
C11 PCW UA . 9.39 -10.33 -31.29
C12 PCW UA . 9.76 -8.90 -31.64
C13 PCW UA . 10.24 -8.88 -33.14
C14 PCW UA . 10.65 -7.50 -33.65
C15 PCW UA . 10.44 -7.27 -35.18
C16 PCW UA . 11.76 -6.74 -35.84
C17 PCW UA . 11.63 -5.92 -37.17
C18 PCW UA . 11.51 -4.42 -36.95
C19 PCW UA . 10.45 -3.76 -37.87
C20 PCW UA . 9.64 -2.72 -37.43
C21 PCW UA . 9.52 -2.02 -36.14
C22 PCW UA . 8.38 -0.97 -36.29
C23 PCW UA . 7.61 -0.57 -35.01
C24 PCW UA . 7.34 0.89 -34.82
C25 PCW UA . 5.90 1.42 -34.51
C26 PCW UA . 5.81 2.81 -33.94
C27 PCW UA . 5.82 4.00 -34.92
C28 PCW UA . 6.60 5.15 -34.33
C31 PCW UA . 13.33 -11.35 -29.00
C32 PCW UA . 13.73 -10.53 -27.74
C33 PCW UA . 14.39 -11.38 -26.55
C34 PCW UA . 13.61 -11.30 -25.25
C35 PCW UA . 14.20 -10.06 -24.47
C36 PCW UA . 15.17 -10.47 -23.33
C37 PCW UA . 15.79 -9.30 -22.51
C38 PCW UA . 16.99 -8.73 -23.20
C39 PCW UA . 17.62 -7.59 -22.43
C40 PCW UA . 18.13 -6.46 -22.93
C41 PCW UA . 18.15 -6.12 -24.41
C42 PCW UA . 18.76 -4.66 -24.57
C43 PCW UA . 17.90 -3.59 -25.22
C44 PCW UA . 18.72 -2.31 -25.25
C45 PCW UA . 18.07 -1.13 -25.92
C46 PCW UA . 18.86 -0.57 -27.07
C47 PCW UA . 18.24 -0.70 -28.44
C48 PCW UA . 19.15 -0.08 -29.52
N PCW UA . 15.00 -17.86 -32.34
O2 PCW UA . 12.21 -12.02 -28.71
O3 PCW UA . 10.46 -10.92 -30.68
O11 PCW UA . 8.33 -10.84 -31.50
O31 PCW UA . 13.96 -11.37 -30.09
O1P PCW UA . 14.65 -14.20 -28.46
O2P PCW UA . 14.00 -16.09 -26.99
O3P PCW UA . 12.19 -14.64 -28.11
O4P PCW UA . 13.54 -16.29 -29.33
P PCW UA . 13.67 -15.29 -28.19
C1 PCW VA . 21.84 -29.92 -7.72
C2 PCW VA . 20.60 -29.42 -6.88
C3 PCW VA . 19.40 -30.42 -7.05
C4 PCW VA . 22.61 -25.89 -8.19
C5 PCW VA . 21.25 -25.30 -8.57
C6 PCW VA . 19.98 -23.10 -8.45
C7 PCW VA . 21.92 -23.33 -9.92
C8 PCW VA . 20.31 -24.22 -10.03
C11 PCW VA . 17.24 -29.39 -6.97
C12 PCW VA . 16.17 -28.98 -5.98
C13 PCW VA . 16.59 -27.62 -5.33
C14 PCW VA . 15.61 -27.05 -4.30
C15 PCW VA . 16.26 -26.57 -2.97
C16 PCW VA . 15.62 -25.21 -2.49
C17 PCW VA . 16.57 -24.16 -1.81
C18 PCW VA . 16.06 -22.73 -1.89
C19 PCW VA . 16.91 -21.74 -1.06
C20 PCW VA . 16.42 -20.53 -0.60
C21 PCW VA . 15.09 -19.88 -0.73
C22 PCW VA . 14.29 -20.19 0.57
C23 PCW VA . 13.71 -19.00 1.37
C24 PCW VA . 13.05 -19.30 2.67
C25 PCW VA . 11.56 -18.94 2.93
C26 PCW VA . 11.26 -18.08 4.13
C27 PCW VA . 11.38 -16.54 3.96
C28 PCW VA . 10.10 -15.98 3.39
C31 PCW VA . 21.22 -28.16 -4.96
C32 PCW VA . 21.54 -28.30 -3.46
C33 PCW VA . 20.30 -28.12 -2.47
C34 PCW VA . 19.09 -28.98 -2.85
C35 PCW VA . 18.86 -29.96 -1.63
C36 PCW VA . 17.75 -30.99 -1.89
C37 PCW VA . 17.46 -31.99 -0.73
C38 PCW VA . 16.91 -31.29 0.48
C39 PCW VA . 16.62 -32.23 1.62
C40 PCW VA . 15.75 -32.04 2.60
C41 PCW VA . 14.87 -30.82 2.73
C42 PCW VA . 13.96 -31.00 4.02
C43 PCW VA . 13.74 -29.81 4.94
C44 PCW VA . 12.83 -30.27 6.07
C45 PCW VA . 13.55 -30.89 7.24
C46 PCW VA . 13.43 -30.11 8.51
C47 PCW VA . 13.70 -30.85 9.80
C48 PCW VA . 13.54 -29.92 11.02
N PCW VA . 21.16 -23.90 -8.84
O2 PCW VA . 20.94 -29.39 -5.44
O3 PCW VA . 18.27 -29.96 -6.29
O11 PCW VA . 17.18 -29.22 -8.16
O31 PCW VA . 21.21 -27.09 -5.62
O1P PCW VA . 24.90 -27.60 -7.72
O2P PCW VA . 24.02 -28.86 -9.68
O3P PCW VA . 23.09 -29.32 -7.33
O4P PCW VA . 22.56 -27.29 -8.58
P PCW VA . 23.71 -28.25 -8.35
C1 PCW WA . 38.02 -12.68 -5.77
C2 PCW WA . 37.64 -11.21 -5.32
C3 PCW WA . 37.98 -10.19 -6.47
C4 PCW WA . 38.74 -15.58 -1.90
C5 PCW WA . 40.05 -15.80 -1.13
C6 PCW WA . 41.40 -17.73 -0.17
C7 PCW WA . 41.37 -17.31 -2.59
C8 PCW WA . 42.04 -16.23 -1.26
C11 PCW WA . 38.62 -7.95 -5.84
C12 PCW WA . 38.03 -6.65 -5.38
C13 PCW WA . 38.23 -6.56 -3.83
C14 PCW WA . 37.69 -5.28 -3.17
C15 PCW WA . 38.72 -4.46 -2.35
C16 PCW WA . 38.16 -4.12 -0.92
C17 PCW WA . 38.50 -5.12 0.23
C18 PCW WA . 39.34 -4.50 1.34
C19 PCW WA . 40.32 -5.50 1.99
C20 PCW WA . 40.53 -5.57 3.37
C21 PCW WA . 39.95 -4.81 4.51
C22 PCW WA . 40.95 -3.67 4.84
C23 PCW WA . 41.80 -3.82 6.13
C24 PCW WA . 43.19 -3.27 6.09
C25 PCW WA . 43.63 -2.11 7.03
C26 PCW WA . 44.18 -2.50 8.39
C27 PCW WA . 45.48 -3.33 8.43
C28 PCW WA . 46.21 -3.08 9.73
C31 PCW WA . 35.84 -11.08 -3.80
C32 PCW WA . 34.31 -11.00 -3.70
C33 PCW WA . 33.52 -12.38 -3.92
C34 PCW WA . 32.38 -12.30 -4.92
C35 PCW WA . 31.17 -13.03 -4.24
C36 PCW WA . 29.80 -12.43 -4.65
C37 PCW WA . 28.55 -13.11 -4.02
C38 PCW WA . 27.89 -12.23 -3.01
C39 PCW WA . 26.67 -12.87 -2.38
C40 PCW WA . 25.72 -12.26 -1.66
C41 PCW WA . 25.72 -10.77 -1.36
C42 PCW WA . 25.69 -10.59 0.22
C43 PCW WA . 25.43 -9.21 0.79
C44 PCW WA . 25.46 -9.33 2.30
C45 PCW WA . 25.66 -8.04 3.05
C46 PCW WA . 24.53 -7.69 3.98
C47 PCW WA . 23.54 -6.66 3.47
C48 PCW WA . 22.44 -6.39 4.50
N PCW WA . 40.77 -17.02 -1.29
O2 PCW WA . 36.17 -11.13 -5.09
O3 PCW WA . 37.62 -8.86 -6.04
O11 PCW WA . 39.79 -8.18 -6.00
O31 PCW WA . 36.63 -11.10 -2.82
O1P PCW WA . 38.97 -15.90 -4.78
O2P PCW WA . 40.35 -13.82 -4.59
O3P PCW WA . 37.77 -13.68 -4.76
O4P PCW WA . 38.94 -14.41 -2.75
P PCW WA . 39.06 -14.49 -4.25
C1 PCW XA . 29.73 -19.22 1.32
C2 PCW XA . 29.12 -20.01 2.55
C3 PCW XA . 30.26 -20.50 3.51
C4 PCW XA . 27.79 -20.91 -2.87
C5 PCW XA . 26.52 -21.69 -3.22
C6 PCW XA . 27.41 -23.94 -3.16
C7 PCW XA . 27.23 -22.82 -5.20
C8 PCW XA . 25.29 -23.57 -4.26
C11 PCW XA . 30.47 -22.14 5.24
C12 PCW XA . 29.67 -22.79 6.35
C13 PCW XA . 29.95 -21.99 7.67
C14 PCW XA . 29.22 -22.51 8.91
C15 PCW XA . 29.83 -22.09 10.28
C16 PCW XA . 29.43 -20.62 10.64
C17 PCW XA . 30.59 -19.68 11.15
C18 PCW XA . 30.13 -18.23 11.36
C19 PCW XA . 31.11 -17.43 12.26
C20 PCW XA . 30.95 -17.35 13.64
C21 PCW XA . 29.95 -17.92 14.56
C22 PCW XA . 30.38 -17.50 16.00
C23 PCW XA . 30.15 -18.54 17.14
C24 PCW XA . 28.76 -19.01 17.37
C25 PCW XA . 27.82 -18.27 18.35
C26 PCW XA . 26.79 -19.11 19.09
C27 PCW XA . 25.38 -19.22 18.48
C28 PCW XA . 24.79 -20.58 18.78
C31 PCW XA . 26.94 -19.25 3.10
C32 PCW XA . 26.18 -18.25 3.98
C33 PCW XA . 26.17 -16.73 3.46
C34 PCW XA . 27.32 -15.89 4.00
C35 PCW XA . 27.17 -14.48 3.31
C36 PCW XA . 28.13 -13.42 3.89
C37 PCW XA . 28.03 -12.01 3.25
C38 PCW XA . 29.38 -11.40 3.02
C39 PCW XA . 29.32 -10.03 2.40
C40 PCW XA . 29.83 -8.90 2.90
C41 PCW XA . 30.57 -8.81 4.21
C42 PCW XA . 29.62 -8.08 5.27
C43 PCW XA . 30.21 -7.64 6.61
C44 PCW XA . 29.08 -6.99 7.39
C45 PCW XA . 28.76 -7.62 8.72
C46 PCW XA . 27.34 -8.10 8.83
C47 PCW XA . 26.78 -8.26 10.22
C48 PCW XA . 25.32 -8.76 10.18
N PCW XA . 26.61 -22.94 -3.92
O2 PCW XA . 28.24 -19.09 3.34
O3 PCW XA . 29.69 -21.21 4.61
O11 PCW XA . 31.60 -22.42 4.95
O31 PCW XA . 26.42 -20.08 2.30
O1P PCW XA . 30.37 -20.60 -1.61
O2P PCW XA . 29.31 -21.92 0.21
O3P PCW XA . 28.99 -19.37 0.10
O4P PCW XA . 27.89 -20.91 -1.42
P PCW XA . 29.21 -20.76 -0.69
C1 PCW YA . -15.85 -29.98 -26.33
C2 PCW YA . -16.65 -28.72 -25.79
C3 PCW YA . -17.77 -28.32 -26.82
C4 PCW YA . -12.04 -27.65 -24.95
C5 PCW YA . -11.54 -26.31 -25.50
C6 PCW YA . -9.79 -24.65 -25.40
C7 PCW YA . -10.15 -26.03 -23.55
C8 PCW YA . -11.69 -24.39 -23.95
C11 PCW YA . -19.12 -26.38 -27.21
C12 PCW YA . -19.79 -25.25 -26.48
C13 PCW YA . -18.78 -24.06 -26.41
C14 PCW YA . -19.30 -22.80 -25.70
C15 PCW YA . -18.28 -21.62 -25.58
C16 PCW YA . -17.94 -21.33 -24.08
C17 PCW YA . -17.64 -19.85 -23.68
C18 PCW YA . -18.89 -18.99 -23.47
C19 PCW YA . -19.03 -17.86 -24.52
C20 PCW YA . -19.50 -16.60 -24.19
C21 PCW YA . -19.95 -16.00 -22.92
C22 PCW YA . -21.07 -14.98 -23.27
C23 PCW YA . -20.68 -13.48 -23.30
C24 PCW YA . -21.80 -12.49 -23.13
C25 PCW YA . -22.23 -12.00 -21.72
C26 PCW YA . -23.71 -11.78 -21.51
C27 PCW YA . -24.22 -11.56 -20.06
C28 PCW YA . -25.29 -12.57 -19.74
C31 PCW YA . -16.96 -28.28 -23.48
C32 PCW YA . -17.73 -28.75 -22.24
C33 PCW YA . -19.26 -28.29 -22.16
C34 PCW YA . -19.50 -27.06 -21.28
C35 PCW YA . -20.80 -27.37 -20.44
C36 PCW YA . -20.58 -27.24 -18.91
C37 PCW YA . -21.82 -27.52 -18.02
C38 PCW YA . -21.57 -27.19 -16.59
C39 PCW YA . -22.76 -27.45 -15.70
C40 PCW YA . -23.54 -26.53 -15.11
C41 PCW YA . -23.33 -25.03 -15.23
C42 PCW YA . -24.00 -24.55 -16.59
C43 PCW YA . -23.19 -23.67 -17.53
C44 PCW YA . -24.06 -23.38 -18.74
C45 PCW YA . -24.81 -22.06 -18.69
C46 PCW YA . -24.21 -20.99 -19.57
C47 PCW YA . -25.05 -20.55 -20.75
C48 PCW YA . -24.32 -19.46 -21.56
N PCW YA . -10.83 -25.39 -24.65
O2 PCW YA . -17.32 -29.06 -24.51
O3 PCW YA . -18.48 -27.18 -26.32
O11 PCW YA . -19.14 -26.55 -28.40
O31 PCW YA . -16.13 -27.32 -23.53
O1P PCW YA . -12.14 -29.91 -26.75
O2P PCW YA . -13.93 -28.57 -27.88
O3P PCW YA . -14.50 -30.07 -25.86
O4P PCW YA . -13.29 -27.96 -25.64
P PCW YA . -13.42 -29.13 -26.60
C1 PCW ZA . 17.51 -30.70 9.13
C2 PCW ZA . 18.85 -29.99 8.73
C3 PCW ZA . 18.55 -28.76 7.79
C4 PCW ZA . 16.80 -34.52 11.82
C5 PCW ZA . 17.67 -35.66 12.36
C6 PCW ZA . 16.37 -37.80 11.85
C7 PCW ZA . 18.80 -37.70 11.51
C8 PCW ZA . 17.86 -37.55 13.11
C11 PCW ZA . 20.44 -28.56 6.30
C12 PCW ZA . 21.69 -27.74 6.11
C13 PCW ZA . 22.91 -28.57 6.65
C14 PCW ZA . 24.27 -27.88 6.52
C15 PCW ZA . 24.49 -26.65 7.46
C16 PCW ZA . 25.32 -25.54 6.72
C17 PCW ZA . 25.10 -24.05 7.18
C18 PCW ZA . 24.85 -23.09 6.01
C19 PCW ZA . 26.08 -22.22 5.68
C20 PCW ZA . 26.30 -20.98 6.28
C21 PCW ZA . 25.52 -20.21 7.28
C22 PCW ZA . 26.55 -19.36 8.08
C23 PCW ZA . 26.07 -18.00 8.64
C24 PCW ZA . 25.43 -18.03 10.00
C25 PCW ZA . 24.03 -18.65 10.22
C26 PCW ZA . 22.88 -18.00 9.47
C27 PCW ZA . 21.62 -17.62 10.27
C28 PCW ZA . 21.30 -16.15 10.08
C31 PCW ZA . 20.84 -29.68 9.99
C32 PCW ZA . 21.41 -29.08 11.30
C33 PCW ZA . 20.33 -28.42 12.29
C34 PCW ZA . 20.17 -26.91 12.10
C35 PCW ZA . 18.62 -26.63 12.11
C36 PCW ZA . 18.25 -25.25 11.52
C37 PCW ZA . 16.72 -24.92 11.50
C38 PCW ZA . 16.48 -23.45 11.34
C39 PCW ZA . 15.01 -23.11 11.32
C40 PCW ZA . 14.40 -22.16 12.03
C41 PCW ZA . 15.09 -21.24 13.01
C42 PCW ZA . 14.63 -21.64 14.48
C43 PCW ZA . 15.00 -20.72 15.63
C44 PCW ZA . 14.43 -21.34 16.90
C45 PCW ZA . 13.27 -20.60 17.51
C46 PCW ZA . 13.62 -19.84 18.77
C47 PCW ZA . 13.41 -18.35 18.72
C48 PCW ZA . 13.80 -17.70 20.07
N PCW ZA . 17.58 -36.96 11.77
O2 PCW ZA . 19.53 -29.45 9.95
O3 PCW ZA . 19.79 -28.12 7.42
O11 PCW ZA . 20.07 -29.46 5.60
O31 PCW ZA . 21.53 -30.28 9.11
O1P PCW ZA . 17.86 -33.54 9.31
O2P PCW ZA . 19.69 -32.67 10.75
O3P PCW ZA . 17.53 -31.31 10.44
O4P PCW ZA . 17.64 -33.33 11.80
P PCW ZA . 18.23 -32.75 10.53
C1 PCW AB . -5.96 -41.42 2.84
C2 PCW AB . -5.83 -40.45 4.07
C3 PCW AB . -4.37 -39.93 4.19
C4 PCW AB . -7.07 -40.00 -1.51
C5 PCW AB . -7.77 -40.43 -2.79
C6 PCW AB . -8.56 -40.11 -5.04
C7 PCW AB . -6.29 -39.81 -4.56
C8 PCW AB . -7.73 -38.21 -3.83
C11 PCW AB . -3.41 -39.37 6.32
C12 PCW AB . -3.46 -38.32 7.40
C13 PCW AB . -4.31 -38.86 8.60
C14 PCW AB . -4.45 -37.91 9.78
C15 PCW AB . -5.42 -38.38 10.91
C16 PCW AB . -4.66 -38.51 12.27
C17 PCW AB . -5.41 -39.23 13.45
C18 PCW AB . -4.46 -39.91 14.44
C19 PCW AB . -4.79 -39.56 15.93
C20 PCW AB . -4.04 -40.04 16.98
C21 PCW AB . -2.83 -40.92 17.05
C22 PCW AB . -2.57 -41.19 18.56
C23 PCW AB . -1.11 -41.04 19.06
C24 PCW AB . -0.55 -39.65 19.10
C25 PCW AB . -1.07 -38.59 20.11
C26 PCW AB . -1.99 -37.52 19.55
C27 PCW AB . -2.04 -36.16 20.29
C28 PCW AB . -3.38 -35.51 20.06
C31 PCW AB . -7.61 -39.09 4.83
C32 PCW AB . -8.43 -37.82 4.50
C33 PCW AB . -8.02 -36.51 5.31
C34 PCW AB . -8.60 -36.46 6.71
C35 PCW AB . -10.08 -35.93 6.55
C36 PCW AB . -11.14 -37.05 6.76
C37 PCW AB . -12.62 -36.59 6.60
C38 PCW AB . -13.27 -36.35 7.92
C39 PCW AB . -14.72 -35.92 7.80
C40 PCW AB . -15.16 -34.67 7.66
C41 PCW AB . -14.27 -33.45 7.60
C42 PCW AB . -15.07 -32.23 8.25
C43 PCW AB . -14.72 -30.81 7.81
C44 PCW AB . -15.63 -29.87 8.57
C45 PCW AB . -14.92 -28.71 9.25
C46 PCW AB . -15.29 -28.54 10.69
C47 PCW AB . -14.14 -28.30 11.65
C48 PCW AB . -14.67 -28.13 13.10
N PCW AB . -7.60 -39.68 -3.99
O2 PCW AB . -6.70 -39.25 3.87
O3 PCW AB . -4.27 -39.04 5.31
O11 PCW AB . -2.72 -40.35 6.36
O31 PCW AB . -7.78 -39.83 5.85
O1P PCW AB . -5.43 -41.80 0.05
O2P PCW AB . -7.58 -43.02 0.34
O3P PCW AB . -7.00 -41.06 1.89
O4P PCW AB . -7.67 -40.76 -0.43
P PCW AB . -6.88 -41.73 0.44
C1 PCW BB . 38.75 -7.25 -13.11
C2 PCW BB . 37.52 -6.40 -12.61
C3 PCW BB . 38.02 -5.28 -11.63
C4 PCW BB . 40.68 -10.79 -14.77
C5 PCW BB . 40.99 -11.58 -13.50
C6 PCW BB . 40.15 -13.95 -13.02
C7 PCW BB . 42.46 -13.57 -13.75
C8 PCW BB . 41.65 -13.01 -12.19
C11 PCW BB . 37.03 -3.15 -11.12
C12 PCW BB . 35.74 -2.55 -10.62
C13 PCW BB . 35.20 -1.56 -11.70
C14 PCW BB . 33.89 -0.85 -11.34
C15 PCW BB . 33.98 0.24 -10.23
C16 PCW BB . 33.61 -0.36 -8.83
C17 PCW BB . 32.55 0.42 -7.97
C18 PCW BB . 33.15 1.09 -6.74
C19 PCW BB . 32.16 2.07 -6.05
C20 PCW BB . 32.16 3.43 -6.33
C21 PCW BB . 32.95 4.27 -7.25
C22 PCW BB . 33.50 5.47 -6.41
C23 PCW BB . 32.92 6.86 -6.72
C24 PCW BB . 32.69 7.78 -5.57
C25 PCW BB . 31.54 7.51 -4.55
C26 PCW BB . 31.01 8.70 -3.78
C27 PCW BB . 31.75 9.12 -2.50
C28 PCW BB . 31.40 10.54 -2.13
C31 PCW BB . 35.62 -6.16 -14.00
C32 PCW BB . 35.08 -5.38 -15.22
C33 PCW BB . 34.42 -3.96 -14.87
C34 PCW BB . 32.91 -3.95 -15.00
C35 PCW BB . 32.36 -3.60 -13.55
C36 PCW BB . 31.97 -4.86 -12.74
C37 PCW BB . 31.43 -4.59 -11.31
C38 PCW BB . 30.13 -5.27 -11.07
C39 PCW BB . 29.57 -5.03 -9.68
C40 PCW BB . 28.33 -5.26 -9.27
C41 PCW BB . 27.23 -5.85 -10.13
C42 PCW BB . 25.84 -5.67 -9.36
C43 PCW BB . 24.63 -6.42 -9.87
C44 PCW BB . 23.47 -6.06 -8.96
C45 PCW BB . 23.22 -7.03 -7.84
C46 PCW BB . 22.75 -6.38 -6.57
C47 PCW BB . 23.80 -6.11 -5.52
C48 PCW BB . 23.18 -5.44 -4.28
N PCW BB . 41.14 -13.00 -13.59
O2 PCW BB . 36.85 -5.72 -13.76
O3 PCW BB . 36.90 -4.50 -11.17
O11 PCW BB . 38.01 -2.53 -11.44
O31 PCW BB . 35.01 -7.08 -13.37
O1P PCW BB . 39.22 -8.97 -16.50
O2P PCW BB . 40.64 -7.24 -15.39
O3P PCW BB . 38.46 -8.06 -14.28
O4P PCW BB . 40.48 -9.41 -14.37
P PCW BB . 39.73 -8.39 -15.21
C1 PCW CB . 2.17 -21.42 -29.42
C2 PCW CB . 1.70 -20.74 -28.07
C3 PCW CB . 0.58 -21.59 -27.40
C4 PCW CB . 3.41 -24.78 -28.65
C5 PCW CB . 3.07 -24.99 -27.18
C6 PCW CB . 0.82 -26.20 -27.10
C7 PCW CB . 2.68 -26.90 -25.65
C8 PCW CB . 1.77 -25.30 -25.63
C11 PCW CB . -0.31 -21.72 -25.16
C12 PCW CB . -0.66 -20.85 -23.99
C13 PCW CB . -1.98 -20.06 -24.32
C14 PCW CB . -2.46 -19.11 -23.22
C15 PCW CB . -2.20 -17.59 -23.47
C16 PCW CB . -2.83 -16.73 -22.33
C17 PCW CB . -4.29 -16.20 -22.55
C18 PCW CB . -4.52 -14.79 -21.99
C19 PCW CB . -6.00 -14.36 -22.06
C20 PCW CB . -6.86 -14.46 -20.97
C21 PCW CB . -6.67 -14.94 -19.58
C22 PCW CB . -7.97 -14.58 -18.80
C23 PCW CB . -7.85 -13.61 -17.60
C24 PCW CB . -8.66 -12.36 -17.65
C25 PCW CB . -8.08 -11.05 -18.26
C26 PCW CB . -8.34 -10.82 -19.73
C27 PCW CB . -9.59 -10.00 -20.12
C28 PCW CB . -9.43 -9.44 -21.51
C31 PCW CB . 2.92 -19.52 -26.45
C32 PCW CB . 4.12 -19.59 -25.51
C33 PCW CB . 4.83 -18.18 -25.21
C34 PCW CB . 5.67 -17.67 -26.38
C35 PCW CB . 5.92 -16.13 -26.08
C36 PCW CB . 4.83 -15.23 -26.72
C37 PCW CB . 5.01 -13.69 -26.47
C38 PCW CB . 4.62 -12.89 -27.67
C39 PCW CB . 4.78 -11.41 -27.45
C40 PCW CB . 3.86 -10.55 -27.02
C41 PCW CB . 2.44 -10.95 -26.65
C42 PCW CB . 2.18 -10.53 -25.14
C43 PCW CB . 0.88 -9.82 -24.79
C44 PCW CB . 0.91 -9.53 -23.30
C45 PCW CB . -0.07 -8.49 -22.83
C46 PCW CB . 0.56 -7.35 -22.08
C47 PCW CB . -0.26 -6.75 -20.96
C48 PCW CB . 0.50 -5.61 -20.28
N PCW CB . 2.26 -26.11 -26.78
O2 PCW CB . 2.84 -20.66 -27.11
O3 PCW CB . 0.17 -20.95 -26.18
O11 PCW CB . -0.43 -22.92 -25.21
O31 PCW CB . 2.12 -18.54 -26.56
O1P PCW CB . 3.56 -23.37 -31.19
O2P PCW CB . 5.76 -22.61 -30.29
O3P PCW CB . 3.60 -21.36 -29.65
O4P PCW CB . 4.17 -23.55 -28.75
P PCW CB . 4.31 -22.75 -30.03
C1 PCW DB . 24.02 -9.88 -28.05
C2 PCW DB . 24.75 -8.96 -26.99
C3 PCW DB . 25.64 -7.90 -27.74
C4 PCW DB . 22.99 -13.71 -25.29
C5 PCW DB . 23.57 -14.02 -23.90
C6 PCW DB . 22.25 -15.98 -22.94
C7 PCW DB . 24.69 -15.93 -22.78
C8 PCW DB . 23.48 -14.76 -22.00
C11 PCW DB . 27.58 -6.67 -27.04
C12 PCW DB . 28.07 -5.81 -25.92
C13 PCW DB . 27.46 -4.37 -26.09
C14 PCW DB . 27.86 -3.36 -25.02
C15 PCW DB . 27.21 -3.55 -23.62
C16 PCW DB . 27.45 -2.30 -22.72
C17 PCW DB . 26.18 -1.56 -22.18
C18 PCW DB . 26.25 -0.04 -22.33
C19 PCW DB . 25.72 0.72 -21.09
C20 PCW DB . 24.70 1.65 -21.19
C21 PCW DB . 23.89 2.15 -22.33
C22 PCW DB . 24.23 3.66 -22.49
C23 PCW DB . 25.14 4.07 -23.69
C24 PCW DB . 26.38 4.84 -23.36
C25 PCW DB . 27.78 4.16 -23.37
C26 PCW DB . 28.71 4.54 -24.50
C27 PCW DB . 29.37 3.41 -25.31
C28 PCW DB . 30.35 3.98 -26.30
C31 PCW DB . 23.46 -8.74 -25.01
C32 PCW DB . 22.42 -7.85 -24.30
C33 PCW DB . 23.04 -6.78 -23.28
C34 PCW DB . 23.55 -5.50 -23.95
C35 PCW DB . 22.37 -4.45 -23.82
C36 PCW DB . 22.80 -3.18 -23.06
C37 PCW DB . 21.68 -2.09 -22.88
C38 PCW DB . 20.88 -2.32 -21.65
C39 PCW DB . 19.80 -1.29 -21.45
C40 PCW DB . 19.71 -0.38 -20.47
C41 PCW DB . 20.73 -0.24 -19.36
C42 PCW DB . 21.37 1.21 -19.45
C43 PCW DB . 21.97 1.82 -18.19
C44 PCW DB . 22.51 3.20 -18.58
C45 PCW DB . 21.94 4.35 -17.79
C46 PCW DB . 21.48 5.49 -18.66
C47 PCW DB . 20.37 6.35 -18.10
C48 PCW DB . 20.01 7.48 -19.08
N PCW DB . 23.51 -15.35 -23.38
O2 PCW DB . 23.75 -8.19 -26.19
O3 PCW DB . 26.31 -7.06 -26.77
O11 PCW DB . 28.21 -6.97 -28.02
O31 PCW DB . 23.96 -9.81 -24.54
O1P PCW DB . 23.11 -13.32 -28.16
O2P PCW DB . 25.34 -12.34 -27.64
O3P PCW DB . 23.20 -10.90 -27.46
O4P PCW DB . 23.77 -12.63 -25.84
P PCW DB . 23.89 -12.35 -27.32
C1 PCW EB . -12.58 -29.18 -19.19
C2 PCW EB . -13.26 -27.77 -19.28
C3 PCW EB . -14.53 -27.84 -20.20
C4 PCW EB . -13.25 -31.45 -15.40
C5 PCW EB . -12.74 -32.44 -14.36
C6 PCW EB . -14.33 -34.43 -14.18
C7 PCW EB . -11.93 -34.77 -14.54
C8 PCW EB . -12.76 -34.03 -13.07
C11 PCW EB . -16.30 -26.33 -19.57
C12 PCW EB . -16.77 -24.92 -19.79
C13 PCW EB . -17.20 -24.32 -18.39
C14 PCW EB . -17.72 -22.88 -18.44
C15 PCW EB . -19.27 -22.71 -18.55
C16 PCW EB . -19.66 -22.22 -19.99
C17 PCW EB . -20.87 -22.96 -20.69
C18 PCW EB . -20.80 -22.89 -22.22
C19 PCW EB . -22.11 -22.35 -22.84
C20 PCW EB . -23.10 -23.19 -23.34
C21 PCW EB . -23.22 -24.67 -23.41
C22 PCW EB . -23.83 -25.14 -22.06
C23 PCW EB . -24.90 -26.26 -22.12
C24 PCW EB . -24.93 -27.24 -20.99
C25 PCW EB . -26.04 -27.18 -19.89
C26 PCW EB . -25.59 -27.44 -18.47
C27 PCW EB . -26.63 -28.06 -17.49
C28 PCW EB . -26.07 -29.30 -16.86
C31 PCW EB . -13.00 -26.34 -17.40
C32 PCW EB . -13.58 -26.01 -16.02
C33 PCW EB . -15.09 -26.48 -15.76
C34 PCW EB . -15.22 -27.95 -15.37
C35 PCW EB . -16.77 -28.23 -15.21
C36 PCW EB . -17.22 -29.51 -15.94
C37 PCW EB . -18.74 -29.84 -15.84
C38 PCW EB . -19.12 -31.02 -16.68
C39 PCW EB . -20.59 -31.35 -16.58
C40 PCW EB . -21.41 -31.64 -17.59
C41 PCW EB . -21.00 -31.67 -19.05
C42 PCW EB . -22.32 -31.85 -19.95
C43 PCW EB . -23.19 -30.64 -20.20
C44 PCW EB . -24.36 -31.12 -21.07
C45 PCW EB . -25.69 -31.14 -20.38
C46 PCW EB . -26.74 -31.91 -21.14
C47 PCW EB . -28.05 -31.19 -21.38
C48 PCW EB . -29.02 -32.08 -22.17
N PCW EB . -13.02 -33.83 -14.53
O2 PCW EB . -13.71 -27.34 -17.93
O3 PCW EB . -15.15 -26.54 -20.26
O11 PCW EB . -16.85 -27.15 -18.88
O31 PCW EB . -12.01 -25.76 -17.95
O1P PCW EB . -12.75 -31.76 -18.22
O2P PCW EB . -10.37 -31.46 -17.53
O3P PCW EB . -11.86 -29.41 -17.96
O4P PCW EB . -12.09 -30.82 -16.00
P PCW EB . -11.75 -30.94 -17.47
C1 PCW FB . 21.39 -5.05 -35.27
C2 PCW FB . 20.29 -3.99 -35.68
C3 PCW FB . 20.47 -2.66 -34.85
C4 PCW FB . 22.82 -9.22 -37.20
C5 PCW FB . 22.84 -10.30 -36.10
C6 PCW FB . 23.84 -12.17 -34.96
C7 PCW FB . 24.96 -11.23 -36.77
C8 PCW FB . 23.11 -12.48 -37.22
C11 PCW FB . 19.11 -0.77 -34.33
C12 PCW FB . 18.06 0.11 -34.93
C13 PCW FB . 18.57 1.60 -34.86
C14 PCW FB . 17.60 2.64 -35.44
C15 PCW FB . 17.01 3.65 -34.42
C16 PCW FB . 15.78 3.03 -33.66
C17 PCW FB . 14.74 4.02 -33.05
C18 PCW FB . 14.88 4.20 -31.54
C19 PCW FB . 15.42 5.60 -31.15
C20 PCW FB . 16.60 5.77 -30.45
C21 PCW FB . 17.60 4.81 -29.91
C22 PCW FB . 17.48 4.86 -28.36
C23 PCW FB . 17.35 3.50 -27.61
C24 PCW FB . 16.15 3.33 -26.73
C25 PCW FB . 16.19 2.36 -25.51
C26 PCW FB . 14.93 1.55 -25.25
C27 PCW FB . 14.69 1.05 -23.81
C28 PCW FB . 14.80 -0.47 -23.78
C31 PCW FB . 21.60 -3.12 -37.51
C32 PCW FB . 21.53 -2.84 -39.02
C33 PCW FB . 21.38 -1.29 -39.43
C34 PCW FB . 20.34 -0.54 -38.62
C35 PCW FB . 21.03 0.83 -38.22
C36 PCW FB . 21.73 0.77 -36.84
C37 PCW FB . 22.43 2.08 -36.39
C38 PCW FB . 22.17 2.39 -34.94
C39 PCW FB . 22.84 3.65 -34.48
C40 PCW FB . 22.29 4.64 -33.80
C41 PCW FB . 20.83 4.66 -33.35
C42 PCW FB . 20.76 5.34 -31.90
C43 PCW FB . 20.58 6.83 -31.81
C44 PCW FB . 20.55 7.19 -30.33
C45 PCW FB . 21.82 7.79 -29.79
C46 PCW FB . 21.70 9.24 -29.42
C47 PCW FB . 22.81 10.15 -29.89
C48 PCW FB . 22.56 11.60 -29.44
N PCW FB . 23.64 -11.48 -36.26
O2 PCW FB . 20.42 -3.64 -37.14
O3 PCW FB . 19.48 -1.71 -35.24
O11 PCW FB . 19.56 -0.67 -33.22
O31 PCW FB . 22.60 -2.88 -36.77
O1P PCW FB . 21.62 -6.84 -38.37
O2P PCW FB . 23.44 -5.68 -37.11
O3P PCW FB . 21.23 -6.32 -35.94
O4P PCW FB . 22.92 -7.95 -36.52
P PCW FB . 22.33 -6.66 -37.07
C1 PCW GB . 34.37 -9.51 -17.49
C2 PCW GB . 34.87 -8.09 -17.94
C3 PCW GB . 36.44 -8.05 -17.95
C4 PCW GB . 35.49 -10.25 -21.09
C5 PCW GB . 35.46 -9.48 -22.41
C6 PCW GB . 37.88 -9.86 -23.15
C7 PCW GB . 36.12 -9.52 -24.80
C8 PCW GB . 36.73 -8.32 -23.52
C11 PCW GB . 37.36 -6.60 -19.63
C12 PCW GB . 37.73 -5.15 -19.86
C13 PCW GB . 36.41 -4.39 -20.27
C14 PCW GB . 36.59 -2.89 -20.53
C15 PCW GB . 36.19 -1.95 -19.36
C16 PCW GB . 35.69 -0.56 -19.89
C17 PCW GB . 35.84 0.65 -18.92
C18 PCW GB . 34.99 1.87 -19.32
C19 PCW GB . 33.54 1.78 -18.80
C20 PCW GB . 33.16 2.30 -17.56
C21 PCW GB . 33.92 2.99 -16.49
C22 PCW GB . 32.88 3.52 -15.48
C23 PCW GB . 33.40 4.33 -14.27
C24 PCW GB . 33.56 3.60 -12.98
C25 PCW GB . 33.00 4.19 -11.65
C26 PCW GB . 31.94 3.38 -10.93
C27 PCW GB . 30.55 4.01 -10.77
C28 PCW GB . 29.54 3.30 -11.63
C31 PCW GB . 33.72 -6.68 -19.46
C32 PCW GB . 33.32 -6.53 -20.94
C33 PCW GB . 32.20 -5.41 -21.25
C34 PCW GB . 31.69 -5.47 -22.68
C35 PCW GB . 32.29 -4.19 -23.39
C36 PCW GB . 31.33 -2.98 -23.36
C37 PCW GB . 31.85 -1.68 -24.05
C38 PCW GB . 32.75 -0.90 -23.15
C39 PCW GB . 33.27 0.35 -23.80
C40 PCW GB . 32.81 1.60 -23.62
C41 PCW GB . 31.67 1.95 -22.70
C42 PCW GB . 31.86 3.47 -22.24
C43 PCW GB . 31.03 3.98 -21.07
C44 PCW GB . 31.41 5.43 -20.85
C45 PCW GB . 32.08 5.73 -19.53
C46 PCW GB . 31.31 6.70 -18.68
C47 PCW GB . 30.78 6.17 -17.37
C48 PCW GB . 30.01 7.24 -16.59
N PCW GB . 36.43 -9.78 -23.42
O2 PCW GB . 34.42 -7.80 -19.33
O3 PCW GB . 36.89 -6.75 -18.36
O11 PCW GB . 37.44 -7.47 -20.45
O31 PCW GB . 33.42 -5.87 -18.53
O1P PCW GB . 34.80 -11.97 -18.88
O2P PCW GB . 32.52 -11.89 -19.89
O3P PCW GB . 33.29 -10.04 -18.29
O4P PCW GB . 34.13 -10.24 -20.57
P PCW GB . 33.69 -11.12 -19.41
C1 PCW HB . 28.64 -29.24 8.76
C2 PCW HB . 28.19 -29.11 10.26
C3 PCW HB . 29.34 -28.48 11.12
C4 PCW HB . 26.02 -31.97 7.55
C5 PCW HB . 25.04 -32.85 8.32
C6 PCW HB . 22.66 -33.13 9.21
C7 PCW HB . 23.04 -32.32 6.92
C8 PCW HB . 23.46 -33.98 7.62
C11 PCW HB . 28.96 -27.16 13.09
C12 PCW HB . 28.48 -27.28 14.51
C13 PCW HB . 26.93 -27.55 14.49
C14 PCW HB . 26.28 -27.70 15.86
C15 PCW HB . 24.90 -27.00 16.04
C16 PCW HB . 24.46 -27.04 17.55
C17 PCW HB . 23.25 -26.13 17.97
C18 PCW HB . 23.58 -25.16 19.11
C19 PCW HB . 23.08 -25.66 20.49
C20 PCW HB . 23.06 -24.85 21.61
C21 PCW HB . 23.44 -23.44 21.83
C22 PCW HB . 22.13 -22.63 22.03
C23 PCW HB . 22.22 -21.25 22.72
C24 PCW HB . 21.03 -20.80 23.51
C25 PCW HB . 21.19 -20.24 24.96
C26 PCW HB . 21.05 -18.74 25.11
C27 PCW HB . 22.34 -17.89 25.06
C28 PCW HB . 22.58 -17.22 26.38
C31 PCW HB . 25.88 -28.82 10.69
C32 PCW HB . 24.76 -27.76 10.76
C33 PCW HB . 25.16 -26.40 11.51
C34 PCW HB . 23.94 -25.58 11.94
C35 PCW HB . 23.79 -24.43 10.86
C36 PCW HB . 22.33 -23.99 10.66
C37 PCW HB . 22.09 -22.86 9.61
C38 PCW HB . 20.69 -22.83 9.13
C39 PCW HB . 20.44 -21.74 8.11
C40 PCW HB . 19.72 -20.63 8.29
C41 PCW HB . 19.01 -20.28 9.58
C42 PCW HB . 17.49 -19.92 9.24
C43 PCW HB . 16.68 -19.15 10.25
C44 PCW HB . 15.29 -18.95 9.66
C45 PCW HB . 14.54 -17.74 10.17
C46 PCW HB . 13.86 -17.95 11.49
C47 PCW HB . 14.30 -17.07 12.62
C48 PCW HB . 13.53 -17.39 13.92
N PCW HB . 23.63 -32.61 8.22
O2 PCW HB . 27.01 -28.20 10.38
O3 PCW HB . 28.93 -28.38 12.49
O11 PCW HB . 29.33 -26.14 12.56
O31 PCW HB . 25.72 -30.05 10.90
O1P PCW HB . 28.74 -32.96 7.89
O2P PCW HB . 28.42 -32.16 10.22
O3P PCW HB . 29.20 -30.52 8.39
O4P PCW HB . 26.90 -31.37 8.54
P PCW HB . 28.32 -31.82 8.79
C1 PCW IB . -11.56 -21.70 -29.42
C2 PCW IB . -11.77 -20.37 -30.24
C3 PCW IB . -13.16 -20.39 -30.95
C4 PCW IB . -8.59 -24.48 -31.08
C5 PCW IB . -8.87 -25.92 -31.52
C6 PCW IB . -8.14 -27.59 -33.30
C7 PCW IB . -6.61 -26.94 -31.49
C8 PCW IB . -8.22 -27.84 -31.35
C11 PCW IB . -14.51 -18.48 -31.51
C12 PCW IB . -14.50 -17.25 -32.36
C13 PCW IB . -13.77 -16.10 -31.56
C14 PCW IB . -13.67 -14.77 -32.30
C15 PCW IB . -13.78 -13.49 -31.40
C16 PCW IB . -14.56 -12.35 -32.15
C17 PCW IB . -16.11 -12.50 -32.29
C18 PCW IB . -16.84 -11.17 -32.49
C19 PCW IB . -16.68 -10.57 -33.91
C20 PCW IB . -17.17 -9.33 -34.25
C21 PCW IB . -17.91 -8.29 -33.49
C22 PCW IB . -16.85 -7.26 -32.98
C23 PCW IB . -16.73 -7.06 -31.45
C24 PCW IB . -17.89 -6.41 -30.75
C25 PCW IB . -18.02 -4.86 -30.68
C26 PCW IB . -19.42 -4.29 -30.90
C27 PCW IB . -19.62 -3.37 -32.13
C28 PCW IB . -21.02 -2.79 -32.10
C31 PCW IB . -10.84 -18.27 -29.63
C32 PCW IB . -10.94 -17.13 -28.60
C33 PCW IB . -9.62 -16.90 -27.72
C34 PCW IB . -9.74 -17.43 -26.30
C35 PCW IB . -10.46 -16.28 -25.47
C36 PCW IB . -11.72 -16.78 -24.74
C37 PCW IB . -12.48 -15.71 -23.90
C38 PCW IB . -13.84 -15.43 -24.45
C39 PCW IB . -14.60 -14.39 -23.64
C40 PCW IB . -14.72 -13.10 -23.92
C41 PCW IB . -14.10 -12.42 -25.13
C42 PCW IB . -14.14 -10.85 -24.90
C43 PCW IB . -12.86 -10.14 -24.52
C44 PCW IB . -13.20 -8.67 -24.36
C45 PCW IB . -12.01 -7.75 -24.19
C46 PCW IB . -12.33 -6.30 -24.43
C47 PCW IB . -11.60 -5.30 -23.54
C48 PCW IB . -12.03 -3.86 -23.87
N PCW IB . -7.85 -26.67 -32.18
O2 PCW IB . -11.75 -19.20 -29.32
O3 PCW IB . -13.35 -19.18 -31.69
O11 PCW IB . -15.41 -18.80 -30.76
O31 PCW IB . -10.03 -18.32 -30.61
O1P PCW IB . -8.48 -23.68 -28.30
O2P PCW IB . -10.88 -24.34 -28.31
O3P PCW IB . -10.18 -21.99 -29.10
O4P PCW IB . -9.79 -24.00 -30.42
P PCW IB . -9.81 -23.55 -28.97
C1 PCW JB . 2.15 -13.90 -37.99
C2 PCW JB . 2.27 -12.39 -38.44
C3 PCW JB . 3.08 -12.30 -39.79
C4 PCW JB . 6.11 -14.68 -38.86
C5 PCW JB . 6.36 -14.51 -40.35
C6 PCW JB . 8.84 -15.06 -40.21
C7 PCW JB . 7.71 -15.00 -42.39
C8 PCW JB . 7.99 -13.60 -41.21
C11 PCW JB . 3.68 -10.66 -41.43
C12 PCW JB . 3.70 -9.16 -41.65
C13 PCW JB . 5.13 -8.64 -41.29
C14 PCW JB . 5.33 -7.13 -41.45
C15 PCW JB . 6.81 -6.65 -41.56
C16 PCW JB . 7.05 -5.37 -40.66
C17 PCW JB . 7.35 -5.61 -39.14
C18 PCW JB . 6.18 -5.29 -38.22
C19 PCW JB . 6.56 -5.31 -36.73
C20 PCW JB . 6.02 -4.42 -35.81
C21 PCW JB . 5.05 -3.30 -35.94
C22 PCW JB . 3.71 -3.80 -35.33
C23 PCW JB . 2.72 -2.73 -34.80
C24 PCW JB . 1.94 -1.96 -35.81
C25 PCW JB . 0.39 -1.83 -35.70
C26 PCW JB . -0.29 -0.96 -36.73
C27 PCW JB . -1.80 -0.66 -36.53
C28 PCW JB . -1.99 0.78 -36.09
C31 PCW JB . 0.40 -11.18 -37.64
C32 PCW JB . -0.98 -10.65 -38.05
C33 PCW JB . -1.54 -9.44 -37.16
C34 PCW JB . -2.05 -9.87 -35.79
C35 PCW JB . -1.87 -8.61 -34.84
C36 PCW JB . -0.38 -8.31 -34.54
C37 PCW JB . -0.12 -7.08 -33.60
C38 PCW JB . -0.96 -5.90 -33.98
C39 PCW JB . -0.72 -4.71 -33.08
C40 PCW JB . -1.44 -4.33 -32.03
C41 PCW JB . -2.69 -5.06 -31.54
C42 PCW JB . -3.93 -4.53 -32.39
C43 PCW JB . -5.05 -3.82 -31.65
C44 PCW JB . -6.09 -3.43 -32.69
C45 PCW JB . -5.98 -2.03 -33.23
C46 PCW JB . -6.32 -1.92 -34.69
C47 PCW JB . -5.58 -0.84 -35.47
C48 PCW JB . -6.01 -0.84 -36.94
N PCW JB . 7.56 -15.01 -40.95
O2 PCW JB . 0.92 -11.81 -38.69
O3 PCW JB . 3.18 -10.93 -40.19
O11 PCW JB . 4.04 -11.47 -42.23
O31 PCW JB . 0.94 -11.06 -36.51
O1P PCW JB . 5.10 -15.68 -36.31
O2P PCW JB . 3.37 -16.74 -37.76
O3P PCW JB . 3.10 -14.30 -36.99
O4P PCW JB . 4.70 -14.98 -38.70
P PCW JB . 4.09 -15.49 -37.40
C1 PCW KB . -2.95 -22.14 -20.94
C2 PCW KB . -4.40 -22.22 -20.33
C3 PCW KB . -5.47 -22.24 -21.48
C4 PCW KB . -2.72 -24.37 -23.79
C5 PCW KB . -4.03 -24.43 -24.58
C6 PCW KB . -4.94 -24.53 -26.96
C7 PCW KB . -3.59 -26.37 -26.06
C8 PCW KB . -5.25 -25.79 -25.49
C11 PCW KB . -7.65 -23.23 -21.42
C12 PCW KB . -8.95 -23.16 -20.68
C13 PCW KB . -9.85 -22.05 -21.33
C14 PCW KB . -11.22 -21.85 -20.68
C15 PCW KB . -11.52 -20.42 -20.16
C16 PCW KB . -13.03 -20.27 -19.76
C17 PCW KB . -13.36 -19.96 -18.26
C18 PCW KB . -13.87 -18.53 -18.04
C19 PCW KB . -15.04 -18.46 -17.03
C20 PCW KB . -15.27 -17.35 -16.23
C21 PCW KB . -14.58 -16.05 -16.09
C22 PCW KB . -15.54 -15.10 -15.32
C23 PCW KB . -15.10 -14.62 -13.91
C24 PCW KB . -16.18 -14.20 -12.97
C25 PCW KB . -16.08 -12.84 -12.21
C26 PCW KB . -16.38 -12.88 -10.72
C27 PCW KB . -15.91 -11.68 -9.86
C28 PCW KB . -15.01 -12.16 -8.74
C31 PCW KB . -4.45 -23.33 -18.24
C32 PCW KB . -4.66 -24.71 -17.58
C33 PCW KB . -6.05 -24.90 -16.80
C34 PCW KB . -5.95 -25.83 -15.60
C35 PCW KB . -5.47 -24.95 -14.39
C36 PCW KB . -6.64 -24.28 -13.63
C37 PCW KB . -6.23 -23.38 -12.41
C38 PCW KB . -7.41 -22.81 -11.71
C39 PCW KB . -7.02 -21.95 -10.54
C40 PCW KB . -7.83 -21.25 -9.74
C41 PCW KB . -9.34 -21.19 -9.89
C42 PCW KB . -9.94 -20.38 -8.67
C43 PCW KB . -10.09 -18.87 -8.79
C44 PCW KB . -10.67 -18.37 -7.48
C45 PCW KB . -10.19 -17.00 -7.05
C46 PCW KB . -9.56 -16.99 -5.69
C47 PCW KB . -8.48 -15.95 -5.47
C48 PCW KB . -7.92 -16.03 -4.04
N PCW KB . -4.05 -25.02 -25.88
O2 PCW KB . -4.57 -23.49 -19.56
O3 PCW KB . -6.78 -22.31 -20.91
O11 PCW KB . -7.41 -24.00 -22.32
O31 PCW KB . -4.22 -22.26 -17.63
O1P PCW KB . -0.70 -24.87 -21.78
O2P PCW KB . -2.64 -25.69 -20.47
O3P PCW KB . -2.05 -23.17 -20.47
O4P PCW KB . -3.08 -24.33 -22.39
P PCW KB . -2.08 -24.58 -21.27
C1 PCW LB . -5.68 -18.83 -36.07
C2 PCW LB . -6.13 -17.50 -35.32
C3 PCW LB . -7.36 -16.87 -36.06
C4 PCW LB . -2.09 -17.17 -35.23
C5 PCW LB . -0.58 -16.94 -35.43
C6 PCW LB . 0.33 -17.21 -33.05
C7 PCW LB . 1.62 -17.99 -34.98
C8 PCW LB . 1.15 -16.25 -34.57
C11 PCW LB . -7.43 -14.47 -35.93
C12 PCW LB . -7.96 -13.36 -35.07
C13 PCW LB . -6.94 -13.12 -33.90
C14 PCW LB . -7.31 -12.01 -32.91
C15 PCW LB . -8.32 -10.94 -33.43
C16 PCW LB . -9.34 -10.55 -32.29
C17 PCW LB . -10.67 -9.86 -32.74
C18 PCW LB . -10.51 -8.38 -33.06
C19 PCW LB . -11.61 -7.84 -34.02
C20 PCW LB . -12.16 -6.58 -33.89
C21 PCW LB . -11.91 -5.47 -32.93
C22 PCW LB . -13.12 -5.45 -31.95
C23 PCW LB . -13.04 -6.34 -30.68
C24 PCW LB . -12.82 -5.64 -29.37
C25 PCW LB . -13.88 -4.66 -28.81
C26 PCW LB . -15.03 -5.26 -28.03
C27 PCW LB . -15.43 -4.60 -26.69
C28 PCW LB . -16.86 -4.13 -26.76
C31 PCW LB . -5.58 -17.78 -33.03
C32 PCW LB . -6.17 -18.12 -31.65
C33 PCW LB . -5.46 -19.31 -30.87
C34 PCW LB . -6.38 -20.49 -30.58
C35 PCW LB . -7.18 -20.09 -29.26
C36 PCW LB . -6.50 -20.59 -27.97
C37 PCW LB . -7.25 -20.23 -26.64
C38 PCW LB . -8.19 -21.31 -26.23
C39 PCW LB . -8.92 -20.99 -24.95
C40 PCW LB . -10.24 -20.97 -24.77
C41 PCW LB . -11.26 -21.28 -25.85
C42 PCW LB . -12.45 -20.22 -25.73
C43 PCW LB . -13.71 -20.46 -26.54
C44 PCW LB . -14.66 -19.30 -26.23
C45 PCW LB . -15.30 -18.67 -27.45
C46 PCW LB . -15.97 -17.36 -27.14
C47 PCW LB . -15.63 -16.20 -28.05
C48 PCW LB . -16.37 -14.93 -27.64
N PCW LB . 0.34 -17.51 -34.50
O2 PCW LB . -6.56 -17.81 -33.93
O3 PCW LB . -7.76 -15.66 -35.39
O11 PCW LB . -6.80 -14.32 -36.96
O31 PCW LB . -4.36 -17.54 -33.27
O1P PCW LB . -3.14 -19.85 -35.64
O2P PCW LB . -2.45 -19.41 -38.00
O3P PCW LB . -4.74 -18.60 -37.15
O4P PCW LB . -2.63 -17.55 -36.52
P PCW LB . -3.19 -18.92 -36.81
C1 PCW MB . -9.08 -31.22 -14.56
C2 PCW MB . -9.51 -30.08 -13.55
C3 PCW MB . -10.04 -28.84 -14.33
C4 PCW MB . -7.56 -33.69 -10.99
C5 PCW MB . -7.38 -35.15 -10.61
C6 PCW MB . -4.91 -35.79 -10.75
C7 PCW MB . -6.23 -36.32 -8.75
C8 PCW MB . -6.45 -36.97 -10.46
C11 PCW MB . -9.43 -27.02 -12.89
C12 PCW MB . -10.03 -26.03 -11.93
C13 PCW MB . -10.66 -24.85 -12.76
C14 PCW MB . -11.32 -23.75 -11.93
C15 PCW MB . -12.27 -22.80 -12.71
C16 PCW MB . -13.64 -22.65 -11.95
C17 PCW MB . -14.54 -21.42 -12.32
C18 PCW MB . -15.31 -20.84 -11.14
C19 PCW MB . -16.03 -19.52 -11.47
C20 PCW MB . -15.55 -18.28 -11.05
C21 PCW MB . -14.35 -17.90 -10.26
C22 PCW MB . -14.00 -16.43 -10.66
C23 PCW MB . -12.61 -15.89 -10.23
C24 PCW MB . -12.36 -14.43 -10.46
C25 PCW MB . -12.04 -13.89 -11.88
C26 PCW MB . -10.75 -14.37 -12.52
C27 PCW MB . -10.81 -14.93 -13.94
C28 PCW MB . -10.85 -16.43 -13.92
C31 PCW MB . -10.22 -30.89 -11.45
C32 PCW MB . -11.46 -31.36 -10.67
C33 PCW MB . -11.51 -30.92 -9.14
C34 PCW MB . -12.49 -31.75 -8.30
C35 PCW MB . -13.93 -31.17 -8.63
C36 PCW MB . -14.53 -30.37 -7.45
C37 PCW MB . -15.95 -29.77 -7.72
C38 PCW MB . -16.25 -28.62 -6.82
C39 PCW MB . -17.61 -28.02 -7.04
C40 PCW MB . -18.17 -27.01 -6.39
C41 PCW MB . -17.50 -26.28 -5.24
C42 PCW MB . -17.27 -24.77 -5.70
C43 PCW MB . -16.00 -24.06 -5.26
C44 PCW MB . -16.04 -22.65 -5.84
C45 PCW MB . -16.05 -21.54 -4.83
C46 PCW MB . -14.87 -20.61 -4.93
C47 PCW MB . -14.07 -20.39 -3.67
C48 PCW MB . -12.89 -19.43 -3.91
N PCW MB . -6.16 -35.59 -9.99
O2 PCW MB . -10.61 -30.56 -12.67
O3 PCW MB . -10.42 -27.81 -13.39
O11 PCW MB . -8.26 -27.11 -13.15
O31 PCW MB . -9.03 -30.85 -10.99
O1P PCW MB . -9.69 -33.43 -12.97
O2P PCW MB . -8.02 -34.56 -14.45
O3P PCW MB . -7.96 -32.00 -14.12
O4P PCW MB . -7.24 -33.58 -12.40
P PCW MB . -8.29 -33.45 -13.50
C1 PCW NB . 3.69 -25.32 -14.53
C2 PCW NB . 2.93 -24.04 -14.01
C3 PCW NB . 3.93 -22.83 -13.90
C4 PCW NB . 0.84 -25.75 -18.55
C5 PCW NB . -0.36 -26.50 -17.96
C6 PCW NB . -2.40 -27.99 -18.35
C7 PCW NB . -0.45 -28.15 -19.82
C8 PCW NB . -0.54 -28.55 -18.02
C11 PCW NB . 3.73 -21.01 -12.35
C12 PCW NB . 2.85 -19.84 -12.02
C13 PCW NB . 1.53 -20.38 -11.36
C14 PCW NB . 0.51 -19.31 -10.95
C15 PCW NB . 0.01 -19.38 -9.49
C16 PCW NB . 0.17 -17.99 -8.78
C17 PCW NB . -0.99 -16.95 -8.98
C18 PCW NB . -1.70 -16.56 -7.68
C19 PCW NB . -2.14 -15.08 -7.65
C20 PCW NB . -2.63 -14.47 -6.50
C21 PCW NB . -2.83 -14.98 -5.13
C22 PCW NB . -3.51 -13.82 -4.32
C23 PCW NB . -4.62 -14.20 -3.31
C24 PCW NB . -4.97 -13.16 -2.28
C25 PCW NB . -4.02 -12.87 -1.08
C26 PCW NB . -4.65 -12.25 0.15
C27 PCW NB . -4.28 -10.79 0.48
C28 PCW NB . -4.23 -10.60 1.98
C31 PCW NB . 0.63 -23.84 -14.55
C32 PCW NB . -0.34 -23.39 -15.65
C33 PCW NB . -1.31 -22.18 -15.26
C34 PCW NB . -2.61 -22.63 -14.59
C35 PCW NB . -3.06 -21.43 -13.67
C36 PCW NB . -2.81 -21.70 -12.16
C37 PCW NB . -3.23 -20.55 -11.20
C38 PCW NB . -3.47 -21.05 -9.81
C39 PCW NB . -3.88 -19.95 -8.86
C40 PCW NB . -3.72 -19.93 -7.54
C41 PCW NB . -3.07 -21.06 -6.75
C42 PCW NB . -2.34 -20.42 -5.49
C43 PCW NB . -2.58 -21.03 -4.13
C44 PCW NB . -1.77 -20.23 -3.13
C45 PCW NB . -2.54 -19.20 -2.34
C46 PCW NB . -2.06 -17.79 -2.54
C47 PCW NB . -1.47 -17.10 -1.33
C48 PCW NB . -1.03 -15.67 -1.68
N PCW NB . -1.11 -27.39 -18.78
O2 PCW NB . 1.87 -23.65 -14.99
O3 PCW NB . 3.22 -21.67 -13.43
O11 PCW NB . 4.72 -21.32 -11.76
O31 PCW NB . 0.30 -24.32 -13.42
O1P PCW NB . 3.13 -27.50 -17.30
O2P PCW NB . 3.43 -25.61 -18.01
O3P PCW NB . 3.89 -25.35 -15.96
O4P PCW NB . 1.64 -25.30 -17.42
P PCW NB . 2.76 -26.13 -16.80
C1 PCW OB . 23.48 -7.55 -33.27
C2 PCW OB . 23.18 -6.67 -31.99
C3 PCW OB . 23.53 -7.48 -30.69
C4 PCW OB . 27.27 -8.74 -32.15
C5 PCW OB . 28.71 -9.18 -32.45
C6 PCW OB . 29.86 -7.71 -30.72
C7 PCW OB . 30.98 -9.71 -31.59
C8 PCW OB . 30.48 -8.19 -32.52
C11 PCW OB . 21.98 -6.70 -29.03
C12 PCW OB . 21.90 -5.79 -27.83
C13 PCW OB . 21.79 -4.31 -28.34
C14 PCW OB . 21.69 -3.25 -27.24
C15 PCW OB . 22.63 -2.02 -27.41
C16 PCW OB . 24.08 -2.36 -26.92
C17 PCW OB . 24.88 -1.23 -26.17
C18 PCW OB . 25.26 -0.06 -27.09
C19 PCW OB . 26.62 -0.25 -27.77
C20 PCW OB . 27.13 0.66 -28.70
C21 PCW OB . 26.59 1.92 -29.25
C22 PCW OB . 26.99 3.05 -28.24
C23 PCW OB . 25.83 3.72 -27.45
C24 PCW OB . 25.82 5.22 -27.42
C25 PCW OB . 24.53 6.01 -27.76
C26 PCW OB . 24.30 7.29 -26.98
C27 PCW OB . 23.63 7.16 -25.59
C28 PCW OB . 23.78 8.46 -24.83
C31 PCW OB . 23.33 -4.31 -32.15
C32 PCW OB . 24.33 -3.15 -32.14
C33 PCW OB . 24.06 -2.02 -31.03
C34 PCW OB . 23.29 -0.81 -31.57
C35 PCW OB . 23.44 0.31 -30.46
C36 PCW OB . 22.51 1.51 -30.70
C37 PCW OB . 22.61 2.66 -29.64
C38 PCW OB . 21.30 2.95 -29.00
C39 PCW OB . 21.37 4.06 -27.98
C40 PCW OB . 21.41 3.92 -26.65
C41 PCW OB . 21.39 2.58 -25.93
C42 PCW OB . 20.17 2.60 -24.91
C43 PCW OB . 20.46 2.81 -23.43
C44 PCW OB . 19.13 2.78 -22.70
C45 PCW OB . 18.77 4.05 -21.98
C46 PCW OB . 17.29 4.32 -21.93
C47 PCW OB . 16.74 5.22 -23.01
C48 PCW OB . 15.22 5.42 -22.85
N PCW OB . 29.74 -8.96 -31.49
O2 PCW OB . 24.02 -5.44 -32.00
O3 PCW OB . 23.26 -6.67 -29.54
O11 PCW OB . 21.08 -7.34 -29.48
O31 PCW OB . 22.08 -4.21 -32.28
O1P PCW OB . 25.17 -9.61 -33.95
O2P PCW OB . 26.40 -8.18 -35.57
O3P PCW OB . 24.65 -7.14 -34.00
O4P PCW OB . 26.86 -7.89 -33.25
P PCW OB . 25.77 -8.27 -34.24
C1 PCW PB . 11.41 -37.90 16.75
C2 PCW PB . 12.77 -37.16 17.06
C3 PCW PB . 12.87 -35.84 16.23
C4 PCW PB . 13.16 -41.32 17.86
C5 PCW PB . 14.43 -41.23 17.01
C6 PCW PB . 16.60 -40.21 17.23
C7 PCW PB . 16.42 -42.53 17.28
C8 PCW PB . 15.72 -41.40 19.12
C11 PCW PB . 15.17 -35.36 15.67
C12 PCW PB . 16.35 -34.58 16.16
C13 PCW PB . 17.02 -35.38 17.35
C14 PCW PB . 18.26 -34.72 17.97
C15 PCW PB . 18.31 -34.75 19.52
C16 PCW PB . 19.71 -34.25 20.03
C17 PCW PB . 19.99 -34.38 21.57
C18 PCW PB . 19.92 -33.05 22.32
C19 PCW PB . 21.28 -32.56 22.84
C20 PCW PB . 21.42 -31.69 23.90
C21 PCW PB . 20.42 -31.01 24.78
C22 PCW PB . 21.09 -29.72 25.32
C23 PCW PB . 21.08 -29.48 26.85
C24 PCW PB . 22.00 -28.43 27.38
C25 PCW PB . 22.11 -28.15 28.91
C26 PCW PB . 23.22 -27.21 29.35
C27 PCW PB . 22.89 -26.16 30.43
C28 PCW PB . 22.45 -24.86 29.79
C31 PCW PB . 13.65 -37.55 19.23
C32 PCW PB . 13.61 -37.06 20.68
C33 PCW PB . 13.39 -35.48 20.88
C34 PCW PB . 12.31 -35.14 21.91
C35 PCW PB . 13.04 -35.15 23.32
C36 PCW PB . 12.06 -35.42 24.48
C37 PCW PB . 12.71 -35.44 25.90
C38 PCW PB . 12.67 -34.11 26.57
C39 PCW PB . 13.28 -34.11 27.93
C40 PCW PB . 12.84 -33.48 29.02
C41 PCW PB . 11.59 -32.61 29.05
C42 PCW PB . 12.04 -31.08 28.92
C43 PCW PB . 10.96 -30.02 28.80
C44 PCW PB . 11.67 -28.68 28.70
C45 PCW PB . 11.11 -27.74 27.66
C46 PCW PB . 9.96 -26.92 28.14
C47 PCW PB . 9.36 -25.95 27.15
C48 PCW PB . 8.18 -25.18 27.76
N PCW PB . 15.73 -41.33 17.63
O2 PCW PB . 12.83 -36.79 18.50
O3 PCW PB . 14.11 -35.17 16.52
O11 PCW PB . 15.15 -36.05 14.68
O31 PCW PB . 14.35 -38.52 18.80
O1P PCW PB . 10.62 -40.73 19.18
O2P PCW PB . 9.76 -40.66 16.84
O3P PCW PB . 10.86 -38.58 17.89
O4P PCW PB . 12.13 -40.53 17.17
P PCW PB . 10.79 -40.18 17.79
C1 PCW QB . 10.53 -36.88 5.35
C2 PCW QB . 9.27 -36.08 4.82
C3 PCW QB . 8.51 -36.92 3.73
C4 PCW QB . 8.39 -39.83 7.65
C5 PCW QB . 7.19 -39.57 8.57
C6 PCW QB . 5.53 -40.17 10.21
C7 PCW QB . 7.57 -41.31 10.18
C8 PCW QB . 6.10 -41.78 8.50
C11 PCW QB . 6.14 -36.59 3.65
C12 PCW QB . 5.09 -35.68 3.05
C13 PCW QB . 4.47 -36.40 1.81
C14 PCW QB . 3.38 -35.61 1.08
C15 PCW QB . 3.82 -34.88 -0.23
C16 PCW QB . 2.61 -34.12 -0.88
C17 PCW QB . 2.14 -32.80 -0.17
C18 PCW QB . 0.69 -32.42 -0.51
C19 PCW QB . -0.35 -33.13 0.40
C20 PCW QB . -1.45 -32.46 0.94
C21 PCW QB . -1.92 -31.06 0.81
C22 PCW QB . -3.17 -30.94 1.72
C23 PCW QB . -4.55 -30.82 1.01
C24 PCW QB . -5.39 -29.62 1.35
C25 PCW QB . -5.84 -29.34 2.81
C26 PCW QB . -5.45 -27.99 3.39
C27 PCW QB . -5.07 -27.93 4.88
C28 PCW QB . -6.30 -27.61 5.71
C31 PCW QB . 8.42 -34.61 6.47
C32 PCW QB . 7.39 -34.49 7.60
C33 PCW QB . 6.07 -33.67 7.23
C34 PCW QB . 5.03 -34.51 6.49
C35 PCW QB . 3.63 -33.92 6.95
C36 PCW QB . 3.05 -34.66 8.18
C37 PCW QB . 1.68 -34.14 8.69
C38 PCW QB . 1.81 -32.91 9.52
C39 PCW QB . 0.50 -32.38 10.03
C40 PCW QB . 0.23 -31.15 10.42
C41 PCW QB . 1.24 -30.01 10.41
C42 PCW QB . 0.45 -28.63 10.55
C43 PCW QB . 0.59 -27.60 9.45
C44 PCW QB . -0.26 -26.41 9.83
C45 PCW QB . 0.02 -25.14 9.07
C46 PCW QB . 0.79 -24.12 9.84
C47 PCW QB . 1.33 -22.95 9.05
C48 PCW QB . 2.10 -21.98 9.96
N PCW QB . 6.62 -40.65 9.33
O2 PCW QB . 8.32 -35.83 5.94
O3 PCW QB . 7.37 -36.18 3.27
O11 PCW QB . 5.90 -37.54 4.36
O31 PCW QB . 9.23 -33.71 6.12
O1P PCW QB . 10.73 -39.53 6.00
O2P PCW QB . 11.82 -38.88 8.14
O3P PCW QB . 10.53 -37.12 6.77
O4P PCW QB . 9.42 -38.89 8.04
P PCW QB . 10.68 -38.67 7.22
C1 PCW RB . -0.73 -32.25 -7.99
C2 PCW RB . -0.40 -31.08 -6.99
C3 PCW RB . 0.56 -30.04 -7.67
C4 PCW RB . -3.91 -34.02 -5.41
C5 PCW RB . -3.54 -34.59 -4.05
C6 PCW RB . -1.18 -34.44 -3.08
C7 PCW RB . -2.98 -33.05 -2.18
C8 PCW RB . -2.85 -34.89 -2.14
C11 PCW RB . 0.41 -27.74 -7.05
C12 PCW RB . 0.81 -26.78 -5.95
C13 PCW RB . 0.72 -25.31 -6.51
C14 PCW RB . 1.10 -24.21 -5.51
C15 PCW RB . 0.84 -22.75 -6.00
C16 PCW RB . 1.39 -21.71 -4.95
C17 PCW RB . 1.51 -20.22 -5.42
C18 PCW RB . 2.90 -19.86 -5.97
C19 PCW RB . 3.00 -20.08 -7.49
C20 PCW RB . 4.03 -19.53 -8.25
C21 PCW RB . 5.18 -18.67 -7.90
C22 PCW RB . 5.89 -18.31 -9.23
C23 PCW RB . 5.54 -16.95 -9.88
C24 PCW RB . 5.79 -15.72 -9.06
C25 PCW RB . 5.02 -14.40 -9.31
C26 PCW RB . 4.34 -13.76 -8.12
C27 PCW RB . 4.40 -12.22 -7.98
C28 PCW RB . 5.18 -11.83 -6.75
C31 PCW RB . -2.14 -30.70 -5.42
C32 PCW RB . -3.40 -29.87 -5.17
C33 PCW RB . -3.26 -28.69 -4.10
C34 PCW RB . -3.63 -29.12 -2.68
C35 PCW RB . -4.31 -27.85 -2.02
C36 PCW RB . -3.38 -27.15 -0.99
C37 PCW RB . -3.98 -25.88 -0.30
C38 PCW RB . -2.92 -25.02 0.29
C39 PCW RB . -3.48 -23.79 0.97
C40 PCW RB . -3.17 -23.32 2.16
C41 PCW RB . -2.15 -23.97 3.10
C42 PCW RB . -2.01 -23.02 4.39
C43 PCW RB . -2.89 -23.31 5.59
C44 PCW RB . -2.54 -22.27 6.65
C45 PCW RB . -3.61 -21.24 6.91
C46 PCW RB . -3.36 -20.41 8.12
C47 PCW RB . -4.23 -19.18 8.29
C48 PCW RB . -3.86 -18.42 9.57
N PCW RB . -2.55 -33.93 -3.25
O2 PCW RB . -1.64 -30.36 -6.60
O3 PCW RB . 0.86 -28.99 -6.74
O11 PCW RB . -0.21 -27.44 -8.03
O31 PCW RB . -1.65 -31.56 -4.62
O1P PCW RB . -3.92 -34.34 -8.30
O2P PCW RB . -1.55 -35.04 -7.90
O3P PCW RB . -2.14 -32.54 -8.11
O4P PCW RB . -2.68 -33.87 -6.15
P PCW RB . -2.59 -34.02 -7.66
C1 PCW SB . 19.91 -15.69 -19.35
C2 PCW SB . 18.86 -14.61 -19.85
C3 PCW SB . 18.67 -13.52 -18.75
C4 PCW SB . 21.08 -19.93 -19.31
C5 PCW SB . 21.68 -21.17 -19.96
C6 PCW SB . 22.89 -22.71 -18.32
C7 PCW SB . 21.01 -23.53 -19.66
C8 PCW SB . 22.65 -22.94 -20.26
C11 PCW SB . 16.74 -12.13 -18.36
C12 PCW SB . 15.85 -11.15 -19.07
C13 PCW SB . 15.40 -10.04 -18.03
C14 PCW SB . 14.48 -8.96 -18.60
C15 PCW SB . 13.87 -7.98 -17.55
C16 PCW SB . 14.52 -6.55 -17.69
C17 PCW SB . 13.89 -5.58 -18.75
C18 PCW SB . 14.92 -4.73 -19.48
C19 PCW SB . 14.37 -4.09 -20.78
C20 PCW SB . 13.77 -2.84 -20.81
C21 PCW SB . 13.49 -1.83 -19.75
C22 PCW SB . 11.96 -1.90 -19.45
C23 PCW SB . 11.22 -0.56 -19.23
C24 PCW SB . 9.74 -0.55 -19.46
C25 PCW SB . 8.99 0.77 -19.82
C26 PCW SB . 8.16 1.38 -18.71
C27 PCW SB . 8.86 2.37 -17.75
C28 PCW SB . 8.33 2.18 -16.35
C31 PCW SB . 18.85 -14.39 -22.21
C32 PCW SB . 19.47 -13.59 -23.36
C33 PCW SB . 19.13 -12.02 -23.37
C34 PCW SB . 20.33 -11.14 -23.04
C35 PCW SB . 20.06 -10.57 -21.58
C36 PCW SB . 21.29 -9.85 -20.99
C37 PCW SB . 21.08 -9.27 -19.55
C38 PCW SB . 22.08 -8.21 -19.24
C39 PCW SB . 21.91 -7.63 -17.86
C40 PCW SB . 21.94 -6.33 -17.52
C41 PCW SB . 22.15 -5.21 -18.53
C42 PCW SB . 23.34 -4.29 -17.99
C43 PCW SB . 23.52 -2.91 -18.59
C44 PCW SB . 24.72 -2.27 -17.89
C45 PCW SB . 24.41 -1.02 -17.12
C46 PCW SB . 25.65 -0.26 -16.71
C47 PCW SB . 26.20 -0.56 -15.33
C48 PCW SB . 27.46 0.28 -15.04
N PCW SB . 21.75 -22.38 -19.22
O2 PCW SB . 19.37 -13.93 -21.07
O3 PCW SB . 17.71 -12.55 -19.22
O11 PCW SB . 16.62 -12.50 -17.23
O31 PCW SB . 18.01 -15.32 -22.33
O1P PCW SB . 18.80 -18.17 -18.99
O2P PCW SB . 18.70 -18.35 -21.48
O3P PCW SB . 20.28 -16.65 -20.37
O4P PCW SB . 20.71 -19.03 -20.39
P PCW SB . 19.54 -18.07 -20.30
C1 PCW TB . 15.25 -21.77 -19.92
C2 PCW TB . 14.39 -20.44 -20.01
C3 PCW TB . 13.07 -20.61 -19.18
C4 PCW TB . 17.30 -20.32 -23.39
C5 PCW TB . 16.28 -19.28 -23.85
C6 PCW TB . 15.71 -16.79 -23.94
C7 PCW TB . 17.92 -17.59 -24.64
C8 PCW TB . 16.28 -17.96 -25.42
C11 PCW TB . 11.18 -19.39 -20.03
C12 PCW TB . 10.54 -18.02 -19.97
C13 PCW TB . 9.94 -17.82 -18.53
C14 PCW TB . 9.25 -16.47 -18.32
C15 PCW TB . 9.74 -15.66 -17.08
C16 PCW TB . 8.85 -15.95 -15.82
C17 PCW TB . 9.40 -15.51 -14.42
C18 PCW TB . 9.12 -16.52 -13.31
C19 PCW TB . 10.34 -16.76 -12.38
C20 PCW TB . 10.38 -16.31 -11.08
C21 PCW TB . 9.39 -15.57 -10.25
C22 PCW TB . 9.74 -14.06 -10.38
C23 PCW TB . 8.68 -13.04 -9.87
C24 PCW TB . 7.95 -12.25 -10.90
C25 PCW TB . 7.76 -10.70 -10.75
C26 PCW TB . 6.33 -10.20 -10.73
C27 PCW TB . 6.10 -8.72 -10.36
C28 PCW TB . 4.92 -8.58 -9.44
C31 PCW TB . 15.19 -18.23 -20.22
C32 PCW TB . 15.98 -17.14 -19.48
C33 PCW TB . 15.17 -15.79 -19.19
C34 PCW TB . 15.08 -14.86 -20.40
C35 PCW TB . 13.67 -14.13 -20.28
C36 PCW TB . 12.73 -14.49 -21.45
C37 PCW TB . 11.32 -13.81 -21.40
C38 PCW TB . 11.19 -12.73 -22.43
C39 PCW TB . 9.84 -12.06 -22.41
C40 PCW TB . 9.55 -10.90 -21.82
C41 PCW TB . 10.53 -10.04 -21.06
C42 PCW TB . 10.68 -8.65 -21.81
C43 PCW TB . 11.76 -7.68 -21.35
C44 PCW TB . 11.66 -6.45 -22.24
C45 PCW TB . 10.77 -5.35 -21.72
C46 PCW TB . 10.60 -4.21 -22.68
C47 PCW TB . 9.56 -3.17 -22.32
C48 PCW TB . 9.50 -2.06 -23.38
N PCW TB . 16.68 -17.91 -23.98
O2 PCW TB . 15.14 -19.30 -19.42
O3 PCW TB . 12.31 -19.40 -19.27
O11 PCW TB . 10.76 -20.34 -20.64
O31 PCW TB . 14.70 -18.13 -21.38
O1P PCW TB . 18.76 -21.92 -21.45
O2P PCW TB . 16.86 -23.51 -21.76
O3P PCW TB . 16.67 -21.55 -20.11
O4P PCW TB . 16.58 -21.25 -22.53
P PCW TB . 17.28 -22.11 -21.48
C1 PCW UB . 28.57 -19.18 -19.10
C2 PCW UB . 27.51 -18.02 -18.89
C3 PCW UB . 26.26 -18.58 -18.13
C4 PCW UB . 31.56 -15.96 -20.73
C5 PCW UB . 31.01 -14.60 -21.18
C6 PCW UB . 31.51 -14.55 -23.68
C7 PCW UB . 29.39 -13.69 -22.82
C8 PCW UB . 31.09 -13.04 -22.49
C11 PCW UB . 24.35 -17.34 -18.89
C12 PCW UB . 23.46 -16.19 -18.50
C13 PCW UB . 24.30 -14.86 -18.60
C14 PCW UB . 23.56 -13.59 -18.23
C15 PCW UB . 23.63 -13.16 -16.73
C16 PCW UB . 24.80 -12.14 -16.50
C17 PCW UB . 24.48 -10.61 -16.69
C18 PCW UB . 24.06 -9.90 -15.40
C19 PCW UB . 25.27 -9.52 -14.51
C20 PCW UB . 25.77 -8.23 -14.46
C21 PCW UB . 25.38 -6.97 -15.14
C22 PCW UB . 26.42 -5.89 -14.73
C23 PCW UB . 25.93 -4.42 -14.61
C24 PCW UB . 25.43 -3.99 -13.27
C25 PCW UB . 23.91 -4.05 -12.91
C26 PCW UB . 22.95 -3.45 -13.92
C27 PCW UB . 21.89 -2.46 -13.42
C28 PCW UB . 21.60 -1.42 -14.47
C31 PCW UB . 28.19 -15.77 -18.68
C32 PCW UB . 28.80 -14.75 -17.68
C33 PCW UB . 27.91 -14.45 -16.38
C34 PCW UB . 28.35 -15.25 -15.15
C35 PCW UB . 27.01 -15.57 -14.36
C36 PCW UB . 27.28 -16.23 -12.98
C37 PCW UB . 26.01 -16.57 -12.14
C38 PCW UB . 26.30 -16.63 -10.68
C39 PCW UB . 25.09 -16.96 -9.85
C40 PCW UB . 24.68 -16.34 -8.75
C41 PCW UB . 25.39 -15.15 -8.12
C42 PCW UB . 24.29 -14.21 -7.45
C43 PCW UB . 24.69 -13.38 -6.23
C44 PCW UB . 23.46 -12.60 -5.80
C45 PCW UB . 23.73 -11.39 -4.94
C46 PCW UB . 22.52 -10.53 -4.70
C47 PCW UB . 22.61 -9.57 -3.55
C48 PCW UB . 21.31 -8.75 -3.42
N PCW UB . 30.58 -14.44 -22.54
O2 PCW UB . 28.09 -16.94 -18.05
O3 PCW UB . 25.30 -17.53 -17.94
O11 PCW UB . 24.23 -17.99 -19.90
O31 PCW UB . 27.85 -15.51 -19.87
O1P PCW UB . 31.96 -18.85 -20.66
O2P PCW UB . 29.68 -18.86 -21.69
O3P PCW UB . 29.95 -18.72 -19.14
O4P PCW UB . 30.42 -16.85 -20.63
P PCW UB . 30.53 -18.36 -20.59
C1 PCW VB . 39.63 -20.63 -13.60
C2 PCW VB . 38.57 -19.47 -13.47
C3 PCW VB . 37.23 -19.85 -14.18
C4 PCW VB . 36.30 -23.53 -11.94
C5 PCW VB . 34.89 -23.00 -11.76
C6 PCW VB . 33.04 -24.33 -10.62
C7 PCW VB . 34.08 -22.41 -9.49
C8 PCW VB . 33.07 -22.40 -11.03
C11 PCW VB . 35.09 -19.02 -13.44
C12 PCW VB . 34.27 -17.77 -13.40
C13 PCW VB . 34.17 -17.29 -11.91
C14 PCW VB . 33.35 -16.01 -11.69
C15 PCW VB . 31.80 -16.17 -11.69
C16 PCW VB . 31.29 -16.67 -10.30
C17 PCW VB . 30.63 -18.09 -10.24
C18 PCW VB . 31.21 -18.99 -9.16
C19 PCW VB . 30.28 -20.16 -8.79
C20 PCW VB . 29.53 -20.19 -7.61
C21 PCW VB . 29.40 -19.22 -6.49
C22 PCW VB . 28.07 -18.45 -6.70
C23 PCW VB . 27.71 -17.35 -5.67
C24 PCW VB . 26.28 -17.31 -5.18
C25 PCW VB . 25.90 -16.60 -3.85
C26 PCW VB . 25.69 -17.48 -2.64
C27 PCW VB . 26.63 -17.29 -1.43
C28 PCW VB . 25.85 -16.72 -0.27
C31 PCW VB . 38.80 -18.10 -11.56
C32 PCW VB . 38.40 -17.97 -10.08
C33 PCW VB . 39.56 -18.39 -9.03
C34 PCW VB . 39.62 -17.46 -7.82
C35 PCW VB . 40.31 -16.13 -8.34
C36 PCW VB . 39.33 -14.94 -8.38
C37 PCW VB . 39.94 -13.58 -8.87
C38 PCW VB . 38.88 -12.67 -9.41
C39 PCW VB . 39.45 -11.35 -9.89
C40 PCW VB . 38.91 -10.54 -10.80
C41 PCW VB . 37.60 -10.81 -11.53
C42 PCW VB . 36.63 -9.58 -11.29
C43 PCW VB . 36.21 -9.24 -9.87
C44 PCW VB . 35.29 -8.03 -9.96
C45 PCW VB . 35.49 -7.00 -8.87
C46 PCW VB . 34.19 -6.44 -8.35
C47 PCW VB . 33.51 -7.23 -7.24
C48 PCW VB . 32.21 -6.56 -6.81
N PCW VB . 34.15 -23.34 -10.60
O2 PCW VB . 38.27 -19.22 -12.04
O3 PCW VB . 36.29 -18.78 -14.04
O11 PCW VB . 34.74 -20.09 -13.01
O31 PCW VB . 39.51 -17.27 -12.21
O1P PCW VB . 39.18 -23.90 -11.89
O2P PCW VB . 39.15 -21.59 -10.97
O3P PCW VB . 39.08 -21.97 -13.52
O4P PCW VB . 37.17 -22.38 -12.06
P PCW VB . 38.69 -22.49 -12.04
C1 PCW WB . -16.26 -35.49 -10.58
C2 PCW WB . -16.18 -33.95 -10.27
C3 PCW WB . -16.61 -33.14 -11.54
C4 PCW WB . -14.60 -37.87 -8.27
C5 PCW WB . -14.02 -37.12 -7.05
C6 PCW WB . -14.14 -36.18 -4.84
C7 PCW WB . -14.51 -38.46 -5.14
C8 PCW WB . -16.16 -37.05 -5.81
C11 PCW WB . -16.00 -30.93 -12.22
C12 PCW WB . -16.02 -29.49 -11.75
C13 PCW WB . -14.58 -28.90 -11.91
C14 PCW WB . -14.42 -27.44 -11.48
C15 PCW WB . -14.09 -27.21 -9.97
C16 PCW WB . -14.50 -25.76 -9.54
C17 PCW WB . -14.12 -25.32 -8.08
C18 PCW WB . -12.66 -24.93 -7.91
C19 PCW WB . -11.97 -25.65 -6.73
C20 PCW WB . -11.83 -25.06 -5.48
C21 PCW WB . -12.24 -23.74 -4.93
C22 PCW WB . -11.42 -23.53 -3.63
C23 PCW WB . -10.37 -22.38 -3.62
C24 PCW WB . -9.45 -22.32 -2.45
C25 PCW WB . -7.91 -22.15 -2.64
C26 PCW WB . -7.36 -20.75 -2.45
C27 PCW WB . -6.51 -20.47 -1.20
C28 PCW WB . -6.77 -19.07 -0.69
C31 PCW WB . -16.74 -33.97 -7.96
C32 PCW WB . -17.84 -33.54 -6.96
C33 PCW WB . -17.34 -32.61 -5.76
C34 PCW WB . -16.75 -33.38 -4.58
C35 PCW WB . -17.23 -32.60 -3.29
C36 PCW WB . -16.12 -31.72 -2.68
C37 PCW WB . -16.53 -30.92 -1.41
C38 PCW WB . -16.69 -29.46 -1.68
C39 PCW WB . -17.10 -28.67 -0.47
C40 PCW WB . -17.83 -27.57 -0.44
C41 PCW WB . -18.40 -26.90 -1.68
C42 PCW WB . -19.98 -27.16 -1.70
C43 PCW WB . -20.88 -26.08 -2.28
C44 PCW WB . -22.31 -26.59 -2.17
C45 PCW WB . -23.11 -26.01 -1.03
C46 PCW WB . -23.88 -24.77 -1.40
C47 PCW WB . -24.94 -24.34 -0.42
C48 PCW WB . -25.66 -23.06 -0.90
N PCW WB . -14.68 -37.19 -5.78
O2 PCW WB . -17.15 -33.61 -9.19
O3 PCW WB . -16.54 -31.73 -11.27
O11 PCW WB . -15.57 -31.30 -13.28
O31 PCW WB . -15.67 -34.55 -7.66
O1P PCW WB . -15.77 -38.39 -10.88
O2P PCW WB . -13.46 -37.92 -11.68
O3P PCW WB . -15.09 -36.00 -11.27
O4P PCW WB . -14.04 -37.25 -9.45
P PCW WB . -14.60 -37.47 -10.85
C1 17F XB . 42.73 -20.99 5.53
N1 17F XB . 44.40 -19.93 4.00
O1 17F XB . 45.12 -19.83 7.19
P1 17F XB . 43.83 -20.42 7.75
C2 17F XB . 43.81 -21.18 4.46
O2 17F XB . 43.93 -21.12 9.07
C3 17F XB . 43.22 -21.95 3.25
O3 17F XB . 43.18 -21.44 6.77
C4 17F XB . 41.42 -19.65 8.44
O4 17F XB . 43.27 -21.49 2.05
C5 17F XB . 40.47 -18.42 8.55
O5 17F XB . 42.68 -23.03 3.41
C6 17F XB . 41.17 -17.28 9.33
O6 17F XB . 42.72 -19.32 7.93
C7 17F XB . 39.58 -16.03 10.52
O7 17F XB . 40.33 -16.15 9.46
C8 17F XB . 38.79 -14.70 10.40
O8 17F XB . 39.46 -16.75 11.47
C9 17F XB . 38.66 -13.94 11.75
O9 17F XB . 40.01 -17.98 7.28
C10 17F XB . 37.87 -12.60 11.71
O10 17F XB . 38.55 -19.68 6.71
C11 17F XB . 36.30 -12.76 11.69
C12 17F XB . 35.56 -11.37 11.65
C17 17F XB . 38.84 -18.50 6.96
C18 17F XB . 37.76 -17.44 6.87
C19 17F XB . 36.44 -17.81 7.58
C20 17F XB . 36.40 -17.35 9.09
C1X 17F XB . 34.03 -11.57 11.65
C1Y 17F XB . 35.05 -17.74 9.75
C1Z 17F XB . 33.89 -16.99 9.08
C2X 17F XB . 33.24 -10.17 11.60
C21 17F XB . 33.42 -9.42 10.25
C22 17F XB . 34.10 -8.33 10.11
C23 17F XB . 34.82 -7.57 11.16
C24 17F XB . 34.16 -6.25 11.56
C25 17F XB . 34.88 -5.45 12.63
C26 17F XB . 34.86 -3.86 12.45
C27 17F XB . 35.58 -3.08 13.53
C28 17F XB . 35.46 -1.55 13.17
C29 17F XB . 35.65 -0.75 14.40
C30 17F XB . 35.56 0.73 14.21
C31 17F XB . 33.96 -15.42 9.07
C32 17F XB . 32.77 -14.70 8.38
C33 17F XB . 33.25 -14.12 7.05
C34 17F XB . 32.48 -13.44 6.20
C35 17F XB . 31.02 -13.10 6.36
C36 17F XB . 30.74 -11.75 7.07
C37 17F XB . 29.28 -11.46 7.01
C38 17F XB . 28.44 -12.09 8.15
C39 17F XB . 26.94 -11.75 8.00
C40 17F XB . 26.15 -13.00 7.58
C41 17F XB . 24.62 -12.85 7.98
C42 17F XB . 24.14 -13.48 9.29
C1 17F YB . 16.43 -32.92 -6.89
N1 17F YB . 16.33 -32.79 -9.38
O1 17F YB . 18.31 -33.16 -4.46
P1 17F YB . 16.93 -33.76 -4.55
C2 17F YB . 15.69 -33.30 -8.18
O2 17F YB . 16.70 -35.05 -3.82
C3 17F YB . 14.24 -32.78 -8.12
O3 17F YB . 16.48 -34.00 -6.02
C4 17F YB . 14.44 -33.12 -3.98
O4 17F YB . 13.74 -32.01 -9.02
C5 17F YB . 13.51 -32.02 -3.39
O5 17F YB . 13.50 -33.08 -7.19
C6 17F YB . 13.95 -31.68 -1.95
O6 17F YB . 15.82 -32.77 -4.00
C7 17F YB . 12.31 -30.99 -0.43
O7 17F YB . 13.12 -30.67 -1.38
C8 17F YB . 11.52 -29.72 -0.01
O8 17F YB . 12.11 -32.06 0.11
C9 17F YB . 12.40 -28.69 0.76
O9 17F YB . 13.45 -30.85 -4.21
C10 17F YB . 11.65 -27.37 1.20
O10 17F YB . 11.81 -31.44 -5.72
C11 17F YB . 12.08 -26.09 0.39
C12 17F YB . 11.30 -24.81 0.89
C17 17F YB . 12.29 -30.74 -4.82
C18 17F YB . 11.48 -29.57 -4.31
C19 17F YB . 10.24 -29.96 -3.47
C20 17F YB . 8.90 -29.78 -4.27
C1X 17F YB . 11.75 -23.57 0.08
C1Y 17F YB . 7.69 -30.18 -3.40
C1Z 17F YB . 7.35 -29.08 -2.39
C2X 17F YB . 10.98 -22.24 0.54
C21 17F YB . 9.77 -21.90 -0.37
C22 17F YB . 9.59 -20.78 -0.99
C23 17F YB . 10.48 -19.61 -0.97
C24 17F YB . 9.79 -18.29 -1.28
C25 17F YB . 10.66 -17.04 -1.27
C26 17F YB . 9.91 -15.68 -0.93
C27 17F YB . 10.79 -14.45 -0.92
C28 17F YB . 9.89 -13.21 -0.56
C29 17F YB . 9.55 -12.49 -1.81
C30 17F YB . 8.68 -11.28 -1.61
C31 17F YB . 7.64 -29.40 -0.87
C32 17F YB . 7.30 -28.26 0.12
C33 17F YB . 7.89 -28.60 1.49
C34 17F YB . 7.78 -27.83 2.58
C35 17F YB . 7.07 -26.50 2.69
C36 17F YB . 5.67 -26.57 3.37
C37 17F YB . 4.65 -26.04 2.43
C38 17F YB . 3.65 -25.04 3.06
C39 17F YB . 2.63 -24.53 2.02
C40 17F YB . 1.81 -23.38 2.61
C41 17F YB . 2.17 -22.01 1.89
C42 17F YB . 1.74 -20.69 2.54
C1 17F ZB . 11.25 -25.70 -17.38
N1 17F ZB . 11.02 -27.39 -15.56
O1 17F ZB . 13.11 -22.73 -16.93
P1 17F ZB . 12.47 -23.85 -16.14
C2 17F ZB . 10.33 -26.65 -16.61
O2 17F ZB . 13.36 -25.01 -15.78
C3 17F ZB . 9.67 -27.63 -17.59
O3 17F ZB . 11.21 -24.42 -16.83
C4 17F ZB . 11.25 -24.21 -13.83
O4 17F ZB . 9.75 -28.91 -17.45
C5 17F ZB . 10.77 -23.52 -12.51
O5 17F ZB . 9.03 -27.22 -18.55
C6 17F ZB . 11.90 -23.56 -11.46
O6 17F ZB . 11.90 -23.33 -14.74
C7 17F ZB . 12.14 -21.87 -9.85
O7 17F ZB . 11.51 -22.94 -10.25
C8 17F ZB . 11.53 -21.45 -8.49
O8 17F ZB . 13.04 -21.27 -10.36
C9 17F ZB . 10.57 -20.24 -8.59
O9 17F ZB . 10.30 -22.17 -12.73
C10 17F ZB . 9.94 -19.77 -7.23
O10 17F ZB . 8.22 -22.45 -13.68
C11 17F ZB . 9.27 -18.34 -7.28
C12 17F ZB . 8.65 -17.94 -5.88
C17 17F ZB . 8.98 -22.11 -12.77
C18 17F ZB . 8.40 -21.53 -11.51
C19 17F ZB . 7.81 -22.57 -10.53
C20 17F ZB . 7.22 -21.91 -9.23
C1X 17F ZB . 8.00 -16.55 -5.95
C1Y 17F ZB . 6.63 -22.99 -8.28
C1Z 17F ZB . 6.37 -22.41 -6.89
C2X 17F ZB . 7.36 -16.11 -4.54
C21 17F ZB . 6.09 -15.25 -4.72
C22 17F ZB . 5.44 -14.69 -3.74
C23 17F ZB . 5.76 -14.76 -2.31
C24 17F ZB . 5.00 -15.84 -1.54
C25 17F ZB . 5.30 -15.94 -0.05
C26 17F ZB . 4.04 -15.81 0.92
C27 17F ZB . 4.35 -15.92 2.39
C28 17F ZB . 3.01 -15.77 3.19
C29 17F ZB . 3.31 -15.48 4.60
C30 17F ZB . 2.11 -15.31 5.48
C31 17F ZB . 5.33 -23.17 -6.00
C32 17F ZB . 5.07 -22.57 -4.60
C33 17F ZB . 4.50 -23.65 -3.69
C34 17F ZB . 4.18 -23.45 -2.41
C35 17F ZB . 4.29 -22.17 -1.62
C36 17F ZB . 5.72 -21.85 -1.12
C37 17F ZB . 5.63 -21.08 0.15
C38 17F ZB . 6.27 -21.78 1.37
C39 17F ZB . 6.13 -20.92 2.65
C40 17F ZB . 6.87 -21.58 3.82
C41 17F ZB . 5.90 -22.54 4.62
C42 17F ZB . 5.36 -22.10 5.99
C1 17F AC . 36.71 -22.36 8.06
N1 17F AC . 38.23 -22.71 6.10
O1 17F AC . 38.08 -20.16 9.57
P1 17F AC . 37.70 -21.47 10.21
C2 17F AC . 37.15 -23.27 6.88
O2 17F AC . 38.65 -22.01 11.25
C3 17F AC . 35.94 -23.57 5.97
O3 17F AC . 37.49 -22.61 9.18
C4 17F AC . 35.74 -22.49 11.63
O4 17F AC . 35.96 -23.33 4.71
C5 17F AC . 34.36 -22.18 12.29
O5 17F AC . 34.91 -24.03 6.44
C6 17F AC . 33.55 -23.49 12.40
O6 17F AC . 36.31 -21.36 10.95
C7 17F AC . 31.85 -24.10 13.88
O7 17F AC . 32.28 -23.26 12.99
C8 17F AC . 30.44 -23.62 14.33
O8 17F AC . 32.35 -25.10 14.32
C9 17F AC . 30.31 -23.53 15.87
O9 17F AC . 34.49 -21.53 13.55
C10 17F AC . 28.91 -23.04 16.41
O10 17F AC . 32.60 -20.23 13.74
C11 17F AC . 27.69 -23.44 15.50
C12 17F AC . 26.32 -22.95 16.08
C17 17F AC . 33.82 -20.41 13.60
C18 17F AC . 34.71 -19.20 13.47
C19 17F AC . 35.12 -18.54 14.81
C20 17F AC . 34.82 -16.99 14.82
C1X 17F AC . 25.16 -23.36 15.16
C1Y 17F AC . 35.23 -16.37 16.18
C1Z 17F AC . 34.16 -16.66 17.25
C2X 17F AC . 23.74 -22.86 15.71
C21 17F AC . 22.69 -22.67 14.56
C22 17F AC . 22.15 -21.54 14.25
C23 17F AC . 22.38 -20.23 14.88
C24 17F AC . 23.13 -19.23 14.00
C25 17F AC . 23.40 -17.86 14.61
C26 17F AC . 22.89 -16.60 13.74
C27 17F AC . 23.17 -15.25 14.37
C28 17F AC . 22.61 -14.15 13.39
C29 17F AC . 23.41 -12.92 13.55
C30 17F AC . 22.98 -11.77 12.67
C31 17F AC . 34.62 -16.61 18.75
C32 17F AC . 33.52 -16.91 19.80
C33 17F AC . 32.44 -15.84 19.72
C34 17F AC . 31.35 -15.80 20.49
C35 17F AC . 30.97 -16.78 21.57
C36 17F AC . 29.44 -17.09 21.63
C37 17F AC . 28.76 -16.06 22.44
C38 17F AC . 27.24 -15.91 22.17
C39 17F AC . 26.62 -14.81 23.05
C40 17F AC . 26.02 -15.42 24.32
C41 17F AC . 25.28 -14.32 25.17
C42 17F AC . 25.79 -14.00 26.59
C1 17F BC . 15.74 -14.02 -36.70
N1 17F BC . 15.09 -12.90 -34.55
O1 17F BC . 15.20 -11.72 -39.04
P1 17F BC . 14.30 -12.49 -38.08
C2 17F BC . 15.17 -14.16 -35.28
O2 17F BC . 13.77 -13.31 -39.23
C3 17F BC . 16.00 -15.16 -34.46
O3 17F BC . 14.72 -13.90 -37.61
C4 17F BC . 11.86 -12.81 -37.15
O4 17F BC . 16.52 -14.85 -33.32
C5 17F BC . 10.40 -12.29 -37.25
O5 17F BC . 16.21 -16.29 -34.88
C6 17F BC . 9.44 -13.29 -36.58
O6 17F BC . 12.76 -12.12 -38.03
C7 17F BC . 7.54 -12.36 -35.58
O7 17F BC . 8.09 -12.85 -36.64
C8 17F BC . 6.10 -11.95 -35.93
O8 17F BC . 7.98 -12.21 -34.47
C9 17F BC . 5.83 -10.44 -35.76
O9 17F BC . 10.25 -10.96 -36.72
C10 17F BC . 4.38 -9.96 -36.11
O10 17F BC . 8.53 -9.94 -37.86
C11 17F BC . 4.31 -8.75 -37.11
C12 17F BC . 2.83 -8.32 -37.43
C17 17F BC . 9.73 -10.13 -37.60
C18 17F BC . 10.78 -9.34 -38.33
C19 17F BC . 11.01 -9.78 -39.80
C20 17F BC . 10.28 -8.83 -40.84
C1X 17F BC . 2.81 -7.15 -38.41
C1Y 17F BC . 10.54 -9.31 -42.29
C1Z 17F BC . 10.17 -8.22 -43.29
C2X 17F BC . 1.32 -6.67 -38.77
C21 17F BC . 0.79 -5.60 -37.77
C22 17F BC . -0.17 -4.76 -38.01
C23 17F BC . -0.95 -4.63 -39.25
C24 17F BC . -2.00 -3.52 -39.23
C25 17F BC . -2.83 -3.34 -40.48
C26 17F BC . -2.59 -1.99 -41.29
C27 17F BC . -3.42 -1.82 -42.55
C28 17F BC . -3.05 -0.45 -43.20
C29 17F BC . -3.13 -0.59 -44.67
C30 17F BC . -2.80 0.65 -45.45
C31 17F BC . 9.35 -8.66 -44.56
C32 17F BC . 8.99 -7.53 -45.54
C33 17F BC . 7.49 -7.25 -45.44
C34 17F BC . 6.85 -6.33 -46.14
C35 17F BC . 7.44 -5.39 -47.17
C36 17F BC . 6.39 -4.73 -48.12
C37 17F BC . 7.04 -3.61 -48.84
C38 17F BC . 7.69 -4.00 -50.20
C39 17F BC . 8.34 -2.79 -50.88
C40 17F BC . 9.73 -2.53 -50.31
C41 17F BC . 10.47 -1.38 -51.12
C42 17F BC . 11.99 -1.45 -51.30
C1 17F CC . 0.91 -40.78 -0.27
N1 17F CC . 0.42 -43.12 -1.04
O1 17F CC . -0.02 -39.09 -3.52
P1 17F CC . 0.26 -39.07 -2.05
C2 17F CC . 1.29 -42.27 -0.25
O2 17F CC . 1.60 -38.51 -1.63
C3 17F CC . 1.31 -42.77 1.21
O3 17F CC . 0.15 -40.48 -1.40
C4 17F CC . -0.77 -38.05 0.15
O4 17F CC . 0.63 -43.81 1.59
C5 17F CC . -1.93 -37.17 0.72
O5 17F CC . 1.99 -42.21 2.07
C6 17F CC . -3.26 -37.58 0.04
O6 17F CC . -0.82 -38.22 -1.26
C7 17F CC . -5.38 -37.43 1.01
O7 17F CC . -4.34 -36.81 0.52
C8 17F CC . -6.41 -36.36 1.47
O8 17F CC . -5.61 -38.60 1.14
C9 17F CC . -7.45 -36.01 0.37
O9 17F CC . -2.02 -37.23 2.15
C10 17F CC . -8.52 -34.93 0.77
O10 17F CC . -2.84 -35.10 2.47
C11 17F CC . -8.13 -33.45 0.38
C12 17F CC . -9.24 -32.42 0.80
C17 17F CC . -2.07 -36.04 2.70
C18 17F CC . -1.00 -35.87 3.77
C19 17F CC . -0.42 -34.45 3.90
C20 17F CC . -1.04 -33.65 5.11
C1X 17F CC . -8.82 -30.99 0.41
C1Y 17F CC . -0.43 -32.24 5.20
C1Z 17F CC . -0.82 -31.56 6.52
C2X 17F CC . -9.93 -29.91 0.83
C21 17F CC . -9.33 -28.48 1.01
C22 17F CC . -9.78 -27.42 0.44
C23 17F CC . -10.93 -27.30 -0.48
C24 17F CC . -11.88 -26.15 -0.16
C25 17F CC . -13.08 -26.00 -1.07
C26 17F CC . -14.01 -24.73 -0.80
C27 17F CC . -15.20 -24.60 -1.72
C28 17F CC . -15.98 -23.29 -1.28
C29 17F CC . -17.40 -23.46 -1.64
C30 17F CC . -18.27 -22.30 -1.27
C31 17F CC . -2.31 -31.10 6.66
C32 17F CC . -2.67 -30.43 8.01
C33 17F CC . -3.52 -31.38 8.85
C34 17F CC . -4.00 -31.11 10.05
C35 17F CC . -3.79 -29.84 10.84
C36 17F CC . -5.10 -29.02 11.11
C37 17F CC . -5.54 -29.29 12.51
C38 17F CC . -5.16 -28.20 13.54
C39 17F CC . -5.66 -28.55 14.95
C40 17F CC . -4.53 -28.45 15.96
C41 17F CC . -4.85 -29.32 17.25
C42 17F CC . -3.88 -29.28 18.43
C1 17F DC . 9.05 -33.93 -2.01
N1 17F DC . 11.28 -34.43 -3.06
O1 17F DC . 10.41 -35.55 1.06
P1 17F DC . 9.26 -34.85 0.37
C2 17F DC . 9.85 -34.70 -3.09
O2 17F DC . 8.16 -35.71 -0.18
C3 17F DC . 9.30 -34.34 -4.48
O3 17F DC . 9.75 -33.93 -0.80
C4 17F DC . 7.42 -33.05 0.92
O4 17F DC . 10.04 -33.88 -5.42
C5 17F DC . 6.85 -32.12 2.03
O5 17F DC . 8.10 -34.48 -4.74
C6 17F DC . 5.31 -32.04 1.90
O6 17F DC . 8.53 -33.83 1.35
C7 17F DC . 3.69 -31.63 3.54
O7 17F DC . 4.73 -31.20 2.88
C8 17F DC . 3.26 -30.51 4.53
O8 17F DC . 3.10 -32.67 3.48
C9 17F DC . 4.05 -30.55 5.87
O9 17F DC . 7.25 -32.49 3.35
C10 17F DC . 3.66 -29.45 6.92
O10 17F DC . 9.38 -31.64 3.51
C11 17F DC . 4.81 -28.41 7.23
C12 17F DC . 4.36 -27.34 8.29
C17 17F DC . 8.19 -31.70 3.82
C18 17F DC . 7.66 -30.75 4.88
C19 17F DC . 8.67 -30.40 6.01
C20 17F DC . 8.59 -28.88 6.41
C1X 17F DC . 5.50 -26.35 8.57
C1Y 17F DC . 9.61 -28.56 7.54
C1Z 17F DC . 8.91 -28.50 8.90
C2X 17F DC . 5.09 -25.24 9.65
C21 17F DC . 6.25 -24.90 10.64
C22 17F DC . 7.22 -24.09 10.39
C23 17F DC . 7.44 -23.32 9.15
C24 17F DC . 8.68 -23.74 8.36
C25 17F DC . 8.96 -22.99 7.07
C26 17F DC . 10.18 -23.53 6.19
C27 17F DC . 10.44 -22.77 4.91
C28 17F DC . 11.67 -23.45 4.20
C29 17F DC . 12.88 -22.64 4.45
C30 17F DC . 14.13 -23.17 3.83
C31 17F DC . 9.56 -29.33 10.06
C32 17F DC . 8.84 -29.25 11.44
C33 17F DC . 9.52 -30.18 12.42
C34 17F DC . 9.15 -30.36 13.69
C35 17F DC . 8.01 -29.67 14.40
C36 17F DC . 6.65 -30.44 14.33
C37 17F DC . 5.63 -29.58 13.67
C38 17F DC . 4.22 -29.65 14.31
C39 17F DC . 3.23 -28.74 13.59
C40 17F DC . 2.61 -27.73 14.57
C41 17F DC . 1.66 -26.73 13.81
C42 17F DC . 0.37 -26.25 14.50
C1 17F EC . 23.81 -37.27 12.05
N1 17F EC . 22.86 -36.41 9.90
O1 17F EC . 23.30 -38.60 14.52
P1 17F EC . 22.22 -37.69 13.99
C2 17F EC . 23.99 -36.37 10.80
O2 17F EC . 20.84 -38.28 13.89
C3 17F EC . 25.26 -36.78 10.05
O3 17F EC . 22.54 -37.11 12.59
C4 17F EC . 21.08 -35.40 14.58
O4 17F EC . 25.26 -37.09 8.80
C5 17F EC . 21.07 -34.21 15.59
O5 17F EC . 26.35 -36.83 10.62
C6 17F EC . 22.41 -33.44 15.51
O6 17F EC . 22.05 -36.40 14.89
C7 17F EC . 23.55 -32.11 17.07
O7 17F EC . 22.45 -32.35 16.42
C8 17F EC . 23.32 -30.86 17.97
O8 17F EC . 24.61 -32.67 17.04
C9 17F EC . 22.71 -31.21 19.35
O9 17F EC . 19.93 -33.34 15.42
C10 17F EC . 22.47 -29.99 20.30
O10 17F EC . 20.60 -32.75 13.28
C11 17F EC . 20.95 -29.57 20.48
C12 17F EC . 20.78 -28.35 21.44
C17 17F EC . 20.00 -32.56 14.34
C18 17F EC . 19.20 -31.29 14.51
C19 17F EC . 19.20 -30.69 15.93
C20 17F EC . 17.84 -30.93 16.69
C1X 17F EC . 19.30 -27.98 21.60
C1Y 17F EC . 17.87 -30.32 18.11
C1Z 17F EC . 16.46 -30.18 18.69
C2X 17F EC . 19.10 -26.73 22.58
C21 17F EC . 18.73 -27.17 24.03
C22 17F EC . 17.81 -26.61 24.75
C23 17F EC . 16.94 -25.49 24.38
C24 17F EC . 17.49 -24.11 24.73
C25 17F EC . 16.62 -22.91 24.36
C26 17F EC . 17.27 -21.47 24.66
C27 17F EC . 16.39 -20.30 24.29
C28 17F EC . 17.19 -19.00 24.64
C29 17F EC . 16.94 -17.98 23.60
C30 17F EC . 17.64 -16.67 23.83
C31 17F EC . 15.79 -28.78 18.55
C32 17F EC . 14.36 -28.66 19.14
C33 17F EC . 13.34 -28.94 18.04
C34 17F EC . 12.02 -28.93 18.20
C35 17F EC . 11.25 -28.65 19.47
C36 17F EC . 9.70 -28.80 19.35
C37 17F EC . 9.34 -30.23 19.46
C38 17F EC . 8.49 -30.78 18.30
C39 17F EC . 8.15 -32.27 18.50
C40 17F EC . 7.90 -32.94 17.14
C41 17F EC . 8.77 -34.26 17.01
C42 17F EC . 9.31 -34.66 15.62
PB GDP FC . -27.55 22.58 3.46
O1B GDP FC . -27.01 21.66 4.52
O2B GDP FC . -28.32 23.70 4.10
O3B GDP FC . -26.41 23.17 2.68
O3A GDP FC . -28.50 21.79 2.44
PA GDP FC . -29.38 20.51 2.89
O1A GDP FC . -30.40 20.89 3.95
O2A GDP FC . -28.53 19.36 3.36
O5' GDP FC . -30.14 20.11 1.52
C5' GDP FC . -30.63 21.16 0.67
C4' GDP FC . -31.30 20.56 -0.55
O4' GDP FC . -30.32 20.01 -1.45
C3' GDP FC . -32.27 19.45 -0.20
O3' GDP FC . -33.51 19.68 -0.91
C2' GDP FC . -31.56 18.18 -0.62
O2' GDP FC . -32.47 17.15 -1.04
C1' GDP FC . -30.62 18.63 -1.71
N9 GDP FC . -29.39 17.82 -1.73
C8 GDP FC . -28.43 17.75 -0.79
N7 GDP FC . -27.45 16.89 -1.17
C5 GDP FC . -27.77 16.41 -2.39
C6 GDP FC . -27.20 15.46 -3.37
O6 GDP FC . -26.11 14.89 -3.15
N1 GDP FC . -27.89 15.24 -4.51
C2 GDP FC . -29.05 15.83 -4.79
N2 GDP FC . -29.68 15.55 -5.97
N3 GDP FC . -29.64 16.71 -3.93
C4 GDP FC . -29.06 17.03 -2.74
MG MG GC . -26.29 22.75 10.55
N LEU A 3 -27.37 6.40 -41.52
CA LEU A 3 -28.34 5.50 -42.14
C LEU A 3 -27.88 4.06 -42.04
N LYS A 4 -26.57 3.86 -42.18
CA LYS A 4 -25.99 2.53 -42.10
C LYS A 4 -26.13 2.02 -40.67
N LEU A 5 -25.78 2.87 -39.71
CA LEU A 5 -25.88 2.51 -38.31
C LEU A 5 -27.35 2.41 -37.92
N LEU A 6 -28.19 3.23 -38.55
CA LEU A 6 -29.62 3.25 -38.27
C LEU A 6 -30.28 1.92 -38.60
N ASP A 7 -29.94 1.35 -39.77
CA ASP A 7 -30.51 0.08 -40.18
C ASP A 7 -30.08 -1.03 -39.23
N ASN A 8 -28.83 -0.97 -38.79
CA ASN A 8 -28.30 -1.95 -37.84
C ASN A 8 -29.00 -1.81 -36.50
N TRP A 9 -29.14 -0.56 -36.04
CA TRP A 9 -29.82 -0.29 -34.77
C TRP A 9 -31.26 -0.75 -34.83
N ASP A 10 -31.90 -0.54 -35.98
CA ASP A 10 -33.28 -0.97 -36.18
C ASP A 10 -33.40 -2.47 -36.05
N SER A 11 -32.37 -3.17 -36.54
CA SER A 11 -32.34 -4.63 -36.45
C SER A 11 -32.13 -5.05 -35.00
N VAL A 12 -31.49 -4.18 -34.23
CA VAL A 12 -31.24 -4.44 -32.81
C VAL A 12 -32.53 -4.20 -32.03
N THR A 13 -33.24 -3.13 -32.34
CA THR A 13 -34.48 -2.82 -31.66
C THR A 13 -35.54 -3.88 -31.92
N SER A 14 -35.54 -4.45 -33.13
CA SER A 14 -36.49 -5.51 -33.47
C SER A 14 -36.14 -6.76 -32.67
N THR A 15 -34.87 -6.92 -32.36
CA THR A 15 -34.42 -8.04 -31.56
C THR A 15 -34.81 -7.78 -30.11
N PHE A 16 -34.70 -6.52 -29.69
CA PHE A 16 -35.05 -6.10 -28.34
C PHE A 16 -36.53 -6.36 -28.08
N SER A 17 -37.37 -6.02 -29.04
CA SER A 17 -38.80 -6.23 -28.91
C SER A 17 -39.09 -7.72 -28.83
N LYS A 18 -38.45 -8.48 -29.72
CA LYS A 18 -38.62 -9.93 -29.74
C LYS A 18 -38.14 -10.55 -28.43
N LEU A 19 -37.09 -9.96 -27.86
CA LEU A 19 -36.55 -10.42 -26.60
C LEU A 19 -37.57 -10.20 -25.50
N ARG A 20 -38.14 -9.00 -25.48
CA ARG A 20 -39.16 -8.65 -24.48
C ARG A 20 -40.47 -9.41 -24.71
N GLU A 21 -40.81 -9.61 -25.97
CA GLU A 21 -42.02 -10.34 -26.34
C GLU A 21 -41.98 -11.75 -25.75
N GLN A 22 -40.80 -12.36 -25.83
CA GLN A 22 -40.59 -13.69 -25.31
C GLN A 22 -40.28 -13.65 -23.82
N LEU A 23 -39.67 -12.54 -23.37
CA LEU A 23 -39.33 -12.37 -21.97
C LEU A 23 -40.58 -12.40 -21.10
N GLY A 24 -41.68 -11.87 -21.63
CA GLY A 24 -42.93 -11.88 -20.90
C GLY A 24 -43.29 -13.29 -20.48
N PRO A 25 -43.62 -14.18 -21.43
CA PRO A 25 -43.93 -15.57 -21.14
C PRO A 25 -42.80 -16.24 -20.37
N VAL A 26 -41.56 -15.93 -20.72
CA VAL A 26 -40.39 -16.50 -20.04
C VAL A 26 -40.44 -16.20 -18.55
N THR A 27 -40.72 -14.95 -18.21
CA THR A 27 -40.81 -14.55 -16.82
C THR A 27 -41.98 -15.26 -16.14
N GLN A 28 -43.08 -15.39 -16.88
CA GLN A 28 -44.26 -16.08 -16.37
C GLN A 28 -43.95 -17.55 -16.13
N GLU A 29 -43.34 -18.19 -17.13
CA GLU A 29 -42.97 -19.59 -17.04
C GLU A 29 -41.97 -19.79 -15.92
N PHE A 30 -40.99 -18.90 -15.82
CA PHE A 30 -39.98 -18.98 -14.78
C PHE A 30 -40.65 -18.82 -13.41
N TRP A 31 -41.55 -17.85 -13.30
CA TRP A 31 -42.27 -17.62 -12.05
C TRP A 31 -43.14 -18.82 -11.72
N ASP A 32 -43.81 -19.36 -12.73
CA ASP A 32 -44.69 -20.52 -12.56
C ASP A 32 -43.88 -21.67 -11.97
N ASN A 33 -42.70 -21.90 -12.54
CA ASN A 33 -41.81 -22.94 -12.05
C ASN A 33 -41.35 -22.60 -10.64
N LEU A 34 -41.02 -21.33 -10.42
CA LEU A 34 -40.57 -20.85 -9.11
C LEU A 34 -41.66 -21.05 -8.07
N GLU A 35 -42.92 -20.92 -8.47
CA GLU A 35 -44.04 -21.11 -7.56
C GLU A 35 -44.07 -22.57 -7.11
N LYS A 36 -43.88 -23.48 -8.05
CA LYS A 36 -43.84 -24.90 -7.75
C LYS A 36 -42.61 -25.19 -6.89
N GLU A 37 -41.51 -24.53 -7.24
CA GLU A 37 -40.26 -24.67 -6.53
C GLU A 37 -40.42 -24.22 -5.08
N THR A 38 -41.00 -23.04 -4.89
CA THR A 38 -41.22 -22.51 -3.56
C THR A 38 -42.21 -23.36 -2.77
N GLU A 39 -43.23 -23.88 -3.44
CA GLU A 39 -44.22 -24.73 -2.79
C GLU A 39 -43.52 -25.97 -2.24
N GLY A 40 -42.69 -26.58 -3.07
CA GLY A 40 -41.95 -27.75 -2.67
C GLY A 40 -40.94 -27.40 -1.60
N LEU A 41 -40.25 -26.28 -1.79
CA LEU A 41 -39.25 -25.81 -0.83
C LEU A 41 -39.89 -25.51 0.53
N ARG A 42 -41.07 -24.89 0.52
CA ARG A 42 -41.77 -24.58 1.76
C ARG A 42 -42.21 -25.86 2.43
N GLN A 43 -42.70 -26.80 1.63
CA GLN A 43 -43.15 -28.09 2.14
C GLN A 43 -41.97 -28.82 2.78
N GLU A 44 -40.83 -28.74 2.12
CA GLU A 44 -39.62 -29.39 2.59
C GLU A 44 -39.08 -28.67 3.83
N MET A 45 -38.87 -27.36 3.70
CA MET A 45 -38.35 -26.54 4.79
C MET A 45 -39.21 -26.59 6.04
N SER A 46 -40.53 -26.61 5.88
CA SER A 46 -41.42 -26.66 7.04
C SER A 46 -41.20 -27.93 7.83
N LYS A 47 -40.95 -29.02 7.12
CA LYS A 47 -40.71 -30.30 7.74
C LYS A 47 -39.27 -30.38 8.25
N ASP A 48 -38.35 -29.86 7.44
CA ASP A 48 -36.93 -29.85 7.81
C ASP A 48 -36.77 -29.08 9.11
N LEU A 49 -37.31 -27.86 9.13
CA LEU A 49 -37.24 -27.01 10.30
C LEU A 49 -37.98 -27.65 11.47
N GLU A 50 -39.12 -28.27 11.19
CA GLU A 50 -39.91 -28.92 12.22
C GLU A 50 -39.08 -30.01 12.88
N GLU A 51 -38.45 -30.83 12.06
CA GLU A 51 -37.61 -31.89 12.58
C GLU A 51 -36.35 -31.31 13.23
N VAL A 52 -35.74 -30.34 12.57
CA VAL A 52 -34.55 -29.69 13.09
C VAL A 52 -34.79 -29.07 14.47
N LYS A 53 -35.91 -28.38 14.63
CA LYS A 53 -36.25 -27.75 15.90
C LYS A 53 -36.51 -28.80 16.98
N ALA A 54 -37.39 -29.74 16.67
CA ALA A 54 -37.73 -30.80 17.62
C ALA A 54 -36.54 -31.68 17.96
N LYS A 55 -35.71 -31.96 16.95
CA LYS A 55 -34.55 -32.79 17.16
C LYS A 55 -33.38 -31.99 17.73
N VAL A 56 -33.42 -30.68 17.59
CA VAL A 56 -32.36 -29.83 18.13
C VAL A 56 -32.39 -29.89 19.65
N GLN A 57 -33.56 -30.25 20.19
CA GLN A 57 -33.73 -30.39 21.62
C GLN A 57 -32.79 -31.48 22.14
N PRO A 58 -32.97 -32.76 21.73
CA PRO A 58 -32.08 -33.85 22.16
C PRO A 58 -30.66 -33.64 21.64
N TYR A 59 -30.54 -32.90 20.53
CA TYR A 59 -29.24 -32.61 19.95
C TYR A 59 -28.42 -31.79 20.94
N LEU A 60 -28.96 -30.62 21.28
CA LEU A 60 -28.30 -29.73 22.21
C LEU A 60 -28.35 -30.27 23.63
N ASP A 61 -29.43 -30.96 23.97
CA ASP A 61 -29.57 -31.54 25.31
C ASP A 61 -28.48 -32.57 25.56
N ASP A 62 -28.28 -33.45 24.58
CA ASP A 62 -27.26 -34.47 24.66
C ASP A 62 -25.89 -33.79 24.75
N PHE A 63 -25.68 -32.81 23.87
CA PHE A 63 -24.44 -32.06 23.83
C PHE A 63 -24.21 -31.31 25.13
N GLN A 64 -25.28 -30.76 25.69
CA GLN A 64 -25.19 -30.01 26.95
C GLN A 64 -24.82 -30.94 28.09
N LYS A 65 -25.42 -32.11 28.12
CA LYS A 65 -25.12 -33.09 29.15
C LYS A 65 -23.65 -33.51 29.05
N LYS A 66 -23.24 -33.82 27.83
CA LYS A 66 -21.87 -34.22 27.58
C LYS A 66 -20.92 -33.06 27.86
N TRP A 67 -21.30 -31.87 27.42
CA TRP A 67 -20.50 -30.66 27.62
C TRP A 67 -20.35 -30.39 29.11
N GLN A 68 -21.41 -30.60 29.87
CA GLN A 68 -21.36 -30.40 31.31
C GLN A 68 -20.40 -31.40 31.90
N GLU A 69 -20.54 -32.67 31.51
CA GLU A 69 -19.67 -33.72 31.99
C GLU A 69 -18.23 -33.36 31.66
N GLU A 70 -18.01 -32.97 30.41
CA GLU A 70 -16.69 -32.58 29.93
C GLU A 70 -16.16 -31.39 30.71
N MET A 71 -16.99 -30.37 30.89
CA MET A 71 -16.59 -29.18 31.62
C MET A 71 -16.33 -29.46 33.09
N GLU A 72 -17.24 -30.17 33.73
CA GLU A 72 -17.08 -30.50 35.14
C GLU A 72 -15.84 -31.35 35.36
N LEU A 73 -15.64 -32.33 34.48
CA LEU A 73 -14.46 -33.18 34.56
C LEU A 73 -13.22 -32.38 34.22
N TYR A 74 -13.38 -31.42 33.31
CA TYR A 74 -12.28 -30.57 32.92
C TYR A 74 -11.87 -29.71 34.10
N ARG A 75 -12.86 -29.17 34.81
CA ARG A 75 -12.60 -28.35 35.99
C ARG A 75 -12.02 -29.23 37.09
N GLN A 76 -12.54 -30.44 37.18
CA GLN A 76 -12.07 -31.42 38.16
C GLN A 76 -10.64 -31.82 37.85
N LYS A 77 -10.24 -31.59 36.61
CA LYS A 77 -8.88 -31.88 36.16
C LYS A 77 -8.01 -30.65 36.33
N VAL A 78 -8.53 -29.51 35.86
CA VAL A 78 -7.81 -28.25 35.95
C VAL A 78 -7.27 -27.99 37.36
N GLU A 79 -8.09 -28.24 38.37
CA GLU A 79 -7.68 -28.02 39.77
C GLU A 79 -6.39 -28.78 40.12
N PRO A 80 -6.38 -30.13 40.12
CA PRO A 80 -5.18 -30.91 40.44
C PRO A 80 -4.05 -30.67 39.44
N LEU A 81 -4.40 -30.56 38.15
CA LEU A 81 -3.39 -30.32 37.12
C LEU A 81 -2.71 -28.98 37.32
N ARG A 82 -3.49 -27.99 37.75
CA ARG A 82 -2.98 -26.66 38.03
C ARG A 82 -2.04 -26.73 39.23
N ALA A 83 -2.39 -27.57 40.20
CA ALA A 83 -1.58 -27.77 41.38
C ALA A 83 -0.23 -28.34 40.99
N GLU A 84 -0.26 -29.32 40.07
CA GLU A 84 0.96 -29.95 39.57
C GLU A 84 1.80 -28.90 38.85
N LEU A 85 1.14 -28.12 38.00
CA LEU A 85 1.81 -27.08 37.24
C LEU A 85 2.36 -26.00 38.17
N GLN A 86 1.61 -25.67 39.22
CA GLN A 86 2.03 -24.65 40.18
C GLN A 86 3.22 -25.15 41.01
N GLU A 87 3.07 -26.30 41.63
CA GLU A 87 4.14 -26.87 42.44
C GLU A 87 5.33 -27.24 41.58
N GLY A 88 5.04 -27.84 40.43
CA GLY A 88 6.09 -28.21 39.51
C GLY A 88 6.87 -27.00 39.07
N ALA A 89 6.15 -25.94 38.71
CA ALA A 89 6.80 -24.70 38.29
C ALA A 89 7.52 -24.08 39.47
N ARG A 90 6.93 -24.17 40.65
CA ARG A 90 7.52 -23.63 41.86
C ARG A 90 8.87 -24.27 42.14
N GLN A 91 8.93 -25.59 41.95
CA GLN A 91 10.17 -26.33 42.14
C GLN A 91 11.19 -25.91 41.10
N LYS A 92 10.79 -26.03 39.84
CA LYS A 92 11.64 -25.69 38.70
C LYS A 92 12.10 -24.23 38.73
N LEU A 93 11.17 -23.32 38.99
CA LEU A 93 11.48 -21.90 39.04
C LEU A 93 12.36 -21.58 40.23
N HIS A 94 12.16 -22.28 41.34
CA HIS A 94 12.98 -22.07 42.53
C HIS A 94 14.42 -22.42 42.22
N GLU A 95 14.60 -23.56 41.55
CA GLU A 95 15.93 -24.00 41.16
C GLU A 95 16.51 -23.06 40.12
N LEU A 96 15.70 -22.71 39.12
CA LEU A 96 16.14 -21.80 38.07
C LEU A 96 16.57 -20.46 38.65
N GLN A 97 15.76 -19.93 39.57
CA GLN A 97 16.06 -18.67 40.22
C GLN A 97 17.33 -18.80 41.05
N GLU A 98 17.53 -19.97 41.63
CA GLU A 98 18.71 -20.26 42.43
C GLU A 98 19.93 -20.47 41.54
N LYS A 99 19.70 -20.58 40.24
CA LYS A 99 20.79 -20.74 39.30
C LYS A 99 21.09 -19.41 38.65
N LEU A 100 20.06 -18.64 38.40
CA LEU A 100 20.19 -17.32 37.78
C LEU A 100 20.97 -16.37 38.69
N SER A 101 21.02 -16.67 39.98
CA SER A 101 21.74 -15.84 40.93
C SER A 101 23.26 -16.06 40.86
N PRO A 102 23.79 -17.24 41.28
CA PRO A 102 25.23 -17.51 41.26
C PRO A 102 25.77 -17.62 39.84
N LEU A 103 25.14 -18.46 39.02
CA LEU A 103 25.56 -18.64 37.63
C LEU A 103 25.43 -17.32 36.88
N GLY A 104 24.45 -16.53 37.29
CA GLY A 104 24.24 -15.23 36.69
C GLY A 104 25.37 -14.30 37.06
N GLU A 105 25.71 -14.28 38.34
CA GLU A 105 26.80 -13.44 38.84
C GLU A 105 28.11 -13.86 38.21
N GLU A 106 28.27 -15.17 38.01
CA GLU A 106 29.47 -15.70 37.39
C GLU A 106 29.59 -15.14 35.98
N MET A 107 28.47 -15.17 35.26
CA MET A 107 28.44 -14.65 33.90
C MET A 107 28.66 -13.15 33.92
N ARG A 108 28.09 -12.49 34.92
CA ARG A 108 28.23 -11.04 35.09
C ARG A 108 29.69 -10.70 35.37
N ASP A 109 30.33 -11.54 36.19
CA ASP A 109 31.74 -11.34 36.53
C ASP A 109 32.60 -11.59 35.31
N ARG A 110 32.24 -12.61 34.54
CA ARG A 110 32.96 -12.92 33.32
C ARG A 110 32.76 -11.79 32.32
N ALA A 111 31.57 -11.19 32.36
CA ALA A 111 31.26 -10.06 31.50
C ALA A 111 32.13 -8.87 31.91
N ARG A 112 32.36 -8.75 33.21
CA ARG A 112 33.18 -7.68 33.75
C ARG A 112 34.59 -7.81 33.18
N ALA A 113 35.15 -9.01 33.28
CA ALA A 113 36.48 -9.29 32.76
C ALA A 113 36.48 -9.19 31.24
N HIS A 114 35.37 -9.63 30.64
CA HIS A 114 35.20 -9.57 29.18
C HIS A 114 35.34 -8.15 28.69
N VAL A 115 34.59 -7.25 29.31
CA VAL A 115 34.62 -5.84 28.95
C VAL A 115 35.89 -5.18 29.46
N ASP A 116 36.39 -5.63 30.60
CA ASP A 116 37.61 -5.09 31.19
C ASP A 116 38.78 -5.27 30.24
N ALA A 117 38.92 -6.48 29.71
CA ALA A 117 39.99 -6.77 28.77
C ALA A 117 39.77 -5.96 27.49
N LEU A 118 38.49 -5.75 27.18
CA LEU A 118 38.12 -4.96 26.01
C LEU A 118 38.52 -3.51 26.21
N ARG A 119 38.47 -3.04 27.45
CA ARG A 119 38.85 -1.67 27.78
C ARG A 119 40.31 -1.45 27.46
N THR A 120 41.14 -2.37 27.95
CA THR A 120 42.58 -2.31 27.75
C THR A 120 42.96 -2.67 26.32
N HIS A 121 41.97 -3.00 25.50
CA HIS A 121 42.23 -3.36 24.11
C HIS A 121 41.67 -2.30 23.17
N LEU A 122 40.43 -1.89 23.41
CA LEU A 122 39.78 -0.88 22.59
C LEU A 122 40.49 0.45 22.71
N ALA A 123 41.04 0.74 23.88
CA ALA A 123 41.76 2.00 24.09
C ALA A 123 42.94 2.13 23.11
N PRO A 124 43.93 1.21 23.16
CA PRO A 124 45.07 1.28 22.24
C PRO A 124 44.63 1.07 20.78
N TYR A 125 43.59 0.27 20.58
CA TYR A 125 43.08 0.02 19.24
C TYR A 125 42.56 1.30 18.62
N SER A 126 41.72 2.03 19.37
CA SER A 126 41.17 3.29 18.89
C SER A 126 42.25 4.35 18.83
N ASP A 127 43.17 4.31 19.80
CA ASP A 127 44.27 5.25 19.84
C ASP A 127 45.12 5.13 18.58
N GLU A 128 45.46 3.90 18.22
CA GLU A 128 46.24 3.66 17.03
C GLU A 128 45.37 3.80 15.78
N LEU A 129 44.07 3.59 15.95
CA LEU A 129 43.12 3.73 14.85
C LEU A 129 43.15 5.18 14.37
N ARG A 130 43.37 6.08 15.33
CA ARG A 130 43.47 7.51 15.02
C ARG A 130 44.64 7.70 14.07
N GLN A 131 45.76 7.05 14.41
CA GLN A 131 46.97 7.10 13.60
C GLN A 131 46.72 6.52 12.22
N ARG A 132 46.00 5.40 12.19
CA ARG A 132 45.68 4.74 10.93
C ARG A 132 44.83 5.66 10.07
N LEU A 133 43.81 6.25 10.69
CA LEU A 133 42.93 7.18 10.00
C LEU A 133 43.71 8.40 9.55
N ALA A 134 44.61 8.87 10.42
CA ALA A 134 45.42 10.05 10.11
C ALA A 134 46.39 9.73 8.98
N ALA A 135 46.91 8.51 8.96
CA ALA A 135 47.82 8.08 7.92
C ALA A 135 47.08 7.97 6.60
N ARG A 136 45.89 7.36 6.66
CA ARG A 136 45.05 7.22 5.48
C ARG A 136 44.63 8.60 4.99
N LEU A 137 44.15 9.42 5.92
CA LEU A 137 43.71 10.78 5.61
C LEU A 137 44.87 11.61 5.08
N GLU A 138 46.07 11.32 5.54
CA GLU A 138 47.26 12.03 5.08
C GLU A 138 47.42 11.81 3.59
N ALA A 139 47.35 10.54 3.19
CA ALA A 139 47.47 10.18 1.78
C ALA A 139 46.22 10.62 1.04
N LEU A 140 45.06 10.45 1.66
CA LEU A 140 43.78 10.83 1.06
C LEU A 140 43.71 12.34 0.83
N LYS A 141 44.36 13.11 1.68
CA LYS A 141 44.36 14.57 1.54
C LYS A 141 45.27 14.97 0.39
N GLU A 142 46.42 14.32 0.28
CA GLU A 142 47.35 14.60 -0.80
C GLU A 142 46.81 14.06 -2.11
N ASN A 143 46.43 12.79 -2.10
CA ASN A 143 45.88 12.14 -3.28
C ASN A 143 44.57 12.81 -3.67
N GLY A 144 43.83 13.25 -2.65
CA GLY A 144 42.57 13.93 -2.89
C GLY A 144 42.80 15.30 -3.49
N GLY A 145 43.72 16.05 -2.90
CA GLY A 145 44.04 17.36 -3.41
C GLY A 145 44.59 17.29 -4.81
N ALA A 146 45.44 16.29 -5.03
CA ALA A 146 46.02 16.06 -6.35
C ALA A 146 44.93 15.63 -7.31
N ARG A 147 44.01 14.80 -6.82
CA ARG A 147 42.90 14.32 -7.62
C ARG A 147 42.03 15.50 -8.02
N LEU A 148 41.79 16.41 -7.09
CA LEU A 148 40.98 17.59 -7.35
C LEU A 148 41.66 18.48 -8.38
N ALA A 149 42.96 18.69 -8.20
CA ALA A 149 43.74 19.51 -9.11
C ALA A 149 43.75 18.87 -10.49
N GLU A 150 43.93 17.55 -10.50
CA GLU A 150 43.94 16.79 -11.74
C GLU A 150 42.57 16.79 -12.38
N TYR A 151 41.53 16.70 -11.54
CA TYR A 151 40.16 16.72 -12.02
C TYR A 151 39.88 18.05 -12.69
N HIS A 152 40.42 19.12 -12.12
CA HIS A 152 40.25 20.45 -12.69
C HIS A 152 40.90 20.51 -14.06
N ALA A 153 42.09 19.93 -14.17
CA ALA A 153 42.82 19.89 -15.42
C ALA A 153 42.02 19.13 -16.46
N LYS A 154 41.59 17.93 -16.09
CA LYS A 154 40.79 17.09 -16.98
C LYS A 154 39.45 17.74 -17.30
N ALA A 155 38.88 18.44 -16.33
CA ALA A 155 37.61 19.13 -16.51
C ALA A 155 37.77 20.27 -17.50
N THR A 156 38.87 21.00 -17.38
CA THR A 156 39.16 22.11 -18.27
C THR A 156 39.23 21.62 -19.71
N GLU A 157 39.96 20.52 -19.92
CA GLU A 157 40.09 19.94 -21.26
C GLU A 157 38.76 19.35 -21.73
N HIS A 158 37.95 18.90 -20.78
CA HIS A 158 36.64 18.35 -21.11
C HIS A 158 35.73 19.47 -21.60
N LEU A 159 35.77 20.60 -20.89
CA LEU A 159 34.96 21.75 -21.23
C LEU A 159 35.49 22.47 -22.46
N SER A 160 36.81 22.55 -22.58
CA SER A 160 37.42 23.22 -23.72
C SER A 160 37.04 22.52 -25.02
N THR A 161 37.15 21.19 -25.02
CA THR A 161 36.79 20.41 -26.19
C THR A 161 35.28 20.43 -26.37
N LEU A 162 34.55 20.64 -25.27
CA LEU A 162 33.11 20.71 -25.32
C LEU A 162 32.67 21.89 -26.15
N SER A 163 33.41 22.99 -26.08
CA SER A 163 33.10 24.17 -26.86
C SER A 163 33.20 23.85 -28.35
N GLU A 164 34.10 22.92 -28.67
CA GLU A 164 34.31 22.48 -30.05
C GLU A 164 33.17 21.57 -30.51
N LYS A 165 32.22 21.33 -29.62
CA LYS A 165 31.05 20.53 -29.92
C LYS A 165 29.80 21.37 -29.73
N ALA A 166 29.80 22.17 -28.66
CA ALA A 166 28.67 23.04 -28.33
C ALA A 166 28.52 24.18 -29.33
N LYS A 167 29.57 24.45 -30.08
CA LYS A 167 29.53 25.51 -31.07
C LYS A 167 29.43 24.93 -32.50
N PRO A 168 30.50 24.27 -33.02
CA PRO A 168 30.47 23.71 -34.37
C PRO A 168 29.37 22.66 -34.54
N ALA A 169 29.44 21.59 -33.76
CA ALA A 169 28.46 20.51 -33.85
C ALA A 169 27.03 21.01 -33.61
N LEU A 170 26.85 21.87 -32.62
CA LEU A 170 25.52 22.41 -32.32
C LEU A 170 25.01 23.35 -33.42
N GLU A 171 25.91 24.13 -34.00
CA GLU A 171 25.53 25.03 -35.09
C GLU A 171 25.21 24.22 -36.33
N ASP A 172 26.06 23.23 -36.61
CA ASP A 172 25.86 22.36 -37.76
C ASP A 172 24.59 21.55 -37.58
N LEU A 173 24.32 21.16 -36.34
CA LEU A 173 23.11 20.41 -36.02
C LEU A 173 21.89 21.27 -36.29
N ARG A 174 21.96 22.53 -35.86
CA ARG A 174 20.86 23.47 -36.08
C ARG A 174 20.78 23.81 -37.56
N GLN A 175 21.95 23.86 -38.20
CA GLN A 175 22.01 24.15 -39.62
C GLN A 175 21.38 23.04 -40.43
N GLY A 176 21.37 21.85 -39.85
CA GLY A 176 20.76 20.68 -40.47
C GLY A 176 19.30 20.63 -40.06
N LEU A 177 19.05 20.93 -38.78
CA LEU A 177 17.70 20.94 -38.23
C LEU A 177 16.77 21.90 -38.97
N LEU A 178 17.28 23.07 -39.34
CA LEU A 178 16.48 24.05 -40.07
C LEU A 178 15.84 23.46 -41.33
N PRO A 179 16.64 23.02 -42.33
CA PRO A 179 16.10 22.42 -43.56
C PRO A 179 15.38 21.11 -43.26
N VAL A 180 15.81 20.41 -42.20
CA VAL A 180 15.18 19.15 -41.81
C VAL A 180 13.76 19.41 -41.31
N LEU A 181 13.61 20.43 -40.48
CA LEU A 181 12.30 20.80 -39.96
C LEU A 181 11.44 21.30 -41.12
N GLU A 182 12.06 22.01 -42.05
CA GLU A 182 11.36 22.52 -43.21
C GLU A 182 10.86 21.38 -44.09
N SER A 183 11.76 20.45 -44.41
CA SER A 183 11.40 19.30 -45.24
C SER A 183 10.33 18.45 -44.54
N PHE A 184 10.47 18.34 -43.22
CA PHE A 184 9.52 17.60 -42.40
C PHE A 184 8.16 18.29 -42.44
N LYS A 185 8.18 19.61 -42.37
CA LYS A 185 6.95 20.39 -42.41
C LYS A 185 6.28 20.24 -43.76
N VAL A 186 7.08 20.23 -44.82
CA VAL A 186 6.57 20.08 -46.17
C VAL A 186 5.82 18.75 -46.31
N SER A 187 6.35 17.71 -45.68
CA SER A 187 5.74 16.40 -45.73
C SER A 187 4.58 16.29 -44.74
N PHE A 188 4.82 16.71 -43.50
CA PHE A 188 3.78 16.63 -42.46
C PHE A 188 2.56 17.48 -42.79
N LEU A 189 2.78 18.71 -43.25
CA LEU A 189 1.68 19.61 -43.59
C LEU A 189 0.80 19.03 -44.68
N SER A 190 1.42 18.42 -45.67
CA SER A 190 0.67 17.83 -46.77
C SER A 190 0.07 16.48 -46.36
N ALA A 191 0.82 15.72 -45.56
CA ALA A 191 0.35 14.42 -45.08
C ALA A 191 -0.91 14.58 -44.24
N LEU A 192 -0.92 15.64 -43.43
CA LEU A 192 -2.08 15.93 -42.58
C LEU A 192 -3.30 16.21 -43.43
N GLU A 193 -3.07 16.84 -44.59
CA GLU A 193 -4.15 17.17 -45.51
C GLU A 193 -4.74 15.88 -46.11
N GLU A 194 -3.89 14.87 -46.29
CA GLU A 194 -4.32 13.59 -46.84
C GLU A 194 -5.30 12.93 -45.88
N TYR A 195 -5.07 13.12 -44.59
CA TYR A 195 -5.93 12.53 -43.57
C TYR A 195 -7.27 13.23 -43.50
N THR A 196 -7.26 14.55 -43.71
CA THR A 196 -8.47 15.35 -43.67
C THR A 196 -9.46 14.84 -44.72
N LYS A 197 -8.97 14.65 -45.94
CA LYS A 197 -9.84 14.15 -47.02
C LYS A 197 -10.03 12.64 -46.90
N LYS A 198 -8.95 11.96 -46.57
CA LYS A 198 -8.93 10.49 -46.40
C LYS A 198 -10.09 9.96 -45.56
N LEU A 199 -10.26 10.55 -44.36
CA LEU A 199 -11.32 10.13 -43.45
C LEU A 199 -12.66 10.75 -43.83
N ASN A 200 -12.61 11.97 -44.39
CA ASN A 200 -13.82 12.70 -44.80
C ASN A 200 -14.81 12.84 -43.64
N LEU B 3 22.54 13.86 -48.84
CA LEU B 3 23.45 14.10 -47.72
C LEU B 3 22.86 13.53 -46.43
N LYS B 4 22.00 14.31 -45.78
CA LYS B 4 21.36 13.89 -44.54
C LYS B 4 22.38 13.45 -43.49
N LEU B 5 22.38 12.16 -43.20
CA LEU B 5 23.26 11.59 -42.21
C LEU B 5 24.74 11.75 -42.59
N LEU B 6 25.00 11.92 -43.88
CA LEU B 6 26.37 12.07 -44.38
C LEU B 6 27.05 13.28 -43.74
N ASP B 7 26.33 14.39 -43.66
CA ASP B 7 26.88 15.61 -43.08
C ASP B 7 26.97 15.51 -41.57
N ASN B 8 25.92 14.95 -40.96
CA ASN B 8 25.88 14.77 -39.51
C ASN B 8 27.04 13.88 -39.06
N TRP B 9 27.31 12.87 -39.86
CA TRP B 9 28.40 11.94 -39.58
C TRP B 9 29.73 12.66 -39.53
N ASP B 10 29.88 13.70 -40.33
CA ASP B 10 31.12 14.47 -40.34
C ASP B 10 31.31 15.19 -39.03
N SER B 11 30.24 15.80 -38.53
CA SER B 11 30.29 16.49 -37.26
C SER B 11 30.66 15.50 -36.16
N VAL B 12 30.15 14.27 -36.29
CA VAL B 12 30.43 13.21 -35.34
C VAL B 12 31.90 12.78 -35.50
N THR B 13 32.39 12.82 -36.74
CA THR B 13 33.78 12.44 -37.03
C THR B 13 34.73 13.34 -36.24
N SER B 14 34.49 14.64 -36.33
CA SER B 14 35.30 15.61 -35.60
C SER B 14 35.23 15.34 -34.10
N THR B 15 34.02 15.03 -33.63
CA THR B 15 33.79 14.73 -32.23
C THR B 15 34.59 13.50 -31.80
N PHE B 16 34.65 12.50 -32.67
CA PHE B 16 35.40 11.29 -32.38
C PHE B 16 36.87 11.61 -32.16
N SER B 17 37.41 12.48 -33.02
CA SER B 17 38.80 12.90 -32.90
C SER B 17 39.00 13.62 -31.57
N LYS B 18 38.04 14.47 -31.20
CA LYS B 18 38.11 15.20 -29.95
C LYS B 18 38.15 14.23 -28.78
N LEU B 19 37.37 13.16 -28.88
CA LEU B 19 37.31 12.14 -27.84
C LEU B 19 38.63 11.39 -27.76
N ARG B 20 39.16 11.00 -28.91
CA ARG B 20 40.43 10.27 -28.97
C ARG B 20 41.58 11.15 -28.50
N GLU B 21 41.61 12.38 -28.97
CA GLU B 21 42.64 13.33 -28.57
C GLU B 21 42.54 13.65 -27.09
N GLN B 22 41.35 13.44 -26.54
CA GLN B 22 41.11 13.67 -25.12
C GLN B 22 41.61 12.47 -24.34
N LEU B 23 41.32 11.28 -24.86
CA LEU B 23 41.71 10.02 -24.24
C LEU B 23 43.20 9.96 -23.93
N GLY B 24 44.01 10.50 -24.85
CA GLY B 24 45.45 10.50 -24.65
C GLY B 24 45.84 11.14 -23.32
N PRO B 25 45.82 12.48 -23.23
CA PRO B 25 46.18 13.20 -22.00
C PRO B 25 45.34 12.76 -20.79
N VAL B 26 44.03 12.54 -21.01
CA VAL B 26 43.14 12.12 -19.94
C VAL B 26 43.61 10.81 -19.31
N THR B 27 43.85 9.80 -20.14
CA THR B 27 44.29 8.51 -19.64
C THR B 27 45.70 8.61 -19.06
N GLN B 28 46.52 9.49 -19.64
CA GLN B 28 47.88 9.70 -19.14
C GLN B 28 47.82 10.22 -17.72
N GLU B 29 47.03 11.26 -17.52
CA GLU B 29 46.85 11.86 -16.21
C GLU B 29 46.15 10.87 -15.29
N PHE B 30 45.11 10.21 -15.81
CA PHE B 30 44.35 9.24 -15.02
C PHE B 30 45.28 8.13 -14.50
N TRP B 31 46.17 7.66 -15.35
CA TRP B 31 47.11 6.62 -14.95
C TRP B 31 48.06 7.14 -13.88
N ASP B 32 48.39 8.43 -13.98
CA ASP B 32 49.25 9.06 -13.00
C ASP B 32 48.51 9.20 -11.69
N ASN B 33 47.22 9.50 -11.78
CA ASN B 33 46.37 9.62 -10.60
C ASN B 33 46.25 8.24 -9.95
N LEU B 34 46.14 7.22 -10.79
CA LEU B 34 46.07 5.84 -10.33
C LEU B 34 47.38 5.48 -9.63
N GLU B 35 48.48 6.04 -10.15
CA GLU B 35 49.79 5.83 -9.58
C GLU B 35 49.84 6.48 -8.20
N LYS B 36 49.16 7.63 -8.09
CA LYS B 36 49.08 8.34 -6.82
C LYS B 36 48.26 7.51 -5.85
N GLU B 37 47.14 6.95 -6.34
CA GLU B 37 46.27 6.11 -5.54
C GLU B 37 47.04 4.91 -5.02
N THR B 38 47.72 4.21 -5.93
CA THR B 38 48.50 3.03 -5.55
C THR B 38 49.62 3.41 -4.60
N GLU B 39 50.29 4.51 -4.88
CA GLU B 39 51.37 4.98 -4.01
C GLU B 39 50.81 5.26 -2.62
N GLY B 40 49.64 5.88 -2.58
CA GLY B 40 48.99 6.18 -1.32
C GLY B 40 48.64 4.89 -0.60
N LEU B 41 48.12 3.93 -1.35
CA LEU B 41 47.75 2.64 -0.80
C LEU B 41 49.01 1.90 -0.33
N ARG B 42 50.14 2.23 -0.93
CA ARG B 42 51.42 1.63 -0.55
C ARG B 42 51.86 2.18 0.79
N GLN B 43 51.17 3.21 1.25
CA GLN B 43 51.45 3.83 2.54
C GLN B 43 50.35 3.47 3.53
N GLU B 44 49.11 3.54 3.04
CA GLU B 44 47.93 3.23 3.85
C GLU B 44 47.78 1.73 4.06
N MET B 45 47.52 1.01 2.98
CA MET B 45 47.31 -0.44 3.02
C MET B 45 48.46 -1.20 3.64
N SER B 46 49.68 -0.73 3.43
CA SER B 46 50.85 -1.40 4.01
C SER B 46 50.76 -1.38 5.53
N LYS B 47 50.50 -0.21 6.09
CA LYS B 47 50.37 -0.06 7.53
C LYS B 47 49.10 -0.74 8.00
N ASP B 48 48.04 -0.59 7.23
CA ASP B 48 46.74 -1.17 7.55
C ASP B 48 46.84 -2.69 7.64
N LEU B 49 47.26 -3.32 6.55
CA LEU B 49 47.38 -4.77 6.51
C LEU B 49 48.30 -5.31 7.59
N GLU B 50 49.45 -4.65 7.76
CA GLU B 50 50.40 -5.06 8.78
C GLU B 50 49.81 -4.94 10.17
N GLU B 51 49.13 -3.82 10.42
CA GLU B 51 48.50 -3.60 11.71
C GLU B 51 47.34 -4.55 11.91
N VAL B 52 46.63 -4.85 10.83
CA VAL B 52 45.50 -5.77 10.90
C VAL B 52 45.99 -7.14 11.37
N LYS B 53 47.10 -7.59 10.79
CA LYS B 53 47.66 -8.87 11.16
C LYS B 53 48.33 -8.82 12.53
N ALA B 54 49.04 -7.72 12.79
CA ALA B 54 49.73 -7.54 14.07
C ALA B 54 48.72 -7.47 15.21
N LYS B 55 47.59 -6.82 14.97
CA LYS B 55 46.55 -6.68 15.98
C LYS B 55 45.57 -7.85 15.94
N VAL B 56 45.57 -8.61 14.84
CA VAL B 56 44.68 -9.76 14.71
C VAL B 56 45.11 -10.84 15.69
N GLN B 57 46.41 -10.85 16.01
CA GLN B 57 46.93 -11.81 16.96
C GLN B 57 46.29 -11.57 18.33
N PRO B 58 46.48 -10.37 18.95
CA PRO B 58 45.86 -10.06 20.24
C PRO B 58 44.34 -10.09 20.14
N TYR B 59 43.83 -9.78 18.94
CA TYR B 59 42.39 -9.80 18.71
C TYR B 59 41.85 -11.20 18.93
N LEU B 60 42.37 -12.15 18.17
CA LEU B 60 41.94 -13.54 18.29
C LEU B 60 42.42 -14.17 19.60
N ASP B 61 43.59 -13.75 20.05
CA ASP B 61 44.17 -14.25 21.30
C ASP B 61 43.27 -13.89 22.47
N ASP B 62 42.90 -12.61 22.54
CA ASP B 62 42.05 -12.14 23.61
C ASP B 62 40.62 -12.63 23.42
N PHE B 63 40.20 -12.73 22.17
CA PHE B 63 38.86 -13.22 21.86
C PHE B 63 38.75 -14.68 22.24
N GLN B 64 39.86 -15.41 22.09
CA GLN B 64 39.90 -16.83 22.44
C GLN B 64 39.69 -17.01 23.93
N LYS B 65 40.24 -16.08 24.71
CA LYS B 65 40.09 -16.12 26.16
C LYS B 65 38.63 -15.90 26.49
N LYS B 66 38.02 -14.95 25.80
CA LYS B 66 36.62 -14.64 25.98
C LYS B 66 35.80 -15.84 25.56
N TRP B 67 36.18 -16.45 24.44
CA TRP B 67 35.51 -17.62 23.92
C TRP B 67 35.64 -18.77 24.91
N GLN B 68 36.80 -18.88 25.55
CA GLN B 68 37.02 -19.93 26.54
C GLN B 68 36.19 -19.66 27.78
N GLU B 69 36.19 -18.40 28.24
CA GLU B 69 35.39 -18.00 29.39
C GLU B 69 33.93 -18.34 29.15
N GLU B 70 33.48 -18.05 27.94
CA GLU B 70 32.11 -18.33 27.56
C GLU B 70 31.88 -19.81 27.30
N MET B 71 32.83 -20.47 26.64
CA MET B 71 32.70 -21.91 26.36
C MET B 71 32.58 -22.68 27.66
N GLU B 72 33.48 -22.39 28.60
CA GLU B 72 33.45 -23.03 29.90
C GLU B 72 32.21 -22.59 30.66
N LEU B 73 31.87 -21.31 30.50
CA LEU B 73 30.69 -20.73 31.13
C LEU B 73 29.44 -21.44 30.63
N TYR B 74 29.40 -21.69 29.33
CA TYR B 74 28.28 -22.38 28.71
C TYR B 74 28.27 -23.83 29.17
N ARG B 75 29.44 -24.46 29.20
CA ARG B 75 29.55 -25.84 29.63
C ARG B 75 29.06 -25.97 31.07
N GLN B 76 29.53 -25.06 31.92
CA GLN B 76 29.15 -25.06 33.33
C GLN B 76 27.78 -24.43 33.55
N LYS B 77 27.03 -24.26 32.46
CA LYS B 77 25.70 -23.70 32.54
C LYS B 77 24.71 -24.61 31.83
N VAL B 78 24.98 -24.88 30.56
CA VAL B 78 24.12 -25.73 29.74
C VAL B 78 24.07 -27.15 30.30
N GLU B 79 25.21 -27.68 30.73
CA GLU B 79 25.25 -29.03 31.30
C GLU B 79 24.43 -29.11 32.60
N PRO B 80 24.72 -28.27 33.62
CA PRO B 80 23.94 -28.26 34.86
C PRO B 80 22.47 -27.97 34.56
N LEU B 81 22.22 -27.00 33.68
CA LEU B 81 20.87 -26.66 33.29
C LEU B 81 20.20 -27.82 32.59
N ARG B 82 21.00 -28.62 31.89
CA ARG B 82 20.49 -29.81 31.21
C ARG B 82 19.90 -30.75 32.24
N ALA B 83 20.54 -30.81 33.41
CA ALA B 83 20.06 -31.64 34.49
C ALA B 83 18.74 -31.09 35.00
N GLU B 84 18.72 -29.78 35.29
CA GLU B 84 17.52 -29.11 35.76
C GLU B 84 16.40 -29.25 34.73
N LEU B 85 16.73 -29.00 33.48
CA LEU B 85 15.77 -29.11 32.38
C LEU B 85 15.29 -30.54 32.24
N GLN B 86 16.21 -31.48 32.40
CA GLN B 86 15.87 -32.89 32.31
C GLN B 86 14.95 -33.29 33.44
N GLU B 87 15.27 -32.88 34.66
CA GLU B 87 14.44 -33.18 35.82
C GLU B 87 13.09 -32.49 35.66
N GLY B 88 13.14 -31.24 35.20
CA GLY B 88 11.93 -30.49 34.97
C GLY B 88 11.09 -31.11 33.88
N ALA B 89 11.77 -31.63 32.85
CA ALA B 89 11.10 -32.28 31.74
C ALA B 89 10.55 -33.63 32.20
N ARG B 90 11.34 -34.35 33.00
CA ARG B 90 10.91 -35.64 33.52
C ARG B 90 9.66 -35.45 34.38
N GLN B 91 9.67 -34.40 35.19
CA GLN B 91 8.54 -34.09 36.03
C GLN B 91 7.38 -33.66 35.14
N LYS B 92 7.68 -32.86 34.12
CA LYS B 92 6.65 -32.41 33.19
C LYS B 92 6.09 -33.60 32.42
N LEU B 93 6.95 -34.56 32.12
CA LEU B 93 6.54 -35.75 31.41
C LEU B 93 5.54 -36.50 32.28
N HIS B 94 5.83 -36.54 33.59
CA HIS B 94 4.94 -37.18 34.53
C HIS B 94 3.66 -36.35 34.64
N GLU B 95 3.84 -35.03 34.66
CA GLU B 95 2.73 -34.10 34.72
C GLU B 95 1.82 -34.33 33.51
N LEU B 96 2.44 -34.54 32.35
CA LEU B 96 1.71 -34.78 31.12
C LEU B 96 1.15 -36.19 31.07
N GLN B 97 1.89 -37.16 31.60
CA GLN B 97 1.44 -38.55 31.63
C GLN B 97 0.18 -38.69 32.46
N GLU B 98 0.12 -37.94 33.56
CA GLU B 98 -1.05 -37.96 34.43
C GLU B 98 -2.20 -37.16 33.81
N LYS B 99 -1.93 -36.61 32.63
CA LYS B 99 -2.94 -35.85 31.90
C LYS B 99 -3.35 -36.62 30.65
N LEU B 100 -2.38 -36.98 29.84
CA LEU B 100 -2.63 -37.70 28.59
C LEU B 100 -3.32 -39.04 28.81
N SER B 101 -3.05 -39.69 29.94
CA SER B 101 -3.69 -40.96 30.22
C SER B 101 -5.14 -40.78 30.69
N PRO B 102 -5.39 -40.14 31.87
CA PRO B 102 -6.75 -39.91 32.37
C PRO B 102 -7.59 -39.07 31.41
N LEU B 103 -7.05 -37.93 30.99
CA LEU B 103 -7.76 -37.06 30.06
C LEU B 103 -7.87 -37.72 28.70
N GLY B 104 -6.88 -38.54 28.37
CA GLY B 104 -6.91 -39.24 27.09
C GLY B 104 -8.08 -40.19 27.06
N GLU B 105 -8.23 -40.96 28.15
CA GLU B 105 -9.32 -41.90 28.28
C GLU B 105 -10.63 -41.12 28.30
N GLU B 106 -10.63 -40.02 29.03
CA GLU B 106 -11.79 -39.17 29.14
C GLU B 106 -12.19 -38.67 27.76
N MET B 107 -11.20 -38.20 27.00
CA MET B 107 -11.44 -37.71 25.64
C MET B 107 -12.01 -38.83 24.78
N ARG B 108 -11.55 -40.04 25.02
CA ARG B 108 -12.04 -41.20 24.28
C ARG B 108 -13.50 -41.42 24.64
N ASP B 109 -13.80 -41.38 25.94
CA ASP B 109 -15.16 -41.57 26.43
C ASP B 109 -16.05 -40.46 25.89
N ARG B 110 -15.54 -39.25 25.92
CA ARG B 110 -16.25 -38.09 25.41
C ARG B 110 -16.50 -38.29 23.92
N ALA B 111 -15.47 -38.76 23.21
CA ALA B 111 -15.57 -39.02 21.79
C ALA B 111 -16.62 -40.10 21.54
N ARG B 112 -16.62 -41.12 22.39
CA ARG B 112 -17.60 -42.21 22.27
C ARG B 112 -19.00 -41.63 22.44
N ALA B 113 -19.20 -40.90 23.53
CA ALA B 113 -20.50 -40.29 23.82
C ALA B 113 -20.83 -39.15 22.86
N HIS B 114 -19.88 -38.80 22.00
CA HIS B 114 -20.10 -37.73 21.03
C HIS B 114 -20.35 -38.32 19.65
N VAL B 115 -19.48 -39.23 19.25
CA VAL B 115 -19.61 -39.88 17.95
C VAL B 115 -20.81 -40.80 17.94
N ASP B 116 -21.00 -41.56 19.02
CA ASP B 116 -22.13 -42.46 19.12
C ASP B 116 -23.41 -41.66 19.16
N ALA B 117 -23.32 -40.46 19.74
CA ALA B 117 -24.47 -39.56 19.79
C ALA B 117 -24.71 -39.02 18.39
N LEU B 118 -23.62 -38.70 17.71
CA LEU B 118 -23.69 -38.19 16.34
C LEU B 118 -24.24 -39.27 15.43
N ARG B 119 -24.00 -40.52 15.77
CA ARG B 119 -24.50 -41.64 14.98
C ARG B 119 -26.02 -41.62 14.97
N THR B 120 -26.61 -41.48 16.15
CA THR B 120 -28.07 -41.44 16.27
C THR B 120 -28.61 -40.04 15.97
N HIS B 121 -27.74 -39.16 15.50
CA HIS B 121 -28.13 -37.80 15.18
C HIS B 121 -27.99 -37.53 13.68
N LEU B 122 -26.84 -37.93 13.13
CA LEU B 122 -26.54 -37.74 11.73
C LEU B 122 -27.20 -38.80 10.84
N ALA B 123 -27.13 -40.06 11.26
CA ALA B 123 -27.73 -41.15 10.48
C ALA B 123 -29.20 -40.86 10.13
N PRO B 124 -30.07 -40.60 11.14
CA PRO B 124 -31.46 -40.27 10.87
C PRO B 124 -31.57 -38.96 10.10
N TYR B 125 -30.65 -38.04 10.38
CA TYR B 125 -30.62 -36.75 9.70
C TYR B 125 -30.43 -36.94 8.20
N SER B 126 -29.46 -37.77 7.82
CA SER B 126 -29.21 -38.05 6.41
C SER B 126 -30.40 -38.79 5.80
N ASP B 127 -31.05 -39.63 6.61
CA ASP B 127 -32.20 -40.38 6.14
C ASP B 127 -33.39 -39.44 5.92
N GLU B 128 -33.56 -38.52 6.86
CA GLU B 128 -34.61 -37.51 6.77
C GLU B 128 -34.32 -36.63 5.56
N LEU B 129 -33.03 -36.33 5.39
CA LEU B 129 -32.57 -35.53 4.26
C LEU B 129 -32.87 -36.25 2.97
N ARG B 130 -32.81 -37.57 2.98
CA ARG B 130 -33.10 -38.37 1.79
C ARG B 130 -34.50 -38.06 1.31
N GLN B 131 -35.45 -38.07 2.25
CA GLN B 131 -36.85 -37.79 1.94
C GLN B 131 -37.01 -36.36 1.45
N ARG B 132 -36.36 -35.44 2.15
CA ARG B 132 -36.42 -34.03 1.80
C ARG B 132 -35.77 -33.76 0.45
N LEU B 133 -34.56 -34.25 0.27
CA LEU B 133 -33.83 -34.08 -0.97
C LEU B 133 -34.56 -34.76 -2.11
N ALA B 134 -35.19 -35.91 -1.84
CA ALA B 134 -35.94 -36.64 -2.86
C ALA B 134 -37.11 -35.78 -3.32
N ALA B 135 -37.76 -35.12 -2.37
CA ALA B 135 -38.89 -34.25 -2.68
C ALA B 135 -38.40 -33.09 -3.53
N ARG B 136 -37.28 -32.50 -3.11
CA ARG B 136 -36.68 -31.39 -3.83
C ARG B 136 -36.25 -31.83 -5.23
N LEU B 137 -35.67 -33.02 -5.30
CA LEU B 137 -35.22 -33.59 -6.57
C LEU B 137 -36.40 -33.85 -7.49
N GLU B 138 -37.49 -34.36 -6.93
CA GLU B 138 -38.69 -34.63 -7.72
C GLU B 138 -39.27 -33.33 -8.23
N ALA B 139 -39.26 -32.31 -7.38
CA ALA B 139 -39.76 -30.99 -7.75
C ALA B 139 -38.90 -30.45 -8.88
N LEU B 140 -37.59 -30.61 -8.75
CA LEU B 140 -36.65 -30.16 -9.76
C LEU B 140 -36.76 -31.03 -11.01
N LYS B 141 -37.27 -32.25 -10.84
CA LYS B 141 -37.46 -33.16 -11.95
C LYS B 141 -38.62 -32.70 -12.80
N GLU B 142 -39.76 -32.46 -12.17
CA GLU B 142 -40.95 -32.00 -12.86
C GLU B 142 -40.72 -30.59 -13.39
N ASN B 143 -40.18 -29.73 -12.53
CA ASN B 143 -39.88 -28.35 -12.91
C ASN B 143 -38.84 -28.34 -14.01
N GLY B 144 -37.82 -29.18 -13.86
CA GLY B 144 -36.77 -29.27 -14.86
C GLY B 144 -37.31 -29.80 -16.18
N GLY B 145 -38.22 -30.75 -16.09
CA GLY B 145 -38.82 -31.31 -17.29
C GLY B 145 -39.68 -30.29 -17.98
N ALA B 146 -40.47 -29.57 -17.19
CA ALA B 146 -41.32 -28.52 -17.74
C ALA B 146 -40.44 -27.44 -18.34
N ARG B 147 -39.44 -27.02 -17.57
CA ARG B 147 -38.50 -25.99 -18.01
C ARG B 147 -37.82 -26.42 -19.30
N LEU B 148 -37.48 -27.70 -19.39
CA LEU B 148 -36.84 -28.22 -20.60
C LEU B 148 -37.74 -28.03 -21.80
N ALA B 149 -39.03 -28.29 -21.59
CA ALA B 149 -40.02 -28.12 -22.65
C ALA B 149 -40.20 -26.65 -22.96
N GLU B 150 -40.29 -25.84 -21.91
CA GLU B 150 -40.45 -24.41 -22.05
C GLU B 150 -39.24 -23.82 -22.77
N TYR B 151 -38.05 -24.09 -22.24
CA TYR B 151 -36.81 -23.60 -22.83
C TYR B 151 -36.63 -24.09 -24.27
N HIS B 152 -37.11 -25.30 -24.53
CA HIS B 152 -37.03 -25.87 -25.88
C HIS B 152 -37.91 -25.06 -26.82
N ALA B 153 -39.10 -24.71 -26.35
CA ALA B 153 -40.02 -23.91 -27.13
C ALA B 153 -39.43 -22.53 -27.34
N LYS B 154 -38.84 -21.99 -26.27
CA LYS B 154 -38.20 -20.68 -26.30
C LYS B 154 -37.04 -20.70 -27.27
N ALA B 155 -36.37 -21.85 -27.35
CA ALA B 155 -35.26 -22.01 -28.27
C ALA B 155 -35.77 -21.84 -29.69
N THR B 156 -36.88 -22.51 -30.00
CA THR B 156 -37.49 -22.41 -31.30
C THR B 156 -37.99 -20.98 -31.53
N GLU B 157 -38.61 -20.39 -30.52
CA GLU B 157 -39.12 -19.03 -30.59
C GLU B 157 -37.98 -18.06 -30.93
N HIS B 158 -36.85 -18.25 -30.25
CA HIS B 158 -35.69 -17.40 -30.46
C HIS B 158 -35.00 -17.69 -31.78
N LEU B 159 -34.91 -18.96 -32.15
CA LEU B 159 -34.28 -19.33 -33.41
C LEU B 159 -35.08 -18.81 -34.60
N SER B 160 -36.40 -18.86 -34.48
CA SER B 160 -37.29 -18.39 -35.54
C SER B 160 -37.13 -16.88 -35.73
N THR B 161 -36.94 -16.17 -34.63
CA THR B 161 -36.76 -14.72 -34.69
C THR B 161 -35.33 -14.38 -35.08
N LEU B 162 -34.39 -15.21 -34.66
CA LEU B 162 -32.98 -15.02 -34.98
C LEU B 162 -32.75 -15.21 -36.47
N SER B 163 -33.40 -16.21 -37.05
CA SER B 163 -33.26 -16.47 -38.48
C SER B 163 -33.77 -15.30 -39.30
N GLU B 164 -34.66 -14.49 -38.73
CA GLU B 164 -35.18 -13.32 -39.41
C GLU B 164 -34.05 -12.32 -39.62
N LYS B 165 -33.02 -12.44 -38.79
CA LYS B 165 -31.87 -11.58 -38.88
C LYS B 165 -30.71 -12.34 -39.50
N ALA B 166 -30.78 -13.66 -39.43
CA ALA B 166 -29.75 -14.53 -39.99
C ALA B 166 -29.92 -14.70 -41.50
N LYS B 167 -31.04 -14.22 -42.02
CA LYS B 167 -31.29 -14.31 -43.47
C LYS B 167 -31.55 -12.92 -44.07
N PRO B 168 -32.74 -12.31 -43.87
CA PRO B 168 -33.04 -10.99 -44.43
C PRO B 168 -32.07 -9.91 -43.96
N ALA B 169 -31.86 -9.82 -42.65
CA ALA B 169 -30.94 -8.84 -42.09
C ALA B 169 -29.51 -9.11 -42.54
N LEU B 170 -29.18 -10.39 -42.69
CA LEU B 170 -27.85 -10.77 -43.13
C LEU B 170 -27.66 -10.37 -44.59
N GLU B 171 -28.71 -10.55 -45.39
CA GLU B 171 -28.67 -10.20 -46.80
C GLU B 171 -28.57 -8.68 -46.93
N ASP B 172 -29.13 -7.97 -45.95
CA ASP B 172 -29.09 -6.51 -45.95
C ASP B 172 -27.69 -6.06 -45.59
N LEU B 173 -27.11 -6.72 -44.58
CA LEU B 173 -25.76 -6.41 -44.15
C LEU B 173 -24.80 -6.66 -45.30
N ARG B 174 -24.91 -7.83 -45.91
CA ARG B 174 -24.07 -8.20 -47.04
C ARG B 174 -24.40 -7.33 -48.26
N GLN B 175 -25.66 -6.92 -48.33
CA GLN B 175 -26.11 -6.06 -49.42
C GLN B 175 -25.45 -4.71 -49.35
N GLY B 176 -25.18 -4.26 -48.13
CA GLY B 176 -24.52 -2.98 -47.92
C GLY B 176 -23.00 -3.17 -48.01
N LEU B 177 -22.56 -4.39 -47.70
CA LEU B 177 -21.15 -4.73 -47.74
C LEU B 177 -20.60 -4.55 -49.15
N LEU B 178 -21.40 -4.88 -50.16
CA LEU B 178 -20.98 -4.75 -51.55
C LEU B 178 -20.53 -3.31 -51.87
N PRO B 179 -21.42 -2.30 -51.73
CA PRO B 179 -21.06 -0.91 -52.00
C PRO B 179 -20.02 -0.41 -51.00
N VAL B 180 -20.15 -0.83 -49.73
CA VAL B 180 -19.22 -0.43 -48.68
C VAL B 180 -17.79 -0.86 -49.03
N LEU B 181 -17.64 -2.11 -49.44
CA LEU B 181 -16.34 -2.65 -49.81
C LEU B 181 -15.76 -1.85 -50.96
N GLU B 182 -16.62 -1.50 -51.92
CA GLU B 182 -16.17 -0.72 -53.07
C GLU B 182 -15.80 0.70 -52.64
N SER B 183 -16.64 1.31 -51.81
CA SER B 183 -16.39 2.66 -51.31
C SER B 183 -15.07 2.68 -50.54
N PHE B 184 -14.84 1.63 -49.75
CA PHE B 184 -13.61 1.51 -48.98
C PHE B 184 -12.44 1.32 -49.94
N LYS B 185 -12.64 0.48 -50.95
CA LYS B 185 -11.59 0.22 -51.94
C LYS B 185 -11.20 1.52 -52.63
N VAL B 186 -12.19 2.32 -53.01
CA VAL B 186 -11.95 3.59 -53.68
C VAL B 186 -11.14 4.54 -52.78
N SER B 187 -11.59 4.70 -51.54
CA SER B 187 -10.91 5.57 -50.61
C SER B 187 -9.50 5.05 -50.28
N PHE B 188 -9.42 3.75 -50.02
CA PHE B 188 -8.15 3.12 -49.69
C PHE B 188 -7.18 3.20 -50.87
N LEU B 189 -7.68 2.97 -52.07
CA LEU B 189 -6.85 3.04 -53.27
C LEU B 189 -6.32 4.46 -53.46
N SER B 190 -7.18 5.44 -53.25
CA SER B 190 -6.78 6.84 -53.37
C SER B 190 -5.72 7.14 -52.33
N ALA B 191 -5.97 6.70 -51.10
CA ALA B 191 -5.05 6.92 -49.99
C ALA B 191 -3.71 6.22 -50.25
N LEU B 192 -3.78 4.97 -50.70
CA LEU B 192 -2.57 4.19 -50.98
C LEU B 192 -1.66 4.92 -51.96
N GLU B 193 -2.27 5.54 -52.97
CA GLU B 193 -1.53 6.28 -53.98
C GLU B 193 -1.01 7.59 -53.40
N GLU B 194 -1.84 8.27 -52.62
CA GLU B 194 -1.47 9.54 -52.02
C GLU B 194 -0.37 9.38 -50.97
N TYR B 195 -0.45 8.32 -50.17
CA TYR B 195 0.56 8.07 -49.15
C TYR B 195 1.93 7.82 -49.75
N THR B 196 1.95 7.03 -50.82
CA THR B 196 3.21 6.70 -51.50
C THR B 196 3.86 7.93 -52.11
N LYS B 197 3.03 8.87 -52.57
CA LYS B 197 3.51 10.10 -53.18
C LYS B 197 4.29 10.96 -52.18
N LYS B 198 4.09 10.72 -50.90
CA LYS B 198 4.78 11.47 -49.86
C LYS B 198 5.84 10.63 -49.16
N LEU B 199 5.90 9.35 -49.51
CA LEU B 199 6.86 8.44 -48.90
C LEU B 199 8.08 8.26 -49.78
N ASN B 200 7.89 8.37 -51.08
CA ASN B 200 8.98 8.21 -52.03
C ASN B 200 9.77 9.49 -52.18
N MET C 3 -9.43 3.58 15.18
CA MET C 3 -10.58 3.81 16.09
C MET C 3 -10.38 5.14 16.81
N THR C 4 -9.97 6.15 16.06
CA THR C 4 -9.73 7.47 16.62
C THR C 4 -10.94 8.38 16.45
N GLU C 5 -11.00 9.44 17.22
CA GLU C 5 -12.09 10.40 17.14
C GLU C 5 -11.64 11.56 16.24
N TYR C 6 -12.49 11.94 15.30
CA TYR C 6 -12.15 13.04 14.39
C TYR C 6 -13.15 14.18 14.53
N LYS C 7 -12.65 15.36 14.90
CA LYS C 7 -13.48 16.54 15.07
C LYS C 7 -13.52 17.36 13.78
N LEU C 8 -14.73 17.58 13.28
CA LEU C 8 -14.92 18.33 12.04
C LEU C 8 -15.85 19.51 12.27
N VAL C 9 -15.45 20.68 11.81
CA VAL C 9 -16.25 21.89 11.97
C VAL C 9 -16.78 22.34 10.62
N VAL C 10 -18.10 22.41 10.50
CA VAL C 10 -18.74 22.83 9.26
C VAL C 10 -19.02 24.33 9.30
N VAL C 11 -18.47 25.06 8.34
CA VAL C 11 -18.67 26.50 8.27
C VAL C 11 -19.34 26.89 6.96
N GLY C 12 -19.82 28.12 6.90
CA GLY C 12 -20.47 28.60 5.70
C GLY C 12 -21.48 29.69 6.02
N ALA C 13 -22.16 30.18 5.01
CA ALA C 13 -23.14 31.24 5.18
C ALA C 13 -24.52 30.67 5.56
N GLY C 14 -25.47 31.56 5.78
CA GLY C 14 -26.81 31.13 6.14
C GLY C 14 -27.64 30.75 4.91
N GLY C 15 -28.12 29.52 4.90
CA GLY C 15 -28.92 29.06 3.78
C GLY C 15 -28.24 27.96 2.98
N VAL C 16 -26.93 27.84 3.15
CA VAL C 16 -26.17 26.82 2.42
C VAL C 16 -26.53 25.41 2.87
N GLY C 17 -26.85 25.25 4.15
CA GLY C 17 -27.21 23.95 4.67
C GLY C 17 -26.30 23.43 5.76
N LYS C 18 -25.78 24.34 6.58
CA LYS C 18 -24.88 23.96 7.68
C LYS C 18 -25.58 23.02 8.66
N SER C 19 -26.81 23.38 9.02
CA SER C 19 -27.60 22.56 9.95
C SER C 19 -28.46 21.57 9.17
N ALA C 20 -27.96 21.14 8.01
CA ALA C 20 -28.68 20.21 7.16
C ALA C 20 -27.79 19.05 6.72
N LEU C 21 -26.62 19.37 6.17
CA LEU C 21 -25.67 18.34 5.70
C LEU C 21 -25.31 17.39 6.83
N THR C 22 -25.23 17.92 8.04
CA THR C 22 -24.90 17.15 9.21
C THR C 22 -25.99 16.12 9.51
N ILE C 23 -27.23 16.59 9.52
CA ILE C 23 -28.38 15.74 9.80
C ILE C 23 -28.55 14.64 8.75
N GLN C 24 -28.24 14.96 7.50
CA GLN C 24 -28.36 14.00 6.41
C GLN C 24 -27.37 12.84 6.56
N LEU C 25 -26.24 13.12 7.20
CA LEU C 25 -25.23 12.08 7.39
C LEU C 25 -25.43 11.35 8.72
N ILE C 26 -25.83 12.08 9.75
CA ILE C 26 -26.03 11.49 11.07
C ILE C 26 -27.38 10.79 11.22
N GLN C 27 -28.46 11.47 10.86
CA GLN C 27 -29.80 10.91 10.98
C GLN C 27 -30.28 10.29 9.68
N ASN C 28 -29.53 10.52 8.61
CA ASN C 28 -29.84 9.97 7.29
C ASN C 28 -31.21 10.39 6.75
N HIS C 29 -31.50 11.69 6.78
CA HIS C 29 -32.77 12.21 6.27
C HIS C 29 -32.66 13.69 5.95
N PHE C 30 -33.24 14.09 4.83
CA PHE C 30 -33.22 15.48 4.39
C PHE C 30 -34.24 16.30 5.15
N VAL C 31 -33.77 17.31 5.87
CA VAL C 31 -34.63 18.20 6.62
C VAL C 31 -35.29 19.21 5.70
N ASP C 32 -36.61 19.26 5.75
CA ASP C 32 -37.38 20.18 4.92
C ASP C 32 -37.16 21.61 5.39
N GLU C 33 -37.03 21.77 6.71
CA GLU C 33 -36.82 23.07 7.30
C GLU C 33 -36.05 22.92 8.61
N TYR C 34 -35.14 23.84 8.85
CA TYR C 34 -34.34 23.85 10.07
C TYR C 34 -33.84 25.26 10.30
N ASP C 35 -34.03 25.76 11.51
CA ASP C 35 -33.61 27.10 11.87
C ASP C 35 -32.10 27.28 11.67
N PRO C 36 -31.71 28.29 10.87
CA PRO C 36 -30.30 28.60 10.58
C PRO C 36 -29.50 28.90 11.85
N THR C 37 -30.19 29.40 12.88
CA THR C 37 -29.55 29.75 14.14
C THR C 37 -29.19 28.50 14.96
N ILE C 38 -29.63 27.33 14.51
CA ILE C 38 -29.34 26.09 15.21
C ILE C 38 -27.87 25.70 15.09
N GLU C 39 -27.17 25.81 16.21
CA GLU C 39 -25.75 25.50 16.29
C GLU C 39 -25.49 24.48 17.41
N ASP C 40 -25.04 23.29 17.03
CA ASP C 40 -24.76 22.23 17.99
C ASP C 40 -23.79 21.22 17.39
N SER C 41 -23.61 20.07 18.03
CA SER C 41 -22.70 19.06 17.55
C SER C 41 -23.40 17.71 17.36
N TYR C 42 -23.08 17.04 16.28
CA TYR C 42 -23.67 15.74 15.97
C TYR C 42 -22.57 14.68 15.88
N ARG C 43 -22.53 13.80 16.86
CA ARG C 43 -21.53 12.75 16.91
C ARG C 43 -22.10 11.39 16.54
N LYS C 44 -21.44 10.73 15.59
CA LYS C 44 -21.86 9.42 15.12
C LYS C 44 -20.63 8.63 14.66
N GLN C 45 -20.70 7.30 14.75
CA GLN C 45 -19.58 6.46 14.33
C GLN C 45 -19.87 5.82 12.99
N VAL C 46 -18.88 5.82 12.10
CA VAL C 46 -19.03 5.25 10.77
C VAL C 46 -17.75 4.51 10.37
N VAL C 47 -17.89 3.58 9.43
CA VAL C 47 -16.74 2.81 8.96
C VAL C 47 -16.01 3.54 7.85
N ILE C 48 -15.14 4.47 8.24
CA ILE C 48 -14.38 5.25 7.28
C ILE C 48 -13.22 4.45 6.74
N ASP C 49 -13.43 3.84 5.58
CA ASP C 49 -12.42 3.03 4.91
C ASP C 49 -12.10 1.77 5.71
N GLY C 50 -13.05 1.35 6.53
CA GLY C 50 -12.87 0.16 7.35
C GLY C 50 -12.63 0.49 8.81
N GLU C 51 -12.19 1.71 9.07
CA GLU C 51 -11.90 2.15 10.43
C GLU C 51 -13.17 2.62 11.13
N THR C 52 -13.49 1.98 12.26
CA THR C 52 -14.65 2.36 13.04
C THR C 52 -14.28 3.57 13.90
N CYS C 53 -14.48 4.75 13.35
CA CYS C 53 -14.13 5.97 14.06
C CYS C 53 -15.35 6.83 14.36
N LEU C 54 -15.27 7.58 15.45
CA LEU C 54 -16.35 8.46 15.87
C LEU C 54 -16.13 9.85 15.30
N LEU C 55 -17.14 10.40 14.67
CA LEU C 55 -17.04 11.73 14.09
C LEU C 55 -17.71 12.79 14.98
N ASP C 56 -16.94 13.80 15.32
CA ASP C 56 -17.43 14.91 16.14
C ASP C 56 -17.62 16.11 15.22
N ILE C 57 -18.80 16.20 14.63
CA ILE C 57 -19.10 17.28 13.69
C ILE C 57 -19.88 18.41 14.33
N LEU C 58 -19.36 19.62 14.23
CA LEU C 58 -20.02 20.80 14.78
C LEU C 58 -20.69 21.60 13.68
N ASP C 59 -21.97 21.88 13.87
CA ASP C 59 -22.73 22.67 12.91
C ASP C 59 -22.81 24.12 13.40
N THR C 60 -22.05 25.00 12.75
CA THR C 60 -22.03 26.39 13.14
C THR C 60 -23.23 27.14 12.57
N ALA C 61 -23.61 28.20 13.26
CA ALA C 61 -24.72 29.04 12.84
C ALA C 61 -24.17 30.40 12.46
N GLY C 62 -23.32 30.93 13.34
CA GLY C 62 -22.74 32.24 13.11
C GLY C 62 -23.37 33.27 14.00
N GLN C 63 -23.84 32.82 15.16
CA GLN C 63 -24.48 33.69 16.13
C GLN C 63 -23.45 34.52 16.87
N GLU C 64 -23.87 35.70 17.32
CA GLU C 64 -23.02 36.60 18.06
C GLU C 64 -22.86 36.12 19.49
N GLU C 65 -23.88 35.41 19.98
CA GLU C 65 -23.88 34.86 21.33
C GLU C 65 -22.62 34.05 21.59
N TYR C 66 -21.87 34.42 22.61
CA TYR C 66 -20.64 33.74 22.95
C TYR C 66 -20.91 32.33 23.44
N SER C 67 -20.29 31.35 22.80
CA SER C 67 -20.46 29.97 23.17
C SER C 67 -19.10 29.33 23.45
N ALA C 68 -18.98 28.70 24.61
CA ALA C 68 -17.75 28.04 24.98
C ALA C 68 -17.59 26.76 24.17
N MET C 69 -18.73 26.14 23.86
CA MET C 69 -18.77 24.92 23.08
C MET C 69 -18.20 25.19 21.69
N ARG C 70 -18.65 26.29 21.09
CA ARG C 70 -18.19 26.70 19.77
C ARG C 70 -16.69 27.00 19.79
N ASP C 71 -16.27 27.70 20.84
CA ASP C 71 -14.86 28.08 20.99
C ASP C 71 -13.97 26.85 21.16
N GLN C 72 -14.47 25.88 21.94
CA GLN C 72 -13.74 24.64 22.19
C GLN C 72 -13.47 23.89 20.89
N TYR C 73 -14.53 23.65 20.11
CA TYR C 73 -14.41 22.93 18.86
C TYR C 73 -13.53 23.66 17.85
N MET C 74 -13.52 24.99 17.92
CA MET C 74 -12.72 25.79 17.00
C MET C 74 -11.23 25.56 17.23
N ARG C 75 -10.81 25.63 18.49
CA ARG C 75 -9.41 25.44 18.85
C ARG C 75 -8.97 23.99 18.64
N THR C 76 -9.83 23.05 18.99
CA THR C 76 -9.51 21.63 18.86
C THR C 76 -9.99 21.08 17.52
N GLY C 77 -10.29 21.97 16.58
CA GLY C 77 -10.75 21.55 15.28
C GLY C 77 -9.67 20.87 14.47
N GLU C 78 -9.91 19.61 14.11
CA GLU C 78 -8.95 18.85 13.32
C GLU C 78 -9.20 19.09 11.84
N GLY C 79 -10.45 19.00 11.44
CA GLY C 79 -10.80 19.20 10.04
C GLY C 79 -11.92 20.20 9.90
N PHE C 80 -11.82 21.06 8.89
CA PHE C 80 -12.84 22.08 8.65
C PHE C 80 -13.49 21.87 7.30
N LEU C 81 -14.78 22.16 7.22
CA LEU C 81 -15.51 21.99 5.97
C LEU C 81 -16.18 23.30 5.55
N CYS C 82 -15.79 23.82 4.40
CA CYS C 82 -16.37 25.04 3.88
C CYS C 82 -17.48 24.71 2.90
N VAL C 83 -18.72 24.90 3.33
CA VAL C 83 -19.86 24.58 2.51
C VAL C 83 -20.51 25.81 1.90
N PHE C 84 -20.71 25.78 0.60
CA PHE C 84 -21.35 26.88 -0.12
C PHE C 84 -22.40 26.30 -1.06
N ALA C 85 -23.20 27.17 -1.67
CA ALA C 85 -24.23 26.72 -2.59
C ALA C 85 -23.84 27.05 -4.02
N ILE C 86 -23.84 26.05 -4.89
CA ILE C 86 -23.47 26.25 -6.28
C ILE C 86 -24.48 27.11 -7.03
N ASN C 87 -25.65 27.27 -6.43
CA ASN C 87 -26.71 28.09 -7.02
C ASN C 87 -26.69 29.50 -6.43
N ASN C 88 -25.72 29.74 -5.54
CA ASN C 88 -25.57 31.03 -4.89
C ASN C 88 -24.12 31.49 -4.96
N THR C 89 -23.83 32.39 -5.89
CA THR C 89 -22.48 32.90 -6.10
C THR C 89 -21.95 33.65 -4.88
N LYS C 90 -22.85 34.25 -4.11
CA LYS C 90 -22.47 35.00 -2.91
C LYS C 90 -21.74 34.11 -1.91
N SER C 91 -22.29 32.92 -1.65
CA SER C 91 -21.69 31.99 -0.71
C SER C 91 -20.33 31.51 -1.20
N PHE C 92 -20.17 31.43 -2.52
CA PHE C 92 -18.91 31.01 -3.12
C PHE C 92 -17.82 32.05 -2.86
N GLU C 93 -18.22 33.33 -2.86
CA GLU C 93 -17.30 34.42 -2.62
C GLU C 93 -17.02 34.61 -1.12
N ASP C 94 -17.84 33.98 -0.29
CA ASP C 94 -17.67 34.07 1.16
C ASP C 94 -16.72 32.99 1.66
N ILE C 95 -16.37 32.06 0.78
CA ILE C 95 -15.47 30.97 1.12
C ILE C 95 -14.10 31.49 1.59
N HIS C 96 -13.50 32.36 0.80
CA HIS C 96 -12.20 32.94 1.15
C HIS C 96 -12.26 33.64 2.50
N HIS C 97 -13.41 34.23 2.78
CA HIS C 97 -13.64 34.94 4.02
C HIS C 97 -13.57 33.99 5.22
N TYR C 98 -14.08 32.79 5.06
CA TYR C 98 -14.06 31.80 6.12
C TYR C 98 -12.71 31.10 6.20
N ARG C 99 -12.09 30.89 5.04
CA ARG C 99 -10.79 30.24 4.95
C ARG C 99 -9.75 30.98 5.79
N GLU C 100 -9.70 32.30 5.62
CA GLU C 100 -8.76 33.12 6.36
C GLU C 100 -9.02 33.07 7.86
N GLN C 101 -10.29 33.20 8.25
CA GLN C 101 -10.67 33.17 9.66
C GLN C 101 -10.23 31.89 10.34
N ILE C 102 -10.44 30.78 9.67
CA ILE C 102 -10.05 29.48 10.21
C ILE C 102 -8.54 29.40 10.38
N LYS C 103 -7.82 29.93 9.40
CA LYS C 103 -6.35 29.92 9.45
C LYS C 103 -5.82 30.79 10.58
N ARG C 104 -6.59 31.79 10.98
CA ARG C 104 -6.18 32.66 12.06
C ARG C 104 -6.20 31.92 13.39
N VAL C 105 -7.14 30.99 13.52
CA VAL C 105 -7.28 30.21 14.75
C VAL C 105 -6.30 29.03 14.73
N LYS C 106 -6.23 28.34 13.60
CA LYS C 106 -5.35 27.19 13.45
C LYS C 106 -3.88 27.60 13.35
N ASP C 107 -3.65 28.83 12.93
CA ASP C 107 -2.31 29.37 12.78
C ASP C 107 -1.48 28.62 11.74
N SER C 108 -2.10 28.33 10.60
CA SER C 108 -1.42 27.63 9.54
C SER C 108 -2.26 27.64 8.25
N GLU C 109 -1.60 27.39 7.12
CA GLU C 109 -2.28 27.35 5.82
C GLU C 109 -2.61 25.90 5.47
N ASP C 110 -1.71 25.00 5.85
CA ASP C 110 -1.89 23.57 5.58
C ASP C 110 -2.78 22.94 6.64
N VAL C 111 -4.05 23.30 6.61
CA VAL C 111 -5.03 22.78 7.55
C VAL C 111 -6.02 21.90 6.83
N PRO C 112 -6.32 20.70 7.38
CA PRO C 112 -7.28 19.77 6.78
C PRO C 112 -8.63 20.43 6.53
N MET C 113 -8.90 20.74 5.29
CA MET C 113 -10.13 21.39 4.90
C MET C 113 -10.55 20.92 3.51
N VAL C 114 -11.85 20.83 3.29
CA VAL C 114 -12.39 20.40 2.00
C VAL C 114 -13.44 21.39 1.52
N LEU C 115 -13.39 21.72 0.23
CA LEU C 115 -14.34 22.63 -0.35
C LEU C 115 -15.58 21.84 -0.78
N VAL C 116 -16.72 22.16 -0.20
CA VAL C 116 -17.95 21.43 -0.49
C VAL C 116 -19.00 22.31 -1.15
N GLY C 117 -19.41 21.92 -2.35
CA GLY C 117 -20.43 22.64 -3.07
C GLY C 117 -21.76 21.92 -2.93
N ASN C 118 -22.61 22.41 -2.04
CA ASN C 118 -23.90 21.79 -1.78
C ASN C 118 -24.94 22.21 -2.81
N LYS C 119 -26.01 21.43 -2.90
CA LYS C 119 -27.12 21.68 -3.81
C LYS C 119 -26.73 21.43 -5.26
N CYS C 120 -25.92 20.38 -5.48
CA CYS C 120 -25.48 20.02 -6.82
C CYS C 120 -26.61 19.38 -7.62
N ASP C 121 -27.73 19.16 -6.96
CA ASP C 121 -28.90 18.57 -7.59
C ASP C 121 -29.72 19.63 -8.32
N LEU C 122 -29.40 20.89 -8.06
CA LEU C 122 -30.10 22.00 -8.67
C LEU C 122 -29.42 22.40 -9.99
N PRO C 123 -30.13 22.25 -11.11
CA PRO C 123 -29.61 22.58 -12.45
C PRO C 123 -29.30 24.07 -12.61
N SER C 124 -29.94 24.90 -11.79
CA SER C 124 -29.74 26.34 -11.84
C SER C 124 -28.48 26.72 -11.07
N ARG C 125 -27.37 26.09 -11.43
CA ARG C 125 -26.10 26.34 -10.79
C ARG C 125 -25.34 27.48 -11.45
N THR C 126 -25.02 28.50 -10.68
CA THR C 126 -24.29 29.65 -11.19
C THR C 126 -22.79 29.38 -11.10
N VAL C 127 -22.39 28.68 -10.04
CA VAL C 127 -20.99 28.36 -9.81
C VAL C 127 -20.59 27.12 -10.61
N ASP C 128 -19.61 27.30 -11.49
CA ASP C 128 -19.11 26.20 -12.31
C ASP C 128 -18.08 25.37 -11.55
N THR C 129 -18.04 24.08 -11.83
CA THR C 129 -17.11 23.17 -11.19
C THR C 129 -15.67 23.63 -11.33
N LYS C 130 -15.28 24.06 -12.53
CA LYS C 130 -13.92 24.51 -12.79
C LYS C 130 -13.54 25.71 -11.92
N GLN C 131 -14.49 26.61 -11.71
CA GLN C 131 -14.27 27.80 -10.89
C GLN C 131 -13.90 27.39 -9.47
N ALA C 132 -14.62 26.41 -8.95
CA ALA C 132 -14.38 25.93 -7.59
C ALA C 132 -13.14 25.03 -7.55
N GLN C 133 -12.93 24.27 -8.61
CA GLN C 133 -11.78 23.37 -8.72
C GLN C 133 -10.49 24.18 -8.62
N ASP C 134 -10.43 25.28 -9.35
CA ASP C 134 -9.26 26.14 -9.35
C ASP C 134 -9.08 26.79 -7.98
N LEU C 135 -10.20 27.14 -7.34
CA LEU C 135 -10.16 27.76 -6.02
C LEU C 135 -9.57 26.78 -4.99
N ALA C 136 -10.08 25.56 -5.00
CA ALA C 136 -9.62 24.53 -4.09
C ALA C 136 -8.16 24.19 -4.36
N ARG C 137 -7.82 24.07 -5.64
CA ARG C 137 -6.45 23.75 -6.04
C ARG C 137 -5.48 24.82 -5.56
N SER C 138 -5.94 26.07 -5.59
CA SER C 138 -5.12 27.19 -5.14
C SER C 138 -4.88 27.15 -3.63
N TYR C 139 -5.73 26.39 -2.93
CA TYR C 139 -5.60 26.25 -1.48
C TYR C 139 -4.95 24.92 -1.14
N GLY C 140 -4.70 24.11 -2.17
CA GLY C 140 -4.09 22.81 -1.96
C GLY C 140 -5.05 21.81 -1.34
N ILE C 141 -6.35 22.08 -1.48
CA ILE C 141 -7.38 21.23 -0.91
C ILE C 141 -8.29 20.69 -2.00
N PRO C 142 -9.03 19.60 -1.74
CA PRO C 142 -9.94 19.02 -2.71
C PRO C 142 -11.33 19.66 -2.69
N PHE C 143 -12.05 19.52 -3.81
CA PHE C 143 -13.40 20.06 -3.93
C PHE C 143 -14.36 18.98 -4.38
N ILE C 144 -15.48 18.83 -3.68
CA ILE C 144 -16.46 17.82 -4.02
C ILE C 144 -17.87 18.42 -4.08
N GLU C 145 -18.56 18.20 -5.20
CA GLU C 145 -19.92 18.69 -5.36
C GLU C 145 -20.87 17.67 -4.72
N THR C 146 -21.60 18.08 -3.69
CA THR C 146 -22.50 17.17 -3.00
C THR C 146 -23.90 17.76 -2.84
N SER C 147 -24.83 16.94 -2.37
CA SER C 147 -26.19 17.37 -2.15
C SER C 147 -26.74 16.77 -0.87
N ALA C 148 -27.15 17.62 0.05
CA ALA C 148 -27.72 17.17 1.31
C ALA C 148 -29.13 16.65 1.11
N LYS C 149 -29.63 16.73 -0.12
CA LYS C 149 -30.96 16.27 -0.43
C LYS C 149 -30.95 14.83 -0.92
N THR C 150 -30.12 14.56 -1.92
CA THR C 150 -30.01 13.22 -2.47
C THR C 150 -29.01 12.38 -1.68
N ARG C 151 -28.15 13.06 -0.93
CA ARG C 151 -27.12 12.40 -0.10
C ARG C 151 -25.99 11.84 -0.97
N GLN C 152 -25.96 12.27 -2.23
CA GLN C 152 -24.95 11.82 -3.17
C GLN C 152 -23.58 12.43 -2.87
N GLY C 153 -22.59 11.58 -2.69
CA GLY C 153 -21.23 12.03 -2.43
C GLY C 153 -20.97 12.43 -0.98
N VAL C 154 -22.04 12.75 -0.25
CA VAL C 154 -21.92 13.18 1.14
C VAL C 154 -21.16 12.17 2.00
N ASP C 155 -21.41 10.90 1.76
CA ASP C 155 -20.76 9.82 2.53
C ASP C 155 -19.24 9.88 2.39
N ASP C 156 -18.74 9.76 1.16
CA ASP C 156 -17.30 9.77 0.90
C ASP C 156 -16.67 11.16 1.10
N ALA C 157 -17.48 12.20 1.05
CA ALA C 157 -16.99 13.57 1.23
C ALA C 157 -16.32 13.72 2.59
N PHE C 158 -17.02 13.29 3.63
CA PHE C 158 -16.49 13.38 4.99
C PHE C 158 -15.32 12.42 5.17
N TYR C 159 -15.41 11.27 4.49
CA TYR C 159 -14.37 10.26 4.57
C TYR C 159 -13.07 10.81 3.99
N THR C 160 -13.18 11.53 2.88
CA THR C 160 -12.02 12.13 2.22
C THR C 160 -11.26 13.03 3.18
N LEU C 161 -11.99 13.85 3.94
CA LEU C 161 -11.38 14.76 4.90
C LEU C 161 -10.59 13.98 5.94
N VAL C 162 -11.17 12.88 6.40
CA VAL C 162 -10.53 12.03 7.40
C VAL C 162 -9.25 11.42 6.82
N ARG C 163 -9.28 11.07 5.55
CA ARG C 163 -8.12 10.49 4.87
C ARG C 163 -6.96 11.49 4.86
N GLU C 164 -7.29 12.75 4.59
CA GLU C 164 -6.28 13.80 4.56
C GLU C 164 -5.75 14.07 5.96
N ILE C 165 -6.63 13.92 6.95
CA ILE C 165 -6.26 14.10 8.35
C ILE C 165 -5.26 13.00 8.74
N ARG C 166 -5.53 11.79 8.24
CA ARG C 166 -4.66 10.65 8.49
C ARG C 166 -3.28 10.92 7.91
N LYS C 167 -3.26 11.38 6.65
CA LYS C 167 -2.00 11.68 5.97
C LYS C 167 -1.26 12.81 6.67
N HIS C 168 -2.01 13.71 7.28
CA HIS C 168 -1.43 14.83 8.02
C HIS C 168 -0.62 14.31 9.20
N LYS C 169 -1.22 13.41 9.95
CA LYS C 169 -0.57 12.82 11.11
C LYS C 169 0.58 11.92 10.66
N GLU C 170 0.35 11.24 9.54
CA GLU C 170 1.36 10.34 8.96
C GLU C 170 2.59 11.13 8.55
N LYS C 171 2.37 12.24 7.83
CA LYS C 171 3.47 13.10 7.39
C LYS C 171 4.27 13.60 8.57
N MET C 172 3.56 14.00 9.64
CA MET C 172 4.21 14.51 10.84
C MET C 172 5.08 13.45 11.50
N SER C 173 4.66 12.19 11.43
CA SER C 173 5.42 11.11 12.03
C SER C 173 6.70 10.83 11.26
N LYS C 174 6.75 11.26 10.00
CA LYS C 174 7.92 11.07 9.16
C LYS C 174 8.74 12.35 9.07
N ASP C 175 8.34 13.34 9.87
CA ASP C 175 9.02 14.64 9.92
C ASP C 175 8.79 15.48 8.66
N GLY C 176 8.17 14.87 7.66
CA GLY C 176 7.89 15.57 6.41
C GLY C 176 9.07 15.58 5.47
N LYS C 177 10.19 16.14 5.92
CA LYS C 177 11.40 16.22 5.12
C LYS C 177 12.61 15.82 5.97
N LYS C 178 13.79 16.17 5.51
CA LYS C 178 15.01 15.86 6.24
C LYS C 178 16.03 16.98 6.12
N LYS C 179 16.44 17.50 7.26
CA LYS C 179 17.43 18.58 7.30
C LYS C 179 18.82 18.02 7.10
N LYS C 180 19.38 18.20 5.91
CA LYS C 180 20.71 17.71 5.62
C LYS C 180 21.64 18.84 5.18
N LYS C 181 21.06 19.93 4.68
CA LYS C 181 21.83 21.08 4.21
C LYS C 181 22.80 20.70 3.11
N LYS C 182 22.30 20.72 1.87
CA LYS C 182 23.11 20.36 0.71
C LYS C 182 23.55 21.60 -0.05
N SER C 183 24.87 21.71 -0.25
CA SER C 183 25.47 22.83 -0.99
C SER C 183 25.40 24.16 -0.22
N LYS C 184 26.13 25.15 -0.74
CA LYS C 184 26.18 26.47 -0.14
C LYS C 184 26.82 27.45 -1.11
N THR C 185 27.98 27.07 -1.63
CA THR C 185 28.71 27.89 -2.59
C THR C 185 28.93 27.09 -3.88
N LYS C 186 28.78 27.76 -5.02
CA LYS C 186 28.96 27.12 -6.33
C LYS C 186 27.91 26.04 -6.55
N CYS C 187 26.71 26.46 -6.90
CA CYS C 187 25.62 25.53 -7.14
C CYS C 187 25.12 25.65 -8.57
C1 PCW D . 0.71 17.82 -6.38
C2 PCW D . 0.93 16.86 -7.62
C3 PCW D . 0.55 17.60 -8.95
C4 PCW D . -1.50 18.14 -3.24
C5 PCW D . -2.04 17.56 -1.94
C6 PCW D . -3.75 17.79 -0.05
C7 PCW D . -4.44 18.01 -2.39
C8 PCW D . -3.76 16.52 -1.55
C11 PCW D . 0.76 17.22 -11.32
C12 PCW D . 0.99 16.11 -12.31
C13 PCW D . 2.38 16.35 -13.00
C14 PCW D . 2.79 15.31 -14.05
C15 PCW D . 3.32 15.86 -15.40
C16 PCW D . 4.44 14.95 -15.98
C17 PCW D . 5.88 15.56 -16.08
C18 PCW D . 6.75 14.91 -17.15
C19 PCW D . 7.74 15.90 -17.80
C20 PCW D . 8.42 15.61 -18.98
C21 PCW D . 8.42 14.43 -19.87
C22 PCW D . 9.67 14.57 -20.79
C23 PCW D . 10.86 13.61 -20.54
C24 PCW D . 11.96 14.11 -19.64
C25 PCW D . 13.31 14.61 -20.23
C26 PCW D . 14.46 14.71 -19.27
C27 PCW D . 15.36 13.48 -19.09
C28 PCW D . 16.74 13.90 -18.64
C31 PCW D . 2.58 15.17 -7.70
C32 PCW D . 4.10 14.93 -7.83
C33 PCW D . 4.53 13.84 -8.94
C34 PCW D . 4.19 12.41 -8.54
C35 PCW D . 5.00 11.48 -9.52
C36 PCW D . 4.51 10.02 -9.52
C37 PCW D . 5.27 9.04 -10.47
C38 PCW D . 4.63 7.70 -10.54
C39 PCW D . 5.35 6.75 -11.45
C40 PCW D . 5.56 5.45 -11.25
C41 PCW D . 5.09 4.68 -10.03
C42 PCW D . 5.62 3.18 -10.15
C43 PCW D . 6.91 2.82 -9.44
C44 PCW D . 7.17 1.34 -9.71
C45 PCW D . 8.34 1.05 -10.60
C46 PCW D . 9.07 -0.21 -10.25
C47 PCW D . 10.52 -0.29 -10.67
C48 PCW D . 11.15 -1.62 -10.25
N PCW D . -3.34 17.94 -1.45
O2 PCW D . 2.37 16.48 -7.73
O3 PCW D . 0.76 16.71 -10.06
O11 PCW D . 0.59 18.37 -11.62
O31 PCW D . 1.70 14.27 -7.60
O1P PCW D . -0.56 15.85 -4.78
O2P PCW D . 1.29 15.87 -3.09
O3P PCW D . 1.40 17.39 -5.18
O4P PCW D . -0.08 17.83 -3.29
P PCW D . 0.49 16.66 -4.07
C1 PCW E . 22.14 20.84 -6.58
C2 PCW E . 23.72 20.68 -6.57
C3 PCW E . 24.25 20.67 -5.10
C4 PCW E . 18.82 17.90 -4.82
C5 PCW E . 17.99 19.19 -4.74
C6 PCW E . 16.35 20.16 -3.05
C7 PCW E . 18.77 20.45 -2.76
C8 PCW E . 17.71 21.11 -4.11
C11 PCW E . 26.26 19.74 -4.14
C12 PCW E . 27.74 19.74 -4.33
C13 PCW E . 28.32 21.02 -3.62
C14 PCW E . 29.84 21.18 -3.71
C15 PCW E . 30.36 21.96 -4.94
C16 PCW E . 31.93 21.95 -4.99
C17 PCW E . 32.61 21.45 -6.31
C18 PCW E . 33.75 22.36 -6.79
C19 PCW E . 35.13 21.67 -6.77
C20 PCW E . 35.63 20.98 -7.86
C21 PCW E . 35.08 20.73 -9.22
C22 PCW E . 35.95 19.59 -9.85
C23 PCW E . 35.93 19.45 -11.40
C24 PCW E . 35.11 18.34 -11.96
C25 PCW E . 35.71 16.91 -12.14
C26 PCW E . 35.49 16.26 -13.49
C27 PCW E . 36.65 15.44 -14.10
C28 PCW E . 36.13 14.18 -14.72
C31 PCW E . 24.32 19.45 -8.49
C32 PCW E . 24.71 18.04 -8.98
C33 PCW E . 25.63 17.99 -10.30
C34 PCW E . 25.38 16.77 -11.18
C35 PCW E . 26.46 16.84 -12.34
C36 PCW E . 26.08 15.99 -13.56
C37 PCW E . 27.10 16.02 -14.75
C38 PCW E . 27.44 14.64 -15.22
C39 PCW E . 28.42 14.65 -16.36
C40 PCW E . 29.37 13.75 -16.60
C41 PCW E . 29.64 12.52 -15.73
C42 PCW E . 30.66 11.58 -16.52
C43 PCW E . 32.00 11.27 -15.88
C44 PCW E . 32.75 10.35 -16.83
C45 PCW E . 33.06 8.97 -16.28
C46 PCW E . 32.99 7.89 -17.33
C47 PCW E . 32.44 6.56 -16.88
C48 PCW E . 32.42 5.54 -18.03
N PCW E . 17.71 19.77 -3.46
O2 PCW E . 24.10 19.38 -7.19
O3 PCW E . 25.69 20.53 -5.11
O11 PCW E . 25.66 19.16 -3.28
O31 PCW E . 24.25 20.49 -9.22
O1P PCW E . 20.54 18.43 -7.11
O2P PCW E . 22.35 17.73 -5.54
O3P PCW E . 21.47 20.14 -5.51
O4P PCW E . 20.20 18.29 -4.62
P PCW E . 21.16 18.57 -5.76
C1 PCW F . -9.92 -4.09 26.18
C2 PCW F . -9.91 -5.55 26.80
C3 PCW F . -11.19 -5.78 27.66
C4 PCW F . -13.32 -5.94 23.70
C5 PCW F . -13.54 -7.44 23.83
C6 PCW F . -14.75 -9.14 22.36
C7 PCW F . -12.38 -8.64 22.00
C8 PCW F . -13.16 -9.41 23.48
C11 PCW F . -11.99 -8.04 27.68
C12 PCW F . -11.80 -9.35 28.41
C13 PCW F . -10.65 -10.13 27.70
C14 PCW F . -10.31 -11.49 28.33
C15 PCW F . -10.67 -12.74 27.45
C16 PCW F . -11.35 -13.85 28.33
C17 PCW F . -10.43 -14.65 29.31
C18 PCW F . -10.37 -16.15 29.01
C19 PCW F . -10.32 -17.03 30.27
C20 PCW F . -10.02 -18.39 30.24
C21 PCW F . -9.71 -19.32 29.11
C22 PCW F . -8.89 -20.48 29.72
C23 PCW F . -9.69 -21.71 30.23
C24 PCW F . -8.89 -22.84 30.82
C25 PCW F . -8.16 -23.86 29.91
C26 PCW F . -7.61 -25.10 30.60
C27 PCW F . -6.09 -25.33 30.55
C28 PCW F . -5.52 -25.41 31.95
C31 PCW F . -8.72 -6.94 25.30
C32 PCW F . -8.90 -7.98 24.18
C33 PCW F . -8.47 -9.48 24.57
C34 PCW F . -7.02 -9.81 24.25
C35 PCW F . -6.62 -10.99 25.21
C36 PCW F . -5.26 -11.63 24.82
C37 PCW F . -4.80 -12.83 25.73
C38 PCW F . -4.15 -12.35 26.98
C39 PCW F . -3.70 -13.48 27.87
C40 PCW F . -2.45 -13.88 28.07
C41 PCW F . -1.23 -13.24 27.42
C42 PCW F . -0.11 -14.36 27.24
C43 PCW F . 0.64 -14.42 25.92
C44 PCW F . 1.63 -15.56 26.02
C45 PCW F . 3.05 -15.16 26.34
C46 PCW F . 3.78 -16.16 27.19
C47 PCW F . 3.92 -15.82 28.65
C48 PCW F . 4.68 -16.92 29.41
N PCW F . -13.60 -8.25 22.66
O2 PCW F . -9.92 -6.56 25.71
O3 PCW F . -11.16 -7.10 28.22
O11 PCW F . -12.75 -7.86 26.77
O31 PCW F . -7.61 -6.51 25.73
O1P PCW F . -12.02 -3.38 23.14
O2P PCW F . -9.94 -4.71 23.39
O3P PCW F . -11.12 -3.76 25.46
O4P PCW F . -11.99 -5.66 24.22
P PCW F . -11.24 -4.36 23.97
C1 PCW G . -23.05 11.42 -19.30
C2 PCW G . -21.99 10.65 -20.19
C3 PCW G . -22.53 10.51 -21.66
C4 PCW G . -20.94 15.19 -20.79
C5 PCW G . -19.59 14.91 -21.47
C6 PCW G . -20.22 15.36 -23.91
C7 PCW G . -17.93 15.70 -23.13
C8 PCW G . -18.88 14.11 -23.20
C11 PCW G . -20.83 10.54 -23.36
C12 PCW G . -19.87 9.63 -24.07
C13 PCW G . -20.37 9.43 -25.55
C14 PCW G . -19.50 8.51 -26.42
C15 PCW G . -18.25 9.19 -27.06
C16 PCW G . -16.93 8.51 -26.55
C17 PCW G . -15.72 9.45 -26.21
C18 PCW G . -14.77 9.68 -27.39
C19 PCW G . -14.74 11.15 -27.86
C20 PCW G . -13.74 11.63 -28.70
C21 PCW G . -12.55 11.00 -29.31
C22 PCW G . -11.75 12.13 -30.01
C23 PCW G . -10.25 12.26 -29.67
C24 PCW G . -9.28 12.22 -30.81
C25 PCW G . -8.70 13.53 -31.42
C26 PCW G . -8.21 13.45 -32.86
C27 PCW G . -6.97 14.27 -33.24
C28 PCW G . -6.43 13.81 -34.58
C31 PCW G . -19.86 11.17 -19.27
C32 PCW G . -18.61 12.05 -19.49
C33 PCW G . -17.21 11.32 -19.18
C34 PCW G . -16.50 10.81 -20.43
C35 PCW G . -16.83 9.27 -20.51
C36 PCW G . -17.13 8.81 -21.95
C37 PCW G . -17.46 7.28 -22.11
C38 PCW G . -16.27 6.48 -22.50
C39 PCW G . -16.57 5.01 -22.65
C40 PCW G . -15.87 3.99 -22.17
C41 PCW G . -14.61 4.15 -21.34
C42 PCW G . -13.42 3.39 -22.11
C43 PCW G . -12.40 2.63 -21.27
C44 PCW G . -11.40 2.02 -22.24
C45 PCW G . -10.67 0.81 -21.72
C46 PCW G . -9.31 1.12 -21.18
C47 PCW G . -9.16 1.10 -19.67
C48 PCW G . -7.72 1.42 -19.25
N PCW G . -19.31 15.47 -22.76
O2 PCW G . -20.72 11.43 -20.26
O3 PCW G . -21.55 9.81 -22.46
O11 PCW G . -20.95 11.72 -23.56
O31 PCW G . -20.04 10.37 -18.32
O1P PCW G . -23.23 15.17 -18.97
O2P PCW G . -21.84 13.49 -17.75
O3P PCW G . -23.32 12.77 -19.73
O4P PCW G . -21.25 14.01 -20.01
P PCW G . -22.42 13.92 -19.04
C1 PCW H . 13.64 20.34 -6.74
C2 PCW H . 14.06 20.34 -8.26
C3 PCW H . 15.53 19.80 -8.42
C4 PCW H . 11.65 23.90 -8.05
C5 PCW H . 12.17 23.88 -9.48
C6 PCW H . 12.53 26.39 -9.75
C7 PCW H . 13.80 24.81 -11.11
C8 PCW H . 11.98 25.08 -11.12
C11 PCW H . 16.19 18.60 -10.39
C12 PCW H . 16.54 18.81 -11.84
C13 PCW H . 15.22 18.71 -12.67
C14 PCW H . 15.38 18.91 -14.17
C15 PCW H . 15.26 17.62 -15.05
C16 PCW H . 16.65 16.90 -15.18
C17 PCW H . 17.37 16.96 -16.58
C18 PCW H . 18.25 18.20 -16.74
C19 PCW H . 17.55 19.36 -17.49
C20 PCW H . 17.51 19.42 -18.88
C21 PCW H . 18.06 18.54 -19.94
C22 PCW H . 16.85 17.73 -20.51
C23 PCW H . 17.09 16.92 -21.80
C24 PCW H . 17.81 15.61 -21.66
C25 PCW H . 17.78 14.54 -22.79
C26 PCW H . 18.69 13.34 -22.62
C27 PCW H . 18.10 12.09 -21.92
C28 PCW H . 19.11 11.53 -20.94
C31 PCW H . 12.72 19.95 -10.18
C32 PCW H . 11.82 18.90 -10.87
C33 PCW H . 10.49 18.51 -10.08
C34 PCW H . 9.81 17.26 -10.62
C35 PCW H . 9.02 16.63 -9.40
C36 PCW H . 9.56 15.23 -9.00
C37 PCW H . 8.81 14.56 -7.81
C38 PCW H . 8.70 13.08 -7.97
C39 PCW H . 7.98 12.42 -6.83
C40 PCW H . 7.71 11.12 -6.69
C41 PCW H . 8.09 10.06 -7.70
C42 PCW H . 9.18 9.10 -7.03
C43 PCW H . 9.89 8.08 -7.89
C44 PCW H . 10.85 7.32 -6.99
C45 PCW H . 12.32 7.47 -7.35
C46 PCW H . 13.17 6.32 -6.90
C47 PCW H . 14.32 6.65 -5.97
C48 PCW H . 15.10 5.39 -5.60
N PCW H . 12.93 24.99 -9.97
O2 PCW H . 13.17 19.42 -9.04
O3 PCW H . 15.89 19.80 -9.80
O11 PCW H . 16.17 17.54 -9.82
O31 PCW H . 12.98 21.10 -10.63
O1P PCW H . 10.64 22.50 -5.71
O2P PCW H . 13.00 22.67 -4.95
O3P PCW H . 12.28 20.75 -6.50
O4P PCW H . 12.54 23.05 -7.27
P PCW H . 12.09 22.28 -6.04
C1 PCW I . -12.15 2.39 -5.58
C2 PCW I . -11.74 1.04 -6.30
C3 PCW I . -12.90 -0.02 -6.15
C4 PCW I . -15.60 4.86 -3.72
C5 PCW I . -15.23 6.35 -3.70
C6 PCW I . -14.04 7.98 -5.27
C7 PCW I . -16.36 7.33 -5.69
C8 PCW I . -15.69 8.27 -4.24
C11 PCW I . -12.77 -2.42 -6.17
C12 PCW I . -12.29 -3.57 -7.01
C13 PCW I . -13.23 -4.80 -6.77
C14 PCW I . -12.88 -6.06 -7.56
C15 PCW I . -13.64 -7.36 -7.14
C16 PCW I . -14.96 -7.52 -7.98
C17 PCW I . -15.55 -8.97 -8.11
C18 PCW I . -15.67 -9.43 -9.56
C19 PCW I . -14.89 -10.75 -9.84
C20 PCW I . -15.53 -11.91 -10.24
C21 PCW I . -16.95 -12.23 -10.51
C22 PCW I . -17.24 -13.59 -9.80
C23 PCW I . -18.10 -13.55 -8.51
C24 PCW I . -19.30 -14.45 -8.47
C25 PCW I . -20.43 -14.31 -9.53
C26 PCW I . -21.21 -13.01 -9.52
C27 PCW I . -21.35 -12.25 -10.86
C28 PCW I . -21.24 -10.76 -10.62
C31 PCW I . -10.38 1.86 -8.05
C32 PCW I . -10.32 2.03 -9.59
C33 PCW I . -8.85 1.99 -10.22
C34 PCW I . -8.46 0.61 -10.76
C35 PCW I . -8.08 0.83 -12.28
C36 PCW I . -7.25 -0.33 -12.85
C37 PCW I . -6.84 -0.18 -14.36
C38 PCW I . -5.37 -0.36 -14.55
C39 PCW I . -4.95 -0.21 -15.99
C40 PCW I . -4.42 -1.16 -16.76
C41 PCW I . -4.15 -2.58 -16.31
C42 PCW I . -3.64 -3.44 -17.55
C43 PCW I . -2.15 -3.61 -17.75
C44 PCW I . -1.96 -4.44 -19.01
C45 PCW I . -1.05 -3.84 -20.05
C46 PCW I . 0.38 -3.68 -19.59
C47 PCW I . 1.23 -4.92 -19.62
C48 PCW I . 2.65 -4.61 -19.12
N PCW I . -15.15 7.07 -4.94
O2 PCW I . -11.55 1.28 -7.75
O3 PCW I . -12.52 -1.24 -6.81
O11 PCW I . -13.29 -2.52 -5.09
O31 PCW I . -9.48 2.20 -7.24
O1P PCW I . -15.68 3.54 -6.56
O2P PCW I . -14.25 4.92 -6.02
O3P PCW I . -13.05 3.21 -6.35
O4P PCW I . -14.46 4.16 -4.27
P PCW I . -14.48 3.51 -5.65
C1 PCW J . -12.50 14.20 -15.69
C2 PCW J . -12.39 12.66 -15.33
C3 PCW J . -13.29 11.82 -16.31
C4 PCW J . -11.25 14.41 -11.75
C5 PCW J . -12.06 13.34 -11.03
C6 PCW J . -11.37 13.40 -8.71
C7 PCW J . -10.14 12.14 -10.24
C8 PCW J . -12.18 11.31 -9.62
C11 PCW J . -14.25 9.83 -15.36
C12 PCW J . -13.92 8.38 -15.08
C13 PCW J . -14.65 7.50 -16.15
C14 PCW J . -14.43 5.98 -16.02
C15 PCW J . -12.98 5.48 -16.30
C16 PCW J . -12.75 5.28 -17.84
C17 PCW J . -11.56 6.06 -18.50
C18 PCW J . -11.79 7.58 -18.57
C19 PCW J . -10.52 8.34 -19.05
C20 PCW J . -10.52 9.14 -20.18
C21 PCW J . -11.57 9.48 -21.17
C22 PCW J . -11.56 8.34 -22.23
C23 PCW J . -11.51 8.74 -23.72
C24 PCW J . -11.06 7.71 -24.70
C25 PCW J . -11.99 7.24 -25.85
C26 PCW J . -12.63 5.88 -25.69
C27 PCW J . -14.17 5.82 -25.57
C28 PCW J . -14.69 4.49 -26.05
C31 PCW J . -10.48 11.60 -14.43
C32 PCW J . -9.05 11.16 -14.76
C33 PCW J . -8.81 9.58 -14.83
C34 PCW J . -7.91 9.05 -13.72
C35 PCW J . -7.46 7.59 -14.19
C36 PCW J . -6.40 6.96 -13.25
C37 PCW J . -5.91 5.54 -13.66
C38 PCW J . -4.42 5.41 -13.53
C39 PCW J . -3.92 4.05 -13.93
C40 PCW J . -3.21 3.73 -15.00
C41 PCW J . -2.77 4.73 -16.05
C42 PCW J . -2.23 3.93 -17.32
C43 PCW J . -2.52 4.47 -18.71
C44 PCW J . -1.88 3.51 -19.70
C45 PCW J . -2.83 2.89 -20.71
C46 PCW J . -2.57 1.45 -20.98
C47 PCW J . -3.61 0.47 -20.47
C48 PCW J . -3.23 -0.98 -20.80
N PCW J . -11.47 12.59 -9.96
O2 PCW J . -11.00 12.18 -15.51
O3 PCW J . -13.19 10.43 -15.97
O11 PCW J . -15.28 10.37 -15.08
O31 PCW J . -11.07 11.44 -13.31
O1P PCW J . -10.21 16.43 -13.56
O2P PCW J . -12.62 16.82 -14.02
O3P PCW J . -11.35 14.97 -15.28
O4P PCW J . -12.01 14.78 -12.92
P PCW J . -11.54 15.83 -13.92
C1 PCW K . 24.50 5.90 19.62
C2 PCW K . 25.42 4.64 19.35
C3 PCW K . 26.92 5.01 19.68
C4 PCW K . 20.36 4.26 21.45
C5 PCW K . 19.14 4.83 22.17
C6 PCW K . 16.85 4.84 22.91
C7 PCW K . 17.87 2.81 22.40
C8 PCW K . 17.33 4.16 20.64
C11 PCW K . 28.44 3.35 20.51
C12 PCW K . 29.27 2.18 20.04
C13 PCW K . 28.49 0.85 20.37
C14 PCW K . 29.20 -0.44 19.97
C15 PCW K . 29.18 -0.79 18.45
C16 PCW K . 30.57 -1.32 17.98
C17 PCW K . 30.86 -2.85 18.17
C18 PCW K . 32.09 -3.34 17.40
C19 PCW K . 32.14 -4.89 17.26
C20 PCW K . 33.29 -5.56 16.92
C21 PCW K . 34.68 -5.11 16.62
C22 PCW K . 34.96 -5.47 15.14
C23 PCW K . 36.43 -5.80 14.73
C24 PCW K . 36.62 -6.68 13.54
C25 PCW K . 37.53 -7.94 13.62
C26 PCW K . 38.12 -8.43 12.32
C27 PCW K . 39.55 -9.00 12.33
C28 PCW K . 40.50 -8.05 11.61
C31 PCW K . 24.26 2.61 19.67
C32 PCW K . 23.95 1.52 20.72
C33 PCW K . 22.44 1.45 21.23
C34 PCW K . 21.71 0.18 20.81
C35 PCW K . 22.31 -0.97 21.70
C36 PCW K . 22.94 -2.10 20.86
C37 PCW K . 23.55 -3.29 21.67
C38 PCW K . 25.00 -3.05 21.98
C39 PCW K . 25.62 -4.19 22.76
C40 PCW K . 26.79 -4.79 22.51
C41 PCW K . 27.71 -4.42 21.37
C42 PCW K . 27.70 -5.63 20.33
C43 PCW K . 28.93 -5.85 19.46
C44 PCW K . 28.64 -7.06 18.59
C45 PCW K . 27.84 -6.78 17.34
C46 PCW K . 28.66 -6.21 16.21
C47 PCW K . 28.27 -4.82 15.75
C48 PCW K . 29.18 -4.35 14.60
N PCW K . 17.87 4.20 22.04
O2 PCW K . 25.04 3.52 20.25
O3 PCW K . 27.76 3.88 19.44
O11 PCW K . 28.39 3.76 21.63
O31 PCW K . 23.82 2.63 18.49
O1P PCW K . 22.98 5.36 22.09
O2P PCW K . 22.02 7.42 21.06
O3P PCW K . 23.09 5.60 19.58
O4P PCW K . 20.92 5.34 20.66
P PCW K . 22.27 5.97 20.91
C1 PCW L . -9.09 -0.56 7.67
C2 PCW L . -8.98 -1.44 6.35
C3 PCW L . -7.99 -0.75 5.34
C4 PCW L . -7.26 1.40 11.34
C5 PCW L . -6.23 2.29 10.63
C6 PCW L . -4.18 3.55 10.48
C7 PCW L . -4.43 1.98 12.18
C8 PCW L . -5.62 3.92 12.38
C11 PCW L . -6.63 -1.71 3.61
C12 PCW L . -6.73 -2.58 2.39
C13 PCW L . -6.06 -1.80 1.18
C14 PCW L . -6.07 -2.56 -0.15
C15 PCW L . -5.03 -2.06 -1.20
C16 PCW L . -4.01 -3.20 -1.55
C17 PCW L . -2.49 -2.84 -1.51
C18 PCW L . -1.82 -2.87 -2.89
C19 PCW L . -0.85 -1.69 -3.12
C20 PCW L . -0.30 -1.41 -4.36
C21 PCW L . -0.43 -2.06 -5.69
C22 PCW L . -0.62 -0.92 -6.74
C23 PCW L . -1.50 -1.22 -7.97
C24 PCW L . -0.80 -1.41 -9.28
C25 PCW L . -0.41 -0.20 -10.16
C26 PCW L . -0.29 -0.46 -11.65
C27 PCW L . -0.50 0.73 -12.61
C28 PCW L . -1.93 0.75 -13.10
C31 PCW L . -9.27 -3.64 7.22
C32 PCW L . -8.53 -4.95 7.49
C33 PCW L . -8.09 -5.20 9.02
C34 PCW L . -8.28 -6.64 9.47
C35 PCW L . -6.86 -7.34 9.30
C36 PCW L . -6.98 -8.86 9.10
C37 PCW L . -5.61 -9.61 8.91
C38 PCW L . -5.18 -10.31 10.16
C39 PCW L . -3.87 -11.03 9.99
C40 PCW L . -3.69 -12.33 9.77
C41 PCW L . -4.82 -13.34 9.66
C42 PCW L . -5.21 -13.47 8.11
C43 PCW L . -6.66 -13.31 7.71
C44 PCW L . -6.72 -13.48 6.20
C45 PCW L . -7.09 -12.23 5.43
C46 PCW L . -6.44 -12.14 4.09
C47 PCW L . -7.34 -11.78 2.92
C48 PCW L . -6.55 -11.72 1.60
N PCW L . -5.17 2.90 11.38
O2 PCW L . -8.41 -2.77 6.68
O3 PCW L . -7.87 -1.55 4.16
O11 PCW L . -5.63 -1.22 4.04
O31 PCW L . -10.50 -3.41 7.47
O1P PCW L . -9.63 0.14 10.30
O2P PCW L . -8.42 -1.97 10.80
O3P PCW L . -8.00 -0.72 8.59
O4P PCW L . -7.17 0.09 10.72
P PCW L . -8.37 -0.64 10.15
C1 PCW M . 25.76 12.38 11.86
C2 PCW M . 26.04 11.07 11.02
C3 PCW M . 25.02 9.96 11.42
C4 PCW M . 22.83 12.99 8.58
C5 PCW M . 21.50 13.68 8.25
C6 PCW M . 19.69 12.92 6.62
C7 PCW M . 19.48 12.46 9.01
C8 PCW M . 19.50 14.10 8.17
C11 PCW M . 26.34 7.99 10.98
C12 PCW M . 26.39 6.79 10.07
C13 PCW M . 26.23 5.50 10.94
C14 PCW M . 26.27 4.18 10.15
C15 PCW M . 27.43 3.20 10.53
C16 PCW M . 27.06 2.39 11.82
C17 PCW M . 27.78 1.00 12.02
C18 PCW M . 27.06 0.09 13.02
C19 PCW M . 27.60 0.22 14.47
C20 PCW M . 27.01 -0.43 15.53
C21 PCW M . 25.84 -1.34 15.64
C22 PCW M . 24.75 -0.59 16.45
C23 PCW M . 23.27 -0.79 16.02
C24 PCW M . 22.28 -1.08 17.11
C25 PCW M . 21.00 -1.91 16.82
C26 PCW M . 21.00 -3.34 17.31
C27 PCW M . 19.92 -3.75 18.34
C28 PCW M . 20.03 -5.23 18.64
C31 PCW M . 26.94 11.74 8.93
C32 PCW M . 26.59 11.98 7.45
C33 PCW M . 26.07 10.70 6.66
C34 PCW M . 27.14 10.01 5.82
C35 PCW M . 27.87 9.01 6.80
C36 PCW M . 27.82 7.55 6.32
C37 PCW M . 28.53 6.50 7.24
C38 PCW M . 28.78 5.21 6.54
C39 PCW M . 29.47 4.20 7.41
C40 PCW M . 30.38 3.30 7.03
C41 PCW M . 30.90 3.16 5.61
C42 PCW M . 32.18 2.22 5.63
C43 PCW M . 32.99 2.07 4.36
C44 PCW M . 34.14 1.12 4.66
C45 PCW M . 34.05 -0.23 3.99
C46 PCW M . 35.14 -0.50 3.00
C47 PCW M . 34.77 -0.41 1.54
C48 PCW M . 35.98 -0.70 0.65
N PCW M . 20.35 12.90 7.93
O2 PCW M . 25.83 11.35 9.56
O3 PCW M . 25.26 8.76 10.65
O11 PCW M . 27.10 8.22 11.87
O31 PCW M . 28.08 11.91 9.45
O1P PCW M . 23.04 12.50 11.42
O2P PCW M . 23.28 14.98 11.54
O3P PCW M . 25.34 13.51 11.07
O4P PCW M . 23.58 13.91 9.42
P PCW M . 23.74 13.72 10.92
C1 PCW N . -13.44 -0.99 -1.00
C2 PCW N . -12.22 -1.92 -1.37
C3 PCW N . -12.72 -3.38 -1.64
C4 PCW N . -14.66 2.59 -0.41
C5 PCW N . -15.72 2.42 0.67
C6 PCW N . -16.67 4.64 0.57
C7 PCW N . -15.14 4.12 2.25
C8 PCW N . -17.23 3.25 2.45
C11 PCW N . -11.02 -4.93 -0.97
C12 PCW N . -9.88 -5.75 -1.52
C13 PCW N . -8.55 -5.24 -0.84
C14 PCW N . -7.28 -5.97 -1.30
C15 PCW N . -6.48 -6.70 -0.17
C16 PCW N . -4.96 -6.81 -0.55
C17 PCW N . -4.34 -8.25 -0.55
C18 PCW N . -4.18 -8.85 -1.95
C19 PCW N . -5.35 -9.79 -2.34
C20 PCW N . -5.29 -11.16 -2.18
C21 PCW N . -4.23 -12.06 -1.64
C22 PCW N . -3.81 -12.99 -2.81
C23 PCW N . -4.00 -14.52 -2.61
C24 PCW N . -4.99 -15.21 -3.51
C25 PCW N . -6.12 -16.10 -2.92
C26 PCW N . -7.48 -15.46 -2.77
C27 PCW N . -7.78 -14.71 -1.45
C28 PCW N . -8.52 -15.61 -0.49
C31 PCW N . -10.24 -1.44 -2.60
C32 PCW N . -9.73 -0.91 -3.94
C33 PCW N . -8.89 -1.96 -4.82
C34 PCW N . -8.19 -1.34 -6.02
C35 PCW N . -9.20 -1.51 -7.23
C36 PCW N . -8.69 -2.49 -8.30
C37 PCW N . -9.63 -2.71 -9.52
C38 PCW N . -9.13 -3.77 -10.44
C39 PCW N . -10.04 -4.00 -11.62
C40 PCW N . -9.72 -4.58 -12.77
C41 PCW N . -8.33 -5.12 -13.10
C42 PCW N . -8.50 -6.59 -13.69
C43 PCW N . -7.86 -7.75 -12.95
C44 PCW N . -8.19 -9.02 -13.73
C45 PCW N . -7.12 -10.08 -13.72
C46 PCW N . -7.15 -10.98 -14.92
C47 PCW N . -6.36 -12.26 -14.82
C48 PCW N . -6.47 -13.08 -16.10
N PCW N . -16.17 3.55 1.44
O2 PCW N . -11.57 -1.43 -2.63
O3 PCW N . -11.61 -4.22 -1.98
O11 PCW N . -11.36 -4.91 0.18
O31 PCW N . -9.52 -1.81 -1.63
O1P PCW N . -12.63 1.48 -2.18
O2P PCW N . -14.50 1.43 -3.82
O3P PCW N . -14.18 -0.49 -2.14
O4P PCW N . -15.04 1.69 -1.49
P PCW N . -14.04 1.08 -2.46
C1 PCW O . 11.87 9.14 7.21
C2 PCW O . 13.05 8.11 6.99
C3 PCW O . 12.46 6.67 6.74
C4 PCW O . 11.23 8.88 12.05
C5 PCW O . 10.21 7.73 12.14
C6 PCW O . 10.63 7.72 14.53
C7 PCW O . 9.85 5.79 13.48
C8 PCW O . 8.36 7.50 13.76
C11 PCW O . 13.32 4.67 5.74
C12 PCW O . 14.57 3.82 5.70
C13 PCW O . 14.74 3.13 7.11
C14 PCW O . 15.97 2.23 7.23
C15 PCW O . 16.68 2.26 8.61
C16 PCW O . 17.61 3.52 8.74
C17 PCW O . 19.11 3.36 8.34
C18 PCW O . 20.08 3.54 9.50
C19 PCW O . 20.66 2.21 10.04
C20 PCW O . 21.84 1.66 9.53
C21 PCW O . 22.79 2.11 8.50
C22 PCW O . 24.15 1.42 8.80
C23 PCW O . 24.95 0.85 7.60
C24 PCW O . 26.39 1.26 7.49
C25 PCW O . 27.53 0.30 7.93
C26 PCW O . 28.14 -0.56 6.84
C27 PCW O . 29.64 -0.92 6.97
C28 PCW O . 29.84 -2.40 6.78
C31 PCW O . 14.81 9.34 5.98
C32 PCW O . 15.51 9.60 4.63
C33 PCW O . 17.09 9.88 4.72
C34 PCW O . 17.49 11.23 4.12
C35 PCW O . 18.60 10.91 3.05
C36 PCW O . 18.14 11.25 1.61
C37 PCW O . 19.18 10.96 0.49
C38 PCW O . 18.74 9.87 -0.43
C39 PCW O . 19.74 9.58 -1.51
C40 PCW O . 19.55 8.85 -2.61
C41 PCW O . 18.25 8.15 -2.96
C42 PCW O . 18.50 6.58 -2.97
C43 PCW O . 17.37 5.67 -2.53
C44 PCW O . 17.89 4.24 -2.65
C45 PCW O . 16.92 3.16 -2.21
C46 PCW O . 16.61 2.18 -3.30
C47 PCW O . 17.38 0.87 -3.26
C48 PCW O . 16.96 -0.05 -4.42
N PCW O . 9.79 7.22 13.42
O2 PCW O . 13.82 8.47 5.77
O3 PCW O . 13.54 5.74 6.56
O11 PCW O . 12.30 4.42 5.17
O31 PCW O . 15.12 9.87 7.08
O1P PCW O . 13.24 9.19 9.97
O2P PCW O . 11.99 11.28 9.47
O3P PCW O . 11.22 9.02 8.50
O4P PCW O . 10.92 9.61 10.84
P PCW O . 11.91 9.82 9.71
C1 PCW P . 2.67 -5.78 14.51
C2 PCW P . 3.03 -6.78 15.66
C3 PCW P . 3.15 -8.23 15.07
C4 PCW P . 1.67 -1.43 13.34
C5 PCW P . 2.82 -1.09 12.41
C6 PCW P . 2.52 0.06 10.15
C7 PCW P . 3.45 1.30 12.06
C8 PCW P . 4.18 -0.17 11.19
C11 PCW P . 2.55 -10.08 16.47
C12 PCW P . 3.10 -10.97 17.56
C13 PCW P . 3.33 -12.41 16.95
C14 PCW P . 3.88 -13.45 17.93
C15 PCW P . 2.82 -14.30 18.68
C16 PCW P . 3.47 -15.59 19.29
C17 PCW P . 2.79 -16.20 20.57
C18 PCW P . 3.78 -16.85 21.54
C19 PCW P . 3.23 -16.98 22.98
C20 PCW P . 2.55 -18.11 23.41
C21 PCW P . 2.20 -19.39 22.75
C22 PCW P . 1.77 -20.38 23.87
C23 PCW P . 0.49 -21.22 23.64
C24 PCW P . 0.67 -22.69 23.38
C25 PCW P . 1.32 -23.62 24.45
C26 PCW P . 2.49 -24.46 23.99
C27 PCW P . 2.70 -25.84 24.65
C28 PCW P . 4.16 -26.18 24.67
C31 PCW P . 4.30 -5.78 17.41
C32 PCW P . 5.74 -5.49 17.86
C33 PCW P . 5.97 -5.56 19.44
C34 PCW P . 7.26 -4.87 19.90
C35 PCW P . 7.79 -5.71 21.14
C36 PCW P . 9.09 -6.49 20.82
C37 PCW P . 9.67 -7.33 21.99
C38 PCW P . 10.21 -8.64 21.50
C39 PCW P . 10.77 -9.49 22.62
C40 PCW P . 11.07 -10.78 22.57
C41 PCW P . 10.87 -11.66 21.34
C42 PCW P . 11.59 -13.05 21.61
C43 PCW P . 10.80 -14.17 22.27
C44 PCW P . 11.72 -15.36 22.40
C45 PCW P . 11.16 -16.53 23.16
C46 PCW P . 10.67 -17.65 22.29
C47 PCW P . 9.46 -18.41 22.79
C48 PCW P . 9.07 -19.52 21.80
N PCW P . 2.77 0.10 11.61
O2 PCW P . 4.36 -6.43 16.25
O3 PCW P . 3.50 -9.16 16.11
O11 PCW P . 1.45 -10.18 15.99
O31 PCW P . 3.25 -5.46 18.03
O1P PCW P . 0.55 -3.95 14.25
O2P PCW P . 1.42 -3.19 16.47
O3P PCW P . 2.99 -4.39 14.81
O4P PCW P . 2.23 -2.10 14.49
P PCW P . 1.72 -3.42 15.03
C1 PCW Q . -5.99 -1.22 15.25
C2 PCW Q . -5.17 -2.18 14.29
C3 PCW Q . -5.69 -3.64 14.43
C4 PCW Q . -9.47 -2.24 13.99
C5 PCW Q . -10.59 -2.35 12.95
C6 PCW Q . -11.23 -3.14 10.61
C7 PCW Q . -9.99 -4.61 12.13
C8 PCW Q . -11.71 -3.96 12.34
C11 PCW Q . -5.61 -5.20 12.61
C12 PCW Q . -4.62 -6.01 11.80
C13 PCW Q . -3.97 -7.09 12.73
C14 PCW Q . -2.94 -8.00 12.04
C15 PCW Q . -1.61 -8.22 12.81
C16 PCW Q . -0.50 -7.22 12.31
C17 PCW Q . 0.40 -7.70 11.11
C18 PCW Q . 1.89 -7.42 11.32
C19 PCW Q . 2.28 -5.97 10.99
C20 PCW Q . 3.28 -5.65 10.08
C21 PCW Q . 4.16 -6.47 9.25
C22 PCW Q . 5.60 -6.35 9.84
C23 PCW Q . 6.08 -7.50 10.76
C24 PCW Q . 6.62 -8.73 10.09
C25 PCW Q . 8.14 -8.89 9.79
C26 PCW Q . 8.60 -8.52 8.40
C27 PCW Q . 8.92 -9.67 7.42
C28 PCW Q . 9.00 -9.13 6.01
C31 PCW Q . -4.20 -1.71 12.19
C32 PCW Q . -4.53 -1.29 10.74
C33 PCW Q . -4.76 -2.51 9.72
C34 PCW Q . -4.34 -2.18 8.28
C35 PCW Q . -5.24 -3.08 7.36
C36 PCW Q . -4.42 -3.86 6.30
C37 PCW Q . -5.25 -4.78 5.35
C38 PCW Q . -5.26 -6.19 5.82
C39 PCW Q . -6.06 -7.10 4.92
C40 PCW Q . -5.61 -7.78 3.86
C41 PCW Q . -4.18 -7.75 3.37
C42 PCW Q . -3.52 -9.16 3.67
C43 PCW Q . -2.01 -9.25 3.79
C44 PCW Q . -1.67 -10.70 4.08
C45 PCW Q . -0.49 -11.24 3.32
C46 PCW Q . 0.78 -11.33 4.14
C47 PCW Q . 1.87 -12.21 3.59
C48 PCW Q . 3.09 -12.22 4.52
N PCW Q . -10.46 -3.28 11.87
O2 PCW Q . -5.33 -1.77 12.87
O3 PCW Q . -4.94 -4.50 13.56
O11 PCW Q . -6.79 -5.17 12.42
O31 PCW Q . -3.03 -1.94 12.64
O1P PCW Q . -8.57 -0.54 16.15
O2P PCW Q . -8.82 1.26 14.45
O3P PCW Q . -6.66 -0.14 14.55
O4P PCW Q . -8.77 -1.01 13.69
P PCW Q . -8.26 -0.07 14.77
C1 PCW R . -28.67 2.68 -11.77
C2 PCW R . -28.81 1.62 -12.95
C3 PCW R . -28.92 2.34 -14.33
C4 PCW R . -25.46 6.07 -10.89
C5 PCW R . -24.95 7.41 -11.41
C6 PCW R . -23.65 9.45 -11.30
C7 PCW R . -22.96 7.58 -10.08
C8 PCW R . -24.79 8.71 -9.31
C11 PCW R . -28.62 1.66 -16.63
C12 PCW R . -28.82 0.48 -17.55
C13 PCW R . -30.18 0.68 -18.33
C14 PCW R . -30.53 -0.44 -19.30
C15 PCW R . -31.32 -1.64 -18.68
C16 PCW R . -30.62 -3.00 -19.01
C17 PCW R . -29.34 -3.36 -18.16
C18 PCW R . -28.04 -3.30 -18.98
C19 PCW R . -27.70 -4.63 -19.68
C20 PCW R . -27.93 -4.84 -21.02
C21 PCW R . -28.51 -3.98 -22.09
C22 PCW R . -27.58 -4.11 -23.33
C23 PCW R . -27.78 -5.36 -24.24
C24 PCW R . -27.56 -5.17 -25.71
C25 PCW R . -27.56 -6.38 -26.68
C26 PCW R . -28.39 -6.24 -27.94
C27 PCW R . -29.55 -7.22 -28.15
C28 PCW R . -29.11 -8.38 -29.02
C31 PCW R . -27.75 -0.40 -12.33
C32 PCW R . -26.45 -1.21 -12.48
C33 PCW R . -26.58 -2.57 -13.31
C34 PCW R . -27.10 -3.74 -12.47
C35 PCW R . -27.46 -4.88 -13.50
C36 PCW R . -28.08 -6.12 -12.83
C37 PCW R . -28.47 -7.29 -13.79
C38 PCW R . -29.18 -8.40 -13.06
C39 PCW R . -29.57 -9.54 -13.96
C40 PCW R . -30.03 -10.74 -13.61
C41 PCW R . -30.25 -11.16 -12.17
C42 PCW R . -31.12 -12.50 -12.17
C43 PCW R . -31.24 -13.29 -10.88
C44 PCW R . -32.11 -14.49 -11.17
C45 PCW R . -31.69 -15.79 -10.50
C46 PCW R . -32.83 -16.72 -10.20
C47 PCW R . -32.47 -18.01 -9.50
C48 PCW R . -33.72 -18.86 -9.25
N PCW R . -24.13 8.25 -10.57
O2 PCW R . -27.61 0.75 -13.01
O3 PCW R . -29.05 1.35 -15.37
O11 PCW R . -28.13 2.72 -16.96
O31 PCW R . -28.77 -0.76 -11.67
O1P PCW R . -26.01 3.21 -10.77
O2P PCW R . -25.77 3.37 -13.25
O3P PCW R . -28.02 3.91 -12.13
O4P PCW R . -26.09 5.39 -12.02
P PCW R . -26.42 3.91 -12.03
C1 PCW S . -14.87 8.82 -11.34
C2 PCW S . -15.89 7.61 -11.32
C3 PCW S . -16.45 7.37 -12.77
C4 PCW S . -18.03 12.19 -12.62
C5 PCW S . -18.18 13.04 -13.88
C6 PCW S . -20.37 12.29 -14.61
C7 PCW S . -18.46 11.32 -15.54
C8 PCW S . -18.96 13.45 -16.19
C11 PCW S . -18.69 6.57 -12.94
C12 PCW S . -19.49 5.30 -12.93
C13 PCW S . -19.70 4.84 -14.41
C14 PCW S . -20.49 3.55 -14.61
C15 PCW S . -21.94 3.56 -14.03
C16 PCW S . -22.23 2.24 -13.22
C17 PCW S . -22.54 2.38 -11.68
C18 PCW S . -23.38 1.23 -11.12
C19 PCW S . -23.10 0.96 -9.62
C20 PCW S . -23.60 -0.15 -8.96
C21 PCW S . -24.47 -1.27 -9.42
C22 PCW S . -23.53 -2.49 -9.66
C23 PCW S . -23.31 -2.95 -11.13
C24 PCW S . -22.49 -4.19 -11.34
C25 PCW S . -23.01 -5.36 -12.24
C26 PCW S . -22.36 -5.50 -13.61
C27 PCW S . -23.19 -5.08 -14.83
C28 PCW S . -24.00 -6.25 -15.33
C31 PCW S . -14.92 6.29 -9.61
C32 PCW S . -14.18 4.96 -9.34
C33 PCW S . -14.93 3.64 -9.80
C34 PCW S . -14.01 2.60 -10.43
C35 PCW S . -14.33 1.25 -9.67
C36 PCW S . -14.03 0.00 -10.53
C37 PCW S . -14.31 -1.37 -9.84
C38 PCW S . -14.32 -2.50 -10.82
C39 PCW S . -14.59 -3.83 -10.16
C40 PCW S . -15.56 -4.70 -10.45
C41 PCW S . -16.60 -4.47 -11.53
C42 PCW S . -17.63 -5.70 -11.48
C43 PCW S . -17.55 -6.73 -12.58
C44 PCW S . -18.63 -7.77 -12.29
C45 PCW S . -19.08 -8.58 -13.47
C46 PCW S . -18.37 -9.90 -13.59
C47 PCW S . -19.09 -10.97 -14.36
C48 PCW S . -18.27 -12.27 -14.40
N PCW S . -18.95 12.55 -15.00
O2 PCW S . -15.17 6.36 -10.92
O3 PCW S . -17.37 6.28 -12.76
O11 PCW S . -19.15 7.67 -13.10
O31 PCW S . -15.24 7.15 -8.75
O1P PCW S . -17.10 10.52 -10.42
O2P PCW S . -15.07 11.98 -10.57
O3P PCW S . -15.32 9.94 -12.12
O4P PCW S . -16.61 11.99 -12.42
P PCW S . -16.04 11.13 -11.30
C1 PCW T . 13.36 18.98 -1.56
C2 PCW T . 13.31 17.46 -2.02
C3 PCW T . 12.58 16.59 -0.92
C4 PCW T . 9.50 20.47 -3.59
C5 PCW T . 9.54 19.56 -4.80
C6 PCW T . 7.95 18.00 -6.04
C7 PCW T . 7.74 20.42 -6.28
C8 PCW T . 9.16 19.35 -6.80
C11 PCW T . 11.46 14.48 -1.01
C12 PCW T . 11.62 13.09 -1.55
C13 PCW T . 10.96 13.03 -2.98
C14 PCW T . 11.03 11.68 -3.69
C15 PCW T . 11.66 11.70 -5.11
C16 PCW T . 12.99 10.87 -5.14
C17 PCW T . 14.23 11.53 -5.82
C18 PCW T . 15.04 10.56 -6.68
C19 PCW T . 16.28 11.21 -7.32
C20 PCW T . 16.93 10.65 -8.41
C21 PCW T . 16.68 9.42 -9.20
C22 PCW T . 18.02 8.65 -9.28
C23 PCW T . 17.98 7.11 -9.17
C24 PCW T . 18.51 6.50 -7.90
C25 PCW T . 18.55 4.96 -7.71
C26 PCW T . 19.38 4.45 -6.54
C27 PCW T . 20.00 3.04 -6.67
C28 PCW T . 20.39 2.53 -5.30
C31 PCW T . 13.27 17.50 -4.38
C32 PCW T . 12.36 17.31 -5.60
C33 PCW T . 12.57 15.95 -6.42
C34 PCW T . 13.88 15.92 -7.20
C35 PCW T . 13.46 15.87 -8.72
C36 PCW T . 13.87 14.55 -9.41
C37 PCW T . 13.48 14.43 -10.92
C38 PCW T . 14.68 14.57 -11.81
C39 PCW T . 14.35 14.46 -13.27
C40 PCW T . 14.86 13.60 -14.14
C41 PCW T . 15.90 12.56 -13.79
C42 PCW T . 16.70 12.18 -15.13
C43 PCW T . 18.21 12.16 -15.09
C44 PCW T . 18.69 11.77 -16.47
C45 PCW T . 20.11 12.18 -16.80
C46 PCW T . 21.08 11.04 -16.84
C47 PCW T . 21.82 10.84 -18.14
C48 PCW T . 22.79 9.65 -18.04
N PCW T . 8.34 19.32 -5.55
O2 PCW T . 12.55 17.31 -3.28
O3 PCW T . 12.55 15.23 -1.34
O11 PCW T . 10.52 14.87 -0.38
O31 PCW T . 14.51 17.81 -4.42
O1P PCW T . 10.82 20.06 -1.06
O2P PCW T . 12.02 22.16 -1.65
O3P PCW T . 12.85 19.90 -2.55
O4P PCW T . 10.84 20.99 -3.39
P PCW T . 11.60 20.81 -2.08
C1 PCW U . -2.29 -9.36 23.65
C2 PCW U . -0.79 -9.33 23.15
C3 PCW U . 0.10 -10.23 24.08
C4 PCW U . -2.18 -5.40 21.63
C5 PCW U . -0.76 -4.86 21.52
C6 PCW U . 0.09 -2.47 21.26
C7 PCW U . -0.13 -3.46 23.47
C8 PCW U . 1.00 -3.98 22.11
C11 PCW U . 2.44 -10.57 24.49
C12 PCW U . 3.77 -10.47 23.79
C13 PCW U . 4.06 -11.84 23.06
C14 PCW U . 5.37 -11.92 22.30
C15 PCW U . 5.53 -13.17 21.39
C16 PCW U . 6.89 -13.12 20.59
C17 PCW U . 7.68 -14.46 20.44
C18 PCW U . 8.19 -14.71 19.01
C19 PCW U . 8.37 -16.21 18.69
C20 PCW U . 8.83 -16.66 17.46
C21 PCW U . 9.24 -15.95 16.22
C22 PCW U . 9.47 -17.03 15.13
C23 PCW U . 10.78 -16.93 14.30
C24 PCW U . 11.16 -18.15 13.51
C25 PCW U . 12.60 -18.32 12.95
C26 PCW U . 12.71 -18.84 11.54
C27 PCW U . 13.23 -20.28 11.34
C28 PCW U . 12.46 -20.97 10.23
C31 PCW U . -0.22 -9.01 20.88
C32 PCW U . -0.17 -9.71 19.50
C33 PCW U . -1.21 -10.91 19.28
C34 PCW U . -0.54 -12.25 18.97
C35 PCW U . -1.53 -13.35 19.51
C36 PCW U . -0.79 -14.53 20.19
C37 PCW U . -1.70 -15.66 20.74
C38 PCW U . -1.33 -17.00 20.19
C39 PCW U . -2.21 -18.11 20.71
C40 PCW U . -1.99 -19.42 20.59
C41 PCW U . -0.78 -20.03 19.89
C42 PCW U . -0.96 -21.61 19.86
C43 PCW U . 0.23 -22.46 19.48
C44 PCW U . -0.22 -23.90 19.54
C45 PCW U . 0.78 -24.87 20.15
C46 PCW U . 0.16 -25.90 21.05
C47 PCW U . 0.98 -27.13 21.33
C48 PCW U . 0.24 -28.10 22.26
N PCW U . -0.44 -3.58 22.07
O2 PCW U . -0.68 -9.88 21.78
O3 PCW U . 1.46 -10.19 23.63
O11 PCW U . 2.28 -10.95 25.62
O31 PCW U . 0.10 -7.82 21.09
O1P PCW U . -4.66 -6.57 22.56
O2P PCW U . -3.38 -6.85 24.69
O3P PCW U . -3.19 -8.61 22.80
O4P PCW U . -2.16 -6.41 22.67
P PCW U . -3.42 -7.07 23.22
C1 PCW V . -14.72 -16.52 19.77
C2 PCW V . -13.35 -16.14 20.47
C3 PCW V . -13.08 -17.08 21.68
C4 PCW V . -15.10 -12.86 16.73
C5 PCW V . -14.31 -11.57 16.94
C6 PCW V . -15.85 -9.90 16.12
C7 PCW V . -14.28 -10.81 14.67
C8 PCW V . -13.52 -9.34 16.23
C11 PCW V . -11.85 -15.83 23.34
C12 PCW V . -10.46 -15.61 23.84
C13 PCW V . -10.24 -16.52 25.10
C14 PCW V . -8.86 -16.42 25.74
C15 PCW V . -8.19 -17.78 26.11
C16 PCW V . -7.43 -18.38 24.87
C17 PCW V . -8.24 -19.34 23.92
C18 PCW V . -9.20 -20.27 24.65
C19 PCW V . -8.94 -21.77 24.36
C20 PCW V . -8.12 -22.55 25.16
C21 PCW V . -7.34 -22.25 26.38
C22 PCW V . -5.84 -22.53 26.06
C23 PCW V . -5.08 -21.47 25.22
C24 PCW V . -3.63 -21.28 25.52
C25 PCW V . -3.14 -20.20 26.51
C26 PCW V . -1.78 -19.59 26.24
C27 PCW V . -0.62 -19.95 27.20
C28 PCW V . 0.14 -18.72 27.61
C31 PCW V . -11.81 -15.15 18.96
C32 PCW V . -10.65 -15.47 18.00
C33 PCW V . -10.96 -16.53 16.85
C34 PCW V . -10.92 -17.99 17.33
C35 PCW V . -9.75 -18.68 16.51
C36 PCW V . -9.70 -20.20 16.76
C37 PCW V . -8.57 -20.97 15.99
C38 PCW V . -8.77 -22.45 16.04
C39 PCW V . -7.70 -23.21 15.30
C40 PCW V . -7.03 -24.29 15.73
C41 PCW V . -7.25 -24.93 17.09
C42 PCW V . -6.04 -25.92 17.37
C43 PCW V . -5.70 -26.27 18.80
C44 PCW V . -4.52 -27.23 18.77
C45 PCW V . -3.99 -27.62 20.13
C46 PCW V . -3.48 -29.03 20.19
C47 PCW V . -3.90 -29.83 21.40
C48 PCW V . -3.32 -31.26 21.35
N PCW V . -14.48 -10.46 16.04
O2 PCW V . -12.21 -16.29 19.52
O3 PCW V . -11.84 -16.73 22.31
O11 PCW V . -12.83 -15.30 23.78
O31 PCW V . -12.30 -14.01 19.15
O1P PCW V . -16.88 -15.12 17.19
O2P PCW V . -16.62 -14.45 19.57
O3P PCW V . -14.88 -15.98 18.45
O4P PCW V . -15.05 -13.59 17.99
P PCW V . -15.93 -14.78 18.30
C1 PCW W . -28.34 -0.61 -1.88
C2 PCW W . -29.02 -2.04 -2.01
C3 PCW W . -27.92 -3.14 -2.26
C4 PCW W . -28.15 -0.56 2.63
C5 PCW W . -28.34 0.69 3.50
C6 PCW W . -28.04 1.86 5.75
C7 PCW W . -26.98 -0.31 5.33
C8 PCW W . -26.65 1.30 4.49
C11 PCW W . -27.93 -5.35 -3.18
C12 PCW W . -28.70 -6.64 -3.13
C13 PCW W . -28.08 -7.55 -2.01
C14 PCW W . -28.73 -8.91 -1.82
C15 PCW W . -27.76 -10.08 -1.47
C16 PCW W . -27.75 -11.15 -2.61
C17 PCW W . -27.55 -10.65 -4.08
C18 PCW W . -26.09 -10.73 -4.56
C19 PCW W . -25.78 -12.02 -5.35
C20 PCW W . -26.30 -12.25 -6.62
C21 PCW W . -27.18 -11.46 -7.51
C22 PCW W . -27.74 -12.44 -8.59
C23 PCW W . -27.34 -12.19 -10.06
C24 PCW W . -26.69 -13.34 -10.77
C25 PCW W . -27.36 -13.99 -12.02
C26 PCW W . -27.14 -13.30 -13.35
C27 PCW W . -27.14 -14.16 -14.63
C28 PCW W . -27.64 -13.35 -15.81
C31 PCW W . -30.96 -2.90 -0.97
C32 PCW W . -31.57 -3.21 0.41
C33 PCW W . -31.29 -4.69 0.96
C34 PCW W . -32.43 -5.66 0.67
C35 PCW W . -31.86 -6.69 -0.39
C36 PCW W . -32.64 -8.02 -0.40
C37 PCW W . -32.14 -9.08 -1.43
C38 PCW W . -33.02 -10.29 -1.45
C39 PCW W . -32.56 -11.33 -2.43
C40 PCW W . -33.05 -12.56 -2.58
C41 PCW W . -34.19 -13.13 -1.75
C42 PCW W . -34.40 -14.65 -2.17
C43 PCW W . -35.79 -15.23 -2.12
C44 PCW W . -35.68 -16.68 -2.56
C45 PCW W . -36.23 -16.98 -3.95
C46 PCW W . -36.51 -18.44 -4.19
C47 PCW W . -35.97 -19.03 -5.48
C48 PCW W . -36.34 -20.51 -5.59
N PCW W . -27.94 0.67 4.87
O2 PCW W . -29.74 -2.40 -0.77
O3 PCW W . -28.55 -4.42 -2.39
O11 PCW W . -26.91 -5.18 -3.79
O31 PCW W . -31.52 -3.08 -2.08
O1P PCW W . -26.21 0.82 0.94
O2P PCW W . -28.26 1.73 -0.16
O3P PCW W . -27.33 -0.58 -0.84
O4P PCW W . -28.50 -0.18 1.26
P PCW W . -27.55 0.53 0.32
C1 PCW X . 25.55 12.96 3.72
C2 PCW X . 25.30 12.70 2.19
C3 PCW X . 26.67 12.51 1.45
C4 PCW X . 24.86 16.24 5.37
C5 PCW X . 25.18 16.93 6.69
C6 PCW X . 26.18 19.18 5.97
C7 PCW X . 24.67 19.04 7.91
C8 PCW X . 26.35 18.27 7.72
C11 PCW X . 26.68 13.29 -0.82
C12 PCW X . 26.36 12.83 -2.22
C13 PCW X . 27.58 11.99 -2.73
C14 PCW X . 27.44 11.44 -4.15
C15 PCW X . 28.42 10.29 -4.54
C16 PCW X . 28.52 10.14 -6.10
C17 PCW X . 29.96 10.04 -6.73
C18 PCW X . 30.75 11.35 -6.67
C19 PCW X . 31.28 11.79 -8.06
C20 PCW X . 32.63 12.02 -8.29
C21 PCW X . 33.82 11.94 -7.42
C22 PCW X . 34.65 10.70 -7.89
C23 PCW X . 35.08 9.67 -6.81
C24 PCW X . 36.55 9.48 -6.62
C25 PCW X . 37.11 8.70 -5.39
C26 PCW X . 37.62 9.55 -4.24
C27 PCW X . 37.20 9.13 -2.81
C28 PCW X . 37.35 10.30 -1.87
C31 PCW X . 23.31 11.58 1.50
C32 PCW X . 22.66 10.20 1.40
C33 PCW X . 23.55 9.08 0.67
C34 PCW X . 24.29 8.17 1.66
C35 PCW X . 25.13 7.16 0.76
C36 PCW X . 26.46 6.76 1.43
C37 PCW X . 27.34 5.77 0.62
C38 PCW X . 28.62 5.45 1.33
C39 PCW X . 29.49 4.49 0.55
C40 PCW X . 30.77 4.64 0.22
C41 PCW X . 31.60 5.86 0.59
C42 PCW X . 33.08 5.65 0.01
C43 PCW X . 34.13 5.04 0.91
C44 PCW X . 35.41 4.95 0.10
C45 PCW X . 36.65 5.47 0.79
C46 PCW X . 37.73 5.93 -0.16
C47 PCW X . 38.92 5.02 -0.31
C48 PCW X . 39.94 5.61 -1.30
N PCW X . 25.21 18.36 6.75
O2 PCW X . 24.53 11.42 2.01
O3 PCW X . 26.44 12.28 0.06
O11 PCW X . 27.07 14.39 -0.52
O31 PCW X . 22.77 12.68 1.17
O1P PCW X . 23.31 14.80 3.40
O2P PCW X . 22.18 13.85 5.40
O3P PCW X . 24.37 12.81 4.54
O4P PCW X . 24.29 14.95 5.70
P PCW X . 23.47 14.12 4.72
C1 PCW Y . 15.82 9.98 11.34
C2 PCW Y . 15.90 8.64 12.17
C3 PCW Y . 15.37 7.45 11.30
C4 PCW Y . 15.08 11.22 15.58
C5 PCW Y . 14.96 10.02 16.50
C6 PCW Y . 16.85 8.82 17.71
C7 PCW Y . 15.47 10.45 18.89
C8 PCW Y . 14.94 8.83 18.17
C11 PCW Y . 14.39 5.92 12.88
C12 PCW Y . 14.67 4.60 13.55
C13 PCW Y . 15.65 4.86 14.75
C14 PCW Y . 16.04 3.61 15.56
C15 PCW Y . 16.46 2.36 14.72
C16 PCW Y . 17.64 1.60 15.41
C17 PCW Y . 18.60 0.77 14.49
C18 PCW Y . 17.89 -0.34 13.70
C19 PCW Y . 17.55 -1.57 14.59
C20 PCW Y . 17.89 -2.86 14.23
C21 PCW Y . 18.59 -3.42 13.04
C22 PCW Y . 20.09 -3.52 13.42
C23 PCW Y . 21.10 -2.75 12.53
C24 PCW Y . 22.50 -3.30 12.46
C25 PCW Y . 23.74 -2.37 12.40
C26 PCW Y . 24.14 -1.84 11.04
C27 PCW Y . 24.93 -2.79 10.12
C28 PCW Y . 26.42 -2.54 10.28
C31 PCW Y . 17.52 8.08 13.80
C32 PCW Y . 19.02 7.80 14.01
C33 PCW Y . 19.70 6.83 12.92
C34 PCW Y . 20.99 7.41 12.33
C35 PCW Y . 20.76 7.45 10.76
C36 PCW Y . 20.07 8.76 10.31
C37 PCW Y . 19.82 8.88 8.76
C38 PCW Y . 21.00 9.45 8.05
C39 PCW Y . 20.77 9.57 6.56
C40 PCW Y . 21.66 9.39 5.59
C41 PCW Y . 23.11 9.01 5.83
C42 PCW Y . 23.38 7.62 5.11
C43 PCW Y . 24.20 6.57 5.83
C44 PCW Y . 24.29 5.37 4.90
C45 PCW Y . 25.23 4.28 5.36
C46 PCW Y . 25.68 3.37 4.25
C47 PCW Y . 27.15 3.01 4.20
C48 PCW Y . 27.45 2.08 3.02
N PCW Y . 15.85 9.89 17.61
O2 PCW Y . 17.32 8.34 12.52
O3 PCW Y . 15.44 6.24 12.06
O11 PCW Y . 13.39 6.58 13.03
O31 PCW Y . 16.64 8.08 14.71
O1P PCW Y . 14.93 13.11 13.35
O2P PCW Y . 13.46 11.35 12.36
O3P PCW Y . 16.02 11.18 12.13
O4P PCW Y . 14.84 10.73 14.22
P PCW Y . 14.75 11.65 13.02
C1 PCW Z . -10.57 -6.86 17.77
C2 PCW Z . -9.03 -7.18 17.73
C3 PCW Z . -8.67 -8.26 18.83
C4 PCW Z . -8.76 -4.30 19.75
C5 PCW Z . -8.09 -3.68 20.98
C6 PCW Z . -6.94 -4.78 22.97
C7 PCW Z . -5.64 -4.06 21.02
C8 PCW Z . -6.59 -3.02 22.21
C11 PCW Z . -6.43 -7.71 19.48
C12 PCW Z . -5.02 -8.19 19.33
C13 PCW Z . -4.49 -7.68 17.94
C14 PCW Z . -3.04 -8.08 17.61
C15 PCW Z . -2.83 -8.76 16.23
C16 PCW Z . -3.30 -10.26 16.26
C17 PCW Z . -2.48 -11.28 15.40
C18 PCW Z . -2.84 -12.75 15.68
C19 PCW Z . -2.31 -13.72 14.60
C20 PCW Z . -1.86 -14.99 14.92
C21 PCW Z . -1.73 -15.72 16.21
C22 PCW Z . -1.46 -17.21 15.87
C23 PCW Z . -2.43 -18.26 16.47
C24 PCW Z . -2.57 -19.55 15.72
C25 PCW Z . -3.85 -19.84 14.86
C26 PCW Z . -4.08 -21.27 14.46
C27 PCW Z . -4.69 -21.56 13.07
C28 PCW Z . -3.87 -22.58 12.33
C31 PCW Z . -8.34 -6.86 15.49
C32 PCW Z . -7.98 -7.60 14.19
C33 PCW Z . -7.44 -9.10 14.38
C34 PCW Z . -7.47 -9.92 13.09
C35 PCW Z . -8.99 -10.10 12.71
C36 PCW Z . -9.47 -11.56 12.89
C37 PCW Z . -10.98 -11.82 12.54
C38 PCW Z . -11.46 -13.12 13.08
C39 PCW Z . -12.90 -13.39 12.75
C40 PCW Z . -13.74 -14.18 13.41
C41 PCW Z . -13.37 -14.98 14.64
C42 PCW Z . -13.81 -16.51 14.40
C43 PCW Z . -15.27 -16.81 14.12
C44 PCW Z . -15.39 -18.32 13.93
C45 PCW Z . -14.88 -18.84 12.62
C46 PCW Z . -15.93 -19.00 11.57
C47 PCW Z . -15.64 -18.41 10.21
C48 PCW Z . -16.80 -18.64 9.24
N PCW Z . -6.96 -4.32 21.57
O2 PCW Z . -8.66 -7.76 16.42
O3 PCW Z . -7.27 -8.54 18.80
O11 PCW Z . -6.78 -6.76 20.13
O31 PCW Z . -8.32 -5.60 15.65
O1P PCW Z . -11.61 -4.42 19.09
O2P PCW Z . -11.76 -5.64 21.25
O3P PCW Z . -11.15 -6.89 19.10
O4P PCW Z . -9.59 -5.39 20.24
P PCW Z . -11.06 -5.53 19.95
C1 PCW AA . -17.66 -0.69 -1.65
C2 PCW AA . -17.66 -2.20 -2.13
C3 PCW AA . -16.44 -2.96 -1.49
C4 PCW AA . -21.43 0.51 1.08
C5 PCW AA . -22.10 1.74 1.69
C6 PCW AA . -23.72 2.30 -0.19
C7 PCW AA . -24.26 2.90 2.12
C8 PCW AA . -22.87 3.53 1.09
C11 PCW AA . -16.14 -5.29 -1.01
C12 PCW AA . -16.15 -6.64 -1.66
C13 PCW AA . -17.64 -7.02 -1.97
C14 PCW AA . -17.83 -8.38 -2.65
C15 PCW AA . -19.16 -9.12 -2.30
C16 PCW AA . -20.25 -8.85 -3.39
C17 PCW AA . -21.17 -10.04 -3.81
C18 PCW AA . -20.56 -10.93 -4.89
C19 PCW AA . -20.31 -12.39 -4.40
C20 PCW AA . -19.04 -12.96 -4.38
C21 PCW AA . -17.70 -12.44 -4.76
C22 PCW AA . -16.77 -13.68 -4.90
C23 PCW AA . -15.67 -13.85 -3.82
C24 PCW AA . -14.41 -13.07 -4.00
C25 PCW AA . -13.37 -13.46 -5.09
C26 PCW AA . -12.40 -12.38 -5.50
C27 PCW AA . -12.63 -11.68 -6.86
C28 PCW AA . -11.50 -10.72 -7.15
C31 PCW AA . -19.46 -3.65 -2.62
C32 PCW AA . -20.73 -4.29 -2.02
C33 PCW AA . -22.01 -4.28 -2.97
C34 PCW AA . -22.36 -5.66 -3.53
C35 PCW AA . -23.61 -5.43 -4.47
C36 PCW AA . -23.99 -6.69 -5.28
C37 PCW AA . -25.23 -6.54 -6.22
C38 PCW AA . -24.84 -6.11 -7.60
C39 PCW AA . -26.03 -5.96 -8.52
C40 PCW AA . -26.54 -6.88 -9.33
C41 PCW AA . -25.99 -8.29 -9.47
C42 PCW AA . -26.02 -8.68 -11.02
C43 PCW AA . -24.85 -9.44 -11.61
C44 PCW AA . -25.16 -9.67 -13.08
C45 PCW AA . -24.01 -10.16 -13.93
C46 PCW AA . -23.89 -11.66 -13.99
C47 PCW AA . -22.61 -12.21 -14.55
C48 PCW AA . -22.61 -13.75 -14.56
N PCW AA . -23.39 2.15 1.24
O2 PCW AA . -18.90 -2.88 -1.68
O3 PCW AA . -16.42 -4.32 -1.93
O11 PCW AA . -15.89 -5.08 0.16
O31 PCW AA . -19.03 -3.83 -3.79
O1P PCW AA . -18.55 0.10 1.04
O2P PCW AA . -18.58 2.16 -0.37
O3P PCW AA . -18.99 -0.14 -1.44
O4P PCW AA . -20.65 0.98 -0.05
P PCW AA . -19.14 0.80 -0.15
C1 PCW BA . -20.31 -1.47 4.81
C2 PCW BA . -19.80 -2.81 4.13
C3 PCW BA . -19.46 -2.56 2.61
C4 PCW BA . -19.52 -3.14 9.26
C5 PCW BA . -18.44 -4.21 9.44
C6 PCW BA . -16.22 -3.13 10.10
C7 PCW BA . -17.15 -4.97 11.42
C8 PCW BA . -16.57 -5.02 9.67
C11 PCW BA . -19.95 -4.64 1.52
C12 PCW BA . -19.27 -5.87 0.98
C13 PCW BA . -19.14 -6.91 2.16
C14 PCW BA . -18.46 -8.23 1.79
C15 PCW BA . -16.92 -8.28 1.99
C16 PCW BA . -16.27 -9.37 1.06
C17 PCW BA . -15.80 -10.69 1.72
C18 PCW BA . -15.48 -11.80 0.71
C19 PCW BA . -14.01 -11.78 0.21
C20 PCW BA . -13.22 -12.90 0.19
C21 PCW BA . -13.46 -14.31 0.60
C22 PCW BA . -12.51 -15.20 -0.26
C23 PCW BA . -13.13 -16.05 -1.39
C24 PCW BA . -12.47 -17.36 -1.69
C25 PCW BA . -11.22 -17.45 -2.60
C26 PCW BA . -11.47 -17.49 -4.10
C27 PCW BA . -10.27 -17.28 -5.04
C28 PCW BA . -10.26 -15.86 -5.56
C31 PCW BA . -18.66 -4.52 5.30
C32 PCW BA . -17.32 -4.88 5.93
C33 PCW BA . -16.81 -6.38 5.65
C34 PCW BA . -17.27 -7.38 6.70
C35 PCW BA . -17.92 -8.57 5.88
C36 PCW BA . -18.08 -9.86 6.72
C37 PCW BA . -18.71 -11.08 5.98
C38 PCW BA . -17.92 -12.33 6.20
C39 PCW BA . -18.52 -13.52 5.49
C40 PCW BA . -18.04 -14.77 5.49
C41 PCW BA . -16.79 -15.21 6.22
C42 PCW BA . -16.49 -16.73 5.81
C43 PCW BA . -15.77 -17.01 4.50
C44 PCW BA . -15.63 -18.51 4.38
C45 PCW BA . -14.28 -19.00 3.93
C46 PCW BA . -14.29 -20.39 3.34
C47 PCW BA . -13.69 -21.49 4.18
C48 PCW BA . -13.76 -22.85 3.47
N PCW BA . -17.39 -3.98 10.38
O2 PCW BA . -18.56 -3.29 4.79
O3 PCW BA . -19.01 -3.79 2.03
O11 PCW BA . -21.13 -4.44 1.51
O31 PCW BA . -19.70 -5.25 5.27
O1P PCW BA . -21.43 -1.20 8.24
O2P PCW BA . -21.92 -3.00 6.58
O3P PCW BA . -19.96 -1.35 6.21
O4P PCW BA . -19.88 -3.16 7.85
P PCW BA . -20.88 -2.17 7.24
C1 PCW CA . -3.18 7.27 -1.90
C2 PCW CA . -1.87 6.48 -2.28
C3 PCW CA . -2.09 5.70 -3.62
C4 PCW CA . -2.01 7.07 2.47
C5 PCW CA . -0.88 6.05 2.62
C6 PCW CA . 1.16 5.49 4.02
C7 PCW CA . -1.08 5.40 5.00
C8 PCW CA . -0.39 4.35 3.64
C11 PCW CA . -0.58 3.85 -3.25
C12 PCW CA . 0.66 3.21 -3.83
C13 PCW CA . 1.87 4.17 -3.56
C14 PCW CA . 3.23 3.68 -4.07
C15 PCW CA . 3.88 2.51 -3.28
C16 PCW CA . 4.30 1.35 -4.25
C17 PCW CA . 4.55 -0.06 -3.61
C18 PCW CA . 5.61 -0.89 -4.36
C19 PCW CA . 7.04 -0.68 -3.80
C20 PCW CA . 8.17 -0.72 -4.60
C21 PCW CA . 8.35 -0.95 -6.07
C22 PCW CA . 8.67 -2.46 -6.25
C23 PCW CA . 8.15 -3.14 -7.54
C24 PCW CA . 9.11 -4.05 -8.25
C25 PCW CA . 8.67 -5.47 -8.73
C26 PCW CA . 8.05 -5.56 -10.12
C27 PCW CA . 8.84 -4.98 -11.31
C28 PCW CA . 9.81 -6.01 -11.85
C31 PCW CA . 0.18 7.39 -1.54
C32 PCW CA . 1.28 8.41 -1.89
C33 PCW CA . 2.29 7.95 -3.03
C34 PCW CA . 1.98 8.52 -4.41
C35 PCW CA . 1.27 7.34 -5.21
C36 PCW CA . 1.48 7.44 -6.73
C37 PCW CA . 0.81 6.30 -7.58
C38 PCW CA . 1.63 5.06 -7.58
C39 PCW CA . 1.01 3.95 -8.38
C40 PCW CA . 1.41 2.68 -8.42
C41 PCW CA . 2.60 2.14 -7.65
C42 PCW CA . 2.66 0.56 -7.87
C43 PCW CA . 4.02 -0.12 -7.89
C44 PCW CA . 3.78 -1.60 -8.12
C45 PCW CA . 4.36 -2.16 -9.40
C46 PCW CA . 3.89 -3.55 -9.72
C47 PCW CA . 2.66 -3.65 -10.59
C48 PCW CA . 2.29 -5.13 -10.85
N PCW CA . -0.26 5.82 3.89
O2 PCW CA . -0.75 7.42 -2.50
O3 PCW CA . -0.91 4.96 -3.98
O11 PCW CA . -1.21 3.42 -2.32
O31 PCW CA . 0.17 6.66 -0.50
O1P PCW CA . -4.04 8.90 1.41
O2P PCW CA . -4.92 6.83 0.36
O3P PCW CA . -3.03 8.16 -0.76
O4P PCW CA . -2.68 6.78 1.22
P PCW CA . -3.73 7.67 0.60
C1 PCW DA . 14.69 0.58 25.04
C2 PCW DA . 16.11 0.13 24.50
C3 PCW DA . 16.65 -1.09 25.31
C4 PCW DA . 11.68 4.18 23.72
C5 PCW DA . 11.62 5.33 22.70
C6 PCW DA . 10.60 6.70 21.02
C7 PCW DA . 9.34 6.03 22.86
C8 PCW DA . 9.81 4.45 21.28
C11 PCW DA . 19.05 -0.95 25.39
C12 PCW DA . 20.28 -1.51 24.72
C13 PCW DA . 20.88 -2.61 25.68
C14 PCW DA . 22.15 -3.31 25.17
C15 PCW DA . 23.37 -3.25 26.14
C16 PCW DA . 23.31 -4.40 27.20
C17 PCW DA . 24.22 -4.26 28.47
C18 PCW DA . 25.66 -4.69 28.23
C19 PCW DA . 26.05 -5.95 29.05
C20 PCW DA . 26.20 -7.20 28.45
C21 PCW DA . 26.06 -7.67 27.06
C22 PCW DA . 27.43 -7.41 26.36
C23 PCW DA . 27.61 -7.97 24.92
C24 PCW DA . 29.00 -8.21 24.45
C25 PCW DA . 29.80 -9.48 24.91
C26 PCW DA . 31.23 -9.59 24.43
C27 PCW DA . 31.51 -10.49 23.21
C28 PCW DA . 32.87 -11.14 23.34
C31 PCW DA . 15.20 -1.30 22.78
C32 PCW DA . 15.26 -1.55 21.26
C33 PCW DA . 16.28 -2.69 20.80
C34 PCW DA . 17.69 -2.51 21.36
C35 PCW DA . 18.18 -3.97 21.77
C36 PCW DA . 17.75 -4.35 23.21
C37 PCW DA . 18.20 -5.78 23.68
C38 PCW DA . 18.97 -5.73 24.96
C39 PCW DA . 19.40 -7.09 25.44
C40 PCW DA . 20.62 -7.62 25.36
C41 PCW DA . 21.82 -6.91 24.76
C42 PCW DA . 22.20 -7.65 23.38
C43 PCW DA . 23.50 -8.40 23.30
C44 PCW DA . 23.59 -8.99 21.89
C45 PCW DA . 23.76 -10.48 21.84
C46 PCW DA . 22.50 -11.23 21.51
C47 PCW DA . 22.54 -12.14 20.30
C48 PCW DA . 21.19 -12.83 20.09
N PCW DA . 10.41 5.61 22.00
O2 PCW DA . 16.03 -0.28 23.06
O3 PCW DA . 17.94 -1.50 24.81
O11 PCW DA . 19.05 -0.16 26.29
O31 PCW DA . 14.49 -1.94 23.61
O1P PCW DA . 12.69 2.66 26.03
O2P PCW DA . 14.86 3.68 25.36
O3P PCW DA . 14.02 1.56 24.21
O4P PCW DA . 13.07 3.74 23.77
P PCW DA . 13.67 2.95 24.92
C1 PCW EA . -2.72 5.68 -8.51
C2 PCW EA . -3.35 4.24 -8.35
C3 PCW EA . -2.70 3.25 -9.39
C4 PCW EA . -6.24 8.65 -6.85
C5 PCW EA . -7.05 7.48 -7.42
C6 PCW EA . -8.01 5.13 -7.13
C7 PCW EA . -7.53 6.52 -5.18
C8 PCW EA . -8.77 6.83 -6.51
C11 PCW EA . -4.59 1.77 -9.61
C12 PCW EA . -4.99 0.34 -9.35
C13 PCW EA . -4.43 -0.54 -10.54
C14 PCW EA . -4.76 -2.03 -10.44
C15 PCW EA . -4.40 -2.88 -11.70
C16 PCW EA . -3.17 -3.79 -11.42
C17 PCW EA . -3.17 -5.23 -12.04
C18 PCW EA . -1.78 -5.81 -12.25
C19 PCW EA . -1.12 -5.32 -13.56
C20 PCW EA . -1.14 -6.08 -14.72
C21 PCW EA . -1.73 -7.41 -15.05
C22 PCW EA . -2.13 -7.36 -16.56
C23 PCW EA . -3.54 -7.92 -16.94
C24 PCW EA . -3.57 -9.24 -17.63
C25 PCW EA . -3.49 -10.57 -16.82
C26 PCW EA . -2.20 -11.34 -16.91
C27 PCW EA . -1.97 -12.24 -18.14
C28 PCW EA . -0.53 -12.70 -18.19
C31 PCW EA . -4.15 3.35 -6.32
C32 PCW EA . -3.70 2.82 -4.94
C33 PCW EA . -3.07 1.35 -4.95
C34 PCW EA . -3.98 0.29 -4.34
C35 PCW EA . -4.62 -0.48 -5.56
C36 PCW EA . -4.39 -2.00 -5.49
C37 PCW EA . -4.99 -2.83 -6.67
C38 PCW EA . -4.23 -4.07 -6.93
C39 PCW EA . -4.81 -4.88 -8.07
C40 PCW EA . -4.36 -6.03 -8.55
C41 PCW EA . -3.13 -6.75 -8.02
C42 PCW EA . -3.42 -8.32 -8.08
C43 PCW EA . -2.80 -9.22 -7.03
C44 PCW EA . -3.23 -10.63 -7.34
C45 PCW EA . -2.57 -11.71 -6.53
C46 PCW EA . -2.65 -13.08 -7.15
C47 PCW EA . -2.48 -14.26 -6.21
C48 PCW EA . -2.58 -15.59 -6.97
N PCW EA . -7.36 6.35 -6.60
O2 PCW EA . -3.06 3.70 -7.00
O3 PCW EA . -3.29 1.95 -9.24
O11 PCW EA . -5.30 2.62 -10.06
O31 PCW EA . -5.34 3.44 -6.71
O1P PCW EA . -4.51 6.46 -6.11
O2P PCW EA . -2.70 8.10 -6.56
O3P PCW EA . -3.71 6.73 -8.49
O4P PCW EA . -4.90 8.56 -7.41
P PCW EA . -3.92 7.46 -7.06
C1 PCW FA . -18.91 -6.05 16.44
C2 PCW FA . -19.60 -6.79 15.21
C3 PCW FA . -20.65 -5.83 14.54
C4 PCW FA . -14.55 -4.93 17.67
C5 PCW FA . -14.52 -3.45 18.03
C6 PCW FA . -14.25 -3.46 20.56
C7 PCW FA . -13.11 -1.77 19.20
C8 PCW FA . -14.94 -2.01 19.43
C11 PCW FA . -20.95 -6.08 12.18
C12 PCW FA . -21.70 -6.91 11.16
C13 PCW FA . -22.77 -6.00 10.46
C14 PCW FA . -23.62 -6.70 9.40
C15 PCW FA . -24.84 -7.51 9.94
C16 PCW FA . -25.88 -7.78 8.79
C17 PCW FA . -26.23 -9.28 8.49
C18 PCW FA . -25.47 -9.86 7.30
C19 PCW FA . -26.37 -10.71 6.38
C20 PCW FA . -26.17 -12.07 6.19
C21 PCW FA . -25.17 -13.02 6.74
C22 PCW FA . -24.18 -13.37 5.59
C23 PCW FA . -23.85 -14.86 5.35
C24 PCW FA . -22.45 -15.18 4.95
C25 PCW FA . -21.90 -16.64 5.07
C26 PCW FA . -21.19 -17.00 6.36
C27 PCW FA . -21.57 -18.34 7.04
C28 PCW FA . -20.45 -18.79 7.95
C31 PCW FA . -18.64 -8.37 13.74
C32 PCW FA . -17.53 -8.56 12.69
C33 PCW FA . -17.88 -9.57 11.50
C34 PCW FA . -16.92 -9.46 10.31
C35 PCW FA . -15.75 -10.49 10.60
C36 PCW FA . -15.10 -11.04 9.31
C37 PCW FA . -13.94 -12.06 9.53
C38 PCW FA . -12.74 -11.74 8.71
C39 PCW FA . -11.62 -12.71 8.90
C40 PCW FA . -10.83 -13.24 7.96
C41 PCW FA . -10.95 -12.94 6.48
C42 PCW FA . -11.20 -14.31 5.71
C43 PCW FA . -12.08 -14.31 4.49
C44 PCW FA . -12.14 -15.74 3.97
C45 PCW FA . -11.00 -16.15 3.09
C46 PCW FA . -10.80 -17.64 3.01
C47 PCW FA . -10.73 -18.23 1.62
C48 PCW FA . -10.54 -19.76 1.68
N PCW FA . -13.85 -3.02 19.22
O2 PCW FA . -18.57 -7.12 14.18
O3 PCW FA . -21.27 -6.50 13.44
O11 PCW FA . -20.19 -5.19 11.91
O31 PCW FA . -19.47 -9.26 14.11
O1P PCW FA . -16.45 -7.11 17.37
O2P PCW FA . -15.93 -6.80 14.94
O3P PCW FA . -17.72 -5.33 16.09
O4P PCW FA . -15.32 -5.05 16.45
P PCW FA . -16.33 -6.16 16.21
C1 PCW GA . 4.72 3.69 8.20
C2 PCW GA . 5.32 4.40 6.91
C3 PCW GA . 6.86 4.60 7.08
C4 PCW GA . 1.81 5.06 9.76
C5 PCW GA . 1.59 5.12 11.26
C6 PCW GA . -0.51 6.31 11.09
C7 PCW GA . 1.40 7.45 11.79
C8 PCW GA . 0.46 6.00 13.27
C11 PCW GA . 8.76 5.21 5.75
C12 PCW GA . 9.11 5.92 4.46
C13 PCW GA . 9.38 7.43 4.78
C14 PCW GA . 9.76 8.29 3.58
C15 PCW GA . 11.28 8.58 3.40
C16 PCW GA . 11.77 8.12 1.97
C17 PCW GA . 13.23 7.57 1.86
C18 PCW GA . 13.30 6.06 1.67
C19 PCW GA . 14.34 5.62 0.61
C20 PCW GA . 15.60 5.17 0.96
C21 PCW GA . 16.27 4.96 2.26
C22 PCW GA . 17.11 6.25 2.54
C23 PCW GA . 18.44 6.08 3.33
C24 PCW GA . 19.57 6.98 2.93
C25 PCW GA . 20.19 6.91 1.50
C26 PCW GA . 21.34 5.96 1.31
C27 PCW GA . 21.02 4.54 0.78
C28 PCW GA . 21.83 3.52 1.53
C31 PCW GA . 4.81 4.19 4.60
C32 PCW GA . 4.63 3.16 3.48
C33 PCW GA . 5.95 2.83 2.63
C34 PCW GA . 7.16 2.44 3.49
C35 PCW GA . 7.27 0.87 3.40
C36 PCW GA . 8.70 0.41 3.00
C37 PCW GA . 8.89 -1.14 2.90
C38 PCW GA . 10.34 -1.53 2.95
C39 PCW GA . 10.54 -3.02 2.86
C40 PCW GA . 11.49 -3.74 3.47
C41 PCW GA . 12.55 -3.16 4.39
C42 PCW GA . 13.74 -4.21 4.49
C43 PCW GA . 15.10 -3.83 3.94
C44 PCW GA . 16.03 -5.01 4.16
C45 PCW GA . 15.95 -6.11 3.14
C46 PCW GA . 16.59 -5.76 1.83
C47 PCW GA . 15.67 -5.71 0.62
C48 PCW GA . 16.45 -5.35 -0.65
N PCW GA . 0.77 6.16 11.82
O2 PCW GA . 5.11 3.53 5.73
O3 PCW GA . 7.41 5.24 5.92
O11 PCW GA . 9.54 4.70 6.50
O31 PCW GA . 4.68 5.45 4.47
O1P PCW GA . 1.95 4.22 6.97
O2P PCW GA . 1.25 2.03 7.93
O3P PCW GA . 3.73 2.68 7.91
O4P PCW GA . 2.10 3.68 9.43
P PCW GA . 2.18 3.16 8.00
C1 PCW HA . -25.65 -3.22 0.50
C2 PCW HA . -25.95 -4.72 0.89
C3 PCW HA . -27.49 -5.01 0.79
C4 PCW HA . -22.95 -4.10 3.91
C5 PCW HA . -22.91 -5.64 3.86
C6 PCW HA . -22.23 -6.90 5.96
C7 PCW HA . -24.50 -7.11 5.07
C8 PCW HA . -22.91 -7.63 4.27
C11 PCW HA . -28.04 -6.65 2.45
C12 PCW HA . -28.25 -8.14 2.61
C13 PCW HA . -29.77 -8.37 2.95
C14 PCW HA . -30.16 -9.84 3.15
C15 PCW HA . -31.05 -10.46 2.04
C16 PCW HA . -30.35 -11.70 1.39
C17 PCW HA . -31.26 -12.86 0.86
C18 PCW HA . -30.54 -14.20 0.73
C19 PCW HA . -31.40 -15.41 1.17
C20 PCW HA . -31.05 -16.22 2.23
C21 PCW HA . -29.89 -16.22 3.16
C22 PCW HA . -28.87 -17.25 2.60
C23 PCW HA . -28.27 -18.28 3.60
C24 PCW HA . -26.89 -18.77 3.32
C25 PCW HA . -26.55 -20.29 3.36
C26 PCW HA . -25.85 -20.86 2.14
C27 PCW HA . -26.66 -21.76 1.19
C28 PCW HA . -26.85 -21.06 -0.15
C31 PCW HA . -24.67 -6.69 0.51
C32 PCW HA . -24.00 -7.53 -0.59
C33 PCW HA . -22.46 -7.87 -0.34
C34 PCW HA . -22.23 -9.00 0.66
C35 PCW HA . -22.39 -10.34 -0.17
C36 PCW HA . -23.71 -11.07 0.13
C37 PCW HA . -23.93 -12.40 -0.66
C38 PCW HA . -25.24 -13.03 -0.32
C39 PCW HA . -25.48 -14.31 -1.07
C40 PCW HA . -25.24 -15.55 -0.63
C41 PCW HA . -24.66 -15.88 0.73
C42 PCW HA . -23.43 -16.87 0.52
C43 PCW HA . -23.66 -18.36 0.64
C44 PCW HA . -22.33 -19.05 0.39
C45 PCW HA . -22.36 -20.12 -0.67
C46 PCW HA . -21.04 -20.82 -0.85
C47 PCW HA . -21.10 -22.28 -1.25
C48 PCW HA . -19.69 -22.86 -1.41
N PCW HA . -23.24 -6.39 5.02
O2 PCW HA . -25.25 -5.64 -0.06
O3 PCW HA . -27.75 -6.38 1.15
O11 PCW HA . -28.11 -5.84 3.34
O31 PCW HA . -24.68 -6.96 1.75
O1P PCW HA . -23.05 -1.49 2.67
O2P PCW HA . -25.50 -1.74 3.01
O3P PCW HA . -24.37 -2.74 0.93
O4P PCW HA . -24.13 -3.70 3.16
P PCW HA . -24.25 -2.35 2.48
C1 PCW IA . -0.89 16.17 -19.99
C2 PCW IA . -2.30 15.74 -20.57
C3 PCW IA . -2.41 16.14 -22.08
C4 PCW IA . -0.33 18.41 -15.66
C5 PCW IA . -1.18 19.17 -14.63
C6 PCW IA . 0.08 20.95 -13.60
C7 PCW IA . -2.20 21.23 -13.97
C8 PCW IA . -0.84 21.33 -15.79
C11 PCW IA . -4.42 16.65 -23.28
C12 PCW IA . -5.72 16.02 -23.71
C13 PCW IA . -5.51 15.45 -25.17
C14 PCW IA . -6.74 14.77 -25.78
C15 PCW IA . -6.46 13.86 -27.02
C16 PCW IA . -5.90 14.71 -28.22
C17 PCW IA . -4.52 14.29 -28.81
C18 PCW IA . -4.61 13.66 -30.20
C19 PCW IA . -5.31 12.28 -30.19
C20 PCW IA . -5.03 11.29 -31.13
C21 PCW IA . -4.10 11.23 -32.27
C22 PCW IA . -4.32 9.86 -32.97
C23 PCW IA . -3.86 9.72 -34.44
C24 PCW IA . -4.65 10.46 -35.48
C25 PCW IA . -4.01 10.87 -36.84
C26 PCW IA . -4.56 10.19 -38.08
C27 PCW IA . -3.96 8.82 -38.49
C28 PCW IA . -4.93 8.07 -39.34
C31 PCW IA . -3.27 13.87 -19.52
C32 PCW IA . -3.34 12.33 -19.56
C33 PCW IA . -1.95 11.57 -19.32
C34 PCW IA . -1.54 10.67 -20.49
C35 PCW IA . -0.47 11.50 -21.30
C36 PCW IA . 0.64 10.60 -21.90
C37 PCW IA . 1.75 11.34 -22.72
C38 PCW IA . 2.80 10.41 -23.22
C39 PCW IA . 3.87 11.10 -24.01
C40 PCW IA . 5.14 10.73 -24.15
C41 PCW IA . 5.74 9.49 -23.50
C42 PCW IA . 5.63 8.29 -24.53
C43 PCW IA . 4.87 7.04 -24.10
C44 PCW IA . 4.92 6.06 -25.27
C45 PCW IA . 3.59 5.71 -25.88
C46 PCW IA . 3.45 6.12 -27.31
C47 PCW IA . 2.19 6.86 -27.68
C48 PCW IA . 2.18 7.22 -29.17
N PCW IA . -1.03 20.60 -14.51
O2 PCW IA . -2.46 14.27 -20.49
O3 PCW IA . -3.68 15.74 -22.58
O11 PCW IA . -4.09 17.79 -23.51
O31 PCW IA . -3.87 14.62 -18.69
O1P PCW IA . -0.10 18.76 -18.53
O2P PCW IA . -2.55 18.34 -18.48
O3P PCW IA . -0.89 16.37 -18.55
O4P PCW IA . -1.26 17.73 -16.54
P PCW IA . -1.21 17.86 -18.06
C1 17F JA . -14.25 16.59 -18.55
N1 17F JA . -15.38 15.44 -20.50
O1 17F JA . -13.33 17.79 -22.10
P1 17F JA . -13.07 17.13 -20.75
C2 17F JA . -15.30 15.58 -19.06
O2 17F JA . -12.28 18.33 -20.29
C3 17F JA . -16.68 15.96 -18.51
O3 17F JA . -13.92 17.54 -19.52
C4 17F JA . -11.31 15.83 -19.28
O4 17F JA . -17.72 16.12 -19.27
C5 17F JA . -9.86 15.27 -19.25
O5 17F JA . -16.87 16.13 -17.30
C6 17F JA . -9.73 14.27 -18.06
O6 17F JA . -11.65 16.48 -20.51
C7 17F JA . -7.61 14.22 -17.09
O7 17F JA . -8.43 13.72 -17.96
C8 17F JA . -6.30 13.41 -17.16
O8 17F JA . -7.75 15.11 -16.30
C9 17F JA . -6.10 12.49 -15.93
O9 17F JA . -9.45 14.68 -20.50
C10 17F JA . -4.78 11.63 -15.92
O10 17F JA . -11.14 13.08 -20.31
C11 17F JA . -4.51 10.88 -14.56
C12 17F JA . -3.18 10.04 -14.60
C17 17F JA . -10.18 13.63 -20.87
C18 17F JA . -9.73 13.08 -22.21
C19 17F JA . -8.52 12.09 -22.13
C20 17F JA . -7.17 12.77 -22.57
C1X 17F JA . -2.97 9.34 -13.24
C1Y 17F JA . -6.00 11.74 -22.48
C1Z 17F JA . -5.09 11.85 -23.71
C2X 17F JA . -1.63 8.45 -13.23
C21 17F JA . -1.24 8.00 -11.79
C22 17F JA . -0.63 6.91 -11.51
C23 17F JA . -0.18 5.87 -12.46
C24 17F JA . 1.30 5.97 -12.85
C25 17F JA . 1.82 4.93 -13.82
C26 17F JA . 2.72 3.77 -13.18
C27 17F JA . 3.23 2.74 -14.18
C28 17F JA . 4.09 1.70 -13.36
C29 17F JA . 3.72 0.34 -13.82
C30 17F JA . 4.46 -0.77 -13.13
C31 17F JA . -3.57 12.15 -23.44
C32 17F JA . -2.67 12.26 -24.69
C33 17F JA . -2.15 13.68 -24.81
C34 17F JA . -1.35 14.12 -25.76
C35 17F JA . -0.78 13.32 -26.92
C36 17F JA . 0.54 13.90 -27.52
C37 17F JA . 1.67 13.00 -27.16
C38 17F JA . 2.93 13.16 -28.04
C39 17F JA . 4.06 12.20 -27.60
C40 17F JA . 4.04 10.93 -28.46
C41 17F JA . 5.34 10.85 -29.36
C42 17F JA . 5.84 9.48 -29.81
C1 17F KA . -1.71 2.07 14.58
N1 17F KA . -1.47 4.44 15.35
O1 17F KA . 0.82 2.23 13.19
P1 17F KA . -0.45 2.05 12.38
C2 17F KA . -2.36 3.46 14.74
O2 17F KA . -0.86 3.19 11.49
C3 17F KA . -3.65 3.35 15.58
O3 17F KA . -1.69 1.70 13.24
C4 17F KA . -1.40 0.43 10.54
O4 17F KA . -3.85 4.05 16.63
C5 17F KA . -1.10 -0.82 9.66
O5 17F KA . -4.55 2.58 15.25
C6 17F KA . -0.88 -0.38 8.20
O6 17F KA . -0.32 0.80 11.41
C7 17F KA . -0.36 -1.27 6.10
O7 17F KA . -0.60 -1.49 7.36
C8 17F KA . -0.12 -2.64 5.43
O8 17F KA . -0.33 -0.25 5.47
C9 17F KA . 1.35 -3.10 5.50
O9 17F KA . 0.01 -1.59 10.15
C10 17F KA . 1.68 -4.49 4.83
O10 17F KA . -0.88 -3.17 11.58
C11 17F KA . 0.78 -4.86 3.58
C12 17F KA . 1.15 -6.25 2.98
C17 17F KA . -0.36 -2.80 10.52
C18 17F KA . -0.08 -3.83 9.45
C19 17F KA . -1.31 -4.66 9.00
C20 17F KA . -0.92 -5.85 8.06
C1X 17F KA . 0.25 -6.56 1.78
C1Y 17F KA . -2.17 -6.65 7.62
C1Z 17F KA . -2.04 -8.13 8.03
C2X 17F KA . 0.60 -7.99 1.11
C21 17F KA . 1.34 -7.85 -0.25
C22 17F KA . 2.63 -7.89 -0.38
C23 17F KA . 3.63 -8.07 0.67
C24 17F KA . 5.04 -8.37 0.17
C25 17F KA . 6.10 -8.56 1.23
C26 17F KA . 7.47 -7.75 1.00
C27 17F KA . 8.51 -7.97 2.07
C28 17F KA . 9.77 -7.09 1.69
C29 17F KA . 10.99 -7.78 2.18
C30 17F KA . 12.27 -7.06 1.88
C31 17F KA . -0.85 -8.94 7.42
C32 17F KA . -0.75 -10.41 7.85
C33 17F KA . 0.71 -10.85 7.82
C34 17F KA . 1.14 -12.07 8.14
C35 17F KA . 0.31 -13.24 8.59
C36 17F KA . 0.12 -14.35 7.50
C37 17F KA . -1.23 -14.23 6.91
C38 17F KA . -1.56 -15.29 5.83
C39 17F KA . -2.97 -15.10 5.26
C40 17F KA . -2.93 -14.17 4.05
C41 17F KA . -2.93 -14.99 2.70
C42 17F KA . -3.91 -14.59 1.59
C1 17F LA . -4.26 19.10 -8.52
N1 17F LA . -3.10 17.70 -6.79
O1 17F LA . -1.81 20.53 -10.95
P1 17F LA . -2.93 19.55 -10.65
C2 17F LA . -4.11 18.71 -7.03
O2 17F LA . -4.31 19.98 -11.07
C3 17F LA . -5.46 18.24 -6.50
O3 17F LA . -3.01 19.18 -9.14
C4 17F LA . -3.60 17.07 -11.24
O4 17F LA . -5.62 17.09 -5.92
C5 17F LA . -3.18 15.79 -12.03
O5 17F LA . -6.47 18.94 -6.59
C6 17F LA . -2.45 16.22 -13.33
O6 17F LA . -2.69 18.16 -11.37
C7 17F LA . -2.47 14.99 -15.32
O7 17F LA . -2.03 15.10 -14.10
C8 17F LA . -1.83 13.73 -15.95
O8 17F LA . -3.23 15.68 -15.95
C9 17F LA . -0.32 13.90 -16.25
O9 17F LA . -2.36 14.90 -11.25
C10 17F LA . 0.40 12.66 -16.89
O10 17F LA . -4.11 13.40 -11.08
C11 17F LA . 0.27 11.31 -16.07
C12 17F LA . 1.01 10.12 -16.78
C17 17F LA . -2.91 13.71 -11.15
C18 17F LA . -1.87 12.61 -11.08
C19 17F LA . -0.50 12.94 -11.71
C20 17F LA . 0.62 11.92 -11.28
C1X 17F LA . 0.87 8.83 -15.97
C1Y 17F LA . 1.97 12.29 -11.92
C1Z 17F LA . 2.35 11.29 -13.02
C2X 17F LA . 1.61 7.58 -16.66
C21 17F LA . 0.63 6.71 -17.51
C22 17F LA . 0.99 5.91 -18.45
C23 17F LA . 2.36 5.63 -18.92
C24 17F LA . 2.45 5.37 -20.42
C25 17F LA . 3.84 5.07 -20.97
C26 17F LA . 3.97 3.72 -21.82
C27 17F LA . 5.35 3.43 -22.37
C28 17F LA . 5.27 2.07 -23.17
C29 17F LA . 5.26 2.39 -24.61
C30 17F LA . 5.19 1.18 -25.51
C31 17F LA . 3.88 11.16 -13.37
C32 17F LA . 4.24 10.16 -14.48
C33 17F LA . 4.89 10.89 -15.65
C34 17F LA . 5.32 10.33 -16.76
C35 17F LA . 5.26 8.86 -17.11
C36 17F LA . 5.02 8.56 -18.63
C37 17F LA . 6.12 7.70 -19.13
C38 17F LA . 7.14 8.41 -20.05
C39 17F LA . 8.24 7.44 -20.53
C40 17F LA . 8.69 7.80 -21.95
C41 17F LA . 8.66 6.53 -22.88
C42 17F LA . 9.63 6.45 -24.07
C1 17F MA . 16.87 17.26 0.81
N1 17F MA . 16.86 15.05 2.02
O1 17F MA . 20.09 17.05 -1.18
P1 17F MA . 18.60 16.85 -1.01
C2 17F MA . 16.38 16.43 2.02
O2 17F MA . 17.72 17.82 -1.75
C3 17F MA . 14.84 16.44 2.05
O3 17F MA . 18.17 16.87 0.48
C4 17F MA . 16.78 14.99 -1.48
O4 17F MA . 14.14 15.35 2.07
C5 17F MA . 16.57 13.55 -2.03
O5 17F MA . 14.21 17.49 2.05
C6 17F MA . 15.21 13.00 -1.54
O6 17F MA . 18.15 15.41 -1.53
C7 17F MA . 14.89 10.72 -1.17
O7 17F MA . 14.97 11.68 -2.02
C8 17F MA . 14.66 9.40 -1.94
O8 17F MA . 14.98 10.73 0.04
C9 17F MA . 13.23 8.84 -1.77
O9 17F MA . 16.69 13.48 -3.46
C10 17F MA . 12.93 7.50 -2.54
O10 17F MA . 17.24 11.29 -3.89
C11 17F MA . 11.43 7.02 -2.48
C12 17F MA . 11.20 5.68 -3.26
C17 17F MA . 17.48 12.50 -3.85
C18 17F MA . 18.83 13.00 -4.30
C19 17F MA . 19.93 12.98 -3.21
C20 17F MA . 21.34 13.35 -3.79
C1X 17F MA . 9.73 5.25 -3.19
C1Y 17F MA . 22.41 13.33 -2.68
C1Z 17F MA . 22.77 11.88 -2.28
C2X 17F MA . 9.47 3.88 -3.98
C21 17F MA . 8.76 4.11 -5.35
C22 17F MA . 9.29 3.85 -6.50
C23 17F MA . 10.62 3.28 -6.77
C24 17F MA . 10.90 3.00 -8.23
C25 17F MA . 12.26 2.42 -8.56
C26 17F MA . 13.31 3.43 -9.23
C27 17F MA . 14.67 2.83 -9.55
C28 17F MA . 15.54 3.98 -10.21
C29 17F MA . 16.03 3.50 -11.52
C30 17F MA . 16.89 4.48 -12.25
C31 17F MA . 23.40 10.98 -3.39
C32 17F MA . 23.74 9.53 -2.95
C33 17F MA . 23.49 8.58 -4.13
C34 17F MA . 23.69 7.27 -4.09
C35 17F MA . 24.18 6.46 -2.92
C36 17F MA . 23.16 5.43 -2.36
C37 17F MA . 23.87 4.17 -2.06
C38 17F MA . 23.22 2.89 -2.67
C39 17F MA . 24.01 1.63 -2.30
C40 17F MA . 25.01 1.30 -3.42
C41 17F MA . 25.16 -0.28 -3.59
C42 17F MA . 24.85 -0.91 -4.94
C1 17F NA . 6.32 5.22 15.77
N1 17F NA . 6.41 4.67 13.32
O1 17F NA . 8.02 4.63 18.17
P1 17F NA . 8.42 4.21 16.77
C2 17F NA . 5.59 4.70 14.51
O2 17F NA . 9.89 4.28 16.44
C3 17F NA . 4.34 5.58 14.25
O3 17F NA . 7.68 5.00 15.66
C4 17F NA . 8.27 2.07 15.24
O4 17F NA . 4.13 6.15 13.11
C5 17F NA . 7.77 0.59 15.19
O5 17F NA . 3.49 5.75 15.12
C6 17F NA . 7.07 0.31 13.85
O6 17F NA . 8.00 2.70 16.49
C7 17F NA . 7.18 -1.83 12.94
O7 17F NA . 6.60 -1.02 13.77
C8 17F NA . 6.50 -3.21 13.07
O8 17F NA . 8.09 -1.66 12.17
C9 17F NA . 7.31 -4.22 13.94
O9 17F NA . 8.82 -0.35 15.44
C10 17F NA . 6.67 -5.63 14.12
O10 17F NA . 7.88 -1.29 17.32
C11 17F NA . 7.69 -6.79 14.43
C12 17F NA . 6.98 -8.18 14.60
C17 17F NA . 8.81 -0.80 16.68
C18 17F NA . 10.18 -0.67 17.33
C19 17F NA . 11.31 -1.46 16.62
C20 17F NA . 12.65 -0.63 16.52
C1X 17F NA . 8.02 -9.27 14.92
C1Y 17F NA . 13.75 -1.45 15.81
C1Z 17F NA . 14.51 -2.33 16.81
C2X 17F NA . 7.35 -10.72 15.10
C21 17F NA . 6.33 -11.05 13.95
C22 17F NA . 6.45 -12.05 13.14
C23 17F NA . 7.52 -13.06 13.09
C24 17F NA . 8.09 -13.31 11.70
C25 17F NA . 9.19 -14.36 11.61
C26 17F NA . 10.65 -13.79 11.28
C27 17F NA . 11.74 -14.84 11.19
C28 17F NA . 13.08 -14.09 10.85
C29 17F NA . 14.21 -14.98 11.18
C30 17F NA . 15.57 -14.42 10.92
C31 17F NA . 14.74 -3.83 16.39
C32 17F NA . 15.51 -4.69 17.42
C33 17F NA . 14.52 -5.21 18.47
C34 17F NA . 14.84 -5.99 19.49
C35 17F NA . 16.22 -6.50 19.84
C36 17F NA . 16.30 -8.05 20.06
C37 17F NA . 17.62 -8.38 20.66
C38 17F NA . 17.55 -9.40 21.83
C39 17F NA . 18.95 -9.69 22.40
C40 17F NA . 18.85 -10.48 23.72
C41 17F NA . 19.27 -11.98 23.51
C42 17F NA . 18.17 -13.06 23.47
C1 17F OA . 5.36 21.84 -9.54
N1 17F OA . 4.10 23.53 -8.18
O1 17F OA . 7.18 19.68 -9.33
P1 17F OA . 7.75 21.03 -9.68
C2 17F OA . 4.52 23.13 -9.52
O2 17F OA . 8.85 21.55 -8.79
C3 17F OA . 3.28 22.94 -10.43
O3 17F OA . 6.70 22.15 -9.75
C4 17F OA . 8.99 22.21 -11.67
O4 17F OA . 2.08 23.12 -10.00
C5 17F OA . 9.56 22.04 -13.11
O5 17F OA . 3.41 22.60 -11.61
C6 17F OA . 10.13 23.38 -13.60
O6 17F OA . 8.39 21.03 -11.14
C7 17F OA . 11.96 23.25 -15.04
O7 17F OA . 10.68 23.29 -14.90
C8 17F OA . 12.27 23.18 -16.55
O8 17F OA . 12.85 23.27 -14.23
C9 17F OA . 13.23 22.03 -16.95
O9 17F OA . 10.53 20.99 -13.19
C10 17F OA . 13.57 21.91 -18.48
O10 17F OA . 8.99 19.35 -13.64
C11 17F OA . 12.49 22.55 -19.43
C12 17F OA . 12.88 22.42 -20.95
C17 17F OA . 10.08 19.92 -13.80
C18 17F OA . 11.06 19.37 -14.80
C19 17F OA . 10.65 19.53 -16.28
C20 17F OA . 11.24 18.39 -17.21
C1X 17F OA . 11.81 23.06 -21.84
C1Y 17F OA . 10.80 18.61 -18.67
C1Z 17F OA . 11.85 18.05 -19.64
C2X 17F OA . 12.17 22.94 -23.40
C21 17F OA . 10.89 23.01 -24.30
C22 17F OA . 10.92 23.06 -25.60
C23 17F OA . 12.10 23.04 -26.47
C24 17F OA . 12.68 21.65 -26.71
C25 17F OA . 13.91 21.57 -27.61
C26 17F OA . 13.69 21.95 -29.14
C27 17F OA . 14.93 21.86 -30.01
C28 17F OA . 14.51 22.26 -31.48
C29 17F OA . 15.72 22.63 -32.23
C30 17F OA . 15.47 23.04 -33.65
C31 17F OA . 11.82 18.63 -21.10
C32 17F OA . 12.90 18.06 -22.06
C33 17F OA . 12.58 18.48 -23.49
C34 17F OA . 13.30 18.14 -24.56
C35 17F OA . 14.55 17.31 -24.57
C36 17F OA . 14.38 15.87 -25.13
C37 17F OA . 14.38 14.92 -24.00
C38 17F OA . 14.19 13.42 -24.40
C39 17F OA . 14.22 12.50 -23.17
C40 17F OA . 13.85 11.07 -23.56
C41 17F OA . 12.81 10.46 -22.55
C42 17F OA . 11.39 10.15 -23.03
C1 17F PA . -22.48 6.74 -4.45
N1 17F PA . -22.88 9.01 -3.44
O1 17F PA . -21.16 8.76 -7.39
P1 17F PA . -21.78 7.53 -6.79
C2 17F PA . -23.45 7.70 -3.75
O2 17F PA . -23.26 7.32 -7.03
C3 17F PA . -23.98 7.05 -2.45
O3 17F PA . -21.56 7.43 -5.24
C4 17F PA . -21.50 4.90 -6.94
O4 17F PA . -23.89 7.63 -1.31
C5 17F PA . -20.69 3.76 -7.63
O5 17F PA . -24.51 5.94 -2.48
C6 17F PA . -20.48 4.09 -9.13
O6 17F PA . -21.09 6.21 -7.35
C7 17F PA . -18.57 3.36 -10.26
O7 17F PA . -19.75 3.08 -9.81
C8 17F PA . -17.99 2.10 -10.94
O8 17F PA . -17.93 4.39 -10.21
C9 17F PA . -17.45 2.37 -12.37
O9 17F PA . -19.44 3.48 -6.98
C10 17F PA . -16.86 1.13 -13.12
O10 17F PA . -20.03 2.04 -5.29
C11 17F PA . -15.97 1.47 -14.38
C12 17F PA . -15.40 0.17 -15.07
C17 17F PA . -19.45 2.33 -6.34
C18 17F PA . -18.63 1.28 -7.05
C19 17F PA . -19.46 0.30 -7.92
C20 17F PA . -18.54 -0.76 -8.66
C1X 17F PA . -14.55 0.53 -16.28
C1Y 17F PA . -19.40 -1.71 -9.52
C1Z 17F PA . -19.69 -1.10 -10.89
C2X 17F PA . -13.97 -0.77 -17.02
C21 17F PA . -12.70 -0.45 -17.88
C22 17F PA . -11.72 -1.27 -18.06
C23 17F PA . -11.59 -2.63 -17.53
C24 17F PA . -10.44 -3.44 -18.14
C25 17F PA . -10.25 -4.86 -17.61
C26 17F PA . -9.67 -5.92 -18.66
C27 17F PA . -9.49 -7.32 -18.13
C28 17F PA . -8.92 -8.22 -19.29
C29 17F PA . -8.46 -9.50 -18.71
C30 17F PA . -7.89 -10.47 -19.70
C31 17F PA . -19.34 -1.97 -12.14
C32 17F PA . -19.64 -1.32 -13.52
C33 17F PA . -19.42 -2.35 -14.62
C34 17F PA . -19.58 -2.12 -15.92
C35 17F PA . -20.01 -0.83 -16.56
C36 17F PA . -18.96 -0.22 -17.54
C37 17F PA . -18.63 1.17 -17.10
C38 17F PA . -17.76 1.97 -18.09
C39 17F PA . -17.46 3.38 -17.57
C40 17F PA . -18.36 4.41 -18.26
C41 17F PA . -17.83 5.88 -18.02
C42 17F PA . -18.84 7.03 -17.96
C1 17F QA . 7.99 11.51 1.75
N1 17F QA . 6.81 11.07 3.92
O1 17F QA . 5.86 10.71 -0.08
P1 17F QA . 6.38 9.72 0.94
C2 17F QA . 7.38 12.08 3.04
O2 17F QA . 5.45 9.34 2.06
C3 17F QA . 6.29 13.11 2.69
O3 17F QA . 7.72 10.15 1.60
C4 17F QA . 7.27 7.26 1.01
O4 17F QA . 5.09 13.03 3.14
C5 17F QA . 7.58 5.98 0.17
O5 17F QA . 6.54 14.06 1.96
C6 17F QA . 8.87 5.29 0.71
O6 17F QA . 6.76 8.34 0.25
C7 17F QA . 9.85 3.18 0.58
O7 17F QA . 9.19 4.13 -0.03
C8 17F QA . 10.08 2.03 -0.43
O8 17F QA . 10.25 3.11 1.71
C9 17F QA . 11.56 1.83 -0.80
O9 17F QA . 6.48 5.06 0.12
C10 17F QA . 11.88 0.67 -1.82
O10 17F QA . 5.61 5.55 -1.95
C11 17F QA . 12.46 1.13 -3.20
C12 17F QA . 12.75 -0.08 -4.15
C17 17F QA . 5.55 5.45 -0.72
C18 17F QA . 4.26 5.80 -0.01
C19 17F QA . 3.04 4.92 -0.42
C20 17F QA . 2.39 4.21 0.81
C1X 17F QA . 13.30 0.40 -5.50
C1Y 17F QA . 1.18 3.34 0.37
C1Z 17F QA . 1.58 1.86 0.28
C2X 17F QA . 13.62 -0.81 -6.51
C21 17F QA . 12.58 -1.96 -6.44
C22 17F QA . 12.66 -3.08 -7.07
C23 17F QA . 13.74 -3.50 -7.98
C24 17F QA . 14.56 -4.69 -7.47
C25 17F QA . 15.68 -5.16 -8.38
C26 17F QA . 15.61 -6.70 -8.82
C27 17F QA . 16.74 -7.16 -9.71
C28 17F QA . 16.50 -8.69 -10.03
C29 17F QA . 16.89 -8.95 -11.42
C30 17F QA . 16.71 -10.38 -11.86
C31 17F QA . 1.71 1.08 1.62
C32 17F QA . 2.11 -0.41 1.49
C33 17F QA . 3.54 -0.60 1.99
C34 17F QA . 4.20 -1.75 2.02
C35 17F QA . 3.68 -3.10 1.57
C36 17F QA . 3.80 -3.36 0.04
C37 17F QA . 4.94 -4.27 -0.23
C38 17F QA . 5.49 -4.24 -1.67
C39 17F QA . 6.67 -5.22 -1.86
C40 17F QA . 7.28 -5.07 -3.26
C41 17F QA . 7.17 -6.42 -4.07
C42 17F QA . 8.45 -7.23 -4.33
C1 PCW RA . 1.82 -18.16 -34.08
C2 PCW RA . 1.07 -16.77 -34.10
C3 PCW RA . -0.17 -16.82 -33.14
C4 PCW RA . 5.32 -16.74 -36.77
C5 PCW RA . 6.46 -17.06 -37.75
C6 PCW RA . 7.54 -16.31 -39.92
C7 PCW RA . 7.48 -14.82 -37.99
C8 PCW RA . 8.36 -16.43 -38.14
C11 PCW RA . -1.88 -15.38 -34.05
C12 PCW RA . -2.43 -13.99 -33.91
C13 PCW RA . -3.46 -14.02 -32.72
C14 PCW RA . -4.15 -12.68 -32.42
C15 PCW RA . -4.76 -12.53 -30.99
C16 PCW RA . -6.27 -12.93 -31.00
C17 PCW RA . -7.20 -12.25 -29.93
C18 PCW RA . -8.54 -11.80 -30.49
C19 PCW RA . -9.68 -11.85 -29.44
C20 PCW RA . -10.04 -10.75 -28.69
C21 PCW RA . -9.53 -9.35 -28.65
C22 PCW RA . -10.49 -8.50 -29.54
C23 PCW RA . -9.84 -7.68 -30.69
C24 PCW RA . -10.07 -8.18 -32.08
C25 PCW RA . -10.67 -7.26 -33.18
C26 PCW RA . -12.05 -7.62 -33.68
C27 PCW RA . -13.25 -6.79 -33.16
C28 PCW RA . -13.97 -7.56 -32.07
C31 PCW RA . 2.51 -14.94 -34.53
C32 PCW RA . 3.40 -13.89 -33.86
C33 PCW RA . 2.88 -12.38 -33.99
C34 PCW RA . 2.46 -11.78 -32.64
C35 PCW RA . 0.87 -11.69 -32.68
C36 PCW RA . 0.36 -10.33 -32.17
C37 PCW RA . -1.20 -10.16 -32.18
C38 PCW RA . -1.65 -9.10 -31.22
C39 PCW RA . -3.15 -8.92 -31.23
C40 PCW RA . -3.83 -7.82 -31.57
C41 PCW RA . -3.17 -6.55 -32.06
C42 PCW RA . -3.76 -5.33 -31.22
C43 PCW RA . -4.96 -4.59 -31.77
C44 PCW RA . -5.30 -3.49 -30.77
C45 PCW RA . -6.57 -2.73 -31.05
C46 PCW RA . -7.52 -2.69 -29.89
C47 PCW RA . -7.55 -1.40 -29.09
C48 PCW RA . -8.56 -1.49 -27.94
N PCW RA . 6.99 -16.03 -38.59
O2 PCW RA . 1.96 -15.70 -33.59
O3 PCW RA . -0.86 -15.55 -33.17
O11 PCW RA . -2.27 -16.21 -34.83
O31 PCW RA . 2.33 -15.05 -35.78
O1P PCW RA . 4.56 -17.42 -34.06
O2P PCW RA . 4.75 -19.77 -34.88
O3P PCW RA . 2.58 -18.44 -35.28
O4P PCW RA . 4.63 -17.99 -36.51
P PCW RA . 4.18 -18.41 -35.12
C1 PCW SA . 9.73 -19.33 -20.08
C2 PCW SA . 8.30 -18.97 -20.68
C3 PCW SA . 7.65 -17.81 -19.84
C4 PCW SA . 7.77 -22.58 -20.93
C5 PCW SA . 6.41 -23.24 -20.69
C6 PCW SA . 6.20 -24.14 -23.05
C7 PCW SA . 4.75 -24.99 -21.28
C8 PCW SA . 4.82 -23.27 -21.97
C11 PCW SA . 5.31 -18.31 -20.13
C12 PCW SA . 4.06 -17.74 -20.78
C13 PCW SA . 4.21 -17.89 -22.34
C14 PCW SA . 3.02 -17.36 -23.16
C15 PCW SA . 3.30 -16.06 -23.99
C16 PCW SA . 2.35 -14.89 -23.55
C17 PCW SA . 1.28 -14.42 -24.58
C18 PCW SA . -0.13 -14.95 -24.29
C19 PCW SA . -0.86 -15.45 -25.56
C20 PCW SA . -1.75 -14.66 -26.27
C21 PCW SA . -2.23 -13.26 -26.07
C22 PCW SA . -2.33 -12.61 -27.48
C23 PCW SA . -2.53 -11.08 -27.54
C24 PCW SA . -3.94 -10.58 -27.66
C25 PCW SA . -4.28 -9.08 -27.57
C26 PCW SA . -5.71 -8.69 -27.87
C27 PCW SA . -5.96 -7.30 -28.50
C28 PCW SA . -6.33 -6.29 -27.44
C31 PCW SA . 7.73 -19.19 -22.96
C32 PCW SA . 7.97 -18.58 -24.35
C33 PCW SA . 7.16 -17.23 -24.66
C34 PCW SA . 7.98 -16.21 -25.44
C35 PCW SA . 6.96 -15.05 -25.82
C36 PCW SA . 7.64 -13.66 -25.85
C37 PCW SA . 6.71 -12.47 -26.23
C38 PCW SA . 6.77 -11.37 -25.21
C39 PCW SA . 5.88 -10.21 -25.56
C40 PCW SA . 4.64 -9.98 -25.12
C41 PCW SA . 3.90 -10.88 -24.15
C42 PCW SA . 2.45 -10.28 -23.92
C43 PCW SA . 1.54 -10.94 -22.90
C44 PCW SA . 0.23 -10.16 -22.89
C45 PCW SA . -1.01 -10.98 -23.11
C46 PCW SA . -2.29 -10.21 -22.91
C47 PCW SA . -3.10 -10.56 -21.68
C48 PCW SA . -4.36 -9.70 -21.59
N PCW SA . 5.92 -24.21 -21.61
O2 PCW SA . 8.44 -18.49 -22.08
O3 PCW SA . 6.35 -17.48 -20.38
O11 PCW SA . 5.35 -19.32 -19.49
O31 PCW SA . 6.99 -20.19 -22.72
O1P PCW SA . 10.58 -21.97 -20.67
O2P PCW SA . 10.23 -22.70 -18.31
O3P PCW SA . 9.69 -20.28 -19.00
O4P PCW SA . 8.29 -22.18 -19.64
P PCW SA . 9.75 -21.83 -19.42
C1 PCW TA . 17.32 -20.25 -15.85
C2 PCW TA . 16.10 -19.31 -15.48
C3 PCW TA . 15.57 -18.59 -16.78
C4 PCW TA . 14.41 -22.81 -16.84
C5 PCW TA . 13.05 -22.93 -16.13
C6 PCW TA . 10.85 -24.18 -15.80
C7 PCW TA . 12.47 -24.94 -17.47
C8 PCW TA . 12.67 -24.88 -15.64
C11 PCW TA . 13.22 -18.11 -16.86
C12 PCW TA . 12.22 -17.08 -16.41
C13 PCW TA . 12.21 -15.92 -17.47
C14 PCW TA . 11.24 -14.77 -17.17
C15 PCW TA . 11.78 -13.33 -17.46
C16 PCW TA . 11.33 -12.33 -16.34
C17 PCW TA . 12.41 -11.36 -15.77
C18 PCW TA . 12.00 -10.72 -14.44
C19 PCW TA . 13.07 -9.72 -13.90
C20 PCW TA . 13.03 -9.23 -12.59
C21 PCW TA . 12.11 -9.48 -11.46
C22 PCW TA . 12.58 -8.58 -10.28
C23 PCW TA . 11.67 -8.49 -9.04
C24 PCW TA . 11.95 -7.38 -8.08
C25 PCW TA . 11.46 -7.45 -6.60
C26 PCW TA . 12.47 -7.09 -5.52
C27 PCW TA . 12.14 -5.90 -4.60
C28 PCW TA . 12.69 -6.14 -3.21
C31 PCW TA . 14.83 -20.00 -13.61
C32 PCW TA . 13.65 -20.89 -13.17
C33 PCW TA . 12.23 -20.46 -13.77
C34 PCW TA . 11.24 -19.99 -12.70
C35 PCW TA . 11.18 -18.41 -12.85
C36 PCW TA . 9.78 -17.92 -13.31
C37 PCW TA . 9.65 -16.38 -13.48
C38 PCW TA . 9.30 -15.70 -12.19
C39 PCW TA . 9.17 -14.20 -12.33
C40 PCW TA . 10.01 -13.28 -11.85
C41 PCW TA . 11.25 -13.58 -11.06
C42 PCW TA . 12.51 -13.38 -12.03
C43 PCW TA . 13.02 -14.58 -12.81
C44 PCW TA . 14.21 -14.10 -13.63
C45 PCW TA . 15.05 -15.18 -14.24
C46 PCW TA . 16.53 -14.99 -14.06
C47 PCW TA . 17.13 -13.79 -14.76
C48 PCW TA . 18.64 -13.71 -14.50
N PCW TA . 12.07 -23.88 -16.57
O2 PCW TA . 14.98 -20.12 -14.92
O3 PCW TA . 14.47 -17.74 -16.44
O11 PCW TA . 12.97 -19.10 -17.49
O31 PCW TA . 15.55 -19.30 -12.84
O1P PCW TA . 17.23 -22.50 -17.51
O2P PCW TA . 17.53 -24.05 -15.57
O3P PCW TA . 17.30 -21.52 -15.18
O4P PCW TA . 15.41 -22.95 -15.81
P PCW TA . 16.91 -22.80 -16.08
C1 PCW UA . 13.34 -11.49 -31.67
C2 PCW UA . 13.68 -10.06 -32.24
C3 PCW UA . 12.41 -9.14 -32.21
C4 PCW UA . 15.50 -15.12 -32.68
C5 PCW UA . 16.76 -15.18 -33.54
C6 PCW UA . 16.08 -14.58 -35.93
C7 PCW UA . 18.09 -13.60 -34.92
C8 PCW UA . 17.77 -15.38 -35.31
C11 PCW UA . 11.89 -7.26 -33.59
C12 PCW UA . 12.44 -5.94 -34.02
C13 PCW UA . 13.13 -6.13 -35.42
C14 PCW UA . 13.76 -4.87 -36.02
C15 PCW UA . 12.86 -4.09 -37.03
C16 PCW UA . 13.24 -2.57 -37.05
C17 PCW UA . 12.08 -1.53 -36.83
C18 PCW UA . 11.77 -0.69 -38.07
C19 PCW UA . 12.82 0.42 -38.33
C20 PCW UA . 12.53 1.76 -38.15
C21 PCW UA . 11.31 2.47 -37.70
C22 PCW UA . 11.70 3.96 -37.48
C23 PCW UA . 12.47 4.32 -36.19
C24 PCW UA . 12.09 5.60 -35.50
C25 PCW UA . 13.16 6.66 -35.15
C26 PCW UA . 12.67 8.10 -35.06
C27 PCW UA . 12.43 8.69 -33.66
C28 PCW UA . 13.61 9.54 -33.24
C31 PCW UA . 15.73 -8.89 -32.10
C32 PCW UA . 16.72 -8.25 -31.11
C33 PCW UA . 17.59 -9.28 -30.25
C34 PCW UA . 16.83 -9.88 -29.06
C35 PCW UA . 16.60 -8.69 -28.05
C36 PCW UA . 17.70 -8.61 -26.96
C37 PCW UA . 17.54 -7.45 -25.93
C38 PCW UA . 17.79 -6.11 -26.55
C39 PCW UA . 17.64 -4.97 -25.58
C40 PCW UA . 17.88 -3.69 -25.82
C41 PCW UA . 18.35 -3.15 -27.15
C42 PCW UA . 17.53 -1.82 -27.45
C43 PCW UA . 17.94 -0.97 -28.64
C44 PCW UA . 16.99 0.22 -28.69
C45 PCW UA . 17.38 1.32 -29.64
C46 PCW UA . 17.93 2.54 -28.96
C47 PCW UA . 17.24 3.86 -29.25
C48 PCW UA . 17.91 5.01 -28.50
N PCW UA . 16.87 -14.35 -34.70
O2 PCW UA . 14.72 -9.41 -31.41
O3 PCW UA . 12.75 -7.85 -32.73
O11 PCW UA . 10.84 -7.74 -33.97
O31 PCW UA . 15.86 -8.91 -33.37
O1P PCW UA . 15.33 -12.34 -33.38
O2P PCW UA . 16.96 -12.07 -31.53
O3P PCW UA . 14.44 -12.14 -31.00
O4P PCW UA . 15.74 -14.11 -31.66
P PCW UA . 15.66 -12.62 -31.95
C1 PCW VA . 17.31 -28.36 -11.89
C2 PCW VA . 16.52 -27.19 -11.18
C3 PCW VA . 15.03 -27.17 -11.65
C4 PCW VA . 19.91 -26.04 -11.04
C5 PCW VA . 19.36 -25.10 -12.10
C6 PCW VA . 17.44 -23.42 -12.36
C7 PCW VA . 19.43 -22.85 -11.05
C8 PCW VA . 19.34 -23.21 -12.87
C11 PCW VA . 14.13 -24.94 -11.67
C12 PCW VA . 13.38 -23.96 -10.80
C13 PCW VA . 12.00 -24.59 -10.41
C14 PCW VA . 11.11 -23.73 -9.51
C15 PCW VA . 11.80 -23.13 -8.24
C16 PCW VA . 11.98 -24.24 -7.13
C17 PCW VA . 12.94 -23.91 -5.94
C18 PCW VA . 12.60 -24.66 -4.66
C19 PCW VA . 13.85 -24.96 -3.80
C20 PCW VA . 13.78 -25.72 -2.64
C21 PCW VA . 12.65 -26.40 -1.95
C22 PCW VA . 12.05 -25.36 -0.97
C23 PCW VA . 10.54 -25.51 -0.61
C24 PCW VA . 9.78 -24.25 -0.35
C25 PCW VA . 8.22 -24.22 -0.40
C26 PCW VA . 7.57 -22.86 -0.35
C27 PCW VA . 6.37 -22.66 0.62
C28 PCW VA . 5.67 -21.37 0.32
C31 PCW VA . 16.97 -26.36 -9.00
C32 PCW VA . 16.90 -26.72 -7.51
C33 PCW VA . 15.47 -26.51 -6.82
C34 PCW VA . 14.52 -27.69 -7.00
C35 PCW VA . 14.36 -28.32 -5.55
C36 PCW VA . 14.19 -29.86 -5.59
C37 PCW VA . 14.03 -30.54 -4.20
C38 PCW VA . 12.67 -31.13 -4.01
C39 PCW VA . 12.49 -31.80 -2.67
C40 PCW VA . 11.35 -32.09 -2.06
C41 PCW VA . 9.97 -31.79 -2.64
C42 PCW VA . 8.95 -32.88 -2.07
C43 PCW VA . 8.01 -32.47 -0.94
C44 PCW VA . 7.17 -33.70 -0.60
C45 PCW VA . 6.65 -33.73 0.81
C46 PCW VA . 5.51 -32.78 1.06
C47 PCW VA . 5.74 -31.72 2.14
C48 PCW VA . 4.51 -30.82 2.28
N PCW VA . 18.69 -23.90 -11.71
O2 PCW VA . 16.51 -27.40 -9.70
O3 PCW VA . 14.33 -26.11 -11.00
O11 PCW VA . 14.49 -24.72 -12.79
O31 PCW VA . 17.40 -25.27 -9.48
O1P PCW VA . 19.56 -28.22 -9.15
O2P PCW VA . 20.64 -29.55 -10.95
O3P PCW VA . 18.11 -29.16 -10.99
O4P PCW VA . 19.75 -27.40 -11.52
P PCW VA . 19.57 -28.60 -10.60
C1 PCW WA . 36.84 -15.78 -1.05
C2 PCW WA . 36.27 -14.54 -1.84
C3 PCW WA . 36.77 -14.56 -3.33
C4 PCW WA . 36.46 -20.38 -0.21
C5 PCW WA . 36.75 -20.81 1.21
C6 PCW WA . 34.39 -21.39 2.01
C7 PCW WA . 36.34 -22.60 2.90
C8 PCW WA . 35.94 -20.80 3.09
C11 PCW WA . 36.33 -13.44 -5.39
C12 PCW WA . 35.72 -12.18 -5.95
C13 PCW WA . 36.73 -10.99 -5.71
C14 PCW WA . 36.26 -9.63 -6.21
C15 PCW WA . 35.01 -9.03 -5.49
C16 PCW WA . 35.41 -8.46 -4.08
C17 PCW WA . 36.02 -7.02 -4.03
C18 PCW WA . 37.36 -6.96 -3.27
C19 PCW WA . 38.57 -6.89 -4.23
C20 PCW WA . 39.44 -7.97 -4.43
C21 PCW WA . 39.46 -9.35 -3.88
C22 PCW WA . 40.26 -9.29 -2.55
C23 PCW WA . 39.48 -9.56 -1.23
C24 PCW WA . 39.88 -8.75 -0.04
C25 PCW WA . 39.32 -7.32 0.19
C26 PCW WA . 40.13 -6.18 -0.39
C27 PCW WA . 40.68 -5.12 0.58
C28 PCW WA . 42.01 -5.56 1.13
C31 PCW WA . 34.19 -13.91 -0.89
C32 PCW WA . 32.67 -14.06 -1.06
C33 PCW WA . 31.78 -12.98 -0.29
C34 PCW WA . 30.43 -12.71 -0.95
C35 PCW WA . 29.47 -12.24 0.22
C36 PCW WA . 28.15 -11.64 -0.31
C37 PCW WA . 27.14 -11.15 0.78
C38 PCW WA . 26.18 -12.23 1.16
C39 PCW WA . 25.20 -11.77 2.22
C40 PCW WA . 23.87 -11.80 2.13
C41 PCW WA . 23.09 -12.29 0.93
C42 PCW WA . 22.97 -11.08 -0.12
C43 PCW WA . 21.79 -11.05 -1.06
C44 PCW WA . 21.94 -9.81 -1.93
C45 PCW WA . 21.09 -8.64 -1.53
C46 PCW WA . 21.59 -7.32 -2.05
C47 PCW WA . 22.17 -6.36 -1.04
C48 PCW WA . 22.64 -5.07 -1.71
N PCW WA . 35.83 -21.68 1.89
O2 PCW WA . 34.78 -14.58 -1.87
O3 PCW WA . 36.25 -13.43 -4.04
O11 PCW WA . 36.81 -14.32 -6.06
O31 PCW WA . 34.77 -13.26 0.03
O1P PCW WA . 36.29 -19.03 -2.79
O2P PCW WA . 38.39 -17.95 -2.02
O3P PCW WA . 36.11 -17.01 -1.29
O4P PCW WA . 37.04 -19.06 -0.38
P PCW WA . 36.99 -18.29 -1.68
C1 PCW XA . 25.27 -22.25 -0.02
C2 PCW XA . 24.82 -22.07 1.48
C3 PCW XA . 25.47 -23.19 2.38
C4 PCW XA . 22.44 -25.18 -2.79
C5 PCW XA . 22.11 -26.67 -2.64
C6 PCW XA . 22.83 -28.78 -3.58
C7 PCW XA . 22.57 -26.94 -4.99
C8 PCW XA . 20.67 -27.93 -4.22
C11 PCW XA . 25.55 -23.83 4.69
C12 PCW XA . 24.97 -23.47 6.03
C13 PCW XA . 25.65 -22.14 6.52
C14 PCW XA . 25.17 -21.62 7.87
C15 PCW XA . 25.63 -22.45 9.11
C16 PCW XA . 27.16 -22.22 9.42
C17 PCW XA . 27.56 -20.87 10.09
C18 PCW XA . 26.88 -20.61 11.44
C19 PCW XA . 26.19 -19.24 11.51
C20 PCW XA . 26.74 -18.16 12.18
C21 PCW XA . 28.02 -18.00 12.94
C22 PCW XA . 27.62 -17.73 14.42
C23 PCW XA . 27.50 -18.95 15.36
C24 PCW XA . 26.33 -18.98 16.29
C25 PCW XA . 25.22 -20.06 16.14
C26 PCW XA . 24.13 -20.04 17.19
C27 PCW XA . 23.75 -21.38 17.87
C28 PCW XA . 23.50 -21.18 19.35
C31 PCW XA . 24.30 -19.94 2.38
C32 PCW XA . 24.94 -18.64 2.90
C33 PCW XA . 24.76 -17.36 1.94
C34 PCW XA . 25.90 -17.18 0.94
C35 PCW XA . 26.79 -16.01 1.53
C36 PCW XA . 28.25 -16.43 1.76
C37 PCW XA . 29.19 -15.33 2.34
C38 PCW XA . 29.93 -15.81 3.54
C39 PCW XA . 30.84 -14.76 4.13
C40 PCW XA . 30.69 -14.13 5.30
C41 PCW XA . 29.53 -14.37 6.25
C42 PCW XA . 29.69 -13.39 7.50
C43 PCW XA . 29.92 -13.99 8.88
C44 PCW XA . 30.04 -12.82 9.85
C45 PCW XA . 29.96 -13.19 11.31
C46 PCW XA . 28.59 -13.03 11.89
C47 PCW XA . 27.94 -14.27 12.46
C48 PCW XA . 26.55 -13.96 13.03
N PCW XA . 22.05 -27.54 -3.80
O2 PCW XA . 25.29 -20.76 2.01
O3 PCW XA . 25.04 -23.00 3.74
O11 PCW XA . 26.34 -24.73 4.49
O31 PCW XA . 23.06 -20.19 2.33
O1P PCW XA . 25.22 -24.37 -2.57
O2P PCW XA . 24.95 -25.15 -0.22
O3P PCW XA . 24.24 -22.77 -0.88
O4P PCW XA . 22.96 -24.75 -1.52
P PCW XA . 24.40 -24.31 -1.31
C1 PCW YA . -19.51 -27.85 -33.35
C2 PCW YA . -19.33 -26.30 -33.10
C3 PCW YA . -20.01 -25.49 -34.26
C4 PCW YA . -15.28 -27.44 -32.34
C5 PCW YA . -14.77 -26.04 -32.69
C6 PCW YA . -13.14 -24.43 -33.45
C7 PCW YA . -13.07 -26.61 -34.27
C8 PCW YA . -12.38 -26.29 -32.12
C11 PCW YA . -18.89 -23.42 -34.74
C12 PCW YA . -18.90 -21.97 -34.37
C13 PCW YA . -17.41 -21.47 -34.24
C14 PCW YA . -17.24 -19.99 -33.85
C15 PCW YA . -17.46 -18.98 -35.01
C16 PCW YA . -18.77 -18.15 -34.78
C17 PCW YA . -19.50 -17.57 -36.04
C18 PCW YA . -20.28 -16.29 -35.76
C19 PCW YA . -19.65 -15.04 -36.41
C20 PCW YA . -20.08 -13.76 -36.13
C21 PCW YA . -21.14 -13.25 -35.22
C22 PCW YA . -20.41 -12.56 -34.03
C23 PCW YA . -21.22 -12.35 -32.72
C24 PCW YA . -20.49 -12.59 -31.43
C25 PCW YA . -20.84 -11.78 -30.15
C26 PCW YA . -21.13 -12.60 -28.91
C27 PCW YA . -22.58 -12.66 -28.39
C28 PCW YA . -22.70 -13.64 -27.25
C31 PCW YA . -19.23 -26.04 -30.75
C32 PCW YA . -20.06 -25.59 -29.54
C33 PCW YA . -19.92 -26.52 -28.24
C34 PCW YA . -21.25 -26.78 -27.53
C35 PCW YA . -21.48 -25.53 -26.59
C36 PCW YA . -22.95 -25.04 -26.60
C37 PCW YA . -23.25 -23.80 -25.70
C38 PCW YA . -22.95 -24.07 -24.26
C39 PCW YA . -23.24 -22.90 -23.37
C40 PCW YA . -22.45 -21.84 -23.15
C41 PCW YA . -21.09 -21.63 -23.78
C42 PCW YA . -20.85 -20.06 -23.95
C43 PCW YA . -19.86 -19.58 -24.99
C44 PCW YA . -19.84 -18.06 -24.92
C45 PCW YA . -19.35 -17.36 -26.15
C46 PCW YA . -20.42 -17.11 -27.18
C47 PCW YA . -19.94 -16.77 -28.57
C48 PCW YA . -21.14 -16.55 -29.52
N PCW YA . -13.41 -25.85 -33.11
O2 PCW YA . -20.00 -25.91 -31.83
O3 PCW YA . -19.84 -24.08 -34.03
O11 PCW YA . -18.16 -23.92 -35.57
O31 PCW YA . -18.03 -26.44 -30.72
O1P PCW YA . -16.52 -30.07 -32.47
O2P PCW YA . -17.29 -29.26 -34.70
O3P PCW YA . -18.61 -28.68 -32.58
O4P PCW YA . -16.48 -27.65 -33.13
P PCW YA . -17.18 -28.97 -33.25
C1 PCW ZA . 9.83 -33.12 3.13
C2 PCW ZA . 10.83 -31.96 3.51
C3 PCW ZA . 10.59 -30.72 2.58
C4 PCW ZA . 7.47 -36.01 6.18
C5 PCW ZA . 8.34 -37.21 5.80
C6 PCW ZA . 7.13 -39.00 7.15
C7 PCW ZA . 8.43 -39.61 5.17
C8 PCW ZA . 9.05 -38.87 6.76
C11 PCW ZA . 12.79 -29.74 2.48
C12 PCW ZA . 13.56 -28.54 2.95
C13 PCW ZA . 13.81 -27.60 1.72
C14 PCW ZA . 14.59 -26.32 2.02
C15 PCW ZA . 13.74 -25.10 2.49
C16 PCW ZA . 14.34 -23.76 1.94
C17 PCW ZA . 15.68 -23.26 2.57
C18 PCW ZA . 15.53 -22.72 3.99
C19 PCW ZA . 16.76 -21.91 4.46
C20 PCW ZA . 17.10 -21.78 5.79
C21 PCW ZA . 16.50 -22.32 7.03
C22 PCW ZA . 15.32 -21.37 7.41
C23 PCW ZA . 15.67 -20.08 8.22
C24 PCW ZA . 14.82 -18.87 7.96
C25 PCW ZA . 15.36 -17.70 7.10
C26 PCW ZA . 14.67 -16.35 7.28
C27 PCW ZA . 15.06 -15.21 6.31
C28 PCW ZA . 14.52 -13.91 6.84
C31 PCW ZA . 11.68 -31.59 5.70
C32 PCW ZA . 11.28 -31.10 7.10
C33 PCW ZA . 11.22 -29.50 7.26
C34 PCW ZA . 9.89 -28.89 6.79
C35 PCW ZA . 9.25 -28.27 8.10
C36 PCW ZA . 7.91 -27.56 7.80
C37 PCW ZA . 7.19 -26.92 9.03
C38 PCW ZA . 6.12 -25.95 8.62
C39 PCW ZA . 5.43 -25.32 9.79
C40 PCW ZA . 5.45 -24.04 10.14
C41 PCW ZA . 6.21 -22.97 9.37
C42 PCW ZA . 7.01 -22.07 10.43
C43 PCW ZA . 8.51 -22.25 10.56
C44 PCW ZA . 8.98 -21.28 11.62
C45 PCW ZA . 9.70 -21.90 12.79
C46 PCW ZA . 8.81 -22.22 13.94
C47 PCW ZA . 8.44 -21.07 14.86
C48 PCW ZA . 7.54 -21.54 16.00
N PCW ZA . 7.84 -38.54 5.95
O2 PCW ZA . 10.60 -31.51 4.92
O3 PCW ZA . 11.51 -29.67 2.93
O11 PCW ZA . 13.23 -30.63 1.79
O31 PCW ZA . 12.83 -32.01 5.36
O1P PCW ZA . 9.28 -33.79 6.62
O2P PCW ZA . 7.78 -32.62 5.01
O3P PCW ZA . 9.69 -34.13 4.16
O4P PCW ZA . 7.66 -35.01 5.14
P PCW ZA . 8.60 -33.82 5.30
C1 PCW AB . -9.18 -41.68 -3.07
C2 PCW AB . -9.89 -41.08 -1.78
C3 PCW AB . -8.87 -40.31 -0.90
C4 PCW AB . -11.25 -39.81 -6.84
C5 PCW AB . -10.80 -39.68 -8.30
C6 PCW AB . -10.95 -37.83 -9.83
C7 PCW AB . -8.85 -38.72 -9.31
C8 PCW AB . -9.86 -37.46 -7.71
C11 PCW AB . -9.14 -40.23 1.49
C12 PCW AB . -10.01 -39.60 2.55
C13 PCW AB . -10.99 -40.71 3.08
C14 PCW AB . -11.96 -40.26 4.17
C15 PCW AB . -12.39 -41.37 5.18
C16 PCW AB . -11.22 -41.72 6.16
C17 PCW AB . -11.09 -43.23 6.60
C18 PCW AB . -11.36 -43.44 8.09
C19 PCW AB . -10.08 -43.71 8.91
C20 PCW AB . -9.54 -42.77 9.77
C21 PCW AB . -9.96 -41.40 10.16
C22 PCW AB . -9.05 -40.99 11.35
C23 PCW AB . -9.75 -40.40 12.60
C24 PCW AB . -9.40 -41.02 13.92
C25 PCW AB . -10.50 -41.36 14.97
C26 PCW AB . -11.66 -40.39 15.07
C27 PCW AB . -11.58 -39.26 16.12
C28 PCW AB . -12.37 -38.06 15.66
C31 PCW AB . -12.18 -40.50 -1.91
C32 PCW AB . -13.15 -39.41 -2.38
C33 PCW AB . -14.69 -39.87 -2.46
C34 PCW AB . -15.43 -39.32 -3.68
C35 PCW AB . -16.75 -38.68 -3.11
C36 PCW AB . -17.91 -39.70 -2.97
C37 PCW AB . -19.24 -39.12 -2.41
C38 PCW AB . -19.22 -39.06 -0.91
C39 PCW AB . -20.49 -38.50 -0.34
C40 PCW AB . -20.60 -37.59 0.63
C41 PCW AB . -19.41 -36.96 1.33
C42 PCW AB . -19.93 -35.76 2.24
C43 PCW AB . -19.98 -34.37 1.67
C44 PCW AB . -20.51 -33.45 2.76
C45 PCW AB . -21.97 -33.07 2.62
C46 PCW AB . -22.92 -34.05 3.25
C47 PCW AB . -22.87 -34.17 4.76
C48 PCW AB . -23.88 -35.20 5.27
N PCW AB . -10.15 -38.48 -8.76
O2 PCW AB . -10.95 -40.11 -2.19
O3 PCW AB . -9.55 -39.80 0.26
O11 PCW AB . -8.25 -40.99 1.69
O31 PCW AB . -12.50 -41.59 -1.34
O1P PCW AB . -8.78 -40.08 -5.39
O2P PCW AB . -8.79 -42.38 -6.36
O3P PCW AB . -10.07 -41.88 -4.19
O4P PCW AB . -10.83 -41.11 -6.37
P PCW AB . -9.54 -41.34 -5.60
C1 PCW BB . 33.70 -11.35 -9.10
C2 PCW BB . 32.75 -10.09 -9.17
C3 PCW BB . 33.55 -8.82 -8.69
C4 PCW BB . 34.52 -15.55 -8.40
C5 PCW BB . 35.91 -16.17 -8.25
C6 PCW BB . 36.40 -17.39 -6.05
C7 PCW BB . 36.40 -18.60 -8.19
C8 PCW BB . 37.54 -17.24 -7.65
C11 PCW BB . 33.07 -6.64 -9.58
C12 PCW BB . 32.07 -5.53 -9.48
C13 PCW BB . 32.49 -4.61 -8.27
C14 PCW BB . 31.57 -3.42 -8.00
C15 PCW BB . 32.11 -2.38 -6.97
C16 PCW BB . 33.28 -1.54 -7.60
C17 PCW BB . 34.01 -0.53 -6.64
C18 PCW BB . 33.80 0.93 -7.05
C19 PCW BB . 32.57 1.58 -6.37
C20 PCW BB . 32.56 2.91 -5.99
C21 PCW BB . 33.58 4.00 -6.08
C22 PCW BB . 33.24 5.02 -4.96
C23 PCW BB . 34.11 6.30 -4.88
C24 PCW BB . 33.82 7.25 -3.75
C25 PCW BB . 32.68 8.31 -3.87
C26 PCW BB . 31.85 8.57 -2.62
C27 PCW BB . 31.54 10.04 -2.25
C28 PCW BB . 32.47 10.50 -1.15
C31 PCW BB . 31.01 -9.95 -10.76
C32 PCW BB . 30.71 -9.69 -12.25
C33 PCW BB . 29.91 -8.34 -12.56
C34 PCW BB . 28.40 -8.53 -12.62
C35 PCW BB . 27.81 -7.67 -11.43
C36 PCW BB . 26.35 -8.06 -11.07
C37 PCW BB . 25.71 -7.25 -9.91
C38 PCW BB . 24.47 -6.54 -10.34
C39 PCW BB . 23.84 -5.75 -9.22
C40 PCW BB . 22.61 -5.24 -9.19
C41 PCW BB . 21.60 -5.37 -10.32
C42 PCW BB . 20.70 -4.05 -10.33
C43 PCW BB . 19.28 -4.15 -9.82
C44 PCW BB . 18.66 -2.76 -9.94
C45 PCW BB . 17.99 -2.23 -8.69
C46 PCW BB . 18.87 -2.25 -7.48
C47 PCW BB . 19.87 -1.12 -7.35
C48 PCW BB . 20.71 -1.25 -6.08
N PCW BB . 36.06 -17.38 -7.49
O2 PCW BB . 32.32 -9.85 -10.57
O3 PCW BB . 32.70 -7.66 -8.76
O11 PCW BB . 34.04 -6.63 -10.28
O31 PCW BB . 30.14 -10.21 -9.87
O1P PCW BB . 33.50 -14.70 -10.96
O2P PCW BB . 35.39 -13.07 -10.85
O3P PCW BB . 33.14 -12.54 -9.72
O4P PCW BB . 34.71 -14.18 -8.84
P PCW BB . 34.21 -13.65 -10.17
C1 PCW CB . 0.41 -21.33 -32.73
C2 PCW CB . -0.22 -20.20 -31.84
C3 PCW CB . -1.78 -20.37 -31.75
C4 PCW CB . 0.43 -24.26 -30.27
C5 PCW CB . 0.72 -24.75 -28.84
C6 PCW CB . -0.55 -26.95 -28.92
C7 PCW CB . 1.32 -26.67 -27.38
C8 PCW CB . -0.29 -25.75 -27.38
C11 PCW CB . -3.12 -19.65 -29.89
C12 PCW CB . -3.56 -18.40 -29.19
C13 PCW CB . -4.70 -17.72 -30.04
C14 PCW CB . -5.27 -16.42 -29.46
C15 PCW CB . -5.01 -16.16 -27.94
C16 PCW CB . -5.64 -14.79 -27.49
C17 PCW CB . -6.42 -14.76 -26.14
C18 PCW CB . -6.97 -13.39 -25.79
C19 PCW CB . -6.27 -12.75 -24.57
C20 PCW CB . -6.39 -11.41 -24.24
C21 PCW CB . -7.13 -10.29 -24.87
C22 PCW CB . -7.72 -9.43 -23.73
C23 PCW CB . -8.03 -7.94 -24.03
C24 PCW CB . -9.23 -7.66 -24.89
C25 PCW CB . -10.02 -6.33 -24.75
C26 PCW CB . -9.56 -5.16 -25.60
C27 PCW CB . -10.56 -4.55 -26.60
C28 PCW CB . -10.19 -4.93 -28.01
C31 PCW CB . 1.23 -19.36 -30.16
C32 PCW CB . 1.68 -19.56 -28.71
C33 PCW CB . 1.18 -18.45 -27.68
C34 PCW CB . 2.27 -17.45 -27.29
C35 PCW CB . 2.02 -16.17 -28.21
C36 PCW CB . 3.02 -15.04 -27.93
C37 PCW CB . 2.84 -13.75 -28.79
C38 PCW CB . 3.47 -12.55 -28.14
C39 PCW CB . 3.30 -11.29 -28.95
C40 PCW CB . 2.37 -10.36 -28.80
C41 PCW CB . 1.28 -10.39 -27.75
C42 PCW CB . 0.56 -8.98 -27.73
C43 PCW CB . 0.52 -8.19 -26.43
C44 PCW CB . -0.23 -6.90 -26.72
C45 PCW CB . -0.41 -5.99 -25.53
C46 PCW CB . -1.75 -6.12 -24.87
C47 PCW CB . -1.76 -6.12 -23.36
C48 PCW CB . -3.19 -6.25 -22.82
N PCW CB . 0.60 -26.13 -28.52
O2 PCW CB . 0.31 -20.28 -30.46
O3 PCW CB . -2.32 -19.31 -30.94
O11 PCW CB . -3.43 -20.78 -29.58
O31 PCW CB . 1.66 -18.46 -30.95
O1P PCW CB . 1.17 -24.05 -33.07
O2P PCW CB . 3.45 -23.62 -32.12
O3P PCW CB . 1.75 -21.70 -32.34
O4P PCW CB . 1.56 -23.43 -30.65
P PCW CB . 2.00 -23.27 -32.10
C1 PCW DB . 24.33 -9.69 -29.07
C2 PCW DB . 24.56 -9.38 -27.54
C3 PCW DB . 25.74 -8.37 -27.36
C4 PCW DB . 22.29 -13.39 -27.68
C5 PCW DB . 23.00 -14.45 -26.85
C6 PCW DB . 20.95 -15.92 -26.54
C7 PCW DB . 23.18 -16.82 -26.11
C8 PCW DB . 22.31 -15.46 -25.21
C11 PCW DB . 26.75 -7.08 -25.61
C12 PCW DB . 26.84 -6.98 -24.11
C13 PCW DB . 25.76 -5.96 -23.61
C14 PCW DB . 25.73 -5.76 -22.09
C15 PCW DB . 25.16 -4.39 -21.61
C16 PCW DB . 26.31 -3.46 -21.09
C17 PCW DB . 26.00 -2.56 -19.84
C18 PCW DB . 24.86 -1.56 -20.10
C19 PCW DB . 25.17 -0.16 -19.52
C20 PCW DB . 25.65 0.89 -20.31
C21 PCW DB . 25.97 0.99 -21.74
C22 PCW DB . 27.06 2.10 -21.87
C23 PCW DB . 28.20 1.87 -22.89
C24 PCW DB . 29.53 2.47 -22.56
C25 PCW DB . 30.00 3.80 -23.22
C26 PCW DB . 31.40 3.80 -23.80
C27 PCW DB . 32.58 4.03 -22.84
C28 PCW DB . 33.65 4.86 -23.53
C31 PCW DB . 22.58 -9.56 -26.26
C32 PCW DB . 21.37 -8.77 -25.74
C33 PCW DB . 21.64 -7.92 -24.41
C34 PCW DB . 21.46 -6.41 -24.59
C35 PCW DB . 21.80 -5.77 -23.19
C36 PCW DB . 21.28 -4.32 -23.05
C37 PCW DB . 21.60 -3.62 -21.68
C38 PCW DB . 20.55 -2.62 -21.33
C39 PCW DB . 20.84 -1.93 -20.01
C40 PCW DB . 21.03 -0.62 -19.81
C41 PCW DB . 20.98 0.42 -20.92
C42 PCW DB . 21.44 1.81 -20.31
C43 PCW DB . 20.38 2.80 -19.87
C44 PCW DB . 21.11 4.03 -19.34
C45 PCW DB . 20.58 4.58 -18.03
C46 PCW DB . 21.51 4.38 -16.88
C47 PCW DB . 21.00 3.55 -15.72
C48 PCW DB . 22.05 3.43 -14.62
N PCW DB . 22.40 -15.73 -26.68
O2 PCW DB . 23.34 -8.74 -26.97
O3 PCW DB . 25.94 -8.11 -25.96
O11 PCW DB . 27.32 -6.36 -26.39
O31 PCW DB . 22.79 -10.80 -26.04
O1P PCW DB . 21.90 -10.95 -29.22
O2P PCW DB . 22.88 -12.32 -31.06
O3P PCW DB . 24.41 -11.08 -29.41
O4P PCW DB . 23.16 -13.09 -28.82
P PCW DB . 23.01 -11.84 -29.67
C1 PCW EB . -12.71 -27.65 -24.62
C2 PCW EB . -13.80 -26.52 -24.49
C3 PCW EB . -14.44 -26.22 -25.89
C4 PCW EB . -15.26 -30.69 -22.36
C5 PCW EB . -15.42 -31.70 -21.23
C6 PCW EB . -17.92 -31.87 -20.74
C7 PCW EB . -16.55 -33.89 -20.94
C8 PCW EB . -16.42 -32.56 -19.67
C11 PCW EB . -15.60 -24.32 -26.79
C12 PCW EB . -16.66 -23.31 -26.43
C13 PCW EB . -17.87 -23.48 -27.41
C14 PCW EB . -19.04 -22.52 -27.16
C15 PCW EB . -19.97 -22.25 -28.38
C16 PCW EB . -19.57 -20.92 -29.10
C17 PCW EB . -20.55 -20.35 -30.18
C18 PCW EB . -20.73 -21.26 -31.39
C19 PCW EB . -22.14 -21.17 -32.02
C20 PCW EB . -22.92 -22.29 -32.25
C21 PCW EB . -22.69 -23.74 -32.01
C22 PCW EB . -23.43 -24.10 -30.69
C23 PCW EB . -24.98 -24.00 -30.67
C24 PCW EB . -25.62 -23.38 -29.46
C25 PCW EB . -25.45 -21.87 -29.15
C26 PCW EB . -24.25 -21.48 -28.31
C27 PCW EB . -23.99 -19.98 -28.06
C28 PCW EB . -23.98 -19.69 -26.57
C31 PCW EB . -15.05 -26.20 -22.50
C32 PCW EB . -16.21 -26.78 -21.68
C33 PCW EB . -17.03 -25.71 -20.81
C34 PCW EB . -17.95 -24.83 -21.66
C35 PCW EB . -19.42 -25.34 -21.36
C36 PCW EB . -19.96 -26.28 -22.46
C37 PCW EB . -21.40 -26.83 -22.24
C38 PCW EB . -21.54 -28.25 -22.68
C39 PCW EB . -22.93 -28.80 -22.47
C40 PCW EB . -23.79 -29.19 -23.40
C41 PCW EB . -23.49 -29.18 -24.90
C42 PCW EB . -24.89 -29.05 -25.66
C43 PCW EB . -25.45 -27.66 -25.91
C44 PCW EB . -26.77 -27.85 -26.65
C45 PCW EB . -28.01 -27.75 -25.80
C46 PCW EB . -29.28 -27.93 -26.57
C47 PCW EB . -30.03 -26.66 -26.94
C48 PCW EB . -31.31 -26.99 -27.73
N PCW EB . -16.63 -32.47 -21.15
O2 PCW EB . -14.90 -26.97 -23.58
O3 PCW EB . -15.42 -25.18 -25.75
O11 PCW EB . -14.99 -24.35 -27.82
O31 PCW EB . -14.38 -25.17 -22.21
O1P PCW EB . -14.08 -30.04 -24.93
O2P PCW EB . -12.01 -30.98 -23.89
O3P PCW EB . -12.66 -28.53 -23.49
O4P PCW EB . -13.84 -30.39 -22.45
P PCW EB . -13.14 -30.05 -23.76
C1 PCW FB . 19.98 -7.27 -33.32
C2 PCW FB . 19.61 -5.76 -33.63
C3 PCW FB . 18.52 -5.25 -32.62
C4 PCW FB . 22.34 -10.81 -35.35
C5 PCW FB . 22.67 -12.04 -34.51
C6 PCW FB . 24.54 -11.20 -33.24
C7 PCW FB . 24.93 -12.39 -35.21
C8 PCW FB . 24.23 -13.59 -33.40
C11 PCW FB . 17.56 -3.15 -31.97
C12 PCW FB . 17.28 -1.76 -32.49
C13 PCW FB . 18.65 -0.99 -32.59
C14 PCW FB . 18.55 0.45 -33.11
C15 PCW FB . 17.43 0.72 -34.17
C16 PCW FB . 16.93 2.21 -34.09
C17 PCW FB . 15.39 2.42 -33.88
C18 PCW FB . 15.02 2.74 -32.44
C19 PCW FB . 13.56 3.24 -32.29
C20 PCW FB . 13.26 4.50 -31.79
C21 PCW FB . 14.11 5.61 -31.29
C22 PCW FB . 13.20 6.50 -30.39
C23 PCW FB . 13.57 6.62 -28.89
C24 PCW FB . 14.09 7.93 -28.42
C25 PCW FB . 14.05 8.33 -26.91
C26 PCW FB . 15.12 7.75 -26.02
C27 PCW FB . 14.73 6.56 -25.11
C28 PCW FB . 15.72 5.43 -25.29
C31 PCW FB . 21.39 -4.86 -32.27
C32 PCW FB . 22.61 -3.93 -32.34
C33 PCW FB . 22.29 -2.37 -32.39
C34 PCW FB . 22.33 -1.79 -33.80
C35 PCW FB . 23.56 -0.80 -33.83
C36 PCW FB . 23.24 0.52 -34.57
C37 PCW FB . 24.41 1.55 -34.64
C38 PCW FB . 23.91 2.94 -34.77
C39 PCW FB . 25.03 3.96 -34.85
C40 PCW FB . 25.12 5.09 -34.18
C41 PCW FB . 24.07 5.59 -33.18
C42 PCW FB . 24.73 6.74 -32.29
C43 PCW FB . 24.71 8.16 -32.82
C44 PCW FB . 25.39 9.04 -31.78
C45 PCW FB . 24.89 10.46 -31.71
C46 PCW FB . 24.19 10.80 -30.43
C47 PCW FB . 22.92 11.61 -30.55
C48 PCW FB . 22.32 11.88 -29.15
N PCW FB . 24.02 -12.29 -34.11
O2 PCW FB . 20.83 -4.90 -33.48
O3 PCW FB . 18.19 -3.88 -32.93
O11 PCW FB . 17.24 -3.55 -30.88
O31 PCW FB . 21.00 -5.49 -31.24
O1P PCW FB . 22.04 -8.08 -36.30
O2P PCW FB . 22.73 -7.53 -33.97
O3P PCW FB . 20.26 -8.06 -34.49
O4P PCW FB . 21.99 -9.76 -34.42
P PCW FB . 21.81 -8.30 -34.82
C1 PCW GB . 28.46 -9.99 -17.44
C2 PCW GB . 29.43 -8.89 -16.87
C3 PCW GB . 30.67 -9.56 -16.19
C4 PCW GB . 31.10 -11.49 -19.29
C5 PCW GB . 31.93 -11.78 -20.54
C6 PCW GB . 33.43 -13.68 -21.33
C7 PCW GB . 31.01 -13.84 -21.56
C8 PCW GB . 32.14 -12.65 -22.38
C11 PCW GB . 32.86 -8.88 -15.49
C12 PCW GB . 33.61 -7.68 -14.96
C13 PCW GB . 34.61 -7.19 -16.07
C14 PCW GB . 35.46 -5.98 -15.70
C15 PCW GB . 36.20 -5.28 -16.87
C16 PCW GB . 36.67 -3.83 -16.44
C17 PCW GB . 35.66 -2.66 -16.67
C18 PCW GB . 35.22 -1.98 -15.38
C19 PCW GB . 33.79 -1.40 -15.46
C20 PCW GB . 33.29 -0.50 -14.53
C21 PCW GB . 33.89 0.12 -13.33
C22 PCW GB . 32.77 0.22 -12.26
C23 PCW GB . 33.11 0.92 -10.92
C24 PCW GB . 32.74 2.38 -10.81
C25 PCW GB . 31.59 2.84 -9.88
C26 PCW GB . 30.29 3.25 -10.56
C27 PCW GB . 29.05 3.42 -9.67
C28 PCW GB . 27.87 3.85 -10.52
C31 PCW GB . 29.56 -6.76 -17.91
C32 PCW GB . 30.17 -6.02 -19.12
C33 PCW GB . 31.75 -5.80 -19.08
C34 PCW GB . 32.16 -4.36 -18.81
C35 PCW GB . 33.48 -4.13 -19.67
C36 PCW GB . 33.62 -2.67 -20.16
C37 PCW GB . 34.90 -2.37 -21.01
C38 PCW GB . 34.78 -1.09 -21.76
C39 PCW GB . 36.00 -0.78 -22.59
C40 PCW GB . 36.47 0.42 -22.93
C41 PCW GB . 35.82 1.74 -22.52
C42 PCW GB . 36.45 2.18 -21.13
C43 PCW GB . 35.51 2.44 -19.95
C44 PCW GB . 36.37 2.85 -18.77
C45 PCW GB . 35.98 2.26 -17.44
C46 PCW GB . 35.20 3.19 -16.57
C47 PCW GB . 35.39 3.04 -15.08
C48 PCW GB . 34.53 4.05 -14.31
N PCW GB . 32.11 -13.13 -20.97
O2 PCW GB . 29.95 -8.04 -17.98
O3 PCW GB . 31.55 -8.54 -15.67
O11 PCW GB . 33.35 -9.94 -15.73
O31 PCW GB . 28.83 -6.24 -17.02
O1P PCW GB . 28.31 -11.98 -19.91
O2P PCW GB . 28.58 -9.92 -21.30
O3P PCW GB . 28.01 -9.73 -18.79
O4P PCW GB . 30.23 -10.37 -19.62
P PCW GB . 28.76 -10.54 -19.97
C1 PCW HB . 18.79 -31.89 5.76
C2 PCW HB . 17.63 -31.30 6.65
C3 PCW HB . 17.85 -31.73 8.14
C4 PCW HB . 16.63 -32.60 3.05
C5 PCW HB . 15.17 -32.91 2.70
C6 PCW HB . 13.70 -33.27 0.64
C7 PCW HB . 15.34 -34.97 1.32
C8 PCW HB . 13.84 -34.39 2.25
C11 PCW HB . 17.14 -30.49 10.08
C12 PCW HB . 15.89 -30.06 10.81
C13 PCW HB . 15.22 -28.88 10.00
C14 PCW HB . 13.94 -28.32 10.62
C15 PCW HB . 13.43 -26.98 9.99
C16 PCW HB . 13.86 -25.76 10.89
C17 PCW HB . 15.28 -25.14 10.64
C18 PCW HB . 15.27 -23.61 10.52
C19 PCW HB . 16.51 -22.95 11.17
C20 PCW HB . 16.48 -22.41 12.45
C21 PCW HB . 15.41 -22.31 13.46
C22 PCW HB . 16.09 -21.82 14.78
C23 PCW HB . 15.26 -21.93 16.08
C24 PCW HB . 15.72 -21.10 17.25
C25 PCW HB . 15.76 -21.70 18.68
C26 PCW HB . 14.90 -21.02 19.72
C27 PCW HB . 15.05 -21.47 21.19
C28 PCW HB . 13.74 -22.01 21.71
C31 PCW HB . 17.11 -29.28 5.52
C32 PCW HB . 17.21 -27.75 5.63
C33 PCW HB . 15.83 -26.96 5.43
C34 PCW HB . 15.07 -26.74 6.73
C35 PCW HB . 13.63 -26.23 6.28
C36 PCW HB . 13.31 -24.83 6.83
C37 PCW HB . 11.90 -24.25 6.43
C38 PCW HB . 12.04 -23.12 5.46
C39 PCW HB . 10.70 -22.54 5.07
C40 PCW HB . 10.36 -21.25 4.99
C41 PCW HB . 11.32 -20.12 5.32
C42 PCW HB . 11.01 -19.60 6.80
C43 PCW HB . 11.09 -18.12 7.09
C44 PCW HB . 10.75 -17.92 8.56
C45 PCW HB . 9.31 -17.59 8.85
C46 PCW HB . 8.92 -17.79 10.28
C47 PCW HB . 7.45 -17.71 10.61
C48 PCW HB . 7.19 -17.92 12.10
N PCW HB . 14.86 -33.62 1.49
O2 PCW HB . 17.66 -29.81 6.61
O3 PCW HB . 16.79 -31.20 8.97
O11 PCW HB . 18.26 -30.28 10.44
O31 PCW HB . 16.61 -29.92 4.55
O1P PCW HB . 19.25 -33.82 3.31
O2P PCW HB . 17.99 -35.49 4.66
O3P PCW HB . 18.85 -33.34 5.75
O4P PCW HB . 16.95 -33.39 4.22
P PCW HB . 18.29 -34.06 4.44
C1 PCW IB . -10.76 -15.61 -35.39
C2 PCW IB . -11.61 -14.62 -36.28
C3 PCW IB . -12.74 -15.40 -37.04
C4 PCW IB . -9.32 -20.08 -36.83
C5 PCW IB . -9.19 -20.76 -38.20
C6 PCW IB . -8.66 -23.10 -37.34
C7 PCW IB . -9.56 -22.76 -39.60
C8 PCW IB . -7.93 -22.21 -38.92
C11 PCW IB . -14.68 -14.91 -38.36
C12 PCW IB . -15.30 -13.81 -39.18
C13 PCW IB . -16.84 -13.76 -38.88
C14 PCW IB . -17.62 -12.70 -39.64
C15 PCW IB . -18.70 -11.92 -38.82
C16 PCW IB . -18.06 -10.72 -38.05
C17 PCW IB . -18.97 -9.95 -37.03
C18 PCW IB . -19.50 -8.63 -37.57
C19 PCW IB . -21.05 -8.53 -37.50
C20 PCW IB . -21.74 -7.37 -37.83
C21 PCW IB . -21.28 -6.03 -38.28
C22 PCW IB . -21.94 -4.99 -37.32
C23 PCW IB . -21.08 -4.43 -36.16
C24 PCW IB . -20.85 -2.96 -36.14
C25 PCW IB . -19.59 -2.33 -36.83
C26 PCW IB . -19.81 -1.01 -37.54
C27 PCW IB . -20.15 -1.04 -39.05
C28 PCW IB . -20.26 0.36 -39.59
C31 PCW IB . -11.63 -12.44 -35.35
C32 PCW IB . -12.43 -11.51 -34.42
C33 PCW IB . -12.02 -11.57 -32.87
C34 PCW IB . -13.06 -12.27 -32.00
C35 PCW IB . -13.29 -11.30 -30.75
C36 PCW IB . -14.35 -11.83 -29.76
C37 PCW IB . -14.62 -10.92 -28.53
C38 PCW IB . -15.52 -9.78 -28.86
C39 PCW IB . -15.80 -8.88 -27.68
C40 PCW IB . -15.13 -7.78 -27.34
C41 PCW IB . -13.94 -7.24 -28.12
C42 PCW IB . -13.81 -5.68 -27.81
C43 PCW IB . -14.66 -4.71 -28.63
C44 PCW IB . -14.33 -3.31 -28.12
C45 PCW IB . -15.21 -2.82 -27.01
C46 PCW IB . -14.47 -1.95 -26.01
C47 PCW IB . -14.14 -0.55 -26.45
C48 PCW IB . -13.40 0.22 -25.34
N PCW IB . -9.29 -22.18 -38.31
O2 PCW IB . -12.27 -13.60 -35.41
O3 PCW IB . -13.49 -14.48 -37.84
O11 PCW IB . -15.15 -16.01 -38.19
O31 PCW IB . -10.55 -12.14 -35.94
O1P PCW IB . -10.21 -18.63 -34.50
O2P PCW IB . -12.23 -18.20 -35.89
O3P PCW IB . -10.15 -16.69 -36.12
O4P PCW IB . -10.24 -18.97 -36.99
P PCW IB . -10.75 -18.15 -35.81
C1 PCW JB . 2.57 -12.88 -42.42
C2 PCW JB . 2.59 -11.29 -42.53
C3 PCW JB . 2.69 -10.86 -44.03
C4 PCW JB . 6.58 -12.19 -42.06
C5 PCW JB . 7.13 -11.52 -43.32
C6 PCW JB . 9.18 -10.31 -42.39
C7 PCW JB . 9.19 -11.23 -44.67
C8 PCW JB . 8.13 -9.87 -44.00
C11 PCW JB . 3.90 -8.79 -44.01
C12 PCW JB . 3.69 -7.30 -44.10
C13 PCW JB . 3.46 -6.92 -45.62
C14 PCW JB . 3.22 -5.43 -45.88
C15 PCW JB . 4.45 -4.63 -46.43
C16 PCW JB . 5.47 -4.32 -45.28
C17 PCW JB . 5.19 -3.05 -44.41
C18 PCW JB . 6.26 -2.79 -43.35
C19 PCW JB . 7.17 -1.57 -43.69
C20 PCW JB . 6.92 -0.30 -43.20
C21 PCW JB . 5.86 0.24 -42.30
C22 PCW JB . 6.59 0.91 -41.11
C23 PCW JB . 5.80 1.98 -40.30
C24 PCW JB . 6.06 3.42 -40.67
C25 PCW JB . 4.90 4.46 -40.65
C26 PCW JB . 4.39 4.89 -39.29
C27 PCW JB . 4.54 6.38 -38.90
C28 PCW JB . 5.07 6.51 -37.49
C31 PCW JB . 1.31 -10.59 -40.66
C32 PCW JB . -0.04 -9.98 -40.26
C33 PCW JB . 0.04 -8.73 -39.28
C34 PCW JB . -1.30 -8.34 -38.66
C35 PCW JB . -0.97 -7.18 -37.62
C36 PCW JB . -2.10 -6.97 -36.60
C37 PCW JB . -1.85 -5.85 -35.54
C38 PCW JB . -2.57 -4.59 -35.88
C39 PCW JB . -2.33 -3.49 -34.87
C40 PCW JB . -3.21 -2.58 -34.45
C41 PCW JB . -4.65 -2.50 -34.94
C42 PCW JB . -4.82 -1.14 -35.75
C43 PCW JB . -5.85 -0.13 -35.27
C44 PCW JB . -5.80 1.04 -36.23
C45 PCW JB . -4.82 2.12 -35.86
C46 PCW JB . -5.46 3.44 -35.53
C47 PCW JB . -4.74 4.68 -36.02
C48 PCW JB . -5.50 5.95 -35.61
N PCW JB . 8.52 -11.18 -43.39
O2 PCW JB . 1.33 -10.72 -41.99
O3 PCW JB . 2.70 -9.43 -44.11
O11 PCW JB . 4.96 -9.33 -43.85
O31 PCW JB . 2.24 -10.92 -39.87
O1P PCW JB . 5.47 -14.25 -40.31
O2P PCW JB . 4.67 -15.22 -42.46
O3P PCW JB . 3.30 -13.39 -41.28
O4P PCW JB . 5.39 -12.93 -42.46
P PCW JB . 4.75 -14.01 -41.62
C1 PCW KB . -4.80 -20.58 -23.80
C2 PCW KB . -5.92 -19.52 -24.16
C3 PCW KB . -6.10 -19.46 -25.71
C4 PCW KB . -4.91 -22.49 -26.77
C5 PCW KB . -5.85 -22.69 -27.97
C6 PCW KB . -5.99 -22.40 -30.50
C7 PCW KB . -4.33 -23.92 -29.52
C8 PCW KB . -6.17 -24.07 -29.46
C11 PCW KB . -7.71 -18.63 -27.28
C12 PCW KB . -8.74 -17.55 -27.45
C13 PCW KB . -10.13 -18.12 -27.01
C14 PCW KB . -11.30 -17.13 -27.13
C15 PCW KB . -11.55 -16.23 -25.89
C16 PCW KB . -12.31 -14.91 -26.29
C17 PCW KB . -13.87 -14.96 -26.33
C18 PCW KB . -14.53 -13.66 -25.87
C19 PCW KB . -16.04 -13.81 -25.62
C20 PCW KB . -16.56 -14.07 -24.35
C21 PCW KB . -15.93 -14.24 -23.03
C22 PCW KB . -16.02 -12.87 -22.29
C23 PCW KB . -16.68 -12.85 -20.89
C24 PCW KB . -16.52 -11.60 -20.09
C25 PCW KB . -15.37 -11.44 -19.06
C26 PCW KB . -15.74 -10.80 -17.73
C27 PCW KB . -15.53 -9.27 -17.59
C28 PCW KB . -14.35 -9.00 -16.67
C31 PCW KB . -7.43 -19.43 -22.34
C32 PCW KB . -8.79 -19.93 -21.84
C33 PCW KB . -8.88 -20.27 -20.27
C34 PCW KB . -9.63 -19.23 -19.46
C35 PCW KB . -9.96 -19.93 -18.08
C36 PCW KB . -11.14 -19.27 -17.33
C37 PCW KB . -11.50 -19.91 -15.95
C38 PCW KB . -12.51 -19.10 -15.19
C39 PCW KB . -12.87 -19.71 -13.86
C40 PCW KB . -13.21 -19.07 -12.75
C41 PCW KB . -13.30 -17.55 -12.63
C42 PCW KB . -12.88 -17.15 -11.14
C43 PCW KB . -11.44 -16.75 -10.89
C44 PCW KB . -11.33 -16.41 -9.40
C45 PCW KB . -11.70 -15.00 -9.03
C46 PCW KB . -10.70 -13.96 -9.49
C47 PCW KB . -11.21 -12.92 -10.45
C48 PCW KB . -10.10 -11.93 -10.84
N PCW KB . -5.30 -22.86 -29.28
O2 PCW KB . -7.22 -19.93 -23.56
O3 PCW KB . -7.12 -18.52 -26.06
O11 PCW KB . -7.44 -19.47 -28.10
O31 PCW KB . -6.65 -18.66 -21.70
O1P PCW KB . -3.94 -23.67 -24.31
O2P PCW KB . -6.36 -24.07 -23.91
O3P PCW KB . -5.31 -21.81 -23.26
O4P PCW KB . -5.76 -22.49 -25.59
P PCW KB . -5.33 -23.08 -24.26
C1 PCW LB . -5.47 -13.38 -40.77
C2 PCW LB . -5.31 -12.81 -39.32
C3 PCW LB . -6.20 -11.53 -39.15
C4 PCW LB . -1.77 -14.15 -40.40
C5 PCW LB . -0.67 -13.48 -39.58
C6 PCW LB . -0.39 -14.71 -37.36
C7 PCW LB . 1.56 -14.16 -38.74
C8 PCW LB . 0.39 -12.99 -37.90
C11 PCW LB . -4.98 -10.18 -37.59
C12 PCW LB . -5.03 -9.70 -36.17
C13 PCW LB . -6.03 -8.49 -36.10
C14 PCW LB . -6.20 -7.86 -34.72
C15 PCW LB . -6.17 -6.30 -34.67
C16 PCW LB . -7.19 -5.68 -35.69
C17 PCW LB . -8.51 -5.08 -35.10
C18 PCW LB . -8.30 -3.79 -34.32
C19 PCW LB . -9.47 -2.79 -34.46
C20 PCW LB . -10.40 -2.58 -33.46
C21 PCW LB . -10.54 -3.13 -32.09
C22 PCW LB . -11.96 -2.73 -31.58
C23 PCW LB . -12.09 -1.39 -30.81
C24 PCW LB . -12.59 -0.21 -31.59
C25 PCW LB . -13.79 0.64 -31.08
C26 PCW LB . -13.57 2.13 -30.96
C27 PCW LB . -13.51 2.74 -29.55
C28 PCW LB . -12.25 3.56 -29.38
C31 PCW LB . -4.78 -14.39 -37.63
C32 PCW LB . -5.42 -15.40 -36.66
C33 PCW LB . -6.19 -14.76 -35.41
C34 PCW LB . -6.38 -15.75 -34.25
C35 PCW LB . -7.69 -15.28 -33.50
C36 PCW LB . -8.15 -16.29 -32.42
C37 PCW LB . -9.44 -15.90 -31.64
C38 PCW LB . -10.43 -17.01 -31.60
C39 PCW LB . -11.68 -16.65 -30.85
C40 PCW LB . -12.90 -16.47 -31.35
C41 PCW LB . -13.25 -16.61 -32.82
C42 PCW LB . -14.56 -15.73 -33.09
C43 PCW LB . -15.17 -15.76 -34.49
C44 PCW LB . -16.38 -14.82 -34.46
C45 PCW LB . -16.12 -13.41 -34.89
C46 PCW LB . -16.56 -12.37 -33.89
C47 PCW LB . -16.35 -10.93 -34.28
C48 PCW LB . -16.84 -9.99 -33.17
N PCW LB . 0.12 -14.25 -38.67
O2 PCW LB . -5.77 -13.81 -38.31
O3 PCW LB . -6.05 -10.99 -37.83
O11 PCW LB . -4.16 -9.88 -38.41
O31 PCW LB . -3.55 -14.16 -37.75
O1P PCW LB . -3.70 -14.85 -42.48
O2P PCW LB . -2.85 -12.76 -43.54
O3P PCW LB . -4.72 -12.67 -41.77
O4P PCW LB . -2.39 -13.11 -41.21
P PCW LB . -3.39 -13.39 -42.31
C1 PCW MB . -12.06 -30.76 -19.82
C2 PCW MB . -11.77 -29.28 -19.33
C3 PCW MB . -12.86 -28.31 -19.92
C4 PCW MB . -11.92 -34.38 -16.50
C5 PCW MB . -10.50 -34.28 -15.95
C6 PCW MB . -8.96 -35.38 -14.24
C7 PCW MB . -9.68 -36.61 -16.24
C8 PCW MB . -8.63 -35.07 -16.16
C11 PCW MB . -11.64 -26.25 -20.15
C12 PCW MB . -11.52 -24.88 -19.54
C13 PCW MB . -11.98 -23.83 -20.61
C14 PCW MB . -11.92 -22.37 -20.14
C15 PCW MB . -12.64 -21.34 -21.07
C16 PCW MB . -13.99 -20.89 -20.43
C17 PCW MB . -14.36 -19.37 -20.55
C18 PCW MB . -15.05 -18.80 -19.31
C19 PCW MB . -15.60 -17.38 -19.52
C20 PCW MB . -14.84 -16.24 -19.28
C21 PCW MB . -13.45 -16.05 -18.80
C22 PCW MB . -12.60 -15.65 -20.04
C23 PCW MB . -12.40 -14.14 -20.33
C24 PCW MB . -11.60 -13.77 -21.54
C25 PCW MB . -11.74 -12.37 -22.21
C26 PCW MB . -10.55 -11.88 -23.01
C27 PCW MB . -10.49 -12.27 -24.50
C28 PCW MB . -11.28 -11.29 -25.33
C31 PCW MB . -10.83 -28.56 -17.28
C32 PCW MB . -11.05 -28.58 -15.76
C33 PCW MB . -12.43 -27.94 -15.25
C34 PCW MB . -13.42 -28.99 -14.75
C35 PCW MB . -14.85 -28.39 -15.07
C36 PCW MB . -15.77 -28.34 -13.82
C37 PCW MB . -17.20 -27.76 -14.06
C38 PCW MB . -17.85 -27.31 -12.80
C39 PCW MB . -19.23 -26.75 -13.02
C40 PCW MB . -19.84 -25.81 -12.28
C41 PCW MB . -19.21 -25.14 -11.07
C42 PCW MB . -19.47 -23.57 -11.19
C43 PCW MB . -19.16 -22.70 -9.98
C44 PCW MB . -19.50 -21.27 -10.38
C45 PCW MB . -18.30 -20.40 -10.70
C46 PCW MB . -18.20 -20.02 -12.15
C47 PCW MB . -17.00 -20.54 -12.89
C48 PCW MB . -17.03 -20.07 -14.36
N PCW MB . -9.87 -35.44 -15.40
O2 PCW MB . -11.85 -29.21 -17.84
O3 PCW MB . -12.59 -26.97 -19.47
O11 PCW MB . -11.01 -26.65 -21.09
O31 PCW MB . -9.86 -28.02 -17.89
O1P PCW MB . -13.63 -32.25 -17.46
O2P PCW MB . -13.43 -33.45 -19.63
O3P PCW MB . -11.62 -31.78 -18.89
O4P PCW MB . -11.86 -33.97 -17.90
P PCW MB . -12.71 -32.86 -18.47
C1 PCW NB . 1.43 -20.43 -20.08
C2 PCW NB . 0.70 -20.14 -18.71
C3 PCW NB . 0.88 -18.64 -18.30
C4 PCW NB . 0.12 -25.30 -19.35
C5 PCW NB . -0.75 -26.03 -20.38
C6 PCW NB . -1.74 -24.62 -22.24
C7 PCW NB . -0.16 -26.42 -22.76
C8 PCW NB . -1.85 -26.57 -22.01
C11 PCW NB . -0.75 -17.45 -17.00
C12 PCW NB . -1.32 -17.38 -15.61
C13 PCW NB . -2.38 -16.22 -15.56
C14 PCW NB . -3.07 -16.02 -14.20
C15 PCW NB . -2.42 -14.95 -13.27
C16 PCW NB . -3.39 -13.74 -13.05
C17 PCW NB . -4.38 -13.83 -11.84
C18 PCW NB . -4.08 -12.84 -10.72
C19 PCW NB . -4.29 -11.36 -11.14
C20 PCW NB . -5.28 -10.56 -10.58
C21 PCW NB . -6.32 -10.83 -9.55
C22 PCW NB . -7.35 -9.66 -9.64
C23 PCW NB . -7.60 -8.84 -8.35
C24 PCW NB . -8.66 -7.79 -8.41
C25 PCW NB . -8.45 -6.38 -7.79
C26 PCW NB . -8.67 -6.27 -6.29
C27 PCW NB . -7.55 -5.64 -5.44
C28 PCW NB . -6.60 -6.71 -4.96
C31 PCW NB . -1.18 -21.44 -18.12
C32 PCW NB . -2.69 -21.58 -18.34
C33 PCW NB . -3.58 -20.33 -17.88
C34 PCW NB . -4.89 -20.73 -17.20
C35 PCW NB . -5.54 -19.37 -16.71
C36 PCW NB . -6.19 -19.49 -15.32
C37 PCW NB . -6.85 -18.19 -14.77
C38 PCW NB . -6.61 -18.01 -13.30
C39 PCW NB . -7.25 -16.76 -12.76
C40 PCW NB . -7.43 -16.45 -11.47
C41 PCW NB . -7.02 -17.34 -10.31
C42 PCW NB . -6.39 -16.42 -9.17
C43 PCW NB . -7.25 -16.06 -7.98
C44 PCW NB . -6.40 -15.18 -7.07
C45 PCW NB . -6.69 -13.70 -7.14
C46 PCW NB . -7.51 -13.18 -6.00
C47 PCW NB . -7.48 -11.69 -5.77
C48 PCW NB . -8.35 -11.28 -4.58
N PCW NB . -0.76 -25.58 -21.73
O2 PCW NB . -0.75 -20.41 -18.84
O3 PCW NB . 0.22 -18.41 -17.06
O11 PCW NB . -1.10 -16.77 -17.94
O31 PCW NB . -0.46 -22.18 -17.38
O1P PCW NB . 2.67 -23.51 -19.84
O2P PCW NB . 1.15 -23.73 -21.21
O3P PCW NB . 1.01 -21.66 -20.74
O4P PCW NB . 0.03 -23.89 -19.67
P PCW NB . 1.24 -23.00 -19.91
C1 PCW OB . 25.79 -7.20 -35.14
C2 PCW OB . 25.97 -6.07 -34.04
C3 PCW OB . 25.51 -6.60 -32.65
C4 PCW OB . 28.65 -8.49 -32.77
C5 PCW OB . 29.92 -7.90 -32.14
C6 PCW OB . 30.18 -8.00 -29.61
C7 PCW OB . 31.71 -9.24 -31.07
C8 PCW OB . 31.50 -7.41 -30.95
C11 PCW OB . 26.50 -5.81 -30.60
C12 PCW OB . 26.55 -4.60 -29.71
C13 PCW OB . 25.12 -4.45 -29.05
C14 PCW OB . 24.99 -3.26 -28.09
C15 PCW OB . 25.34 -3.54 -26.60
C16 PCW OB . 26.41 -2.51 -26.08
C17 PCW OB . 27.91 -2.86 -26.33
C18 PCW OB . 28.74 -1.67 -26.78
C19 PCW OB . 29.48 -0.97 -25.62
C20 PCW OB . 30.33 0.10 -25.82
C21 PCW OB . 30.76 0.83 -27.04
C22 PCW OB . 29.88 2.12 -27.13
C23 PCW OB . 29.32 2.49 -28.52
C24 PCW OB . 28.64 3.83 -28.63
C25 PCW OB . 29.44 5.09 -29.09
C26 PCW OB . 29.79 6.10 -28.02
C27 PCW OB . 28.77 7.22 -27.72
C28 PCW OB . 29.43 8.32 -26.93
C31 PCW OB . 27.80 -4.73 -34.75
C32 PCW OB . 29.29 -4.46 -34.50
C33 PCW OB . 29.61 -3.41 -33.34
C34 PCW OB . 28.99 -2.04 -33.58
C35 PCW OB . 28.56 -1.51 -32.16
C36 PCW OB . 27.36 -0.54 -32.22
C37 PCW OB . 26.87 0.02 -30.84
C38 PCW OB . 25.83 1.08 -31.01
C39 PCW OB . 25.34 1.63 -29.71
C40 PCW OB . 24.31 1.20 -28.98
C41 PCW OB . 23.42 0.04 -29.37
C42 PCW OB . 22.10 0.09 -28.46
C43 PCW OB . 22.20 -0.42 -27.03
C44 PCW OB . 20.82 -0.27 -26.40
C45 PCW OB . 20.82 -0.09 -24.90
C46 PCW OB . 19.58 -0.60 -24.24
C47 PCW OB . 18.49 0.42 -23.95
C48 PCW OB . 17.28 -0.24 -23.28
N PCW OB . 30.48 -8.49 -30.97
O2 PCW OB . 27.41 -5.70 -33.92
O3 PCW OB . 25.68 -5.56 -31.66
O11 PCW OB . 27.11 -6.84 -30.42
O31 PCW OB . 27.07 -4.13 -35.60
O1P PCW OB . 26.81 -9.77 -34.62
O2P PCW OB . 28.69 -9.45 -36.23
O3P PCW OB . 27.01 -7.55 -35.82
O4P PCW OB . 28.73 -8.19 -34.19
P PCW OB . 27.81 -8.82 -35.22
C1 PCW PB . 4.00 -40.27 10.72
C2 PCW PB . 5.10 -39.40 11.45
C3 PCW PB . 5.15 -37.96 10.83
C4 PCW PB . 7.14 -43.24 12.18
C5 PCW PB . 8.59 -42.85 12.47
C6 PCW PB . 10.49 -42.45 13.90
C7 PCW PB . 9.12 -44.29 14.30
C8 PCW PB . 8.29 -42.25 14.84
C11 PCW PB . 7.27 -36.83 10.80
C12 PCW PB . 8.18 -36.02 11.67
C13 PCW PB . 9.04 -37.01 12.53
C14 PCW PB . 10.04 -36.35 13.49
C15 PCW PB . 10.21 -37.03 14.88
C16 PCW PB . 9.92 -36.02 16.04
C17 PCW PB . 9.16 -36.56 17.29
C18 PCW PB . 8.86 -35.47 18.33
C19 PCW PB . 8.29 -36.05 19.65
C20 PCW PB . 9.04 -36.10 20.81
C21 PCW PB . 10.43 -35.69 21.15
C22 PCW PB . 11.17 -36.96 21.66
C23 PCW PB . 10.82 -37.48 23.08
C24 PCW PB . 11.26 -36.63 24.24
C25 PCW PB . 10.22 -36.06 25.24
C26 PCW PB . 9.82 -34.60 25.03
C27 PCW PB . 10.46 -33.54 25.94
C28 PCW PB . 9.41 -32.88 26.79
C31 PCW PB . 5.77 -39.51 13.73
C32 PCW PB . 5.26 -39.34 15.16
C33 PCW PB . 6.34 -38.77 16.21
C34 PCW PB . 6.98 -39.86 17.06
C35 PCW PB . 6.63 -39.49 18.56
C36 PCW PB . 5.46 -40.33 19.12
C37 PCW PB . 5.06 -40.01 20.60
C38 PCW PB . 4.20 -38.80 20.71
C39 PCW PB . 3.81 -38.49 22.13
C40 PCW PB . 2.86 -37.65 22.53
C41 PCW PB . 1.98 -36.84 21.61
C42 PCW PB . 1.55 -35.52 22.37
C43 PCW PB . 2.29 -34.23 22.08
C44 PCW PB . 1.67 -33.15 22.94
C45 PCW PB . 2.39 -32.86 24.24
C46 PCW PB . 3.62 -32.03 24.07
C47 PCW PB . 4.93 -32.67 24.48
C48 PCW PB . 6.11 -31.70 24.26
N PCW PB . 9.09 -42.95 13.81
O2 PCW PB . 4.76 -39.27 12.89
O3 PCW PB . 6.15 -37.17 11.50
O11 PCW PB . 7.47 -37.13 9.65
O31 PCW PB . 6.95 -39.84 13.39
O1P PCW PB . 5.60 -43.57 9.72
O2P PCW PB . 6.33 -41.23 9.31
O3P PCW PB . 4.24 -41.70 10.75
O4P PCW PB . 6.52 -42.10 11.54
P PCW PB . 5.70 -42.17 10.27
C1 PCW QB . 3.95 -37.85 1.22
C2 PCW QB . 2.74 -36.90 0.82
C3 PCW QB . 1.92 -37.53 -0.35
C4 PCW QB . 1.27 -40.05 3.50
C5 PCW QB . 0.61 -40.61 4.76
C6 PCW QB . -0.71 -42.36 5.77
C7 PCW QB . -0.77 -42.08 3.45
C8 PCW QB . -1.86 -40.54 4.72
C11 PCW QB . -0.40 -37.23 -0.88
C12 PCW QB . -1.39 -36.15 -1.24
C13 PCW QB . -1.42 -36.03 -2.81
C14 PCW QB . -2.38 -34.98 -3.36
C15 PCW QB . -2.22 -34.64 -4.87
C16 PCW QB . -3.52 -35.03 -5.66
C17 PCW QB . -3.92 -34.13 -6.87
C18 PCW QB . -4.61 -32.83 -6.46
C19 PCW QB . -5.48 -32.22 -7.58
C20 PCW QB . -5.99 -30.93 -7.52
C21 PCW QB . -5.87 -29.86 -6.49
C22 PCW QB . -6.61 -28.61 -7.07
C23 PCW QB . -8.12 -28.45 -6.74
C24 PCW QB . -8.46 -28.05 -5.34
C25 PCW QB . -9.21 -29.02 -4.38
C26 PCW QB . -10.71 -28.86 -4.28
C27 PCW QB . -11.34 -28.73 -2.88
C28 PCW QB . -12.12 -29.98 -2.54
C31 PCW QB . 1.83 -35.53 2.54
C32 PCW QB . 0.84 -35.52 3.71
C33 PCW QB . -0.47 -34.63 3.50
C34 PCW QB . -1.39 -35.15 2.40
C35 PCW QB . -2.68 -34.22 2.46
C36 PCW QB . -4.00 -35.04 2.43
C37 PCW QB . -5.30 -34.18 2.49
C38 PCW QB . -5.82 -34.07 3.88
C39 PCW QB . -7.08 -33.26 3.98
C40 PCW QB . -7.27 -32.15 4.69
C41 PCW QB . -6.20 -31.52 5.57
C42 PCW QB . -5.27 -30.60 4.64
C43 PCW QB . -4.95 -29.19 5.09
C44 PCW QB . -4.06 -28.58 4.02
C45 PCW QB . -3.99 -27.07 4.01
C46 PCW QB . -2.92 -26.50 4.89
C47 PCW QB . -3.22 -25.19 5.57
C48 PCW QB . -2.03 -24.73 6.42
N PCW QB . -0.61 -41.35 4.68
O2 PCW QB . 1.82 -36.74 1.99
O3 PCW QB . 0.83 -36.67 -0.70
O11 PCW QB . -0.65 -38.40 -0.78
O31 PCW QB . 2.52 -34.55 2.15
O1P PCW QB . 3.69 -40.47 1.95
O2P PCW QB . 4.80 -40.01 4.15
O3P PCW QB . 4.10 -38.07 2.63
O4P PCW QB . 2.50 -39.41 3.90
P PCW QB . 3.81 -39.56 3.15
C1 PCW RB . -5.94 -30.70 -11.47
C2 PCW RB . -5.87 -29.16 -11.12
C3 PCW RB . -4.50 -28.57 -11.60
C4 PCW RB . -9.38 -31.40 -11.58
C5 PCW RB . -9.48 -32.10 -10.22
C6 PCW RB . -9.33 -31.75 -7.69
C7 PCW RB . -10.89 -30.42 -9.04
C8 PCW RB . -10.91 -32.25 -8.76
C11 PCW RB . -4.61 -26.28 -12.28
C12 PCW RB . -4.51 -24.88 -11.73
C13 PCW RB . -5.74 -24.04 -12.28
C14 PCW RB . -5.79 -22.59 -11.81
C15 PCW RB . -4.83 -21.61 -12.55
C16 PCW RB . -4.19 -20.60 -11.55
C17 PCW RB . -2.67 -20.24 -11.75
C18 PCW RB . -2.31 -18.84 -11.27
C19 PCW RB . -0.81 -18.52 -11.41
C20 PCW RB . -0.22 -17.38 -10.86
C21 PCW RB . -0.77 -16.25 -10.08
C22 PCW RB . 0.27 -15.10 -10.19
C23 PCW RB . -0.28 -13.65 -10.14
C24 PCW RB . 0.70 -12.57 -9.80
C25 PCW RB . 0.25 -11.25 -9.10
C26 PCW RB . 1.30 -10.52 -8.29
C27 PCW RB . 1.31 -8.97 -8.36
C28 PCW RB . 2.72 -8.48 -8.58
C31 PCW RB . -8.09 -28.36 -11.17
C32 PCW RB . -9.10 -27.56 -12.01
C33 PCW RB . -10.16 -26.68 -11.18
C34 PCW RB . -9.64 -25.30 -10.78
C35 PCW RB . -9.07 -25.47 -9.31
C36 PCW RB . -7.68 -24.81 -9.14
C37 PCW RB . -7.05 -24.93 -7.72
C38 PCW RB . -7.29 -23.71 -6.90
C39 PCW RB . -6.69 -23.81 -5.51
C40 PCW RB . -7.09 -23.18 -4.42
C41 PCW RB . -8.27 -22.22 -4.36
C42 PCW RB . -8.19 -21.43 -2.98
C43 PCW RB . -7.87 -19.94 -3.01
C44 PCW RB . -7.87 -19.46 -1.57
C45 PCW RB . -6.51 -19.24 -0.97
C46 PCW RB . -6.53 -18.95 0.50
C47 PCW RB . -5.27 -18.36 1.11
C48 PCW RB . -5.44 -18.12 2.61
N PCW RB . -9.76 -31.33 -9.04
O2 PCW RB . -6.94 -28.41 -11.82
O3 PCW RB . -4.44 -27.17 -11.27
O11 PCW RB . -4.78 -26.55 -13.44
O31 PCW RB . -8.34 -28.91 -10.05
O1P PCW RB . -8.19 -30.00 -13.84
O2P PCW RB . -7.54 -32.31 -14.53
O3P PCW RB . -6.06 -30.99 -12.88
O4P PCW RB . -8.23 -31.97 -12.25
P PCW RB . -7.54 -31.31 -13.44
C1 PCW SB . 18.70 -18.34 -21.36
C2 PCW SB . 17.93 -16.95 -21.27
C3 PCW SB . 17.12 -16.89 -19.93
C4 PCW SB . 21.23 -21.28 -21.17
C5 PCW SB . 22.02 -22.43 -21.79
C6 PCW SB . 22.04 -24.12 -19.88
C7 PCW SB . 21.91 -24.88 -22.20
C8 PCW SB . 23.30 -23.96 -21.38
C11 PCW SB . 16.24 -15.10 -18.61
C12 PCW SB . 15.49 -13.80 -18.73
C13 PCW SB . 16.53 -12.64 -18.94
C14 PCW SB . 15.94 -11.23 -19.08
C15 PCW SB . 14.69 -11.11 -20.00
C16 PCW SB . 13.65 -10.10 -19.39
C17 PCW SB . 14.04 -8.59 -19.32
C18 PCW SB . 13.31 -7.82 -18.23
C19 PCW SB . 13.56 -6.29 -18.30
C20 PCW SB . 12.72 -5.43 -18.99
C21 PCW SB . 11.49 -5.66 -19.79
C22 PCW SB . 11.05 -4.28 -20.36
C23 PCW SB . 9.54 -3.96 -20.38
C24 PCW SB . 9.12 -2.68 -19.73
C25 PCW SB . 8.07 -2.66 -18.58
C26 PCW SB . 8.43 -3.41 -17.31
C27 PCW SB . 9.16 -2.62 -16.20
C28 PCW SB . 8.83 -3.23 -14.85
C31 PCW SB . 19.18 -15.32 -22.46
C32 PCW SB . 20.20 -14.19 -22.28
C33 PCW SB . 20.24 -13.11 -23.46
C34 PCW SB . 21.19 -11.95 -23.18
C35 PCW SB . 20.45 -11.05 -22.10
C36 PCW SB . 19.27 -10.24 -22.69
C37 PCW SB . 18.51 -9.33 -21.68
C38 PCW SB . 19.17 -8.01 -21.50
C39 PCW SB . 18.46 -7.12 -20.52
C40 PCW SB . 18.91 -6.69 -19.33
C41 PCW SB . 20.27 -7.05 -18.77
C42 PCW SB . 21.00 -5.68 -18.35
C43 PCW SB . 22.52 -5.64 -18.36
C44 PCW SB . 22.92 -4.24 -17.94
C45 PCW SB . 24.10 -4.16 -17.00
C46 PCW SB . 23.76 -3.62 -15.64
C47 PCW SB . 24.16 -4.48 -14.46
C48 PCW SB . 23.76 -3.81 -13.14
N PCW SB . 21.82 -23.76 -21.29
O2 PCW SB . 18.91 -15.84 -21.26
O3 PCW SB . 16.42 -15.64 -19.85
O11 PCW SB . 16.62 -15.58 -17.58
O31 PCW SB . 18.69 -15.70 -23.56
O1P PCW SB . 18.73 -20.88 -22.61
O2P PCW SB . 20.28 -20.07 -24.42
O3P PCW SB . 19.51 -18.47 -22.54
O4P PCW SB . 21.14 -20.24 -22.19
P PCW SB . 19.87 -19.97 -22.99
C1 PCW TB . 14.52 -19.18 -21.84
C2 PCW TB . 13.76 -17.83 -22.11
C3 PCW TB . 12.70 -17.57 -20.98
C4 PCW TB . 14.95 -18.33 -25.74
C5 PCW TB . 13.56 -18.15 -26.35
C6 PCW TB . 11.54 -16.59 -26.37
C7 PCW TB . 13.73 -15.80 -27.15
C8 PCW TB . 12.68 -17.11 -27.89
C11 PCW TB . 11.13 -16.29 -22.30
C12 PCW TB . 10.55 -14.91 -22.41
C13 PCW TB . 9.03 -14.97 -21.98
C14 PCW TB . 8.29 -13.65 -22.03
C15 PCW TB . 7.04 -13.54 -21.10
C16 PCW TB . 6.23 -12.23 -21.42
C17 PCW TB . 5.62 -11.44 -20.21
C18 PCW TB . 6.68 -10.72 -19.36
C19 PCW TB . 6.09 -9.55 -18.55
C20 PCW TB . 6.87 -8.51 -18.08
C21 PCW TB . 8.33 -8.22 -18.19
C22 PCW TB . 8.73 -7.47 -16.88
C23 PCW TB . 9.30 -8.30 -15.71
C24 PCW TB . 8.43 -8.42 -14.49
C25 PCW TB . 8.60 -9.62 -13.52
C26 PCW TB . 7.69 -9.65 -12.30
C27 PCW TB . 8.34 -9.63 -10.91
C28 PCW TB . 7.66 -10.63 -10.00
C31 PCW TB . 14.54 -15.83 -23.13
C32 PCW TB . 15.59 -14.71 -23.00
C33 PCW TB . 15.70 -13.76 -24.29
C34 PCW TB . 16.68 -12.60 -24.09
C35 PCW TB . 15.87 -11.48 -23.32
C36 PCW TB . 15.47 -10.30 -24.24
C37 PCW TB . 14.67 -9.16 -23.56
C38 PCW TB . 13.20 -9.42 -23.56
C39 PCW TB . 12.40 -8.32 -22.89
C40 PCW TB . 11.43 -7.60 -23.44
C41 PCW TB . 10.94 -7.76 -24.86
C42 PCW TB . 9.35 -7.81 -24.85
C43 PCW TB . 8.59 -6.58 -24.41
C44 PCW TB . 7.10 -6.92 -24.49
C45 PCW TB . 6.30 -6.58 -23.27
C46 PCW TB . 4.84 -6.36 -23.54
C47 PCW TB . 3.87 -6.79 -22.46
C48 PCW TB . 2.42 -6.52 -22.88
N PCW TB . 13.00 -16.83 -26.45
O2 PCW TB . 14.71 -16.68 -22.11
O3 PCW TB . 12.00 -16.33 -21.25
O11 PCW TB . 10.90 -17.19 -23.05
O31 PCW TB . 13.68 -15.93 -24.06
O1P PCW TB . 17.30 -19.42 -24.47
O2P PCW TB . 15.78 -21.32 -23.92
O3P PCW TB . 15.85 -19.23 -22.40
O4P PCW TB . 14.80 -19.24 -24.62
P PCW TB . 15.99 -19.85 -23.89
C1 PCW UB . 26.70 -19.90 -13.76
C2 PCW UB . 25.44 -19.09 -14.26
C3 PCW UB . 24.20 -19.37 -13.33
C4 PCW UB . 28.29 -18.62 -17.82
C5 PCW UB . 27.36 -17.50 -18.32
C6 PCW UB . 25.61 -19.17 -19.12
C7 PCW UB . 25.29 -16.77 -19.48
C8 PCW UB . 26.61 -17.85 -20.19
C11 PCW UB . 21.82 -19.11 -13.53
C12 PCW UB . 20.79 -18.18 -14.10
C13 PCW UB . 20.69 -18.47 -15.65
C14 PCW UB . 19.68 -17.62 -16.41
C15 PCW UB . 20.11 -16.15 -16.70
C16 PCW UB . 20.29 -15.92 -18.24
C17 PCW UB . 21.70 -15.44 -18.74
C18 PCW UB . 22.34 -14.39 -17.83
C19 PCW UB . 23.70 -13.87 -18.37
C20 PCW UB . 23.94 -12.54 -18.66
C21 PCW UB . 23.10 -11.33 -18.55
C22 PCW UB . 23.07 -10.91 -17.05
C23 PCW UB . 21.83 -10.15 -16.53
C24 PCW UB . 20.57 -10.95 -16.33
C25 PCW UB . 19.22 -10.49 -16.93
C26 PCW UB . 18.20 -9.91 -15.97
C27 PCW UB . 17.21 -8.86 -16.52
C28 PCW UB . 16.45 -8.23 -15.39
C31 PCW UB . 25.38 -16.98 -15.33
C32 PCW UB . 25.72 -15.49 -15.12
C33 PCW UB . 24.64 -14.64 -14.31
C34 PCW UB . 25.24 -13.45 -13.57
C35 PCW UB . 24.55 -13.43 -12.15
C36 PCW UB . 25.53 -13.07 -11.02
C37 PCW UB . 24.91 -13.02 -9.58
C38 PCW UB . 25.06 -11.67 -8.95
C39 PCW UB . 24.46 -11.62 -7.57
C40 PCW UB . 23.64 -10.69 -7.09
C41 PCW UB . 23.14 -9.50 -7.88
C42 PCW UB . 22.28 -8.57 -6.90
C43 PCW UB . 20.81 -8.38 -7.19
C44 PCW UB . 20.25 -7.46 -6.11
C45 PCW UB . 18.89 -6.89 -6.41
C46 PCW UB . 18.64 -5.56 -5.75
C47 PCW UB . 17.40 -5.47 -4.89
C48 PCW UB . 17.27 -4.06 -4.27
N PCW UB . 26.05 -17.81 -18.80
O2 PCW UB . 25.71 -17.63 -14.21
O3 PCW UB . 23.07 -18.62 -13.80
O11 PCW UB . 21.59 -20.11 -12.91
O31 PCW UB . 24.89 -17.49 -16.37
O1P PCW UB . 29.75 -20.31 -15.96
O2P PCW UB . 27.61 -21.58 -15.90
O3P PCW UB . 27.93 -19.51 -14.40
O4P PCW UB . 27.57 -19.36 -16.80
P PCW UB . 28.26 -20.26 -15.79
C1 PCW VB . 32.15 -21.11 -8.43
C2 PCW VB . 31.43 -19.94 -7.65
C3 PCW VB . 29.88 -20.19 -7.64
C4 PCW VB . 31.26 -23.24 -4.53
C5 PCW VB . 29.76 -22.95 -4.66
C6 PCW VB . 28.55 -24.64 -3.18
C7 PCW VB . 27.87 -22.28 -3.19
C8 PCW VB . 27.79 -23.49 -4.58
C11 PCW VB . 28.21 -19.45 -6.08
C12 PCW VB . 27.64 -18.20 -5.46
C13 PCW VB . 27.34 -18.49 -3.94
C14 PCW VB . 26.76 -17.31 -3.16
C15 PCW VB . 27.59 -15.99 -3.17
C16 PCW VB . 26.88 -14.87 -2.34
C17 PCW VB . 25.57 -14.25 -2.94
C18 PCW VB . 24.34 -14.49 -2.05
C19 PCW VB . 23.12 -15.04 -2.85
C20 PCW VB . 22.21 -15.92 -2.27
C21 PCW VB . 22.10 -16.52 -0.92
C22 PCW VB . 20.65 -17.05 -0.78
C23 PCW VB . 20.34 -17.98 0.42
C24 PCW VB . 18.91 -18.39 0.61
C25 PCW VB . 18.13 -18.02 1.90
C26 PCW VB . 16.62 -17.90 1.77
C27 PCW VB . 15.77 -17.97 3.05
C28 PCW VB . 14.57 -18.85 2.84
C31 PCW VB . 32.95 -19.15 -6.00
C32 PCW VB . 33.31 -19.24 -4.50
C33 PCW VB . 32.08 -19.05 -3.47
C34 PCW VB . 31.05 -18.01 -3.91
C35 PCW VB . 31.71 -16.60 -3.63
C36 PCW VB . 31.83 -15.74 -4.91
C37 PCW VB . 32.46 -14.34 -4.72
C38 PCW VB . 31.67 -13.26 -5.38
C39 PCW VB . 32.27 -11.89 -5.20
C40 PCW VB . 31.73 -10.72 -5.55
C41 PCW VB . 30.37 -10.57 -6.22
C42 PCW VB . 30.19 -9.04 -6.64
C43 PCW VB . 28.80 -8.45 -6.67
C44 PCW VB . 28.93 -7.00 -7.10
C45 PCW VB . 29.13 -6.01 -5.98
C46 PCW VB . 27.92 -5.83 -5.12
C47 PCW VB . 26.93 -4.77 -5.56
C48 PCW VB . 25.74 -4.68 -4.60
N PCW VB . 28.87 -23.25 -3.58
O2 PCW VB . 31.89 -19.92 -6.23
O3 PCW VB . 29.22 -19.12 -6.94
O11 PCW VB . 27.82 -20.57 -5.87
O31 PCW VB . 33.57 -18.47 -6.86
O1P PCW VB . 32.67 -24.47 -6.75
O2P PCW VB . 34.03 -22.39 -6.67
O3P PCW VB . 31.81 -22.43 -7.95
O4P PCW VB . 31.92 -22.42 -5.52
P PCW VB . 32.69 -22.98 -6.70
C1 PCW WB . -20.40 -33.36 -18.73
C2 PCW WB . -20.13 -32.08 -17.87
C3 PCW WB . -20.56 -30.79 -18.66
C4 PCW WB . -19.43 -36.15 -15.37
C5 PCW WB . -18.22 -36.73 -14.63
C6 PCW WB . -16.93 -34.94 -13.63
C7 PCW WB . -16.98 -37.03 -12.60
C8 PCW WB . -18.87 -35.75 -12.45
C11 PCW WB . -19.15 -28.95 -18.09
C12 PCW WB . -19.07 -27.76 -17.17
C13 PCW WB . -19.85 -26.56 -17.83
C14 PCW WB . -19.86 -25.27 -17.02
C15 PCW WB . -18.73 -24.25 -17.34
C16 PCW WB . -17.68 -24.21 -16.17
C17 PCW WB . -16.31 -24.92 -16.39
C18 PCW WB . -15.11 -23.97 -16.32
C19 PCW WB . -13.89 -24.60 -15.61
C20 PCW WB . -13.55 -24.26 -14.30
C21 PCW WB . -14.15 -23.33 -13.31
C22 PCW WB . -14.49 -24.18 -12.05
C23 PCW WB . -13.70 -23.87 -10.75
C24 PCW WB . -13.69 -22.45 -10.28
C25 PCW WB . -12.34 -21.75 -9.89
C26 PCW WB . -12.46 -20.57 -8.94
C27 PCW WB . -11.33 -20.38 -7.91
C28 PCW WB . -11.68 -21.11 -6.63
C31 PCW WB . -20.35 -32.68 -15.58
C32 PCW WB . -21.33 -32.65 -14.39
C33 PCW WB . -21.89 -31.20 -13.99
C34 PCW WB . -21.02 -30.46 -12.97
C35 PCW WB . -21.91 -30.33 -11.67
C36 PCW WB . -21.06 -30.31 -10.38
C37 PCW WB . -21.86 -30.17 -9.05
C38 PCW WB . -20.96 -30.12 -7.85
C39 PCW WB . -21.73 -29.99 -6.57
C40 PCW WB . -21.81 -28.91 -5.79
C41 PCW WB . -21.13 -27.58 -6.09
C42 PCW WB . -22.06 -26.76 -7.09
C43 PCW WB . -21.40 -25.94 -8.18
C44 PCW WB . -22.51 -25.27 -8.97
C45 PCW WB . -22.70 -23.80 -8.70
C46 PCW WB . -23.72 -23.15 -9.59
C47 PCW WB . -23.35 -21.80 -10.15
C48 PCW WB . -24.47 -21.24 -11.05
N PCW WB . -17.77 -36.14 -13.40
O2 PCW WB . -20.96 -32.12 -16.63
O3 PCW WB . -20.31 -29.63 -17.87
O11 PCW WB . -18.32 -29.24 -18.91
O31 PCW WB . -19.18 -33.17 -15.56
O1P PCW WB . -21.44 -35.49 -17.35
O2P PCW WB . -20.01 -36.92 -18.82
O3P PCW WB . -19.46 -34.43 -18.49
O4P PCW WB . -19.07 -36.11 -16.77
P PCW WB . -20.07 -35.78 -17.87
C1 17F XB . 31.47 -23.46 0.67
N1 17F XB . 30.57 -22.81 -1.57
O1 17F XB . 33.88 -24.43 2.33
P1 17F XB . 32.43 -24.70 2.65
C2 17F XB . 30.29 -23.48 -0.32
O2 17F XB . 32.11 -26.00 3.33
C3 17F XB . 29.05 -22.87 0.36
O3 17F XB . 31.51 -24.62 1.41
C4 17F XB . 30.48 -23.61 4.06
O4 17F XB . 28.40 -21.89 -0.17
C5 17F XB . 30.10 -22.43 5.00
O5 17F XB . 28.64 -23.29 1.42
C6 17F XB . 31.00 -22.45 6.25
O6 17F XB . 31.84 -23.58 3.62
C7 17F XB . 31.52 -21.19 8.14
O7 17F XB . 30.70 -21.39 7.15
C8 17F XB . 30.97 -20.00 8.97
O8 17F XB . 32.52 -21.76 8.46
C9 17F XB . 32.00 -18.84 9.10
O9 17F XB . 30.17 -21.17 4.33
C10 17F XB . 31.53 -17.60 9.95
O10 17F XB . 28.05 -21.26 3.42
C11 17F XB . 31.77 -17.75 11.50
C12 17F XB . 31.30 -16.49 12.30
C17 17F XB . 28.97 -20.70 4.02
C18 17F XB . 28.77 -19.27 4.49
C19 17F XB . 28.12 -19.16 5.89
C20 17F XB . 28.61 -17.87 6.67
C1X 17F XB . 31.58 -16.68 13.80
C1Y 17F XB . 27.93 -17.80 8.06
C1Z 17F XB . 26.51 -17.22 7.95
C2X 17F XB . 31.12 -15.42 14.68
C21 17F XB . 31.61 -15.52 16.17
C22 17F XB . 31.45 -14.61 17.07
C23 17F XB . 30.80 -13.30 16.90
C24 17F XB . 29.30 -13.28 17.23
C25 17F XB . 28.59 -11.94 17.07
C26 17F XB . 28.32 -11.46 15.57
C27 17F XB . 27.61 -10.14 15.45
C28 17F XB . 27.44 -9.83 13.92
C29 17F XB . 26.57 -8.65 13.78
C30 17F XB . 26.31 -8.23 12.35
C31 17F XB . 26.20 -15.95 8.80
C32 17F XB . 24.76 -15.39 8.67
C33 17F XB . 24.72 -13.96 9.17
C34 17F XB . 23.63 -13.19 9.19
C35 17F XB . 22.24 -13.57 8.74
C36 17F XB . 21.32 -14.17 9.85
C37 17F XB . 20.42 -15.16 9.24
C38 17F XB . 19.30 -15.69 10.17
C39 17F XB . 18.40 -16.73 9.47
C40 17F XB . 18.35 -18.03 10.26
C41 17F XB . 17.04 -18.11 11.14
C42 17F XB . 17.16 -18.45 12.63
C1 17F YB . 11.29 -31.63 -15.12
N1 17F YB . 11.24 -29.21 -15.82
O1 17F YB . 13.33 -30.41 -13.54
P1 17F YB . 12.24 -31.17 -12.81
C2 17F YB . 10.51 -30.48 -15.79
O2 17F YB . 12.67 -32.38 -12.03
C3 17F YB . 9.16 -30.26 -15.09
O3 17F YB . 11.09 -31.64 -13.74
C4 17F YB . 10.43 -30.75 -10.95
O4 17F YB . 8.78 -29.13 -14.63
C5 17F YB . 9.82 -29.69 -9.99
O5 17F YB . 8.37 -31.21 -14.95
C6 17F YB . 9.92 -30.18 -8.52
O6 17F YB . 11.49 -30.24 -11.77
C7 17F YB . 9.33 -29.55 -6.34
O7 17F YB . 9.38 -29.24 -7.61
C8 17F YB . 8.70 -28.36 -5.60
O8 17F YB . 9.69 -30.54 -5.76
C9 17F YB . 9.76 -27.39 -4.99
O9 17F YB . 10.40 -28.38 -10.14
C10 17F YB . 9.19 -26.15 -4.21
O10 17F YB . 10.10 -27.55 -12.27
C11 17F YB . 8.90 -24.91 -5.14
C12 17F YB . 8.34 -23.68 -4.33
C17 17F YB . 9.80 -27.67 -11.07
C18 17F YB . 8.59 -26.93 -10.53
C19 17F YB . 7.23 -27.41 -11.10
C20 17F YB . 6.11 -27.49 -10.00
C1X 17F YB . 8.07 -22.51 -5.28
C1Y 17F YB . 4.77 -27.97 -10.61
C1Z 17F YB . 3.59 -27.67 -9.66
C2X 17F YB . 7.49 -21.22 -4.51
C21 17F YB . 7.14 -20.06 -5.50
C22 17F YB . 7.23 -18.81 -5.24
C23 17F YB . 7.68 -18.19 -3.98
C24 17F YB . 7.29 -16.73 -3.82
C25 17F YB . 7.74 -16.04 -2.53
C26 17F YB . 7.44 -14.47 -2.44
C27 17F YB . 7.90 -13.81 -1.15
C28 17F YB . 7.53 -12.29 -1.25
C29 17F YB . 8.76 -11.53 -1.55
C30 17F YB . 8.57 -10.05 -1.67
C31 17F YB . 2.17 -27.63 -10.32
C32 17F YB . 1.01 -27.32 -9.33
C33 17F YB . -0.30 -27.24 -10.10
C34 17F YB . -1.49 -26.99 -9.57
C35 17F YB . -1.78 -26.73 -8.10
C36 17F YB . -2.67 -25.49 -7.83
C37 17F YB . -1.80 -24.32 -7.55
C38 17F YB . -2.08 -23.06 -8.41
C39 17F YB . -1.14 -21.90 -8.05
C40 17F YB . -1.94 -20.63 -7.73
C41 17F YB . -0.99 -19.48 -7.19
C42 17F YB . -0.74 -19.36 -5.68
C1 17F ZB . 7.64 -28.13 -20.43
N1 17F ZB . 5.15 -28.35 -20.45
O1 17F ZB . 8.80 -25.33 -20.46
P1 17F ZB . 8.63 -26.16 -19.20
C2 17F ZB . 6.34 -28.08 -21.24
O2 17F ZB . 9.88 -26.82 -18.67
C3 17F ZB . 6.42 -29.07 -22.41
O3 17F ZB . 7.57 -27.27 -19.34
C4 17F ZB . 7.86 -25.87 -16.70
O4 17F ZB . 5.53 -29.98 -22.61
C5 17F ZB . 7.33 -24.86 -15.65
O5 17F ZB . 7.34 -29.03 -23.21
C6 17F ZB . 7.73 -25.34 -14.23
O6 17F ZB . 8.09 -25.29 -17.99
C7 17F ZB . 8.13 -23.77 -12.55
O7 17F ZB . 7.26 -24.46 -13.22
C8 17F ZB . 7.36 -22.93 -11.50
O8 17F ZB . 9.33 -23.71 -12.63
C9 17F ZB . 7.97 -21.51 -11.26
O9 17F ZB . 7.76 -23.51 -15.88
C10 17F ZB . 7.22 -20.63 -10.19
O10 17F ZB . 6.26 -22.86 -17.51
C11 17F ZB . 7.41 -19.07 -10.37
C12 17F ZB . 6.63 -18.26 -9.27
C17 17F ZB . 6.79 -22.77 -16.39
C18 17F ZB . 6.35 -21.67 -15.44
C19 17F ZB . 4.87 -21.78 -15.00
C20 17F ZB . 3.99 -20.60 -15.55
C1X 17F ZB . 6.83 -16.76 -9.48
C1Y 17F ZB . 2.52 -20.75 -15.07
C1Z 17F ZB . 2.34 -20.16 -13.67
C2X 17F ZB . 6.06 -15.89 -8.37
C21 17F ZB . 5.29 -14.68 -8.99
C22 17F ZB . 4.06 -14.38 -8.72
C23 17F ZB . 3.14 -15.07 -7.81
C24 17F ZB . 2.47 -14.17 -6.78
C25 17F ZB . 1.51 -14.84 -5.81
C26 17F ZB . 1.11 -13.97 -4.53
C27 17F ZB . 0.16 -14.66 -3.57
C28 17F ZB . -0.10 -13.64 -2.39
C29 17F ZB . -0.18 -14.41 -1.12
C30 17F ZB . -0.43 -13.57 0.09
C31 17F ZB . 2.32 -21.19 -12.48
C32 17F ZB . 2.14 -20.56 -11.06
C33 17F ZB . 3.38 -20.85 -10.23
C34 17F ZB . 3.55 -20.46 -8.96
C35 17F ZB . 2.58 -19.68 -8.12
C36 17F ZB . 3.23 -18.58 -7.23
C37 17F ZB . 3.26 -19.05 -5.82
C38 17F ZB . 3.57 -17.95 -4.78
C39 17F ZB . 3.57 -18.50 -3.35
C40 17F ZB . 3.67 -17.36 -2.33
C41 17F ZB . 2.29 -17.19 -1.56
C42 17F ZB . 2.08 -17.94 -0.25
C1 17F AC . 29.75 -31.14 10.24
N1 17F AC . 31.79 -31.56 8.82
O1 17F AC . 30.38 -28.37 10.22
P1 17F AC . 30.91 -29.20 11.37
C2 17F AC . 30.46 -32.03 9.18
O2 17F AC . 32.38 -29.06 11.70
C3 17F AC . 29.59 -32.12 7.91
O3 17F AC . 30.65 -30.73 11.21
C4 17F AC . 30.51 -29.49 13.95
O4 17F AC . 30.04 -31.82 6.75
C5 17F AC . 29.67 -28.97 15.17
O5 17F AC . 28.42 -32.50 7.98
C6 17F AC . 29.24 -30.16 16.05
O6 17F AC . 30.18 -28.83 12.73
C7 17F AC . 27.63 -30.55 17.71
O7 17F AC . 28.49 -29.72 17.17
C8 17F AC . 26.93 -29.82 18.87
O8 17F AC . 27.34 -31.68 17.41
C9 17F AC . 25.79 -28.89 18.40
O9 17F AC . 30.37 -27.97 15.92
C10 17F AC . 25.01 -28.11 19.54
O10 17F AC . 28.73 -26.45 15.32
C11 17F AC . 23.78 -27.26 19.02
C12 17F AC . 23.07 -26.50 20.19
C17 17F AC . 29.84 -26.77 15.77
C18 17F AC . 30.79 -25.67 16.24
C19 17F AC . 30.57 -25.18 17.70
C20 17F AC . 30.12 -26.33 18.67
C1X 17F AC . 21.89 -25.69 19.67
C1Y 17F AC . 29.92 -25.80 20.12
C1Z 17F AC . 28.43 -25.61 20.43
C2X 17F AC . 21.12 -24.90 20.84
C21 17F AC . 19.56 -24.91 20.65
C22 17F AC . 18.88 -23.99 20.06
C23 17F AC . 19.39 -22.75 19.45
C24 17F AC . 19.25 -22.68 17.94
C25 17F AC . 19.76 -21.41 17.28
C26 17F AC . 20.28 -21.59 15.76
C27 17F AC . 20.77 -20.32 15.12
C28 17F AC . 21.23 -20.68 13.64
C29 17F AC . 21.35 -19.44 12.86
C30 17F AC . 21.79 -19.64 11.44
C31 17F AC . 28.08 -24.50 21.49
C32 17F AC . 26.57 -24.33 21.80
C33 17F AC . 26.30 -24.77 23.23
C34 17F AC . 25.12 -24.75 23.82
C35 17F AC . 23.82 -24.29 23.21
C36 17F AC . 23.27 -22.94 23.79
C37 17F AC . 22.01 -23.20 24.52
C38 17F AC . 21.86 -22.41 25.84
C39 17F AC . 20.53 -22.72 26.56
C40 17F AC . 20.45 -21.96 27.89
C41 17F AC . 19.52 -20.69 27.75
C42 17F AC . 19.43 -19.71 28.94
C1 17F BC . 16.10 -9.54 -37.81
N1 17F BC . 17.76 -7.71 -38.21
O1 17F BC . 16.01 -7.71 -41.08
P1 17F BC . 15.31 -8.37 -39.91
C2 17F BC . 17.41 -8.84 -37.38
O2 17F BC . 14.86 -9.50 -40.81
C3 17F BC . 18.56 -9.86 -37.36
O3 17F BC . 15.98 -9.57 -39.19
C4 17F BC . 13.00 -8.84 -38.73
O4 17F BC . 19.66 -9.66 -38.01
C5 17F BC . 11.47 -8.60 -38.83
O5 17F BC . 18.49 -10.89 -36.72
C6 17F BC . 10.72 -9.63 -37.95
O6 17F BC . 13.74 -8.25 -39.80
C7 17F BC . 8.54 -10.39 -37.58
O7 17F BC . 9.31 -9.45 -38.01
C8 17F BC . 7.07 -9.94 -37.78
O8 17F BC . 8.80 -11.47 -37.11
C9 17F BC . 6.64 -9.91 -39.27
O9 17F BC . 11.11 -7.25 -38.47
C10 17F BC . 5.16 -9.45 -39.55
O10 17F BC . 8.99 -6.85 -39.25
C11 17F BC . 5.01 -7.96 -40.04
C12 17F BC . 3.52 -7.57 -40.30
C17 17F BC . 10.22 -6.74 -39.29
C18 17F BC . 10.86 -5.92 -40.39
C19 17F BC . 10.52 -6.41 -41.83
C20 17F BC . 9.54 -5.42 -42.58
C1X 17F BC . 3.42 -6.11 -40.79
C1Y 17F BC . 9.23 -5.94 -44.00
C1Z 17F BC . 9.55 -4.87 -45.05
C2X 17F BC . 1.90 -5.68 -41.08
C21 17F BC . 1.29 -4.82 -39.92
C22 17F BC . 0.43 -3.87 -40.09
C23 17F BC . -0.17 -3.41 -41.35
C24 17F BC . -0.29 -1.90 -41.46
C25 17F BC . -0.90 -1.36 -42.75
C26 17F BC . 0.11 -0.62 -43.75
C27 17F BC . -0.52 -0.09 -45.01
C28 17F BC . 0.62 0.59 -45.87
C29 17F BC . 0.11 1.86 -46.43
C30 17F BC . 1.09 2.62 -47.27
C31 17F BC . 9.11 -5.19 -46.54
C32 17F BC . 9.44 -4.08 -47.57
C33 17F BC . 10.88 -4.25 -48.05
C34 17F BC . 11.48 -3.47 -48.95
C35 17F BC . 10.89 -2.27 -49.65
C36 17F BC . 11.94 -1.32 -50.31
C37 17F BC . 11.74 0.06 -49.81
C38 17F BC . 11.53 1.13 -50.90
C39 17F BC . 11.33 2.53 -50.30
C40 17F BC . 11.22 3.58 -51.42
C41 17F BC . 11.56 5.02 -50.86
C42 17F BC . 12.68 5.82 -51.52
C1 17F CC . -3.74 -41.28 -2.50
N1 17F CC . -5.46 -43.10 -2.54
O1 17F CC . -5.50 -41.40 -5.20
P1 17F CC . -5.00 -40.21 -4.42
C2 17F CC . -4.05 -42.78 -2.65
O2 17F CC . -3.71 -39.59 -4.89
C3 17F CC . -3.25 -43.57 -1.59
O3 17F CC . -4.82 -40.51 -2.91
C4 17F CC . -5.80 -37.79 -3.77
O4 17F CC . -3.83 -44.39 -0.77
C5 17F CC . -6.96 -36.76 -3.93
O5 17F CC . -2.04 -43.46 -1.49
C6 17F CC . -8.28 -37.41 -3.46
O6 17F CC . -6.04 -39.02 -4.44
C7 17F CC . -10.30 -36.52 -2.68
O7 17F CC . -9.38 -36.51 -3.59
C8 17F CC . -11.36 -35.46 -3.08
O8 17F CC . -10.41 -37.18 -1.69
C9 17F CC . -12.26 -35.92 -4.25
O9 17F CC . -6.70 -35.53 -3.25
C10 17F CC . -13.36 -34.89 -4.70
O10 17F CC . -7.41 -34.42 -5.15
C11 17F CC . -12.81 -33.49 -5.14
C12 17F CC . -13.96 -32.51 -5.58
C17 17F CC . -7.01 -34.47 -3.98
C18 17F CC . -6.82 -33.18 -3.22
C19 17F CC . -8.08 -32.64 -2.52
C20 17F CC . -7.80 -32.14 -1.05
C1X 17F CC . -13.37 -31.15 -6.00
C1Y 17F CC . -9.10 -31.60 -0.41
C1Z 17F CC . -8.81 -31.05 1.00
C2X 17F CC . -14.51 -30.12 -6.45
C21 17F CC . -14.35 -29.70 -7.95
C22 17F CC . -14.17 -28.49 -8.35
C23 17F CC . -14.05 -27.28 -7.52
C24 17F CC . -15.18 -26.26 -7.73
C25 17F CC . -15.12 -25.00 -6.89
C26 17F CC . -15.80 -23.69 -7.53
C27 17F CC . -15.73 -22.45 -6.68
C28 17F CC . -16.45 -21.29 -7.47
C29 17F CC . -15.75 -20.02 -7.18
C30 17F CC . -16.34 -18.82 -7.88
C31 17F CC . -8.89 -29.50 1.17
C32 17F CC . -8.60 -28.96 2.59
C33 17F CC . -9.91 -28.69 3.30
C34 17F CC . -10.03 -28.22 4.54
C35 17F CC . -8.91 -27.87 5.48
C36 17F CC . -8.78 -26.35 5.81
C37 17F CC . -9.89 -25.96 6.72
C38 17F CC . -9.61 -26.18 8.23
C39 17F CC . -10.81 -25.74 9.09
C40 17F CC . -11.47 -26.95 9.77
C41 17F CC . -12.04 -26.56 11.19
C42 17F CC . -13.37 -25.83 11.29
C1 17F DC . 3.58 -35.72 -6.29
N1 17F DC . 5.96 -36.03 -7.01
O1 17F DC . 3.17 -37.66 -3.09
P1 17F DC . 2.73 -36.60 -4.07
C2 17F DC . 4.57 -36.31 -7.32
O2 17F DC . 1.57 -36.94 -4.95
C3 17F DC . 4.22 -35.77 -8.72
O3 17F DC . 3.89 -36.16 -5.01
C4 17F DC . 1.89 -34.10 -4.06
O4 17F DC . 5.09 -35.17 -9.46
C5 17F DC . 1.55 -32.88 -3.16
O5 17F DC . 3.09 -35.89 -9.19
C6 17F DC . 1.04 -31.72 -4.05
O6 17F DC . 2.34 -35.25 -3.32
C7 17F DC . 0.18 -29.55 -3.88
O7 17F DC . 0.71 -30.57 -3.28
C8 17F DC . -0.07 -28.44 -2.83
O8 17F DC . -0.12 -29.38 -5.04
C9 17F DC . 0.77 -27.16 -3.11
O9 17F DC . 0.62 -33.20 -2.12
C10 17F DC . 0.57 -25.98 -2.09
O10 17F DC . 2.25 -33.84 -0.62
C11 17F DC . 1.44 -26.10 -0.78
C12 17F DC . 1.20 -24.88 0.20
C17 17F DC . 1.19 -33.29 -0.93
C18 17F DC . 0.38 -32.59 0.14
C19 17F DC . 1.08 -31.38 0.82
C20 17F DC . 0.12 -30.14 0.98
C1X 17F DC . 2.06 -25.05 1.46
C1Y 17F DC . 0.86 -28.96 1.65
C1Z 17F DC . 0.20 -28.61 2.99
C2X 17F DC . 1.86 -23.83 2.48
C21 17F DC . 1.08 -24.26 3.77
C22 17F DC . 1.63 -24.76 4.84
C23 17F DC . 3.05 -25.02 5.07
C24 17F DC . 3.88 -23.79 5.40
C25 17F DC . 5.36 -24.00 5.65
C26 17F DC . 6.20 -24.58 4.42
C27 17F DC . 7.68 -24.79 4.69
C28 17F DC . 8.32 -25.35 3.37
C29 17F DC . 8.34 -26.84 3.43
C30 17F DC . 8.93 -27.51 2.23
C31 17F DC . 0.81 -29.27 4.27
C32 17F DC . 0.12 -28.90 5.61
C33 17F DC . -0.18 -30.16 6.40
C34 17F DC . -0.76 -30.20 7.58
C35 17F DC . -1.25 -29.03 8.39
C36 17F DC . -2.78 -28.72 8.22
C37 17F DC . -3.10 -27.49 8.99
C38 17F DC . -4.51 -26.91 8.74
C39 17F DC . -4.76 -25.64 9.57
C40 17F DC . -6.19 -25.13 9.35
C41 17F DC . -6.18 -23.62 8.86
C42 17F DC . -6.71 -23.28 7.47
C1 17F EC . 18.77 -41.21 13.16
N1 17F EC . 18.86 -39.70 11.15
O1 17F EC . 16.56 -41.89 14.99
P1 17F EC . 16.29 -41.58 13.55
C2 17F EC . 19.09 -39.81 12.59
O2 17F EC . 15.23 -42.40 12.87
C3 17F EC . 20.54 -39.46 12.91
O3 17F EC . 17.55 -41.66 12.66
C4 17F EC . 15.50 -39.54 12.08
O4 17F EC . 21.39 -39.13 11.99
C5 17F EC . 15.05 -38.06 12.12
O5 17F EC . 20.97 -39.48 14.06
C6 17F EC . 16.25 -37.15 12.51
O6 17F EC . 15.82 -40.08 13.36
C7 17F EC . 16.81 -34.89 12.39
O7 17F EC . 15.89 -35.78 12.56
C8 17F EC . 16.15 -33.49 12.52
O8 17F EC . 17.99 -35.02 12.18
C9 17F EC . 15.81 -33.13 13.99
O9 17F EC . 14.42 -37.62 10.89
C10 17F EC . 15.15 -31.72 14.21
O10 17F EC . 16.28 -38.20 9.62
C11 17F EC . 15.79 -30.88 15.37
C12 17F EC . 15.08 -29.48 15.54
C17 17F EC . 15.26 -37.54 9.87
C18 17F EC . 14.84 -36.47 8.88
C19 17F EC . 14.65 -35.06 9.49
C20 17F EC . 13.31 -34.38 9.05
C1X 17F EC . 15.73 -28.69 16.69
C1Y 17F EC . 13.17 -32.97 9.68
C1Z 17F EC . 12.44 -33.05 11.01
C2X 17F EC . 15.03 -27.25 16.90
C21 17F EC . 14.45 -27.10 18.34
C22 17F EC . 13.85 -26.04 18.77
C23 17F EC . 13.60 -24.79 18.04
C24 17F EC . 12.15 -24.58 17.62
C25 17F EC . 11.85 -23.30 16.86
C26 17F EC . 11.74 -21.97 17.75
C27 17F EC . 11.43 -20.71 16.98
C28 17F EC . 11.37 -19.52 18.01
C29 17F EC . 12.42 -18.54 17.67
C30 17F EC . 12.47 -17.35 18.57
C31 17F EC . 12.04 -31.70 11.69
C32 17F EC . 11.29 -31.82 13.04
C33 17F EC . 11.53 -30.56 13.87
C34 17F EC . 11.02 -30.35 15.08
C35 17F EC . 10.15 -31.29 15.87
C36 17F EC . 8.63 -31.11 15.65
C37 17F EC . 7.96 -32.43 15.78
C38 17F EC . 7.33 -32.98 14.48
C39 17F EC . 6.66 -34.35 14.71
C40 17F EC . 5.15 -34.18 14.90
C41 17F EC . 4.45 -35.58 15.07
C42 17F EC . 3.26 -35.95 14.17
PB GDP FC . -27.64 27.29 7.63
O1B GDP FC . -27.41 26.40 8.83
O2B GDP FC . -27.87 28.70 8.08
O3B GDP FC . -26.44 27.26 6.73
O3A GDP FC . -28.92 26.79 6.78
PA GDP FC . -29.90 25.62 7.29
O1A GDP FC . -30.59 26.00 8.57
O2A GDP FC . -29.19 24.31 7.44
O5' GDP FC . -30.97 25.55 6.09
C5' GDP FC . -30.68 24.72 4.96
C4' GDP FC . -31.83 24.81 3.96
O4' GDP FC . -31.32 24.50 2.66
C3' GDP FC . -32.94 23.83 4.29
O3' GDP FC . -34.18 24.53 4.30
C2' GDP FC . -32.85 22.76 3.23
O2' GDP FC . -34.14 22.33 2.78
C1' GDP FC . -32.02 23.38 2.11
N9 GDP FC . -31.06 22.40 1.55
C8 GDP FC . -30.03 21.81 2.19
N7 GDP FC . -29.36 20.97 1.35
C5 GDP FC . -29.97 21.03 0.16
C6 GDP FC . -29.82 20.38 -1.17
O6 GDP FC . -28.89 19.58 -1.38
N1 GDP FC . -30.68 20.72 -2.15
C2 GDP FC . -31.69 21.59 -1.97
N2 GDP FC . -32.52 21.87 -3.01
N3 GDP FC . -31.90 22.21 -0.77
C4 GDP FC . -31.10 21.95 0.30
MG MG GC . -26.69 24.37 12.71
N LEU A 3 36.55 20.82 -17.87
CA LEU A 3 37.07 20.88 -19.23
C LEU A 3 36.36 19.86 -20.12
N LYS A 4 36.14 18.68 -19.56
CA LYS A 4 35.47 17.60 -20.27
C LYS A 4 34.06 18.01 -20.65
N LEU A 5 33.33 18.50 -19.64
CA LEU A 5 31.95 18.92 -19.82
C LEU A 5 31.85 20.16 -20.72
N LEU A 6 32.90 20.95 -20.75
CA LEU A 6 32.91 22.16 -21.57
C LEU A 6 32.82 21.82 -23.05
N ASP A 7 33.77 21.02 -23.53
CA ASP A 7 33.79 20.63 -24.94
C ASP A 7 32.64 19.69 -25.26
N ASN A 8 32.34 18.78 -24.34
CA ASN A 8 31.25 17.82 -24.56
C ASN A 8 29.92 18.55 -24.72
N TRP A 9 29.64 19.48 -23.81
CA TRP A 9 28.40 20.24 -23.88
C TRP A 9 28.32 21.01 -25.19
N ASP A 10 29.45 21.58 -25.60
CA ASP A 10 29.50 22.33 -26.85
C ASP A 10 29.19 21.42 -28.02
N SER A 11 29.78 20.23 -28.02
CA SER A 11 29.54 19.26 -29.07
C SER A 11 28.06 18.87 -29.08
N VAL A 12 27.51 18.63 -27.89
CA VAL A 12 26.11 18.28 -27.75
C VAL A 12 25.22 19.41 -28.25
N THR A 13 25.58 20.64 -27.91
CA THR A 13 24.84 21.82 -28.33
C THR A 13 24.88 21.92 -29.86
N SER A 14 26.04 21.58 -30.43
CA SER A 14 26.22 21.60 -31.87
C SER A 14 25.29 20.58 -32.51
N THR A 15 25.18 19.40 -31.89
CA THR A 15 24.30 18.36 -32.38
C THR A 15 22.86 18.84 -32.27
N PHE A 16 22.56 19.54 -31.18
CA PHE A 16 21.23 20.11 -30.96
C PHE A 16 20.90 21.08 -32.09
N SER A 17 21.86 21.90 -32.46
CA SER A 17 21.69 22.87 -33.52
C SER A 17 21.40 22.14 -34.84
N LYS A 18 22.21 21.12 -35.13
CA LYS A 18 22.03 20.33 -36.34
C LYS A 18 20.66 19.66 -36.34
N LEU A 19 20.30 19.09 -35.21
CA LEU A 19 19.01 18.43 -35.07
C LEU A 19 17.88 19.41 -35.32
N ARG A 20 18.04 20.64 -34.82
CA ARG A 20 17.03 21.68 -35.02
C ARG A 20 16.97 22.10 -36.48
N GLU A 21 18.15 22.24 -37.09
CA GLU A 21 18.24 22.63 -38.50
C GLU A 21 17.59 21.57 -39.38
N GLN A 22 17.71 20.31 -38.96
CA GLN A 22 17.12 19.20 -39.69
C GLN A 22 15.64 19.06 -39.33
N LEU A 23 15.31 19.35 -38.07
CA LEU A 23 13.93 19.26 -37.58
C LEU A 23 13.02 20.24 -38.29
N GLY A 24 13.60 21.35 -38.75
CA GLY A 24 12.83 22.34 -39.49
C GLY A 24 12.17 21.70 -40.69
N PRO A 25 12.97 21.26 -41.67
CA PRO A 25 12.45 20.57 -42.86
C PRO A 25 11.69 19.31 -42.44
N VAL A 26 12.17 18.63 -41.40
CA VAL A 26 11.52 17.42 -40.91
C VAL A 26 10.05 17.67 -40.58
N THR A 27 9.79 18.65 -39.73
CA THR A 27 8.42 18.96 -39.34
C THR A 27 7.60 19.45 -40.53
N GLN A 28 8.23 20.23 -41.40
CA GLN A 28 7.55 20.75 -42.59
C GLN A 28 7.19 19.64 -43.55
N GLU A 29 8.18 18.85 -43.93
CA GLU A 29 7.98 17.74 -44.85
C GLU A 29 7.05 16.71 -44.25
N PHE A 30 7.16 16.50 -42.94
CA PHE A 30 6.28 15.55 -42.25
C PHE A 30 4.86 16.07 -42.22
N TRP A 31 4.70 17.37 -41.95
CA TRP A 31 3.39 18.00 -41.90
C TRP A 31 2.76 17.98 -43.29
N ASP A 32 3.55 18.34 -44.30
CA ASP A 32 3.08 18.36 -45.68
C ASP A 32 2.62 16.95 -46.07
N ASN A 33 3.43 15.96 -45.69
CA ASN A 33 3.10 14.57 -45.98
C ASN A 33 1.86 14.15 -45.20
N LEU A 34 1.80 14.55 -43.93
CA LEU A 34 0.66 14.24 -43.07
C LEU A 34 -0.61 14.86 -43.63
N GLU A 35 -0.47 16.03 -44.25
CA GLU A 35 -1.59 16.71 -44.87
C GLU A 35 -2.18 15.84 -45.96
N LYS A 36 -1.32 15.28 -46.80
CA LYS A 36 -1.74 14.40 -47.88
C LYS A 36 -2.45 13.18 -47.30
N GLU A 37 -1.87 12.64 -46.24
CA GLU A 37 -2.42 11.46 -45.56
C GLU A 37 -3.79 11.78 -44.96
N THR A 38 -3.88 12.90 -44.25
CA THR A 38 -5.14 13.30 -43.64
C THR A 38 -6.17 13.67 -44.69
N GLU A 39 -5.73 14.29 -45.77
CA GLU A 39 -6.61 14.66 -46.87
C GLU A 39 -7.26 13.40 -47.44
N GLY A 40 -6.44 12.38 -47.66
CA GLY A 40 -6.93 11.13 -48.17
C GLY A 40 -7.89 10.51 -47.18
N LEU A 41 -7.52 10.53 -45.90
CA LEU A 41 -8.34 10.00 -44.85
C LEU A 41 -9.67 10.76 -44.75
N ARG A 42 -9.62 12.06 -45.04
CA ARG A 42 -10.81 12.89 -45.03
C ARG A 42 -11.72 12.51 -46.18
N GLN A 43 -11.11 12.20 -47.32
CA GLN A 43 -11.87 11.78 -48.50
C GLN A 43 -12.49 10.42 -48.22
N GLU A 44 -11.82 9.65 -47.37
CA GLU A 44 -12.31 8.35 -46.96
C GLU A 44 -13.44 8.53 -45.97
N MET A 45 -13.13 9.24 -44.87
CA MET A 45 -14.08 9.50 -43.79
C MET A 45 -15.40 10.10 -44.27
N SER A 46 -15.33 11.02 -45.22
CA SER A 46 -16.54 11.65 -45.75
C SER A 46 -17.47 10.59 -46.33
N LYS A 47 -16.92 9.67 -47.10
CA LYS A 47 -17.69 8.61 -47.71
C LYS A 47 -17.93 7.50 -46.69
N ASP A 48 -16.96 7.28 -45.82
CA ASP A 48 -17.06 6.27 -44.78
C ASP A 48 -18.25 6.58 -43.91
N LEU A 49 -18.26 7.78 -43.35
CA LEU A 49 -19.34 8.23 -42.50
C LEU A 49 -20.65 8.27 -43.28
N GLU A 50 -20.57 8.68 -44.54
CA GLU A 50 -21.76 8.74 -45.39
C GLU A 50 -22.38 7.37 -45.54
N GLU A 51 -21.62 6.42 -46.05
CA GLU A 51 -22.11 5.06 -46.24
C GLU A 51 -22.46 4.42 -44.90
N VAL A 52 -21.59 4.60 -43.90
CA VAL A 52 -21.83 4.03 -42.58
C VAL A 52 -23.14 4.54 -41.99
N LYS A 53 -23.36 5.84 -42.04
CA LYS A 53 -24.57 6.44 -41.50
C LYS A 53 -25.79 6.14 -42.36
N ALA A 54 -25.65 6.35 -43.66
CA ALA A 54 -26.75 6.10 -44.59
C ALA A 54 -27.18 4.64 -44.57
N LYS A 55 -26.21 3.74 -44.43
CA LYS A 55 -26.50 2.32 -44.38
C LYS A 55 -26.85 1.87 -42.97
N VAL A 56 -26.39 2.62 -41.96
CA VAL A 56 -26.72 2.27 -40.58
C VAL A 56 -28.20 2.47 -40.33
N GLN A 57 -28.82 3.28 -41.18
CA GLN A 57 -30.25 3.52 -41.09
C GLN A 57 -31.00 2.21 -41.24
N PRO A 58 -30.93 1.53 -42.42
CA PRO A 58 -31.60 0.24 -42.61
C PRO A 58 -30.96 -0.84 -41.74
N TYR A 59 -29.65 -0.72 -41.49
CA TYR A 59 -28.93 -1.68 -40.65
C TYR A 59 -29.59 -1.76 -39.28
N LEU A 60 -29.74 -0.60 -38.65
CA LEU A 60 -30.35 -0.53 -37.33
C LEU A 60 -31.87 -0.59 -37.40
N ASP A 61 -32.44 -0.11 -38.51
CA ASP A 61 -33.88 -0.14 -38.69
C ASP A 61 -34.38 -1.57 -38.73
N ASP A 62 -33.77 -2.38 -39.59
CA ASP A 62 -34.15 -3.79 -39.71
C ASP A 62 -33.85 -4.50 -38.40
N PHE A 63 -32.73 -4.12 -37.79
CA PHE A 63 -32.33 -4.70 -36.52
C PHE A 63 -33.36 -4.36 -35.45
N GLN A 64 -33.79 -3.09 -35.43
CA GLN A 64 -34.78 -2.62 -34.48
C GLN A 64 -36.13 -3.27 -34.75
N LYS A 65 -36.51 -3.38 -36.02
CA LYS A 65 -37.76 -4.02 -36.39
C LYS A 65 -37.75 -5.45 -35.89
N LYS A 66 -36.63 -6.12 -36.12
CA LYS A 66 -36.45 -7.50 -35.68
C LYS A 66 -36.40 -7.55 -34.17
N TRP A 67 -35.72 -6.57 -33.56
CA TRP A 67 -35.61 -6.49 -32.10
C TRP A 67 -37.00 -6.33 -31.49
N GLN A 68 -37.84 -5.57 -32.19
CA GLN A 68 -39.21 -5.34 -31.76
C GLN A 68 -39.95 -6.68 -31.80
N GLU A 69 -39.79 -7.40 -32.90
CA GLU A 69 -40.41 -8.70 -33.05
C GLU A 69 -39.84 -9.65 -32.01
N GLU A 70 -38.54 -9.53 -31.74
CA GLU A 70 -37.86 -10.34 -30.75
C GLU A 70 -38.47 -10.09 -29.38
N MET A 71 -38.63 -8.80 -29.06
CA MET A 71 -39.21 -8.41 -27.78
C MET A 71 -40.69 -8.78 -27.70
N GLU A 72 -41.39 -8.63 -28.80
CA GLU A 72 -42.81 -8.96 -28.86
C GLU A 72 -43.02 -10.45 -28.72
N LEU A 73 -42.22 -11.24 -29.43
CA LEU A 73 -42.30 -12.69 -29.33
C LEU A 73 -41.91 -13.11 -27.92
N TYR A 74 -40.93 -12.39 -27.38
CA TYR A 74 -40.47 -12.65 -26.02
C TYR A 74 -41.61 -12.37 -25.05
N ARG A 75 -42.27 -11.24 -25.21
CA ARG A 75 -43.39 -10.85 -24.35
C ARG A 75 -44.54 -11.82 -24.51
N GLN A 76 -44.76 -12.26 -25.74
CA GLN A 76 -45.83 -13.20 -26.07
C GLN A 76 -45.61 -14.50 -25.30
N LYS A 77 -44.34 -14.81 -25.06
CA LYS A 77 -44.00 -16.01 -24.32
C LYS A 77 -43.80 -15.72 -22.84
N VAL A 78 -43.32 -14.51 -22.53
CA VAL A 78 -43.09 -14.10 -21.14
C VAL A 78 -44.31 -14.35 -20.27
N GLU A 79 -45.49 -14.01 -20.76
CA GLU A 79 -46.71 -14.23 -19.99
C GLU A 79 -46.93 -15.72 -19.69
N PRO A 80 -47.11 -16.58 -20.72
CA PRO A 80 -47.30 -18.02 -20.52
C PRO A 80 -46.12 -18.65 -19.77
N LEU A 81 -44.89 -18.24 -20.09
CA LEU A 81 -43.71 -18.78 -19.44
C LEU A 81 -43.71 -18.43 -17.96
N ARG A 82 -44.13 -17.21 -17.65
CA ARG A 82 -44.21 -16.76 -16.27
C ARG A 82 -45.37 -17.48 -15.58
N ALA A 83 -46.43 -17.73 -16.36
CA ALA A 83 -47.58 -18.44 -15.86
C ALA A 83 -47.18 -19.85 -15.49
N GLU A 84 -46.38 -20.48 -16.34
CA GLU A 84 -45.87 -21.82 -16.09
C GLU A 84 -45.05 -21.81 -14.81
N LEU A 85 -44.15 -20.83 -14.72
CA LEU A 85 -43.30 -20.66 -13.56
C LEU A 85 -44.15 -20.48 -12.31
N GLN A 86 -45.16 -19.62 -12.42
CA GLN A 86 -46.06 -19.35 -11.30
C GLN A 86 -46.83 -20.59 -10.89
N GLU A 87 -47.46 -21.26 -11.86
CA GLU A 87 -48.22 -22.47 -11.59
C GLU A 87 -47.32 -23.51 -10.96
N GLY A 88 -46.14 -23.69 -11.55
CA GLY A 88 -45.19 -24.62 -11.04
C GLY A 88 -44.73 -24.24 -9.65
N ALA A 89 -44.42 -22.95 -9.48
CA ALA A 89 -43.97 -22.43 -8.19
C ALA A 89 -45.04 -22.61 -7.14
N ARG A 90 -46.30 -22.48 -7.55
CA ARG A 90 -47.41 -22.65 -6.61
C ARG A 90 -47.35 -24.05 -6.00
N GLN A 91 -47.17 -25.05 -6.85
CA GLN A 91 -47.07 -26.43 -6.38
C GLN A 91 -45.74 -26.66 -5.67
N LYS A 92 -44.66 -26.18 -6.29
CA LYS A 92 -43.32 -26.34 -5.72
C LYS A 92 -43.24 -25.75 -4.32
N LEU A 93 -43.69 -24.50 -4.18
CA LEU A 93 -43.66 -23.81 -2.90
C LEU A 93 -44.66 -24.41 -1.92
N HIS A 94 -45.90 -24.64 -2.38
CA HIS A 94 -46.92 -25.22 -1.51
C HIS A 94 -46.49 -26.58 -0.98
N GLU A 95 -45.87 -27.37 -1.85
CA GLU A 95 -45.39 -28.69 -1.46
C GLU A 95 -44.29 -28.52 -0.41
N LEU A 96 -43.44 -27.52 -0.60
CA LEU A 96 -42.37 -27.24 0.34
C LEU A 96 -42.94 -26.76 1.67
N GLN A 97 -43.95 -25.90 1.60
CA GLN A 97 -44.61 -25.37 2.79
C GLN A 97 -45.22 -26.52 3.58
N GLU A 98 -45.85 -27.44 2.85
CA GLU A 98 -46.48 -28.60 3.46
C GLU A 98 -45.43 -29.61 3.93
N LYS A 99 -44.17 -29.24 3.82
CA LYS A 99 -43.08 -30.07 4.26
C LYS A 99 -42.29 -29.38 5.37
N LEU A 100 -42.10 -28.07 5.21
CA LEU A 100 -41.39 -27.27 6.20
C LEU A 100 -42.10 -27.32 7.55
N SER A 101 -43.43 -27.45 7.51
CA SER A 101 -44.20 -27.52 8.74
C SER A 101 -44.18 -28.93 9.35
N PRO A 102 -44.74 -29.95 8.67
CA PRO A 102 -44.76 -31.32 9.20
C PRO A 102 -43.36 -31.90 9.43
N LEU A 103 -42.50 -31.80 8.42
CA LEU A 103 -41.13 -32.33 8.55
C LEU A 103 -40.32 -31.43 9.47
N GLY A 104 -40.64 -30.14 9.46
CA GLY A 104 -39.95 -29.20 10.31
C GLY A 104 -40.28 -29.49 11.76
N GLU A 105 -41.53 -29.87 11.99
CA GLU A 105 -41.99 -30.23 13.32
C GLU A 105 -41.21 -31.43 13.83
N GLU A 106 -40.86 -32.32 12.91
CA GLU A 106 -40.07 -33.50 13.25
C GLU A 106 -38.67 -33.08 13.65
N MET A 107 -38.08 -32.19 12.87
CA MET A 107 -36.74 -31.70 13.16
C MET A 107 -36.72 -30.98 14.51
N ARG A 108 -37.76 -30.20 14.77
CA ARG A 108 -37.89 -29.48 16.02
C ARG A 108 -38.13 -30.46 17.18
N ASP A 109 -38.92 -31.49 16.91
CA ASP A 109 -39.20 -32.51 17.91
C ASP A 109 -37.93 -33.29 18.24
N ARG A 110 -37.20 -33.65 17.20
CA ARG A 110 -35.95 -34.38 17.38
C ARG A 110 -34.90 -33.45 17.99
N ALA A 111 -35.04 -32.16 17.74
CA ALA A 111 -34.13 -31.17 18.29
C ALA A 111 -34.29 -31.14 19.80
N ARG A 112 -35.52 -31.44 20.25
CA ARG A 112 -35.80 -31.49 21.68
C ARG A 112 -34.91 -32.54 22.31
N ALA A 113 -34.93 -33.74 21.75
CA ALA A 113 -34.10 -34.84 22.25
C ALA A 113 -32.64 -34.55 21.97
N HIS A 114 -32.36 -34.00 20.79
CA HIS A 114 -31.00 -33.65 20.38
C HIS A 114 -30.35 -32.73 21.40
N VAL A 115 -31.03 -31.63 21.72
CA VAL A 115 -30.52 -30.65 22.65
C VAL A 115 -30.67 -31.09 24.11
N ASP A 116 -31.80 -31.71 24.45
CA ASP A 116 -32.02 -32.15 25.83
C ASP A 116 -31.03 -33.22 26.23
N ALA A 117 -30.71 -34.13 25.31
CA ALA A 117 -29.74 -35.17 25.59
C ALA A 117 -28.39 -34.52 25.82
N LEU A 118 -28.18 -33.39 25.14
CA LEU A 118 -26.95 -32.64 25.28
C LEU A 118 -26.95 -31.90 26.61
N ARG A 119 -28.13 -31.45 27.04
CA ARG A 119 -28.27 -30.74 28.31
C ARG A 119 -27.85 -31.65 29.47
N THR A 120 -28.45 -32.83 29.52
CA THR A 120 -28.15 -33.79 30.58
C THR A 120 -26.79 -34.46 30.36
N HIS A 121 -26.11 -34.07 29.29
CA HIS A 121 -24.79 -34.61 29.00
C HIS A 121 -23.73 -33.56 29.31
N LEU A 122 -23.92 -32.37 28.77
CA LEU A 122 -22.99 -31.27 28.97
C LEU A 122 -22.98 -30.81 30.42
N ALA A 123 -24.13 -30.87 31.09
CA ALA A 123 -24.21 -30.45 32.49
C ALA A 123 -23.20 -31.22 33.36
N PRO A 124 -23.29 -32.58 33.43
CA PRO A 124 -22.34 -33.37 34.21
C PRO A 124 -20.96 -33.34 33.56
N TYR A 125 -20.92 -33.27 32.23
CA TYR A 125 -19.66 -33.23 31.49
C TYR A 125 -18.85 -32.01 31.89
N SER A 126 -19.50 -30.85 31.95
CA SER A 126 -18.82 -29.63 32.34
C SER A 126 -18.40 -29.69 33.79
N ASP A 127 -19.24 -30.28 34.64
CA ASP A 127 -18.91 -30.43 36.06
C ASP A 127 -17.70 -31.33 36.19
N GLU A 128 -17.68 -32.41 35.41
CA GLU A 128 -16.55 -33.33 35.40
C GLU A 128 -15.31 -32.57 34.93
N LEU A 129 -15.50 -31.75 33.91
CA LEU A 129 -14.43 -30.94 33.35
C LEU A 129 -13.92 -29.96 34.41
N ARG A 130 -14.83 -29.41 35.19
CA ARG A 130 -14.47 -28.48 36.26
C ARG A 130 -13.61 -29.21 37.28
N GLN A 131 -14.01 -30.43 37.61
CA GLN A 131 -13.27 -31.25 38.56
C GLN A 131 -11.90 -31.60 38.00
N ARG A 132 -11.86 -31.96 36.72
CA ARG A 132 -10.61 -32.30 36.06
C ARG A 132 -9.73 -31.06 35.99
N LEU A 133 -10.32 -29.92 35.68
CA LEU A 133 -9.60 -28.66 35.62
C LEU A 133 -9.07 -28.33 37.01
N ALA A 134 -9.87 -28.64 38.02
CA ALA A 134 -9.49 -28.41 39.40
C ALA A 134 -8.31 -29.29 39.75
N ALA A 135 -8.36 -30.54 39.31
CA ALA A 135 -7.28 -31.50 39.55
C ALA A 135 -6.02 -30.99 38.87
N ARG A 136 -6.17 -30.55 37.62
CA ARG A 136 -5.04 -30.00 36.87
C ARG A 136 -4.52 -28.77 37.59
N LEU A 137 -5.42 -27.91 38.04
CA LEU A 137 -5.05 -26.70 38.75
C LEU A 137 -4.31 -27.04 40.04
N GLU A 138 -4.77 -28.07 40.74
CA GLU A 138 -4.11 -28.51 41.98
C GLU A 138 -2.69 -28.93 41.68
N ALA A 139 -2.51 -29.58 40.55
CA ALA A 139 -1.18 -30.03 40.14
C ALA A 139 -0.37 -28.83 39.65
N LEU A 140 -1.01 -27.95 38.90
CA LEU A 140 -0.37 -26.75 38.38
C LEU A 140 0.04 -25.79 39.49
N LYS A 141 -0.71 -25.78 40.58
CA LYS A 141 -0.39 -24.91 41.72
C LYS A 141 0.94 -25.34 42.32
N GLU A 142 1.13 -26.65 42.43
CA GLU A 142 2.34 -27.22 42.99
C GLU A 142 3.45 -27.20 41.94
N ASN A 143 3.15 -27.75 40.77
CA ASN A 143 4.10 -27.83 39.67
C ASN A 143 4.58 -26.44 39.29
N GLY A 144 3.63 -25.50 39.18
CA GLY A 144 3.96 -24.13 38.83
C GLY A 144 4.62 -23.39 39.97
N GLY A 145 4.10 -23.58 41.18
CA GLY A 145 4.66 -22.93 42.34
C GLY A 145 6.12 -23.31 42.55
N ALA A 146 6.39 -24.59 42.47
CA ALA A 146 7.74 -25.09 42.63
C ALA A 146 8.59 -24.65 41.45
N ARG A 147 7.97 -24.64 40.27
CA ARG A 147 8.65 -24.24 39.04
C ARG A 147 9.09 -22.79 39.13
N LEU A 148 8.22 -21.94 39.66
CA LEU A 148 8.53 -20.53 39.83
C LEU A 148 9.69 -20.36 40.79
N ALA A 149 9.64 -21.08 41.91
CA ALA A 149 10.69 -21.02 42.90
C ALA A 149 12.00 -21.48 42.26
N GLU A 150 11.91 -22.57 41.49
CA GLU A 150 13.06 -23.11 40.79
C GLU A 150 13.57 -22.10 39.77
N TYR A 151 12.65 -21.48 39.04
CA TYR A 151 13.00 -20.47 38.05
C TYR A 151 13.73 -19.33 38.71
N HIS A 152 13.24 -18.94 39.88
CA HIS A 152 13.83 -17.87 40.66
C HIS A 152 15.26 -18.23 41.04
N ALA A 153 15.44 -19.44 41.56
CA ALA A 153 16.76 -19.95 41.96
C ALA A 153 17.68 -20.03 40.74
N LYS A 154 17.18 -20.63 39.67
CA LYS A 154 17.94 -20.77 38.43
C LYS A 154 18.30 -19.40 37.87
N ALA A 155 17.39 -18.44 38.04
CA ALA A 155 17.62 -17.09 37.58
C ALA A 155 18.67 -16.43 38.45
N THR A 156 18.65 -16.73 39.75
CA THR A 156 19.63 -16.20 40.68
C THR A 156 21.01 -16.70 40.29
N GLU A 157 21.11 -17.99 40.00
CA GLU A 157 22.37 -18.59 39.58
C GLU A 157 22.80 -17.99 38.25
N HIS A 158 21.82 -17.59 37.45
CA HIS A 158 22.11 -16.97 36.17
C HIS A 158 22.60 -15.54 36.38
N LEU A 159 21.90 -14.82 37.25
CA LEU A 159 22.25 -13.43 37.54
C LEU A 159 23.64 -13.35 38.17
N SER A 160 23.95 -14.24 39.09
CA SER A 160 25.25 -14.25 39.74
C SER A 160 26.36 -14.55 38.74
N THR A 161 26.13 -15.55 37.90
CA THR A 161 27.12 -15.91 36.89
C THR A 161 27.16 -14.88 35.77
N LEU A 162 26.05 -14.16 35.58
CA LEU A 162 25.99 -13.12 34.56
C LEU A 162 26.76 -11.89 35.01
N SER A 163 26.65 -11.55 36.29
CA SER A 163 27.37 -10.41 36.82
C SER A 163 28.87 -10.75 36.83
N GLU A 164 29.15 -12.02 37.09
CA GLU A 164 30.53 -12.51 37.11
C GLU A 164 31.09 -12.56 35.69
N LYS A 165 30.21 -12.36 34.72
CA LYS A 165 30.61 -12.33 33.32
C LYS A 165 30.70 -10.89 32.86
N ALA A 166 29.60 -10.16 33.07
CA ALA A 166 29.50 -8.76 32.67
C ALA A 166 30.61 -7.90 33.25
N LYS A 167 30.92 -8.08 34.54
CA LYS A 167 31.96 -7.30 35.19
C LYS A 167 33.31 -7.41 34.48
N PRO A 168 33.92 -8.61 34.40
CA PRO A 168 35.21 -8.78 33.73
C PRO A 168 35.10 -8.59 32.21
N ALA A 169 33.98 -9.03 31.62
CA ALA A 169 33.79 -8.89 30.17
C ALA A 169 33.70 -7.43 29.77
N LEU A 170 32.90 -6.64 30.49
CA LEU A 170 32.77 -5.22 30.16
C LEU A 170 34.10 -4.52 30.36
N GLU A 171 34.84 -4.94 31.38
CA GLU A 171 36.15 -4.37 31.65
C GLU A 171 37.11 -4.73 30.54
N ASP A 172 37.01 -5.96 30.05
CA ASP A 172 37.86 -6.42 28.96
C ASP A 172 37.44 -5.74 27.66
N LEU A 173 36.13 -5.68 27.43
CA LEU A 173 35.59 -5.05 26.24
C LEU A 173 36.02 -3.60 26.19
N ARG A 174 35.83 -2.88 27.28
CA ARG A 174 36.22 -1.47 27.34
C ARG A 174 37.74 -1.35 27.31
N GLN A 175 38.41 -2.26 28.01
CA GLN A 175 39.86 -2.27 28.05
C GLN A 175 40.44 -2.52 26.67
N GLY A 176 39.70 -3.21 25.84
CA GLY A 176 40.11 -3.49 24.47
C GLY A 176 39.67 -2.34 23.58
N LEU A 177 38.44 -1.89 23.79
CA LEU A 177 37.85 -0.79 23.02
C LEU A 177 38.72 0.46 23.08
N LEU A 178 39.31 0.73 24.24
CA LEU A 178 40.15 1.91 24.39
C LEU A 178 41.29 1.95 23.34
N PRO A 179 42.24 1.00 23.37
CA PRO A 179 43.32 0.97 22.37
C PRO A 179 42.78 0.66 20.97
N VAL A 180 41.74 -0.17 20.90
CA VAL A 180 41.15 -0.54 19.61
C VAL A 180 40.58 0.70 18.90
N LEU A 181 39.80 1.48 19.63
CA LEU A 181 39.22 2.70 19.07
C LEU A 181 40.31 3.67 18.69
N GLU A 182 41.40 3.66 19.47
CA GLU A 182 42.53 4.53 19.18
C GLU A 182 43.18 4.11 17.86
N SER A 183 43.47 2.81 17.72
CA SER A 183 44.06 2.31 16.49
C SER A 183 43.13 2.55 15.31
N PHE A 184 41.83 2.39 15.56
CA PHE A 184 40.82 2.60 14.54
C PHE A 184 40.79 4.07 14.14
N LYS A 185 40.77 4.95 15.14
CA LYS A 185 40.75 6.39 14.89
C LYS A 185 41.99 6.82 14.12
N VAL A 186 43.15 6.30 14.52
CA VAL A 186 44.39 6.61 13.83
C VAL A 186 44.30 6.17 12.38
N SER A 187 43.75 4.97 12.16
CA SER A 187 43.59 4.43 10.82
C SER A 187 42.58 5.28 10.04
N PHE A 188 41.50 5.68 10.69
CA PHE A 188 40.46 6.50 10.06
C PHE A 188 41.02 7.87 9.68
N LEU A 189 41.79 8.46 10.59
CA LEU A 189 42.38 9.76 10.34
C LEU A 189 43.38 9.67 9.20
N SER A 190 44.13 8.57 9.15
CA SER A 190 45.11 8.37 8.10
C SER A 190 44.45 7.81 6.84
N ALA A 191 43.15 7.64 6.88
CA ALA A 191 42.39 7.15 5.73
C ALA A 191 41.62 8.30 5.10
N LEU A 192 40.97 9.09 5.96
CA LEU A 192 40.21 10.24 5.51
C LEU A 192 41.09 11.24 4.76
N GLU A 193 42.35 11.29 5.17
CA GLU A 193 43.33 12.18 4.54
C GLU A 193 43.56 11.75 3.10
N GLU A 194 43.60 10.43 2.89
CA GLU A 194 43.82 9.86 1.56
C GLU A 194 42.67 10.18 0.63
N TYR A 195 41.45 10.04 1.13
CA TYR A 195 40.26 10.32 0.34
C TYR A 195 40.25 11.75 -0.18
N THR A 196 40.57 12.69 0.69
CA THR A 196 40.59 14.10 0.31
C THR A 196 41.88 14.48 -0.43
N LYS A 197 42.89 13.63 -0.29
CA LYS A 197 44.18 13.85 -0.94
C LYS A 197 44.10 13.43 -2.41
N LYS A 198 43.49 12.28 -2.65
CA LYS A 198 43.35 11.77 -3.99
C LYS A 198 42.31 12.53 -4.78
N LEU A 199 41.11 12.68 -4.22
CA LEU A 199 40.04 13.38 -4.92
C LEU A 199 39.37 14.40 -4.00
N ASN A 200 39.48 15.67 -4.33
CA ASN A 200 38.86 16.71 -3.53
C ASN A 200 39.84 17.78 -3.11
N LEU B 3 45.71 -9.58 17.02
CA LEU B 3 46.72 -9.49 18.05
C LEU B 3 46.03 -9.32 19.39
N LYS B 4 45.02 -8.47 19.40
CA LYS B 4 44.24 -8.19 20.59
C LYS B 4 43.14 -9.25 20.73
N LEU B 5 42.94 -10.01 19.65
CA LEU B 5 41.94 -11.06 19.62
C LEU B 5 42.26 -12.15 20.65
N LEU B 6 43.54 -12.26 20.97
CA LEU B 6 44.00 -13.25 21.93
C LEU B 6 43.44 -12.92 23.31
N ASP B 7 43.43 -11.64 23.64
CA ASP B 7 42.92 -11.17 24.92
C ASP B 7 41.41 -11.36 24.96
N ASN B 8 40.77 -11.04 23.83
CA ASN B 8 39.32 -11.17 23.71
C ASN B 8 38.91 -12.63 23.88
N TRP B 9 39.67 -13.52 23.25
CA TRP B 9 39.41 -14.95 23.31
C TRP B 9 39.49 -15.47 24.74
N ASP B 10 40.41 -14.91 25.53
CA ASP B 10 40.57 -15.32 26.91
C ASP B 10 39.32 -15.02 27.72
N SER B 11 38.66 -13.91 27.39
CA SER B 11 37.44 -13.53 28.07
C SER B 11 36.31 -14.46 27.67
N VAL B 12 36.44 -15.04 26.48
CA VAL B 12 35.44 -15.98 25.97
C VAL B 12 35.56 -17.31 26.69
N THR B 13 36.79 -17.76 26.92
CA THR B 13 37.02 -19.03 27.61
C THR B 13 36.48 -18.98 29.05
N SER B 14 36.68 -17.83 29.71
CA SER B 14 36.19 -17.66 31.07
C SER B 14 34.67 -17.64 31.05
N THR B 15 34.11 -16.96 30.05
CA THR B 15 32.67 -16.87 29.89
C THR B 15 32.10 -18.27 29.64
N PHE B 16 32.81 -19.06 28.84
CA PHE B 16 32.40 -20.42 28.53
C PHE B 16 32.38 -21.25 29.81
N SER B 17 33.37 -21.02 30.67
CA SER B 17 33.44 -21.72 31.94
C SER B 17 32.27 -21.33 32.82
N LYS B 18 32.00 -20.03 32.89
CA LYS B 18 30.89 -19.50 33.68
C LYS B 18 29.56 -19.86 33.03
N LEU B 19 29.63 -20.41 31.82
CA LEU B 19 28.45 -20.83 31.07
C LEU B 19 28.20 -22.31 31.32
N ARG B 20 29.28 -23.07 31.37
CA ARG B 20 29.20 -24.52 31.60
C ARG B 20 28.72 -24.82 33.00
N GLU B 21 28.87 -23.84 33.90
CA GLU B 21 28.40 -23.99 35.27
C GLU B 21 26.87 -24.00 35.25
N GLN B 22 26.30 -23.30 34.27
CA GLN B 22 24.86 -23.25 34.11
C GLN B 22 24.38 -24.55 33.46
N LEU B 23 25.30 -25.23 32.81
CA LEU B 23 24.99 -26.50 32.16
C LEU B 23 25.17 -27.65 33.13
N GLY B 24 25.44 -27.32 34.38
CA GLY B 24 25.62 -28.32 35.42
C GLY B 24 24.48 -28.28 36.43
N PRO B 25 24.70 -27.66 37.59
CA PRO B 25 23.68 -27.56 38.65
C PRO B 25 22.35 -27.02 38.14
N VAL B 26 22.41 -26.01 37.27
CA VAL B 26 21.19 -25.42 36.70
C VAL B 26 20.47 -26.43 35.81
N THR B 27 21.23 -27.21 35.05
CA THR B 27 20.66 -28.23 34.17
C THR B 27 20.09 -29.37 35.01
N GLN B 28 20.81 -29.74 36.07
CA GLN B 28 20.37 -30.80 36.97
C GLN B 28 19.04 -30.38 37.58
N GLU B 29 18.98 -29.10 37.95
CA GLU B 29 17.78 -28.53 38.53
C GLU B 29 16.66 -28.54 37.50
N PHE B 30 17.02 -28.28 36.24
CA PHE B 30 16.04 -28.30 35.16
C PHE B 30 15.52 -29.71 34.96
N TRP B 31 16.40 -30.68 35.16
CA TRP B 31 16.03 -32.08 35.06
C TRP B 31 15.07 -32.44 36.19
N ASP B 32 15.31 -31.85 37.36
CA ASP B 32 14.46 -32.06 38.51
C ASP B 32 13.11 -31.41 38.26
N ASN B 33 13.16 -30.24 37.62
CA ASN B 33 11.96 -29.51 37.26
C ASN B 33 11.17 -30.34 36.24
N LEU B 34 11.92 -30.97 35.34
CA LEU B 34 11.32 -31.83 34.33
C LEU B 34 10.71 -33.05 35.00
N GLU B 35 11.29 -33.45 36.12
CA GLU B 35 10.77 -34.57 36.89
C GLU B 35 9.44 -34.17 37.49
N LYS B 36 9.38 -32.94 38.04
CA LYS B 36 8.15 -32.42 38.60
C LYS B 36 7.14 -32.24 37.47
N GLU B 37 7.67 -31.83 36.32
CA GLU B 37 6.86 -31.64 35.12
C GLU B 37 6.18 -32.95 34.77
N THR B 38 6.97 -33.99 34.57
CA THR B 38 6.47 -35.30 34.22
C THR B 38 5.60 -35.88 35.34
N GLU B 39 5.99 -35.64 36.60
CA GLU B 39 5.22 -36.13 37.73
C GLU B 39 3.82 -35.55 37.71
N GLY B 40 3.75 -34.22 37.65
CA GLY B 40 2.46 -33.55 37.61
C GLY B 40 1.70 -33.94 36.36
N LEU B 41 2.37 -33.90 35.22
CA LEU B 41 1.75 -34.25 33.95
C LEU B 41 1.25 -35.68 33.96
N ARG B 42 2.00 -36.59 34.58
CA ARG B 42 1.59 -37.99 34.65
C ARG B 42 0.33 -38.13 35.49
N GLN B 43 0.29 -37.42 36.61
CA GLN B 43 -0.87 -37.45 37.50
C GLN B 43 -2.07 -36.85 36.79
N GLU B 44 -1.84 -35.79 36.03
CA GLU B 44 -2.90 -35.14 35.28
C GLU B 44 -3.35 -36.02 34.12
N MET B 45 -2.37 -36.49 33.34
CA MET B 45 -2.64 -37.33 32.17
C MET B 45 -3.35 -38.63 32.54
N SER B 46 -2.98 -39.26 33.65
CA SER B 46 -3.62 -40.49 34.05
C SER B 46 -5.11 -40.25 34.27
N LYS B 47 -5.43 -39.27 35.10
CA LYS B 47 -6.82 -38.92 35.37
C LYS B 47 -7.50 -38.46 34.09
N ASP B 48 -6.78 -37.65 33.32
CA ASP B 48 -7.28 -37.12 32.06
C ASP B 48 -7.66 -38.24 31.10
N LEU B 49 -6.70 -39.12 30.79
CA LEU B 49 -6.92 -40.23 29.88
C LEU B 49 -7.99 -41.19 30.38
N GLU B 50 -7.96 -41.49 31.67
CA GLU B 50 -8.95 -42.39 32.26
C GLU B 50 -10.35 -41.80 32.11
N GLU B 51 -10.49 -40.54 32.49
CA GLU B 51 -11.76 -39.86 32.38
C GLU B 51 -12.11 -39.60 30.92
N VAL B 52 -11.09 -39.60 30.07
CA VAL B 52 -11.29 -39.42 28.64
C VAL B 52 -12.01 -40.63 28.08
N LYS B 53 -11.61 -41.81 28.56
CA LYS B 53 -12.26 -43.05 28.16
C LYS B 53 -13.69 -43.04 28.65
N ALA B 54 -13.89 -42.50 29.84
CA ALA B 54 -15.21 -42.41 30.45
C ALA B 54 -15.96 -41.17 29.97
N LYS B 55 -15.39 -40.50 28.96
CA LYS B 55 -16.01 -39.32 28.38
C LYS B 55 -16.27 -39.51 26.90
N VAL B 56 -15.26 -40.00 26.19
CA VAL B 56 -15.36 -40.23 24.75
C VAL B 56 -16.41 -41.30 24.46
N GLN B 57 -16.42 -42.37 25.26
CA GLN B 57 -17.38 -43.44 25.09
C GLN B 57 -18.83 -42.93 25.15
N PRO B 58 -19.26 -42.34 26.30
CA PRO B 58 -20.62 -41.82 26.40
C PRO B 58 -20.86 -40.65 25.46
N TYR B 59 -19.79 -40.03 25.00
CA TYR B 59 -19.90 -38.90 24.07
C TYR B 59 -20.28 -39.44 22.71
N LEU B 60 -19.48 -40.37 22.19
CA LEU B 60 -19.74 -40.97 20.90
C LEU B 60 -20.98 -41.84 20.95
N ASP B 61 -21.23 -42.47 22.09
CA ASP B 61 -22.41 -43.32 22.26
C ASP B 61 -23.68 -42.49 22.19
N ASP B 62 -23.65 -41.32 22.81
CA ASP B 62 -24.80 -40.41 22.80
C ASP B 62 -24.87 -39.70 21.46
N PHE B 63 -23.72 -39.30 20.95
CA PHE B 63 -23.66 -38.63 19.66
C PHE B 63 -24.12 -39.57 18.56
N GLN B 64 -23.82 -40.86 18.71
CA GLN B 64 -24.23 -41.87 17.73
C GLN B 64 -25.75 -41.95 17.69
N LYS B 65 -26.38 -41.79 18.84
CA LYS B 65 -27.83 -41.82 18.92
C LYS B 65 -28.39 -40.64 18.15
N LYS B 66 -27.73 -39.49 18.28
CA LYS B 66 -28.12 -38.29 17.59
C LYS B 66 -27.77 -38.37 16.12
N TRP B 67 -26.60 -38.95 15.82
CA TRP B 67 -26.15 -39.11 14.45
C TRP B 67 -27.06 -40.05 13.70
N GLN B 68 -27.44 -41.15 14.34
CA GLN B 68 -28.36 -42.10 13.73
C GLN B 68 -29.71 -41.42 13.55
N GLU B 69 -30.10 -40.64 14.54
CA GLU B 69 -31.36 -39.90 14.50
C GLU B 69 -31.32 -38.95 13.30
N GLU B 70 -30.20 -38.25 13.15
CA GLU B 70 -30.03 -37.32 12.05
C GLU B 70 -29.95 -38.08 10.73
N MET B 71 -29.26 -39.21 10.74
CA MET B 71 -29.14 -40.04 9.54
C MET B 71 -30.51 -40.48 9.08
N GLU B 72 -31.31 -40.99 10.02
CA GLU B 72 -32.67 -41.41 9.73
C GLU B 72 -33.47 -40.20 9.28
N LEU B 73 -33.27 -39.09 9.97
CA LEU B 73 -33.93 -37.84 9.66
C LEU B 73 -33.63 -37.41 8.22
N TYR B 74 -32.35 -37.48 7.85
CA TYR B 74 -31.90 -37.14 6.51
C TYR B 74 -32.58 -38.05 5.49
N ARG B 75 -32.60 -39.34 5.78
CA ARG B 75 -33.22 -40.32 4.89
C ARG B 75 -34.73 -40.06 4.75
N GLN B 76 -35.37 -39.76 5.86
CA GLN B 76 -36.80 -39.51 5.86
C GLN B 76 -37.12 -38.06 5.49
N LYS B 77 -36.12 -37.34 5.00
CA LYS B 77 -36.32 -35.95 4.60
C LYS B 77 -35.75 -35.68 3.21
N VAL B 78 -34.45 -35.92 3.06
CA VAL B 78 -33.75 -35.71 1.79
C VAL B 78 -34.28 -36.64 0.71
N GLU B 79 -34.59 -37.88 1.06
CA GLU B 79 -35.10 -38.84 0.08
C GLU B 79 -36.44 -38.39 -0.50
N PRO B 80 -37.49 -38.17 0.33
CA PRO B 80 -38.79 -37.70 -0.16
C PRO B 80 -38.63 -36.34 -0.83
N LEU B 81 -37.72 -35.52 -0.31
CA LEU B 81 -37.45 -34.21 -0.89
C LEU B 81 -36.90 -34.39 -2.29
N ARG B 82 -35.93 -35.29 -2.44
CA ARG B 82 -35.33 -35.56 -3.74
C ARG B 82 -36.37 -36.12 -4.70
N ALA B 83 -37.25 -36.97 -4.17
CA ALA B 83 -38.32 -37.56 -4.98
C ALA B 83 -39.24 -36.47 -5.50
N GLU B 84 -39.66 -35.58 -4.62
CA GLU B 84 -40.55 -34.49 -4.99
C GLU B 84 -39.78 -33.44 -5.79
N LEU B 85 -38.50 -33.28 -5.47
CA LEU B 85 -37.65 -32.33 -6.20
C LEU B 85 -37.48 -32.82 -7.61
N GLN B 86 -37.49 -34.14 -7.77
CA GLN B 86 -37.38 -34.74 -9.09
C GLN B 86 -38.62 -34.38 -9.89
N GLU B 87 -39.76 -34.38 -9.21
CA GLU B 87 -41.03 -34.02 -9.84
C GLU B 87 -41.00 -32.54 -10.16
N GLY B 88 -40.50 -31.74 -9.22
CA GLY B 88 -40.39 -30.32 -9.43
C GLY B 88 -39.42 -30.03 -10.56
N ALA B 89 -38.35 -30.80 -10.60
CA ALA B 89 -37.34 -30.67 -11.65
C ALA B 89 -37.94 -31.13 -12.96
N ARG B 90 -38.76 -32.17 -12.92
CA ARG B 90 -39.43 -32.69 -14.10
C ARG B 90 -40.35 -31.61 -14.66
N GLN B 91 -41.01 -30.90 -13.76
CA GLN B 91 -41.88 -29.81 -14.16
C GLN B 91 -41.02 -28.70 -14.75
N LYS B 92 -39.89 -28.43 -14.10
CA LYS B 92 -38.95 -27.42 -14.57
C LYS B 92 -38.39 -27.81 -15.93
N LEU B 93 -38.12 -29.11 -16.10
CA LEU B 93 -37.61 -29.64 -17.35
C LEU B 93 -38.66 -29.50 -18.43
N HIS B 94 -39.91 -29.78 -18.07
CA HIS B 94 -41.02 -29.65 -19.02
C HIS B 94 -41.18 -28.19 -19.38
N GLU B 95 -41.04 -27.33 -18.37
CA GLU B 95 -41.11 -25.89 -18.56
C GLU B 95 -39.99 -25.48 -19.49
N LEU B 96 -38.79 -25.98 -19.20
CA LEU B 96 -37.61 -25.69 -20.01
C LEU B 96 -37.81 -26.18 -21.44
N GLN B 97 -38.46 -27.32 -21.60
CA GLN B 97 -38.72 -27.86 -22.93
C GLN B 97 -39.56 -26.86 -23.74
N GLU B 98 -40.51 -26.22 -23.06
CA GLU B 98 -41.38 -25.25 -23.71
C GLU B 98 -40.77 -23.85 -23.67
N LYS B 99 -39.59 -23.74 -23.05
CA LYS B 99 -38.89 -22.48 -22.97
C LYS B 99 -37.54 -22.53 -23.67
N LEU B 100 -37.22 -23.69 -24.24
CA LEU B 100 -35.95 -23.88 -24.94
C LEU B 100 -36.14 -24.26 -26.40
N SER B 101 -37.00 -25.24 -26.66
CA SER B 101 -37.26 -25.68 -28.02
C SER B 101 -37.84 -24.54 -28.89
N PRO B 102 -39.00 -23.95 -28.50
CA PRO B 102 -39.60 -22.85 -29.26
C PRO B 102 -38.72 -21.61 -29.23
N LEU B 103 -37.93 -21.47 -28.17
CA LEU B 103 -37.02 -20.34 -28.04
C LEU B 103 -35.81 -20.54 -28.94
N GLY B 104 -35.37 -21.79 -29.07
CA GLY B 104 -34.24 -22.11 -29.91
C GLY B 104 -34.54 -21.79 -31.35
N GLU B 105 -35.68 -22.27 -31.84
CA GLU B 105 -36.10 -22.01 -33.21
C GLU B 105 -36.26 -20.52 -33.42
N GLU B 106 -36.76 -19.84 -32.39
CA GLU B 106 -36.96 -18.40 -32.42
C GLU B 106 -35.61 -17.69 -32.49
N MET B 107 -34.68 -18.10 -31.62
CA MET B 107 -33.34 -17.52 -31.58
C MET B 107 -32.65 -17.73 -32.92
N ARG B 108 -32.82 -18.91 -33.49
CA ARG B 108 -32.23 -19.22 -34.78
C ARG B 108 -32.85 -18.35 -35.87
N ASP B 109 -34.15 -18.09 -35.74
CA ASP B 109 -34.86 -17.24 -36.69
C ASP B 109 -34.35 -15.81 -36.52
N ARG B 110 -34.06 -15.44 -35.27
CA ARG B 110 -33.52 -14.12 -34.96
C ARG B 110 -32.17 -13.99 -35.64
N ALA B 111 -31.38 -15.06 -35.58
CA ALA B 111 -30.07 -15.11 -36.21
C ALA B 111 -30.20 -15.00 -37.72
N ARG B 112 -31.26 -15.59 -38.26
CA ARG B 112 -31.52 -15.54 -39.69
C ARG B 112 -31.91 -14.13 -40.12
N ALA B 113 -32.16 -13.28 -39.13
CA ALA B 113 -32.52 -11.89 -39.38
C ALA B 113 -31.53 -10.95 -38.71
N HIS B 114 -30.43 -11.51 -38.24
CA HIS B 114 -29.39 -10.73 -37.57
C HIS B 114 -28.02 -11.14 -38.09
N VAL B 115 -27.62 -12.36 -37.78
CA VAL B 115 -26.34 -12.89 -38.24
C VAL B 115 -26.37 -13.06 -39.75
N ASP B 116 -27.49 -13.58 -40.25
CA ASP B 116 -27.67 -13.77 -41.68
C ASP B 116 -27.68 -12.41 -42.36
N ALA B 117 -28.31 -11.45 -41.71
CA ALA B 117 -28.36 -10.09 -42.23
C ALA B 117 -26.98 -9.46 -42.19
N LEU B 118 -26.17 -9.92 -41.23
CA LEU B 118 -24.80 -9.43 -41.09
C LEU B 118 -23.97 -9.79 -42.32
N ARG B 119 -24.31 -10.90 -42.96
CA ARG B 119 -23.58 -11.32 -44.16
C ARG B 119 -23.80 -10.31 -45.26
N THR B 120 -25.05 -9.93 -45.47
CA THR B 120 -25.42 -8.97 -46.50
C THR B 120 -25.11 -7.54 -46.05
N HIS B 121 -24.67 -7.39 -44.81
CA HIS B 121 -24.34 -6.08 -44.27
C HIS B 121 -22.83 -5.88 -44.22
N LEU B 122 -22.12 -6.90 -43.78
CA LEU B 122 -20.67 -6.84 -43.67
C LEU B 122 -19.98 -7.02 -45.01
N ALA B 123 -20.57 -7.81 -45.90
CA ALA B 123 -19.99 -8.03 -47.23
C ALA B 123 -19.74 -6.72 -47.95
N PRO B 124 -20.77 -5.87 -48.18
CA PRO B 124 -20.57 -4.59 -48.84
C PRO B 124 -19.76 -3.64 -47.96
N TYR B 125 -19.96 -3.74 -46.65
CA TYR B 125 -19.26 -2.91 -45.69
C TYR B 125 -17.75 -3.12 -45.79
N SER B 126 -17.33 -4.38 -45.83
CA SER B 126 -15.92 -4.71 -45.94
C SER B 126 -15.37 -4.28 -47.29
N ASP B 127 -16.22 -4.34 -48.32
CA ASP B 127 -15.82 -3.92 -49.66
C ASP B 127 -15.61 -2.42 -49.68
N GLU B 128 -16.50 -1.71 -48.98
CA GLU B 128 -16.39 -0.26 -48.86
C GLU B 128 -15.11 0.08 -48.12
N LEU B 129 -14.88 -0.64 -47.03
CA LEU B 129 -13.68 -0.46 -46.23
C LEU B 129 -12.46 -0.78 -47.07
N ARG B 130 -12.58 -1.82 -47.88
CA ARG B 130 -11.49 -2.26 -48.77
C ARG B 130 -11.10 -1.13 -49.71
N GLN B 131 -12.09 -0.46 -50.28
CA GLN B 131 -11.85 0.65 -51.20
C GLN B 131 -11.16 1.79 -50.46
N ARG B 132 -11.62 2.05 -49.24
CA ARG B 132 -11.04 3.11 -48.43
C ARG B 132 -9.63 2.72 -47.98
N LEU B 133 -9.48 1.49 -47.54
CA LEU B 133 -8.18 0.98 -47.10
C LEU B 133 -7.19 1.02 -48.25
N ALA B 134 -7.66 0.74 -49.45
CA ALA B 134 -6.83 0.77 -50.64
C ALA B 134 -6.36 2.19 -50.89
N ALA B 135 -7.27 3.14 -50.71
CA ALA B 135 -6.96 4.55 -50.87
C ALA B 135 -5.94 4.97 -49.83
N ARG B 136 -6.16 4.51 -48.60
CA ARG B 136 -5.25 4.80 -47.50
C ARG B 136 -3.90 4.15 -47.77
N LEU B 137 -3.92 2.94 -48.31
CA LEU B 137 -2.70 2.24 -48.65
C LEU B 137 -1.92 3.02 -49.69
N GLU B 138 -2.64 3.63 -50.63
CA GLU B 138 -2.02 4.44 -51.67
C GLU B 138 -1.36 5.64 -51.01
N ALA B 139 -2.07 6.24 -50.07
CA ALA B 139 -1.54 7.38 -49.33
C ALA B 139 -0.32 6.94 -48.53
N LEU B 140 -0.41 5.75 -47.93
CA LEU B 140 0.69 5.20 -47.15
C LEU B 140 1.90 4.89 -48.04
N LYS B 141 1.64 4.75 -49.34
CA LYS B 141 2.70 4.48 -50.30
C LYS B 141 3.30 5.80 -50.77
N GLU B 142 2.43 6.75 -51.08
CA GLU B 142 2.87 8.07 -51.53
C GLU B 142 3.62 8.75 -50.39
N ASN B 143 2.99 8.75 -49.22
CA ASN B 143 3.58 9.34 -48.03
C ASN B 143 4.72 8.48 -47.52
N GLY B 144 4.51 7.16 -47.53
CA GLY B 144 5.53 6.23 -47.09
C GLY B 144 6.79 6.33 -47.91
N GLY B 145 6.63 6.39 -49.23
CA GLY B 145 7.76 6.50 -50.12
C GLY B 145 8.49 7.80 -49.88
N ALA B 146 7.72 8.86 -49.64
CA ALA B 146 8.28 10.17 -49.35
C ALA B 146 8.97 10.13 -48.00
N ARG B 147 8.32 9.49 -47.02
CA ARG B 147 8.88 9.35 -45.68
C ARG B 147 10.23 8.65 -45.75
N LEU B 148 10.31 7.62 -46.58
CA LEU B 148 11.55 6.87 -46.74
C LEU B 148 12.61 7.73 -47.42
N ALA B 149 12.20 8.50 -48.42
CA ALA B 149 13.10 9.39 -49.13
C ALA B 149 13.60 10.48 -48.19
N GLU B 150 12.65 11.12 -47.52
CA GLU B 150 12.94 12.18 -46.57
C GLU B 150 13.85 11.64 -45.47
N TYR B 151 13.53 10.45 -44.96
CA TYR B 151 14.31 9.82 -43.92
C TYR B 151 15.71 9.47 -44.41
N HIS B 152 15.80 8.99 -45.64
CA HIS B 152 17.10 8.64 -46.22
C HIS B 152 17.95 9.89 -46.38
N ALA B 153 17.34 10.96 -46.88
CA ALA B 153 18.03 12.22 -47.07
C ALA B 153 18.48 12.76 -45.71
N LYS B 154 17.56 12.77 -44.75
CA LYS B 154 17.85 13.24 -43.41
C LYS B 154 18.90 12.35 -42.76
N ALA B 155 18.87 11.07 -43.08
CA ALA B 155 19.83 10.11 -42.55
C ALA B 155 21.23 10.45 -43.04
N THR B 156 21.32 10.83 -44.32
CA THR B 156 22.59 11.19 -44.90
C THR B 156 23.13 12.45 -44.21
N GLU B 157 22.23 13.40 -43.99
CA GLU B 157 22.58 14.64 -43.31
C GLU B 157 22.99 14.34 -41.88
N HIS B 158 22.24 13.45 -41.22
CA HIS B 158 22.52 13.06 -39.85
C HIS B 158 23.84 12.31 -39.77
N LEU B 159 24.12 11.48 -40.76
CA LEU B 159 25.37 10.73 -40.80
C LEU B 159 26.55 11.69 -40.99
N SER B 160 26.36 12.68 -41.85
CA SER B 160 27.38 13.67 -42.12
C SER B 160 27.65 14.51 -40.87
N THR B 161 26.58 14.94 -40.19
CA THR B 161 26.72 15.74 -38.98
C THR B 161 27.35 14.91 -37.87
N LEU B 162 26.99 13.63 -37.81
CA LEU B 162 27.55 12.73 -36.83
C LEU B 162 29.03 12.53 -37.10
N SER B 163 29.40 12.58 -38.38
CA SER B 163 30.80 12.42 -38.77
C SER B 163 31.62 13.62 -38.30
N GLU B 164 30.94 14.76 -38.14
CA GLU B 164 31.61 15.98 -37.67
C GLU B 164 31.99 15.82 -36.21
N LYS B 165 31.49 14.76 -35.59
CA LYS B 165 31.78 14.46 -34.20
C LYS B 165 32.50 13.11 -34.08
N ALA B 166 32.18 12.19 -34.99
CA ALA B 166 32.79 10.87 -35.00
C ALA B 166 34.26 10.94 -35.39
N LYS B 167 34.65 12.04 -36.01
CA LYS B 167 36.03 12.23 -36.40
C LYS B 167 36.76 13.26 -35.50
N PRO B 168 36.39 14.55 -35.59
CA PRO B 168 37.04 15.60 -34.78
C PRO B 168 36.79 15.47 -33.28
N ALA B 169 35.52 15.28 -32.90
CA ALA B 169 35.17 15.16 -31.48
C ALA B 169 35.74 13.89 -30.86
N LEU B 170 35.66 12.77 -31.58
CA LEU B 170 36.20 11.51 -31.06
C LEU B 170 37.70 11.65 -30.82
N GLU B 171 38.38 12.35 -31.71
CA GLU B 171 39.81 12.57 -31.57
C GLU B 171 40.08 13.50 -30.39
N ASP B 172 39.18 14.47 -30.19
CA ASP B 172 39.30 15.41 -29.08
C ASP B 172 39.12 14.67 -27.77
N LEU B 173 38.18 13.73 -27.75
CA LEU B 173 37.90 12.92 -26.57
C LEU B 173 39.14 12.11 -26.21
N ARG B 174 39.76 11.50 -27.22
CA ARG B 174 40.96 10.72 -27.00
C ARG B 174 42.12 11.64 -26.63
N GLN B 175 42.07 12.86 -27.16
CA GLN B 175 43.09 13.85 -26.87
C GLN B 175 42.99 14.32 -25.44
N GLY B 176 41.88 13.98 -24.79
CA GLY B 176 41.64 14.33 -23.40
C GLY B 176 41.89 13.08 -22.56
N LEU B 177 41.47 11.93 -23.10
CA LEU B 177 41.63 10.64 -22.44
C LEU B 177 43.10 10.32 -22.18
N LEU B 178 43.95 10.60 -23.15
CA LEU B 178 45.39 10.32 -23.00
C LEU B 178 45.99 11.06 -21.81
N PRO B 179 45.96 12.41 -21.77
CA PRO B 179 46.50 13.17 -20.64
C PRO B 179 45.77 12.86 -19.34
N VAL B 180 44.45 12.62 -19.41
CA VAL B 180 43.69 12.32 -18.20
C VAL B 180 44.06 10.96 -17.64
N LEU B 181 44.36 10.00 -18.53
CA LEU B 181 44.77 8.68 -18.10
C LEU B 181 46.12 8.77 -17.41
N GLU B 182 46.98 9.63 -17.94
CA GLU B 182 48.29 9.84 -17.35
C GLU B 182 48.13 10.44 -15.95
N SER B 183 47.23 11.42 -15.85
CA SER B 183 46.96 12.07 -14.60
C SER B 183 46.30 11.09 -13.63
N PHE B 184 45.37 10.31 -14.15
CA PHE B 184 44.67 9.30 -13.35
C PHE B 184 45.65 8.26 -12.85
N LYS B 185 46.62 7.91 -13.70
CA LYS B 185 47.64 6.93 -13.34
C LYS B 185 48.37 7.38 -12.09
N VAL B 186 48.85 8.62 -12.10
CA VAL B 186 49.57 9.15 -10.96
C VAL B 186 48.66 9.18 -9.74
N SER B 187 47.40 9.55 -9.96
CA SER B 187 46.41 9.61 -8.88
C SER B 187 46.15 8.22 -8.31
N PHE B 188 46.06 7.22 -9.18
CA PHE B 188 45.84 5.85 -8.76
C PHE B 188 47.09 5.29 -8.09
N LEU B 189 48.25 5.67 -8.62
CA LEU B 189 49.52 5.23 -8.07
C LEU B 189 49.68 5.76 -6.66
N SER B 190 49.43 7.06 -6.48
CA SER B 190 49.53 7.68 -5.17
C SER B 190 48.50 7.07 -4.22
N ALA B 191 47.34 6.72 -4.77
CA ALA B 191 46.29 6.10 -3.98
C ALA B 191 46.74 4.72 -3.52
N LEU B 192 47.05 3.85 -4.48
CA LEU B 192 47.47 2.49 -4.19
C LEU B 192 48.68 2.42 -3.26
N GLU B 193 49.71 3.21 -3.57
CA GLU B 193 50.94 3.22 -2.77
C GLU B 193 50.73 3.75 -1.36
N GLU B 194 49.92 4.79 -1.22
CA GLU B 194 49.68 5.37 0.10
C GLU B 194 48.65 4.56 0.90
N TYR B 195 47.65 4.00 0.21
CA TYR B 195 46.63 3.21 0.88
C TYR B 195 47.22 1.93 1.49
N THR B 196 48.14 1.31 0.76
CA THR B 196 48.78 0.09 1.23
C THR B 196 49.61 0.34 2.48
N LYS B 197 50.11 1.56 2.61
CA LYS B 197 50.91 1.95 3.76
C LYS B 197 50.05 1.91 5.03
N LYS B 198 48.79 2.27 4.87
CA LYS B 198 47.85 2.31 5.98
C LYS B 198 47.27 0.92 6.25
N LEU B 199 47.68 -0.06 5.45
CA LEU B 199 47.21 -1.42 5.60
C LEU B 199 48.32 -2.28 6.23
N ASN B 200 49.46 -1.65 6.46
CA ASN B 200 50.61 -2.33 7.05
C ASN B 200 50.43 -2.45 8.55
N MET C 3 -7.03 11.64 23.08
CA MET C 3 -7.91 12.47 22.22
C MET C 3 -8.57 11.61 21.15
N THR C 4 -9.80 11.20 21.41
CA THR C 4 -10.54 10.38 20.47
C THR C 4 -11.74 11.14 19.91
N GLU C 5 -11.55 12.43 19.71
CA GLU C 5 -12.61 13.29 19.17
C GLU C 5 -12.12 14.01 17.93
N TYR C 6 -13.02 14.20 16.98
CA TYR C 6 -12.71 14.90 15.74
C TYR C 6 -13.82 15.88 15.41
N LYS C 7 -13.51 17.16 15.49
CA LYS C 7 -14.49 18.19 15.20
C LYS C 7 -14.43 18.55 13.72
N LEU C 8 -15.46 18.19 12.99
CA LEU C 8 -15.51 18.45 11.55
C LEU C 8 -16.56 19.50 11.21
N VAL C 9 -16.09 20.61 10.67
CA VAL C 9 -16.99 21.69 10.28
C VAL C 9 -17.28 21.59 8.79
N VAL C 10 -18.53 21.34 8.45
CA VAL C 10 -18.93 21.21 7.06
C VAL C 10 -19.40 22.56 6.50
N VAL C 11 -18.76 22.99 5.42
CA VAL C 11 -19.11 24.25 4.79
C VAL C 11 -19.50 24.03 3.32
N GLY C 12 -20.10 25.04 2.71
CA GLY C 12 -20.49 24.92 1.32
C GLY C 12 -21.70 25.81 1.01
N ALA C 13 -22.05 25.89 -0.26
CA ALA C 13 -23.18 26.71 -0.69
C ALA C 13 -24.50 25.96 -0.54
N GLY C 14 -25.52 26.41 -1.27
CA GLY C 14 -26.82 25.76 -1.20
C GLY C 14 -26.98 24.74 -2.30
N GLY C 15 -27.78 23.71 -2.03
CA GLY C 15 -28.01 22.67 -3.01
C GLY C 15 -26.94 21.61 -3.02
N VAL C 16 -25.87 21.83 -2.25
CA VAL C 16 -24.77 20.89 -2.18
C VAL C 16 -25.10 19.70 -1.28
N GLY C 17 -26.11 19.89 -0.43
CA GLY C 17 -26.54 18.84 0.48
C GLY C 17 -25.62 18.68 1.68
N LYS C 18 -25.30 19.80 2.33
CA LYS C 18 -24.44 19.77 3.52
C LYS C 18 -25.06 18.89 4.60
N SER C 19 -26.30 19.20 4.94
CA SER C 19 -27.01 18.46 5.96
C SER C 19 -27.34 17.04 5.50
N ALA C 20 -27.48 16.87 4.18
CA ALA C 20 -27.80 15.57 3.61
C ALA C 20 -26.70 14.56 3.93
N LEU C 21 -25.45 14.97 3.73
CA LEU C 21 -24.31 14.10 4.01
C LEU C 21 -24.19 13.84 5.51
N THR C 22 -24.38 14.89 6.28
CA THR C 22 -24.28 14.81 7.74
C THR C 22 -25.32 13.84 8.32
N ILE C 23 -26.57 14.03 7.95
CA ILE C 23 -27.65 13.17 8.46
C ILE C 23 -27.51 11.73 7.97
N GLN C 24 -26.97 11.55 6.77
CA GLN C 24 -26.78 10.22 6.20
C GLN C 24 -25.71 9.43 6.95
N LEU C 25 -24.80 10.16 7.60
CA LEU C 25 -23.72 9.52 8.36
C LEU C 25 -24.09 9.37 9.83
N ILE C 26 -24.77 10.37 10.37
CA ILE C 26 -25.16 10.36 11.79
C ILE C 26 -26.42 9.52 12.03
N GLN C 27 -27.50 9.84 11.33
CA GLN C 27 -28.75 9.12 11.51
C GLN C 27 -28.90 7.99 10.50
N ASN C 28 -27.90 7.84 9.63
CA ASN C 28 -27.88 6.79 8.63
C ASN C 28 -29.12 6.78 7.72
N HIS C 29 -29.58 7.97 7.35
CA HIS C 29 -30.74 8.09 6.48
C HIS C 29 -30.70 9.38 5.69
N PHE C 30 -31.26 9.36 4.49
CA PHE C 30 -31.27 10.53 3.64
C PHE C 30 -32.44 11.45 4.02
N VAL C 31 -32.34 12.72 3.64
CA VAL C 31 -33.39 13.68 3.95
C VAL C 31 -33.97 14.25 2.66
N ASP C 32 -35.28 14.10 2.51
CA ASP C 32 -35.98 14.60 1.33
C ASP C 32 -36.14 16.11 1.41
N GLU C 33 -36.14 16.63 2.63
CA GLU C 33 -36.28 18.06 2.84
C GLU C 33 -35.70 18.48 4.19
N TYR C 34 -34.97 19.58 4.19
CA TYR C 34 -34.35 20.13 5.39
C TYR C 34 -34.09 21.61 5.15
N ASP C 35 -34.35 22.44 6.16
CA ASP C 35 -34.14 23.88 6.00
C ASP C 35 -32.66 24.21 6.01
N PRO C 36 -32.20 24.91 4.96
CA PRO C 36 -30.80 25.30 4.81
C PRO C 36 -30.29 26.24 5.90
N THR C 37 -31.19 26.94 6.60
CA THR C 37 -30.77 27.88 7.65
C THR C 37 -30.39 27.20 8.96
N ILE C 38 -30.71 25.92 9.10
CA ILE C 38 -30.41 25.19 10.32
C ILE C 38 -28.91 25.05 10.59
N GLU C 39 -28.49 25.51 11.77
CA GLU C 39 -27.10 25.42 12.19
C GLU C 39 -27.00 24.72 13.54
N ASP C 40 -26.70 23.43 13.50
CA ASP C 40 -26.57 22.64 14.73
C ASP C 40 -25.42 21.65 14.57
N SER C 41 -25.08 20.95 15.65
CA SER C 41 -24.00 19.98 15.61
C SER C 41 -24.48 18.60 16.03
N TYR C 42 -23.92 17.58 15.39
CA TYR C 42 -24.29 16.20 15.68
C TYR C 42 -23.04 15.37 16.00
N ARG C 43 -23.16 14.49 16.99
CA ARG C 43 -22.04 13.66 17.40
C ARG C 43 -22.38 12.17 17.28
N LYS C 44 -21.41 11.38 16.85
CA LYS C 44 -21.59 9.94 16.69
C LYS C 44 -20.24 9.23 16.77
N GLN C 45 -20.20 8.11 17.47
CA GLN C 45 -18.97 7.34 17.61
C GLN C 45 -18.91 6.25 16.55
N VAL C 46 -17.79 6.17 15.85
CA VAL C 46 -17.61 5.18 14.79
C VAL C 46 -16.25 4.50 14.92
N VAL C 47 -16.01 3.52 14.05
CA VAL C 47 -14.75 2.78 14.06
C VAL C 47 -13.96 3.08 12.79
N ILE C 48 -13.06 4.04 12.88
CA ILE C 48 -12.24 4.44 11.74
C ILE C 48 -10.91 3.69 11.75
N ASP C 49 -10.77 2.73 10.84
CA ASP C 49 -9.54 1.93 10.73
C ASP C 49 -9.25 1.18 12.03
N GLY C 50 -10.29 0.93 12.81
CA GLY C 50 -10.12 0.23 14.05
C GLY C 50 -10.19 1.17 15.24
N GLU C 51 -9.94 2.45 14.99
CA GLU C 51 -9.97 3.46 16.02
C GLU C 51 -11.41 3.85 16.35
N THR C 52 -11.80 3.66 17.60
CA THR C 52 -13.15 4.01 18.02
C THR C 52 -13.18 5.45 18.52
N CYS C 53 -13.41 6.38 17.60
CA CYS C 53 -13.44 7.80 17.93
C CYS C 53 -14.85 8.39 17.78
N LEU C 54 -15.07 9.52 18.44
CA LEU C 54 -16.34 10.20 18.39
C LEU C 54 -16.26 11.40 17.46
N LEU C 55 -17.10 11.42 16.44
CA LEU C 55 -17.11 12.51 15.48
C LEU C 55 -18.05 13.62 15.92
N ASP C 56 -17.57 14.85 15.80
CA ASP C 56 -18.33 16.03 16.17
C ASP C 56 -18.51 16.90 14.92
N ILE C 57 -19.59 16.67 14.19
CA ILE C 57 -19.86 17.39 12.95
C ILE C 57 -20.82 18.55 13.17
N LEU C 58 -20.46 19.70 12.63
CA LEU C 58 -21.29 20.90 12.74
C LEU C 58 -21.85 21.30 11.38
N ASP C 59 -23.18 21.22 11.23
CA ASP C 59 -23.81 21.59 9.98
C ASP C 59 -24.11 23.09 9.96
N THR C 60 -23.30 23.82 9.22
CA THR C 60 -23.47 25.26 9.11
C THR C 60 -24.73 25.60 8.32
N ALA C 61 -24.68 26.72 7.61
CA ALA C 61 -25.79 27.19 6.80
C ALA C 61 -25.36 28.46 6.07
N GLY C 62 -24.91 29.42 6.86
CA GLY C 62 -24.48 30.69 6.32
C GLY C 62 -25.32 31.81 6.89
N GLN C 63 -25.83 31.59 8.09
CA GLN C 63 -26.67 32.56 8.77
C GLN C 63 -25.82 33.64 9.42
N GLU C 64 -26.35 34.86 9.46
CA GLU C 64 -25.64 35.98 10.05
C GLU C 64 -25.89 36.04 11.56
N GLU C 65 -26.80 35.19 12.03
CA GLU C 65 -27.13 35.12 13.44
C GLU C 65 -25.89 34.65 14.22
N TYR C 66 -25.54 35.37 15.27
CA TYR C 66 -24.38 35.03 16.07
C TYR C 66 -24.58 33.75 16.87
N SER C 67 -23.81 32.72 16.52
CA SER C 67 -23.88 31.45 17.21
C SER C 67 -22.58 31.22 17.95
N ALA C 68 -22.66 31.15 19.27
CA ALA C 68 -21.47 30.92 20.10
C ALA C 68 -20.90 29.54 19.80
N MET C 69 -21.80 28.62 19.46
CA MET C 69 -21.42 27.25 19.14
C MET C 69 -20.57 27.23 17.87
N ARG C 70 -21.02 27.98 16.86
CA ARG C 70 -20.32 28.04 15.58
C ARG C 70 -18.95 28.71 15.74
N ASP C 71 -18.92 29.83 16.46
CA ASP C 71 -17.68 30.57 16.67
C ASP C 71 -16.66 29.71 17.41
N GLN C 72 -17.10 29.02 18.45
CA GLN C 72 -16.21 28.16 19.22
C GLN C 72 -15.74 26.99 18.37
N TYR C 73 -16.67 26.36 17.67
CA TYR C 73 -16.37 25.21 16.82
C TYR C 73 -15.37 25.57 15.72
N MET C 74 -15.44 26.81 15.25
CA MET C 74 -14.52 27.27 14.22
C MET C 74 -13.10 27.34 14.75
N ARG C 75 -12.98 27.61 16.04
CA ARG C 75 -11.68 27.71 16.67
C ARG C 75 -11.15 26.35 17.11
N THR C 76 -12.03 25.51 17.66
CA THR C 76 -11.63 24.20 18.15
C THR C 76 -11.58 23.14 17.04
N GLY C 77 -12.43 23.29 16.05
CA GLY C 77 -12.48 22.33 14.94
C GLY C 77 -11.16 22.23 14.20
N GLU C 78 -10.69 21.00 14.04
CA GLU C 78 -9.44 20.76 13.33
C GLU C 78 -9.71 20.33 11.89
N GLY C 79 -10.81 19.64 11.67
CA GLY C 79 -11.14 19.18 10.34
C GLY C 79 -12.20 20.01 9.67
N PHE C 80 -11.97 20.37 8.42
CA PHE C 80 -12.91 21.18 7.66
C PHE C 80 -13.29 20.47 6.37
N LEU C 81 -14.59 20.46 6.07
CA LEU C 81 -15.08 19.81 4.88
C LEU C 81 -15.72 20.81 3.92
N CYS C 82 -15.11 20.97 2.76
CA CYS C 82 -15.62 21.89 1.74
C CYS C 82 -16.45 21.10 0.73
N VAL C 83 -17.76 21.12 0.91
CA VAL C 83 -18.65 20.38 0.03
C VAL C 83 -19.21 21.25 -1.08
N PHE C 84 -19.07 20.77 -2.30
CA PHE C 84 -19.57 21.48 -3.46
C PHE C 84 -20.32 20.51 -4.37
N ALA C 85 -21.28 21.02 -5.12
CA ALA C 85 -22.07 20.19 -6.02
C ALA C 85 -21.43 20.16 -7.40
N ILE C 86 -21.12 18.96 -7.89
CA ILE C 86 -20.51 18.81 -9.20
C ILE C 86 -21.49 19.13 -10.34
N ASN C 87 -22.76 19.27 -9.98
CA ASN C 87 -23.81 19.57 -10.94
C ASN C 87 -24.04 21.08 -11.01
N ASN C 88 -23.23 21.83 -10.25
CA ASN C 88 -23.34 23.28 -10.22
C ASN C 88 -21.95 23.90 -10.17
N THR C 89 -21.53 24.48 -11.29
CA THR C 89 -20.21 25.11 -11.39
C THR C 89 -20.04 26.24 -10.38
N LYS C 90 -21.13 26.93 -10.05
CA LYS C 90 -21.10 28.04 -9.09
C LYS C 90 -20.47 27.63 -7.76
N SER C 91 -20.84 26.46 -7.25
CA SER C 91 -20.32 25.98 -5.97
C SER C 91 -18.81 25.71 -6.03
N PHE C 92 -18.30 25.37 -7.22
CA PHE C 92 -16.88 25.08 -7.39
C PHE C 92 -16.04 26.35 -7.28
N GLU C 93 -16.64 27.49 -7.56
CA GLU C 93 -15.95 28.76 -7.49
C GLU C 93 -15.90 29.31 -6.07
N ASP C 94 -16.98 29.07 -5.32
CA ASP C 94 -17.08 29.56 -3.94
C ASP C 94 -16.11 28.83 -3.02
N ILE C 95 -15.57 27.72 -3.50
CA ILE C 95 -14.63 26.92 -2.72
C ILE C 95 -13.40 27.75 -2.32
N HIS C 96 -12.91 28.57 -3.24
CA HIS C 96 -11.74 29.41 -2.96
C HIS C 96 -12.06 30.40 -1.85
N HIS C 97 -13.30 30.88 -1.84
CA HIS C 97 -13.76 31.83 -0.83
C HIS C 97 -13.73 31.17 0.55
N TYR C 98 -14.08 29.90 0.61
CA TYR C 98 -14.07 29.17 1.88
C TYR C 98 -12.64 28.88 2.31
N ARG C 99 -11.82 28.49 1.35
CA ARG C 99 -10.41 28.17 1.60
C ARG C 99 -9.69 29.31 2.30
N GLU C 100 -9.85 30.53 1.78
CA GLU C 100 -9.20 31.69 2.36
C GLU C 100 -9.72 32.00 3.76
N GLN C 101 -11.03 31.91 3.93
CA GLN C 101 -11.66 32.19 5.22
C GLN C 101 -11.19 31.23 6.31
N ILE C 102 -11.23 29.94 6.01
CA ILE C 102 -10.82 28.92 6.97
C ILE C 102 -9.35 29.09 7.36
N LYS C 103 -8.51 29.42 6.38
CA LYS C 103 -7.08 29.61 6.64
C LYS C 103 -6.84 30.78 7.59
N ARG C 104 -7.68 31.81 7.49
CA ARG C 104 -7.56 32.99 8.34
C ARG C 104 -7.95 32.66 9.78
N VAL C 105 -8.76 31.62 9.95
CA VAL C 105 -9.20 31.20 11.27
C VAL C 105 -8.17 30.27 11.90
N LYS C 106 -7.58 29.41 11.10
CA LYS C 106 -6.58 28.47 11.57
C LYS C 106 -5.20 29.13 11.67
N ASP C 107 -5.05 30.27 10.99
CA ASP C 107 -3.80 31.03 11.00
C ASP C 107 -2.65 30.19 10.43
N SER C 108 -2.92 29.47 9.35
CA SER C 108 -1.93 28.63 8.72
C SER C 108 -2.40 28.16 7.36
N GLU C 109 -1.46 27.72 6.53
CA GLU C 109 -1.78 27.22 5.21
C GLU C 109 -2.07 25.72 5.31
N ASP C 110 -1.34 25.07 6.20
CA ASP C 110 -1.52 23.63 6.43
C ASP C 110 -2.72 23.40 7.33
N VAL C 111 -3.85 23.12 6.71
CA VAL C 111 -5.09 22.88 7.43
C VAL C 111 -5.75 21.60 6.94
N PRO C 112 -6.18 20.71 7.85
CA PRO C 112 -6.84 19.45 7.49
C PRO C 112 -8.20 19.71 6.85
N MET C 113 -8.18 20.09 5.59
CA MET C 113 -9.38 20.38 4.82
C MET C 113 -9.49 19.44 3.63
N VAL C 114 -10.68 18.89 3.43
CA VAL C 114 -10.91 17.97 2.32
C VAL C 114 -11.98 18.53 1.39
N LEU C 115 -11.72 18.44 0.09
CA LEU C 115 -12.66 18.91 -0.92
C LEU C 115 -13.62 17.77 -1.24
N VAL C 116 -14.91 18.01 -1.08
CA VAL C 116 -15.91 16.97 -1.31
C VAL C 116 -16.86 17.32 -2.46
N GLY C 117 -16.82 16.48 -3.49
CA GLY C 117 -17.70 16.67 -4.63
C GLY C 117 -18.92 15.77 -4.49
N ASN C 118 -19.96 16.30 -3.86
CA ASN C 118 -21.18 15.54 -3.61
C ASN C 118 -22.07 15.50 -4.85
N LYS C 119 -22.96 14.50 -4.88
CA LYS C 119 -23.91 14.31 -5.98
C LYS C 119 -23.20 13.93 -7.28
N CYS C 120 -22.09 13.21 -7.14
CA CYS C 120 -21.29 12.78 -8.29
C CYS C 120 -21.97 11.66 -9.07
N ASP C 121 -23.03 11.08 -8.50
CA ASP C 121 -23.76 10.01 -9.16
C ASP C 121 -24.78 10.57 -10.16
N LEU C 122 -24.81 11.89 -10.28
CA LEU C 122 -25.72 12.55 -11.21
C LEU C 122 -25.06 12.62 -12.60
N PRO C 123 -25.81 12.25 -13.65
CA PRO C 123 -25.29 12.28 -15.03
C PRO C 123 -24.99 13.70 -15.50
N SER C 124 -25.74 14.67 -15.00
CA SER C 124 -25.56 16.06 -15.37
C SER C 124 -24.47 16.72 -14.53
N ARG C 125 -23.22 16.38 -14.82
CA ARG C 125 -22.10 16.95 -14.10
C ARG C 125 -21.36 17.99 -14.93
N THR C 126 -21.35 19.22 -14.42
CA THR C 126 -20.69 20.31 -15.11
C THR C 126 -19.21 20.37 -14.72
N VAL C 127 -18.93 19.98 -13.48
CA VAL C 127 -17.55 19.98 -12.98
C VAL C 127 -16.94 18.61 -13.19
N ASP C 128 -15.87 18.57 -13.98
CA ASP C 128 -15.18 17.32 -14.27
C ASP C 128 -14.19 16.99 -13.15
N THR C 129 -14.03 15.71 -12.87
CA THR C 129 -13.12 15.27 -11.81
C THR C 129 -11.68 15.69 -12.08
N LYS C 130 -11.27 15.61 -13.34
CA LYS C 130 -9.91 15.98 -13.73
C LYS C 130 -9.54 17.40 -13.30
N GLN C 131 -10.54 18.28 -13.28
CA GLN C 131 -10.31 19.67 -12.89
C GLN C 131 -10.00 19.75 -11.40
N ALA C 132 -10.82 19.09 -10.59
CA ALA C 132 -10.63 19.09 -9.15
C ALA C 132 -9.39 18.28 -8.78
N GLN C 133 -9.13 17.21 -9.52
CA GLN C 133 -7.97 16.36 -9.28
C GLN C 133 -6.67 17.12 -9.51
N ASP C 134 -6.63 17.90 -10.58
CA ASP C 134 -5.45 18.69 -10.91
C ASP C 134 -5.23 19.77 -9.86
N LEU C 135 -6.31 20.39 -9.42
CA LEU C 135 -6.27 21.43 -8.40
C LEU C 135 -5.77 20.86 -7.08
N ALA C 136 -6.28 19.69 -6.72
CA ALA C 136 -5.89 19.03 -5.47
C ALA C 136 -4.44 18.59 -5.54
N ARG C 137 -3.98 18.29 -6.76
CA ARG C 137 -2.60 17.85 -6.98
C ARG C 137 -1.62 18.98 -6.63
N SER C 138 -2.04 20.21 -6.85
CA SER C 138 -1.20 21.37 -6.55
C SER C 138 -0.95 21.48 -5.04
N TYR C 139 -1.84 20.86 -4.27
CA TYR C 139 -1.74 20.86 -2.82
C TYR C 139 -1.16 19.54 -2.33
N GLY C 140 -1.00 18.60 -3.26
CA GLY C 140 -0.45 17.30 -2.94
C GLY C 140 -1.44 16.43 -2.19
N ILE C 141 -2.72 16.74 -2.31
CA ILE C 141 -3.77 15.98 -1.63
C ILE C 141 -4.64 15.21 -2.61
N PRO C 142 -5.22 14.08 -2.18
CA PRO C 142 -6.08 13.26 -3.02
C PRO C 142 -7.56 13.68 -2.95
N PHE C 143 -8.16 13.86 -4.11
CA PHE C 143 -9.56 14.24 -4.20
C PHE C 143 -10.45 13.01 -4.25
N ILE C 144 -11.53 13.02 -3.48
CA ILE C 144 -12.46 11.89 -3.43
C ILE C 144 -13.89 12.34 -3.75
N GLU C 145 -14.60 11.56 -4.55
CA GLU C 145 -15.98 11.85 -4.91
C GLU C 145 -16.91 10.96 -4.11
N THR C 146 -17.68 11.57 -3.22
CA THR C 146 -18.59 10.81 -2.37
C THR C 146 -20.05 11.17 -2.62
N SER C 147 -20.91 10.17 -2.49
CA SER C 147 -22.35 10.37 -2.69
C SER C 147 -23.12 9.76 -1.53
N ALA C 148 -24.05 10.53 -0.98
CA ALA C 148 -24.86 10.07 0.14
C ALA C 148 -26.01 9.19 -0.36
N LYS C 149 -25.99 8.86 -1.64
CA LYS C 149 -27.02 8.05 -2.26
C LYS C 149 -26.51 6.64 -2.53
N THR C 150 -25.30 6.54 -3.06
CA THR C 150 -24.71 5.25 -3.38
C THR C 150 -23.67 4.84 -2.34
N ARG C 151 -23.32 5.78 -1.46
CA ARG C 151 -22.32 5.54 -0.40
C ARG C 151 -20.92 5.36 -0.96
N GLN C 152 -20.71 5.81 -2.19
CA GLN C 152 -19.43 5.69 -2.85
C GLN C 152 -18.34 6.48 -2.14
N GLY C 153 -17.34 5.76 -1.62
CA GLY C 153 -16.20 6.39 -0.95
C GLY C 153 -16.54 7.15 0.32
N VAL C 154 -17.78 7.05 0.78
CA VAL C 154 -18.19 7.76 1.99
C VAL C 154 -17.35 7.36 3.19
N ASP C 155 -17.06 6.07 3.29
CA ASP C 155 -16.25 5.56 4.39
C ASP C 155 -14.81 6.05 4.32
N ASP C 156 -14.16 5.79 3.19
CA ASP C 156 -12.76 6.17 3.00
C ASP C 156 -12.52 7.68 3.06
N ALA C 157 -13.52 8.46 2.67
CA ALA C 157 -13.40 9.93 2.68
C ALA C 157 -13.00 10.43 4.07
N PHE C 158 -13.67 9.90 5.09
CA PHE C 158 -13.37 10.28 6.47
C PHE C 158 -12.16 9.53 6.99
N TYR C 159 -11.97 8.30 6.48
CA TYR C 159 -10.85 7.46 6.90
C TYR C 159 -9.52 8.12 6.52
N THR C 160 -9.37 8.42 5.24
CA THR C 160 -8.15 9.04 4.74
C THR C 160 -7.87 10.37 5.43
N LEU C 161 -8.92 11.11 5.78
CA LEU C 161 -8.76 12.38 6.48
C LEU C 161 -8.02 12.15 7.80
N VAL C 162 -8.44 11.12 8.53
CA VAL C 162 -7.82 10.77 9.80
C VAL C 162 -6.44 10.17 9.55
N ARG C 163 -6.32 9.43 8.46
CA ARG C 163 -5.05 8.81 8.07
C ARG C 163 -3.96 9.86 7.84
N GLU C 164 -4.32 10.96 7.19
CA GLU C 164 -3.37 12.04 6.93
C GLU C 164 -2.95 12.70 8.24
N ILE C 165 -3.90 12.84 9.16
CA ILE C 165 -3.63 13.43 10.46
C ILE C 165 -2.65 12.54 11.23
N ARG C 166 -2.83 11.24 11.09
CA ARG C 166 -1.95 10.26 11.75
C ARG C 166 -0.53 10.40 11.26
N LYS C 167 -0.36 10.53 9.94
CA LYS C 167 0.96 10.69 9.36
C LYS C 167 1.56 12.03 9.75
N HIS C 168 0.68 13.02 9.92
CA HIS C 168 1.10 14.37 10.30
C HIS C 168 1.62 14.35 11.73
N LYS C 169 1.15 13.39 12.52
CA LYS C 169 1.58 13.26 13.90
C LYS C 169 3.03 12.80 13.96
N GLU C 170 3.39 11.90 13.05
CA GLU C 170 4.75 11.38 12.98
C GLU C 170 5.73 12.52 12.75
N LYS C 171 5.44 13.35 11.74
CA LYS C 171 6.30 14.48 11.41
C LYS C 171 6.37 15.48 12.56
N MET C 172 5.28 15.58 13.31
CA MET C 172 5.20 16.48 14.46
C MET C 172 5.96 15.94 15.65
N SER C 173 6.01 14.62 15.77
CA SER C 173 6.71 13.97 16.87
C SER C 173 8.21 14.01 16.62
N LYS C 174 8.60 13.89 15.36
CA LYS C 174 10.00 13.90 14.97
C LYS C 174 10.50 15.34 14.85
N ASP C 175 9.59 16.24 14.47
CA ASP C 175 9.91 17.67 14.30
C ASP C 175 10.85 17.88 13.11
N GLY C 176 10.89 16.89 12.24
CA GLY C 176 11.74 16.96 11.06
C GLY C 176 13.22 16.89 11.42
N LYS C 177 14.04 17.56 10.63
CA LYS C 177 15.48 17.56 10.86
C LYS C 177 15.85 18.61 11.91
N LYS C 178 17.06 18.49 12.44
CA LYS C 178 17.54 19.43 13.45
C LYS C 178 18.65 20.28 12.88
N LYS C 179 18.62 21.58 13.20
CA LYS C 179 19.63 22.50 12.71
C LYS C 179 20.97 22.28 13.39
N LYS C 180 21.86 21.60 12.70
CA LYS C 180 23.19 21.30 13.21
C LYS C 180 24.11 22.50 13.07
N LYS C 181 23.72 23.43 12.20
CA LYS C 181 24.48 24.66 11.93
C LYS C 181 25.77 24.37 11.17
N LYS C 182 25.81 24.82 9.93
CA LYS C 182 26.98 24.60 9.07
C LYS C 182 27.53 25.92 8.58
N SER C 183 28.77 26.22 8.96
CA SER C 183 29.47 27.44 8.56
C SER C 183 28.87 28.70 9.21
N LYS C 184 29.60 29.81 9.13
CA LYS C 184 29.14 31.05 9.73
C LYS C 184 29.79 32.26 9.06
N THR C 185 31.12 32.25 8.98
CA THR C 185 31.85 33.34 8.36
C THR C 185 32.75 32.82 7.24
N LYS C 186 32.86 33.61 6.17
CA LYS C 186 33.68 33.26 5.01
C LYS C 186 33.12 32.01 4.33
N CYS C 187 31.81 32.00 4.15
CA CYS C 187 31.14 30.87 3.52
C CYS C 187 31.09 31.06 2.00
C1 PCW D . 6.94 4.01 10.23
C2 PCW D . 8.29 4.47 9.53
C3 PCW D . 9.35 4.88 10.61
C4 PCW D . 5.62 7.82 8.21
C5 PCW D . 6.73 8.13 7.19
C6 PCW D . 6.78 10.54 6.35
C7 PCW D . 8.73 9.58 7.50
C8 PCW D . 8.00 9.07 5.88
C11 PCW D . 10.89 6.61 9.95
C12 PCW D . 12.20 6.79 9.23
C13 PCW D . 13.33 6.93 10.31
C14 PCW D . 14.74 7.13 9.77
C15 PCW D . 15.29 8.59 9.77
C16 PCW D . 15.83 8.98 11.20
C17 PCW D . 16.75 7.95 11.93
C18 PCW D . 18.01 7.59 11.14
C19 PCW D . 19.07 6.83 11.97
C20 PCW D . 18.89 5.51 12.37
C21 PCW D . 17.79 4.54 12.15
C22 PCW D . 18.44 3.12 12.15
C23 PCW D . 17.50 1.91 11.93
C24 PCW D . 18.02 0.56 12.35
C25 PCW D . 17.28 -0.29 13.42
C26 PCW D . 17.90 -0.36 14.79
C27 PCW D . 16.95 -0.48 16.00
C28 PCW D . 17.70 -1.07 17.18
C31 PCW D . 9.15 3.64 7.48
C32 PCW D . 9.73 2.38 6.80
C33 PCW D . 8.65 1.29 6.34
C34 PCW D . 9.17 0.38 5.23
C35 PCW D . 9.63 -0.96 5.95
C36 PCW D . 8.98 -2.21 5.34
C37 PCW D . 9.39 -3.57 5.99
C38 PCW D . 9.97 -4.52 5.00
C39 PCW D . 10.37 -5.83 5.61
C40 PCW D . 9.83 -7.03 5.38
C41 PCW D . 8.68 -7.27 4.41
C42 PCW D . 8.13 -8.75 4.65
C43 PCW D . 8.66 -9.86 3.77
C44 PCW D . 7.96 -11.14 4.22
C45 PCW D . 8.69 -11.92 5.29
C46 PCW D . 9.33 -13.18 4.79
C47 PCW D . 9.78 -14.17 5.85
C48 PCW D . 10.41 -15.42 5.21
N PCW D . 7.33 9.44 7.16
O2 PCW D . 8.86 3.33 8.75
O3 PCW D . 10.56 5.28 9.96
O11 PCW D . 10.24 7.49 10.43
O31 PCW D . 8.98 4.75 6.93
O1P PCW D . 3.89 6.24 9.91
O2P PCW D . 5.82 6.34 11.48
O3P PCW D . 5.76 4.57 9.62
O4P PCW D . 6.20 6.92 9.17
P PCW D . 5.36 6.05 10.10
C1 PCW E . 7.21 -9.15 29.37
C2 PCW E . 8.77 -8.89 29.32
C3 PCW E . 9.54 -10.23 29.66
C4 PCW E . 4.72 -5.28 27.76
C5 PCW E . 5.20 -3.83 27.74
C6 PCW E . 4.88 -2.99 25.35
C7 PCW E . 4.17 -1.62 27.26
C8 PCW E . 5.89 -2.13 26.81
C11 PCW E . 11.68 -10.24 30.74
C12 PCW E . 13.14 -9.94 30.48
C13 PCW E . 13.87 -11.31 30.24
C14 PCW E . 15.38 -11.20 29.95
C15 PCW E . 16.31 -11.63 31.13
C16 PCW E . 15.98 -13.08 31.62
C17 PCW E . 16.87 -14.25 31.07
C18 PCW E . 18.02 -14.63 31.99
C19 PCW E . 18.22 -16.15 32.11
C20 PCW E . 18.92 -16.90 31.17
C21 PCW E . 19.60 -16.53 29.91
C22 PCW E . 20.15 -17.85 29.29
C23 PCW E . 19.19 -18.66 28.38
C24 PCW E . 18.87 -20.06 28.78
C25 PCW E . 17.44 -20.46 29.22
C26 PCW E . 17.20 -20.60 30.72
C27 PCW E . 15.77 -20.34 31.25
C28 PCW E . 15.46 -21.27 32.40
C31 PCW E . 9.96 -7.41 27.89
C32 PCW E . 10.28 -7.13 26.42
C33 PCW E . 11.75 -7.52 25.94
C34 PCW E . 11.79 -8.32 24.64
C35 PCW E . 13.33 -8.50 24.28
C36 PCW E . 13.87 -9.88 24.68
C37 PCW E . 15.39 -10.13 24.36
C38 PCW E . 15.72 -11.59 24.38
C39 PCW E . 17.17 -11.85 24.08
C40 PCW E . 17.76 -13.05 23.95
C41 PCW E . 17.02 -14.37 24.10
C42 PCW E . 17.92 -15.51 23.44
C43 PCW E . 17.53 -16.96 23.68
C44 PCW E . 18.54 -17.82 22.95
C45 PCW E . 18.42 -19.30 23.20
C46 PCW E . 18.96 -20.16 22.08
C47 PCW E . 19.44 -21.54 22.47
C48 PCW E . 19.95 -22.31 21.24
N PCW E . 4.62 -2.93 26.80
O2 PCW E . 9.17 -8.48 27.95
O3 PCW E . 10.95 -9.99 29.61
O11 PCW E . 11.23 -10.62 31.79
O31 PCW E . 10.36 -6.73 28.88
O1P PCW E . 3.98 -7.90 28.78
O2P PCW E . 5.52 -7.27 30.65
O3P PCW E . 6.45 -8.30 28.48
O4P PCW E . 5.65 -6.02 28.62
P PCW E . 5.33 -7.38 29.18
C1 PCW F . -31.51 -0.03 -8.48
C2 PCW F . -31.68 -1.58 -8.74
C3 PCW F . -32.54 -1.81 -10.03
C4 PCW F . -27.00 0.36 -10.09
C5 PCW F . -26.17 -0.88 -10.41
C6 PCW F . -24.10 0.36 -11.25
C7 PCW F . -23.93 -1.95 -10.44
C8 PCW F . -24.87 -1.33 -11.92
C11 PCW F . -32.24 -3.75 -11.43
C12 PCW F . -32.53 -5.22 -11.47
C13 PCW F . -33.62 -5.48 -12.59
C14 PCW F . -34.05 -6.94 -12.77
C15 PCW F . -35.36 -7.16 -13.58
C16 PCW F . -35.56 -8.68 -13.92
C17 PCW F . -36.52 -9.03 -15.11
C18 PCW F . -36.93 -10.50 -15.15
C19 PCW F . -38.46 -10.71 -15.03
C20 PCW F . -39.14 -11.72 -15.70
C21 PCW F . -38.68 -12.79 -16.63
C22 PCW F . -39.78 -13.88 -16.62
C23 PCW F . -39.97 -14.72 -17.91
C24 PCW F . -38.77 -15.45 -18.43
C25 PCW F . -38.65 -16.99 -18.30
C26 PCW F . -37.42 -17.52 -17.60
C27 PCW F . -37.46 -18.94 -17.02
C28 PCW F . -36.06 -19.49 -16.89
C31 PCW F . -30.15 -3.31 -8.22
C32 PCW F . -28.75 -3.85 -8.56
C33 PCW F . -28.71 -5.10 -9.56
C34 PCW F . -28.90 -6.44 -8.83
C35 PCW F . -30.33 -6.97 -9.25
C36 PCW F . -30.35 -8.48 -9.52
C37 PCW F . -31.73 -9.07 -9.94
C38 PCW F . -32.12 -10.23 -9.09
C39 PCW F . -33.46 -10.82 -9.47
C40 PCW F . -33.72 -12.10 -9.72
C41 PCW F . -32.69 -13.21 -9.67
C42 PCW F . -33.39 -14.51 -9.05
C43 PCW F . -33.38 -15.79 -9.86
C44 PCW F . -34.10 -16.84 -9.03
C45 PCW F . -35.60 -16.82 -9.13
C46 PCW F . -36.14 -17.61 -10.29
C47 PCW F . -37.02 -18.80 -9.95
C48 PCW F . -37.50 -19.51 -11.22
N PCW F . -24.75 -0.76 -10.54
O2 PCW F . -30.35 -2.21 -8.95
O3 PCW F . -32.70 -3.23 -10.25
O11 PCW F . -31.71 -3.12 -12.30
O31 PCW F . -30.96 -3.82 -7.41
O1P PCW F . -28.72 2.31 -8.78
O2P PCW F . -29.05 0.45 -7.16
O3P PCW F . -30.48 0.57 -9.31
O4P PCW F . -28.13 -0.09 -9.29
P PCW F . -29.07 0.86 -8.57
C1 PCW G . 14.68 18.83 -6.80
C2 PCW G . 16.00 18.09 -7.24
C3 PCW G . 17.23 19.06 -7.10
C4 PCW G . 16.10 17.59 -2.76
C5 PCW G . 15.95 17.56 -1.24
C6 PCW G . 16.90 18.68 0.84
C7 PCW G . 15.43 19.92 -0.69
C8 PCW G . 15.01 18.45 0.34
C11 PCW G . 19.53 18.49 -6.70
C12 PCW G . 20.66 17.69 -7.31
C13 PCW G . 22.03 18.35 -6.87
C14 PCW G . 23.29 17.67 -7.41
C15 PCW G . 23.95 16.62 -6.46
C16 PCW G . 25.47 16.43 -6.81
C17 PCW G . 26.04 14.98 -6.76
C18 PCW G . 27.48 14.90 -6.23
C19 PCW G . 28.13 13.51 -6.42
C20 PCW G . 29.10 13.02 -5.56
C21 PCW G . 29.74 13.59 -4.35
C22 PCW G . 31.26 13.28 -4.46
C23 PCW G . 32.18 13.78 -3.32
C24 PCW G . 32.08 13.04 -2.02
C25 PCW G . 32.84 13.55 -0.75
C26 PCW G . 33.96 12.67 -0.23
C27 PCW G . 35.39 13.26 -0.19
C28 PCW G . 36.37 12.27 -0.77
C31 PCW G . 16.14 15.75 -6.94
C32 PCW G . 16.43 14.65 -5.91
C33 PCW G . 17.34 13.44 -6.43
C34 PCW G . 18.84 13.70 -6.26
C35 PCW G . 19.36 14.09 -7.71
C36 PCW G . 20.89 13.90 -7.85
C37 PCW G . 21.47 14.26 -9.26
C38 PCW G . 21.52 13.08 -10.16
C39 PCW G . 22.08 13.41 -11.52
C40 PCW G . 21.82 12.78 -12.67
C41 PCW G . 20.91 11.58 -12.80
C42 PCW G . 20.41 11.49 -14.31
C43 PCW G . 20.25 10.12 -14.94
C44 PCW G . 19.78 10.33 -16.36
C45 PCW G . 19.91 9.13 -17.27
C46 PCW G . 18.85 9.05 -18.32
C47 PCW G . 18.70 7.72 -19.03
C48 PCW G . 17.59 7.77 -20.07
N PCW G . 16.23 18.73 -0.48
O2 PCW G . 16.25 16.92 -6.34
O3 PCW G . 18.43 18.37 -7.49
O11 PCW G . 19.60 19.12 -5.68
O31 PCW G . 15.85 15.55 -8.16
O1P PCW G . 15.71 19.87 -4.47
O2P PCW G . 13.38 19.78 -3.60
O3P PCW G . 14.07 18.31 -5.60
O4P PCW G . 14.79 17.86 -3.31
P PCW G . 14.50 19.03 -4.22
C1 PCW H . 9.44 2.47 22.90
C2 PCW H . 10.64 1.72 23.59
C3 PCW H . 10.10 0.53 24.47
C4 PCW H . 12.15 5.66 24.16
C5 PCW H . 13.39 4.83 23.82
C6 PCW H . 15.36 6.34 24.43
C7 PCW H . 15.43 3.93 24.91
C8 PCW H . 15.35 4.76 23.25
C11 PCW H . 11.02 -1.44 25.47
C12 PCW H . 12.28 -1.96 26.10
C13 PCW H . 13.15 -2.66 25.00
C14 PCW H . 14.48 -3.24 25.48
C15 PCW H . 15.60 -3.36 24.41
C16 PCW H . 16.37 -2.00 24.24
C17 PCW H . 17.79 -1.88 24.89
C18 PCW H . 18.84 -2.76 24.20
C19 PCW H . 19.67 -1.98 23.15
C20 PCW H . 20.62 -2.61 22.35
C21 PCW H . 21.08 -4.01 22.26
C22 PCW H . 20.68 -4.52 20.85
C23 PCW H . 19.37 -5.35 20.73
C24 PCW H . 19.47 -6.81 20.97
C25 PCW H . 19.77 -7.80 19.80
C26 PCW H . 18.94 -9.07 19.77
C27 PCW H . 19.27 -10.18 20.78
C28 PCW H . 19.91 -11.36 20.07
C31 PCW H . 12.84 1.24 22.82
C32 PCW H . 13.61 0.60 21.67
C33 PCW H . 14.34 1.63 20.68
C34 PCW H . 14.84 0.98 19.39
C35 PCW H . 13.66 1.13 18.35
C36 PCW H . 12.99 -0.21 18.01
C37 PCW H . 11.81 -0.13 16.99
C38 PCW H . 10.51 -0.51 17.61
C39 PCW H . 9.36 -0.44 16.65
C40 PCW H . 8.21 -1.12 16.70
C41 PCW H . 7.87 -2.12 17.79
C42 PCW H . 6.39 -2.65 17.52
C43 PCW H . 6.09 -4.13 17.74
C44 PCW H . 4.63 -4.34 17.41
C45 PCW H . 4.29 -5.66 16.75
C46 PCW H . 2.82 -5.90 16.59
C47 PCW H . 2.41 -7.31 16.22
C48 PCW H . 0.89 -7.43 16.09
N PCW H . 14.61 5.06 24.51
O2 PCW H . 11.54 1.13 22.56
O3 PCW H . 11.20 -0.14 25.09
O11 PCW H . 10.02 -2.07 25.31
O31 PCW H . 13.35 1.79 23.84
O1P PCW H . 9.86 6.25 22.49
O2P PCW H . 8.62 4.98 24.24
O3P PCW H . 9.79 3.74 22.31
O4P PCW H . 11.02 4.77 24.16
P PCW H . 9.78 5.00 23.31
C1 PCW I . 4.62 11.95 -5.63
C2 PCW I . 3.44 11.06 -6.17
C3 PCW I . 3.43 11.06 -7.74
C4 PCW I . 1.09 14.23 -3.87
C5 PCW I . -0.16 13.43 -4.24
C6 PCW I . -1.10 11.06 -4.32
C7 PCW I . -0.34 12.02 -2.20
C8 PCW I . -1.75 12.57 -3.27
C11 PCW I . 2.07 10.26 -9.54
C12 PCW I . 0.91 9.33 -9.82
C13 PCW I . 1.41 7.85 -9.58
C14 PCW I . 0.36 6.76 -9.81
C15 PCW I . 0.76 5.63 -10.81
C16 PCW I . -0.05 5.75 -12.14
C17 PCW I . -0.89 4.51 -12.58
C18 PCW I . -0.17 3.58 -13.54
C19 PCW I . -0.90 2.23 -13.76
C20 PCW I . -1.07 1.67 -15.02
C21 PCW I . -0.64 2.10 -16.37
C22 PCW I . 0.49 1.13 -16.82
C23 PCW I . 1.90 1.73 -17.06
C24 PCW I . 3.01 1.21 -16.20
C25 PCW I . 4.37 1.95 -16.10
C26 PCW I . 4.34 3.35 -15.53
C27 PCW I . 3.77 3.54 -14.11
C28 PCW I . 3.60 5.01 -13.80
C31 PCW I . 2.68 9.21 -4.90
C32 PCW I . 3.01 7.76 -4.53
C33 PCW I . 4.12 7.58 -3.38
C34 PCW I . 5.51 7.27 -3.94
C35 PCW I . 6.49 7.40 -2.71
C36 PCW I . 7.97 7.55 -3.15
C37 PCW I . 9.01 7.68 -1.98
C38 PCW I . 9.95 6.53 -1.94
C39 PCW I . 10.95 6.63 -0.82
C40 PCW I . 11.44 5.64 -0.08
C41 PCW I . 11.04 4.19 -0.26
C42 PCW I . 12.15 3.46 -1.15
C43 PCW I . 11.70 2.58 -2.30
C44 PCW I . 12.96 2.03 -2.95
C45 PCW I . 12.95 0.55 -3.19
C46 PCW I . 13.92 0.10 -4.25
C47 PCW I . 14.38 -1.34 -4.18
C48 PCW I . 15.36 -1.67 -5.32
N PCW I . -0.37 12.14 -3.64
O2 PCW I . 3.62 9.65 -5.72
O3 PCW I . 2.36 10.23 -8.21
O11 PCW I . 2.64 10.92 -10.37
O31 PCW I . 1.67 9.87 -4.48
O1P PCW I . 3.93 14.15 -2.50
O2P PCW I . 2.85 12.48 -2.97
O3P PCW I . 4.55 12.24 -4.22
O4P PCW I . 2.22 13.51 -4.45
P PCW I . 3.60 13.46 -3.82
C1 PCW J . 13.46 13.93 -4.03
C2 PCW J . 13.05 12.41 -3.91
C3 PCW J . 12.86 11.79 -5.34
C4 PCW J . 11.34 13.96 -0.39
C5 PCW J . 10.29 12.86 -0.59
C6 PCW J . 8.99 13.50 1.35
C7 PCW J . 10.31 11.56 1.43
C8 PCW J . 8.40 11.48 0.18
C11 PCW J . 12.15 9.74 -6.36
C12 PCW J . 11.81 8.31 -6.01
C13 PCW J . 13.18 7.53 -5.86
C14 PCW J . 13.04 6.05 -5.51
C15 PCW J . 14.37 5.31 -5.18
C16 PCW J . 15.34 5.31 -6.42
C17 PCW J . 16.86 5.55 -6.13
C18 PCW J . 17.16 6.92 -5.52
C19 PCW J . 17.13 8.07 -6.57
C20 PCW J . 18.22 8.86 -6.84
C21 PCW J . 19.61 8.89 -6.28
C22 PCW J . 20.45 9.81 -7.23
C23 PCW J . 21.98 9.57 -7.26
C24 PCW J . 22.68 9.85 -8.56
C25 PCW J . 23.60 8.79 -9.22
C26 PCW J . 24.88 9.29 -9.84
C27 PCW J . 26.21 9.06 -9.07
C28 PCW J . 26.79 10.38 -8.63
C31 PCW J . 13.74 11.02 -2.12
C32 PCW J . 14.95 10.26 -1.54
C33 PCW J . 14.68 8.72 -1.18
C34 PCW J . 15.97 7.92 -0.95
C35 PCW J . 15.57 6.41 -1.25
C36 PCW J . 16.78 5.56 -1.67
C37 PCW J . 16.49 4.06 -1.98
C38 PCW J . 17.53 3.44 -2.85
C39 PCW J . 17.27 1.99 -3.16
C40 PCW J . 17.47 1.36 -4.31
C41 PCW J . 18.06 2.03 -5.55
C42 PCW J . 18.53 0.89 -6.56
C43 PCW J . 17.64 0.53 -7.72
C44 PCW J . 18.35 -0.57 -8.50
C45 PCW J . 17.69 -1.92 -8.45
C46 PCW J . 18.65 -3.07 -8.37
C47 PCW J . 18.49 -4.01 -7.21
C48 PCW J . 19.54 -5.13 -7.24
N PCW J . 9.54 12.38 0.54
O2 PCW J . 14.13 11.63 -3.24
O3 PCW J . 12.50 10.41 -5.22
O11 PCW J . 12.11 10.22 -7.46
O31 PCW J . 12.58 11.04 -1.62
O1P PCW J . 13.47 15.89 -0.73
O2P PCW J . 12.23 16.46 -2.82
O3P PCW J . 13.92 14.51 -2.79
O4P PCW J . 11.73 14.39 -1.72
P PCW J . 12.83 15.39 -1.99
C1 PCW K . -22.29 -15.30 22.14
C2 PCW K . -22.27 -16.86 21.95
C3 PCW K . -22.45 -17.58 23.34
C4 PCW K . -24.98 -11.69 20.31
C5 PCW K . -24.19 -10.55 19.67
C6 PCW K . -25.35 -8.43 19.82
C7 PCW K . -26.02 -9.99 18.22
C8 PCW K . -24.07 -8.88 17.83
C11 PCW K . -23.48 -19.73 23.62
C12 PCW K . -23.25 -21.18 23.30
C13 PCW K . -22.61 -21.86 24.57
C14 PCW K . -22.32 -23.35 24.42
C15 PCW K . -21.00 -23.72 23.68
C16 PCW K . -20.73 -25.26 23.75
C17 PCW K . -21.14 -26.12 22.51
C18 PCW K . -20.50 -27.50 22.48
C19 PCW K . -21.33 -28.54 21.70
C20 PCW K . -20.75 -29.59 21.01
C21 PCW K . -19.33 -30.00 20.81
C22 PCW K . -19.37 -31.37 20.07
C23 PCW K . -18.01 -32.11 19.86
C24 PCW K . -17.92 -33.51 20.40
C25 PCW K . -16.63 -34.35 20.18
C26 PCW K . -16.71 -35.82 20.57
C27 PCW K . -15.49 -36.44 21.31
C28 PCW K . -15.30 -37.87 20.88
C31 PCW K . -23.05 -18.15 20.12
C32 PCW K . -24.31 -18.49 19.31
C33 PCW K . -24.50 -17.67 17.95
C34 PCW K . -23.32 -17.80 16.98
C35 PCW K . -23.35 -19.29 16.47
C36 PCW K . -22.82 -19.44 15.03
C37 PCW K . -22.82 -20.90 14.47
C38 PCW K . -24.17 -21.31 13.97
C39 PCW K . -24.19 -22.72 13.42
C40 PCW K . -24.73 -23.80 14.00
C41 PCW K . -25.43 -23.78 15.34
C42 PCW K . -24.33 -24.03 16.48
C43 PCW K . -24.28 -23.09 17.66
C44 PCW K . -23.16 -23.55 18.57
C45 PCW K . -22.46 -22.48 19.35
C46 PCW K . -21.10 -22.88 19.84
C47 PCW K . -20.20 -21.75 20.27
C48 PCW K . -18.84 -22.30 20.74
N PCW K . -24.87 -9.51 18.93
O2 PCW K . -23.39 -17.30 21.08
O3 PCW K . -22.42 -19.00 23.15
O11 PCW K . -24.44 -19.28 24.18
O31 PCW K . -21.89 -18.60 19.90
O1P PCW K . -25.61 -14.35 21.30
O2P PCW K . -24.26 -13.63 23.27
O3P PCW K . -23.11 -14.60 21.18
O4P PCW K . -24.06 -12.36 21.23
P PCW K . -24.33 -13.75 21.79
C1 PCW L . -10.76 4.79 -4.47
C2 PCW L . -9.48 3.92 -4.80
C3 PCW L . -8.49 3.97 -3.58
C4 PCW L . -11.34 2.56 -0.57
C5 PCW L . -11.98 1.26 -0.09
C6 PCW L . -12.99 2.08 1.95
C7 PCW L . -13.61 -0.01 1.12
C8 PCW L . -14.39 1.81 0.01
C11 PCW L . -6.88 2.32 -2.91
C12 PCW L . -5.65 1.60 -3.42
C13 PCW L . -5.85 0.05 -3.20
C14 PCW L . -4.69 -0.82 -3.65
C15 PCW L . -4.46 -2.12 -2.83
C16 PCW L . -3.15 -2.02 -1.96
C17 PCW L . -3.28 -1.29 -0.57
C18 PCW L . -2.27 -1.79 0.47
C19 PCW L . -1.26 -0.71 0.89
C20 PCW L . 0.03 -0.67 0.42
C21 PCW L . 0.76 -1.55 -0.54
C22 PCW L . 2.16 -0.89 -0.77
C23 PCW L . 3.41 -1.76 -0.50
C24 PCW L . 4.72 -1.03 -0.44
C25 PCW L . 5.41 -0.48 -1.73
C26 PCW L . 6.75 -1.08 -2.09
C27 PCW L . 6.79 -2.57 -2.51
C28 PCW L . 6.60 -2.70 -4.01
C31 PCW L . -10.59 2.27 -6.10
C32 PCW L . -10.88 0.76 -6.17
C33 PCW L . -10.88 0.12 -7.65
C34 PCW L . -10.21 -1.24 -7.73
C35 PCW L . -10.03 -1.54 -9.27
C36 PCW L . -8.55 -1.65 -9.69
C37 PCW L . -8.29 -1.95 -11.20
C38 PCW L . -7.82 -0.73 -11.93
C39 PCW L . -7.57 -0.99 -13.39
C40 PCW L . -7.34 -0.09 -14.34
C41 PCW L . -7.29 1.41 -14.08
C42 PCW L . -6.02 2.00 -14.86
C43 PCW L . -5.83 3.49 -14.90
C44 PCW L . -4.56 3.76 -15.70
C45 PCW L . -3.73 4.93 -15.24
C46 PCW L . -3.02 5.65 -16.34
C47 PCW L . -3.73 6.84 -16.93
C48 PCW L . -2.89 7.49 -18.05
N PCW L . -13.18 1.29 0.70
O2 PCW L . -9.85 2.49 -5.02
O3 PCW L . -7.33 3.18 -3.88
O11 PCW L . -7.37 2.16 -1.84
O31 PCW L . -11.01 3.14 -6.92
O1P PCW L . -10.80 5.18 -1.75
O2P PCW L . -13.28 5.22 -2.03
O3P PCW L . -11.80 4.06 -3.78
O4P PCW L . -12.24 3.12 -1.57
P PCW L . -12.02 4.47 -2.23
C1 PCW M . -8.72 -9.63 28.45
C2 PCW M . -8.06 -11.02 28.13
C3 PCW M . -9.08 -11.94 27.37
C4 PCW M . -8.80 -6.48 25.51
C5 PCW M . -7.90 -6.74 24.30
C6 PCW M . -9.64 -5.98 22.59
C7 PCW M . -7.27 -6.18 21.96
C8 PCW M . -8.43 -7.53 22.48
C11 PCW M . -9.03 -14.33 27.61
C12 PCW M . -8.22 -15.53 27.21
C13 PCW M . -9.14 -16.49 26.38
C14 PCW M . -8.47 -17.78 25.89
C15 PCW M . -9.41 -18.84 25.27
C16 PCW M . -9.84 -18.44 23.82
C17 PCW M . -11.34 -18.03 23.61
C18 PCW M . -12.28 -19.22 23.37
C19 PCW M . -12.93 -19.73 24.68
C20 PCW M . -14.29 -19.63 24.91
C21 PCW M . -15.42 -19.09 24.11
C22 PCW M . -15.78 -20.17 23.05
C23 PCW M . -16.21 -19.68 21.65
C24 PCW M . -15.27 -19.92 20.52
C25 PCW M . -15.77 -20.47 19.15
C26 PCW M . -16.47 -19.48 18.24
C27 PCW M . -17.69 -19.99 17.44
C28 PCW M . -18.87 -19.07 17.64
C31 PCW M . -5.72 -10.93 27.87
C32 PCW M . -4.59 -10.72 26.84
C33 PCW M . -3.19 -11.42 27.16
C34 PCW M . -3.32 -12.83 27.73
C35 PCW M . -2.98 -13.82 26.54
C36 PCW M . -3.33 -15.29 26.89
C37 PCW M . -3.02 -16.33 25.77
C38 PCW M . -3.41 -17.71 26.19
C39 PCW M . -3.12 -18.74 25.13
C40 PCW M . -4.00 -19.37 24.34
C41 PCW M . -5.50 -19.12 24.39
C42 PCW M . -6.19 -19.98 23.23
C43 PCW M . -7.05 -21.17 23.60
C44 PCW M . -7.56 -21.77 22.31
C45 PCW M . -7.40 -23.27 22.19
C46 PCW M . -7.89 -23.83 20.89
C47 PCW M . -7.32 -25.18 20.49
C48 PCW M . -7.89 -25.65 19.14
N PCW M . -8.24 -6.16 23.03
O2 PCW M . -6.88 -10.84 27.24
O3 PCW M . -8.46 -13.20 27.09
O11 PCW M . -10.02 -14.35 28.29
O31 PCW M . -5.54 -11.15 29.11
O1P PCW M . -10.03 -7.29 28.00
O2P PCW M . -8.10 -6.06 29.00
O3P PCW M . -7.83 -8.51 28.26
O4P PCW M . -7.97 -6.67 26.69
P PCW M . -8.55 -7.09 28.03
C1 PCW N . -5.57 5.56 -5.69
C2 PCW N . -4.92 4.16 -5.98
C3 PCW N . -5.82 3.34 -6.97
C4 PCW N . -7.57 8.59 -5.08
C5 PCW N . -8.03 9.67 -6.05
C6 PCW N . -9.74 10.03 -7.71
C7 PCW N . -8.73 7.93 -7.55
C8 PCW N . -7.49 9.61 -8.46
C11 PCW N . -6.03 1.03 -7.60
C12 PCW N . -5.20 -0.20 -7.83
C13 PCW N . -5.81 -1.38 -6.99
C14 PCW N . -5.08 -2.72 -7.10
C15 PCW N . -5.63 -3.70 -8.18
C16 PCW N . -4.45 -4.35 -8.99
C17 PCW N . -4.48 -4.18 -10.55
C18 PCW N . -5.35 -5.21 -11.26
C19 PCW N . -4.70 -6.62 -11.30
C20 PCW N . -4.63 -7.36 -12.47
C21 PCW N . -5.09 -7.10 -13.85
C22 PCW N . -3.81 -6.84 -14.70
C23 PCW N . -3.56 -5.38 -15.17
C24 PCW N . -2.14 -4.92 -15.22
C25 PCW N . -1.32 -5.02 -16.54
C26 PCW N . -0.45 -6.25 -16.70
C27 PCW N . -0.25 -6.82 -18.12
C28 PCW N . -1.09 -8.07 -18.30
C31 PCW N . -2.61 3.64 -6.05
C32 PCW N . -1.31 3.91 -6.81
C33 PCW N . -0.97 2.88 -7.99
C34 PCW N . 0.32 2.09 -7.76
C35 PCW N . 1.17 2.27 -9.08
C36 PCW N . 1.92 0.98 -9.50
C37 PCW N . 2.78 1.10 -10.80
C38 PCW N . 3.41 -0.21 -11.17
C39 PCW N . 4.25 -0.11 -12.41
C40 PCW N . 4.97 -1.08 -12.97
C41 PCW N . 5.09 -2.49 -12.41
C42 PCW N . 5.82 -3.40 -13.50
C43 PCW N . 7.34 -3.34 -13.59
C44 PCW N . 7.75 -4.29 -14.70
C45 PCW N . 8.57 -3.67 -15.80
C46 PCW N . 9.25 -4.68 -16.69
C47 PCW N . 10.74 -4.83 -16.52
C48 PCW N . 11.29 -5.89 -17.49
N PCW N . -8.48 9.33 -7.38
O2 PCW N . -3.58 4.33 -6.62
O3 PCW N . -5.21 2.06 -7.23
O11 PCW N . -7.22 1.10 -7.73
O31 PCW N . -2.73 2.86 -5.04
O1P PCW N . -6.05 7.00 -3.18
O2P PCW N . -4.23 8.62 -3.73
O3P PCW N . -4.65 6.57 -5.23
O4P PCW N . -6.12 8.49 -5.20
P PCW N . -5.26 7.68 -4.24
C1 PCW O . -12.84 -5.59 19.57
C2 PCW O . -11.76 -6.73 19.32
C3 PCW O . -12.48 -8.07 18.95
C4 PCW O . -14.95 -4.76 15.30
C5 PCW O . -16.20 -4.08 14.74
C6 PCW O . -15.80 -4.16 12.37
C7 PCW O . -17.98 -3.88 13.16
C8 PCW O . -17.06 -5.95 13.36
C11 PCW O . -11.28 -9.50 17.44
C12 PCW O . -10.21 -10.56 17.42
C13 PCW O . -10.92 -11.95 17.60
C14 PCW O . -9.97 -13.15 17.61
C15 PCW O . -10.44 -14.38 18.43
C16 PCW O . -9.40 -14.74 19.56
C17 PCW O . -8.39 -15.89 19.26
C18 PCW O . -9.02 -17.29 19.31
C19 PCW O . -9.25 -17.90 17.91
C20 PCW O . -10.38 -18.66 17.61
C21 PCW O . -11.55 -19.07 18.41
C22 PCW O . -11.32 -20.57 18.79
C23 PCW O . -11.14 -20.90 20.29
C24 PCW O . -11.28 -22.35 20.68
C25 PCW O . -12.57 -22.86 21.39
C26 PCW O . -12.47 -23.09 22.89
C27 PCW O . -13.38 -24.17 23.51
C28 PCW O . -12.78 -24.65 24.82
C31 PCW O . -9.70 -5.92 18.50
C32 PCW O . -8.91 -5.58 17.22
C33 PCW O . -7.60 -6.46 16.98
C34 PCW O . -6.31 -5.73 17.31
C35 PCW O . -5.17 -6.52 16.55
C36 PCW O . -4.21 -5.58 15.78
C37 PCW O . -3.07 -6.30 15.00
C38 PCW O . -3.42 -6.47 13.56
C39 PCW O . -2.33 -7.16 12.77
C40 PCW O . -2.38 -8.39 12.26
C41 PCW O . -3.57 -9.32 12.40
C42 PCW O . -3.24 -10.67 11.63
C43 PCW O . -3.80 -11.97 12.18
C44 PCW O . -3.32 -13.08 11.26
C45 PCW O . -2.34 -14.06 11.87
C46 PCW O . -1.33 -14.58 10.90
C47 PCW O . 0.00 -13.86 10.86
C48 PCW O . 0.93 -14.50 9.83
N PCW O . -16.73 -4.49 13.47
O2 PCW O . -10.90 -6.36 18.15
O3 PCW O . -11.49 -9.09 18.72
O11 PCW O . -11.85 -9.08 16.47
O31 PCW O . -9.25 -5.78 19.68
O1P PCW O . -14.92 -6.48 17.63
O2P PCW O . -15.70 -4.43 18.79
O3P PCW O . -13.19 -4.83 18.40
O4P PCW O . -14.72 -4.19 16.62
P PCW O . -14.70 -5.02 17.89
C1 PCW P . -21.58 -6.12 2.30
C2 PCW P . -22.25 -7.16 1.33
C3 PCW P . -21.16 -7.95 0.53
C4 PCW P . -21.47 -2.20 3.65
C5 PCW P . -21.24 -1.35 4.90
C6 PCW P . -20.25 -2.93 6.63
C7 PCW P . -19.38 -0.64 6.38
C8 PCW P . -21.07 -1.17 6.93
C11 PCW P . -22.12 -8.52 -1.61
C12 PCW P . -22.75 -9.67 -2.33
C13 PCW P . -21.77 -10.11 -3.50
C14 PCW P . -22.26 -11.28 -4.34
C15 PCW P . -23.48 -11.00 -5.26
C16 PCW P . -23.96 -12.32 -5.97
C17 PCW P . -25.51 -12.54 -6.12
C18 PCW P . -25.87 -13.95 -6.55
C19 PCW P . -27.39 -14.26 -6.42
C20 PCW P . -27.99 -15.35 -7.01
C21 PCW P . -27.46 -16.45 -7.86
C22 PCW P . -27.69 -16.02 -9.33
C23 PCW P . -26.44 -15.86 -10.24
C24 PCW P . -26.44 -14.70 -11.19
C25 PCW P . -25.73 -14.79 -12.57
C26 PCW P . -26.63 -14.90 -13.79
C27 PCW P . -26.13 -15.73 -14.99
C28 PCW P . -27.04 -16.91 -15.22
C31 PCW P . -24.35 -7.95 2.12
C32 PCW P . -25.02 -9.03 2.98
C33 PCW P . -26.16 -9.89 2.24
C34 PCW P . -26.09 -11.37 2.54
C35 PCW P . -27.50 -11.96 2.10
C36 PCW P . -27.97 -13.11 3.01
C37 PCW P . -29.35 -13.74 2.65
C38 PCW P . -29.27 -14.54 1.39
C39 PCW P . -30.59 -15.15 1.01
C40 PCW P . -30.79 -16.11 0.11
C41 PCW P . -29.69 -16.74 -0.71
C42 PCW P . -30.28 -17.10 -2.15
C43 PCW P . -30.83 -18.49 -2.37
C44 PCW P . -31.33 -18.56 -3.81
C45 PCW P . -31.17 -19.90 -4.49
C46 PCW P . -32.04 -20.98 -3.92
C47 PCW P . -31.66 -22.40 -4.28
C48 PCW P . -32.61 -23.40 -3.63
N PCW P . -20.21 -1.69 5.82
O2 PCW P . -23.03 -8.16 2.14
O3 PCW P . -21.79 -8.91 -0.34
O11 PCW P . -21.93 -7.43 -2.07
O31 PCW P . -24.95 -7.02 1.50
O1P PCW P . -22.79 -3.76 1.60
O2P PCW P . -24.54 -4.05 3.37
O3P PCW P . -22.47 -5.59 3.31
O4P PCW P . -22.36 -3.27 4.03
P PCW P . -23.09 -4.14 3.02
C1 PCW Q . -18.34 1.00 -2.84
C2 PCW Q . -17.76 -0.39 -2.37
C3 PCW Q . -18.83 -1.51 -2.58
C4 PCW Q . -14.19 2.43 -4.48
C5 PCW Q . -14.58 1.88 -5.86
C6 PCW Q . -14.34 4.06 -7.15
C7 PCW Q . -14.14 1.90 -8.31
C8 PCW Q . -15.63 2.60 -7.46
C11 PCW Q . -18.97 -3.90 -2.49
C12 PCW Q . -18.25 -5.11 -1.95
C13 PCW Q . -17.89 -6.05 -3.16
C14 PCW Q . -17.14 -7.33 -2.79
C15 PCW Q . -18.04 -8.52 -2.32
C16 PCW Q . -17.25 -9.45 -1.32
C17 PCW Q . -16.49 -10.67 -1.93
C18 PCW Q . -15.02 -10.75 -1.50
C19 PCW Q . -14.71 -12.02 -0.66
C20 PCW Q . -13.71 -12.04 0.30
C21 PCW Q . -12.74 -11.01 0.75
C22 PCW Q . -12.02 -11.59 2.00
C23 PCW Q . -11.69 -10.62 3.15
C24 PCW Q . -12.79 -10.33 4.13
C25 PCW Q . -12.85 -11.02 5.52
C26 PCW Q . -13.43 -12.43 5.56
C27 PCW Q . -14.97 -12.55 5.64
C28 PCW Q . -15.47 -13.45 4.53
C31 PCW Q . -15.46 -0.97 -2.47
C32 PCW Q . -14.32 -1.34 -3.43
C33 PCW Q . -13.05 -2.04 -2.76
C34 PCW Q . -11.72 -1.35 -3.09
C35 PCW Q . -10.99 -2.32 -4.10
C36 PCW Q . -9.45 -2.24 -3.99
C37 PCW Q . -8.66 -3.18 -4.96
C38 PCW Q . -8.98 -4.62 -4.74
C39 PCW Q . -8.23 -5.54 -5.67
C40 PCW Q . -8.50 -6.82 -5.91
C41 PCW Q . -9.66 -7.59 -5.27
C42 PCW Q . -9.03 -8.76 -4.37
C43 PCW Q . -9.96 -9.87 -3.90
C44 PCW Q . -9.12 -10.84 -3.09
C45 PCW Q . -9.83 -11.49 -1.93
C46 PCW Q . -9.38 -12.89 -1.66
C47 PCW Q . -10.14 -13.64 -0.58
C48 PCW Q . -9.57 -15.06 -0.40
N PCW Q . -14.20 2.59 -7.03
O2 PCW Q . -16.56 -0.75 -3.18
O3 PCW Q . -18.29 -2.77 -2.15
O11 PCW Q . -19.99 -3.93 -3.13
O31 PCW Q . -15.36 -0.90 -1.21
O1P PCW Q . -16.70 3.87 -4.55
O2P PCW Q . -16.78 3.27 -2.14
O3P PCW Q . -17.61 1.61 -3.93
O4P PCW Q . -15.26 2.08 -3.56
P PCW Q . -16.60 2.79 -3.53
C1 PCW R . 8.38 20.97 -15.00
C2 PCW R . 8.94 21.12 -16.47
C3 PCW R . 10.45 20.66 -16.50
C4 PCW R . 7.32 21.07 -11.48
C5 PCW R . 7.55 20.58 -10.05
C6 PCW R . 6.86 19.97 -7.82
C7 PCW R . 5.72 19.09 -9.66
C8 PCW R . 5.35 21.28 -9.16
C11 PCW R . 11.44 22.00 -18.24
C12 PCW R . 11.93 21.90 -19.66
C13 PCW R . 13.22 21.00 -19.66
C14 PCW R . 13.85 20.79 -21.05
C15 PCW R . 13.09 19.83 -22.00
C16 PCW R . 13.58 18.35 -21.80
C17 PCW R . 14.67 17.81 -22.79
C18 PCW R . 14.42 18.17 -24.26
C19 PCW R . 13.81 16.99 -25.06
C20 PCW R . 14.40 16.50 -26.21
C21 PCW R . 15.63 16.89 -26.95
C22 PCW R . 16.30 15.57 -27.43
C23 PCW R . 17.77 15.32 -27.00
C24 PCW R . 18.71 14.87 -28.08
C25 PCW R . 20.16 14.38 -27.73
C26 PCW R . 21.19 14.50 -28.83
C27 PCW R . 22.39 15.45 -28.61
C28 PCW R . 23.67 14.66 -28.56
C31 PCW R . 7.84 20.79 -18.55
C32 PCW R . 7.08 19.75 -19.38
C33 PCW R . 7.99 18.88 -20.37
C34 PCW R . 7.21 18.32 -21.57
C35 PCW R . 8.21 18.43 -22.81
C36 PCW R . 8.08 17.24 -23.78
C37 PCW R . 9.03 17.27 -25.02
C38 PCW R . 8.38 17.91 -26.20
C39 PCW R . 9.28 17.96 -27.41
C40 PCW R . 9.22 17.18 -28.48
C41 PCW R . 8.18 16.09 -28.68
C42 PCW R . 7.58 16.25 -30.15
C43 PCW R . 6.13 16.67 -30.29
C44 PCW R . 5.83 16.74 -31.78
C45 PCW R . 5.11 15.55 -32.35
C46 PCW R . 3.64 15.54 -32.07
C47 PCW R . 3.04 14.24 -31.58
C48 PCW R . 1.53 14.37 -31.33
N PCW R . 6.43 20.25 -9.20
O2 PCW R . 8.20 20.23 -17.40
O3 PCW R . 10.96 20.79 -17.84
O11 PCW R . 11.46 23.00 -17.57
O31 PCW R . 8.08 21.99 -18.91
O1P PCW R . 5.69 20.94 -13.86
O2P PCW R . 5.84 18.48 -13.47
O3P PCW R . 7.71 19.73 -14.75
O4P PCW R . 7.39 19.90 -12.34
P PCW R . 6.57 19.76 -13.60
C1 PCW S . 9.16 13.05 -4.37
C2 PCW S . 8.60 13.34 -5.83
C3 PCW S . 9.33 14.58 -6.45
C4 PCW S . 7.96 17.48 -3.24
C5 PCW S . 8.87 17.82 -4.42
C6 PCW S . 10.48 19.09 -3.13
C7 PCW S . 8.91 20.22 -4.45
C8 PCW S . 10.61 19.17 -5.53
C11 PCW S . 9.00 16.08 -8.30
C12 PCW S . 8.39 16.16 -9.67
C13 PCW S . 9.28 15.32 -10.67
C14 PCW S . 8.78 15.30 -12.11
C15 PCW S . 8.81 16.65 -12.88
C16 PCW S . 8.82 16.42 -14.43
C17 PCW S . 7.43 16.11 -15.11
C18 PCW S . 7.19 16.91 -16.38
C19 PCW S . 5.85 16.54 -17.07
C20 PCW S . 5.80 15.80 -18.24
C21 PCW S . 6.86 15.20 -19.10
C22 PCW S . 6.17 14.72 -20.40
C23 PCW S . 6.35 13.23 -20.80
C24 PCW S . 7.68 12.85 -21.38
C25 PCW S . 7.79 11.70 -22.41
C26 PCW S . 7.92 10.30 -21.85
C27 PCW S . 9.14 9.45 -22.28
C28 PCW S . 9.66 8.66 -21.11
C31 PCW S . 8.28 11.03 -6.36
C32 PCW S . 8.66 9.96 -7.39
C33 PCW S . 8.13 8.48 -7.07
C34 PCW S . 6.61 8.37 -7.11
C35 PCW S . 6.28 7.34 -8.27
C36 PCW S . 5.19 6.32 -7.88
C37 PCW S . 4.81 5.28 -8.98
C38 PCW S . 5.97 4.45 -9.39
C39 PCW S . 5.62 3.44 -10.46
C40 PCW S . 6.37 3.07 -11.49
C41 PCW S . 7.76 3.59 -11.77
C42 PCW S . 8.48 2.58 -12.78
C43 PCW S . 8.18 2.69 -14.26
C44 PCW S . 8.99 1.60 -14.95
C45 PCW S . 8.20 0.66 -15.81
C46 PCW S . 8.19 1.03 -17.27
C47 PCW S . 8.94 0.11 -18.20
C48 PCW S . 8.86 0.60 -19.65
N PCW S . 9.68 19.01 -4.38
O2 PCW S . 8.88 12.17 -6.72
O3 PCW S . 8.81 14.84 -7.77
O11 PCW S . 9.56 16.99 -7.74
O31 PCW S . 7.54 10.86 -5.36
O1P PCW S . 6.93 14.84 -3.90
O2P PCW S . 7.71 14.27 -1.60
O3P PCW S . 9.36 14.24 -3.57
O4P PCW S . 8.53 16.30 -2.61
P PCW S . 8.05 14.88 -2.90
C1 PCW T . 3.24 2.93 23.23
C2 PCW T . 3.45 1.41 22.84
C3 PCW T . 2.27 0.91 21.93
C4 PCW T . 5.58 3.54 19.50
C5 PCW T . 7.06 3.34 19.19
C6 PCW T . 8.15 2.89 16.93
C7 PCW T . 8.11 5.15 17.87
C8 PCW T . 8.97 3.65 18.53
C11 PCW T . 1.53 -1.38 21.99
C12 PCW T . 1.94 -2.76 21.53
C13 PCW T . 2.54 -3.54 22.75
C14 PCW T . 3.01 -4.96 22.46
C15 PCW T . 1.95 -6.08 22.66
C16 PCW T . 1.80 -6.94 21.36
C17 PCW T . 2.77 -8.15 21.18
C18 PCW T . 3.73 -7.98 19.99
C19 PCW T . 5.08 -7.35 20.38
C20 PCW T . 6.29 -7.88 19.95
C21 PCW T . 6.63 -9.05 19.11
C22 PCW T . 7.77 -9.82 19.84
C23 PCW T . 7.39 -11.14 20.56
C24 PCW T . 7.32 -11.09 22.05
C25 PCW T . 6.01 -10.69 22.78
C26 PCW T . 6.13 -9.63 23.86
C27 PCW T . 6.10 -10.09 25.33
C28 PCW T . 7.48 -10.44 25.80
C31 PCW T . 5.59 0.41 22.64
C32 PCW T . 6.83 0.33 21.73
C33 PCW T . 7.25 -1.14 21.27
C34 PCW T . 8.34 -1.77 22.16
C35 PCW T . 9.68 -1.63 21.31
C36 PCW T . 10.49 -2.96 21.30
C37 PCW T . 11.82 -2.91 20.49
C38 PCW T . 12.93 -3.65 21.18
C39 PCW T . 14.22 -3.62 20.43
C40 PCW T . 15.25 -4.45 20.57
C41 PCW T . 15.27 -5.60 21.56
C42 PCW T . 15.57 -6.95 20.75
C43 PCW T . 14.48 -7.99 20.66
C44 PCW T . 15.03 -9.15 19.84
C45 PCW T . 15.28 -10.42 20.61
C46 PCW T . 15.58 -11.61 19.74
C47 PCW T . 15.79 -12.92 20.45
C48 PCW T . 16.09 -14.05 19.45
N PCW T . 7.60 3.80 17.96
O2 PCW T . 4.71 1.23 22.07
O3 PCW T . 2.46 -0.47 21.59
O11 PCW T . 0.54 -1.13 22.62
O31 PCW T . 5.44 -0.21 23.74
O1P PCW T . 3.00 4.05 20.74
O2P PCW T . 4.18 6.05 21.66
O3P PCW T . 4.35 3.77 22.85
O4P PCW T . 5.50 4.27 20.76
P PCW T . 4.19 4.58 21.47
C1 PCW U . -29.10 -5.09 -5.15
C2 PCW U . -28.20 -6.08 -4.31
C3 PCW U . -28.49 -7.56 -4.73
C4 PCW U . -29.25 -3.35 -1.73
C5 PCW U . -30.19 -4.17 -0.84
C6 PCW U . -31.03 -4.65 1.52
C7 PCW U . -30.60 -2.35 0.79
C8 PCW U . -31.87 -3.53 0.14
C11 PCW U . -28.12 -8.90 -2.76
C12 PCW U . -27.10 -9.79 -2.12
C13 PCW U . -27.30 -11.25 -2.68
C14 PCW U . -26.33 -12.30 -2.12
C15 PCW U . -26.67 -13.78 -2.45
C16 PCW U . -25.56 -14.74 -1.90
C17 PCW U . -24.36 -15.08 -2.85
C18 PCW U . -24.60 -16.34 -3.69
C19 PCW U . -24.12 -17.64 -2.97
C20 PCW U . -22.82 -18.10 -3.08
C21 PCW U . -21.63 -17.61 -3.82
C22 PCW U . -20.49 -18.63 -3.56
C23 PCW U . -19.09 -18.07 -3.19
C24 PCW U . -17.91 -18.94 -3.45
C25 PCW U . -16.56 -18.36 -3.96
C26 PCW U . -16.17 -18.71 -5.37
C27 PCW U . -15.47 -20.07 -5.61
C28 PCW U . -13.97 -19.88 -5.74
C31 PCW U . -26.09 -5.32 -3.56
C32 PCW U . -24.63 -5.10 -4.00
C33 PCW U . -24.44 -4.26 -5.36
C34 PCW U . -23.39 -4.85 -6.28
C35 PCW U . -24.20 -5.62 -7.40
C36 PCW U . -23.34 -6.69 -8.12
C37 PCW U . -24.08 -7.50 -9.24
C38 PCW U . -24.44 -8.88 -8.78
C39 PCW U . -25.14 -9.68 -9.84
C40 PCW U . -24.86 -10.91 -10.24
C41 PCW U . -23.72 -11.74 -9.66
C42 PCW U . -23.15 -12.67 -10.82
C43 PCW U . -22.34 -13.90 -10.43
C44 PCW U . -21.93 -14.59 -11.71
C45 PCW U . -21.78 -16.09 -11.62
C46 PCW U . -20.43 -16.59 -12.07
C47 PCW U . -20.19 -18.07 -11.93
C48 PCW U . -18.78 -18.45 -12.43
N PCW U . -30.44 -3.75 0.50
O2 PCW U . -26.76 -5.81 -4.60
O3 PCW U . -27.65 -8.44 -3.95
O11 PCW U . -29.20 -8.63 -2.30
O31 PCW U . -26.55 -5.09 -2.40
O1P PCW U . -28.23 -1.65 -3.86
O2P PCW U . -30.49 -2.05 -4.84
O3P PCW U . -28.58 -3.74 -5.23
O4P PCW U . -29.75 -3.51 -3.09
P PCW U . -29.28 -2.66 -4.25
C1 PCW V . -26.30 1.58 -18.19
C2 PCW V . -26.26 0.18 -17.46
C3 PCW V . -27.69 -0.20 -16.93
C4 PCW V . -24.58 4.44 -14.70
C5 PCW V . -24.93 4.42 -13.21
C6 PCW V . -25.27 6.83 -13.15
C7 PCW V . -23.42 5.90 -12.06
C8 PCW V . -25.47 5.59 -11.09
C11 PCW V . -27.69 -1.51 -14.91
C12 PCW V . -27.60 -2.93 -14.44
C13 PCW V . -28.98 -3.64 -14.74
C14 PCW V . -29.05 -5.11 -14.31
C15 PCW V . -30.46 -5.77 -14.41
C16 PCW V . -30.44 -6.96 -15.43
C17 PCW V . -31.50 -6.92 -16.58
C18 PCW V . -32.42 -8.15 -16.60
C19 PCW V . -31.99 -9.20 -17.65
C20 PCW V . -32.54 -10.47 -17.71
C21 PCW V . -33.57 -11.17 -16.90
C22 PCW V . -32.82 -11.95 -15.79
C23 PCW V . -33.23 -11.67 -14.32
C24 PCW V . -33.73 -12.83 -13.51
C25 PCW V . -35.22 -12.91 -13.08
C26 PCW V . -35.72 -14.28 -12.64
C27 PCW V . -36.21 -15.26 -13.72
C28 PCW V . -37.67 -15.59 -13.50
C31 PCW V . -24.79 -1.60 -18.04
C32 PCW V . -24.50 -2.64 -19.13
C33 PCW V . -23.29 -3.64 -18.82
C34 PCW V . -22.22 -3.65 -19.91
C35 PCW V . -22.79 -4.59 -21.06
C36 PCW V . -21.95 -5.88 -21.27
C37 PCW V . -22.46 -6.84 -22.38
C38 PCW V . -21.48 -7.94 -22.66
C39 PCW V . -21.96 -8.88 -23.73
C40 PCW V . -22.20 -10.19 -23.62
C41 PCW V . -22.04 -10.97 -22.33
C42 PCW V . -21.07 -12.21 -22.62
C43 PCW V . -21.64 -13.43 -23.31
C44 PCW V . -20.51 -14.43 -23.45
C45 PCW V . -20.63 -15.35 -24.64
C46 PCW V . -19.31 -15.89 -25.12
C47 PCW V . -19.30 -17.31 -25.62
C48 PCW V . -17.90 -17.73 -26.09
N PCW V . -24.78 5.63 -12.43
O2 PCW V . -25.85 -0.88 -18.42
O3 PCW V . -27.64 -1.48 -16.27
O11 PCW V . -27.77 -0.55 -14.19
O31 PCW V . -24.14 -1.44 -16.97
O1P PCW V . -25.94 5.00 -17.23
O2P PCW V . -27.56 3.31 -16.38
O3P PCW V . -25.43 2.57 -17.62
O4P PCW V . -25.40 3.42 -15.33
P PCW V . -26.14 3.63 -16.64
C1 PCW W . -9.44 15.45 -22.46
C2 PCW W . -8.76 14.69 -23.68
C3 PCW W . -8.14 13.35 -23.17
C4 PCW W . -10.45 18.85 -23.58
C5 PCW W . -10.12 20.14 -24.32
C6 PCW W . -10.27 19.38 -26.75
C7 PCW W . -10.90 21.66 -26.14
C8 PCW W . -9.23 20.87 -26.02
C11 PCW W . -8.22 11.65 -24.87
C12 PCW W . -7.39 11.06 -25.98
C13 PCW W . -6.32 10.10 -25.34
C14 PCW W . -5.39 9.41 -26.33
C15 PCW W . -4.19 8.63 -25.71
C16 PCW W . -2.91 8.79 -26.60
C17 PCW W . -1.52 8.49 -25.92
C18 PCW W . -1.29 7.02 -25.62
C19 PCW W . -0.27 6.35 -26.59
C20 PCW W . -0.64 5.39 -27.50
C21 PCW W . -1.95 4.75 -27.83
C22 PCW W . -1.92 3.33 -27.21
C23 PCW W . -3.26 2.76 -26.65
C24 PCW W . -3.58 3.06 -25.22
C25 PCW W . -3.41 1.97 -24.12
C26 PCW W . -2.00 1.56 -23.79
C27 PCW W . -1.11 2.57 -23.01
C28 PCW W . 0.03 3.03 -23.87
C31 PCW W . -10.03 15.32 -25.58
C32 PCW W . -11.09 14.82 -26.56
C33 PCW W . -10.55 14.39 -28.01
C34 PCW W . -10.96 15.36 -29.13
C35 PCW W . -11.54 14.46 -30.28
C36 PCW W . -10.85 14.70 -31.64
C37 PCW W . -11.37 13.84 -32.82
C38 PCW W . -10.34 12.86 -33.30
C39 PCW W . -10.83 12.02 -34.45
C40 PCW W . -11.03 10.71 -34.44
C41 PCW W . -10.79 9.81 -33.24
C42 PCW W . -10.03 8.50 -33.73
C43 PCW W . -9.78 7.39 -32.73
C44 PCW W . -9.05 6.27 -33.45
C45 PCW W . -7.87 5.70 -32.72
C46 PCW W . -7.16 4.63 -33.49
C47 PCW W . -6.13 5.09 -34.50
C48 PCW W . -5.48 3.89 -35.21
N PCW W . -10.59 20.33 -25.67
O2 PCW W . -9.79 14.35 -24.69
O3 PCW W . -7.52 12.66 -24.27
O11 PCW W . -9.31 11.28 -24.54
O31 PCW W . -9.48 16.46 -25.61
O1P PCW W . -10.53 17.67 -20.90
O2P PCW W . -8.27 18.69 -20.72
O3P PCW W . -8.56 16.38 -21.79
O4P PCW W . -9.21 18.46 -22.92
P PCW W . -9.18 17.84 -21.52
C1 PCW X . -2.18 -6.25 25.06
C2 PCW X . -1.77 -7.64 24.44
C3 PCW X . -0.72 -8.34 25.37
C4 PCW X . -4.05 -7.52 29.29
C5 PCW X . -5.31 -7.38 30.16
C6 PCW X . -6.26 -7.74 32.49
C7 PCW X . -4.32 -6.29 32.16
C8 PCW X . -6.03 -6.05 31.52
C11 PCW X . 0.58 -10.37 25.48
C12 PCW X . 0.83 -11.65 24.74
C13 PCW X . 0.75 -12.84 25.77
C14 PCW X . 0.97 -14.23 25.17
C15 PCW X . 2.36 -14.87 25.48
C16 PCW X . 2.32 -15.62 26.85
C17 PCW X . 2.82 -17.10 26.88
C18 PCW X . 4.18 -17.29 27.54
C19 PCW X . 4.10 -17.42 29.08
C20 PCW X . 3.96 -18.63 29.73
C21 PCW X . 3.84 -20.03 29.24
C22 PCW X . 3.32 -20.88 30.43
C23 PCW X . 4.38 -21.39 31.46
C24 PCW X . 4.28 -22.83 31.86
C25 PCW X . 5.16 -23.91 31.18
C26 PCW X . 4.48 -24.77 30.12
C27 PCW X . 3.81 -26.09 30.56
C28 PCW X . 3.71 -27.04 29.39
C31 PCW X . -3.78 -8.27 23.34
C32 PCW X . -4.95 -9.27 23.38
C33 PCW X . -4.77 -10.58 22.49
C34 PCW X . -3.95 -11.67 23.18
C35 PCW X . -2.96 -12.22 22.06
C36 PCW X . -2.03 -13.34 22.60
C37 PCW X . -1.03 -13.92 21.55
C38 PCW X . -1.06 -15.41 21.53
C39 PCW X . -0.11 -16.02 20.52
C40 PCW X . -0.09 -17.27 20.07
C41 PCW X . -1.08 -18.34 20.51
C42 PCW X . -0.34 -19.76 20.44
C43 PCW X . -1.16 -21.01 20.21
C44 PCW X . -0.20 -22.18 20.18
C45 PCW X . -0.84 -23.51 19.91
C46 PCW X . -0.94 -24.39 21.13
C47 PCW X . -0.16 -25.68 21.10
C48 PCW X . -0.35 -26.47 22.39
N PCW X . -5.20 -7.29 31.58
O2 PCW X . -2.96 -8.54 24.36
O3 PCW X . -0.34 -9.61 24.81
O11 PCW X . 1.11 -10.05 26.52
O31 PCW X . -3.62 -7.37 22.46
O1P PCW X . -1.64 -6.66 27.91
O2P PCW X . -2.86 -4.50 27.76
O3P PCW X . -3.27 -6.34 26.00
O4P PCW X . -4.13 -6.46 28.29
P PCW X . -2.91 -5.95 27.52
C1 PCW Y . -18.27 -7.41 17.78
C2 PCW Y . -17.98 -8.76 17.00
C3 PCW Y . -16.46 -8.83 16.60
C4 PCW Y . -21.16 -7.87 14.56
C5 PCW Y . -20.76 -9.14 13.80
C6 PCW Y . -22.04 -11.32 13.47
C7 PCW Y . -22.15 -9.54 11.79
C8 PCW Y . -20.67 -10.52 12.30
C11 PCW Y . -16.30 -10.04 14.54
C12 PCW Y . -15.98 -11.41 14.00
C13 PCW Y . -16.83 -11.64 12.69
C14 PCW Y . -16.62 -13.00 12.01
C15 PCW Y . -17.54 -14.15 12.51
C16 PCW Y . -16.79 -15.53 12.42
C17 PCW Y . -16.72 -16.40 13.73
C18 PCW Y . -15.30 -16.75 14.15
C19 PCW Y . -15.07 -18.28 14.31
C20 PCW Y . -14.07 -18.96 13.64
C21 PCW Y . -13.04 -18.52 12.67
C22 PCW Y . -11.91 -19.60 12.69
C23 PCW Y . -10.77 -19.42 13.72
C24 PCW Y . -9.57 -20.31 13.55
C25 PCW Y . -9.63 -21.82 13.88
C26 PCW Y . -8.47 -22.68 13.42
C27 PCW Y . -7.74 -23.54 14.48
C28 PCW Y . -7.47 -24.92 13.93
C31 PCW Y . -19.51 -10.37 17.84
C32 PCW Y . -19.64 -11.57 18.80
C33 PCW Y . -19.17 -11.29 20.31
C34 PCW Y . -18.15 -12.30 20.83
C35 PCW Y . -16.75 -11.78 20.32
C36 PCW Y . -15.72 -11.60 21.46
C37 PCW Y . -14.31 -11.09 21.04
C38 PCW Y . -13.38 -10.95 22.20
C39 PCW Y . -12.01 -10.45 21.80
C40 PCW Y . -10.83 -10.92 22.20
C41 PCW Y . -10.66 -12.08 23.17
C42 PCW Y . -9.10 -12.32 23.37
C43 PCW Y . -8.62 -13.75 23.59
C44 PCW Y . -7.11 -13.68 23.74
C45 PCW Y . -6.41 -15.00 23.91
C46 PCW Y . -6.24 -15.76 22.62
C47 PCW Y . -4.80 -15.97 22.16
C48 PCW Y . -4.75 -16.74 20.84
N PCW Y . -21.75 -9.91 13.14
O2 PCW Y . -18.26 -9.93 17.89
O3 PCW Y . -16.20 -10.06 15.90
O11 PCW Y . -16.59 -9.08 13.88
O31 PCW Y . -20.45 -9.91 17.13
O1P PCW Y . -21.31 -5.58 16.32
O2P PCW Y . -18.89 -5.35 15.73
O3P PCW Y . -19.62 -6.93 17.62
O4P PCW Y . -19.98 -7.43 15.26
P PCW Y . -19.97 -6.24 16.20
C1 PCW Z . -21.22 0.16 -6.10
C2 PCW Z . -20.24 -0.93 -6.71
C3 PCW Z . -20.83 -2.37 -6.50
C4 PCW Z . -24.59 0.71 -4.72
C5 PCW Z . -26.09 0.63 -5.09
C6 PCW Z . -28.46 1.25 -4.36
C7 PCW Z . -26.70 0.93 -2.68
C8 PCW Z . -26.82 2.24 -4.00
C11 PCW Z . -20.25 -3.88 -8.27
C12 PCW Z . -19.20 -4.89 -8.65
C13 PCW Z . -19.57 -6.26 -7.99
C14 PCW Z . -18.60 -7.41 -8.27
C15 PCW Z . -19.19 -8.84 -8.18
C16 PCW Z . -18.63 -9.61 -6.94
C17 PCW Z . -17.56 -10.73 -7.20
C18 PCW Z . -18.12 -11.94 -7.93
C19 PCW Z . -17.04 -12.72 -8.73
C20 PCW Z . -17.06 -12.84 -10.10
C21 PCW Z . -18.00 -12.33 -11.14
C22 PCW Z . -18.35 -13.53 -12.06
C23 PCW Z . -18.26 -13.31 -13.59
C24 PCW Z . -17.49 -14.32 -14.37
C25 PCW Z . -15.97 -14.13 -14.66
C26 PCW Z . -15.02 -15.03 -13.88
C27 PCW Z . -13.73 -14.39 -13.32
C28 PCW Z . -13.65 -14.62 -11.83
C31 PCW Z . -18.91 -0.19 -8.52
C32 PCW Z . -18.89 -0.05 -10.05
C33 PCW Z . -18.47 -1.35 -10.87
C34 PCW Z . -17.02 -1.77 -10.65
C35 PCW Z . -16.39 -1.94 -12.10
C36 PCW Z . -16.70 -3.32 -12.72
C37 PCW Z . -16.12 -3.56 -14.15
C38 PCW Z . -17.06 -3.11 -15.23
C39 PCW Z . -16.51 -3.34 -16.61
C40 PCW Z . -17.16 -3.19 -17.77
C41 PCW Z . -18.62 -2.76 -17.89
C42 PCW Z . -18.81 -2.07 -19.32
C43 PCW Z . -18.72 -2.93 -20.56
C44 PCW Z . -18.93 -2.03 -21.76
C45 PCW Z . -17.80 -1.98 -22.74
C46 PCW Z . -17.10 -0.65 -22.80
C47 PCW Z . -16.36 -0.34 -24.08
C48 PCW Z . -15.69 1.03 -24.01
N PCW Z . -27.10 0.77 -4.07
O2 PCW Z . -20.07 -0.72 -8.17
O3 PCW Z . -19.94 -3.34 -7.06
O11 PCW Z . -21.22 -3.60 -8.92
O31 PCW Z . -17.95 0.13 -7.74
O1P PCW Z . -24.00 2.36 -7.07
O2P PCW Z . -24.03 0.17 -8.24
O3P PCW Z . -21.88 0.98 -7.08
O4P PCW Z . -23.85 0.15 -5.85
P PCW Z . -23.50 0.94 -7.10
C1 PCW AA . -1.39 11.63 -14.77
C2 PCW AA . -0.74 10.85 -15.98
C3 PCW AA . -0.24 9.45 -15.50
C4 PCW AA . -3.23 15.73 -16.59
C5 PCW AA . -3.62 17.16 -16.22
C6 PCW AA . -2.30 19.32 -16.04
C7 PCW AA . -3.31 18.67 -18.16
C8 PCW AA . -4.16 19.09 -16.59
C11 PCW AA . 0.96 7.54 -16.33
C12 PCW AA . 1.51 6.98 -17.62
C13 PCW AA . 0.60 5.79 -18.07
C14 PCW AA . 1.05 5.09 -19.36
C15 PCW AA . 0.36 5.60 -20.67
C16 PCW AA . 1.23 6.71 -21.35
C17 PCW AA . 1.90 6.35 -22.73
C18 PCW AA . 3.38 5.98 -22.59
C19 PCW AA . 3.76 4.74 -23.42
C20 PCW AA . 3.95 3.49 -22.84
C21 PCW AA . 3.87 3.01 -21.44
C22 PCW AA . 2.60 2.12 -21.34
C23 PCW AA . 2.76 0.71 -20.72
C24 PCW AA . 2.50 -0.46 -21.62
C25 PCW AA . 1.08 -0.74 -22.18
C26 PCW AA . -0.03 -0.92 -21.16
C27 PCW AA . -0.40 -2.35 -20.72
C28 PCW AA . -0.39 -2.44 -19.22
C31 PCW AA . -1.74 11.55 -18.01
C32 PCW AA . -2.84 11.17 -19.02
C33 PCW AA . -2.36 10.27 -20.25
C34 PCW AA . -1.86 11.07 -21.45
C35 PCW AA . -0.28 11.08 -21.34
C36 PCW AA . 0.40 11.26 -22.71
C37 PCW AA . 1.97 11.28 -22.68
C38 PCW AA . 2.54 11.72 -23.97
C39 PCW AA . 4.05 11.75 -23.98
C40 PCW AA . 4.86 11.35 -24.95
C41 PCW AA . 4.39 10.76 -26.26
C42 PCW AA . 5.37 9.56 -26.65
C43 PCW AA . 4.86 8.14 -26.53
C44 PCW AA . 5.99 7.22 -26.96
C45 PCW AA . 6.35 6.15 -25.98
C46 PCW AA . 7.84 5.93 -25.84
C47 PCW AA . 8.47 6.44 -24.57
C48 PCW AA . 9.98 6.16 -24.57
N PCW AA . -2.95 18.27 -16.82
O2 PCW AA . -1.75 10.63 -17.05
O3 PCW AA . 0.36 8.74 -16.60
O11 PCW AA . 1.02 7.02 -15.26
O31 PCW AA . -0.98 12.56 -18.08
O1P PCW AA . -3.75 12.91 -16.13
O2P PCW AA . -3.69 13.60 -13.73
O3P PCW AA . -1.52 13.05 -14.99
O4P PCW AA . -2.78 15.09 -15.37
P PCW AA . -3.02 13.62 -15.05
C1 PCW BA . -7.43 10.27 -13.66
C2 PCW BA . -7.39 10.10 -15.23
C3 PCW BA . -6.19 10.92 -15.81
C4 PCW BA . -11.53 10.10 -11.31
C5 PCW BA . -12.91 9.45 -11.19
C6 PCW BA . -15.17 10.25 -12.10
C7 PCW BA . -13.83 8.63 -13.35
C8 PCW BA . -14.61 8.42 -11.68
C11 PCW BA . -6.69 11.76 -18.01
C12 PCW BA . -6.51 11.42 -19.47
C13 PCW BA . -7.57 10.32 -19.86
C14 PCW BA . -7.51 9.87 -21.32
C15 PCW BA . -6.29 8.99 -21.71
C16 PCW BA . -6.76 7.58 -22.24
C17 PCW BA . -5.67 6.48 -22.41
C18 PCW BA . -5.06 6.00 -21.08
C19 PCW BA . -3.69 5.32 -21.26
C20 PCW BA . -3.31 4.22 -20.51
C21 PCW BA . -4.00 3.43 -19.46
C22 PCW BA . -4.28 2.03 -20.06
C23 PCW BA . -4.79 0.92 -19.10
C24 PCW BA . -6.05 0.21 -19.48
C25 PCW BA . -6.18 -0.55 -20.84
C26 PCW BA . -5.43 -1.87 -20.93
C27 PCW BA . -4.41 -2.04 -22.06
C28 PCW BA . -4.56 -3.40 -22.71
C31 PCW BA . -7.95 8.25 -16.61
C32 PCW BA . -7.64 6.77 -16.84
C33 PCW BA . -7.88 6.25 -18.35
C34 PCW BA . -8.17 4.75 -18.42
C35 PCW BA . -8.84 4.52 -19.84
C36 PCW BA . -8.08 3.47 -20.69
C37 PCW BA . -8.68 3.19 -22.09
C38 PCW BA . -8.84 1.72 -22.35
C39 PCW BA . -9.42 1.43 -23.70
C40 PCW BA . -8.97 0.56 -24.60
C41 PCW BA . -7.74 -0.31 -24.41
C42 PCW BA . -6.90 -0.30 -25.76
C43 PCW BA . -5.70 -1.22 -25.86
C44 PCW BA . -5.08 -1.01 -27.24
C45 PCW BA . -5.44 -2.04 -28.27
C46 PCW BA . -5.70 -1.48 -29.63
C47 PCW BA . -7.13 -1.16 -29.97
C48 PCW BA . -7.25 -0.58 -31.39
N PCW BA . -13.87 9.58 -12.25
O2 PCW BA . -7.19 8.68 -15.59
O3 PCW BA . -6.14 10.78 -17.25
O11 PCW BA . -7.22 12.77 -17.59
O31 PCW BA . -8.76 8.95 -17.27
O1P PCW BA . -10.10 11.32 -13.52
O2P PCW BA . -10.45 9.08 -14.56
O3P PCW BA . -8.45 9.47 -13.00
O4P PCW BA . -10.75 9.28 -12.21
P PCW BA . -9.97 9.83 -13.39
C1 PCW CA . -0.64 4.48 3.55
C2 PCW CA . -0.18 3.14 4.23
C3 PCW CA . 0.36 2.15 3.14
C4 PCW CA . -5.12 6.08 2.29
C5 PCW CA . -5.62 6.21 0.84
C6 PCW CA . -7.46 4.43 0.73
C7 PCW CA . -7.69 6.53 -0.51
C8 PCW CA . -6.43 5.21 -0.75
C11 PCW CA . 2.10 0.59 3.66
C12 PCW CA . 2.35 -0.70 4.38
C13 PCW CA . 3.11 -1.67 3.40
C14 PCW CA . 3.45 -3.05 3.98
C15 PCW CA . 4.87 -3.18 4.60
C16 PCW CA . 5.77 -4.15 3.74
C17 PCW CA . 6.50 -3.54 2.49
C18 PCW CA . 6.95 -4.58 1.47
C19 PCW CA . 5.80 -5.08 0.56
C20 PCW CA . 5.37 -6.40 0.54
C21 PCW CA . 5.82 -7.60 1.29
C22 PCW CA . 4.54 -8.38 1.70
C23 PCW CA . 4.36 -9.81 1.10
C24 PCW CA . 5.19 -10.90 1.71
C25 PCW CA . 4.67 -12.38 1.74
C26 PCW CA . 5.61 -13.43 1.20
C27 PCW CA . 6.47 -14.22 2.20
C28 PCW CA . 7.77 -14.65 1.54
C31 PCW CA . 0.57 3.93 6.35
C32 PCW CA . 1.84 4.11 7.21
C33 PCW CA . 2.89 5.20 6.67
C34 PCW CA . 4.31 4.65 6.53
C35 PCW CA . 4.51 4.39 4.99
C36 PCW CA . 5.46 3.20 4.70
C37 PCW CA . 5.70 2.90 3.19
C38 PCW CA . 6.62 1.74 2.97
C39 PCW CA . 6.84 1.46 1.50
C40 PCW CA . 7.93 0.97 0.93
C41 PCW CA . 9.20 0.60 1.67
C42 PCW CA . 10.06 -0.37 0.73
C43 PCW CA . 9.79 -1.86 0.79
C44 PCW CA . 10.74 -2.52 -0.21
C45 PCW CA . 11.73 -3.48 0.38
C46 PCW CA . 12.48 -4.28 -0.65
C47 PCW CA . 12.07 -5.73 -0.78
C48 PCW CA . 12.91 -6.44 -1.86
N PCW CA . -6.97 5.81 0.51
O2 PCW CA . 0.94 3.39 5.19
O3 PCW CA . 0.78 0.93 3.76
O11 PCW CA . 2.93 1.23 3.08
O31 PCW CA . -0.60 4.24 6.70
O1P PCW CA . -3.53 5.91 4.73
O2P PCW CA . -1.82 7.09 3.36
O3P PCW CA . -2.05 4.54 3.22
O4P PCW CA . -3.66 6.04 2.22
P PCW CA . -2.77 5.96 3.44
C1 PCW DA . -26.04 -8.06 10.85
C2 PCW DA . -25.53 -9.55 10.85
C3 PCW DA . -26.75 -10.54 10.96
C4 PCW DA . -24.50 -3.66 11.45
C5 PCW DA . -24.44 -3.26 12.92
C6 PCW DA . -23.55 -1.99 14.78
C7 PCW DA . -22.87 -1.47 12.62
C8 PCW DA . -22.05 -3.39 13.53
C11 PCW DA . -26.22 -12.55 12.17
C12 PCW DA . -25.69 -13.93 11.96
C13 PCW DA . -26.87 -14.95 12.19
C14 PCW DA . -26.50 -16.43 12.02
C15 PCW DA . -27.41 -17.45 12.75
C16 PCW DA . -26.60 -18.27 13.82
C17 PCW DA . -27.05 -18.14 15.31
C18 PCW DA . -27.84 -19.35 15.82
C19 PCW DA . -29.37 -19.13 15.78
C20 PCW DA . -30.27 -20.05 16.29
C21 PCW DA . -30.09 -21.37 16.95
C22 PCW DA . -30.87 -22.41 16.10
C23 PCW DA . -30.64 -23.91 16.41
C24 PCW DA . -29.39 -24.53 15.84
C25 PCW DA . -29.15 -26.06 15.94
C26 PCW DA . -27.76 -26.50 16.33
C27 PCW DA . -27.54 -28.01 16.61
C28 PCW DA . -26.12 -28.24 17.08
C31 PCW DA . -25.50 -9.67 8.44
C32 PCW DA . -24.60 -10.03 7.26
C33 PCW DA . -24.88 -11.45 6.57
C34 PCW DA . -23.66 -12.37 6.54
C35 PCW DA . -23.67 -13.15 7.92
C36 PCW DA . -22.61 -12.64 8.92
C37 PCW DA . -22.58 -13.38 10.29
C38 PCW DA . -21.20 -13.82 10.66
C39 PCW DA . -21.16 -14.54 12.00
C40 PCW DA . -20.92 -15.82 12.20
C41 PCW DA . -20.63 -16.82 11.10
C42 PCW DA . -20.37 -18.25 11.77
C43 PCW DA . -19.62 -19.30 10.96
C44 PCW DA . -19.51 -20.54 11.84
C45 PCW DA . -18.90 -21.75 11.18
C46 PCW DA . -19.85 -22.90 11.02
C47 PCW DA . -19.42 -24.01 10.11
C48 PCW DA . -20.48 -25.12 10.04
N PCW DA . -23.29 -2.57 13.44
O2 PCW DA . -24.81 -9.86 9.57
O3 PCW DA . -26.27 -11.89 10.97
O11 PCW DA . -26.56 -12.08 13.22
O31 PCW DA . -26.71 -9.29 8.34
O1P PCW DA . -24.73 -5.15 8.95
O2P PCW DA . -27.02 -5.64 9.82
O3P PCW DA . -25.02 -7.08 10.55
O4P PCW DA . -25.38 -4.80 11.37
P PCW DA . -25.56 -5.62 10.10
C1 PCW EA . 5.90 5.29 0.77
C2 PCW EA . 5.28 4.66 -0.53
C3 PCW EA . 6.34 3.76 -1.24
C4 PCW EA . 3.45 8.88 -0.32
C5 PCW EA . 2.87 10.20 0.22
C6 PCW EA . 4.71 11.71 -0.70
C7 PCW EA . 2.54 12.64 -0.05
C8 PCW EA . 3.79 11.84 1.03
C11 PCW EA . 6.34 3.48 -3.63
C12 PCW EA . 5.58 2.80 -4.74
C13 PCW EA . 6.35 1.49 -5.14
C14 PCW EA . 5.70 0.68 -6.26
C15 PCW EA . 6.31 0.84 -7.68
C16 PCW EA . 6.38 -0.54 -8.43
C17 PCW EA . 7.81 -1.14 -8.68
C18 PCW EA . 8.22 -2.17 -7.62
C19 PCW EA . 9.55 -1.80 -6.91
C20 PCW EA . 10.74 -2.42 -7.23
C21 PCW EA . 11.12 -3.47 -8.21
C22 PCW EA . 11.48 -2.73 -9.53
C23 PCW EA . 11.83 -3.61 -10.77
C24 PCW EA . 10.69 -4.32 -11.44
C25 PCW EA . 10.95 -5.53 -12.39
C26 PCW EA . 11.63 -6.73 -11.79
C27 PCW EA . 10.80 -7.66 -10.87
C28 PCW EA . 11.66 -8.80 -10.36
C31 PCW EA . 2.94 4.32 -0.42
C32 PCW EA . 1.86 3.29 0.00
C33 PCW EA . 0.49 3.35 -0.84
C34 PCW EA . 0.70 3.13 -2.35
C35 PCW EA . 0.01 1.73 -2.67
C36 PCW EA . 0.55 1.11 -3.98
C37 PCW EA . -0.08 -0.27 -4.37
C38 PCW EA . 0.89 -1.12 -5.13
C39 PCW EA . 0.31 -2.45 -5.52
C40 PCW EA . 0.97 -3.52 -5.95
C41 PCW EA . 2.48 -3.58 -6.12
C42 PCW EA . 2.82 -4.74 -7.16
C43 PCW EA . 3.47 -6.01 -6.65
C44 PCW EA . 3.67 -6.92 -7.86
C45 PCW EA . 2.52 -7.86 -8.15
C46 PCW EA . 2.95 -9.27 -8.44
C47 PCW EA . 2.49 -9.86 -9.76
C48 PCW EA . 3.00 -11.29 -9.93
N PCW EA . 3.30 11.45 -0.33
O2 PCW EA . 4.13 3.79 -0.17
O3 PCW EA . 5.76 3.20 -2.43
O11 PCW EA . 7.30 4.18 -3.78
O31 PCW EA . 2.71 5.47 -0.91
O1P PCW EA . 3.80 6.82 1.71
O2P PCW EA . 5.55 8.38 2.56
O3P PCW EA . 6.12 6.72 0.69
O4P PCW EA . 4.74 8.69 0.33
P PCW EA . 5.00 7.64 1.40
C1 PCW FA . -20.25 9.42 -19.53
C2 PCW FA . -19.40 8.61 -20.58
C3 PCW FA . -17.87 8.94 -20.40
C4 PCW FA . -24.98 8.96 -18.32
C5 PCW FA . -25.81 8.15 -19.31
C6 PCW FA . -27.29 6.09 -19.65
C7 PCW FA . -27.64 7.57 -17.73
C8 PCW FA . -27.84 7.97 -19.52
C11 PCW FA . -16.81 8.79 -22.56
C12 PCW FA . -16.00 7.83 -23.39
C13 PCW FA . -16.56 7.85 -24.86
C14 PCW FA . -15.83 6.92 -25.84
C15 PCW FA . -16.03 5.39 -25.61
C16 PCW FA . -17.37 4.89 -26.25
C17 PCW FA . -17.74 5.43 -27.68
C18 PCW FA . -16.87 4.84 -28.80
C19 PCW FA . -15.90 5.88 -29.41
C20 PCW FA . -14.56 5.61 -29.61
C21 PCW FA . -13.72 4.42 -29.34
C22 PCW FA . -13.36 3.81 -30.72
C23 PCW FA . -14.25 2.65 -31.26
C24 PCW FA . -15.32 3.03 -32.24
C25 PCW FA . -14.96 3.66 -33.61
C26 PCW FA . -14.88 2.72 -34.79
C27 PCW FA . -15.98 2.81 -35.87
C28 PCW FA . -15.81 1.70 -36.87
C31 PCW FA . -20.06 6.49 -21.39
C32 PCW FA . -20.18 5.00 -21.01
C33 PCW FA . -19.96 3.95 -22.21
C34 PCW FA . -18.57 4.00 -22.82
C35 PCW FA . -17.57 3.56 -21.67
C36 PCW FA . -16.38 4.53 -21.50
C37 PCW FA . -15.37 4.15 -20.38
C38 PCW FA . -14.23 3.31 -20.90
C39 PCW FA . -13.25 2.95 -19.83
C40 PCW FA . -12.70 1.75 -19.62
C41 PCW FA . -12.99 0.52 -20.47
C42 PCW FA . -11.80 -0.52 -20.26
C43 PCW FA . -11.65 -1.65 -21.25
C44 PCW FA . -10.46 -2.47 -20.81
C45 PCW FA . -9.33 -2.55 -21.81
C46 PCW FA . -9.23 -3.88 -22.52
C47 PCW FA . -9.34 -3.84 -24.03
C48 PCW FA . -9.22 -5.25 -24.64
N PCW FA . -26.78 7.20 -18.83
O2 PCW FA . -19.56 7.15 -20.35
O3 PCW FA . -17.11 8.19 -21.37
O11 PCW FA . -17.14 9.89 -22.88
O31 PCW FA . -20.37 6.99 -22.52
O1P PCW FA . -22.36 9.42 -17.19
O2P PCW FA . -22.39 11.43 -18.66
O3P PCW FA . -21.66 9.15 -19.60
O4P PCW FA . -23.98 9.68 -19.09
P PCW FA . -22.58 9.97 -18.57
C1 PCW GA . -8.65 -0.47 5.74
C2 PCW GA . -8.68 -1.57 6.88
C3 PCW GA . -9.02 -0.91 8.26
C4 PCW GA . -12.41 -0.29 6.29
C5 PCW GA . -13.33 -1.39 6.83
C6 PCW GA . -15.47 -0.30 6.93
C7 PCW GA . -14.09 -0.27 8.80
C8 PCW GA . -15.11 -2.23 8.30
C11 PCW GA . -10.24 -2.19 9.88
C12 PCW GA . -10.05 -3.27 10.91
C13 PCW GA . -9.16 -2.68 12.07
C14 PCW GA . -8.86 -3.66 13.21
C15 PCW GA . -7.41 -4.20 13.25
C16 PCW GA . -7.39 -5.72 13.63
C17 PCW GA . -7.16 -6.75 12.47
C18 PCW GA . -8.44 -7.48 12.04
C19 PCW GA . -9.27 -8.02 13.25
C20 PCW GA . -8.95 -9.20 13.90
C21 PCW GA . -7.86 -10.19 13.70
C22 PCW GA . -7.02 -10.20 15.02
C23 PCW GA . -6.43 -11.56 15.47
C24 PCW GA . -5.18 -11.52 16.30
C25 PCW GA . -4.70 -12.77 17.09
C26 PCW GA . -3.91 -13.80 16.29
C27 PCW GA . -4.54 -15.19 16.09
C28 PCW GA . -5.05 -15.32 14.67
C31 PCW GA . -9.37 -3.83 6.67
C32 PCW GA . -10.58 -4.73 6.35
C33 PCW GA . -10.52 -5.50 4.94
C34 PCW GA . -9.13 -6.06 4.60
C35 PCW GA . -9.31 -7.63 4.55
C36 PCW GA . -8.19 -8.39 5.30
C37 PCW GA . -8.30 -9.95 5.27
C38 PCW GA . -6.96 -10.60 5.08
C39 PCW GA . -7.03 -12.10 5.06
C40 PCW GA . -6.30 -12.95 5.78
C41 PCW GA . -5.23 -12.51 6.77
C42 PCW GA . -3.81 -12.64 6.07
C43 PCW GA . -2.79 -11.53 6.28
C44 PCW GA . -1.55 -11.92 5.50
C45 PCW GA . -0.42 -12.51 6.32
C46 PCW GA . 0.40 -13.52 5.57
C47 PCW GA . 0.37 -14.94 6.11
C48 PCW GA . 1.25 -15.86 5.26
N PCW GA . -14.44 -1.06 7.67
O2 PCW GA . -9.77 -2.56 6.58
O3 PCW GA . -9.05 -1.92 9.28
O11 PCW GA . -11.29 -1.66 9.62
O31 PCW GA . -8.21 -4.24 6.98
O1P PCW GA . -10.59 1.36 4.70
O2P PCW GA . -11.23 -0.22 2.89
O3P PCW GA . -9.34 -0.82 4.54
O4P PCW GA . -11.70 -0.85 5.15
P PCW GA . -10.73 -0.07 4.28
C1 PCW HA . -10.75 11.99 -16.92
C2 PCW HA . -11.32 11.69 -18.35
C3 PCW HA . -10.40 12.34 -19.44
C4 PCW HA . -14.97 11.73 -15.80
C5 PCW HA . -15.78 11.98 -17.07
C6 PCW HA . -17.00 14.15 -17.64
C7 PCW HA . -14.87 13.59 -18.74
C8 PCW HA . -16.48 12.68 -18.86
C11 PCW HA . -11.75 12.99 -21.30
C12 PCW HA . -12.20 12.52 -22.66
C13 PCW HA . -13.76 12.29 -22.62
C14 PCW HA . -14.39 11.81 -23.94
C15 PCW HA . -13.57 10.76 -24.74
C16 PCW HA . -13.64 11.09 -26.28
C17 PCW HA . -12.84 10.15 -27.24
C18 PCW HA . -11.50 10.73 -27.70
C19 PCW HA . -11.41 10.85 -29.25
C20 PCW HA . -10.19 10.82 -29.92
C21 PCW HA . -8.79 10.69 -29.45
C22 PCW HA . -7.91 11.61 -30.35
C23 PCW HA . -6.43 11.22 -30.55
C24 PCW HA . -5.92 11.18 -31.96
C25 PCW HA . -6.04 9.88 -32.81
C26 PCW HA . -5.49 8.61 -32.20
C27 PCW HA . -4.07 8.18 -32.60
C28 PCW HA . -3.27 7.84 -31.37
C31 PCW HA . -12.51 9.67 -18.71
C32 PCW HA . -12.33 8.16 -18.93
C33 PCW HA . -13.27 7.50 -20.04
C34 PCW HA . -13.25 8.23 -21.38
C35 PCW HA . -12.03 7.62 -22.18
C36 PCW HA . -11.23 8.70 -22.96
C37 PCW HA . -10.02 8.19 -23.79
C38 PCW HA . -10.33 8.13 -25.25
C39 PCW HA . -9.17 7.65 -26.08
C40 PCW HA . -9.15 6.61 -26.92
C41 PCW HA . -10.34 5.71 -27.20
C42 PCW HA . -9.78 4.29 -27.65
C43 PCW HA . -9.06 4.20 -28.99
C44 PCW HA . -8.64 2.76 -29.17
C45 PCW HA . -7.23 2.44 -28.75
C46 PCW HA . -6.18 3.13 -29.59
C47 PCW HA . -5.02 2.29 -30.05
C48 PCW HA . -4.04 3.11 -30.89
N PCW HA . -15.80 13.28 -17.66
O2 PCW HA . -11.31 10.21 -18.58
O3 PCW HA . -10.93 12.06 -20.74
O11 PCW HA . -12.07 14.03 -20.80
O31 PCW HA . -13.63 10.28 -18.67
O1P PCW HA . -12.89 11.39 -13.80
O2P PCW HA . -12.05 13.54 -14.77
O3P PCW HA . -11.44 11.29 -15.87
O4P PCW HA . -13.65 12.29 -16.03
P PCW HA . -12.51 12.16 -15.04
C1 PCW IA . 21.15 10.92 11.16
C2 PCW IA . 21.65 10.79 9.67
C3 PCW IA . 23.18 10.48 9.64
C4 PCW IA . 18.60 11.46 14.62
C5 PCW IA . 17.28 11.35 15.39
C6 PCW IA . 16.43 9.10 15.47
C7 PCW IA . 16.15 10.50 17.32
C8 PCW IA . 18.24 9.66 16.93
C11 PCW IA . 24.97 10.22 8.07
C12 PCW IA . 25.26 10.14 6.59
C13 PCW IA . 25.98 11.47 6.16
C14 PCW IA . 26.34 11.57 4.68
C15 PCW IA . 25.39 12.44 3.81
C16 PCW IA . 25.74 12.29 2.29
C17 PCW IA . 25.67 10.85 1.67
C18 PCW IA . 26.75 10.57 0.64
C19 PCW IA . 28.16 10.48 1.26
C20 PCW IA . 29.32 10.49 0.47
C21 PCW IA . 29.53 10.58 -1.00
C22 PCW IA . 30.06 9.20 -1.46
C23 PCW IA . 30.40 9.03 -2.96
C24 PCW IA . 29.40 8.30 -3.81
C25 PCW IA . 29.58 6.80 -4.16
C26 PCW IA . 29.41 6.42 -5.63
C27 PCW IA . 30.13 5.15 -6.14
C28 PCW IA . 29.14 4.28 -6.88
C31 PCW IA . 19.86 10.02 8.29
C32 PCW IA . 19.26 8.74 7.66
C33 PCW IA . 20.31 7.68 7.10
C34 PCW IA . 20.39 6.39 7.92
C35 PCW IA . 21.93 6.12 8.12
C36 PCW IA . 22.21 4.97 9.12
C37 PCW IA . 23.72 4.65 9.36
C38 PCW IA . 23.92 3.27 9.92
C39 PCW IA . 25.38 2.96 10.15
C40 PCW IA . 25.99 1.78 10.00
C41 PCW IA . 25.27 0.52 9.54
C42 PCW IA . 26.27 -0.30 8.60
C43 PCW IA . 26.72 -1.68 9.05
C44 PCW IA . 27.64 -2.21 7.97
C45 PCW IA . 28.90 -2.90 8.47
C46 PCW IA . 30.16 -2.33 7.89
C47 PCW IA . 30.72 -3.04 6.67
C48 PCW IA . 32.01 -2.35 6.19
N PCW IA . 17.04 10.21 16.23
O2 PCW IA . 20.95 9.66 8.99
O3 PCW IA . 23.63 10.37 8.28
O11 PCW IA . 25.81 10.17 8.93
O31 PCW IA . 19.40 11.19 8.17
O1P PCW IA . 19.94 12.95 12.53
O2P PCW IA . 17.84 12.47 11.26
O3P PCW IA . 19.73 10.73 11.33
O4P PCW IA . 18.28 11.18 13.23
P PCW IA . 18.94 11.93 12.07
C1 17F JA . 19.58 17.30 6.63
N1 17F JA . 21.07 18.61 8.17
O1 17F JA . 21.66 15.37 9.02
P1 17F JA . 20.78 15.39 7.78
C2 17F JA . 20.60 18.44 6.81
O2 17F JA . 19.71 14.62 8.51
C3 17F JA . 19.98 19.76 6.31
O3 17F JA . 19.62 16.41 7.69
C4 17F JA . 19.87 14.01 5.72
O4 17F JA . 19.94 20.82 7.05
C5 17F JA . 19.94 12.63 5.01
O5 17F JA . 19.52 19.86 5.17
C6 17F JA . 18.71 12.44 4.10
O6 17F JA . 20.69 14.08 6.89
C7 17F JA . 17.89 10.96 2.47
O7 17F JA . 18.74 11.18 3.43
C8 17F JA . 18.16 9.54 1.93
O8 17F JA . 17.03 11.67 2.01
C9 17F JA . 17.64 8.42 2.87
O9 17F JA . 21.16 12.45 4.27
C10 17F JA . 17.87 6.95 2.37
O10 17F JA . 22.31 11.22 5.83
C11 17F JA . 16.66 5.97 2.58
C12 17F JA . 16.97 4.51 2.07
C17 17F JA . 21.85 11.41 4.70
C18 17F JA . 22.05 10.37 3.62
C19 17F JA . 22.07 8.91 4.13
C20 17F JA . 23.52 8.29 4.08
C1X 17F JA . 15.76 3.60 2.29
C1Y 17F JA . 23.51 6.84 4.60
C1Z 17F JA . 24.93 6.31 4.80
C2X 17F JA . 16.04 2.10 1.78
C21 17F JA . 14.86 1.13 2.12
C22 17F JA . 14.88 -0.14 1.89
C23 17F JA . 15.96 -0.93 1.29
C24 17F JA . 15.53 -1.77 0.09
C25 17F JA . 16.61 -2.61 -0.56
C26 17F JA . 16.10 -3.71 -1.61
C27 17F JA . 17.20 -4.53 -2.26
C28 17F JA . 16.50 -5.55 -3.24
C29 17F JA . 17.55 -6.37 -3.89
C30 17F JA . 17.03 -7.39 -4.86
C31 17F JA . 25.12 5.17 5.86
C32 17F JA . 26.59 4.66 6.04
C33 17F JA . 27.17 5.25 7.31
C34 17F JA . 28.40 5.03 7.75
C35 17F JA . 29.45 4.16 7.12
C36 17F JA . 29.98 3.01 8.02
C37 17F JA . 30.76 2.06 7.20
C38 17F JA . 32.29 2.28 7.23
C39 17F JA . 33.04 1.26 6.35
C40 17F JA . 33.71 1.96 5.17
C41 17F JA . 35.18 2.39 5.55
C42 17F JA . 35.81 3.59 4.82
C1 17F KA . -17.72 -1.04 2.97
N1 17F KA . -19.60 0.62 2.83
O1 17F KA . -18.66 -3.61 4.16
P1 17F KA . -17.29 -3.03 4.46
C2 17F KA . -18.19 0.42 3.15
O2 17F KA . -16.79 -3.20 5.87
C3 17F KA . -17.33 1.35 2.28
O3 17F KA . -17.19 -1.52 4.16
C4 17F KA . -14.79 -3.28 3.67
O4 17F KA . -17.83 2.16 1.42
C5 17F KA . -13.86 -4.03 2.68
O5 17F KA . -16.10 1.34 2.39
C6 17F KA . -12.47 -3.33 2.65
O6 17F KA . -16.16 -3.68 3.55
C7 17F KA . -10.31 -3.71 1.85
O7 17F KA . -11.58 -3.98 1.75
C8 17F KA . -9.57 -4.57 0.80
O8 17F KA . -9.72 -2.97 2.58
C9 17F KA . -8.72 -3.74 -0.19
O9 17F KA . -13.73 -5.42 2.99
C10 17F KA . -7.93 -4.56 -1.28
O10 17F KA . -15.50 -6.12 1.70
C11 17F KA . -6.57 -5.18 -0.78
C12 17F KA . -5.84 -6.00 -1.91
C17 17F KA . -14.33 -6.19 2.12
C18 17F KA . -13.43 -7.27 1.57
C19 17F KA . -12.64 -6.88 0.30
C20 17F KA . -13.50 -7.00 -1.00
C1X 17F KA . -4.53 -6.58 -1.39
C1Y 17F KA . -12.67 -6.60 -2.25
C1Z 17F KA . -13.43 -6.93 -3.54
C2X 17F KA . -3.75 -7.42 -2.52
C21 17F KA . -2.28 -7.74 -2.12
C22 17F KA . -1.89 -8.78 -1.45
C23 17F KA . -2.74 -9.86 -0.95
C24 17F KA . -2.59 -10.15 0.54
C25 17F KA . -3.44 -11.26 1.11
C26 17F KA . -2.64 -12.50 1.76
C27 17F KA . -3.52 -13.59 2.32
C28 17F KA . -2.56 -14.71 2.90
C29 17F KA . -3.33 -15.94 3.13
C30 17F KA . -2.54 -17.08 3.69
C31 17F KA . -13.23 -5.95 -4.75
C32 17F KA . -14.00 -6.32 -6.04
C33 17F KA . -13.30 -7.48 -6.74
C34 17F KA . -13.71 -8.04 -7.86
C35 17F KA . -14.93 -7.67 -8.67
C36 17F KA . -14.79 -7.94 -10.20
C37 17F KA . -14.14 -6.78 -10.86
C38 17F KA . -12.72 -7.08 -11.42
C39 17F KA . -12.11 -5.82 -12.08
C40 17F KA . -11.28 -5.03 -11.05
C41 17F KA . -9.83 -5.64 -10.92
C42 17F KA . -9.21 -5.78 -9.52
C1 17F LA . 12.08 13.02 6.94
N1 17F LA . 9.92 12.25 5.94
O1 17F LA . 12.69 10.94 9.05
P1 17F LA . 13.48 11.06 7.76
C2 17F LA . 10.56 12.82 7.10
O2 17F LA . 14.83 11.73 7.86
C3 17F LA . 9.90 14.16 7.45
O3 17F LA . 12.70 11.80 6.65
C4 17F LA . 14.50 9.48 5.93
O4 17F LA . 8.92 14.65 6.75
C5 17F LA . 14.67 7.99 5.51
O5 17F LA . 10.28 14.83 8.41
C6 17F LA . 15.94 7.42 6.18
O6 17F LA . 13.77 9.64 7.14
C7 17F LA . 16.63 5.27 6.78
O7 17F LA . 16.18 6.07 5.85
C8 17F LA . 16.81 3.87 6.15
O8 17F LA . 16.90 5.49 7.92
C9 17F LA . 17.85 2.99 6.89
O9 17F LA . 13.52 7.19 5.80
C10 17F LA . 18.09 1.55 6.31
O10 17F LA . 12.97 7.33 3.55
C11 17F LA . 19.61 1.10 6.26
C12 17F LA . 19.78 -0.34 5.67
C17 17F LA . 12.82 6.91 4.70
C18 17F LA . 11.70 5.94 5.00
C19 17F LA . 11.96 4.48 4.54
C20 17F LA . 12.83 3.68 5.59
C1X 17F LA . 21.26 -0.73 5.64
C1Y 17F LA . 13.06 2.22 5.10
C1Z 17F LA . 14.09 1.51 5.98
C2X 17F LA . 21.48 -2.21 5.05
C21 17F LA . 22.02 -2.18 3.58
C22 17F LA . 22.58 -3.17 2.99
C23 17F LA . 22.83 -4.51 3.54
C24 17F LA . 24.20 -5.09 3.19
C25 17F LA . 24.51 -6.47 3.74
C26 17F LA . 25.95 -7.06 3.36
C27 17F LA . 26.25 -8.43 3.90
C28 17F LA . 27.69 -8.84 3.43
C29 17F LA . 28.18 -9.93 4.28
C30 17F LA . 29.56 -10.43 3.94
C31 17F LA . 13.77 0.03 6.36
C32 17F LA . 14.83 -0.68 7.26
C33 17F LA . 14.45 -2.15 7.41
C34 17F LA . 15.15 -3.03 8.12
C35 17F LA . 16.43 -2.78 8.90
C36 17F LA . 17.49 -3.90 8.77
C37 17F LA . 18.83 -3.28 8.56
C38 17F LA . 20.02 -4.26 8.57
C39 17F LA . 21.36 -3.53 8.36
C40 17F LA . 22.46 -4.16 9.22
C41 17F LA . 23.31 -3.04 9.94
C42 17F LA . 23.83 -3.30 11.35
C1 17F MA . -7.19 -1.37 24.51
N1 17F MA . -7.80 -3.68 23.74
O1 17F MA . -4.37 -2.26 24.64
P1 17F MA . -4.87 -1.42 23.48
C2 17F MA . -7.68 -2.79 24.87
O2 17F MA . -4.43 0.01 23.45
C3 17F MA . -9.04 -2.70 25.59
O3 17F MA . -6.41 -1.41 23.36
C4 17F MA . -4.75 -1.42 20.85
O4 17F MA . -10.08 -3.34 25.19
C5 17F MA . -4.19 -2.16 19.61
O5 17F MA . -9.17 -2.00 26.59
C6 17F MA . -3.90 -1.14 18.48
O6 17F MA . -4.40 -2.03 22.09
C7 17F MA . -2.28 -1.32 16.81
O7 17F MA . -3.38 -1.78 17.32
C8 17F MA . -1.95 -2.15 15.55
O8 17F MA . -1.57 -0.41 17.16
C9 17F MA . -0.61 -2.91 15.65
O9 17F MA . -3.03 -2.95 19.91
C10 17F MA . -0.22 -3.77 14.39
O10 17F MA . -4.17 -4.96 20.01
C11 17F MA . -0.03 -2.93 13.07
C12 17F MA . 0.36 -3.84 11.84
C17 17F MA . -3.22 -4.23 19.66
C18 17F MA . -2.09 -4.84 18.86
C19 17F MA . -1.35 -5.99 19.56
C20 17F MA . -1.97 -7.39 19.21
C1X 17F MA . 0.53 -2.98 10.58
C1Y 17F MA . -1.21 -8.53 19.92
C1Z 17F MA . -0.63 -9.52 18.90
C2X 17F MA . 0.94 -3.86 9.30
C21 17F MA . 1.83 -3.06 8.30
C22 17F MA . 3.09 -3.29 8.08
C23 17F MA . 3.91 -4.35 8.70
C24 17F MA . 4.42 -5.41 7.73
C25 17F MA . 5.28 -6.51 8.31
C26 17F MA . 4.48 -7.72 9.01
C27 17F MA . 5.35 -8.81 9.59
C28 17F MA . 4.41 -9.90 10.22
C29 17F MA . 4.86 -11.23 9.78
C30 17F MA . 4.04 -12.38 10.31
C31 17F MA . -1.62 -10.58 18.30
C32 17F MA . -1.00 -11.57 17.27
C33 17F MA . -1.16 -10.99 15.87
C34 17F MA . -0.75 -11.58 14.76
C35 17F MA . -0.06 -12.90 14.64
C36 17F MA . 1.46 -12.80 14.29
C37 17F MA . 2.15 -14.02 14.81
C38 17F MA . 2.76 -14.94 13.74
C39 17F MA . 3.46 -16.17 14.36
C40 17F MA . 2.88 -17.46 13.79
C41 17F MA . 4.03 -18.42 13.28
C42 17F MA . 4.65 -19.41 14.26
C1 17F NA . -19.42 -2.02 10.00
N1 17F NA . -17.06 -1.86 10.84
O1 17F NA . -21.82 -3.49 10.47
P1 17F NA . -20.53 -4.25 10.44
C2 17F NA . -18.28 -1.13 10.55
O2 17F NA . -20.31 -5.27 11.53
C3 17F NA . -18.77 -0.42 11.84
O3 17F NA . -19.28 -3.33 10.45
C4 17F NA . -19.21 -5.87 8.82
O4 17F NA . -18.14 -0.51 12.95
C5 17F NA . -19.26 -6.57 7.43
O5 17F NA . -19.80 0.24 11.83
C6 17F NA . -17.85 -7.13 7.09
O6 17F NA . -20.36 -5.06 9.08
C7 17F NA . -17.15 -7.27 4.86
O7 17F NA . -17.84 -7.79 5.83
C8 17F NA . -17.32 -8.18 3.63
O8 17F NA . -16.48 -6.28 4.83
C9 17F NA . -16.41 -9.43 3.67
O9 17F NA . -20.27 -7.58 7.36
C10 17F NA . -16.54 -10.41 2.44
O10 17F NA . -21.90 -6.49 6.16
C11 17F NA . -17.86 -11.25 2.42
C12 17F NA . -17.93 -12.21 1.17
C17 17F NA . -21.09 -7.40 6.34
C18 17F NA . -20.94 -8.49 5.30
C19 17F NA . -20.96 -9.94 5.85
C20 17F NA . -19.55 -10.64 5.73
C1X 17F NA . -19.23 -13.02 1.18
C1Y 17F NA . -19.61 -12.08 6.30
C1Z 17F NA . -19.70 -13.11 5.17
C2X 17F NA . -19.35 -14.00 -0.07
C21 17F NA . -20.44 -13.54 -1.08
C22 17F NA . -20.38 -13.70 -2.36
C23 17F NA . -19.30 -14.32 -3.13
C24 17F NA . -18.54 -13.37 -4.06
C25 17F NA . -17.42 -13.97 -4.88
C26 17F NA . -16.03 -14.18 -4.11
C27 17F NA . -14.93 -14.78 -4.95
C28 17F NA . -13.65 -14.91 -4.04
C29 17F NA . -13.13 -16.28 -4.14
C30 17F NA . -11.90 -16.54 -3.33
C31 17F NA . -20.15 -14.56 5.57
C32 17F NA . -20.24 -15.58 4.40
C33 17F NA . -19.91 -16.97 4.94
C34 17F NA . -19.90 -18.08 4.19
C35 17F NA . -20.19 -18.19 2.72
C36 17F NA . -19.06 -18.85 1.88
C37 17F NA . -19.54 -20.19 1.41
C38 17F NA . -19.11 -20.55 -0.04
C39 17F NA . -19.63 -21.94 -0.44
C40 17F NA . -20.89 -21.79 -1.32
C41 17F NA . -20.63 -22.41 -2.76
C42 17F NA . -21.72 -22.26 -3.83
C1 17F OA . 12.03 6.86 17.57
N1 17F OA . 13.26 8.94 16.93
O1 17F OA . 12.20 4.35 19.35
P1 17F OA . 13.23 5.44 19.28
C2 17F OA . 12.31 7.93 16.50
O2 17F OA . 13.21 6.47 20.38
C3 17F OA . 11.00 8.60 16.07
O3 17F OA . 13.20 6.23 17.95
C4 17F OA . 15.84 5.70 19.26
O4 17F OA . 10.84 9.88 16.11
C5 17F OA . 17.20 4.94 19.31
O5 17F OA . 10.05 7.94 15.67
C6 17F OA . 17.45 4.44 20.75
O6 17F OA . 14.71 4.84 19.32
C7 17F OA . 18.66 2.61 21.57
O7 17F OA . 18.67 3.72 20.90
C8 17F OA . 20.11 2.07 21.61
O8 17F OA . 17.76 2.04 22.12
C9 17F OA . 20.57 1.40 20.29
O9 17F OA . 17.27 3.85 18.36
C10 17F OA . 22.03 0.83 20.29
O10 17F OA . 17.91 5.34 16.71
C11 17F OA . 23.16 1.91 20.05
C12 17F OA . 24.60 1.27 20.06
C17 17F OA . 17.84 4.21 17.23
C18 17F OA . 18.43 3.03 16.50
C19 17F OA . 19.91 2.73 16.87
C20 17F OA . 20.84 2.69 15.59
C1X 17F OA . 25.67 2.33 19.83
C1Y 17F OA . 22.30 2.39 15.98
C1Z 17F OA . 22.50 0.88 16.20
C2X 17F OA . 27.15 1.71 19.84
C21 17F OA . 28.16 2.59 20.64
C22 17F OA . 28.85 2.17 21.64
C23 17F OA . 28.84 0.84 22.24
C24 17F OA . 29.81 0.66 23.40
C25 17F OA . 29.84 -0.71 24.06
C26 17F OA . 30.35 -1.92 23.13
C27 17F OA . 30.37 -3.27 23.81
C28 17F OA . 30.90 -4.32 22.75
C29 17F OA . 29.93 -5.41 22.64
C30 17F OA . 30.31 -6.49 21.66
C31 17F OA . 23.96 0.38 16.46
C32 17F OA . 24.12 -1.14 16.68
C33 17F OA . 23.71 -1.48 18.11
C34 17F OA . 23.72 -2.71 18.63
C35 17F OA . 24.13 -3.98 17.94
C36 17F OA . 24.51 -5.14 18.92
C37 17F OA . 23.64 -6.31 18.64
C38 17F OA . 24.38 -7.56 18.11
C39 17F OA . 23.41 -8.73 17.86
C40 17F OA . 24.20 -10.02 17.58
C41 17F OA . 23.33 -11.28 17.97
C42 17F OA . 23.58 -12.60 17.22
C1 17F PA . 2.43 17.79 -7.50
N1 17F PA . 3.71 19.86 -6.87
O1 17F PA . 1.65 15.08 -7.15
P1 17F PA . 3.13 15.39 -7.23
C2 17F PA . 2.94 19.18 -7.91
O2 17F PA . 3.96 15.07 -6.02
C3 17F PA . 1.77 20.06 -8.34
O3 17F PA . 3.45 16.86 -7.58
C4 17F PA . 5.21 14.70 -8.69
O4 17F PA . 1.55 21.22 -7.83
C5 17F PA . 5.69 13.83 -9.90
O5 17F PA . 0.99 19.69 -9.22
C6 17F PA . 6.55 12.65 -9.39
O6 17F PA . 3.81 14.58 -8.42
C7 17F PA . 6.48 10.65 -10.59
O7 17F PA . 7.01 11.82 -10.45
C8 17F PA . 7.17 9.97 -11.81
O8 17F PA . 5.64 10.08 -9.96
C9 17F PA . 8.39 9.10 -11.43
O9 17F PA . 4.60 13.36 -10.70
C10 17F PA . 9.13 8.39 -12.63
O10 17F PA . 5.18 14.89 -12.33
C11 17F PA . 10.63 8.02 -12.36
C12 17F PA . 11.30 7.32 -13.60
C17 17F PA . 4.61 13.87 -11.92
C18 17F PA . 3.80 13.05 -12.89
C19 17F PA . 4.64 12.29 -13.95
C20 17F PA . 4.51 12.91 -15.40
C1X 17F PA . 12.76 6.98 -13.30
C1Y 17F PA . 5.35 12.13 -16.41
C1Z 17F PA . 6.85 12.44 -16.23
C2X 17F PA . 13.48 6.25 -14.55
C21 17F PA . 15.00 6.56 -14.62
C22 17F PA . 15.94 5.68 -14.47
C23 17F PA . 15.78 4.24 -14.19
C24 17F PA . 16.98 3.59 -13.51
C25 17F PA . 16.86 2.11 -13.20
C26 17F PA . 17.53 1.12 -14.27
C27 17F PA . 17.40 -0.35 -13.94
C28 17F PA . 18.11 -1.16 -15.09
C29 17F PA . 17.08 -1.74 -15.98
C30 17F PA . 17.63 -2.53 -17.12
C31 17F PA . 7.87 11.50 -16.97
C32 17F PA . 9.36 11.84 -16.76
C33 17F PA . 9.90 12.50 -18.02
C34 17F PA . 11.15 12.92 -18.18
C35 17F PA . 12.27 12.83 -17.16
C36 17F PA . 13.12 11.54 -17.26
C37 17F PA . 14.05 11.48 -16.10
C38 17F PA . 13.56 10.58 -14.93
C39 17F PA . 14.57 10.58 -13.76
C40 17F PA . 13.84 10.65 -12.42
C41 17F PA . 14.45 11.79 -11.51
C42 17F PA . 13.62 12.32 -10.33
C1 17F QA . -3.92 2.18 15.79
N1 17F QA . -6.26 2.43 14.93
O1 17F QA . -0.84 1.88 14.57
P1 17F QA . -2.21 1.67 13.99
C2 17F QA . -5.41 1.81 15.93
O2 17F QA . -2.83 2.84 13.26
C3 17F QA . -5.91 2.21 17.33
O3 17F QA . -3.26 1.22 15.04
C4 17F QA . -3.42 0.11 12.24
O4 17F QA . -6.93 2.98 17.52
C5 17F QA . -3.22 -1.07 11.26
O5 17F QA . -5.34 1.81 18.34
C6 17F QA . -3.84 -2.36 11.84
O6 17F QA . -2.23 0.49 12.93
C7 17F QA . -4.68 -3.83 10.22
O7 17F QA . -3.68 -3.47 10.97
C8 17F QA . -4.25 -5.06 9.40
O8 17F QA . -5.80 -3.37 10.12
C9 17F QA . -3.22 -4.72 8.29
O9 17F QA . -3.74 -0.79 9.95
C10 17F QA . -2.73 -5.93 7.42
O10 17F QA . -1.58 -0.74 9.14
C11 17F QA . -1.21 -6.29 7.57
C12 17F QA . -0.80 -7.50 6.67
C17 17F QA . -2.80 -0.56 9.06
C18 17F QA . -3.37 0.04 7.79
C19 17F QA . -4.21 -0.94 6.94
C20 17F QA . -4.50 -0.38 5.49
C1X 17F QA . 0.69 -7.83 6.84
C1Y 17F QA . -5.35 -1.40 4.68
C1Z 17F QA . -4.45 -2.19 3.72
C2X 17F QA . 1.15 -9.07 5.93
C21 17F QA . 2.62 -8.95 5.45
C22 17F QA . 3.54 -9.85 5.63
C23 17F QA . 3.39 -11.14 6.30
C24 17F QA . 4.34 -12.22 5.78
C25 17F QA . 4.23 -13.58 6.45
C26 17F QA . 5.50 -14.54 6.27
C27 17F QA . 5.38 -15.90 6.94
C28 17F QA . 6.71 -16.69 6.66
C29 17F QA . 6.40 -17.85 5.79
C30 17F QA . 7.59 -18.69 5.44
C31 17F QA . -4.22 -3.72 4.06
C32 17F QA . -3.31 -4.49 3.07
C33 17F QA . -2.92 -5.82 3.70
C34 17F QA . -2.13 -6.72 3.11
C35 17F QA . -1.49 -6.63 1.75
C36 17F QA . -0.10 -5.91 1.73
C37 17F QA . 0.13 -5.37 0.37
C38 17F QA . 1.46 -5.83 -0.30
C39 17F QA . 1.61 -5.23 -1.70
C40 17F QA . 3.00 -5.55 -2.28
C41 17F QA . 2.98 -6.93 -3.05
C42 17F QA . 4.01 -8.00 -2.68
C1 PCW RA . 28.15 -16.03 -13.52
C2 PCW RA . 28.53 -14.51 -13.32
C3 PCW RA . 27.69 -13.61 -14.30
C4 PCW RA . 30.40 -17.46 -9.80
C5 PCW RA . 30.53 -18.66 -8.85
C6 PCW RA . 32.46 -20.05 -7.94
C7 PCW RA . 31.88 -17.90 -6.92
C8 PCW RA . 30.84 -19.44 -7.00
C11 PCW RA . 28.24 -11.46 -15.21
C12 PCW RA . 28.62 -10.06 -14.79
C13 PCW RA . 30.15 -10.05 -14.44
C14 PCW RA . 30.71 -8.70 -13.99
C15 PCW RA . 31.07 -8.60 -12.48
C16 PCW RA . 29.85 -8.10 -11.63
C17 PCW RA . 29.23 -6.71 -12.01
C18 PCW RA . 30.10 -5.53 -11.58
C19 PCW RA . 30.59 -4.69 -12.78
C20 PCW RA . 29.99 -3.49 -13.15
C21 PCW RA . 28.84 -2.73 -12.60
C22 PCW RA . 29.14 -1.23 -12.81
C23 PCW RA . 27.93 -0.29 -13.05
C24 PCW RA . 27.50 -0.11 -14.48
C25 PCW RA . 28.37 0.67 -15.50
C26 PCW RA . 27.94 2.10 -15.79
C27 PCW RA . 28.49 2.76 -17.08
C28 PCW RA . 27.60 3.91 -17.49
C31 PCW RA . 29.22 -14.19 -11.07
C32 PCW RA . 28.73 -13.70 -9.69
C33 PCW RA . 29.79 -12.85 -8.85
C34 PCW RA . 30.04 -11.45 -9.42
C35 PCW RA . 28.87 -10.55 -8.86
C36 PCW RA . 29.31 -9.68 -7.65
C37 PCW RA . 28.20 -8.77 -7.05
C38 PCW RA . 28.71 -7.39 -6.77
C39 PCW RA . 27.66 -6.48 -6.18
C40 PCW RA . 27.32 -5.26 -6.62
C41 PCW RA . 27.95 -4.58 -7.82
C42 PCW RA . 26.94 -3.46 -8.34
C43 PCW RA . 27.52 -2.29 -9.11
C44 PCW RA . 26.35 -1.38 -9.49
C45 PCW RA . 26.50 0.07 -9.06
C46 PCW RA . 25.27 0.89 -9.31
C47 PCW RA . 24.74 1.67 -8.12
C48 PCW RA . 23.48 2.46 -8.51
N PCW RA . 31.69 -18.79 -8.04
O2 PCW RA . 28.21 -14.07 -11.93
O3 PCW RA . 28.07 -12.23 -14.11
O11 PCW RA . 28.11 -11.82 -16.34
O31 PCW RA . 30.38 -14.63 -11.32
O1P PCW RA . 27.78 -17.16 -10.99
O2P PCW RA . 28.41 -19.25 -12.20
O3P PCW RA . 29.17 -16.95 -13.10
O4P PCW RA . 30.14 -17.99 -11.12
P PCW RA . 28.80 -17.87 -11.82
C1 PCW SA . 18.23 -23.53 -10.03
C2 PCW SA . 18.10 -22.00 -10.40
C3 PCW SA . 16.80 -21.39 -9.75
C4 PCW SA . 17.60 -22.75 -14.11
C5 PCW SA . 16.80 -22.86 -15.41
C6 PCW SA . 15.59 -20.61 -15.25
C7 PCW SA . 15.83 -21.75 -17.41
C8 PCW SA . 14.90 -22.30 -15.92
C11 PCW SA . 16.25 -19.70 -11.36
C12 PCW SA . 16.23 -18.21 -11.53
C13 PCW SA . 17.64 -17.76 -12.07
C14 PCW SA . 17.80 -16.25 -12.31
C15 PCW SA . 18.99 -15.57 -11.57
C16 PCW SA . 19.49 -14.31 -12.37
C17 PCW SA . 20.77 -14.49 -13.27
C18 PCW SA . 21.31 -13.18 -13.83
C19 PCW SA . 21.80 -13.30 -15.29
C20 PCW SA . 23.04 -12.82 -15.70
C21 PCW SA . 24.14 -12.14 -14.98
C22 PCW SA . 23.79 -10.62 -14.95
C23 PCW SA . 24.95 -9.62 -14.72
C24 PCW SA . 25.05 -9.00 -13.37
C25 PCW SA . 24.95 -7.45 -13.19
C26 PCW SA . 23.91 -6.96 -12.20
C27 PCW SA . 24.36 -5.90 -11.17
C28 PCW SA . 24.63 -6.56 -9.84
C31 PCW SA . 20.11 -20.81 -10.79
C32 PCW SA . 21.24 -20.05 -10.08
C33 PCW SA . 20.81 -18.66 -9.40
C34 PCW SA . 21.95 -17.97 -8.68
C35 PCW SA . 21.60 -16.42 -8.73
C36 PCW SA . 21.80 -15.73 -7.36
C37 PCW SA . 21.46 -14.20 -7.32
C38 PCW SA . 20.25 -13.91 -6.52
C39 PCW SA . 19.91 -12.44 -6.49
C40 PCW SA . 18.95 -11.82 -7.18
C41 PCW SA . 18.01 -12.52 -8.15
C42 PCW SA . 17.55 -11.45 -9.25
C43 PCW SA . 17.08 -11.97 -10.60
C44 PCW SA . 16.71 -10.75 -11.43
C45 PCW SA . 16.91 -10.89 -12.91
C46 PCW SA . 18.34 -10.71 -13.36
C47 PCW SA . 18.65 -9.48 -14.17
C48 PCW SA . 20.14 -9.43 -14.55
N PCW SA . 16.24 -21.68 -16.02
O2 PCW SA . 19.26 -21.24 -9.86
O3 PCW SA . 16.69 -20.00 -10.12
O11 PCW SA . 15.93 -20.50 -12.21
O31 PCW SA . 20.01 -20.96 -12.04
O1P PCW SA . 19.62 -23.92 -12.36
O2P PCW SA . 18.35 -26.02 -12.81
O3P PCW SA . 17.58 -24.42 -10.95
O4P PCW SA . 17.29 -23.93 -13.32
P PCW SA . 18.29 -24.60 -12.40
C1 PCW TA . 8.10 -31.54 -5.20
C2 PCW TA . 7.54 -30.07 -5.13
C3 PCW TA . 8.68 -29.08 -4.69
C4 PCW TA . 8.87 -30.36 -9.03
C5 PCW TA . 9.22 -30.62 -10.50
C6 PCW TA . 9.29 -29.75 -12.90
C7 PCW TA . 9.87 -28.28 -11.01
C8 PCW TA . 10.75 -29.81 -11.58
C11 PCW TA . 8.46 -26.90 -5.66
C12 PCW TA . 7.81 -25.56 -5.40
C13 PCW TA . 8.80 -24.69 -4.55
C14 PCW TA . 8.30 -23.29 -4.19
C15 PCW TA . 9.06 -22.57 -3.03
C16 PCW TA . 8.29 -21.28 -2.59
C17 PCW TA . 8.63 -20.68 -1.18
C18 PCW TA . 7.48 -19.92 -0.54
C19 PCW TA . 7.34 -20.21 0.98
C20 PCW TA . 6.23 -19.80 1.70
C21 PCW TA . 5.00 -19.07 1.34
C22 PCW TA . 4.95 -17.79 2.22
C23 PCW TA . 3.56 -17.12 2.45
C24 PCW TA . 3.01 -16.31 1.32
C25 PCW TA . 1.78 -15.38 1.52
C26 PCW TA . 0.59 -15.63 0.63
C27 PCW TA . 0.30 -14.60 -0.49
C28 PCW TA . -0.83 -15.08 -1.37
C31 PCW TA . 5.77 -29.39 -6.55
C32 PCW TA . 5.45 -28.95 -7.98
C33 PCW TA . 5.50 -27.38 -8.24
C34 PCW TA . 4.24 -26.65 -7.79
C35 PCW TA . 4.73 -25.22 -7.33
C36 PCW TA . 3.67 -24.47 -6.49
C37 PCW TA . 4.09 -23.04 -6.00
C38 PCW TA . 3.75 -22.83 -4.56
C39 PCW TA . 4.15 -21.46 -4.06
C40 PCW TA . 4.21 -21.06 -2.79
C41 PCW TA . 3.87 -21.93 -1.60
C42 PCW TA . 5.17 -22.77 -1.22
C43 PCW TA . 5.01 -24.24 -0.87
C44 PCW TA . 6.40 -24.78 -0.56
C45 PCW TA . 6.92 -25.80 -1.53
C46 PCW TA . 6.30 -27.17 -1.37
C47 PCW TA . 5.40 -27.63 -2.50
C48 PCW TA . 4.83 -29.03 -2.20
N PCW TA . 9.30 -29.54 -11.43
O2 PCW TA . 7.09 -29.63 -6.48
O3 PCW TA . 8.16 -27.75 -4.63
O11 PCW TA . 9.12 -27.17 -6.62
O31 PCW TA . 4.93 -29.51 -5.62
O1P PCW TA . 10.01 -32.20 -7.07
O2P PCW TA . 8.50 -33.84 -8.18
O3P PCW TA . 7.60 -32.31 -6.31
O4P PCW TA . 8.10 -31.51 -8.57
P PCW TA . 8.62 -32.50 -7.55
C1 PCW UA . 27.14 -19.69 -4.20
C2 PCW UA . 27.42 -19.49 -2.65
C3 PCW UA . 28.45 -18.33 -2.44
C4 PCW UA . 28.54 -23.41 -3.55
C5 PCW UA . 29.88 -23.97 -4.02
C6 PCW UA . 32.22 -24.57 -3.20
C7 PCW UA . 30.27 -25.77 -2.35
C8 PCW UA . 30.91 -25.73 -4.09
C11 PCW UA . 28.59 -16.90 -0.53
C12 PCW UA . 28.88 -16.92 0.94
C13 PCW UA . 30.29 -16.30 1.17
C14 PCW UA . 30.76 -16.23 2.63
C15 PCW UA . 31.46 -17.51 3.18
C16 PCW UA . 32.26 -17.18 4.49
C17 PCW UA . 33.58 -16.35 4.34
C18 PCW UA . 34.46 -16.39 5.58
C19 PCW UA . 35.18 -15.04 5.84
C20 PCW UA . 34.89 -14.26 6.96
C21 PCW UA . 33.94 -14.44 8.09
C22 PCW UA . 33.07 -13.16 8.15
C23 PCW UA . 33.59 -11.98 9.00
C24 PCW UA . 34.01 -10.74 8.26
C25 PCW UA . 33.25 -9.40 8.46
C26 PCW UA . 31.80 -9.37 8.01
C27 PCW UA . 31.44 -8.51 6.78
C28 PCW UA . 30.75 -7.24 7.21
C31 PCW UA . 25.46 -20.12 -1.47
C32 PCW UA . 24.20 -19.55 -0.81
C33 PCW UA . 24.35 -18.10 -0.12
C34 PCW UA . 24.28 -18.13 1.40
C35 PCW UA . 23.04 -17.23 1.79
C36 PCW UA . 23.44 -16.04 2.70
C37 PCW UA . 22.27 -15.11 3.14
C38 PCW UA . 21.65 -15.53 4.44
C39 PCW UA . 20.52 -14.63 4.87
C40 PCW UA . 20.60 -13.56 5.66
C41 PCW UA . 21.89 -13.04 6.27
C42 PCW UA . 21.85 -13.32 7.84
C43 PCW UA . 22.93 -12.70 8.71
C44 PCW UA . 22.65 -13.12 10.14
C45 PCW UA . 23.28 -12.25 11.19
C46 PCW UA . 24.52 -12.86 11.81
C47 PCW UA . 24.54 -12.94 13.32
C48 PCW UA . 25.85 -13.58 13.81
N PCW UA . 30.74 -24.63 -3.10
O2 PCW UA . 26.15 -19.09 -1.98
O3 PCW UA . 28.69 -18.15 -1.04
O11 PCW UA . 28.32 -15.92 -1.16
O31 PCW UA . 25.78 -21.34 -1.53
O1P PCW UA . 26.04 -23.25 -5.06
O2P PCW UA . 27.40 -21.80 -6.58
O3P PCW UA . 26.28 -20.81 -4.49
O4P PCW UA . 28.26 -22.25 -4.37
P PCW UA . 26.98 -22.08 -5.18
C1 PCW VA . 5.07 -32.65 -12.28
C2 PCW VA . 4.77 -31.12 -12.04
C3 PCW VA . 5.18 -30.30 -13.32
C4 PCW VA . 5.62 -34.96 -8.71
C5 PCW VA . 5.16 -33.72 -7.94
C6 PCW VA . 2.76 -33.64 -7.06
C7 PCW VA . 4.66 -33.70 -5.50
C8 PCW VA . 4.22 -32.37 -6.72
C11 PCW VA . 5.75 -28.18 -12.33
C12 PCW VA . 5.30 -26.74 -12.29
C13 PCW VA . 3.92 -26.68 -11.51
C14 PCW VA . 3.33 -25.27 -11.38
C15 PCW VA . 1.78 -25.20 -11.23
C16 PCW VA . 1.38 -25.11 -9.71
C17 PCW VA . 0.45 -23.93 -9.28
C18 PCW VA . -1.01 -24.37 -9.03
C19 PCW VA . -1.39 -24.35 -7.53
C20 PCW VA . -2.33 -23.48 -7.02
C21 PCW VA . -3.17 -22.43 -7.64
C22 PCW VA . -2.58 -21.06 -7.18
C23 PCW VA . -3.43 -19.79 -7.45
C24 PCW VA . -3.30 -19.17 -8.81
C25 PCW VA . -4.40 -19.37 -9.89
C26 PCW VA . -5.27 -18.17 -10.20
C27 PCW VA . -6.81 -18.39 -10.26
C28 PCW VA . -7.46 -17.80 -9.03
C31 PCW VA . 2.94 -30.93 -10.55
C32 PCW VA . 1.41 -30.71 -10.50
C33 PCW VA . 0.92 -29.28 -11.03
C34 PCW VA . 0.55 -29.28 -12.52
C35 PCW VA . -0.71 -30.24 -12.66
C36 PCW VA . -1.45 -30.05 -13.99
C37 PCW VA . -2.69 -30.96 -14.19
C38 PCW VA . -3.24 -30.86 -15.57
C39 PCW VA . -4.44 -31.74 -15.80
C40 PCW VA . -5.20 -31.79 -16.88
C41 PCW VA . -4.97 -30.95 -18.12
C42 PCW VA . -5.88 -29.63 -17.99
C43 PCW VA . -5.74 -28.56 -19.06
C44 PCW VA . -6.70 -27.44 -18.69
C45 PCW VA . -8.09 -27.58 -19.25
C46 PCW VA . -9.18 -27.26 -18.26
C47 PCW VA . -10.56 -27.77 -18.60
C48 PCW VA . -11.57 -27.37 -17.50
N PCW VA . 4.22 -33.86 -6.87
O2 PCW VA . 3.31 -30.92 -11.83
O3 PCW VA . 4.90 -28.90 -13.12
O11 PCW VA . 6.72 -28.61 -11.77
O31 PCW VA . 3.68 -31.11 -9.55
O1P PCW VA . 3.65 -35.83 -10.64
O2P PCW VA . 5.54 -35.61 -12.25
O3P PCW VA . 4.15 -33.55 -11.63
O4P PCW VA . 5.75 -34.56 -10.11
P PCW VA . 4.76 -34.97 -11.17
C1 PCW WA . 1.56 -38.58 10.30
C2 PCW WA . 0.77 -37.55 11.22
C3 PCW WA . 1.53 -37.30 12.56
C4 PCW WA . 1.12 -41.81 11.75
C5 PCW WA . -0.38 -41.75 12.02
C6 PCW WA . -0.93 -43.93 10.83
C7 PCW WA . -2.54 -42.91 12.36
C8 PCW WA . -1.92 -42.24 10.76
C11 PCW WA . 0.14 -36.88 14.46
C12 PCW WA . -0.55 -35.75 15.18
C13 PCW WA . 0.45 -35.13 16.23
C14 PCW WA . -0.11 -33.98 17.05
C15 PCW WA . 0.83 -32.72 17.18
C16 PCW WA . 0.03 -31.40 16.91
C17 PCW WA . -1.02 -30.97 17.98
C18 PCW WA . -2.34 -30.47 17.37
C19 PCW WA . -3.28 -31.62 16.93
C20 PCW WA . -4.58 -31.73 17.39
C21 PCW WA . -5.39 -30.93 18.34
C22 PCW WA . -6.06 -31.92 19.32
C23 PCW WA . -7.55 -31.68 19.67
C24 PCW WA . -7.89 -31.54 21.12
C25 PCW WA . -8.67 -32.64 21.87
C26 PCW WA . -8.64 -32.58 23.38
C27 PCW WA . -9.85 -31.95 24.11
C28 PCW WA . -9.38 -30.77 24.94
C31 PCW WA . -0.53 -35.64 10.69
C32 PCW WA . -0.49 -34.31 9.92
C33 PCW WA . -1.78 -33.99 9.02
C34 PCW WA . -2.51 -32.73 9.44
C35 PCW WA . -2.00 -31.59 8.47
C36 PCW WA . -2.26 -30.17 9.02
C37 PCW WA . -1.78 -29.00 8.11
C38 PCW WA . -2.81 -28.63 7.09
C39 PCW WA . -2.36 -27.50 6.20
C40 PCW WA . -3.13 -26.77 5.40
C41 PCW WA . -4.63 -26.97 5.23
C42 PCW WA . -5.37 -25.69 5.83
C43 PCW WA . -5.50 -25.56 7.34
C44 PCW WA . -6.24 -24.26 7.60
C45 PCW WA . -6.73 -24.06 9.02
C46 PCW WA . -8.04 -23.34 9.12
C47 PCW WA . -7.98 -21.89 9.53
C48 PCW WA . -9.40 -21.29 9.58
N PCW WA . -1.18 -42.92 11.87
O2 PCW WA . 0.65 -36.25 10.52
O3 PCW WA . 0.80 -36.37 13.37
O11 PCW WA . 0.14 -38.03 14.81
O31 PCW WA . -1.51 -36.06 11.37
O1P PCW WA . 3.89 -41.17 11.13
O2P PCW WA . 3.65 -39.63 13.09
O3P PCW WA . 2.91 -38.87 10.74
O4P PCW WA . 1.65 -40.50 12.08
P PCW WA . 3.09 -40.08 11.79
C1 PCW XA . -3.62 -36.58 5.40
C2 PCW XA . -4.89 -36.08 4.61
C3 PCW XA . -6.19 -36.73 5.20
C4 PCW XA . -2.15 -37.80 1.15
C5 PCW XA . -1.97 -36.38 0.61
C6 PCW XA . -0.29 -36.71 -1.09
C7 PCW XA . -1.60 -34.78 -1.14
C8 PCW XA . -2.60 -36.74 -1.75
C11 PCW XA . -7.45 -36.57 3.15
C12 PCW XA . -8.73 -35.98 2.61
C13 PCW XA . -8.59 -34.42 2.62
C14 PCW XA . -9.82 -33.66 2.11
C15 PCW XA . -9.85 -32.14 2.41
C16 PCW XA . -10.29 -31.33 1.14
C17 PCW XA . -11.74 -30.73 1.13
C18 PCW XA . -12.83 -31.79 0.96
C19 PCW XA . -13.85 -31.43 -0.15
C20 PCW XA . -15.20 -31.74 -0.04
C21 PCW XA . -16.00 -32.42 1.01
C22 PCW XA . -17.38 -31.71 1.07
C23 PCW XA . -17.81 -31.10 2.42
C24 PCW XA . -19.04 -30.23 2.41
C25 PCW XA . -19.06 -28.86 3.15
C26 PCW XA . -18.81 -27.63 2.30
C27 PCW XA . -19.98 -27.10 1.44
C28 PCW XA . -19.94 -25.59 1.39
C31 PCW XA . -4.70 -33.93 3.65
C32 PCW XA . -4.89 -32.42 3.94
C33 PCW XA . -4.21 -31.89 5.28
C34 PCW XA . -5.17 -31.90 6.48
C35 PCW XA . -5.94 -30.52 6.41
C36 PCW XA . -7.47 -30.69 6.51
C37 PCW XA . -8.30 -29.36 6.44
C38 PCW XA . -8.89 -29.01 7.77
C39 PCW XA . -9.69 -27.73 7.72
C40 PCW XA . -9.91 -26.89 8.73
C41 PCW XA . -9.38 -27.08 10.13
C42 PCW XA . -10.39 -26.36 11.15
C43 PCW XA . -11.69 -27.06 11.49
C44 PCW XA . -12.44 -26.17 12.47
C45 PCW XA . -13.88 -25.87 12.09
C46 PCW XA . -14.04 -24.57 11.34
C47 PCW XA . -15.01 -23.58 11.94
C48 PCW XA . -15.09 -22.31 11.08
N PCW XA . -1.63 -36.16 -0.77
O2 PCW XA . -5.03 -34.61 4.74
O3 PCW XA . -7.35 -36.27 4.48
O11 PCW XA . -6.64 -37.19 2.51
O31 PCW XA . -4.30 -34.42 2.55
O1P PCW XA . -1.20 -38.87 3.71
O2P PCW XA . -3.65 -39.12 4.16
O3P PCW XA . -2.48 -36.86 4.57
O4P PCW XA . -2.98 -37.70 2.33
P PCW XA . -2.57 -38.23 3.70
C1 PCW YA . 27.40 -8.44 -30.15
C2 PCW YA . 27.07 -6.91 -29.96
C3 PCW YA . 27.78 -6.07 -31.07
C4 PCW YA . 25.34 -9.73 -26.18
C5 PCW YA . 25.35 -8.76 -24.99
C6 PCW YA . 27.15 -9.37 -23.52
C7 PCW YA . 25.13 -10.52 -23.39
C8 PCW YA . 25.17 -8.41 -22.56
C11 PCW YA . 28.41 -3.88 -30.31
C12 PCW YA . 27.89 -2.46 -30.24
C13 PCW YA . 26.82 -2.39 -29.10
C14 PCW YA . 26.19 -1.01 -28.90
C15 PCW YA . 26.06 -0.53 -27.42
C16 PCW YA . 25.96 1.04 -27.35
C17 PCW YA . 27.31 1.84 -27.21
C18 PCW YA . 27.35 3.11 -28.04
C19 PCW YA . 27.55 4.39 -27.19
C20 PCW YA . 26.48 5.16 -26.75
C21 PCW YA . 25.02 5.04 -26.92
C22 PCW YA . 24.38 5.30 -25.53
C23 PCW YA . 23.71 4.10 -24.81
C24 PCW YA . 23.99 3.96 -23.34
C25 PCW YA . 23.04 4.60 -22.28
C26 PCW YA . 23.23 4.16 -20.85
C27 PCW YA . 22.66 5.07 -19.73
C28 PCW YA . 23.78 5.63 -18.89
C31 PCW YA . 25.03 -6.11 -29.06
C32 PCW YA . 23.52 -5.93 -29.35
C33 PCW YA . 23.06 -4.43 -29.67
C34 PCW YA . 21.60 -4.15 -29.34
C35 PCW YA . 21.05 -3.27 -30.54
C36 PCW YA . 19.64 -3.71 -30.98
C37 PCW YA . 19.02 -2.89 -32.16
C38 PCW YA . 17.53 -2.93 -32.16
C39 PCW YA . 16.91 -2.15 -33.29
C40 PCW YA . 15.78 -1.46 -33.26
C41 PCW YA . 14.86 -1.34 -32.05
C42 PCW YA . 14.70 0.20 -31.69
C43 PCW YA . 14.77 0.63 -30.24
C44 PCW YA . 14.58 2.13 -30.21
C45 PCW YA . 14.80 2.79 -28.87
C46 PCW YA . 15.79 3.91 -28.90
C47 PCW YA . 15.37 5.20 -28.26
C48 PCW YA . 16.47 6.26 -28.35
N PCW YA . 25.69 -9.24 -23.68
O2 PCW YA . 25.59 -6.68 -30.11
O3 PCW YA . 27.47 -4.67 -30.90
O11 PCW YA . 29.48 -4.24 -29.91
O31 PCW YA . 25.61 -5.77 -27.99
O1P PCW YA . 26.35 -11.50 -28.26
O2P PCW YA . 28.38 -10.06 -28.04
O3P PCW YA . 26.43 -9.33 -29.56
O4P PCW YA . 26.34 -9.25 -27.12
P PCW YA . 26.92 -10.10 -28.23
C1 PCW ZA . -11.71 -31.36 -16.41
C2 PCW ZA . -10.75 -31.25 -15.15
C3 PCW ZA . -9.57 -30.26 -15.46
C4 PCW ZA . -11.92 -34.24 -20.05
C5 PCW ZA . -10.65 -34.75 -20.73
C6 PCW ZA . -10.37 -34.22 -23.21
C7 PCW ZA . -8.79 -33.33 -21.56
C8 PCW ZA . -9.08 -35.10 -22.01
C11 PCW ZA . -7.89 -31.23 -14.01
C12 PCW ZA . -7.09 -30.91 -12.78
C13 PCW ZA . -7.94 -31.32 -11.53
C14 PCW ZA . -7.27 -31.04 -10.17
C15 PCW ZA . -6.34 -32.18 -9.65
C16 PCW ZA . -5.16 -31.58 -8.81
C17 PCW ZA . -5.08 -31.97 -7.30
C18 PCW ZA . -4.37 -30.93 -6.44
C19 PCW ZA . -5.03 -30.76 -5.05
C20 PCW ZA . -6.03 -29.83 -4.80
C21 PCW ZA . -6.69 -28.83 -5.67
C22 PCW ZA . -6.23 -27.43 -5.16
C23 PCW ZA . -7.21 -26.24 -5.34
C24 PCW ZA . -7.06 -25.08 -4.39
C25 PCW ZA . -7.40 -23.64 -4.83
C26 PCW ZA . -6.24 -22.71 -5.13
C27 PCW ZA . -6.45 -21.19 -4.98
C28 PCW ZA . -7.02 -20.62 -6.25
C31 PCW ZA . -11.45 -31.48 -12.90
C32 PCW ZA . -12.26 -30.80 -11.78
C33 PCW ZA . -13.83 -31.14 -11.77
C34 PCW ZA . -14.59 -30.44 -10.65
C35 PCW ZA . -15.78 -29.67 -11.35
C36 PCW ZA . -15.58 -28.13 -11.33
C37 PCW ZA . -16.71 -27.30 -12.00
C38 PCW ZA . -16.35 -25.86 -12.12
C39 PCW ZA . -17.43 -25.04 -12.77
C40 PCW ZA . -18.34 -24.29 -12.16
C41 PCW ZA . -18.43 -24.12 -10.65
C42 PCW ZA . -18.84 -22.61 -10.34
C43 PCW ZA . -19.14 -22.23 -8.90
C44 PCW ZA . -19.50 -20.75 -8.90
C45 PCW ZA . -19.17 -20.01 -7.63
C46 PCW ZA . -19.96 -18.74 -7.44
C47 PCW ZA . -19.24 -17.45 -7.73
C48 PCW ZA . -20.15 -16.24 -7.50
N PCW ZA . -10.06 -33.99 -21.79
O2 PCW ZA . -11.50 -30.71 -13.98
O3 PCW ZA . -8.71 -30.18 -14.31
O11 PCW ZA . -7.82 -32.26 -14.64
O31 PCW ZA . -10.83 -32.58 -12.80
O1P PCW ZA . -10.31 -32.29 -18.67
O2P PCW ZA . -9.88 -34.17 -17.09
O3P PCW ZA . -11.99 -32.71 -16.83
O4P PCW ZA . -11.72 -34.36 -18.61
P PCW ZA . -10.89 -33.37 -17.81
C1 PCW AB . -4.19 -21.52 -36.54
C2 PCW AB . -5.68 -21.47 -36.05
C3 PCW AB . -5.86 -22.38 -34.79
C4 PCW AB . -0.54 -21.79 -37.60
C5 PCW AB . 0.79 -21.25 -37.07
C6 PCW AB . 2.09 -22.85 -38.35
C7 PCW AB . 1.97 -23.06 -36.03
C8 PCW AB . 3.25 -21.37 -36.85
C11 PCW AB . -8.14 -23.09 -35.01
C12 PCW AB . -9.50 -22.88 -34.37
C13 PCW AB . -10.14 -21.58 -34.98
C14 PCW AB . -11.52 -21.22 -34.43
C15 PCW AB . -12.61 -22.31 -34.58
C16 PCW AB . -14.02 -21.66 -34.78
C17 PCW AB . -14.97 -21.61 -33.54
C18 PCW AB . -14.60 -20.53 -32.52
C19 PCW AB . -15.09 -19.12 -32.94
C20 PCW AB . -16.33 -18.62 -32.58
C21 PCW AB . -17.45 -19.20 -31.77
C22 PCW AB . -18.55 -18.11 -31.72
C23 PCW AB . -19.21 -17.83 -30.34
C24 PCW AB . -19.45 -19.01 -29.44
C25 PCW AB . -20.86 -19.27 -28.81
C26 PCW AB . -21.07 -20.63 -28.17
C27 PCW AB . -20.96 -20.73 -26.62
C28 PCW AB . -21.14 -22.15 -26.17
C31 PCW AB . -6.74 -19.42 -36.56
C32 PCW AB . -7.04 -18.02 -36.01
C33 PCW AB . -8.40 -17.89 -35.16
C34 PCW AB . -9.57 -17.38 -35.98
C35 PCW AB . -9.35 -15.81 -36.12
C36 PCW AB . -9.70 -15.04 -34.83
C37 PCW AB . -9.50 -13.49 -34.92
C38 PCW AB . -8.27 -13.05 -34.17
C39 PCW AB . -8.06 -11.57 -34.24
C40 PCW AB . -8.50 -10.67 -33.36
C41 PCW AB . -9.31 -11.00 -32.12
C42 PCW AB . -9.74 -9.63 -31.42
C43 PCW AB . -10.89 -9.66 -30.43
C44 PCW AB . -11.08 -8.23 -29.93
C45 PCW AB . -10.27 -7.88 -28.70
C46 PCW AB . -10.95 -8.27 -27.41
C47 PCW AB . -10.36 -9.47 -26.70
C48 PCW AB . -11.13 -9.77 -25.42
N PCW AB . 1.96 -22.09 -37.08
O2 PCW AB . -6.04 -20.09 -35.64
O3 PCW AB . -7.22 -22.33 -34.35
O11 PCW AB . -7.93 -23.81 -35.94
O31 PCW AB . -7.09 -19.85 -37.69
O1P PCW AB . -3.03 -22.05 -39.10
O2P PCW AB . -2.66 -19.63 -39.53
O3P PCW AB . -3.80 -20.40 -37.36
O4P PCW AB . -1.42 -20.66 -37.76
P PCW AB . -2.73 -20.70 -38.52
C1 PCW BB . 8.16 -34.59 10.20
C2 PCW BB . 8.22 -33.19 10.92
C3 PCW BB . 7.77 -33.34 12.42
C4 PCW BB . 7.08 -38.11 9.36
C5 PCW BB . 6.60 -39.45 9.92
C6 PCW BB . 7.78 -40.81 8.10
C7 PCW BB . 6.77 -41.92 10.04
C8 PCW BB . 5.92 -40.95 8.71
C11 PCW BB . 8.20 -32.04 14.39
C12 PCW BB . 8.19 -30.61 14.88
C13 PCW BB . 6.95 -30.44 15.84
C14 PCW BB . 6.78 -29.04 16.43
C15 PCW BB . 5.56 -28.84 17.38
C16 PCW BB . 5.87 -27.77 18.48
C17 PCW BB . 5.86 -28.26 19.97
C18 PCW BB . 4.85 -27.53 20.84
C19 PCW BB . 5.49 -26.68 21.96
C20 PCW BB . 4.86 -25.59 22.53
C21 PCW BB . 3.55 -24.95 22.28
C22 PCW BB . 3.19 -24.14 23.57
C23 PCW BB . 3.21 -22.58 23.46
C24 PCW BB . 3.13 -21.82 24.75
C25 PCW BB . 1.83 -21.06 25.14
C26 PCW BB . 1.41 -21.15 26.59
C27 PCW BB . 0.52 -22.33 27.01
C28 PCW BB . 1.22 -23.18 28.05
C31 PCW BB . 9.73 -31.37 10.71
C32 PCW BB . 11.22 -31.00 10.74
C33 PCW BB . 11.55 -29.46 11.04
C34 PCW BB . 11.64 -28.60 9.78
C35 PCW BB . 10.39 -27.63 9.86
C36 PCW BB . 9.65 -27.50 8.50
C37 PCW BB . 8.40 -26.56 8.50
C38 PCW BB . 8.64 -25.32 7.70
C39 PCW BB . 7.46 -24.39 7.68
C40 PCW BB . 7.48 -23.06 7.80
C41 PCW BB . 8.73 -22.24 7.98
C42 PCW BB . 8.29 -20.77 8.44
C43 PCW BB . 8.72 -20.26 9.80
C44 PCW BB . 8.16 -18.86 9.94
C45 PCW BB . 8.68 -18.08 11.13
C46 PCW BB . 8.19 -16.67 11.19
C47 PCW BB . 6.85 -16.45 11.86
C48 PCW BB . 6.46 -14.97 11.84
N PCW BB . 7.18 -40.67 9.45
O2 PCW BB . 9.62 -32.68 10.93
O3 PCW BB . 7.83 -32.07 13.08
O11 PCW BB . 8.49 -33.00 15.05
O31 PCW BB . 8.77 -30.56 10.51
O1P PCW BB . 9.24 -36.49 8.27
O2P PCW BB . 10.57 -37.62 10.04
O3P PCW BB . 9.21 -35.50 10.59
O4P PCW BB . 8.18 -37.68 10.21
P PCW BB . 9.34 -36.84 9.71
C1 PCW CB . 27.65 -16.46 -19.80
C2 PCW CB . 26.42 -15.80 -19.06
C3 PCW CB . 25.33 -15.37 -20.10
C4 PCW CB . 26.56 -19.46 -21.28
C5 PCW CB . 25.08 -19.83 -21.23
C6 PCW CB . 24.95 -21.48 -23.17
C7 PCW CB . 23.48 -21.73 -21.23
C8 PCW CB . 23.51 -20.35 -22.44
C11 PCW CB . 23.00 -14.81 -20.00
C12 PCW CB . 22.00 -14.11 -19.11
C13 PCW CB . 21.95 -12.59 -19.55
C14 PCW CB . 20.96 -11.73 -18.75
C15 PCW CB . 21.09 -10.19 -18.97
C16 PCW CB . 22.31 -9.62 -18.17
C17 PCW CB . 22.51 -8.06 -18.18
C18 PCW CB . 22.09 -7.40 -16.87
C19 PCW CB . 22.99 -6.18 -16.50
C20 PCW CB . 22.61 -5.22 -15.58
C21 PCW CB . 21.39 -5.07 -14.74
C22 PCW CB . 21.73 -4.02 -13.65
C23 PCW CB . 20.53 -3.32 -12.93
C24 PCW CB . 20.86 -2.54 -11.70
C25 PCW CB . 20.95 -0.99 -11.73
C26 PCW CB . 22.34 -0.40 -11.55
C27 PCW CB . 23.29 -0.39 -12.78
C28 PCW CB . 24.20 0.80 -12.71
C31 PCW CB . 26.08 -16.59 -16.86
C32 PCW CB . 25.37 -17.67 -16.03
C33 PCW CB . 24.04 -17.19 -15.26
C34 PCW CB . 24.14 -17.34 -13.74
C35 PCW CB . 24.45 -15.88 -13.21
C36 PCW CB . 24.61 -15.84 -11.67
C37 PCW CB . 24.92 -14.43 -11.07
C38 PCW CB . 23.67 -13.66 -10.77
C39 PCW CB . 23.95 -12.30 -10.19
C40 PCW CB . 23.07 -11.33 -9.97
C41 PCW CB . 21.59 -11.44 -10.29
C42 PCW CB . 21.09 -10.04 -10.86
C43 PCW CB . 20.58 -9.01 -9.87
C44 PCW CB . 20.20 -7.78 -10.68
C45 PCW CB . 18.74 -7.38 -10.61
C46 PCW CB . 18.45 -6.00 -11.09
C47 PCW CB . 17.01 -5.69 -11.44
C48 PCW CB . 16.85 -4.24 -11.92
N PCW CB . 24.65 -21.08 -21.79
O2 PCW CB . 25.79 -16.79 -18.14
O3 PCW CB . 24.22 -14.77 -19.41
O11 PCW CB . 22.76 -15.31 -21.06
O31 PCW CB . 26.82 -15.67 -16.39
O1P PCW CB . 29.38 -19.05 -20.62
O2P PCW CB . 28.66 -19.89 -18.39
O3P PCW CB . 28.39 -17.40 -18.99
O4P PCW CB . 26.96 -19.16 -19.91
P PCW CB . 28.40 -18.93 -19.49
C1 PCW DB . 22.27 -30.63 4.86
C2 PCW DB . 21.25 -29.76 5.70
C3 PCW DB . 21.50 -29.95 7.23
C4 PCW DB . 21.24 -31.34 0.09
C5 PCW DB . 21.98 -30.36 -0.81
C6 PCW DB . 20.27 -28.53 -1.24
C7 PCW DB . 22.61 -27.96 -0.88
C8 PCW DB . 21.89 -28.95 -2.28
C11 PCW DB . 20.92 -28.72 9.21
C12 PCW DB . 19.81 -27.90 9.80
C13 PCW DB . 20.19 -26.38 9.65
C14 PCW DB . 19.15 -25.39 10.20
C15 PCW DB . 19.71 -24.27 11.13
C16 PCW DB . 18.60 -23.78 12.12
C17 PCW DB . 19.04 -22.75 13.22
C18 PCW DB . 19.36 -23.39 14.56
C19 PCW DB . 18.74 -22.61 15.75
C20 PCW DB . 19.49 -21.80 16.59
C21 PCW DB . 20.94 -21.44 16.61
C22 PCW DB . 21.10 -20.19 15.71
C23 PCW DB . 21.98 -19.02 16.24
C24 PCW DB . 21.42 -18.20 17.35
C25 PCW DB . 22.27 -17.82 18.59
C26 PCW DB . 21.52 -17.66 19.90
C27 PCW DB . 22.36 -17.49 21.19
C28 PCW DB . 21.90 -16.25 21.94
C31 PCW DB . 20.47 -27.77 4.67
C32 PCW DB . 20.80 -26.29 4.45
C33 PCW DB . 21.06 -25.43 5.78
C34 PCW DB . 20.93 -23.93 5.57
C35 PCW DB . 20.50 -23.33 6.98
C36 PCW DB . 20.73 -21.81 7.07
C37 PCW DB . 20.33 -21.16 8.43
C38 PCW DB . 18.84 -21.04 8.57
C39 PCW DB . 18.43 -20.41 9.88
C40 PCW DB . 17.40 -19.57 10.06
C41 PCW DB . 16.47 -19.11 8.95
C42 PCW DB . 15.67 -17.84 9.48
C43 PCW DB . 15.09 -16.87 8.47
C44 PCW DB . 14.40 -15.78 9.25
C45 PCW DB . 15.26 -14.61 9.66
C46 PCW DB . 14.82 -13.96 10.95
C47 PCW DB . 15.83 -13.97 12.07
C48 PCW DB . 15.28 -13.27 13.32
N PCW DB . 21.60 -28.98 -0.81
O2 PCW DB . 21.44 -28.31 5.40
O3 PCW DB . 20.56 -29.15 7.96
O11 PCW DB . 21.96 -28.97 9.76
O31 PCW DB . 19.44 -28.37 4.24
O1P PCW DB . 21.83 -29.20 1.93
O2P PCW DB . 23.91 -30.51 2.36
O3P PCW DB . 21.72 -31.10 3.60
O4P PCW DB . 22.07 -31.59 1.26
P PCW DB . 22.43 -30.52 2.27
C1 PCW EB . 19.30 -12.62 -28.77
C2 PCW EB . 18.84 -11.16 -28.37
C3 PCW EB . 20.04 -10.39 -27.71
C4 PCW EB . 19.46 -12.44 -33.62
C5 PCW EB . 17.99 -12.02 -33.69
C6 PCW EB . 17.28 -12.10 -36.13
C7 PCW EB . 15.87 -13.07 -34.39
C8 PCW EB . 16.33 -11.30 -34.62
C11 PCW EB . 19.99 -8.03 -28.14
C12 PCW EB . 19.42 -6.74 -27.59
C13 PCW EB . 17.85 -6.79 -27.74
C14 PCW EB . 17.11 -5.55 -27.23
C15 PCW EB . 16.96 -4.40 -28.26
C16 PCW EB . 17.56 -3.06 -27.71
C17 PCW EB . 17.04 -1.72 -28.34
C18 PCW EB . 18.04 -0.57 -28.21
C19 PCW EB . 18.36 0.08 -29.57
C20 PCW EB . 19.48 0.88 -29.76
C21 PCW EB . 20.57 1.31 -28.85
C22 PCW EB . 21.70 0.24 -28.95
C23 PCW EB . 22.92 0.56 -29.84
C24 PCW EB . 22.98 -0.11 -31.18
C25 PCW EB . 22.71 0.69 -32.50
C26 PCW EB . 21.28 0.72 -32.99
C27 PCW EB . 21.02 1.30 -34.39
C28 PCW EB . 20.16 2.53 -34.31
C31 PCW EB . 17.12 -10.44 -29.82
C32 PCW EB . 16.85 -9.61 -31.10
C33 PCW EB . 17.60 -8.19 -31.18
C34 PCW EB . 18.60 -8.10 -32.32
C35 PCW EB . 18.22 -6.81 -33.13
C36 PCW EB . 18.31 -7.00 -34.66
C37 PCW EB . 17.92 -5.76 -35.51
C38 PCW EB . 18.92 -4.65 -35.38
C39 PCW EB . 18.56 -3.45 -36.19
C40 PCW EB . 19.33 -2.38 -36.45
C41 PCW EB . 20.75 -2.22 -35.94
C42 PCW EB . 21.66 -1.71 -37.14
C43 PCW EB . 21.54 -0.27 -37.59
C44 PCW EB . 22.52 -0.07 -38.74
C45 PCW EB . 23.08 1.31 -38.88
C46 PCW EB . 22.79 1.94 -40.22
C47 PCW EB . 23.90 2.75 -40.83
C48 PCW EB . 23.48 3.33 -42.18
N PCW EB . 17.15 -12.52 -34.73
O2 PCW EB . 18.42 -10.40 -29.58
O3 PCW EB . 19.60 -9.07 -27.35
O11 PCW EB . 20.68 -8.12 -29.13
O31 PCW EB . 16.23 -11.03 -29.14
O1P PCW EB . 20.71 -11.42 -31.21
O2P PCW EB . 21.33 -13.81 -30.87
O3P PCW EB . 19.01 -12.97 -30.14
O4P PCW EB . 19.60 -13.30 -32.46
P PCW EB . 20.25 -12.84 -31.16
C1 PCW FB . 27.35 -22.34 1.48
C2 PCW FB . 28.16 -21.34 2.39
C3 PCW FB . 27.30 -20.08 2.73
C4 PCW FB . 29.68 -25.98 2.67
C5 PCW FB . 29.18 -27.43 2.73
C6 PCW FB . 27.09 -27.53 3.95
C7 PCW FB . 29.11 -27.41 5.13
C8 PCW FB . 28.61 -29.39 4.11
C11 PCW FB . 27.37 -18.21 4.24
C12 PCW FB . 28.32 -17.38 5.04
C13 PCW FB . 27.86 -17.40 6.54
C14 PCW FB . 28.73 -16.60 7.50
C15 PCW FB . 28.55 -15.05 7.47
C16 PCW FB . 27.70 -14.56 8.68
C17 PCW FB . 26.55 -13.52 8.39
C18 PCW FB . 26.88 -12.11 8.87
C19 PCW FB . 27.72 -11.30 7.86
C20 PCW FB . 27.92 -9.93 7.97
C21 PCW FB . 27.47 -8.93 8.98
C22 PCW FB . 26.94 -7.71 8.16
C23 PCW FB . 25.66 -7.00 8.69
C24 PCW FB . 24.36 -7.74 8.51
C25 PCW FB . 23.59 -7.68 7.15
C26 PCW FB . 23.13 -9.01 6.59
C27 PCW FB . 21.76 -9.05 5.87
C28 PCW FB . 21.92 -9.66 4.50
C31 PCW FB . 27.54 -22.38 4.47
C32 PCW FB . 28.16 -23.03 5.73
C33 PCW FB . 28.54 -22.02 6.91
C34 PCW FB . 29.36 -20.81 6.45
C35 PCW FB . 30.73 -20.89 7.24
C36 PCW FB . 31.32 -19.49 7.54
C37 PCW FB . 32.68 -19.48 8.32
C38 PCW FB . 33.10 -18.10 8.70
C39 PCW FB . 34.39 -18.06 9.47
C40 PCW FB . 34.55 -17.85 10.77
C41 PCW FB . 33.41 -17.62 11.74
C42 PCW FB . 33.06 -16.06 11.75
C43 PCW FB . 31.63 -15.63 11.49
C44 PCW FB . 31.61 -14.12 11.55
C45 PCW FB . 30.27 -13.48 11.23
C46 PCW FB . 30.23 -12.01 11.47
C47 PCW FB . 29.01 -11.48 12.18
C48 PCW FB . 29.09 -9.95 12.37
N PCW FB . 28.53 -27.91 3.92
O2 PCW FB . 28.55 -22.00 3.68
O3 PCW FB . 28.05 -19.18 3.56
O11 PCW FB . 26.17 -18.04 4.19
O31 PCW FB . 26.30 -22.26 4.24
O1P PCW FB . 27.00 -24.95 2.38
O2P PCW FB . 27.33 -25.62 0.00
O3P PCW FB . 28.17 -23.33 0.83
O4P PCW FB . 29.25 -25.43 1.40
P PCW FB . 27.86 -24.86 1.16
C1 PCW GB . 15.43 -32.48 9.63
C2 PCW GB . 15.54 -31.85 11.08
C3 PCW GB . 14.95 -32.85 12.13
C4 PCW GB . 17.64 -35.23 9.04
C5 PCW GB . 17.11 -36.02 10.25
C6 PCW GB . 18.27 -37.95 11.44
C7 PCW GB . 18.40 -35.68 12.34
C8 PCW GB . 16.90 -36.73 12.14
C11 PCW GB . 15.91 -32.85 14.34
C12 PCW GB . 15.83 -32.11 15.65
C13 PCW GB . 15.32 -33.11 16.75
C14 PCW GB . 15.19 -32.51 18.15
C15 PCW GB . 16.52 -32.07 18.84
C16 PCW GB . 16.23 -31.07 20.02
C17 PCW GB . 17.47 -30.41 20.71
C18 PCW GB . 17.32 -28.91 20.91
C19 PCW GB . 17.31 -28.48 22.40
C20 PCW GB . 17.38 -27.17 22.81
C21 PCW GB . 17.48 -25.89 22.05
C22 PCW GB . 16.27 -25.02 22.47
C23 PCW GB . 16.16 -23.60 21.87
C24 PCW GB . 14.88 -23.26 21.16
C25 PCW GB . 13.75 -22.47 21.89
C26 PCW GB . 12.36 -23.06 21.82
C27 PCW GB . 11.54 -23.13 23.13
C28 PCW GB . 11.05 -24.55 23.36
C31 PCW GB . 17.23 -30.39 11.87
C32 PCW GB . 18.73 -30.30 12.20
C33 PCW GB . 19.14 -30.78 13.67
C34 PCW GB . 18.82 -29.76 14.76
C35 PCW GB . 20.11 -29.70 15.67
C36 PCW GB . 19.78 -29.92 17.17
C37 PCW GB . 21.01 -29.87 18.15
C38 PCW GB . 20.73 -29.03 19.35
C39 PCW GB . 21.90 -28.96 20.29
C40 PCW GB . 22.03 -28.17 21.35
C41 PCW GB . 20.99 -27.16 21.77
C42 PCW GB . 21.65 -26.17 22.85
C43 PCW GB . 21.56 -26.53 24.31
C44 PCW GB . 22.26 -25.42 25.09
C45 PCW GB . 21.45 -24.81 26.19
C46 PCW GB . 20.41 -23.84 25.73
C47 PCW GB . 19.08 -23.88 26.43
C48 PCW GB . 18.12 -22.83 25.86
N PCW GB . 18.04 -36.51 11.21
O2 PCW GB . 16.97 -31.62 11.44
O3 PCW GB . 15.04 -32.28 13.45
O11 PCW GB . 16.63 -33.78 14.12
O31 PCW GB . 16.38 -29.46 12.02
O1P PCW GB . 17.77 -33.16 7.02
O2P PCW GB . 18.93 -31.90 8.82
O3P PCW GB . 16.36 -31.89 8.68
O4P PCW GB . 17.67 -33.83 9.44
P PCW GB . 17.74 -32.69 8.44
C1 PCW HB . -10.90 -36.44 -8.74
C2 PCW HB . -11.63 -35.20 -8.09
C3 PCW HB . -12.91 -35.67 -7.31
C4 PCW HB . -8.13 -35.14 -12.53
C5 PCW HB . -8.06 -35.45 -14.03
C6 PCW HB . -7.05 -34.86 -16.30
C7 PCW HB . -5.71 -34.67 -14.26
C8 PCW HB . -6.42 -36.20 -15.01
C11 PCW HB . -14.92 -34.52 -6.66
C12 PCW HB . -15.38 -33.25 -6.01
C13 PCW HB . -15.53 -32.15 -7.12
C14 PCW HB . -16.00 -30.78 -6.62
C15 PCW HB . -16.77 -29.91 -7.67
C16 PCW HB . -16.99 -28.46 -7.13
C17 PCW HB . -15.80 -27.46 -7.25
C18 PCW HB . -15.49 -26.71 -5.95
C19 PCW HB . -15.40 -25.18 -6.15
C20 PCW HB . -16.52 -24.37 -6.23
C21 PCW HB . -17.97 -24.67 -6.19
C22 PCW HB . -18.38 -24.67 -4.69
C23 PCW HB . -18.68 -26.06 -4.05
C24 PCW HB . -20.00 -26.21 -3.36
C25 PCW HB . -21.00 -27.33 -3.78
C26 PCW HB . -21.76 -27.12 -5.08
C27 PCW HB . -22.82 -26.00 -5.11
C28 PCW HB . -24.14 -26.51 -4.59
C31 PCW HB . -10.03 -33.51 -7.62
C32 PCW HB . -9.17 -32.91 -6.49
C33 PCW HB . -9.17 -31.32 -6.40
C34 PCW HB . -10.54 -30.72 -6.04
C35 PCW HB . -11.16 -30.25 -7.42
C36 PCW HB . -10.44 -29.01 -8.00
C37 PCW HB . -10.99 -28.49 -9.35
C38 PCW HB . -11.28 -27.02 -9.30
C39 PCW HB . -11.82 -26.50 -10.61
C40 PCW HB . -12.78 -25.59 -10.77
C41 PCW HB . -13.51 -24.90 -9.63
C42 PCW HB . -14.14 -23.55 -10.19
C43 PCW HB . -14.56 -22.47 -9.19
C44 PCW HB . -15.13 -21.32 -9.99
C45 PCW HB . -14.79 -19.94 -9.48
C46 PCW HB . -15.71 -18.87 -9.97
C47 PCW HB . -15.47 -17.47 -9.43
C48 PCW HB . -16.48 -16.48 -10.01
N PCW HB . -7.03 -34.85 -14.82
O2 PCW HB . -10.74 -34.53 -7.10
O3 PCW HB . -13.56 -34.53 -6.73
O11 PCW HB . -15.64 -35.41 -7.05
O31 PCW HB . -10.06 -33.11 -8.82
O1P PCW HB . -8.14 -35.51 -9.64
O2P PCW HB . -8.56 -37.89 -10.26
O3P PCW HB . -10.51 -36.23 -10.11
O4P PCW HB . -8.91 -36.22 -11.93
P PCW HB . -8.96 -36.48 -10.44
C1 PCW IB . 31.59 -6.07 -23.60
C2 PCW IB . 32.47 -4.93 -22.94
C3 PCW IB . 32.31 -3.61 -23.77
C4 PCW IB . 32.58 -9.05 -26.24
C5 PCW IB . 32.26 -10.46 -26.75
C6 PCW IB . 31.61 -11.07 -29.14
C7 PCW IB . 33.89 -11.48 -28.33
C8 PCW IB . 32.32 -12.24 -27.73
C11 PCW IB . 33.80 -1.75 -24.01
C12 PCW IB . 34.56 -0.74 -23.20
C13 PCW IB . 33.58 0.41 -22.80
C14 PCW IB . 34.21 1.54 -21.97
C15 PCW IB . 33.70 1.64 -20.49
C16 PCW IB . 34.69 2.52 -19.64
C17 PCW IB . 34.90 4.00 -20.08
C18 PCW IB . 33.73 4.92 -19.73
C19 PCW IB . 32.95 5.40 -20.97
C20 PCW IB . 32.97 6.72 -21.40
C21 PCW IB . 33.65 7.93 -20.86
C22 PCW IB . 33.97 8.84 -22.08
C23 PCW IB . 35.39 9.49 -22.13
C24 PCW IB . 35.51 10.89 -21.62
C25 PCW IB . 35.40 11.19 -20.09
C26 PCW IB . 36.67 11.01 -19.28
C27 PCW IB . 36.88 9.67 -18.55
C28 PCW IB . 36.58 9.82 -17.08
C31 PCW IB . 32.93 -4.37 -20.67
C32 PCW IB . 32.26 -4.12 -19.31
C33 PCW IB . 31.90 -2.59 -18.99
C34 PCW IB . 30.85 -2.44 -17.91
C35 PCW IB . 30.04 -1.14 -18.28
C36 PCW IB . 28.89 -1.42 -19.28
C37 PCW IB . 28.05 -0.18 -19.70
C38 PCW IB . 26.66 -0.25 -19.15
C39 PCW IB . 25.81 0.94 -19.55
C40 PCW IB . 24.79 1.46 -18.87
C41 PCW IB . 24.29 0.92 -17.55
C42 PCW IB . 23.40 2.05 -16.85
C43 PCW IB . 24.01 2.85 -15.73
C44 PCW IB . 22.96 3.84 -15.25
C45 PCW IB . 23.33 4.65 -14.03
C46 PCW IB . 23.76 6.05 -14.36
C47 PCW IB . 23.25 7.14 -13.44
C48 PCW IB . 23.77 8.51 -13.88
N PCW IB . 32.61 -10.83 -28.08
O2 PCW IB . 31.97 -4.66 -21.55
O3 PCW IB . 33.11 -2.57 -23.18
O11 PCW IB . 33.80 -1.81 -25.22
O31 PCW IB . 34.17 -4.32 -20.90
O1P PCW IB . 33.94 -7.03 -24.66
O2P PCW IB . 34.05 -8.85 -22.96
O3P PCW IB . 31.94 -7.41 -23.16
O4P PCW IB . 32.52 -9.10 -24.79
P PCW IB . 33.20 -8.09 -23.90
C1 PCW JB . 35.60 -14.77 -10.81
C2 PCW JB . 35.91 -13.62 -9.77
C3 PCW JB . 37.45 -13.34 -9.71
C4 PCW JB . 36.01 -17.57 -8.02
C5 PCW JB . 37.08 -16.72 -7.32
C6 PCW JB . 38.61 -18.72 -6.90
C7 PCW JB . 39.36 -16.45 -6.39
C8 PCW JB . 37.98 -17.39 -5.61
C11 PCW JB . 37.91 -12.65 -7.45
C12 PCW JB . 38.15 -11.41 -6.62
C13 PCW JB . 39.42 -11.66 -5.73
C14 PCW JB . 39.81 -10.50 -4.82
C15 PCW JB . 40.13 -10.87 -3.33
C16 PCW JB . 38.88 -11.47 -2.62
C17 PCW JB . 38.33 -10.70 -1.37
C18 PCW JB . 38.52 -11.47 -0.06
C19 PCW JB . 38.56 -10.55 1.18
C20 PCW JB . 37.47 -10.37 2.02
C21 PCW JB . 36.10 -10.94 2.02
C22 PCW JB . 35.30 -10.15 0.95
C23 PCW JB . 34.62 -8.83 1.36
C24 PCW JB . 34.95 -7.61 0.56
C25 PCW JB . 36.03 -6.60 1.02
C26 PCW JB . 35.57 -5.48 1.92
C27 PCW JB . 36.38 -4.16 1.91
C28 PCW JB . 35.46 -2.99 1.66
C31 PCW JB . 34.21 -12.00 -9.43
C32 PCW JB . 33.64 -10.69 -9.99
C33 PCW JB . 33.92 -9.39 -9.11
C34 PCW JB . 32.73 -8.43 -9.06
C35 PCW JB . 33.30 -7.08 -8.45
C36 PCW JB . 32.38 -6.50 -7.36
C37 PCW JB . 32.86 -5.15 -6.71
C38 PCW JB . 31.89 -4.65 -5.69
C39 PCW JB . 32.34 -3.37 -5.04
C40 PCW JB . 31.89 -2.14 -5.30
C41 PCW JB . 30.80 -1.82 -6.32
C42 PCW JB . 31.20 -0.46 -7.06
C43 PCW JB . 31.89 -0.54 -8.41
C44 PCW JB . 32.13 0.89 -8.87
C45 PCW JB . 33.57 1.23 -9.19
C46 PCW JB . 33.75 1.78 -10.57
C47 PCW JB . 34.99 2.62 -10.79
C48 PCW JB . 35.06 3.12 -12.24
N PCW JB . 38.37 -17.27 -7.04
O2 PCW JB . 35.24 -12.36 -10.19
O3 PCW JB . 37.71 -12.30 -8.75
O11 PCW JB . 37.88 -13.77 -7.02
O31 PCW JB . 33.77 -12.62 -8.42
O1P PCW JB . 33.48 -17.64 -9.47
O2P PCW JB . 34.98 -17.86 -11.45
O3P PCW JB . 34.42 -15.55 -10.50
O4P PCW JB . 35.94 -17.10 -9.39
P PCW JB . 34.67 -17.10 -10.21
C1 PCW KB . 18.25 -11.71 -21.52
C2 PCW KB . 18.68 -10.19 -21.65
C3 PCW KB . 19.89 -10.07 -22.64
C4 PCW KB . 20.53 -14.01 -22.88
C5 PCW KB . 21.63 -14.21 -23.91
C6 PCW KB . 24.01 -15.14 -23.90
C7 PCW KB . 22.07 -16.65 -24.07
C8 PCW KB . 22.61 -15.37 -25.28
C11 PCW KB . 21.53 -8.42 -23.22
C12 PCW KB . 21.73 -6.92 -23.28
C13 PCW KB . 22.02 -6.52 -24.78
C14 PCW KB . 22.24 -5.03 -25.00
C15 PCW KB . 20.97 -4.18 -25.33
C16 PCW KB . 21.36 -2.68 -25.57
C17 PCW KB . 20.21 -1.62 -25.43
C18 PCW KB . 20.22 -0.86 -24.11
C19 PCW KB . 18.88 -0.15 -23.81
C20 PCW KB . 18.82 1.20 -23.46
C21 PCW KB . 19.86 2.24 -23.30
C22 PCW KB . 19.29 3.29 -22.31
C23 PCW KB . 19.28 4.78 -22.75
C24 PCW KB . 18.42 5.13 -23.92
C25 PCW KB . 16.89 5.36 -23.74
C26 PCW KB . 16.00 4.16 -24.02
C27 PCW KB . 14.81 3.93 -23.06
C28 PCW KB . 14.78 2.49 -22.62
C31 PCW KB . 16.69 -8.95 -21.31
C32 PCW KB . 15.59 -8.15 -22.05
C33 PCW KB . 14.69 -9.01 -23.06
C34 PCW KB . 13.79 -10.01 -22.35
C35 PCW KB . 12.32 -9.69 -22.86
C36 PCW KB . 11.45 -9.02 -21.78
C37 PCW KB . 9.99 -8.66 -22.22
C38 PCW KB . 9.56 -7.33 -21.69
C39 PCW KB . 8.16 -6.97 -22.11
C40 PCW KB . 7.53 -5.83 -21.87
C41 PCW KB . 8.14 -4.65 -21.13
C42 PCW KB . 7.00 -3.54 -20.94
C43 PCW KB . 6.85 -2.88 -19.58
C44 PCW KB . 5.72 -1.88 -19.69
C45 PCW KB . 5.13 -1.42 -18.38
C46 PCW KB . 3.84 -2.10 -18.03
C47 PCW KB . 3.91 -3.15 -16.94
C48 PCW KB . 2.53 -3.76 -16.68
N PCW KB . 22.54 -15.30 -23.79
O2 PCW KB . 17.55 -9.40 -22.22
O3 PCW KB . 20.27 -8.69 -22.76
O11 PCW KB . 22.34 -9.24 -23.55
O31 PCW KB . 16.75 -9.13 -20.06
O1P PCW KB . 17.70 -14.69 -22.69
O2P PCW KB . 17.60 -13.45 -24.86
O3P PCW KB . 17.45 -12.18 -22.62
O4P PCW KB . 19.54 -13.15 -23.49
P PCW KB . 18.05 -13.43 -23.44
C1 PCW LB . 38.11 -11.57 -16.65
C2 PCW LB . 36.88 -10.69 -16.16
C3 PCW LB . 37.42 -9.30 -15.63
C4 PCW LB . 35.02 -14.21 -15.90
C5 PCW LB . 34.19 -14.24 -14.63
C6 PCW LB . 31.81 -13.59 -15.27
C7 PCW LB . 32.23 -15.47 -13.76
C8 PCW LB . 32.59 -13.68 -13.47
C11 PCW LB . 35.84 -8.69 -13.93
C12 PCW LB . 34.69 -7.74 -13.68
C13 PCW LB . 35.24 -6.50 -12.87
C14 PCW LB . 34.20 -5.44 -12.53
C15 PCW LB . 34.68 -3.96 -12.65
C16 PCW LB . 34.57 -3.46 -14.13
C17 PCW LB . 33.41 -2.47 -14.47
C18 PCW LB . 33.67 -1.04 -14.01
C19 PCW LB . 33.35 0.01 -15.09
C20 PCW LB . 32.46 1.06 -14.86
C21 PCW LB . 31.66 1.46 -13.69
C22 PCW LB . 31.32 2.97 -13.87
C23 PCW LB . 31.10 3.83 -12.60
C24 PCW LB . 30.23 3.24 -11.52
C25 PCW LB . 28.69 3.10 -11.72
C26 PCW LB . 27.83 4.03 -10.90
C27 PCW LB . 26.36 4.21 -11.34
C28 PCW LB . 25.83 5.53 -10.84
C31 PCW LB . 34.70 -10.72 -17.07
C32 PCW LB . 33.89 -10.38 -18.34
C33 PCW LB . 32.48 -9.67 -18.07
C34 PCW LB . 31.29 -10.57 -18.40
C35 PCW LB . 30.03 -9.61 -18.43
C36 PCW LB . 29.50 -9.38 -19.88
C37 PCW LB . 28.26 -8.43 -19.99
C38 PCW LB . 28.61 -7.13 -20.61
C39 PCW LB . 27.42 -6.21 -20.73
C40 PCW LB . 27.21 -5.29 -21.67
C41 PCW LB . 28.16 -4.99 -22.81
C42 PCW LB . 28.64 -3.48 -22.66
C43 PCW LB . 28.45 -2.54 -23.84
C44 PCW LB . 28.99 -1.18 -23.43
C45 PCW LB . 29.26 -0.22 -24.57
C46 PCW LB . 30.33 0.78 -24.26
C47 PCW LB . 29.97 2.23 -24.52
C48 PCW LB . 31.15 3.16 -24.18
N PCW LB . 32.79 -14.52 -14.68
O2 PCW LB . 35.97 -10.41 -17.31
O3 PCW LB . 36.31 -8.50 -15.19
O11 PCW LB . 36.27 -9.48 -13.13
O31 PCW LB . 34.23 -11.21 -16.00
O1P PCW LB . 37.12 -13.85 -17.87
O2P PCW LB . 38.42 -15.32 -16.32
O3P PCW LB . 38.29 -12.79 -15.89
O4P PCW LB . 36.41 -14.29 -15.50
P PCW LB . 37.57 -14.10 -16.46
C1 PCW MB . 13.04 -12.63 -29.77
C2 PCW MB . 12.10 -11.43 -29.33
C3 PCW MB . 12.85 -10.52 -28.30
C4 PCW MB . 10.61 -14.50 -33.26
C5 PCW MB . 9.18 -14.97 -33.00
C6 PCW MB . 7.62 -16.62 -34.17
C7 PCW MB . 9.23 -17.41 -32.51
C8 PCW MB . 7.79 -16.27 -32.25
C11 PCW MB . 11.32 -9.56 -26.71
C12 PCW MB . 10.46 -8.34 -26.49
C13 PCW MB . 11.29 -7.30 -25.66
C14 PCW MB . 10.55 -5.99 -25.34
C15 PCW MB . 11.27 -4.68 -25.78
C16 PCW MB . 12.07 -4.06 -24.58
C17 PCW MB . 13.55 -3.60 -24.86
C18 PCW MB . 14.21 -2.90 -23.68
C19 PCW MB . 15.12 -3.84 -22.85
C20 PCW MB . 14.78 -4.26 -21.58
C21 PCW MB . 13.61 -4.00 -20.70
C22 PCW MB . 14.07 -2.95 -19.65
C23 PCW MB . 13.00 -2.43 -18.66
C24 PCW MB . 12.58 -0.99 -18.80
C25 PCW MB . 13.46 0.16 -18.21
C26 PCW MB . 12.72 1.27 -17.51
C27 PCW MB . 12.33 2.52 -18.34
C28 PCW MB . 11.62 3.52 -17.47
C31 PCW MB . 10.72 -11.02 -31.21
C32 PCW MB . 10.50 -10.06 -32.38
C33 PCW MB . 9.36 -8.95 -32.15
C34 PCW MB . 8.96 -8.22 -33.42
C35 PCW MB . 9.60 -6.78 -33.31
C36 PCW MB . 8.54 -5.66 -33.25
C37 PCW MB . 9.11 -4.21 -33.13
C38 PCW MB . 8.08 -3.24 -32.63
C39 PCW MB . 8.61 -1.83 -32.50
C40 PCW MB . 7.92 -0.72 -32.24
C41 PCW MB . 6.41 -0.70 -32.01
C42 PCW MB . 6.14 -1.09 -30.49
C43 PCW MB . 6.31 -0.02 -29.42
C44 PCW MB . 5.97 -0.66 -28.09
C45 PCW MB . 7.05 -0.53 -27.03
C46 PCW MB . 6.52 -0.06 -25.69
C47 PCW MB . 7.03 -0.79 -24.48
C48 PCW MB . 6.43 -0.22 -23.19
N PCW MB . 8.80 -16.31 -33.34
O2 PCW MB . 11.76 -10.59 -30.51
O3 PCW MB . 11.98 -9.43 -27.90
O11 PCW MB . 11.41 -10.49 -25.96
O31 PCW MB . 10.03 -12.07 -30.97
O1P PCW MB . 13.08 -13.15 -32.55
O2P PCW MB . 13.70 -15.41 -31.68
O3P PCW MB . 12.31 -13.79 -30.22
O4P PCW MB . 11.39 -14.97 -32.13
P PCW MB . 12.69 -14.32 -31.70
C1 PCW NB . 12.96 -18.63 -17.51
C2 PCW NB . 12.59 -17.18 -16.99
C3 PCW NB . 13.49 -16.80 -15.76
C4 PCW NB . 15.81 -16.66 -20.66
C5 PCW NB . 14.97 -16.49 -21.93
C6 PCW NB . 15.18 -15.45 -24.26
C7 PCW NB . 16.38 -17.51 -23.70
C8 PCW NB . 14.55 -17.25 -23.79
C11 PCW NB . 12.02 -15.34 -14.54
C12 PCW NB . 11.85 -13.90 -14.16
C13 PCW NB . 11.16 -13.15 -15.36
C14 PCW NB . 10.91 -11.65 -15.14
C15 PCW NB . 9.66 -11.28 -14.29
C16 PCW NB . 8.61 -10.50 -15.16
C17 PCW NB . 8.57 -8.94 -15.02
C18 PCW NB . 7.31 -8.43 -14.32
C19 PCW NB . 7.58 -7.91 -12.89
C20 PCW NB . 6.59 -7.78 -11.94
C21 PCW NB . 5.13 -8.06 -11.98
C22 PCW NB . 4.41 -6.69 -11.82
C23 PCW NB . 3.37 -6.29 -12.89
C24 PCW NB . 2.07 -5.72 -12.41
C25 PCW NB . 1.25 -4.74 -13.29
C26 PCW NB . 1.14 -3.31 -12.80
C27 PCW NB . -0.04 -2.97 -11.86
C28 PCW NB . -0.89 -1.89 -12.49
C31 PCW NB . 11.78 -15.43 -18.36
C32 PCW NB . 12.19 -14.45 -19.48
C33 PCW NB . 11.38 -13.07 -19.51
C34 PCW NB . 9.94 -13.23 -20.00
C35 PCW NB . 9.32 -11.77 -19.96
C36 PCW NB . 7.98 -11.72 -19.19
C37 PCW NB . 7.32 -10.31 -19.11
C38 PCW NB . 5.90 -10.34 -19.61
C39 PCW NB . 5.24 -8.99 -19.54
C40 PCW NB . 4.04 -8.72 -19.01
C41 PCW NB . 3.14 -9.74 -18.35
C42 PCW NB . 2.89 -9.28 -16.85
C43 PCW NB . 1.70 -9.87 -16.10
C44 PCW NB . 1.71 -9.26 -14.71
C45 PCW NB . 0.35 -9.10 -14.07
C46 PCW NB . -0.06 -10.25 -13.20
C47 PCW NB . -1.46 -10.22 -12.65
C48 PCW NB . -1.74 -11.47 -11.79
N PCW NB . 15.62 -16.39 -23.20
O2 PCW NB . 12.85 -16.18 -18.06
O3 PCW NB . 13.14 -15.49 -15.29
O11 PCW NB . 11.27 -16.22 -14.22
O31 PCW NB . 10.64 -15.51 -17.83
O1P PCW NB . 16.03 -19.59 -19.57
O2P PCW NB . 16.14 -17.96 -18.37
O3P PCW NB . 14.37 -18.86 -17.63
O4P PCW NB . 14.92 -17.18 -19.64
P PCW NB . 15.00 -18.59 -19.09
C1 PCW OB . 28.57 -27.33 8.67
C2 PCW OB . 27.56 -26.13 8.91
C3 PCW OB . 26.08 -26.59 8.60
C4 PCW OB . 25.27 -30.61 8.27
C5 PCW OB . 24.45 -30.82 9.53
C6 PCW OB . 22.39 -32.25 10.01
C7 PCW OB . 24.64 -33.16 10.32
C8 PCW OB . 23.86 -31.77 11.24
C11 PCW OB . 24.99 -24.60 7.80
C12 PCW OB . 24.05 -23.52 8.25
C13 PCW OB . 24.89 -22.44 9.03
C14 PCW OB . 24.09 -21.25 9.57
C15 PCW OB . 23.33 -21.51 10.91
C16 PCW OB . 24.29 -21.29 12.14
C17 PCW OB . 24.62 -22.54 13.02
C18 PCW OB . 24.35 -22.34 14.51
C19 PCW OB . 25.45 -22.93 15.42
C20 PCW OB . 25.78 -22.38 16.64
C21 PCW OB . 25.26 -21.21 17.39
C22 PCW OB . 26.46 -20.64 18.21
C23 PCW OB . 26.20 -19.34 19.02
C24 PCW OB . 26.34 -18.05 18.29
C25 PCW OB . 27.11 -16.85 18.92
C26 PCW OB . 26.27 -15.74 19.49
C27 PCW OB . 26.00 -15.74 21.01
C28 PCW OB . 26.99 -14.84 21.71
C31 PCW OB . 28.28 -24.60 10.55
C32 PCW OB . 28.24 -24.30 12.07
C33 PCW OB . 29.62 -23.80 12.71
C34 PCW OB . 30.09 -22.45 12.18
C35 PCW OB . 29.17 -21.37 12.89
C36 PCW OB . 28.44 -20.45 11.88
C37 PCW OB . 27.52 -19.35 12.50
C38 PCW OB . 27.42 -18.15 11.62
C39 PCW OB . 26.52 -17.07 12.20
C40 PCW OB . 25.31 -16.74 11.80
C41 PCW OB . 24.56 -17.40 10.66
C42 PCW OB . 23.01 -17.02 10.77
C43 PCW OB . 22.08 -17.97 11.50
C44 PCW OB . 20.69 -17.35 11.45
C45 PCW OB . 19.87 -17.50 12.70
C46 PCW OB . 20.02 -16.37 13.68
C47 PCW OB . 19.04 -16.34 14.82
C48 PCW OB . 19.31 -15.13 15.74
N PCW OB . 23.84 -32.08 9.78
O2 PCW OB . 27.59 -25.72 10.33
O3 PCW OB . 25.19 -25.48 8.83
O11 PCW OB . 25.49 -24.67 6.72
O31 PCW OB . 28.89 -23.91 9.69
O1P PCW OB . 27.14 -28.92 6.81
O2P PCW OB . 28.81 -30.57 7.63
O3P PCW OB . 28.08 -28.61 9.13
O4P PCW OB . 26.66 -30.52 8.69
P PCW OB . 27.69 -29.67 7.98
C1 PCW PB . -17.93 -24.34 -25.12
C2 PCW PB . -18.43 -25.73 -24.53
C3 PCW PB . -17.28 -26.43 -23.75
C4 PCW PB . -19.91 -26.40 -28.68
C5 PCW PB . -20.03 -27.92 -28.81
C6 PCW PB . -21.24 -29.98 -29.10
C7 PCW PB . -22.33 -27.95 -29.50
C8 PCW PB . -21.92 -28.50 -27.33
C11 PCW PB . -17.71 -28.77 -24.05
C12 PCW PB . -18.24 -29.96 -23.32
C13 PCW PB . -19.79 -30.05 -23.59
C14 PCW PB . -20.51 -31.22 -22.92
C15 PCW PB . -21.98 -30.95 -22.50
C16 PCW PB . -22.27 -31.55 -21.07
C17 PCW PB . -23.58 -31.08 -20.35
C18 PCW PB . -24.30 -32.22 -19.61
C19 PCW PB . -25.75 -32.45 -20.14
C20 PCW PB . -26.15 -33.66 -20.70
C21 PCW PB . -25.45 -34.93 -20.96
C22 PCW PB . -25.56 -35.77 -19.65
C23 PCW PB . -24.25 -36.01 -18.84
C24 PCW PB . -24.40 -36.26 -17.38
C25 PCW PB . -24.79 -35.12 -16.40
C26 PCW PB . -25.60 -35.52 -15.19
C27 PCW PB . -26.69 -34.55 -14.70
C28 PCW PB . -27.80 -35.32 -14.01
C31 PCW PB . -20.76 -25.68 -24.10
C32 PCW PB . -21.80 -25.41 -23.00
C33 PCW PB . -22.61 -24.04 -23.15
C34 PCW PB . -22.24 -22.99 -22.10
C35 PCW PB . -23.59 -22.25 -21.73
C36 PCW PB . -24.14 -22.67 -20.35
C37 PCW PB . -25.47 -21.98 -19.92
C38 PCW PB . -25.45 -21.57 -18.48
C39 PCW PB . -26.74 -20.90 -18.05
C40 PCW PB . -27.27 -20.91 -16.83
C41 PCW PB . -26.67 -21.63 -15.63
C42 PCW PB . -27.76 -22.65 -15.06
C43 PCW PB . -27.44 -24.13 -15.08
C44 PCW PB . -28.64 -24.85 -14.50
C45 PCW PB . -29.30 -25.86 -15.40
C46 PCW PB . -29.25 -27.26 -14.88
C47 PCW PB . -30.27 -28.23 -15.43
C48 PCW PB . -30.10 -29.63 -14.81
N PCW PB . -21.31 -28.55 -28.69
O2 PCW PB . -19.55 -25.50 -23.57
O3 PCW PB . -17.74 -27.68 -23.22
O11 PCW PB . -17.31 -28.77 -25.18
O31 PCW PB . -21.02 -26.02 -25.29
O1P PCW PB . -17.96 -24.27 -28.90
O2P PCW PB . -16.66 -25.70 -27.32
O3P PCW PB . -18.44 -24.06 -26.44
O4P PCW PB . -19.01 -26.14 -27.58
P PCW PB . -17.96 -25.05 -27.62
C1 PCW QB . -9.58 -27.82 -22.53
C2 PCW QB . -9.33 -26.26 -22.57
C3 PCW QB . -8.39 -25.89 -23.78
C4 PCW QB . -12.99 -27.35 -25.60
C5 PCW QB . -14.26 -27.88 -26.25
C6 PCW QB . -13.32 -29.07 -28.13
C7 PCW QB . -14.03 -26.86 -28.42
C8 PCW QB . -15.64 -28.46 -28.21
C11 PCW QB . -8.68 -23.76 -24.86
C12 PCW QB . -8.31 -22.31 -24.71
C13 PCW QB . -9.60 -21.45 -24.98
C14 PCW QB . -9.39 -19.92 -24.87
C15 PCW QB . -8.95 -19.21 -26.17
C16 PCW QB . -8.14 -17.90 -25.84
C17 PCW QB . -6.78 -17.68 -26.58
C18 PCW QB . -5.80 -16.80 -25.80
C19 PCW QB . -5.22 -17.50 -24.54
C20 PCW QB . -3.86 -17.59 -24.30
C21 PCW QB . -2.68 -17.14 -25.06
C22 PCW QB . -1.98 -16.06 -24.18
C23 PCW QB . -1.40 -14.81 -24.90
C24 PCW QB . -2.38 -13.74 -25.29
C25 PCW QB . -1.94 -12.24 -25.35
C26 PCW QB . -2.69 -11.29 -24.43
C27 PCW QB . -3.53 -10.17 -25.09
C28 PCW QB . -3.39 -8.89 -24.30
C31 PCW QB . -10.97 -24.71 -21.82
C32 PCW QB . -12.32 -24.07 -22.19
C33 PCW QB . -12.33 -23.24 -23.57
C34 PCW QB . -13.75 -23.02 -24.12
C35 PCW QB . -13.78 -21.49 -24.54
C36 PCW QB . -14.49 -20.60 -23.49
C37 PCW QB . -14.56 -19.08 -23.84
C38 PCW QB . -14.10 -18.23 -22.71
C39 PCW QB . -14.16 -16.75 -23.02
C40 PCW QB . -14.08 -15.74 -22.16
C41 PCW QB . -13.89 -15.92 -20.66
C42 PCW QB . -12.48 -15.29 -20.26
C43 PCW QB . -11.88 -15.65 -18.92
C44 PCW QB . -10.55 -14.91 -18.82
C45 PCW QB . -9.45 -15.67 -18.13
C46 PCW QB . -8.20 -15.76 -18.96
C47 PCW QB . -6.93 -15.25 -18.33
C48 PCW QB . -5.73 -15.42 -19.30
N PCW QB . -14.31 -28.06 -27.68
O2 PCW QB . -10.63 -25.56 -22.79
O3 PCW QB . -8.18 -24.47 -23.81
O11 PCW QB . -9.31 -24.23 -25.78
O31 PCW QB . -10.30 -24.46 -20.78
O1P PCW QB . -10.22 -28.13 -25.22
O2P PCW QB . -11.25 -30.23 -24.35
O3P PCW QB . -10.94 -28.21 -22.80
O4P PCW QB . -12.64 -28.29 -24.55
P PCW QB . -11.21 -28.76 -24.29
C1 PCW RB . 4.14 -19.97 -24.95
C2 PCW RB . 3.29 -18.79 -24.32
C3 PCW RB . 3.47 -18.77 -22.76
C4 PCW RB . 3.31 -20.19 -28.61
C5 PCW RB . 2.04 -21.03 -28.66
C6 PCW RB . -0.39 -20.32 -28.34
C7 PCW RB . 0.58 -20.45 -30.58
C8 PCW RB . 0.29 -21.83 -29.40
C11 PCW RB . 3.39 -16.56 -21.86
C12 PCW RB . 2.41 -15.57 -21.27
C13 PCW RB . 2.48 -15.68 -19.70
C14 PCW RB . 1.56 -14.74 -18.94
C15 PCW RB . 2.23 -13.47 -18.34
C16 PCW RB . 2.36 -13.59 -16.77
C17 PCW RB . 3.77 -13.96 -16.19
C18 PCW RB . 4.64 -12.74 -15.88
C19 PCW RB . 4.49 -12.26 -14.42
C20 PCW RB . 5.41 -12.61 -13.43
C21 PCW RB . 6.64 -13.41 -13.45
C22 PCW RB . 6.84 -13.97 -12.01
C23 PCW RB . 8.13 -13.55 -11.25
C24 PCW RB . 7.95 -12.90 -9.92
C25 PCW RB . 7.84 -11.36 -9.78
C26 PCW RB . 6.69 -10.83 -8.94
C27 PCW RB . 7.00 -9.76 -7.87
C28 PCW RB . 6.24 -10.06 -6.61
C31 PCW RB . 3.22 -17.09 -25.97
C32 PCW RB . 3.83 -15.73 -26.37
C33 PCW RB . 4.09 -14.71 -25.16
C34 PCW RB . 3.33 -13.38 -25.31
C35 PCW RB . 2.99 -12.91 -23.84
C36 PCW RB . 1.50 -12.54 -23.67
C37 PCW RB . 1.08 -12.07 -22.24
C38 PCW RB . -0.25 -12.63 -21.84
C39 PCW RB . -0.67 -12.18 -20.46
C40 PCW RB . -1.91 -12.18 -19.97
C41 PCW RB . -3.14 -12.63 -20.74
C42 PCW RB . -4.35 -11.69 -20.31
C43 PCW RB . -4.49 -10.34 -20.98
C44 PCW RB . -5.71 -9.67 -20.39
C45 PCW RB . -6.07 -8.32 -20.97
C46 PCW RB . -6.71 -7.39 -19.98
C47 PCW RB . -6.43 -5.92 -20.19
C48 PCW RB . -7.14 -5.06 -19.12
N PCW RB . 0.82 -20.46 -29.17
O2 PCW RB . 3.79 -17.48 -24.83
O3 PCW RB . 2.72 -17.70 -22.19
O11 PCW RB . 4.57 -16.39 -21.99
O31 PCW RB . 2.34 -17.72 -26.63
O1P PCW RB . 5.96 -19.11 -28.09
O2P PCW RB . 6.36 -21.38 -27.13
O3P PCW RB . 5.29 -19.52 -25.69
O4P PCW RB . 4.10 -20.69 -27.49
P PCW RB . 5.48 -20.18 -27.15
C1 PCW SB . 12.65 -27.35 -6.64
C2 PCW SB . 13.12 -26.66 -5.30
C3 PCW SB . 11.89 -26.42 -4.35
C4 PCW SB . 12.93 -31.96 -8.22
C5 PCW SB . 13.23 -32.97 -7.11
C6 PCW SB . 11.78 -33.65 -5.13
C7 PCW SB . 11.79 -34.98 -7.19
C8 PCW SB . 13.18 -34.68 -6.01
C11 PCW SB . 11.84 -26.25 -1.96
C12 PCW SB . 12.45 -25.48 -0.83
C13 PCW SB . 11.30 -24.65 -0.12
C14 PCW SB . 11.76 -23.80 1.07
C15 PCW SB . 11.18 -22.36 1.12
C16 PCW SB . 12.29 -21.29 0.84
C17 PCW SB . 12.54 -20.88 -0.65
C18 PCW SB . 14.02 -20.80 -1.02
C19 PCW SB . 14.54 -19.34 -1.13
C20 PCW SB . 15.16 -18.69 -0.08
C21 PCW SB . 15.50 -19.13 1.30
C22 PCW SB . 14.61 -18.28 2.26
C23 PCW SB . 15.30 -17.65 3.50
C24 PCW SB . 16.24 -16.51 3.24
C25 PCW SB . 15.78 -15.03 3.48
C26 PCW SB . 16.80 -14.12 4.14
C27 PCW SB . 17.15 -12.80 3.41
C28 PCW SB . 17.42 -11.70 4.41
C31 PCW SB . 15.10 -26.93 -4.03
C32 PCW SB . 15.98 -27.97 -3.32
C33 PCW SB . 16.90 -27.42 -2.14
C34 PCW SB . 16.30 -27.60 -0.76
C35 PCW SB . 16.52 -26.23 0.00
C36 PCW SB . 16.53 -26.38 1.54
C37 PCW SB . 16.76 -25.06 2.35
C38 PCW SB . 16.16 -25.13 3.71
C39 PCW SB . 16.35 -23.87 4.50
C40 PCW SB . 16.74 -23.77 5.78
C41 PCW SB . 17.05 -24.96 6.67
C42 PCW SB . 15.72 -25.32 7.48
C43 PCW SB . 15.43 -24.58 8.76
C44 PCW SB . 14.12 -25.13 9.30
C45 PCW SB . 14.23 -25.84 10.62
C46 PCW SB . 13.22 -25.37 11.64
C47 PCW SB . 12.96 -26.31 12.80
C48 PCW SB . 11.91 -25.71 13.76
N PCW SB . 12.16 -33.74 -6.56
O2 PCW SB . 14.07 -27.57 -4.57
O3 PCW SB . 12.34 -25.79 -3.14
O11 PCW SB . 11.03 -27.13 -1.84
O31 PCW SB . 15.34 -25.69 -4.07
O1P PCW SB . 11.78 -29.38 -8.84
O2P PCW SB . 14.16 -28.67 -9.00
O3P PCW SB . 12.98 -28.75 -6.72
O4P PCW SB . 13.67 -30.75 -7.90
P PCW SB . 13.14 -29.36 -8.19
C1 PCW TB . 18.14 -25.26 -6.16
C2 PCW TB . 18.36 -23.80 -5.55
C3 PCW TB . 17.36 -22.81 -6.23
C4 PCW TB . 21.78 -24.99 -5.44
C5 PCW TB . 22.12 -23.93 -6.49
C6 PCW TB . 23.00 -21.94 -5.15
C7 PCW TB . 24.07 -22.62 -7.24
C8 PCW TB . 22.36 -21.97 -7.01
C11 PCW TB . 18.67 -20.79 -6.08
C12 PCW TB . 18.68 -19.45 -5.40
C13 PCW TB . 18.21 -18.37 -6.45
C14 PCW TB . 18.17 -16.93 -5.92
C15 PCW TB . 16.86 -16.52 -5.18
C16 PCW TB . 16.17 -15.32 -5.90
C17 PCW TB . 15.11 -14.49 -5.09
C18 PCW TB . 13.94 -13.99 -5.94
C19 PCW TB . 14.28 -12.70 -6.73
C20 PCW TB . 13.31 -11.88 -7.27
C21 PCW TB . 11.82 -11.97 -7.30
C22 PCW TB . 11.29 -10.66 -6.66
C23 PCW TB . 10.24 -10.78 -5.52
C24 PCW TB . 10.76 -11.05 -4.14
C25 PCW TB . 10.74 -9.94 -3.05
C26 PCW TB . 9.38 -9.46 -2.60
C27 PCW TB . 9.27 -8.87 -1.18
C28 PCW TB . 8.72 -7.46 -1.24
C31 PCW TB . 19.07 -23.39 -3.33
C32 PCW TB . 18.63 -23.45 -1.87
C33 PCW TB . 19.38 -22.43 -0.88
C34 PCW TB . 18.47 -21.31 -0.37
C35 PCW TB . 18.60 -20.15 -1.44
C36 PCW TB . 19.38 -18.93 -0.91
C37 PCW TB . 19.54 -17.75 -1.92
C38 PCW TB . 20.97 -17.32 -2.07
C39 PCW TB . 21.14 -16.18 -3.04
C40 PCW TB . 22.03 -15.20 -2.97
C41 PCW TB . 23.05 -15.05 -1.86
C42 PCW TB . 22.48 -14.01 -0.78
C43 PCW TB . 23.43 -12.99 -0.18
C44 PCW TB . 22.63 -12.14 0.80
C45 PCW TB . 22.15 -10.81 0.27
C46 PCW TB . 23.08 -9.67 0.58
C47 PCW TB . 23.41 -8.74 -0.55
C48 PCW TB . 24.37 -7.62 -0.10
N PCW TB . 23.14 -22.96 -6.21
O2 PCW TB . 18.07 -23.82 -4.08
O3 PCW TB . 17.56 -21.49 -5.68
O11 PCW TB . 19.49 -21.18 -6.86
O31 PCW TB . 20.21 -23.00 -3.74
O1P PCW TB . 20.42 -26.92 -3.77
O2P PCW TB . 20.14 -28.14 -5.91
O3P PCW TB . 18.45 -26.33 -5.23
O4P PCW TB . 20.73 -25.82 -6.00
P PCW TB . 19.97 -26.86 -5.20
C1 PCW UB . 14.01 -38.12 4.44
C2 PCW UB . 13.80 -36.84 3.52
C3 PCW UB . 12.63 -37.09 2.51
C4 PCW UB . 17.45 -35.83 5.54
C5 PCW UB . 17.87 -35.01 4.33
C6 PCW UB . 17.89 -32.49 3.91
C7 PCW UB . 19.86 -33.61 4.84
C8 PCW UB . 19.10 -33.85 3.17
C11 PCW UB . 13.00 -35.93 0.44
C12 PCW UB . 12.71 -34.62 -0.24
C13 PCW UB . 14.09 -33.90 -0.51
C14 PCW UB . 13.99 -32.54 -1.21
C15 PCW UB . 13.18 -31.46 -0.43
C16 PCW UB . 14.00 -30.94 0.81
C17 PCW UB . 13.20 -30.74 2.14
C18 PCW UB . 12.63 -29.33 2.29
C19 PCW UB . 11.15 -29.31 2.75
C20 PCW UB . 10.75 -28.70 3.93
C21 PCW UB . 11.48 -27.98 4.99
C22 PCW UB . 11.62 -26.51 4.51
C23 PCW UB . 12.28 -25.49 5.49
C24 PCW UB . 12.10 -24.03 5.16
C25 PCW UB . 12.96 -22.95 5.88
C26 PCW UB . 12.67 -21.51 5.53
C27 PCW UB . 12.99 -20.42 6.58
C28 PCW UB . 11.72 -19.73 7.00
C31 PCW UB . 14.08 -34.55 4.09
C32 PCW UB . 13.57 -33.46 5.06
C33 PCW UB . 12.02 -33.08 4.90
C34 PCW UB . 11.44 -32.37 6.12
C35 PCW UB . 9.93 -32.81 6.20
C36 PCW UB . 9.06 -31.83 7.03
C37 PCW UB . 7.55 -32.20 7.14
C38 PCW UB . 6.69 -30.99 7.30
C39 PCW UB . 5.22 -31.32 7.41
C40 PCW UB . 4.20 -30.51 7.14
C41 PCW UB . 4.36 -29.08 6.68
C42 PCW UB . 3.74 -28.12 7.79
C43 PCW UB . 4.62 -27.07 8.44
C44 PCW UB . 3.77 -26.32 9.45
C45 PCW UB . 4.54 -25.53 10.48
C46 PCW UB . 4.63 -24.06 10.15
C47 PCW UB . 4.52 -23.11 11.33
C48 PCW UB . 4.63 -21.66 10.86
N PCW UB . 18.45 -33.71 4.51
O2 PCW UB . 13.41 -35.68 4.37
O3 PCW UB . 12.44 -35.93 1.69
O11 PCW UB . 13.64 -36.83 -0.04
O31 PCW UB . 14.96 -34.39 3.22
O1P PCW UB . 16.39 -37.76 7.43
O2P PCW UB . 16.59 -39.32 5.50
O3P PCW UB . 14.50 -37.82 5.76
O4P PCW UB . 16.68 -36.96 5.06
P PCW UB . 16.08 -38.01 5.98
C1 PCW VB . 9.52 -38.53 5.03
C2 PCW VB . 8.41 -37.41 5.10
C3 PCW VB . 8.92 -36.07 4.48
C4 PCW VB . 8.35 -38.79 0.54
C5 PCW VB . 8.43 -37.31 0.20
C6 PCW VB . 8.50 -36.63 -2.26
C7 PCW VB . 6.62 -35.98 -0.85
C8 PCW VB . 8.39 -35.46 -0.69
C11 PCW VB . 7.23 -34.74 3.42
C12 PCW VB . 6.18 -33.70 3.73
C13 PCW VB . 6.45 -32.46 2.81
C14 PCW VB . 5.47 -31.29 2.99
C15 PCW VB . 4.65 -30.89 1.73
C16 PCW VB . 3.24 -31.57 1.73
C17 PCW VB . 3.12 -32.96 1.02
C18 PCW VB . 1.67 -33.42 0.82
C19 PCW VB . 1.25 -34.54 1.79
C20 PCW VB . 0.13 -34.44 2.62
C21 PCW VB . -0.87 -33.37 2.82
C22 PCW VB . -0.59 -32.74 4.21
C23 PCW VB . -0.10 -31.27 4.26
C24 PCW VB . -1.11 -30.20 3.96
C25 PCW VB . -1.08 -29.39 2.63
C26 PCW VB . -2.22 -29.65 1.67
C27 PCW VB . -1.93 -30.52 0.42
C28 PCW VB . -3.04 -30.38 -0.59
C31 PCW VB . 6.28 -38.46 5.06
C32 PCW VB . 5.12 -38.82 4.13
C33 PCW VB . 3.68 -38.28 4.60
C34 PCW VB . 3.70 -36.83 5.09
C35 PCW VB . 3.36 -36.91 6.63
C36 PCW VB . 3.74 -35.61 7.39
C37 PCW VB . 3.42 -35.61 8.92
C38 PCW VB . 4.68 -35.66 9.74
C39 PCW VB . 4.41 -35.67 11.22
C40 PCW VB . 4.27 -34.61 12.02
C41 PCW VB . 4.35 -33.18 11.54
C42 PCW VB . 3.10 -32.38 12.12
C43 PCW VB . 3.09 -30.86 11.96
C44 PCW VB . 1.79 -30.36 12.59
C45 PCW VB . 0.82 -29.74 11.63
C46 PCW VB . 0.51 -28.30 11.95
C47 PCW VB . 0.46 -27.34 10.78
C48 PCW VB . 0.12 -25.92 11.25
N PCW VB . 7.80 -36.80 -0.98
O2 PCW VB . 7.21 -37.83 4.33
O3 PCW VB . 7.89 -35.08 4.56
O11 PCW VB . 7.44 -35.21 2.33
O31 PCW VB . 6.35 -38.71 6.29
O1P PCW VB . 10.09 -40.62 1.96
O2P PCW VB . 8.22 -40.66 3.61
O3P PCW VB . 10.00 -38.79 3.69
O4P PCW VB . 8.27 -38.88 1.98
P PCW VB . 9.14 -39.82 2.80
C1 PCW WB . 13.96 -9.56 -37.96
C2 PCW WB . 13.45 -8.72 -36.72
C3 PCW WB . 14.61 -7.82 -36.17
C4 PCW WB . 9.97 -11.79 -38.55
C5 PCW WB . 9.22 -12.58 -39.63
C6 PCW WB . 6.94 -11.82 -39.40
C7 PCW WB . 7.64 -12.75 -41.43
C8 PCW WB . 8.40 -10.66 -40.93
C11 PCW WB . 14.31 -7.58 -33.79
C12 PCW WB . 13.70 -6.67 -32.78
C13 PCW WB . 14.85 -5.89 -32.05
C14 PCW WB . 14.39 -4.92 -30.97
C15 PCW WB . 13.69 -5.56 -29.74
C16 PCW WB . 12.19 -5.10 -29.65
C17 PCW WB . 11.11 -6.23 -29.53
C18 PCW WB . 9.68 -5.69 -29.58
C19 PCW WB . 8.62 -6.76 -29.18
C20 PCW WB . 7.42 -6.42 -28.56
C21 PCW WB . 6.85 -5.12 -28.14
C22 PCW WB . 5.79 -5.44 -27.04
C23 PCW WB . 6.11 -5.00 -25.59
C24 PCW WB . 4.99 -4.43 -24.79
C25 PCW WB . 3.90 -5.34 -24.15
C26 PCW WB . 3.90 -5.45 -22.64
C27 PCW WB . 3.16 -4.36 -21.84
C28 PCW WB . 2.69 -4.92 -20.51
C31 PCW WB . 11.12 -8.34 -37.01
C32 PCW WB . 10.09 -7.29 -37.47
C33 PCW WB . 10.68 -5.95 -38.12
C34 PCW WB . 10.34 -4.68 -37.34
C35 PCW WB . 8.91 -4.23 -37.85
C36 PCW WB . 7.82 -4.44 -36.77
C37 PCW WB . 6.37 -4.02 -37.18
C38 PCW WB . 5.70 -3.21 -36.12
C39 PCW WB . 4.29 -2.80 -36.51
C40 PCW WB . 3.70 -1.64 -36.25
C41 PCW WB . 4.35 -0.49 -35.50
C42 PCW WB . 4.38 0.77 -36.47
C43 PCW WB . 5.54 1.75 -36.36
C44 PCW WB . 5.29 2.84 -37.40
C45 PCW WB . 6.03 4.13 -37.15
C46 PCW WB . 6.16 4.98 -38.38
C47 PCW WB . 7.26 6.01 -38.38
C48 PCW WB . 7.28 6.81 -39.69
N PCW WB . 8.11 -11.98 -40.31
O2 PCW WB . 12.34 -7.81 -37.14
O3 PCW WB . 14.12 -7.07 -35.05
O11 PCW WB . 14.87 -8.62 -33.56
O31 PCW WB . 10.85 -9.50 -36.60
O1P PCW WB . 11.75 -9.82 -39.67
O2P PCW WB . 13.03 -11.82 -40.42
O3P PCW WB . 13.39 -10.88 -38.05
O4P PCW WB . 11.38 -12.10 -38.70
P PCW WB . 12.39 -11.12 -39.28
C1 17F XB . -12.29 -46.20 5.25
N1 17F XB . -10.70 -46.91 7.06
O1 17F XB . -13.97 -48.21 6.98
P1 17F XB . -14.49 -47.23 5.95
C2 17F XB . -11.21 -47.18 5.72
O2 17F XB . -15.74 -47.64 5.22
C3 17F XB . -10.05 -47.20 4.71
O3 17F XB . -13.44 -46.86 4.88
C4 17F XB . -15.37 -44.75 5.87
O4 17F XB . -8.82 -46.98 5.05
C5 17F XB . -15.66 -43.49 6.73
O5 17F XB . -10.25 -47.42 3.52
C6 17F XB . -17.04 -43.64 7.42
O6 17F XB . -14.85 -45.84 6.64
C7 17F XB . -18.59 -42.13 8.29
O7 17F XB . -17.35 -42.51 8.22
C8 17F XB . -18.64 -40.89 9.21
O8 17F XB . -19.58 -42.57 7.78
C9 17F XB . -18.34 -39.57 8.48
O9 17F XB . -14.62 -43.21 7.68
C10 17F XB . -18.38 -38.27 9.36
O10 17F XB . -13.63 -41.82 6.12
C11 17F XB . -17.07 -38.00 10.21
C12 17F XB . -17.19 -36.70 11.06
C17 17F XB . -13.66 -42.46 7.19
C18 17F XB . -12.46 -42.39 8.09
C19 17F XB . -12.39 -41.13 8.99
C20 17F XB . -11.79 -39.89 8.22
C1X 17F XB . -15.91 -36.47 11.88
C1Y 17F XB . -11.74 -38.64 9.15
C1Z 17F XB . -11.61 -37.37 8.30
C2X 17F XB . -16.00 -35.14 12.77
C21 17F XB . -16.07 -33.84 11.90
C22 17F XB . -15.78 -32.66 12.32
C23 17F XB . -15.33 -32.26 13.67
C24 17F XB . -16.38 -31.51 14.48
C25 17F XB . -15.97 -31.09 15.88
C26 17F XB . -15.98 -29.51 16.16
C27 17F XB . -15.56 -29.12 17.57
C28 17F XB . -15.63 -27.55 17.65
C29 17F XB . -15.88 -27.16 19.05
C30 17F XB . -15.97 -25.68 19.27
C31 17F XB . -12.96 -36.75 7.76
C32 17F XB . -12.79 -35.46 6.91
C33 17F XB . -12.49 -34.29 7.84
C34 17F XB . -12.29 -33.03 7.44
C35 17F XB . -12.34 -32.50 6.03
C36 17F XB . -13.69 -31.83 5.63
C37 17F XB . -13.43 -30.75 4.64
C38 17F XB . -14.67 -29.91 4.24
C39 17F XB . -14.31 -28.82 3.22
C40 17F XB . -14.32 -27.44 3.87
C41 17F XB . -14.23 -26.31 2.78
C42 17F XB . -12.86 -25.67 2.50
C1 17F YB . 6.23 -33.22 -17.10
N1 17F YB . 6.43 -30.88 -16.22
O1 17F YB . 4.05 -33.24 -15.25
P1 17F YB . 3.74 -32.92 -16.70
C2 17F YB . 6.82 -32.27 -16.04
O2 17F YB . 2.84 -33.88 -17.43
C3 17F YB . 8.35 -32.37 -16.05
O3 17F YB . 5.01 -32.74 -17.57
C4 17F YB . 2.62 -31.00 -18.11
O4 17F YB . 9.11 -31.34 -16.20
C5 17F YB . 1.91 -29.62 -18.03
O5 17F YB . 8.91 -33.45 -15.91
C6 17F YB . 0.62 -29.74 -17.19
O6 17F YB . 3.01 -31.52 -16.83
C7 17F YB . -1.22 -28.34 -17.62
O7 17F YB . -0.06 -28.49 -17.07
C8 17F YB . -1.69 -26.90 -17.32
O8 17F YB . -1.90 -29.11 -18.26
C9 17F YB . -2.09 -26.70 -15.84
O9 17F YB . 2.78 -28.58 -17.53
C10 17F YB . -2.58 -25.26 -15.44
O10 17F YB . 3.87 -27.90 -19.45
C11 17F YB . -1.85 -24.67 -14.16
C12 17F YB . -2.36 -23.23 -13.79
C17 17F YB . 3.12 -27.73 -18.48
C18 17F YB . 2.49 -26.37 -18.28
C19 17F YB . 3.14 -25.52 -17.17
C20 17F YB . 2.16 -25.22 -15.97
C1X 17F YB . -1.62 -22.70 -12.56
C1Y 17F YB . 2.85 -24.37 -14.89
C1Z 17F YB . 2.22 -22.99 -14.79
C2X 17F YB . -2.10 -21.24 -12.14
C21 17F YB . -1.05 -20.14 -12.49
C22 17F YB . -0.16 -19.70 -11.67
C23 17F YB . 0.07 -20.09 -10.28
C24 17F YB . 1.18 -19.33 -9.57
C25 17F YB . 1.45 -19.71 -8.12
C26 17F YB . 1.58 -18.48 -7.09
C27 17F YB . 1.84 -18.89 -5.66
C28 17F YB . 1.94 -17.57 -4.80
C29 17F YB . 2.80 -17.82 -3.63
C30 17F YB . 2.99 -16.64 -2.72
C31 17F YB . 2.60 -21.94 -15.90
C32 17F YB . 1.93 -20.54 -15.76
C33 17F YB . 2.16 -19.75 -17.04
C34 17F YB . 1.72 -18.51 -17.26
C35 17F YB . 0.92 -17.66 -16.32
C36 17F YB . -0.58 -17.49 -16.71
C37 17F YB . -1.20 -16.47 -15.82
C38 17F YB . -1.29 -15.04 -16.43
C39 17F YB . -1.93 -14.05 -15.46
C40 17F YB . -1.80 -12.62 -15.98
C41 17F YB . -3.23 -12.00 -16.26
C42 17F YB . -3.36 -10.47 -16.39
C1 17F ZB . 12.82 -22.77 -20.84
N1 17F ZB . 13.20 -20.37 -20.18
O1 17F ZB . 13.32 -23.64 -18.04
P1 17F ZB . 11.92 -23.53 -18.61
C2 17F ZB . 13.78 -21.55 -20.82
O2 17F ZB . 11.23 -24.82 -18.96
C3 17F ZB . 14.20 -21.21 -22.26
O3 17F ZB . 11.85 -22.65 -19.86
C4 17F ZB . 9.58 -22.58 -17.90
O4 17F ZB . 14.06 -20.03 -22.76
C5 17F ZB . 8.78 -21.85 -16.78
O5 17F ZB . 14.72 -22.05 -22.99
C6 17F ZB . 7.96 -22.87 -15.96
O6 17F ZB . 10.95 -22.80 -17.58
C7 17F ZB . 6.57 -23.00 -14.08
O7 17F ZB . 7.20 -22.25 -14.93
C8 17F ZB . 5.82 -22.09 -13.08
O8 17F ZB . 6.50 -24.20 -14.00
C9 17F ZB . 6.49 -22.01 -11.69
O9 17F ZB . 9.61 -21.04 -15.93
C10 17F ZB . 5.77 -21.09 -10.64
O10 17F ZB . 9.41 -18.97 -16.90
C11 17F ZB . 6.05 -19.55 -10.81
C12 17F ZB . 5.29 -18.69 -9.73
C17 17F ZB . 9.30 -19.78 -15.96
C18 17F ZB . 8.71 -19.29 -14.65
C19 17F ZB . 7.81 -18.04 -14.77
C20 17F ZB . 6.35 -18.29 -14.21
C1X 17F ZB . 5.60 -17.20 -9.92
C1Y 17F ZB . 5.48 -17.02 -14.34
C1Z 17F ZB . 4.07 -17.25 -13.78
C2X 17F ZB . 4.85 -16.28 -8.83
C21 17F ZB . 5.82 -15.76 -7.74
C22 17F ZB . 5.45 -15.05 -6.71
C23 17F ZB . 4.09 -14.60 -6.38
C24 17F ZB . 4.02 -13.66 -5.18
C25 17F ZB . 2.63 -13.16 -4.80
C26 17F ZB . 2.37 -11.59 -4.98
C27 17F ZB . 0.99 -11.12 -4.60
C28 17F ZB . 0.92 -9.57 -4.85
C29 17F ZB . -0.41 -9.23 -5.38
C30 17F ZB . -0.62 -7.77 -5.67
C31 17F ZB . 3.37 -16.02 -13.11
C32 17F ZB . 1.95 -16.30 -12.54
C33 17F ZB . 1.26 -14.98 -12.22
C34 17F ZB . 0.04 -14.86 -11.72
C35 17F ZB . -0.91 -15.99 -11.37
C36 17F ZB . -2.34 -15.53 -10.97
C37 17F ZB . -3.21 -15.57 -12.18
C38 17F ZB . -4.48 -14.68 -12.09
C39 17F ZB . -5.31 -14.77 -13.38
C40 17F ZB . -6.19 -13.52 -13.53
C41 17F ZB . -6.91 -13.52 -14.94
C42 17F ZB . -8.04 -12.52 -15.20
C1 17F AC . -8.78 -40.05 2.64
N1 17F AC . -7.98 -41.74 0.97
O1 17F AC . -9.30 -39.86 5.68
P1 17F AC . -10.11 -40.67 4.71
C2 17F AC . -8.73 -40.51 1.18
O2 17F AC . -10.72 -41.95 5.24
C3 17F AC . -8.12 -39.39 0.31
O3 17F AC . -9.32 -41.06 3.44
C4 17F AC . -12.24 -40.43 3.20
O4 17F AC . -7.11 -39.59 -0.46
C5 17F AC . -13.38 -39.46 2.76
O5 17F AC . -8.60 -38.25 0.31
C6 17F AC . -14.68 -40.26 2.52
O6 17F AC . -11.34 -39.85 4.14
C7 17F AC . -16.61 -39.02 2.99
O7 17F AC . -15.76 -39.44 2.10
C8 17F AC . -17.68 -38.17 2.24
O8 17F AC . -16.68 -39.21 4.17
C9 17F AC . -17.07 -37.03 1.39
O9 17F AC . -13.58 -38.38 3.68
C10 17F AC . -18.08 -36.13 0.60
O10 17F AC . -11.78 -37.08 3.08
C11 17F AC . -18.12 -36.38 -0.96
C12 17F AC . -19.15 -35.45 -1.69
C17 17F AC . -12.98 -37.28 3.29
C18 17F AC . -13.96 -36.14 3.11
C19 17F AC . -15.00 -35.99 4.26
C20 17F AC . -15.90 -34.72 4.10
C1X 17F AC . -19.14 -35.72 -3.20
C1Y 17F AC . -16.92 -34.62 5.26
C1Z 17F AC . -18.15 -33.79 4.83
C2X 17F AC . -20.19 -34.79 -3.98
C21 17F AC . -19.58 -34.17 -5.27
C22 17F AC . -19.24 -32.93 -5.39
C23 17F AC . -19.35 -31.87 -4.38
C24 17F AC . -18.09 -31.68 -3.53
C25 17F AC . -18.14 -30.60 -2.47
C26 17F AC . -17.02 -29.47 -2.56
C27 17F AC . -17.10 -28.40 -1.49
C28 17F AC . -15.92 -27.38 -1.76
C29 17F AC . -16.27 -26.07 -1.16
C30 17F AC . -15.24 -25.01 -1.33
C31 17F AC . -19.36 -34.60 4.23
C32 17F AC . -20.58 -33.74 3.80
C33 17F AC . -21.71 -33.94 4.81
C34 17F AC . -22.90 -33.34 4.74
C35 17F AC . -23.37 -32.37 3.68
C36 17F AC . -24.56 -31.47 4.12
C37 17F AC . -25.44 -31.25 2.95
C38 17F AC . -26.63 -32.23 2.84
C39 17F AC . -27.49 -31.93 1.60
C40 17F AC . -28.88 -32.55 1.74
C41 17F AC . -29.99 -31.42 1.73
C42 17F AC . -30.55 -30.92 3.06
C1 17F BC . 32.49 -20.83 0.74
N1 17F BC . 31.85 -22.73 2.26
O1 17F BC . 34.49 -19.99 3.83
P1 17F BC . 34.07 -19.74 2.40
C2 17F BC . 31.48 -21.93 1.09
O2 17F BC . 35.42 -20.18 1.90
C3 17F BC . 31.32 -22.87 -0.11
O3 17F BC . 33.65 -20.94 1.51
C4 17F BC . 34.20 -18.12 0.33
O4 17F BC . 31.48 -24.14 -0.04
C5 17F BC . 34.78 -16.78 -0.20
O5 17F BC . 31.00 -22.41 -1.22
C6 17F BC . 34.12 -16.44 -1.55
O6 17F BC . 34.56 -18.42 1.68
C7 17F BC . 35.39 -15.26 -3.11
O7 17F BC . 34.61 -15.22 -2.08
C8 17F BC . 35.75 -13.80 -3.50
O8 17F BC . 35.83 -16.20 -3.74
C9 17F BC . 34.74 -13.18 -4.49
O9 17F BC . 34.64 -15.71 0.74
C10 17F BC . 35.03 -11.71 -4.94
O10 17F BC . 35.93 -13.87 0.26
C11 17F BC . 34.66 -10.62 -3.87
C12 17F BC . 34.97 -9.16 -4.37
C17 17F BC . 35.72 -14.96 0.81
C18 17F BC . 36.78 -15.56 1.71
C19 17F BC . 38.18 -15.69 1.05
C20 17F BC . 38.95 -16.98 1.52
C1X 17F BC . 34.60 -8.13 -3.30
C1Y 17F BC . 40.33 -17.06 0.84
C1Z 17F BC . 41.42 -16.44 1.73
C2X 17F BC . 34.90 -6.63 -3.77
C21 17F BC . 36.06 -5.98 -2.96
C22 17F BC . 37.16 -5.54 -3.49
C23 17F BC . 37.56 -5.56 -4.90
C24 17F BC . 37.34 -4.25 -5.64
C25 17F BC . 37.74 -4.23 -7.11
C26 17F BC . 39.28 -3.91 -7.41
C27 17F BC . 39.66 -3.90 -8.87
C28 17F BC . 41.21 -3.58 -8.95
C29 17F BC . 41.38 -2.12 -9.01
C30 17F BC . 42.80 -1.67 -9.09
C31 17F BC . 42.13 -15.15 1.20
C32 17F BC . 43.22 -14.56 2.13
C33 17F BC . 44.30 -13.88 1.29
C34 17F BC . 45.36 -13.27 1.78
C35 17F BC . 45.74 -13.14 3.24
C36 17F BC . 46.01 -11.67 3.70
C37 17F BC . 47.44 -11.33 3.40
C38 17F BC . 47.64 -10.07 2.52
C39 17F BC . 49.13 -9.80 2.26
C40 17F BC . 49.55 -8.47 2.91
C41 17F BC . 50.12 -8.71 4.36
C42 17F BC . 51.37 -9.58 4.54
C1 17F CC . -2.67 -24.17 -33.97
N1 17F CC . -2.02 -24.85 -36.29
O1 17F CC . 0.27 -22.73 -33.62
P1 17F CC . -1.15 -22.21 -33.45
C2 17F CC . -2.18 -25.28 -34.91
O2 17F CC . -1.70 -22.27 -32.05
C3 17F CC . -3.14 -26.47 -34.85
O3 17F CC . -2.18 -22.93 -34.36
C4 17F CC . -2.52 -20.00 -33.80
O4 17F CC . -3.71 -26.96 -35.91
C5 17F CC . -2.45 -18.51 -34.25
O5 17F CC . -3.43 -27.00 -33.78
C6 17F CC . -1.41 -18.34 -35.38
O6 17F CC . -1.27 -20.69 -33.87
C7 17F CC . -0.36 -16.64 -36.61
O7 17F CC . -1.33 -16.98 -35.81
C8 17F CC . -0.51 -15.12 -36.90
O8 17F CC . 0.54 -17.29 -37.08
C9 17F CC . 0.25 -14.22 -35.90
O9 17F CC . -3.73 -18.00 -34.65
C10 17F CC . 0.14 -12.67 -36.14
O10 17F CC . -3.63 -15.74 -34.21
C11 17F CC . 0.73 -11.78 -34.98
C12 17F CC . 0.59 -10.24 -35.28
C17 17F CC . -4.05 -16.89 -34.01
C18 17F CC . -5.06 -17.13 -32.91
C19 17F CC . -5.32 -15.92 -31.98
C20 17F CC . -6.66 -16.07 -31.16
C1X 17F CC . 1.17 -9.42 -34.12
C1Y 17F CC . -6.88 -14.83 -30.25
C1Z 17F CC . -8.37 -14.67 -29.91
C2X 17F CC . 1.06 -7.84 -34.38
C21 17F CC . 2.39 -7.23 -34.91
C22 17F CC . 2.98 -6.20 -34.40
C23 17F CC . 2.55 -5.42 -33.23
C24 17F CC . 3.58 -4.40 -32.74
C25 17F CC . 3.17 -3.56 -31.54
C26 17F CC . 2.69 -2.07 -31.86
C27 17F CC . 2.29 -1.26 -30.65
C28 17F CC . 1.85 0.17 -31.16
C29 17F CC . 2.50 1.20 -30.34
C30 17F CC . 2.17 2.61 -30.72
C31 17F CC . -8.70 -14.25 -28.43
C32 17F CC . -10.21 -14.09 -28.09
C33 17F CC . -10.77 -15.45 -27.67
C34 17F CC . -12.03 -15.66 -27.31
C35 17F CC . -13.14 -14.64 -27.26
C36 17F CC . -14.39 -15.08 -26.44
C37 17F CC . -15.39 -13.98 -26.45
C38 17F CC . -15.94 -13.60 -25.05
C39 17F CC . -16.98 -12.46 -25.14
C40 17F CC . -17.48 -12.09 -23.75
C41 17F CC . -17.13 -10.59 -23.40
C42 17F CC . -17.97 -9.83 -22.37
C1 17F DC . -2.64 -28.89 -21.90
N1 17F DC . -0.72 -29.04 -23.50
O1 17F DC . -4.78 -27.47 -23.27
P1 17F DC . -3.76 -26.68 -22.48
C2 17F DC . -1.13 -29.15 -22.11
O2 17F DC . -2.81 -25.82 -23.27
C3 17F DC . -0.77 -30.54 -21.57
O3 17F DC . -2.87 -27.56 -21.57
C4 17F DC . -3.70 -24.83 -20.62
O4 17F DC . -0.18 -31.43 -22.30
C5 17F DC . -4.59 -23.92 -19.71
O5 17F DC . -1.01 -30.86 -20.41
C6 17F DC . -3.67 -23.13 -18.74
O6 17F DC . -4.47 -25.69 -21.47
C7 17F DC . -3.75 -21.57 -17.00
O7 17F DC . -4.41 -22.27 -17.87
C8 17F DC . -4.76 -20.73 -16.18
O8 17F DC . -2.57 -21.51 -16.78
C9 17F DC . -4.94 -19.30 -16.75
O9 17F DC . -5.44 -23.04 -20.46
C10 17F DC . -5.94 -18.36 -15.97
O10 17F DC . -7.23 -24.40 -19.92
C11 17F DC . -7.39 -18.95 -15.76
C12 17F DC . -8.30 -17.95 -14.96
C17 17F DC . -6.72 -23.37 -20.37
C18 17F DC . -7.61 -22.29 -20.93
C19 17F DC . -8.32 -21.42 -19.86
C20 17F DC . -9.11 -20.23 -20.52
C1X 17F DC . -9.72 -18.52 -14.75
C1Y 17F DC . -9.82 -19.38 -19.43
C1Z 17F DC . -11.34 -19.50 -19.55
C2X 17F DC . -10.65 -17.51 -13.94
C21 17F DC . -11.96 -18.19 -13.43
C22 17F DC . -12.04 -19.01 -12.43
C23 17F DC . -10.93 -19.48 -11.57
C24 17F DC . -10.49 -20.91 -11.85
C25 17F DC . -9.35 -21.46 -11.00
C26 17F DC . -9.24 -23.05 -10.94
C27 17F DC . -8.10 -23.58 -10.09
C28 17F DC . -8.16 -25.16 -10.15
C29 17F DC . -6.79 -25.68 -10.20
C30 17F DC . -6.70 -27.18 -10.26
C31 17F DC . -12.10 -20.07 -18.31
C32 17F DC . -13.65 -20.18 -18.45
C33 17F DC . -13.97 -21.44 -19.24
C34 17F DC . -15.20 -21.85 -19.56
C35 17F DC . -16.50 -21.15 -19.21
C36 17F DC . -17.00 -20.14 -20.27
C37 17F DC . -17.22 -18.82 -19.62
C38 17F DC . -17.41 -17.64 -20.60
C39 17F DC . -17.64 -16.32 -19.85
C40 17F DC . -17.85 -15.17 -20.84
C41 17F DC . -18.27 -13.85 -20.08
C42 17F DC . -17.19 -12.79 -19.75
C1 17F EC . -19.83 -43.32 -13.55
N1 17F EC . -17.41 -42.72 -13.82
O1 17F EC . -22.19 -42.77 -15.29
P1 17F EC . -20.77 -42.54 -15.77
C2 17F EC . -18.51 -42.89 -12.88
O2 17F EC . -20.48 -42.85 -17.21
C3 17F EC . -18.13 -43.92 -11.81
O3 17F EC . -19.71 -43.29 -14.93
C4 17F EC . -19.06 -40.55 -15.98
O4 17F EC . -16.98 -44.51 -11.80
C5 17F EC . -18.86 -39.02 -15.74
O5 17F EC . -18.91 -44.23 -10.92
C6 17F EC . -18.46 -38.76 -14.27
O6 17F EC . -20.35 -41.01 -15.60
C7 17F EC . -18.95 -36.82 -13.07
O7 17F EC . -18.27 -37.38 -14.01
C8 17F EC . -18.55 -35.32 -13.00
O8 17F EC . -19.79 -37.29 -12.32
C9 17F EC . -19.47 -34.47 -12.11
O9 17F EC . -17.92 -38.43 -16.66
C10 17F EC . -19.12 -32.94 -11.99
O10 17F EC . -16.21 -39.88 -16.05
C11 17F EC . -20.35 -31.97 -12.17
C12 17F EC . -19.94 -30.46 -12.05
C17 17F EC . -16.66 -38.79 -16.46
C18 17F EC . -15.69 -37.67 -16.77
C19 17F EC . -15.77 -36.46 -15.82
C20 17F EC . -14.34 -35.89 -15.45
C1X 17F EC . -21.17 -29.56 -12.23
C1Y 17F EC . -14.47 -34.68 -14.49
C1Z 17F EC . -14.92 -33.43 -15.27
C2X 17F EC . -20.80 -28.01 -12.11
C21 17F EC . -21.85 -27.09 -12.82
C22 17F EC . -22.28 -25.98 -12.34
C23 17F EC . -21.89 -25.34 -11.07
C24 17F EC . -23.05 -24.78 -10.26
C25 17F EC . -22.68 -24.11 -8.95
C26 17F EC . -23.27 -22.64 -8.73
C27 17F EC . -22.90 -21.98 -7.42
C28 17F EC . -23.57 -20.55 -7.39
C29 17F EC . -24.61 -20.52 -6.34
C30 17F EC . -25.33 -19.22 -6.21
C31 17F EC . -15.85 -32.41 -14.50
C32 17F EC . -16.28 -31.16 -15.32
C33 17F EC . -15.10 -30.19 -15.41
C34 17F EC . -15.14 -29.03 -16.05
C35 17F EC . -16.30 -28.42 -16.78
C36 17F EC . -15.97 -27.14 -17.60
C37 17F EC . -15.15 -27.52 -18.78
C38 17F EC . -15.96 -27.80 -20.07
C39 17F EC . -15.04 -28.18 -21.24
C40 17F EC . -14.87 -29.71 -21.31
C41 17F EC . -13.34 -30.08 -21.54
C42 17F EC . -12.48 -30.48 -20.34
PB GDP FC . -27.88 22.29 2.02
O1B GDP FC . -27.77 21.39 3.23
O2B GDP FC . -28.65 23.54 2.37
O3B GDP FC . -26.51 22.68 1.55
O3A GDP FC . -28.63 21.52 0.82
PA GDP FC . -30.13 20.96 0.93
O1A GDP FC . -31.13 22.08 1.18
O2A GDP FC . -30.26 19.90 2.01
O5' GDP FC . -30.37 20.32 -0.52
C5' GDP FC . -30.06 18.94 -0.72
C4' GDP FC . -30.36 18.57 -2.16
O4' GDP FC . -29.23 17.91 -2.72
C3' GDP FC . -31.54 17.63 -2.27
O3' GDP FC . -32.42 18.08 -3.30
C2' GDP FC . -30.93 16.27 -2.55
O2' GDP FC . -31.76 15.45 -3.40
C1' GDP FC . -29.59 16.59 -3.18
N9 GDP FC . -28.55 15.61 -2.77
C8 GDP FC . -27.75 15.65 -1.68
N7 GDP FC . -26.93 14.56 -1.65
C5 GDP FC . -27.22 13.82 -2.73
C6 GDP FC . -26.73 12.53 -3.32
O6 GDP FC . -25.82 11.88 -2.76
N1 GDP FC . -27.29 12.11 -4.46
C2 GDP FC . -28.27 12.79 -5.08
N2 GDP FC . -28.79 12.28 -6.23
N3 GDP FC . -28.76 13.96 -4.61
C4 GDP FC . -28.28 14.50 -3.46
MG MG GC . -26.83 23.87 9.08
N LEU A 3 -30.39 2.66 -37.89
CA LEU A 3 -31.07 1.48 -38.40
C LEU A 3 -30.59 0.24 -37.66
N LYS A 4 -29.28 0.10 -37.55
CA LYS A 4 -28.69 -1.05 -36.87
C LYS A 4 -29.06 -1.04 -35.40
N LEU A 5 -28.95 0.14 -34.78
CA LEU A 5 -29.27 0.30 -33.37
C LEU A 5 -30.78 0.26 -33.14
N LEU A 6 -31.54 0.04 -34.21
CA LEU A 6 -32.98 -0.03 -34.11
C LEU A 6 -33.44 -1.47 -34.27
N ASP A 7 -33.10 -2.08 -35.40
CA ASP A 7 -33.49 -3.47 -35.67
C ASP A 7 -32.81 -4.45 -34.72
N ASN A 8 -31.55 -4.17 -34.39
CA ASN A 8 -30.80 -5.03 -33.47
C ASN A 8 -31.43 -4.97 -32.10
N TRP A 9 -31.74 -3.75 -31.65
CA TRP A 9 -32.36 -3.55 -30.35
C TRP A 9 -33.77 -4.14 -30.33
N ASP A 10 -34.45 -4.07 -31.47
CA ASP A 10 -35.79 -4.63 -31.60
C ASP A 10 -35.75 -6.13 -31.35
N SER A 11 -34.66 -6.77 -31.76
CA SER A 11 -34.48 -8.19 -31.54
C SER A 11 -34.21 -8.45 -30.06
N VAL A 12 -33.56 -7.49 -29.42
CA VAL A 12 -33.24 -7.60 -28.00
C VAL A 12 -34.52 -7.48 -27.17
N THR A 13 -35.36 -6.51 -27.50
CA THR A 13 -36.61 -6.32 -26.79
C THR A 13 -37.51 -7.53 -26.99
N SER A 14 -37.47 -8.09 -28.20
CA SER A 14 -38.25 -9.27 -28.54
C SER A 14 -37.76 -10.48 -27.74
N THR A 15 -36.58 -10.36 -27.16
CA THR A 15 -36.02 -11.42 -26.36
C THR A 15 -36.33 -11.13 -24.89
N PHE A 16 -36.25 -9.85 -24.52
CA PHE A 16 -36.54 -9.43 -23.16
C PHE A 16 -37.99 -9.74 -22.79
N SER A 17 -38.90 -9.47 -23.72
CA SER A 17 -40.31 -9.72 -23.51
C SER A 17 -40.56 -11.19 -23.27
N LYS A 18 -40.02 -12.02 -24.16
CA LYS A 18 -40.16 -13.46 -24.07
C LYS A 18 -39.53 -13.99 -22.78
N LEU A 19 -38.43 -13.37 -22.37
CA LEU A 19 -37.75 -13.76 -21.15
C LEU A 19 -38.63 -13.44 -19.95
N ARG A 20 -39.21 -12.25 -19.95
CA ARG A 20 -40.10 -11.81 -18.88
C ARG A 20 -41.35 -12.68 -18.83
N GLU A 21 -41.85 -13.01 -20.02
CA GLU A 21 -43.03 -13.85 -20.15
C GLU A 21 -42.79 -15.23 -19.55
N GLN A 22 -41.56 -15.71 -19.68
CA GLN A 22 -41.19 -16.99 -19.12
C GLN A 22 -40.79 -16.87 -17.65
N LEU A 23 -40.24 -15.71 -17.29
CA LEU A 23 -39.83 -15.42 -15.93
C LEU A 23 -41.00 -15.54 -14.96
N GLY A 24 -42.19 -15.15 -15.44
CA GLY A 24 -43.39 -15.24 -14.63
C GLY A 24 -43.57 -16.66 -14.12
N PRO A 25 -43.86 -17.62 -15.03
CA PRO A 25 -44.01 -19.03 -14.65
C PRO A 25 -42.77 -19.52 -13.92
N VAL A 26 -41.58 -19.17 -14.43
CA VAL A 26 -40.32 -19.58 -13.81
C VAL A 26 -40.29 -19.25 -12.33
N THR A 27 -40.54 -17.99 -11.98
CA THR A 27 -40.54 -17.57 -10.60
C THR A 27 -41.67 -18.23 -9.80
N GLN A 28 -42.85 -18.28 -10.40
CA GLN A 28 -44.01 -18.90 -9.75
C GLN A 28 -43.73 -20.36 -9.44
N GLU A 29 -43.27 -21.09 -10.45
CA GLU A 29 -42.96 -22.51 -10.30
C GLU A 29 -41.77 -22.69 -9.35
N PHE A 30 -40.83 -21.76 -9.42
CA PHE A 30 -39.65 -21.79 -8.55
C PHE A 30 -40.07 -21.59 -7.11
N TRP A 31 -40.92 -20.59 -6.88
CA TRP A 31 -41.43 -20.28 -5.55
C TRP A 31 -42.26 -21.44 -5.01
N ASP A 32 -43.02 -22.07 -5.89
CA ASP A 32 -43.85 -23.22 -5.50
C ASP A 32 -42.94 -24.35 -5.04
N ASN A 33 -41.92 -24.62 -5.84
CA ASN A 33 -40.94 -25.66 -5.52
C ASN A 33 -40.20 -25.29 -4.24
N LEU A 34 -39.79 -24.03 -4.15
CA LEU A 34 -39.08 -23.53 -2.99
C LEU A 34 -39.95 -23.61 -1.75
N GLU A 35 -41.25 -23.36 -1.90
CA GLU A 35 -42.17 -23.43 -0.77
C GLU A 35 -42.26 -24.86 -0.27
N LYS A 36 -42.31 -25.81 -1.20
CA LYS A 36 -42.36 -27.22 -0.84
C LYS A 36 -41.04 -27.60 -0.17
N GLU A 37 -39.96 -26.96 -0.62
CA GLU A 37 -38.64 -27.19 -0.07
C GLU A 37 -38.57 -26.62 1.34
N THR A 38 -39.03 -25.37 1.50
CA THR A 38 -39.03 -24.73 2.80
C THR A 38 -39.97 -25.45 3.76
N GLU A 39 -41.06 -26.00 3.24
CA GLU A 39 -42.02 -26.73 4.07
C GLU A 39 -41.38 -28.01 4.59
N GLY A 40 -40.73 -28.75 3.69
CA GLY A 40 -40.06 -29.96 4.09
C GLY A 40 -38.94 -29.65 5.05
N LEU A 41 -38.13 -28.65 4.69
CA LEU A 41 -37.02 -28.22 5.54
C LEU A 41 -37.54 -27.68 6.86
N ARG A 42 -38.76 -27.16 6.85
CA ARG A 42 -39.39 -26.63 8.06
C ARG A 42 -39.74 -27.77 8.99
N GLN A 43 -40.34 -28.82 8.41
CA GLN A 43 -40.73 -30.01 9.18
C GLN A 43 -39.48 -30.71 9.68
N GLU A 44 -38.43 -30.66 8.87
CA GLU A 44 -37.16 -31.26 9.22
C GLU A 44 -36.46 -30.42 10.28
N MET A 45 -36.44 -29.10 10.07
CA MET A 45 -35.81 -28.18 11.00
C MET A 45 -36.41 -28.24 12.39
N SER A 46 -37.73 -28.41 12.46
CA SER A 46 -38.40 -28.50 13.76
C SER A 46 -37.84 -29.68 14.54
N LYS A 47 -37.66 -30.80 13.85
CA LYS A 47 -37.10 -32.00 14.48
C LYS A 47 -35.59 -31.82 14.65
N ASP A 48 -34.94 -31.31 13.61
CA ASP A 48 -33.50 -31.08 13.60
C ASP A 48 -33.09 -30.31 14.83
N LEU A 49 -33.62 -29.10 14.97
CA LEU A 49 -33.32 -28.25 16.10
C LEU A 49 -33.85 -28.82 17.41
N GLU A 50 -35.01 -29.48 17.36
CA GLU A 50 -35.59 -30.06 18.56
C GLU A 50 -34.65 -31.08 19.17
N GLU A 51 -34.26 -32.08 18.40
CA GLU A 51 -33.37 -33.12 18.87
C GLU A 51 -31.99 -32.55 19.22
N VAL A 52 -31.56 -31.55 18.47
CA VAL A 52 -30.26 -30.93 18.74
C VAL A 52 -30.31 -30.17 20.07
N LYS A 53 -31.39 -29.45 20.31
CA LYS A 53 -31.56 -28.70 21.54
C LYS A 53 -31.83 -29.63 22.72
N ALA A 54 -32.65 -30.65 22.48
CA ALA A 54 -32.98 -31.61 23.52
C ALA A 54 -31.76 -32.40 23.93
N LYS A 55 -30.94 -32.76 22.95
CA LYS A 55 -29.73 -33.52 23.20
C LYS A 55 -28.59 -32.61 23.64
N VAL A 56 -28.71 -31.31 23.37
CA VAL A 56 -27.68 -30.37 23.76
C VAL A 56 -27.58 -30.31 25.28
N GLN A 57 -28.69 -30.66 25.94
CA GLN A 57 -28.73 -30.69 27.39
C GLN A 57 -27.76 -31.75 27.93
N PRO A 58 -27.99 -33.04 27.63
CA PRO A 58 -27.09 -34.11 28.10
C PRO A 58 -25.69 -33.99 27.49
N TYR A 59 -25.60 -33.33 26.33
CA TYR A 59 -24.31 -33.14 25.67
C TYR A 59 -23.48 -32.13 26.47
N LEU A 60 -24.07 -30.96 26.69
CA LEU A 60 -23.40 -29.91 27.44
C LEU A 60 -23.24 -30.32 28.89
N ASP A 61 -24.25 -31.01 29.44
CA ASP A 61 -24.20 -31.49 30.81
C ASP A 61 -23.05 -32.46 30.97
N ASP A 62 -22.90 -33.36 30.01
CA ASP A 62 -21.81 -34.33 30.03
C ASP A 62 -20.49 -33.62 29.96
N PHE A 63 -20.37 -32.71 29.00
CA PHE A 63 -19.15 -31.94 28.83
C PHE A 63 -18.90 -31.05 30.04
N GLN A 64 -19.97 -30.62 30.69
CA GLN A 64 -19.85 -29.78 31.89
C GLN A 64 -19.24 -30.57 33.02
N LYS A 65 -19.81 -31.73 33.31
CA LYS A 65 -19.30 -32.59 34.38
C LYS A 65 -17.87 -32.99 34.06
N LYS A 66 -17.63 -33.33 32.80
CA LYS A 66 -16.30 -33.72 32.35
C LYS A 66 -15.34 -32.54 32.51
N TRP A 67 -15.77 -31.36 32.08
CA TRP A 67 -14.96 -30.16 32.20
C TRP A 67 -14.68 -29.85 33.66
N GLN A 68 -15.68 -30.09 34.51
CA GLN A 68 -15.53 -29.87 35.94
C GLN A 68 -14.42 -30.75 36.47
N GLU A 69 -14.51 -32.05 36.18
CA GLU A 69 -13.50 -33.01 36.61
C GLU A 69 -12.15 -32.63 36.01
N GLU A 70 -12.16 -32.31 34.72
CA GLU A 70 -10.95 -31.92 34.01
C GLU A 70 -10.29 -30.73 34.68
N MET A 71 -11.08 -29.73 35.04
CA MET A 71 -10.56 -28.53 35.68
C MET A 71 -10.19 -28.79 37.14
N GLU A 72 -11.00 -29.58 37.84
CA GLU A 72 -10.73 -29.92 39.22
C GLU A 72 -9.40 -30.66 39.31
N LEU A 73 -9.24 -31.65 38.46
CA LEU A 73 -8.01 -32.43 38.40
C LEU A 73 -6.88 -31.56 37.91
N TYR A 74 -7.19 -30.67 36.96
CA TYR A 74 -6.20 -29.76 36.41
C TYR A 74 -5.65 -28.87 37.51
N ARG A 75 -6.53 -28.36 38.36
CA ARG A 75 -6.12 -27.52 39.47
C ARG A 75 -5.41 -28.33 40.53
N GLN A 76 -5.94 -29.52 40.82
CA GLN A 76 -5.35 -30.41 41.82
C GLN A 76 -3.93 -30.81 41.43
N LYS A 77 -3.69 -30.88 40.13
CA LYS A 77 -2.37 -31.21 39.62
C LYS A 77 -1.55 -29.92 39.51
N VAL A 78 -2.19 -28.87 39.03
CA VAL A 78 -1.54 -27.57 38.86
C VAL A 78 -0.88 -27.07 40.13
N GLU A 79 -1.52 -27.29 41.28
CA GLU A 79 -0.97 -26.83 42.56
C GLU A 79 0.42 -27.43 42.84
N PRO A 80 0.55 -28.76 42.99
CA PRO A 80 1.85 -29.39 43.23
C PRO A 80 2.81 -29.15 42.07
N LEU A 81 2.29 -29.19 40.84
CA LEU A 81 3.13 -28.97 39.65
C LEU A 81 3.72 -27.56 39.69
N ARG A 82 2.91 -26.60 40.10
CA ARG A 82 3.36 -25.22 40.22
C ARG A 82 4.40 -25.12 41.32
N ALA A 83 4.14 -25.82 42.42
CA ALA A 83 5.06 -25.84 43.55
C ALA A 83 6.40 -26.43 43.12
N GLU A 84 6.34 -27.52 42.36
CA GLU A 84 7.55 -28.17 41.85
C GLU A 84 8.31 -27.22 40.96
N LEU A 85 7.59 -26.53 40.09
CA LEU A 85 8.19 -25.57 39.17
C LEU A 85 8.78 -24.40 39.96
N GLN A 86 8.05 -23.93 40.96
CA GLN A 86 8.50 -22.82 41.79
C GLN A 86 9.74 -23.20 42.58
N GLU A 87 9.69 -24.34 43.27
CA GLU A 87 10.82 -24.82 44.06
C GLU A 87 12.00 -25.13 43.15
N GLY A 88 11.71 -25.75 42.02
CA GLY A 88 12.74 -26.08 41.06
C GLY A 88 13.38 -24.83 40.50
N ALA A 89 12.54 -23.87 40.14
CA ALA A 89 13.01 -22.60 39.60
C ALA A 89 13.82 -21.87 40.65
N ARG A 90 13.36 -21.93 41.90
CA ARG A 90 14.07 -21.30 43.01
C ARG A 90 15.50 -21.77 43.08
N GLN A 91 15.66 -23.09 43.09
CA GLN A 91 16.98 -23.71 43.16
C GLN A 91 17.79 -23.43 41.89
N LYS A 92 17.18 -23.66 40.74
CA LYS A 92 17.85 -23.45 39.46
C LYS A 92 18.24 -21.98 39.25
N LEU A 93 17.32 -21.07 39.55
CA LEU A 93 17.59 -19.64 39.40
C LEU A 93 18.63 -19.20 40.42
N HIS A 94 18.56 -19.79 41.62
CA HIS A 94 19.52 -19.47 42.66
C HIS A 94 20.91 -19.86 42.21
N GLU A 95 21.01 -21.07 41.64
CA GLU A 95 22.26 -21.59 41.14
C GLU A 95 22.79 -20.69 40.01
N LEU A 96 21.87 -20.26 39.15
CA LEU A 96 22.20 -19.39 38.03
C LEU A 96 22.66 -18.03 38.53
N GLN A 97 21.85 -17.41 39.40
CA GLN A 97 22.18 -16.10 39.96
C GLN A 97 23.49 -16.14 40.72
N GLU A 98 23.70 -17.21 41.48
CA GLU A 98 24.93 -17.36 42.24
C GLU A 98 26.12 -17.60 41.33
N LYS A 99 25.85 -17.86 40.06
CA LYS A 99 26.90 -18.07 39.09
C LYS A 99 27.07 -16.84 38.22
N LEU A 100 25.98 -16.09 38.05
CA LEU A 100 25.99 -14.88 37.26
C LEU A 100 26.92 -13.84 37.86
N SER A 101 27.03 -13.84 39.19
CA SER A 101 27.90 -12.91 39.88
C SER A 101 29.38 -13.21 39.59
N PRO A 102 29.90 -14.40 39.96
CA PRO A 102 31.31 -14.75 39.71
C PRO A 102 31.64 -14.68 38.22
N LEU A 103 30.80 -15.30 37.39
CA LEU A 103 31.00 -15.29 35.95
C LEU A 103 30.90 -13.87 35.41
N GLY A 104 30.04 -13.07 36.04
CA GLY A 104 29.88 -11.69 35.65
C GLY A 104 31.11 -10.89 36.01
N GLU A 105 31.65 -11.16 37.19
CA GLU A 105 32.86 -10.50 37.67
C GLU A 105 34.01 -10.82 36.72
N GLU A 106 34.11 -12.09 36.35
CA GLU A 106 35.14 -12.53 35.42
C GLU A 106 34.89 -11.90 34.06
N MET A 107 33.62 -11.71 33.73
CA MET A 107 33.25 -11.09 32.46
C MET A 107 33.71 -9.64 32.46
N ARG A 108 33.54 -8.98 33.61
CA ARG A 108 33.95 -7.60 33.78
C ARG A 108 35.48 -7.51 33.78
N ASP A 109 36.11 -8.47 34.43
CA ASP A 109 37.58 -8.52 34.50
C ASP A 109 38.16 -8.77 33.12
N ARG A 110 37.58 -9.71 32.40
CA ARG A 110 38.04 -10.01 31.05
C ARG A 110 37.68 -8.86 30.11
N ALA A 111 36.64 -8.10 30.49
CA ALA A 111 36.21 -6.95 29.72
C ALA A 111 37.25 -5.83 29.86
N ARG A 112 37.91 -5.80 31.00
CA ARG A 112 38.96 -4.81 31.26
C ARG A 112 40.07 -5.05 30.26
N ALA A 113 40.54 -6.30 30.20
CA ALA A 113 41.60 -6.68 29.28
C ALA A 113 41.09 -6.74 27.85
N HIS A 114 39.80 -6.49 27.68
CA HIS A 114 39.18 -6.51 26.37
C HIS A 114 39.06 -5.10 25.82
N VAL A 115 38.25 -4.29 26.50
CA VAL A 115 38.00 -2.91 26.09
C VAL A 115 39.22 -2.03 26.31
N ASP A 116 39.81 -2.10 27.49
CA ASP A 116 40.97 -1.28 27.81
C ASP A 116 42.17 -1.62 26.91
N ALA A 117 42.37 -2.91 26.68
CA ALA A 117 43.46 -3.35 25.81
C ALA A 117 43.20 -2.86 24.39
N LEU A 118 41.94 -2.94 23.97
CA LEU A 118 41.55 -2.47 22.66
C LEU A 118 41.74 -0.97 22.57
N ARG A 119 41.55 -0.29 23.70
CA ARG A 119 41.74 1.14 23.77
C ARG A 119 43.20 1.49 23.54
N THR A 120 44.10 0.74 24.17
CA THR A 120 45.53 0.98 24.01
C THR A 120 45.98 0.55 22.62
N HIS A 121 45.17 -0.29 21.99
CA HIS A 121 45.46 -0.76 20.64
C HIS A 121 44.92 0.25 19.63
N LEU A 122 43.70 0.72 19.88
CA LEU A 122 43.05 1.69 19.01
C LEU A 122 43.69 3.06 19.11
N ALA A 123 44.22 3.39 20.28
CA ALA A 123 44.87 4.70 20.49
C ALA A 123 45.89 5.03 19.38
N PRO A 124 46.94 4.21 19.20
CA PRO A 124 47.93 4.46 18.14
C PRO A 124 47.36 4.12 16.77
N TYR A 125 46.51 3.10 16.72
CA TYR A 125 45.90 2.68 15.46
C TYR A 125 45.06 3.78 14.84
N SER A 126 44.31 4.50 15.67
CA SER A 126 43.48 5.59 15.20
C SER A 126 44.35 6.72 14.68
N ASP A 127 45.45 7.00 15.38
CA ASP A 127 46.35 8.05 14.95
C ASP A 127 47.06 7.64 13.66
N GLU A 128 47.42 6.37 13.56
CA GLU A 128 48.05 5.86 12.36
C GLU A 128 47.06 5.98 11.22
N LEU A 129 45.78 5.72 11.52
CA LEU A 129 44.72 5.84 10.53
C LEU A 129 44.57 7.30 10.11
N ARG A 130 44.77 8.20 11.07
CA ARG A 130 44.69 9.63 10.80
C ARG A 130 45.83 10.03 9.88
N GLN A 131 47.00 9.45 10.13
CA GLN A 131 48.18 9.71 9.29
C GLN A 131 47.95 9.10 7.92
N ARG A 132 47.30 7.95 7.89
CA ARG A 132 46.96 7.27 6.65
C ARG A 132 46.03 8.17 5.85
N LEU A 133 45.00 8.66 6.53
CA LEU A 133 44.03 9.55 5.92
C LEU A 133 44.71 10.82 5.45
N ALA A 134 45.62 11.33 6.27
CA ALA A 134 46.38 12.54 5.92
C ALA A 134 47.18 12.31 4.65
N ALA A 135 47.83 11.15 4.57
CA ALA A 135 48.62 10.79 3.40
C ALA A 135 47.72 10.61 2.18
N ARG A 136 46.61 9.88 2.38
CA ARG A 136 45.65 9.64 1.31
C ARG A 136 45.06 10.97 0.84
N LEU A 137 44.68 11.81 1.78
CA LEU A 137 44.12 13.11 1.48
C LEU A 137 45.12 13.95 0.70
N GLU A 138 46.38 13.89 1.09
CA GLU A 138 47.44 14.63 0.42
C GLU A 138 47.53 14.21 -1.03
N ALA A 139 47.71 12.91 -1.26
CA ALA A 139 47.82 12.38 -2.61
C ALA A 139 46.54 12.65 -3.40
N LEU A 140 45.39 12.42 -2.75
CA LEU A 140 44.11 12.64 -3.39
C LEU A 140 43.87 14.12 -3.70
N LYS A 141 44.46 15.01 -2.90
CA LYS A 141 44.33 16.44 -3.13
C LYS A 141 45.25 16.87 -4.26
N GLU A 142 46.43 16.28 -4.31
CA GLU A 142 47.39 16.58 -5.37
C GLU A 142 46.82 16.06 -6.69
N ASN A 143 46.45 14.79 -6.67
CA ASN A 143 45.86 14.14 -7.83
C ASN A 143 44.56 14.82 -8.21
N GLY A 144 43.66 14.94 -7.24
CA GLY A 144 42.37 15.58 -7.47
C GLY A 144 42.50 16.99 -7.96
N GLY A 145 43.48 17.72 -7.42
CA GLY A 145 43.71 19.09 -7.84
C GLY A 145 44.04 19.16 -9.32
N ALA A 146 44.98 18.31 -9.74
CA ALA A 146 45.37 18.26 -11.14
C ALA A 146 44.21 17.70 -11.95
N ARG A 147 43.48 16.76 -11.36
CA ARG A 147 42.32 16.15 -12.01
C ARG A 147 41.27 17.20 -12.32
N LEU A 148 41.02 18.10 -11.38
CA LEU A 148 40.05 19.16 -11.57
C LEU A 148 40.44 20.04 -12.75
N ALA A 149 41.72 20.40 -12.81
CA ALA A 149 42.23 21.23 -13.91
C ALA A 149 42.13 20.46 -15.22
N GLU A 150 42.51 19.20 -15.17
CA GLU A 150 42.46 18.33 -16.33
C GLU A 150 41.03 18.12 -16.81
N TYR A 151 40.15 17.83 -15.87
CA TYR A 151 38.74 17.61 -16.20
C TYR A 151 38.12 18.89 -16.74
N HIS A 152 38.60 20.03 -16.26
CA HIS A 152 38.11 21.31 -16.73
C HIS A 152 38.55 21.50 -18.17
N ALA A 153 39.80 21.13 -18.46
CA ALA A 153 40.34 21.23 -19.81
C ALA A 153 39.59 20.27 -20.71
N LYS A 154 39.40 19.05 -20.22
CA LYS A 154 38.68 18.03 -20.97
C LYS A 154 37.22 18.44 -21.14
N ALA A 155 36.73 19.26 -20.23
CA ALA A 155 35.36 19.75 -20.28
C ALA A 155 35.29 20.88 -21.30
N THR A 156 36.27 21.77 -21.27
CA THR A 156 36.35 22.87 -22.21
C THR A 156 36.46 22.32 -23.62
N GLU A 157 37.30 21.30 -23.80
CA GLU A 157 37.47 20.67 -25.09
C GLU A 157 36.22 19.89 -25.49
N HIS A 158 35.38 19.62 -24.50
CA HIS A 158 34.13 18.91 -24.74
C HIS A 158 33.08 19.94 -25.15
N LEU A 159 33.21 21.14 -24.59
CA LEU A 159 32.31 22.23 -24.90
C LEU A 159 32.65 22.81 -26.25
N SER A 160 33.94 22.87 -26.57
CA SER A 160 34.38 23.38 -27.87
C SER A 160 33.90 22.44 -28.96
N THR A 161 33.93 21.15 -28.69
CA THR A 161 33.46 20.16 -29.65
C THR A 161 31.95 20.06 -29.59
N LEU A 162 31.36 20.67 -28.56
CA LEU A 162 29.92 20.68 -28.40
C LEU A 162 29.32 21.86 -29.14
N SER A 163 30.04 22.97 -29.17
CA SER A 163 29.58 24.16 -29.87
C SER A 163 29.45 23.86 -31.36
N GLU A 164 30.39 23.08 -31.88
CA GLU A 164 30.37 22.70 -33.29
C GLU A 164 29.30 21.63 -33.54
N LYS A 165 28.63 21.22 -32.48
CA LYS A 165 27.56 20.23 -32.56
C LYS A 165 26.24 20.89 -32.14
N ALA A 166 26.34 22.10 -31.62
CA ALA A 166 25.17 22.84 -31.18
C ALA A 166 24.83 23.95 -32.17
N LYS A 167 25.81 24.39 -32.92
CA LYS A 167 25.58 25.43 -33.91
C LYS A 167 25.36 24.85 -35.31
N PRO A 168 26.39 24.25 -35.95
CA PRO A 168 26.26 23.68 -37.30
C PRO A 168 25.30 22.50 -37.32
N ALA A 169 25.44 21.59 -36.36
CA ALA A 169 24.58 20.42 -36.29
C ALA A 169 23.12 20.82 -36.06
N LEU A 170 22.88 21.76 -35.16
CA LEU A 170 21.52 22.21 -34.90
C LEU A 170 20.96 22.95 -36.10
N GLU A 171 21.83 23.68 -36.79
CA GLU A 171 21.42 24.42 -37.99
C GLU A 171 20.99 23.42 -39.05
N ASP A 172 21.77 22.35 -39.18
CA ASP A 172 21.46 21.30 -40.14
C ASP A 172 20.16 20.63 -39.73
N LEU A 173 20.02 20.37 -38.43
CA LEU A 173 18.81 19.75 -37.89
C LEU A 173 17.59 20.62 -38.19
N ARG A 174 17.76 21.93 -38.05
CA ARG A 174 16.69 22.87 -38.35
C ARG A 174 16.43 22.87 -39.85
N GLN A 175 17.50 22.71 -40.60
CA GLN A 175 17.42 22.65 -42.05
C GLN A 175 16.69 21.40 -42.48
N GLY A 176 16.63 20.42 -41.58
CA GLY A 176 15.93 19.18 -41.83
C GLY A 176 14.49 19.34 -41.36
N LEU A 177 14.33 19.93 -40.19
CA LEU A 177 13.02 20.17 -39.60
C LEU A 177 12.10 20.93 -40.54
N LEU A 178 12.65 21.91 -41.26
CA LEU A 178 11.84 22.70 -42.19
C LEU A 178 11.13 21.84 -43.24
N PRO A 179 11.87 21.15 -44.15
CA PRO A 179 11.25 20.31 -45.17
C PRO A 179 10.53 19.11 -44.56
N VAL A 180 11.02 18.63 -43.43
CA VAL A 180 10.40 17.50 -42.74
C VAL A 180 9.01 17.89 -42.25
N LEU A 181 8.90 19.05 -41.64
CA LEU A 181 7.61 19.54 -41.16
C LEU A 181 6.67 19.78 -42.34
N GLU A 182 7.24 20.28 -43.43
CA GLU A 182 6.46 20.54 -44.63
C GLU A 182 5.86 19.25 -45.17
N SER A 183 6.72 18.27 -45.46
CA SER A 183 6.29 16.98 -45.98
C SER A 183 5.35 16.28 -44.98
N PHE A 184 5.68 16.38 -43.70
CA PHE A 184 4.87 15.76 -42.66
C PHE A 184 3.48 16.37 -42.63
N LYS A 185 3.41 17.70 -42.72
CA LYS A 185 2.13 18.39 -42.72
C LYS A 185 1.35 18.09 -43.99
N VAL A 186 2.05 18.00 -45.12
CA VAL A 186 1.41 17.69 -46.39
C VAL A 186 0.73 16.33 -46.32
N SER A 187 1.44 15.35 -45.75
CA SER A 187 0.90 14.01 -45.61
C SER A 187 -0.14 13.95 -44.49
N PHE A 188 0.09 14.72 -43.42
CA PHE A 188 -0.83 14.76 -42.30
C PHE A 188 -2.18 15.33 -42.72
N LEU A 189 -2.14 16.43 -43.45
CA LEU A 189 -3.37 17.08 -43.90
C LEU A 189 -4.18 16.16 -44.80
N SER A 190 -3.50 15.47 -45.72
CA SER A 190 -4.17 14.56 -46.63
C SER A 190 -4.69 13.32 -45.89
N ALA A 191 -3.97 12.92 -44.84
CA ALA A 191 -4.36 11.77 -44.04
C ALA A 191 -5.54 12.13 -43.15
N LEU A 192 -5.51 13.34 -42.60
CA LEU A 192 -6.60 13.82 -41.75
C LEU A 192 -7.89 13.88 -42.55
N GLU A 193 -7.80 14.42 -43.77
CA GLU A 193 -8.95 14.53 -44.65
C GLU A 193 -9.42 13.14 -45.08
N GLU A 194 -8.48 12.21 -45.13
CA GLU A 194 -8.78 10.84 -45.53
C GLU A 194 -9.62 10.14 -44.45
N TYR A 195 -9.30 10.41 -43.20
CA TYR A 195 -10.02 9.83 -42.08
C TYR A 195 -11.48 10.26 -42.10
N THR A 196 -11.71 11.55 -42.23
CA THR A 196 -13.05 12.11 -42.29
C THR A 196 -13.75 11.73 -43.60
N LYS A 197 -12.96 11.33 -44.59
CA LYS A 197 -13.51 10.95 -45.88
C LYS A 197 -14.13 9.56 -45.80
N LYS A 198 -13.66 8.76 -44.86
CA LYS A 198 -14.18 7.41 -44.66
C LYS A 198 -15.05 7.32 -43.41
N LEU A 199 -14.57 7.87 -42.32
CA LEU A 199 -15.32 7.86 -41.05
C LEU A 199 -16.27 9.05 -41.01
N ASN A 200 -17.21 9.08 -41.94
CA ASN A 200 -18.17 10.17 -42.01
C ASN A 200 -19.51 9.73 -41.43
N LEU B 3 16.17 12.54 -50.21
CA LEU B 3 17.19 11.63 -49.69
C LEU B 3 18.03 12.29 -48.62
N LYS B 4 17.38 13.15 -47.82
CA LYS B 4 18.07 13.88 -46.75
C LYS B 4 18.73 12.95 -45.73
N LEU B 5 18.34 11.67 -45.76
CA LEU B 5 18.92 10.67 -44.87
C LEU B 5 20.43 10.60 -45.06
N LEU B 6 20.85 10.85 -46.29
CA LEU B 6 22.27 10.82 -46.62
C LEU B 6 22.96 12.06 -46.09
N ASP B 7 22.27 13.20 -46.15
CA ASP B 7 22.80 14.47 -45.65
C ASP B 7 22.87 14.42 -44.14
N ASN B 8 21.81 13.86 -43.55
CA ASN B 8 21.71 13.71 -42.10
C ASN B 8 22.85 12.83 -41.61
N TRP B 9 23.15 11.80 -42.39
CA TRP B 9 24.22 10.88 -42.06
C TRP B 9 25.57 11.59 -42.10
N ASP B 10 25.70 12.54 -43.03
CA ASP B 10 26.93 13.31 -43.15
C ASP B 10 27.17 14.10 -41.88
N SER B 11 26.11 14.69 -41.33
CA SER B 11 26.19 15.44 -40.09
C SER B 11 26.63 14.51 -38.96
N VAL B 12 26.04 13.32 -38.93
CA VAL B 12 26.37 12.31 -37.92
C VAL B 12 27.85 11.91 -38.06
N THR B 13 28.29 11.75 -39.30
CA THR B 13 29.68 11.39 -39.58
C THR B 13 30.60 12.52 -39.11
N SER B 14 30.17 13.75 -39.32
CA SER B 14 30.93 14.92 -38.92
C SER B 14 31.06 14.98 -37.40
N THR B 15 29.98 14.70 -36.70
CA THR B 15 29.99 14.71 -35.25
C THR B 15 30.87 13.57 -34.71
N PHE B 16 30.89 12.46 -35.44
CA PHE B 16 31.68 11.30 -35.05
C PHE B 16 33.17 11.57 -35.20
N SER B 17 33.56 12.22 -36.29
CA SER B 17 34.96 12.56 -36.51
C SER B 17 35.43 13.52 -35.43
N LYS B 18 34.56 14.47 -35.09
CA LYS B 18 34.87 15.46 -34.05
C LYS B 18 35.02 14.75 -32.70
N LEU B 19 34.20 13.74 -32.47
CA LEU B 19 34.26 12.96 -31.24
C LEU B 19 35.56 12.16 -31.18
N ARG B 20 35.93 11.57 -32.32
CA ARG B 20 37.16 10.78 -32.41
C ARG B 20 38.35 11.68 -32.14
N GLU B 21 38.36 12.85 -32.78
CA GLU B 21 39.43 13.82 -32.60
C GLU B 21 39.50 14.27 -31.16
N GLN B 22 38.34 14.56 -30.59
CA GLN B 22 38.24 15.00 -29.20
C GLN B 22 38.78 13.90 -28.28
N LEU B 23 38.44 12.67 -28.59
CA LEU B 23 38.89 11.52 -27.82
C LEU B 23 40.40 11.37 -27.84
N GLY B 24 41.03 11.92 -28.86
CA GLY B 24 42.48 11.85 -28.98
C GLY B 24 43.19 12.39 -27.75
N PRO B 25 43.24 13.72 -27.58
CA PRO B 25 43.88 14.35 -26.41
C PRO B 25 43.19 13.92 -25.11
N VAL B 26 41.88 13.66 -25.20
CA VAL B 26 41.10 13.24 -24.04
C VAL B 26 41.63 11.93 -23.47
N THR B 27 41.85 10.93 -24.33
CA THR B 27 42.36 9.65 -23.86
C THR B 27 43.81 9.80 -23.40
N GLN B 28 44.58 10.58 -24.14
CA GLN B 28 45.98 10.82 -23.81
C GLN B 28 46.08 11.40 -22.39
N GLU B 29 45.30 12.44 -22.16
CA GLU B 29 45.26 13.10 -20.87
C GLU B 29 44.60 12.21 -19.84
N PHE B 30 43.70 11.34 -20.29
CA PHE B 30 43.02 10.41 -19.39
C PHE B 30 44.01 9.35 -18.92
N TRP B 31 44.88 8.93 -19.83
CA TRP B 31 45.91 7.95 -19.50
C TRP B 31 46.85 8.60 -18.51
N ASP B 32 47.13 9.88 -18.73
CA ASP B 32 48.00 10.65 -17.85
C ASP B 32 47.32 10.76 -16.48
N ASN B 33 46.01 10.99 -16.52
CA ASN B 33 45.20 11.08 -15.32
C ASN B 33 45.28 9.78 -14.55
N LEU B 34 45.19 8.67 -15.29
CA LEU B 34 45.26 7.35 -14.70
C LEU B 34 46.67 7.06 -14.19
N GLU B 35 47.67 7.67 -14.82
CA GLU B 35 49.06 7.49 -14.39
C GLU B 35 49.21 8.15 -13.03
N LYS B 36 48.65 9.34 -12.90
CA LYS B 36 48.68 10.06 -11.62
C LYS B 36 47.91 9.27 -10.60
N GLU B 37 46.80 8.68 -11.05
CA GLU B 37 45.94 7.86 -10.20
C GLU B 37 46.72 6.67 -9.66
N THR B 38 47.26 5.86 -10.55
CA THR B 38 48.01 4.67 -10.17
C THR B 38 49.23 5.04 -9.32
N GLU B 39 50.00 6.01 -9.79
CA GLU B 39 51.19 6.46 -9.06
C GLU B 39 50.83 6.97 -7.68
N GLY B 40 49.83 7.84 -7.62
CA GLY B 40 49.39 8.39 -6.36
C GLY B 40 48.87 7.30 -5.44
N LEU B 41 48.02 6.44 -5.98
CA LEU B 41 47.45 5.33 -5.22
C LEU B 41 48.56 4.42 -4.72
N ARG B 42 49.59 4.20 -5.53
CA ARG B 42 50.70 3.35 -5.15
C ARG B 42 51.48 3.94 -3.97
N GLN B 43 51.57 5.26 -3.92
CA GLN B 43 52.26 5.94 -2.84
C GLN B 43 51.53 5.70 -1.52
N GLU B 44 50.21 5.61 -1.61
CA GLU B 44 49.38 5.36 -0.45
C GLU B 44 49.33 3.87 -0.15
N MET B 45 48.99 3.10 -1.19
CA MET B 45 48.85 1.64 -1.08
C MET B 45 50.11 0.97 -0.52
N SER B 46 51.28 1.44 -0.91
CA SER B 46 52.52 0.87 -0.41
C SER B 46 52.59 0.98 1.11
N LYS B 47 52.40 2.20 1.62
CA LYS B 47 52.44 2.44 3.05
C LYS B 47 51.23 1.81 3.71
N ASP B 48 50.11 1.82 3.00
CA ASP B 48 48.87 1.24 3.49
C ASP B 48 49.06 -0.26 3.73
N LEU B 49 49.54 -0.97 2.70
CA LEU B 49 49.77 -2.40 2.80
C LEU B 49 50.85 -2.72 3.82
N GLU B 50 51.92 -1.93 3.82
CA GLU B 50 53.02 -2.13 4.77
C GLU B 50 52.51 -1.98 6.20
N GLU B 51 51.79 -0.90 6.45
CA GLU B 51 51.23 -0.64 7.76
C GLU B 51 50.06 -1.58 8.01
N VAL B 52 49.51 -2.16 6.95
CA VAL B 52 48.42 -3.10 7.10
C VAL B 52 48.96 -4.34 7.80
N LYS B 53 50.19 -4.71 7.47
CA LYS B 53 50.84 -5.85 8.10
C LYS B 53 51.14 -5.48 9.54
N ALA B 54 51.54 -4.23 9.73
CA ALA B 54 51.85 -3.69 11.05
C ALA B 54 50.59 -3.61 11.90
N LYS B 55 49.44 -3.60 11.23
CA LYS B 55 48.16 -3.56 11.91
C LYS B 55 47.66 -4.97 12.15
N VAL B 56 47.61 -5.75 11.07
CA VAL B 56 47.12 -7.12 11.11
C VAL B 56 47.89 -8.02 12.09
N GLN B 57 49.21 -7.92 12.08
CA GLN B 57 50.04 -8.75 12.98
C GLN B 57 49.62 -8.61 14.45
N PRO B 58 49.70 -7.40 15.04
CA PRO B 58 49.29 -7.19 16.44
C PRO B 58 47.77 -7.26 16.59
N TYR B 59 47.04 -7.08 15.48
CA TYR B 59 45.59 -7.16 15.53
C TYR B 59 45.17 -8.61 15.69
N LEU B 60 45.79 -9.50 14.91
CA LEU B 60 45.50 -10.92 15.00
C LEU B 60 45.93 -11.44 16.35
N ASP B 61 47.06 -10.95 16.83
CA ASP B 61 47.59 -11.34 18.13
C ASP B 61 46.61 -10.93 19.22
N ASP B 62 46.19 -9.67 19.19
CA ASP B 62 45.24 -9.16 20.17
C ASP B 62 43.89 -9.83 20.01
N PHE B 63 43.46 -10.01 18.76
CA PHE B 63 42.20 -10.68 18.48
C PHE B 63 42.23 -12.08 19.07
N GLN B 64 43.33 -12.79 18.85
CA GLN B 64 43.48 -14.12 19.39
C GLN B 64 43.45 -14.07 20.90
N LYS B 65 44.15 -13.09 21.47
CA LYS B 65 44.19 -12.93 22.93
C LYS B 65 42.78 -12.72 23.46
N LYS B 66 42.03 -11.84 22.81
CA LYS B 66 40.65 -11.56 23.21
C LYS B 66 39.77 -12.77 22.98
N TRP B 67 39.95 -13.42 21.84
CA TRP B 67 39.20 -14.60 21.47
C TRP B 67 39.48 -15.71 22.48
N GLN B 68 40.74 -15.83 22.88
CA GLN B 68 41.14 -16.82 23.87
C GLN B 68 40.56 -16.46 25.23
N GLU B 69 40.59 -15.17 25.56
CA GLU B 69 40.04 -14.69 26.82
C GLU B 69 38.59 -15.12 26.94
N GLU B 70 37.88 -15.02 25.83
CA GLU B 70 36.48 -15.41 25.78
C GLU B 70 36.34 -16.92 25.61
N MET B 71 37.26 -17.52 24.86
CA MET B 71 37.24 -18.97 24.64
C MET B 71 37.35 -19.70 25.97
N GLU B 72 38.32 -19.28 26.78
CA GLU B 72 38.51 -19.88 28.10
C GLU B 72 37.29 -19.63 28.94
N LEU B 73 36.78 -18.40 28.86
CA LEU B 73 35.59 -17.99 29.58
C LEU B 73 34.40 -18.85 29.17
N TYR B 74 34.20 -18.98 27.86
CA TYR B 74 33.10 -19.78 27.32
C TYR B 74 33.20 -21.21 27.82
N ARG B 75 34.41 -21.75 27.82
CA ARG B 75 34.62 -23.11 28.30
C ARG B 75 34.32 -23.19 29.80
N GLN B 76 34.87 -22.27 30.56
CA GLN B 76 34.66 -22.24 32.01
C GLN B 76 33.31 -21.67 32.41
N LYS B 77 32.42 -21.50 31.44
CA LYS B 77 31.09 -20.99 31.70
C LYS B 77 30.04 -21.91 31.10
N VAL B 78 30.12 -22.12 29.80
CA VAL B 78 29.18 -22.98 29.09
C VAL B 78 29.24 -24.41 29.62
N GLU B 79 30.45 -24.91 29.87
CA GLU B 79 30.61 -26.27 30.39
C GLU B 79 29.96 -26.47 31.76
N PRO B 80 30.39 -25.73 32.81
CA PRO B 80 29.80 -25.86 34.15
C PRO B 80 28.31 -25.53 34.14
N LEU B 81 27.94 -24.49 33.40
CA LEU B 81 26.54 -24.11 33.30
C LEU B 81 25.74 -25.19 32.58
N ARG B 82 26.36 -25.84 31.60
CA ARG B 82 25.71 -26.90 30.86
C ARG B 82 25.42 -28.06 31.79
N ALA B 83 26.36 -28.34 32.69
CA ALA B 83 26.19 -29.40 33.66
C ALA B 83 25.01 -29.06 34.56
N GLU B 84 24.95 -27.81 34.99
CA GLU B 84 23.85 -27.34 35.83
C GLU B 84 22.55 -27.29 35.04
N LEU B 85 22.66 -26.90 33.78
CA LEU B 85 21.50 -26.84 32.89
C LEU B 85 20.98 -28.24 32.66
N GLN B 86 21.90 -29.19 32.55
CA GLN B 86 21.56 -30.59 32.36
C GLN B 86 20.90 -31.13 33.61
N GLU B 87 21.47 -30.78 34.77
CA GLU B 87 20.90 -31.21 36.04
C GLU B 87 19.53 -30.57 36.21
N GLY B 88 19.44 -29.29 35.87
CA GLY B 88 18.18 -28.59 35.95
C GLY B 88 17.18 -29.16 34.96
N ALA B 89 17.70 -29.59 33.81
CA ALA B 89 16.87 -30.19 32.78
C ALA B 89 16.42 -31.57 33.22
N ARG B 90 17.31 -32.30 33.89
CA ARG B 90 16.99 -33.62 34.41
C ARG B 90 15.93 -33.49 35.49
N GLN B 91 16.08 -32.45 36.31
CA GLN B 91 15.11 -32.16 37.36
C GLN B 91 13.80 -31.77 36.68
N LYS B 92 13.92 -30.94 35.65
CA LYS B 92 12.77 -30.50 34.87
C LYS B 92 12.11 -31.69 34.20
N LEU B 93 12.93 -32.64 33.76
CA LEU B 93 12.43 -33.84 33.13
C LEU B 93 11.69 -34.67 34.17
N HIS B 94 12.25 -34.73 35.37
CA HIS B 94 11.61 -35.44 36.47
C HIS B 94 10.27 -34.80 36.74
N GLU B 95 10.27 -33.47 36.73
CA GLU B 95 9.06 -32.68 36.93
C GLU B 95 8.10 -32.99 35.78
N LEU B 96 8.63 -33.05 34.57
CA LEU B 96 7.84 -33.35 33.38
C LEU B 96 7.29 -34.76 33.44
N GLN B 97 8.05 -35.69 33.99
CA GLN B 97 7.60 -37.06 34.11
C GLN B 97 6.37 -37.09 35.01
N GLU B 98 6.41 -36.29 36.06
CA GLU B 98 5.29 -36.19 36.99
C GLU B 98 4.21 -35.26 36.48
N LYS B 99 4.24 -35.00 35.18
CA LYS B 99 3.27 -34.15 34.52
C LYS B 99 2.72 -34.85 33.27
N LEU B 100 3.63 -35.38 32.47
CA LEU B 100 3.26 -36.08 31.24
C LEU B 100 2.64 -37.44 31.51
N SER B 101 3.14 -38.14 32.53
CA SER B 101 2.61 -39.46 32.87
C SER B 101 1.22 -39.37 33.53
N PRO B 102 1.07 -38.73 34.71
CA PRO B 102 -0.21 -38.61 35.40
C PRO B 102 -1.27 -37.94 34.52
N LEU B 103 -0.91 -36.80 33.92
CA LEU B 103 -1.83 -36.08 33.06
C LEU B 103 -2.04 -36.82 31.75
N GLY B 104 -1.05 -37.62 31.36
CA GLY B 104 -1.16 -38.41 30.16
C GLY B 104 -2.24 -39.44 30.34
N GLU B 105 -2.21 -40.11 31.49
CA GLU B 105 -3.20 -41.10 31.82
C GLU B 105 -4.54 -40.42 32.00
N GLU B 106 -4.50 -39.21 32.56
CA GLU B 106 -5.70 -38.42 32.76
C GLU B 106 -6.31 -38.08 31.42
N MET B 107 -5.49 -37.59 30.50
CA MET B 107 -5.95 -37.24 29.16
C MET B 107 -6.54 -38.46 28.46
N ARG B 108 -5.98 -39.63 28.74
CA ARG B 108 -6.48 -40.88 28.17
C ARG B 108 -7.86 -41.18 28.72
N ASP B 109 -8.03 -40.98 30.03
CA ASP B 109 -9.32 -41.22 30.67
C ASP B 109 -10.30 -40.14 30.24
N ARG B 110 -9.78 -38.93 30.09
CA ARG B 110 -10.59 -37.79 29.64
C ARG B 110 -11.06 -38.07 28.21
N ALA B 111 -10.20 -38.74 27.43
CA ALA B 111 -10.53 -39.08 26.05
C ALA B 111 -11.68 -40.06 26.03
N ARG B 112 -11.75 -40.91 27.05
CA ARG B 112 -12.85 -41.87 27.16
C ARG B 112 -14.11 -41.11 27.49
N ALA B 113 -13.96 -40.12 28.36
CA ALA B 113 -15.07 -39.29 28.79
C ALA B 113 -15.40 -38.22 27.75
N HIS B 114 -14.67 -38.23 26.63
CA HIS B 114 -14.88 -37.28 25.56
C HIS B 114 -15.19 -37.99 24.24
N VAL B 115 -14.18 -38.66 23.69
CA VAL B 115 -14.33 -39.38 22.43
C VAL B 115 -15.27 -40.57 22.56
N ASP B 116 -15.05 -41.40 23.57
CA ASP B 116 -15.90 -42.58 23.77
C ASP B 116 -17.33 -42.12 24.07
N ALA B 117 -17.45 -41.00 24.79
CA ALA B 117 -18.74 -40.44 25.10
C ALA B 117 -19.36 -39.86 23.83
N LEU B 118 -18.49 -39.28 22.99
CA LEU B 118 -18.92 -38.70 21.73
C LEU B 118 -19.40 -39.76 20.77
N ARG B 119 -18.97 -41.00 20.99
CA ARG B 119 -19.41 -42.10 20.14
C ARG B 119 -20.93 -42.21 20.23
N THR B 120 -21.43 -42.20 21.45
CA THR B 120 -22.86 -42.28 21.70
C THR B 120 -23.50 -40.88 21.58
N HIS B 121 -22.72 -39.92 21.13
CA HIS B 121 -23.20 -38.56 20.95
C HIS B 121 -23.28 -38.22 19.47
N LEU B 122 -22.39 -38.82 18.69
CA LEU B 122 -22.34 -38.60 17.26
C LEU B 122 -23.02 -39.72 16.48
N ALA B 123 -22.99 -40.94 17.01
CA ALA B 123 -23.64 -42.06 16.33
C ALA B 123 -25.14 -41.79 16.12
N PRO B 124 -25.92 -41.55 17.21
CA PRO B 124 -27.34 -41.25 17.08
C PRO B 124 -27.56 -39.93 16.35
N TYR B 125 -26.58 -39.04 16.46
CA TYR B 125 -26.64 -37.73 15.81
C TYR B 125 -26.60 -37.92 14.30
N SER B 126 -25.63 -38.69 13.83
CA SER B 126 -25.49 -38.97 12.41
C SER B 126 -26.67 -39.79 11.92
N ASP B 127 -27.13 -40.72 12.77
CA ASP B 127 -28.27 -41.56 12.44
C ASP B 127 -29.52 -40.70 12.29
N GLU B 128 -29.70 -39.76 13.20
CA GLU B 128 -30.84 -38.85 13.15
C GLU B 128 -30.71 -37.95 11.94
N LEU B 129 -29.48 -37.50 11.68
CA LEU B 129 -29.21 -36.65 10.53
C LEU B 129 -29.53 -37.39 9.25
N ARG B 130 -29.31 -38.71 9.25
CA ARG B 130 -29.60 -39.54 8.11
C ARG B 130 -31.09 -39.47 7.77
N GLN B 131 -31.93 -39.50 8.81
CA GLN B 131 -33.38 -39.42 8.63
C GLN B 131 -33.76 -38.05 8.09
N ARG B 132 -33.14 -37.03 8.65
CA ARG B 132 -33.40 -35.66 8.21
C ARG B 132 -32.90 -35.47 6.78
N LEU B 133 -31.74 -36.03 6.49
CA LEU B 133 -31.15 -35.96 5.15
C LEU B 133 -31.98 -36.79 4.17
N ALA B 134 -32.60 -37.86 4.68
CA ALA B 134 -33.43 -38.71 3.85
C ALA B 134 -34.63 -37.91 3.36
N ALA B 135 -35.25 -37.19 4.29
CA ALA B 135 -36.39 -36.35 3.95
C ALA B 135 -35.93 -35.20 3.07
N ARG B 136 -34.76 -34.68 3.39
CA ARG B 136 -34.15 -33.58 2.63
C ARG B 136 -33.96 -34.03 1.18
N LEU B 137 -33.40 -35.22 1.02
CA LEU B 137 -33.17 -35.78 -0.30
C LEU B 137 -34.49 -36.05 -1.00
N GLU B 138 -35.48 -36.51 -0.23
CA GLU B 138 -36.80 -36.79 -0.78
C GLU B 138 -37.39 -35.51 -1.36
N ALA B 139 -37.28 -34.43 -0.61
CA ALA B 139 -37.77 -33.13 -1.06
C ALA B 139 -36.99 -32.69 -2.28
N LEU B 140 -35.68 -32.88 -2.23
CA LEU B 140 -34.81 -32.51 -3.35
C LEU B 140 -35.11 -33.36 -4.59
N LYS B 141 -35.58 -34.58 -4.37
CA LYS B 141 -35.93 -35.47 -5.46
C LYS B 141 -37.26 -35.07 -6.08
N GLU B 142 -38.24 -34.81 -5.22
CA GLU B 142 -39.56 -34.39 -5.68
C GLU B 142 -39.44 -33.04 -6.39
N ASN B 143 -38.73 -32.13 -5.75
CA ASN B 143 -38.51 -30.81 -6.33
C ASN B 143 -37.61 -30.92 -7.53
N GLY B 144 -36.66 -31.85 -7.46
CA GLY B 144 -35.73 -32.09 -8.54
C GLY B 144 -36.45 -32.53 -9.79
N GLY B 145 -37.34 -33.52 -9.64
CA GLY B 145 -38.11 -34.00 -10.76
C GLY B 145 -38.94 -32.89 -11.36
N ALA B 146 -39.55 -32.09 -10.49
CA ALA B 146 -40.34 -30.95 -10.94
C ALA B 146 -39.45 -29.95 -11.63
N ARG B 147 -38.32 -29.64 -11.00
CA ARG B 147 -37.35 -28.70 -11.55
C ARG B 147 -36.89 -29.16 -12.92
N LEU B 148 -36.49 -30.42 -13.03
CA LEU B 148 -36.02 -30.98 -14.30
C LEU B 148 -37.09 -30.85 -15.37
N ALA B 149 -38.32 -31.19 -15.02
CA ALA B 149 -39.43 -31.11 -15.95
C ALA B 149 -39.71 -29.65 -16.31
N GLU B 150 -39.76 -28.81 -15.29
CA GLU B 150 -40.00 -27.37 -15.47
C GLU B 150 -38.93 -26.77 -16.36
N TYR B 151 -37.67 -27.02 -16.01
CA TYR B 151 -36.55 -26.48 -16.78
C TYR B 151 -36.54 -27.04 -18.18
N HIS B 152 -36.97 -28.29 -18.34
CA HIS B 152 -37.01 -28.90 -19.67
C HIS B 152 -38.08 -28.23 -20.50
N ALA B 153 -39.25 -28.01 -19.88
CA ALA B 153 -40.34 -27.34 -20.55
C ALA B 153 -39.94 -25.92 -20.86
N LYS B 154 -39.37 -25.25 -19.87
CA LYS B 154 -38.92 -23.87 -20.01
C LYS B 154 -37.84 -23.78 -21.10
N ALA B 155 -36.98 -24.79 -21.17
CA ALA B 155 -35.94 -24.82 -22.19
C ALA B 155 -36.58 -24.84 -23.56
N THR B 156 -37.65 -25.61 -23.68
CA THR B 156 -38.38 -25.70 -24.93
C THR B 156 -39.09 -24.37 -25.22
N GLU B 157 -39.62 -23.76 -24.16
CA GLU B 157 -40.29 -22.47 -24.27
C GLU B 157 -39.27 -21.40 -24.68
N HIS B 158 -38.03 -21.62 -24.26
CA HIS B 158 -36.94 -20.71 -24.59
C HIS B 158 -36.48 -20.95 -26.03
N LEU B 159 -36.30 -22.23 -26.37
CA LEU B 159 -35.86 -22.61 -27.72
C LEU B 159 -36.84 -22.14 -28.78
N SER B 160 -38.14 -22.26 -28.50
CA SER B 160 -39.16 -21.84 -29.44
C SER B 160 -39.13 -20.31 -29.63
N THR B 161 -38.92 -19.60 -28.53
CA THR B 161 -38.87 -18.15 -28.59
C THR B 161 -37.51 -17.66 -29.10
N LEU B 162 -36.51 -18.54 -29.01
CA LEU B 162 -35.18 -18.23 -29.49
C LEU B 162 -35.11 -18.46 -30.99
N SER B 163 -35.92 -19.40 -31.48
CA SER B 163 -35.97 -19.71 -32.90
C SER B 163 -36.49 -18.50 -33.67
N GLU B 164 -37.18 -17.61 -32.95
CA GLU B 164 -37.71 -16.38 -33.52
C GLU B 164 -36.54 -15.46 -33.87
N LYS B 165 -35.38 -15.76 -33.29
CA LYS B 165 -34.17 -14.99 -33.52
C LYS B 165 -33.21 -15.82 -34.37
N ALA B 166 -33.24 -17.13 -34.18
CA ALA B 166 -32.37 -18.05 -34.91
C ALA B 166 -32.74 -18.11 -36.39
N LYS B 167 -33.97 -17.73 -36.73
CA LYS B 167 -34.40 -17.74 -38.12
C LYS B 167 -34.72 -16.33 -38.63
N PRO B 168 -35.83 -15.70 -38.19
CA PRO B 168 -36.21 -14.35 -38.67
C PRO B 168 -35.14 -13.30 -38.38
N ALA B 169 -34.68 -13.23 -37.13
CA ALA B 169 -33.66 -12.24 -36.76
C ALA B 169 -32.34 -12.51 -37.46
N LEU B 170 -31.92 -13.78 -37.49
CA LEU B 170 -30.67 -14.14 -38.16
C LEU B 170 -30.77 -13.82 -39.65
N GLU B 171 -31.92 -14.10 -40.24
CA GLU B 171 -32.14 -13.81 -41.66
C GLU B 171 -32.08 -12.31 -41.89
N ASP B 172 -32.53 -11.55 -40.91
CA ASP B 172 -32.52 -10.09 -40.99
C ASP B 172 -31.08 -9.62 -40.92
N LEU B 173 -30.30 -10.24 -40.02
CA LEU B 173 -28.90 -9.91 -39.86
C LEU B 173 -28.14 -10.23 -41.14
N ARG B 174 -28.42 -11.41 -41.71
CA ARG B 174 -27.78 -11.84 -42.95
C ARG B 174 -28.15 -10.90 -44.09
N GLN B 175 -29.44 -10.56 -44.14
CA GLN B 175 -29.94 -9.67 -45.17
C GLN B 175 -29.45 -8.24 -44.98
N GLY B 176 -28.95 -7.96 -43.79
CA GLY B 176 -28.43 -6.64 -43.48
C GLY B 176 -26.93 -6.63 -43.73
N LEU B 177 -26.28 -7.75 -43.38
CA LEU B 177 -24.85 -7.89 -43.53
C LEU B 177 -24.43 -7.88 -45.00
N LEU B 178 -25.22 -8.53 -45.86
CA LEU B 178 -24.90 -8.57 -47.29
C LEU B 178 -24.68 -7.18 -47.91
N PRO B 179 -25.68 -6.29 -47.89
CA PRO B 179 -25.53 -4.94 -48.45
C PRO B 179 -24.49 -4.13 -47.68
N VAL B 180 -24.42 -4.36 -46.37
CA VAL B 180 -23.46 -3.66 -45.53
C VAL B 180 -22.03 -4.07 -45.87
N LEU B 181 -21.83 -5.35 -46.11
CA LEU B 181 -20.51 -5.86 -46.47
C LEU B 181 -20.07 -5.22 -47.77
N GLU B 182 -21.01 -5.12 -48.71
CA GLU B 182 -20.74 -4.51 -49.99
C GLU B 182 -20.33 -3.05 -49.83
N SER B 183 -21.13 -2.29 -49.09
CA SER B 183 -20.84 -0.88 -48.85
C SER B 183 -19.55 -0.73 -48.05
N PHE B 184 -19.35 -1.62 -47.08
CA PHE B 184 -18.15 -1.59 -46.26
C PHE B 184 -16.92 -1.85 -47.12
N LYS B 185 -17.03 -2.84 -48.00
CA LYS B 185 -15.94 -3.20 -48.90
C LYS B 185 -15.67 -2.06 -49.88
N VAL B 186 -16.73 -1.42 -50.36
CA VAL B 186 -16.58 -0.29 -51.28
C VAL B 186 -15.86 0.85 -50.57
N SER B 187 -16.26 1.10 -49.32
CA SER B 187 -15.64 2.15 -48.53
C SER B 187 -14.19 1.80 -48.19
N PHE B 188 -13.94 0.52 -47.98
CA PHE B 188 -12.59 0.05 -47.68
C PHE B 188 -11.74 0.08 -48.95
N LEU B 189 -12.34 -0.25 -50.08
CA LEU B 189 -11.66 -0.24 -51.36
C LEU B 189 -11.21 1.18 -51.69
N SER B 190 -12.13 2.14 -51.56
CA SER B 190 -11.80 3.53 -51.84
C SER B 190 -10.74 4.01 -50.86
N ALA B 191 -10.82 3.49 -49.63
CA ALA B 191 -9.85 3.84 -48.60
C ALA B 191 -8.48 3.33 -49.03
N LEU B 192 -8.41 2.06 -49.40
CA LEU B 192 -7.17 1.45 -49.83
C LEU B 192 -6.60 2.15 -51.06
N GLU B 193 -7.47 2.50 -52.00
CA GLU B 193 -7.05 3.17 -53.22
C GLU B 193 -6.53 4.58 -52.95
N GLU B 194 -7.12 5.27 -51.99
CA GLU B 194 -6.71 6.63 -51.66
C GLU B 194 -5.59 6.68 -50.62
N TYR B 195 -5.57 5.74 -49.69
CA TYR B 195 -4.54 5.71 -48.66
C TYR B 195 -3.17 5.41 -49.25
N THR B 196 -3.13 4.55 -50.26
CA THR B 196 -1.88 4.18 -50.91
C THR B 196 -1.22 5.39 -51.57
N LYS B 197 -2.02 6.40 -51.88
CA LYS B 197 -1.51 7.62 -52.51
C LYS B 197 -0.66 8.42 -51.53
N LYS B 198 -0.76 8.09 -50.25
CA LYS B 198 0.01 8.75 -49.22
C LYS B 198 1.26 7.95 -48.91
N LEU B 199 1.28 6.70 -49.37
CA LEU B 199 2.39 5.81 -49.14
C LEU B 199 3.24 5.67 -50.40
N ASN B 200 2.90 6.44 -51.42
CA ASN B 200 3.61 6.40 -52.69
C ASN B 200 4.85 7.30 -52.62
N MET C 3 -6.53 10.71 17.13
CA MET C 3 -6.34 9.35 16.59
C MET C 3 -7.63 8.54 16.66
N THR C 4 -8.15 8.37 17.85
CA THR C 4 -9.38 7.61 18.07
C THR C 4 -10.61 8.39 17.61
N GLU C 5 -10.58 9.69 17.79
CA GLU C 5 -11.68 10.56 17.40
C GLU C 5 -11.17 11.67 16.49
N TYR C 6 -12.03 12.14 15.61
CA TYR C 6 -11.66 13.22 14.69
C TYR C 6 -12.76 14.28 14.67
N LYS C 7 -12.43 15.47 15.14
CA LYS C 7 -13.40 16.57 15.17
C LYS C 7 -13.45 17.29 13.83
N LEU C 8 -14.64 17.33 13.25
CA LEU C 8 -14.84 17.97 11.95
C LEU C 8 -15.92 19.04 12.03
N VAL C 9 -15.71 20.14 11.33
CA VAL C 9 -16.66 21.24 11.30
C VAL C 9 -17.10 21.52 9.87
N VAL C 10 -18.39 21.43 9.62
CA VAL C 10 -18.93 21.68 8.28
C VAL C 10 -19.44 23.11 8.19
N VAL C 11 -18.81 23.89 7.31
CA VAL C 11 -19.19 25.28 7.11
C VAL C 11 -19.69 25.49 5.69
N GLY C 12 -20.42 26.57 5.48
CA GLY C 12 -20.95 26.86 4.17
C GLY C 12 -22.10 27.83 4.25
N ALA C 13 -22.61 28.24 3.10
CA ALA C 13 -23.71 29.19 3.04
C ALA C 13 -25.04 28.53 3.43
N GLY C 14 -26.07 29.34 3.61
CA GLY C 14 -27.37 28.84 3.97
C GLY C 14 -28.09 28.23 2.78
N GLY C 15 -28.17 26.91 2.75
CA GLY C 15 -28.83 26.23 1.65
C GLY C 15 -27.94 25.22 0.96
N VAL C 16 -26.66 25.22 1.31
CA VAL C 16 -25.72 24.28 0.70
C VAL C 16 -25.96 22.85 1.18
N GLY C 17 -26.57 22.71 2.35
CA GLY C 17 -26.84 21.38 2.88
C GLY C 17 -26.06 21.04 4.13
N LYS C 18 -25.72 22.07 4.92
CA LYS C 18 -24.95 21.87 6.15
C LYS C 18 -25.68 20.94 7.12
N SER C 19 -26.96 21.21 7.35
CA SER C 19 -27.76 20.39 8.26
C SER C 19 -28.41 19.22 7.50
N ALA C 20 -27.72 18.74 6.46
CA ALA C 20 -28.24 17.64 5.66
C ALA C 20 -27.16 16.59 5.42
N LEU C 21 -26.00 17.04 4.94
CA LEU C 21 -24.87 16.14 4.65
C LEU C 21 -24.46 15.36 5.89
N THR C 22 -24.63 15.99 7.04
CA THR C 22 -24.28 15.38 8.31
C THR C 22 -25.19 14.19 8.61
N ILE C 23 -26.50 14.40 8.45
CA ILE C 23 -27.48 13.36 8.72
C ILE C 23 -27.36 12.20 7.74
N GLN C 24 -26.91 12.50 6.52
CA GLN C 24 -26.72 11.48 5.49
C GLN C 24 -25.62 10.49 5.89
N LEU C 25 -24.73 10.93 6.76
CA LEU C 25 -23.64 10.08 7.22
C LEU C 25 -23.98 9.45 8.57
N ILE C 26 -24.60 10.23 9.43
CA ILE C 26 -24.97 9.76 10.77
C ILE C 26 -26.14 8.77 10.74
N GLN C 27 -27.27 9.19 10.20
CA GLN C 27 -28.45 8.33 10.13
C GLN C 27 -28.53 7.61 8.80
N ASN C 28 -27.73 8.08 7.84
CA ASN C 28 -27.69 7.50 6.50
C ASN C 28 -29.01 7.63 5.77
N HIS C 29 -29.56 8.85 5.78
CA HIS C 29 -30.83 9.12 5.11
C HIS C 29 -30.87 10.58 4.66
N PHE C 30 -31.55 10.84 3.56
CA PHE C 30 -31.67 12.18 3.02
C PHE C 30 -32.88 12.89 3.63
N VAL C 31 -32.68 14.11 4.10
CA VAL C 31 -33.76 14.88 4.69
C VAL C 31 -34.53 15.66 3.63
N ASP C 32 -35.83 15.78 3.82
CA ASP C 32 -36.67 16.51 2.88
C ASP C 32 -36.82 17.95 3.32
N GLU C 33 -37.10 18.13 4.62
CA GLU C 33 -37.26 19.45 5.19
C GLU C 33 -36.53 19.53 6.54
N TYR C 34 -35.46 20.29 6.58
CA TYR C 34 -34.69 20.47 7.80
C TYR C 34 -34.44 21.95 8.03
N ASP C 35 -34.59 22.39 9.26
CA ASP C 35 -34.38 23.80 9.59
C ASP C 35 -32.93 24.21 9.40
N PRO C 36 -32.71 25.24 8.58
CA PRO C 36 -31.36 25.76 8.30
C PRO C 36 -30.65 26.27 9.55
N THR C 37 -31.42 26.74 10.52
CA THR C 37 -30.83 27.27 11.75
C THR C 37 -30.36 26.19 12.70
N ILE C 38 -30.66 24.93 12.39
CA ILE C 38 -30.22 23.82 13.24
C ILE C 38 -28.70 23.67 13.19
N GLU C 39 -28.08 24.00 14.32
CA GLU C 39 -26.64 23.95 14.48
C GLU C 39 -26.27 23.07 15.67
N ASP C 40 -25.99 21.81 15.40
CA ASP C 40 -25.63 20.86 16.46
C ASP C 40 -24.52 19.93 15.96
N SER C 41 -23.92 19.17 16.85
CA SER C 41 -22.85 18.26 16.48
C SER C 41 -23.31 16.81 16.54
N TYR C 42 -22.88 16.02 15.56
CA TYR C 42 -23.26 14.62 15.49
C TYR C 42 -22.01 13.74 15.55
N ARG C 43 -22.10 12.63 16.27
CA ARG C 43 -20.98 11.72 16.41
C ARG C 43 -21.35 10.29 16.03
N LYS C 44 -20.44 9.64 15.28
CA LYS C 44 -20.65 8.28 14.84
C LYS C 44 -19.30 7.58 14.65
N GLN C 45 -19.25 6.30 14.97
CA GLN C 45 -18.01 5.53 14.83
C GLN C 45 -17.99 4.82 13.47
N VAL C 46 -16.88 4.95 12.76
CA VAL C 46 -16.74 4.32 11.45
C VAL C 46 -15.44 3.51 11.37
N VAL C 47 -15.46 2.46 10.56
CA VAL C 47 -14.29 1.62 10.38
C VAL C 47 -13.66 1.87 9.03
N ILE C 48 -12.65 2.73 9.01
CA ILE C 48 -11.96 3.07 7.77
C ILE C 48 -10.65 2.29 7.68
N ASP C 49 -10.60 1.35 6.73
CA ASP C 49 -9.42 0.51 6.51
C ASP C 49 -9.14 -0.35 7.74
N GLY C 50 -8.34 0.20 8.64
CA GLY C 50 -7.99 -0.50 9.87
C GLY C 50 -7.95 0.46 11.04
N GLU C 51 -8.70 1.54 10.93
CA GLU C 51 -8.74 2.56 11.97
C GLU C 51 -10.18 2.90 12.34
N THR C 52 -10.71 2.22 13.34
CA THR C 52 -12.06 2.49 13.81
C THR C 52 -12.05 3.78 14.62
N CYS C 53 -12.54 4.86 14.03
CA CYS C 53 -12.54 6.15 14.68
C CYS C 53 -13.94 6.71 14.90
N LEU C 54 -14.02 7.70 15.78
CA LEU C 54 -15.28 8.36 16.08
C LEU C 54 -15.28 9.76 15.46
N LEU C 55 -16.23 10.01 14.59
CA LEU C 55 -16.33 11.30 13.92
C LEU C 55 -17.19 12.27 14.71
N ASP C 56 -16.62 13.40 15.06
CA ASP C 56 -17.32 14.44 15.81
C ASP C 56 -17.53 15.62 14.86
N ILE C 57 -18.63 15.56 14.11
CA ILE C 57 -18.93 16.58 13.12
C ILE C 57 -19.93 17.62 13.61
N LEU C 58 -19.57 18.89 13.48
CA LEU C 58 -20.43 19.98 13.88
C LEU C 58 -21.11 20.61 12.66
N ASP C 59 -22.44 20.59 12.67
CA ASP C 59 -23.21 21.18 11.58
C ASP C 59 -23.50 22.64 11.91
N THR C 60 -22.81 23.54 11.23
CA THR C 60 -22.99 24.96 11.48
C THR C 60 -24.24 25.49 10.78
N ALA C 61 -24.77 26.56 11.31
CA ALA C 61 -25.94 27.19 10.74
C ALA C 61 -25.64 28.64 10.43
N GLY C 62 -24.78 29.24 11.26
CA GLY C 62 -24.43 30.63 11.08
C GLY C 62 -25.37 31.50 11.88
N GLN C 63 -25.63 31.05 13.11
CA GLN C 63 -26.52 31.76 14.01
C GLN C 63 -25.84 32.94 14.66
N GLU C 64 -26.64 33.92 15.04
CA GLU C 64 -26.13 35.12 15.69
C GLU C 64 -26.16 34.94 17.20
N GLU C 65 -26.83 33.88 17.66
CA GLU C 65 -26.91 33.58 19.06
C GLU C 65 -25.61 32.91 19.51
N TYR C 66 -25.12 33.28 20.68
CA TYR C 66 -23.88 32.72 21.21
C TYR C 66 -24.03 31.23 21.53
N SER C 67 -23.03 30.46 21.15
CA SER C 67 -23.02 29.03 21.41
C SER C 67 -21.66 28.61 21.95
N ALA C 68 -21.66 28.04 23.15
CA ALA C 68 -20.43 27.58 23.77
C ALA C 68 -19.83 26.42 22.98
N MET C 69 -20.71 25.58 22.45
CA MET C 69 -20.30 24.43 21.66
C MET C 69 -19.64 24.87 20.36
N ARG C 70 -20.30 25.79 19.66
CA ARG C 70 -19.78 26.30 18.40
C ARG C 70 -18.41 26.96 18.57
N ASP C 71 -18.29 27.80 19.59
CA ASP C 71 -17.05 28.52 19.86
C ASP C 71 -15.92 27.57 20.21
N GLN C 72 -16.19 26.63 21.12
CA GLN C 72 -15.18 25.67 21.55
C GLN C 72 -14.78 24.74 20.41
N TYR C 73 -15.74 24.37 19.57
CA TYR C 73 -15.49 23.48 18.45
C TYR C 73 -14.57 24.12 17.42
N MET C 74 -14.58 25.45 17.35
CA MET C 74 -13.73 26.17 16.43
C MET C 74 -12.28 26.12 16.92
N ARG C 75 -12.13 25.93 18.21
CA ARG C 75 -10.82 25.87 18.84
C ARG C 75 -10.25 24.45 18.79
N THR C 76 -11.04 23.48 19.23
CA THR C 76 -10.61 22.08 19.26
C THR C 76 -10.85 21.36 17.94
N GLY C 77 -11.43 22.06 16.97
CA GLY C 77 -11.71 21.46 15.67
C GLY C 77 -10.45 21.04 14.96
N GLU C 78 -10.50 19.88 14.31
CA GLU C 78 -9.35 19.37 13.59
C GLU C 78 -9.52 19.56 12.08
N GLY C 79 -10.65 19.08 11.56
CA GLY C 79 -10.90 19.19 10.15
C GLY C 79 -12.06 20.13 9.84
N PHE C 80 -11.89 20.97 8.85
CA PHE C 80 -12.92 21.92 8.45
C PHE C 80 -13.33 21.68 7.00
N LEU C 81 -14.63 21.53 6.77
CA LEU C 81 -15.13 21.28 5.43
C LEU C 81 -15.95 22.45 4.92
N CYS C 82 -15.55 22.98 3.77
CA CYS C 82 -16.25 24.09 3.16
C CYS C 82 -17.17 23.55 2.08
N VAL C 83 -18.47 23.54 2.37
CA VAL C 83 -19.46 23.03 1.44
C VAL C 83 -20.14 24.15 0.67
N PHE C 84 -20.15 24.01 -0.65
CA PHE C 84 -20.79 24.99 -1.52
C PHE C 84 -21.66 24.28 -2.53
N ALA C 85 -22.54 25.02 -3.21
CA ALA C 85 -23.41 24.44 -4.19
C ALA C 85 -22.92 24.78 -5.59
N ILE C 86 -22.77 23.76 -6.43
CA ILE C 86 -22.29 23.96 -7.80
C ILE C 86 -23.32 24.72 -8.64
N ASN C 87 -24.54 24.77 -8.16
CA ASN C 87 -25.63 25.47 -8.85
C ASN C 87 -25.85 26.85 -8.23
N ASN C 88 -24.96 27.24 -7.34
CA ASN C 88 -25.06 28.54 -6.66
C ASN C 88 -23.72 29.25 -6.64
N THR C 89 -23.58 30.26 -7.49
CA THR C 89 -22.34 31.02 -7.59
C THR C 89 -21.98 31.74 -6.28
N LYS C 90 -23.00 32.11 -5.51
CA LYS C 90 -22.79 32.80 -4.25
C LYS C 90 -21.92 31.99 -3.30
N SER C 91 -22.29 30.74 -3.08
CA SER C 91 -21.55 29.86 -2.18
C SER C 91 -20.11 29.65 -2.64
N PHE C 92 -19.89 29.69 -3.95
CA PHE C 92 -18.55 29.51 -4.50
C PHE C 92 -17.64 30.66 -4.08
N GLU C 93 -18.19 31.87 -4.08
CA GLU C 93 -17.44 33.06 -3.69
C GLU C 93 -17.30 33.14 -2.18
N ASP C 94 -18.32 32.67 -1.46
CA ASP C 94 -18.33 32.71 0.00
C ASP C 94 -17.27 31.77 0.59
N ILE C 95 -16.73 30.89 -0.24
CA ILE C 95 -15.70 29.95 0.21
C ILE C 95 -14.49 30.70 0.75
N HIS C 96 -14.06 31.74 0.04
CA HIS C 96 -12.92 32.54 0.47
C HIS C 96 -13.25 33.23 1.79
N HIS C 97 -14.51 33.62 1.94
CA HIS C 97 -14.99 34.27 3.14
C HIS C 97 -14.79 33.36 4.36
N TYR C 98 -15.09 32.08 4.18
CA TYR C 98 -14.96 31.11 5.27
C TYR C 98 -13.49 30.73 5.49
N ARG C 99 -12.74 30.65 4.40
CA ARG C 99 -11.32 30.29 4.46
C ARG C 99 -10.55 31.24 5.37
N GLU C 100 -10.77 32.54 5.17
CA GLU C 100 -10.08 33.55 5.95
C GLU C 100 -10.53 33.52 7.42
N GLN C 101 -11.82 33.27 7.63
CA GLN C 101 -12.37 33.21 8.98
C GLN C 101 -11.71 32.11 9.79
N ILE C 102 -11.70 30.90 9.23
CA ILE C 102 -11.09 29.75 9.89
C ILE C 102 -9.59 29.97 10.08
N LYS C 103 -8.96 30.61 9.09
CA LYS C 103 -7.53 30.89 9.14
C LYS C 103 -7.18 31.80 10.32
N ARG C 104 -8.11 32.69 10.68
CA ARG C 104 -7.88 33.59 11.79
C ARG C 104 -8.10 32.89 13.13
N VAL C 105 -9.03 31.94 13.16
CA VAL C 105 -9.31 31.20 14.37
C VAL C 105 -8.17 30.25 14.72
N LYS C 106 -7.68 29.54 13.71
CA LYS C 106 -6.58 28.62 13.91
C LYS C 106 -5.23 29.33 13.84
N ASP C 107 -5.24 30.51 13.23
CA ASP C 107 -4.05 31.36 13.08
C ASP C 107 -2.93 30.65 12.33
N SER C 108 -3.26 30.15 11.15
CA SER C 108 -2.30 29.44 10.31
C SER C 108 -2.89 29.14 8.95
N GLU C 109 -2.04 28.87 7.97
CA GLU C 109 -2.48 28.55 6.62
C GLU C 109 -2.57 27.03 6.49
N ASP C 110 -1.92 26.33 7.41
CA ASP C 110 -1.92 24.88 7.40
C ASP C 110 -3.02 24.34 8.30
N VAL C 111 -4.21 24.20 7.72
CA VAL C 111 -5.37 23.70 8.44
C VAL C 111 -6.06 22.65 7.57
N PRO C 112 -6.34 21.46 8.14
CA PRO C 112 -7.02 20.39 7.40
C PRO C 112 -8.40 20.84 6.92
N MET C 113 -8.44 21.34 5.69
CA MET C 113 -9.66 21.83 5.10
C MET C 113 -9.96 21.11 3.80
N VAL C 114 -11.22 20.78 3.58
CA VAL C 114 -11.64 20.09 2.37
C VAL C 114 -12.74 20.89 1.67
N LEU C 115 -12.59 21.09 0.37
CA LEU C 115 -13.59 21.82 -0.41
C LEU C 115 -14.60 20.82 -0.93
N VAL C 116 -15.86 20.98 -0.53
CA VAL C 116 -16.91 20.06 -0.96
C VAL C 116 -17.97 20.74 -1.82
N GLY C 117 -18.13 20.23 -3.02
CA GLY C 117 -19.14 20.75 -3.93
C GLY C 117 -20.36 19.87 -3.88
N ASN C 118 -21.39 20.32 -3.19
CA ASN C 118 -22.62 19.54 -3.04
C ASN C 118 -23.60 19.81 -4.18
N LYS C 119 -24.56 18.91 -4.33
CA LYS C 119 -25.60 19.02 -5.36
C LYS C 119 -25.02 18.82 -6.76
N CYS C 120 -24.00 17.97 -6.85
CA CYS C 120 -23.34 17.69 -8.12
C CYS C 120 -24.22 16.88 -9.06
N ASP C 121 -25.27 16.28 -8.52
CA ASP C 121 -26.18 15.46 -9.33
C ASP C 121 -27.12 16.33 -10.15
N LEU C 122 -27.08 17.63 -9.92
CA LEU C 122 -27.92 18.57 -10.65
C LEU C 122 -27.27 18.91 -11.99
N PRO C 123 -28.00 18.72 -13.10
CA PRO C 123 -27.49 19.00 -14.44
C PRO C 123 -27.17 20.49 -14.64
N SER C 124 -28.02 21.36 -14.11
CA SER C 124 -27.81 22.79 -14.24
C SER C 124 -26.80 23.29 -13.21
N ARG C 125 -25.54 23.28 -13.59
CA ARG C 125 -24.47 23.73 -12.70
C ARG C 125 -23.84 25.03 -13.22
N THR C 126 -23.67 25.98 -12.33
CA THR C 126 -23.08 27.25 -12.69
C THR C 126 -21.57 27.20 -12.46
N VAL C 127 -21.16 26.46 -11.45
CA VAL C 127 -19.76 26.33 -11.13
C VAL C 127 -19.17 25.09 -11.79
N ASP C 128 -18.11 25.26 -12.55
CA ASP C 128 -17.46 24.15 -13.23
C ASP C 128 -16.43 23.49 -12.31
N THR C 129 -16.18 22.21 -12.53
CA THR C 129 -15.23 21.44 -11.72
C THR C 129 -13.83 22.04 -11.76
N LYS C 130 -13.42 22.52 -12.93
CA LYS C 130 -12.11 23.11 -13.10
C LYS C 130 -11.91 24.33 -12.19
N GLN C 131 -12.95 25.16 -12.11
CA GLN C 131 -12.93 26.34 -11.26
C GLN C 131 -12.61 25.98 -9.82
N ALA C 132 -13.38 25.04 -9.28
CA ALA C 132 -13.20 24.60 -7.91
C ALA C 132 -11.88 23.87 -7.72
N GLN C 133 -11.51 23.07 -8.71
CA GLN C 133 -10.27 22.29 -8.67
C GLN C 133 -9.07 23.22 -8.55
N ASP C 134 -9.00 24.21 -9.42
CA ASP C 134 -7.90 25.16 -9.41
C ASP C 134 -7.90 26.00 -8.13
N LEU C 135 -9.11 26.38 -7.70
CA LEU C 135 -9.27 27.17 -6.49
C LEU C 135 -8.73 26.40 -5.28
N ALA C 136 -9.13 25.14 -5.17
CA ALA C 136 -8.69 24.29 -4.06
C ALA C 136 -7.19 24.09 -4.09
N ARG C 137 -6.66 23.83 -5.28
CA ARG C 137 -5.23 23.61 -5.46
C ARG C 137 -4.44 24.84 -5.04
N SER C 138 -4.99 26.02 -5.34
CA SER C 138 -4.35 27.29 -4.99
C SER C 138 -4.34 27.52 -3.48
N TYR C 139 -5.18 26.79 -2.77
CA TYR C 139 -5.27 26.92 -1.32
C TYR C 139 -4.63 25.72 -0.63
N GLY C 140 -4.04 24.83 -1.43
CA GLY C 140 -3.38 23.65 -0.90
C GLY C 140 -4.32 22.72 -0.19
N ILE C 141 -5.55 22.62 -0.69
CA ILE C 141 -6.56 21.76 -0.09
C ILE C 141 -7.24 20.90 -1.14
N PRO C 142 -7.68 19.68 -0.78
CA PRO C 142 -8.35 18.77 -1.70
C PRO C 142 -9.80 19.18 -1.98
N PHE C 143 -10.28 18.84 -3.17
CA PHE C 143 -11.64 19.15 -3.56
C PHE C 143 -12.42 17.85 -3.82
N ILE C 144 -13.60 17.77 -3.23
CA ILE C 144 -14.45 16.59 -3.40
C ILE C 144 -15.86 17.01 -3.78
N GLU C 145 -16.29 16.64 -4.97
CA GLU C 145 -17.63 16.96 -5.44
C GLU C 145 -18.55 15.78 -5.14
N THR C 146 -19.43 15.93 -4.17
CA THR C 146 -20.33 14.86 -3.76
C THR C 146 -21.75 15.37 -3.57
N SER C 147 -22.69 14.43 -3.44
CA SER C 147 -24.08 14.80 -3.25
C SER C 147 -24.68 14.02 -2.09
N ALA C 148 -25.35 14.75 -1.21
CA ALA C 148 -26.00 14.15 -0.04
C ALA C 148 -27.33 13.53 -0.44
N LYS C 149 -27.67 13.66 -1.72
CA LYS C 149 -28.91 13.12 -2.23
C LYS C 149 -28.73 11.65 -2.61
N THR C 150 -27.68 11.36 -3.37
CA THR C 150 -27.41 9.99 -3.80
C THR C 150 -26.44 9.29 -2.85
N ARG C 151 -25.71 10.10 -2.07
CA ARG C 151 -24.73 9.62 -1.09
C ARG C 151 -23.50 9.02 -1.78
N GLN C 152 -23.45 9.12 -3.11
CA GLN C 152 -22.33 8.59 -3.87
C GLN C 152 -21.05 9.36 -3.63
N GLY C 153 -19.96 8.64 -3.35
CA GLY C 153 -18.68 9.27 -3.13
C GLY C 153 -18.46 9.72 -1.70
N VAL C 154 -19.53 9.79 -0.92
CA VAL C 154 -19.46 10.22 0.47
C VAL C 154 -18.52 9.33 1.28
N ASP C 155 -18.61 8.03 1.06
CA ASP C 155 -17.76 7.07 1.75
C ASP C 155 -16.28 7.34 1.49
N ASP C 156 -15.90 7.40 0.22
CA ASP C 156 -14.50 7.64 -0.17
C ASP C 156 -13.99 8.99 0.30
N ALA C 157 -14.87 9.99 0.31
CA ALA C 157 -14.51 11.33 0.74
C ALA C 157 -13.95 11.34 2.15
N PHE C 158 -14.63 10.67 3.06
CA PHE C 158 -14.19 10.60 4.44
C PHE C 158 -13.04 9.61 4.60
N TYR C 159 -13.07 8.53 3.82
CA TYR C 159 -12.02 7.53 3.87
C TYR C 159 -10.68 8.13 3.47
N THR C 160 -10.66 8.78 2.32
CA THR C 160 -9.45 9.40 1.79
C THR C 160 -8.92 10.46 2.75
N LEU C 161 -9.83 11.22 3.37
CA LEU C 161 -9.43 12.25 4.32
C LEU C 161 -8.56 11.67 5.43
N VAL C 162 -9.03 10.58 6.03
CA VAL C 162 -8.29 9.91 7.09
C VAL C 162 -7.00 9.30 6.54
N ARG C 163 -7.08 8.82 5.30
CA ARG C 163 -5.92 8.22 4.63
C ARG C 163 -4.82 9.26 4.42
N GLU C 164 -5.23 10.50 4.20
CA GLU C 164 -4.29 11.59 4.03
C GLU C 164 -3.68 11.97 5.38
N ILE C 165 -4.53 11.94 6.42
CA ILE C 165 -4.09 12.24 7.77
C ILE C 165 -3.00 11.26 8.20
N ARG C 166 -3.16 10.00 7.81
CA ARG C 166 -2.18 8.97 8.13
C ARG C 166 -0.81 9.33 7.59
N LYS C 167 -0.78 9.79 6.34
CA LYS C 167 0.48 10.17 5.71
C LYS C 167 1.03 11.44 6.36
N HIS C 168 0.11 12.27 6.86
CA HIS C 168 0.49 13.51 7.54
C HIS C 168 1.20 13.14 8.85
N LYS C 169 0.79 12.02 9.44
CA LYS C 169 1.38 11.54 10.68
C LYS C 169 2.83 11.14 10.43
N GLU C 170 3.07 10.52 9.28
CA GLU C 170 4.42 10.08 8.89
C GLU C 170 5.34 11.29 8.78
N LYS C 171 4.87 12.30 8.05
CA LYS C 171 5.64 13.51 7.86
C LYS C 171 5.91 14.21 9.19
N MET C 172 4.98 14.07 10.12
CA MET C 172 5.12 14.67 11.45
C MET C 172 6.06 13.85 12.33
N SER C 173 6.18 12.57 12.02
CA SER C 173 7.05 11.68 12.76
C SER C 173 8.50 11.95 12.37
N LYS C 174 8.69 12.31 11.10
CA LYS C 174 10.02 12.61 10.59
C LYS C 174 10.34 14.09 10.80
N ASP C 175 9.30 14.85 11.16
CA ASP C 175 9.41 16.29 11.40
C ASP C 175 9.76 17.04 10.10
N GLY C 176 9.58 16.34 8.98
CA GLY C 176 9.88 16.92 7.69
C GLY C 176 11.36 16.86 7.39
N LYS C 177 11.84 17.83 6.63
CA LYS C 177 13.25 17.88 6.27
C LYS C 177 14.05 18.50 7.41
N LYS C 178 15.14 17.85 7.79
CA LYS C 178 15.98 18.37 8.86
C LYS C 178 16.68 19.64 8.42
N LYS C 179 16.65 20.65 9.26
CA LYS C 179 17.27 21.92 8.95
C LYS C 179 18.59 22.11 9.67
N LYS C 180 19.68 21.97 8.92
CA LYS C 180 21.01 22.14 9.46
C LYS C 180 21.71 23.28 8.76
N LYS C 181 20.99 23.88 7.81
CA LYS C 181 21.49 24.99 7.00
C LYS C 181 22.60 24.56 6.05
N LYS C 182 22.26 24.47 4.77
CA LYS C 182 23.21 24.07 3.75
C LYS C 182 23.49 25.22 2.80
N SER C 183 24.77 25.54 2.63
CA SER C 183 25.23 26.61 1.75
C SER C 183 24.94 27.99 2.34
N LYS C 184 25.96 28.83 2.34
CA LYS C 184 25.83 30.18 2.89
C LYS C 184 26.58 31.20 2.04
N THR C 185 27.90 31.15 2.10
CA THR C 185 28.74 32.05 1.34
C THR C 185 29.10 31.43 0.00
N LYS C 186 28.79 32.13 -1.10
CA LYS C 186 29.07 31.66 -2.45
C LYS C 186 28.18 30.46 -2.80
N CYS C 187 27.03 30.74 -3.38
CA CYS C 187 26.09 29.69 -3.77
C CYS C 187 25.74 29.79 -5.25
C1 PCW D . 7.22 16.49 -4.90
C2 PCW D . 6.78 15.65 -6.16
C3 PCW D . 6.20 16.60 -7.26
C4 PCW D . 8.22 13.64 -3.01
C5 PCW D . 6.78 13.35 -2.59
C6 PCW D . 4.72 11.90 -2.95
C7 PCW D . 6.94 10.88 -2.78
C8 PCW D . 6.02 11.81 -1.48
C11 PCW D . 4.64 15.12 -8.34
C12 PCW D . 4.40 14.41 -9.65
C13 PCW D . 3.29 15.18 -10.45
C14 PCW D . 2.94 14.58 -11.81
C15 PCW D . 3.49 15.35 -13.04
C16 PCW D . 4.68 14.56 -13.70
C17 PCW D . 5.03 14.90 -15.20
C18 PCW D . 5.99 13.90 -15.83
C19 PCW D . 6.95 14.55 -16.85
C20 PCW D . 8.30 14.22 -16.92
C21 PCW D . 9.14 13.28 -16.14
C22 PCW D . 10.56 13.91 -16.05
C23 PCW D . 11.77 12.97 -16.27
C24 PCW D . 12.73 13.33 -17.37
C25 PCW D . 14.07 14.07 -17.05
C26 PCW D . 15.32 13.21 -17.00
C27 PCW D . 15.96 12.80 -18.35
C28 PCW D . 17.46 13.03 -18.31
C31 PCW D . 7.97 13.62 -6.54
C32 PCW D . 9.22 13.04 -7.21
C33 PCW D . 9.11 11.49 -7.64
C34 PCW D . 9.59 11.24 -9.07
C35 PCW D . 8.70 10.04 -9.60
C36 PCW D . 9.44 8.68 -9.54
C37 PCW D . 8.62 7.45 -10.05
C38 PCW D . 9.39 6.63 -11.03
C39 PCW D . 8.61 5.44 -11.52
C40 PCW D . 9.09 4.36 -12.12
C41 PCW D . 10.57 4.13 -12.41
C42 PCW D . 10.88 2.57 -12.30
C43 PCW D . 11.03 1.95 -10.93
C44 PCW D . 11.32 0.47 -11.14
C45 PCW D . 12.68 0.00 -10.67
C46 PCW D . 13.71 -0.05 -11.75
C47 PCW D . 14.74 1.05 -11.76
C48 PCW D . 15.74 0.87 -12.93
N PCW D . 6.18 12.10 -2.93
O2 PCW D . 7.95 14.94 -6.76
O3 PCW D . 5.79 15.84 -8.41
O11 PCW D . 3.90 15.08 -7.39
O31 PCW D . 7.11 12.97 -5.88
O1P PCW D . 10.35 14.89 -4.56
O2P PCW D . 10.23 16.62 -2.79
O3P PCW D . 8.65 16.72 -4.82
O4P PCW D . 8.39 15.07 -2.99
P PCW D . 9.47 15.80 -3.77
C1 PCW E . 22.58 19.19 -3.99
C2 PCW E . 23.69 19.31 -5.11
C3 PCW E . 24.91 18.40 -4.76
C4 PCW E . 20.68 19.81 -0.15
C5 PCW E . 19.65 20.63 0.63
C6 PCW E . 17.56 20.22 2.04
C7 PCW E . 19.79 19.77 2.96
C8 PCW E . 19.09 21.40 2.44
C11 PCW E . 26.64 19.66 -5.85
C12 PCW E . 27.63 19.56 -6.99
C13 PCW E . 27.01 20.25 -8.25
C14 PCW E . 27.89 20.24 -9.51
C15 PCW E . 28.03 18.86 -10.21
C16 PCW E . 29.34 18.82 -11.08
C17 PCW E . 29.41 17.73 -12.21
C18 PCW E . 30.82 17.49 -12.73
C19 PCW E . 31.54 16.33 -12.02
C20 PCW E . 32.11 15.27 -12.71
C21 PCW E . 32.20 14.94 -14.16
C22 PCW E . 31.90 13.42 -14.29
C23 PCW E . 33.06 12.50 -14.74
C24 PCW E . 32.72 11.38 -15.68
C25 PCW E . 33.83 10.62 -16.44
C26 PCW E . 33.48 9.22 -16.93
C27 PCW E . 34.39 8.59 -18.00
C28 PCW E . 33.69 7.40 -18.64
C31 PCW E . 23.18 19.79 -7.37
C32 PCW E . 22.59 19.17 -8.65
C33 PCW E . 23.65 18.48 -9.63
C34 PCW E . 23.97 17.03 -9.26
C35 PCW E . 23.88 16.21 -10.60
C36 PCW E . 23.38 14.76 -10.39
C37 PCW E . 23.27 13.90 -11.68
C38 PCW E . 23.16 12.43 -11.38
C39 PCW E . 23.04 11.58 -12.61
C40 PCW E . 23.31 10.29 -12.72
C41 PCW E . 23.82 9.43 -11.58
C42 PCW E . 25.23 8.81 -12.01
C43 PCW E . 25.28 7.38 -12.48
C44 PCW E . 26.74 7.07 -12.81
C45 PCW E . 26.94 5.96 -13.82
C46 PCW E . 26.76 6.39 -15.24
C47 PCW E . 25.77 5.58 -16.07
C48 PCW E . 25.69 6.13 -17.49
N PCW E . 19.01 20.06 1.78
O2 PCW E . 23.14 18.86 -6.41
O3 PCW E . 25.92 18.50 -5.78
O11 PCW E . 26.52 20.61 -5.13
O31 PCW E . 23.62 20.97 -7.26
O1P PCW E . 23.24 19.12 -1.33
O2P PCW E . 23.56 21.59 -1.36
O3P PCW E . 22.29 20.42 -3.29
O4P PCW E . 21.34 20.74 -1.06
P PCW E . 22.68 20.45 -1.72
C1 PCW F . -5.53 -3.22 27.66
C2 PCW F . -5.25 -4.75 27.30
C3 PCW F . -6.48 -5.64 27.69
C4 PCW F . -8.77 -2.65 24.17
C5 PCW F . -9.64 -3.89 23.96
C6 PCW F . -10.40 -4.78 21.70
C7 PCW F . -8.57 -5.87 22.91
C8 PCW F . -10.34 -5.73 23.42
C11 PCW F . -6.95 -7.59 26.39
C12 PCW F . -6.50 -9.03 26.21
C13 PCW F . -7.03 -9.86 27.43
C14 PCW F . -6.66 -11.35 27.41
C15 PCW F . -6.05 -11.91 28.73
C16 PCW F . -4.48 -11.98 28.63
C17 PCW F . -3.82 -13.38 28.91
C18 PCW F . -3.11 -13.45 30.27
C19 PCW F . -4.02 -13.96 31.41
C20 PCW F . -4.17 -15.31 31.69
C21 PCW F . -3.60 -16.53 31.10
C22 PCW F . -3.55 -17.61 32.22
C23 PCW F . -3.40 -19.09 31.78
C24 PCW F . -4.17 -20.11 32.57
C25 PCW F . -5.70 -20.25 32.42
C26 PCW F . -6.22 -20.70 31.06
C27 PCW F . -5.96 -22.17 30.65
C28 PCW F . -6.40 -22.40 29.22
C31 PCW F . -3.79 -5.23 25.49
C32 PCW F . -3.73 -5.35 23.95
C33 PCW F . -4.53 -6.58 23.34
C34 PCW F . -3.65 -7.53 22.52
C35 PCW F . -3.68 -8.91 23.28
C36 PCW F . -2.45 -9.79 22.97
C37 PCW F . -2.41 -11.16 23.70
C38 PCW F . -1.64 -11.10 24.98
C39 PCW F . -1.58 -12.42 25.71
C40 PCW F . -0.51 -13.01 26.22
C41 PCW F . 0.90 -12.44 26.16
C42 PCW F . 1.89 -13.50 26.82
C43 PCW F . 2.19 -13.38 28.29
C44 PCW F . 3.15 -14.50 28.65
C45 PCW F . 3.76 -14.40 30.02
C46 PCW F . 4.59 -15.61 30.40
C47 PCW F . 6.05 -15.54 30.05
C48 PCW F . 6.78 -16.82 30.47
N PCW F . -9.44 -4.72 22.81
O2 PCW F . -5.04 -4.89 25.83
O3 PCW F . -6.20 -7.00 27.37
O11 PCW F . -7.83 -7.05 25.77
O31 PCW F . -2.81 -5.42 26.28
O1P PCW F . -7.10 -0.72 25.53
O2P PCW F . -5.29 -2.34 24.97
O3P PCW F . -6.74 -2.69 27.08
O4P PCW F . -7.56 -3.09 24.82
P PCW F . -6.63 -2.15 25.56
C1 PCW G . -18.71 8.44 -17.53
C2 PCW G . -18.82 7.49 -18.78
C3 PCW G . -19.30 8.30 -20.03
C4 PCW G . -14.99 11.46 -17.73
C5 PCW G . -15.18 12.87 -17.17
C6 PCW G . -16.29 13.87 -19.24
C7 PCW G . -16.60 14.91 -17.05
C8 PCW G . -15.04 14.74 -18.01
C11 PCW G . -18.98 7.91 -22.37
C12 PCW G . -19.16 6.85 -23.43
C13 PCW G . -19.27 7.55 -24.83
C14 PCW G . -19.46 6.62 -26.02
C15 PCW G . -18.22 5.74 -26.40
C16 PCW G . -17.16 6.60 -27.17
C17 PCW G . -15.64 6.30 -26.89
C18 PCW G . -14.69 7.38 -27.38
C19 PCW G . -14.46 8.50 -26.34
C20 PCW G . -13.38 9.38 -26.42
C21 PCW G . -12.27 9.51 -27.39
C22 PCW G . -12.61 10.73 -28.29
C23 PCW G . -12.03 10.76 -29.73
C24 PCW G . -12.55 9.74 -30.69
C25 PCW G . -13.18 10.18 -32.05
C26 PCW G . -14.65 9.87 -32.24
C27 PCW G . -15.47 10.82 -33.14
C28 PCW G . -16.90 10.36 -33.20
C31 PCW G . -17.11 5.88 -18.35
C32 PCW G . -15.73 5.41 -18.81
C33 PCW G . -15.68 3.89 -19.32
C34 PCW G . -15.83 3.76 -20.83
C35 PCW G . -17.21 3.01 -21.05
C36 PCW G . -18.33 3.96 -21.50
C37 PCW G . -19.73 3.30 -21.72
C38 PCW G . -19.87 2.74 -23.11
C39 PCW G . -21.21 2.10 -23.34
C40 PCW G . -21.50 0.81 -23.23
C41 PCW G . -20.52 -0.27 -22.83
C42 PCW G . -21.09 -1.68 -23.34
C43 PCW G . -20.96 -2.89 -22.44
C44 PCW G . -21.58 -4.06 -23.19
C45 PCW G . -20.73 -5.30 -23.26
C46 PCW G . -21.28 -6.36 -24.17
C47 PCW G . -20.32 -7.46 -24.58
C48 PCW G . -21.01 -8.47 -25.51
N PCW G . -16.13 13.75 -17.78
O2 PCW G . -17.48 6.91 -19.12
O3 PCW G . -19.41 7.43 -21.17
O11 PCW G . -18.52 9.00 -22.56
O31 PCW G . -17.80 5.37 -17.40
O1P PCW G . -17.85 11.26 -17.76
O2P PCW G . -17.56 10.61 -15.38
O3P PCW G . -17.35 8.84 -17.22
O4P PCW G . -15.65 10.54 -16.82
P PCW G . -17.16 10.37 -16.77
C1 PCW H . 18.70 19.56 -8.60
C2 PCW H . 17.79 19.41 -9.88
C3 PCW H . 18.65 18.95 -11.11
C4 PCW H . 16.48 23.29 -9.05
C5 PCW H . 15.63 23.02 -10.29
C6 PCW H . 14.48 24.26 -12.18
C7 PCW H . 16.92 24.17 -12.06
C8 PCW H . 15.74 22.77 -12.32
C11 PCW H . 18.13 19.50 -13.38
C12 PCW H . 17.11 19.24 -14.45
C13 PCW H . 17.54 17.96 -15.25
C14 PCW H . 16.58 17.56 -16.38
C15 PCW H . 17.23 16.84 -17.59
C16 PCW H . 17.40 17.83 -18.81
C17 PCW H . 17.18 17.25 -20.24
C18 PCW H . 18.47 16.79 -20.91
C19 PCW H . 18.25 16.23 -22.34
C20 PCW H . 19.00 15.19 -22.86
C21 PCW H . 20.10 14.37 -22.31
C22 PCW H . 19.44 13.26 -21.43
C23 PCW H . 19.37 11.83 -22.03
C24 PCW H . 19.22 10.70 -21.07
C25 PCW H . 17.98 9.76 -21.12
C26 PCW H . 18.18 8.34 -20.60
C27 PCW H . 17.18 7.26 -21.05
C28 PCW H . 16.12 7.07 -19.99
C31 PCW H . 15.51 18.75 -9.91
C32 PCW H . 14.58 17.57 -9.63
C33 PCW H . 14.00 16.81 -10.92
C34 PCW H . 14.90 15.69 -11.43
C35 PCW H . 14.07 14.36 -11.22
C36 PCW H . 13.16 14.02 -12.43
C37 PCW H . 12.31 12.72 -12.28
C38 PCW H . 12.90 11.57 -13.04
C39 PCW H . 12.09 10.31 -12.90
C40 PCW H . 12.39 9.23 -12.19
C41 PCW H . 13.67 9.08 -11.37
C42 PCW H . 13.27 8.44 -9.96
C43 PCW H . 13.72 9.16 -8.69
C44 PCW H . 13.21 8.34 -7.52
C45 PCW H . 14.27 7.93 -6.53
C46 PCW H . 14.22 6.47 -6.17
C47 PCW H . 15.46 5.90 -5.52
C48 PCW H . 15.27 4.41 -5.22
N PCW H . 15.67 23.93 -11.38
O2 PCW H . 16.76 18.36 -9.65
O3 PCW H . 17.80 18.82 -12.26
O11 PCW H . 19.10 20.20 -13.52
O31 PCW H . 15.15 19.89 -10.32
O1P PCW H . 18.10 22.83 -6.67
O2P PCW H . 19.85 22.29 -8.36
O3P PCW H . 18.18 20.48 -7.62
O4P PCW H . 17.59 22.34 -9.09
P PCW H . 18.47 22.04 -7.90
C1 PCW I . -15.06 -0.85 -3.75
C2 PCW I . -14.10 -1.60 -2.74
C3 PCW I . -13.95 -3.11 -3.16
C4 PCW I . -16.54 1.08 -0.15
C5 PCW I . -15.92 2.43 -0.51
C6 PCW I . -15.04 3.19 -2.78
C7 PCW I . -17.28 3.84 -2.03
C8 PCW I . -15.65 4.29 -1.28
C11 PCW I . -13.50 -4.01 -0.96
C12 PCW I . -12.44 -4.72 -0.19
C13 PCW I . -12.74 -6.27 -0.26
C14 PCW I . -11.75 -7.16 0.48
C15 PCW I . -12.14 -8.67 0.59
C16 PCW I . -10.92 -9.57 0.19
C17 PCW I . -11.17 -10.66 -0.92
C18 PCW I . -12.15 -11.75 -0.50
C19 PCW I . -11.57 -13.17 -0.69
C20 PCW I . -12.25 -14.17 -1.39
C21 PCW I . -13.56 -14.18 -2.09
C22 PCW I . -13.26 -14.09 -3.61
C23 PCW I . -13.54 -12.74 -4.32
C24 PCW I . -12.84 -12.51 -5.63
C25 PCW I . -13.64 -12.28 -6.94
C26 PCW I . -14.29 -10.92 -7.10
C27 PCW I . -15.83 -10.85 -7.13
C28 PCW I . -16.32 -9.81 -6.14
C31 PCW I . -12.55 0.01 -1.93
C32 PCW I . -11.11 0.52 -2.09
C33 PCW I . -10.97 1.93 -2.83
C34 PCW I . -11.24 1.86 -4.33
C35 PCW I . -10.84 3.27 -4.92
C36 PCW I . -10.53 3.23 -6.44
C37 PCW I . -10.13 4.59 -7.07
C38 PCW I . -8.66 4.81 -7.04
C39 PCW I . -8.26 6.13 -7.66
C40 PCW I . -7.02 6.59 -7.87
C41 PCW I . -5.76 5.83 -7.51
C42 PCW I . -5.55 4.67 -8.58
C43 PCW I . -4.17 4.04 -8.70
C44 PCW I . -4.27 2.99 -9.79
C45 PCW I . -3.61 3.37 -11.10
C46 PCW I . -3.10 2.19 -11.87
C47 PCW I . -3.07 2.35 -13.38
C48 PCW I . -2.53 1.09 -14.06
N PCW I . -16.14 2.99 -1.80
O2 PCW I . -12.73 -0.99 -2.79
O3 PCW I . -13.07 -3.78 -2.24
O11 PCW I . -14.57 -3.68 -0.53
O31 PCW I . -13.41 0.45 -1.10
O1P PCW I . -18.57 -0.30 -2.12
O2P PCW I . -16.98 0.83 -2.73
O3P PCW I . -16.47 -1.09 -3.53
O4P PCW I . -16.12 0.15 -1.19
P PCW I . -17.08 -0.53 -2.15
C1 PCW J . -12.60 10.91 -13.94
C2 PCW J . -12.11 9.46 -14.32
C3 PCW J . -12.30 9.23 -15.86
C4 PCW J . -13.09 10.52 -9.13
C5 PCW J . -13.43 9.26 -8.33
C6 PCW J . -12.61 7.76 -6.61
C7 PCW J . -14.07 9.49 -6.03
C8 PCW J . -11.93 10.07 -6.52
C11 PCW J . -12.79 6.91 -16.20
C12 PCW J . -12.13 5.60 -16.58
C13 PCW J . -11.88 5.61 -18.12
C14 PCW J . -11.20 4.36 -18.67
C15 PCW J . -9.65 4.27 -18.48
C16 PCW J . -8.94 3.98 -19.83
C17 PCW J . -8.68 2.47 -20.19
C18 PCW J . -9.50 1.99 -21.39
C19 PCW J . -9.94 0.51 -21.26
C20 PCW J . -11.25 0.14 -20.98
C21 PCW J . -12.48 0.94 -20.76
C22 PCW J . -13.56 0.38 -21.72
C23 PCW J . -14.00 1.27 -22.91
C24 PCW J . -14.74 0.59 -24.03
C25 PCW J . -16.20 0.09 -23.82
C26 PCW J . -17.26 0.69 -24.74
C27 PCW J . -17.95 -0.25 -25.75
C28 PCW J . -18.73 0.56 -26.75
C31 PCW J . -10.29 8.12 -13.59
C32 PCW J . -8.78 8.13 -13.31
C33 PCW J . -7.85 7.64 -14.52
C34 PCW J . -6.59 6.94 -14.06
C35 PCW J . -6.65 5.49 -14.71
C36 PCW J . -5.58 5.28 -15.80
C37 PCW J . -5.58 3.88 -16.49
C38 PCW J . -4.25 3.54 -17.09
C39 PCW J . -4.23 2.19 -17.76
C40 PCW J . -3.69 1.88 -18.92
C41 PCW J . -2.96 2.88 -19.82
C42 PCW J . -1.51 2.30 -20.13
C43 PCW J . -1.15 1.99 -21.58
C44 PCW J . 0.27 1.46 -21.57
C45 PCW J . 0.38 -0.04 -21.49
C46 PCW J . 1.06 -0.65 -22.68
C47 PCW J . 0.23 -1.63 -23.49
C48 PCW J . 1.03 -2.18 -24.67
N PCW J . -13.03 9.15 -6.94
O2 PCW J . -10.65 9.33 -14.01
O3 PCW J . -11.86 7.90 -16.21
O11 PCW J . -13.94 7.03 -15.91
O31 PCW J . -11.06 7.12 -13.45
O1P PCW J . -14.01 12.50 -11.06
O2P PCW J . -14.84 10.49 -12.28
O3P PCW J . -12.40 11.25 -12.54
O4P PCW J . -13.23 10.15 -10.54
P PCW J . -13.69 11.13 -11.61
C1 PCW K . 23.09 8.49 15.58
C2 PCW K . 24.51 7.87 15.91
C3 PCW K . 25.64 8.89 15.58
C4 PCW K . 20.27 10.64 19.00
C5 PCW K . 18.78 11.00 19.04
C6 PCW K . 16.42 10.52 19.07
C7 PCW K . 17.86 9.25 20.39
C8 PCW K . 17.90 8.87 18.14
C11 PCW K . 27.61 8.78 16.94
C12 PCW K . 28.91 8.04 17.05
C13 PCW K . 29.85 8.48 15.86
C14 PCW K . 31.21 7.82 15.82
C15 PCW K . 31.49 6.89 14.60
C16 PCW K . 32.72 5.96 14.86
C17 PCW K . 32.54 4.79 15.89
C18 PCW K . 33.82 4.01 16.15
C19 PCW K . 34.71 4.65 17.23
C20 PCW K . 36.05 4.32 17.39
C21 PCW K . 36.94 3.38 16.66
C22 PCW K . 37.93 4.24 15.84
C23 PCW K . 38.93 3.49 14.92
C24 PCW K . 38.36 2.77 13.74
C25 PCW K . 38.52 1.23 13.58
C26 PCW K . 37.26 0.46 13.19
C27 PCW K . 36.68 -0.53 14.23
C28 PCW K . 37.11 -1.94 13.91
C31 PCW K . 24.07 6.38 17.71
C32 PCW K . 24.24 6.23 19.23
C33 PCW K . 23.31 5.11 19.91
C34 PCW K . 23.81 3.69 19.71
C35 PCW K . 25.20 3.60 20.47
C36 PCW K . 25.62 2.15 20.78
C37 PCW K . 26.98 1.98 21.52
C38 PCW K . 28.09 1.63 20.58
C39 PCW K . 29.41 1.46 21.28
C40 PCW K . 30.58 1.97 20.90
C41 PCW K . 30.77 2.85 19.68
C42 PCW K . 31.08 1.90 18.43
C43 PCW K . 30.16 1.98 17.22
C44 PCW K . 30.68 0.98 16.20
C45 PCW K . 30.68 1.47 14.77
C46 PCW K . 31.71 0.79 13.91
C47 PCW K . 32.41 1.64 12.89
C48 PCW K . 33.43 0.82 12.09
N PCW K . 17.79 9.97 19.15
O2 PCW K . 24.60 7.57 17.37
O3 PCW K . 26.92 8.31 15.87
O11 PCW K . 27.26 9.66 17.67
O31 PCW K . 23.54 5.55 16.94
O1P PCW K . 22.97 10.86 17.90
O2P PCW K . 21.75 11.06 15.74
O3P PCW K . 22.27 8.75 16.74
O4P PCW K . 20.55 10.21 17.64
P PCW K . 21.93 10.30 17.00
C1 PCW L . -3.04 -3.06 7.08
C2 PCW L . -2.13 -3.16 5.78
C3 PCW L . -0.79 -2.38 5.99
C4 PCW L . -2.12 0.60 10.19
C5 PCW L . -1.86 0.84 11.67
C6 PCW L . -2.42 3.16 12.12
C7 PCW L . -2.59 1.58 13.84
C8 PCW L . -4.19 1.52 12.21
C11 PCW L . -0.17 -1.56 3.82
C12 PCW L . 0.77 -1.84 2.68
C13 PCW L . -0.05 -2.52 1.52
C14 PCW L . 0.76 -2.89 0.27
C15 PCW L . 0.71 -4.39 -0.15
C16 PCW L . 0.95 -4.54 -1.69
C17 PCW L . -0.32 -4.63 -2.60
C18 PCW L . -0.10 -5.41 -3.90
C19 PCW L . 0.66 -4.58 -4.96
C20 PCW L . 0.02 -4.00 -6.04
C21 PCW L . -1.39 -3.98 -6.49
C22 PCW L . -1.42 -3.29 -7.88
C23 PCW L . -2.77 -3.29 -8.65
C24 PCW L . -2.86 -4.21 -9.83
C25 PCW L . -2.71 -3.66 -11.28
C26 PCW L . -1.41 -3.99 -11.99
C27 PCW L . -1.34 -5.30 -12.81
C28 PCW L . 0.07 -5.84 -12.82
C31 PCW L . -2.15 -5.01 4.31
C32 PCW L . -1.72 -6.48 4.19
C33 PCW L . -2.80 -7.45 3.51
C34 PCW L . -4.18 -7.38 4.15
C35 PCW L . -4.35 -8.75 4.95
C36 PCW L . -5.03 -8.54 6.32
C37 PCW L . -5.24 -9.82 7.17
C38 PCW L . -6.68 -10.05 7.49
C39 PCW L . -6.92 -11.29 8.32
C40 PCW L . -8.05 -11.69 8.87
C41 PCW L . -9.37 -10.93 8.77
C42 PCW L . -10.13 -11.45 7.45
C43 PCW L . -10.28 -10.49 6.28
C44 PCW L . -11.03 -11.24 5.19
C45 PCW L . -10.31 -11.34 3.87
C46 PCW L . -10.59 -12.61 3.13
C47 PCW L . -9.40 -13.55 2.94
C48 PCW L . -9.81 -14.81 2.17
N PCW L . -2.72 1.73 12.42
O2 PCW L . -1.78 -4.58 5.51
O3 PCW L . 0.02 -2.47 4.80
O11 PCW L . -0.96 -0.65 3.85
O31 PCW L . -2.74 -4.34 3.42
O1P PCW L . -3.76 -0.18 7.92
O2P PCW L . -4.61 -1.90 9.50
O3P PCW L . -2.45 -2.32 8.18
O4P PCW L . -2.57 -0.77 10.05
P PCW L . -3.42 -1.27 8.89
C1 PCW M . 26.72 14.94 8.09
C2 PCW M . 27.71 13.73 7.80
C3 PCW M . 27.58 12.65 8.93
C4 PCW M . 23.11 13.10 5.68
C5 PCW M . 21.58 13.14 5.72
C6 PCW M . 19.64 13.02 4.06
C7 PCW M . 20.86 10.99 4.70
C8 PCW M . 19.83 12.09 5.78
C11 PCW M . 29.36 11.20 9.62
C12 PCW M . 30.20 10.06 9.13
C13 PCW M . 29.62 8.72 9.69
C14 PCW M . 30.36 7.45 9.27
C15 PCW M . 30.46 6.33 10.36
C16 PCW M . 29.24 5.35 10.25
C17 PCW M . 28.83 4.56 11.54
C18 PCW M . 27.50 5.01 12.12
C19 PCW M . 27.65 5.92 13.36
C20 PCW M . 27.68 5.43 14.66
C21 PCW M . 27.58 4.06 15.21
C22 PCW M . 26.10 3.82 15.57
C23 PCW M . 25.51 2.41 15.26
C24 PCW M . 24.20 2.38 14.52
C25 PCW M . 22.86 2.68 15.25
C26 PCW M . 22.14 1.50 15.87
C27 PCW M . 22.17 1.36 17.41
C28 PCW M . 20.85 1.77 18.01
C31 PCW M . 28.02 13.56 5.47
C32 PCW M . 27.56 12.79 4.22
C33 PCW M . 28.72 12.43 3.16
C34 PCW M . 29.90 11.68 3.79
C35 PCW M . 29.53 10.15 3.65
C36 PCW M . 29.63 9.39 4.99
C37 PCW M . 29.29 7.87 4.94
C38 PCW M . 30.50 7.02 5.15
C39 PCW M . 30.19 5.54 5.09
C40 PCW M . 30.91 4.59 4.50
C41 PCW M . 32.22 4.86 3.76
C42 PCW M . 32.84 3.45 3.36
C43 PCW M . 34.34 3.25 3.54
C44 PCW M . 34.66 1.84 3.09
C45 PCW M . 35.94 1.26 3.65
C46 PCW M . 35.84 -0.20 4.00
C47 PCW M . 35.95 -0.57 5.45
C48 PCW M . 35.83 -2.08 5.66
N PCW M . 20.82 12.44 4.73
O2 PCW M . 27.36 13.08 6.51
O3 PCW M . 28.48 11.57 8.65
O11 PCW M . 29.46 11.71 10.71
O31 PCW M . 28.89 14.49 5.49
O1P PCW M . 24.36 13.31 8.28
O2P PCW M . 23.42 15.62 8.20
O3P PCW M . 25.69 15.11 7.09
O4P PCW M . 23.56 14.39 6.16
P PCW M . 24.22 14.58 7.51
C1 PCW N . -10.48 -1.35 2.93
C2 PCW N . -9.66 -2.49 2.21
C3 PCW N . -10.24 -3.90 2.59
C4 PCW N . -14.57 -0.25 4.02
C5 PCW N . -16.04 -0.01 3.69
C6 PCW N . -18.34 0.37 4.32
C7 PCW N . -16.71 0.26 5.98
C8 PCW N . -17.30 -1.70 4.98
C11 PCW N . -8.95 -5.94 2.67
C12 PCW N . -8.21 -6.90 1.77
C13 PCW N . -7.10 -6.09 0.99
C14 PCW N . -6.26 -6.92 0.01
C15 PCW N . -4.78 -7.17 0.44
C16 PCW N . -4.20 -8.42 -0.30
C17 PCW N . -4.47 -9.83 0.35
C18 PCW N . -3.44 -10.89 -0.05
C19 PCW N . -4.09 -12.17 -0.64
C20 PCW N . -3.40 -13.36 -0.76
C21 PCW N . -2.01 -13.76 -0.43
C22 PCW N . -2.06 -15.24 0.04
C23 PCW N . -1.59 -15.54 1.48
C24 PCW N . -2.59 -16.17 2.40
C25 PCW N . -3.98 -15.51 2.66
C26 PCW N . -4.21 -14.95 4.04
C27 PCW N . -5.25 -13.82 4.20
C28 PCW N . -5.77 -13.79 5.62
C31 PCW N . -8.60 -2.11 0.12
C32 PCW N . -8.87 -2.01 -1.39
C33 PCW N . -8.58 -3.34 -2.23
C34 PCW N . -9.80 -3.84 -3.01
C35 PCW N . -9.54 -5.39 -3.23
C36 PCW N . -10.70 -6.08 -3.99
C37 PCW N . -10.51 -7.61 -4.25
C38 PCW N . -10.67 -7.96 -5.69
C39 PCW N . -10.50 -9.42 -5.97
C40 PCW N . -9.60 -9.99 -6.76
C41 PCW N . -8.56 -9.22 -7.56
C42 PCW N . -8.61 -9.72 -9.08
C43 PCW N . -7.30 -9.78 -9.86
C44 PCW N . -7.65 -10.29 -11.25
C45 PCW N . -6.69 -11.30 -11.82
C46 PCW N . -7.29 -12.67 -11.98
C47 PCW N . -6.73 -13.53 -13.10
C48 PCW N . -7.43 -14.89 -13.14
N PCW N . -17.05 -0.26 4.68
O2 PCW N . -9.76 -2.36 0.73
O3 PCW N . -9.47 -4.93 1.92
O11 PCW N . -9.06 -6.05 3.86
O31 PCW N . -7.48 -1.97 0.68
O1P PCW N . -11.85 0.69 4.14
O2P PCW N . -12.34 1.57 1.86
O3P PCW N . -11.61 -0.87 2.17
O4P PCW N . -13.81 -0.08 2.79
P PCW N . -12.38 0.41 2.76
C1 PCW O . 13.66 9.72 9.29
C2 PCW O . 14.61 8.46 9.35
C3 PCW O . 13.76 7.14 9.29
C4 PCW O . 12.13 9.58 13.87
C5 PCW O . 10.79 8.86 14.03
C6 PCW O . 11.42 6.82 15.15
C7 PCW O . 9.21 7.55 15.24
C8 PCW O . 10.73 8.69 16.50
C11 PCW O . 14.76 5.35 10.55
C12 PCW O . 15.71 4.19 10.37
C13 PCW O . 17.12 4.60 10.95
C14 PCW O . 18.19 3.52 10.85
C15 PCW O . 19.57 3.87 11.50
C16 PCW O . 20.71 2.99 10.89
C17 PCW O . 22.19 3.51 11.05
C18 PCW O . 23.01 3.44 9.76
C19 PCW O . 24.16 2.42 9.82
C20 PCW O . 24.53 1.65 8.72
C21 PCW O . 24.01 1.58 7.33
C22 PCW O . 24.64 0.31 6.68
C23 PCW O . 23.69 -0.64 5.91
C24 PCW O . 24.30 -1.83 5.25
C25 PCW O . 24.42 -3.20 5.98
C26 PCW O . 25.44 -4.18 5.44
C27 PCW O . 26.71 -4.45 6.27
C28 PCW O . 27.94 -4.41 5.39
C31 PCW O . 16.64 9.14 8.35
C32 PCW O . 17.47 9.03 7.06
C33 PCW O . 18.14 7.60 6.79
C34 PCW O . 19.05 7.58 5.56
C35 PCW O . 18.08 7.64 4.31
C36 PCW O . 18.85 7.72 2.96
C37 PCW O . 17.95 7.78 1.69
C38 PCW O . 18.50 6.95 0.57
C39 PCW O . 17.65 7.01 -0.68
C40 PCW O . 17.00 6.00 -1.25
C41 PCW O . 17.03 4.57 -0.73
C42 PCW O . 17.44 3.61 -1.95
C43 PCW O . 17.62 2.14 -1.67
C44 PCW O . 18.01 1.48 -2.99
C45 PCW O . 19.50 1.24 -3.17
C46 PCW O . 19.96 1.37 -4.59
C47 PCW O . 20.23 2.78 -5.09
C48 PCW O . 20.70 2.77 -6.55
N PCW O . 10.55 8.02 15.17
O2 PCW O . 15.52 8.45 8.17
O3 PCW O . 14.63 6.00 9.35
O11 PCW O . 14.21 5.66 11.57
O31 PCW O . 16.97 9.79 9.37
O1P PCW O . 14.47 9.83 12.18
O2P PCW O . 13.41 11.98 11.53
O3P PCW O . 12.71 9.79 10.37
O4P PCW O . 12.07 10.34 12.65
P PCW O . 13.24 10.52 11.71
C1 PCW P . 7.18 -2.68 17.21
C2 PCW P . 7.00 -3.91 18.19
C3 PCW P . 6.94 -5.23 17.36
C4 PCW P . 6.16 1.06 16.28
C5 PCW P . 6.63 1.18 14.83
C6 PCW P . 5.45 1.19 12.56
C7 PCW P . 5.67 3.26 13.86
C8 PCW P . 7.02 2.23 13.12
C11 PCW P . 5.82 -7.27 17.93
C12 PCW P . 5.80 -8.37 18.95
C13 PCW P . 6.21 -9.71 18.25
C14 PCW P . 6.25 -10.94 19.16
C15 PCW P . 7.57 -11.75 19.15
C16 PCW P . 7.29 -13.29 19.23
C17 PCW P . 6.79 -13.85 20.61
C18 PCW P . 7.91 -14.12 21.61
C19 PCW P . 7.53 -13.71 23.06
C20 PCW P . 7.07 -14.62 24.00
C21 PCW P . 6.80 -16.09 23.92
C22 PCW P . 6.88 -16.61 25.39
C23 PCW P . 5.60 -16.56 26.25
C24 PCW P . 4.50 -17.51 25.88
C25 PCW P . 3.06 -17.33 26.44
C26 PCW P . 1.92 -17.53 25.46
C27 PCW P . 1.08 -18.83 25.59
C28 PCW P . 0.27 -19.05 24.33
C31 PCW P . 7.91 -3.70 20.38
C32 PCW P . 9.20 -3.85 21.19
C33 PCW P . 9.77 -5.33 21.32
C34 PCW P . 11.20 -5.40 21.86
C35 PCW P . 11.33 -6.81 22.57
C36 PCW P . 12.42 -6.82 23.65
C37 PCW P . 12.60 -8.17 24.40
C38 PCW P . 13.98 -8.74 24.22
C39 PCW P . 14.18 -10.04 24.94
C40 PCW P . 15.31 -10.73 25.05
C41 PCW P . 16.64 -10.31 24.45
C42 PCW P . 17.77 -10.50 25.57
C43 PCW P . 18.22 -11.91 25.91
C44 PCW P . 19.28 -11.79 27.00
C45 PCW P . 20.67 -11.43 26.50
C46 PCW P . 21.72 -12.43 26.89
C47 PCW P . 23.15 -12.07 26.56
C48 PCW P . 24.12 -13.17 27.00
N PCW P . 5.79 1.81 13.87
O2 PCW P . 8.18 -4.01 19.11
O3 PCW P . 6.77 -6.36 18.25
O11 PCW P . 5.09 -7.21 16.97
O31 PCW P . 6.78 -3.35 20.84
O1P PCW P . 5.79 -0.69 18.59
O2P PCW P . 7.91 0.39 19.36
O3P PCW P . 8.00 -1.62 17.76
O4P PCW P . 7.31 0.60 17.05
P PCW P . 7.21 -0.30 18.26
C1 PCW Q . -7.17 -1.18 15.16
C2 PCW Q . -5.60 -1.17 15.12
C3 PCW Q . -5.02 -0.92 16.57
C4 PCW Q . -10.31 -3.18 11.94
C5 PCW Q . -9.73 -3.50 10.56
C6 PCW Q . -7.59 -4.87 10.72
C7 PCW Q . -9.48 -5.67 9.39
C8 PCW Q . -8.45 -4.17 9.10
C11 PCW Q . -2.89 -1.36 17.59
C12 PCW Q . -1.41 -1.29 17.31
C13 PCW Q . -0.97 -2.67 16.68
C14 PCW Q . 0.51 -2.78 16.33
C15 PCW Q . 1.34 -3.75 17.23
C16 PCW Q . 2.57 -4.32 16.45
C17 PCW Q . 3.73 -3.32 16.11
C18 PCW Q . 4.12 -3.32 14.63
C19 PCW Q . 5.19 -2.26 14.28
C20 PCW Q . 5.81 -2.21 13.05
C21 PCW Q . 5.67 -3.03 11.81
C22 PCW Q . 5.90 -2.08 10.61
C23 PCW Q . 6.67 -2.65 9.38
C24 PCW Q . 8.15 -2.68 9.47
C25 PCW Q . 8.95 -3.98 9.17
C26 PCW Q . 10.43 -3.96 9.48
C27 PCW Q . 11.24 -5.25 9.23
C28 PCW Q . 12.60 -4.91 8.67
C31 PCW Q . -4.11 -2.41 13.75
C32 PCW Q . -3.70 -3.84 13.37
C33 PCW Q . -2.19 -4.02 12.87
C34 PCW Q . -2.05 -4.05 11.35
C35 PCW Q . -2.09 -5.59 10.97
C36 PCW Q . -1.38 -5.89 9.63
C37 PCW Q . -1.39 -7.40 9.19
C38 PCW Q . -1.39 -7.54 7.71
C39 PCW Q . -1.40 -8.98 7.27
C40 PCW Q . -0.44 -9.62 6.61
C41 PCW Q . 0.87 -8.98 6.16
C42 PCW Q . 2.02 -10.08 6.27
C43 PCW Q . 3.46 -9.64 6.17
C44 PCW Q . 4.33 -10.89 6.30
C45 PCW Q . 4.97 -11.36 5.02
C46 PCW Q . 5.92 -12.51 5.20
C47 PCW Q . 5.91 -13.57 4.12
C48 PCW Q . 6.91 -14.69 4.42
N PCW Q . -9.01 -4.72 10.37
O2 PCW Q . -5.09 -2.48 14.65
O3 PCW Q . -3.58 -0.91 16.51
O11 PCW Q . -3.38 -1.77 18.61
O31 PCW Q . -3.60 -1.35 13.29
O1P PCW Q . -10.05 -2.80 14.81
O2P PCW Q . -9.82 -0.40 14.19
O3P PCW Q . -7.78 -1.98 14.13
O4P PCW Q . -9.55 -2.05 12.46
P PCW Q . -9.36 -1.80 13.95
C1 PCW R . -30.48 -1.65 -8.67
C2 PCW R . -30.55 -2.78 -9.78
C3 PCW R . -31.63 -2.43 -10.86
C4 PCW R . -28.33 2.43 -7.92
C5 PCW R . -28.22 3.87 -8.42
C6 PCW R . -26.76 3.95 -10.34
C7 PCW R . -25.84 3.91 -8.19
C8 PCW R . -26.82 5.85 -8.86
C11 PCW R . -31.37 -3.15 -13.14
C12 PCW R . -31.54 -4.36 -14.01
C13 PCW R . -30.20 -5.19 -13.96
C14 PCW R . -30.21 -6.47 -14.80
C15 PCW R . -28.83 -7.18 -14.99
C16 PCW R . -28.76 -7.92 -16.37
C17 PCW R . -29.27 -9.40 -16.42
C18 PCW R . -28.15 -10.41 -16.65
C19 PCW R . -28.06 -10.88 -18.13
C20 PCW R . -28.03 -12.22 -18.48
C21 PCW R . -28.08 -13.47 -17.68
C22 PCW R . -29.45 -14.15 -18.00
C23 PCW R . -29.52 -15.69 -17.82
C24 PCW R . -29.38 -16.52 -19.06
C25 PCW R . -28.58 -17.86 -19.05
C26 PCW R . -27.29 -17.87 -19.84
C27 PCW R . -26.52 -19.20 -19.93
C28 PCW R . -25.17 -19.07 -19.26
C31 PCW R . -28.66 -4.09 -10.34
C32 PCW R . -27.32 -4.05 -11.09
C33 PCW R . -26.96 -5.35 -11.94
C34 PCW R . -26.47 -6.52 -11.10
C35 PCW R . -26.59 -7.79 -12.03
C36 PCW R . -27.81 -8.68 -11.68
C37 PCW R . -28.00 -9.96 -12.56
C38 PCW R . -28.50 -11.12 -11.77
C39 PCW R . -28.68 -12.36 -12.60
C40 PCW R . -28.85 -13.60 -12.16
C41 PCW R . -28.88 -14.00 -10.70
C42 PCW R . -29.78 -15.31 -10.56
C43 PCW R . -29.22 -16.48 -9.77
C44 PCW R . -30.27 -17.58 -9.81
C45 PCW R . -29.95 -18.80 -9.00
C46 PCW R . -31.08 -19.25 -8.10
C47 PCW R . -30.68 -19.99 -6.85
C48 PCW R . -31.92 -20.39 -6.02
N PCW R . -26.98 4.37 -8.93
O2 PCW R . -29.24 -2.89 -10.46
O3 PCW R . -31.69 -3.46 -11.85
O11 PCW R . -31.04 -2.06 -13.53
O31 PCW R . -29.14 -5.08 -9.71
O1P PCW R . -28.05 -0.45 -7.79
O2P PCW R . -27.83 -0.24 -10.27
O3P PCW R . -30.16 -0.34 -9.18
O4P PCW R . -28.73 1.61 -9.05
P PCW R . -28.62 0.10 -9.07
C1 PCW S . -12.03 4.11 -10.32
C2 PCW S . -13.42 3.43 -9.98
C3 PCW S . -14.17 3.02 -11.30
C4 PCW S . -14.70 7.49 -11.89
C5 PCW S . -15.37 6.51 -12.87
C6 PCW S . -16.63 7.97 -14.29
C7 PCW S . -17.64 7.09 -12.38
C8 PCW S . -17.31 5.68 -14.15
C11 PCW S . -16.53 3.21 -10.91
C12 PCW S . -17.72 2.37 -10.54
C13 PCW S . -19.00 2.99 -11.21
C14 PCW S . -20.31 2.26 -10.93
C15 PCW S . -20.35 0.76 -11.34
C16 PCW S . -21.63 0.06 -10.76
C17 PCW S . -21.49 -0.65 -9.37
C18 PCW S . -22.70 -1.51 -9.00
C19 PCW S . -23.30 -1.13 -7.63
C20 PCW S . -24.10 -2.01 -6.91
C21 PCW S . -24.58 -3.39 -7.18
C22 PCW S . -23.80 -4.33 -6.21
C23 PCW S . -23.79 -5.84 -6.55
C24 PCW S . -22.55 -6.60 -6.20
C25 PCW S . -22.61 -8.09 -5.74
C26 PCW S . -22.83 -9.12 -6.82
C27 PCW S . -21.69 -10.13 -7.10
C28 PCW S . -20.93 -9.72 -8.35
C31 PCW S . -13.69 2.21 -7.96
C32 PCW S . -13.42 0.86 -7.28
C33 PCW S . -12.15 0.04 -7.83
C34 PCW S . -11.58 -0.94 -6.80
C35 PCW S . -12.64 -2.10 -6.67
C36 PCW S . -12.07 -3.47 -7.11
C37 PCW S . -13.07 -4.68 -7.01
C38 PCW S . -14.02 -4.70 -8.16
C39 PCW S . -15.00 -5.84 -8.10
C40 PCW S . -15.06 -6.89 -8.91
C41 PCW S . -14.12 -7.13 -10.08
C42 PCW S . -13.80 -8.69 -10.15
C43 PCW S . -14.57 -9.54 -11.14
C44 PCW S . -14.06 -10.97 -10.99
C45 PCW S . -14.70 -11.99 -11.89
C46 PCW S . -15.99 -12.53 -11.37
C47 PCW S . -16.06 -14.02 -11.13
C48 PCW S . -17.45 -14.43 -10.61
N PCW S . -16.67 6.80 -13.40
O2 PCW S . -13.21 2.17 -9.21
O3 PCW S . -15.42 2.41 -10.98
O11 PCW S . -16.55 4.39 -11.12
O31 PCW S . -14.28 3.20 -7.43
O1P PCW S . -13.44 6.40 -9.54
O2P PCW S . -11.41 7.53 -10.46
O3P PCW S . -12.10 5.18 -11.29
O4P PCW S . -13.30 7.19 -11.92
P PCW S . -12.56 6.62 -10.73
C1 PCW T . 16.75 18.34 -1.07
C2 PCW T . 16.67 16.94 -1.78
C3 PCW T . 15.66 16.02 -1.04
C4 PCW T . 13.12 18.06 -3.32
C5 PCW T . 13.00 18.05 -4.84
C6 PCW T . 11.41 17.23 -6.66
C7 PCW T . 10.77 19.09 -5.19
C8 PCW T . 12.15 19.03 -6.42
C11 PCW T . 14.31 14.28 -1.98
C12 PCW T . 14.42 12.95 -2.67
C13 PCW T . 13.99 13.14 -4.17
C14 PCW T . 14.03 11.88 -5.03
C15 PCW T . 15.27 10.95 -4.84
C16 PCW T . 16.40 11.30 -5.86
C17 PCW T . 17.77 11.77 -5.29
C18 PCW T . 18.88 11.81 -6.33
C19 PCW T . 19.64 10.48 -6.46
C20 PCW T . 19.73 9.78 -7.66
C21 PCW T . 19.22 10.07 -9.02
C22 PCW T . 20.26 9.49 -10.03
C23 PCW T . 20.07 8.03 -10.50
C24 PCW T . 21.06 7.02 -9.99
C25 PCW T . 21.02 5.55 -10.50
C26 PCW T . 21.88 5.25 -11.72
C27 PCW T . 22.36 3.79 -11.91
C28 PCW T . 23.83 3.66 -11.60
C31 PCW T . 17.14 17.30 -4.08
C32 PCW T . 16.47 17.46 -5.46
C33 PCW T . 16.34 16.11 -6.32
C34 PCW T . 17.67 15.42 -6.59
C35 PCW T . 18.02 15.78 -8.10
C36 PCW T . 19.28 15.05 -8.61
C37 PCW T . 19.68 15.35 -10.09
C38 PCW T . 18.62 14.94 -11.06
C39 PCW T . 18.98 15.22 -12.49
C40 PCW T . 19.02 14.35 -13.50
C41 PCW T . 18.68 12.88 -13.35
C42 PCW T . 18.96 12.16 -14.74
C43 PCW T . 19.23 10.67 -14.76
C44 PCW T . 19.46 10.27 -16.21
C45 PCW T . 18.68 9.06 -16.66
C46 PCW T . 19.45 7.77 -16.56
C47 PCW T . 18.74 6.53 -17.02
C48 PCW T . 19.64 5.28 -16.87
N PCW T . 11.70 18.00 -5.43
O2 PCW T . 16.16 17.11 -3.18
O3 PCW T . 15.56 14.75 -1.70
O11 PCW T . 13.29 14.84 -1.70
O31 PCW T . 18.37 17.35 -3.84
O1P PCW T . 14.03 18.38 -0.59
O2P PCW T . 13.95 20.80 -1.18
O3P PCW T . 16.04 19.40 -1.76
O4P PCW T . 13.93 19.21 -2.96
P PCW T . 14.44 19.45 -1.55
C1 PCW U . 0.53 -7.87 23.95
C2 PCW U . 1.75 -8.60 23.24
C3 PCW U . 3.09 -8.20 23.94
C4 PCW U . 2.22 -3.72 22.93
C5 PCW U . 3.46 -3.09 23.59
C6 PCW U . 4.89 -1.14 22.78
C7 PCW U . 3.09 -0.77 24.39
C8 PCW U . 4.63 -1.77 24.62
C11 PCW U . 5.12 -9.47 24.06
C12 PCW U . 6.16 -10.12 23.18
C13 PCW U . 7.44 -9.21 23.18
C14 PCW U . 8.61 -9.71 22.32
C15 PCW U . 9.65 -10.60 23.05
C16 PCW U . 10.93 -10.79 22.17
C17 PCW U . 10.89 -11.91 21.07
C18 PCW U . 12.03 -11.82 20.06
C19 PCW U . 11.56 -11.96 18.59
C20 PCW U . 11.47 -13.20 17.96
C21 PCW U . 11.77 -14.58 18.41
C22 PCW U . 12.80 -15.18 17.41
C23 PCW U . 12.27 -16.12 16.29
C24 PCW U . 13.25 -17.06 15.67
C25 PCW U . 14.05 -16.66 14.39
C26 PCW U . 14.94 -17.74 13.79
C27 PCW U . 15.94 -17.32 12.69
C28 PCW U . 16.23 -18.49 11.77
C31 PCW U . 1.54 -10.72 22.21
C32 PCW U . 1.40 -12.22 22.49
C33 PCW U . 2.78 -13.01 22.75
C34 PCW U . 3.13 -13.98 21.62
C35 PCW U . 3.44 -15.36 22.34
C36 PCW U . 3.27 -16.57 21.38
C37 PCW U . 3.56 -17.96 22.03
C38 PCW U . 2.86 -19.07 21.29
C39 PCW U . 3.13 -20.43 21.89
C40 PCW U . 3.69 -21.47 21.28
C41 PCW U . 4.17 -21.46 19.84
C42 PCW U . 5.16 -22.70 19.63
C43 PCW U . 5.75 -22.93 18.26
C44 PCW U . 6.64 -24.17 18.35
C45 PCW U . 8.08 -23.95 17.95
C46 PCW U . 8.86 -25.22 17.82
C47 PCW U . 10.28 -25.20 18.36
C48 PCW U . 10.96 -26.56 18.16
N PCW U . 3.69 -1.69 23.45
O2 PCW U . 1.60 -10.07 23.37
O3 PCW U . 4.18 -8.87 23.29
O11 PCW U . 5.12 -9.50 25.26
O31 PCW U . 1.59 -10.19 21.06
O1P PCW U . -0.42 -4.24 24.02
O2P PCW U . 0.87 -5.62 25.66
O3P PCW U . 0.18 -6.60 23.37
O4P PCW U . 1.96 -4.96 23.63
P PCW U . 0.61 -5.31 24.24
C1 PCW V . -13.34 -10.06 21.23
C2 PCW V . -11.88 -10.68 21.16
C3 PCW V . -11.20 -10.61 22.57
C4 PCW V . -11.47 -7.02 18.21
C5 PCW V . -10.14 -7.42 17.58
C6 PCW V . -9.18 -5.46 16.55
C7 PCW V . -10.78 -6.70 15.39
C8 PCW V . -8.70 -7.61 15.57
C11 PCW V . -8.98 -10.80 23.45
C12 PCW V . -7.66 -11.48 23.19
C13 PCW V . -7.70 -12.89 23.90
C14 PCW V . -6.42 -13.73 23.73
C15 PCW V . -5.50 -13.79 24.98
C16 PCW V . -5.39 -15.27 25.50
C17 PCW V . -6.48 -15.77 26.50
C18 PCW V . -5.90 -16.28 27.82
C19 PCW V . -6.03 -17.82 28.00
C20 PCW V . -5.04 -18.70 27.58
C21 PCW V . -3.72 -18.50 26.92
C22 PCW V . -2.66 -18.39 28.06
C23 PCW V . -1.57 -17.30 27.89
C24 PCW V . -0.58 -17.16 29.02
C25 PCW V . 0.09 -18.41 29.66
C26 PCW V . 1.59 -18.37 29.83
C27 PCW V . 2.41 -19.59 29.36
C28 PCW V . 2.35 -20.69 30.39
C31 PCW V . -11.26 -12.44 19.70
C32 PCW V . -11.43 -13.95 19.44
C33 PCW V . -11.08 -14.92 20.68
C34 PCW V . -9.60 -14.92 21.06
C35 PCW V . -8.86 -15.64 19.86
C36 PCW V . -7.87 -16.72 20.33
C37 PCW V . -7.10 -17.47 19.19
C38 PCW V . -6.71 -18.86 19.58
C39 PCW V . -5.98 -19.60 18.49
C40 PCW V . -5.33 -20.76 18.60
C41 PCW V . -5.22 -21.57 19.87
C42 PCW V . -5.47 -23.10 19.50
C43 PCW V . -6.10 -24.00 20.54
C44 PCW V . -6.21 -25.39 19.93
C45 PCW V . -7.42 -26.17 20.37
C46 PCW V . -7.25 -27.66 20.25
C47 PCW V . -7.50 -28.45 21.52
C48 PCW V . -7.29 -29.95 21.27
N PCW V . -9.73 -6.83 16.34
O2 PCW V . -11.97 -12.12 20.78
O3 PCW V . -9.88 -11.17 22.50
O11 PCW V . -9.19 -10.04 24.36
O31 PCW V . -10.56 -11.65 19.00
O1P PCW V . -13.72 -6.54 20.00
O2P PCW V . -12.17 -7.50 21.70
O3P PCW V . -13.60 -9.07 20.22
O4P PCW V . -11.65 -7.85 19.39
P PCW V . -12.79 -7.67 20.37
C1 PCW W . -27.68 -4.76 0.67
C2 PCW W . -28.28 -6.20 0.84
C3 PCW W . -27.14 -7.27 0.82
C4 PCW W . -27.50 -1.85 4.64
C5 PCW W . -26.66 -0.62 4.97
C6 PCW W . -27.94 1.46 5.67
C7 PCW W . -26.37 0.40 7.23
C8 PCW W . -25.98 1.20 5.61
C11 PCW W . -26.89 -9.65 0.81
C12 PCW W . -27.68 -10.93 1.02
C13 PCW W . -27.09 -11.68 2.27
C14 PCW W . -27.78 -13.00 2.62
C15 PCW W . -27.24 -14.26 1.89
C16 PCW W . -28.11 -15.52 2.23
C17 PCW W . -27.81 -16.83 1.43
C18 PCW W . -26.66 -17.65 2.03
C19 PCW W . -26.61 -19.10 1.46
C20 PCW W . -25.87 -19.43 0.34
C21 PCW W . -25.01 -18.63 -0.57
C22 PCW W . -25.15 -19.26 -1.98
C23 PCW W . -25.89 -18.41 -3.05
C24 PCW W . -25.20 -18.24 -4.38
C25 PCW W . -25.89 -18.69 -5.69
C26 PCW W . -25.31 -18.12 -6.99
C27 PCW W . -26.08 -16.98 -7.68
C28 PCW W . -25.40 -15.65 -7.40
C31 PCW W . -30.31 -6.35 2.06
C32 PCW W . -30.87 -6.46 3.49
C33 PCW W . -30.24 -7.62 4.39
C34 PCW W . -30.71 -9.02 4.00
C35 PCW W . -31.53 -9.55 5.25
C36 PCW W . -32.64 -10.54 4.86
C37 PCW W . -33.49 -11.09 6.05
C38 PCW W . -34.53 -12.06 5.59
C39 PCW W . -35.36 -12.61 6.72
C40 PCW W . -35.14 -13.72 7.42
C41 PCW W . -33.97 -14.66 7.18
C42 PCW W . -34.49 -15.91 6.34
C43 PCW W . -34.59 -17.26 7.03
C44 PCW W . -35.12 -18.25 6.00
C45 PCW W . -34.17 -19.35 5.62
C46 PCW W . -34.62 -20.19 4.46
C47 PCW W . -33.60 -20.45 3.38
C48 PCW W . -34.21 -21.31 2.25
N PCW W . -27.10 0.29 5.99
O2 PCW W . -28.98 -6.30 2.15
O3 PCW W . -27.71 -8.58 0.97
O11 PCW W . -25.72 -9.61 0.56
O31 PCW W . -30.99 -6.31 1.00
O1P PCW W . -27.67 -4.70 4.08
O2P PCW W . -25.67 -4.26 2.68
O3P PCW W . -28.02 -3.84 1.74
O4P PCW W . -26.99 -2.38 3.39
P PCW W . -27.04 -3.86 3.02
C1 PCW X . 21.67 15.72 1.75
C2 PCW X . 21.96 14.56 0.71
C3 PCW X . 22.08 15.15 -0.73
C4 PCW X . 25.13 17.35 3.62
C5 PCW X . 26.30 17.28 4.61
C6 PCW X . 28.18 18.97 4.25
C7 PCW X . 26.88 18.97 6.33
C8 PCW X . 28.00 17.64 5.69
C11 PCW X . 23.63 13.91 -2.09
C12 PCW X . 23.68 12.76 -3.07
C13 PCW X . 24.77 11.74 -2.58
C14 PCW X . 24.95 10.51 -3.48
C15 PCW X . 26.42 10.15 -3.84
C16 PCW X . 26.70 10.47 -5.36
C17 PCW X . 27.76 11.59 -5.66
C18 PCW X . 28.51 11.38 -6.98
C19 PCW X . 29.66 12.40 -7.19
C20 PCW X . 30.99 12.01 -7.26
C21 PCW X . 31.65 10.68 -7.16
C22 PCW X . 33.11 10.87 -7.67
C23 PCW X . 34.25 10.69 -6.64
C24 PCW X . 34.58 9.28 -6.22
C25 PCW X . 36.00 8.92 -5.71
C26 PCW X . 36.25 9.13 -4.22
C27 PCW X . 37.71 9.33 -3.76
C28 PCW X . 38.08 8.29 -2.74
C31 PCW X . 23.12 12.80 1.78
C32 PCW X . 24.53 12.23 2.03
C33 PCW X . 24.90 10.95 1.14
C34 PCW X . 26.38 10.90 0.75
C35 PCW X . 26.78 9.36 0.79
C36 PCW X . 27.56 8.92 -0.46
C37 PCW X . 27.98 7.41 -0.48
C38 PCW X . 29.46 7.24 -0.49
C39 PCW X . 29.89 5.79 -0.51
C40 PCW X . 31.13 5.31 -0.41
C41 PCW X . 32.36 6.18 -0.25
C42 PCW X . 33.58 5.22 0.12
C43 PCW X . 34.86 5.34 -0.69
C44 PCW X . 35.83 4.32 -0.12
C45 PCW X . 35.98 3.06 -0.95
C46 PCW X . 37.31 2.94 -1.63
C47 PCW X . 37.70 1.55 -2.10
C48 PCW X . 39.06 1.54 -2.79
N PCW X . 26.99 18.48 4.97
O2 PCW X . 23.24 13.90 1.04
O3 PCW X . 22.35 14.09 -1.67
O11 PCW X . 24.58 14.57 -1.75
O31 PCW X . 22.05 12.30 2.22
O1P PCW X . 22.34 17.98 3.14
O2P PCW X . 22.00 16.77 5.29
O3P PCW X . 22.15 15.45 3.08
O4P PCW X . 24.09 16.48 4.15
P PCW X . 22.61 16.74 3.93
C1 PCW Y . 15.55 5.41 16.04
C2 PCW Y . 16.51 4.20 16.38
C3 PCW Y . 16.16 2.96 15.50
C4 PCW Y . 15.31 4.75 19.95
C5 PCW Y . 15.62 3.26 19.81
C6 PCW Y . 14.08 2.28 21.58
C7 PCW Y . 14.59 1.02 19.53
C8 PCW Y . 15.75 1.52 20.88
C11 PCW Y . 17.76 1.29 14.82
C12 PCW Y . 18.63 0.20 15.39
C13 PCW Y . 18.69 -0.98 14.35
C14 PCW Y . 19.55 -2.17 14.78
C15 PCW Y . 20.96 -2.26 14.13
C16 PCW Y . 21.53 -3.72 14.22
C17 PCW Y . 22.97 -3.90 14.82
C18 PCW Y . 23.73 -5.08 14.20
C19 PCW Y . 25.13 -4.69 13.69
C20 PCW Y . 25.40 -4.48 12.34
C21 PCW Y . 24.55 -4.55 11.13
C22 PCW Y . 25.14 -5.69 10.24
C23 PCW Y . 24.37 -6.06 8.94
C24 PCW Y . 24.59 -7.43 8.40
C25 PCW Y . 24.50 -7.72 6.87
C26 PCW Y . 25.75 -8.28 6.22
C27 PCW Y . 25.64 -9.62 5.47
C28 PCW Y . 27.02 -10.17 5.17
C31 PCW Y . 18.59 5.08 17.11
C32 PCW Y . 20.01 5.43 16.64
C33 PCW Y . 20.10 6.57 15.52
C34 PCW Y . 20.76 6.11 14.23
C35 PCW Y . 20.28 7.13 13.12
C36 PCW Y . 21.35 7.39 12.04
C37 PCW Y . 20.96 8.39 10.91
C38 PCW Y . 22.13 8.80 10.09
C39 PCW Y . 21.76 9.77 8.98
C40 PCW Y . 22.54 10.21 8.00
C41 PCW Y . 24.00 9.80 7.84
C42 PCW Y . 24.25 9.48 6.29
C43 PCW Y . 25.48 8.66 5.92
C44 PCW Y . 25.47 8.51 4.41
C45 PCW Y . 25.67 7.11 3.89
C46 PCW Y . 24.84 6.78 2.68
C47 PCW Y . 24.27 5.38 2.61
C48 PCW Y . 23.45 5.18 1.33
N PCW Y . 14.66 2.30 20.22
O2 PCW Y . 17.92 4.59 16.07
O3 PCW Y . 17.05 1.87 15.83
O11 PCW Y . 17.70 1.61 13.66
O31 PCW Y . 18.14 5.25 18.29
O1P PCW Y . 15.47 7.56 19.19
O2P PCW Y . 13.41 7.01 17.89
O3P PCW Y . 15.73 6.56 16.90
O4P PCW Y . 14.77 5.19 18.68
P PCW Y . 14.80 6.63 18.21
C1 PCW Z . -5.33 -4.27 18.28
C2 PCW Z . -4.63 -5.68 18.16
C3 PCW Z . -3.08 -5.52 18.21
C4 PCW Z . -3.83 -3.07 21.33
C5 PCW Z . -4.13 -1.96 22.34
C6 PCW Z . -3.30 -0.35 24.14
C7 PCW Z . -1.72 -1.74 22.91
C8 PCW Z . -2.79 -0.40 22.24
C11 PCW Z . -1.30 -7.02 18.79
C12 PCW Z . -0.83 -8.43 18.56
C13 PCW Z . 0.27 -8.42 17.43
C14 PCW Z . 0.85 -9.79 17.08
C15 PCW Z . 2.32 -10.04 17.51
C16 PCW Z . 2.53 -11.54 17.92
C17 PCW Z . 3.17 -12.49 16.86
C18 PCW Z . 2.69 -13.94 16.95
C19 PCW Z . 3.79 -14.90 17.47
C20 PCW Z . 3.86 -16.22 17.08
C21 PCW Z . 3.03 -17.04 16.17
C22 PCW Z . 3.03 -18.49 16.73
C23 PCW Z . 1.97 -19.47 16.18
C24 PCW Z . 2.06 -20.89 16.62
C25 PCW Z . 0.93 -21.54 17.47
C26 PCW Z . 0.95 -23.05 17.58
C27 PCW Z . 0.84 -23.67 18.99
C28 PCW Z . 2.01 -24.59 19.25
C31 PCW Z . -6.19 -7.18 19.15
C32 PCW Z . -6.45 -8.02 20.42
C33 PCW Z . -7.19 -9.41 20.17
C34 PCW Z . -6.23 -10.59 19.96
C35 PCW Z . -6.47 -11.08 18.49
C36 PCW Z . -6.88 -12.57 18.42
C37 PCW Z . -7.14 -13.13 16.97
C38 PCW Z . -8.56 -13.53 16.78
C39 PCW Z . -8.85 -14.07 15.40
C40 PCW Z . -10.04 -14.34 14.87
C41 PCW Z . -11.36 -14.12 15.59
C42 PCW Z . -12.08 -15.53 15.72
C43 PCW Z . -12.74 -16.14 14.49
C44 PCW Z . -13.34 -17.48 14.91
C45 PCW Z . -14.56 -17.91 14.13
C46 PCW Z . -14.92 -19.35 14.32
C47 PCW Z . -14.75 -20.25 13.13
C48 PCW Z . -15.13 -21.70 13.46
N PCW Z . -3.10 -1.49 23.22
O2 PCW Z . -5.03 -6.53 19.33
O3 PCW Z . -2.46 -6.81 18.11
O11 PCW Z . -0.73 -6.19 19.46
O31 PCW Z . -6.94 -7.12 18.14
O1P PCW Z . -6.15 -1.88 19.99
O2P PCW Z . -7.43 -3.46 21.41
O3P PCW Z . -6.46 -4.23 19.17
O4P PCW Z . -5.07 -3.84 21.15
P PCW Z . -6.31 -3.29 20.46
C1 PCW AA . -17.55 -3.35 0.25
C2 PCW AA . -18.10 -4.68 -0.40
C3 PCW AA . -17.40 -5.93 0.24
C4 PCW AA . -20.32 0.73 0.27
C5 PCW AA . -20.68 1.68 1.40
C6 PCW AA . -22.46 2.85 2.80
C7 PCW AA . -22.92 0.67 1.77
C8 PCW AA . -21.67 1.07 3.08
C11 PCW AA . -17.25 -7.64 -1.44
C12 PCW AA . -17.95 -8.88 -1.92
C13 PCW AA . -17.18 -10.12 -1.33
C14 PCW AA . -17.76 -11.49 -1.73
C15 PCW AA . -16.99 -12.27 -2.83
C16 PCW AA . -17.90 -13.38 -3.46
C17 PCW AA . -17.99 -13.46 -5.03
C18 PCW AA . -17.76 -14.87 -5.58
C19 PCW AA . -18.97 -15.81 -5.40
C20 PCW AA . -18.84 -17.18 -5.33
C21 PCW AA . -17.64 -18.08 -5.41
C22 PCW AA . -17.63 -18.92 -4.10
C23 PCW AA . -16.25 -19.36 -3.55
C24 PCW AA . -15.51 -18.36 -2.71
C25 PCW AA . -14.10 -18.68 -2.12
C26 PCW AA . -13.84 -18.22 -0.70
C27 PCW AA . -13.09 -19.17 0.25
C28 PCW AA . -13.29 -18.75 1.69
C31 PCW AA . -20.33 -4.87 -1.23
C32 PCW AA . -21.79 -4.99 -0.78
C33 PCW AA . -22.74 -5.80 -1.78
C34 PCW AA . -23.19 -7.15 -1.22
C35 PCW AA . -24.62 -7.41 -1.85
C36 PCW AA . -24.68 -8.72 -2.66
C37 PCW AA . -26.07 -9.05 -3.31
C38 PCW AA . -25.94 -9.95 -4.49
C39 PCW AA . -27.26 -10.28 -5.13
C40 PCW AA . -27.54 -10.26 -6.43
C41 PCW AA . -26.54 -9.92 -7.52
C42 PCW AA . -26.01 -11.28 -8.17
C43 PCW AA . -25.46 -11.24 -9.59
C44 PCW AA . -25.05 -12.66 -9.93
C45 PCW AA . -23.64 -12.82 -10.46
C46 PCW AA . -22.91 -13.99 -9.87
C47 PCW AA . -21.74 -13.67 -8.97
C48 PCW AA . -21.08 -14.95 -8.45
N PCW AA . -22.03 1.82 1.83
O2 PCW AA . -19.57 -4.80 -0.13
O3 PCW AA . -17.92 -7.13 -0.37
O11 PCW AA . -16.26 -7.17 -1.93
O31 PCW AA . -19.91 -4.86 -2.42
O1P PCW AA . -20.68 -2.13 0.63
O2P PCW AA . -18.88 -1.82 2.34
O3P PCW AA . -18.27 -2.16 -0.14
O4P PCW AA . -19.22 -0.09 0.73
P PCW AA . -19.33 -1.59 0.95
C1 PCW BA . -19.75 -2.80 8.96
C2 PCW BA . -19.93 -3.72 7.69
C3 PCW BA . -20.23 -2.85 6.42
C4 PCW BA . -17.51 -2.88 13.17
C5 PCW BA . -16.68 -3.69 14.16
C6 PCW BA . -15.41 -2.19 15.79
C7 PCW BA . -16.87 -3.97 16.62
C8 PCW BA . -15.32 -4.15 15.63
C11 PCW BA . -21.16 -3.24 4.25
C12 PCW BA . -21.17 -4.27 3.14
C13 PCW BA . -21.51 -5.68 3.76
C14 PCW BA . -21.57 -6.83 2.75
C15 PCW BA . -20.79 -8.12 3.16
C16 PCW BA . -19.25 -7.98 2.84
C17 PCW BA . -18.50 -9.27 2.39
C18 PCW BA . -17.37 -9.69 3.34
C19 PCW BA . -15.97 -9.25 2.86
C20 PCW BA . -14.85 -10.06 2.99
C21 PCW BA . -14.66 -11.42 3.53
C22 PCW BA . -14.79 -12.40 2.33
C23 PCW BA . -14.43 -13.89 2.57
C24 PCW BA . -15.50 -14.90 2.31
C25 PCW BA . -16.08 -15.78 3.45
C26 PCW BA . -16.57 -17.16 3.07
C27 PCW BA . -17.20 -18.03 4.17
C28 PCW BA . -16.37 -19.28 4.38
C31 PCW BA . -18.72 -5.75 7.79
C32 PCW BA . -17.37 -6.41 7.45
C33 PCW BA . -17.44 -7.73 6.56
C34 PCW BA . -16.38 -8.76 6.92
C35 PCW BA . -17.06 -9.74 7.96
C36 PCW BA . -17.48 -11.08 7.33
C37 PCW BA . -18.17 -12.10 8.30
C38 PCW BA . -19.61 -11.76 8.53
C39 PCW BA . -20.30 -12.72 9.46
C40 PCW BA . -21.01 -13.79 9.12
C41 PCW BA . -21.26 -14.23 7.69
C42 PCW BA . -20.71 -15.73 7.54
C43 PCW BA . -19.22 -15.94 7.41
C44 PCW BA . -18.99 -17.44 7.29
C45 PCW BA . -18.47 -18.12 8.52
C46 PCW BA . -17.04 -18.56 8.40
C47 PCW BA . -16.63 -19.73 9.27
C48 PCW BA . -15.15 -20.09 9.05
N PCW BA . -16.46 -3.19 15.49
O2 PCW BA . -18.67 -4.48 7.42
O3 PCW BA . -20.39 -3.69 5.28
O11 PCW BA . -21.72 -2.17 4.21
O31 PCW BA . -19.71 -6.35 8.33
O1P PCW BA . -20.09 -2.74 11.87
O2P PCW BA . -19.61 -5.11 11.31
O3P PCW BA . -18.67 -3.21 9.84
O4P PCW BA . -17.79 -3.74 12.04
P PCW BA . -19.11 -3.73 11.30
C1 PCW CA . -3.03 4.38 -1.40
C2 PCW CA . -2.24 3.02 -1.51
C3 PCW CA . -1.93 2.71 -3.01
C4 PCW CA . -4.01 3.47 1.89
C5 PCW CA . -5.28 2.79 1.42
C6 PCW CA . -5.24 0.57 0.15
C7 PCW CA . -6.02 0.66 2.48
C8 PCW CA . -6.79 1.46 0.99
C11 PCW CA . -1.01 0.94 -4.35
C12 PCW CA . -0.27 -0.37 -4.24
C13 PCW CA . 1.21 -0.03 -3.81
C14 PCW CA . 2.13 -1.24 -3.64
C15 PCW CA . 3.66 -0.93 -3.59
C16 PCW CA . 4.28 -0.98 -5.04
C17 PCW CA . 5.56 -1.85 -5.24
C18 PCW CA . 5.27 -3.26 -5.72
C19 PCW CA . 6.29 -3.80 -6.74
C20 PCW CA . 7.15 -4.84 -6.46
C21 PCW CA . 7.35 -5.68 -5.25
C22 PCW CA . 6.58 -7.00 -5.48
C23 PCW CA . 7.34 -8.15 -6.18
C24 PCW CA . 6.88 -9.55 -5.86
C25 PCW CA . 7.35 -10.76 -6.73
C26 PCW CA . 8.75 -11.27 -6.46
C27 PCW CA . 9.24 -12.49 -7.28
C28 PCW CA . 10.73 -12.67 -7.10
C31 PCW CA . -0.69 2.12 0.04
C32 PCW CA . 0.67 2.35 0.69
C33 PCW CA . 1.91 1.65 -0.04
C34 PCW CA . 2.91 2.64 -0.64
C35 PCW CA . 2.32 3.06 -2.05
C36 PCW CA . 3.43 3.25 -3.11
C37 PCW CA . 2.92 3.65 -4.53
C38 PCW CA . 3.45 2.75 -5.59
C39 PCW CA . 2.98 3.12 -6.97
C40 PCW CA . 2.30 2.35 -7.82
C41 PCW CA . 1.88 0.93 -7.53
C42 PCW CA . 2.80 -0.05 -8.39
C43 PCW CA . 2.16 -0.96 -9.41
C44 PCW CA . 3.28 -1.76 -10.06
C45 PCW CA . 3.77 -1.23 -11.38
C46 PCW CA . 5.27 -1.17 -11.48
C47 PCW CA . 5.90 0.20 -11.37
C48 PCW CA . 7.43 0.11 -11.50
N PCW CA . -5.35 1.36 1.39
O2 PCW CA . -0.94 3.12 -0.81
O3 PCW CA . -1.22 1.46 -3.11
O11 PCW CA . -1.40 1.43 -5.38
O31 PCW CA . -1.46 1.14 0.28
O1P PCW CA . -1.41 4.72 1.59
O2P PCW CA . -2.74 6.81 1.45
O3P PCW CA . -2.33 5.41 -0.66
O4P PCW CA . -3.88 4.72 1.14
P PCW CA . -2.54 5.44 0.94
C1 PCW DA . 16.44 -2.17 27.39
C2 PCW DA . 17.84 -1.91 26.70
C3 PCW DA . 18.98 -1.85 27.76
C4 PCW DA . 12.71 0.57 25.68
C5 PCW DA . 12.58 2.03 25.26
C6 PCW DA . 11.62 4.22 25.56
C7 PCW DA . 10.75 2.43 26.77
C8 PCW DA . 10.28 2.51 24.55
C11 PCW DA . 21.29 -2.40 27.44
C12 PCW DA . 22.50 -1.99 26.65
C13 PCW DA . 22.52 -2.79 25.30
C14 PCW DA . 23.69 -2.49 24.37
C15 PCW DA . 25.11 -2.91 24.90
C16 PCW DA . 25.30 -4.46 24.78
C17 PCW DA . 26.73 -5.02 25.08
C18 PCW DA . 27.76 -4.67 24.02
C19 PCW DA . 28.85 -3.70 24.54
C20 PCW DA . 30.04 -3.50 23.86
C21 PCW DA . 30.59 -4.06 22.60
C22 PCW DA . 32.14 -4.07 22.75
C23 PCW DA . 32.98 -4.37 21.49
C24 PCW DA . 33.18 -3.24 20.53
C25 PCW DA . 34.24 -2.13 20.80
C26 PCW DA . 33.80 -0.71 20.50
C27 PCW DA . 34.88 0.32 20.12
C28 PCW DA . 34.60 1.65 20.76
C31 PCW DA . 18.19 -4.25 26.24
C32 PCW DA . 18.54 -5.24 25.11
C33 PCW DA . 19.61 -6.36 25.48
C34 PCW DA . 20.16 -7.10 24.26
C35 PCW DA . 21.55 -6.41 23.93
C36 PCW DA . 21.71 -6.11 22.42
C37 PCW DA . 23.05 -5.43 22.03
C38 PCW DA . 23.90 -6.32 21.18
C39 PCW DA . 25.20 -5.67 20.79
C40 PCW DA . 25.64 -5.42 19.55
C41 PCW DA . 24.86 -5.76 18.29
C42 PCW DA . 25.67 -6.88 17.49
C43 PCW DA . 24.91 -7.76 16.50
C44 PCW DA . 25.92 -8.73 15.91
C45 PCW DA . 26.27 -8.48 14.46
C46 PCW DA . 27.44 -9.30 13.98
C47 PCW DA . 28.32 -8.68 12.92
C48 PCW DA . 29.47 -9.61 12.53
N PCW DA . 11.37 2.76 25.52
O2 PCW DA . 18.16 -3.02 25.73
O3 PCW DA . 20.24 -1.62 27.10
O11 PCW DA . 21.27 -3.28 28.25
O31 PCW DA . 17.97 -4.57 27.45
O1P PCW DA . 13.36 -0.97 28.06
O2P PCW DA . 15.42 0.46 28.06
O3P PCW DA . 15.31 -1.68 26.62
O4P PCW DA . 14.10 0.36 26.04
P PCW DA . 14.53 -0.43 27.27
C1 PCW EA . -6.33 3.11 -4.49
C2 PCW EA . -6.27 1.58 -4.86
C3 PCW EA . -6.18 1.40 -6.42
C4 PCW EA . -7.92 6.30 -1.58
C5 PCW EA . -8.06 7.51 -2.50
C6 PCW EA . -9.99 6.66 -3.94
C7 PCW EA . -9.61 9.07 -3.65
C8 PCW EA . -8.51 7.83 -4.47
C11 PCW EA . -7.31 -0.67 -6.90
C12 PCW EA . -7.01 -2.11 -7.22
C13 PCW EA . -6.96 -2.27 -8.79
C14 PCW EA . -6.68 -3.69 -9.28
C15 PCW EA . -7.10 -3.99 -10.75
C16 PCW EA . -6.86 -5.50 -11.09
C17 PCW EA . -6.51 -5.85 -12.59
C18 PCW EA . -5.09 -6.40 -12.76
C19 PCW EA . -4.89 -7.10 -14.13
C20 PCW EA . -4.05 -8.20 -14.27
C21 PCW EA . -3.20 -8.93 -13.31
C22 PCW EA . -2.72 -10.23 -14.02
C23 PCW EA . -1.58 -11.04 -13.35
C24 PCW EA . -0.35 -11.30 -14.18
C25 PCW EA . 0.00 -12.73 -14.67
C26 PCW EA . 1.38 -12.93 -15.27
C27 PCW EA . 2.23 -14.12 -14.77
C28 PCW EA . 2.00 -15.33 -15.64
C31 PCW EA . -5.30 -0.21 -3.65
C32 PCW EA . -3.97 -0.74 -3.09
C33 PCW EA . -3.58 -2.22 -3.56
C34 PCW EA . -4.28 -3.32 -2.75
C35 PCW EA . -4.23 -4.62 -3.65
C36 PCW EA . -5.55 -4.86 -4.41
C37 PCW EA . -5.57 -6.14 -5.32
C38 PCW EA . -5.30 -5.81 -6.75
C39 PCW EA . -5.32 -7.03 -7.64
C40 PCW EA . -4.28 -7.68 -8.15
C41 PCW EA . -2.83 -7.30 -7.89
C42 PCW EA . -2.27 -8.21 -6.71
C43 PCW EA . -1.02 -9.03 -6.95
C44 PCW EA . -0.72 -9.79 -5.67
C45 PCW EA . 0.14 -11.02 -5.84
C46 PCW EA . -0.63 -12.31 -5.85
C47 PCW EA . -0.21 -13.34 -6.88
C48 PCW EA . -1.08 -14.60 -6.79
N PCW EA . -9.29 7.73 -3.21
O2 PCW EA . -5.06 0.94 -4.27
O3 PCW EA . -6.13 -0.01 -6.74
O11 PCW EA . -8.40 -0.19 -6.81
O31 PCW EA . -6.42 -0.79 -3.54
O1P PCW EA . -8.34 3.44 -1.34
O2P PCW EA . -5.88 3.34 -1.68
O3P PCW EA . -7.47 3.49 -3.71
O4P PCW EA . -7.02 5.37 -2.25
P PCW EA . -7.17 3.87 -2.17
C1 PCW FA . -17.91 -11.46 21.73
C2 PCW FA . -18.50 -12.44 20.64
C3 PCW FA . -19.12 -11.60 19.46
C4 PCW FA . -15.21 -12.78 25.65
C5 PCW FA . -15.55 -12.81 27.14
C6 PCW FA . -14.91 -13.56 29.49
C7 PCW FA . -13.18 -13.01 27.85
C8 PCW FA . -14.45 -11.88 28.58
C11 PCW FA . -20.86 -13.09 18.69
C12 PCW FA . -21.25 -13.92 17.50
C13 PCW FA . -20.76 -15.40 17.74
C14 PCW FA . -21.08 -16.38 16.61
C15 PCW FA . -21.37 -17.84 17.04
C16 PCW FA . -21.68 -18.72 15.77
C17 PCW FA . -22.20 -20.18 16.02
C18 PCW FA . -23.69 -20.24 16.37
C19 PCW FA . -24.60 -20.47 15.15
C20 PCW FA . -24.94 -21.74 14.71
C21 PCW FA . -24.60 -23.09 15.19
C22 PCW FA . -25.02 -24.09 14.07
C23 PCW FA . -25.20 -25.58 14.47
C24 PCW FA . -25.47 -26.55 13.36
C25 PCW FA . -26.94 -26.95 12.99
C26 PCW FA . -27.10 -27.81 11.76
C27 PCW FA . -27.41 -29.31 11.96
C28 PCW FA . -26.37 -30.15 11.25
C31 PCW FA . -17.53 -14.57 20.25
C32 PCW FA . -16.31 -15.27 19.60
C33 PCW FA . -16.66 -16.35 18.46
C34 PCW FA . -17.26 -15.73 17.20
C35 PCW FA . -16.04 -15.03 16.46
C36 PCW FA . -16.50 -13.88 15.54
C37 PCW FA . -15.35 -13.13 14.77
C38 PCW FA . -15.87 -12.32 13.63
C39 PCW FA . -14.80 -11.59 12.89
C40 PCW FA . -14.40 -11.80 11.63
C41 PCW FA . -15.01 -12.84 10.71
C42 PCW FA . -14.18 -12.84 9.35
C43 PCW FA . -14.52 -13.90 8.30
C44 PCW FA . -13.59 -13.66 7.13
C45 PCW FA . -13.22 -14.90 6.35
C46 PCW FA . -11.79 -14.93 5.90
C47 PCW FA . -10.84 -15.76 6.72
C48 PCW FA . -9.41 -15.69 6.15
N PCW FA . -14.58 -13.28 28.08
O2 PCW FA . -17.39 -13.26 20.06
O3 PCW FA . -19.66 -12.49 18.45
O11 PCW FA . -21.52 -12.95 19.68
O31 PCW FA . -18.47 -15.15 20.85
O1P PCW FA . -15.80 -10.39 24.08
O2P PCW FA . -18.17 -10.99 24.60
O3P PCW FA . -16.95 -12.08 22.62
O4P PCW FA . -16.47 -12.67 24.93
P PCW FA . -16.85 -11.46 24.09
C1 PCW GA . 2.16 5.13 8.88
C2 PCW GA . 3.72 5.42 9.00
C3 PCW GA . 4.01 6.41 10.18
C4 PCW GA . 1.13 6.34 13.10
C5 PCW GA . 2.47 6.99 13.41
C6 PCW GA . 1.87 7.61 15.68
C7 PCW GA . 4.06 7.94 14.95
C8 PCW GA . 3.42 5.80 15.37
C11 PCW GA . 6.04 6.51 11.46
C12 PCW GA . 7.51 6.81 11.31
C13 PCW GA . 8.26 5.46 11.04
C14 PCW GA . 9.78 5.57 10.85
C15 PCW GA . 10.25 5.99 9.43
C16 PCW GA . 9.84 4.92 8.36
C17 PCW GA . 10.98 4.08 7.71
C18 PCW GA . 11.90 4.90 6.79
C19 PCW GA . 11.70 4.58 5.29
C20 PCW GA . 12.66 3.95 4.53
C21 PCW GA . 14.02 3.45 4.86
C22 PCW GA . 14.49 2.60 3.65
C23 PCW GA . 15.36 1.34 3.94
C24 PCW GA . 16.56 1.14 3.07
C25 PCW GA . 17.78 0.31 3.57
C26 PCW GA . 18.92 0.13 2.59
C27 PCW GA . 19.35 -1.31 2.24
C28 PCW GA . 20.57 -1.71 3.04
C31 PCW GA . 5.43 3.89 8.41
C32 PCW GA . 6.10 2.57 8.82
C33 PCW GA . 6.31 1.51 7.64
C34 PCW GA . 7.74 0.98 7.54
C35 PCW GA . 7.69 -0.14 6.41
C36 PCW GA . 9.09 -0.77 6.16
C37 PCW GA . 9.14 -1.88 5.07
C38 PCW GA . 10.40 -2.69 5.15
C39 PCW GA . 10.47 -3.77 4.09
C40 PCW GA . 11.51 -4.56 3.83
C41 PCW GA . 12.83 -4.50 4.55
C42 PCW GA . 13.38 -5.99 4.71
C43 PCW GA . 14.62 -6.22 5.54
C44 PCW GA . 14.92 -7.70 5.52
C45 PCW GA . 16.36 -8.07 5.27
C46 PCW GA . 16.86 -9.17 6.16
C47 PCW GA . 18.36 -9.26 6.35
C48 PCW GA . 18.73 -10.42 7.28
N PCW GA . 2.93 7.08 14.78
O2 PCW GA . 4.45 4.16 9.28
O3 PCW GA . 5.43 6.65 10.25
O11 PCW GA . 5.49 6.20 12.49
O31 PCW GA . 5.77 4.60 7.41
O1P PCW GA . -0.77 6.45 10.91
O2P PCW GA . -0.02 4.11 10.51
O3P PCW GA . 1.32 6.10 9.54
O4P PCW GA . 1.34 5.52 11.91
P PCW GA . 0.39 5.53 10.73
C1 PCW HA . -24.60 -4.74 5.51
C2 PCW HA . -24.82 -6.13 6.23
C3 PCW HA . -26.09 -6.86 5.63
C4 PCW HA . -23.38 -3.51 9.72
C5 PCW HA . -22.51 -4.73 9.99
C6 PCW HA . -24.44 -5.97 11.13
C7 PCW HA . -22.20 -6.97 11.03
C8 PCW HA . -22.73 -5.43 11.92
C11 PCW HA . -26.95 -8.14 7.47
C12 PCW HA . -27.05 -9.56 7.97
C13 PCW HA . -28.45 -10.13 7.52
C14 PCW HA . -28.72 -11.58 7.95
C15 PCW HA . -28.04 -12.67 7.09
C16 PCW HA . -27.83 -13.99 7.93
C17 PCW HA . -26.51 -14.10 8.76
C18 PCW HA . -25.59 -15.22 8.28
C19 PCW HA . -25.98 -16.61 8.85
C20 PCW HA . -25.12 -17.70 8.77
C21 PCW HA . -23.77 -17.88 8.19
C22 PCW HA . -23.60 -19.41 7.87
C23 PCW HA . -22.72 -20.24 8.84
C24 PCW HA . -22.62 -21.71 8.56
C25 PCW HA . -23.28 -22.76 9.51
C26 PCW HA . -22.54 -24.08 9.66
C27 PCW HA . -23.14 -25.32 8.95
C28 PCW HA . -22.47 -25.53 7.62
C31 PCW HA . -23.08 -7.48 7.10
C32 PCW HA . -21.89 -8.37 6.71
C33 PCW HA . -22.10 -9.94 6.94
C34 PCW HA . -23.15 -10.56 6.03
C35 PCW HA . -22.37 -11.60 5.13
C36 PCW HA . -22.98 -11.75 3.72
C37 PCW HA . -22.26 -12.76 2.77
C38 PCW HA . -22.45 -14.17 3.21
C39 PCW HA . -21.76 -15.16 2.30
C40 PCW HA . -21.80 -16.48 2.37
C41 PCW HA . -22.58 -17.25 3.43
C42 PCW HA . -21.53 -18.08 4.31
C43 PCW HA . -21.64 -19.60 4.34
C44 PCW HA . -20.53 -20.10 5.24
C45 PCW HA . -20.48 -21.60 5.43
C46 PCW HA . -19.40 -22.05 6.38
C47 PCW HA . -18.39 -23.02 5.81
C48 PCW HA . -17.35 -23.41 6.88
N PCW HA . -23.08 -5.92 10.56
O2 PCW HA . -23.65 -7.02 5.99
O3 PCW HA . -26.28 -8.12 6.29
O11 PCW HA . -27.41 -7.18 8.03
O31 PCW HA . -23.46 -7.24 8.29
O1P PCW HA . -23.38 -1.71 7.43
O2P PCW HA . -25.68 -2.60 7.12
O3P PCW HA . -23.64 -3.90 6.18
O4P PCW HA . -24.19 -3.82 8.55
P PCW HA . -24.25 -2.93 7.33
C1 PCW IA . -2.56 18.49 -18.69
C2 PCW IA . -2.63 17.35 -19.78
C3 PCW IA . -2.78 17.99 -21.20
C4 PCW IA . -5.46 20.29 -15.68
C5 PCW IA . -6.94 20.22 -15.28
C6 PCW IA . -7.23 22.50 -14.53
C7 PCW IA . -9.11 21.18 -14.96
C8 PCW IA . -7.93 21.94 -16.76
C11 PCW IA . -3.59 17.16 -23.31
C12 PCW IA . -3.49 15.96 -24.22
C13 PCW IA . -4.95 15.47 -24.54
C14 PCW IA . -5.02 14.25 -25.46
C15 PCW IA . -6.18 14.25 -26.50
C16 PCW IA . -7.39 13.36 -26.00
C17 PCW IA . -8.25 12.66 -27.09
C18 PCW IA . -7.61 11.38 -27.64
C19 PCW IA . -7.53 11.37 -29.19
C20 PCW IA . -6.92 10.35 -29.89
C21 PCW IA . -6.22 9.10 -29.46
C22 PCW IA . -7.31 7.98 -29.41
C23 PCW IA . -7.54 7.15 -30.70
C24 PCW IA . -8.96 6.91 -31.09
C25 PCW IA . -9.69 7.86 -32.08
C26 PCW IA . -9.84 7.37 -33.51
C27 PCW IA . -9.09 8.14 -34.61
C28 PCW IA . -7.94 7.31 -35.13
C31 PCW IA . -1.36 15.53 -18.95
C32 PCW IA . 0.01 14.84 -19.07
C33 PCW IA . 0.97 15.02 -17.80
C34 PCW IA . 1.20 16.47 -17.38
C35 PCW IA . 2.14 17.09 -18.49
C36 PCW IA . 3.49 17.59 -17.92
C37 PCW IA . 4.48 18.22 -18.96
C38 PCW IA . 5.39 17.20 -19.53
C39 PCW IA . 6.36 17.78 -20.54
C40 PCW IA . 7.18 17.11 -21.33
C41 PCW IA . 7.32 15.60 -21.35
C42 PCW IA . 7.52 15.14 -22.87
C43 PCW IA . 8.87 14.59 -23.28
C44 PCW IA . 8.78 14.23 -24.75
C45 PCW IA . 9.77 13.21 -25.23
C46 PCW IA . 9.36 11.79 -24.94
C47 PCW IA . 10.45 10.84 -24.52
C48 PCW IA . 9.88 9.43 -24.25
N PCW IA . -7.75 21.40 -15.37
O2 PCW IA . -1.36 16.58 -19.79
O3 PCW IA . -2.84 16.94 -22.19
O11 PCW IA . -4.21 18.16 -23.55
O31 PCW IA . -2.31 15.18 -18.19
O1P PCW IA . -5.11 19.55 -18.44
O2P PCW IA . -5.65 17.26 -17.61
O3P PCW IA . -3.25 18.18 -17.46
O4P PCW IA . -5.04 18.95 -16.01
P PCW IA . -4.83 18.48 -17.43
C1 17F JA . -12.42 16.72 -13.91
N1 17F JA . -13.14 16.61 -16.32
O1 17F JA . -10.29 18.66 -16.46
P1 17F JA . -10.55 17.56 -15.43
C2 17F JA . -13.51 16.35 -14.94
O2 17F JA . -9.72 18.30 -14.39
C3 17F JA . -14.82 17.09 -14.60
O3 17F JA . -11.64 17.79 -14.34
C4 17F JA . -9.55 15.45 -14.21
O4 17F JA . -15.45 17.81 -15.47
C5 17F JA . -8.29 14.53 -14.12
O5 17F JA . -15.33 17.01 -13.49
C6 17F JA . -8.33 13.74 -12.78
O6 17F JA . -9.40 16.51 -15.15
C7 17F JA . -7.41 11.66 -12.27
O7 17F JA . -7.21 12.88 -12.64
C8 17F JA . -6.03 10.95 -12.20
O8 17F JA . -8.43 11.07 -12.00
C9 17F JA . -5.59 10.63 -10.74
O9 17F JA . -8.16 13.65 -15.23
C10 17F JA . -4.19 9.91 -10.60
O10 17F JA . -7.54 15.29 -16.74
C11 17F JA . -3.80 8.96 -11.79
C12 17F JA . -2.39 8.29 -11.57
C17 17F JA . -7.43 14.18 -16.20
C18 17F JA . -6.33 13.23 -16.65
C19 17F JA . -5.32 13.85 -17.66
C20 17F JA . -5.82 13.76 -19.15
C1X 17F JA . -2.05 7.39 -12.76
C1Y 17F JA . -4.78 14.39 -20.11
C1Z 17F JA . -4.55 13.49 -21.34
C2X 17F JA . -0.62 6.68 -12.57
C21 17F JA . -0.60 5.72 -11.33
C22 17F JA . 0.25 4.77 -11.15
C23 17F JA . 1.36 4.38 -12.04
C24 17F JA . 1.76 2.92 -11.93
C25 17F JA . 2.90 2.45 -12.83
C26 17F JA . 2.47 1.82 -14.24
C27 17F JA . 3.61 1.36 -15.11
C28 17F JA . 3.00 0.78 -16.43
C29 17F JA . 4.06 0.73 -17.47
C30 17F JA . 3.61 0.20 -18.79
C31 17F JA . -3.07 13.08 -21.65
C32 17F JA . -2.87 12.18 -22.89
C33 17F JA . -1.77 12.77 -23.77
C34 17F JA . -1.36 12.25 -24.92
C35 17F JA . -1.87 10.99 -25.58
C36 17F JA . -3.17 11.17 -26.42
C37 17F JA . -2.83 11.16 -27.87
C38 17F JA . -3.44 12.31 -28.69
C39 17F JA . -3.03 12.23 -30.18
C40 17F JA . -1.88 13.20 -30.47
C41 17F JA . -0.52 12.42 -30.70
C42 17F JA . -0.22 11.87 -32.10
C1 17F KA . 0.46 2.23 15.85
N1 17F KA . 0.46 4.71 16.19
O1 17F KA . 3.24 1.68 15.26
P1 17F KA . 2.32 2.13 14.13
C2 17F KA . -0.36 3.52 16.03
O2 17F KA . 2.56 3.49 13.56
C3 17F KA . -1.29 3.36 17.24
O3 17F KA . 0.82 2.07 14.51
C4 17F KA . 1.67 1.35 11.71
O4 17F KA . -1.30 4.20 18.22
C5 17F KA . 1.94 0.27 10.62
O5 17F KA . -2.07 2.41 17.31
C6 17F KA . 3.01 0.80 9.62
O6 17F KA . 2.43 1.14 12.89
C7 17F KA . 2.49 -0.29 7.61
O7 17F KA . 3.30 -0.15 8.61
C8 17F KA . 3.06 -1.37 6.68
O8 17F KA . 1.45 0.28 7.36
C9 17F KA . 2.86 -2.81 7.20
O9 17F KA . 2.32 -1.00 11.17
C10 17F KA . 3.43 -3.96 6.29
O10 17F KA . 0.56 -1.99 10.03
C11 17F KA . 2.35 -4.67 5.39
C12 17F KA . 3.00 -5.80 4.50
C17 17F KA . 1.40 -1.92 10.95
C18 17F KA . 1.45 -3.01 11.99
C19 17F KA . 2.15 -4.31 11.52
C20 17F KA . 1.75 -5.56 12.40
C1X 17F KA . 1.92 -6.48 3.64
C1Y 17F KA . 2.47 -6.83 11.91
C1Z 17F KA . 1.46 -7.97 11.69
C2X 17F KA . 2.53 -7.64 2.71
C21 17F KA . 2.78 -7.16 1.25
C22 17F KA . 3.55 -7.76 0.41
C23 17F KA . 4.34 -8.99 0.62
C24 17F KA . 5.76 -8.75 1.12
C25 17F KA . 6.60 -9.99 1.35
C26 17F KA . 7.75 -9.85 2.47
C27 17F KA . 8.58 -11.11 2.68
C28 17F KA . 9.65 -10.79 3.80
C29 17F KA . 10.47 -11.99 4.02
C30 17F KA . 11.53 -11.84 5.08
C31 17F KA . 1.17 -8.89 12.92
C32 17F KA . 0.15 -10.02 12.67
C33 17F KA . 0.49 -11.21 13.58
C34 17F KA . -0.19 -12.35 13.61
C35 17F KA . -1.41 -12.71 12.78
C36 17F KA . -1.47 -14.20 12.34
C37 17F KA . -0.71 -14.35 11.08
C38 17F KA . -1.55 -14.15 9.79
C39 17F KA . -0.69 -14.33 8.52
C40 17F KA . -1.24 -15.49 7.66
C41 17F KA . -0.39 -15.66 6.34
C42 17F KA . -0.47 -16.98 5.56
C1 17F LA . -4.18 18.52 -7.33
N1 17F LA . -4.00 16.43 -5.96
O1 17F LA . -2.28 20.13 -10.15
P1 17F LA . -3.23 19.06 -9.63
C2 17F LA . -3.75 17.86 -6.01
O2 17F LA . -4.69 19.27 -9.90
C3 17F LA . -4.45 18.55 -4.82
O3 17F LA . -3.07 18.84 -8.10
C4 17F LA . -3.66 16.48 -9.91
O4 17F LA . -5.15 17.89 -3.96
C5 17F LA . -3.16 15.19 -10.62
O5 17F LA . -4.36 19.76 -4.67
C6 17F LA . -3.26 15.37 -12.16
O6 17F LA . -2.90 17.64 -10.25
C7 17F LA . -3.64 13.59 -13.64
O7 17F LA . -2.81 14.21 -12.86
C8 17F LA . -2.88 12.40 -14.28
O8 17F LA . -4.78 13.82 -13.91
C9 17F LA . -2.03 12.81 -15.50
O9 17F LA . -1.83 14.82 -10.22
C10 17F LA . -1.24 11.65 -16.21
O10 17F LA . -2.71 12.81 -9.47
C11 17F LA . -1.55 11.48 -17.74
C12 17F LA . -0.72 10.29 -18.37
C17 17F LA . -1.79 13.63 -9.64
C18 17F LA . -0.41 13.30 -9.11
C19 17F LA . 0.07 11.86 -9.43
C20 17F LA . 0.44 11.67 -10.95
C1X 17F LA . -1.04 10.15 -19.87
C1Y 17F LA . 0.91 10.22 -11.22
C1Z 17F LA . 1.50 10.09 -12.63
C2X 17F LA . -0.22 8.96 -20.56
C21 17F LA . -0.77 8.59 -21.96
C22 17F LA . -0.04 8.20 -22.96
C23 17F LA . 1.42 8.03 -22.98
C24 17F LA . 2.11 8.82 -24.07
C25 17F LA . 3.63 8.69 -24.15
C26 17F LA . 4.19 7.42 -24.94
C27 17F LA . 5.70 7.32 -24.99
C28 17F LA . 6.06 6.01 -25.80
C29 17F LA . 6.72 6.41 -27.06
C30 17F LA . 7.12 5.26 -27.94
C31 17F LA . 2.81 10.88 -12.93
C32 17F LA . 3.38 10.72 -14.37
C33 17F LA . 2.56 11.55 -15.34
C34 17F LA . 2.78 11.63 -16.65
C35 17F LA . 3.86 10.93 -17.44
C36 17F LA . 3.69 10.98 -18.98
C37 17F LA . 4.97 10.58 -19.62
C38 17F LA . 4.98 9.16 -20.24
C39 17F LA . 6.34 8.84 -20.88
C40 17F LA . 6.74 7.38 -20.58
C41 17F LA . 8.18 7.07 -21.15
C42 17F LA . 8.33 6.10 -22.32
C1 17F MA . 17.72 16.95 5.05
N1 17F MA . 19.38 15.38 6.10
O1 17F MA . 18.46 17.42 1.50
P1 17F MA . 17.58 16.73 2.52
C2 17F MA . 18.09 16.03 6.23
O2 17F MA . 16.27 17.40 2.84
C3 17F MA . 16.99 14.98 6.42
O3 17F MA . 18.31 16.49 3.87
C4 17F MA . 16.36 14.42 2.85
O4 17F MA . 17.24 13.71 6.46
C5 17F MA . 16.09 13.03 2.19
O5 17F MA . 15.82 15.31 6.56
C6 17F MA . 14.63 12.59 2.47
O6 17F MA . 17.18 15.27 2.05
C7 17F MA . 13.56 11.29 0.85
O7 17F MA . 14.35 11.33 1.88
C8 17F MA . 13.42 9.81 0.41
O8 17F MA . 12.99 12.18 0.26
C9 17F MA . 13.77 9.58 -1.08
O9 17F MA . 16.39 13.02 0.79
C10 17F MA . 13.65 8.11 -1.60
O10 17F MA . 18.69 13.15 0.74
C11 17F MA . 12.37 7.83 -2.48
C12 17F MA . 12.31 6.34 -2.96
C17 17F MA . 17.60 12.57 0.54
C18 17F MA . 17.60 11.18 -0.06
C19 17F MA . 18.37 11.06 -1.40
C20 17F MA . 19.89 10.75 -1.18
C1X 17F MA . 11.05 6.10 -3.81
C1Y 17F MA . 20.63 10.63 -2.54
C1Z 17F MA . 21.47 9.36 -2.59
C2X 17F MA . 10.95 4.57 -4.32
C21 17F MA . 9.90 4.40 -5.46
C22 17F MA . 10.16 3.94 -6.63
C23 17F MA . 11.46 3.47 -7.14
C24 17F MA . 12.04 4.32 -8.26
C25 17F MA . 13.39 3.88 -8.82
C26 17F MA . 14.14 4.94 -9.76
C27 17F MA . 15.47 4.48 -10.30
C28 17F MA . 16.05 5.63 -11.20
C29 17F MA . 16.94 5.04 -12.22
C30 17F MA . 17.56 6.04 -13.15
C31 17F MA . 21.14 8.33 -3.72
C32 17F MA . 22.02 7.05 -3.74
C33 17F MA . 22.84 7.04 -5.02
C34 17F MA . 23.70 6.09 -5.36
C35 17F MA . 24.04 4.85 -4.57
C36 17F MA . 25.28 5.01 -3.63
C37 17F MA . 26.41 4.21 -4.17
C38 17F MA . 27.76 4.97 -4.20
C39 17F MA . 28.88 4.09 -4.78
C40 17F MA . 29.72 3.46 -3.66
C41 17F MA . 30.02 1.93 -3.95
C42 17F MA . 30.23 0.98 -2.76
C1 17F NA . 9.05 4.42 18.25
N1 17F NA . 9.22 4.49 15.74
O1 17F NA . 10.47 3.15 20.55
P1 17F NA . 11.02 3.09 19.15
C2 17F NA . 8.42 4.09 16.89
O2 17F NA . 12.52 3.18 19.01
C3 17F NA . 7.03 4.74 16.79
O3 17F NA . 10.42 4.18 18.23
C4 17F NA . 11.01 1.43 17.11
O4 17F NA . 6.70 5.52 15.82
C5 17F NA . 10.50 0.04 16.62
O5 17F NA . 6.18 4.55 17.65
C6 17F NA . 10.10 0.13 15.13
O6 17F NA . 10.62 1.73 18.44
C7 17F NA . 10.16 -1.62 13.57
O7 17F NA . 9.60 -1.10 14.63
C8 17F NA . 9.42 -2.93 13.25
O8 17F NA . 11.06 -1.22 12.89
C9 17F NA . 9.71 -4.09 14.25
O9 17F NA . 11.45 -1.01 16.84
C10 17F NA . 8.98 -5.45 13.96
O10 17F NA . 10.53 -1.35 18.94
C11 17F NA . 9.04 -5.93 12.46
C12 17F NA . 8.28 -7.29 12.25
C17 17F NA . 11.22 -1.67 17.96
C18 17F NA . 11.92 -3.02 17.96
C19 17F NA . 13.47 -2.92 17.99
C20 17F NA . 14.03 -2.81 19.46
C1X 17F NA . 8.36 -7.73 10.78
C1Y 17F NA . 15.58 -2.73 19.44
C1Z 17F NA . 16.21 -4.06 19.87
C2X 17F NA . 7.60 -9.12 10.51
C21 17F NA . 7.68 -9.57 9.02
C22 17F NA . 8.73 -10.12 8.48
C23 17F NA . 10.01 -10.41 9.12
C24 17F NA . 10.57 -11.79 8.81
C25 17F NA . 11.90 -12.15 9.45
C26 17F NA . 12.83 -13.17 8.63
C27 17F NA . 14.14 -13.51 9.28
C28 17F NA . 14.91 -14.51 8.34
C29 17F NA . 15.87 -15.28 9.15
C30 17F NA . 16.68 -16.28 8.37
C31 17F NA . 17.71 -4.28 19.48
C32 17F NA . 18.33 -5.63 19.94
C33 17F NA . 18.01 -6.70 18.90
C34 17F NA . 18.39 -7.97 18.97
C35 17F NA . 19.20 -8.62 20.07
C36 17F NA . 18.38 -9.52 21.05
C37 17F NA . 19.11 -10.79 21.25
C38 17F NA . 20.14 -10.80 22.42
C39 17F NA . 20.85 -12.15 22.56
C40 17F NA . 22.16 -12.15 21.77
C41 17F NA . 23.32 -11.48 22.60
C42 17F NA . 24.32 -10.55 21.87
C1 17F OA . 6.73 20.44 -9.02
N1 17F OA . 4.69 21.15 -7.75
O1 17F OA . 9.04 18.93 -7.68
P1 17F OA . 9.10 20.37 -8.15
C2 17F OA . 5.44 21.29 -8.99
O2 17F OA . 9.97 21.30 -7.36
C3 17F OA . 4.54 20.92 -10.18
O3 17F OA . 7.71 21.04 -8.24
C4 17F OA . 9.79 21.73 -10.30
O4 17F OA . 3.32 20.54 -10.04
C5 17F OA . 10.34 21.64 -11.76
O5 17F OA . 4.98 20.96 -11.33
C6 17F OA . 11.89 21.73 -11.72
O6 17F OA . 9.65 20.47 -9.64
C7 17F OA . 13.05 20.55 -13.39
O7 17F OA . 12.46 21.65 -13.02
C8 17F OA . 13.61 20.74 -14.82
O8 17F OA . 13.20 19.51 -12.79
C9 17F OA . 12.92 19.84 -15.88
O9 17F OA . 9.90 20.45 -12.44
C10 17F OA . 13.45 20.00 -17.35
O10 17F OA . 8.21 21.70 -13.41
C11 17F OA . 12.32 20.01 -18.46
C12 17F OA . 12.91 20.15 -19.92
C17 17F OA . 8.80 20.63 -13.14
C18 17F OA . 8.25 19.34 -13.68
C19 17F OA . 8.24 19.22 -15.22
C20 17F OA . 9.29 18.16 -15.74
C1X 17F OA . 11.79 20.15 -20.95
C1Y 17F OA . 9.25 18.08 -17.28
C1Z 17F OA . 10.33 17.12 -17.80
C2X 17F OA . 12.33 20.30 -22.47
C21 17F OA . 11.23 19.99 -23.52
C22 17F OA . 11.42 19.90 -24.79
C23 17F OA . 12.71 20.04 -25.51
C24 17F OA . 12.93 19.01 -26.61
C25 17F OA . 14.23 19.12 -27.39
C26 17F OA . 14.12 18.92 -28.97
C27 17F OA . 15.43 19.03 -29.72
C28 17F OA . 15.12 18.80 -31.26
C29 17F OA . 16.32 18.23 -31.90
C30 17F OA . 16.16 17.96 -33.37
C31 17F OA . 10.25 16.71 -19.31
C32 17F OA . 11.36 15.74 -19.80
C33 17F OA . 12.47 16.54 -20.47
C34 17F OA . 13.57 16.02 -21.00
C35 17F OA . 13.95 14.56 -21.04
C36 17F OA . 14.99 14.20 -22.15
C37 17F OA . 14.41 13.16 -23.04
C38 17F OA . 15.29 11.89 -23.21
C39 17F OA . 14.62 10.87 -24.15
C40 17F OA . 14.77 9.46 -23.59
C41 17F OA . 13.97 8.42 -24.47
C42 17F OA . 14.67 7.72 -25.64
C1 17F PA . -22.38 5.21 -2.78
N1 17F PA . -21.63 5.24 -0.39
O1 17F PA . -19.07 5.91 -3.71
P1 17F PA . -20.24 5.06 -4.14
C2 17F PA . -22.76 5.28 -1.29
O2 17F PA . -21.17 5.66 -5.17
C3 17F PA . -23.71 4.13 -0.95
O3 17F PA . -21.13 4.62 -2.95
C4 17F PA . -20.72 2.72 -5.24
O4 17F PA . -23.48 3.30 0.02
C5 17F PA . -20.07 1.43 -5.83
O5 17F PA . -24.75 3.96 -1.58
C6 17F PA . -19.01 1.81 -6.90
O6 17F PA . -19.78 3.68 -4.77
C7 17F PA . -17.23 0.30 -7.04
O7 17F PA . -18.39 0.65 -7.46
C8 17F PA . -16.80 -0.97 -7.81
O8 17F PA . -16.50 0.80 -6.20
C9 17F PA . -16.29 -0.67 -9.24
O9 17F PA . -19.52 0.58 -4.82
C10 17F PA . -15.84 -1.91 -10.09
O10 17F PA . -21.47 -0.52 -4.26
C11 17F PA . -14.54 -1.67 -10.95
C12 17F PA . -14.15 -2.96 -11.78
C17 17F PA . -20.28 -0.48 -4.59
C18 17F PA . -19.52 -1.77 -4.79
C19 17F PA . -20.04 -2.64 -5.96
C20 17F PA . -19.05 -3.82 -6.31
C1X 17F PA . -12.89 -2.69 -12.62
C1Y 17F PA . -19.58 -4.68 -7.48
C1Z 17F PA . -19.59 -3.86 -8.78
C2X 17F PA . -12.45 -3.97 -13.48
C21 17F PA . -10.97 -4.41 -13.20
C22 17F PA . -10.59 -5.63 -13.05
C23 17F PA . -11.41 -6.85 -13.12
C24 17F PA . -10.65 -8.11 -13.50
C25 17F PA . -11.45 -9.39 -13.57
C26 17F PA . -10.76 -10.60 -14.35
C27 17F PA . -11.59 -11.87 -14.41
C28 17F PA . -10.75 -12.95 -15.20
C29 17F PA . -11.59 -13.53 -16.26
C30 17F PA . -10.91 -14.57 -17.09
C31 17F PA . -18.89 -4.49 -10.03
C32 17F PA . -18.93 -3.63 -11.32
C33 17F PA . -18.91 -4.55 -12.54
C34 17F PA . -18.92 -4.14 -13.80
C35 17F PA . -18.97 -2.70 -14.29
C36 17F PA . -17.60 -1.94 -14.21
C37 17F PA . -17.84 -0.50 -14.44
C38 17F PA . -16.59 0.40 -14.27
C39 17F PA . -16.92 1.89 -14.52
C40 17F PA . -16.12 2.42 -15.71
C41 17F PA . -14.75 3.04 -15.22
C42 17F PA . -13.46 2.24 -15.43
C1 17F QA . 10.63 12.97 2.44
N1 17F QA . 9.92 11.43 4.28
O1 17F QA . 9.18 13.53 -0.23
P1 17F QA . 8.59 12.82 0.97
C2 17F QA . 10.92 12.39 3.85
O2 17F QA . 7.12 12.99 1.20
C3 17F QA . 11.00 13.54 4.87
O3 17F QA . 9.28 13.21 2.29
C4 17F QA . 8.34 10.37 1.90
O4 17F QA . 10.26 13.57 5.92
C5 17F QA . 8.66 8.87 1.66
O5 17F QA . 11.78 14.48 4.70
C6 17F QA . 10.13 8.72 1.17
O6 17F QA . 8.81 11.25 0.88
C7 17F QA . 11.38 6.80 1.66
O7 17F QA . 10.45 7.35 0.94
C8 17F QA . 11.52 5.33 1.22
O8 17F QA . 12.05 7.26 2.55
C9 17F QA . 12.94 4.97 0.73
O9 17F QA . 8.40 8.06 2.81
C10 17F QA . 13.15 3.47 0.28
O10 17F QA . 6.11 8.02 2.95
C11 17F QA . 13.43 3.27 -1.25
C12 17F QA . 13.61 1.75 -1.61
C17 17F QA . 7.21 7.50 2.76
C18 17F QA . 7.30 6.03 2.42
C19 17F QA . 6.00 5.22 2.69
C20 17F QA . 6.09 4.38 4.01
C1X 17F QA . 13.90 1.59 -3.12
C1Y 17F QA . 4.78 3.58 4.24
C1Z 17F QA . 5.03 2.07 4.11
C2X 17F QA . 14.10 0.04 -3.52
C21 17F QA . 13.40 -0.31 -4.87
C22 17F QA . 13.99 -0.32 -6.03
C23 17F QA . 15.40 -0.01 -6.31
C24 17F QA . 15.61 0.89 -7.52
C25 17F QA . 17.05 1.25 -7.87
C26 17F QA . 17.62 0.56 -9.19
C27 17F QA . 19.07 0.91 -9.51
C28 17F QA . 19.45 0.16 -10.84
C29 17F QA . 20.73 -0.55 -10.61
C30 17F QA . 21.23 -1.33 -11.80
C31 17F QA . 3.94 1.25 3.32
C32 17F QA . 4.22 -0.28 3.20
C33 17F QA . 4.51 -0.62 1.74
C34 17F QA . 4.78 -1.84 1.30
C35 17F QA . 4.87 -3.11 2.11
C36 17F QA . 5.32 -4.36 1.32
C37 17F QA . 6.72 -4.69 1.68
C38 17F QA . 7.61 -5.13 0.49
C39 17F QA . 9.05 -5.45 0.94
C40 17F QA . 9.34 -6.94 0.75
C41 17F QA . 10.89 -7.17 0.47
C42 17F QA . 11.69 -8.06 1.44
C1 PCW RA . 2.34 -16.12 -30.73
C2 PCW RA . 1.36 -14.91 -30.95
C3 PCW RA . 0.00 -15.16 -30.20
C4 PCW RA . 6.72 -14.09 -30.85
C5 PCW RA . 7.58 -13.94 -32.11
C6 PCW RA . 9.28 -15.62 -31.22
C7 PCW RA . 9.73 -14.36 -33.26
C8 PCW RA . 9.53 -13.71 -31.55
C11 PCW RA . -1.56 -13.98 -31.59
C12 PCW RA . -2.40 -12.73 -31.60
C13 PCW RA . -1.51 -11.53 -32.08
C14 PCW RA . -2.21 -10.18 -32.15
C15 PCW RA . -1.77 -9.14 -31.09
C16 PCW RA . -1.92 -7.68 -31.64
C17 PCW RA . -2.55 -6.61 -30.69
C18 PCW RA . -3.93 -6.13 -31.14
C19 PCW RA . -5.05 -7.17 -30.89
C20 PCW RA . -6.29 -6.83 -30.39
C21 PCW RA . -6.88 -5.53 -29.98
C22 PCW RA . -8.12 -5.30 -30.88
C23 PCW RA . -8.98 -4.02 -30.62
C24 PCW RA . -10.37 -4.02 -31.18
C25 PCW RA . -11.45 -3.05 -30.63
C26 PCW RA . -12.68 -2.87 -31.48
C27 PCW RA . -13.65 -1.71 -31.12
C28 PCW RA . -14.78 -2.23 -30.26
C31 PCW RA . 2.11 -12.69 -31.28
C32 PCW RA . 2.74 -11.49 -30.55
C33 PCW RA . 1.82 -10.18 -30.50
C34 PCW RA . 1.58 -9.66 -29.08
C35 PCW RA . 1.85 -8.11 -29.13
C36 PCW RA . 1.55 -7.42 -27.79
C37 PCW RA . 1.79 -5.87 -27.76
C38 PCW RA . 0.64 -5.12 -28.37
C39 PCW RA . 0.86 -3.63 -28.35
C40 PCW RA . -0.03 -2.68 -28.63
C41 PCW RA . -1.48 -2.95 -29.00
C42 PCW RA . -2.37 -2.83 -27.69
C43 PCW RA . -3.32 -3.97 -27.36
C44 PCW RA . -4.04 -3.58 -26.07
C45 PCW RA . -5.40 -4.19 -25.90
C46 PCW RA . -6.26 -3.48 -24.89
C47 PCW RA . -7.37 -4.29 -24.26
C48 PCW RA . -8.17 -3.45 -23.25
N PCW RA . 8.75 -14.75 -32.27
O2 PCW RA . 1.96 -13.67 -30.38
O3 PCW RA . -0.87 -14.05 -30.41
O11 PCW RA . -1.50 -14.79 -32.47
O31 PCW RA . 1.81 -12.74 -32.51
O1P PCW RA . 4.41 -14.60 -29.19
O2P PCW RA . 5.13 -16.97 -29.42
O3P PCW RA . 3.67 -15.88 -31.23
O4P PCW RA . 6.03 -15.36 -30.95
P PCW RA . 4.81 -15.70 -30.11
C1 PCW SA . 7.12 -20.70 -20.70
C2 PCW SA . 5.60 -20.48 -21.03
C3 PCW SA . 4.95 -19.55 -19.93
C4 PCW SA . 5.65 -23.87 -22.91
C5 PCW SA . 4.95 -25.23 -22.95
C6 PCW SA . 3.51 -26.95 -21.74
C7 PCW SA . 3.09 -24.56 -21.43
C8 PCW SA . 2.92 -25.54 -22.99
C11 PCW SA . 2.69 -20.37 -19.96
C12 PCW SA . 1.30 -19.94 -20.34
C13 PCW SA . 0.84 -20.79 -21.59
C14 PCW SA . -0.56 -20.47 -22.11
C15 PCW SA . -0.65 -19.29 -23.12
C16 PCW SA . -2.15 -18.84 -23.30
C17 PCW SA . -2.44 -17.29 -23.29
C18 PCW SA . -1.65 -16.51 -24.34
C19 PCW SA . -2.40 -16.45 -25.69
C20 PCW SA . -2.51 -15.29 -26.44
C21 PCW SA . -2.02 -13.91 -26.21
C22 PCW SA . -2.41 -13.07 -27.46
C23 PCW SA . -1.61 -11.78 -27.74
C24 PCW SA . -2.34 -10.48 -27.63
C25 PCW SA . -1.77 -9.30 -26.78
C26 PCW SA . -2.56 -8.89 -25.55
C27 PCW SA . -1.78 -8.42 -24.31
C28 PCW SA . -1.88 -9.45 -23.21
C31 PCW SA . 4.62 -20.36 -23.18
C32 PCW SA . 4.59 -19.53 -24.48
C33 PCW SA . 6.00 -19.43 -25.23
C34 PCW SA . 5.90 -18.76 -26.59
C35 PCW SA . 5.96 -17.19 -26.31
C36 PCW SA . 7.15 -16.51 -27.01
C37 PCW SA . 7.27 -14.97 -26.77
C38 PCW SA . 8.10 -14.65 -25.56
C39 PCW SA . 8.21 -13.17 -25.33
C40 PCW SA . 8.24 -12.55 -24.16
C41 PCW SA . 8.16 -13.24 -22.81
C42 PCW SA . 6.65 -13.18 -22.31
C43 PCW SA . 5.70 -14.28 -22.75
C44 PCW SA . 4.35 -13.98 -22.13
C45 PCW SA . 3.32 -15.07 -22.27
C46 PCW SA . 1.93 -14.57 -22.56
C47 PCW SA . 1.01 -14.44 -21.37
C48 PCW SA . -0.37 -13.93 -21.80
N PCW SA . 3.99 -25.57 -21.94
O2 PCW SA . 5.46 -19.79 -22.33
O3 PCW SA . 3.56 -19.35 -20.23
O11 PCW SA . 2.98 -21.43 -19.49
O31 PCW SA . 3.95 -21.42 -22.97
O1P PCW SA . 7.97 -22.14 -22.90
O2P PCW SA . 8.93 -23.93 -21.45
O3P PCW SA . 7.47 -22.08 -20.41
O4P PCW SA . 6.55 -23.89 -21.77
P PCW SA . 7.79 -23.01 -21.69
C1 PCW TA . 20.51 -19.59 -15.27
C2 PCW TA . 19.47 -18.84 -14.36
C3 PCW TA . 18.94 -17.55 -15.09
C4 PCW TA . 18.31 -21.86 -17.03
C5 PCW TA . 16.86 -21.58 -16.62
C6 PCW TA . 14.99 -19.86 -16.89
C7 PCW TA . 15.85 -21.05 -18.83
C8 PCW TA . 14.97 -21.76 -17.37
C11 PCW TA . 16.69 -16.86 -14.64
C12 PCW TA . 15.88 -16.10 -13.64
C13 PCW TA . 15.79 -14.60 -14.11
C14 PCW TA . 14.99 -13.67 -13.19
C15 PCW TA . 13.65 -13.12 -13.78
C16 PCW TA . 13.67 -11.55 -13.87
C17 PCW TA . 12.49 -10.78 -13.19
C18 PCW TA . 12.77 -10.40 -11.72
C19 PCW TA . 12.35 -8.96 -11.38
C20 PCW TA . 12.06 -8.55 -10.09
C21 PCW TA . 12.08 -9.28 -8.79
C22 PCW TA . 13.50 -9.06 -8.16
C23 PCW TA . 13.58 -8.19 -6.88
C24 PCW TA . 14.86 -7.43 -6.66
C25 PCW TA . 15.11 -6.68 -5.32
C26 PCW TA . 16.36 -5.81 -5.27
C27 PCW TA . 16.17 -4.28 -5.29
C28 PCW TA . 16.10 -3.75 -3.88
C31 PCW TA . 18.08 -19.96 -12.81
C32 PCW TA . 16.83 -20.86 -12.69
C33 PCW TA . 15.44 -20.13 -12.92
C34 PCW TA . 14.67 -19.83 -11.63
C35 PCW TA . 15.32 -18.53 -11.02
C36 PCW TA . 14.55 -17.98 -9.81
C37 PCW TA . 15.13 -16.69 -9.16
C38 PCW TA . 15.61 -16.94 -7.76
C39 PCW TA . 16.19 -15.71 -7.11
C40 PCW TA . 17.34 -15.61 -6.45
C41 PCW TA . 18.29 -16.77 -6.23
C42 PCW TA . 19.65 -16.47 -7.02
C43 PCW TA . 19.92 -17.25 -8.30
C44 PCW TA . 21.26 -16.77 -8.83
C45 PCW TA . 21.38 -16.75 -10.34
C46 PCW TA . 22.45 -17.67 -10.86
C47 PCW TA . 22.60 -17.72 -12.36
C48 PCW TA . 23.71 -18.70 -12.75
N PCW TA . 16.04 -20.73 -17.43
O2 PCW TA . 18.29 -19.71 -14.10
O3 PCW TA . 18.00 -16.87 -14.26
O11 PCW TA . 16.26 -17.38 -15.64
O31 PCW TA . 18.78 -19.54 -11.85
O1P PCW TA . 21.22 -21.86 -17.08
O2P PCW TA . 20.95 -23.44 -15.16
O3P PCW TA . 20.88 -20.90 -14.78
O4P PCW TA . 19.06 -22.11 -15.81
P PCW TA . 20.57 -22.13 -15.76
C1 PCW UA . 15.04 -11.72 -29.89
C2 PCW UA . 15.45 -10.21 -30.10
C3 PCW UA . 14.19 -9.39 -30.57
C4 PCW UA . 15.31 -15.32 -31.07
C5 PCW UA . 16.18 -16.53 -31.40
C6 PCW UA . 16.73 -17.54 -33.67
C7 PCW UA . 18.22 -15.91 -32.63
C8 PCW UA . 17.80 -17.60 -32.03
C11 PCW UA . 13.66 -7.07 -30.35
C12 PCW UA . 14.20 -5.70 -30.65
C13 PCW UA . 13.00 -4.82 -31.18
C14 PCW UA . 13.36 -3.37 -31.54
C15 PCW UA . 12.15 -2.39 -31.67
C16 PCW UA . 12.13 -1.74 -33.10
C17 PCW UA . 10.81 -1.90 -33.92
C18 PCW UA . 10.19 -0.56 -34.33
C19 PCW UA . 10.51 -0.17 -35.79
C20 PCW UA . 11.33 0.91 -36.10
C21 PCW UA . 12.06 1.88 -35.25
C22 PCW UA . 12.62 2.98 -36.21
C23 PCW UA . 12.26 4.45 -35.91
C24 PCW UA . 11.10 5.04 -36.66
C25 PCW UA . 9.67 5.06 -36.04
C26 PCW UA . 9.14 6.42 -35.63
C27 PCW UA . 8.25 7.17 -36.65
C28 PCW UA . 8.54 8.65 -36.60
C31 PCW UA . 17.19 -9.84 -28.53
C32 PCW UA . 17.50 -9.16 -27.18
C33 PCW UA . 17.59 -10.14 -25.91
C34 PCW UA . 16.41 -11.12 -25.80
C35 PCW UA . 15.11 -10.22 -25.64
C36 PCW UA . 14.90 -9.73 -24.20
C37 PCW UA . 13.64 -8.85 -23.97
C38 PCW UA . 13.77 -7.52 -24.65
C39 PCW UA . 12.56 -6.64 -24.45
C40 PCW UA . 12.02 -5.80 -25.33
C41 PCW UA . 12.56 -5.59 -26.74
C42 PCW UA . 13.31 -4.18 -26.77
C43 PCW UA . 12.59 -2.99 -27.38
C44 PCW UA . 13.53 -1.80 -27.28
C45 PCW UA . 12.97 -0.49 -27.77
C46 PCW UA . 13.88 0.24 -28.71
C47 PCW UA . 13.58 1.70 -28.94
C48 PCW UA . 14.59 2.34 -29.91
N PCW UA . 16.92 -16.54 -32.61
O2 PCW UA . 15.91 -9.61 -28.81
O3 PCW UA . 14.55 -8.00 -30.76
O11 PCW UA . 12.59 -7.30 -29.84
O31 PCW UA . 18.02 -10.50 -29.23
O1P PCW UA . 17.18 -13.11 -31.13
O2P PCW UA . 17.95 -14.06 -28.96
O3P PCW UA . 15.92 -12.47 -29.04
O4P PCW UA . 15.82 -14.76 -29.82
P PCW UA . 16.80 -13.60 -29.77
C1 PCW VA . 19.57 -27.45 -10.12
C2 PCW VA . 18.95 -26.26 -9.28
C3 PCW VA . 17.51 -25.93 -9.81
C4 PCW VA . 22.05 -24.94 -9.68
C5 PCW VA . 21.79 -24.08 -10.92
C6 PCW VA . 20.46 -22.19 -12.00
C7 PCW VA . 21.17 -22.02 -9.67
C8 PCW VA . 22.23 -22.10 -11.18
C11 PCW VA . 17.40 -23.58 -9.30
C12 PCW VA . 16.68 -22.61 -8.40
C13 PCW VA . 15.25 -22.36 -9.01
C14 PCW VA . 14.37 -21.39 -8.21
C15 PCW VA . 13.22 -22.05 -7.40
C16 PCW VA . 13.50 -21.93 -5.85
C17 PCW VA . 14.49 -22.97 -5.22
C18 PCW VA . 15.27 -22.42 -4.02
C19 PCW VA . 16.63 -21.78 -4.41
C20 PCW VA . 17.12 -20.65 -3.78
C21 PCW VA . 16.59 -19.81 -2.68
C22 PCW VA . 16.03 -18.51 -3.35
C23 PCW VA . 14.55 -18.13 -3.04
C24 PCW VA . 14.31 -16.75 -2.53
C25 PCW VA . 13.27 -16.46 -1.40
C26 PCW VA . 12.84 -15.03 -1.21
C27 PCW VA . 12.69 -14.49 0.23
C28 PCW VA . 12.25 -13.05 0.21
C31 PCW VA . 19.28 -25.78 -6.98
C32 PCW VA . 19.07 -26.34 -5.55
C33 PCW VA . 17.58 -26.81 -5.21
C34 PCW VA . 17.31 -28.27 -5.54
C35 PCW VA . 16.96 -28.96 -4.16
C36 PCW VA . 16.37 -30.39 -4.34
C37 PCW VA . 16.00 -31.14 -3.02
C38 PCW VA . 14.54 -31.43 -2.93
C39 PCW VA . 14.17 -32.16 -1.67
C40 PCW VA . 13.81 -31.61 -0.50
C41 PCW VA . 13.74 -30.12 -0.26
C42 PCW VA . 12.88 -29.89 1.07
C43 PCW VA . 12.68 -28.48 1.57
C44 PCW VA . 11.83 -28.56 2.83
C45 PCW VA . 12.37 -27.81 4.02
C46 PCW VA . 11.47 -27.85 5.22
C47 PCW VA . 11.94 -27.11 6.45
C48 PCW VA . 10.93 -27.25 7.60
N PCW VA . 21.02 -22.88 -10.83
O2 PCW VA . 18.81 -26.67 -7.85
O3 PCW VA . 16.94 -24.84 -9.06
O11 PCW VA . 18.25 -23.29 -10.10
O31 PCW VA . 19.83 -24.67 -7.26
O1P PCW VA . 22.03 -27.06 -7.69
O2P PCW VA . 23.14 -28.35 -9.49
O3P PCW VA . 20.57 -28.22 -9.41
O4P PCW VA . 22.00 -26.32 -10.11
P PCW VA . 21.99 -27.49 -9.14
C1 PCW WA . 33.35 -15.83 -4.97
C2 PCW WA . 33.09 -14.30 -4.65
C3 PCW WA . 34.46 -13.52 -4.56
C4 PCW WA . 35.88 -17.87 -3.57
C5 PCW WA . 37.07 -17.53 -2.67
C6 PCW WA . 37.64 -19.93 -2.01
C7 PCW WA . 39.31 -18.15 -1.80
C8 PCW WA . 37.71 -18.31 -0.89
C11 PCW WA . 34.87 -11.20 -4.99
C12 PCW WA . 34.48 -9.83 -4.52
C13 PCW WA . 35.78 -9.05 -4.09
C14 PCW WA . 35.53 -7.63 -3.59
C15 PCW WA . 36.75 -6.66 -3.69
C16 PCW WA . 37.01 -6.26 -5.19
C17 PCW WA . 36.63 -4.81 -5.63
C18 PCW WA . 37.56 -3.75 -5.03
C19 PCW WA . 38.90 -3.63 -5.79
C20 PCW WA . 39.99 -2.96 -5.27
C21 PCW WA . 40.20 -2.23 -4.00
C22 PCW WA . 41.47 -2.84 -3.33
C23 PCW WA . 41.75 -2.48 -1.85
C24 PCW WA . 41.63 -3.60 -0.85
C25 PCW WA . 40.37 -3.72 0.07
C26 PCW WA . 39.31 -4.71 -0.37
C27 PCW WA . 38.12 -4.98 0.58
C28 PCW WA . 36.88 -5.25 -0.21
C31 PCW WA . 31.01 -13.43 -5.38
C32 PCW WA . 30.31 -12.78 -6.57
C33 PCW WA . 28.71 -12.91 -6.59
C34 PCW WA . 28.00 -11.73 -5.93
C35 PCW WA . 27.16 -12.35 -4.74
C36 PCW WA . 25.76 -11.70 -4.59
C37 PCW WA . 24.87 -12.26 -3.44
C38 PCW WA . 23.97 -11.20 -2.89
C39 PCW WA . 23.10 -11.72 -1.76
C40 PCW WA . 23.17 -11.37 -0.48
C41 PCW WA . 24.17 -10.38 0.09
C42 PCW WA . 23.36 -9.14 0.69
C43 PCW WA . 23.96 -8.38 1.85
C44 PCW WA . 22.99 -7.27 2.21
C45 PCW WA . 22.55 -7.26 3.66
C46 PCW WA . 21.87 -5.99 4.07
C47 PCW WA . 21.41 -5.89 5.50
C48 PCW WA . 20.73 -4.55 5.78
N PCW WA . 38.03 -18.54 -2.33
O2 PCW WA . 32.28 -13.66 -5.72
O3 PCW WA . 34.20 -12.14 -4.27
O11 PCW WA . 35.67 -11.43 -5.86
O31 PCW WA . 30.48 -13.71 -4.26
O1P PCW WA . 34.43 -18.55 -6.00
O2P PCW WA . 36.25 -17.25 -7.10
O3P PCW WA . 34.19 -16.04 -6.12
O4P PCW WA . 35.95 -17.00 -4.73
P PCW WA . 35.23 -17.28 -6.03
C1 PCW XA . 27.99 -23.51 -3.38
C2 PCW XA . 27.56 -23.82 -1.90
C3 PCW XA . 28.81 -24.26 -1.06
C4 PCW XA . 23.62 -21.87 -3.99
C5 PCW XA . 22.36 -22.74 -4.02
C6 PCW XA . 19.99 -23.15 -3.83
C7 PCW XA . 20.73 -21.36 -5.12
C8 PCW XA . 20.89 -21.13 -2.85
C11 PCW XA . 28.79 -23.65 1.26
C12 PCW XA . 28.25 -24.08 2.59
C13 PCW XA . 27.16 -23.03 3.03
C14 PCW XA . 26.49 -23.32 4.38
C15 PCW XA . 27.10 -22.57 5.61
C16 PCW XA . 26.73 -21.04 5.55
C17 PCW XA . 27.90 -20.01 5.71
C18 PCW XA . 27.90 -19.30 7.06
C19 PCW XA . 28.70 -20.06 8.15
C20 PCW XA . 29.16 -19.45 9.30
C21 PCW XA . 29.06 -18.06 9.80
C22 PCW XA . 28.09 -18.07 11.01
C23 PCW XA . 28.72 -18.11 12.43
C24 PCW XA . 27.78 -18.13 13.58
C25 PCW XA . 27.58 -19.42 14.44
C26 PCW XA . 27.67 -19.25 15.95
C27 PCW XA . 26.81 -20.19 16.83
C28 PCW XA . 27.71 -21.03 17.71
C31 PCW XA . 25.81 -22.76 -0.70
C32 PCW XA . 25.37 -21.42 -0.09
C33 PCW XA . 25.52 -20.15 -1.06
C34 PCW XA . 25.42 -18.81 -0.32
C35 PCW XA . 26.91 -18.34 -0.09
C36 PCW XA . 27.12 -17.68 1.29
C37 PCW XA . 28.57 -17.17 1.59
C38 PCW XA . 28.64 -16.45 2.90
C39 PCW XA . 30.03 -15.96 3.20
C40 PCW XA . 30.37 -14.76 3.67
C41 PCW XA . 29.40 -13.65 3.98
C42 PCW XA . 30.22 -12.32 4.26
C43 PCW XA . 30.49 -11.93 5.70
C44 PCW XA . 31.29 -10.63 5.67
C45 PCW XA . 31.33 -9.87 6.97
C46 PCW XA . 30.33 -8.75 7.05
C47 PCW XA . 30.07 -8.19 8.43
C48 PCW XA . 29.03 -7.06 8.37
N PCW XA . 21.06 -22.12 -3.96
O2 PCW XA . 27.01 -22.59 -1.27
O3 PCW XA . 28.40 -24.53 0.30
O11 PCW XA . 29.47 -22.67 1.08
O31 PCW XA . 25.16 -23.84 -0.65
O1P PCW XA . 25.54 -22.59 -6.04
O2P PCW XA . 25.76 -24.67 -4.67
O3P PCW XA . 27.13 -22.57 -4.07
O4P PCW XA . 24.73 -22.76 -3.67
P PCW XA . 25.76 -23.19 -4.67
C1 PCW YA . -16.71 -28.81 -27.49
C2 PCW YA . -17.69 -27.64 -27.05
C3 PCW YA . -19.12 -27.92 -27.64
C4 PCW YA . -13.32 -25.64 -27.70
C5 PCW YA . -13.80 -24.36 -27.02
C6 PCW YA . -12.86 -22.42 -28.13
C7 PCW YA . -14.97 -22.27 -27.12
C8 PCW YA . -14.84 -23.44 -29.07
C11 PCW YA . -20.49 -26.01 -28.20
C12 PCW YA . -21.41 -25.00 -27.56
C13 PCW YA . -20.53 -23.86 -26.93
C14 PCW YA . -21.32 -22.73 -26.25
C15 PCW YA . -21.02 -22.53 -24.72
C16 PCW YA . -22.01 -21.48 -24.10
C17 PCW YA . -21.44 -20.06 -23.77
C18 PCW YA . -22.48 -18.95 -23.92
C19 PCW YA . -21.95 -17.73 -24.72
C20 PCW YA . -22.80 -16.86 -25.38
C21 PCW YA . -24.28 -16.80 -25.51
C22 PCW YA . -24.73 -15.43 -24.93
C23 PCW YA . -26.13 -15.37 -24.28
C24 PCW YA . -26.26 -14.53 -23.04
C25 PCW YA . -27.58 -14.54 -22.21
C26 PCW YA . -28.40 -13.26 -22.25
C27 PCW YA . -29.88 -13.36 -22.71
C28 PCW YA . -30.22 -12.19 -23.60
C31 PCW YA . -17.82 -26.40 -25.04
C32 PCW YA . -17.97 -26.53 -23.52
C33 PCW YA . -19.47 -26.51 -22.96
C34 PCW YA . -19.56 -26.66 -21.44
C35 PCW YA . -21.11 -26.58 -21.11
C36 PCW YA . -21.46 -27.30 -19.77
C37 PCW YA . -22.97 -27.27 -19.38
C38 PCW YA . -23.17 -27.64 -17.94
C39 PCW YA . -24.61 -27.62 -17.52
C40 PCW YA . -25.22 -26.73 -16.74
C41 PCW YA . -24.51 -25.54 -16.11
C42 PCW YA . -25.60 -24.40 -15.86
C43 PCW YA . -25.28 -22.98 -16.33
C44 PCW YA . -26.47 -22.11 -15.95
C45 PCW YA . -27.40 -21.79 -17.09
C46 PCW YA . -28.76 -22.44 -16.95
C47 PCW YA . -29.58 -22.53 -18.22
C48 PCW YA . -30.93 -23.21 -17.96
N PCW YA . -14.10 -23.18 -27.79
O2 PCW YA . -17.82 -27.62 -25.56
O3 PCW YA . -20.02 -26.86 -27.24
O11 PCW YA . -20.21 -26.05 -29.37
O31 PCW YA . -17.73 -25.31 -25.68
O1P PCW YA . -13.09 -28.45 -28.41
O2P PCW YA . -15.17 -27.97 -29.72
O3P PCW YA . -15.31 -28.54 -27.22
O4P PCW YA . -14.51 -26.40 -28.03
P PCW YA . -14.48 -27.87 -28.42
C1 PCW ZA . 12.49 -32.18 7.49
C2 PCW ZA . 13.63 -31.37 6.75
C3 PCW ZA . 13.25 -31.17 5.24
C4 PCW ZA . 13.46 -36.72 8.96
C5 PCW ZA . 13.99 -37.19 10.32
C6 PCW ZA . 15.07 -39.38 11.05
C7 PCW ZA . 16.44 -37.53 10.21
C8 PCW ZA . 15.40 -37.57 11.74
C11 PCW ZA . 15.10 -31.12 3.70
C12 PCW ZA . 16.14 -30.16 3.15
C13 PCW ZA . 16.89 -30.88 1.97
C14 PCW ZA . 17.99 -30.04 1.30
C15 PCW ZA . 17.49 -29.01 0.24
C16 PCW ZA . 17.53 -27.55 0.83
C17 PCW ZA . 18.94 -26.90 1.05
C18 PCW ZA . 18.90 -25.36 0.98
C19 PCW ZA . 20.07 -24.70 1.75
C20 PCW ZA . 19.88 -23.57 2.53
C21 PCW ZA . 18.69 -22.73 2.84
C22 PCW ZA . 19.15 -21.67 3.87
C23 PCW ZA . 18.15 -21.31 5.01
C24 PCW ZA . 18.34 -19.97 5.68
C25 PCW ZA . 17.63 -18.70 5.12
C26 PCW ZA . 16.14 -18.59 5.38
C27 PCW ZA . 15.34 -17.58 4.53
C28 PCW ZA . 13.86 -17.87 4.63
C31 PCW ZA . 15.02 -29.70 7.71
C32 PCW ZA . 14.98 -28.27 8.31
C33 PCW ZA . 15.84 -28.06 9.63
C34 PCW ZA . 15.92 -26.61 10.07
C35 PCW ZA . 14.79 -26.42 11.15
C36 PCW ZA . 15.08 -25.27 12.14
C37 PCW ZA . 13.99 -25.04 13.23
C38 PCW ZA . 14.58 -24.95 14.60
C39 PCW ZA . 13.55 -24.73 15.67
C40 PCW ZA . 13.70 -24.05 16.80
C41 PCW ZA . 14.97 -23.34 17.21
C42 PCW ZA . 14.66 -22.45 18.48
C43 PCW ZA . 14.45 -23.13 19.82
C44 PCW ZA . 14.17 -22.04 20.85
C45 PCW ZA . 12.84 -22.16 21.55
C46 PCW ZA . 11.77 -21.29 20.97
C47 PCW ZA . 10.34 -21.69 21.25
C48 PCW ZA . 9.36 -20.71 20.58
N PCW ZA . 15.11 -38.07 10.36
O2 PCW ZA . 13.77 -30.01 7.34
O3 PCW ZA . 14.30 -30.45 4.58
O11 PCW ZA . 15.00 -32.28 3.43
O31 PCW ZA . 16.04 -30.42 7.59
O1P PCW ZA . 12.53 -35.11 6.73
O2P PCW ZA . 14.84 -34.19 6.82
O3P PCW ZA . 13.00 -33.23 8.35
O4P PCW ZA . 14.04 -35.40 8.72
P PCW ZA . 13.61 -34.51 7.59
C1 PCW AB . -7.96 -41.47 0.82
C2 PCW AB . -9.02 -41.23 1.98
C3 PCW AB . -8.31 -41.39 3.38
C4 PCW AB . -6.96 -40.29 -3.55
C5 PCW AB . -7.83 -40.11 -4.79
C6 PCW AB . -8.52 -42.41 -5.09
C7 PCW AB . -6.74 -41.58 -6.34
C8 PCW AB . -8.84 -40.87 -6.91
C11 PCW AB . -8.80 -41.20 5.71
C12 PCW AB . -9.94 -40.95 6.67
C13 PCW AB . -9.87 -42.04 7.80
C14 PCW AB . -10.96 -41.94 8.87
C15 PCW AB . -10.81 -42.92 10.08
C16 PCW AB . -10.15 -42.20 11.31
C17 PCW AB . -10.37 -42.83 12.72
C18 PCW AB . -10.93 -41.85 13.75
C19 PCW AB . -9.97 -41.63 14.95
C20 PCW AB . -9.53 -40.37 15.32
C21 PCW AB . -9.79 -39.01 14.78
C22 PCW AB . -9.86 -38.04 16.01
C23 PCW AB . -11.23 -37.37 16.30
C24 PCW AB . -11.30 -36.50 17.52
C25 PCW AB . -10.98 -34.98 17.44
C26 PCW AB . -11.16 -34.19 18.72
C27 PCW AB . -9.90 -33.91 19.57
C28 PCW AB . -10.17 -32.77 20.53
C31 PCW AB . -10.84 -39.75 1.61
C32 PCW AB . -11.22 -38.26 1.57
C33 PCW AB . -11.97 -37.70 2.88
C34 PCW AB . -13.47 -37.56 2.71
C35 PCW AB . -13.71 -36.13 2.07
C36 PCW AB . -15.13 -35.58 2.34
C37 PCW AB . -15.44 -34.18 1.74
C38 PCW AB . -15.60 -33.14 2.80
C39 PCW AB . -15.90 -31.77 2.23
C40 PCW AB . -16.25 -30.67 2.90
C41 PCW AB . -16.44 -30.61 4.40
C42 PCW AB . -16.19 -29.10 4.86
C43 PCW AB . -14.81 -28.69 5.34
C44 PCW AB . -14.89 -27.22 5.69
C45 PCW AB . -13.61 -26.44 5.49
C46 PCW AB . -12.89 -26.12 6.76
C47 PCW AB . -11.75 -27.02 7.14
C48 PCW AB . -11.11 -26.57 8.47
N PCW AB . -7.98 -41.19 -5.73
O2 PCW AB . -9.54 -39.83 1.91
O3 PCW AB . -9.27 -41.17 4.43
O11 PCW AB . -7.66 -41.37 6.03
O31 PCW AB . -11.62 -40.71 1.39
O1P PCW AB . -8.63 -41.94 -1.85
O2P PCW AB . -9.89 -39.82 -1.50
O3P PCW AB . -7.80 -40.35 -0.08
O4P PCW AB . -7.68 -39.69 -2.43
P PCW AB . -8.57 -40.48 -1.49
C1 PCW BB . 32.69 -9.04 -14.69
C2 PCW BB . 31.94 -8.31 -13.49
C3 PCW BB . 32.65 -6.94 -13.20
C4 PCW BB . 33.12 -13.33 -13.72
C5 PCW BB . 34.02 -13.60 -12.52
C6 PCW BB . 35.09 -15.69 -11.52
C7 PCW BB . 36.15 -14.52 -13.39
C8 PCW BB . 35.86 -13.89 -11.68
C11 PCW BB . 32.50 -5.10 -11.67
C12 PCW BB . 31.64 -4.58 -10.53
C13 PCW BB . 32.37 -4.93 -9.17
C14 PCW BB . 31.63 -4.46 -7.92
C15 PCW BB . 31.56 -2.92 -7.72
C16 PCW BB . 32.15 -2.52 -6.31
C17 PCW BB . 33.59 -1.92 -6.28
C18 PCW BB . 34.00 -1.40 -4.90
C19 PCW BB . 35.18 -0.40 -4.95
C20 PCW BB . 35.02 0.95 -4.68
C21 PCW BB . 33.84 1.77 -4.30
C22 PCW BB . 34.25 3.26 -4.50
C23 PCW BB . 33.31 4.33 -3.89
C24 PCW BB . 33.52 5.74 -4.35
C25 PCW BB . 32.34 6.57 -4.95
C26 PCW BB . 31.32 7.10 -3.97
C27 PCW BB . 30.43 8.28 -4.41
C28 PCW BB . 30.72 9.48 -3.55
C31 PCW BB . 29.66 -8.96 -13.47
C32 PCW BB . 28.27 -8.53 -13.93
C33 PCW BB . 27.37 -7.78 -12.83
C34 PCW BB . 25.88 -7.93 -13.06
C35 PCW BB . 25.20 -7.83 -11.63
C36 PCW BB . 23.68 -8.12 -11.66
C37 PCW BB . 22.95 -8.03 -10.28
C38 PCW BB . 21.47 -7.93 -10.45
C39 PCW BB . 20.73 -7.83 -9.13
C40 PCW BB . 19.92 -6.87 -8.72
C41 PCW BB . 19.59 -5.63 -9.55
C42 PCW BB . 20.18 -4.35 -8.80
C43 PCW BB . 19.33 -3.67 -7.76
C44 PCW BB . 20.14 -2.50 -7.22
C45 PCW BB . 20.86 -2.75 -5.93
C46 PCW BB . 19.99 -2.62 -4.72
C47 PCW BB . 20.53 -3.22 -3.44
C48 PCW BB . 19.54 -3.02 -2.29
N PCW BB . 34.96 -14.67 -12.58
O2 PCW BB . 30.54 -8.03 -13.87
O3 PCW BB . 31.98 -6.28 -12.12
O11 PCW BB . 33.47 -4.56 -12.10
O31 PCW BB . 29.94 -10.01 -12.82
O1P PCW BB . 32.20 -12.44 -16.34
O2P PCW BB . 34.23 -11.00 -16.22
O3P PCW BB . 32.02 -10.24 -15.14
O4P PCW BB . 33.44 -11.99 -14.19
P PCW BB . 33.00 -11.45 -15.54
C1 PCW CB . -0.01 -21.69 -30.77
C2 PCW CB . -0.81 -20.76 -29.79
C3 PCW CB . -2.15 -21.46 -29.36
C4 PCW CB . 0.34 -24.42 -28.46
C5 PCW CB . -0.11 -24.37 -27.00
C6 PCW CB . -2.10 -24.97 -25.52
C7 PCW CB . -0.76 -26.73 -26.57
C8 PCW CB . -0.24 -25.49 -25.29
C11 PCW CB . -3.14 -21.08 -27.22
C12 PCW CB . -3.90 -20.04 -26.44
C13 PCW CB . -5.37 -20.00 -26.98
C14 PCW CB . -6.29 -18.98 -26.29
C15 PCW CB . -6.48 -17.63 -27.04
C16 PCW CB . -6.81 -16.46 -26.04
C17 PCW CB . -6.84 -15.01 -26.61
C18 PCW CB . -6.64 -13.93 -25.54
C19 PCW CB . -6.18 -12.58 -26.14
C20 PCW CB . -5.42 -11.66 -25.40
C21 PCW CB . -4.89 -11.69 -24.02
C22 PCW CB . -5.99 -11.10 -23.10
C23 PCW CB . -5.55 -10.08 -22.02
C24 PCW CB . -6.46 -8.92 -21.78
C25 PCW CB . -6.24 -7.58 -22.52
C26 PCW CB . -5.19 -6.64 -21.94
C27 PCW CB . -5.64 -5.67 -20.83
C28 PCW CB . -4.74 -4.46 -20.82
C31 PCW CB . 0.61 -19.35 -28.53
C32 PCW CB . 1.39 -19.25 -27.20
C33 PCW CB . 1.23 -17.86 -26.41
C34 PCW CB . 2.30 -16.84 -26.76
C35 PCW CB . 1.56 -15.43 -26.75
C36 PCW CB . 2.56 -14.25 -26.59
C37 PCW CB . 1.90 -12.83 -26.58
C38 PCW CB . 2.53 -11.95 -25.54
C39 PCW CB . 1.91 -10.58 -25.51
C40 PCW CB . 2.02 -9.68 -24.53
C41 PCW CB . 2.80 -9.91 -23.25
C42 PCW CB . 1.75 -10.15 -22.07
C43 PCW CB . 2.09 -9.66 -20.69
C44 PCW CB . 0.92 -10.02 -19.77
C45 PCW CB . 0.03 -8.87 -19.39
C46 PCW CB . -1.33 -9.30 -18.89
C47 PCW CB . -2.45 -8.30 -19.05
C48 PCW CB . -3.77 -8.87 -18.49
N PCW CB . -1.08 -25.32 -26.52
O2 PCW CB . -0.01 -20.52 -28.54
O3 PCW CB . -2.87 -20.61 -28.45
O11 PCW CB . -2.83 -22.17 -26.81
O31 PCW CB . 0.59 -18.46 -29.43
O1P PCW CB . 1.72 -24.15 -31.01
O2P PCW CB . 3.44 -22.98 -29.61
O3P PCW CB . 1.41 -21.70 -30.51
O4P PCW CB . 1.25 -23.30 -28.68
P PCW CB . 2.01 -23.09 -29.97
C1 PCW DB . 22.93 -7.76 -28.89
C2 PCW DB . 22.88 -7.00 -27.51
C3 PCW DB . 22.53 -5.49 -27.74
C4 PCW DB . 21.89 -11.64 -28.70
C5 PCW DB . 22.05 -13.05 -28.14
C6 PCW DB . 20.06 -14.00 -26.88
C7 PCW DB . 20.91 -15.12 -28.90
C8 PCW DB . 21.77 -14.88 -27.27
C11 PCW DB . 23.61 -4.20 -26.02
C12 PCW DB . 23.33 -3.54 -24.69
C13 PCW DB . 23.45 -1.99 -24.87
C14 PCW DB . 23.19 -1.17 -23.60
C15 PCW DB . 22.15 -0.01 -23.74
C16 PCW DB . 22.76 1.36 -23.30
C17 PCW DB . 21.99 2.16 -22.19
C18 PCW DB . 21.90 3.66 -22.48
C19 PCW DB . 20.69 4.33 -21.80
C20 PCW DB . 20.82 5.28 -20.80
C21 PCW DB . 22.00 5.87 -20.14
C22 PCW DB . 21.63 7.34 -19.79
C23 PCW DB . 22.79 8.31 -19.44
C24 PCW DB . 22.54 9.28 -18.33
C25 PCW DB . 23.43 9.27 -17.04
C26 PCW DB . 24.52 10.33 -16.98
C27 PCW DB . 25.68 10.10 -15.99
C28 PCW DB . 27.01 10.36 -16.67
C31 PCW DB . 22.23 -8.47 -25.77
C32 PCW DB . 21.01 -8.97 -24.97
C33 PCW DB . 20.65 -8.13 -23.66
C34 PCW DB . 19.58 -7.06 -23.91
C35 PCW DB . 20.28 -5.68 -23.57
C36 PCW DB . 19.33 -4.71 -22.82
C37 PCW DB . 19.94 -3.32 -22.44
C38 PCW DB . 19.24 -2.71 -21.27
C39 PCW DB . 19.81 -1.37 -20.89
C40 PCW DB . 19.27 -0.17 -21.12
C41 PCW DB . 17.95 0.06 -21.83
C42 PCW DB . 16.88 0.48 -20.74
C43 PCW DB . 16.42 1.94 -20.69
C44 PCW DB . 15.41 2.04 -19.56
C45 PCW DB . 15.70 3.11 -18.54
C46 PCW DB . 14.50 3.94 -18.17
C47 PCW DB . 14.67 4.90 -17.01
C48 PCW DB . 13.37 5.68 -16.75
N PCW DB . 20.93 -13.93 -28.07
O2 PCW DB . 21.79 -7.58 -26.65
O3 PCW DB . 22.48 -4.81 -26.47
O11 PCW DB . 24.66 -4.18 -26.60
O31 PCW DB . 23.42 -8.85 -25.58
O1P PCW DB . 22.51 -9.74 -30.80
O2P PCW DB . 24.82 -10.62 -30.50
O3P PCW DB . 23.95 -8.76 -28.97
O4P PCW DB . 23.22 -11.06 -28.78
P PCW DB . 23.62 -10.07 -29.84
C1 PCW EB . -11.94 -30.59 -24.23
C2 PCW EB . -12.14 -29.27 -23.37
C3 PCW EB . -12.64 -28.11 -24.30
C4 PCW EB . -12.10 -33.38 -21.68
C5 PCW EB . -13.31 -33.15 -20.77
C6 PCW EB . -13.13 -34.73 -18.79
C7 PCW EB . -13.66 -32.37 -18.44
C8 PCW EB . -14.67 -33.65 -19.33
C11 PCW EB . -13.86 -26.10 -23.81
C12 PCW EB . -13.85 -24.92 -22.89
C13 PCW EB . -14.72 -25.27 -21.63
C14 PCW EB . -14.82 -24.15 -20.58
C15 PCW EB . -15.97 -24.30 -19.55
C16 PCW EB . -17.31 -23.70 -20.13
C17 PCW EB . -18.06 -22.66 -19.23
C18 PCW EB . -19.55 -22.95 -19.09
C19 PCW EB . -20.45 -21.80 -19.61
C20 PCW EB . -21.84 -21.91 -19.66
C21 PCW EB . -22.78 -23.00 -19.29
C22 PCW EB . -23.97 -22.91 -20.29
C23 PCW EB . -24.41 -24.23 -20.97
C24 PCW EB . -25.88 -24.45 -21.12
C25 PCW EB . -26.77 -24.87 -19.90
C26 PCW EB . -27.46 -26.21 -20.02
C27 PCW EB . -28.80 -26.39 -19.24
C28 PCW EB . -28.82 -27.74 -18.55
C31 PCW EB . -12.88 -28.98 -21.14
C32 PCW EB . -14.06 -29.28 -20.19
C33 PCW EB . -15.50 -28.79 -20.70
C34 PCW EB . -16.30 -29.90 -21.40
C35 PCW EB . -17.68 -29.97 -20.62
C36 PCW EB . -18.30 -31.38 -20.65
C37 PCW EB . -19.67 -31.53 -19.90
C38 PCW EB . -20.63 -32.40 -20.66
C39 PCW EB . -21.95 -32.55 -19.95
C40 PCW EB . -23.08 -31.90 -20.23
C41 PCW EB . -23.23 -30.87 -21.33
C42 PCW EB . -24.71 -30.98 -21.92
C43 PCW EB . -25.74 -29.95 -21.50
C44 PCW EB . -27.03 -30.30 -22.22
C45 PCW EB . -27.84 -29.11 -22.69
C46 PCW EB . -27.46 -28.63 -24.07
C47 PCW EB . -27.07 -27.19 -24.19
C48 PCW EB . -26.71 -26.83 -25.64
N PCW EB . -13.20 -33.38 -19.37
O2 PCW EB . -13.19 -29.48 -22.34
O3 PCW EB . -12.80 -26.91 -23.53
O11 PCW EB . -14.68 -26.31 -24.67
O31 PCW EB . -11.82 -28.37 -20.82
O1P PCW EB . -9.48 -33.09 -22.93
O2P PCW EB . -9.51 -30.86 -21.81
O3P PCW EB . -10.63 -31.18 -24.11
O4P PCW EB . -11.60 -32.05 -22.02
P PCW EB . -10.24 -31.83 -22.68
C1 PCW FB . 15.59 -5.42 -35.00
C2 PCW FB . 16.18 -4.04 -35.52
C3 PCW FB . 15.37 -2.84 -34.90
C4 PCW FB . 17.76 -9.79 -34.81
C5 PCW FB . 18.07 -10.58 -33.54
C6 PCW FB . 19.62 -11.28 -31.83
C7 PCW FB . 20.43 -10.16 -33.71
C8 PCW FB . 19.76 -12.31 -34.00
C11 PCW FB . 15.55 -0.45 -34.73
C12 PCW FB . 16.23 0.72 -35.39
C13 PCW FB . 16.73 1.69 -34.26
C14 PCW FB . 17.45 2.95 -34.75
C15 PCW FB . 16.60 4.27 -34.69
C16 PCW FB . 16.99 5.12 -33.43
C17 PCW FB . 16.71 6.66 -33.50
C18 PCW FB . 15.26 7.03 -33.24
C19 PCW FB . 14.97 7.33 -31.75
C20 PCW FB . 13.73 7.11 -31.16
C21 PCW FB . 12.44 6.61 -31.68
C22 PCW FB . 11.36 6.94 -30.61
C23 PCW FB . 10.75 5.75 -29.83
C24 PCW FB . 11.59 5.12 -28.77
C25 PCW FB . 11.83 5.85 -27.41
C26 PCW FB . 10.85 5.53 -26.30
C27 PCW FB . 11.25 4.46 -25.27
C28 PCW FB . 10.12 3.48 -25.07
C31 PCW FB . 17.85 -3.87 -33.79
C32 PCW FB . 19.37 -3.74 -33.59
C33 PCW FB . 20.02 -2.39 -34.16
C34 PCW FB . 20.44 -2.51 -35.62
C35 PCW FB . 20.24 -1.07 -36.24
C36 PCW FB . 21.54 -0.48 -36.83
C37 PCW FB . 21.41 0.95 -37.44
C38 PCW FB . 21.58 2.02 -36.43
C39 PCW FB . 21.46 3.40 -37.00
C40 PCW FB . 21.06 4.51 -36.36
C41 PCW FB . 20.66 4.54 -34.89
C42 PCW FB . 20.77 6.05 -34.39
C43 PCW FB . 20.82 6.30 -32.89
C44 PCW FB . 20.93 7.80 -32.70
C45 PCW FB . 20.07 8.37 -31.60
C46 PCW FB . 20.88 8.85 -30.42
C47 PCW FB . 20.13 9.65 -29.37
C48 PCW FB . 21.07 10.08 -28.24
N PCW FB . 19.39 -11.06 -33.27
O2 PCW FB . 17.61 -3.90 -35.11
O3 PCW FB . 15.92 -1.60 -35.37
O11 PCW FB . 14.82 -0.40 -33.79
O31 PCW FB . 16.99 -3.94 -32.87
O1P PCW FB . 18.62 -7.05 -34.40
O2P PCW FB . 16.64 -6.97 -32.89
O3P PCW FB . 16.36 -6.57 -35.41
O4P PCW FB . 16.79 -8.77 -34.46
P PCW FB . 17.16 -7.31 -34.23
C1 PCW GB . 28.99 -9.99 -17.51
C2 PCW GB . 29.96 -8.74 -17.45
C3 PCW GB . 31.33 -9.08 -18.12
C4 PCW GB . 30.12 -12.13 -20.03
C5 PCW GB . 31.13 -12.10 -21.17
C6 PCW GB . 33.67 -12.13 -20.87
C7 PCW GB . 32.48 -14.14 -21.62
C8 PCW GB . 32.63 -12.53 -22.50
C11 PCW GB . 33.27 -7.87 -18.89
C12 PCW GB . 34.00 -6.58 -18.67
C13 PCW GB . 33.29 -5.47 -19.54
C14 PCW GB . 33.90 -4.07 -19.45
C15 PCW GB . 33.58 -3.13 -20.65
C16 PCW GB . 32.93 -1.80 -20.14
C17 PCW GB . 31.37 -1.68 -20.24
C18 PCW GB . 30.78 -0.59 -19.34
C19 PCW GB . 29.59 -1.09 -18.49
C20 PCW GB . 29.50 -0.85 -17.12
C21 PCW GB . 30.38 -0.12 -16.18
C22 PCW GB . 29.76 1.29 -15.97
C23 PCW GB . 29.67 1.82 -14.51
C24 PCW GB . 30.96 2.26 -13.88
C25 PCW GB . 31.09 3.68 -13.25
C26 PCW GB . 30.86 4.86 -14.19
C27 PCW GB . 30.90 6.28 -13.59
C28 PCW GB . 31.43 7.26 -14.60
C31 PCW GB . 29.51 -6.41 -17.60
C32 PCW GB . 28.85 -5.34 -18.50
C33 PCW GB . 27.27 -5.14 -18.27
C34 PCW GB . 26.41 -5.89 -19.27
C35 PCW GB . 26.66 -5.17 -20.67
C36 PCW GB . 25.90 -3.83 -20.80
C37 PCW GB . 26.12 -3.08 -22.15
C38 PCW GB . 27.34 -2.22 -22.12
C39 PCW GB . 27.56 -1.49 -23.42
C40 PCW GB . 27.34 -0.20 -23.67
C41 PCW GB . 26.82 0.79 -22.62
C42 PCW GB . 28.03 1.70 -22.15
C43 PCW GB . 28.11 2.12 -20.69
C44 PCW GB . 29.36 2.99 -20.54
C45 PCW GB . 29.74 3.33 -19.12
C46 PCW GB . 29.16 4.63 -18.63
C47 PCW GB . 30.14 5.77 -18.47
C48 PCW GB . 29.44 7.04 -17.97
N PCW GB . 32.37 -12.82 -21.05
O2 PCW GB . 29.36 -7.59 -18.21
O3 PCW GB . 32.19 -7.93 -18.06
O11 PCW GB . 33.57 -8.73 -19.68
O31 PCW GB . 30.10 -6.19 -16.51
O1P PCW GB . 27.26 -11.99 -19.57
O2P PCW GB . 27.43 -9.96 -20.97
O3P PCW GB . 27.89 -9.82 -18.43
O4P PCW GB . 29.46 -10.84 -20.03
P PCW GB . 27.95 -10.69 -19.79
C1 PCW HB . 23.10 -29.85 6.82
C2 PCW HB . 21.81 -29.34 7.58
C3 PCW HB . 22.23 -28.43 8.80
C4 PCW HB . 21.23 -32.98 6.01
C5 PCW HB . 19.94 -33.40 6.69
C6 PCW HB . 17.70 -32.86 5.60
C7 PCW HB . 18.45 -35.18 5.82
C8 PCW HB . 18.03 -33.98 7.17
C11 PCW HB . 20.52 -28.76 10.45
C12 PCW HB . 19.31 -28.08 11.04
C13 PCW HB . 19.65 -27.70 12.52
C14 PCW HB . 18.51 -27.00 13.27
C15 PCW HB . 18.65 -25.45 13.42
C16 PCW HB . 18.64 -25.04 14.94
C17 PCW HB . 20.02 -24.94 15.67
C18 PCW HB . 19.95 -24.17 16.98
C19 PCW HB . 21.08 -24.55 17.97
C20 PCW HB . 21.67 -23.62 18.83
C21 PCW HB . 21.44 -22.17 19.03
C22 PCW HB . 22.64 -21.65 19.87
C23 PCW HB . 22.33 -20.86 21.17
C24 PCW HB . 21.84 -19.45 21.01
C25 PCW HB . 22.16 -18.37 22.08
C26 PCW HB . 21.06 -18.02 23.05
C27 PCW HB . 20.50 -16.58 23.02
C28 PCW HB . 21.00 -15.79 24.21
C31 PCW HB . 19.90 -29.11 6.18
C32 PCW HB . 19.16 -28.13 5.26
C33 PCW HB . 17.78 -27.57 5.84
C34 PCW HB . 17.78 -26.05 6.02
C35 PCW HB . 16.26 -25.65 6.17
C36 PCW HB . 15.74 -24.81 4.98
C37 PCW HB . 14.25 -24.38 5.06
C38 PCW HB . 13.96 -23.55 6.26
C39 PCW HB . 12.52 -23.12 6.35
C40 PCW HB . 12.06 -21.91 6.63
C41 PCW HB . 12.93 -20.71 6.94
C42 PCW HB . 12.40 -20.02 8.28
C43 PCW HB . 13.15 -18.82 8.83
C44 PCW HB . 12.42 -18.37 10.08
C45 PCW HB . 12.72 -16.97 10.54
C46 PCW HB . 11.62 -16.34 11.34
C47 PCW HB . 10.57 -15.58 10.55
C48 PCW HB . 9.51 -14.99 11.49
N PCW HB . 18.81 -33.78 5.90
O2 PCW HB . 20.99 -28.50 6.66
O3 PCW HB . 21.06 -27.96 9.47
O11 PCW HB . 20.94 -29.83 10.77
O31 PCW HB . 19.56 -30.31 6.42
O1P PCW HB . 23.94 -32.20 5.30
O2P PCW HB . 24.51 -33.40 7.42
O3P PCW HB . 23.77 -30.94 7.48
O4P PCW HB . 22.22 -32.78 7.06
P PCW HB . 23.65 -32.38 6.77
C1 PCW IB . -13.06 -23.27 -33.03
C2 PCW IB . -13.57 -21.78 -32.95
C3 PCW IB . -15.10 -21.76 -32.58
C4 PCW IB . -10.01 -25.46 -33.07
C5 PCW IB . -9.31 -26.80 -32.95
C6 PCW IB . -8.17 -28.13 -34.81
C7 PCW IB . -6.85 -26.78 -33.26
C8 PCW IB . -7.89 -28.26 -32.87
C11 PCW IB . -15.81 -19.89 -31.27
C12 PCW IB . -16.28 -18.46 -31.40
C13 PCW IB . -17.78 -18.38 -30.95
C14 PCW IB . -18.40 -16.98 -31.03
C15 PCW IB . -19.25 -16.55 -29.80
C16 PCW IB . -20.59 -15.84 -30.26
C17 PCW IB . -21.31 -14.93 -29.21
C18 PCW IB . -21.49 -13.49 -29.68
C19 PCW IB . -21.74 -12.50 -28.52
C20 PCW IB . -22.34 -11.27 -28.72
C21 PCW IB . -22.86 -10.58 -29.94
C22 PCW IB . -23.37 -9.20 -29.48
C23 PCW IB . -24.80 -8.77 -29.96
C24 PCW IB . -24.91 -7.44 -30.62
C25 PCW IB . -24.95 -6.13 -29.77
C26 PCW IB . -24.60 -4.85 -30.50
C27 PCW IB . -25.75 -4.08 -31.20
C28 PCW IB . -26.35 -3.07 -30.25
C31 PCW IB . -12.38 -19.84 -32.27
C32 PCW IB . -11.65 -19.21 -31.07
C33 PCW IB . -10.15 -19.72 -30.82
C34 PCW IB . -10.00 -20.55 -29.54
C35 PCW IB . -9.48 -19.52 -28.45
C36 PCW IB . -10.50 -19.31 -27.31
C37 PCW IB . -10.06 -18.31 -26.19
C38 PCW IB . -11.23 -17.75 -25.44
C39 PCW IB . -10.82 -16.80 -24.36
C40 PCW IB . -11.25 -15.55 -24.20
C41 PCW IB . -12.26 -14.86 -25.11
C42 PCW IB . -11.82 -13.34 -25.29
C43 PCW IB . -10.57 -13.03 -26.09
C44 PCW IB . -10.41 -11.52 -26.09
C45 PCW IB . -9.42 -10.97 -25.09
C46 PCW IB . -9.16 -9.50 -25.24
C47 PCW IB . -8.03 -9.10 -26.16
C48 PCW IB . -7.87 -7.58 -26.21
N PCW IB . -8.17 -27.09 -33.76
O2 PCW IB . -12.83 -21.04 -31.88
O3 PCW IB . -15.55 -20.40 -32.50
O11 PCW IB . -15.68 -20.47 -30.23
O31 PCW IB . -12.51 -19.33 -33.42
O1P PCW IB . -10.55 -23.05 -31.55
O2P PCW IB . -11.36 -24.66 -29.83
O3P PCW IB . -12.92 -23.89 -31.73
O4P PCW IB . -11.08 -25.44 -32.09
P PCW IB . -11.42 -24.23 -31.25
C1 PCW JB . -0.14 -14.35 -41.77
C2 PCW JB . 0.34 -12.85 -41.57
C3 PCW JB . -0.32 -11.93 -42.64
C4 PCW JB . 3.72 -15.21 -41.41
C5 PCW JB . 4.18 -13.98 -42.18
C6 PCW JB . 5.25 -12.92 -40.13
C7 PCW JB . 5.65 -11.99 -42.36
C8 PCW JB . 4.06 -12.07 -41.44
C11 PCW JB . 1.32 -10.20 -42.98
C12 PCW JB . 1.59 -8.76 -42.63
C13 PCW JB . 2.79 -8.24 -43.49
C14 PCW JB . 3.17 -6.77 -43.24
C15 PCW JB . 4.12 -6.52 -42.04
C16 PCW JB . 4.41 -4.99 -41.87
C17 PCW JB . 5.58 -4.57 -40.93
C18 PCW JB . 5.96 -3.09 -41.05
C19 PCW JB . 6.70 -2.57 -39.79
C20 PCW JB . 6.06 -2.00 -38.70
C21 PCW JB . 4.62 -1.75 -38.42
C22 PCW JB . 4.52 -1.49 -36.89
C23 PCW JB . 3.63 -2.46 -36.06
C24 PCW JB . 2.75 -1.84 -35.01
C25 PCW JB . 1.50 -1.01 -35.41
C26 PCW JB . 1.21 0.23 -34.57
C27 PCW JB . 1.24 1.61 -35.29
C28 PCW JB . -0.16 2.08 -35.59
C31 PCW JB . 0.83 -12.51 -39.28
C32 PCW JB . 0.26 -11.95 -37.96
C33 PCW JB . 0.22 -10.34 -37.85
C34 PCW JB . -0.84 -9.81 -36.90
C35 PCW JB . -0.06 -8.94 -35.84
C36 PCW JB . 0.77 -9.81 -34.86
C37 PCW JB . 1.57 -9.02 -33.77
C38 PCW JB . 2.40 -7.93 -34.38
C39 PCW JB . 3.19 -7.15 -33.36
C40 PCW JB . 2.70 -6.25 -32.49
C41 PCW JB . 1.24 -5.87 -32.38
C42 PCW JB . 0.87 -4.95 -33.65
C43 PCW JB . -0.44 -5.20 -34.36
C44 PCW JB . -0.52 -4.20 -35.49
C45 PCW JB . -1.92 -3.73 -35.84
C46 PCW JB . -2.17 -2.28 -35.52
C47 PCW JB . -2.77 -1.98 -34.17
C48 PCW JB . -2.97 -0.46 -33.98
N PCW JB . 5.14 -13.10 -41.59
O2 PCW JB . -0.09 -12.35 -40.23
O3 PCW JB . 0.12 -10.58 -42.44
O11 PCW JB . 2.05 -10.91 -43.62
O31 PCW JB . 1.97 -13.04 -39.42
O1P PCW JB . 1.94 -16.78 -39.70
O2P PCW JB . 0.90 -17.41 -41.88
O3P PCW JB . 0.22 -15.23 -40.69
O4P PCW JB . 2.37 -15.50 -41.84
P PCW JB . 1.38 -16.31 -41.01
C1 PCW KB . -7.04 -22.84 -23.58
C2 PCW KB . -8.27 -21.92 -23.22
C3 PCW KB . -9.40 -22.07 -24.29
C4 PCW KB . -6.66 -26.13 -25.52
C5 PCW KB . -7.90 -25.54 -26.19
C6 PCW KB . -8.06 -24.59 -28.55
C7 PCW KB . -8.84 -26.86 -28.07
C8 PCW KB . -9.52 -25.26 -27.41
C11 PCW KB . -11.76 -21.60 -24.37
C12 PCW KB . -12.76 -20.60 -23.88
C13 PCW KB . -13.27 -21.05 -22.47
C14 PCW KB . -14.31 -20.13 -21.82
C15 PCW KB . -13.75 -18.97 -20.94
C16 PCW KB . -13.85 -17.59 -21.69
C17 PCW KB . -15.18 -16.79 -21.53
C18 PCW KB . -15.96 -16.65 -22.83
C19 PCW KB . -17.29 -15.86 -22.67
C20 PCW KB . -18.47 -16.47 -22.30
C21 PCW KB . -18.82 -17.87 -21.97
C22 PCW KB . -19.89 -17.82 -20.83
C23 PCW KB . -19.38 -17.95 -19.37
C24 PCW KB . -20.42 -18.01 -18.30
C25 PCW KB . -20.03 -17.96 -16.79
C26 PCW KB . -21.15 -17.68 -15.81
C27 PCW KB . -21.18 -18.48 -14.50
C28 PCW KB . -22.49 -19.22 -14.37
C31 PCW KB . -8.65 -21.44 -20.93
C32 PCW KB . -9.30 -21.98 -19.65
C33 PCW KB . -9.03 -21.13 -18.31
C34 PCW KB . -9.86 -19.84 -18.25
C35 PCW KB . -10.67 -19.94 -16.89
C36 PCW KB . -10.98 -18.54 -16.28
C37 PCW KB . -11.78 -18.56 -14.94
C38 PCW KB . -11.39 -17.46 -14.02
C39 PCW KB . -12.17 -17.47 -12.73
C40 PCW KB . -12.60 -16.42 -12.04
C41 PCW KB . -12.39 -14.97 -12.46
C42 PCW KB . -11.20 -14.38 -11.59
C43 PCW KB . -11.53 -13.65 -10.29
C44 PCW KB . -10.21 -13.19 -9.69
C45 PCW KB . -9.50 -14.22 -8.85
C46 PCW KB . -9.45 -13.87 -7.38
C47 PCW KB . -8.97 -14.95 -6.45
C48 PCW KB . -8.97 -14.48 -5.00
N PCW KB . -8.10 -25.71 -27.60
O2 PCW KB . -8.86 -22.31 -21.91
O3 PCW KB . -10.51 -21.23 -23.95
O11 PCW KB . -12.00 -22.58 -25.02
O31 PCW KB . -8.04 -20.33 -21.04
O1P PCW KB . -4.79 -24.53 -24.00
O2P PCW KB . -5.45 -26.04 -22.14
O3P PCW KB . -6.88 -23.97 -22.69
O4P PCW KB . -6.84 -25.97 -24.09
P PCW KB . -5.91 -25.14 -23.22
C1 PCW LB . -4.99 -17.41 -38.07
C2 PCW LB . -4.55 -16.27 -37.08
C3 PCW LB . -5.35 -14.95 -37.39
C4 PCW LB . -1.22 -17.47 -38.05
C5 PCW LB . -0.49 -16.22 -37.58
C6 PCW LB . -0.38 -14.72 -35.52
C7 PCW LB . 0.63 -16.95 -35.50
C8 PCW LB . 1.12 -15.50 -36.54
C11 PCW LB . -3.74 -13.32 -36.66
C12 PCW LB . -3.52 -12.27 -35.61
C13 PCW LB . -4.54 -11.09 -35.88
C14 PCW LB . -4.46 -9.92 -34.89
C15 PCW LB . -4.36 -8.50 -35.50
C16 PCW LB . -5.48 -7.57 -34.93
C17 PCW LB . -6.29 -6.71 -35.95
C18 PCW LB . -7.24 -5.72 -35.29
C19 PCW LB . -8.73 -6.09 -35.47
C20 PCW LB . -9.68 -5.18 -35.90
C21 PCW LB . -9.60 -3.75 -36.26
C22 PCW LB . -9.69 -2.94 -34.94
C23 PCW LB . -8.60 -1.86 -34.70
C24 PCW LB . -7.56 -2.17 -33.68
C25 PCW LB . -7.04 -1.07 -32.70
C26 PCW LB . -8.08 -0.41 -31.81
C27 PCW LB . -7.64 0.00 -30.39
C28 PCW LB . -8.83 0.39 -29.56
C31 PCW LB . -3.79 -16.98 -34.95
C32 PCW LB . -4.26 -17.33 -33.54
C33 PCW LB . -4.71 -16.09 -32.63
C34 PCW LB . -4.74 -16.40 -31.14
C35 PCW LB . -6.18 -16.97 -30.85
C36 PCW LB . -7.22 -15.86 -30.59
C37 PCW LB . -8.68 -16.36 -30.30
C38 PCW LB . -9.68 -15.25 -30.40
C39 PCW LB . -11.09 -15.71 -30.12
C40 PCW LB . -12.18 -14.95 -30.00
C41 PCW LB . -12.18 -13.44 -30.11
C42 PCW LB . -13.10 -12.86 -28.94
C43 PCW LB . -14.60 -12.86 -29.14
C44 PCW LB . -15.22 -12.26 -27.89
C45 PCW LB . -16.71 -12.45 -27.74
C46 PCW LB . -17.49 -11.18 -27.83
C47 PCW LB . -18.19 -10.91 -29.15
C48 PCW LB . -18.95 -9.59 -29.11
N PCW LB . -0.23 -16.03 -36.19
O2 PCW LB . -4.85 -16.65 -35.67
O3 PCW LB . -4.96 -13.91 -36.48
O11 PCW LB . -2.95 -13.60 -37.53
O31 PCW LB . -2.59 -17.00 -35.35
O1P PCW LB . -3.15 -19.36 -39.16
O2P PCW LB . -2.84 -18.00 -41.22
O3P PCW LB . -4.51 -17.25 -39.42
O4P PCW LB . -2.09 -17.07 -39.14
P PCW LB . -3.12 -17.99 -39.77
C1 PCW MB . -9.57 -30.13 -18.27
C2 PCW MB . -9.71 -29.14 -17.06
C3 PCW MB . -10.51 -27.86 -17.48
C4 PCW MB . -8.38 -34.82 -17.35
C5 PCW MB . -6.86 -34.98 -17.35
C6 PCW MB . -4.59 -34.13 -16.52
C7 PCW MB . -6.61 -33.78 -15.17
C8 PCW MB . -5.81 -35.38 -15.63
C11 PCW MB . -9.53 -26.23 -16.01
C12 PCW MB . -9.87 -25.37 -14.83
C13 PCW MB . -10.23 -23.93 -15.38
C14 PCW MB . -10.62 -22.91 -14.30
C15 PCW MB . -12.14 -22.78 -14.02
C16 PCW MB . -12.89 -22.14 -15.24
C17 PCW MB . -14.09 -22.93 -15.87
C18 PCW MB . -15.23 -22.04 -16.33
C19 PCW MB . -14.83 -21.12 -17.50
C20 PCW MB . -15.00 -19.74 -17.45
C21 PCW MB . -15.54 -18.85 -16.39
C22 PCW MB . -15.05 -17.40 -16.75
C23 PCW MB . -15.03 -16.36 -15.61
C24 PCW MB . -15.15 -14.92 -16.02
C25 PCW MB . -16.08 -13.94 -15.24
C26 PCW MB . -16.49 -12.68 -15.98
C27 PCW MB . -16.33 -11.33 -15.25
C28 PCW MB . -15.05 -10.67 -15.67
C31 PCW MB . -9.74 -30.12 -14.89
C32 PCW MB . -10.66 -30.80 -13.86
C33 PCW MB . -11.92 -29.94 -13.37
C34 PCW MB . -12.75 -30.64 -12.30
C35 PCW MB . -14.05 -29.75 -12.09
C36 PCW MB . -14.52 -29.71 -10.61
C37 PCW MB . -15.79 -28.85 -10.33
C38 PCW MB . -15.54 -27.82 -9.28
C39 PCW MB . -16.75 -26.97 -8.98
C40 PCW MB . -16.87 -25.66 -9.16
C41 PCW MB . -15.78 -24.77 -9.72
C42 PCW MB . -15.48 -23.62 -8.67
C43 PCW MB . -14.68 -22.41 -9.11
C44 PCW MB . -14.55 -21.49 -7.92
C45 PCW MB . -13.79 -20.21 -8.18
C46 PCW MB . -13.88 -19.21 -7.05
C47 PCW MB . -13.66 -17.76 -7.42
C48 PCW MB . -13.79 -16.86 -6.19
N PCW MB . -6.06 -34.17 -16.46
O2 PCW MB . -10.48 -29.81 -15.96
O3 PCW MB . -10.62 -26.97 -16.36
O11 PCW MB . -8.46 -26.27 -16.56
O31 PCW MB . -8.50 -29.90 -14.75
O1P PCW MB . -10.40 -32.88 -16.67
O2P PCW MB . -10.69 -32.74 -19.13
O3P PCW MB . -8.86 -31.35 -17.95
O4P PCW MB . -8.70 -33.76 -18.28
P PCW MB . -9.75 -32.70 -17.99
C1 PCW NB . 1.49 -25.28 -17.64
C2 PCW NB . 0.42 -24.21 -17.20
C3 PCW NB . 0.73 -22.81 -17.84
C4 PCW NB . -1.93 -27.14 -20.79
C5 PCW NB . -3.19 -27.31 -19.94
C6 PCW NB . -5.66 -27.90 -19.78
C7 PCW NB . -4.29 -28.80 -21.60
C8 PCW NB . -4.13 -29.13 -19.79
C11 PCW NB . -0.06 -21.18 -16.25
C12 PCW NB . -1.22 -20.25 -15.99
C13 PCW NB . -1.81 -20.59 -14.58
C14 PCW NB . -2.99 -19.74 -14.13
C15 PCW NB . -2.89 -19.12 -12.71
C16 PCW NB . -2.49 -17.60 -12.79
C17 PCW NB . -3.63 -16.55 -12.50
C18 PCW NB . -3.71 -16.14 -11.03
C19 PCW NB . -3.12 -14.73 -10.77
C20 PCW NB . -3.66 -13.87 -9.82
C21 PCW NB . -4.81 -13.99 -8.89
C22 PCW NB . -4.75 -12.77 -7.94
C23 PCW NB . -5.75 -12.74 -6.76
C24 PCW NB . -5.18 -12.43 -5.41
C25 PCW NB . -4.94 -10.96 -4.97
C26 PCW NB . -6.17 -10.11 -4.76
C27 PCW NB . -6.31 -9.36 -3.41
C28 PCW NB . -7.37 -10.02 -2.56
C31 PCW NB . -1.88 -24.51 -16.72
C32 PCW NB . -3.22 -24.95 -17.34
C33 PCW NB . -4.12 -23.77 -17.95
C34 PCW NB . -5.51 -23.68 -17.33
C35 PCW NB . -5.69 -22.15 -16.93
C36 PCW NB . -6.57 -21.97 -15.68
C37 PCW NB . -6.79 -20.49 -15.23
C38 PCW NB . -7.25 -20.41 -13.80
C39 PCW NB . -7.48 -18.99 -13.36
C40 PCW NB . -7.25 -18.48 -12.14
C41 PCW NB . -6.74 -19.29 -10.96
C42 PCW NB . -6.59 -18.30 -9.71
C43 PCW NB . -6.20 -18.88 -8.37
C44 PCW NB . -6.14 -17.74 -7.39
C45 PCW NB . -4.80 -17.53 -6.72
C46 PCW NB . -4.91 -16.95 -5.33
C47 PCW NB . -3.96 -17.51 -4.30
C48 PCW NB . -4.17 -16.84 -2.93
N PCW NB . -4.39 -27.85 -20.52
O2 PCW NB . -0.94 -24.61 -17.65
O3 PCW NB . -0.26 -21.86 -17.42
O11 PCW NB . 0.89 -21.31 -15.54
O31 PCW NB . -1.71 -24.12 -15.52
O1P PCW NB . 0.63 -28.24 -19.31
O2P PCW NB . 0.69 -26.78 -20.73
O3P PCW NB . 1.37 -25.70 -19.02
O4P PCW NB . -1.03 -26.28 -20.04
P PCW NB . 0.22 -26.78 -19.32
C1 PCW OB . 22.94 -6.68 -35.03
C2 PCW OB . 22.38 -6.03 -33.70
C3 PCW OB . 21.57 -7.10 -32.89
C4 PCW OB . 25.85 -8.62 -32.38
C5 PCW OB . 27.24 -9.06 -31.95
C6 PCW OB . 27.28 -9.15 -29.39
C7 PCW OB . 28.21 -10.99 -30.72
C8 PCW OB . 28.80 -9.24 -30.64
C11 PCW OB . 19.95 -7.08 -31.12
C12 PCW OB . 19.58 -6.32 -29.87
C13 PCW OB . 19.11 -4.87 -30.29
C14 PCW OB . 18.69 -3.96 -29.14
C15 PCW OB . 19.83 -3.13 -28.49
C16 PCW OB . 20.49 -2.14 -29.53
C17 PCW OB . 22.01 -1.83 -29.37
C18 PCW OB . 22.33 -0.89 -28.21
C19 PCW OB . 23.78 -0.35 -28.24
C20 PCW OB . 24.06 1.01 -28.30
C21 PCW OB . 23.20 2.21 -28.35
C22 PCW OB . 23.38 2.94 -26.98
C23 PCW OB . 23.12 4.46 -26.95
C24 PCW OB . 21.99 4.94 -26.09
C25 PCW OB . 21.53 6.42 -26.10
C26 PCW OB . 22.34 7.39 -25.25
C27 PCW OB . 21.95 7.56 -23.77
C28 PCW OB . 21.70 9.01 -23.46
C31 PCW OB . 23.82 -4.29 -33.00
C32 PCW OB . 24.98 -3.97 -32.05
C33 PCW OB . 24.98 -2.49 -31.42
C34 PCW OB . 25.30 -1.40 -32.44
C35 PCW OB . 24.46 -0.14 -31.99
C36 PCW OB . 23.18 0.06 -32.84
C37 PCW OB . 22.30 1.29 -32.43
C38 PCW OB . 20.85 0.95 -32.44
C39 PCW OB . 19.98 2.12 -32.05
C40 PCW OB . 19.43 2.35 -30.85
C41 PCW OB . 19.59 1.42 -29.66
C42 PCW OB . 18.38 1.69 -28.65
C43 PCW OB . 18.17 0.72 -27.51
C44 PCW OB . 16.96 1.21 -26.73
C45 PCW OB . 17.25 1.67 -25.31
C46 PCW OB . 16.09 2.37 -24.67
C47 PCW OB . 16.34 3.79 -24.20
C48 PCW OB . 15.08 4.38 -23.55
N PCW OB . 27.42 -9.77 -30.72
O2 PCW OB . 23.51 -5.58 -32.83
O3 PCW OB . 21.05 -6.51 -31.68
O11 PCW OB . 19.37 -8.04 -31.55
O31 PCW OB . 23.26 -3.49 -33.79
O1P PCW OB . 23.82 -9.19 -34.38
O2P PCW OB . 25.72 -8.84 -35.95
O3P PCW OB . 24.38 -6.83 -35.07
O4P PCW OB . 25.97 -8.07 -33.71
P PCW OB . 24.96 -8.31 -34.80
C1 PCW PB . 11.30 -37.47 14.08
C2 PCW PB . 12.16 -36.48 14.95
C3 PCW PB . 12.11 -35.03 14.33
C4 PCW PB . 14.69 -39.61 15.18
C5 PCW PB . 15.80 -38.55 15.20
C6 PCW PB . 17.06 -37.20 16.75
C7 PCW PB . 18.06 -39.07 15.78
C8 PCW PB . 16.51 -39.44 17.40
C11 PCW PB . 14.25 -34.20 15.04
C12 PCW PB . 14.86 -33.17 15.96
C13 PCW PB . 15.12 -33.85 17.36
C14 PCW PB . 15.73 -32.93 18.42
C15 PCW PB . 16.96 -33.52 19.19
C16 PCW PB . 17.64 -32.42 20.08
C17 PCW PB . 17.94 -32.80 21.57
C18 PCW PB . 17.14 -32.00 22.59
C19 PCW PB . 17.94 -30.81 23.18
C20 PCW PB . 17.42 -29.52 23.23
C21 PCW PB . 16.13 -28.96 22.82
C22 PCW PB . 16.03 -27.53 23.47
C23 PCW PB . 14.93 -26.58 22.93
C24 PCW PB . 13.57 -26.69 23.53
C25 PCW PB . 12.36 -27.18 22.70
C26 PCW PB . 11.69 -28.47 23.15
C27 PCW PB . 10.29 -28.81 22.58
C28 PCW PB . 10.33 -30.11 21.82
C31 PCW PB . 12.42 -36.83 17.28
C32 PCW PB . 11.71 -36.68 18.63
C33 PCW PB . 11.67 -35.19 19.21
C34 PCW PB . 10.47 -34.90 20.11
C35 PCW PB . 10.99 -33.91 21.22
C36 PCW PB . 10.54 -34.33 22.65
C37 PCW PB . 11.03 -33.39 23.80
C38 PCW PB . 9.98 -33.21 24.84
C39 PCW PB . 10.43 -32.31 25.97
C40 PCW PB . 9.65 -31.56 26.75
C41 PCW PB . 8.14 -31.47 26.64
C42 PCW PB . 7.73 -29.94 26.59
C43 PCW PB . 7.68 -29.24 25.24
C44 PCW PB . 7.26 -27.79 25.50
C45 PCW PB . 6.28 -27.23 24.51
C46 PCW PB . 5.80 -25.84 24.85
C47 PCW PB . 5.43 -24.95 23.68
C48 PCW PB . 4.96 -23.57 24.17
N PCW PB . 16.80 -38.56 16.23
O2 PCW PB . 11.59 -36.38 16.33
O3 PCW PB . 12.88 -34.14 15.13
O11 PCW PB . 14.86 -34.96 14.34
O31 PCW PB . 13.58 -37.30 17.11
O1P PCW PB . 12.24 -41.13 14.80
O2P PCW PB . 12.26 -40.01 12.56
O3P PCW PB . 11.26 -38.81 14.62
O4P PCW PB . 13.66 -39.11 14.29
P PCW PB . 12.36 -39.84 14.04
C1 PCW QB . 6.93 -36.90 2.46
C2 PCW QB . 5.72 -35.89 2.55
C3 PCW QB . 4.63 -36.24 1.48
C4 PCW QB . 4.99 -39.44 4.56
C5 PCW QB . 3.98 -39.43 5.71
C6 PCW QB . 3.24 -41.63 5.06
C7 PCW QB . 2.07 -40.47 6.70
C8 PCW QB . 4.09 -41.34 7.29
C11 PCW QB . 2.30 -35.81 1.82
C12 PCW QB . 1.31 -34.67 1.89
C13 PCW QB . 0.93 -34.25 0.43
C14 PCW QB . -0.07 -33.09 0.33
C15 PCW QB . 0.31 -31.97 -0.68
C16 PCW QB . -0.78 -30.85 -0.69
C17 PCW QB . -2.05 -31.07 -1.57
C18 PCW QB . -3.36 -31.10 -0.77
C19 PCW QB . -4.23 -32.34 -1.10
C20 PCW QB . -5.46 -32.25 -1.74
C21 PCW QB . -6.22 -31.09 -2.25
C22 PCW QB . -7.71 -31.32 -1.85
C23 PCW QB . -8.60 -30.07 -1.63
C24 PCW QB . -8.44 -29.35 -0.32
C25 PCW QB . -7.36 -28.24 -0.14
C26 PCW QB . -7.78 -27.03 0.66
C27 PCW QB . -7.08 -25.68 0.34
C28 PCW QB . -8.06 -24.54 0.48
C31 PCW QB . 5.14 -34.89 4.62
C32 PCW QB . 4.46 -35.15 5.96
C33 PCW QB . 2.87 -34.89 5.99
C34 PCW QB . 2.21 -35.34 7.29
C35 PCW QB . 1.14 -34.21 7.63
C36 PCW QB . 1.20 -33.76 9.10
C37 PCW QB . 0.17 -32.65 9.50
C38 PCW QB . 0.84 -31.46 10.11
C39 PCW QB . -0.14 -30.39 10.50
C40 PCW QB . -0.34 -29.23 9.88
C41 PCW QB . 0.42 -28.78 8.64
C42 PCW QB . 0.66 -27.20 8.74
C43 PCW QB . 2.08 -26.69 8.80
C44 PCW QB . 2.01 -25.17 8.90
C45 PCW QB . 2.47 -24.58 10.20
C46 PCW QB . 1.45 -23.72 10.87
C47 PCW QB . 1.78 -22.26 11.00
C48 PCW QB . 0.66 -21.49 11.70
N PCW QB . 3.38 -40.66 6.16
O2 PCW QB . 5.08 -36.00 3.90
O3 PCW QB . 3.54 -35.32 1.58
O11 PCW QB . 2.01 -36.98 1.94
O31 PCW QB . 5.67 -33.80 4.27
O1P PCW QB . 7.51 -39.60 3.11
O2P PCW QB . 8.46 -38.94 5.33
O3P PCW QB . 7.59 -37.15 3.71
O4P PCW QB . 6.12 -38.63 4.98
P PCW QB . 7.47 -38.65 4.27
C1 PCW RB . -7.02 -31.91 -10.21
C2 PCW RB . -6.05 -30.84 -9.57
C3 PCW RB . -5.88 -29.62 -10.54
C4 PCW RB . -5.61 -35.60 -7.46
C5 PCW RB . -4.69 -35.41 -6.26
C6 PCW RB . -3.48 -33.51 -5.05
C7 PCW RB . -5.91 -33.80 -4.82
C8 PCW RB . -4.57 -34.95 -4.27
C11 PCW RB . -4.67 -27.56 -10.70
C12 PCW RB . -3.74 -26.66 -9.91
C13 PCW RB . -4.31 -25.20 -9.97
C14 PCW RB . -3.48 -24.15 -9.22
C15 PCW RB . -2.25 -23.57 -9.99
C16 PCW RB . -1.67 -22.32 -9.25
C17 PCW RB . -0.90 -21.27 -10.11
C18 PCW RB . -0.41 -20.06 -9.33
C19 PCW RB . 0.97 -19.54 -9.81
C20 PCW RB . 1.27 -18.20 -9.90
C21 PCW RB . 0.49 -16.97 -9.60
C22 PCW RB . 1.34 -15.77 -10.09
C23 PCW RB . 0.69 -14.80 -11.12
C24 PCW RB . 0.87 -13.33 -10.85
C25 PCW RB . 2.15 -12.58 -11.31
C26 PCW RB . 2.60 -11.42 -10.44
C27 PCW RB . 3.92 -11.58 -9.66
C28 PCW RB . 3.93 -10.66 -8.47
C31 PCW RB . -6.11 -30.85 -7.19
C32 PCW RB . -6.82 -30.21 -5.98
C33 PCW RB . -6.87 -28.60 -5.99
C34 PCW RB . -6.37 -27.97 -4.68
C35 PCW RB . -6.27 -26.42 -4.98
C36 PCW RB . -7.00 -25.55 -3.92
C37 PCW RB . -6.94 -24.01 -4.15
C38 PCW RB . -6.44 -23.28 -2.96
C39 PCW RB . -6.38 -21.80 -3.17
C40 PCW RB . -5.31 -21.00 -3.02
C41 PCW RB . -3.94 -21.48 -2.60
C42 PCW RB . -3.79 -21.24 -1.04
C43 PCW RB . -2.70 -20.32 -0.55
C44 PCW RB . -2.79 -20.29 0.98
C45 PCW RB . -1.84 -21.24 1.68
C46 PCW RB . -1.00 -20.57 2.72
C47 PCW RB . -0.08 -21.48 3.52
C48 PCW RB . 0.73 -20.68 4.55
N PCW RB . -4.70 -34.17 -5.54
O2 PCW RB . -6.63 -30.31 -8.30
O3 PCW RB . -5.00 -28.65 -9.95
O11 PCW RB . -5.04 -27.34 -11.81
O31 PCW RB . -5.22 -31.73 -7.13
O1P PCW RB . -6.88 -35.50 -10.10
O2P PCW RB . -5.04 -33.88 -10.59
O3P PCW RB . -7.19 -33.09 -9.41
O4P PCW RB . -5.49 -34.42 -8.28
P PCW RB . -6.12 -34.27 -9.65
C1 PCW SB . 18.21 -16.24 -18.09
C2 PCW SB . 17.76 -14.88 -18.76
C3 PCW SB . 18.18 -13.68 -17.84
C4 PCW SB . 20.72 -20.11 -19.47
C5 PCW SB . 22.25 -19.94 -19.49
C6 PCW SB . 23.94 -20.84 -17.81
C7 PCW SB . 23.50 -22.04 -19.90
C8 PCW SB . 24.24 -20.35 -19.68
C11 PCW SB . 16.61 -11.87 -18.00
C12 PCW SB . 16.38 -10.58 -18.72
C13 PCW SB . 16.40 -9.41 -17.66
C14 PCW SB . 16.18 -8.01 -18.22
C15 PCW SB . 16.62 -6.84 -17.27
C16 PCW SB . 15.99 -5.48 -17.74
C17 PCW SB . 15.03 -4.75 -16.76
C18 PCW SB . 15.23 -3.24 -16.71
C19 PCW SB . 14.36 -2.49 -17.74
C20 PCW SB . 13.41 -1.54 -17.37
C21 PCW SB . 12.99 -1.01 -16.05
C22 PCW SB . 13.31 0.51 -16.06
C23 PCW SB . 12.16 1.48 -15.69
C24 PCW SB . 11.30 1.97 -16.82
C25 PCW SB . 10.01 2.79 -16.53
C26 PCW SB . 8.72 2.28 -17.15
C27 PCW SB . 7.84 3.29 -17.91
C28 PCW SB . 7.95 3.05 -19.40
C31 PCW SB . 17.63 -14.77 -21.12
C32 PCW SB . 18.47 -14.57 -22.39
C33 PCW SB . 18.50 -13.08 -22.97
C34 PCW SB . 19.74 -12.29 -22.58
C35 PCW SB . 19.23 -11.17 -21.57
C36 PCW SB . 20.35 -10.69 -20.62
C37 PCW SB . 19.92 -9.58 -19.59
C38 PCW SB . 20.25 -8.21 -20.08
C39 PCW SB . 19.85 -7.12 -19.11
C40 PCW SB . 20.50 -5.99 -18.87
C41 PCW SB . 21.80 -5.59 -19.55
C42 PCW SB . 22.64 -4.68 -18.54
C43 PCW SB . 22.72 -3.19 -18.79
C44 PCW SB . 23.57 -2.60 -17.68
C45 PCW SB . 23.08 -1.27 -17.13
C46 PCW SB . 23.47 -1.04 -15.70
C47 PCW SB . 24.54 -0.01 -15.46
C48 PCW SB . 24.85 0.13 -13.96
N PCW SB . 23.08 -20.99 -18.99
O2 PCW SB . 18.44 -14.70 -20.07
O3 PCW SB . 17.77 -12.44 -18.43
O11 PCW SB . 15.90 -12.34 -17.16
O31 PCW SB . 16.38 -14.97 -21.09
O1P PCW SB . 18.17 -19.19 -18.42
O2P PCW SB . 17.98 -18.14 -20.67
O3P PCW SB . 19.25 -16.94 -18.79
O4P PCW SB . 20.15 -18.89 -19.96
P PCW SB . 18.82 -18.33 -19.47
C1 PCW TB . 11.83 -20.42 -20.13
C2 PCW TB . 11.45 -18.89 -19.92
C3 PCW TB . 10.22 -18.76 -18.97
C4 PCW TB . 14.02 -18.69 -23.70
C5 PCW TB . 13.93 -17.17 -23.60
C6 PCW TB . 13.83 -15.73 -25.70
C7 PCW TB . 11.88 -15.92 -24.22
C8 PCW TB . 13.53 -15.18 -23.83
C11 PCW TB . 8.98 -16.84 -19.65
C12 PCW TB . 8.77 -15.39 -19.29
C13 PCW TB . 7.32 -15.22 -18.72
C14 PCW TB . 6.95 -13.79 -18.31
C15 PCW TB . 6.13 -13.65 -16.99
C16 PCW TB . 5.57 -12.20 -16.83
C17 PCW TB . 6.46 -11.15 -16.08
C18 PCW TB . 5.65 -10.12 -15.30
C19 PCW TB . 5.63 -10.39 -13.78
C20 PCW TB . 5.05 -9.52 -12.87
C21 PCW TB . 4.35 -8.22 -13.03
C22 PCW TB . 3.96 -7.74 -11.60
C23 PCW TB . 4.07 -6.22 -11.31
C24 PCW TB . 3.11 -5.65 -10.31
C25 PCW TB . 3.54 -5.38 -8.84
C26 PCW TB . 3.71 -6.58 -7.93
C27 PCW TB . 2.43 -7.20 -7.32
C28 PCW TB . 2.76 -7.91 -6.02
C31 PCW TB . 12.92 -17.04 -19.92
C32 PCW TB . 14.10 -16.41 -19.16
C33 PCW TB . 13.77 -15.05 -18.38
C34 PCW TB . 13.63 -13.84 -19.30
C35 PCW TB . 12.33 -13.07 -18.83
C36 PCW TB . 12.43 -11.54 -19.04
C37 PCW TB . 11.18 -10.71 -18.61
C38 PCW TB . 11.14 -9.37 -19.26
C39 PCW TB . 9.94 -8.55 -18.83
C40 PCW TB . 9.94 -7.41 -18.16
C41 PCW TB . 11.20 -6.70 -17.67
C42 PCW TB . 11.70 -5.73 -18.83
C43 PCW TB . 12.83 -6.18 -19.73
C44 PCW TB . 13.09 -5.07 -20.73
C45 PCW TB . 14.54 -4.90 -21.14
C46 PCW TB . 14.71 -4.24 -22.47
C47 PCW TB . 15.44 -2.91 -22.48
C48 PCW TB . 15.55 -2.36 -23.91
N PCW TB . 13.19 -16.44 -24.57
O2 PCW TB . 12.58 -18.17 -19.30
O3 PCW TB . 9.88 -17.39 -18.80
O11 PCW TB . 8.44 -17.42 -20.55
O31 PCW TB . 12.38 -16.57 -20.97
O1P PCW TB . 14.00 -21.53 -23.03
O2P PCW TB . 11.52 -21.16 -22.89
O3P PCW TB . 13.04 -20.62 -20.87
O4P PCW TB . 12.96 -19.24 -22.88
P PCW TB . 12.87 -20.69 -22.47
C1 PCW UB . 27.96 -16.67 -18.07
C2 PCW UB . 26.52 -16.27 -17.55
C3 PCW UB . 26.10 -17.21 -16.36
C4 PCW UB . 26.67 -15.39 -21.97
C5 PCW UB . 26.25 -14.06 -21.31
C6 PCW UB . 23.77 -14.63 -21.59
C7 PCW UB . 24.46 -12.42 -20.78
C8 PCW UB . 24.79 -13.17 -22.43
C11 PCW UB . 23.71 -17.16 -16.67
C12 PCW UB . 22.46 -16.66 -15.98
C13 PCW UB . 22.38 -15.10 -16.19
C14 PCW UB . 21.16 -14.42 -15.55
C15 PCW UB . 21.20 -14.27 -13.99
C16 PCW UB . 22.42 -13.39 -13.55
C17 PCW UB . 22.14 -11.88 -13.25
C18 PCW UB . 23.12 -10.93 -13.93
C19 PCW UB . 22.77 -10.68 -15.43
C20 PCW UB . 21.94 -9.66 -15.85
C21 PCW UB . 21.21 -8.60 -15.11
C22 PCW UB . 21.82 -7.24 -15.56
C23 PCW UB . 22.05 -6.16 -14.46
C24 PCW UB . 21.59 -4.77 -14.78
C25 PCW UB . 20.09 -4.42 -14.91
C26 PCW UB . 19.75 -3.05 -15.46
C27 PCW UB . 19.22 -2.96 -16.90
C28 PCW UB . 18.91 -1.53 -17.25
C31 PCW UB . 25.61 -14.09 -17.57
C32 PCW UB . 25.76 -12.68 -16.95
C33 PCW UB . 26.00 -12.66 -15.36
C34 PCW UB . 27.42 -12.27 -14.97
C35 PCW UB . 27.57 -12.63 -13.44
C36 PCW UB . 26.86 -11.60 -12.52
C37 PCW UB . 26.95 -11.90 -11.00
C38 PCW UB . 25.61 -12.01 -10.37
C39 PCW UB . 25.69 -12.30 -8.88
C40 PCW UB . 24.69 -12.31 -8.01
C41 PCW UB . 23.23 -12.05 -8.36
C42 PCW UB . 22.39 -12.15 -7.01
C43 PCW UB . 21.01 -12.79 -7.05
C44 PCW UB . 20.44 -12.75 -5.65
C45 PCW UB . 19.56 -11.57 -5.34
C46 PCW UB . 20.19 -10.56 -4.42
C47 PCW UB . 19.75 -9.14 -4.58
C48 PCW UB . 20.46 -8.22 -3.58
N PCW UB . 24.87 -13.78 -21.07
O2 PCW UB . 26.54 -14.88 -17.04
O3 PCW UB . 24.79 -16.83 -15.90
O11 PCW UB . 23.73 -17.74 -17.71
O31 PCW UB . 24.77 -14.42 -18.46
O1P PCW UB . 29.47 -15.03 -21.18
O2P PCW UB . 29.29 -17.45 -20.62
O3P PCW UB . 28.55 -15.67 -18.93
O4P PCW UB . 27.25 -16.22 -20.93
P PCW UB . 28.70 -16.11 -20.47
C1 PCW VB . 31.00 -18.69 -15.41
C2 PCW VB . 30.58 -17.83 -14.16
C3 PCW VB . 29.13 -17.26 -14.37
C4 PCW VB . 29.34 -22.37 -13.03
C5 PCW VB . 27.98 -21.81 -12.61
C6 PCW VB . 26.43 -23.04 -10.98
C7 PCW VB . 27.66 -21.03 -10.27
C8 PCW VB . 26.34 -21.17 -11.57
C11 PCW VB . 27.87 -17.02 -12.34
C12 PCW VB . 27.61 -16.04 -11.23
C13 PCW VB . 27.65 -16.82 -9.87
C14 PCW VB . 27.39 -15.97 -8.62
C15 PCW VB . 25.91 -15.87 -8.16
C16 PCW VB . 25.70 -16.55 -6.76
C17 PCW VB . 24.46 -17.49 -6.61
C18 PCW VB . 24.34 -18.10 -5.21
C19 PCW VB . 22.89 -18.52 -4.87
C20 PCW VB . 22.10 -17.82 -3.97
C21 PCW VB . 22.36 -16.61 -3.16
C22 PCW VB . 21.07 -16.36 -2.30
C23 PCW VB . 21.17 -16.60 -0.77
C24 PCW VB . 20.28 -17.64 -0.19
C25 PCW VB . 19.49 -17.37 1.13
C26 PCW VB . 18.01 -17.72 1.11
C27 PCW VB . 17.06 -16.82 0.29
C28 PCW VB . 16.18 -16.03 1.22
C31 PCW VB . 31.59 -18.44 -12.12
C32 PCW VB . 31.42 -19.38 -10.90
C33 PCW VB . 31.99 -18.81 -9.52
C34 PCW VB . 31.01 -17.84 -8.83
C35 PCW VB . 31.94 -16.70 -8.23
C36 PCW VB . 32.23 -15.58 -9.26
C37 PCW VB . 33.13 -14.41 -8.73
C38 PCW VB . 32.76 -13.10 -9.34
C39 PCW VB . 33.62 -11.97 -8.85
C40 PCW VB . 33.49 -10.68 -9.15
C41 PCW VB . 32.41 -10.12 -10.06
C42 PCW VB . 31.27 -9.47 -9.16
C43 PCW VB . 30.39 -8.38 -9.76
C44 PCW VB . 29.41 -7.95 -8.69
C45 PCW VB . 28.08 -8.66 -8.70
C46 PCW VB . 27.13 -8.18 -7.65
C47 PCW VB . 25.70 -8.66 -7.76
C48 PCW VB . 24.83 -8.09 -6.62
N PCW VB . 27.49 -22.06 -11.28
O2 PCW VB . 30.56 -18.67 -12.94
O3 PCW VB . 28.76 -16.48 -13.23
O11 PCW VB . 27.37 -18.11 -12.44
O31 PCW VB . 32.53 -17.62 -12.29
O1P PCW VB . 30.91 -22.43 -15.49
O2P PCW VB . 32.40 -20.86 -14.23
O3P PCW VB . 30.32 -19.97 -15.49
O4P PCW VB . 30.16 -21.23 -13.41
P PCW VB . 31.01 -21.18 -14.66
C1 PCW WB . -16.24 -35.56 -16.46
C2 PCW WB . -16.74 -34.17 -15.91
C3 PCW WB . -17.82 -33.58 -16.87
C4 PCW WB . -13.72 -36.98 -12.75
C5 PCW WB . -12.30 -37.23 -12.28
C6 PCW WB . -11.11 -35.56 -10.99
C7 PCW WB . -11.09 -37.79 -10.28
C8 PCW WB . -13.02 -36.62 -9.97
C11 PCW WB . -17.57 -31.19 -16.71
C12 PCW WB . -18.19 -29.98 -16.06
C13 PCW WB . -17.50 -29.76 -14.67
C14 PCW WB . -18.01 -28.56 -13.86
C15 PCW WB . -17.61 -27.16 -14.41
C16 PCW WB . -16.61 -26.46 -13.42
C17 PCW WB . -15.09 -26.45 -13.84
C18 PCW WB . -14.19 -25.80 -12.78
C19 PCW WB . -12.74 -26.34 -12.82
C20 PCW WB . -11.86 -26.19 -11.75
C21 PCW WB . -12.00 -25.57 -10.42
C22 PCW WB . -11.59 -24.08 -10.58
C23 PCW WB . -10.07 -23.74 -10.60
C24 PCW WB . -9.68 -22.39 -10.09
C25 PCW WB . -8.68 -22.23 -8.91
C26 PCW WB . -9.28 -21.80 -7.57
C27 PCW WB . -9.72 -20.32 -7.44
C28 PCW WB . -10.14 -20.05 -6.01
C31 PCW WB . -16.54 -34.23 -13.54
C32 PCW WB . -17.35 -34.43 -12.25
C33 PCW WB . -17.47 -33.16 -11.29
C34 PCW WB . -16.33 -33.07 -10.27
C35 PCW WB . -17.03 -33.07 -8.86
C36 PCW WB . -16.06 -32.70 -7.71
C37 PCW WB . -16.70 -32.70 -6.29
C38 PCW WB . -16.25 -31.52 -5.48
C39 PCW WB . -16.85 -31.50 -4.10
C40 PCW WB . -17.61 -30.54 -3.57
C41 PCW WB . -18.00 -29.27 -4.30
C42 PCW WB . -19.50 -29.45 -4.82
C43 PCW WB . -20.64 -28.94 -3.94
C44 PCW WB . -21.94 -29.24 -4.67
C45 PCW WB . -22.99 -29.92 -3.83
C46 PCW WB . -24.19 -29.05 -3.55
C47 PCW WB . -25.53 -29.75 -3.46
C48 PCW WB . -26.65 -28.75 -3.17
N PCW WB . -11.90 -36.82 -10.96
O2 PCW WB . -17.38 -34.35 -14.58
O3 PCW WB . -18.26 -32.31 -16.36
O11 PCW WB . -16.61 -31.18 -17.42
O31 PCW WB . -15.30 -33.99 -13.60
O1P PCW WB . -16.23 -37.28 -14.17
O2P PCW WB . -14.83 -38.54 -15.80
O3P PCW WB . -14.97 -35.97 -15.93
O4P PCW WB . -13.73 -37.14 -14.19
P PCW WB . -14.99 -37.30 -15.01
C1 17F XB . 35.10 -21.83 1.88
N1 17F XB . 34.08 -21.89 -0.40
O1 17F XB . 36.37 -23.91 3.95
P1 17F XB . 35.01 -23.24 3.98
C2 17F XB . 34.12 -21.19 0.88
O2 17F XB . 33.90 -24.01 4.64
C3 17F XB . 34.48 -19.72 0.65
O3 17F XB . 34.50 -22.87 2.57
C4 17F XB . 33.91 -21.03 4.91
O4 17F XB . 34.72 -19.23 -0.51
C5 17F XB . 34.17 -19.69 5.67
O5 17F XB . 34.57 -18.94 1.61
C6 17F XB . 35.62 -19.68 6.25
O6 17F XB . 35.07 -21.85 4.74
C7 17F XB . 36.78 -18.50 7.89
O7 17F XB . 35.89 -18.48 6.95
C8 17F XB . 36.87 -17.07 8.48
O8 17F XB . 37.48 -19.40 8.29
C9 17F XB . 35.97 -16.88 9.73
O9 17F XB . 33.92 -18.54 4.87
C10 17F XB . 36.02 -15.45 10.38
O10 17F XB . 31.69 -18.19 5.36
C11 17F XB . 34.62 -14.81 10.67
C12 17F XB . 34.73 -13.40 11.32
C17 17F XB . 32.88 -17.86 5.30
C18 17F XB . 33.27 -16.47 5.77
C19 17F XB . 32.90 -16.16 7.24
C20 17F XB . 31.56 -15.34 7.36
C1X 17F XB . 33.33 -12.81 11.58
C1Y 17F XB . 31.22 -15.05 8.85
C1Z 17F XB . 29.80 -14.50 8.97
C2X 17F XB . 33.40 -11.35 12.24
C21 17F XB . 33.83 -11.39 13.74
C22 17F XB . 34.07 -10.35 14.46
C23 17F XB . 34.01 -8.94 14.04
C24 17F XB . 32.63 -8.29 14.19
C25 17F XB . 32.51 -6.84 13.77
C26 17F XB . 32.57 -5.77 14.95
C27 17F XB . 32.45 -4.32 14.50
C28 17F XB . 32.53 -3.41 15.79
C29 17F XB . 33.57 -2.39 15.58
C30 17F XB . 33.75 -1.45 16.74
C31 17F XB . 29.63 -13.21 9.86
C32 17F XB . 28.17 -12.66 9.97
C33 17F XB . 28.11 -11.27 9.36
C34 17F XB . 27.01 -10.53 9.28
C35 17F XB . 25.63 -10.89 9.79
C36 17F XB . 25.12 -10.01 10.97
C37 17F XB . 24.38 -10.88 11.91
C38 17F XB . 23.14 -10.21 12.58
C39 17F XB . 22.43 -11.17 13.55
C40 17F XB . 23.07 -11.11 14.94
C41 17F XB . 22.01 -10.65 16.01
C42 17F XB . 22.19 -11.08 17.48
C1 17F YB . 12.25 -34.86 -6.94
N1 17F YB . 12.32 -34.64 -9.43
O1 17F YB . 14.11 -35.11 -4.42
P1 17F YB . 12.66 -35.50 -4.52
C2 17F YB . 11.87 -35.46 -8.31
O2 17F YB . 12.19 -36.64 -3.65
C3 17F YB . 10.34 -35.64 -8.38
O3 17F YB . 12.21 -35.85 -5.96
C4 17F YB . 10.30 -34.38 -4.13
O4 17F YB . 9.62 -35.14 -9.32
C5 17F YB . 9.59 -33.05 -3.71
O5 17F YB . 9.75 -36.31 -7.53
C6 17F YB . 10.47 -32.30 -2.69
O6 17F YB . 11.72 -34.27 -4.12
C7 17F YB . 9.80 -30.81 -1.02
O7 17F YB . 9.89 -31.07 -2.29
C8 17F YB . 9.19 -29.38 -0.88
O8 17F YB . 10.13 -31.45 -0.06
C9 17F YB . 10.18 -28.30 -1.37
O9 17F YB . 9.26 -32.23 -4.83
C10 17F YB . 9.69 -26.81 -1.28
O10 17F YB . 7.52 -33.26 -5.94
C11 17F YB . 10.44 -25.82 -2.27
C12 17F YB . 9.91 -24.34 -2.15
C17 17F YB . 8.00 -32.40 -5.21
C18 17F YB . 7.08 -31.34 -4.61
C19 17F YB . 7.29 -29.92 -5.19
C20 17F YB . 6.00 -29.02 -5.04
C1X 17F YB . 10.67 -23.43 -3.12
C1Y 17F YB . 6.24 -27.60 -5.63
C1Z 17F YB . 5.50 -26.56 -4.80
C2X 17F YB . 10.17 -21.91 -3.04
C21 17F YB . 9.50 -21.43 -4.36
C22 17F YB . 9.50 -20.21 -4.78
C23 17F YB . 10.11 -19.05 -4.14
C24 17F YB . 9.56 -17.70 -4.58
C25 17F YB . 10.16 -16.45 -3.94
C26 17F YB . 9.16 -15.22 -3.76
C27 17F YB . 9.78 -13.99 -3.12
C28 17F YB . 8.65 -12.88 -3.04
C29 17F YB . 9.19 -11.72 -2.30
C30 17F YB . 8.23 -10.59 -2.15
C31 17F YB . 6.36 -25.71 -3.80
C32 17F YB . 5.58 -24.65 -2.97
C33 17F YB . 6.22 -24.53 -1.59
C34 17F YB . 5.80 -23.71 -0.64
C35 17F YB . 4.63 -22.75 -0.72
C36 17F YB . 3.44 -23.10 0.22
C37 17F YB . 2.31 -23.62 -0.60
C38 17F YB . 1.16 -22.60 -0.85
C39 17F YB . 0.03 -23.21 -1.70
C40 17F YB . 0.18 -22.77 -3.17
C41 17F YB . -0.21 -23.96 -4.14
C42 17F YB . -1.64 -24.04 -4.67
C1 17F ZB . 4.77 -28.53 -18.84
N1 17F ZB . 3.96 -29.26 -16.58
O1 17F ZB . 5.84 -26.19 -20.04
P1 17F ZB . 6.38 -26.59 -18.69
C2 17F ZB . 3.63 -29.13 -17.99
O2 17F ZB . 7.84 -26.95 -18.62
C3 17F ZB . 3.23 -30.50 -18.56
O3 17F ZB . 5.61 -27.77 -18.04
C4 17F ZB . 6.64 -25.58 -16.27
O4 17F ZB . 3.21 -31.57 -17.84
C5 17F ZB . 6.38 -24.33 -15.39
O5 17F ZB . 2.91 -30.62 -19.74
C6 17F ZB . 6.97 -24.55 -13.98
O6 17F ZB . 6.20 -25.42 -17.62
C7 17F ZB . 7.76 -22.77 -12.69
O7 17F ZB . 6.75 -23.43 -13.14
C8 17F ZB . 7.22 -21.60 -11.83
O8 17F ZB . 8.95 -22.93 -12.86
C9 17F ZB . 6.85 -22.04 -10.39
O9 17F ZB . 6.89 -23.11 -15.97
C10 17F ZB . 6.29 -20.91 -9.45
O10 17F ZB . 5.68 -22.62 -17.87
C11 17F ZB . 7.27 -19.68 -9.26
C12 17F ZB . 6.65 -18.59 -8.31
C17 17F ZB . 5.97 -22.48 -16.68
C18 17F ZB . 5.22 -21.46 -15.85
C19 17F ZB . 3.86 -21.96 -15.29
C20 17F ZB . 3.90 -22.18 -13.73
C1X 17F ZB . 7.62 -17.41 -8.14
C1Y 17F ZB . 2.54 -22.68 -13.22
C1Z 17F ZB . 2.40 -22.44 -11.71
C2X 17F ZB . 7.04 -16.26 -7.19
C21 17F ZB . 5.85 -15.49 -7.85
C22 17F ZB . 5.20 -14.52 -7.29
C23 17F ZB . 5.42 -13.94 -5.96
C24 17F ZB . 4.35 -12.96 -5.52
C25 17F ZB . 4.53 -12.33 -4.15
C26 17F ZB . 3.64 -12.95 -2.96
C27 17F ZB . 3.84 -12.32 -1.61
C28 17F ZB . 2.89 -13.05 -0.59
C29 17F ZB . 2.75 -12.22 0.62
C30 17F ZB . 1.86 -12.80 1.68
C31 17F ZB . 2.74 -23.66 -10.77
C32 17F ZB . 2.59 -23.38 -9.25
C33 17F ZB . 3.83 -23.91 -8.54
C34 17F ZB . 4.03 -23.84 -7.22
C35 17F ZB . 3.11 -23.23 -6.20
C36 17F ZB . 3.68 -21.96 -5.49
C37 17F ZB . 2.69 -20.86 -5.61
C38 17F ZB . 2.56 -19.96 -4.35
C39 17F ZB . 1.52 -18.85 -4.55
C40 17F ZB . 1.74 -17.72 -3.53
C41 17F ZB . 0.42 -16.89 -3.33
C42 17F ZB . 0.53 -15.40 -2.96
C1 17F AC . 37.52 -27.92 10.38
N1 17F AC . 39.06 -27.20 8.54
O1 17F AC . 37.32 -25.05 10.58
P1 17F AC . 37.86 -25.83 11.76
C2 17F AC . 38.49 -28.32 9.26
O2 17F AC . 39.08 -25.26 12.44
C3 17F AC . 37.76 -29.26 8.27
O3 17F AC . 38.20 -27.29 11.41
C4 17F AC . 37.09 -26.66 14.13
O4 17F AC . 37.71 -29.02 7.01
C5 17F AC . 35.91 -26.68 15.15
O5 17F AC . 37.21 -30.27 8.67
C6 17F AC . 36.36 -27.35 16.47
O6 17F AC . 36.79 -25.96 12.91
C7 17F AC . 34.67 -28.51 17.61
O7 17F AC . 35.32 -27.40 17.43
C8 17F AC . 33.61 -28.27 18.71
O8 17F AC . 34.79 -29.58 17.08
C9 17F AC . 32.21 -27.91 18.15
O9 17F AC . 35.36 -25.36 15.39
C10 17F AC . 31.08 -27.64 19.21
O10 17F AC . 33.13 -25.66 15.86
C11 17F AC . 30.37 -26.25 19.07
C12 17F AC . 29.26 -26.04 20.16
C17 17F AC . 34.08 -25.32 15.14
C18 17F AC . 33.78 -24.75 13.76
C19 17F AC . 33.71 -23.20 13.71
C20 17F AC . 32.36 -22.69 13.06
C1X 17F AC . 28.59 -24.67 19.99
C1Y 17F AC . 32.34 -21.14 13.03
C1Z 17F AC . 31.51 -20.58 14.20
C2X 17F AC . 27.45 -24.39 21.08
C21 17F AC . 26.22 -25.35 20.94
C22 17F AC . 25.41 -25.38 19.94
C23 17F AC . 25.46 -24.54 18.73
C24 17F AC . 25.13 -25.28 17.44
C25 17F AC . 25.16 -24.46 16.15
C26 17F AC . 24.24 -23.15 16.13
C27 17F AC . 24.28 -22.35 14.85
C28 17F AC . 23.33 -21.11 15.02
C29 17F AC . 23.44 -20.25 13.84
C30 17F AC . 22.58 -19.03 13.86
C31 17F AC . 32.29 -19.74 15.26
C32 17F AC . 31.42 -19.19 16.43
C33 17F AC . 31.99 -19.69 17.75
C34 17F AC . 31.48 -19.41 18.94
C35 17F AC . 30.28 -18.55 19.24
C36 17F AC . 29.87 -18.50 20.75
C37 17F AC . 28.53 -17.90 20.86
C38 17F AC . 27.56 -18.64 21.82
C39 17F AC . 26.19 -17.95 21.88
C40 17F AC . 26.03 -17.18 23.20
C41 17F AC . 26.26 -15.62 22.97
C42 17F AC . 25.21 -14.64 23.47
C1 17F BC . 13.25 -12.39 -38.49
N1 17F BC . 13.38 -14.57 -39.72
O1 17F BC . 13.40 -10.25 -40.98
P1 17F BC . 12.25 -10.73 -40.12
C2 17F BC . 14.05 -13.67 -38.78
O2 17F BC . 11.74 -11.56 -41.27
C3 17F BC . 14.36 -14.41 -37.48
O3 17F BC . 12.32 -12.13 -39.48
C4 17F BC . 9.70 -10.51 -39.55
O4 17F BC . 14.04 -15.65 -37.29
C5 17F BC . 8.38 -9.76 -39.93
O5 17F BC . 14.92 -13.85 -36.55
C6 17F BC . 7.20 -10.35 -39.11
O6 17F BC . 10.82 -10.10 -40.34
C7 17F BC . 5.03 -9.75 -38.52
O7 17F BC . 5.98 -9.72 -39.41
C8 17F BC . 3.80 -9.02 -39.10
O8 17F BC . 5.00 -10.25 -37.43
C9 17F BC . 3.42 -7.74 -38.30
O9 17F BC . 8.47 -8.34 -39.75
C10 17F BC . 2.17 -6.95 -38.84
O10 17F BC . 10.02 -7.31 -41.11
C11 17F BC . 2.18 -5.41 -38.54
C12 17F BC . 0.90 -4.69 -39.10
C17 17F BC . 8.89 -7.73 -40.84
C18 17F BC . 7.78 -7.56 -41.86
C19 17F BC . 8.23 -7.64 -43.34
C20 17F BC . 7.10 -7.18 -44.33
C1X 17F BC . 0.95 -3.19 -38.80
C1Y 17F BC . 7.58 -7.26 -45.81
C1Z 17F BC . 7.64 -5.86 -46.43
C2X 17F BC . -0.34 -2.41 -39.35
C21 17F BC . -0.09 -0.89 -39.54
C22 17F BC . -0.96 -0.04 -39.99
C23 17F BC . -2.34 -0.34 -40.42
C24 17F BC . -3.37 0.72 -40.03
C25 17F BC . -4.81 0.46 -40.44
C26 17F BC . -5.29 1.18 -41.80
C27 17F BC . -6.72 0.91 -42.19
C28 17F BC . -7.00 1.70 -43.53
C29 17F BC . -6.74 0.81 -44.67
C30 17F BC . -6.97 1.45 -46.01
C31 17F BC . 8.65 -4.85 -45.78
C32 17F BC . 8.68 -3.43 -46.42
C33 17F BC . 7.50 -2.62 -45.92
C34 17F BC . 7.24 -1.37 -46.28
C35 17F BC . 8.03 -0.51 -47.23
C36 17F BC . 9.11 0.39 -46.55
C37 17F BC . 8.77 1.82 -46.77
C38 17F BC . 9.55 2.81 -45.87
C39 17F BC . 9.14 4.27 -46.15
C40 17F BC . 10.33 5.21 -45.89
C41 17F BC . 10.00 6.21 -44.69
C42 17F BC . 10.42 7.67 -44.81
C1 17F CC . -3.20 -40.46 -3.25
N1 17F CC . -2.10 -42.22 -1.86
O1 17F CC . -2.68 -37.64 -4.07
P1 17F CC . -3.00 -38.01 -2.64
C2 17F CC . -3.33 -41.76 -2.46
O2 17F CC . -1.84 -38.01 -1.67
C3 17F CC . -3.90 -42.86 -3.38
O3 17F CC . -3.68 -39.38 -2.50
C4 17F CC . -4.53 -37.16 -0.67
O4 17F CC . -3.31 -43.98 -3.56
C5 17F CC . -5.56 -36.08 -0.25
O5 17F CC . -4.95 -42.69 -4.00
C6 17F CC . -6.96 -36.44 -0.82
O6 17F CC . -4.06 -37.01 -2.01
C7 17F CC . -9.18 -35.67 -0.82
O7 17F CC . -7.94 -35.48 -0.47
C8 17F CC . -10.01 -34.48 -0.28
O8 17F CC . -9.69 -36.57 -1.43
C9 17F CC . -11.49 -34.50 -0.75
O9 17F CC . -5.62 -35.86 1.16
C10 17F CC . -12.38 -33.31 -0.23
O10 17F CC . -6.48 -33.73 1.20
C11 17F CC . -12.05 -31.91 -0.87
C12 17F CC . -12.97 -30.77 -0.30
C17 17F CC . -5.64 -34.58 1.48
C18 17F CC . -4.43 -34.18 2.30
C19 17F CC . -4.65 -32.92 3.19
C20 17F CC . -3.30 -32.18 3.52
C1X 17F CC . -12.62 -29.42 -0.96
C1Y 17F CC . -3.55 -30.94 4.40
C1Z 17F CC . -3.36 -31.27 5.89
C2X 17F CC . -13.53 -28.23 -0.40
C21 17F CC . -12.68 -27.03 0.14
C22 17F CC . -13.15 -25.86 0.42
C23 17F CC . -14.54 -25.39 0.29
C24 17F CC . -14.72 -23.89 0.48
C25 17F CC . -16.13 -23.36 0.36
C26 17F CC . -16.29 -21.77 0.46
C27 17F CC . -17.71 -21.25 0.33
C28 17F CC . -17.65 -19.69 0.46
C29 17F CC . -18.94 -19.12 0.00
C30 17F CC . -19.03 -17.63 0.07
C31 17F CC . -4.26 -30.48 6.89
C32 17F CC . -4.06 -30.84 8.40
C33 17F CC . -5.40 -30.89 9.09
C34 17F CC . -5.60 -31.17 10.37
C35 17F CC . -4.52 -31.49 11.40
C36 17F CC . -4.08 -30.26 12.25
C37 17F CC . -3.52 -30.75 13.53
C38 17F CC . -2.03 -30.40 13.77
C39 17F CC . -1.53 -30.94 15.12
C40 17F CC . 0.00 -31.12 15.10
C41 17F CC . 0.69 -30.14 16.15
C42 17F CC . 1.04 -30.68 17.55
C1 17F DC . 6.56 -36.15 -3.67
N1 17F DC . 7.80 -37.47 -5.41
O1 17F DC . 9.16 -36.79 -1.16
P1 17F DC . 7.84 -36.12 -1.48
C2 17F DC . 6.80 -37.51 -4.36
O2 17F DC . 6.60 -36.88 -1.09
C3 17F DC . 5.47 -38.03 -4.94
O3 17F DC . 7.70 -35.75 -2.98
C4 17F DC . 6.55 -33.91 -0.88
O4 17F DC . 5.35 -38.35 -6.18
C5 17F DC . 6.64 -32.58 -0.08
O5 17F DC . 4.48 -38.16 -4.23
C6 17F DC . 5.56 -31.59 -0.57
O6 17F DC . 7.72 -34.72 -0.74
C7 17F DC . 5.41 -29.26 -0.51
O7 17F DC . 5.61 -30.37 0.14
C8 17F DC . 5.53 -28.09 0.49
O8 17F DC . 5.18 -29.07 -1.67
C9 17F DC . 4.26 -27.89 1.35
O9 17F DC . 6.54 -32.78 1.34
C10 17F DC . 4.32 -26.71 2.39
O10 17F DC . 8.62 -33.51 2.01
C11 17F DC . 4.89 -27.12 3.80
C12 17F DC . 4.94 -25.90 4.79
C17 17F DC . 7.72 -32.68 1.93
C18 17F DC . 7.90 -31.32 2.59
C19 17F DC . 8.41 -31.37 4.04
C20 17F DC . 8.15 -30.03 4.82
C1X 17F DC . 5.51 -26.33 6.16
C1Y 17F DC . 8.67 -30.11 6.27
C1Z 17F DC . 7.75 -29.36 7.24
C2X 17F DC . 5.57 -25.10 7.20
C21 17F DC . 6.92 -25.06 7.98
C22 17F DC . 8.01 -24.53 7.51
C23 17F DC . 8.21 -23.90 6.20
C24 17F DC . 9.10 -24.69 5.25
C25 17F DC . 9.34 -24.10 3.87
C26 17F DC . 10.61 -24.67 3.06
C27 17F DC . 10.82 -24.07 1.69
C28 17F DC . 12.10 -24.75 1.07
C29 17F DC . 12.93 -23.71 0.44
C30 17F DC . 14.19 -24.21 -0.19
C31 17F DC . 6.73 -30.22 8.06
C32 17F DC . 5.81 -29.43 9.03
C33 17F DC . 5.85 -30.08 10.40
C34 17F DC . 5.18 -29.65 11.46
C35 17F DC . 4.25 -28.46 11.54
C36 17F DC . 3.04 -28.65 12.50
C37 17F DC . 2.37 -27.34 12.69
C38 17F DC . 1.16 -27.36 13.67
C39 17F DC . 0.55 -25.96 13.82
C40 17F DC . -0.06 -25.79 15.22
C41 17F DC . -1.58 -25.37 15.13
C42 17F DC . -1.90 -23.89 14.84
C1 17F EC . 20.30 -36.83 10.62
N1 17F EC . 19.05 -36.92 8.45
O1 17F EC . 20.64 -37.69 13.38
P1 17F EC . 19.50 -36.78 13.03
C2 17F EC . 20.03 -36.20 9.25
O2 17F EC . 18.11 -37.37 13.08
C3 17F EC . 21.36 -36.10 8.46
O3 17F EC . 19.65 -36.13 11.62
C4 17F EC . 18.46 -34.50 13.86
O4 17F EC . 21.50 -36.60 7.28
C5 17F EC . 18.58 -33.37 14.93
O5 17F EC . 22.34 -35.53 8.94
C6 17F EC . 20.06 -33.23 15.38
O6 17F EC . 19.44 -35.52 14.00
C7 17F EC . 20.83 -31.11 16.02
O7 17F EC . 20.22 -32.20 16.35
C8 17F EC . 20.89 -30.20 17.27
O8 17F EC . 21.31 -30.77 14.97
C9 17F EC . 19.56 -29.46 17.56
O9 17F EC . 18.05 -32.10 14.48
C10 17F EC . 19.56 -28.52 18.82
O10 17F EC . 19.57 -31.69 12.78
C11 17F EC . 18.47 -27.39 18.80
C12 17F EC . 18.55 -26.49 20.09
C17 17F EC . 18.41 -31.78 13.25
C18 17F EC . 17.23 -31.48 12.36
C19 17F EC . 16.42 -30.22 12.76
C20 17F EC . 14.94 -30.57 13.14
C1X 17F EC . 17.46 -25.39 20.04
C1Y 17F EC . 14.16 -29.29 13.54
C1Z 17F EC . 12.68 -29.59 13.79
C2X 17F EC . 17.50 -24.45 21.34
C21 17F EC . 18.73 -23.50 21.35
C22 17F EC . 18.72 -22.29 21.79
C23 17F EC . 17.57 -21.55 22.35
C24 17F EC . 17.76 -20.05 22.39
C25 17F EC . 16.60 -19.24 22.95
C26 17F EC . 16.22 -17.90 22.17
C27 17F EC . 15.07 -17.12 22.77
C28 17F EC . 14.84 -15.84 21.87
C29 17F EC . 15.08 -14.63 22.68
C30 17F EC . 14.89 -13.35 21.94
C31 17F EC . 11.63 -28.58 13.20
C32 17F EC . 10.14 -28.92 13.49
C33 17F EC . 9.56 -27.85 14.41
C34 17F EC . 8.30 -27.84 14.85
C35 17F EC . 7.21 -28.83 14.55
C36 17F EC . 6.84 -29.77 15.73
C37 17F EC . 7.24 -31.16 15.37
C38 17F EC . 8.57 -31.64 16.01
C39 17F EC . 8.91 -33.08 15.60
C40 17F EC . 8.67 -34.04 16.77
C41 17F EC . 7.85 -35.31 16.29
C42 17F EC . 7.17 -36.19 17.34
PB GDP FC . -28.37 24.66 5.38
O1B GDP FC . -27.04 24.76 4.68
O2B GDP FC . -28.21 23.97 6.70
O3B GDP FC . -28.93 26.04 5.64
O3A GDP FC . -29.42 23.84 4.47
PA GDP FC . -30.14 22.49 4.96
O1A GDP FC . -30.99 22.72 6.18
O2A GDP FC . -29.14 21.39 5.23
O5' GDP FC . -31.06 22.11 3.70
C5' GDP FC . -31.75 23.15 3.00
C4' GDP FC . -32.55 22.56 1.86
O4' GDP FC . -31.68 22.10 0.81
C3' GDP FC . -33.40 21.38 2.29
O3' GDP FC . -34.73 21.56 1.79
C2' GDP FC . -32.71 20.17 1.72
O2' GDP FC . -33.62 19.12 1.36
C1' GDP FC . -31.92 20.72 0.54
N9 GDP FC . -30.65 19.99 0.36
C8 GDP FC . -29.61 19.91 1.22
N7 GDP FC . -28.61 19.14 0.69
C5 GDP FC . -29.02 18.73 -0.53
C6 GDP FC . -28.48 17.90 -1.63
O6 GDP FC . -27.35 17.37 -1.55
N1 GDP FC . -29.24 17.71 -2.73
C2 GDP FC . -30.46 18.25 -2.86
N2 GDP FC . -31.17 18.03 -4.00
N3 GDP FC . -31.02 19.03 -1.90
C4 GDP FC . -30.36 19.29 -0.73
MG MG GC . -27.29 22.36 10.98
N LEU A 3 -9.52 16.59 -45.15
CA LEU A 3 -9.73 15.88 -46.40
C LEU A 3 -9.65 14.37 -46.17
N LYS A 4 -8.44 13.89 -45.94
CA LYS A 4 -8.22 12.47 -45.70
C LYS A 4 -8.86 12.11 -44.37
N LEU A 5 -8.72 12.99 -43.41
CA LEU A 5 -9.31 12.79 -42.09
C LEU A 5 -10.83 12.95 -42.15
N LEU A 6 -11.28 13.83 -43.03
CA LEU A 6 -12.71 14.09 -43.20
C LEU A 6 -13.43 12.88 -43.79
N ASP A 7 -12.88 12.34 -44.87
CA ASP A 7 -13.47 11.18 -45.52
C ASP A 7 -13.45 9.98 -44.58
N ASN A 8 -12.35 9.84 -43.85
CA ASN A 8 -12.21 8.76 -42.88
C ASN A 8 -13.28 8.91 -41.80
N TRP A 9 -13.43 10.14 -41.30
CA TRP A 9 -14.42 10.44 -40.28
C TRP A 9 -15.82 10.14 -40.78
N ASP A 10 -16.09 10.55 -42.02
CA ASP A 10 -17.40 10.32 -42.63
C ASP A 10 -17.69 8.83 -42.71
N SER A 11 -16.69 8.07 -43.15
CA SER A 11 -16.82 6.62 -43.27
C SER A 11 -17.11 5.98 -41.93
N VAL A 12 -16.45 6.47 -40.88
CA VAL A 12 -16.67 5.97 -39.53
C VAL A 12 -18.05 6.39 -39.03
N THR A 13 -18.42 7.62 -39.35
CA THR A 13 -19.71 8.17 -38.94
C THR A 13 -20.87 7.37 -39.53
N SER A 14 -20.81 7.06 -40.82
CA SER A 14 -21.85 6.29 -41.46
C SER A 14 -21.95 4.90 -40.86
N THR A 15 -20.80 4.38 -40.44
CA THR A 15 -20.75 3.07 -39.81
C THR A 15 -21.39 3.16 -38.41
N PHE A 16 -21.24 4.31 -37.78
CA PHE A 16 -21.81 4.54 -36.46
C PHE A 16 -23.32 4.68 -36.54
N SER A 17 -23.81 5.33 -37.58
CA SER A 17 -25.25 5.49 -37.78
C SER A 17 -25.87 4.14 -38.12
N LYS A 18 -25.23 3.42 -39.03
CA LYS A 18 -25.72 2.11 -39.42
C LYS A 18 -25.62 1.13 -38.26
N LEU A 19 -24.66 1.38 -37.38
CA LEU A 19 -24.50 0.55 -36.19
C LEU A 19 -25.75 0.69 -35.32
N ARG A 20 -26.32 1.90 -35.32
CA ARG A 20 -27.53 2.16 -34.56
C ARG A 20 -28.71 1.41 -35.18
N GLU A 21 -28.66 1.27 -36.51
CA GLU A 21 -29.70 0.55 -37.24
C GLU A 21 -29.73 -0.91 -36.81
N GLN A 22 -28.59 -1.39 -36.32
CA GLN A 22 -28.47 -2.75 -35.84
C GLN A 22 -28.66 -2.79 -34.33
N LEU A 23 -28.03 -1.85 -33.64
CA LEU A 23 -28.11 -1.77 -32.17
C LEU A 23 -29.55 -1.66 -31.70
N GLY A 24 -30.38 -0.93 -32.45
CA GLY A 24 -31.78 -0.78 -32.10
C GLY A 24 -32.44 -2.14 -31.95
N PRO A 25 -32.64 -2.88 -33.05
CA PRO A 25 -33.24 -4.21 -33.00
C PRO A 25 -32.45 -5.15 -32.07
N VAL A 26 -31.13 -4.97 -32.03
CA VAL A 26 -30.27 -5.78 -31.17
C VAL A 26 -30.71 -5.64 -29.71
N THR A 27 -30.83 -4.41 -29.23
CA THR A 27 -31.25 -4.19 -27.86
C THR A 27 -32.66 -4.70 -27.62
N GLN A 28 -33.53 -4.49 -28.60
CA GLN A 28 -34.91 -4.95 -28.50
C GLN A 28 -34.96 -6.47 -28.41
N GLU A 29 -34.23 -7.14 -29.29
CA GLU A 29 -34.17 -8.59 -29.29
C GLU A 29 -33.46 -9.10 -28.04
N PHE A 30 -32.43 -8.38 -27.63
CA PHE A 30 -31.69 -8.74 -26.43
C PHE A 30 -32.63 -8.66 -25.23
N TRP A 31 -33.36 -7.56 -25.13
CA TRP A 31 -34.32 -7.36 -24.05
C TRP A 31 -35.45 -8.38 -24.15
N ASP A 32 -35.90 -8.66 -25.36
CA ASP A 32 -36.96 -9.65 -25.59
C ASP A 32 -36.52 -10.99 -25.06
N ASN A 33 -35.31 -11.40 -25.43
CA ASN A 33 -34.75 -12.66 -24.97
C ASN A 33 -34.56 -12.60 -23.47
N LEU A 34 -34.10 -11.45 -22.98
CA LEU A 34 -33.88 -11.24 -21.56
C LEU A 34 -35.21 -11.35 -20.82
N GLU A 35 -36.29 -10.93 -21.45
CA GLU A 35 -37.61 -11.01 -20.85
C GLU A 35 -38.03 -12.46 -20.73
N LYS A 36 -37.70 -13.26 -21.73
CA LYS A 36 -38.03 -14.68 -21.69
C LYS A 36 -37.19 -15.33 -20.60
N GLU A 37 -35.96 -14.85 -20.46
CA GLU A 37 -35.04 -15.34 -19.45
C GLU A 37 -35.52 -14.94 -18.06
N THR A 38 -35.78 -13.65 -17.88
CA THR A 38 -36.25 -13.14 -16.60
C THR A 38 -37.57 -13.79 -16.20
N GLU A 39 -38.50 -13.89 -17.13
CA GLU A 39 -39.79 -14.53 -16.86
C GLU A 39 -39.58 -15.97 -16.41
N GLY A 40 -38.70 -16.67 -17.11
CA GLY A 40 -38.40 -18.05 -16.75
C GLY A 40 -37.76 -18.09 -15.38
N LEU A 41 -36.81 -17.18 -15.16
CA LEU A 41 -36.10 -17.08 -13.88
C LEU A 41 -37.04 -16.65 -12.76
N ARG A 42 -38.08 -15.90 -13.11
CA ARG A 42 -39.06 -15.47 -12.13
C ARG A 42 -39.88 -16.67 -11.67
N GLN A 43 -40.24 -17.51 -12.63
CA GLN A 43 -41.01 -18.73 -12.35
C GLN A 43 -40.12 -19.69 -11.56
N GLU A 44 -38.84 -19.66 -11.87
CA GLU A 44 -37.88 -20.49 -11.19
C GLU A 44 -37.61 -19.96 -9.79
N MET A 45 -37.43 -18.63 -9.69
CA MET A 45 -37.15 -17.97 -8.42
C MET A 45 -38.23 -18.23 -7.38
N SER A 46 -39.47 -18.35 -7.84
CA SER A 46 -40.56 -18.62 -6.92
C SER A 46 -40.34 -19.99 -6.28
N LYS A 47 -39.99 -20.97 -7.11
CA LYS A 47 -39.73 -22.31 -6.64
C LYS A 47 -38.41 -22.32 -5.87
N ASP A 48 -37.45 -21.60 -6.41
CA ASP A 48 -36.12 -21.48 -5.82
C ASP A 48 -36.24 -21.00 -4.39
N LEU A 49 -36.94 -19.88 -4.21
CA LEU A 49 -37.16 -19.32 -2.89
C LEU A 49 -38.05 -20.19 -2.04
N GLU A 50 -39.15 -20.71 -2.62
CA GLU A 50 -40.07 -21.56 -1.90
C GLU A 50 -39.38 -22.79 -1.31
N GLU A 51 -38.65 -23.51 -2.16
CA GLU A 51 -37.95 -24.72 -1.73
C GLU A 51 -36.85 -24.39 -0.72
N VAL A 52 -36.18 -23.26 -0.90
CA VAL A 52 -35.10 -22.87 0.01
C VAL A 52 -35.66 -22.36 1.34
N LYS A 53 -36.67 -21.51 1.28
CA LYS A 53 -37.28 -20.94 2.47
C LYS A 53 -38.00 -22.00 3.32
N ALA A 54 -38.87 -22.78 2.68
CA ALA A 54 -39.62 -23.81 3.38
C ALA A 54 -38.69 -24.86 3.99
N LYS A 55 -37.62 -25.18 3.27
CA LYS A 55 -36.66 -26.16 3.75
C LYS A 55 -35.64 -25.54 4.68
N VAL A 56 -35.67 -24.22 4.83
CA VAL A 56 -34.73 -23.54 5.71
C VAL A 56 -34.89 -24.02 7.15
N GLN A 57 -36.11 -24.41 7.50
CA GLN A 57 -36.39 -24.91 8.84
C GLN A 57 -35.85 -26.32 9.07
N PRO A 58 -36.25 -27.33 8.26
CA PRO A 58 -35.74 -28.71 8.42
C PRO A 58 -34.24 -28.83 8.08
N TYR A 59 -33.65 -27.74 7.62
CA TYR A 59 -32.23 -27.73 7.29
C TYR A 59 -31.45 -26.96 8.35
N LEU A 60 -31.74 -25.68 8.50
CA LEU A 60 -31.05 -24.83 9.47
C LEU A 60 -31.52 -25.08 10.89
N ASP A 61 -32.83 -25.06 11.12
CA ASP A 61 -33.35 -25.29 12.47
C ASP A 61 -33.00 -26.69 12.95
N ASP A 62 -32.99 -27.64 12.02
CA ASP A 62 -32.63 -29.01 12.37
C ASP A 62 -31.18 -29.04 12.82
N PHE A 63 -30.36 -28.27 12.12
CA PHE A 63 -28.95 -28.16 12.45
C PHE A 63 -28.80 -27.44 13.79
N GLN A 64 -29.77 -26.57 14.10
CA GLN A 64 -29.78 -25.86 15.36
C GLN A 64 -30.04 -26.84 16.50
N LYS A 65 -30.89 -27.83 16.24
CA LYS A 65 -31.18 -28.85 17.23
C LYS A 65 -29.89 -29.57 17.55
N LYS A 66 -29.19 -29.95 16.47
CA LYS A 66 -27.92 -30.63 16.59
C LYS A 66 -26.90 -29.72 17.27
N TRP A 67 -26.89 -28.45 16.87
CA TRP A 67 -25.99 -27.46 17.43
C TRP A 67 -26.25 -27.32 18.93
N GLN A 68 -27.51 -27.43 19.32
CA GLN A 68 -27.88 -27.35 20.72
C GLN A 68 -27.27 -28.53 21.45
N GLU A 69 -27.46 -29.72 20.90
CA GLU A 69 -26.91 -30.94 21.48
C GLU A 69 -25.39 -30.85 21.53
N GLU A 70 -24.81 -30.35 20.45
CA GLU A 70 -23.36 -30.18 20.35
C GLU A 70 -22.87 -29.21 21.41
N MET A 71 -23.56 -28.08 21.54
CA MET A 71 -23.20 -27.07 22.53
C MET A 71 -23.41 -27.63 23.93
N GLU A 72 -24.53 -28.32 24.14
CA GLU A 72 -24.83 -28.93 25.43
C GLU A 72 -23.76 -29.93 25.80
N LEU A 73 -23.36 -30.74 24.83
CA LEU A 73 -22.31 -31.72 25.04
C LEU A 73 -21.01 -30.99 25.37
N TYR A 74 -20.78 -29.88 24.67
CA TYR A 74 -19.60 -29.08 24.88
C TYR A 74 -19.62 -28.48 26.30
N ARG A 75 -20.81 -28.15 26.78
CA ARG A 75 -20.97 -27.60 28.14
C ARG A 75 -20.73 -28.71 29.15
N GLN A 76 -21.37 -29.84 28.90
CA GLN A 76 -21.26 -31.02 29.76
C GLN A 76 -19.82 -31.52 29.80
N LYS A 77 -19.07 -31.23 28.74
CA LYS A 77 -17.69 -31.63 28.65
C LYS A 77 -16.76 -30.53 29.15
N VAL A 78 -17.03 -29.29 28.76
CA VAL A 78 -16.17 -28.15 29.14
C VAL A 78 -15.92 -28.08 30.64
N GLU A 79 -16.92 -28.38 31.45
CA GLU A 79 -16.74 -28.34 32.90
C GLU A 79 -15.67 -29.34 33.37
N PRO A 80 -15.88 -30.66 33.15
CA PRO A 80 -14.87 -31.66 33.53
C PRO A 80 -13.56 -31.45 32.77
N LEU A 81 -13.65 -31.02 31.50
CA LEU A 81 -12.45 -30.78 30.71
C LEU A 81 -11.61 -29.69 31.35
N ARG A 82 -12.28 -28.62 31.79
CA ARG A 82 -11.61 -27.52 32.45
C ARG A 82 -11.09 -27.98 33.80
N ALA A 83 -11.81 -28.91 34.41
CA ALA A 83 -11.43 -29.46 35.71
C ALA A 83 -10.15 -30.28 35.56
N GLU A 84 -10.12 -31.16 34.56
CA GLU A 84 -8.95 -31.98 34.28
C GLU A 84 -7.77 -31.07 34.00
N LEU A 85 -8.02 -30.06 33.16
CA LEU A 85 -6.99 -29.09 32.80
C LEU A 85 -6.54 -28.32 34.03
N GLN A 86 -7.50 -27.91 34.85
CA GLN A 86 -7.20 -27.15 36.07
C GLN A 86 -6.40 -27.99 37.04
N GLU A 87 -6.87 -29.21 37.31
CA GLU A 87 -6.18 -30.12 38.22
C GLU A 87 -4.76 -30.36 37.73
N GLY A 88 -4.64 -30.64 36.44
CA GLY A 88 -3.34 -30.88 35.85
C GLY A 88 -2.48 -29.63 35.86
N ALA A 89 -3.03 -28.53 35.36
CA ALA A 89 -2.31 -27.26 35.30
C ALA A 89 -1.86 -26.80 36.68
N ARG A 90 -2.72 -26.99 37.68
CA ARG A 90 -2.38 -26.60 39.05
C ARG A 90 -1.11 -27.32 39.47
N GLN A 91 -1.05 -28.62 39.22
CA GLN A 91 0.14 -29.40 39.57
C GLN A 91 1.30 -28.98 38.68
N LYS A 92 1.05 -28.93 37.36
CA LYS A 92 2.08 -28.54 36.39
C LYS A 92 2.72 -27.21 36.78
N LEU A 93 1.88 -26.25 37.18
CA LEU A 93 2.36 -24.95 37.60
C LEU A 93 3.07 -25.06 38.95
N HIS A 94 2.51 -25.87 39.85
CA HIS A 94 3.10 -26.06 41.17
C HIS A 94 4.51 -26.63 41.04
N GLU A 95 4.66 -27.62 40.17
CA GLU A 95 5.96 -28.24 39.93
C GLU A 95 6.94 -27.18 39.44
N LEU A 96 6.46 -26.34 38.52
CA LEU A 96 7.28 -25.25 37.99
C LEU A 96 7.64 -24.26 39.08
N GLN A 97 6.69 -23.95 39.95
CA GLN A 97 6.92 -23.02 41.05
C GLN A 97 7.96 -23.60 42.00
N GLU A 98 7.84 -24.89 42.29
CA GLU A 98 8.77 -25.59 43.17
C GLU A 98 10.15 -25.70 42.53
N LYS A 99 10.20 -25.60 41.20
CA LYS A 99 11.45 -25.67 40.47
C LYS A 99 12.06 -24.27 40.32
N LEU A 100 11.19 -23.27 40.22
CA LEU A 100 11.62 -21.88 40.08
C LEU A 100 12.45 -21.42 41.27
N SER A 101 12.19 -21.98 42.43
CA SER A 101 12.94 -21.62 43.63
C SER A 101 14.41 -22.08 43.55
N PRO A 102 14.70 -23.39 43.52
CA PRO A 102 16.08 -23.89 43.45
C PRO A 102 16.75 -23.58 42.10
N LEU A 103 16.08 -23.93 41.01
CA LEU A 103 16.63 -23.70 39.67
C LEU A 103 16.72 -22.23 39.36
N GLY A 104 15.98 -21.41 40.11
CA GLY A 104 16.01 -19.98 39.92
C GLY A 104 17.10 -19.34 40.76
N GLU A 105 17.13 -19.68 42.04
CA GLU A 105 18.13 -19.14 42.95
C GLU A 105 19.52 -19.58 42.54
N GLU A 106 19.67 -20.86 42.17
CA GLU A 106 20.95 -21.39 41.74
C GLU A 106 21.35 -20.73 40.42
N MET A 107 20.35 -20.37 39.62
CA MET A 107 20.59 -19.70 38.36
C MET A 107 21.14 -18.31 38.65
N ARG A 108 20.57 -17.67 39.66
CA ARG A 108 21.00 -16.35 40.08
C ARG A 108 22.41 -16.44 40.65
N ASP A 109 22.66 -17.49 41.42
CA ASP A 109 23.98 -17.70 42.02
C ASP A 109 25.02 -17.96 40.94
N ARG A 110 24.66 -18.76 39.96
CA ARG A 110 25.55 -19.05 38.85
C ARG A 110 25.72 -17.79 38.01
N ALA A 111 24.70 -16.95 38.01
CA ALA A 111 24.75 -15.68 37.30
C ALA A 111 25.68 -14.74 38.05
N ARG A 112 25.66 -14.86 39.38
CA ARG A 112 26.54 -14.06 40.23
C ARG A 112 27.96 -14.38 39.85
N ALA A 113 28.30 -15.66 39.90
CA ALA A 113 29.63 -16.12 39.54
C ALA A 113 29.94 -15.77 38.08
N HIS A 114 28.95 -15.90 37.22
CA HIS A 114 29.09 -15.58 35.81
C HIS A 114 29.52 -14.14 35.61
N VAL A 115 28.76 -13.22 36.20
CA VAL A 115 29.03 -11.79 36.09
C VAL A 115 30.21 -11.36 36.97
N ASP A 116 30.31 -11.93 38.16
CA ASP A 116 31.39 -11.59 39.09
C ASP A 116 32.74 -11.97 38.49
N ALA A 117 32.82 -13.16 37.91
CA ALA A 117 34.06 -13.60 37.28
C ALA A 117 34.31 -12.76 36.04
N LEU A 118 33.21 -12.31 35.43
CA LEU A 118 33.30 -11.45 34.26
C LEU A 118 33.87 -10.11 34.66
N ARG A 119 33.62 -9.72 35.91
CA ARG A 119 34.14 -8.46 36.43
C ARG A 119 35.65 -8.55 36.56
N THR A 120 36.11 -9.69 37.08
CA THR A 120 37.54 -9.94 37.27
C THR A 120 38.24 -10.11 35.92
N HIS A 121 37.45 -10.14 34.85
CA HIS A 121 38.00 -10.27 33.50
C HIS A 121 37.79 -9.00 32.70
N LEU A 122 36.61 -8.39 32.82
CA LEU A 122 36.29 -7.17 32.11
C LEU A 122 37.22 -6.05 32.51
N ALA A 123 37.52 -5.96 33.81
CA ALA A 123 38.41 -4.92 34.31
C ALA A 123 39.78 -4.97 33.62
N PRO A 124 40.54 -6.09 33.73
CA PRO A 124 41.84 -6.20 33.07
C PRO A 124 41.70 -6.16 31.56
N TYR A 125 40.64 -6.78 31.04
CA TYR A 125 40.41 -6.80 29.60
C TYR A 125 40.28 -5.40 29.04
N SER A 126 39.39 -4.61 29.63
CA SER A 126 39.18 -3.24 29.20
C SER A 126 40.43 -2.40 29.46
N ASP A 127 41.07 -2.64 30.59
CA ASP A 127 42.28 -1.91 30.96
C ASP A 127 43.38 -2.16 29.94
N GLU A 128 43.63 -3.42 29.62
CA GLU A 128 44.64 -3.77 28.63
C GLU A 128 44.18 -3.27 27.27
N LEU A 129 42.87 -3.27 27.05
CA LEU A 129 42.30 -2.78 25.79
C LEU A 129 42.61 -1.30 25.65
N ARG A 130 42.59 -0.59 26.78
CA ARG A 130 42.91 0.83 26.79
C ARG A 130 44.35 1.02 26.34
N GLN A 131 45.23 0.16 26.84
CA GLN A 131 46.64 0.20 26.47
C GLN A 131 46.77 -0.01 24.97
N ARG A 132 46.06 -1.01 24.48
CA ARG A 132 46.06 -1.33 23.05
C ARG A 132 45.50 -0.17 22.26
N LEU A 133 44.40 0.39 22.73
CA LEU A 133 43.77 1.52 22.07
C LEU A 133 44.71 2.70 22.03
N ALA A 134 45.38 2.96 23.15
CA ALA A 134 46.33 4.06 23.24
C ALA A 134 47.49 3.81 22.28
N ALA A 135 47.99 2.58 22.28
CA ALA A 135 49.09 2.21 21.39
C ALA A 135 48.67 2.36 19.94
N ARG A 136 47.48 1.85 19.63
CA ARG A 136 46.93 1.94 18.28
C ARG A 136 46.72 3.40 17.91
N LEU A 137 46.18 4.17 18.84
CA LEU A 137 45.94 5.59 18.61
C LEU A 137 47.24 6.33 18.36
N GLU A 138 48.25 6.06 19.19
CA GLU A 138 49.54 6.71 19.03
C GLU A 138 50.17 6.34 17.69
N ALA A 139 50.08 5.07 17.33
CA ALA A 139 50.62 4.61 16.05
C ALA A 139 49.82 5.23 14.91
N LEU A 140 48.50 5.31 15.10
CA LEU A 140 47.61 5.89 14.10
C LEU A 140 47.86 7.40 14.01
N LYS A 141 48.33 8.00 15.09
CA LYS A 141 48.63 9.42 15.10
C LYS A 141 49.98 9.69 14.46
N GLU A 142 50.94 8.82 14.73
CA GLU A 142 52.27 8.95 14.15
C GLU A 142 52.18 8.69 12.65
N ASN A 143 51.59 7.56 12.29
CA ASN A 143 51.41 7.18 10.90
C ASN A 143 50.41 8.11 10.24
N GLY A 144 49.30 8.37 10.94
CA GLY A 144 48.27 9.25 10.42
C GLY A 144 48.77 10.65 10.20
N GLY A 145 49.59 11.14 11.13
CA GLY A 145 50.17 12.46 11.01
C GLY A 145 51.04 12.53 9.78
N ALA A 146 51.81 11.46 9.58
CA ALA A 146 52.68 11.36 8.41
C ALA A 146 51.83 11.27 7.16
N ARG A 147 50.73 10.50 7.25
CA ARG A 147 49.81 10.34 6.14
C ARG A 147 49.26 11.70 5.71
N LEU A 148 49.01 12.57 6.68
CA LEU A 148 48.51 13.90 6.38
C LEU A 148 49.52 14.65 5.54
N ALA A 149 50.79 14.61 5.95
CA ALA A 149 51.85 15.26 5.20
C ALA A 149 51.93 14.63 3.82
N GLU A 150 51.78 13.30 3.78
CA GLU A 150 51.81 12.56 2.54
C GLU A 150 50.71 13.06 1.60
N TYR A 151 49.50 13.19 2.15
CA TYR A 151 48.36 13.67 1.38
C TYR A 151 48.58 15.11 0.93
N HIS A 152 49.18 15.92 1.81
CA HIS A 152 49.46 17.31 1.50
C HIS A 152 50.33 17.42 0.26
N ALA A 153 51.44 16.69 0.26
CA ALA A 153 52.37 16.69 -0.86
C ALA A 153 51.69 16.15 -2.13
N LYS A 154 50.96 15.05 -1.98
CA LYS A 154 50.27 14.44 -3.11
C LYS A 154 49.19 15.35 -3.66
N ALA A 155 48.44 15.99 -2.77
CA ALA A 155 47.38 16.90 -3.17
C ALA A 155 47.97 18.10 -3.89
N THR A 156 49.12 18.55 -3.40
CA THR A 156 49.81 19.68 -4.01
C THR A 156 50.22 19.33 -5.45
N GLU A 157 50.85 18.17 -5.61
CA GLU A 157 51.26 17.71 -6.94
C GLU A 157 50.04 17.46 -7.82
N HIS A 158 48.98 16.93 -7.19
CA HIS A 158 47.75 16.65 -7.89
C HIS A 158 47.11 17.94 -8.40
N LEU A 159 47.07 18.95 -7.54
CA LEU A 159 46.51 20.24 -7.90
C LEU A 159 47.37 20.94 -8.94
N SER A 160 48.68 20.78 -8.82
CA SER A 160 49.61 21.39 -9.76
C SER A 160 49.43 20.78 -11.15
N THR A 161 49.34 19.45 -11.20
CA THR A 161 49.15 18.76 -12.47
C THR A 161 47.73 18.99 -12.99
N LEU A 162 46.78 19.23 -12.07
CA LEU A 162 45.41 19.51 -12.47
C LEU A 162 45.35 20.88 -13.12
N SER A 163 46.13 21.81 -12.60
CA SER A 163 46.19 23.16 -13.15
C SER A 163 46.85 23.10 -14.52
N GLU A 164 47.67 22.06 -14.72
CA GLU A 164 48.35 21.84 -15.98
C GLU A 164 47.34 21.37 -17.03
N LYS A 165 46.11 21.15 -16.58
CA LYS A 165 45.02 20.74 -17.44
C LYS A 165 43.93 21.81 -17.42
N ALA A 166 43.76 22.43 -16.25
CA ALA A 166 42.78 23.49 -16.06
C ALA A 166 43.12 24.72 -16.89
N LYS A 167 44.39 24.84 -17.29
CA LYS A 167 44.81 25.97 -18.10
C LYS A 167 44.95 25.58 -19.58
N PRO A 168 45.95 24.74 -19.95
CA PRO A 168 46.17 24.34 -21.35
C PRO A 168 45.03 23.50 -21.91
N ALA A 169 44.67 22.41 -21.22
CA ALA A 169 43.61 21.53 -21.68
C ALA A 169 42.28 22.27 -21.77
N LEU A 170 41.98 23.09 -20.76
CA LEU A 170 40.74 23.86 -20.77
C LEU A 170 40.78 24.89 -21.89
N GLU A 171 41.96 25.45 -22.13
CA GLU A 171 42.14 26.42 -23.20
C GLU A 171 41.89 25.73 -24.53
N ASP A 172 42.39 24.51 -24.65
CA ASP A 172 42.21 23.71 -25.84
C ASP A 172 40.74 23.39 -26.02
N LEU A 173 40.08 23.08 -24.91
CA LEU A 173 38.65 22.76 -24.93
C LEU A 173 37.86 23.95 -25.44
N ARG A 174 38.15 25.13 -24.89
CA ARG A 174 37.46 26.36 -25.30
C ARG A 174 37.83 26.70 -26.73
N GLN A 175 39.09 26.45 -27.09
CA GLN A 175 39.57 26.72 -28.43
C GLN A 175 38.89 25.84 -29.45
N GLY A 176 38.64 24.59 -29.07
CA GLY A 176 37.96 23.65 -29.96
C GLY A 176 36.46 23.90 -29.95
N LEU A 177 35.94 24.32 -28.80
CA LEU A 177 34.52 24.61 -28.66
C LEU A 177 34.05 25.62 -29.70
N LEU A 178 34.91 26.58 -30.03
CA LEU A 178 34.57 27.60 -31.02
C LEU A 178 34.21 26.99 -32.37
N PRO A 179 35.15 26.31 -33.08
CA PRO A 179 34.85 25.69 -34.37
C PRO A 179 33.82 24.57 -34.24
N VAL A 180 33.85 23.85 -33.11
CA VAL A 180 32.91 22.77 -32.88
C VAL A 180 31.49 23.32 -32.84
N LEU A 181 31.26 24.31 -31.99
CA LEU A 181 29.95 24.93 -31.88
C LEU A 181 29.56 25.59 -33.19
N GLU A 182 30.56 26.11 -33.91
CA GLU A 182 30.33 26.74 -35.19
C GLU A 182 29.82 25.72 -36.20
N SER A 183 30.56 24.62 -36.34
CA SER A 183 30.18 23.57 -37.27
C SER A 183 28.82 22.97 -36.88
N PHE A 184 28.58 22.89 -35.58
CA PHE A 184 27.32 22.37 -35.07
C PHE A 184 26.20 23.35 -35.34
N LYS A 185 26.49 24.64 -35.21
CA LYS A 185 25.50 25.67 -35.48
C LYS A 185 25.11 25.64 -36.94
N VAL A 186 26.11 25.59 -37.81
CA VAL A 186 25.88 25.55 -39.26
C VAL A 186 25.04 24.31 -39.64
N SER A 187 25.40 23.17 -39.08
CA SER A 187 24.67 21.93 -39.38
C SER A 187 23.27 21.95 -38.78
N PHE A 188 23.16 22.45 -37.54
CA PHE A 188 21.87 22.53 -36.87
C PHE A 188 20.93 23.49 -37.60
N LEU A 189 21.47 24.63 -38.01
CA LEU A 189 20.68 25.63 -38.72
C LEU A 189 20.13 25.06 -40.01
N SER A 190 20.97 24.35 -40.76
CA SER A 190 20.54 23.75 -42.01
C SER A 190 19.62 22.55 -41.77
N ALA A 191 19.84 21.84 -40.67
CA ALA A 191 19.01 20.70 -40.32
C ALA A 191 17.62 21.17 -39.94
N LEU A 192 17.56 22.25 -39.17
CA LEU A 192 16.29 22.83 -38.75
C LEU A 192 15.50 23.29 -39.96
N GLU A 193 16.23 23.71 -41.00
CA GLU A 193 15.61 24.14 -42.24
C GLU A 193 14.86 22.97 -42.84
N GLU A 194 15.57 21.86 -43.02
CA GLU A 194 14.99 20.65 -43.59
C GLU A 194 13.78 20.17 -42.79
N TYR A 195 13.87 20.27 -41.47
CA TYR A 195 12.78 19.86 -40.60
C TYR A 195 11.52 20.66 -40.89
N THR A 196 11.67 21.98 -40.91
CA THR A 196 10.55 22.87 -41.17
C THR A 196 10.15 22.83 -42.65
N LYS A 197 11.12 22.61 -43.51
CA LYS A 197 10.90 22.56 -44.95
C LYS A 197 10.10 21.32 -45.35
N LYS A 198 10.32 20.22 -44.66
CA LYS A 198 9.63 18.97 -44.98
C LYS A 198 8.35 18.76 -44.19
N LEU A 199 8.38 19.09 -42.90
CA LEU A 199 7.20 18.93 -42.04
C LEU A 199 6.15 19.99 -42.28
N ASN A 200 6.54 21.07 -42.96
CA ASN A 200 5.62 22.15 -43.27
C ASN A 200 5.68 22.52 -44.76
N LEU B 3 36.97 16.48 -36.30
CA LEU B 3 38.09 16.56 -37.23
C LEU B 3 39.32 17.06 -36.48
N LYS B 4 39.08 17.76 -35.38
CA LYS B 4 40.15 18.29 -34.56
C LYS B 4 40.47 17.32 -33.42
N LEU B 5 40.04 16.08 -33.60
CA LEU B 5 40.25 15.04 -32.61
C LEU B 5 41.73 14.83 -32.32
N LEU B 6 42.57 15.02 -33.35
CA LEU B 6 44.01 14.87 -33.19
C LEU B 6 44.57 15.90 -32.20
N ASP B 7 43.96 17.09 -32.19
CA ASP B 7 44.38 18.16 -31.29
C ASP B 7 43.96 17.82 -29.87
N ASN B 8 42.73 17.35 -29.72
CA ASN B 8 42.20 16.99 -28.41
C ASN B 8 42.96 15.79 -27.85
N TRP B 9 43.14 14.76 -28.68
CA TRP B 9 43.85 13.56 -28.28
C TRP B 9 45.28 13.88 -27.90
N ASP B 10 45.84 14.90 -28.56
CA ASP B 10 47.19 15.35 -28.28
C ASP B 10 47.27 15.87 -26.84
N SER B 11 46.29 16.70 -26.48
CA SER B 11 46.22 17.25 -25.13
C SER B 11 46.01 16.12 -24.12
N VAL B 12 45.31 15.07 -24.54
CA VAL B 12 45.07 13.93 -23.68
C VAL B 12 46.38 13.17 -23.46
N THR B 13 47.22 13.19 -24.49
CA THR B 13 48.52 12.52 -24.42
C THR B 13 49.42 13.25 -23.43
N SER B 14 49.40 14.58 -23.47
CA SER B 14 50.20 15.36 -22.54
C SER B 14 49.64 15.16 -21.13
N THR B 15 48.32 15.02 -21.06
CA THR B 15 47.63 14.78 -19.80
C THR B 15 48.11 13.46 -19.20
N PHE B 16 48.32 12.47 -20.06
CA PHE B 16 48.79 11.16 -19.63
C PHE B 16 50.19 11.28 -19.04
N SER B 17 51.03 12.06 -19.68
CA SER B 17 52.40 12.28 -19.21
C SER B 17 52.39 12.96 -17.84
N LYS B 18 51.51 13.95 -17.70
CA LYS B 18 51.39 14.69 -16.44
C LYS B 18 50.77 13.78 -15.38
N LEU B 19 49.95 12.83 -15.83
CA LEU B 19 49.31 11.88 -14.94
C LEU B 19 50.35 10.88 -14.46
N ARG B 20 51.29 10.56 -15.34
CA ARG B 20 52.36 9.62 -15.03
C ARG B 20 53.28 10.17 -13.95
N GLU B 21 53.27 11.48 -13.78
CA GLU B 21 54.07 12.12 -12.75
C GLU B 21 53.50 11.77 -11.37
N GLN B 22 52.20 11.50 -11.35
CA GLN B 22 51.53 11.12 -10.12
C GLN B 22 51.72 9.62 -9.92
N LEU B 23 51.98 8.93 -11.03
CA LEU B 23 52.19 7.50 -11.01
C LEU B 23 53.65 7.18 -10.70
N GLY B 24 54.45 8.24 -10.56
CA GLY B 24 55.85 8.09 -10.25
C GLY B 24 56.13 8.46 -8.80
N PRO B 25 56.66 9.66 -8.55
CA PRO B 25 56.98 10.15 -7.20
C PRO B 25 55.81 10.01 -6.24
N VAL B 26 54.63 10.42 -6.69
CA VAL B 26 53.43 10.34 -5.86
C VAL B 26 53.14 8.90 -5.44
N THR B 27 53.33 7.96 -6.36
CA THR B 27 53.12 6.55 -6.06
C THR B 27 54.23 6.02 -5.17
N GLN B 28 55.45 6.51 -5.39
CA GLN B 28 56.59 6.11 -4.57
C GLN B 28 56.33 6.53 -3.14
N GLU B 29 55.80 7.75 -3.01
CA GLU B 29 55.44 8.29 -1.71
C GLU B 29 54.34 7.43 -1.10
N PHE B 30 53.40 7.02 -1.95
CA PHE B 30 52.30 6.17 -1.51
C PHE B 30 52.84 4.84 -0.99
N TRP B 31 53.84 4.30 -1.67
CA TRP B 31 54.46 3.05 -1.24
C TRP B 31 55.17 3.27 0.09
N ASP B 32 55.85 4.40 0.21
CA ASP B 32 56.54 4.75 1.45
C ASP B 32 55.52 4.96 2.56
N ASN B 33 54.37 5.53 2.17
CA ASN B 33 53.27 5.75 3.08
C ASN B 33 52.75 4.41 3.56
N LEU B 34 52.58 3.48 2.61
CA LEU B 34 52.12 2.14 2.91
C LEU B 34 53.10 1.47 3.86
N GLU B 35 54.39 1.77 3.68
CA GLU B 35 55.42 1.21 4.55
C GLU B 35 55.21 1.69 5.98
N LYS B 36 54.93 2.97 6.13
CA LYS B 36 54.68 3.54 7.45
C LYS B 36 53.46 2.86 8.06
N GLU B 37 52.43 2.69 7.25
CA GLU B 37 51.20 2.05 7.69
C GLU B 37 51.45 0.60 8.08
N THR B 38 52.09 -0.15 7.18
CA THR B 38 52.36 -1.55 7.43
C THR B 38 53.28 -1.76 8.63
N GLU B 39 54.33 -0.94 8.73
CA GLU B 39 55.26 -1.04 9.85
C GLU B 39 54.58 -0.62 11.15
N GLY B 40 53.81 0.46 11.09
CA GLY B 40 53.10 0.93 12.25
C GLY B 40 52.09 -0.10 12.70
N LEU B 41 51.32 -0.60 11.74
CA LEU B 41 50.32 -1.63 12.01
C LEU B 41 50.99 -2.93 12.41
N ARG B 42 52.25 -3.10 12.02
CA ARG B 42 53.00 -4.29 12.38
C ARG B 42 53.27 -4.25 13.86
N GLN B 43 53.56 -3.05 14.36
CA GLN B 43 53.80 -2.85 15.78
C GLN B 43 52.50 -3.04 16.54
N GLU B 44 51.41 -2.51 15.98
CA GLU B 44 50.10 -2.63 16.58
C GLU B 44 49.66 -4.09 16.60
N MET B 45 49.67 -4.71 15.43
CA MET B 45 49.24 -6.10 15.29
C MET B 45 50.10 -7.08 16.08
N SER B 46 51.40 -6.84 16.15
CA SER B 46 52.26 -7.75 16.91
C SER B 46 51.88 -7.75 18.39
N LYS B 47 51.65 -6.56 18.93
CA LYS B 47 51.24 -6.41 20.31
C LYS B 47 49.82 -6.92 20.49
N ASP B 48 48.97 -6.56 19.53
CA ASP B 48 47.56 -6.96 19.55
C ASP B 48 47.44 -8.48 19.54
N LEU B 49 48.05 -9.12 18.54
CA LEU B 49 48.01 -10.58 18.43
C LEU B 49 48.63 -11.26 19.65
N GLU B 50 49.70 -10.68 20.16
CA GLU B 50 50.37 -11.22 21.34
C GLU B 50 49.41 -11.21 22.51
N GLU B 51 48.76 -10.06 22.68
CA GLU B 51 47.78 -9.89 23.75
C GLU B 51 46.52 -10.69 23.45
N VAL B 52 46.25 -10.92 22.17
CA VAL B 52 45.09 -11.70 21.75
C VAL B 52 45.22 -13.10 22.31
N LYS B 53 46.39 -13.70 22.14
CA LYS B 53 46.64 -15.04 22.65
C LYS B 53 46.54 -15.02 24.19
N ALA B 54 47.11 -13.97 24.78
CA ALA B 54 47.11 -13.80 26.23
C ALA B 54 45.72 -13.48 26.75
N LYS B 55 44.79 -13.16 25.85
CA LYS B 55 43.43 -12.85 26.24
C LYS B 55 42.49 -13.99 25.89
N VAL B 56 42.77 -14.66 24.78
CA VAL B 56 41.96 -15.80 24.34
C VAL B 56 42.08 -16.97 25.31
N GLN B 57 43.30 -17.19 25.82
CA GLN B 57 43.54 -18.29 26.76
C GLN B 57 42.63 -18.16 28.00
N PRO B 58 42.71 -17.05 28.76
CA PRO B 58 41.85 -16.86 29.94
C PRO B 58 40.39 -16.67 29.53
N TYR B 59 40.15 -16.21 28.31
CA TYR B 59 38.80 -16.01 27.82
C TYR B 59 38.13 -17.36 27.61
N LEU B 60 38.85 -18.26 26.95
CA LEU B 60 38.34 -19.60 26.71
C LEU B 60 38.24 -20.33 28.03
N ASP B 61 39.25 -20.14 28.88
CA ASP B 61 39.26 -20.76 30.21
C ASP B 61 38.01 -20.36 30.99
N ASP B 62 37.75 -19.06 31.03
CA ASP B 62 36.60 -18.52 31.73
C ASP B 62 35.30 -18.93 31.03
N PHE B 63 35.31 -18.85 29.71
CA PHE B 63 34.14 -19.22 28.90
C PHE B 63 33.78 -20.67 29.13
N GLN B 64 34.80 -21.53 29.19
CA GLN B 64 34.60 -22.95 29.41
C GLN B 64 34.07 -23.18 30.81
N LYS B 65 34.54 -22.40 31.77
CA LYS B 65 34.07 -22.50 33.14
C LYS B 65 32.58 -22.16 33.16
N LYS B 66 32.25 -21.05 32.53
CA LYS B 66 30.88 -20.58 32.43
C LYS B 66 30.03 -21.58 31.65
N TRP B 67 30.61 -22.11 30.58
CA TRP B 67 29.92 -23.09 29.76
C TRP B 67 29.66 -24.36 30.57
N GLN B 68 30.64 -24.73 31.40
CA GLN B 68 30.50 -25.90 32.25
C GLN B 68 29.45 -25.63 33.32
N GLU B 69 29.44 -24.41 33.84
CA GLU B 69 28.45 -24.00 34.85
C GLU B 69 27.07 -24.14 34.25
N GLU B 70 26.91 -23.62 33.03
CA GLU B 70 25.65 -23.67 32.33
C GLU B 70 25.32 -25.07 31.85
N MET B 71 26.32 -25.80 31.37
CA MET B 71 26.11 -27.17 30.91
C MET B 71 25.56 -28.00 32.05
N GLU B 72 26.18 -27.88 33.22
CA GLU B 72 25.74 -28.59 34.40
C GLU B 72 24.37 -28.09 34.82
N LEU B 73 24.22 -26.77 34.84
CA LEU B 73 22.96 -26.12 35.21
C LEU B 73 21.83 -26.55 34.29
N TYR B 74 22.11 -26.52 32.99
CA TYR B 74 21.12 -26.92 31.99
C TYR B 74 20.78 -28.38 32.13
N ARG B 75 21.80 -29.20 32.33
CA ARG B 75 21.59 -30.63 32.50
C ARG B 75 20.77 -30.90 33.75
N GLN B 76 21.09 -30.19 34.83
CA GLN B 76 20.38 -30.34 36.10
C GLN B 76 19.00 -29.69 36.04
N LYS B 77 18.72 -29.02 34.93
CA LYS B 77 17.43 -28.39 34.73
C LYS B 77 16.61 -29.24 33.76
N VAL B 78 17.24 -29.59 32.65
CA VAL B 78 16.60 -30.39 31.62
C VAL B 78 16.21 -31.78 32.13
N GLU B 79 17.10 -32.43 32.87
CA GLU B 79 16.81 -33.76 33.39
C GLU B 79 15.51 -33.82 34.20
N PRO B 80 15.39 -33.04 35.30
CA PRO B 80 14.15 -33.03 36.09
C PRO B 80 12.98 -32.44 35.33
N LEU B 81 13.22 -31.33 34.63
CA LEU B 81 12.16 -30.68 33.86
C LEU B 81 11.63 -31.59 32.75
N ARG B 82 12.50 -32.42 32.19
CA ARG B 82 12.09 -33.35 31.15
C ARG B 82 11.16 -34.38 31.75
N ALA B 83 11.43 -34.73 33.01
CA ALA B 83 10.61 -35.68 33.72
C ALA B 83 9.29 -35.02 34.10
N GLU B 84 9.37 -33.78 34.54
CA GLU B 84 8.19 -33.00 34.90
C GLU B 84 7.32 -32.80 33.66
N LEU B 85 7.98 -32.49 32.54
CA LEU B 85 7.29 -32.29 31.28
C LEU B 85 6.80 -33.62 30.74
N GLN B 86 7.48 -34.70 31.11
CA GLN B 86 7.09 -36.03 30.66
C GLN B 86 5.84 -36.46 31.42
N GLU B 87 5.85 -36.25 32.73
CA GLU B 87 4.71 -36.56 33.57
C GLU B 87 3.58 -35.61 33.21
N GLY B 88 3.95 -34.37 32.94
CA GLY B 88 2.99 -33.37 32.54
C GLY B 88 2.41 -33.73 31.19
N ALA B 89 3.25 -34.29 30.32
CA ALA B 89 2.81 -34.72 29.01
C ALA B 89 1.93 -35.95 29.14
N ARG B 90 2.31 -36.84 30.06
CA ARG B 90 1.53 -38.05 30.29
C ARG B 90 0.15 -37.67 30.81
N GLN B 91 0.11 -36.69 31.71
CA GLN B 91 -1.15 -36.20 32.24
C GLN B 91 -1.90 -35.47 31.14
N LYS B 92 -1.20 -34.61 30.42
CA LYS B 92 -1.79 -33.84 29.32
C LYS B 92 -2.35 -34.78 28.26
N LEU B 93 -1.57 -35.79 27.90
CA LEU B 93 -1.99 -36.76 26.91
C LEU B 93 -3.15 -37.58 27.44
N HIS B 94 -3.11 -37.89 28.74
CA HIS B 94 -4.20 -38.63 29.37
C HIS B 94 -5.45 -37.78 29.31
N GLU B 95 -5.28 -36.51 29.65
CA GLU B 95 -6.38 -35.55 29.60
C GLU B 95 -6.91 -35.50 28.18
N LEU B 96 -6.00 -35.33 27.23
CA LEU B 96 -6.35 -35.26 25.82
C LEU B 96 -7.02 -36.54 25.33
N GLN B 97 -6.49 -37.68 25.72
CA GLN B 97 -7.06 -38.97 25.31
C GLN B 97 -8.46 -39.15 25.89
N GLU B 98 -8.64 -38.69 27.12
CA GLU B 98 -9.93 -38.79 27.79
C GLU B 98 -10.92 -37.78 27.22
N LYS B 99 -10.43 -36.92 26.34
CA LYS B 99 -11.24 -35.91 25.69
C LYS B 99 -11.45 -36.27 24.23
N LEU B 100 -10.35 -36.57 23.53
CA LEU B 100 -10.39 -36.92 22.12
C LEU B 100 -11.23 -38.16 21.84
N SER B 101 -11.14 -39.15 22.71
CA SER B 101 -11.91 -40.37 22.53
C SER B 101 -13.42 -40.10 22.52
N PRO B 102 -14.00 -39.52 23.60
CA PRO B 102 -15.43 -39.22 23.63
C PRO B 102 -15.81 -38.15 22.61
N LEU B 103 -14.96 -37.14 22.46
CA LEU B 103 -15.22 -36.07 21.49
C LEU B 103 -15.23 -36.64 20.08
N GLY B 104 -14.39 -37.63 19.85
CA GLY B 104 -14.32 -38.28 18.56
C GLY B 104 -15.60 -39.05 18.31
N GLU B 105 -16.06 -39.76 19.33
CA GLU B 105 -17.29 -40.53 19.25
C GLU B 105 -18.46 -39.58 19.05
N GLU B 106 -18.42 -38.46 19.79
CA GLU B 106 -19.45 -37.43 19.67
C GLU B 106 -19.43 -36.87 18.28
N MET B 107 -18.23 -36.54 17.80
CA MET B 107 -18.06 -35.98 16.46
C MET B 107 -18.63 -36.93 15.40
N ARG B 108 -18.48 -38.22 15.63
CA ARG B 108 -19.01 -39.21 14.70
C ARG B 108 -20.53 -39.15 14.68
N ASP B 109 -21.13 -39.03 15.86
CA ASP B 109 -22.57 -38.93 15.97
C ASP B 109 -23.02 -37.59 15.42
N ARG B 110 -22.23 -36.56 15.68
CA ARG B 110 -22.51 -35.22 15.17
C ARG B 110 -22.49 -35.26 13.65
N ALA B 111 -21.53 -35.99 13.11
CA ALA B 111 -21.38 -36.14 11.66
C ALA B 111 -22.59 -36.89 11.10
N ARG B 112 -23.08 -37.87 11.85
CA ARG B 112 -24.24 -38.64 11.42
C ARG B 112 -25.46 -37.70 11.37
N ALA B 113 -25.49 -36.78 12.32
CA ALA B 113 -26.58 -35.82 12.41
C ALA B 113 -26.28 -34.56 11.59
N HIS B 114 -25.20 -34.60 10.82
CA HIS B 114 -24.80 -33.46 9.99
C HIS B 114 -24.64 -33.90 8.54
N VAL B 115 -23.60 -34.67 8.26
CA VAL B 115 -23.32 -35.15 6.91
C VAL B 115 -24.39 -36.11 6.43
N ASP B 116 -24.75 -37.08 7.28
CA ASP B 116 -25.78 -38.06 6.92
C ASP B 116 -27.14 -37.38 6.78
N ALA B 117 -27.35 -36.35 7.59
CA ALA B 117 -28.58 -35.58 7.54
C ALA B 117 -28.57 -34.74 6.27
N LEU B 118 -27.39 -34.25 5.92
CA LEU B 118 -27.21 -33.46 4.71
C LEU B 118 -27.42 -34.32 3.48
N ARG B 119 -27.26 -35.62 3.63
CA ARG B 119 -27.48 -36.55 2.52
C ARG B 119 -28.92 -36.43 2.05
N THR B 120 -29.84 -36.58 2.99
CA THR B 120 -31.26 -36.48 2.69
C THR B 120 -31.70 -35.00 2.63
N HIS B 121 -30.73 -34.12 2.47
CA HIS B 121 -31.00 -32.70 2.39
C HIS B 121 -30.43 -32.12 1.11
N LEU B 122 -29.19 -32.48 0.80
CA LEU B 122 -28.52 -32.01 -0.39
C LEU B 122 -28.87 -32.84 -1.61
N ALA B 123 -29.13 -34.13 -1.41
CA ALA B 123 -29.50 -35.01 -2.52
C ALA B 123 -30.79 -34.53 -3.19
N PRO B 124 -31.90 -34.35 -2.43
CA PRO B 124 -33.14 -33.85 -3.01
C PRO B 124 -32.93 -32.44 -3.53
N TYR B 125 -32.10 -31.67 -2.82
CA TYR B 125 -31.79 -30.30 -3.21
C TYR B 125 -31.16 -30.27 -4.59
N SER B 126 -30.29 -31.24 -4.85
CA SER B 126 -29.64 -31.34 -6.15
C SER B 126 -30.67 -31.60 -7.24
N ASP B 127 -31.65 -32.45 -6.94
CA ASP B 127 -32.70 -32.75 -7.91
C ASP B 127 -33.63 -31.56 -8.06
N GLU B 128 -33.88 -30.87 -6.95
CA GLU B 128 -34.72 -29.67 -6.96
C GLU B 128 -34.02 -28.58 -7.76
N LEU B 129 -32.69 -28.55 -7.65
CA LEU B 129 -31.88 -27.60 -8.38
C LEU B 129 -31.93 -27.97 -9.85
N ARG B 130 -31.99 -29.28 -10.12
CA ARG B 130 -32.07 -29.77 -11.49
C ARG B 130 -33.39 -29.33 -12.10
N GLN B 131 -34.45 -29.27 -11.28
CA GLN B 131 -35.76 -28.83 -11.74
C GLN B 131 -35.65 -27.41 -12.26
N ARG B 132 -34.82 -26.63 -11.59
CA ARG B 132 -34.59 -25.24 -11.96
C ARG B 132 -33.63 -25.19 -13.15
N LEU B 133 -32.53 -25.92 -13.03
CA LEU B 133 -31.52 -25.99 -14.09
C LEU B 133 -32.12 -26.45 -15.42
N ALA B 134 -33.10 -27.33 -15.33
CA ALA B 134 -33.78 -27.85 -16.52
C ALA B 134 -34.46 -26.71 -17.25
N ALA B 135 -35.23 -25.91 -16.52
CA ALA B 135 -35.94 -24.77 -17.08
C ALA B 135 -34.94 -23.68 -17.47
N ARG B 136 -33.93 -23.49 -16.63
CA ARG B 136 -32.90 -22.51 -16.87
C ARG B 136 -32.20 -22.80 -18.19
N LEU B 137 -31.86 -24.07 -18.39
CA LEU B 137 -31.21 -24.50 -19.62
C LEU B 137 -32.17 -24.39 -20.78
N GLU B 138 -33.45 -24.63 -20.52
CA GLU B 138 -34.48 -24.54 -21.55
C GLU B 138 -34.62 -23.10 -22.03
N ALA B 139 -34.60 -22.17 -21.10
CA ALA B 139 -34.69 -20.75 -21.44
C ALA B 139 -33.47 -20.36 -22.26
N LEU B 140 -32.32 -20.88 -21.85
CA LEU B 140 -31.06 -20.62 -22.53
C LEU B 140 -31.01 -21.33 -23.88
N LYS B 141 -31.90 -22.31 -24.07
CA LYS B 141 -31.97 -23.04 -25.32
C LYS B 141 -32.89 -22.32 -26.28
N GLU B 142 -34.05 -21.91 -25.78
CA GLU B 142 -35.02 -21.19 -26.59
C GLU B 142 -34.46 -19.84 -26.99
N ASN B 143 -33.97 -19.10 -26.00
CA ASN B 143 -33.38 -17.80 -26.25
C ASN B 143 -32.05 -17.98 -26.97
N GLY B 144 -31.39 -19.10 -26.69
CA GLY B 144 -30.13 -19.40 -27.33
C GLY B 144 -30.31 -19.59 -28.82
N GLY B 145 -31.26 -20.45 -29.19
CA GLY B 145 -31.54 -20.70 -30.58
C GLY B 145 -32.02 -19.45 -31.27
N ALA B 146 -32.83 -18.66 -30.55
CA ALA B 146 -33.36 -17.42 -31.07
C ALA B 146 -32.21 -16.44 -31.33
N ARG B 147 -31.36 -16.27 -30.32
CA ARG B 147 -30.20 -15.39 -30.43
C ARG B 147 -29.28 -15.84 -31.55
N LEU B 148 -29.13 -17.16 -31.69
CA LEU B 148 -28.27 -17.73 -32.73
C LEU B 148 -28.80 -17.35 -34.12
N ALA B 149 -30.11 -17.13 -34.20
CA ALA B 149 -30.73 -16.74 -35.45
C ALA B 149 -30.72 -15.22 -35.60
N GLU B 150 -31.05 -14.53 -34.53
CA GLU B 150 -31.08 -13.07 -34.53
C GLU B 150 -29.68 -12.49 -34.74
N TYR B 151 -28.71 -13.03 -34.02
CA TYR B 151 -27.32 -12.58 -34.16
C TYR B 151 -26.80 -12.94 -35.54
N HIS B 152 -27.32 -14.03 -36.10
CA HIS B 152 -26.91 -14.46 -37.44
C HIS B 152 -27.41 -13.46 -38.47
N ALA B 153 -28.66 -13.05 -38.31
CA ALA B 153 -29.26 -12.07 -39.21
C ALA B 153 -28.53 -10.74 -39.06
N LYS B 154 -28.26 -10.37 -37.81
CA LYS B 154 -27.55 -9.13 -37.52
C LYS B 154 -26.13 -9.21 -38.04
N ALA B 155 -25.54 -10.40 -37.99
CA ALA B 155 -24.19 -10.61 -38.51
C ALA B 155 -24.21 -10.38 -40.01
N THR B 156 -25.28 -10.81 -40.65
CA THR B 156 -25.45 -10.63 -42.08
C THR B 156 -25.54 -9.14 -42.39
N GLU B 157 -26.37 -8.44 -41.62
CA GLU B 157 -26.53 -7.00 -41.79
C GLU B 157 -25.20 -6.32 -41.52
N HIS B 158 -24.50 -6.81 -40.50
CA HIS B 158 -23.20 -6.28 -40.14
C HIS B 158 -22.21 -6.50 -41.26
N LEU B 159 -22.30 -7.65 -41.91
CA LEU B 159 -21.45 -7.98 -43.04
C LEU B 159 -21.73 -7.00 -44.18
N SER B 160 -23.01 -6.69 -44.37
CA SER B 160 -23.42 -5.74 -45.39
C SER B 160 -22.83 -4.38 -45.09
N THR B 161 -22.85 -4.00 -43.81
CA THR B 161 -22.28 -2.72 -43.38
C THR B 161 -20.78 -2.73 -43.66
N LEU B 162 -20.16 -3.90 -43.49
CA LEU B 162 -18.74 -4.05 -43.73
C LEU B 162 -18.41 -3.93 -45.21
N SER B 163 -19.21 -4.57 -46.06
CA SER B 163 -18.99 -4.53 -47.51
C SER B 163 -18.97 -3.09 -48.04
N GLU B 164 -19.75 -2.21 -47.41
CA GLU B 164 -19.81 -0.81 -47.81
C GLU B 164 -18.44 -0.16 -47.64
N LYS B 165 -17.66 -0.69 -46.71
CA LYS B 165 -16.34 -0.16 -46.43
C LYS B 165 -15.26 -1.11 -46.95
N ALA B 166 -15.67 -2.33 -47.28
CA ALA B 166 -14.74 -3.34 -47.80
C ALA B 166 -14.55 -3.19 -49.30
N LYS B 167 -15.40 -2.39 -49.93
CA LYS B 167 -15.28 -2.15 -51.37
C LYS B 167 -15.22 -0.66 -51.70
N PRO B 168 -16.35 0.10 -51.58
CA PRO B 168 -16.36 1.53 -51.91
C PRO B 168 -15.34 2.33 -51.09
N ALA B 169 -15.40 2.17 -49.76
CA ALA B 169 -14.47 2.87 -48.89
C ALA B 169 -13.03 2.44 -49.16
N LEU B 170 -12.84 1.15 -49.43
CA LEU B 170 -11.51 0.63 -49.73
C LEU B 170 -10.97 1.24 -51.01
N GLU B 171 -11.85 1.45 -51.98
CA GLU B 171 -11.46 2.05 -53.25
C GLU B 171 -11.03 3.49 -53.03
N ASP B 172 -11.71 4.16 -52.11
CA ASP B 172 -11.39 5.55 -51.78
C ASP B 172 -10.05 5.60 -51.07
N LEU B 173 -9.80 4.60 -50.22
CA LEU B 173 -8.54 4.50 -49.50
C LEU B 173 -7.40 4.25 -50.48
N ARG B 174 -7.63 3.36 -51.43
CA ARG B 174 -6.63 3.04 -52.45
C ARG B 174 -6.42 4.27 -53.33
N GLN B 175 -7.53 4.93 -53.68
CA GLN B 175 -7.47 6.12 -54.51
C GLN B 175 -6.84 7.29 -53.79
N GLY B 176 -6.65 7.15 -52.49
CA GLY B 176 -6.02 8.18 -51.68
C GLY B 176 -4.57 7.79 -51.41
N LEU B 177 -4.37 6.51 -51.11
CA LEU B 177 -3.04 5.98 -50.83
C LEU B 177 -2.11 6.14 -52.03
N LEU B 178 -2.63 5.89 -53.23
CA LEU B 178 -1.82 6.02 -54.43
C LEU B 178 -1.19 7.42 -54.55
N PRO B 179 -2.01 8.49 -54.61
CA PRO B 179 -1.49 9.87 -54.70
C PRO B 179 -0.70 10.25 -53.46
N VAL B 180 -1.17 9.82 -52.29
CA VAL B 180 -0.49 10.14 -51.04
C VAL B 180 0.90 9.50 -50.99
N LEU B 181 1.03 8.29 -51.52
CA LEU B 181 2.32 7.61 -51.55
C LEU B 181 3.27 8.37 -52.47
N GLU B 182 2.76 8.77 -53.63
CA GLU B 182 3.56 9.52 -54.58
C GLU B 182 4.00 10.85 -53.97
N SER B 183 3.07 11.50 -53.28
CA SER B 183 3.37 12.77 -52.64
C SER B 183 4.38 12.57 -51.51
N PHE B 184 4.16 11.55 -50.69
CA PHE B 184 5.05 11.24 -49.58
C PHE B 184 6.43 10.85 -50.08
N LYS B 185 6.47 10.03 -51.12
CA LYS B 185 7.75 9.60 -51.69
C LYS B 185 8.57 10.79 -52.16
N VAL B 186 7.91 11.76 -52.81
CA VAL B 186 8.60 12.96 -53.27
C VAL B 186 9.09 13.77 -52.08
N SER B 187 8.28 13.80 -51.03
CA SER B 187 8.63 14.51 -49.81
C SER B 187 9.79 13.82 -49.12
N PHE B 188 9.76 12.49 -49.08
CA PHE B 188 10.83 11.72 -48.48
C PHE B 188 12.10 11.85 -49.30
N LEU B 189 11.95 11.76 -50.62
CA LEU B 189 13.10 11.90 -51.52
C LEU B 189 13.74 13.27 -51.37
N SER B 190 12.92 14.31 -51.32
CA SER B 190 13.43 15.67 -51.18
C SER B 190 14.06 15.87 -49.79
N ALA B 191 13.77 14.96 -48.87
CA ALA B 191 14.33 15.02 -47.53
C ALA B 191 15.67 14.29 -47.53
N LEU B 192 15.68 13.12 -48.14
CA LEU B 192 16.89 12.30 -48.23
C LEU B 192 17.97 13.01 -49.03
N GLU B 193 17.55 13.65 -50.13
CA GLU B 193 18.48 14.36 -51.00
C GLU B 193 19.05 15.61 -50.31
N GLU B 194 18.34 16.11 -49.31
CA GLU B 194 18.79 17.29 -48.59
C GLU B 194 19.60 16.93 -47.35
N TYR B 195 19.20 15.86 -46.68
CA TYR B 195 19.90 15.42 -45.48
C TYR B 195 21.29 14.89 -45.82
N THR B 196 21.48 14.47 -47.06
CA THR B 196 22.78 13.97 -47.49
C THR B 196 23.79 15.11 -47.57
N LYS B 197 23.27 16.33 -47.67
CA LYS B 197 24.12 17.52 -47.73
C LYS B 197 24.70 17.78 -46.34
N LYS B 198 23.90 17.45 -45.34
CA LYS B 198 24.30 17.62 -43.95
C LYS B 198 25.19 16.45 -43.51
N LEU B 199 24.79 15.25 -43.89
CA LEU B 199 25.55 14.04 -43.56
C LEU B 199 26.64 13.79 -44.59
N ASN B 200 27.61 14.69 -44.61
CA ASN B 200 28.72 14.60 -45.54
C ASN B 200 29.97 15.13 -44.87
N MET C 3 -7.53 11.68 23.58
CA MET C 3 -8.39 12.52 22.69
C MET C 3 -8.96 11.69 21.56
N THR C 4 -10.24 11.36 21.66
CA THR C 4 -10.89 10.54 20.65
C THR C 4 -12.03 11.32 20.01
N GLU C 5 -12.06 12.63 20.25
CA GLU C 5 -13.09 13.49 19.68
C GLU C 5 -12.53 14.21 18.45
N TYR C 6 -13.19 14.06 17.32
CA TYR C 6 -12.76 14.70 16.08
C TYR C 6 -13.69 15.85 15.74
N LYS C 7 -13.16 17.06 15.73
CA LYS C 7 -13.95 18.25 15.42
C LYS C 7 -13.87 18.55 13.93
N LEU C 8 -15.03 18.53 13.28
CA LEU C 8 -15.09 18.80 11.84
C LEU C 8 -16.10 19.89 11.52
N VAL C 9 -15.66 20.87 10.74
CA VAL C 9 -16.52 21.97 10.34
C VAL C 9 -16.88 21.83 8.86
N VAL C 10 -18.16 21.79 8.56
CA VAL C 10 -18.62 21.65 7.19
C VAL C 10 -18.93 23.01 6.55
N VAL C 11 -18.14 23.38 5.56
CA VAL C 11 -18.31 24.65 4.87
C VAL C 11 -18.76 24.40 3.43
N GLY C 12 -19.13 25.46 2.73
CA GLY C 12 -19.59 25.35 1.37
C GLY C 12 -20.68 26.35 1.06
N ALA C 13 -21.06 26.46 -0.21
CA ALA C 13 -22.08 27.39 -0.64
C ALA C 13 -23.49 26.94 -0.23
N GLY C 14 -24.50 27.66 -0.68
CA GLY C 14 -25.86 27.33 -0.35
C GLY C 14 -26.50 26.41 -1.37
N GLY C 15 -27.23 25.41 -0.88
CA GLY C 15 -27.88 24.47 -1.76
C GLY C 15 -27.01 23.29 -2.13
N VAL C 16 -25.76 23.30 -1.66
CA VAL C 16 -24.84 22.20 -1.95
C VAL C 16 -25.23 20.93 -1.21
N GLY C 17 -26.00 21.09 -0.13
CA GLY C 17 -26.43 19.95 0.65
C GLY C 17 -25.51 19.63 1.81
N LYS C 18 -24.95 20.67 2.43
CA LYS C 18 -24.05 20.50 3.57
C LYS C 18 -24.72 19.71 4.70
N SER C 19 -25.78 20.29 5.26
CA SER C 19 -26.51 19.68 6.35
C SER C 19 -27.13 18.34 5.94
N ALA C 20 -27.39 18.18 4.65
CA ALA C 20 -27.99 16.94 4.16
C ALA C 20 -27.04 15.77 4.37
N LEU C 21 -25.76 16.00 4.11
CA LEU C 21 -24.74 14.96 4.29
C LEU C 21 -24.54 14.69 5.77
N THR C 22 -24.65 15.73 6.58
CA THR C 22 -24.47 15.62 8.02
C THR C 22 -25.56 14.75 8.64
N ILE C 23 -26.81 15.08 8.34
CA ILE C 23 -27.95 14.34 8.87
C ILE C 23 -27.95 12.89 8.40
N GLN C 24 -27.51 12.68 7.16
CA GLN C 24 -27.45 11.34 6.58
C GLN C 24 -26.37 10.50 7.27
N LEU C 25 -25.34 11.15 7.77
CA LEU C 25 -24.26 10.44 8.44
C LEU C 25 -24.57 10.22 9.92
N ILE C 26 -25.15 11.24 10.55
CA ILE C 26 -25.47 11.16 11.97
C ILE C 26 -26.73 10.34 12.24
N GLN C 27 -27.86 10.80 11.75
CA GLN C 27 -29.13 10.12 11.98
C GLN C 27 -29.41 9.05 10.93
N ASN C 28 -28.65 9.08 9.84
CA ASN C 28 -28.77 8.10 8.76
C ASN C 28 -30.11 8.18 8.01
N HIS C 29 -30.39 9.34 7.46
CA HIS C 29 -31.60 9.57 6.68
C HIS C 29 -31.48 10.88 5.91
N PHE C 30 -31.90 10.86 4.65
CA PHE C 30 -31.82 12.03 3.78
C PHE C 30 -32.97 12.99 4.02
N VAL C 31 -32.65 14.27 4.07
CA VAL C 31 -33.65 15.30 4.27
C VAL C 31 -33.94 16.00 2.94
N ASP C 32 -35.20 16.00 2.55
CA ASP C 32 -35.62 16.62 1.30
C ASP C 32 -35.67 18.13 1.42
N GLU C 33 -36.07 18.61 2.59
CA GLU C 33 -36.17 20.04 2.82
C GLU C 33 -35.51 20.42 4.14
N TYR C 34 -34.53 21.31 4.07
CA TYR C 34 -33.84 21.78 5.24
C TYR C 34 -33.44 23.24 5.04
N ASP C 35 -33.73 24.08 6.03
CA ASP C 35 -33.41 25.49 5.96
C ASP C 35 -31.91 25.74 6.15
N PRO C 36 -31.27 26.39 5.18
CA PRO C 36 -29.84 26.69 5.21
C PRO C 36 -29.45 27.63 6.36
N THR C 37 -30.41 28.40 6.88
CA THR C 37 -30.13 29.34 7.96
C THR C 37 -29.75 28.63 9.26
N ILE C 38 -30.06 27.34 9.36
CA ILE C 38 -29.75 26.57 10.55
C ILE C 38 -28.24 26.35 10.70
N GLU C 39 -27.70 26.85 11.80
CA GLU C 39 -26.28 26.72 12.11
C GLU C 39 -26.12 26.12 13.51
N ASP C 40 -25.90 24.81 13.56
CA ASP C 40 -25.74 24.11 14.84
C ASP C 40 -24.67 23.03 14.74
N SER C 41 -24.52 22.24 15.81
CA SER C 41 -23.51 21.19 15.84
C SER C 41 -24.14 19.84 16.19
N TYR C 42 -23.61 18.78 15.61
CA TYR C 42 -24.12 17.43 15.85
C TYR C 42 -22.98 16.50 16.23
N ARG C 43 -23.22 15.61 17.17
CA ARG C 43 -22.20 14.68 17.62
C ARG C 43 -22.67 13.24 17.51
N LYS C 44 -21.75 12.34 17.19
CA LYS C 44 -22.05 10.93 17.03
C LYS C 44 -20.78 10.11 17.14
N GLN C 45 -20.84 8.99 17.84
CA GLN C 45 -19.67 8.13 18.01
C GLN C 45 -19.67 7.01 16.97
N VAL C 46 -18.60 6.93 16.20
CA VAL C 46 -18.47 5.92 15.16
C VAL C 46 -17.19 5.12 15.33
N VAL C 47 -17.00 4.13 14.48
CA VAL C 47 -15.80 3.29 14.53
C VAL C 47 -15.01 3.46 13.23
N ILE C 48 -13.93 4.23 13.29
CA ILE C 48 -13.09 4.48 12.13
C ILE C 48 -11.79 3.70 12.25
N ASP C 49 -11.59 2.75 11.33
CA ASP C 49 -10.38 1.93 11.31
C ASP C 49 -10.27 1.04 12.55
N GLY C 50 -11.38 0.89 13.25
CA GLY C 50 -11.39 0.10 14.47
C GLY C 50 -11.28 0.96 15.70
N GLU C 51 -11.14 2.27 15.49
CA GLU C 51 -11.04 3.22 16.58
C GLU C 51 -12.38 3.88 16.84
N THR C 52 -12.99 3.54 17.96
CA THR C 52 -14.27 4.14 18.34
C THR C 52 -14.04 5.59 18.76
N CYS C 53 -14.48 6.52 17.93
CA CYS C 53 -14.28 7.94 18.20
C CYS C 53 -15.58 8.73 18.10
N LEU C 54 -15.61 9.87 18.77
CA LEU C 54 -16.79 10.73 18.76
C LEU C 54 -16.59 11.87 17.78
N LEU C 55 -17.47 11.97 16.81
CA LEU C 55 -17.40 13.02 15.81
C LEU C 55 -18.13 14.28 16.27
N ASP C 56 -17.43 15.39 16.26
CA ASP C 56 -17.99 16.67 16.65
C ASP C 56 -18.09 17.52 15.39
N ILE C 57 -19.17 17.34 14.66
CA ILE C 57 -19.38 18.05 13.41
C ILE C 57 -20.24 19.30 13.58
N LEU C 58 -19.78 20.39 12.99
CA LEU C 58 -20.48 21.65 13.05
C LEU C 58 -21.04 22.02 11.68
N ASP C 59 -22.33 22.32 11.64
CA ASP C 59 -22.99 22.72 10.40
C ASP C 59 -22.99 24.24 10.29
N THR C 60 -22.77 24.76 9.10
CA THR C 60 -22.78 26.20 8.90
C THR C 60 -24.16 26.70 8.49
N ALA C 61 -24.21 27.94 8.08
CA ALA C 61 -25.44 28.57 7.63
C ALA C 61 -25.12 29.59 6.54
N GLY C 62 -24.42 30.65 6.93
CA GLY C 62 -24.06 31.69 5.98
C GLY C 62 -24.50 33.06 6.46
N GLN C 63 -25.22 33.09 7.57
CA GLN C 63 -25.70 34.35 8.12
C GLN C 63 -24.62 35.04 8.94
N GLU C 64 -24.76 36.36 9.06
CA GLU C 64 -23.79 37.16 9.81
C GLU C 64 -24.14 37.26 11.29
N GLU C 65 -24.95 36.32 11.76
CA GLU C 65 -25.36 36.30 13.17
C GLU C 65 -24.17 35.94 14.05
N TYR C 66 -24.06 36.59 15.19
CA TYR C 66 -22.95 36.34 16.11
C TYR C 66 -23.13 35.02 16.83
N SER C 67 -22.40 34.02 16.37
CA SER C 67 -22.46 32.69 16.97
C SER C 67 -21.14 32.36 17.65
N ALA C 68 -21.15 32.37 18.98
CA ALA C 68 -19.96 32.08 19.76
C ALA C 68 -19.50 30.65 19.53
N MET C 69 -20.48 29.75 19.36
CA MET C 69 -20.18 28.34 19.10
C MET C 69 -19.39 28.17 17.81
N ARG C 70 -19.79 28.91 16.78
CA ARG C 70 -19.12 28.84 15.49
C ARG C 70 -17.71 29.37 15.56
N ASP C 71 -17.54 30.51 16.26
CA ASP C 71 -16.22 31.13 16.40
C ASP C 71 -15.26 30.18 17.12
N GLN C 72 -15.73 29.61 18.23
CA GLN C 72 -14.92 28.68 19.00
C GLN C 72 -14.54 27.45 18.16
N TYR C 73 -15.52 26.92 17.45
CA TYR C 73 -15.32 25.74 16.61
C TYR C 73 -14.41 26.03 15.42
N MET C 74 -14.46 27.25 14.90
CA MET C 74 -13.65 27.62 13.76
C MET C 74 -12.16 27.63 14.09
N ARG C 75 -11.84 27.86 15.34
CA ARG C 75 -10.45 27.91 15.78
C ARG C 75 -9.98 26.59 16.38
N THR C 76 -10.91 25.83 16.96
CA THR C 76 -10.55 24.55 17.57
C THR C 76 -10.77 23.38 16.63
N GLY C 77 -11.59 23.58 15.61
CA GLY C 77 -11.88 22.53 14.65
C GLY C 77 -10.63 22.00 13.96
N GLU C 78 -10.49 20.69 13.97
CA GLU C 78 -9.33 20.05 13.37
C GLU C 78 -9.51 19.85 11.86
N GLY C 79 -10.62 19.24 11.49
CA GLY C 79 -10.88 18.99 10.08
C GLY C 79 -11.92 19.91 9.47
N PHE C 80 -11.64 20.39 8.28
CA PHE C 80 -12.55 21.27 7.57
C PHE C 80 -13.03 20.60 6.29
N LEU C 81 -14.33 20.43 6.15
CA LEU C 81 -14.90 19.79 4.98
C LEU C 81 -15.51 20.81 4.03
N CYS C 82 -15.06 20.79 2.79
CA CYS C 82 -15.58 21.69 1.77
C CYS C 82 -16.50 20.93 0.83
N VAL C 83 -17.80 21.13 1.01
CA VAL C 83 -18.80 20.45 0.20
C VAL C 83 -19.35 21.35 -0.90
N PHE C 84 -19.34 20.83 -2.12
CA PHE C 84 -19.86 21.56 -3.26
C PHE C 84 -20.74 20.63 -4.09
N ALA C 85 -21.68 21.20 -4.84
CA ALA C 85 -22.57 20.40 -5.68
C ALA C 85 -21.99 20.28 -7.08
N ILE C 86 -21.88 19.04 -7.56
CA ILE C 86 -21.32 18.81 -8.89
C ILE C 86 -22.30 19.21 -10.00
N ASN C 87 -23.53 19.54 -9.61
CA ASN C 87 -24.55 19.96 -10.56
C ASN C 87 -24.66 21.48 -10.58
N ASN C 88 -23.74 22.13 -9.88
CA ASN C 88 -23.71 23.58 -9.81
C ASN C 88 -22.27 24.09 -9.84
N THR C 89 -21.87 24.65 -10.97
CA THR C 89 -20.53 25.16 -11.14
C THR C 89 -20.24 26.37 -10.26
N LYS C 90 -21.30 27.07 -9.83
CA LYS C 90 -21.15 28.24 -8.97
C LYS C 90 -20.48 27.88 -7.65
N SER C 91 -20.81 26.71 -7.12
CA SER C 91 -20.24 26.25 -5.86
C SER C 91 -18.79 25.79 -6.06
N PHE C 92 -18.48 25.28 -7.25
CA PHE C 92 -17.15 24.81 -7.57
C PHE C 92 -16.15 25.96 -7.59
N GLU C 93 -16.57 27.10 -8.12
CA GLU C 93 -15.70 28.26 -8.21
C GLU C 93 -15.62 29.03 -6.88
N ASP C 94 -16.43 28.62 -5.91
CA ASP C 94 -16.44 29.28 -4.60
C ASP C 94 -15.50 28.57 -3.64
N ILE C 95 -15.04 27.40 -4.03
CA ILE C 95 -14.14 26.61 -3.18
C ILE C 95 -12.89 27.38 -2.78
N HIS C 96 -12.28 28.08 -3.74
CA HIS C 96 -11.07 28.86 -3.47
C HIS C 96 -11.37 29.97 -2.46
N HIS C 97 -12.58 30.50 -2.52
CA HIS C 97 -13.00 31.57 -1.63
C HIS C 97 -13.13 31.05 -0.19
N TYR C 98 -13.62 29.83 -0.04
CA TYR C 98 -13.78 29.24 1.29
C TYR C 98 -12.46 28.75 1.86
N ARG C 99 -11.67 28.09 1.02
CA ARG C 99 -10.38 27.55 1.44
C ARG C 99 -9.47 28.64 2.00
N GLU C 100 -9.33 29.73 1.26
CA GLU C 100 -8.47 30.83 1.67
C GLU C 100 -8.92 31.45 3.00
N GLN C 101 -10.22 31.46 3.23
CA GLN C 101 -10.76 32.02 4.47
C GLN C 101 -10.34 31.15 5.65
N ILE C 102 -10.45 29.84 5.47
CA ILE C 102 -10.07 28.89 6.50
C ILE C 102 -8.56 28.92 6.73
N LYS C 103 -7.82 29.06 5.63
CA LYS C 103 -6.37 29.11 5.67
C LYS C 103 -5.90 30.27 6.55
N ARG C 104 -6.59 31.39 6.46
CA ARG C 104 -6.24 32.57 7.24
C ARG C 104 -6.53 32.36 8.72
N VAL C 105 -7.50 31.50 9.02
CA VAL C 105 -7.87 31.20 10.40
C VAL C 105 -6.75 30.43 11.09
N LYS C 106 -6.24 29.41 10.42
CA LYS C 106 -5.16 28.59 10.98
C LYS C 106 -3.79 29.18 10.68
N ASP C 107 -3.76 30.10 9.73
CA ASP C 107 -2.53 30.78 9.32
C ASP C 107 -1.48 29.79 8.79
N SER C 108 -1.91 28.90 7.92
CA SER C 108 -1.02 27.89 7.34
C SER C 108 -1.72 27.12 6.23
N GLU C 109 -0.92 26.42 5.42
CA GLU C 109 -1.44 25.60 4.33
C GLU C 109 -1.64 24.17 4.82
N ASP C 110 -0.99 23.84 5.93
CA ASP C 110 -1.07 22.50 6.52
C ASP C 110 -2.35 22.35 7.35
N VAL C 111 -3.49 22.44 6.67
CA VAL C 111 -4.78 22.33 7.33
C VAL C 111 -5.56 21.14 6.79
N PRO C 112 -6.02 20.24 7.69
CA PRO C 112 -6.79 19.06 7.29
C PRO C 112 -8.11 19.45 6.62
N MET C 113 -8.12 19.40 5.29
CA MET C 113 -9.29 19.75 4.51
C MET C 113 -9.55 18.71 3.44
N VAL C 114 -10.82 18.42 3.20
CA VAL C 114 -11.21 17.44 2.19
C VAL C 114 -12.26 18.05 1.26
N LEU C 115 -12.06 17.86 -0.04
CA LEU C 115 -13.00 18.37 -1.04
C LEU C 115 -14.06 17.31 -1.30
N VAL C 116 -15.32 17.65 -1.04
CA VAL C 116 -16.40 16.72 -1.22
C VAL C 116 -17.38 17.18 -2.30
N GLY C 117 -17.55 16.35 -3.32
CA GLY C 117 -18.46 16.66 -4.39
C GLY C 117 -19.78 15.97 -4.17
N ASN C 118 -20.79 16.72 -3.75
CA ASN C 118 -22.10 16.16 -3.46
C ASN C 118 -22.97 16.12 -4.71
N LYS C 119 -24.01 15.30 -4.66
CA LYS C 119 -24.96 15.13 -5.76
C LYS C 119 -24.33 14.38 -6.93
N CYS C 120 -23.43 13.44 -6.61
CA CYS C 120 -22.74 12.65 -7.63
C CYS C 120 -23.68 11.64 -8.27
N ASP C 121 -24.89 11.52 -7.71
CA ASP C 121 -25.89 10.59 -8.22
C ASP C 121 -26.66 11.20 -9.37
N LEU C 122 -26.47 12.51 -9.57
CA LEU C 122 -27.15 13.22 -10.64
C LEU C 122 -26.33 13.11 -11.93
N PRO C 123 -26.95 12.58 -12.99
CA PRO C 123 -26.28 12.40 -14.30
C PRO C 123 -25.88 13.73 -14.92
N SER C 124 -26.68 14.77 -14.68
CA SER C 124 -26.40 16.09 -15.22
C SER C 124 -25.38 16.82 -14.36
N ARG C 125 -24.13 16.42 -14.47
CA ARG C 125 -23.06 17.06 -13.71
C ARG C 125 -22.35 18.12 -14.55
N THR C 126 -22.29 19.33 -14.02
CA THR C 126 -21.66 20.43 -14.70
C THR C 126 -20.18 20.49 -14.35
N VAL C 127 -19.82 19.86 -13.24
CA VAL C 127 -18.44 19.84 -12.79
C VAL C 127 -17.71 18.61 -13.32
N ASP C 128 -16.66 18.86 -14.09
CA ASP C 128 -15.86 17.80 -14.68
C ASP C 128 -15.08 17.05 -13.60
N THR C 129 -15.03 15.73 -13.73
CA THR C 129 -14.36 14.88 -12.76
C THR C 129 -12.88 15.23 -12.58
N LYS C 130 -12.14 15.23 -13.68
CA LYS C 130 -10.70 15.52 -13.63
C LYS C 130 -10.40 16.94 -13.13
N GLN C 131 -11.28 17.88 -13.47
CA GLN C 131 -11.10 19.27 -13.04
C GLN C 131 -11.10 19.36 -11.52
N ALA C 132 -12.04 18.69 -10.90
CA ALA C 132 -12.16 18.69 -9.45
C ALA C 132 -11.00 17.93 -8.82
N GLN C 133 -10.58 16.85 -9.49
CA GLN C 133 -9.47 16.04 -9.03
C GLN C 133 -8.18 16.86 -9.01
N ASP C 134 -7.94 17.60 -10.10
CA ASP C 134 -6.75 18.42 -10.21
C ASP C 134 -6.81 19.61 -9.26
N LEU C 135 -8.01 20.16 -9.09
CA LEU C 135 -8.20 21.30 -8.20
C LEU C 135 -7.73 20.94 -6.79
N ALA C 136 -8.19 19.80 -6.31
CA ALA C 136 -7.82 19.32 -4.98
C ALA C 136 -6.34 18.98 -4.94
N ARG C 137 -5.86 18.35 -6.01
CA ARG C 137 -4.46 17.95 -6.12
C ARG C 137 -3.53 19.16 -6.07
N SER C 138 -3.95 20.24 -6.73
CA SER C 138 -3.16 21.46 -6.76
C SER C 138 -3.12 22.13 -5.39
N TYR C 139 -4.12 21.82 -4.57
CA TYR C 139 -4.20 22.39 -3.22
C TYR C 139 -3.52 21.47 -2.22
N GLY C 140 -3.35 20.20 -2.62
CA GLY C 140 -2.72 19.24 -1.76
C GLY C 140 -3.72 18.56 -0.84
N ILE C 141 -4.97 18.48 -1.29
CA ILE C 141 -6.02 17.87 -0.49
C ILE C 141 -6.74 16.77 -1.28
N PRO C 142 -7.39 15.83 -0.59
CA PRO C 142 -8.12 14.74 -1.23
C PRO C 142 -9.51 15.18 -1.70
N PHE C 143 -10.01 14.51 -2.73
CA PHE C 143 -11.33 14.82 -3.28
C PHE C 143 -12.15 13.55 -3.45
N ILE C 144 -13.36 13.56 -2.90
CA ILE C 144 -14.25 12.40 -2.97
C ILE C 144 -15.67 12.84 -3.36
N GLU C 145 -16.26 12.18 -4.34
CA GLU C 145 -17.62 12.48 -4.76
C GLU C 145 -18.60 11.63 -3.96
N THR C 146 -19.43 12.27 -3.14
CA THR C 146 -20.39 11.55 -2.31
C THR C 146 -21.82 11.99 -2.57
N SER C 147 -22.77 11.23 -2.06
CA SER C 147 -24.18 11.55 -2.21
C SER C 147 -24.90 11.32 -0.90
N ALA C 148 -25.72 12.30 -0.51
CA ALA C 148 -26.49 12.21 0.73
C ALA C 148 -27.73 11.33 0.53
N LYS C 149 -27.95 10.91 -0.70
CA LYS C 149 -29.10 10.06 -1.02
C LYS C 149 -28.73 8.58 -0.90
N THR C 150 -27.61 8.20 -1.51
CA THR C 150 -27.17 6.82 -1.47
C THR C 150 -26.36 6.53 -0.20
N ARG C 151 -25.75 7.58 0.35
CA ARG C 151 -24.94 7.48 1.57
C ARG C 151 -23.72 6.59 1.32
N GLN C 152 -23.14 6.72 0.14
CA GLN C 152 -21.98 5.92 -0.24
C GLN C 152 -20.79 6.82 -0.54
N GLY C 153 -19.61 6.38 -0.12
CA GLY C 153 -18.40 7.15 -0.37
C GLY C 153 -18.14 8.19 0.69
N VAL C 154 -19.12 8.38 1.58
CA VAL C 154 -19.00 9.37 2.65
C VAL C 154 -17.93 8.95 3.65
N ASP C 155 -17.94 7.67 4.02
CA ASP C 155 -16.98 7.13 4.98
C ASP C 155 -15.56 7.23 4.44
N ASP C 156 -15.41 6.99 3.14
CA ASP C 156 -14.10 7.06 2.47
C ASP C 156 -13.43 8.41 2.70
N ALA C 157 -14.18 9.49 2.48
CA ALA C 157 -13.67 10.84 2.64
C ALA C 157 -13.24 11.09 4.08
N PHE C 158 -14.06 10.64 5.03
CA PHE C 158 -13.76 10.82 6.43
C PHE C 158 -12.56 9.98 6.86
N TYR C 159 -12.52 8.73 6.38
CA TYR C 159 -11.42 7.82 6.69
C TYR C 159 -10.09 8.41 6.29
N THR C 160 -10.00 8.86 5.05
CA THR C 160 -8.78 9.46 4.52
C THR C 160 -8.31 10.63 5.37
N LEU C 161 -9.25 11.45 5.83
CA LEU C 161 -8.91 12.61 6.64
C LEU C 161 -8.38 12.19 8.02
N VAL C 162 -9.06 11.24 8.65
CA VAL C 162 -8.65 10.76 9.97
C VAL C 162 -7.24 10.18 9.95
N ARG C 163 -6.84 9.62 8.82
CA ARG C 163 -5.51 9.03 8.65
C ARG C 163 -4.43 10.07 8.92
N GLU C 164 -4.55 11.22 8.27
CA GLU C 164 -3.58 12.30 8.44
C GLU C 164 -3.71 12.95 9.81
N ILE C 165 -4.90 12.91 10.38
CA ILE C 165 -5.12 13.47 11.71
C ILE C 165 -4.33 12.66 12.74
N ARG C 166 -4.29 11.34 12.54
CA ARG C 166 -3.54 10.47 13.43
C ARG C 166 -2.05 10.69 13.23
N LYS C 167 -1.68 11.02 12.00
CA LYS C 167 -0.29 11.29 11.65
C LYS C 167 0.23 12.49 12.44
N HIS C 168 -0.63 13.49 12.61
CA HIS C 168 -0.28 14.69 13.34
C HIS C 168 0.12 14.35 14.78
N LYS C 169 -0.53 13.33 15.33
CA LYS C 169 -0.25 12.89 16.70
C LYS C 169 1.13 12.24 16.77
N GLU C 170 1.37 11.31 15.86
CA GLU C 170 2.64 10.59 15.79
C GLU C 170 3.80 11.56 15.51
N LYS C 171 3.55 12.49 14.59
CA LYS C 171 4.56 13.48 14.21
C LYS C 171 4.91 14.35 15.41
N MET C 172 3.91 14.69 16.21
CA MET C 172 4.11 15.51 17.40
C MET C 172 4.94 14.79 18.44
N SER C 173 4.93 13.47 18.37
CA SER C 173 5.70 12.65 19.30
C SER C 173 7.18 12.64 18.90
N LYS C 174 7.42 12.61 17.60
CA LYS C 174 8.77 12.60 17.06
C LYS C 174 9.32 14.02 16.97
N ASP C 175 8.44 15.00 17.20
CA ASP C 175 8.79 16.43 17.16
C ASP C 175 8.95 16.94 15.72
N GLY C 176 9.60 16.15 14.89
CA GLY C 176 9.79 16.52 13.50
C GLY C 176 11.26 16.75 13.19
N LYS C 177 11.53 17.66 12.25
CA LYS C 177 12.89 17.98 11.86
C LYS C 177 13.60 18.75 12.97
N LYS C 178 14.90 18.92 12.82
CA LYS C 178 15.72 19.63 13.80
C LYS C 178 16.53 20.73 13.12
N LYS C 179 17.11 21.60 13.92
CA LYS C 179 17.91 22.70 13.38
C LYS C 179 19.35 22.26 13.17
N LYS C 180 19.58 21.55 12.09
CA LYS C 180 20.91 21.06 11.76
C LYS C 180 21.70 22.13 11.01
N LYS C 181 20.97 23.00 10.31
CA LYS C 181 21.58 24.08 9.53
C LYS C 181 22.54 23.56 8.48
N LYS C 182 21.97 22.97 7.43
CA LYS C 182 22.74 22.41 6.34
C LYS C 182 22.88 23.41 5.19
N SER C 183 24.08 23.46 4.62
CA SER C 183 24.38 24.33 3.50
C SER C 183 24.22 25.81 3.83
N LYS C 184 25.13 26.32 4.66
CA LYS C 184 25.11 27.72 5.04
C LYS C 184 25.93 28.53 4.03
N THR C 185 26.86 27.86 3.37
CA THR C 185 27.72 28.49 2.38
C THR C 185 27.82 27.57 1.16
N LYS C 186 28.01 28.15 -0.03
CA LYS C 186 28.13 27.38 -1.27
C LYS C 186 26.83 26.63 -1.55
N CYS C 187 25.72 27.26 -1.22
CA CYS C 187 24.41 26.67 -1.43
C CYS C 187 23.79 27.13 -2.75
C1 PCW D . 12.20 15.76 -1.48
C2 PCW D . 12.43 15.28 -2.97
C3 PCW D . 13.17 16.38 -3.80
C4 PCW D . 10.80 13.10 0.30
C5 PCW D . 9.34 13.54 0.52
C6 PCW D . 6.96 12.72 0.12
C7 PCW D . 8.39 11.64 1.79
C8 PCW D . 7.75 13.37 1.80
C11 PCW D . 14.64 15.75 -5.57
C12 PCW D . 14.64 15.19 -6.97
C13 PCW D . 15.07 16.33 -7.97
C14 PCW D . 15.11 15.92 -9.44
C15 PCW D . 15.29 17.08 -10.47
C16 PCW D . 15.69 16.52 -11.88
C17 PCW D . 17.16 15.97 -12.06
C18 PCW D . 18.23 17.06 -11.98
C19 PCW D . 18.49 17.75 -13.33
C20 PCW D . 19.54 17.39 -14.16
C21 PCW D . 20.61 16.37 -14.03
C22 PCW D . 21.98 17.12 -14.06
C23 PCW D . 22.71 17.22 -15.42
C24 PCW D . 24.13 16.74 -15.45
C25 PCW D . 24.47 15.27 -15.85
C26 PCW D . 24.66 14.30 -14.71
C27 PCW D . 24.42 12.79 -14.98
C28 PCW D . 23.41 12.24 -14.01
C31 PCW D . 12.62 12.93 -3.21
C32 PCW D . 13.64 11.78 -3.20
C33 PCW D . 14.33 11.46 -4.61
C34 PCW D . 13.94 10.10 -5.19
C35 PCW D . 14.97 9.83 -6.37
C36 PCW D . 14.84 8.40 -6.93
C37 PCW D . 15.83 8.05 -8.10
C38 PCW D . 16.88 7.08 -7.67
C39 PCW D . 17.84 6.73 -8.77
C40 PCW D . 18.73 5.75 -8.78
C41 PCW D . 18.95 4.79 -7.63
C42 PCW D . 18.69 3.30 -8.17
C43 PCW D . 17.59 2.48 -7.54
C44 PCW D . 17.57 1.14 -8.25
C45 PCW D . 16.30 0.34 -8.09
C46 PCW D . 15.81 -0.27 -9.38
C47 PCW D . 15.79 -1.78 -9.43
C48 PCW D . 15.27 -2.27 -10.79
N PCW D . 8.32 12.55 0.68
O2 PCW D . 13.29 14.07 -2.98
O3 PCW D . 13.37 15.91 -5.14
O11 PCW D . 15.63 15.99 -4.93
O31 PCW D . 11.38 12.82 -3.40
O1P PCW D . 13.65 13.02 -0.20
O2P PCW D . 13.74 14.56 1.77
O3P PCW D . 13.31 15.50 -0.59
O4P PCW D . 11.62 14.23 0.67
P PCW D . 13.13 14.27 0.44
C1 PCW E . 29.85 14.21 4.98
C2 PCW E . 30.49 14.08 3.54
C3 PCW E . 31.72 13.11 3.59
C4 PCW E . 26.12 15.53 7.49
C5 PCW E . 24.63 15.85 7.34
C6 PCW E . 23.73 13.62 6.48
C7 PCW E . 22.37 15.02 7.96
C8 PCW E . 22.95 15.41 6.26
C11 PCW E . 33.24 13.90 1.90
C12 PCW E . 33.71 13.58 0.51
C13 PCW E . 32.82 14.38 -0.50
C14 PCW E . 33.16 14.16 -1.98
C15 PCW E . 34.46 14.87 -2.48
C16 PCW E . 35.63 13.85 -2.60
C17 PCW E . 36.08 13.42 -4.04
C18 PCW E . 36.44 11.94 -4.14
C19 PCW E . 36.90 11.53 -5.56
C20 PCW E . 38.19 11.11 -5.83
C21 PCW E . 39.39 10.94 -4.99
C22 PCW E . 39.55 9.41 -4.74
C23 PCW E . 40.36 8.60 -5.79
C24 PCW E . 40.30 7.10 -5.68
C25 PCW E . 39.58 6.24 -6.76
C26 PCW E . 40.19 4.87 -7.04
C27 PCW E . 39.25 3.64 -6.95
C28 PCW E . 39.79 2.65 -5.96
C31 PCW E . 29.34 14.21 1.48
C32 PCW E . 28.31 13.49 0.59
C33 PCW E . 28.81 13.12 -0.88
C34 PCW E . 27.91 12.12 -1.61
C35 PCW E . 28.63 11.81 -2.98
C36 PCW E . 28.66 10.28 -3.30
C37 PCW E . 29.34 9.90 -4.64
C38 PCW E . 28.66 8.74 -5.31
C39 PCW E . 29.31 8.35 -6.61
C40 PCW E . 29.95 7.21 -6.87
C41 PCW E . 30.14 6.08 -5.87
C42 PCW E . 30.23 4.71 -6.69
C43 PCW E . 31.60 4.14 -6.99
C44 PCW E . 31.39 2.85 -7.78
C45 PCW E . 31.65 2.94 -9.26
C46 PCW E . 33.08 2.65 -9.65
C47 PCW E . 33.31 1.40 -10.47
C48 PCW E . 34.80 1.23 -10.79
N PCW E . 23.68 14.78 7.39
O2 PCW E . 29.51 13.50 2.59
O3 PCW E . 32.29 12.99 2.28
O11 PCW E . 33.65 14.81 2.59
O31 PCW E . 29.92 15.30 1.19
O1P PCW E . 29.01 15.67 7.29
O2P PCW E . 28.52 17.28 5.44
O3P PCW E . 28.51 14.75 4.99
O4P PCW E . 26.74 15.86 6.22
P PCW E . 28.25 15.95 6.03
C1 PCW F . -15.57 -5.53 24.14
C2 PCW F . -14.66 -6.80 24.27
C3 PCW F . -15.43 -7.95 24.99
C4 PCW F . -17.04 -6.63 20.23
C5 PCW F . -16.17 -7.89 20.19
C6 PCW F . -17.88 -9.51 19.20
C7 PCW F . -15.47 -9.89 18.90
C8 PCW F . -16.44 -9.89 20.47
C11 PCW F . -15.12 -10.32 24.75
C12 PCW F . -14.09 -11.40 24.95
C13 PCW F . -14.73 -12.78 24.55
C14 PCW F . -13.81 -13.99 24.69
C15 PCW F . -14.04 -15.15 23.66
C16 PCW F . -13.47 -16.51 24.21
C17 PCW F . -14.51 -17.50 24.85
C18 PCW F . -13.85 -18.60 25.69
C19 PCW F . -14.76 -19.12 26.83
C20 PCW F . -15.56 -20.24 26.69
C21 PCW F . -15.77 -21.18 25.55
C22 PCW F . -15.18 -22.55 25.99
C23 PCW F . -13.73 -22.90 25.56
C24 PCW F . -13.57 -23.56 24.23
C25 PCW F . -13.56 -22.73 22.90
C26 PCW F . -12.61 -21.56 22.85
C27 PCW F . -13.12 -20.23 22.27
C28 PCW F . -11.99 -19.48 21.61
C31 PCW F . -12.95 -7.31 22.69
C32 PCW F . -12.71 -7.84 21.28
C33 PCW F . -12.49 -9.43 21.16
C34 PCW F . -11.11 -9.89 21.61
C35 PCW F . -11.37 -11.15 22.53
C36 PCW F . -10.37 -11.24 23.71
C37 PCW F . -10.58 -12.47 24.66
C38 PCW F . -9.98 -12.24 26.00
C39 PCW F . -10.17 -13.40 26.94
C40 PCW F . -9.32 -14.42 27.14
C41 PCW F . -7.99 -14.57 26.42
C42 PCW F . -7.21 -15.80 27.08
C43 PCW F . -6.10 -16.45 26.29
C44 PCW F . -5.55 -17.59 27.15
C45 PCW F . -4.21 -18.14 26.69
C46 PCW F . -3.80 -19.38 27.42
C47 PCW F . -3.26 -20.51 26.58
C48 PCW F . -2.88 -21.72 27.45
N PCW F . -16.50 -8.96 19.31
O2 PCW F . -14.27 -7.30 22.92
O3 PCW F . -14.59 -9.12 25.11
O11 PCW F . -16.24 -10.49 24.35
O31 PCW F . -12.07 -6.93 23.51
O1P PCW F . -18.85 -5.36 22.14
O2P PCW F . -17.02 -3.67 22.29
O3P PCW F . -16.92 -5.82 23.69
O4P PCW F . -16.52 -5.80 21.29
P PCW F . -17.38 -5.11 22.33
C1 PCW G . -6.60 16.51 -18.60
C2 PCW G . -5.89 15.92 -19.88
C3 PCW G . -5.44 17.08 -20.84
C4 PCW G . -4.84 20.02 -15.64
C5 PCW G . -3.57 19.79 -14.81
C6 PCW G . -3.54 22.20 -13.95
C7 PCW G . -1.95 20.55 -13.09
C8 PCW G . -2.09 21.19 -14.81
C11 PCW G . -5.34 16.75 -23.22
C12 PCW G . -4.52 16.06 -24.27
C13 PCW G . -3.43 17.07 -24.78
C14 PCW G . -2.49 16.54 -25.87
C15 PCW G . -1.74 15.22 -25.53
C16 PCW G . -0.19 15.42 -25.65
C17 PCW G . 0.64 15.42 -24.32
C18 PCW G . 1.96 16.17 -24.44
C19 PCW G . 3.20 15.26 -24.20
C20 PCW G . 3.87 14.61 -25.23
C21 PCW G . 3.65 14.59 -26.70
C22 PCW G . 4.94 14.00 -27.34
C23 PCW G . 5.35 14.53 -28.73
C24 PCW G . 6.62 15.33 -28.81
C25 PCW G . 6.77 16.67 -28.05
C26 PCW G . 5.84 17.80 -28.46
C27 PCW G . 5.10 18.55 -27.34
C28 PCW G . 3.78 19.09 -27.88
C31 PCW G . -4.90 13.97 -18.94
C32 PCW G . -3.54 13.33 -18.59
C33 PCW G . -2.50 13.20 -19.80
C34 PCW G . -2.37 11.76 -20.32
C35 PCW G . -2.92 11.81 -21.80
C36 PCW G . -1.90 11.25 -22.82
C37 PCW G . -2.38 11.26 -24.31
C38 PCW G . -3.43 10.23 -24.58
C39 PCW G . -3.89 10.22 -26.01
C40 PCW G . -3.74 9.25 -26.90
C41 PCW G . -3.03 7.94 -26.60
C42 PCW G . -3.70 6.80 -27.48
C43 PCW G . -3.38 5.34 -27.16
C44 PCW G . -4.15 4.49 -28.14
C45 PCW G . -3.31 3.59 -29.02
C46 PCW G . -3.53 3.83 -30.49
C47 PCW G . -2.91 2.80 -31.42
C48 PCW G . -3.20 3.15 -32.89
N PCW G . -3.15 20.77 -13.85
O2 PCW G . -4.65 15.18 -19.48
O3 PCW G . -4.79 16.52 -21.99
O11 PCW G . -6.34 17.38 -23.42
O31 PCW G . -6.03 13.45 -18.75
O1P PCW G . -6.65 19.59 -17.87
O2P PCW G . -7.74 18.00 -16.29
O3P PCW G . -5.74 17.26 -17.72
O4P PCW G . -5.51 18.75 -15.78
P PCW G . -6.48 18.44 -16.91
C1 PCW H . 22.14 22.26 -1.80
C2 PCW H . 23.25 21.24 -2.28
C3 PCW H . 23.96 20.59 -1.04
C4 PCW H . 23.64 24.10 -4.85
C5 PCW H . 25.10 23.96 -4.44
C6 PCW H . 26.49 21.94 -3.74
C7 PCW H . 26.37 22.63 -6.09
C8 PCW H . 27.09 23.56 -4.67
C11 PCW H . 25.55 18.85 -0.57
C12 PCW H . 26.57 17.98 -1.25
C13 PCW H . 25.81 16.88 -2.10
C14 PCW H . 26.71 15.90 -2.86
C15 PCW H . 27.52 16.51 -4.04
C16 PCW H . 28.93 15.83 -4.15
C17 PCW H . 29.77 16.08 -5.45
C18 PCW H . 31.24 15.74 -5.31
C19 PCW H . 32.00 15.72 -6.66
C20 PCW H . 32.86 14.70 -7.02
C21 PCW H . 33.28 13.45 -6.32
C22 PCW H . 32.18 12.39 -6.60
C23 PCW H . 32.55 11.21 -7.54
C24 PCW H . 33.65 10.30 -7.09
C25 PCW H . 33.37 8.80 -6.76
C26 PCW H . 34.16 7.78 -7.55
C27 PCW H . 35.31 7.05 -6.82
C28 PCW H . 35.89 5.98 -7.72
C31 PCW H . 22.91 20.17 -4.36
C32 PCW H . 22.19 18.99 -5.04
C33 PCW H . 22.54 17.55 -4.44
C34 PCW H . 22.49 16.43 -5.47
C35 PCW H . 21.32 15.47 -5.00
C36 PCW H . 20.28 15.22 -6.11
C37 PCW H . 19.09 14.27 -5.71
C38 PCW H . 19.53 12.86 -5.54
C39 PCW H . 18.40 11.93 -5.16
C40 PCW H . 18.48 10.82 -4.43
C41 PCW H . 19.76 10.27 -3.83
C42 PCW H . 19.47 9.88 -2.32
C43 PCW H . 20.62 9.88 -1.33
C44 PCW H . 20.05 9.46 0.01
C45 PCW H . 20.15 10.49 1.12
C46 PCW H . 19.45 11.79 0.81
C47 PCW H . 17.99 11.86 1.16
C48 PCW H . 17.40 13.23 0.80
N PCW H . 25.83 22.78 -4.76
O2 PCW H . 22.63 20.14 -3.06
O3 PCW H . 24.96 19.67 -1.50
O11 PCW H . 25.29 18.83 0.60
O31 PCW H . 23.65 21.02 -4.95
O1P PCW H . 20.75 23.80 -4.97
O2P PCW H . 20.82 25.10 -2.84
O3P PCW H . 21.15 22.54 -2.80
O4P PCW H . 22.86 24.09 -3.62
P PCW H . 21.35 23.93 -3.59
C1 PCW I . -3.44 8.66 -8.13
C2 PCW I . -3.44 7.30 -8.94
C3 PCW I . -4.83 6.60 -8.80
C4 PCW I . -6.34 11.63 -9.38
C5 PCW I . -6.99 11.78 -8.00
C6 PCW I . -6.08 11.40 -5.65
C7 PCW I . -5.90 13.60 -6.71
C8 PCW I . -7.43 12.70 -6.23
C11 PCW I . -4.40 4.25 -8.89
C12 PCW I . -4.51 3.07 -9.81
C13 PCW I . -5.80 2.26 -9.41
C14 PCW I . -6.07 1.01 -10.25
C15 PCW I . -7.53 0.48 -10.22
C16 PCW I . -7.62 -0.94 -9.58
C17 PCW I . -7.97 -2.14 -10.52
C18 PCW I . -8.33 -3.42 -9.77
C19 PCW I . -7.86 -4.71 -10.50
C20 PCW I . -8.70 -5.47 -11.29
C21 PCW I . -10.13 -5.34 -11.65
C22 PCW I . -10.19 -5.13 -13.19
C23 PCW I . -11.39 -5.77 -13.94
C24 PCW I . -12.48 -4.84 -14.39
C25 PCW I . -12.58 -4.40 -15.88
C26 PCW I . -13.85 -4.79 -16.61
C27 PCW I . -14.27 -3.91 -17.81
C28 PCW I . -15.40 -4.58 -18.56
C31 PCW I . -2.00 7.27 -10.81
C32 PCW I . -1.92 7.60 -12.32
C33 PCW I . -0.47 8.00 -12.85
C34 PCW I . 0.28 6.84 -13.51
C35 PCW I . 1.56 7.48 -14.17
C36 PCW I . 2.16 6.60 -15.30
C37 PCW I . 3.44 7.18 -15.99
C38 PCW I . 4.18 6.14 -16.76
C39 PCW I . 5.41 6.68 -17.43
C40 PCW I . 6.37 5.98 -18.04
C41 PCW I . 6.38 4.46 -18.15
C42 PCW I . 6.02 4.07 -19.65
C43 PCW I . 6.26 2.64 -20.10
C44 PCW I . 5.84 2.55 -21.56
C45 PCW I . 6.33 1.35 -22.31
C46 PCW I . 7.46 1.65 -23.26
C47 PCW I . 7.24 1.27 -24.71
C48 PCW I . 8.46 1.63 -25.56
N PCW I . -6.20 12.20 -6.89
O2 PCW I . -3.23 7.57 -10.39
O3 PCW I . -4.84 5.37 -9.54
O11 PCW I . -4.00 4.21 -7.76
O31 PCW I . -1.06 6.80 -10.12
O1P PCW I . -3.28 12.18 -9.84
O2P PCW I . -4.02 11.37 -8.11
O3P PCW I . -2.83 9.76 -8.83
O4P PCW I . -5.34 10.59 -9.26
P PCW I . -3.86 10.81 -9.49
C1 PCW J . -0.65 13.17 -16.43
C2 PCW J . 0.38 12.20 -17.11
C3 PCW J . -0.29 10.81 -17.39
C4 PCW J . 2.87 15.93 -15.10
C5 PCW J . 3.70 15.75 -13.82
C6 PCW J . 4.65 16.76 -11.85
C7 PCW J . 2.45 15.98 -11.79
C8 PCW J . 2.83 17.90 -12.96
C11 PCW J . 0.20 8.70 -18.43
C12 PCW J . 1.34 7.96 -19.07
C13 PCW J . 0.96 7.70 -20.58
C14 PCW J . 2.02 6.94 -21.40
C15 PCW J . 2.16 7.36 -22.89
C16 PCW J . 0.87 6.97 -23.70
C17 PCW J . 1.07 6.15 -25.02
C18 PCW J . 0.39 6.79 -26.23
C19 PCW J . 1.33 6.93 -27.46
C20 PCW J . 2.08 8.07 -27.69
C21 PCW J . 2.22 9.35 -26.96
C22 PCW J . 2.66 10.42 -27.99
C23 PCW J . 1.55 11.19 -28.76
C24 PCW J . 0.60 12.00 -27.94
C25 PCW J . -0.71 12.54 -28.56
C26 PCW J . -1.69 11.52 -29.08
C27 PCW J . -2.31 11.75 -30.48
C28 PCW J . -3.06 10.51 -30.93
C31 PCW J . 2.09 13.10 -18.48
C32 PCW J . 2.38 13.64 -19.90
C33 PCW J . 2.77 12.53 -21.00
C34 PCW J . 4.16 11.94 -20.78
C35 PCW J . 4.12 10.51 -21.46
C36 PCW J . 5.52 10.00 -21.85
C37 PCW J . 5.56 8.59 -22.53
C38 PCW J . 6.93 8.00 -22.54
C39 PCW J . 6.98 6.65 -23.19
C40 PCW J . 7.94 6.16 -23.97
C41 PCW J . 9.19 6.91 -24.35
C42 PCW J . 9.80 6.25 -25.67
C43 PCW J . 11.25 6.54 -26.02
C44 PCW J . 11.55 5.79 -27.31
C45 PCW J . 12.69 6.35 -28.12
C46 PCW J . 12.41 6.36 -29.60
C47 PCW J . 13.30 5.49 -30.46
C48 PCW J . 12.91 5.60 -31.95
N PCW J . 3.43 16.56 -12.67
O2 PCW J . 0.81 12.75 -18.44
O3 PCW J . 0.65 9.92 -18.02
O11 PCW J . -0.91 8.29 -18.31
O31 PCW J . 2.92 13.04 -17.54
O1P PCW J . 0.08 16.29 -14.49
O2P PCW J . 0.23 13.90 -13.82
O3P PCW J . -0.18 14.53 -16.30
O4P PCW J . 1.98 14.81 -15.18
P PCW J . 0.49 14.90 -14.88
C1 PCW K . 18.37 2.64 25.48
C2 PCW K . 19.47 1.53 25.68
C3 PCW K . 20.90 2.21 25.74
C4 PCW K . 14.56 3.43 28.39
C5 PCW K . 13.59 2.77 27.42
C6 PCW K . 11.44 1.90 28.12
C7 PCW K . 13.38 0.94 29.00
C8 PCW K . 12.87 0.47 26.83
C11 PCW K . 22.36 0.99 27.20
C12 PCW K . 23.41 -0.10 27.17
C13 PCW K . 23.56 -0.68 28.63
C14 PCW K . 24.61 -1.80 28.76
C15 PCW K . 25.60 -1.64 29.96
C16 PCW K . 26.79 -2.65 29.83
C17 PCW K . 28.08 -2.16 29.07
C18 PCW K . 28.49 -3.06 27.91
C19 PCW K . 29.92 -3.64 28.09
C20 PCW K . 30.87 -3.58 27.08
C21 PCW K . 30.83 -3.01 25.71
C22 PCW K . 32.31 -2.97 25.20
C23 PCW K . 32.67 -3.85 23.98
C24 PCW K . 34.13 -4.02 23.67
C25 PCW K . 34.63 -5.27 22.89
C26 PCW K . 35.14 -5.02 21.47
C27 PCW K . 35.24 -6.23 20.52
C28 PCW K . 36.66 -6.75 20.48
C31 PCW K . 18.84 -0.42 26.85
C32 PCW K . 18.68 -1.01 28.27
C33 PCW K . 17.27 -1.71 28.56
C34 PCW K . 17.20 -3.16 28.09
C35 PCW K . 17.93 -4.01 29.22
C36 PCW K . 19.13 -4.80 28.69
C37 PCW K . 19.91 -5.66 29.74
C38 PCW K . 21.07 -4.92 30.33
C39 PCW K . 21.83 -5.73 31.35
C40 PCW K . 23.15 -5.82 31.47
C41 PCW K . 24.15 -5.10 30.58
C42 PCW K . 24.76 -6.17 29.56
C43 PCW K . 24.27 -6.18 28.13
C44 PCW K . 25.02 -7.29 27.40
C45 PCW K . 24.47 -7.65 26.04
C46 PCW K . 24.75 -6.62 24.98
C47 PCW K . 26.07 -6.74 24.24
C48 PCW K . 26.22 -5.62 23.19
N PCW K . 12.86 1.59 27.82
O2 PCW K . 19.27 0.83 26.98
O3 PCW K . 21.90 1.21 25.93
O11 PCW K . 21.98 1.56 28.18
O31 PCW K . 18.60 -1.04 25.77
O1P PCW K . 16.87 1.68 28.56
O2P PCW K . 18.13 3.77 28.06
O3P PCW K . 17.13 2.36 26.16
O4P PCW K . 15.77 3.74 27.64
P PCW K . 17.01 2.88 27.68
C1 PCW L . -0.98 4.56 4.99
C2 PCW L . -1.45 4.10 3.54
C3 PCW L . -0.21 3.66 2.69
C4 PCW L . -2.14 5.60 9.01
C5 PCW L . -0.66 5.75 9.34
C6 PCW L . 1.08 6.11 10.97
C7 PCW L . 0.17 3.97 10.70
C8 PCW L . -1.12 5.54 11.76
C11 PCW L . 0.03 3.75 0.31
C12 PCW L . -0.57 3.19 -0.96
C13 PCW L . 0.41 2.10 -1.52
C14 PCW L . -0.05 1.42 -2.82
C15 PCW L . 0.93 0.34 -3.40
C16 PCW L . 1.40 0.76 -4.84
C17 PCW L . 2.90 1.19 -5.00
C18 PCW L . 3.71 0.25 -5.90
C19 PCW L . 4.76 1.00 -6.75
C20 PCW L . 5.12 0.58 -8.02
C21 PCW L . 4.67 -0.57 -8.86
C22 PCW L . 3.65 0.00 -9.88
C23 PCW L . 3.72 -0.52 -11.34
C24 PCW L . 3.35 -1.95 -11.57
C25 PCW L . 4.09 -2.82 -12.64
C26 PCW L . 5.55 -3.11 -12.37
C27 PCW L . 5.90 -4.10 -11.23
C28 PCW L . 7.03 -3.54 -10.40
C31 PCW L . -3.59 3.14 3.21
C32 PCW L . -4.41 1.85 3.38
C33 PCW L . -4.34 0.83 2.15
C34 PCW L . -3.16 -0.14 2.21
C35 PCW L . -3.35 -0.97 3.54
C36 PCW L . -3.73 -2.45 3.27
C37 PCW L . -3.93 -3.33 4.55
C38 PCW L . -5.34 -3.31 5.02
C39 PCW L . -5.57 -4.15 6.25
C40 PCW L . -5.89 -5.44 6.30
C41 PCW L . -6.08 -6.31 5.07
C42 PCW L . -4.74 -7.15 4.85
C43 PCW L . -4.07 -7.11 3.49
C44 PCW L . -2.84 -7.99 3.59
C45 PCW L . -1.53 -7.29 3.36
C46 PCW L . -0.71 -7.87 2.23
C47 PCW L . -0.19 -6.90 1.20
C48 PCW L . 0.62 -7.64 0.11
N PCW L . -0.16 5.36 10.63
O2 PCW L . -2.36 2.92 3.65
O3 PCW L . -0.64 3.25 1.38
O11 PCW L . 0.96 4.51 0.35
O31 PCW L . -4.04 4.23 2.74
O1P PCW L . -3.12 5.68 6.28
O2P PCW L . -3.93 3.39 6.80
O3P PCW L . -1.50 3.75 6.05
O4P PCW L . -2.29 4.37 8.26
P PCW L . -2.80 4.33 6.82
C1 PCW M . 26.05 13.69 18.13
C2 PCW M . 27.11 12.54 17.87
C3 PCW M . 26.85 11.34 18.85
C4 PCW M . 21.52 14.31 16.32
C5 PCW M . 20.93 14.10 14.94
C6 PCW M . 19.63 12.05 14.12
C7 PCW M . 18.45 14.09 14.79
C8 PCW M . 19.63 13.87 13.38
C11 PCW M . 27.70 9.15 19.33
C12 PCW M . 28.79 8.19 18.90
C13 PCW M . 28.10 7.04 18.08
C14 PCW M . 29.05 5.95 17.56
C15 PCW M . 29.03 4.61 18.33
C16 PCW M . 28.22 3.51 17.54
C17 PCW M . 28.07 2.11 18.20
C18 PCW M . 26.66 1.86 18.76
C19 PCW M . 26.54 2.12 20.28
C20 PCW M . 26.42 1.09 21.20
C21 PCW M . 26.36 -0.39 21.04
C22 PCW M . 24.94 -0.83 21.51
C23 PCW M . 24.19 -1.85 20.62
C24 PCW M . 23.10 -2.66 21.29
C25 PCW M . 21.72 -2.87 20.60
C26 PCW M . 21.56 -4.11 19.75
C27 PCW M . 22.34 -4.19 18.42
C28 PCW M . 21.70 -3.28 17.39
C31 PCW M . 28.10 12.03 15.78
C32 PCW M . 27.79 11.46 14.38
C33 PCW M . 28.85 10.40 13.82
C34 PCW M . 29.12 9.24 14.78
C35 PCW M . 28.85 7.92 13.94
C36 PCW M . 29.98 6.88 14.11
C37 PCW M . 29.79 5.55 13.32
C38 PCW M . 30.15 4.36 14.14
C39 PCW M . 29.97 3.06 13.39
C40 PCW M . 30.33 1.84 13.80
C41 PCW M . 31.01 1.55 15.13
C42 PCW M . 32.13 0.44 14.87
C43 PCW M . 31.87 -0.98 15.34
C44 PCW M . 33.09 -1.81 14.97
C45 PCW M . 34.14 -1.93 16.05
C46 PCW M . 34.39 -3.35 16.50
C47 PCW M . 35.80 -3.86 16.36
C48 PCW M . 35.90 -5.31 16.85
N PCW M . 19.71 13.37 14.79
O2 PCW M . 26.96 12.02 16.48
O3 PCW M . 27.81 10.31 18.60
O11 PCW M . 26.88 8.94 20.17
O31 PCW M . 29.23 12.42 16.18
O1P PCW M . 23.21 15.07 18.56
O2P PCW M . 24.67 15.99 16.77
O3P PCW M . 24.81 13.51 17.41
O4P PCW M . 22.96 14.44 16.15
P PCW M . 23.90 14.83 17.26
C1 PCW N . -7.80 2.31 -5.96
C2 PCW N . -7.00 1.10 -5.33
C3 PCW N . -7.96 -0.11 -5.08
C4 PCW N . -8.18 4.51 -3.28
C5 PCW N . -8.49 5.86 -2.63
C6 PCW N . -10.00 7.26 -1.38
C7 PCW N . -8.62 5.77 -0.24
C8 PCW N . -10.38 4.88 -1.37
C11 PCW N . -7.25 -1.34 -3.15
C12 PCW N . -6.46 -2.55 -2.74
C13 PCW N . -5.27 -2.09 -1.82
C14 PCW N . -4.36 -3.22 -1.32
C15 PCW N . -3.02 -3.38 -2.10
C16 PCW N . -2.94 -4.80 -2.77
C17 PCW N . -2.77 -6.05 -1.84
C18 PCW N . -3.11 -7.37 -2.53
C19 PCW N . -4.06 -8.26 -1.70
C20 PCW N . -5.41 -8.40 -2.02
C21 PCW N . -6.25 -7.83 -3.10
C22 PCW N . -7.09 -8.99 -3.68
C23 PCW N . -8.52 -9.18 -3.14
C24 PCW N . -8.99 -10.59 -2.94
C25 PCW N . -8.26 -11.56 -1.95
C26 PCW N . -8.92 -11.75 -0.60
C27 PCW N . -8.62 -10.73 0.51
C28 PCW N . -7.91 -11.41 1.66
C31 PCW N . -4.80 0.28 -5.69
C32 PCW N . -3.82 -0.15 -6.79
C33 PCW N . -4.36 -1.30 -7.77
C34 PCW N . -3.27 -1.97 -8.61
C35 PCW N . -3.93 -2.30 -9.99
C36 PCW N . -3.00 -2.00 -11.19
C37 PCW N . -3.60 -2.30 -12.60
C38 PCW N . -2.55 -2.76 -13.56
C39 PCW N . -3.11 -3.07 -14.93
C40 PCW N . -2.46 -3.59 -15.96
C41 PCW N . -0.98 -3.97 -15.94
C42 PCW N . -0.75 -5.10 -17.04
C43 PCW N . -0.31 -6.48 -16.59
C44 PCW N . -0.18 -7.33 -17.84
C45 PCW N . -1.25 -8.37 -18.03
C46 PCW N . -1.60 -8.62 -19.47
C47 PCW N . -3.01 -9.09 -19.75
C48 PCW N . -3.24 -9.30 -21.25
N PCW N . -9.33 5.94 -1.47
O2 PCW N . -5.94 0.64 -6.27
O3 PCW N . -7.23 -1.21 -4.50
O11 PCW N . -7.83 -0.60 -2.38
O31 PCW N . -4.56 0.28 -4.45
O1P PCW N . -5.58 4.06 -4.45
O2P PCW N . -6.32 5.85 -6.04
O3P PCW N . -6.97 3.38 -6.44
O4P PCW N . -7.97 4.76 -4.69
P PCW N . -6.64 4.56 -5.38
C1 PCW O . 14.90 2.06 15.76
C2 PCW O . 16.39 1.89 15.25
C3 PCW O . 16.40 0.98 13.97
C4 PCW O . 12.92 3.76 19.82
C5 PCW O . 12.36 5.17 19.99
C6 PCW O . 12.16 7.33 21.06
C7 PCW O . 14.05 6.02 21.47
C8 PCW O . 12.09 5.36 22.44
C11 PCW O . 18.25 -0.43 13.33
C12 PCW O . 19.67 -0.34 12.84
C13 PCW O . 20.60 -0.15 14.08
C14 PCW O . 22.10 -0.04 13.76
C15 PCW O . 23.03 -0.97 14.59
C16 PCW O . 24.10 -0.13 15.37
C17 PCW O . 24.83 -0.82 16.58
C18 PCW O . 26.16 -1.46 16.18
C19 PCW O . 26.71 -2.43 17.25
C20 PCW O . 27.33 -3.62 16.93
C21 PCW O . 27.63 -4.27 15.62
C22 PCW O . 29.13 -3.98 15.30
C23 PCW O . 29.68 -4.47 13.94
C24 PCW O . 29.26 -3.71 12.73
C25 PCW O . 29.72 -4.13 11.30
C26 PCW O . 30.54 -3.11 10.53
C27 PCW O . 32.01 -3.48 10.19
C28 PCW O . 32.95 -2.46 10.78
C31 PCW O . 17.91 3.65 15.66
C32 PCW O . 18.40 5.01 15.12
C33 PCW O . 19.88 5.01 14.51
C34 PCW O . 20.06 6.02 13.39
C35 PCW O . 20.87 5.25 12.25
C36 PCW O . 21.87 6.16 11.50
C37 PCW O . 22.70 5.48 10.37
C38 PCW O . 22.89 6.38 9.20
C39 PCW O . 23.70 5.74 8.09
C40 PCW O . 23.24 5.17 6.99
C41 PCW O . 21.76 5.07 6.65
C42 PCW O . 21.60 4.04 5.43
C43 PCW O . 21.84 4.54 4.02
C44 PCW O . 21.62 3.35 3.10
C45 PCW O . 22.80 2.40 2.98
C46 PCW O . 23.26 2.18 1.57
C47 PCW O . 24.26 1.07 1.37
C48 PCW O . 24.66 0.94 -0.11
N PCW O . 12.66 5.93 21.17
O2 PCW O . 16.96 3.21 14.85
O3 PCW O . 17.76 0.83 13.51
O11 PCW O . 17.64 -1.44 13.52
O31 PCW O . 18.35 3.07 16.70
O1P PCW O . 15.58 4.11 18.66
O2P PCW O . 14.27 4.68 16.62
O3P PCW O . 14.79 2.22 17.19
O4P PCW O . 13.13 3.56 18.39
P PCW O . 14.48 3.71 17.72
C1 PCW P . -3.52 -4.52 16.54
C2 PCW P . -3.07 -5.89 17.19
C3 PCW P . -3.64 -7.07 16.34
C4 PCW P . -1.00 -0.48 17.74
C5 PCW P . 0.45 -0.83 17.41
C6 PCW P . 1.75 -0.26 15.29
C7 PCW P . 1.96 1.13 17.29
C8 PCW P . 2.46 -0.63 17.08
C11 PCW P . -2.56 -9.20 16.11
C12 PCW P . -2.25 -10.45 16.89
C13 PCW P . -3.32 -11.53 16.50
C14 PCW P . -3.16 -12.88 17.19
C15 PCW P . -4.48 -13.63 17.55
C16 PCW P . -4.66 -14.91 16.66
C17 PCW P . -3.45 -15.91 16.59
C18 PCW P . -2.98 -16.39 17.97
C19 PCW P . -3.56 -17.75 18.38
C20 PCW P . -2.89 -18.95 18.17
C21 PCW P . -1.57 -19.25 17.57
C22 PCW P . -1.64 -20.72 17.07
C23 PCW P . -0.54 -21.71 17.54
C24 PCW P . -0.66 -22.22 18.95
C25 PCW P . -1.90 -23.06 19.40
C26 PCW P . -2.21 -23.08 20.88
C27 PCW P . -3.32 -22.13 21.39
C28 PCW P . -3.42 -22.20 22.89
C31 PCW P . -1.01 -5.80 18.36
C32 PCW P . 0.51 -5.93 18.17
C33 PCW P . 1.36 -6.04 19.53
C34 PCW P . 2.06 -7.39 19.70
C35 PCW P . 1.38 -8.05 20.99
C36 PCW P . 2.26 -9.15 21.61
C37 PCW P . 1.65 -9.84 22.88
C38 PCW P . 2.39 -11.08 23.24
C39 PCW P . 1.82 -11.74 24.46
C40 PCW P . 1.37 -13.00 24.57
C41 PCW P . 1.39 -14.00 23.43
C42 PCW P . 2.49 -15.11 23.75
C43 PCW P . 2.74 -16.19 22.72
C44 PCW P . 3.84 -17.10 23.28
C45 PCW P . 3.37 -18.46 23.73
C46 PCW P . 4.47 -19.47 23.89
C47 PCW P . 5.13 -19.56 25.24
C48 PCW P . 6.23 -20.63 25.24
N PCW P . 1.23 0.08 16.63
O2 PCW P . -1.58 -6.00 17.17
O3 PCW P . -3.24 -8.33 16.92
O11 PCW P . -2.26 -9.01 14.97
O31 PCW P . -1.59 -5.53 19.44
O1P PCW P . -3.47 -1.16 16.38
O2P PCW P . -3.93 -2.42 18.49
O3P PCW P . -2.51 -3.48 16.60
O4P PCW P . -1.67 -1.73 18.05
P PCW P . -2.96 -2.15 17.38
C1 PCW Q . -2.66 2.04 12.78
C2 PCW Q . -2.10 0.63 12.32
C3 PCW Q . -2.58 -0.48 13.30
C4 PCW Q . -5.85 1.20 10.34
C5 PCW Q . -6.00 0.68 8.93
C6 PCW Q . -8.09 -0.75 9.27
C7 PCW Q . -7.54 0.13 7.05
C8 PCW Q . -6.57 -1.09 8.06
C11 PCW Q . -1.14 -2.36 13.69
C12 PCW Q . -0.71 -3.67 13.09
C13 PCW Q . -0.47 -4.70 14.26
C14 PCW Q . -0.03 -6.10 13.81
C15 PCW Q . 1.32 -6.61 14.40
C16 PCW Q . 2.46 -5.54 14.18
C17 PCW Q . 3.87 -5.86 14.77
C18 PCW Q . 4.90 -6.26 13.71
C19 PCW Q . 5.87 -5.10 13.35
C20 PCW Q . 6.67 -5.13 12.22
C21 PCW Q . 6.84 -6.14 11.14
C22 PCW Q . 8.18 -5.80 10.44
C23 PCW Q . 8.97 -6.98 9.81
C24 PCW Q . 8.85 -7.16 8.33
C25 PCW Q . 9.23 -8.51 7.64
C26 PCW Q . 10.53 -9.16 8.09
C27 PCW Q . 10.51 -10.67 8.38
C28 PCW Q . 10.98 -10.93 9.78
C31 PCW Q . -1.75 0.50 9.98
C32 PCW Q . -2.41 0.11 8.65
C33 PCW Q . -1.42 -0.36 7.49
C34 PCW Q . -0.68 0.79 6.82
C35 PCW Q . 0.36 0.10 5.84
C36 PCW Q . 0.15 0.52 4.36
C37 PCW Q . 1.14 -0.12 3.34
C38 PCW Q . 0.45 -1.05 2.40
C39 PCW Q . 1.40 -1.68 1.40
C40 PCW Q . 2.02 -2.85 1.51
C41 PCW Q . 1.88 -3.79 2.70
C42 PCW Q . 2.81 -5.06 2.44
C43 PCW Q . 4.22 -5.06 3.00
C44 PCW Q . 4.85 -6.39 2.60
C45 PCW Q . 5.62 -7.09 3.70
C46 PCW Q . 6.75 -7.93 3.19
C47 PCW Q . 8.02 -7.91 4.00
C48 PCW Q . 9.10 -8.81 3.37
N PCW Q . -7.26 0.17 8.47
O2 PCW Q . -2.62 0.29 10.96
O3 PCW Q . -2.06 -1.76 12.89
O11 PCW Q . -0.71 -1.90 14.73
O31 PCW Q . -0.57 0.96 10.11
O1P PCW Q . -5.32 2.75 12.74
O2P PCW Q . -4.89 4.58 11.10
O3P PCW Q . -3.02 2.92 11.68
O4P PCW Q . -4.94 2.32 10.29
P PCW Q . -4.60 3.18 11.49
C1 PCW R . -18.96 11.17 -21.52
C2 PCW R . -19.66 10.32 -22.65
C3 PCW R . -19.61 11.10 -24.01
C4 PCW R . -16.98 14.12 -21.20
C5 PCW R . -15.71 14.96 -21.19
C6 PCW R . -14.67 14.43 -19.07
C7 PCW R . -16.19 16.19 -19.18
C8 PCW R . -14.13 16.53 -20.11
C11 PCW R . -20.22 10.80 -26.32
C12 PCW R . -20.94 9.84 -27.22
C13 PCW R . -19.88 9.18 -28.18
C14 PCW R . -20.45 8.17 -29.17
C15 PCW R . -20.36 6.68 -28.75
C16 PCW R . -18.88 6.17 -28.75
C17 PCW R . -18.57 4.83 -29.49
C18 PCW R . -18.75 3.60 -28.62
C19 PCW R . -17.47 2.73 -28.52
C20 PCW R . -17.19 1.73 -29.43
C21 PCW R . -17.91 1.22 -30.63
C22 PCW R . -16.95 0.24 -31.35
C23 PCW R . -16.27 0.72 -32.66
C24 PCW R . -15.90 -0.34 -33.65
C25 PCW R . -14.46 -0.94 -33.67
C26 PCW R . -14.27 -2.27 -32.96
C27 PCW R . -14.78 -3.56 -33.67
C28 PCW R . -14.75 -4.73 -32.70
C31 PCW R . -19.72 7.94 -22.75
C32 PCW R . -18.83 6.72 -22.98
C33 PCW R . -18.20 6.58 -24.44
C34 PCW R . -17.25 5.40 -24.58
C35 PCW R . -18.15 4.17 -25.00
C36 PCW R . -18.04 3.00 -24.01
C37 PCW R . -18.91 1.75 -24.36
C38 PCW R . -20.26 1.81 -23.72
C39 PCW R . -21.13 0.62 -24.05
C40 PCW R . -21.76 -0.17 -23.19
C41 PCW R . -21.71 0.00 -21.68
C42 PCW R . -22.80 -1.00 -21.05
C43 PCW R . -23.77 -0.45 -20.02
C44 PCW R . -24.67 -1.61 -19.60
C45 PCW R . -26.00 -1.22 -19.00
C46 PCW R . -26.80 -2.37 -18.49
C47 PCW R . -28.17 -2.04 -17.93
C48 PCW R . -28.88 -3.31 -17.43
N PCW R . -15.20 15.50 -19.96
O2 PCW R . -18.94 9.03 -22.85
O3 PCW R . -20.25 10.33 -25.03
O11 PCW R . -19.70 11.83 -26.66
O31 PCW R . -20.96 7.93 -22.52
O1P PCW R . -17.19 12.12 -19.11
O2P PCW R . -15.28 11.09 -20.34
O3P PCW R . -17.69 10.60 -21.07
O4P PCW R . -16.57 12.74 -21.46
P PCW R . -16.64 11.64 -20.42
C1 PCW S . -3.13 9.88 -14.79
C2 PCW S . -4.19 8.91 -15.43
C3 PCW S . -3.78 8.53 -16.89
C4 PCW S . -6.90 10.97 -13.73
C5 PCW S . -8.19 11.52 -14.31
C6 PCW S . -9.97 11.66 -15.94
C7 PCW S . -8.88 9.63 -15.61
C8 PCW S . -7.75 11.25 -16.73
C11 PCW S . -5.84 8.17 -18.10
C12 PCW S . -6.73 7.05 -18.57
C13 PCW S . -6.51 6.87 -20.12
C14 PCW S . -7.36 5.77 -20.76
C15 PCW S . -8.56 6.26 -21.62
C16 PCW S . -9.90 6.17 -20.80
C17 PCW S . -11.15 5.57 -21.53
C18 PCW S . -11.51 4.16 -21.08
C19 PCW S . -12.83 4.10 -20.30
C20 PCW S . -13.95 3.43 -20.78
C21 PCW S . -14.20 2.67 -22.03
C22 PCW S . -14.43 1.19 -21.62
C23 PCW S . -13.46 0.12 -22.18
C24 PCW S . -13.54 -1.26 -21.59
C25 PCW S . -14.47 -2.35 -22.21
C26 PCW S . -14.13 -2.79 -23.62
C27 PCW S . -15.15 -2.50 -24.74
C28 PCW S . -14.57 -1.54 -25.74
C31 PCW S . -5.49 7.33 -14.23
C32 PCW S . -5.40 6.00 -13.45
C33 PCW S . -5.30 4.68 -14.36
C34 PCW S . -5.18 3.40 -13.54
C35 PCW S . -6.60 2.70 -13.64
C36 PCW S . -6.51 1.25 -14.18
C37 PCW S . -7.88 0.50 -14.30
C38 PCW S . -7.73 -0.81 -15.01
C39 PCW S . -9.03 -1.55 -15.14
C40 PCW S . -9.49 -2.19 -16.21
C41 PCW S . -8.75 -2.28 -17.54
C42 PCW S . -9.16 -3.65 -18.25
C43 PCW S . -10.01 -3.58 -19.50
C44 PCW S . -10.25 -5.01 -19.96
C45 PCW S . -11.52 -5.25 -20.71
C46 PCW S . -11.56 -6.54 -21.44
C47 PCW S . -12.18 -6.52 -22.82
C48 PCW S . -12.15 -7.91 -23.47
N PCW S . -8.67 11.04 -15.59
O2 PCW S . -4.26 7.64 -14.65
O3 PCW S . -4.76 7.63 -17.44
O11 PCW S . -6.04 9.33 -18.26
O31 PCW S . -6.55 7.99 -14.43
O1P PCW S . -4.26 10.92 -12.45
O2P PCW S . -4.15 13.25 -13.32
O3P PCW S . -3.51 11.28 -14.85
O4P PCW S . -5.81 11.79 -14.24
P PCW S . -4.42 11.83 -13.64
C1 PCW T . 19.19 18.90 2.53
C2 PCW T . 19.89 17.48 2.63
C3 PCW T . 18.81 16.36 2.84
C4 PCW T . 19.06 19.83 -0.86
C5 PCW T . 18.66 18.37 -1.02
C6 PCW T . 16.36 18.62 -2.10
C7 PCW T . 17.77 16.68 -2.60
C8 PCW T . 17.01 17.15 -0.98
C11 PCW T . 19.96 14.71 4.14
C12 PCW T . 20.59 13.34 4.02
C13 PCW T . 21.96 13.50 3.26
C14 PCW T . 22.74 12.21 3.06
C15 PCW T . 24.07 12.34 2.26
C16 PCW T . 24.17 11.24 1.15
C17 PCW T . 25.56 10.59 0.89
C18 PCW T . 25.54 9.51 -0.19
C19 PCW T . 26.52 8.35 0.08
C20 PCW T . 26.15 7.24 0.84
C21 PCW T . 24.89 6.85 1.51
C22 PCW T . 25.15 5.49 2.21
C23 PCW T . 25.51 5.52 3.72
C24 PCW T . 26.71 4.75 4.14
C25 PCW T . 26.72 3.94 5.48
C26 PCW T . 26.00 2.61 5.48
C27 PCW T . 26.79 1.36 5.92
C28 PCW T . 27.10 0.49 4.72
C31 PCW T . 21.93 17.03 1.51
C32 PCW T . 22.53 16.72 0.12
C33 PCW T . 22.17 15.28 -0.49
C34 PCW T . 23.39 14.42 -0.77
C35 PCW T . 22.97 13.46 -1.96
C36 PCW T . 24.19 12.74 -2.60
C37 PCW T . 23.85 11.77 -3.78
C38 PCW T . 24.80 10.62 -3.83
C39 PCW T . 24.50 9.66 -4.97
C40 PCW T . 24.38 8.34 -4.89
C41 PCW T . 24.53 7.54 -3.60
C42 PCW T . 25.20 6.14 -3.97
C43 PCW T . 26.66 5.92 -3.63
C44 PCW T . 27.01 4.51 -4.09
C45 PCW T . 27.86 3.71 -3.13
C46 PCW T . 28.56 2.55 -3.77
C47 PCW T . 30.01 2.35 -3.39
C48 PCW T . 30.60 1.13 -4.11
N PCW T . 17.69 17.99 -2.01
O2 PCW T . 20.61 17.18 1.36
O3 PCW T . 19.46 15.08 2.94
O11 PCW T . 19.89 15.35 5.16
O31 PCW T . 22.59 17.12 2.58
O1P PCW T . 19.07 21.86 1.23
O2P PCW T . 21.55 21.56 1.11
O3P PCW T . 20.13 19.99 2.57
O4P PCW T . 20.15 19.87 0.11
P PCW T . 20.22 20.90 1.23
C1 PCW U . -8.41 -7.21 21.98
C2 PCW U . -7.28 -7.89 21.11
C3 PCW U . -6.46 -8.91 21.98
C4 PCW U . -7.48 -4.24 20.31
C5 PCW U . -6.50 -3.64 21.31
C6 PCW U . -4.13 -2.69 21.37
C7 PCW U . -5.96 -1.40 20.37
C8 PCW U . -5.77 -1.91 22.14
C11 PCW U . -4.16 -9.03 21.29
C12 PCW U . -3.25 -9.83 20.40
C13 PCW U . -2.83 -11.14 21.16
C14 PCW U . -1.90 -12.07 20.38
C15 PCW U . -0.40 -12.02 20.79
C16 PCW U . 0.53 -12.21 19.53
C17 PCW U . 1.94 -12.83 19.79
C18 PCW U . 2.01 -14.32 19.45
C19 PCW U . 2.99 -14.63 18.29
C20 PCW U . 2.57 -15.17 17.08
C21 PCW U . 1.23 -15.57 16.57
C22 PCW U . 1.31 -15.54 15.02
C23 PCW U . 2.05 -16.71 14.32
C24 PCW U . 1.20 -17.67 13.54
C25 PCW U . 0.68 -18.98 14.19
C26 PCW U . 1.73 -19.96 14.69
C27 PCW U . 2.34 -20.96 13.68
C28 PCW U . 3.83 -20.74 13.57
C31 PCW U . -7.52 -8.24 18.78
C32 PCW U . -8.24 -9.13 17.73
C33 PCW U . -8.73 -10.56 18.25
C34 PCW U . -8.56 -11.67 17.21
C35 PCW U . -8.19 -12.97 18.05
C36 PCW U . -8.54 -14.27 17.29
C37 PCW U . -8.22 -15.60 18.05
C38 PCW U . -8.76 -16.80 17.34
C39 PCW U . -8.46 -18.09 18.06
C40 PCW U . -7.57 -19.01 17.70
C41 PCW U . -6.68 -18.92 16.48
C42 PCW U . -6.25 -20.40 16.07
C43 PCW U . -6.75 -20.96 14.75
C44 PCW U . -6.20 -22.36 14.62
C45 PCW U . -5.57 -22.69 13.28
C46 PCW U . -5.98 -24.02 12.73
C47 PCW U . -5.39 -24.41 11.40
C48 PCW U . -5.90 -25.80 10.96
N PCW U . -5.52 -2.69 20.88
O2 PCW U . -7.89 -8.66 19.99
O3 PCW U . -5.43 -9.53 21.19
O11 PCW U . -3.82 -8.12 22.00
O31 PCW U . -6.72 -7.30 18.52
O1P PCW U . -9.56 -5.81 19.01
O2P PCW U . -11.00 -4.83 20.78
O3P PCW U . -9.63 -6.97 21.26
O4P PCW U . -8.62 -4.73 21.08
P PCW U . -9.75 -5.55 20.47
C1 PCW V . -16.18 -9.44 14.80
C2 PCW V . -14.99 -10.13 15.58
C3 PCW V . -15.08 -11.69 15.42
C4 PCW V . -14.09 -5.26 15.75
C5 PCW V . -13.03 -5.03 16.83
C6 PCW V . -10.75 -5.40 16.13
C7 PCW V . -11.23 -3.64 17.59
C8 PCW V . -11.84 -3.38 15.42
C11 PCW V . -14.24 -12.88 17.33
C12 PCW V . -12.97 -13.44 17.90
C13 PCW V . -13.23 -14.92 18.36
C14 PCW V . -12.02 -15.64 18.98
C15 PCW V . -11.94 -15.63 20.52
C16 PCW V . -11.00 -14.47 21.02
C17 PCW V . -9.53 -14.84 21.39
C18 PCW V . -9.38 -15.45 22.79
C19 PCW V . -8.73 -16.85 22.77
C20 PCW V . -9.11 -17.85 23.66
C21 PCW V . -10.10 -17.88 24.76
C22 PCW V . -9.40 -18.56 25.97
C23 PCW V . -10.26 -18.83 27.24
C24 PCW V . -9.90 -20.05 28.03
C25 PCW V . -10.98 -21.12 28.37
C26 PCW V . -10.47 -22.52 28.65
C27 PCW V . -10.52 -23.55 27.49
C28 PCW V . -11.23 -24.80 27.92
C31 PCW V . -12.84 -9.18 15.89
C32 PCW V . -11.55 -8.79 15.15
C33 PCW V . -11.14 -9.70 13.90
C34 PCW V . -9.71 -10.22 13.97
C35 PCW V . -9.55 -11.21 12.75
C36 PCW V . -9.98 -12.66 13.10
C37 PCW V . -9.85 -13.69 11.94
C38 PCW V . -10.99 -14.64 11.92
C39 PCW V . -10.89 -15.65 10.80
C40 PCW V . -11.25 -16.93 10.84
C41 PCW V . -11.84 -17.62 12.06
C42 PCW V . -11.48 -19.18 11.97
C43 PCW V . -10.15 -19.65 12.54
C44 PCW V . -10.09 -21.15 12.33
C45 PCW V . -8.83 -21.66 11.67
C46 PCW V . -8.75 -21.40 10.20
C47 PCW V . -7.48 -21.83 9.50
C48 PCW V . -7.54 -21.50 7.99
N PCW V . -11.78 -4.41 16.51
O2 PCW V . -13.69 -9.69 15.00
O3 PCW V . -13.99 -12.30 16.13
O11 PCW V . -15.32 -12.92 17.87
O31 PCW V . -13.05 -9.04 17.13
O1P PCW V . -16.92 -5.87 15.31
O2P PCW V . -16.49 -7.66 16.98
O3P PCW V . -15.95 -8.04 14.48
O4P PCW V . -14.60 -6.61 15.93
P PCW V . -16.05 -7.01 15.72
C1 PCW W . -21.83 0.34 -8.41
C2 PCW W . -22.38 -0.80 -9.35
C3 PCW W . -21.80 -2.19 -8.93
C4 PCW W . -25.57 1.25 -5.43
C5 PCW W . -25.99 2.18 -4.29
C6 PCW W . -27.86 0.86 -3.16
C7 PCW W . -26.29 2.19 -1.82
C8 PCW W . -27.52 2.80 -3.07
C11 PCW W . -23.13 -4.16 -9.26
C12 PCW W . -23.55 -5.14 -10.33
C13 PCW W . -22.75 -6.47 -10.11
C14 PCW W . -23.05 -7.59 -11.12
C15 PCW W . -22.41 -7.40 -12.54
C16 PCW W . -20.97 -8.03 -12.59
C17 PCW W . -20.75 -9.22 -13.59
C18 PCW W . -19.91 -8.84 -14.81
C19 PCW W . -20.41 -9.52 -16.12
C20 PCW W . -19.54 -10.10 -17.03
C21 PCW W . -18.06 -10.22 -17.06
C22 PCW W . -17.73 -11.37 -18.05
C23 PCW W . -16.55 -11.17 -19.03
C24 PCW W . -16.75 -11.62 -20.44
C25 PCW W . -15.97 -10.96 -21.62
C26 PCW W . -16.66 -9.79 -22.31
C27 PCW W . -15.96 -8.42 -22.26
C28 PCW W . -16.58 -7.48 -23.27
C31 PCW W . -24.54 -0.29 -10.22
C32 PCW W . -26.04 -0.48 -9.94
C33 PCW W . -26.57 -1.98 -10.03
C34 PCW W . -26.77 -2.47 -11.46
C35 PCW W . -28.28 -2.95 -11.55
C36 PCW W . -29.11 -2.11 -12.55
C37 PCW W . -30.61 -2.52 -12.68
C38 PCW W . -30.80 -3.59 -13.72
C39 PCW W . -32.24 -4.00 -13.87
C40 PCW W . -32.71 -4.98 -14.63
C41 PCW W . -31.85 -5.88 -15.51
C42 PCW W . -31.48 -7.19 -14.67
C43 PCW W . -30.10 -7.78 -14.83
C44 PCW W . -30.02 -9.00 -13.94
C45 PCW W . -29.46 -10.25 -14.58
C46 PCW W . -28.00 -10.45 -14.34
C47 PCW W . -27.26 -11.25 -15.38
C48 PCW W . -25.76 -11.38 -15.01
N PCW W . -26.60 1.62 -3.12
O2 PCW W . -23.87 -0.89 -9.23
O3 PCW W . -22.31 -3.22 -9.80
O11 PCW W . -23.48 -4.22 -8.11
O31 PCW W . -24.04 0.33 -11.20
O1P PCW W . -23.68 -0.78 -6.24
O2P PCW W . -22.01 0.82 -5.31
O3P PCW W . -22.86 1.08 -7.73
O4P PCW W . -24.21 1.63 -5.78
P PCW W . -23.17 0.62 -6.22
C1 PCW X . 24.09 14.01 12.85
C2 PCW X . 25.26 13.92 11.79
C3 PCW X . 26.61 14.42 12.42
C4 PCW X . 23.76 17.60 13.02
C5 PCW X . 23.81 17.99 14.50
C6 PCW X . 25.77 18.78 15.93
C7 PCW X . 24.34 20.40 14.78
C8 PCW X . 23.88 19.23 16.13
C11 PCW X . 28.94 14.29 11.87
C12 PCW X . 29.87 14.20 10.70
C13 PCW X . 29.72 12.77 10.08
C14 PCW X . 30.60 12.50 8.86
C15 PCW X . 31.74 11.45 9.06
C16 PCW X . 32.95 12.10 9.83
C17 PCW X . 34.13 11.14 10.24
C18 PCW X . 35.01 11.71 11.35
C19 PCW X . 36.35 12.26 10.83
C20 PCW X . 37.58 11.74 11.23
C21 PCW X . 37.93 10.63 12.15
C22 PCW X . 38.89 9.68 11.38
C23 PCW X . 38.90 8.20 11.80
C24 PCW X . 39.46 7.87 13.14
C25 PCW X . 40.99 7.56 13.32
C26 PCW X . 41.81 8.60 14.04
C27 PCW X . 42.80 9.44 13.21
C28 PCW X . 43.56 10.38 14.11
C31 PCW X . 25.18 12.27 10.10
C32 PCW X . 25.43 10.78 9.82
C33 PCW X . 26.81 10.45 9.06
C34 PCW X . 27.67 9.42 9.79
C35 PCW X . 27.37 8.04 9.09
C36 PCW X . 28.46 6.97 9.38
C37 PCW X . 28.23 5.58 8.72
C38 PCW X . 29.48 4.76 8.71
C39 PCW X . 29.28 3.41 8.07
C40 PCW X . 30.22 2.59 7.61
C41 PCW X . 31.71 2.90 7.63
C42 PCW X . 32.38 2.02 8.78
C43 PCW X . 32.52 2.63 10.17
C44 PCW X . 33.17 1.58 11.05
C45 PCW X . 34.55 1.93 11.56
C46 PCW X . 35.61 0.92 11.21
C47 PCW X . 36.88 1.44 10.60
C48 PCW X . 37.86 0.30 10.29
N PCW X . 24.72 19.01 14.92
O2 PCW X . 25.46 12.50 11.38
O3 PCW X . 27.65 14.33 11.44
O11 PCW X . 29.29 14.34 13.04
O31 PCW X . 24.78 13.11 9.25
O1P PCW X . 23.54 15.99 10.60
O2P PCW X . 21.13 15.92 11.22
O3P PCW X . 22.79 14.25 12.27
O4P PCW X . 22.71 16.59 12.90
P PCW X . 22.54 15.72 11.68
C1 PCW Y . 16.99 2.87 21.51
C2 PCW Y . 17.66 1.55 20.96
C3 PCW Y . 17.40 1.42 19.42
C4 PCW Y . 14.66 -0.23 23.11
C5 PCW Y . 15.89 -1.12 22.99
C6 PCW Y . 16.07 -3.14 24.52
C7 PCW Y . 15.85 -3.44 22.10
C8 PCW Y . 17.25 -2.65 23.03
C11 PCW Y . 17.31 -0.96 19.04
C12 PCW Y . 18.12 -2.09 18.48
C13 PCW Y . 17.44 -2.56 17.14
C14 PCW Y . 18.14 -3.73 16.43
C15 PCW Y . 17.38 -4.36 15.23
C16 PCW Y . 18.26 -5.43 14.51
C17 PCW Y . 19.51 -4.92 13.71
C18 PCW Y . 20.55 -6.00 13.45
C19 PCW Y . 21.70 -6.01 14.50
C20 PCW Y . 22.89 -5.35 14.29
C21 PCW Y . 23.39 -4.53 13.17
C22 PCW Y . 24.86 -5.00 12.89
C23 PCW Y . 25.19 -5.51 11.46
C24 PCW Y . 25.19 -7.00 11.25
C25 PCW Y . 26.09 -7.93 12.11
C26 PCW Y . 27.59 -7.66 12.07
C27 PCW Y . 28.46 -8.59 11.20
C28 PCW Y . 29.76 -8.88 11.90
C31 PCW Y . 19.68 0.49 21.61
C32 PCW Y . 21.20 0.71 21.77
C33 PCW Y . 21.91 1.53 20.59
C34 PCW Y . 21.75 0.88 19.21
C35 PCW Y . 21.55 2.08 18.20
C36 PCW Y . 22.89 2.63 17.66
C37 PCW Y . 22.78 3.82 16.66
C38 PCW Y . 23.93 4.76 16.79
C39 PCW Y . 23.84 5.93 15.83
C40 PCW Y . 24.66 6.20 14.82
C41 PCW Y . 25.87 5.37 14.44
C42 PCW Y . 25.44 4.38 13.26
C43 PCW Y . 26.31 4.32 12.02
C44 PCW Y . 25.68 3.32 11.08
C45 PCW Y . 26.55 2.13 10.71
C46 PCW Y . 26.15 0.86 11.40
C47 PCW Y . 26.56 -0.43 10.71
C48 PCW Y . 26.07 -1.65 11.52
N PCW Y . 15.77 -2.53 23.22
O2 PCW Y . 19.14 1.62 21.16
O3 PCW Y . 18.01 0.21 18.93
O11 PCW Y . 16.22 -1.07 19.53
O31 PCW Y . 19.07 -0.59 21.86
O1P PCW Y . 14.76 2.25 24.57
O2P PCW Y . 14.08 3.23 22.39
O3P PCW Y . 16.56 2.78 22.88
O4P PCW Y . 14.96 1.00 22.41
P PCW Y . 15.03 2.35 23.11
C1 PCW Z . -6.93 -4.90 15.21
C2 PCW Z . -6.41 -4.91 13.71
C3 PCW Z . -5.58 -6.21 13.45
C4 PCW Z . -7.22 -0.51 14.96
C5 PCW Z . -7.27 0.88 15.57
C6 PCW Z . -4.79 1.44 15.51
C7 PCW Z . -6.46 3.23 15.46
C8 PCW Z . -6.12 2.02 16.82
C11 PCW Z . -5.75 -7.03 11.20
C12 PCW Z . -5.11 -6.90 9.85
C13 PCW Z . -4.30 -8.22 9.56
C14 PCW Z . -3.58 -8.27 8.22
C15 PCW Z . -2.34 -9.23 8.14
C16 PCW Z . -2.71 -10.54 7.37
C17 PCW Z . -1.61 -11.15 6.43
C18 PCW Z . -1.74 -12.67 6.25
C19 PCW Z . -0.44 -13.43 6.59
C20 PCW Z . -0.30 -14.19 7.75
C21 PCW Z . -1.23 -14.47 8.87
C22 PCW Z . -1.26 -16.02 9.03
C23 PCW Z . -1.68 -16.58 10.41
C24 PCW Z . -2.46 -17.85 10.41
C25 PCW Z . -2.66 -18.67 11.72
C26 PCW Z . -3.99 -18.51 12.43
C27 PCW Z . -5.25 -19.09 11.76
C28 PCW Z . -6.43 -18.17 11.98
C31 PCW Z . -7.78 -3.76 12.14
C32 PCW Z . -8.99 -3.95 11.22
C33 PCW Z . -10.23 -4.74 11.85
C34 PCW Z . -10.12 -6.27 11.70
C35 PCW Z . -10.51 -6.58 10.20
C36 PCW Z . -9.75 -7.81 9.63
C37 PCW Z . -10.09 -8.18 8.15
C38 PCW Z . -9.58 -9.54 7.78
C39 PCW Z . -9.90 -9.90 6.36
C40 PCW Z . -9.58 -11.04 5.74
C41 PCW Z . -8.83 -12.19 6.38
C42 PCW Z . -9.14 -13.52 5.57
C43 PCW Z . -10.41 -14.29 5.90
C44 PCW Z . -10.46 -15.48 4.98
C45 PCW Z . -11.16 -15.25 3.67
C46 PCW Z . -12.46 -16.00 3.53
C47 PCW Z . -13.61 -15.22 2.94
C48 PCW Z . -14.88 -16.10 2.86
N PCW Z . -6.21 1.81 15.34
O2 PCW Z . -7.57 -4.92 12.78
O3 PCW Z . -5.11 -6.21 12.09
O11 PCW Z . -6.67 -7.74 11.46
O31 PCW Z . -7.10 -2.71 12.26
O1P PCW Z . -8.73 -2.89 15.67
O2P PCW Z . -7.62 -2.57 17.88
O3P PCW Z . -6.41 -3.82 16.00
O4P PCW Z . -6.72 -1.41 15.99
P PCW Z . -7.45 -2.67 16.42
C1 PCW AA . -10.89 3.54 -6.78
C2 PCW AA . -11.71 2.35 -7.40
C3 PCW AA . -11.65 1.10 -6.45
C4 PCW AA . -13.55 7.45 -5.41
C5 PCW AA . -14.16 7.26 -4.02
C6 PCW AA . -16.31 6.10 -4.76
C7 PCW AA . -15.43 5.75 -2.50
C8 PCW AA . -16.06 7.32 -3.23
C11 PCW AA . -11.70 -1.06 -7.51
C12 PCW AA . -12.66 -2.06 -8.07
C13 PCW AA . -12.20 -3.50 -7.63
C14 PCW AA . -13.08 -4.64 -8.14
C15 PCW AA . -12.33 -5.96 -8.53
C16 PCW AA . -13.11 -6.71 -9.67
C17 PCW AA . -13.54 -8.19 -9.37
C18 PCW AA . -13.38 -9.11 -10.60
C19 PCW AA . -13.29 -10.61 -10.21
C20 PCW AA . -12.91 -11.58 -11.12
C21 PCW AA . -12.54 -11.52 -12.56
C22 PCW AA . -10.99 -11.37 -12.61
C23 PCW AA . -10.43 -10.16 -13.41
C24 PCW AA . -9.51 -9.22 -12.69
C25 PCW AA . -7.97 -9.29 -12.91
C26 PCW AA . -7.13 -9.64 -11.70
C27 PCW AA . -6.34 -8.51 -11.01
C28 PCW AA . -6.74 -8.40 -9.56
C31 PCW AA . -13.62 2.61 -8.79
C32 PCW AA . -15.09 3.03 -8.76
C33 PCW AA . -15.50 4.17 -9.82
C34 PCW AA . -16.85 3.93 -10.48
C35 PCW AA . -16.55 3.73 -12.02
C36 PCW AA . -16.46 2.24 -12.42
C37 PCW AA . -16.17 1.96 -13.92
C38 PCW AA . -17.26 1.18 -14.57
C39 PCW AA . -16.99 0.91 -16.02
C40 PCW AA . -17.79 0.27 -16.88
C41 PCW AA . -19.14 -0.30 -16.53
C42 PCW AA . -19.12 -1.88 -16.81
C43 PCW AA . -20.43 -2.64 -16.82
C44 PCW AA . -20.09 -4.09 -17.11
C45 PCW AA . -20.94 -4.76 -18.17
C46 PCW AA . -20.39 -6.06 -18.66
C47 PCW AA . -20.65 -6.40 -20.11
C48 PCW AA . -20.04 -7.76 -20.47
N PCW AA . -15.18 6.27 -3.83
O2 PCW AA . -13.14 2.73 -7.54
O3 PCW AA . -12.39 0.02 -7.02
O11 PCW AA . -10.51 -1.16 -7.51
O31 PCW AA . -12.98 2.21 -9.80
O1P PCW AA . -13.53 4.57 -5.15
O2P PCW AA . -11.26 4.95 -4.21
O3P PCW AA . -11.60 4.80 -6.76
O4P PCW AA . -12.29 6.73 -5.45
P PCW AA . -12.19 5.22 -5.32
C1 PCW BA . -14.11 3.37 0.12
C2 PCW BA . -14.43 2.20 -0.89
C3 PCW BA . -13.97 2.62 -2.33
C4 PCW BA . -18.03 2.44 2.72
C5 PCW BA . -17.64 1.13 3.42
C6 PCW BA . -17.60 2.12 5.78
C7 PCW BA . -17.78 -0.30 5.44
C8 PCW BA . -16.37 0.81 4.99
C11 PCW BA . -15.42 1.63 -3.97
C12 PCW BA . -15.52 0.46 -4.91
C13 PCW BA . -15.28 -0.86 -4.08
C14 PCW BA . -15.36 -2.15 -4.91
C15 PCW BA . -15.34 -3.49 -4.08
C16 PCW BA . -13.88 -3.84 -3.63
C17 PCW BA . -13.56 -5.35 -3.39
C18 PCW BA . -12.96 -6.05 -4.61
C19 PCW BA . -13.61 -7.42 -4.91
C20 PCW BA . -12.87 -8.52 -5.31
C21 PCW BA . -11.43 -8.72 -5.56
C22 PCW BA . -11.31 -9.81 -6.67
C23 PCW BA . -10.18 -9.64 -7.72
C24 PCW BA . -9.90 -10.82 -8.61
C25 PCW BA . -8.96 -11.96 -8.13
C26 PCW BA . -7.80 -12.30 -9.05
C27 PCW BA . -6.38 -12.24 -8.48
C28 PCW BA . -5.83 -13.64 -8.31
C31 PCW BA . -14.27 0.19 0.36
C32 PCW BA . -13.35 -1.02 0.63
C33 PCW BA . -13.80 -2.39 -0.07
C34 PCW BA . -14.18 -3.49 0.93
C35 PCW BA . -15.57 -4.06 0.42
C36 PCW BA . -15.51 -5.58 0.13
C37 PCW BA . -16.84 -6.23 -0.37
C38 PCW BA . -17.13 -5.85 -1.79
C39 PCW BA . -18.41 -6.47 -2.30
C40 PCW BA . -18.52 -7.50 -3.13
C41 PCW BA . -17.34 -8.26 -3.72
C42 PCW BA . -17.18 -9.63 -2.92
C43 PCW BA . -17.39 -10.93 -3.68
C44 PCW BA . -17.19 -12.06 -2.67
C45 PCW BA . -18.45 -12.62 -2.08
C46 PCW BA . -19.02 -13.76 -2.86
C47 PCW BA . -20.41 -14.22 -2.45
C48 PCW BA . -20.89 -15.39 -3.33
N PCW BA . -17.84 1.01 4.83
O2 PCW BA . -13.66 0.98 -0.52
O3 PCW BA . -14.26 1.57 -3.26
O11 PCW BA . -16.24 2.50 -3.86
O31 PCW BA . -15.40 0.39 0.89
O1P PCW BA . -16.77 4.96 2.00
O2P PCW BA . -16.85 4.01 -0.30
O3P PCW BA . -14.93 3.38 1.32
O4P PCW BA . -17.17 2.51 1.55
P PCW BA . -16.48 3.78 1.11
C1 PCW CA . 5.41 7.33 1.22
C2 PCW CA . 6.51 7.18 0.10
C3 PCW CA . 6.49 5.72 -0.47
C4 PCW CA . 2.14 11.00 1.28
C5 PCW CA . 2.13 12.49 0.97
C6 PCW CA . 1.28 14.33 -0.56
C7 PCW CA . -0.27 12.67 0.38
C8 PCW CA . 0.73 13.94 1.28
C11 PCW CA . 7.97 4.32 -1.74
C12 PCW CA . 9.00 4.39 -2.84
C13 PCW CA . 9.02 3.02 -3.60
C14 PCW CA . 10.03 2.92 -4.76
C15 PCW CA . 11.04 1.75 -4.67
C16 PCW CA . 10.61 0.55 -5.60
C17 PCW CA . 11.68 -0.55 -5.91
C18 PCW CA . 11.10 -1.80 -6.55
C19 PCW CA . 12.05 -2.47 -7.58
C20 PCW CA . 12.36 -3.81 -7.54
C21 PCW CA . 11.94 -4.91 -6.64
C22 PCW CA . 10.84 -5.71 -7.42
C23 PCW CA . 11.12 -7.21 -7.68
C24 PCW CA . 10.97 -7.69 -9.10
C25 PCW CA . 10.89 -9.20 -9.44
C26 PCW CA . 9.63 -9.69 -10.11
C27 PCW CA . 9.74 -10.34 -11.50
C28 PCW CA . 9.74 -11.85 -11.37
C31 PCW CA . 7.10 9.09 -1.16
C32 PCW CA . 6.68 9.94 -2.38
C33 PCW CA . 7.86 10.29 -3.42
C34 PCW CA . 8.88 9.17 -3.59
C35 PCW CA . 9.09 9.01 -5.15
C36 PCW CA . 9.96 7.78 -5.51
C37 PCW CA . 10.22 7.56 -7.03
C38 PCW CA . 10.00 6.15 -7.44
C39 PCW CA . 10.24 5.92 -8.90
C40 PCW CA . 10.60 4.78 -9.49
C41 PCW CA . 10.83 3.47 -8.75
C42 PCW CA . 10.51 2.27 -9.75
C43 PCW CA . 11.15 0.93 -9.49
C44 PCW CA . 10.68 -0.03 -10.57
C45 PCW CA . 11.77 -0.77 -11.30
C46 PCW CA . 11.67 -0.65 -12.79
C47 PCW CA . 12.98 -0.70 -13.56
C48 PCW CA . 12.73 -0.57 -15.07
N PCW CA . 1.11 13.05 0.15
O2 PCW CA . 6.23 8.09 -1.05
O3 PCW CA . 7.50 5.56 -1.48
O11 PCW CA . 7.61 3.32 -1.19
O31 PCW CA . 8.09 9.33 -0.41
O1P PCW CA . 3.95 9.51 3.00
O2P PCW CA . 5.67 10.35 1.38
O3P PCW CA . 4.32 8.23 0.86
O4P PCW CA . 3.36 10.46 0.73
P PCW CA . 4.37 9.67 1.56
C1 PCW DA . 10.36 -12.42 31.60
C2 PCW DA . 11.86 -11.97 31.41
C3 PCW DA . 12.83 -13.18 31.60
C4 PCW DA . 8.89 -8.00 32.60
C5 PCW DA . 9.87 -6.85 32.76
C6 PCW DA . 10.47 -4.53 33.00
C7 PCW DA . 8.26 -5.17 33.37
C8 PCW DA . 8.99 -5.13 31.21
C11 PCW DA . 15.18 -13.44 32.05
C12 PCW DA . 16.51 -12.81 31.74
C13 PCW DA . 17.28 -13.76 30.75
C14 PCW DA . 18.67 -13.27 30.32
C15 PCW DA . 19.49 -14.27 29.45
C16 PCW DA . 19.26 -14.00 27.92
C17 PCW DA . 18.23 -14.94 27.18
C18 PCW DA . 18.25 -14.76 25.66
C19 PCW DA . 19.01 -15.90 24.94
C20 PCW DA . 20.22 -15.69 24.28
C21 PCW DA . 21.06 -14.49 24.09
C22 PCW DA . 22.41 -14.77 24.82
C23 PCW DA . 23.61 -15.25 23.95
C24 PCW DA . 24.92 -14.58 24.19
C25 PCW DA . 26.23 -15.43 24.36
C26 PCW DA . 27.04 -15.66 23.10
C27 PCW DA . 27.82 -16.99 22.99
C28 PCW DA . 29.18 -16.75 22.40
C31 PCW DA . 11.79 -12.29 29.02
C32 PCW DA . 12.08 -11.56 27.70
C33 PCW DA . 13.60 -11.57 27.21
C34 PCW DA . 13.75 -11.54 25.69
C35 PCW DA . 15.09 -10.74 25.41
C36 PCW DA . 15.24 -10.34 23.92
C37 PCW DA . 16.54 -9.55 23.57
C38 PCW DA . 16.78 -9.49 22.09
C39 PCW DA . 18.04 -8.74 21.74
C40 PCW DA . 18.33 -8.17 20.57
C41 PCW DA . 17.41 -8.18 19.36
C42 PCW DA . 18.12 -9.04 18.21
C43 PCW DA . 19.12 -8.34 17.30
C44 PCW DA . 19.62 -9.39 16.31
C45 PCW DA . 21.11 -9.38 16.07
C46 PCW DA . 21.74 -10.74 16.16
C47 PCW DA . 22.56 -11.03 17.38
C48 PCW DA . 23.15 -12.45 17.34
N PCW DA . 9.43 -5.49 32.59
O2 PCW DA . 12.06 -11.43 30.02
O3 PCW DA . 14.18 -12.75 31.43
O11 PCW DA . 15.01 -14.40 32.76
O31 PCW DA . 11.39 -13.48 29.14
O1P PCW DA . 7.54 -10.54 32.99
O2P PCW DA . 9.70 -11.19 34.06
O3P PCW DA . 9.40 -11.33 31.49
O4P PCW DA . 9.66 -9.22 32.68
P PCW DA . 9.03 -10.59 32.88
C1 PCW EA . 2.23 8.72 -2.70
C2 PCW EA . 2.77 7.93 -3.95
C3 PCW EA . 4.26 7.51 -3.74
C4 PCW EA . 0.98 11.60 -5.53
C5 PCW EA . 1.37 10.64 -6.65
C6 PCW EA . 0.28 9.22 -8.47
C7 PCW EA . 0.28 11.66 -8.65
C8 PCW EA . 1.74 10.52 -8.66
C11 PCW EA . 5.05 7.50 -6.02
C12 PCW EA . 5.53 6.55 -7.09
C13 PCW EA . 4.36 6.33 -8.12
C14 PCW EA . 4.69 5.40 -9.29
C15 PCW EA . 3.47 4.91 -10.12
C16 PCW EA . 3.92 3.86 -11.21
C17 PCW EA . 3.35 4.05 -12.66
C18 PCW EA . 3.63 2.86 -13.57
C19 PCW EA . 2.58 2.69 -14.69
C20 PCW EA . 2.38 1.49 -15.35
C21 PCW EA . 3.03 0.16 -15.22
C22 PCW EA . 4.01 0.01 -16.43
C23 PCW EA . 5.44 -0.49 -16.12
C24 PCW EA . 6.57 0.37 -16.62
C25 PCW EA . 7.95 0.36 -15.89
C26 PCW EA . 8.98 -0.62 -16.41
C27 PCW EA . 9.11 -1.99 -15.70
C28 PCW EA . 9.30 -3.08 -16.71
C31 PCW EA . 1.29 6.64 -5.28
C32 PCW EA . 0.54 5.30 -5.34
C33 PCW EA . 1.00 4.31 -6.51
C34 PCW EA . 0.11 4.37 -7.75
C35 PCW EA . 0.40 3.02 -8.53
C36 PCW EA . -0.74 1.98 -8.35
C37 PCW EA . -0.52 0.62 -9.09
C38 PCW EA . 0.15 -0.39 -8.22
C39 PCW EA . 0.37 -1.71 -8.92
C40 PCW EA . 0.39 -2.92 -8.35
C41 PCW EA . 0.20 -3.17 -6.87
C42 PCW EA . 1.60 -3.65 -6.26
C43 PCW EA . 1.91 -5.14 -6.26
C44 PCW EA . 3.29 -5.31 -5.64
C45 PCW EA . 4.43 -5.47 -6.62
C46 PCW EA . 5.33 -4.27 -6.69
C47 PCW EA . 6.77 -4.47 -6.29
C48 PCW EA . 7.56 -3.17 -6.41
N PCW EA . 0.53 10.51 -7.80
O2 PCW EA . 1.99 6.67 -4.15
O3 PCW EA . 4.74 6.79 -4.89
O11 PCW EA . 4.95 8.69 -6.14
O31 PCW EA . 1.26 7.54 -6.17
O1P PCW EA . -0.69 11.15 -3.20
O2P PCW EA . 1.42 11.58 -1.95
O3P PCW EA . 0.89 9.22 -2.85
O4P PCW EA . 1.57 11.08 -4.30
P PCW EA . 0.75 10.82 -3.05
C1 PCW FA . -22.33 -6.08 7.67
C2 PCW FA . -22.24 -7.41 6.82
C3 PCW FA . -22.97 -7.23 5.45
C4 PCW FA . -20.41 -6.25 11.70
C5 PCW FA . -21.22 -6.74 12.90
C6 PCW FA . -21.84 -8.77 14.32
C7 PCW FA . -19.50 -8.32 13.76
C8 PCW FA . -20.64 -7.28 14.79
C11 PCW FA . -23.94 -9.33 4.74
C12 PCW FA . -23.64 -10.53 3.89
C13 PCW FA . -24.35 -10.35 2.51
C14 PCW FA . -24.13 -11.50 1.52
C15 PCW FA . -25.43 -12.15 0.95
C16 PCW FA . -25.30 -12.37 -0.61
C17 PCW FA . -24.53 -13.64 -1.10
C18 PCW FA . -25.36 -14.92 -1.00
C19 PCW FA . -26.38 -15.08 -2.14
C20 PCW FA . -26.84 -16.33 -2.55
C21 PCW FA . -26.53 -17.70 -2.11
C22 PCW FA . -25.68 -18.37 -3.23
C23 PCW FA . -26.16 -19.74 -3.77
C24 PCW FA . -26.93 -19.74 -5.06
C25 PCW FA . -28.45 -20.09 -5.07
C26 PCW FA . -28.81 -21.55 -5.25
C27 PCW FA . -30.13 -22.05 -4.62
C28 PCW FA . -29.84 -23.15 -3.62
C31 PCW FA . -20.48 -8.99 6.87
C32 PCW FA . -18.99 -9.17 6.53
C33 PCW FA . -18.66 -10.33 5.47
C34 PCW FA . -18.48 -9.81 4.04
C35 PCW FA . -16.92 -9.89 3.76
C36 PCW FA . -16.58 -9.71 2.26
C37 PCW FA . -15.06 -9.77 1.91
C38 PCW FA . -14.62 -11.17 1.63
C39 PCW FA . -13.15 -11.26 1.29
C40 PCW FA . -12.62 -11.59 0.11
C41 PCW FA . -13.44 -11.94 -1.12
C42 PCW FA . -12.45 -12.08 -2.35
C43 PCW FA . -12.56 -13.32 -3.23
C44 PCW FA . -11.52 -13.20 -4.32
C45 PCW FA . -10.38 -14.20 -4.25
C46 PCW FA . -10.43 -15.24 -5.34
C47 PCW FA . -9.11 -15.52 -6.04
C48 PCW FA . -9.30 -16.59 -7.13
N PCW FA . -20.88 -8.00 13.50
O2 PCW FA . -20.82 -7.74 6.54
O3 PCW FA . -22.88 -8.46 4.70
O11 PCW FA . -24.96 -9.15 5.34
O31 PCW FA . -21.23 -9.85 7.39
O1P PCW FA . -19.90 -4.08 9.82
O2P PCW FA . -22.39 -3.98 9.70
O3P PCW FA . -21.07 -5.67 8.25
O4P PCW FA . -21.38 -5.95 10.65
P PCW FA . -21.18 -4.83 9.63
C1 PCW GA . 6.48 7.21 7.48
C2 PCW GA . 7.90 6.75 8.01
C3 PCW GA . 8.44 7.78 9.06
C4 PCW GA . 5.68 5.87 11.22
C5 PCW GA . 5.86 4.58 12.05
C6 PCW GA . 5.20 5.33 14.26
C7 PCW GA . 7.46 5.38 13.65
C8 PCW GA . 6.54 3.33 14.06
C11 PCW GA . 9.92 7.29 10.88
C12 PCW GA . 11.31 6.79 11.16
C13 PCW GA . 11.29 5.21 11.07
C14 PCW GA . 12.63 4.53 11.33
C15 PCW GA . 13.57 4.40 10.09
C16 PCW GA . 15.06 4.74 10.47
C17 PCW GA . 15.88 3.62 11.19
C18 PCW GA . 17.29 3.46 10.63
C19 PCW GA . 17.52 2.09 9.95
C20 PCW GA . 18.78 1.60 9.66
C21 PCW GA . 20.15 2.15 9.88
C22 PCW GA . 21.10 1.40 8.91
C23 PCW GA . 22.63 1.45 9.21
C24 PCW GA . 23.54 0.87 8.18
C25 PCW GA . 23.48 -0.64 7.81
C26 PCW GA . 23.78 -0.99 6.37
C27 PCW GA . 22.87 -0.40 5.27
C28 PCW GA . 21.87 -1.44 4.80
C31 PCW GA . 8.18 4.41 7.98
C32 PCW GA . 8.00 3.13 8.82
C33 PCW GA . 9.20 2.07 8.72
C34 PCW GA . 8.76 0.63 9.00
C35 PCW GA . 9.41 -0.25 7.85
C36 PCW GA . 9.40 -1.76 8.18
C37 PCW GA . 10.02 -2.69 7.08
C38 PCW GA . 10.72 -3.87 7.69
C39 PCW GA . 11.33 -4.78 6.64
C40 PCW GA . 12.32 -5.65 6.82
C41 PCW GA . 13.02 -5.89 8.16
C42 PCW GA . 14.24 -6.90 7.90
C43 PCW GA . 15.61 -6.31 7.63
C44 PCW GA . 16.56 -7.49 7.44
C45 PCW GA . 17.48 -7.38 6.24
C46 PCW GA . 18.31 -8.60 6.02
C47 PCW GA . 19.16 -8.62 4.77
C48 PCW GA . 19.96 -9.93 4.66
N PCW GA . 6.24 4.66 13.43
O2 PCW GA . 7.77 5.44 8.71
O3 PCW GA . 9.72 7.34 9.53
O11 PCW GA . 9.11 7.60 11.71
O31 PCW GA . 8.64 4.45 6.80
O1P PCW GA . 4.66 7.89 9.43
O2P PCW GA . 3.09 6.07 8.74
O3P PCW GA . 5.44 6.24 7.68
O4P PCW GA . 5.07 5.46 9.97
P PCW GA . 4.51 6.47 8.98
C1 PCW HA . -23.12 0.85 2.26
C2 PCW HA . -22.76 -0.23 1.17
C3 PCW HA . -23.97 -0.44 0.19
C4 PCW HA . -22.24 2.45 6.57
C5 PCW HA . -23.45 1.80 7.24
C6 PCW HA . -22.16 -0.22 8.14
C7 PCW HA . -24.38 0.34 9.02
C8 PCW HA . -23.94 -0.18 7.31
C11 PCW HA . -24.18 -1.32 -2.03
C12 PCW HA . -23.69 -2.44 -2.90
C13 PCW HA . -24.42 -3.76 -2.47
C14 PCW HA . -24.03 -5.01 -3.28
C15 PCW HA . -22.55 -5.47 -3.13
C16 PCW HA . -22.38 -6.45 -1.92
C17 PCW HA . -23.01 -7.89 -2.06
C18 PCW HA . -22.09 -8.88 -2.78
C19 PCW HA . -22.60 -10.33 -2.70
C20 PCW HA . -22.72 -11.16 -3.80
C21 PCW HA . -22.45 -10.95 -5.25
C22 PCW HA . -20.91 -11.09 -5.44
C23 PCW HA . -20.14 -9.85 -5.97
C24 PCW HA . -20.69 -9.16 -7.17
C25 PCW HA . -20.53 -9.79 -8.60
C26 PCW HA . -21.73 -10.53 -9.14
C27 PCW HA . -21.55 -11.38 -10.42
C28 PCW HA . -21.85 -12.83 -10.13
C31 PCW HA . -20.41 0.05 0.94
C32 PCW HA . -19.33 0.56 -0.03
C33 PCW HA . -18.25 -0.53 -0.50
C34 PCW HA . -18.88 -1.74 -1.18
C35 PCW HA . -18.49 -1.60 -2.71
C36 PCW HA . -19.71 -1.31 -3.61
C37 PCW HA . -19.40 -1.17 -5.12
C38 PCW HA . -19.00 -2.48 -5.74
C39 PCW HA . -18.70 -2.35 -7.21
C40 PCW HA . -18.08 -3.25 -7.97
C41 PCW HA . -17.57 -4.59 -7.48
C42 PCW HA . -17.13 -5.45 -8.75
C43 PCW HA . -17.96 -6.67 -9.11
C44 PCW HA . -17.32 -7.29 -10.34
C45 PCW HA . -17.59 -8.76 -10.54
C46 PCW HA . -17.06 -9.31 -11.83
C47 PCW HA . -17.25 -10.79 -12.06
C48 PCW HA . -16.66 -11.21 -13.42
N PCW HA . -23.26 0.78 8.22
O2 PCW HA . -21.60 0.23 0.36
O3 PCW HA . -23.61 -1.42 -0.79
O11 PCW HA . -24.95 -0.45 -2.36
O31 PCW HA . -20.20 -0.44 2.09
O1P PCW HA . -20.39 1.11 4.80
O2P PCW HA . -21.21 2.77 3.13
O3P PCW HA . -22.53 0.60 3.56
O4P PCW HA . -22.50 2.43 5.14
P PCW HA . -21.58 1.76 4.13
C1 PCW IA . 10.63 22.18 -19.67
C2 PCW IA . 9.84 21.46 -20.85
C3 PCW IA . 10.11 22.23 -22.19
C4 PCW IA . 9.89 23.92 -15.89
C5 PCW IA . 10.63 24.10 -14.55
C6 PCW IA . 11.92 25.34 -12.95
C7 PCW IA . 10.89 26.47 -14.70
C8 PCW IA . 12.72 25.23 -15.21
C11 PCW IA . 10.12 21.13 -24.32
C12 PCW IA . 9.20 20.47 -25.32
C13 PCW IA . 9.73 20.80 -26.77
C14 PCW IA . 8.90 20.19 -27.91
C15 PCW IA . 9.65 19.21 -28.85
C16 PCW IA . 10.13 19.95 -30.15
C17 PCW IA . 9.06 20.24 -31.26
C18 PCW IA . 9.44 19.67 -32.63
C19 PCW IA . 8.22 19.50 -33.57
C20 PCW IA . 8.30 18.84 -34.78
C21 PCW IA . 9.43 18.19 -35.49
C22 PCW IA . 8.92 16.78 -35.93
C23 PCW IA . 9.58 15.54 -35.26
C24 PCW IA . 8.65 14.55 -34.62
C25 PCW IA . 9.21 13.29 -33.90
C26 PCW IA . 8.18 12.39 -33.24
C27 PCW IA . 7.77 12.69 -31.79
C28 PCW IA . 8.66 11.95 -30.83
C31 PCW IA . 9.64 19.16 -20.37
C32 PCW IA . 10.27 17.78 -20.65
C33 PCW IA . 11.87 17.74 -20.71
C34 PCW IA . 12.43 17.96 -22.12
C35 PCW IA . 13.97 17.61 -22.05
C36 PCW IA . 14.86 18.83 -22.34
C37 PCW IA . 16.40 18.59 -22.29
C38 PCW IA . 16.84 18.04 -20.97
C39 PCW IA . 18.33 17.80 -20.91
C40 PCW IA . 18.96 16.82 -20.28
C41 PCW IA . 18.27 15.73 -19.48
C42 PCW IA . 18.79 14.31 -20.02
C43 PCW IA . 17.86 13.12 -19.95
C44 PCW IA . 18.62 11.94 -20.52
C45 PCW IA . 17.91 11.19 -21.63
C46 PCW IA . 18.84 10.68 -22.71
C47 PCW IA . 18.75 9.21 -23.01
C48 PCW IA . 19.74 8.81 -24.12
N PCW IA . 11.49 25.22 -14.36
O2 PCW IA . 10.34 20.08 -21.02
O3 PCW IA . 9.40 21.57 -23.26
O11 PCW IA . 11.31 21.23 -24.44
O31 PCW IA . 8.61 19.36 -19.65
O1P PCW IA . 8.43 22.86 -18.17
O2P PCW IA . 8.60 20.73 -16.90
O3P PCW IA . 10.55 21.48 -18.41
O4P PCW IA . 10.04 22.52 -16.26
P PCW IA . 9.32 21.90 -17.44
C1 17F JA . 1.62 23.64 -21.75
N1 17F JA . 2.43 23.56 -24.12
O1 17F JA . 5.03 25.10 -22.40
P1 17F JA . 4.12 24.07 -21.77
C2 17F JA . 1.29 23.81 -23.25
O2 17F JA . 4.37 24.66 -20.40
C3 17F JA . 0.74 25.21 -23.52
O3 17F JA . 2.68 24.46 -21.37
C4 17F JA . 4.02 21.82 -20.40
O4 17F JA . 1.24 26.00 -24.39
C5 17F JA . 4.88 20.70 -19.74
O5 17F JA . -0.23 25.63 -22.90
C6 17F JA . 3.96 19.53 -19.29
O6 17F JA . 4.79 22.84 -21.03
C7 17F JA . 4.19 17.28 -18.67
O7 17F JA . 4.70 18.48 -18.69
C8 17F JA . 5.19 16.34 -17.97
O8 17F JA . 3.13 16.88 -19.10
C9 17F JA . 5.81 15.30 -18.93
O9 17F JA . 5.97 20.23 -20.57
C10 17F JA . 6.85 14.30 -18.28
O10 17F JA . 5.59 20.81 -22.77
C11 17F JA . 6.25 13.42 -17.12
C12 17F JA . 7.33 12.45 -16.50
C17 17F JA . 5.63 20.01 -21.83
C18 17F JA . 5.28 18.56 -22.08
C19 17F JA . 6.50 17.63 -22.30
C20 17F JA . 6.48 16.93 -23.70
C1X 17F JA . 6.72 11.61 -15.38
C1Y 17F JA . 7.71 16.01 -23.87
C1Z 17F JA . 8.78 16.69 -24.75
C2X 17F JA . 7.79 10.61 -14.72
C21 17F JA . 8.84 11.36 -13.84
C22 17F JA . 9.74 10.77 -13.13
C23 17F JA . 9.97 9.33 -12.98
C24 17F JA . 11.08 8.78 -13.86
C25 17F JA . 11.37 7.29 -13.76
C26 17F JA . 12.71 6.89 -12.95
C27 17F JA . 12.96 5.41 -12.85
C28 17F JA . 14.30 5.23 -12.03
C29 17F JA . 14.12 4.16 -11.04
C30 17F JA . 15.32 3.88 -10.18
C31 17F JA . 9.70 15.74 -25.60
C32 17F JA . 10.78 16.45 -26.45
C33 17F JA . 11.79 17.13 -25.54
C34 17F JA . 12.85 17.83 -25.94
C35 17F JA . 13.27 18.11 -27.36
C36 17F JA . 14.74 18.60 -27.51
C37 17F JA . 15.64 17.42 -27.50
C38 17F JA . 17.04 17.69 -26.90
C39 17F JA . 17.92 16.44 -26.92
C40 17F JA . 18.11 15.86 -25.51
C41 17F JA . 19.32 16.56 -24.78
C42 17F JA . 20.15 15.75 -23.78
C1 17F KA . 0.35 3.49 14.16
N1 17F KA . -0.66 1.82 15.73
O1 17F KA . 3.48 2.90 14.97
P1 17F KA . 2.74 2.84 13.65
C2 17F KA . -0.31 3.21 15.52
O2 17F KA . 2.80 4.08 12.78
C3 17F KA . -1.55 4.10 15.68
O3 17F KA . 1.24 2.48 13.81
C4 17F KA . 2.77 1.43 11.42
O4 17F KA . -2.71 3.62 15.97
C5 17F KA . 3.49 0.24 10.70
O5 17F KA . -1.48 5.31 15.56
C6 17F KA . 4.33 0.78 9.51
O6 17F KA . 3.31 1.68 12.72
C7 17F KA . 4.65 -0.56 7.61
O7 17F KA . 5.00 -0.28 8.83
C8 17F KA . 5.52 -1.76 7.16
O8 17F KA . 3.82 -0.07 6.89
C9 17F KA . 5.89 -1.72 5.65
O9 17F KA . 4.29 -0.55 11.59
C10 17F KA . 6.77 -2.92 5.14
O10 17F KA . 2.95 -1.99 12.77
C11 17F KA . 7.19 -2.82 3.63
C12 17F KA . 8.06 -4.06 3.20
C17 17F KA . 3.73 -1.70 11.86
C18 17F KA . 4.15 -2.79 10.89
C19 17F KA . 3.04 -3.26 9.91
C20 17F KA . 2.08 -4.32 10.58
C1X 17F KA . 8.45 -3.96 1.72
C1Y 17F KA . 0.98 -4.77 9.58
C1Z 17F KA . 1.39 -6.05 8.86
C2X 17F KA . 9.34 -5.19 1.23
C21 17F KA . 8.65 -6.04 0.12
C22 17F KA . 9.08 -6.16 -1.09
C23 17F KA . 10.29 -5.56 -1.68
C24 17F KA . 11.36 -6.55 -2.10
C25 17F KA . 12.63 -5.97 -2.70
C26 17F KA . 13.86 -5.80 -1.69
C27 17F KA . 15.11 -5.22 -2.30
C28 17F KA . 16.19 -5.13 -1.16
C29 17F KA . 17.00 -3.93 -1.38
C30 17F KA . 18.08 -3.70 -0.35
C31 17F KA . 0.50 -6.50 7.65
C32 17F KA . 0.93 -7.80 6.94
C33 17F KA . 1.67 -7.44 5.65
C34 17F KA . 2.17 -8.32 4.80
C35 17F KA . 2.13 -9.83 4.94
C36 17F KA . 2.47 -10.60 3.62
C37 17F KA . 1.45 -11.66 3.42
C38 17F KA . 0.44 -11.37 2.28
C39 17F KA . -0.59 -12.50 2.13
C40 17F KA . -1.21 -12.49 0.73
C41 17F KA . -2.49 -11.57 0.67
C42 17F KA . -3.53 -11.80 -0.43
C1 17F LA . 6.15 18.07 -3.35
N1 17F LA . 8.30 16.80 -3.00
O1 17F LA . 7.51 19.80 -5.15
P1 17F LA . 6.73 18.66 -5.76
C2 17F LA . 6.93 16.99 -2.57
O2 17F LA . 5.65 19.02 -6.74
C3 17F LA . 6.18 15.63 -2.64
O3 17F LA . 6.07 17.74 -4.70
C4 17F LA . 7.17 16.52 -7.20
O4 17F LA . 6.75 14.55 -3.04
C5 17F LA . 8.25 15.67 -7.93
O5 17F LA . 4.99 15.55 -2.32
C6 17F LA . 8.22 15.98 -9.45
O6 17F LA . 7.68 17.67 -6.55
C7 17F LA . 10.37 15.73 -10.33
O7 17F LA . 9.19 15.23 -10.17
C8 17F LA . 11.20 14.73 -11.19
O8 17F LA . 10.85 16.76 -9.96
C9 17F LA . 11.41 15.25 -12.64
O9 17F LA . 9.57 15.86 -7.40
C10 17F LA . 12.24 14.30 -13.59
O10 17F LA . 9.18 15.03 -5.28
C11 17F LA . 11.56 14.04 -14.99
C12 17F LA . 12.42 13.09 -15.90
C17 17F LA . 9.80 15.10 -6.35
C18 17F LA . 11.02 14.21 -6.56
C19 17F LA . 10.72 12.83 -7.17
C20 17F LA . 12.00 12.18 -7.82
C1X 17F LA . 11.71 12.87 -17.26
C1Y 17F LA . 11.66 10.79 -8.41
C1Z 17F LA . 12.02 10.73 -9.91
C2X 17F LA . 12.54 11.91 -18.24
C21 17F LA . 12.78 12.55 -19.64
C22 17F LA . 13.36 11.97 -20.62
C23 17F LA . 13.92 10.61 -20.66
C24 17F LA . 13.88 9.96 -22.04
C25 17F LA . 14.44 8.56 -22.14
C26 17F LA . 14.61 7.97 -23.62
C27 17F LA . 15.18 6.58 -23.70
C28 17F LA . 15.27 6.19 -25.21
C29 17F LA . 15.88 4.85 -25.33
C30 17F LA . 16.03 4.35 -26.74
C31 17F LA . 13.48 10.28 -10.26
C32 17F LA . 13.81 10.23 -11.77
C33 17F LA . 15.00 11.15 -12.05
C34 17F LA . 15.55 11.35 -13.24
C35 17F LA . 15.12 10.73 -14.55
C36 17F LA . 15.81 11.34 -15.81
C37 17F LA . 16.72 10.33 -16.41
C38 17F LA . 16.35 9.90 -17.85
C39 17F LA . 17.34 8.84 -18.39
C40 17F LA . 16.87 7.43 -18.02
C41 17F LA . 16.16 6.74 -19.25
C42 17F LA . 14.80 6.07 -19.03
C1 17F MA . 17.17 13.28 10.60
N1 17F MA . 16.47 15.39 9.44
O1 17F MA . 20.01 13.15 10.12
P1 17F MA . 19.07 13.11 8.93
C2 17F MA . 16.18 14.46 10.52
O2 17F MA . 19.10 14.31 8.01
C3 17F MA . 16.18 15.22 11.86
O3 17F MA . 17.59 12.92 9.33
C4 17F MA . 18.59 11.64 6.82
O4 17F MA . 16.42 16.48 11.94
C5 17F MA . 19.01 10.35 6.04
O5 17F MA . 15.97 14.64 12.92
C6 17F MA . 18.13 10.19 4.78
O6 17F MA . 19.36 11.86 8.00
C7 17F MA . 17.57 8.11 3.91
O7 17F MA . 18.46 9.03 4.04
C8 17F MA . 18.18 6.96 3.08
O8 17F MA . 16.44 8.05 4.32
C9 17F MA . 17.39 6.67 1.77
O9 17F MA . 20.41 10.36 5.69
C10 17F MA . 17.96 5.50 0.88
O10 17F MA . 21.18 8.92 7.32
C11 17F MA . 19.48 5.66 0.46
C12 17F MA . 19.96 4.44 -0.42
C17 17F MA . 21.03 9.29 6.14
C18 17F MA . 21.60 8.43 5.03
C19 17F MA . 22.95 8.95 4.44
C20 17F MA . 24.04 9.18 5.55
C1X 17F MA . 21.44 4.63 -0.80
C1Y 17F MA . 25.36 9.69 4.91
C1Z 17F MA . 26.50 8.71 5.18
C2X 17F MA . 21.97 3.41 -1.70
C21 17F MA . 21.55 3.56 -3.19
C22 17F MA . 22.31 3.23 -4.20
C23 17F MA . 23.67 2.68 -4.14
C24 17F MA . 23.75 1.19 -4.41
C25 17F MA . 25.14 0.57 -4.36
C26 17F MA . 25.75 0.10 -5.77
C27 17F MA . 27.13 -0.52 -5.68
C28 17F MA . 27.56 -0.90 -7.15
C29 17F MA . 28.81 -0.20 -7.47
C30 17F MA . 29.34 -0.48 -8.85
C31 17F MA . 27.94 9.30 5.27
C32 17F MA . 29.07 8.28 5.55
C33 17F MA . 30.41 9.00 5.64
C34 17F MA . 31.57 8.41 5.87
C35 17F MA . 31.82 6.92 6.09
C36 17F MA . 31.68 6.05 4.80
C37 17F MA . 32.77 5.04 4.78
C38 17F MA . 32.44 3.75 3.99
C39 17F MA . 33.61 2.75 4.01
C40 17F MA . 33.32 1.56 3.09
C41 17F MA . 33.74 0.20 3.78
C42 17F MA . 33.78 -1.08 2.92
C1 17F NA . 2.94 2.84 20.56
N1 17F NA . 5.06 1.79 19.75
O1 17F NA . 0.93 1.99 22.48
P1 17F NA . 2.36 1.54 22.66
C2 17F NA . 4.10 2.86 19.55
O2 17F NA . 2.91 1.57 24.06
C3 17F NA . 4.81 4.22 19.62
O3 17F NA . 3.36 2.33 21.79
C4 17F NA . 3.83 -0.61 22.25
O4 17F NA . 6.09 4.32 19.81
C5 17F NA . 3.81 -2.06 21.74
O5 17F NA . 4.19 5.26 19.48
C6 17F NA . 4.96 -2.29 20.74
O6 17F NA . 2.56 0.04 22.18
C7 17F NA . 5.03 -3.80 18.95
O7 17F NA . 4.98 -3.61 20.23
C8 17F NA . 5.03 -5.33 18.70
O8 17F NA . 5.07 -3.01 18.04
C9 17F NA . 6.31 -6.04 19.20
O9 17F NA . 3.84 -3.03 22.80
C10 17F NA . 6.35 -7.59 18.96
O10 17F NA . 1.83 -3.95 22.16
C11 17F NA . 6.21 -8.03 17.45
C12 17F NA . 6.27 -9.59 17.28
C17 17F NA . 2.96 -4.00 22.65
C18 17F NA . 3.47 -5.32 23.17
C19 17F NA . 4.99 -5.57 22.97
C20 17F NA . 5.69 -6.10 24.28
C1X 17F NA . 6.12 -9.97 15.80
C1Y 17F NA . 7.20 -6.33 24.04
C1Z 17F NA . 7.45 -7.72 23.43
C2X 17F NA . 6.17 -11.55 15.57
C21 17F NA . 6.65 -11.93 14.13
C22 17F NA . 6.98 -13.12 13.76
C23 17F NA . 6.97 -14.35 14.57
C24 17F NA . 7.90 -15.45 14.06
C25 17F NA . 7.92 -16.73 14.88
C26 17F NA . 8.41 -18.04 14.10
C27 17F NA . 8.42 -19.30 14.93
C28 17F NA . 8.94 -20.47 14.00
C29 17F NA . 8.05 -21.64 14.16
C30 17F NA . 8.42 -22.82 13.33
C31 17F NA . 8.90 -7.99 22.89
C32 17F NA . 9.14 -9.41 22.29
C33 17F NA . 9.28 -9.28 20.77
C34 17F NA . 9.50 -10.30 19.95
C35 17F NA . 9.66 -11.76 20.34
C36 17F NA . 10.11 -12.69 19.17
C37 17F NA . 10.58 -13.98 19.73
C38 17F NA . 10.72 -15.12 18.69
C39 17F NA . 11.20 -16.43 19.35
C40 17F NA . 10.05 -17.44 19.44
C41 17F NA . 9.92 -18.03 20.90
C42 17F NA . 8.52 -18.22 21.51
C1 17F OA . 16.61 19.86 -6.34
N1 17F OA . 14.18 19.99 -6.95
O1 17F OA . 18.71 19.15 -4.06
P1 17F OA . 18.48 20.46 -4.74
C2 17F OA . 15.49 20.60 -7.11
O2 17F OA . 18.77 21.70 -3.95
C3 17F OA . 15.85 20.67 -8.60
O3 17F OA . 17.03 20.62 -5.26
C4 17F OA . 19.31 21.77 -6.87
O4 17F OA . 15.07 20.24 -9.52
C5 17F OA . 20.26 21.70 -8.11
O5 17F OA . 16.93 21.14 -8.97
C6 17F OA . 21.08 23.01 -8.18
O6 17F OA . 19.37 20.60 -6.05
C7 17F OA . 23.20 22.71 -9.13
O7 17F OA . 21.96 23.02 -9.30
C8 17F OA . 23.91 22.86 -10.50
O8 17F OA . 23.80 22.37 -8.13
C9 17F OA . 24.97 21.77 -10.78
O9 17F OA . 21.12 20.55 -8.10
C10 17F OA . 25.71 21.89 -12.16
O10 17F OA . 19.62 19.49 -9.50
C11 17F OA . 27.15 22.53 -12.07
C12 17F OA . 27.83 22.64 -13.48
C17 17F OA . 20.68 19.58 -8.88
C18 17F OA . 21.68 18.44 -8.98
C19 17F OA . 23.05 18.84 -9.57
C20 17F OA . 23.69 17.69 -10.45
C1X 17F OA . 29.22 23.26 -13.37
C1Y 17F OA . 25.06 18.13 -11.02
C1Z 17F OA . 25.70 17.00 -11.83
C2X 17F OA . 29.94 23.39 -14.79
C21 17F OA . 29.50 24.69 -15.55
C22 17F OA . 30.13 25.20 -16.54
C23 17F OA . 31.35 24.72 -17.20
C24 17F OA . 31.37 24.89 -18.71
C25 17F OA . 32.62 24.41 -19.42
C26 17F OA . 32.43 23.11 -20.34
C27 17F OA . 33.69 22.65 -21.05
C28 17F OA . 33.30 21.37 -21.90
C29 17F OA . 34.18 20.25 -21.49
C30 17F OA . 33.93 18.97 -22.21
C31 17F OA . 27.07 17.31 -12.53
C32 17F OA . 27.68 16.14 -13.34
C33 17F OA . 28.13 16.65 -14.71
C34 17F OA . 28.69 15.90 -15.64
C35 17F OA . 29.00 14.43 -15.57
C36 17F OA . 29.81 13.87 -16.77
C37 17F OA . 30.94 13.04 -16.26
C38 17F OA . 30.71 11.51 -16.35
C39 17F OA . 31.92 10.72 -15.81
C40 17F OA . 32.18 9.48 -16.67
C41 17F OA . 33.73 9.32 -16.95
C42 17F OA . 34.20 9.09 -18.39
C1 17F PA . -13.96 8.87 -12.44
N1 17F PA . -15.44 7.32 -13.76
O1 17F PA . -11.54 10.37 -13.26
P1 17F PA . -12.51 9.81 -14.29
C2 17F PA . -14.95 7.69 -12.44
O2 17F PA . -12.78 10.68 -15.49
C3 17F PA . -16.16 8.02 -11.54
O3 17F PA . -13.90 9.48 -13.68
C4 17F PA . -12.76 7.71 -15.85
O4 17F PA . -17.38 7.96 -11.96
C5 17F PA . -12.09 6.36 -16.29
O5 17F PA . -16.01 8.36 -10.36
C6 17F PA . -10.73 6.64 -16.98
O6 17F PA . -12.01 8.43 -14.87
C7 17F PA . -9.10 4.98 -16.70
O7 17F PA . -10.10 5.44 -17.39
C8 17F PA . -8.62 3.67 -17.36
O8 17F PA . -8.56 5.42 -15.71
C9 17F PA . -7.10 3.63 -17.64
O9 17F PA . -11.94 5.45 -15.20
C10 17F PA . -6.55 2.31 -18.31
O10 17F PA . -14.09 4.62 -15.11
C11 17F PA . -4.98 2.15 -18.26
C12 17F PA . -4.50 0.83 -18.95
C17 17F PA . -12.85 4.51 -15.20
C18 17F PA . -12.25 3.12 -15.32
C19 17F PA . -12.37 2.49 -16.72
C20 17F PA . -11.39 1.28 -16.91
C1X 17F PA . -2.96 0.72 -18.86
C1Y 17F PA . -11.54 0.67 -18.33
C1Z 17F PA . -10.42 1.17 -19.26
C2X 17F PA . -2.40 -0.62 -19.56
C21 17F PA . -0.90 -0.47 -19.99
C22 17F PA . -0.16 -1.45 -20.40
C23 17F PA . -0.53 -2.86 -20.53
C24 17F PA . 0.57 -3.75 -21.09
C25 17F PA . 0.24 -5.23 -21.24
C26 17F PA . 1.49 -6.21 -21.49
C27 17F PA . 1.13 -7.66 -21.64
C28 17F PA . 2.47 -8.46 -21.88
C29 17F PA . 2.14 -9.88 -22.11
C30 17F PA . 3.33 -10.76 -22.35
C31 17F PA . -10.02 0.24 -20.45
C32 17F PA . -8.89 0.78 -21.37
C33 17F PA . -7.98 -0.37 -21.80
C34 17F PA . -6.92 -0.24 -22.59
C35 17F PA . -6.42 1.03 -23.23
C36 17F PA . -5.10 1.59 -22.60
C37 17F PA . -5.20 3.07 -22.50
C38 17F PA . -4.19 3.85 -23.38
C39 17F PA . -4.36 5.36 -23.22
C40 17F PA . -3.00 6.05 -23.09
C41 17F PA . -2.67 6.41 -21.58
C42 17F PA . -2.96 7.83 -21.08
C1 17F QA . 8.28 13.68 7.86
N1 17F QA . 8.49 11.55 9.19
O1 17F QA . 6.98 14.24 5.15
P1 17F QA . 7.01 12.88 5.82
C2 17F QA . 9.02 12.88 8.95
O2 17F QA . 5.81 12.00 5.58
C3 17F QA . 9.00 13.68 10.27
O3 17F QA . 7.21 12.97 7.35
C4 17F QA . 8.49 10.71 5.84
O4 17F QA . 8.57 13.18 11.38
C5 17F QA . 9.76 10.03 5.25
O5 17F QA . 9.40 14.85 10.31
C6 17F QA . 10.35 9.04 6.28
O6 17F QA . 8.25 12.02 5.34
C7 17F QA . 12.50 8.17 6.60
O7 17F QA . 11.52 8.40 5.79
C8 17F QA . 13.63 7.49 5.80
O8 17F QA . 12.61 8.41 7.77
C9 17F QA . 13.89 6.02 6.25
O9 17F QA . 9.51 9.40 3.97
C10 17F QA . 15.02 5.26 5.46
O10 17F QA . 7.47 8.39 4.37
C11 17F QA . 14.49 4.25 4.37
C12 17F QA . 15.66 3.52 3.62
C17 17F QA . 8.66 8.39 4.02
C18 17F QA . 9.30 7.10 3.58
C19 17F QA . 9.81 7.10 2.12
C20 17F QA . 10.97 6.06 1.90
C1X 17F QA . 15.11 2.55 2.57
C1Y 17F QA . 11.46 6.09 0.43
C1Z 17F QA . 11.47 4.68 -0.17
C2X 17F QA . 16.28 1.78 1.78
C21 17F QA . 16.95 0.67 2.65
C22 17F QA . 18.07 0.10 2.36
C23 17F QA . 18.94 0.37 1.20
C24 17F QA . 20.04 -0.67 0.98
C25 17F QA . 20.95 -0.44 -0.21
C26 17F QA . 21.43 -1.76 -0.98
C27 17F QA . 22.35 -1.52 -2.15
C28 17F QA . 22.71 -2.93 -2.77
C29 17F QA . 22.83 -2.79 -4.23
C30 17F QA . 23.17 -4.07 -4.95
C31 17F QA . 12.87 4.12 -0.62
C32 17F QA . 12.86 2.69 -1.23
C33 17F QA . 12.58 1.67 -0.13
C34 17F QA . 12.51 0.36 -0.31
C35 17F QA . 12.67 -0.40 -1.61
C36 17F QA . 14.14 -0.78 -1.97
C37 17F QA . 14.13 -1.66 -3.16
C38 17F QA . 15.41 -1.54 -4.05
C39 17F QA . 15.33 -2.48 -5.27
C40 17F QA . 16.63 -3.27 -5.42
C41 17F QA . 16.49 -4.34 -6.57
C42 17F QA . 16.52 -5.84 -6.22
C1 PCW RA . 13.58 -14.93 -33.46
C2 PCW RA . 13.57 -13.45 -33.99
C3 PCW RA . 12.11 -12.92 -34.11
C4 PCW RA . 17.52 -15.44 -30.59
C5 PCW RA . 18.22 -14.62 -31.67
C6 PCW RA . 20.10 -13.45 -30.40
C7 PCW RA . 20.45 -14.27 -32.69
C8 PCW RA . 19.29 -12.94 -32.12
C11 PCW RA . 12.18 -11.36 -35.92
C12 PCW RA . 12.17 -9.88 -36.19
C13 PCW RA . 10.79 -9.30 -35.69
C14 PCW RA . 10.61 -7.78 -35.88
C15 PCW RA . 10.20 -6.99 -34.60
C16 PCW RA . 8.82 -6.29 -34.81
C17 PCW RA . 8.77 -4.73 -34.61
C18 PCW RA . 7.36 -4.14 -34.78
C19 PCW RA . 7.17 -3.40 -36.12
C20 PCW RA . 5.98 -2.76 -36.46
C21 PCW RA . 4.69 -2.61 -35.74
C22 PCW RA . 4.67 -1.17 -35.15
C23 PCW RA . 4.36 0.00 -36.12
C24 PCW RA . 2.92 0.24 -36.44
C25 PCW RA . 2.41 0.26 -37.91
C26 PCW RA . 2.17 -1.09 -38.55
C27 PCW RA . 3.02 -1.47 -39.79
C28 PCW RA . 3.68 -2.81 -39.56
C31 PCW RA . 15.45 -12.08 -33.48
C32 PCW RA . 16.05 -11.19 -32.40
C33 PCW RA . 15.16 -9.92 -31.96
C34 PCW RA . 14.44 -9.25 -33.12
C35 PCW RA . 14.77 -7.70 -32.97
C36 PCW RA . 13.69 -6.81 -33.63
C37 PCW RA . 13.95 -5.26 -33.53
C38 PCW RA . 14.43 -4.69 -34.83
C39 PCW RA . 14.69 -3.21 -34.75
C40 PCW RA . 13.88 -2.24 -35.16
C41 PCW RA . 12.53 -2.47 -35.80
C42 PCW RA . 11.40 -2.17 -34.71
C43 PCW RA . 10.61 -0.88 -34.83
C44 PCW RA . 9.62 -0.86 -33.68
C45 PCW RA . 8.25 -0.31 -34.00
C46 PCW RA . 8.03 1.09 -33.52
C47 PCW RA . 7.64 2.11 -34.57
C48 PCW RA . 7.45 3.50 -33.94
N PCW RA . 19.59 -14.28 -31.52
O2 PCW RA . 14.28 -12.55 -33.03
O3 PCW RA . 12.11 -11.57 -34.58
O11 PCW RA . 12.24 -12.21 -36.76
O31 PCW RA . 15.96 -12.33 -34.61
O1P PCW RA . 14.94 -14.11 -30.78
O2P PCW RA . 14.05 -16.44 -30.79
O3P PCW RA . 14.87 -15.36 -32.97
O4P PCW RA . 16.39 -16.11 -31.23
P PCW RA . 15.01 -15.49 -31.37
C1 PCW SA . 14.60 -14.62 -18.28
C2 PCW SA . 13.06 -14.66 -18.64
C3 PCW SA . 12.20 -14.50 -17.33
C4 PCW SA . 13.47 -17.99 -20.16
C5 PCW SA . 12.25 -18.79 -19.69
C6 PCW SA . 10.39 -19.90 -21.03
C7 PCW SA . 12.38 -21.18 -20.38
C8 PCW SA . 11.10 -20.42 -19.27
C11 PCW SA . 10.20 -15.75 -17.82
C12 PCW SA . 8.76 -15.56 -18.17
C13 PCW SA . 8.65 -15.27 -19.71
C14 PCW SA . 7.24 -15.03 -20.23
C15 PCW SA . 6.91 -13.58 -20.71
C16 PCW SA . 6.83 -13.52 -22.27
C17 PCW SA . 8.12 -13.07 -23.05
C18 PCW SA . 7.85 -12.02 -24.12
C19 PCW SA . 8.58 -10.68 -23.85
C20 PCW SA . 7.90 -9.47 -23.75
C21 PCW SA . 6.46 -9.12 -23.86
C22 PCW SA . 6.40 -7.69 -24.47
C23 PCW SA . 5.24 -6.77 -24.02
C24 PCW SA . 5.56 -5.33 -23.80
C25 PCW SA . 5.87 -4.38 -25.00
C26 PCW SA . 4.79 -4.24 -26.05
C27 PCW SA . 5.02 -4.90 -27.43
C28 PCW SA . 4.67 -3.93 -28.53
C31 PCW SA . 12.10 -13.89 -20.66
C32 PCW SA . 11.81 -12.62 -21.48
C33 PCW SA . 12.92 -12.26 -22.58
C34 PCW SA . 12.35 -11.48 -23.77
C35 PCW SA . 13.39 -10.34 -24.07
C36 PCW SA . 12.73 -8.93 -24.12
C37 PCW SA . 13.70 -7.75 -24.42
C38 PCW SA . 13.23 -6.48 -23.78
C39 PCW SA . 14.15 -5.32 -24.05
C40 PCW SA . 14.46 -4.33 -23.22
C41 PCW SA . 13.90 -4.20 -21.81
C42 PCW SA . 12.96 -2.90 -21.77
C43 PCW SA . 11.69 -2.95 -20.93
C44 PCW SA . 11.00 -1.61 -21.08
C45 PCW SA . 9.61 -1.66 -21.68
C46 PCW SA . 8.52 -1.80 -20.66
C47 PCW SA . 7.26 -2.51 -21.10
C48 PCW SA . 6.22 -2.58 -19.97
N PCW SA . 11.77 -19.87 -20.49
O2 PCW SA . 12.72 -13.53 -19.54
O3 PCW SA . 10.81 -14.54 -17.66
O11 PCW SA . 10.75 -16.82 -17.71
O31 PCW SA . 11.80 -15.08 -21.00
O1P PCW SA . 15.74 -16.19 -20.28
O2P PCW SA . 16.71 -17.76 -18.61
O3P PCW SA . 15.14 -15.88 -17.83
O4P PCW SA . 14.35 -17.86 -19.00
P PCW SA . 15.55 -16.94 -18.99
C1 PCW TA . 24.87 -21.67 -10.20
C2 PCW TA . 24.14 -20.27 -10.19
C3 PCW TA . 24.71 -19.37 -11.35
C4 PCW TA . 22.35 -22.57 -13.01
C5 PCW TA . 21.02 -21.82 -13.19
C6 PCW TA . 21.16 -21.90 -15.73
C7 PCW TA . 19.15 -21.04 -14.62
C8 PCW TA . 20.86 -20.33 -14.58
C11 PCW TA . 23.24 -17.78 -12.39
C12 PCW TA . 22.66 -16.41 -12.18
C13 PCW TA . 23.70 -15.34 -12.68
C14 PCW TA . 23.25 -13.88 -12.54
C15 PCW TA . 23.94 -13.08 -11.40
C16 PCW TA . 22.94 -12.06 -10.76
C17 PCW TA . 23.03 -10.57 -11.23
C18 PCW TA . 23.88 -9.69 -10.30
C19 PCW TA . 23.04 -8.68 -9.50
C20 PCW TA . 23.58 -7.90 -8.48
C21 PCW TA . 24.93 -7.82 -7.91
C22 PCW TA . 24.77 -7.55 -6.38
C23 PCW TA . 25.90 -6.77 -5.66
C24 PCW TA . 26.45 -7.37 -4.40
C25 PCW TA . 25.74 -7.16 -3.03
C26 PCW TA . 25.04 -8.37 -2.44
C27 PCW TA . 24.28 -8.17 -1.11
C28 PCW TA . 23.88 -9.52 -0.53
C31 PCW TA . 21.93 -20.40 -9.36
C32 PCW TA . 20.47 -20.61 -9.77
C33 PCW TA . 19.78 -19.39 -10.54
C34 PCW TA . 18.73 -18.66 -9.72
C35 PCW TA . 19.55 -17.81 -8.66
C36 PCW TA . 20.21 -16.56 -9.27
C37 PCW TA . 21.03 -15.68 -8.28
C38 PCW TA . 22.43 -16.19 -8.10
C39 PCW TA . 23.23 -15.35 -7.14
C40 PCW TA . 24.12 -15.79 -6.25
C41 PCW TA . 24.47 -17.25 -6.05
C42 PCW TA . 26.04 -17.43 -6.30
C43 PCW TA . 26.55 -18.77 -6.80
C44 PCW TA . 28.05 -18.64 -6.94
C45 PCW TA . 28.66 -19.34 -8.13
C46 PCW TA . 29.13 -18.40 -9.21
C47 PCW TA . 28.17 -18.14 -10.35
C48 PCW TA . 28.77 -17.16 -11.37
N PCW TA . 20.40 -21.75 -14.47
O2 PCW TA . 22.69 -20.45 -10.45
O3 PCW TA . 24.05 -18.10 -11.33
O11 PCW TA . 23.03 -18.48 -13.34
O31 PCW TA . 22.34 -20.18 -8.18
O1P PCW TA . 24.73 -23.86 -12.02
O2P PCW TA . 23.12 -25.06 -10.55
O3P PCW TA . 24.01 -22.77 -9.85
O4P PCW TA . 22.38 -23.07 -11.64
P PCW TA . 23.59 -23.76 -11.05
C1 PCW UA . 21.51 -6.82 -33.24
C2 PCW UA . 22.75 -5.94 -32.79
C3 PCW UA . 22.51 -4.45 -33.21
C4 PCW UA . 24.32 -9.84 -32.57
C5 PCW UA . 25.34 -10.26 -33.63
C6 PCW UA . 26.86 -11.70 -32.19
C7 PCW UA . 26.62 -12.15 -34.59
C8 PCW UA . 27.34 -10.66 -33.78
C11 PCW UA . 23.50 -2.29 -32.85
C12 PCW UA . 24.78 -1.64 -32.41
C13 PCW UA . 25.53 -1.11 -33.70
C14 PCW UA . 26.86 -0.41 -33.44
C15 PCW UA . 28.03 -1.33 -32.94
C16 PCW UA . 29.25 -1.24 -33.92
C17 PCW UA . 30.30 -0.09 -33.68
C18 PCW UA . 30.54 0.76 -34.92
C19 PCW UA . 31.86 1.56 -34.84
C20 PCW UA . 31.91 2.86 -34.35
C21 PCW UA . 30.86 3.76 -33.82
C22 PCW UA . 31.59 4.91 -33.07
C23 PCW UA . 30.74 5.83 -32.16
C24 PCW UA . 30.36 7.17 -32.72
C25 PCW UA . 30.66 8.48 -31.94
C26 PCW UA . 32.02 9.10 -32.16
C27 PCW UA . 32.30 10.48 -31.50
C28 PCW UA . 33.46 11.17 -32.18
C31 PCW UA . 24.07 -6.38 -30.87
C32 PCW UA . 24.04 -6.38 -29.33
C33 PCW UA . 23.42 -5.06 -28.66
C34 PCW UA . 24.02 -3.77 -29.19
C35 PCW UA . 23.56 -2.64 -28.18
C36 PCW UA . 23.62 -1.23 -28.81
C37 PCW UA . 23.17 -0.05 -27.88
C38 PCW UA . 24.29 0.91 -27.61
C39 PCW UA . 23.88 2.05 -26.73
C40 PCW UA . 24.61 2.63 -25.79
C41 PCW UA . 26.04 2.23 -25.45
C42 PCW UA . 26.73 3.44 -24.67
C43 PCW UA . 27.76 3.10 -23.61
C44 PCW UA . 28.25 4.42 -23.04
C45 PCW UA . 29.57 4.91 -23.59
C46 PCW UA . 30.34 5.77 -22.63
C47 PCW UA . 31.51 6.54 -23.20
C48 PCW UA . 32.21 7.37 -22.12
N PCW UA . 26.12 -11.44 -33.43
O2 PCW UA . 22.88 -5.99 -31.30
O3 PCW UA . 23.64 -3.65 -32.80
O11 PCW UA . 22.52 -1.70 -33.20
O31 PCW UA . 25.06 -6.72 -31.59
O1P PCW UA . 21.55 -10.44 -31.95
O2P PCW UA . 21.16 -9.71 -34.29
O3P PCW UA . 21.28 -7.98 -32.40
O4P PCW UA . 23.25 -9.13 -33.26
P PCW UA . 21.78 -9.39 -32.99
C1 PCW VA . 23.08 -26.82 -5.53
C2 PCW VA . 21.70 -26.09 -5.78
C3 PCW VA . 20.93 -26.79 -6.95
C4 PCW VA . 23.39 -23.49 -2.99
C5 PCW VA . 22.61 -22.39 -3.72
C6 PCW VA . 22.34 -19.86 -3.88
C7 PCW VA . 24.47 -20.90 -4.43
C8 PCW VA . 22.85 -21.12 -5.30
C11 PCW VA . 19.12 -26.22 -8.42
C12 PCW VA . 17.84 -25.44 -8.44
C13 PCW VA . 18.20 -23.90 -8.47
C14 PCW VA . 17.01 -22.96 -8.50
C15 PCW VA . 16.92 -21.94 -7.31
C16 PCW VA . 15.43 -21.50 -7.08
C17 PCW VA . 15.19 -20.03 -6.63
C18 PCW VA . 13.76 -19.75 -6.19
C19 PCW VA . 13.57 -18.32 -5.65
C20 PCW VA . 12.68 -18.03 -4.61
C21 PCW VA . 11.77 -18.86 -3.80
C22 PCW VA . 12.12 -18.59 -2.31
C23 PCW VA . 11.29 -19.32 -1.23
C24 PCW VA . 9.95 -18.75 -0.90
C25 PCW VA . 8.65 -19.37 -1.48
C26 PCW VA . 7.36 -18.66 -1.14
C27 PCW VA . 6.04 -19.40 -1.44
C28 PCW VA . 4.88 -18.44 -1.34
C31 PCW VA . 20.18 -25.08 -4.26
C32 PCW VA . 19.35 -25.35 -2.99
C33 PCW VA . 17.93 -26.04 -3.23
C34 PCW VA . 16.75 -25.21 -2.71
C35 PCW VA . 15.52 -25.59 -3.63
C36 PCW VA . 15.39 -24.65 -4.85
C37 PCW VA . 14.21 -24.97 -5.81
C38 PCW VA . 14.58 -25.95 -6.86
C39 PCW VA . 13.45 -26.27 -7.80
C40 PCW VA . 12.72 -27.38 -7.83
C41 PCW VA . 12.93 -28.55 -6.89
C42 PCW VA . 11.53 -28.90 -6.21
C43 PCW VA . 11.49 -29.20 -4.72
C44 PCW VA . 10.05 -29.48 -4.36
C45 PCW VA . 9.77 -30.89 -3.90
C46 PCW VA . 8.86 -30.96 -2.70
C47 PCW VA . 9.13 -32.09 -1.73
C48 PCW VA . 8.14 -32.06 -0.55
N PCW VA . 23.17 -21.07 -3.83
O2 PCW VA . 20.84 -26.19 -4.56
O3 PCW VA . 19.68 -26.13 -7.17
O11 PCW VA . 19.59 -26.82 -9.35
O31 PCW VA . 20.21 -23.99 -4.90
O1P PCW VA . 24.77 -25.91 -2.20
O2P PCW VA . 25.76 -25.73 -4.47
O3P PCW VA . 23.47 -26.86 -4.13
O4P PCW VA . 23.80 -24.44 -4.00
P PCW VA . 24.52 -25.73 -3.66
C1 PCW WA . 39.92 -19.98 4.01
C2 PCW WA . 39.71 -18.54 4.62
C3 PCW WA . 40.61 -17.50 3.88
C4 PCW WA . 41.13 -19.53 7.55
C5 PCW WA . 41.56 -18.15 8.04
C6 PCW WA . 39.43 -17.52 9.31
C7 PCW WA . 41.60 -16.55 9.93
C8 PCW WA . 40.67 -16.33 8.35
C11 PCW WA . 40.90 -15.12 3.79
C12 PCW WA . 40.55 -13.87 4.55
C13 PCW WA . 39.08 -13.46 4.14
C14 PCW WA . 38.55 -12.20 4.82
C15 PCW WA . 37.13 -12.32 5.47
C16 PCW WA . 37.04 -11.46 6.77
C17 PCW WA . 37.17 -9.91 6.62
C18 PCW WA . 38.21 -9.29 7.56
C19 PCW WA . 39.49 -8.82 6.82
C20 PCW WA . 39.65 -7.52 6.36
C21 PCW WA . 38.76 -6.32 6.43
C22 PCW WA . 38.93 -5.72 7.86
C23 PCW WA . 37.75 -4.87 8.41
C24 PCW WA . 36.48 -5.59 8.71
C25 PCW WA . 36.23 -6.25 10.10
C26 PCW WA . 35.67 -7.66 10.09
C27 PCW WA . 36.08 -8.60 11.25
C28 PCW WA . 35.60 -10.00 10.97
C31 PCW WA . 37.60 -18.02 5.56
C32 PCW WA . 36.17 -17.56 5.21
C33 PCW WA . 35.90 -15.99 5.35
C34 PCW WA . 34.63 -15.53 4.62
C35 PCW WA . 33.44 -15.86 5.61
C36 PCW WA . 32.31 -16.66 4.92
C37 PCW WA . 31.10 -17.03 5.85
C38 PCW WA . 29.79 -16.87 5.13
C39 PCW WA . 28.62 -17.23 6.00
C40 PCW WA . 27.56 -16.46 6.26
C41 PCW WA . 27.37 -15.06 5.72
C42 PCW WA . 26.51 -14.22 6.78
C43 PCW WA . 26.52 -12.71 6.70
C44 PCW WA . 25.61 -12.19 7.82
C45 PCW WA . 24.27 -11.69 7.38
C46 PCW WA . 23.97 -10.30 7.85
C47 PCW WA . 22.58 -9.76 7.54
C48 PCW WA . 22.41 -8.34 8.07
N PCW WA . 40.91 -17.56 9.16
O2 PCW WA . 38.29 -18.11 4.43
O3 PCW WA . 40.40 -16.19 4.45
O11 PCW WA . 41.52 -15.16 2.76
O31 PCW WA . 38.03 -18.26 6.72
O1P PCW WA . 40.69 -21.97 6.00
O2P PCW WA . 43.10 -21.68 5.43
O3P PCW WA . 41.30 -20.43 4.09
O4P PCW WA . 41.94 -19.81 6.35
P PCW WA . 41.77 -21.05 5.49
C1 PCW XA . 26.47 -28.52 4.65
C2 PCW XA . 25.13 -27.98 5.30
C3 PCW XA . 24.88 -28.70 6.67
C4 PCW XA . 24.28 -27.91 0.73
C5 PCW XA . 22.77 -28.05 0.76
C6 PCW XA . 22.35 -30.36 0.18
C7 PCW XA . 22.52 -28.77 -1.51
C8 PCW XA . 20.62 -28.75 -0.25
C11 PCW XA . 23.79 -27.40 8.36
C12 PCW XA . 22.42 -26.99 8.83
C13 PCW XA . 22.07 -27.82 10.12
C14 PCW XA . 20.70 -27.52 10.73
C15 PCW XA . 20.72 -26.83 12.13
C16 PCW XA . 21.18 -25.34 12.01
C17 PCW XA . 22.31 -24.84 12.99
C18 PCW XA . 23.72 -25.08 12.45
C19 PCW XA . 24.82 -24.79 13.51
C20 PCW XA . 25.42 -25.79 14.25
C21 PCW XA . 25.25 -27.26 14.28
C22 PCW XA . 23.92 -27.56 15.05
C23 PCW XA . 23.92 -27.33 16.59
C24 PCW XA . 22.59 -27.12 17.23
C25 PCW XA . 21.62 -26.01 16.72
C26 PCW XA . 20.42 -25.70 17.60
C27 PCW XA . 20.19 -24.23 18.01
C28 PCW XA . 18.79 -24.05 18.51
C31 PCW XA . 24.92 -25.73 4.55
C32 PCW XA . 25.08 -24.27 5.00
C33 PCW XA . 26.50 -23.88 5.63
C34 PCW XA . 26.57 -24.04 7.15
C35 PCW XA . 25.70 -22.86 7.73
C36 PCW XA . 25.86 -22.69 9.26
C37 PCW XA . 25.02 -21.54 9.91
C38 PCW XA . 25.86 -20.33 10.17
C39 PCW XA . 25.08 -19.20 10.79
C40 PCW XA . 25.28 -17.90 10.62
C41 PCW XA . 26.37 -17.29 9.76
C42 PCW XA . 27.00 -16.04 10.52
C43 PCW XA . 27.80 -16.31 11.78
C44 PCW XA . 28.27 -14.95 12.30
C45 PCW XA . 28.04 -14.71 13.77
C46 PCW XA . 27.72 -13.28 14.09
C47 PCW XA . 26.45 -13.04 14.88
C48 PCW XA . 26.23 -11.55 15.14
N PCW XA . 22.10 -28.94 -0.15
O2 PCW XA . 25.24 -26.52 5.58
O3 PCW XA . 23.68 -28.20 7.26
O11 PCW XA . 24.82 -27.08 8.89
O31 PCW XA . 24.52 -26.11 3.41
O1P PCW XA . 27.10 -28.61 0.92
O2P PCW XA . 26.23 -30.38 2.46
O3P PCW XA . 26.73 -28.00 3.33
O4P PCW XA . 24.80 -28.53 1.93
P PCW XA . 26.25 -28.94 2.11
C1 PCW YA . -8.50 -21.13 -40.69
C2 PCW YA . -9.16 -19.75 -40.30
C3 PCW YA . -10.49 -19.54 -41.10
C4 PCW YA . -5.09 -19.45 -39.36
C5 PCW YA . -4.53 -18.40 -40.32
C6 PCW YA . -2.57 -17.36 -41.26
C7 PCW YA . -2.37 -18.58 -39.28
C8 PCW YA . -3.39 -16.54 -39.15
C11 PCW YA . -10.91 -17.22 -41.54
C12 PCW YA . -11.60 -16.02 -40.97
C13 PCW YA . -10.68 -15.43 -39.81
C14 PCW YA . -11.24 -14.19 -39.11
C15 PCW YA . -11.30 -12.90 -39.97
C16 PCW YA . -9.85 -12.40 -40.33
C17 PCW YA . -9.66 -10.86 -40.52
C18 PCW YA . -10.01 -10.04 -39.27
C19 PCW YA . -11.21 -9.08 -39.49
C20 PCW YA . -11.05 -7.71 -39.56
C21 PCW YA . -9.86 -6.83 -39.44
C22 PCW YA . -10.08 -5.91 -38.21
C23 PCW YA . -10.19 -4.38 -38.47
C24 PCW YA . -8.90 -3.64 -38.62
C25 PCW YA . -8.27 -2.86 -37.43
C26 PCW YA . -6.92 -2.21 -37.68
C27 PCW YA . -6.91 -0.86 -38.42
C28 PCW YA . -6.22 -0.99 -39.76
C31 PCW YA . -8.75 -18.97 -38.10
C32 PCW YA . -9.22 -19.09 -36.64
C33 PCW YA . -9.95 -17.78 -36.05
C34 PCW YA . -9.76 -17.64 -34.54
C35 PCW YA . -11.10 -16.98 -34.02
C36 PCW YA . -11.48 -17.46 -32.60
C37 PCW YA . -12.80 -16.85 -32.03
C38 PCW YA . -12.89 -17.01 -30.54
C39 PCW YA . -14.16 -16.43 -29.98
C40 PCW YA . -14.33 -15.22 -29.45
C41 PCW YA . -13.22 -14.19 -29.33
C42 PCW YA . -13.77 -12.79 -29.87
C43 PCW YA . -12.77 -11.73 -30.28
C44 PCW YA . -13.57 -10.52 -30.75
C45 PCW YA . -13.51 -10.25 -32.22
C46 PCW YA . -14.64 -9.41 -32.73
C47 PCW YA . -15.59 -10.08 -33.71
C48 PCW YA . -16.70 -9.12 -34.14
N PCW YA . -3.28 -17.76 -40.02
O2 PCW YA . -9.51 -19.77 -38.85
O3 PCW YA . -11.07 -18.28 -40.71
O11 PCW YA . -10.31 -17.24 -42.59
O31 PCW YA . -7.80 -18.24 -38.51
O1P PCW YA . -5.62 -22.14 -38.39
O2P PCW YA . -5.71 -22.66 -40.84
O3P PCW YA . -7.78 -21.77 -39.62
O4P PCW YA . -5.87 -20.37 -40.17
P PCW YA . -6.18 -21.79 -39.74
C1 PCW ZA . 10.39 -31.39 2.57
C2 PCW ZA . 11.54 -30.38 2.96
C3 PCW ZA . 11.43 -29.07 2.11
C4 PCW ZA . 11.79 -35.33 4.93
C5 PCW ZA . 12.10 -36.79 4.62
C6 PCW ZA . 10.11 -38.38 4.89
C7 PCW ZA . 11.29 -38.19 2.75
C8 PCW ZA . 11.95 -38.82 4.36
C11 PCW ZA . 13.76 -28.45 2.05
C12 PCW ZA . 14.69 -27.36 2.52
C13 PCW ZA . 14.61 -26.18 1.49
C14 PCW ZA . 15.51 -24.98 1.81
C15 PCW ZA . 14.80 -23.77 2.48
C16 PCW ZA . 15.40 -22.41 1.96
C17 PCW ZA . 15.66 -21.29 3.03
C18 PCW ZA . 14.87 -20.01 2.77
C19 PCW ZA . 14.02 -19.60 3.99
C20 PCW ZA . 12.66 -19.34 3.90
C21 PCW ZA . 11.71 -19.39 2.75
C22 PCW ZA . 10.41 -20.05 3.28
C23 PCW ZA . 9.06 -19.49 2.76
C24 PCW ZA . 7.95 -19.36 3.75
C25 PCW ZA . 7.57 -17.98 4.36
C26 PCW ZA . 7.60 -17.89 5.88
C27 PCW ZA . 6.43 -17.17 6.59
C28 PCW ZA . 6.35 -17.60 8.03
C31 PCW ZA . 12.51 -30.28 5.12
C32 PCW ZA . 12.24 -29.84 6.57
C33 PCW ZA . 11.05 -28.77 6.78
C34 PCW ZA . 10.43 -28.82 8.17
C35 PCW ZA . 8.87 -28.64 7.95
C36 PCW ZA . 8.08 -28.64 9.27
C37 PCW ZA . 6.53 -28.45 9.13
C38 PCW ZA . 5.84 -28.48 10.46
C39 PCW ZA . 4.35 -28.30 10.33
C40 PCW ZA . 3.58 -27.41 10.96
C41 PCW ZA . 4.12 -26.38 11.94
C42 PCW ZA . 3.00 -26.15 13.07
C43 PCW ZA . 2.33 -24.79 13.16
C44 PCW ZA . 1.34 -24.85 14.30
C45 PCW ZA . -0.04 -24.30 14.00
C46 PCW ZA . -1.08 -24.68 15.02
C47 PCW ZA . -2.38 -23.90 14.96
C48 PCW ZA . -3.34 -24.38 16.05
N PCW ZA . 11.09 -37.64 4.07
O2 PCW ZA . 11.43 -30.01 4.39
O3 PCW ZA . 12.49 -28.17 2.47
O11 PCW ZA . 14.07 -29.41 1.39
O31 PCW ZA . 13.58 -30.79 4.70
O1P PCW ZA . 10.46 -32.77 5.20
O2P PCW ZA . 8.71 -33.86 3.80
O3P PCW ZA . 10.76 -32.77 2.69
O4P PCW ZA . 10.88 -34.87 3.89
P PCW ZA . 10.15 -33.54 3.96
C1 PCW AB . -10.22 -37.46 -13.22
C2 PCW AB . -10.42 -36.34 -12.12
C3 PCW AB . -9.11 -36.15 -11.28
C4 PCW AB . -8.73 -34.87 -16.98
C5 PCW AB . -8.17 -35.00 -18.41
C6 PCW AB . -7.75 -32.62 -18.57
C7 PCW AB . -7.16 -34.01 -20.35
C8 PCW AB . -5.86 -34.11 -18.47
C11 PCW AB . -10.12 -35.40 -9.23
C12 PCW AB . -10.19 -34.20 -8.31
C13 PCW AB . -11.32 -33.24 -8.83
C14 PCW AB . -11.51 -31.97 -8.00
C15 PCW AB . -12.84 -31.89 -7.18
C16 PCW AB . -12.77 -32.80 -5.91
C17 PCW AB . -13.97 -33.78 -5.66
C18 PCW AB . -14.47 -33.77 -4.22
C19 PCW AB . -14.74 -35.19 -3.68
C20 PCW AB . -15.10 -35.44 -2.36
C21 PCW AB . -15.31 -34.54 -1.19
C22 PCW AB . -14.07 -34.70 -0.28
C23 PCW AB . -14.15 -34.09 1.15
C24 PCW AB . -12.88 -33.52 1.70
C25 PCW AB . -12.74 -33.19 3.21
C26 PCW AB . -13.27 -31.83 3.66
C27 PCW AB . -12.36 -30.61 3.44
C28 PCW AB . -12.34 -29.74 4.67
C31 PCW AB . -11.89 -34.49 -12.38
C32 PCW AB . -12.07 -33.17 -13.14
C33 PCW AB . -11.47 -31.89 -12.39
C34 PCW AB . -12.53 -30.91 -11.91
C35 PCW AB . -12.39 -29.63 -12.85
C36 PCW AB . -13.22 -29.76 -14.14
C37 PCW AB . -13.13 -28.54 -15.12
C38 PCW AB . -13.60 -28.89 -16.49
C39 PCW AB . -13.52 -27.75 -17.46
C40 PCW AB . -14.41 -26.77 -17.62
C41 PCW AB . -15.70 -26.65 -16.83
C42 PCW AB . -15.52 -25.49 -15.75
C43 PCW AB . -16.73 -24.65 -15.38
C44 PCW AB . -16.25 -23.63 -14.35
C45 PCW AB . -17.34 -22.88 -13.64
C46 PCW AB . -17.18 -22.83 -12.14
C47 PCW AB . -18.39 -22.39 -11.35
C48 PCW AB . -18.08 -22.38 -9.85
N PCW AB . -7.29 -33.99 -18.92
O2 PCW AB . -10.74 -35.04 -12.77
O3 PCW AB . -9.31 -35.13 -10.28
O11 PCW AB . -10.72 -36.43 -9.05
O31 PCW AB . -12.71 -34.98 -11.53
O1P PCW AB . -7.91 -36.19 -14.54
O2P PCW AB . -8.47 -38.26 -15.81
O3P PCW AB . -10.31 -36.96 -14.57
O4P PCW AB . -9.29 -36.16 -16.63
P PCW AB . -8.92 -36.91 -15.37
C1 PCW BB . 39.12 -11.60 0.06
C2 PCW BB . 38.60 -10.10 -0.01
C3 PCW BB . 39.25 -9.26 1.15
C4 PCW BB . 41.25 -14.76 -1.93
C5 PCW BB . 41.03 -15.64 -0.71
C6 PCW BB . 39.39 -17.43 -1.49
C7 PCW BB . 41.27 -18.01 -0.02
C8 PCW BB . 39.83 -16.91 0.36
C11 PCW BB . 39.71 -6.91 1.01
C12 PCW BB . 39.01 -5.58 0.95
C13 PCW BB . 38.66 -5.13 2.41
C14 PCW BB . 37.94 -3.79 2.53
C15 PCW BB . 37.00 -3.64 3.76
C16 PCW BB . 37.70 -2.76 4.88
C17 PCW BB . 36.83 -1.65 5.55
C18 PCW BB . 37.27 -0.23 5.18
C19 PCW BB . 37.92 0.52 6.37
C20 PCW BB . 37.57 1.82 6.71
C21 PCW BB . 36.59 2.78 6.14
C22 PCW BB . 35.72 3.30 7.31
C23 PCW BB . 35.86 4.79 7.70
C24 PCW BB . 34.72 5.41 8.45
C25 PCW BB . 34.90 5.94 9.91
C26 PCW BB . 33.71 6.68 10.50
C27 PCW BB . 33.57 6.71 12.03
C28 PCW BB . 33.32 8.11 12.52
C31 PCW BB . 38.09 -9.59 -2.27
C32 PCW BB . 38.65 -8.89 -3.52
C33 PCW BB . 38.23 -7.36 -3.70
C34 PCW BB . 37.26 -7.12 -4.86
C35 PCW BB . 35.82 -7.55 -4.34
C36 PCW BB . 34.78 -6.44 -4.52
C37 PCW BB . 33.33 -6.79 -4.03
C38 PCW BB . 32.46 -5.59 -3.93
C39 PCW BB . 31.07 -5.92 -3.45
C40 PCW BB . 30.05 -5.09 -3.28
C41 PCW BB . 30.13 -3.59 -3.53
C42 PCW BB . 29.19 -2.87 -2.47
C43 PCW BB . 27.69 -2.86 -2.70
C44 PCW BB . 27.07 -2.10 -1.53
C45 PCW BB . 25.96 -2.82 -0.81
C46 PCW BB . 26.16 -2.90 0.67
C47 PCW BB . 24.91 -3.13 1.51
C48 PCW BB . 25.26 -3.19 3.01
N PCW BB . 40.67 -17.01 -0.87
O2 PCW BB . 39.00 -9.48 -1.30
O3 PCW BB . 38.79 -7.90 1.07
O11 PCW BB . 40.91 -7.07 1.01
O31 PCW BB . 36.96 -10.15 -2.17
O1P PCW BB . 39.67 -12.40 -2.51
O2P PCW BB . 41.89 -11.25 -2.32
O3P PCW BB . 40.53 -11.75 -0.21
O4P PCW BB . 41.69 -13.47 -1.45
P PCW BB . 40.93 -12.19 -1.71
C1 PCW CB . 8.40 -11.74 -34.16
C2 PCW CB . 8.12 -11.05 -32.78
C3 PCW CB . 6.58 -10.81 -32.59
C4 PCW CB . 7.26 -15.40 -32.13
C5 PCW CB . 7.65 -16.65 -31.35
C6 PCW CB . 6.16 -17.80 -29.65
C7 PCW CB . 6.47 -18.77 -31.88
C8 PCW CB . 7.74 -18.53 -30.55
C11 PCW CB . 5.91 -10.96 -30.30
C12 PCW CB . 5.72 -10.11 -29.08
C13 PCW CB . 4.24 -9.56 -29.07
C14 PCW CB . 3.90 -8.66 -27.87
C15 PCW CB . 2.43 -8.78 -27.35
C16 PCW CB . 2.20 -7.79 -26.15
C17 PCW CB . 1.44 -6.45 -26.47
C18 PCW CB . 0.73 -5.87 -25.25
C19 PCW CB . -0.42 -4.90 -25.63
C20 PCW CB . -0.30 -3.52 -25.50
C21 PCW CB . 0.81 -2.66 -25.04
C22 PCW CB . 1.55 -2.15 -26.30
C23 PCW CB . 1.75 -0.61 -26.45
C24 PCW CB . 3.10 -0.06 -26.11
C25 PCW CB . 3.25 1.10 -25.08
C26 PCW CB . 2.95 2.49 -25.58
C27 PCW CB . 4.15 3.46 -25.78
C28 PCW CB . 4.33 4.32 -24.55
C31 PCW CB . 9.81 -11.67 -31.25
C32 PCW CB . 10.14 -12.65 -30.12
C33 PCW CB . 11.67 -13.13 -30.04
C34 PCW CB . 12.39 -12.65 -28.78
C35 PCW CB . 13.21 -11.37 -29.22
C36 PCW CB . 12.71 -10.07 -28.55
C37 PCW CB . 13.47 -8.77 -28.95
C38 PCW CB . 12.90 -7.57 -28.26
C39 PCW CB . 13.61 -6.30 -28.63
C40 PCW CB . 13.22 -5.05 -28.37
C41 PCW CB . 11.94 -4.70 -27.63
C42 PCW CB . 11.00 -3.89 -28.64
C43 PCW CB . 9.98 -2.93 -28.06
C44 PCW CB . 9.23 -2.31 -29.23
C45 PCW CB . 8.91 -0.84 -29.09
C46 PCW CB . 9.75 0.04 -29.99
C47 PCW CB . 10.85 0.81 -29.32
C48 PCW CB . 11.61 1.68 -30.35
N PCW CB . 6.65 -17.62 -31.02
O2 PCW CB . 8.57 -11.93 -31.67
O3 PCW CB . 6.33 -10.18 -31.33
O11 PCW CB . 5.71 -12.14 -30.36
O31 PCW CB . 10.59 -10.79 -31.71
O1P PCW CB . 6.76 -13.89 -34.56
O2P PCW CB . 8.73 -15.14 -35.41
O3P PCW CB . 9.07 -13.01 -34.05
O4P PCW CB . 8.36 -15.10 -33.04
P PCW CB . 8.18 -14.31 -34.33
C1 PCW DB . 36.27 -11.62 -22.01
C2 PCW DB . 35.80 -10.80 -20.74
C3 PCW DB . 37.02 -10.05 -20.11
C4 PCW DB . 32.86 -14.83 -23.05
C5 PCW DB . 32.52 -15.18 -21.60
C6 PCW DB . 30.09 -14.41 -21.42
C7 PCW DB . 30.87 -16.39 -20.21
C8 PCW DB . 31.42 -14.64 -19.98
C11 PCW DB . 36.93 -9.77 -17.72
C12 PCW DB . 36.38 -8.83 -16.68
C13 PCW DB . 37.15 -7.47 -16.80
C14 PCW DB . 36.73 -6.38 -15.79
C15 PCW DB . 36.91 -4.91 -16.28
C16 PCW DB . 36.88 -3.92 -15.06
C17 PCW DB . 36.44 -2.45 -15.35
C18 PCW DB . 37.27 -1.40 -14.61
C19 PCW DB . 38.53 -0.97 -15.39
C20 PCW DB . 38.72 0.32 -15.83
C21 PCW DB . 37.90 1.56 -15.71
C22 PCW DB . 38.75 2.60 -14.94
C23 PCW DB . 38.06 3.35 -13.77
C24 PCW DB . 38.12 2.70 -12.43
C25 PCW DB . 38.59 3.50 -11.17
C26 PCW DB . 40.07 3.77 -11.06
C27 PCW DB . 40.97 2.68 -10.42
C28 PCW DB . 42.25 2.53 -11.21
C31 PCW DB . 33.59 -9.96 -20.61
C32 PCW DB . 32.68 -8.81 -21.09
C33 PCW DB . 32.01 -7.94 -19.94
C34 PCW DB . 32.93 -6.86 -19.37
C35 PCW DB . 32.00 -5.93 -18.48
C36 PCW DB . 32.63 -5.61 -17.11
C37 PCW DB . 31.76 -4.69 -16.18
C38 PCW DB . 32.60 -3.70 -15.44
C39 PCW DB . 31.78 -2.81 -14.53
C40 PCW DB . 31.71 -1.48 -14.56
C41 PCW DB . 32.46 -0.60 -15.55
C42 PCW DB . 32.87 0.74 -14.80
C43 PCW DB . 34.02 1.56 -15.35
C44 PCW DB . 34.18 2.77 -14.45
C45 PCW DB . 34.63 4.04 -15.16
C46 PCW DB . 34.12 5.29 -14.50
C47 PCW DB . 34.99 5.88 -13.42
C48 PCW DB . 34.35 7.16 -12.84
N PCW DB . 31.17 -15.41 -21.23
O2 PCW DB . 34.80 -9.77 -21.14
O3 PCW DB . 36.59 -9.30 -18.97
O11 PCW DB . 37.57 -10.76 -17.51
O31 PCW DB . 33.23 -10.90 -19.85
O1P PCW DB . 33.93 -12.22 -23.71
O2P PCW DB . 35.85 -13.55 -24.58
O3P PCW DB . 35.71 -12.95 -22.08
O4P PCW DB . 34.30 -14.63 -23.11
P PCW DB . 34.93 -13.30 -23.45
C1 PCW EB . -2.89 -22.40 -32.49
C2 PCW EB . -3.34 -20.90 -32.28
C3 PCW EB . -3.84 -20.30 -33.63
C4 PCW EB . -6.75 -24.41 -30.42
C5 PCW EB . -7.44 -25.74 -30.10
C6 PCW EB . -8.63 -27.13 -28.33
C7 PCW EB . -9.25 -24.78 -28.68
C8 PCW EB . -9.42 -26.19 -29.87
C11 PCW EB . -3.31 -17.95 -33.61
C12 PCW EB . -3.96 -16.61 -33.35
C13 PCW EB . -4.70 -16.17 -34.66
C14 PCW EB . -5.41 -14.82 -34.59
C15 PCW EB . -6.86 -14.78 -35.16
C16 PCW EB . -6.92 -13.94 -36.48
C17 PCW EB . -7.78 -12.64 -36.47
C18 PCW EB . -9.28 -12.89 -36.36
C19 PCW EB . -9.93 -12.18 -35.16
C20 PCW EB . -11.31 -12.09 -34.99
C21 PCW EB . -12.44 -12.60 -35.80
C22 PCW EB . -12.95 -13.89 -35.09
C23 PCW EB . -14.09 -13.73 -34.04
C24 PCW EB . -15.12 -14.81 -33.98
C25 PCW EB . -16.57 -14.56 -34.48
C26 PCW EB . -17.42 -13.62 -33.64
C27 PCW EB . -18.27 -14.22 -32.51
C28 PCW EB . -18.17 -13.37 -31.26
C31 PCW EB . -4.23 -20.07 -30.25
C32 PCW EB . -5.48 -20.10 -29.36
C33 PCW EB . -6.74 -19.28 -29.90
C34 PCW EB . -7.52 -20.01 -30.99
C35 PCW EB . -8.97 -20.22 -30.41
C36 PCW EB . -9.80 -21.23 -31.23
C37 PCW EB . -11.25 -21.48 -30.71
C38 PCW EB . -12.28 -20.91 -31.62
C39 PCW EB . -13.69 -21.15 -31.14
C40 PCW EB . -14.82 -20.72 -31.70
C41 PCW EB . -14.88 -19.90 -32.97
C42 PCW EB . -16.41 -19.64 -33.33
C43 PCW EB . -16.99 -18.27 -33.06
C44 PCW EB . -18.45 -18.32 -33.49
C45 PCW EB . -19.44 -18.58 -32.38
C46 PCW EB . -20.38 -17.44 -32.13
C47 PCW EB . -21.68 -17.45 -32.90
C48 PCW EB . -22.54 -16.23 -32.55
N PCW EB . -8.30 -25.84 -28.96
O2 PCW EB . -4.47 -20.83 -31.30
O3 PCW EB . -4.24 -18.93 -33.44
O11 PCW EB . -2.16 -18.12 -33.90
O31 PCW EB . -3.17 -19.42 -30.01
O1P PCW EB . -5.80 -22.94 -32.72
O2P PCW EB . -4.61 -25.07 -33.22
O3P PCW EB . -3.57 -23.35 -31.62
O4P PCW EB . -5.46 -24.75 -31.01
P PCW EB . -4.90 -24.02 -32.22
C1 PCW FB . 37.15 -3.09 -28.95
C2 PCW FB . 36.82 -1.76 -29.74
C3 PCW FB . 36.24 -0.68 -28.77
C4 PCW FB . 39.23 -7.26 -28.82
C5 PCW FB . 38.36 -8.35 -28.19
C6 PCW FB . 37.91 -10.69 -27.84
C7 PCW FB . 39.55 -9.66 -26.57
C8 PCW FB . 40.06 -10.08 -28.74
C11 PCW FB . 34.79 0.58 -30.23
C12 PCW FB . 34.70 1.92 -30.92
C13 PCW FB . 34.36 3.01 -29.83
C14 PCW FB . 34.22 4.44 -30.37
C15 PCW FB . 34.87 5.55 -29.49
C16 PCW FB . 33.95 6.81 -29.41
C17 PCW FB . 33.63 7.39 -27.99
C18 PCW FB . 32.14 7.34 -27.63
C19 PCW FB . 31.42 8.69 -27.89
C20 PCW FB . 30.04 8.78 -27.99
C21 PCW FB . 28.95 7.78 -27.91
C22 PCW FB . 27.85 8.38 -26.98
C23 PCW FB . 27.45 7.55 -25.73
C24 PCW FB . 26.73 8.30 -24.64
C25 PCW FB . 26.93 7.92 -23.15
C26 PCW FB . 25.68 7.57 -22.37
C27 PCW FB . 25.22 8.56 -21.27
C28 PCW FB . 23.72 8.64 -21.25
C31 PCW FB . 39.05 -0.87 -29.54
C32 PCW FB . 40.20 -0.30 -30.37
C33 PCW FB . 41.01 0.91 -29.68
C34 PCW FB . 41.88 1.69 -30.66
C35 PCW FB . 41.21 3.11 -30.78
C36 PCW FB . 41.75 4.12 -29.73
C37 PCW FB . 41.14 5.55 -29.78
C38 PCW FB . 39.72 5.57 -29.30
C39 PCW FB . 39.11 6.95 -29.34
C40 PCW FB . 38.40 7.53 -28.38
C41 PCW FB . 38.08 6.89 -27.05
C42 PCW FB . 38.86 7.70 -25.91
C43 PCW FB . 38.07 8.37 -24.82
C44 PCW FB . 39.06 9.06 -23.89
C45 PCW FB . 38.86 10.54 -23.71
C46 PCW FB . 37.66 10.89 -22.87
C47 PCW FB . 37.01 12.23 -23.15
C48 PCW FB . 35.80 12.46 -22.22
N PCW FB . 38.93 -9.63 -27.86
O2 PCW FB . 38.06 -1.19 -30.38
O3 PCW FB . 35.95 0.53 -29.51
O11 PCW FB . 33.98 -0.29 -30.31
O31 PCW FB . 39.05 -1.01 -28.28
O1P PCW FB . 40.41 -4.76 -29.74
O2P PCW FB . 39.52 -3.90 -27.59
O3P PCW FB . 38.00 -4.02 -29.67
O4P PCW FB . 38.66 -5.99 -28.40
P PCW FB . 39.22 -4.65 -28.82
C1 PCW GB . 38.01 -13.61 -9.26
C2 PCW GB . 39.14 -12.51 -9.27
C3 PCW GB . 40.40 -13.04 -8.51
C4 PCW GB . 40.81 -14.97 -11.81
C5 PCW GB . 41.56 -14.22 -12.91
C6 PCW GB . 43.99 -14.74 -12.36
C7 PCW GB . 43.25 -14.53 -14.69
C8 PCW GB . 43.27 -13.21 -13.39
C11 PCW GB . 42.55 -12.27 -9.27
C12 PCW GB . 43.48 -11.09 -9.13
C13 PCW GB . 42.98 -9.95 -10.09
C14 PCW GB . 43.83 -8.68 -10.07
C15 PCW GB . 43.11 -7.38 -10.51
C16 PCW GB . 42.62 -6.56 -9.26
C17 PCW GB . 41.78 -5.27 -9.52
C18 PCW GB . 40.78 -4.96 -8.42
C19 PCW GB . 40.78 -3.47 -8.00
C20 PCW GB . 40.59 -3.06 -6.68
C21 PCW GB . 40.37 -3.83 -5.42
C22 PCW GB . 39.44 -2.94 -4.53
C23 PCW GB . 38.07 -3.53 -4.11
C24 PCW GB . 37.15 -2.63 -3.35
C25 PCW GB . 36.95 -2.80 -1.82
C26 PCW GB . 35.70 -3.56 -1.38
C27 PCW GB . 35.84 -5.06 -1.09
C28 PCW GB . 34.83 -5.48 -0.05
C31 PCW GB . 39.02 -11.11 -11.19
C32 PCW GB . 39.52 -10.96 -12.63
C33 PCW GB . 40.44 -9.67 -12.91
C34 PCW GB . 39.64 -8.46 -13.39
C35 PCW GB . 40.60 -7.22 -13.15
C36 PCW GB . 39.97 -5.88 -13.63
C37 PCW GB . 40.86 -4.62 -13.44
C38 PCW GB . 40.16 -3.55 -12.65
C39 PCW GB . 41.02 -2.33 -12.45
C40 PCW GB . 40.61 -1.13 -12.02
C41 PCW GB . 39.18 -0.81 -11.65
C42 PCW GB . 39.04 -0.90 -10.06
C43 PCW GB . 38.07 0.05 -9.37
C44 PCW GB . 38.15 -0.24 -7.88
C45 PCW GB . 36.82 -0.52 -7.22
C46 PCW GB . 36.40 0.53 -6.24
C47 PCW GB . 35.42 1.57 -6.75
C48 PCW GB . 35.07 2.58 -5.64
N PCW GB . 42.86 -14.65 -13.31
O2 PCW GB . 39.55 -12.22 -10.68
O3 PCW GB . 41.43 -12.04 -8.52
O11 PCW GB . 42.75 -13.25 -9.93
O31 PCW GB . 38.25 -10.30 -10.59
O1P PCW GB . 38.90 -16.14 -9.98
O2P PCW GB . 37.45 -16.18 -12.01
O3P PCW GB . 37.60 -14.04 -10.58
O4P PCW GB . 39.40 -14.80 -12.04
P PCW GB . 38.33 -15.37 -11.14
C1 PCW HB . 20.24 -29.93 5.52
C2 PCW HB . 18.79 -29.76 6.13
C3 PCW HB . 18.70 -30.51 7.50
C4 PCW HB . 17.65 -31.03 2.92
C5 PCW HB . 16.31 -31.76 3.09
C6 PCW HB . 14.15 -32.65 2.08
C7 PCW HB . 15.95 -31.84 0.63
C8 PCW HB . 15.97 -33.29 1.77
C11 PCW HB . 17.16 -30.80 9.30
C12 PCW HB . 15.70 -30.59 9.66
C13 PCW HB . 15.56 -29.23 10.42
C14 PCW HB . 14.13 -28.87 10.85
C15 PCW HB . 13.86 -27.37 11.12
C16 PCW HB . 12.77 -27.18 12.23
C17 PCW HB . 13.03 -26.08 13.31
C18 PCW HB . 12.26 -26.30 14.61
C19 PCW HB . 13.05 -25.84 15.85
C20 PCW HB . 12.80 -24.63 16.48
C21 PCW HB . 11.81 -23.55 16.21
C22 PCW HB . 10.61 -23.80 17.17
C23 PCW HB . 10.42 -22.83 18.36
C24 PCW HB . 9.64 -21.58 18.10
C25 PCW HB . 8.08 -21.60 18.12
C26 PCW HB . 7.41 -21.19 19.42
C27 PCW HB . 7.28 -22.25 20.52
C28 PCW HB . 5.98 -22.06 21.27
C31 PCW HB . 17.99 -27.67 5.35
C32 PCW HB . 17.78 -26.21 5.77
C33 PCW HB . 16.30 -25.63 5.50
C34 PCW HB . 15.38 -25.75 6.71
C35 PCW HB . 14.03 -26.38 6.16
C36 PCW HB . 13.11 -25.34 5.49
C37 PCW HB . 11.77 -25.91 4.91
C38 PCW HB . 10.93 -24.83 4.31
C39 PCW HB . 9.63 -25.36 3.75
C40 PCW HB . 8.44 -25.36 4.35
C41 PCW HB . 8.21 -24.82 5.75
C42 PCW HB . 6.72 -24.27 5.82
C43 PCW HB . 6.29 -23.50 7.05
C44 PCW HB . 4.83 -23.10 6.85
C45 PCW HB . 4.59 -21.62 6.63
C46 PCW HB . 3.97 -20.93 7.81
C47 PCW HB . 2.91 -19.90 7.49
C48 PCW HB . 2.36 -19.27 8.78
N PCW HB . 15.43 -31.92 1.98
O2 PCW HB . 18.53 -28.31 6.39
O3 PCW HB . 17.38 -30.36 8.04
O11 PCW HB . 17.97 -31.31 10.03
O31 PCW HB . 17.70 -28.17 4.23
O1P PCW HB . 20.46 -30.34 2.70
O2P PCW HB . 20.78 -32.79 3.00
O3P PCW HB . 20.51 -31.26 5.05
O4P PCW HB . 18.65 -31.85 3.58
P PCW HB . 20.14 -31.56 3.51
C1 PCW IB . 2.35 -11.59 -40.94
C2 PCW IB . 2.34 -10.01 -40.93
C3 PCW IB . 1.08 -9.49 -40.13
C4 PCW IB . 6.51 -13.81 -42.39
C5 PCW IB . 7.56 -14.40 -41.45
C6 PCW IB . 9.41 -16.15 -41.51
C7 PCW IB . 9.69 -13.99 -42.64
C8 PCW IB . 9.50 -14.30 -40.83
C11 PCW IB . 0.04 -7.41 -40.76
C12 PCW IB . 0.22 -5.93 -40.64
C13 PCW IB . -1.02 -5.34 -39.88
C14 PCW IB . -0.99 -3.81 -39.68
C15 PCW IB . -2.00 -3.25 -38.65
C16 PCW IB . -1.96 -1.68 -38.62
C17 PCW IB . -2.86 -0.94 -37.58
C18 PCW IB . -3.00 0.56 -37.85
C19 PCW IB . -4.04 1.26 -36.94
C20 PCW IB . -4.25 2.63 -36.95
C21 PCW IB . -3.61 3.73 -37.72
C22 PCW IB . -4.77 4.55 -38.36
C23 PCW IB . -4.44 5.33 -39.66
C24 PCW IB . -5.58 6.04 -40.33
C25 PCW IB . -5.91 5.79 -41.83
C26 PCW IB . -5.08 6.55 -42.85
C27 PCW IB . -5.83 7.39 -43.91
C28 PCW IB . -5.76 8.87 -43.57
C31 PCW IB . 4.14 -8.49 -40.90
C32 PCW IB . 5.36 -8.05 -40.07
C33 PCW IB . 5.09 -6.85 -39.04
C34 PCW IB . 6.25 -6.63 -38.06
C35 PCW IB . 5.79 -7.34 -36.72
C36 PCW IB . 4.79 -6.51 -35.90
C37 PCW IB . 4.31 -7.15 -34.57
C38 PCW IB . 3.86 -6.13 -33.58
C39 PCW IB . 3.40 -6.73 -32.28
C40 PCW IB . 2.32 -6.39 -31.58
C41 PCW IB . 1.35 -5.29 -31.99
C42 PCW IB . 1.61 -4.02 -31.05
C43 PCW IB . 2.07 -2.73 -31.70
C44 PCW IB . 2.22 -1.71 -30.57
C45 PCW IB . 2.15 -0.27 -31.01
C46 PCW IB . 1.39 0.61 -30.05
C47 PCW IB . 1.76 2.08 -30.05
C48 PCW IB . 0.92 2.86 -29.03
N PCW IB . 8.78 -14.90 -42.00
O2 PCW IB . 3.55 -9.48 -40.24
O3 PCW IB . 1.07 -8.05 -40.13
O11 PCW IB . -0.87 -7.95 -41.32
O31 PCW IB . 3.79 -7.99 -42.00
O1P PCW IB . 5.71 -11.35 -41.09
O2P PCW IB . 4.53 -12.90 -39.53
O3P PCW IB . 3.41 -12.16 -41.73
O4P PCW IB . 5.25 -13.75 -41.64
P PCW IB . 4.77 -12.51 -40.94
C1 PCW JB . 20.34 -6.64 -40.26
C2 PCW JB . 20.75 -5.12 -40.09
C3 PCW JB . 21.24 -4.54 -41.47
C4 PCW JB . 23.65 -8.65 -41.12
C5 PCW JB . 24.21 -7.23 -41.07
C6 PCW JB . 26.02 -7.78 -39.36
C7 PCW JB . 26.12 -5.70 -40.65
C8 PCW JB . 24.85 -6.20 -39.42
C11 PCW JB . 22.93 -2.86 -41.20
C12 PCW JB . 23.10 -1.37 -41.07
C13 PCW JB . 24.21 -1.09 -39.99
C14 PCW JB . 24.51 0.38 -39.72
C15 PCW JB . 23.91 0.98 -38.41
C16 PCW JB . 23.67 2.52 -38.57
C17 PCW JB . 23.71 3.39 -37.27
C18 PCW JB . 24.82 4.45 -37.28
C19 PCW JB . 24.32 5.83 -37.80
C20 PCW JB . 24.24 6.94 -36.97
C21 PCW JB . 24.53 7.16 -35.54
C22 PCW JB . 23.17 7.47 -34.83
C23 PCW JB . 22.42 6.28 -34.18
C24 PCW JB . 20.97 6.13 -34.54
C25 PCW JB . 20.08 5.08 -33.82
C26 PCW JB . 19.41 5.54 -32.52
C27 PCW JB . 19.59 4.66 -31.27
C28 PCW JB . 20.66 5.25 -30.38
C31 PCW JB . 19.15 -4.55 -38.42
C32 PCW JB . 17.94 -3.65 -38.14
C33 PCW JB . 16.68 -3.86 -39.10
C34 PCW JB . 16.28 -2.61 -39.88
C35 PCW JB . 15.84 -1.54 -38.79
C36 PCW JB . 14.96 -0.41 -39.38
C37 PCW JB . 14.48 0.66 -38.36
C38 PCW JB . 13.00 0.71 -38.24
C39 PCW JB . 12.52 1.74 -37.26
C40 PCW JB . 11.67 2.75 -37.49
C41 PCW JB . 11.02 3.02 -38.85
C42 PCW JB . 11.37 4.51 -39.28
C43 PCW JB . 12.15 4.73 -40.56
C44 PCW JB . 12.33 6.23 -40.72
C45 PCW JB . 13.73 6.68 -41.05
C46 PCW JB . 14.13 7.97 -40.41
C47 PCW JB . 15.54 8.46 -40.69
C48 PCW JB . 15.81 9.80 -39.98
N PCW JB . 25.50 -7.00 -40.51
O2 PCW JB . 19.58 -4.31 -39.67
O3 PCW JB . 21.61 -3.16 -41.31
O11 PCW JB . 23.82 -3.66 -41.21
O31 PCW JB . 19.65 -5.39 -37.61
O1P PCW JB . 22.35 -9.43 -38.62
O2P PCW JB . 20.39 -9.86 -40.11
O3P PCW JB . 20.86 -7.50 -39.22
O4P PCW JB . 22.20 -8.53 -40.97
P PCW JB . 21.45 -8.91 -39.71
C1 PCW KB . 3.18 -13.88 -30.32
C2 PCW KB . 2.08 -12.74 -30.29
C3 PCW KB . 2.18 -11.86 -31.58
C4 PCW KB . 3.81 -14.40 -33.75
C5 PCW KB . 3.64 -15.14 -35.07
C6 PCW KB . 2.75 -14.03 -37.18
C7 PCW KB . 5.12 -14.62 -37.00
C8 PCW KB . 3.67 -15.76 -37.03
C11 PCW KB . 0.19 -10.89 -32.48
C12 PCW KB . -0.75 -9.73 -32.29
C13 PCW KB . -2.05 -10.25 -31.57
C14 PCW KB . -3.11 -9.18 -31.29
C15 PCW KB . -4.42 -9.30 -32.12
C16 PCW KB . -5.68 -9.12 -31.20
C17 PCW KB . -6.07 -7.65 -30.82
C18 PCW KB . -7.56 -7.37 -30.90
C19 PCW KB . -8.21 -7.13 -29.52
C20 PCW KB . -9.09 -6.09 -29.29
C21 PCW KB . -9.66 -5.03 -30.16
C22 PCW KB . -10.98 -4.55 -29.49
C23 PCW KB . -10.85 -3.53 -28.33
C24 PCW KB . -11.50 -3.89 -27.03
C25 PCW KB . -10.71 -4.64 -25.92
C26 PCW KB . -10.23 -3.80 -24.75
C27 PCW KB . -8.97 -2.92 -24.96
C28 PCW KB . -7.74 -3.72 -24.64
C31 PCW KB . 0.18 -13.44 -29.04
C32 PCW KB . -1.21 -14.08 -29.18
C33 PCW KB . -1.83 -14.64 -27.82
C34 PCW KB . -1.25 -15.98 -27.38
C35 PCW KB . -1.99 -16.34 -26.02
C36 PCW KB . -1.04 -16.36 -24.82
C37 PCW KB . -1.69 -16.73 -23.44
C38 PCW KB . -2.42 -15.57 -22.84
C39 PCW KB . -3.07 -15.90 -21.52
C40 PCW KB . -3.40 -15.04 -20.55
C41 PCW KB . -3.17 -13.54 -20.63
C42 PCW KB . -2.12 -13.14 -19.49
C43 PCW KB . -2.58 -13.06 -18.06
C44 PCW KB . -1.38 -12.68 -17.22
C45 PCW KB . -1.59 -11.53 -16.27
C46 PCW KB . -1.50 -11.91 -14.82
C47 PCW KB . -2.47 -11.23 -13.88
C48 PCW KB . -2.27 -11.71 -12.44
N PCW KB . 3.86 -14.46 -36.31
O2 PCW KB . 0.72 -13.35 -30.27
O3 PCW KB . 1.18 -10.84 -31.55
O11 PCW KB . 0.07 -11.73 -33.34
O31 PCW KB . 0.72 -13.06 -27.97
O1P PCW KB . 4.32 -16.51 -31.81
O2P PCW KB . 1.91 -16.98 -32.14
O3P PCW KB . 2.65 -15.21 -30.45
O4P PCW KB . 2.74 -14.86 -32.87
P PCW KB . 2.92 -15.96 -31.84
C1 PCW LB . 14.78 -7.58 -42.77
C2 PCW LB . 13.98 -7.06 -41.51
C3 PCW LB . 13.38 -5.64 -41.80
C4 PCW LB . 17.05 -8.71 -40.05
C5 PCW LB . 17.49 -8.26 -38.65
C6 PCW LB . 16.74 -8.52 -36.23
C7 PCW LB . 17.82 -10.37 -37.42
C8 PCW LB . 18.55 -8.73 -36.97
C11 PCW LB . 12.45 -3.84 -40.54
C12 PCW LB . 11.68 -3.56 -39.27
C13 PCW LB . 10.59 -2.47 -39.58
C14 PCW LB . 9.72 -2.07 -38.39
C15 PCW LB . 9.09 -0.65 -38.45
C16 PCW LB . 7.74 -0.68 -39.26
C17 PCW LB . 6.92 0.66 -39.33
C18 PCW LB . 7.71 1.81 -39.95
C19 PCW LB . 6.81 2.80 -40.72
C20 PCW LB . 6.48 4.06 -40.21
C21 PCW LB . 6.82 4.73 -38.93
C22 PCW LB . 5.66 5.72 -38.62
C23 PCW LB . 4.96 5.59 -37.25
C24 PCW LB . 5.10 6.74 -36.29
C25 PCW LB . 3.95 7.12 -35.32
C26 PCW LB . 4.17 6.77 -33.86
C27 PCW LB . 4.48 7.93 -32.89
C28 PCW LB . 4.35 7.46 -31.45
C31 PCW LB . 12.99 -8.71 -40.13
C32 PCW LB . 11.73 -9.59 -39.98
C33 PCW LB . 10.35 -8.80 -39.77
C34 PCW LB . 9.12 -9.69 -39.96
C35 PCW LB . 8.52 -9.89 -38.50
C36 PCW LB . 7.40 -10.95 -38.46
C37 PCW LB . 6.77 -11.20 -37.06
C38 PCW LB . 5.31 -10.89 -37.03
C39 PCW LB . 4.68 -11.13 -35.67
C40 PCW LB . 3.40 -11.03 -35.35
C41 PCW LB . 2.31 -10.65 -36.33
C42 PCW LB . 1.64 -9.28 -35.82
C43 PCW LB . 0.32 -8.87 -36.43
C44 PCW LB . -0.08 -7.55 -35.77
C45 PCW LB . 0.32 -6.30 -36.53
C46 PCW LB . 0.14 -5.04 -35.74
C47 PCW LB . 1.06 -3.89 -36.10
C48 PCW LB . 0.78 -2.66 -35.22
N PCW LB . 17.20 -9.07 -37.52
O2 PCW LB . 12.84 -7.98 -41.24
O3 PCW LB . 12.66 -5.18 -40.65
O11 PCW LB . 12.83 -3.01 -41.32
O31 PCW LB . 13.97 -8.68 -39.34
O1P PCW LB . 17.31 -9.09 -42.92
O2P PCW LB . 18.61 -6.97 -42.79
O3P PCW LB . 16.05 -6.90 -42.97
O4P PCW LB . 17.21 -7.56 -40.92
P PCW LB . 17.36 -7.68 -42.44
C1 PCW MB . -6.82 -22.40 -26.78
C2 PCW MB . -7.12 -21.50 -25.52
C3 PCW MB . -6.97 -19.98 -25.89
C4 PCW MB . -5.61 -25.57 -24.59
C5 PCW MB . -4.73 -25.89 -23.39
C6 PCW MB . -4.83 -26.73 -20.97
C7 PCW MB . -5.60 -28.15 -22.82
C8 PCW MB . -3.89 -27.52 -22.50
C11 PCW MB . -6.22 -18.41 -24.25
C12 PCW MB . -6.70 -17.64 -23.05
C13 PCW MB . -6.81 -16.13 -23.46
C14 PCW MB . -7.29 -15.19 -22.35
C15 PCW MB . -8.61 -14.42 -22.63
C16 PCW MB . -8.31 -12.92 -22.98
C17 PCW MB . -9.07 -12.31 -24.21
C18 PCW MB . -9.32 -10.81 -24.07
C19 PCW MB . -8.33 -9.94 -24.87
C20 PCW MB . -7.97 -8.66 -24.47
C21 PCW MB . -8.36 -7.82 -23.31
C22 PCW MB . -7.13 -7.77 -22.35
C23 PCW MB . -6.28 -6.47 -22.34
C24 PCW MB . -6.29 -5.67 -21.08
C25 PCW MB . -4.97 -5.04 -20.52
C26 PCW MB . -4.48 -3.78 -21.21
C27 PCW MB . -3.56 -3.96 -22.44
C28 PCW MB . -3.61 -2.70 -23.29
C31 PCW MB . -8.68 -22.73 -24.22
C32 PCW MB . -10.18 -22.81 -23.84
C33 PCW MB . -10.53 -22.37 -22.35
C34 PCW MB . -11.80 -23.03 -21.81
C35 PCW MB . -13.00 -22.24 -22.47
C36 PCW MB . -13.62 -21.19 -21.53
C37 PCW MB . -14.82 -20.38 -22.12
C38 PCW MB . -14.52 -18.90 -22.20
C39 PCW MB . -15.66 -18.12 -22.78
C40 PCW MB . -16.14 -16.96 -22.34
C41 PCW MB . -15.60 -16.22 -21.13
C42 PCW MB . -14.71 -15.00 -21.65
C43 PCW MB . -13.39 -14.71 -20.95
C44 PCW MB . -12.78 -13.51 -21.66
C45 PCW MB . -12.52 -12.31 -20.78
C46 PCW MB . -11.11 -12.24 -20.24
C47 PCW MB . -10.93 -12.52 -18.76
C48 PCW MB . -9.45 -12.41 -18.37
N PCW MB . -5.19 -26.82 -22.40
O2 PCW MB . -8.52 -21.70 -25.06
O3 PCW MB . -7.24 -19.17 -24.74
O11 PCW MB . -5.11 -18.37 -24.70
O31 PCW MB . -7.77 -23.50 -23.79
O1P PCW MB . -6.51 -25.09 -27.32
O2P PCW MB . -4.06 -24.81 -27.74
O3P PCW MB . -5.46 -22.83 -26.88
O4P PCW MB . -4.82 -24.72 -25.47
P PCW MB . -5.22 -24.42 -26.91
C1 PCW NB . 6.03 -22.38 -22.93
C2 PCW NB . 5.08 -21.35 -22.18
C3 PCW NB . 5.83 -20.00 -21.97
C4 PCW NB . 3.29 -24.35 -26.21
C5 PCW NB . 1.82 -24.23 -25.86
C6 PCW NB . -0.41 -23.07 -26.31
C7 PCW NB . 1.04 -23.74 -28.17
C8 PCW NB . 0.19 -24.83 -26.94
C11 PCW NB . 4.84 -17.82 -21.81
C12 PCW NB . 3.90 -17.01 -20.95
C13 PCW NB . 2.82 -16.36 -21.89
C14 PCW NB . 1.78 -15.51 -21.17
C15 PCW NB . 2.28 -14.12 -20.66
C16 PCW NB . 1.61 -13.75 -19.29
C17 PCW NB . 2.55 -13.52 -18.06
C18 PCW NB . 3.28 -12.17 -18.10
C19 PCW NB . 2.32 -10.97 -17.89
C20 PCW NB . 2.06 -10.43 -16.64
C21 PCW NB . 2.53 -10.77 -15.27
C22 PCW NB . 3.05 -9.45 -14.64
C23 PCW NB . 1.99 -8.42 -14.15
C24 PCW NB . 1.40 -8.65 -12.80
C25 PCW NB . 0.24 -7.76 -12.25
C26 PCW NB . 0.57 -6.85 -11.10
C27 PCW NB . 1.35 -5.54 -11.39
C28 PCW NB . 0.39 -4.48 -11.88
C31 PCW NB . 2.78 -21.66 -22.59
C32 PCW NB . 1.63 -21.27 -23.54
C33 PCW NB . 0.52 -20.30 -22.93
C34 PCW NB . -0.27 -20.92 -21.77
C35 PCW NB . -0.90 -19.70 -20.98
C36 PCW NB . 0.08 -19.08 -19.97
C37 PCW NB . -0.47 -17.88 -19.15
C38 PCW NB . -0.09 -17.96 -17.70
C39 PCW NB . -0.63 -16.81 -16.89
C40 PCW NB . -0.60 -16.68 -15.58
C41 PCW NB . 0.00 -17.70 -14.63
C42 PCW NB . 0.96 -16.94 -13.61
C43 PCW NB . 0.49 -16.74 -12.19
C44 PCW NB . 1.60 -15.99 -11.46
C45 PCW NB . 1.30 -14.54 -11.16
C46 PCW NB . 2.52 -13.72 -10.89
C47 PCW NB . 2.82 -12.62 -11.88
C48 PCW NB . 4.09 -11.85 -11.50
N PCW NB . 0.93 -23.55 -26.74
O2 PCW NB . 3.89 -21.07 -23.01
O3 PCW NB . 4.97 -19.08 -21.29
O11 PCW NB . 5.40 -17.42 -22.79
O31 PCW NB . 2.67 -22.44 -21.60
O1P PCW NB . 6.36 -23.78 -26.46
O2P PCW NB . 4.98 -22.31 -26.14
O3P PCW NB . 6.11 -22.18 -24.36
O4P PCW NB . 4.04 -23.66 -25.17
P PCW NB . 5.52 -23.37 -25.27
C1 PCW OB . 39.74 -4.98 -23.69
C2 PCW OB . 39.10 -3.75 -22.91
C3 PCW OB . 39.74 -3.63 -21.49
C4 PCW OB . 42.46 -7.66 -24.01
C5 PCW OB . 43.82 -7.86 -23.36
C6 PCW OB . 43.78 -7.39 -20.85
C7 PCW OB . 44.60 -9.54 -21.70
C8 PCW OB . 45.32 -7.86 -21.97
C11 PCW OB . 38.81 -2.68 -19.50
C12 PCW OB . 38.21 -1.40 -18.97
C13 PCW OB . 36.67 -1.44 -19.26
C14 PCW OB . 35.90 -0.20 -18.79
C15 PCW OB . 35.29 0.68 -19.93
C16 PCW OB . 36.33 1.00 -21.05
C17 PCW OB . 37.54 1.93 -20.68
C18 PCW OB . 38.88 1.46 -21.24
C19 PCW OB . 40.10 1.95 -20.43
C20 PCW OB . 40.63 3.22 -20.60
C21 PCW OB . 40.27 4.34 -21.49
C22 PCW OB . 41.05 5.59 -21.01
C23 PCW OB . 40.28 6.92 -20.86
C24 PCW OB . 41.04 8.09 -20.32
C25 PCW OB . 40.42 9.00 -19.20
C26 PCW OB . 39.44 10.05 -19.66
C27 PCW OB . 38.31 10.46 -18.70
C28 PCW OB . 37.94 11.91 -18.93
C31 PCW OB . 38.32 -1.73 -23.86
C32 PCW OB . 38.78 -0.47 -24.61
C33 PCW OB . 37.61 0.45 -25.17
C34 PCW OB . 38.10 1.60 -26.06
C35 PCW OB . 38.29 2.84 -25.09
C36 PCW OB . 36.96 3.56 -24.78
C37 PCW OB . 37.08 4.79 -23.83
C38 PCW OB . 35.92 4.90 -22.89
C39 PCW OB . 36.02 6.08 -21.97
C40 PCW OB . 35.91 6.08 -20.63
C41 PCW OB . 35.66 4.84 -19.80
C42 PCW OB . 34.46 5.14 -18.79
C43 PCW OB . 33.07 4.64 -19.16
C44 PCW OB . 32.13 5.07 -18.04
C45 PCW OB . 31.25 3.98 -17.48
C46 PCW OB . 30.26 4.48 -16.46
C47 PCW OB . 30.26 3.77 -15.13
C48 PCW OB . 29.22 4.37 -14.18
N PCW OB . 43.90 -8.31 -22.00
O2 PCW OB . 39.40 -2.49 -23.64
O3 PCW OB . 39.16 -2.51 -20.79
O11 PCW OB . 38.94 -3.70 -18.86
O31 PCW OB . 37.14 -1.99 -23.50
O1P PCW OB . 40.28 -6.84 -25.76
O2P PCW OB . 42.03 -5.37 -26.75
O3P PCW OB . 40.73 -4.61 -24.67
O4P PCW OB . 42.45 -6.33 -24.59
P PCW OB . 41.36 -5.82 -25.51
C1 PCW PB . -0.03 -43.64 9.66
C2 PCW PB . 0.56 -42.66 10.74
C3 PCW PB . 1.98 -42.14 10.31
C4 PCW PB . -2.04 -44.42 13.15
C5 PCW PB . -1.05 -44.71 14.28
C6 PCW PB . -1.54 -44.95 16.63
C7 PCW PB . -2.10 -42.96 15.54
C8 PCW PB . 0.10 -43.32 15.96
C11 PCW PB . 3.41 -41.73 12.19
C12 PCW PB . 3.79 -40.64 13.16
C13 PCW PB . 2.93 -40.85 14.47
C14 PCW PB . 3.19 -39.83 15.59
C15 PCW PB . 1.94 -39.40 16.39
C16 PCW PB . 2.28 -39.27 17.92
C17 PCW PB . 2.79 -37.88 18.42
C18 PCW PB . 1.88 -37.22 19.45
C19 PCW PB . 1.87 -37.96 20.82
C20 PCW PB . 2.71 -37.60 21.85
C21 PCW PB . 3.73 -36.54 22.00
C22 PCW PB . 3.08 -35.39 22.83
C23 PCW PB . 3.94 -34.73 23.93
C24 PCW PB . 3.45 -33.43 24.48
C25 PCW PB . 4.40 -32.50 25.32
C26 PCW PB . 3.72 -31.39 26.10
C27 PCW PB . 4.52 -30.74 27.26
C28 PCW PB . 3.82 -31.01 28.56
C31 PCW PB . -0.64 -41.16 12.13
C32 PCW PB . -1.56 -39.92 12.10
C33 PCW PB . -0.80 -38.51 11.94
C34 PCW PB . -1.76 -37.32 11.90
C35 PCW PB . -1.87 -36.83 13.41
C36 PCW PB . -2.64 -35.49 13.54
C37 PCW PB . -2.77 -34.95 15.00
C38 PCW PB . -1.48 -34.42 15.52
C39 PCW PB . -1.59 -33.89 16.93
C40 PCW PB . -1.49 -32.62 17.30
C41 PCW PB . -1.27 -31.46 16.34
C42 PCW PB . -1.68 -30.11 17.08
C43 PCW PB . -1.14 -28.80 16.56
C44 PCW PB . -1.69 -27.70 17.45
C45 PCW PB . -0.66 -26.94 18.25
C46 PCW PB . -0.91 -26.96 19.73
C47 PCW PB . -0.22 -28.07 20.50
C48 PCW PB . -0.55 -27.98 22.01
N PCW PB . -1.14 -44.03 15.54
O2 PCW PB . -0.33 -41.47 10.87
O3 PCW PB . 2.48 -41.25 11.32
O11 PCW PB . 3.87 -42.84 12.18
O31 PCW PB . -0.24 -41.75 13.18
O1P PCW PB . -3.57 -44.73 10.66
O2P PCW PB . -1.70 -46.28 10.08
O3P PCW PB . -1.46 -43.74 9.68
O4P PCW PB . -1.37 -44.76 11.91
P PCW PB . -2.08 -44.94 10.58
C1 PCW QB . 5.54 -35.04 -1.04
C2 PCW QB . 4.71 -33.77 -1.49
C3 PCW QB . 4.10 -34.01 -2.91
C4 PCW QB . 2.28 -38.28 -0.40
C5 PCW QB . 1.18 -38.44 0.63
C6 PCW QB . -0.45 -36.94 -0.34
C7 PCW QB . -1.10 -38.38 1.37
C8 PCW QB . -0.74 -39.31 -0.67
C11 PCW QB . 2.03 -33.01 -3.61
C12 PCW QB . 1.42 -31.67 -3.96
C13 PCW QB . 1.63 -31.43 -5.50
C14 PCW QB . 1.07 -30.10 -6.02
C15 PCW QB . -0.42 -30.15 -6.49
C16 PCW QB . -1.35 -29.47 -5.41
C17 PCW QB . -2.56 -30.32 -4.87
C18 PCW QB . -3.84 -29.51 -4.69
C19 PCW QB . -4.65 -29.94 -3.44
C20 PCW QB . -5.37 -29.04 -2.67
C21 PCW QB . -5.55 -27.56 -2.75
C22 PCW QB . -6.64 -27.18 -1.71
C23 PCW QB . -8.00 -26.66 -2.25
C24 PCW QB . -8.30 -25.21 -2.04
C25 PCW QB . -7.76 -24.13 -3.02
C26 PCW QB . -8.19 -24.24 -4.47
C27 PCW QB . -7.10 -24.55 -5.52
C28 PCW QB . -7.73 -24.98 -6.82
C31 PCW QB . 3.74 -32.50 0.27
C32 PCW QB . 2.50 -32.40 1.16
C33 PCW QB . 1.33 -31.46 0.60
C34 PCW QB . 0.32 -32.21 -0.25
C35 PCW QB . -0.96 -31.26 -0.30
C36 PCW QB . -2.21 -31.93 0.31
C37 PCW QB . -3.50 -31.06 0.29
C38 PCW QB . -3.73 -30.38 1.61
C39 PCW QB . -4.97 -29.52 1.62
C40 PCW QB . -5.06 -28.23 1.94
C41 PCW QB . -3.88 -27.38 2.35
C42 PCW QB . -3.40 -26.54 1.09
C43 PCW QB . -3.62 -25.04 1.10
C44 PCW QB . -3.07 -24.50 -0.22
C45 PCW QB . -4.12 -24.03 -1.21
C46 PCW QB . -4.91 -22.85 -0.73
C47 PCW QB . -5.15 -21.76 -1.75
C48 PCW QB . -5.98 -20.61 -1.14
N PCW QB . -0.21 -38.27 0.26
O2 PCW QB . 3.57 -33.56 -0.54
O3 PCW QB . 3.34 -32.84 -3.29
O11 PCW QB . 1.44 -34.05 -3.62
O31 PCW QB . 4.73 -31.72 0.28
O1P PCW QB . 4.70 -37.59 -1.88
O2P PCW QB . 5.82 -38.21 0.26
O3P PCW QB . 4.87 -35.85 -0.05
O4P PCW QB . 3.46 -37.80 0.31
P PCW QB . 4.75 -37.43 -0.38
C1 PCW RB . 0.13 -29.19 -17.25
C2 PCW RB . 0.34 -28.10 -16.14
C3 PCW RB . 1.23 -26.94 -16.69
C4 PCW RB . -2.34 -31.97 -15.01
C5 PCW RB . -1.64 -32.55 -13.79
C6 PCW RB . -2.04 -32.53 -11.26
C7 PCW RB . -3.24 -34.09 -12.70
C8 PCW RB . -1.42 -34.02 -12.39
C11 PCW RB . 2.42 -26.12 -14.78
C12 PCW RB . 2.44 -24.96 -13.81
C13 PCW RB . 2.96 -23.69 -14.58
C14 PCW RB . 3.04 -22.41 -13.74
C15 PCW RB . 2.09 -21.26 -14.16
C16 PCW RB . 2.79 -20.30 -15.20
C17 PCW RB . 2.55 -20.57 -16.72
C18 PCW RB . 3.22 -19.55 -17.63
C19 PCW RB . 4.61 -19.99 -18.11
C20 PCW RB . 5.73 -19.20 -17.98
C21 PCW RB . 5.93 -17.84 -17.41
C22 PCW RB . 6.22 -18.03 -15.89
C23 PCW RB . 6.53 -16.76 -15.06
C24 PCW RB . 5.45 -15.72 -14.97
C25 PCW RB . 5.65 -14.43 -14.13
C26 PCW RB . 6.00 -13.16 -14.90
C27 PCW RB . 7.41 -12.57 -14.71
C28 PCW RB . 8.12 -12.51 -16.03
C31 PCW RB . -1.52 -28.03 -14.69
C32 PCW RB . -2.86 -27.31 -14.42
C33 PCW RB . -3.04 -26.74 -12.93
C34 PCW RB . -4.47 -26.28 -12.63
C35 PCW RB . -4.38 -24.71 -12.39
C36 PCW RB . -4.43 -24.35 -10.89
C37 PCW RB . -4.34 -22.82 -10.57
C38 PCW RB . -4.39 -22.57 -9.09
C39 PCW RB . -4.30 -21.11 -8.75
C40 PCW RB . -5.16 -20.40 -8.00
C41 PCW RB . -6.39 -21.00 -7.34
C42 PCW RB . -6.98 -19.90 -6.34
C43 PCW RB . -7.62 -20.37 -5.04
C44 PCW RB . -8.08 -19.13 -4.30
C45 PCW RB . -9.33 -19.31 -3.48
C46 PCW RB . -9.49 -18.29 -2.40
C47 PCW RB . -10.89 -17.72 -2.20
C48 PCW RB . -10.92 -16.70 -1.06
N PCW RB . -2.41 -32.92 -12.63
O2 PCW RB . -0.97 -27.50 -15.77
O3 PCW RB . 1.42 -25.94 -15.68
O11 PCW RB . 3.19 -27.04 -14.76
O31 PCW RB . -1.05 -28.98 -13.99
O1P PCW RB . -2.98 -31.37 -17.79
O2P PCW RB . -0.58 -31.96 -18.15
O3P PCW RB . -1.25 -29.58 -17.43
O4P PCW RB . -1.31 -31.49 -15.91
P PCW RB . -1.55 -31.16 -17.37
C1 PCW SB . 26.79 -15.11 -16.38
C2 PCW SB . 26.34 -13.68 -16.89
C3 PCW SB . 26.13 -12.72 -15.68
C4 PCW SB . 27.47 -19.06 -18.31
C5 PCW SB . 28.58 -20.12 -18.42
C6 PCW SB . 30.11 -21.73 -17.19
C7 PCW SB . 27.75 -21.54 -16.57
C8 PCW SB . 28.46 -22.15 -18.17
C11 PCW SB . 24.75 -10.76 -15.46
C12 PCW SB . 24.47 -9.44 -16.12
C13 PCW SB . 25.54 -8.40 -15.64
C14 PCW SB . 25.40 -7.00 -16.23
C15 PCW SB . 26.09 -5.85 -15.44
C16 PCW SB . 25.41 -4.46 -15.74
C17 PCW SB . 24.00 -4.21 -15.10
C18 PCW SB . 24.01 -3.11 -14.04
C19 PCW SB . 23.71 -1.70 -14.61
C20 PCW SB . 22.54 -1.02 -14.32
C21 PCW SB . 21.35 -1.37 -13.49
C22 PCW SB . 21.34 -0.39 -12.29
C23 PCW SB . 20.12 0.57 -12.15
C24 PCW SB . 20.38 1.90 -11.50
C25 PCW SB . 20.41 3.20 -12.35
C26 PCW SB . 19.21 4.12 -12.23
C27 PCW SB . 19.13 5.32 -13.20
C28 PCW SB . 17.81 6.04 -13.02
C31 PCW SB . 26.97 -12.57 -18.90
C32 PCW SB . 28.17 -12.00 -19.66
C33 PCW SB . 28.76 -10.62 -19.08
C34 PCW SB . 30.03 -10.81 -18.26
C35 PCW SB . 29.80 -9.96 -16.94
C36 PCW SB . 31.11 -9.33 -16.40
C37 PCW SB . 30.95 -8.48 -15.10
C38 PCW SB . 32.15 -8.58 -14.21
C39 PCW SB . 32.02 -7.76 -12.95
C40 PCW SB . 32.96 -7.54 -12.04
C41 PCW SB . 34.38 -8.09 -12.12
C42 PCW SB . 35.30 -7.21 -11.15
C43 PCW SB . 36.57 -6.61 -11.72
C44 PCW SB . 37.23 -5.84 -10.59
C45 PCW SB . 37.24 -4.34 -10.74
C46 PCW SB . 35.97 -3.68 -10.24
C47 PCW SB . 35.03 -3.16 -11.30
C48 PCW SB . 33.79 -2.52 -10.66
N PCW SB . 28.86 -20.98 -17.32
O2 PCW SB . 27.40 -13.08 -17.75
O3 PCW SB . 25.72 -11.42 -16.16
O11 PCW SB . 24.22 -11.16 -14.47
O31 PCW SB . 25.77 -12.56 -19.29
O1P PCW SB . 25.83 -16.68 -18.42
O2P PCW SB . 27.75 -15.79 -19.75
O3P PCW SB . 27.81 -15.72 -17.18
O4P PCW SB . 28.09 -17.77 -18.44
P PCW SB . 27.31 -16.47 -18.52
C1 PCW TB . 21.15 -18.57 -18.73
C2 PCW TB . 20.96 -17.01 -18.86
C3 PCW TB . 19.44 -16.64 -18.77
C4 PCW TB . 24.04 -17.82 -21.50
C5 PCW TB . 23.56 -16.37 -21.44
C6 PCW TB . 25.44 -15.55 -22.97
C7 PCW TB . 23.65 -14.03 -22.27
C8 PCW TB . 24.93 -14.85 -21.21
C11 PCW TB . 19.06 -14.69 -20.12
C12 PCW TB . 18.90 -13.20 -19.98
C13 PCW TB . 17.38 -12.89 -19.76
C14 PCW TB . 17.03 -11.40 -19.60
C15 PCW TB . 16.02 -11.06 -18.47
C16 PCW TB . 14.87 -10.14 -19.00
C17 PCW TB . 14.25 -9.12 -17.99
C18 PCW TB . 14.01 -7.73 -18.60
C19 PCW TB . 12.96 -6.90 -17.81
C20 PCW TB . 13.32 -5.88 -16.93
C21 PCW TB . 14.63 -5.34 -16.51
C22 PCW TB . 14.35 -4.26 -15.43
C23 PCW TB . 14.74 -4.60 -13.95
C24 PCW TB . 13.70 -5.29 -13.12
C25 PCW TB . 12.37 -4.57 -12.73
C26 PCW TB . 11.14 -4.99 -13.51
C27 PCW TB . 9.78 -4.91 -12.79
C28 PCW TB . 9.08 -6.26 -12.84
C31 PCW TB . 22.28 -15.19 -18.08
C32 PCW TB . 22.92 -14.60 -16.82
C33 PCW TB . 22.22 -13.28 -16.25
C34 PCW TB . 20.85 -13.54 -15.63
C35 PCW TB . 20.10 -12.15 -15.63
C36 PCW TB . 20.40 -11.31 -14.36
C37 PCW TB . 19.68 -9.92 -14.31
C38 PCW TB . 20.49 -8.84 -14.95
C39 PCW TB . 19.80 -7.49 -14.90
C40 PCW TB . 19.17 -6.87 -15.90
C41 PCW TB . 19.05 -7.42 -17.31
C42 PCW TB . 20.04 -6.61 -18.26
C43 PCW TB . 19.62 -5.24 -18.76
C44 PCW TB . 20.76 -4.72 -19.63
C45 PCW TB . 21.43 -3.46 -19.13
C46 PCW TB . 22.65 -3.07 -19.90
C47 PCW TB . 23.98 -3.20 -19.17
C48 PCW TB . 25.15 -2.76 -20.07
N PCW TB . 24.12 -15.39 -22.34
O2 PCW TB . 21.65 -16.31 -17.73
O3 PCW TB . 19.26 -15.22 -18.88
O11 PCW TB . 19.00 -15.31 -21.14
O31 PCW TB . 22.33 -14.69 -19.23
O1P PCW TB . 24.75 -19.71 -19.38
O2P PCW TB . 22.71 -20.90 -20.18
O3P PCW TB . 22.51 -18.98 -18.48
O4P PCW TB . 23.01 -18.61 -20.84
P PCW TB . 23.30 -19.61 -19.74
C1 PCW UB . 32.71 -21.11 -11.65
C2 PCW UB . 32.45 -19.68 -12.27
C3 PCW UB . 31.12 -19.69 -13.12
C4 PCW UB . 36.15 -19.54 -13.67
C5 PCW UB . 35.71 -18.42 -14.61
C6 PCW UB . 35.34 -15.91 -14.29
C7 PCW UB . 37.54 -16.78 -14.90
C8 PCW UB . 35.98 -16.85 -15.89
C11 PCW UB . 30.30 -18.27 -14.88
C12 PCW UB . 30.22 -16.82 -15.27
C13 PCW UB . 31.57 -16.42 -15.97
C14 PCW UB . 31.67 -14.97 -16.44
C15 PCW UB . 30.60 -13.98 -15.89
C16 PCW UB . 31.20 -13.10 -14.74
C17 PCW UB . 30.19 -12.23 -13.90
C18 PCW UB . 29.03 -13.04 -13.31
C19 PCW UB . 29.36 -13.64 -11.94
C20 PCW UB . 28.74 -13.22 -10.77
C21 PCW UB . 27.71 -12.19 -10.51
C22 PCW UB . 28.36 -11.12 -9.58
C23 PCW UB . 29.19 -10.00 -10.26
C24 PCW UB . 28.86 -8.59 -9.88
C25 PCW UB . 29.58 -7.89 -8.71
C26 PCW UB . 28.85 -6.72 -8.07
C27 PCW UB . 29.56 -5.96 -6.93
C28 PCW UB . 29.60 -4.48 -7.26
C31 PCW UB . 33.14 -17.69 -11.20
C32 PCW UB . 32.83 -16.74 -10.02
C33 PCW UB . 33.93 -16.72 -8.86
C34 PCW UB . 33.95 -18.00 -8.02
C35 PCW UB . 32.90 -17.76 -6.86
C36 PCW UB . 33.52 -17.05 -5.64
C37 PCW UB . 32.53 -16.77 -4.45
C38 PCW UB . 32.57 -15.35 -4.02
C39 PCW UB . 31.63 -15.06 -2.88
C40 PCW UB . 31.08 -13.89 -2.57
C41 PCW UB . 31.29 -12.61 -3.35
C42 PCW UB . 30.10 -11.61 -2.99
C43 PCW UB . 30.44 -10.28 -2.34
C44 PCW UB . 29.12 -9.54 -2.12
C45 PCW UB . 29.23 -8.27 -1.33
C46 PCW UB . 28.20 -8.13 -0.25
C47 PCW UB . 28.71 -7.82 1.14
C48 PCW UB . 27.56 -7.71 2.15
N PCW UB . 36.22 -17.10 -14.43
O2 PCW UB . 32.26 -18.68 -11.17
O3 PCW UB . 30.92 -18.38 -13.67
O11 PCW UB . 29.91 -19.19 -15.55
O31 PCW UB . 34.07 -17.53 -12.05
O1P PCW UB . 36.41 -22.05 -12.23
O2P PCW UB . 34.41 -22.70 -13.60
O3P PCW UB . 34.11 -21.39 -11.39
O4P PCW UB . 34.98 -20.37 -13.43
P PCW UB . 35.02 -21.69 -12.69
C1 PCW VB . 35.23 -25.81 -0.85
C2 PCW VB . 34.90 -24.27 -0.69
C3 PCW VB . 33.57 -23.91 -1.44
C4 PCW VB . 30.99 -26.81 1.03
C5 PCW VB . 30.01 -25.85 0.36
C6 PCW VB . 28.56 -27.14 -1.30
C7 PCW VB . 27.54 -25.65 0.36
C8 PCW VB . 28.66 -25.20 -1.04
C11 PCW VB . 32.31 -22.15 -0.40
C12 PCW VB . 32.15 -20.65 -0.43
C13 PCW VB . 30.72 -20.32 -1.00
C14 PCW VB . 30.36 -18.84 -1.11
C15 PCW VB . 29.10 -18.50 -1.94
C16 PCW VB . 27.79 -18.80 -1.13
C17 PCW VB . 26.48 -18.06 -1.58
C18 PCW VB . 25.84 -17.23 -0.47
C19 PCW VB . 24.84 -18.04 0.41
C20 PCW VB . 23.48 -17.78 0.40
C21 PCW VB . 22.64 -16.79 -0.33
C22 PCW VB . 22.82 -15.43 0.40
C23 PCW VB . 21.55 -14.70 0.89
C24 PCW VB . 21.17 -14.88 2.32
C25 PCW VB . 21.77 -13.97 3.43
C26 PCW VB . 21.04 -13.96 4.76
C27 PCW VB . 21.50 -14.96 5.84
C28 PCW VB . 20.30 -15.46 6.62
C31 PCW VB . 35.64 -23.15 1.27
C32 PCW VB . 35.31 -22.92 2.76
C33 PCW VB . 35.55 -21.44 3.30
C34 PCW VB . 34.61 -20.40 2.68
C35 PCW VB . 35.54 -19.25 2.13
C36 PCW VB . 34.99 -18.60 0.85
C37 PCW VB . 35.87 -17.45 0.26
C38 PCW VB . 35.73 -16.18 1.03
C39 PCW VB . 36.57 -15.07 0.47
C40 PCW VB . 36.44 -13.76 0.74
C41 PCW VB . 35.39 -13.19 1.67
C42 PCW VB . 35.33 -11.60 1.44
C43 PCW VB . 35.64 -10.70 2.61
C44 PCW VB . 35.51 -9.27 2.11
C45 PCW VB . 36.07 -8.22 3.03
C46 PCW VB . 35.09 -7.12 3.37
C47 PCW VB . 34.81 -6.89 4.82
C48 PCW VB . 33.80 -5.75 5.02
N PCW VB . 28.73 -26.34 -0.08
O2 PCW VB . 34.71 -23.95 0.75
O3 PCW VB . 33.28 -22.51 -1.30
O11 PCW VB . 31.67 -22.89 0.29
O31 PCW VB . 36.64 -22.66 0.67
O1P PCW VB . 33.31 -28.54 0.74
O2P PCW VB . 34.51 -26.62 1.78
O3P PCW VB . 34.06 -26.67 -0.76
O4P PCW VB . 32.31 -26.23 0.87
P PCW VB . 33.57 -27.07 0.72
C1 PCW WB . -12.56 -26.37 -27.12
C2 PCW WB . -12.70 -24.97 -26.43
C3 PCW WB . -12.57 -23.82 -27.50
C4 PCW WB . -12.29 -28.99 -23.45
C5 PCW WB . -11.32 -29.40 -22.35
C6 PCW WB . -10.93 -30.10 -20.07
C7 PCW WB . -13.06 -29.39 -20.70
C8 PCW WB . -11.46 -27.79 -20.48
C11 PCW WB . -11.64 -21.69 -26.92
C12 PCW WB . -11.97 -20.42 -26.20
C13 PCW WB . -12.83 -19.53 -27.17
C14 PCW WB . -13.26 -18.18 -26.59
C15 PCW WB . -12.15 -17.08 -26.52
C16 PCW WB . -11.98 -16.58 -25.04
C17 PCW WB . -10.80 -17.21 -24.21
C18 PCW WB . -11.11 -17.32 -22.72
C19 PCW WB . -10.41 -18.51 -22.03
C20 PCW WB . -9.99 -18.47 -20.71
C21 PCW WB . -10.07 -17.41 -19.67
C22 PCW WB . -8.66 -17.33 -19.02
C23 PCW WB . -8.06 -15.92 -18.78
C24 PCW WB . -6.97 -15.81 -17.76
C25 PCW WB . -7.17 -15.00 -16.44
C26 PCW WB . -5.95 -14.78 -15.58
C27 PCW WB . -5.71 -13.37 -15.01
C28 PCW WB . -6.21 -13.28 -13.59
C31 PCW WB . -14.20 -25.47 -24.65
C32 PCW WB . -15.64 -25.23 -24.17
C33 PCW WB . -15.77 -24.63 -22.69
C34 PCW WB . -15.74 -25.68 -21.59
C35 PCW WB . -16.10 -24.92 -20.25
C36 PCW WB . -17.62 -24.74 -20.06
C37 PCW WB . -18.05 -23.98 -18.77
C38 PCW WB . -17.67 -22.54 -18.81
C39 PCW WB . -18.09 -21.79 -17.56
C40 PCW WB . -17.88 -20.51 -17.29
C41 PCW WB . -17.17 -19.55 -18.23
C42 PCW WB . -18.06 -18.23 -18.33
C43 PCW WB . -18.28 -17.39 -17.08
C44 PCW WB . -19.15 -16.21 -17.48
C45 PCW WB . -18.68 -14.87 -16.98
C46 PCW WB . -18.95 -14.64 -15.52
C47 PCW WB . -19.84 -13.47 -15.19
C48 PCW WB . -20.03 -13.35 -13.67
N PCW WB . -11.67 -29.18 -20.96
O2 PCW WB . -14.06 -24.83 -25.82
O3 PCW WB . -12.70 -22.55 -26.87
O11 PCW WB . -10.59 -21.92 -27.47
O31 PCW WB . -13.32 -26.16 -24.05
O1P PCW WB . -13.66 -28.64 -25.99
O2P PCW WB . -11.64 -29.77 -26.89
O3P PCW WB . -11.60 -27.24 -26.48
O4P PCW WB . -11.52 -28.89 -24.68
P PCW WB . -12.16 -28.69 -26.04
C1 17F XB . 30.84 -28.24 10.10
N1 17F XB . 33.02 -27.93 8.92
O1 17F XB . 33.00 -29.36 12.07
P1 17F XB . 31.50 -29.30 12.31
C2 17F XB . 31.77 -28.67 8.95
O2 17F XB . 30.91 -30.39 13.17
C3 17F XB . 31.03 -28.50 7.62
O3 17F XB . 30.68 -29.29 10.99
C4 17F XB . 29.72 -27.68 13.35
O4 17F XB . 31.51 -27.80 6.65
C5 17F XB . 29.53 -26.29 14.05
O5 17F XB . 29.95 -29.05 7.41
C6 17F XB . 30.15 -26.34 15.47
O6 17F XB . 31.08 -27.94 13.03
C7 17F XB . 30.84 -24.81 17.09
O7 17F XB . 30.00 -25.11 16.15
C8 17F XB . 30.45 -23.44 17.67
O8 17F XB . 31.80 -25.42 17.51
C9 17F XB . 29.34 -23.54 18.76
O9 17F XB . 30.06 -25.21 13.28
C10 17F XB . 28.88 -22.18 19.39
O10 17F XB . 28.15 -24.96 12.01
C11 17F XB . 27.32 -22.03 19.58
C12 17F XB . 26.94 -20.65 20.22
C17 17F XB . 29.11 -24.53 12.66
C18 17F XB . 29.31 -23.03 12.76
C19 17F XB . 28.88 -22.42 14.12
C20 17F XB . 27.67 -21.43 13.96
C1X 17F XB . 25.41 -20.54 20.38
C1Y 17F XB . 27.27 -20.83 15.34
C1Z 17F XB . 25.91 -20.13 15.24
C2X 17F XB . 24.96 -19.17 21.03
C21 17F XB . 24.02 -18.34 20.09
C22 17F XB . 24.36 -17.24 19.50
C23 17F XB . 25.64 -16.55 19.58
C24 17F XB . 26.12 -15.94 18.25
C25 17F XB . 27.45 -15.21 18.29
C26 17F XB . 27.38 -13.65 18.68
C27 17F XB . 28.71 -12.94 18.71
C28 17F XB . 28.44 -11.44 19.11
C29 17F XB . 29.35 -11.07 20.20
C30 17F XB . 29.20 -9.66 20.69
C31 17F XB . 25.91 -18.64 14.76
C32 17F XB . 24.52 -17.95 14.68
C33 17F XB . 24.69 -16.45 14.82
C34 17F XB . 23.70 -15.58 14.80
C35 17F XB . 22.23 -15.87 14.63
C36 17F XB . 21.33 -15.29 15.77
C37 17F XB . 20.18 -14.58 15.15
C38 17F XB . 19.05 -14.18 16.12
C39 17F XB . 17.91 -13.44 15.40
C40 17F XB . 16.98 -14.43 14.69
C41 17F XB . 15.79 -13.66 13.98
C42 17F XB . 14.41 -13.65 14.65
C1 17F YB . 18.58 -27.27 -14.19
N1 17F YB . 20.39 -25.62 -13.68
O1 17F YB . 17.63 -29.25 -11.24
P1 17F YB . 17.17 -28.38 -12.38
C2 17F YB . 19.23 -25.91 -14.50
O2 17F YB . 16.69 -29.11 -13.62
C3 17F YB . 18.19 -24.79 -14.35
O3 17F YB . 18.23 -27.35 -12.84
C4 17F YB . 15.31 -26.59 -12.87
O4 17F YB . 18.39 -23.78 -13.58
C5 17F YB . 14.12 -25.81 -12.25
O5 17F YB . 17.12 -24.83 -14.94
C6 17F YB . 12.86 -26.71 -12.24
O6 17F YB . 15.93 -27.49 -11.95
C7 17F YB . 10.57 -26.60 -11.80
O7 17F YB . 11.74 -26.05 -11.69
C8 17F YB . 9.54 -25.69 -11.09
O8 17F YB . 10.23 -27.64 -12.32
C9 17F YB . 9.30 -26.07 -9.61
O9 17F YB . 14.41 -25.31 -10.94
C10 17F YB . 8.26 -25.19 -8.83
O10 17F YB . 15.43 -23.26 -11.27
C11 17F YB . 8.88 -24.30 -7.68
C12 17F YB . 7.78 -23.44 -6.95
C17 17F YB . 14.49 -24.00 -10.91
C18 17F YB . 13.23 -23.35 -10.36
C19 17F YB . 12.64 -22.23 -11.24
C20 17F YB . 12.03 -22.79 -12.59
C1X 17F YB . 8.42 -22.58 -5.84
C1Y 17F YB . 11.45 -21.63 -13.45
C1Z 17F YB . 10.16 -21.10 -12.84
C2X 17F YB . 7.33 -21.70 -5.05
C21 17F YB . 6.46 -20.81 -6.01
C22 17F YB . 6.50 -19.53 -6.04
C23 17F YB . 7.32 -18.63 -5.23
C24 17F YB . 6.97 -17.16 -5.33
C25 17F YB . 7.79 -16.19 -4.51
C26 17F YB . 6.96 -15.07 -3.72
C27 17F YB . 7.81 -14.11 -2.90
C28 17F YB . 6.83 -13.09 -2.22
C29 17F YB . 7.49 -12.53 -1.03
C30 17F YB . 6.66 -11.53 -0.27
C31 17F YB . 8.83 -21.87 -13.20
C32 17F YB . 7.54 -21.30 -12.56
C33 17F YB . 6.98 -22.33 -11.59
C34 17F YB . 5.87 -22.16 -10.86
C35 17F YB . 4.96 -20.96 -10.86
C36 17F YB . 4.38 -20.59 -9.46
C37 17F YB . 3.16 -21.40 -9.20
C38 17F YB . 1.89 -20.91 -9.96
C39 17F YB . 0.67 -21.80 -9.65
C40 17F YB . 0.43 -22.80 -10.79
C41 17F YB . 0.75 -24.28 -10.31
C42 17F YB . -0.38 -25.13 -9.71
C1 17F ZB . 15.38 -23.64 -18.58
N1 17F ZB . 13.22 -24.62 -19.40
O1 17F ZB . 15.37 -20.44 -19.57
P1 17F ZB . 15.59 -21.14 -18.25
C2 17F ZB . 14.59 -24.25 -19.75
O2 17F ZB . 17.02 -21.45 -17.88
C3 17F ZB . 15.34 -25.47 -20.30
O3 17F ZB . 14.79 -22.47 -18.14
C4 17F ZB . 15.11 -20.77 -15.69
O4 17F ZB . 14.78 -26.63 -20.40
C5 17F ZB . 14.49 -19.81 -14.63
O5 17F ZB . 16.51 -25.39 -20.65
C6 17F ZB . 15.03 -20.17 -13.22
O6 17F ZB . 15.01 -20.29 -17.03
C7 17F ZB . 14.89 -19.49 -10.98
O7 17F ZB . 14.49 -19.32 -12.21
C8 17F ZB . 14.13 -18.47 -10.09
O8 17F ZB . 15.69 -20.27 -10.52
C9 17F ZB . 12.64 -18.87 -9.87
O9 17F ZB . 14.70 -18.43 -14.93
C10 17F ZB . 11.79 -17.89 -8.96
O10 17F ZB . 13.10 -18.02 -16.53
C11 17F ZB . 12.29 -16.40 -8.92
C12 17F ZB . 11.38 -15.51 -7.99
C17 17F ZB . 13.62 -17.86 -15.41
C18 17F ZB . 13.00 -16.88 -14.45
C19 17F ZB . 11.47 -17.03 -14.27
C20 17F ZB . 11.05 -16.96 -12.76
C1X 17F ZB . 11.87 -14.07 -7.95
C1Y 17F ZB . 9.52 -17.12 -12.61
C1Z 17F ZB . 8.92 -15.97 -11.78
C2X 17F ZB . 10.96 -13.13 -7.02
C21 17F ZB . 11.66 -11.79 -6.65
C22 17F ZB . 11.22 -10.95 -5.77
C23 17F ZB . 10.01 -11.07 -4.95
C24 17F ZB . 9.37 -9.73 -4.59
C25 17F ZB . 8.11 -9.79 -3.73
C26 17F ZB . 7.29 -8.41 -3.62
C27 17F ZB . 6.04 -8.47 -2.77
C28 17F ZB . 5.38 -7.05 -2.78
C29 17F ZB . 4.80 -6.79 -1.45
C30 17F ZB . 4.14 -5.44 -1.32
C31 17F ZB . 7.53 -16.22 -11.12
C32 17F ZB . 6.95 -15.04 -10.29
C33 17F ZB . 7.65 -15.01 -8.93
C34 17F ZB . 7.41 -14.13 -7.97
C35 17F ZB . 6.41 -12.99 -8.01
C36 17F ZB . 6.33 -12.15 -6.70
C37 17F ZB . 5.10 -11.33 -6.73
C38 17F ZB . 4.41 -11.14 -5.34
C39 17F ZB . 3.14 -10.28 -5.46
C40 17F ZB . 2.73 -9.76 -4.08
C41 17F ZB . 1.33 -10.37 -3.64
C42 17F ZB . 0.08 -9.49 -3.71
C1 17F AC . 29.61 -34.95 19.13
N1 17F AC . 31.63 -36.39 18.78
O1 17F AC . 30.75 -32.22 20.07
P1 17F AC . 29.92 -33.16 20.91
C2 17F AC . 30.17 -36.32 18.73
O2 17F AC . 30.20 -33.18 22.39
C3 17F AC . 29.68 -36.69 17.32
O3 17F AC . 30.01 -34.64 20.43
C4 17F AC . 27.39 -33.59 21.48
O4 17F AC . 30.48 -37.02 16.37
C5 17F AC . 25.93 -33.10 21.23
O5 17F AC . 28.48 -36.70 17.06
C6 17F AC . 25.10 -33.32 22.51
O6 17F AC . 28.37 -32.83 20.78
C7 17F AC . 23.34 -31.85 22.97
O7 17F AC . 23.75 -32.90 22.34
C8 17F AC . 21.85 -31.62 22.60
O8 17F AC . 23.92 -31.10 23.72
C9 17F AC . 21.09 -30.71 23.61
O9 17F AC . 25.86 -31.74 20.79
C10 17F AC . 19.58 -30.45 23.26
O10 17F AC . 26.03 -32.50 18.61
C11 17F AC . 19.32 -29.89 21.81
C12 17F AC . 17.79 -29.66 21.54
C17 17F AC . 25.86 -31.63 19.48
C18 17F AC . 25.62 -30.20 19.04
C19 17F AC . 26.29 -29.11 19.92
C20 17F AC . 26.49 -27.74 19.17
C1X 17F AC . 17.58 -29.11 20.12
C1Y 17F AC . 27.15 -26.69 20.09
C1Z 17F AC . 26.13 -26.08 21.05
C2X 17F AC . 16.03 -28.85 19.78
C21 17F AC . 15.51 -29.77 18.63
C22 17F AC . 15.37 -29.38 17.40
C23 17F AC . 15.65 -28.06 16.85
C24 17F AC . 16.66 -28.03 15.71
C25 17F AC . 16.98 -26.68 15.11
C26 17F AC . 16.87 -26.57 13.51
C27 17F AC . 17.19 -25.21 12.94
C28 17F AC . 17.02 -25.32 11.37
C29 17F AC . 17.69 -24.16 10.75
C30 17F AC . 17.62 -24.13 9.26
C31 17F AC . 25.15 -25.01 20.44
C32 17F AC . 24.12 -24.41 21.43
C33 17F AC . 22.77 -25.08 21.22
C34 17F AC . 21.66 -24.80 21.90
C35 17F AC . 21.50 -23.79 23.01
C36 17F AC . 21.12 -24.41 24.39
C37 17F AC . 19.90 -23.72 24.90
C38 17F AC . 19.76 -23.69 26.44
C39 17F AC . 18.48 -22.96 26.87
C40 17F AC . 18.81 -21.56 27.40
C41 17F AC . 17.50 -20.67 27.52
C42 17F AC . 17.64 -19.16 27.74
C1 17F BC . 31.01 -6.23 -32.83
N1 17F BC . 29.69 -8.07 -31.75
O1 17F BC . 32.19 -4.05 -35.17
P1 17F BC . 30.84 -4.67 -34.83
C2 17F BC . 30.92 -7.72 -32.44
O2 17F BC . 30.91 -5.52 -36.08
C3 17F BC . 32.13 -8.08 -31.54
O3 17F BC . 30.79 -6.09 -34.20
C4 17F BC . 28.26 -4.69 -35.32
O4 17F BC . 31.97 -8.63 -30.37
C5 17F BC . 27.15 -4.04 -36.19
O5 17F BC . 33.27 -7.87 -31.91
C6 17F BC . 25.75 -4.48 -35.67
O6 17F BC . 29.56 -4.16 -35.59
C7 17F BC . 23.60 -4.56 -36.58
O7 17F BC . 24.72 -3.91 -36.45
C8 17F BC . 22.66 -3.72 -37.48
O8 17F BC . 23.25 -5.63 -36.15
C9 17F BC . 22.08 -2.47 -36.77
O9 17F BC . 27.25 -2.61 -36.23
C10 17F BC . 21.13 -1.58 -37.64
O10 17F BC . 26.62 -2.59 -38.45
C11 17F BC . 20.53 -0.32 -36.90
C12 17F BC . 19.59 0.52 -37.84
C17 17F BC . 27.22 -2.14 -37.46
C18 17F BC . 28.05 -0.88 -37.61
C19 17F BC . 29.50 -1.12 -38.07
C20 17F BC . 29.85 -0.33 -39.39
C1X 17F BC . 19.03 1.73 -37.08
C1Y 17F BC . 31.31 -0.59 -39.81
C1Z 17F BC . 31.84 0.55 -40.70
C2X 17F BC . 18.07 2.63 -38.00
C21 17F BC . 17.92 4.09 -37.47
C22 17F BC . 17.93 5.15 -38.20
C23 17F BC . 18.06 5.21 -39.67
C24 17F BC . 19.28 5.98 -40.16
C25 17F BC . 19.46 6.08 -41.67
C26 17F BC . 19.24 7.54 -42.31
C27 17F BC . 19.42 7.62 -43.81
C28 17F BC . 19.16 9.11 -44.24
C29 17F BC . 20.25 9.54 -45.15
C30 17F BC . 20.11 10.96 -45.65
C31 17F BC . 32.04 1.95 -40.00
C32 17F BC . 32.58 3.09 -40.91
C33 17F BC . 31.51 3.47 -41.94
C34 17F BC . 31.66 4.40 -42.86
C35 17F BC . 32.87 5.27 -43.10
C36 17F BC . 33.61 5.01 -44.44
C37 17F BC . 34.96 5.64 -44.38
C38 17F BC . 35.36 6.43 -45.66
C39 17F BC . 36.76 7.05 -45.51
C40 17F BC . 36.65 8.56 -45.29
C41 17F BC . 37.46 8.99 -44.00
C42 17F BC . 38.63 9.96 -44.16
C1 17F CC . -5.42 -36.24 -9.81
N1 17F CC . -3.70 -37.26 -11.33
O1 17F CC . -3.65 -33.99 -8.13
P1 17F CC . -5.11 -34.10 -8.49
C2 17F CC . -4.03 -36.87 -9.96
O2 17F CC . -6.01 -34.73 -7.46
C3 17F CC . -3.92 -38.10 -9.03
O3 17F CC . -5.34 -34.86 -9.83
C4 17F CC . -7.12 -32.53 -9.12
O4 17F CC . -3.58 -39.26 -9.47
C5 17F CC . -7.55 -31.05 -9.35
O5 17F CC . -4.14 -38.00 -7.84
C6 17F CC . -8.42 -30.95 -10.62
O6 17F CC . -5.75 -32.68 -8.77
C7 17F CC . -8.13 -28.90 -11.70
O7 17F CC . -8.83 -29.62 -10.89
C8 17F CC . -8.79 -27.51 -11.85
O8 17F CC . -7.13 -29.17 -12.32
C9 17F CC . -8.04 -26.39 -11.09
O9 17F CC . -8.23 -30.49 -8.21
C10 17F CC . -8.67 -24.96 -11.20
O10 17F CC . -6.23 -29.75 -7.30
C11 17F CC . -9.68 -24.59 -10.05
C12 17F CC . -10.26 -23.14 -10.22
C17 17F CC . -7.41 -30.16 -7.23
C18 17F CC . -8.06 -30.31 -5.88
C19 17F CC . -8.56 -29.00 -5.26
C20 17F CC . -9.94 -28.53 -5.89
C1X 17F CC . -11.24 -22.80 -9.09
C1Y 17F CC . -10.41 -27.21 -5.25
C1Z 17F CC . -11.81 -27.36 -4.67
C2X 17F CC . -11.85 -21.33 -9.24
C21 17F CC . -13.40 -21.34 -9.36
C22 17F CC . -14.07 -21.02 -10.43
C23 17F CC . -13.53 -20.60 -11.72
C24 17F CC . -14.57 -20.05 -12.70
C25 17F CC . -14.06 -19.59 -14.06
C26 17F CC . -14.66 -18.20 -14.59
C27 17F CC . -14.15 -17.76 -15.94
C28 17F CC . -14.84 -16.39 -16.29
C29 17F CC . -13.86 -15.48 -16.92
C30 17F CC . -14.41 -14.14 -17.30
C31 17F CC . -12.42 -26.10 -3.96
C32 17F CC . -13.86 -26.31 -3.38
C33 17F CC . -14.44 -24.95 -3.00
C34 17F CC . -15.65 -24.77 -2.47
C35 17F CC . -16.68 -25.83 -2.15
C36 17F CC . -17.97 -25.29 -1.47
C37 17F CC . -19.11 -25.41 -2.41
C38 17F CC . -20.51 -25.24 -1.78
C39 17F CC . -21.62 -25.38 -2.84
C40 17F CC . -22.62 -26.47 -2.42
C41 17F CC . -23.94 -25.82 -1.85
C42 17F CC . -24.28 -26.02 -0.37
C1 17F DC . 7.16 -33.45 -7.86
N1 17F DC . 9.06 -34.78 -8.81
O1 17F DC . 7.24 -34.77 -4.32
P1 17F DC . 6.69 -33.85 -5.39
C2 17F DC . 7.63 -34.55 -8.84
O2 17F DC . 5.37 -34.23 -5.98
C3 17F DC . 7.20 -34.17 -10.27
O3 17F DC . 7.68 -33.68 -6.58
C4 17F DC . 6.00 -31.33 -5.68
O4 17F DC . 8.04 -34.10 -11.24
C5 17F DC . 5.87 -29.97 -4.94
O5 17F DC . 6.02 -33.93 -10.53
C6 17F DC . 6.32 -28.83 -5.87
O6 17F DC . 6.49 -32.38 -4.84
C7 17F DC . 5.47 -26.65 -5.77
O7 17F DC . 6.22 -27.56 -5.24
C8 17F DC . 5.54 -25.39 -4.87
O8 17F DC . 4.78 -26.68 -6.76
C9 17F DC . 4.21 -25.07 -4.15
O9 17F DC . 4.56 -29.74 -4.42
C10 17F DC . 4.21 -23.80 -3.23
O10 17F DC . 5.21 -30.40 -2.31
C11 17F DC . 2.90 -23.61 -2.37
C12 17F DC . 2.96 -22.32 -1.48
C17 17F DC . 4.52 -29.75 -3.11
C18 17F DC . 3.46 -28.80 -2.58
C19 17F DC . 3.98 -27.78 -1.54
C20 17F DC . 3.34 -27.99 -0.11
C1X 17F DC . 1.67 -22.17 -0.66
C1Y 17F DC . 3.87 -26.95 0.91
C1Z 17F DC . 2.91 -26.81 2.09
C2X 17F DC . 1.69 -20.87 0.28
C21 17F DC . 1.47 -21.21 1.78
C22 17F DC . 2.40 -21.28 2.68
C23 17F DC . 3.84 -21.06 2.47
C24 17F DC . 4.67 -22.33 2.36
C25 17F DC . 6.17 -22.16 2.16
C26 17F DC . 6.79 -22.98 0.93
C27 17F DC . 8.28 -22.80 0.74
C28 17F DC . 8.70 -23.66 -0.50
C29 17F DC . 10.07 -24.18 -0.27
C30 17F DC . 10.61 -25.03 -1.37
C31 17F DC . 3.16 -27.76 3.32
C32 17F DC . 2.17 -27.60 4.50
C33 17F DC . 1.11 -28.69 4.40
C34 17F DC . 0.11 -28.85 5.25
C35 17F DC . -0.19 -28.01 6.48
C36 17F DC . -1.68 -27.99 6.90
C37 17F DC . -2.24 -26.63 6.67
C38 17F DC . -3.73 -26.60 6.21
C39 17F DC . -4.22 -25.16 5.98
C40 17F DC . -5.40 -24.85 6.90
C41 17F DC . -6.77 -25.06 6.14
C42 17F DC . -7.99 -25.61 6.91
C1 17F EC . 16.18 -34.82 7.02
N1 17F EC . 15.57 -34.83 4.57
O1 17F EC . 16.53 -37.45 8.55
P1 17F EC . 15.20 -36.84 8.19
C2 17F EC . 16.41 -34.24 5.61
O2 17F EC . 14.08 -37.79 7.90
C3 17F EC . 17.89 -34.41 5.22
O3 17F EC . 15.27 -35.87 6.98
C4 17F EC . 13.40 -35.24 9.27
O4 17F EC . 18.26 -34.98 4.13
C5 17F EC . 13.04 -34.39 10.53
O5 17F EC . 18.78 -33.98 5.95
C6 17F EC . 14.28 -33.57 10.99
O6 17F EC . 14.65 -35.92 9.37
C7 17F EC . 14.00 -33.34 13.30
O7 17F EC . 14.02 -32.78 12.12
C8 17F EC . 13.69 -32.24 14.35
O8 17F EC . 14.16 -34.48 13.63
C9 17F EC . 12.19 -31.81 14.38
O9 17F EC . 11.90 -33.54 10.34
C10 17F EC . 11.83 -30.70 15.43
O10 17F EC . 12.78 -31.95 8.93
C11 17F EC . 10.32 -30.27 15.46
C12 17F EC . 10.05 -29.16 16.54
C17 17F EC . 11.95 -32.80 9.24
C18 17F EC . 10.81 -33.13 8.29
C19 17F EC . 9.50 -32.37 8.57
C20 17F EC . 8.32 -33.35 8.95
C1X 17F EC . 8.57 -28.76 16.54
C1Y 17F EC . 7.02 -32.56 9.23
C1Z 17F EC . 5.92 -33.49 9.72
C2X 17F EC . 8.25 -27.63 17.63
C21 17F EC . 7.01 -27.98 18.52
C22 17F EC . 6.12 -27.13 18.89
C23 17F EC . 6.07 -25.69 18.59
C24 17F EC . 5.19 -25.33 17.40
C25 17F EC . 5.10 -23.85 17.04
C26 17F EC . 4.09 -22.98 17.93
C27 17F EC . 4.01 -21.51 17.57
C28 17F EC . 2.99 -20.83 18.54
C29 17F EC . 3.37 -19.42 18.72
C30 17F EC . 2.47 -18.64 19.64
C31 17F EC . 6.17 -34.24 11.09
C32 17F EC . 5.02 -35.18 11.54
C33 17F EC . 5.37 -35.76 12.92
C34 17F EC . 4.59 -36.58 13.59
C35 17F EC . 3.25 -37.13 13.17
C36 17F EC . 2.03 -36.58 13.99
C37 17F EC . 1.80 -35.15 13.62
C38 17F EC . 1.20 -34.94 12.21
C39 17F EC . 0.98 -33.45 11.91
C40 17F EC . 0.68 -33.24 10.42
C41 17F EC . -0.87 -33.07 10.18
C42 17F EC . -1.43 -33.19 8.76
PB GDP FC . -26.90 23.76 2.36
O1B GDP FC . -26.81 22.95 3.62
O2B GDP FC . -27.39 25.15 2.67
O3B GDP FC . -25.56 23.86 1.71
O3A GDP FC . -27.92 23.07 1.32
PA GDP FC . -29.30 22.38 1.78
O1A GDP FC . -30.24 23.38 2.41
O2A GDP FC . -29.07 21.21 2.72
O5' GDP FC . -29.90 21.87 0.37
C5' GDP FC . -30.76 20.73 0.35
C4' GDP FC . -31.17 20.47 -1.09
O4' GDP FC . -30.09 19.83 -1.78
C3' GDP FC . -32.37 19.56 -1.17
O3' GDP FC . -33.33 20.11 -2.08
C2' GDP FC . -31.82 18.22 -1.61
O2' GDP FC . -32.73 17.49 -2.46
C1' GDP FC . -30.52 18.57 -2.31
N9 GDP FC . -29.48 17.52 -2.05
C8 GDP FC . -28.68 17.40 -0.98
N7 GDP FC . -27.88 16.32 -1.12
C5 GDP FC . -28.13 15.76 -2.32
C6 GDP FC . -27.66 14.58 -3.10
O6 GDP FC . -26.76 13.85 -2.67
N1 GDP FC . -28.22 14.37 -4.30
C2 GDP FC . -29.20 15.14 -4.82
N2 GDP FC . -29.71 14.85 -6.04
N3 GDP FC . -29.68 16.22 -4.15
C4 GDP FC . -29.22 16.56 -2.92
MG MG GC . -26.25 24.91 9.40
N LEU A 3 -5.54 17.24 -45.29
CA LEU A 3 -6.12 16.34 -46.28
C LEU A 3 -5.94 14.89 -45.86
N LYS A 4 -4.79 14.59 -45.26
CA LYS A 4 -4.48 13.24 -44.81
C LYS A 4 -5.51 12.78 -43.77
N LEU A 5 -5.61 13.53 -42.69
CA LEU A 5 -6.56 13.22 -41.63
C LEU A 5 -7.98 13.50 -42.06
N LEU A 6 -8.15 14.51 -42.90
CA LEU A 6 -9.47 14.90 -43.40
C LEU A 6 -10.13 13.77 -44.19
N ASP A 7 -9.42 13.24 -45.17
CA ASP A 7 -9.96 12.15 -45.99
C ASP A 7 -10.12 10.88 -45.18
N ASN A 8 -9.18 10.63 -44.27
CA ASN A 8 -9.24 9.45 -43.42
C ASN A 8 -10.42 9.54 -42.46
N TRP A 9 -10.68 10.75 -41.96
CA TRP A 9 -11.78 10.99 -41.06
C TRP A 9 -13.11 10.71 -41.75
N ASP A 10 -13.14 10.94 -43.06
CA ASP A 10 -14.33 10.70 -43.86
C ASP A 10 -14.67 9.22 -43.88
N SER A 11 -13.64 8.39 -43.98
CA SER A 11 -13.82 6.94 -43.98
C SER A 11 -14.24 6.46 -42.58
N VAL A 12 -13.86 7.21 -41.56
CA VAL A 12 -14.22 6.87 -40.19
C VAL A 12 -15.64 7.32 -39.87
N THR A 13 -15.96 8.56 -40.21
CA THR A 13 -17.29 9.12 -39.96
C THR A 13 -18.38 8.34 -40.71
N SER A 14 -18.07 7.94 -41.94
CA SER A 14 -19.02 7.17 -42.74
C SER A 14 -19.28 5.83 -42.05
N THR A 15 -18.21 5.21 -41.57
CA THR A 15 -18.32 3.94 -40.86
C THR A 15 -19.12 4.13 -39.57
N PHE A 16 -18.91 5.27 -38.90
CA PHE A 16 -19.63 5.56 -37.67
C PHE A 16 -21.12 5.60 -37.96
N SER A 17 -21.48 6.18 -39.09
CA SER A 17 -22.87 6.28 -39.51
C SER A 17 -23.41 4.89 -39.81
N LYS A 18 -22.59 4.07 -40.45
CA LYS A 18 -22.96 2.69 -40.77
C LYS A 18 -23.12 1.88 -39.48
N LEU A 19 -22.25 2.17 -38.52
CA LEU A 19 -22.30 1.51 -37.22
C LEU A 19 -23.63 1.81 -36.54
N ARG A 20 -24.07 3.05 -36.62
CA ARG A 20 -25.34 3.45 -36.02
C ARG A 20 -26.49 2.77 -36.74
N GLU A 21 -26.39 2.68 -38.07
CA GLU A 21 -27.41 2.04 -38.88
C GLU A 21 -27.54 0.56 -38.51
N GLN A 22 -26.46 0.01 -37.96
CA GLN A 22 -26.44 -1.37 -37.54
C GLN A 22 -26.82 -1.50 -36.07
N LEU A 23 -26.32 -0.57 -35.26
CA LEU A 23 -26.60 -0.54 -33.83
C LEU A 23 -28.09 -0.33 -33.57
N GLY A 24 -28.75 0.38 -34.49
CA GLY A 24 -30.17 0.63 -34.38
C GLY A 24 -30.94 -0.67 -34.24
N PRO A 25 -30.98 -1.49 -35.31
CA PRO A 25 -31.65 -2.78 -35.26
C PRO A 25 -31.02 -3.68 -34.20
N VAL A 26 -29.69 -3.63 -34.10
CA VAL A 26 -28.95 -4.43 -33.11
C VAL A 26 -29.52 -4.28 -31.70
N THR A 27 -29.73 -3.05 -31.26
CA THR A 27 -30.26 -2.82 -29.92
C THR A 27 -31.69 -3.35 -29.80
N GLN A 28 -32.48 -3.17 -30.84
CA GLN A 28 -33.85 -3.65 -30.86
C GLN A 28 -33.88 -5.17 -30.85
N GLU A 29 -33.08 -5.77 -31.73
CA GLU A 29 -32.98 -7.22 -31.84
C GLU A 29 -32.43 -7.81 -30.54
N PHE A 30 -31.47 -7.10 -29.94
CA PHE A 30 -30.88 -7.54 -28.69
C PHE A 30 -31.94 -7.50 -27.60
N TRP A 31 -32.63 -6.37 -27.49
CA TRP A 31 -33.68 -6.21 -26.49
C TRP A 31 -34.81 -7.21 -26.73
N ASP A 32 -35.11 -7.47 -28.00
CA ASP A 32 -36.16 -8.42 -28.37
C ASP A 32 -35.79 -9.81 -27.85
N ASN A 33 -34.57 -10.22 -28.16
CA ASN A 33 -34.07 -11.53 -27.73
C ASN A 33 -33.93 -11.55 -26.22
N LEU A 34 -33.43 -10.46 -25.66
CA LEU A 34 -33.27 -10.34 -24.22
C LEU A 34 -34.63 -10.42 -23.54
N GLU A 35 -35.64 -9.83 -24.17
CA GLU A 35 -37.00 -9.86 -23.63
C GLU A 35 -37.51 -11.29 -23.60
N LYS A 36 -37.20 -12.05 -24.64
CA LYS A 36 -37.61 -13.45 -24.70
C LYS A 36 -36.90 -14.20 -23.57
N GLU A 37 -35.63 -13.87 -23.38
CA GLU A 37 -34.82 -14.46 -22.32
C GLU A 37 -35.40 -14.09 -20.97
N THR A 38 -35.69 -12.80 -20.79
CA THR A 38 -36.25 -12.31 -19.54
C THR A 38 -37.65 -12.87 -19.33
N GLU A 39 -38.38 -13.09 -20.42
CA GLU A 39 -39.72 -13.67 -20.34
C GLU A 39 -39.60 -15.04 -19.73
N GLY A 40 -38.65 -15.82 -20.24
CA GLY A 40 -38.41 -17.14 -19.71
C GLY A 40 -37.93 -17.03 -18.29
N LEU A 41 -37.04 -16.07 -18.05
CA LEU A 41 -36.50 -15.82 -16.72
C LEU A 41 -37.61 -15.43 -15.74
N ARG A 42 -38.59 -14.67 -16.21
CA ARG A 42 -39.71 -14.26 -15.37
C ARG A 42 -40.52 -15.48 -14.94
N GLN A 43 -40.68 -16.41 -15.87
CA GLN A 43 -41.41 -17.64 -15.61
C GLN A 43 -40.56 -18.55 -14.74
N GLU A 44 -39.25 -18.51 -14.97
CA GLU A 44 -38.31 -19.30 -14.20
C GLU A 44 -38.19 -18.75 -12.78
N MET A 45 -38.17 -17.43 -12.67
CA MET A 45 -38.07 -16.76 -11.37
C MET A 45 -39.25 -17.12 -10.49
N SER A 46 -40.44 -17.20 -11.09
CA SER A 46 -41.63 -17.55 -10.33
C SER A 46 -41.52 -18.97 -9.80
N LYS A 47 -40.83 -19.82 -10.56
CA LYS A 47 -40.62 -21.20 -10.17
C LYS A 47 -39.53 -21.28 -9.12
N ASP A 48 -38.38 -20.69 -9.44
CA ASP A 48 -37.22 -20.68 -8.54
C ASP A 48 -37.57 -20.06 -7.19
N LEU A 49 -38.08 -18.84 -7.21
CA LEU A 49 -38.44 -18.14 -5.99
C LEU A 49 -39.45 -18.92 -5.15
N GLU A 50 -40.56 -19.32 -5.77
CA GLU A 50 -41.60 -20.05 -5.06
C GLU A 50 -41.09 -21.38 -4.51
N GLU A 51 -40.50 -22.20 -5.36
CA GLU A 51 -39.99 -23.50 -4.94
C GLU A 51 -38.86 -23.38 -3.93
N VAL A 52 -37.91 -22.49 -4.19
CA VAL A 52 -36.79 -22.30 -3.27
C VAL A 52 -37.27 -21.80 -1.91
N LYS A 53 -38.21 -20.87 -1.93
CA LYS A 53 -38.75 -20.31 -0.68
C LYS A 53 -39.66 -21.32 0.03
N ALA A 54 -40.45 -22.05 -0.74
CA ALA A 54 -41.35 -23.05 -0.18
C ALA A 54 -40.54 -24.18 0.43
N LYS A 55 -39.45 -24.54 -0.24
CA LYS A 55 -38.57 -25.61 0.23
C LYS A 55 -37.59 -25.10 1.28
N VAL A 56 -37.34 -23.79 1.28
CA VAL A 56 -36.42 -23.21 2.26
C VAL A 56 -37.04 -23.26 3.65
N GLN A 57 -38.37 -23.34 3.69
CA GLN A 57 -39.09 -23.46 4.94
C GLN A 57 -38.69 -24.75 5.64
N PRO A 58 -38.93 -25.93 5.02
CA PRO A 58 -38.53 -27.21 5.60
C PRO A 58 -37.00 -27.33 5.66
N TYR A 59 -36.30 -26.57 4.81
CA TYR A 59 -34.84 -26.57 4.82
C TYR A 59 -34.37 -26.08 6.18
N LEU A 60 -34.83 -24.88 6.52
CA LEU A 60 -34.49 -24.27 7.80
C LEU A 60 -35.18 -25.02 8.94
N ASP A 61 -36.38 -25.52 8.66
CA ASP A 61 -37.15 -26.27 9.64
C ASP A 61 -36.38 -27.51 10.08
N ASP A 62 -36.02 -28.34 9.11
CA ASP A 62 -35.28 -29.56 9.38
C ASP A 62 -33.91 -29.24 9.94
N PHE A 63 -33.24 -28.27 9.34
CA PHE A 63 -31.93 -27.86 9.77
C PHE A 63 -31.98 -27.37 11.22
N GLN A 64 -33.03 -26.64 11.56
CA GLN A 64 -33.17 -26.12 12.92
C GLN A 64 -33.53 -27.22 13.91
N LYS A 65 -34.39 -28.16 13.49
CA LYS A 65 -34.77 -29.27 14.36
C LYS A 65 -33.52 -30.06 14.71
N LYS A 66 -32.65 -30.23 13.74
CA LYS A 66 -31.40 -30.95 13.93
C LYS A 66 -30.38 -30.05 14.64
N TRP A 67 -30.38 -28.76 14.31
CA TRP A 67 -29.47 -27.81 14.93
C TRP A 67 -29.76 -27.73 16.41
N GLN A 68 -31.02 -27.93 16.77
CA GLN A 68 -31.42 -27.93 18.17
C GLN A 68 -30.65 -29.03 18.89
N GLU A 69 -30.65 -30.21 18.28
CA GLU A 69 -29.93 -31.35 18.84
C GLU A 69 -28.44 -31.05 18.85
N GLU A 70 -27.97 -30.42 17.78
CA GLU A 70 -26.57 -30.06 17.65
C GLU A 70 -26.14 -29.10 18.76
N MET A 71 -27.09 -28.37 19.30
CA MET A 71 -26.82 -27.43 20.38
C MET A 71 -27.14 -28.04 21.74
N GLU A 72 -28.31 -28.65 21.84
CA GLU A 72 -28.76 -29.27 23.09
C GLU A 72 -27.82 -30.39 23.53
N LEU A 73 -27.52 -31.30 22.61
CA LEU A 73 -26.64 -32.42 22.91
C LEU A 73 -25.22 -31.94 23.15
N TYR A 74 -24.81 -30.92 22.40
CA TYR A 74 -23.48 -30.36 22.57
C TYR A 74 -23.37 -29.68 23.92
N ARG A 75 -24.39 -28.89 24.28
CA ARG A 75 -24.42 -28.21 25.56
C ARG A 75 -24.46 -29.23 26.69
N GLN A 76 -25.22 -30.30 26.46
CA GLN A 76 -25.34 -31.38 27.42
C GLN A 76 -23.98 -31.97 27.71
N LYS A 77 -23.16 -32.08 26.67
CA LYS A 77 -21.81 -32.61 26.82
C LYS A 77 -20.86 -31.53 27.31
N VAL A 78 -21.09 -30.29 26.87
CA VAL A 78 -20.27 -29.15 27.26
C VAL A 78 -20.16 -29.04 28.78
N GLU A 79 -21.26 -29.32 29.47
CA GLU A 79 -21.28 -29.27 30.93
C GLU A 79 -20.22 -30.20 31.54
N PRO A 80 -20.34 -31.53 31.37
CA PRO A 80 -19.35 -32.47 31.90
C PRO A 80 -17.98 -32.28 31.26
N LEU A 81 -17.95 -31.93 29.98
CA LEU A 81 -16.68 -31.71 29.28
C LEU A 81 -15.91 -30.56 29.92
N ARG A 82 -16.63 -29.49 30.25
CA ARG A 82 -16.02 -28.34 30.89
C ARG A 82 -15.62 -28.71 32.30
N ALA A 83 -16.43 -29.55 32.95
CA ALA A 83 -16.14 -30.01 34.30
C ALA A 83 -14.87 -30.87 34.29
N GLU A 84 -14.77 -31.75 33.31
CA GLU A 84 -13.62 -32.62 33.15
C GLU A 84 -12.37 -31.77 32.90
N LEU A 85 -12.52 -30.80 32.01
CA LEU A 85 -11.42 -29.90 31.69
C LEU A 85 -11.05 -29.06 32.89
N GLN A 86 -12.06 -28.61 33.64
CA GLN A 86 -11.86 -27.80 34.83
C GLN A 86 -11.15 -28.60 35.92
N GLU A 87 -11.73 -29.74 36.28
CA GLU A 87 -11.15 -30.60 37.30
C GLU A 87 -9.77 -31.07 36.88
N GLY A 88 -9.65 -31.41 35.59
CA GLY A 88 -8.39 -31.83 35.06
C GLY A 88 -7.38 -30.71 35.11
N ALA A 89 -7.79 -29.51 34.71
CA ALA A 89 -6.93 -28.35 34.73
C ALA A 89 -6.52 -28.04 36.16
N ARG A 90 -7.46 -28.18 37.08
CA ARG A 90 -7.19 -27.94 38.49
C ARG A 90 -6.08 -28.85 38.97
N GLN A 91 -6.19 -30.14 38.63
CA GLN A 91 -5.19 -31.13 39.01
C GLN A 91 -3.86 -30.85 38.30
N LYS A 92 -3.93 -30.70 36.98
CA LYS A 92 -2.74 -30.43 36.17
C LYS A 92 -2.03 -29.15 36.61
N LEU A 93 -2.80 -28.09 36.80
CA LEU A 93 -2.24 -26.81 37.23
C LEU A 93 -1.76 -26.88 38.66
N HIS A 94 -2.45 -27.67 39.48
CA HIS A 94 -2.06 -27.84 40.88
C HIS A 94 -0.69 -28.48 40.93
N GLU A 95 -0.52 -29.53 40.15
CA GLU A 95 0.75 -30.24 40.08
C GLU A 95 1.86 -29.31 39.60
N LEU A 96 1.55 -28.51 38.57
CA LEU A 96 2.50 -27.57 38.02
C LEU A 96 2.83 -26.45 39.02
N GLN A 97 1.80 -25.91 39.66
CA GLN A 97 1.98 -24.84 40.63
C GLN A 97 2.75 -25.32 41.86
N GLU A 98 2.54 -26.58 42.21
CA GLU A 98 3.21 -27.19 43.34
C GLU A 98 4.65 -27.52 42.97
N LYS A 99 4.95 -27.42 41.68
CA LYS A 99 6.29 -27.69 41.18
C LYS A 99 7.02 -26.39 40.88
N LEU A 100 6.29 -25.38 40.40
CA LEU A 100 6.87 -24.08 40.09
C LEU A 100 7.52 -23.45 41.31
N SER A 101 6.99 -23.75 42.49
CA SER A 101 7.54 -23.21 43.72
C SER A 101 8.90 -23.85 44.06
N PRO A 102 8.97 -25.18 44.32
CA PRO A 102 10.24 -25.85 44.65
C PRO A 102 11.23 -25.80 43.49
N LEU A 103 10.75 -26.07 42.28
CA LEU A 103 11.60 -26.05 41.10
C LEU A 103 12.09 -24.63 40.86
N GLY A 104 11.22 -23.66 41.18
CA GLY A 104 11.57 -22.27 41.02
C GLY A 104 12.66 -21.89 41.99
N GLU A 105 12.60 -22.47 43.19
CA GLU A 105 13.60 -22.22 44.22
C GLU A 105 14.96 -22.68 43.72
N GLU A 106 15.02 -23.90 43.18
CA GLU A 106 16.26 -24.44 42.64
C GLU A 106 16.71 -23.61 41.45
N MET A 107 15.74 -23.23 40.63
CA MET A 107 16.03 -22.43 39.43
C MET A 107 16.63 -21.09 39.84
N ARG A 108 16.03 -20.46 40.83
CA ARG A 108 16.51 -19.17 41.31
C ARG A 108 17.83 -19.32 42.04
N ASP A 109 17.97 -20.39 42.82
CA ASP A 109 19.20 -20.64 43.56
C ASP A 109 20.36 -20.86 42.61
N ARG A 110 20.11 -21.66 41.58
CA ARG A 110 21.13 -21.93 40.57
C ARG A 110 21.36 -20.68 39.75
N ALA A 111 20.33 -19.85 39.63
CA ALA A 111 20.44 -18.58 38.92
C ALA A 111 21.28 -17.63 39.74
N ARG A 112 21.16 -17.72 41.07
CA ARG A 112 21.95 -16.90 41.97
C ARG A 112 23.42 -17.20 41.73
N ALA A 113 23.76 -18.48 41.75
CA ALA A 113 25.13 -18.92 41.52
C ALA A 113 25.53 -18.57 40.09
N HIS A 114 24.59 -18.75 39.17
CA HIS A 114 24.81 -18.44 37.77
C HIS A 114 25.24 -16.99 37.59
N VAL A 115 24.39 -16.07 38.03
CA VAL A 115 24.65 -14.65 37.91
C VAL A 115 25.79 -14.19 38.82
N ASP A 116 25.87 -14.74 40.03
CA ASP A 116 26.92 -14.36 40.97
C ASP A 116 28.30 -14.75 40.45
N ALA A 117 28.40 -15.95 39.88
CA ALA A 117 29.66 -16.40 39.32
C ALA A 117 29.98 -15.54 38.12
N LEU A 118 28.94 -15.16 37.39
CA LEU A 118 29.08 -14.29 36.24
C LEU A 118 29.60 -12.94 36.70
N ARG A 119 29.08 -12.46 37.83
CA ARG A 119 29.52 -11.19 38.40
C ARG A 119 30.99 -11.29 38.77
N THR A 120 31.33 -12.35 39.50
CA THR A 120 32.69 -12.59 39.95
C THR A 120 33.64 -12.78 38.76
N HIS A 121 33.11 -13.24 37.63
CA HIS A 121 33.92 -13.44 36.45
C HIS A 121 33.94 -12.21 35.55
N LEU A 122 32.81 -11.53 35.45
CA LEU A 122 32.70 -10.33 34.63
C LEU A 122 33.46 -9.16 35.23
N ALA A 123 33.57 -9.13 36.55
CA ALA A 123 34.30 -8.06 37.23
C ALA A 123 35.72 -7.94 36.69
N PRO A 124 36.56 -8.99 36.79
CA PRO A 124 37.92 -8.95 36.25
C PRO A 124 37.90 -8.92 34.73
N TYR A 125 36.90 -9.57 34.13
CA TYR A 125 36.78 -9.61 32.68
C TYR A 125 36.63 -8.20 32.10
N SER A 126 35.75 -7.41 32.70
CA SER A 126 35.53 -6.04 32.25
C SER A 126 36.74 -5.17 32.59
N ASP A 127 37.28 -5.36 33.79
CA ASP A 127 38.44 -4.59 34.23
C ASP A 127 39.62 -4.84 33.31
N GLU A 128 39.88 -6.11 33.03
CA GLU A 128 40.97 -6.48 32.13
C GLU A 128 40.64 -6.05 30.72
N LEU A 129 39.35 -6.01 30.39
CA LEU A 129 38.93 -5.56 29.08
C LEU A 129 39.32 -4.11 28.92
N ARG A 130 39.19 -3.35 30.00
CA ARG A 130 39.58 -1.94 30.01
C ARG A 130 41.09 -1.85 29.82
N GLN A 131 41.81 -2.77 30.43
CA GLN A 131 43.27 -2.83 30.33
C GLN A 131 43.65 -3.11 28.88
N ARG A 132 42.90 -4.00 28.25
CA ARG A 132 43.13 -4.36 26.86
C ARG A 132 42.76 -3.17 25.97
N LEU A 133 41.61 -2.57 26.27
CA LEU A 133 41.14 -1.41 25.52
C LEU A 133 42.16 -0.30 25.60
N ALA A 134 42.77 -0.15 26.78
CA ALA A 134 43.80 0.87 26.98
C ALA A 134 44.98 0.60 26.07
N ALA A 135 45.44 -0.65 26.05
CA ALA A 135 46.56 -1.05 25.21
C ALA A 135 46.23 -0.83 23.74
N ARG A 136 45.03 -1.26 23.34
CA ARG A 136 44.57 -1.10 21.97
C ARG A 136 44.49 0.37 21.61
N LEU A 137 43.84 1.15 22.47
CA LEU A 137 43.69 2.58 22.24
C LEU A 137 45.03 3.30 22.24
N GLU A 138 45.92 2.91 23.13
CA GLU A 138 47.25 3.53 23.20
C GLU A 138 48.01 3.30 21.91
N ALA A 139 47.98 2.06 21.43
CA ALA A 139 48.66 1.72 20.18
C ALA A 139 47.95 2.38 19.02
N LEU A 140 46.62 2.37 19.06
CA LEU A 140 45.81 2.98 18.00
C LEU A 140 46.01 4.50 17.98
N LYS A 141 46.38 5.06 19.13
CA LYS A 141 46.63 6.49 19.22
C LYS A 141 47.98 6.80 18.61
N GLU A 142 48.93 5.91 18.84
CA GLU A 142 50.27 6.06 18.29
C GLU A 142 50.22 5.82 16.78
N ASN A 143 49.62 4.70 16.40
CA ASN A 143 49.48 4.35 14.99
C ASN A 143 48.55 5.34 14.31
N GLY A 144 47.54 5.79 15.05
CA GLY A 144 46.61 6.75 14.53
C GLY A 144 47.28 8.09 14.32
N GLY A 145 48.13 8.46 15.26
CA GLY A 145 48.86 9.71 15.15
C GLY A 145 49.78 9.67 13.94
N ALA A 146 50.44 8.52 13.77
CA ALA A 146 51.32 8.31 12.63
C ALA A 146 50.48 8.31 11.36
N ARG A 147 49.32 7.67 11.43
CA ARG A 147 48.39 7.60 10.30
C ARG A 147 48.01 9.01 9.89
N LEU A 148 47.63 9.83 10.87
CA LEU A 148 47.24 11.21 10.62
C LEU A 148 48.38 12.00 9.99
N ALA A 149 49.58 11.78 10.49
CA ALA A 149 50.77 12.45 9.96
C ALA A 149 51.05 11.99 8.55
N GLU A 150 51.07 10.67 8.36
CA GLU A 150 51.31 10.08 7.05
C GLU A 150 50.22 10.46 6.06
N TYR A 151 48.97 10.44 6.52
CA TYR A 151 47.85 10.80 5.66
C TYR A 151 47.95 12.25 5.26
N HIS A 152 48.48 13.09 6.15
CA HIS A 152 48.67 14.49 5.86
C HIS A 152 49.69 14.65 4.73
N ALA A 153 50.77 13.87 4.85
CA ALA A 153 51.83 13.88 3.85
C ALA A 153 51.31 13.33 2.53
N LYS A 154 50.55 12.24 2.61
CA LYS A 154 49.97 11.63 1.42
C LYS A 154 48.98 12.58 0.78
N ALA A 155 48.23 13.31 1.60
CA ALA A 155 47.28 14.28 1.12
C ALA A 155 48.02 15.41 0.43
N THR A 156 49.15 15.80 1.02
CA THR A 156 49.99 16.85 0.47
C THR A 156 50.50 16.43 -0.90
N GLU A 157 51.02 15.20 -1.00
CA GLU A 157 51.52 14.67 -2.26
C GLU A 157 50.38 14.59 -3.28
N HIS A 158 49.18 14.34 -2.79
CA HIS A 158 48.02 14.26 -3.65
C HIS A 158 47.56 15.64 -4.06
N LEU A 159 47.74 16.62 -3.18
CA LEU A 159 47.36 17.99 -3.46
C LEU A 159 48.34 18.65 -4.41
N SER A 160 49.64 18.43 -4.16
CA SER A 160 50.67 19.00 -5.01
C SER A 160 50.51 18.49 -6.43
N THR A 161 50.29 17.19 -6.57
CA THR A 161 50.08 16.60 -7.87
C THR A 161 48.73 17.04 -8.43
N LEU A 162 47.76 17.25 -7.54
CA LEU A 162 46.43 17.69 -7.94
C LEU A 162 46.52 19.07 -8.57
N SER A 163 47.41 19.89 -8.03
CA SER A 163 47.62 21.23 -8.57
C SER A 163 48.20 21.11 -9.98
N GLU A 164 48.97 20.05 -10.19
CA GLU A 164 49.57 19.75 -11.48
C GLU A 164 48.58 19.03 -12.38
N LYS A 165 47.33 18.95 -11.91
CA LYS A 165 46.26 18.30 -12.65
C LYS A 165 45.17 19.32 -12.93
N ALA A 166 44.72 19.99 -11.87
CA ALA A 166 43.67 20.99 -11.96
C ALA A 166 44.10 22.22 -12.75
N LYS A 167 45.40 22.44 -12.86
CA LYS A 167 45.89 23.58 -13.62
C LYS A 167 46.06 23.29 -15.11
N PRO A 168 47.05 22.46 -15.51
CA PRO A 168 47.30 22.16 -16.93
C PRO A 168 46.14 21.42 -17.61
N ALA A 169 45.64 20.38 -16.96
CA ALA A 169 44.54 19.60 -17.54
C ALA A 169 43.29 20.45 -17.73
N LEU A 170 42.90 21.21 -16.71
CA LEU A 170 41.73 22.06 -16.82
C LEU A 170 41.93 23.16 -17.85
N GLU A 171 43.13 23.74 -17.86
CA GLU A 171 43.45 24.79 -18.82
C GLU A 171 43.42 24.23 -20.24
N ASP A 172 44.02 23.05 -20.41
CA ASP A 172 44.04 22.41 -21.72
C ASP A 172 42.63 21.98 -22.12
N LEU A 173 41.85 21.58 -21.12
CA LEU A 173 40.46 21.18 -21.36
C LEU A 173 39.69 22.38 -21.87
N ARG A 174 39.95 23.55 -21.29
CA ARG A 174 39.30 24.77 -21.72
C ARG A 174 39.75 25.10 -23.13
N GLN A 175 41.06 24.97 -23.35
CA GLN A 175 41.65 25.24 -24.65
C GLN A 175 41.19 24.25 -25.70
N GLY A 176 40.72 23.09 -25.23
CA GLY A 176 40.22 22.06 -26.13
C GLY A 176 38.74 22.28 -26.35
N LEU A 177 38.04 22.66 -25.28
CA LEU A 177 36.61 22.92 -25.35
C LEU A 177 36.32 24.14 -26.21
N LEU A 178 37.26 25.06 -26.30
CA LEU A 178 37.08 26.26 -27.11
C LEU A 178 36.76 25.87 -28.57
N PRO A 179 37.68 25.17 -29.28
CA PRO A 179 37.42 24.73 -30.66
C PRO A 179 36.41 23.58 -30.72
N VAL A 180 36.40 22.73 -29.69
CA VAL A 180 35.47 21.60 -29.65
C VAL A 180 34.02 22.09 -29.57
N LEU A 181 33.73 22.99 -28.62
CA LEU A 181 32.38 23.52 -28.47
C LEU A 181 32.04 24.37 -29.68
N GLU A 182 33.06 25.02 -30.24
CA GLU A 182 32.88 25.85 -31.42
C GLU A 182 32.45 24.98 -32.59
N SER A 183 33.18 23.88 -32.79
CA SER A 183 32.87 22.95 -33.86
C SER A 183 31.53 22.27 -33.58
N PHE A 184 31.26 22.02 -32.30
CA PHE A 184 30.01 21.41 -31.89
C PHE A 184 28.85 22.32 -32.27
N LYS A 185 29.05 23.63 -32.09
CA LYS A 185 28.05 24.63 -32.43
C LYS A 185 27.84 24.68 -33.94
N VAL A 186 28.92 24.49 -34.70
CA VAL A 186 28.84 24.49 -36.15
C VAL A 186 27.97 23.32 -36.61
N SER A 187 28.23 22.15 -36.06
CA SER A 187 27.44 20.97 -36.37
C SER A 187 26.02 21.14 -35.85
N PHE A 188 25.91 21.80 -34.71
CA PHE A 188 24.61 22.06 -34.09
C PHE A 188 23.76 22.94 -34.99
N LEU A 189 24.36 24.02 -35.51
CA LEU A 189 23.66 24.93 -36.40
C LEU A 189 23.20 24.19 -37.65
N SER A 190 24.08 23.35 -38.18
CA SER A 190 23.76 22.57 -39.36
C SER A 190 22.63 21.59 -39.04
N ALA A 191 22.63 21.08 -37.83
CA ALA A 191 21.60 20.15 -37.38
C ALA A 191 20.27 20.87 -37.21
N LEU A 192 20.31 22.08 -36.65
CA LEU A 192 19.11 22.87 -36.45
C LEU A 192 18.52 23.25 -37.80
N GLU A 193 19.41 23.59 -38.73
CA GLU A 193 19.00 23.95 -40.08
C GLU A 193 18.27 22.77 -40.70
N GLU A 194 18.79 21.58 -40.45
CA GLU A 194 18.19 20.35 -40.98
C GLU A 194 16.76 20.14 -40.48
N TYR A 195 16.60 20.14 -39.17
CA TYR A 195 15.31 19.94 -38.50
C TYR A 195 14.22 20.91 -38.97
N THR A 196 14.47 22.20 -38.82
CA THR A 196 13.48 23.23 -39.19
C THR A 196 13.19 23.27 -40.70
N LYS A 197 14.14 22.79 -41.51
CA LYS A 197 13.98 22.78 -42.97
C LYS A 197 13.30 21.50 -43.45
N LYS A 198 13.42 20.45 -42.66
CA LYS A 198 12.84 19.16 -43.02
C LYS A 198 11.39 19.06 -42.56
N LEU A 199 11.08 19.56 -41.38
CA LEU A 199 9.72 19.45 -40.90
C LEU A 199 8.84 20.63 -41.35
N ASN A 200 8.85 20.89 -42.66
CA ASN A 200 8.06 21.98 -43.23
C ASN A 200 8.30 23.31 -42.51
N LEU B 3 43.89 15.59 -34.17
CA LEU B 3 42.95 16.69 -33.96
C LEU B 3 42.05 16.40 -32.75
N LYS B 4 41.14 15.44 -32.94
CA LYS B 4 40.19 15.04 -31.91
C LYS B 4 40.90 14.65 -30.61
N LEU B 5 41.67 13.58 -30.65
CA LEU B 5 42.37 13.12 -29.46
C LEU B 5 43.76 13.78 -29.33
N LEU B 6 44.81 13.05 -29.72
CA LEU B 6 46.17 13.58 -29.65
C LEU B 6 46.55 14.04 -28.24
N ASP B 7 46.57 15.35 -28.06
CA ASP B 7 46.91 15.98 -26.79
C ASP B 7 45.94 15.56 -25.68
N ASN B 8 44.69 15.30 -26.07
CA ASN B 8 43.65 14.88 -25.11
C ASN B 8 44.13 13.69 -24.29
N TRP B 9 44.63 12.64 -24.97
CA TRP B 9 45.12 11.45 -24.30
C TRP B 9 46.55 11.67 -23.79
N ASP B 10 47.27 12.55 -24.47
CA ASP B 10 48.66 12.86 -24.09
C ASP B 10 48.68 13.53 -22.71
N SER B 11 47.77 14.47 -22.50
CA SER B 11 47.65 15.15 -21.21
C SER B 11 47.31 14.14 -20.13
N VAL B 12 46.54 13.12 -20.51
CA VAL B 12 46.15 12.06 -19.59
C VAL B 12 47.37 11.22 -19.24
N THR B 13 48.28 11.10 -20.19
CA THR B 13 49.50 10.35 -19.98
C THR B 13 50.34 11.06 -18.92
N SER B 14 50.30 12.38 -18.94
CA SER B 14 51.02 13.19 -17.97
C SER B 14 50.41 12.99 -16.58
N THR B 15 49.07 12.93 -16.53
CA THR B 15 48.38 12.72 -15.27
C THR B 15 48.69 11.31 -14.76
N PHE B 16 48.77 10.35 -15.68
CA PHE B 16 49.09 8.98 -15.34
C PHE B 16 50.47 8.93 -14.71
N SER B 17 51.38 9.74 -15.24
CA SER B 17 52.73 9.81 -14.72
C SER B 17 52.69 10.36 -13.29
N LYS B 18 51.85 11.37 -13.08
CA LYS B 18 51.67 11.98 -11.77
C LYS B 18 51.07 10.98 -10.79
N LEU B 19 50.20 10.12 -11.32
CA LEU B 19 49.56 9.09 -10.51
C LEU B 19 50.62 8.10 -10.05
N ARG B 20 51.55 7.80 -10.95
CA ARG B 20 52.64 6.88 -10.65
C ARG B 20 53.58 7.50 -9.63
N GLU B 21 53.65 8.84 -9.61
CA GLU B 21 54.46 9.55 -8.65
C GLU B 21 53.89 9.31 -7.26
N GLN B 22 52.57 9.23 -7.19
CA GLN B 22 51.88 8.97 -5.93
C GLN B 22 52.05 7.51 -5.57
N LEU B 23 52.12 6.67 -6.60
CA LEU B 23 52.29 5.24 -6.42
C LEU B 23 53.69 4.89 -5.90
N GLY B 24 54.53 5.91 -5.79
CA GLY B 24 55.88 5.71 -5.30
C GLY B 24 55.97 5.98 -3.81
N PRO B 25 56.36 7.19 -3.41
CA PRO B 25 56.48 7.58 -2.00
C PRO B 25 55.23 7.30 -1.16
N VAL B 26 54.06 7.62 -1.71
CA VAL B 26 52.81 7.40 -1.00
C VAL B 26 52.59 5.91 -0.70
N THR B 27 52.83 5.06 -1.70
CA THR B 27 52.68 3.62 -1.51
C THR B 27 53.78 3.08 -0.61
N GLN B 28 55.00 3.57 -0.80
CA GLN B 28 56.13 3.16 0.03
C GLN B 28 55.82 3.50 1.48
N GLU B 29 55.28 4.70 1.67
CA GLU B 29 54.90 5.18 2.97
C GLU B 29 53.76 4.30 3.50
N PHE B 30 52.82 3.97 2.62
CA PHE B 30 51.69 3.12 3.00
C PHE B 30 52.19 1.79 3.55
N TRP B 31 53.26 1.26 2.96
CA TRP B 31 53.84 0.01 3.42
C TRP B 31 54.43 0.18 4.82
N ASP B 32 55.14 1.30 5.01
CA ASP B 32 55.74 1.59 6.31
C ASP B 32 54.64 1.84 7.33
N ASN B 33 53.58 2.49 6.88
CA ASN B 33 52.42 2.76 7.73
C ASN B 33 51.79 1.44 8.12
N LEU B 34 51.63 0.56 7.13
CA LEU B 34 51.06 -0.75 7.34
C LEU B 34 51.91 -1.52 8.35
N GLU B 35 53.23 -1.34 8.26
CA GLU B 35 54.14 -1.98 9.18
C GLU B 35 53.88 -1.51 10.60
N LYS B 36 53.72 -0.20 10.77
CA LYS B 36 53.42 0.37 12.08
C LYS B 36 52.12 -0.22 12.60
N GLU B 37 51.11 -0.22 11.74
CA GLU B 37 49.80 -0.75 12.08
C GLU B 37 49.90 -2.22 12.46
N THR B 38 50.50 -3.03 11.60
CA THR B 38 50.63 -4.46 11.85
C THR B 38 51.48 -4.74 13.10
N GLU B 39 52.58 -4.02 13.26
CA GLU B 39 53.45 -4.19 14.42
C GLU B 39 52.68 -3.84 15.70
N GLY B 40 52.02 -2.69 15.67
CA GLY B 40 51.22 -2.26 16.80
C GLY B 40 50.10 -3.24 17.07
N LEU B 41 49.40 -3.62 16.01
CA LEU B 41 48.30 -4.57 16.11
C LEU B 41 48.80 -5.90 16.65
N ARG B 42 50.01 -6.29 16.26
CA ARG B 42 50.59 -7.54 16.73
C ARG B 42 50.95 -7.42 18.20
N GLN B 43 51.32 -6.21 18.63
CA GLN B 43 51.64 -5.96 20.03
C GLN B 43 50.38 -6.08 20.85
N GLU B 44 49.25 -5.79 20.22
CA GLU B 44 47.95 -5.90 20.86
C GLU B 44 47.51 -7.36 20.78
N MET B 45 47.52 -7.91 19.57
CA MET B 45 47.11 -9.27 19.30
C MET B 45 47.90 -10.30 20.10
N SER B 46 49.19 -10.06 20.29
CA SER B 46 50.01 -11.00 21.06
C SER B 46 49.43 -11.16 22.46
N LYS B 47 49.14 -10.03 23.09
CA LYS B 47 48.54 -10.04 24.42
C LYS B 47 47.10 -10.49 24.32
N ASP B 48 46.40 -9.98 23.32
CA ASP B 48 45.00 -10.31 23.09
C ASP B 48 44.79 -11.82 22.99
N LEU B 49 45.54 -12.46 22.11
CA LEU B 49 45.44 -13.90 21.91
C LEU B 49 45.70 -14.66 23.21
N GLU B 50 46.77 -14.31 23.91
CA GLU B 50 47.09 -14.97 25.16
C GLU B 50 46.03 -14.69 26.20
N GLU B 51 45.53 -13.45 26.20
CA GLU B 51 44.47 -13.04 27.10
C GLU B 51 43.19 -13.80 26.78
N VAL B 52 42.96 -14.01 25.48
CA VAL B 52 41.79 -14.74 25.03
C VAL B 52 41.86 -16.17 25.56
N LYS B 53 43.02 -16.79 25.43
CA LYS B 53 43.22 -18.14 25.93
C LYS B 53 43.00 -18.17 27.44
N ALA B 54 43.64 -17.22 28.12
CA ALA B 54 43.56 -17.10 29.57
C ALA B 54 42.15 -16.69 30.03
N LYS B 55 41.31 -16.29 29.10
CA LYS B 55 39.94 -15.90 29.43
C LYS B 55 38.96 -16.98 29.03
N VAL B 56 39.20 -17.60 27.87
CA VAL B 56 38.34 -18.66 27.37
C VAL B 56 38.46 -19.89 28.25
N GLN B 57 39.66 -20.12 28.79
CA GLN B 57 39.89 -21.27 29.67
C GLN B 57 38.94 -21.24 30.88
N PRO B 58 39.00 -20.18 31.73
CA PRO B 58 38.11 -20.06 32.89
C PRO B 58 36.66 -19.81 32.46
N TYR B 59 36.48 -19.22 31.27
CA TYR B 59 35.16 -18.96 30.76
C TYR B 59 34.48 -20.28 30.42
N LEU B 60 35.18 -21.13 29.69
CA LEU B 60 34.66 -22.43 29.33
C LEU B 60 34.53 -23.29 30.57
N ASP B 61 35.42 -23.05 31.54
CA ASP B 61 35.40 -23.77 32.80
C ASP B 61 34.13 -23.45 33.56
N ASP B 62 33.88 -22.17 33.76
CA ASP B 62 32.68 -21.71 34.45
C ASP B 62 31.45 -22.03 33.63
N PHE B 63 31.53 -21.80 32.32
CA PHE B 63 30.41 -22.09 31.43
C PHE B 63 30.08 -23.57 31.46
N GLN B 64 31.11 -24.41 31.63
CA GLN B 64 30.90 -25.85 31.72
C GLN B 64 30.06 -26.13 32.96
N LYS B 65 30.43 -25.48 34.05
CA LYS B 65 29.72 -25.64 35.32
C LYS B 65 28.31 -25.08 35.16
N LYS B 66 28.20 -23.90 34.56
CA LYS B 66 26.91 -23.26 34.34
C LYS B 66 26.03 -24.13 33.45
N TRP B 67 26.61 -24.66 32.38
CA TRP B 67 25.87 -25.53 31.47
C TRP B 67 25.48 -26.80 32.20
N GLN B 68 26.34 -27.25 33.10
CA GLN B 68 26.06 -28.44 33.90
C GLN B 68 24.93 -28.14 34.87
N GLU B 69 25.00 -26.96 35.50
CA GLU B 69 23.98 -26.51 36.44
C GLU B 69 22.63 -26.53 35.74
N GLU B 70 22.61 -26.05 34.50
CA GLU B 70 21.40 -26.03 33.70
C GLU B 70 21.07 -27.42 33.17
N MET B 71 22.09 -28.19 32.81
CA MET B 71 21.88 -29.55 32.32
C MET B 71 21.19 -30.37 33.39
N GLU B 72 21.72 -30.31 34.61
CA GLU B 72 21.13 -31.01 35.73
C GLU B 72 19.74 -30.46 35.99
N LEU B 73 19.64 -29.13 35.99
CA LEU B 73 18.37 -28.44 36.20
C LEU B 73 17.33 -28.88 35.17
N TYR B 74 17.73 -28.89 33.91
CA TYR B 74 16.85 -29.29 32.82
C TYR B 74 16.43 -30.73 33.00
N ARG B 75 17.38 -31.60 33.33
CA ARG B 75 17.07 -33.01 33.55
C ARG B 75 16.12 -33.18 34.72
N GLN B 76 16.39 -32.45 35.80
CA GLN B 76 15.54 -32.51 37.00
C GLN B 76 14.25 -31.72 36.81
N LYS B 77 14.03 -31.23 35.60
CA LYS B 77 12.82 -30.48 35.29
C LYS B 77 12.04 -31.22 34.20
N VAL B 78 12.72 -31.50 33.09
CA VAL B 78 12.12 -32.19 31.96
C VAL B 78 11.68 -33.60 32.32
N GLU B 79 12.48 -34.30 33.11
CA GLU B 79 12.14 -35.67 33.51
C GLU B 79 10.81 -35.71 34.28
N PRO B 80 10.72 -35.00 35.44
CA PRO B 80 9.47 -34.97 36.22
C PRO B 80 8.34 -34.36 35.41
N LEU B 81 8.66 -33.33 34.62
CA LEU B 81 7.66 -32.68 33.78
C LEU B 81 7.12 -33.65 32.75
N ARG B 82 7.98 -34.50 32.22
CA ARG B 82 7.56 -35.51 31.25
C ARG B 82 6.60 -36.49 31.91
N ALA B 83 6.81 -36.75 33.19
CA ALA B 83 5.95 -37.64 33.94
C ALA B 83 4.59 -36.97 34.12
N GLU B 84 4.62 -35.73 34.59
CA GLU B 84 3.41 -34.95 34.79
C GLU B 84 2.68 -34.75 33.46
N LEU B 85 3.43 -34.40 32.43
CA LEU B 85 2.87 -34.19 31.10
C LEU B 85 2.31 -35.49 30.55
N GLN B 86 2.97 -36.60 30.84
CA GLN B 86 2.50 -37.90 30.37
C GLN B 86 1.21 -38.27 31.09
N GLU B 87 1.20 -38.08 32.40
CA GLU B 87 0.02 -38.38 33.21
C GLU B 87 -1.11 -37.45 32.79
N GLY B 88 -0.77 -36.19 32.61
CA GLY B 88 -1.74 -35.19 32.19
C GLY B 88 -2.24 -35.50 30.81
N ALA B 89 -1.34 -35.95 29.94
CA ALA B 89 -1.69 -36.30 28.57
C ALA B 89 -2.54 -37.54 28.57
N ARG B 90 -2.24 -38.49 29.46
CA ARG B 90 -3.00 -39.72 29.58
C ARG B 90 -4.44 -39.38 29.89
N GLN B 91 -4.63 -38.53 30.90
CA GLN B 91 -5.96 -38.11 31.28
C GLN B 91 -6.58 -37.26 30.18
N LYS B 92 -5.77 -36.38 29.58
CA LYS B 92 -6.24 -35.51 28.50
C LYS B 92 -6.68 -36.34 27.31
N LEU B 93 -5.91 -37.39 27.01
CA LEU B 93 -6.22 -38.29 25.91
C LEU B 93 -7.48 -39.07 26.24
N HIS B 94 -7.56 -39.59 27.47
CA HIS B 94 -8.72 -40.34 27.90
C HIS B 94 -9.94 -39.42 27.89
N GLU B 95 -9.72 -38.16 28.24
CA GLU B 95 -10.78 -37.16 28.22
C GLU B 95 -11.27 -37.06 26.79
N LEU B 96 -10.32 -36.84 25.88
CA LEU B 96 -10.62 -36.74 24.45
C LEU B 96 -11.27 -38.00 23.93
N GLN B 97 -10.89 -39.15 24.48
CA GLN B 97 -11.48 -40.42 24.07
C GLN B 97 -12.95 -40.45 24.44
N GLU B 98 -13.27 -39.93 25.61
CA GLU B 98 -14.65 -39.88 26.09
C GLU B 98 -15.35 -38.63 25.58
N LYS B 99 -14.69 -37.92 24.66
CA LYS B 99 -15.26 -36.71 24.08
C LYS B 99 -15.40 -36.87 22.57
N LEU B 100 -14.29 -37.17 21.92
CA LEU B 100 -14.26 -37.33 20.47
C LEU B 100 -15.10 -38.51 20.00
N SER B 101 -15.07 -39.62 20.73
CA SER B 101 -15.84 -40.79 20.36
C SER B 101 -17.34 -40.51 20.38
N PRO B 102 -17.93 -40.11 21.53
CA PRO B 102 -19.37 -39.82 21.61
C PRO B 102 -19.74 -38.65 20.70
N LEU B 103 -18.81 -37.71 20.51
CA LEU B 103 -19.06 -36.58 19.63
C LEU B 103 -19.06 -37.05 18.18
N GLY B 104 -18.13 -37.96 17.87
CA GLY B 104 -18.04 -38.51 16.54
C GLY B 104 -19.28 -39.32 16.20
N GLU B 105 -19.70 -40.17 17.14
CA GLU B 105 -20.89 -40.99 16.96
C GLU B 105 -22.11 -40.09 16.77
N GLU B 106 -22.14 -39.00 17.52
CA GLU B 106 -23.22 -38.04 17.43
C GLU B 106 -23.14 -37.31 16.10
N MET B 107 -21.91 -36.94 15.72
CA MET B 107 -21.66 -36.25 14.46
C MET B 107 -22.06 -37.14 13.28
N ARG B 108 -21.97 -38.45 13.48
CA ARG B 108 -22.37 -39.41 12.46
C ARG B 108 -23.86 -39.31 12.25
N ASP B 109 -24.60 -39.25 13.36
CA ASP B 109 -26.05 -39.14 13.30
C ASP B 109 -26.42 -37.76 12.79
N ARG B 110 -25.65 -36.75 13.21
CA ARG B 110 -25.85 -35.38 12.76
C ARG B 110 -25.67 -35.34 11.25
N ALA B 111 -24.66 -36.06 10.78
CA ALA B 111 -24.35 -36.15 9.36
C ALA B 111 -25.49 -36.83 8.62
N ARG B 112 -26.06 -37.87 9.22
CA ARG B 112 -27.19 -38.56 8.62
C ARG B 112 -28.37 -37.60 8.54
N ALA B 113 -28.53 -36.81 9.60
CA ALA B 113 -29.60 -35.84 9.67
C ALA B 113 -29.23 -34.55 8.95
N HIS B 114 -28.16 -34.59 8.17
CA HIS B 114 -27.71 -33.42 7.42
C HIS B 114 -27.43 -33.79 5.96
N VAL B 115 -26.47 -34.68 5.76
CA VAL B 115 -26.10 -35.13 4.43
C VAL B 115 -27.22 -35.98 3.81
N ASP B 116 -27.73 -36.94 4.56
CA ASP B 116 -28.82 -37.78 4.06
C ASP B 116 -30.06 -36.92 3.84
N ALA B 117 -30.27 -36.00 4.76
CA ALA B 117 -31.40 -35.08 4.66
C ALA B 117 -31.24 -34.24 3.40
N LEU B 118 -30.02 -33.75 3.17
CA LEU B 118 -29.72 -32.95 1.99
C LEU B 118 -29.83 -33.80 0.74
N ARG B 119 -29.52 -35.09 0.86
CA ARG B 119 -29.60 -36.00 -0.28
C ARG B 119 -31.02 -36.01 -0.85
N THR B 120 -32.00 -36.11 0.03
CA THR B 120 -33.40 -36.13 -0.39
C THR B 120 -33.97 -34.72 -0.49
N HIS B 121 -33.10 -33.73 -0.61
CA HIS B 121 -33.51 -32.34 -0.73
C HIS B 121 -32.84 -31.71 -1.94
N LEU B 122 -31.53 -31.95 -2.07
CA LEU B 122 -30.75 -31.43 -3.18
C LEU B 122 -31.04 -32.22 -4.45
N ALA B 123 -31.40 -33.49 -4.30
CA ALA B 123 -31.73 -34.32 -5.45
C ALA B 123 -32.94 -33.74 -6.19
N PRO B 124 -34.11 -33.61 -5.51
CA PRO B 124 -35.29 -33.01 -6.15
C PRO B 124 -34.97 -31.58 -6.59
N TYR B 125 -34.11 -30.91 -5.81
CA TYR B 125 -33.70 -29.55 -6.13
C TYR B 125 -32.95 -29.52 -7.44
N SER B 126 -32.01 -30.45 -7.61
CA SER B 126 -31.25 -30.54 -8.84
C SER B 126 -32.15 -30.93 -10.00
N ASP B 127 -33.16 -31.76 -9.71
CA ASP B 127 -34.12 -32.18 -10.73
C ASP B 127 -34.90 -30.97 -11.19
N GLU B 128 -35.34 -30.17 -10.23
CA GLU B 128 -36.07 -28.95 -10.51
C GLU B 128 -35.16 -28.03 -11.33
N LEU B 129 -33.90 -27.94 -10.90
CA LEU B 129 -32.91 -27.13 -11.59
C LEU B 129 -32.71 -27.62 -13.01
N ARG B 130 -32.71 -28.94 -13.19
CA ARG B 130 -32.55 -29.54 -14.51
C ARG B 130 -33.66 -29.10 -15.43
N GLN B 131 -34.90 -29.11 -14.91
CA GLN B 131 -36.06 -28.69 -15.68
C GLN B 131 -36.03 -27.18 -15.90
N ARG B 132 -35.62 -26.46 -14.86
CA ARG B 132 -35.53 -25.01 -14.93
C ARG B 132 -34.44 -24.59 -15.91
N LEU B 133 -33.33 -25.31 -15.88
CA LEU B 133 -32.22 -25.04 -16.78
C LEU B 133 -32.58 -25.48 -18.19
N ALA B 134 -33.42 -26.51 -18.29
CA ALA B 134 -33.86 -27.00 -19.59
C ALA B 134 -34.65 -25.91 -20.29
N ALA B 135 -35.62 -25.34 -19.57
CA ALA B 135 -36.44 -24.26 -20.10
C ALA B 135 -35.58 -23.02 -20.32
N ARG B 136 -34.60 -22.83 -19.44
CA ARG B 136 -33.69 -21.71 -19.54
C ARG B 136 -32.87 -21.87 -20.82
N LEU B 137 -32.40 -23.08 -21.05
CA LEU B 137 -31.62 -23.39 -22.24
C LEU B 137 -32.50 -23.28 -23.47
N GLU B 138 -33.79 -23.60 -23.33
CA GLU B 138 -34.73 -23.49 -24.43
C GLU B 138 -34.75 -22.06 -24.94
N ALA B 139 -34.80 -21.11 -24.02
CA ALA B 139 -34.78 -19.71 -24.37
C ALA B 139 -33.43 -19.36 -24.98
N LEU B 140 -32.37 -19.84 -24.34
CA LEU B 140 -31.01 -19.60 -24.81
C LEU B 140 -30.78 -20.19 -26.20
N LYS B 141 -31.49 -21.27 -26.50
CA LYS B 141 -31.38 -21.92 -27.81
C LYS B 141 -32.20 -21.16 -28.83
N GLU B 142 -33.44 -20.82 -28.46
CA GLU B 142 -34.32 -20.09 -29.35
C GLU B 142 -33.68 -18.74 -29.68
N ASN B 143 -33.24 -18.05 -28.64
CA ASN B 143 -32.60 -16.76 -28.81
C ASN B 143 -31.23 -16.96 -29.43
N GLY B 144 -30.62 -18.09 -29.13
CA GLY B 144 -29.32 -18.41 -29.69
C GLY B 144 -29.38 -18.51 -31.20
N GLY B 145 -30.32 -19.31 -31.68
CA GLY B 145 -30.51 -19.47 -33.11
C GLY B 145 -30.89 -18.16 -33.76
N ALA B 146 -31.73 -17.39 -33.07
CA ALA B 146 -32.14 -16.09 -33.57
C ALA B 146 -30.94 -15.15 -33.60
N ARG B 147 -30.16 -15.17 -32.54
CA ARG B 147 -28.95 -14.35 -32.43
C ARG B 147 -27.98 -14.70 -33.55
N LEU B 148 -27.84 -15.99 -33.81
CA LEU B 148 -26.94 -16.45 -34.87
C LEU B 148 -27.40 -15.90 -36.22
N ALA B 149 -28.71 -15.92 -36.44
CA ALA B 149 -29.29 -15.39 -37.67
C ALA B 149 -29.06 -13.89 -37.72
N GLU B 150 -29.26 -13.24 -36.59
CA GLU B 150 -29.05 -11.80 -36.46
C GLU B 150 -27.58 -11.48 -36.73
N TYR B 151 -26.69 -12.23 -36.09
CA TYR B 151 -25.25 -12.04 -36.27
C TYR B 151 -24.87 -12.24 -37.73
N HIS B 152 -25.51 -13.20 -38.39
CA HIS B 152 -25.23 -13.48 -39.79
C HIS B 152 -25.69 -12.31 -40.65
N ALA B 153 -26.89 -11.84 -40.38
CA ALA B 153 -27.46 -10.71 -41.11
C ALA B 153 -26.62 -9.46 -40.88
N LYS B 154 -26.32 -9.19 -39.60
CA LYS B 154 -25.52 -8.04 -39.23
C LYS B 154 -24.11 -8.16 -39.80
N ALA B 155 -23.59 -9.39 -39.86
CA ALA B 155 -22.26 -9.63 -40.42
C ALA B 155 -22.29 -9.29 -41.90
N THR B 156 -23.35 -9.70 -42.57
CA THR B 156 -23.53 -9.41 -43.99
C THR B 156 -23.58 -7.91 -44.19
N GLU B 157 -24.37 -7.23 -43.36
CA GLU B 157 -24.49 -5.79 -43.41
C GLU B 157 -23.14 -5.13 -43.13
N HIS B 158 -22.44 -5.66 -42.12
CA HIS B 158 -21.13 -5.15 -41.74
C HIS B 158 -20.12 -5.32 -42.85
N LEU B 159 -20.08 -6.51 -43.44
CA LEU B 159 -19.15 -6.78 -44.54
C LEU B 159 -19.46 -5.87 -45.73
N SER B 160 -20.74 -5.67 -46.00
CA SER B 160 -21.17 -4.82 -47.09
C SER B 160 -20.81 -3.36 -46.84
N THR B 161 -20.81 -2.95 -45.57
CA THR B 161 -20.47 -1.59 -45.21
C THR B 161 -18.96 -1.45 -45.04
N LEU B 162 -18.27 -2.59 -44.97
CA LEU B 162 -16.82 -2.62 -44.84
C LEU B 162 -16.18 -2.54 -46.22
N SER B 163 -16.82 -3.16 -47.20
CA SER B 163 -16.30 -3.15 -48.57
C SER B 163 -16.23 -1.73 -49.12
N GLU B 164 -17.07 -0.85 -48.58
CA GLU B 164 -17.09 0.55 -48.98
C GLU B 164 -15.78 1.23 -48.61
N LYS B 165 -15.07 0.63 -47.67
CA LYS B 165 -13.79 1.16 -47.23
C LYS B 165 -12.67 0.23 -47.67
N ALA B 166 -12.96 -1.06 -47.71
CA ALA B 166 -11.99 -2.07 -48.11
C ALA B 166 -11.63 -1.97 -49.59
N LYS B 167 -12.48 -1.32 -50.38
CA LYS B 167 -12.21 -1.20 -51.80
C LYS B 167 -11.92 0.26 -52.23
N PRO B 168 -12.93 1.14 -52.38
CA PRO B 168 -12.69 2.51 -52.82
C PRO B 168 -11.83 3.32 -51.85
N ALA B 169 -12.09 3.18 -50.55
CA ALA B 169 -11.31 3.91 -49.55
C ALA B 169 -9.87 3.44 -49.51
N LEU B 170 -9.66 2.13 -49.55
CA LEU B 170 -8.31 1.58 -49.55
C LEU B 170 -7.54 2.01 -50.79
N GLU B 171 -8.22 2.01 -51.93
CA GLU B 171 -7.62 2.43 -53.18
C GLU B 171 -7.35 3.92 -53.14
N ASP B 172 -8.23 4.65 -52.46
CA ASP B 172 -8.09 6.10 -52.32
C ASP B 172 -6.88 6.39 -51.44
N LEU B 173 -6.73 5.58 -50.39
CA LEU B 173 -5.61 5.71 -49.48
C LEU B 173 -4.32 5.36 -50.19
N ARG B 174 -4.37 4.32 -51.01
CA ARG B 174 -3.21 3.89 -51.78
C ARG B 174 -2.86 4.96 -52.81
N GLN B 175 -3.90 5.55 -53.40
CA GLN B 175 -3.72 6.61 -54.37
C GLN B 175 -3.24 7.88 -53.72
N GLY B 176 -3.43 7.97 -52.41
CA GLY B 176 -2.99 9.12 -51.64
C GLY B 176 -1.56 8.87 -51.18
N LEU B 177 -1.30 7.63 -50.79
CA LEU B 177 0.02 7.22 -50.33
C LEU B 177 1.04 7.26 -51.46
N LEU B 178 0.57 7.08 -52.70
CA LEU B 178 1.48 7.12 -53.86
C LEU B 178 2.25 8.43 -53.94
N PRO B 179 1.57 9.60 -54.11
CA PRO B 179 2.25 10.90 -54.17
C PRO B 179 2.93 11.22 -52.84
N VAL B 180 2.36 10.70 -51.74
CA VAL B 180 2.92 10.92 -50.41
C VAL B 180 4.27 10.21 -50.30
N LEU B 181 4.33 8.97 -50.78
CA LEU B 181 5.57 8.21 -50.76
C LEU B 181 6.62 8.92 -51.59
N GLU B 182 6.17 9.52 -52.70
CA GLU B 182 7.07 10.26 -53.58
C GLU B 182 7.66 11.44 -52.82
N SER B 183 6.80 12.28 -52.27
CA SER B 183 7.24 13.46 -51.52
C SER B 183 8.06 13.04 -50.30
N PHE B 184 7.66 11.95 -49.66
CA PHE B 184 8.37 11.44 -48.51
C PHE B 184 9.78 11.04 -48.90
N LYS B 185 9.90 10.27 -49.98
CA LYS B 185 11.19 9.84 -50.46
C LYS B 185 12.03 11.03 -50.90
N VAL B 186 11.40 12.00 -51.55
CA VAL B 186 12.11 13.20 -51.98
C VAL B 186 12.65 13.96 -50.77
N SER B 187 11.81 14.10 -49.75
CA SER B 187 12.22 14.77 -48.52
C SER B 187 13.32 13.98 -47.83
N PHE B 188 13.24 12.66 -47.92
CA PHE B 188 14.25 11.78 -47.32
C PHE B 188 15.55 11.85 -48.12
N LEU B 189 15.44 12.09 -49.41
CA LEU B 189 16.60 12.20 -50.27
C LEU B 189 17.44 13.40 -49.85
N SER B 190 16.79 14.53 -49.66
CA SER B 190 17.47 15.74 -49.24
C SER B 190 17.91 15.62 -47.78
N ALA B 191 17.21 14.78 -47.02
CA ALA B 191 17.55 14.56 -45.63
C ALA B 191 18.81 13.71 -45.51
N LEU B 192 18.78 12.54 -46.14
CA LEU B 192 19.92 11.63 -46.11
C LEU B 192 21.16 12.24 -46.74
N GLU B 193 20.97 12.99 -47.83
CA GLU B 193 22.08 13.61 -48.51
C GLU B 193 22.72 14.73 -47.69
N GLU B 194 21.90 15.67 -47.22
CA GLU B 194 22.41 16.78 -46.43
C GLU B 194 22.99 16.35 -45.09
N TYR B 195 22.31 15.44 -44.42
CA TYR B 195 22.78 14.96 -43.12
C TYR B 195 24.16 14.33 -43.19
N THR B 196 24.42 13.58 -44.25
CA THR B 196 25.71 12.94 -44.41
C THR B 196 26.80 13.96 -44.74
N LYS B 197 26.42 15.00 -45.47
CA LYS B 197 27.36 16.06 -45.85
C LYS B 197 27.78 16.88 -44.62
N LYS B 198 26.84 17.04 -43.69
CA LYS B 198 27.09 17.81 -42.48
C LYS B 198 27.68 16.94 -41.37
N LEU B 199 27.91 15.67 -41.68
CA LEU B 199 28.50 14.75 -40.72
C LEU B 199 29.79 14.13 -41.25
N ASN B 200 30.11 14.42 -42.50
CA ASN B 200 31.32 13.89 -43.12
C ASN B 200 32.43 14.92 -43.10
N MET C 3 -13.53 6.91 21.73
CA MET C 3 -12.12 7.02 22.18
C MET C 3 -11.51 8.34 21.73
N THR C 4 -11.49 8.57 20.43
CA THR C 4 -10.93 9.79 19.88
C THR C 4 -12.02 10.83 19.64
N GLU C 5 -11.62 12.09 19.54
CA GLU C 5 -12.56 13.18 19.31
C GLU C 5 -12.14 13.96 18.07
N TYR C 6 -13.09 14.27 17.20
CA TYR C 6 -12.80 15.01 15.98
C TYR C 6 -13.80 16.13 15.76
N LYS C 7 -13.35 17.36 15.92
CA LYS C 7 -14.19 18.53 15.70
C LYS C 7 -14.16 18.91 14.23
N LEU C 8 -15.32 18.92 13.60
CA LEU C 8 -15.44 19.24 12.19
C LEU C 8 -16.36 20.43 11.96
N VAL C 9 -15.84 21.46 11.34
CA VAL C 9 -16.62 22.66 11.05
C VAL C 9 -17.07 22.64 9.59
N VAL C 10 -18.37 22.74 9.38
CA VAL C 10 -18.92 22.72 8.03
C VAL C 10 -19.22 24.14 7.55
N VAL C 11 -18.57 24.54 6.46
CA VAL C 11 -18.77 25.86 5.90
C VAL C 11 -19.35 25.76 4.48
N GLY C 12 -19.85 26.88 3.97
CA GLY C 12 -20.43 26.90 2.65
C GLY C 12 -21.46 27.99 2.51
N ALA C 13 -22.06 28.10 1.33
CA ALA C 13 -23.07 29.12 1.06
C ALA C 13 -24.41 28.76 1.67
N GLY C 14 -25.31 29.74 1.74
CA GLY C 14 -26.62 29.53 2.30
C GLY C 14 -27.58 28.86 1.34
N GLY C 15 -27.20 27.67 0.89
CA GLY C 15 -28.03 26.92 -0.04
C GLY C 15 -27.51 25.50 -0.27
N VAL C 16 -26.36 25.19 0.33
CA VAL C 16 -25.77 23.86 0.18
C VAL C 16 -26.32 22.89 1.22
N GLY C 17 -27.19 23.39 2.09
CA GLY C 17 -27.78 22.54 3.12
C GLY C 17 -26.87 22.33 4.31
N LYS C 18 -26.23 23.41 4.77
CA LYS C 18 -25.32 23.33 5.92
C LYS C 18 -26.02 22.81 7.17
N SER C 19 -27.28 23.20 7.34
CA SER C 19 -28.06 22.76 8.49
C SER C 19 -29.01 21.62 8.10
N ALA C 20 -28.67 20.93 7.01
CA ALA C 20 -29.48 19.82 6.52
C ALA C 20 -28.65 18.54 6.46
N LEU C 21 -27.45 18.64 5.88
CA LEU C 21 -26.55 17.49 5.75
C LEU C 21 -26.14 16.99 7.14
N THR C 22 -26.09 17.90 8.08
CA THR C 22 -25.71 17.59 9.44
C THR C 22 -26.75 16.66 10.09
N ILE C 23 -28.02 17.02 9.93
CA ILE C 23 -29.11 16.24 10.50
C ILE C 23 -29.19 14.84 9.87
N GLN C 24 -28.81 14.76 8.59
CA GLN C 24 -28.83 13.48 7.88
C GLN C 24 -27.87 12.49 8.53
N LEU C 25 -26.74 12.98 9.00
CA LEU C 25 -25.75 12.12 9.64
C LEU C 25 -26.02 11.95 11.12
N ILE C 26 -26.51 13.00 11.77
CA ILE C 26 -26.78 12.97 13.20
C ILE C 26 -28.06 12.22 13.57
N GLN C 27 -29.16 12.56 12.89
CA GLN C 27 -30.44 11.92 13.17
C GLN C 27 -30.80 10.85 12.15
N ASN C 28 -29.92 10.65 11.17
CA ASN C 28 -30.13 9.63 10.13
C ASN C 28 -31.38 9.89 9.30
N HIS C 29 -31.68 11.17 9.10
CA HIS C 29 -32.85 11.53 8.29
C HIS C 29 -32.68 12.93 7.68
N PHE C 30 -33.23 13.11 6.50
CA PHE C 30 -33.15 14.38 5.81
C PHE C 30 -34.29 15.30 6.27
N VAL C 31 -34.08 16.60 6.14
CA VAL C 31 -35.08 17.56 6.56
C VAL C 31 -35.72 18.26 5.36
N ASP C 32 -37.03 18.45 5.41
CA ASP C 32 -37.75 19.09 4.33
C ASP C 32 -37.59 20.59 4.42
N GLU C 33 -37.53 21.11 5.64
CA GLU C 33 -37.37 22.53 5.86
C GLU C 33 -36.62 22.78 7.16
N TYR C 34 -35.63 23.65 7.09
CA TYR C 34 -34.83 24.00 8.26
C TYR C 34 -34.31 25.42 8.09
N ASP C 35 -34.53 26.25 9.09
CA ASP C 35 -34.09 27.65 9.04
C ASP C 35 -32.58 27.77 8.86
N PRO C 36 -32.15 28.46 7.80
CA PRO C 36 -30.72 28.65 7.48
C PRO C 36 -29.96 29.40 8.57
N THR C 37 -30.64 30.23 9.34
CA THR C 37 -30.00 31.00 10.40
C THR C 37 -29.59 30.12 11.56
N ILE C 38 -30.13 28.91 11.62
CA ILE C 38 -29.80 27.97 12.69
C ILE C 38 -28.31 27.60 12.65
N GLU C 39 -27.59 28.13 13.62
CA GLU C 39 -26.15 27.92 13.75
C GLU C 39 -25.84 27.33 15.12
N ASP C 40 -25.58 26.02 15.15
CA ASP C 40 -25.26 25.33 16.39
C ASP C 40 -24.35 24.14 16.09
N SER C 41 -24.17 23.25 17.05
CA SER C 41 -23.30 22.12 16.85
C SER C 41 -24.02 20.79 17.16
N TYR C 42 -23.53 19.72 16.56
CA TYR C 42 -24.09 18.39 16.76
C TYR C 42 -22.98 17.42 17.14
N ARG C 43 -23.26 16.55 18.11
CA ARG C 43 -22.27 15.58 18.56
C ARG C 43 -22.81 14.15 18.45
N LYS C 44 -22.04 13.29 17.79
CA LYS C 44 -22.44 11.90 17.60
C LYS C 44 -21.22 10.98 17.58
N GLN C 45 -21.32 9.83 18.23
CA GLN C 45 -20.22 8.87 18.26
C GLN C 45 -20.46 7.78 17.24
N VAL C 46 -19.49 7.56 16.36
CA VAL C 46 -19.60 6.55 15.32
C VAL C 46 -18.29 5.80 15.13
N VAL C 47 -18.35 4.66 14.47
CA VAL C 47 -17.18 3.85 14.20
C VAL C 47 -16.69 4.14 12.79
N ILE C 48 -15.72 5.03 12.68
CA ILE C 48 -15.18 5.42 11.38
C ILE C 48 -14.04 4.50 10.94
N ASP C 49 -14.35 3.60 10.00
CA ASP C 49 -13.36 2.67 9.45
C ASP C 49 -12.79 1.72 10.51
N GLY C 50 -13.38 1.75 11.70
CA GLY C 50 -12.93 0.91 12.78
C GLY C 50 -12.58 1.71 14.03
N GLU C 51 -12.43 3.02 13.87
CA GLU C 51 -12.10 3.89 14.99
C GLU C 51 -13.36 4.54 15.57
N THR C 52 -13.72 4.13 16.78
CA THR C 52 -14.88 4.67 17.46
C THR C 52 -14.53 6.06 18.01
N CYS C 53 -15.02 7.08 17.34
CA CYS C 53 -14.73 8.46 17.72
C CYS C 53 -15.99 9.30 17.82
N LEU C 54 -15.88 10.41 18.53
CA LEU C 54 -16.98 11.34 18.70
C LEU C 54 -16.82 12.51 17.74
N LEU C 55 -17.81 12.71 16.89
CA LEU C 55 -17.77 13.78 15.91
C LEU C 55 -18.46 15.03 16.44
N ASP C 56 -17.71 16.13 16.47
CA ASP C 56 -18.23 17.41 16.93
C ASP C 56 -18.39 18.30 15.70
N ILE C 57 -19.55 18.24 15.09
CA ILE C 57 -19.82 18.99 13.87
C ILE C 57 -20.49 20.33 14.16
N LEU C 58 -19.89 21.40 13.65
CA LEU C 58 -20.41 22.74 13.83
C LEU C 58 -21.11 23.22 12.56
N ASP C 59 -22.39 23.52 12.69
CA ASP C 59 -23.19 24.01 11.56
C ASP C 59 -23.17 25.53 11.55
N THR C 60 -22.45 26.09 10.58
CA THR C 60 -22.35 27.54 10.46
C THR C 60 -23.50 28.11 9.64
N ALA C 61 -23.83 29.35 9.93
CA ALA C 61 -24.87 30.06 9.20
C ALA C 61 -24.22 31.14 8.35
N GLY C 62 -23.22 31.80 8.94
CA GLY C 62 -22.51 32.86 8.24
C GLY C 62 -23.03 34.22 8.62
N GLN C 63 -23.67 34.30 9.78
CA GLN C 63 -24.24 35.54 10.27
C GLN C 63 -23.22 36.32 11.09
N GLU C 64 -23.54 37.58 11.36
CA GLU C 64 -22.65 38.44 12.14
C GLU C 64 -22.92 38.27 13.63
N GLU C 65 -23.91 37.43 13.94
CA GLU C 65 -24.30 37.14 15.30
C GLU C 65 -23.09 36.76 16.15
N TYR C 66 -23.04 37.25 17.37
CA TYR C 66 -21.94 36.95 18.26
C TYR C 66 -22.11 35.59 18.91
N SER C 67 -21.44 34.59 18.35
CA SER C 67 -21.52 33.24 18.88
C SER C 67 -20.17 32.83 19.45
N ALA C 68 -20.10 32.74 20.78
CA ALA C 68 -18.87 32.33 21.44
C ALA C 68 -18.54 30.90 21.07
N MET C 69 -19.59 30.11 20.86
CA MET C 69 -19.43 28.71 20.48
C MET C 69 -18.76 28.58 19.12
N ARG C 70 -19.19 29.42 18.17
CA ARG C 70 -18.64 29.40 16.83
C ARG C 70 -17.15 29.73 16.82
N ASP C 71 -16.75 30.75 17.57
CA ASP C 71 -15.35 31.16 17.62
C ASP C 71 -14.50 30.12 18.35
N GLN C 72 -15.07 29.55 19.40
CA GLN C 72 -14.38 28.52 20.18
C GLN C 72 -14.04 27.33 19.29
N TYR C 73 -15.07 26.79 18.63
CA TYR C 73 -14.90 25.63 17.76
C TYR C 73 -14.07 25.98 16.53
N MET C 74 -14.03 27.25 16.18
CA MET C 74 -13.26 27.69 15.02
C MET C 74 -11.77 27.61 15.33
N ARG C 75 -11.43 27.84 16.60
CA ARG C 75 -10.04 27.80 17.02
C ARG C 75 -9.62 26.43 17.52
N THR C 76 -10.53 25.70 18.15
CA THR C 76 -10.22 24.37 18.67
C THR C 76 -10.52 23.26 17.68
N GLY C 77 -11.23 23.59 16.60
CA GLY C 77 -11.59 22.61 15.59
C GLY C 77 -10.39 21.93 14.94
N GLU C 78 -10.59 20.69 14.51
CA GLU C 78 -9.52 19.93 13.86
C GLU C 78 -9.66 19.96 12.35
N GLY C 79 -10.82 19.54 11.87
CA GLY C 79 -11.05 19.50 10.43
C GLY C 79 -12.10 20.48 9.97
N PHE C 80 -11.86 21.06 8.80
CA PHE C 80 -12.78 22.02 8.22
C PHE C 80 -13.22 21.52 6.86
N LEU C 81 -14.53 21.44 6.65
CA LEU C 81 -15.07 20.96 5.39
C LEU C 81 -15.75 22.08 4.61
N CYS C 82 -15.26 22.31 3.41
CA CYS C 82 -15.83 23.34 2.54
C CYS C 82 -16.82 22.70 1.59
N VAL C 83 -18.11 22.88 1.88
CA VAL C 83 -19.16 22.30 1.06
C VAL C 83 -19.68 23.31 0.04
N PHE C 84 -19.53 22.98 -1.23
CA PHE C 84 -20.01 23.84 -2.30
C PHE C 84 -20.98 23.08 -3.19
N ALA C 85 -21.66 23.78 -4.08
CA ALA C 85 -22.61 23.15 -4.97
C ALA C 85 -22.04 23.04 -6.38
N ILE C 86 -21.98 21.81 -6.90
CA ILE C 86 -21.46 21.57 -8.24
C ILE C 86 -22.32 22.20 -9.33
N ASN C 87 -23.54 22.58 -8.95
CA ASN C 87 -24.46 23.21 -9.89
C ASN C 87 -24.48 24.71 -9.70
N ASN C 88 -23.62 25.19 -8.81
CA ASN C 88 -23.52 26.61 -8.52
C ASN C 88 -22.07 27.04 -8.39
N THR C 89 -21.50 27.50 -9.50
CA THR C 89 -20.10 27.93 -9.54
C THR C 89 -19.85 29.11 -8.62
N LYS C 90 -20.92 29.82 -8.27
CA LYS C 90 -20.82 30.98 -7.39
C LYS C 90 -20.25 30.58 -6.02
N SER C 91 -20.59 29.38 -5.58
CA SER C 91 -20.10 28.88 -4.31
C SER C 91 -18.72 28.23 -4.48
N PHE C 92 -18.45 27.75 -5.69
CA PHE C 92 -17.18 27.10 -6.00
C PHE C 92 -16.04 28.12 -5.97
N GLU C 93 -16.30 29.31 -6.47
CA GLU C 93 -15.29 30.37 -6.51
C GLU C 93 -15.16 31.05 -5.14
N ASP C 94 -15.92 30.56 -4.16
CA ASP C 94 -15.87 31.11 -2.82
C ASP C 94 -15.02 30.24 -1.92
N ILE C 95 -14.59 29.09 -2.45
CA ILE C 95 -13.77 28.15 -1.70
C ILE C 95 -12.47 28.80 -1.22
N HIS C 96 -11.83 29.55 -2.12
CA HIS C 96 -10.59 30.24 -1.79
C HIS C 96 -10.84 31.24 -0.67
N HIS C 97 -12.01 31.86 -0.71
CA HIS C 97 -12.42 32.84 0.28
C HIS C 97 -12.56 32.18 1.66
N TYR C 98 -13.00 30.94 1.67
CA TYR C 98 -13.18 30.20 2.91
C TYR C 98 -11.83 29.78 3.48
N ARG C 99 -10.97 29.25 2.60
CA ARG C 99 -9.64 28.78 3.02
C ARG C 99 -8.80 29.88 3.65
N GLU C 100 -8.76 31.06 3.03
CA GLU C 100 -7.96 32.18 3.53
C GLU C 100 -8.33 32.52 4.98
N GLN C 101 -9.61 32.44 5.29
CA GLN C 101 -10.10 32.74 6.64
C GLN C 101 -9.57 31.72 7.63
N ILE C 102 -9.78 30.43 7.31
CA ILE C 102 -9.34 29.34 8.17
C ILE C 102 -7.81 29.35 8.34
N LYS C 103 -7.12 29.68 7.26
CA LYS C 103 -5.66 29.74 7.25
C LYS C 103 -5.16 30.75 8.28
N ARG C 104 -5.87 31.87 8.39
CA ARG C 104 -5.51 32.91 9.34
C ARG C 104 -5.81 32.52 10.77
N VAL C 105 -6.92 31.82 10.97
CA VAL C 105 -7.32 31.38 12.31
C VAL C 105 -6.39 30.29 12.84
N LYS C 106 -5.95 29.41 11.95
CA LYS C 106 -5.07 28.31 12.35
C LYS C 106 -3.59 28.68 12.25
N ASP C 107 -3.31 29.78 11.54
CA ASP C 107 -1.93 30.26 11.35
C ASP C 107 -1.07 29.18 10.71
N SER C 108 -1.57 28.60 9.62
CA SER C 108 -0.87 27.56 8.90
C SER C 108 -1.58 27.26 7.58
N GLU C 109 -0.83 26.73 6.62
CA GLU C 109 -1.39 26.38 5.31
C GLU C 109 -1.79 24.90 5.29
N ASP C 110 -1.03 24.08 6.01
CA ASP C 110 -1.30 22.65 6.08
C ASP C 110 -2.34 22.36 7.16
N VAL C 111 -3.59 22.67 6.85
CA VAL C 111 -4.70 22.46 7.77
C VAL C 111 -5.64 21.39 7.22
N PRO C 112 -6.10 20.45 8.08
CA PRO C 112 -7.01 19.37 7.67
C PRO C 112 -8.31 19.94 7.08
N MET C 113 -8.33 20.04 5.76
CA MET C 113 -9.48 20.58 5.05
C MET C 113 -9.90 19.61 3.94
N VAL C 114 -11.19 19.47 3.74
CA VAL C 114 -11.71 18.59 2.70
C VAL C 114 -12.70 19.34 1.82
N LEU C 115 -12.54 19.20 0.51
CA LEU C 115 -13.43 19.84 -0.44
C LEU C 115 -14.62 18.92 -0.70
N VAL C 116 -15.80 19.37 -0.30
CA VAL C 116 -17.00 18.56 -0.45
C VAL C 116 -17.91 19.11 -1.54
N GLY C 117 -18.16 18.28 -2.55
CA GLY C 117 -19.03 18.66 -3.63
C GLY C 117 -20.42 18.09 -3.40
N ASN C 118 -21.35 18.93 -2.98
CA ASN C 118 -22.71 18.49 -2.71
C ASN C 118 -23.61 18.65 -3.94
N LYS C 119 -24.72 17.93 -3.94
CA LYS C 119 -25.70 17.97 -5.04
C LYS C 119 -25.12 17.33 -6.29
N CYS C 120 -24.29 16.31 -6.10
CA CYS C 120 -23.65 15.61 -7.21
C CYS C 120 -24.62 14.73 -7.98
N ASP C 121 -25.81 14.53 -7.43
CA ASP C 121 -26.83 13.71 -8.07
C ASP C 121 -27.64 14.51 -9.08
N LEU C 122 -27.32 15.80 -9.20
CA LEU C 122 -27.99 16.66 -10.15
C LEU C 122 -27.21 16.71 -11.46
N PRO C 123 -27.84 16.26 -12.56
CA PRO C 123 -27.18 16.25 -13.89
C PRO C 123 -26.86 17.65 -14.39
N SER C 124 -27.59 18.63 -13.88
CA SER C 124 -27.40 20.02 -14.26
C SER C 124 -26.22 20.64 -13.50
N ARG C 125 -25.06 20.02 -13.62
CA ARG C 125 -23.87 20.51 -12.95
C ARG C 125 -23.08 21.45 -13.84
N THR C 126 -22.68 22.58 -13.29
CA THR C 126 -21.92 23.56 -14.03
C THR C 126 -20.43 23.36 -13.78
N VAL C 127 -20.09 23.03 -12.53
CA VAL C 127 -18.71 22.81 -12.15
C VAL C 127 -18.22 21.46 -12.67
N ASP C 128 -17.23 21.49 -13.54
CA ASP C 128 -16.66 20.27 -14.10
C ASP C 128 -15.81 19.57 -13.04
N THR C 129 -15.97 18.26 -12.94
CA THR C 129 -15.24 17.46 -11.98
C THR C 129 -13.72 17.62 -12.15
N LYS C 130 -13.28 17.76 -13.41
CA LYS C 130 -11.86 17.91 -13.69
C LYS C 130 -11.32 19.24 -13.17
N GLN C 131 -12.20 20.22 -13.01
CA GLN C 131 -11.81 21.54 -12.53
C GLN C 131 -11.71 21.52 -11.01
N ALA C 132 -12.69 20.89 -10.37
CA ALA C 132 -12.74 20.82 -8.91
C ALA C 132 -11.60 19.96 -8.36
N GLN C 133 -11.35 18.83 -9.00
CA GLN C 133 -10.29 17.91 -8.55
C GLN C 133 -8.91 18.55 -8.62
N ASP C 134 -8.60 19.16 -9.77
CA ASP C 134 -7.30 19.80 -9.96
C ASP C 134 -7.08 20.94 -8.97
N LEU C 135 -8.14 21.71 -8.71
CA LEU C 135 -8.05 22.83 -7.78
C LEU C 135 -7.73 22.33 -6.38
N ALA C 136 -8.43 21.30 -5.93
CA ALA C 136 -8.20 20.72 -4.62
C ALA C 136 -6.80 20.12 -4.53
N ARG C 137 -6.39 19.46 -5.60
CA ARG C 137 -5.07 18.85 -5.66
C ARG C 137 -3.97 19.90 -5.54
N SER C 138 -4.21 21.06 -6.14
CA SER C 138 -3.25 22.16 -6.10
C SER C 138 -3.19 22.78 -4.71
N TYR C 139 -4.25 22.57 -3.93
CA TYR C 139 -4.33 23.10 -2.57
C TYR C 139 -3.82 22.07 -1.56
N GLY C 140 -3.62 20.85 -2.03
CA GLY C 140 -3.15 19.79 -1.15
C GLY C 140 -4.26 19.26 -0.26
N ILE C 141 -5.48 19.24 -0.79
CA ILE C 141 -6.63 18.75 -0.03
C ILE C 141 -7.46 17.78 -0.88
N PRO C 142 -8.09 16.78 -0.24
CA PRO C 142 -8.92 15.81 -0.93
C PRO C 142 -10.28 16.38 -1.33
N PHE C 143 -10.78 15.96 -2.49
CA PHE C 143 -12.07 16.40 -2.98
C PHE C 143 -12.97 15.21 -3.23
N ILE C 144 -14.15 15.21 -2.62
CA ILE C 144 -15.10 14.12 -2.77
C ILE C 144 -16.51 14.66 -3.07
N GLU C 145 -17.15 14.10 -4.09
CA GLU C 145 -18.51 14.49 -4.44
C GLU C 145 -19.47 13.59 -3.69
N THR C 146 -20.36 14.18 -2.90
CA THR C 146 -21.28 13.39 -2.10
C THR C 146 -22.72 13.87 -2.22
N SER C 147 -23.65 12.94 -2.06
CA SER C 147 -25.07 13.25 -2.11
C SER C 147 -25.77 12.61 -0.92
N ALA C 148 -26.42 13.44 -0.11
CA ALA C 148 -27.13 12.97 1.07
C ALA C 148 -28.48 12.38 0.70
N LYS C 149 -28.78 12.35 -0.58
CA LYS C 149 -30.04 11.80 -1.06
C LYS C 149 -29.95 10.29 -1.26
N THR C 150 -28.89 9.85 -1.94
CA THR C 150 -28.70 8.43 -2.20
C THR C 150 -27.47 7.87 -1.45
N ARG C 151 -26.96 8.66 -0.51
CA ARG C 151 -25.79 8.27 0.29
C ARG C 151 -24.59 7.96 -0.61
N GLN C 152 -24.43 8.75 -1.66
CA GLN C 152 -23.36 8.56 -2.62
C GLN C 152 -21.98 8.91 -2.06
N GLY C 153 -21.24 7.88 -1.67
CA GLY C 153 -19.89 8.06 -1.14
C GLY C 153 -19.81 8.85 0.15
N VAL C 154 -20.93 8.94 0.85
CA VAL C 154 -20.97 9.69 2.10
C VAL C 154 -20.20 8.97 3.20
N ASP C 155 -20.21 7.65 3.17
CA ASP C 155 -19.53 6.83 4.17
C ASP C 155 -18.02 6.96 4.08
N ASP C 156 -17.46 6.58 2.94
CA ASP C 156 -16.01 6.62 2.74
C ASP C 156 -15.45 8.03 2.70
N ALA C 157 -16.33 9.03 2.60
CA ALA C 157 -15.90 10.42 2.59
C ALA C 157 -15.24 10.77 3.92
N PHE C 158 -15.95 10.50 5.01
CA PHE C 158 -15.44 10.77 6.34
C PHE C 158 -14.36 9.76 6.70
N TYR C 159 -14.46 8.57 6.12
CA TYR C 159 -13.49 7.52 6.35
C TYR C 159 -12.12 7.96 5.85
N THR C 160 -12.08 8.43 4.60
CA THR C 160 -10.84 8.89 4.00
C THR C 160 -10.28 10.07 4.79
N LEU C 161 -11.17 10.92 5.28
CA LEU C 161 -10.78 12.08 6.08
C LEU C 161 -9.96 11.64 7.28
N VAL C 162 -10.48 10.65 8.01
CA VAL C 162 -9.78 10.12 9.18
C VAL C 162 -8.49 9.44 8.78
N ARG C 163 -8.51 8.72 7.67
CA ARG C 163 -7.32 8.03 7.17
C ARG C 163 -6.21 9.02 6.89
N GLU C 164 -6.57 10.13 6.23
CA GLU C 164 -5.60 11.18 5.93
C GLU C 164 -5.11 11.84 7.22
N ILE C 165 -6.03 12.03 8.16
CA ILE C 165 -5.71 12.63 9.45
C ILE C 165 -4.71 11.74 10.18
N ARG C 166 -4.93 10.43 10.10
CA ARG C 166 -4.04 9.46 10.73
C ARG C 166 -2.63 9.59 10.17
N LYS C 167 -2.54 9.72 8.84
CA LYS C 167 -1.25 9.88 8.18
C LYS C 167 -0.63 11.23 8.56
N HIS C 168 -1.48 12.22 8.81
CA HIS C 168 -1.01 13.54 9.21
C HIS C 168 -0.42 13.45 10.60
N LYS C 169 -1.03 12.60 11.44
CA LYS C 169 -0.54 12.39 12.80
C LYS C 169 0.81 11.71 12.71
N GLU C 170 0.88 10.68 11.86
CA GLU C 170 2.10 9.91 11.64
C GLU C 170 3.23 10.82 11.16
N LYS C 171 2.89 11.78 10.32
CA LYS C 171 3.85 12.73 9.80
C LYS C 171 4.46 13.54 10.94
N MET C 172 3.66 13.83 11.95
CA MET C 172 4.11 14.61 13.09
C MET C 172 4.96 13.76 14.04
N SER C 173 4.61 12.48 14.16
CA SER C 173 5.36 11.58 15.05
C SER C 173 6.76 11.31 14.52
N LYS C 174 6.94 11.47 13.22
CA LYS C 174 8.25 11.24 12.59
C LYS C 174 8.97 12.57 12.38
N ASP C 175 8.21 13.60 12.01
CA ASP C 175 8.74 14.94 11.76
C ASP C 175 9.43 15.01 10.39
N GLY C 176 9.42 13.87 9.69
CA GLY C 176 10.03 13.80 8.38
C GLY C 176 11.54 13.63 8.45
N LYS C 177 12.20 14.65 8.97
CA LYS C 177 13.65 14.66 9.10
C LYS C 177 14.05 15.40 10.37
N LYS C 178 15.11 16.18 10.28
CA LYS C 178 15.59 16.97 11.40
C LYS C 178 16.28 18.22 10.89
N LYS C 179 16.21 19.29 11.67
CA LYS C 179 16.83 20.55 11.26
C LYS C 179 18.31 20.53 11.56
N LYS C 180 19.11 20.25 10.54
CA LYS C 180 20.56 20.19 10.69
C LYS C 180 21.26 21.07 9.65
N LYS C 181 20.50 21.50 8.65
CA LYS C 181 21.01 22.33 7.56
C LYS C 181 21.90 21.53 6.61
N LYS C 182 22.09 22.05 5.41
CA LYS C 182 22.93 21.39 4.43
C LYS C 182 23.59 22.41 3.51
N SER C 183 24.90 22.26 3.32
CA SER C 183 25.67 23.16 2.45
C SER C 183 25.81 24.57 3.04
N LYS C 184 26.38 25.46 2.25
CA LYS C 184 26.59 26.84 2.65
C LYS C 184 27.01 27.67 1.44
N THR C 185 27.94 27.12 0.68
CA THR C 185 28.44 27.78 -0.52
C THR C 185 28.52 26.77 -1.67
N LYS C 186 28.45 27.27 -2.90
CA LYS C 186 28.52 26.43 -4.11
C LYS C 186 27.32 25.49 -4.22
N CYS C 187 26.22 26.02 -4.74
CA CYS C 187 25.01 25.24 -4.92
C CYS C 187 24.69 25.06 -6.41
C1 PCW D . 11.36 18.16 -1.72
C2 PCW D . 11.65 17.42 -3.07
C3 PCW D . 12.67 18.24 -3.93
C4 PCW D . 8.15 16.84 -2.38
C5 PCW D . 6.71 16.59 -1.91
C6 PCW D . 4.25 16.43 -2.57
C7 PCW D . 5.98 15.36 -3.94
C8 PCW D . 5.51 14.96 -2.20
C11 PCW D . 12.09 17.76 -6.21
C12 PCW D . 12.57 16.98 -7.40
C13 PCW D . 13.30 17.97 -8.38
C14 PCW D . 13.86 17.34 -9.65
C15 PCW D . 15.31 17.75 -10.03
C16 PCW D . 15.48 17.87 -11.59
C17 PCW D . 16.21 19.14 -12.14
C18 PCW D . 17.67 19.23 -11.71
C19 PCW D . 18.63 19.56 -12.89
C20 PCW D . 19.18 18.58 -13.69
C21 PCW D . 19.07 17.10 -13.70
C22 PCW D . 20.40 16.54 -13.14
C23 PCW D . 20.35 15.22 -12.32
C24 PCW D . 20.99 14.01 -12.94
C25 PCW D . 22.52 13.94 -13.15
C26 PCW D . 23.26 12.88 -12.35
C27 PCW D . 24.66 12.46 -12.84
C28 PCW D . 24.93 11.01 -12.49
C31 PCW D . 11.59 15.05 -3.29
C32 PCW D . 12.34 13.76 -2.94
C33 PCW D . 12.26 12.60 -4.04
C34 PCW D . 11.61 11.32 -3.52
C35 PCW D . 11.60 10.32 -4.74
C36 PCW D . 12.77 9.31 -4.70
C37 PCW D . 12.82 8.29 -5.88
C38 PCW D . 14.22 7.78 -6.12
C39 PCW D . 14.28 6.80 -7.26
C40 PCW D . 15.05 5.72 -7.34
C41 PCW D . 16.03 5.28 -6.27
C42 PCW D . 16.80 4.00 -6.80
C43 PCW D . 16.16 2.64 -6.63
C44 PCW D . 17.11 1.61 -7.22
C45 PCW D . 17.66 0.60 -6.24
C46 PCW D . 18.17 -0.65 -6.89
C47 PCW D . 17.12 -1.62 -7.40
C48 PCW D . 17.77 -2.85 -8.04
N PCW D . 5.70 16.28 -2.86
O2 PCW D . 12.28 16.08 -2.80
O3 PCW D . 12.93 17.56 -5.16
O11 PCW D . 11.12 18.47 -6.20
O31 PCW D . 10.49 15.11 -3.92
O1P PCW D . 9.80 15.20 -0.64
O2P PCW D . 9.24 16.94 1.06
O3P PCW D . 11.21 17.29 -0.57
O4P PCW D . 8.86 17.44 -1.27
P PCW D . 9.75 16.66 -0.31
C1 PCW E . 28.20 13.31 5.40
C2 PCW E . 29.28 14.45 5.24
C3 PCW E . 30.52 14.12 6.13
C4 PCW E . 24.65 13.70 7.88
C5 PCW E . 24.42 14.98 8.66
C6 PCW E . 24.13 15.89 11.04
C7 PCW E . 26.18 14.71 10.40
C8 PCW E . 25.54 16.32 9.74
C11 PCW E . 31.27 16.37 6.51
C12 PCW E . 32.45 17.28 6.26
C13 PCW E . 32.64 17.41 4.70
C14 PCW E . 33.80 18.30 4.26
C15 PCW E . 34.69 17.72 3.11
C16 PCW E . 35.80 18.75 2.69
C17 PCW E . 37.25 18.48 3.22
C18 PCW E . 37.85 17.17 2.71
C19 PCW E . 39.00 17.38 1.69
C20 PCW E . 40.33 17.30 2.05
C21 PCW E . 41.02 17.02 3.33
C22 PCW E . 41.88 15.73 3.11
C23 PCW E . 42.66 15.18 4.33
C24 PCW E . 42.52 13.72 4.61
C25 PCW E . 43.71 12.75 4.42
C26 PCW E . 43.57 11.73 3.31
C27 PCW E . 44.77 10.81 3.01
C28 PCW E . 45.14 10.91 1.55
C31 PCW E . 29.04 15.36 3.07
C32 PCW E . 29.66 15.32 1.65
C33 PCW E . 31.00 16.19 1.48
C34 PCW E . 31.51 16.23 0.04
C35 PCW E . 32.85 15.38 0.05
C36 PCW E . 33.66 15.56 -1.25
C37 PCW E . 35.01 14.76 -1.32
C38 PCW E . 35.33 14.32 -2.71
C39 PCW E . 36.61 13.55 -2.80
C40 PCW E . 36.77 12.28 -3.16
C41 PCW E . 35.62 11.37 -3.56
C42 PCW E . 36.23 9.97 -4.04
C43 PCW E . 35.83 8.72 -3.28
C44 PCW E . 36.55 7.55 -3.95
C45 PCW E . 36.02 6.18 -3.60
C46 PCW E . 37.06 5.26 -3.05
C47 PCW E . 36.93 3.79 -3.43
C48 PCW E . 38.07 2.97 -2.80
N PCW E . 24.83 15.05 10.05
O2 PCW E . 29.75 14.52 3.83
O3 PCW E . 31.52 15.15 5.99
O11 PCW E . 30.28 16.69 7.11
O31 PCW E . 28.05 16.04 3.42
O1P PCW E . 27.09 15.07 7.18
O2P PCW E . 25.71 16.00 5.34
O3P PCW E . 26.85 13.72 5.07
O4P PCW E . 24.91 14.07 6.49
P PCW E . 26.17 14.79 6.05
C1 PCW F . -14.07 -7.38 22.49
C2 PCW F . -14.03 -8.95 22.67
C3 PCW F . -15.18 -9.41 23.63
C4 PCW F . -16.15 -7.09 18.18
C5 PCW F . -17.24 -8.16 18.23
C6 PCW F . -18.53 -9.94 16.92
C7 PCW F . -16.08 -9.83 16.79
C8 PCW F . -17.11 -10.20 18.28
C11 PCW F . -16.15 -11.56 23.22
C12 PCW F . -15.92 -13.02 23.50
C13 PCW F . -15.78 -13.77 22.12
C14 PCW F . -15.54 -15.27 22.20
C15 PCW F . -15.60 -16.05 20.85
C16 PCW F . -14.61 -17.26 20.86
C17 PCW F . -15.22 -18.70 21.02
C18 PCW F . -14.97 -19.32 22.39
C19 PCW F . -16.27 -19.59 23.18
C20 PCW F . -16.73 -20.87 23.44
C21 PCW F . -16.21 -22.21 23.10
C22 PCW F . -17.35 -23.23 23.38
C23 PCW F . -17.80 -24.15 22.22
C24 PCW F . -16.90 -25.31 21.90
C25 PCW F . -15.96 -25.29 20.65
C26 PCW F . -14.50 -25.57 20.90
C27 PCW F . -13.73 -26.41 19.86
C28 PCW F . -13.19 -27.66 20.52
C31 PCW F . -13.16 -9.76 20.62
C32 PCW F . -13.54 -10.47 19.30
C33 PCW F . -13.71 -12.05 19.41
C34 PCW F . -12.39 -12.81 19.35
C35 PCW F . -12.00 -13.11 20.85
C36 PCW F . -11.78 -14.61 21.12
C37 PCW F . -11.38 -14.97 22.58
C38 PCW F . -11.92 -16.31 22.99
C39 PCW F . -11.55 -16.68 24.41
C40 PCW F . -10.57 -17.50 24.78
C41 PCW F . -9.64 -18.21 23.82
C42 PCW F . -8.48 -18.90 24.67
C43 PCW F . -8.52 -20.41 24.85
C44 PCW F . -7.32 -20.78 25.70
C45 PCW F . -6.87 -22.21 25.56
C46 PCW F . -7.64 -23.19 26.41
C47 PCW F . -7.74 -24.60 25.90
C48 PCW F . -8.55 -25.48 26.85
N PCW F . -17.30 -9.17 17.22
O2 PCW F . -14.26 -9.61 21.35
O3 PCW F . -15.14 -10.83 23.78
O11 PCW F . -17.08 -11.11 22.60
O31 PCW F . -11.99 -9.39 20.94
O1P PCW F . -15.06 -5.03 19.91
O2P PCW F . -13.09 -6.53 19.99
O3P PCW F . -15.09 -6.92 21.57
O4P PCW F . -15.17 -7.43 19.20
P PCW F . -14.55 -6.42 20.14
C1 PCW G . -8.36 15.72 -23.87
C2 PCW G . -7.18 15.75 -24.92
C3 PCW G . -7.11 17.13 -25.64
C4 PCW G . -5.19 17.96 -22.47
C5 PCW G . -4.57 18.94 -21.46
C6 PCW G . -2.40 20.19 -21.00
C7 PCW G . -3.77 20.77 -22.93
C8 PCW G . -4.22 20.93 -21.14
C11 PCW G . -4.97 17.96 -26.36
C12 PCW G . -3.94 17.77 -27.44
C13 PCW G . -3.12 16.47 -27.10
C14 PCW G . -2.02 16.11 -28.10
C15 PCW G . -1.07 14.96 -27.68
C16 PCW G . -0.92 13.91 -28.83
C17 PCW G . 0.28 12.89 -28.73
C18 PCW G . 0.66 12.27 -30.08
C19 PCW G . 1.60 13.17 -30.91
C20 PCW G . 2.94 12.88 -31.10
C21 PCW G . 3.80 11.75 -30.64
C22 PCW G . 5.26 12.13 -31.02
C23 PCW G . 6.13 12.80 -29.93
C24 PCW G . 6.84 14.07 -30.31
C25 PCW G . 6.13 15.45 -30.18
C26 PCW G . 6.23 16.36 -31.39
C27 PCW G . 7.27 17.50 -31.34
C28 PCW G . 6.58 18.82 -31.13
C31 PCW G . -5.37 14.32 -24.38
C32 PCW G . -4.03 14.26 -23.62
C33 PCW G . -3.32 12.82 -23.59
C34 PCW G . -2.49 12.53 -24.84
C35 PCW G . -3.18 11.28 -25.52
C36 PCW G . -2.68 11.02 -26.96
C37 PCW G . -3.33 9.80 -27.68
C38 PCW G . -2.30 8.81 -28.13
C39 PCW G . -2.90 7.62 -28.83
C40 PCW G . -2.78 6.34 -28.48
C41 PCW G . -1.99 5.86 -27.28
C42 PCW G . -1.82 4.28 -27.41
C43 PCW G . -2.07 3.41 -26.19
C44 PCW G . -1.83 1.97 -26.61
C45 PCW G . -3.09 1.15 -26.80
C46 PCW G . -2.88 -0.10 -27.63
C47 PCW G . -2.46 -1.34 -26.87
C48 PCW G . -2.28 -2.53 -27.83
N PCW G . -3.52 19.82 -21.87
O2 PCW G . -5.88 15.54 -24.22
O3 PCW G . -6.03 17.12 -26.59
O11 PCW G . -4.87 18.72 -25.43
O31 PCW G . -5.87 13.37 -25.06
O1P PCW G . -8.05 18.21 -22.74
O2P PCW G . -8.06 17.25 -20.44
O3P PCW G . -7.93 15.70 -22.49
O4P PCW G . -6.05 17.06 -21.74
P PCW G . -7.57 17.12 -21.83
C1 PCW H . 21.35 19.04 -1.87
C2 PCW H . 22.40 17.94 -2.32
C3 PCW H . 22.48 16.80 -1.26
C4 PCW H . 25.04 21.31 -2.83
C5 PCW H . 26.38 20.64 -2.57
C6 PCW H . 28.80 21.13 -3.21
C7 PCW H . 27.77 22.26 -1.31
C8 PCW H . 28.11 20.45 -1.50
C11 PCW H . 24.47 15.52 -0.88
C12 PCW H . 25.33 14.46 -1.52
C13 PCW H . 26.83 14.73 -1.15
C14 PCW H . 27.82 13.73 -1.74
C15 PCW H . 29.21 14.33 -2.14
C16 PCW H . 30.30 13.21 -2.20
C17 PCW H . 30.09 12.05 -3.24
C18 PCW H . 31.27 11.86 -4.19
C19 PCW H . 31.34 12.96 -5.27
C20 PCW H . 30.54 12.94 -6.41
C21 PCW H . 29.49 12.00 -6.88
C22 PCW H . 30.22 10.89 -7.70
C23 PCW H . 29.83 9.42 -7.41
C24 PCW H . 28.55 8.93 -8.03
C25 PCW H . 28.53 7.70 -8.96
C26 PCW H . 28.72 7.95 -10.45
C27 PCW H . 28.79 6.73 -11.40
C28 PCW H . 29.35 7.14 -12.73
C31 PCW H . 22.94 17.16 -4.49
C32 PCW H . 22.33 16.51 -5.75
C33 PCW H . 22.55 14.93 -5.89
C34 PCW H . 22.38 14.16 -4.58
C35 PCW H . 20.83 13.82 -4.48
C36 PCW H . 20.37 13.57 -3.03
C37 PCW H . 18.86 13.23 -2.85
C38 PCW H . 18.63 11.78 -2.56
C39 PCW H . 17.17 11.45 -2.38
C40 PCW H . 16.61 10.24 -2.47
C41 PCW H . 17.37 8.96 -2.79
C42 PCW H . 17.20 7.97 -1.55
C43 PCW H . 18.44 7.63 -0.72
C44 PCW H . 17.98 6.69 0.38
C45 PCW H . 18.66 5.34 0.39
C46 PCW H . 19.87 5.27 1.26
C47 PCW H . 19.71 4.55 2.59
C48 PCW H . 21.03 4.55 3.38
N PCW H . 27.56 21.44 -2.48
O2 PCW H . 21.95 17.33 -3.61
O3 PCW H . 23.42 15.81 -1.70
O11 PCW H . 24.67 16.00 0.20
O31 PCW H . 24.15 17.47 -4.34
O1P PCW H . 22.62 22.64 -1.96
O2P PCW H . 22.71 20.95 -0.12
O3P PCW H . 21.63 20.36 -2.38
O4P PCW H . 24.04 20.57 -2.08
P PCW H . 22.75 21.19 -1.58
C1 PCW I . -2.95 11.15 -6.85
C2 PCW I . -3.22 9.72 -7.49
C3 PCW I . -4.63 9.19 -7.05
C4 PCW I . -7.17 12.68 -8.00
C5 PCW I . -8.16 11.80 -7.23
C6 PCW I . -10.07 13.24 -6.36
C7 PCW I . -10.53 11.16 -7.57
C8 PCW I . -9.68 11.36 -5.95
C11 PCW I . -5.73 7.87 -8.70
C12 PCW I . -5.88 6.44 -9.18
C13 PCW I . -7.41 6.10 -9.23
C14 PCW I . -7.75 4.68 -9.70
C15 PCW I . -9.25 4.27 -9.57
C16 PCW I . -9.40 2.97 -8.69
C17 PCW I . -8.98 1.61 -9.35
C18 PCW I . -9.99 1.10 -10.39
C19 PCW I . -10.01 -0.45 -10.50
C20 PCW I . -10.46 -1.10 -11.64
C21 PCW I . -11.00 -0.61 -12.93
C22 PCW I . -10.71 -1.72 -13.98
C23 PCW I . -11.93 -2.51 -14.54
C24 PCW I . -12.30 -2.26 -15.96
C25 PCW I . -13.63 -2.81 -16.55
C26 PCW I . -13.69 -3.02 -18.05
C27 PCW I . -14.71 -4.03 -18.61
C28 PCW I . -14.94 -3.78 -20.07
C31 PCW I . -2.01 9.94 -9.52
C32 PCW I . -2.18 10.04 -11.05
C33 PCW I . -2.26 11.53 -11.63
C34 PCW I . -1.76 11.65 -13.08
C35 PCW I . -0.19 11.85 -12.96
C36 PCW I . 0.45 12.28 -14.30
C37 PCW I . 2.00 12.50 -14.27
C38 PCW I . 2.75 11.25 -14.57
C39 PCW I . 4.25 11.43 -14.54
C40 PCW I . 5.16 10.51 -14.26
C41 PCW I . 4.84 9.06 -13.91
C42 PCW I . 5.61 8.12 -14.93
C43 PCW I . 6.78 7.30 -14.42
C44 PCW I . 7.31 6.50 -15.60
C45 PCW I . 8.81 6.31 -15.62
C46 PCW I . 9.29 5.17 -14.76
C47 PCW I . 10.28 4.22 -15.41
C48 PCW I . 10.67 3.10 -14.42
N PCW I . -9.54 12.15 -7.20
O2 PCW I . -3.23 9.82 -8.98
O3 PCW I . -4.88 7.90 -7.63
O11 PCW I . -6.29 8.82 -9.16
O31 PCW I . -0.91 9.98 -8.91
O1P PCW I . -4.64 12.77 -9.91
O2P PCW I . -4.70 13.72 -8.12
O3P PCW I . -3.18 12.26 -7.76
O4P PCW I . -5.84 12.25 -7.59
P PCW I . -4.61 12.28 -8.49
C1 PCW J . -2.99 14.53 -19.40
C2 PCW J . -1.95 13.71 -18.55
C3 PCW J . -2.18 12.17 -18.72
C4 PCW J . -1.67 17.60 -16.53
C5 PCW J . -1.51 17.16 -15.08
C6 PCW J . -3.54 18.18 -14.23
C7 PCW J . -1.49 19.24 -13.88
C8 PCW J . -1.92 17.38 -12.65
C11 PCW J . -0.28 10.72 -18.61
C12 PCW J . 0.62 10.03 -17.61
C13 PCW J . 0.29 8.49 -17.63
C14 PCW J . 1.12 7.64 -16.66
C15 PCW J . 2.55 7.24 -17.15
C16 PCW J . 2.45 6.06 -18.19
C17 PCW J . 3.66 5.87 -19.17
C18 PCW J . 3.39 6.39 -20.58
C19 PCW J . 4.42 5.90 -21.62
C20 PCW J . 4.17 5.88 -22.98
C21 PCW J . 2.98 6.29 -23.78
C22 PCW J . 2.90 5.31 -24.99
C23 PCW J . 1.77 5.52 -26.02
C24 PCW J . 2.18 5.84 -27.42
C25 PCW J . 1.88 4.85 -28.59
C26 PCW J . 1.36 5.48 -29.87
C27 PCW J . 0.19 4.77 -30.58
C28 PCW J . 0.24 5.04 -32.07
C31 PCW J . 0.24 14.48 -18.06
C32 PCW J . 1.62 14.73 -18.70
C33 PCW J . 2.80 13.76 -18.18
C34 PCW J . 3.07 12.60 -19.13
C35 PCW J . 4.24 11.77 -18.46
C36 PCW J . 4.46 10.39 -19.14
C37 PCW J . 5.59 9.52 -18.52
C38 PCW J . 6.77 9.41 -19.44
C39 PCW J . 7.88 8.57 -18.86
C40 PCW J . 9.18 8.69 -19.08
C41 PCW J . 9.79 9.75 -19.99
C42 PCW J . 11.29 9.31 -20.34
C43 PCW J . 11.60 8.85 -21.75
C44 PCW J . 13.08 8.49 -21.78
C45 PCW J . 13.39 7.14 -22.40
C46 PCW J . 13.91 6.13 -21.40
C47 PCW J . 12.90 5.18 -20.82
C48 PCW J . 13.55 4.21 -19.83
N PCW J . -2.09 17.94 -14.02
O2 PCW J . -0.56 14.02 -19.01
O3 PCW J . -1.23 11.44 -17.95
O11 PCW J . -0.17 10.64 -19.80
O31 PCW J . -0.06 14.68 -16.85
O1P PCW J . -3.23 18.30 -18.88
O2P PCW J . -4.74 16.49 -18.06
O3P PCW J . -2.69 15.92 -19.52
O4P PCW J . -2.51 16.59 -17.18
P PCW J . -3.35 16.88 -18.40
C1 PCW K . 21.79 0.47 29.39
C2 PCW K . 22.72 -0.64 28.76
C3 PCW K . 24.22 -0.23 28.86
C4 PCW K . 17.17 -0.14 31.02
C5 PCW K . 15.90 0.72 31.03
C6 PCW K . 13.87 1.51 32.08
C7 PCW K . 15.22 -0.02 33.22
C8 PCW K . 14.01 -0.81 31.46
C11 PCW K . 26.13 -1.68 28.95
C12 PCW K . 26.83 -2.76 28.16
C13 PCW K . 28.22 -2.19 27.67
C14 PCW K . 29.06 -3.17 26.84
C15 PCW K . 29.74 -2.57 25.58
C16 PCW K . 29.37 -3.39 24.29
C17 PCW K . 30.04 -4.81 24.14
C18 PCW K . 31.57 -4.77 24.13
C19 PCW K . 32.16 -4.73 22.70
C20 PCW K . 32.82 -5.81 22.14
C21 PCW K . 33.13 -7.17 22.66
C22 PCW K . 34.02 -7.86 21.58
C23 PCW K . 34.84 -9.11 22.03
C24 PCW K . 34.12 -10.42 22.08
C25 PCW K . 34.21 -11.44 20.91
C26 PCW K . 33.11 -12.48 20.83
C27 PCW K . 33.14 -13.48 19.66
C28 PCW K . 31.87 -14.31 19.65
C31 PCW K . 22.33 -2.97 28.75
C32 PCW K . 22.18 -4.21 29.66
C33 PCW K . 20.70 -4.46 30.25
C34 PCW K . 19.59 -4.25 29.22
C35 PCW K . 19.68 -5.49 28.23
C36 PCW K . 18.36 -6.27 28.14
C37 PCW K . 18.36 -7.51 27.19
C38 PCW K . 18.56 -8.79 27.93
C39 PCW K . 18.57 -10.00 27.02
C40 PCW K . 19.63 -10.60 26.49
C41 PCW K . 21.07 -10.15 26.73
C42 PCW K . 21.63 -9.56 25.36
C43 PCW K . 22.18 -8.14 25.35
C44 PCW K . 22.64 -7.85 23.93
C45 PCW K . 22.64 -6.39 23.54
C46 PCW K . 24.00 -5.76 23.53
C47 PCW K . 24.16 -4.51 24.37
C48 PCW K . 25.60 -3.98 24.26
N PCW K . 14.81 0.36 31.90
O2 PCW K . 22.55 -1.91 29.52
O3 PCW K . 25.04 -1.26 28.27
O11 PCW K . 26.50 -1.27 30.03
O31 PCW K . 22.25 -3.00 27.49
O1P PCW K . 19.91 -0.35 31.97
O2P PCW K . 20.05 2.01 31.18
O3P PCW K . 20.41 0.07 29.54
O4P PCW K . 18.22 0.67 30.42
P PCW K . 19.67 0.62 30.86
C1 PCW L . -5.51 4.18 3.83
C2 PCW L . -4.84 3.52 2.56
C3 PCW L . -3.75 4.48 1.97
C4 PCW L . -1.80 4.18 6.59
C5 PCW L . -1.18 4.06 7.98
C6 PCW L . 0.55 2.36 8.00
C7 PCW L . 0.75 4.22 9.40
C8 PCW L . 1.11 4.57 7.17
C11 PCW L . -3.41 4.42 -0.41
C12 PCW L . -2.68 3.64 -1.47
C13 PCW L . -1.20 4.15 -1.50
C14 PCW L . -0.30 3.45 -2.53
C15 PCW L . 1.23 3.72 -2.38
C16 PCW L . 1.75 4.63 -3.56
C17 PCW L . 2.89 4.03 -4.46
C18 PCW L . 2.37 3.30 -5.70
C19 PCW L . 2.27 1.77 -5.51
C20 PCW L . 1.70 0.94 -6.45
C21 PCW L . 1.06 1.21 -7.76
C22 PCW L . 1.59 0.12 -8.74
C23 PCW L . 3.00 0.34 -9.35
C24 PCW L . 3.97 -0.81 -9.24
C25 PCW L . 5.38 -0.73 -9.88
C26 PCW L . 5.45 -0.63 -11.38
C27 PCW L . 6.07 -1.80 -12.16
C28 PCW L . 5.38 -1.96 -13.50
C31 PCW L . -4.97 1.19 2.94
C32 PCW L . -4.13 -0.04 3.33
C33 PCW L . -4.76 -0.98 4.47
C34 PCW L . -5.57 -2.15 3.91
C35 PCW L . -6.56 -2.56 5.07
C36 PCW L . -6.69 -4.09 5.23
C37 PCW L . -7.65 -4.57 6.37
C38 PCW L . -9.09 -4.51 5.95
C39 PCW L . -10.03 -4.96 7.03
C40 PCW L . -11.12 -5.71 6.86
C41 PCW L . -11.61 -6.24 5.52
C42 PCW L . -11.17 -7.78 5.41
C43 PCW L . -10.14 -8.16 4.37
C44 PCW L . -9.92 -9.66 4.50
C45 PCW L . -10.29 -10.47 3.28
C46 PCW L . -9.13 -11.23 2.69
C47 PCW L . -9.02 -11.23 1.18
C48 PCW L . -7.80 -12.04 0.71
N PCW L . 0.24 3.81 8.13
O2 PCW L . -4.15 2.25 2.91
O3 PCW L . -3.15 3.88 0.81
O11 PCW L . -4.12 5.37 -0.62
O31 PCW L . -6.21 1.18 2.70
O1P PCW L . -3.72 5.84 5.19
O2P PCW L . -5.20 5.24 7.11
O3P PCW L . -4.99 3.67 5.09
O4P PCW L . -3.23 3.93 6.75
P PCW L . -4.29 4.76 6.05
C1 PCW M . 24.99 10.15 20.15
C2 PCW M . 25.83 9.05 19.40
C3 PCW M . 25.07 7.69 19.39
C4 PCW M . 20.67 11.81 19.03
C5 PCW M . 19.99 12.44 17.81
C6 PCW M . 19.21 12.25 15.38
C7 PCW M . 19.91 10.26 16.63
C8 PCW M . 18.46 11.36 16.96
C11 PCW M . 26.58 5.83 19.44
C12 PCW M . 27.32 4.90 18.52
C13 PCW M . 26.38 3.68 18.23
C14 PCW M . 26.97 2.61 17.30
C15 PCW M . 28.11 1.75 17.89
C16 PCW M . 27.60 0.90 19.12
C17 PCW M . 28.01 1.39 20.54
C18 PCW M . 26.82 1.48 21.51
C19 PCW M . 27.25 1.94 22.93
C20 PCW M . 26.91 1.23 24.08
C21 PCW M . 26.14 -0.03 24.28
C22 PCW M . 24.76 0.39 24.85
C23 PCW M . 23.71 -0.74 25.06
C24 PCW M . 22.28 -0.40 24.75
C25 PCW M . 21.34 -1.46 24.13
C26 PCW M . 20.13 -0.94 23.36
C27 PCW M . 19.43 -1.89 22.37
C28 PCW M . 17.99 -2.08 22.77
C31 PCW M . 27.31 9.44 17.59
C32 PCW M . 27.35 9.87 16.12
C33 PCW M . 28.40 11.03 15.76
C34 PCW M . 29.86 10.59 15.85
C35 PCW M . 30.04 9.45 14.74
C36 PCW M . 30.82 8.24 15.28
C37 PCW M . 31.05 7.07 14.26
C38 PCW M . 31.93 6.01 14.82
C39 PCW M . 32.17 4.87 13.85
C40 PCW M . 32.04 3.58 14.10
C41 PCW M . 31.62 3.01 15.45
C42 PCW M . 31.23 1.47 15.24
C43 PCW M . 31.33 0.53 16.43
C44 PCW M . 30.89 -0.85 15.94
C45 PCW M . 32.01 -1.84 15.77
C46 PCW M . 32.42 -2.52 17.04
C47 PCW M . 32.32 -4.03 17.06
C48 PCW M . 32.78 -4.59 18.43
N PCW M . 19.87 11.71 16.59
O2 PCW M . 26.03 9.45 17.98
O3 PCW M . 25.85 6.71 18.71
O11 PCW M . 26.64 5.81 20.65
O31 PCW M . 28.31 9.14 18.31
O1P PCW M . 22.48 11.09 21.21
O2P PCW M . 23.68 13.15 20.49
O3P PCW M . 24.11 10.91 19.30
O4P PCW M . 22.07 12.20 18.97
P PCW M . 23.07 11.87 20.07
C1 PCW N . -6.42 5.98 -5.20
C2 PCW N . -5.74 4.57 -4.96
C3 PCW N . -6.26 3.94 -3.63
C4 PCW N . -11.16 5.82 -4.09
C5 PCW N . -11.86 6.87 -3.23
C6 PCW N . -13.38 5.47 -1.99
C7 PCW N . -12.92 7.62 -1.22
C8 PCW N . -11.27 6.07 -0.97
C11 PCW N . -6.45 1.58 -3.23
C12 PCW N . -5.61 0.34 -3.04
C13 PCW N . -5.68 -0.08 -1.52
C14 PCW N . -4.86 -1.32 -1.17
C15 PCW N . -5.66 -2.66 -1.12
C16 PCW N . -4.70 -3.87 -0.81
C17 PCW N . -4.32 -4.82 -2.00
C18 PCW N . -3.61 -6.08 -1.56
C19 PCW N . -2.31 -6.35 -2.35
C20 PCW N . -1.18 -6.90 -1.77
C21 PCW N . -0.88 -7.34 -0.38
C22 PCW N . -0.20 -8.74 -0.49
C23 PCW N . -0.90 -9.93 0.21
C24 PCW N . -2.06 -10.54 -0.50
C25 PCW N . -1.85 -11.55 -1.66
C26 PCW N . -2.41 -11.17 -3.02
C27 PCW N . -3.43 -12.13 -3.67
C28 PCW N . -4.82 -11.56 -3.59
C31 PCW N . -5.07 3.28 -6.84
C32 PCW N . -5.59 2.33 -7.92
C33 PCW N . -4.88 0.89 -7.95
C34 PCW N . -4.39 0.47 -9.33
C35 PCW N . -4.10 -1.08 -9.23
C36 PCW N . -2.99 -1.54 -10.21
C37 PCW N . -2.65 -3.07 -10.15
C38 PCW N . -3.15 -3.79 -11.35
C39 PCW N . -2.84 -5.26 -11.32
C40 PCW N . -2.08 -5.96 -12.17
C41 PCW N . -1.38 -5.34 -13.37
C42 PCW N . -2.19 -5.76 -14.69
C43 PCW N . -1.97 -7.14 -15.26
C44 PCW N . -2.85 -7.25 -16.49
C45 PCW N . -2.73 -8.54 -17.27
C46 PCW N . -2.65 -8.34 -18.75
C47 PCW N . -1.50 -9.02 -19.46
C48 PCW N . -1.55 -8.73 -20.97
N PCW N . -12.34 6.52 -1.93
O2 PCW N . -6.10 3.63 -6.06
O3 PCW N . -5.64 2.65 -3.42
O11 PCW N . -7.65 1.61 -3.21
O31 PCW N . -3.87 3.67 -6.70
O1P PCW N . -8.51 6.26 -3.01
O2P PCW N . -8.52 8.24 -4.51
O3P PCW N . -7.85 5.92 -5.41
O4P PCW N . -10.15 6.52 -4.89
P PCW N . -8.74 6.78 -4.39
C1 PCW O . 12.31 5.94 14.77
C2 PCW O . 13.74 5.34 15.05
C3 PCW O . 13.67 3.77 15.05
C4 PCW O . 10.01 8.90 15.98
C5 PCW O . 10.27 10.10 16.90
C6 PCW O . 8.90 11.75 18.01
C7 PCW O . 10.04 10.18 19.29
C8 PCW O . 8.21 9.45 18.14
C11 PCW O . 15.41 3.13 16.58
C12 PCW O . 16.79 2.53 16.61
C13 PCW O . 17.83 3.71 16.63
C14 PCW O . 19.30 3.30 16.66
C15 PCW O . 19.59 1.79 16.93
C16 PCW O . 19.88 1.54 18.45
C17 PCW O . 20.68 0.25 18.83
C18 PCW O . 22.19 0.39 18.61
C19 PCW O . 22.95 0.76 19.91
C20 PCW O . 23.66 -0.17 20.65
C21 PCW O . 23.88 -1.63 20.48
C22 PCW O . 25.27 -1.96 21.12
C23 PCW O . 26.35 -2.56 20.20
C24 PCW O . 27.71 -2.77 20.81
C25 PCW O . 28.76 -3.69 20.12
C26 PCW O . 28.53 -5.19 20.24
C27 PCW O . 29.27 -6.11 19.24
C28 PCW O . 28.81 -7.53 19.43
C31 PCW O . 15.23 6.94 14.14
C32 PCW O . 16.17 7.21 12.95
C33 PCW O . 17.69 6.76 13.16
C34 PCW O . 18.62 7.22 12.05
C35 PCW O . 19.43 5.93 11.62
C36 PCW O . 20.84 5.89 12.23
C37 PCW O . 21.71 4.63 11.86
C38 PCW O . 22.31 4.77 10.50
C39 PCW O . 23.14 3.58 10.11
C40 PCW O . 22.82 2.61 9.25
C41 PCW O . 21.51 2.56 8.49
C42 PCW O . 21.65 1.45 7.35
C43 PCW O . 21.53 1.89 5.90
C44 PCW O . 21.71 0.64 5.04
C45 PCW O . 21.62 0.87 3.56
C46 PCW O . 22.78 0.29 2.79
C47 PCW O . 22.44 -0.47 1.53
C48 PCW O . 23.73 -1.00 0.86
N PCW O . 9.39 10.36 18.02
O2 PCW O . 14.68 5.74 13.96
O3 PCW O . 14.98 3.23 15.30
O11 PCW O . 14.78 3.45 17.56
O31 PCW O . 15.03 7.73 15.11
O1P PCW O . 9.67 6.45 17.47
O2P PCW O . 12.09 6.73 17.95
O3P PCW O . 11.31 5.59 15.76
O4P PCW O . 11.13 7.99 16.15
P PCW O . 11.04 6.69 16.91
C1 PCW P . 1.90 -7.59 17.79
C2 PCW P . 0.85 -8.57 18.45
C3 PCW P . 0.92 -9.98 17.76
C4 PCW P . 1.39 -3.52 16.84
C5 PCW P . 2.42 -2.46 16.41
C6 PCW P . 3.83 -1.61 14.48
C7 PCW P . 1.40 -1.79 14.25
C8 PCW P . 2.35 -0.70 15.40
C11 PCW P . 0.03 -12.18 18.06
C12 PCW P . -1.07 -12.92 18.78
C13 PCW P . -2.26 -13.11 17.76
C14 PCW P . -3.47 -13.85 18.33
C15 PCW P . -4.46 -14.46 17.28
C16 PCW P . -4.30 -16.02 17.22
C17 PCW P . -5.10 -16.87 18.27
C18 PCW P . -5.66 -18.17 17.71
C19 PCW P . -4.76 -19.39 17.98
C20 PCW P . -4.85 -20.55 17.24
C21 PCW P . -5.73 -20.95 16.10
C22 PCW P . -6.58 -22.16 16.58
C23 PCW P . -8.11 -21.98 16.63
C24 PCW P . -8.74 -21.88 17.99
C25 PCW P . -8.75 -20.54 18.76
C26 PCW P . -8.48 -20.60 20.25
C27 PCW P . -7.52 -19.56 20.86
C28 PCW P . -6.34 -20.26 21.49
C31 PCW P . 0.27 -8.27 20.73
C32 PCW P . 0.72 -8.54 22.16
C33 PCW P . 0.41 -10.02 22.70
C34 PCW P . 1.49 -11.04 22.31
C35 PCW P . 1.54 -12.08 23.51
C36 PCW P . 1.54 -13.55 23.03
C37 PCW P . 1.59 -14.62 24.15
C38 PCW P . 0.23 -15.19 24.43
C39 PCW P . 0.26 -16.23 25.52
C40 PCW P . 0.52 -17.54 25.39
C41 PCW P . 0.84 -18.21 24.06
C42 PCW P . 0.25 -19.70 24.10
C43 PCW P . -1.25 -19.89 24.11
C44 PCW P . -1.51 -21.39 24.14
C45 PCW P . -1.50 -22.02 25.50
C46 PCW P . -0.80 -23.35 25.54
C47 PCW P . 0.48 -23.42 26.35
C48 PCW P . 1.07 -24.83 26.30
N PCW P . 2.57 -2.12 15.03
O2 PCW P . 1.17 -8.77 19.90
O3 PCW P . -0.04 -10.86 18.36
O11 PCW P . 0.83 -12.68 17.32
O31 PCW P . -0.78 -7.65 20.40
O1P PCW P . -0.08 -5.70 18.04
O2P PCW P . 0.95 -4.86 20.14
O3P PCW P . 2.27 -6.46 18.63
O4P PCW P . 1.88 -4.13 18.06
P PCW P . 1.17 -5.28 18.75
C1 PCW Q . -6.06 -1.87 8.71
C2 PCW Q . -5.12 -3.08 9.10
C3 PCW Q . -5.95 -4.20 9.83
C4 PCW Q . -9.29 -0.08 8.56
C5 PCW Q . -9.25 -0.01 7.03
C6 PCW Q . -11.68 -0.68 6.64
C7 PCW Q . -10.44 0.56 4.93
C8 PCW Q . -10.10 -1.14 5.56
C11 PCW Q . -4.74 -5.43 11.49
C12 PCW Q . -3.85 -6.64 11.63
C13 PCW Q . -4.08 -7.27 13.06
C14 PCW Q . -3.23 -8.51 13.35
C15 PCW Q . -1.72 -8.42 12.98
C16 PCW Q . -0.89 -7.87 14.20
C17 PCW Q . 0.62 -8.25 14.28
C18 PCW Q . 1.51 -7.38 13.39
C19 PCW Q . 1.75 -5.96 13.96
C20 PCW Q . 2.33 -4.95 13.21
C21 PCW Q . 2.84 -4.91 11.82
C22 PCW Q . 4.28 -4.33 11.88
C23 PCW Q . 4.83 -3.63 10.62
C24 PCW Q . 5.39 -4.50 9.54
C25 PCW Q . 6.92 -4.79 9.43
C26 PCW Q . 7.60 -5.33 10.68
C27 PCW Q . 8.95 -4.72 11.08
C28 PCW Q . 9.17 -4.88 12.57
C31 PCW Q . -3.41 -3.12 7.45
C32 PCW Q . -2.94 -3.87 6.19
C33 PCW Q . -1.40 -3.68 5.81
C34 PCW Q . -1.01 -4.32 4.47
C35 PCW Q . -0.75 -5.85 4.80
C36 PCW Q . -0.95 -6.76 3.57
C37 PCW Q . -0.70 -8.29 3.82
C38 PCW Q . 0.75 -8.62 3.87
C39 PCW Q . 1.01 -10.08 4.11
C40 PCW Q . 1.16 -10.69 5.29
C41 PCW Q . 1.07 -9.98 6.63
C42 PCW Q . 2.53 -9.43 6.99
C43 PCW Q . 2.83 -9.05 8.43
C44 PCW Q . 4.27 -8.56 8.47
C45 PCW Q . 5.24 -9.46 9.18
C46 PCW Q . 6.55 -8.80 9.54
C47 PCW Q . 7.75 -9.17 8.69
C48 PCW Q . 9.00 -8.43 9.15
N PCW Q . -10.47 0.10 6.30
O2 PCW Q . -4.53 -3.70 7.88
O3 PCW Q . -5.09 -5.28 10.18
O11 PCW Q . -5.11 -4.72 12.40
O31 PCW Q . -2.83 -2.13 7.97
O1P PCW Q . -7.98 -1.34 10.84
O2P PCW Q . -7.04 0.94 11.17
O3P PCW Q . -5.92 -0.71 9.54
O4P PCW Q . -8.01 0.43 9.04
P PCW Q . -7.27 -0.18 10.22
C1 PCW R . -16.95 13.00 -21.72
C2 PCW R . -17.57 11.73 -22.41
C3 PCW R . -17.45 11.85 -23.98
C4 PCW R . -15.39 13.24 -18.53
C5 PCW R . -16.48 14.16 -17.94
C6 PCW R . -15.47 15.09 -15.95
C7 PCW R . -17.23 16.21 -16.97
C8 PCW R . -15.21 16.28 -18.01
C11 PCW R . -19.13 10.85 -25.37
C12 PCW R . -19.56 9.51 -25.90
C13 PCW R . -21.06 9.62 -26.34
C14 PCW R . -21.67 8.33 -26.93
C15 PCW R . -21.14 7.91 -28.33
C16 PCW R . -21.63 8.91 -29.43
C17 PCW R . -22.90 8.50 -30.27
C18 PCW R . -22.61 7.38 -31.28
C19 PCW R . -21.79 7.86 -32.50
C20 PCW R . -21.07 6.99 -33.29
C21 PCW R . -20.87 5.52 -33.26
C22 PCW R . -19.58 5.27 -32.45
C23 PCW R . -18.89 3.89 -32.61
C24 PCW R . -18.52 3.16 -31.36
C25 PCW R . -17.05 3.11 -30.85
C26 PCW R . -16.02 2.53 -31.81
C27 PCW R . -14.55 2.96 -31.64
C28 PCW R . -13.88 3.05 -32.99
C31 PCW R . -17.60 9.49 -21.68
C32 PCW R . -16.70 8.30 -21.29
C33 PCW R . -15.64 7.84 -22.40
C34 PCW R . -16.23 7.70 -23.80
C35 PCW R . -15.43 6.53 -24.49
C36 PCW R . -16.35 5.40 -25.00
C37 PCW R . -15.62 4.20 -25.70
C38 PCW R . -16.22 2.89 -25.32
C39 PCW R . -15.53 1.72 -25.99
C40 PCW R . -16.10 0.70 -26.62
C41 PCW R . -17.60 0.54 -26.78
C42 PCW R . -17.90 -1.00 -27.10
C43 PCW R . -18.25 -1.93 -25.95
C44 PCW R . -18.47 -3.30 -26.55
C45 PCW R . -19.72 -4.01 -26.08
C46 PCW R . -20.44 -4.76 -27.17
C47 PCW R . -21.46 -5.78 -26.71
C48 PCW R . -22.12 -6.46 -27.92
N PCW R . -16.11 15.37 -17.25
O2 PCW R . -16.82 10.51 -22.01
O3 PCW R . -18.02 10.69 -24.59
O11 PCW R . -19.68 11.89 -25.58
O31 PCW R . -18.87 9.47 -21.70
O1P PCW R . -14.42 11.53 -20.70
O2P PCW R . -13.14 13.58 -21.32
O3P PCW R . -15.57 13.27 -22.10
O4P PCW R . -14.99 13.82 -19.79
P PCW R . -14.46 13.00 -20.97
C1 PCW S . -6.01 12.07 -13.49
C2 PCW S . -6.21 10.91 -14.55
C3 PCW S . -7.09 11.42 -15.74
C4 PCW S . -6.85 14.93 -15.76
C5 PCW S . -7.04 14.60 -17.24
C6 PCW S . -9.33 13.86 -17.26
C7 PCW S . -8.32 14.49 -19.27
C8 PCW S . -8.87 16.16 -17.81
C11 PCW S . -7.22 10.68 -18.03
C12 PCW S . -7.45 9.44 -18.84
C13 PCW S . -8.96 9.45 -19.31
C14 PCW S . -9.39 8.25 -20.15
C15 PCW S . -10.54 7.39 -19.58
C16 PCW S . -11.93 7.94 -20.07
C17 PCW S . -12.74 8.83 -19.07
C18 PCW S . -14.10 8.25 -18.68
C19 PCW S . -14.13 7.70 -17.24
C20 PCW S . -14.85 6.57 -16.88
C21 PCW S . -15.72 5.65 -17.66
C22 PCW S . -15.10 4.23 -17.51
C23 PCW S . -15.30 3.24 -18.69
C24 PCW S . -14.31 3.33 -19.80
C25 PCW S . -14.76 3.74 -21.24
C26 PCW S . -13.65 3.86 -22.28
C27 PCW S . -12.71 5.07 -22.21
C28 PCW S . -11.46 4.81 -23.00
C31 PCW S . -4.37 9.44 -14.49
C32 PCW S . -3.03 9.11 -15.18
C33 PCW S . -2.89 7.57 -15.66
C34 PCW S . -2.02 6.72 -14.73
C35 PCW S . -3.03 5.80 -13.93
C36 PCW S . -2.97 4.33 -14.39
C37 PCW S . -3.94 3.35 -13.65
C38 PCW S . -5.38 3.67 -13.91
C39 PCW S . -6.33 2.74 -13.20
C40 PCW S . -7.29 2.01 -13.75
C41 PCW S . -7.60 1.99 -15.24
C42 PCW S . -8.12 0.53 -15.63
C43 PCW S . -8.13 0.14 -17.09
C44 PCW S . -8.67 -1.29 -17.16
C45 PCW S . -8.54 -1.96 -18.50
C46 PCW S . -9.55 -3.05 -18.74
C47 PCW S . -9.22 -4.42 -18.18
C48 PCW S . -10.33 -5.42 -18.50
N PCW S . -8.33 14.77 -17.86
O2 PCW S . -4.91 10.48 -15.12
O3 PCW S . -7.28 10.38 -16.70
O11 PCW S . -7.01 11.78 -18.47
O31 PCW S . -4.85 8.84 -13.49
O1P PCW S . -6.05 14.94 -12.97
O2P PCW S . -3.77 15.19 -13.95
O3P PCW S . -4.81 12.85 -13.70
O4P PCW S . -5.54 14.45 -15.39
P PCW S . -5.02 14.42 -13.96
C1 PCW T . 21.17 16.16 5.01
C2 PCW T . 21.29 14.61 4.72
C3 PCW T . 20.35 13.80 5.68
C4 PCW T . 17.41 18.85 3.31
C5 PCW T . 17.70 18.21 1.95
C6 PCW T . 16.71 15.96 1.27
C7 PCW T . 15.90 18.03 0.25
C8 PCW T . 17.59 17.30 0.13
C11 PCW T . 19.37 11.62 5.45
C12 PCW T . 19.74 10.20 5.11
C13 PCW T . 19.79 10.08 3.54
C14 PCW T . 20.15 8.69 3.01
C15 PCW T . 21.67 8.44 2.78
C16 PCW T . 22.00 8.37 1.25
C17 PCW T . 23.43 7.89 0.84
C18 PCW T . 23.54 6.37 0.63
C19 PCW T . 23.24 5.94 -0.82
C20 PCW T . 23.03 4.63 -1.18
C21 PCW T . 23.00 3.36 -0.39
C22 PCW T . 24.42 2.74 -0.50
C23 PCW T . 25.28 2.66 0.78
C24 PCW T . 26.73 2.33 0.60
C25 PCW T . 27.21 0.86 0.44
C26 PCW T . 28.47 0.48 1.19
C27 PCW T . 28.73 -1.02 1.47
C28 PCW T . 30.20 -1.33 1.32
C31 PCW T . 21.83 14.53 2.41
C32 PCW T . 21.24 14.18 1.03
C33 PCW T . 21.19 12.62 0.68
C34 PCW T . 22.57 11.95 0.64
C35 PCW T . 22.93 11.84 -0.89
C36 PCW T . 24.18 10.96 -1.14
C37 PCW T . 24.62 10.80 -2.63
C38 PCW T . 23.58 10.08 -3.43
C39 PCW T . 23.97 9.92 -4.88
C40 PCW T . 24.12 8.77 -5.55
C41 PCW T . 23.90 7.40 -4.93
C42 PCW T . 25.17 6.49 -5.29
C43 PCW T . 26.10 6.06 -4.17
C44 PCW T . 27.19 5.22 -4.82
C45 PCW T . 28.17 4.59 -3.86
C46 PCW T . 29.28 3.84 -4.53
C47 PCW T . 30.63 3.88 -3.84
C48 PCW T . 31.68 3.08 -4.63
N PCW T . 16.69 17.44 1.30
O2 PCW T . 20.88 14.32 3.32
O3 PCW T . 20.48 12.40 5.39
O11 PCW T . 18.26 12.00 5.73
O31 PCW T . 23.01 14.93 2.64
O1P PCW T . 17.81 16.24 4.51
O2P PCW T . 18.99 17.54 6.28
O3P PCW T . 20.23 16.84 4.15
O4P PCW T . 18.56 18.62 4.16
P PCW T . 18.84 17.28 4.83
C1 PCW U . -9.09 -10.37 21.10
C2 PCW U . -7.75 -11.20 20.95
C3 PCW U . -6.89 -11.09 22.25
C4 PCW U . -7.25 -6.52 22.98
C5 PCW U . -6.42 -6.52 24.26
C6 PCW U . -4.09 -5.55 24.68
C7 PCW U . -6.10 -4.27 25.24
C8 PCW U . -5.53 -5.87 25.98
C11 PCW U . -4.86 -12.01 23.15
C12 PCW U . -3.68 -12.84 22.75
C13 PCW U . -4.01 -14.35 23.05
C14 PCW U . -2.91 -15.35 22.71
C15 PCW U . -3.07 -16.09 21.35
C16 PCW U . -1.68 -16.25 20.63
C17 PCW U . -0.95 -17.63 20.78
C18 PCW U . -0.09 -17.99 19.56
C19 PCW U . 1.01 -19.02 19.89
C20 PCW U . 2.35 -18.69 19.87
C21 PCW U . 3.07 -17.42 19.58
C22 PCW U . 3.39 -17.44 18.06
C23 PCW U . 4.82 -17.01 17.62
C24 PCW U . 5.49 -17.83 16.56
C25 PCW U . 6.46 -17.19 15.53
C26 PCW U . 7.83 -17.83 15.41
C27 PCW U . 8.01 -19.01 14.42
C28 PCW U . 9.27 -19.76 14.73
C31 PCW U . -7.50 -13.17 19.67
C32 PCW U . -7.90 -14.65 19.59
C33 PCW U . -8.47 -15.13 18.17
C34 PCW U . -9.87 -15.75 18.25
C35 PCW U . -9.72 -17.22 17.67
C36 PCW U . -10.18 -17.33 16.22
C37 PCW U . -10.06 -18.75 15.58
C38 PCW U . -10.68 -18.82 14.23
C39 PCW U . -10.56 -20.18 13.60
C40 PCW U . -9.79 -20.54 12.58
C41 PCW U . -8.86 -19.58 11.84
C42 PCW U . -7.55 -20.39 11.42
C43 PCW U . -6.36 -20.39 12.37
C44 PCW U . -5.27 -21.23 11.72
C45 PCW U . -4.70 -22.32 12.58
C46 PCW U . -5.50 -23.59 12.56
C47 PCW U . -4.93 -24.72 11.73
C48 PCW U . -5.85 -25.96 11.79
N PCW U . -5.56 -5.42 24.56
O2 PCW U . -8.07 -12.64 20.75
O3 PCW U . -5.68 -11.85 22.08
O11 PCW U . -5.05 -11.56 24.25
O31 PCW U . -6.75 -12.57 18.85
O1P PCW U . -9.94 -6.83 21.93
O2P PCW U . -9.93 -8.88 23.36
O3P PCW U . -8.93 -8.94 20.98
O4P PCW U . -7.83 -7.84 22.85
P PCW U . -9.24 -8.10 22.31
C1 PCW V . -17.98 -10.63 12.85
C2 PCW V . -16.78 -11.41 13.50
C3 PCW V . -17.29 -12.76 14.12
C4 PCW V . -15.70 -6.42 12.14
C5 PCW V . -14.21 -6.46 11.83
C6 PCW V . -13.70 -4.27 12.75
C7 PCW V . -13.85 -4.54 10.43
C8 PCW V . -12.00 -5.39 11.45
C11 PCW V . -16.09 -13.46 16.08
C12 PCW V . -14.87 -14.26 16.49
C13 PCW V . -15.25 -15.78 16.39
C14 PCW V . -14.13 -16.76 16.77
C15 PCW V . -14.60 -18.17 17.24
C16 PCW V . -14.24 -19.27 16.17
C17 PCW V . -15.42 -19.89 15.34
C18 PCW V . -16.26 -20.88 16.14
C19 PCW V . -15.71 -22.33 16.11
C20 PCW V . -15.10 -22.91 17.20
C21 PCW V . -14.81 -22.43 18.57
C22 PCW V . -13.27 -22.31 18.70
C23 PCW V . -12.71 -21.45 19.87
C24 PCW V . -12.24 -22.19 21.08
C25 PCW V . -11.66 -21.43 22.31
C26 PCW V . -12.34 -21.66 23.64
C27 PCW V . -11.63 -22.56 24.68
C28 PCW V . -11.81 -22.00 26.06
C31 PCW V . -14.70 -10.97 12.45
C32 PCW V . -13.74 -11.46 11.34
C33 PCW V . -14.38 -11.52 9.87
C34 PCW V . -15.38 -12.66 9.67
C35 PCW V . -14.64 -13.74 8.78
C36 PCW V . -15.33 -15.12 8.84
C37 PCW V . -14.66 -16.25 7.99
C38 PCW V . -15.48 -17.50 7.96
C39 PCW V . -14.85 -18.60 7.15
C40 PCW V . -14.59 -19.84 7.54
C41 PCW V . -14.88 -20.37 8.94
C42 PCW V . -15.57 -21.80 8.77
C43 PCW V . -14.79 -23.04 9.18
C44 PCW V . -15.69 -24.24 8.93
C45 PCW V . -14.96 -25.55 8.72
C46 PCW V . -15.77 -26.56 7.96
C47 PCW V . -15.02 -27.44 7.00
C48 PCW V . -15.95 -28.44 6.30
N PCW V . -13.48 -5.23 11.64
O2 PCW V . -15.76 -11.77 12.46
O3 PCW V . -16.19 -13.46 14.72
O11 PCW V . -16.83 -12.90 16.83
O31 PCW V . -14.48 -9.98 13.21
O1P PCW V . -18.49 -7.11 12.64
O2P PCW V . -17.51 -8.42 14.54
O3P PCW V . -17.61 -9.42 12.16
O4P PCW V . -16.03 -7.68 12.79
P PCW V . -17.45 -8.10 13.08
C1 PCW W . -21.85 4.98 -11.55
C2 PCW W . -22.65 4.04 -12.54
C3 PCW W . -21.98 2.62 -12.59
C4 PCW W . -24.69 3.95 -7.94
C5 PCW W . -25.50 4.52 -6.78
C6 PCW W . -26.23 2.43 -5.51
C7 PCW W . -25.61 4.48 -4.30
C8 PCW W . -27.04 4.22 -5.46
C11 PCW W . -22.13 0.62 -13.91
C12 PCW W . -23.05 -0.11 -14.86
C13 PCW W . -22.81 -1.65 -14.71
C14 PCW W . -23.67 -2.52 -15.62
C15 PCW W . -23.06 -3.90 -16.02
C16 PCW W . -23.54 -5.03 -15.03
C17 PCW W . -23.05 -6.49 -15.33
C18 PCW W . -23.51 -7.51 -14.28
C19 PCW W . -24.45 -8.59 -14.87
C20 PCW W . -24.01 -9.85 -15.24
C21 PCW W . -22.68 -10.49 -15.21
C22 PCW W . -22.67 -11.59 -16.31
C23 PCW W . -22.13 -11.20 -17.71
C24 PCW W . -20.70 -10.76 -17.79
C25 PCW W . -19.93 -10.76 -19.13
C26 PCW W . -20.04 -9.51 -19.98
C27 PCW W . -19.98 -9.67 -21.51
C28 PCW W . -19.73 -8.33 -22.16
C31 PCW W . -24.96 3.95 -13.03
C32 PCW W . -26.35 3.74 -12.39
C33 PCW W . -26.75 2.22 -12.08
C34 PCW W . -27.72 1.63 -13.10
C35 PCW W . -27.10 0.21 -13.49
C36 PCW W . -27.86 -0.45 -14.67
C37 PCW W . -27.31 -1.85 -15.12
C38 PCW W . -27.58 -2.11 -16.56
C39 PCW W . -27.06 -3.47 -17.00
C40 PCW W . -27.28 -4.06 -18.17
C41 PCW W . -28.13 -3.46 -19.29
C42 PCW W . -27.24 -3.46 -20.63
C43 PCW W . -27.93 -3.76 -21.95
C44 PCW W . -26.86 -3.68 -23.02
C45 PCW W . -27.11 -4.53 -24.25
C46 PCW W . -26.24 -5.75 -24.33
C47 PCW W . -26.92 -7.03 -24.71
C48 PCW W . -25.92 -8.20 -24.76
N PCW W . -25.62 3.77 -5.56
O2 PCW W . -24.05 3.87 -12.07
O3 PCW W . -22.72 1.78 -13.50
O11 PCW W . -21.05 0.24 -13.57
O31 PCW W . -24.74 4.15 -14.26
O1P PCW W . -22.32 3.16 -9.41
O2P PCW W . -21.30 5.12 -8.24
O3P PCW W . -22.62 5.45 -10.43
O4P PCW W . -23.70 4.95 -8.30
P PCW W . -22.43 4.62 -9.06
C1 PCW X . 23.81 10.42 13.90
C2 PCW X . 24.93 9.99 12.88
C3 PCW X . 25.89 11.20 12.57
C4 PCW X . 25.50 13.68 17.02
C5 PCW X . 26.13 13.56 18.40
C6 PCW X . 28.14 15.03 18.99
C7 PCW X . 25.99 15.33 20.13
C8 PCW X . 27.10 13.85 20.18
C11 PCW X . 28.06 11.48 11.60
C12 PCW X . 28.95 10.89 10.54
C13 PCW X . 29.67 9.63 11.16
C14 PCW X . 30.63 8.89 10.21
C15 PCW X . 30.01 7.70 9.42
C16 PCW X . 30.60 6.34 9.91
C17 PCW X . 31.59 5.60 8.95
C18 PCW X . 33.03 5.57 9.45
C19 PCW X . 33.93 6.62 8.76
C20 PCW X . 34.99 6.26 7.93
C21 PCW X . 35.52 4.94 7.51
C22 PCW X . 36.67 4.58 8.49
C23 PCW X . 36.46 3.35 9.41
C24 PCW X . 35.74 3.58 10.71
C25 PCW X . 36.47 4.23 11.93
C26 PCW X . 36.39 5.74 12.04
C27 PCW X . 37.71 6.54 11.97
C28 PCW X . 38.03 7.10 13.34
C31 PCW X . 25.37 7.67 13.12
C32 PCW X . 26.31 6.66 13.81
C33 PCW X . 27.49 6.08 12.89
C34 PCW X . 27.00 5.26 11.70
C35 PCW X . 26.49 3.88 12.30
C36 PCW X . 26.94 2.67 11.45
C37 PCW X . 26.48 1.28 11.98
C38 PCW X . 26.89 0.17 11.05
C39 PCW X . 26.46 -1.19 11.54
C40 PCW X . 27.11 -1.99 12.38
C41 PCW X . 28.45 -1.65 13.03
C42 PCW X . 29.61 -2.33 12.18
C43 PCW X . 30.36 -3.50 12.79
C44 PCW X . 31.39 -3.94 11.77
C45 PCW X . 32.74 -4.31 12.33
C46 PCW X . 33.83 -4.40 11.31
C47 PCW X . 34.73 -3.20 11.18
C48 PCW X . 35.80 -3.42 10.09
N PCW X . 26.69 14.71 19.02
O2 PCW X . 25.76 8.90 13.47
O3 PCW X . 26.90 10.78 11.63
O11 PCW X . 28.33 12.43 12.27
O31 PCW X . 24.40 7.39 12.37
O1P PCW X . 24.07 13.32 14.54
O2P PCW X . 22.34 12.31 16.00
O3P PCW X . 24.30 10.89 15.17
O4P PCW X . 24.55 12.59 16.89
P PCW X . 23.77 12.33 15.61
C1 PCW Y . 12.26 3.14 23.98
C2 PCW Y . 13.24 2.26 23.12
C3 PCW Y . 13.27 2.77 21.63
C4 PCW Y . 11.19 -0.78 24.73
C5 PCW Y . 10.93 -1.53 23.42
C6 PCW Y . 12.20 -3.74 23.36
C7 PCW Y . 9.78 -3.67 22.95
C8 PCW Y . 11.12 -2.92 21.93
C11 PCW Y . 13.80 0.69 20.54
C12 PCW Y . 14.91 0.04 19.77
C13 PCW Y . 14.42 -0.16 18.29
C14 PCW Y . 15.43 -0.81 17.34
C15 PCW Y . 15.32 -2.37 17.21
C16 PCW Y . 16.34 -3.08 18.17
C17 PCW Y . 17.64 -3.69 17.53
C18 PCW Y . 17.37 -5.00 16.78
C19 PCW Y . 17.67 -6.26 17.62
C20 PCW Y . 18.95 -6.78 17.75
C21 PCW Y . 20.27 -6.34 17.21
C22 PCW Y . 20.98 -5.55 18.33
C23 PCW Y . 22.43 -5.96 18.70
C24 PCW Y . 23.48 -4.90 18.55
C25 PCW Y . 24.50 -4.93 17.38
C26 PCW Y . 25.57 -6.00 17.44
C27 PCW Y . 25.47 -7.16 16.42
C28 PCW Y . 25.50 -8.48 17.16
C31 PCW Y . 15.18 1.20 23.99
C32 PCW Y . 16.60 1.47 24.52
C33 PCW Y . 17.43 2.59 23.72
C34 PCW Y . 18.20 2.03 22.52
C35 PCW Y . 18.08 3.13 21.39
C36 PCW Y . 19.41 3.88 21.16
C37 PCW Y . 19.38 4.98 20.05
C38 PCW Y . 20.75 5.33 19.57
C39 PCW Y . 20.74 6.39 18.49
C40 PCW Y . 21.67 6.58 17.55
C41 PCW Y . 22.92 5.75 17.39
C42 PCW Y . 22.79 4.88 16.06
C43 PCW Y . 23.46 3.53 16.01
C44 PCW Y . 23.17 2.94 14.63
C45 PCW Y . 22.98 1.44 14.60
C46 PCW Y . 24.26 0.66 14.71
C47 PCW Y . 24.35 -0.31 15.85
C48 PCW Y . 25.70 -1.04 15.86
N PCW Y . 10.95 -2.96 23.41
O2 PCW Y . 14.63 2.37 23.65
O3 PCW Y . 14.17 1.96 20.87
O11 PCW Y . 12.76 0.17 20.85
O31 PCW Y . 14.63 0.07 23.89
O1P PCW Y . 10.81 1.12 26.92
O2P PCW Y . 9.50 2.36 25.19
O3P PCW Y . 12.05 2.63 25.32
O4P PCW Y . 10.98 0.63 24.44
P PCW Y . 10.77 1.67 25.52
C1 PCW Z . -12.03 -8.92 16.32
C2 PCW Z . -11.38 -10.00 15.37
C3 PCW Z . -12.24 -11.31 15.38
C4 PCW Z . -11.96 -5.40 16.95
C5 PCW Z . -12.29 -4.33 17.98
C6 PCW Z . -12.16 -3.57 20.42
C7 PCW Z . -10.30 -4.80 19.40
C8 PCW Z . -10.94 -3.13 18.96
C11 PCW Z . -11.43 -13.54 15.01
C12 PCW Z . -10.80 -14.39 13.93
C13 PCW Z . -9.24 -14.23 14.04
C14 PCW Z . -8.43 -15.03 13.02
C15 PCW Z . -6.99 -15.43 13.45
C16 PCW Z . -6.42 -16.55 12.51
C17 PCW Z . -5.36 -16.13 11.44
C18 PCW Z . -4.57 -17.31 10.88
C19 PCW Z . -3.89 -16.99 9.53
C20 PCW Z . -3.20 -17.95 8.79
C21 PCW Z . -2.94 -19.39 9.02
C22 PCW Z . -3.26 -20.12 7.70
C23 PCW Z . -4.14 -21.40 7.78
C24 PCW Z . -5.15 -21.60 6.70
C25 PCW Z . -6.54 -22.23 7.02
C26 PCW Z . -7.64 -21.28 7.42
C27 PCW Z . -9.06 -21.53 6.85
C28 PCW Z . -10.03 -20.53 7.44
C31 PCW Z . -10.24 -8.84 13.65
C32 PCW Z . -10.36 -8.39 12.18
C33 PCW Z . -10.60 -9.56 11.12
C34 PCW Z . -9.59 -10.72 11.26
C35 PCW Z . -8.93 -10.86 9.84
C36 PCW Z . -8.97 -12.33 9.32
C37 PCW Z . -8.33 -12.56 7.91
C38 PCW Z . -8.85 -13.80 7.26
C39 PCW Z . -8.25 -14.04 5.90
C40 PCW Z . -8.88 -14.37 4.79
C41 PCW Z . -10.38 -14.56 4.69
C42 PCW Z . -10.73 -15.08 3.22
C43 PCW Z . -11.52 -14.19 2.30
C44 PCW Z . -11.69 -14.95 0.99
C45 PCW Z . -11.48 -14.14 -0.26
C46 PCW Z . -10.65 -14.82 -1.30
C47 PCW Z . -11.34 -15.19 -2.59
C48 PCW Z . -10.38 -15.88 -3.56
N PCW Z . -11.68 -4.38 19.29
O2 PCW Z . -11.36 -9.49 13.97
O3 PCW Z . -11.64 -12.28 14.52
O11 PCW Z . -11.72 -13.91 16.12
O31 PCW Z . -9.26 -8.61 14.41
O1P PCW Z . -12.65 -6.62 14.41
O2P PCW Z . -14.96 -6.58 15.35
O3P PCW Z . -13.36 -8.51 15.93
O4P PCW Z . -13.12 -6.27 16.85
P PCW Z . -13.54 -6.95 15.57
C1 PCW AA . -13.47 3.85 -7.94
C2 PCW AA . -13.99 3.80 -9.43
C3 PCW AA . -13.10 2.82 -10.26
C4 PCW AA . -16.59 6.73 -7.82
C5 PCW AA . -17.57 6.94 -6.67
C6 PCW AA . -20.04 6.70 -6.09
C7 PCW AA . -18.69 4.72 -6.57
C8 PCW AA . -18.50 5.90 -5.16
C11 PCW AA . -14.29 1.70 -12.03
C12 PCW AA . -14.69 1.87 -13.48
C13 PCW AA . -14.86 0.45 -14.12
C14 PCW AA . -15.27 0.45 -15.60
C15 PCW AA . -16.77 0.19 -15.89
C16 PCW AA . -17.09 -1.35 -15.89
C17 PCW AA . -17.78 -1.94 -17.17
C18 PCW AA . -18.96 -2.85 -16.84
C19 PCW AA . -19.55 -3.54 -18.11
C20 PCW AA . -19.68 -4.92 -18.20
C21 PCW AA . -19.36 -6.03 -17.26
C22 PCW AA . -18.09 -6.73 -17.82
C23 PCW AA . -17.59 -8.00 -17.09
C24 PCW AA . -16.10 -8.12 -16.89
C25 PCW AA . -15.43 -7.67 -15.56
C26 PCW AA . -14.33 -6.63 -15.68
C27 PCW AA . -12.91 -7.11 -16.06
C28 PCW AA . -11.90 -6.57 -15.07
C31 PCW AA . -16.26 4.13 -10.02
C32 PCW AA . -17.64 3.46 -9.99
C33 PCW AA . -18.54 3.70 -11.29
C34 PCW AA . -17.87 3.23 -12.58
C35 PCW AA . -18.86 3.67 -13.74
C36 PCW AA . -18.24 3.45 -15.15
C37 PCW AA . -19.15 3.85 -16.36
C38 PCW AA . -20.08 2.75 -16.74
C39 PCW AA . -20.98 3.11 -17.89
C40 PCW AA . -21.31 2.33 -18.92
C41 PCW AA . -20.85 0.89 -19.08
C42 PCW AA . -19.76 0.85 -20.25
C43 PCW AA . -18.30 0.92 -19.86
C44 PCW AA . -17.49 0.86 -21.16
C45 PCW AA . -16.58 -0.34 -21.29
C46 PCW AA . -15.24 -0.01 -21.89
C47 PCW AA . -14.80 -0.87 -23.05
C48 PCW AA . -13.42 -0.42 -23.56
N PCW AA . -18.77 6.16 -6.61
O2 PCW AA . -15.38 3.28 -9.47
O3 PCW AA . -13.57 2.78 -11.63
O11 PCW AA . -14.57 0.75 -11.34
O31 PCW AA . -16.01 5.28 -10.47
O1P PCW AA . -15.58 4.49 -6.30
O2P PCW AA . -14.21 6.23 -5.17
O3P PCW AA . -13.40 5.19 -7.39
O4P PCW AA . -15.25 6.78 -7.26
P PCW AA . -14.64 5.65 -6.46
C1 PCW BA . -18.52 3.73 -2.21
C2 PCW BA . -17.88 2.46 -2.91
C3 PCW BA . -16.70 2.91 -3.83
C4 PCW BA . -17.43 3.01 2.38
C5 PCW BA . -16.82 1.67 2.77
C6 PCW BA . -14.60 1.14 1.63
C7 PCW BA . -14.75 1.24 4.07
C8 PCW BA . -15.58 0.05 2.93
C11 PCW BA . -16.67 1.30 -5.63
C12 PCW BA . -15.88 0.11 -6.13
C13 PCW BA . -16.04 -1.06 -5.08
C14 PCW BA . -15.30 -2.35 -5.44
C15 PCW BA . -13.75 -2.32 -5.23
C16 PCW BA . -13.24 -3.71 -4.70
C17 PCW BA . -11.68 -3.88 -4.56
C18 PCW BA . -11.27 -5.22 -3.93
C19 PCW BA . -9.75 -5.34 -3.72
C20 PCW BA . -8.91 -5.91 -4.68
C21 PCW BA . -9.15 -6.48 -6.02
C22 PCW BA . -8.35 -7.82 -6.08
C23 PCW BA . -8.71 -8.79 -7.24
C24 PCW BA . -7.62 -9.73 -7.67
C25 PCW BA . -7.66 -10.41 -9.07
C26 PCW BA . -6.56 -11.42 -9.35
C27 PCW BA . -6.99 -12.85 -9.78
C28 PCW BA . -5.79 -13.77 -9.73
C31 PCW BA . -18.18 0.69 -1.35
C32 PCW BA . -17.45 -0.18 -0.33
C33 PCW BA . -16.37 -1.20 -0.93
C34 PCW BA . -16.71 -2.66 -0.64
C35 PCW BA . -16.73 -3.38 -2.06
C36 PCW BA . -17.58 -4.67 -2.06
C37 PCW BA . -17.65 -5.42 -3.42
C38 PCW BA . -16.31 -5.97 -3.83
C39 PCW BA . -16.37 -6.70 -5.16
C40 PCW BA . -15.57 -7.68 -5.55
C41 PCW BA . -14.45 -8.27 -4.71
C42 PCW BA . -14.01 -9.66 -5.35
C43 PCW BA . -12.64 -9.77 -6.00
C44 PCW BA . -12.50 -11.18 -6.53
C45 PCW BA . -12.28 -11.29 -8.01
C46 PCW BA . -11.35 -12.41 -8.40
C47 PCW BA . -11.73 -13.18 -9.65
C48 PCW BA . -10.72 -14.30 -9.93
N PCW BA . -15.40 1.52 2.81
O2 PCW BA . -17.30 1.55 -1.87
O3 PCW BA . -16.11 1.76 -4.46
O11 PCW BA . -17.62 1.78 -6.17
O31 PCW BA . -19.41 0.60 -1.65
O1P PCW BA . -18.81 5.23 1.09
O2P PCW BA . -20.16 3.41 0.07
O3P PCW BA . -17.90 4.11 -0.97
O4P PCW BA . -18.07 2.83 1.09
P PCW BA . -18.81 3.92 0.36
C1 PCW CA . 1.49 7.21 -0.58
C2 PCW CA . 2.90 7.09 0.12
C3 PCW CA . 3.93 6.48 -0.87
C4 PCW CA . -2.68 8.18 -0.96
C5 PCW CA . -3.90 8.66 -0.17
C6 PCW CA . -6.02 10.06 -0.44
C7 PCW CA . -5.75 7.98 -1.69
C8 PCW CA . -5.87 8.19 0.14
C11 PCW CA . 5.57 5.15 0.26
C12 PCW CA . 6.95 5.25 0.87
C13 PCW CA . 7.97 4.54 -0.10
C14 PCW CA . 9.42 4.54 0.37
C15 PCW CA . 10.38 3.58 -0.41
C16 PCW CA . 10.95 2.47 0.54
C17 PCW CA . 11.44 1.14 -0.12
C18 PCW CA . 12.84 0.73 0.32
C19 PCW CA . 12.84 -0.29 1.47
C20 PCW CA . 14.01 -0.81 2.01
C21 PCW CA . 15.44 -0.60 1.67
C22 PCW CA . 16.08 -2.00 1.51
C23 PCW CA . 16.18 -2.58 0.08
C24 PCW CA . 17.43 -2.26 -0.69
C25 PCW CA . 17.52 -1.01 -1.60
C26 PCW CA . 16.66 -1.03 -2.85
C27 PCW CA . 15.48 -0.03 -2.94
C28 PCW CA . 14.62 -0.35 -4.14
C31 PCW CA . 3.33 8.70 1.81
C32 PCW CA . 3.86 10.12 2.04
C33 PCW CA . 5.38 10.36 1.58
C34 PCW CA . 5.49 11.40 0.46
C35 PCW CA . 5.91 10.58 -0.84
C36 PCW CA . 7.44 10.43 -0.97
C37 PCW CA . 7.94 9.63 -2.22
C38 PCW CA . 8.41 8.27 -1.88
C39 PCW CA . 8.90 7.50 -3.08
C40 PCW CA . 8.24 6.59 -3.77
C41 PCW CA . 6.83 6.14 -3.46
C42 PCW CA . 6.64 4.67 -4.07
C43 PCW CA . 6.53 4.51 -5.57
C44 PCW CA . 6.35 3.02 -5.86
C45 PCW CA . 7.39 2.43 -6.79
C46 PCW CA . 7.10 2.65 -8.24
C47 PCW CA . 8.20 2.27 -9.21
C48 PCW CA . 7.78 2.56 -10.66
N PCW CA . -5.11 8.98 -0.86
O2 PCW CA . 3.39 8.44 0.51
O3 PCW CA . 5.22 6.37 -0.24
O11 PCW CA . 4.90 4.16 0.22
O31 PCW CA . 2.91 7.92 2.72
O1P PCW CA . -0.80 7.07 0.93
O2P PCW CA . -0.51 9.44 1.59
O3P PCW CA . 0.83 8.48 -0.40
O4P PCW CA . -1.55 8.97 -0.51
P PCW CA . -0.52 8.46 0.47
C1 PCW DA . 5.65 -5.64 25.68
C2 PCW DA . 6.98 -6.47 25.51
C3 PCW DA . 8.02 -6.10 26.64
C4 PCW DA . 3.13 -2.75 23.89
C5 PCW DA . 2.96 -1.40 24.62
C6 PCW DA . 4.35 -0.57 26.40
C7 PCW DA . 3.98 0.77 24.53
C8 PCW DA . 5.39 -1.00 24.27
C11 PCW DA . 10.32 -6.23 25.95
C12 PCW DA . 11.45 -7.23 25.83
C13 PCW DA . 12.22 -7.25 27.20
C14 PCW DA . 13.42 -8.21 27.24
C15 PCW DA . 14.27 -8.16 28.54
C16 PCW DA . 14.50 -9.61 29.11
C17 PCW DA . 15.52 -9.78 30.28
C18 PCW DA . 16.25 -11.13 30.28
C19 PCW DA . 15.78 -12.05 31.44
C20 PCW DA . 16.18 -11.88 32.74
C21 PCW DA . 17.07 -10.87 33.40
C22 PCW DA . 18.39 -11.60 33.73
C23 PCW DA . 19.64 -10.72 34.03
C24 PCW DA . 20.27 -10.01 32.87
C25 PCW DA . 21.39 -10.68 32.03
C26 PCW DA . 21.69 -10.04 30.68
C27 PCW DA . 23.16 -10.05 30.20
C28 PCW DA . 23.46 -8.80 29.41
C31 PCW DA . 6.14 -8.35 26.78
C32 PCW DA . 5.95 -9.88 26.69
C33 PCW DA . 7.21 -10.76 27.12
C34 PCW DA . 7.03 -12.24 26.84
C35 PCW DA . 8.14 -12.98 27.70
C36 PCW DA . 8.62 -14.29 27.05
C37 PCW DA . 9.72 -15.07 27.84
C38 PCW DA . 11.08 -14.45 27.69
C39 PCW DA . 12.14 -15.19 28.45
C40 PCW DA . 13.45 -14.96 28.44
C41 PCW DA . 14.12 -13.86 27.62
C42 PCW DA . 14.24 -14.35 26.11
C43 PCW DA . 15.51 -15.06 25.68
C44 PCW DA . 15.33 -15.41 24.20
C45 PCW DA . 16.37 -16.35 23.65
C46 PCW DA . 15.86 -17.23 22.54
C47 PCW DA . 16.15 -18.69 22.65
C48 PCW DA . 15.57 -19.46 21.45
N PCW DA . 4.11 -0.60 24.94
O2 PCW DA . 6.71 -7.95 25.63
O3 PCW DA . 9.21 -6.86 26.45
O11 PCW DA . 10.38 -5.07 25.64
O31 PCW DA . 5.82 -7.63 27.76
O1P PCW DA . 2.34 -5.54 23.75
O2P PCW DA . 2.68 -5.45 26.22
O3P PCW DA . 4.67 -5.86 24.64
O4P PCW DA . 3.60 -3.69 24.89
P PCW DA . 3.24 -5.17 24.88
C1 PCW EA . 2.51 10.00 -3.09
C2 PCW EA . 2.11 9.06 -4.29
C3 PCW EA . 3.27 8.04 -4.58
C4 PCW EA . -0.35 12.60 -4.75
C5 PCW EA . 0.02 13.31 -6.07
C6 PCW EA . 1.43 11.59 -7.30
C7 PCW EA . -0.15 13.02 -8.52
C8 PCW EA . 1.37 13.53 -7.58
C11 PCW EA . 3.20 7.60 -6.94
C12 PCW EA . 2.72 6.56 -7.93
C13 PCW EA . 3.95 5.65 -8.31
C14 PCW EA . 3.63 4.54 -9.32
C15 PCW EA . 4.36 4.64 -10.69
C16 PCW EA . 4.14 3.33 -11.53
C17 PCW EA . 4.22 3.47 -13.10
C18 PCW EA . 5.45 2.78 -13.71
C19 PCW EA . 5.33 2.59 -15.23
C20 PCW EA . 6.25 1.84 -15.96
C21 PCW EA . 7.48 1.11 -15.57
C22 PCW EA . 7.79 0.12 -16.73
C23 PCW EA . 9.24 0.12 -17.29
C24 PCW EA . 9.39 -0.12 -18.77
C25 PCW EA . 10.77 -0.47 -19.39
C26 PCW EA . 11.22 -1.91 -19.28
C27 PCW EA . 12.74 -2.19 -19.30
C28 PCW EA . 13.06 -3.34 -18.39
C31 PCW EA . -0.20 8.64 -4.56
C32 PCW EA . -1.35 7.73 -4.11
C33 PCW EA . -1.45 6.32 -4.86
C34 PCW EA . -2.15 6.41 -6.21
C35 PCW EA . -1.00 6.22 -7.29
C36 PCW EA . -1.38 5.18 -8.37
C37 PCW EA . -0.28 4.94 -9.47
C38 PCW EA . -0.82 5.14 -10.85
C39 PCW EA . 0.21 4.92 -11.92
C40 PCW EA . 0.50 3.77 -12.53
C41 PCW EA . -0.20 2.45 -12.24
C42 PCW EA . 0.86 1.28 -12.50
C43 PCW EA . 0.34 -0.15 -12.61
C44 PCW EA . 1.56 -1.03 -12.85
C45 PCW EA . 1.27 -2.51 -12.90
C46 PCW EA . 2.03 -3.31 -11.88
C47 PCW EA . 1.29 -3.66 -10.61
C48 PCW EA . 2.17 -4.47 -9.65
N PCW EA . 0.31 12.55 -7.23
O2 PCW EA . 0.91 8.26 -3.94
O3 PCW EA . 2.90 7.18 -5.68
O11 PCW EA . 3.76 8.62 -7.23
O31 PCW EA . -0.31 9.60 -5.39
O1P PCW EA . -0.10 12.53 -1.86
O2P PCW EA . 2.31 12.97 -2.35
O3P PCW EA . 1.38 10.56 -2.40
O4P PCW EA . 0.91 12.21 -4.15
P PCW EA . 1.11 12.13 -2.64
C1 PCW FA . -22.81 -9.02 7.31
C2 PCW FA . -22.97 -9.74 5.92
C3 PCW FA . -24.45 -10.25 5.76
C4 PCW FA . -21.06 -6.40 9.78
C5 PCW FA . -21.62 -6.51 11.19
C6 PCW FA . -21.21 -6.22 13.69
C7 PCW FA . -20.41 -4.53 12.11
C8 PCW FA . -22.16 -5.00 12.47
C11 PCW FA . -25.24 -10.23 3.49
C12 PCW FA . -25.31 -11.12 2.28
C13 PCW FA . -26.76 -11.74 2.24
C14 PCW FA . -27.03 -12.67 1.05
C15 PCW FA . -26.39 -14.09 1.15
C16 PCW FA . -26.48 -14.84 -0.22
C17 PCW FA . -25.73 -14.20 -1.44
C18 PCW FA . -25.97 -14.94 -2.75
C19 PCW FA . -27.19 -14.39 -3.54
C20 PCW FA . -27.12 -14.04 -4.88
C21 PCW FA . -26.01 -14.08 -5.86
C22 PCW FA . -26.11 -15.46 -6.58
C23 PCW FA . -24.81 -16.03 -7.20
C24 PCW FA . -24.62 -17.52 -7.11
C25 PCW FA . -25.17 -18.34 -5.91
C26 PCW FA . -24.49 -19.67 -5.64
C27 PCW FA . -25.37 -20.89 -5.29
C28 PCW FA . -25.39 -21.11 -3.80
C31 PCW FA . -21.63 -9.05 4.10
C32 PCW FA . -21.50 -7.98 3.00
C33 PCW FA . -20.53 -8.36 1.78
C34 PCW FA . -19.48 -7.29 1.50
C35 PCW FA . -18.10 -7.95 1.88
C36 PCW FA . -16.92 -6.94 1.84
C37 PCW FA . -15.52 -7.53 2.20
C38 PCW FA . -14.57 -7.48 1.06
C39 PCW FA . -13.21 -8.02 1.38
C40 PCW FA . -12.44 -8.78 0.60
C41 PCW FA . -12.82 -9.21 -0.80
C42 PCW FA . -11.77 -10.31 -1.28
C43 PCW FA . -10.96 -10.04 -2.54
C44 PCW FA . -10.05 -11.23 -2.75
C45 PCW FA . -9.46 -11.35 -4.14
C46 PCW FA . -8.59 -12.56 -4.33
C47 PCW FA . -8.22 -12.91 -5.74
C48 PCW FA . -7.35 -14.17 -5.80
N PCW FA . -20.95 -5.87 12.28
O2 PCW FA . -22.72 -8.78 4.81
O3 PCW FA . -24.61 -10.91 4.50
O11 PCW FA . -25.66 -9.12 3.57
O31 PCW FA . -20.83 -10.02 4.29
O1P PCW FA . -20.87 -7.05 6.94
O2P PCW FA . -22.59 -5.25 6.73
O3P PCW FA . -23.30 -7.65 7.32
O4P PCW FA . -22.20 -6.19 8.91
P PCW FA . -22.18 -6.50 7.42
C1 PCW GA . 6.22 3.55 8.46
C2 PCW GA . 7.74 3.92 8.67
C3 PCW GA . 7.86 5.17 9.61
C4 PCW GA . 4.85 4.04 11.72
C5 PCW GA . 5.86 4.66 12.68
C6 PCW GA . 4.05 5.16 14.21
C7 PCW GA . 6.16 6.09 14.58
C8 PCW GA . 5.91 3.87 15.02
C11 PCW GA . 9.74 5.48 11.07
C12 PCW GA . 11.20 5.87 11.03
C13 PCW GA . 12.02 4.68 10.41
C14 PCW GA . 13.53 4.93 10.31
C15 PCW GA . 14.42 3.66 10.23
C16 PCW GA . 15.87 3.95 10.76
C17 PCW GA . 16.82 2.72 10.94
C18 PCW GA . 17.64 2.79 12.23
C19 PCW GA . 17.75 1.42 12.94
C20 PCW GA . 18.88 0.62 12.85
C21 PCW GA . 20.17 0.79 12.13
C22 PCW GA . 20.51 -0.59 11.51
C23 PCW GA . 22.00 -1.03 11.51
C24 PCW GA . 22.75 -0.91 10.21
C25 PCW GA . 23.27 -2.17 9.47
C26 PCW GA . 22.62 -2.49 8.14
C27 PCW GA . 23.44 -2.28 6.85
C28 PCW GA . 22.87 -3.12 5.73
C31 PCW GA . 9.44 2.28 8.62
C32 PCW GA . 10.08 1.13 9.43
C33 PCW GA . 10.21 -0.26 8.65
C34 PCW GA . 8.89 -1.01 8.50
C35 PCW GA . 9.04 -1.90 7.19
C36 PCW GA . 9.58 -3.30 7.48
C37 PCW GA . 9.76 -4.24 6.24
C38 PCW GA . 9.74 -5.68 6.61
C39 PCW GA . 9.92 -6.60 5.43
C40 PCW GA . 10.85 -7.52 5.26
C41 PCW GA . 11.95 -7.82 6.27
C42 PCW GA . 11.92 -9.39 6.59
C43 PCW GA . 12.74 -9.91 7.74
C44 PCW GA . 12.52 -11.41 7.80
C45 PCW GA . 13.69 -12.21 8.31
C46 PCW GA . 13.86 -13.54 7.62
C47 PCW GA . 15.28 -14.09 7.59
C48 PCW GA . 15.31 -15.44 6.86
N PCW GA . 5.51 4.93 14.05
O2 PCW GA . 8.46 2.79 9.34
O3 PCW GA . 9.25 5.50 9.80
O11 PCW GA . 9.12 5.21 12.06
O31 PCW GA . 9.81 2.65 7.47
O1P PCW GA . 3.52 2.57 9.58
O2P PCW GA . 4.77 0.65 10.55
O3P PCW GA . 5.89 2.19 8.83
O4P PCW GA . 5.47 2.85 11.15
P PCW GA . 4.85 2.03 10.04
C1 PCW HA . -21.32 1.57 -6.84
C2 PCW HA . -22.42 0.45 -6.95
C3 PCW HA . -22.91 0.30 -8.44
C4 PCW HA . -21.90 2.67 -2.16
C5 PCW HA . -22.64 1.77 -1.18
C6 PCW HA . -21.61 0.64 0.85
C7 PCW HA . -22.96 2.66 1.11
C8 PCW HA . -23.50 1.00 0.52
C11 PCW HA . -25.22 -0.38 -8.33
C12 PCW HA . -26.08 -1.60 -8.47
C13 PCW HA . -26.08 -2.37 -7.09
C14 PCW HA . -26.91 -3.65 -7.06
C15 PCW HA . -26.21 -4.89 -6.44
C16 PCW HA . -27.27 -5.88 -5.82
C17 PCW HA . -27.47 -5.85 -4.27
C18 PCW HA . -26.53 -6.78 -3.51
C19 PCW HA . -27.27 -7.70 -2.52
C20 PCW HA . -26.84 -8.98 -2.22
C21 PCW HA . -25.68 -9.78 -2.70
C22 PCW HA . -26.14 -10.52 -3.99
C23 PCW HA . -25.29 -10.36 -5.26
C24 PCW HA . -25.76 -9.37 -6.27
C25 PCW HA . -27.02 -9.66 -7.15
C26 PCW HA . -27.12 -11.03 -7.78
C27 PCW HA . -26.54 -11.22 -9.20
C28 PCW HA . -26.09 -12.65 -9.40
C31 PCW HA . -22.37 -1.35 -5.41
C32 PCW HA . -21.70 -2.70 -5.13
C33 PCW HA . -22.47 -3.99 -5.68
C34 PCW HA . -22.62 -4.00 -7.20
C35 PCW HA . -21.95 -5.35 -7.69
C36 PCW HA . -22.89 -6.19 -8.59
C37 PCW HA . -22.28 -7.53 -9.11
C38 PCW HA . -23.35 -8.52 -9.47
C39 PCW HA . -22.79 -9.82 -9.99
C40 PCW HA . -22.54 -10.91 -9.28
C41 PCW HA . -22.78 -11.05 -7.79
C42 PCW HA . -22.05 -12.37 -7.27
C43 PCW HA . -22.44 -12.94 -5.92
C44 PCW HA . -21.59 -14.17 -5.70
C45 PCW HA . -22.16 -15.18 -4.73
C46 PCW HA . -21.55 -16.56 -4.87
C47 PCW HA . -21.79 -17.52 -3.72
C48 PCW HA . -21.13 -18.87 -3.99
N PCW HA . -22.26 1.78 0.20
O2 PCW HA . -21.85 -0.86 -6.54
O3 PCW HA . -23.91 -0.72 -8.52
O11 PCW HA . -25.62 0.73 -8.10
O31 PCW HA . -23.27 -0.80 -4.71
O1P PCW HA . -20.99 4.18 -4.45
O2P PCW HA . -23.09 3.30 -5.47
O3P PCW HA . -20.94 1.88 -5.49
O4P PCW HA . -22.27 2.24 -3.49
P PCW HA . -21.85 2.98 -4.74
C1 PCW IA . 15.81 20.60 -16.17
C2 PCW IA . 15.46 20.48 -17.71
C3 PCW IA . 16.51 21.26 -18.56
C4 PCW IA . 15.63 23.07 -13.32
C5 PCW IA . 15.83 23.32 -11.82
C6 PCW IA . 15.96 24.78 -9.90
C7 PCW IA . 13.97 24.66 -11.11
C8 PCW IA . 15.70 25.78 -12.08
C11 PCW IA . 17.21 21.11 -20.84
C12 PCW IA . 16.66 21.00 -22.24
C13 PCW IA . 17.41 19.82 -22.97
C14 PCW IA . 16.98 19.57 -24.41
C15 PCW IA . 15.62 18.82 -24.59
C16 PCW IA . 15.19 18.80 -26.10
C17 PCW IA . 14.11 17.74 -26.52
C18 PCW IA . 13.37 18.10 -27.80
C19 PCW IA . 11.88 18.39 -27.57
C20 PCW IA . 10.90 18.14 -28.53
C21 PCW IA . 10.99 17.60 -29.91
C22 PCW IA . 10.63 16.09 -29.83
C23 PCW IA . 11.13 15.17 -30.98
C24 PCW IA . 12.27 14.25 -30.67
C25 PCW IA . 13.05 13.54 -31.82
C26 PCW IA . 13.24 12.04 -31.67
C27 PCW IA . 13.32 11.20 -32.97
C28 PCW IA . 13.93 9.85 -32.68
C31 PCW IA . 14.34 18.45 -18.22
C32 PCW IA . 14.56 17.00 -18.68
C33 PCW IA . 16.05 16.43 -18.54
C34 PCW IA . 16.73 16.19 -19.88
C35 PCW IA . 18.09 17.00 -19.81
C36 PCW IA . 19.30 16.12 -19.40
C37 PCW IA . 20.66 16.84 -19.32
C38 PCW IA . 21.79 15.99 -19.81
C39 PCW IA . 23.12 16.68 -19.75
C40 PCW IA . 24.31 16.11 -19.52
C41 PCW IA . 24.50 14.63 -19.28
C42 PCW IA . 24.97 13.96 -20.65
C43 PCW IA . 24.27 12.70 -21.13
C44 PCW IA . 24.91 12.30 -22.44
C45 PCW IA . 24.72 10.85 -22.83
C46 PCW IA . 23.49 10.60 -23.65
C47 PCW IA . 22.40 9.78 -22.98
C48 PCW IA . 21.20 9.60 -23.91
N PCW IA . 15.39 24.58 -11.25
O2 PCW IA . 15.52 19.06 -18.14
O3 PCW IA . 16.18 21.15 -19.95
O11 PCW IA . 18.38 21.17 -20.56
O31 PCW IA . 13.22 18.99 -17.97
O1P PCW IA . 13.79 22.57 -15.51
O2P PCW IA . 12.74 21.03 -13.86
O3P PCW IA . 14.73 20.23 -15.29
O4P PCW IA . 14.96 21.78 -13.43
P PCW IA . 13.99 21.45 -14.54
C1 17F JA . 3.94 20.19 -20.30
N1 17F JA . 4.49 20.75 -22.69
O1 17F JA . 7.15 22.14 -20.86
P1 17F JA . 6.36 20.96 -20.33
C2 17F JA . 3.43 20.45 -21.74
O2 17F JA . 6.52 21.46 -18.92
C3 17F JA . 2.41 21.58 -21.74
O3 17F JA . 4.88 21.15 -19.92
C4 17F JA . 6.53 18.60 -19.15
O4 17F JA . 2.52 22.62 -22.49
C5 17F JA . 7.51 17.54 -18.59
O5 17F JA . 1.42 21.54 -21.00
C6 17F JA . 6.73 16.29 -18.16
O6 17F JA . 7.18 19.76 -19.68
C7 17F JA . 7.69 14.15 -18.28
O7 17F JA . 7.59 15.28 -17.63
C8 17F JA . 8.68 13.24 -17.53
O8 17F JA . 7.14 13.78 -19.29
C9 17F JA . 7.99 12.04 -16.84
O9 17F JA . 8.56 17.22 -19.50
C10 17F JA . 8.95 11.06 -16.05
O10 17F JA . 10.11 17.63 -17.82
C11 17F JA . 9.55 11.66 -14.73
C12 17F JA . 10.49 10.63 -14.00
C17 17F JA . 9.77 17.42 -18.99
C18 17F JA . 10.84 17.40 -20.07
C19 17F JA . 11.19 15.99 -20.62
C20 17F JA . 11.61 14.99 -19.46
C1X 17F JA . 11.06 11.26 -12.72
C1Y 17F JA . 11.94 13.59 -20.05
C1Z 17F JA . 13.46 13.34 -20.04
C2X 17F JA . 12.03 10.26 -11.93
C21 17F JA . 11.25 9.20 -11.09
C22 17F JA . 11.80 8.17 -10.53
C23 17F JA . 13.22 7.78 -10.56
C24 17F JA . 13.61 6.92 -11.75
C25 17F JA . 15.06 6.48 -11.83
C26 17F JA . 15.38 5.02 -11.25
C27 17F JA . 16.83 4.60 -11.35
C28 17F JA . 16.96 3.16 -10.73
C29 17F JA . 17.39 2.23 -11.79
C30 17F JA . 17.56 0.81 -11.35
C31 17F JA . 14.09 12.76 -21.35
C32 17F JA . 15.62 12.53 -21.31
C33 17F JA . 16.22 12.91 -22.66
C34 17F JA . 17.51 12.84 -22.98
C35 17F JA . 18.64 12.37 -22.07
C36 17F JA . 19.82 13.38 -21.94
C37 17F JA . 20.73 13.22 -23.10
C38 17F JA . 21.45 14.52 -23.56
C39 17F JA . 22.38 14.26 -24.76
C40 17F JA . 23.62 15.16 -24.68
C41 17F JA . 24.80 14.56 -25.53
C42 17F JA . 26.13 15.33 -25.63
C1 17F KA . -0.56 3.86 12.89
N1 17F KA . -0.58 5.61 14.70
O1 17F KA . 0.37 1.90 14.77
P1 17F KA . 1.14 2.07 13.49
C2 17F KA . -0.45 5.35 13.27
O2 17F KA . 2.64 2.16 13.61
C3 17F KA . -1.51 6.16 12.50
O3 17F KA . 0.70 3.32 12.67
C4 17F KA . 1.51 0.82 11.20
O4 17F KA . -2.37 6.93 13.10
C5 17F KA . 1.15 -0.44 10.37
O5 17F KA . -1.60 6.10 11.27
C6 17F KA . 2.43 -0.99 9.70
O6 17F KA . 0.88 0.87 12.49
C7 17F KA . 2.19 -2.02 7.61
O7 17F KA . 2.18 -2.14 8.90
C8 17F KA . 1.98 -3.41 6.99
O8 17F KA . 2.37 -1.04 6.92
C9 17F KA . 3.19 -3.89 6.15
O9 17F KA . 0.48 -1.44 11.13
C10 17F KA . 3.06 -5.30 5.48
O10 17F KA . -1.56 -0.86 10.23
C11 17F KA . 4.36 -5.77 4.71
C12 17F KA . 4.18 -7.19 4.06
C17 17F KA . -0.76 -1.66 10.71
C18 17F KA . -1.16 -3.11 10.87
C19 17F KA . -0.46 -4.09 9.90
C20 17F KA . -0.58 -5.59 10.37
C1X 17F KA . 5.46 -7.61 3.33
C1Y 17F KA . 0.14 -6.54 9.38
C1Z 17F KA . -0.80 -6.92 8.23
C2X 17F KA . 5.32 -9.05 2.64
C21 17F KA . 5.51 -8.99 1.10
C22 17F KA . 6.48 -9.56 0.46
C23 17F KA . 7.58 -10.35 1.02
C24 17F KA . 8.92 -10.19 0.30
C25 17F KA . 10.09 -10.99 0.85
C26 17F KA . 11.14 -10.16 1.72
C27 17F KA . 12.30 -10.97 2.26
C28 17F KA . 13.23 -9.99 3.07
C29 17F KA . 14.37 -10.75 3.61
C30 17F KA . 15.34 -9.93 4.41
C31 17F KA . -1.91 -7.98 8.55
C32 17F KA . -2.84 -8.35 7.37
C33 17F KA . -4.02 -7.38 7.34
C34 17F KA . -5.00 -7.41 6.46
C35 17F KA . -5.17 -8.38 5.32
C36 17F KA . -6.05 -9.63 5.65
C37 17F KA . -5.97 -10.59 4.52
C38 17F KA . -5.06 -11.83 4.78
C39 17F KA . -5.03 -12.78 3.57
C40 17F KA . -3.69 -12.67 2.83
C41 17F KA . -3.21 -14.08 2.31
C42 17F KA . -3.69 -14.57 0.93
C1 17F LA . 4.66 19.07 -6.28
N1 17F LA . 6.03 18.50 -4.26
O1 17F LA . 7.01 20.65 -7.48
P1 17F LA . 6.35 19.44 -8.12
C2 17F LA . 5.26 19.54 -4.95
O2 17F LA . 5.35 19.72 -9.22
C3 17F LA . 4.15 20.05 -4.03
O3 17F LA . 5.63 18.53 -7.10
C4 17F LA . 7.07 17.28 -9.45
O4 17F LA . 3.97 19.59 -2.83
C5 17F LA . 8.28 16.49 -10.01
O5 17F LA . 3.38 20.94 -4.40
C6 17F LA . 9.02 17.34 -11.07
O6 17F LA . 7.44 18.49 -8.77
C7 17F LA . 10.77 17.19 -12.61
O7 17F LA . 10.14 16.66 -11.61
C8 17F LA . 11.96 16.27 -12.98
O8 17F LA . 10.56 18.22 -13.21
C9 17F LA . 11.96 15.83 -14.46
O9 17F LA . 9.17 16.02 -8.99
C10 17F LA . 13.14 14.88 -14.90
O10 17F LA . 8.44 13.87 -9.36
C11 17F LA . 12.71 13.54 -15.61
C12 17F LA . 13.95 12.67 -16.00
C17 17F LA . 8.97 14.76 -8.69
C18 17F LA . 9.51 14.41 -7.31
C19 17F LA . 10.45 13.18 -7.29
C20 17F LA . 11.90 13.51 -7.81
C1X 17F LA . 13.51 11.37 -16.68
C1Y 17F LA . 12.79 12.26 -7.78
C1Z 17F LA . 13.41 11.99 -9.15
C2X 17F LA . 14.75 10.45 -17.10
C21 17F LA . 14.30 9.15 -17.83
C22 17F LA . 15.11 8.27 -18.34
C23 17F LA . 16.58 8.33 -18.34
C24 17F LA . 17.23 7.63 -19.52
C25 17F LA . 18.75 7.66 -19.57
C26 17F LA . 19.43 6.86 -20.79
C27 17F LA . 20.94 6.90 -20.83
C28 17F LA . 21.41 6.06 -22.08
C29 17F LA . 22.83 5.71 -21.92
C30 17F LA . 23.41 4.91 -23.03
C31 17F LA . 14.88 11.46 -9.18
C32 17F LA . 15.47 11.21 -10.59
C33 17F LA . 16.98 11.41 -10.57
C34 17F LA . 17.79 11.27 -11.61
C35 17F LA . 17.38 10.90 -13.02
C36 17F LA . 18.24 9.76 -13.66
C37 17F LA . 18.64 10.16 -15.03
C38 17F LA . 20.09 9.80 -15.43
C39 17F LA . 20.41 10.24 -16.87
C40 17F LA . 21.80 10.90 -16.92
C41 17F LA . 22.59 10.41 -18.20
C42 17F LA . 24.13 10.34 -18.14
C1 17F MA . 21.80 13.92 12.73
N1 17F MA . 19.33 14.02 12.32
O1 17F MA . 23.84 12.51 10.68
P1 17F MA . 22.34 12.62 10.62
C2 17F MA . 20.44 14.46 13.15
O2 17F MA . 21.78 13.75 9.78
C3 17F MA . 20.47 16.00 13.16
O3 17F MA . 21.67 12.74 12.01
C4 17F MA . 20.27 11.20 9.84
O4 17F MA . 19.63 16.72 12.51
C5 17F MA . 19.82 9.86 9.21
O5 17F MA . 21.32 16.61 13.81
C6 17F MA . 18.40 10.04 8.60
O6 17F MA . 21.68 11.32 10.00
C7 17F MA . 16.97 8.19 8.58
O7 17F MA . 17.92 8.85 7.99
C8 17F MA . 16.63 6.97 7.69
O8 17F MA . 16.38 8.40 9.61
C9 17F MA . 15.94 7.38 6.35
O9 17F MA . 20.74 9.36 8.25
C10 17F MA . 15.55 6.20 5.38
O10 17F MA . 22.04 8.23 9.78
C11 17F MA . 15.14 6.64 3.93
C12 17F MA . 14.78 5.42 3.02
C17 17F MA . 21.44 8.34 8.71
C18 17F MA . 21.45 7.17 7.75
C19 17F MA . 22.74 7.03 6.91
C20 17F MA . 23.15 5.53 6.69
C1X 17F MA . 14.38 5.89 1.62
C1Y 17F MA . 24.45 5.43 5.86
C1Z 17F MA . 25.33 4.27 6.35
C2X 17F MA . 14.00 4.67 0.65
C21 17F MA . 13.81 5.12 -0.83
C22 17F MA . 14.53 4.71 -1.82
C23 17F MA . 15.65 3.76 -1.78
C24 17F MA . 16.72 4.03 -2.82
C25 17F MA . 17.92 3.09 -2.82
C26 17F MA . 19.20 3.57 -3.64
C27 17F MA . 20.38 2.62 -3.62
C28 17F MA . 21.53 3.27 -4.48
C29 17F MA . 22.66 2.32 -4.57
C30 17F MA . 23.82 2.82 -5.36
C31 17F MA . 25.18 2.91 5.59
C32 17F MA . 26.07 1.75 6.11
C33 17F MA . 26.93 1.23 4.95
C34 17F MA . 27.81 0.25 5.06
C35 17F MA . 28.16 -0.55 6.29
C36 17F MA . 27.14 -1.67 6.64
C37 17F MA . 27.62 -2.42 7.83
C38 17F MA . 27.22 -3.91 7.88
C39 17F MA . 27.77 -4.61 9.13
C40 17F MA . 29.12 -5.26 8.84
C41 17F MA . 29.23 -6.65 9.58
C42 17F MA . 30.29 -7.67 9.12
C1 17F NA . 3.44 0.33 18.80
N1 17F NA . 4.33 2.67 18.59
O1 17F NA . 3.46 -0.37 21.71
P1 17F NA . 4.63 -0.64 20.80
C2 17F NA . 3.25 1.77 18.27
O2 17F NA . 6.00 -0.49 21.40
C3 17F NA . 1.92 2.32 18.82
O3 17F NA . 4.62 0.21 19.52
C4 17F NA . 5.61 -2.61 19.38
O4 17F NA . 1.86 3.44 19.45
C5 17F NA . 5.41 -4.10 18.94
O5 17F NA . 0.87 1.72 18.66
C6 17F NA . 6.17 -4.32 17.62
O6 17F NA . 4.59 -2.14 20.25
C7 17F NA . 5.05 -5.92 16.34
O7 17F NA . 6.04 -5.65 17.12
C8 17F NA . 5.18 -7.40 15.91
O8 17F NA . 4.16 -5.22 15.92
C9 17F NA . 5.62 -7.57 14.44
O9 17F NA . 5.81 -5.03 19.95
C10 17F NA . 5.77 -9.05 13.93
O10 17F NA . 3.80 -5.20 21.07
C11 17F NA . 7.15 -9.36 13.23
C12 17F NA . 7.24 -10.86 12.75
C17 17F NA . 4.78 -5.67 20.47
C18 17F NA . 4.86 -7.16 20.28
C19 17F NA . 4.81 -7.98 21.59
C20 17F NA . 5.85 -9.16 21.63
C1X 17F NA . 8.60 -11.11 12.09
C1Y 17F NA . 5.75 -9.94 22.96
C1Z 17F NA . 6.61 -11.21 22.92
C2X 17F NA . 8.74 -12.63 11.57
C21 17F NA . 9.26 -12.71 10.10
C22 17F NA . 10.02 -13.64 9.64
C23 17F NA . 10.55 -14.81 10.37
C24 17F NA . 11.20 -15.86 9.49
C25 17F NA . 11.75 -17.09 10.20
C26 17F NA . 13.18 -16.91 10.90
C27 17F NA . 13.71 -18.14 11.59
C28 17F NA . 15.11 -17.78 12.21
C29 17F NA . 16.14 -18.58 11.54
C30 17F NA . 17.55 -18.33 12.04
C31 17F NA . 8.16 -11.02 23.07
C32 17F NA . 9.00 -12.33 23.03
C33 17F NA . 9.39 -12.62 21.58
C34 17F NA . 10.11 -13.66 21.20
C35 17F NA . 10.68 -14.74 22.08
C36 17F NA . 11.04 -16.06 21.34
C37 17F NA . 11.91 -16.88 22.22
C38 17F NA . 11.27 -18.20 22.73
C39 17F NA . 12.25 -19.00 23.62
C40 17F NA . 11.81 -18.90 25.09
C41 17F NA . 12.91 -18.15 25.94
C42 17F NA . 13.79 -18.96 26.89
C1 17F OA . 15.43 21.21 -3.60
N1 17F OA . 12.99 21.75 -3.66
O1 17F OA . 16.31 17.60 -2.88
P1 17F OA . 16.69 19.02 -3.22
C2 17F OA . 14.17 21.59 -2.81
O2 17F OA . 17.28 19.85 -2.11
C3 17F OA . 14.42 22.89 -2.04
O3 17F OA . 15.49 19.84 -3.80
C4 17F OA . 18.28 20.30 -4.90
O4 17F OA . 13.66 23.92 -2.15
C5 17F OA . 19.32 20.12 -6.04
O5 17F OA . 15.36 22.99 -1.26
C6 17F OA . 20.65 20.79 -5.62
O6 17F OA . 17.76 19.05 -4.39
C7 17F OA . 22.88 20.43 -6.24
O7 17F OA . 21.66 20.66 -6.62
C8 17F OA . 23.77 20.35 -7.50
O8 17F OA . 23.33 20.26 -5.14
C9 17F OA . 24.49 21.69 -7.80
O9 17F OA . 19.53 18.75 -6.42
C10 17F OA . 25.42 21.70 -9.06
O10 17F OA . 18.19 18.98 -8.29
C11 17F OA . 26.92 22.09 -8.75
C12 17F OA . 27.81 22.09 -10.05
C17 17F OA . 19.14 18.51 -7.66
C18 17F OA . 20.04 17.51 -8.35
C19 17F OA . 21.06 18.13 -9.34
C20 17F OA . 22.33 17.22 -9.55
C1X 17F OA . 29.25 22.46 -9.69
C1Y 17F OA . 23.32 17.88 -10.55
C1Z 17F OA . 24.26 16.82 -11.15
C2X 17F OA . 30.21 22.48 -10.98
C21 17F OA . 31.20 23.70 -10.95
C22 17F OA . 32.43 23.65 -11.33
C23 17F OA . 33.16 22.50 -11.86
C24 17F OA . 34.03 22.80 -13.08
C25 17F OA . 34.81 21.63 -13.67
C26 17F OA . 34.63 21.39 -15.25
C27 17F OA . 35.41 20.22 -15.80
C28 17F OA . 35.11 20.13 -17.35
C29 17F OA . 35.10 18.71 -17.75
C30 17F OA . 34.83 18.48 -19.21
C31 17F OA . 24.98 17.21 -12.49
C32 17F OA . 25.92 16.13 -13.07
C33 17F OA . 26.63 16.70 -14.31
C34 17F OA . 27.49 16.02 -15.06
C35 17F OA . 27.97 14.60 -14.85
C36 17F OA . 27.84 13.69 -16.10
C37 17F OA . 28.33 12.34 -15.76
C38 17F OA . 27.28 11.20 -15.93
C39 17F OA . 27.87 9.83 -15.56
C40 17F OA . 28.10 8.98 -16.80
C41 17F OA . 29.52 8.29 -16.75
C42 17F OA . 29.86 7.20 -17.79
C1 17F PA . -15.85 11.68 -13.89
N1 17F PA . -17.25 11.84 -15.98
O1 17F PA . -13.66 13.20 -12.47
P1 17F PA . -13.57 12.77 -13.91
C2 17F PA . -17.26 11.78 -14.52
O2 17F PA . -12.85 13.71 -14.86
C3 17F PA . -17.98 13.02 -13.97
O3 17F PA . -14.95 12.50 -14.56
C4 17F PA . -12.61 10.78 -15.34
O4 17F PA . -18.48 13.93 -14.75
C5 17F PA . -11.86 9.42 -15.28
O5 17F PA . -18.11 13.20 -12.76
C6 17F PA . -10.50 9.55 -16.02
O6 17F PA . -12.82 11.38 -14.06
C7 17F PA . -8.91 8.12 -15.05
O7 17F PA . -9.76 8.34 -16.01
C8 17F PA . -8.24 6.75 -15.32
O8 17F PA . -8.63 8.79 -14.10
C9 17F PA . -7.19 6.83 -16.46
O9 17F PA . -11.66 8.95 -13.94
C10 17F PA . -6.45 5.48 -16.80
O10 17F PA . -13.83 8.16 -13.76
C11 17F PA . -5.25 5.65 -17.82
C12 17F PA . -4.54 4.28 -18.13
C17 17F PA . -12.60 8.10 -13.57
C18 17F PA . -12.03 6.92 -12.81
C19 17F PA . -12.33 5.54 -13.43
C20 17F PA . -11.04 4.63 -13.50
C1X 17F PA . -3.39 4.48 -19.12
C1Y 17F PA . -11.38 3.25 -14.12
C1Z 17F PA . -11.13 3.27 -15.63
C2X 17F PA . -2.63 3.11 -19.47
C21 17F PA . -1.25 3.35 -20.16
C22 17F PA . -0.26 2.53 -20.12
C23 17F PA . -0.19 1.24 -19.44
C24 17F PA . 0.24 0.07 -20.33
C25 17F PA . 0.32 -1.29 -19.67
C26 17F PA . 1.80 -1.84 -19.40
C27 17F PA . 1.87 -3.20 -18.75
C28 17F PA . 3.39 -3.57 -18.57
C29 17F PA . 3.52 -4.47 -17.40
C30 17F PA . 4.93 -4.91 -17.11
C31 17F PA . -11.64 2.03 -16.44
C32 17F PA . -11.37 2.08 -17.97
C33 17F PA . -11.73 0.72 -18.58
C34 17F PA . -11.62 0.42 -19.86
C35 17F PA . -11.14 1.33 -20.97
C36 17F PA . -9.64 1.12 -21.36
C37 17F PA . -8.92 2.41 -21.16
C38 17F PA . -7.93 2.77 -22.29
C39 17F PA . -7.22 4.12 -22.02
C40 17F PA . -7.13 4.95 -23.30
C41 17F PA . -7.41 6.47 -22.99
C42 17F PA . -8.41 7.24 -23.87
C1 17F QA . 7.78 10.44 5.22
N1 17F QA . 8.00 11.40 7.52
O1 17F QA . 6.62 7.99 4.40
P1 17F QA . 7.73 7.92 5.42
C2 17F QA . 8.14 11.65 6.10
O2 17F QA . 7.35 7.39 6.78
C3 17F QA . 7.29 12.86 5.71
O3 17F QA . 8.42 9.30 5.67
C4 17F QA . 10.07 6.76 5.73
O4 17F QA . 6.58 13.51 6.56
C5 17F QA . 11.10 5.80 5.07
O5 17F QA . 7.26 13.26 4.54
C6 17F QA . 11.84 4.98 6.17
O6 17F QA . 8.91 6.98 4.93
C7 17F QA . 13.14 3.04 6.27
O7 17F QA . 12.79 4.09 5.60
C8 17F QA . 14.16 2.25 5.42
O8 17F QA . 12.78 2.63 7.35
C9 17F QA . 15.62 2.71 5.68
O9 17F QA . 10.52 4.95 4.06
C10 17F QA . 16.73 1.96 4.84
O10 17F QA . 8.74 4.24 5.36
C11 17F QA . 16.97 0.47 5.29
C12 17F QA . 18.08 -0.22 4.41
C17 17F QA . 9.66 4.06 4.55
C18 17F QA . 9.88 2.68 3.97
C19 17F QA . 8.58 1.90 3.68
C20 17F QA . 8.26 0.84 4.80
C1X 17F QA . 18.30 -1.67 4.87
C1Y 17F QA . 6.95 0.08 4.48
C1Z 17F QA . 7.24 -1.14 3.60
C2X 17F QA . 19.43 -2.42 4.01
C21 17F QA . 18.92 -3.76 3.41
C22 17F QA . 19.53 -4.47 2.53
C23 17F QA . 20.82 -4.17 1.89
C24 17F QA . 20.93 -4.61 0.44
C25 17F QA . 22.26 -4.33 -0.26
C26 17F QA . 22.65 -5.33 -1.45
C27 17F QA . 23.97 -5.04 -2.12
C28 17F QA . 24.17 -6.12 -3.25
C29 17F QA . 25.51 -6.72 -3.10
C30 17F QA . 25.85 -7.76 -4.11
C31 17F QA . 6.02 -2.12 3.36
C32 17F QA . 6.33 -3.35 2.47
C33 17F QA . 5.66 -3.16 1.11
C34 17F QA . 5.71 -4.02 0.10
C35 17F QA . 6.44 -5.35 0.08
C36 17F QA . 7.74 -5.38 -0.76
C37 17F QA . 8.77 -6.15 -0.03
C38 17F QA . 9.74 -5.29 0.82
C39 17F QA . 10.77 -6.17 1.56
C40 17F QA . 11.95 -5.31 2.03
C41 17F QA . 13.16 -6.23 2.47
C42 17F QA . 14.45 -6.23 1.64
C1 PCW RA . 19.91 -10.03 -29.38
C2 PCW RA . 19.35 -8.84 -30.26
C3 PCW RA . 17.81 -8.68 -30.01
C4 PCW RA . 22.62 -10.77 -31.59
C5 PCW RA . 22.70 -9.56 -32.53
C6 PCW RA . 25.06 -8.79 -31.92
C7 PCW RA . 24.10 -8.24 -34.10
C8 PCW RA . 23.52 -7.69 -32.43
C11 PCW RA . 16.99 -7.84 -32.10
C12 PCW RA . 16.50 -6.57 -32.75
C13 PCW RA . 14.96 -6.76 -33.06
C14 PCW RA . 14.28 -5.55 -33.72
C15 PCW RA . 12.73 -5.55 -33.68
C16 PCW RA . 12.19 -4.26 -32.97
C17 PCW RA . 11.36 -4.47 -31.66
C18 PCW RA . 9.98 -3.80 -31.71
C19 PCW RA . 8.93 -4.52 -30.83
C20 PCW RA . 7.66 -4.00 -30.62
C21 PCW RA . 6.99 -2.77 -31.10
C22 PCW RA . 5.83 -3.22 -32.04
C23 PCW RA . 5.09 -2.12 -32.85
C24 PCW RA . 3.93 -1.46 -32.18
C25 PCW RA . 3.24 -0.22 -32.81
C26 PCW RA . 3.67 1.13 -32.29
C27 PCW RA . 2.99 2.39 -32.87
C28 PCW RA . 4.00 3.28 -33.53
C31 PCW RA . 20.48 -6.83 -30.85
C32 PCW RA . 21.11 -5.55 -30.27
C33 PCW RA . 20.22 -4.23 -30.42
C34 PCW RA . 18.92 -4.28 -29.60
C35 PCW RA . 18.19 -2.91 -29.89
C36 PCW RA . 17.87 -2.12 -28.59
C37 PCW RA . 17.14 -0.76 -28.79
C38 PCW RA . 15.69 -0.85 -28.50
C39 PCW RA . 14.97 0.46 -28.70
C40 PCW RA . 14.32 1.16 -27.78
C41 PCW RA . 14.19 0.73 -26.32
C42 PCW RA . 13.44 1.90 -25.54
C43 PCW RA . 11.97 1.72 -25.20
C44 PCW RA . 11.53 2.97 -24.46
C45 PCW RA . 10.26 3.60 -24.97
C46 PCW RA . 10.50 4.83 -25.80
C47 PCW RA . 10.46 4.66 -27.30
C48 PCW RA . 10.73 6.00 -28.00
N PCW RA . 23.98 -9.03 -32.89
O2 PCW RA . 20.00 -7.56 -29.83
O3 PCW RA . 17.31 -7.59 -30.80
O11 PCW RA . 17.10 -8.91 -32.66
O31 PCW RA . 20.42 -7.13 -32.08
O1P PCW RA . 21.67 -12.60 -29.54
O2P PCW RA . 20.14 -13.36 -31.35
O3P PCW RA . 19.53 -11.33 -29.88
O4P PCW RA . 21.26 -11.24 -31.62
P PCW RA . 20.68 -12.20 -30.59
C1 PCW SA . 14.21 -15.73 -16.28
C2 PCW SA . 13.24 -15.10 -17.36
C3 PCW SA . 12.50 -13.85 -16.75
C4 PCW SA . 13.14 -19.45 -18.44
C5 PCW SA . 11.63 -19.19 -18.54
C6 PCW SA . 11.50 -19.26 -21.09
C7 PCW SA . 9.50 -19.66 -19.73
C8 PCW SA . 10.50 -18.10 -19.86
C11 PCW SA . 10.50 -13.99 -18.12
C12 PCW SA . 9.72 -13.18 -19.12
C13 PCW SA . 10.58 -13.04 -20.43
C14 PCW SA . 9.92 -12.24 -21.55
C15 PCW SA . 10.61 -10.89 -21.92
C16 PCW SA . 10.03 -10.32 -23.27
C17 PCW SA . 9.64 -8.80 -23.29
C18 PCW SA . 10.28 -8.03 -24.45
C19 PCW SA . 9.32 -7.82 -25.63
C20 PCW SA . 8.86 -6.56 -26.02
C21 PCW SA . 9.13 -5.20 -25.48
C22 PCW SA . 9.55 -4.33 -26.69
C23 PCW SA . 8.83 -2.95 -26.87
C24 PCW SA . 9.61 -1.88 -27.58
C25 PCW SA . 9.25 -0.38 -27.38
C26 PCW SA . 9.02 0.43 -28.64
C27 PCW SA . 7.95 1.55 -28.58
C28 PCW SA . 6.70 1.12 -29.31
C31 PCW SA . 13.86 -15.37 -19.63
C32 PCW SA . 14.73 -14.78 -20.75
C33 PCW SA . 14.13 -13.47 -21.46
C34 PCW SA . 15.11 -12.78 -22.42
C35 PCW SA . 14.75 -11.24 -22.36
C36 PCW SA . 16.01 -10.35 -22.26
C37 PCW SA . 15.74 -8.82 -22.20
C38 PCW SA . 15.71 -8.31 -20.80
C39 PCW SA . 15.44 -6.83 -20.71
C40 PCW SA . 14.26 -6.23 -20.60
C41 PCW SA . 12.94 -6.96 -20.51
C42 PCW SA . 11.86 -6.14 -21.36
C43 PCW SA . 10.61 -5.64 -20.66
C44 PCW SA . 9.78 -4.90 -21.70
C45 PCW SA . 8.29 -5.00 -21.52
C46 PCW SA . 7.61 -3.66 -21.44
C47 PCW SA . 7.04 -3.27 -20.09
C48 PCW SA . 6.38 -1.89 -20.15
N PCW SA . 10.94 -19.52 -19.75
O2 PCW SA . 14.03 -14.63 -18.54
O3 PCW SA . 11.61 -13.28 -17.74
O11 PCW SA . 10.20 -15.07 -17.71
O31 PCW SA . 13.12 -16.39 -19.74
O1P PCW SA . 15.33 -17.66 -17.89
O2P PCW SA . 15.57 -19.00 -15.82
O3P PCW SA . 13.87 -17.08 -15.91
O4P PCW SA . 13.52 -19.19 -17.07
P PCW SA . 14.65 -18.25 -16.70
C1 PCW TA . 22.55 -20.91 -8.82
C2 PCW TA . 21.48 -19.75 -8.74
C3 PCW TA . 21.71 -18.74 -9.92
C4 PCW TA . 20.11 -21.17 -12.16
C5 PCW TA . 18.82 -21.68 -12.79
C6 PCW TA . 17.05 -19.87 -13.04
C7 PCW TA . 17.83 -21.12 -15.01
C8 PCW TA . 16.92 -21.77 -13.54
C11 PCW TA . 19.84 -17.55 -10.86
C12 PCW TA . 18.92 -16.39 -10.56
C13 PCW TA . 19.72 -15.07 -10.83
C14 PCW TA . 18.94 -13.78 -10.57
C15 PCW TA . 19.80 -12.49 -10.36
C16 PCW TA . 19.03 -11.45 -9.48
C17 PCW TA . 18.84 -11.79 -7.96
C18 PCW TA . 19.03 -10.60 -7.03
C19 PCW TA . 17.70 -9.88 -6.68
C20 PCW TA . 17.66 -8.55 -6.29
C21 PCW TA . 18.71 -7.53 -6.10
C22 PCW TA . 18.05 -6.15 -6.37
C23 PCW TA . 17.13 -5.56 -5.27
C24 PCW TA . 17.76 -4.64 -4.27
C25 PCW TA . 18.65 -5.20 -3.11
C26 PCW TA . 18.04 -6.28 -2.24
C27 PCW TA . 18.84 -7.59 -2.04
C28 PCW TA . 17.96 -8.78 -2.32
C31 PCW TA . 19.58 -20.73 -7.74
C32 PCW TA . 18.17 -21.30 -8.04
C33 PCW TA . 17.15 -20.26 -8.72
C34 PCW TA . 16.33 -19.49 -7.69
C35 PCW TA . 16.71 -17.96 -7.91
C36 PCW TA . 15.60 -17.17 -8.62
C37 PCW TA . 15.91 -15.66 -8.86
C38 PCW TA . 14.68 -14.88 -9.22
C39 PCW TA . 14.96 -13.42 -9.45
C40 PCW TA . 14.82 -12.42 -8.59
C41 PCW TA . 14.32 -12.58 -7.16
C42 PCW TA . 15.58 -12.90 -6.22
C43 PCW TA . 15.57 -14.17 -5.41
C44 PCW TA . 16.89 -14.20 -4.63
C45 PCW TA . 17.73 -15.43 -4.85
C46 PCW TA . 18.68 -15.31 -6.01
C47 PCW TA . 20.06 -15.91 -5.82
C48 PCW TA . 20.92 -15.71 -7.08
N PCW TA . 18.05 -20.81 -13.60
O2 PCW TA . 20.11 -20.32 -8.90
O3 PCW TA . 20.73 -17.69 -9.84
O11 PCW TA . 19.79 -18.24 -11.84
O31 PCW TA . 20.12 -20.69 -6.61
O1P PCW TA . 22.95 -21.37 -11.51
O2P PCW TA . 22.41 -23.80 -11.25
O3P PCW TA . 22.03 -22.17 -9.29
O4P PCW TA . 20.59 -22.23 -11.27
P PCW TA . 22.05 -22.40 -10.88
C1 PCW UA . 25.88 -12.67 -23.58
C2 PCW UA . 26.36 -11.17 -23.69
C3 PCW UA . 26.38 -10.72 -25.20
C4 PCW UA . 27.28 -16.37 -22.73
C5 PCW UA . 28.67 -16.71 -22.18
C6 PCW UA . 30.36 -17.89 -23.67
C7 PCW UA . 30.74 -15.59 -22.97
C8 PCW UA . 30.65 -17.09 -21.91
C11 PCW UA . 26.07 -8.48 -26.00
C12 PCW UA . 26.69 -7.11 -25.94
C13 PCW UA . 27.67 -6.97 -27.16
C14 PCW UA . 28.39 -5.62 -27.25
C15 PCW UA . 27.62 -4.48 -27.98
C16 PCW UA . 28.59 -3.32 -28.38
C17 PCW UA . 29.47 -3.55 -29.66
C18 PCW UA . 30.93 -3.14 -29.46
C19 PCW UA . 31.85 -3.62 -30.61
C20 PCW UA . 33.21 -3.76 -30.46
C21 PCW UA . 34.12 -3.52 -29.32
C22 PCW UA . 34.86 -2.19 -29.61
C23 PCW UA . 34.23 -0.89 -29.07
C24 PCW UA . 34.73 0.40 -29.64
C25 PCW UA . 33.77 1.62 -29.85
C26 PCW UA . 34.42 2.96 -30.07
C27 PCW UA . 33.89 4.17 -29.25
C28 PCW UA . 34.50 5.46 -29.77
C31 PCW UA . 25.73 -10.02 -21.72
C32 PCW UA . 24.65 -9.10 -21.13
C33 PCW UA . 24.75 -7.56 -21.56
C34 PCW UA . 25.79 -6.78 -20.75
C35 PCW UA . 25.08 -5.42 -20.37
C36 PCW UA . 25.92 -4.57 -19.38
C37 PCW UA . 25.29 -3.21 -18.96
C38 PCW UA . 25.46 -2.16 -20.01
C39 PCW UA . 24.86 -0.83 -19.61
C40 PCW UA . 25.24 0.37 -20.02
C41 PCW UA . 26.39 0.61 -20.98
C42 PCW UA . 27.16 1.94 -20.53
C43 PCW UA . 28.67 1.97 -20.58
C44 PCW UA . 29.11 3.33 -20.09
C45 PCW UA . 30.02 4.09 -21.03
C46 PCW UA . 29.31 4.64 -22.24
C47 PCW UA . 29.58 6.09 -22.55
C48 PCW UA . 28.81 6.53 -23.82
N PCW UA . 29.80 -16.68 -23.06
O2 PCW UA . 25.40 -10.27 -22.98
O3 PCW UA . 26.82 -9.35 -25.27
O11 PCW UA . 25.07 -8.75 -26.61
O31 PCW UA . 26.74 -10.45 -21.10
O1P PCW UA . 28.27 -13.65 -22.63
O2P PCW UA . 27.44 -13.72 -20.29
O3P PCW UA . 25.83 -13.16 -22.23
O4P PCW UA . 26.67 -15.40 -21.83
P PCW UA . 27.14 -13.96 -21.72
C1 PCW VA . 20.42 -26.47 -7.78
C2 PCW VA . 19.00 -25.95 -7.33
C3 PCW VA . 18.05 -25.81 -8.57
C4 PCW VA . 21.89 -26.79 -4.59
C5 PCW VA . 22.44 -25.36 -4.62
C6 PCW VA . 20.98 -23.75 -3.27
C7 PCW VA . 23.39 -23.92 -2.83
C8 PCW VA . 22.55 -23.32 -4.37
C11 PCW VA . 16.17 -24.33 -8.83
C12 PCW VA . 14.84 -24.01 -8.20
C13 PCW VA . 15.10 -23.32 -6.82
C14 PCW VA . 13.84 -22.92 -6.04
C15 PCW VA . 14.07 -22.02 -4.80
C16 PCW VA . 12.95 -22.25 -3.73
C17 PCW VA . 13.37 -22.88 -2.37
C18 PCW VA . 12.40 -23.95 -1.86
C19 PCW VA . 12.16 -23.88 -0.34
C20 PCW VA . 10.96 -23.45 0.20
C21 PCW VA . 9.69 -22.98 -0.41
C22 PCW VA . 9.28 -21.69 0.36
C23 PCW VA . 8.04 -21.77 1.28
C24 PCW VA . 6.88 -20.90 0.93
C25 PCW VA . 6.43 -19.75 1.88
C26 PCW VA . 7.02 -18.38 1.60
C27 PCW VA . 6.42 -17.54 0.44
C28 PCW VA . 7.25 -16.31 0.22
C31 PCW VA . 18.40 -26.59 -5.12
C32 PCW VA . 17.71 -27.69 -4.30
C33 PCW VA . 16.11 -27.67 -4.32
C34 PCW VA . 15.49 -28.74 -3.43
C35 PCW VA . 14.02 -28.94 -3.98
C36 PCW VA . 13.68 -30.42 -4.27
C37 PCW VA . 12.25 -30.69 -4.82
C38 PCW VA . 11.71 -32.01 -4.36
C39 PCW VA . 10.32 -32.28 -4.88
C40 PCW VA . 9.17 -31.93 -4.32
C41 PCW VA . 9.06 -31.15 -3.02
C42 PCW VA . 7.55 -30.66 -2.86
C43 PCW VA . 6.89 -30.74 -1.49
C44 PCW VA . 5.48 -30.22 -1.65
C45 PCW VA . 4.52 -30.60 -0.55
C46 PCW VA . 4.01 -29.43 0.25
C47 PCW VA . 4.71 -29.15 1.56
C48 PCW VA . 4.10 -27.93 2.26
N PCW VA . 22.25 -24.50 -3.50
O2 PCW VA . 18.37 -26.94 -6.40
O3 PCW VA . 16.76 -25.34 -8.13
O11 PCW VA . 16.63 -23.78 -9.80
O31 PCW VA . 18.93 -25.53 -4.64
O1P PCW VA . 20.30 -29.03 -5.50
O2P PCW VA . 22.34 -29.56 -6.84
O3P PCW VA . 20.58 -27.90 -7.74
O4P PCW VA . 22.12 -27.35 -5.91
P PCW VA . 21.32 -28.53 -6.46
C1 PCW WA . 36.98 -20.58 4.94
C2 PCW WA . 36.84 -19.15 5.58
C3 PCW WA . 37.12 -18.04 4.50
C4 PCW WA . 35.34 -22.60 7.44
C5 PCW WA . 35.12 -23.04 8.88
C6 PCW WA . 34.64 -25.51 8.41
C7 PCW WA . 35.45 -24.80 10.62
C8 PCW WA . 33.86 -24.36 9.81
C11 PCW WA . 38.11 -15.96 5.17
C12 PCW WA . 37.76 -14.66 5.84
C13 PCW WA . 37.95 -14.85 7.40
C14 PCW WA . 37.63 -13.61 8.24
C15 PCW WA . 36.41 -13.73 9.19
C16 PCW WA . 36.79 -14.56 10.48
C17 PCW WA . 37.60 -13.81 11.60
C18 PCW WA . 38.80 -14.60 12.11
C19 PCW WA . 40.05 -14.47 11.19
C20 PCW WA . 41.18 -13.77 11.58
C21 PCW WA . 41.54 -13.03 12.81
C22 PCW WA . 42.17 -14.06 13.78
C23 PCW WA . 42.04 -13.78 15.30
C24 PCW WA . 41.30 -14.79 16.12
C25 PCW WA . 40.97 -14.53 17.61
C26 PCW WA . 39.56 -14.86 18.07
C27 PCW WA . 38.77 -13.77 18.84
C28 PCW WA . 37.63 -14.40 19.59
C31 PCW WA . 35.37 -18.60 7.37
C32 PCW WA . 33.89 -18.43 7.72
C33 PCW WA . 33.45 -16.93 8.10
C34 PCW WA . 32.56 -16.27 7.05
C35 PCW WA . 31.12 -16.21 7.69
C36 PCW WA . 30.77 -14.81 8.25
C37 PCW WA . 29.36 -14.68 8.90
C38 PCW WA . 28.66 -13.44 8.46
C39 PCW WA . 27.29 -13.30 9.08
C40 PCW WA . 26.58 -12.19 9.20
C41 PCW WA . 27.04 -10.82 8.72
C42 PCW WA . 25.88 -9.76 9.02
C43 PCW WA . 25.96 -8.40 8.36
C44 PCW WA . 24.75 -7.61 8.81
C45 PCW WA . 24.94 -6.78 10.06
C46 PCW WA . 23.67 -6.21 10.61
C47 PCW WA . 23.80 -5.42 11.90
C48 PCW WA . 22.43 -4.88 12.36
N PCW WA . 35.23 -24.43 9.23
O2 PCW WA . 35.45 -18.94 6.08
O3 PCW WA . 36.99 -16.74 5.10
O11 PCW WA . 39.20 -16.28 4.78
O31 PCW WA . 36.35 -18.48 8.17
O1P PCW WA . 37.04 -23.64 5.33
O2P PCW WA . 38.84 -23.26 7.01
O3P PCW WA . 38.08 -21.34 5.48
O4P PCW WA . 36.74 -22.18 7.35
P PCW WA . 37.69 -22.69 6.28
C1 PCW XA . 25.17 -27.92 5.89
C2 PCW XA . 24.39 -27.92 7.27
C3 PCW XA . 25.19 -28.73 8.34
C4 PCW XA . 21.56 -27.54 2.86
C5 PCW XA . 20.64 -28.67 2.39
C6 PCW XA . 21.00 -28.78 0.01
C7 PCW XA . 19.34 -27.37 0.84
C8 PCW XA . 18.92 -29.61 0.89
C11 PCW XA . 23.72 -29.81 9.90
C12 PCW XA . 23.06 -29.60 11.24
C13 PCW XA . 23.12 -30.96 12.03
C14 PCW XA . 22.49 -30.94 13.43
C15 PCW XA . 22.17 -32.34 14.04
C16 PCW XA . 20.96 -33.02 13.29
C17 PCW XA . 19.67 -33.33 14.13
C18 PCW XA . 18.75 -32.13 14.30
C19 PCW XA . 18.93 -31.40 15.66
C20 PCW XA . 18.06 -30.43 16.10
C21 PCW XA . 16.83 -29.84 15.52
C22 PCW XA . 15.63 -30.38 16.35
C23 PCW XA . 15.19 -29.54 17.59
C24 PCW XA . 15.27 -30.23 18.92
C25 PCW XA . 14.71 -29.53 20.20
C26 PCW XA . 13.20 -29.60 20.40
C27 PCW XA . 12.66 -30.52 21.50
C28 PCW XA . 11.21 -30.20 21.79
C31 PCW XA . 23.02 -26.21 8.18
C32 PCW XA . 23.03 -24.76 8.67
C33 PCW XA . 21.71 -23.90 8.33
C34 PCW XA . 22.00 -22.62 7.57
C35 PCW XA . 22.68 -21.64 8.62
C36 PCW XA . 22.21 -20.17 8.45
C37 PCW XA . 22.84 -19.16 9.46
C38 PCW XA . 21.81 -18.54 10.35
C39 PCW XA . 22.41 -17.56 11.33
C40 PCW XA . 22.23 -17.52 12.65
C41 PCW XA . 21.35 -18.51 13.42
C42 PCW XA . 21.11 -17.90 14.88
C43 PCW XA . 19.70 -17.47 15.25
C44 PCW XA . 19.77 -16.95 16.68
C45 PCW XA . 18.58 -17.29 17.55
C46 PCW XA . 17.78 -16.09 17.98
C47 PCW XA . 16.34 -16.05 17.51
C48 PCW XA . 15.64 -14.77 18.02
N PCW XA . 20.01 -28.62 1.10
O2 PCW XA . 24.25 -26.53 7.76
O3 PCW XA . 24.47 -28.72 9.58
O11 PCW XA . 23.61 -30.80 9.21
O31 PCW XA . 22.01 -26.98 8.17
O1P PCW XA . 24.41 -27.40 2.31
O2P PCW XA . 24.46 -29.50 3.67
O3P PCW XA . 24.52 -27.20 4.83
O4P PCW XA . 22.50 -28.12 3.79
P PCW XA . 24.01 -28.10 3.58
C1 PCW YA . -3.40 -16.32 -40.63
C2 PCW YA . -3.65 -14.80 -40.29
C3 PCW YA . -3.23 -13.90 -41.50
C4 PCW YA . -1.19 -16.71 -36.70
C5 PCW YA . 0.21 -16.14 -36.43
C6 PCW YA . 1.66 -14.62 -35.24
C7 PCW YA . -0.65 -14.49 -34.89
C8 PCW YA . 0.14 -13.72 -36.88
C11 PCW YA . -2.49 -11.84 -40.51
C12 PCW YA . -2.96 -10.43 -40.25
C13 PCW YA . -3.94 -10.48 -39.02
C14 PCW YA . -4.53 -9.13 -38.60
C15 PCW YA . -4.50 -8.82 -37.08
C16 PCW YA . -5.45 -7.62 -36.73
C17 PCW YA . -5.14 -6.24 -37.39
C18 PCW YA . -6.39 -5.46 -37.81
C19 PCW YA . -6.23 -4.74 -39.16
C20 PCW YA . -5.78 -3.43 -39.26
C21 PCW YA . -5.36 -2.44 -38.25
C22 PCW YA . -5.12 -1.11 -39.00
C23 PCW YA . -5.85 0.16 -38.48
C24 PCW YA . -6.62 0.95 -39.49
C25 PCW YA . -6.82 2.48 -39.32
C26 PCW YA . -6.86 3.30 -40.59
C27 PCW YA . -8.16 3.27 -41.43
C28 PCW YA . -8.67 4.67 -41.67
C31 PCW YA . -5.43 -14.34 -38.78
C32 PCW YA . -6.95 -14.13 -38.71
C33 PCW YA . -7.59 -14.18 -37.24
C34 PCW YA . -8.74 -15.18 -37.13
C35 PCW YA . -9.98 -14.34 -36.62
C36 PCW YA . -10.37 -14.68 -35.16
C37 PCW YA . -11.59 -13.88 -34.59
C38 PCW YA . -12.27 -14.63 -33.49
C39 PCW YA . -13.46 -13.89 -32.92
C40 PCW YA . -13.67 -13.57 -31.65
C41 PCW YA . -12.72 -13.91 -30.51
C42 PCW YA . -11.85 -12.62 -30.18
C43 PCW YA . -10.50 -12.46 -30.87
C44 PCW YA . -9.91 -11.15 -30.36
C45 PCW YA . -9.99 -9.99 -31.32
C46 PCW YA . -11.12 -9.05 -31.02
C47 PCW YA . -11.74 -8.36 -32.21
C48 PCW YA . -12.88 -7.42 -31.76
N PCW YA . 0.34 -14.81 -35.89
O2 PCW YA . -5.11 -14.57 -40.06
O3 PCW YA . -3.47 -12.52 -41.17
O11 PCW YA . -1.42 -12.29 -40.19
O31 PCW YA . -4.63 -14.32 -37.79
O1P PCW YA . -2.04 -18.98 -38.31
O2P PCW YA . -0.93 -17.71 -40.14
O3P PCW YA . -3.37 -17.18 -39.48
O4P PCW YA . -1.46 -16.54 -38.11
P PCW YA . -1.90 -17.68 -39.02
C1 PCW ZA . 6.05 -33.68 3.82
C2 PCW ZA . 6.69 -32.24 3.80
C3 PCW ZA . 7.19 -31.89 2.35
C4 PCW ZA . 4.45 -37.11 2.15
C5 PCW ZA . 4.47 -38.64 1.99
C6 PCW ZA . 3.86 -40.61 0.50
C7 PCW ZA . 5.06 -38.68 -0.42
C8 PCW ZA . 5.65 -39.87 0.86
C11 PCW ZA . 8.93 -30.38 1.67
C12 PCW ZA . 9.35 -28.95 1.79
C13 PCW ZA . 10.79 -28.79 1.15
C14 PCW ZA . 11.37 -27.37 1.20
C15 PCW ZA . 12.86 -27.27 1.61
C16 PCW ZA . 13.09 -26.10 2.62
C17 PCW ZA . 12.62 -26.32 4.10
C18 PCW ZA . 13.34 -25.43 5.11
C19 PCW ZA . 12.56 -25.26 6.43
C20 PCW ZA . 11.98 -24.06 6.79
C21 PCW ZA . 11.91 -22.73 6.13
C22 PCW ZA . 10.51 -22.65 5.46
C23 PCW ZA . 10.18 -21.35 4.67
C24 PCW ZA . 9.00 -20.55 5.15
C25 PCW ZA . 9.03 -19.79 6.51
C26 PCW ZA . 7.73 -19.69 7.27
C27 PCW ZA . 7.79 -19.76 8.81
C28 PCW ZA . 7.32 -18.46 9.41
C31 PCW ZA . 5.57 -30.98 5.47
C32 PCW ZA . 4.48 -29.92 5.68
C33 PCW ZA . 4.90 -28.65 6.56
C34 PCW ZA . 4.15 -27.38 6.18
C35 PCW ZA . 2.90 -27.31 7.14
C36 PCW ZA . 1.58 -27.03 6.39
C37 PCW ZA . 0.31 -26.96 7.29
C38 PCW ZA . -0.31 -25.60 7.26
C39 PCW ZA . -1.55 -25.49 8.12
C40 PCW ZA . -1.84 -24.52 8.99
C41 PCW ZA . -0.94 -23.33 9.27
C42 PCW ZA . -1.13 -22.91 10.80
C43 PCW ZA . -0.09 -23.37 11.81
C44 PCW ZA . -0.53 -22.84 13.17
C45 PCW ZA . -1.15 -23.86 14.09
C46 PCW ZA . -1.70 -23.28 15.36
C47 PCW ZA . -1.20 -23.89 16.65
C48 PCW ZA . -1.84 -23.21 17.86
N PCW ZA . 4.32 -39.22 0.69
O2 PCW ZA . 5.66 -31.22 4.16
O3 PCW ZA . 7.77 -30.57 2.35
O11 PCW ZA . 9.52 -31.24 1.06
O31 PCW ZA . 6.26 -31.51 6.38
O1P PCW ZA . 5.23 -34.44 1.33
O2P PCW ZA . 7.40 -35.53 0.85
O3P PCW ZA . 6.86 -34.71 3.23
O4P PCW ZA . 5.84 -36.70 2.25
P PCW ZA . 6.32 -35.32 1.84
C1 PCW AB . -9.48 -32.88 -16.38
C2 PCW AB . -10.86 -32.47 -15.73
C3 PCW AB . -10.82 -32.76 -14.18
C4 PCW AB . -6.19 -34.06 -18.29
C5 PCW AB . -5.19 -34.26 -19.44
C6 PCW AB . -2.96 -34.44 -20.33
C7 PCW AB . -3.23 -34.20 -18.04
C8 PCW AB . -3.61 -32.36 -19.33
C11 PCW AB . -12.88 -33.38 -13.12
C12 PCW AB . -14.14 -32.78 -12.56
C13 PCW AB . -13.78 -32.11 -11.18
C14 PCW AB . -14.96 -31.44 -10.46
C15 PCW AB . -15.24 -31.93 -9.01
C16 PCW AB . -16.27 -33.12 -9.02
C17 PCW AB . -16.21 -34.14 -7.83
C18 PCW AB . -16.91 -33.63 -6.57
C19 PCW AB . -18.38 -34.13 -6.46
C20 PCW AB . -18.92 -34.56 -5.26
C21 PCW AB . -18.37 -34.68 -3.90
C22 PCW AB . -18.35 -36.19 -3.55
C23 PCW AB . -19.24 -36.67 -2.35
C24 PCW AB . -18.61 -36.63 -0.99
C25 PCW AB . -19.18 -37.50 0.18
C26 PCW AB . -20.40 -36.96 0.90
C27 PCW AB . -20.23 -36.54 2.38
C28 PCW AB . -20.43 -35.06 2.54
C31 PCW AB . -12.22 -30.73 -16.56
C32 PCW AB . -12.33 -29.20 -16.67
C33 PCW AB . -12.46 -28.42 -15.27
C34 PCW AB . -13.37 -29.12 -14.26
C35 PCW AB . -14.65 -28.20 -14.13
C36 PCW AB . -15.19 -28.12 -12.69
C37 PCW AB . -16.45 -27.23 -12.49
C38 PCW AB . -16.10 -25.82 -12.13
C39 PCW AB . -17.30 -24.94 -11.93
C40 PCW AB . -17.40 -23.65 -12.24
C41 PCW AB . -16.29 -22.83 -12.86
C42 PCW AB . -16.15 -21.48 -12.03
C43 PCW AB . -14.92 -21.28 -11.16
C44 PCW AB . -15.05 -19.93 -10.49
C45 PCW AB . -13.76 -19.29 -10.06
C46 PCW AB . -13.92 -17.89 -9.54
C47 PCW AB . -13.29 -17.59 -8.20
C48 PCW AB . -13.53 -16.13 -7.80
N PCW AB . -3.82 -33.84 -19.30
O2 PCW AB . -11.11 -31.02 -15.90
O3 PCW AB . -12.07 -32.38 -13.59
O11 PCW AB . -12.63 -34.56 -13.15
O31 PCW AB . -13.05 -31.56 -17.03
O1P PCW AB . -8.90 -35.07 -17.96
O2P PCW AB . -9.30 -33.78 -20.08
O3P PCW AB . -9.40 -32.60 -17.80
O4P PCW AB . -7.30 -33.31 -18.82
P PCW AB . -8.75 -33.76 -18.70
C1 PCW BB . 38.89 -13.99 -1.79
C2 PCW BB . 38.59 -12.48 -1.41
C3 PCW BB . 39.93 -11.72 -1.12
C4 PCW BB . 40.60 -17.98 0.31
C5 PCW BB . 41.61 -18.90 -0.36
C6 PCW BB . 40.20 -21.03 -0.51
C7 PCW BB . 41.99 -20.61 -2.12
C8 PCW BB . 42.14 -20.88 -0.29
C11 PCW BB . 39.51 -10.01 0.52
C12 PCW BB . 39.20 -8.54 0.64
C13 PCW BB . 37.73 -8.39 1.19
C14 PCW BB . 37.26 -6.95 1.38
C15 PCW BB . 36.35 -6.69 2.62
C16 PCW BB . 36.77 -5.37 3.35
C17 PCW BB . 36.75 -5.37 4.91
C18 PCW BB . 35.45 -4.81 5.50
C19 PCW BB . 34.78 -5.79 6.49
C20 PCW BB . 33.50 -5.61 6.97
C21 PCW BB . 32.48 -4.55 6.74
C22 PCW BB . 32.56 -3.58 7.95
C23 PCW BB . 31.58 -2.38 7.97
C24 PCW BB . 32.09 -1.10 8.57
C25 PCW BB . 31.17 -0.21 9.45
C26 PCW BB . 31.87 0.76 10.38
C27 PCW BB . 32.28 0.25 11.78
C28 PCW BB . 33.72 0.61 12.05
C31 PCW BB . 36.79 -11.19 -2.25
C32 PCW BB . 36.24 -10.53 -3.53
C33 PCW BB . 34.82 -9.80 -3.36
C34 PCW BB . 33.64 -10.76 -3.41
C35 PCW BB . 32.88 -10.58 -2.03
C36 PCW BB . 31.38 -10.90 -2.11
C37 PCW BB . 30.57 -10.74 -0.79
C38 PCW BB . 29.11 -10.94 -0.98
C39 PCW BB . 28.32 -10.79 0.30
C40 PCW BB . 26.99 -10.69 0.42
C41 PCW BB . 26.03 -10.70 -0.75
C42 PCW BB . 24.94 -9.55 -0.51
C43 PCW BB . 23.60 -9.92 0.11
C44 PCW BB . 22.80 -8.64 0.22
C45 PCW BB . 22.58 -8.14 1.63
C46 PCW BB . 23.69 -7.26 2.15
C47 PCW BB . 23.80 -7.15 3.66
C48 PCW BB . 24.96 -6.23 4.06
N PCW BB . 41.16 -20.06 -1.07
O2 PCW BB . 37.93 -11.80 -2.57
O3 PCW BB . 39.64 -10.35 -0.80
O11 PCW BB . 39.63 -10.77 1.45
O31 PCW BB . 36.25 -11.15 -1.11
O1P PCW BB . 39.67 -16.81 -2.18
O2P PCW BB . 41.76 -15.47 -1.99
O3P PCW BB . 39.62 -14.72 -0.78
O4P PCW BB . 40.97 -16.62 -0.04
P PCW BB . 40.53 -15.93 -1.31
C1 PCW CB . 8.62 -14.11 -30.43
C2 PCW CB . 8.35 -13.02 -29.33
C3 PCW CB . 6.95 -13.25 -28.66
C4 PCW CB . 7.30 -17.19 -27.72
C5 PCW CB . 7.43 -18.48 -26.90
C6 PCW CB . 5.43 -18.77 -25.35
C7 PCW CB . 6.14 -20.60 -26.82
C8 PCW CB . 7.08 -19.83 -25.42
C11 PCW CB . 6.63 -12.66 -26.37
C12 PCW CB . 6.42 -11.48 -25.48
C13 PCW CB . 4.88 -11.21 -25.34
C14 PCW CB . 4.50 -10.02 -24.46
C15 PCW CB . 3.70 -10.36 -23.16
C16 PCW CB . 3.99 -9.29 -22.04
C17 PCW CB . 2.92 -8.15 -21.87
C18 PCW CB . 3.55 -6.77 -21.61
C19 PCW CB . 4.11 -6.11 -22.90
C20 PCW CB . 3.89 -4.78 -23.21
C21 PCW CB . 3.16 -3.68 -22.52
C22 PCW CB . 3.05 -2.52 -23.53
C23 PCW CB . 3.44 -1.09 -23.04
C24 PCW CB . 4.84 -0.64 -23.31
C25 PCW CB . 5.29 -0.24 -24.75
C26 PCW CB . 6.16 0.99 -24.86
C27 PCW CB . 5.51 2.29 -25.37
C28 PCW CB . 6.41 3.47 -25.07
C31 PCW CB . 10.35 -12.21 -28.34
C32 PCW CB . 11.32 -12.43 -27.16
C33 PCW CB . 11.71 -11.11 -26.34
C34 PCW CB . 13.21 -10.92 -26.20
C35 PCW CB . 13.48 -9.39 -26.54
C36 PCW CB . 14.96 -8.99 -26.31
C37 PCW CB . 15.30 -7.50 -26.63
C38 PCW CB . 16.77 -7.23 -26.54
C39 PCW CB . 17.12 -5.80 -26.84
C40 PCW CB . 17.47 -4.86 -25.97
C41 PCW CB . 17.56 -5.08 -24.46
C42 PCW CB . 16.15 -4.69 -23.81
C43 PCW CB . 15.88 -3.24 -23.50
C44 PCW CB . 14.48 -3.17 -22.89
C45 PCW CB . 13.39 -2.76 -23.85
C46 PCW CB . 12.38 -1.82 -23.25
C47 PCW CB . 10.98 -1.88 -23.83
C48 PCW CB . 10.05 -0.88 -23.13
N PCW CB . 6.27 -19.19 -26.49
O2 PCW CB . 9.37 -13.12 -28.24
O3 PCW CB . 6.73 -12.25 -27.66
O11 PCW CB . 6.70 -13.81 -25.99
O31 PCW CB . 10.47 -11.32 -29.23
O1P PCW CB . 7.14 -16.40 -30.48
O2P PCW CB . 9.23 -17.73 -30.70
O3P PCW CB . 9.33 -15.27 -29.94
O4P PCW CB . 8.52 -17.07 -28.50
P PCW CB . 8.52 -16.66 -29.96
C1 PCW DB . 35.65 -11.03 -18.41
C2 PCW DB . 35.47 -10.50 -16.93
C3 PCW DB . 36.87 -10.25 -16.27
C4 PCW DB . 32.39 -12.55 -18.45
C5 PCW DB . 31.32 -13.20 -17.58
C6 PCW DB . 28.77 -13.04 -17.57
C7 PCW DB . 29.92 -14.72 -18.94
C8 PCW DB . 29.89 -14.58 -17.10
C11 PCW DB . 37.75 -9.22 -14.28
C12 PCW DB . 37.31 -8.77 -12.91
C13 PCW DB . 36.57 -7.39 -13.08
C14 PCW DB . 36.06 -6.77 -11.78
C15 PCW DB . 36.11 -5.21 -11.71
C16 PCW DB . 36.52 -4.73 -10.27
C17 PCW DB . 36.16 -3.26 -9.88
C18 PCW DB . 37.38 -2.37 -9.69
C19 PCW DB . 37.05 -0.87 -9.83
C20 PCW DB . 37.55 0.10 -8.96
C21 PCW DB . 38.45 0.01 -7.77
C22 PCW DB . 38.23 1.31 -6.95
C23 PCW DB . 39.38 2.35 -6.95
C24 PCW DB . 38.99 3.77 -6.65
C25 PCW DB . 40.07 4.91 -6.61
C26 PCW DB . 40.83 5.07 -5.31
C27 PCW DB . 42.32 5.43 -5.39
C28 PCW DB . 43.13 4.50 -4.52
C31 PCW DB . 33.47 -9.30 -16.55
C32 PCW DB . 32.86 -7.89 -16.59
C33 PCW DB . 33.08 -7.02 -15.26
C34 PCW DB . 32.25 -5.74 -15.23
C35 PCW DB . 32.19 -5.32 -13.71
C36 PCW DB . 32.57 -3.82 -13.49
C37 PCW DB . 32.53 -3.34 -12.00
C38 PCW DB . 31.18 -2.80 -11.63
C39 PCW DB . 31.11 -2.32 -10.20
C40 PCW DB . 30.43 -1.29 -9.74
C41 PCW DB . 29.57 -0.37 -10.59
C42 PCW DB . 28.60 0.45 -9.64
C43 PCW DB . 29.09 1.77 -9.07
C44 PCW DB . 27.97 2.33 -8.21
C45 PCW DB . 27.47 3.69 -8.61
C46 PCW DB . 25.98 3.82 -8.56
C47 PCW DB . 25.42 5.21 -8.78
C48 PCW DB . 23.89 5.21 -8.71
N PCW DB . 30.05 -13.52 -18.14
O2 PCW DB . 34.75 -9.21 -16.92
O3 PCW DB . 36.68 -9.77 -14.94
O11 PCW DB . 38.86 -9.11 -14.72
O31 PCW DB . 32.86 -10.36 -16.24
O1P PCW DB . 34.44 -13.03 -20.43
O2P PCW DB . 35.12 -14.83 -18.83
O3P PCW DB . 35.97 -12.44 -18.50
O4P PCW DB . 33.66 -13.11 -18.04
P PCW DB . 34.79 -13.40 -19.01
C1 PCW EB . -1.93 -22.02 -35.21
C2 PCW EB . -2.47 -20.53 -35.18
C3 PCW EB . -3.78 -20.44 -36.02
C4 PCW EB . -4.40 -23.67 -33.28
C5 PCW EB . -5.28 -23.80 -32.03
C6 PCW EB . -6.67 -25.44 -30.65
C7 PCW EB . -4.29 -25.88 -31.09
C8 PCW EB . -5.03 -24.48 -30.12
C11 PCW EB . -5.61 -18.88 -35.96
C12 PCW EB . -5.90 -17.41 -35.96
C13 PCW EB . -5.38 -16.80 -34.61
C14 PCW EB . -5.60 -15.29 -34.45
C15 PCW EB . -5.46 -14.73 -33.00
C16 PCW EB . -5.38 -13.15 -33.02
C17 PCW EB . -6.70 -12.37 -32.76
C18 PCW EB . -7.45 -11.98 -34.03
C19 PCW EB . -7.47 -10.44 -34.26
C20 PCW EB . -8.32 -9.84 -35.17
C21 PCW EB . -9.36 -10.39 -36.08
C22 PCW EB . -10.62 -9.48 -35.92
C23 PCW EB . -11.99 -10.11 -36.24
C24 PCW EB . -12.94 -10.31 -35.09
C25 PCW EB . -14.40 -10.76 -35.32
C26 PCW EB . -15.29 -10.85 -34.09
C27 PCW EB . -16.74 -10.32 -34.19
C28 PCW EB . -17.71 -11.38 -33.74
C31 PCW EB . -2.15 -19.04 -33.37
C32 PCW EB . -2.60 -18.76 -31.91
C33 PCW EB . -4.18 -18.69 -31.68
C34 PCW EB . -4.77 -19.99 -31.11
C35 PCW EB . -6.31 -19.71 -30.91
C36 PCW EB . -7.19 -20.58 -31.82
C37 PCW EB . -8.73 -20.36 -31.67
C38 PCW EB . -9.51 -21.14 -32.69
C39 PCW EB . -10.99 -20.94 -32.56
C40 PCW EB . -11.82 -20.45 -33.49
C41 PCW EB . -11.39 -19.98 -34.86
C42 PCW EB . -12.63 -19.27 -35.57
C43 PCW EB . -12.59 -17.77 -35.83
C44 PCW EB . -13.89 -17.39 -36.49
C45 PCW EB . -14.70 -16.33 -35.78
C46 PCW EB . -15.09 -15.17 -36.66
C47 PCW EB . -16.32 -14.41 -36.25
C48 PCW EB . -16.60 -13.26 -37.23
N PCW EB . -5.45 -25.08 -31.42
O2 PCW EB . -2.80 -20.14 -33.79
O3 PCW EB . -4.27 -19.08 -36.00
O11 PCW EB . -6.45 -19.76 -35.93
O31 PCW EB . -1.32 -18.36 -34.03
O1P PCW EB . -1.72 -24.74 -33.39
O2P PCW EB . -1.31 -23.09 -31.58
O3P PCW EB . -1.13 -22.37 -34.04
O4P PCW EB . -3.28 -22.82 -32.92
P PCW EB . -1.83 -23.32 -32.95
C1 PCW FB . 36.16 -4.33 -26.04
C2 PCW FB . 36.52 -2.81 -26.25
C3 PCW FB . 36.39 -2.02 -24.90
C4 PCW FB . 37.80 -8.36 -26.92
C5 PCW FB . 38.49 -9.27 -27.94
C6 PCW FB . 40.34 -10.07 -26.61
C7 PCW FB . 40.65 -8.21 -28.00
C8 PCW FB . 40.48 -10.27 -28.99
C11 PCW FB . 35.78 0.20 -25.57
C12 PCW FB . 36.36 1.57 -25.76
C13 PCW FB . 36.20 2.36 -24.41
C14 PCW FB . 36.75 3.79 -24.43
C15 PCW FB . 35.71 4.93 -24.17
C16 PCW FB . 35.41 5.06 -22.63
C17 PCW FB . 34.03 5.70 -22.23
C18 PCW FB . 34.10 7.21 -22.00
C19 PCW FB . 33.57 8.03 -23.20
C20 PCW FB . 32.52 8.93 -23.07
C21 PCW FB . 31.68 9.34 -21.92
C22 PCW FB . 30.72 10.44 -22.45
C23 PCW FB . 29.47 10.75 -21.59
C24 PCW FB . 28.29 9.84 -21.76
C25 PCW FB . 27.43 9.40 -20.54
C26 PCW FB . 26.47 8.26 -20.77
C27 PCW FB . 26.73 6.92 -20.04
C28 PCW FB . 25.69 6.70 -18.98
C31 PCW FB . 38.88 -3.16 -25.90
C32 PCW FB . 40.26 -2.91 -26.55
C33 PCW FB . 41.35 -2.25 -25.60
C34 PCW FB . 41.22 -0.74 -25.48
C35 PCW FB . 40.69 -0.47 -24.02
C36 PCW FB . 40.47 1.04 -23.74
C37 PCW FB . 39.95 1.38 -22.31
C38 PCW FB . 39.48 2.80 -22.22
C39 PCW FB . 38.97 3.16 -20.84
C40 PCW FB . 38.95 4.37 -20.29
C41 PCW FB . 39.46 5.62 -20.98
C42 PCW FB . 38.83 6.89 -20.24
C43 PCW FB . 38.02 7.89 -21.07
C44 PCW FB . 37.55 8.97 -20.11
C45 PCW FB . 37.73 10.39 -20.61
C46 PCW FB . 36.55 11.27 -20.31
C47 PCW FB . 35.37 11.16 -21.25
C48 PCW FB . 34.25 12.12 -20.84
N PCW FB . 39.91 -9.45 -27.88
O2 PCW FB . 37.94 -2.67 -26.72
O3 PCW FB . 36.74 -0.64 -25.12
O11 PCW FB . 34.65 -0.10 -25.82
O31 PCW FB . 38.70 -3.73 -24.79
O1P PCW FB . 35.58 -6.99 -25.66
O2P PCW FB . 34.64 -6.97 -27.96
O3P PCW FB . 36.31 -5.13 -27.23
O4P PCW FB . 36.99 -7.43 -27.69
P PCW FB . 35.82 -6.67 -27.11
C1 PCW GB . 38.10 -12.19 -9.48
C2 PCW GB . 39.48 -11.46 -9.18
C3 PCW GB . 40.63 -12.52 -9.01
C4 PCW GB . 40.24 -12.61 -13.23
C5 PCW GB . 40.46 -12.03 -14.62
C6 PCW GB . 42.60 -11.71 -15.99
C7 PCW GB . 41.29 -13.77 -16.19
C8 PCW GB . 40.78 -12.05 -16.65
C11 PCW GB . 42.68 -11.54 -9.77
C12 PCW GB . 43.91 -10.84 -9.26
C13 PCW GB . 43.67 -9.29 -9.32
C14 PCW GB . 44.83 -8.43 -8.83
C15 PCW GB . 44.59 -6.89 -8.85
C16 PCW GB . 45.01 -6.25 -7.49
C17 PCW GB . 44.16 -5.03 -6.98
C18 PCW GB . 43.77 -5.12 -5.51
C19 PCW GB . 42.34 -5.65 -5.31
C20 PCW GB . 41.63 -5.46 -4.12
C21 PCW GB . 41.97 -4.77 -2.86
C22 PCW GB . 40.82 -3.76 -2.58
C23 PCW GB . 40.03 -3.92 -1.24
C24 PCW GB . 38.56 -4.16 -1.35
C25 PCW GB . 37.55 -2.97 -1.39
C26 PCW GB . 36.99 -2.53 -0.05
C27 PCW GB . 35.54 -1.99 -0.02
C28 PCW GB . 34.78 -2.61 1.13
C31 PCW GB . 40.02 -9.30 -10.01
C32 PCW GB . 40.39 -8.54 -11.29
C33 PCW GB . 40.23 -6.94 -11.22
C34 PCW GB . 41.17 -6.20 -12.16
C35 PCW GB . 42.03 -5.25 -11.23
C36 PCW GB . 42.98 -4.33 -12.04
C37 PCW GB . 43.86 -3.36 -11.18
C38 PCW GB . 43.23 -2.02 -11.05
C39 PCW GB . 44.06 -1.06 -10.22
C40 PCW GB . 44.00 -0.90 -8.90
C41 PCW GB . 43.07 -1.67 -7.99
C42 PCW GB . 42.57 -0.70 -6.83
C43 PCW GB . 42.36 -1.28 -5.44
C44 PCW GB . 41.89 -0.13 -4.55
C45 PCW GB . 42.80 0.20 -3.39
C46 PCW GB . 42.16 -0.02 -2.05
C47 PCW GB . 43.02 -0.70 -1.01
C48 PCW GB . 42.25 -0.87 0.31
N PCW GB . 41.52 -12.55 -15.45
O2 PCW GB . 39.85 -10.59 -10.33
O3 PCW GB . 41.87 -11.85 -8.73
O11 PCW GB . 42.46 -11.78 -10.93
O31 PCW GB . 39.91 -8.79 -8.86
O1P PCW GB . 39.02 -14.17 -11.11
O2P PCW GB . 36.97 -13.90 -12.51
O3P PCW GB . 37.65 -12.05 -10.85
O4P PCW GB . 38.82 -12.45 -12.95
P PCW GB . 38.11 -13.23 -11.85
C1 PCW HB . 14.45 -33.25 4.42
C2 PCW HB . 13.18 -33.20 5.36
C3 PCW HB . 13.54 -33.81 6.76
C4 PCW HB . 12.76 -33.98 1.36
C5 PCW HB . 11.29 -34.23 1.00
C6 PCW HB . 9.30 -33.75 -0.55
C7 PCW HB . 11.55 -32.98 -1.14
C8 PCW HB . 10.95 -34.72 -0.97
C11 PCW HB . 12.54 -33.27 8.87
C12 PCW HB . 11.22 -33.35 9.59
C13 PCW HB . 10.35 -32.10 9.16
C14 PCW HB . 8.98 -32.01 9.81
C15 PCW HB . 8.90 -31.20 11.14
C16 PCW HB . 8.47 -29.72 10.87
C17 PCW HB . 9.56 -28.61 11.06
C18 PCW HB . 9.64 -28.07 12.49
C19 PCW HB . 10.63 -26.90 12.65
C20 PCW HB . 11.33 -26.67 13.82
C21 PCW HB . 11.35 -27.36 15.13
C22 PCW HB . 10.35 -26.61 16.05
C23 PCW HB . 9.92 -27.31 17.36
C24 PCW HB . 9.60 -26.43 18.54
C25 PCW HB . 9.18 -27.04 19.90
C26 PCW HB . 7.86 -26.60 20.47
C27 PCW HB . 7.23 -27.45 21.59
C28 PCW HB . 7.09 -26.63 22.85
C31 PCW HB . 11.98 -31.29 4.63
C32 PCW HB . 11.64 -29.84 5.00
C33 PCW HB . 10.95 -29.65 6.43
C34 PCW HB . 9.45 -29.30 6.35
C35 PCW HB . 9.39 -27.71 6.28
C36 PCW HB . 8.24 -27.21 5.39
C37 PCW HB . 8.10 -25.67 5.27
C38 PCW HB . 6.97 -25.15 6.10
C39 PCW HB . 6.81 -23.65 6.00
C40 PCW HB . 5.87 -23.00 5.32
C41 PCW HB . 4.78 -23.66 4.51
C42 PCW HB . 3.49 -22.73 4.55
C43 PCW HB . 2.11 -23.37 4.44
C44 PCW HB . 1.09 -22.24 4.51
C45 PCW HB . 0.18 -22.15 3.31
C46 PCW HB . -0.87 -21.07 3.44
C47 PCW HB . -1.13 -20.25 2.20
C48 PCW HB . -2.21 -19.19 2.47
N PCW HB . 10.70 -33.54 -0.11
O2 PCW HB . 12.77 -31.79 5.59
O3 PCW HB . 12.38 -33.76 7.61
O11 PCW HB . 13.56 -32.85 9.33
O31 PCW HB . 11.58 -31.90 3.59
O1P PCW HB . 15.12 -35.60 1.86
O2P PCW HB . 13.63 -36.71 3.53
O3P PCW HB . 14.95 -34.58 4.15
O4P PCW HB . 12.97 -34.57 2.67
P PCW HB . 14.17 -35.43 3.00
C1 PCW IB . 3.35 -11.78 -39.85
C2 PCW IB . 3.40 -10.46 -40.71
C3 PCW IB . 2.53 -10.63 -42.00
C4 PCW IB . 5.81 -15.41 -39.78
C5 PCW IB . 6.71 -14.78 -40.85
C6 PCW IB . 9.07 -13.92 -41.29
C7 PCW IB . 8.71 -16.24 -40.61
C8 PCW IB . 8.13 -15.43 -42.16
C11 PCW IB . 1.39 -8.86 -43.15
C12 PCW IB . 1.67 -7.61 -43.94
C13 PCW IB . 1.45 -6.36 -43.01
C14 PCW IB . 1.69 -5.01 -43.66
C15 PCW IB . 0.44 -4.09 -43.79
C16 PCW IB . 0.73 -2.67 -43.19
C17 PCW IB . 0.24 -2.40 -41.73
C18 PCW IB . -0.95 -1.43 -41.66
C19 PCW IB . -2.31 -2.16 -41.69
C20 PCW IB . -3.35 -1.74 -42.52
C21 PCW IB . -3.47 -0.63 -43.49
C22 PCW IB . -4.31 0.49 -42.80
C23 PCW IB . -3.55 1.71 -42.21
C24 PCW IB . -3.55 2.96 -43.04
C25 PCW IB . -2.76 4.22 -42.59
C26 PCW IB . -3.51 5.24 -41.77
C27 PCW IB . -3.25 6.73 -42.07
C28 PCW IB . -3.52 7.56 -40.83
C31 PCW IB . 3.49 -8.17 -40.07
C32 PCW IB . 2.78 -7.11 -39.22
C33 PCW IB . 3.70 -6.36 -38.15
C34 PCW IB . 4.02 -7.22 -36.92
C35 PCW IB . 4.11 -6.20 -35.71
C36 PCW IB . 3.30 -6.69 -34.48
C37 PCW IB . 3.34 -5.74 -33.24
C38 PCW IB . 2.25 -6.04 -32.27
C39 PCW IB . 2.27 -5.13 -31.07
C40 PCW IB . 1.38 -4.19 -30.76
C41 PCW IB . 0.16 -3.84 -31.59
C42 PCW IB . -0.42 -2.45 -31.08
C43 PCW IB . -0.43 -1.27 -32.04
C44 PCW IB . -1.03 -0.10 -31.28
C45 PCW IB . -0.04 0.97 -30.87
C46 PCW IB . 0.30 0.94 -29.40
C47 PCW IB . 1.70 0.50 -29.04
C48 PCW IB . 1.90 0.51 -27.52
N PCW IB . 8.13 -14.92 -40.76
O2 PCW IB . 2.83 -9.32 -39.94
O3 PCW IB . 2.57 -9.43 -42.78
O11 PCW IB . 0.30 -9.27 -42.86
O31 PCW IB . 4.52 -7.98 -40.77
O1P PCW IB . 5.82 -13.57 -37.53
O2P PCW IB . 3.35 -13.83 -37.70
O3P PCW IB . 4.58 -12.10 -39.17
O4P PCW IB . 4.68 -14.51 -39.57
P PCW IB . 4.60 -13.52 -38.42
C1 PCW JB . 20.22 -4.81 -38.11
C2 PCW JB . 20.40 -3.24 -38.00
C3 PCW JB . 20.86 -2.66 -39.39
C4 PCW JB . 22.51 -7.81 -38.63
C5 PCW JB . 22.92 -7.32 -40.02
C6 PCW JB . 24.54 -5.36 -39.79
C7 PCW JB . 25.07 -7.25 -41.25
C8 PCW JB . 23.69 -6.04 -41.42
C11 PCW JB . 21.13 -0.52 -40.44
C12 PCW JB . 21.28 0.94 -40.11
C13 PCW JB . 22.32 1.57 -41.11
C14 PCW JB . 22.59 3.06 -40.90
C15 PCW JB . 22.89 3.52 -39.45
C16 PCW JB . 23.91 4.70 -39.43
C17 PCW JB . 24.86 4.82 -38.19
C18 PCW JB . 24.27 5.60 -37.02
C19 PCW JB . 25.13 5.53 -35.75
C20 PCW JB . 24.76 4.79 -34.64
C21 PCW JB . 23.57 3.94 -34.35
C22 PCW JB . 22.46 4.89 -33.82
C23 PCW JB . 21.07 4.83 -34.51
C24 PCW JB . 20.45 6.14 -34.88
C25 PCW JB . 19.28 6.74 -34.05
C26 PCW JB . 19.40 8.20 -33.66
C27 PCW JB . 18.18 9.12 -33.93
C28 PCW JB . 18.43 9.98 -35.14
C31 PCW JB . 18.97 -2.30 -36.37
C32 PCW JB . 17.58 -1.66 -36.19
C33 PCW JB . 17.46 -0.63 -34.97
C34 PCW JB . 17.25 -1.29 -33.62
C35 PCW JB . 18.09 -0.44 -32.59
C36 PCW JB . 19.58 -0.85 -32.57
C37 PCW JB . 20.48 -0.04 -31.56
C38 PCW JB . 20.66 1.38 -31.99
C39 PCW JB . 21.51 2.18 -31.04
C40 PCW JB . 21.11 2.78 -29.92
C41 PCW JB . 19.68 2.75 -29.40
C42 PCW JB . 18.81 3.78 -30.25
C43 PCW JB . 17.63 3.23 -31.03
C44 PCW JB . 16.99 4.41 -31.74
C45 PCW JB . 16.15 4.05 -32.96
C46 PCW JB . 15.67 5.24 -33.73
C47 PCW JB . 15.89 5.21 -35.22
C48 PCW JB . 15.35 6.49 -35.88
N PCW JB . 24.21 -6.74 -40.21
O2 PCW JB . 19.10 -2.61 -37.66
O3 PCW JB . 21.02 -1.25 -39.28
O11 PCW JB . 21.09 -0.98 -41.55
O31 PCW JB . 19.82 -2.51 -35.47
O1P PCW JB . 21.53 -7.58 -35.92
O2P PCW JB . 19.31 -7.82 -37.02
O3P PCW JB . 20.46 -5.52 -36.88
O4P PCW JB . 21.19 -7.28 -38.39
P PCW JB . 20.60 -7.12 -37.00
C1 PCW KB . 3.68 -15.89 -28.81
C2 PCW KB . 3.17 -14.41 -28.94
C3 PCW KB . 2.83 -14.07 -30.42
C4 PCW KB . 4.68 -18.46 -31.24
C5 PCW KB . 4.85 -17.40 -32.32
C6 PCW KB . 6.92 -16.64 -33.60
C7 PCW KB . 5.49 -18.41 -34.49
C8 PCW KB . 5.06 -16.63 -34.20
C11 PCW KB . 1.41 -12.43 -31.46
C12 PCW KB . 1.08 -10.97 -31.40
C13 PCW KB . -0.06 -10.76 -30.33
C14 PCW KB . -0.52 -9.30 -30.14
C15 PCW KB . -2.04 -9.11 -29.85
C16 PCW KB . -2.61 -7.89 -30.66
C17 PCW KB . -2.29 -6.45 -30.12
C18 PCW KB . -3.39 -5.87 -29.25
C19 PCW KB . -4.38 -4.98 -30.03
C20 PCW KB . -5.67 -4.70 -29.58
C21 PCW KB . -6.41 -5.13 -28.37
C22 PCW KB . -7.16 -6.44 -28.73
C23 PCW KB . -8.71 -6.36 -28.86
C24 PCW KB . -9.46 -5.64 -27.78
C25 PCW KB . -9.66 -6.28 -26.37
C26 PCW KB . -9.64 -5.32 -25.20
C27 PCW KB . -11.00 -4.96 -24.56
C28 PCW KB . -10.77 -4.29 -23.22
C31 PCW KB . 2.12 -14.01 -26.85
C32 PCW KB . 0.75 -13.84 -26.17
C33 PCW KB . 0.30 -12.33 -25.93
C34 PCW KB . -1.00 -11.97 -26.66
C35 PCW KB . -2.15 -12.75 -25.90
C36 PCW KB . -3.06 -11.80 -25.09
C37 PCW KB . -4.22 -12.50 -24.30
C38 PCW KB . -4.21 -12.15 -22.85
C39 PCW KB . -5.31 -12.81 -22.07
C40 PCW KB . -5.70 -12.53 -20.83
C41 PCW KB . -5.06 -11.46 -19.96
C42 PCW KB . -4.53 -12.16 -18.63
C43 PCW KB . -4.95 -11.59 -17.29
C44 PCW KB . -4.29 -12.44 -16.22
C45 PCW KB . -3.52 -11.68 -15.17
C46 PCW KB . -2.03 -11.83 -15.31
C47 PCW KB . -1.23 -11.76 -14.04
C48 PCW KB . 0.27 -11.92 -14.32
N PCW KB . 5.82 -17.59 -33.36
O2 PCW KB . 1.91 -14.23 -28.14
O3 PCW KB . 2.37 -12.72 -30.53
O11 PCW KB . 0.91 -13.23 -32.21
O31 PCW KB . 3.25 -13.95 -26.27
O1P PCW KB . 4.30 -18.72 -28.36
O2P PCW KB . 1.99 -19.36 -29.03
O3P PCW KB . 2.63 -16.88 -28.79
O4P PCW KB . 3.37 -18.26 -30.65
P PCW KB . 3.08 -18.38 -29.17
C1 PCW LB . 13.18 -8.77 -41.96
C2 PCW LB . 12.68 -7.91 -40.72
C3 PCW LB . 13.29 -6.47 -40.78
C4 PCW LB . 15.15 -10.15 -38.80
C5 PCW LB . 16.33 -10.27 -37.83
C6 PCW LB . 16.66 -8.70 -35.84
C7 PCW LB . 15.94 -11.02 -35.48
C8 PCW LB . 17.54 -10.42 -36.19
C11 PCW LB . 13.37 -5.94 -38.43
C12 PCW LB . 12.75 -5.01 -37.42
C13 PCW LB . 13.58 -3.67 -37.43
C14 PCW LB . 13.09 -2.60 -36.46
C15 PCW LB . 12.43 -1.35 -37.11
C16 PCW LB . 13.00 -0.02 -36.49
C17 PCW LB . 12.82 1.29 -37.32
C18 PCW LB . 12.92 2.56 -36.48
C19 PCW LB . 11.81 3.59 -36.80
C20 PCW LB . 10.85 3.95 -35.86
C21 PCW LB . 10.61 3.54 -34.46
C22 PCW LB . 9.35 4.31 -33.97
C23 PCW LB . 8.87 4.04 -32.52
C24 PCW LB . 7.57 4.66 -32.11
C25 PCW LB . 7.50 6.16 -31.70
C26 PCW LB . 6.12 6.70 -31.34
C27 PCW LB . 5.23 7.23 -32.49
C28 PCW LB . 4.10 8.06 -31.92
C31 PCW LB . 10.53 -8.84 -40.30
C32 PCW LB . 9.03 -8.55 -40.41
C33 PCW LB . 8.23 -8.57 -39.01
C34 PCW LB . 7.84 -9.97 -38.56
C35 PCW LB . 6.49 -9.79 -37.75
C36 PCW LB . 6.59 -10.32 -36.30
C37 PCW LB . 5.29 -10.16 -35.45
C38 PCW LB . 4.44 -11.38 -35.51
C39 PCW LB . 3.17 -11.26 -34.70
C40 PCW LB . 1.97 -10.92 -35.15
C41 PCW LB . 1.67 -10.59 -36.60
C42 PCW LB . 0.73 -9.30 -36.64
C43 PCW LB . -0.17 -9.10 -37.85
C44 PCW LB . -0.93 -7.81 -37.61
C45 PCW LB . -1.16 -6.98 -38.84
C46 PCW LB . -1.43 -5.52 -38.55
C47 PCW LB . -0.22 -4.63 -38.39
C48 PCW LB . -0.62 -3.19 -38.10
N PCW LB . 16.16 -9.94 -36.44
O2 PCW LB . 11.20 -7.77 -40.75
O3 PCW LB . 12.83 -5.69 -39.66
O11 PCW LB . 14.21 -6.77 -38.19
O31 PCW LB . 11.04 -9.92 -39.87
O1P PCW LB . 14.31 -11.26 -41.38
O2P PCW LB . 16.58 -10.51 -42.09
O3P PCW LB . 14.61 -8.85 -42.08
O4P PCW LB . 15.70 -9.63 -40.05
P PCW LB . 15.31 -10.14 -41.42
C1 PCW MB . -7.09 -23.96 -26.14
C2 PCW MB . -6.73 -22.49 -25.69
C3 PCW MB . -6.19 -21.68 -26.92
C4 PCW MB . -6.41 -27.35 -24.58
C5 PCW MB . -5.59 -28.55 -24.10
C6 PCW MB . -3.35 -27.50 -23.51
C7 PCW MB . -4.25 -29.35 -22.18
C8 PCW MB . -3.73 -29.38 -23.95
C11 PCW MB . -4.55 -19.95 -26.62
C12 PCW MB . -4.42 -18.53 -26.14
C13 PCW MB . -4.30 -17.61 -27.42
C14 PCW MB . -4.16 -16.12 -27.14
C15 PCW MB . -5.11 -15.19 -27.95
C16 PCW MB . -6.24 -14.61 -27.02
C17 PCW MB . -7.37 -13.78 -27.72
C18 PCW MB . -7.30 -12.28 -27.43
C19 PCW MB . -8.61 -11.70 -26.88
C20 PCW MB . -8.72 -11.19 -25.59
C21 PCW MB . -7.74 -11.06 -24.49
C22 PCW MB . -8.16 -9.81 -23.66
C23 PCW MB . -7.04 -8.92 -23.06
C24 PCW MB . -6.93 -7.52 -23.56
C25 PCW MB . -6.15 -6.44 -22.76
C26 PCW MB . -6.75 -6.02 -21.43
C27 PCW MB . -6.05 -6.51 -20.14
C28 PCW MB . -5.42 -5.34 -19.43
C31 PCW MB . -8.36 -22.16 -23.99
C32 PCW MB . -9.63 -21.36 -23.65
C33 PCW MB . -9.47 -20.30 -22.46
C34 PCW MB . -10.79 -20.00 -21.74
C35 PCW MB . -11.60 -19.03 -22.69
C36 PCW MB . -13.02 -18.72 -22.17
C37 PCW MB . -13.87 -17.77 -23.06
C38 PCW MB . -13.31 -16.39 -23.09
C39 PCW MB . -14.12 -15.44 -23.95
C40 PCW MB . -14.79 -14.37 -23.56
C41 PCW MB . -14.86 -13.89 -22.11
C42 PCW MB . -13.54 -13.02 -21.81
C43 PCW MB . -13.56 -12.05 -20.66
C44 PCW MB . -12.20 -11.38 -20.61
C45 PCW MB . -11.74 -10.93 -19.24
C46 PCW MB . -10.59 -9.96 -19.28
C47 PCW MB . -9.21 -10.56 -19.20
C48 PCW MB . -8.13 -9.46 -19.24
N PCW MB . -4.51 -28.35 -23.19
O2 PCW MB . -7.96 -21.79 -25.21
O3 PCW MB . -5.85 -20.35 -26.51
O11 PCW MB . -3.64 -20.63 -27.01
O31 PCW MB . -7.80 -23.01 -23.24
O1P PCW MB . -7.58 -26.59 -27.13
O2P PCW MB . -5.24 -26.82 -27.94
O3P PCW MB . -6.03 -24.63 -26.85
O4P PCW MB . -5.59 -26.67 -25.58
P PCW MB . -6.14 -26.23 -26.93
C1 PCW NB . 2.14 -22.11 -21.99
C2 PCW NB . 2.01 -20.57 -21.64
C3 PCW NB . 3.40 -19.99 -21.20
C4 PCW NB . 2.18 -21.21 -26.58
C5 PCW NB . 0.79 -21.59 -27.08
C6 PCW NB . -0.78 -20.87 -28.96
C7 PCW NB . 1.12 -22.34 -29.44
C8 PCW NB . -0.35 -22.70 -28.37
C11 PCW NB . 4.39 -17.87 -20.66
C12 PCW NB . 4.02 -16.44 -20.38
C13 PCW NB . 3.56 -16.34 -18.87
C14 PCW NB . 3.14 -14.94 -18.41
C15 PCW NB . 1.83 -14.38 -19.04
C16 PCW NB . 2.06 -12.93 -19.61
C17 PCW NB . 1.22 -11.77 -18.98
C18 PCW NB . 1.98 -10.99 -17.90
C19 PCW NB . 2.26 -9.53 -18.31
C20 PCW NB . 2.59 -8.55 -17.39
C21 PCW NB . 2.73 -8.58 -15.91
C22 PCW NB . 1.75 -7.52 -15.34
C23 PCW NB . 2.17 -6.79 -14.04
C24 PCW NB . 2.46 -7.63 -12.84
C25 PCW NB . 1.46 -7.71 -11.65
C26 PCW NB . 0.71 -9.01 -11.47
C27 PCW NB . -0.58 -9.01 -10.62
C28 PCW NB . -0.90 -10.41 -10.18
C31 PCW NB . 0.27 -19.75 -23.01
C32 PCW NB . -0.02 -18.93 -24.29
C33 PCW NB . 0.21 -17.36 -24.16
C34 PCW NB . -1.09 -16.55 -24.19
C35 PCW NB . -1.02 -15.58 -22.95
C36 PCW NB . -2.14 -15.84 -21.91
C37 PCW NB . -2.12 -14.91 -20.65
C38 PCW NB . -1.81 -15.68 -19.42
C39 PCW NB . -1.78 -14.81 -18.18
C40 PCW NB . -1.40 -15.18 -16.95
C41 PCW NB . -0.92 -16.57 -16.59
C42 PCW NB . -0.33 -16.53 -15.11
C43 PCW NB . -1.05 -17.30 -14.01
C44 PCW NB . -0.28 -17.08 -12.72
C45 PCW NB . -0.78 -15.96 -11.87
C46 PCW NB . 0.31 -15.23 -11.12
C47 PCW NB . -0.05 -14.72 -9.73
C48 PCW NB . 1.14 -14.00 -9.08
N PCW NB . 0.48 -21.46 -28.47
O2 PCW NB . 1.58 -19.81 -22.85
O3 PCW NB . 3.26 -18.59 -20.89
O11 PCW NB . 5.51 -18.30 -20.69
O31 PCW NB . -0.60 -20.27 -22.25
O1P PCW NB . 3.51 -23.68 -25.20
O2P PCW NB . 4.02 -21.76 -24.73
O3P PCW NB . 3.22 -22.42 -22.89
O4P PCW NB . 2.19 -21.39 -25.13
P PCW NB . 2.81 -22.58 -24.44
C1 PCW OB . 38.77 -6.55 -22.64
C2 PCW OB . 38.27 -5.99 -21.25
C3 PCW OB . 38.87 -6.85 -20.08
C4 PCW OB . 42.60 -7.89 -23.08
C5 PCW OB . 43.87 -7.55 -22.30
C6 PCW OB . 43.83 -8.77 -20.06
C7 PCW OB . 45.81 -8.87 -21.51
C8 PCW OB . 45.09 -7.40 -20.68
C11 PCW OB . 37.25 -6.82 -18.31
C12 PCW OB . 36.96 -6.15 -16.98
C13 PCW OB . 36.35 -4.74 -17.27
C14 PCW OB . 36.01 -3.91 -16.03
C15 PCW OB . 36.87 -2.63 -15.81
C16 PCW OB . 38.06 -2.92 -14.83
C17 PCW OB . 39.13 -1.78 -14.66
C18 PCW OB . 40.39 -1.99 -15.51
C19 PCW OB . 41.67 -1.43 -14.84
C20 PCW OB . 42.28 -0.26 -15.26
C21 PCW OB . 41.94 0.71 -16.33
C22 PCW OB . 41.62 2.07 -15.63
C23 PCW OB . 40.79 3.11 -16.41
C24 PCW OB . 39.42 3.41 -15.89
C25 PCW OB . 38.15 2.87 -16.62
C26 PCW OB . 36.93 2.62 -15.75
C27 PCW OB . 36.28 1.23 -15.82
C28 PCW OB . 35.35 1.02 -14.64
C31 PCW OB . 37.76 -3.70 -21.02
C32 PCW OB . 38.39 -2.30 -20.82
C33 PCW OB . 37.51 -1.26 -20.00
C34 PCW OB . 36.80 -0.23 -20.88
C35 PCW OB . 36.00 0.70 -19.89
C36 PCW OB . 34.50 0.81 -20.26
C37 PCW OB . 33.64 1.72 -19.32
C38 PCW OB . 32.80 0.92 -18.39
C39 PCW OB . 31.97 1.77 -17.47
C40 PCW OB . 30.79 1.46 -16.94
C41 PCW OB . 30.07 0.14 -17.17
C42 PCW OB . 28.61 0.24 -16.55
C43 PCW OB . 27.82 -1.03 -16.33
C44 PCW OB . 26.47 -0.62 -15.73
C45 PCW OB . 26.29 -0.98 -14.28
C46 PCW OB . 25.70 0.13 -13.45
C47 PCW OB . 25.11 -0.27 -12.11
C48 PCW OB . 24.55 0.96 -11.38
N PCW OB . 44.41 -8.51 -21.39
O2 PCW OB . 38.75 -4.59 -21.05
O3 PCW OB . 38.41 -6.34 -18.82
O11 PCW OB . 36.54 -7.64 -18.84
O31 PCW OB . 36.53 -3.93 -21.11
O1P PCW OB . 40.14 -7.83 -24.65
O2P PCW OB . 41.09 -5.70 -25.51
O3P PCW OB . 39.77 -5.74 -23.29
O4P PCW OB . 42.02 -6.62 -23.50
P PCW OB . 40.75 -6.50 -24.31
C1 PCW PB . -5.00 -44.50 9.46
C2 PCW PB . -5.01 -43.66 10.79
C3 PCW PB . -3.80 -42.68 10.83
C4 PCW PB . -6.08 -47.42 12.05
C5 PCW PB . -5.17 -47.06 13.23
C6 PCW PB . -6.71 -46.82 15.07
C7 PCW PB . -4.46 -47.26 15.51
C8 PCW PB . -5.70 -48.98 14.69
C11 PCW PB . -3.27 -42.47 13.17
C12 PCW PB . -3.38 -41.51 14.31
C13 PCW PB . -2.23 -40.43 14.15
C14 PCW PB . -2.17 -39.37 15.24
C15 PCW PB . -1.01 -39.51 16.26
C16 PCW PB . 0.31 -38.86 15.68
C17 PCW PB . 0.79 -37.51 16.33
C18 PCW PB . 1.88 -37.69 17.39
C19 PCW PB . 1.41 -38.48 18.62
C20 PCW PB . 0.66 -37.90 19.64
C21 PCW PB . 0.14 -36.53 19.85
C22 PCW PB . -0.53 -36.51 21.24
C23 PCW PB . 0.07 -35.57 22.32
C24 PCW PB . -0.42 -35.73 23.72
C25 PCW PB . -1.31 -34.65 24.39
C26 PCW PB . -2.81 -34.89 24.36
C27 PCW PB . -3.67 -33.96 23.46
C28 PCW PB . -3.75 -34.52 22.06
C31 PCW PB . -7.21 -43.38 11.63
C32 PCW PB . -8.42 -42.43 11.60
C33 PCW PB . -9.09 -42.13 13.03
C34 PCW PB . -8.28 -41.14 13.88
C35 PCW PB . -9.35 -40.26 14.64
C36 PCW PB . -8.99 -38.76 14.64
C37 PCW PB . -10.01 -37.82 15.37
C38 PCW PB . -9.71 -36.37 15.13
C39 PCW PB . -10.68 -35.45 15.83
C40 PCW PB . -10.84 -34.15 15.60
C41 PCW PB . -10.06 -33.35 14.58
C42 PCW PB . -9.03 -32.42 15.36
C43 PCW PB . -7.71 -32.07 14.69
C44 PCW PB . -6.94 -31.18 15.66
C45 PCW PB . -6.60 -29.81 15.13
C46 PCW PB . -5.58 -29.08 15.96
C47 PCW PB . -5.97 -27.70 16.43
C48 PCW PB . -4.83 -27.07 17.26
N PCW PB . -5.50 -47.50 14.55
O2 PCW PB . -6.25 -42.84 10.87
O3 PCW PB . -3.81 -41.91 12.05
O11 PCW PB . -2.78 -43.57 13.23
O31 PCW PB . -7.15 -44.47 12.26
O1P PCW PB . -7.52 -47.37 9.52
O2P PCW PB . -5.22 -47.52 8.55
O3P PCW PB . -6.21 -45.24 9.23
O4P PCW PB . -5.44 -46.88 10.87
P PCW PB . -6.13 -46.82 9.51
C1 PCW QB . 1.07 -36.54 -2.98
C2 PCW QB . 0.95 -35.01 -3.38
C3 PCW QB . -0.13 -34.84 -4.51
C4 PCW QB . -1.45 -39.53 -0.39
C5 PCW QB . -2.79 -38.80 -0.39
C6 PCW QB . -4.05 -40.28 -1.81
C7 PCW QB . -5.18 -38.74 -0.48
C8 PCW QB . -4.27 -40.54 0.56
C11 PCW QB . -1.40 -32.80 -4.61
C12 PCW QB . -1.29 -31.37 -5.06
C13 PCW QB . -1.53 -31.32 -6.61
C14 PCW QB . -1.45 -29.93 -7.23
C15 PCW QB . -1.47 -29.87 -8.78
C16 PCW QB . -1.78 -28.41 -9.29
C17 PCW QB . -3.27 -27.94 -9.23
C18 PCW QB . -3.86 -27.58 -10.60
C19 PCW QB . -5.39 -27.79 -10.69
C20 PCW QB . -6.24 -26.86 -11.27
C21 PCW QB . -5.99 -25.54 -11.91
C22 PCW QB . -7.32 -25.13 -12.60
C23 PCW QB . -7.60 -23.62 -12.77
C24 PCW QB . -8.14 -22.89 -11.57
C25 PCW QB . -7.81 -21.39 -11.32
C26 PCW QB . -8.86 -20.58 -10.60
C27 PCW QB . -8.84 -19.04 -10.79
C28 PCW QB . -9.87 -18.40 -9.91
C31 PCW QB . 1.44 -33.36 -1.76
C32 PCW QB . 0.83 -32.60 -0.56
C33 PCW QB . -0.45 -31.69 -0.89
C34 PCW QB . -1.41 -31.56 0.29
C35 PCW QB . -2.77 -31.01 -0.32
C36 PCW QB . -3.39 -29.89 0.54
C37 PCW QB . -4.73 -29.30 0.01
C38 PCW QB . -4.85 -27.83 0.29
C39 PCW QB . -6.14 -27.24 -0.22
C40 PCW QB . -6.37 -26.72 -1.42
C41 PCW QB . -5.35 -26.64 -2.54
C42 PCW QB . -4.73 -25.17 -2.53
C43 PCW QB . -3.29 -24.99 -2.97
C44 PCW QB . -2.98 -23.50 -2.85
C45 PCW QB . -1.80 -23.15 -1.98
C46 PCW QB . -1.86 -21.77 -1.41
C47 PCW QB . -1.31 -20.65 -2.27
C48 PCW QB . -1.44 -19.29 -1.58
N PCW QB . -4.00 -39.55 -0.52
O2 PCW QB . 0.51 -34.20 -2.21
O3 PCW QB . -0.23 -33.45 -4.86
O11 PCW QB . -2.38 -33.31 -4.12
O31 PCW QB . 2.60 -33.20 -2.21
O1P PCW QB . 0.71 -39.29 -2.31
O2P PCW QB . 1.97 -38.42 -0.33
O3P PCW QB . 0.47 -36.85 -1.71
O4P PCW QB . -0.42 -38.53 -0.19
P PCW QB . 0.74 -38.33 -1.15
C1 PCW RB . 0.89 -25.87 -19.46
C2 PCW RB . 1.24 -25.40 -17.99
C3 PCW RB . 2.69 -24.77 -17.97
C4 PCW RB . -2.54 -28.28 -17.87
C5 PCW RB . -2.48 -27.89 -16.40
C6 PCW RB . -4.46 -27.95 -14.80
C7 PCW RB . -2.73 -29.68 -14.70
C8 PCW RB . -2.55 -27.87 -14.36
C11 PCW RB . 4.12 -23.59 -16.45
C12 PCW RB . 4.27 -23.26 -14.99
C13 PCW RB . 3.57 -21.88 -14.73
C14 PCW RB . 3.63 -21.38 -13.28
C15 PCW RB . 2.77 -20.13 -12.95
C16 PCW RB . 3.67 -18.85 -12.84
C17 PCW RB . 3.35 -17.64 -13.79
C18 PCW RB . 4.12 -16.37 -13.46
C19 PCW RB . 5.01 -15.88 -14.62
C20 PCW RB . 4.98 -14.58 -15.10
C21 PCW RB . 4.19 -13.39 -14.71
C22 PCW RB . 5.17 -12.40 -14.03
C23 PCW RB . 6.02 -11.49 -14.96
C24 PCW RB . 7.42 -11.19 -14.52
C25 PCW RB . 7.85 -9.75 -14.10
C26 PCW RB . 7.78 -9.42 -12.63
C27 PCW RB . 9.12 -9.35 -11.86
C28 PCW RB . 8.90 -9.65 -10.39
C31 PCW RB . -0.40 -24.60 -16.47
C32 PCW RB . -1.32 -23.40 -16.17
C33 PCW RB . -2.28 -23.58 -14.90
C34 PCW RB . -1.62 -23.21 -13.59
C35 PCW RB . -2.80 -22.80 -12.61
C36 PCW RB . -2.47 -21.56 -11.75
C37 PCW RB . -3.60 -21.10 -10.77
C38 PCW RB . -3.46 -19.65 -10.41
C39 PCW RB . -4.54 -19.19 -9.47
C40 PCW RB . -4.51 -18.13 -8.66
C41 PCW RB . -3.33 -17.17 -8.54
C42 PCW RB . -3.60 -16.23 -7.29
C43 PCW RB . -3.48 -16.82 -5.90
C44 PCW RB . -3.79 -15.71 -4.91
C45 PCW RB . -3.77 -16.12 -3.46
C46 PCW RB . -5.04 -15.79 -2.74
C47 PCW RB . -5.59 -16.86 -1.81
C48 PCW RB . -6.88 -16.40 -1.13
N PCW RB . -3.29 -28.58 -15.44
O2 PCW RB . 0.30 -24.32 -17.58
O3 PCW RB . 3.00 -24.35 -16.64
O11 PCW RB . 4.88 -23.26 -17.32
O31 PCW RB . -0.31 -25.66 -15.78
O1P PCW RB . -2.38 -27.41 -20.63
O2P PCW RB . -0.10 -28.39 -20.51
O3P PCW RB . -0.52 -25.98 -19.71
O4P PCW RB . -1.25 -27.95 -18.45
P PCW RB . -1.09 -27.47 -19.89
C1 PCW SB . 25.30 -14.66 -15.39
C2 PCW SB . 25.04 -13.15 -14.98
C3 PCW SB . 25.65 -12.86 -13.58
C4 PCW SB . 25.07 -18.16 -16.41
C5 PCW SB . 25.55 -19.30 -15.52
C6 PCW SB . 23.26 -20.03 -14.66
C7 PCW SB . 25.14 -21.58 -14.63
C8 PCW SB . 24.97 -20.01 -13.68
C11 PCW SB . 24.72 -11.24 -12.07
C12 PCW SB . 24.58 -9.75 -11.89
C13 PCW SB . 25.53 -9.32 -10.71
C14 PCW SB . 25.52 -7.83 -10.38
C15 PCW SB . 24.45 -7.37 -9.33
C16 PCW SB . 24.75 -5.91 -8.84
C17 PCW SB . 24.31 -4.73 -9.77
C18 PCW SB . 23.08 -3.98 -9.26
C19 PCW SB . 22.31 -3.24 -10.38
C20 PCW SB . 21.62 -2.07 -10.16
C21 PCW SB . 21.40 -1.24 -8.94
C22 PCW SB . 21.13 0.22 -9.43
C23 PCW SB . 21.08 1.32 -8.35
C24 PCW SB . 21.08 2.74 -8.84
C25 PCW SB . 20.25 3.85 -8.11
C26 PCW SB . 19.90 5.08 -8.93
C27 PCW SB . 19.50 6.36 -8.18
C28 PCW SB . 18.49 7.14 -8.98
C31 PCW SB . 24.95 -11.97 -17.03
C32 PCW SB . 25.75 -11.01 -17.93
C33 PCW SB . 25.52 -9.46 -17.63
C34 PCW SB . 26.80 -8.74 -17.21
C35 PCW SB . 26.70 -8.58 -15.64
C36 PCW SB . 28.07 -8.76 -14.94
C37 PCW SB . 28.05 -8.61 -13.39
C38 PCW SB . 29.40 -8.29 -12.84
C39 PCW SB . 29.40 -8.14 -11.34
C40 PCW SB . 30.46 -7.98 -10.55
C41 PCW SB . 31.90 -7.91 -11.06
C42 PCW SB . 32.86 -8.40 -9.89
C43 PCW SB . 33.87 -9.48 -10.20
C44 PCW SB . 34.65 -9.75 -8.92
C45 PCW SB . 36.10 -9.33 -8.94
C46 PCW SB . 36.37 -8.04 -8.21
C47 PCW SB . 36.57 -8.15 -6.72
C48 PCW SB . 36.84 -6.77 -6.10
N PCW SB . 24.64 -20.32 -15.11
O2 PCW SB . 25.69 -12.24 -15.96
O3 PCW SB . 25.41 -11.49 -13.22
O11 PCW SB . 24.30 -12.08 -11.32
O31 PCW SB . 23.79 -12.42 -17.28
O1P PCW SB . 24.82 -15.79 -18.09
O2P PCW SB . 27.28 -16.11 -18.38
O3P PCW SB . 26.37 -14.84 -16.34
O4P PCW SB . 26.19 -17.25 -16.58
P PCW SB . 26.15 -16.00 -17.43
C1 PCW TB . 19.60 -18.60 -17.29
C2 PCW TB . 19.53 -17.03 -17.11
C3 PCW TB . 18.05 -16.54 -17.31
C4 PCW TB . 22.90 -17.48 -19.47
C5 PCW TB . 22.40 -16.19 -20.12
C6 PCW TB . 21.83 -14.27 -18.53
C7 PCW TB . 23.62 -14.02 -20.18
C8 PCW TB . 21.81 -14.26 -20.49
C11 PCW TB . 18.31 -14.33 -18.21
C12 PCW TB . 18.13 -12.88 -17.83
C13 PCW TB . 16.62 -12.49 -18.12
C14 PCW TB . 16.26 -11.04 -17.79
C15 PCW TB . 14.75 -10.67 -17.99
C16 PCW TB . 14.07 -10.35 -16.61
C17 PCW TB . 13.80 -8.85 -16.26
C18 PCW TB . 12.53 -8.27 -16.92
C19 PCW TB . 11.25 -8.58 -16.11
C20 PCW TB . 10.72 -7.68 -15.19
C21 PCW TB . 11.16 -6.34 -14.74
C22 PCW TB . 11.02 -6.30 -13.19
C23 PCW TB . 10.30 -5.09 -12.55
C24 PCW TB . 8.96 -5.35 -11.92
C25 PCW TB . 8.69 -5.01 -10.42
C26 PCW TB . 7.83 -5.99 -9.66
C27 PCW TB . 6.51 -5.46 -9.04
C28 PCW TB . 5.56 -6.61 -8.82
C31 PCW TB . 21.24 -16.50 -15.55
C32 PCW TB . 21.49 -16.12 -14.08
C33 PCW TB . 21.54 -14.54 -13.77
C34 PCW TB . 21.42 -13.67 -15.02
C35 PCW TB . 20.53 -12.43 -14.58
C36 PCW TB . 21.20 -11.07 -14.91
C37 PCW TB . 20.38 -9.81 -14.50
C38 PCW TB . 20.76 -8.62 -15.30
C39 PCW TB . 19.98 -7.38 -14.93
C40 PCW TB . 18.97 -6.84 -15.61
C41 PCW TB . 18.43 -7.37 -16.92
C42 PCW TB . 18.46 -6.19 -17.99
C43 PCW TB . 19.31 -6.36 -19.24
C44 PCW TB . 19.13 -5.09 -20.06
C45 PCW TB . 20.39 -4.27 -20.24
C46 PCW TB . 20.46 -3.09 -19.31
C47 PCW TB . 20.66 -1.73 -19.95
C48 PCW TB . 20.73 -0.62 -18.89
N PCW TB . 22.72 -14.93 -19.50
O2 PCW TB . 19.92 -16.66 -15.72
O3 PCW TB . 17.97 -15.11 -17.16
O11 PCW TB . 18.68 -14.71 -19.29
O31 PCW TB . 22.13 -16.64 -16.43
O1P PCW TB . 23.15 -19.90 -17.88
O2P PCW TB . 21.12 -20.59 -19.16
O3P PCW TB . 20.90 -19.16 -17.03
O4P PCW TB . 21.72 -18.27 -19.15
P PCW TB . 21.77 -19.54 -18.34
C1 PCW UB . 32.47 -18.85 -8.45
C2 PCW UB . 31.58 -17.55 -8.49
C3 PCW UB . 30.71 -17.45 -7.20
C4 PCW UB . 34.47 -18.47 -12.86
C5 PCW UB . 35.03 -17.07 -13.16
C6 PCW UB . 35.73 -15.41 -14.96
C7 PCW UB . 33.58 -16.59 -15.13
C8 PCW UB . 34.12 -15.37 -13.84
C11 PCW UB . 28.55 -16.41 -7.09
C12 PCW UB . 27.89 -15.06 -7.19
C13 PCW UB . 27.65 -14.74 -8.72
C14 PCW UB . 26.98 -13.40 -9.02
C15 PCW UB . 27.67 -12.14 -8.40
C16 PCW UB . 29.09 -11.92 -9.03
C17 PCW UB . 30.03 -10.89 -8.32
C18 PCW UB . 30.14 -11.09 -6.80
C19 PCW UB . 31.10 -10.10 -6.12
C20 PCW UB . 30.75 -8.78 -5.85
C21 PCW UB . 29.52 -8.00 -6.11
C22 PCW UB . 29.97 -6.52 -6.35
C23 PCW UB . 29.14 -5.67 -7.35
C24 PCW UB . 28.25 -4.62 -6.77
C25 PCW UB . 27.84 -3.37 -7.60
C26 PCW UB . 26.71 -2.51 -7.05
C27 PCW UB . 25.94 -1.59 -8.03
C28 PCW UB . 24.94 -0.75 -7.27
C31 PCW UB . 32.48 -15.73 -9.72
C32 PCW UB . 33.41 -14.50 -9.61
C33 PCW UB . 32.83 -13.28 -8.75
C34 PCW UB . 33.62 -13.02 -7.47
C35 PCW UB . 32.98 -13.96 -6.36
C36 PCW UB . 34.03 -14.47 -5.35
C37 PCW UB . 33.46 -15.41 -4.23
C38 PCW UB . 34.05 -15.10 -2.89
C39 PCW UB . 33.53 -16.00 -1.80
C40 PCW UB . 32.90 -15.62 -0.68
C41 PCW UB . 32.61 -14.18 -0.30
C42 PCW UB . 32.27 -14.13 1.26
C43 PCW UB . 30.94 -13.57 1.70
C44 PCW UB . 30.90 -13.66 3.22
C45 PCW UB . 30.46 -12.40 3.93
C46 PCW UB . 31.15 -12.17 5.24
C47 PCW UB . 30.84 -10.87 5.95
C48 PCW UB . 31.61 -10.77 7.26
N PCW UB . 34.87 -16.50 -14.46
O2 PCW UB . 32.45 -16.34 -8.54
O3 PCW UB . 29.90 -16.26 -7.26
O11 PCW UB . 27.98 -17.44 -6.91
O31 PCW UB . 31.84 -16.08 -10.76
O1P PCW UB . 33.68 -20.73 -11.20
O2P PCW UB . 31.53 -19.49 -11.05
O3P PCW UB . 33.49 -18.91 -9.47
O4P PCW UB . 33.46 -18.30 -11.83
P PCW UB . 33.01 -19.42 -10.92
C1 PCW VB . 31.61 -26.79 -5.20
C2 PCW VB . 31.98 -25.35 -4.64
C3 PCW VB . 32.31 -24.36 -5.81
C4 PCW VB . 28.00 -24.57 -7.06
C5 PCW VB . 28.43 -23.11 -7.27
C6 PCW VB . 26.17 -22.20 -8.01
C7 PCW VB . 27.84 -20.72 -7.01
C8 PCW VB . 27.96 -21.64 -8.61
C11 PCW VB . 32.05 -21.97 -5.82
C12 PCW VB . 32.51 -20.73 -5.09
C13 PCW VB . 31.25 -20.08 -4.41
C14 PCW VB . 31.52 -18.80 -3.62
C15 PCW VB . 30.31 -17.84 -3.43
C16 PCW VB . 29.40 -18.33 -2.23
C17 PCW VB . 27.90 -18.64 -2.56
C18 PCW VB . 27.72 -19.77 -3.58
C19 PCW VB . 26.67 -20.82 -3.13
C20 PCW VB . 25.44 -20.95 -3.76
C21 PCW VB . 24.82 -20.24 -4.90
C22 PCW VB . 23.60 -19.46 -4.33
C23 PCW VB . 23.47 -17.95 -4.69
C24 PCW VB . 23.00 -17.04 -3.60
C25 PCW VB . 23.90 -16.77 -2.35
C26 PCW VB . 23.18 -16.22 -1.13
C27 PCW VB . 24.04 -15.87 0.10
C28 PCW VB . 23.59 -14.56 0.70
C31 PCW VB . 31.14 -24.32 -2.69
C32 PCW VB . 29.86 -23.77 -2.04
C33 PCW VB . 30.05 -23.02 -0.64
C34 PCW VB . 30.42 -21.55 -0.77
C35 PCW VB . 31.64 -21.32 0.21
C36 PCW VB . 32.89 -20.78 -0.51
C37 PCW VB . 34.14 -20.53 0.40
C38 PCW VB . 35.37 -20.30 -0.42
C39 PCW VB . 36.58 -20.05 0.44
C40 PCW VB . 37.21 -18.89 0.63
C41 PCW VB . 36.78 -17.58 0.01
C42 PCW VB . 37.25 -16.40 0.97
C43 PCW VB . 36.52 -15.07 0.89
C44 PCW VB . 37.16 -14.14 1.91
C45 PCW VB . 36.20 -13.38 2.78
C46 PCW VB . 35.87 -12.00 2.28
C47 PCW VB . 34.50 -11.48 2.60
C48 PCW VB . 34.30 -10.07 2.03
N PCW VB . 27.44 -22.08 -7.27
O2 PCW VB . 30.83 -24.79 -3.89
O3 PCW VB . 32.64 -23.07 -5.27
O11 PCW VB . 31.27 -21.99 -6.74
O31 PCW VB . 32.30 -24.31 -2.16
O1P PCW VB . 28.31 -27.44 -6.84
O2P PCW VB . 28.85 -26.91 -4.47
O3P PCW VB . 30.67 -26.77 -6.30
O4P PCW VB . 28.90 -25.12 -6.07
P PCW VB . 29.12 -26.61 -5.89
C1 PCW WB . -9.90 -23.34 -28.87
C2 PCW WB . -10.23 -22.26 -27.75
C3 PCW WB . -9.71 -20.86 -28.20
C4 PCW WB . -11.84 -26.54 -26.71
C5 PCW WB . -11.69 -26.85 -25.22
C6 PCW WB . -13.37 -25.84 -23.82
C7 PCW WB . -12.60 -27.98 -23.32
C8 PCW WB . -13.97 -27.78 -25.12
C11 PCW WB . -11.01 -19.01 -27.41
C12 PCW WB . -11.12 -18.06 -26.24
C13 PCW WB . -10.12 -16.87 -26.48
C14 PCW WB . -10.09 -15.81 -25.38
C15 PCW WB . -8.85 -15.85 -24.43
C16 PCW WB . -8.81 -14.57 -23.53
C17 PCW WB . -8.62 -14.79 -21.98
C18 PCW WB . -9.93 -14.76 -21.20
C19 PCW WB . -10.27 -16.13 -20.55
C20 PCW WB . -11.22 -16.26 -19.55
C21 PCW WB . -12.09 -15.28 -18.85
C22 PCW WB . -11.55 -15.15 -17.39
C23 PCW WB . -10.73 -13.88 -17.05
C24 PCW WB . -10.95 -13.29 -15.68
C25 PCW WB . -11.69 -11.93 -15.50
C26 PCW WB . -12.77 -11.88 -14.44
C27 PCW WB . -13.10 -10.51 -13.82
C28 PCW WB . -13.83 -10.69 -12.52
C31 PCW WB . -12.20 -22.81 -26.55
C32 PCW WB . -13.73 -22.58 -26.50
C33 PCW WB . -14.24 -21.61 -25.34
C34 PCW WB . -14.24 -22.26 -23.97
C35 PCW WB . -15.45 -21.62 -23.18
C36 PCW WB . -15.38 -21.89 -21.66
C37 PCW WB . -16.53 -21.28 -20.81
C38 PCW WB . -16.04 -20.76 -19.50
C39 PCW WB . -17.13 -20.15 -18.66
C40 PCW WB . -17.15 -18.96 -18.09
C41 PCW WB . -16.03 -17.95 -18.21
C42 PCW WB . -16.54 -16.74 -19.12
C43 PCW WB . -17.13 -15.52 -18.45
C44 PCW WB . -17.52 -14.56 -19.57
C45 PCW WB . -19.00 -14.43 -19.82
C46 PCW WB . -19.34 -14.13 -21.25
C47 PCW WB . -20.82 -14.01 -21.57
C48 PCW WB . -21.04 -13.70 -23.06
N PCW WB . -12.84 -27.10 -24.41
O2 PCW WB . -11.71 -22.14 -27.58
O3 PCW WB . -9.99 -19.89 -27.19
O11 PCW WB . -11.71 -18.97 -28.39
O31 PCW WB . -11.55 -23.53 -25.73
O1P PCW WB . -11.48 -25.49 -29.36
O2P PCW WB . -9.46 -26.94 -29.36
O3P PCW WB . -9.36 -24.58 -28.35
O4P PCW WB . -10.50 -26.44 -27.26
P PCW WB . -10.23 -25.90 -28.64
C1 17F XB . 30.45 -25.42 5.84
N1 17F XB . 32.89 -24.97 5.44
O1 17F XB . 31.38 -24.01 8.21
P1 17F XB . 30.79 -25.39 8.36
C2 17F XB . 31.84 -25.98 5.47
O2 17F XB . 31.74 -26.49 8.75
C3 17F XB . 31.78 -26.70 4.12
O3 17F XB . 30.04 -25.89 7.09
C4 17F XB . 28.95 -26.59 9.83
O4 17F XB . 32.55 -26.40 3.14
C5 17F XB . 27.91 -26.36 10.96
O5 17F XB . 30.96 -27.59 3.93
C6 17F XB . 28.33 -27.15 12.23
O6 17F XB . 29.67 -25.40 9.49
C7 17F XB . 27.77 -27.25 14.49
O7 17F XB . 27.40 -26.96 13.29
C8 17F XB . 26.60 -26.91 15.45
O8 17F XB . 28.82 -27.68 14.91
C9 17F XB . 26.67 -25.44 15.99
O9 17F XB . 27.71 -24.96 11.26
C10 17F XB . 25.52 -25.01 16.97
O10 17F XB . 26.49 -24.44 9.38
C11 17F XB . 25.52 -23.48 17.34
C12 17F XB . 24.35 -23.09 18.33
C17 17F XB . 26.69 -24.46 10.60
C18 17F XB . 25.67 -23.83 11.53
C19 17F XB . 24.63 -24.82 12.10
C20 17F XB . 23.65 -24.14 13.14
C1X 17F XB . 24.41 -21.59 18.64
C1Y 17F XB . 22.64 -25.17 13.68
C1Z 17F XB . 21.24 -24.93 13.09
C2X 17F XB . 23.23 -21.13 19.64
C21 17F XB . 22.03 -20.48 18.91
C22 17F XB . 21.77 -19.22 18.90
C23 17F XB . 22.52 -18.16 19.59
C24 17F XB . 21.77 -17.48 20.73
C25 17F XB . 22.50 -16.38 21.47
C26 17F XB . 23.74 -16.83 22.38
C27 17F XB . 24.44 -15.69 23.10
C28 17F XB . 25.62 -16.32 23.94
C29 17F XB . 25.18 -16.50 25.33
C30 17F XB . 26.21 -17.07 26.24
C31 17F XB . 20.18 -24.22 14.01
C32 17F XB . 18.78 -24.01 13.37
C33 17F XB . 18.48 -22.52 13.33
C34 17F XB . 17.36 -22.00 12.83
C35 17F XB . 16.19 -22.75 12.23
C36 17F XB . 14.84 -22.54 12.98
C37 17F XB . 13.84 -21.99 12.03
C38 17F XB . 12.37 -22.34 12.36
C39 17F XB . 11.39 -21.73 11.34
C40 17F XB . 11.23 -22.67 10.14
C41 17F XB . 10.13 -23.76 10.44
C42 17F XB . 9.09 -24.07 9.35
C1 17F YB . 10.82 -30.39 -12.79
N1 17F YB . 12.66 -30.02 -14.43
O1 17F YB . 12.80 -32.26 -11.14
P1 17F YB . 11.30 -32.19 -11.06
C2 17F YB . 11.26 -30.33 -14.26
O2 17F YB . 10.58 -33.46 -10.69
C3 17F YB . 10.41 -29.28 -15.00
O3 17F YB . 10.66 -31.71 -12.39
C4 17F YB . 9.45 -30.86 -9.72
O4 17F YB . 10.94 -28.31 -15.66
C5 17F YB . 9.23 -29.77 -8.63
O5 17F YB . 9.19 -29.34 -14.99
C6 17F YB . 7.78 -29.83 -8.11
O6 17F YB . 10.83 -31.12 -9.99
C7 17F YB . 6.68 -29.15 -6.17
O7 17F YB . 7.53 -28.87 -7.10
C8 17F YB . 6.63 -27.96 -5.19
O8 17F YB . 5.99 -30.12 -5.99
C9 17F YB . 5.38 -27.07 -5.36
O9 17F YB . 10.17 -29.88 -7.54
C10 17F YB . 5.28 -25.84 -4.39
O10 17F YB . 12.07 -28.77 -8.25
C11 17F YB . 6.39 -24.73 -4.60
C12 17F YB . 6.24 -23.54 -3.59
C17 17F YB . 11.05 -28.89 -7.55
C18 17F YB . 10.70 -27.82 -6.54
C19 17F YB . 11.01 -26.37 -7.00
C20 17F YB . 9.83 -25.38 -6.68
C1X 17F YB . 7.34 -22.50 -3.83
C1Y 17F YB . 10.17 -23.95 -7.17
C1Z 17F YB . 8.96 -23.04 -7.04
C2X 17F YB . 7.22 -21.25 -2.82
C21 17F YB . 6.93 -19.91 -3.56
C22 17F YB . 7.67 -18.85 -3.49
C23 17F YB . 8.91 -18.68 -2.70
C24 17F YB . 9.46 -17.26 -2.71
C25 17F YB . 10.73 -17.02 -1.91
C26 17F YB . 11.21 -15.49 -1.80
C27 17F YB . 12.47 -15.27 -1.00
C28 17F YB . 12.77 -13.72 -1.01
C29 17F YB . 13.77 -13.43 -2.06
C30 17F YB . 14.15 -11.99 -2.19
C31 17F YB . 8.19 -22.68 -8.35
C32 17F YB . 6.97 -21.75 -8.19
C33 17F YB . 5.79 -22.31 -8.99
C34 17F YB . 4.60 -21.74 -9.07
C35 17F YB . 4.14 -20.47 -8.39
C36 17F YB . 2.60 -20.32 -8.24
C37 17F YB . 2.31 -19.51 -7.04
C38 17F YB . 1.01 -18.65 -7.12
C39 17F YB . 0.78 -17.85 -5.84
C40 17F YB . 0.26 -16.44 -6.17
C41 17F YB . 0.29 -15.52 -4.90
C42 17F YB . 0.01 -14.01 -5.07
C1 17F ZB . 12.92 -23.61 -18.48
N1 17F ZB . 11.40 -22.12 -19.81
O1 17F ZB . 15.27 -21.64 -17.65
P1 17F ZB . 14.40 -22.49 -16.74
C2 17F ZB . 12.70 -22.77 -19.75
O2 17F ZB . 14.97 -23.81 -16.32
C3 17F ZB . 12.90 -23.66 -20.99
O3 17F ZB . 13.01 -22.78 -17.36
C4 17F ZB . 13.24 -22.33 -14.39
O4 17F ZB . 11.99 -23.77 -21.91
C5 17F ZB . 13.03 -21.43 -13.14
O5 17F ZB . 13.93 -24.30 -21.15
C6 17F ZB . 13.76 -22.05 -11.92
O6 17F ZB . 14.06 -21.73 -15.39
C7 17F ZB . 12.70 -21.61 -9.89
O7 17F ZB . 13.61 -21.27 -10.74
C8 17F ZB . 12.77 -20.61 -8.70
O8 17F ZB . 11.91 -22.52 -9.89
C9 17F ZB . 11.39 -20.29 -8.09
O9 17F ZB . 13.44 -20.07 -13.35
C10 17F ZB . 11.39 -19.29 -6.88
O10 17F ZB . 11.87 -19.18 -14.78
C11 17F ZB . 11.52 -17.76 -7.28
C12 17F ZB . 11.52 -16.82 -6.03
C17 17F ZB . 12.42 -19.30 -13.68
C18 17F ZB . 11.92 -18.49 -12.50
C19 17F ZB . 10.54 -18.94 -11.95
C20 17F ZB . 9.83 -17.81 -11.12
C1X 17F ZB . 11.64 -15.35 -6.45
C1Y 17F ZB . 8.46 -18.31 -10.59
C1Z 17F ZB . 8.04 -17.50 -9.36
C2X 17F ZB . 11.64 -14.35 -5.19
C21 17F ZB . 11.13 -12.93 -5.56
C22 17F ZB . 10.33 -12.22 -4.82
C23 17F ZB . 9.75 -12.59 -3.53
C24 17F ZB . 8.26 -12.91 -3.58
C25 17F ZB . 7.59 -13.30 -2.28
C26 17F ZB . 6.12 -12.72 -2.04
C27 17F ZB . 5.47 -13.12 -0.73
C28 17F ZB . 4.04 -12.47 -0.68
C29 17F ZB . 3.12 -13.42 -0.03
C30 17F ZB . 1.70 -12.92 0.09
C31 17F ZB . 6.53 -17.64 -8.90
C32 17F ZB . 6.14 -16.80 -7.65
C33 17F ZB . 4.66 -16.44 -7.73
C34 17F ZB . 4.01 -15.72 -6.82
C35 17F ZB . 4.57 -15.14 -5.54
C36 17F ZB . 4.92 -16.19 -4.44
C37 17F ZB . 3.89 -16.12 -3.37
C38 17F ZB . 3.36 -17.50 -2.89
C39 17F ZB . 2.31 -17.34 -1.77
C40 17F ZB . 2.44 -18.46 -0.74
C41 17F ZB . 2.22 -17.91 0.73
C42 17F ZB . 2.67 -18.76 1.92
C1 17F AC . 30.49 -30.70 17.18
N1 17F AC . 32.70 -31.70 17.75
O1 17F AC . 28.92 -28.53 18.88
P1 17F AC . 28.99 -30.03 19.13
C2 17F AC . 31.33 -31.97 17.36
O2 17F AC . 30.00 -30.50 20.14
C3 17F AC . 31.30 -32.77 16.05
O3 17F AC . 29.26 -30.83 17.83
C4 17F AC . 27.43 -32.00 19.92
O4 17F AC . 32.39 -33.12 15.44
C5 17F AC . 25.99 -32.35 20.38
O5 17F AC . 30.25 -33.12 15.53
C6 17F AC . 25.79 -33.90 20.34
O6 17F AC . 27.61 -30.60 19.62
C7 17F AC . 24.37 -35.32 21.52
O7 17F AC . 24.48 -34.27 20.75
C8 17F AC . 22.86 -35.54 21.81
O8 17F AC . 25.20 -36.06 21.96
C9 17F AC . 22.48 -35.26 23.29
O9 17F AC . 25.68 -31.82 21.68
C10 17F AC . 20.97 -35.47 23.68
O10 17F AC . 23.41 -31.75 22.01
C11 17F AC . 19.93 -34.84 22.66
C12 17F AC . 18.45 -35.08 23.13
C17 17F AC . 24.50 -31.26 21.71
C18 17F AC . 24.54 -29.80 21.30
C19 17F AC . 23.99 -28.81 22.35
C20 17F AC . 22.61 -28.18 21.92
C1X 17F AC . 17.46 -34.46 22.12
C1Y 17F AC . 22.09 -27.20 23.01
C1Z 17F AC . 21.18 -27.92 24.01
C2X 17F AC . 15.92 -34.69 22.55
C21 17F AC . 15.21 -35.77 21.70
C22 17F AC . 14.32 -35.53 20.79
C23 17F AC . 13.81 -34.22 20.38
C24 17F AC . 13.03 -34.21 19.07
C25 17F AC . 12.47 -32.88 18.60
C26 17F AC . 12.11 -32.79 17.04
C27 17F AC . 11.57 -31.44 16.60
C28 17F AC . 11.28 -31.53 15.04
C29 17F AC . 12.43 -30.97 14.32
C30 17F AC . 12.31 -30.98 12.82
C31 17F AC . 20.24 -27.02 24.89
C32 17F AC . 19.34 -27.79 25.90
C33 17F AC . 18.22 -28.50 25.14
C34 17F AC . 17.27 -29.25 25.69
C35 17F AC . 17.09 -29.55 27.15
C36 17F AC . 15.64 -29.87 27.59
C37 17F AC . 14.89 -28.60 27.75
C38 17F AC . 13.50 -28.57 27.06
C39 17F AC . 12.79 -27.22 27.27
C40 17F AC . 11.78 -27.31 28.42
C41 17F AC . 10.47 -26.49 28.08
C42 17F AC . 9.16 -26.85 28.79
C1 17F BC . 27.25 -6.35 -34.89
N1 17F BC . 29.34 -7.58 -35.50
O1 17F BC . 29.10 -5.07 -37.70
P1 17F BC . 27.79 -4.97 -36.94
C2 17F BC . 28.62 -6.89 -34.44
O2 17F BC . 27.05 -5.57 -38.12
C3 17F BC . 28.43 -7.83 -33.24
O3 17F BC . 27.19 -6.23 -36.27
C4 17F BC . 25.55 -3.61 -36.65
O4 17F BC . 28.87 -9.03 -33.24
C5 17F BC . 24.76 -2.38 -37.17
O5 17F BC . 27.85 -7.44 -32.22
C6 17F BC . 23.87 -1.79 -36.04
O6 17F BC . 26.81 -3.79 -37.31
C7 17F BC . 22.63 0.16 -35.63
O7 17F BC . 23.13 -0.67 -36.50
C8 17F BC . 21.90 1.27 -36.42
O8 17F BC . 22.69 0.15 -34.43
C9 17F BC . 20.36 1.12 -36.39
O9 17F BC . 25.60 -1.38 -37.76
C10 17F BC . 19.56 2.23 -37.18
O10 17F BC . 24.41 -1.39 -39.73
C11 17F BC . 18.34 1.69 -38.02
C12 17F BC . 17.59 2.83 -38.79
C17 17F BC . 25.08 -0.84 -38.83
C18 17F BC . 25.35 0.64 -38.93
C19 17F BC . 25.92 1.12 -40.28
C20 17F BC . 27.39 0.60 -40.52
C1X 17F BC . 16.40 2.26 -39.59
C1Y 17F BC . 27.94 1.09 -41.88
C1Z 17F BC . 28.62 2.46 -41.72
C2X 17F BC . 15.62 3.41 -40.39
C21 17F BC . 14.65 4.23 -39.48
C22 17F BC . 14.59 5.51 -39.44
C23 17F BC . 15.39 6.47 -40.23
C24 17F BC . 16.50 7.15 -39.44
C25 17F BC . 17.36 8.15 -40.20
C26 17F BC . 18.60 8.76 -39.39
C27 17F BC . 19.44 9.75 -40.16
C28 17F BC . 20.59 10.24 -39.21
C29 17F BC . 20.20 11.53 -38.62
C30 17F BC . 21.21 12.13 -37.69
C31 17F BC . 29.98 2.67 -42.51
C32 17F BC . 30.63 4.05 -42.32
C33 17F BC . 32.04 3.88 -41.75
C34 17F BC . 32.87 4.87 -41.47
C35 17F BC . 32.62 6.36 -41.64
C36 17F BC . 33.76 7.13 -42.35
C37 17F BC . 34.43 8.02 -41.37
C38 17F BC . 35.71 8.71 -41.89
C39 17F BC . 36.34 9.61 -40.80
C40 17F BC . 36.60 11.02 -41.36
C41 17F BC . 35.26 11.86 -41.38
C42 17F BC . 34.57 12.22 -40.06
C1 17F CC . -6.96 -33.69 -14.12
N1 17F CC . -5.55 -35.63 -14.85
O1 17F CC . -4.85 -31.71 -16.63
P1 17F CC . -5.58 -31.91 -15.31
C2 17F CC . -6.11 -34.91 -13.72
O2 17F CC . -4.71 -32.02 -14.09
C3 17F CC . -6.96 -35.87 -12.87
O3 17F CC . -6.52 -33.14 -15.32
C4 17F CC . -7.33 -30.61 -13.81
O4 17F CC . -7.11 -37.12 -13.17
C5 17F CC . -8.21 -29.33 -13.68
O5 17F CC . -7.53 -35.48 -11.85
C6 17F CC . -8.00 -28.40 -14.90
O6 17F CC . -6.54 -30.67 -15.01
C7 17F CC . -9.13 -26.60 -15.89
O7 17F CC . -8.78 -27.23 -14.80
C8 17F CC . -9.94 -25.35 -15.47
O8 17F CC . -8.90 -26.85 -17.04
C9 17F CC . -11.12 -25.04 -16.41
O9 17F CC . -9.60 -29.64 -13.50
C10 17F CC . -11.98 -23.77 -16.03
O10 17F CC . -10.45 -28.14 -11.97
C11 17F CC . -11.23 -22.68 -15.18
C12 17F CC . -12.16 -21.46 -14.84
C17 17F CC . -10.03 -29.26 -12.32
C18 17F CC . -9.99 -30.38 -11.30
C19 17F CC . -10.10 -29.94 -9.82
C20 17F CC . -10.59 -31.11 -8.89
C1X 17F CC . -11.38 -20.43 -14.00
C1Y 17F CC . -10.69 -30.64 -7.42
C1Z 17F CC . -11.97 -29.81 -7.22
C2X 17F CC . -12.30 -19.16 -13.63
C21 17F CC . -11.44 -17.85 -13.49
C22 17F CC . -11.94 -16.69 -13.23
C23 17F CC . -13.35 -16.33 -13.03
C24 17F CC . -14.14 -16.12 -14.31
C25 17F CC . -15.61 -15.76 -14.15
C26 17F CC . -15.98 -14.22 -14.43
C27 17F CC . -17.45 -13.88 -14.26
C28 17F CC . -17.62 -12.35 -14.57
C29 17F CC . -18.85 -11.86 -13.93
C30 17F CC . -19.13 -10.41 -14.15
C31 17F CC . -12.39 -29.47 -5.74
C32 17F CC . -13.67 -28.64 -5.59
C33 17F CC . -13.36 -27.36 -4.81
C34 17F CC . -14.25 -26.42 -4.51
C35 17F CC . -15.71 -26.40 -4.86
C36 17F CC . -16.65 -27.01 -3.78
C37 17F CC . -17.95 -26.29 -3.81
C38 17F CC . -18.31 -25.55 -2.49
C39 17F CC . -19.66 -24.83 -2.60
C40 17F CC . -20.27 -24.63 -1.20
C41 17F CC . -21.57 -25.53 -1.03
C42 17F CC . -21.65 -26.49 0.16
C1 17F DC . 2.99 -36.61 -9.84
N1 17F DC . 4.98 -35.35 -10.72
O1 17F DC . 1.59 -36.21 -6.96
P1 17F DC . 1.81 -35.22 -8.09
C2 17F DC . 4.15 -36.54 -10.86
O2 17F DC . 0.66 -35.03 -9.05
C3 17F DC . 3.57 -36.61 -12.28
O3 17F DC . 3.05 -35.55 -8.94
C4 17F DC . 2.36 -32.67 -8.41
O4 17F DC . 3.83 -35.72 -13.18
C5 17F DC . 2.64 -31.33 -7.67
O5 17F DC . 2.85 -37.53 -12.63
C6 17F DC . 2.42 -30.15 -8.66
O6 17F DC . 2.12 -33.77 -7.53
C7 17F DC . 2.47 -27.82 -8.75
O7 17F DC . 2.67 -28.90 -8.05
C8 17F DC . 2.84 -26.61 -7.88
O8 17F DC . 2.08 -27.69 -9.88
C9 17F DC . 1.74 -25.51 -7.84
O9 17F DC . 1.88 -31.18 -6.48
C10 17F DC . 2.09 -24.24 -6.96
O10 17F DC . 2.90 -32.59 -4.99
C11 17F DC . 1.95 -24.46 -5.41
C12 17F DC . 2.30 -23.17 -4.59
C17 17F DC . 2.57 -31.48 -5.40
C18 17F DC . 2.95 -30.26 -4.60
C19 17F DC . 1.82 -29.21 -4.43
C20 17F DC . 2.01 -28.31 -3.15
C1X 17F DC . 2.16 -23.44 -3.09
C1Y 17F DC . 0.86 -27.28 -3.03
C1Z 17F DC . 0.22 -27.34 -1.63
C2X 17F DC . 2.51 -22.14 -2.20
C21 17F DC . 1.83 -22.17 -0.80
C22 17F DC . 2.42 -22.48 0.30
C23 17F DC . 3.82 -22.87 0.47
C24 17F DC . 4.06 -24.38 0.58
C25 17F DC . 5.50 -24.82 0.76
C26 17F DC . 6.12 -25.67 -0.45
C27 17F DC . 7.55 -26.11 -0.24
C28 17F DC . 7.99 -26.93 -1.51
C29 17F DC . 9.37 -26.55 -1.86
C30 17F DC . 9.92 -27.27 -3.06
C31 17F DC . 1.06 -26.74 -0.45
C32 17F DC . 0.38 -26.81 0.95
C33 17F DC . 0.35 -28.26 1.42
C34 17F DC . -0.16 -28.67 2.58
C35 17F DC . -0.82 -27.81 3.65
C36 17F DC . -2.36 -27.81 3.61
C37 17F DC . -2.86 -26.43 3.89
C38 17F DC . -2.89 -25.50 2.64
C39 17F DC . -3.41 -24.09 3.00
C40 17F DC . -4.31 -23.57 1.88
C41 17F DC . -4.90 -22.15 2.27
C42 17F DC . -5.47 -21.26 1.16
C1 17F EC . 12.56 -42.13 10.53
N1 17F EC . 13.64 -40.60 8.85
O1 17F EC . 10.26 -43.91 11.35
P1 17F EC . 10.08 -42.64 10.53
C2 17F EC . 13.28 -40.79 10.25
O2 17F EC . 9.01 -42.66 9.49
C3 17F EC . 14.54 -40.70 11.12
O3 17F EC . 11.39 -42.21 9.81
C4 17F EC . 9.54 -40.09 10.91
O4 17F EC . 15.71 -40.48 10.63
C5 17F EC . 9.20 -39.01 12.00
O5 17F EC . 14.47 -40.83 12.34
C6 17F EC . 9.47 -37.60 11.43
O6 17F EC . 9.74 -41.40 11.47
C7 17F EC . 10.11 -35.75 12.73
O7 17F EC . 9.18 -36.59 12.39
C8 17F EC . 9.51 -34.78 13.79
O8 17F EC . 11.25 -35.65 12.37
C9 17F EC . 9.15 -35.47 15.12
O9 17F EC . 7.87 -39.15 12.53
C10 17F EC . 8.54 -34.55 16.24
O10 17F EC . 6.66 -39.50 10.58
C11 17F EC . 7.22 -33.79 15.81
C12 17F EC . 6.67 -32.89 16.99
C17 17F EC . 6.92 -38.91 11.64
C18 17F EC . 6.04 -37.74 12.05
C19 17F EC . 6.13 -36.51 11.12
C20 17F EC . 5.55 -35.20 11.79
C1X 17F EC . 5.39 -32.16 16.54
C1Y 17F EC . 5.66 -34.00 10.81
C1Z 17F EC . 4.42 -33.91 9.93
C2X 17F EC . 4.79 -31.24 17.70
C21 17F EC . 5.88 -30.35 18.38
C22 17F EC . 5.98 -29.08 18.22
C23 17F EC . 5.13 -28.21 17.38
C24 17F EC . 5.89 -27.27 16.46
C25 17F EC . 5.05 -26.36 15.58
C26 17F EC . 4.29 -25.16 16.32
C27 17F EC . 3.45 -24.27 15.43
C28 17F EC . 2.81 -23.17 16.35
C29 17F EC . 2.58 -21.96 15.54
C30 17F EC . 1.95 -20.82 16.29
C31 17F EC . 3.90 -32.47 9.59
C32 17F EC . 2.63 -32.40 8.68
C33 17F EC . 1.47 -31.85 9.50
C34 17F EC . 0.24 -31.67 9.03
C35 17F EC . -0.24 -31.95 7.63
C36 17F EC . -1.06 -30.80 6.97
C37 17F EC . -1.25 -31.12 5.53
C38 17F EC . -2.67 -31.66 5.16
C39 17F EC . -2.79 -31.97 3.65
C40 17F EC . -3.99 -32.88 3.39
C41 17F EC . -3.53 -34.28 2.82
C42 17F EC . -4.43 -35.00 1.82
PB GDP FC . -30.62 24.44 5.52
O1B GDP FC . -31.02 23.42 6.54
O2B GDP FC . -31.17 25.80 5.89
O3B GDP FC . -29.12 24.55 5.47
O3A GDP FC . -31.15 24.03 4.06
PA GDP FC . -32.69 23.64 3.77
O1A GDP FC . -33.62 24.78 4.07
O2A GDP FC . -33.11 22.40 4.54
O5' GDP FC . -32.66 23.33 2.19
C5' GDP FC . -31.81 22.29 1.69
C4' GDP FC . -31.97 22.21 0.18
O4' GDP FC . -30.78 21.70 -0.39
C3' GDP FC . -33.11 21.31 -0.23
O3' GDP FC . -33.92 21.97 -1.21
C2' GDP FC . -32.44 20.06 -0.74
O2' GDP FC . -33.17 19.44 -1.82
C1' GDP FC . -31.06 20.51 -1.16
N9 GDP FC . -30.05 19.46 -0.89
C8 GDP FC . -29.40 19.23 0.28
N7 GDP FC . -28.54 18.18 0.13
C5 GDP FC . -28.64 17.76 -1.15
C6 GDP FC . -28.02 16.70 -1.99
O6 GDP FC . -27.16 15.92 -1.51
N1 GDP FC . -28.39 16.60 -3.27
C2 GDP FC . -29.31 17.42 -3.82
N2 GDP FC . -29.64 17.25 -5.12
N3 GDP FC . -29.93 18.41 -3.12
C4 GDP FC . -29.62 18.61 -1.81
MG MG GC . -27.21 25.59 10.88
N LEU A 3 5.23 22.19 -45.92
CA LEU A 3 4.67 21.48 -47.07
C LEU A 3 4.44 20.02 -46.72
N LYS A 4 5.39 19.44 -45.99
CA LYS A 4 5.30 18.04 -45.58
C LYS A 4 4.00 17.74 -44.86
N LEU A 5 3.75 18.50 -43.80
CA LEU A 5 2.55 18.31 -42.99
C LEU A 5 1.29 18.73 -43.74
N LEU A 6 1.43 19.68 -44.65
CA LEU A 6 0.29 20.18 -45.43
C LEU A 6 -0.35 19.08 -46.25
N ASP A 7 0.47 18.41 -47.07
CA ASP A 7 -0.03 17.34 -47.92
C ASP A 7 -0.43 16.13 -47.10
N ASN A 8 0.44 15.76 -46.16
CA ASN A 8 0.19 14.60 -45.30
C ASN A 8 -1.09 14.74 -44.49
N TRP A 9 -1.31 15.92 -43.89
CA TRP A 9 -2.50 16.16 -43.08
C TRP A 9 -3.77 16.09 -43.94
N ASP A 10 -3.69 16.59 -45.17
CA ASP A 10 -4.84 16.56 -46.07
C ASP A 10 -5.26 15.13 -46.34
N SER A 11 -4.28 14.26 -46.54
CA SER A 11 -4.54 12.84 -46.80
C SER A 11 -5.16 12.19 -45.58
N VAL A 12 -4.72 12.60 -44.40
CA VAL A 12 -5.25 12.07 -43.15
C VAL A 12 -6.68 12.55 -42.94
N THR A 13 -6.91 13.84 -43.20
CA THR A 13 -8.24 14.42 -43.04
C THR A 13 -9.25 13.82 -44.00
N SER A 14 -8.84 13.54 -45.23
CA SER A 14 -9.73 12.93 -46.21
C SER A 14 -10.09 11.51 -45.77
N THR A 15 -9.17 10.89 -45.03
CA THR A 15 -9.40 9.56 -44.51
C THR A 15 -10.30 9.64 -43.29
N PHE A 16 -10.18 10.74 -42.54
CA PHE A 16 -11.00 10.95 -41.35
C PHE A 16 -12.44 11.25 -41.74
N SER A 17 -12.62 12.05 -42.79
CA SER A 17 -13.95 12.37 -43.27
C SER A 17 -14.58 11.10 -43.84
N LYS A 18 -13.77 10.32 -44.54
CA LYS A 18 -14.22 9.06 -45.12
C LYS A 18 -14.56 8.07 -44.00
N LEU A 19 -13.82 8.18 -42.90
CA LEU A 19 -14.07 7.33 -41.74
C LEU A 19 -15.44 7.64 -41.18
N ARG A 20 -15.80 8.93 -41.17
CA ARG A 20 -17.10 9.35 -40.69
C ARG A 20 -18.19 8.86 -41.64
N GLU A 21 -17.84 8.77 -42.92
CA GLU A 21 -18.76 8.28 -43.94
C GLU A 21 -19.03 6.80 -43.74
N GLN A 22 -18.08 6.14 -43.09
CA GLN A 22 -18.20 4.72 -42.80
C GLN A 22 -18.85 4.54 -41.42
N LEU A 23 -18.33 5.27 -40.43
CA LEU A 23 -18.84 5.20 -39.07
C LEU A 23 -20.33 5.54 -39.00
N GLY A 24 -20.79 6.41 -39.89
CA GLY A 24 -22.20 6.75 -39.91
C GLY A 24 -23.06 5.52 -40.08
N PRO A 25 -23.01 4.89 -41.27
CA PRO A 25 -23.75 3.66 -41.54
C PRO A 25 -23.37 2.58 -40.52
N VAL A 26 -22.08 2.52 -40.18
CA VAL A 26 -21.58 1.54 -39.23
C VAL A 26 -22.34 1.62 -37.89
N THR A 27 -22.38 2.80 -37.29
CA THR A 27 -23.07 2.97 -36.02
C THR A 27 -24.57 2.70 -36.16
N GLN A 28 -25.15 3.16 -37.25
CA GLN A 28 -26.58 2.97 -37.49
C GLN A 28 -26.92 1.49 -37.68
N GLU A 29 -26.11 0.80 -38.50
CA GLU A 29 -26.32 -0.62 -38.75
C GLU A 29 -25.94 -1.45 -37.52
N PHE A 30 -24.89 -1.02 -36.82
CA PHE A 30 -24.46 -1.71 -35.61
C PHE A 30 -25.53 -1.57 -34.54
N TRP A 31 -26.06 -0.36 -34.41
CA TRP A 31 -27.12 -0.11 -33.42
C TRP A 31 -28.36 -0.89 -33.82
N ASP A 32 -28.58 -1.01 -35.11
CA ASP A 32 -29.71 -1.76 -35.65
C ASP A 32 -29.58 -3.22 -35.26
N ASN A 33 -28.38 -3.78 -35.48
CA ASN A 33 -28.11 -5.16 -35.14
C ASN A 33 -28.11 -5.33 -33.62
N LEU A 34 -27.58 -4.32 -32.93
CA LEU A 34 -27.54 -4.33 -31.47
C LEU A 34 -28.95 -4.31 -30.92
N GLU A 35 -29.84 -3.61 -31.61
CA GLU A 35 -31.25 -3.53 -31.21
C GLU A 35 -31.89 -4.91 -31.31
N LYS A 36 -31.54 -5.63 -32.37
CA LYS A 36 -32.05 -6.98 -32.57
C LYS A 36 -31.52 -7.88 -31.46
N GLU A 37 -30.26 -7.67 -31.11
CA GLU A 37 -29.60 -8.42 -30.05
C GLU A 37 -30.29 -8.12 -28.73
N THR A 38 -30.47 -6.83 -28.43
CA THR A 38 -31.11 -6.42 -27.20
C THR A 38 -32.58 -6.83 -27.19
N GLU A 39 -33.23 -6.82 -28.36
CA GLU A 39 -34.62 -7.23 -28.47
C GLU A 39 -34.76 -8.65 -27.94
N GLY A 40 -33.89 -9.51 -28.43
CA GLY A 40 -33.89 -10.89 -27.99
C GLY A 40 -33.56 -10.96 -26.52
N LEU A 41 -32.52 -10.24 -26.13
CA LEU A 41 -32.08 -10.20 -24.73
C LEU A 41 -33.17 -9.66 -23.81
N ARG A 42 -34.01 -8.77 -24.32
CA ARG A 42 -35.11 -8.20 -23.54
C ARG A 42 -36.12 -9.30 -23.24
N GLN A 43 -36.52 -10.02 -24.28
CA GLN A 43 -37.46 -11.12 -24.13
C GLN A 43 -36.80 -12.19 -23.29
N GLU A 44 -35.51 -12.37 -23.50
CA GLU A 44 -34.72 -13.35 -22.76
C GLU A 44 -34.68 -12.98 -21.29
N MET A 45 -34.34 -11.73 -20.99
CA MET A 45 -34.26 -11.25 -19.62
C MET A 45 -35.59 -11.43 -18.90
N SER A 46 -36.68 -11.21 -19.64
CA SER A 46 -38.01 -11.36 -19.08
C SER A 46 -38.31 -12.83 -18.79
N LYS A 47 -37.54 -13.71 -19.41
CA LYS A 47 -37.69 -15.15 -19.22
C LYS A 47 -36.67 -15.64 -18.20
N ASP A 48 -35.46 -15.13 -18.33
CA ASP A 48 -34.35 -15.47 -17.46
C ASP A 48 -34.69 -15.07 -16.03
N LEU A 49 -35.01 -13.80 -15.84
CA LEU A 49 -35.37 -13.28 -14.52
C LEU A 49 -36.64 -13.95 -14.00
N GLU A 50 -37.55 -14.27 -14.92
CA GLU A 50 -38.80 -14.91 -14.53
C GLU A 50 -38.51 -16.26 -13.89
N GLU A 51 -37.84 -17.13 -14.64
CA GLU A 51 -37.50 -18.45 -14.15
C GLU A 51 -36.58 -18.35 -12.94
N VAL A 52 -35.55 -17.51 -13.05
CA VAL A 52 -34.60 -17.35 -11.96
C VAL A 52 -35.27 -16.88 -10.66
N LYS A 53 -36.11 -15.85 -10.75
CA LYS A 53 -36.77 -15.32 -9.57
C LYS A 53 -37.87 -16.26 -9.04
N ALA A 54 -38.69 -16.79 -9.94
CA ALA A 54 -39.77 -17.69 -9.54
C ALA A 54 -39.23 -19.00 -9.00
N LYS A 55 -38.18 -19.51 -9.63
CA LYS A 55 -37.59 -20.77 -9.20
C LYS A 55 -36.63 -20.58 -8.03
N VAL A 56 -36.07 -19.38 -7.89
CA VAL A 56 -35.14 -19.12 -6.78
C VAL A 56 -35.89 -19.17 -5.46
N GLN A 57 -37.20 -18.94 -5.51
CA GLN A 57 -38.03 -18.98 -4.31
C GLN A 57 -37.96 -20.37 -3.68
N PRO A 58 -38.41 -21.44 -4.36
CA PRO A 58 -38.32 -22.80 -3.80
C PRO A 58 -36.86 -23.24 -3.63
N TYR A 59 -35.98 -22.67 -4.43
CA TYR A 59 -34.56 -22.99 -4.34
C TYR A 59 -34.03 -22.55 -2.98
N LEU A 60 -34.25 -21.28 -2.66
CA LEU A 60 -33.81 -20.71 -1.39
C LEU A 60 -34.68 -21.21 -0.25
N ASP A 61 -35.98 -21.39 -0.52
CA ASP A 61 -36.91 -21.87 0.48
C ASP A 61 -36.51 -23.23 1.01
N ASP A 62 -36.26 -24.16 0.11
CA ASP A 62 -35.86 -25.51 0.49
C ASP A 62 -34.49 -25.49 1.15
N PHE A 63 -33.58 -24.68 0.61
CA PHE A 63 -32.23 -24.57 1.15
C PHE A 63 -32.28 -23.95 2.55
N GLN A 64 -33.14 -22.95 2.72
CA GLN A 64 -33.29 -22.29 4.00
C GLN A 64 -33.99 -23.21 4.99
N LYS A 65 -34.94 -24.00 4.48
CA LYS A 65 -35.65 -24.95 5.33
C LYS A 65 -34.65 -25.98 5.84
N LYS A 66 -33.78 -26.44 4.94
CA LYS A 66 -32.74 -27.39 5.31
C LYS A 66 -31.77 -26.71 6.26
N TRP A 67 -31.39 -25.49 5.91
CA TRP A 67 -30.47 -24.68 6.71
C TRP A 67 -31.03 -24.49 8.11
N GLN A 68 -32.34 -24.32 8.22
CA GLN A 68 -32.99 -24.15 9.51
C GLN A 68 -32.79 -25.40 10.35
N GLU A 69 -33.03 -26.56 9.74
CA GLU A 69 -32.85 -27.82 10.43
C GLU A 69 -31.38 -28.01 10.80
N GLU A 70 -30.51 -27.68 9.85
CA GLU A 70 -29.07 -27.80 10.03
C GLU A 70 -28.60 -26.84 11.13
N MET A 71 -29.15 -25.64 11.13
CA MET A 71 -28.81 -24.63 12.12
C MET A 71 -29.31 -25.05 13.49
N GLU A 72 -30.54 -25.56 13.54
CA GLU A 72 -31.12 -26.03 14.79
C GLU A 72 -30.32 -27.19 15.33
N LEU A 73 -30.00 -28.15 14.47
CA LEU A 73 -29.21 -29.30 14.87
C LEU A 73 -27.85 -28.85 15.38
N TYR A 74 -27.29 -27.84 14.70
CA TYR A 74 -26.02 -27.28 15.08
C TYR A 74 -26.12 -26.62 16.46
N ARG A 75 -27.24 -25.95 16.70
CA ARG A 75 -27.48 -25.28 17.97
C ARG A 75 -27.77 -26.29 19.08
N GLN A 76 -28.57 -27.29 18.74
CA GLN A 76 -28.95 -28.33 19.69
C GLN A 76 -27.73 -29.15 20.09
N LYS A 77 -26.80 -29.30 19.15
CA LYS A 77 -25.58 -30.05 19.41
C LYS A 77 -24.48 -29.17 19.96
N VAL A 78 -24.46 -27.90 19.57
CA VAL A 78 -23.44 -26.97 20.05
C VAL A 78 -23.46 -26.87 21.58
N GLU A 79 -24.63 -27.03 22.19
CA GLU A 79 -24.73 -26.97 23.64
C GLU A 79 -23.93 -28.12 24.28
N PRO A 80 -24.31 -29.40 24.05
CA PRO A 80 -23.57 -30.54 24.61
C PRO A 80 -22.13 -30.53 24.14
N LEU A 81 -21.89 -30.10 22.89
CA LEU A 81 -20.54 -30.02 22.35
C LEU A 81 -19.72 -29.04 23.17
N ARG A 82 -20.29 -27.87 23.44
CA ARG A 82 -19.63 -26.86 24.25
C ARG A 82 -19.48 -27.37 25.66
N ALA A 83 -20.47 -28.12 26.12
CA ALA A 83 -20.46 -28.70 27.45
C ALA A 83 -19.30 -29.68 27.56
N GLU A 84 -19.13 -30.52 26.54
CA GLU A 84 -18.04 -31.48 26.49
C GLU A 84 -16.72 -30.73 26.46
N LEU A 85 -16.70 -29.64 25.69
CA LEU A 85 -15.52 -28.81 25.57
C LEU A 85 -15.20 -28.14 26.91
N GLN A 86 -16.22 -27.65 27.58
CA GLN A 86 -16.06 -26.97 28.87
C GLN A 86 -15.68 -27.96 29.96
N GLU A 87 -16.43 -29.05 30.06
CA GLU A 87 -16.15 -30.08 31.06
C GLU A 87 -14.77 -30.66 30.83
N GLY A 88 -14.42 -30.84 29.56
CA GLY A 88 -13.13 -31.37 29.20
C GLY A 88 -12.03 -30.35 29.41
N ALA A 89 -12.33 -29.09 29.12
CA ALA A 89 -11.35 -28.02 29.27
C ALA A 89 -11.09 -27.73 30.74
N ARG A 90 -12.16 -27.57 31.53
CA ARG A 90 -12.03 -27.29 32.94
C ARG A 90 -11.17 -28.35 33.63
N GLN A 91 -11.35 -29.59 33.19
CA GLN A 91 -10.58 -30.71 33.73
C GLN A 91 -9.11 -30.54 33.38
N LYS A 92 -8.83 -30.41 32.08
CA LYS A 92 -7.47 -30.24 31.59
C LYS A 92 -6.83 -28.99 32.17
N LEU A 93 -7.62 -27.91 32.26
CA LEU A 93 -7.15 -26.66 32.82
C LEU A 93 -6.73 -26.88 34.26
N HIS A 94 -7.55 -27.60 35.01
CA HIS A 94 -7.25 -27.90 36.40
C HIS A 94 -5.97 -28.71 36.49
N GLU A 95 -5.86 -29.72 35.62
CA GLU A 95 -4.68 -30.56 35.58
C GLU A 95 -3.44 -29.71 35.29
N LEU A 96 -3.61 -28.72 34.42
CA LEU A 96 -2.53 -27.81 34.07
C LEU A 96 -2.22 -26.86 35.23
N GLN A 97 -3.28 -26.37 35.89
CA GLN A 97 -3.11 -25.47 37.03
C GLN A 97 -2.37 -26.18 38.16
N GLU A 98 -2.72 -27.44 38.36
CA GLU A 98 -2.10 -28.26 39.39
C GLU A 98 -0.71 -28.71 38.97
N LYS A 99 -0.26 -28.21 37.82
CA LYS A 99 1.05 -28.53 37.31
C LYS A 99 1.87 -27.26 37.19
N LEU A 100 1.20 -26.17 36.82
CA LEU A 100 1.84 -24.87 36.68
C LEU A 100 2.40 -24.40 38.02
N SER A 101 1.70 -24.74 39.10
CA SER A 101 2.15 -24.36 40.43
C SER A 101 3.40 -25.15 40.86
N PRO A 102 3.34 -26.50 40.98
CA PRO A 102 4.50 -27.30 41.39
C PRO A 102 5.65 -27.24 40.39
N LEU A 103 5.37 -27.55 39.12
CA LEU A 103 6.42 -27.53 38.10
C LEU A 103 6.93 -26.10 37.89
N GLY A 104 6.05 -25.14 38.10
CA GLY A 104 6.42 -23.75 37.96
C GLY A 104 7.34 -23.35 39.08
N GLU A 105 6.98 -23.75 40.30
CA GLU A 105 7.79 -23.46 41.47
C GLU A 105 9.12 -24.16 41.34
N GLU A 106 9.11 -25.39 40.85
CA GLU A 106 10.34 -26.16 40.65
C GLU A 106 11.21 -25.45 39.63
N MET A 107 10.59 -24.89 38.60
CA MET A 107 11.33 -24.18 37.56
C MET A 107 11.86 -22.86 38.10
N ARG A 108 11.04 -22.20 38.92
CA ARG A 108 11.43 -20.93 39.53
C ARG A 108 12.52 -21.14 40.57
N ASP A 109 12.39 -22.23 41.32
CA ASP A 109 13.37 -22.57 42.34
C ASP A 109 14.71 -22.88 41.68
N ARG A 110 14.66 -23.61 40.57
CA ARG A 110 15.86 -23.93 39.82
C ARG A 110 16.38 -22.68 39.11
N ALA A 111 15.46 -21.75 38.85
CA ALA A 111 15.80 -20.49 38.22
C ALA A 111 16.62 -19.66 39.21
N ARG A 112 16.34 -19.86 40.50
CA ARG A 112 17.07 -19.18 41.55
C ARG A 112 18.52 -19.62 41.48
N ALA A 113 18.73 -20.93 41.48
CA ALA A 113 20.07 -21.49 41.39
C ALA A 113 20.70 -21.10 40.06
N HIS A 114 19.87 -21.07 39.03
CA HIS A 114 20.30 -20.70 37.68
C HIS A 114 20.89 -19.29 37.67
N VAL A 115 20.10 -18.34 38.16
CA VAL A 115 20.50 -16.94 38.19
C VAL A 115 21.51 -16.65 39.29
N ASP A 116 21.32 -17.23 40.47
CA ASP A 116 22.25 -16.99 41.59
C ASP A 116 23.65 -17.46 41.24
N ALA A 117 23.72 -18.61 40.57
CA ALA A 117 25.01 -19.15 40.13
C ALA A 117 25.57 -18.24 39.05
N LEU A 118 24.67 -17.62 38.29
CA LEU A 118 25.07 -16.70 37.24
C LEU A 118 25.62 -15.43 37.88
N ARG A 119 24.95 -14.93 38.91
CA ARG A 119 25.39 -13.74 39.62
C ARG A 119 26.78 -13.94 40.20
N THR A 120 26.97 -15.09 40.84
CA THR A 120 28.25 -15.41 41.46
C THR A 120 29.34 -15.69 40.42
N HIS A 121 28.94 -15.91 39.18
CA HIS A 121 29.89 -16.16 38.10
C HIS A 121 30.12 -14.90 37.29
N LEU A 122 29.03 -14.21 36.96
CA LEU A 122 29.10 -12.99 36.17
C LEU A 122 29.88 -11.89 36.86
N ALA A 123 29.73 -11.78 38.18
CA ALA A 123 30.43 -10.76 38.94
C ALA A 123 31.95 -10.82 38.69
N PRO A 124 32.63 -11.94 39.03
CA PRO A 124 34.07 -12.05 38.79
C PRO A 124 34.39 -12.06 37.29
N TYR A 125 33.49 -12.64 36.49
CA TYR A 125 33.71 -12.69 35.05
C TYR A 125 33.73 -11.31 34.43
N SER A 126 32.75 -10.48 34.79
CA SER A 126 32.66 -9.13 34.27
C SER A 126 33.77 -8.27 34.85
N ASP A 127 34.06 -8.46 36.13
CA ASP A 127 35.12 -7.70 36.79
C ASP A 127 36.47 -8.01 36.15
N GLU A 128 36.74 -9.29 35.91
CA GLU A 128 37.99 -9.69 35.28
C GLU A 128 37.97 -9.25 33.82
N LEU A 129 36.76 -9.11 33.27
CA LEU A 129 36.60 -8.65 31.90
C LEU A 129 36.98 -7.18 31.86
N ARG A 130 36.66 -6.48 32.95
CA ARG A 130 37.00 -5.06 33.08
C ARG A 130 38.53 -4.95 33.11
N GLN A 131 39.16 -5.93 33.77
CA GLN A 131 40.61 -5.99 33.86
C GLN A 131 41.19 -6.20 32.46
N ARG A 132 40.50 -7.02 31.66
CA ARG A 132 40.90 -7.27 30.29
C ARG A 132 40.71 -6.00 29.48
N LEU A 133 39.55 -5.37 29.67
CA LEU A 133 39.23 -4.12 28.99
C LEU A 133 40.27 -3.08 29.34
N ALA A 134 40.69 -3.07 30.60
CA ALA A 134 41.71 -2.15 31.07
C ALA A 134 43.01 -2.42 30.34
N ALA A 135 43.39 -3.68 30.27
CA ALA A 135 44.61 -4.08 29.58
C ALA A 135 44.54 -3.72 28.11
N ARG A 136 43.40 -4.02 27.49
CA ARG A 136 43.19 -3.72 26.08
C ARG A 136 43.17 -2.22 25.84
N LEU A 137 42.42 -1.50 26.68
CA LEU A 137 42.33 -0.05 26.56
C LEU A 137 43.70 0.60 26.77
N GLU A 138 44.48 0.05 27.69
CA GLU A 138 45.81 0.57 27.95
C GLU A 138 46.68 0.39 26.72
N ALA A 139 46.57 -0.78 26.11
CA ALA A 139 47.32 -1.07 24.90
C ALA A 139 46.81 -0.19 23.76
N LEU A 140 45.50 -0.09 23.66
CA LEU A 140 44.87 0.73 22.63
C LEU A 140 45.19 2.21 22.81
N LYS A 141 45.46 2.61 24.04
CA LYS A 141 45.80 4.00 24.34
C LYS A 141 47.29 4.24 24.16
N GLU A 142 48.11 3.40 24.80
CA GLU A 142 49.56 3.52 24.70
C GLU A 142 50.01 3.33 23.25
N ASN A 143 49.61 2.20 22.66
CA ASN A 143 49.95 1.93 21.27
C ASN A 143 49.16 2.88 20.38
N GLY A 144 48.04 3.37 20.93
CA GLY A 144 47.22 4.31 20.19
C GLY A 144 47.95 5.61 19.99
N GLY A 145 48.70 6.02 21.01
CA GLY A 145 49.49 7.24 20.91
C GLY A 145 50.50 7.09 19.80
N ALA A 146 51.05 5.89 19.70
CA ALA A 146 52.02 5.58 18.67
C ALA A 146 51.32 5.62 17.31
N ARG A 147 50.15 4.98 17.25
CA ARG A 147 49.36 4.94 16.02
C ARG A 147 49.08 6.36 15.54
N LEU A 148 48.70 7.23 16.48
CA LEU A 148 48.40 8.61 16.17
C LEU A 148 49.62 9.31 15.58
N ALA A 149 50.76 9.14 16.25
CA ALA A 149 52.01 9.74 15.79
C ALA A 149 52.43 9.15 14.45
N GLU A 150 52.34 7.83 14.34
CA GLU A 150 52.68 7.13 13.11
C GLU A 150 51.86 7.66 11.95
N TYR A 151 50.56 7.73 12.16
CA TYR A 151 49.65 8.22 11.12
C TYR A 151 49.85 9.70 10.87
N HIS A 152 50.12 10.46 11.92
CA HIS A 152 50.34 11.90 11.80
C HIS A 152 51.61 12.17 11.00
N ALA A 153 52.66 11.41 11.28
CA ALA A 153 53.92 11.55 10.58
C ALA A 153 53.73 11.21 9.11
N LYS A 154 53.01 10.12 8.86
CA LYS A 154 52.74 9.70 7.50
C LYS A 154 51.83 10.71 6.81
N ALA A 155 50.91 11.29 7.58
CA ALA A 155 50.01 12.30 7.06
C ALA A 155 50.80 13.54 6.68
N THR A 156 51.85 13.82 7.45
CA THR A 156 52.70 14.97 7.16
C THR A 156 53.51 14.70 5.89
N GLU A 157 54.08 13.49 5.81
CA GLU A 157 54.84 13.10 4.63
C GLU A 157 53.93 13.03 3.41
N HIS A 158 52.69 12.65 3.64
CA HIS A 158 51.72 12.56 2.57
C HIS A 158 51.15 13.94 2.26
N LEU A 159 51.37 14.88 3.17
CA LEU A 159 50.90 16.26 3.00
C LEU A 159 51.93 17.02 2.17
N SER A 160 53.19 16.84 2.52
CA SER A 160 54.26 17.50 1.79
C SER A 160 54.26 17.00 0.36
N THR A 161 54.12 15.68 0.20
CA THR A 161 54.08 15.07 -1.11
C THR A 161 52.77 15.42 -1.81
N LEU A 162 51.78 15.85 -1.02
CA LEU A 162 50.50 16.26 -1.58
C LEU A 162 50.69 17.56 -2.33
N SER A 163 51.28 18.54 -1.66
CA SER A 163 51.55 19.83 -2.28
C SER A 163 52.64 19.68 -3.34
N GLU A 164 53.56 18.74 -3.09
CA GLU A 164 54.64 18.44 -4.01
C GLU A 164 54.09 17.96 -5.35
N LYS A 165 52.89 17.42 -5.31
CA LYS A 165 52.23 16.95 -6.50
C LYS A 165 51.21 17.98 -6.96
N ALA A 166 50.47 18.53 -6.00
CA ALA A 166 49.44 19.52 -6.28
C ALA A 166 49.97 20.73 -7.03
N LYS A 167 51.09 21.29 -6.56
CA LYS A 167 51.68 22.47 -7.20
C LYS A 167 51.95 22.25 -8.69
N PRO A 168 52.84 21.29 -9.07
CA PRO A 168 53.14 21.03 -10.47
C PRO A 168 51.92 20.48 -11.23
N ALA A 169 51.07 19.72 -10.55
CA ALA A 169 49.89 19.16 -11.20
C ALA A 169 48.88 20.25 -11.54
N LEU A 170 48.65 21.16 -10.59
CA LEU A 170 47.73 22.26 -10.82
C LEU A 170 48.28 23.18 -11.89
N GLU A 171 49.58 23.45 -11.83
CA GLU A 171 50.22 24.30 -12.82
C GLU A 171 50.24 23.60 -14.18
N ASP A 172 50.40 22.29 -14.17
CA ASP A 172 50.42 21.51 -15.41
C ASP A 172 49.02 21.46 -16.00
N LEU A 173 48.04 21.16 -15.16
CA LEU A 173 46.66 21.10 -15.59
C LEU A 173 46.20 22.46 -16.09
N ARG A 174 46.50 23.50 -15.34
CA ARG A 174 46.13 24.86 -15.72
C ARG A 174 46.91 25.28 -16.96
N GLN A 175 48.16 24.85 -17.02
CA GLN A 175 49.01 25.18 -18.15
C GLN A 175 48.55 24.48 -19.41
N GLY A 176 47.88 23.35 -19.25
CA GLY A 176 47.37 22.60 -20.38
C GLY A 176 45.93 23.01 -20.67
N LEU A 177 45.20 23.35 -19.61
CA LEU A 177 43.82 23.77 -19.75
C LEU A 177 43.68 24.97 -20.68
N LEU A 178 44.62 25.90 -20.59
CA LEU A 178 44.59 27.09 -21.44
C LEU A 178 44.59 26.71 -22.93
N PRO A 179 45.67 26.08 -23.44
CA PRO A 179 45.72 25.67 -24.86
C PRO A 179 44.64 24.65 -25.19
N VAL A 180 44.34 23.75 -24.26
CA VAL A 180 43.31 22.74 -24.47
C VAL A 180 41.96 23.40 -24.68
N LEU A 181 41.64 24.39 -23.84
CA LEU A 181 40.39 25.13 -23.96
C LEU A 181 40.38 25.90 -25.27
N GLU A 182 41.52 26.44 -25.64
CA GLU A 182 41.66 27.18 -26.88
C GLU A 182 41.30 26.29 -28.05
N SER A 183 41.96 25.13 -28.14
CA SER A 183 41.71 24.17 -29.20
C SER A 183 40.27 23.66 -29.13
N PHE A 184 39.82 23.34 -27.93
CA PHE A 184 38.46 22.85 -27.73
C PHE A 184 37.42 23.87 -28.17
N LYS A 185 37.63 25.13 -27.80
CA LYS A 185 36.71 26.19 -28.18
C LYS A 185 36.66 26.34 -29.69
N VAL A 186 37.81 26.22 -30.34
CA VAL A 186 37.88 26.31 -31.79
C VAL A 186 36.99 25.23 -32.42
N SER A 187 37.13 24.01 -31.93
CA SER A 187 36.35 22.89 -32.42
C SER A 187 34.86 23.04 -32.06
N PHE A 188 34.59 23.52 -30.85
CA PHE A 188 33.22 23.70 -30.40
C PHE A 188 32.52 24.80 -31.20
N LEU A 189 33.18 25.94 -31.34
CA LEU A 189 32.63 27.08 -32.07
C LEU A 189 32.34 26.70 -33.52
N SER A 190 33.30 26.07 -34.19
CA SER A 190 33.13 25.66 -35.57
C SER A 190 32.00 24.64 -35.70
N ALA A 191 31.93 23.72 -34.74
CA ALA A 191 30.90 22.70 -34.75
C ALA A 191 29.52 23.32 -34.59
N LEU A 192 29.38 24.18 -33.59
CA LEU A 192 28.11 24.85 -33.33
C LEU A 192 27.67 25.71 -34.52
N GLU A 193 28.61 26.43 -35.11
CA GLU A 193 28.32 27.27 -36.25
C GLU A 193 28.03 26.47 -37.51
N GLU A 194 28.44 25.20 -37.48
CA GLU A 194 28.22 24.31 -38.60
C GLU A 194 26.88 23.59 -38.47
N TYR A 195 26.55 23.18 -37.25
CA TYR A 195 25.30 22.47 -36.98
C TYR A 195 24.09 23.32 -37.34
N THR A 196 24.18 24.61 -37.03
CA THR A 196 23.08 25.54 -37.33
C THR A 196 22.85 25.67 -38.83
N LYS A 197 23.88 25.38 -39.61
CA LYS A 197 23.80 25.47 -41.07
C LYS A 197 23.02 24.29 -41.66
N LYS A 198 22.85 23.24 -40.87
CA LYS A 198 22.13 22.05 -41.32
C LYS A 198 20.79 21.92 -40.61
N LEU A 199 20.74 22.37 -39.36
CA LEU A 199 19.52 22.29 -38.56
C LEU A 199 18.50 23.35 -38.99
N ASN A 200 18.99 24.42 -39.60
CA ASN A 200 18.13 25.50 -40.07
C ASN A 200 18.78 26.26 -41.23
N LEU B 3 48.07 16.08 -28.02
CA LEU B 3 49.38 16.40 -28.59
C LEU B 3 50.41 16.40 -27.47
N LYS B 4 50.06 17.05 -26.37
CA LYS B 4 50.94 17.12 -25.21
C LYS B 4 50.58 16.03 -24.22
N LEU B 5 50.15 14.90 -24.76
CA LEU B 5 49.76 13.74 -23.96
C LEU B 5 50.93 13.26 -23.11
N LEU B 6 52.11 13.23 -23.71
CA LEU B 6 53.31 12.78 -23.00
C LEU B 6 53.68 13.76 -21.90
N ASP B 7 53.32 15.04 -22.08
CA ASP B 7 53.61 16.07 -21.10
C ASP B 7 52.88 15.77 -19.80
N ASN B 8 51.56 15.56 -19.91
CA ASN B 8 50.76 15.25 -18.74
C ASN B 8 51.11 13.88 -18.19
N TRP B 9 51.43 12.94 -19.08
CA TRP B 9 51.81 11.60 -18.68
C TRP B 9 53.08 11.68 -17.82
N ASP B 10 53.97 12.59 -18.18
CA ASP B 10 55.21 12.79 -17.44
C ASP B 10 54.88 13.30 -16.05
N SER B 11 53.89 14.17 -15.96
CA SER B 11 53.46 14.72 -14.68
C SER B 11 52.94 13.58 -13.82
N VAL B 12 52.16 12.69 -14.43
CA VAL B 12 51.59 11.54 -13.74
C VAL B 12 52.72 10.60 -13.29
N THR B 13 53.76 10.52 -14.10
CA THR B 13 54.90 9.68 -13.77
C THR B 13 55.65 10.29 -12.60
N SER B 14 55.77 11.62 -12.60
CA SER B 14 56.44 12.34 -11.54
C SER B 14 55.66 12.22 -10.23
N THR B 15 54.34 12.25 -10.33
CA THR B 15 53.50 12.12 -9.16
C THR B 15 53.53 10.67 -8.67
N PHE B 16 53.75 9.75 -9.62
CA PHE B 16 53.82 8.33 -9.31
C PHE B 16 55.12 8.00 -8.59
N SER B 17 56.23 8.61 -9.02
CA SER B 17 57.50 8.38 -8.36
C SER B 17 57.42 8.89 -6.93
N LYS B 18 56.74 10.02 -6.78
CA LYS B 18 56.52 10.63 -5.46
C LYS B 18 55.58 9.74 -4.66
N LEU B 19 54.70 9.05 -5.38
CA LEU B 19 53.75 8.14 -4.77
C LEU B 19 54.51 6.93 -4.24
N ARG B 20 55.53 6.51 -4.99
CA ARG B 20 56.37 5.39 -4.60
C ARG B 20 57.15 5.76 -3.35
N GLU B 21 57.45 7.05 -3.20
CA GLU B 21 58.16 7.54 -2.03
C GLU B 21 57.26 7.38 -0.82
N GLN B 22 55.95 7.52 -1.04
CA GLN B 22 54.97 7.36 0.03
C GLN B 22 54.80 5.87 0.33
N LEU B 23 55.20 5.04 -0.63
CA LEU B 23 55.11 3.60 -0.48
C LEU B 23 56.39 3.04 0.14
N GLY B 24 57.34 3.91 0.43
CA GLY B 24 58.58 3.50 1.02
C GLY B 24 58.59 3.70 2.53
N PRO B 25 59.17 4.82 3.01
CA PRO B 25 59.24 5.15 4.43
C PRO B 25 57.90 5.00 5.15
N VAL B 26 56.83 5.47 4.53
CA VAL B 26 55.50 5.38 5.12
C VAL B 26 55.12 3.93 5.41
N THR B 27 55.34 3.05 4.43
CA THR B 27 55.05 1.64 4.57
C THR B 27 56.01 1.00 5.57
N GLN B 28 57.26 1.45 5.55
CA GLN B 28 58.27 0.94 6.48
C GLN B 28 57.82 1.19 7.92
N GLU B 29 57.37 2.41 8.16
CA GLU B 29 56.88 2.77 9.48
C GLU B 29 55.58 2.02 9.76
N PHE B 30 54.76 1.88 8.72
CA PHE B 30 53.49 1.17 8.85
C PHE B 30 53.75 -0.29 9.26
N TRP B 31 54.85 -0.84 8.74
CA TRP B 31 55.24 -2.20 9.07
C TRP B 31 55.59 -2.30 10.54
N ASP B 32 56.32 -1.30 11.03
CA ASP B 32 56.69 -1.26 12.45
C ASP B 32 55.45 -1.01 13.28
N ASN B 33 54.57 -0.17 12.75
CA ASN B 33 53.31 0.14 13.43
C ASN B 33 52.51 -1.15 13.57
N LEU B 34 52.51 -1.95 12.51
CA LEU B 34 51.79 -3.22 12.50
C LEU B 34 52.43 -4.16 13.51
N GLU B 35 53.74 -4.02 13.69
CA GLU B 35 54.46 -4.82 14.67
C GLU B 35 54.07 -4.38 16.07
N LYS B 36 53.90 -3.07 16.24
CA LYS B 36 53.47 -2.52 17.51
C LYS B 36 52.08 -3.05 17.80
N GLU B 37 51.25 -3.03 16.76
CA GLU B 37 49.89 -3.52 16.83
C GLU B 37 49.86 -4.99 17.19
N THR B 38 50.58 -5.80 16.42
CA THR B 38 50.62 -7.24 16.65
C THR B 38 51.13 -7.58 18.04
N GLU B 39 52.20 -6.91 18.47
CA GLU B 39 52.76 -7.15 19.80
C GLU B 39 51.73 -6.82 20.86
N GLY B 40 51.08 -5.66 20.70
CA GLY B 40 50.05 -5.25 21.63
C GLY B 40 48.90 -6.22 21.62
N LEU B 41 48.47 -6.60 20.42
CA LEU B 41 47.37 -7.54 20.24
C LEU B 41 47.71 -8.88 20.89
N ARG B 42 48.98 -9.28 20.79
CA ARG B 42 49.43 -10.53 21.40
C ARG B 42 49.37 -10.43 22.91
N GLN B 43 49.67 -9.24 23.44
CA GLN B 43 49.61 -9.02 24.87
C GLN B 43 48.18 -9.15 25.35
N GLU B 44 47.26 -8.53 24.59
CA GLU B 44 45.84 -8.59 24.90
C GLU B 44 45.33 -10.00 24.72
N MET B 45 45.57 -10.56 23.54
CA MET B 45 45.11 -11.90 23.20
C MET B 45 45.68 -12.97 24.12
N SER B 46 46.93 -12.83 24.56
CA SER B 46 47.50 -13.83 25.45
C SER B 46 46.67 -13.91 26.72
N LYS B 47 46.38 -12.75 27.31
CA LYS B 47 45.56 -12.69 28.50
C LYS B 47 44.15 -13.15 28.19
N ASP B 48 43.61 -12.62 27.10
CA ASP B 48 42.25 -12.96 26.67
C ASP B 48 42.08 -14.46 26.45
N LEU B 49 43.02 -15.07 25.73
CA LEU B 49 42.96 -16.49 25.43
C LEU B 49 43.20 -17.35 26.67
N GLU B 50 44.27 -17.06 27.41
CA GLU B 50 44.59 -17.82 28.61
C GLU B 50 43.45 -17.74 29.61
N GLU B 51 42.97 -16.53 29.85
CA GLU B 51 41.88 -16.31 30.77
C GLU B 51 40.58 -16.86 30.20
N VAL B 52 40.50 -16.95 28.88
CA VAL B 52 39.31 -17.48 28.22
C VAL B 52 39.19 -18.97 28.51
N LYS B 53 40.32 -19.67 28.52
CA LYS B 53 40.32 -21.11 28.80
C LYS B 53 39.92 -21.35 30.25
N ALA B 54 40.44 -20.51 31.14
CA ALA B 54 40.14 -20.60 32.57
C ALA B 54 38.74 -20.07 32.87
N LYS B 55 38.07 -19.57 31.85
CA LYS B 55 36.72 -19.06 32.01
C LYS B 55 35.71 -19.93 31.28
N VAL B 56 36.06 -20.36 30.08
CA VAL B 56 35.18 -21.21 29.28
C VAL B 56 34.93 -22.54 29.97
N GLN B 57 35.97 -23.08 30.61
CA GLN B 57 35.85 -24.34 31.34
C GLN B 57 34.76 -24.25 32.41
N PRO B 58 34.89 -23.33 33.40
CA PRO B 58 33.87 -23.16 34.45
C PRO B 58 32.57 -22.59 33.89
N TYR B 59 32.66 -21.88 32.75
CA TYR B 59 31.47 -21.33 32.09
C TYR B 59 30.60 -22.50 31.65
N LEU B 60 31.19 -23.39 30.86
CA LEU B 60 30.48 -24.56 30.38
C LEU B 60 30.19 -25.51 31.54
N ASP B 61 31.03 -25.44 32.56
CA ASP B 61 30.87 -26.27 33.76
C ASP B 61 29.58 -25.88 34.48
N ASP B 62 29.41 -24.59 34.68
CA ASP B 62 28.23 -24.06 35.34
C ASP B 62 27.04 -24.16 34.40
N PHE B 63 27.29 -23.94 33.12
CA PHE B 63 26.23 -24.04 32.11
C PHE B 63 25.76 -25.48 32.01
N GLN B 64 26.67 -26.42 32.24
CA GLN B 64 26.34 -27.83 32.21
C GLN B 64 25.39 -28.15 33.35
N LYS B 65 25.62 -27.52 34.50
CA LYS B 65 24.75 -27.71 35.66
C LYS B 65 23.38 -27.16 35.33
N LYS B 66 23.38 -25.96 34.75
CA LYS B 66 22.14 -25.30 34.35
C LYS B 66 21.42 -26.14 33.30
N TRP B 67 22.19 -26.66 32.35
CA TRP B 67 21.64 -27.51 31.31
C TRP B 67 21.06 -28.78 31.92
N GLN B 68 21.74 -29.28 32.95
CA GLN B 68 21.27 -30.47 33.65
C GLN B 68 19.96 -30.15 34.35
N GLU B 69 19.93 -29.01 35.04
CA GLU B 69 18.73 -28.56 35.75
C GLU B 69 17.59 -28.41 34.77
N GLU B 70 17.89 -27.84 33.61
CA GLU B 70 16.89 -27.63 32.58
C GLU B 70 16.48 -28.94 31.92
N MET B 71 17.46 -29.79 31.59
CA MET B 71 17.16 -31.09 30.98
C MET B 71 16.24 -31.89 31.87
N GLU B 72 16.60 -32.01 33.14
CA GLU B 72 15.78 -32.74 34.09
C GLU B 72 14.48 -31.98 34.33
N LEU B 73 14.59 -30.65 34.40
CA LEU B 73 13.45 -29.77 34.59
C LEU B 73 12.44 -29.93 33.46
N TYR B 74 12.95 -30.20 32.26
CA TYR B 74 12.10 -30.42 31.11
C TYR B 74 11.59 -31.84 31.11
N ARG B 75 12.46 -32.79 31.46
CA ARG B 75 12.08 -34.20 31.51
C ARG B 75 10.95 -34.40 32.53
N GLN B 76 11.12 -33.81 33.71
CA GLN B 76 10.12 -33.91 34.78
C GLN B 76 8.86 -33.12 34.45
N LYS B 77 8.84 -32.49 33.28
CA LYS B 77 7.69 -31.73 32.84
C LYS B 77 7.08 -32.41 31.63
N VAL B 78 7.89 -32.62 30.61
CA VAL B 78 7.45 -33.24 29.36
C VAL B 78 6.90 -34.64 29.57
N GLU B 79 7.54 -35.44 30.42
CA GLU B 79 7.08 -36.80 30.67
C GLU B 79 5.65 -36.84 31.24
N PRO B 80 5.40 -36.23 32.40
CA PRO B 80 4.05 -36.20 32.99
C PRO B 80 3.08 -35.40 32.11
N LEU B 81 3.58 -34.32 31.50
CA LEU B 81 2.76 -33.49 30.63
C LEU B 81 2.29 -34.29 29.43
N ARG B 82 3.22 -34.99 28.78
CA ARG B 82 2.90 -35.80 27.61
C ARG B 82 1.83 -36.82 27.97
N ALA B 83 1.94 -37.38 29.17
CA ALA B 83 0.97 -38.36 29.65
C ALA B 83 -0.43 -37.76 29.69
N GLU B 84 -0.58 -36.70 30.47
CA GLU B 84 -1.86 -36.03 30.63
C GLU B 84 -2.31 -35.34 29.33
N LEU B 85 -1.36 -34.83 28.57
CA LEU B 85 -1.67 -34.17 27.31
C LEU B 85 -2.19 -35.20 26.32
N GLN B 86 -1.56 -36.38 26.32
CA GLN B 86 -1.99 -37.47 25.46
C GLN B 86 -3.35 -37.96 25.92
N GLU B 87 -3.54 -38.01 27.23
CA GLU B 87 -4.82 -38.43 27.79
C GLU B 87 -5.87 -37.41 27.39
N GLY B 88 -5.51 -36.13 27.50
CA GLY B 88 -6.39 -35.06 27.11
C GLY B 88 -6.67 -35.12 25.63
N ALA B 89 -5.66 -35.53 24.86
CA ALA B 89 -5.80 -35.67 23.42
C ALA B 89 -6.71 -36.85 23.12
N ARG B 90 -6.63 -37.88 23.96
CA ARG B 90 -7.48 -39.05 23.81
C ARG B 90 -8.93 -38.64 24.05
N GLN B 91 -9.12 -37.78 25.05
CA GLN B 91 -10.44 -37.26 25.36
C GLN B 91 -10.88 -36.36 24.21
N LYS B 92 -9.92 -35.59 23.70
CA LYS B 92 -10.17 -34.69 22.58
C LYS B 92 -10.56 -35.50 21.36
N LEU B 93 -9.92 -36.64 21.17
CA LEU B 93 -10.23 -37.51 20.05
C LEU B 93 -11.65 -38.02 20.21
N HIS B 94 -12.02 -38.32 21.46
CA HIS B 94 -13.37 -38.78 21.75
C HIS B 94 -14.35 -37.65 21.52
N GLU B 95 -13.94 -36.45 21.94
CA GLU B 95 -14.74 -35.26 21.76
C GLU B 95 -14.96 -35.04 20.26
N LEU B 96 -13.88 -35.19 19.51
CA LEU B 96 -13.92 -35.04 18.06
C LEU B 96 -14.74 -36.14 17.42
N GLN B 97 -14.66 -37.35 17.95
CA GLN B 97 -15.44 -38.47 17.41
C GLN B 97 -16.93 -38.14 17.42
N GLU B 98 -17.38 -37.57 18.53
CA GLU B 98 -18.77 -37.19 18.70
C GLU B 98 -19.12 -35.95 17.87
N LYS B 99 -18.11 -35.38 17.22
CA LYS B 99 -18.29 -34.19 16.40
C LYS B 99 -17.87 -34.48 14.95
N LEU B 100 -17.46 -35.71 14.68
CA LEU B 100 -17.01 -36.10 13.35
C LEU B 100 -17.84 -37.26 12.80
N SER B 101 -18.16 -38.23 13.64
CA SER B 101 -18.94 -39.37 13.20
C SER B 101 -20.42 -38.99 13.02
N PRO B 102 -21.14 -38.61 14.10
CA PRO B 102 -22.55 -38.24 13.99
C PRO B 102 -22.71 -36.97 13.14
N LEU B 103 -21.84 -36.00 13.35
CA LEU B 103 -21.88 -34.76 12.60
C LEU B 103 -21.46 -34.99 11.16
N GLY B 104 -20.58 -35.96 10.95
CA GLY B 104 -20.13 -36.28 9.62
C GLY B 104 -21.21 -36.95 8.82
N GLU B 105 -21.85 -37.95 9.42
CA GLU B 105 -22.96 -38.65 8.78
C GLU B 105 -24.10 -37.68 8.55
N GLU B 106 -24.23 -36.73 9.48
CA GLU B 106 -25.24 -35.70 9.38
C GLU B 106 -24.90 -34.76 8.23
N MET B 107 -23.63 -34.34 8.18
CA MET B 107 -23.16 -33.46 7.11
C MET B 107 -23.34 -34.15 5.77
N ARG B 108 -23.21 -35.47 5.77
CA ARG B 108 -23.40 -36.25 4.56
C ARG B 108 -24.85 -36.16 4.11
N ASP B 109 -25.78 -36.25 5.06
CA ASP B 109 -27.19 -36.13 4.74
C ASP B 109 -27.51 -34.70 4.33
N ARG B 110 -26.83 -33.75 4.98
CA ARG B 110 -27.00 -32.34 4.64
C ARG B 110 -26.55 -32.15 3.20
N ALA B 111 -25.41 -32.76 2.88
CA ALA B 111 -24.85 -32.70 1.55
C ALA B 111 -25.82 -33.35 0.57
N ARG B 112 -26.44 -34.45 0.99
CA ARG B 112 -27.43 -35.13 0.17
C ARG B 112 -28.54 -34.15 -0.17
N ALA B 113 -29.10 -33.55 0.88
CA ALA B 113 -30.20 -32.59 0.75
C ALA B 113 -29.77 -31.31 0.04
N HIS B 114 -28.47 -31.16 -0.20
CA HIS B 114 -27.96 -29.98 -0.89
C HIS B 114 -27.63 -30.32 -2.33
N VAL B 115 -26.79 -31.34 -2.52
CA VAL B 115 -26.37 -31.77 -3.85
C VAL B 115 -27.54 -32.37 -4.62
N ASP B 116 -28.33 -33.22 -3.97
CA ASP B 116 -29.48 -33.85 -4.63
C ASP B 116 -30.50 -32.77 -4.98
N ALA B 117 -30.61 -31.77 -4.11
CA ALA B 117 -31.49 -30.66 -4.36
C ALA B 117 -30.98 -29.91 -5.58
N LEU B 118 -29.66 -29.73 -5.62
CA LEU B 118 -29.01 -29.06 -6.74
C LEU B 118 -29.20 -29.85 -8.02
N ARG B 119 -29.29 -31.18 -7.89
CA ARG B 119 -29.51 -32.04 -9.05
C ARG B 119 -30.87 -31.72 -9.67
N THR B 120 -31.79 -31.30 -8.83
CA THR B 120 -33.12 -30.93 -9.29
C THR B 120 -33.26 -29.41 -9.32
N HIS B 121 -32.13 -28.71 -9.26
CA HIS B 121 -32.13 -27.25 -9.29
C HIS B 121 -31.26 -26.74 -10.43
N LEU B 122 -30.06 -27.28 -10.52
CA LEU B 122 -29.10 -26.88 -11.55
C LEU B 122 -29.42 -27.52 -12.89
N ALA B 123 -29.79 -28.81 -12.87
CA ALA B 123 -30.11 -29.53 -14.10
C ALA B 123 -31.16 -28.80 -14.95
N PRO B 124 -32.38 -28.53 -14.40
CA PRO B 124 -33.41 -27.81 -15.14
C PRO B 124 -32.95 -26.39 -15.47
N TYR B 125 -32.09 -25.84 -14.61
CA TYR B 125 -31.55 -24.51 -14.81
C TYR B 125 -30.68 -24.49 -16.05
N SER B 126 -29.78 -25.47 -16.18
CA SER B 126 -28.90 -25.55 -17.34
C SER B 126 -29.70 -25.89 -18.58
N ASP B 127 -30.80 -26.61 -18.40
CA ASP B 127 -31.67 -26.96 -19.52
C ASP B 127 -32.34 -25.70 -20.03
N GLU B 128 -32.90 -24.93 -19.10
CA GLU B 128 -33.54 -23.67 -19.42
C GLU B 128 -32.50 -22.70 -19.99
N LEU B 129 -31.30 -22.74 -19.41
CA LEU B 129 -30.20 -21.91 -19.86
C LEU B 129 -29.79 -22.28 -21.27
N ARG B 130 -29.92 -23.56 -21.60
CA ARG B 130 -29.56 -24.05 -22.94
C ARG B 130 -30.46 -23.39 -23.97
N GLN B 131 -31.75 -23.30 -23.65
CA GLN B 131 -32.71 -22.68 -24.55
C GLN B 131 -32.41 -21.18 -24.67
N ARG B 132 -31.92 -20.61 -23.57
CA ARG B 132 -31.56 -19.21 -23.54
C ARG B 132 -30.27 -18.98 -24.33
N LEU B 133 -29.30 -19.85 -24.10
CA LEU B 133 -28.03 -19.77 -24.80
C LEU B 133 -28.26 -20.00 -26.29
N ALA B 134 -29.21 -20.86 -26.60
CA ALA B 134 -29.55 -21.15 -27.99
C ALA B 134 -30.09 -19.89 -28.65
N ALA B 135 -30.98 -19.20 -27.95
CA ALA B 135 -31.57 -17.96 -28.46
C ALA B 135 -30.49 -16.89 -28.55
N ARG B 136 -29.69 -16.79 -27.49
CA ARG B 136 -28.59 -15.84 -27.42
C ARG B 136 -27.65 -16.07 -28.60
N LEU B 137 -27.33 -17.34 -28.85
CA LEU B 137 -26.46 -17.71 -29.96
C LEU B 137 -27.15 -17.44 -31.30
N GLU B 138 -28.45 -17.70 -31.36
CA GLU B 138 -29.20 -17.47 -32.59
C GLU B 138 -29.14 -15.99 -32.95
N ALA B 139 -29.26 -15.14 -31.95
CA ALA B 139 -29.16 -13.70 -32.15
C ALA B 139 -27.77 -13.36 -32.66
N LEU B 140 -26.77 -13.98 -32.04
CA LEU B 140 -25.38 -13.78 -32.42
C LEU B 140 -25.10 -14.34 -33.81
N LYS B 141 -25.98 -15.20 -34.28
CA LYS B 141 -25.86 -15.80 -35.61
C LYS B 141 -26.58 -14.94 -36.65
N GLU B 142 -27.80 -14.54 -36.32
CA GLU B 142 -28.60 -13.70 -37.20
C GLU B 142 -27.94 -12.34 -37.35
N ASN B 143 -27.59 -11.73 -36.22
CA ASN B 143 -26.92 -10.44 -36.23
C ASN B 143 -25.50 -10.64 -36.70
N GLY B 144 -24.96 -11.83 -36.43
CA GLY B 144 -23.62 -12.16 -36.83
C GLY B 144 -23.50 -12.21 -38.34
N GLY B 145 -24.46 -12.87 -38.98
CA GLY B 145 -24.48 -12.95 -40.43
C GLY B 145 -24.60 -11.56 -41.05
N ALA B 146 -25.41 -10.73 -40.42
CA ALA B 146 -25.60 -9.36 -40.88
C ALA B 146 -24.32 -8.58 -40.66
N ARG B 147 -23.70 -8.77 -39.49
CA ARG B 147 -22.44 -8.11 -39.15
C ARG B 147 -21.37 -8.49 -40.17
N LEU B 148 -21.34 -9.77 -40.53
CA LEU B 148 -20.38 -10.26 -41.52
C LEU B 148 -20.59 -9.58 -42.86
N ALA B 149 -21.85 -9.43 -43.24
CA ALA B 149 -22.20 -8.77 -44.48
C ALA B 149 -21.77 -7.31 -44.42
N GLU B 150 -22.03 -6.67 -43.29
CA GLU B 150 -21.66 -5.28 -43.07
C GLU B 150 -20.14 -5.15 -43.04
N TYR B 151 -19.49 -6.06 -42.35
CA TYR B 151 -18.04 -6.05 -42.24
C TYR B 151 -17.39 -6.19 -43.60
N HIS B 152 -17.89 -7.13 -44.40
CA HIS B 152 -17.35 -7.35 -45.73
C HIS B 152 -17.60 -6.14 -46.63
N ALA B 153 -18.80 -5.58 -46.53
CA ALA B 153 -19.16 -4.40 -47.31
C ALA B 153 -18.30 -3.22 -46.91
N LYS B 154 -18.25 -2.95 -45.60
CA LYS B 154 -17.46 -1.85 -45.07
C LYS B 154 -15.98 -2.04 -45.38
N ALA B 155 -15.50 -3.27 -45.29
CA ALA B 155 -14.10 -3.58 -45.59
C ALA B 155 -13.82 -3.26 -47.05
N THR B 156 -14.76 -3.60 -47.91
CA THR B 156 -14.63 -3.33 -49.34
C THR B 156 -14.56 -1.82 -49.58
N GLU B 157 -15.48 -1.09 -48.97
CA GLU B 157 -15.52 0.37 -49.12
C GLU B 157 -14.26 0.98 -48.53
N HIS B 158 -13.88 0.50 -47.35
CA HIS B 158 -12.69 1.00 -46.66
C HIS B 158 -11.44 0.74 -47.49
N LEU B 159 -11.34 -0.46 -48.07
CA LEU B 159 -10.18 -0.81 -48.88
C LEU B 159 -10.17 -0.01 -50.17
N SER B 160 -11.36 0.27 -50.70
CA SER B 160 -11.49 1.04 -51.93
C SER B 160 -11.08 2.49 -51.69
N THR B 161 -11.38 2.99 -50.49
CA THR B 161 -11.02 4.36 -50.14
C THR B 161 -9.57 4.42 -49.67
N LEU B 162 -9.08 3.30 -49.14
CA LEU B 162 -7.70 3.22 -48.69
C LEU B 162 -6.76 3.25 -49.89
N SER B 163 -7.19 2.63 -50.98
CA SER B 163 -6.39 2.58 -52.19
C SER B 163 -6.25 3.96 -52.81
N GLU B 164 -7.18 4.86 -52.47
CA GLU B 164 -7.13 6.24 -52.97
C GLU B 164 -5.93 6.94 -52.36
N LYS B 165 -5.42 6.36 -51.28
CA LYS B 165 -4.26 6.89 -50.59
C LYS B 165 -3.07 5.95 -50.77
N ALA B 166 -3.37 4.66 -50.93
CA ALA B 166 -2.34 3.65 -51.10
C ALA B 166 -1.74 3.70 -52.51
N LYS B 167 -2.42 4.36 -53.44
CA LYS B 167 -1.90 4.47 -54.80
C LYS B 167 -1.39 5.88 -55.13
N PRO B 168 -2.27 6.88 -55.41
CA PRO B 168 -1.83 8.22 -55.78
C PRO B 168 -1.10 8.94 -54.65
N ALA B 169 -1.61 8.85 -53.43
CA ALA B 169 -0.97 9.51 -52.30
C ALA B 169 0.41 8.90 -52.06
N LEU B 170 0.51 7.58 -52.22
CA LEU B 170 1.78 6.89 -52.04
C LEU B 170 2.76 7.36 -53.12
N GLU B 171 2.27 7.45 -54.35
CA GLU B 171 3.08 7.90 -55.48
C GLU B 171 3.53 9.34 -55.24
N ASP B 172 2.65 10.13 -54.63
CA ASP B 172 2.93 11.52 -54.33
C ASP B 172 4.01 11.62 -53.26
N LEU B 173 3.85 10.82 -52.21
CA LEU B 173 4.82 10.80 -51.12
C LEU B 173 6.18 10.37 -51.63
N ARG B 174 6.20 9.41 -52.55
CA ARG B 174 7.45 8.95 -53.13
C ARG B 174 7.99 10.01 -54.08
N GLN B 175 7.06 10.69 -54.77
CA GLN B 175 7.44 11.75 -55.69
C GLN B 175 7.98 12.93 -54.92
N GLY B 176 7.61 13.00 -53.65
CA GLY B 176 8.06 14.03 -52.75
C GLY B 176 9.42 13.59 -52.19
N LEU B 177 9.51 12.30 -51.87
CA LEU B 177 10.73 11.72 -51.33
C LEU B 177 11.89 11.85 -52.32
N LEU B 178 11.59 11.83 -53.61
CA LEU B 178 12.63 11.95 -54.63
C LEU B 178 13.45 13.23 -54.45
N PRO B 179 12.83 14.43 -54.57
CA PRO B 179 13.55 15.69 -54.37
C PRO B 179 14.00 15.86 -52.92
N VAL B 180 13.19 15.37 -51.98
CA VAL B 180 13.51 15.45 -50.56
C VAL B 180 14.81 14.70 -50.26
N LEU B 181 14.89 13.45 -50.68
CA LEU B 181 16.07 12.64 -50.46
C LEU B 181 17.26 13.24 -51.17
N GLU B 182 17.01 13.81 -52.34
CA GLU B 182 18.06 14.46 -53.12
C GLU B 182 18.65 15.64 -52.35
N SER B 183 17.78 16.55 -51.90
CA SER B 183 18.22 17.71 -51.15
C SER B 183 18.83 17.28 -49.82
N PHE B 184 18.22 16.27 -49.19
CA PHE B 184 18.70 15.76 -47.92
C PHE B 184 20.11 15.19 -48.10
N LYS B 185 20.33 14.48 -49.20
CA LYS B 185 21.63 13.90 -49.51
C LYS B 185 22.65 15.01 -49.69
N VAL B 186 22.21 16.13 -50.27
CA VAL B 186 23.07 17.29 -50.48
C VAL B 186 23.53 17.83 -49.13
N SER B 187 22.58 17.95 -48.20
CA SER B 187 22.90 18.43 -46.86
C SER B 187 23.76 17.41 -46.12
N PHE B 188 23.53 16.13 -46.41
CA PHE B 188 24.31 15.07 -45.79
C PHE B 188 25.75 15.11 -46.28
N LEU B 189 25.92 15.25 -47.59
CA LEU B 189 27.24 15.33 -48.20
C LEU B 189 28.04 16.47 -47.60
N SER B 190 27.43 17.65 -47.55
CA SER B 190 28.10 18.83 -47.00
C SER B 190 28.38 18.63 -45.51
N ALA B 191 27.49 17.91 -44.83
CA ALA B 191 27.65 17.64 -43.41
C ALA B 191 28.83 16.70 -43.19
N LEU B 192 28.89 15.65 -43.99
CA LEU B 192 29.96 14.66 -43.89
C LEU B 192 31.32 15.31 -44.15
N GLU B 193 31.39 16.10 -45.22
CA GLU B 193 32.64 16.77 -45.58
C GLU B 193 33.08 17.75 -44.50
N GLU B 194 32.16 18.59 -44.04
CA GLU B 194 32.48 19.55 -42.99
C GLU B 194 32.80 18.84 -41.68
N TYR B 195 32.14 17.72 -41.43
CA TYR B 195 32.38 16.94 -40.21
C TYR B 195 33.79 16.39 -40.25
N THR B 196 34.19 15.87 -41.40
CA THR B 196 35.52 15.32 -41.58
C THR B 196 36.58 16.42 -41.47
N LYS B 197 36.20 17.64 -41.85
CA LYS B 197 37.11 18.79 -41.80
C LYS B 197 37.56 19.06 -40.36
N LYS B 198 36.63 18.92 -39.42
CA LYS B 198 36.92 19.17 -38.01
C LYS B 198 37.47 17.91 -37.35
N LEU B 199 37.41 16.79 -38.05
CA LEU B 199 37.90 15.51 -37.53
C LEU B 199 38.97 14.94 -38.44
N ASN B 200 39.83 15.82 -38.94
CA ASN B 200 40.91 15.42 -39.84
C ASN B 200 42.14 15.01 -39.04
N MET C 3 -8.96 11.78 25.62
CA MET C 3 -9.82 12.77 24.93
C MET C 3 -9.91 12.44 23.46
N THR C 4 -11.07 11.96 23.03
CA THR C 4 -11.28 11.58 21.63
C THR C 4 -12.34 12.47 20.97
N GLU C 5 -12.44 13.69 21.45
CA GLU C 5 -13.41 14.65 20.92
C GLU C 5 -12.81 15.38 19.72
N TYR C 6 -13.58 15.48 18.65
CA TYR C 6 -13.12 16.16 17.45
C TYR C 6 -14.15 17.20 16.99
N LYS C 7 -13.74 18.46 16.97
CA LYS C 7 -14.62 19.55 16.55
C LYS C 7 -14.47 19.81 15.05
N LEU C 8 -15.58 19.68 14.33
CA LEU C 8 -15.58 19.89 12.90
C LEU C 8 -16.55 21.00 12.51
N VAL C 9 -16.15 21.84 11.57
CA VAL C 9 -16.99 22.94 11.12
C VAL C 9 -17.27 22.80 9.62
N VAL C 10 -18.54 22.72 9.26
CA VAL C 10 -18.94 22.59 7.86
C VAL C 10 -19.37 23.94 7.30
N VAL C 11 -18.69 24.40 6.26
CA VAL C 11 -19.01 25.66 5.63
C VAL C 11 -19.40 25.48 4.18
N GLY C 12 -19.99 26.52 3.60
CA GLY C 12 -20.41 26.47 2.21
C GLY C 12 -21.53 27.45 1.94
N ALA C 13 -21.99 27.48 0.69
CA ALA C 13 -23.06 28.39 0.30
C ALA C 13 -24.44 27.81 0.64
N GLY C 14 -25.49 28.56 0.33
CA GLY C 14 -26.83 28.12 0.59
C GLY C 14 -27.40 27.32 -0.56
N GLY C 15 -27.81 26.09 -0.29
CA GLY C 15 -28.36 25.24 -1.33
C GLY C 15 -27.47 24.05 -1.64
N VAL C 16 -26.26 24.06 -1.08
CA VAL C 16 -25.32 22.97 -1.31
C VAL C 16 -25.61 21.78 -0.41
N GLY C 17 -26.54 21.98 0.54
CA GLY C 17 -26.90 20.91 1.45
C GLY C 17 -25.96 20.80 2.63
N LYS C 18 -25.55 21.95 3.16
CA LYS C 18 -24.63 22.01 4.31
C LYS C 18 -25.13 21.20 5.50
N SER C 19 -26.44 21.07 5.62
CA SER C 19 -27.01 20.33 6.74
C SER C 19 -27.63 19.02 6.31
N ALA C 20 -27.54 18.71 5.02
CA ALA C 20 -28.09 17.47 4.49
C ALA C 20 -27.18 16.32 4.86
N LEU C 21 -25.88 16.54 4.70
CA LEU C 21 -24.88 15.52 5.01
C LEU C 21 -24.76 15.33 6.51
N THR C 22 -24.92 16.42 7.26
CA THR C 22 -24.82 16.38 8.70
C THR C 22 -25.94 15.55 9.30
N ILE C 23 -27.17 15.85 8.92
CA ILE C 23 -28.32 15.12 9.43
C ILE C 23 -28.30 13.67 8.95
N GLN C 24 -27.75 13.45 7.76
CA GLN C 24 -27.64 12.11 7.18
C GLN C 24 -26.62 11.27 7.94
N LEU C 25 -25.72 11.93 8.65
CA LEU C 25 -24.70 11.24 9.42
C LEU C 25 -25.08 11.15 10.89
N ILE C 26 -25.55 12.26 11.45
CA ILE C 26 -25.94 12.31 12.86
C ILE C 26 -27.22 11.54 13.12
N GLN C 27 -28.29 11.88 12.40
CA GLN C 27 -29.57 11.23 12.60
C GLN C 27 -29.74 10.05 11.63
N ASN C 28 -28.85 10.00 10.64
CA ASN C 28 -28.85 8.93 9.64
C ASN C 28 -30.09 8.95 8.74
N HIS C 29 -30.44 10.13 8.25
CA HIS C 29 -31.59 10.27 7.35
C HIS C 29 -31.47 11.55 6.52
N PHE C 30 -32.07 11.54 5.35
CA PHE C 30 -32.03 12.68 4.45
C PHE C 30 -33.14 13.66 4.81
N VAL C 31 -32.95 14.92 4.43
CA VAL C 31 -33.95 15.95 4.70
C VAL C 31 -34.50 16.50 3.39
N ASP C 32 -35.83 16.49 3.27
CA ASP C 32 -36.49 16.98 2.08
C ASP C 32 -36.50 18.50 2.09
N GLU C 33 -36.54 19.08 3.28
CA GLU C 33 -36.54 20.52 3.44
C GLU C 33 -36.08 20.92 4.84
N TYR C 34 -35.31 21.99 4.92
CA TYR C 34 -34.78 22.51 6.17
C TYR C 34 -34.46 23.98 6.00
N ASP C 35 -34.85 24.79 6.98
CA ASP C 35 -34.59 26.23 6.93
C ASP C 35 -33.10 26.52 6.99
N PRO C 36 -32.56 27.16 5.95
CA PRO C 36 -31.14 27.50 5.85
C PRO C 36 -30.65 28.45 6.95
N THR C 37 -31.57 29.10 7.66
CA THR C 37 -31.20 30.02 8.72
C THR C 37 -30.86 29.30 10.03
N ILE C 38 -31.21 28.02 10.10
CA ILE C 38 -30.94 27.23 11.30
C ILE C 38 -29.45 26.94 11.45
N GLU C 39 -28.83 27.62 12.40
CA GLU C 39 -27.41 27.46 12.70
C GLU C 39 -27.25 26.81 14.07
N ASP C 40 -26.80 25.57 14.08
CA ASP C 40 -26.62 24.83 15.33
C ASP C 40 -25.52 23.78 15.18
N SER C 41 -25.17 23.13 16.29
CA SER C 41 -24.15 22.10 16.26
C SER C 41 -24.75 20.75 16.65
N TYR C 42 -24.16 19.68 16.14
CA TYR C 42 -24.64 18.34 16.43
C TYR C 42 -23.50 17.47 16.92
N ARG C 43 -23.79 16.55 17.82
CA ARG C 43 -22.76 15.67 18.37
C ARG C 43 -23.17 14.20 18.28
N LYS C 44 -22.19 13.35 17.99
CA LYS C 44 -22.42 11.92 17.86
C LYS C 44 -21.09 11.19 17.96
N GLN C 45 -21.07 10.10 18.70
CA GLN C 45 -19.86 9.31 18.86
C GLN C 45 -19.85 8.17 17.85
N VAL C 46 -18.84 8.17 16.98
CA VAL C 46 -18.73 7.15 15.95
C VAL C 46 -17.38 6.45 16.01
N VAL C 47 -17.24 5.41 15.20
CA VAL C 47 -15.99 4.64 15.16
C VAL C 47 -15.23 4.95 13.88
N ILE C 48 -14.24 5.83 13.98
CA ILE C 48 -13.45 6.23 12.84
C ILE C 48 -12.18 5.39 12.73
N ASP C 49 -12.16 4.49 11.75
CA ASP C 49 -11.02 3.62 11.50
C ASP C 49 -10.67 2.77 12.74
N GLY C 50 -11.68 2.48 13.55
CA GLY C 50 -11.45 1.68 14.73
C GLY C 50 -11.44 2.51 16.00
N GLU C 51 -11.18 3.81 15.85
CA GLU C 51 -11.11 4.71 16.99
C GLU C 51 -12.49 5.31 17.29
N THR C 52 -12.99 5.05 18.49
CA THR C 52 -14.28 5.58 18.89
C THR C 52 -14.09 7.05 19.31
N CYS C 53 -14.58 7.97 18.49
CA CYS C 53 -14.43 9.39 18.78
C CYS C 53 -15.77 10.11 18.79
N LEU C 54 -15.83 11.19 19.56
CA LEU C 54 -17.05 12.00 19.65
C LEU C 54 -16.93 13.17 18.68
N LEU C 55 -17.82 13.20 17.70
CA LEU C 55 -17.80 14.26 16.71
C LEU C 55 -18.68 15.45 17.12
N ASP C 56 -18.06 16.61 17.17
CA ASP C 56 -18.74 17.85 17.51
C ASP C 56 -18.74 18.72 16.27
N ILE C 57 -19.75 18.53 15.44
CA ILE C 57 -19.85 19.25 14.17
C ILE C 57 -20.79 20.44 14.24
N LEU C 58 -20.34 21.56 13.68
CA LEU C 58 -21.12 22.78 13.66
C LEU C 58 -21.74 22.99 12.28
N ASP C 59 -23.06 23.12 12.25
CA ASP C 59 -23.79 23.36 11.02
C ASP C 59 -24.00 24.85 10.82
N THR C 60 -23.17 25.45 9.99
CA THR C 60 -23.25 26.87 9.73
C THR C 60 -24.40 27.21 8.78
N ALA C 61 -25.01 28.35 9.04
CA ALA C 61 -26.10 28.83 8.22
C ALA C 61 -25.57 29.93 7.32
N GLY C 62 -24.93 30.91 7.93
CA GLY C 62 -24.39 32.02 7.19
C GLY C 62 -25.24 33.26 7.32
N GLN C 63 -25.72 33.51 8.54
CA GLN C 63 -26.57 34.67 8.79
C GLN C 63 -25.82 35.76 9.54
N GLU C 64 -26.45 36.93 9.64
CA GLU C 64 -25.85 38.09 10.31
C GLU C 64 -25.93 37.96 11.84
N GLU C 65 -26.62 36.93 12.29
CA GLU C 65 -26.78 36.66 13.72
C GLU C 65 -25.41 36.45 14.36
N TYR C 66 -25.29 36.77 15.64
CA TYR C 66 -24.02 36.58 16.32
C TYR C 66 -24.15 35.56 17.44
N SER C 67 -23.78 34.33 17.15
CA SER C 67 -23.84 33.26 18.11
C SER C 67 -22.46 32.97 18.68
N ALA C 68 -22.36 32.96 20.01
CA ALA C 68 -21.09 32.70 20.67
C ALA C 68 -20.62 31.28 20.38
N MET C 69 -21.58 30.38 20.16
CA MET C 69 -21.28 28.99 19.85
C MET C 69 -20.47 28.90 18.55
N ARG C 70 -20.94 29.60 17.53
CA ARG C 70 -20.26 29.59 16.24
C ARG C 70 -18.86 30.19 16.35
N ASP C 71 -18.77 31.31 17.07
CA ASP C 71 -17.48 31.99 17.25
C ASP C 71 -16.49 31.08 17.96
N GLN C 72 -16.91 30.51 19.09
CA GLN C 72 -16.07 29.62 19.87
C GLN C 72 -15.65 28.40 19.05
N TYR C 73 -16.58 27.90 18.24
CA TYR C 73 -16.32 26.73 17.40
C TYR C 73 -15.30 27.03 16.31
N MET C 74 -15.25 28.27 15.86
CA MET C 74 -14.29 28.66 14.83
C MET C 74 -12.90 28.71 15.45
N ARG C 75 -12.85 29.24 16.67
CA ARG C 75 -11.60 29.38 17.40
C ARG C 75 -11.01 28.01 17.76
N THR C 76 -11.81 27.18 18.43
CA THR C 76 -11.34 25.87 18.85
C THR C 76 -11.56 24.80 17.78
N GLY C 77 -12.04 25.22 16.62
CA GLY C 77 -12.28 24.29 15.53
C GLY C 77 -11.00 23.68 15.00
N GLU C 78 -10.98 22.37 14.88
CA GLU C 78 -9.81 21.66 14.40
C GLU C 78 -9.97 21.24 12.94
N GLY C 79 -11.11 20.66 12.61
CA GLY C 79 -11.34 20.21 11.26
C GLY C 79 -12.37 21.06 10.53
N PHE C 80 -11.98 21.60 9.39
CA PHE C 80 -12.87 22.43 8.59
C PHE C 80 -13.22 21.75 7.29
N LEU C 81 -14.50 21.73 6.96
CA LEU C 81 -14.97 21.09 5.75
C LEU C 81 -15.68 22.08 4.84
N CYS C 82 -15.26 22.13 3.59
CA CYS C 82 -15.88 23.03 2.61
C CYS C 82 -16.71 22.20 1.63
N VAL C 83 -18.02 22.39 1.66
CA VAL C 83 -18.91 21.64 0.80
C VAL C 83 -19.52 22.52 -0.29
N PHE C 84 -19.42 22.06 -1.53
CA PHE C 84 -19.97 22.78 -2.66
C PHE C 84 -20.79 21.81 -3.53
N ALA C 85 -21.59 22.35 -4.43
CA ALA C 85 -22.40 21.53 -5.30
C ALA C 85 -21.81 21.49 -6.70
N ILE C 86 -21.60 20.28 -7.22
CA ILE C 86 -21.03 20.10 -8.56
C ILE C 86 -22.01 20.50 -9.66
N ASN C 87 -23.23 20.84 -9.26
CA ASN C 87 -24.25 21.25 -10.22
C ASN C 87 -24.44 22.76 -10.16
N ASN C 88 -23.58 23.43 -9.40
CA ASN C 88 -23.63 24.88 -9.26
C ASN C 88 -22.22 25.45 -9.20
N THR C 89 -21.78 26.02 -10.30
CA THR C 89 -20.45 26.61 -10.40
C THR C 89 -20.27 27.76 -9.43
N LYS C 90 -21.36 28.44 -9.08
CA LYS C 90 -21.31 29.56 -8.15
C LYS C 90 -20.66 29.16 -6.83
N SER C 91 -21.10 28.04 -6.28
CA SER C 91 -20.56 27.55 -5.02
C SER C 91 -19.10 27.10 -5.19
N PHE C 92 -18.77 26.67 -6.39
CA PHE C 92 -17.42 26.21 -6.68
C PHE C 92 -16.43 27.38 -6.70
N GLU C 93 -16.83 28.49 -7.30
CA GLU C 93 -15.98 29.67 -7.40
C GLU C 93 -15.89 30.42 -6.07
N ASP C 94 -16.77 30.09 -5.14
CA ASP C 94 -16.79 30.75 -3.83
C ASP C 94 -16.01 29.92 -2.80
N ILE C 95 -15.50 28.77 -3.24
CA ILE C 95 -14.74 27.87 -2.36
C ILE C 95 -13.52 28.57 -1.74
N HIS C 96 -12.74 29.24 -2.58
CA HIS C 96 -11.55 29.93 -2.10
C HIS C 96 -11.91 31.04 -1.12
N HIS C 97 -13.14 31.54 -1.23
CA HIS C 97 -13.63 32.59 -0.36
C HIS C 97 -13.70 32.09 1.09
N TYR C 98 -14.06 30.82 1.25
CA TYR C 98 -14.14 30.22 2.57
C TYR C 98 -12.75 29.89 3.08
N ARG C 99 -11.92 29.39 2.17
CA ARG C 99 -10.55 29.01 2.48
C ARG C 99 -9.76 30.17 3.09
N GLU C 100 -9.84 31.34 2.44
CA GLU C 100 -9.13 32.52 2.92
C GLU C 100 -9.68 33.00 4.26
N GLN C 101 -10.99 32.93 4.42
CA GLN C 101 -11.64 33.37 5.65
C GLN C 101 -11.17 32.52 6.83
N ILE C 102 -11.22 31.20 6.66
CA ILE C 102 -10.80 30.27 7.71
C ILE C 102 -9.31 30.41 8.01
N LYS C 103 -8.53 30.69 6.97
CA LYS C 103 -7.09 30.85 7.10
C LYS C 103 -6.77 32.01 8.05
N ARG C 104 -7.64 33.01 8.06
CA ARG C 104 -7.47 34.18 8.92
C ARG C 104 -7.91 33.88 10.34
N VAL C 105 -8.68 32.81 10.51
CA VAL C 105 -9.17 32.42 11.82
C VAL C 105 -8.11 31.61 12.57
N LYS C 106 -7.54 30.63 11.87
CA LYS C 106 -6.52 29.76 12.45
C LYS C 106 -5.13 30.39 12.32
N ASP C 107 -5.02 31.36 11.42
CA ASP C 107 -3.75 32.06 11.16
C ASP C 107 -2.67 31.10 10.69
N SER C 108 -3.00 30.31 9.67
CA SER C 108 -2.07 29.34 9.13
C SER C 108 -2.62 28.74 7.85
N GLU C 109 -1.73 28.19 7.03
CA GLU C 109 -2.13 27.56 5.78
C GLU C 109 -2.19 26.04 6.00
N ASP C 110 -1.55 25.59 7.08
CA ASP C 110 -1.51 24.17 7.42
C ASP C 110 -2.68 23.84 8.34
N VAL C 111 -3.88 23.96 7.80
CA VAL C 111 -5.10 23.69 8.55
C VAL C 111 -5.85 22.51 7.94
N PRO C 112 -6.25 21.52 8.78
CA PRO C 112 -6.99 20.34 8.32
C PRO C 112 -8.29 20.72 7.61
N MET C 113 -8.31 20.54 6.31
CA MET C 113 -9.49 20.87 5.51
C MET C 113 -9.59 19.96 4.30
N VAL C 114 -10.79 19.48 4.03
CA VAL C 114 -11.04 18.60 2.89
C VAL C 114 -12.11 19.22 1.99
N LEU C 115 -11.93 19.09 0.68
CA LEU C 115 -12.88 19.62 -0.27
C LEU C 115 -13.96 18.59 -0.56
N VAL C 116 -15.21 18.95 -0.35
CA VAL C 116 -16.32 18.02 -0.56
C VAL C 116 -17.30 18.53 -1.62
N GLY C 117 -17.56 17.70 -2.61
CA GLY C 117 -18.50 18.04 -3.66
C GLY C 117 -19.77 17.23 -3.51
N ASN C 118 -20.81 17.87 -3.01
CA ASN C 118 -22.09 17.20 -2.78
C ASN C 118 -22.92 17.12 -4.06
N LYS C 119 -23.87 16.17 -4.07
CA LYS C 119 -24.77 15.95 -5.20
C LYS C 119 -24.08 15.25 -6.37
N CYS C 120 -23.22 14.29 -6.05
CA CYS C 120 -22.49 13.54 -7.06
C CYS C 120 -23.39 12.54 -7.77
N ASP C 121 -24.53 12.25 -7.16
CA ASP C 121 -25.48 11.29 -7.72
C ASP C 121 -26.33 11.92 -8.81
N LEU C 122 -26.18 13.22 -9.01
CA LEU C 122 -26.92 13.95 -10.03
C LEU C 122 -26.15 13.95 -11.34
N PRO C 123 -26.74 13.41 -12.42
CA PRO C 123 -26.10 13.35 -13.73
C PRO C 123 -25.86 14.72 -14.33
N SER C 124 -26.68 15.69 -13.92
CA SER C 124 -26.56 17.05 -14.41
C SER C 124 -25.48 17.84 -13.67
N ARG C 125 -24.25 17.33 -13.73
CA ARG C 125 -23.12 18.00 -13.08
C ARG C 125 -22.44 18.95 -14.07
N THR C 126 -22.27 20.19 -13.64
CA THR C 126 -21.64 21.21 -14.46
C THR C 126 -20.14 21.25 -14.18
N VAL C 127 -19.78 21.11 -12.91
CA VAL C 127 -18.38 21.13 -12.51
C VAL C 127 -17.73 19.77 -12.80
N ASP C 128 -16.76 19.79 -13.70
CA ASP C 128 -16.04 18.57 -14.07
C ASP C 128 -15.08 18.16 -12.96
N THR C 129 -14.90 16.85 -12.80
CA THR C 129 -14.03 16.31 -11.77
C THR C 129 -12.58 16.78 -11.94
N LYS C 130 -12.10 16.83 -13.18
CA LYS C 130 -10.74 17.27 -13.46
C LYS C 130 -10.53 18.70 -12.99
N GLN C 131 -11.53 19.54 -13.21
CA GLN C 131 -11.48 20.94 -12.81
C GLN C 131 -11.43 21.06 -11.29
N ALA C 132 -12.26 20.29 -10.61
CA ALA C 132 -12.32 20.31 -9.15
C ALA C 132 -11.06 19.70 -8.55
N GLN C 133 -10.54 18.67 -9.20
CA GLN C 133 -9.33 18.00 -8.73
C GLN C 133 -8.13 18.92 -8.80
N ASP C 134 -8.03 19.67 -9.90
CA ASP C 134 -6.92 20.60 -10.07
C ASP C 134 -6.95 21.69 -9.00
N LEU C 135 -8.15 22.14 -8.66
CA LEU C 135 -8.31 23.17 -7.64
C LEU C 135 -7.77 22.68 -6.29
N ALA C 136 -8.22 21.50 -5.88
CA ALA C 136 -7.78 20.91 -4.63
C ALA C 136 -6.29 20.61 -4.67
N ARG C 137 -5.84 20.12 -5.83
CA ARG C 137 -4.43 19.78 -6.02
C ARG C 137 -3.55 21.01 -5.89
N SER C 138 -4.10 22.18 -6.22
CA SER C 138 -3.37 23.43 -6.13
C SER C 138 -3.21 23.84 -4.66
N TYR C 139 -4.06 23.32 -3.80
CA TYR C 139 -3.99 23.64 -2.38
C TYR C 139 -3.21 22.55 -1.63
N GLY C 140 -3.13 21.37 -2.24
CA GLY C 140 -2.44 20.26 -1.64
C GLY C 140 -3.36 19.44 -0.76
N ILE C 141 -4.65 19.67 -0.92
CA ILE C 141 -5.66 18.96 -0.13
C ILE C 141 -6.46 18.00 -1.00
N PRO C 142 -7.05 16.96 -0.41
CA PRO C 142 -7.83 15.98 -1.16
C PRO C 142 -9.28 16.44 -1.41
N PHE C 143 -9.84 16.00 -2.52
CA PHE C 143 -11.21 16.32 -2.89
C PHE C 143 -12.01 15.03 -3.06
N ILE C 144 -13.18 14.98 -2.46
CA ILE C 144 -14.05 13.81 -2.55
C ILE C 144 -15.47 14.19 -2.94
N GLU C 145 -16.01 13.52 -3.96
CA GLU C 145 -17.37 13.77 -4.40
C GLU C 145 -18.31 12.94 -3.52
N THR C 146 -19.31 13.59 -2.94
CA THR C 146 -20.24 12.90 -2.04
C THR C 146 -21.69 13.21 -2.38
N SER C 147 -22.60 12.48 -1.76
CA SER C 147 -24.02 12.69 -1.95
C SER C 147 -24.76 12.39 -0.66
N ALA C 148 -25.52 13.37 -0.19
CA ALA C 148 -26.30 13.21 1.03
C ALA C 148 -27.54 12.36 0.77
N LYS C 149 -27.79 12.07 -0.50
CA LYS C 149 -28.94 11.28 -0.89
C LYS C 149 -28.62 9.80 -0.86
N THR C 150 -27.55 9.41 -1.56
CA THR C 150 -27.14 8.02 -1.60
C THR C 150 -26.24 7.69 -0.41
N ARG C 151 -25.82 8.73 0.30
CA ARG C 151 -24.98 8.59 1.49
C ARG C 151 -23.58 8.11 1.12
N GLN C 152 -23.21 8.28 -0.15
CA GLN C 152 -21.90 7.87 -0.63
C GLN C 152 -20.88 8.97 -0.41
N GLY C 153 -19.70 8.58 0.07
CA GLY C 153 -18.63 9.52 0.30
C GLY C 153 -18.75 10.29 1.62
N VAL C 154 -19.95 10.33 2.17
CA VAL C 154 -20.22 11.04 3.43
C VAL C 154 -19.26 10.60 4.52
N ASP C 155 -19.18 9.28 4.74
CA ASP C 155 -18.30 8.73 5.77
C ASP C 155 -16.85 9.09 5.49
N ASP C 156 -16.38 8.79 4.29
CA ASP C 156 -15.00 9.06 3.89
C ASP C 156 -14.62 10.53 4.02
N ALA C 157 -15.55 11.42 3.67
CA ALA C 157 -15.29 12.85 3.74
C ALA C 157 -14.92 13.26 5.17
N PHE C 158 -15.71 12.83 6.13
CA PHE C 158 -15.46 13.15 7.53
C PHE C 158 -14.28 12.33 8.07
N TYR C 159 -14.18 11.08 7.63
CA TYR C 159 -13.10 10.20 8.06
C TYR C 159 -11.75 10.76 7.63
N THR C 160 -11.64 11.14 6.37
CA THR C 160 -10.40 11.69 5.84
C THR C 160 -10.03 12.98 6.57
N LEU C 161 -11.04 13.76 6.95
CA LEU C 161 -10.82 15.00 7.68
C LEU C 161 -10.11 14.69 9.00
N VAL C 162 -10.62 13.69 9.70
CA VAL C 162 -10.04 13.26 10.97
C VAL C 162 -8.68 12.59 10.73
N ARG C 163 -8.57 11.86 9.63
CA ARG C 163 -7.33 11.17 9.27
C ARG C 163 -6.20 12.17 9.11
N GLU C 164 -6.53 13.33 8.51
CA GLU C 164 -5.53 14.37 8.31
C GLU C 164 -5.21 15.04 9.64
N ILE C 165 -6.23 15.17 10.49
CA ILE C 165 -6.05 15.76 11.81
C ILE C 165 -5.10 14.89 12.65
N ARG C 166 -5.28 13.57 12.54
CA ARG C 166 -4.44 12.62 13.27
C ARG C 166 -2.97 12.81 12.90
N LYS C 167 -2.73 13.06 11.62
CA LYS C 167 -1.37 13.27 11.13
C LYS C 167 -0.86 14.64 11.56
N HIS C 168 -1.78 15.57 11.82
CA HIS C 168 -1.41 16.90 12.26
C HIS C 168 -0.96 16.85 13.71
N LYS C 169 -1.66 16.01 14.50
CA LYS C 169 -1.33 15.84 15.91
C LYS C 169 0.04 15.20 16.02
N GLU C 170 0.33 14.26 15.13
CA GLU C 170 1.60 13.56 15.11
C GLU C 170 2.71 14.54 14.74
N LYS C 171 2.44 15.40 13.76
CA LYS C 171 3.41 16.40 13.31
C LYS C 171 3.85 17.27 14.49
N MET C 172 2.91 17.52 15.40
CA MET C 172 3.18 18.33 16.59
C MET C 172 4.13 17.58 17.54
N SER C 173 3.88 16.29 17.72
CA SER C 173 4.70 15.46 18.61
C SER C 173 6.04 15.11 17.95
N LYS C 174 6.03 15.05 16.62
CA LYS C 174 7.23 14.73 15.85
C LYS C 174 8.15 15.95 15.77
N ASP C 175 7.65 17.10 16.23
CA ASP C 175 8.39 18.35 16.22
C ASP C 175 8.57 18.86 14.78
N GLY C 176 7.74 18.32 13.89
CA GLY C 176 7.80 18.70 12.49
C GLY C 176 9.06 18.18 11.82
N LYS C 177 10.13 18.94 11.97
CA LYS C 177 11.41 18.59 11.38
C LYS C 177 12.51 19.34 12.13
N LYS C 178 13.40 18.60 12.79
CA LYS C 178 14.48 19.21 13.54
C LYS C 178 15.60 19.69 12.63
N LYS C 179 15.62 19.15 11.42
CA LYS C 179 16.65 19.53 10.45
C LYS C 179 16.10 20.52 9.43
N LYS C 180 16.81 21.63 9.27
CA LYS C 180 16.42 22.68 8.32
C LYS C 180 17.64 23.12 7.53
N LYS C 181 17.68 22.76 6.26
CA LYS C 181 18.78 23.10 5.39
C LYS C 181 18.34 24.11 4.34
N LYS C 182 19.18 25.10 4.05
CA LYS C 182 18.86 26.13 3.06
C LYS C 182 19.24 25.69 1.66
N SER C 183 18.25 25.61 0.79
CA SER C 183 18.45 25.22 -0.61
C SER C 183 17.61 26.11 -1.52
N LYS C 184 18.09 26.35 -2.73
CA LYS C 184 17.37 27.19 -3.69
C LYS C 184 16.46 26.36 -4.59
N THR C 185 16.68 25.04 -4.56
CA THR C 185 15.90 24.08 -5.35
C THR C 185 16.11 24.24 -6.86
N LYS C 186 15.91 23.17 -7.61
CA LYS C 186 16.09 23.23 -9.05
C LYS C 186 14.76 23.44 -9.76
N CYS C 187 14.74 24.39 -10.68
CA CYS C 187 13.54 24.70 -11.45
C CYS C 187 13.49 23.85 -12.72
C1 PCW D . 19.76 19.02 -2.32
C2 PCW D . 20.12 17.88 -3.36
C3 PCW D . 21.58 18.10 -3.90
C4 PCW D . 17.13 18.96 -0.01
C5 PCW D . 16.12 20.07 0.34
C6 PCW D . 14.16 21.36 -0.66
C7 PCW D . 13.97 18.97 -0.22
C8 PCW D . 14.20 20.32 1.01
C11 PCW D . 23.16 17.06 -5.37
C12 PCW D . 23.29 15.90 -6.34
C13 PCW D . 23.35 16.48 -7.79
C14 PCW D . 23.49 15.43 -8.90
C15 PCW D . 24.94 15.08 -9.33
C16 PCW D . 25.13 15.24 -10.88
C17 PCW D . 26.53 15.74 -11.38
C18 PCW D . 27.69 14.86 -10.93
C19 PCW D . 27.84 13.58 -11.81
C20 PCW D . 28.95 12.76 -11.74
C21 PCW D . 30.18 12.81 -10.93
C22 PCW D . 30.86 11.41 -11.04
C23 PCW D . 30.84 10.51 -9.76
C24 PCW D . 31.67 10.96 -8.61
C25 PCW D . 32.62 9.96 -7.88
C26 PCW D . 32.98 10.29 -6.45
C27 PCW D . 33.76 11.60 -6.17
C28 PCW D . 33.44 12.11 -4.79
C31 PCW D . 18.92 15.92 -2.74
C32 PCW D . 19.05 14.57 -2.02
C33 PCW D . 18.74 13.29 -2.92
C34 PCW D . 19.93 12.32 -2.99
C35 PCW D . 19.79 11.59 -4.39
C36 PCW D . 20.54 10.24 -4.43
C37 PCW D . 20.45 9.47 -5.79
C38 PCW D . 21.15 8.15 -5.73
C39 PCW D . 21.07 7.38 -7.03
C40 PCW D . 20.94 6.07 -7.17
C41 PCW D . 20.84 5.08 -6.02
C42 PCW D . 21.81 3.86 -6.33
C43 PCW D . 21.37 2.46 -5.93
C44 PCW D . 22.48 1.51 -6.34
C45 PCW D . 22.48 0.18 -5.62
C46 PCW D . 23.03 -0.95 -6.45
C47 PCW D . 22.04 -1.74 -7.27
C48 PCW D . 22.72 -2.86 -8.06
N PCW D . 14.85 20.10 -0.31
O2 PCW D . 20.10 16.54 -2.69
O3 PCW D . 21.91 17.06 -4.84
O11 PCW D . 24.03 17.85 -5.13
O31 PCW D . 17.87 16.36 -3.30
O1P PCW D . 19.45 17.29 0.42
O2P PCW D . 20.37 19.36 1.44
O3P PCW D . 20.54 19.00 -1.11
O4P PCW D . 18.45 19.56 0.04
P PCW D . 19.72 18.75 0.26
C1 PCW E . 31.60 14.33 9.96
C2 PCW E . 32.92 14.22 9.11
C3 PCW E . 33.96 13.28 9.81
C4 PCW E . 28.06 17.61 9.69
C5 PCW E . 28.11 19.13 9.47
C6 PCW E . 26.94 21.30 8.78
C7 PCW E . 25.63 19.32 9.38
C8 PCW E . 26.76 20.31 10.47
C11 PCW E . 36.29 13.77 9.50
C12 PCW E . 37.40 13.62 8.49
C13 PCW E . 37.24 14.77 7.42
C14 PCW E . 38.30 14.78 6.30
C15 PCW E . 38.71 13.38 5.74
C16 PCW E . 40.27 13.30 5.56
C17 PCW E . 40.81 13.03 4.11
C18 PCW E . 41.88 11.94 4.06
C19 PCW E . 41.27 10.51 4.04
C20 PCW E . 41.11 9.78 2.86
C21 PCW E . 41.42 10.10 1.45
C22 PCW E . 42.24 8.90 0.89
C23 PCW E . 42.50 8.85 -0.64
C24 PCW E . 42.02 7.64 -1.38
C25 PCW E . 42.83 6.31 -1.34
C26 PCW E . 43.62 5.97 -2.59
C27 PCW E . 45.03 6.61 -2.75
C28 PCW E . 46.11 5.59 -2.51
C31 PCW E . 32.95 14.39 6.74
C32 PCW E . 32.57 13.65 5.45
C33 PCW E . 33.78 13.32 4.46
C34 PCW E . 33.33 12.96 3.04
C35 PCW E . 34.63 12.40 2.32
C36 PCW E . 34.44 12.28 0.79
C37 PCW E . 35.68 11.74 0.02
C38 PCW E . 35.49 11.81 -1.47
C39 PCW E . 36.69 11.29 -2.23
C40 PCW E . 36.73 10.26 -3.06
C41 PCW E . 35.52 9.39 -3.40
C42 PCW E . 35.56 8.11 -2.45
C43 PCW E . 34.42 7.87 -1.49
C44 PCW E . 34.72 6.59 -0.73
C45 PCW E . 33.99 5.36 -1.20
C46 PCW E . 34.84 4.13 -1.28
C47 PCW E . 35.51 3.85 -2.60
C48 PCW E . 36.35 2.57 -2.53
N PCW E . 26.94 19.85 9.06
O2 PCW E . 32.60 13.63 7.77
O3 PCW E . 35.15 13.22 9.00
O11 PCW E . 36.39 14.31 10.56
O31 PCW E . 33.50 15.54 6.80
O1P PCW E . 28.64 14.81 10.29
O2P PCW E . 29.87 15.80 12.23
O3P PCW E . 30.98 15.63 9.91
O4P PCW E . 29.26 17.25 10.40
P PCW E . 29.64 15.81 10.76
C1 PCW F . -17.20 -5.30 18.95
C2 PCW F . -17.24 -6.87 18.80
C3 PCW F . -18.72 -7.38 18.94
C4 PCW F . -19.97 -5.49 15.23
C5 PCW F . -20.05 -6.76 14.40
C6 PCW F . -19.95 -7.57 11.99
C7 PCW F . -17.96 -6.61 13.07
C8 PCW F . -18.85 -8.16 13.52
C11 PCW F . -19.38 -9.34 17.72
C12 PCW F . -19.30 -10.85 17.77
C13 PCW F . -18.47 -11.33 16.52
C14 PCW F . -18.28 -12.84 16.42
C15 PCW F . -19.46 -13.64 15.76
C16 PCW F . -18.91 -14.89 14.96
C17 PCW F . -18.27 -16.05 15.80
C18 PCW F . -18.90 -17.41 15.50
C19 PCW F . -18.76 -18.41 16.68
C20 PCW F . -19.32 -19.68 16.64
C21 PCW F . -20.12 -20.40 15.61
C22 PCW F . -19.36 -21.73 15.32
C23 PCW F . -20.07 -22.77 14.41
C24 PCW F . -19.21 -23.84 13.82
C25 PCW F . -18.87 -23.85 12.30
C26 PCW F . -17.39 -23.77 11.94
C27 PCW F . -17.03 -23.48 10.47
C28 PCW F . -15.53 -23.28 10.33
C31 PCW F . -15.83 -8.25 17.49
C32 PCW F . -15.40 -8.55 16.05
C33 PCW F . -14.06 -9.43 15.91
C34 PCW F . -14.32 -10.93 15.92
C35 PCW F . -13.05 -11.56 16.63
C36 PCW F . -13.31 -11.86 18.13
C37 PCW F . -12.10 -12.48 18.90
C38 PCW F . -12.53 -13.12 20.18
C39 PCW F . -11.39 -13.73 20.95
C40 PCW F . -11.16 -15.03 21.12
C41 PCW F . -12.02 -16.13 20.55
C42 PCW F . -11.28 -16.77 19.29
C43 PCW F . -10.46 -18.03 19.48
C44 PCW F . -9.89 -18.40 18.13
C45 PCW F . -8.71 -19.36 18.16
C46 PCW F . -9.11 -20.80 18.01
C47 PCW F . -8.91 -21.68 19.24
C48 PCW F . -9.34 -23.12 18.96
N PCW F . -19.39 -6.83 13.14
O2 PCW F . -16.75 -7.28 17.46
O3 PCW F . -18.75 -8.81 18.81
O11 PCW F . -19.91 -8.70 16.85
O31 PCW F . -15.38 -8.81 18.53
O1P PCW F . -18.57 -3.13 16.19
O2P PCW F . -16.62 -4.67 16.21
O3P PCW F . -18.24 -4.60 18.22
O4P PCW F . -18.80 -5.63 16.09
P PCW F . -18.02 -4.45 16.62
C1 PCW G . 5.46 25.67 -20.71
C2 PCW G . 6.41 25.68 -21.98
C3 PCW G . 7.67 26.57 -21.69
C4 PCW G . 9.06 23.42 -19.04
C5 PCW G . 9.79 22.30 -19.77
C6 PCW G . 10.41 22.07 -22.23
C7 PCW G . 12.01 22.99 -20.62
C8 PCW G . 11.31 21.28 -20.68
C11 PCW G . 9.65 25.81 -22.81
C12 PCW G . 10.39 25.93 -24.12
C13 PCW G . 9.85 24.81 -25.08
C14 PCW G . 10.48 24.78 -26.47
C15 PCW G . 11.95 24.29 -26.52
C16 PCW G . 12.28 23.69 -27.95
C17 PCW G . 11.81 22.23 -28.24
C18 PCW G . 12.96 21.23 -28.35
C19 PCW G . 12.48 19.81 -28.74
C20 PCW G . 13.36 18.82 -29.13
C21 PCW G . 14.84 18.79 -29.28
C22 PCW G . 15.37 17.78 -28.23
C23 PCW G . 16.47 18.26 -27.24
C24 PCW G . 17.88 18.19 -27.73
C25 PCW G . 18.52 19.36 -28.55
C26 PCW G . 19.63 20.13 -27.88
C27 PCW G . 20.91 20.38 -28.70
C28 PCW G . 21.47 21.76 -28.39
C31 PCW G . 6.03 23.57 -22.99
C32 PCW G . 6.67 22.19 -23.21
C33 PCW G . 7.18 21.92 -24.71
C34 PCW G . 6.88 20.50 -25.21
C35 PCW G . 7.53 20.40 -26.65
C36 PCW G . 7.53 18.96 -27.20
C37 PCW G . 8.16 18.78 -28.62
C38 PCW G . 7.42 17.76 -29.43
C39 PCW G . 8.01 17.58 -30.80
C40 PCW G . 7.48 16.91 -31.82
C41 PCW G . 6.14 16.19 -31.77
C42 PCW G . 6.39 14.62 -31.93
C43 PCW G . 5.29 13.67 -31.51
C44 PCW G . 5.80 12.26 -31.76
C45 PCW G . 4.96 11.44 -32.69
C46 PCW G . 5.10 9.95 -32.47
C47 PCW G . 4.48 9.06 -33.52
C48 PCW G . 4.70 7.58 -33.17
N PCW G . 10.64 22.59 -20.87
O2 PCW G . 6.89 24.30 -22.27
O3 PCW G . 8.52 26.57 -22.85
O11 PCW G . 10.01 25.13 -21.87
O31 PCW G . 4.90 23.93 -23.40
O1P PCW G . 6.50 23.68 -17.67
O2P PCW G . 5.58 22.93 -19.88
O3P PCW G . 6.14 25.41 -19.47
O4P PCW G . 7.85 23.71 -19.79
P PCW G . 6.48 23.87 -19.16
C1 PCW H . 28.57 18.03 4.29
C2 PCW H . 29.17 18.09 2.84
C3 PCW H . 30.54 17.33 2.77
C4 PCW H . 26.86 21.57 3.51
C5 PCW H . 27.92 21.82 2.43
C6 PCW H . 29.23 23.98 2.13
C7 PCW H . 30.28 22.04 3.18
C8 PCW H . 29.67 22.20 1.45
C11 PCW H . 32.34 17.01 1.21
C12 PCW H . 32.67 17.16 -0.25
C13 PCW H . 32.59 15.74 -0.92
C14 PCW H . 32.90 15.73 -2.42
C15 PCW H . 34.30 15.17 -2.82
C16 PCW H . 34.69 15.64 -4.26
C17 PCW H . 36.22 15.64 -4.62
C18 PCW H . 36.52 15.36 -6.09
C19 PCW H . 38.00 15.57 -6.46
C20 PCW H . 38.94 14.55 -6.40
C21 PCW H . 38.84 13.12 -6.00
C22 PCW H . 38.62 12.31 -7.31
C23 PCW H . 37.32 11.46 -7.42
C24 PCW H . 37.35 10.09 -6.81
C25 PCW H . 37.11 8.83 -7.68
C26 PCW H . 38.34 8.24 -8.36
C27 PCW H . 38.10 7.28 -9.56
C28 PCW H . 39.36 6.52 -9.87
C31 PCW H . 27.97 18.15 0.78
C32 PCW H . 27.03 17.33 -0.10
C33 PCW H . 25.71 18.11 -0.59
C34 PCW H . 25.00 17.42 -1.75
C35 PCW H . 23.66 16.82 -1.12
C36 PCW H . 23.57 15.28 -1.26
C37 PCW H . 22.29 14.63 -0.66
C38 PCW H . 22.62 13.60 0.38
C39 PCW H . 21.38 12.95 0.96
C40 PCW H . 21.34 12.07 1.96
C41 PCW H . 22.56 11.55 2.69
C42 PCW H . 22.45 9.96 2.76
C43 PCW H . 23.19 9.15 1.72
C44 PCW H . 22.91 7.68 2.03
C45 PCW H . 24.09 6.89 2.53
C46 PCW H . 25.12 6.60 1.47
C47 PCW H . 25.32 5.16 1.09
C48 PCW H . 26.39 5.02 -0.01
N PCW H . 29.05 22.65 2.72
O2 PCW H . 28.25 17.42 1.87
O3 PCW H . 31.06 17.41 1.44
O11 PCW H . 33.08 16.57 2.05
O31 PCW H . 28.41 19.31 0.54
O1P PCW H . 25.06 19.54 4.56
O2P PCW H . 26.69 19.49 6.45
O3P PCW H . 27.12 18.10 4.32
O4P PCW H . 27.37 20.53 4.38
P PCW H . 26.50 19.43 4.97
C1 PCW I . -1.60 11.98 -8.15
C2 PCW I . -1.14 11.17 -9.43
C3 PCW I . -2.15 10.01 -9.70
C4 PCW I . -5.99 13.26 -7.68
C5 PCW I . -6.20 13.65 -6.22
C6 PCW I . -4.32 14.22 -4.60
C7 PCW I . -5.67 16.00 -5.58
C8 PCW I . -6.23 14.65 -4.45
C11 PCW I . -2.43 9.49 -12.03
C12 PCW I . -1.88 8.60 -13.11
C13 PCW I . -3.00 7.56 -13.49
C14 PCW I . -2.62 6.57 -14.59
C15 PCW I . -3.32 5.19 -14.52
C16 PCW I . -4.30 4.99 -15.73
C17 PCW I . -4.50 3.53 -16.27
C18 PCW I . -5.95 3.06 -16.25
C19 PCW I . -6.10 1.56 -15.91
C20 PCW I . -6.72 0.66 -16.77
C21 PCW I . -7.36 0.83 -18.10
C22 PCW I . -6.31 0.37 -19.15
C23 PCW I . -6.45 0.93 -20.59
C24 PCW I . -6.46 -0.07 -21.70
C25 PCW I . -7.55 -0.04 -22.80
C26 PCW I . -8.41 -1.28 -22.94
C27 PCW I . -8.31 -2.09 -24.26
C28 PCW I . -8.39 -3.56 -23.96
C31 PCW I . 0.00 12.72 -10.82
C32 PCW I . -0.15 13.60 -12.08
C33 PCW I . 0.00 15.18 -11.85
C34 PCW I . 1.42 15.60 -11.48
C35 PCW I . 2.21 15.69 -12.85
C36 PCW I . 3.67 15.16 -12.73
C37 PCW I . 4.50 15.22 -14.05
C38 PCW I . 4.88 13.86 -14.52
C39 PCW I . 5.70 13.90 -15.80
C40 PCW I . 6.81 13.24 -16.07
C41 PCW I . 7.50 12.30 -15.09
C42 PCW I . 9.05 12.67 -15.07
C43 PCW I . 10.06 11.58 -15.36
C44 PCW I . 11.44 12.21 -15.27
C45 PCW I . 12.56 11.40 -15.87
C46 PCW I . 13.87 12.13 -15.90
C47 PCW I . 15.11 11.28 -15.71
C48 PCW I . 16.39 12.15 -15.76
N PCW I . -5.31 14.59 -5.62
O2 PCW I . -1.15 12.07 -10.63
O3 PCW I . -1.75 9.26 -10.87
O11 PCW I . -3.34 10.26 -12.16
O31 PCW I . 1.03 12.66 -10.10
O1P PCW I . -3.99 14.56 -9.75
O2P PCW I . -3.67 14.50 -7.73
O3P PCW I . -2.06 13.31 -8.44
O4P PCW I . -4.60 12.85 -7.79
P PCW I . -3.63 13.45 -8.78
C1 PCW J . 11.48 20.08 -15.87
C2 PCW J . 10.51 19.00 -16.51
C3 PCW J . 9.26 19.72 -17.16
C4 PCW J . 8.64 20.25 -12.69
C5 PCW J . 7.41 19.68 -13.40
C6 PCW J . 5.85 21.47 -13.91
C7 PCW J . 5.88 20.54 -11.76
C8 PCW J . 4.97 19.27 -13.42
C11 PCW J . 8.15 18.79 -19.08
C12 PCW J . 7.27 17.64 -19.48
C13 PCW J . 8.19 16.40 -19.78
C14 PCW J . 7.45 15.13 -20.22
C15 PCW J . 8.32 14.07 -20.97
C16 PCW J . 8.76 14.61 -22.38
C17 PCW J . 10.28 14.51 -22.74
C18 PCW J . 10.86 15.82 -23.27
C19 PCW J . 12.30 16.09 -22.76
C20 PCW J . 13.42 15.95 -23.57
C21 PCW J . 13.58 15.58 -25.00
C22 PCW J . 13.70 14.02 -25.04
C23 PCW J . 13.89 13.34 -26.41
C24 PCW J . 12.66 13.13 -27.25
C25 PCW J . 12.46 13.88 -28.60
C26 PCW J . 11.25 14.78 -28.70
C27 PCW J . 9.91 14.14 -29.15
C28 PCW J . 9.92 13.93 -30.65
C31 PCW J . 11.22 16.94 -17.39
C32 PCW J . 11.97 16.31 -18.58
C33 PCW J . 12.80 14.97 -18.25
C34 PCW J . 14.13 14.88 -18.99
C35 PCW J . 14.17 13.43 -19.62
C36 PCW J . 15.58 12.82 -19.61
C37 PCW J . 15.70 11.38 -20.21
C38 PCW J . 17.06 11.13 -20.77
C39 PCW J . 17.21 9.75 -21.36
C40 PCW J . 17.24 9.42 -22.66
C41 PCW J . 17.10 10.43 -23.79
C42 PCW J . 16.49 9.67 -25.05
C43 PCW J . 14.99 9.49 -25.14
C44 PCW J . 14.70 8.74 -26.43
C45 PCW J . 13.87 7.49 -26.27
C46 PCW J . 14.60 6.23 -26.65
C47 PCW J . 14.83 5.24 -25.53
C48 PCW J . 15.59 4.00 -26.04
N PCW J . 6.10 20.22 -13.14
O2 PCW J . 11.21 18.26 -17.58
O3 PCW J . 8.41 18.72 -17.74
O11 PCW J . 8.59 19.62 -19.82
O31 PCW J . 10.73 16.31 -16.42
O1P PCW J . 11.46 20.71 -12.08
O2P PCW J . 11.25 22.37 -13.94
O3P PCW J . 11.72 19.90 -14.46
O4P PCW J . 9.54 20.71 -13.73
P PCW J . 11.02 20.98 -13.49
C1 PCW K . 14.35 -3.27 34.26
C2 PCW K . 15.52 -3.42 33.21
C3 PCW K . 16.91 -3.36 33.96
C4 PCW K . 10.27 -5.67 35.30
C5 PCW K . 9.56 -6.86 34.65
C6 PCW K . 7.62 -8.20 34.13
C7 PCW K . 7.34 -6.14 35.18
C8 PCW K . 8.18 -7.85 36.45
C11 PCW K . 18.96 -2.57 33.04
C12 PCW K . 19.97 -2.88 31.96
C13 PCW K . 20.80 -4.14 32.41
C14 PCW K . 21.87 -4.60 31.43
C15 PCW K . 22.30 -6.10 31.55
C16 PCW K . 23.79 -6.21 32.04
C17 PCW K . 24.05 -6.58 33.54
C18 PCW K . 25.52 -6.70 33.90
C19 PCW K . 25.93 -8.13 34.34
C20 PCW K . 27.00 -8.81 33.75
C21 PCW K . 27.95 -8.44 32.68
C22 PCW K . 27.30 -8.86 31.33
C23 PCW K . 28.05 -9.92 30.48
C24 PCW K . 27.24 -11.04 29.91
C25 PCW K . 27.85 -12.44 29.63
C26 PCW K . 28.18 -12.76 28.19
C27 PCW K . 29.64 -12.61 27.73
C28 PCW K . 29.73 -11.57 26.64
C31 PCW K . 15.01 -4.68 31.27
C32 PCW K . 14.98 -6.11 30.70
C33 PCW K . 14.16 -7.17 31.57
C34 PCW K . 14.83 -8.55 31.64
C35 PCW K . 15.85 -8.45 32.85
C36 PCW K . 16.07 -9.82 33.54
C37 PCW K . 17.06 -9.81 34.75
C38 PCW K . 18.12 -10.85 34.62
C39 PCW K . 19.08 -10.86 35.77
C40 PCW K . 20.27 -10.26 35.84
C41 PCW K . 20.87 -9.44 34.72
C42 PCW K . 21.91 -10.35 33.93
C43 PCW K . 21.54 -10.87 32.56
C44 PCW K . 22.72 -11.70 32.07
C45 PCW K . 22.39 -13.12 31.67
C46 PCW K . 23.58 -14.02 31.62
C47 PCW K . 24.16 -14.29 30.24
C48 PCW K . 25.37 -15.22 30.33
N PCW K . 8.24 -7.24 35.08
O2 PCW K . 15.45 -4.74 32.53
O3 PCW K . 17.97 -3.49 33.01
O11 PCW K . 19.03 -1.64 33.80
O31 PCW K . 14.67 -3.63 30.64
O1P PCW K . 11.82 -3.29 35.90
O2P PCW K . 11.27 -2.72 33.53
O3P PCW K . 13.28 -4.23 34.07
O4P PCW K . 10.97 -4.98 34.24
P PCW K . 11.81 -3.74 34.47
C1 PCW L . -2.96 7.43 3.77
C2 PCW L . -2.23 6.71 2.57
C3 PCW L . -1.19 7.68 1.91
C4 PCW L . 1.13 7.34 4.78
C5 PCW L . 2.36 7.42 5.69
C6 PCW L . 4.10 5.86 5.15
C7 PCW L . 4.67 8.00 5.87
C8 PCW L . 3.84 7.80 3.75
C11 PCW L . 0.84 6.99 0.81
C12 PCW L . 1.33 6.24 -0.40
C13 PCW L . 2.18 7.22 -1.28
C14 PCW L . 2.76 6.61 -2.55
C15 PCW L . 4.32 6.67 -2.70
C16 PCW L . 4.88 5.30 -3.22
C17 PCW L . 5.67 4.42 -2.21
C18 PCW L . 6.03 3.04 -2.77
C19 PCW L . 7.51 2.94 -3.23
C20 PCW L . 7.87 3.07 -4.56
C21 PCW L . 7.08 3.30 -5.80
C22 PCW L . 8.04 3.06 -7.00
C23 PCW L . 7.49 2.21 -8.17
C24 PCW L . 7.62 2.80 -9.55
C25 PCW L . 8.98 3.31 -10.09
C26 PCW L . 10.04 2.26 -10.36
C27 PCW L . 10.37 1.93 -11.83
C28 PCW L . 10.95 0.54 -11.94
C31 PCW L . -1.68 4.42 2.33
C32 PCW L . -0.86 3.27 2.94
C33 PCW L . -1.58 1.84 2.96
C34 PCW L . -1.42 1.06 1.66
C35 PCW L . -1.89 -0.42 1.99
C36 PCW L . -3.23 -0.77 1.30
C37 PCW L . -3.76 -2.21 1.57
C38 PCW L . -5.21 -2.35 1.25
C39 PCW L . -5.75 -3.74 1.51
C40 PCW L . -5.94 -4.71 0.61
C41 PCW L . -5.66 -4.56 -0.87
C42 PCW L . -4.85 -5.85 -1.37
C43 PCW L . -4.92 -6.23 -2.83
C44 PCW L . -4.06 -7.48 -2.99
C45 PCW L . -3.56 -7.72 -4.39
C46 PCW L . -2.06 -7.78 -4.49
C47 PCW L . -1.37 -6.50 -4.91
C48 PCW L . 0.15 -6.70 -4.97
N PCW L . 3.66 7.27 5.15
O2 PCW L . -1.48 5.51 3.06
O3 PCW L . -0.53 7.02 0.82
O11 PCW L . 1.54 7.49 1.65
O31 PCW L . -2.44 4.32 1.32
O1P PCW L . -1.08 9.21 4.61
O2P PCW L . -1.44 8.54 6.98
O3P PCW L . -2.41 7.11 5.06
O4P PCW L . -0.03 7.15 5.62
P PCW L . -1.23 8.09 5.59
C1 PCW M . 24.10 6.49 22.34
C2 PCW M . 25.21 5.39 22.20
C3 PCW M . 24.56 3.96 22.08
C4 PCW M . 20.49 7.41 19.17
C5 PCW M . 20.18 8.37 18.02
C6 PCW M . 20.87 7.18 15.88
C7 PCW M . 18.75 8.40 16.00
C8 PCW M . 20.46 9.08 16.13
C11 PCW M . 26.23 2.54 23.06
C12 PCW M . 27.26 1.50 22.68
C13 PCW M . 26.53 0.11 22.64
C14 PCW M . 27.43 -1.07 22.27
C15 PCW M . 26.68 -2.33 21.73
C16 PCW M . 26.27 -3.29 22.91
C17 PCW M . 25.01 -4.20 22.68
C18 PCW M . 23.70 -3.42 22.56
C19 PCW M . 22.73 -3.71 23.74
C20 PCW M . 21.97 -4.87 23.81
C21 PCW M . 21.85 -6.04 22.91
C22 PCW M . 20.44 -5.98 22.26
C23 PCW M . 20.08 -7.06 21.22
C24 PCW M . 19.61 -8.39 21.75
C25 PCW M . 20.63 -9.46 22.22
C26 PCW M . 20.12 -10.89 22.31
C27 PCW M . 21.10 -11.96 22.80
C28 PCW M . 21.22 -13.07 21.78
C31 PCW M . 27.13 6.30 21.14
C32 PCW M . 27.82 6.45 19.79
C33 PCW M . 28.43 5.10 19.17
C34 PCW M . 29.30 4.32 20.15
C35 PCW M . 30.22 3.38 19.26
C36 PCW M . 30.41 1.97 19.87
C37 PCW M . 31.31 1.00 19.04
C38 PCW M . 32.00 0.00 19.91
C39 PCW M . 32.88 -0.95 19.14
C40 PCW M . 33.69 -1.88 19.66
C41 PCW M . 33.86 -2.13 21.14
C42 PCW M . 33.29 -3.59 21.45
C43 PCW M . 34.29 -4.72 21.65
C44 PCW M . 33.49 -5.99 21.94
C45 PCW M . 33.28 -6.90 20.76
C46 PCW M . 31.87 -6.90 20.23
C47 PCW M . 31.64 -6.11 18.96
C48 PCW M . 30.16 -6.18 18.54
N PCW M . 19.87 7.85 16.74
O2 PCW M . 26.00 5.61 20.95
O3 PCW M . 25.58 2.97 21.94
O11 PCW M . 26.02 2.94 24.18
O31 PCW M . 27.54 6.75 22.25
O1P PCW M . 21.04 6.69 21.95
O2P PCW M . 22.21 8.90 21.97
O3P PCW M . 23.41 6.81 21.12
O4P PCW M . 21.67 7.93 19.84
P PCW M . 22.03 7.60 21.29
C1 PCW N . -5.99 6.91 -10.36
C2 PCW N . -5.18 5.61 -9.96
C3 PCW N . -5.97 4.33 -10.41
C4 PCW N . -7.62 8.40 -7.62
C5 PCW N . -8.42 9.51 -6.93
C6 PCW N . -9.78 10.42 -5.17
C7 PCW N . -8.58 8.46 -4.78
C8 PCW N . -10.42 8.31 -6.11
C11 PCW N . -5.37 2.65 -8.78
C12 PCW N . -4.53 1.40 -8.63
C13 PCW N . -3.50 1.63 -7.46
C14 PCW N . -2.58 0.45 -7.18
C15 PCW N . -1.35 0.30 -8.13
C16 PCW N . -1.43 -1.05 -8.94
C17 PCW N . -0.75 -2.31 -8.29
C18 PCW N . -0.70 -3.52 -9.22
C19 PCW N . 0.70 -4.19 -9.25
C20 PCW N . 0.88 -5.51 -9.64
C21 PCW N . -0.07 -6.57 -10.07
C22 PCW N . 0.14 -7.78 -9.13
C23 PCW N . -1.11 -8.33 -8.39
C24 PCW N . -1.70 -9.60 -8.92
C25 PCW N . -3.03 -9.57 -9.73
C26 PCW N . -2.92 -9.72 -11.23
C27 PCW N . -3.25 -8.49 -12.11
C28 PCW N . -4.69 -8.56 -12.57
C31 PCW N . -2.85 5.21 -9.91
C32 PCW N . -1.58 5.24 -10.76
C33 PCW N . -1.43 4.05 -11.83
C34 PCW N . -1.92 2.69 -11.32
C35 PCW N . -0.76 1.66 -11.65
C36 PCW N . -1.04 0.85 -12.95
C37 PCW N . 0.06 -0.19 -13.34
C38 PCW N . 0.29 -0.25 -14.81
C39 PCW N . 1.35 -1.24 -15.19
C40 PCW N . 1.60 -1.73 -16.40
C41 PCW N . 0.83 -1.36 -17.66
C42 PCW N . 1.08 -2.50 -18.75
C43 PCW N . 2.41 -2.56 -19.46
C44 PCW N . 2.35 -3.73 -20.42
C45 PCW N . 3.68 -4.24 -20.90
C46 PCW N . 3.65 -4.76 -22.31
C47 PCW N . 4.80 -5.66 -22.71
C48 PCW N . 4.66 -6.13 -24.17
N PCW N . -9.25 9.20 -5.81
O2 PCW N . -3.87 5.59 -10.68
O3 PCW N . -5.22 3.15 -10.04
O11 PCW N . -6.08 3.12 -7.93
O31 PCW N . -2.91 4.89 -8.69
O1P PCW N . -4.72 8.31 -7.82
O2P PCW N . -5.03 10.42 -9.10
O3P PCW N . -5.24 8.15 -10.28
O4P PCW N . -6.94 9.01 -8.76
P PCW N . -5.44 9.01 -8.94
C1 PCW O . 12.21 4.33 16.98
C2 PCW O . 13.69 3.88 16.68
C3 PCW O . 13.70 2.38 16.23
C4 PCW O . 8.64 5.86 18.66
C5 PCW O . 7.54 5.22 17.82
C6 PCW O . 5.77 5.78 19.37
C7 PCW O . 5.24 4.74 17.34
C8 PCW O . 5.85 6.93 17.25
C11 PCW O . 15.23 0.74 15.36
C12 PCW O . 16.70 0.48 15.16
C13 PCW O . 17.07 -0.84 15.92
C14 PCW O . 18.53 -1.26 15.83
C15 PCW O . 18.83 -2.76 16.15
C16 PCW O . 20.16 -3.22 15.48
C17 PCW O . 20.10 -4.49 14.56
C18 PCW O . 20.47 -5.77 15.29
C19 PCW O . 21.95 -6.18 15.08
C20 PCW O . 22.93 -5.98 16.04
C21 PCW O . 22.90 -5.39 17.41
C22 PCW O . 22.62 -6.55 18.39
C23 PCW O . 23.70 -6.85 19.47
C24 PCW O . 24.69 -7.93 19.14
C25 PCW O . 26.21 -7.61 19.01
C26 PCW O . 26.95 -8.32 17.90
C27 PCW O . 27.74 -9.59 18.28
C28 PCW O . 27.20 -10.77 17.49
C31 PCW O . 14.68 5.90 15.91
C32 PCW O . 15.22 6.59 14.65
C33 PCW O . 16.42 5.84 13.92
C34 PCW O . 16.65 6.31 12.48
C35 PCW O . 17.91 5.49 11.96
C36 PCW O . 19.17 6.38 11.79
C37 PCW O . 20.44 5.65 11.28
C38 PCW O . 20.52 5.61 9.78
C39 PCW O . 21.75 4.91 9.28
C40 PCW O . 22.01 4.54 8.02
C41 PCW O . 21.06 4.77 6.85
C42 PCW O . 21.49 3.80 5.67
C43 PCW O . 22.63 4.22 4.77
C44 PCW O . 22.82 3.12 3.74
C45 PCW O . 24.07 2.29 3.91
C46 PCW O . 24.58 1.69 2.63
C47 PCW O . 25.75 0.73 2.76
C48 PCW O . 26.16 0.18 1.39
N PCW O . 6.17 5.65 17.95
O2 PCW O . 14.25 4.68 15.55
O3 PCW O . 15.05 1.96 15.96
O11 PCW O . 14.34 -0.01 15.04
O31 PCW O . 14.65 6.39 17.07
O1P PCW O . 11.19 6.69 19.83
O2P PCW O . 11.73 7.29 17.47
O3P PCW O . 12.02 4.86 18.31
O4P PCW O . 9.86 5.83 17.87
P PCW O . 11.22 6.25 18.39
C1 PCW P . -4.63 -4.44 15.04
C2 PCW P . -4.71 -5.88 15.66
C3 PCW P . -4.53 -6.96 14.52
C4 PCW P . -2.52 -0.64 17.32
C5 PCW P . -1.01 -0.86 17.15
C6 PCW P . 1.11 0.27 16.30
C7 PCW P . -0.13 1.21 18.19
C8 PCW P . 0.73 -0.42 18.10
C11 PCW P . -3.47 -9.04 15.06
C12 PCW P . -3.76 -10.37 15.68
C13 PCW P . -3.21 -11.50 14.72
C14 PCW P . -3.41 -12.94 15.20
C15 PCW P . -3.99 -13.90 14.13
C16 PCW P . -5.56 -13.90 14.17
C17 PCW P . -6.29 -15.14 13.53
C18 PCW P . -6.24 -16.40 14.40
C19 PCW P . -5.75 -17.64 13.62
C20 PCW P . -5.00 -18.64 14.21
C21 PCW P . -4.48 -18.82 15.59
C22 PCW P . -5.39 -19.87 16.28
C23 PCW P . -5.12 -21.37 15.97
C24 PCW P . -6.29 -22.19 15.51
C25 PCW P . -6.78 -22.13 14.04
C26 PCW P . -8.26 -21.89 13.82
C27 PCW P . -8.89 -22.42 12.51
C28 PCW P . -10.38 -22.58 12.69
C31 PCW P . -3.96 -5.99 17.91
C32 PCW P . -2.72 -6.22 18.78
C33 PCW P . -2.40 -7.74 19.13
C34 PCW P . -1.17 -7.91 20.03
C35 PCW P . -1.61 -8.89 21.18
C36 PCW P . -0.43 -9.30 22.10
C37 PCW P . -0.80 -10.26 23.27
C38 PCW P . -0.70 -11.70 22.85
C39 PCW P . -1.05 -12.66 23.97
C40 PCW P . -0.27 -13.61 24.47
C41 PCW P . 1.13 -13.93 24.00
C42 PCW P . 1.06 -15.13 22.96
C43 PCW P . 1.06 -16.55 23.48
C44 PCW P . 0.97 -17.46 22.28
C45 PCW P . 0.70 -18.92 22.58
C46 PCW P . 1.18 -19.86 21.51
C47 PCW P . 1.59 -21.23 21.98
C48 PCW P . 2.06 -22.10 20.79
N PCW P . -0.13 0.26 17.10
O2 PCW P . -3.59 -6.08 16.63
O3 PCW P . -4.60 -8.28 15.09
O11 PCW P . -2.41 -8.70 14.60
O31 PCW P . -5.13 -5.78 18.33
O1P PCW P . -4.83 -1.33 15.71
O2P PCW P . -5.30 -2.92 17.58
O3P PCW P . -3.68 -3.57 15.68
O4P PCW P . -3.10 -1.98 17.42
P PCW P . -4.31 -2.41 16.61
C1 PCW Q . -1.81 7.52 9.74
C2 PCW Q . -1.56 5.97 9.96
C3 PCW Q . -2.55 5.40 11.02
C4 PCW Q . -5.41 5.90 8.51
C5 PCW Q . -5.20 4.90 7.38
C6 PCW Q . -5.70 2.49 6.69
C7 PCW Q . -7.52 4.09 7.01
C8 PCW Q . -6.18 4.15 5.75
C11 PCW Q . -3.27 3.12 10.79
C12 PCW Q . -2.83 1.71 11.07
C13 PCW Q . -3.11 1.40 12.59
C14 PCW Q . -2.72 -0.01 13.05
C15 PCW Q . -1.20 -0.34 13.03
C16 PCW Q . -0.98 -1.89 12.95
C17 PCW Q . 0.14 -2.49 13.87
C18 PCW Q . 1.50 -2.61 13.18
C19 PCW Q . 2.69 -2.44 14.15
C20 PCW Q . 3.93 -3.02 13.93
C21 PCW Q . 4.44 -3.89 12.84
C22 PCW Q . 5.50 -3.05 12.05
C23 PCW Q . 6.92 -3.65 11.93
C24 PCW Q . 7.77 -3.65 13.18
C25 PCW Q . 9.22 -3.09 13.15
C26 PCW Q . 9.61 -2.19 14.30
C27 PCW Q . 11.11 -2.15 14.70
C28 PCW Q . 11.26 -1.54 16.08
C31 PCW Q . -0.66 4.89 8.06
C32 PCW Q . -1.05 4.14 6.77
C33 PCW Q . -0.76 2.56 6.79
C34 PCW Q . 0.67 2.21 6.41
C35 PCW Q . 0.62 0.76 5.78
C36 PCW Q . 2.02 0.15 5.57
C37 PCW Q . 2.04 -1.28 4.95
C38 PCW Q . 3.00 -2.19 5.67
C39 PCW Q . 3.04 -3.58 5.08
C40 PCW Q . 3.92 -4.54 5.37
C41 PCW Q . 5.06 -4.38 6.35
C42 PCW Q . 5.04 -5.64 7.34
C43 PCW Q . 4.96 -5.39 8.83
C44 PCW Q . 4.95 -6.74 9.52
C45 PCW Q . 5.89 -6.90 10.68
C46 PCW Q . 7.02 -7.86 10.42
C47 PCW Q . 8.41 -7.27 10.32
C48 PCW Q . 9.46 -8.36 10.07
N PCW Q . -6.12 3.81 7.20
O2 PCW Q . -1.79 5.24 8.69
O3 PCW Q . -2.31 3.99 11.21
O11 PCW Q . -4.30 3.43 10.26
O31 PCW Q . 0.51 5.14 8.43
O1P PCW Q . -5.52 8.46 9.93
O2P PCW Q . -3.97 9.18 8.13
O3P PCW Q . -3.08 8.00 10.25
O4P PCW Q . -4.28 6.82 8.46
P PCW Q . -4.27 8.17 9.17
C1 PCW R . -9.44 16.56 -24.39
C2 PCW R . -10.27 15.85 -25.54
C3 PCW R . -9.45 15.85 -26.88
C4 PCW R . -8.36 19.01 -21.78
C5 PCW R . -6.83 19.05 -21.82
C6 PCW R . -5.98 21.02 -22.95
C7 PCW R . -4.81 20.15 -21.12
C8 PCW R . -6.76 21.25 -20.67
C11 PCW R . -10.04 15.62 -29.20
C12 PCW R . -10.94 14.83 -30.11
C13 PCW R . -10.38 13.37 -30.22
C14 PCW R . -11.19 12.43 -31.11
C15 PCW R . -11.33 10.96 -30.61
C16 PCW R . -10.07 10.11 -31.02
C17 PCW R . -9.78 8.81 -30.21
C18 PCW R . -8.66 7.97 -30.79
C19 PCW R . -9.12 6.56 -31.23
C20 PCW R . -9.28 6.22 -32.57
C21 PCW R . -9.07 6.98 -33.82
C22 PCW R . -9.63 6.11 -34.98
C23 PCW R . -8.85 6.09 -36.31
C24 PCW R . -8.69 4.78 -36.99
C25 PCW R . -7.32 4.05 -37.03
C26 PCW R . -7.35 2.54 -36.92
C27 PCW R . -7.33 1.73 -38.24
C28 PCW R . -8.53 0.82 -38.29
C31 PCW R . -11.83 14.16 -25.01
C32 PCW R . -11.95 12.68 -24.65
C33 PCW R . -12.95 11.82 -25.57
C34 PCW R . -12.29 10.60 -26.21
C35 PCW R . -13.23 10.21 -27.41
C36 PCW R . -13.60 8.70 -27.40
C37 PCW R . -14.54 8.22 -28.56
C38 PCW R . -15.36 7.05 -28.16
C39 PCW R . -16.27 6.57 -29.26
C40 PCW R . -17.27 5.70 -29.16
C41 PCW R . -17.68 5.01 -27.87
C42 PCW R . -18.96 5.78 -27.29
C43 PCW R . -19.88 5.02 -26.36
C44 PCW R . -21.00 5.99 -25.97
C45 PCW R . -21.43 5.92 -24.53
C46 PCW R . -22.23 7.11 -24.08
C47 PCW R . -22.76 7.07 -22.67
C48 PCW R . -23.55 8.34 -22.34
N PCW R . -6.13 20.31 -21.65
O2 PCW R . -10.54 14.44 -25.19
O3 PCW R . -10.22 15.22 -27.91
O11 PCW R . -9.28 16.48 -29.55
O31 PCW R . -12.79 14.98 -25.13
O1P PCW R . -11.02 18.06 -22.51
O2P PCW R . -10.60 16.39 -20.71
O3P PCW R . -9.69 16.00 -23.07
O4P PCW R . -8.72 17.62 -21.57
P PCW R . -10.08 17.04 -21.92
C1 PCW S . 4.00 16.63 -17.27
C2 PCW S . 2.68 16.01 -17.91
C3 PCW S . 2.76 16.07 -19.47
C4 PCW S . 3.36 20.78 -19.40
C5 PCW S . 3.54 20.56 -20.90
C6 PCW S . 1.28 20.59 -21.72
C7 PCW S . 3.04 21.01 -23.19
C8 PCW S . 2.52 22.66 -21.71
C11 PCW S . 0.95 16.16 -21.06
C12 PCW S . -0.27 15.38 -21.49
C13 PCW S . -1.32 16.38 -22.11
C14 PCW S . -2.61 15.74 -22.61
C15 PCW S . -3.69 16.72 -23.17
C16 PCW S . -4.79 15.94 -23.97
C17 PCW S . -5.38 16.62 -25.25
C18 PCW S . -5.86 15.61 -26.29
C19 PCW S . -5.49 16.00 -27.74
C20 PCW S . -5.57 15.10 -28.80
C21 PCW S . -5.97 13.67 -28.87
C22 PCW S . -4.76 12.89 -29.44
C23 PCW S . -5.03 11.46 -29.99
C24 PCW S . -5.30 10.40 -28.98
C25 PCW S . -4.68 8.97 -29.13
C26 PCW S . -4.44 8.21 -27.84
C27 PCW S . -2.98 7.89 -27.45
C28 PCW S . -2.76 6.40 -27.47
C31 PCW S . 1.56 14.33 -16.67
C32 PCW S . 1.56 12.82 -16.38
C33 PCW S . 0.31 12.01 -16.97
C34 PCW S . 0.70 10.66 -17.57
C35 PCW S . -0.65 9.81 -17.60
C36 PCW S . -0.43 8.40 -18.19
C37 PCW S . -1.70 7.50 -18.24
C38 PCW S . -1.88 6.86 -19.58
C39 PCW S . -3.10 5.98 -19.64
C40 PCW S . -3.65 5.45 -20.73
C41 PCW S . -3.12 5.65 -22.14
C42 PCW S . -3.15 4.23 -22.88
C43 PCW S . -4.09 4.06 -24.06
C44 PCW S . -3.91 2.63 -24.57
C45 PCW S . -4.38 2.39 -25.98
C46 PCW S . -5.18 1.13 -26.14
C47 PCW S . -5.14 0.47 -27.49
C48 PCW S . -6.00 -0.80 -27.52
N PCW S . 2.64 21.17 -21.83
O2 PCW S . 2.56 14.58 -17.52
O3 PCW S . 1.56 15.50 -20.03
O11 PCW S . 1.33 17.19 -21.54
O31 PCW S . 0.74 15.17 -16.19
O1P PCW S . 2.77 19.20 -17.03
O2P PCW S . 5.16 19.69 -16.47
O3P PCW S . 4.55 17.73 -18.03
O4P PCW S . 4.42 20.04 -18.73
P PCW S . 4.19 19.20 -17.49
C1 PCW T . 25.71 14.82 9.53
C2 PCW T . 25.95 13.74 8.39
C3 PCW T . 24.90 12.58 8.53
C4 PCW T . 22.50 15.48 6.74
C5 PCW T . 22.05 16.27 5.52
C6 PCW T . 22.88 15.81 3.16
C7 PCW T . 20.62 15.15 3.83
C8 PCW T . 21.30 16.86 3.70
C11 PCW T . 24.39 11.70 6.35
C12 PCW T . 24.77 10.58 5.43
C13 PCW T . 26.22 10.86 4.88
C14 PCW T . 26.78 9.81 3.91
C15 PCW T . 27.96 10.28 3.02
C16 PCW T . 29.08 9.18 3.00
C17 PCW T . 30.29 9.42 2.03
C18 PCW T . 30.59 8.22 1.11
C19 PCW T . 31.85 7.43 1.54
C20 PCW T . 31.78 6.09 1.89
C21 PCW T . 30.66 5.12 1.95
C22 PCW T . 30.86 4.12 0.77
C23 PCW T . 29.77 3.04 0.56
C24 PCW T . 29.36 2.76 -0.86
C25 PCW T . 29.32 1.31 -1.42
C26 PCW T . 30.65 0.60 -1.54
C27 PCW T . 31.07 0.07 -2.93
C28 PCW T . 32.53 -0.30 -2.93
C31 PCW T . 26.86 14.45 6.32
C32 PCW T . 26.49 15.10 4.98
C33 PCW T . 26.66 14.16 3.69
C34 PCW T . 28.10 14.09 3.17
C35 PCW T . 27.96 14.05 1.59
C36 PCW T . 29.33 14.04 0.87
C37 PCW T . 29.28 14.02 -0.70
C38 PCW T . 30.16 12.96 -1.27
C39 PCW T . 30.11 12.91 -2.77
C40 PCW T . 29.85 11.86 -3.54
C41 PCW T . 29.54 10.47 -3.00
C42 PCW T . 30.62 9.45 -3.58
C43 PCW T . 30.33 7.96 -3.49
C44 PCW T . 31.52 7.25 -4.11
C45 PCW T . 31.39 5.76 -4.22
C46 PCW T . 32.40 5.13 -5.15
C47 PCW T . 32.56 3.63 -5.04
C48 PCW T . 33.60 3.11 -6.05
N PCW T . 21.92 15.61 4.26
O2 PCW T . 25.75 14.37 7.06
O3 PCW T . 25.11 11.60 7.51
O11 PCW T . 23.57 12.56 6.11
O31 PCW T . 28.01 14.06 6.67
O1P PCW T . 22.98 14.87 9.55
O2P PCW T . 23.05 17.35 9.77
O3P PCW T . 25.15 16.07 9.06
O4P PCW T . 23.26 16.40 7.58
P PCW T . 23.55 16.16 9.04
C1 PCW U . -10.10 -9.59 17.65
C2 PCW U . -8.87 -10.52 17.31
C3 PCW U . -7.81 -10.46 18.45
C4 PCW U . -8.18 -5.72 18.08
C5 PCW U . -7.95 -5.01 19.42
C6 PCW U . -6.15 -3.49 20.40
C7 PCW U . -7.89 -2.57 18.94
C8 PCW U . -8.10 -3.35 20.61
C11 PCW U . -6.48 -12.40 18.90
C12 PCW U . -5.28 -13.14 18.39
C13 PCW U . -5.66 -14.66 18.27
C14 PCW U . -4.54 -15.58 17.76
C15 PCW U . -3.71 -16.31 18.86
C16 PCW U . -2.21 -16.48 18.41
C17 PCW U . -1.42 -17.69 18.98
C18 PCW U . -1.21 -18.82 17.97
C19 PCW U . -1.07 -20.21 18.63
C20 PCW U . -1.01 -21.38 17.89
C21 PCW U . -1.06 -21.63 16.43
C22 PCW U . 0.35 -22.14 16.02
C23 PCW U . 1.15 -21.28 15.00
C24 PCW U . 1.47 -21.93 13.69
C25 PCW U . 2.93 -22.02 13.17
C26 PCW U . 3.31 -21.07 12.05
C27 PCW U . 4.54 -20.16 12.26
C28 PCW U . 5.15 -19.81 10.93
C31 PCW U . -9.08 -12.50 16.01
C32 PCW U . -9.58 -13.95 16.05
C33 PCW U . -10.56 -14.36 14.86
C34 PCW U . -10.89 -15.86 14.83
C35 PCW U . -10.01 -16.47 13.66
C36 PCW U . -10.61 -17.79 13.09
C37 PCW U . -9.79 -18.44 11.94
C38 PCW U . -10.67 -18.93 10.83
C39 PCW U . -9.89 -19.57 9.71
C40 PCW U . -10.37 -20.27 8.69
C41 PCW U . -11.86 -20.55 8.47
C42 PCW U . -12.15 -22.05 8.93
C43 PCW U . -11.72 -23.19 8.02
C44 PCW U . -12.13 -24.48 8.69
C45 PCW U . -11.03 -25.17 9.48
C46 PCW U . -10.28 -26.19 8.68
C47 PCW U . -9.29 -27.04 9.45
C48 PCW U . -8.59 -28.04 8.53
N PCW U . -7.24 -3.76 19.45
O2 PCW U . -9.32 -11.94 17.20
O3 PCW U . -6.70 -11.31 18.12
O11 PCW U . -7.15 -12.72 19.85
O31 PCW U . -8.52 -11.94 15.02
O1P PCW U . -10.71 -5.94 16.67
O2P PCW U . -11.40 -7.16 18.73
O3P PCW U . -10.18 -8.40 16.84
O4P PCW U . -9.05 -6.84 18.34
P PCW U . -10.40 -7.04 17.65
C1 PCW V . -17.50 -8.13 7.89
C2 PCW V . -16.92 -8.94 9.12
C3 PCW V . -17.96 -10.02 9.59
C4 PCW V . -16.34 -3.43 8.79
C5 PCW V . -15.00 -3.28 8.06
C6 PCW V . -13.70 -2.47 9.93
C7 PCW V . -14.53 -0.95 8.35
C8 PCW V . -12.78 -2.26 7.71
C11 PCW V . -17.76 -12.06 10.83
C12 PCW V . -17.07 -12.65 12.03
C13 PCW V . -16.00 -13.69 11.53
C14 PCW V . -15.20 -14.39 12.63
C15 PCW V . -15.15 -15.95 12.55
C16 PCW V . -14.30 -16.41 11.32
C17 PCW V . -14.77 -17.72 10.57
C18 PCW V . -16.19 -17.63 10.00
C19 PCW V . -16.83 -19.01 9.77
C20 PCW V . -17.51 -19.71 10.78
C21 PCW V . -17.79 -19.38 12.19
C22 PCW V . -16.76 -20.17 13.05
C23 PCW V . -15.75 -19.34 13.89
C24 PCW V . -14.76 -20.12 14.70
C25 PCW V . -14.63 -19.90 16.25
C26 PCW V . -13.53 -20.68 16.94
C27 PCW V . -13.89 -22.02 17.58
C28 PCW V . -13.42 -22.07 19.02
C31 PCW V . -14.56 -8.97 8.81
C32 PCW V . -13.39 -9.86 8.36
C33 PCW V . -13.22 -10.04 6.78
C34 PCW V . -14.21 -11.04 6.16
C35 PCW V . -13.82 -12.45 6.76
C36 PCW V . -14.78 -13.57 6.29
C37 PCW V . -14.48 -15.00 6.83
C38 PCW V . -15.10 -16.06 5.98
C39 PCW V . -14.83 -17.45 6.49
C40 PCW V . -14.39 -18.49 5.78
C41 PCW V . -14.09 -18.44 4.29
C42 PCW V . -12.52 -18.62 4.09
C43 PCW V . -12.02 -19.83 3.33
C44 PCW V . -10.50 -19.75 3.31
C45 PCW V . -9.78 -21.07 3.39
C46 PCW V . -9.22 -21.35 4.76
C47 PCW V . -8.41 -22.62 4.91
C48 PCW V . -7.90 -22.78 6.34
N PCW V . -14.06 -2.30 8.49
O2 PCW V . -15.68 -9.68 8.70
O3 PCW V . -17.40 -10.76 10.70
O11 PCW V . -18.50 -12.66 10.10
O31 PCW V . -14.46 -7.78 9.21
O1P PCW V . -18.69 -4.96 8.00
O2P PCW V . -18.14 -6.30 10.03
O3P PCW V . -16.99 -6.78 7.78
O4P PCW V . -16.45 -4.84 9.14
P PCW V . -17.65 -5.70 8.77
C1 PCW W . -18.45 7.91 -14.64
C2 PCW W . -18.99 7.03 -15.82
C3 PCW W . -18.07 5.76 -16.00
C4 PCW W . -22.26 9.16 -14.14
C5 PCW W . -23.25 10.13 -13.49
C6 PCW W . -25.32 10.00 -11.99
C7 PCW W . -23.07 9.69 -11.05
C8 PCW W . -23.78 11.21 -11.84
C11 PCW W . -19.17 3.77 -16.77
C12 PCW W . -19.60 3.08 -18.02
C13 PCW W . -18.61 1.88 -18.29
C14 PCW W . -18.90 1.06 -19.53
C15 PCW W . -17.66 0.43 -20.24
C16 PCW W . -18.10 -0.67 -21.26
C17 PCW W . -17.56 -2.12 -21.02
C18 PCW W . -17.10 -2.82 -22.31
C19 PCW W . -17.59 -4.28 -22.41
C20 PCW W . -16.84 -5.34 -21.94
C21 PCW W . -15.52 -5.42 -21.27
C22 PCW W . -14.83 -6.72 -21.76
C23 PCW W . -13.28 -6.76 -21.75
C24 PCW W . -12.59 -6.47 -23.05
C25 PCW W . -11.58 -7.48 -23.67
C26 PCW W . -12.01 -8.16 -24.95
C27 PCW W . -11.90 -7.36 -26.27
C28 PCW W . -13.03 -7.74 -27.20
C31 PCW W . -21.25 6.70 -16.48
C32 PCW W . -22.60 6.15 -16.01
C33 PCW W . -22.76 4.57 -16.10
C34 PCW W . -23.27 4.09 -17.46
C35 PCW W . -24.53 3.18 -17.16
C36 PCW W . -24.28 1.69 -17.49
C37 PCW W . -25.49 0.73 -17.22
C38 PCW W . -26.02 0.12 -18.48
C39 PCW W . -27.18 -0.81 -18.23
C40 PCW W . -27.16 -2.14 -18.23
C41 PCW W . -25.91 -2.96 -18.48
C42 PCW W . -26.37 -4.43 -18.91
C43 PCW W . -25.55 -5.17 -19.95
C44 PCW W . -26.23 -6.51 -20.17
C45 PCW W . -25.30 -7.63 -20.60
C46 PCW W . -25.88 -9.00 -20.37
C47 PCW W . -25.84 -9.94 -21.56
C48 PCW W . -26.45 -11.31 -21.20
N PCW W . -23.87 9.78 -12.25
O2 PCW W . -20.36 6.54 -15.50
O3 PCW W . -18.56 4.95 -17.08
O11 PCW W . -19.33 3.35 -15.65
O31 PCW W . -21.04 7.23 -17.61
O1P PCW W . -19.87 9.02 -12.53
O2P PCW W . -19.53 11.34 -13.37
O3P PCW W . -18.75 9.32 -14.77
O4P PCW W . -21.11 9.94 -14.52
P PCW W . -19.81 9.93 -13.72
C1 PCW X . 23.86 11.31 15.04
C2 PCW X . 24.59 10.45 13.92
C3 PCW X . 25.48 11.38 13.02
C4 PCW X . 25.06 12.92 19.31
C5 PCW X . 23.70 13.09 20.01
C6 PCW X . 24.46 14.26 22.14
C7 PCW X . 22.24 14.68 21.21
C8 PCW X . 22.91 13.09 21.89
C11 PCW X . 27.49 10.59 11.99
C12 PCW X . 27.96 9.69 10.88
C13 PCW X . 28.89 8.58 11.50
C14 PCW X . 29.46 7.57 10.49
C15 PCW X . 30.08 6.28 11.11
C16 PCW X . 31.65 6.39 11.17
C17 PCW X . 32.28 6.77 12.55
C18 PCW X . 33.39 7.83 12.44
C19 PCW X . 34.61 7.50 13.33
C20 PCW X . 35.82 7.06 12.81
C21 PCW X . 36.26 6.77 11.42
C22 PCW X . 35.83 5.30 11.11
C23 PCW X . 36.84 4.42 10.32
C24 PCW X . 37.07 3.04 10.83
C25 PCW X . 38.08 2.76 11.99
C26 PCW X . 37.60 1.84 13.09
C27 PCW X . 37.11 2.49 14.40
C28 PCW X . 36.19 1.55 15.14
C31 PCW X . 24.90 8.30 14.90
C32 PCW X . 25.96 7.39 15.53
C33 PCW X . 25.86 5.84 15.12
C34 PCW X . 26.22 5.58 13.66
C35 PCW X . 25.94 4.04 13.42
C36 PCW X . 26.66 3.49 12.17
C37 PCW X . 26.42 1.98 11.87
C38 PCW X . 27.64 1.16 12.15
C39 PCW X . 27.43 -0.31 11.87
C40 PCW X . 28.38 -1.25 11.79
C41 PCW X . 29.86 -0.98 11.98
C42 PCW X . 30.65 -2.30 11.53
C43 PCW X . 31.71 -2.86 12.46
C44 PCW X . 32.30 -4.09 11.78
C45 PCW X . 33.10 -5.00 12.68
C46 PCW X . 34.58 -4.80 12.56
C47 PCW X . 35.34 -4.52 13.83
C48 PCW X . 36.84 -4.33 13.56
N PCW X . 23.54 14.10 21.00
O2 PCW X . 25.49 9.45 14.57
O3 PCW X . 26.13 10.58 12.02
O11 PCW X . 28.20 11.21 12.74
O31 PCW X . 23.68 8.02 14.73
O1P PCW X . 26.53 11.11 17.58
O2P PCW X . 26.09 12.86 15.86
O3P PCW X . 24.32 11.05 16.38
O4P PCW X . 24.79 12.90 17.88
P PCW X . 25.52 11.98 16.91
C1 PCW Y . 11.27 3.33 21.51
C2 PCW Y . 12.36 2.19 21.36
C3 PCW Y . 13.03 2.27 19.95
C4 PCW Y . 9.07 -0.08 22.25
C5 PCW Y . 10.42 -0.65 22.69
C6 PCW Y . 9.48 -2.01 24.63
C7 PCW Y . 11.72 -2.47 23.76
C8 PCW Y . 11.11 -0.92 24.58
C11 PCW Y . 13.59 -0.01 19.45
C12 PCW Y . 14.78 -0.94 19.41
C13 PCW Y . 14.38 -2.21 18.57
C14 PCW Y . 15.49 -3.26 18.43
C15 PCW Y . 15.08 -4.58 17.70
C16 PCW Y . 15.24 -5.82 18.66
C17 PCW Y . 16.59 -6.60 18.60
C18 PCW Y . 16.65 -7.66 17.49
C19 PCW Y . 16.61 -9.10 18.04
C20 PCW Y . 17.73 -9.92 18.04
C21 PCW Y . 19.13 -9.71 17.59
C22 PCW Y . 20.02 -10.74 18.33
C23 PCW Y . 21.48 -10.34 18.63
C24 PCW Y . 22.52 -10.69 17.61
C25 PCW Y . 22.62 -9.92 16.26
C26 PCW Y . 23.97 -9.90 15.58
C27 PCW Y . 24.12 -10.63 14.23
C28 PCW Y . 24.96 -11.87 14.42
C31 PCW Y . 13.83 1.27 22.98
C32 PCW Y . 14.92 1.63 23.99
C33 PCW Y . 16.25 2.25 23.36
C34 PCW Y . 16.45 3.73 23.69
C35 PCW Y . 17.33 4.32 22.51
C36 PCW Y . 16.48 4.86 21.34
C37 PCW Y . 17.29 5.45 20.14
C38 PCW Y . 17.13 4.65 18.89
C39 PCW Y . 17.90 5.21 17.74
C40 PCW Y . 18.81 4.58 16.99
C41 PCW Y . 19.23 3.14 17.20
C42 PCW Y . 20.82 3.09 17.29
C43 PCW Y . 21.61 2.79 16.03
C44 PCW Y . 23.08 2.80 16.42
C45 PCW Y . 23.74 1.45 16.48
C46 PCW Y . 24.58 1.25 17.71
C47 PCW Y . 26.06 1.01 17.48
C48 PCW Y . 26.79 0.81 18.81
N PCW Y . 10.46 -1.78 23.55
O2 PCW Y . 13.42 2.39 22.38
O3 PCW Y . 14.01 1.23 19.83
O11 PCW Y . 12.45 -0.32 19.20
O31 PCW Y . 13.39 0.10 22.76
O1P PCW Y . 8.31 2.30 23.74
O2P PCW Y . 8.17 3.32 21.46
O3P PCW Y . 10.43 3.18 22.67
O4P PCW Y . 9.33 1.23 21.69
P PCW Y . 8.97 2.53 22.41
C1 PCW Z . -5.52 -0.74 9.83
C2 PCW Z . -5.06 -2.20 9.45
C3 PCW Z . -5.28 -3.18 10.66
C4 PCW Z . -6.54 1.64 12.18
C5 PCW Z . -6.66 1.15 13.63
C6 PCW Z . -5.66 1.56 15.95
C7 PCW Z . -7.02 3.28 14.85
C8 PCW Z . -7.55 1.60 15.42
C11 PCW Z . -3.52 -4.79 10.37
C12 PCW Z . -3.32 -6.22 9.96
C13 PCW Z . -2.41 -6.93 11.04
C14 PCW Z . -2.11 -8.42 10.76
C15 PCW Z . -1.96 -8.83 9.28
C16 PCW Z . -2.93 -10.01 8.91
C17 PCW Z . -2.31 -11.27 8.23
C18 PCW Z . -2.77 -12.59 8.86
C19 PCW Z . -3.62 -13.45 7.90
C20 PCW Z . -4.23 -14.63 8.31
C21 PCW Z . -4.26 -15.35 9.60
C22 PCW Z . -5.62 -16.11 9.65
C23 PCW Z . -5.57 -17.66 9.84
C24 PCW Z . -5.38 -18.48 8.60
C25 PCW Z . -6.59 -19.08 7.84
C26 PCW Z . -7.03 -18.36 6.58
C27 PCW Z . -8.49 -17.85 6.51
C28 PCW Z . -8.64 -16.85 5.39
C31 PCW Z . -5.30 -2.51 7.12
C32 PCW Z . -6.23 -3.11 6.05
C33 PCW Z . -6.18 -4.71 5.91
C34 PCW Z . -4.76 -5.27 5.93
C35 PCW Z . -4.78 -6.48 4.90
C36 PCW Z . -4.30 -7.81 5.52
C37 PCW Z . -4.29 -9.04 4.56
C38 PCW Z . -5.67 -9.54 4.29
C39 PCW Z . -5.71 -10.72 3.36
C40 PCW Z . -5.85 -10.70 2.04
C41 PCW Z . -6.02 -9.42 1.22
C42 PCW Z . -7.39 -9.53 0.41
C43 PCW Z . -7.49 -10.53 -0.72
C44 PCW Z . -8.89 -10.41 -1.31
C45 PCW Z . -9.94 -11.25 -0.64
C46 PCW Z . -11.14 -10.46 -0.17
C47 PCW Z . -12.39 -10.56 -1.03
C48 PCW Z . -13.53 -9.70 -0.44
N PCW Z . -6.31 2.03 14.71
O2 PCW Z . -5.85 -2.72 8.31
O3 PCW Z . -4.85 -4.49 10.29
O11 PCW Z . -2.66 -4.03 10.72
O31 PCW Z . -4.20 -1.92 6.90
O1P PCW Z . -6.88 2.17 9.34
O2P PCW Z . -8.99 0.88 9.65
O3P PCW Z . -6.78 -0.35 9.22
O4P PCW Z . -7.30 0.72 11.36
P PCW Z . -7.53 0.92 9.87
C1 PCW AA . -10.21 11.14 -11.09
C2 PCW AA . -10.62 10.35 -12.40
C3 PCW AA . -10.31 8.82 -12.23
C4 PCW AA . -14.31 10.81 -8.62
C5 PCW AA . -14.97 10.94 -9.99
C6 PCW AA . -17.13 9.70 -9.41
C7 PCW AA . -17.03 11.21 -11.33
C8 PCW AA . -16.11 9.63 -11.09
C11 PCW AA . -10.31 6.82 -13.54
C12 PCW AA . -10.78 6.29 -14.86
C13 PCW AA . -9.68 6.60 -15.94
C14 PCW AA . -10.01 6.11 -17.36
C15 PCW AA . -10.91 7.06 -18.21
C16 PCW AA . -11.87 6.23 -19.13
C17 PCW AA . -12.98 7.02 -19.91
C18 PCW AA . -14.16 6.15 -20.31
C19 PCW AA . -13.95 5.42 -21.66
C20 PCW AA . -13.98 4.03 -21.77
C21 PCW AA . -14.21 2.96 -20.77
C22 PCW AA . -13.59 1.66 -21.36
C23 PCW AA . -13.53 0.42 -20.44
C24 PCW AA . -13.18 -0.89 -21.09
C25 PCW AA . -13.00 -2.19 -20.24
C26 PCW AA . -11.73 -2.99 -20.48
C27 PCW AA . -10.47 -2.61 -19.66
C28 PCW AA . -10.13 -3.72 -18.70
C31 PCW AA . -12.43 11.46 -13.47
C32 PCW AA . -13.96 11.47 -13.60
C33 PCW AA . -14.51 11.42 -15.11
C34 PCW AA . -14.42 10.02 -15.74
C35 PCW AA . -14.92 10.20 -17.23
C36 PCW AA . -16.08 9.23 -17.58
C37 PCW AA . -16.61 9.37 -19.04
C38 PCW AA . -18.10 9.42 -19.09
C39 PCW AA . -18.64 9.54 -20.48
C40 PCW AA . -19.27 8.60 -21.19
C41 PCW AA . -19.55 7.21 -20.68
C42 PCW AA . -18.52 6.20 -21.38
C43 PCW AA . -18.90 4.74 -21.51
C44 PCW AA . -17.75 4.04 -22.21
C45 PCW AA . -18.12 3.26 -23.45
C46 PCW AA . -16.97 2.49 -24.04
C47 PCW AA . -17.29 1.62 -25.23
C48 PCW AA . -16.04 0.88 -25.73
N PCW AA . -16.38 10.75 -10.13
O2 PCW AA . -12.09 10.48 -12.63
O3 PCW AA . -10.68 8.12 -13.43
O11 PCW AA . -9.69 6.20 -12.73
O31 PCW AA . -11.63 12.26 -14.04
O1P PCW AA . -11.82 9.46 -9.30
O2P PCW AA . -10.83 11.26 -7.89
O3P PCW AA . -11.32 11.69 -10.36
O4P PCW AA . -13.06 11.56 -8.67
P PCW AA . -11.73 10.93 -9.02
C1 PCW BA . -17.01 6.31 -5.37
C2 PCW BA . -16.58 5.44 -6.61
C3 PCW BA . -17.10 6.10 -7.93
C4 PCW BA . -14.43 5.71 -1.21
C5 PCW BA . -13.04 5.11 -0.98
C6 PCW BA . -11.33 5.86 0.76
C7 PCW BA . -12.70 3.86 1.14
C8 PCW BA . -11.44 4.14 -0.17
C11 PCW BA . -15.70 5.77 -9.84
C12 PCW BA . -15.44 4.78 -10.95
C13 PCW BA . -14.36 3.75 -10.43
C14 PCW BA . -13.97 2.67 -11.44
C15 PCW BA . -13.48 1.32 -10.83
C16 PCW BA . -14.03 0.10 -11.64
C17 PCW BA . -13.24 -0.33 -12.92
C18 PCW BA . -12.79 -1.79 -12.89
C19 PCW BA . -11.26 -1.94 -13.04
C20 PCW BA . -10.55 -2.95 -12.40
C21 PCW BA . -10.97 -4.05 -11.50
C22 PCW BA . -10.81 -5.37 -12.30
C23 PCW BA . -11.35 -6.67 -11.65
C24 PCW BA . -10.33 -7.61 -11.09
C25 PCW BA . -9.53 -7.26 -9.81
C26 PCW BA . -9.48 -8.33 -8.72
C27 PCW BA . -8.17 -9.14 -8.58
C28 PCW BA . -8.36 -10.54 -9.09
C31 PCW BA . -14.58 4.21 -6.29
C32 PCW BA . -13.05 4.28 -6.44
C33 PCW BA . -12.38 3.02 -7.16
C34 PCW BA . -12.33 1.78 -6.27
C35 PCW BA . -13.13 0.66 -7.06
C36 PCW BA . -13.62 -0.48 -6.12
C37 PCW BA . -14.42 -1.62 -6.82
C38 PCW BA . -13.54 -2.80 -7.12
C39 PCW BA . -14.29 -3.93 -7.80
C40 PCW BA . -14.12 -5.22 -7.62
C41 PCW BA . -13.11 -5.83 -6.66
C42 PCW BA . -12.77 -7.31 -7.17
C43 PCW BA . -13.72 -8.43 -6.81
C44 PCW BA . -13.16 -9.71 -7.42
C45 PCW BA . -13.85 -10.18 -8.67
C46 PCW BA . -12.90 -10.42 -9.82
C47 PCW BA . -12.98 -11.78 -10.47
C48 PCW BA . -11.97 -11.90 -11.62
N PCW BA . -12.50 5.05 0.34
O2 PCW BA . -15.10 5.37 -6.70
O3 PCW BA . -16.70 5.29 -9.04
O11 PCW BA . -15.12 6.81 -9.69
O31 PCW BA . -15.23 3.21 -5.85
O1P PCW BA . -17.20 6.18 -2.10
O2P PCW BA . -16.77 4.08 -3.40
O3P PCW BA . -16.01 6.38 -4.32
O4P PCW BA . -14.88 5.24 -2.51
P PCW BA . -16.29 5.43 -3.05
C1 PCW CA . 5.61 10.05 0.42
C2 PCW CA . 6.70 8.94 0.11
C3 PCW CA . 7.27 9.15 -1.34
C4 PCW CA . 3.10 12.99 1.71
C5 PCW CA . 2.03 12.14 1.05
C6 PCW CA . -0.37 12.19 1.92
C7 PCW CA . 0.17 13.14 -0.27
C8 PCW CA . 0.31 11.37 0.26
C11 PCW CA . 8.28 7.57 -2.85
C12 PCW CA . 9.39 6.55 -2.91
C13 PCW CA . 10.13 6.72 -4.29
C14 PCW CA . 11.30 5.76 -4.52
C15 PCW CA . 11.36 5.09 -5.93
C16 PCW CA . 12.20 3.77 -5.89
C17 PCW CA . 11.92 2.71 -7.00
C18 PCW CA . 13.01 1.63 -7.09
C19 PCW CA . 12.77 0.63 -8.25
C20 PCW CA . 13.79 -0.12 -8.80
C21 PCW CA . 15.25 -0.22 -8.51
C22 PCW CA . 15.66 -1.70 -8.84
C23 PCW CA . 16.90 -1.91 -9.75
C24 PCW CA . 17.91 -2.91 -9.27
C25 PCW CA . 17.71 -4.43 -9.53
C26 PCW CA . 18.92 -5.32 -9.34
C27 PCW CA . 19.47 -6.08 -10.56
C28 PCW CA . 19.79 -7.51 -10.18
C31 PCW CA . 7.87 8.19 2.04
C32 PCW CA . 9.10 8.45 2.91
C33 PCW CA . 10.43 7.70 2.45
C34 PCW CA . 11.68 8.59 2.45
C35 PCW CA . 11.55 9.51 1.16
C36 PCW CA . 12.07 8.82 -0.12
C37 PCW CA . 11.97 9.68 -1.43
C38 PCW CA . 12.77 9.09 -2.55
C39 PCW CA . 12.67 9.89 -3.82
C40 PCW CA . 13.50 9.83 -4.86
C41 PCW CA . 14.70 8.91 -4.95
C42 PCW CA . 14.72 8.26 -6.41
C43 PCW CA . 15.94 7.45 -6.82
C44 PCW CA . 15.68 6.96 -8.24
C45 PCW CA . 15.35 5.50 -8.36
C46 PCW CA . 15.25 5.01 -9.77
C47 PCW CA . 14.42 3.77 -10.00
C48 PCW CA . 14.40 3.38 -11.49
N PCW CA . 0.68 12.62 0.99
O2 PCW CA . 7.86 9.09 1.05
O3 PCW CA . 8.27 8.14 -1.61
O11 PCW CA . 7.53 7.84 -3.75
O31 PCW CA . 7.02 7.28 2.23
O1P PCW CA . 4.73 11.70 3.75
O2P PCW CA . 6.62 12.37 2.27
O3P PCW CA . 5.30 10.20 1.82
O4P PCW CA . 4.38 12.40 1.36
P PCW CA . 5.28 11.71 2.36
C1 PCW DA . 4.08 -7.79 30.07
C2 PCW DA . 5.25 -8.68 29.48
C3 PCW DA . 5.73 -9.72 30.56
C4 PCW DA . 5.52 -3.15 30.93
C5 PCW DA . 6.43 -2.32 30.02
C6 PCW DA . 6.89 -0.77 28.24
C7 PCW DA . 4.98 -0.46 29.54
C8 PCW DA . 4.96 -2.18 28.04
C11 PCW DA . 7.84 -10.84 30.82
C12 PCW DA . 8.83 -11.69 30.07
C13 PCW DA . 9.08 -12.99 30.90
C14 PCW DA . 10.06 -13.99 30.27
C15 PCW DA . 11.01 -14.72 31.27
C16 PCW DA . 10.21 -15.74 32.15
C17 PCW DA . 10.60 -17.25 32.06
C18 PCW DA . 12.03 -17.54 32.55
C19 PCW DA . 12.05 -18.49 33.78
C20 PCW DA . 13.09 -19.39 33.99
C21 PCW DA . 14.33 -19.69 33.24
C22 PCW DA . 15.51 -19.54 34.24
C23 PCW DA . 16.37 -18.24 34.16
C24 PCW DA . 17.26 -18.10 32.97
C25 PCW DA . 18.37 -17.01 32.93
C26 PCW DA . 19.05 -16.78 31.60
C27 PCW DA . 18.19 -16.27 30.42
C28 PCW DA . 18.84 -15.08 29.77
C31 PCW DA . 3.74 -10.27 28.48
C32 PCW DA . 3.41 -10.96 27.15
C33 PCW DA . 4.18 -12.34 26.87
C34 PCW DA . 5.69 -12.18 26.75
C35 PCW DA . 6.31 -13.45 27.46
C36 PCW DA . 6.63 -14.58 26.46
C37 PCW DA . 7.24 -15.88 27.09
C38 PCW DA . 8.69 -15.72 27.41
C39 PCW DA . 9.29 -16.96 28.01
C40 PCW DA . 10.55 -17.38 27.89
C41 PCW DA . 11.62 -16.65 27.10
C42 PCW DA . 11.82 -17.41 25.71
C43 PCW DA . 13.21 -17.45 25.08
C44 PCW DA . 13.08 -18.23 23.78
C45 PCW DA . 13.77 -19.58 23.79
C46 PCW DA . 12.84 -20.72 24.09
C47 PCW DA . 13.31 -21.71 25.13
C48 PCW DA . 12.28 -22.83 25.35
N PCW DA . 5.84 -1.48 29.02
O2 PCW DA . 4.78 -9.44 28.28
O3 PCW DA . 6.79 -10.52 30.01
O11 PCW DA . 7.95 -10.50 31.97
O31 PCW DA . 3.14 -10.49 29.57
O1P PCW DA . 3.93 -5.24 32.18
O2P PCW DA . 6.01 -6.58 31.90
O3P PCW DA . 4.33 -6.38 29.97
O4P PCW DA . 5.80 -4.55 30.65
P PCW DA . 5.01 -5.69 31.26
C1 PCW EA . 3.95 10.31 -2.86
C2 PCW EA . 3.27 10.26 -4.28
C3 PCW EA . 4.22 9.53 -5.30
C4 PCW EA . 2.94 13.79 -4.57
C5 PCW EA . 3.40 14.55 -5.80
C6 PCW EA . 3.61 14.44 -8.35
C7 PCW EA . 1.44 14.12 -7.26
C8 PCW EA . 2.49 15.65 -7.27
C11 PCW EA . 3.53 10.63 -7.32
C12 PCW EA . 2.84 10.36 -8.64
C13 PCW EA . 3.94 10.00 -9.71
C14 PCW EA . 3.42 9.69 -11.11
C15 PCW EA . 3.94 10.60 -12.25
C16 PCW EA . 4.20 9.77 -13.56
C17 PCW EA . 2.98 9.48 -14.48
C18 PCW EA . 2.77 8.00 -14.78
C19 PCW EA . 1.52 7.42 -14.09
C20 PCW EA . 1.14 6.09 -14.20
C21 PCW EA . 1.73 4.95 -14.93
C22 PCW EA . 2.28 3.98 -13.86
C23 PCW EA . 2.62 2.53 -14.32
C24 PCW EA . 3.86 2.37 -15.15
C25 PCW EA . 3.77 1.84 -16.61
C26 PCW EA . 5.05 1.24 -17.18
C27 PCW EA . 5.05 -0.28 -17.48
C28 PCW EA . 6.45 -0.83 -17.31
C31 PCW EA . 0.95 10.13 -4.74
C32 PCW EA . -0.27 9.22 -4.60
C33 PCW EA . -0.18 7.81 -5.35
C34 PCW EA . -0.95 7.77 -6.67
C35 PCW EA . -0.16 6.75 -7.60
C36 PCW EA . 0.85 7.46 -8.52
C37 PCW EA . 1.68 6.53 -9.47
C38 PCW EA . 2.83 5.90 -8.77
C39 PCW EA . 3.64 4.99 -9.68
C40 PCW EA . 3.48 3.69 -9.86
C41 PCW EA . 2.43 2.85 -9.15
C42 PCW EA . 2.86 1.31 -9.26
C43 PCW EA . 2.53 0.57 -10.55
C44 PCW EA . 3.04 -0.86 -10.37
C45 PCW EA . 3.15 -1.66 -11.65
C46 PCW EA . 4.56 -1.95 -12.06
C47 PCW EA . 5.16 -1.06 -13.12
C48 PCW EA . 6.60 -1.48 -13.45
N PCW EA . 2.87 14.22 -7.09
O2 PCW EA . 2.01 9.49 -4.22
O3 PCW EA . 3.60 9.49 -6.60
O11 PCW EA . 3.95 11.70 -6.97
O31 PCW EA . 0.97 11.29 -5.26
O1P PCW EA . 2.69 12.59 -1.93
O2P PCW EA . 4.86 13.74 -1.53
O3P PCW EA . 4.82 11.44 -2.65
O4P PCW EA . 4.14 13.48 -3.79
P PCW EA . 4.09 12.86 -2.41
C1 PCW FA . -24.31 -2.03 1.99
C2 PCW FA . -24.41 -3.06 0.79
C3 PCW FA . -25.30 -2.46 -0.35
C4 PCW FA . -21.25 -3.00 5.50
C5 PCW FA . -21.54 -3.93 6.68
C6 PCW FA . -21.31 -4.32 9.19
C7 PCW FA . -21.88 -2.10 8.32
C8 PCW FA . -22.87 -3.66 8.21
C11 PCW FA . -26.24 -4.46 -1.31
C12 PCW FA . -26.20 -5.30 -2.56
C13 PCW FA . -26.24 -6.82 -2.15
C14 PCW FA . -26.21 -7.81 -3.31
C15 PCW FA . -24.79 -8.24 -3.81
C16 PCW FA . -24.81 -8.53 -5.35
C17 PCW FA . -24.09 -9.82 -5.85
C18 PCW FA . -25.04 -10.95 -6.23
C19 PCW FA . -24.87 -11.44 -7.68
C20 PCW FA . -25.25 -12.70 -8.10
C21 PCW FA . -25.87 -13.85 -7.37
C22 PCW FA . -26.85 -14.52 -8.37
C23 PCW FA . -26.45 -15.93 -8.91
C24 PCW FA . -26.70 -16.20 -10.36
C25 PCW FA . -25.53 -16.57 -11.31
C26 PCW FA . -25.89 -16.80 -12.77
C27 PCW FA . -25.68 -18.22 -13.35
C28 PCW FA . -24.94 -18.13 -14.66
C31 PCW FA . -22.62 -4.55 0.41
C32 PCW FA . -21.22 -4.65 -0.21
C33 PCW FA . -19.99 -4.39 0.78
C34 PCW FA . -18.98 -3.38 0.24
C35 PCW FA . -17.59 -3.81 0.88
C36 PCW FA . -16.42 -3.69 -0.13
C37 PCW FA . -15.01 -4.09 0.41
C38 PCW FA . -14.46 -5.29 -0.28
C39 PCW FA . -13.10 -5.70 0.23
C40 PCW FA . -11.98 -5.82 -0.49
C41 PCW FA . -11.89 -5.57 -1.99
C42 PCW FA . -11.90 -6.97 -2.74
C43 PCW FA . -10.68 -7.38 -3.54
C44 PCW FA . -10.97 -8.74 -4.14
C45 PCW FA . -9.78 -9.46 -4.70
C46 PCW FA . -10.13 -10.68 -5.51
C47 PCW FA . -9.40 -11.95 -5.16
C48 PCW FA . -9.86 -13.11 -6.05
N PCW FA . -21.41 -3.44 8.01
O2 PCW FA . -23.05 -3.31 0.23
O3 PCW FA . -25.40 -3.40 -1.44
O11 PCW FA . -26.92 -4.69 -0.34
O31 PCW FA . -23.22 -5.49 1.01
O1P PCW FA . -21.94 -0.45 4.32
O2P PCW FA . -24.27 -1.24 4.69
O3P PCW FA . -22.98 -1.92 2.57
O4P PCW FA . -22.50 -2.85 4.76
P PCW FA . -22.94 -1.54 4.12
C1 PCW GA . 8.91 7.99 10.86
C2 PCW GA . 9.77 6.67 10.91
C3 PCW GA . 11.05 6.90 11.80
C4 PCW GA . 5.59 7.72 12.09
C5 PCW GA . 4.31 6.89 12.22
C6 PCW GA . 2.78 7.97 13.75
C7 PCW GA . 1.93 6.73 11.97
C8 PCW GA . 2.86 8.75 11.47
C11 PCW GA . 11.87 4.99 13.00
C12 PCW GA . 12.74 3.77 12.82
C13 PCW GA . 11.81 2.52 12.65
C14 PCW GA . 12.53 1.18 12.45
C15 PCW GA . 13.26 1.00 11.08
C16 PCW GA . 14.74 0.50 11.31
C17 PCW GA . 15.23 -0.72 10.45
C18 PCW GA . 16.37 -1.50 11.09
C19 PCW GA . 17.65 -1.52 10.23
C20 PCW GA . 18.89 -1.17 10.73
C21 PCW GA . 19.33 -0.69 12.07
C22 PCW GA . 20.78 -0.15 11.90
C23 PCW GA . 21.87 -0.71 12.84
C24 PCW GA . 22.63 -1.92 12.37
C25 PCW GA . 23.95 -1.77 11.56
C26 PCW GA . 24.09 -2.64 10.33
C27 PCW GA . 23.05 -2.48 9.20
C28 PCW GA . 23.54 -1.47 8.19
C31 PCW GA . 8.23 4.89 10.68
C32 PCW GA . 7.49 3.79 11.46
C33 PCW GA . 8.38 2.52 11.89
C34 PCW GA . 7.72 1.19 11.57
C35 PCW GA . 8.61 0.55 10.41
C36 PCW GA . 8.11 -0.84 9.98
C37 PCW GA . 8.93 -1.53 8.85
C38 PCW GA . 8.38 -2.88 8.52
C39 PCW GA . 9.15 -3.58 7.43
C40 PCW GA . 10.22 -4.37 7.57
C41 PCW GA . 10.87 -4.69 8.90
C42 PCW GA . 11.94 -5.87 8.66
C43 PCW GA . 13.39 -5.61 9.03
C44 PCW GA . 14.16 -6.89 8.69
C45 PCW GA . 14.84 -7.56 9.87
C46 PCW GA . 13.92 -8.40 10.69
C47 PCW GA . 13.86 -9.87 10.33
C48 PCW GA . 12.89 -10.62 11.27
N PCW GA . 3.04 7.56 12.35
O2 PCW GA . 8.99 5.57 11.54
O3 PCW GA . 11.82 5.69 11.83
O11 PCW GA . 11.31 5.31 14.02
O31 PCW GA . 8.13 5.09 9.44
O1P PCW GA . 6.32 9.77 10.15
O2P PCW GA . 5.86 7.94 8.53
O3P PCW GA . 8.18 8.15 9.62
O4P PCW GA . 6.19 7.34 10.82
P PCW GA . 6.59 8.35 9.75
C1 PCW HA . -21.41 5.34 -7.24
C2 PCW HA . -22.00 4.68 -8.55
C3 PCW HA . -22.92 5.70 -9.29
C4 PCW HA . -17.96 2.12 -6.11
C5 PCW HA . -18.21 1.30 -4.85
C6 PCW HA . -15.98 1.17 -3.61
C7 PCW HA . -18.06 1.66 -2.39
C8 PCW HA . -17.62 0.10 -3.30
C11 PCW HA . -24.21 5.86 -11.32
C12 PCW HA . -24.66 5.01 -12.48
C13 PCW HA . -25.78 4.02 -11.97
C14 PCW HA . -26.35 3.09 -13.03
C15 PCW HA . -25.32 2.21 -13.80
C16 PCW HA . -24.86 0.98 -12.93
C17 PCW HA . -23.37 0.52 -13.05
C18 PCW HA . -23.17 -0.59 -14.09
C19 PCW HA . -23.39 -2.00 -13.50
C20 PCW HA . -23.51 -3.13 -14.31
C21 PCW HA . -23.46 -3.34 -15.78
C22 PCW HA . -21.98 -3.65 -16.13
C23 PCW HA . -21.45 -3.16 -17.50
C24 PCW HA . -21.04 -4.21 -18.49
C25 PCW HA . -20.77 -3.86 -19.98
C26 PCW HA . -21.62 -4.57 -21.01
C27 PCW HA . -22.34 -3.71 -22.07
C28 PCW HA . -22.53 -4.51 -23.34
C31 PCW HA . -20.75 3.01 -9.67
C32 PCW HA . -19.59 2.81 -10.65
C33 PCW HA . -18.62 1.58 -10.30
C34 PCW HA . -18.87 0.34 -11.16
C35 PCW HA . -17.68 0.31 -12.21
C36 PCW HA . -18.13 0.69 -13.63
C37 PCW HA . -17.00 0.67 -14.72
C38 PCW HA . -16.93 -0.64 -15.43
C39 PCW HA . -15.84 -0.67 -16.48
C40 PCW HA . -15.57 -1.68 -17.31
C41 PCW HA . -16.33 -3.00 -17.32
C42 PCW HA . -15.34 -4.13 -17.88
C43 PCW HA . -14.25 -4.65 -16.96
C44 PCW HA . -13.47 -5.70 -17.74
C45 PCW HA . -12.55 -6.57 -16.92
C46 PCW HA . -12.46 -7.98 -17.40
C47 PCW HA . -13.19 -9.02 -16.59
C48 PCW HA . -13.01 -10.42 -17.20
N PCW HA . -17.42 1.53 -3.69
O2 PCW HA . -20.89 4.32 -9.48
O3 PCW HA . -23.46 5.09 -10.48
O11 PCW HA . -24.47 7.01 -11.16
O31 PCW HA . -21.45 2.09 -9.15
O1P PCW HA . -19.50 4.05 -4.57
O2P PCW HA . -21.43 2.96 -5.70
O3P PCW HA . -20.11 4.85 -6.86
O4P PCW HA . -19.24 2.59 -6.60
P PCW HA . -20.10 3.59 -5.86
C1 PCW IA . 23.46 24.63 -12.18
C2 PCW IA . 22.90 24.14 -13.58
C3 PCW IA . 24.00 24.37 -14.69
C4 PCW IA . 22.08 27.18 -8.47
C5 PCW IA . 22.00 28.70 -8.66
C6 PCW IA . 24.37 28.72 -8.10
C7 PCW IA . 23.05 30.57 -7.59
C8 PCW IA . 23.57 30.24 -9.78
C11 PCW IA . 24.25 24.12 -17.06
C12 PCW IA . 23.54 23.57 -18.27
C13 PCW IA . 22.53 24.66 -18.78
C14 PCW IA . 21.71 24.26 -20.01
C15 PCW IA . 22.53 24.03 -21.32
C16 PCW IA . 21.95 22.84 -22.14
C17 PCW IA . 22.69 22.44 -23.46
C18 PCW IA . 21.80 21.71 -24.46
C19 PCW IA . 21.37 20.31 -23.97
C20 PCW IA . 21.84 19.13 -24.55
C21 PCW IA . 22.78 18.87 -25.67
C22 PCW IA . 22.40 17.49 -26.26
C23 PCW IA . 23.13 16.25 -25.68
C24 PCW IA . 24.61 16.19 -25.83
C25 PCW IA . 25.28 15.88 -27.21
C26 PCW IA . 26.59 16.60 -27.51
C27 PCW IA . 26.53 18.11 -27.80
C28 PCW IA . 26.29 18.35 -29.28
C31 PCW IA . 21.43 22.36 -14.05
C32 PCW IA . 21.27 20.83 -13.93
C33 PCW IA . 22.63 19.98 -14.00
C34 PCW IA . 23.26 19.98 -15.40
C35 PCW IA . 24.82 19.77 -15.15
C36 PCW IA . 25.52 21.06 -14.70
C37 PCW IA . 27.06 20.92 -14.44
C38 PCW IA . 27.43 21.20 -13.01
C39 PCW IA . 28.90 21.07 -12.76
C40 PCW IA . 29.59 19.96 -12.55
C41 PCW IA . 28.97 18.57 -12.51
C42 PCW IA . 29.50 17.77 -13.80
C43 PCW IA . 30.26 16.48 -13.58
C44 PCW IA . 30.61 15.94 -14.95
C45 PCW IA . 29.60 15.02 -15.58
C46 PCW IA . 30.10 14.31 -16.81
C47 PCW IA . 29.64 14.87 -18.14
C48 PCW IA . 30.23 14.06 -19.30
N PCW IA . 23.19 29.50 -8.54
O2 PCW IA . 22.61 22.69 -13.53
O3 PCW IA . 23.49 23.92 -15.96
O11 PCW IA . 25.33 24.64 -17.07
O31 PCW IA . 20.58 23.14 -14.55
O1P PCW IA . 23.53 27.21 -10.99
O2P PCW IA . 21.24 27.12 -11.97
O3P PCW IA . 22.42 24.96 -11.24
O4P PCW IA . 21.49 26.57 -9.65
P PCW IA . 22.19 26.54 -11.01
C1 17F JA . 11.74 27.20 -16.95
N1 17F JA . 12.63 28.62 -18.83
O1 17F JA . 15.04 29.05 -16.14
P1 17F JA . 14.14 27.84 -16.33
C2 17F JA . 11.93 27.40 -18.46
O2 17F JA . 13.99 27.68 -14.84
C3 17F JA . 10.56 27.38 -19.15
O3 17F JA . 12.60 28.01 -16.19
C4 17F JA . 14.03 25.21 -16.30
O4 17F JA . 10.16 28.33 -19.93
C5 17F JA . 14.85 23.91 -16.06
O5 17F JA . 9.78 26.43 -18.99
C6 17F JA . 13.92 22.68 -16.14
O6 17F JA . 14.78 26.40 -16.13
C7 17F JA . 14.92 20.73 -16.95
O7 17F JA . 14.62 21.47 -15.92
C8 17F JA . 15.68 19.48 -16.44
O8 17F JA . 14.71 20.89 -18.13
C9 17F JA . 14.76 18.25 -16.25
O9 17F JA . 15.96 23.79 -16.96
C10 17F JA . 15.46 16.93 -15.72
O10 17F JA . 17.35 23.24 -15.19
C11 17F JA . 15.20 16.62 -14.20
C12 17F JA . 15.93 15.31 -13.74
C17 17F JA . 17.12 23.66 -16.34
C18 17F JA . 18.28 24.07 -17.21
C19 17F JA . 18.74 22.99 -18.24
C20 17F JA . 19.45 21.77 -17.54
C1X 17F JA . 15.65 15.03 -12.25
C1Y 17F JA . 19.89 20.72 -18.58
C1Z 17F JA . 21.35 20.32 -18.35
C2X 17F JA . 16.38 13.70 -11.74
C21 17F JA . 15.71 13.10 -10.46
C22 17F JA . 16.11 12.02 -9.88
C23 17F JA . 17.25 11.17 -10.26
C24 17F JA . 17.74 10.24 -9.15
C25 17F JA . 18.91 9.33 -9.50
C26 17F JA . 18.55 8.04 -10.40
C27 17F JA . 19.73 7.16 -10.74
C28 17F JA . 19.18 5.96 -11.61
C29 17F JA . 19.58 4.68 -10.97
C30 17F JA . 19.12 3.46 -11.69
C31 17F JA . 22.13 19.75 -19.59
C32 17F JA . 23.60 19.35 -19.32
C33 17F JA . 24.52 20.37 -20.01
C34 17F JA . 25.84 20.33 -19.99
C35 17F JA . 26.71 19.31 -19.29
C36 17F JA . 28.23 19.66 -19.22
C37 17F JA . 28.99 18.58 -19.89
C38 17F JA . 30.33 19.03 -20.52
C39 17F JA . 31.07 17.86 -21.20
C40 17F JA . 31.98 18.39 -22.31
C41 17F JA . 33.37 17.63 -22.29
C42 17F JA . 34.64 18.42 -21.95
C1 17F KA . -0.51 3.70 13.92
N1 17F KA . -1.59 2.33 15.71
O1 17F KA . 1.91 3.01 15.75
P1 17F KA . 1.97 3.78 14.44
C2 17F KA . -1.36 3.67 15.21
O2 17F KA . 3.03 4.84 14.34
C3 17F KA . -2.70 4.37 14.93
O3 17F KA . 0.63 4.48 14.10
C4 17F KA . 2.33 3.33 11.88
O4 17F KA . -3.84 3.79 15.15
C5 17F KA . 2.60 2.22 10.81
O5 17F KA . -2.74 5.52 14.50
C6 17F KA . 4.12 1.97 10.68
O6 17F KA . 2.23 2.82 13.22
C7 17F KA . 5.05 1.32 8.64
O7 17F KA . 4.41 0.98 9.71
C8 17F KA . 5.22 0.05 7.76
O8 17F KA . 5.48 2.40 8.29
C9 17F KA . 6.31 0.21 6.67
O9 17F KA . 1.88 1.01 11.07
C10 17F KA . 6.52 -1.05 5.74
O10 17F KA . -0.06 1.18 9.84
C11 17F KA . 7.40 -0.78 4.46
C12 17F KA . 7.57 -2.07 3.58
C17 17F KA . 1.06 0.70 10.09
C18 17F KA . 1.61 -0.38 9.19
C19 17F KA . 0.83 -1.72 9.24
C20 17F KA . 1.76 -2.94 9.61
C1X 17F KA . 8.44 -1.78 2.35
C1Y 17F KA . 0.96 -4.25 9.65
C1Z 17F KA . 1.18 -5.04 8.34
C2X 17F KA . 8.63 -3.07 1.43
C21 17F KA . 9.21 -2.72 0.02
C22 17F KA . 10.21 -3.32 -0.52
C23 17F KA . 11.00 -4.43 0.02
C24 17F KA . 12.45 -4.47 -0.45
C25 17F KA . 13.31 -5.60 0.11
C26 17F KA . 13.25 -5.81 1.69
C27 17F KA . 14.10 -6.94 2.22
C28 17F KA . 13.91 -6.98 3.78
C29 17F KA . 12.67 -7.72 4.08
C30 17F KA . 12.35 -7.83 5.54
C31 17F KA . 0.04 -6.03 7.93
C32 17F KA . 0.29 -6.81 6.61
C33 17F KA . -0.50 -6.14 5.48
C34 17F KA . -0.50 -6.55 4.22
C35 17F KA . 0.24 -7.73 3.65
C36 17F KA . 0.10 -7.90 2.10
C37 17F KA . -0.73 -9.09 1.82
C38 17F KA . -1.72 -8.92 0.64
C39 17F KA . -2.54 -10.20 0.41
C40 17F KA . -2.29 -10.76 -1.00
C41 17F KA . -3.61 -11.37 -1.61
C42 17F KA . -3.64 -12.84 -2.01
C1 17F LA . 13.81 20.34 -4.80
N1 17F LA . 14.40 20.08 -7.22
O1 17F LA . 15.68 19.61 -2.74
P1 17F LA . 16.17 20.46 -3.88
C2 17F LA . 13.66 19.52 -6.10
O2 17F LA . 17.03 21.64 -3.53
C3 17F LA . 12.18 19.38 -6.47
O3 17F LA . 15.02 21.01 -4.76
C4 17F LA . 17.62 20.21 -6.08
O4 17F LA . 11.73 19.73 -7.63
C5 17F LA . 18.43 19.21 -6.97
O5 17F LA . 11.37 18.93 -5.66
C6 17F LA . 19.58 19.97 -7.69
O6 17F LA . 17.05 19.61 -4.92
C7 17F LA . 20.23 19.21 -9.79
O7 17F LA . 20.36 19.11 -8.50
C8 17F LA . 21.21 18.19 -10.43
O8 17F LA . 19.54 19.91 -10.46
C9 17F LA . 20.63 17.47 -11.68
O9 17F LA . 18.94 18.09 -6.23
C10 17F LA . 21.58 16.43 -12.37
O10 17F LA . 17.06 16.78 -6.46
C11 17F LA . 21.83 16.70 -13.91
C12 17F LA . 22.79 15.64 -14.56
C17 17F LA . 18.28 16.98 -6.49
C18 17F LA . 19.20 15.85 -6.88
C19 17F LA . 19.15 15.45 -8.37
C20 17F LA . 19.92 14.10 -8.67
C1X 17F LA . 23.00 15.95 -16.05
C1Y 17F LA . 19.85 13.73 -10.17
C1Z 17F LA . 21.22 13.26 -10.68
C2X 17F LA . 23.97 14.90 -16.77
C21 17F LA . 24.63 15.49 -18.06
C22 17F LA . 25.50 14.86 -18.78
C23 17F LA . 26.03 13.51 -18.57
C24 17F LA . 26.21 12.68 -19.83
C25 17F LA . 26.76 11.27 -19.65
C26 17F LA . 28.17 10.98 -20.36
C27 17F LA . 28.70 9.58 -20.17
C28 17F LA . 30.08 9.48 -20.92
C29 17F LA . 29.94 8.50 -22.01
C30 17F LA . 31.18 8.30 -22.83
C31 17F LA . 21.21 12.29 -11.92
C32 17F LA . 22.60 11.82 -12.41
C33 17F LA . 22.42 10.81 -13.53
C34 17F LA . 23.41 10.21 -14.18
C35 17F LA . 24.89 10.39 -13.96
C36 17F LA . 25.75 10.34 -15.26
C37 17F LA . 27.19 10.39 -14.90
C38 17F LA . 28.15 10.43 -16.11
C39 17F LA . 29.63 10.48 -15.67
C40 17F LA . 30.49 9.59 -16.57
C41 17F LA . 31.98 10.14 -16.64
C42 17F LA . 33.06 9.44 -15.79
C1 17F MA . 19.11 13.15 16.15
N1 17F MA . 18.62 11.16 17.59
O1 17F MA . 21.87 13.55 14.24
P1 17F MA . 20.46 13.06 14.01
C2 17F MA . 18.06 12.31 16.90
O2 17F MA . 19.48 14.11 13.55
C3 17F MA . 16.98 11.85 15.90
O3 17F MA . 19.84 12.38 15.25
C4 17F MA . 19.18 11.34 12.51
O4 17F MA . 16.65 10.61 15.76
C5 17F MA . 19.34 10.26 11.39
O5 17F MA . 16.38 12.67 15.21
C6 17F MA . 17.97 10.00 10.72
O6 17F MA . 20.41 11.93 12.89
C7 17F MA . 17.03 8.80 8.94
O7 17F MA . 18.07 9.02 9.69
C8 17F MA . 17.41 7.71 7.90
O8 17F MA . 15.92 9.27 8.97
C9 17F MA . 18.27 8.28 6.74
O9 17F MA . 20.34 10.60 10.42
C10 17F MA . 18.69 7.24 5.64
O10 17F MA . 22.17 9.97 11.68
C11 17F MA . 18.49 7.74 4.16
C12 17F MA . 18.94 6.66 3.11
C17 17F MA . 21.48 9.99 10.65
C18 17F MA . 21.96 9.21 9.44
C19 17F MA . 23.49 8.95 9.40
C20 17F MA . 23.93 8.11 8.15
C1X 17F MA . 18.73 7.18 1.68
C1Y 17F MA . 25.47 7.88 8.16
C1Z 17F MA . 25.79 6.40 7.91
C2X 17F MA . 19.18 6.12 0.57
C21 17F MA . 19.88 6.79 -0.65
C22 17F MA . 20.95 6.33 -1.22
C23 17F MA . 21.70 5.12 -0.87
C24 17F MA . 21.92 4.14 -2.02
C25 17F MA . 22.70 2.88 -1.70
C26 17F MA . 23.90 2.54 -2.71
C27 17F MA . 24.66 1.28 -2.38
C28 17F MA . 25.79 1.10 -3.47
C29 17F MA . 26.04 -0.33 -3.64
C30 17F MA . 27.11 -0.66 -4.66
C31 17F MA . 26.83 6.08 6.78
C32 17F MA . 27.13 4.58 6.56
C33 17F MA . 28.59 4.29 6.90
C34 17F MA . 29.18 3.11 6.83
C35 17F MA . 28.54 1.81 6.40
C36 17F MA . 27.78 1.05 7.54
C37 17F MA . 27.40 -0.30 7.05
C38 17F MA . 27.57 -1.44 8.08
C39 17F MA . 27.16 -2.80 7.49
C40 17F MA . 28.40 -3.59 7.06
C41 17F MA . 28.92 -4.51 8.24
C42 17F MA . 30.44 -4.68 8.44
C1 17F NA . 1.55 1.65 23.04
N1 17F NA . 2.06 2.16 20.64
O1 17F NA . -0.29 0.00 24.43
P1 17F NA . 1.03 -0.63 24.05
C2 17F NA . 1.03 1.84 21.60
O2 17F NA . 1.86 -1.16 25.19
C3 17F NA . -0.04 2.95 21.60
O3 17F NA . 1.95 0.32 23.25
C4 17F NA . 1.94 -2.60 22.56
O4 17F NA . 0.02 3.97 20.81
C5 17F NA . 1.53 -3.76 21.61
O5 17F NA . -1.03 2.88 22.33
C6 17F NA . 2.12 -3.49 20.20
O6 17F NA . 0.83 -1.86 23.06
C7 17F NA . 2.42 -4.58 18.16
O7 17F NA . 1.78 -4.52 19.29
C8 17F NA . 1.87 -5.78 17.35
O8 17F NA . 3.31 -3.89 17.73
C9 17F NA . 1.57 -5.44 15.88
O9 17F NA . 1.91 -5.05 22.10
C10 17F NA . 1.01 -6.61 14.99
O10 17F NA . -0.10 -5.49 23.15
C11 17F NA . 1.93 -7.00 13.77
C12 17F NA . 1.32 -8.18 12.91
C17 17F NA . 1.14 -5.47 23.09
C18 17F NA . 1.95 -5.97 24.26
C19 17F NA . 3.35 -6.54 23.89
C20 17F NA . 4.09 -7.17 25.13
C1X 17F NA . 2.26 -8.53 11.74
C1Y 17F NA . 5.48 -7.72 24.71
C1Z 17F NA . 5.49 -9.24 24.68
C2X 17F NA . 1.70 -9.72 10.83
C21 17F NA . 2.08 -9.57 9.33
C22 17F NA . 3.19 -9.98 8.82
C23 17F NA . 4.30 -10.66 9.51
C24 17F NA . 5.50 -10.97 8.62
C25 17F NA . 6.68 -11.67 9.28
C26 17F NA . 8.07 -11.63 8.46
C27 17F NA . 9.23 -12.33 9.14
C28 17F NA . 10.49 -12.18 8.20
C29 17F NA . 11.51 -13.13 8.64
C30 17F NA . 12.79 -13.11 7.83
C31 17F NA . 5.07 -9.93 23.33
C32 17F NA . 5.08 -11.48 23.36
C33 17F NA . 4.62 -12.03 22.02
C34 17F NA . 4.52 -13.32 21.72
C35 17F NA . 4.82 -14.49 22.62
C36 17F NA . 5.73 -15.58 21.99
C37 17F NA . 6.69 -16.07 23.01
C38 17F NA . 7.35 -17.43 22.69
C39 17F NA . 8.33 -17.86 23.78
C40 17F NA . 7.80 -19.09 24.54
C41 17F NA . 9.01 -19.97 25.06
C42 17F NA . 8.86 -20.71 26.39
C1 17F OA . 23.64 25.37 -2.55
N1 17F OA . 21.89 23.67 -2.04
O1 17F OA . 24.38 23.20 -0.17
P1 17F OA . 25.21 23.88 -1.24
C2 17F OA . 22.20 25.08 -2.12
O2 17F OA . 25.92 25.15 -0.84
C3 17F OA . 21.23 25.76 -3.10
O3 17F OA . 24.40 24.22 -2.52
C4 17F OA . 27.27 23.35 -2.79
O4 17F OA . 20.31 25.10 -3.72
C5 17F OA . 28.33 22.28 -3.18
O5 17F OA . 21.29 26.96 -3.34
C6 17F OA . 29.75 22.88 -3.03
O6 17F OA . 26.36 22.92 -1.78
C7 17F OA . 31.40 21.34 -2.43
O7 17F OA . 30.76 21.95 -3.37
C8 17F OA . 32.46 20.40 -3.08
O8 17F OA . 31.28 21.41 -1.23
C9 17F OA . 32.04 19.85 -4.46
O9 17F OA . 28.19 21.06 -2.45
C10 17F OA . 33.08 18.90 -5.16
O10 17F OA . 26.34 20.15 -3.48
C11 17F OA . 33.79 19.52 -6.43
C12 17F OA . 34.81 18.51 -7.07
C17 17F OA . 27.53 20.14 -3.12
C18 17F OA . 28.39 18.95 -3.45
C19 17F OA . 28.70 18.78 -4.96
C20 17F OA . 29.22 17.33 -5.31
C1X 17F OA . 35.49 19.13 -8.30
C1Y 17F OA . 29.51 17.22 -6.83
C1Z 17F OA . 30.55 16.14 -7.11
C2X 17F OA . 36.54 18.13 -8.98
C21 17F OA . 37.92 18.81 -9.26
C22 17F OA . 38.71 18.50 -10.23
C23 17F OA . 38.49 17.46 -11.26
C24 17F OA . 39.76 17.02 -11.99
C25 17F OA . 39.58 15.95 -13.05
C26 17F OA . 38.88 14.59 -12.58
C27 17F OA . 38.71 13.55 -13.67
C28 17F OA . 38.01 12.30 -13.01
C29 17F OA . 38.62 11.07 -13.57
C30 17F OA . 38.04 9.79 -13.03
C31 17F OA . 31.34 16.25 -8.45
C32 17F OA . 32.40 15.15 -8.71
C33 17F OA . 33.52 15.72 -9.57
C34 17F OA . 34.59 15.04 -9.98
C35 17F OA . 34.91 13.59 -9.70
C36 17F OA . 34.79 12.66 -10.93
C37 17F OA . 35.11 11.27 -10.52
C38 17F OA . 34.51 10.16 -11.43
C39 17F OA . 34.88 8.76 -10.93
C40 17F OA . 33.64 7.84 -10.94
C41 17F OA . 34.01 6.41 -10.37
C42 17F OA . 34.39 5.30 -11.36
C1 17F PA . -8.95 19.74 -18.33
N1 17F PA . -11.13 18.95 -19.27
O1 17F PA . -7.40 18.05 -16.19
P1 17F PA . -7.17 18.07 -17.69
C2 17F PA . -10.48 19.71 -18.22
O2 17F PA . -6.07 18.99 -18.18
C3 17F PA . -11.04 21.14 -18.22
O3 17F PA . -8.44 18.46 -18.48
C4 17F PA . -6.53 16.43 -19.63
O4 17F PA . -11.93 21.54 -19.06
C5 17F PA . -6.20 14.95 -19.99
O5 17F PA . -10.63 21.98 -17.41
C6 17F PA . -4.69 14.69 -19.78
O6 17F PA . -6.81 16.64 -18.25
C7 17F PA . -3.27 12.85 -19.58
O7 17F PA . -4.33 13.36 -20.10
C8 17F PA . -3.11 11.41 -20.11
O8 17F PA . -2.47 13.32 -18.80
C9 17F PA . -2.42 11.35 -21.50
O9 17F PA . -7.00 14.01 -19.26
C10 17F PA . -2.23 9.91 -22.11
O10 17F PA . -9.02 13.90 -20.37
C11 17F PA . -0.93 9.73 -22.98
C12 17F PA . -0.80 8.28 -23.56
C17 17F PA . -7.91 13.45 -20.02
C18 17F PA . -7.49 12.08 -20.52
C19 17F PA . -7.84 11.79 -22.00
C20 17F PA . -6.75 12.34 -22.99
C1X 17F PA . 0.48 8.15 -24.40
C1Y 17F PA . -7.12 12.03 -24.46
C1Z 17F PA . -5.92 12.19 -25.39
C2X 17F PA . 0.66 6.69 -25.01
C21 17F PA . 1.84 6.61 -26.02
C22 17F PA . 2.90 5.87 -25.85
C23 17F PA . 3.21 5.00 -24.72
C24 17F PA . 4.45 5.41 -23.92
C25 17F PA . 4.81 4.52 -22.74
C26 17F PA . 5.46 3.11 -23.09
C27 17F PA . 5.82 2.24 -21.91
C28 17F PA . 6.44 0.90 -22.46
C29 17F PA . 6.34 -0.14 -21.42
C30 17F PA . 6.90 -1.47 -21.81
C31 17F PA . -4.62 11.36 -25.03
C32 17F PA . -3.43 11.54 -26.00
C33 17F PA . -2.27 12.18 -25.27
C34 17F PA . -1.09 12.47 -25.80
C35 17F PA . -0.66 12.24 -27.24
C36 17F PA . 0.38 11.10 -27.43
C37 17F PA . 1.69 11.70 -27.81
C38 17F PA . 2.73 11.76 -26.67
C39 17F PA . 4.06 12.39 -27.14
C40 17F PA . 5.25 11.51 -26.71
C41 17F PA . 6.50 12.43 -26.35
C42 17F PA . 7.91 11.82 -26.44
C1 17F QA . 13.88 12.14 10.46
N1 17F QA . 11.78 13.51 10.57
O1 17F QA . 13.08 12.01 7.72
P1 17F QA . 12.57 10.94 8.65
C2 17F QA . 12.96 13.05 11.29
O2 17F QA . 11.09 10.88 8.87
C3 17F QA . 13.76 14.25 11.82
O3 17F QA . 13.22 10.99 10.06
C4 17F QA . 12.57 8.31 8.83
O4 17F QA . 13.37 15.47 11.60
C5 17F QA . 13.03 6.99 8.14
O5 17F QA . 14.78 14.10 12.46
C6 17F QA . 14.04 6.25 9.03
O6 17F QA . 12.95 9.49 8.11
C7 17F QA . 14.93 4.09 9.20
O7 17F QA . 14.48 5.04 8.43
C8 17F QA . 15.31 2.89 8.29
O8 17F QA . 15.05 4.03 10.39
C9 17F QA . 16.83 2.82 7.99
O9 17F QA . 11.93 6.15 7.78
C10 17F QA . 17.29 1.63 7.08
O10 17F QA . 11.85 6.89 5.59
C11 17F QA . 17.95 2.07 5.72
C12 17F QA . 18.39 0.84 4.84
C17 17F QA . 11.34 6.54 6.66
C18 17F QA . 9.83 6.54 6.79
C19 17F QA . 9.09 5.82 5.64
C20 17F QA . 8.05 4.77 6.16
C1X 17F QA . 19.01 1.30 3.52
C1Y 17F QA . 7.33 4.07 4.98
C1Z 17F QA . 8.15 2.88 4.48
C2X 17F QA . 19.47 0.07 2.60
C21 17F QA . 20.83 -0.53 3.06
C22 17F QA . 21.62 -1.24 2.32
C23 17F QA . 21.42 -1.61 0.91
C24 17F QA . 22.64 -1.41 0.03
C25 17F QA . 22.49 -1.78 -1.44
C26 17F QA . 23.49 -2.91 -1.98
C27 17F QA . 23.33 -3.27 -3.44
C28 17F QA . 24.39 -4.39 -3.77
C29 17F QA . 24.61 -4.41 -5.23
C30 17F QA . 25.60 -5.43 -5.69
C31 17F QA . 8.90 3.06 3.11
C32 17F QA . 9.72 1.83 2.63
C33 17F QA . 11.12 2.29 2.24
C34 17F QA . 12.07 1.49 1.78
C35 17F QA . 11.98 0.00 1.57
C36 17F QA . 12.83 -0.86 2.56
C37 17F QA . 13.63 -1.84 1.78
C38 17F QA . 15.17 -1.72 1.96
C39 17F QA . 15.92 -2.77 1.12
C40 17F QA . 16.24 -2.22 -0.28
C41 17F QA . 17.14 -3.23 -1.09
C42 17F QA . 16.46 -4.20 -2.08
C1 PCW RA . 21.70 -9.27 -31.85
C2 PCW RA . 21.31 -7.77 -32.16
C3 PCW RA . 19.76 -7.61 -32.17
C4 PCW RA . 26.51 -8.61 -31.52
C5 PCW RA . 27.34 -7.39 -31.92
C6 PCW RA . 29.60 -6.46 -32.63
C7 PCW RA . 28.88 -8.68 -33.38
C8 PCW RA . 28.11 -7.04 -33.78
C11 PCW RA . 18.11 -5.94 -32.66
C12 PCW RA . 17.96 -4.47 -32.93
C13 PCW RA . 16.92 -3.88 -31.91
C14 PCW RA . 16.65 -2.38 -32.05
C15 PCW RA . 15.94 -1.71 -30.83
C16 PCW RA . 16.44 -0.22 -30.66
C17 PCW RA . 15.65 0.69 -29.66
C18 PCW RA . 14.67 1.64 -30.36
C19 PCW RA . 15.12 3.12 -30.28
C20 PCW RA . 14.25 4.13 -29.91
C21 PCW RA . 12.82 4.13 -29.51
C22 PCW RA . 12.21 5.45 -30.06
C23 PCW RA . 11.24 5.35 -31.27
C24 PCW RA . 10.24 6.46 -31.43
C25 PCW RA . 10.69 7.89 -31.79
C26 PCW RA . 9.96 8.56 -32.93
C27 PCW RA . 10.79 9.33 -33.98
C28 PCW RA . 10.30 10.75 -34.09
C31 PCW RA . 22.76 -6.01 -31.53
C32 PCW RA . 23.22 -5.16 -30.34
C33 PCW RA . 22.53 -3.71 -30.24
C34 PCW RA . 22.20 -3.31 -28.79
C35 PCW RA . 23.05 -2.00 -28.52
C36 PCW RA . 22.20 -0.89 -27.85
C37 PCW RA . 22.97 0.44 -27.55
C38 PCW RA . 22.53 1.06 -26.26
C39 PCW RA . 23.26 2.33 -25.94
C40 PCW RA . 22.84 3.33 -25.16
C41 PCW RA . 21.50 3.34 -24.44
C42 PCW RA . 20.88 4.80 -24.57
C43 PCW RA . 19.51 4.95 -25.21
C44 PCW RA . 19.17 6.43 -25.20
C45 PCW RA . 19.00 7.06 -26.57
C46 PCW RA . 19.65 8.42 -26.68
C47 PCW RA . 20.28 8.75 -28.02
C48 PCW RA . 20.90 10.15 -28.01
N PCW RA . 28.64 -7.56 -32.48
O2 PCW RA . 21.85 -6.88 -31.10
O3 PCW RA . 19.42 -6.24 -32.46
O11 PCW RA . 17.20 -6.73 -32.62
O31 PCW RA . 23.18 -5.89 -32.72
O1P PCW RA . 24.85 -10.76 -32.53
O2P PCW RA . 23.75 -8.90 -33.77
O3P PCW RA . 23.05 -9.44 -31.35
O4P PCW RA . 25.14 -8.33 -31.92
P PCW RA . 24.21 -9.40 -32.46
C1 PCW SA . 21.25 -17.45 -18.46
C2 PCW SA . 20.00 -16.60 -18.94
C3 PCW SA . 19.28 -15.96 -17.71
C4 PCW SA . 18.75 -19.37 -20.67
C5 PCW SA . 17.28 -18.95 -20.59
C6 PCW SA . 15.55 -17.94 -22.16
C7 PCW SA . 16.08 -20.32 -22.26
C8 PCW SA . 15.30 -19.39 -20.87
C11 PCW SA . 16.95 -15.84 -18.29
C12 PCW SA . 15.91 -14.85 -18.76
C13 PCW SA . 15.98 -14.79 -20.33
C14 PCW SA . 14.98 -13.83 -20.98
C15 PCW SA . 15.48 -13.11 -22.27
C16 PCW SA . 14.25 -12.60 -23.12
C17 PCW SA . 14.35 -12.79 -24.67
C18 PCW SA . 14.48 -11.48 -25.43
C19 PCW SA . 15.81 -11.38 -26.24
C20 PCW SA . 16.78 -10.43 -25.97
C21 PCW SA . 16.85 -9.33 -24.97
C22 PCW SA . 16.60 -8.01 -25.73
C23 PCW SA . 16.12 -6.78 -24.90
C24 PCW SA . 14.76 -6.23 -25.23
C25 PCW SA . 14.54 -5.32 -26.47
C26 PCW SA . 14.57 -3.83 -26.22
C27 PCW SA . 14.39 -2.89 -27.43
C28 PCW SA . 13.25 -1.93 -27.18
C31 PCW SA . 19.89 -15.49 -21.02
C32 PCW SA . 20.45 -14.29 -21.81
C33 PCW SA . 21.81 -14.57 -22.62
C34 PCW SA . 21.78 -13.99 -24.04
C35 PCW SA . 22.22 -12.49 -23.91
C36 PCW SA . 21.29 -11.53 -24.69
C37 PCW SA . 21.67 -10.01 -24.59
C38 PCW SA . 20.69 -9.24 -23.77
C39 PCW SA . 21.03 -7.78 -23.66
C40 PCW SA . 20.35 -6.85 -23.01
C41 PCW SA . 19.07 -7.13 -22.22
C42 PCW SA . 18.26 -5.75 -22.08
C43 PCW SA . 16.93 -5.77 -21.36
C44 PCW SA . 16.38 -4.36 -21.39
C45 PCW SA . 15.00 -4.18 -20.81
C46 PCW SA . 13.92 -4.06 -21.85
C47 PCW SA . 13.27 -2.70 -21.99
C48 PCW SA . 12.19 -2.71 -23.09
N PCW SA . 16.46 -19.03 -21.75
O2 PCW SA . 20.45 -15.48 -19.82
O3 PCW SA . 18.15 -15.19 -18.14
O11 PCW SA . 16.77 -17.00 -18.08
O31 PCW SA . 19.06 -16.34 -21.46
O1P PCW SA . 21.58 -19.79 -20.09
O2P PCW SA . 20.68 -21.25 -18.28
O3P PCW SA . 20.91 -18.73 -17.89
O4P PCW SA . 19.18 -19.70 -19.32
P PCW SA . 20.63 -19.93 -18.94
C1 PCW TA . 23.89 -19.82 -13.15
C2 PCW TA . 22.86 -18.97 -12.32
C3 PCW TA . 22.54 -17.64 -13.08
C4 PCW TA . 21.62 -21.55 -15.22
C5 PCW TA . 20.41 -20.62 -15.19
C6 PCW TA . 18.65 -22.46 -15.08
C7 PCW TA . 18.12 -20.19 -14.35
C8 PCW TA . 18.56 -20.76 -16.06
C11 PCW TA . 20.27 -16.94 -12.67
C12 PCW TA . 19.45 -16.09 -11.74
C13 PCW TA . 18.75 -14.96 -12.60
C14 PCW TA . 17.86 -14.00 -11.80
C15 PCW TA . 18.53 -13.30 -10.58
C16 PCW TA . 17.73 -13.57 -9.26
C17 PCW TA . 17.97 -12.61 -8.06
C18 PCW TA . 16.86 -11.58 -7.88
C19 PCW TA . 17.24 -10.18 -8.42
C20 PCW TA . 17.60 -9.13 -7.58
C21 PCW TA . 17.72 -9.04 -6.11
C22 PCW TA . 19.22 -8.74 -5.80
C23 PCW TA . 19.71 -7.28 -5.96
C24 PCW TA . 19.41 -6.34 -4.83
C25 PCW TA . 20.02 -4.91 -4.81
C26 PCW TA . 19.41 -3.89 -5.76
C27 PCW TA . 18.33 -2.95 -5.19
C28 PCW TA . 18.90 -1.57 -4.99
C31 PCW TA . 21.34 -20.17 -10.94
C32 PCW TA . 19.99 -20.90 -10.95
C33 PCW TA . 18.72 -19.98 -10.61
C34 PCW TA . 17.76 -20.62 -9.60
C35 PCW TA . 17.72 -19.63 -8.37
C36 PCW TA . 16.63 -19.98 -7.34
C37 PCW TA . 16.55 -19.04 -6.10
C38 PCW TA . 17.42 -19.51 -4.99
C39 PCW TA . 17.36 -18.62 -3.77
C40 PCW TA . 18.18 -18.62 -2.74
C41 PCW TA . 19.38 -19.56 -2.59
C42 PCW TA . 20.59 -18.96 -3.44
C43 PCW TA . 21.71 -19.89 -3.84
C44 PCW TA . 22.71 -19.07 -4.63
C45 PCW TA . 22.69 -19.29 -6.11
C46 PCW TA . 22.27 -18.08 -6.90
C47 PCW TA . 20.80 -17.92 -7.16
C48 PCW TA . 20.51 -16.64 -7.97
N PCW TA . 19.15 -21.13 -14.73
O2 PCW TA . 21.58 -19.71 -12.16
O3 PCW TA . 21.59 -16.87 -12.31
O11 PCW TA . 19.85 -17.60 -13.58
O31 PCW TA . 22.10 -20.04 -9.93
O1P PCW TA . 24.22 -22.74 -14.60
O2P PCW TA . 23.03 -23.49 -12.54
O3P PCW TA . 24.09 -21.16 -12.64
O4P PCW TA . 22.03 -21.75 -13.84
P PCW TA . 23.37 -22.36 -13.43
C1 PCW UA . 33.22 -9.86 -23.33
C2 PCW UA . 33.21 -8.71 -24.41
C3 PCW UA . 31.87 -8.72 -25.21
C4 PCW UA . 36.47 -10.36 -25.45
C5 PCW UA . 35.95 -10.55 -26.87
C6 PCW UA . 35.79 -9.61 -29.23
C7 PCW UA . 37.89 -9.46 -27.96
C8 PCW UA . 37.03 -10.98 -28.55
C11 PCW UA . 32.67 -7.78 -27.28
C12 PCW UA . 32.54 -6.55 -28.14
C13 PCW UA . 32.93 -5.29 -27.25
C14 PCW UA . 32.84 -3.94 -27.97
C15 PCW UA . 33.88 -2.87 -27.51
C16 PCW UA . 33.21 -1.45 -27.40
C17 PCW UA . 34.15 -0.21 -27.55
C18 PCW UA . 34.76 0.27 -26.24
C19 PCW UA . 36.22 0.76 -26.38
C20 PCW UA . 36.56 2.09 -26.20
C21 PCW UA . 35.77 3.30 -25.86
C22 PCW UA . 36.67 4.18 -24.96
C23 PCW UA . 36.01 4.82 -23.70
C24 PCW UA . 36.42 6.23 -23.36
C25 PCW UA . 36.23 6.80 -21.93
C26 PCW UA . 34.88 7.40 -21.61
C27 PCW UA . 34.78 8.35 -20.40
C28 PCW UA . 34.16 9.66 -20.82
C31 PCW UA . 34.46 -6.74 -24.02
C32 PCW UA . 34.44 -5.39 -23.28
C33 PCW UA . 34.81 -5.45 -21.72
C34 PCW UA . 33.72 -6.07 -20.85
C35 PCW UA . 32.70 -4.90 -20.56
C36 PCW UA . 31.34 -5.40 -20.04
C37 PCW UA . 30.28 -4.30 -19.73
C38 PCW UA . 30.41 -3.76 -18.34
C39 PCW UA . 29.39 -2.70 -18.04
C40 PCW UA . 29.60 -1.37 -17.98
C41 PCW UA . 30.94 -0.71 -18.23
C42 PCW UA . 30.78 0.85 -17.94
C43 PCW UA . 31.79 1.52 -17.03
C44 PCW UA . 31.40 2.98 -16.92
C45 PCW UA . 32.35 3.82 -16.11
C46 PCW UA . 33.47 4.43 -16.91
C47 PCW UA . 34.00 5.75 -16.44
C48 PCW UA . 35.14 6.25 -17.35
N PCW UA . 36.47 -9.75 -27.93
O2 PCW UA . 33.32 -7.38 -23.75
O3 PCW UA . 31.87 -7.67 -26.18
O11 PCW UA . 33.39 -8.71 -27.52
O31 PCW UA . 35.40 -7.15 -24.76
O1P PCW UA . 36.91 -10.42 -22.57
O2P PCW UA . 35.29 -12.32 -22.66
O3P PCW UA . 34.43 -9.90 -22.54
O4P PCW UA . 35.43 -10.86 -24.56
P PCW UA . 35.58 -10.92 -23.06
C1 PCW VA . 19.85 -29.47 -10.52
C2 PCW VA . 19.05 -28.21 -10.00
C3 PCW VA . 17.89 -27.83 -10.99
C4 PCW VA . 22.63 -27.01 -8.93
C5 PCW VA . 22.43 -25.64 -9.58
C6 PCW VA . 21.38 -24.18 -7.78
C7 PCW VA . 23.09 -23.27 -9.28
C8 PCW VA . 21.40 -23.89 -9.71
C11 PCW VA . 17.59 -25.44 -10.84
C12 PCW VA . 16.74 -24.40 -10.16
C13 PCW VA . 15.25 -24.58 -10.63
C14 PCW VA . 14.25 -23.60 -10.01
C15 PCW VA . 13.46 -24.13 -8.78
C16 PCW VA . 13.77 -23.25 -7.51
C17 PCW VA . 14.86 -23.78 -6.51
C18 PCW VA . 14.46 -23.60 -5.05
C19 PCW VA . 15.63 -23.08 -4.17
C20 PCW VA . 15.42 -22.30 -3.05
C21 PCW VA . 14.19 -21.78 -2.40
C22 PCW VA . 14.21 -20.23 -2.56
C23 PCW VA . 13.14 -19.60 -3.49
C24 PCW VA . 11.72 -19.69 -3.04
C25 PCW VA . 11.19 -18.85 -1.84
C26 PCW VA . 10.21 -17.74 -2.17
C27 PCW VA . 8.80 -17.81 -1.53
C28 PCW VA . 7.96 -16.65 -2.00
C31 PCW VA . 18.82 -27.72 -7.70
C32 PCW VA . 18.10 -28.15 -6.41
C33 PCW VA . 16.76 -27.33 -6.07
C34 PCW VA . 15.72 -27.36 -7.20
C35 PCW VA . 15.04 -28.79 -7.11
C36 PCW VA . 13.71 -28.77 -6.32
C37 PCW VA . 12.99 -30.15 -6.19
C38 PCW VA . 12.81 -30.56 -4.77
C39 PCW VA . 12.12 -31.89 -4.63
C40 PCW VA . 10.83 -32.10 -4.37
C41 PCW VA . 9.80 -30.99 -4.18
C42 PCW VA . 8.77 -31.48 -3.07
C43 PCW VA . 8.62 -30.66 -1.79
C44 PCW VA . 7.58 -31.36 -0.93
C45 PCW VA . 8.13 -32.34 0.08
C46 PCW VA . 7.13 -32.73 1.13
C47 PCW VA . 7.58 -32.62 2.57
C48 PCW VA . 6.45 -33.05 3.52
N PCW VA . 22.42 -24.45 -8.79
O2 PCW VA . 18.42 -28.51 -8.68
O3 PCW VA . 17.18 -26.69 -10.46
O11 PCW VA . 18.50 -25.20 -11.58
O31 PCW VA . 19.66 -26.77 -7.79
O1P PCW VA . 23.05 -29.85 -8.45
O2P PCW VA . 22.95 -29.97 -10.94
O3P PCW VA . 20.79 -30.00 -9.57
O4P PCW VA . 22.14 -27.99 -9.88
P PCW VA . 22.31 -29.48 -9.70
C1 PCW WA . 38.43 -17.42 5.44
C2 PCW WA . 38.38 -16.72 6.86
C3 PCW WA . 39.22 -15.40 6.84
C4 PCW WA . 40.40 -20.52 8.17
C5 PCW WA . 39.68 -20.43 9.51
C6 PCW WA . 40.50 -22.63 10.49
C7 PCW WA . 39.85 -20.79 11.96
C8 PCW WA . 38.77 -21.75 10.79
C11 PCW WA . 39.36 -13.43 8.20
C12 PCW WA . 39.24 -12.98 9.64
C13 PCW WA . 37.79 -12.42 9.85
C14 PCW WA . 37.49 -11.92 11.27
C15 PCW WA . 36.56 -10.67 11.35
C16 PCW WA . 37.28 -9.50 12.12
C17 PCW WA . 37.41 -9.62 13.68
C18 PCW WA . 36.07 -9.89 14.37
C19 PCW WA . 36.10 -11.15 15.28
C20 PCW WA . 35.73 -11.11 16.62
C21 PCW WA . 35.26 -10.01 17.50
C22 PCW WA . 36.55 -9.27 17.99
C23 PCW WA . 36.75 -9.12 19.52
C24 PCW WA . 37.72 -10.04 20.17
C25 PCW WA . 37.26 -11.07 21.25
C26 PCW WA . 37.28 -12.53 20.85
C27 PCW WA . 35.98 -13.35 20.99
C28 PCW WA . 35.32 -13.51 19.66
C31 PCW WA . 36.57 -16.83 8.38
C32 PCW WA . 35.13 -16.37 8.60
C33 PCW WA . 34.90 -15.40 9.86
C34 PCW WA . 34.07 -14.15 9.52
C35 PCW WA . 32.63 -14.45 10.09
C36 PCW WA . 31.50 -13.88 9.19
C37 PCW WA . 30.06 -14.14 9.70
C38 PCW WA . 29.62 -13.10 10.68
C39 PCW WA . 28.22 -13.32 11.19
C40 PCW WA . 27.11 -12.66 10.85
C41 PCW WA . 27.09 -11.52 9.84
C42 PCW WA . 26.41 -10.25 10.54
C43 PCW WA . 26.67 -8.87 9.95
C44 PCW WA . 25.91 -7.87 10.81
C45 PCW WA . 25.03 -6.92 10.05
C46 PCW WA . 23.81 -6.48 10.82
C47 PCW WA . 22.52 -6.36 10.03
C48 PCW WA . 21.36 -5.89 10.92
N PCW WA . 40.16 -21.21 10.61
O2 PCW WA . 36.98 -16.35 7.21
O3 PCW WA . 39.17 -14.78 8.13
O11 PCW WA . 39.56 -12.71 7.26
O31 PCW WA . 37.25 -17.54 9.19
O1P PCW WA . 40.78 -20.37 5.30
O2P PCW WA . 41.22 -17.95 5.78
O3P PCW WA . 38.80 -18.81 5.49
O4P PCW WA . 40.14 -19.27 7.48
P PCW WA . 40.32 -19.11 5.98
C1 PCW XA . 19.67 -28.01 2.68
C2 PCW XA . 19.95 -26.83 3.69
C3 PCW XA . 19.36 -27.20 5.11
C4 PCW XA . 18.97 -25.48 -0.58
C5 PCW XA . 18.68 -24.27 0.31
C6 PCW XA . 17.71 -22.10 -0.09
C7 PCW XA . 19.32 -22.89 -1.56
C8 PCW XA . 20.04 -22.20 0.50
C11 PCW XA . 18.69 -25.13 6.15
C12 PCW XA . 19.16 -24.13 7.17
C13 PCW XA . 18.48 -24.49 8.54
C14 PCW XA . 18.85 -23.56 9.71
C15 PCW XA . 17.83 -23.53 10.89
C16 PCW XA . 18.55 -23.79 12.27
C17 PCW XA . 17.67 -24.31 13.45
C18 PCW XA . 17.81 -23.48 14.73
C19 PCW XA . 19.09 -23.85 15.54
C20 PCW XA . 19.06 -24.69 16.64
C21 PCW XA . 17.96 -25.42 17.31
C22 PCW XA . 18.64 -26.46 18.26
C23 PCW XA . 18.44 -27.96 17.94
C24 PCW XA . 17.78 -28.80 18.98
C25 PCW XA . 16.24 -28.79 19.19
C26 PCW XA . 15.38 -29.12 17.98
C27 PCW XA . 14.85 -30.56 17.83
C28 PCW XA . 15.00 -31.03 16.41
C31 PCW XA . 21.86 -25.46 3.39
C32 PCW XA . 23.38 -25.39 3.63
C33 PCW XA . 23.83 -25.16 5.15
C34 PCW XA . 23.96 -23.68 5.53
C35 PCW XA . 25.31 -23.58 6.36
C36 PCW XA . 25.28 -22.40 7.36
C37 PCW XA . 26.57 -22.23 8.23
C38 PCW XA . 26.40 -21.22 9.31
C39 PCW XA . 27.62 -21.03 10.16
C40 PCW XA . 27.67 -20.89 11.48
C41 PCW XA . 26.45 -20.90 12.38
C42 PCW XA . 26.55 -19.65 13.36
C43 PCW XA . 25.26 -18.96 13.80
C44 PCW XA . 25.66 -17.82 14.73
C45 PCW XA . 24.69 -16.66 14.76
C46 PCW XA . 24.57 -16.01 16.10
C47 PCW XA . 23.48 -14.98 16.25
C48 PCW XA . 23.45 -14.39 17.67
N PCW XA . 18.93 -22.93 -0.19
O2 PCW XA . 21.42 -26.63 3.85
O3 PCW XA . 19.62 -26.12 6.02
O11 PCW XA . 17.65 -25.08 5.55
O31 PCW XA . 21.15 -24.56 2.85
O1P PCW XA . 20.68 -27.78 -1.02
O2P PCW XA . 18.76 -29.04 -0.08
O3P PCW XA . 20.49 -27.97 1.49
O4P PCW XA . 18.84 -26.66 0.26
P PCW XA . 19.69 -27.90 0.09
C1 PCW YA . 5.29 -12.67 -44.87
C2 PCW YA . 4.48 -11.60 -44.03
C3 PCW YA . 3.75 -10.61 -45.00
C4 PCW YA . 7.77 -11.39 -41.73
C5 PCW YA . 7.17 -10.01 -41.39
C6 PCW YA . 6.93 -8.09 -39.95
C7 PCW YA . 8.97 -8.46 -41.03
C8 PCW YA . 8.45 -9.83 -39.28
C11 PCW YA . 3.65 -8.46 -43.95
C12 PCW YA . 2.72 -7.57 -43.15
C13 PCW YA . 2.62 -6.18 -43.88
C14 PCW YA . 1.72 -5.15 -43.20
C15 PCW YA . 1.82 -3.70 -43.75
C16 PCW YA . 1.92 -2.66 -42.58
C17 PCW YA . 1.97 -1.14 -42.96
C18 PCW YA . 0.73 -0.37 -42.53
C19 PCW YA . 0.36 0.76 -43.50
C20 PCW YA . -0.93 1.26 -43.60
C21 PCW YA . -2.20 0.92 -42.90
C22 PCW YA . -2.27 1.80 -41.63
C23 PCW YA . -3.65 2.36 -41.20
C24 PCW YA . -3.76 3.83 -41.00
C25 PCW YA . -4.66 4.72 -41.91
C26 PCW YA . -4.99 6.11 -41.39
C27 PCW YA . -6.18 6.27 -40.43
C28 PCW YA . -6.27 7.70 -39.95
C31 PCW YA . 3.84 -12.63 -41.99
C32 PCW YA . 2.67 -13.30 -41.27
C33 PCW YA . 1.84 -12.36 -40.29
C34 PCW YA . 0.33 -12.62 -40.34
C35 PCW YA . -0.24 -11.61 -41.41
C36 PCW YA . -1.78 -11.49 -41.34
C37 PCW YA . -2.43 -10.51 -42.36
C38 PCW YA . -3.72 -11.04 -42.88
C39 PCW YA . -4.38 -10.12 -43.88
C40 PCW YA . -5.54 -9.48 -43.73
C41 PCW YA . -6.41 -9.59 -42.49
C42 PCW YA . -6.71 -8.12 -41.96
C43 PCW YA . -6.22 -7.74 -40.58
C44 PCW YA . -6.64 -6.30 -40.34
C45 PCW YA . -5.51 -5.29 -40.32
C46 PCW YA . -5.97 -3.87 -40.24
C47 PCW YA . -4.90 -2.83 -39.98
C48 PCW YA . -5.50 -1.42 -39.90
N PCW YA . 7.84 -9.14 -40.46
O2 PCW YA . 3.44 -12.27 -43.21
O3 PCW YA . 3.03 -9.63 -44.23
O11 PCW YA . 4.76 -8.16 -44.29
O31 PCW YA . 4.99 -12.44 -41.50
O1P PCW YA . 8.27 -14.03 -42.86
O2P PCW YA . 8.37 -12.74 -45.00
O3P PCW YA . 6.11 -13.55 -44.06
O4P PCW YA . 7.37 -11.69 -43.10
P PCW YA . 7.60 -13.03 -43.76
C1 PCW ZA . 12.07 -32.52 -0.75
C2 PCW ZA . 12.71 -31.21 -0.15
C3 PCW ZA . 12.29 -29.96 -0.99
C4 PCW ZA . 11.81 -37.16 0.40
C5 PCW ZA . 10.64 -38.00 -0.07
C6 PCW ZA . 9.28 -39.10 1.79
C7 PCW ZA . 8.21 -37.56 0.22
C8 PCW ZA . 8.97 -39.20 -0.15
C11 PCW ZA . 14.21 -28.57 -0.62
C12 PCW ZA . 14.64 -27.31 0.06
C13 PCW ZA . 14.82 -26.18 -1.03
C14 PCW ZA . 15.25 -24.82 -0.49
C15 PCW ZA . 14.84 -24.49 0.98
C16 PCW ZA . 13.81 -23.31 1.01
C17 PCW ZA . 13.80 -22.41 2.30
C18 PCW ZA . 15.07 -21.56 2.46
C19 PCW ZA . 15.51 -21.43 3.94
C20 PCW ZA . 14.97 -20.49 4.79
C21 PCW ZA . 13.94 -19.44 4.60
C22 PCW ZA . 12.80 -19.74 5.61
C23 PCW ZA . 11.39 -20.07 5.03
C24 PCW ZA . 10.62 -18.93 4.44
C25 PCW ZA . 10.54 -17.56 5.17
C26 PCW ZA . 9.48 -16.60 4.68
C27 PCW ZA . 9.59 -16.05 3.24
C28 PCW ZA . 8.24 -16.10 2.56
C31 PCW ZA . 13.05 -31.45 2.18
C32 PCW ZA . 12.41 -31.16 3.55
C33 PCW ZA . 10.91 -31.69 3.73
C34 PCW ZA . 10.31 -31.33 5.08
C35 PCW ZA . 9.47 -30.00 4.83
C36 PCW ZA . 8.22 -29.92 5.75
C37 PCW ZA . 7.34 -28.64 5.55
C38 PCW ZA . 7.02 -27.99 6.85
C39 PCW ZA . 6.16 -26.75 6.69
C40 PCW ZA . 5.26 -26.29 7.55
C41 PCW ZA . 4.92 -26.94 8.88
C42 PCW ZA . 3.36 -26.75 9.12
C43 PCW ZA . 2.90 -25.92 10.31
C44 PCW ZA . 1.39 -25.92 10.29
C45 PCW ZA . 0.74 -25.65 11.63
C46 PCW ZA . -0.35 -26.62 11.96
C47 PCW ZA . -1.70 -26.02 12.27
C48 PCW ZA . -2.72 -27.11 12.60
N PCW ZA . 9.45 -38.10 0.73
O2 PCW ZA . 12.23 -31.00 1.25
O3 PCW ZA . 12.89 -28.77 -0.43
O11 PCW ZA . 14.95 -29.30 -1.23
O31 PCW ZA . 14.16 -32.02 1.99
O1P PCW ZA . 10.06 -34.98 1.06
O2P PCW ZA . 10.19 -34.53 -1.39
O3P PCW ZA . 12.01 -33.61 0.20
O4P PCW ZA . 11.83 -35.96 -0.41
P PCW ZA . 10.95 -34.76 -0.14
C1 PCW AB . -9.76 -32.49 -18.08
C2 PCW AB . -10.90 -32.08 -17.06
C3 PCW AB . -10.51 -32.54 -15.61
C4 PCW AB . -7.77 -32.76 -21.98
C5 PCW AB . -6.46 -32.02 -22.25
C6 PCW AB . -6.82 -30.65 -24.20
C7 PCW AB . -6.20 -32.88 -24.48
C8 PCW AB . -4.59 -31.45 -23.75
C11 PCW AB . -12.48 -33.12 -14.38
C12 PCW AB . -13.47 -32.54 -13.40
C13 PCW AB . -12.90 -32.78 -11.96
C14 PCW AB . -13.77 -32.25 -10.82
C15 PCW AB . -13.97 -33.21 -9.61
C16 PCW AB . -13.55 -32.53 -8.27
C17 PCW AB . -14.63 -32.45 -7.14
C18 PCW AB . -14.46 -33.54 -6.08
C19 PCW AB . -15.80 -34.24 -5.74
C20 PCW AB . -16.26 -34.38 -4.43
C21 PCW AB . -15.68 -33.95 -3.13
C22 PCW AB . -16.67 -32.91 -2.52
C23 PCW AB . -16.43 -31.42 -2.86
C24 PCW AB . -16.55 -30.44 -1.74
C25 PCW AB . -15.40 -30.28 -0.69
C26 PCW AB . -15.76 -29.54 0.59
C27 PCW AB . -15.96 -30.38 1.87
C28 PCW AB . -17.37 -30.21 2.39
C31 PCW AB . -12.32 -30.19 -17.15
C32 PCW AB . -12.31 -28.66 -17.11
C33 PCW AB . -12.45 -28.02 -15.64
C34 PCW AB . -13.83 -28.23 -15.03
C35 PCW AB . -14.63 -26.90 -15.33
C36 PCW AB . -16.15 -27.15 -15.55
C37 PCW AB . -17.00 -25.89 -15.86
C38 PCW AB . -17.65 -25.33 -14.64
C39 PCW AB . -18.47 -24.11 -14.92
C40 PCW AB . -18.10 -22.84 -14.75
C41 PCW AB . -16.74 -22.42 -14.23
C42 PCW AB . -16.95 -21.21 -13.22
C43 PCW AB . -15.72 -20.45 -12.74
C44 PCW AB . -16.20 -19.36 -11.80
C45 PCW AB . -16.05 -19.69 -10.33
C46 PCW AB . -14.93 -18.95 -9.67
C47 PCW AB . -14.08 -19.75 -8.70
C48 PCW AB . -12.97 -18.87 -8.10
N PCW AB . -6.04 -31.76 -23.60
O2 PCW AB . -11.06 -30.61 -17.04
O3 PCW AB . -11.55 -32.18 -14.69
O11 PCW AB . -12.51 -34.25 -14.81
O31 PCW AB . -13.34 -30.92 -17.29
O1P PCW AB . -10.11 -33.67 -20.52
O2P PCW AB . -11.07 -31.51 -21.31
O3P PCW AB . -9.61 -31.58 -19.18
O4P PCW AB . -8.69 -31.79 -21.42
P PCW AB . -9.93 -32.19 -20.64
C1 PCW BB . 40.06 -12.82 1.94
C2 PCW BB . 39.36 -11.43 2.20
C3 PCW BB . 40.34 -10.46 2.94
C4 PCW BB . 41.87 -16.22 0.33
C5 PCW BB . 41.77 -17.51 1.13
C6 PCW BB . 41.26 -19.93 0.50
C7 PCW BB . 43.56 -19.09 0.43
C8 PCW BB . 42.46 -19.28 1.90
C11 PCW BB . 39.98 -8.53 4.32
C12 PCW BB . 39.17 -7.25 4.37
C13 PCW BB . 40.15 -6.06 4.68
C14 PCW BB . 39.48 -4.68 4.77
C15 PCW BB . 39.88 -3.81 6.00
C16 PCW BB . 38.59 -3.19 6.66
C17 PCW BB . 38.26 -3.65 8.12
C18 PCW BB . 37.66 -2.53 8.98
C19 PCW BB . 36.25 -2.88 9.51
C20 PCW BB . 35.47 -1.98 10.22
C21 PCW BB . 35.71 -0.58 10.65
C22 PCW BB . 34.58 -0.24 11.68
C23 PCW BB . 33.60 0.90 11.31
C24 PCW BB . 33.43 2.00 12.31
C25 PCW BB . 32.48 1.85 13.53
C26 PCW BB . 31.11 2.49 13.40
C27 PCW BB . 30.25 2.63 14.69
C28 PCW BB . 29.94 4.08 14.95
C31 PCW BB . 37.68 -10.60 0.76
C32 PCW BB . 37.44 -9.94 -0.61
C33 PCW BB . 36.14 -9.02 -0.71
C34 PCW BB . 34.98 -9.67 -1.47
C35 PCW BB . 33.80 -9.77 -0.41
C36 PCW BB . 32.41 -9.93 -1.08
C37 PCW BB . 31.21 -10.04 -0.10
C38 PCW BB . 30.56 -8.71 0.14
C39 PCW BB . 29.40 -8.78 1.09
C40 PCW BB . 28.40 -7.92 1.20
C41 PCW BB . 28.26 -6.67 0.35
C42 PCW BB . 27.72 -5.49 1.29
C43 PCW BB . 26.32 -4.97 1.08
C44 PCW BB . 26.09 -3.88 2.10
C45 PCW BB . 24.85 -4.04 2.94
C46 PCW BB . 25.12 -4.45 4.36
C47 PCW BB . 23.93 -4.81 5.21
C48 PCW BB . 24.35 -5.19 6.63
N PCW BB . 42.15 -18.76 0.54
O2 PCW BB . 38.99 -10.80 0.90
O3 PCW BB . 39.69 -9.20 3.17
O11 PCW BB . 40.75 -8.89 5.16
O31 PCW BB . 36.78 -10.88 1.60
O1P PCW BB . 43.25 -13.69 -0.02
O2P PCW BB . 43.02 -13.56 2.44
O3P PCW BB . 41.09 -12.78 0.92
O4P PCW BB . 41.64 -15.14 1.26
P PCW BB . 42.33 -13.79 1.16
C1 PCW CB . 16.88 -11.22 -35.81
C2 PCW CB . 16.76 -10.45 -34.45
C3 PCW CB . 15.35 -9.80 -34.31
C4 PCW CB . 14.52 -13.70 -33.44
C5 PCW CB . 14.03 -15.02 -32.83
C6 PCW CB . 12.45 -14.82 -30.83
C7 PCW CB . 11.73 -15.91 -32.89
C8 PCW CB . 13.06 -16.45 -31.73
C11 PCW CB . 14.49 -9.65 -32.07
C12 PCW CB . 14.54 -8.78 -30.84
C13 PCW CB . 13.34 -7.77 -30.92
C14 PCW CB . 13.23 -6.79 -29.74
C15 PCW CB . 11.92 -5.97 -29.66
C16 PCW CB . 10.78 -6.80 -28.97
C17 PCW CB . 9.39 -6.10 -28.78
C18 PCW CB . 8.86 -6.17 -27.36
C19 PCW CB . 7.75 -5.14 -27.06
C20 PCW CB . 7.96 -4.02 -26.28
C21 PCW CB . 9.16 -3.51 -25.56
C22 PCW CB . 8.80 -2.09 -25.05
C23 PCW CB . 9.07 -0.90 -26.01
C24 PCW CB . 8.80 0.48 -25.47
C25 PCW CB . 9.96 1.39 -24.98
C26 PCW CB . 9.57 2.56 -24.10
C27 PCW CB . 9.97 3.97 -24.59
C28 PCW CB . 8.74 4.85 -24.66
C31 PCW CB . 18.15 -11.44 -32.81
C32 PCW CB . 18.16 -12.45 -31.64
C33 PCW CB . 17.66 -11.86 -30.23
C34 PCW CB . 18.64 -10.86 -29.60
C35 PCW CB . 17.90 -9.45 -29.66
C36 PCW CB . 18.65 -8.36 -28.87
C37 PCW CB . 17.98 -6.95 -28.89
C38 PCW CB . 18.97 -5.85 -28.64
C39 PCW CB . 18.34 -4.48 -28.64
C40 PCW CB . 18.40 -3.57 -27.68
C41 PCW CB . 19.14 -3.75 -26.37
C42 PCW CB . 18.33 -2.99 -25.24
C43 PCW CB . 19.05 -1.93 -24.42
C44 PCW CB . 18.03 -1.37 -23.43
C45 PCW CB . 17.51 0.00 -23.75
C46 PCW CB . 16.12 0.00 -24.32
C47 PCW CB . 15.11 0.89 -23.62
C48 PCW CB . 13.73 0.78 -24.29
N PCW CB . 12.73 -15.10 -32.25
O2 PCW CB . 16.92 -11.40 -33.30
O3 PCW CB . 15.25 -9.10 -33.05
O11 PCW CB . 13.88 -10.69 -32.16
O31 PCW CB . 19.15 -10.78 -33.22
O1P PCW CB . 14.65 -12.80 -36.20
O2P PCW CB . 16.06 -14.84 -36.46
O3P PCW CB . 17.12 -12.64 -35.66
O4P PCW CB . 15.68 -14.02 -34.25
P PCW CB . 15.82 -13.60 -35.70
C1 PCW DB . 39.93 -11.44 -16.15
C2 PCW DB . 39.43 -11.12 -14.68
C3 PCW DB . 40.63 -10.67 -13.80
C4 PCW DB . 36.35 -13.85 -18.53
C5 PCW DB . 35.05 -14.52 -18.11
C6 PCW DB . 33.92 -16.82 -18.20
C7 PCW DB . 35.82 -16.42 -16.71
C8 PCW DB . 34.15 -15.64 -16.65
C11 PCW DB . 40.93 -9.57 -11.69
C12 PCW DB . 40.27 -9.39 -10.35
C13 PCW DB . 39.71 -7.92 -10.27
C14 PCW DB . 39.00 -7.56 -8.96
C15 PCW DB . 37.48 -7.22 -9.10
C16 PCW DB . 37.18 -5.78 -8.55
C17 PCW DB . 37.60 -4.57 -9.45
C18 PCW DB . 37.40 -3.21 -8.77
C19 PCW DB . 38.59 -2.25 -8.99
C20 PCW DB . 38.48 -0.88 -8.77
C21 PCW DB . 37.36 -0.01 -8.33
C22 PCW DB . 37.77 1.46 -8.64
C23 PCW DB . 36.82 2.59 -8.14
C24 PCW DB . 37.46 3.90 -7.81
C25 PCW DB . 37.10 4.66 -6.50
C26 PCW DB . 38.26 5.17 -5.67
C27 PCW DB . 38.02 6.37 -4.75
C28 PCW DB . 38.87 6.26 -3.51
C31 PCW DB . 37.19 -10.34 -14.53
C32 PCW DB . 36.31 -9.09 -14.59
C33 PCW DB . 36.36 -8.16 -13.29
C34 PCW DB . 35.65 -6.82 -13.47
C35 PCW DB . 34.85 -6.57 -12.12
C36 PCW DB . 34.21 -5.17 -12.07
C37 PCW DB . 33.40 -4.85 -10.77
C38 PCW DB . 33.58 -3.43 -10.33
C39 PCW DB . 32.81 -3.11 -9.07
C40 PCW DB . 32.49 -1.90 -8.62
C41 PCW DB . 32.86 -0.60 -9.29
C42 PCW DB . 31.56 0.33 -9.35
C43 PCW DB . 31.10 1.02 -8.08
C44 PCW DB . 29.85 1.81 -8.43
C45 PCW DB . 28.58 1.36 -7.75
C46 PCW DB . 27.40 2.21 -8.08
C47 PCW DB . 26.71 2.90 -6.92
C48 PCW DB . 25.52 3.73 -7.40
N PCW DB . 35.03 -15.93 -17.81
O2 PCW DB . 38.45 -9.98 -14.72
O3 PCW DB . 40.16 -10.37 -12.47
O11 PCW DB . 41.98 -9.07 -12.02
O31 PCW DB . 36.76 -11.53 -14.34
O1P PCW DB . 39.21 -14.09 -18.09
O2P PCW DB . 38.54 -13.98 -15.69
O3P PCW DB . 38.86 -11.82 -17.06
O4P PCW DB . 36.94 -13.29 -17.33
P PCW DB . 38.43 -13.37 -17.03
C1 PCW EB . 2.09 -15.30 -34.86
C2 PCW EB . 1.28 -13.96 -35.04
C3 PCW EB . 2.12 -12.94 -35.88
C4 PCW EB . -0.85 -17.33 -36.27
C5 PCW EB . -2.13 -18.16 -36.27
C6 PCW EB . -3.54 -19.80 -37.64
C7 PCW EB . -1.19 -20.28 -37.17
C8 PCW EB . -2.58 -20.14 -35.97
C11 PCW EB . 1.97 -10.71 -36.76
C12 PCW EB . 1.02 -9.54 -36.83
C13 PCW EB . 0.38 -9.52 -38.27
C14 PCW EB . -0.61 -8.38 -38.53
C15 PCW EB . -0.56 -7.76 -39.96
C16 PCW EB . -1.23 -6.34 -39.96
C17 PCW EB . -2.21 -6.00 -41.13
C18 PCW EB . -1.65 -4.99 -42.12
C19 PCW EB . -2.72 -4.46 -43.10
C20 PCW EB . -3.14 -5.18 -44.21
C21 PCW EB . -2.75 -6.52 -44.74
C22 PCW EB . -3.12 -6.53 -46.27
C23 PCW EB . -4.38 -7.31 -46.69
C24 PCW EB . -5.62 -6.51 -46.90
C25 PCW EB . -7.00 -7.00 -46.35
C26 PCW EB . -7.49 -6.35 -45.07
C27 PCW EB . -9.00 -6.06 -44.94
C28 PCW EB . -9.60 -6.92 -43.84
C31 PCW EB . -1.06 -13.68 -35.25
C32 PCW EB . -2.27 -14.04 -36.12
C33 PCW EB . -2.79 -12.88 -37.08
C34 PCW EB . -3.11 -13.36 -38.50
C35 PCW EB . -4.67 -13.21 -38.68
C36 PCW EB . -5.13 -13.40 -40.14
C37 PCW EB . -6.67 -13.27 -40.39
C38 PCW EB . -7.05 -13.61 -41.80
C39 PCW EB . -8.52 -13.48 -42.06
C40 PCW EB . -9.11 -12.95 -43.12
C41 PCW EB . -8.36 -12.35 -44.30
C42 PCW EB . -9.30 -11.26 -44.98
C43 PCW EB . -8.90 -10.68 -46.33
C44 PCW EB . -9.98 -9.68 -46.72
C45 PCW EB . -10.33 -9.66 -48.18
C46 PCW EB . -11.66 -9.00 -48.48
C47 PCW EB . -11.62 -7.81 -49.40
C48 PCW EB . -13.02 -7.23 -49.63
N PCW EB . -2.24 -19.29 -37.15
O2 PCW EB . 0.02 -14.24 -35.79
O3 PCW EB . 1.39 -11.72 -36.05
O11 PCW EB . 3.05 -10.76 -37.28
O31 PCW EB . -1.10 -12.96 -34.21
O1P PCW EB . 1.84 -18.09 -35.51
O2P PCW EB . 0.76 -18.57 -33.31
O3P PCW EB . 1.55 -16.19 -33.86
O4P PCW EB . -0.43 -17.21 -34.88
P PCW EB . 0.96 -17.59 -34.40
C1 PCW FB . 39.25 -4.59 -19.10
C2 PCW FB . 37.94 -3.80 -19.48
C3 PCW FB . 37.80 -2.51 -18.59
C4 PCW FB . 39.11 -9.24 -20.66
C5 PCW FB . 40.30 -10.19 -20.78
C6 PCW FB . 39.12 -12.26 -21.20
C7 PCW FB . 41.39 -12.13 -21.66
C8 PCW FB . 39.98 -11.04 -23.08
C11 PCW FB . 36.03 -0.98 -18.04
C12 PCW FB . 34.80 -0.36 -18.62
C13 PCW FB . 35.22 0.90 -19.46
C14 PCW FB . 34.07 1.66 -20.11
C15 PCW FB . 34.31 3.18 -20.37
C16 PCW FB . 33.16 3.78 -21.25
C17 PCW FB . 31.79 4.09 -20.54
C18 PCW FB . 30.69 4.49 -21.52
C19 PCW FB . 29.38 3.68 -21.31
C20 PCW FB . 28.34 4.14 -20.53
C21 PCW FB . 28.14 5.38 -19.75
C22 PCW FB . 27.58 4.96 -18.36
C23 PCW FB . 28.38 5.40 -17.10
C24 PCW FB . 27.65 6.27 -16.12
C25 PCW FB . 26.81 5.65 -14.95
C26 PCW FB . 25.59 6.42 -14.53
C27 PCW FB . 24.27 6.15 -15.29
C28 PCW FB . 23.08 6.39 -14.39
C31 PCW FB . 39.03 -2.59 -21.27
C32 PCW FB . 38.88 -2.25 -22.76
C33 PCW FB . 38.96 -0.69 -23.12
C34 PCW FB . 37.99 0.17 -22.30
C35 PCW FB . 38.37 1.67 -22.62
C36 PCW FB . 39.12 2.36 -21.47
C37 PCW FB . 39.53 3.85 -21.71
C38 PCW FB . 40.56 4.32 -20.73
C39 PCW FB . 40.95 5.75 -20.95
C40 PCW FB . 40.69 6.79 -20.16
C41 PCW FB . 39.90 6.67 -18.86
C42 PCW FB . 39.48 8.15 -18.42
C43 PCW FB . 38.20 8.74 -18.98
C44 PCW FB . 38.05 10.12 -18.39
C45 PCW FB . 37.01 10.24 -17.31
C46 PCW FB . 36.62 11.66 -16.99
C47 PCW FB . 35.25 12.10 -17.44
C48 PCW FB . 34.98 13.56 -17.05
N PCW FB . 40.20 -11.35 -21.63
O2 PCW FB . 37.99 -3.35 -20.91
O3 PCW FB . 36.60 -1.81 -18.96
O11 PCW FB . 36.46 -0.79 -16.93
O31 PCW FB . 39.98 -2.20 -20.53
O1P PCW FB . 37.33 -6.95 -20.69
O2P PCW FB . 39.31 -5.81 -21.73
O3P PCW FB . 39.11 -6.03 -19.17
O4P PCW FB . 39.65 -7.90 -20.61
P PCW FB . 38.79 -6.65 -20.63
C1 PCW GB . 38.22 -13.45 -3.95
C2 PCW GB . 39.32 -12.44 -3.43
C3 PCW GB . 40.42 -13.21 -2.63
C4 PCW GB . 41.72 -14.05 -6.16
C5 PCW GB . 42.51 -14.88 -7.16
C6 PCW GB . 44.80 -15.44 -8.16
C7 PCW GB . 44.57 -14.97 -5.77
C8 PCW GB . 43.83 -16.38 -6.73
C11 PCW GB . 42.67 -12.39 -2.66
C12 PCW GB . 43.55 -11.35 -2.01
C13 PCW GB . 44.25 -10.51 -3.13
C14 PCW GB . 45.18 -9.41 -2.64
C15 PCW GB . 44.73 -7.94 -2.92
C16 PCW GB . 43.70 -7.46 -1.85
C17 PCW GB . 42.57 -6.47 -2.32
C18 PCW GB . 42.12 -5.48 -1.25
C19 PCW GB . 42.77 -4.08 -1.41
C20 PCW GB . 42.04 -2.92 -1.25
C21 PCW GB . 40.62 -2.66 -0.93
C22 PCW GB . 40.47 -1.12 -0.68
C23 PCW GB . 39.06 -0.51 -0.84
C24 PCW GB . 38.33 -0.17 0.42
C25 PCW GB . 36.78 -0.25 0.49
C26 PCW GB . 36.06 0.85 1.24
C27 PCW GB . 34.54 0.98 1.04
C28 PCW GB . 34.00 2.10 1.91
C31 PCW GB . 40.24 -10.48 -4.41
C32 PCW GB . 40.91 -9.96 -5.69
C33 PCW GB . 41.87 -8.69 -5.50
C34 PCW GB . 42.99 -8.63 -6.54
C35 PCW GB . 43.69 -7.23 -6.33
C36 PCW GB . 45.21 -7.27 -6.61
C37 PCW GB . 45.97 -5.93 -6.41
C38 PCW GB . 46.08 -5.15 -7.69
C39 PCW GB . 46.81 -3.85 -7.51
C40 PCW GB . 46.29 -2.62 -7.57
C41 PCW GB . 44.82 -2.32 -7.84
C42 PCW GB . 44.55 -0.80 -7.46
C43 PCW GB . 44.40 -0.44 -6.00
C44 PCW GB . 44.15 1.06 -5.94
C45 PCW GB . 43.60 1.57 -4.62
C46 PCW GB . 42.14 1.92 -4.68
C47 PCW GB . 41.39 1.88 -3.37
C48 PCW GB . 39.92 2.25 -3.58
N PCW GB . 43.94 -14.93 -7.07
O2 PCW GB . 39.98 -11.78 -4.60
O3 PCW GB . 41.42 -12.29 -2.16
O11 PCW GB . 43.03 -13.19 -3.49
O31 PCW GB . 40.00 -9.81 -3.36
O1P PCW GB . 39.74 -15.61 -4.68
O2P PCW GB . 38.61 -15.70 -6.91
O3P PCW GB . 38.26 -13.68 -5.38
O4P PCW GB . 40.33 -14.08 -6.60
P PCW GB . 39.24 -14.85 -5.88
C1 PCW HB . 16.18 -31.66 6.01
C2 PCW HB . 14.78 -30.94 6.07
C3 PCW HB . 14.05 -31.28 7.41
C4 PCW HB . 17.22 -31.04 1.56
C5 PCW HB . 16.97 -31.69 0.20
C6 PCW HB . 17.32 -30.85 -2.19
C7 PCW HB . 19.11 -32.03 -0.99
C8 PCW HB . 17.46 -32.69 -1.52
C11 PCW HB . 12.35 -30.15 8.66
C12 PCW HB . 10.99 -29.52 8.49
C13 PCW HB . 10.94 -28.21 9.37
C14 PCW HB . 9.61 -27.45 9.30
C15 PCW HB . 9.54 -26.14 10.13
C16 PCW HB . 9.68 -24.89 9.20
C17 PCW HB . 10.85 -23.89 9.52
C18 PCW HB . 10.36 -22.50 9.95
C19 PCW HB . 10.44 -22.29 11.48
C20 PCW HB . 9.30 -22.22 12.27
C21 PCW HB . 7.86 -22.33 11.97
C22 PCW HB . 7.30 -23.47 12.86
C23 PCW HB . 6.27 -24.44 12.22
C24 PCW HB . 5.23 -25.03 13.14
C25 PCW HB . 5.36 -26.50 13.66
C26 PCW HB . 6.11 -26.68 14.96
C27 PCW HB . 6.27 -28.14 15.49
C28 PCW HB . 6.35 -28.13 16.99
C31 PCW HB . 15.18 -28.96 4.81
C32 PCW HB . 15.35 -27.45 4.92
C33 PCW HB . 14.43 -26.58 3.94
C34 PCW HB . 12.94 -26.91 4.04
C35 PCW HB . 12.19 -25.55 3.74
C36 PCW HB . 11.14 -25.68 2.60
C37 PCW HB . 10.36 -24.37 2.27
C38 PCW HB . 9.51 -23.92 3.40
C39 PCW HB . 8.75 -22.65 3.10
C40 PCW HB . 8.13 -21.86 3.98
C41 PCW HB . 8.10 -22.12 5.48
C42 PCW HB . 6.64 -21.74 6.01
C43 PCW HB . 6.26 -22.16 7.41
C44 PCW HB . 4.83 -21.68 7.65
C45 PCW HB . 3.84 -22.77 7.95
C46 PCW HB . 2.56 -22.27 8.58
C47 PCW HB . 1.27 -22.85 8.06
C48 PCW HB . 0.06 -22.27 8.78
N PCW HB . 17.82 -31.38 -0.90
O2 PCW HB . 14.96 -29.46 6.02
O3 PCW HB . 12.78 -30.63 7.46
O11 PCW HB . 12.96 -30.22 9.69
O31 PCW HB . 15.24 -29.62 3.73
O1P PCW HB . 18.03 -30.46 4.28
O2P PCW HB . 18.88 -32.80 4.21
O3P PCW HB . 16.43 -32.35 4.78
O4P PCW HB . 17.32 -32.12 2.52
P PCW HB . 17.73 -31.90 3.96
C1 PCW IB . 13.24 -7.67 -42.93
C2 PCW IB . 12.77 -6.32 -43.60
C3 PCW IB . 11.49 -6.56 -44.46
C4 PCW IB . 14.12 -11.13 -43.09
C5 PCW IB . 14.07 -12.63 -42.77
C6 PCW IB . 15.45 -14.36 -44.04
C7 PCW IB . 16.05 -13.70 -41.75
C8 PCW IB . 14.53 -14.57 -42.31
C11 PCW IB . 9.78 -4.96 -44.95
C12 PCW IB . 9.56 -3.63 -45.64
C13 PCW IB . 10.23 -2.51 -44.76
C14 PCW IB . 10.11 -1.10 -45.31
C15 PCW IB . 9.20 -0.12 -44.52
C16 PCW IB . 10.06 0.87 -43.65
C17 PCW IB . 9.30 2.02 -42.89
C18 PCW IB . 8.73 1.57 -41.54
C19 PCW IB . 7.30 1.02 -41.64
C20 PCW IB . 6.27 1.41 -40.78
C21 PCW IB . 6.22 2.36 -39.65
C22 PCW IB . 5.48 3.63 -40.16
C23 PCW IB . 5.64 4.93 -39.35
C24 PCW IB . 6.07 6.16 -40.11
C25 PCW IB . 7.25 7.06 -39.61
C26 PCW IB . 8.65 6.49 -39.76
C27 PCW IB . 9.80 7.47 -40.06
C28 PCW IB . 10.32 7.25 -41.46
C31 PCW IB . 13.39 -4.43 -42.31
C32 PCW IB . 12.90 -3.47 -41.21
C33 PCW IB . 14.05 -2.68 -40.43
C34 PCW IB . 14.91 -3.57 -39.55
C35 PCW IB . 14.69 -3.05 -38.06
C36 PCW IB . 15.00 -4.14 -37.01
C37 PCW IB . 14.80 -3.71 -35.52
C38 PCW IB . 13.37 -3.84 -35.10
C39 PCW IB . 13.15 -3.42 -33.68
C40 PCW IB . 12.10 -2.76 -33.19
C41 PCW IB . 10.91 -2.30 -34.02
C42 PCW IB . 10.39 -0.91 -33.41
C43 PCW IB . 9.16 -0.92 -32.54
C44 PCW IB . 8.90 0.53 -32.11
C45 PCW IB . 8.77 0.74 -30.62
C46 PCW IB . 8.84 2.17 -30.21
C47 PCW IB . 8.67 2.46 -28.75
C48 PCW IB . 8.77 3.98 -28.46
N PCW IB . 15.25 -13.41 -42.92
O2 PCW IB . 12.42 -5.33 -42.54
O3 PCW IB . 11.08 -5.31 -45.06
O11 PCW IB . 8.91 -5.59 -44.39
O31 PCW IB . 14.51 -4.37 -42.89
O1P PCW IB . 14.06 -9.48 -40.70
O2P PCW IB . 11.70 -10.30 -40.56
O3P PCW IB . 12.29 -8.27 -42.04
O4P PCW IB . 12.86 -10.56 -42.64
P PCW IB . 12.74 -9.68 -41.40
C1 PCW JB . 28.99 -4.33 -37.90
C2 PCW JB . 29.66 -2.93 -37.57
C3 PCW JB . 29.61 -2.01 -38.84
C4 PCW JB . 32.63 -5.25 -36.24
C5 PCW JB . 33.47 -4.06 -36.69
C6 PCW JB . 35.10 -4.13 -34.72
C7 PCW JB . 35.66 -2.89 -36.76
C8 PCW JB . 34.29 -2.56 -35.57
C11 PCW JB . 31.58 -0.69 -38.43
C12 PCW JB . 32.00 0.73 -38.13
C13 PCW JB . 32.97 0.69 -36.90
C14 PCW JB . 33.52 2.05 -36.46
C15 PCW JB . 34.90 2.46 -37.05
C16 PCW JB . 35.90 2.84 -35.90
C17 PCW JB . 35.76 4.27 -35.28
C18 PCW JB . 35.07 4.28 -33.91
C19 PCW JB . 35.76 5.20 -32.88
C20 PCW JB . 35.06 5.78 -31.83
C21 PCW JB . 33.64 5.72 -31.40
C22 PCW JB . 32.85 6.70 -32.31
C23 PCW JB . 31.70 7.51 -31.67
C24 PCW JB . 31.41 8.86 -32.24
C25 PCW JB . 30.89 10.02 -31.35
C26 PCW JB . 30.38 11.25 -32.06
C27 PCW JB . 28.92 11.26 -32.53
C28 PCW JB . 28.80 11.88 -33.89
C31 PCW JB . 29.41 -2.43 -35.28
C32 PCW JB . 28.52 -1.67 -34.28
C33 PCW JB . 28.01 -2.52 -33.02
C34 PCW JB . 26.74 -3.34 -33.30
C35 PCW JB . 25.59 -2.27 -33.55
C36 PCW JB . 25.11 -1.58 -32.24
C37 PCW JB . 23.99 -0.52 -32.41
C38 PCW JB . 24.44 0.65 -33.22
C39 PCW JB . 23.37 1.70 -33.39
C40 PCW JB . 23.45 3.00 -33.14
C41 PCW JB . 24.72 3.67 -32.60
C42 PCW JB . 25.45 4.38 -33.83
C43 PCW JB . 25.75 5.87 -33.72
C44 PCW JB . 26.44 6.28 -35.02
C45 PCW JB . 25.64 7.17 -35.92
C46 PCW JB . 26.29 8.50 -36.17
C47 PCW JB . 25.37 9.60 -36.67
C48 PCW JB . 26.16 10.91 -36.87
N PCW JB . 34.78 -3.85 -36.13
O2 PCW JB . 28.90 -2.24 -36.50
O3 PCW JB . 30.22 -0.74 -38.55
O11 PCW JB . 32.31 -1.62 -38.54
O31 PCW JB . 30.43 -3.11 -34.98
O1P PCW JB . 30.46 -7.11 -35.70
O2P PCW JB . 30.27 -7.15 -38.20
O3P PCW JB . 29.12 -5.30 -36.83
O4P PCW JB . 31.54 -5.37 -37.18
P PCW JB . 30.37 -6.32 -36.97
C1 PCW KB . 10.84 -9.52 -32.88
C2 PCW KB . 9.76 -8.41 -33.19
C3 PCW KB . 10.14 -7.65 -34.51
C4 PCW KB . 12.14 -11.21 -35.68
C5 PCW KB . 11.86 -11.55 -37.14
C6 PCW KB . 13.19 -12.65 -39.01
C7 PCW KB . 11.98 -14.01 -37.37
C8 PCW KB . 11.27 -12.83 -38.62
C11 PCW KB . 8.31 -6.84 -35.83
C12 PCW KB . 7.36 -5.66 -35.94
C13 PCW KB . 5.90 -6.22 -36.07
C14 PCW KB . 4.80 -5.17 -36.19
C15 PCW KB . 3.37 -5.70 -36.47
C16 PCW KB . 2.86 -5.23 -37.88
C17 PCW KB . 2.46 -3.73 -38.03
C18 PCW KB . 1.20 -3.51 -38.85
C19 PCW KB . 0.38 -2.27 -38.40
C20 PCW KB . -0.74 -2.38 -37.58
C21 PCW KB . -1.43 -3.54 -36.97
C22 PCW KB . -2.73 -2.99 -36.29
C23 PCW KB . -3.13 -3.61 -34.93
C24 PCW KB . -2.37 -3.15 -33.73
C25 PCW KB . -2.88 -1.97 -32.85
C26 PCW KB . -3.26 -2.31 -31.42
C27 PCW KB . -2.51 -1.57 -30.29
C28 PCW KB . -2.21 -2.51 -29.15
C31 PCW KB . 7.50 -8.62 -32.55
C32 PCW KB . 6.17 -9.34 -32.90
C33 PCW KB . 6.22 -10.94 -32.85
C34 PCW KB . 6.97 -11.50 -31.65
C35 PCW KB . 5.88 -12.21 -30.76
C36 PCW KB . 6.05 -11.92 -29.25
C37 PCW KB . 5.00 -12.58 -28.30
C38 PCW KB . 3.85 -11.68 -28.00
C39 PCW KB . 2.83 -12.31 -27.09
C40 PCW KB . 2.29 -11.78 -26.00
C41 PCW KB . 2.62 -10.39 -25.47
C42 PCW KB . 1.75 -10.14 -24.16
C43 PCW KB . 1.74 -8.77 -23.54
C44 PCW KB . 0.85 -8.82 -22.32
C45 PCW KB . 1.32 -8.01 -21.13
C46 PCW KB . 0.46 -8.18 -19.90
C47 PCW KB . 0.89 -7.39 -18.68
C48 PCW KB . -0.07 -7.65 -17.51
N PCW KB . 12.47 -12.70 -37.72
O2 PCW KB . 8.43 -9.03 -33.40
O3 PCW KB . 9.15 -6.64 -34.78
O11 PCW KB . 8.32 -7.79 -36.57
O31 PCW KB . 7.65 -7.79 -31.62
O1P PCW KB . 11.55 -12.88 -33.39
O2P PCW KB . 9.20 -12.62 -34.17
O3P PCW KB . 10.27 -10.84 -32.64
O4P PCW KB . 10.86 -11.09 -35.02
P PCW KB . 10.47 -11.93 -33.81
C1 PCW LB . 20.93 -2.62 -39.10
C2 PCW LB . 19.67 -2.17 -38.26
C3 PCW LB . 18.70 -1.34 -39.16
C4 PCW LB . 23.06 -5.35 -35.94
C5 PCW LB . 23.67 -6.70 -36.31
C6 PCW LB . 22.13 -8.75 -36.24
C7 PCW LB . 23.12 -8.00 -38.35
C8 PCW LB . 23.99 -8.65 -36.86
C11 PCW LB . 17.30 0.40 -38.27
C12 PCW LB . 16.09 0.60 -37.41
C13 PCW LB . 16.56 0.69 -35.90
C14 PCW LB . 15.44 0.91 -34.89
C15 PCW LB . 15.46 2.28 -34.15
C16 PCW LB . 14.24 3.16 -34.59
C17 PCW LB . 14.19 3.64 -36.09
C18 PCW LB . 15.37 4.53 -36.48
C19 PCW LB . 14.94 5.92 -37.01
C20 PCW LB . 15.43 7.10 -36.48
C21 PCW LB . 16.39 7.39 -35.39
C22 PCW LB . 15.55 7.68 -34.12
C23 PCW LB . 16.26 8.41 -32.94
C24 PCW LB . 15.59 8.35 -31.60
C25 PCW LB . 16.39 8.66 -30.30
C26 PCW LB . 16.92 10.07 -30.16
C27 PCW LB . 16.46 10.91 -28.95
C28 PCW LB . 16.08 12.30 -29.40
C31 PCW LB . 19.39 -3.92 -36.67
C32 PCW LB . 18.52 -5.13 -36.33
C33 PCW LB . 19.25 -6.55 -36.44
C34 PCW LB . 18.81 -7.37 -37.65
C35 PCW LB . 17.43 -8.02 -37.24
C36 PCW LB . 16.29 -7.72 -38.24
C37 PCW LB . 14.91 -8.33 -37.90
C38 PCW LB . 13.79 -7.38 -38.19
C39 PCW LB . 12.43 -7.96 -37.86
C40 PCW LB . 11.26 -7.50 -38.27
C41 PCW LB . 11.09 -6.30 -39.19
C42 PCW LB . 10.54 -5.09 -38.31
C43 PCW LB . 9.83 -3.95 -39.01
C44 PCW LB . 9.42 -2.94 -37.95
C45 PCW LB . 8.73 -1.71 -38.46
C46 PCW LB . 8.53 -0.66 -37.39
C47 PCW LB . 9.48 0.52 -37.42
C48 PCW LB . 9.16 1.51 -36.29
N PCW LB . 22.86 -7.69 -36.96
O2 PCW LB . 18.92 -3.38 -37.79
O3 PCW LB . 17.57 -0.94 -38.38
O11 PCW LB . 17.96 1.27 -38.77
O31 PCW LB . 20.38 -3.51 -36.00
O1P PCW LB . 21.59 -5.31 -38.43
O2P PCW LB . 23.76 -4.52 -39.37
O3P PCW LB . 22.13 -2.83 -38.31
O4P PCW LB . 23.44 -4.41 -37.00
P PCW LB . 22.72 -4.33 -38.33
C1 PCW MB . -3.01 -19.62 -32.39
C2 PCW MB . -2.94 -18.34 -31.49
C3 PCW MB . -2.56 -17.09 -32.35
C4 PCW MB . -1.44 -22.25 -29.22
C5 PCW MB . -0.31 -23.04 -28.57
C6 PCW MB . -0.04 -21.82 -26.35
C7 PCW MB . 0.35 -24.23 -26.49
C8 PCW MB . 1.31 -22.88 -27.32
C11 PCW MB . -1.28 -15.43 -31.17
C12 PCW MB . -1.46 -14.21 -30.30
C13 PCW MB . -0.31 -13.20 -30.62
C14 PCW MB . -0.34 -11.90 -29.81
C15 PCW MB . 0.65 -10.79 -30.29
C16 PCW MB . 0.55 -9.53 -29.36
C17 PCW MB . 1.85 -8.68 -29.15
C18 PCW MB . 1.88 -7.41 -30.01
C19 PCW MB . 2.94 -7.46 -31.13
C20 PCW MB . 3.56 -6.31 -31.62
C21 PCW MB . 3.41 -4.87 -31.29
C22 PCW MB . 4.69 -4.47 -30.49
C23 PCW MB . 4.84 -2.98 -30.08
C24 PCW MB . 4.66 -2.65 -28.63
C25 PCW MB . 5.21 -1.33 -28.03
C26 PCW MB . 5.18 -1.21 -26.53
C27 PCW MB . 4.15 -0.25 -25.89
C28 PCW MB . 4.57 1.19 -26.12
C31 PCW MB . -4.56 -18.76 -29.80
C32 PCW MB . -5.95 -18.34 -29.31
C33 PCW MB . -6.05 -16.88 -28.64
C34 PCW MB . -7.48 -16.44 -28.34
C35 PCW MB . -7.46 -14.86 -28.44
C36 PCW MB . -8.87 -14.26 -28.66
C37 PCW MB . -8.92 -12.70 -28.77
C38 PCW MB . -9.61 -12.07 -27.60
C39 PCW MB . -9.67 -10.57 -27.69
C40 PCW MB . -8.98 -9.69 -26.96
C41 PCW MB . -7.99 -10.07 -25.88
C42 PCW MB . -7.76 -8.81 -24.94
C43 PCW MB . -6.46 -8.71 -24.15
C44 PCW MB . -6.52 -7.41 -23.36
C45 PCW MB . -5.63 -7.37 -22.14
C46 PCW MB . -4.54 -6.34 -22.24
C47 PCW MB . -3.20 -6.74 -21.69
C48 PCW MB . -2.18 -5.61 -21.84
N PCW MB . -0.17 -23.05 -27.15
O2 PCW MB . -4.28 -18.05 -30.90
O3 PCW MB . -2.51 -15.92 -31.52
O11 PCW MB . -0.22 -15.90 -31.51
O31 PCW MB . -3.81 -19.61 -29.24
O1P PCW MB . -3.48 -22.10 -31.29
O2P PCW MB . -1.66 -22.99 -32.74
O3P PCW MB . -1.83 -20.46 -32.30
O4P PCW MB . -1.06 -22.04 -30.61
P PCW MB . -2.06 -21.96 -31.75
C1 PCW NB . 10.87 -15.45 -22.03
C2 PCW NB . 9.40 -14.87 -21.94
C3 PCW NB . 9.45 -13.30 -21.90
C4 PCW NB . 11.75 -19.39 -25.14
C5 PCW NB . 11.82 -19.59 -26.66
C6 PCW NB . 11.90 -22.11 -27.03
C7 PCW NB . 10.46 -20.68 -28.39
C8 PCW NB . 12.30 -20.68 -28.31
C11 PCW NB . 7.73 -11.88 -22.76
C12 PCW NB . 6.31 -11.46 -22.49
C13 PCW NB . 6.32 -10.42 -21.31
C14 PCW NB . 4.95 -9.88 -20.91
C15 PCW NB . 4.42 -10.34 -19.52
C16 PCW NB . 5.18 -9.60 -18.35
C17 PCW NB . 4.71 -8.16 -17.99
C18 PCW NB . 4.95 -7.78 -16.53
C19 PCW NB . 5.36 -6.30 -16.34
C20 PCW NB . 4.86 -5.52 -15.32
C21 PCW NB . 3.89 -5.80 -14.23
C22 PCW NB . 2.61 -4.96 -14.53
C23 PCW NB . 1.50 -4.95 -13.45
C24 PCW NB . 0.14 -5.45 -13.86
C25 PCW NB . -0.86 -4.52 -14.61
C26 PCW NB . -1.68 -3.58 -13.75
C27 PCW NB . -3.21 -3.56 -13.97
C28 PCW NB . -3.74 -2.15 -13.92
C31 PCW NB . 7.42 -15.78 -22.91
C32 PCW NB . 6.74 -16.13 -24.24
C33 PCW NB . 5.72 -15.01 -24.80
C34 PCW NB . 4.29 -15.18 -24.30
C35 PCW NB . 4.09 -14.05 -23.21
C36 PCW NB . 2.60 -13.87 -22.79
C37 PCW NB . 2.34 -12.77 -21.72
C38 PCW NB . 1.11 -13.04 -20.93
C39 PCW NB . 0.84 -11.98 -19.89
C40 PCW NB . 0.88 -12.13 -18.57
C41 PCW NB . 1.22 -13.44 -17.87
C42 PCW NB . 0.99 -13.22 -16.30
C43 PCW NB . -0.40 -13.43 -15.73
C44 PCW NB . -0.32 -13.15 -14.24
C45 PCW NB . -1.06 -11.92 -13.77
C46 PCW NB . -0.25 -10.65 -13.88
C47 PCW NB . 0.67 -10.34 -12.72
C48 PCW NB . 1.42 -9.03 -12.96
N PCW NB . 11.29 -20.78 -27.22
O2 PCW NB . 8.62 -15.25 -23.17
O3 PCW NB . 8.12 -12.78 -21.81
O11 PCW NB . 8.41 -11.49 -23.68
O31 PCW NB . 6.91 -15.98 -21.76
O1P PCW NB . 9.98 -18.10 -22.91
O2P PCW NB . 12.02 -17.80 -23.04
O3P PCW NB . 11.29 -15.82 -23.36
O4P PCW NB . 11.72 -17.95 -24.92
P PCW NB . 10.87 -17.30 -23.85
C1 PCW OB . 41.48 -7.24 -17.02
C2 PCW OB . 41.23 -5.96 -16.12
C3 PCW OB . 40.63 -6.40 -14.74
C4 PCW OB . 43.90 -8.64 -14.91
C5 PCW OB . 44.42 -8.03 -13.61
C6 PCW OB . 45.00 -9.43 -11.55
C7 PCW OB . 46.76 -8.44 -12.94
C8 PCW OB . 45.48 -7.56 -11.94
C11 PCW OB . 39.17 -4.68 -13.90
C12 PCW OB . 39.15 -3.51 -12.95
C13 PCW OB . 39.40 -2.20 -13.78
C14 PCW OB . 39.42 -0.90 -12.95
C15 PCW OB . 40.37 0.22 -13.47
C16 PCW OB . 41.67 0.31 -12.58
C17 PCW OB . 42.08 1.73 -12.07
C18 PCW OB . 43.32 2.29 -12.76
C19 PCW OB . 44.62 2.12 -11.94
C20 PCW OB . 45.15 3.16 -11.19
C21 PCW OB . 44.72 4.56 -10.95
C22 PCW OB . 44.39 4.68 -9.44
C23 PCW OB . 42.90 4.82 -9.03
C24 PCW OB . 42.62 5.12 -7.59
C25 PCW OB . 43.05 6.47 -6.95
C26 PCW OB . 41.95 7.44 -6.58
C27 PCW OB . 42.27 8.53 -5.53
C28 PCW OB . 41.37 9.73 -5.74
C31 PCW OB . 42.75 -4.22 -16.63
C32 PCW OB . 44.11 -3.62 -16.23
C33 PCW OB . 44.05 -2.08 -15.76
C34 PCW OB . 43.85 -1.10 -16.92
C35 PCW OB . 43.26 0.21 -16.27
C36 PCW OB . 42.83 1.26 -17.33
C37 PCW OB . 42.23 2.59 -16.76
C38 PCW OB . 40.74 2.55 -16.71
C39 PCW OB . 40.13 3.82 -16.17
C40 PCW OB . 38.86 4.18 -16.19
C41 PCW OB . 37.75 3.33 -16.79
C42 PCW OB . 37.27 2.28 -15.69
C43 PCW OB . 36.20 2.72 -14.69
C44 PCW OB . 35.95 1.54 -13.78
C45 PCW OB . 34.55 1.00 -13.82
C46 PCW OB . 34.47 -0.46 -14.19
C47 PCW OB . 33.13 -0.96 -14.67
C48 PCW OB . 33.18 -2.46 -15.01
N PCW OB . 45.36 -8.76 -12.82
O2 PCW OB . 42.52 -5.27 -15.84
O3 PCW OB . 40.41 -5.24 -13.92
O11 PCW OB . 38.22 -5.08 -14.52
O31 PCW OB . 42.00 -3.78 -17.54
O1P PCW OB . 43.82 -9.35 -17.72
O2P PCW OB . 45.20 -7.29 -17.97
O3P PCW OB . 42.63 -7.13 -17.89
O4P PCW OB . 44.00 -7.60 -15.92
P PCW OB . 43.96 -7.89 -17.41
C1 PCW PB . -0.09 -37.83 -0.67
C2 PCW PB . -0.12 -37.22 0.79
C3 PCW PB . 0.77 -35.93 0.84
C4 PCW PB . -2.67 -41.00 0.49
C5 PCW PB . -2.08 -42.16 1.28
C6 PCW PB . -2.25 -43.51 3.27
C7 PCW PB . -3.15 -41.37 3.28
C8 PCW PB . -0.88 -41.55 3.35
C11 PCW PB . 1.64 -35.84 3.08
C12 PCW PB . 1.44 -35.11 4.38
C13 PCW PB . 0.89 -36.13 5.44
C14 PCW PB . 0.63 -35.53 6.83
C15 PCW PB . 0.91 -36.48 8.03
C16 PCW PB . 0.21 -35.94 9.33
C17 PCW PB . 1.08 -35.07 10.31
C18 PCW PB . 0.45 -34.90 11.68
C19 PCW PB . 1.25 -33.96 12.60
C20 PCW PB . 0.77 -33.51 13.83
C21 PCW PB . -0.50 -33.75 14.55
C22 PCW PB . -0.86 -32.44 15.29
C23 PCW PB . -1.97 -32.52 16.37
C24 PCW PB . -3.33 -32.05 15.97
C25 PCW PB . -4.59 -32.43 16.81
C26 PCW PB . -5.02 -31.44 17.89
C27 PCW PB . -6.25 -31.80 18.74
C28 PCW PB . -6.03 -31.36 20.16
C31 PCW PB . -2.11 -37.60 2.02
C32 PCW PB . -3.53 -37.05 2.27
C33 PCW PB . -4.14 -37.35 3.72
C34 PCW PB . -5.28 -36.41 4.11
C35 PCW PB . -6.08 -37.15 5.25
C36 PCW PB . -7.60 -37.20 4.99
C37 PCW PB . -8.45 -37.92 6.09
C38 PCW PB . -9.01 -36.94 7.08
C39 PCW PB . -9.84 -37.59 8.16
C40 PCW PB . -10.95 -37.12 8.72
C41 PCW PB . -11.58 -35.78 8.36
C42 PCW PB . -11.12 -34.70 9.45
C43 PCW PB . -10.04 -33.71 9.08
C44 PCW PB . -9.81 -32.82 10.29
C45 PCW PB . -8.78 -31.74 10.12
C46 PCW PB . -7.78 -31.67 11.24
C47 PCW PB . -6.78 -30.54 11.18
C48 PCW PB . -5.82 -30.59 12.37
N PCW PB . -2.09 -42.15 2.72
O2 PCW PB . -1.52 -36.80 1.13
O3 PCW PB . 0.75 -35.38 2.16
O11 PCW PB . 2.46 -36.70 2.89
O31 PCW PB . -1.61 -38.62 2.56
O1P PCW PB . -3.02 -39.80 -2.17
O2P PCW PB . -0.58 -40.29 -2.36
O3P PCW PB . -1.39 -38.14 -1.20
O4P PCW PB . -1.56 -40.34 -0.17
P PCW PB . -1.66 -39.69 -1.54
C1 PCW QB . 1.06 -34.51 -6.44
C2 PCW QB . 0.28 -33.16 -6.24
C3 PCW QB . -0.40 -32.72 -7.57
C4 PCW QB . -2.19 -36.43 -4.86
C5 PCW QB . -3.09 -36.67 -3.64
C6 PCW QB . -4.72 -37.96 -4.87
C7 PCW QB . -5.25 -35.79 -4.19
C8 PCW QB . -5.19 -37.39 -2.58
C11 PCW QB . -2.47 -31.50 -7.42
C12 PCW QB . -3.00 -30.11 -7.19
C13 PCW QB . -2.68 -29.26 -8.47
C14 PCW QB . -3.14 -27.80 -8.40
C15 PCW QB . -3.48 -27.13 -9.77
C16 PCW QB . -2.27 -26.26 -10.27
C17 PCW QB . -2.58 -24.96 -11.08
C18 PCW QB . -3.49 -25.21 -12.30
C19 PCW QB . -2.99 -24.49 -13.58
C20 PCW QB . -3.49 -23.25 -13.98
C21 PCW QB . -4.50 -22.34 -13.39
C22 PCW QB . -3.78 -20.98 -13.15
C23 PCW QB . -4.65 -19.79 -12.66
C24 PCW QB . -5.32 -18.97 -13.72
C25 PCW QB . -6.87 -18.95 -13.86
C26 PCW QB . -7.56 -17.63 -13.58
C27 PCW QB . -8.13 -16.85 -14.79
C28 PCW QB . -9.64 -16.97 -14.82
C31 PCW QB . -0.72 -32.50 -4.18
C32 PCW QB . -1.88 -32.82 -3.23
C33 PCW QB . -3.23 -32.00 -3.50
C34 PCW QB . -3.48 -30.90 -2.47
C35 PCW QB . -4.24 -29.74 -3.26
C36 PCW QB . -3.34 -28.52 -3.54
C37 PCW QB . -4.01 -27.34 -4.31
C38 PCW QB . -3.98 -26.07 -3.53
C39 PCW QB . -4.62 -24.93 -4.25
C40 PCW QB . -4.89 -23.72 -3.75
C41 PCW QB . -4.57 -23.30 -2.34
C42 PCW QB . -3.78 -21.91 -2.41
C43 PCW QB . -2.44 -21.81 -1.70
C44 PCW QB . -1.93 -20.39 -1.93
C45 PCW QB . -1.67 -19.59 -0.68
C46 PCW QB . -1.93 -18.12 -0.83
C47 PCW QB . -1.99 -17.32 0.45
C48 PCW QB . -2.26 -15.83 0.15
N PCW QB . -4.49 -36.94 -3.81
O2 PCW QB . -0.79 -33.35 -5.22
O3 PCW QB . -1.12 -31.49 -7.36
O11 PCW QB . -3.15 -32.48 -7.62
O31 PCW QB . 0.15 -31.60 -4.02
O1P PCW QB . -0.03 -37.00 -6.71
O2P PCW QB . 1.12 -37.82 -4.64
O3P PCW QB . 1.17 -35.33 -5.26
O4P PCW QB . -0.83 -36.43 -4.39
P PCW QB . 0.37 -36.71 -5.29
C1 PCW RB . 1.47 -23.17 -19.61
C2 PCW RB . 2.02 -21.70 -19.41
C3 PCW RB . 3.56 -21.65 -19.72
C4 PCW RB . -1.88 -22.90 -20.59
C5 PCW RB . -2.55 -23.46 -19.32
C6 PCW RB . -1.55 -22.92 -17.04
C7 PCW RB . -3.76 -22.06 -17.68
C8 PCW RB . -3.25 -23.82 -17.45
C11 PCW RB . 4.30 -19.57 -20.65
C12 PCW RB . 4.80 -18.22 -20.25
C13 PCW RB . 3.57 -17.24 -20.21
C14 PCW RB . 3.88 -15.80 -19.82
C15 PCW RB . 4.39 -15.59 -18.36
C16 PCW RB . 4.99 -14.15 -18.17
C17 PCW RB . 6.47 -13.92 -18.60
C18 PCW RB . 7.28 -13.13 -17.59
C19 PCW RB . 8.51 -12.42 -18.23
C20 PCW RB . 9.04 -11.24 -17.70
C21 PCW RB . 8.65 -10.40 -16.55
C22 PCW RB . 9.73 -9.29 -16.43
C23 PCW RB . 10.14 -8.83 -15.00
C24 PCW RB . 11.32 -7.91 -14.89
C25 PCW RB . 12.78 -8.45 -14.92
C26 PCW RB . 13.72 -7.81 -15.93
C27 PCW RB . 13.61 -8.26 -17.40
C28 PCW RB . 13.85 -7.10 -18.32
C31 PCW RB . 0.18 -20.28 -19.90
C32 PCW RB . -0.36 -19.31 -20.97
C33 PCW RB . -1.34 -18.17 -20.43
C34 PCW RB . -0.61 -16.90 -20.02
C35 PCW RB . -1.72 -15.94 -19.41
C36 PCW RB . -2.05 -16.28 -17.93
C37 PCW RB . -3.13 -15.38 -17.26
C38 PCW RB . -3.44 -15.83 -15.87
C39 PCW RB . -4.48 -14.97 -15.19
C40 PCW RB . -4.55 -14.66 -13.90
C41 PCW RB . -3.56 -15.15 -12.84
C42 PCW RB . -3.58 -14.10 -11.64
C43 PCW RB . -3.40 -14.62 -10.22
C44 PCW RB . -3.44 -13.41 -9.31
C45 PCW RB . -3.93 -13.69 -7.90
C46 PCW RB . -4.11 -12.45 -7.07
C47 PCW RB . -5.46 -12.29 -6.41
C48 PCW RB . -5.51 -10.98 -5.59
N PCW RB . -2.54 -22.70 -18.12
O2 PCW RB . 1.36 -20.75 -20.34
O3 PCW RB . 4.04 -20.32 -19.54
O11 PCW RB . 4.16 -19.96 -21.78
O31 PCW RB . -0.38 -20.57 -18.81
O1P PCW RB . 0.26 -22.12 -22.42
O2P PCW RB . 0.25 -24.54 -22.98
O3P PCW RB . 1.60 -23.67 -20.96
O4P PCW RB . -0.85 -23.85 -20.96
P PCW RB . 0.30 -23.52 -21.91
C1 PCW SB . 33.34 -14.37 -12.32
C2 PCW SB . 32.18 -13.61 -13.07
C3 PCW SB . 31.38 -12.72 -12.05
C4 PCW SB . 34.06 -18.83 -11.88
C5 PCW SB . 34.44 -20.21 -12.46
C6 PCW SB . 35.05 -22.39 -11.28
C7 PCW SB . 32.73 -21.91 -11.89
C8 PCW SB . 34.16 -22.15 -13.02
C11 PCW SB . 29.06 -12.21 -12.29
C12 PCW SB . 28.11 -11.42 -13.15
C13 PCW SB . 27.52 -10.24 -12.28
C14 PCW SB . 26.54 -9.33 -13.01
C15 PCW SB . 26.94 -7.82 -13.09
C16 PCW SB . 25.92 -7.01 -13.96
C17 PCW SB . 24.68 -6.41 -13.21
C18 PCW SB . 24.43 -4.93 -13.54
C19 PCW SB . 25.10 -3.98 -12.53
C20 PCW SB . 26.10 -3.09 -12.89
C21 PCW SB . 26.77 -2.81 -14.19
C22 PCW SB . 27.04 -1.27 -14.23
C23 PCW SB . 28.50 -0.81 -14.39
C24 PCW SB . 28.74 0.66 -14.53
C25 PCW SB . 29.03 1.55 -13.29
C26 PCW SB . 30.36 2.29 -13.29
C27 PCW SB . 30.76 3.05 -12.00
C28 PCW SB . 30.51 4.53 -12.20
C31 PCW SB . 32.34 -12.97 -15.34
C32 PCW SB . 33.00 -11.97 -16.30
C33 PCW SB . 31.98 -11.10 -17.19
C34 PCW SB . 32.14 -9.60 -16.99
C35 PCW SB . 31.12 -9.24 -15.83
C36 PCW SB . 31.83 -8.71 -14.56
C37 PCW SB . 30.88 -8.34 -13.38
C38 PCW SB . 31.48 -8.67 -12.06
C39 PCW SB . 30.58 -8.31 -10.91
C40 PCW SB . 30.91 -8.24 -9.62
C41 PCW SB . 32.31 -8.52 -9.08
C42 PCW SB . 32.72 -7.31 -8.14
C43 PCW SB . 33.77 -7.55 -7.05
C44 PCW SB . 33.96 -6.23 -6.31
C45 PCW SB . 34.22 -6.35 -4.83
C46 PCW SB . 35.63 -6.00 -4.44
C47 PCW SB . 36.56 -7.18 -4.20
C48 PCW SB . 37.97 -6.69 -3.81
N PCW SB . 34.06 -21.38 -11.74
O2 PCW SB . 32.75 -12.69 -14.10
O3 PCW SB . 30.33 -12.03 -12.74
O11 PCW SB . 28.73 -12.90 -11.35
O31 PCW SB . 31.57 -13.91 -15.68
O1P PCW SB . 32.01 -16.79 -12.02
O2P PCW SB . 32.38 -17.01 -14.48
O3P PCW SB . 33.90 -15.47 -13.07
O4P PCW SB . 34.03 -17.91 -13.01
P PCW SB . 32.99 -16.81 -13.15
C1 PCW TB . 25.10 -14.58 -18.34
C2 PCW TB . 25.04 -13.02 -18.60
C3 PCW TB . 23.55 -12.52 -18.55
C4 PCW TB . 28.45 -13.68 -20.54
C5 PCW TB . 28.04 -12.81 -21.73
C6 PCW TB . 29.49 -10.75 -21.39
C7 PCW TB . 28.96 -11.55 -23.64
C8 PCW TB . 27.79 -10.88 -22.38
C11 PCW TB . 23.61 -10.67 -20.09
C12 PCW TB . 23.58 -9.17 -20.11
C13 PCW TB . 22.16 -8.70 -19.62
C14 PCW TB . 21.96 -7.18 -19.58
C15 PCW TB . 20.68 -6.69 -18.84
C16 PCW TB . 21.03 -6.24 -17.39
C17 PCW TB . 19.83 -5.94 -16.43
C18 PCW TB . 20.28 -5.43 -15.06
C19 PCW TB . 19.82 -3.98 -14.78
C20 PCW TB . 18.66 -3.68 -14.08
C21 PCW TB . 17.62 -4.53 -13.45
C22 PCW TB . 16.24 -3.99 -13.95
C23 PCW TB . 15.18 -3.66 -12.87
C24 PCW TB . 13.76 -4.01 -13.20
C25 PCW TB . 12.59 -3.55 -12.28
C26 PCW TB . 12.20 -4.49 -11.15
C27 PCW TB . 12.64 -4.12 -9.72
C28 PCW TB . 13.71 -5.08 -9.24
C31 PCW TB . 26.72 -11.47 -17.99
C32 PCW TB . 27.39 -10.79 -16.79
C33 PCW TB . 27.19 -9.20 -16.71
C34 PCW TB . 28.01 -8.42 -17.75
C35 PCW TB . 27.78 -6.89 -17.41
C36 PCW TB . 26.50 -6.33 -18.06
C37 PCW TB . 26.21 -4.82 -17.78
C38 PCW TB . 25.13 -4.29 -18.66
C39 PCW TB . 24.83 -2.83 -18.41
C40 PCW TB . 23.92 -2.09 -19.03
C41 PCW TB . 23.00 -2.59 -20.12
C42 PCW TB . 21.54 -2.01 -19.84
C43 PCW TB . 21.05 -0.84 -20.67
C44 PCW TB . 19.64 -0.51 -20.19
C45 PCW TB . 19.48 0.86 -19.57
C46 PCW TB . 18.95 1.89 -20.52
C47 PCW TB . 19.50 3.29 -20.38
C48 PCW TB . 18.85 4.24 -21.40
N PCW TB . 28.94 -11.83 -22.23
O2 PCW TB . 25.78 -12.29 -17.53
O3 PCW TB . 23.52 -11.11 -18.80
O11 PCW TB . 23.72 -11.37 -21.05
O31 PCW TB . 27.02 -11.28 -19.21
O1P PCW TB . 28.70 -15.85 -18.63
O2P PCW TB . 26.74 -16.76 -19.87
O3P PCW TB . 26.40 -15.06 -17.96
O4P PCW TB . 27.28 -14.45 -20.16
P PCW TB . 27.32 -15.59 -19.16
C1 PCW UB . 37.62 -19.71 -6.97
C2 PCW UB . 36.22 -19.07 -7.28
C3 PCW UB . 35.06 -20.06 -6.87
C4 PCW UB . 39.52 -17.03 -9.42
C5 PCW UB . 38.15 -16.56 -9.88
C6 PCW UB . 38.75 -14.14 -10.46
C7 PCW UB . 36.92 -15.28 -11.63
C8 PCW UB . 37.02 -14.85 -9.84
C11 PCW UB . 33.18 -19.75 -8.35
C12 PCW UB . 31.86 -19.04 -8.42
C13 PCW UB . 32.12 -17.53 -8.76
C14 PCW UB . 30.87 -16.66 -8.88
C15 PCW UB . 30.60 -15.69 -7.69
C16 PCW UB . 31.62 -14.49 -7.70
C17 PCW UB . 31.06 -13.09 -8.12
C18 PCW UB . 30.31 -12.37 -6.99
C19 PCW UB . 31.23 -11.99 -5.80
C20 PCW UB . 30.94 -10.94 -4.95
C21 PCW UB . 29.82 -9.97 -4.90
C22 PCW UB . 30.43 -8.55 -5.11
C23 PCW UB . 30.06 -7.45 -4.08
C24 PCW UB . 29.27 -6.28 -4.60
C25 PCW UB . 29.97 -4.95 -4.98
C26 PCW UB . 29.75 -4.45 -6.40
C27 PCW UB . 29.38 -2.96 -6.60
C28 PCW UB . 28.52 -2.80 -7.83
C31 PCW UB . 35.52 -16.81 -7.19
C32 PCW UB . 35.40 -15.59 -6.26
C33 PCW UB . 34.33 -15.74 -5.07
C34 PCW UB . 34.29 -14.52 -4.14
C35 PCW UB . 34.20 -15.12 -2.68
C36 PCW UB . 33.48 -14.18 -1.69
C37 PCW UB . 33.35 -14.70 -0.23
C38 PCW UB . 31.96 -15.12 0.09
C39 PCW UB . 31.81 -15.64 1.51
C40 PCW UB . 30.75 -15.51 2.31
C41 PCW UB . 29.47 -14.79 1.93
C42 PCW UB . 29.59 -13.28 2.38
C43 PCW UB . 29.00 -12.87 3.72
C44 PCW UB . 29.27 -11.38 3.89
C45 PCW UB . 29.07 -10.85 5.28
C46 PCW UB . 28.89 -9.36 5.33
C47 PCW UB . 27.54 -8.86 5.79
C48 PCW UB . 27.50 -7.32 5.79
N PCW UB . 38.06 -15.42 -10.74
O2 PCW UB . 36.04 -17.82 -6.49
O3 PCW UB . 33.78 -19.47 -7.15
O11 PCW UB . 33.65 -20.45 -9.20
O31 PCW UB . 35.18 -16.83 -8.41
O1P PCW UB . 40.71 -17.43 -6.81
O2P PCW UB . 40.72 -19.83 -7.50
O3P PCW UB . 38.61 -18.78 -6.45
O4P PCW UB . 39.33 -18.29 -8.72
P PCW UB . 39.91 -18.58 -7.36
C1 PCW VB . 38.27 -25.72 -3.05
C2 PCW VB . 37.84 -24.25 -2.65
C3 PCW VB . 37.91 -23.31 -3.92
C4 PCW VB . 34.06 -25.81 -4.66
C5 PCW VB . 33.24 -24.61 -4.21
C6 PCW VB . 31.64 -24.06 -6.12
C7 PCW VB . 30.86 -24.07 -3.80
C8 PCW VB . 32.10 -22.95 -4.57
C11 PCW VB . 36.23 -21.60 -3.80
C12 PCW VB . 36.04 -20.18 -3.35
C13 PCW VB . 34.76 -20.12 -2.43
C14 PCW VB . 34.41 -18.73 -1.89
C15 PCW VB . 33.19 -18.68 -0.93
C16 PCW VB . 31.85 -18.85 -1.72
C17 PCW VB . 30.71 -19.66 -1.02
C18 PCW VB . 30.22 -20.86 -1.83
C19 PCW VB . 29.87 -22.08 -0.94
C20 PCW VB . 28.59 -22.63 -0.90
C21 PCW VB . 27.33 -22.26 -1.60
C22 PCW VB . 26.57 -21.27 -0.67
C23 PCW VB . 25.37 -20.49 -1.28
C24 PCW VB . 24.55 -19.67 -0.35
C25 PCW VB . 25.10 -18.33 0.24
C26 PCW VB . 25.44 -18.33 1.71
C27 PCW VB . 26.69 -17.56 2.17
C28 PCW VB . 27.67 -18.49 2.84
C31 PCW VB . 36.30 -24.54 -0.88
C32 PCW VB . 34.80 -24.48 -0.54
C33 PCW VB . 34.45 -23.84 0.89
C34 PCW VB . 34.09 -22.35 0.81
C35 PCW VB . 35.45 -21.58 1.11
C36 PCW VB . 35.23 -20.27 1.91
C37 PCW VB . 36.52 -19.46 2.24
C38 PCW VB . 36.98 -18.63 1.09
C39 PCW VB . 38.22 -17.83 1.39
C40 PCW VB . 38.29 -16.56 1.78
C41 PCW VB . 37.07 -15.68 2.01
C42 PCW VB . 37.40 -14.69 3.22
C43 PCW VB . 36.25 -13.89 3.83
C44 PCW VB . 36.86 -13.04 4.94
C45 PCW VB . 36.00 -12.88 6.17
C46 PCW VB . 35.29 -11.55 6.23
C47 PCW VB . 33.79 -11.59 6.03
C48 PCW VB . 33.19 -10.18 6.11
N PCW VB . 31.92 -24.42 -4.71
O2 PCW VB . 36.44 -24.24 -2.17
O3 PCW VB . 37.51 -21.98 -3.55
O11 PCW VB . 35.38 -22.29 -4.30
O31 PCW VB . 37.23 -24.84 -0.07
O1P PCW VB . 35.92 -28.04 -4.91
O2P PCW VB . 36.22 -27.68 -2.46
O3P PCW VB . 37.55 -26.27 -4.17
O4P PCW VB . 35.18 -25.93 -3.75
P PCW VB . 36.19 -27.05 -3.81
C1 PCW WB . -6.63 -17.75 -35.56
C2 PCW WB . -6.74 -16.63 -34.45
C3 PCW WB . -6.40 -15.23 -35.07
C4 PCW WB . -6.35 -21.25 -32.60
C5 PCW WB . -6.18 -22.74 -32.41
C6 PCW WB . -5.74 -24.66 -31.00
C7 PCW WB . -7.81 -23.58 -30.88
C8 PCW WB . -6.04 -22.50 -29.95
C11 PCW WB . -5.34 -13.88 -33.40
C12 PCW WB . -5.65 -12.81 -32.39
C13 PCW WB . -5.00 -13.23 -31.01
C14 PCW WB . -5.23 -12.24 -29.87
C15 PCW WB . -4.51 -10.87 -30.02
C16 PCW WB . -4.84 -9.92 -28.81
C17 PCW WB . -3.73 -9.71 -27.72
C18 PCW WB . -4.00 -10.45 -26.42
C19 PCW WB . -2.82 -11.35 -25.98
C20 PCW WB . -2.23 -11.22 -24.72
C21 PCW WB . -2.48 -10.31 -23.58
C22 PCW WB . -2.52 -11.21 -22.31
C23 PCW WB . -3.01 -10.57 -21.00
C24 PCW WB . -2.97 -11.42 -19.77
C25 PCW WB . -2.56 -10.82 -18.39
C26 PCW WB . -3.36 -11.29 -17.19
C27 PCW WB . -4.47 -10.38 -16.65
C28 PCW WB . -5.40 -11.16 -15.74
C31 PCW WB . -8.39 -17.43 -32.96
C32 PCW WB . -9.86 -17.23 -32.54
C33 PCW WB . -10.10 -16.78 -31.03
C34 PCW WB . -10.30 -17.96 -30.07
C35 PCW WB . -11.53 -17.57 -29.17
C36 PCW WB . -11.30 -17.90 -27.67
C37 PCW WB . -12.48 -17.55 -26.71
C38 PCW WB . -12.20 -16.32 -25.92
C39 PCW WB . -13.32 -15.95 -24.98
C40 PCW WB . -13.83 -14.73 -24.78
C41 PCW WB . -13.34 -13.49 -25.48
C42 PCW WB . -14.61 -12.59 -25.84
C43 PCW WB . -14.55 -11.10 -25.57
C44 PCW WB . -15.87 -10.51 -26.00
C45 PCW WB . -16.53 -9.60 -25.00
C46 PCW WB . -17.84 -10.12 -24.46
C47 PCW WB . -19.10 -9.60 -25.12
C48 PCW WB . -20.34 -10.22 -24.48
N PCW WB . -6.42 -23.34 -31.13
O2 PCW WB . -8.14 -16.56 -33.93
O3 PCW WB . -6.49 -14.22 -34.06
O11 PCW WB . -4.26 -14.36 -33.61
O31 PCW WB . -7.59 -18.27 -32.47
O1P PCW WB . -7.98 -20.06 -34.70
O2P PCW WB . -6.30 -21.16 -36.18
O3P PCW WB . -5.79 -18.86 -35.18
O4P PCW WB . -5.75 -20.90 -33.87
P PCW WB . -6.52 -20.28 -35.02
C1 17F XB . 27.90 -26.57 6.31
N1 17F XB . 30.04 -25.26 6.38
O1 17F XB . 27.88 -29.30 8.54
P1 17F XB . 27.17 -27.99 8.26
C2 17F XB . 29.25 -26.24 5.64
O2 17F XB . 25.93 -28.08 7.40
C3 17F XB . 29.01 -25.76 4.21
O3 17F XB . 28.08 -26.92 7.64
C4 17F XB . 25.97 -26.07 9.61
O4 17F XB . 29.46 -24.63 3.78
C5 17F XB . 25.60 -25.58 11.04
O5 17F XB . 28.36 -26.43 3.41
C6 17F XB . 26.79 -24.84 11.68
O6 17F XB . 26.67 -27.31 9.62
C7 17F XB . 27.48 -24.18 13.81
O7 17F XB . 26.51 -24.38 12.98
C8 17F XB . 26.88 -23.70 15.15
O8 17F XB . 28.67 -24.31 13.66
C9 17F XB . 26.90 -24.79 16.25
O9 17F XB . 24.42 -24.78 11.06
C10 17F XB . 26.32 -24.37 17.64
O10 17F XB . 23.49 -26.14 12.68
C11 17F XB . 26.69 -22.92 18.12
C12 17F XB . 26.08 -22.57 19.52
C17 17F XB . 23.61 -25.07 12.06
C18 17F XB . 22.72 -23.90 12.43
C19 17F XB . 23.37 -22.88 13.39
C20 17F XB . 22.95 -23.12 14.89
C1X 17F XB . 26.46 -21.15 19.95
C1Y 17F XB . 23.63 -22.09 15.82
C1Z 17F XB . 22.63 -21.55 16.85
C2X 17F XB . 25.86 -20.76 21.38
C21 17F XB . 24.42 -20.15 21.28
C22 17F XB . 24.15 -18.89 21.37
C23 17F XB . 25.10 -17.78 21.59
C24 17F XB . 24.71 -16.48 20.90
C25 17F XB . 25.64 -15.30 21.08
C26 17F XB . 24.94 -13.85 21.12
C27 17F XB . 25.88 -12.68 21.30
C28 17F XB . 25.01 -11.36 21.31
C29 17F XB . 25.43 -10.53 22.46
C30 17F XB . 24.68 -9.24 22.60
C31 17F XB . 22.92 -20.13 17.43
C32 17F XB . 21.89 -19.61 18.47
C33 17F XB . 21.79 -18.09 18.37
C34 17F XB . 21.00 -17.34 19.12
C35 17F XB . 20.06 -17.79 20.21
C36 17F XB . 19.39 -16.64 21.01
C37 17F XB . 17.91 -16.73 20.83
C38 17F XB . 17.14 -15.43 21.15
C39 17F XB . 15.63 -15.60 20.93
C40 17F XB . 14.84 -14.69 21.88
C41 17F XB . 13.29 -14.91 21.71
C42 17F XB . 12.34 -14.28 22.72
C1 17F YB . 14.31 -31.98 -15.54
N1 17F YB . 15.59 -29.81 -15.28
O1 17F YB . 15.01 -32.08 -12.55
P1 17F YB . 13.61 -32.04 -13.12
C2 17F YB . 15.31 -30.95 -16.14
O2 17F YB . 12.87 -33.35 -13.22
C3 17F YB . 14.76 -30.44 -17.49
O3 17F YB . 13.56 -31.40 -14.53
C4 17F YB . 11.30 -30.91 -12.63
O4 17F YB . 14.61 -29.18 -17.74
C5 17F YB . 10.54 -29.95 -11.67
O5 17F YB . 14.45 -31.22 -18.39
C6 17F YB . 10.54 -30.51 -10.24
O6 17F YB . 12.67 -31.09 -12.26
C7 17F YB . 9.37 -30.16 -8.24
O7 17F YB . 9.87 -29.66 -9.33
C8 17F YB . 8.74 -28.99 -7.44
O8 17F YB . 9.38 -31.29 -7.82
C9 17F YB . 9.78 -27.93 -7.01
O9 17F YB . 11.06 -28.61 -11.71
C10 17F YB . 9.20 -26.72 -6.18
O10 17F YB . 10.17 -27.87 -13.71
C11 17F YB . 9.90 -25.34 -6.50
C12 17F YB . 9.29 -24.17 -5.66
C17 17F YB . 10.34 -27.82 -12.48
C18 17F YB . 9.66 -26.73 -11.68
C19 17F YB . 8.11 -26.73 -11.77
C20 17F YB . 7.43 -26.94 -10.38
C1X 17F YB . 9.98 -22.84 -5.99
C1Y 17F YB . 5.89 -26.93 -10.51
C1Z 17F YB . 5.32 -25.55 -10.17
C2X 17F YB . 9.37 -21.61 -5.12
C21 17F YB . 7.94 -21.21 -5.60
C22 17F YB . 7.51 -19.99 -5.65
C23 17F YB . 8.23 -18.76 -5.29
C24 17F YB . 8.81 -18.01 -6.47
C25 17F YB . 9.57 -16.74 -6.15
C26 17F YB . 11.13 -16.92 -5.81
C27 17F YB . 11.85 -15.63 -5.49
C28 17F YB . 13.35 -16.00 -5.20
C29 17F YB . 14.02 -14.82 -4.60
C30 17F YB . 15.47 -15.02 -4.26
C31 17F YB . 4.78 -24.69 -11.37
C32 17F YB . 4.21 -23.30 -10.98
C33 17F YB . 2.78 -23.19 -11.47
C34 17F YB . 2.00 -22.13 -11.30
C35 17F YB . 2.36 -20.84 -10.61
C36 17F YB . 1.15 -20.05 -10.03
C37 17F YB . 0.99 -18.77 -10.76
C38 17F YB . 1.91 -17.61 -10.27
C39 17F YB . 1.68 -16.32 -11.08
C40 17F YB . 2.01 -15.09 -10.23
C41 17F YB . 0.68 -14.46 -9.64
C42 17F YB . 0.71 -13.78 -8.26
C1 17F ZB . 15.65 -25.19 -19.14
N1 17F ZB . 14.50 -26.17 -21.13
O1 17F ZB . 16.95 -22.10 -19.65
P1 17F ZB . 16.42 -22.89 -18.47
C2 17F ZB . 15.64 -25.43 -20.66
O2 17F ZB . 17.44 -23.65 -17.65
C3 17F ZB . 16.93 -26.17 -21.06
O3 17F ZB . 15.30 -23.88 -18.85
C4 17F ZB . 15.12 -22.45 -16.23
O4 17F ZB . 16.91 -27.28 -21.72
C5 17F ZB . 14.48 -21.36 -15.33
O5 17F ZB . 18.04 -25.73 -20.77
C6 17F ZB . 14.65 -21.74 -13.83
O6 17F ZB . 15.71 -21.94 -17.42
C7 17F ZB . 12.96 -21.05 -12.39
O7 17F ZB . 14.09 -20.77 -12.98
C8 17F ZB . 12.57 -19.81 -11.52
O8 17F ZB . 12.27 -22.02 -12.42
C9 17F ZB . 13.46 -19.65 -10.25
O9 17F ZB . 14.99 -20.05 -15.59
C10 17F ZB . 13.11 -18.42 -9.34
O10 17F ZB . 13.97 -19.44 -17.57
C11 17F ZB . 13.60 -17.03 -9.90
C12 17F ZB . 13.22 -15.84 -8.94
C17 17F ZB . 14.18 -19.34 -16.35
C18 17F ZB . 13.42 -18.29 -15.57
C19 17F ZB . 11.91 -18.56 -15.41
C20 17F ZB . 11.06 -17.88 -16.54
C1X 17F ZB . 13.70 -14.51 -9.53
C1Y 17F ZB . 9.55 -18.18 -16.34
C1Z 17F ZB . 8.91 -17.15 -15.40
C2X 17F ZB . 13.33 -13.27 -8.59
C21 17F ZB . 13.11 -11.95 -9.40
C22 17F ZB . 11.99 -11.32 -9.49
C23 17F ZB . 10.72 -11.69 -8.88
C24 17F ZB . 9.66 -10.59 -8.91
C25 17F ZB . 8.32 -10.93 -8.28
C26 17F ZB . 8.08 -10.35 -6.79
C27 17F ZB . 6.74 -10.68 -6.18
C28 17F ZB . 6.70 -10.03 -4.74
C29 17F ZB . 5.72 -8.94 -4.75
C30 17F ZB . 5.57 -8.22 -3.43
C31 17F ZB . 7.36 -16.94 -15.51
C32 17F ZB . 6.76 -15.90 -14.53
C33 17F ZB . 6.00 -16.63 -13.43
C34 17F ZB . 5.36 -16.03 -12.43
C35 17F ZB . 5.25 -14.54 -12.16
C36 17F ZB . 6.37 -13.96 -11.25
C37 17F ZB . 5.83 -13.74 -9.90
C38 17F ZB . 6.30 -14.77 -8.82
C39 17F ZB . 5.68 -14.48 -7.45
C40 17F ZB . 5.28 -15.77 -6.74
C41 17F ZB . 4.70 -15.48 -5.30
C42 17F ZB . 3.83 -16.53 -4.61
C1 17F AC . 24.66 -36.41 15.70
N1 17F AC . 24.22 -38.70 14.83
O1 17F AC . 25.77 -35.12 18.16
P1 17F AC . 24.82 -36.30 18.22
C2 17F AC . 24.00 -37.28 14.63
O2 17F AC . 25.09 -37.30 19.32
C3 17F AC . 24.51 -36.88 13.24
O3 17F AC . 24.76 -37.09 16.91
C4 17F AC . 22.25 -36.76 18.56
O4 17F AC . 25.04 -37.72 12.42
C5 17F AC . 20.88 -36.08 18.80
O5 17F AC . 24.42 -35.72 12.84
C6 17F AC . 19.90 -37.10 19.43
O6 17F AC . 23.33 -35.83 18.47
C7 17F AC . 18.37 -36.05 20.85
O7 17F AC . 18.63 -36.53 19.67
C8 17F AC . 16.92 -35.51 20.85
O8 17F AC . 19.06 -35.98 21.84
C9 17F AC . 16.77 -34.15 20.12
O9 17F AC . 20.98 -34.89 19.60
C10 17F AC . 15.31 -33.55 20.08
O10 17F AC . 20.19 -33.56 17.89
C11 17F AC . 14.28 -34.36 19.21
C12 17F AC . 12.85 -33.69 19.23
C17 17F AC . 20.89 -33.79 18.90
C18 17F AC . 21.77 -32.68 19.44
C19 17F AC . 21.40 -32.19 20.86
C20 17F AC . 20.06 -31.37 20.88
C1X 17F AC . 11.87 -34.50 18.37
C1Y 17F AC . 19.72 -30.89 22.30
C1Z 17F AC . 18.21 -30.67 22.47
C2X 17F AC . 10.40 -33.86 18.36
C21 17F AC . 9.64 -34.11 17.02
C22 17F AC . 9.15 -33.18 16.27
C23 17F AC . 9.20 -31.72 16.51
C24 17F AC . 9.88 -30.93 15.39
C25 17F AC . 9.95 -29.42 15.59
C26 17F AC . 10.73 -28.60 14.46
C27 17F AC . 10.80 -27.11 14.67
C28 17F AC . 11.60 -26.48 13.47
C29 17F AC . 12.28 -25.26 13.94
C30 17F AC . 13.09 -24.55 12.89
C31 17F AC . 17.70 -30.26 23.89
C32 17F AC . 16.18 -30.05 24.03
C33 17F AC . 15.92 -28.64 24.55
C34 17F AC . 14.71 -28.13 24.78
C35 17F AC . 13.39 -28.82 24.58
C36 17F AC . 12.33 -27.99 23.78
C37 17F AC . 11.75 -26.94 24.67
C38 17F AC . 10.20 -26.86 24.64
C39 17F AC . 9.68 -25.76 25.58
C40 17F AC . 8.41 -26.23 26.30
C41 17F AC . 8.32 -25.56 27.73
C42 17F AC . 7.87 -26.42 28.92
C1 17F BC . 38.32 -4.15 -27.86
N1 17F BC . 39.11 -6.51 -27.96
O1 17F BC . 40.73 -2.09 -29.66
P1 17F BC . 39.28 -2.50 -29.52
C2 17F BC . 37.98 -5.63 -27.70
O2 17F BC . 39.34 -3.20 -30.85
C3 17F BC . 36.84 -5.98 -28.68
O3 17F BC . 38.93 -3.93 -29.09
C4 17F BC . 36.81 -2.01 -30.24
O4 17F BC . 36.93 -6.93 -29.54
C5 17F BC . 35.89 -1.11 -31.11
O5 17F BC . 35.77 -5.37 -28.65
C6 17F BC . 34.45 -1.64 -31.07
O6 17F BC . 38.20 -1.68 -30.33
C7 17F BC . 32.60 -1.42 -32.49
O7 17F BC . 33.56 -0.84 -31.85
C8 17F BC . 31.78 -0.33 -33.23
O8 17F BC . 32.30 -2.58 -32.56
C9 17F BC . 30.99 0.59 -32.27
O9 17F BC . 35.96 0.28 -30.73
C10 17F BC . 30.13 1.72 -32.96
O10 17F BC . 35.57 1.35 -32.72
C11 17F BC . 30.96 2.76 -33.80
C12 17F BC . 30.01 3.85 -34.44
C17 17F BC . 36.26 1.06 -31.73
C18 17F BC . 37.65 1.65 -31.61
C19 17F BC . 38.72 1.01 -32.53
C20 17F BC . 39.03 1.90 -33.79
C1X 17F BC . 30.83 4.85 -35.27
C1Y 17F BC . 40.10 1.22 -34.69
C1Z 17F BC . 40.79 2.26 -35.57
C2X 17F BC . 29.89 5.97 -35.94
C21 17F BC . 30.59 7.35 -36.06
C22 17F BC . 30.76 8.00 -37.16
C23 17F BC . 30.34 7.58 -38.51
C24 17F BC . 31.46 7.10 -39.41
C25 17F BC . 31.07 6.67 -40.81
C26 17F BC . 31.62 7.58 -42.00
C27 17F BC . 31.22 7.12 -43.39
C28 17F BC . 31.85 8.14 -44.42
C29 17F BC . 30.79 8.62 -45.31
C30 17F BC . 31.26 9.60 -46.36
C31 17F BC . 42.20 1.88 -36.16
C32 17F BC . 42.86 2.96 -37.04
C33 17F BC . 42.66 2.59 -38.51
C34 17F BC . 43.11 3.32 -39.53
C35 17F BC . 43.88 4.61 -39.46
C36 17F BC . 44.50 5.07 -40.81
C37 17F BC . 44.71 6.54 -40.78
C38 17F BC . 46.17 6.99 -40.99
C39 17F BC . 46.30 8.52 -40.94
C40 17F BC . 47.45 8.93 -39.99
C41 17F BC . 47.85 10.44 -40.23
C42 17F BC . 49.08 10.75 -41.11
C1 17F CC . -6.58 -34.31 -17.94
N1 17F CC . -6.40 -36.15 -19.63
O1 17F CC . -4.00 -32.97 -19.73
P1 17F CC . -5.06 -32.47 -18.78
C2 17F CC . -5.87 -35.60 -18.39
O2 17F CC . -4.68 -32.37 -17.33
C3 17F CC . -5.96 -36.65 -17.28
O3 17F CC . -6.38 -33.29 -18.85
C4 17F CC . -6.53 -30.32 -18.42
O4 17F CC . -6.44 -37.83 -17.49
C5 17F CC . -6.84 -28.89 -18.96
O5 17F CC . -5.55 -36.41 -16.15
C6 17F CC . -8.30 -28.85 -19.49
O6 17F CC . -5.53 -31.00 -19.18
C7 17F CC . -8.98 -27.47 -21.25
O7 17F CC . -8.64 -27.57 -20.00
C8 17F CC . -9.32 -25.98 -21.53
O8 17F CC . -9.06 -28.30 -22.11
C9 17F CC . -8.19 -25.23 -22.28
O9 17F CC . -6.62 -27.86 -18.00
C10 17F CC . -8.48 -23.72 -22.60
O10 17F CC . -4.55 -27.16 -18.74
C11 17F CC . -7.27 -22.74 -22.31
C12 17F CC . -7.65 -21.24 -22.65
C17 17F CC . -5.34 -27.56 -17.88
C18 17F CC . -4.84 -27.75 -16.46
C19 17F CC . -5.28 -26.62 -15.47
C20 17F CC . -6.69 -26.91 -14.82
C1X 17F CC . -6.46 -20.32 -22.35
C1Y 17F CC . -7.06 -25.76 -13.85
C1Z 17F CC . -8.58 -25.52 -13.85
C2X 17F CC . -6.79 -18.78 -22.67
C21 17F CC . -6.90 -18.52 -24.21
C22 17F CC . -7.59 -17.56 -24.73
C23 17F CC . -8.39 -16.54 -24.04
C24 17F CC . -8.54 -15.23 -24.81
C25 17F CC . -9.36 -14.14 -24.12
C26 17F CC . -8.53 -13.05 -23.30
C27 17F CC . -9.36 -11.97 -22.63
C28 17F CC . -8.38 -11.01 -21.87
C29 17F CC . -8.98 -10.63 -20.58
C30 17F CC . -8.15 -9.71 -19.74
C31 17F CC . -9.32 -25.74 -12.49
C32 17F CC . -10.85 -25.50 -12.52
C33 17F CC . -11.54 -26.40 -11.49
C34 17F CC . -12.85 -26.42 -11.27
C35 17F CC . -13.91 -25.60 -11.96
C36 17F CC . -15.30 -25.58 -11.25
C37 17F CC . -15.46 -24.31 -10.52
C38 17F CC . -16.39 -24.38 -9.29
C39 17F CC . -16.52 -23.02 -8.58
C40 17F CC . -15.76 -23.03 -7.24
C41 17F CC . -16.15 -21.77 -6.37
C42 17F CC . -15.37 -21.47 -5.09
C1 17F DC . 4.35 -30.66 -11.77
N1 17F DC . 6.02 -32.52 -11.75
O1 17F DC . 1.37 -32.56 -10.47
P1 17F DC . 2.07 -31.26 -10.80
C2 17F DC . 5.33 -31.54 -12.57
O2 17F DC . 1.66 -30.58 -12.07
C3 17F DC . 6.35 -30.65 -13.30
O3 17F DC . 3.62 -31.43 -10.86
C4 17F DC . 2.42 -28.88 -9.73
O4 17F DC . 7.62 -30.81 -13.17
C5 17F DC . 2.09 -27.98 -8.50
O5 17F DC . 5.97 -29.75 -14.05
C6 17F DC . 2.20 -26.49 -8.91
O6 17F DC . 1.86 -30.19 -9.65
C7 17F DC . 1.11 -24.63 -8.05
O7 17F DC . 1.92 -25.61 -7.84
C8 17F DC . 1.02 -23.79 -6.75
O8 17F DC . 0.50 -24.29 -9.04
C9 17F DC . 2.13 -22.72 -6.63
O9 17F DC . 0.81 -28.26 -7.92
C10 17F DC . 2.11 -21.84 -5.33
O10 17F DC . 1.58 -29.89 -6.47
C11 17F DC . 3.55 -21.50 -4.76
C12 17F DC . 3.46 -20.61 -3.47
C17 17F DC . 0.93 -28.87 -6.76
C18 17F DC . 0.12 -28.19 -5.67
C19 17F DC . 0.95 -27.24 -4.75
C20 17F DC . 0.02 -26.43 -3.76
C1X 17F DC . 4.88 -20.29 -2.94
C1Y 17F DC . 0.88 -25.50 -2.85
C1Z 17F DC . -0.01 -24.76 -1.86
C2X 17F DC . 4.85 -19.39 -1.62
C21 17F DC . 4.68 -20.25 -0.32
C22 17F DC . 5.64 -20.85 0.30
C23 17F DC . 7.07 -20.86 -0.06
C24 17F DC . 7.51 -22.10 -0.84
C25 17F DC . 8.98 -22.17 -1.24
C26 17F DC . 9.59 -23.64 -1.38
C27 17F DC . 11.05 -23.70 -1.77
C28 17F DC . 11.45 -25.21 -1.86
C29 17F DC . 11.76 -25.54 -3.26
C30 17F DC . 12.17 -26.97 -3.49
C31 17F DC . -0.56 -25.58 -0.64
C32 17F DC . -1.45 -24.79 0.34
C33 17F DC . -2.82 -25.46 0.44
C34 17F DC . -3.83 -25.05 1.19
C35 17F DC . -3.85 -23.84 2.11
C36 17F DC . -5.17 -23.02 2.07
C37 17F DC . -4.84 -21.57 1.94
C38 17F DC . -5.92 -20.71 1.25
C39 17F DC . -5.50 -19.24 1.16
C40 17F DC . -6.30 -18.52 0.07
C41 17F DC . -5.96 -16.97 0.06
C42 17F DC . -6.89 -16.01 0.82
C1 17F EC . 11.05 -40.33 5.13
N1 17F EC . 12.12 -38.21 4.33
O1 17F EC . 9.46 -41.19 7.69
P1 17F EC . 9.19 -40.01 6.81
C2 17F EC . 12.29 -39.64 4.51
O2 17F EC . 8.11 -40.18 5.76
C3 17F EC . 12.62 -40.30 3.17
O3 17F EC . 10.45 -39.50 6.07
C4 17F EC . 8.39 -37.51 7.03
O4 17F EC . 12.72 -39.63 2.07
C5 17F EC . 7.95 -36.41 8.05
O5 17F EC . 12.80 -41.52 3.09
C6 17F EC . 8.87 -35.17 7.92
O6 17F EC . 8.71 -38.75 7.65
C7 17F EC . 9.02 -32.97 8.69
O7 17F EC . 8.49 -34.14 8.83
C8 17F EC . 8.44 -32.06 9.82
O8 17F EC . 9.81 -32.55 7.89
C9 17F EC . 7.16 -31.30 9.38
O9 17F EC . 6.56 -36.06 7.92
C10 17F EC . 6.54 -30.35 10.47
O10 17F EC . 6.91 -35.39 5.72
C11 17F EC . 5.01 -30.57 10.73
C12 17F EC . 4.45 -29.60 11.83
C17 17F EC . 6.23 -35.52 6.75
C18 17F EC . 4.81 -34.99 6.75
C19 17F EC . 4.63 -33.61 7.45
C20 17F EC . 4.17 -32.49 6.44
C1X 17F EC . 2.94 -29.86 12.05
C1Y 17F EC . 3.99 -31.13 7.17
C1Z 17F EC . 2.66 -30.49 6.78
C2X 17F EC . 2.33 -28.89 13.17
C21 17F EC . 1.32 -29.61 14.11
C22 17F EC . 0.70 -29.06 15.10
C23 17F EC . 0.80 -27.67 15.56
C24 17F EC . 1.73 -27.45 16.75
C25 17F EC . 1.87 -26.02 17.26
C26 17F EC . 3.20 -25.25 16.80
C27 17F EC . 3.31 -23.83 17.32
C28 17F EC . 4.67 -23.24 16.79
C29 17F EC . 4.66 -21.78 17.04
C30 17F EC . 5.89 -21.06 16.57
C31 17F EC . 1.54 -30.47 7.88
C32 17F EC . 0.21 -29.81 7.46
C33 17F EC . -0.25 -28.86 8.57
C34 17F EC . -1.36 -28.13 8.53
C35 17F EC . -2.39 -28.08 7.42
C36 17F EC . -3.86 -27.99 7.91
C37 17F EC . -4.72 -28.79 7.01
C38 17F EC . -5.47 -29.96 7.70
C39 17F EC . -6.34 -30.75 6.70
C40 17F EC . -6.49 -32.20 7.15
C41 17F EC . -5.70 -33.18 6.19
C42 17F EC . -4.23 -33.49 6.49
PB GDP FC . -27.66 24.89 3.00
O1B GDP FC . -27.54 24.20 4.33
O2B GDP FC . -27.96 26.35 3.20
O3B GDP FC . -26.38 24.75 2.23
O3A GDP FC . -28.85 24.22 2.13
PA GDP FC . -30.15 23.56 2.80
O1A GDP FC . -30.95 24.57 3.59
O2A GDP FC . -29.79 22.37 3.67
O5' GDP FC . -30.98 23.06 1.52
C5' GDP FC . -32.23 22.41 1.71
C4' GDP FC . -32.82 22.05 0.35
O4' GDP FC . -31.77 21.58 -0.50
C3' GDP FC . -33.86 20.95 0.47
O3' GDP FC . -35.03 21.35 -0.27
C2' GDP FC . -33.18 19.71 -0.09
O2' GDP FC . -34.09 18.87 -0.82
C1' GDP FC . -32.05 20.23 -0.95
N9 GDP FC . -30.84 19.39 -0.82
C8 GDP FC . -29.91 19.42 0.16
N7 GDP FC . -28.96 18.49 -0.07
C5 GDP FC . -29.26 17.85 -1.21
C6 GDP FC . -28.69 16.76 -2.04
O6 GDP FC . -27.62 16.19 -1.69
N1 GDP FC . -29.33 16.40 -3.16
C2 GDP FC . -30.47 16.98 -3.56
N2 GDP FC . -31.07 16.56 -4.70
N3 GDP FC . -31.06 17.99 -2.86
C4 GDP FC . -30.51 18.45 -1.70
MG MG GC . -27.63 23.59 8.93
N LEU A 3 -37.00 -20.62 0.86
CA LEU A 3 -37.30 -21.98 1.29
C LEU A 3 -36.05 -22.67 1.82
N LYS A 4 -34.97 -22.56 1.05
CA LYS A 4 -33.70 -23.18 1.43
C LYS A 4 -33.18 -22.67 2.76
N LEU A 5 -33.12 -21.35 2.89
CA LEU A 5 -32.64 -20.71 4.12
C LEU A 5 -33.50 -21.09 5.31
N LEU A 6 -34.79 -21.32 5.06
CA LEU A 6 -35.72 -21.68 6.12
C LEU A 6 -35.40 -23.07 6.67
N ASP A 7 -35.37 -24.06 5.79
CA ASP A 7 -35.08 -25.43 6.22
C ASP A 7 -33.63 -25.56 6.69
N ASN A 8 -32.74 -24.81 6.04
CA ASN A 8 -31.32 -24.84 6.40
C ASN A 8 -31.13 -24.39 7.83
N TRP A 9 -31.83 -23.33 8.21
CA TRP A 9 -31.75 -22.81 9.57
C TRP A 9 -32.36 -23.81 10.53
N ASP A 10 -33.41 -24.48 10.09
CA ASP A 10 -34.09 -25.48 10.90
C ASP A 10 -33.12 -26.60 11.28
N SER A 11 -32.31 -27.03 10.32
CA SER A 11 -31.33 -28.07 10.57
C SER A 11 -30.24 -27.58 11.53
N VAL A 12 -30.05 -26.26 11.57
CA VAL A 12 -29.05 -25.66 12.46
C VAL A 12 -29.60 -25.59 13.88
N THR A 13 -30.86 -25.22 13.99
CA THR A 13 -31.50 -25.13 15.29
C THR A 13 -31.65 -26.51 15.93
N SER A 14 -31.88 -27.52 15.09
CA SER A 14 -32.06 -28.89 15.58
C SER A 14 -30.72 -29.53 15.97
N THR A 15 -29.62 -28.92 15.54
CA THR A 15 -28.31 -29.43 15.87
C THR A 15 -27.77 -28.68 17.09
N PHE A 16 -27.93 -27.36 17.07
CA PHE A 16 -27.48 -26.52 18.18
C PHE A 16 -28.18 -26.88 19.48
N SER A 17 -29.47 -27.23 19.39
CA SER A 17 -30.21 -27.64 20.58
C SER A 17 -29.59 -28.89 21.17
N LYS A 18 -29.32 -29.87 20.30
CA LYS A 18 -28.71 -31.12 20.73
C LYS A 18 -27.29 -30.87 21.20
N LEU A 19 -26.66 -29.84 20.66
CA LEU A 19 -25.31 -29.49 21.05
C LEU A 19 -25.35 -28.97 22.48
N ARG A 20 -26.33 -28.13 22.78
CA ARG A 20 -26.50 -27.56 24.11
C ARG A 20 -26.94 -28.65 25.08
N GLU A 21 -27.81 -29.55 24.61
CA GLU A 21 -28.31 -30.66 25.41
C GLU A 21 -27.16 -31.56 25.83
N GLN A 22 -26.13 -31.61 25.01
CA GLN A 22 -24.95 -32.42 25.30
C GLN A 22 -23.94 -31.57 26.05
N LEU A 23 -23.91 -30.27 25.76
CA LEU A 23 -23.00 -29.33 26.40
C LEU A 23 -23.22 -29.28 27.90
N GLY A 24 -24.47 -29.33 28.31
CA GLY A 24 -24.80 -29.32 29.74
C GLY A 24 -24.07 -30.43 30.47
N PRO A 25 -24.38 -31.70 30.16
CA PRO A 25 -23.71 -32.85 30.76
C PRO A 25 -22.20 -32.77 30.55
N VAL A 26 -21.78 -32.36 29.35
CA VAL A 26 -20.36 -32.22 29.03
C VAL A 26 -19.68 -31.29 30.02
N THR A 27 -20.31 -30.16 30.31
CA THR A 27 -19.78 -29.20 31.26
C THR A 27 -19.62 -29.86 32.63
N GLN A 28 -20.63 -30.64 33.02
CA GLN A 28 -20.60 -31.34 34.29
C GLN A 28 -19.52 -32.40 34.29
N GLU A 29 -19.50 -33.22 33.24
CA GLU A 29 -18.52 -34.29 33.11
C GLU A 29 -17.10 -33.72 33.10
N PHE A 30 -16.91 -32.66 32.33
CA PHE A 30 -15.61 -32.01 32.24
C PHE A 30 -15.20 -31.41 33.57
N TRP A 31 -16.12 -30.67 34.20
CA TRP A 31 -15.86 -30.05 35.49
C TRP A 31 -15.61 -31.09 36.57
N ASP A 32 -16.35 -32.19 36.52
CA ASP A 32 -16.19 -33.27 37.49
C ASP A 32 -14.81 -33.89 37.33
N ASN A 33 -14.44 -34.13 36.08
CA ASN A 33 -13.13 -34.69 35.76
C ASN A 33 -12.04 -33.71 36.18
N LEU A 34 -12.23 -32.45 35.84
CA LEU A 34 -11.28 -31.40 36.17
C LEU A 34 -11.18 -31.22 37.68
N GLU A 35 -12.26 -31.49 38.39
CA GLU A 35 -12.28 -31.38 39.85
C GLU A 35 -11.26 -32.34 40.43
N LYS A 36 -11.31 -33.58 39.97
CA LYS A 36 -10.39 -34.61 40.42
C LYS A 36 -8.97 -34.24 40.02
N GLU A 37 -8.84 -33.69 38.81
CA GLU A 37 -7.54 -33.25 38.30
C GLU A 37 -6.99 -32.14 39.19
N THR A 38 -7.85 -31.17 39.51
CA THR A 38 -7.47 -30.05 40.36
C THR A 38 -7.11 -30.54 41.76
N GLU A 39 -7.84 -31.53 42.26
CA GLU A 39 -7.57 -32.09 43.57
C GLU A 39 -6.23 -32.79 43.57
N GLY A 40 -5.96 -33.52 42.50
CA GLY A 40 -4.68 -34.20 42.37
C GLY A 40 -3.56 -33.19 42.31
N LEU A 41 -3.77 -32.14 41.52
CA LEU A 41 -2.79 -31.08 41.37
C LEU A 41 -2.64 -30.31 42.68
N ARG A 42 -3.75 -30.07 43.37
CA ARG A 42 -3.74 -29.39 44.65
C ARG A 42 -2.92 -30.21 45.64
N GLN A 43 -3.17 -31.52 45.64
CA GLN A 43 -2.45 -32.44 46.50
C GLN A 43 -0.96 -32.36 46.16
N GLU A 44 -0.67 -32.32 44.87
CA GLU A 44 0.70 -32.21 44.40
C GLU A 44 1.31 -30.91 44.85
N MET A 45 0.58 -29.80 44.67
CA MET A 45 1.05 -28.49 45.08
C MET A 45 1.29 -28.43 46.58
N SER A 46 0.55 -29.24 47.32
CA SER A 46 0.68 -29.30 48.77
C SER A 46 1.87 -30.18 49.18
N LYS A 47 2.65 -30.59 48.18
CA LYS A 47 3.82 -31.41 48.41
C LYS A 47 5.00 -30.89 47.59
N ASP A 48 4.76 -30.66 46.30
CA ASP A 48 5.78 -30.15 45.40
C ASP A 48 6.31 -28.82 45.90
N LEU A 49 5.46 -27.81 45.91
CA LEU A 49 5.85 -26.48 46.38
C LEU A 49 6.38 -26.54 47.80
N GLU A 50 5.73 -27.33 48.63
CA GLU A 50 6.11 -27.48 50.03
C GLU A 50 7.53 -28.05 50.15
N GLU A 51 7.77 -29.21 49.57
CA GLU A 51 9.07 -29.83 49.63
C GLU A 51 10.11 -28.98 48.89
N VAL A 52 9.69 -28.39 47.77
CA VAL A 52 10.60 -27.55 47.00
C VAL A 52 11.01 -26.33 47.82
N LYS A 53 10.07 -25.71 48.51
CA LYS A 53 10.37 -24.55 49.33
C LYS A 53 11.22 -24.93 50.53
N ALA A 54 10.88 -26.03 51.17
CA ALA A 54 11.62 -26.50 52.34
C ALA A 54 13.04 -26.92 51.96
N LYS A 55 13.16 -27.60 50.83
CA LYS A 55 14.45 -28.07 50.35
C LYS A 55 15.21 -26.98 49.62
N VAL A 56 14.49 -25.98 49.10
CA VAL A 56 15.14 -24.88 48.38
C VAL A 56 16.01 -24.04 49.33
N GLN A 57 15.69 -24.08 50.62
CA GLN A 57 16.45 -23.35 51.61
C GLN A 57 17.89 -23.85 51.64
N PRO A 58 18.13 -25.14 51.97
CA PRO A 58 19.49 -25.70 51.97
C PRO A 58 20.08 -25.71 50.57
N TYR A 59 19.22 -25.71 49.55
CA TYR A 59 19.65 -25.69 48.16
C TYR A 59 20.25 -24.32 47.84
N LEU A 60 19.48 -23.28 48.13
CA LEU A 60 19.93 -21.90 47.89
C LEU A 60 21.08 -21.58 48.82
N ASP A 61 20.98 -22.03 50.06
CA ASP A 61 22.03 -21.82 51.06
C ASP A 61 23.34 -22.40 50.55
N ASP A 62 23.23 -23.58 49.95
CA ASP A 62 24.40 -24.28 49.39
C ASP A 62 24.97 -23.48 48.23
N PHE A 63 24.10 -23.08 47.31
CA PHE A 63 24.49 -22.31 46.14
C PHE A 63 25.07 -20.96 46.54
N GLN A 64 24.42 -20.31 47.50
CA GLN A 64 24.85 -19.01 47.98
C GLN A 64 26.18 -19.09 48.72
N LYS A 65 26.33 -20.13 49.55
CA LYS A 65 27.56 -20.31 50.30
C LYS A 65 28.74 -20.49 49.34
N LYS A 66 28.49 -21.23 48.28
CA LYS A 66 29.51 -21.46 47.27
C LYS A 66 29.67 -20.22 46.39
N TRP A 67 28.56 -19.51 46.19
CA TRP A 67 28.55 -18.29 45.39
C TRP A 67 29.39 -17.23 46.10
N GLN A 68 29.29 -17.21 47.43
CA GLN A 68 30.06 -16.28 48.24
C GLN A 68 31.54 -16.55 48.00
N GLU A 69 31.92 -17.82 48.09
CA GLU A 69 33.30 -18.22 47.87
C GLU A 69 33.70 -17.88 46.44
N GLU A 70 32.78 -18.12 45.51
CA GLU A 70 33.03 -17.83 44.10
C GLU A 70 33.35 -16.35 43.92
N MET A 71 32.56 -15.51 44.56
CA MET A 71 32.76 -14.07 44.48
C MET A 71 34.01 -13.65 45.25
N GLU A 72 34.19 -14.19 46.44
CA GLU A 72 35.35 -13.86 47.26
C GLU A 72 36.65 -14.27 46.58
N LEU A 73 36.68 -15.51 46.07
CA LEU A 73 37.86 -16.01 45.38
C LEU A 73 38.09 -15.23 44.09
N TYR A 74 37.02 -14.67 43.55
CA TYR A 74 37.10 -13.86 42.35
C TYR A 74 37.69 -12.50 42.72
N ARG A 75 37.05 -11.84 43.67
CA ARG A 75 37.46 -10.52 44.14
C ARG A 75 38.90 -10.52 44.65
N GLN A 76 39.26 -11.55 45.41
CA GLN A 76 40.61 -11.66 45.95
C GLN A 76 41.64 -11.74 44.84
N LYS A 77 41.23 -12.28 43.71
CA LYS A 77 42.11 -12.39 42.56
C LYS A 77 42.01 -11.14 41.71
N VAL A 78 40.81 -10.56 41.66
CA VAL A 78 40.57 -9.35 40.88
C VAL A 78 41.60 -8.27 41.18
N GLU A 79 41.96 -8.11 42.45
CA GLU A 79 42.94 -7.11 42.85
C GLU A 79 44.28 -7.32 42.13
N PRO A 80 45.01 -8.42 42.38
CA PRO A 80 46.30 -8.67 41.70
C PRO A 80 46.13 -8.86 40.19
N LEU A 81 45.02 -9.49 39.77
CA LEU A 81 44.78 -9.72 38.36
C LEU A 81 44.60 -8.40 37.63
N ARG A 82 43.82 -7.49 38.21
CA ARG A 82 43.60 -6.18 37.60
C ARG A 82 44.90 -5.38 37.69
N ALA A 83 45.67 -5.65 38.74
CA ALA A 83 46.95 -4.99 38.93
C ALA A 83 47.89 -5.39 37.78
N GLU A 84 47.90 -6.68 37.46
CA GLU A 84 48.71 -7.19 36.36
C GLU A 84 48.26 -6.54 35.06
N LEU A 85 46.95 -6.40 34.92
CA LEU A 85 46.38 -5.78 33.73
C LEU A 85 46.77 -4.32 33.66
N GLN A 86 46.70 -3.63 34.80
CA GLN A 86 47.04 -2.22 34.89
C GLN A 86 48.52 -2.01 34.60
N GLU A 87 49.37 -2.75 35.30
CA GLU A 87 50.81 -2.66 35.12
C GLU A 87 51.19 -3.03 33.69
N GLY A 88 50.62 -4.13 33.22
CA GLY A 88 50.88 -4.57 31.87
C GLY A 88 50.42 -3.56 30.86
N ALA A 89 49.25 -2.96 31.12
CA ALA A 89 48.71 -1.94 30.24
C ALA A 89 49.58 -0.70 30.26
N ARG A 90 49.88 -0.20 31.46
CA ARG A 90 50.72 1.00 31.60
C ARG A 90 52.03 0.82 30.88
N GLN A 91 52.61 -0.36 31.00
CA GLN A 91 53.86 -0.68 30.35
C GLN A 91 53.72 -0.64 28.84
N LYS A 92 52.85 -1.49 28.31
CA LYS A 92 52.62 -1.58 26.87
C LYS A 92 52.09 -0.27 26.29
N LEU A 93 51.19 0.38 27.00
CA LEU A 93 50.62 1.65 26.54
C LEU A 93 51.70 2.70 26.41
N HIS A 94 52.61 2.74 27.39
CA HIS A 94 53.69 3.71 27.34
C HIS A 94 54.64 3.37 26.19
N GLU A 95 54.84 2.08 25.96
CA GLU A 95 55.69 1.62 24.87
C GLU A 95 55.05 1.99 23.54
N LEU A 96 53.72 1.97 23.52
CA LEU A 96 52.97 2.34 22.33
C LEU A 96 52.99 3.85 22.17
N GLN A 97 52.97 4.56 23.28
CA GLN A 97 53.03 6.02 23.28
C GLN A 97 54.35 6.47 22.69
N GLU A 98 55.43 5.86 23.16
CA GLU A 98 56.77 6.16 22.70
C GLU A 98 57.02 5.53 21.32
N LYS A 99 55.95 5.05 20.71
CA LYS A 99 56.01 4.45 19.39
C LYS A 99 55.15 5.26 18.43
N LEU A 100 53.93 5.59 18.89
CA LEU A 100 52.99 6.38 18.10
C LEU A 100 53.51 7.78 17.88
N SER A 101 54.30 8.28 18.82
CA SER A 101 54.85 9.62 18.71
C SER A 101 55.92 9.72 17.61
N PRO A 102 57.05 8.97 17.72
CA PRO A 102 58.12 9.02 16.70
C PRO A 102 57.63 8.54 15.34
N LEU A 103 56.93 7.41 15.32
CA LEU A 103 56.42 6.87 14.06
C LEU A 103 55.28 7.73 13.54
N GLY A 104 54.66 8.48 14.45
CA GLY A 104 53.59 9.38 14.06
C GLY A 104 54.18 10.62 13.43
N GLU A 105 55.26 11.11 14.02
CA GLU A 105 55.97 12.28 13.50
C GLU A 105 56.54 11.95 12.13
N GLU A 106 57.03 10.72 11.99
CA GLU A 106 57.58 10.25 10.73
C GLU A 106 56.47 10.22 9.68
N MET A 107 55.31 9.71 10.10
CA MET A 107 54.15 9.63 9.21
C MET A 107 53.67 11.03 8.85
N ARG A 108 53.86 11.97 9.79
CA ARG A 108 53.48 13.36 9.58
C ARG A 108 54.36 13.97 8.51
N ASP A 109 55.65 13.68 8.56
CA ASP A 109 56.59 14.21 7.58
C ASP A 109 56.35 13.55 6.22
N ARG A 110 56.06 12.25 6.26
CA ARG A 110 55.80 11.51 5.04
C ARG A 110 54.44 11.94 4.47
N ALA A 111 53.60 12.48 5.34
CA ALA A 111 52.28 12.96 4.93
C ALA A 111 52.47 14.19 4.08
N ARG A 112 53.54 14.92 4.34
CA ARG A 112 53.86 16.11 3.56
C ARG A 112 54.32 15.68 2.18
N ALA A 113 55.12 14.61 2.15
CA ALA A 113 55.60 14.05 0.89
C ALA A 113 54.45 13.32 0.20
N HIS A 114 53.32 13.29 0.86
CA HIS A 114 52.12 12.65 0.35
C HIS A 114 51.12 13.70 -0.13
N VAL A 115 50.60 14.49 0.80
CA VAL A 115 49.62 15.52 0.50
C VAL A 115 50.26 16.72 -0.20
N ASP A 116 51.33 17.27 0.39
CA ASP A 116 52.01 18.43 -0.21
C ASP A 116 52.56 18.09 -1.58
N ALA A 117 53.14 16.91 -1.73
CA ALA A 117 53.67 16.46 -3.01
C ALA A 117 52.53 16.30 -4.01
N LEU A 118 51.38 15.90 -3.50
CA LEU A 118 50.20 15.75 -4.33
C LEU A 118 49.65 17.12 -4.69
N ARG A 119 49.90 18.10 -3.84
CA ARG A 119 49.45 19.47 -4.09
C ARG A 119 50.16 20.00 -5.33
N THR A 120 51.44 19.73 -5.41
CA THR A 120 52.25 20.17 -6.54
C THR A 120 51.99 19.30 -7.77
N HIS A 121 51.30 18.19 -7.57
CA HIS A 121 50.98 17.28 -8.67
C HIS A 121 49.55 17.50 -9.15
N LEU A 122 48.64 17.67 -8.21
CA LEU A 122 47.23 17.89 -8.52
C LEU A 122 47.03 19.25 -9.15
N ALA A 123 47.91 20.20 -8.85
CA ALA A 123 47.82 21.55 -9.41
C ALA A 123 47.82 21.49 -10.95
N PRO A 124 48.88 20.95 -11.59
CA PRO A 124 48.91 20.84 -13.05
C PRO A 124 47.85 19.86 -13.53
N TYR A 125 47.53 18.86 -12.68
CA TYR A 125 46.52 17.86 -13.04
C TYR A 125 45.16 18.51 -13.21
N SER A 126 44.80 19.37 -12.27
CA SER A 126 43.51 20.08 -12.33
C SER A 126 43.54 21.08 -13.48
N ASP A 127 44.71 21.64 -13.73
CA ASP A 127 44.88 22.59 -14.83
C ASP A 127 44.61 21.87 -16.14
N GLU A 128 45.15 20.65 -16.25
CA GLU A 128 44.93 19.82 -17.42
C GLU A 128 43.46 19.42 -17.47
N LEU A 129 42.88 19.16 -16.31
CA LEU A 129 41.48 18.78 -16.22
C LEU A 129 40.61 19.93 -16.72
N ARG A 130 41.04 21.15 -16.45
CA ARG A 130 40.34 22.34 -16.91
C ARG A 130 40.34 22.37 -18.42
N GLN A 131 41.51 22.07 -18.99
CA GLN A 131 41.67 22.03 -20.44
C GLN A 131 40.80 20.91 -21.00
N ARG A 132 40.78 19.78 -20.29
CA ARG A 132 39.97 18.64 -20.68
C ARG A 132 38.50 19.03 -20.73
N LEU A 133 38.04 19.63 -19.64
CA LEU A 133 36.65 20.07 -19.54
C LEU A 133 36.36 21.10 -20.63
N ALA A 134 37.30 22.02 -20.82
CA ALA A 134 37.17 23.05 -21.83
C ALA A 134 37.07 22.44 -23.22
N ALA A 135 37.91 21.44 -23.49
CA ALA A 135 37.91 20.75 -24.77
C ALA A 135 36.65 19.92 -24.94
N ARG A 136 36.25 19.26 -23.86
CA ARG A 136 35.04 18.44 -23.87
C ARG A 136 33.83 19.32 -24.14
N LEU A 137 33.75 20.43 -23.42
CA LEU A 137 32.66 21.38 -23.58
C LEU A 137 32.75 22.07 -24.94
N GLU A 138 33.98 22.20 -25.44
CA GLU A 138 34.21 22.82 -26.74
C GLU A 138 33.56 21.98 -27.83
N ALA A 139 33.92 20.70 -27.85
CA ALA A 139 33.38 19.78 -28.83
C ALA A 139 31.89 19.57 -28.58
N LEU A 140 31.52 19.43 -27.30
CA LEU A 140 30.12 19.23 -26.91
C LEU A 140 29.27 20.46 -27.24
N LYS A 141 29.90 21.61 -27.37
CA LYS A 141 29.18 22.83 -27.71
C LYS A 141 28.74 22.76 -29.16
N GLU A 142 29.65 22.37 -30.02
CA GLU A 142 29.35 22.25 -31.44
C GLU A 142 28.54 20.99 -31.68
N ASN A 143 28.86 19.94 -30.93
CA ASN A 143 28.14 18.68 -31.02
C ASN A 143 26.71 18.90 -30.57
N GLY A 144 26.56 19.52 -29.40
CA GLY A 144 25.26 19.81 -28.86
C GLY A 144 24.52 20.83 -29.70
N GLY A 145 25.26 21.77 -30.27
CA GLY A 145 24.68 22.77 -31.13
C GLY A 145 24.04 22.13 -32.34
N ALA A 146 24.80 21.25 -32.99
CA ALA A 146 24.30 20.54 -34.15
C ALA A 146 23.17 19.62 -33.71
N ARG A 147 23.34 19.00 -32.54
CA ARG A 147 22.34 18.10 -31.98
C ARG A 147 21.04 18.84 -31.73
N LEU A 148 21.11 20.03 -31.14
CA LEU A 148 19.93 20.83 -30.86
C LEU A 148 19.20 21.17 -32.15
N ALA A 149 19.95 21.56 -33.16
CA ALA A 149 19.38 21.91 -34.46
C ALA A 149 18.73 20.68 -35.06
N GLU A 150 19.46 19.55 -35.01
CA GLU A 150 18.96 18.29 -35.53
C GLU A 150 17.78 17.78 -34.72
N TYR A 151 17.84 17.96 -33.41
CA TYR A 151 16.76 17.53 -32.52
C TYR A 151 15.48 18.25 -32.92
N HIS A 152 15.60 19.54 -33.23
CA HIS A 152 14.45 20.33 -33.65
C HIS A 152 14.01 19.90 -35.04
N ALA A 153 14.98 19.55 -35.88
CA ALA A 153 14.70 19.10 -37.23
C ALA A 153 13.97 17.76 -37.18
N LYS A 154 14.44 16.87 -36.32
CA LYS A 154 13.82 15.58 -36.15
C LYS A 154 12.46 15.75 -35.48
N ALA A 155 12.37 16.73 -34.58
CA ALA A 155 11.14 17.03 -33.89
C ALA A 155 10.09 17.56 -34.85
N THR A 156 10.46 18.52 -35.69
CA THR A 156 9.54 19.09 -36.66
C THR A 156 9.02 18.01 -37.60
N GLU A 157 9.93 17.20 -38.12
CA GLU A 157 9.55 16.12 -39.03
C GLU A 157 8.70 15.08 -38.30
N HIS A 158 9.09 14.76 -37.07
CA HIS A 158 8.37 13.77 -36.27
C HIS A 158 6.99 14.30 -35.88
N LEU A 159 6.89 15.62 -35.69
CA LEU A 159 5.62 16.24 -35.33
C LEU A 159 4.73 16.32 -36.57
N SER A 160 5.34 16.64 -37.71
CA SER A 160 4.61 16.72 -38.97
C SER A 160 4.05 15.35 -39.33
N THR A 161 4.87 14.31 -39.14
CA THR A 161 4.41 12.96 -39.42
C THR A 161 3.43 12.52 -38.34
N LEU A 162 3.59 13.08 -37.15
CA LEU A 162 2.70 12.76 -36.04
C LEU A 162 1.31 13.33 -36.29
N SER A 163 1.24 14.58 -36.73
CA SER A 163 -0.04 15.20 -37.04
C SER A 163 -0.65 14.51 -38.25
N GLU A 164 0.23 14.08 -39.16
CA GLU A 164 -0.19 13.36 -40.36
C GLU A 164 -0.68 11.96 -40.01
N LYS A 165 -0.62 11.63 -38.73
CA LYS A 165 -1.09 10.36 -38.22
C LYS A 165 -2.25 10.60 -37.28
N ALA A 166 -2.04 11.50 -36.31
CA ALA A 166 -3.05 11.84 -35.32
C ALA A 166 -4.37 12.23 -35.97
N LYS A 167 -4.32 13.16 -36.92
CA LYS A 167 -5.54 13.61 -37.60
C LYS A 167 -6.30 12.45 -38.26
N PRO A 168 -5.72 11.77 -39.28
CA PRO A 168 -6.39 10.67 -39.96
C PRO A 168 -6.71 9.51 -39.03
N ALA A 169 -5.79 9.18 -38.12
CA ALA A 169 -6.01 8.09 -37.19
C ALA A 169 -7.16 8.39 -36.24
N LEU A 170 -7.21 9.61 -35.71
CA LEU A 170 -8.28 9.98 -34.81
C LEU A 170 -9.61 10.00 -35.55
N GLU A 171 -9.59 10.47 -36.78
CA GLU A 171 -10.80 10.50 -37.59
C GLU A 171 -11.24 9.08 -37.92
N ASP A 172 -10.28 8.21 -38.21
CA ASP A 172 -10.57 6.82 -38.51
C ASP A 172 -11.07 6.14 -37.25
N LEU A 173 -10.42 6.45 -36.14
CA LEU A 173 -10.80 5.91 -34.84
C LEU A 173 -12.21 6.36 -34.50
N ARG A 174 -12.52 7.62 -34.83
CA ARG A 174 -13.85 8.15 -34.59
C ARG A 174 -14.85 7.41 -35.46
N GLN A 175 -14.44 7.11 -36.70
CA GLN A 175 -15.29 6.39 -37.62
C GLN A 175 -15.36 4.91 -37.29
N GLY A 176 -14.59 4.49 -36.30
CA GLY A 176 -14.57 3.10 -35.86
C GLY A 176 -15.26 2.98 -34.51
N LEU A 177 -14.83 3.83 -33.57
CA LEU A 177 -15.37 3.84 -32.21
C LEU A 177 -16.87 4.12 -32.21
N LEU A 178 -17.32 5.03 -33.07
CA LEU A 178 -18.75 5.35 -33.14
C LEU A 178 -19.57 4.11 -33.47
N PRO A 179 -19.34 3.46 -34.64
CA PRO A 179 -20.06 2.23 -35.01
C PRO A 179 -19.82 1.12 -34.00
N VAL A 180 -18.58 1.02 -33.50
CA VAL A 180 -18.23 0.01 -32.51
C VAL A 180 -19.05 0.21 -31.23
N LEU A 181 -19.14 1.45 -30.78
CA LEU A 181 -19.90 1.78 -29.58
C LEU A 181 -21.37 1.47 -29.81
N GLU A 182 -21.84 1.71 -31.03
CA GLU A 182 -23.23 1.41 -31.38
C GLU A 182 -23.49 -0.08 -31.24
N SER A 183 -22.58 -0.87 -31.81
CA SER A 183 -22.68 -2.32 -31.73
C SER A 183 -22.52 -2.78 -30.28
N PHE A 184 -21.57 -2.17 -29.57
CA PHE A 184 -21.32 -2.52 -28.18
C PHE A 184 -22.54 -2.21 -27.33
N LYS A 185 -23.20 -1.09 -27.61
CA LYS A 185 -24.39 -0.70 -26.88
C LYS A 185 -25.50 -1.73 -27.12
N VAL A 186 -25.52 -2.27 -28.34
CA VAL A 186 -26.50 -3.27 -28.71
C VAL A 186 -26.23 -4.56 -27.90
N SER A 187 -24.97 -4.96 -27.88
CA SER A 187 -24.56 -6.15 -27.15
C SER A 187 -24.76 -5.95 -25.65
N PHE A 188 -24.46 -4.73 -25.18
CA PHE A 188 -24.63 -4.40 -23.77
C PHE A 188 -26.10 -4.45 -23.38
N LEU A 189 -26.95 -3.92 -24.26
CA LEU A 189 -28.39 -3.90 -24.03
C LEU A 189 -28.92 -5.32 -23.89
N SER A 190 -28.52 -6.19 -24.81
CA SER A 190 -28.95 -7.57 -24.78
C SER A 190 -28.34 -8.31 -23.59
N ALA A 191 -27.12 -7.92 -23.21
CA ALA A 191 -26.43 -8.52 -22.08
C ALA A 191 -27.12 -8.12 -20.79
N LEU A 192 -27.58 -6.87 -20.73
CA LEU A 192 -28.28 -6.37 -19.55
C LEU A 192 -29.54 -7.20 -19.30
N GLU A 193 -30.15 -7.66 -20.39
CA GLU A 193 -31.33 -8.49 -20.30
C GLU A 193 -30.96 -9.81 -19.63
N GLU A 194 -29.80 -10.34 -20.01
CA GLU A 194 -29.30 -11.60 -19.46
C GLU A 194 -29.06 -11.48 -17.97
N TYR A 195 -28.41 -10.38 -17.56
CA TYR A 195 -28.10 -10.15 -16.16
C TYR A 195 -29.36 -9.98 -15.32
N THR A 196 -30.48 -9.72 -15.97
CA THR A 196 -31.74 -9.55 -15.26
C THR A 196 -32.60 -10.82 -15.31
N LYS A 197 -32.79 -11.33 -16.52
CA LYS A 197 -33.60 -12.52 -16.76
C LYS A 197 -33.11 -13.73 -15.96
N LYS A 198 -31.81 -13.90 -15.88
CA LYS A 198 -31.24 -15.04 -15.18
C LYS A 198 -30.92 -14.70 -13.72
N LEU A 199 -31.40 -13.57 -13.27
CA LEU A 199 -31.19 -13.14 -11.90
C LEU A 199 -32.50 -13.12 -11.13
N ASN A 200 -33.49 -12.45 -11.70
CA ASN A 200 -34.82 -12.33 -11.08
C ASN A 200 -35.77 -11.60 -12.02
N LEU B 3 -14.18 -7.01 -39.05
CA LEU B 3 -14.73 -6.29 -40.18
C LEU B 3 -14.24 -4.85 -40.13
N LYS B 4 -14.30 -4.26 -38.94
CA LYS B 4 -13.83 -2.90 -38.73
C LYS B 4 -12.32 -2.89 -38.58
N LEU B 5 -11.79 -4.02 -38.13
CA LEU B 5 -10.35 -4.18 -37.94
C LEU B 5 -9.60 -4.01 -39.25
N LEU B 6 -10.29 -4.27 -40.35
CA LEU B 6 -9.70 -4.13 -41.68
C LEU B 6 -9.33 -2.67 -41.94
N ASP B 7 -10.24 -1.78 -41.54
CA ASP B 7 -10.02 -0.34 -41.70
C ASP B 7 -8.89 0.10 -40.78
N ASN B 8 -8.91 -0.41 -39.55
CA ASN B 8 -7.90 -0.08 -38.56
C ASN B 8 -6.53 -0.49 -39.08
N TRP B 9 -6.43 -1.72 -39.58
CA TRP B 9 -5.19 -2.24 -40.12
C TRP B 9 -4.70 -1.39 -41.29
N ASP B 10 -5.63 -0.90 -42.10
CA ASP B 10 -5.26 -0.08 -43.25
C ASP B 10 -4.65 1.23 -42.80
N SER B 11 -5.29 1.90 -41.85
CA SER B 11 -4.78 3.17 -41.33
C SER B 11 -3.43 2.94 -40.65
N VAL B 12 -3.32 1.80 -39.97
CA VAL B 12 -2.07 1.43 -39.31
C VAL B 12 -0.98 1.22 -40.35
N THR B 13 -1.36 0.70 -41.52
CA THR B 13 -0.43 0.49 -42.62
C THR B 13 0.13 1.83 -43.07
N SER B 14 -0.74 2.82 -43.20
CA SER B 14 -0.32 4.16 -43.60
C SER B 14 0.61 4.73 -42.53
N THR B 15 0.27 4.48 -41.27
CA THR B 15 1.08 4.92 -40.14
C THR B 15 2.47 4.31 -40.23
N PHE B 16 2.52 3.03 -40.64
CA PHE B 16 3.79 2.34 -40.80
C PHE B 16 4.61 2.96 -41.92
N SER B 17 3.94 3.30 -43.02
CA SER B 17 4.62 3.93 -44.15
C SER B 17 5.19 5.28 -43.72
N LYS B 18 4.39 6.04 -42.97
CA LYS B 18 4.82 7.35 -42.48
C LYS B 18 5.82 7.20 -41.34
N LEU B 19 5.89 6.00 -40.79
CA LEU B 19 6.82 5.70 -39.72
C LEU B 19 8.18 5.41 -40.35
N ARG B 20 8.14 4.69 -41.47
CA ARG B 20 9.35 4.34 -42.20
C ARG B 20 9.98 5.59 -42.79
N GLU B 21 9.15 6.63 -43.00
CA GLU B 21 9.62 7.90 -43.51
C GLU B 21 10.61 8.50 -42.51
N GLN B 22 10.26 8.40 -41.22
CA GLN B 22 11.11 8.90 -40.16
C GLN B 22 12.38 8.04 -40.11
N LEU B 23 12.23 6.78 -40.47
CA LEU B 23 13.34 5.84 -40.47
C LEU B 23 14.28 6.09 -41.65
N GLY B 24 13.93 7.08 -42.48
CA GLY B 24 14.75 7.42 -43.61
C GLY B 24 15.63 8.63 -43.33
N PRO B 25 15.23 9.83 -43.79
CA PRO B 25 15.97 11.07 -43.60
C PRO B 25 16.38 11.32 -42.14
N VAL B 26 15.45 11.09 -41.21
CA VAL B 26 15.73 11.30 -39.79
C VAL B 26 16.89 10.41 -39.32
N THR B 27 16.90 9.16 -39.78
CA THR B 27 17.97 8.24 -39.41
C THR B 27 19.26 8.65 -40.11
N GLN B 28 19.13 9.16 -41.33
CA GLN B 28 20.29 9.62 -42.09
C GLN B 28 21.01 10.71 -41.33
N GLU B 29 20.27 11.75 -40.94
CA GLU B 29 20.85 12.84 -40.18
C GLU B 29 21.29 12.36 -38.79
N PHE B 30 20.56 11.38 -38.25
CA PHE B 30 20.90 10.83 -36.94
C PHE B 30 22.29 10.19 -37.00
N TRP B 31 22.52 9.44 -38.07
CA TRP B 31 23.80 8.80 -38.27
C TRP B 31 24.85 9.84 -38.63
N ASP B 32 24.40 10.89 -39.31
CA ASP B 32 25.29 11.99 -39.69
C ASP B 32 25.72 12.70 -38.41
N ASN B 33 24.79 12.79 -37.47
CA ASN B 33 25.06 13.39 -36.17
C ASN B 33 26.04 12.50 -35.42
N LEU B 34 25.83 11.18 -35.56
CA LEU B 34 26.70 10.20 -34.92
C LEU B 34 28.13 10.40 -35.41
N GLU B 35 28.27 10.75 -36.69
CA GLU B 35 29.58 11.01 -37.27
C GLU B 35 30.21 12.18 -36.52
N LYS B 36 29.43 13.24 -36.32
CA LYS B 36 29.90 14.41 -35.60
C LYS B 36 30.28 14.01 -34.18
N GLU B 37 29.45 13.18 -33.57
CA GLU B 37 29.68 12.70 -32.22
C GLU B 37 31.00 11.92 -32.17
N THR B 38 31.16 11.00 -33.12
CA THR B 38 32.37 10.19 -33.19
C THR B 38 33.60 11.05 -33.50
N GLU B 39 33.47 11.96 -34.46
CA GLU B 39 34.57 12.84 -34.83
C GLU B 39 34.97 13.73 -33.66
N GLY B 40 33.95 14.25 -32.97
CA GLY B 40 34.19 15.09 -31.81
C GLY B 40 34.86 14.29 -30.72
N LEU B 41 34.25 13.16 -30.37
CA LEU B 41 34.79 12.26 -29.35
C LEU B 41 36.19 11.80 -29.73
N ARG B 42 36.44 11.67 -31.03
CA ARG B 42 37.75 11.27 -31.52
C ARG B 42 38.76 12.32 -31.14
N GLN B 43 38.47 13.57 -31.50
CA GLN B 43 39.35 14.69 -31.18
C GLN B 43 39.54 14.77 -29.68
N GLU B 44 38.45 14.60 -28.95
CA GLU B 44 38.48 14.62 -27.50
C GLU B 44 39.37 13.51 -26.99
N MET B 45 39.23 12.32 -27.59
CA MET B 45 40.02 11.16 -27.20
C MET B 45 41.50 11.32 -27.53
N SER B 46 41.81 11.97 -28.65
CA SER B 46 43.21 12.18 -29.01
C SER B 46 43.90 12.99 -27.92
N LYS B 47 43.14 13.83 -27.25
CA LYS B 47 43.66 14.63 -26.15
C LYS B 47 43.56 13.84 -24.87
N ASP B 48 42.40 13.24 -24.64
CA ASP B 48 42.12 12.45 -23.45
C ASP B 48 43.09 11.28 -23.29
N LEU B 49 43.20 10.46 -24.31
CA LEU B 49 44.09 9.30 -24.28
C LEU B 49 45.55 9.69 -24.15
N GLU B 50 45.97 10.66 -24.95
CA GLU B 50 47.35 11.11 -24.91
C GLU B 50 47.70 11.70 -23.55
N GLU B 51 46.84 12.60 -23.08
CA GLU B 51 47.06 13.25 -21.80
C GLU B 51 46.85 12.28 -20.65
N VAL B 52 45.97 11.29 -20.81
CA VAL B 52 45.73 10.31 -19.76
C VAL B 52 46.96 9.43 -19.57
N LYS B 53 47.65 9.12 -20.66
CA LYS B 53 48.85 8.32 -20.61
C LYS B 53 49.96 9.16 -19.99
N ALA B 54 49.92 10.46 -20.27
CA ALA B 54 50.89 11.41 -19.73
C ALA B 54 50.48 11.81 -18.32
N LYS B 55 49.34 11.28 -17.88
CA LYS B 55 48.83 11.55 -16.54
C LYS B 55 49.08 10.34 -15.66
N VAL B 56 48.68 9.17 -16.16
CA VAL B 56 48.83 7.92 -15.45
C VAL B 56 50.30 7.62 -15.14
N GLN B 57 51.19 7.93 -16.08
CA GLN B 57 52.62 7.70 -15.88
C GLN B 57 53.14 8.40 -14.62
N PRO B 58 53.10 9.75 -14.55
CA PRO B 58 53.57 10.47 -13.36
C PRO B 58 52.67 10.20 -12.15
N TYR B 59 51.42 9.84 -12.42
CA TYR B 59 50.47 9.52 -11.35
C TYR B 59 50.96 8.28 -10.64
N LEU B 60 51.19 7.22 -11.41
CA LEU B 60 51.68 5.96 -10.85
C LEU B 60 53.10 6.13 -10.35
N ASP B 61 53.85 7.02 -10.99
CA ASP B 61 55.23 7.29 -10.60
C ASP B 61 55.26 7.89 -9.21
N ASP B 62 54.48 8.93 -8.99
CA ASP B 62 54.41 9.59 -7.69
C ASP B 62 53.69 8.71 -6.68
N PHE B 63 52.69 7.98 -7.16
CA PHE B 63 51.92 7.07 -6.33
C PHE B 63 52.82 5.93 -5.88
N GLN B 64 53.79 5.58 -6.74
CA GLN B 64 54.73 4.52 -6.44
C GLN B 64 55.63 4.96 -5.31
N LYS B 65 56.08 6.22 -5.38
CA LYS B 65 56.92 6.79 -4.34
C LYS B 65 56.15 6.78 -3.03
N LYS B 66 54.91 7.26 -3.09
CA LYS B 66 54.06 7.30 -1.92
C LYS B 66 53.79 5.90 -1.40
N TRP B 67 53.62 4.95 -2.32
CA TRP B 67 53.39 3.56 -1.97
C TRP B 67 54.63 3.00 -1.27
N GLN B 68 55.80 3.40 -1.76
CA GLN B 68 57.06 2.98 -1.16
C GLN B 68 57.17 3.54 0.25
N GLU B 69 56.84 4.82 0.39
CA GLU B 69 56.88 5.48 1.70
C GLU B 69 55.92 4.78 2.65
N GLU B 70 54.76 4.39 2.13
CA GLU B 70 53.76 3.71 2.92
C GLU B 70 54.21 2.30 3.25
N MET B 71 54.63 1.55 2.24
CA MET B 71 55.09 0.18 2.42
C MET B 71 56.25 0.12 3.40
N GLU B 72 57.28 0.93 3.16
CA GLU B 72 58.44 0.96 4.03
C GLU B 72 58.06 1.54 5.38
N LEU B 73 57.19 2.56 5.36
CA LEU B 73 56.70 3.20 6.59
C LEU B 73 55.98 2.18 7.45
N TYR B 74 55.11 1.40 6.81
CA TYR B 74 54.36 0.36 7.50
C TYR B 74 55.30 -0.77 7.91
N ARG B 75 56.35 -0.98 7.12
CA ARG B 75 57.33 -2.00 7.44
C ARG B 75 58.07 -1.61 8.72
N GLN B 76 58.44 -0.33 8.79
CA GLN B 76 59.14 0.20 9.96
C GLN B 76 58.17 0.45 11.11
N LYS B 77 56.91 0.14 10.88
CA LYS B 77 55.88 0.29 11.91
C LYS B 77 55.43 -1.08 12.39
N VAL B 78 54.94 -1.88 11.46
CA VAL B 78 54.44 -3.22 11.75
C VAL B 78 55.52 -4.16 12.28
N GLU B 79 56.73 -4.11 11.70
CA GLU B 79 57.81 -4.99 12.15
C GLU B 79 58.09 -4.81 13.65
N PRO B 80 58.44 -3.59 14.11
CA PRO B 80 58.70 -3.35 15.53
C PRO B 80 57.42 -3.51 16.36
N LEU B 81 56.29 -3.11 15.78
CA LEU B 81 55.00 -3.23 16.46
C LEU B 81 54.67 -4.70 16.70
N ARG B 82 55.05 -5.55 15.74
CA ARG B 82 54.81 -6.98 15.87
C ARG B 82 55.61 -7.51 17.04
N ALA B 83 56.79 -6.93 17.24
CA ALA B 83 57.65 -7.32 18.35
C ALA B 83 57.06 -6.80 19.65
N GLU B 84 56.61 -5.54 19.63
CA GLU B 84 56.00 -4.92 20.80
C GLU B 84 54.73 -5.68 21.15
N LEU B 85 53.95 -6.03 20.14
CA LEU B 85 52.73 -6.78 20.32
C LEU B 85 53.06 -8.21 20.75
N GLN B 86 54.18 -8.72 20.27
CA GLN B 86 54.62 -10.06 20.63
C GLN B 86 54.96 -10.09 22.10
N GLU B 87 55.75 -9.12 22.54
CA GLU B 87 56.14 -9.03 23.94
C GLU B 87 54.88 -8.75 24.77
N GLY B 88 54.02 -7.91 24.23
CA GLY B 88 52.78 -7.58 24.90
C GLY B 88 51.89 -8.80 24.99
N ALA B 89 51.94 -9.64 23.95
CA ALA B 89 51.15 -10.87 23.91
C ALA B 89 51.78 -11.93 24.79
N ARG B 90 53.11 -11.93 24.89
CA ARG B 90 53.80 -12.87 25.74
C ARG B 90 53.41 -12.60 27.18
N GLN B 91 53.42 -11.32 27.54
CA GLN B 91 53.02 -10.90 28.87
C GLN B 91 51.53 -11.13 29.03
N LYS B 92 50.79 -10.98 27.93
CA LYS B 92 49.35 -11.20 27.94
C LYS B 92 49.06 -12.68 28.14
N LEU B 93 49.84 -13.52 27.48
CA LEU B 93 49.71 -14.96 27.62
C LEU B 93 50.02 -15.34 29.04
N HIS B 94 50.99 -14.65 29.63
CA HIS B 94 51.35 -14.87 31.01
C HIS B 94 50.21 -14.40 31.89
N GLU B 95 49.67 -13.22 31.56
CA GLU B 95 48.55 -12.66 32.29
C GLU B 95 47.39 -13.64 32.24
N LEU B 96 47.17 -14.22 31.07
CA LEU B 96 46.09 -15.18 30.86
C LEU B 96 46.39 -16.50 31.56
N GLN B 97 47.58 -17.04 31.31
CA GLN B 97 47.99 -18.31 31.91
C GLN B 97 47.95 -18.27 33.43
N GLU B 98 48.49 -17.20 34.00
CA GLU B 98 48.53 -17.02 35.45
C GLU B 98 47.13 -16.88 36.04
N LYS B 99 46.14 -16.74 35.17
CA LYS B 99 44.76 -16.63 35.60
C LYS B 99 43.99 -17.89 35.24
N LEU B 100 44.09 -18.29 33.98
CA LEU B 100 43.39 -19.47 33.47
C LEU B 100 43.77 -20.74 34.22
N SER B 101 45.00 -20.80 34.74
CA SER B 101 45.42 -21.98 35.49
C SER B 101 44.74 -22.04 36.87
N PRO B 102 45.01 -21.07 37.78
CA PRO B 102 44.39 -21.06 39.11
C PRO B 102 42.88 -20.95 39.04
N LEU B 103 42.39 -20.08 38.16
CA LEU B 103 40.96 -19.89 37.99
C LEU B 103 40.34 -21.09 37.29
N GLY B 104 41.11 -21.73 36.41
CA GLY B 104 40.62 -22.90 35.71
C GLY B 104 40.36 -24.03 36.67
N GLU B 105 41.35 -24.33 37.50
CA GLU B 105 41.22 -25.37 38.50
C GLU B 105 40.14 -24.99 39.49
N GLU B 106 40.09 -23.69 39.82
CA GLU B 106 39.11 -23.17 40.75
C GLU B 106 37.71 -23.31 40.17
N MET B 107 37.53 -22.91 38.91
CA MET B 107 36.24 -23.03 38.24
C MET B 107 35.81 -24.48 38.20
N ARG B 108 36.77 -25.37 37.99
CA ARG B 108 36.52 -26.80 37.96
C ARG B 108 36.08 -27.25 39.35
N ASP B 109 36.79 -26.76 40.36
CA ASP B 109 36.49 -27.09 41.74
C ASP B 109 35.10 -26.55 42.10
N ARG B 110 34.80 -25.33 41.62
CA ARG B 110 33.50 -24.72 41.84
C ARG B 110 32.45 -25.57 41.15
N ALA B 111 32.77 -25.99 39.92
CA ALA B 111 31.89 -26.83 39.13
C ALA B 111 31.64 -28.13 39.88
N ARG B 112 32.68 -28.67 40.49
CA ARG B 112 32.55 -29.90 41.27
C ARG B 112 31.59 -29.67 42.42
N ALA B 113 31.77 -28.55 43.11
CA ALA B 113 30.91 -28.20 44.23
C ALA B 113 29.48 -27.93 43.75
N HIS B 114 29.34 -27.47 42.52
CA HIS B 114 28.03 -27.20 41.95
C HIS B 114 27.38 -28.48 41.45
N VAL B 115 28.15 -29.28 40.72
CA VAL B 115 27.65 -30.53 40.16
C VAL B 115 27.36 -31.57 41.25
N ASP B 116 28.27 -31.67 42.22
CA ASP B 116 28.07 -32.61 43.32
C ASP B 116 26.85 -32.20 44.12
N ALA B 117 26.60 -30.90 44.15
CA ALA B 117 25.42 -30.38 44.81
C ALA B 117 24.22 -30.71 43.96
N LEU B 118 24.36 -30.50 42.65
CA LEU B 118 23.30 -30.79 41.69
C LEU B 118 22.90 -32.26 41.78
N ARG B 119 23.85 -33.11 42.09
CA ARG B 119 23.58 -34.53 42.24
C ARG B 119 22.59 -34.76 43.37
N THR B 120 22.85 -34.13 44.51
CA THR B 120 22.00 -34.27 45.67
C THR B 120 20.84 -33.27 45.64
N HIS B 121 20.70 -32.56 44.52
CA HIS B 121 19.62 -31.58 44.35
C HIS B 121 18.66 -32.04 43.26
N LEU B 122 19.21 -32.45 42.13
CA LEU B 122 18.42 -32.90 40.99
C LEU B 122 17.92 -34.32 41.16
N ALA B 123 18.76 -35.21 41.68
CA ALA B 123 18.37 -36.61 41.88
C ALA B 123 17.10 -36.74 42.72
N PRO B 124 17.04 -36.14 43.92
CA PRO B 124 15.84 -36.20 44.75
C PRO B 124 14.69 -35.46 44.08
N TYR B 125 15.00 -34.31 43.48
CA TYR B 125 13.99 -33.49 42.80
C TYR B 125 13.30 -34.27 41.68
N SER B 126 14.10 -34.91 40.84
CA SER B 126 13.56 -35.70 39.74
C SER B 126 12.77 -36.88 40.27
N ASP B 127 13.30 -37.53 41.32
CA ASP B 127 12.64 -38.67 41.92
C ASP B 127 11.32 -38.23 42.55
N GLU B 128 11.33 -37.06 43.15
CA GLU B 128 10.13 -36.48 43.75
C GLU B 128 9.12 -36.21 42.65
N LEU B 129 9.62 -35.65 41.54
CA LEU B 129 8.79 -35.36 40.39
C LEU B 129 8.19 -36.63 39.83
N ARG B 130 8.99 -37.69 39.80
CA ARG B 130 8.52 -38.99 39.31
C ARG B 130 7.32 -39.46 40.13
N GLN B 131 7.42 -39.31 41.44
CA GLN B 131 6.34 -39.70 42.34
C GLN B 131 5.12 -38.82 42.12
N ARG B 132 5.35 -37.51 42.06
CA ARG B 132 4.27 -36.55 41.85
C ARG B 132 3.61 -36.76 40.49
N LEU B 133 4.45 -36.91 39.46
CA LEU B 133 3.96 -37.13 38.10
C LEU B 133 3.21 -38.46 38.02
N ALA B 134 3.66 -39.45 38.79
CA ALA B 134 3.02 -40.76 38.81
C ALA B 134 1.61 -40.61 39.33
N ALA B 135 1.45 -39.82 40.39
CA ALA B 135 0.14 -39.57 40.98
C ALA B 135 -0.73 -38.83 39.98
N ARG B 136 -0.13 -37.86 39.30
CA ARG B 136 -0.82 -37.09 38.29
C ARG B 136 -1.25 -38.00 37.16
N LEU B 137 -0.34 -38.86 36.72
CA LEU B 137 -0.61 -39.80 35.65
C LEU B 137 -1.73 -40.74 36.05
N GLU B 138 -1.74 -41.16 37.30
CA GLU B 138 -2.79 -42.04 37.80
C GLU B 138 -4.13 -41.34 37.70
N ALA B 139 -4.17 -40.09 38.14
CA ALA B 139 -5.40 -39.30 38.08
C ALA B 139 -5.83 -39.17 36.61
N LEU B 140 -4.86 -38.86 35.75
CA LEU B 140 -5.11 -38.72 34.32
C LEU B 140 -5.57 -40.04 33.71
N LYS B 141 -5.21 -41.15 34.35
CA LYS B 141 -5.60 -42.47 33.88
C LYS B 141 -7.01 -42.82 34.36
N GLU B 142 -7.26 -42.60 35.65
CA GLU B 142 -8.56 -42.89 36.23
C GLU B 142 -9.62 -41.94 35.67
N ASN B 143 -9.32 -40.66 35.71
CA ASN B 143 -10.23 -39.65 35.20
C ASN B 143 -10.27 -39.73 33.68
N GLY B 144 -9.09 -39.85 33.08
CA GLY B 144 -8.99 -39.96 31.63
C GLY B 144 -9.72 -41.18 31.10
N GLY B 145 -9.66 -42.28 31.84
CA GLY B 145 -10.33 -43.49 31.43
C GLY B 145 -11.83 -43.27 31.41
N ALA B 146 -12.33 -42.59 32.44
CA ALA B 146 -13.74 -42.28 32.54
C ALA B 146 -14.10 -41.29 31.44
N ARG B 147 -13.19 -40.34 31.22
CA ARG B 147 -13.36 -39.33 30.19
C ARG B 147 -13.45 -39.99 28.81
N LEU B 148 -12.69 -41.05 28.61
CA LEU B 148 -12.72 -41.78 27.36
C LEU B 148 -14.10 -42.38 27.16
N ALA B 149 -14.65 -42.89 28.25
CA ALA B 149 -15.99 -43.47 28.24
C ALA B 149 -16.99 -42.36 27.97
N GLU B 150 -16.75 -41.21 28.60
CA GLU B 150 -17.59 -40.04 28.41
C GLU B 150 -17.55 -39.62 26.93
N TYR B 151 -16.35 -39.57 26.38
CA TYR B 151 -16.16 -39.20 24.98
C TYR B 151 -16.88 -40.20 24.09
N HIS B 152 -16.78 -41.48 24.42
CA HIS B 152 -17.46 -42.52 23.64
C HIS B 152 -18.97 -42.36 23.74
N ALA B 153 -19.44 -42.02 24.93
CA ALA B 153 -20.86 -41.81 25.16
C ALA B 153 -21.31 -40.58 24.40
N LYS B 154 -20.54 -39.50 24.52
CA LYS B 154 -20.83 -38.25 23.83
C LYS B 154 -20.81 -38.46 22.33
N ALA B 155 -19.89 -39.31 21.87
CA ALA B 155 -19.79 -39.63 20.46
C ALA B 155 -21.07 -40.32 20.01
N THR B 156 -21.57 -41.21 20.87
CA THR B 156 -22.79 -41.93 20.59
C THR B 156 -23.96 -40.94 20.54
N GLU B 157 -24.02 -40.05 21.52
CA GLU B 157 -25.07 -39.04 21.58
C GLU B 157 -25.01 -38.17 20.34
N HIS B 158 -23.81 -37.70 20.03
CA HIS B 158 -23.58 -36.83 18.88
C HIS B 158 -23.88 -37.54 17.56
N LEU B 159 -23.40 -38.77 17.41
CA LEU B 159 -23.64 -39.53 16.19
C LEU B 159 -25.13 -39.81 15.98
N SER B 160 -25.81 -40.23 17.03
CA SER B 160 -27.23 -40.53 16.96
C SER B 160 -28.04 -39.28 16.64
N THR B 161 -27.64 -38.14 17.20
CA THR B 161 -28.32 -36.90 16.94
C THR B 161 -27.99 -36.39 15.54
N LEU B 162 -26.88 -36.90 14.99
CA LEU B 162 -26.47 -36.54 13.65
C LEU B 162 -27.28 -37.32 12.64
N SER B 163 -27.59 -38.56 12.97
CA SER B 163 -28.37 -39.43 12.11
C SER B 163 -29.73 -38.81 11.78
N GLU B 164 -30.25 -38.03 12.72
CA GLU B 164 -31.52 -37.35 12.54
C GLU B 164 -31.44 -36.33 11.40
N LYS B 165 -30.21 -35.99 11.04
CA LYS B 165 -29.98 -35.04 9.97
C LYS B 165 -29.30 -35.73 8.79
N ALA B 166 -28.51 -36.76 9.09
CA ALA B 166 -27.79 -37.51 8.06
C ALA B 166 -28.74 -38.31 7.17
N LYS B 167 -29.91 -38.63 7.70
CA LYS B 167 -30.90 -39.38 6.93
C LYS B 167 -32.07 -38.49 6.51
N PRO B 168 -32.92 -38.01 7.45
CA PRO B 168 -34.07 -37.17 7.13
C PRO B 168 -33.67 -35.85 6.47
N ALA B 169 -32.83 -35.07 7.15
CA ALA B 169 -32.40 -33.78 6.62
C ALA B 169 -31.66 -33.91 5.29
N LEU B 170 -30.72 -34.83 5.19
CA LEU B 170 -29.97 -35.03 3.95
C LEU B 170 -30.90 -35.45 2.82
N GLU B 171 -31.85 -36.31 3.11
CA GLU B 171 -32.81 -36.77 2.11
C GLU B 171 -33.74 -35.63 1.74
N ASP B 172 -34.09 -34.82 2.74
CA ASP B 172 -34.95 -33.68 2.54
C ASP B 172 -34.25 -32.65 1.67
N LEU B 173 -32.96 -32.45 1.93
CA LEU B 173 -32.16 -31.53 1.16
C LEU B 173 -32.01 -32.05 -0.27
N ARG B 174 -31.77 -33.34 -0.40
CA ARG B 174 -31.64 -33.97 -1.70
C ARG B 174 -32.96 -33.87 -2.45
N GLN B 175 -34.06 -34.05 -1.71
CA GLN B 175 -35.38 -33.98 -2.29
C GLN B 175 -35.78 -32.56 -2.63
N GLY B 176 -34.96 -31.61 -2.21
CA GLY B 176 -35.18 -30.21 -2.48
C GLY B 176 -34.25 -29.80 -3.63
N LEU B 177 -33.03 -30.31 -3.57
CA LEU B 177 -32.02 -30.03 -4.57
C LEU B 177 -32.42 -30.58 -5.94
N LEU B 178 -33.01 -31.76 -5.96
CA LEU B 178 -33.44 -32.37 -7.22
C LEU B 178 -34.36 -31.45 -8.04
N PRO B 179 -35.53 -31.03 -7.49
CA PRO B 179 -36.43 -30.14 -8.20
C PRO B 179 -35.76 -28.81 -8.53
N VAL B 180 -34.96 -28.31 -7.58
CA VAL B 180 -34.24 -27.06 -7.77
C VAL B 180 -33.23 -27.17 -8.91
N LEU B 181 -32.56 -28.31 -9.01
CA LEU B 181 -31.59 -28.54 -10.07
C LEU B 181 -32.31 -28.54 -11.41
N GLU B 182 -33.49 -29.14 -11.43
CA GLU B 182 -34.29 -29.20 -12.65
C GLU B 182 -34.74 -27.80 -13.07
N SER B 183 -35.13 -26.98 -12.10
CA SER B 183 -35.55 -25.61 -12.40
C SER B 183 -34.34 -24.76 -12.75
N PHE B 184 -33.22 -25.01 -12.07
CA PHE B 184 -31.99 -24.27 -12.32
C PHE B 184 -31.54 -24.58 -13.74
N LYS B 185 -31.78 -25.81 -14.16
CA LYS B 185 -31.44 -26.24 -15.51
C LYS B 185 -32.23 -25.41 -16.52
N VAL B 186 -33.50 -25.17 -16.20
CA VAL B 186 -34.37 -24.38 -17.07
C VAL B 186 -33.77 -22.98 -17.23
N SER B 187 -33.28 -22.43 -16.13
CA SER B 187 -32.66 -21.11 -16.13
C SER B 187 -31.37 -21.14 -16.95
N PHE B 188 -30.63 -22.24 -16.86
CA PHE B 188 -29.40 -22.40 -17.59
C PHE B 188 -29.68 -22.60 -19.07
N LEU B 189 -30.74 -23.36 -19.37
CA LEU B 189 -31.14 -23.64 -20.74
C LEU B 189 -31.51 -22.34 -21.45
N SER B 190 -32.29 -21.51 -20.77
CA SER B 190 -32.70 -20.24 -21.33
C SER B 190 -31.50 -19.30 -21.46
N ALA B 191 -30.56 -19.46 -20.53
CA ALA B 191 -29.35 -18.64 -20.53
C ALA B 191 -28.48 -19.01 -21.72
N LEU B 192 -28.24 -20.30 -21.90
CA LEU B 192 -27.42 -20.78 -23.00
C LEU B 192 -28.04 -20.42 -24.35
N GLU B 193 -29.35 -20.61 -24.45
CA GLU B 193 -30.08 -20.31 -25.68
C GLU B 193 -30.01 -18.84 -26.05
N GLU B 194 -30.09 -17.96 -25.06
CA GLU B 194 -30.03 -16.53 -25.31
C GLU B 194 -28.60 -16.02 -25.42
N TYR B 195 -27.72 -16.53 -24.55
CA TYR B 195 -26.32 -16.11 -24.54
C TYR B 195 -25.62 -16.39 -25.87
N THR B 196 -25.84 -17.57 -26.41
CA THR B 196 -25.21 -17.94 -27.68
C THR B 196 -25.73 -17.08 -28.83
N LYS B 197 -27.02 -16.78 -28.78
CA LYS B 197 -27.67 -15.96 -29.81
C LYS B 197 -27.12 -14.54 -29.82
N LYS B 198 -26.83 -14.02 -28.63
CA LYS B 198 -26.30 -12.68 -28.49
C LYS B 198 -24.78 -12.64 -28.61
N LEU B 199 -24.18 -13.82 -28.72
CA LEU B 199 -22.73 -13.93 -28.85
C LEU B 199 -22.37 -14.32 -30.29
N ASN B 200 -23.39 -14.46 -31.11
CA ASN B 200 -23.20 -14.83 -32.50
C ASN B 200 -23.16 -13.59 -33.39
N MET C 3 -12.07 6.66 22.69
CA MET C 3 -10.72 7.13 23.08
C MET C 3 -10.53 8.61 22.75
N THR C 4 -10.33 8.93 21.48
CA THR C 4 -10.10 10.29 21.06
C THR C 4 -11.38 10.96 20.55
N GLU C 5 -11.28 12.24 20.22
CA GLU C 5 -12.40 13.01 19.69
C GLU C 5 -11.89 13.97 18.62
N TYR C 6 -12.68 14.17 17.57
CA TYR C 6 -12.29 15.06 16.48
C TYR C 6 -13.41 16.03 16.14
N LYS C 7 -13.05 17.30 15.99
CA LYS C 7 -14.02 18.34 15.65
C LYS C 7 -13.87 18.69 14.17
N LEU C 8 -14.96 18.51 13.42
CA LEU C 8 -14.94 18.78 11.99
C LEU C 8 -16.01 19.80 11.60
N VAL C 9 -15.67 20.70 10.70
CA VAL C 9 -16.60 21.72 10.23
C VAL C 9 -16.88 21.52 8.75
N VAL C 10 -18.15 21.31 8.42
CA VAL C 10 -18.54 21.10 7.02
C VAL C 10 -19.05 22.39 6.41
N VAL C 11 -18.38 22.85 5.36
CA VAL C 11 -18.76 24.07 4.67
C VAL C 11 -19.09 23.79 3.22
N GLY C 12 -19.68 24.78 2.55
CA GLY C 12 -20.04 24.63 1.16
C GLY C 12 -21.17 25.56 0.78
N ALA C 13 -21.66 25.44 -0.44
CA ALA C 13 -22.74 26.28 -0.92
C ALA C 13 -24.10 25.68 -0.57
N GLY C 14 -25.16 26.42 -0.84
CA GLY C 14 -26.49 25.94 -0.57
C GLY C 14 -26.95 24.93 -1.59
N GLY C 15 -27.33 23.75 -1.14
CA GLY C 15 -27.79 22.71 -2.04
C GLY C 15 -26.80 21.58 -2.20
N VAL C 16 -25.58 21.77 -1.69
CA VAL C 16 -24.54 20.74 -1.80
C VAL C 16 -24.81 19.58 -0.84
N GLY C 17 -25.61 19.83 0.18
CA GLY C 17 -25.94 18.79 1.14
C GLY C 17 -25.26 18.97 2.49
N LYS C 18 -25.01 20.23 2.86
CA LYS C 18 -24.37 20.54 4.15
C LYS C 18 -25.17 19.96 5.31
N SER C 19 -26.47 20.23 5.31
CA SER C 19 -27.34 19.73 6.36
C SER C 19 -27.96 18.39 5.91
N ALA C 20 -27.18 17.60 5.17
CA ALA C 20 -27.67 16.31 4.68
C ALA C 20 -26.63 15.21 4.87
N LEU C 21 -25.40 15.46 4.40
CA LEU C 21 -24.30 14.50 4.52
C LEU C 21 -24.09 14.12 5.99
N THR C 22 -24.26 15.10 6.87
CA THR C 22 -24.08 14.91 8.28
C THR C 22 -25.14 13.94 8.83
N ILE C 23 -26.38 14.13 8.40
CA ILE C 23 -27.49 13.31 8.84
C ILE C 23 -27.36 11.87 8.33
N GLN C 24 -26.81 11.74 7.12
CA GLN C 24 -26.61 10.42 6.53
C GLN C 24 -25.58 9.62 7.32
N LEU C 25 -24.61 10.31 7.90
CA LEU C 25 -23.58 9.67 8.68
C LEU C 25 -24.02 9.45 10.13
N ILE C 26 -24.53 10.50 10.75
CA ILE C 26 -24.97 10.42 12.15
C ILE C 26 -26.26 9.63 12.34
N GLN C 27 -27.29 9.99 11.58
CA GLN C 27 -28.58 9.33 11.72
C GLN C 27 -28.78 8.17 10.74
N ASN C 28 -27.84 8.01 9.82
CA ASN C 28 -27.87 6.91 8.83
C ASN C 28 -29.06 7.00 7.87
N HIS C 29 -29.41 8.22 7.46
CA HIS C 29 -30.51 8.41 6.52
C HIS C 29 -30.42 9.74 5.79
N PHE C 30 -30.61 9.70 4.48
CA PHE C 30 -30.54 10.90 3.66
C PHE C 30 -31.88 11.61 3.67
N VAL C 31 -31.86 12.85 4.13
CA VAL C 31 -33.07 13.66 4.20
C VAL C 31 -33.41 14.23 2.82
N ASP C 32 -34.58 13.86 2.30
CA ASP C 32 -35.02 14.36 1.01
C ASP C 32 -35.39 15.83 1.12
N GLU C 33 -35.86 16.20 2.29
CA GLU C 33 -36.25 17.57 2.56
C GLU C 33 -35.68 18.03 3.89
N TYR C 34 -35.00 19.17 3.88
CA TYR C 34 -34.41 19.73 5.08
C TYR C 34 -34.07 21.19 4.83
N ASP C 35 -34.31 22.02 5.84
CA ASP C 35 -34.02 23.44 5.73
C ASP C 35 -32.51 23.67 5.65
N PRO C 36 -32.03 24.26 4.54
CA PRO C 36 -30.60 24.51 4.33
C PRO C 36 -30.02 25.50 5.35
N THR C 37 -30.87 26.37 5.87
CA THR C 37 -30.45 27.37 6.83
C THR C 37 -30.24 26.78 8.23
N ILE C 38 -30.48 25.47 8.38
CA ILE C 38 -30.27 24.82 9.66
C ILE C 38 -28.78 24.57 9.92
N GLU C 39 -28.29 25.23 10.96
CA GLU C 39 -26.90 25.14 11.37
C GLU C 39 -26.80 24.62 12.80
N ASP C 40 -26.18 23.47 12.97
CA ASP C 40 -26.01 22.87 14.28
C ASP C 40 -24.88 21.84 14.25
N SER C 41 -24.63 21.18 15.37
CA SER C 41 -23.57 20.20 15.44
C SER C 41 -24.10 18.83 15.83
N TYR C 42 -23.42 17.79 15.37
CA TYR C 42 -23.82 16.41 15.65
C TYR C 42 -22.61 15.65 16.20
N ARG C 43 -22.84 14.89 17.27
CA ARG C 43 -21.76 14.12 17.89
C ARG C 43 -22.08 12.62 17.91
N LYS C 44 -21.10 11.83 17.49
CA LYS C 44 -21.25 10.37 17.45
C LYS C 44 -19.88 9.70 17.40
N GLN C 45 -19.70 8.64 18.19
CA GLN C 45 -18.44 7.92 18.22
C GLN C 45 -18.48 6.74 17.26
N VAL C 46 -17.49 6.67 16.37
CA VAL C 46 -17.42 5.61 15.39
C VAL C 46 -16.08 4.88 15.44
N VAL C 47 -15.94 3.86 14.62
CA VAL C 47 -14.72 3.08 14.57
C VAL C 47 -13.90 3.45 13.33
N ILE C 48 -13.09 4.49 13.45
CA ILE C 48 -12.28 4.94 12.34
C ILE C 48 -10.94 4.22 12.32
N ASP C 49 -10.87 3.17 11.49
CA ASP C 49 -9.67 2.36 11.34
C ASP C 49 -9.31 1.65 12.64
N GLY C 50 -10.33 1.32 13.43
CA GLY C 50 -10.11 0.65 14.70
C GLY C 50 -10.24 1.59 15.88
N GLU C 51 -9.50 2.70 15.81
CA GLU C 51 -9.51 3.69 16.88
C GLU C 51 -10.91 4.28 17.06
N THR C 52 -11.53 3.95 18.19
CA THR C 52 -12.85 4.46 18.51
C THR C 52 -12.76 5.92 18.92
N CYS C 53 -13.27 6.79 18.07
CA CYS C 53 -13.20 8.23 18.33
C CYS C 53 -14.56 8.89 18.14
N LEU C 54 -14.79 9.94 18.92
CA LEU C 54 -16.03 10.69 18.85
C LEU C 54 -15.91 11.81 17.82
N LEU C 55 -16.89 11.90 16.93
CA LEU C 55 -16.88 12.93 15.91
C LEU C 55 -17.83 14.07 16.27
N ASP C 56 -17.26 15.26 16.39
CA ASP C 56 -18.02 16.47 16.70
C ASP C 56 -18.04 17.32 15.43
N ILE C 57 -19.02 17.03 14.57
CA ILE C 57 -19.14 17.70 13.29
C ILE C 57 -20.17 18.82 13.32
N LEU C 58 -19.82 19.94 12.71
CA LEU C 58 -20.72 21.10 12.65
C LEU C 58 -21.26 21.29 11.23
N ASP C 59 -22.57 21.41 11.14
CA ASP C 59 -23.24 21.65 9.86
C ASP C 59 -23.52 23.13 9.72
N THR C 60 -22.80 23.78 8.82
CA THR C 60 -22.97 25.21 8.61
C THR C 60 -24.13 25.53 7.68
N ALA C 61 -24.70 26.70 7.84
CA ALA C 61 -25.79 27.15 7.01
C ALA C 61 -25.33 28.32 6.16
N GLY C 62 -24.91 29.38 6.83
CA GLY C 62 -24.44 30.56 6.13
C GLY C 62 -25.34 31.76 6.34
N GLN C 63 -25.98 31.83 7.50
CA GLN C 63 -26.86 32.94 7.82
C GLN C 63 -26.14 34.00 8.65
N GLU C 64 -26.81 35.13 8.86
CA GLU C 64 -26.23 36.22 9.64
C GLU C 64 -26.50 36.06 11.12
N GLU C 65 -27.23 35.02 11.47
CA GLU C 65 -27.53 34.74 12.86
C GLU C 65 -26.24 34.48 13.63
N TYR C 66 -25.98 35.28 14.64
CA TYR C 66 -24.76 35.15 15.42
C TYR C 66 -24.86 33.95 16.37
N SER C 67 -24.07 32.94 16.08
CA SER C 67 -24.05 31.73 16.90
C SER C 67 -22.66 31.57 17.54
N ALA C 68 -22.64 31.49 18.87
CA ALA C 68 -21.39 31.32 19.59
C ALA C 68 -20.79 29.96 19.25
N MET C 69 -21.66 28.98 19.01
CA MET C 69 -21.25 27.63 18.66
C MET C 69 -20.43 27.65 17.37
N ARG C 70 -20.91 28.43 16.39
CA ARG C 70 -20.23 28.52 15.10
C ARG C 70 -18.82 29.10 15.25
N ASP C 71 -18.72 30.23 15.95
CA ASP C 71 -17.44 30.89 16.17
C ASP C 71 -16.49 30.00 16.94
N GLN C 72 -17.03 29.29 17.93
CA GLN C 72 -16.24 28.39 18.76
C GLN C 72 -15.66 27.26 17.91
N TYR C 73 -16.50 26.65 17.09
CA TYR C 73 -16.09 25.53 16.24
C TYR C 73 -15.07 25.95 15.19
N MET C 74 -15.22 27.14 14.66
CA MET C 74 -14.30 27.65 13.63
C MET C 74 -12.88 27.82 14.20
N ARG C 75 -12.82 28.15 15.48
CA ARG C 75 -11.55 28.37 16.14
C ARG C 75 -10.96 27.09 16.72
N THR C 76 -11.79 26.28 17.36
CA THR C 76 -11.33 25.04 17.99
C THR C 76 -11.26 23.86 17.02
N GLY C 77 -11.95 23.96 15.89
CA GLY C 77 -11.93 22.88 14.92
C GLY C 77 -10.66 22.86 14.10
N GLU C 78 -10.07 21.68 13.92
CA GLU C 78 -8.84 21.54 13.14
C GLU C 78 -9.13 20.97 11.76
N GLY C 79 -10.16 20.13 11.68
CA GLY C 79 -10.51 19.52 10.41
C GLY C 79 -11.67 20.21 9.73
N PHE C 80 -11.40 20.73 8.53
CA PHE C 80 -12.43 21.43 7.78
C PHE C 80 -12.74 20.67 6.49
N LEU C 81 -14.01 20.57 6.15
CA LEU C 81 -14.43 19.86 4.95
C LEU C 81 -15.17 20.79 4.00
N CYS C 82 -14.65 20.93 2.79
CA CYS C 82 -15.27 21.77 1.77
C CYS C 82 -16.03 20.90 0.79
N VAL C 83 -17.35 20.96 0.85
CA VAL C 83 -18.20 20.15 -0.03
C VAL C 83 -18.82 20.99 -1.14
N PHE C 84 -18.67 20.50 -2.36
CA PHE C 84 -19.24 21.14 -3.53
C PHE C 84 -20.02 20.14 -4.36
N ALA C 85 -20.84 20.62 -5.27
CA ALA C 85 -21.63 19.75 -6.12
C ALA C 85 -21.00 19.66 -7.51
N ILE C 86 -20.73 18.44 -7.95
CA ILE C 86 -20.10 18.22 -9.24
C ILE C 86 -21.06 18.52 -10.40
N ASN C 87 -22.34 18.65 -10.09
CA ASN C 87 -23.33 18.94 -11.11
C ASN C 87 -23.62 20.43 -11.17
N ASN C 88 -22.84 21.21 -10.44
CA ASN C 88 -23.00 22.66 -10.41
C ASN C 88 -21.63 23.33 -10.30
N THR C 89 -21.17 23.90 -11.40
CA THR C 89 -19.87 24.55 -11.46
C THR C 89 -19.76 25.72 -10.48
N LYS C 90 -20.90 26.34 -10.17
CA LYS C 90 -20.91 27.49 -9.24
C LYS C 90 -20.36 27.11 -7.87
N SER C 91 -20.66 25.90 -7.42
CA SER C 91 -20.20 25.43 -6.12
C SER C 91 -18.69 25.24 -6.10
N PHE C 92 -18.13 24.81 -7.23
CA PHE C 92 -16.69 24.57 -7.34
C PHE C 92 -15.92 25.89 -7.29
N GLU C 93 -16.52 26.95 -7.80
CA GLU C 93 -15.88 28.25 -7.82
C GLU C 93 -15.86 28.91 -6.44
N ASP C 94 -16.75 28.45 -5.57
CA ASP C 94 -16.82 29.02 -4.22
C ASP C 94 -15.87 28.30 -3.27
N ILE C 95 -15.24 27.23 -3.75
CA ILE C 95 -14.31 26.45 -2.94
C ILE C 95 -13.14 27.31 -2.46
N HIS C 96 -12.49 28.00 -3.39
CA HIS C 96 -11.36 28.85 -3.04
C HIS C 96 -11.81 29.99 -2.13
N HIS C 97 -13.07 30.40 -2.32
CA HIS C 97 -13.65 31.48 -1.52
C HIS C 97 -13.70 31.07 -0.04
N TYR C 98 -14.13 29.84 0.22
CA TYR C 98 -14.20 29.33 1.59
C TYR C 98 -12.81 29.02 2.13
N ARG C 99 -11.95 28.51 1.25
CA ARG C 99 -10.58 28.16 1.61
C ARG C 99 -9.82 29.33 2.22
N GLU C 100 -9.88 30.49 1.57
CA GLU C 100 -9.19 31.67 2.06
C GLU C 100 -9.73 32.17 3.39
N GLN C 101 -11.02 31.99 3.61
CA GLN C 101 -11.64 32.43 4.86
C GLN C 101 -11.13 31.60 6.03
N ILE C 102 -11.24 30.28 5.91
CA ILE C 102 -10.78 29.37 6.95
C ILE C 102 -9.28 29.51 7.20
N LYS C 103 -8.53 29.69 6.12
CA LYS C 103 -7.07 29.85 6.22
C LYS C 103 -6.73 31.06 7.07
N ARG C 104 -7.51 32.13 6.92
CA ARG C 104 -7.28 33.35 7.68
C ARG C 104 -7.75 33.23 9.12
N VAL C 105 -8.77 32.41 9.36
CA VAL C 105 -9.30 32.21 10.70
C VAL C 105 -8.28 31.43 11.53
N LYS C 106 -7.62 30.47 10.90
CA LYS C 106 -6.62 29.66 11.56
C LYS C 106 -5.25 30.33 11.56
N ASP C 107 -5.07 31.27 10.64
CA ASP C 107 -3.81 32.02 10.50
C ASP C 107 -2.67 31.10 10.09
N SER C 108 -2.95 30.20 9.17
CA SER C 108 -1.96 29.25 8.69
C SER C 108 -2.51 28.53 7.46
N GLU C 109 -1.60 28.17 6.55
CA GLU C 109 -1.99 27.47 5.34
C GLU C 109 -2.07 25.96 5.60
N ASP C 110 -1.27 25.52 6.57
CA ASP C 110 -1.23 24.11 6.94
C ASP C 110 -2.41 23.76 7.84
N VAL C 111 -3.57 23.58 7.22
CA VAL C 111 -4.79 23.24 7.94
C VAL C 111 -5.45 22.03 7.29
N PRO C 112 -5.75 20.98 8.08
CA PRO C 112 -6.39 19.76 7.59
C PRO C 112 -7.72 20.03 6.90
N MET C 113 -7.71 19.94 5.59
CA MET C 113 -8.89 20.18 4.78
C MET C 113 -8.90 19.26 3.58
N VAL C 114 -10.03 18.63 3.33
CA VAL C 114 -10.18 17.72 2.21
C VAL C 114 -11.27 18.23 1.27
N LEU C 115 -11.06 18.05 -0.04
CA LEU C 115 -12.02 18.48 -1.04
C LEU C 115 -13.02 17.36 -1.31
N VAL C 116 -14.29 17.63 -1.04
CA VAL C 116 -15.33 16.63 -1.23
C VAL C 116 -16.37 17.09 -2.24
N GLY C 117 -16.59 16.26 -3.25
CA GLY C 117 -17.57 16.56 -4.27
C GLY C 117 -18.78 15.67 -4.15
N ASN C 118 -19.90 16.22 -3.74
CA ASN C 118 -21.12 15.45 -3.56
C ASN C 118 -21.89 15.33 -4.88
N LYS C 119 -22.81 14.36 -4.91
CA LYS C 119 -23.65 14.09 -6.08
C LYS C 119 -22.86 13.36 -7.17
N CYS C 120 -21.87 12.58 -6.76
CA CYS C 120 -21.03 11.83 -7.70
C CYS C 120 -21.82 10.78 -8.45
N ASP C 121 -22.95 10.37 -7.90
CA ASP C 121 -23.79 9.37 -8.52
C ASP C 121 -24.58 9.93 -9.69
N LEU C 122 -24.63 11.25 -9.80
CA LEU C 122 -25.35 11.90 -10.88
C LEU C 122 -24.51 11.90 -12.16
N PRO C 123 -25.06 11.33 -13.24
CA PRO C 123 -24.34 11.26 -14.53
C PRO C 123 -24.12 12.64 -15.16
N SER C 124 -25.06 13.54 -14.92
CA SER C 124 -24.97 14.89 -15.46
C SER C 124 -24.07 15.77 -14.58
N ARG C 125 -22.76 15.60 -14.76
CA ARG C 125 -21.80 16.37 -13.99
C ARG C 125 -21.07 17.37 -14.90
N THR C 126 -20.93 18.59 -14.42
CA THR C 126 -20.24 19.63 -15.17
C THR C 126 -18.80 19.76 -14.72
N VAL C 127 -18.51 19.26 -13.53
CA VAL C 127 -17.17 19.30 -12.98
C VAL C 127 -16.53 17.92 -13.11
N ASP C 128 -15.49 17.84 -13.92
CA ASP C 128 -14.80 16.57 -14.13
C ASP C 128 -13.81 16.31 -13.00
N THR C 129 -13.67 15.04 -12.64
CA THR C 129 -12.77 14.62 -11.58
C THR C 129 -11.33 15.04 -11.86
N LYS C 130 -10.92 14.97 -13.11
CA LYS C 130 -9.55 15.33 -13.48
C LYS C 130 -9.27 16.81 -13.27
N GLN C 131 -10.31 17.62 -13.29
CA GLN C 131 -10.15 19.07 -13.10
C GLN C 131 -10.01 19.39 -11.61
N ALA C 132 -10.87 18.77 -10.81
CA ALA C 132 -10.85 18.99 -9.37
C ALA C 132 -9.64 18.34 -8.72
N GLN C 133 -9.33 17.13 -9.15
CA GLN C 133 -8.19 16.38 -8.62
C GLN C 133 -6.89 17.12 -8.93
N ASP C 134 -6.80 17.66 -10.14
CA ASP C 134 -5.63 18.40 -10.58
C ASP C 134 -5.38 19.61 -9.68
N LEU C 135 -6.46 20.29 -9.32
CA LEU C 135 -6.36 21.47 -8.45
C LEU C 135 -6.06 21.06 -7.00
N ALA C 136 -6.73 20.02 -6.54
CA ALA C 136 -6.53 19.52 -5.18
C ALA C 136 -5.09 19.08 -4.96
N ARG C 137 -4.55 18.35 -5.92
CA ARG C 137 -3.18 17.86 -5.85
C ARG C 137 -2.18 19.00 -5.84
N SER C 138 -2.59 20.15 -6.38
CA SER C 138 -1.72 21.32 -6.41
C SER C 138 -1.50 21.86 -5.00
N TYR C 139 -2.50 21.68 -4.15
CA TYR C 139 -2.42 22.13 -2.76
C TYR C 139 -1.84 21.03 -1.89
N GLY C 140 -1.82 19.82 -2.44
CA GLY C 140 -1.32 18.68 -1.69
C GLY C 140 -2.40 18.09 -0.81
N ILE C 141 -3.65 18.24 -1.24
CA ILE C 141 -4.78 17.72 -0.48
C ILE C 141 -5.55 16.69 -1.32
N PRO C 142 -6.13 15.68 -0.65
CA PRO C 142 -6.90 14.64 -1.32
C PRO C 142 -8.29 15.09 -1.74
N PHE C 143 -8.77 14.51 -2.84
CA PHE C 143 -10.09 14.82 -3.37
C PHE C 143 -10.95 13.55 -3.36
N ILE C 144 -12.12 13.62 -2.73
CA ILE C 144 -13.01 12.47 -2.64
C ILE C 144 -14.41 12.80 -3.16
N GLU C 145 -14.93 11.96 -4.06
CA GLU C 145 -16.27 12.13 -4.59
C GLU C 145 -17.25 11.40 -3.68
N THR C 146 -18.38 12.03 -3.37
CA THR C 146 -19.35 11.43 -2.48
C THR C 146 -20.78 11.55 -2.99
N SER C 147 -21.65 10.72 -2.46
CA SER C 147 -23.05 10.73 -2.81
C SER C 147 -23.88 10.52 -1.56
N ALA C 148 -24.46 11.60 -1.04
CA ALA C 148 -25.30 11.52 0.16
C ALA C 148 -26.53 10.66 -0.08
N LYS C 149 -26.89 10.48 -1.35
CA LYS C 149 -28.04 9.69 -1.74
C LYS C 149 -27.79 8.19 -1.52
N THR C 150 -26.83 7.64 -2.24
CA THR C 150 -26.50 6.23 -2.13
C THR C 150 -25.54 5.96 -0.97
N ARG C 151 -25.13 7.04 -0.30
CA ARG C 151 -24.20 6.97 0.83
C ARG C 151 -22.80 6.52 0.37
N GLN C 152 -22.52 6.70 -0.90
CA GLN C 152 -21.24 6.32 -1.46
C GLN C 152 -20.18 7.37 -1.14
N GLY C 153 -19.18 6.96 -0.38
CA GLY C 153 -18.09 7.86 -0.02
C GLY C 153 -18.41 8.76 1.16
N VAL C 154 -19.66 8.75 1.61
CA VAL C 154 -20.08 9.60 2.72
C VAL C 154 -19.30 9.32 4.00
N ASP C 155 -19.21 8.05 4.36
CA ASP C 155 -18.50 7.66 5.56
C ASP C 155 -17.01 7.97 5.45
N ASP C 156 -16.41 7.57 4.34
CA ASP C 156 -14.98 7.80 4.12
C ASP C 156 -14.62 9.28 4.05
N ALA C 157 -15.54 10.11 3.57
CA ALA C 157 -15.30 11.54 3.47
C ALA C 157 -14.86 12.11 4.82
N PHE C 158 -15.49 11.65 5.88
CA PHE C 158 -15.15 12.09 7.22
C PHE C 158 -14.00 11.26 7.78
N TYR C 159 -14.00 9.97 7.46
CA TYR C 159 -12.96 9.05 7.93
C TYR C 159 -11.58 9.47 7.43
N THR C 160 -11.48 9.67 6.12
CA THR C 160 -10.21 10.07 5.50
C THR C 160 -9.75 11.42 6.05
N LEU C 161 -10.69 12.34 6.29
CA LEU C 161 -10.34 13.64 6.84
C LEU C 161 -9.65 13.46 8.19
N VAL C 162 -10.20 12.56 8.99
CA VAL C 162 -9.63 12.25 10.30
C VAL C 162 -8.26 11.61 10.14
N ARG C 163 -8.11 10.78 9.12
CA ARG C 163 -6.85 10.11 8.84
C ARG C 163 -5.75 11.12 8.54
N GLU C 164 -6.12 12.19 7.86
CA GLU C 164 -5.17 13.23 7.52
C GLU C 164 -4.81 14.05 8.75
N ILE C 165 -5.78 14.21 9.65
CA ILE C 165 -5.56 14.94 10.90
C ILE C 165 -4.57 14.15 11.76
N ARG C 166 -4.74 12.84 11.78
CA ARG C 166 -3.88 11.95 12.53
C ARG C 166 -2.44 12.09 12.04
N LYS C 167 -2.27 12.03 10.72
CA LYS C 167 -0.95 12.16 10.11
C LYS C 167 -0.40 13.57 10.33
N HIS C 168 -1.29 14.54 10.38
CA HIS C 168 -0.90 15.93 10.60
C HIS C 168 -0.17 16.09 11.92
N LYS C 169 -0.69 15.43 12.95
CA LYS C 169 -0.09 15.49 14.27
C LYS C 169 1.19 14.67 14.34
N GLU C 170 1.18 13.49 13.71
CA GLU C 170 2.34 12.63 13.71
C GLU C 170 3.48 13.28 12.95
N LYS C 171 3.17 13.80 11.76
CA LYS C 171 4.16 14.47 10.92
C LYS C 171 4.72 15.71 11.60
N MET C 172 3.84 16.48 12.25
CA MET C 172 4.25 17.70 12.94
C MET C 172 5.17 17.40 14.12
N SER C 173 5.19 16.15 14.56
CA SER C 173 6.03 15.75 15.67
C SER C 173 7.41 15.34 15.17
N LYS C 174 7.57 15.33 13.84
CA LYS C 174 8.83 14.95 13.22
C LYS C 174 9.36 16.06 12.30
N ASP C 175 8.43 16.80 11.69
CA ASP C 175 8.80 17.88 10.77
C ASP C 175 9.67 18.92 11.45
N GLY C 176 10.77 19.21 10.80
CA GLY C 176 11.73 20.16 11.30
C GLY C 176 13.10 19.83 10.78
N LYS C 177 13.25 19.97 9.47
CA LYS C 177 14.49 19.65 8.77
C LYS C 177 15.60 20.67 9.06
N LYS C 178 16.04 20.68 10.31
CA LYS C 178 17.10 21.57 10.73
C LYS C 178 18.45 20.91 10.48
N LYS C 179 19.04 21.20 9.34
CA LYS C 179 20.32 20.61 8.97
C LYS C 179 21.49 21.27 9.70
N LYS C 180 21.17 22.23 10.57
CA LYS C 180 22.18 22.93 11.34
C LYS C 180 21.72 23.07 12.78
N LYS C 181 21.86 22.00 13.56
CA LYS C 181 21.46 22.02 14.97
C LYS C 181 22.63 21.86 15.92
N LYS C 182 23.84 21.80 15.36
CA LYS C 182 25.08 21.65 16.15
C LYS C 182 25.24 20.29 16.81
N SER C 183 24.34 19.96 17.74
CA SER C 183 24.41 18.69 18.47
C SER C 183 24.41 17.49 17.53
N LYS C 184 25.18 16.48 17.90
CA LYS C 184 25.29 15.26 17.10
C LYS C 184 24.09 14.36 17.34
N THR C 185 23.46 14.51 18.49
CA THR C 185 22.30 13.70 18.83
C THR C 185 21.04 14.24 18.15
N LYS C 186 20.95 14.01 16.85
CA LYS C 186 19.81 14.45 16.06
C LYS C 186 18.59 13.58 16.34
N CYS C 187 18.86 12.39 16.85
CA CYS C 187 17.80 11.44 17.18
C CYS C 187 18.19 10.62 18.41
C1 PCW D . -3.43 9.16 -3.90
C2 PCW D . -2.92 8.15 -5.00
C3 PCW D . -3.19 8.72 -6.42
C4 PCW D . -3.97 8.52 -0.31
C5 PCW D . -4.41 9.06 1.05
C6 PCW D . -6.92 9.18 0.64
C7 PCW D . -6.04 8.91 2.91
C8 PCW D . -5.82 10.35 1.77
C11 PCW D . -3.64 7.02 -8.06
C12 PCW D . -2.95 6.12 -9.04
C13 PCW D . -2.51 4.81 -8.28
C14 PCW D . -1.77 3.78 -9.14
C15 PCW D . -2.60 3.17 -10.31
C16 PCW D . -1.71 3.03 -11.59
C17 PCW D . -1.81 4.18 -12.65
C18 PCW D . -0.53 4.35 -13.48
C19 PCW D . -0.24 3.14 -14.39
C20 PCW D . 0.00 3.28 -15.75
C21 PCW D . 0.05 4.46 -16.64
C22 PCW D . 0.23 3.92 -18.09
C23 PCW D . 1.68 3.78 -18.63
C24 PCW D . 1.97 2.61 -19.51
C25 PCW D . 3.43 2.24 -19.90
C26 PCW D . 3.74 0.76 -20.03
C27 PCW D . 3.35 0.05 -21.35
C28 PCW D . 3.26 -1.44 -21.13
C31 PCW D . -1.07 6.68 -4.81
C32 PCW D . 0.46 6.64 -4.68
C33 PCW D . 1.02 5.96 -3.34
C34 PCW D . 0.67 4.47 -3.22
C35 PCW D . 1.54 3.73 -4.32
C36 PCW D . 0.72 2.69 -5.13
C37 PCW D . 1.51 1.93 -6.23
C38 PCW D . 1.54 0.46 -5.96
C39 PCW D . 2.30 -0.31 -7.01
C40 PCW D . 3.56 -0.74 -6.95
C41 PCW D . 4.48 -0.53 -5.75
C42 PCW D . 5.94 -1.01 -6.16
C43 PCW D . 7.07 -0.81 -5.17
C44 PCW D . 8.33 -1.36 -5.81
C45 PCW D . 8.71 -2.77 -5.41
C46 PCW D . 8.91 -3.70 -6.57
C47 PCW D . 9.51 -5.05 -6.26
C48 PCW D . 9.65 -5.88 -7.54
N PCW D . -5.75 8.88 1.49
O2 PCW D . -1.44 7.95 -4.87
O3 PCW D . -2.72 7.79 -7.42
O11 PCW D . -4.83 7.06 -7.88
O31 PCW D . -1.83 5.67 -4.86
O1P PCW D . -1.69 7.79 -1.94
O2P PCW D . -0.80 9.99 -1.17
O3P PCW D . -2.38 9.86 -3.21
O4P PCW D . -3.15 9.55 -0.91
P PCW D . -1.94 9.26 -1.77
C1 PCW E . 4.76 20.21 -15.00
C2 PCW E . 5.08 19.38 -16.31
C3 PCW E . 6.37 19.97 -17.00
C4 PCW E . 4.15 21.89 -11.71
C5 PCW E . 3.34 22.51 -10.57
C6 PCW E . 1.99 21.47 -8.67
C7 PCW E . 4.36 21.99 -8.37
C8 PCW E . 2.97 23.17 -8.67
C11 PCW E . 7.96 19.03 -18.53
C12 PCW E . 8.04 18.23 -19.80
C13 PCW E . 7.59 19.17 -20.99
C14 PCW E . 7.60 18.51 -22.37
C15 PCW E . 6.20 18.21 -22.99
C16 PCW E . 6.30 17.05 -24.03
C17 PCW E . 6.50 15.60 -23.46
C18 PCW E . 7.12 14.63 -24.47
C19 PCW E . 8.60 14.95 -24.78
C20 PCW E . 9.43 14.08 -25.48
C21 PCW E . 9.20 12.75 -26.08
C22 PCW E . 10.50 11.93 -25.88
C23 PCW E . 10.37 10.39 -25.86
C24 PCW E . 11.58 9.61 -26.29
C25 PCW E . 11.73 9.10 -27.76
C26 PCW E . 12.99 8.31 -28.07
C27 PCW E . 14.26 9.11 -28.42
C28 PCW E . 14.95 8.47 -29.61
C31 PCW E . 4.51 17.09 -16.45
C32 PCW E . 4.95 15.69 -16.00
C33 PCW E . 6.14 15.04 -16.86
C34 PCW E . 5.66 14.06 -17.92
C35 PCW E . 6.74 14.10 -19.07
C36 PCW E . 7.00 12.71 -19.70
C37 PCW E . 8.06 12.68 -20.85
C38 PCW E . 8.81 11.38 -20.88
C39 PCW E . 9.84 11.33 -21.98
C40 PCW E . 10.79 10.41 -22.16
C41 PCW E . 10.98 9.22 -21.25
C42 PCW E . 10.48 7.91 -22.02
C43 PCW E . 9.96 6.75 -21.19
C44 PCW E . 9.56 5.64 -22.16
C45 PCW E . 10.09 4.27 -21.83
C46 PCW E . 11.10 3.77 -22.81
C47 PCW E . 12.56 4.00 -22.46
C48 PCW E . 13.49 3.44 -23.54
N PCW E . 3.26 21.85 -9.30
O2 PCW E . 5.38 17.97 -15.96
O3 PCW E . 6.66 19.21 -18.19
O11 PCW E . 8.91 19.45 -17.92
O31 PCW E . 3.50 17.34 -17.16
O1P PCW E . 5.08 22.99 -14.24
O2P PCW E . 2.65 23.42 -14.59
O3P PCW E . 3.65 21.12 -15.16
O4P PCW E . 3.28 21.88 -12.87
P PCW E . 3.68 22.43 -14.22
C1 PCW F . 29.23 7.30 29.96
C2 PCW F . 30.29 6.12 29.91
C3 PCW F . 30.71 5.71 31.36
C4 PCW F . 26.15 4.11 31.43
C5 PCW F . 26.98 3.07 32.18
C6 PCW F . 25.44 1.04 32.40
C7 PCW F . 27.81 0.75 31.88
C8 PCW F . 27.06 1.44 33.43
C11 PCW F . 31.26 3.41 31.70
C12 PCW F . 32.40 2.44 31.57
C13 PCW F . 32.65 1.77 32.97
C14 PCW F . 33.79 0.75 33.01
C15 PCW F . 33.59 -0.44 34.00
C16 PCW F . 34.80 -1.45 33.92
C17 PCW F . 34.49 -2.90 33.43
C18 PCW F . 35.70 -3.83 33.49
C19 PCW F . 35.75 -4.69 34.79
C20 PCW F . 36.77 -5.58 35.05
C21 PCW F . 38.00 -5.97 34.29
C22 PCW F . 37.54 -6.87 33.11
C23 PCW F . 36.77 -8.17 33.45
C24 PCW F . 37.30 -9.44 32.86
C25 PCW F . 36.77 -10.82 33.37
C26 PCW F . 36.80 -11.96 32.37
C27 PCW F . 35.45 -12.63 32.00
C28 PCW F . 35.60 -14.13 31.95
C31 PCW F . 29.75 4.91 27.94
C32 PCW F . 29.10 3.62 27.43
C33 PCW F . 29.73 2.26 27.99
C34 PCW F . 29.77 1.14 26.96
C35 PCW F . 31.29 0.72 26.86
C36 PCW F . 31.90 1.00 25.47
C37 PCW F . 33.40 0.61 25.29
C38 PCW F . 33.81 0.62 23.85
C39 PCW F . 35.26 0.25 23.65
C40 PCW F . 35.73 -0.80 22.98
C41 PCW F . 34.85 -1.81 22.27
C42 PCW F . 35.21 -3.25 22.86
C43 PCW F . 34.52 -4.47 22.26
C44 PCW F . 35.03 -5.69 23.01
C45 PCW F . 36.27 -6.32 22.44
C46 PCW F . 37.49 -6.15 23.31
C47 PCW F . 38.45 -7.32 23.33
C48 PCW F . 39.65 -7.03 24.25
N PCW F . 26.71 1.68 31.99
O2 PCW F . 29.69 4.92 29.28
O3 PCW F . 31.67 4.65 31.31
O11 PCW F . 30.16 3.13 32.10
O31 PCW F . 30.25 5.82 27.21
O1P PCW F . 25.58 6.85 30.66
O2P PCW F . 26.92 6.25 28.64
O3P PCW F . 28.09 7.03 30.82
O4P PCW F . 27.08 4.83 30.57
P PCW F . 26.85 6.26 30.12
C1 PCW G . -21.44 -1.08 10.16
C2 PCW G . -22.01 -1.80 8.86
C3 PCW G . -23.42 -1.21 8.50
C4 PCW G . -20.59 2.48 7.27
C5 PCW G . -21.36 2.34 5.95
C6 PCW G . -21.60 3.07 3.52
C7 PCW G . -19.38 2.71 4.48
C8 PCW G . -20.72 1.47 4.21
C11 PCW G . -24.04 -1.13 6.18
C12 PCW G . -24.64 -2.00 5.10
C13 PCW G . -23.62 -2.05 3.90
C14 PCW G . -24.08 -2.90 2.71
C15 PCW G . -23.72 -4.42 2.78
C16 PCW G . -23.21 -4.93 1.39
C17 PCW G . -23.35 -6.47 1.10
C18 PCW G . -24.02 -6.77 -0.24
C19 PCW G . -23.27 -7.85 -1.05
C20 PCW G . -23.36 -7.93 -2.43
C21 PCW G . -24.08 -7.12 -3.43
C22 PCW G . -23.14 -6.96 -4.66
C23 PCW G . -23.34 -7.93 -5.86
C24 PCW G . -24.01 -7.37 -7.07
C25 PCW G . -23.61 -7.85 -8.50
C26 PCW G . -24.75 -8.07 -9.48
C27 PCW G . -25.05 -6.94 -10.49
C28 PCW G . -25.67 -7.51 -11.74
C31 PCW G . -20.64 -2.65 7.13
C32 PCW G . -19.71 -2.21 5.97
C33 PCW G . -20.28 -2.45 4.50
C34 PCW G . -19.20 -2.38 3.42
C35 PCW G . -19.47 -3.62 2.48
C36 PCW G . -18.70 -4.89 2.95
C37 PCW G . -18.91 -6.16 2.06
C38 PCW G . -19.27 -7.35 2.88
C39 PCW G . -19.47 -8.58 2.05
C40 PCW G . -19.51 -9.84 2.47
C41 PCW G . -19.36 -10.25 3.93
C42 PCW G . -19.34 -11.85 3.99
C43 PCW G . -18.04 -12.55 4.30
C44 PCW G . -18.32 -14.05 4.30
C45 PCW G . -17.11 -14.94 4.20
C46 PCW G . -16.50 -14.98 2.82
C47 PCW G . -15.08 -15.49 2.72
C48 PCW G . -14.59 -15.48 1.27
N PCW G . -20.80 2.86 4.74
O2 PCW G . -21.10 -1.54 7.72
O3 PCW G . -23.93 -1.85 7.34
O11 PCW G . -23.74 0.03 6.05
O31 PCW G . -20.90 -3.84 7.45
O1P PCW G . -19.55 2.14 9.97
O2P PCW G . -18.94 -0.12 9.13
O3P PCW G . -21.32 0.35 10.04
O4P PCW G . -20.53 1.17 7.87
P PCW G . -20.00 0.90 9.28
C1 PCW H . 1.90 15.96 -13.32
C2 PCW H . 0.62 15.56 -14.18
C3 PCW H . 1.03 15.19 -15.64
C4 PCW H . -0.46 19.15 -14.05
C5 PCW H . -1.20 18.46 -15.20
C6 PCW H . -3.54 17.51 -15.54
C7 PCW H . -3.09 19.89 -15.88
C8 PCW H . -2.42 18.47 -16.84
C11 PCW H . -0.21 15.18 -17.70
C12 PCW H . -1.53 14.75 -18.27
C13 PCW H . -1.62 13.18 -18.20
C14 PCW H . -2.92 12.57 -18.74
C15 PCW H . -3.03 11.02 -18.65
C16 PCW H . -3.71 10.44 -19.95
C17 PCW H . -5.10 9.76 -19.78
C18 PCW H . -6.10 10.17 -20.86
C19 PCW H . -7.45 9.40 -20.76
C20 PCW H . -7.68 8.21 -21.45
C21 PCW H . -6.83 7.40 -22.35
C22 PCW H . -6.77 5.97 -21.75
C23 PCW H . -7.19 4.78 -22.67
C24 PCW H . -6.22 3.65 -22.79
C25 PCW H . -4.68 3.88 -22.73
C26 PCW H . -3.90 3.54 -23.98
C27 PCW H . -2.36 3.54 -23.89
C28 PCW H . -1.79 4.67 -24.71
C31 PCW H . -1.33 14.54 -13.32
C32 PCW H . -1.87 13.24 -12.71
C33 PCW H . -2.26 12.10 -13.78
C34 PCW H . -1.11 11.14 -14.09
C35 PCW H . -1.28 9.93 -13.09
C36 PCW H . -0.27 9.98 -11.92
C37 PCW H . -0.38 8.81 -10.89
C38 PCW H . 0.85 8.72 -10.04
C39 PCW H . 0.76 7.60 -9.03
C40 PCW H . 1.67 7.28 -8.10
C41 PCW H . 2.97 8.03 -7.89
C42 PCW H . 4.12 7.27 -8.70
C43 PCW H . 4.98 8.06 -9.66
C44 PCW H . 5.97 7.09 -10.29
C45 PCW H . 7.32 7.01 -9.60
C46 PCW H . 8.33 7.99 -10.13
C47 PCW H . 9.13 8.75 -9.10
C48 PCW H . 10.12 9.72 -9.76
N PCW H . -2.61 18.64 -15.38
O2 PCW H . -0.03 14.37 -13.58
O3 PCW H . -0.14 14.84 -16.38
O11 PCW H . 0.65 15.74 -18.31
O31 PCW H . -2.00 15.60 -13.53
O1P PCW H . 0.96 19.19 -11.50
O2P PCW H . 2.96 18.93 -12.95
O3P PCW H . 1.61 16.87 -12.24
O4P PCW H . 0.81 18.47 -13.91
P PCW H . 1.61 18.44 -12.62
C1 PCW I . -9.41 -3.40 14.32
C2 PCW I . -8.16 -4.28 13.92
C3 PCW I . -8.51 -5.80 13.97
C4 PCW I . -5.79 -0.74 16.81
C5 PCW I . -4.47 -0.40 16.11
C6 PCW I . -3.01 0.38 18.05
C7 PCW I . -2.04 -0.92 16.23
C8 PCW I . -2.80 0.77 16.15
C11 PCW I . -6.22 -6.46 14.35
C12 PCW I . -5.14 -7.35 13.78
C13 PCW I . -5.13 -8.68 14.61
C14 PCW I . -4.08 -9.71 14.16
C15 PCW I . -3.76 -10.84 15.18
C16 PCW I . -2.40 -11.53 14.83
C17 PCW I . -2.41 -13.09 14.63
C18 PCW I . -2.71 -13.87 15.90
C19 PCW I . -2.19 -15.32 15.85
C20 PCW I . -2.90 -16.40 16.36
C21 PCW I . -4.22 -16.49 17.04
C22 PCW I . -3.94 -16.98 18.49
C23 PCW I . -5.05 -16.73 19.54
C24 PCW I . -4.85 -17.34 20.88
C25 PCW I . -6.06 -17.60 21.84
C26 PCW I . -5.97 -16.95 23.21
C27 PCW I . -7.25 -16.30 23.77
C28 PCW I . -7.07 -16.00 25.23
C31 PCW I . -6.69 -3.13 12.47
C32 PCW I . -6.35 -2.88 11.00
C33 PCW I . -7.55 -2.33 10.10
C34 PCW I . -7.33 -2.55 8.60
C35 PCW I . -7.71 -4.06 8.33
C36 PCW I . -6.71 -4.77 7.40
C37 PCW I . -7.03 -6.27 7.10
C38 PCW I . -7.24 -6.52 5.64
C39 PCW I . -7.55 -7.96 5.32
C40 PCW I . -7.17 -8.65 4.26
C41 PCW I . -6.33 -8.08 3.13
C42 PCW I . -5.00 -8.95 3.01
C43 PCW I . -4.36 -9.12 1.65
C44 PCW I . -3.13 -9.99 1.84
C45 PCW I . -3.23 -11.38 1.28
C46 PCW I . -2.11 -11.73 0.33
C47 PCW I . -1.07 -12.69 0.84
C48 PCW I . 0.01 -12.96 -0.23
N PCW I . -3.25 -0.46 16.86
O2 PCW I . -7.73 -3.95 12.54
O3 PCW I . -7.34 -6.57 13.59
O11 PCW I . -6.09 -5.76 15.32
O31 PCW I . -6.08 -2.64 13.47
O1P PCW I . -7.95 -2.98 17.22
O2P PCW I . -8.41 -1.06 16.68
O3P PCW I . -9.06 -2.14 14.96
O4P PCW I . -6.74 -1.11 15.76
P PCW I . -7.79 -2.19 15.94
C1 PCW J . -14.68 0.58 3.87
C2 PCW J . -14.44 -0.97 3.98
C3 PCW J . -15.74 -1.67 4.50
C4 PCW J . -10.63 1.08 6.19
C5 PCW J . -9.74 0.76 4.99
C6 PCW J . -7.66 0.25 6.12
C7 PCW J . -8.04 2.42 5.30
C8 PCW J . -7.59 0.78 3.78
C11 PCW J . -15.98 -3.73 5.72
C12 PCW J . -15.66 -5.20 5.62
C13 PCW J . -16.91 -6.01 6.11
C14 PCW J . -16.77 -7.54 6.09
C15 PCW J . -15.37 -8.11 5.72
C16 PCW J . -15.43 -9.03 4.46
C17 PCW J . -14.37 -8.79 3.33
C18 PCW J . -14.90 -8.01 2.13
C19 PCW J . -14.19 -8.38 0.82
C20 PCW J . -14.71 -9.30 -0.08
C21 PCW J . -15.95 -10.11 -0.08
C22 PCW J . -15.52 -11.61 -0.16
C23 PCW J . -16.39 -12.55 -1.04
C24 PCW J . -15.67 -13.34 -2.11
C25 PCW J . -16.39 -14.48 -2.87
C26 PCW J . -16.17 -15.89 -2.36
C27 PCW J . -17.39 -16.84 -2.31
C28 PCW J . -17.77 -17.12 -0.87
C31 PCW J . -12.91 -2.04 2.51
C32 PCW J . -12.76 -2.58 1.08
C33 PCW J . -12.31 -4.12 0.96
C34 PCW J . -11.15 -4.34 0.00
C35 PCW J . -11.01 -5.92 -0.15
C36 PCW J . -9.95 -6.50 0.82
C37 PCW J . -9.75 -8.04 0.74
C38 PCW J . -8.71 -8.41 -0.24
C39 PCW J . -8.49 -9.91 -0.33
C40 PCW J . -8.75 -10.69 -1.38
C41 PCW J . -9.33 -10.19 -2.69
C42 PCW J . -9.24 -11.38 -3.76
C43 PCW J . -8.38 -11.18 -4.99
C44 PCW J . -8.48 -12.47 -5.80
C45 PCW J . -8.22 -12.30 -7.28
C46 PCW J . -8.14 -13.61 -8.02
C47 PCW J . -7.73 -13.54 -9.47
C48 PCW J . -7.68 -14.93 -10.11
N PCW J . -8.33 1.03 5.05
O2 PCW J . -14.14 -1.54 2.64
O3 PCW J . -15.53 -3.09 4.61
O11 PCW J . -16.54 -3.20 6.63
O31 PCW J . -12.03 -2.06 3.41
O1P PCW J . -12.71 3.05 5.84
O2P PCW J . -14.20 1.19 6.59
O3P PCW J . -13.50 1.38 4.11
O4P PCW J . -11.97 0.65 5.87
P PCW J . -13.12 1.62 5.66
C1 PCW K . 31.13 19.40 3.39
C2 PCW K . 31.70 18.73 2.06
C3 PCW K . 33.20 19.14 1.87
C4 PCW K . 26.81 18.06 5.21
C5 PCW K . 25.60 18.96 5.44
C6 PCW K . 25.14 18.35 7.73
C7 PCW K . 23.92 17.34 6.01
C8 PCW K . 23.44 19.52 6.51
C11 PCW K . 34.83 17.77 0.76
C12 PCW K . 35.16 17.21 -0.59
C13 PCW K . 36.55 17.81 -1.04
C14 PCW K . 37.04 17.33 -2.42
C15 PCW K . 38.19 16.29 -2.40
C16 PCW K . 39.25 16.60 -3.52
C17 PCW K . 39.75 15.39 -4.39
C18 PCW K . 41.28 15.28 -4.45
C19 PCW K . 41.77 14.35 -5.58
C20 PCW K . 42.21 13.06 -5.34
C21 PCW K . 42.35 12.26 -4.09
C22 PCW K . 43.78 11.63 -4.12
C23 PCW K . 44.30 11.00 -2.81
C24 PCW K . 44.63 9.53 -2.86
C25 PCW K . 43.90 8.52 -1.93
C26 PCW K . 43.02 7.49 -2.61
C27 PCW K . 41.77 6.99 -1.86
C28 PCW K . 41.69 5.49 -1.91
C31 PCW K . 30.81 16.65 1.34
C32 PCW K . 30.88 15.14 1.58
C33 PCW K . 30.73 14.69 3.11
C34 PCW K . 31.72 13.57 3.50
C35 PCW K . 33.15 14.26 3.55
C36 PCW K . 34.06 13.64 4.63
C37 PCW K . 35.49 14.27 4.74
C38 PCW K . 36.53 13.37 4.14
C39 PCW K . 37.92 13.95 4.21
C40 PCW K . 38.50 14.77 3.34
C41 PCW K . 37.84 15.27 2.07
C42 PCW K . 37.90 14.11 0.97
C43 PCW K . 36.60 13.69 0.30
C44 PCW K . 36.95 12.58 -0.68
C45 PCW K . 35.92 12.34 -1.77
C46 PCW K . 36.29 12.96 -3.10
C47 PCW K . 35.54 12.45 -4.31
C48 PCW K . 36.01 13.17 -5.59
N PCW K . 24.58 18.57 6.39
O2 PCW K . 31.65 17.25 2.19
O3 PCW K . 33.70 18.52 0.67
O11 PCW K . 35.45 17.58 1.77
O31 PCW K . 30.08 17.23 0.48
O1P PCW K . 29.28 19.03 6.38
O2P PCW K . 29.05 20.83 4.69
O3P PCW K . 30.15 18.58 4.06
O4P PCW K . 27.74 18.84 4.41
P PCW K . 29.06 19.37 4.94
C1 PCW L . 6.30 1.71 18.50
C2 PCW L . 6.24 0.60 17.37
C3 PCW L . 6.54 1.25 15.97
C4 PCW L . 9.25 3.38 17.10
C5 PCW L . 10.55 3.15 16.32
C6 PCW L . 10.59 3.05 13.91
C7 PCW L . 12.18 4.32 15.03
C8 PCW L . 10.06 5.16 14.95
C11 PCW L . 7.62 0.01 14.22
C12 PCW L . 7.35 -1.09 13.24
C13 PCW L . 7.26 -0.46 11.80
C14 PCW L . 7.00 -1.45 10.67
C15 PCW L . 8.27 -2.02 9.95
C16 PCW L . 7.91 -3.27 9.07
C17 PCW L . 8.66 -3.41 7.71
C18 PCW L . 7.98 -2.66 6.57
C19 PCW L . 8.51 -3.07 5.18
C20 PCW L . 7.71 -3.07 4.05
C21 PCW L . 6.28 -2.71 3.84
C22 PCW L . 5.91 -3.19 2.40
C23 PCW L . 4.41 -3.38 2.09
C24 PCW L . 3.74 -4.59 2.66
C25 PCW L . 3.98 -6.00 2.05
C26 PCW L . 3.33 -6.27 0.70
C27 PCW L . 3.87 -7.45 -0.14
C28 PCW L . 2.74 -8.18 -0.81
C31 PCW L . 6.91 -1.43 18.42
C32 PCW L . 8.09 -2.40 18.58
C33 PCW L . 9.20 -1.96 19.64
C34 PCW L . 9.70 -3.11 20.51
C35 PCW L . 10.80 -3.84 19.64
C36 PCW L . 10.69 -5.38 19.73
C37 PCW L . 11.75 -6.17 18.89
C38 PCW L . 12.99 -6.43 19.68
C39 PCW L . 14.02 -7.20 18.89
C40 PCW L . 14.24 -8.51 18.90
C41 PCW L . 13.45 -9.51 19.74
C42 PCW L . 12.47 -10.30 18.78
C43 PCW L . 10.98 -10.01 18.85
C44 PCW L . 10.30 -10.91 17.83
C45 PCW L . 8.98 -11.50 18.28
C46 PCW L . 8.54 -12.68 17.44
C47 PCW L . 7.48 -12.39 16.39
C48 PCW L . 7.12 -13.67 15.61
N PCW L . 10.83 3.88 15.12
O2 PCW L . 7.30 -0.43 17.62
O3 PCW L . 6.49 0.23 14.95
O11 PCW L . 8.65 0.60 14.35
O31 PCW L . 5.76 -1.56 18.95
O1P PCW L . 7.84 3.96 19.58
O2P PCW L . 9.51 2.37 20.55
O3P PCW L . 7.35 1.51 19.47
O4P PCW L . 9.21 2.39 18.16
P PCW L . 8.50 2.62 19.49
C1 PCW M . 20.91 20.91 -5.01
C2 PCW M . 21.85 20.42 -6.18
C3 PCW M . 23.31 20.23 -5.65
C4 PCW M . 17.11 19.82 -2.65
C5 PCW M . 17.09 18.29 -2.70
C6 PCW M . 15.83 16.42 -1.50
C7 PCW M . 14.76 17.67 -3.32
C8 PCW M . 16.25 16.58 -3.42
C11 PCW M . 25.49 19.97 -6.60
C12 PCW M . 26.19 19.44 -7.82
C13 PCW M . 26.63 17.96 -7.53
C14 PCW M . 27.36 17.26 -8.69
C15 PCW M . 28.90 17.41 -8.70
C16 PCW M . 29.59 16.17 -7.99
C17 PCW M . 30.04 16.38 -6.51
C18 PCW M . 31.49 15.94 -6.25
C19 PCW M . 32.31 17.00 -5.49
C20 PCW M . 33.02 16.71 -4.33
C21 PCW M . 33.20 15.46 -3.57
C22 PCW M . 32.19 15.49 -2.40
C23 PCW M . 31.33 14.23 -2.15
C24 PCW M . 32.04 13.05 -1.54
C25 PCW M . 31.24 11.86 -0.93
C26 PCW M . 31.63 11.41 0.46
C27 PCW M . 32.96 10.66 0.63
C28 PCW M . 32.71 9.25 1.13
C31 PCW M . 21.10 19.07 -7.99
C32 PCW M . 20.64 17.66 -8.35
C33 PCW M . 21.70 16.78 -9.19
C34 PCW M . 22.26 17.52 -10.40
C35 PCW M . 22.87 16.39 -11.33
C36 PCW M . 24.42 16.37 -11.30
C37 PCW M . 25.08 15.29 -12.20
C38 PCW M . 26.20 15.86 -13.02
C39 PCW M . 26.87 14.84 -13.91
C40 PCW M . 27.82 13.99 -13.57
C41 PCW M . 28.44 13.89 -12.18
C42 PCW M . 29.34 12.57 -12.13
C43 PCW M . 30.64 12.54 -12.91
C44 PCW M . 31.27 11.18 -12.68
C45 PCW M . 31.05 10.17 -13.78
C46 PCW M . 32.16 10.13 -14.78
C47 PCW M . 32.03 9.11 -15.89
C48 PCW M . 33.23 9.17 -16.85
N PCW M . 15.87 17.60 -2.40
O2 PCW M . 21.39 19.09 -6.68
O3 PCW M . 24.15 19.78 -6.72
O11 PCW M . 26.04 20.48 -5.66
O31 PCW M . 21.19 20.05 -8.79
O1P PCW M . 19.14 21.85 -3.05
O2P PCW M . 17.77 22.40 -5.05
O3P PCW M . 19.52 20.53 -5.17
O4P PCW M . 17.42 20.28 -3.99
P PCW M . 18.46 21.33 -4.29
C1 PCW N . 3.06 -0.54 16.01
C2 PCW N . 3.27 -1.44 14.73
C3 PCW N . 4.33 -2.55 15.02
C4 PCW N . 1.50 0.78 19.76
C5 PCW N . 0.40 1.19 20.75
C6 PCW N . -0.44 2.42 22.65
C7 PCW N . 1.58 3.06 21.69
C8 PCW N . 1.58 1.14 22.92
C11 PCW N . 5.36 -4.44 13.95
C12 PCW N . 5.41 -5.16 12.64
C13 PCW N . 6.90 -5.59 12.36
C14 PCW N . 7.14 -6.35 11.05
C15 PCW N . 8.49 -7.12 10.95
C16 PCW N . 8.29 -8.63 11.33
C17 PCW N . 8.93 -9.12 12.68
C18 PCW N . 9.41 -10.57 12.63
C19 PCW N . 10.24 -10.98 13.88
C20 PCW N . 10.70 -12.28 14.07
C21 PCW N . 10.56 -13.53 13.28
C22 PCW N . 11.55 -14.56 13.89
C23 PCW N . 11.06 -16.02 14.02
C24 PCW N . 12.02 -17.10 13.63
C25 PCW N . 11.60 -18.59 13.63
C26 PCW N . 10.72 -19.05 12.50
C27 PCW N . 10.62 -20.57 12.23
C28 PCW N . 9.31 -21.11 12.72
C31 PCW N . 1.27 -1.51 13.44
C32 PCW N . 0.01 -2.34 13.17
C33 PCW N . -0.09 -3.05 11.74
C34 PCW N . -1.42 -2.81 11.02
C35 PCW N . -1.77 -4.18 10.32
C36 PCW N . -3.05 -4.83 10.92
C37 PCW N . -3.47 -6.19 10.28
C38 PCW N . -2.56 -7.30 10.68
C39 PCW N . -2.96 -8.62 10.06
C40 PCW N . -2.22 -9.39 9.26
C41 PCW N . -0.81 -9.06 8.82
C42 PCW N . -0.55 -9.76 7.41
C43 PCW N . -0.03 -11.18 7.40
C44 PCW N . 0.12 -11.60 5.95
C45 PCW N . 1.09 -12.72 5.70
C46 PCW N . 0.82 -13.49 4.44
C47 PCW N . 0.86 -15.00 4.55
C48 PCW N . 0.56 -15.66 3.20
N PCW N . 0.76 1.92 21.94
O2 PCW N . 1.99 -2.13 14.38
O3 PCW N . 4.52 -3.36 13.86
O11 PCW N . 5.97 -4.75 14.94
O31 PCW N . 1.58 -0.43 12.85
O1P PCW N . 2.55 1.85 17.29
O2P PCW N . 0.16 1.70 16.56
O3P PCW N . 1.68 -0.37 16.41
O4P PCW N . 0.83 0.48 18.52
P PCW N . 1.31 0.99 17.17
C1 PCW O . 19.91 14.40 6.11
C2 PCW O . 20.46 14.14 4.65
C3 PCW O . 20.91 12.65 4.49
C4 PCW O . 16.68 13.43 7.64
C5 PCW O . 15.45 12.84 6.95
C6 PCW O . 13.75 13.76 8.39
C7 PCW O . 14.46 11.55 8.73
C8 PCW O . 13.15 11.96 6.91
C11 PCW O . 22.09 11.29 2.89
C12 PCW O . 22.50 11.27 1.45
C13 PCW O . 24.01 10.83 1.37
C14 PCW O . 24.61 10.75 -0.04
C15 PCW O . 26.12 11.07 -0.14
C16 PCW O . 26.51 11.48 -1.60
C17 PCW O . 27.66 10.68 -2.30
C18 PCW O . 28.15 11.32 -3.60
C19 PCW O . 29.35 10.56 -4.22
C20 PCW O . 30.16 11.10 -5.21
C21 PCW O . 30.14 12.42 -5.91
C22 PCW O . 30.49 12.13 -7.40
C23 PCW O . 31.96 12.30 -7.84
C24 PCW O . 32.20 12.64 -9.28
C25 PCW O . 33.33 13.64 -9.69
C26 PCW O . 33.09 15.10 -9.39
C27 PCW O . 33.44 16.13 -10.48
C28 PCW O . 33.17 17.52 -9.98
C31 PCW O . 19.51 15.55 3.00
C32 PCW O . 18.33 15.68 2.02
C33 PCW O . 18.07 14.39 1.10
C34 PCW O . 16.69 13.79 1.28
C35 PCW O . 16.85 12.25 0.91
C36 PCW O . 15.82 11.79 -0.13
C37 PCW O . 15.91 10.29 -0.55
C38 PCW O . 14.68 9.53 -0.17
C39 PCW O . 14.74 8.07 -0.56
C40 PCW O . 14.39 7.54 -1.72
C41 PCW O . 13.85 8.33 -2.90
C42 PCW O . 13.26 7.30 -3.96
C43 PCW O . 13.93 7.18 -5.32
C44 PCW O . 13.15 6.13 -6.10
C45 PCW O . 12.64 6.59 -7.44
C46 PCW O . 12.40 5.47 -8.42
C47 PCW O . 10.97 5.11 -8.70
C48 PCW O . 10.88 3.97 -9.72
N PCW O . 14.26 12.55 7.71
O2 PCW O . 19.39 14.40 3.66
O3 PCW O . 21.40 12.44 3.15
O11 PCW O . 22.31 10.42 3.69
O31 PCW O . 20.44 16.41 3.15
O1P PCW O . 18.73 15.25 8.69
O2P PCW O . 17.37 16.97 7.50
O3P PCW O . 19.14 15.62 6.22
O4P PCW O . 17.00 14.67 6.94
P PCW O . 18.05 15.66 7.41
C1 PCW P . 24.76 5.74 17.76
C2 PCW P . 24.97 4.27 18.31
C3 PCW P . 23.64 3.45 18.17
C4 PCW P . 21.84 7.92 17.91
C5 PCW P . 21.53 8.78 16.68
C6 PCW P . 23.19 9.95 15.15
C7 PCW P . 22.22 7.79 14.50
C8 PCW P . 21.33 9.39 14.75
C11 PCW P . 23.80 1.93 20.02
C12 PCW P . 24.01 0.47 20.33
C13 PCW P . 25.53 0.25 20.64
C14 PCW P . 25.93 -1.18 20.99
C15 PCW P . 25.92 -2.19 19.80
C16 PCW P . 27.15 -3.16 19.89
C17 PCW P . 27.33 -3.98 21.21
C18 PCW P . 27.73 -5.43 20.98
C19 PCW P . 29.17 -5.75 21.44
C20 PCW P . 30.02 -6.57 20.72
C21 PCW P . 29.86 -7.31 19.44
C22 PCW P . 29.53 -8.78 19.81
C23 PCW P . 30.69 -9.82 19.78
C24 PCW P . 31.42 -10.04 21.08
C25 PCW P . 32.83 -9.45 21.31
C26 PCW P . 33.97 -10.05 20.51
C27 PCW P . 35.38 -9.45 20.69
C28 PCW P . 35.76 -8.66 19.46
C31 PCW P . 27.06 3.15 18.23
C32 PCW P . 28.04 2.45 17.28
C33 PCW P . 28.26 0.88 17.56
C34 PCW P . 29.31 0.24 16.66
C35 PCW P . 30.70 0.74 17.21
C36 PCW P . 31.78 0.87 16.11
C37 PCW P . 33.18 1.35 16.58
C38 PCW P . 34.22 0.29 16.47
C39 PCW P . 35.57 0.75 16.92
C40 PCW P . 36.24 0.34 18.00
C41 PCW P . 35.72 -0.70 18.98
C42 PCW P . 36.56 -2.04 18.76
C43 PCW P . 35.80 -3.36 18.72
C44 PCW P . 36.83 -4.46 18.49
C45 PCW P . 36.50 -5.42 17.38
C46 PCW P . 37.46 -5.36 16.22
C47 PCW P . 37.59 -6.62 15.40
C48 PCW P . 38.61 -6.43 14.27
N PCW P . 22.41 8.77 15.56
O2 PCW P . 26.01 3.56 17.51
O3 PCW P . 23.83 2.12 18.67
O11 PCW P . 23.63 2.79 20.84
O31 PCW P . 27.23 3.32 19.47
O1P PCW P . 23.07 6.47 20.12
O2P PCW P . 24.37 8.58 20.35
O3P PCW P . 25.13 6.78 18.69
O4P PCW P . 23.20 8.21 18.31
P PCW P . 23.91 7.52 19.45
C1 PCW Q . 15.35 4.26 19.93
C2 PCW Q . 16.16 3.26 19.02
C3 PCW Q . 17.51 2.89 19.71
C4 PCW Q . 12.23 3.71 22.87
C5 PCW Q . 11.04 2.80 23.17
C6 PCW Q . 9.90 0.52 22.96
C7 PCW Q . 12.17 0.85 22.12
C8 PCW Q . 11.58 0.95 23.88
C11 PCW Q . 19.52 1.67 19.25
C12 PCW Q . 20.14 0.74 18.25
C13 PCW Q . 20.85 1.62 17.16
C14 PCW Q . 21.54 0.83 16.04
C15 PCW Q . 22.13 1.67 14.87
C16 PCW Q . 21.94 0.93 13.50
C17 PCW Q . 23.23 0.37 12.81
C18 PCW Q . 23.15 0.36 11.28
C19 PCW Q . 24.34 -0.37 10.62
C20 PCW Q . 25.02 0.17 9.53
C21 PCW Q . 24.86 1.42 8.76
C22 PCW Q . 25.23 1.09 7.29
C23 PCW Q . 26.56 1.67 6.75
C24 PCW Q . 26.65 1.88 5.26
C25 PCW Q . 27.06 0.73 4.32
C26 PCW Q . 28.32 0.94 3.50
C27 PCW Q . 29.02 -0.29 2.89
C28 PCW Q . 30.40 0.08 2.40
C31 PCW Q . 14.61 2.00 17.74
C32 PCW Q . 13.88 0.65 17.69
C33 PCW Q . 12.85 0.46 16.47
C34 PCW Q . 12.01 -0.81 16.58
C35 PCW Q . 12.98 -2.00 16.20
C36 PCW Q . 12.21 -3.28 15.76
C37 PCW Q . 13.12 -4.50 15.38
C38 PCW Q . 13.81 -4.27 14.07
C39 PCW Q . 14.70 -5.43 13.67
C40 PCW Q . 16.02 -5.40 13.50
C41 PCW Q . 16.88 -4.17 13.69
C42 PCW Q . 18.16 -4.31 12.75
C43 PCW Q . 19.26 -3.27 12.86
C44 PCW Q . 20.34 -3.66 11.86
C45 PCW Q . 20.85 -2.53 11.00
C46 PCW Q . 21.25 -2.97 9.62
C47 PCW Q . 21.03 -1.97 8.50
C48 PCW Q . 21.47 -2.55 7.15
N PCW Q . 10.97 1.48 22.62
O2 PCW Q . 15.38 2.00 18.83
O3 PCW Q . 18.25 1.99 18.88
O11 PCW Q . 20.08 2.09 20.24
O31 PCW Q . 14.51 2.93 16.88
O1P PCW Q . 13.99 5.73 21.77
O2P PCW Q . 12.15 6.01 20.11
O3P PCW Q . 13.92 4.17 19.79
O4P PCW Q . 12.17 4.02 21.46
P PCW Q . 13.06 5.07 20.80
C1 PCW R . -20.10 -10.21 17.61
C2 PCW R . -20.69 -11.63 18.01
C3 PCW R . -21.31 -12.32 16.75
C4 PCW R . -18.98 -6.76 16.56
C5 PCW R . -19.24 -6.34 15.11
C6 PCW R . -19.25 -3.93 15.16
C7 PCW R . -21.25 -5.09 15.52
C8 PCW R . -20.43 -5.04 13.38
C11 PCW R . -23.21 -13.74 17.18
C12 PCW R . -23.55 -15.15 17.58
C13 PCW R . -23.92 -15.95 16.28
C14 PCW R . -24.30 -17.42 16.50
C15 PCW R . -23.25 -18.47 16.05
C16 PCW R . -22.14 -18.65 17.14
C17 PCW R . -21.59 -20.10 17.39
C18 PCW R . -20.33 -20.42 16.58
C19 PCW R . -20.59 -21.44 15.43
C20 PCW R . -20.45 -22.81 15.62
C21 PCW R . -20.07 -23.62 16.80
C22 PCW R . -19.18 -24.78 16.27
C23 PCW R . -18.92 -25.97 17.22
C24 PCW R . -19.67 -27.23 16.95
C25 PCW R . -19.41 -28.06 15.66
C26 PCW R . -20.62 -28.36 14.79
C27 PCW R . -21.18 -29.81 14.78
C28 PCW R . -22.50 -29.85 14.04
C31 PCW R . -19.52 -12.58 19.84
C32 PCW R . -18.36 -13.53 20.20
C33 PCW R . -18.79 -15.05 20.45
C34 PCW R . -18.59 -15.95 19.23
C35 PCW R . -18.99 -17.40 19.70
C36 PCW R . -17.81 -18.40 19.61
C37 PCW R . -18.12 -19.86 20.06
C38 PCW R . -16.88 -20.61 20.41
C39 PCW R . -17.17 -22.03 20.85
C40 PCW R . -16.64 -22.67 21.89
C41 PCW R . -15.62 -22.05 22.85
C42 PCW R . -15.96 -22.58 24.32
C43 PCW R . -15.47 -21.75 25.51
C44 PCW R . -15.92 -22.48 26.76
C45 PCW R . -14.89 -23.40 27.38
C46 PCW R . -14.43 -22.96 28.73
C47 PCW R . -12.94 -22.75 28.91
C48 PCW R . -12.62 -22.30 30.35
N PCW R . -20.00 -5.15 14.81
O2 PCW R . -19.60 -12.52 18.52
O3 PCW R . -21.85 -13.60 17.12
O11 PCW R . -24.00 -12.87 16.94
O31 PCW R . -20.26 -11.97 20.67
O1P PCW R . -18.50 -8.28 18.99
O2P PCW R . -16.45 -9.01 17.77
O3P PCW R . -18.69 -10.21 17.37
O4P PCW R . -18.22 -8.00 16.51
P PCW R . -17.92 -8.85 17.73
C1 PCW S . -11.39 -4.73 7.84
C2 PCW S . -12.01 -5.35 9.15
C3 PCW S . -13.47 -5.82 8.88
C4 PCW S . -13.17 -0.96 9.75
C5 PCW S . -14.06 0.26 9.49
C6 PCW S . -16.17 1.41 9.43
C7 PCW S . -16.05 -0.69 10.44
C8 PCW S . -15.95 -0.62 8.16
C11 PCW S . -14.85 -5.59 10.84
C12 PCW S . -15.32 -6.34 12.05
C13 PCW S . -16.55 -7.23 11.62
C14 PCW S . -17.16 -8.07 12.74
C15 PCW S . -16.61 -9.52 12.87
C16 PCW S . -16.77 -10.06 14.34
C17 PCW S . -15.99 -11.36 14.73
C18 PCW S . -16.85 -12.63 14.62
C19 PCW S . -17.38 -13.11 16.00
C20 PCW S . -16.85 -14.21 16.66
C21 PCW S . -15.75 -15.15 16.32
C22 PCW S . -14.61 -14.89 17.34
C23 PCW S . -14.06 -16.11 18.12
C24 PCW S . -13.06 -16.97 17.40
C25 PCW S . -13.06 -18.53 17.56
C26 PCW S . -14.39 -19.23 17.35
C27 PCW S . -14.92 -19.31 15.91
C28 PCW S . -16.41 -19.02 15.89
C31 PCW S . -10.83 -6.53 10.83
C32 PCW S . -10.03 -7.81 11.10
C33 PCW S . -8.46 -7.71 10.77
C34 PCW S . -8.01 -8.74 9.73
C35 PCW S . -6.87 -9.58 10.45
C36 PCW S . -7.33 -11.01 10.83
C37 PCW S . -6.26 -11.90 11.53
C38 PCW S . -6.86 -12.75 12.60
C39 PCW S . -5.84 -13.61 13.30
C40 PCW S . -6.07 -14.74 13.97
C41 PCW S . -7.44 -15.36 14.15
C42 PCW S . -7.67 -15.62 15.70
C43 PCW S . -8.30 -16.93 16.12
C44 PCW S . -8.40 -16.91 17.65
C45 PCW S . -9.22 -18.02 18.25
C46 PCW S . -8.56 -18.69 19.43
C47 PCW S . -8.58 -20.19 19.46
C48 PCW S . -7.89 -20.75 20.70
N PCW S . -15.48 0.11 9.38
O2 PCW S . -11.21 -6.55 9.56
O3 PCW S . -14.03 -6.38 10.09
O11 PCW S . -15.15 -4.45 10.58
O31 PCW S . -11.08 -5.63 11.69
O1P PCW S . -10.87 -2.71 9.73
O2P PCW S . -10.26 -1.42 7.68
O3P PCW S . -11.89 -3.41 7.52
O4P PCW S . -12.51 -1.28 8.49
P PCW S . -11.30 -2.19 8.39
C1 PCW T . 4.85 18.45 -7.98
C2 PCW T . 5.99 18.62 -9.06
C3 PCW T . 7.38 18.78 -8.36
C4 PCW T . 2.86 15.25 -8.06
C5 PCW T . 2.18 14.16 -8.91
C6 PCW T . 2.68 11.68 -9.19
C7 PCW T . 1.12 12.44 -7.47
C8 PCW T . 0.95 12.58 -9.30
C11 PCW T . 8.56 20.16 -9.95
C12 PCW T . 9.69 20.10 -10.93
C13 PCW T . 9.10 20.13 -12.39
C14 PCW T . 10.13 20.07 -13.51
C15 PCW T . 9.79 19.11 -14.69
C16 PCW T . 10.24 17.65 -14.35
C17 PCW T . 9.37 16.48 -14.92
C18 PCW T . 10.16 15.50 -15.79
C19 PCW T . 9.88 15.70 -17.30
C20 PCW T . 10.73 15.21 -18.28
C21 PCW T . 11.99 14.42 -18.22
C22 PCW T . 11.61 12.94 -18.49
C23 PCW T . 11.86 11.90 -17.37
C24 PCW T . 12.65 10.68 -17.75
C25 PCW T . 12.41 9.32 -17.01
C26 PCW T . 11.67 8.25 -17.79
C27 PCW T . 11.79 6.79 -17.31
C28 PCW T . 12.53 5.96 -18.33
C31 PCW T . 5.96 17.65 -11.22
C32 PCW T . 6.05 16.31 -11.98
C33 PCW T . 4.92 15.24 -11.61
C34 PCW T . 5.44 13.79 -11.66
C35 PCW T . 5.25 13.34 -13.17
C36 PCW T . 3.97 12.50 -13.38
C37 PCW T . 3.72 12.01 -14.85
C38 PCW T . 2.50 11.17 -14.96
C39 PCW T . 2.24 10.69 -16.36
C40 PCW T . 2.03 9.43 -16.76
C41 PCW T . 2.01 8.25 -15.82
C42 PCW T . 2.90 7.10 -16.46
C43 PCW T . 3.70 6.19 -15.55
C44 PCW T . 4.45 5.21 -16.43
C45 PCW T . 5.87 4.94 -16.02
C46 PCW T . 6.58 3.95 -16.91
C47 PCW T . 7.71 4.49 -17.75
C48 PCW T . 8.34 3.39 -18.61
N PCW T . 2.13 12.81 -8.43
O2 PCW T . 6.05 17.40 -9.92
O3 PCW T . 8.40 18.94 -9.36
O11 PCW T . 7.89 21.14 -9.72
O31 PCW T . 5.82 18.79 -11.75
O1P PCW T . 2.48 17.66 -6.46
O2P PCW T . 1.01 18.32 -8.36
O3P PCW T . 3.53 18.75 -8.48
O4P PCW T . 2.55 16.52 -8.71
P PCW T . 2.33 17.81 -7.94
C1 PCW U . 25.57 0.41 25.90
C2 PCW U . 26.46 -0.11 24.71
C3 PCW U . 27.11 1.10 23.95
C4 PCW U . 25.11 4.07 26.88
C5 PCW U . 25.90 4.92 25.89
C6 PCW U . 24.88 7.16 26.60
C7 PCW U . 26.93 7.09 25.28
C8 PCW U . 25.24 6.52 24.78
C11 PCW U . 28.94 1.40 22.42
C12 PCW U . 29.63 0.71 21.28
C13 PCW U . 30.68 -0.29 21.88
C14 PCW U . 31.48 -1.09 20.85
C15 PCW U . 31.00 -2.56 20.61
C16 PCW U . 30.82 -2.83 19.07
C17 PCW U . 32.10 -3.28 18.26
C18 PCW U . 31.88 -3.30 16.75
C19 PCW U . 33.19 -3.57 15.96
C20 PCW U . 33.41 -4.77 15.28
C21 PCW U . 32.59 -6.00 15.14
C22 PCW U . 31.66 -5.76 13.90
C23 PCW U . 30.76 -6.93 13.45
C24 PCW U . 30.24 -6.88 12.05
C25 PCW U . 30.91 -7.73 10.92
C26 PCW U . 30.00 -8.25 9.84
C27 PCW U . 29.90 -9.78 9.63
C28 PCW U . 30.77 -10.22 8.48
C31 PCW U . 27.40 -2.26 25.02
C32 PCW U . 28.61 -3.00 25.61
C33 PCW U . 28.99 -4.37 24.86
C34 PCW U . 28.17 -5.58 25.34
C35 PCW U . 29.22 -6.57 25.99
C36 PCW U . 28.94 -8.04 25.62
C37 PCW U . 29.93 -9.09 26.23
C38 PCW U . 29.44 -10.49 26.07
C39 PCW U . 30.37 -11.51 26.64
C40 PCW U . 30.75 -12.66 26.08
C41 PCW U . 30.27 -13.15 24.72
C42 PCW U . 31.20 -14.36 24.28
C43 PCW U . 30.73 -15.23 23.12
C44 PCW U . 31.79 -16.31 22.91
C45 PCW U . 32.53 -16.24 21.60
C46 PCW U . 32.53 -17.54 20.85
C47 PCW U . 33.83 -17.88 20.15
C48 PCW U . 33.72 -19.22 19.40
N PCW U . 25.98 6.35 26.07
O2 PCW U . 27.57 -0.96 25.23
O3 PCW U . 27.92 0.62 22.88
O11 PCW U . 29.23 2.48 22.86
O31 PCW U . 26.41 -2.80 24.45
O1P PCW U . 24.13 1.61 28.06
O2P PCW U . 26.19 1.79 29.44
O3P PCW U . 26.29 0.71 27.11
O4P PCW U . 26.05 3.11 27.44
P PCW U . 25.62 1.80 28.07
C1 PCW V . 21.12 -2.36 36.40
C2 PCW V . 21.89 -2.86 35.12
C3 PCW V . 23.01 -3.89 35.55
C4 PCW V . 19.00 -0.10 33.24
C5 PCW V . 19.75 0.84 32.29
C6 PCW V . 17.91 2.28 31.67
C7 PCW V . 18.49 0.52 30.26
C8 PCW V . 19.90 2.30 30.31
C11 PCW V . 24.75 -3.59 33.93
C12 PCW V . 25.33 -4.22 32.69
C13 PCW V . 26.54 -5.13 33.11
C14 PCW V . 27.24 -5.86 31.95
C15 PCW V . 27.30 -7.42 32.05
C16 PCW V . 28.29 -8.01 30.99
C17 PCW V . 28.82 -9.46 31.23
C18 PCW V . 30.01 -9.83 30.32
C19 PCW V . 31.02 -10.76 31.02
C20 PCW V . 32.35 -10.42 31.19
C21 PCW V . 33.13 -9.21 30.81
C22 PCW V . 34.16 -9.66 29.72
C23 PCW V . 33.79 -9.38 28.24
C24 PCW V . 33.82 -7.95 27.80
C25 PCW V . 34.65 -7.52 26.55
C26 PCW V . 36.14 -7.77 26.59
C27 PCW V . 37.00 -6.89 27.52
C28 PCW V . 37.91 -7.75 28.36
C31 PCW V . 21.00 -3.16 32.95
C32 PCW V . 20.00 -3.99 32.13
C33 PCW V . 20.35 -5.55 31.99
C34 PCW V . 21.69 -5.80 31.28
C35 PCW V . 21.59 -7.28 30.71
C36 PCW V . 22.52 -8.27 31.46
C37 PCW V . 22.49 -9.74 30.95
C38 PCW V . 23.80 -10.16 30.35
C39 PCW V . 23.79 -11.58 29.85
C40 PCW V . 24.80 -12.44 29.86
C41 PCW V . 26.20 -12.11 30.38
C42 PCW V . 27.04 -13.46 30.39
C43 PCW V . 28.20 -13.59 29.41
C44 PCW V . 28.83 -14.96 29.64
C45 PCW V . 29.61 -15.50 28.48
C46 PCW V . 28.76 -16.07 27.38
C47 PCW V . 29.42 -17.04 26.43
C48 PCW V . 28.44 -17.54 25.37
N PCW V . 19.05 1.46 31.20
O2 PCW V . 20.96 -3.58 34.20
O3 PCW V . 23.70 -4.33 34.37
O11 PCW V . 25.15 -2.58 34.43
O31 PCW V . 21.75 -2.24 32.49
O1P PCW V . 17.97 -0.23 35.94
O2P PCW V . 20.28 0.47 36.53
O3P PCW V . 19.73 -2.02 36.15
O4P PCW V . 19.90 -0.40 34.33
P PCW V . 19.44 -0.48 35.77
C1 PCW W . -11.49 -13.04 28.18
C2 PCW W . -11.66 -14.46 28.87
C3 PCW W . -10.46 -15.40 28.47
C4 PCW W . -11.31 -8.53 30.07
C5 PCW W . -12.16 -7.86 31.14
C6 PCW W . -11.76 -6.54 33.29
C7 PCW W . -11.51 -5.46 31.11
C8 PCW W . -13.04 -6.15 31.84
C11 PCW W . -9.87 -16.95 30.20
C12 PCW W . -10.18 -18.34 30.68
C13 PCW W . -9.12 -19.32 30.08
C14 PCW W . -9.29 -20.79 30.47
C15 PCW W . -8.12 -21.41 31.30
C16 PCW W . -8.68 -22.40 32.37
C17 PCW W . -7.64 -23.24 33.18
C18 PCW W . -6.73 -22.39 34.06
C19 PCW W . -5.53 -23.19 34.63
C20 PCW W . -4.26 -23.12 34.07
C21 PCW W . -3.72 -22.36 32.91
C22 PCW W . -3.04 -23.40 31.98
C23 PCW W . -3.93 -24.07 30.89
C24 PCW W . -3.28 -24.34 29.57
C25 PCW W . -2.61 -25.72 29.27
C26 PCW W . -3.13 -26.45 28.05
C27 PCW W . -2.43 -26.19 26.69
C28 PCW W . -3.44 -26.26 25.57
C31 PCW W . -12.66 -14.88 30.98
C32 PCW W . -12.49 -14.64 32.49
C33 PCW W . -13.22 -15.70 33.44
C34 PCW W . -12.55 -17.07 33.46
C35 PCW W . -11.81 -17.16 34.86
C36 PCW W . -10.49 -17.94 34.77
C37 PCW W . -9.70 -18.09 36.11
C38 PCW W . -8.54 -17.14 36.17
C39 PCW W . -7.77 -17.25 37.46
C40 PCW W . -6.60 -17.87 37.64
C41 PCW W . -5.83 -18.56 36.53
C42 PCW W . -5.45 -20.04 37.03
C43 PCW W . -6.51 -20.89 37.69
C44 PCW W . -5.87 -22.21 38.05
C45 PCW W . -5.46 -22.38 39.49
C46 PCW W . -4.45 -23.47 39.72
C47 PCW W . -5.01 -24.81 40.15
C48 PCW W . -3.88 -25.84 40.35
N PCW W . -11.66 -6.70 31.82
O2 PCW W . -11.63 -14.30 30.35
O3 PCW W . -10.62 -16.67 29.09
O11 PCW W . -9.08 -16.21 30.71
O31 PCW W . -13.61 -15.51 30.43
O1P PCW W . -10.24 -10.21 27.95
O2P PCW W . -12.63 -10.32 27.24
O3P PCW W . -11.73 -11.92 29.05
O4P PCW W . -12.15 -9.55 29.46
P PCW W . -11.66 -10.47 28.35
C1 PCW X . 15.45 18.43 -7.63
C2 PCW X . 15.30 17.07 -8.40
C3 PCW X . 14.80 17.32 -9.87
C4 PCW X . 18.73 21.95 -8.10
C5 PCW X . 18.51 23.47 -8.13
C6 PCW X . 16.17 23.95 -7.24
C7 PCW X . 18.09 25.25 -6.47
C8 PCW X . 17.40 25.17 -8.18
C11 PCW X . 13.45 15.77 -11.10
C12 PCW X . 13.53 14.43 -11.78
C13 PCW X . 13.72 14.69 -13.33
C14 PCW X . 13.82 13.42 -14.18
C15 PCW X . 15.19 13.20 -14.90
C16 PCW X . 15.21 13.90 -16.31
C17 PCW X . 16.02 13.18 -17.44
C18 PCW X . 17.42 13.77 -17.65
C19 PCW X . 17.46 14.87 -18.73
C20 PCW X . 18.63 15.49 -19.11
C21 PCW X . 20.04 15.32 -18.67
C22 PCW X . 20.82 16.55 -19.20
C23 PCW X . 21.74 16.35 -20.45
C24 PCW X . 22.30 17.58 -21.08
C25 PCW X . 23.52 17.50 -22.05
C26 PCW X . 24.05 18.82 -22.59
C27 PCW X . 23.72 19.17 -24.06
C28 PCW X . 24.75 20.14 -24.60
C31 PCW X . 16.93 15.63 -7.45
C32 PCW X . 18.33 15.02 -7.70
C33 PCW X . 18.40 13.43 -7.62
C34 PCW X . 19.14 12.92 -6.38
C35 PCW X . 20.63 12.68 -6.84
C36 PCW X . 21.14 11.27 -6.49
C37 PCW X . 22.61 10.95 -6.92
C38 PCW X . 22.67 9.81 -7.87
C39 PCW X . 24.08 9.48 -8.30
C40 PCW X . 24.64 9.74 -9.48
C41 PCW X . 23.93 10.42 -10.64
C42 PCW X . 24.53 9.81 -11.99
C43 PCW X . 25.74 10.46 -12.62
C44 PCW X . 26.08 9.69 -13.88
C45 PCW X . 27.12 10.34 -14.76
C46 PCW X . 27.44 9.55 -15.99
C47 PCW X . 28.20 10.26 -17.08
C48 PCW X . 28.45 9.33 -18.29
N PCW X . 17.64 24.09 -7.19
O2 PCW X . 16.63 16.40 -8.50
O3 PCW X . 14.66 16.09 -10.57
O11 PCW X . 12.46 16.46 -11.03
O31 PCW X . 16.21 15.44 -6.43
O1P PCW X . 17.95 19.75 -9.82
O2P PCW X . 15.66 20.62 -9.40
O3P PCW X . 16.77 19.02 -7.71
O4P PCW X . 17.43 21.34 -7.95
P PCW X . 16.94 20.19 -8.81
C1 PCW Y . 23.26 12.17 7.21
C2 PCW Y . 24.54 11.43 6.64
C3 PCW Y . 24.20 9.93 6.34
C4 PCW Y . 26.01 13.31 9.66
C5 PCW Y . 26.64 11.93 9.48
C6 PCW Y . 29.01 12.67 10.08
C7 PCW Y . 28.40 10.29 10.09
C8 PCW Y . 28.43 11.46 8.64
C11 PCW Y . 26.33 8.84 6.68
C12 PCW Y . 27.44 8.18 5.92
C13 PCW Y . 26.99 6.72 5.56
C14 PCW Y . 28.01 5.89 4.78
C15 PCW Y . 27.49 5.24 3.46
C16 PCW Y . 28.67 4.94 2.48
C17 PCW Y . 28.41 5.17 0.95
C18 PCW Y . 29.70 5.23 0.12
C19 PCW Y . 29.90 6.61 -0.55
C20 PCW Y . 29.47 6.89 -1.84
C21 PCW Y . 28.78 6.07 -2.86
C22 PCW Y . 28.80 6.88 -4.19
C23 PCW Y . 29.21 6.13 -5.48
C24 PCW Y . 28.11 5.75 -6.42
C25 PCW Y . 28.38 5.63 -7.95
C26 PCW Y . 27.61 6.58 -8.85
C27 PCW Y . 28.19 7.99 -9.05
C28 PCW Y . 28.24 8.33 -10.52
C31 PCW Y . 25.96 12.92 5.48
C32 PCW Y . 26.28 13.48 4.08
C33 PCW Y . 25.17 14.44 3.45
C34 PCW Y . 25.52 14.95 2.06
C35 PCW Y . 24.28 14.59 1.15
C36 PCW Y . 23.25 15.75 1.05
C37 PCW Y . 22.00 15.47 0.17
C38 PCW Y . 21.60 16.68 -0.62
C39 PCW Y . 20.39 16.43 -1.49
C40 PCW Y . 20.27 16.68 -2.79
C41 PCW Y . 21.36 17.29 -3.64
C42 PCW Y . 22.00 16.12 -4.52
C43 PCW Y . 23.49 16.18 -4.84
C44 PCW Y . 23.81 14.95 -5.68
C45 PCW Y . 25.22 14.43 -5.54
C46 PCW Y . 25.90 14.16 -6.84
C47 PCW Y . 26.24 12.72 -7.16
C48 PCW Y . 26.93 12.60 -8.53
N PCW Y . 27.93 11.66 10.03
O2 PCW Y . 24.97 12.05 5.35
O3 PCW Y . 25.36 9.26 5.82
O11 PCW Y . 26.30 8.98 7.88
O31 PCW Y . 26.55 13.25 6.55
O1P PCW Y . 24.62 15.50 8.38
O2P PCW Y . 22.63 14.52 9.50
O3P PCW Y . 23.40 13.61 7.23
O4P PCW Y . 24.61 13.17 9.32
P PCW Y . 23.81 14.27 8.64
C1 PCW Z . 19.71 -0.03 23.06
C2 PCW Z . 20.67 -1.25 23.36
C3 PCW Z . 22.03 -1.06 22.59
C4 PCW Z . 21.33 3.33 22.68
C5 PCW Z . 21.23 4.85 22.86
C6 PCW Z . 20.79 7.15 21.85
C7 PCW Z . 20.39 5.13 20.53
C8 PCW Z . 19.52 5.67 22.07
C11 PCW Z . 22.77 -3.29 22.11
C12 PCW Z . 23.79 -4.31 22.57
C13 PCW Z . 23.15 -5.16 23.73
C14 PCW Z . 24.06 -6.25 24.30
C15 PCW Z . 24.17 -7.56 23.46
C16 PCW Z . 25.64 -7.81 23.01
C17 PCW Z . 25.91 -9.06 22.10
C18 PCW Z . 25.66 -8.81 20.61
C19 PCW Z . 24.42 -9.56 20.07
C20 PCW Z . 24.52 -10.63 19.19
C21 PCW Z . 25.67 -11.30 18.56
C22 PCW Z . 25.67 -12.78 19.06
C23 PCW Z . 26.87 -13.25 19.90
C24 PCW Z . 26.94 -12.76 21.32
C25 PCW Z . 26.51 -13.67 22.50
C26 PCW Z . 26.46 -13.02 23.88
C27 PCW Z . 25.27 -13.36 24.79
C28 PCW Z . 25.74 -14.13 26.00
C31 PCW Z . 20.25 -2.18 25.50
C32 PCW Z . 20.69 -2.12 26.97
C33 PCW Z . 20.15 -3.31 27.90
C34 PCW Z . 18.73 -3.07 28.42
C35 PCW Z . 18.17 -4.50 28.81
C36 PCW Z . 17.30 -5.11 27.68
C37 PCW Z . 16.71 -6.52 27.98
C38 PCW Z . 17.67 -7.61 27.64
C39 PCW Z . 17.12 -8.98 27.91
C40 PCW Z . 17.31 -9.71 29.01
C41 PCW Z . 18.16 -9.25 30.19
C42 PCW Z . 18.68 -10.56 30.95
C43 PCW Z . 17.76 -11.21 31.97
C44 PCW Z . 18.50 -12.42 32.54
C45 PCW Z . 17.88 -13.76 32.26
C46 PCW Z . 17.76 -14.63 33.47
C47 PCW Z . 18.75 -15.77 33.59
C48 PCW Z . 18.51 -16.57 34.87
N PCW Z . 20.98 5.69 21.73
O2 PCW Z . 20.99 -1.30 24.81
O3 PCW Z . 22.90 -2.17 22.87
O11 PCW Z . 21.99 -3.45 21.23
O31 PCW Z . 19.35 -2.92 25.02
O1P PCW Z . 18.52 2.62 22.75
O2P PCW Z . 18.78 3.06 25.20
O3P PCW Z . 19.38 0.75 24.22
O4P PCW Z . 20.76 2.75 23.89
P PCW Z . 19.30 2.34 24.00
C1 PCW AA . -2.78 -5.78 18.49
C2 PCW AA . -2.88 -7.27 19.02
C3 PCW AA . -1.44 -7.88 19.18
C4 PCW AA . -6.47 -3.44 20.35
C5 PCW AA . -6.54 -1.96 20.75
C6 PCW AA . -7.86 -0.21 22.06
C7 PCW AA . -7.30 -2.37 23.08
C8 PCW AA . -6.14 -1.03 22.53
C11 PCW AA . -1.29 -10.24 18.77
C12 PCW AA . -1.44 -11.57 19.46
C13 PCW AA . -2.94 -12.02 19.32
C14 PCW AA . -3.26 -13.36 19.97
C15 PCW AA . -3.28 -13.38 21.53
C16 PCW AA . -2.09 -14.24 22.10
C17 PCW AA . -2.07 -14.54 23.64
C18 PCW AA . -2.68 -15.90 24.00
C19 PCW AA . -1.60 -16.96 24.36
C20 PCW AA . -1.15 -17.89 23.44
C21 PCW AA . -1.47 -18.14 22.01
C22 PCW AA . -0.20 -17.80 21.18
C23 PCW AA . 0.19 -18.78 20.04
C24 PCW AA . -0.12 -18.35 18.63
C25 PCW AA . -0.35 -19.40 17.50
C26 PCW AA . 0.50 -19.25 16.26
C27 PCW AA . -0.03 -19.85 14.95
C28 PCW AA . 1.13 -20.21 14.05
C31 PCW AA . -4.42 -8.27 20.52
C32 PCW AA . -5.00 -8.16 21.95
C33 PCW AA . -6.49 -7.61 22.05
C34 PCW AA . -7.55 -8.61 21.57
C35 PCW AA . -7.91 -9.49 22.85
C36 PCW AA . -8.71 -10.77 22.48
C37 PCW AA . -9.10 -11.68 23.69
C38 PCW AA . -9.91 -12.86 23.25
C39 PCW AA . -10.31 -13.76 24.39
C40 PCW AA . -11.18 -14.76 24.36
C41 PCW AA . -11.95 -15.17 23.12
C42 PCW AA . -11.56 -16.68 22.78
C43 PCW AA . -12.38 -17.43 21.73
C44 PCW AA . -11.78 -18.82 21.61
C45 PCW AA . -12.78 -19.92 21.32
C46 PCW AA . -12.16 -21.15 20.71
C47 PCW AA . -13.09 -22.04 19.91
C48 PCW AA . -12.33 -23.25 19.35
N PCW AA . -7.36 -1.58 21.87
O2 PCW AA . -3.53 -7.29 20.36
O3 PCW AA . -1.54 -9.23 19.66
O11 PCW AA . -0.99 -10.08 17.62
O31 PCW AA . -4.75 -9.12 19.66
O1P PCW AA . -3.60 -3.83 20.46
O2P PCW AA . -3.64 -2.58 18.30
O3P PCW AA . -4.04 -5.12 18.33
O4P PCW AA . -5.69 -3.50 19.12
P PCW AA . -4.20 -3.71 19.10
C1 PCW BA . -2.65 -2.76 23.98
C2 PCW BA . -1.72 -4.01 23.79
C3 PCW BA . -2.45 -5.12 22.96
C4 PCW BA . -0.22 0.51 26.52
C5 PCW BA . 0.55 -0.62 27.20
C6 PCW BA . 1.56 0.99 28.91
C7 PCW BA . 2.08 -1.41 28.98
C8 PCW BA . 2.50 -0.20 27.66
C11 PCW BA . -1.47 -7.12 23.85
C12 PCW BA . -0.53 -8.23 23.50
C13 PCW BA . -1.37 -9.53 23.27
C14 PCW BA . -0.57 -10.79 22.91
C15 PCW BA . 0.88 -10.55 22.39
C16 PCW BA . 1.87 -11.61 23.02
C17 PCW BA . 1.81 -13.07 22.47
C18 PCW BA . 3.18 -13.69 22.22
C19 PCW BA . 3.83 -13.18 20.90
C20 PCW BA . 4.59 -14.01 20.09
C21 PCW BA . 4.99 -15.43 20.19
C22 PCW BA . 6.09 -15.67 19.11
C23 PCW BA . 6.07 -17.04 18.37
C24 PCW BA . 5.96 -16.99 16.87
C25 PCW BA . 6.19 -18.28 16.01
C26 PCW BA . 5.00 -19.20 15.83
C27 PCW BA . 5.23 -20.72 16.00
C28 PCW BA . 4.22 -21.29 16.96
C31 PCW BA . 0.53 -3.22 23.80
C32 PCW BA . 1.71 -2.87 22.89
C33 PCW BA . 2.74 -4.06 22.60
C34 PCW BA . 4.07 -3.92 23.34
C35 PCW BA . 3.79 -4.40 24.83
C36 PCW BA . 3.89 -5.93 24.98
C37 PCW BA . 3.62 -6.49 26.41
C38 PCW BA . 2.67 -7.63 26.41
C39 PCW BA . 2.41 -8.19 27.79
C40 PCW BA . 2.67 -9.42 28.23
C41 PCW BA . 3.27 -10.52 27.38
C42 PCW BA . 2.10 -11.49 26.90
C43 PCW BA . 1.64 -12.58 27.85
C44 PCW BA . 0.52 -13.33 27.15
C45 PCW BA . 0.46 -14.81 27.44
C46 PCW BA . 1.32 -15.64 26.52
C47 PCW BA . 2.27 -16.62 27.18
C48 PCW BA . 3.07 -17.40 26.14
N PCW BA . 1.23 -0.37 28.43
O2 PCW BA . -0.48 -3.62 23.03
O3 PCW BA . -1.59 -6.26 22.81
O11 PCW BA . -2.04 -7.01 24.91
O31 PCW BA . 0.52 -3.13 25.07
O1P PCW BA . -1.00 -0.29 23.85
O2P PCW BA . -3.27 0.36 24.62
O3P PCW BA . -2.36 -1.99 25.15
O4P PCW BA . -1.57 0.02 26.28
P PCW BA . -2.05 -0.42 24.91
C1 PCW CA . 3.50 5.62 5.19
C2 PCW CA . 4.57 4.86 4.31
C3 PCW CA . 4.23 3.33 4.27
C4 PCW CA . 3.09 6.55 9.38
C5 PCW CA . 2.16 5.64 10.16
C6 PCW CA . 1.35 5.69 12.59
C7 PCW CA . 0.11 6.87 10.83
C8 PCW CA . 0.38 5.05 10.99
C11 PCW CA . 4.97 1.33 3.16
C12 PCW CA . 6.10 0.81 2.32
C13 PCW CA . 5.69 0.95 0.81
C14 PCW CA . 6.74 0.46 -0.19
C15 PCW CA . 6.30 -0.75 -1.09
C16 PCW CA . 7.40 -1.87 -1.09
C17 PCW CA . 7.05 -3.22 -1.80
C18 PCW CA . 7.56 -4.45 -1.04
C19 PCW CA . 7.45 -5.75 -1.88
C20 PCW CA . 8.54 -6.30 -2.54
C21 PCW CA . 9.96 -5.89 -2.64
C22 PCW CA . 10.81 -7.20 -2.69
C23 PCW CA . 11.72 -7.41 -3.92
C24 PCW CA . 12.09 -8.83 -4.25
C25 PCW CA . 13.17 -9.14 -5.34
C26 PCW CA . 14.14 -10.26 -5.02
C27 PCW CA . 15.09 -10.74 -6.15
C28 PCW CA . 15.10 -12.25 -6.20
C31 PCW CA . 5.53 6.16 2.57
C32 PCW CA . 5.34 6.59 1.11
C33 PCW CA . 5.39 5.41 0.03
C34 PCW CA . 4.19 5.38 -0.90
C35 PCW CA . 3.08 4.53 -0.16
C36 PCW CA . 3.04 3.06 -0.63
C37 PCW CA . 1.96 2.16 0.08
C38 PCW CA . 1.26 1.28 -0.90
C39 PCW CA . 0.23 0.41 -0.26
C40 PCW CA . 0.41 -0.80 0.28
C41 PCW CA . 1.75 -1.52 0.32
C42 PCW CA . 1.65 -2.84 -0.58
C43 PCW CA . 2.60 -2.98 -1.76
C44 PCW CA . 2.28 -4.32 -2.42
C45 PCW CA . 2.52 -4.36 -3.92
C46 PCW CA . 3.14 -5.65 -4.38
C47 PCW CA . 4.61 -5.59 -4.73
C48 PCW CA . 5.11 -6.97 -5.19
N PCW CA . 1.33 6.19 11.19
O2 PCW CA . 4.52 5.36 2.91
O3 PCW CA . 5.21 2.64 3.47
O11 PCW CA . 4.02 0.70 3.52
O31 PCW CA . 6.49 6.52 3.32
O1P PCW CA . 3.68 8.68 7.49
O2P PCW CA . 1.71 7.73 6.29
O3P PCW CA . 4.05 6.71 5.95
O4P PCW CA . 2.74 6.39 7.98
P PCW CA . 3.01 7.46 6.94
C1 PCW DA . 28.76 11.32 15.49
C2 PCW DA . 29.47 10.27 14.55
C3 PCW DA . 31.03 10.36 14.73
C4 PCW DA . 25.75 14.40 13.16
C5 PCW DA . 26.90 15.42 13.08
C6 PCW DA . 27.28 17.72 12.48
C7 PCW DA . 27.26 17.12 14.73
C8 PCW DA . 25.25 17.19 13.67
C11 PCW DA . 31.66 9.63 12.53
C12 PCW DA . 32.41 8.52 11.82
C13 PCW DA . 33.95 8.75 12.07
C14 PCW DA . 34.86 7.71 11.42
C15 PCW DA . 35.57 8.16 10.11
C16 PCW DA . 36.97 8.80 10.42
C17 PCW DA . 37.31 10.14 9.70
C18 PCW DA . 38.51 10.05 8.77
C19 PCW DA . 39.59 11.13 9.04
C20 PCW DA . 40.74 11.25 8.26
C21 PCW DA . 41.22 10.52 7.07
C22 PCW DA . 40.67 11.25 5.82
C23 PCW DA . 39.73 10.44 4.87
C24 PCW DA . 39.99 10.57 3.41
C25 PCW DA . 39.15 9.76 2.37
C26 PCW DA . 39.89 9.24 1.16
C27 PCW DA . 39.56 9.86 -0.22
C28 PCW DA . 40.61 10.85 -0.62
C31 PCW DA . 29.24 8.51 16.18
C32 PCW DA . 28.75 7.06 16.33
C33 PCW DA . 29.88 5.93 16.25
C34 PCW DA . 29.86 5.13 14.93
C35 PCW DA . 31.26 5.41 14.25
C36 PCW DA . 31.78 4.17 13.48
C37 PCW DA . 33.16 4.35 12.78
C38 PCW DA . 33.15 3.82 11.38
C39 PCW DA . 34.48 3.98 10.69
C40 PCW DA . 34.70 4.52 9.50
C41 PCW DA . 33.60 5.08 8.60
C42 PCW DA . 34.23 5.37 7.17
C43 PCW DA . 33.62 4.70 5.95
C44 PCW DA . 34.41 5.15 4.73
C45 PCW DA . 35.16 4.06 4.02
C46 PCW DA . 34.57 3.67 2.70
C47 PCW DA . 35.48 3.00 1.70
C48 PCW DA . 34.75 2.67 0.40
N PCW DA . 26.68 16.79 13.46
O2 PCW DA . 29.05 8.88 14.92
O3 PCW DA . 31.67 9.40 13.87
O11 PCW DA . 31.15 10.57 11.98
O31 PCW DA . 29.75 9.21 17.10
O1P PCW DA . 27.27 11.99 12.50
O2P PCW DA . 26.08 11.07 14.49
O3P PCW DA . 28.21 12.46 14.79
O4P PCW DA . 26.09 13.45 14.19
P PCW DA . 26.88 12.18 13.94
C1 PCW EA . -1.25 4.82 5.72
C2 PCW EA . -1.02 3.32 6.17
C3 PCW EA . -1.37 2.35 5.00
C4 PCW EA . -3.89 4.59 9.22
C5 PCW EA . -4.43 3.19 8.92
C6 PCW EA . -3.43 0.95 9.62
C7 PCW EA . -5.26 1.94 10.90
C8 PCW EA . -5.29 1.34 9.14
C11 PCW EA . -2.09 0.40 6.23
C12 PCW EA . -1.65 -1.00 6.56
C13 PCW EA . -2.89 -1.97 6.39
C14 PCW EA . -2.62 -3.44 6.69
C15 PCW EA . -2.77 -4.42 5.49
C16 PCW EA . -2.31 -5.87 5.89
C17 PCW EA . -1.83 -6.82 4.74
C18 PCW EA . -0.34 -6.69 4.43
C19 PCW EA . -0.01 -6.90 2.94
C20 PCW EA . 0.41 -8.12 2.43
C21 PCW EA . 0.66 -9.44 3.07
C22 PCW EA . 1.96 -10.01 2.44
C23 PCW EA . 3.17 -10.23 3.38
C24 PCW EA . 4.54 -10.12 2.76
C25 PCW EA . 5.38 -11.40 2.47
C26 PCW EA . 4.94 -12.24 1.28
C27 PCW EA . 4.64 -13.74 1.53
C28 PCW EA . 3.37 -14.13 0.82
C31 PCW EA . 0.62 2.54 7.70
C32 PCW EA . 2.12 2.38 7.90
C33 PCW EA . 2.68 0.87 7.78
C34 PCW EA . 3.58 0.47 8.95
C35 PCW EA . 3.85 -1.08 8.76
C36 PCW EA . 3.35 -1.92 9.97
C37 PCW EA . 3.59 -3.46 9.86
C38 PCW EA . 2.58 -4.11 8.97
C39 PCW EA . 2.79 -5.60 8.87
C40 PCW EA . 3.32 -6.27 7.84
C41 PCW EA . 3.82 -5.63 6.56
C42 PCW EA . 5.40 -5.78 6.50
C43 PCW EA . 5.99 -6.82 5.57
C44 PCW EA . 7.51 -6.75 5.72
C45 PCW EA . 8.30 -7.54 4.70
C46 PCW EA . 9.48 -8.25 5.29
C47 PCW EA . 9.31 -9.73 5.55
C48 PCW EA . 10.58 -10.33 6.14
N PCW EA . -4.26 2.14 9.88
O2 PCW EA . 0.42 3.11 6.51
O3 PCW EA . -1.16 0.99 5.44
O11 PCW EA . -3.11 0.92 6.61
O31 PCW EA . -0.29 2.20 8.52
O1P PCW EA . -1.54 5.93 8.23
O2P PCW EA . -3.20 7.50 7.22
O3P PCW EA . -2.57 5.32 6.00
O4P PCW EA . -3.97 5.35 8.00
P PCW EA . -2.77 6.09 7.41
C1 PCW FA . 17.22 -10.85 35.73
C2 PCW FA . 15.76 -11.42 35.83
C3 PCW FA . 15.43 -11.75 37.33
C4 PCW FA . 19.93 -7.12 36.62
C5 PCW FA . 19.61 -6.96 38.11
C6 PCW FA . 19.42 -8.50 40.14
C7 PCW FA . 21.62 -7.76 39.33
C8 PCW FA . 20.26 -6.73 40.04
C11 PCW FA . 13.32 -11.88 38.48
C12 PCW FA . 11.96 -12.50 38.36
C13 PCW FA . 11.11 -11.58 37.40
C14 PCW FA . 9.67 -12.04 37.14
C15 PCW FA . 9.26 -12.16 35.65
C16 PCW FA . 7.70 -12.13 35.49
C17 PCW FA . 6.93 -13.47 35.72
C18 PCW FA . 7.43 -14.61 34.82
C19 PCW FA . 6.40 -15.75 34.69
C20 PCW FA . 6.75 -17.08 34.90
C21 PCW FA . 8.02 -17.74 35.28
C22 PCW FA . 8.04 -19.12 34.56
C23 PCW FA . 8.05 -20.40 35.45
C24 PCW FA . 6.79 -20.71 36.20
C25 PCW FA . 5.59 -21.41 35.49
C26 PCW FA . 4.22 -21.21 36.09
C27 PCW FA . 3.40 -22.45 36.46
C28 PCW FA . 3.07 -22.44 37.93
C31 PCW FA . 13.78 -10.89 34.65
C32 PCW FA . 12.85 -9.72 34.24
C33 PCW FA . 13.25 -8.96 32.89
C34 PCW FA . 13.48 -9.91 31.71
C35 PCW FA . 13.12 -9.06 30.42
C36 PCW FA . 13.44 -9.83 29.11
C37 PCW FA . 13.11 -9.07 27.79
C38 PCW FA . 12.04 -9.75 27.02
C39 PCW FA . 11.70 -9.04 25.74
C40 PCW FA . 11.14 -9.56 24.66
C41 PCW FA . 10.73 -11.03 24.53
C42 PCW FA . 11.08 -11.51 23.05
C43 PCW FA . 11.18 -13.00 22.79
C44 PCW FA . 11.51 -13.16 21.31
C45 PCW FA . 10.60 -14.09 20.54
C46 PCW FA . 11.32 -15.16 19.77
C47 PCW FA . 10.67 -15.61 18.48
C48 PCW FA . 11.50 -16.70 17.79
N PCW FA . 20.20 -7.85 39.07
O2 PCW FA . 14.77 -10.39 35.37
O3 PCW FA . 14.09 -12.27 37.42
O11 PCW FA . 13.67 -11.15 39.37
O31 PCW FA . 13.59 -12.10 34.34
O1P PCW FA . 19.66 -9.54 35.04
O2P PCW FA . 17.96 -8.18 33.79
O3P PCW FA . 17.31 -9.42 35.95
O4P PCW FA . 18.67 -7.41 35.95
P PCW FA . 18.45 -8.66 35.11
C1 PCW GA . 11.50 6.85 8.86
C2 PCW GA . 12.40 6.64 7.59
C3 PCW GA . 13.34 7.88 7.40
C4 PCW GA . 13.70 7.50 11.68
C5 PCW GA . 15.22 7.49 11.92
C6 PCW GA . 15.55 6.02 13.80
C7 PCW GA . 15.10 8.28 14.18
C8 PCW GA . 17.18 7.74 13.41
C11 PCW GA . 15.09 8.63 5.94
C12 PCW GA . 15.83 8.24 4.69
C13 PCW GA . 17.17 7.54 5.11
C14 PCW GA . 18.04 7.07 3.94
C15 PCW GA . 19.15 8.07 3.50
C16 PCW GA . 18.65 8.96 2.30
C17 PCW GA . 18.87 8.40 0.86
C18 PCW GA . 20.34 8.30 0.45
C19 PCW GA . 20.67 9.06 -0.85
C20 PCW GA . 21.43 8.50 -1.86
C21 PCW GA . 22.09 7.18 -2.01
C22 PCW GA . 23.63 7.44 -1.89
C23 PCW GA . 24.43 7.62 -3.21
C24 PCW GA . 24.62 6.40 -4.05
C25 PCW GA . 24.45 6.47 -5.60
C26 PCW GA . 23.58 5.40 -6.23
C27 PCW GA . 24.20 4.54 -7.35
C28 PCW GA . 23.89 3.08 -7.14
C31 PCW GA . 13.15 4.51 6.85
C32 PCW GA . 14.10 3.36 7.20
C33 PCW GA . 14.95 2.78 5.98
C34 PCW GA . 15.70 1.49 6.32
C35 PCW GA . 15.55 0.56 5.04
C36 PCW GA . 16.83 0.52 4.17
C37 PCW GA . 16.73 -0.39 2.91
C38 PCW GA . 18.08 -0.69 2.34
C39 PCW GA . 18.01 -1.56 1.11
C40 PCW GA . 19.03 -1.95 0.34
C41 PCW GA . 20.47 -1.56 0.58
C42 PCW GA . 21.39 -2.50 -0.34
C43 PCW GA . 22.68 -1.91 -0.91
C44 PCW GA . 23.33 -3.02 -1.72
C45 PCW GA . 24.42 -2.57 -2.66
C46 PCW GA . 25.28 -3.69 -3.18
C47 PCW GA . 26.42 -3.29 -4.08
C48 PCW GA . 27.22 -4.53 -4.55
N PCW GA . 15.73 7.37 13.25
O2 PCW GA . 13.28 5.45 7.80
O3 PCW GA . 14.16 7.69 6.23
O11 PCW GA . 15.28 9.64 6.57
O31 PCW GA . 12.38 4.57 5.85
O1P PCW GA . 11.85 5.31 12.12
O2P PCW GA . 13.28 4.16 10.44
O3P PCW GA . 11.33 5.68 9.68
O4P PCW GA . 13.44 6.54 10.60
P PCW GA . 12.49 5.36 10.77
C1 PCW HA . -7.25 -7.47 26.63
C2 PCW HA . -6.13 -8.24 27.42
C3 PCW HA . -6.72 -8.85 28.75
C4 PCW HA . -3.67 -5.09 26.86
C5 PCW HA . -2.76 -5.66 27.95
C6 PCW HA . -1.00 -7.49 28.23
C7 PCW HA . -0.47 -5.43 27.02
C8 PCW HA . -0.89 -5.61 28.80
C11 PCW HA . -5.32 -9.06 30.70
C12 PCW HA . -4.22 -9.93 31.26
C13 PCW HA . -4.87 -10.98 32.23
C14 PCW HA . -3.87 -11.94 32.88
C15 PCW HA . -4.47 -13.30 33.37
C16 PCW HA . -3.66 -13.84 34.61
C17 PCW HA . -2.97 -15.25 34.44
C18 PCW HA . -1.94 -15.54 35.53
C19 PCW HA . -0.48 -15.55 35.00
C20 PCW HA . 0.35 -16.65 35.13
C21 PCW HA . 0.15 -17.99 35.75
C22 PCW HA . -0.08 -18.98 34.58
C23 PCW HA . 0.41 -20.45 34.78
C24 PCW HA . -0.65 -21.51 34.89
C25 PCW HA . -0.38 -22.83 35.67
C26 PCW HA . -1.36 -23.16 36.79
C27 PCW HA . -0.80 -23.26 38.22
C28 PCW HA . -0.57 -24.71 38.59
C31 PCW HA . -4.27 -9.41 26.54
C32 PCW HA . -3.88 -10.62 25.68
C33 PCW HA . -2.89 -11.67 26.39
C34 PCW HA . -3.30 -12.02 27.82
C35 PCW HA . -4.07 -13.39 27.72
C36 PCW HA . -3.25 -14.57 28.26
C37 PCW HA . -3.95 -15.97 28.19
C38 PCW HA . -2.99 -17.08 27.92
C39 PCW HA . -3.64 -18.43 27.85
C40 PCW HA . -3.15 -19.59 28.28
C41 PCW HA . -1.78 -19.73 28.93
C42 PCW HA . -1.18 -21.15 28.53
C43 PCW HA . -0.08 -21.75 29.38
C44 PCW HA . 0.29 -23.09 28.77
C45 PCW HA . 1.45 -23.79 29.42
C46 PCW HA . 1.34 -25.29 29.42
C47 PCW HA . 1.69 -25.99 30.71
C48 PCW HA . 1.53 -27.51 30.57
N PCW HA . -1.51 -6.25 27.60
O2 PCW HA . -5.60 -9.36 26.61
O3 PCW HA . -5.68 -9.53 29.47
O11 PCW HA . -5.80 -8.10 31.24
O31 PCW HA . -3.47 -8.60 27.08
O1P PCW HA . -5.95 -4.11 25.32
O2P PCW HA . -7.20 -4.58 27.43
O3P PCW HA . -6.75 -6.46 25.73
O4P PCW HA . -5.01 -5.54 27.17
P PCW HA . -6.25 -5.09 26.40
C1 PCW IA . -10.60 4.30 -10.43
C2 PCW IA . -11.62 3.14 -10.07
C3 PCW IA . -13.09 3.71 -10.02
C4 PCW IA . -7.87 6.09 -6.75
C5 PCW IA . -8.53 6.89 -5.64
C6 PCW IA . -6.80 8.56 -5.36
C7 PCW IA . -8.89 8.91 -4.37
C8 PCW IA . -8.76 9.15 -6.63
C11 PCW IA . -15.34 2.91 -9.75
C12 PCW IA . -16.10 1.68 -9.36
C13 PCW IA . -16.87 1.16 -10.63
C14 PCW IA . -17.70 -0.10 -10.40
C15 PCW IA . -18.23 -0.82 -11.68
C16 PCW IA . -18.79 -2.24 -11.32
C17 PCW IA . -20.10 -2.69 -12.05
C18 PCW IA . -19.98 -4.03 -12.77
C19 PCW IA . -21.34 -4.72 -12.98
C20 PCW IA . -21.50 -6.10 -12.92
C21 PCW IA . -20.55 -7.21 -12.67
C22 PCW IA . -21.38 -8.40 -12.13
C23 PCW IA . -20.74 -9.81 -12.20
C24 PCW IA . -21.68 -10.98 -12.22
C25 PCW IA . -22.63 -11.23 -13.43
C26 PCW IA . -23.81 -12.15 -13.19
C27 PCW IA . -25.18 -11.50 -12.93
C28 PCW IA . -26.28 -12.31 -13.60
C31 PCW IA . -10.92 1.00 -10.83
C32 PCW IA . -10.99 0.03 -12.03
C33 PCW IA . -9.59 -0.55 -12.52
C34 PCW IA . -9.55 -2.07 -12.59
C35 PCW IA . -10.31 -2.47 -13.92
C36 PCW IA . -10.63 -3.98 -14.02
C37 PCW IA . -11.38 -4.43 -15.30
C38 PCW IA . -10.45 -5.07 -16.29
C39 PCW IA . -11.15 -5.53 -17.55
C40 PCW IA . -10.62 -6.18 -18.57
C41 PCW IA . -9.16 -6.61 -18.64
C42 PCW IA . -9.05 -8.11 -18.13
C43 PCW IA . -8.60 -9.18 -19.11
C44 PCW IA . -8.58 -10.49 -18.36
C45 PCW IA . -7.36 -11.34 -18.56
C46 PCW IA . -6.37 -11.27 -17.43
C47 PCW IA . -5.02 -11.90 -17.68
C48 PCW IA . -4.11 -11.76 -16.45
N PCW IA . -8.26 8.30 -5.51
O2 PCW IA . -11.60 2.10 -11.15
O3 PCW IA . -14.00 2.65 -9.70
O11 PCW IA . -15.82 3.97 -10.05
O31 PCW IA . -10.32 0.79 -9.75
O1P PCW IA . -9.92 6.84 -8.65
O2P PCW IA . -11.21 5.02 -7.54
O3P PCW IA . -9.56 4.48 -9.46
O4P PCW IA . -8.85 5.11 -7.20
P PCW IA . -9.94 5.42 -8.19
C1 17F JA . -16.94 4.29 -0.06
N1 17F JA . -19.44 4.24 0.12
O1 17F JA . -18.27 1.82 -2.36
P1 17F JA . -17.04 2.64 -1.97
C2 17F JA . -18.18 4.03 0.81
O2 17F JA . -17.14 3.42 -3.25
C3 17F JA . -18.14 4.92 2.07
O3 17F JA . -17.22 4.06 -1.40
C4 17F JA . -14.45 3.00 -2.31
O4 17F JA . -19.10 5.71 2.40
C5 17F JA . -13.19 2.48 -3.07
O5 17F JA . -17.17 4.91 2.82
C6 17F JA . -12.33 1.61 -2.13
O6 17F JA . -15.65 2.28 -2.63
C7 17F JA . -11.09 -0.16 -3.02
O7 17F JA . -11.17 1.11 -2.78
C8 17F JA . -9.74 -0.43 -3.74
O8 17F JA . -11.88 -1.05 -2.80
C9 17F JA . -8.55 -0.54 -2.74
O9 17F JA . -13.53 1.78 -4.27
C10 17F JA . -7.15 -0.81 -3.39
O10 17F JA . -11.78 2.86 -5.35
C11 17F JA . -6.67 -2.32 -3.29
C12 17F JA . -5.26 -2.53 -3.95
C17 17F JA . -12.79 2.14 -5.32
C18 17F JA . -13.30 1.54 -6.60
C19 17F JA . -12.43 0.41 -7.19
C20 17F JA . -13.12 -0.99 -7.08
C1X 17F JA . -4.82 -3.99 -3.83
C1Y 17F JA . -12.23 -2.12 -7.68
C1Z 17F JA . -12.28 -2.08 -9.21
C2X 17F JA . -3.39 -4.26 -4.50
C21 17F JA . -2.21 -3.85 -3.57
C22 17F JA . -1.59 -4.66 -2.77
C23 17F JA . -1.83 -6.09 -2.58
C24 17F JA . -0.58 -6.96 -2.65
C25 17F JA . -0.77 -8.45 -2.44
C26 17F JA . -0.18 -9.40 -3.59
C27 17F JA . -0.38 -10.88 -3.37
C28 17F JA . 0.25 -11.63 -4.59
C29 17F JA . -0.43 -12.93 -4.76
C30 17F JA . 0.09 -13.76 -5.88
C31 17F JA . -13.42 -2.90 -9.91
C32 17F JA . -13.43 -2.84 -11.46
C33 17F JA . -14.54 -1.88 -11.91
C34 17F JA . -14.82 -1.59 -13.17
C35 17F JA . -14.14 -2.12 -14.40
C36 17F JA . -14.42 -1.31 -15.71
C37 17F JA . -13.15 -1.16 -16.46
C38 17F JA . -13.32 -1.00 -17.99
C39 17F JA . -11.96 -0.85 -18.69
C40 17F JA . -12.14 -0.14 -20.04
C41 17F JA . -11.50 1.31 -20.00
C42 17F JA . -12.35 2.51 -20.43
C1 17F KA . 18.49 6.54 17.93
N1 17F KA . 16.37 7.11 16.72
O1 17F KA . 21.34 5.33 16.66
P1 17F KA . 19.91 5.39 16.18
C2 17F KA . 16.96 6.66 17.97
O2 17F KA . 19.54 6.56 15.31
C3 17F KA . 16.55 7.62 19.11
O3 17F KA . 18.87 5.35 17.33
C4 17F KA . 18.26 3.92 14.74
O4 17F KA . 15.79 8.65 18.91
C5 17F KA . 18.12 2.61 13.92
O5 17F KA . 16.94 7.45 20.26
C6 17F KA . 18.84 2.79 12.55
O6 17F KA . 19.56 4.11 15.30
C7 17F KA . 17.88 1.59 10.79
O7 17F KA . 18.76 1.63 11.75
C8 17F KA . 18.06 0.24 10.04
O8 17F KA . 17.07 2.40 10.42
C9 17F KA . 17.01 -0.83 10.44
O9 17F KA . 18.61 1.45 14.62
C10 17F KA . 17.15 -2.21 9.71
O10 17F KA . 17.36 -0.21 13.64
C11 17F KA . 15.78 -2.95 9.41
C12 17F KA . 16.00 -4.32 8.69
C17 17F KA . 17.74 0.47 14.60
C18 17F KA . 17.17 0.18 15.97
C19 17F KA . 17.31 -1.29 16.45
C20 17F KA . 18.80 -1.80 16.37
C1X 17F KA . 14.66 -5.01 8.40
C1Y 17F KA . 18.91 -3.26 16.85
C1Z 17F KA . 20.35 -3.76 16.71
C2X 17F KA . 14.84 -6.43 7.66
C21 17F KA . 13.56 -6.86 6.88
C22 17F KA . 13.56 -7.36 5.69
C23 17F KA . 14.74 -7.64 4.84
C24 17F KA . 14.79 -6.82 3.55
C25 17F KA . 15.98 -7.08 2.64
C26 17F KA . 17.18 -6.03 2.76
C27 17F KA . 18.36 -6.31 1.84
C28 17F KA . 19.44 -5.18 2.09
C29 17F KA . 20.60 -5.80 2.76
C30 17F KA . 21.72 -4.85 3.07
C31 17F KA . 21.44 -3.08 17.61
C32 17F KA . 22.88 -3.61 17.44
C33 17F KA . 23.62 -2.74 16.43
C34 17F KA . 24.88 -2.91 16.05
C35 17F KA . 25.83 -3.99 16.52
C36 17F KA . 27.06 -4.23 15.58
C37 17F KA . 26.75 -5.37 14.68
C38 17F KA . 27.08 -6.77 15.27
C39 17F KA . 26.74 -7.90 14.28
C40 17F KA . 25.47 -8.62 14.71
C41 17F KA . 24.32 -8.44 13.63
C42 17F KA . 23.39 -7.23 13.76
C1 17F LA . -7.58 5.68 0.19
N1 17F LA . -5.80 6.14 1.89
O1 17F LA . -6.22 8.01 -2.45
P1 17F LA . -6.98 6.78 -2.03
C2 17F LA . -7.14 5.65 1.67
O2 17F LA . -8.48 6.86 -2.10
C3 17F LA . -7.26 4.22 2.21
O3 17F LA . -6.62 6.30 -0.59
C4 17F LA . -7.19 4.24 -2.73
O4 17F LA . -6.27 3.60 2.78
C5 17F LA . -6.68 3.15 -3.71
O5 17F LA . -8.31 3.58 2.15
C6 17F LA . -7.79 2.83 -4.74
O6 17F LA . -6.60 5.53 -2.93
C7 17F LA . -8.18 1.51 -6.64
O7 17F LA . -7.37 1.83 -5.67
C8 17F LA . -7.50 0.42 -7.48
O8 17F LA . -9.28 1.94 -6.91
C9 17F LA . -8.25 -0.94 -7.43
O9 17F LA . -5.45 3.52 -4.36
C10 17F LA . -7.61 -2.09 -8.27
O10 17F LA . -4.25 3.06 -2.43
C11 17F LA . -8.62 -3.24 -8.69
C12 17F LA . -7.91 -4.38 -9.52
C17 17F LA . -4.38 3.16 -3.66
C18 17F LA . -3.20 2.85 -4.55
C19 17F LA . -3.16 1.40 -5.09
C20 17F LA . -3.77 1.28 -6.54
C1X 17F LA . -8.91 -5.47 -9.90
C1Y 17F LA . -3.71 -0.18 -7.04
C1Z 17F LA . -3.31 -0.22 -8.52
C2X 17F LA . -8.23 -6.64 -10.75
C21 17F LA . -7.47 -7.67 -9.85
C22 17F LA . -7.16 -8.88 -10.21
C23 17F LA . -7.44 -9.53 -11.49
C24 17F LA . -6.52 -10.71 -11.81
C25 17F LA . -6.76 -11.43 -13.13
C26 17F LA . -6.64 -13.03 -13.09
C27 17F LA . -6.88 -13.73 -14.40
C28 17F LA . -6.73 -15.28 -14.15
C29 17F LA . -6.97 -16.00 -15.42
C30 17F LA . -6.86 -17.49 -15.32
C31 17F LA . -4.48 -0.20 -9.56
C32 17F LA . -4.04 -0.25 -11.05
C33 17F LA . -3.73 -1.70 -11.44
C34 17F LA . -3.33 -2.09 -12.64
C35 17F LA . -3.11 -1.21 -13.86
C36 17F LA . -1.64 -0.69 -14.01
C37 17F LA . -1.29 -0.66 -15.45
C38 17F LA . -0.02 -1.45 -15.82
C39 17F LA . 0.27 -1.38 -17.33
C40 17F LA . 0.25 -2.78 -17.95
C41 17F LA . -1.21 -3.41 -17.87
C42 17F LA . -2.37 -2.70 -18.59
C1 17F MA . 12.88 17.93 0.46
N1 17F MA . 14.84 19.21 -0.47
O1 17F MA . 10.66 18.34 -2.54
P1 17F MA . 11.11 17.56 -1.33
C2 17F MA . 14.05 18.91 0.72
O2 17F MA . 10.25 17.69 -0.09
C3 17F MA . 14.97 18.36 1.82
O3 17F MA . 12.57 17.88 -0.89
C4 17F MA . 11.55 15.05 -0.64
O4 17F MA . 16.24 18.20 1.64
C5 17F MA . 11.53 13.58 -1.14
O5 17F MA . 14.52 18.03 2.91
C6 17F MA . 10.25 12.87 -0.63
O6 17F MA . 11.16 16.00 -1.63
C7 17F MA . 10.67 10.59 -0.29
O7 17F MA . 10.19 11.51 -1.06
C8 17F MA . 10.49 9.23 -1.00
O8 17F MA . 11.21 10.67 0.79
C9 17F MA . 9.18 8.51 -0.61
O9 17F MA . 11.65 13.47 -2.57
C10 17F MA . 8.93 7.12 -1.29
O10 17F MA . 13.36 11.93 -2.33
C11 17F MA . 8.53 7.20 -2.82
C12 17F MA . 8.29 5.77 -3.43
C17 17F MA . 12.42 12.47 -2.94
C18 17F MA . 12.04 11.94 -4.31
C19 17F MA . 12.91 12.48 -5.46
C20 17F MA . 12.21 12.35 -6.87
C1X 17F MA . 7.90 5.88 -4.92
C1Y 17F MA . 13.12 12.90 -7.99
C1Z 17F MA . 13.56 11.77 -8.93
C2X 17F MA . 7.65 4.44 -5.59
C21 17F MA . 6.25 3.85 -5.22
C22 17F MA . 5.29 3.68 -6.05
C23 17F MA . 5.28 3.99 -7.49
C24 17F MA . 5.50 2.79 -8.40
C25 17F MA . 5.50 3.05 -9.89
C26 17F MA . 6.93 3.23 -10.57
C27 17F MA . 6.91 3.50 -12.06
C28 17F MA . 8.40 3.65 -12.54
C29 17F MA . 8.57 2.87 -13.79
C30 17F MA . 9.96 2.93 -14.37
C31 17F MA . 15.05 11.30 -8.81
C32 17F MA . 15.47 10.16 -9.76
C33 17F MA . 15.86 8.93 -8.95
C34 17F MA . 16.27 7.78 -9.46
C35 17F MA . 16.43 7.44 -10.93
C36 17F MA . 17.90 7.19 -11.37
C37 17F MA . 17.90 6.74 -12.79
C38 17F MA . 18.88 5.57 -13.10
C39 17F MA . 18.82 5.17 -14.58
C40 17F MA . 18.47 3.67 -14.71
C41 17F MA . 17.96 3.36 -16.17
C42 17F MA . 17.62 1.91 -16.54
C1 17F NA . 20.76 10.29 10.41
N1 17F NA . 19.82 11.87 8.70
O1 17F NA . 21.37 11.82 13.05
P1 17F NA . 22.34 11.58 11.91
C2 17F NA . 19.61 10.63 9.43
O2 17F NA . 23.37 12.64 11.68
C3 17F NA . 18.29 10.72 10.22
O3 17F NA . 21.63 11.36 10.55
C4 17F NA . 24.14 9.79 11.20
O4 17F NA . 17.53 11.77 10.18
C5 17F NA . 24.82 8.45 11.64
O5 17F NA . 17.90 9.79 10.92
C6 17F NA . 24.13 7.27 10.90
O6 17F NA . 23.16 10.24 12.13
C7 17F NA . 23.93 5.12 11.78
O7 17F NA . 24.70 6.02 11.26
C8 17F NA . 24.79 3.86 12.08
O8 17F NA . 22.75 5.13 12.03
C9 17F NA . 25.65 4.02 13.37
O9 17F NA . 26.24 8.45 11.44
C10 17F NA . 26.56 2.79 13.75
O10 17F NA . 26.62 7.96 13.66
C11 17F NA . 27.56 2.34 12.61
C12 17F NA . 28.42 1.11 13.07
C17 17F NA . 26.89 7.92 12.46
C18 17F NA . 28.12 7.18 12.01
C19 17F NA . 27.85 5.96 11.09
C20 17F NA . 28.32 6.20 9.60
C1X 17F NA . 29.39 0.69 11.93
C1Y 17F NA . 28.02 4.96 8.73
C1Z 17F NA . 29.18 3.95 8.79
C2X 17F NA . 30.30 -0.56 12.33
C21 17F NA . 29.47 -1.83 12.66
C22 17F NA . 29.09 -2.71 11.79
C23 17F NA . 29.34 -2.70 10.34
C24 17F NA . 28.20 -2.15 9.51
C25 17F NA . 28.41 -2.12 8.00
C26 17F NA . 27.24 -2.78 7.12
C27 17F NA . 27.47 -2.74 5.64
C28 17F NA . 26.23 -3.43 4.94
C29 17F NA . 26.67 -4.72 4.37
C30 17F NA . 25.60 -5.50 3.68
C31 17F NA . 29.73 3.44 7.42
C32 17F NA . 30.90 2.41 7.51
C33 17F NA . 30.93 1.57 6.24
C34 17F NA . 31.80 0.61 5.98
C35 17F NA . 32.93 0.15 6.89
C36 17F NA . 32.52 -0.93 7.93
C37 17F NA . 33.64 -1.11 8.89
C38 17F NA . 33.33 -0.68 10.35
C39 17F NA . 34.54 -0.91 11.27
C40 17F NA . 34.56 0.13 12.40
C41 17F NA . 36.01 0.72 12.59
C42 17F NA . 36.22 1.95 13.48
C1 17F OA . -4.19 12.99 -6.81
N1 17F OA . -5.96 11.37 -6.09
O1 17F OA . -2.09 11.75 -8.85
P1 17F OA . -3.32 12.57 -9.16
C2 17F OA . -4.74 12.06 -5.71
O2 17F OA . -3.11 14.05 -9.38
C3 17F OA . -4.98 12.86 -4.42
O3 17F OA . -4.41 12.45 -8.07
C4 17F OA . -5.24 12.71 -10.94
O4 17F OA . -6.14 12.87 -3.83
C5 17F OA . -5.83 12.08 -12.24
O5 17F OA . -4.10 13.53 -3.91
C6 17F OA . -6.15 13.22 -13.25
O6 17F OA . -4.05 12.07 -10.47
C7 17F OA . -5.98 12.72 -15.53
O7 17F OA . -6.70 12.71 -14.45
C8 17F OA . -6.84 12.12 -16.67
O8 17F OA . -4.85 13.10 -15.72
C9 17F OA . -7.53 10.80 -16.25
O9 17F OA . -4.97 11.10 -12.83
C10 17F OA . -8.44 10.11 -17.33
O10 17F OA . -5.18 9.35 -11.35
C11 17F OA . -9.77 9.49 -16.76
C12 17F OA . -10.66 8.82 -17.86
C17 17F OA . -5.28 9.87 -12.46
C18 17F OA . -5.85 9.06 -13.61
C19 17F OA . -4.80 8.22 -14.39
C20 17F OA . -5.37 7.66 -15.74
C1X 17F OA . -11.93 8.24 -17.23
C1Y 17F OA . -4.29 6.84 -16.48
C1Z 17F OA . -4.92 5.94 -17.56
C2X 17F OA . -12.89 7.54 -18.30
C21 17F OA . -14.40 7.79 -17.99
C22 17F OA . -15.31 7.98 -18.89
C23 17F OA . -15.14 8.00 -20.35
C24 17F OA . -16.40 7.66 -21.13
C25 17F OA . -16.27 7.66 -22.64
C26 17F OA . -16.02 6.23 -23.33
C27 17F OA . -15.89 6.27 -24.83
C28 17F OA . -15.66 4.79 -25.31
C29 17F OA . -14.57 4.78 -26.32
C30 17F OA . -14.25 3.42 -26.85
C31 17F OA . -5.04 4.41 -17.21
C32 17F OA . -5.68 3.53 -18.32
C33 17F OA . -7.18 3.43 -18.08
C34 17F OA . -8.02 2.74 -18.84
C35 17F OA . -7.68 1.94 -20.08
C36 17F OA . -7.72 0.39 -19.87
C37 17F OA . -6.35 -0.15 -19.99
C38 17F OA . -5.88 -0.45 -21.43
C39 17F OA . -4.44 -1.01 -21.47
C40 17F OA . -3.49 0.00 -22.12
C41 17F OA . -2.24 0.26 -21.18
C42 17F OA . -0.85 -0.22 -21.63
C1 17F PA . -12.26 -2.03 21.18
N1 17F PA . -12.09 -1.70 23.68
O1 17F PA . -9.91 -4.27 22.86
P1 17F PA . -10.39 -3.72 21.53
C2 17F PA . -12.62 -1.18 22.42
O2 17F PA . -9.63 -2.53 21.01
C3 17F PA . -14.14 -1.03 22.54
O3 17F PA . -11.90 -3.33 21.55
C4 17F PA . -10.69 -4.51 19.03
O4 17F PA . -14.79 -1.33 23.61
C5 17F PA . -10.51 -5.72 18.05
O5 17F PA . -14.81 -0.62 21.60
C6 17F PA . -11.66 -5.74 17.02
O6 17F PA . -10.29 -4.80 20.38
C7 17F PA . -12.52 -7.64 15.94
O7 17F PA . -11.53 -6.83 16.11
C8 17F PA . -12.10 -8.70 14.89
O8 17F PA . -13.62 -7.65 16.44
C9 17F PA . -13.02 -8.72 13.65
O9 17F PA . -9.23 -5.71 17.41
C10 17F PA . -12.66 -9.78 12.54
O10 17F PA . -7.81 -5.95 19.21
C11 17F PA . -13.38 -9.54 11.16
C12 17F PA . -12.97 -10.62 10.09
C17 17F PA . -8.30 -6.30 18.13
C18 17F PA . -7.79 -7.58 17.47
C19 17F PA . -8.48 -8.87 17.96
C20 17F PA . -8.65 -9.93 16.81
C1X 17F PA . -13.69 -10.35 8.76
C1Y 17F PA . -9.35 -11.21 17.35
C1Z 17F PA . -10.59 -11.55 16.53
C2X 17F PA . -13.31 -11.42 7.64
C21 17F PA . -14.42 -12.50 7.42
C22 17F PA . -14.29 -13.52 6.65
C23 17F PA . -13.12 -13.90 5.84
C24 17F PA . -12.28 -15.03 6.41
C25 17F PA . -11.06 -15.45 5.61
C26 17F PA . -11.16 -15.28 4.02
C27 17F PA . -9.93 -15.72 3.26
C28 17F PA . -10.21 -15.46 1.72
C29 17F PA . -9.17 -14.56 1.19
C30 17F PA . -9.31 -14.24 -0.26
C31 17F PA . -10.53 -12.86 15.66
C32 17F PA . -11.80 -13.18 14.84
C33 17F PA . -11.49 -14.27 13.83
C34 17F PA . -12.36 -14.78 12.97
C35 17F PA . -13.81 -14.40 12.79
C36 17F PA . -14.25 -14.15 11.32
C37 17F PA . -15.34 -13.15 11.31
C38 17F PA . -16.53 -13.49 10.38
C39 17F PA . -17.62 -12.39 10.42
C40 17F PA . -18.63 -12.61 9.30
C41 17F PA . -18.18 -11.85 7.99
C42 17F PA . -18.06 -10.32 8.01
C1 17F QA . 9.89 12.77 8.54
N1 17F QA . 11.05 14.34 6.99
O1 17F QA . 8.96 9.69 9.53
P1 17F QA . 9.86 10.22 8.44
C2 17F QA . 9.78 13.97 7.59
O2 17F QA . 11.33 10.33 8.75
C3 17F QA . 9.20 15.17 8.34
O3 17F QA . 9.42 11.61 7.91
C4 17F QA . 10.56 9.63 5.97
O4 17F QA . 9.81 16.31 8.39
C5 17F QA . 10.35 8.60 4.82
O5 17F QA . 8.13 15.09 8.93
C6 17F QA . 11.36 8.90 3.68
O6 17F QA . 9.80 9.32 7.14
C7 17F QA . 12.19 7.22 2.28
O7 17F QA . 11.20 7.99 2.60
C8 17F QA . 11.74 6.33 1.10
O8 17F QA . 13.30 7.12 2.74
C9 17F QA . 11.23 4.93 1.55
O9 17F QA . 10.44 7.25 5.26
C10 17F QA . 10.74 3.97 0.41
O10 17F QA . 9.18 6.04 3.75
C11 17F QA . 11.65 3.94 -0.88
C12 17F QA . 11.08 2.95 -1.97
C17 17F QA . 9.41 6.53 4.87
C18 17F QA . 8.42 6.30 5.99
C19 17F QA . 8.06 4.82 6.24
C20 17F QA . 9.23 4.03 6.95
C1X 17F QA . 11.99 2.95 -3.20
C1Y 17F QA . 8.81 2.56 7.17
C1Z 17F QA . 9.82 1.60 6.53
C2X 17F QA . 11.44 1.95 -4.33
C21 17F QA . 12.33 1.95 -5.62
C22 17F QA . 12.71 0.90 -6.25
C23 17F QA . 12.40 -0.50 -5.91
C24 17F QA . 13.19 -1.53 -6.70
C25 17F QA . 12.91 -2.99 -6.40
C26 17F QA . 13.92 -4.04 -7.09
C27 17F QA . 13.63 -5.49 -6.78
C28 17F QA . 14.72 -6.36 -7.53
C29 17F QA . 14.05 -7.16 -8.59
C30 17F QA . 14.96 -8.02 -9.39
C31 17F QA . 9.62 1.27 5.01
C32 17F QA . 10.67 0.30 4.40
C33 17F QA . 11.26 0.93 3.15
C34 17F QA . 12.19 0.37 2.37
C35 17F QA . 12.83 -0.98 2.57
C36 17F QA . 12.41 -2.07 1.53
C37 17F QA . 13.62 -2.74 1.01
C38 17F QA . 13.47 -3.39 -0.39
C39 17F QA . 14.78 -4.06 -0.85
C40 17F QA . 14.76 -5.56 -0.52
C41 17F QA . 15.45 -6.39 -1.68
C42 17F QA . 15.20 -7.90 -1.76
C1 PCW RA . -5.48 -29.11 -15.97
C2 PCW RA . -6.63 -28.42 -15.13
C3 PCW RA . -7.07 -29.38 -13.97
C4 PCW RA . -5.13 -29.60 -20.24
C5 PCW RA . -4.85 -28.41 -21.14
C6 PCW RA . -5.66 -28.64 -23.54
C7 PCW RA . -6.49 -26.83 -22.11
C8 PCW RA . -4.77 -27.10 -22.70
C11 PCW RA . -9.37 -29.27 -13.34
C12 PCW RA . -10.32 -28.49 -12.46
C13 PCW RA . -11.09 -29.52 -11.55
C14 PCW RA . -12.10 -28.90 -10.58
C15 PCW RA . -11.54 -27.86 -9.57
C16 PCW RA . -12.46 -26.60 -9.49
C17 PCW RA . -13.88 -26.78 -8.86
C18 PCW RA . -13.97 -26.29 -7.42
C19 PCW RA . -15.32 -25.61 -7.09
C20 PCW RA . -15.40 -24.31 -6.62
C21 PCW RA . -14.37 -23.29 -6.31
C22 PCW RA . -14.43 -23.04 -4.77
C23 PCW RA . -14.79 -21.61 -4.29
C24 PCW RA . -16.25 -21.25 -4.30
C25 PCW RA . -16.95 -20.76 -2.99
C26 PCW RA . -18.46 -20.88 -2.97
C27 PCW RA . -19.07 -21.96 -2.04
C28 PCW RA . -20.55 -22.12 -2.35
C31 PCW RA . -5.95 -26.15 -15.35
C32 PCW RA . -5.44 -24.94 -14.55
C33 PCW RA . -6.56 -24.09 -13.79
C34 PCW RA . -6.89 -22.77 -14.47
C35 PCW RA . -8.44 -22.53 -14.21
C36 PCW RA . -8.70 -21.66 -12.96
C37 PCW RA . -10.20 -21.39 -12.65
C38 PCW RA . -10.38 -20.60 -11.40
C39 PCW RA . -11.83 -20.32 -11.07
C40 PCW RA . -12.43 -19.13 -11.08
C41 PCW RA . -11.74 -17.82 -11.42
C42 PCW RA . -12.26 -16.71 -10.40
C43 PCW RA . -11.40 -15.48 -10.14
C44 PCW RA . -12.15 -14.62 -9.15
C45 PCW RA . -12.48 -13.22 -9.65
C46 PCW RA . -12.01 -12.12 -8.74
C47 PCW RA . -11.62 -10.83 -9.40
C48 PCW RA . -11.17 -9.79 -8.37
N PCW RA . -5.77 -28.08 -22.17
O2 PCW RA . -6.12 -27.16 -14.49
O3 PCW RA . -8.12 -28.77 -13.20
O11 PCW RA . -9.69 -30.18 -14.05
O31 PCW RA . -6.18 -26.17 -16.59
O1P PCW RA . -7.26 -30.95 -18.82
O2P PCW RA . -7.72 -28.68 -17.92
O3P PCW RA . -5.93 -30.17 -16.83
O4P PCW RA . -5.58 -29.07 -18.98
P PCW RA . -6.70 -29.72 -18.18
C1 PCW SA . 8.35 -24.39 -10.19
C2 PCW SA . 7.86 -24.79 -8.74
C3 PCW SA . 8.32 -23.71 -7.70
C4 PCW SA . 9.59 -28.34 -9.77
C5 PCW SA . 9.76 -28.33 -8.25
C6 PCW SA . 8.15 -28.98 -6.38
C7 PCW SA . 9.69 -30.63 -7.31
C8 PCW SA . 10.11 -29.08 -6.39
C11 PCW SA . 8.49 -25.10 -5.73
C12 PCW SA . 7.84 -25.30 -4.39
C13 PCW SA . 6.36 -25.81 -4.62
C14 PCW SA . 5.57 -26.08 -3.33
C15 PCW SA . 5.19 -24.81 -2.51
C16 PCW SA . 4.29 -23.83 -3.34
C17 PCW SA . 2.74 -23.93 -3.17
C18 PCW SA . 1.96 -23.40 -4.38
C19 PCW SA . 1.91 -24.40 -5.57
C20 PCW SA . 0.73 -24.91 -6.06
C21 PCW SA . -0.69 -24.69 -5.67
C22 PCW SA . -1.50 -24.52 -6.99
C23 PCW SA . -1.79 -23.08 -7.48
C24 PCW SA . -2.32 -22.12 -6.45
C25 PCW SA . -3.74 -21.48 -6.60
C26 PCW SA . -4.52 -21.26 -5.33
C27 PCW SA . -5.92 -20.64 -5.44
C28 PCW SA . -6.31 -19.98 -4.13
C31 PCW SA . 5.87 -26.05 -8.50
C32 PCW SA . 4.33 -25.95 -8.47
C33 PCW SA . 3.67 -25.29 -9.76
C34 PCW SA . 2.25 -25.81 -10.04
C35 PCW SA . 1.31 -24.52 -9.97
C36 PCW SA . 1.22 -23.78 -11.33
C37 PCW SA . 0.32 -22.50 -11.34
C38 PCW SA . 1.11 -21.25 -11.27
C39 PCW SA . 0.25 -20.01 -11.28
C40 PCW SA . -0.27 -19.37 -10.24
C41 PCW SA . -0.10 -19.82 -8.79
C42 PCW SA . -0.77 -18.71 -7.85
C43 PCW SA . -0.35 -18.67 -6.39
C44 PCW SA . -1.14 -17.53 -5.74
C45 PCW SA . -1.77 -17.87 -4.42
C46 PCW SA . -1.74 -16.73 -3.43
C47 PCW SA . -2.95 -16.57 -2.54
C48 PCW SA . -2.79 -15.38 -1.58
N PCW SA . 9.10 -29.32 -7.46
O2 PCW SA . 6.37 -24.84 -8.70
O3 PCW SA . 7.86 -24.09 -6.39
O11 PCW SA . 9.41 -25.74 -6.16
O31 PCW SA . 6.54 -27.12 -8.34
O1P PCW SA . 8.37 -26.64 -11.77
O2P PCW SA . 10.74 -26.22 -12.43
O3P PCW SA . 9.67 -24.86 -10.52
O4P PCW SA . 10.32 -27.19 -10.28
P PCW SA . 9.76 -26.26 -11.33
C1 PCW TA . 25.89 -20.60 -13.34
C2 PCW TA . 24.92 -19.55 -12.67
C3 PCW TA . 23.65 -19.35 -13.56
C4 PCW TA . 22.70 -22.78 -11.72
C5 PCW TA . 22.06 -23.66 -10.65
C6 PCW TA . 19.63 -23.28 -9.98
C7 PCW TA . 20.30 -25.32 -11.15
C8 PCW TA . 20.82 -24.77 -9.47
C11 PCW TA . 21.64 -18.84 -12.35
C12 PCW TA . 20.87 -17.68 -11.79
C13 PCW TA . 19.76 -17.29 -12.83
C14 PCW TA . 18.88 -16.11 -12.42
C15 PCW TA . 17.76 -16.43 -11.38
C16 PCW TA . 17.79 -15.39 -10.20
C17 PCW TA . 17.31 -13.93 -10.52
C18 PCW TA . 17.54 -12.96 -9.36
C19 PCW TA . 17.11 -11.51 -9.71
C20 PCW TA . 18.02 -10.52 -10.01
C21 PCW TA . 19.51 -10.49 -10.09
C22 PCW TA . 19.96 -9.05 -9.74
C23 PCW TA . 20.57 -8.82 -8.33
C24 PCW TA . 19.70 -8.20 -7.29
C25 PCW TA . 19.85 -8.57 -5.78
C26 PCW TA . 18.69 -9.32 -5.15
C27 PCW TA . 18.82 -9.72 -3.67
C28 PCW TA . 17.61 -10.49 -3.23
C31 PCW TA . 25.21 -19.64 -10.32
C32 PCW TA . 24.61 -20.22 -9.02
C33 PCW TA . 23.25 -19.54 -8.53
C34 PCW TA . 23.39 -18.82 -7.19
C35 PCW TA . 22.20 -17.78 -7.14
C36 PCW TA . 21.24 -18.04 -5.95
C37 PCW TA . 20.04 -17.04 -5.85
C38 PCW TA . 20.31 -15.92 -4.90
C39 PCW TA . 19.16 -14.95 -4.79
C40 PCW TA . 19.19 -13.64 -5.01
C41 PCW TA . 20.43 -12.86 -5.43
C42 PCW TA . 20.60 -13.01 -7.00
C43 PCW TA . 21.94 -13.46 -7.55
C44 PCW TA . 21.82 -13.50 -9.07
C45 PCW TA . 22.64 -14.57 -9.74
C46 PCW TA . 22.93 -14.29 -11.18
C47 PCW TA . 23.82 -15.27 -11.91
C48 PCW TA . 24.03 -14.85 -13.37
N PCW TA . 20.68 -23.99 -10.74
O2 PCW TA . 24.46 -20.05 -11.34
O3 PCW TA . 22.77 -18.40 -12.95
O11 PCW TA . 21.31 -19.99 -12.28
O31 PCW TA . 26.23 -18.88 -10.38
O1P PCW TA . 24.25 -22.65 -14.18
O2P PCW TA . 25.67 -24.33 -13.01
O3P PCW TA . 26.04 -21.82 -12.58
O4P PCW TA . 24.13 -23.05 -11.69
P PCW TA . 25.01 -23.02 -12.93
C1 PCW UA . 0.33 -21.03 -21.36
C2 PCW UA . 0.07 -19.71 -22.18
C3 PCW UA . -1.37 -19.75 -22.81
C4 PCW UA . 2.59 -24.42 -22.92
C5 PCW UA . 3.19 -24.39 -24.33
C6 PCW UA . 1.01 -24.85 -25.58
C7 PCW UA . 2.89 -23.77 -26.72
C8 PCW UA . 2.82 -25.48 -26.02
C11 PCW UA . -1.47 -18.62 -24.92
C12 PCW UA . -1.78 -17.26 -25.50
C13 PCW UA . -3.34 -17.15 -25.69
C14 PCW UA . -3.83 -15.82 -26.27
C15 PCW UA . -4.96 -15.94 -27.34
C16 PCW UA . -5.59 -14.53 -27.62
C17 PCW UA . -7.09 -14.31 -27.21
C18 PCW UA . -7.34 -12.95 -26.55
C19 PCW UA . -8.74 -12.38 -26.87
C20 PCW UA . -9.32 -11.38 -26.10
C21 PCW UA . -8.86 -10.64 -24.90
C22 PCW UA . -10.12 -10.26 -24.07
C23 PCW UA . -10.43 -8.76 -23.87
C24 PCW UA . -9.60 -8.02 -22.85
C25 PCW UA . -8.81 -6.74 -23.24
C26 PCW UA . -8.09 -6.03 -22.10
C27 PCW UA . -6.96 -5.04 -22.49
C28 PCW UA . -6.60 -4.19 -21.29
C31 PCW UA . 1.35 -18.08 -21.01
C32 PCW UA . 1.22 -16.87 -20.08
C33 PCW UA . 2.29 -15.71 -20.32
C34 PCW UA . 3.54 -15.84 -19.44
C35 PCW UA . 3.78 -14.41 -18.81
C36 PCW UA . 4.95 -13.65 -19.47
C37 PCW UA . 5.24 -12.22 -18.90
C38 PCW UA . 4.61 -11.14 -19.74
C39 PCW UA . 4.88 -9.76 -19.20
C40 PCW UA . 4.03 -9.00 -18.51
C41 PCW UA . 2.62 -9.40 -18.13
C42 PCW UA . 1.61 -8.73 -19.17
C43 PCW UA . 1.06 -7.35 -18.87
C44 PCW UA . 0.14 -6.98 -20.02
C45 PCW UA . 0.40 -5.62 -20.64
C46 PCW UA . -0.47 -5.33 -21.83
C47 PCW UA . -1.82 -4.72 -21.52
C48 PCW UA . -2.62 -4.47 -22.82
N PCW UA . 2.32 -24.19 -25.46
O2 PCW UA . 0.11 -18.51 -21.29
O3 PCW UA . -1.60 -18.56 -23.57
O11 PCW UA . -1.18 -19.59 -25.55
O31 PCW UA . 2.43 -18.59 -21.44
O1P PCW UA . 1.43 -21.92 -23.72
O2P PCW UA . 3.62 -20.99 -22.95
O3P PCW UA . 1.72 -21.39 -21.26
O4P PCW UA . 3.01 -23.19 -22.27
P PCW UA . 2.44 -21.83 -22.62
C1 PCW VA . 28.17 -25.28 -11.04
C2 PCW VA . 27.75 -24.24 -9.94
C3 PCW VA . 26.23 -24.41 -9.59
C4 PCW VA . 30.46 -21.91 -11.77
C5 PCW VA . 29.52 -20.76 -11.40
C6 PCW VA . 31.12 -18.80 -11.08
C7 PCW VA . 28.92 -18.46 -12.09
C8 PCW VA . 29.31 -19.00 -10.37
C11 PCW VA . 25.88 -23.83 -7.29
C12 PCW VA . 25.46 -22.66 -6.41
C13 PCW VA . 24.30 -23.15 -5.47
C14 PCW VA . 23.75 -22.10 -4.51
C15 PCW VA . 24.19 -22.26 -3.02
C16 PCW VA . 25.63 -21.65 -2.79
C17 PCW VA . 25.72 -20.32 -1.97
C18 PCW VA . 25.84 -19.07 -2.83
C19 PCW VA . 24.46 -18.55 -3.35
C20 PCW VA . 24.20 -17.21 -3.55
C21 PCW VA . 25.03 -15.99 -3.38
C22 PCW VA . 24.45 -15.24 -2.14
C23 PCW VA . 25.21 -15.38 -0.81
C24 PCW VA . 24.38 -15.47 0.44
C25 PCW VA . 23.97 -14.18 1.22
C26 PCW VA . 22.88 -14.34 2.26
C27 PCW VA . 23.18 -13.89 3.69
C28 PCW VA . 22.56 -12.54 3.95
C31 PCW VA . 29.23 -23.42 -8.27
C32 PCW VA . 29.97 -23.82 -6.97
C33 PCW VA . 29.68 -22.87 -5.70
C34 PCW VA . 29.10 -23.63 -4.51
C35 PCW VA . 30.35 -24.05 -3.63
C36 PCW VA . 29.98 -24.30 -2.15
C37 PCW VA . 31.18 -24.72 -1.24
C38 PCW VA . 30.87 -25.96 -0.45
C39 PCW VA . 32.02 -26.38 0.43
C40 PCW VA . 31.99 -26.58 1.75
C41 PCW VA . 30.76 -26.42 2.61
C42 PCW VA . 31.23 -26.16 4.11
C43 PCW VA . 30.52 -26.92 5.23
C44 PCW VA . 31.17 -26.49 6.54
C45 PCW VA . 30.21 -26.16 7.65
C46 PCW VA . 29.94 -24.69 7.81
C47 PCW VA . 30.08 -24.13 9.21
C48 PCW VA . 29.78 -22.62 9.22
N PCW VA . 29.92 -19.42 -11.67
O2 PCW VA . 28.53 -24.46 -8.68
O3 PCW VA . 25.85 -23.45 -8.60
O11 PCW VA . 26.20 -24.91 -6.89
O31 PCW VA . 29.30 -22.28 -8.83
O1P PCW VA . 31.63 -24.47 -12.51
O2P PCW VA . 29.49 -24.72 -13.79
O3P PCW VA . 29.60 -25.33 -11.28
O4P PCW VA . 29.60 -23.04 -12.09
P PCW VA . 30.13 -24.41 -12.49
C1 PCW WA . 34.14 -9.90 -19.22
C2 PCW WA . 33.74 -8.95 -18.04
C3 PCW WA . 33.16 -7.61 -18.61
C4 PCW WA . 37.44 -11.51 -16.78
C5 PCW WA . 38.67 -10.65 -16.46
C6 PCW WA . 41.20 -10.45 -16.35
C7 PCW WA . 40.13 -11.76 -18.13
C8 PCW WA . 40.01 -9.93 -17.82
C11 PCW WA . 33.76 -6.04 -16.89
C12 PCW WA . 33.16 -5.19 -15.80
C13 PCW WA . 32.50 -3.93 -16.47
C14 PCW WA . 31.84 -2.95 -15.50
C15 PCW WA . 32.82 -2.12 -14.61
C16 PCW WA . 33.87 -1.34 -15.49
C17 PCW WA . 33.31 -0.32 -16.53
C18 PCW WA . 34.34 0.11 -17.57
C19 PCW WA . 34.43 -0.86 -18.77
C20 PCW WA . 33.72 -0.65 -19.95
C21 PCW WA . 32.79 0.41 -20.40
C22 PCW WA . 33.65 1.52 -21.04
C23 PCW WA . 33.78 2.87 -20.27
C24 PCW WA . 35.15 3.45 -20.15
C25 PCW WA . 36.05 3.16 -18.92
C26 PCW WA . 37.23 2.24 -19.14
C27 PCW WA . 37.87 1.58 -17.89
C28 PCW WA . 39.07 0.76 -18.29
C31 PCW WA . 33.11 -10.26 -16.17
C32 PCW WA . 31.90 -10.85 -15.43
C33 PCW WA . 30.88 -9.79 -14.79
C34 PCW WA . 30.33 -10.22 -13.43
C35 PCW WA . 30.82 -9.10 -12.42
C36 PCW WA . 31.79 -9.64 -11.34
C37 PCW WA . 32.30 -8.59 -10.31
C38 PCW WA . 31.80 -8.87 -8.94
C39 PCW WA . 32.28 -7.86 -7.92
C40 PCW WA . 31.54 -7.07 -7.15
C41 PCW WA . 30.02 -7.06 -7.17
C42 PCW WA . 29.55 -5.74 -7.94
C43 PCW WA . 28.13 -5.68 -8.45
C44 PCW WA . 27.96 -4.32 -9.13
C45 PCW WA . 26.92 -3.42 -8.50
C46 PCW WA . 27.24 -1.96 -8.67
C47 PCW WA . 27.79 -1.25 -7.45
C48 PCW WA . 28.06 0.23 -7.75
N PCW WA . 39.97 -11.07 -16.86
O2 PCW WA . 32.66 -9.59 -17.22
O3 PCW WA . 32.78 -6.75 -17.53
O11 PCW WA . 34.93 -6.08 -17.17
O31 PCW WA . 34.31 -10.40 -15.83
O1P PCW WA . 36.21 -13.09 -18.90
O2P PCW WA . 36.64 -11.05 -20.24
O3P PCW WA . 34.51 -11.23 -18.81
O4P PCW WA . 36.74 -10.86 -17.86
P PCW WA . 36.07 -11.61 -19.00
C1 PCW XA . 40.74 -15.26 -9.92
C2 PCW XA . 40.75 -15.53 -8.36
C3 PCW XA . 42.22 -15.54 -7.82
C4 PCW XA . 36.99 -17.97 -9.76
C5 PCW XA . 36.53 -18.20 -8.32
C6 PCW XA . 38.36 -19.01 -6.99
C7 PCW XA . 37.18 -20.51 -8.35
C8 PCW XA . 36.13 -19.77 -6.46
C11 PCW XA . 42.55 -14.76 -5.58
C12 PCW XA . 42.46 -15.21 -4.15
C13 PCW XA . 41.12 -14.64 -3.55
C14 PCW XA . 40.83 -15.01 -2.09
C15 PCW XA . 41.20 -13.91 -1.04
C16 PCW XA . 39.93 -13.06 -0.66
C17 PCW XA . 40.14 -11.54 -0.36
C18 PCW XA . 40.70 -11.27 1.04
C19 PCW XA . 39.98 -10.11 1.77
C20 PCW XA . 40.62 -8.94 2.12
C21 PCW XA . 42.02 -8.47 1.95
C22 PCW XA . 41.94 -7.02 1.43
C23 PCW XA . 43.18 -6.46 0.67
C24 PCW XA . 43.94 -5.34 1.33
C25 PCW XA . 43.43 -3.87 1.25
C26 PCW XA . 43.46 -3.06 2.53
C27 PCW XA . 42.47 -3.45 3.65
C28 PCW XA . 43.17 -3.46 4.99
C31 PCW XA . 38.94 -14.84 -7.01
C32 PCW XA . 38.31 -13.60 -6.34
C33 PCW XA . 36.92 -13.12 -6.96
C34 PCW XA . 36.97 -12.94 -8.49
C35 PCW XA . 36.86 -11.38 -8.72
C36 PCW XA . 37.58 -10.91 -10.00
C37 PCW XA . 37.51 -9.39 -10.30
C38 PCW XA . 38.80 -8.70 -10.03
C39 PCW XA . 38.74 -7.21 -10.31
C40 PCW XA . 38.84 -6.23 -9.42
C41 PCW XA . 39.02 -6.44 -7.93
C42 PCW XA . 37.94 -5.55 -7.16
C43 PCW XA . 38.30 -4.96 -5.82
C44 PCW XA . 37.10 -4.17 -5.34
C45 PCW XA . 37.32 -3.33 -4.10
C46 PCW XA . 36.44 -2.12 -4.03
C47 PCW XA . 35.85 -1.78 -2.69
C48 PCW XA . 34.98 -0.52 -2.77
N PCW XA . 37.03 -19.31 -7.57
O2 PCW XA . 40.03 -14.43 -7.66
O3 PCW XA . 42.20 -15.79 -6.41
O11 PCW XA . 42.89 -13.66 -5.94
O31 PCW XA . 38.49 -16.02 -6.94
O1P PCW XA . 38.34 -17.09 -12.16
O2P PCW XA . 40.38 -17.88 -10.94
O3P PCW XA . 39.46 -15.50 -10.53
O4P PCW XA . 38.37 -17.53 -9.69
P PCW XA . 39.15 -17.05 -10.90
C1 PCW YA . -8.87 -42.24 4.23
C2 PCW YA . -9.18 -40.85 4.94
C3 PCW YA . -10.66 -40.43 4.65
C4 PCW YA . -7.34 -39.27 1.32
C5 PCW YA . -8.10 -37.96 1.19
C6 PCW YA . -8.26 -37.80 -1.22
C7 PCW YA . -6.54 -36.67 -0.10
C8 PCW YA . -8.64 -35.81 0.09
C11 PCW YA . -10.71 -38.03 4.60
C12 PCW YA . -11.05 -36.85 5.46
C13 PCW YA . -12.62 -36.78 5.59
C14 PCW YA . -13.16 -35.62 6.44
C15 PCW YA . -14.25 -34.75 5.76
C16 PCW YA . -14.90 -33.77 6.81
C17 PCW YA . -14.66 -32.24 6.60
C18 PCW YA . -15.55 -31.36 7.48
C19 PCW YA . -16.40 -30.36 6.67
C20 PCW YA . -16.47 -29.01 6.99
C21 PCW YA . -15.84 -28.20 8.05
C22 PCW YA . -16.71 -26.93 8.22
C23 PCW YA . -17.58 -26.82 9.50
C24 PCW YA . -19.03 -26.45 9.33
C25 PCW YA . -19.57 -25.09 9.85
C26 PCW YA . -20.97 -25.09 10.41
C27 PCW YA . -21.25 -24.24 11.67
C28 PCW YA . -22.07 -25.03 12.66
C31 PCW YA . -7.78 -40.98 6.85
C32 PCW YA . -7.80 -41.12 8.38
C33 PCW YA . -8.43 -39.89 9.18
C34 PCW YA . -7.73 -39.61 10.50
C35 PCW YA . -8.63 -40.28 11.62
C36 PCW YA . -8.16 -39.95 13.05
C37 PCW YA . -9.01 -40.58 14.20
C38 PCW YA . -8.18 -40.86 15.42
C39 PCW YA . -8.98 -41.47 16.54
C40 PCW YA . -9.56 -40.84 17.55
C41 PCW YA . -9.51 -39.34 17.77
C42 PCW YA . -10.80 -38.69 17.09
C43 PCW YA . -10.92 -37.19 17.04
C44 PCW YA . -12.24 -36.87 16.34
C45 PCW YA . -12.56 -35.40 16.23
C46 PCW YA . -13.15 -35.01 14.91
C47 PCW YA . -12.35 -34.02 14.09
C48 PCW YA . -13.07 -33.69 12.76
N PCW YA . -7.90 -37.11 0.05
O2 PCW YA . -9.03 -40.99 6.41
O3 PCW YA . -10.92 -39.18 5.30
O11 PCW YA . -10.29 -37.98 3.47
O31 PCW YA . -6.73 -40.87 6.14
O1P PCW YA . -6.96 -42.11 0.92
O2P PCW YA . -9.42 -42.20 1.35
O3P PCW YA . -7.76 -42.20 3.32
O4P PCW YA . -8.23 -40.22 1.97
P PCW YA . -8.10 -41.72 1.82
C1 PCW ZA . 34.08 -23.60 2.27
C2 PCW ZA . 34.11 -22.43 1.21
C3 PCW ZA . 32.66 -21.89 0.96
C4 PCW ZA . 38.21 -24.94 4.59
C5 PCW ZA . 39.33 -25.73 3.94
C6 PCW ZA . 40.75 -27.77 4.53
C7 PCW ZA . 38.45 -28.04 3.73
C8 PCW ZA . 39.89 -27.34 2.81
C11 PCW ZA . 33.01 -21.11 -1.29
C12 PCW ZA . 32.97 -19.85 -2.10
C13 PCW ZA . 31.47 -19.55 -2.47
C14 PCW ZA . 31.25 -18.28 -3.30
C15 PCW ZA . 30.85 -17.01 -2.51
C16 PCW ZA . 29.33 -16.68 -2.70
C17 PCW ZA . 28.98 -15.34 -3.46
C18 PCW ZA . 29.61 -14.10 -2.83
C19 PCW ZA . 28.57 -13.06 -2.36
C20 PCW ZA . 28.23 -12.91 -1.02
C21 PCW ZA . 28.69 -13.60 0.21
C22 PCW ZA . 27.94 -12.93 1.40
C23 PCW ZA . 28.42 -13.28 2.83
C24 PCW ZA . 27.37 -13.62 3.84
C25 PCW ZA . 26.64 -12.51 4.65
C26 PCW ZA . 27.44 -11.86 5.77
C27 PCW ZA . 26.97 -10.48 6.29
C28 PCW ZA . 27.90 -9.39 5.82
C31 PCW ZA . 35.98 -21.01 0.99
C32 PCW ZA . 36.73 -19.82 1.64
C33 PCW ZA . 36.94 -19.94 3.23
C34 PCW ZA . 36.81 -18.61 3.95
C35 PCW ZA . 35.76 -18.86 5.10
C36 PCW ZA . 35.71 -17.70 6.13
C37 PCW ZA . 34.70 -17.89 7.30
C38 PCW ZA . 34.72 -16.72 8.23
C39 PCW ZA . 33.74 -16.87 9.38
C40 PCW ZA . 33.96 -16.61 10.66
C41 PCW ZA . 35.28 -16.09 11.21
C42 PCW ZA . 35.28 -16.33 12.79
C43 PCW ZA . 36.27 -17.34 13.37
C44 PCW ZA . 36.05 -17.37 14.87
C45 PCW ZA . 37.14 -18.06 15.65
C46 PCW ZA . 37.81 -17.17 16.65
C47 PCW ZA . 37.15 -17.07 18.01
C48 PCW ZA . 37.95 -16.12 18.94
N PCW ZA . 39.46 -27.12 4.22
O2 PCW ZA . 34.93 -21.30 1.74
O3 PCW ZA . 32.70 -20.82 0.01
O11 PCW ZA . 33.26 -22.21 -1.72
O31 PCW ZA . 36.32 -21.58 -0.09
O1P PCW ZA . 35.91 -26.06 3.23
O2P PCW ZA . 36.72 -24.66 1.33
O3P PCW ZA . 35.22 -23.65 3.15
O4P PCW ZA . 37.56 -24.19 3.52
P PCW ZA . 36.36 -24.70 2.77
C1 PCW AB . 20.01 -39.43 18.95
C2 PCW AB . 20.28 -38.06 19.69
C3 PCW AB . 20.84 -37.00 18.67
C4 PCW AB . 17.09 -39.41 15.01
C5 PCW AB . 15.68 -40.00 15.05
C6 PCW AB . 13.56 -40.65 14.09
C7 PCW AB . 15.53 -41.48 13.17
C8 PCW AB . 15.04 -39.30 12.76
C11 PCW AB . 22.10 -34.98 18.93
C12 PCW AB . 22.19 -33.77 19.81
C13 PCW AB . 22.59 -34.23 21.26
C14 PCW AB . 22.73 -33.11 22.28
C15 PCW AB . 24.16 -32.90 22.86
C16 PCW AB . 24.35 -31.43 23.35
C17 PCW AB . 25.44 -31.17 24.45
C18 PCW AB . 25.86 -29.71 24.55
C19 PCW AB . 26.05 -29.23 26.02
C20 PCW AB . 25.71 -27.96 26.43
C21 PCW AB . 25.12 -26.80 25.72
C22 PCW AB . 25.45 -25.54 26.58
C23 PCW AB . 24.28 -24.57 26.88
C24 PCW AB . 23.75 -24.58 28.28
C25 PCW AB . 24.00 -23.37 29.25
C26 PCW AB . 22.80 -22.85 30.01
C27 PCW AB . 23.01 -21.65 30.95
C28 PCW AB . 22.84 -22.09 32.38
C31 PCW AB . 19.09 -37.13 21.52
C32 PCW AB . 17.72 -36.57 21.94
C33 PCW AB . 17.68 -35.02 22.31
C34 PCW AB . 18.12 -34.70 23.74
C35 PCW AB . 16.94 -35.23 24.66
C36 PCW AB . 17.42 -36.27 25.69
C37 PCW AB . 16.31 -36.83 26.64
C38 PCW AB . 16.33 -36.18 27.98
C39 PCW AB . 15.27 -36.70 28.91
C40 PCW AB . 14.04 -36.23 29.08
C41 PCW AB . 13.47 -35.01 28.36
C42 PCW AB . 12.81 -34.05 29.44
C43 PCW AB . 13.70 -33.05 30.16
C44 PCW AB . 12.81 -32.28 31.12
C45 PCW AB . 12.75 -30.79 30.90
C46 PCW AB . 13.28 -29.98 32.04
C47 PCW AB . 13.39 -28.49 31.82
C48 PCW AB . 13.95 -27.79 33.07
N PCW AB . 14.98 -40.34 13.83
O2 PCW AB . 19.01 -37.50 20.24
O3 PCW AB . 21.07 -35.77 19.37
O11 PCW AB . 22.82 -35.22 18.01
O31 PCW AB . 20.10 -37.20 22.26
O1P PCW AB . 19.64 -38.33 15.95
O2P PCW AB . 20.18 -40.74 16.30
O3P PCW AB . 18.88 -39.41 18.07
O4P PCW AB . 17.87 -40.14 15.98
P PCW AB . 19.21 -39.65 16.51
C1 PCW BB . 26.10 -7.50 -22.56
C2 PCW BB . 25.66 -6.16 -21.85
C3 PCW BB . 26.56 -4.98 -22.34
C4 PCW BB . 28.43 -9.80 -23.93
C5 PCW BB . 29.85 -9.63 -24.46
C6 PCW BB . 32.20 -10.29 -23.72
C7 PCW BB . 30.74 -11.92 -24.83
C8 PCW BB . 31.43 -10.36 -25.53
C11 PCW BB . 26.59 -2.59 -22.19
C12 PCW BB . 26.08 -1.45 -21.34
C13 PCW BB . 27.14 -1.19 -20.20
C14 PCW BB . 26.78 -0.07 -19.22
C15 PCW BB . 26.82 1.38 -19.81
C16 PCW BB . 25.57 2.21 -19.35
C17 PCW BB . 24.51 2.57 -20.46
C18 PCW BB . 23.65 3.78 -20.10
C19 PCW BB . 23.97 5.03 -20.96
C20 PCW BB . 23.67 6.32 -20.55
C21 PCW BB . 23.01 6.85 -19.32
C22 PCW BB . 23.79 8.14 -18.93
C23 PCW BB . 23.51 8.75 -17.53
C24 PCW BB . 23.85 10.19 -17.34
C25 PCW BB . 22.86 11.16 -16.62
C26 PCW BB . 23.42 12.51 -16.23
C27 PCW BB . 23.71 12.77 -14.74
C28 PCW BB . 22.43 13.09 -14.00
C31 PCW BB . 23.38 -6.03 -21.25
C32 PCW BB . 21.99 -5.65 -21.77
C33 PCW BB . 21.09 -4.76 -20.77
C34 PCW BB . 19.95 -5.56 -20.12
C35 PCW BB . 20.48 -5.93 -18.67
C36 PCW BB . 20.84 -7.43 -18.54
C37 PCW BB . 21.37 -7.86 -17.13
C38 PCW BB . 20.26 -8.07 -16.15
C39 PCW BB . 20.75 -8.48 -14.79
C40 PCW BB . 20.01 -8.64 -13.69
C41 PCW BB . 18.51 -8.42 -13.63
C42 PCW BB . 18.24 -6.92 -13.17
C43 PCW BB . 17.88 -6.65 -11.73
C44 PCW BB . 17.69 -5.14 -11.59
C45 PCW BB . 18.81 -4.41 -10.89
C46 PCW BB . 19.86 -3.88 -11.84
C47 PCW BB . 20.85 -2.91 -11.26
C48 PCW BB . 21.86 -2.45 -12.32
N PCW BB . 30.84 -10.63 -24.19
O2 PCW BB . 24.25 -5.83 -22.23
O3 PCW BB . 26.16 -3.77 -21.68
O11 PCW BB . 27.31 -2.46 -23.16
O31 PCW BB . 23.64 -6.46 -20.09
O1P PCW BB . 25.56 -10.18 -24.08
O2P PCW BB . 25.79 -8.83 -26.16
O3P PCW BB . 25.56 -7.67 -23.88
O4P PCW BB . 27.61 -8.81 -24.59
P PCW BB . 26.09 -8.94 -24.71
C1 PCW CB . -3.26 -30.65 -11.73
C2 PCW CB . -3.97 -29.25 -11.95
C3 PCW CB . -5.13 -29.05 -10.92
C4 PCW CB . -2.52 -34.13 -11.97
C5 PCW CB . -2.33 -35.23 -10.92
C6 PCW CB . -3.65 -37.36 -10.41
C7 PCW CB . -1.83 -37.38 -12.05
C8 PCW CB . -1.71 -37.06 -10.23
C11 PCW CB . -6.77 -27.42 -10.29
C12 PCW CB . -7.29 -26.05 -10.67
C13 PCW CB . -8.21 -25.53 -9.51
C14 PCW CB . -8.82 -24.15 -9.74
C15 PCW CB . -8.48 -23.06 -8.68
C16 PCW CB . -9.56 -23.06 -7.53
C17 PCW CB . -9.23 -23.89 -6.25
C18 PCW CB . -9.00 -23.03 -5.00
C19 PCW CB . -9.35 -23.76 -3.69
C20 PCW CB . -9.71 -23.09 -2.53
C21 PCW CB . -9.84 -21.66 -2.20
C22 PCW CB . -11.29 -21.24 -2.57
C23 PCW CB . -11.49 -19.96 -3.42
C24 PCW CB . -11.46 -20.14 -4.90
C25 PCW CB . -10.67 -19.15 -5.81
C26 PCW CB . -10.89 -17.67 -5.57
C27 PCW CB . -12.17 -17.02 -6.14
C28 PCW CB . -12.51 -15.78 -5.37
C31 PCW CB . -2.66 -27.48 -12.86
C32 PCW CB . -1.66 -26.38 -12.48
C33 PCW CB . -2.24 -24.89 -12.54
C34 PCW CB . -3.01 -24.49 -11.27
C35 PCW CB . -3.55 -23.03 -11.55
C36 PCW CB . -4.79 -22.68 -10.70
C37 PCW CB . -5.37 -21.24 -10.92
C38 PCW CB . -5.67 -20.55 -9.64
C39 PCW CB . -6.24 -19.16 -9.84
C40 PCW CB . -5.91 -18.05 -9.18
C41 PCW CB . -4.89 -18.00 -8.05
C42 PCW CB . -5.34 -16.86 -7.03
C43 PCW CB . -4.34 -15.76 -6.70
C44 PCW CB . -5.03 -14.83 -5.72
C45 PCW CB . -4.16 -13.73 -5.16
C46 PCW CB . -4.79 -12.99 -4.01
C47 PCW CB . -4.13 -11.68 -3.62
C48 PCW CB . -4.87 -11.02 -2.44
N PCW CB . -2.71 -36.57 -11.23
O2 PCW CB . -2.99 -28.14 -11.74
O3 PCW CB . -5.76 -27.78 -11.14
O11 PCW CB . -7.16 -28.10 -9.38
O31 PCW CB . -3.09 -27.72 -14.03
O1P PCW CB . -1.79 -32.13 -13.96
O2P PCW CB . 0.28 -31.96 -12.59
O3P PCW CB . -1.83 -30.63 -11.92
O4P PCW CB . -1.63 -33.04 -11.61
P PCW CB . -1.21 -31.96 -12.59
C1 PCW DB . 10.78 -14.59 -23.44
C2 PCW DB . 11.41 -13.18 -23.12
C3 PCW DB . 11.94 -12.53 -24.45
C4 PCW DB . 12.60 -18.82 -21.81
C5 PCW DB . 13.88 -19.39 -21.18
C6 PCW DB . 13.74 -21.82 -21.92
C7 PCW DB . 15.92 -20.72 -21.67
C8 PCW DB . 14.67 -21.08 -20.36
C11 PCW DB . 13.69 -10.91 -24.76
C12 PCW DB . 14.11 -9.54 -24.30
C13 PCW DB . 13.14 -8.50 -24.97
C14 PCW DB . 13.42 -7.03 -24.62
C15 PCW DB . 12.18 -6.19 -24.19
C16 PCW DB . 12.56 -4.67 -24.12
C17 PCW DB . 11.77 -3.79 -23.08
C18 PCW DB . 10.51 -3.16 -23.65
C19 PCW DB . 9.45 -2.84 -22.57
C20 PCW DB . 8.49 -1.86 -22.75
C21 PCW DB . 8.19 -0.94 -23.87
C22 PCW DB . 6.78 -0.34 -23.60
C23 PCW DB . 6.68 1.19 -23.38
C24 PCW DB . 5.91 1.98 -24.39
C25 PCW DB . 6.52 2.30 -25.78
C26 PCW DB . 5.94 1.56 -26.96
C27 PCW DB . 5.30 2.40 -28.10
C28 PCW DB . 3.79 2.44 -27.94
C31 PCW DB . 10.61 -11.88 -21.31
C32 PCW DB . 9.46 -10.97 -20.86
C33 PCW DB . 9.50 -9.48 -21.45
C34 PCW DB . 8.65 -8.50 -20.66
C35 PCW DB . 9.61 -7.29 -20.30
C36 PCW DB . 8.97 -6.29 -19.31
C37 PCW DB . 9.87 -5.08 -18.91
C38 PCW DB . 9.06 -3.83 -18.73
C39 PCW DB . 9.90 -2.64 -18.34
C40 PCW DB . 9.54 -1.35 -18.39
C41 PCW DB . 8.18 -0.87 -18.85
C42 PCW DB . 7.47 -0.15 -17.63
C43 PCW DB . 6.01 -0.45 -17.36
C44 PCW DB . 5.61 0.37 -16.15
C45 PCW DB . 4.12 0.43 -15.89
C46 PCW DB . 3.78 0.86 -14.48
C47 PCW DB . 3.51 2.34 -14.28
C48 PCW DB . 3.17 2.63 -12.81
N PCW DB . 14.49 -20.56 -21.74
O2 PCW DB . 10.36 -12.28 -22.56
O3 PCW DB . 12.51 -11.25 -24.15
O11 PCW DB . 14.31 -11.61 -25.51
O31 PCW DB . 11.62 -12.20 -20.61
O1P PCW DB . 11.74 -17.46 -24.22
O2P PCW DB . 13.58 -15.86 -23.61
O3P PCW DB . 11.23 -15.64 -22.57
O4P PCW DB . 12.79 -17.39 -21.94
P PCW DB . 12.37 -16.60 -23.16
C1 PCW EB . -2.64 -40.64 3.85
C2 PCW EB . -2.65 -39.69 5.11
C3 PCW EB . -3.95 -38.80 5.09
C4 PCW EB . -0.27 -43.20 5.95
C5 PCW EB . 1.00 -43.25 6.78
C6 PCW EB . 0.53 -45.35 8.14
C7 PCW EB . 2.84 -44.69 7.61
C8 PCW EB . 1.61 -43.78 8.66
C11 PCW EB . -5.16 -37.57 6.77
C12 PCW EB . -4.94 -36.66 7.94
C13 PCW EB . -4.71 -37.54 9.23
C14 PCW EB . -4.47 -36.75 10.51
C15 PCW EB . -5.23 -37.24 11.77
C16 PCW EB . -5.88 -36.04 12.53
C17 PCW EB . -7.18 -35.42 11.92
C18 PCW EB . -8.27 -35.14 12.96
C19 PCW EB . -9.24 -36.35 13.14
C20 PCW EB . -10.19 -36.70 12.19
C21 PCW EB . -10.54 -36.12 10.87
C22 PCW EB . -11.60 -37.06 10.24
C23 PCW EB . -13.09 -36.62 10.29
C24 PCW EB . -14.07 -37.58 10.87
C25 PCW EB . -14.09 -37.90 12.40
C26 PCW EB . -13.32 -39.13 12.85
C27 PCW EB . -13.84 -40.52 12.40
C28 PCW EB . -12.88 -41.13 11.41
C31 PCW EB . -1.86 -40.06 7.30
C32 PCW EB . -2.01 -40.98 8.53
C33 PCW EB . -3.50 -41.17 9.08
C34 PCW EB . -4.01 -42.61 8.99
C35 PCW EB . -4.34 -43.03 10.48
C36 PCW EB . -5.85 -43.24 10.71
C37 PCW EB . -6.27 -43.65 12.16
C38 PCW EB . -7.71 -44.01 12.25
C39 PCW EB . -8.12 -44.42 13.64
C40 PCW EB . -9.37 -44.52 14.10
C41 PCW EB . -10.60 -44.23 13.27
C42 PCW EB . -11.54 -43.26 14.13
C43 PCW EB . -12.76 -43.85 14.82
C44 PCW EB . -13.47 -42.70 15.54
C45 PCW EB . -13.18 -42.61 17.02
C46 PCW EB . -14.25 -41.87 17.79
C47 PCW EB . -13.79 -41.07 18.98
C48 PCW EB . -14.98 -40.38 19.67
N PCW EB . 1.43 -44.48 7.35
O2 PCW EB . -2.69 -40.50 6.36
O3 PCW EB . -3.96 -37.93 6.23
O11 PCW EB . -6.23 -37.93 6.36
O31 PCW EB . -1.07 -39.07 7.22
O1P PCW EB . -2.09 -43.34 3.68
O2P PCW EB . -0.01 -42.93 2.37
O3P PCW EB . -1.31 -40.96 3.38
O4P PCW EB . 0.04 -42.48 4.72
P PCW EB . -0.86 -42.50 3.50
C1 PCW FB . 3.37 -15.98 -24.51
C2 PCW FB . 1.80 -15.84 -24.71
C3 PCW FB . 1.27 -14.54 -24.02
C4 PCW FB . 6.60 -18.52 -27.20
C5 PCW FB . 8.08 -18.84 -26.98
C6 PCW FB . 9.41 -16.83 -27.10
C7 PCW FB . 8.71 -17.86 -29.07
C8 PCW FB . 10.37 -18.89 -27.90
C11 PCW FB . -0.78 -13.31 -23.76
C12 PCW FB . -2.25 -13.39 -24.07
C13 PCW FB . -3.05 -13.28 -22.73
C14 PCW FB . -4.57 -13.34 -22.87
C15 PCW FB . -5.37 -12.27 -22.08
C16 PCW FB . -5.34 -10.88 -22.82
C17 PCW FB . -5.84 -9.63 -22.02
C18 PCW FB . -4.95 -9.28 -20.82
C19 PCW FB . -4.45 -7.81 -20.86
C20 PCW FB . -4.60 -6.96 -19.77
C21 PCW FB . -5.19 -7.15 -18.42
C22 PCW FB . -4.01 -7.17 -17.41
C23 PCW FB . -4.33 -7.57 -15.94
C24 PCW FB . -4.74 -6.46 -15.01
C25 PCW FB . -3.77 -5.29 -14.68
C26 PCW FB . -2.58 -5.62 -13.81
C27 PCW FB . -1.17 -5.49 -14.43
C28 PCW FB . -0.30 -4.62 -13.56
C31 PCW FB . 1.98 -14.73 -26.83
C32 PCW FB . 1.53 -14.84 -28.30
C33 PCW FB . 0.34 -13.85 -28.73
C34 PCW FB . -1.03 -14.29 -28.20
C35 PCW FB . -2.04 -13.16 -28.64
C36 PCW FB . -2.29 -12.11 -27.55
C37 PCW FB . -3.28 -10.96 -27.91
C38 PCW FB . -4.27 -10.69 -26.83
C39 PCW FB . -5.24 -9.60 -27.18
C40 PCW FB . -5.25 -8.35 -26.71
C41 PCW FB . -4.25 -7.81 -25.69
C42 PCW FB . -4.71 -6.35 -25.27
C43 PCW FB . -4.56 -5.22 -26.28
C44 PCW FB . -5.08 -3.96 -25.60
C45 PCW FB . -6.05 -3.14 -26.42
C46 PCW FB . -6.38 -1.81 -25.81
C47 PCW FB . -5.55 -0.64 -26.22
C48 PCW FB . -6.00 0.65 -25.52
N PCW FB . 9.09 -18.14 -27.72
O2 PCW FB . 1.47 -15.78 -26.18
O3 PCW FB . -0.15 -14.44 -24.21
O11 PCW FB . -0.23 -12.39 -23.21
O31 PCW FB . 2.70 -13.81 -26.35
O1P PCW FB . 4.61 -16.49 -27.70
O2P PCW FB . 5.81 -15.28 -25.87
O3P PCW FB . 3.98 -17.02 -25.31
O4P PCW FB . 6.19 -17.63 -26.13
P PCW FB . 5.16 -16.53 -26.31
C1 PCW GB . 22.31 -8.96 -23.92
C2 PCW GB . 21.82 -7.98 -25.07
C3 PCW GB . 22.66 -8.23 -26.38
C4 PCW GB . 23.43 -12.16 -25.47
C5 PCW GB . 24.11 -12.07 -26.83
C6 PCW GB . 24.57 -13.71 -28.74
C7 PCW GB . 22.40 -12.62 -28.55
C8 PCW GB . 24.03 -11.82 -28.86
C11 PCW GB . 22.00 -7.86 -28.65
C12 PCW GB . 21.54 -6.78 -29.58
C13 PCW GB . 19.97 -6.74 -29.57
C14 PCW GB . 19.34 -5.68 -30.47
C15 PCW GB . 18.75 -4.43 -29.74
C16 PCW GB . 19.70 -3.20 -29.89
C17 PCW GB . 19.06 -1.87 -30.44
C18 PCW GB . 18.32 -1.06 -29.36
C19 PCW GB . 16.93 -0.59 -29.84
C20 PCW GB . 16.16 0.30 -29.09
C21 PCW GB . 16.39 0.96 -27.78
C22 PCW GB . 15.48 2.22 -27.76
C23 PCW GB . 16.16 3.60 -27.98
C24 PCW GB . 16.91 4.18 -26.82
C25 PCW GB . 16.19 5.11 -25.80
C26 PCW GB . 16.55 6.59 -25.87
C27 PCW GB . 16.46 7.41 -24.56
C28 PCW GB . 15.06 7.94 -24.38
C31 PCW GB . 19.61 -7.18 -25.44
C32 PCW GB . 18.18 -7.65 -25.76
C33 PCW GB . 17.40 -6.75 -26.84
C34 PCW GB . 16.13 -7.41 -27.38
C35 PCW GB . 15.91 -6.81 -28.82
C36 PCW GB . 16.06 -7.87 -29.94
C37 PCW GB . 15.86 -7.34 -31.39
C38 PCW GB . 14.58 -7.82 -31.99
C39 PCW GB . 14.37 -7.32 -33.39
C40 PCW GB . 13.28 -6.75 -33.89
C41 PCW GB . 12.00 -6.50 -33.10
C42 PCW GB . 11.70 -4.93 -33.11
C43 PCW GB . 11.42 -4.23 -31.80
C44 PCW GB . 11.17 -2.77 -32.12
C45 PCW GB . 11.45 -1.81 -30.99
C46 PCW GB . 11.04 -0.39 -31.29
C47 PCW GB . 12.15 0.64 -31.37
C48 PCW GB . 11.59 2.03 -31.68
N PCW GB . 23.66 -12.91 -27.91
O2 PCW GB . 20.38 -8.27 -25.39
O3 PCW GB . 22.20 -7.34 -27.41
O11 PCW GB . 22.17 -9.01 -28.96
O31 PCW GB . 19.97 -5.99 -25.25
O1P PCW GB . 21.11 -12.48 -23.76
O2P PCW GB . 20.03 -11.06 -25.50
O3P PCW GB . 21.34 -9.97 -23.55
O4P PCW GB . 22.42 -11.14 -25.44
P PCW GB . 21.18 -11.22 -24.56
C1 PCW HB . 40.51 -20.14 -4.13
C2 PCW HB . 39.75 -19.68 -2.82
C3 PCW HB . 40.78 -19.45 -1.66
C4 PCW HB . 37.54 -22.68 -3.02
C5 PCW HB . 36.99 -23.94 -2.36
C6 PCW HB . 34.92 -24.95 -1.26
C7 PCW HB . 34.82 -24.11 -3.55
C8 PCW HB . 35.82 -25.53 -2.90
C11 PCW HB . 40.66 -18.07 0.29
C12 PCW HB . 39.76 -17.74 1.44
C13 PCW HB . 39.07 -16.37 1.14
C14 PCW HB . 38.10 -15.87 2.21
C15 PCW HB . 38.38 -14.43 2.74
C16 PCW HB . 38.74 -14.45 4.27
C17 PCW HB . 37.90 -13.53 5.22
C18 PCW HB . 38.65 -12.27 5.66
C19 PCW HB . 37.76 -10.99 5.64
C20 PCW HB . 37.26 -10.42 6.80
C21 PCW HB . 37.39 -10.78 8.23
C22 PCW HB . 38.55 -9.94 8.80
C23 PCW HB . 38.46 -9.50 10.28
C24 PCW HB . 39.55 -8.60 10.79
C25 PCW HB . 39.59 -7.09 10.42
C26 PCW HB . 40.92 -6.39 10.57
C27 PCW HB . 40.92 -4.90 10.96
C28 PCW HB . 41.63 -4.08 9.90
C31 PCW HB . 37.77 -18.51 -3.37
C32 PCW HB . 37.20 -17.10 -3.57
C33 PCW HB . 35.80 -16.83 -2.85
C34 PCW HB . 35.90 -16.79 -1.32
C35 PCW HB . 34.51 -16.23 -0.83
C36 PCW HB . 33.93 -17.03 0.36
C37 PCW HB . 32.56 -16.53 0.91
C38 PCW HB . 31.76 -17.64 1.50
C39 PCW HB . 30.43 -17.19 2.03
C40 PCW HB . 30.14 -16.86 3.29
C41 PCW HB . 31.14 -16.90 4.43
C42 PCW HB . 30.45 -16.25 5.72
C43 PCW HB . 30.42 -17.06 7.00
C44 PCW HB . 29.70 -16.20 8.04
C45 PCW HB . 29.41 -16.89 9.35
C46 PCW HB . 28.62 -16.05 10.30
C47 PCW HB . 29.41 -15.06 11.13
C48 PCW HB . 28.49 -14.27 12.06
N PCW HB . 35.58 -24.17 -2.32
O2 PCW HB . 39.06 -18.39 -3.04
O3 PCW HB . 40.08 -19.03 -0.48
O11 PCW HB . 41.71 -17.55 0.05
O31 PCW HB . 37.12 -19.59 -3.50
O1P PCW HB . 38.57 -21.59 -5.53
O2P PCW HB . 39.96 -23.66 -5.49
O3P PCW HB . 40.74 -21.57 -4.21
O4P PCW HB . 38.90 -22.99 -3.45
P PCW HB . 39.51 -22.46 -4.74
C1 PCW IB . -11.94 -38.44 -6.34
C2 PCW IB . -12.56 -37.12 -5.73
C3 PCW IB . -13.91 -37.46 -5.01
C4 PCW IB . -7.95 -39.66 -8.22
C5 PCW IB . -6.99 -40.78 -7.79
C6 PCW IB . -7.40 -42.61 -9.52
C7 PCW IB . -5.13 -42.13 -8.72
C8 PCW IB . -6.55 -42.78 -7.74
C11 PCW IB . -15.12 -36.34 -3.25
C12 PCW IB . -15.63 -34.98 -2.86
C13 PCW IB . -17.20 -35.01 -2.92
C14 PCW IB . -17.90 -33.69 -2.54
C15 PCW IB . -18.79 -33.72 -1.27
C16 PCW IB . -20.23 -33.20 -1.59
C17 PCW IB . -21.37 -34.29 -1.72
C18 PCW IB . -22.24 -34.40 -0.47
C19 PCW IB . -23.64 -34.99 -0.75
C20 PCW IB . -24.72 -34.74 0.07
C21 PCW IB . -24.88 -33.95 1.31
C22 PCW IB . -25.74 -32.71 0.94
C23 PCW IB . -25.03 -31.33 0.84
C24 PCW IB . -25.69 -30.30 -0.03
C25 PCW IB . -24.86 -29.10 -0.60
C26 PCW IB . -25.54 -27.74 -0.57
C27 PCW IB . -24.92 -26.64 0.30
C28 PCW IB . -24.74 -25.37 -0.49
C31 PCW IB . -11.36 -35.27 -4.91
C32 PCW IB . -10.41 -34.81 -3.78
C33 PCW IB . -9.15 -33.95 -4.26
C34 PCW IB . -8.00 -33.95 -3.25
C35 PCW IB . -7.91 -32.47 -2.70
C36 PCW IB . -7.54 -32.41 -1.20
C37 PCW IB . -7.43 -30.98 -0.59
C38 PCW IB . -8.77 -30.48 -0.13
C39 PCW IB . -8.70 -29.09 0.46
C40 PCW IB . -9.10 -27.96 -0.11
C41 PCW IB . -9.71 -27.88 -1.50
C42 PCW IB . -10.68 -26.62 -1.54
C43 PCW IB . -12.08 -26.76 -0.99
C44 PCW IB . -12.77 -25.41 -1.17
C45 PCW IB . -13.96 -25.18 -0.29
C46 PCW IB . -14.65 -23.87 -0.52
C47 PCW IB . -14.19 -22.73 0.36
C48 PCW IB . -14.96 -21.44 0.04
N PCW IB . -6.50 -41.70 -8.78
O2 PCW IB . -11.64 -36.56 -4.71
O3 PCW IB . -14.49 -36.26 -4.45
O11 PCW IB . -15.26 -37.35 -2.61
O31 PCW IB . -11.80 -34.55 -5.85
O1P PCW IB . -10.11 -37.74 -8.32
O2P PCW IB . -8.91 -36.70 -6.39
O3P PCW IB . -10.55 -38.65 -6.01
O4P PCW IB . -8.36 -38.96 -7.00
P PCW IB . -9.48 -37.93 -6.98
C1 PCW JB . -11.92 -28.88 -20.31
C2 PCW JB . -12.39 -27.54 -21.02
C3 PCW JB . -13.95 -27.40 -20.95
C4 PCW JB . -10.18 -28.51 -23.73
C5 PCW JB . -11.18 -28.69 -24.87
C6 PCW JB . -10.46 -27.01 -26.67
C7 PCW JB . -11.16 -29.27 -27.28
C8 PCW JB . -12.17 -27.94 -26.50
C11 PCW JB . -14.53 -26.19 -22.95
C12 PCW JB . -14.96 -24.83 -23.41
C13 PCW JB . -13.67 -23.98 -23.71
C14 PCW JB . -13.94 -22.55 -24.20
C15 PCW JB . -14.27 -22.41 -25.72
C16 PCW JB . -13.13 -21.64 -26.47
C17 PCW JB . -13.38 -20.13 -26.79
C18 PCW JB . -12.10 -19.31 -26.86
C19 PCW JB . -12.28 -17.99 -27.65
C20 PCW JB . -12.08 -16.74 -27.06
C21 PCW JB . -11.68 -16.33 -25.69
C22 PCW JB . -10.21 -15.82 -25.78
C23 PCW JB . -9.16 -16.52 -24.88
C24 PCW JB . -9.04 -16.02 -23.47
C25 PCW JB . -8.45 -14.62 -23.16
C26 PCW JB . -8.59 -14.12 -21.74
C27 PCW JB . -9.45 -12.87 -21.49
C28 PCW JB . -10.61 -13.22 -20.58
C31 PCW JB . -10.97 -25.64 -21.04
C32 PCW JB . -10.45 -24.49 -20.18
C33 PCW JB . -11.57 -23.46 -19.64
C34 PCW JB . -11.08 -22.56 -18.50
C35 PCW JB . -11.05 -21.10 -19.09
C36 PCW JB . -11.10 -20.01 -18.00
C37 PCW JB . -11.08 -18.53 -18.52
C38 PCW JB . -11.01 -17.55 -17.39
C39 PCW JB . -11.00 -16.12 -17.87
C40 PCW JB . -10.77 -15.04 -17.14
C41 PCW JB . -10.46 -15.05 -15.65
C42 PCW JB . -11.81 -14.71 -14.87
C43 PCW JB . -11.81 -13.55 -13.89
C44 PCW JB . -13.20 -13.46 -13.29
C45 PCW JB . -13.90 -12.14 -13.47
C46 PCW JB . -15.26 -12.26 -14.08
C47 PCW JB . -16.42 -11.85 -13.21
C48 PCW JB . -17.76 -12.01 -13.94
N PCW JB . -10.78 -28.38 -26.21
O2 PCW JB . -11.80 -26.37 -20.30
O3 PCW JB . -14.36 -26.18 -21.59
O11 PCW JB . -14.35 -27.15 -23.67
O31 PCW JB . -10.66 -25.86 -22.24
O1P PCW JB . -8.36 -29.18 -21.56
O2P PCW JB . -9.80 -31.22 -21.39
O3P PCW JB . -10.49 -29.03 -20.22
O4P PCW JB . -10.63 -29.33 -22.64
P PCW JB . -9.76 -29.74 -21.47
C1 PCW KB . -3.59 -35.33 1.58
C2 PCW KB . -4.35 -34.24 2.43
C3 PCW KB . -5.40 -34.93 3.35
C4 PCW KB . -0.38 -36.93 -0.73
C5 PCW KB . -0.80 -36.97 -2.19
C6 PCW KB . -0.17 -37.73 -4.55
C7 PCW KB . -0.11 -39.30 -2.67
C8 PCW KB . -1.58 -38.43 -3.40
C11 PCW KB . -7.44 -33.82 3.92
C12 PCW KB . -7.98 -32.72 4.80
C13 PCW KB . -8.42 -33.35 6.17
C14 PCW KB . -9.00 -32.35 7.18
C15 PCW KB . -10.55 -32.22 7.20
C16 PCW KB . -11.11 -32.45 8.64
C17 PCW KB . -10.83 -31.35 9.72
C18 PCW KB . -10.12 -31.90 10.96
C19 PCW KB . -8.59 -31.99 10.80
C20 PCW KB . -7.70 -31.25 11.56
C21 PCW KB . -7.90 -30.26 12.64
C22 PCW KB . -6.87 -29.12 12.38
C23 PCW KB . -7.37 -27.65 12.56
C24 PCW KB . -7.24 -26.74 11.36
C25 PCW KB . -8.12 -26.94 10.10
C26 PCW KB . -9.62 -26.99 10.31
C27 PCW KB . -10.53 -26.69 9.09
C28 PCW KB . -11.90 -26.25 9.56
C31 PCW KB . -2.70 -32.54 2.72
C32 PCW KB . -1.76 -31.90 3.75
C33 PCW KB . -1.05 -30.54 3.29
C34 PCW KB . -1.64 -29.29 3.96
C35 PCW KB . -0.68 -28.10 3.55
C36 PCW KB . -1.11 -26.76 4.18
C37 PCW KB . -0.21 -25.53 3.83
C38 PCW KB . 0.06 -24.68 5.04
C39 PCW KB . 0.93 -23.49 4.73
C40 PCW KB . 1.03 -22.37 5.44
C41 PCW KB . 0.27 -22.10 6.72
C42 PCW KB . 1.00 -20.91 7.49
C43 PCW KB . 0.75 -19.49 7.04
C44 PCW KB . 1.58 -18.58 7.93
C45 PCW KB . 1.26 -17.11 7.82
C46 PCW KB . 2.39 -16.21 8.25
C47 PCW KB . 2.02 -14.86 8.83
C48 PCW KB . 3.26 -14.06 9.22
N PCW KB . -0.21 -37.91 -3.09
O2 PCW KB . -3.38 -33.52 3.33
O3 PCW KB . -6.10 -33.94 4.12
O11 PCW KB . -8.08 -34.48 3.15
O31 PCW KB . -2.80 -32.19 1.51
O1P PCW KB . -0.25 -37.10 2.19
O2P PCW KB . -2.52 -38.09 1.92
O3P PCW KB . -2.22 -35.54 1.99
O4P PCW KB . -1.59 -36.90 0.06
P PCW KB . -1.62 -36.98 1.58
C1 PCW LB . -14.92 -35.20 -15.20
C2 PCW LB . -14.57 -33.79 -14.60
C3 PCW LB . -15.83 -32.85 -14.66
C4 PCW LB . -11.32 -33.59 -16.31
C5 PCW LB . -11.56 -32.13 -16.73
C6 PCW LB . -10.70 -29.74 -16.87
C7 PCW LB . -9.14 -31.61 -16.56
C8 PCW LB . -10.23 -31.26 -18.01
C11 PCW LB . -15.21 -30.55 -14.97
C12 PCW LB . -14.88 -29.30 -14.22
C13 PCW LB . -16.19 -28.79 -13.49
C14 PCW LB . -16.02 -27.52 -12.66
C15 PCW LB . -17.33 -27.00 -11.98
C16 PCW LB . -16.99 -26.26 -10.64
C17 PCW LB . -18.18 -25.62 -9.84
C18 PCW LB . -17.99 -24.13 -9.56
C19 PCW LB . -19.28 -23.43 -9.08
C20 PCW LB . -19.26 -22.34 -8.23
C21 PCW LB . -18.15 -21.60 -7.57
C22 PCW LB . -18.70 -20.19 -7.24
C23 PCW LB . -17.68 -19.09 -6.86
C24 PCW LB . -17.34 -18.09 -7.93
C25 PCW LB . -17.62 -16.58 -7.72
C26 PCW LB . -16.66 -15.83 -6.82
C27 PCW LB . -15.62 -14.91 -7.49
C28 PCW LB . -15.88 -13.46 -7.11
C31 PCW LB . -13.10 -33.25 -12.81
C32 PCW LB . -12.84 -33.50 -11.32
C33 PCW LB . -13.48 -32.41 -10.34
C34 PCW LB . -14.01 -33.00 -9.03
C35 PCW LB . -13.09 -32.41 -7.89
C36 PCW LB . -13.89 -31.74 -6.76
C37 PCW LB . -13.02 -31.14 -5.60
C38 PCW LB . -13.16 -31.92 -4.34
C39 PCW LB . -12.33 -31.36 -3.20
C40 PCW LB . -12.76 -31.00 -2.00
C41 PCW LB . -14.21 -31.09 -1.55
C42 PCW LB . -14.79 -29.60 -1.46
C43 PCW LB . -16.27 -29.41 -1.17
C44 PCW LB . -16.53 -27.91 -1.13
C45 PCW LB . -17.24 -27.40 0.09
C46 PCW LB . -18.67 -26.97 -0.17
C47 PCW LB . -19.01 -25.54 0.18
C48 PCW LB . -20.49 -25.24 -0.13
N PCW LB . -10.52 -31.17 -16.55
O2 PCW LB . -14.19 -33.93 -13.16
O3 PCW LB . -15.49 -31.57 -14.11
O11 PCW LB . -15.23 -30.65 -16.17
O31 PCW LB . -12.39 -32.53 -13.58
O1P PCW LB . -12.31 -36.08 -15.22
O2P PCW LB . -12.45 -36.74 -17.62
O3P PCW LB . -14.37 -35.43 -16.52
O4P PCW LB . -12.23 -34.41 -17.09
P PCW LB . -12.79 -35.73 -16.59
C1 PCW MB . 2.83 -39.67 8.90
C2 PCW MB . 2.97 -38.17 9.37
C3 PCW MB . 1.70 -37.35 8.95
C4 PCW MB . 7.41 -40.56 9.46
C5 PCW MB . 8.34 -39.90 8.43
C6 PCW MB . 10.84 -39.78 8.00
C7 PCW MB . 9.57 -41.77 7.35
C8 PCW MB . 9.40 -40.05 6.69
C11 PCW MB . 2.27 -35.06 8.50
C12 PCW MB . 2.38 -33.72 9.18
C13 PCW MB . 1.72 -32.64 8.24
C14 PCW MB . 1.74 -31.20 8.78
C15 PCW MB . 2.53 -30.17 7.92
C16 PCW MB . 1.57 -29.41 6.93
C17 PCW MB . 0.58 -28.36 7.56
C18 PCW MB . -0.88 -28.83 7.54
C19 PCW MB . -1.41 -29.18 8.95
C20 PCW MB . -2.36 -30.16 9.16
C21 PCW MB . -3.07 -31.07 8.22
C22 PCW MB . -4.58 -30.72 8.33
C23 PCW MB . -5.32 -30.34 7.02
C24 PCW MB . -5.01 -29.01 6.42
C25 PCW MB . -5.36 -27.69 7.16
C26 PCW MB . -4.35 -26.57 7.08
C27 PCW MB . -3.69 -26.09 8.39
C28 PCW MB . -2.42 -25.35 8.08
C31 PCW MB . 4.25 -37.70 11.31
C32 PCW MB . 4.18 -37.70 12.84
C33 PCW MB . 3.26 -36.54 13.48
C34 PCW MB . 3.74 -36.08 14.86
C35 PCW MB . 2.63 -36.57 15.88
C36 PCW MB . 2.86 -36.03 17.31
C37 PCW MB . 1.81 -36.47 18.38
C38 PCW MB . 1.04 -35.31 18.93
C39 PCW MB . 0.03 -35.73 19.96
C40 PCW MB . -0.80 -34.93 20.63
C41 PCW MB . -0.87 -33.44 20.46
C42 PCW MB . -2.01 -33.10 19.39
C43 PCW MB . -1.85 -31.85 18.55
C44 PCW MB . -3.06 -31.78 17.63
C45 PCW MB . -3.27 -30.45 16.95
C46 PCW MB . -2.83 -30.42 15.51
C47 PCW MB . -3.88 -30.10 14.48
C48 PCW MB . -3.29 -30.10 13.06
N PCW MB . 9.58 -40.53 8.10
O2 PCW MB . 3.07 -38.12 10.86
O3 PCW MB . 1.85 -36.00 9.40
O11 PCW MB . 2.53 -35.27 7.34
O31 PCW MB . 5.24 -37.37 10.61
O1P PCW MB . 4.80 -40.70 10.71
O2P PCW MB . 4.48 -42.63 9.14
O3P PCW MB . 4.04 -40.22 8.33
O4P PCW MB . 6.28 -41.09 8.72
P PCW MB . 4.89 -41.21 9.29
C1 PCW NB . 5.89 -34.10 -1.68
C2 PCW NB . 6.60 -32.80 -1.11
C3 PCW NB . 7.73 -32.33 -2.10
C4 PCW NB . 1.83 -35.13 1.36
C5 PCW NB . 2.63 -35.64 2.55
C6 PCW NB . 1.76 -36.79 4.67
C7 PCW NB . 2.54 -38.12 2.76
C8 PCW NB . 3.53 -36.96 3.83
C11 PCW NB . 8.92 -30.27 -2.44
C12 PCW NB . 9.51 -29.11 -1.69
C13 PCW NB . 8.34 -28.14 -1.27
C14 PCW NB . 8.77 -26.90 -0.49
C15 PCW NB . 7.74 -26.36 0.54
C16 PCW NB . 7.46 -24.82 0.30
C17 PCW NB . 6.42 -24.13 1.24
C18 PCW NB . 6.25 -22.64 0.96
C19 PCW NB . 4.79 -22.24 0.67
C20 PCW NB . 4.00 -21.60 1.61
C21 PCW NB . 4.26 -21.14 2.99
C22 PCW NB . 3.38 -19.87 3.22
C23 PCW NB . 3.60 -19.06 4.52
C24 PCW NB . 4.70 -18.03 4.51
C25 PCW NB . 4.37 -16.51 4.42
C26 PCW NB . 4.98 -15.63 5.49
C27 PCW NB . 4.70 -14.12 5.43
C28 PCW NB . 5.93 -13.33 5.82
C31 PCW NB . 4.93 -31.67 0.14
C32 PCW NB . 3.96 -30.46 0.09
C33 PCW NB . 2.65 -30.57 1.01
C34 PCW NB . 2.89 -30.22 2.48
C35 PCW NB . 3.54 -28.77 2.48
C36 PCW NB . 4.75 -28.66 3.44
C37 PCW NB . 5.42 -27.25 3.50
C38 PCW NB . 5.78 -26.84 4.88
C39 PCW NB . 6.44 -25.50 4.95
C40 PCW NB . 5.92 -24.34 5.38
C41 PCW NB . 4.49 -24.21 5.88
C42 PCW NB . 4.51 -23.24 7.16
C43 PCW NB . 4.77 -21.76 6.96
C44 PCW NB . 4.73 -21.13 8.34
C45 PCW NB . 5.18 -19.69 8.38
C46 PCW NB . 6.05 -19.36 9.56
C47 PCW NB . 5.93 -17.97 10.13
C48 PCW NB . 6.87 -17.76 11.33
N PCW NB . 2.17 -36.81 3.25
O2 PCW NB . 5.62 -31.68 -1.00
O3 PCW NB . 8.36 -31.15 -1.57
O11 PCW NB . 8.93 -30.39 -3.64
O31 PCW NB . 5.01 -32.51 1.08
O1P PCW NB . 4.35 -36.38 -0.10
O2P PCW NB . 2.84 -35.42 -1.07
O3P PCW NB . 4.46 -34.13 -1.50
O4P PCW NB . 2.72 -34.35 0.51
P PCW NB . 3.94 -34.92 -0.21
C1 PCW OB . 9.33 -13.89 -31.24
C2 PCW OB . 8.93 -13.20 -29.88
C3 PCW OB . 9.55 -11.76 -29.80
C4 PCW OB . 13.23 -13.94 -28.98
C5 PCW OB . 14.76 -13.90 -28.94
C6 PCW OB . 16.85 -12.63 -29.68
C7 PCW OB . 15.04 -11.46 -28.53
C8 PCW OB . 16.12 -12.80 -27.86
C11 PCW OB . 9.91 -11.45 -27.45
C12 PCW OB . 9.35 -10.72 -26.26
C13 PCW OB . 8.07 -11.50 -25.78
C14 PCW OB . 7.35 -10.89 -24.57
C15 PCW OB . 6.19 -9.91 -24.90
C16 PCW OB . 6.76 -8.45 -25.14
C17 PCW OB . 6.17 -7.66 -26.36
C18 PCW OB . 6.82 -8.02 -27.70
C19 PCW OB . 7.65 -6.85 -28.29
C20 PCW OB . 7.06 -5.73 -28.86
C21 PCW OB . 5.64 -5.34 -29.06
C22 PCW OB . 5.31 -4.29 -27.96
C23 PCW OB . 4.11 -4.59 -27.02
C24 PCW OB . 2.82 -3.88 -27.31
C25 PCW OB . 1.68 -3.82 -26.26
C26 PCW OB . 0.89 -2.53 -26.17
C27 PCW OB . -0.61 -2.61 -25.78
C28 PCW OB . -1.41 -1.63 -26.59
C31 PCW OB . 6.84 -14.07 -29.20
C32 PCW OB . 5.33 -13.77 -29.20
C33 PCW OB . 4.89 -12.51 -28.30
C34 PCW OB . 4.11 -11.46 -29.09
C35 PCW OB . 3.88 -10.27 -28.06
C36 PCW OB . 2.51 -9.59 -28.24
C37 PCW OB . 2.21 -8.41 -27.27
C38 PCW OB . 1.49 -8.87 -26.04
C39 PCW OB . 1.20 -7.74 -25.08
C40 PCW OB . 1.80 -7.52 -23.92
C41 PCW OB . 2.91 -8.41 -23.35
C42 PCW OB . 3.58 -7.66 -22.11
C43 PCW OB . 4.78 -6.77 -22.36
C44 PCW OB . 5.20 -6.21 -21.02
C45 PCW OB . 4.55 -4.91 -20.64
C46 PCW OB . 4.10 -4.84 -19.21
C47 PCW OB . 5.04 -4.17 -18.24
C48 PCW OB . 4.46 -4.17 -16.82
N PCW OB . 15.46 -12.67 -29.19
O2 PCW OB . 7.45 -13.05 -29.80
O3 PCW OB . 9.18 -11.15 -28.55
O11 PCW OB . 10.86 -12.18 -27.43
O31 PCW OB . 7.39 -15.10 -28.71
O1P PCW OB . 10.90 -15.55 -29.66
O2P PCW OB . 12.18 -15.97 -31.77
O3P PCW OB . 10.75 -13.84 -31.53
O4P PCW OB . 12.86 -14.13 -30.37
P PCW OB . 11.66 -14.95 -30.81
C1 PCW PB . 33.28 -26.66 14.61
C2 PCW PB . 34.52 -26.02 15.33
C3 PCW PB . 35.11 -24.86 14.46
C4 PCW PB . 36.19 -29.57 15.17
C5 PCW PB . 37.58 -29.16 14.65
C6 PCW PB . 39.79 -28.25 15.04
C7 PCW PB . 39.28 -30.40 15.80
C8 PCW PB . 38.37 -28.66 16.95
C11 PCW PB . 37.42 -24.93 15.11
C12 PCW PB . 38.45 -24.14 15.87
C13 PCW PB . 38.03 -24.11 17.39
C14 PCW PB . 38.97 -23.34 18.31
C15 PCW PB . 38.54 -21.87 18.64
C16 PCW PB . 39.50 -21.25 19.73
C17 PCW PB . 40.92 -20.79 19.26
C18 PCW PB . 41.02 -19.28 19.03
C19 PCW PB . 42.27 -18.65 19.68
C20 PCW PB . 43.22 -17.95 18.95
C21 PCW PB . 43.32 -17.61 17.50
C22 PCW PB . 42.45 -16.35 17.28
C23 PCW PB . 43.16 -15.06 16.80
C24 PCW PB . 42.36 -13.79 16.83
C25 PCW PB . 41.90 -13.16 18.17
C26 PCW PB . 40.40 -13.12 18.42
C27 PCW PB . 39.83 -11.88 19.14
C28 PCW PB . 39.20 -10.93 18.15
C31 PCW PB . 34.56 -26.08 17.70
C32 PCW PB . 34.04 -25.35 18.96
C33 PCW PB . 35.18 -24.67 19.86
C34 PCW PB . 34.94 -24.85 21.35
C35 PCW PB . 36.31 -25.41 21.93
C36 PCW PB . 36.62 -24.88 23.35
C37 PCW PB . 37.95 -25.40 23.99
C38 PCW PB . 39.07 -24.42 23.82
C39 PCW PB . 40.36 -24.92 24.43
C40 PCW PB . 41.21 -24.20 25.17
C41 PCW PB . 41.01 -22.74 25.53
C42 PCW PB . 42.37 -21.97 25.18
C43 PCW PB . 42.45 -20.49 25.49
C44 PCW PB . 43.84 -20.03 25.06
C45 PCW PB . 44.27 -18.69 25.61
C46 PCW PB . 44.70 -17.71 24.55
C47 PCW PB . 43.62 -16.84 23.95
C48 PCW PB . 44.19 -15.90 22.89
N PCW PB . 38.69 -29.12 15.56
O2 PCW PB . 34.11 -25.42 16.64
O3 PCW PB . 36.23 -24.27 15.13
O11 PCW PB . 37.62 -25.99 14.59
O31 PCW PB . 35.27 -27.12 17.71
O1P PCW PB . 33.45 -30.49 14.90
O2P PCW PB . 33.54 -29.16 12.79
O3P PCW PB . 32.99 -28.02 15.02
O4P PCW PB . 35.23 -28.77 14.44
P PCW PB . 33.78 -29.18 14.25
C1 PCW QB . 30.93 -30.40 9.11
C2 PCW QB . 29.62 -29.79 9.76
C3 PCW QB . 28.47 -30.86 9.75
C4 PCW QB . 30.83 -32.24 12.69
C5 PCW QB . 30.93 -32.09 14.21
C6 PCW QB . 30.70 -34.40 14.89
C7 PCW QB . 31.54 -32.83 16.40
C8 PCW QB . 32.92 -33.47 14.70
C11 PCW QB . 26.79 -30.87 11.47
C12 PCW QB . 25.57 -30.13 11.93
C13 PCW QB . 24.45 -30.30 10.83
C14 PCW QB . 23.13 -29.61 11.14
C15 PCW QB . 21.86 -30.28 10.54
C16 PCW QB . 20.73 -30.42 11.61
C17 PCW QB . 20.83 -31.62 12.62
C18 PCW QB . 19.48 -32.09 13.14
C19 PCW QB . 19.12 -31.50 14.52
C20 PCW QB . 17.84 -31.05 14.83
C21 PCW QB . 16.58 -31.01 14.06
C22 PCW QB . 16.16 -29.51 13.96
C23 PCW QB . 14.77 -29.11 14.49
C24 PCW QB . 14.72 -28.17 15.66
C25 PCW QB . 15.24 -26.71 15.53
C26 PCW QB . 14.58 -25.68 16.43
C27 PCW QB . 15.49 -24.84 17.35
C28 PCW QB . 14.66 -23.85 18.13
C31 PCW QB . 29.68 -28.15 11.46
C32 PCW QB . 29.98 -27.93 12.96
C33 PCW QB . 28.77 -27.34 13.83
C34 PCW QB . 28.71 -25.81 13.82
C35 PCW QB . 28.23 -25.41 15.27
C36 PCW QB . 28.09 -23.87 15.45
C37 PCW QB . 27.61 -23.40 16.86
C38 PCW QB . 26.49 -22.43 16.77
C39 PCW QB . 26.01 -21.96 18.13
C40 PCW QB . 24.82 -21.45 18.43
C41 PCW QB . 23.71 -21.22 17.41
C42 PCW QB . 23.33 -19.68 17.43
C43 PCW QB . 23.54 -18.87 16.17
C44 PCW QB . 23.09 -17.45 16.48
C45 PCW QB . 23.38 -16.43 15.40
C46 PCW QB . 23.54 -15.03 15.90
C47 PCW QB . 22.98 -13.93 15.02
C48 PCW QB . 23.21 -12.55 15.66
N PCW QB . 31.49 -33.14 15.00
O2 PCW QB . 29.88 -29.43 11.19
O3 PCW QB . 27.29 -30.29 10.35
O11 PCW QB . 27.26 -31.83 12.03
O31 PCW QB . 29.30 -27.25 10.66
O1P PCW QB . 31.95 -32.81 10.07
O2P PCW QB . 33.96 -31.69 11.02
O3P PCW QB . 32.09 -30.28 9.96
O4P PCW QB . 31.87 -31.38 12.13
P PCW QB . 32.50 -31.61 10.78
C1 PCW RB . 14.19 -34.06 6.17
C2 PCW RB . 14.61 -32.64 6.74
C3 PCW RB . 15.11 -31.73 5.57
C4 PCW RB . 13.88 -35.77 10.05
C5 PCW RB . 15.15 -35.44 10.83
C6 PCW RB . 16.61 -33.51 11.64
C7 PCW RB . 14.28 -33.69 12.36
C8 PCW RB . 15.66 -34.85 12.72
C11 PCW RB . 14.99 -29.34 5.45
C12 PCW RB . 15.51 -28.10 6.13
C13 PCW RB . 14.80 -26.84 5.51
C14 PCW RB . 15.20 -25.49 6.09
C15 PCW RB . 14.97 -24.25 5.17
C16 PCW RB . 13.44 -23.85 5.17
C17 PCW RB . 12.85 -23.31 3.82
C18 PCW RB . 11.52 -23.95 3.45
C19 PCW RB . 11.58 -24.74 2.11
C20 PCW RB . 11.22 -24.17 0.89
C21 PCW RB . 10.73 -22.82 0.52
C22 PCW RB . 10.31 -22.90 -0.98
C23 PCW RB . 9.70 -21.62 -1.62
C24 PCW RB . 10.03 -21.37 -3.06
C25 PCW RB . 11.36 -20.67 -3.47
C26 PCW RB . 11.22 -19.34 -4.19
C27 PCW RB . 12.12 -18.17 -3.71
C28 PCW RB . 11.28 -16.93 -3.51
C31 PCW RB . 13.41 -32.02 8.70
C32 PCW RB . 12.15 -31.29 9.17
C33 PCW RB . 12.34 -30.38 10.47
C34 PCW RB . 12.16 -28.89 10.19
C35 PCW RB . 12.38 -28.16 11.59
C36 PCW RB . 11.27 -27.14 11.91
C37 PCW RB . 11.42 -26.38 13.27
C38 PCW RB . 10.96 -24.97 13.17
C39 PCW RB . 11.09 -24.22 14.47
C40 PCW RB . 12.07 -23.37 14.81
C41 PCW RB . 13.24 -23.01 13.91
C42 PCW RB . 13.97 -21.73 14.53
C43 PCW RB . 15.46 -21.80 14.76
C44 PCW RB . 15.89 -20.46 15.35
C45 PCW RB . 16.57 -20.55 16.69
C46 PCW RB . 16.65 -19.23 17.40
C47 PCW RB . 15.92 -19.14 18.72
C48 PCW RB . 16.08 -17.74 19.35
N PCW RB . 15.29 -34.16 11.45
O2 PCW RB . 13.44 -31.98 7.37
O3 PCW RB . 15.49 -30.45 6.08
O11 PCW RB . 14.27 -29.37 4.49
O31 PCW RB . 14.29 -32.57 9.44
O1P PCW RB . 11.90 -36.47 8.08
O2P PCW RB . 13.89 -37.02 6.69
O3P PCW RB . 13.02 -34.61 6.79
O4P PCW RB . 14.21 -35.67 8.63
P PCW RB . 13.22 -36.02 7.54
C1 PCW SB . 17.73 -18.60 -15.59
C2 PCW SB . 16.20 -18.19 -15.61
C3 PCW SB . 15.84 -17.47 -14.26
C4 PCW SB . 21.05 -21.45 -16.32
C5 PCW SB . 22.00 -22.07 -17.34
C6 PCW SB . 24.51 -21.81 -16.94
C7 PCW SB . 23.48 -24.02 -16.86
C8 PCW SB . 23.61 -22.89 -18.31
C11 PCW SB . 13.87 -16.83 -13.06
C12 PCW SB . 12.43 -16.43 -13.28
C13 PCW SB . 12.25 -14.94 -12.82
C14 PCW SB . 10.84 -14.38 -12.97
C15 PCW SB . 10.09 -14.06 -11.64
C16 PCW SB . 8.82 -13.19 -11.92
C17 PCW SB . 7.65 -13.29 -10.86
C18 PCW SB . 7.91 -12.47 -9.61
C19 PCW SB . 7.11 -11.13 -9.59
C20 PCW SB . 6.11 -10.87 -8.67
C21 PCW SB . 5.53 -11.67 -7.56
C22 PCW SB . 4.32 -12.46 -8.16
C23 PCW SB . 2.90 -12.12 -7.62
C24 PCW SB . 2.14 -11.04 -8.32
C25 PCW SB . 2.26 -9.56 -7.87
C26 PCW SB . 1.09 -8.65 -8.20
C27 PCW SB . 0.67 -7.61 -7.14
C28 PCW SB . -0.83 -7.55 -7.03
C31 PCW SB . 15.46 -17.78 -17.83
C32 PCW SB . 15.24 -16.66 -18.87
C33 PCW SB . 13.78 -16.01 -18.86
C34 PCW SB . 13.80 -14.49 -19.01
C35 PCW SB . 13.07 -13.92 -17.73
C36 PCW SB . 11.52 -13.98 -17.84
C37 PCW SB . 10.73 -13.43 -16.61
C38 PCW SB . 9.31 -13.13 -16.96
C39 PCW SB . 8.53 -12.60 -15.78
C40 PCW SB . 8.16 -11.34 -15.58
C41 PCW SB . 8.47 -10.19 -16.51
C42 PCW SB . 9.88 -9.57 -16.10
C43 PCW SB . 11.00 -9.58 -17.12
C44 PCW SB . 12.21 -8.94 -16.46
C45 PCW SB . 12.79 -7.75 -17.19
C46 PCW SB . 12.58 -6.44 -16.46
C47 PCW SB . 13.74 -5.47 -16.49
C48 PCW SB . 13.40 -4.19 -15.71
N PCW SB . 23.27 -22.59 -16.89
O2 PCW SB . 15.93 -17.22 -16.71
O3 PCW SB . 14.45 -17.11 -14.26
O11 PCW SB . 14.42 -16.87 -12.00
O31 PCW SB . 15.25 -19.01 -18.02
O1P PCW SB . 18.59 -21.10 -14.85
O2P PCW SB . 17.54 -21.93 -16.96
O3P PCW SB . 18.13 -19.43 -16.70
O4P PCW SB . 19.81 -21.16 -17.04
P PCW SB . 18.47 -20.96 -16.35
C1 PCW TB . 10.64 -22.83 -15.74
C2 PCW TB . 9.43 -22.05 -15.09
C3 PCW TB . 8.98 -22.75 -13.76
C4 PCW TB . 8.92 -21.05 -19.30
C5 PCW TB . 7.49 -21.42 -19.69
C6 PCW TB . 5.06 -20.68 -19.98
C7 PCW TB . 6.90 -19.10 -20.35
C8 PCW TB . 6.51 -20.63 -21.31
C11 PCW TB . 6.62 -22.46 -13.40
C12 PCW TB . 5.64 -21.56 -12.71
C13 PCW TB . 5.67 -21.87 -11.17
C14 PCW TB . 4.73 -21.02 -10.31
C15 PCW TB . 5.41 -19.97 -9.40
C16 PCW TB . 4.35 -18.99 -8.78
C17 PCW TB . 4.65 -18.42 -7.36
C18 PCW TB . 3.99 -17.06 -7.09
C19 PCW TB . 3.06 -17.08 -5.87
C20 PCW TB . 3.29 -16.29 -4.74
C21 PCW TB . 4.36 -15.32 -4.40
C22 PCW TB . 3.70 -13.91 -4.42
C23 PCW TB . 3.69 -13.10 -3.10
C24 PCW TB . 4.93 -12.31 -2.78
C25 PCW TB . 5.06 -10.82 -3.21
C26 PCW TB . 5.77 -9.89 -2.24
C27 PCW TB . 7.30 -9.91 -2.20
C28 PCW TB . 7.79 -9.98 -0.78
C31 PCW TB . 9.09 -19.70 -15.21
C32 PCW TB . 9.65 -18.35 -14.75
C33 PCW TB . 9.23 -17.92 -13.27
C34 PCW TB . 7.73 -18.04 -12.99
C35 PCW TB . 7.12 -16.62 -13.30
C36 PCW TB . 5.61 -16.67 -13.62
C37 PCW TB . 4.94 -15.29 -13.94
C38 PCW TB . 4.03 -14.85 -12.83
C39 PCW TB . 3.36 -13.52 -13.12
C40 PCW TB . 2.26 -13.05 -12.56
C41 PCW TB . 1.46 -13.79 -11.50
C42 PCW TB . 0.26 -12.85 -11.04
C43 PCW TB . -0.95 -13.49 -10.39
C44 PCW TB . -1.92 -12.37 -10.05
C45 PCW TB . -2.97 -12.72 -9.04
C46 PCW TB . -3.93 -11.59 -8.72
C47 PCW TB . -3.63 -10.80 -7.48
C48 PCW TB . -4.67 -9.68 -7.27
N PCW TB . 6.50 -20.39 -19.84
O2 PCW TB . 9.86 -20.66 -14.73
O3 PCW TB . 7.89 -22.02 -13.18
O11 PCW TB . 6.33 -23.44 -14.04
O31 PCW TB . 8.06 -19.86 -15.94
O1P PCW TB . 11.71 -21.91 -19.30
O2P PCW TB . 10.75 -24.05 -18.45
O3P PCW TB . 11.27 -22.13 -16.84
O4P PCW TB . 9.38 -22.08 -18.37
P PCW TB . 10.82 -22.58 -18.31
C1 PCW UB . 25.09 -16.78 -24.23
C2 PCW UB . 24.82 -17.01 -22.69
C3 PCW UB . 26.05 -17.72 -22.02
C4 PCW UB . 20.80 -15.49 -24.25
C5 PCW UB . 20.00 -16.14 -23.13
C6 PCW UB . 18.47 -14.11 -22.87
C7 PCW UB . 18.09 -16.13 -21.55
C8 PCW UB . 19.55 -15.00 -21.49
C11 PCW UB . 24.93 -18.91 -20.28
C12 PCW UB . 24.78 -18.93 -18.78
C13 PCW UB . 23.45 -18.17 -18.42
C14 PCW UB . 23.14 -18.09 -16.92
C15 PCW UB . 22.79 -16.67 -16.38
C16 PCW UB . 21.23 -16.51 -16.23
C17 PCW UB . 20.71 -15.08 -15.85
C18 PCW UB . 19.97 -14.37 -16.99
C19 PCW UB . 18.55 -14.94 -17.25
C20 PCW UB . 17.40 -14.27 -16.85
C21 PCW UB . 17.18 -12.98 -16.17
C22 PCW UB . 15.94 -13.16 -15.26
C23 PCW UB . 15.05 -11.91 -14.99
C24 PCW UB . 14.16 -11.96 -13.78
C25 PCW UB . 13.71 -10.66 -13.07
C26 PCW UB . 12.41 -10.73 -12.29
C27 PCW UB . 11.64 -9.42 -12.04
C28 PCW UB . 10.37 -9.68 -11.27
C31 PCW UB . 23.47 -15.59 -21.38
C32 PCW UB . 23.41 -14.19 -20.72
C33 PCW UB . 23.85 -12.98 -21.68
C34 PCW UB . 23.35 -11.61 -21.19
C35 PCW UB . 24.60 -10.94 -20.47
C36 PCW UB . 24.17 -10.01 -19.32
C37 PCW UB . 25.35 -9.31 -18.57
C38 PCW UB . 25.31 -9.59 -17.10
C39 PCW UB . 26.43 -8.93 -16.34
C40 PCW UB . 26.33 -7.94 -15.45
C41 PCW UB . 25.02 -7.30 -15.04
C42 PCW UB . 24.98 -7.22 -13.46
C43 PCW UB . 23.67 -6.88 -12.77
C44 PCW UB . 23.93 -6.87 -11.27
C45 PCW UB . 23.06 -5.95 -10.46
C46 PCW UB . 23.59 -5.66 -9.10
C47 PCW UB . 22.60 -5.17 -8.07
C48 PCW UB . 23.27 -4.91 -6.71
N PCW UB . 18.79 -15.53 -22.66
O2 PCW UB . 24.63 -15.70 -22.01
O3 PCW UB . 25.79 -17.92 -20.63
O11 PCW UB . 24.35 -19.63 -21.03
O31 PCW UB . 22.55 -16.46 -21.31
O1P PCW UB . 22.63 -14.98 -26.49
O2P PCW UB . 23.10 -17.42 -26.23
O3P PCW UB . 24.33 -15.69 -24.79
O4P PCW UB . 21.99 -16.30 -24.43
P PCW UB . 22.98 -16.10 -25.56
C1 PCW VB . 31.60 -15.99 -23.67
C2 PCW VB . 30.63 -15.12 -22.77
C3 PCW VB . 29.25 -15.86 -22.61
C4 PCW VB . 32.39 -18.58 -19.83
C5 PCW VB . 30.99 -18.79 -19.26
C6 PCW VB . 30.11 -20.37 -17.48
C7 PCW VB . 30.85 -18.12 -16.88
C8 PCW VB . 29.43 -18.60 -17.96
C11 PCW VB . 28.25 -15.40 -20.47
C12 PCW VB . 27.29 -14.44 -19.81
C13 PCW VB . 26.62 -15.18 -18.59
C14 PCW VB . 25.61 -14.34 -17.80
C15 PCW VB . 25.99 -14.05 -16.32
C16 PCW VB . 27.23 -13.08 -16.23
C17 PCW VB . 28.09 -13.14 -14.92
C18 PCW VB . 29.47 -13.74 -15.13
C19 PCW VB . 29.63 -15.14 -14.48
C20 PCW VB . 29.69 -15.33 -13.10
C21 PCW VB . 29.65 -14.38 -11.97
C22 PCW VB . 28.17 -14.31 -11.49
C23 PCW VB . 27.90 -14.26 -9.97
C24 PCW VB . 27.18 -15.42 -9.36
C25 PCW VB . 27.71 -16.09 -8.06
C26 PCW VB . 26.73 -16.96 -7.29
C27 PCW VB . 27.29 -17.92 -6.23
C28 PCW VB . 27.58 -19.27 -6.86
C31 PCW VB . 31.63 -13.73 -21.12
C32 PCW VB . 32.19 -13.74 -19.69
C33 PCW VB . 31.61 -12.61 -18.72
C34 PCW VB . 30.07 -12.57 -18.68
C35 PCW VB . 29.66 -11.36 -19.61
C36 PCW VB . 29.32 -10.09 -18.80
C37 PCW VB . 28.91 -8.85 -19.66
C38 PCW VB . 30.10 -8.20 -20.30
C39 PCW VB . 29.73 -7.01 -21.13
C40 PCW VB . 29.45 -5.78 -20.70
C41 PCW VB . 29.43 -5.38 -19.23
C42 PCW VB . 27.92 -5.49 -18.71
C43 PCW VB . 27.24 -4.24 -18.20
C44 PCW VB . 25.83 -4.64 -17.78
C45 PCW VB . 24.97 -3.51 -17.28
C46 PCW VB . 25.15 -3.23 -15.81
C47 PCW VB . 25.97 -2.01 -15.45
C48 PCW VB . 26.07 -1.83 -13.94
N PCW VB . 30.81 -19.15 -17.89
O2 PCW VB . 31.21 -14.97 -21.40
O3 PCW VB . 28.37 -15.07 -21.79
O11 PCW VB . 28.83 -16.30 -19.93
O31 PCW VB . 31.58 -12.73 -21.89
O1P PCW VB . 33.96 -18.51 -22.28
O2P PCW VB . 33.87 -16.04 -21.93
O3P PCW VB . 31.93 -17.28 -23.10
O4P PCW VB . 32.31 -17.43 -20.71
P PCW VB . 33.10 -17.31 -22.01
C1 PCW WB . 1.15 -45.15 14.98
C2 PCW WB . 1.16 -43.58 15.15
C3 PCW WB . -0.24 -43.00 14.78
C4 PCW WB . 3.75 -42.92 12.90
C5 PCW WB . 5.23 -43.10 12.58
C6 PCW WB . 5.89 -41.01 13.60
C7 PCW WB . 7.53 -42.48 12.85
C8 PCW WB . 6.43 -43.06 14.75
C11 PCW WB . 0.39 -40.83 13.97
C12 PCW WB . 0.27 -39.37 14.31
C13 PCW WB . -0.95 -38.80 13.50
C14 PCW WB . -1.23 -37.31 13.70
C15 PCW WB . -1.37 -36.47 12.41
C16 PCW WB . -1.37 -34.93 12.73
C17 PCW WB . 0.02 -34.21 12.82
C18 PCW WB . -0.08 -32.79 13.37
C19 PCW WB . 0.08 -32.72 14.90
C20 PCW WB . 1.33 -32.58 15.50
C21 PCW WB . 2.70 -32.47 14.96
C22 PCW WB . 3.16 -31.00 15.19
C23 PCW WB . 4.14 -30.40 14.15
C24 PCW WB . 4.38 -28.92 14.22
C25 PCW WB . 5.16 -28.17 13.10
C26 PCW WB . 5.78 -26.84 13.47
C27 PCW WB . 6.15 -25.87 12.33
C28 PCW WB . 5.81 -24.46 12.71
C31 PCW WB . 2.61 -42.60 16.76
C32 PCW WB . 2.76 -42.30 18.26
C33 PCW WB . 2.82 -40.74 18.64
C34 PCW WB . 4.24 -40.18 18.64
C35 PCW WB . 4.36 -39.35 19.99
C36 PCW WB . 5.02 -37.97 19.78
C37 PCW WB . 5.18 -37.10 21.07
C38 PCW WB . 6.01 -35.88 20.82
C39 PCW WB . 6.17 -35.02 22.05
C40 PCW WB . 5.54 -33.88 22.32
C41 PCW WB . 4.52 -33.23 21.41
C42 PCW WB . 3.12 -33.17 22.17
C43 PCW WB . 2.47 -31.82 22.39
C44 PCW WB . 1.18 -32.06 23.13
C45 PCW WB . 0.41 -30.81 23.53
C46 PCW WB . -0.49 -30.28 22.45
C47 PCW WB . -1.83 -29.75 22.89
C48 PCW WB . -2.65 -29.24 21.69
N PCW WB . 6.22 -42.44 13.40
O2 PCW WB . 1.44 -43.21 16.57
O3 PCW WB . -0.24 -41.57 14.93
O11 PCW WB . 0.96 -41.28 13.01
O31 PCW WB . 3.47 -42.33 15.87
O1P PCW WB . 3.87 -45.33 14.55
O2P PCW WB . 3.56 -46.48 12.34
O3P PCW WB . 1.53 -45.60 13.67
O4P PCW WB . 3.06 -44.14 12.49
P PCW WB . 3.08 -45.43 13.28
C1 17F XB . 41.86 -12.94 -12.13
N1 17F XB . 40.40 -12.12 -13.99
O1 17F XB . 43.94 -11.27 -13.72
P1 17F XB . 44.17 -11.93 -12.38
C2 17F XB . 41.25 -13.20 -13.51
O2 17F XB . 45.56 -12.41 -12.07
C3 17F XB . 40.45 -14.51 -13.48
O3 17F XB . 43.23 -13.14 -12.15
C4 17F XB . 43.92 -11.34 -9.82
O4 17F XB . 39.21 -14.57 -13.84
C5 17F XB . 43.51 -10.22 -8.82
O5 17F XB . 40.98 -15.57 -13.12
C6 17F XB . 44.39 -8.98 -9.04
O6 17F XB . 43.80 -10.95 -11.18
C7 17F XB . 43.96 -6.72 -8.62
O7 17F XB . 44.06 -7.92 -8.15
C8 17F XB . 43.59 -5.77 -7.45
O8 17F XB . 44.12 -6.29 -9.74
C9 17F XB . 42.34 -4.89 -7.77
O9 17F XB . 42.12 -9.90 -8.90
C10 17F XB . 41.91 -3.91 -6.62
O10 17F XB . 41.23 -11.80 -7.95
C11 17F XB . 41.59 -2.44 -7.10
C12 17F XB . 41.15 -1.52 -5.90
C17 17F XB . 41.39 -10.58 -8.04
C18 17F XB . 40.68 -9.67 -7.05
C19 17F XB . 41.56 -9.19 -5.88
C20 17F XB . 40.72 -8.97 -4.57
C1X 17F XB . 40.85 -0.10 -6.41
C1Y 17F XB . 41.63 -8.47 -3.41
C1Z 17F XB . 40.79 -7.86 -2.27
C2X 17F XB . 40.40 0.90 -5.24
C21 17F XB . 39.00 0.54 -4.64
C22 17F XB . 38.23 1.38 -4.04
C23 17F XB . 38.48 2.80 -3.80
C24 17F XB . 37.50 3.46 -2.82
C25 17F XB . 37.72 4.93 -2.53
C26 17F XB . 36.39 5.80 -2.30
C27 17F XB . 36.63 7.26 -2.02
C28 17F XB . 35.22 7.94 -1.82
C29 17F XB . 34.88 8.69 -3.04
C30 17F XB . 33.55 9.39 -2.98
C31 17F XB . 39.97 -6.57 -2.61
C32 17F XB . 39.14 -5.99 -1.44
C33 17F XB . 37.70 -6.49 -1.55
C34 17F XB . 36.73 -6.17 -0.70
C35 17F XB . 36.84 -5.29 0.52
C36 17F XB . 36.10 -3.92 0.39
C37 17F XB . 34.95 -3.90 1.32
C38 17F XB . 34.75 -2.55 2.08
C39 17F XB . 33.53 -2.61 3.02
C40 17F XB . 33.97 -2.97 4.45
C41 17F XB . 33.26 -4.31 4.92
C42 17F XB . 33.08 -4.55 6.43
C1 17F YB . 26.30 -31.88 -1.42
N1 17F YB . 26.01 -30.59 -3.53
O1 17F YB . 29.03 -30.41 -2.36
P1 17F YB . 28.56 -30.79 -0.98
C2 17F YB . 26.24 -31.90 -2.95
O2 17F YB . 29.63 -31.08 0.03
C3 17F YB . 25.12 -32.85 -3.41
O3 17F YB . 27.62 -32.02 -0.98
C4 17F YB . 27.14 -29.75 0.99
O4 17F YB . 24.17 -32.48 -4.19
C5 17F YB . 26.32 -28.50 1.44
O5 17F YB . 25.10 -34.02 -3.04
C6 17F YB . 27.06 -27.21 1.04
O6 17F YB . 27.69 -29.63 -0.32
C7 17F YB . 26.58 -25.52 2.60
O7 17F YB . 26.35 -26.05 1.44
C8 17F YB . 25.65 -24.29 2.74
O8 17F YB . 27.34 -25.84 3.47
C9 17F YB . 24.17 -24.68 3.02
O9 17F YB . 24.99 -28.52 0.93
C10 17F YB . 23.18 -23.48 3.17
O10 17F YB . 23.84 -30.37 1.68
C11 17F YB . 22.25 -23.24 1.92
C12 17F YB . 21.27 -22.03 2.11
C17 17F YB . 24.16 -29.18 1.72
C18 17F YB . 23.57 -28.30 2.80
C19 17F YB . 22.03 -28.21 2.80
C20 17F YB . 21.42 -28.37 4.24
C1X 17F YB . 20.39 -21.84 0.87
C1Y 17F YB . 19.87 -28.28 4.19
C1Z 17F YB . 19.38 -26.95 4.78
C2X 17F YB . 19.38 -20.62 1.03
C21 17F YB . 18.66 -20.26 -0.31
C22 17F YB . 18.54 -19.07 -0.77
C23 17F YB . 19.03 -17.81 -0.18
C24 17F YB . 19.90 -16.97 -1.09
C25 17F YB . 20.43 -15.66 -0.52
C26 17F YB . 19.42 -14.42 -0.57
C27 17F YB . 19.95 -13.13 0.01
C28 17F YB . 18.82 -12.04 -0.13
C29 17F YB . 18.33 -11.67 1.21
C30 17F YB . 17.24 -10.63 1.21
C31 17F YB . 19.36 -25.71 3.80
C32 17F YB . 18.87 -24.38 4.42
C33 17F YB . 20.00 -23.75 5.23
C34 17F YB . 19.90 -22.61 5.89
C35 17F YB . 18.69 -21.71 5.98
C36 17F YB . 18.38 -21.19 7.41
C37 17F YB . 17.05 -21.72 7.82
C38 17F YB . 17.11 -22.92 8.81
C39 17F YB . 15.71 -23.42 9.20
C40 17F YB . 15.32 -22.87 10.58
C41 17F YB . 14.18 -21.78 10.45
C42 17F YB . 14.54 -20.31 10.67
C1 17F ZB . 14.40 -31.01 -7.18
N1 17F ZB . 13.92 -31.13 -4.72
O1 17F ZB . 12.75 -29.20 -8.63
P1 17F ZB . 14.09 -28.70 -8.18
C2 17F ZB . 13.36 -31.21 -6.06
O2 17F ZB . 15.08 -28.38 -9.26
C3 17F ZB . 12.67 -32.58 -6.24
O3 17F ZB . 14.81 -29.69 -7.21
C4 17F ZB . 15.11 -26.71 -6.79
O4 17F ZB . 12.65 -33.46 -5.31
C5 17F ZB . 14.74 -25.43 -5.97
O5 17F ZB . 12.13 -32.89 -7.30
C6 17F ZB . 15.64 -24.24 -6.40
O6 17F ZB . 13.98 -27.37 -7.33
C7 17F ZB . 15.74 -21.92 -6.12
O7 17F ZB . 15.32 -23.07 -5.67
C8 17F ZB . 15.23 -20.82 -5.14
O8 17F ZB . 16.39 -21.65 -7.09
C9 17F ZB . 16.32 -20.35 -4.15
O9 17F ZB . 13.35 -25.08 -6.08
C10 17F ZB . 15.88 -19.23 -3.14
O10 17F ZB . 12.19 -26.64 -4.82
C11 17F ZB . 16.09 -17.75 -3.65
C12 17F ZB . 15.62 -16.69 -2.60
C17 17F ZB . 12.65 -25.50 -5.05
C18 17F ZB . 12.40 -24.39 -4.05
C19 17F ZB . 13.24 -24.46 -2.75
C20 17F ZB . 13.94 -23.09 -2.40
C1X 17F ZB . 15.85 -15.26 -3.14
C1Y 17F ZB . 14.77 -23.22 -1.10
C1Z 17F ZB . 15.01 -21.84 -0.48
C2X 17F ZB . 15.39 -14.14 -2.09
C21 17F ZB . 13.97 -13.57 -2.40
C22 17F ZB . 13.33 -12.74 -1.64
C23 17F ZB . 13.79 -12.19 -0.36
C24 17F ZB . 12.78 -12.28 0.78
C25 17F ZB . 13.21 -11.72 2.11
C26 17F ZB . 14.16 -12.66 2.99
C27 17F ZB . 14.58 -12.08 4.32
C28 17F ZB . 15.50 -13.15 5.02
C29 17F ZB . 14.72 -13.85 6.05
C30 17F ZB . 15.48 -14.91 6.81
C31 17F ZB . 14.52 -21.64 1.00
C32 17F ZB . 14.79 -20.23 1.62
C33 17F ZB . 15.14 -20.38 3.08
C34 17F ZB . 15.42 -19.36 3.89
C35 17F ZB . 15.44 -17.90 3.54
C36 17F ZB . 16.86 -17.34 3.21
C37 17F ZB . 17.67 -17.32 4.45
C38 17F ZB . 19.06 -18.00 4.32
C39 17F ZB . 19.83 -17.94 5.66
C40 17F ZB . 21.16 -17.20 5.46
C41 17F ZB . 21.65 -16.57 6.83
C42 17F ZB . 21.48 -15.07 7.06
C1 17F AC . 51.53 -16.04 -5.95
N1 17F AC . 52.51 -18.29 -5.53
O1 17F AC . 51.44 -12.58 -6.36
P1 17F AC . 51.96 -13.61 -5.37
C2 17F AC . 51.92 -17.12 -4.93
O2 17F AC . 53.39 -14.05 -5.54
C3 17F AC . 50.68 -17.54 -4.11
O3 17F AC . 51.08 -14.89 -5.33
C4 17F AC . 52.31 -13.86 -2.78
O4 17F AC . 50.30 -18.76 -4.02
C5 17F AC . 52.16 -13.14 -1.40
O5 17F AC . 50.01 -16.71 -3.50
C6 17F AC . 53.39 -13.43 -0.51
O6 17F AC . 51.88 -13.06 -3.88
C7 17F AC . 53.90 -11.67 0.95
O7 17F AC . 53.30 -12.79 0.76
C8 17F AC . 53.62 -11.23 2.41
O8 17F AC . 54.58 -11.00 0.22
C9 17F AC . 52.10 -11.08 2.72
O9 17F AC . 51.93 -11.73 -1.53
C10 17F AC . 51.74 -10.64 4.18
O10 17F AC . 50.06 -11.59 -0.17
C11 17F AC . 50.83 -11.67 4.96
C12 17F AC . 50.48 -11.18 6.41
C17 17F AC . 50.69 -11.39 -1.23
C18 17F AC . 50.00 -10.68 -2.38
C19 17F AC . 50.59 -9.29 -2.70
C20 17F AC . 49.49 -8.16 -2.67
C1X 17F AC . 49.60 -12.21 7.14
C1Y 17F AC . 50.09 -6.78 -3.01
C1Z 17F AC . 50.24 -5.92 -1.74
C2X 17F AC . 49.23 -11.76 8.62
C21 17F AC . 47.97 -12.50 9.16
C22 17F AC . 46.81 -11.94 9.34
C23 17F AC . 46.45 -10.55 9.06
C24 17F AC . 45.51 -10.35 7.87
C25 17F AC . 45.11 -8.91 7.56
C26 17F AC . 43.72 -8.74 6.77
C27 17F AC . 43.34 -7.31 6.48
C28 17F AC . 41.97 -7.34 5.71
C29 17F AC . 40.91 -6.83 6.60
C30 17F AC . 39.53 -6.81 5.99
C31 17F AC . 49.03 -4.99 -1.38
C32 17F AC . 49.20 -4.14 -0.09
C33 17F AC . 47.93 -4.23 0.74
C34 17F AC . 47.74 -3.62 1.90
C35 17F AC . 48.72 -2.74 2.64
C36 17F AC . 48.07 -1.70 3.60
C37 17F AC . 48.75 -1.76 4.92
C38 17F AC . 47.90 -2.35 6.06
C39 17F AC . 48.67 -2.36 7.39
C40 17F AC . 47.70 -2.32 8.58
C41 17F AC . 48.38 -1.63 9.82
C42 17F AC . 48.10 -0.15 10.10
C1 17F BC . -3.40 -25.09 -32.05
N1 17F BC . -2.47 -23.44 -30.42
O1 17F BC . -5.83 -23.14 -32.88
P1 17F BC . -5.49 -23.78 -31.55
C2 17F BC . -2.34 -24.78 -30.98
O2 17F BC . -6.59 -24.80 -31.72
C3 17F BC . -0.93 -24.96 -31.56
O3 17F BC . -4.67 -25.09 -31.50
C4 17F BC . -6.13 -24.00 -29.01
O4 17F BC . -0.06 -24.02 -31.53
C5 17F BC . -7.14 -23.54 -27.92
O5 17F BC . -0.60 -26.01 -32.09
C6 17F BC . -7.12 -24.52 -26.72
O6 17F BC . -6.39 -23.44 -30.29
C7 17F BC . -7.63 -24.06 -24.49
O7 17F BC . -8.03 -24.13 -25.71
C8 17F BC . -8.82 -23.60 -23.61
O8 17F BC . -6.54 -24.28 -24.01
C9 17F BC . -8.89 -22.05 -23.47
O9 17F BC . -6.89 -22.18 -27.49
C10 17F BC . -10.07 -21.50 -22.60
O10 17F BC . -8.50 -21.05 -26.30
C11 17F BC . -10.82 -20.26 -23.22
C12 17F BC . -11.99 -19.75 -22.31
C17 17F BC . -8.00 -21.49 -27.34
C18 17F BC . -8.70 -21.22 -28.66
C19 17F BC . -10.08 -21.94 -28.80
C20 17F BC . -10.48 -22.17 -30.30
C1X 17F BC . -12.67 -18.53 -22.96
C1Y 17F BC . -11.84 -22.88 -30.40
C1Z 17F BC . -12.99 -21.88 -30.35
C2X 17F BC . -13.88 -17.96 -22.08
C21 17F BC . -13.74 -16.44 -21.77
C22 17F BC . -14.63 -15.54 -22.03
C23 17F BC . -15.96 -15.75 -22.64
C24 17F BC . -17.12 -15.13 -21.86
C25 17F BC . -18.51 -15.33 -22.46
C26 17F BC . -19.29 -16.65 -21.99
C27 17F BC . -20.66 -16.83 -22.58
C28 17F BC . -21.26 -18.17 -22.00
C29 17F BC . -20.87 -19.29 -22.87
C30 17F BC . -21.36 -20.63 -22.43
C31 17F BC . -14.44 -22.47 -30.33
C32 17F BC . -15.59 -21.44 -30.28
C33 17F BC . -15.71 -20.74 -31.63
C34 17F BC . -16.60 -19.80 -31.94
C35 17F BC . -17.67 -19.25 -31.03
C36 17F BC . -19.09 -19.81 -31.27
C37 17F BC . -19.79 -18.97 -32.28
C38 17F BC . -19.57 -19.41 -33.75
C39 17F BC . -20.32 -18.50 -34.73
C40 17F BC . -19.72 -17.09 -34.71
C41 17F BC . -20.10 -16.31 -36.04
C42 17F BC . -21.46 -15.61 -36.14
C1 17F CC . 20.95 -37.73 12.16
N1 17F CC . 21.14 -40.08 12.99
O1 17F CC . 17.66 -37.79 11.86
P1 17F CC . 18.60 -36.89 12.62
C2 17F CC . 21.19 -39.21 11.82
O2 17F CC . 19.01 -35.61 11.92
C3 17F CC . 22.55 -39.36 11.13
O3 17F CC . 19.90 -37.60 13.07
C4 17F CC . 18.62 -35.54 14.89
O4 17F CC . 23.46 -40.15 11.55
C5 17F CC . 17.78 -35.19 16.16
O5 17F CC . 22.80 -38.72 10.11
C6 17F CC . 17.01 -36.45 16.62
O6 17F CC . 17.94 -36.40 13.98
C7 17F CC . 15.89 -37.21 18.54
O7 17F CC . 16.21 -36.21 17.76
C8 17F CC . 14.97 -36.65 19.65
O8 17F CC . 16.17 -38.38 18.46
C9 17F CC . 13.59 -36.20 19.12
O9 17F CC . 18.57 -34.65 17.22
C10 17F CC . 12.60 -35.63 20.19
O10 17F CC . 16.82 -33.44 18.12
C11 17F CC . 11.76 -34.38 19.69
C12 17F CC . 10.78 -33.84 20.79
C17 17F CC . 18.00 -33.60 17.77
C18 17F CC . 18.99 -32.47 17.99
C19 17F CC . 19.06 -31.93 19.44
C20 17F CC . 19.94 -30.63 19.54
C1X 17F CC . 9.99 -32.64 20.25
C1Y 17F CC . 19.99 -30.12 21.01
C1Z 17F CC . 20.76 -28.80 21.10
C2X 17F CC . 8.97 -32.05 21.34
C21 17F CC . 9.16 -30.51 21.54
C22 17F CC . 8.19 -29.65 21.57
C23 17F CC . 6.76 -29.93 21.42
C24 17F CC . 5.89 -28.70 21.23
C25 17F CC . 4.39 -28.93 21.06
C26 17F CC . 3.54 -27.71 20.46
C27 17F CC . 2.06 -27.98 20.31
C28 17F CC . 1.41 -26.68 19.69
C29 17F CC . -0.03 -26.70 20.00
C30 17F CC . -0.80 -25.52 19.48
C31 17F CC . 21.41 -28.45 22.48
C32 17F CC . 22.18 -27.10 22.53
C33 17F CC . 21.26 -26.01 23.06
C34 17F CC . 21.62 -24.74 23.22
C35 17F CC . 22.96 -24.13 22.93
C36 17F CC . 23.00 -22.56 22.96
C37 17F CC . 24.11 -22.12 23.84
C38 17F CC . 23.79 -20.86 24.69
C39 17F CC . 24.98 -20.45 25.58
C40 17F CC . 24.91 -18.97 25.94
C41 17F CC . 24.46 -18.78 27.44
C42 17F CC . 25.51 -18.44 28.50
C1 17F DC . 25.25 -31.31 5.15
N1 17F DC . 25.39 -32.42 2.91
O1 17F DC . 28.05 -28.93 4.38
P1 17F DC . 26.99 -29.48 5.31
C2 17F DC . 25.56 -32.59 4.34
O2 17F DC . 27.48 -30.41 6.40
C3 17F DC . 24.65 -33.73 4.83
O3 17F DC . 25.85 -30.20 4.57
C4 17F DC . 25.23 -28.57 7.05
O4 17F DC . 23.89 -34.40 4.03
C5 17F DC . 24.64 -27.30 7.69
O5 17F DC . 24.63 -34.07 6.01
C6 17F DC . 23.13 -27.23 7.37
O6 17F DC . 26.26 -28.31 6.09
C7 17F DC . 21.29 -26.14 8.32
O7 17F DC . 22.53 -26.07 7.93
C8 17F DC . 20.88 -24.74 8.86
O8 17F DC . 20.50 -27.05 8.29
C9 17F DC . 21.08 -24.59 10.40
O9 17F DC . 24.88 -27.22 9.11
C10 17F DC . 20.67 -23.18 10.99
O10 17F DC . 27.10 -26.63 8.86
C11 17F DC . 21.21 -21.94 10.16
C12 17F DC . 20.77 -20.57 10.80
C17 17F DC . 25.99 -26.57 9.40
C18 17F DC . 25.78 -25.61 10.56
C19 17F DC . 26.19 -24.15 10.26
C20 17F DC . 26.01 -23.23 11.52
C1X 17F DC . 21.30 -19.40 9.96
C1Y 17F DC . 26.43 -21.76 11.19
C1Z 17F DC . 26.37 -20.89 12.46
C2X 17F DC . 20.88 -17.98 10.57
C21 17F DC . 21.81 -17.55 11.74
C22 17F DC . 22.86 -16.81 11.59
C23 17F DC . 23.39 -16.23 10.35
C24 17F DC . 24.68 -16.89 9.84
C25 17F DC . 25.26 -16.31 8.55
C26 17F DC . 25.52 -17.37 7.38
C27 17F DC . 26.10 -16.79 6.11
C28 17F DC . 26.28 -17.97 5.09
C29 17F DC . 26.17 -17.42 3.72
C30 17F DC . 26.33 -18.44 2.61
C31 17F DC . 26.82 -19.39 12.30
C32 17F DC . 26.75 -18.54 13.59
C33 17F DC . 28.10 -17.86 13.83
C34 17F DC . 28.37 -17.05 14.86
C35 17F DC . 27.42 -16.66 15.97
C36 17F DC . 27.36 -17.66 17.16
C37 17F DC . 26.79 -16.98 18.35
C38 17F DC . 26.19 -17.92 19.43
C39 17F DC . 25.62 -17.13 20.62
C40 17F DC . 24.08 -17.26 20.64
C41 17F DC . 23.40 -15.88 20.23
C42 17F DC . 22.18 -15.40 21.01
C1 17F EC . 44.06 -25.12 6.67
N1 17F EC . 41.62 -25.25 6.13
O1 17F EC . 46.51 -24.33 8.15
P1 17F EC . 45.23 -24.65 8.87
C2 17F EC . 42.73 -24.37 6.44
O2 17F EC . 45.36 -25.38 10.17
C3 17F EC . 42.90 -23.33 5.33
O3 17F EC . 44.22 -25.45 8.01
C4 17F EC . 43.19 -23.35 9.93
O4 17F EC . 42.14 -23.30 4.30
C5 17F EC . 42.58 -21.94 10.17
O5 17F EC . 43.79 -22.47 5.39
C6 17F EC . 41.14 -21.89 9.61
O6 17F EC . 44.43 -23.32 9.24
C7 17F EC . 40.42 -19.81 8.81
O7 17F EC . 40.54 -20.62 9.82
C8 17F EC . 39.75 -18.52 9.30
O8 17F EC . 40.76 -19.94 7.66
C9 17F EC . 40.63 -17.71 10.28
O9 17F EC . 42.64 -21.54 11.56
C10 17F EC . 40.01 -16.37 10.83
O10 17F EC . 41.93 -23.49 12.58
C11 17F EC . 40.12 -16.17 12.39
C12 17F EC . 39.49 -14.82 12.85
C17 17F EC . 41.88 -22.27 12.36
C18 17F EC . 40.86 -21.44 13.10
C19 17F EC . 39.39 -21.81 12.79
C20 17F EC . 38.50 -20.55 12.47
C1X 17F EC . 39.60 -14.65 14.37
C1Y 17F EC . 37.04 -20.96 12.16
C1Z 17F EC . 36.27 -21.24 13.46
C2X 17F EC . 38.97 -13.26 14.87
C21 17F EC . 37.58 -13.46 15.56
C22 17F EC . 36.46 -13.01 15.09
C23 17F EC . 36.25 -12.25 13.85
C24 17F EC . 35.29 -11.06 13.99
C25 17F EC . 35.04 -10.24 12.75
C26 17F EC . 35.37 -8.68 12.86
C27 17F EC . 35.11 -7.87 11.60
C28 17F EC . 35.49 -6.38 11.91
C29 17F EC . 35.74 -5.68 10.62
C30 17F EC . 36.11 -4.24 10.75
C31 17F EC . 34.72 -20.98 13.42
C32 17F EC . 33.96 -21.26 14.74
C33 17F EC . 32.80 -22.23 14.46
C34 17F EC . 31.95 -22.68 15.37
C35 17F EC . 31.94 -22.34 16.85
C36 17F EC . 31.07 -21.10 17.23
C37 17F EC . 30.37 -21.39 18.51
C38 17F EC . 29.56 -20.20 19.08
C39 17F EC . 28.87 -20.57 20.40
C40 17F EC . 29.54 -19.85 21.56
C41 17F EC . 30.29 -20.87 22.51
C42 17F EC . 31.79 -21.15 22.28
PB GDP FC . -29.98 19.93 2.64
O1B GDP FC . -30.35 18.87 3.63
O2B GDP FC . -30.75 21.21 2.94
O3B GDP FC . -28.51 20.24 2.74
O3A GDP FC . -30.29 19.46 1.13
PA GDP FC . -31.26 18.21 0.80
O1A GDP FC . -32.66 18.44 1.30
O2A GDP FC . -30.71 16.92 1.36
O5' GDP FC . -31.23 18.19 -0.80
C5' GDP FC . -31.76 19.30 -1.53
C4' GDP FC . -31.61 19.04 -3.02
O4' GDP FC . -30.24 18.70 -3.32
C3' GDP FC . -32.47 17.89 -3.50
O3' GDP FC . -33.17 18.31 -4.68
C2' GDP FC . -31.52 16.75 -3.72
O2' GDP FC . -31.92 15.91 -4.82
C1' GDP FC . -30.18 17.41 -3.95
N9 GDP FC . -29.06 16.62 -3.38
C8 GDP FC . -28.31 16.91 -2.30
N7 GDP FC . -27.39 15.93 -2.08
C5 GDP FC . -27.55 15.00 -3.04
C6 GDP FC . -26.94 13.70 -3.42
O6 GDP FC . -25.99 13.24 -2.76
N1 GDP FC . -27.41 13.05 -4.49
C2 GDP FC . -28.43 13.52 -5.24
N2 GDP FC . -28.86 12.80 -6.31
N3 GDP FC . -29.05 14.70 -4.95
C4 GDP FC . -28.67 15.46 -3.89
MG MG GC . -27.21 22.51 8.45
N LEU A 3 21.54 -17.07 43.60
CA LEU A 3 22.92 -17.45 43.77
C LEU A 3 23.57 -17.74 42.42
N LYS A 4 22.81 -18.41 41.55
CA LYS A 4 23.30 -18.76 40.22
C LYS A 4 23.73 -17.51 39.46
N LEU A 5 22.83 -16.55 39.38
CA LEU A 5 23.09 -15.30 38.69
C LEU A 5 24.15 -14.48 39.41
N LEU A 6 24.23 -14.65 40.73
CA LEU A 6 25.21 -13.92 41.52
C LEU A 6 26.63 -14.31 41.12
N ASP A 7 26.91 -15.61 41.16
CA ASP A 7 28.23 -16.11 40.80
C ASP A 7 28.48 -15.92 39.31
N ASN A 8 27.43 -16.12 38.52
CA ASN A 8 27.53 -15.96 37.07
C ASN A 8 27.91 -14.52 36.73
N TRP A 9 27.23 -13.57 37.35
CA TRP A 9 27.49 -12.16 37.11
C TRP A 9 28.87 -11.77 37.62
N ASP A 10 29.33 -12.40 38.69
CA ASP A 10 30.65 -12.11 39.22
C ASP A 10 31.71 -12.52 38.21
N SER A 11 31.48 -13.63 37.53
CA SER A 11 32.38 -14.13 36.51
C SER A 11 32.35 -13.21 35.29
N VAL A 12 31.19 -12.64 35.01
CA VAL A 12 31.04 -11.72 33.88
C VAL A 12 31.67 -10.38 34.22
N THR A 13 31.38 -9.86 35.40
CA THR A 13 31.91 -8.58 35.84
C THR A 13 33.43 -8.60 35.90
N SER A 14 34.00 -9.67 36.46
CA SER A 14 35.44 -9.81 36.54
C SER A 14 36.04 -9.81 35.15
N THR A 15 35.34 -10.46 34.22
CA THR A 15 35.79 -10.49 32.84
C THR A 15 35.75 -9.09 32.25
N PHE A 16 34.68 -8.36 32.57
CA PHE A 16 34.53 -6.98 32.10
C PHE A 16 35.67 -6.13 32.62
N SER A 17 36.00 -6.30 33.90
CA SER A 17 37.10 -5.57 34.51
C SER A 17 38.42 -5.96 33.86
N LYS A 18 38.61 -7.26 33.65
CA LYS A 18 39.83 -7.77 33.01
C LYS A 18 39.90 -7.27 31.58
N LEU A 19 38.76 -7.21 30.92
CA LEU A 19 38.68 -6.71 29.56
C LEU A 19 39.07 -5.25 29.53
N ARG A 20 38.54 -4.48 30.48
CA ARG A 20 38.86 -3.06 30.57
C ARG A 20 40.33 -2.84 30.90
N GLU A 21 40.88 -3.72 31.73
CA GLU A 21 42.30 -3.65 32.11
C GLU A 21 43.16 -3.77 30.87
N GLN A 22 42.73 -4.61 29.95
CA GLN A 22 43.44 -4.83 28.71
C GLN A 22 43.04 -3.80 27.67
N LEU A 23 41.78 -3.36 27.74
CA LEU A 23 41.27 -2.36 26.81
C LEU A 23 42.07 -1.07 26.89
N GLY A 24 42.44 -0.69 28.12
CA GLY A 24 43.24 0.51 28.32
C GLY A 24 44.44 0.58 27.40
N PRO A 25 45.43 -0.33 27.58
CA PRO A 25 46.60 -0.39 26.71
C PRO A 25 46.21 -0.57 25.25
N VAL A 26 45.13 -1.32 25.01
CA VAL A 26 44.63 -1.54 23.65
C VAL A 26 44.39 -0.21 22.94
N THR A 27 43.68 0.69 23.62
CA THR A 27 43.41 2.00 23.05
C THR A 27 44.73 2.74 22.80
N GLN A 28 45.65 2.63 23.74
CA GLN A 28 46.95 3.28 23.63
C GLN A 28 47.71 2.75 22.42
N GLU A 29 47.70 1.43 22.26
CA GLU A 29 48.37 0.78 21.14
C GLU A 29 47.68 1.13 19.83
N PHE A 30 46.35 1.10 19.85
CA PHE A 30 45.55 1.44 18.68
C PHE A 30 45.75 2.89 18.29
N TRP A 31 45.65 3.80 19.25
CA TRP A 31 45.84 5.22 18.99
C TRP A 31 47.24 5.49 18.47
N ASP A 32 48.22 4.77 19.00
CA ASP A 32 49.60 4.94 18.57
C ASP A 32 49.77 4.51 17.12
N ASN A 33 49.22 3.35 16.79
CA ASN A 33 49.29 2.83 15.43
C ASN A 33 48.48 3.70 14.49
N LEU A 34 47.30 4.13 14.93
CA LEU A 34 46.46 5.00 14.13
C LEU A 34 47.15 6.32 13.91
N GLU A 35 47.95 6.75 14.89
CA GLU A 35 48.70 7.99 14.78
C GLU A 35 49.77 7.84 13.70
N LYS A 36 50.36 6.65 13.64
CA LYS A 36 51.37 6.36 12.62
C LYS A 36 50.68 6.36 11.27
N GLU A 37 49.46 5.81 11.25
CA GLU A 37 48.66 5.76 10.04
C GLU A 37 48.29 7.17 9.60
N THR A 38 47.74 7.96 10.51
CA THR A 38 47.35 9.33 10.20
C THR A 38 48.55 10.17 9.81
N GLU A 39 49.68 9.97 10.50
CA GLU A 39 50.90 10.70 10.17
C GLU A 39 51.31 10.38 8.75
N GLY A 40 51.37 9.09 8.43
CA GLY A 40 51.72 8.66 7.10
C GLY A 40 50.74 9.23 6.09
N LEU A 41 49.45 9.09 6.39
CA LEU A 41 48.39 9.60 5.52
C LEU A 41 48.52 11.10 5.35
N ARG A 42 48.90 11.81 6.41
CA ARG A 42 49.07 13.25 6.34
C ARG A 42 50.16 13.60 5.35
N GLN A 43 51.32 12.96 5.52
CA GLN A 43 52.46 13.17 4.63
C GLN A 43 52.05 12.76 3.22
N GLU A 44 51.32 11.66 3.13
CA GLU A 44 50.84 11.14 1.88
C GLU A 44 49.93 12.16 1.20
N MET A 45 48.92 12.61 1.93
CA MET A 45 47.96 13.58 1.39
C MET A 45 48.66 14.87 0.98
N SER A 46 49.78 15.17 1.63
CA SER A 46 50.56 16.37 1.31
C SER A 46 51.12 16.25 -0.10
N LYS A 47 51.30 15.02 -0.56
CA LYS A 47 51.78 14.75 -1.89
C LYS A 47 50.61 14.36 -2.78
N ASP A 48 49.70 13.57 -2.23
CA ASP A 48 48.50 13.11 -2.92
C ASP A 48 47.71 14.28 -3.46
N LEU A 49 47.23 15.12 -2.55
CA LEU A 49 46.45 16.29 -2.92
C LEU A 49 47.28 17.26 -3.74
N GLU A 50 48.57 17.32 -3.45
CA GLU A 50 49.47 18.21 -4.17
C GLU A 50 49.56 17.78 -5.64
N GLU A 51 49.89 16.51 -5.86
CA GLU A 51 50.01 15.97 -7.21
C GLU A 51 48.66 15.99 -7.91
N VAL A 52 47.60 15.69 -7.16
CA VAL A 52 46.25 15.68 -7.70
C VAL A 52 45.80 17.08 -8.10
N LYS A 53 45.94 18.05 -7.21
CA LYS A 53 45.53 19.43 -7.51
C LYS A 53 46.42 20.07 -8.56
N ALA A 54 47.72 19.89 -8.45
CA ALA A 54 48.66 20.47 -9.40
C ALA A 54 48.37 19.96 -10.80
N LYS A 55 47.98 18.70 -10.90
CA LYS A 55 47.68 18.11 -12.18
C LYS A 55 46.22 18.29 -12.58
N VAL A 56 45.34 18.46 -11.59
CA VAL A 56 43.93 18.66 -11.88
C VAL A 56 43.72 19.92 -12.69
N GLN A 57 44.61 20.89 -12.52
CA GLN A 57 44.54 22.14 -13.26
C GLN A 57 44.70 21.87 -14.77
N PRO A 58 45.87 21.34 -15.23
CA PRO A 58 46.07 21.02 -16.64
C PRO A 58 45.08 19.96 -17.12
N TYR A 59 44.62 19.10 -16.20
CA TYR A 59 43.65 18.08 -16.54
C TYR A 59 42.35 18.75 -16.95
N LEU A 60 41.84 19.58 -16.04
CA LEU A 60 40.59 20.30 -16.29
C LEU A 60 40.76 21.29 -17.43
N ASP A 61 41.94 21.87 -17.55
CA ASP A 61 42.22 22.82 -18.61
C ASP A 61 42.22 22.13 -19.97
N ASP A 62 42.86 20.96 -20.03
CA ASP A 62 42.91 20.18 -21.26
C ASP A 62 41.49 19.76 -21.64
N PHE A 63 40.74 19.30 -20.64
CA PHE A 63 39.37 18.89 -20.85
C PHE A 63 38.52 20.08 -21.27
N GLN A 64 38.78 21.24 -20.67
CA GLN A 64 38.05 22.45 -20.99
C GLN A 64 38.33 22.85 -22.43
N LYS A 65 39.60 22.87 -22.80
CA LYS A 65 39.98 23.22 -24.16
C LYS A 65 39.31 22.30 -25.16
N LYS A 66 39.31 21.01 -24.84
CA LYS A 66 38.67 20.03 -25.70
C LYS A 66 37.17 20.28 -25.74
N TRP A 67 36.57 20.38 -24.55
CA TRP A 67 35.13 20.62 -24.42
C TRP A 67 34.73 21.89 -25.15
N GLN A 68 35.58 22.91 -25.09
CA GLN A 68 35.31 24.16 -25.76
C GLN A 68 35.25 23.95 -27.26
N GLU A 69 36.25 23.26 -27.80
CA GLU A 69 36.29 22.96 -29.22
C GLU A 69 35.14 22.04 -29.60
N GLU A 70 34.85 21.09 -28.71
CA GLU A 70 33.76 20.15 -28.90
C GLU A 70 32.43 20.90 -28.94
N MET A 71 32.25 21.82 -28.01
CA MET A 71 31.03 22.62 -27.95
C MET A 71 30.96 23.54 -29.15
N GLU A 72 32.10 24.09 -29.54
CA GLU A 72 32.17 24.98 -30.70
C GLU A 72 31.76 24.20 -31.95
N LEU A 73 32.35 23.02 -32.11
CA LEU A 73 32.05 22.16 -33.24
C LEU A 73 30.59 21.71 -33.17
N TYR A 74 30.08 21.59 -31.95
CA TYR A 74 28.69 21.22 -31.73
C TYR A 74 27.79 22.33 -32.23
N ARG A 75 28.05 23.55 -31.79
CA ARG A 75 27.26 24.72 -32.19
C ARG A 75 27.33 24.90 -33.70
N GLN A 76 28.53 24.72 -34.24
CA GLN A 76 28.79 24.84 -35.67
C GLN A 76 28.06 23.75 -36.47
N LYS A 77 27.60 22.72 -35.78
CA LYS A 77 26.88 21.64 -36.42
C LYS A 77 25.38 21.72 -36.11
N VAL A 78 25.07 22.05 -34.86
CA VAL A 78 23.68 22.15 -34.39
C VAL A 78 22.82 22.99 -35.32
N GLU A 79 23.32 24.15 -35.71
CA GLU A 79 22.57 25.04 -36.61
C GLU A 79 22.31 24.39 -37.98
N PRO A 80 23.37 24.02 -38.73
CA PRO A 80 23.22 23.36 -40.04
C PRO A 80 22.37 22.09 -39.94
N LEU A 81 22.61 21.28 -38.90
CA LEU A 81 21.86 20.04 -38.71
C LEU A 81 20.42 20.36 -38.35
N ARG A 82 20.22 21.49 -37.68
CA ARG A 82 18.87 21.94 -37.31
C ARG A 82 18.09 22.24 -38.58
N ALA A 83 18.78 22.81 -39.57
CA ALA A 83 18.15 23.13 -40.84
C ALA A 83 17.58 21.87 -41.48
N GLU A 84 18.35 20.79 -41.45
CA GLU A 84 17.92 19.53 -42.01
C GLU A 84 16.76 18.96 -41.18
N LEU A 85 16.90 19.05 -39.87
CA LEU A 85 15.89 18.56 -38.94
C LEU A 85 14.70 19.51 -38.83
N GLN A 86 14.73 20.61 -39.56
CA GLN A 86 13.65 21.58 -39.54
C GLN A 86 13.03 21.73 -40.92
N GLU A 87 13.81 22.12 -41.91
CA GLU A 87 13.31 22.27 -43.27
C GLU A 87 13.00 20.90 -43.86
N GLY A 88 13.88 19.95 -43.58
CA GLY A 88 13.68 18.61 -44.07
C GLY A 88 12.50 17.97 -43.36
N ALA A 89 12.39 18.24 -42.07
CA ALA A 89 11.29 17.72 -41.27
C ALA A 89 9.99 18.42 -41.64
N ARG A 90 10.11 19.68 -42.06
CA ARG A 90 8.94 20.46 -42.47
C ARG A 90 8.26 19.79 -43.65
N GLN A 91 9.07 19.30 -44.58
CA GLN A 91 8.54 18.62 -45.75
C GLN A 91 7.91 17.30 -45.34
N LYS A 92 8.55 16.62 -44.38
CA LYS A 92 8.04 15.35 -43.87
C LYS A 92 6.68 15.59 -43.20
N LEU A 93 6.58 16.70 -42.48
CA LEU A 93 5.34 17.08 -41.83
C LEU A 93 4.34 17.56 -42.86
N HIS A 94 4.83 18.25 -43.87
CA HIS A 94 3.98 18.75 -44.94
C HIS A 94 3.36 17.60 -45.70
N GLU A 95 4.15 16.55 -45.90
CA GLU A 95 3.67 15.35 -46.57
C GLU A 95 2.56 14.74 -45.73
N LEU A 96 2.73 14.82 -44.41
CA LEU A 96 1.74 14.31 -43.48
C LEU A 96 0.48 15.15 -43.54
N GLN A 97 0.66 16.47 -43.71
CA GLN A 97 -0.46 17.40 -43.81
C GLN A 97 -1.23 17.10 -45.09
N GLU A 98 -0.50 16.78 -46.14
CA GLU A 98 -1.09 16.45 -47.44
C GLU A 98 -1.82 15.13 -47.36
N LYS A 99 -1.66 14.42 -46.24
CA LYS A 99 -2.32 13.15 -46.02
C LYS A 99 -3.41 13.28 -44.97
N LEU A 100 -3.16 14.07 -43.93
CA LEU A 100 -4.12 14.29 -42.86
C LEU A 100 -5.45 14.79 -43.39
N SER A 101 -5.42 15.66 -44.39
CA SER A 101 -6.63 16.19 -44.97
C SER A 101 -7.44 15.13 -45.74
N PRO A 102 -6.89 14.56 -46.84
CA PRO A 102 -7.62 13.54 -47.62
C PRO A 102 -7.91 12.28 -46.82
N LEU A 103 -6.90 11.73 -46.15
CA LEU A 103 -7.09 10.53 -45.35
C LEU A 103 -8.01 10.81 -44.18
N GLY A 104 -8.00 12.04 -43.71
CA GLY A 104 -8.86 12.43 -42.61
C GLY A 104 -10.29 12.45 -43.08
N GLU A 105 -10.53 13.08 -44.22
CA GLU A 105 -11.87 13.15 -44.80
C GLU A 105 -12.36 11.75 -45.12
N GLU A 106 -11.47 10.93 -45.69
CA GLU A 106 -11.81 9.56 -46.03
C GLU A 106 -12.13 8.79 -44.76
N MET A 107 -11.30 8.98 -43.74
CA MET A 107 -11.51 8.32 -42.45
C MET A 107 -12.86 8.72 -41.91
N ARG A 108 -13.18 10.00 -42.00
CA ARG A 108 -14.45 10.53 -41.54
C ARG A 108 -15.61 9.96 -42.36
N ASP A 109 -15.48 9.97 -43.67
CA ASP A 109 -16.53 9.45 -44.55
C ASP A 109 -16.74 7.96 -44.31
N ARG A 110 -15.63 7.23 -44.17
CA ARG A 110 -15.70 5.80 -43.91
C ARG A 110 -16.33 5.61 -42.54
N ALA A 111 -15.95 6.47 -41.59
CA ALA A 111 -16.50 6.40 -40.24
C ALA A 111 -18.00 6.70 -40.30
N ARG A 112 -18.39 7.59 -41.20
CA ARG A 112 -19.79 7.93 -41.39
C ARG A 112 -20.55 6.68 -41.75
N ALA A 113 -20.05 5.95 -42.75
CA ALA A 113 -20.68 4.70 -43.18
C ALA A 113 -20.57 3.65 -42.07
N HIS A 114 -19.41 3.62 -41.40
CA HIS A 114 -19.18 2.69 -40.31
C HIS A 114 -20.25 2.84 -39.25
N VAL A 115 -20.46 4.10 -38.82
CA VAL A 115 -21.44 4.42 -37.80
C VAL A 115 -22.87 4.36 -38.34
N ASP A 116 -23.05 4.81 -39.58
CA ASP A 116 -24.37 4.80 -40.21
C ASP A 116 -24.92 3.39 -40.29
N ALA A 117 -24.07 2.47 -40.73
CA ALA A 117 -24.46 1.06 -40.84
C ALA A 117 -24.71 0.51 -39.44
N LEU A 118 -23.98 1.05 -38.46
CA LEU A 118 -24.13 0.64 -37.07
C LEU A 118 -25.45 1.14 -36.52
N ARG A 119 -25.87 2.31 -36.99
CA ARG A 119 -27.13 2.90 -36.55
C ARG A 119 -28.29 1.96 -36.86
N THR A 120 -28.40 1.59 -38.13
CA THR A 120 -29.47 0.70 -38.56
C THR A 120 -29.21 -0.75 -38.17
N HIS A 121 -28.07 -0.99 -37.51
CA HIS A 121 -27.73 -2.33 -37.06
C HIS A 121 -28.03 -2.46 -35.57
N LEU A 122 -27.64 -1.44 -34.81
CA LEU A 122 -27.86 -1.42 -33.38
C LEU A 122 -29.33 -1.19 -33.06
N ALA A 123 -30.02 -0.43 -33.92
CA ALA A 123 -31.44 -0.14 -33.72
C ALA A 123 -32.27 -1.42 -33.59
N PRO A 124 -32.28 -2.32 -34.59
CA PRO A 124 -33.05 -3.56 -34.48
C PRO A 124 -32.43 -4.51 -33.46
N TYR A 125 -31.10 -4.51 -33.38
CA TYR A 125 -30.39 -5.37 -32.44
C TYR A 125 -30.78 -5.06 -30.99
N SER A 126 -30.77 -3.79 -30.63
CA SER A 126 -31.12 -3.38 -29.27
C SER A 126 -32.61 -3.61 -29.03
N ASP A 127 -33.42 -3.36 -30.05
CA ASP A 127 -34.85 -3.55 -29.95
C ASP A 127 -35.14 -5.02 -29.70
N GLU A 128 -34.45 -5.88 -30.45
CA GLU A 128 -34.60 -7.32 -30.29
C GLU A 128 -33.98 -7.77 -28.98
N LEU A 129 -32.95 -7.04 -28.54
CA LEU A 129 -32.29 -7.32 -27.27
C LEU A 129 -33.29 -7.08 -26.15
N ARG A 130 -34.15 -6.09 -26.35
CA ARG A 130 -35.19 -5.76 -25.38
C ARG A 130 -36.15 -6.94 -25.31
N GLN A 131 -36.42 -7.53 -26.46
CA GLN A 131 -37.31 -8.69 -26.54
C GLN A 131 -36.64 -9.88 -25.86
N ARG A 132 -35.33 -10.00 -26.07
CA ARG A 132 -34.55 -11.05 -25.44
C ARG A 132 -34.60 -10.90 -23.93
N LEU A 133 -34.36 -9.67 -23.49
CA LEU A 133 -34.39 -9.35 -22.07
C LEU A 133 -35.78 -9.60 -21.50
N ALA A 134 -36.80 -9.22 -22.26
CA ALA A 134 -38.18 -9.41 -21.84
C ALA A 134 -38.47 -10.90 -21.72
N ALA A 135 -38.06 -11.65 -22.73
CA ALA A 135 -38.25 -13.10 -22.75
C ALA A 135 -37.56 -13.73 -21.53
N ARG A 136 -36.35 -13.28 -21.24
CA ARG A 136 -35.59 -13.80 -20.10
C ARG A 136 -36.17 -13.33 -18.78
N LEU A 137 -36.47 -12.04 -18.69
CA LEU A 137 -37.03 -11.46 -17.47
C LEU A 137 -38.37 -12.10 -17.14
N GLU A 138 -39.19 -12.35 -18.15
CA GLU A 138 -40.49 -12.95 -17.94
C GLU A 138 -40.35 -14.44 -17.63
N ALA A 139 -39.37 -15.09 -18.26
CA ALA A 139 -39.13 -16.50 -18.00
C ALA A 139 -38.63 -16.65 -16.58
N LEU A 140 -37.62 -15.86 -16.23
CA LEU A 140 -37.03 -15.88 -14.90
C LEU A 140 -37.99 -15.26 -13.87
N LYS A 141 -39.08 -14.66 -14.36
CA LYS A 141 -40.08 -14.07 -13.49
C LYS A 141 -40.95 -15.16 -12.90
N GLU A 142 -41.61 -15.91 -13.78
CA GLU A 142 -42.46 -17.00 -13.35
C GLU A 142 -41.60 -18.11 -12.76
N ASN A 143 -40.52 -18.44 -13.47
CA ASN A 143 -39.59 -19.47 -13.03
C ASN A 143 -38.98 -19.06 -11.72
N GLY A 144 -38.61 -17.78 -11.63
CA GLY A 144 -38.02 -17.24 -10.42
C GLY A 144 -39.00 -17.26 -9.28
N GLY A 145 -40.26 -16.93 -9.57
CA GLY A 145 -41.29 -16.94 -8.56
C GLY A 145 -41.47 -18.34 -8.01
N ALA A 146 -41.47 -19.31 -8.91
CA ALA A 146 -41.60 -20.71 -8.53
C ALA A 146 -40.37 -21.11 -7.72
N ARG A 147 -39.20 -20.63 -8.16
CA ARG A 147 -37.96 -20.92 -7.47
C ARG A 147 -38.00 -20.38 -6.05
N LEU A 148 -38.37 -19.11 -5.93
CA LEU A 148 -38.47 -18.45 -4.62
C LEU A 148 -39.42 -19.21 -3.71
N ALA A 149 -40.58 -19.58 -4.24
CA ALA A 149 -41.57 -20.33 -3.47
C ALA A 149 -40.99 -21.68 -3.07
N GLU A 150 -40.38 -22.35 -4.03
CA GLU A 150 -39.77 -23.66 -3.80
C GLU A 150 -38.65 -23.56 -2.76
N TYR A 151 -37.79 -22.57 -2.91
CA TYR A 151 -36.69 -22.38 -1.99
C TYR A 151 -37.21 -22.02 -0.61
N HIS A 152 -38.30 -21.28 -0.56
CA HIS A 152 -38.92 -20.88 0.70
C HIS A 152 -39.50 -22.11 1.39
N ALA A 153 -40.15 -22.97 0.59
CA ALA A 153 -40.74 -24.20 1.11
C ALA A 153 -39.64 -25.12 1.62
N LYS A 154 -38.54 -25.19 0.86
CA LYS A 154 -37.41 -26.03 1.23
C LYS A 154 -36.63 -25.38 2.38
N ALA A 155 -36.88 -24.10 2.60
CA ALA A 155 -36.24 -23.37 3.68
C ALA A 155 -36.94 -23.72 4.98
N THR A 156 -38.27 -23.85 4.93
CA THR A 156 -39.04 -24.20 6.11
C THR A 156 -38.62 -25.60 6.57
N GLU A 157 -38.40 -26.49 5.61
CA GLU A 157 -37.97 -27.85 5.91
C GLU A 157 -36.60 -27.78 6.59
N HIS A 158 -35.75 -26.89 6.08
CA HIS A 158 -34.42 -26.69 6.63
C HIS A 158 -34.53 -26.17 8.06
N LEU A 159 -35.41 -25.19 8.25
CA LEU A 159 -35.64 -24.60 9.57
C LEU A 159 -36.20 -25.62 10.53
N SER A 160 -37.16 -26.42 10.06
CA SER A 160 -37.77 -27.44 10.88
C SER A 160 -36.74 -28.46 11.34
N THR A 161 -35.99 -29.02 10.40
CA THR A 161 -34.96 -30.00 10.72
C THR A 161 -33.82 -29.36 11.51
N LEU A 162 -33.68 -28.03 11.38
CA LEU A 162 -32.65 -27.30 12.10
C LEU A 162 -33.11 -27.09 13.54
N SER A 163 -34.42 -26.94 13.72
CA SER A 163 -35.00 -26.77 15.04
C SER A 163 -34.84 -28.07 15.83
N GLU A 164 -34.75 -29.18 15.08
CA GLU A 164 -34.56 -30.50 15.67
C GLU A 164 -33.10 -30.66 16.11
N LYS A 165 -32.33 -29.61 15.87
CA LYS A 165 -30.93 -29.57 16.27
C LYS A 165 -30.77 -28.48 17.33
N ALA A 166 -31.45 -27.36 17.10
CA ALA A 166 -31.42 -26.24 18.02
C ALA A 166 -32.00 -26.62 19.38
N LYS A 167 -32.90 -27.60 19.38
CA LYS A 167 -33.50 -28.06 20.63
C LYS A 167 -32.87 -29.38 21.10
N PRO A 168 -33.20 -30.56 20.48
CA PRO A 168 -32.65 -31.85 20.90
C PRO A 168 -31.13 -31.89 20.95
N ALA A 169 -30.47 -31.55 19.83
CA ALA A 169 -29.02 -31.58 19.77
C ALA A 169 -28.40 -30.65 20.82
N LEU A 170 -28.94 -29.44 20.94
CA LEU A 170 -28.42 -28.48 21.91
C LEU A 170 -28.66 -28.96 23.33
N GLU A 171 -29.79 -29.60 23.58
CA GLU A 171 -30.10 -30.11 24.91
C GLU A 171 -29.12 -31.22 25.26
N ASP A 172 -28.86 -32.09 24.30
CA ASP A 172 -27.92 -33.19 24.51
C ASP A 172 -26.51 -32.66 24.69
N LEU A 173 -26.15 -31.68 23.85
CA LEU A 173 -24.83 -31.07 23.93
C LEU A 173 -24.66 -30.33 25.25
N ARG A 174 -25.68 -29.59 25.65
CA ARG A 174 -25.63 -28.85 26.91
C ARG A 174 -25.59 -29.83 28.08
N GLN A 175 -26.35 -30.91 27.96
CA GLN A 175 -26.40 -31.93 29.00
C GLN A 175 -25.07 -32.63 29.13
N GLY A 176 -24.28 -32.60 28.06
CA GLY A 176 -22.97 -33.21 28.05
C GLY A 176 -21.90 -32.18 28.43
N LEU A 177 -22.13 -30.93 28.01
CA LEU A 177 -21.21 -29.84 28.31
C LEU A 177 -21.06 -29.64 29.82
N LEU A 178 -22.16 -29.76 30.54
CA LEU A 178 -22.14 -29.60 32.01
C LEU A 178 -21.11 -30.54 32.66
N PRO A 179 -21.27 -31.88 32.54
CA PRO A 179 -20.32 -32.82 33.12
C PRO A 179 -18.94 -32.65 32.51
N VAL A 180 -18.88 -32.32 31.22
CA VAL A 180 -17.62 -32.10 30.53
C VAL A 180 -16.86 -30.95 31.20
N LEU A 181 -17.57 -29.85 31.45
CA LEU A 181 -16.98 -28.69 32.10
C LEU A 181 -16.52 -29.07 33.51
N GLU A 182 -17.32 -29.89 34.18
CA GLU A 182 -16.99 -30.35 35.51
C GLU A 182 -15.70 -31.15 35.48
N SER A 183 -15.63 -32.14 34.61
CA SER A 183 -14.43 -32.97 34.48
C SER A 183 -13.23 -32.11 34.08
N PHE A 184 -13.46 -31.15 33.20
CA PHE A 184 -12.41 -30.25 32.76
C PHE A 184 -11.90 -29.45 33.95
N LYS A 185 -12.83 -28.90 34.72
CA LYS A 185 -12.47 -28.11 35.90
C LYS A 185 -11.73 -28.95 36.94
N VAL A 186 -12.19 -30.18 37.13
CA VAL A 186 -11.54 -31.09 38.08
C VAL A 186 -10.07 -31.27 37.71
N SER A 187 -9.83 -31.61 36.45
CA SER A 187 -8.47 -31.81 35.97
C SER A 187 -7.70 -30.49 35.96
N PHE A 188 -8.37 -29.41 35.59
CA PHE A 188 -7.74 -28.09 35.54
C PHE A 188 -7.33 -27.61 36.93
N LEU A 189 -8.25 -27.70 37.87
CA LEU A 189 -7.97 -27.27 39.25
C LEU A 189 -6.79 -28.06 39.82
N SER A 190 -6.77 -29.35 39.57
CA SER A 190 -5.69 -30.20 40.04
C SER A 190 -4.38 -29.81 39.35
N ALA A 191 -4.47 -29.56 38.04
CA ALA A 191 -3.30 -29.18 37.24
C ALA A 191 -2.78 -27.81 37.65
N LEU A 192 -3.68 -26.88 37.97
CA LEU A 192 -3.29 -25.53 38.36
C LEU A 192 -2.34 -25.56 39.55
N GLU A 193 -2.73 -26.31 40.59
CA GLU A 193 -1.90 -26.43 41.79
C GLU A 193 -0.56 -27.06 41.44
N GLU A 194 -0.61 -28.14 40.68
CA GLU A 194 0.60 -28.84 40.26
C GLU A 194 1.49 -27.95 39.40
N TYR A 195 0.87 -27.11 38.59
CA TYR A 195 1.59 -26.19 37.73
C TYR A 195 2.32 -25.14 38.59
N THR A 196 1.63 -24.69 39.63
CA THR A 196 2.21 -23.70 40.56
C THR A 196 3.32 -24.34 41.37
N LYS A 197 3.26 -25.66 41.54
CA LYS A 197 4.26 -26.40 42.29
C LYS A 197 5.60 -26.41 41.56
N LYS A 198 5.56 -26.16 40.25
CA LYS A 198 6.78 -26.11 39.47
C LYS A 198 7.53 -24.82 39.79
N LEU A 199 6.76 -23.76 39.99
CA LEU A 199 7.29 -22.46 40.33
C LEU A 199 7.22 -22.30 41.85
N ASN A 200 7.98 -23.17 42.53
CA ASN A 200 8.05 -23.21 44.00
C ASN A 200 8.30 -21.85 44.63
N LEU B 3 -18.82 -42.52 27.46
CA LEU B 3 -20.11 -41.86 27.34
C LEU B 3 -20.01 -40.63 26.44
N LYS B 4 -19.05 -39.78 26.75
CA LYS B 4 -18.81 -38.54 26.00
C LYS B 4 -18.31 -38.81 24.59
N LEU B 5 -18.03 -40.07 24.30
CA LEU B 5 -17.56 -40.47 22.99
C LEU B 5 -18.58 -41.38 22.32
N LEU B 6 -19.76 -41.44 22.90
CA LEU B 6 -20.83 -42.28 22.36
C LEU B 6 -22.10 -41.47 22.18
N ASP B 7 -22.56 -40.84 23.26
CA ASP B 7 -23.77 -40.02 23.24
C ASP B 7 -23.62 -38.88 22.24
N ASN B 8 -22.43 -38.30 22.22
CA ASN B 8 -22.11 -37.21 21.31
C ASN B 8 -22.24 -37.63 19.85
N TRP B 9 -21.82 -38.85 19.55
CA TRP B 9 -21.89 -39.35 18.19
C TRP B 9 -23.30 -39.82 17.81
N ASP B 10 -24.04 -40.33 18.80
CA ASP B 10 -25.39 -40.80 18.57
C ASP B 10 -26.28 -39.67 18.07
N SER B 11 -26.16 -38.51 18.71
CA SER B 11 -26.94 -37.34 18.33
C SER B 11 -26.58 -36.89 16.91
N VAL B 12 -25.30 -37.01 16.55
CA VAL B 12 -24.84 -36.64 15.22
C VAL B 12 -25.45 -37.60 14.20
N THR B 13 -25.62 -38.85 14.61
CA THR B 13 -26.19 -39.85 13.73
C THR B 13 -27.68 -39.53 13.48
N SER B 14 -28.37 -39.11 14.53
CA SER B 14 -29.77 -38.76 14.43
C SER B 14 -29.95 -37.54 13.53
N THR B 15 -29.10 -36.55 13.72
CA THR B 15 -29.15 -35.33 12.93
C THR B 15 -28.80 -35.61 11.48
N PHE B 16 -27.82 -36.49 11.27
CA PHE B 16 -27.40 -36.88 9.92
C PHE B 16 -28.55 -37.56 9.20
N SER B 17 -29.24 -38.44 9.91
CA SER B 17 -30.38 -39.16 9.34
C SER B 17 -31.48 -38.16 8.96
N LYS B 18 -31.76 -37.23 9.88
CA LYS B 18 -32.78 -36.21 9.63
C LYS B 18 -32.35 -35.28 8.51
N LEU B 19 -31.05 -35.11 8.36
CA LEU B 19 -30.51 -34.27 7.29
C LEU B 19 -30.77 -34.92 5.95
N ARG B 20 -30.58 -36.23 5.90
CA ARG B 20 -30.81 -36.99 4.68
C ARG B 20 -32.30 -37.05 4.38
N GLU B 21 -33.10 -37.20 5.44
CA GLU B 21 -34.55 -37.24 5.30
C GLU B 21 -35.05 -35.91 4.77
N GLN B 22 -34.33 -34.85 5.11
CA GLN B 22 -34.66 -33.51 4.66
C GLN B 22 -34.18 -33.31 3.24
N LEU B 23 -32.95 -33.78 2.97
CA LEU B 23 -32.35 -33.66 1.65
C LEU B 23 -33.14 -34.43 0.61
N GLY B 24 -33.76 -35.53 1.02
CA GLY B 24 -34.55 -36.34 0.10
C GLY B 24 -35.53 -35.51 -0.71
N PRO B 25 -36.60 -35.01 -0.09
CA PRO B 25 -37.59 -34.17 -0.78
C PRO B 25 -36.95 -32.92 -1.38
N VAL B 26 -36.00 -32.33 -0.66
CA VAL B 26 -35.33 -31.12 -1.12
C VAL B 26 -34.63 -31.34 -2.45
N THR B 27 -33.83 -32.40 -2.55
CA THR B 27 -33.11 -32.71 -3.79
C THR B 27 -34.10 -33.07 -4.91
N GLN B 28 -35.12 -33.83 -4.56
CA GLN B 28 -36.14 -34.23 -5.52
C GLN B 28 -36.80 -33.00 -6.11
N GLU B 29 -37.14 -32.07 -5.24
CA GLU B 29 -37.76 -30.82 -5.66
C GLU B 29 -36.74 -29.95 -6.37
N PHE B 30 -35.49 -30.06 -5.94
CA PHE B 30 -34.41 -29.29 -6.55
C PHE B 30 -34.23 -29.72 -8.01
N TRP B 31 -34.35 -31.01 -8.26
CA TRP B 31 -34.25 -31.55 -9.61
C TRP B 31 -35.43 -31.06 -10.43
N ASP B 32 -36.59 -30.98 -9.80
CA ASP B 32 -37.80 -30.50 -10.44
C ASP B 32 -37.69 -29.00 -10.68
N ASN B 33 -36.95 -28.34 -9.80
CA ASN B 33 -36.71 -26.91 -9.90
C ASN B 33 -35.71 -26.66 -11.02
N LEU B 34 -34.72 -27.54 -11.10
CA LEU B 34 -33.69 -27.47 -12.12
C LEU B 34 -34.33 -27.72 -13.49
N GLU B 35 -35.39 -28.53 -13.50
CA GLU B 35 -36.11 -28.80 -14.73
C GLU B 35 -36.78 -27.52 -15.20
N LYS B 36 -37.21 -26.71 -14.24
CA LYS B 36 -37.83 -25.43 -14.55
C LYS B 36 -36.73 -24.49 -15.04
N GLU B 37 -35.58 -24.55 -14.37
CA GLU B 37 -34.42 -23.74 -14.74
C GLU B 37 -34.06 -24.02 -16.20
N THR B 38 -33.86 -25.30 -16.49
CA THR B 38 -33.51 -25.72 -17.84
C THR B 38 -34.65 -25.46 -18.81
N GLU B 39 -35.90 -25.66 -18.38
CA GLU B 39 -37.07 -25.41 -19.23
C GLU B 39 -37.08 -23.94 -19.65
N GLY B 40 -36.88 -23.05 -18.69
CA GLY B 40 -36.84 -21.64 -18.98
C GLY B 40 -35.71 -21.35 -19.94
N LEU B 41 -34.53 -21.86 -19.61
CA LEU B 41 -33.35 -21.70 -20.44
C LEU B 41 -33.58 -22.26 -21.84
N ARG B 42 -34.34 -23.35 -21.93
CA ARG B 42 -34.65 -23.97 -23.21
C ARG B 42 -35.50 -23.02 -24.06
N GLN B 43 -36.48 -22.39 -23.42
CA GLN B 43 -37.37 -21.46 -24.10
C GLN B 43 -36.62 -20.19 -24.49
N GLU B 44 -35.60 -19.85 -23.71
CA GLU B 44 -34.78 -18.68 -23.98
C GLU B 44 -33.75 -19.01 -25.06
N MET B 45 -32.95 -20.05 -24.80
CA MET B 45 -31.88 -20.49 -25.70
C MET B 45 -32.35 -20.78 -27.11
N SER B 46 -33.56 -21.32 -27.27
CA SER B 46 -34.08 -21.61 -28.59
C SER B 46 -34.12 -20.34 -29.41
N LYS B 47 -34.72 -19.31 -28.84
CA LYS B 47 -34.82 -18.01 -29.49
C LYS B 47 -33.46 -17.34 -29.51
N ASP B 48 -32.72 -17.51 -28.42
CA ASP B 48 -31.39 -16.92 -28.28
C ASP B 48 -30.45 -17.41 -29.38
N LEU B 49 -30.29 -18.71 -29.49
CA LEU B 49 -29.42 -19.31 -30.48
C LEU B 49 -29.90 -18.99 -31.90
N GLU B 50 -31.19 -19.17 -32.14
CA GLU B 50 -31.76 -18.91 -33.47
C GLU B 50 -31.64 -17.45 -33.87
N GLU B 51 -31.97 -16.56 -32.95
CA GLU B 51 -31.87 -15.14 -33.23
C GLU B 51 -30.40 -14.74 -33.31
N VAL B 52 -29.56 -15.49 -32.61
CA VAL B 52 -28.12 -15.25 -32.64
C VAL B 52 -27.61 -15.52 -34.05
N LYS B 53 -28.14 -16.58 -34.68
CA LYS B 53 -27.76 -16.92 -36.04
C LYS B 53 -28.17 -15.79 -36.97
N ALA B 54 -29.36 -15.26 -36.73
CA ALA B 54 -29.90 -14.17 -37.52
C ALA B 54 -29.23 -12.85 -37.15
N LYS B 55 -28.30 -12.91 -36.21
CA LYS B 55 -27.55 -11.73 -35.79
C LYS B 55 -26.10 -11.84 -36.18
N VAL B 56 -25.54 -13.04 -36.04
CA VAL B 56 -24.15 -13.31 -36.39
C VAL B 56 -23.90 -13.02 -37.86
N GLN B 57 -24.78 -13.55 -38.72
CA GLN B 57 -24.65 -13.34 -40.16
C GLN B 57 -24.63 -11.84 -40.52
N PRO B 58 -25.69 -11.08 -40.21
CA PRO B 58 -25.76 -9.64 -40.51
C PRO B 58 -24.68 -8.84 -39.77
N TYR B 59 -24.28 -9.31 -38.59
CA TYR B 59 -23.25 -8.63 -37.82
C TYR B 59 -21.89 -8.83 -38.48
N LEU B 60 -21.60 -10.06 -38.87
CA LEU B 60 -20.34 -10.37 -39.51
C LEU B 60 -20.28 -9.72 -40.88
N ASP B 61 -21.41 -9.71 -41.58
CA ASP B 61 -21.48 -9.08 -42.90
C ASP B 61 -21.22 -7.58 -42.76
N ASP B 62 -21.80 -6.99 -41.72
CA ASP B 62 -21.61 -5.57 -41.45
C ASP B 62 -20.19 -5.31 -40.99
N PHE B 63 -19.68 -6.20 -40.14
CA PHE B 63 -18.34 -6.09 -39.62
C PHE B 63 -17.33 -6.19 -40.77
N GLN B 64 -17.52 -7.20 -41.62
CA GLN B 64 -16.65 -7.40 -42.77
C GLN B 64 -16.80 -6.25 -43.75
N LYS B 65 -18.00 -5.70 -43.83
CA LYS B 65 -18.28 -4.57 -44.71
C LYS B 65 -17.40 -3.41 -44.27
N LYS B 66 -17.47 -3.09 -42.98
CA LYS B 66 -16.67 -2.02 -42.41
C LYS B 66 -15.19 -2.38 -42.47
N TRP B 67 -14.92 -3.67 -42.30
CA TRP B 67 -13.56 -4.19 -42.34
C TRP B 67 -12.96 -3.97 -43.71
N GLN B 68 -13.75 -4.18 -44.76
CA GLN B 68 -13.29 -3.96 -46.12
C GLN B 68 -12.96 -2.49 -46.31
N GLU B 69 -13.87 -1.64 -45.83
CA GLU B 69 -13.70 -0.20 -45.92
C GLU B 69 -12.41 0.22 -45.23
N GLU B 70 -12.14 -0.38 -44.09
CA GLU B 70 -10.95 -0.07 -43.31
C GLU B 70 -9.71 -0.76 -43.87
N MET B 71 -9.84 -2.01 -44.30
CA MET B 71 -8.72 -2.75 -44.85
C MET B 71 -8.23 -2.08 -46.13
N GLU B 72 -9.17 -1.82 -47.03
CA GLU B 72 -8.85 -1.14 -48.28
C GLU B 72 -8.40 0.28 -47.94
N LEU B 73 -9.05 0.86 -46.94
CA LEU B 73 -8.74 2.20 -46.46
C LEU B 73 -7.28 2.25 -46.02
N TYR B 74 -6.89 1.29 -45.18
CA TYR B 74 -5.52 1.22 -44.68
C TYR B 74 -4.55 0.95 -45.82
N ARG B 75 -5.04 0.25 -46.84
CA ARG B 75 -4.21 -0.03 -48.01
C ARG B 75 -3.97 1.26 -48.80
N GLN B 76 -4.86 2.21 -48.60
CA GLN B 76 -4.76 3.51 -49.26
C GLN B 76 -4.24 4.55 -48.25
N LYS B 77 -3.89 4.08 -47.07
CA LYS B 77 -3.35 4.94 -46.02
C LYS B 77 -1.91 4.55 -45.70
N VAL B 78 -1.76 3.33 -45.23
CA VAL B 78 -0.47 2.79 -44.82
C VAL B 78 0.48 2.58 -46.02
N GLU B 79 -0.05 2.05 -47.13
CA GLU B 79 0.78 1.81 -48.30
C GLU B 79 1.41 3.09 -48.88
N PRO B 80 0.63 4.14 -49.19
CA PRO B 80 1.19 5.39 -49.68
C PRO B 80 2.09 6.04 -48.64
N LEU B 81 1.65 5.97 -47.37
CA LEU B 81 2.43 6.52 -46.27
C LEU B 81 3.72 5.74 -46.09
N ARG B 82 3.69 4.48 -46.48
CA ARG B 82 4.86 3.61 -46.40
C ARG B 82 5.93 4.17 -47.32
N ALA B 83 5.50 4.70 -48.46
CA ALA B 83 6.40 5.29 -49.43
C ALA B 83 6.85 6.66 -48.93
N GLU B 84 5.91 7.42 -48.38
CA GLU B 84 6.20 8.74 -47.83
C GLU B 84 7.18 8.61 -46.68
N LEU B 85 6.89 7.69 -45.76
CA LEU B 85 7.74 7.45 -44.62
C LEU B 85 9.07 6.87 -45.08
N GLN B 86 9.06 6.11 -46.17
CA GLN B 86 10.28 5.54 -46.71
C GLN B 86 11.16 6.68 -47.21
N GLU B 87 10.52 7.67 -47.83
CA GLU B 87 11.23 8.83 -48.33
C GLU B 87 11.71 9.67 -47.16
N GLY B 88 10.84 9.83 -46.17
CA GLY B 88 11.20 10.58 -44.98
C GLY B 88 12.34 9.90 -44.25
N ALA B 89 12.30 8.57 -44.25
CA ALA B 89 13.34 7.77 -43.62
C ALA B 89 14.61 7.87 -44.44
N ARG B 90 14.47 7.89 -45.77
CA ARG B 90 15.63 8.01 -46.66
C ARG B 90 16.30 9.36 -46.42
N GLN B 91 15.49 10.40 -46.32
CA GLN B 91 16.01 11.74 -46.05
C GLN B 91 16.65 11.77 -44.67
N LYS B 92 15.99 11.12 -43.71
CA LYS B 92 16.50 11.07 -42.35
C LYS B 92 17.77 10.23 -42.30
N LEU B 93 17.82 9.17 -43.10
CA LEU B 93 18.97 8.30 -43.17
C LEU B 93 20.14 9.06 -43.75
N HIS B 94 19.91 9.74 -44.87
CA HIS B 94 20.95 10.53 -45.51
C HIS B 94 21.40 11.62 -44.55
N GLU B 95 20.43 12.15 -43.80
CA GLU B 95 20.69 13.17 -42.79
C GLU B 95 21.62 12.60 -41.74
N LEU B 96 21.16 11.53 -41.09
CA LEU B 96 21.94 10.86 -40.06
C LEU B 96 23.29 10.41 -40.57
N GLN B 97 23.33 9.97 -41.82
CA GLN B 97 24.58 9.55 -42.43
C GLN B 97 25.55 10.72 -42.53
N GLU B 98 25.05 11.84 -43.06
CA GLU B 98 25.88 13.03 -43.21
C GLU B 98 26.15 13.70 -41.86
N LYS B 99 25.44 13.26 -40.84
CA LYS B 99 25.63 13.79 -39.50
C LYS B 99 26.60 12.90 -38.73
N LEU B 100 26.36 11.59 -38.80
CA LEU B 100 27.18 10.60 -38.11
C LEU B 100 28.56 10.42 -38.73
N SER B 101 28.70 10.72 -40.01
CA SER B 101 30.00 10.59 -40.67
C SER B 101 31.02 11.56 -40.06
N PRO B 102 30.79 12.89 -40.15
CA PRO B 102 31.72 13.87 -39.58
C PRO B 102 31.67 13.87 -38.05
N LEU B 103 30.47 13.79 -37.48
CA LEU B 103 30.33 13.79 -36.02
C LEU B 103 30.92 12.52 -35.42
N GLY B 104 30.78 11.41 -36.13
CA GLY B 104 31.32 10.15 -35.66
C GLY B 104 32.83 10.21 -35.65
N GLU B 105 33.40 10.68 -36.75
CA GLU B 105 34.85 10.84 -36.85
C GLU B 105 35.31 11.86 -35.83
N GLU B 106 34.51 12.92 -35.67
CA GLU B 106 34.80 13.98 -34.73
C GLU B 106 34.77 13.45 -33.31
N MET B 107 33.75 12.67 -32.98
CA MET B 107 33.63 12.09 -31.65
C MET B 107 34.85 11.23 -31.38
N ARG B 108 35.27 10.47 -32.38
CA ARG B 108 36.45 9.64 -32.26
C ARG B 108 37.69 10.52 -32.15
N ASP B 109 37.65 11.66 -32.84
CA ASP B 109 38.74 12.63 -32.79
C ASP B 109 38.85 13.19 -31.39
N ARG B 110 37.70 13.57 -30.83
CA ARG B 110 37.64 14.10 -29.47
C ARG B 110 38.08 12.99 -28.52
N ALA B 111 37.60 11.78 -28.79
CA ALA B 111 37.95 10.61 -27.99
C ALA B 111 39.44 10.34 -28.06
N ARG B 112 40.01 10.50 -29.26
CA ARG B 112 41.44 10.32 -29.44
C ARG B 112 42.20 11.24 -28.52
N ALA B 113 41.75 12.48 -28.44
CA ALA B 113 42.37 13.48 -27.58
C ALA B 113 42.07 13.17 -26.11
N HIS B 114 40.82 12.76 -25.84
CA HIS B 114 40.40 12.42 -24.49
C HIS B 114 41.20 11.24 -23.98
N VAL B 115 41.27 10.20 -24.79
CA VAL B 115 42.00 8.99 -24.46
C VAL B 115 43.50 9.27 -24.40
N ASP B 116 43.99 10.09 -25.34
CA ASP B 116 45.41 10.45 -25.37
C ASP B 116 45.74 11.17 -24.07
N ALA B 117 44.82 12.03 -23.65
CA ALA B 117 44.98 12.76 -22.40
C ALA B 117 45.01 11.75 -21.27
N LEU B 118 44.06 10.81 -21.30
CA LEU B 118 43.99 9.77 -20.28
C LEU B 118 45.27 8.94 -20.26
N ARG B 119 45.83 8.69 -21.43
CA ARG B 119 47.08 7.93 -21.54
C ARG B 119 48.20 8.63 -20.78
N THR B 120 48.44 9.89 -21.16
CA THR B 120 49.51 10.68 -20.54
C THR B 120 49.10 11.27 -19.18
N HIS B 121 47.91 10.93 -18.70
CA HIS B 121 47.45 11.46 -17.41
C HIS B 121 47.18 10.35 -16.40
N LEU B 122 46.61 9.24 -16.85
CA LEU B 122 46.32 8.12 -15.96
C LEU B 122 47.57 7.29 -15.71
N ALA B 123 48.42 7.19 -16.73
CA ALA B 123 49.66 6.44 -16.59
C ALA B 123 50.51 7.01 -15.44
N PRO B 124 50.85 8.31 -15.47
CA PRO B 124 51.61 8.91 -14.38
C PRO B 124 50.79 8.92 -13.08
N TYR B 125 49.48 9.06 -13.22
CA TYR B 125 48.57 9.07 -12.07
C TYR B 125 48.72 7.79 -11.28
N SER B 126 48.65 6.66 -11.99
CA SER B 126 48.78 5.35 -11.35
C SER B 126 50.19 5.19 -10.76
N ASP B 127 51.19 5.74 -11.45
CA ASP B 127 52.57 5.65 -10.98
C ASP B 127 52.74 6.47 -9.71
N GLU B 128 52.19 7.68 -9.70
CA GLU B 128 52.26 8.54 -8.55
C GLU B 128 51.42 7.97 -7.42
N LEU B 129 50.35 7.28 -7.79
CA LEU B 129 49.49 6.63 -6.82
C LEU B 129 50.24 5.42 -6.26
N ARG B 130 51.16 4.87 -7.04
CA ARG B 130 51.95 3.72 -6.63
C ARG B 130 52.92 4.11 -5.52
N GLN B 131 53.53 5.28 -5.62
CA GLN B 131 54.45 5.74 -4.57
C GLN B 131 53.66 5.93 -3.28
N ARG B 132 52.42 6.40 -3.44
CA ARG B 132 51.52 6.63 -2.31
C ARG B 132 51.08 5.28 -1.75
N LEU B 133 50.58 4.41 -2.62
CA LEU B 133 50.13 3.09 -2.22
C LEU B 133 51.26 2.31 -1.55
N ALA B 134 52.48 2.51 -2.05
CA ALA B 134 53.65 1.85 -1.49
C ALA B 134 53.89 2.33 -0.06
N ALA B 135 53.75 3.64 0.13
CA ALA B 135 53.93 4.23 1.47
C ALA B 135 52.80 3.76 2.37
N ARG B 136 51.59 3.78 1.82
CA ARG B 136 50.40 3.33 2.54
C ARG B 136 50.59 1.87 2.98
N LEU B 137 51.07 1.06 2.05
CA LEU B 137 51.33 -0.35 2.31
C LEU B 137 52.42 -0.51 3.36
N GLU B 138 53.47 0.31 3.26
CA GLU B 138 54.56 0.26 4.22
C GLU B 138 54.03 0.57 5.62
N ALA B 139 53.18 1.59 5.71
CA ALA B 139 52.59 1.98 6.97
C ALA B 139 51.74 0.83 7.52
N LEU B 140 50.92 0.26 6.63
CA LEU B 140 50.04 -0.85 7.00
C LEU B 140 50.85 -2.08 7.38
N LYS B 141 52.06 -2.19 6.83
CA LYS B 141 52.93 -3.32 7.13
C LYS B 141 53.68 -3.09 8.43
N GLU B 142 54.13 -1.87 8.65
CA GLU B 142 54.85 -1.52 9.87
C GLU B 142 53.91 -1.57 11.06
N ASN B 143 52.81 -0.84 10.95
CA ASN B 143 51.81 -0.80 12.01
C ASN B 143 51.11 -2.14 12.09
N GLY B 144 50.98 -2.79 10.94
CA GLY B 144 50.35 -4.10 10.89
C GLY B 144 51.20 -5.14 11.59
N GLY B 145 52.50 -5.11 11.33
CA GLY B 145 53.40 -6.05 11.98
C GLY B 145 53.39 -5.85 13.47
N ALA B 146 53.38 -4.58 13.88
CA ALA B 146 53.32 -4.23 15.29
C ALA B 146 51.98 -4.67 15.85
N ARG B 147 50.91 -4.35 15.12
CA ARG B 147 49.55 -4.72 15.51
C ARG B 147 49.44 -6.22 15.75
N LEU B 148 50.03 -6.99 14.85
CA LEU B 148 50.01 -8.45 14.98
C LEU B 148 50.66 -8.88 16.28
N ALA B 149 51.77 -8.23 16.62
CA ALA B 149 52.49 -8.53 17.85
C ALA B 149 51.64 -8.11 19.04
N GLU B 150 51.04 -6.93 18.94
CA GLU B 150 50.17 -6.40 19.98
C GLU B 150 48.98 -7.32 20.17
N TYR B 151 48.34 -7.69 19.07
CA TYR B 151 47.19 -8.58 19.09
C TYR B 151 47.56 -9.93 19.69
N HIS B 152 48.78 -10.38 19.40
CA HIS B 152 49.26 -11.65 19.93
C HIS B 152 49.39 -11.55 21.44
N ALA B 153 49.90 -10.42 21.90
CA ALA B 153 50.06 -10.18 23.33
C ALA B 153 48.68 -10.06 23.97
N LYS B 154 47.81 -9.28 23.35
CA LYS B 154 46.44 -9.08 23.84
C LYS B 154 45.70 -10.41 23.86
N ALA B 155 45.99 -11.26 22.88
CA ALA B 155 45.37 -12.57 22.82
C ALA B 155 45.81 -13.38 24.02
N THR B 156 47.10 -13.34 24.31
CA THR B 156 47.67 -14.04 25.45
C THR B 156 47.09 -13.47 26.75
N GLU B 157 46.97 -12.14 26.80
CA GLU B 157 46.42 -11.45 27.96
C GLU B 157 44.96 -11.87 28.16
N HIS B 158 44.26 -12.06 27.06
CA HIS B 158 42.87 -12.47 27.09
C HIS B 158 42.73 -13.96 27.41
N LEU B 159 43.67 -14.76 26.91
CA LEU B 159 43.66 -16.20 27.15
C LEU B 159 43.85 -16.50 28.63
N SER B 160 44.73 -15.74 29.27
CA SER B 160 45.00 -15.92 30.69
C SER B 160 43.81 -15.47 31.53
N THR B 161 43.24 -14.33 31.17
CA THR B 161 42.09 -13.80 31.90
C THR B 161 40.86 -14.69 31.68
N LEU B 162 40.79 -15.32 30.52
CA LEU B 162 39.69 -16.21 30.20
C LEU B 162 39.89 -17.56 30.89
N SER B 163 41.14 -17.89 31.18
CA SER B 163 41.46 -19.16 31.86
C SER B 163 40.84 -19.17 33.25
N GLU B 164 40.66 -17.97 33.79
CA GLU B 164 40.06 -17.80 35.12
C GLU B 164 38.58 -18.16 35.07
N LYS B 165 38.05 -18.24 33.86
CA LYS B 165 36.65 -18.58 33.64
C LYS B 165 36.53 -19.98 33.07
N ALA B 166 37.46 -20.34 32.19
CA ALA B 166 37.47 -21.65 31.56
C ALA B 166 37.75 -22.76 32.56
N LYS B 167 38.43 -22.44 33.65
CA LYS B 167 38.72 -23.44 34.67
C LYS B 167 37.97 -23.18 35.99
N PRO B 168 38.34 -22.14 36.77
CA PRO B 168 37.69 -21.84 38.06
C PRO B 168 36.19 -21.57 37.92
N ALA B 169 35.81 -20.67 37.02
CA ALA B 169 34.40 -20.34 36.82
C ALA B 169 33.61 -21.55 36.35
N LEU B 170 34.14 -22.26 35.36
CA LEU B 170 33.49 -23.45 34.83
C LEU B 170 33.41 -24.54 35.90
N GLU B 171 34.44 -24.60 36.74
CA GLU B 171 34.47 -25.58 37.83
C GLU B 171 33.32 -25.30 38.79
N ASP B 172 33.13 -24.02 39.11
CA ASP B 172 32.06 -23.62 40.01
C ASP B 172 30.71 -23.90 39.36
N LEU B 173 30.63 -23.68 38.05
CA LEU B 173 29.40 -23.93 37.31
C LEU B 173 29.08 -25.42 37.34
N ARG B 174 30.12 -26.25 37.19
CA ARG B 174 29.94 -27.69 37.24
C ARG B 174 29.53 -28.12 38.64
N GLN B 175 30.16 -27.49 39.63
CA GLN B 175 29.85 -27.78 41.02
C GLN B 175 28.44 -27.35 41.37
N GLY B 176 27.92 -26.38 40.63
CA GLY B 176 26.56 -25.89 40.86
C GLY B 176 25.58 -26.73 40.05
N LEU B 177 26.01 -27.15 38.86
CA LEU B 177 25.19 -27.98 37.98
C LEU B 177 24.79 -29.29 38.64
N LEU B 178 25.74 -29.91 39.35
CA LEU B 178 25.48 -31.18 40.02
C LEU B 178 24.23 -31.13 40.92
N PRO B 179 24.21 -30.29 41.98
CA PRO B 179 23.06 -30.17 42.86
C PRO B 179 21.83 -29.62 42.12
N VAL B 180 22.05 -28.68 41.21
CA VAL B 180 20.96 -28.08 40.45
C VAL B 180 20.25 -29.17 39.63
N LEU B 181 21.02 -30.02 38.97
CA LEU B 181 20.46 -31.10 38.17
C LEU B 181 19.70 -32.05 39.07
N GLU B 182 20.25 -32.32 40.25
CA GLU B 182 19.60 -33.20 41.21
C GLU B 182 18.28 -32.60 41.68
N SER B 183 18.33 -31.34 42.10
CA SER B 183 17.14 -30.64 42.56
C SER B 183 16.10 -30.57 41.44
N PHE B 184 16.59 -30.33 40.22
CA PHE B 184 15.72 -30.26 39.06
C PHE B 184 15.11 -31.63 38.78
N LYS B 185 15.94 -32.67 38.87
CA LYS B 185 15.47 -34.03 38.67
C LYS B 185 14.41 -34.39 39.69
N VAL B 186 14.64 -33.99 40.94
CA VAL B 186 13.68 -34.24 42.01
C VAL B 186 12.36 -33.55 41.68
N SER B 187 12.45 -32.31 41.21
CA SER B 187 11.28 -31.54 40.84
C SER B 187 10.59 -32.22 39.65
N PHE B 188 11.38 -32.72 38.71
CA PHE B 188 10.85 -33.41 37.54
C PHE B 188 10.18 -34.71 37.96
N LEU B 189 10.80 -35.42 38.90
CA LEU B 189 10.25 -36.68 39.40
C LEU B 189 8.85 -36.46 39.93
N SER B 190 8.69 -35.47 40.79
CA SER B 190 7.39 -35.15 41.36
C SER B 190 6.45 -34.70 40.25
N ALA B 191 6.94 -33.83 39.38
CA ALA B 191 6.15 -33.32 38.25
C ALA B 191 5.61 -34.43 37.39
N LEU B 192 6.47 -35.38 37.02
CA LEU B 192 6.08 -36.51 36.20
C LEU B 192 4.95 -37.29 36.85
N GLU B 193 5.10 -37.56 38.14
CA GLU B 193 4.10 -38.31 38.89
C GLU B 193 2.77 -37.56 38.94
N GLU B 194 2.84 -36.25 39.15
CA GLU B 194 1.65 -35.43 39.19
C GLU B 194 0.94 -35.47 37.84
N TYR B 195 1.74 -35.45 36.77
CA TYR B 195 1.20 -35.50 35.42
C TYR B 195 0.62 -36.89 35.12
N THR B 196 1.16 -37.91 35.80
CA THR B 196 0.67 -39.26 35.62
C THR B 196 -0.77 -39.34 36.11
N LYS B 197 -1.07 -38.60 37.17
CA LYS B 197 -2.42 -38.56 37.73
C LYS B 197 -3.37 -37.86 36.78
N LYS B 198 -2.82 -37.04 35.89
CA LYS B 198 -3.60 -36.28 34.92
C LYS B 198 -3.83 -37.07 33.64
N LEU B 199 -2.93 -38.01 33.37
CA LEU B 199 -3.01 -38.84 32.16
C LEU B 199 -3.60 -40.20 32.49
N ASN B 200 -4.34 -40.28 33.58
CA ASN B 200 -4.95 -41.53 34.00
C ASN B 200 -6.27 -41.77 33.26
N MET C 3 -8.41 10.53 22.54
CA MET C 3 -7.95 9.21 22.06
C MET C 3 -8.68 8.83 20.77
N THR C 4 -10.00 9.00 20.79
CA THR C 4 -10.83 8.67 19.65
C THR C 4 -11.86 9.76 19.40
N GLU C 5 -11.46 11.00 19.62
CA GLU C 5 -12.34 12.13 19.44
C GLU C 5 -11.85 12.97 18.26
N TYR C 6 -12.61 12.95 17.18
CA TYR C 6 -12.23 13.69 15.98
C TYR C 6 -13.15 14.88 15.77
N LYS C 7 -12.58 16.07 15.84
CA LYS C 7 -13.33 17.31 15.63
C LYS C 7 -13.26 17.73 14.18
N LEU C 8 -14.41 17.82 13.54
CA LEU C 8 -14.49 18.19 12.14
C LEU C 8 -15.34 19.44 11.95
N VAL C 9 -14.94 20.30 11.02
CA VAL C 9 -15.68 21.52 10.74
C VAL C 9 -16.09 21.56 9.28
N VAL C 10 -17.39 21.73 9.04
CA VAL C 10 -17.91 21.78 7.68
C VAL C 10 -18.03 23.22 7.22
N VAL C 11 -17.25 23.58 6.20
CA VAL C 11 -17.27 24.93 5.66
C VAL C 11 -17.74 24.93 4.21
N GLY C 12 -17.96 26.12 3.66
CA GLY C 12 -18.41 26.24 2.30
C GLY C 12 -19.37 27.41 2.14
N ALA C 13 -19.86 27.60 0.93
CA ALA C 13 -20.78 28.70 0.65
C ALA C 13 -22.18 28.40 1.16
N GLY C 14 -23.15 29.22 0.74
CA GLY C 14 -24.51 29.04 1.17
C GLY C 14 -25.31 28.19 0.20
N GLY C 15 -26.27 27.45 0.73
CA GLY C 15 -27.10 26.61 -0.11
C GLY C 15 -26.42 25.31 -0.51
N VAL C 16 -25.18 25.11 -0.07
CA VAL C 16 -24.44 23.90 -0.41
C VAL C 16 -24.90 22.70 0.41
N GLY C 17 -25.43 22.96 1.60
CA GLY C 17 -25.92 21.88 2.44
C GLY C 17 -25.04 21.61 3.66
N LYS C 18 -24.33 22.63 4.13
CA LYS C 18 -23.45 22.49 5.30
C LYS C 18 -24.25 22.05 6.52
N SER C 19 -25.43 22.64 6.68
CA SER C 19 -26.31 22.33 7.80
C SER C 19 -27.34 21.28 7.39
N ALA C 20 -26.99 20.46 6.39
CA ALA C 20 -27.89 19.42 5.90
C ALA C 20 -27.18 18.07 5.88
N LEU C 21 -25.98 18.03 5.29
CA LEU C 21 -25.20 16.80 5.20
C LEU C 21 -24.90 16.24 6.59
N THR C 22 -24.74 17.15 7.54
CA THR C 22 -24.45 16.79 8.91
C THR C 22 -25.60 15.99 9.51
N ILE C 23 -26.81 16.52 9.36
CA ILE C 23 -28.00 15.87 9.89
C ILE C 23 -28.26 14.54 9.19
N GLN C 24 -27.94 14.47 7.91
CA GLN C 24 -28.14 13.26 7.13
C GLN C 24 -27.23 12.13 7.62
N LEU C 25 -26.11 12.49 8.22
CA LEU C 25 -25.17 11.50 8.73
C LEU C 25 -25.41 11.21 10.21
N ILE C 26 -25.64 12.27 10.98
CA ILE C 26 -25.88 12.14 12.42
C ILE C 26 -27.24 11.54 12.74
N GLN C 27 -28.30 12.16 12.25
CA GLN C 27 -29.66 11.69 12.52
C GLN C 27 -30.18 10.79 11.40
N ASN C 28 -29.43 10.73 10.31
CA ASN C 28 -29.77 9.90 9.16
C ASN C 28 -31.12 10.23 8.52
N HIS C 29 -31.36 11.52 8.28
CA HIS C 29 -32.60 11.95 7.65
C HIS C 29 -32.38 13.24 6.87
N PHE C 30 -33.08 13.37 5.75
CA PHE C 30 -32.96 14.55 4.91
C PHE C 30 -33.89 15.65 5.40
N VAL C 31 -33.49 16.89 5.15
CA VAL C 31 -34.29 18.05 5.54
C VAL C 31 -34.79 18.75 4.29
N ASP C 32 -35.95 19.38 4.38
CA ASP C 32 -36.53 20.07 3.24
C ASP C 32 -36.32 21.57 3.34
N GLU C 33 -36.92 22.17 4.38
CA GLU C 33 -36.80 23.60 4.60
C GLU C 33 -35.95 23.84 5.83
N TYR C 34 -34.70 24.22 5.60
CA TYR C 34 -33.77 24.45 6.69
C TYR C 34 -33.21 25.87 6.63
N ASP C 35 -33.05 26.49 7.79
CA ASP C 35 -32.52 27.85 7.91
C ASP C 35 -31.00 27.84 7.78
N PRO C 36 -30.46 28.62 6.84
CA PRO C 36 -29.02 28.70 6.60
C PRO C 36 -28.22 29.29 7.76
N THR C 37 -28.88 30.03 8.66
CA THR C 37 -28.18 30.66 9.78
C THR C 37 -28.01 29.72 10.97
N ILE C 38 -28.45 28.47 10.84
CA ILE C 38 -28.32 27.50 11.91
C ILE C 38 -26.89 26.95 11.99
N GLU C 39 -26.12 27.55 12.88
CA GLU C 39 -24.74 27.18 13.11
C GLU C 39 -24.62 26.49 14.47
N ASP C 40 -24.41 25.18 14.45
CA ASP C 40 -24.29 24.42 15.69
C ASP C 40 -23.35 23.24 15.53
N SER C 41 -23.27 22.39 16.55
CA SER C 41 -22.40 21.24 16.50
C SER C 41 -23.16 19.95 16.80
N TYR C 42 -22.84 18.89 16.07
CA TYR C 42 -23.49 17.60 16.26
C TYR C 42 -22.46 16.56 16.65
N ARG C 43 -22.85 15.58 17.45
CA ARG C 43 -21.93 14.53 17.89
C ARG C 43 -22.55 13.15 17.71
N LYS C 44 -21.75 12.22 17.21
CA LYS C 44 -22.20 10.85 16.98
C LYS C 44 -21.04 9.87 17.08
N GLN C 45 -21.27 8.75 17.72
CA GLN C 45 -20.25 7.71 17.87
C GLN C 45 -20.41 6.68 16.77
N VAL C 46 -19.41 6.55 15.91
CA VAL C 46 -19.46 5.61 14.79
C VAL C 46 -18.23 4.70 14.78
N VAL C 47 -18.32 3.64 13.99
CA VAL C 47 -17.23 2.69 13.86
C VAL C 47 -16.61 2.80 12.48
N ILE C 48 -15.65 3.70 12.34
CA ILE C 48 -14.98 3.92 11.06
C ILE C 48 -13.83 2.95 10.88
N ASP C 49 -14.05 1.94 10.02
CA ASP C 49 -13.03 0.92 9.73
C ASP C 49 -12.55 0.23 11.01
N GLY C 50 -13.50 -0.07 11.90
CA GLY C 50 -13.15 -0.72 13.15
C GLY C 50 -12.89 0.29 14.24
N GLU C 51 -12.37 1.44 13.87
CA GLU C 51 -12.06 2.49 14.82
C GLU C 51 -13.34 3.17 15.31
N THR C 52 -13.79 2.80 16.49
CA THR C 52 -14.99 3.39 17.06
C THR C 52 -14.64 4.73 17.69
N CYS C 53 -14.91 5.80 16.95
CA CYS C 53 -14.57 7.14 17.43
C CYS C 53 -15.81 8.02 17.54
N LEU C 54 -15.64 9.15 18.22
CA LEU C 54 -16.71 10.11 18.42
C LEU C 54 -16.53 11.27 17.47
N LEU C 55 -17.51 11.48 16.60
CA LEU C 55 -17.45 12.57 15.64
C LEU C 55 -17.97 13.87 16.22
N ASP C 56 -17.09 14.82 16.41
CA ASP C 56 -17.43 16.15 16.92
C ASP C 56 -17.43 17.10 15.74
N ILE C 57 -18.57 17.20 15.07
CA ILE C 57 -18.67 18.03 13.88
C ILE C 57 -19.43 19.33 14.10
N LEU C 58 -18.89 20.42 13.54
CA LEU C 58 -19.51 21.73 13.64
C LEU C 58 -19.98 22.18 12.27
N ASP C 59 -21.20 22.66 12.19
CA ASP C 59 -21.76 23.13 10.93
C ASP C 59 -21.72 24.66 10.90
N THR C 60 -21.05 25.22 9.91
CA THR C 60 -20.94 26.66 9.79
C THR C 60 -22.11 27.25 9.02
N ALA C 61 -22.50 28.44 9.43
CA ALA C 61 -23.59 29.14 8.78
C ALA C 61 -23.02 30.41 8.15
N GLY C 62 -22.09 31.03 8.85
CA GLY C 62 -21.47 32.24 8.37
C GLY C 62 -22.00 33.45 9.10
N GLN C 63 -22.49 33.23 10.32
CA GLN C 63 -23.02 34.30 11.14
C GLN C 63 -21.94 35.30 11.51
N GLU C 64 -22.24 36.58 11.31
CA GLU C 64 -21.29 37.63 11.62
C GLU C 64 -21.36 38.01 13.09
N GLU C 65 -22.18 37.29 13.83
CA GLU C 65 -22.35 37.52 15.26
C GLU C 65 -21.26 36.76 16.02
N TYR C 66 -20.90 37.25 17.20
CA TYR C 66 -19.86 36.62 18.01
C TYR C 66 -20.23 35.19 18.37
N SER C 67 -19.32 34.26 18.11
CA SER C 67 -19.54 32.86 18.42
C SER C 67 -18.26 32.23 18.93
N ALA C 68 -18.13 32.13 20.24
CA ALA C 68 -16.96 31.55 20.87
C ALA C 68 -16.84 30.07 20.47
N MET C 69 -17.98 29.44 20.25
CA MET C 69 -18.02 28.04 19.84
C MET C 69 -17.31 27.85 18.51
N ARG C 70 -17.69 28.64 17.51
CA ARG C 70 -17.09 28.57 16.20
C ARG C 70 -15.60 28.90 16.27
N ASP C 71 -15.27 29.85 17.12
CA ASP C 71 -13.88 30.27 17.30
C ASP C 71 -13.02 29.14 17.82
N GLN C 72 -13.52 28.43 18.83
CA GLN C 72 -12.79 27.32 19.44
C GLN C 72 -12.61 26.17 18.46
N TYR C 73 -13.66 25.83 17.73
CA TYR C 73 -13.61 24.73 16.76
C TYR C 73 -12.61 25.02 15.64
N MET C 74 -12.41 26.29 15.34
CA MET C 74 -11.47 26.68 14.29
C MET C 74 -10.04 26.47 14.73
N ARG C 75 -9.81 26.59 16.03
CA ARG C 75 -8.47 26.42 16.59
C ARG C 75 -8.16 24.96 16.86
N THR C 76 -9.03 24.30 17.62
CA THR C 76 -8.82 22.91 17.98
C THR C 76 -9.46 21.93 16.98
N GLY C 77 -9.74 22.43 15.78
CA GLY C 77 -10.32 21.57 14.75
C GLY C 77 -9.28 20.66 14.15
N GLU C 78 -9.65 19.42 13.88
CA GLU C 78 -8.74 18.45 13.30
C GLU C 78 -8.91 18.39 11.77
N GLY C 79 -10.13 18.10 11.34
CA GLY C 79 -10.39 18.00 9.92
C GLY C 79 -11.40 19.02 9.44
N PHE C 80 -11.15 19.60 8.29
CA PHE C 80 -12.04 20.59 7.70
C PHE C 80 -12.62 20.05 6.40
N LEU C 81 -13.90 20.27 6.20
CA LEU C 81 -14.57 19.79 5.00
C LEU C 81 -15.13 20.95 4.17
N CYS C 82 -14.72 21.03 2.92
CA CYS C 82 -15.21 22.08 2.04
C CYS C 82 -16.31 21.54 1.14
N VAL C 83 -17.54 21.96 1.41
CA VAL C 83 -18.68 21.48 0.64
C VAL C 83 -19.18 22.54 -0.35
N PHE C 84 -19.37 22.11 -1.58
CA PHE C 84 -19.87 22.99 -2.63
C PHE C 84 -20.94 22.26 -3.43
N ALA C 85 -21.64 22.98 -4.29
CA ALA C 85 -22.69 22.37 -5.09
C ALA C 85 -22.22 22.23 -6.53
N ILE C 86 -22.30 21.02 -7.07
CA ILE C 86 -21.86 20.77 -8.45
C ILE C 86 -22.79 21.42 -9.46
N ASN C 87 -23.95 21.84 -9.01
CA ASN C 87 -24.92 22.51 -9.88
C ASN C 87 -24.83 24.02 -9.68
N ASN C 88 -23.84 24.44 -8.91
CA ASN C 88 -23.62 25.85 -8.63
C ASN C 88 -22.14 26.16 -8.75
N THR C 89 -21.71 26.50 -9.96
CA THR C 89 -20.32 26.82 -10.24
C THR C 89 -19.81 28.00 -9.39
N LYS C 90 -20.73 28.84 -8.93
CA LYS C 90 -20.38 29.99 -8.12
C LYS C 90 -19.83 29.54 -6.76
N SER C 91 -20.37 28.45 -6.23
CA SER C 91 -19.93 27.94 -4.94
C SER C 91 -18.57 27.25 -5.05
N PHE C 92 -18.25 26.77 -6.24
CA PHE C 92 -16.98 26.08 -6.49
C PHE C 92 -15.81 27.07 -6.40
N GLU C 93 -16.06 28.30 -6.83
CA GLU C 93 -15.04 29.34 -6.80
C GLU C 93 -14.72 29.81 -5.39
N ASP C 94 -15.69 29.70 -4.49
CA ASP C 94 -15.50 30.14 -3.10
C ASP C 94 -14.65 29.18 -2.29
N ILE C 95 -14.42 27.99 -2.83
CA ILE C 95 -13.63 26.97 -2.15
C ILE C 95 -12.23 27.50 -1.84
N HIS C 96 -11.66 28.24 -2.77
CA HIS C 96 -10.32 28.80 -2.59
C HIS C 96 -10.34 29.88 -1.51
N HIS C 97 -11.46 30.58 -1.40
CA HIS C 97 -11.63 31.64 -0.41
C HIS C 97 -11.52 31.05 1.00
N TYR C 98 -12.21 29.94 1.22
CA TYR C 98 -12.19 29.29 2.53
C TYR C 98 -10.84 28.62 2.77
N ARG C 99 -10.24 28.12 1.70
CA ARG C 99 -8.94 27.46 1.77
C ARG C 99 -7.89 28.40 2.36
N GLU C 100 -7.83 29.62 1.84
CA GLU C 100 -6.87 30.61 2.31
C GLU C 100 -7.20 31.04 3.73
N GLN C 101 -8.49 31.17 4.02
CA GLN C 101 -8.95 31.59 5.34
C GLN C 101 -8.48 30.61 6.43
N ILE C 102 -8.79 29.33 6.25
CA ILE C 102 -8.41 28.30 7.21
C ILE C 102 -6.89 28.15 7.27
N LYS C 103 -6.25 28.35 6.12
CA LYS C 103 -4.79 28.25 6.01
C LYS C 103 -4.13 29.27 6.93
N ARG C 104 -4.81 30.39 7.15
CA ARG C 104 -4.30 31.43 8.01
C ARG C 104 -4.58 31.11 9.48
N VAL C 105 -5.72 30.47 9.73
CA VAL C 105 -6.11 30.10 11.08
C VAL C 105 -5.16 29.05 11.65
N LYS C 106 -4.91 28.00 10.87
CA LYS C 106 -4.02 26.93 11.29
C LYS C 106 -2.57 27.28 11.00
N ASP C 107 -2.37 28.24 10.10
CA ASP C 107 -1.05 28.71 9.69
C ASP C 107 -0.21 27.58 9.10
N SER C 108 -0.75 26.92 8.08
CA SER C 108 -0.05 25.83 7.42
C SER C 108 -0.84 25.36 6.20
N GLU C 109 -0.13 24.91 5.17
CA GLU C 109 -0.78 24.39 3.97
C GLU C 109 -1.13 22.92 4.22
N ASP C 110 -0.41 22.33 5.16
CA ASP C 110 -0.62 20.93 5.52
C ASP C 110 -1.71 20.83 6.59
N VAL C 111 -2.95 20.94 6.14
CA VAL C 111 -4.11 20.86 7.03
C VAL C 111 -5.12 19.86 6.47
N PRO C 112 -5.56 18.91 7.30
CA PRO C 112 -6.54 17.89 6.89
C PRO C 112 -7.83 18.52 6.39
N MET C 113 -7.99 18.56 5.09
CA MET C 113 -9.16 19.14 4.47
C MET C 113 -9.53 18.36 3.22
N VAL C 114 -10.81 18.03 3.09
CA VAL C 114 -11.28 17.28 1.93
C VAL C 114 -12.34 18.08 1.17
N LEU C 115 -12.31 17.97 -0.14
CA LEU C 115 -13.27 18.66 -1.00
C LEU C 115 -14.46 17.74 -1.27
N VAL C 116 -15.65 18.22 -0.96
CA VAL C 116 -16.85 17.42 -1.16
C VAL C 116 -17.85 18.13 -2.07
N GLY C 117 -18.21 17.45 -3.15
CA GLY C 117 -19.17 18.00 -4.08
C GLY C 117 -20.55 17.45 -3.81
N ASN C 118 -21.43 18.29 -3.28
CA ASN C 118 -22.79 17.86 -2.95
C ASN C 118 -23.74 18.04 -4.13
N LYS C 119 -24.88 17.37 -4.05
CA LYS C 119 -25.92 17.43 -5.09
C LYS C 119 -25.49 16.67 -6.35
N CYS C 120 -24.74 15.58 -6.16
CA CYS C 120 -24.26 14.77 -7.28
C CYS C 120 -25.38 13.97 -7.93
N ASP C 121 -26.54 13.94 -7.29
CA ASP C 121 -27.69 13.22 -7.82
C ASP C 121 -28.45 14.05 -8.84
N LEU C 122 -28.08 15.32 -8.94
CA LEU C 122 -28.72 16.22 -9.88
C LEU C 122 -27.98 16.21 -11.21
N PRO C 123 -28.69 15.84 -12.30
CA PRO C 123 -28.09 15.77 -13.64
C PRO C 123 -27.71 17.13 -14.20
N SER C 124 -28.22 18.20 -13.60
CA SER C 124 -27.92 19.56 -14.04
C SER C 124 -26.61 20.05 -13.42
N ARG C 125 -25.61 19.19 -13.44
CA ARG C 125 -24.30 19.51 -12.88
C ARG C 125 -23.47 20.36 -13.83
N THR C 126 -23.15 21.56 -13.39
CA THR C 126 -22.34 22.47 -14.19
C THR C 126 -20.86 22.24 -13.94
N VAL C 127 -20.54 21.72 -12.76
CA VAL C 127 -19.16 21.43 -12.39
C VAL C 127 -18.82 19.99 -12.76
N ASP C 128 -17.81 19.83 -13.60
CA ASP C 128 -17.38 18.50 -14.03
C ASP C 128 -16.41 17.90 -13.03
N THR C 129 -16.48 16.59 -12.85
CA THR C 129 -15.59 15.87 -11.95
C THR C 129 -14.14 16.09 -12.34
N LYS C 130 -13.90 16.25 -13.65
CA LYS C 130 -12.56 16.48 -14.17
C LYS C 130 -11.94 17.76 -13.60
N GLN C 131 -12.79 18.75 -13.33
CA GLN C 131 -12.32 20.01 -12.79
C GLN C 131 -12.01 19.87 -11.30
N ALA C 132 -12.94 19.27 -10.58
CA ALA C 132 -12.80 19.07 -9.15
C ALA C 132 -11.64 18.15 -8.80
N GLN C 133 -11.54 17.02 -9.50
CA GLN C 133 -10.47 16.05 -9.26
C GLN C 133 -9.11 16.66 -9.58
N ASP C 134 -9.08 17.52 -10.60
CA ASP C 134 -7.84 18.19 -11.00
C ASP C 134 -7.36 19.12 -9.89
N LEU C 135 -8.30 19.88 -9.35
CA LEU C 135 -7.99 20.82 -8.28
C LEU C 135 -7.56 20.07 -7.02
N ALA C 136 -8.30 19.03 -6.67
CA ALA C 136 -8.01 18.22 -5.49
C ALA C 136 -6.64 17.57 -5.60
N ARG C 137 -6.36 16.99 -6.77
CA ARG C 137 -5.08 16.34 -7.02
C ARG C 137 -3.92 17.32 -6.89
N SER C 138 -4.17 18.57 -7.26
CA SER C 138 -3.15 19.61 -7.18
C SER C 138 -2.87 20.01 -5.74
N TYR C 139 -3.86 19.81 -4.86
CA TYR C 139 -3.71 20.14 -3.45
C TYR C 139 -3.24 18.90 -2.69
N GLY C 140 -3.31 17.76 -3.35
CA GLY C 140 -2.90 16.52 -2.73
C GLY C 140 -3.98 15.94 -1.84
N ILE C 141 -5.22 16.36 -2.05
CA ILE C 141 -6.35 15.90 -1.26
C ILE C 141 -7.34 15.14 -2.12
N PRO C 142 -8.17 14.27 -1.52
CA PRO C 142 -9.17 13.49 -2.24
C PRO C 142 -10.47 14.27 -2.45
N PHE C 143 -11.22 13.89 -3.47
CA PHE C 143 -12.49 14.53 -3.78
C PHE C 143 -13.58 13.47 -3.94
N ILE C 144 -14.69 13.65 -3.26
CA ILE C 144 -15.79 12.70 -3.32
C ILE C 144 -17.10 13.42 -3.67
N GLU C 145 -17.83 12.89 -4.65
CA GLU C 145 -19.11 13.45 -5.04
C GLU C 145 -20.21 12.81 -4.18
N THR C 146 -20.90 13.63 -3.40
CA THR C 146 -21.94 13.11 -2.50
C THR C 146 -23.26 13.84 -2.70
N SER C 147 -24.28 13.38 -2.00
CA SER C 147 -25.59 13.98 -2.06
C SER C 147 -26.34 13.76 -0.76
N ALA C 148 -26.70 14.84 -0.10
CA ALA C 148 -27.44 14.75 1.15
C ALA C 148 -28.88 14.33 0.88
N LYS C 149 -29.28 14.43 -0.38
CA LYS C 149 -30.63 14.07 -0.81
C LYS C 149 -30.78 12.55 -0.94
N THR C 150 -29.83 11.92 -1.63
CA THR C 150 -29.88 10.48 -1.82
C THR C 150 -29.13 9.74 -0.71
N ARG C 151 -28.34 10.50 0.05
CA ARG C 151 -27.55 9.95 1.16
C ARG C 151 -26.45 9.02 0.65
N GLN C 152 -26.09 9.18 -0.62
CA GLN C 152 -25.05 8.36 -1.23
C GLN C 152 -23.67 8.98 -1.06
N GLY C 153 -22.72 8.17 -0.60
CA GLY C 153 -21.36 8.65 -0.41
C GLY C 153 -21.17 9.48 0.85
N VAL C 154 -22.25 9.82 1.53
CA VAL C 154 -22.19 10.64 2.73
C VAL C 154 -21.27 10.02 3.79
N ASP C 155 -21.43 8.73 4.03
CA ASP C 155 -20.62 8.02 5.02
C ASP C 155 -19.14 8.12 4.71
N ASP C 156 -18.76 7.71 3.51
CA ASP C 156 -17.36 7.72 3.09
C ASP C 156 -16.75 9.11 3.12
N ALA C 157 -17.56 10.13 2.77
CA ALA C 157 -17.07 11.51 2.76
C ALA C 157 -16.47 11.88 4.11
N PHE C 158 -17.11 11.43 5.18
CA PHE C 158 -16.63 11.69 6.52
C PHE C 158 -15.63 10.63 6.97
N TYR C 159 -15.85 9.40 6.53
CA TYR C 159 -14.97 8.28 6.87
C TYR C 159 -13.57 8.52 6.32
N THR C 160 -13.49 8.81 5.02
CA THR C 160 -12.21 9.06 4.38
C THR C 160 -11.55 10.32 4.95
N LEU C 161 -12.36 11.28 5.37
CA LEU C 161 -11.86 12.50 5.97
C LEU C 161 -11.03 12.15 7.21
N VAL C 162 -11.54 11.19 7.99
CA VAL C 162 -10.85 10.73 9.19
C VAL C 162 -9.67 9.84 8.79
N ARG C 163 -9.85 9.09 7.71
CA ARG C 163 -8.80 8.20 7.21
C ARG C 163 -7.55 8.99 6.84
N GLU C 164 -7.75 10.14 6.20
CA GLU C 164 -6.62 11.00 5.82
C GLU C 164 -5.87 11.48 7.06
N ILE C 165 -6.62 11.70 8.14
CA ILE C 165 -6.04 12.14 9.40
C ILE C 165 -5.08 11.08 9.94
N ARG C 166 -5.51 9.82 9.86
CA ARG C 166 -4.70 8.71 10.32
C ARG C 166 -3.38 8.66 9.55
N LYS C 167 -3.48 8.81 8.24
CA LYS C 167 -2.30 8.80 7.37
C LYS C 167 -1.41 10.00 7.66
N HIS C 168 -2.03 11.13 7.95
CA HIS C 168 -1.31 12.35 8.28
C HIS C 168 -0.46 12.17 9.53
N LYS C 169 -1.02 11.47 10.51
CA LYS C 169 -0.32 11.23 11.76
C LYS C 169 0.76 10.14 11.61
N GLU C 170 0.52 9.22 10.69
CA GLU C 170 1.47 8.13 10.43
C GLU C 170 2.78 8.72 9.89
N LYS C 171 2.65 9.46 8.79
CA LYS C 171 3.80 10.09 8.15
C LYS C 171 4.49 11.07 9.09
N MET C 172 3.71 11.72 9.94
CA MET C 172 4.24 12.68 10.90
C MET C 172 5.16 12.00 11.92
N SER C 173 4.80 10.78 12.30
CA SER C 173 5.58 10.04 13.28
C SER C 173 6.76 9.31 12.62
N LYS C 174 6.62 9.03 11.33
CA LYS C 174 7.66 8.32 10.59
C LYS C 174 8.58 9.29 9.85
N ASP C 175 8.62 10.53 10.30
CA ASP C 175 9.48 11.53 9.67
C ASP C 175 10.55 12.02 10.64
N GLY C 176 11.77 12.15 10.15
CA GLY C 176 12.87 12.61 10.97
C GLY C 176 13.07 14.11 10.84
N LYS C 177 12.40 14.71 9.85
CA LYS C 177 12.48 16.15 9.59
C LYS C 177 13.85 16.59 9.08
N LYS C 178 13.93 17.83 8.61
CA LYS C 178 15.17 18.40 8.10
C LYS C 178 15.78 19.33 9.13
N LYS C 179 15.17 19.37 10.30
CA LYS C 179 15.63 20.23 11.38
C LYS C 179 16.75 19.56 12.17
N LYS C 180 16.73 18.24 12.21
CA LYS C 180 17.73 17.47 12.94
C LYS C 180 19.04 17.36 12.16
N LYS C 181 20.08 18.00 12.67
CA LYS C 181 21.39 17.97 12.04
C LYS C 181 22.11 16.68 12.42
N LYS C 182 22.85 16.13 11.47
CA LYS C 182 23.57 14.88 11.70
C LYS C 182 25.07 15.06 11.49
N SER C 183 25.75 15.47 12.55
CA SER C 183 27.20 15.68 12.49
C SER C 183 27.93 14.34 12.34
N LYS C 184 29.19 14.43 11.94
CA LYS C 184 30.01 13.24 11.73
C LYS C 184 30.61 12.76 13.05
N THR C 185 30.78 11.44 13.17
CA THR C 185 31.34 10.82 14.36
C THR C 185 30.46 10.99 15.59
N LYS C 186 29.62 9.98 15.85
CA LYS C 186 28.70 9.99 16.98
C LYS C 186 27.71 11.16 16.90
N CYS C 187 26.62 10.96 16.17
CA CYS C 187 25.59 11.98 16.02
C CYS C 187 24.90 12.25 17.37
C1 PCW D . -8.46 -1.71 11.42
C2 PCW D . -9.07 -3.15 11.65
C3 PCW D . -10.63 -3.11 11.43
C4 PCW D . -4.94 -0.13 13.93
C5 PCW D . -5.67 1.11 13.41
C6 PCW D . -7.94 1.31 14.56
C7 PCW D . -6.45 3.25 14.40
C8 PCW D . -7.26 2.32 13.02
C11 PCW D . -11.64 -4.72 12.89
C12 PCW D . -12.18 -6.12 12.90
C13 PCW D . -13.71 -6.07 13.24
C14 PCW D . -14.41 -7.43 13.28
C15 PCW D . -14.14 -8.28 14.56
C16 PCW D . -13.25 -9.52 14.22
C17 PCW D . -13.99 -10.85 13.86
C18 PCW D . -13.06 -11.95 13.33
C19 PCW D . -13.04 -13.22 14.23
C20 PCW D . -13.42 -14.46 13.75
C21 PCW D . -13.89 -14.94 12.44
C22 PCW D . -14.61 -16.29 12.68
C23 PCW D . -14.06 -17.54 11.95
C24 PCW D . -15.00 -18.29 11.07
C25 PCW D . -14.62 -18.64 9.60
C26 PCW D . -15.78 -18.83 8.63
C27 PCW D . -15.55 -18.41 7.15
C28 PCW D . -16.88 -18.20 6.47
C31 PCW D . -8.26 -5.32 11.17
C32 PCW D . -7.68 -6.18 10.02
C33 PCW D . -6.10 -6.04 9.78
C34 PCW D . -5.39 -7.39 9.57
C35 PCW D . -6.10 -8.05 8.31
C36 PCW D . -5.55 -9.47 8.00
C37 PCW D . -6.21 -10.19 6.78
C38 PCW D . -6.27 -11.66 6.96
C39 PCW D . -6.91 -12.38 5.80
C40 PCW D . -6.29 -13.02 4.81
C41 PCW D . -4.78 -13.15 4.69
C42 PCW D . -4.41 -13.06 3.14
C43 PCW D . -4.36 -14.35 2.33
C44 PCW D . -3.98 -13.97 0.91
C45 PCW D . -3.95 -15.10 -0.08
C46 PCW D . -2.60 -15.74 -0.24
C47 PCW D . -2.12 -15.97 -1.65
C48 PCW D . -0.73 -16.61 -1.68
N PCW D . -6.59 1.81 14.25
O2 PCW D . -8.51 -4.12 10.67
O3 PCW D . -11.19 -4.42 11.65
O11 PCW D . -11.62 -3.98 13.84
O31 PCW D . -8.45 -5.70 12.35
O1P PCW D . -7.35 -1.73 13.99
O2P PCW D . -5.88 -3.46 12.95
O3P PCW D . -7.02 -1.67 11.49
O4P PCW D . -5.13 -1.18 12.94
P PCW D . -6.37 -2.07 12.90
C1 PCW E . -24.24 -6.96 2.56
C2 PCW E . -25.06 -8.23 2.99
C3 PCW E . -25.19 -9.22 1.77
C4 PCW E . -23.73 -2.56 4.35
C5 PCW E . -24.55 -1.55 5.15
C6 PCW E . -24.44 0.33 6.88
C7 PCW E . -23.02 0.39 4.89
C8 PCW E . -24.87 0.47 4.96
C11 PCW E . -27.26 -10.44 1.83
C12 PCW E . -27.85 -11.73 2.33
C13 PCW E . -28.59 -12.44 1.15
C14 PCW E . -29.24 -13.78 1.49
C15 PCW E . -29.98 -13.85 2.86
C16 PCW E . -30.77 -15.21 2.98
C17 PCW E . -29.94 -16.53 3.01
C18 PCW E . -29.42 -16.88 4.40
C19 PCW E . -28.96 -18.36 4.52
C20 PCW E . -27.65 -18.76 4.32
C21 PCW E . -26.42 -18.01 3.97
C22 PCW E . -25.36 -19.08 3.54
C23 PCW E . -24.91 -19.09 2.05
C24 PCW E . -25.47 -20.17 1.18
C25 PCW E . -25.66 -19.94 -0.35
C26 PCW E . -26.93 -20.54 -0.96
C27 PCW E . -27.03 -20.59 -2.50
C28 PCW E . -27.99 -21.67 -2.92
C31 PCW E . -25.15 -9.44 5.04
C32 PCW E . -24.27 -10.16 6.07
C33 PCW E . -24.78 -11.62 6.51
C34 PCW E . -23.66 -12.54 6.99
C35 PCW E . -24.00 -13.96 6.37
C36 PCW E . -23.77 -15.12 7.36
C37 PCW E . -24.08 -16.55 6.80
C38 PCW E . -23.66 -17.62 7.76
C39 PCW E . -23.95 -19.01 7.25
C40 PCW E . -23.09 -19.85 6.68
C41 PCW E . -21.63 -19.54 6.44
C42 PCW E . -21.21 -20.18 5.03
C43 PCW E . -20.16 -21.27 5.01
C44 PCW E . -19.98 -21.68 3.55
C45 PCW E . -19.02 -22.83 3.33
C46 PCW E . -18.27 -22.75 2.04
C47 PCW E . -17.26 -23.85 1.77
C48 PCW E . -16.56 -23.65 0.42
N PCW E . -23.91 -0.40 5.71
O2 PCW E . -24.35 -8.97 4.08
O3 PCW E . -25.95 -10.39 2.17
O11 PCW E . -27.87 -9.60 1.23
O31 PCW E . -26.41 -9.35 5.08
O1P PCW E . -25.12 -4.19 2.38
O2P PCW E . -26.25 -5.12 4.40
O3P PCW E . -23.97 -6.04 3.64
O4P PCW E . -24.23 -3.88 4.72
P PCW E . -24.97 -4.79 3.74
C1 PCW F . 12.61 28.50 -19.43
C2 PCW F . 12.93 27.54 -20.65
C3 PCW F . 14.29 27.95 -21.30
C4 PCW F . 13.78 25.20 -16.21
C5 PCW F . 14.43 23.91 -16.75
C6 PCW F . 16.77 24.92 -16.78
C7 PCW F . 16.42 22.57 -17.31
C8 PCW F . 15.82 24.03 -18.24
C11 PCW F . 15.64 26.24 -22.32
C12 PCW F . 15.73 25.42 -23.59
C13 PCW F . 14.83 24.15 -23.42
C14 PCW F . 14.79 23.20 -24.62
C15 PCW F . 16.17 22.60 -25.04
C16 PCW F . 16.06 21.86 -26.42
C17 PCW F . 16.29 22.71 -27.71
C18 PCW F . 17.75 22.80 -28.14
C19 PCW F . 18.00 22.30 -29.58
C20 PCW F . 19.25 21.89 -30.01
C21 PCW F . 20.57 21.81 -29.34
C22 PCW F . 20.62 20.42 -28.63
C23 PCW F . 21.98 19.68 -28.63
C24 PCW F . 21.95 18.24 -29.07
C25 PCW F . 22.04 17.85 -30.57
C26 PCW F . 20.76 17.38 -31.23
C27 PCW F . 20.82 16.13 -32.13
C28 PCW F . 21.09 16.54 -33.56
C31 PCW F . 12.20 25.29 -20.72
C32 PCW F . 12.45 23.90 -20.14
C33 PCW F . 12.19 22.68 -21.15
C34 PCW F . 13.07 21.45 -20.86
C35 PCW F . 12.58 20.34 -21.88
C36 PCW F . 13.76 19.61 -22.55
C37 PCW F . 13.38 18.49 -23.58
C38 PCW F . 13.67 18.90 -24.98
C39 PCW F . 13.29 17.84 -25.99
C40 PCW F . 12.39 17.93 -26.97
C41 PCW F . 11.56 19.17 -27.23
C42 PCW F . 11.28 19.24 -28.80
C43 PCW F . 10.43 18.16 -29.45
C44 PCW F . 10.33 18.48 -30.92
C45 PCW F . 11.01 17.50 -31.85
C46 PCW F . 12.21 18.07 -32.55
C47 PCW F . 12.16 18.11 -34.06
C48 PCW F . 13.45 18.70 -34.64
N PCW F . 15.85 23.78 -16.77
O2 PCW F . 13.06 26.14 -20.17
O3 PCW F . 14.56 27.08 -22.41
O11 PCW F . 16.39 26.16 -21.38
O31 PCW F . 11.30 25.58 -21.57
O1P PCW F . 12.39 27.73 -15.84
O2P PCW F . 11.00 26.90 -17.74
O3P PCW F . 13.24 28.10 -18.19
O4P PCW F . 13.11 25.83 -17.33
P PCW F . 12.37 27.16 -17.22
C1 PCW G . 7.34 2.16 27.92
C2 PCW G . 8.02 0.80 28.31
C3 PCW G . 7.61 0.39 29.76
C4 PCW G . 4.08 -0.15 28.28
C5 PCW G . 3.44 -1.43 27.76
C6 PCW G . 1.68 -3.27 28.05
C7 PCW G . 1.39 -1.08 29.12
C8 PCW G . 1.43 -1.46 27.31
C11 PCW G . 7.41 -1.94 30.27
C12 PCW G . 8.25 -3.14 30.65
C13 PCW G . 7.34 -4.42 30.55
C14 PCW G . 8.04 -5.75 30.90
C15 PCW G . 7.43 -6.54 32.10
C16 PCW G . 7.57 -8.08 31.87
C17 PCW G . 6.43 -8.79 31.07
C18 PCW G . 6.94 -9.74 30.00
C19 PCW G . 5.87 -10.76 29.54
C20 PCW G . 6.09 -12.13 29.55
C21 PCW G . 7.26 -12.95 29.94
C22 PCW G . 7.12 -13.24 31.47
C23 PCW G . 7.49 -14.66 31.97
C24 PCW G . 6.36 -15.58 32.30
C25 PCW G . 5.83 -15.71 33.76
C26 PCW G . 5.84 -17.11 34.35
C27 PCW G . 4.81 -18.13 33.81
C28 PCW G . 3.51 -18.00 34.58
C31 PCW G . 8.38 -0.53 26.37
C32 PCW G . 7.78 -1.66 25.54
C33 PCW G . 8.79 -2.82 25.10
C34 PCW G . 8.76 -4.05 26.02
C35 PCW G . 9.84 -3.79 27.13
C36 PCW G . 10.48 -5.10 27.65
C37 PCW G . 11.58 -4.92 28.76
C38 PCW G . 11.51 -5.99 29.79
C39 PCW G . 12.55 -5.83 30.87
C40 PCW G . 13.07 -6.80 31.62
C41 PCW G . 12.68 -8.26 31.51
C42 PCW G . 13.76 -9.00 30.59
C43 PCW G . 14.65 -10.06 31.22
C44 PCW G . 15.56 -10.57 30.13
C45 PCW G . 16.63 -11.54 30.58
C46 PCW G . 17.96 -11.36 29.90
C47 PCW G . 19.18 -11.40 30.79
C48 PCW G . 20.47 -11.19 29.97
N PCW G . 2.29 -1.97 28.42
O2 PCW G . 7.56 -0.29 27.39
O3 PCW G . 8.23 -0.85 30.11
O11 PCW G . 6.22 -1.93 30.15
O31 PCW G . 9.48 0.07 26.13
O1P PCW G . 4.64 2.71 28.43
O2P PCW G . 4.06 2.64 26.00
O3P PCW G . 6.46 2.08 26.77
O4P PCW G . 4.56 0.57 27.10
P PCW G . 4.88 2.05 27.10
C1 PCW H . -23.14 -6.52 10.09
C2 PCW H . -22.87 -7.82 10.93
C3 PCW H . -23.18 -9.08 10.07
C4 PCW H . -25.03 -5.81 13.66
C5 PCW H . -25.17 -7.28 14.05
C6 PCW H . -24.13 -7.39 16.38
C7 PCW H . -26.13 -8.71 15.84
C8 PCW H . -24.44 -8.86 15.12
C11 PCW H . -23.88 -10.66 11.74
C12 PCW H . -23.40 -11.91 12.44
C13 PCW H . -23.30 -13.07 11.37
C14 PCW H . -22.82 -14.41 11.93
C15 PCW H . -22.12 -15.36 10.91
C16 PCW H . -21.93 -16.80 11.51
C17 PCW H . -23.22 -17.61 11.87
C18 PCW H . -22.93 -18.95 12.54
C19 PCW H . -23.17 -18.93 14.07
C20 PCW H . -22.63 -19.88 14.91
C21 PCW H . -21.77 -21.07 14.66
C22 PCW H . -20.30 -20.58 14.77
C23 PCW H . -19.43 -20.63 13.48
C24 PCW H . -19.18 -19.34 12.77
C25 PCW H . -18.52 -19.32 11.35
C26 PCW H . -19.41 -19.73 10.20
C27 PCW H . -19.35 -21.21 9.74
C28 PCW H . -18.57 -21.31 8.45
C31 PCW H . -21.19 -7.71 12.60
C32 PCW H . -19.68 -7.81 12.84
C33 PCW H . -19.14 -9.26 13.26
C34 PCW H . -18.52 -10.04 12.11
C35 PCW H . -17.17 -9.27 11.74
C36 PCW H . -16.57 -9.73 10.40
C37 PCW H . -15.25 -9.00 9.98
C38 PCW H . -15.51 -7.82 9.10
C39 PCW H . -14.26 -7.11 8.67
C40 PCW H . -13.53 -7.33 7.58
C41 PCW H . -13.87 -8.40 6.54
C42 PCW H . -13.26 -7.93 5.15
C43 PCW H . -12.53 -8.95 4.28
C44 PCW H . -12.06 -8.23 3.03
C45 PCW H . -12.51 -8.86 1.73
C46 PCW H . -13.66 -8.14 1.07
C47 PCW H . -14.65 -8.99 0.33
C48 PCW H . -15.77 -8.13 -0.29
N PCW H . -25.24 -7.64 15.43
O2 PCW H . -21.43 -7.88 11.31
O3 PCW H . -22.93 -10.28 10.84
O11 PCW H . -24.91 -10.10 11.96
O31 PCW H . -22.06 -7.49 13.51
O1P PCW H . -23.80 -3.52 12.37
O2P PCW H . -25.22 -4.19 10.44
O3P PCW H . -22.93 -5.29 10.83
O4P PCW H . -24.88 -5.78 12.22
P PCW H . -24.25 -4.62 11.47
C1 PCW I . 6.61 5.63 15.00
C2 PCW I . 7.19 4.83 13.77
C3 PCW I . 8.47 5.55 13.21
C4 PCW I . 10.63 5.73 16.68
C5 PCW I . 10.75 7.23 16.37
C6 PCW I . 9.29 9.31 16.45
C7 PCW I . 10.12 8.31 18.52
C8 PCW I . 11.11 9.09 17.15
C11 PCW I . 10.22 4.25 12.23
C12 PCW I . 10.60 3.54 10.95
C13 PCW I . 11.81 2.59 11.24
C14 PCW I . 12.32 1.79 10.03
C15 PCW I . 13.81 2.00 9.66
C16 PCW I . 14.70 0.85 10.25
C17 PCW I . 16.00 0.47 9.47
C18 PCW I . 17.28 0.64 10.28
C19 PCW I . 18.20 1.75 9.72
C20 PCW I . 19.44 1.48 9.16
C21 PCW I . 20.18 0.21 8.95
C22 PCW I . 21.53 0.34 9.71
C23 PCW I . 21.54 -0.13 11.20
C24 PCW I . 22.81 -0.76 11.69
C25 PCW I . 23.78 0.02 12.62
C26 PCW I . 25.09 0.46 12.00
C27 PCW I . 26.39 -0.15 12.58
C28 PCW I . 27.30 0.96 13.04
C31 PCW I . 6.82 2.49 13.74
C32 PCW I . 7.36 1.15 14.25
C33 PCW I . 6.78 -0.16 13.54
C34 PCW I . 6.70 -1.37 14.46
C35 PCW I . 5.24 -1.95 14.30
C36 PCW I . 4.44 -1.93 15.62
C37 PCW I . 2.98 -2.49 15.52
C38 PCW I . 2.84 -3.80 16.21
C39 PCW I . 1.44 -4.35 16.12
C40 PCW I . 0.97 -5.19 15.21
C41 PCW I . 1.79 -5.77 14.07
C42 PCW I . 2.22 -7.26 14.47
C43 PCW I . 3.18 -8.00 13.56
C44 PCW I . 3.39 -9.38 14.17
C45 PCW I . 4.44 -10.24 13.50
C46 PCW I . 4.01 -11.65 13.30
C47 PCW I . 3.60 -12.04 11.89
C48 PCW I . 3.18 -13.51 11.82
N PCW I . 9.94 8.16 17.09
O2 PCW I . 7.61 3.46 14.20
O3 PCW I . 8.99 4.81 12.10
O11 PCW I . 10.92 4.30 13.22
O31 PCW I . 5.78 2.63 13.02
O1P PCW I . 8.16 4.98 18.49
O2P PCW I . 8.08 6.41 17.04
O3P PCW I . 6.70 4.94 16.28
O4P PCW I . 9.35 5.29 16.13
P PCW I . 8.16 4.91 16.99
C1 PCW J . 5.46 -2.38 22.95
C2 PCW J . 5.28 -2.70 21.41
C3 PCW J . 6.65 -3.19 20.80
C4 PCW J . 2.58 0.61 21.89
C5 PCW J . 2.87 1.01 20.45
C6 PCW J . 2.77 3.39 20.88
C7 PCW J . 1.00 2.35 19.77
C8 PCW J . 2.93 2.64 18.59
C11 PCW J . 7.63 -3.65 18.66
C12 PCW J . 7.25 -3.96 17.24
C13 PCW J . 7.06 -5.51 17.12
C14 PCW J . 6.68 -6.02 15.72
C15 PCW J . 6.49 -7.55 15.60
C16 PCW J . 7.85 -8.27 15.31
C17 PCW J . 8.79 -8.56 16.53
C18 PCW J . 8.32 -9.72 17.41
C19 PCW J . 9.06 -9.78 18.77
C20 PCW J . 8.40 -9.94 19.98
C21 PCW J . 6.97 -10.09 20.34
C22 PCW J . 6.92 -10.81 21.71
C23 PCW J . 6.76 -12.35 21.72
C24 PCW J . 8.01 -13.16 21.63
C25 PCW J . 8.16 -14.48 22.43
C26 PCW J . 9.56 -15.08 22.50
C27 PCW J . 10.35 -14.96 23.82
C28 PCW J . 10.25 -16.26 24.59
C31 PCW J . 3.30 -3.50 20.36
C32 PCW J . 2.37 -4.72 20.27
C33 PCW J . 3.11 -6.13 20.10
C34 PCW J . 3.54 -6.43 18.67
C35 PCW J . 4.26 -7.84 18.72
C36 PCW J . 3.49 -8.92 17.92
C37 PCW J . 4.13 -10.33 17.93
C38 PCW J . 3.45 -11.25 18.91
C39 PCW J . 4.07 -12.63 18.93
C40 PCW J . 3.57 -13.73 18.38
C41 PCW J . 2.25 -13.79 17.63
C42 PCW J . 2.50 -14.57 16.26
C43 PCW J . 1.40 -15.48 15.72
C44 PCW J . 1.92 -16.08 14.42
C45 PCW J . 2.20 -17.56 14.46
C46 PCW J . 3.53 -17.94 13.87
C47 PCW J . 3.63 -19.35 13.33
C48 PCW J . 5.03 -19.62 12.76
N PCW J . 2.42 2.28 19.95
O2 PCW J . 4.30 -3.80 21.22
O3 PCW J . 6.50 -3.47 19.40
O11 PCW J . 8.75 -3.58 19.09
O31 PCW J . 3.14 -2.41 19.75
O1P PCW J . 2.69 -0.33 24.65
O2P PCW J . 5.11 0.23 24.42
O3P PCW J . 4.22 -2.05 23.62
O4P PCW J . 3.81 0.03 22.43
P PCW J . 3.95 -0.48 23.84
C1 PCW K . -22.02 10.23 -18.13
C2 PCW K . -22.44 9.77 -19.59
C3 PCW K . -23.48 10.78 -20.19
C4 PCW K . -18.57 12.98 -16.47
C5 PCW K . -17.40 13.87 -16.87
C6 PCW K . -15.52 13.26 -15.47
C7 PCW K . -15.13 14.15 -17.59
C8 PCW K . -15.89 12.01 -17.49
C11 PCW K . -25.13 9.90 -21.71
C12 PCW K . -25.31 9.51 -23.15
C13 PCW K . -26.18 8.20 -23.21
C14 PCW K . -26.46 7.66 -24.62
C15 PCW K . -25.25 7.02 -25.36
C16 PCW K . -25.14 5.49 -25.01
C17 PCW K . -25.65 4.47 -26.08
C18 PCW K . -26.52 3.37 -25.49
C19 PCW K . -27.54 2.79 -26.50
C20 PCW K . -28.50 1.86 -26.14
C21 PCW K . -28.83 1.21 -24.84
C22 PCW K . -29.66 -0.06 -25.16
C23 PCW K . -30.04 -1.00 -23.99
C24 PCW K . -30.13 -2.46 -24.29
C25 PCW K . -29.10 -3.14 -25.24
C26 PCW K . -27.75 -3.50 -24.65
C27 PCW K . -26.50 -2.83 -25.27
C28 PCW K . -25.68 -3.85 -26.00
C31 PCW K . -21.15 8.65 -21.23
C32 PCW K . -19.88 8.78 -22.09
C33 PCW K . -18.54 8.20 -21.43
C34 PCW K . -18.60 6.69 -21.17
C35 PCW K . -17.57 6.04 -22.19
C36 PCW K . -16.61 5.05 -21.49
C37 PCW K . -15.57 4.36 -22.44
C38 PCW K . -15.63 2.88 -22.34
C39 PCW K . -14.63 2.19 -23.24
C40 PCW K . -14.83 1.75 -24.48
C41 PCW K . -16.16 1.89 -25.23
C42 PCW K . -17.08 0.65 -24.83
C43 PCW K . -18.46 0.94 -24.26
C44 PCW K . -19.11 -0.40 -23.97
C45 PCW K . -20.59 -0.35 -23.70
C46 PCW K . -20.95 -0.57 -22.25
C47 PCW K . -22.42 -0.71 -21.94
C48 PCW K . -22.65 -0.95 -20.44
N PCW K . -16.06 13.35 -16.85
O2 PCW K . -21.26 9.75 -20.48
O3 PCW K . -23.86 10.34 -21.52
O11 PCW K . -25.98 9.84 -20.86
O31 PCW K . -21.96 7.68 -21.24
O1P PCW K . -19.20 10.40 -17.60
O2P PCW K . -19.42 11.71 -19.70
O3P PCW K . -21.41 11.53 -18.07
O4P PCW K . -19.45 12.90 -17.63
P PCW K . -19.81 11.58 -18.28
C1 PCW L . 7.51 7.55 3.06
C2 PCW L . 7.81 6.12 2.46
C3 PCW L . 6.60 5.15 2.72
C4 PCW L . 4.35 6.96 0.42
C5 PCW L . 3.13 7.44 -0.37
C6 PCW L . 2.61 5.41 -1.59
C7 PCW L . 1.01 7.11 -1.43
C8 PCW L . 1.41 5.88 0.45
C11 PCW L . 6.15 3.44 1.10
C12 PCW L . 6.61 2.06 0.67
C13 PCW L . 5.60 1.02 1.27
C14 PCW L . 5.90 -0.45 0.94
C15 PCW L . 4.71 -1.28 0.41
C16 PCW L . 5.15 -2.75 0.08
C17 PCW L . 4.13 -3.90 0.38
C18 PCW L . 4.06 -4.28 1.86
C19 PCW L . 4.94 -5.52 2.19
C20 PCW L . 5.39 -5.79 3.47
C21 PCW L . 5.21 -5.09 4.77
C22 PCW L . 5.46 -6.15 5.88
C23 PCW L . 6.92 -6.33 6.38
C24 PCW L . 7.71 -7.43 5.76
C25 PCW L . 8.17 -8.67 6.59
C26 PCW L . 8.37 -9.96 5.83
C27 PCW L . 9.66 -10.10 4.98
C28 PCW L . 10.54 -11.18 5.55
C31 PCW L . 9.20 6.61 0.61
C32 PCW L . 9.24 6.64 -0.93
C33 PCW L . 10.57 7.25 -1.58
C34 PCW L . 11.80 6.37 -1.38
C35 PCW L . 12.29 5.98 -2.84
C36 PCW L . 13.67 6.58 -3.19
C37 PCW L . 14.21 6.24 -4.61
C38 PCW L . 15.47 6.99 -4.94
C39 PCW L . 15.99 6.66 -6.32
C40 PCW L . 16.99 5.83 -6.62
C41 PCW L . 17.79 5.06 -5.59
C42 PCW L . 17.04 3.68 -5.29
C43 PCW L . 17.02 3.17 -3.86
C44 PCW L . 16.23 1.87 -3.87
C45 PCW L . 15.02 1.85 -2.98
C46 PCW L . 15.15 0.94 -1.80
C47 PCW L . 13.87 0.42 -1.18
C48 PCW L . 14.15 -0.49 0.02
N PCW L . 2.10 6.50 -0.71
O2 PCW L . 8.00 6.20 0.99
O3 PCW L . 6.89 3.86 2.16
O11 PCW L . 5.27 4.07 0.57
O31 PCW L . 10.17 6.92 1.38
O1P PCW L . 4.82 8.05 3.06
O2P PCW L . 5.14 10.17 1.80
O3P PCW L . 7.10 8.52 2.07
O4P PCW L . 5.22 8.11 0.58
P PCW L . 5.52 8.74 1.93
C1 PCW M . -26.32 1.64 -12.12
C2 PCW M . -25.17 0.84 -12.84
C3 PCW M . -23.94 1.79 -13.13
C4 PCW M . -24.31 0.79 -8.00
C5 PCW M . -24.19 1.31 -6.57
C6 PCW M . -22.04 0.44 -5.51
C7 PCW M . -22.60 2.82 -5.42
C8 PCW M . -23.51 1.40 -4.65
C11 PCW M . -23.06 0.76 -15.11
C12 PCW M . -21.86 -0.01 -15.60
C13 PCW M . -21.13 0.84 -16.69
C14 PCW M . -19.89 0.20 -17.30
C15 PCW M . -18.66 0.06 -16.35
C16 PCW M . -17.33 0.21 -17.16
C17 PCW M . -16.92 1.66 -17.61
C18 PCW M . -15.54 1.73 -18.25
C19 PCW M . -14.40 1.91 -17.21
C20 PCW M . -13.06 2.03 -17.58
C21 PCW M . -12.39 2.03 -18.90
C22 PCW M . -11.91 3.49 -19.16
C23 PCW M . -10.38 3.75 -19.17
C24 PCW M . -9.91 5.03 -18.55
C25 PCW M . -8.82 5.03 -17.44
C26 PCW M . -7.38 5.10 -17.92
C27 PCW M . -6.29 4.48 -17.02
C28 PCW M . -5.27 3.76 -17.86
C31 PCW M . -24.94 -1.48 -12.44
C32 PCW M . -24.37 -2.51 -11.46
C33 PCW M . -23.08 -3.31 -11.97
C34 PCW M . -23.35 -4.19 -13.20
C35 PCW M . -22.02 -4.13 -14.06
C36 PCW M . -22.30 -4.28 -15.57
C37 PCW M . -21.04 -4.24 -16.49
C38 PCW M . -21.24 -3.38 -17.69
C39 PCW M . -20.03 -3.32 -18.58
C40 PCW M . -19.88 -3.92 -19.77
C41 PCW M . -20.96 -4.75 -20.44
C42 PCW M . -20.49 -5.07 -21.93
C43 PCW M . -21.21 -4.39 -23.08
C44 PCW M . -20.56 -4.87 -24.37
C45 PCW M . -19.60 -3.89 -25.01
C46 PCW M . -19.16 -4.30 -26.38
C47 PCW M . -18.68 -3.19 -27.28
C48 PCW M . -18.26 -3.74 -28.66
N PCW M . -22.91 1.54 -6.00
O2 PCW M . -24.67 -0.26 -11.98
O3 PCW M . -22.91 1.04 -13.79
O11 PCW M . -24.00 1.09 -15.79
O31 PCW M . -25.57 -1.75 -13.52
O1P PCW M . -24.52 2.65 -10.20
O2P PCW M . -26.70 3.24 -9.12
O3P PCW M . -26.55 1.25 -10.75
O4P PCW M . -25.63 1.18 -8.49
P PCW M . -25.82 2.16 -9.64
C1 PCW N . 10.54 4.90 4.64
C2 PCW N . 9.84 3.53 4.31
C3 PCW N . 10.58 2.82 3.12
C4 PCW N . 10.17 8.38 5.89
C5 PCW N . 11.11 9.32 5.14
C6 PCW N . 10.07 11.45 5.63
C7 PCW N . 12.26 11.39 4.86
C8 PCW N . 11.92 10.72 7.00
C11 PCW N . 10.33 0.90 1.70
C12 PCW N . 9.55 -0.37 1.58
C13 PCW N . 10.56 -1.56 1.34
C14 PCW N . 9.92 -2.94 1.19
C15 PCW N . 9.27 -3.23 -0.19
C16 PCW N . 10.33 -3.13 -1.34
C17 PCW N . 11.15 -4.43 -1.68
C18 PCW N . 12.39 -4.14 -2.52
C19 PCW N . 13.61 -5.01 -2.11
C20 PCW N . 14.90 -4.53 -2.11
C21 PCW N . 15.48 -3.20 -2.45
C22 PCW N . 16.94 -3.21 -1.93
C23 PCW N . 17.86 -2.03 -2.36
C24 PCW N . 18.41 -1.17 -1.26
C25 PCW N . 19.83 -0.53 -1.38
C26 PCW N . 19.86 0.96 -1.67
C27 PCW N . 20.78 1.46 -2.80
C28 PCW N . 21.27 2.85 -2.52
C31 PCW N . 8.79 2.50 6.17
C32 PCW N . 9.04 1.54 7.35
C33 PCW N . 7.74 0.98 8.09
C34 PCW N . 7.76 1.20 9.59
C35 PCW N . 8.90 0.26 10.16
C36 PCW N . 8.45 -1.21 10.27
C37 PCW N . 9.53 -2.19 10.81
C38 PCW N . 9.75 -3.35 9.89
C39 PCW N . 10.79 -4.32 10.40
C40 PCW N . 11.10 -5.50 9.90
C41 PCW N . 10.45 -6.11 8.68
C42 PCW N . 11.17 -7.49 8.35
C43 PCW N . 12.45 -7.47 7.52
C44 PCW N . 12.91 -8.91 7.37
C45 PCW N . 13.99 -9.34 8.33
C46 PCW N . 13.78 -10.73 8.88
C47 PCW N . 14.98 -11.65 8.85
C48 PCW N . 14.63 -13.04 9.43
N PCW N . 11.32 10.65 5.63
O2 PCW N . 9.93 2.61 5.49
O3 PCW N . 9.95 1.57 2.82
O11 PCW N . 11.18 1.27 0.94
O31 PCW N . 7.69 3.07 5.91
O1P PCW N . 8.97 5.91 6.86
O2P PCW N . 10.97 5.87 8.36
O3P PCW N . 11.13 4.95 5.97
O4P PCW N . 11.01 7.33 6.45
P PCW N . 10.46 6.02 6.98
C1 PCW O . -7.15 2.62 -8.89
C2 PCW O . -8.38 1.65 -9.11
C3 PCW O . -8.30 0.98 -10.53
C4 PCW O . -7.21 6.59 -7.87
C5 PCW O . -8.20 7.22 -6.90
C6 PCW O . -8.71 9.07 -8.38
C7 PCW O . -7.44 9.45 -6.47
C8 PCW O . -9.66 9.08 -6.18
C11 PCW O . -9.22 -1.05 -11.39
C12 PCW O . -10.50 -1.83 -11.45
C13 PCW O . -11.51 -1.04 -12.36
C14 PCW O . -12.88 -1.70 -12.53
C15 PCW O . -13.29 -2.01 -14.00
C16 PCW O . -13.03 -3.52 -14.33
C17 PCW O . -14.27 -4.49 -14.30
C18 PCW O . -13.98 -5.88 -14.88
C19 PCW O . -15.03 -6.94 -14.48
C20 PCW O . -14.68 -8.09 -13.79
C21 PCW O . -13.39 -8.60 -13.27
C22 PCW O . -13.55 -10.14 -13.05
C23 PCW O . -14.21 -10.61 -11.73
C24 PCW O . -14.99 -11.88 -11.77
C25 PCW O . -16.03 -12.14 -12.89
C26 PCW O . -17.45 -11.65 -12.63
C27 PCW O . -18.25 -11.08 -13.82
C28 PCW O . -19.25 -12.11 -14.28
C31 PCW O . -9.26 0.66 -7.15
C32 PCW O . -9.12 -0.55 -6.21
C33 PCW O . -8.42 -0.25 -4.80
C34 PCW O . -7.86 -1.50 -4.13
C35 PCW O . -9.08 -2.20 -3.41
C36 PCW O . -9.40 -3.59 -4.00
C37 PCW O . -10.60 -4.35 -3.35
C38 PCW O . -10.61 -5.80 -3.69
C39 PCW O . -11.77 -6.55 -3.07
C40 PCW O . -11.82 -7.83 -2.75
C41 PCW O . -10.66 -8.80 -2.96
C42 PCW O . -11.15 -10.25 -2.54
C43 PCW O . -10.60 -10.86 -1.26
C44 PCW O . -11.24 -12.24 -1.11
C45 PCW O . -12.53 -12.27 -0.33
C46 PCW O . -12.51 -13.26 0.81
C47 PCW O . -12.72 -12.69 2.18
C48 PCW O . -12.68 -13.80 3.25
N PCW O . -8.49 8.64 -6.99
O2 PCW O . -8.35 0.54 -8.12
O3 PCW O . -9.42 0.11 -10.70
O11 PCW O . -8.17 -1.41 -11.86
O31 PCW O . -10.10 1.59 -7.02
O1P PCW O . -7.61 5.99 -10.67
O2P PCW O . -9.46 4.56 -9.79
O3P PCW O . -7.03 3.66 -9.88
O4P PCW O . -7.78 5.31 -8.26
P PCW O . -8.02 4.92 -9.71
C1 PCW P . 1.06 10.17 -15.10
C2 PCW P . 2.27 10.38 -16.10
C3 PCW P . 3.18 9.11 -16.11
C4 PCW P . -0.82 11.40 -11.86
C5 PCW P . -1.32 9.99 -11.59
C6 PCW P . -1.72 8.39 -9.64
C7 PCW P . -3.21 10.30 -10.01
C8 PCW P . -2.95 8.85 -11.11
C11 PCW P . 5.50 9.57 -16.49
C12 PCW P . 6.50 9.74 -17.60
C13 PCW P . 6.99 8.31 -18.04
C14 PCW P . 8.02 8.30 -19.17
C15 PCW P . 8.45 6.89 -19.67
C16 PCW P . 7.82 6.57 -21.07
C17 PCW P . 8.53 7.21 -22.32
C18 PCW P . 9.12 6.17 -23.27
C19 PCW P . 9.27 6.69 -24.73
C20 PCW P . 10.38 7.41 -25.14
C21 PCW P . 11.61 7.85 -24.44
C22 PCW P . 12.34 8.83 -25.40
C23 PCW P . 13.65 8.33 -26.07
C24 PCW P . 13.73 8.46 -27.57
C25 PCW P . 15.11 8.51 -28.28
C26 PCW P . 15.12 9.08 -29.68
C27 PCW P . 16.44 9.66 -30.21
C28 PCW P . 16.22 10.37 -31.53
C31 PCW P . 2.02 11.78 -17.99
C32 PCW P . 1.43 11.83 -19.41
C33 PCW P . 2.45 11.42 -20.58
C34 PCW P . 2.10 12.01 -21.94
C35 PCW P . 1.37 10.84 -22.73
C36 PCW P . 2.03 10.55 -24.09
C37 PCW P . 1.36 9.40 -24.92
C38 PCW P . 2.04 9.21 -26.24
C39 PCW P . 1.42 8.10 -27.05
C40 PCW P . 1.48 7.94 -28.37
C41 PCW P . 2.24 8.88 -29.31
C42 PCW P . 3.24 7.99 -30.18
C43 PCW P . 4.72 8.27 -30.09
C44 PCW P . 5.42 7.28 -31.01
C45 PCW P . 6.14 7.92 -32.19
C46 PCW P . 6.98 6.95 -32.97
C47 PCW P . 8.47 7.14 -32.91
C48 PCW P . 9.20 6.08 -33.76
N PCW P . -1.96 9.67 -10.35
O2 PCW P . 1.77 10.58 -17.49
O3 PCW P . 4.27 9.31 -17.01
O11 PCW P . 5.75 9.65 -15.31
O31 PCW P . 2.62 12.73 -17.40
O1P PCW P . 1.21 12.53 -13.63
O2P PCW P . -0.77 13.51 -14.78
O3P PCW P . -0.02 11.11 -15.31
O4P PCW P . -1.13 11.71 -13.23
P PCW P . -0.15 12.29 -14.22
C1 PCW Q . 5.56 10.94 -1.04
C2 PCW Q . 5.39 10.65 -2.59
C3 PCW Q . 5.86 11.90 -3.42
C4 PCW Q . 8.81 12.58 -0.17
C5 PCW Q . 9.45 11.45 -0.97
C6 PCW Q . 10.21 12.67 -3.09
C7 PCW Q . 11.53 10.82 -2.18
C8 PCW Q . 9.82 10.76 -2.87
C11 PCW Q . 6.80 11.77 -5.63
C12 PCW Q . 6.43 11.40 -7.04
C13 PCW Q . 5.33 12.41 -7.55
C14 PCW Q . 4.87 12.15 -8.99
C15 PCW Q . 3.32 12.14 -9.22
C16 PCW Q . 2.84 10.71 -9.64
C17 PCW Q . 2.87 10.38 -11.17
C18 PCW Q . 3.03 8.88 -11.47
C19 PCW Q . 1.82 8.29 -12.24
C20 PCW Q . 1.16 7.14 -11.80
C21 PCW Q . 1.36 6.25 -10.64
C22 PCW Q . 0.71 4.89 -11.00
C23 PCW Q . -0.61 4.52 -10.28
C24 PCW Q . -1.88 4.84 -11.01
C25 PCW Q . -3.18 3.99 -10.78
C26 PCW Q . -4.06 3.77 -11.99
C27 PCW Q . -4.79 2.42 -12.11
C28 PCW Q . -5.74 2.45 -13.28
C31 PCW Q . 5.57 8.37 -3.22
C32 PCW Q . 6.60 7.30 -3.63
C33 PCW Q . 6.00 5.81 -3.70
C34 PCW Q . 6.97 4.74 -3.18
C35 PCW Q . 7.59 4.07 -4.47
C36 PCW Q . 6.82 2.79 -4.89
C37 PCW Q . 7.37 2.06 -6.15
C38 PCW Q . 6.53 2.33 -7.35
C39 PCW Q . 7.02 1.64 -8.60
C40 PCW Q . 6.32 0.91 -9.45
C41 PCW Q . 4.82 0.66 -9.31
C42 PCW Q . 4.60 -0.93 -9.32
C43 PCW Q . 4.09 -1.57 -10.60
C44 PCW Q . 3.96 -3.05 -10.34
C45 PCW Q . 3.38 -3.87 -11.47
C46 PCW Q . 1.92 -3.66 -11.69
C47 PCW Q . 1.50 -3.15 -13.05
C48 PCW Q . -0.03 -2.99 -13.14
N PCW Q . 10.44 11.76 -1.95
O2 PCW Q . 6.25 9.51 -2.99
O3 PCW Q . 5.70 11.62 -4.82
O11 PCW Q . 7.88 12.12 -5.26
O31 PCW Q . 4.32 8.21 -3.14
O1P PCW Q . 6.52 14.39 0.02
O2P PCW Q . 5.83 12.81 1.83
O3P PCW Q . 5.26 12.30 -0.64
O4P PCW Q . 7.52 12.09 0.30
P PCW Q . 6.28 12.96 0.42
C1 PCW R . 26.07 0.73 31.00
C2 PCW R . 27.25 0.73 29.96
C3 PCW R . 27.84 -0.71 29.81
C4 PCW R . 22.14 2.90 31.67
C5 PCW R . 20.74 2.32 31.88
C6 PCW R . 20.81 2.24 34.29
C7 PCW R . 18.78 1.89 33.20
C8 PCW R . 19.58 4.02 33.24
C11 PCW R . 30.18 -0.49 29.33
C12 PCW R . 31.15 -0.54 28.18
C13 PCW R . 32.37 -1.45 28.62
C14 PCW R . 33.47 -1.61 27.56
C15 PCW R . 33.30 -2.83 26.60
C16 PCW R . 33.11 -2.33 25.12
C17 PCW R . 31.70 -2.55 24.46
C18 PCW R . 31.20 -4.00 24.54
C19 PCW R . 32.07 -4.98 23.72
C20 PCW R . 32.29 -6.29 24.13
C21 PCW R . 31.83 -7.06 25.31
C22 PCW R . 31.07 -8.31 24.77
C23 PCW R . 31.60 -9.70 25.20
C24 PCW R . 31.88 -10.69 24.10
C25 PCW R . 33.34 -10.89 23.56
C26 PCW R . 34.36 -11.39 24.56
C27 PCW R . 35.53 -12.24 24.03
C28 PCW R . 35.74 -13.43 24.93
C31 PCW R . 27.41 2.17 28.07
C32 PCW R . 26.80 2.47 26.70
C33 PCW R . 27.76 2.23 25.44
C34 PCW R . 28.22 0.78 25.28
C35 PCW R . 29.75 0.87 24.87
C36 PCW R . 29.96 0.72 23.34
C37 PCW R . 31.45 0.80 22.86
C38 PCW R . 31.60 0.34 21.45
C39 PCW R . 33.03 0.41 20.96
C40 PCW R . 33.44 0.58 19.72
C41 PCW R . 32.53 0.74 18.52
C42 PCW R . 32.83 2.15 17.83
C43 PCW R . 33.91 2.20 16.75
C44 PCW R . 33.98 3.64 16.27
C45 PCW R . 35.37 4.23 16.22
C46 PCW R . 35.50 5.37 15.25
C47 PCW R . 36.88 5.61 14.68
C48 PCW R . 36.87 6.80 13.71
N PCW R . 20.02 2.60 33.09
O2 PCW R . 26.75 1.14 28.61
O3 PCW R . 28.92 -0.71 28.87
O11 PCW R . 30.48 -0.30 30.48
O31 PCW R . 28.38 2.78 28.59
O1P PCW R . 24.96 3.28 31.05
O2P PCW R . 24.19 2.70 28.74
O3P PCW R . 24.75 0.83 30.41
O4P PCW R . 22.73 2.18 30.56
P PCW R . 24.19 2.32 30.16
C1 PCW S . 8.99 2.59 19.92
C2 PCW S . 10.41 1.91 19.70
C3 PCW S . 10.86 1.21 21.04
C4 PCW S . 7.03 2.28 22.77
C5 PCW S . 8.12 2.09 23.83
C6 PCW S . 8.50 3.98 25.31
C7 PCW S . 9.23 4.10 23.09
C8 PCW S . 10.40 2.75 24.51
C11 PCW S . 13.15 0.92 21.73
C12 PCW S . 14.40 0.17 21.37
C13 PCW S . 15.59 1.18 21.31
C14 PCW S . 16.94 0.57 20.94
C15 PCW S . 18.03 1.57 20.44
C16 PCW S . 18.41 2.59 21.56
C17 PCW S . 19.93 2.91 21.74
C18 PCW S . 20.69 1.89 22.59
C19 PCW S . 21.86 2.51 23.39
C20 PCW S . 23.12 2.69 22.85
C21 PCW S . 23.69 2.40 21.51
C22 PCW S . 24.20 0.92 21.55
C23 PCW S . 23.50 -0.10 20.62
C24 PCW S . 24.29 -0.64 19.47
C25 PCW S . 23.97 -2.02 18.84
C26 PCW S . 24.58 -3.24 19.52
C27 PCW S . 23.65 -4.43 19.82
C28 PCW S . 24.44 -5.71 19.78
C31 PCW S . 10.18 1.36 17.41
C32 PCW S . 10.14 0.18 16.43
C33 PCW S . 11.02 0.36 15.11
C34 PCW S . 10.95 -0.83 14.16
C35 PCW S . 12.32 -0.83 13.36
C36 PCW S . 13.12 -2.14 13.57
C37 PCW S . 14.48 -2.21 12.81
C38 PCW S . 15.12 -3.55 12.94
C39 PCW S . 16.44 -3.64 12.21
C40 PCW S . 17.11 -4.74 11.88
C41 PCW S . 16.63 -6.15 12.22
C42 PCW S . 17.86 -6.96 12.84
C43 PCW S . 18.07 -6.89 14.35
C44 PCW S . 19.29 -7.73 14.67
C45 PCW S . 20.09 -7.26 15.85
C46 PCW S . 21.29 -6.44 15.47
C47 PCW S . 21.64 -5.28 16.38
C48 PCW S . 22.87 -4.52 15.87
N PCW S . 9.01 3.17 24.17
O2 PCW S . 10.36 0.87 18.64
O3 PCW S . 12.15 0.60 20.86
O11 PCW S . 13.04 1.69 22.65
O31 PCW S . 10.05 2.58 17.09
O1P PCW S . 5.62 2.47 20.23
O2P PCW S . 6.22 0.06 20.06
O3P PCW S . 7.89 1.86 19.32
O4P PCW S . 7.39 1.40 21.67
P PCW S . 6.70 1.42 20.31
C1 PCW T . -21.49 2.12 8.24
C2 PCW T . -20.59 0.90 7.77
C3 PCW T . -19.08 1.31 7.83
C4 PCW T . -20.45 0.03 11.90
C5 PCW T . -21.01 -1.18 12.65
C6 PCW T . -20.88 -3.70 13.09
C7 PCW T . -18.84 -2.35 12.97
C8 PCW T . -20.21 -2.22 14.21
C11 PCW T . -17.35 0.43 6.41
C12 PCW T . -16.59 -0.83 6.12
C13 PCW T . -17.35 -1.62 5.00
C14 PCW T . -16.71 -2.95 4.57
C15 PCW T . -17.70 -4.09 4.20
C16 PCW T . -16.92 -5.36 3.70
C17 PCW T . -17.20 -6.71 4.44
C18 PCW T . -18.30 -7.55 3.77
C19 PCW T . -17.76 -8.51 2.70
C20 PCW T . -18.48 -9.62 2.25
C21 PCW T . -19.81 -10.15 2.61
C22 PCW T . -19.96 -11.51 1.87
C23 PCW T . -20.28 -11.46 0.35
C24 PCW T . -19.31 -12.16 -0.55
C25 PCW T . -17.91 -11.55 -0.87
C26 PCW T . -17.52 -11.46 -2.34
C27 PCW T . -16.07 -11.06 -2.68
C28 PCW T . -16.06 -10.16 -3.90
C31 PCW T . -21.31 -1.33 8.07
C32 PCW T . -21.43 -2.45 9.12
C33 PCW T . -20.19 -3.45 9.20
C34 PCW T . -20.15 -4.48 8.07
C35 PCW T . -19.75 -5.84 8.75
C36 PCW T . -19.74 -7.03 7.75
C37 PCW T . -19.35 -8.42 8.37
C38 PCW T . -20.35 -9.47 8.03
C39 PCW T . -20.01 -10.82 8.62
C40 PCW T . -19.68 -11.92 7.96
C41 PCW T . -19.61 -12.02 6.44
C42 PCW T . -20.16 -13.46 6.02
C43 PCW T . -19.19 -14.47 5.44
C44 PCW T . -20.00 -15.73 5.14
C45 PCW T . -20.28 -15.95 3.67
C46 PCW T . -19.82 -17.28 3.16
C47 PCW T . -19.19 -17.29 1.78
C48 PCW T . -18.76 -18.70 1.37
N PCW T . -20.26 -2.41 12.73
O2 PCW T . -20.78 -0.26 8.67
O3 PCW T . -18.27 0.20 7.40
O11 PCW T . -17.17 1.49 5.87
O31 PCW T . -21.64 -1.43 6.86
O1P PCW T . -20.06 2.57 10.52
O2P PCW T . -22.19 3.17 11.67
O3P PCW T . -22.24 1.87 9.45
O4P PCW T . -21.60 0.85 11.54
P PCW T . -21.48 2.18 10.83
C1 PCW U . 8.25 14.27 -18.50
C2 PCW U . 7.88 12.87 -19.13
C3 PCW U . 6.53 13.00 -19.93
C4 PCW U . 5.33 15.52 -14.74
C5 PCW U . 4.53 16.81 -14.97
C6 PCW U . 5.85 18.61 -13.74
C7 PCW U . 4.86 19.08 -15.93
C8 PCW U . 3.98 18.67 -14.35
C11 PCW U . 5.94 11.68 -21.85
C12 PCW U . 5.59 10.25 -22.23
C13 PCW U . 5.92 10.06 -23.76
C14 PCW U . 5.62 8.66 -24.31
C15 PCW U . 6.09 8.39 -25.77
C16 PCW U . 5.43 7.09 -26.33
C17 PCW U . 5.71 5.74 -25.58
C18 PCW U . 5.89 4.55 -26.53
C19 PCW U . 7.06 3.62 -26.10
C20 PCW U . 6.93 2.24 -26.04
C21 PCW U . 5.79 1.33 -26.31
C22 PCW U . 6.29 -0.11 -26.02
C23 PCW U . 5.77 -1.25 -26.95
C24 PCW U . 5.82 -2.64 -26.40
C25 PCW U . 4.51 -3.45 -26.17
C26 PCW U . 4.36 -4.73 -26.98
C27 PCW U . 3.66 -4.64 -28.36
C28 PCW U . 4.20 -5.69 -29.29
C31 PCW U . 9.78 11.53 -19.61
C32 PCW U . 10.79 11.20 -20.71
C33 PCW U . 11.31 9.68 -20.74
C34 PCW U . 12.69 9.50 -20.10
C35 PCW U . 13.74 9.91 -21.23
C36 PCW U . 14.85 8.87 -21.41
C37 PCW U . 15.92 9.20 -22.50
C38 PCW U . 16.20 8.03 -23.38
C39 PCW U . 17.23 8.34 -24.44
C40 PCW U . 17.59 7.56 -25.45
C41 PCW U . 16.99 6.19 -25.73
C42 PCW U . 18.13 5.09 -25.52
C43 PCW U . 17.89 3.68 -26.02
C44 PCW U . 19.14 2.88 -25.68
C45 PCW U . 20.01 2.51 -26.86
C46 PCW U . 21.46 2.87 -26.67
C47 PCW U . 22.44 1.72 -26.70
C48 PCW U . 23.88 2.23 -26.51
N PCW U . 5.21 18.06 -14.95
O2 PCW U . 8.93 12.45 -20.09
O3 PCW U . 6.20 11.73 -20.51
O11 PCW U . 5.97 12.61 -22.59
O31 PCW U . 9.75 11.03 -18.45
O1P PCW U . 7.12 16.85 -16.57
O2P PCW U . 5.76 15.71 -18.31
O3P PCW U . 7.71 14.47 -17.17
O4P PCW U . 5.60 14.93 -16.04
P PCW U . 6.53 15.56 -17.06
C1 PCW V . 19.22 22.04 -13.85
C2 PCW V . 18.95 21.03 -15.04
C3 PCW V . 20.24 20.87 -15.91
C4 PCW V . 15.32 22.86 -10.95
C5 PCW V . 13.86 22.38 -10.89
C6 PCW V . 13.38 22.76 -8.55
C7 PCW V . 11.62 22.47 -10.06
C8 PCW V . 12.74 24.45 -10.14
C11 PCW V . 19.44 20.46 -18.15
C12 PCW V . 19.22 19.34 -19.13
C13 PCW V . 20.01 19.68 -20.44
C14 PCW V . 19.90 18.64 -21.56
C15 PCW V . 20.19 19.16 -23.00
C16 PCW V . 19.26 18.45 -24.05
C17 PCW V . 19.95 17.62 -25.19
C18 PCW V . 19.59 16.14 -25.17
C19 PCW V . 20.48 15.29 -26.11
C20 PCW V . 19.93 14.48 -27.10
C21 PCW V . 18.53 14.19 -27.51
C22 PCW V . 18.24 15.05 -28.77
C23 PCW V . 17.11 16.12 -28.67
C24 PCW V . 17.49 17.54 -28.95
C25 PCW V . 16.45 18.56 -29.49
C26 PCW V . 16.27 18.63 -30.99
C27 PCW V . 17.43 19.18 -31.83
C28 PCW V . 16.90 20.07 -32.93
C31 PCW V . 17.38 19.27 -14.87
C32 PCW V . 17.15 17.88 -14.23
C33 PCW V . 18.42 16.89 -14.26
C34 PCW V . 18.08 15.49 -14.77
C35 PCW V . 19.24 14.56 -14.25
C36 PCW V . 20.42 14.46 -15.25
C37 PCW V . 21.61 13.55 -14.79
C38 PCW V . 22.49 13.17 -15.94
C39 PCW V . 23.64 12.30 -15.52
C40 PCW V . 24.74 12.02 -16.23
C41 PCW V . 25.01 12.57 -17.62
C42 PCW V . 24.38 11.56 -18.70
C43 PCW V . 25.05 11.43 -20.05
C44 PCW V . 24.24 10.43 -20.84
C45 PCW V . 24.85 9.99 -22.15
C46 PCW V . 24.60 8.54 -22.48
C47 PCW V . 25.65 7.55 -22.03
C48 PCW V . 25.26 6.12 -22.42
N PCW V . 12.95 22.99 -9.95
O2 PCW V . 18.59 19.70 -14.50
O3 PCW V . 19.97 19.96 -16.99
O11 PCW V . 19.19 21.62 -18.34
O31 PCW V . 16.56 19.89 -15.61
O1P PCW V . 17.43 24.31 -12.33
O2P PCW V . 16.50 23.14 -14.34
O3P PCW V . 18.23 21.98 -12.81
O4P PCW V . 15.90 22.31 -12.16
P PCW V . 17.01 23.01 -12.95
C1 PCW W . 29.41 6.48 13.95
C2 PCW W . 30.14 6.05 12.62
C3 PCW W . 29.20 5.11 11.78
C4 PCW W . 27.85 9.27 10.99
C5 PCW W . 27.24 10.59 10.52
C6 PCW W . 26.14 11.96 8.69
C7 PCW W . 25.94 9.52 8.68
C8 PCW W . 25.28 10.71 9.94
C11 PCW W . 29.63 5.45 9.43
C12 PCW W . 30.41 4.87 8.29
C13 PCW W . 31.79 5.62 8.21
C14 PCW W . 32.71 5.15 7.08
C15 PCW W . 33.81 6.16 6.63
C16 PCW W . 34.05 6.08 5.09
C17 PCW W . 35.47 5.61 4.60
C18 PCW W . 35.41 4.65 3.41
C19 PCW W . 36.80 4.10 3.00
C20 PCW W . 37.13 2.76 3.13
C21 PCW W . 36.37 1.59 3.61
C22 PCW W . 37.12 1.06 4.87
C23 PCW W . 36.58 -0.24 5.51
C24 PCW W . 36.56 -0.29 7.01
C25 PCW W . 37.12 -1.51 7.79
C26 PCW W . 36.13 -2.30 8.61
C27 PCW W . 35.13 -3.20 7.86
C28 PCW W . 35.05 -4.56 8.51
C31 PCW W . 31.61 7.81 12.02
C32 PCW W . 31.76 9.01 11.09
C33 PCW W . 33.25 9.31 10.57
C34 PCW W . 33.47 10.75 10.14
C35 PCW W . 34.80 10.76 9.31
C36 PCW W . 35.86 11.73 9.89
C37 PCW W . 37.21 11.79 9.12
C38 PCW W . 38.37 11.40 9.98
C39 PCW W . 39.69 11.45 9.25
C40 PCW W . 40.50 10.43 9.00
C41 PCW W . 40.24 9.00 9.42
C42 PCW W . 40.65 8.05 8.21
C43 PCW W . 39.55 7.40 7.41
C44 PCW W . 40.22 6.55 6.33
C45 PCW W . 39.60 5.20 6.11
C46 PCW W . 40.08 4.16 7.08
C47 PCW W . 41.30 3.36 6.68
C48 PCW W . 41.68 2.34 7.76
N PCW W . 26.60 10.68 9.24
O2 PCW W . 30.43 7.24 11.78
O3 PCW W . 29.86 4.72 10.57
O11 PCW W . 28.91 6.42 9.37
O31 PCW W . 32.46 7.43 12.89
O1P PCW W . 27.03 7.15 12.78
O2P PCW W . 26.85 9.02 14.44
O3P PCW W . 29.11 7.89 14.03
O4P PCW W . 28.08 9.40 12.42
P PCW W . 27.67 8.34 13.43
C1 PCW X . -24.77 -1.65 -0.73
C2 PCW X . -24.24 -3.01 -1.35
C3 PCW X . -25.11 -4.21 -0.82
C4 PCW X . -27.91 -1.36 -2.85
C5 PCW X . -28.94 -0.59 -3.67
C6 PCW X . -31.49 -0.71 -3.55
C7 PCW X . -30.26 1.01 -2.32
C8 PCW X . -30.36 0.79 -4.15
C11 PCW X . -25.27 -5.98 -2.45
C12 PCW X . -24.59 -7.25 -2.87
C13 PCW X . -25.13 -8.42 -1.96
C14 PCW X . -24.52 -9.80 -2.26
C15 PCW X . -25.49 -11.01 -2.15
C16 PCW X . -25.16 -11.88 -0.89
C17 PCW X . -24.99 -13.42 -1.10
C18 PCW X . -26.31 -14.14 -1.40
C19 PCW X . -26.53 -15.39 -0.53
C20 PCW X . -27.29 -16.48 -0.95
C21 PCW X . -28.02 -16.73 -2.22
C22 PCW X . -29.50 -17.01 -1.82
C23 PCW X . -30.20 -18.24 -2.48
C24 PCW X . -31.06 -17.97 -3.68
C25 PCW X . -30.41 -17.75 -5.08
C26 PCW X . -30.44 -18.94 -6.03
C27 PCW X . -29.46 -18.93 -7.21
C28 PCW X . -30.04 -19.69 -8.37
C31 PCW X . -23.23 -3.14 -3.48
C32 PCW X . -23.52 -3.08 -4.98
C33 PCW X . -22.65 -4.08 -5.90
C34 PCW X . -22.88 -5.56 -5.60
C35 PCW X . -23.83 -6.08 -6.76
C36 PCW X . -24.34 -7.52 -6.50
C37 PCW X . -25.28 -8.10 -7.60
C38 PCW X . -25.34 -9.59 -7.54
C39 PCW X . -26.24 -10.18 -8.61
C40 PCW X . -26.02 -11.26 -9.34
C41 PCW X . -24.77 -12.13 -9.24
C42 PCW X . -24.74 -13.09 -10.49
C43 PCW X . -24.18 -14.50 -10.32
C44 PCW X . -24.26 -15.19 -11.66
C45 PCW X . -25.45 -16.10 -11.84
C46 PCW X . -25.16 -17.53 -11.48
C47 PCW X . -25.89 -18.09 -10.27
C48 PCW X . -25.51 -19.55 -10.02
N PCW X . -30.18 -0.22 -3.06
O2 PCW X . -24.37 -2.98 -2.82
O3 PCW X . -24.62 -5.44 -1.37
O11 PCW X . -26.24 -5.49 -2.98
O31 PCW X . -22.08 -3.29 -2.96
O1P PCW X . -26.87 0.35 -0.76
O2P PCW X . -25.80 1.52 -2.69
O3P PCW X . -24.65 -0.52 -1.62
O4P PCW X . -26.63 -0.69 -3.04
P PCW X . -26.02 0.24 -1.99
C1 PCW Y . -12.59 5.26 -10.17
C2 PCW Y . -12.19 4.72 -11.61
C3 PCW Y . -11.48 3.33 -11.48
C4 PCW Y . -10.70 8.68 -11.90
C5 PCW Y . -10.14 8.02 -13.15
C6 PCW Y . -10.31 9.90 -14.87
C7 PCW Y . -8.43 8.33 -14.91
C8 PCW Y . -10.22 7.97 -15.20
C11 PCW Y . -9.86 3.10 -13.25
C12 PCW Y . -9.70 2.50 -14.62
C13 PCW Y . -9.35 0.98 -14.43
C14 PCW Y . -9.16 0.19 -15.73
C15 PCW Y . -10.46 -0.20 -16.47
C16 PCW Y . -10.36 -1.66 -17.05
C17 PCW Y . -11.58 -2.18 -17.88
C18 PCW Y . -11.26 -3.45 -18.69
C19 PCW Y . -12.30 -4.57 -18.49
C20 PCW Y . -11.97 -5.79 -17.91
C21 PCW Y . -10.70 -6.34 -17.38
C22 PCW Y . -10.39 -7.62 -18.20
C23 PCW Y . -9.62 -8.75 -17.48
C24 PCW Y . -10.43 -9.75 -16.72
C25 PCW Y . -11.10 -10.97 -17.44
C26 PCW Y . -12.31 -11.58 -16.74
C27 PCW Y . -13.64 -10.81 -16.80
C28 PCW Y . -14.79 -11.79 -16.89
C31 PCW Y . -13.42 5.20 -13.58
C32 PCW Y . -14.73 4.88 -14.32
C33 PCW Y . -16.06 4.91 -13.43
C34 PCW Y . -17.13 3.93 -13.91
C35 PCW Y . -18.18 3.83 -12.72
C36 PCW Y . -18.65 2.39 -12.48
C37 PCW Y . -19.68 2.20 -11.33
C38 PCW Y . -20.28 0.84 -11.30
C39 PCW Y . -21.28 0.64 -10.19
C40 PCW Y . -21.38 -0.39 -9.36
C41 PCW Y . -20.47 -1.61 -9.42
C42 PCW Y . -20.37 -2.20 -7.94
C43 PCW Y . -19.01 -2.23 -7.26
C44 PCW Y . -19.21 -2.84 -5.89
C45 PCW Y . -18.78 -4.27 -5.74
C46 PCW Y . -17.91 -4.52 -4.55
C47 PCW Y . -17.43 -5.94 -4.35
C48 PCW Y . -16.54 -6.05 -3.10
N PCW Y . -9.56 8.83 -14.17
O2 PCW Y . -13.41 4.51 -12.44
O3 PCW Y . -11.12 2.85 -12.79
O11 PCW Y . -9.01 3.71 -12.65
O31 PCW Y . -12.52 5.99 -13.99
O1P PCW Y . -12.58 9.07 -9.73
O2P PCW Y . -11.14 7.40 -8.57
O3P PCW Y . -13.03 6.63 -10.15
O4P PCW Y . -10.95 7.60 -10.95
P PCW Y . -11.92 7.72 -9.79
C1 PCW Z . 8.44 14.61 -7.96
C2 PCW Z . 9.09 14.11 -9.32
C3 PCW Z . 8.01 13.47 -10.24
C4 PCW Z . 4.83 15.91 -7.80
C5 PCW Z . 3.90 16.35 -8.93
C6 PCW Z . 1.68 15.42 -9.77
C7 PCW Z . 1.73 17.16 -8.04
C8 PCW Z . 2.30 17.28 -9.80
C11 PCW Z . 8.22 13.62 -12.63
C12 PCW Z . 8.98 13.02 -13.78
C13 PCW Z . 8.39 11.59 -14.07
C14 PCW Z . 9.05 10.83 -15.22
C15 PCW Z . 9.88 9.58 -14.81
C16 PCW Z . 10.76 9.08 -16.02
C17 PCW Z . 10.84 7.54 -16.25
C18 PCW Z . 12.18 7.10 -16.83
C19 PCW Z . 12.03 6.08 -17.98
C20 PCW Z . 13.10 5.68 -18.77
C21 PCW Z . 14.54 6.04 -18.76
C22 PCW Z . 15.29 4.92 -19.55
C23 PCW Z . 16.83 4.84 -19.38
C24 PCW Z . 17.61 4.40 -20.59
C25 PCW Z . 18.27 5.43 -21.55
C26 PCW Z . 19.66 5.12 -22.06
C27 PCW Z . 20.62 6.30 -22.32
C28 PCW Z . 21.53 6.50 -21.13
C31 PCW Z . 10.99 15.41 -9.90
C32 PCW Z . 11.44 16.64 -10.71
C33 PCW Z . 12.06 16.32 -12.16
C34 PCW Z . 13.14 15.23 -12.15
C35 PCW Z . 14.39 15.87 -11.41
C36 PCW Z . 15.39 14.80 -10.90
C37 PCW Z . 16.64 15.33 -10.16
C38 PCW Z . 17.54 14.22 -9.69
C39 PCW Z . 18.76 14.72 -8.97
C40 PCW Z . 20.02 14.71 -9.43
C41 PCW Z . 20.43 14.20 -10.80
C42 PCW Z . 21.19 12.82 -10.61
C43 PCW Z . 22.69 12.79 -10.82
C44 PCW Z . 23.15 11.37 -10.57
C45 PCW Z . 24.50 11.23 -9.90
C46 PCW Z . 25.67 11.46 -10.82
C47 PCW Z . 27.03 11.58 -10.16
C48 PCW Z . 28.13 11.81 -11.21
N PCW Z . 2.49 16.19 -8.80
O2 PCW Z . 9.67 15.28 -10.06
O3 PCW Z . 8.61 13.03 -11.46
O11 PCW Z . 7.40 14.50 -12.71
O31 PCW Z . 11.74 14.68 -9.19
O1P PCW Z . 6.92 15.68 -5.80
O2P PCW Z . 7.43 18.01 -6.49
O3P PCW Z . 8.40 16.04 -7.82
O4P PCW Z . 6.05 16.68 -7.94
P PCW Z . 7.19 16.62 -6.94
C1 PCW AA . 15.84 8.71 10.60
C2 PCW AA . 17.17 8.08 11.16
C3 PCW AA . 17.94 7.34 10.02
C4 PCW AA . 16.79 13.43 9.59
C5 PCW AA . 17.28 13.75 8.17
C6 PCW AA . 16.72 15.40 6.32
C7 PCW AA . 18.04 16.11 8.25
C8 PCW AA . 18.49 14.87 6.97
C11 PCW AA . 20.34 7.24 10.11
C12 PCW AA . 21.47 6.50 10.79
C13 PCW AA . 22.35 5.82 9.68
C14 PCW AA . 23.54 5.01 10.21
C15 PCW AA . 24.65 4.69 9.16
C16 PCW AA . 25.11 3.19 9.29
C17 PCW AA . 26.66 2.93 9.41
C18 PCW AA . 27.20 2.00 8.32
C19 PCW AA . 27.83 0.70 8.89
C20 PCW AA . 27.22 -0.54 8.73
C21 PCW AA . 25.97 -0.96 8.06
C22 PCW AA . 25.43 -2.19 8.86
C23 PCW AA . 24.49 -3.18 8.09
C24 PCW AA . 23.05 -2.81 8.01
C25 PCW AA . 22.25 -2.97 6.68
C26 PCW AA . 20.81 -3.44 6.82
C27 PCW AA . 19.93 -3.42 5.55
C28 PCW AA . 18.77 -4.37 5.72
C31 PCW AA . 17.84 9.47 12.96
C32 PCW AA . 18.84 10.57 13.36
C33 PCW AA . 19.82 10.21 14.56
C34 PCW AA . 20.83 9.11 14.22
C35 PCW AA . 21.79 9.01 15.48
C36 PCW AA . 22.96 8.02 15.26
C37 PCW AA . 23.94 7.89 16.47
C38 PCW AA . 25.03 6.90 16.21
C39 PCW AA . 25.99 6.77 17.36
C40 PCW AA . 26.71 5.70 17.70
C41 PCW AA . 26.69 4.39 16.93
C42 PCW AA . 27.68 3.38 17.67
C43 PCW AA . 27.21 2.70 18.93
C44 PCW AA . 28.35 1.80 19.41
C45 PCW AA . 27.92 0.45 19.93
C46 PCW AA . 28.40 -0.70 19.10
C47 PCW AA . 28.51 -2.03 19.79
C48 PCW AA . 29.00 -3.12 18.83
N PCW AA . 17.20 15.09 7.68
O2 PCW AA . 18.07 9.14 11.70
O3 PCW AA . 19.15 6.76 10.55
O11 PCW AA . 20.49 8.13 9.31
O31 PCW AA . 16.97 8.97 13.73
O1P PCW AA . 17.83 10.75 9.19
O2P PCW AA . 15.64 10.40 8.06
O3P PCW AA . 15.82 10.15 10.61
O4P PCW AA . 15.87 12.31 9.47
P PCW AA . 16.33 10.87 9.26
C1 PCW BA . 19.59 11.69 2.66
C2 PCW BA . 20.46 10.42 3.03
C3 PCW BA . 19.82 9.68 4.26
C4 PCW BA . 17.79 15.24 1.62
C5 PCW BA . 17.75 15.66 0.15
C6 PCW BA . 15.55 16.38 -0.93
C7 PCW BA . 17.34 18.00 -0.55
C8 PCW BA . 17.36 16.53 -1.67
C11 PCW BA . 21.29 8.55 5.78
C12 PCW BA . 22.04 7.25 5.94
C13 PCW BA . 23.50 7.46 5.38
C14 PCW BA . 24.41 6.23 5.46
C15 PCW BA . 23.83 4.90 4.89
C16 PCW BA . 24.94 3.82 4.72
C17 PCW BA . 24.61 2.57 3.85
C18 PCW BA . 25.49 2.44 2.61
C19 PCW BA . 24.75 2.80 1.31
C20 PCW BA . 24.52 1.87 0.30
C21 PCW BA . 24.86 0.43 0.18
C22 PCW BA . 23.51 -0.35 0.20
C23 PCW BA . 23.42 -1.60 1.11
C24 PCW BA . 22.18 -2.43 1.02
C25 PCW BA . 22.13 -3.72 0.14
C26 PCW BA . 21.47 -4.93 0.77
C27 PCW BA . 20.32 -5.62 -0.01
C28 PCW BA . 19.03 -5.47 0.75
C31 PCW BA . 21.69 8.99 1.59
C32 PCW BA . 21.54 8.04 0.39
C33 PCW BA . 22.61 8.24 -0.78
C34 PCW BA . 23.62 7.09 -0.90
C35 PCW BA . 24.43 7.38 -2.22
C36 PCW BA . 25.85 6.76 -2.18
C37 PCW BA . 26.72 7.00 -3.46
C38 PCW BA . 28.11 6.49 -3.29
C39 PCW BA . 28.97 6.71 -4.50
C40 PCW BA . 29.84 5.87 -5.03
C41 PCW BA . 30.14 4.49 -4.48
C42 PCW BA . 29.56 3.40 -5.50
C43 PCW BA . 30.35 2.14 -5.74
C44 PCW BA . 29.57 1.32 -6.76
C45 PCW BA . 29.49 -0.16 -6.46
C46 PCW BA . 28.98 -0.98 -7.61
C47 PCW BA . 29.70 -2.30 -7.87
C48 PCW BA . 29.08 -3.02 -9.07
N PCW BA . 16.84 16.68 -0.28
O2 PCW BA . 20.48 9.48 1.89
O3 PCW BA . 20.61 8.54 4.60
O11 PCW BA . 21.30 9.45 6.57
O31 PCW BA . 22.77 9.28 2.18
O1P PCW BA . 18.52 13.83 4.05
O2P PCW BA . 20.62 15.13 3.82
O3P PCW BA . 20.34 12.92 2.54
O4P PCW BA . 19.19 14.97 1.92
P PCW BA . 19.66 14.24 3.16
C1 PCW CA . -4.43 -0.32 9.61
C2 PCW CA . -3.75 -0.80 8.27
C3 PCW CA . -2.74 -1.97 8.57
C4 PCW CA . -3.71 3.21 7.54
C5 PCW CA . -2.74 2.62 6.53
C6 PCW CA . -1.53 4.72 5.73
C7 PCW CA . -0.36 2.57 5.79
C8 PCW CA . -1.81 3.05 4.75
C11 PCW CA . -0.86 -1.99 7.07
C12 PCW CA . -0.43 -2.54 5.73
C13 PCW CA . 0.35 -3.88 5.97
C14 PCW CA . 0.87 -4.58 4.71
C15 PCW CA . 1.36 -6.05 4.89
C16 PCW CA . 0.54 -7.02 3.97
C17 PCW CA . 1.36 -8.03 3.11
C18 PCW CA . 1.61 -9.37 3.81
C19 PCW CA . 0.74 -10.52 3.24
C20 PCW CA . 1.30 -11.63 2.61
C21 PCW CA . 2.70 -12.02 2.33
C22 PCW CA . 2.64 -13.29 1.43
C23 PCW CA . 2.71 -13.08 -0.11
C24 PCW CA . 4.08 -13.04 -0.72
C25 PCW CA . 4.73 -14.31 -1.33
C26 PCW CA . 5.93 -14.09 -2.23
C27 PCW CA . 7.33 -14.36 -1.65
C28 PCW CA . 8.16 -15.14 -2.64
C31 PCW CA . -4.58 -1.03 6.05
C32 PCW CA . -5.72 -1.65 5.23
C33 PCW CA . -5.34 -3.02 4.48
C34 PCW CA . -5.79 -4.27 5.23
C35 PCW CA . -4.69 -4.52 6.33
C36 PCW CA . -3.64 -5.58 5.90
C37 PCW CA . -2.52 -5.88 6.96
C38 PCW CA . -2.37 -7.34 7.23
C39 PCW CA . -1.28 -7.63 8.24
C40 PCW CA . -0.57 -8.74 8.35
C41 PCW CA . -0.71 -9.95 7.45
C42 PCW CA . 0.35 -11.05 7.90
C43 PCW CA . 1.07 -11.85 6.83
C44 PCW CA . 2.02 -12.80 7.55
C45 PCW CA . 3.38 -12.94 6.93
C46 PCW CA . 4.01 -14.29 7.14
C47 PCW CA . 4.21 -15.14 5.91
C48 PCW CA . 4.85 -16.48 6.27
N PCW CA . -1.54 3.33 6.19
O2 PCW CA . -4.78 -1.34 7.33
O3 PCW CA . -2.13 -2.39 7.33
O11 PCW CA . -0.19 -1.30 7.78
O31 PCW CA . -3.62 -0.35 5.58
O1P PCW CA . -6.00 3.17 9.34
O2P PCW CA . -4.30 2.42 11.00
O3P PCW CA . -5.41 0.72 9.44
O4P PCW CA . -3.72 2.30 8.67
P PCW CA . -4.88 2.23 9.66
C1 PCW DA . -10.68 16.72 -25.93
C2 PCW DA . -11.07 15.24 -26.30
C3 PCW DA . -11.84 15.19 -27.66
C4 PCW DA . -7.45 18.13 -22.50
C5 PCW DA . -7.51 18.74 -21.10
C6 PCW DA . -6.41 17.22 -19.58
C7 PCW DA . -6.43 19.49 -19.10
C8 PCW DA . -5.06 18.80 -20.78
C11 PCW DA . -13.39 13.36 -27.56
C12 PCW DA . -13.55 11.92 -28.00
C13 PCW DA . -15.08 11.66 -28.28
C14 PCW DA . -15.44 10.24 -28.74
C15 PCW DA . -16.93 9.83 -28.53
C16 PCW DA . -17.38 8.83 -29.66
C17 PCW DA . -18.36 7.68 -29.23
C18 PCW DA . -19.70 7.70 -29.98
C19 PCW DA . -20.69 8.72 -29.38
C20 PCW DA . -21.41 8.49 -28.21
C21 PCW DA . -21.44 7.33 -27.28
C22 PCW DA . -22.45 6.30 -27.85
C23 PCW DA . -21.89 4.92 -28.28
C24 PCW DA . -22.23 3.75 -27.41
C25 PCW DA . -22.12 2.29 -27.94
C26 PCW DA . -23.33 1.41 -27.74
C27 PCW DA . -23.15 0.12 -26.91
C28 PCW DA . -24.16 0.09 -25.78
C31 PCW DA . -8.94 14.80 -27.34
C32 PCW DA . -7.76 13.82 -27.31
C33 PCW DA . -8.09 12.33 -27.84
C34 PCW DA . -6.98 11.74 -28.71
C35 PCW DA . -7.74 10.95 -29.88
C36 PCW DA . -7.87 9.44 -29.58
C37 PCW DA . -8.60 8.61 -30.68
C38 PCW DA . -9.52 7.59 -30.10
C39 PCW DA . -10.24 6.78 -31.14
C40 PCW DA . -11.01 5.71 -30.95
C41 PCW DA . -11.31 5.12 -29.58
C42 PCW DA . -11.04 3.55 -29.65
C43 PCW DA . -11.12 2.75 -28.37
C44 PCW DA . -10.82 1.30 -28.73
C45 PCW DA . -11.99 0.36 -28.67
C46 PCW DA . -11.60 -1.09 -28.62
C47 PCW DA . -12.58 -2.03 -27.96
C48 PCW DA . -12.07 -3.48 -27.98
N PCW DA . -6.41 18.56 -20.19
O2 PCW DA . -9.83 14.40 -26.43
O3 PCW DA . -12.18 13.83 -27.97
O11 PCW DA . -14.20 13.99 -26.95
O31 PCW DA . -9.03 15.80 -28.10
O1P PCW DA . -7.85 18.15 -25.40
O2P PCW DA . -9.94 19.39 -24.81
O3P PCW DA . -9.89 16.83 -24.73
O4P PCW DA . -8.80 18.20 -23.06
P PCW DA . -9.09 18.21 -24.54
C1 PCW EA . 1.98 1.78 8.44
C2 PCW EA . 3.10 0.65 8.38
C3 PCW EA . 2.64 -0.64 9.14
C4 PCW EA . -1.13 1.62 12.02
C5 PCW EA . 0.10 0.82 12.48
C6 PCW EA . 1.77 2.50 13.43
C7 PCW EA . 1.31 0.40 14.61
C8 PCW EA . 2.08 0.62 12.94
C11 PCW EA . 4.43 -1.85 10.19
C12 PCW EA . 5.45 -2.92 9.90
C13 PCW EA . 5.07 -4.19 10.74
C14 PCW EA . 6.02 -5.39 10.56
C15 PCW EA . 6.76 -5.87 11.84
C16 PCW EA . 7.50 -7.23 11.57
C17 PCW EA . 6.61 -8.48 11.21
C18 PCW EA . 7.30 -9.46 10.26
C19 PCW EA . 6.30 -10.29 9.44
C20 PCW EA . 6.44 -11.66 9.26
C21 PCW EA . 7.45 -12.64 9.75
C22 PCW EA . 8.62 -12.63 8.70
C23 PCW EA . 9.13 -14.00 8.19
C24 PCW EA . 8.38 -14.63 7.06
C25 PCW EA . 8.97 -14.64 5.62
C26 PCW EA . 10.19 -15.51 5.41
C27 PCW EA . 10.66 -15.75 3.96
C28 PCW EA . 11.09 -17.19 3.80
C31 PCW EA . 4.30 0.98 6.37
C32 PCW EA . 4.47 0.46 4.93
C33 PCW EA . 5.33 -0.88 4.78
C34 PCW EA . 6.84 -0.65 4.79
C35 PCW EA . 7.50 -2.08 4.89
C36 PCW EA . 8.82 -2.08 5.72
C37 PCW EA . 9.53 -3.46 5.86
C38 PCW EA . 10.58 -3.66 4.81
C39 PCW EA . 11.28 -4.99 4.93
C40 PCW EA . 11.04 -6.09 4.21
C41 PCW EA . 9.99 -6.19 3.13
C42 PCW EA . 10.66 -6.84 1.84
C43 PCW EA . 10.54 -8.34 1.62
C44 PCW EA . 11.26 -8.66 0.33
C45 PCW EA . 10.41 -9.26 -0.76
C46 PCW EA . 9.71 -8.24 -1.61
C47 PCW EA . 8.34 -8.60 -2.11
C48 PCW EA . 7.75 -7.47 -2.97
N PCW EA . 0.90 1.31 13.55
O2 PCW EA . 3.36 0.26 6.97
O3 PCW EA . 3.67 -1.63 9.08
O11 PCW EA . 4.31 -1.27 11.23
O31 PCW EA . 4.95 1.94 6.88
O1P PCW EA . 0.79 3.27 10.61
O2P PCW EA . -0.95 3.27 8.83
O3P PCW EA . 0.72 1.34 8.99
O4P PCW EA . -1.11 1.63 10.57
P PCW EA . -0.13 2.46 9.76
C1 PCW FA . 31.05 21.41 -10.77
C2 PCW FA . 31.32 20.08 -9.95
C3 PCW FA . 32.78 20.09 -9.39
C4 PCW FA . 28.30 23.73 -12.27
C5 PCW FA . 29.17 24.15 -13.45
C6 PCW FA . 28.91 23.88 -15.97
C7 PCW FA . 27.96 25.82 -14.83
C8 PCW FA . 29.75 25.36 -14.99
C11 PCW FA . 33.16 18.95 -7.31
C12 PCW FA . 33.41 17.58 -6.74
C13 PCW FA . 32.18 17.18 -5.85
C14 PCW FA . 32.27 15.80 -5.20
C15 PCW FA . 32.68 15.78 -3.69
C16 PCW FA . 31.97 14.60 -2.95
C17 PCW FA . 32.77 13.89 -1.80
C18 PCW FA . 32.16 14.10 -0.41
C19 PCW FA . 30.86 13.30 -0.20
C20 PCW FA . 30.83 12.08 0.47
C21 PCW FA . 31.89 11.26 1.12
C22 PCW FA . 32.18 10.08 0.16
C23 PCW FA . 32.10 8.64 0.75
C24 PCW FA . 33.38 8.01 1.18
C25 PCW FA . 34.09 6.94 0.28
C26 PCW FA . 35.47 7.31 -0.23
C27 PCW FA . 35.83 6.87 -1.67
C28 PCW FA . 37.26 6.37 -1.71
C31 PCW FA . 29.79 18.83 -8.63
C32 PCW FA . 28.89 18.91 -7.40
C33 PCW FA . 27.49 18.14 -7.52
C34 PCW FA . 27.57 16.67 -7.13
C35 PCW FA . 26.10 16.12 -7.22
C36 PCW FA . 26.01 14.59 -6.97
C37 PCW FA . 24.58 13.97 -7.04
C38 PCW FA . 24.33 13.01 -5.92
C39 PCW FA . 22.96 12.40 -5.97
C40 PCW FA . 22.67 11.10 -5.96
C41 PCW FA . 23.71 9.99 -5.90
C42 PCW FA . 23.04 8.63 -6.39
C43 PCW FA . 23.91 7.40 -6.54
C44 PCW FA . 23.01 6.27 -7.02
C45 PCW FA . 22.88 5.10 -6.08
C46 PCW FA . 23.71 3.91 -6.48
C47 PCW FA . 22.96 2.62 -6.74
C48 PCW FA . 23.94 1.51 -7.15
N PCW FA . 28.55 24.51 -14.69
O2 PCW FA . 30.40 20.01 -8.78
O3 PCW FA . 33.02 18.88 -8.66
O11 PCW FA . 33.09 19.96 -6.66
O31 PCW FA . 29.93 17.81 -9.38
O1P PCW FA . 28.33 21.74 -10.14
O2P PCW FA . 28.80 23.72 -8.70
O3P PCW FA . 30.72 22.54 -9.93
O4P PCW FA . 29.09 23.95 -11.06
P PCW FA . 29.16 22.97 -9.91
C1 PCW GA . -5.30 4.74 -0.78
C2 PCW GA . -4.58 3.39 -1.21
C3 PCW GA . -5.34 2.74 -2.41
C4 PCW GA . -4.43 9.36 -0.61
C5 PCW GA . -4.82 10.28 -1.76
C6 PCW GA . -3.03 11.89 -1.83
C7 PCW GA . -4.87 12.31 -0.47
C8 PCW GA . -5.17 12.53 -2.71
C11 PCW GA . -4.14 1.45 -4.03
C12 PCW GA . -3.47 0.11 -4.21
C13 PCW GA . -4.38 -0.78 -5.14
C14 PCW GA . -3.83 -2.18 -5.42
C15 PCW GA . -4.11 -2.75 -6.85
C16 PCW GA . -5.54 -3.39 -6.92
C17 PCW GA . -6.13 -3.65 -8.35
C18 PCW GA . -7.62 -3.36 -8.46
C19 PCW GA . -8.51 -4.60 -8.22
C20 PCW GA . -9.89 -4.52 -8.07
C21 PCW GA . -10.82 -3.37 -8.08
C22 PCW GA . -12.26 -3.96 -7.91
C23 PCW GA . -13.09 -4.20 -9.20
C24 PCW GA . -13.11 -5.59 -9.75
C25 PCW GA . -13.67 -6.78 -8.90
C26 PCW GA . -12.77 -7.98 -8.76
C27 PCW GA . -11.86 -8.06 -7.51
C28 PCW GA . -10.76 -9.08 -7.73
C31 PCW GA . -2.25 3.09 -0.93
C32 PCW GA . -0.88 3.47 -1.52
C33 PCW GA . 0.23 2.30 -1.49
C34 PCW GA . -0.32 0.90 -1.75
C35 PCW GA . 0.29 0.44 -3.13
C36 PCW GA . 0.11 -1.07 -3.38
C37 PCW GA . 0.69 -1.61 -4.73
C38 PCW GA . -0.24 -1.36 -5.87
C39 PCW GA . 0.29 -1.86 -7.19
C40 PCW GA . -0.07 -1.46 -8.41
C41 PCW GA . -1.12 -0.40 -8.68
C42 PCW GA . -1.86 -0.78 -10.04
C43 PCW GA . -3.37 -0.69 -10.09
C44 PCW GA . -3.80 -1.10 -11.49
C45 PCW GA . -4.75 -2.27 -11.56
C46 PCW GA . -4.09 -3.61 -11.42
C47 PCW GA . -4.22 -4.56 -12.59
C48 PCW GA . -3.50 -5.88 -12.33
N PCW GA . -4.48 11.68 -1.70
O2 PCW GA . -3.19 3.67 -1.66
O3 PCW GA . -4.67 1.53 -2.78
O11 PCW GA . -4.19 2.31 -4.87
O31 PCW GA . -2.44 2.35 0.09
O1P PCW GA . -4.41 6.90 0.90
O2P PCW GA . -2.40 6.42 -0.51
O3P PCW GA . -4.76 5.92 -1.42
O4P PCW GA . -3.87 8.17 -1.21
P PCW GA . -3.82 6.84 -0.48
C1 PCW HA . 23.70 10.92 4.64
C2 PCW HA . 25.14 11.51 4.35
C3 PCW HA . 26.22 10.61 5.04
C4 PCW HA . 23.44 15.24 5.85
C5 PCW HA . 23.58 15.69 4.39
C6 PCW HA . 23.83 18.19 4.78
C7 PCW HA . 24.75 17.14 2.77
C8 PCW HA . 22.98 17.28 3.26
C11 PCW HA . 28.43 11.18 5.79
C12 PCW HA . 29.72 11.79 5.29
C13 PCW HA . 30.87 11.43 6.31
C14 PCW HA . 32.25 11.98 5.95
C15 PCW HA . 33.37 10.92 5.78
C16 PCW HA . 34.67 11.58 5.21
C17 PCW HA . 35.63 10.66 4.38
C18 PCW HA . 36.79 10.07 5.20
C19 PCW HA . 38.13 10.81 4.98
C20 PCW HA . 38.95 10.54 3.90
C21 PCW HA . 38.84 9.60 2.76
C22 PCW HA . 39.84 8.44 3.04
C23 PCW HA . 40.02 7.37 1.92
C24 PCW HA . 39.89 5.94 2.35
C25 PCW HA . 40.70 4.81 1.63
C26 PCW HA . 40.13 4.30 0.32
C27 PCW HA . 39.73 2.81 0.24
C28 PCW HA . 38.48 2.65 -0.59
C31 PCW HA . 25.58 12.69 2.34
C32 PCW HA . 25.85 12.50 0.83
C33 PCW HA . 25.23 11.17 0.17
C34 PCW HA . 26.30 10.17 -0.27
C35 PCW HA . 26.48 9.17 0.95
C36 PCW HA . 27.82 9.37 1.68
C37 PCW HA . 28.07 8.43 2.90
C38 PCW HA . 29.53 8.30 3.22
C39 PCW HA . 29.80 7.39 4.39
C40 PCW HA . 29.76 6.07 4.40
C41 PCW HA . 29.41 5.21 3.19
C42 PCW HA . 30.76 4.86 2.42
C43 PCW HA . 30.75 3.71 1.44
C44 PCW HA . 32.15 3.59 0.85
C45 PCW HA . 32.22 3.78 -0.65
C46 PCW HA . 33.27 2.91 -1.30
C47 PCW HA . 32.88 2.26 -2.60
C48 PCW HA . 34.03 1.42 -3.17
N PCW HA . 24.18 16.94 4.08
O2 PCW HA . 25.41 11.49 2.88
O3 PCW HA . 27.53 11.15 4.76
O11 PCW HA . 28.23 10.78 6.91
O31 PCW HA . 25.52 13.81 2.93
O1P PCW HA . 21.41 13.25 6.58
O2P PCW HA . 23.40 11.95 7.33
O3P PCW HA . 22.68 11.91 4.86
O4P PCW HA . 23.78 13.82 5.88
P PCW HA . 22.79 12.73 6.23
C1 PCW IA . -11.57 -11.55 23.66
C2 PCW IA . -10.23 -11.97 24.39
C3 PCW IA . -10.45 -13.29 25.20
C4 PCW IA . -13.78 -7.22 24.14
C5 PCW IA . -13.32 -5.82 23.70
C6 PCW IA . -15.55 -4.90 23.87
C7 PCW IA . -13.79 -3.53 23.22
C8 PCW IA . -13.88 -4.13 25.41
C11 PCW IA . -9.17 -14.82 26.55
C12 PCW IA . -7.80 -15.00 27.15
C13 PCW IA . -7.83 -14.39 28.61
C14 PCW IA . -6.51 -14.48 29.37
C15 PCW IA . -5.55 -13.27 29.19
C16 PCW IA . -4.05 -13.72 29.43
C17 PCW IA . -3.20 -12.84 30.41
C18 PCW IA . -1.75 -12.65 29.94
C19 PCW IA . -0.77 -12.45 31.11
C20 PCW IA . 0.60 -12.61 30.97
C21 PCW IA . 1.46 -12.98 29.81
C22 PCW IA . 2.35 -14.16 30.28
C23 PCW IA . 2.93 -15.10 29.18
C24 PCW IA . 3.72 -16.28 29.64
C25 PCW IA . 3.04 -17.45 30.41
C26 PCW IA . 2.30 -18.47 29.58
C27 PCW IA . 1.57 -19.60 30.32
C28 PCW IA . 2.42 -20.84 30.36
C31 PCW IA . -7.94 -11.93 23.80
C32 PCW IA . -6.95 -12.24 22.66
C33 PCW IA . -7.09 -13.68 22.00
C34 PCW IA . -6.92 -14.84 22.99
C35 PCW IA . -8.35 -15.50 23.12
C36 PCW IA . -8.31 -17.04 23.02
C37 PCW IA . -9.70 -17.75 23.14
C38 PCW IA . -10.59 -17.44 21.99
C39 PCW IA . -11.94 -18.11 22.10
C40 PCW IA . -12.75 -18.45 21.10
C41 PCW IA . -12.44 -18.20 19.63
C42 PCW IA . -12.12 -19.60 18.94
C43 PCW IA . -10.67 -19.91 18.59
C44 PCW IA . -10.66 -21.29 17.96
C45 PCW IA . -9.32 -21.97 17.89
C46 PCW IA . -9.10 -23.00 18.96
C47 PCW IA . -7.79 -22.92 19.72
C48 PCW IA . -7.72 -24.03 20.77
N PCW IA . -14.09 -4.66 24.03
O2 PCW IA . -9.17 -12.21 23.38
O3 PCW IA . -9.22 -13.66 25.86
O11 PCW IA . -10.08 -15.60 26.66
O31 PCW IA . -7.63 -11.48 24.95
O1P PCW IA . -14.02 -10.05 24.75
O2P PCW IA . -11.97 -9.63 26.10
O3P PCW IA . -11.78 -10.12 23.58
O4P PCW IA . -12.60 -7.99 24.45
P PCW IA . -12.63 -9.47 24.79
C1 17F JA . -3.38 -1.77 26.22
N1 17F JA . -2.37 -2.74 28.30
O1 17F JA . -5.73 -3.82 28.47
P1 17F JA . -4.87 -3.57 27.24
C2 17F JA . -2.25 -1.72 27.27
O2 17F JA . -6.11 -3.33 26.40
C3 17F JA . -2.22 -0.33 27.93
O3 17F JA . -4.62 -2.11 26.78
C4 17F JA . -3.94 -4.58 24.99
O4 17F JA . -2.29 -0.17 29.21
C5 17F JA . -3.93 -5.84 24.09
O5 17F JA . -2.14 0.69 27.25
C6 17F JA . -2.48 -6.11 23.59
O6 17F JA . -4.73 -4.73 26.17
C7 17F JA . -1.51 -8.15 23.04
O7 17F JA . -2.42 -7.26 22.77
C8 17F JA . -1.64 -9.28 22.00
O8 17F JA . -0.68 -8.20 23.91
C9 17F JA . -0.64 -9.12 20.81
O9 17F JA . -4.47 -6.99 24.76
C10 17F JA . -0.71 -10.24 19.70
O10 17F JA . -6.49 -6.64 23.71
C11 17F JA . -0.13 -9.81 18.31
C12 17F JA . -0.23 -10.97 17.24
C17 17F JA . -5.64 -7.35 24.29
C18 17F JA . -5.94 -8.81 24.53
C19 17F JA . -4.84 -9.78 24.01
C20 17F JA . -4.40 -10.81 25.12
C1X 17F JA . 0.35 -10.50 15.90
C1Y 17F JA . -3.32 -11.76 24.58
C1Z 17F JA . -3.83 -13.20 24.52
C2X 17F JA . 0.26 -11.63 14.78
C21 17F JA . -1.02 -11.50 13.92
C22 17F JA . -1.52 -12.45 13.20
C23 17F JA . -1.01 -13.82 13.04
C24 17F JA . -1.00 -14.34 11.61
C25 17F JA . -0.48 -15.75 11.40
C26 17F JA . 0.02 -16.09 9.92
C27 17F JA . 0.53 -17.49 9.72
C28 17F JA . 0.97 -17.63 8.21
C29 17F JA . -0.09 -18.34 7.47
C30 17F JA . 0.20 -18.55 6.01
C31 17F JA . -3.47 -14.13 25.74
C32 17F JA . -4.02 -15.58 25.66
C33 17F JA . -3.70 -16.31 26.96
C34 17F JA . -4.04 -17.57 27.22
C35 17F JA . -4.78 -18.53 26.32
C36 17F JA . -6.24 -18.85 26.78
C37 17F JA . -6.84 -19.81 25.82
C38 17F JA . -8.27 -20.28 26.19
C39 17F JA . -8.83 -21.27 25.15
C40 17F JA . -8.73 -22.70 25.67
C41 17F JA . -8.99 -23.75 24.51
C42 17F JA . -9.86 -24.98 24.80
C1 17F KA . 1.27 11.96 -6.26
N1 17F KA . 1.95 14.23 -7.05
O1 17F KA . -0.59 11.51 -8.67
P1 17F KA . -0.76 10.87 -7.30
C2 17F KA . 1.54 13.43 -5.92
O2 17F KA . -2.19 10.63 -6.86
C3 17F KA . 2.60 13.52 -4.81
O3 17F KA . -0.08 11.66 -6.16
C4 17F KA . -0.09 8.64 -6.07
O4 17F KA . 3.68 14.23 -4.94
C5 17F KA . 0.65 7.27 -6.25
O5 17F KA . 2.47 12.93 -3.75
C6 17F KA . -0.39 6.14 -6.41
O6 17F KA . -0.07 9.44 -7.25
C7 17F KA . -0.10 3.89 -5.81
O7 17F KA . 0.24 4.87 -6.58
C8 17F KA . 0.68 2.64 -6.25
O8 17F KA . -0.91 3.86 -4.90
C9 17F KA . 2.17 2.66 -5.79
O9 17F KA . 1.59 7.29 -7.34
C10 17F KA . 3.02 1.41 -6.23
O10 17F KA . 3.17 6.00 -6.25
C11 17F KA . 3.63 0.58 -5.04
C12 17F KA . 4.46 -0.66 -5.56
C17 17F KA . 2.81 6.96 -6.95
C18 17F KA . 3.84 7.95 -7.44
C19 17F KA . 4.95 7.33 -8.32
C20 17F KA . 6.17 8.30 -8.52
C1X 17F KA . 5.05 -1.45 -4.38
C1Y 17F KA . 7.27 7.65 -9.39
C1Z 17F KA . 8.36 7.03 -8.52
C2X 17F KA . 5.90 -2.70 -4.87
C21 17F KA . 5.57 -4.00 -4.05
C22 17F KA . 4.71 -4.91 -4.41
C23 17F KA . 3.90 -4.92 -5.62
C24 17F KA . 2.59 -5.69 -5.49
C25 17F KA . 1.70 -5.73 -6.72
C26 17F KA . 0.28 -6.45 -6.53
C27 17F KA . -0.59 -6.49 -7.77
C28 17F KA . -1.94 -7.24 -7.38
C29 17F KA . -3.05 -6.59 -8.09
C30 17F KA . -4.40 -7.20 -7.81
C31 17F KA . 8.45 5.46 -8.50
C32 17F KA . 9.58 4.87 -7.59
C33 17F KA . 10.90 4.90 -8.35
C34 17F KA . 12.05 4.46 -7.87
C35 17F KA . 12.30 3.87 -6.49
C36 17F KA . 12.99 2.48 -6.51
C37 17F KA . 12.27 1.57 -5.57
C38 17F KA . 11.82 0.23 -6.20
C39 17F KA . 11.06 -0.65 -5.19
C40 17F KA . 9.66 -0.99 -5.69
C41 17F KA . 9.66 -2.35 -6.51
C42 17F KA . 9.74 -3.67 -5.74
C1 17F LA . -2.70 2.23 17.27
N1 17F LA . -1.40 1.55 15.23
O1 17F LA . -5.67 1.20 16.69
P1 17F LA . -4.61 0.60 17.58
C2 17F LA . -1.85 2.66 16.06
O2 17F LA . -4.67 0.97 19.04
C3 17F LA . -0.63 3.46 16.54
O3 17F LA . -3.17 0.93 17.11
C4 17F LA . -3.73 -1.76 18.34
O4 17F LA . 0.58 3.14 16.23
C5 17F LA . -3.92 -3.31 18.19
O5 17F LA . -0.77 4.45 17.26
C6 17F LA . -3.40 -4.01 19.48
O6 17F LA . -4.65 -0.99 17.56
C7 17F LA . -4.39 -6.00 20.21
O7 17F LA . -3.55 -5.42 19.41
C8 17F LA . -4.35 -7.53 19.94
O8 17F LA . -5.11 -5.54 21.05
C9 17F LA . -5.65 -8.27 20.34
O9 17F LA . -5.29 -3.66 17.91
C10 17F LA . -5.66 -9.82 20.08
O10 17F LA . -4.57 -4.50 15.87
C11 17F LA . -5.08 -10.27 18.68
C12 17F LA . -5.13 -11.83 18.50
C17 17F LA . -5.43 -4.10 16.67
C18 17F LA . -6.89 -4.11 16.25
C19 17F LA . -7.29 -5.28 15.31
C20 17F LA . -7.44 -6.64 16.08
C1X 17F LA . -4.56 -12.23 17.12
C1Y 17F LA . -7.84 -7.78 15.10
C1Z 17F LA . -7.84 -9.14 15.80
C2X 17F LA . -4.58 -13.81 16.89
C21 17F LA . -3.51 -14.54 17.75
C22 17F LA . -3.57 -15.79 18.09
C23 17F LA . -4.62 -16.76 17.75
C24 17F LA . -4.19 -18.21 17.80
C25 17F LA . -5.25 -19.25 17.46
C26 17F LA . -5.09 -19.95 16.03
C27 17F LA . -6.14 -20.98 15.71
C28 17F LA . -5.82 -21.56 14.27
C29 17F LA . -6.69 -22.73 14.03
C30 17F LA . -6.49 -23.38 12.69
C31 17F LA . -9.15 -9.54 16.56
C32 17F LA . -9.12 -10.92 17.26
C33 17F LA . -9.46 -10.75 18.73
C34 17F LA . -9.52 -11.74 19.62
C35 17F LA . -9.27 -13.20 19.36
C36 17F LA . -10.56 -14.03 19.02
C37 17F LA . -10.16 -15.28 18.34
C38 17F LA . -10.93 -15.57 17.02
C39 17F LA . -10.45 -16.89 16.37
C40 17F LA . -11.17 -17.12 15.02
C41 17F LA . -11.61 -18.62 14.88
C42 17F LA . -10.59 -19.68 14.48
C1 17F MA . -22.31 2.66 -0.14
N1 17F MA . -21.56 2.52 -2.54
O1 17F MA . -24.02 0.17 1.90
P1 17F MA . -22.68 0.70 1.45
C2 17F MA . -22.51 3.10 -1.60
O2 17F MA . -22.02 1.69 2.36
C3 17F MA . -22.45 4.64 -1.69
O3 17F MA . -22.71 1.34 0.03
C4 17F MA . -20.28 -0.22 0.90
O4 17F MA . -21.65 5.25 -2.50
C5 17F MA . -19.40 -1.52 0.83
O5 17F MA . -23.17 5.33 -0.98
C6 17F MA . -17.92 -1.14 1.08
O6 17F MA . -21.62 -0.49 1.31
C7 17F MA . -16.63 -2.68 -0.13
O7 17F MA . -17.06 -2.27 1.02
C8 17F MA . -15.69 -3.89 0.11
O8 17F MA . -16.82 -2.25 -1.24
C9 17F MA . -14.19 -3.53 -0.03
O9 17F MA . -19.83 -2.54 1.73
C10 17F MA . -13.18 -4.71 0.20
O10 17F MA . -21.64 -3.26 0.48
C11 17F MA . -11.71 -4.25 0.55
C12 17F MA . -10.75 -5.48 0.77
C17 17F MA . -20.60 -3.43 1.13
C18 17F MA . -20.07 -4.84 1.31
C19 17F MA . -20.84 -5.94 0.54
C20 17F MA . -19.91 -6.79 -0.40
C1X 17F MA . -9.33 -4.99 1.11
C1Y 17F MA . -20.72 -7.88 -1.14
C1Z 17F MA . -20.07 -8.21 -2.48
C2X 17F MA . -8.31 -6.20 1.34
C21 17F MA . -8.16 -6.57 2.85
C22 17F MA . -7.69 -7.69 3.29
C23 17F MA . -7.20 -8.83 2.50
C24 17F MA . -8.17 -9.98 2.38
C25 17F MA . -7.71 -11.18 1.57
C26 17F MA . -8.52 -12.54 1.82
C27 17F MA . -8.05 -13.73 1.00
C28 17F MA . -8.95 -14.96 1.39
C29 17F MA . -8.10 -16.17 1.44
C30 17F MA . -8.83 -17.42 1.80
C31 17F MA . -20.82 -9.24 -3.40
C32 17F MA . -20.13 -9.56 -4.75
C33 17F MA . -20.40 -8.42 -5.73
C34 17F MA . -19.96 -8.37 -6.98
C35 17F MA . -19.11 -9.40 -7.68
C36 17F MA . -19.80 -10.10 -8.90
C37 17F MA . -19.81 -11.56 -8.66
C38 17F MA . -21.17 -12.14 -8.21
C39 17F MA . -21.09 -13.66 -7.99
C40 17F MA . -22.21 -14.12 -7.04
C41 17F MA . -21.74 -15.35 -6.16
C42 17F MA . -21.66 -15.18 -4.64
C1 17F NA . -8.46 12.40 -12.68
N1 17F NA . -7.81 9.98 -12.43
O1 17F NA . -7.56 14.73 -14.22
P1 17F NA . -7.88 13.42 -14.93
C2 17F NA . -7.37 11.37 -12.34
O2 17F NA . -8.62 13.52 -16.23
C3 17F NA . -6.84 11.63 -10.92
O3 17F NA . -8.70 12.44 -14.05
C4 17F NA . -6.63 11.35 -15.93
O4 17F NA . -6.82 10.73 -10.00
C5 17F NA . -5.24 10.69 -16.18
O5 17F NA . -6.41 12.73 -10.59
C6 17F NA . -4.73 10.04 -14.88
O6 17F NA . -6.56 12.60 -15.27
C7 17F NA . -3.29 8.21 -14.64
O7 17F NA . -3.46 9.42 -15.07
C8 17F NA . -1.85 7.77 -14.99
O8 17F NA . -4.05 7.46 -14.08
C9 17F NA . -1.81 6.49 -15.86
O9 17F NA . -5.26 9.75 -17.27
C10 17F NA . -0.38 5.98 -16.25
O10 17F NA . -3.70 10.94 -18.48
C11 17F NA . 0.24 6.68 -17.52
C12 17F NA . 1.67 6.12 -17.86
C17 17F NA . -4.23 9.89 -18.07
C18 17F NA . -3.67 8.56 -18.52
C19 17F NA . -4.70 7.61 -19.18
C20 17F NA . -4.12 6.89 -20.46
C1X 17F NA . 2.23 6.84 -19.10
C1Y 17F NA . -5.19 5.96 -21.09
C1Z 17F NA . -4.58 5.11 -22.21
C2X 17F NA . 3.69 6.31 -19.51
C21 17F NA . 4.49 5.70 -18.32
C22 17F NA . 5.20 4.63 -18.38
C23 17F NA . 5.41 3.75 -19.55
C24 17F NA . 4.46 2.57 -19.63
C25 17F NA . 4.63 1.64 -20.81
C26 17F NA . 3.28 1.17 -21.53
C27 17F NA . 3.46 0.24 -22.71
C28 17F NA . 2.03 -0.12 -23.26
C29 17F NA . 2.18 -0.95 -24.47
C30 17F NA . 0.89 -1.36 -25.11
C31 17F NA . -5.57 4.26 -23.06
C32 17F NA . -4.93 3.42 -24.20
C33 17F NA . -5.86 2.28 -24.59
C34 17F NA . -5.60 1.37 -25.52
C35 17F NA . -4.36 1.28 -26.37
C36 17F NA . -3.48 0.01 -26.10
C37 17F NA . -3.87 -1.06 -27.06
C38 17F NA . -2.74 -2.05 -27.41
C39 17F NA . -3.21 -3.14 -28.40
C40 17F NA . -2.49 -2.99 -29.75
C41 17F NA . -2.43 -4.38 -30.49
C42 17F NA . -1.49 -4.54 -31.69
C1 17F OA . -17.42 -4.85 18.22
N1 17F OA . -16.33 -3.42 19.95
O1 17F OA . -18.54 -4.50 15.36
P1 17F OA . -19.33 -5.00 16.56
C2 17F OA . -17.13 -4.60 19.71
O2 17F OA . -20.79 -4.65 16.60
C3 17F OA . -16.45 -5.83 20.32
O3 17F OA . -18.74 -4.52 17.91
C4 17F OA . -19.94 -7.28 17.72
O4 17F OA . -15.32 -5.76 20.94
C5 17F OA . -19.78 -8.84 17.64
O5 17F OA . -16.96 -6.94 20.24
C6 17F OA . -21.17 -9.50 17.46
O6 17F OA . -19.28 -6.59 16.66
C7 17F OA . -21.27 -11.47 16.23
O7 17F OA . -21.08 -10.91 17.38
C8 17F OA . -21.15 -13.01 16.41
O8 17F OA . -21.51 -11.00 15.15
C9 17F OA . -19.90 -13.44 17.20
O9 17F OA . -18.88 -9.25 16.60
C10 17F OA . -19.72 -14.99 17.42
O10 17F OA . -17.07 -8.63 17.90
C11 17F OA . -19.39 -15.42 18.91
C12 17F OA . -19.23 -16.97 19.04
C17 17F OA . -17.62 -9.29 17.00
C18 17F OA . -16.81 -10.30 16.24
C19 17F OA . -16.45 -11.58 17.03
C20 17F OA . -16.44 -12.86 16.11
C1X 17F OA . -18.91 -17.35 20.50
C1Y 17F OA . -16.08 -14.12 16.93
C1Z 17F OA . -16.19 -15.38 16.08
C2X 17F OA . -18.73 -18.95 20.68
C21 17F OA . -19.87 -19.59 21.52
C22 17F OA . -20.77 -20.39 21.03
C23 17F OA . -20.90 -20.84 19.64
C24 17F OA . -20.04 -22.06 19.29
C25 17F OA . -20.15 -22.56 17.85
C26 17F OA . -20.02 -24.15 17.67
C27 17F OA . -20.13 -24.63 16.24
C28 17F OA . -19.98 -26.21 16.25
C29 17F OA . -21.31 -26.81 16.18
C30 17F OA . -21.33 -28.30 16.18
C31 17F OA . -15.78 -16.74 16.75
C32 17F OA . -15.90 -18.00 15.83
C33 17F OA . -15.07 -19.12 16.43
C34 17F OA . -14.94 -20.33 15.91
C35 17F OA . -15.60 -20.85 14.65
C36 17F OA . -14.60 -21.34 13.56
C37 17F OA . -15.38 -21.80 12.37
C38 17F OA . -15.68 -23.31 12.35
C39 17F OA . -16.48 -23.72 11.09
C40 17F OA . -15.76 -24.84 10.33
C41 17F OA . -16.62 -25.32 9.09
C42 17F OA . -17.24 -26.72 9.12
C1 17F PA . 16.28 10.49 19.89
N1 17F PA . 14.35 11.63 18.74
O1 17F PA . 13.45 8.75 20.32
P1 17F PA . 14.90 8.37 20.11
C2 17F PA . 15.56 11.81 19.54
O2 17F PA . 15.74 8.13 21.35
C3 17F PA . 16.53 12.75 18.80
O3 17F PA . 15.68 9.41 19.26
C4 17F PA . 16.33 6.50 18.95
O4 17F PA . 16.25 13.26 17.65
C5 17F PA . 16.28 5.20 18.10
O5 17F PA . 17.62 13.05 19.29
C6 17F PA . 15.62 4.05 18.92
O6 17F PA . 15.04 7.04 19.26
C7 17F PA . 14.44 2.49 17.65
O7 17F PA . 15.56 2.83 18.21
C8 17F PA . 14.67 1.12 16.96
O8 17F PA . 13.37 3.03 17.63
C9 17F PA . 14.42 -0.08 17.91
O9 17F PA . 15.60 5.37 16.84
C10 17F PA . 14.62 -1.51 17.28
O10 17F PA . 16.58 7.18 15.81
C11 17F PA . 15.57 -2.45 18.12
C12 17F PA . 15.75 -3.86 17.45
C17 17F PA . 16.35 5.96 15.95
C18 17F PA . 16.99 4.98 14.99
C19 17F PA . 18.46 4.60 15.32
C20 17F PA . 18.69 3.04 15.29
C1X 17F PA . 16.68 -4.74 18.30
C1Y 17F PA . 20.16 2.71 15.63
C1Z 17F PA . 20.25 1.96 16.97
C2X 17F PA . 16.89 -6.20 17.67
C21 17F PA . 17.06 -7.30 18.77
C22 17F PA . 16.58 -8.49 18.70
C23 17F PA . 15.77 -9.07 17.60
C24 17F PA . 16.58 -9.87 16.58
C25 17F PA . 15.80 -10.47 15.42
C26 17F PA . 15.59 -12.06 15.48
C27 17F PA . 14.81 -12.63 14.32
C28 17F PA . 14.70 -14.18 14.53
C29 17F PA . 13.96 -14.77 13.40
C30 17F PA . 13.78 -16.26 13.47
C31 17F PA . 20.33 0.40 16.91
C32 17F PA . 20.41 -0.33 18.27
C33 17F PA . 20.00 -1.79 18.09
C34 17F PA . 19.97 -2.69 19.06
C35 17F PA . 20.31 -2.47 20.51
C36 17F PA . 19.84 -3.62 21.46
C37 17F PA . 18.50 -3.29 22.00
C38 17F PA . 17.52 -4.49 22.08
C39 17F PA . 16.15 -4.06 22.64
C40 17F PA . 15.02 -4.65 21.80
C41 17F PA . 13.88 -3.59 21.58
C42 17F PA . 12.41 -4.05 21.63
C1 17F QA . -7.77 3.96 2.95
N1 17F QA . -8.22 3.83 0.49
O1 17F QA . -5.40 3.90 4.97
P1 17F QA . -5.32 3.63 3.49
C2 17F QA . -8.67 4.34 1.77
O2 17F QA . -4.03 4.03 2.80
C3 17F QA . -8.80 5.88 1.70
O3 17F QA . -6.45 4.31 2.69
C4 17F QA . -5.46 1.61 1.82
O4 17F QA . -8.53 6.54 0.63
C5 17F QA . -5.66 0.06 1.71
O5 17F QA . -9.17 6.53 2.67
C6 17F QA . -5.91 -0.32 0.23
O6 17F QA . -5.50 2.09 3.16
C7 17F QA . -5.64 -2.28 -1.00
O7 17F QA . -6.11 -1.72 0.07
C8 17F QA . -5.99 -3.79 -0.93
O8 17F QA . -5.04 -1.82 -1.93
C9 17F QA . -5.95 -4.50 -2.31
O9 17F QA . -4.58 -0.70 2.27
C10 17F QA . -6.30 -6.03 -2.29
O10 17F QA . -2.77 0.69 2.61
C11 17F QA . -5.64 -6.88 -3.45
C12 17F QA . -6.03 -8.39 -3.38
C17 17F QA . -3.38 -0.21 2.02
C18 17F QA . -2.72 -0.90 0.84
C19 17F QA . -2.00 -2.23 1.18
C20 17F QA . -0.53 -2.27 0.62
C1X 17F QA . -5.37 -9.18 -4.52
C1Y 17F QA . 0.16 -3.62 0.98
C1Z 17F QA . 0.28 -4.51 -0.26
C2X 17F QA . -5.74 -10.75 -4.48
C21 17F QA . -4.85 -11.54 -3.48
C22 17F QA . -5.08 -12.75 -3.09
C23 17F QA . -6.19 -13.62 -3.48
C24 17F QA . -7.42 -13.52 -2.60
C25 17F QA . -8.59 -14.42 -2.98
C26 17F QA . -8.55 -15.91 -2.39
C27 17F QA . -9.73 -16.78 -2.79
C28 17F QA . -9.51 -18.19 -2.13
C29 17F QA . -10.24 -19.21 -2.92
C30 17F QA . -10.12 -20.61 -2.39
C31 17F QA . -0.69 -5.74 -0.34
C32 17F QA . -0.55 -6.62 -1.61
C33 17F QA . -1.77 -7.52 -1.74
C34 17F QA . -1.98 -8.40 -2.71
C35 17F QA . -1.05 -8.69 -3.87
C36 17F QA . 0.14 -9.63 -3.55
C37 17F QA . 0.12 -10.79 -4.48
C38 17F QA . 1.12 -10.69 -5.66
C39 17F QA . 1.04 -11.91 -6.58
C40 17F QA . 2.34 -12.71 -6.54
C41 17F QA . 2.35 -13.73 -5.34
C42 17F QA . 1.64 -15.08 -5.51
C1 PCW RA . 13.12 -33.41 11.80
C2 PCW RA . 12.53 -32.68 13.07
C3 PCW RA . 13.33 -33.10 14.34
C4 PCW RA . 10.61 -35.02 8.59
C5 PCW RA . 9.66 -36.02 9.25
C6 PCW RA . 7.34 -36.09 8.19
C7 PCW RA . 8.71 -38.11 8.33
C8 PCW RA . 8.00 -37.12 9.72
C11 PCW RA . 13.59 -32.32 16.60
C12 PCW RA . 12.84 -31.60 17.68
C13 PCW RA . 12.95 -30.05 17.41
C14 PCW RA . 12.23 -29.16 18.43
C15 PCW RA . 11.03 -28.34 17.87
C16 PCW RA . 11.17 -26.81 18.24
C17 PCW RA . 12.14 -25.96 17.36
C18 PCW RA . 12.46 -24.59 17.96
C19 PCW RA . 13.96 -24.22 17.79
C20 PCW RA . 14.77 -23.85 18.86
C21 PCW RA . 14.49 -23.73 20.32
C22 PCW RA . 15.04 -22.35 20.78
C23 PCW RA . 16.42 -22.32 21.49
C24 PCW RA . 16.40 -22.13 22.97
C25 PCW RA . 16.59 -20.72 23.60
C26 PCW RA . 17.77 -20.56 24.56
C27 PCW RA . 18.54 -19.23 24.54
C28 PCW RA . 19.53 -19.19 25.67
C31 PCW RA . 11.51 -30.59 12.62
C32 PCW RA . 11.80 -29.08 12.53
C33 PCW RA . 11.82 -28.27 13.91
C34 PCW RA . 11.30 -26.84 13.78
C35 PCW RA . 9.73 -26.93 14.00
C36 PCW RA . 9.15 -25.70 14.73
C37 PCW RA . 7.60 -25.72 14.97
C38 PCW RA . 7.26 -25.43 16.40
C39 PCW RA . 5.78 -25.45 16.66
C40 PCW RA . 5.03 -24.46 17.14
C41 PCW RA . 5.57 -23.10 17.53
C42 PCW RA . 5.05 -22.77 19.00
C43 PCW RA . 6.07 -22.45 20.08
C44 PCW RA . 5.30 -22.17 21.37
C45 PCW RA . 6.05 -21.40 22.41
C46 PCW RA . 5.31 -21.25 23.71
C47 PCW RA . 6.15 -20.93 24.93
C48 PCW RA . 5.27 -20.81 26.19
N PCW RA . 8.67 -36.68 8.46
O2 PCW RA . 12.65 -31.20 12.93
O3 PCW RA . 12.80 -32.44 15.50
O11 PCW RA . 14.72 -32.74 16.69
O31 PCW RA . 10.39 -31.13 12.44
O1P PCW RA . 12.65 -33.03 8.01
O2P PCW RA . 14.10 -34.59 9.30
O3P PCW RA . 12.67 -32.86 10.54
O4P PCW RA . 11.73 -34.86 9.49
P PCW RA . 12.84 -33.84 9.27
C1 PCW SA . 13.30 -28.24 -2.56
C2 PCW SA . 13.38 -27.20 -1.37
C3 PCW SA . 12.15 -26.23 -1.39
C4 PCW SA . 16.33 -32.09 -2.65
C5 PCW SA . 17.48 -31.09 -2.55
C6 PCW SA . 18.36 -32.03 -0.34
C7 PCW SA . 19.66 -30.38 -1.58
C8 PCW SA . 18.00 -30.16 -0.79
C11 PCW SA . 12.58 -24.03 -0.60
C12 PCW SA . 12.63 -23.23 0.68
C13 PCW SA . 14.11 -23.26 1.21
C14 PCW SA . 14.35 -22.48 2.51
C15 PCW SA . 15.58 -22.93 3.34
C16 PCW SA . 15.15 -23.77 4.59
C17 PCW SA . 16.12 -24.90 5.07
C18 PCW SA . 15.54 -25.80 6.15
C19 PCW SA . 16.13 -25.51 7.56
C20 PCW SA . 15.40 -24.89 8.55
C21 PCW SA . 14.01 -24.38 8.60
C22 PCW SA . 13.58 -24.38 10.10
C23 PCW SA . 14.14 -23.26 11.01
C24 PCW SA . 13.16 -22.49 11.84
C25 PCW SA . 12.36 -23.19 12.98
C26 PCW SA . 11.78 -22.30 14.06
C27 PCW SA . 10.54 -21.45 13.71
C28 PCW SA . 9.34 -21.94 14.49
C31 PCW SA . 14.52 -27.95 0.57
C32 PCW SA . 14.32 -28.71 1.89
C33 PCW SA . 13.81 -27.83 3.12
C34 PCW SA . 12.33 -28.06 3.45
C35 PCW SA . 11.86 -26.76 4.22
C36 PCW SA . 10.54 -26.97 5.00
C37 PCW SA . 10.02 -25.71 5.78
C38 PCW SA . 8.91 -25.04 5.05
C39 PCW SA . 8.39 -23.82 5.78
C40 PCW SA . 8.79 -22.56 5.64
C41 PCW SA . 9.87 -22.11 4.66
C42 PCW SA . 10.91 -21.20 5.46
C43 PCW SA . 12.18 -21.84 5.99
C44 PCW SA . 12.96 -20.75 6.70
C45 PCW SA . 14.26 -20.35 6.05
C46 PCW SA . 15.38 -20.12 7.02
C47 PCW SA . 16.64 -20.93 6.80
C48 PCW SA . 17.70 -20.59 7.87
N PCW SA . 18.54 -31.29 -1.60
O2 PCW SA . 13.35 -27.92 -0.06
O3 PCW SA . 12.24 -25.31 -0.31
O11 PCW SA . 12.80 -23.59 -1.70
O31 PCW SA . 15.61 -27.47 0.16
O1P PCW SA . 14.60 -30.74 -0.76
O2P PCW SA . 12.86 -31.13 -2.51
O3P PCW SA . 14.44 -29.10 -2.67
O4P PCW SA . 15.17 -31.36 -3.13
P PCW SA . 14.21 -30.62 -2.20
C1 PCW TA . 4.44 -32.26 -9.61
C2 PCW TA . 4.24 -30.71 -9.78
C3 PCW TA . 4.13 -30.03 -8.37
C4 PCW TA . 7.45 -31.90 -7.71
C5 PCW TA . 7.97 -30.49 -7.42
C6 PCW TA . 10.50 -30.58 -7.14
C7 PCW TA . 9.47 -28.91 -8.61
C8 PCW TA . 9.29 -29.07 -6.78
C11 PCW TA . 4.96 -27.78 -8.20
C12 PCW TA . 4.54 -26.35 -8.43
C13 PCW TA . 3.77 -25.86 -7.14
C14 PCW TA . 3.26 -24.41 -7.20
C15 PCW TA . 1.75 -24.23 -6.92
C16 PCW TA . 1.44 -24.24 -5.38
C17 PCW TA . 0.28 -23.33 -4.87
C18 PCW TA . 0.76 -22.18 -3.99
C19 PCW TA . -0.39 -21.47 -3.24
C20 PCW TA . -0.95 -20.28 -3.68
C21 PCW TA . -0.66 -19.41 -4.85
C22 PCW TA . -1.79 -18.34 -4.91
C23 PCW TA . -2.21 -17.82 -6.31
C24 PCW TA . -1.20 -16.99 -7.04
C25 PCW TA . -1.63 -16.08 -8.23
C26 PCW TA . -1.66 -14.59 -7.98
C27 PCW TA . -2.94 -13.99 -7.36
C28 PCW TA . -2.58 -13.09 -6.20
C31 PCW TA . 5.11 -29.43 -11.59
C32 PCW TA . 6.41 -28.88 -12.17
C33 PCW TA . 7.01 -27.59 -11.44
C34 PCW TA . 8.44 -27.26 -11.87
C35 PCW TA . 8.79 -25.89 -11.15
C36 PCW TA . 8.44 -24.66 -12.01
C37 PCW TA . 8.76 -23.27 -11.36
C38 PCW TA . 7.74 -22.25 -11.73
C39 PCW TA . 8.02 -20.90 -11.12
C40 PCW TA . 7.45 -19.74 -11.44
C41 PCW TA . 6.39 -19.57 -12.52
C42 PCW TA . 5.22 -18.68 -11.92
C43 PCW TA . 4.05 -19.37 -11.24
C44 PCW TA . 3.08 -18.29 -10.78
C45 PCW TA . 2.37 -18.57 -9.48
C46 PCW TA . 0.95 -19.03 -9.66
C47 PCW TA . 0.48 -20.13 -8.73
C48 PCW TA . -0.98 -20.49 -9.02
N PCW TA . 9.28 -30.12 -7.84
O2 PCW TA . 5.42 -30.10 -10.48
O3 PCW TA . 3.94 -28.61 -8.53
O11 PCW TA . 6.03 -28.12 -7.78
O31 PCW TA . 3.94 -29.27 -12.07
O1P PCW TA . 6.56 -34.40 -8.87
O2P PCW TA . 7.88 -33.58 -10.83
O3P PCW TA . 5.42 -32.84 -10.50
O4P PCW TA . 7.27 -32.00 -9.14
P PCW TA . 6.82 -33.28 -9.83
C1 PCW UA . 2.12 -35.54 5.34
C2 PCW UA . 1.72 -36.55 6.48
C3 PCW UA . 2.98 -36.94 7.33
C4 PCW UA . 4.00 -38.33 4.27
C5 PCW UA . 4.02 -39.58 3.39
C6 PCW UA . 4.50 -42.07 3.73
C7 PCW UA . 2.33 -41.12 4.36
C8 PCW UA . 3.06 -41.24 2.66
C11 PCW UA . 2.60 -39.18 8.08
C12 PCW UA . 2.19 -39.96 9.29
C13 PCW UA . 0.66 -40.31 9.16
C14 PCW UA . 0.08 -41.11 10.32
C15 PCW UA . -0.93 -40.35 11.24
C16 PCW UA . -0.16 -39.47 12.30
C17 PCW UA . -0.93 -39.10 13.60
C18 PCW UA . -0.30 -39.70 14.87
C19 PCW UA . -1.23 -40.71 15.57
C20 PCW UA . -1.97 -40.38 16.69
C21 PCW UA . -2.10 -39.11 17.47
C22 PCW UA . -3.31 -39.30 18.44
C23 PCW UA . -3.01 -39.44 19.95
C24 PCW UA . -4.10 -39.06 20.90
C25 PCW UA . -4.00 -37.79 21.79
C26 PCW UA . -3.91 -36.46 21.06
C27 PCW UA . -4.55 -35.22 21.72
C28 PCW UA . -3.72 -33.98 21.44
C31 PCW UA . -0.34 -36.64 7.67
C32 PCW UA . -1.24 -35.84 8.62
C33 PCW UA . -2.46 -35.07 7.92
C34 PCW UA . -2.02 -33.83 7.14
C35 PCW UA . -2.40 -32.60 8.06
C36 PCW UA . -2.47 -31.27 7.27
C37 PCW UA . -2.83 -30.01 8.11
C38 PCW UA . -4.27 -29.61 7.93
C39 PCW UA . -4.64 -28.39 8.73
C40 PCW UA . -5.79 -28.16 9.38
C41 PCW UA . -6.95 -29.14 9.40
C42 PCW UA . -8.04 -28.60 10.45
C43 PCW UA . -7.94 -29.04 11.89
C44 PCW UA . -9.08 -28.38 12.64
C45 PCW UA . -8.67 -27.26 13.56
C46 PCW UA . -8.57 -27.66 15.00
C47 PCW UA . -8.64 -26.56 16.02
C48 PCW UA . -8.52 -27.12 17.45
N PCW UA . 3.69 -40.85 3.96
O2 PCW UA . 0.74 -35.90 7.39
O3 PCW UA . 2.60 -37.85 8.36
O11 PCW UA . 2.90 -39.66 7.01
O31 PCW UA . -0.58 -37.81 7.23
O1P PCW UA . 1.10 -38.30 4.03
O2P PCW UA . 1.59 -37.15 1.88
O3P PCW UA . 1.47 -35.79 4.07
O4P PCW UA . 3.34 -37.28 3.51
P PCW UA . 1.84 -37.19 3.34
C1 PCW VA . 12.67 -25.00 -20.81
C2 PCW VA . 11.88 -24.24 -19.66
C3 PCW VA . 12.88 -23.40 -18.80
C4 PCW VA . 8.99 -26.88 -22.03
C5 PCW VA . 8.19 -27.24 -20.77
C6 PCW VA . 6.16 -25.70 -20.74
C7 PCW VA . 5.93 -28.07 -20.23
C8 PCW VA . 6.87 -26.80 -19.28
C11 PCW VA . 12.80 -22.52 -16.57
C12 PCW VA . 11.87 -21.79 -15.63
C13 PCW VA . 12.01 -20.25 -15.91
C14 PCW VA . 11.12 -19.35 -15.03
C15 PCW VA . 11.11 -17.83 -15.42
C16 PCW VA . 10.44 -16.99 -14.28
C17 PCW VA . 9.90 -15.57 -14.66
C18 PCW VA . 8.37 -15.47 -14.60
C19 PCW VA . 7.70 -15.70 -15.98
C20 PCW VA . 7.44 -14.67 -16.87
C21 PCW VA . 7.70 -13.20 -16.79
C22 PCW VA . 6.40 -12.55 -16.24
C23 PCW VA . 6.23 -11.02 -16.43
C24 PCW VA . 6.60 -10.14 -15.28
C25 PCW VA . 8.00 -9.45 -15.22
C26 PCW VA . 7.99 -7.94 -15.07
C27 PCW VA . 9.16 -7.29 -14.31
C28 PCW VA . 8.72 -6.90 -12.92
C31 PCW VA . 9.61 -23.63 -19.93
C32 PCW VA . 8.69 -22.57 -20.58
C33 PCW VA . 7.76 -21.77 -19.55
C34 PCW VA . 8.54 -20.92 -18.55
C35 PCW VA . 8.99 -19.63 -19.36
C36 PCW VA . 10.53 -19.51 -19.47
C37 PCW VA . 11.04 -18.27 -20.26
C38 PCW VA . 11.30 -18.60 -21.69
C39 PCW VA . 11.80 -17.41 -22.48
C40 PCW VA . 12.83 -17.38 -23.32
C41 PCW VA . 13.71 -18.57 -23.64
C42 PCW VA . 15.21 -18.04 -23.78
C43 PCW VA . 15.98 -18.38 -25.04
C44 PCW VA . 17.36 -17.76 -24.90
C45 PCW VA . 17.72 -16.72 -25.94
C46 PCW VA . 18.17 -15.42 -25.35
C47 PCW VA . 17.22 -14.25 -25.47
C48 PCW VA . 17.81 -12.99 -24.83
N PCW VA . 6.78 -27.03 -20.76
O2 PCW VA . 10.88 -23.31 -20.23
O3 PCW VA . 12.17 -22.72 -17.76
O11 PCW VA . 13.91 -22.87 -16.31
O31 PCW VA . 9.24 -24.61 -19.26
O1P PCW VA . 10.99 -26.26 -24.01
O2P PCW VA . 12.49 -27.49 -22.46
O3P PCW VA . 11.99 -24.98 -22.08
O4P PCW VA . 10.37 -26.75 -21.63
P PCW VA . 11.48 -26.42 -22.60
C1 PCW WA . -13.14 -24.12 -20.54
C2 PCW WA . -12.83 -22.59 -20.39
C3 PCW WA . -14.00 -21.88 -19.60
C4 PCW WA . -11.73 -26.65 -24.29
C5 PCW WA . -11.07 -25.53 -25.11
C6 PCW WA . -10.52 -25.96 -27.56
C7 PCW WA . -12.20 -24.30 -26.93
C8 PCW WA . -10.39 -24.27 -26.58
C11 PCW WA . -14.48 -19.60 -20.18
C12 PCW WA . -14.02 -18.19 -19.89
C13 PCW WA . -15.01 -17.58 -18.84
C14 PCW WA . -14.70 -16.13 -18.42
C15 PCW WA . -15.88 -15.36 -17.76
C16 PCW WA . -16.96 -14.94 -18.84
C17 PCW WA . -18.44 -15.35 -18.56
C18 PCW WA . -18.90 -16.56 -19.38
C19 PCW WA . -20.22 -17.17 -18.85
C20 PCW WA . -21.07 -17.92 -19.65
C21 PCW WA . -21.00 -18.31 -21.08
C22 PCW WA . -22.47 -18.51 -21.56
C23 PCW WA . -22.79 -18.11 -23.03
C24 PCW WA . -23.26 -16.71 -23.27
C25 PCW WA . -22.27 -15.59 -23.68
C26 PCW WA . -22.37 -15.09 -25.12
C27 PCW WA . -21.20 -15.40 -26.07
C28 PCW WA . -21.68 -15.38 -27.50
C31 PCW WA . -10.49 -22.22 -20.32
C32 PCW WA . -9.30 -22.03 -19.36
C33 PCW WA . -8.55 -20.63 -19.47
C34 PCW WA . -7.99 -20.14 -18.14
C35 PCW WA . -7.35 -18.71 -18.43
C36 PCW WA . -6.37 -18.26 -17.32
C37 PCW WA . -5.71 -16.86 -17.54
C38 PCW WA . -5.98 -15.94 -16.40
C39 PCW WA . -5.35 -14.58 -16.57
C40 PCW WA . -5.88 -13.41 -16.25
C41 PCW WA . -7.25 -13.24 -15.63
C42 PCW WA . -7.37 -11.75 -15.06
C43 PCW WA . -8.31 -11.47 -13.92
C44 PCW WA . -8.20 -9.99 -13.59
C45 PCW WA . -9.40 -9.39 -12.89
C46 PCW WA . -9.60 -7.94 -13.20
C47 PCW WA . -10.02 -7.05 -12.05
C48 PCW WA . -10.20 -5.60 -12.50
N PCW WA . -11.37 -25.39 -26.50
O2 PCW WA . -11.58 -22.39 -19.58
O3 PCW WA . -13.72 -20.48 -19.47
O11 PCW WA . -15.37 -19.91 -20.92
O31 PCW WA . -10.43 -22.21 -21.58
O1P PCW WA . -11.55 -27.30 -21.46
O2P PCW WA . -13.96 -26.65 -21.46
O3P PCW WA . -12.12 -24.86 -21.24
O4P PCW WA . -12.61 -26.00 -23.34
P PCW WA . -12.58 -26.28 -21.85
C1 PCW XA . 6.54 -24.39 -28.12
C2 PCW XA . 5.93 -22.94 -28.01
C3 PCW XA . 6.05 -22.21 -29.38
C4 PCW XA . 9.27 -23.50 -25.11
C5 PCW XA . 10.27 -22.42 -25.55
C6 PCW XA . 12.29 -23.61 -24.96
C7 PCW XA . 11.50 -21.93 -23.55
C8 PCW XA . 12.45 -21.27 -25.51
C11 PCW XA . 6.27 -19.83 -29.64
C12 PCW XA . 5.50 -18.55 -29.43
C13 PCW XA . 4.36 -18.50 -30.50
C14 PCW XA . 3.47 -17.25 -30.44
C15 PCW XA . 2.78 -16.86 -31.79
C16 PCW XA . 1.22 -16.76 -31.59
C17 PCW XA . 0.34 -17.74 -32.45
C18 PCW XA . -0.77 -17.03 -33.22
C19 PCW XA . -1.80 -18.02 -33.82
C20 PCW XA . -2.24 -17.95 -35.14
C21 PCW XA . -1.89 -17.04 -36.25
C22 PCW XA . -3.23 -16.60 -36.91
C23 PCW XA . -3.78 -15.19 -36.53
C24 PCW XA . -5.07 -15.16 -35.77
C25 PCW XA . -5.10 -15.43 -34.24
C26 PCW XA . -4.07 -14.70 -33.39
C27 PCW XA . -4.58 -13.75 -32.29
C28 PCW XA . -3.60 -12.63 -32.09
C31 PCW XA . 4.22 -22.84 -26.37
C32 PCW XA . 2.70 -22.95 -26.18
C33 PCW XA . 1.85 -21.75 -26.80
C34 PCW XA . 1.01 -21.00 -25.76
C35 PCW XA . -0.20 -20.36 -26.55
C36 PCW XA . -1.14 -19.54 -25.63
C37 PCW XA . -2.36 -18.87 -26.34
C38 PCW XA . -3.62 -19.67 -26.15
C39 PCW XA . -4.81 -19.04 -26.82
C40 PCW XA . -6.03 -18.90 -26.32
C41 PCW XA . -6.44 -19.35 -24.93
C42 PCW XA . -7.76 -18.58 -24.50
C43 PCW XA . -7.65 -17.12 -24.06
C44 PCW XA . -9.04 -16.65 -23.71
C45 PCW XA . -9.88 -16.21 -24.89
C46 PCW XA . -10.05 -14.73 -24.99
C47 PCW XA . -10.40 -14.18 -26.35
C48 PCW XA . -10.55 -12.65 -26.31
N PCW XA . 11.55 -22.32 -24.92
O2 PCW XA . 4.48 -23.02 -27.66
O3 PCW XA . 5.49 -20.89 -29.26
O11 PCW XA . 7.40 -19.91 -30.04
O31 PCW XA . 5.07 -22.64 -25.46
O1P PCW XA . 7.93 -26.08 -24.97
O2P PCW XA . 8.81 -26.32 -27.29
O3P PCW XA . 6.59 -25.10 -26.86
O4P PCW XA . 8.77 -24.13 -26.32
P PCW XA . 8.06 -25.47 -26.34
C1 PCW YA . 35.60 -26.59 12.52
C2 PCW YA . 35.61 -25.45 13.60
C3 PCW YA . 36.98 -25.41 14.35
C4 PCW YA . 31.20 -27.27 12.82
C5 PCW YA . 30.96 -25.87 13.38
C6 PCW YA . 29.46 -26.58 15.14
C7 PCW YA . 30.18 -24.35 15.05
C8 PCW YA . 31.69 -25.90 15.74
C11 PCW YA . 36.34 -24.59 16.52
C12 PCW YA . 36.46 -23.37 17.40
C13 PCW YA . 35.66 -22.19 16.72
C14 PCW YA . 35.67 -20.87 17.49
C15 PCW YA . 34.76 -20.80 18.75
C16 PCW YA . 34.43 -19.31 19.12
C17 PCW YA . 33.17 -19.07 20.02
C18 PCW YA . 33.45 -18.18 21.23
C19 PCW YA . 32.79 -18.72 22.53
C20 PCW YA . 32.98 -18.12 23.77
C21 PCW YA . 33.77 -16.94 24.20
C22 PCW YA . 32.92 -16.19 25.25
C23 PCW YA . 33.03 -16.66 26.73
C24 PCW YA . 33.75 -15.76 27.68
C25 PCW YA . 32.98 -15.04 28.84
C26 PCW YA . 32.85 -13.54 28.73
C27 PCW YA . 31.43 -12.94 28.70
C28 PCW YA . 31.49 -11.44 28.50
C31 PCW YA . 34.31 -23.48 13.26
C32 PCW YA . 34.28 -22.14 12.50
C33 PCW YA . 35.24 -20.99 13.08
C34 PCW YA . 35.64 -19.96 12.03
C35 PCW YA . 37.19 -19.72 12.24
C36 PCW YA . 37.63 -18.30 11.81
C37 PCW YA . 39.15 -17.99 11.99
C38 PCW YA . 39.39 -16.56 12.35
C39 PCW YA . 40.86 -16.25 12.52
C40 PCW YA . 41.39 -15.08 12.87
C41 PCW YA . 40.59 -13.81 13.13
C42 PCW YA . 41.35 -12.97 14.26
C43 PCW YA . 40.52 -12.14 15.21
C44 PCW YA . 41.50 -11.45 16.16
C45 PCW YA . 41.22 -11.66 17.63
C46 PCW YA . 41.89 -10.64 18.51
C47 PCW YA . 42.02 -11.02 19.98
C48 PCW YA . 42.72 -9.89 20.76
N PCW YA . 30.59 -25.68 14.75
O2 PCW YA . 35.43 -24.12 12.93
O3 PCW YA . 36.96 -24.35 15.33
O11 PCW YA . 35.79 -25.62 16.83
O31 PCW YA . 33.41 -23.90 14.04
O1P PCW YA . 32.70 -27.85 10.38
O2P PCW YA . 34.20 -29.07 11.95
O3P PCW YA . 34.48 -26.54 11.60
O4P PCW YA . 32.65 -27.50 12.88
P PCW YA . 33.49 -27.81 11.66
C1 PCW ZA . 14.99 -16.77 -29.16
C2 PCW ZA . 13.44 -16.61 -28.93
C3 PCW ZA . 13.08 -16.92 -27.44
C4 PCW ZA . 17.83 -15.32 -32.84
C5 PCW ZA . 18.52 -16.49 -33.55
C6 PCW ZA . 20.91 -15.88 -34.20
C7 PCW ZA . 20.45 -17.90 -32.90
C8 PCW ZA . 19.91 -17.52 -34.62
C11 PCW ZA . 10.86 -17.83 -27.57
C12 PCW ZA . 9.43 -17.47 -27.28
C13 PCW ZA . 9.00 -18.21 -25.96
C14 PCW ZA . 7.57 -17.97 -25.52
C15 PCW ZA . 6.63 -19.20 -25.54
C16 PCW ZA . 5.24 -18.87 -24.86
C17 PCW ZA . 4.00 -18.74 -25.81
C18 PCW ZA . 3.63 -17.29 -26.12
C19 PCW ZA . 2.10 -17.07 -26.18
C20 PCW ZA . 1.54 -15.81 -26.35
C21 PCW ZA . 2.14 -14.46 -26.51
C22 PCW ZA . 2.26 -13.85 -25.09
C23 PCW ZA . 3.67 -13.44 -24.59
C24 PCW ZA . 3.83 -13.22 -23.12
C25 PCW ZA . 4.88 -12.21 -22.56
C26 PCW ZA . 4.76 -11.86 -21.10
C27 PCW ZA . 4.64 -10.38 -20.72
C28 PCW ZA . 3.65 -10.20 -19.58
C31 PCW ZA . 12.13 -15.08 -30.19
C32 PCW ZA . 11.82 -13.59 -30.37
C33 PCW ZA . 11.20 -12.85 -29.10
C34 PCW ZA . 10.33 -11.64 -29.46
C35 PCW ZA . 11.34 -10.44 -29.69
C36 PCW ZA . 10.72 -9.29 -30.51
C37 PCW ZA . 11.66 -8.07 -30.78
C38 PCW ZA . 10.91 -6.89 -31.29
C39 PCW ZA . 11.81 -5.70 -31.56
C40 PCW ZA . 11.50 -4.41 -31.39
C41 PCW ZA . 10.16 -3.90 -30.87
C42 PCW ZA . 10.44 -3.01 -29.58
C43 PCW ZA . 10.48 -1.51 -29.73
C44 PCW ZA . 10.76 -0.93 -28.34
C45 PCW ZA . 9.76 0.10 -27.87
C46 PCW ZA . 10.28 1.50 -27.91
C47 PCW ZA . 9.61 2.45 -28.89
C48 PCW ZA . 10.24 3.85 -28.83
N PCW ZA . 19.93 -16.65 -33.41
O2 PCW ZA . 13.04 -15.20 -29.22
O3 PCW ZA . 11.66 -16.77 -27.25
O11 PCW ZA . 11.25 -18.88 -27.98
O31 PCW ZA . 11.61 -16.03 -30.83
O1P PCW ZA . 15.60 -14.13 -31.41
O2P PCW ZA . 16.96 -14.74 -29.40
O3P PCW ZA . 15.41 -16.47 -30.52
O4P PCW ZA . 17.51 -15.77 -31.50
P PCW ZA . 16.36 -15.20 -30.68
C1 PCW AB . 37.07 -13.03 -19.31
C2 PCW AB . 37.42 -11.49 -19.28
C3 PCW AB . 36.41 -10.71 -20.18
C4 PCW AB . 38.38 -16.85 -16.83
C5 PCW AB . 37.52 -17.40 -15.69
C6 PCW AB . 39.29 -18.10 -14.19
C7 PCW AB . 38.29 -19.68 -15.59
C8 PCW AB . 37.06 -18.94 -13.82
C11 PCW AB . 37.40 -8.79 -21.22
C12 PCW AB . 37.62 -7.32 -21.02
C13 PCW AB . 38.98 -7.12 -20.27
C14 PCW AB . 39.36 -5.67 -19.98
C15 PCW AB . 38.35 -4.87 -19.09
C16 PCW AB . 38.35 -3.35 -19.49
C17 PCW AB . 37.19 -2.87 -20.43
C18 PCW AB . 37.47 -1.50 -21.07
C19 PCW AB . 38.23 -1.60 -22.41
C20 PCW AB . 39.26 -0.73 -22.73
C21 PCW AB . 39.85 0.43 -22.02
C22 PCW AB . 40.74 1.19 -23.05
C23 PCW AB . 40.26 2.59 -23.51
C24 PCW AB . 39.15 2.62 -24.52
C25 PCW AB . 38.49 3.96 -24.96
C26 PCW AB . 37.44 4.54 -24.04
C27 PCW AB . 36.11 3.78 -23.88
C28 PCW AB . 35.42 4.20 -22.61
C31 PCW AB . 38.35 -10.31 -17.44
C32 PCW AB . 38.05 -9.85 -16.01
C33 PCW AB . 37.44 -8.38 -15.87
C34 PCW AB . 38.46 -7.34 -15.39
C35 PCW AB . 38.24 -7.20 -13.83
C36 PCW AB . 39.38 -7.84 -13.02
C37 PCW AB . 39.24 -7.75 -11.46
C38 PCW AB . 38.55 -8.94 -10.88
C39 PCW AB . 38.41 -8.86 -9.39
C40 PCW AB . 37.45 -8.25 -8.69
C41 PCW AB . 36.29 -7.49 -9.32
C42 PCW AB . 35.44 -6.81 -8.17
C43 PCW AB . 35.89 -5.46 -7.65
C44 PCW AB . 34.91 -5.05 -6.57
C45 PCW AB . 35.10 -3.65 -6.02
C46 PCW AB . 34.44 -2.58 -6.85
C47 PCW AB . 33.90 -1.39 -6.09
C48 PCW AB . 33.25 -0.39 -7.05
N PCW AB . 38.02 -18.47 -14.87
O2 PCW AB . 37.28 -10.97 -17.89
O3 PCW AB . 36.72 -9.31 -20.16
O11 PCW AB . 37.77 -9.43 -22.18
O31 PCW AB . 39.42 -10.09 -18.07
O1P PCW AB . 38.97 -15.19 -19.15
O2P PCW AB . 39.76 -13.58 -17.41
O3P PCW AB . 37.27 -13.70 -18.04
O4P PCW AB . 38.36 -15.41 -16.71
P PCW AB . 38.67 -14.46 -17.87
C1 PCW BB . -17.60 -31.26 -13.85
C2 PCW BB . -17.59 -29.73 -13.48
C3 PCW BB . -19.06 -29.24 -13.21
C4 PCW BB . -13.82 -32.17 -14.52
C5 PCW BB . -13.48 -31.56 -15.87
C6 PCW BB . -11.61 -29.93 -16.49
C7 PCW BB . -11.30 -32.34 -16.77
C8 PCW BB . -12.50 -31.24 -17.65
C11 PCW BB . -19.55 -27.49 -11.65
C12 PCW BB . -19.44 -25.99 -11.49
C13 PCW BB . -18.64 -25.69 -10.17
C14 PCW BB . -18.44 -24.21 -9.86
C15 PCW BB . -19.27 -23.65 -8.67
C16 PCW BB . -20.69 -23.20 -9.14
C17 PCW BB . -21.10 -21.71 -8.90
C18 PCW BB . -22.48 -21.54 -8.26
C19 PCW BB . -22.46 -21.70 -6.73
C20 PCW BB . -23.45 -21.16 -5.92
C21 PCW BB . -24.69 -20.40 -6.22
C22 PCW BB . -24.66 -19.12 -5.32
C23 PCW BB . -24.63 -17.75 -6.05
C24 PCW BB . -25.95 -17.25 -6.58
C25 PCW BB . -26.77 -16.17 -5.81
C26 PCW BB . -27.20 -14.94 -6.59
C27 PCW BB . -28.55 -15.00 -7.33
C28 PCW BB . -28.41 -14.34 -8.68
C31 PCW BB . -15.51 -29.33 -12.39
C32 PCW BB . -14.87 -29.11 -11.01
C33 PCW BB . -14.48 -27.60 -10.68
C34 PCW BB . -13.73 -27.45 -9.34
C35 PCW BB . -12.28 -26.94 -9.73
C36 PCW BB . -11.32 -26.90 -8.52
C37 PCW BB . -9.88 -26.40 -8.82
C38 PCW BB . -9.67 -24.99 -8.36
C39 PCW BB . -8.28 -24.49 -8.64
C40 PCW BB . -7.53 -23.73 -7.84
C41 PCW BB . -7.98 -23.24 -6.47
C42 PCW BB . -8.36 -21.69 -6.60
C43 PCW BB . -7.59 -20.68 -5.77
C44 PCW BB . -8.15 -19.31 -6.10
C45 PCW BB . -7.15 -18.20 -6.16
C46 PCW BB . -6.95 -17.64 -7.54
C47 PCW BB . -5.51 -17.42 -7.97
C48 PCW BB . -5.44 -16.85 -9.39
N PCW BB . -12.11 -31.29 -16.21
O2 PCW BB . -16.83 -29.51 -12.21
O3 PCW BB . -19.05 -27.84 -12.86
O11 PCW BB . -20.00 -28.24 -10.83
O31 PCW BB . -14.91 -29.34 -13.50
O1P PCW BB . -15.03 -33.62 -12.32
O2P PCW BB . -16.64 -34.36 -14.06
O3P PCW BB . -16.99 -32.12 -12.86
O4P PCW BB . -15.24 -32.47 -14.54
P PCW BB . -15.95 -33.22 -13.43
C1 PCW CB . 19.32 -34.12 8.23
C2 PCW CB . 18.97 -32.67 8.75
C3 PCW CB . 20.10 -31.66 8.34
C4 PCW CB . 21.46 -32.51 4.70
C5 PCW CB . 22.53 -33.05 3.76
C6 PCW CB . 24.50 -31.44 3.48
C7 PCW CB . 24.87 -33.75 4.22
C8 PCW CB . 24.22 -33.18 2.59
C11 PCW CB . 19.91 -30.06 10.14
C12 PCW CB . 19.52 -28.63 10.39
C13 PCW CB . 20.55 -27.71 9.64
C14 PCW CB . 20.30 -26.21 9.78
C15 PCW CB . 20.51 -25.61 11.21
C16 PCW CB . 20.31 -24.06 11.19
C17 PCW CB . 20.04 -23.35 12.55
C18 PCW CB . 18.57 -23.36 12.96
C19 PCW CB . 17.76 -22.20 12.34
C20 PCW CB . 16.99 -21.34 13.11
C21 PCW CB . 16.72 -21.27 14.57
C22 PCW CB . 16.17 -19.85 14.85
C23 PCW CB . 15.41 -19.62 16.19
C24 PCW CB . 14.17 -20.45 16.40
C25 PCW CB . 12.90 -19.83 17.06
C26 PCW CB . 12.68 -20.18 18.53
C27 PCW CB . 12.61 -19.01 19.54
C28 PCW CB . 13.97 -18.74 20.12
C31 PCW CB . 16.71 -32.02 9.00
C32 PCW CB . 15.48 -31.53 8.22
C33 PCW CB . 14.87 -30.14 8.73
C34 PCW CB . 13.68 -29.67 7.88
C35 PCW CB . 12.48 -29.51 8.91
C36 PCW CB . 11.10 -29.69 8.24
C37 PCW CB . 9.87 -29.55 9.18
C38 PCW CB . 9.63 -28.14 9.58
C39 PCW CB . 8.43 -27.98 10.49
C40 PCW CB . 7.47 -27.05 10.41
C41 PCW CB . 7.41 -25.96 9.35
C42 PCW CB . 7.98 -24.62 9.99
C43 PCW CB . 9.33 -24.10 9.53
C44 PCW CB . 9.61 -22.82 10.29
C45 PCW CB . 10.11 -21.66 9.45
C46 PCW CB . 9.02 -20.72 9.02
C47 PCW CB . 9.46 -19.42 8.39
C48 PCW CB . 8.24 -18.56 8.00
N PCW CB . 23.90 -32.70 3.97
O2 PCW CB . 17.70 -32.19 8.13
O3 PCW CB . 19.77 -30.34 8.81
O11 PCW CB . 20.29 -30.83 10.98
O31 PCW CB . 16.76 -32.23 10.26
O1P PCW CB . 21.69 -34.37 6.90
O2P PCW CB . 20.50 -35.92 5.33
O3P PCW CB . 19.16 -34.28 6.80
O4P PCW CB . 20.46 -33.56 4.86
P PCW CB . 20.52 -34.59 5.99
C1 PCW DB . -6.15 -37.70 2.84
C2 PCW DB . -6.49 -36.39 2.02
C3 PCW DB . -7.60 -35.56 2.75
C4 PCW DB . -1.69 -37.66 1.24
C5 PCW DB . -1.26 -36.93 -0.03
C6 PCW DB . 0.67 -38.45 -0.75
C7 PCW DB . -0.55 -37.13 -2.41
C8 PCW DB . 0.48 -36.50 -1.01
C11 PCW DB . -8.95 -34.38 1.15
C12 PCW DB . -9.06 -33.06 0.47
C13 PCW DB . -9.82 -32.07 1.42
C14 PCW DB . -10.02 -30.65 0.87
C15 PCW DB . -10.11 -29.52 1.93
C16 PCW DB . -11.59 -29.01 2.08
C17 PCW DB . -11.81 -27.49 2.32
C18 PCW DB . -13.26 -27.05 2.15
C19 PCW DB . -13.66 -25.89 3.10
C20 PCW DB . -14.83 -25.92 3.84
C21 PCW DB . -15.92 -26.91 3.94
C22 PCW DB . -16.67 -26.63 5.28
C23 PCW DB . -18.19 -26.35 5.20
C24 PCW DB . -19.11 -27.43 5.69
C25 PCW DB . -20.00 -28.23 4.70
C26 PCW DB . -21.46 -27.82 4.62
C27 PCW DB . -22.42 -28.37 5.70
C28 PCW DB . -23.61 -27.44 5.85
C31 PCW DB . -5.05 -35.01 0.74
C32 PCW DB . -3.78 -34.15 0.81
C33 PCW DB . -3.74 -33.09 2.03
C34 PCW DB . -3.99 -31.65 1.59
C35 PCW DB . -4.98 -31.06 2.67
C36 PCW DB . -4.79 -29.53 2.88
C37 PCW DB . -5.74 -28.88 3.93
C38 PCW DB . -5.88 -27.40 3.71
C39 PCW DB . -6.79 -26.74 4.72
C40 PCW DB . -7.87 -26.01 4.46
C41 PCW DB . -8.39 -25.70 3.07
C42 PCW DB . -8.95 -24.21 3.05
C43 PCW DB . -10.30 -23.95 2.42
C44 PCW DB . -10.57 -22.45 2.56
C45 PCW DB . -11.74 -21.94 1.77
C46 PCW DB . -11.74 -20.45 1.60
C47 PCW DB . -13.11 -19.80 1.47
C48 PCW DB . -12.97 -18.28 1.30
N PCW DB . -0.52 -37.61 -1.05
O2 PCW DB . -5.28 -35.52 1.95
O3 PCW DB . -7.89 -34.38 1.99
O11 PCW DB . -9.70 -35.32 0.98
O31 PCW DB . -5.73 -35.22 -0.30
O1P PCW DB . -3.10 -39.76 2.65
O2P PCW DB . -4.86 -39.31 0.95
O3P PCW DB . -4.74 -37.89 3.08
O4P PCW DB . -3.14 -37.68 1.24
P PCW DB . -3.95 -38.73 1.96
C1 PCW EB . 31.73 -25.52 6.91
C2 PCW EB . 31.21 -24.13 7.43
C3 PCW EB . 31.21 -24.11 9.00
C4 PCW EB . 33.51 -26.72 2.60
C5 PCW EB . 34.77 -26.00 2.11
C6 PCW EB . 34.28 -24.86 -0.11
C7 PCW EB . 35.37 -23.62 1.71
C8 PCW EB . 36.02 -25.08 0.77
C11 PCW EB . 30.54 -22.66 10.79
C12 PCW EB . 30.07 -21.25 11.04
C13 PCW EB . 31.28 -20.44 11.61
C14 PCW EB . 31.00 -18.96 11.93
C15 PCW EB . 32.25 -18.03 12.03
C16 PCW EB . 32.39 -17.44 13.49
C17 PCW EB . 33.11 -16.06 13.62
C18 PCW EB . 33.19 -15.56 15.07
C19 PCW EB . 34.06 -14.29 15.21
C20 PCW EB . 35.13 -14.22 16.08
C21 PCW EB . 35.73 -15.20 17.01
C22 PCW EB . 37.02 -15.77 16.33
C23 PCW EB . 37.49 -17.19 16.75
C24 PCW EB . 38.12 -18.02 15.68
C25 PCW EB . 39.01 -19.25 16.04
C26 PCW EB . 40.45 -19.22 15.56
C27 PCW EB . 41.51 -18.59 16.49
C28 PCW EB . 42.54 -17.85 15.67
C31 PCW EB . 31.50 -22.07 6.30
C32 PCW EB . 32.56 -21.02 5.92
C33 PCW EB . 33.07 -20.10 7.12
C34 PCW EB . 34.31 -20.65 7.82
C35 PCW EB . 35.47 -19.62 7.50
C36 PCW EB . 36.87 -20.13 7.93
C37 PCW EB . 38.05 -19.15 7.65
C38 PCW EB . 39.32 -19.59 8.32
C39 PCW EB . 40.45 -18.64 8.05
C40 PCW EB . 41.64 -18.60 8.66
C41 PCW EB . 42.05 -19.53 9.79
C42 PCW EB . 43.52 -19.12 10.26
C43 PCW EB . 43.66 -18.24 11.48
C44 PCW EB . 45.15 -18.01 11.70
C45 PCW EB . 45.51 -16.79 12.51
C46 PCW EB . 46.66 -17.00 13.45
C47 PCW EB . 46.64 -16.19 14.73
C48 PCW EB . 47.85 -16.50 15.60
N PCW EB . 34.66 -24.81 1.32
O2 PCW EB . 32.12 -23.04 6.98
O3 PCW EB . 30.74 -22.83 9.46
O11 PCW EB . 30.71 -23.49 11.64
O31 PCW EB . 30.27 -22.02 6.01
O1P PCW EB . 32.81 -24.17 3.71
O2P PCW EB . 34.22 -24.95 5.62
O3P PCW EB . 31.72 -25.64 5.47
O4P PCW EB . 33.46 -26.57 4.04
P PCW EB . 33.09 -25.25 4.71
C1 PCW FB . -6.82 -37.26 9.98
C2 PCW FB . -7.46 -36.55 11.23
C3 PCW FB . -8.91 -36.07 10.90
C4 PCW FB . -3.07 -39.22 8.28
C5 PCW FB . -3.12 -40.62 7.68
C6 PCW FB . -1.80 -40.16 5.70
C7 PCW FB . -4.13 -40.26 5.54
C8 PCW FB . -3.01 -42.23 5.80
C11 PCW FB . -9.19 -34.12 12.28
C12 PCW FB . -9.90 -33.64 13.52
C13 PCW FB . -10.98 -32.59 13.06
C14 PCW FB . -11.81 -31.98 14.20
C15 PCW FB . -12.35 -30.55 13.95
C16 PCW FB . -12.83 -29.87 15.29
C17 PCW FB . -12.37 -28.40 15.54
C18 PCW FB . -13.54 -27.46 15.87
C19 PCW FB . -13.11 -26.28 16.76
C20 PCW FB . -12.79 -25.03 16.25
C21 PCW FB . -12.75 -24.50 14.86
C22 PCW FB . -11.32 -23.94 14.64
C23 PCW FB . -10.77 -23.96 13.18
C24 PCW FB . -11.35 -22.96 12.23
C25 PCW FB . -10.44 -22.01 11.40
C26 PCW FB . -11.09 -20.77 10.84
C27 PCW FB . -10.20 -19.72 10.15
C28 PCW FB . -10.81 -18.35 10.26
C31 PCW FB . -8.23 -38.65 12.16
C32 PCW FB . -8.21 -39.49 13.44
C33 PCW FB . -9.62 -40.00 13.97
C34 PCW FB . -10.30 -39.02 14.93
C35 PCW FB . -11.77 -38.82 14.37
C36 PCW FB . -11.86 -37.67 13.34
C37 PCW FB . -13.29 -37.41 12.74
C38 PCW FB . -13.24 -36.49 11.56
C39 PCW FB . -14.60 -36.23 10.98
C40 PCW FB . -15.21 -35.05 10.89
C41 PCW FB . -14.63 -33.74 11.38
C42 PCW FB . -15.70 -32.58 11.13
C43 PCW FB . -15.45 -31.22 11.76
C44 PCW FB . -16.63 -30.33 11.36
C45 PCW FB . -17.37 -29.69 12.50
C46 PCW FB . -18.38 -28.67 12.08
C47 PCW FB . -19.79 -28.84 12.60
C48 PCW FB . -20.71 -27.73 12.08
N PCW FB . -3.01 -40.80 6.24
O2 PCW FB . -7.55 -37.51 12.39
O3 PCW FB . -9.50 -35.43 12.06
O11 PCW FB . -8.45 -33.46 11.61
O31 PCW FB . -8.81 -38.98 11.08
O1P PCW FB . -3.13 -37.64 10.73
O2P PCW FB . -5.05 -39.13 11.26
O3P PCW FB . -5.40 -37.02 9.83
O4P PCW FB . -4.32 -39.04 8.99
P PCW FB . -4.44 -38.23 10.28
C1 PCW GB . -10.68 -31.62 -9.20
C2 PCW GB . -12.21 -31.33 -8.89
C3 PCW GB . -13.11 -32.20 -9.82
C4 PCW GB . -10.40 -34.80 -10.75
C5 PCW GB . -10.90 -36.23 -10.88
C6 PCW GB . -9.82 -37.88 -12.49
C7 PCW GB . -9.50 -38.12 -10.08
C8 PCW GB . -11.07 -38.27 -11.04
C11 PCW GB . -15.22 -32.87 -8.89
C12 PCW GB . -16.64 -32.40 -8.75
C13 PCW GB . -16.87 -31.98 -7.26
C14 PCW GB . -18.28 -31.47 -6.93
C15 PCW GB . -18.35 -30.34 -5.87
C16 PCW GB . -17.85 -28.98 -6.46
C17 PCW GB . -16.78 -28.19 -5.64
C18 PCW GB . -17.28 -26.85 -5.12
C19 PCW GB . -18.21 -26.97 -3.89
C20 PCW GB . -19.08 -25.97 -3.50
C21 PCW GB . -19.39 -24.64 -4.08
C22 PCW GB . -19.33 -23.62 -2.90
C23 PCW GB . -20.68 -23.13 -2.30
C24 PCW GB . -21.18 -21.82 -2.78
C25 PCW GB . -21.48 -20.65 -1.78
C26 PCW GB . -22.06 -19.39 -2.39
C27 PCW GB . -21.90 -18.08 -1.59
C28 PCW GB . -23.18 -17.29 -1.62
C31 PCW GB . -12.33 -30.69 -6.62
C32 PCW GB . -12.67 -31.21 -5.22
C33 PCW GB . -14.23 -31.34 -4.88
C34 PCW GB . -14.51 -32.33 -3.74
C35 PCW GB . -16.05 -32.18 -3.43
C36 PCW GB . -16.55 -33.26 -2.45
C37 PCW GB . -18.07 -33.18 -2.09
C38 PCW GB . -18.30 -33.44 -0.63
C39 PCW GB . -19.76 -33.37 -0.26
C40 PCW GB . -20.35 -32.44 0.48
C41 PCW GB . -19.63 -31.26 1.11
C42 PCW GB . -20.43 -29.93 0.73
C43 PCW GB . -19.65 -28.64 0.53
C44 PCW GB . -20.65 -27.56 0.18
C45 PCW GB . -20.54 -26.30 0.98
C46 PCW GB . -21.58 -25.27 0.64
C47 PCW GB . -22.09 -24.43 1.78
C48 PCW GB . -23.15 -23.43 1.29
N PCW GB . -9.96 -37.28 -11.15
O2 PCW GB . -12.51 -31.70 -7.49
O3 PCW GB . -14.50 -31.94 -9.55
O11 PCW GB . -14.80 -33.93 -8.49
O31 PCW GB . -11.94 -29.52 -6.91
O1P PCW GB . -8.17 -33.45 -9.48
O2P PCW GB . -8.99 -34.61 -7.44
O3P PCW GB . -10.00 -32.35 -8.16
O4P PCW GB . -10.47 -34.45 -9.34
P PCW GB . -9.33 -33.75 -8.60
C1 PCW HB . 6.43 -16.56 -35.15
C2 PCW HB . 7.37 -15.29 -35.22
C3 PCW HB . 6.72 -14.19 -36.15
C4 PCW HB . 9.40 -18.55 -32.28
C5 PCW HB . 10.75 -19.08 -32.70
C6 PCW HB . 12.43 -17.32 -33.48
C7 PCW HB . 12.95 -18.77 -31.58
C8 PCW HB . 12.69 -19.27 -33.34
C11 PCW HB . 7.19 -11.99 -36.97
C12 PCW HB . 8.21 -10.89 -36.87
C13 PCW HB . 7.69 -9.83 -35.83
C14 PCW HB . 8.61 -8.62 -35.60
C15 PCW HB . 8.02 -7.48 -34.72
C16 PCW HB . 7.69 -8.00 -33.28
C17 PCW HB . 7.29 -6.93 -32.19
C18 PCW HB . 6.05 -6.12 -32.58
C19 PCW HB . 6.34 -4.61 -32.72
C20 PCW HB . 5.34 -3.66 -32.78
C21 PCW HB . 3.86 -3.76 -32.74
C22 PCW HB . 3.33 -2.37 -32.31
C23 PCW HB . 2.71 -1.46 -33.41
C24 PCW HB . 3.67 -0.74 -34.30
C25 PCW HB . 3.41 0.74 -34.73
C26 PCW HB . 4.10 1.82 -33.90
C27 PCW HB . 4.75 3.00 -34.65
C28 PCW HB . 6.20 2.69 -34.95
C31 PCW HB . 8.64 -14.99 -33.24
C32 PCW HB . 8.61 -14.29 -31.86
C33 PCW HB . 8.34 -15.25 -30.61
C34 PCW HB . 7.03 -14.93 -29.88
C35 PCW HB . 7.47 -14.48 -28.42
C36 PCW HB . 6.59 -13.34 -27.87
C37 PCW HB . 6.97 -12.83 -26.44
C38 PCW HB . 7.01 -11.34 -26.36
C39 PCW HB . 7.36 -10.84 -24.99
C40 PCW HB . 7.01 -9.68 -24.44
C41 PCW HB . 6.16 -8.63 -25.13
C42 PCW HB . 6.43 -7.23 -24.43
C43 PCW HB . 5.39 -6.68 -23.48
C44 PCW HB . 5.93 -5.34 -22.97
C45 PCW HB . 6.77 -5.41 -21.73
C46 PCW HB . 5.98 -5.38 -20.46
C47 PCW HB . 6.46 -6.27 -19.33
C48 PCW HB . 5.58 -6.14 -18.09
N PCW HB . 11.93 -18.30 -32.49
O2 PCW HB . 7.50 -14.67 -33.86
O3 PCW HB . 7.59 -13.05 -36.21
O11 PCW HB . 6.17 -11.93 -37.61
O31 PCW HB . 9.56 -15.72 -33.67
O1P PCW HB . 6.79 -17.28 -32.47
O2P PCW HB . 6.08 -19.52 -33.33
O3P PCW HB . 7.14 -17.79 -34.92
O4P PCW HB . 8.44 -19.01 -33.27
P PCW HB . 7.05 -18.40 -33.43
C1 PCW IB . 27.18 -32.81 13.44
C2 PCW IB . 26.28 -32.60 14.72
C3 PCW IB . 27.12 -31.91 15.85
C4 PCW IB . 24.49 -35.42 11.62
C5 PCW IB . 24.60 -36.92 11.87
C6 PCW IB . 24.59 -37.90 14.23
C7 PCW IB . 22.66 -38.19 12.74
C8 PCW IB . 24.37 -38.85 12.52
C11 PCW IB . 26.78 -32.16 18.21
C12 PCW IB . 25.78 -31.86 19.30
C13 PCW IB . 26.51 -31.08 20.44
C14 PCW IB . 25.62 -30.70 21.64
C15 PCW IB . 26.23 -29.62 22.59
C16 PCW IB . 26.14 -28.19 21.95
C17 PCW IB . 27.47 -27.37 21.86
C18 PCW IB . 27.55 -26.24 22.90
C19 PCW IB . 28.29 -26.67 24.19
C20 PCW IB . 29.12 -25.79 24.89
C21 PCW IB . 29.49 -24.38 24.66
C22 PCW IB . 28.92 -23.56 25.86
C23 PCW IB . 28.45 -22.11 25.57
C24 PCW IB . 26.98 -21.90 25.43
C25 PCW IB . 25.99 -22.40 26.52
C26 PCW IB . 25.79 -21.51 27.72
C27 PCW IB . 25.87 -22.14 29.12
C28 PCW IB . 26.32 -21.13 30.13
C31 PCW IB . 24.01 -32.30 14.11
C32 PCW IB . 22.95 -31.22 13.79
C33 PCW IB . 23.21 -30.40 12.43
C34 PCW IB . 24.01 -29.11 12.64
C35 PCW IB . 22.94 -27.99 12.96
C36 PCW IB . 23.41 -27.02 14.08
C37 PCW IB . 22.42 -25.88 14.43
C38 PCW IB . 23.05 -24.82 15.28
C39 PCW IB . 22.11 -23.71 15.65
C40 PCW IB . 22.36 -22.67 16.44
C41 PCW IB . 23.69 -22.43 17.15
C42 PCW IB . 23.42 -21.41 18.35
C43 PCW IB . 22.91 -21.97 19.65
C44 PCW IB . 22.75 -20.79 20.60
C45 PCW IB . 21.56 -20.86 21.53
C46 PCW IB . 20.24 -20.70 20.83
C47 PCW IB . 19.70 -19.29 20.69
C48 PCW IB . 18.36 -19.27 19.95
N PCW IB . 23.91 -37.51 12.98
O2 PCW IB . 25.15 -31.68 14.39
O3 PCW IB . 26.30 -31.72 17.01
O11 PCW IB . 27.84 -32.70 18.38
O31 PCW IB . 23.80 -33.55 14.12
O1P PCW IB . 25.62 -33.30 9.96
O2P PCW IB . 27.78 -34.25 10.76
O3P PCW IB . 26.52 -32.53 12.19
O4P PCW IB . 25.79 -34.85 11.95
P PCW IB . 26.44 -33.75 11.14
C1 PCW JB . 13.30 -37.77 15.23
C2 PCW JB . 12.60 -37.88 16.64
C3 PCW JB . 12.31 -39.38 17.00
C4 PCW JB . 12.31 -41.98 13.50
C5 PCW JB . 10.88 -41.98 14.03
C6 PCW JB . 9.06 -42.66 12.36
C7 PCW JB . 9.44 -43.97 14.40
C8 PCW JB . 8.86 -42.22 14.27
C11 PCW JB . 10.84 -40.51 18.51
C12 PCW JB . 10.31 -40.42 19.91
C13 PCW JB . 8.82 -40.93 19.91
C14 PCW JB . 8.12 -40.89 21.27
C15 PCW JB . 6.61 -41.27 21.27
C16 PCW JB . 5.76 -40.15 21.96
C17 PCW JB . 4.30 -39.93 21.44
C18 PCW JB . 4.07 -38.57 20.78
C19 PCW JB . 2.86 -37.81 21.38
C20 PCW JB . 3.01 -36.59 22.04
C21 PCW JB . 4.19 -35.76 22.34
C22 PCW JB . 3.70 -34.55 23.18
C23 PCW JB . 4.25 -33.16 22.82
C24 PCW JB . 3.39 -31.97 23.14
C25 PCW JB . 3.83 -30.93 24.22
C26 PCW JB . 2.83 -30.64 25.32
C27 PCW JB . 1.78 -29.53 25.07
C28 PCW JB . 1.00 -29.26 26.33
C31 PCW JB . 13.17 -36.12 18.11
C32 PCW JB . 14.18 -35.70 19.19
C33 PCW JB . 13.57 -35.46 20.65
C34 PCW JB . 13.25 -33.99 20.95
C35 PCW JB . 11.67 -33.91 21.06
C36 PCW JB . 11.13 -32.48 20.87
C37 PCW JB . 9.58 -32.33 20.96
C38 PCW JB . 9.11 -31.06 20.34
C39 PCW JB . 7.61 -30.89 20.42
C40 PCW JB . 6.93 -30.11 21.26
C41 PCW JB . 7.58 -29.23 22.31
C42 PCW JB . 7.67 -30.06 23.67
C43 PCW JB . 8.58 -29.55 24.78
C44 PCW JB . 8.47 -30.54 25.93
C45 PCW JB . 7.34 -30.29 26.89
C46 PCW JB . 7.64 -29.25 27.93
C47 PCW JB . 6.64 -28.13 28.07
C48 PCW JB . 7.08 -27.14 29.16
N PCW JB . 9.93 -42.93 13.52
O2 PCW JB . 13.50 -37.34 17.69
O3 PCW JB . 11.68 -39.46 18.28
O11 PCW JB . 10.59 -41.38 17.72
O31 PCW JB . 12.20 -35.42 17.70
O1P PCW JB . 13.19 -39.66 12.00
O2P PCW JB . 14.97 -39.55 13.77
O3P PCW JB . 12.64 -38.51 14.18
O4P PCW JB . 13.02 -40.91 14.18
P PCW JB . 13.52 -39.67 13.47
C1 PCW KB . 24.44 -26.56 9.56
C2 PCW KB . 24.45 -25.33 10.56
C3 PCW KB . 25.57 -25.54 11.64
C4 PCW KB . 26.59 -29.28 7.43
C5 PCW KB . 27.31 -30.37 8.24
C6 PCW KB . 27.74 -32.78 7.50
C7 PCW KB . 29.52 -31.09 7.34
C8 PCW KB . 28.70 -31.74 8.87
C11 PCW KB . 26.67 -24.23 13.32
C12 PCW KB . 26.44 -23.03 14.21
C13 PCW KB . 27.38 -21.87 13.71
C14 PCW KB . 27.27 -20.56 14.50
C15 PCW KB . 27.68 -20.65 16.01
C16 PCW KB . 29.04 -19.92 16.26
C17 PCW KB . 29.00 -18.35 16.34
C18 PCW KB . 28.46 -17.81 17.67
C19 PCW KB . 29.57 -17.29 18.60
C20 PCW KB . 30.03 -15.98 18.55
C21 PCW KB . 29.66 -14.82 17.69
C22 PCW KB . 29.52 -13.59 18.63
C23 PCW KB . 28.83 -12.32 18.06
C24 PCW KB . 27.34 -12.27 18.17
C25 PCW KB . 26.52 -11.14 17.47
C26 PCW KB . 25.54 -10.37 18.33
C27 PCW KB . 24.05 -10.37 17.92
C28 PCW KB . 23.32 -9.25 18.61
C31 PCW KB . 24.15 -23.00 10.29
C32 PCW KB . 24.57 -21.80 9.43
C33 PCW KB . 23.39 -21.09 8.60
C34 PCW KB . 22.53 -20.17 9.46
C35 PCW KB . 23.43 -18.89 9.75
C36 PCW KB . 23.19 -18.30 11.16
C37 PCW KB . 24.05 -17.05 11.52
C38 PCW KB . 23.43 -15.78 11.05
C39 PCW KB . 24.25 -14.56 11.40
C40 PCW KB . 25.04 -13.87 10.58
C41 PCW KB . 25.26 -14.21 9.12
C42 PCW KB . 24.32 -13.26 8.25
C43 PCW KB . 23.33 -13.89 7.29
C44 PCW KB . 22.57 -12.76 6.60
C45 PCW KB . 21.27 -12.37 7.24
C46 PCW KB . 20.74 -11.05 6.79
C47 PCW KB . 19.29 -11.01 6.35
C48 PCW KB . 18.89 -9.60 5.91
N PCW KB . 28.11 -31.35 7.55
O2 PCW KB . 24.77 -24.08 9.82
O3 PCW KB . 25.57 -24.43 12.54
O11 PCW KB . 27.66 -24.92 13.32
O31 PCW KB . 23.36 -22.95 11.27
O1P PCW KB . 26.56 -26.58 6.36
O2P PCW KB . 27.41 -26.02 8.63
O3P PCW KB . 24.89 -26.24 8.22
O4P PCW KB . 26.40 -28.16 8.33
P PCW KB . 26.38 -26.71 7.85
C1 PCW LB . 22.09 -35.15 17.80
C2 PCW LB . 21.18 -33.90 18.17
C3 PCW LB . 20.45 -34.15 19.54
C4 PCW LB . 19.97 -34.80 14.87
C5 PCW LB . 18.73 -33.91 14.81
C6 PCW LB . 19.05 -33.46 12.31
C7 PCW LB . 17.03 -32.67 13.47
C8 PCW LB . 18.79 -32.15 13.75
C11 PCW LB . 18.31 -33.08 19.57
C12 PCW LB . 17.65 -31.79 19.98
C13 PCW LB . 16.87 -32.05 21.33
C14 PCW LB . 16.13 -30.84 21.90
C15 PCW LB . 14.73 -30.56 21.31
C16 PCW LB . 13.68 -30.29 22.44
C17 PCW LB . 13.84 -28.95 23.26
C18 PCW LB . 12.83 -28.81 24.39
C19 PCW LB . 13.39 -28.01 25.60
C20 PCW LB . 12.57 -27.34 26.50
C21 PCW LB . 11.10 -27.19 26.59
C22 PCW LB . 10.72 -25.90 25.79
C23 PCW LB . 9.62 -25.00 26.38
C24 PCW LB . 9.64 -23.55 25.98
C25 PCW LB . 10.28 -22.46 26.88
C26 PCW LB . 9.33 -21.52 27.59
C27 PCW LB . 9.15 -21.69 29.11
C28 PCW LB . 8.64 -20.40 29.72
C31 PCW LB . 21.85 -31.78 17.38
C32 PCW LB . 22.80 -30.59 17.68
C33 PCW LB . 22.21 -29.13 17.39
C34 PCW LB . 22.82 -28.05 18.28
C35 PCW LB . 24.24 -27.72 17.66
C36 PCW LB . 24.88 -26.44 18.26
C37 PCW LB . 26.28 -26.06 17.69
C38 PCW LB . 27.17 -25.46 18.73
C39 PCW LB . 28.53 -25.08 18.20
C40 PCW LB . 29.49 -24.45 18.85
C41 PCW LB . 29.40 -23.98 20.29
C42 PCW LB . 28.72 -22.54 20.31
C43 PCW LB . 28.69 -21.76 21.62
C44 PCW LB . 27.98 -20.44 21.32
C45 PCW LB . 26.55 -20.38 21.77
C46 PCW LB . 25.97 -19.00 21.75
C47 PCW LB . 25.30 -18.53 23.03
C48 PCW LB . 24.75 -17.11 22.87
N PCW LB . 18.21 -33.51 13.53
O2 PCW LB . 22.04 -32.69 18.33
O3 PCW LB . 19.64 -33.01 19.85
O11 PCW LB . 17.75 -34.01 19.07
O31 PCW LB . 21.04 -31.85 16.42
O1P PCW LB . 21.91 -36.89 15.34
O2P PCW LB . 19.95 -38.05 16.37
O3P PCW LB . 21.36 -36.40 17.75
O4P PCW LB . 19.80 -35.70 16.00
P PCW LB . 20.77 -36.82 16.31
C1 PCW MB . 31.39 -22.19 0.47
C2 PCW MB . 30.42 -21.12 1.10
C3 PCW MB . 30.52 -21.15 2.66
C4 PCW MB . 31.48 -21.90 -4.44
C5 PCW MB . 30.39 -21.71 -5.49
C6 PCW MB . 30.40 -21.84 -8.03
C7 PCW MB . 30.00 -23.85 -6.69
C8 PCW MB . 28.95 -22.33 -6.81
C11 PCW MB . 28.36 -20.55 3.51
C12 PCW MB . 27.60 -19.38 4.07
C13 PCW MB . 27.72 -19.42 5.63
C14 PCW MB . 26.99 -18.29 6.36
C15 PCW MB . 26.72 -18.53 7.87
C16 PCW MB . 27.35 -17.39 8.75
C17 PCW MB . 27.59 -17.70 10.26
C18 PCW MB . 28.04 -16.47 11.07
C19 PCW MB . 28.07 -16.74 12.59
C20 PCW MB . 28.74 -15.90 13.48
C21 PCW MB . 29.52 -14.65 13.28
C22 PCW MB . 28.98 -13.61 14.31
C23 PCW MB . 28.24 -12.36 13.74
C24 PCW MB . 26.75 -12.39 13.74
C25 PCW MB . 25.92 -11.09 13.68
C26 PCW MB . 24.43 -11.23 13.41
C27 PCW MB . 23.76 -10.14 12.54
C28 PCW MB . 22.90 -10.79 11.49
C31 PCW MB . 29.85 -19.11 -0.01
C32 PCW MB . 30.40 -17.72 -0.40
C33 PCW MB . 30.89 -16.81 0.81
C34 PCW MB . 32.00 -15.83 0.42
C35 PCW MB . 32.31 -14.99 1.72
C36 PCW MB . 33.71 -14.34 1.70
C37 PCW MB . 34.07 -13.49 2.96
C38 PCW MB . 33.61 -12.08 2.82
C39 PCW MB . 33.95 -11.23 4.02
C40 PCW MB . 33.17 -10.32 4.61
C41 PCW MB . 31.77 -9.98 4.14
C42 PCW MB . 30.74 -10.81 5.03
C43 PCW MB . 29.53 -10.09 5.61
C44 PCW MB . 28.75 -11.13 6.40
C45 PCW MB . 29.12 -11.25 7.85
C46 PCW MB . 28.58 -10.15 8.71
C47 PCW MB . 27.58 -10.54 9.77
C48 PCW MB . 27.11 -9.31 10.57
N PCW MB . 30.44 -22.47 -6.71
O2 PCW MB . 30.81 -19.76 0.65
O3 PCW MB . 29.64 -20.17 3.23
O11 PCW MB . 27.91 -21.65 3.34
O31 PCW MB . 28.69 -19.54 -0.28
O1P PCW MB . 32.15 -23.87 -2.41
O2P PCW MB . 29.82 -23.42 -1.62
O3P PCW MB . 31.78 -21.90 -0.89
O4P PCW MB . 30.83 -21.85 -3.14
P PCW MB . 31.13 -22.83 -2.02
C1 PCW NB . 22.07 -24.61 -0.61
C2 PCW NB . 21.88 -23.27 0.21
C3 PCW NB . 20.36 -23.09 0.58
C4 PCW NB . 26.10 -26.26 1.98
C5 PCW NB . 26.86 -25.14 2.68
C6 PCW NB . 27.82 -24.34 4.90
C7 PCW NB . 28.45 -26.52 3.99
C8 PCW NB . 28.80 -24.85 3.28
C11 PCW NB . 19.74 -21.97 2.61
C12 PCW NB . 19.63 -20.59 3.21
C13 PCW NB . 18.18 -20.05 2.91
C14 PCW NB . 17.88 -18.65 3.45
C15 PCW NB . 16.37 -18.28 3.54
C16 PCW NB . 15.99 -17.23 2.43
C17 PCW NB . 14.68 -16.40 2.64
C18 PCW NB . 14.95 -14.92 2.91
C19 PCW NB . 14.24 -14.40 4.18
C20 PCW NB . 14.52 -13.16 4.73
C21 PCW NB . 15.44 -12.08 4.33
C22 PCW NB . 14.58 -10.96 3.68
C23 PCW NB . 14.99 -9.49 3.92
C24 PCW NB . 14.43 -8.46 2.99
C25 PCW NB . 15.31 -7.27 2.49
C26 PCW NB . 14.59 -5.96 2.23
C27 PCW NB . 15.34 -4.66 2.54
C28 PCW NB . 14.37 -3.58 2.96
C31 PCW NB . 23.49 -22.32 1.67
C32 PCW NB . 24.20 -22.53 3.02
C33 PCW NB . 23.52 -21.77 4.26
C34 PCW NB . 23.97 -20.31 4.41
C35 PCW NB . 22.81 -19.59 5.22
C36 PCW NB . 23.07 -18.08 5.41
C37 PCW NB . 21.96 -17.30 6.19
C38 PCW NB . 21.02 -16.59 5.30
C39 PCW NB . 19.96 -15.83 6.05
C40 PCW NB . 18.96 -15.12 5.53
C41 PCW NB . 18.72 -14.95 4.04
C42 PCW NB . 19.38 -13.57 3.58
C43 PCW NB . 18.75 -12.78 2.45
C44 PCW NB . 19.60 -11.55 2.24
C45 PCW NB . 18.84 -10.28 1.97
C46 PCW NB . 18.88 -9.85 0.52
C47 PCW NB . 17.58 -9.36 -0.07
C48 PCW NB . 17.74 -8.96 -1.54
N PCW NB . 27.56 -25.38 3.91
O2 PCW NB . 22.64 -23.34 1.49
O3 PCW NB . 20.19 -21.88 1.33
O11 PCW NB . 19.48 -22.99 3.18
O31 PCW NB . 23.69 -21.36 0.87
O1P PCW NB . 24.81 -26.58 -0.90
O2P PCW NB . 23.90 -27.23 0.82
O3P PCW NB . 22.55 -25.72 0.18
O4P PCW NB . 24.79 -25.73 1.63
P PCW NB . 24.14 -25.86 0.26
C1 PCW OB . -8.71 -40.07 7.56
C2 PCW OB . -8.36 -38.57 7.24
C3 PCW OB . -7.15 -38.48 6.26
C4 PCW OB . -9.70 -40.99 3.24
C5 PCW OB . -10.90 -40.75 2.32
C6 PCW OB . -11.75 -39.73 0.14
C7 PCW OB . -9.63 -40.94 0.20
C8 PCW OB . -11.32 -41.61 0.51
C11 PCW OB . -5.55 -36.69 6.13
C12 PCW OB . -5.45 -35.22 5.78
C13 PCW OB . -6.03 -34.40 6.98
C14 PCW OB . -6.00 -32.88 6.79
C15 PCW OB . -7.35 -32.14 7.01
C16 PCW OB . -8.31 -32.37 5.79
C17 PCW OB . -9.10 -31.12 5.25
C18 PCW OB . -10.61 -31.19 5.51
C19 PCW OB . -11.28 -32.41 4.81
C20 PCW OB . -12.56 -32.35 4.28
C21 PCW OB . -13.56 -31.26 4.20
C22 PCW OB . -14.89 -31.83 4.79
C23 PCW OB . -15.18 -31.53 6.29
C24 PCW OB . -16.41 -32.16 6.87
C25 PCW OB . -17.80 -31.48 6.72
C26 PCW OB . -18.97 -32.19 7.38
C27 PCW OB . -19.45 -31.67 8.75
C28 PCW OB . -19.49 -32.81 9.75
C31 PCW OB . -10.47 -37.50 7.43
C32 PCW OB . -11.59 -36.84 6.62
C33 PCW OB . -12.38 -35.65 7.36
C34 PCW OB . -11.46 -34.63 8.03
C35 PCW OB . -12.37 -33.37 8.34
C36 PCW OB . -11.59 -32.24 9.03
C37 PCW OB . -12.43 -30.96 9.36
C38 PCW OB . -11.68 -30.03 10.27
C39 PCW OB . -12.46 -28.78 10.61
C40 PCW OB . -12.34 -27.59 10.03
C41 PCW OB . -11.36 -27.27 8.92
C42 PCW OB . -11.17 -25.68 8.86
C43 PCW OB . -10.21 -25.11 7.85
C44 PCW OB . -10.24 -23.60 8.03
C45 PCW OB . -10.04 -22.80 6.75
C46 PCW OB . -10.89 -21.56 6.70
C47 PCW OB . -10.22 -20.30 6.17
C48 PCW OB . -11.21 -19.12 6.16
N PCW OB . -10.69 -40.33 0.97
O2 PCW OB . -9.53 -37.90 6.58
O3 PCW OB . -6.84 -37.10 5.99
O11 PCW OB . -4.64 -37.39 6.47
O31 PCW OB . -10.46 -37.65 8.69
O1P PCW OB . -7.91 -41.65 5.43
O2P PCW OB . -9.81 -43.10 6.16
O3P PCW OB . -9.79 -40.60 6.77
O4P PCW OB . -10.25 -41.40 4.52
P PCW OB . -9.39 -41.75 5.71
C1 PCW PB . 25.70 -6.52 -30.45
C2 PCW PB . 24.58 -5.86 -31.35
C3 PCW PB . 23.45 -6.92 -31.66
C4 PCW PB . 27.86 -4.93 -33.43
C5 PCW PB . 27.59 -5.64 -34.75
C6 PCW PB . 27.39 -5.62 -37.16
C7 PCW PB . 29.51 -5.59 -36.19
C8 PCW PB . 28.29 -3.66 -36.07
C11 PCW PB . 21.21 -6.91 -32.51
C12 PCW PB . 20.30 -6.11 -33.40
C13 PCW PB . 19.94 -7.01 -34.65
C14 PCW PB . 19.01 -6.35 -35.68
C15 PCW PB . 19.56 -6.24 -37.13
C16 PCW PB . 18.91 -5.02 -37.87
C17 PCW PB . 19.89 -3.96 -38.49
C18 PCW PB . 19.17 -2.81 -39.18
C19 PCW PB . 19.92 -1.46 -39.03
C20 PCW PB . 19.94 -0.50 -40.04
C21 PCW PB . 19.34 -0.46 -41.39
C22 PCW PB . 18.15 0.55 -41.33
C23 PCW PB . 16.76 0.05 -41.78
C24 PCW PB . 16.16 -1.08 -41.00
C25 PCW PB . 15.50 -0.85 -39.61
C26 PCW PB . 14.04 -1.23 -39.49
C27 PCW PB . 12.99 -0.29 -40.14
C28 PCW PB . 12.41 0.64 -39.11
C31 PCW PB . 24.51 -3.55 -30.79
C32 PCW PB . 23.73 -2.51 -29.97
C33 PCW PB . 24.00 -0.98 -30.36
C34 PCW PB . 22.79 -0.28 -30.98
C35 PCW PB . 22.96 1.25 -30.65
C36 PCW PB . 21.78 2.10 -31.16
C37 PCW PB . 21.87 3.64 -30.88
C38 PCW PB . 20.72 4.38 -31.46
C39 PCW PB . 20.79 5.87 -31.20
C40 PCW PB . 20.11 6.55 -30.30
C41 PCW PB . 19.10 5.94 -29.34
C42 PCW PB . 17.66 5.98 -30.04
C43 PCW PB . 16.70 4.84 -29.78
C44 PCW PB . 15.42 5.13 -30.57
C45 PCW PB . 14.16 4.62 -29.95
C46 PCW PB . 13.90 3.16 -30.21
C47 PCW PB . 12.99 2.84 -31.38
C48 PCW PB . 12.81 1.32 -31.53
N PCW PB . 28.16 -5.15 -35.98
O2 PCW PB . 23.93 -4.74 -30.61
O3 PCW PB . 22.44 -6.31 -32.48
O11 PCW PB . 20.91 -7.90 -31.92
O31 PCW PB . 25.51 -3.31 -31.52
O1P PCW PB . 28.88 -4.44 -30.75
O2P PCW PB . 28.89 -6.93 -30.64
O3P PCW PB . 26.75 -5.61 -30.09
O4P PCW PB . 27.61 -5.90 -32.37
P PCW PB . 28.11 -5.71 -30.95
C1 PCW QB . 24.52 -10.64 -25.56
C2 PCW QB . 24.81 -11.23 -24.14
C3 PCW QB . 25.21 -12.75 -24.24
C4 PCW QB . 28.78 -9.31 -26.90
C5 PCW QB . 29.55 -8.73 -28.11
C6 PCW QB . 31.62 -8.48 -26.88
C7 PCW QB . 30.40 -6.58 -27.48
C8 PCW QB . 31.51 -7.66 -29.14
C11 PCW QB . 26.57 -14.04 -22.74
C12 PCW QB . 26.66 -14.46 -21.29
C13 PCW QB . 27.50 -13.38 -20.51
C14 PCW QB . 27.68 -13.65 -19.01
C15 PCW QB . 28.44 -12.55 -18.21
C16 PCW QB . 27.46 -11.77 -17.28
C17 PCW QB . 28.07 -11.09 -16.00
C18 PCW QB . 27.73 -11.83 -14.71
C19 PCW QB . 28.64 -11.43 -13.52
C20 PCW QB . 28.15 -10.82 -12.38
C21 PCW QB . 26.79 -10.42 -11.96
C22 PCW QB . 26.77 -8.86 -11.91
C23 PCW QB . 26.22 -8.19 -10.63
C24 PCW QB . 27.24 -7.68 -9.65
C25 PCW QB . 26.83 -7.37 -8.18
C26 PCW QB . 26.25 -5.99 -7.90
C27 PCW QB . 26.74 -5.24 -6.65
C28 PCW QB . 25.86 -4.05 -6.39
C31 PCW QB . 25.74 -10.16 -22.24
C32 PCW QB . 26.99 -9.43 -21.72
C33 PCW QB . 26.70 -8.21 -20.72
C34 PCW QB . 27.75 -8.07 -19.62
C35 PCW QB . 26.95 -8.07 -18.26
C36 PCW QB . 27.60 -7.15 -17.20
C37 PCW QB . 26.87 -7.09 -15.82
C38 PCW QB . 26.82 -5.70 -15.27
C39 PCW QB . 26.11 -5.62 -13.94
C40 PCW QB . 24.92 -5.09 -13.68
C41 PCW QB . 24.03 -4.44 -14.73
C42 PCW QB . 22.82 -3.73 -13.98
C43 PCW QB . 22.79 -2.21 -13.93
C44 PCW QB . 21.54 -1.81 -13.17
C45 PCW QB . 21.77 -1.35 -11.74
C46 PCW QB . 20.67 -1.76 -10.81
C47 PCW QB . 20.91 -3.01 -9.99
C48 PCW QB . 19.72 -3.31 -9.08
N PCW QB . 30.71 -7.91 -27.91
O2 PCW QB . 25.95 -10.51 -23.50
O3 PCW QB . 25.47 -13.27 -22.93
O11 PCW QB . 27.37 -14.33 -23.59
O31 PCW QB . 24.69 -10.39 -21.56
O1P PCW QB . 26.58 -11.13 -27.42
O2P PCW QB . 25.53 -9.11 -28.44
O3P PCW QB . 25.37 -9.52 -25.91
O4P PCW QB . 27.42 -8.80 -26.99
P PCW QB . 26.22 -9.68 -27.26
C1 PCW RB . 27.47 -16.94 -5.87
C2 PCW RB . 26.84 -15.50 -6.05
C3 PCW RB . 25.42 -15.46 -5.37
C4 PCW RB . 30.41 -16.63 -9.41
C5 PCW RB . 30.80 -15.20 -9.12
C6 PCW RB . 30.56 -14.38 -11.53
C7 PCW RB . 30.70 -12.78 -9.68
C8 PCW RB . 31.99 -13.98 -10.25
C11 PCW RB . 24.33 -13.82 -6.75
C12 PCW RB . 23.76 -12.42 -6.68
C13 PCW RB . 22.31 -12.54 -6.09
C14 PCW RB . 21.55 -11.21 -5.93
C15 PCW RB . 21.16 -10.82 -4.49
C16 PCW RB . 19.73 -11.37 -4.12
C17 PCW RB . 19.67 -12.71 -3.31
C18 PCW RB . 18.44 -12.83 -2.41
C19 PCW RB . 18.45 -14.11 -1.53
C20 PCW RB . 17.32 -14.57 -0.87
C21 PCW RB . 15.93 -14.08 -0.80
C22 PCW RB . 15.23 -14.53 -2.11
C23 PCW RB . 14.46 -15.88 -2.08
C24 PCW RB . 13.21 -15.93 -1.26
C25 PCW RB . 12.10 -14.84 -1.43
C26 PCW RB . 11.53 -14.26 -0.15
C27 PCW RB . 11.74 -12.75 0.13
C28 PCW RB . 11.57 -12.47 1.60
C31 PCW RB . 28.46 -13.79 -6.19
C32 PCW RB . 29.26 -12.78 -5.36
C33 PCW RB . 28.81 -11.25 -5.51
C34 PCW RB . 28.04 -10.72 -4.31
C35 PCW RB . 26.54 -10.53 -4.81
C36 PCW RB . 26.08 -9.06 -4.75
C37 PCW RB . 24.62 -8.79 -5.23
C38 PCW RB . 24.13 -7.44 -4.82
C39 PCW RB . 22.72 -7.17 -5.26
C40 PCW RB . 21.85 -6.32 -4.71
C41 PCW RB . 22.16 -5.46 -3.50
C42 PCW RB . 21.44 -4.05 -3.69
C43 PCW RB . 22.07 -3.03 -4.62
C44 PCW RB . 21.17 -1.80 -4.60
C45 PCW RB . 20.17 -1.72 -5.72
C46 PCW RB . 20.23 -0.43 -6.49
C47 PCW RB . 18.90 0.21 -6.81
C48 PCW RB . 19.09 1.52 -7.59
N PCW RB . 30.52 -14.16 -10.07
O2 PCW RB . 27.68 -14.48 -5.36
O3 PCW RB . 24.84 -14.16 -5.53
O11 PCW RB . 24.33 -14.52 -7.73
O31 PCW RB . 28.55 -13.94 -7.45
O1P PCW RB . 30.51 -18.59 -7.29
O2P PCW RB . 28.09 -18.88 -7.83
O3P PCW RB . 28.86 -17.00 -6.24
O4P PCW RB . 29.21 -16.92 -8.64
P PCW RB . 29.19 -17.93 -7.51
C1 PCW SB . 2.24 -31.07 -5.16
C2 PCW SB . 1.35 -30.53 -3.97
C3 PCW SB . 0.55 -29.28 -4.43
C4 PCW SB . 4.35 -34.99 -6.83
C5 PCW SB . 5.28 -36.14 -6.46
C6 PCW SB . 5.99 -37.42 -8.56
C7 PCW SB . 7.67 -36.58 -6.99
C8 PCW SB . 6.38 -37.86 -6.67
C11 PCW SB . -0.12 -27.49 -2.98
C12 PCW SB . -1.05 -27.18 -1.83
C13 PCW SB . -1.99 -25.99 -2.26
C14 PCW SB . -3.00 -25.55 -1.20
C15 PCW SB . -2.41 -24.90 0.08
C16 PCW SB . -3.15 -25.39 1.36
C17 PCW SB . -2.80 -24.68 2.71
C18 PCW SB . -3.91 -23.78 3.23
C19 PCW SB . -3.55 -23.11 4.58
C20 PCW SB . -3.51 -21.73 4.74
C21 PCW SB . -3.77 -20.61 3.81
C22 PCW SB . -4.85 -19.71 4.47
C23 PCW SB . -4.91 -18.23 4.01
C24 PCW SB . -5.59 -17.27 4.95
C25 PCW SB . -5.08 -17.07 6.41
C26 PCW SB . -5.94 -16.19 7.31
C27 PCW SB . -7.21 -16.81 7.93
C28 PCW SB . -8.42 -16.04 7.49
C31 PCW SB . 0.59 -32.07 -2.33
C32 PCW SB . -0.51 -33.11 -2.04
C33 PCW SB . -1.98 -32.53 -1.81
C34 PCW SB . -2.76 -32.32 -3.11
C35 PCW SB . -3.95 -31.34 -2.73
C36 PCW SB . -3.48 -29.93 -2.31
C37 PCW SB . -4.59 -28.91 -1.93
C38 PCW SB . -5.50 -29.43 -0.86
C39 PCW SB . -6.57 -28.45 -0.49
C40 PCW SB . -7.77 -28.31 -1.07
C41 PCW SB . -8.24 -29.16 -2.25
C42 PCW SB . -8.77 -28.16 -3.38
C43 PCW SB . -10.23 -27.75 -3.35
C44 PCW SB . -10.44 -26.81 -4.53
C45 PCW SB . -11.80 -26.16 -4.60
C46 PCW SB . -11.78 -24.80 -5.26
C47 PCW SB . -12.23 -23.63 -4.42
C48 PCW SB . -12.17 -22.31 -5.20
N PCW SB . 6.28 -36.55 -7.40
O2 PCW SB . 0.37 -31.57 -3.54
O3 PCW SB . -0.25 -28.80 -3.34
O11 PCW SB . 0.62 -26.70 -3.50
O31 PCW SB . 1.53 -31.76 -1.53
O1P PCW SB . 4.67 -32.17 -6.29
O2P PCW SB . 4.68 -32.93 -3.91
O3P PCW SB . 2.46 -32.50 -5.12
O4P PCW SB . 3.86 -34.44 -5.58
P PCW SB . 4.00 -32.97 -5.22
C1 PCW TB . 9.71 -31.41 -3.75
C2 PCW TB . 8.90 -30.28 -3.00
C3 PCW TB . 9.84 -29.07 -2.65
C4 PCW TB . 7.03 -34.06 -2.49
C5 PCW TB . 6.93 -33.47 -1.10
C6 PCW TB . 5.79 -31.72 0.36
C7 PCW TB . 4.46 -33.32 -0.94
C8 PCW TB . 5.62 -33.67 0.46
C11 PCW TB . 8.73 -28.25 -0.67
C12 PCW TB . 7.95 -27.05 -0.18
C13 PCW TB . 8.89 -26.19 0.73
C14 PCW TB . 8.25 -24.92 1.32
C15 PCW TB . 8.88 -23.57 0.88
C16 PCW TB . 8.03 -22.37 1.41
C17 PCW TB . 8.68 -20.95 1.37
C18 PCW TB . 7.67 -19.80 1.50
C19 PCW TB . 7.78 -19.05 2.85
C20 PCW TB . 7.26 -17.78 3.04
C21 PCW TB . 6.53 -16.85 2.15
C22 PCW TB . 7.25 -15.47 2.26
C23 PCW TB . 6.37 -14.19 2.31
C24 PCW TB . 7.05 -12.92 2.69
C25 PCW TB . 7.75 -12.03 1.63
C26 PCW TB . 6.88 -11.05 0.88
C27 PCW TB . 6.69 -9.65 1.48
C28 PCW TB . 5.22 -9.30 1.53
C31 PCW TB . 6.59 -30.03 -3.46
C32 PCW TB . 5.59 -29.43 -4.46
C33 PCW TB . 5.08 -27.95 -4.12
C34 PCW TB . 4.38 -27.82 -2.78
C35 PCW TB . 3.78 -26.36 -2.76
C36 PCW TB . 3.36 -25.91 -1.33
C37 PCW TB . 2.75 -24.48 -1.23
C38 PCW TB . 1.75 -24.36 -0.14
C39 PCW TB . 1.16 -22.98 -0.03
C40 PCW TB . 1.29 -22.13 0.99
C41 PCW TB . 2.08 -22.42 2.25
C42 PCW TB . 1.05 -22.77 3.42
C43 PCW TB . 1.17 -24.11 4.11
C44 PCW TB . 0.08 -24.17 5.16
C45 PCW TB . 0.54 -24.04 6.59
C46 PCW TB . -0.53 -23.60 7.55
C47 PCW TB . -0.69 -22.11 7.75
C48 PCW TB . -1.81 -21.80 8.74
N PCW TB . 5.76 -32.74 -0.71
O2 PCW TB . 7.82 -29.76 -3.88
O3 PCW TB . 9.09 -28.05 -1.97
O11 PCW TB . 8.99 -29.23 -0.02
O31 PCW TB . 6.30 -30.68 -2.41
O1P PCW TB . 7.47 -34.03 -5.38
O2P PCW TB . 9.82 -34.50 -4.72
O3P PCW TB . 8.95 -32.08 -4.77
O4P PCW TB . 8.31 -33.68 -3.03
P PCW TB . 8.63 -33.64 -4.51
C1 PCW UB . -5.38 -33.60 -13.17
C2 PCW UB . -4.56 -32.62 -12.25
C3 PCW UB . -3.47 -31.89 -13.10
C4 PCW UB . -5.67 -35.31 -9.27
C5 PCW UB . -4.36 -35.09 -8.51
C6 PCW UB . -4.70 -33.33 -6.69
C7 PCW UB . -3.65 -35.47 -6.17
C8 PCW UB . -3.02 -34.15 -7.29
C11 PCW UB . -1.54 -30.52 -12.74
C12 PCW UB . -0.92 -29.60 -11.72
C13 PCW UB . 0.05 -30.45 -10.81
C14 PCW UB . 0.77 -29.68 -9.70
C15 PCW UB . 0.36 -28.18 -9.51
C16 PCW UB . 0.07 -27.88 -8.01
C17 PCW UB . -1.41 -27.53 -7.62
C18 PCW UB . -2.35 -28.73 -7.66
C19 PCW UB . -2.91 -29.11 -6.28
C20 PCW UB . -3.95 -28.41 -5.67
C21 PCW UB . -4.75 -27.24 -6.09
C22 PCW UB . -5.67 -26.86 -4.90
C23 PCW UB . -5.40 -25.52 -4.17
C24 PCW UB . -6.58 -24.85 -3.54
C25 PCW UB . -6.76 -24.79 -2.00
C26 PCW UB . -7.39 -23.54 -1.43
C27 PCW UB . -6.51 -22.61 -0.57
C28 PCW UB . -6.36 -21.26 -1.25
C31 PCW UB . -5.38 -31.45 -10.36
C32 PCW UB . -6.37 -30.35 -9.94
C33 PCW UB . -6.32 -28.99 -10.79
C34 PCW UB . -7.70 -28.49 -11.20
C35 PCW UB . -7.47 -27.64 -12.52
C36 PCW UB . -8.50 -26.50 -12.67
C37 PCW UB . -8.33 -25.62 -13.95
C38 PCW UB . -8.97 -24.27 -13.79
C39 PCW UB . -8.82 -23.41 -15.02
C40 PCW UB . -8.39 -22.15 -15.08
C41 PCW UB . -7.98 -21.34 -13.87
C42 PCW UB . -8.33 -19.80 -14.16
C43 PCW UB . -7.73 -18.74 -13.26
C44 PCW UB . -8.24 -17.40 -13.75
C45 PCW UB . -8.94 -16.55 -12.72
C46 PCW UB . -10.20 -15.91 -13.22
C47 PCW UB . -10.49 -14.53 -12.69
C48 PCW UB . -11.81 -13.97 -13.28
N PCW UB . -4.39 -34.70 -7.13
O2 PCW UB . -5.46 -31.58 -11.69
O3 PCW UB . -2.72 -31.00 -12.26
O11 PCW UB . -1.07 -30.79 -13.81
O31 PCW UB . -4.64 -32.12 -9.59
O1P PCW UB . -7.66 -36.03 -11.28
O2P PCW UB . -5.64 -36.54 -12.66
O3P PCW UB . -6.56 -34.15 -12.53
O4P PCW UB . -5.35 -35.21 -10.68
P PCW UB . -6.33 -35.57 -11.79
C1 PCW VB . -5.01 -32.37 -16.66
C2 PCW VB . -5.54 -30.91 -16.34
C3 PCW VB . -4.42 -30.03 -15.69
C4 PCW VB . -1.31 -30.20 -18.51
C5 PCW VB . -0.81 -29.64 -17.19
C6 PCW VB . 1.72 -29.28 -17.11
C7 PCW VB . 0.18 -27.40 -16.73
C8 PCW VB . 0.41 -28.92 -15.70
C11 PCW VB . -4.04 -27.68 -15.35
C12 PCW VB . -4.78 -26.42 -15.01
C13 PCW VB . -4.53 -25.37 -16.15
C14 PCW VB . -5.21 -24.02 -15.94
C15 PCW VB . -4.35 -22.76 -16.28
C16 PCW VB . -4.81 -22.12 -17.64
C17 PCW VB . -4.00 -22.49 -18.93
C18 PCW VB . -2.48 -22.45 -18.71
C19 PCW VB . -1.68 -22.92 -19.95
C20 PCW VB . -0.40 -22.44 -20.24
C21 PCW VB . 0.48 -21.47 -19.54
C22 PCW VB . 1.74 -21.29 -20.44
C23 PCW VB . 2.70 -20.11 -20.10
C24 PCW VB . 2.29 -18.75 -20.58
C25 PCW VB . 2.62 -17.48 -19.75
C26 PCW VB . 3.30 -16.35 -20.50
C27 PCW VB . 4.26 -15.44 -19.71
C28 PCW VB . 5.68 -15.63 -20.20
C31 PCW VB . -7.26 -29.87 -17.62
C32 PCW VB . -7.55 -29.18 -18.96
C33 PCW VB . -6.82 -27.77 -19.18
C34 PCW VB . -7.19 -26.73 -18.13
C35 PCW VB . -8.59 -26.15 -18.57
C36 PCW VB . -9.69 -26.41 -17.51
C37 PCW VB . -11.11 -25.87 -17.87
C38 PCW VB . -11.94 -25.63 -16.66
C39 PCW VB . -13.31 -25.10 -16.97
C40 PCW VB . -13.90 -24.02 -16.47
C41 PCW VB . -13.25 -23.10 -15.44
C42 PCW VB . -13.18 -21.64 -16.07
C43 PCW VB . -11.86 -20.90 -16.04
C44 PCW VB . -12.09 -19.54 -16.69
C45 PCW VB . -11.32 -18.40 -16.09
C46 PCW VB . -11.28 -17.17 -16.97
C47 PCW VB . -9.96 -16.44 -17.04
C48 PCW VB . -10.04 -15.23 -17.97
N PCW VB . 0.34 -28.78 -17.19
O2 PCW VB . -5.97 -30.23 -17.59
O3 PCW VB . -4.93 -28.72 -15.40
O11 PCW VB . -2.86 -27.78 -15.53
O31 PCW VB . -8.11 -30.07 -16.69
O1P PCW VB . -2.08 -32.98 -18.89
O2P PCW VB . -4.32 -32.00 -19.41
O3P PCW VB . -3.60 -32.43 -16.96
O4P PCW VB . -2.69 -30.62 -18.29
P PCW VB . -3.17 -32.04 -18.46
C1 PCW WB . 38.65 -20.44 -1.50
C2 PCW WB . 37.78 -19.32 -0.82
C3 PCW WB . 36.89 -19.96 0.29
C4 PCW WB . 39.37 -18.95 -4.67
C5 PCW WB . 38.81 -17.69 -5.33
C6 PCW WB . 40.35 -15.92 -4.79
C7 PCW WB . 39.07 -15.78 -6.75
C8 PCW WB . 40.79 -17.28 -6.73
C11 PCW WB . 35.16 -19.33 1.84
C12 PCW WB . 34.44 -18.14 2.37
C13 PCW WB . 34.62 -18.11 3.93
C14 PCW WB . 33.94 -16.93 4.64
C15 PCW WB . 32.43 -17.11 4.96
C16 PCW WB . 31.95 -16.05 6.02
C17 PCW WB . 31.08 -14.86 5.51
C18 PCW WB . 29.58 -15.17 5.53
C19 PCW WB . 29.04 -15.65 4.15
C20 PCW WB . 28.41 -14.79 3.26
C21 PCW WB . 28.08 -13.34 3.33
C22 PCW WB . 28.95 -12.65 2.25
C23 PCW WB . 28.21 -11.76 1.20
C24 PCW WB . 27.78 -10.41 1.66
C25 PCW WB . 28.08 -9.14 0.80
C26 PCW WB . 29.07 -8.16 1.39
C27 PCW WB . 29.12 -6.74 0.78
C28 PCW WB . 29.35 -5.72 1.86
C31 PCW WB . 38.90 -17.22 -0.87
C32 PCW WB . 39.81 -16.30 -0.05
C33 PCW WB . 39.19 -15.75 1.31
C34 PCW WB . 38.12 -14.68 1.12
C35 PCW WB . 38.88 -13.30 1.20
C36 PCW WB . 38.05 -12.19 1.89
C37 PCW WB . 38.73 -10.80 2.01
C38 PCW WB . 37.84 -9.70 1.51
C39 PCW WB . 38.48 -8.34 1.61
C40 PCW WB . 38.26 -7.43 2.56
C41 PCW WB . 37.31 -7.62 3.71
C42 PCW WB . 38.05 -7.18 5.06
C43 PCW WB . 37.61 -5.91 5.75
C44 PCW WB . 38.48 -5.74 6.98
C45 PCW WB . 39.32 -4.48 7.00
C46 PCW WB . 40.58 -4.57 6.19
C47 PCW WB . 41.86 -4.77 6.95
C48 PCW WB . 43.07 -4.86 6.00
N PCW WB . 39.71 -16.72 -5.87
O2 PCW WB . 38.66 -18.31 -0.14
O3 PCW WB . 36.08 -18.95 0.92
O11 PCW WB . 34.96 -20.47 2.17
O31 PCW WB . 38.47 -16.98 -2.03
O1P PCW WB . 39.74 -21.77 -4.09
O2P PCW WB . 37.36 -21.92 -4.84
O3P PCW WB . 37.91 -21.30 -2.40
O4P PCW WB . 38.23 -19.76 -4.27
P PCW WB . 38.34 -21.24 -3.95
C1 17F XB . -7.90 -23.07 -31.56
N1 17F XB . -9.61 -24.80 -30.96
O1 17F XB . -8.82 -23.13 -34.52
P1 17F XB . -7.66 -22.34 -33.98
C2 17F XB . -8.23 -24.55 -31.32
O2 17F XB . -6.48 -22.14 -34.91
C3 17F XB . -7.30 -25.13 -30.22
O3 17F XB . -7.08 -22.93 -32.67
C4 17F XB . -7.18 -19.93 -33.03
O4 17F XB . -7.76 -25.72 -29.17
C5 17F XB . -7.82 -18.55 -32.69
O5 17F XB . -6.09 -25.03 -30.30
C6 17F XB . -7.99 -17.72 -33.98
O6 17F XB . -8.10 -20.87 -33.57
C7 17F XB . -8.78 -15.65 -34.70
O7 17F XB . -8.57 -16.46 -33.71
C8 17F XB . -9.41 -14.35 -34.14
O8 17F XB . -8.55 -15.78 -35.88
C9 17F XB . -8.37 -13.25 -33.82
O9 17F XB . -9.06 -18.68 -31.99
C10 17F XB . -8.96 -11.91 -33.25
O10 17F XB . -8.41 -19.10 -29.82
C11 17F XB . -8.72 -11.67 -31.71
C12 17F XB . -9.34 -10.31 -31.21
C17 17F XB . -8.92 -18.41 -30.71
C18 17F XB . -9.50 -17.06 -30.36
C19 17F XB . -8.46 -15.92 -30.23
C20 17F XB . -7.43 -16.16 -29.05
C1X 17F XB . -9.09 -10.13 -29.71
C1Y 17F XB . -6.41 -15.01 -28.97
C1Z 17F XB . -6.43 -14.37 -27.58
C2X 17F XB . -9.71 -8.76 -29.15
C21 17F XB . -9.31 -8.49 -27.66
C22 17F XB . -10.05 -7.88 -26.80
C23 17F XB . -11.39 -7.31 -27.02
C24 17F XB . -12.12 -6.90 -25.75
C25 17F XB . -13.51 -6.30 -25.92
C26 17F XB . -14.27 -5.94 -24.56
C27 17F XB . -15.65 -5.34 -24.75
C28 17F XB . -16.24 -5.04 -23.32
C29 17F XB . -16.14 -3.59 -23.05
C30 17F XB . -16.68 -3.17 -21.71
C31 17F XB . -5.82 -12.92 -27.45
C32 17F XB . -5.88 -12.32 -26.02
C33 17F XB . -6.61 -10.98 -26.07
C34 17F XB . -6.82 -10.21 -25.00
C35 17F XB . -6.41 -10.47 -23.57
C36 17F XB . -6.72 -9.30 -22.59
C37 17F XB . -5.44 -8.75 -22.07
C38 17F XB . -4.87 -7.57 -22.91
C39 17F XB . -3.55 -7.06 -22.34
C40 17F XB . -2.50 -6.93 -23.44
C41 17F XB . -1.08 -6.58 -22.82
C42 17F XB . -0.10 -7.73 -22.52
C1 17F YB . 17.06 -23.84 -21.99
N1 17F YB . 15.79 -25.87 -21.26
O1 17F YB . 14.92 -22.56 -23.91
P1 17F YB . 16.35 -22.11 -23.71
C2 17F YB . 16.83 -25.35 -22.13
O2 17F YB . 17.03 -21.49 -24.90
C3 17F YB . 18.15 -26.10 -21.87
O3 17F YB . 17.27 -23.26 -23.24
C4 17F YB . 17.73 -20.46 -22.19
O4 17F YB . 18.24 -27.03 -20.99
C5 17F YB . 17.62 -19.42 -21.04
O5 17F YB . 19.17 -25.82 -22.49
C6 17F YB . 18.62 -18.26 -21.27
O6 17F YB . 16.48 -21.03 -22.55
C7 17F YB . 18.62 -16.04 -20.53
O7 17F YB . 18.54 -17.30 -20.23
C8 17F YB . 18.45 -15.24 -19.23
O8 17F YB . 18.77 -15.50 -21.60
C9 17F YB . 17.04 -15.39 -18.62
O9 17F YB . 16.29 -18.93 -20.86
C10 17F YB . 16.76 -14.62 -17.28
O10 17F YB . 15.06 -20.68 -19.99
C11 17F YB . 15.83 -15.39 -16.27
C12 17F YB . 15.58 -14.60 -14.94
C17 17F YB . 15.64 -19.59 -19.92
C18 17F YB . 15.63 -18.83 -18.62
C19 17F YB . 16.43 -19.49 -17.47
C20 17F YB . 17.98 -19.32 -17.64
C1X 17F YB . 14.68 -15.41 -14.01
C1Y 17F YB . 18.74 -20.00 -16.48
C1Z 17F YB . 19.48 -18.97 -15.63
C2X 17F YB . 14.39 -14.64 -12.62
C21 17F YB . 13.15 -15.24 -11.87
C22 17F YB . 12.48 -14.63 -10.96
C23 17F YB . 12.71 -13.29 -10.43
C24 17F YB . 11.55 -12.32 -10.67
C25 17F YB . 11.72 -10.90 -10.16
C26 17F YB . 10.59 -10.38 -9.15
C27 17F YB . 10.77 -8.96 -8.66
C28 17F YB . 9.57 -8.63 -7.70
C29 17F YB . 9.16 -7.23 -7.94
C30 17F YB . 8.01 -6.76 -7.09
C31 17F YB . 18.66 -18.23 -14.52
C32 17F YB . 19.45 -17.18 -13.69
C33 17F YB . 18.52 -16.06 -13.29
C34 17F YB . 18.87 -15.00 -12.57
C35 17F YB . 20.23 -14.69 -12.00
C36 17F YB . 20.22 -14.30 -10.50
C37 17F YB . 21.04 -13.08 -10.31
C38 17F YB . 20.22 -11.77 -10.20
C39 17F YB . 21.14 -10.54 -10.02
C40 17F YB . 20.31 -9.30 -9.70
C41 17F YB . 21.23 -8.01 -9.63
C42 17F YB . 20.94 -6.84 -10.58
C1 17F ZB . 15.84 -28.83 -5.77
N1 17F ZB . 18.33 -28.95 -6.07
O1 17F ZB . 13.10 -28.78 -6.84
P1 17F ZB . 14.19 -27.99 -7.51
C2 17F ZB . 17.14 -29.65 -5.64
O2 17F ZB . 14.19 -27.97 -9.01
C3 17F ZB . 17.00 -30.95 -6.47
O3 17F ZB . 15.62 -28.43 -7.08
C4 17F ZB . 15.07 -25.51 -7.59
O4 17F ZB . 17.85 -31.30 -7.36
C5 17F ZB . 14.84 -24.07 -7.06
O5 17F ZB . 16.05 -31.71 -6.27
C6 17F ZB . 14.39 -23.16 -8.22
O6 17F ZB . 14.13 -26.46 -7.09
C7 17F ZB . 13.10 -21.20 -8.19
O7 17F ZB . 14.16 -21.82 -7.78
C8 17F ZB . 13.11 -19.79 -7.55
O8 17F ZB . 12.21 -21.57 -8.91
C9 17F ZB . 13.84 -18.74 -8.43
O9 17F ZB . 13.92 -24.02 -5.96
C10 17F ZB . 13.88 -17.28 -7.84
O10 17F ZB . 15.11 -24.85 -4.18
C11 17F ZB . 12.47 -16.62 -7.63
C12 17F ZB . 12.57 -15.17 -7.03
C17 17F ZB . 14.53 -23.95 -4.81
C18 17F ZB . 14.48 -22.55 -4.21
C19 17F ZB . 15.73 -21.68 -4.46
C20 17F ZB . 15.38 -20.16 -4.66
C1X 17F ZB . 11.17 -14.58 -6.84
C1Y 17F ZB . 16.66 -19.32 -4.91
C1Z 17F ZB . 16.31 -17.83 -4.98
C2X 17F ZB . 11.20 -13.09 -6.25
C21 17F ZB . 10.95 -13.06 -4.70
C22 17F ZB . 10.72 -11.98 -4.01
C23 17F ZB . 10.65 -10.60 -4.51
C24 17F ZB . 11.94 -9.80 -4.34
C25 17F ZB . 11.91 -8.36 -4.84
C26 17F ZB . 13.27 -7.84 -5.50
C27 17F ZB . 13.23 -6.41 -5.99
C28 17F ZB . 14.64 -6.07 -6.60
C29 17F ZB . 14.96 -4.66 -6.28
C30 17F ZB . 16.28 -4.18 -6.79
C31 17F ZB . 17.34 -16.91 -5.75
C32 17F ZB . 16.97 -15.41 -5.81
C33 17F ZB . 17.57 -14.80 -7.07
C34 17F ZB . 17.44 -13.52 -7.43
C35 17F ZB . 16.70 -12.43 -6.68
C36 17F ZB . 15.34 -12.03 -7.30
C37 17F ZB . 15.39 -10.60 -7.71
C38 17F ZB . 15.68 -10.37 -9.21
C39 17F ZB . 15.72 -8.87 -9.56
C40 17F ZB . 14.94 -8.59 -10.84
C41 17F ZB . 14.32 -7.12 -10.81
C42 17F ZB . 12.84 -6.92 -11.15
C1 17F AC . -9.54 -15.84 -39.35
N1 17F AC . -10.92 -17.36 -40.76
O1 17F AC . -9.30 -13.02 -40.39
P1 17F AC . -8.16 -14.02 -40.42
C2 17F AC . -9.58 -17.03 -40.32
O2 17F AC . -7.85 -14.65 -41.75
C3 17F AC . -8.95 -18.27 -39.66
O3 17F AC . -8.32 -15.18 -39.42
C4 17F AC . -5.57 -14.08 -39.90
O4 17F AC . -9.60 -19.39 -39.54
C5 17F AC . -4.36 -13.24 -39.40
O5 17F AC . -7.82 -18.24 -39.20
C6 17F AC . -3.11 -13.56 -40.25
O6 17F AC . -6.79 -13.35 -39.96
C7 17F AC . -1.68 -11.71 -40.43
O7 17F AC . -1.98 -12.80 -39.81
C8 17F AC . -0.43 -11.09 -39.76
O8 17F AC . -2.22 -11.17 -41.38
C9 17F AC . -0.68 -10.66 -38.30
O9 17F AC . -4.63 -11.83 -39.39
C10 17F AC . 0.55 -10.02 -37.56
O10 17F AC . -4.66 -11.80 -37.08
C11 17F AC . 1.38 -11.02 -36.65
C12 17F AC . 2.58 -10.30 -35.96
C17 17F AC . -5.01 -11.41 -38.20
C18 17F AC . -6.02 -10.27 -38.31
C19 17F AC . -5.52 -9.04 -39.10
C20 17F AC . -4.15 -8.46 -38.54
C1X 17F AC . 3.37 -11.30 -35.09
C1Y 17F AC . -3.71 -7.23 -39.37
C1Z 17F AC . -3.21 -6.11 -38.45
C2X 17F AC . 4.62 -10.61 -34.35
C21 17F AC . 4.91 -11.24 -32.95
C22 17F AC . 4.26 -10.95 -31.87
C23 17F AC . 3.14 -10.02 -31.71
C24 17F AC . 2.14 -10.39 -30.62
C25 17F AC . 0.96 -9.45 -30.43
C26 17F AC . 0.89 -8.69 -29.02
C27 17F AC . -0.30 -7.77 -28.85
C28 17F AC . -0.20 -7.14 -27.41
C29 17F AC . -0.23 -5.67 -27.54
C30 17F AC . -0.15 -4.94 -26.24
C31 17F AC . -1.70 -6.19 -38.02
C32 17F AC . -1.21 -5.05 -37.09
C33 17F AC . -0.71 -3.89 -37.95
C34 17F AC . -0.22 -2.75 -37.46
C35 17F AC . -0.07 -2.37 -36.02
C36 17F AC . -0.93 -1.14 -35.57
C37 17F AC . -0.09 0.08 -35.65
C38 17F AC . -0.70 1.26 -36.47
C39 17F AC . 0.24 2.48 -36.48
C40 17F AC . -0.33 3.60 -35.60
C41 17F AC . 0.80 4.22 -34.69
C42 17F AC . 1.54 5.48 -35.18
C1 17F BC . 5.25 -41.62 9.77
N1 17F BC . 5.93 -39.44 8.75
O1 17F BC . 3.58 -42.98 12.04
P1 17F BC . 4.62 -41.86 12.22
C2 17F BC . 6.26 -40.85 8.91
O2 17F BC . 5.66 -42.87 12.62
C3 17F BC . 6.35 -41.51 7.52
O3 17F BC . 5.65 -41.61 11.11
C4 17F BC . 5.90 -40.33 13.91
O4 17F BC . 6.16 -40.85 6.43
C5 17F BC . 6.10 -40.00 15.42
O5 17F BC . 6.62 -42.70 7.40
C6 17F BC . 7.40 -39.16 15.60
O6 17F BC . 4.96 -41.37 13.68
C7 17F BC . 8.01 -37.64 17.28
O7 17F BC . 7.62 -38.84 16.97
C8 17F BC . 8.16 -37.57 18.81
O8 17F BC . 8.22 -36.68 16.57
C9 17F BC . 9.47 -36.87 19.28
O9 17F BC . 4.98 -39.34 16.00
C10 17F BC . 9.67 -36.76 20.83
O10 17F BC . 5.16 -40.47 18.00
C11 17F BC . 8.34 -36.59 21.67
C12 17F BC . 8.63 -36.49 23.22
C17 17F BC . 4.52 -39.95 17.07
C18 17F BC . 3.01 -39.99 17.10
C19 17F BC . 2.40 -41.42 17.16
C20 17F BC . 1.28 -41.53 18.25
C1X 17F BC . 7.32 -36.32 24.00
C1Y 17F BC . 0.67 -42.96 18.29
C1Z 17F BC . 0.26 -43.33 19.72
C2X 17F BC . 7.57 -36.22 25.58
C21 17F BC . 8.13 -34.83 26.00
C22 17F BC . 7.58 -34.05 26.86
C23 17F BC . 6.34 -34.30 27.62
C24 17F BC . 5.11 -33.58 27.07
C25 17F BC . 3.81 -33.82 27.81
C26 17F BC . 3.35 -32.63 28.79
C27 17F BC . 2.06 -32.87 29.53
C28 17F BC . 1.80 -31.60 30.43
C29 17F BC . 0.48 -31.02 30.07
C30 17F BC . 0.10 -29.79 30.86
C31 17F BC . -1.09 -42.72 20.24
C32 17F BC . -1.49 -43.11 21.69
C33 17F BC . -1.39 -41.87 22.58
C34 17F BC . -1.65 -41.86 23.88
C35 17F BC . -2.11 -43.02 24.74
C36 17F BC . -3.61 -43.38 24.59
C37 17F BC . -4.22 -43.52 25.93
C38 17F BC . -5.54 -44.33 25.98
C39 17F BC . -6.10 -44.42 27.41
C40 17F BC . -7.62 -44.63 27.38
C41 17F BC . -8.38 -43.25 27.47
C42 17F BC . -9.68 -43.06 26.66
C1 17F CC . 34.65 -20.32 -17.63
N1 17F CC . 36.80 -19.19 -18.25
O1 17F CC . 34.27 -20.56 -14.39
P1 17F CC . 33.67 -19.61 -15.39
C2 17F CC . 36.09 -20.46 -18.16
O2 17F CC . 32.30 -19.94 -15.93
C3 17F CC . 36.07 -21.12 -19.54
O3 17F CC . 34.59 -19.37 -16.61
C4 17F CC . 32.97 -17.08 -15.55
O4 17F CC . 36.62 -20.57 -20.57
C5 17F CC . 32.89 -15.74 -14.78
O5 17F CC . 35.53 -22.20 -19.70
C6 17F CC . 34.21 -15.50 -13.99
O6 17F CC . 33.51 -18.15 -14.77
C7 17F CC . 35.22 -13.52 -13.29
O7 17F CC . 34.18 -14.29 -13.27
C8 17F CC . 34.91 -12.27 -12.43
O8 17F CC . 36.29 -13.66 -13.83
C9 17F CC . 35.51 -12.34 -11.00
O9 17F CC . 32.59 -14.63 -15.65
C10 17F CC . 35.22 -11.10 -10.08
O10 17F CC . 30.36 -14.39 -15.14
C11 17F CC . 33.96 -11.26 -9.14
C12 17F CC . 33.71 -10.00 -8.25
C17 17F CC . 31.51 -13.98 -15.27
C18 17F CC . 31.80 -12.51 -14.98
C19 17F CC . 32.95 -11.90 -15.82
C20 17F CC . 32.41 -11.08 -17.06
C1X 17F CC . 32.49 -10.22 -7.35
C1Y 17F CC . 33.59 -10.48 -17.88
C1Z 17F CC . 33.52 -8.96 -17.90
C2X 17F CC . 32.16 -8.95 -6.42
C21 17F CC . 30.75 -8.35 -6.68
C22 17F CC . 30.40 -7.14 -6.43
C23 17F CC . 31.25 -6.08 -5.86
C24 17F CC . 30.48 -4.94 -5.21
C25 17F CC . 31.30 -3.81 -4.60
C26 17F CC . 30.74 -3.20 -3.24
C27 17F CC . 31.57 -2.09 -2.64
C28 17F CC . 30.86 -1.62 -1.31
C29 17F CC . 31.84 -0.91 -0.48
C30 17F CC . 31.30 -0.40 0.83
C31 17F CC . 33.61 -8.22 -16.51
C32 17F CC . 33.54 -6.67 -16.57
C33 17F CC . 32.14 -6.25 -17.01
C34 17F CC . 31.75 -4.99 -17.17
C35 17F CC . 32.57 -3.76 -16.92
C36 17F CC . 33.05 -3.04 -18.21
C37 17F CC . 32.20 -1.85 -18.46
C38 17F CC . 31.03 -2.09 -19.44
C39 17F CC . 30.19 -0.82 -19.65
C40 17F CC . 28.71 -1.09 -19.39
C41 17F CC . 28.37 -0.90 -17.86
C42 17F CC . 27.64 -2.01 -17.10
C1 17F DC . 22.86 -19.06 -19.31
N1 17F DC . 22.27 -20.76 -21.05
O1 17F DC . 24.78 -17.03 -21.81
P1 17F DC . 24.28 -17.25 -20.41
C2 17F DC . 22.98 -20.51 -19.80
O2 17F DC . 25.27 -17.84 -19.43
C3 17F DC . 22.46 -21.46 -18.71
O3 17F DC . 23.02 -18.16 -20.35
C4 17F DC . 23.28 -15.84 -18.41
O4 17F DC . 21.54 -22.33 -18.93
C5 17F DC . 22.85 -14.41 -17.96
O5 17F DC . 22.93 -21.42 -17.57
C6 17F DC . 22.30 -14.46 -16.53
O6 17F DC . 23.79 -15.89 -19.75
C7 17F DC . 22.28 -12.76 -14.91
O7 17F DC . 21.89 -13.18 -16.07
C8 17F DC . 21.67 -11.35 -14.69
O8 17F DC . 22.97 -13.29 -14.08
C9 17F DC . 22.54 -10.21 -15.26
O9 17F DC . 23.91 -13.46 -18.09
C10 17F DC . 21.96 -8.75 -15.06
O10 17F DC . 23.69 -12.83 -20.29
C11 17F DC . 20.70 -8.43 -15.95
C12 17F DC . 20.17 -6.96 -15.71
C17 17F DC . 23.70 -12.61 -19.06
C18 17F DC . 23.47 -11.20 -18.56
C19 17F DC . 22.41 -10.40 -19.36
C20 17F DC . 22.76 -8.86 -19.41
C1X 17F DC . 18.93 -6.70 -16.59
C1Y 17F DC . 21.67 -8.08 -20.20
C1Z 17F DC . 22.02 -6.59 -20.25
C2X 17F DC . 18.34 -5.23 -16.38
C21 17F DC . 17.75 -4.64 -17.70
C22 17F DC . 16.53 -4.77 -18.08
C23 17F DC . 15.45 -5.47 -17.38
C24 17F DC . 14.65 -6.42 -18.27
C25 17F DC . 13.51 -7.17 -17.59
C26 17F DC . 12.19 -7.38 -18.47
C27 17F DC . 11.08 -8.13 -17.78
C28 17F DC . 9.88 -8.24 -18.79
C29 17F DC . 9.42 -9.64 -18.82
C30 17F DC . 8.26 -9.89 -19.74
C31 17F DC . 23.32 -6.18 -21.03
C32 17F DC . 23.63 -4.67 -21.06
C33 17F DC . 24.96 -4.41 -20.36
C34 17F DC . 25.52 -3.21 -20.21
C35 17F DC . 24.98 -1.89 -20.68
C36 17F DC . 24.75 -0.84 -19.56
C37 17F DC . 23.30 -0.62 -19.39
C38 17F DC . 22.75 0.69 -20.02
C39 17F DC . 21.23 0.83 -19.80
C40 17F DC . 20.96 1.89 -18.72
C41 17F DC . 20.46 1.19 -17.38
C42 17F DC . 21.44 1.03 -16.21
C1 17F EC . 15.61 -15.73 -37.61
N1 17F EC . 14.71 -17.11 -35.72
O1 17F EC . 18.03 -14.37 -38.89
P1 17F EC . 17.77 -14.44 -37.41
C2 17F EC . 14.52 -15.93 -36.54
O2 17F EC . 18.99 -14.51 -36.51
C3 17F EC . 13.14 -16.01 -37.22
O3 17F EC . 16.86 -15.61 -37.00
C4 17F EC . 16.61 -12.98 -35.54
O4 17F EC . 12.33 -17.00 -37.04
C5 17F EC . 15.83 -11.66 -35.26
O5 17F EC . 12.76 -15.11 -37.97
C6 17F EC . 14.41 -11.97 -34.71
O6 17F EC . 16.97 -13.15 -36.90
C7 17F EC . 12.51 -10.62 -34.99
O7 17F EC . 13.68 -10.78 -34.45
C8 17F EC . 11.97 -9.25 -34.54
O8 17F EC . 11.89 -11.35 -35.72
C9 17F EC . 12.37 -8.11 -35.51
O9 17F EC . 16.55 -10.75 -34.39
C10 17F EC . 11.84 -6.67 -35.12
O10 17F EC . 17.37 -12.15 -32.74
C11 17F EC . 11.81 -5.64 -36.31
C12 17F EC . 11.29 -4.23 -35.86
C17 17F EC . 16.68 -11.20 -33.15
C18 17F EC . 15.88 -10.40 -32.15
C19 17F EC . 16.25 -8.90 -32.08
C20 17F EC . 15.74 -8.21 -30.75
C1X 17F EC . 11.27 -3.25 -37.05
C1Y 17F EC . 16.13 -6.71 -30.73
C1Z 17F EC . 17.16 -6.44 -29.62
C2X 17F EC . 10.75 -1.80 -36.63
C21 17F EC . 9.28 -1.55 -37.12
C22 17F EC . 8.36 -0.97 -36.41
C23 17F EC . 8.49 -0.42 -35.05
C24 17F EC . 7.94 -1.33 -33.95
C25 17F EC . 8.05 -0.82 -32.54
C26 17F EC . 6.77 0.00 -31.99
C27 17F EC . 6.89 0.50 -30.57
C28 17F EC . 5.56 1.27 -30.22
C29 17F EC . 5.81 2.72 -30.28
C30 17F EC . 4.61 3.57 -29.97
C31 17F EC . 16.62 -5.80 -28.30
C32 17F EC . 17.68 -5.54 -27.20
C33 17F EC . 17.06 -5.79 -25.83
C34 17F EC . 17.70 -5.67 -24.67
C35 17F EC . 19.14 -5.26 -24.47
C36 17F EC . 20.12 -6.43 -24.21
C37 17F EC . 20.96 -6.65 -25.42
C38 17F EC . 22.49 -6.52 -25.18
C39 17F EC . 23.27 -6.77 -26.49
C40 17F EC . 24.24 -5.60 -26.76
C41 17F EC . 25.71 -6.02 -26.34
C42 17F EC . 26.76 -4.91 -26.16
PB GDP FC . -25.86 26.16 4.05
O1B GDP FC . -25.61 25.59 5.42
O2B GDP FC . -25.96 27.66 4.13
O3B GDP FC . -24.72 25.80 3.14
O3A GDP FC . -27.22 25.57 3.43
PA GDP FC . -28.32 24.79 4.31
O1A GDP FC . -28.90 25.67 5.39
O2A GDP FC . -27.76 23.52 4.91
O5' GDP FC . -29.43 24.44 3.21
C5' GDP FC . -29.27 23.28 2.39
C4' GDP FC . -30.45 23.18 1.45
O4' GDP FC . -30.04 22.50 0.26
C3' GDP FC . -31.60 22.39 2.06
O3' GDP FC . -32.81 23.12 1.90
C2' GDP FC . -31.61 21.07 1.32
O2' GDP FC . -32.93 20.58 1.06
C1' GDP FC . -30.83 21.32 0.04
N9 GDP FC . -29.96 20.18 -0.31
C8 GDP FC . -28.95 19.65 0.43
N7 GDP FC . -28.38 18.61 -0.22
C5 GDP FC . -29.02 18.45 -1.39
C6 GDP FC . -28.94 17.55 -2.57
O6 GDP FC . -28.09 16.66 -2.61
N1 GDP FC . -29.79 17.74 -3.59
C2 GDP FC . -30.73 18.72 -3.57
N2 GDP FC . -31.57 18.85 -4.64
N3 GDP FC . -30.87 19.58 -2.53
C4 GDP FC . -30.06 19.50 -1.44
MG MG GC . -25.85 24.65 10.55
N LEU A 3 -6.73 15.96 -44.35
CA LEU A 3 -7.82 15.47 -45.20
C LEU A 3 -8.08 14.00 -44.95
N LYS A 4 -6.99 13.27 -44.72
CA LYS A 4 -7.06 11.83 -44.47
C LYS A 4 -7.87 11.54 -43.21
N LEU A 5 -7.73 12.41 -42.21
CA LEU A 5 -8.44 12.25 -40.96
C LEU A 5 -9.95 12.41 -41.15
N LEU A 6 -10.33 13.24 -42.11
CA LEU A 6 -11.73 13.49 -42.40
C LEU A 6 -12.40 12.28 -43.03
N ASP A 7 -11.80 11.79 -44.11
CA ASP A 7 -12.35 10.65 -44.83
C ASP A 7 -12.28 9.36 -44.01
N ASN A 8 -11.18 9.20 -43.28
CA ASN A 8 -11.00 8.01 -42.44
C ASN A 8 -12.04 8.01 -41.34
N TRP A 9 -12.25 9.18 -40.72
CA TRP A 9 -13.22 9.31 -39.64
C TRP A 9 -14.65 9.18 -40.15
N ASP A 10 -14.89 9.58 -41.39
CA ASP A 10 -16.21 9.46 -41.98
C ASP A 10 -16.58 7.99 -42.05
N SER A 11 -15.61 7.18 -42.48
CA SER A 11 -15.79 5.74 -42.56
C SER A 11 -16.07 5.19 -41.16
N VAL A 12 -15.32 5.69 -40.18
CA VAL A 12 -15.50 5.27 -38.78
C VAL A 12 -16.91 5.63 -38.32
N THR A 13 -17.34 6.83 -38.66
CA THR A 13 -18.67 7.30 -38.30
C THR A 13 -19.72 6.43 -38.99
N SER A 14 -19.43 6.04 -40.23
CA SER A 14 -20.31 5.18 -40.99
C SER A 14 -20.46 3.84 -40.28
N THR A 15 -19.33 3.30 -39.81
CA THR A 15 -19.33 2.04 -39.08
C THR A 15 -20.13 2.20 -37.80
N PHE A 16 -19.95 3.33 -37.12
CA PHE A 16 -20.69 3.61 -35.88
C PHE A 16 -22.18 3.69 -36.18
N SER A 17 -22.52 4.27 -37.33
CA SER A 17 -23.90 4.38 -37.74
C SER A 17 -24.49 3.00 -37.99
N LYS A 18 -23.72 2.17 -38.72
CA LYS A 18 -24.15 0.81 -39.02
C LYS A 18 -24.26 0.02 -37.72
N LEU A 19 -23.35 0.26 -36.79
CA LEU A 19 -23.37 -0.40 -35.50
C LEU A 19 -24.62 0.00 -34.74
N ARG A 20 -24.93 1.29 -34.75
CA ARG A 20 -26.12 1.80 -34.07
C ARG A 20 -27.39 1.21 -34.68
N GLU A 21 -27.38 1.11 -36.02
CA GLU A 21 -28.53 0.54 -36.74
C GLU A 21 -28.79 -0.88 -36.30
N GLN A 22 -27.71 -1.61 -36.06
CA GLN A 22 -27.83 -2.99 -35.62
C GLN A 22 -28.07 -3.08 -34.11
N LEU A 23 -27.45 -2.16 -33.37
CA LEU A 23 -27.60 -2.12 -31.92
C LEU A 23 -29.05 -1.97 -31.49
N GLY A 24 -29.80 -1.19 -32.26
CA GLY A 24 -31.22 -1.00 -31.97
C GLY A 24 -31.94 -2.31 -31.83
N PRO A 25 -32.12 -3.05 -32.94
CA PRO A 25 -32.78 -4.36 -32.91
C PRO A 25 -32.05 -5.33 -31.99
N VAL A 26 -30.72 -5.23 -31.95
CA VAL A 26 -29.90 -6.08 -31.09
C VAL A 26 -30.36 -5.96 -29.64
N THR A 27 -30.56 -4.73 -29.18
CA THR A 27 -31.02 -4.49 -27.83
C THR A 27 -32.37 -5.14 -27.60
N GLN A 28 -33.23 -5.05 -28.61
CA GLN A 28 -34.57 -5.63 -28.53
C GLN A 28 -34.49 -7.15 -28.53
N GLU A 29 -33.72 -7.70 -29.47
CA GLU A 29 -33.54 -9.14 -29.59
C GLU A 29 -32.88 -9.71 -28.33
N PHE A 30 -32.00 -8.92 -27.73
CA PHE A 30 -31.32 -9.33 -26.52
C PHE A 30 -32.29 -9.27 -25.34
N TRP A 31 -32.99 -8.14 -25.21
CA TRP A 31 -33.94 -7.96 -24.12
C TRP A 31 -35.13 -8.91 -24.24
N ASP A 32 -35.53 -9.21 -25.46
CA ASP A 32 -36.64 -10.13 -25.69
C ASP A 32 -36.25 -11.50 -25.20
N ASN A 33 -35.04 -11.92 -25.53
CA ASN A 33 -34.54 -13.21 -25.11
C ASN A 33 -34.28 -13.18 -23.61
N LEU A 34 -33.85 -12.02 -23.11
CA LEU A 34 -33.61 -11.84 -21.68
C LEU A 34 -34.94 -11.86 -20.94
N GLU A 35 -35.99 -11.44 -21.62
CA GLU A 35 -37.33 -11.43 -21.05
C GLU A 35 -37.79 -12.86 -20.84
N LYS A 36 -37.58 -13.70 -21.85
CA LYS A 36 -37.94 -15.11 -21.76
C LYS A 36 -37.09 -15.76 -20.68
N GLU A 37 -35.83 -15.35 -20.63
CA GLU A 37 -34.88 -15.83 -19.65
C GLU A 37 -35.34 -15.46 -18.25
N THR A 38 -35.63 -14.19 -18.05
CA THR A 38 -36.08 -13.71 -16.74
C THR A 38 -37.39 -14.37 -16.35
N GLU A 39 -38.30 -14.51 -17.31
CA GLU A 39 -39.59 -15.14 -17.05
C GLU A 39 -39.38 -16.60 -16.63
N GLY A 40 -38.49 -17.28 -17.35
CA GLY A 40 -38.18 -18.65 -17.02
C GLY A 40 -37.53 -18.74 -15.67
N LEU A 41 -36.56 -17.85 -15.44
CA LEU A 41 -35.85 -17.80 -14.16
C LEU A 41 -36.80 -17.43 -13.04
N ARG A 42 -37.79 -16.60 -13.34
CA ARG A 42 -38.78 -16.18 -12.34
C ARG A 42 -39.69 -17.36 -12.01
N GLN A 43 -39.97 -18.17 -13.03
CA GLN A 43 -40.79 -19.37 -12.85
C GLN A 43 -40.04 -20.34 -11.96
N GLU A 44 -38.72 -20.38 -12.15
CA GLU A 44 -37.86 -21.23 -11.36
C GLU A 44 -37.74 -20.65 -9.96
N MET A 45 -37.25 -19.41 -9.89
CA MET A 45 -37.03 -18.70 -8.63
C MET A 45 -38.20 -18.76 -7.68
N SER A 46 -39.42 -18.64 -8.21
CA SER A 46 -40.61 -18.70 -7.36
C SER A 46 -40.67 -20.03 -6.62
N LYS A 47 -40.62 -21.12 -7.38
CA LYS A 47 -40.66 -22.45 -6.79
C LYS A 47 -39.34 -22.79 -6.10
N ASP A 48 -38.25 -22.23 -6.62
CA ASP A 48 -36.92 -22.43 -6.05
C ASP A 48 -36.93 -21.93 -4.61
N LEU A 49 -37.32 -20.68 -4.45
CA LEU A 49 -37.40 -20.07 -3.13
C LEU A 49 -38.45 -20.77 -2.29
N GLU A 50 -39.57 -21.13 -2.91
CA GLU A 50 -40.66 -21.83 -2.22
C GLU A 50 -40.13 -23.11 -1.60
N GLU A 51 -39.60 -23.99 -2.44
CA GLU A 51 -39.07 -25.27 -1.98
C GLU A 51 -37.89 -25.06 -1.04
N VAL A 52 -36.99 -24.14 -1.40
CA VAL A 52 -35.83 -23.86 -0.56
C VAL A 52 -36.24 -23.39 0.83
N LYS A 53 -37.18 -22.45 0.90
CA LYS A 53 -37.64 -21.93 2.18
C LYS A 53 -38.51 -22.94 2.92
N ALA A 54 -39.41 -23.59 2.20
CA ALA A 54 -40.30 -24.58 2.80
C ALA A 54 -39.51 -25.76 3.35
N LYS A 55 -38.45 -26.13 2.64
CA LYS A 55 -37.63 -27.24 3.06
C LYS A 55 -36.53 -26.79 4.01
N VAL A 56 -36.15 -25.52 3.94
CA VAL A 56 -35.13 -24.98 4.84
C VAL A 56 -35.61 -25.05 6.27
N GLN A 57 -36.94 -25.07 6.43
CA GLN A 57 -37.54 -25.15 7.76
C GLN A 57 -37.10 -26.44 8.45
N PRO A 58 -37.46 -27.64 7.94
CA PRO A 58 -37.05 -28.91 8.55
C PRO A 58 -35.53 -29.09 8.47
N TYR A 59 -34.92 -28.53 7.42
CA TYR A 59 -33.47 -28.62 7.26
C TYR A 59 -32.78 -27.97 8.45
N LEU A 60 -33.12 -26.72 8.71
CA LEU A 60 -32.54 -25.98 9.82
C LEU A 60 -33.12 -26.44 11.15
N ASP A 61 -34.42 -26.76 11.16
CA ASP A 61 -35.08 -27.21 12.38
C ASP A 61 -34.41 -28.45 12.93
N ASP A 62 -34.13 -29.40 12.05
CA ASP A 62 -33.47 -30.63 12.47
C ASP A 62 -32.06 -30.32 12.97
N PHE A 63 -31.38 -29.42 12.26
CA PHE A 63 -30.04 -29.02 12.66
C PHE A 63 -30.08 -28.26 13.98
N GLN A 64 -31.18 -27.54 14.21
CA GLN A 64 -31.37 -26.79 15.44
C GLN A 64 -31.52 -27.76 16.61
N LYS A 65 -32.37 -28.76 16.41
CA LYS A 65 -32.60 -29.79 17.42
C LYS A 65 -31.31 -30.56 17.66
N LYS A 66 -30.62 -30.88 16.57
CA LYS A 66 -29.36 -31.60 16.65
C LYS A 66 -28.32 -30.76 17.38
N TRP A 67 -28.18 -29.50 16.98
CA TRP A 67 -27.24 -28.60 17.61
C TRP A 67 -27.60 -28.38 19.07
N GLN A 68 -28.89 -28.43 19.38
CA GLN A 68 -29.35 -28.27 20.75
C GLN A 68 -28.85 -29.45 21.56
N GLU A 69 -29.00 -30.65 20.98
CA GLU A 69 -28.54 -31.88 21.62
C GLU A 69 -27.02 -31.80 21.77
N GLU A 70 -26.37 -31.38 20.69
CA GLU A 70 -24.93 -31.24 20.67
C GLU A 70 -24.46 -30.29 21.76
N MET A 71 -25.14 -29.15 21.86
CA MET A 71 -24.81 -28.15 22.86
C MET A 71 -25.07 -28.66 24.27
N GLU A 72 -26.23 -29.29 24.47
CA GLU A 72 -26.59 -29.83 25.77
C GLU A 72 -25.60 -30.90 26.22
N LEU A 73 -25.27 -31.81 25.30
CA LEU A 73 -24.33 -32.87 25.60
C LEU A 73 -22.93 -32.29 25.78
N TYR A 74 -22.59 -31.31 24.95
CA TYR A 74 -21.29 -30.66 25.01
C TYR A 74 -21.13 -29.99 26.37
N ARG A 75 -22.10 -29.17 26.75
CA ARG A 75 -22.06 -28.48 28.03
C ARG A 75 -22.13 -29.46 29.18
N GLN A 76 -22.85 -30.56 28.98
CA GLN A 76 -22.98 -31.59 29.99
C GLN A 76 -21.62 -32.25 30.23
N LYS A 77 -20.86 -32.36 29.15
CA LYS A 77 -19.53 -32.95 29.22
C LYS A 77 -18.51 -31.89 29.65
N VAL A 78 -18.79 -30.64 29.29
CA VAL A 78 -17.92 -29.51 29.61
C VAL A 78 -17.74 -29.37 31.12
N GLU A 79 -18.81 -29.59 31.88
CA GLU A 79 -18.73 -29.48 33.34
C GLU A 79 -17.66 -30.39 33.92
N PRO A 80 -17.78 -31.74 33.78
CA PRO A 80 -16.76 -32.66 34.27
C PRO A 80 -15.43 -32.41 33.56
N LEU A 81 -15.51 -32.01 32.29
CA LEU A 81 -14.32 -31.70 31.50
C LEU A 81 -13.51 -30.62 32.21
N ARG A 82 -14.16 -29.49 32.47
CA ARG A 82 -13.53 -28.37 33.13
C ARG A 82 -13.14 -28.74 34.55
N ALA A 83 -13.98 -29.52 35.22
CA ALA A 83 -13.72 -29.94 36.60
C ALA A 83 -12.44 -30.78 36.67
N GLU A 84 -12.38 -31.83 35.86
CA GLU A 84 -11.22 -32.71 35.83
C GLU A 84 -9.98 -31.93 35.39
N LEU A 85 -10.14 -31.10 34.37
CA LEU A 85 -9.04 -30.30 33.87
C LEU A 85 -8.60 -29.29 34.90
N GLN A 86 -9.55 -28.72 35.63
CA GLN A 86 -9.27 -27.73 36.66
C GLN A 86 -8.44 -28.36 37.78
N GLU A 87 -8.97 -29.43 38.36
CA GLU A 87 -8.27 -30.11 39.44
C GLU A 87 -6.99 -30.77 38.93
N GLY A 88 -7.05 -31.23 37.68
CA GLY A 88 -5.88 -31.84 37.07
C GLY A 88 -4.80 -30.80 36.88
N ALA A 89 -5.23 -29.59 36.52
CA ALA A 89 -4.31 -28.48 36.34
C ALA A 89 -3.85 -27.99 37.70
N ARG A 90 -4.74 -28.09 38.70
CA ARG A 90 -4.40 -27.69 40.06
C ARG A 90 -3.27 -28.56 40.58
N GLN A 91 -3.34 -29.84 40.24
CA GLN A 91 -2.33 -30.80 40.63
C GLN A 91 -1.04 -30.50 39.87
N LYS A 92 -1.18 -30.22 38.58
CA LYS A 92 -0.05 -29.88 37.73
C LYS A 92 0.59 -28.58 38.20
N LEU A 93 -0.26 -27.61 38.56
CA LEU A 93 0.22 -26.32 39.05
C LEU A 93 0.86 -26.50 40.42
N HIS A 94 0.33 -27.43 41.20
CA HIS A 94 0.88 -27.72 42.51
C HIS A 94 2.26 -28.33 42.34
N GLU A 95 2.37 -29.24 41.38
CA GLU A 95 3.65 -29.87 41.07
C GLU A 95 4.63 -28.82 40.55
N LEU A 96 4.12 -27.93 39.70
CA LEU A 96 4.93 -26.86 39.16
C LEU A 96 5.38 -25.93 40.28
N GLN A 97 4.48 -25.66 41.22
CA GLN A 97 4.80 -24.81 42.36
C GLN A 97 5.81 -25.52 43.23
N GLU A 98 5.69 -26.85 43.29
CA GLU A 98 6.60 -27.69 44.06
C GLU A 98 7.95 -27.78 43.38
N LYS A 99 8.04 -27.19 42.19
CA LYS A 99 9.27 -27.18 41.43
C LYS A 99 9.81 -25.76 41.37
N LEU A 100 8.92 -24.79 41.20
CA LEU A 100 9.29 -23.38 41.12
C LEU A 100 10.10 -22.93 42.32
N SER A 101 9.64 -23.30 43.51
CA SER A 101 10.34 -22.92 44.74
C SER A 101 11.75 -23.53 44.84
N PRO A 102 11.90 -24.88 44.89
CA PRO A 102 13.21 -25.52 44.99
C PRO A 102 14.11 -25.21 43.80
N LEU A 103 13.61 -25.46 42.58
CA LEU A 103 14.40 -25.21 41.38
C LEU A 103 14.71 -23.73 41.24
N GLY A 104 13.79 -22.90 41.73
CA GLY A 104 13.99 -21.46 41.68
C GLY A 104 15.08 -21.03 42.61
N GLU A 105 15.07 -21.59 43.82
CA GLU A 105 16.11 -21.28 44.81
C GLU A 105 17.48 -21.66 44.28
N GLU A 106 17.57 -22.85 43.70
CA GLU A 106 18.82 -23.32 43.11
C GLU A 106 19.19 -22.44 41.94
N MET A 107 18.19 -22.02 41.17
CA MET A 107 18.43 -21.17 40.02
C MET A 107 19.00 -19.84 40.48
N ARG A 108 18.39 -19.27 41.51
CA ARG A 108 18.84 -18.02 42.08
C ARG A 108 20.23 -18.17 42.66
N ASP A 109 20.45 -19.29 43.34
CA ASP A 109 21.74 -19.60 43.96
C ASP A 109 22.82 -19.76 42.90
N ARG A 110 22.53 -20.55 41.88
CA ARG A 110 23.48 -20.78 40.81
C ARG A 110 23.66 -19.54 39.97
N ALA A 111 22.60 -18.74 39.84
CA ALA A 111 22.68 -17.49 39.10
C ALA A 111 23.58 -16.54 39.86
N ARG A 112 23.44 -16.56 41.19
CA ARG A 112 24.26 -15.72 42.05
C ARG A 112 25.71 -16.13 41.90
N ALA A 113 25.97 -17.43 41.92
CA ALA A 113 27.33 -17.95 41.76
C ALA A 113 27.84 -17.62 40.36
N HIS A 114 26.95 -17.78 39.38
CA HIS A 114 27.26 -17.49 37.98
C HIS A 114 27.75 -16.05 37.83
N VAL A 115 26.95 -15.12 38.34
CA VAL A 115 27.27 -13.70 38.28
C VAL A 115 28.40 -13.34 39.23
N ASP A 116 28.44 -13.98 40.40
CA ASP A 116 29.48 -13.73 41.38
C ASP A 116 30.84 -14.02 40.78
N ALA A 117 30.93 -15.13 40.07
CA ALA A 117 32.16 -15.51 39.40
C ALA A 117 32.48 -14.48 38.32
N LEU A 118 31.42 -13.96 37.69
CA LEU A 118 31.57 -12.95 36.66
C LEU A 118 32.02 -11.63 37.29
N ARG A 119 31.59 -11.38 38.52
CA ARG A 119 31.97 -10.16 39.22
C ARG A 119 33.47 -10.18 39.49
N THR A 120 34.00 -11.38 39.63
CA THR A 120 35.43 -11.56 39.87
C THR A 120 36.13 -11.98 38.57
N HIS A 121 35.43 -11.80 37.45
CA HIS A 121 35.97 -12.15 36.14
C HIS A 121 35.89 -10.97 35.19
N LEU A 122 34.70 -10.39 35.07
CA LEU A 122 34.48 -9.25 34.19
C LEU A 122 35.27 -8.04 34.68
N ALA A 123 35.39 -7.92 36.00
CA ALA A 123 36.13 -6.82 36.61
C ALA A 123 37.60 -6.82 36.16
N PRO A 124 38.38 -7.90 36.45
CA PRO A 124 39.77 -7.96 36.00
C PRO A 124 39.86 -7.92 34.47
N TYR A 125 38.89 -8.56 33.82
CA TYR A 125 38.84 -8.58 32.36
C TYR A 125 38.72 -7.18 31.78
N SER A 126 37.82 -6.38 32.34
CA SER A 126 37.64 -5.01 31.86
C SER A 126 38.87 -4.18 32.22
N ASP A 127 39.51 -4.52 33.34
CA ASP A 127 40.71 -3.82 33.77
C ASP A 127 41.83 -4.11 32.78
N GLU A 128 41.94 -5.37 32.38
CA GLU A 128 42.93 -5.77 31.39
C GLU A 128 42.55 -5.18 30.04
N LEU A 129 41.24 -5.11 29.80
CA LEU A 129 40.72 -4.54 28.57
C LEU A 129 41.11 -3.07 28.50
N ARG A 130 41.18 -2.43 29.66
CA ARG A 130 41.59 -1.04 29.74
C ARG A 130 43.02 -0.91 29.27
N GLN A 131 43.83 -1.90 29.65
CA GLN A 131 45.24 -1.92 29.24
C GLN A 131 45.30 -2.13 27.74
N ARG A 132 44.40 -2.98 27.24
CA ARG A 132 44.31 -3.26 25.82
C ARG A 132 43.95 -1.97 25.09
N LEU A 133 42.89 -1.32 25.57
CA LEU A 133 42.44 -0.07 24.99
C LEU A 133 43.54 0.96 25.02
N ALA A 134 44.27 1.01 26.13
CA ALA A 134 45.38 1.94 26.29
C ALA A 134 46.46 1.63 25.27
N ALA A 135 46.87 0.37 25.20
CA ALA A 135 47.90 -0.06 24.25
C ALA A 135 47.44 0.23 22.82
N ARG A 136 46.19 -0.10 22.54
CA ARG A 136 45.62 0.12 21.21
C ARG A 136 45.59 1.62 20.90
N LEU A 137 45.08 2.41 21.83
CA LEU A 137 45.00 3.86 21.64
C LEU A 137 46.38 4.50 21.53
N GLU A 138 47.31 4.05 22.38
CA GLU A 138 48.66 4.60 22.36
C GLU A 138 49.33 4.29 21.02
N ALA A 139 49.17 3.05 20.55
CA ALA A 139 49.74 2.64 19.27
C ALA A 139 49.03 3.35 18.13
N LEU A 140 47.70 3.40 18.21
CA LEU A 140 46.89 4.08 17.20
C LEU A 140 47.16 5.56 17.21
N LYS A 141 47.69 6.06 18.32
CA LYS A 141 48.03 7.47 18.44
C LYS A 141 49.29 7.75 17.64
N GLU A 142 50.27 6.87 17.77
CA GLU A 142 51.53 7.01 17.05
C GLU A 142 51.32 6.67 15.58
N ASN A 143 50.68 5.53 15.33
CA ASN A 143 50.40 5.09 13.98
C ASN A 143 49.46 6.09 13.30
N GLY A 144 48.43 6.49 14.03
CA GLY A 144 47.47 7.45 13.50
C GLY A 144 48.10 8.81 13.33
N GLY A 145 48.97 9.19 14.27
CA GLY A 145 49.66 10.47 14.19
C GLY A 145 50.53 10.53 12.95
N ALA A 146 51.28 9.46 12.72
CA ALA A 146 52.14 9.36 11.56
C ALA A 146 51.27 9.28 10.31
N ARG A 147 50.20 8.49 10.40
CA ARG A 147 49.26 8.32 9.30
C ARG A 147 48.72 9.67 8.87
N LEU A 148 48.21 10.44 9.83
CA LEU A 148 47.66 11.76 9.55
C LEU A 148 48.69 12.68 8.93
N ALA A 149 49.91 12.63 9.43
CA ALA A 149 50.99 13.46 8.91
C ALA A 149 51.34 13.02 7.50
N GLU A 150 51.52 11.72 7.33
CA GLU A 150 51.85 11.16 6.03
C GLU A 150 50.73 11.42 5.02
N TYR A 151 49.50 11.14 5.43
CA TYR A 151 48.34 11.34 4.57
C TYR A 151 48.20 12.81 4.21
N HIS A 152 48.60 13.69 5.11
CA HIS A 152 48.53 15.13 4.86
C HIS A 152 49.52 15.50 3.76
N ALA A 153 50.72 14.93 3.85
CA ALA A 153 51.76 15.15 2.85
C ALA A 153 51.34 14.51 1.53
N LYS A 154 50.83 13.28 1.62
CA LYS A 154 50.37 12.55 0.45
C LYS A 154 49.23 13.32 -0.22
N ALA A 155 48.33 13.87 0.59
CA ALA A 155 47.21 14.65 0.08
C ALA A 155 47.73 15.89 -0.60
N THR A 156 48.78 16.49 -0.02
CA THR A 156 49.39 17.67 -0.59
C THR A 156 49.97 17.33 -1.97
N GLU A 157 50.69 16.20 -2.03
CA GLU A 157 51.28 15.74 -3.28
C GLU A 157 50.16 15.46 -4.29
N HIS A 158 49.04 14.96 -3.78
CA HIS A 158 47.88 14.66 -4.62
C HIS A 158 47.33 15.98 -5.16
N LEU A 159 47.21 16.97 -4.28
CA LEU A 159 46.69 18.27 -4.66
C LEU A 159 47.61 19.01 -5.61
N SER A 160 48.92 18.96 -5.36
CA SER A 160 49.88 19.62 -6.24
C SER A 160 49.82 19.03 -7.64
N THR A 161 49.79 17.71 -7.72
CA THR A 161 49.71 17.04 -9.01
C THR A 161 48.33 17.23 -9.62
N LEU A 162 47.32 17.38 -8.77
CA LEU A 162 45.96 17.59 -9.23
C LEU A 162 45.88 18.94 -9.93
N SER A 163 46.38 19.98 -9.27
CA SER A 163 46.37 21.31 -9.85
C SER A 163 47.30 21.38 -11.05
N GLU A 164 48.42 20.66 -10.96
CA GLU A 164 49.40 20.62 -12.04
C GLU A 164 48.84 19.89 -13.27
N LYS A 165 47.65 19.33 -13.12
CA LYS A 165 46.98 18.65 -14.20
C LYS A 165 45.68 19.37 -14.52
N ALA A 166 44.99 19.82 -13.48
CA ALA A 166 43.73 20.53 -13.63
C ALA A 166 43.91 21.80 -14.44
N LYS A 167 44.97 22.55 -14.14
CA LYS A 167 45.24 23.80 -14.86
C LYS A 167 45.37 23.55 -16.37
N PRO A 168 46.37 22.74 -16.82
CA PRO A 168 46.54 22.45 -18.24
C PRO A 168 45.32 21.75 -18.82
N ALA A 169 44.68 20.87 -18.02
CA ALA A 169 43.49 20.17 -18.48
C ALA A 169 42.37 21.16 -18.74
N LEU A 170 42.25 22.16 -17.89
CA LEU A 170 41.23 23.20 -18.06
C LEU A 170 41.52 23.98 -19.33
N GLU A 171 42.79 24.29 -19.55
CA GLU A 171 43.20 25.02 -20.75
C GLU A 171 42.85 24.18 -21.97
N ASP A 172 43.15 22.89 -21.87
CA ASP A 172 42.87 21.96 -22.95
C ASP A 172 41.36 21.78 -23.15
N LEU A 173 40.64 21.65 -22.03
CA LEU A 173 39.18 21.51 -22.08
C LEU A 173 38.54 22.73 -22.71
N ARG A 174 39.02 23.91 -22.35
CA ARG A 174 38.49 25.15 -22.92
C ARG A 174 38.89 25.21 -24.39
N GLN A 175 40.09 24.69 -24.68
CA GLN A 175 40.59 24.65 -26.03
C GLN A 175 39.84 23.62 -26.86
N GLY A 176 39.10 22.76 -26.17
CA GLY A 176 38.28 21.76 -26.82
C GLY A 176 36.89 22.33 -27.01
N LEU A 177 36.35 22.88 -25.93
CA LEU A 177 35.02 23.48 -25.94
C LEU A 177 34.86 24.52 -27.04
N LEU A 178 35.86 25.38 -27.22
CA LEU A 178 35.78 26.43 -28.25
C LEU A 178 35.46 25.86 -29.64
N PRO A 179 36.35 25.05 -30.25
CA PRO A 179 36.09 24.49 -31.58
C PRO A 179 35.05 23.38 -31.58
N VAL A 180 35.06 22.54 -30.54
CA VAL A 180 34.11 21.42 -30.45
C VAL A 180 32.68 21.91 -30.36
N LEU A 181 32.41 22.84 -29.44
CA LEU A 181 31.06 23.37 -29.28
C LEU A 181 30.62 24.07 -30.55
N GLU A 182 31.55 24.77 -31.20
CA GLU A 182 31.23 25.46 -32.45
C GLU A 182 30.89 24.45 -33.54
N SER A 183 31.72 23.41 -33.67
CA SER A 183 31.50 22.37 -34.65
C SER A 183 30.15 21.68 -34.39
N PHE A 184 29.88 21.42 -33.12
CA PHE A 184 28.64 20.77 -32.72
C PHE A 184 27.46 21.68 -33.02
N LYS A 185 27.61 22.96 -32.70
CA LYS A 185 26.55 23.94 -32.94
C LYS A 185 26.22 24.05 -34.42
N VAL A 186 27.25 23.94 -35.26
CA VAL A 186 27.05 24.01 -36.71
C VAL A 186 26.11 22.87 -37.14
N SER A 187 26.42 21.67 -36.66
CA SER A 187 25.61 20.49 -36.98
C SER A 187 24.24 20.58 -36.30
N PHE A 188 24.21 21.14 -35.09
CA PHE A 188 22.97 21.28 -34.34
C PHE A 188 22.04 22.28 -34.98
N LEU A 189 22.57 23.43 -35.38
CA LEU A 189 21.78 24.47 -36.01
C LEU A 189 21.19 23.99 -37.33
N SER A 190 21.97 23.22 -38.08
CA SER A 190 21.52 22.70 -39.34
C SER A 190 20.45 21.63 -39.11
N ALA A 191 20.72 20.73 -38.16
CA ALA A 191 19.78 19.66 -37.83
C ALA A 191 18.45 20.23 -37.36
N LEU A 192 18.52 21.36 -36.67
CA LEU A 192 17.33 22.01 -36.17
C LEU A 192 16.44 22.45 -37.33
N GLU A 193 17.02 23.15 -38.30
CA GLU A 193 16.26 23.62 -39.46
C GLU A 193 15.85 22.43 -40.32
N GLU A 194 16.74 21.46 -40.46
CA GLU A 194 16.46 20.26 -41.25
C GLU A 194 15.19 19.59 -40.75
N TYR A 195 15.13 19.39 -39.43
CA TYR A 195 14.00 18.75 -38.78
C TYR A 195 12.72 19.56 -38.99
N THR A 196 12.87 20.88 -39.02
CA THR A 196 11.73 21.78 -39.21
C THR A 196 11.10 21.62 -40.60
N LYS A 197 11.95 21.67 -41.62
CA LYS A 197 11.48 21.56 -42.99
C LYS A 197 11.22 20.11 -43.40
N LYS A 198 11.57 19.18 -42.52
CA LYS A 198 11.38 17.76 -42.79
C LYS A 198 10.07 17.27 -42.23
N LEU A 199 9.61 17.91 -41.16
CA LEU A 199 8.35 17.54 -40.51
C LEU A 199 7.20 18.44 -40.99
N ASN A 200 7.40 19.77 -40.88
CA ASN A 200 6.38 20.73 -41.28
C ASN A 200 6.14 20.70 -42.79
N LEU B 3 38.13 15.76 -33.69
CA LEU B 3 39.21 15.53 -34.65
C LEU B 3 40.55 15.71 -33.97
N LYS B 4 40.55 16.59 -32.97
CA LYS B 4 41.76 16.87 -32.20
C LYS B 4 41.93 15.87 -31.05
N LEU B 5 41.64 14.62 -31.33
CA LEU B 5 41.75 13.58 -30.32
C LEU B 5 43.22 13.23 -30.05
N LEU B 6 44.09 13.63 -30.96
CA LEU B 6 45.52 13.37 -30.80
C LEU B 6 46.09 14.10 -29.60
N ASP B 7 45.83 15.40 -29.50
CA ASP B 7 46.34 16.19 -28.39
C ASP B 7 45.47 15.99 -27.15
N ASN B 8 44.23 15.57 -27.36
CA ASN B 8 43.32 15.30 -26.25
C ASN B 8 43.89 14.14 -25.43
N TRP B 9 44.24 13.06 -26.14
CA TRP B 9 44.80 11.88 -25.48
C TRP B 9 46.20 12.20 -24.95
N ASP B 10 46.87 13.15 -25.60
CA ASP B 10 48.19 13.59 -25.19
C ASP B 10 48.14 14.13 -23.76
N SER B 11 47.16 15.00 -23.51
CA SER B 11 46.97 15.56 -22.18
C SER B 11 46.60 14.47 -21.18
N VAL B 12 45.83 13.48 -21.66
CA VAL B 12 45.44 12.35 -20.82
C VAL B 12 46.68 11.56 -20.46
N THR B 13 47.59 11.43 -21.42
CA THR B 13 48.84 10.73 -21.22
C THR B 13 49.68 11.46 -20.18
N SER B 14 49.76 12.78 -20.31
CA SER B 14 50.51 13.61 -19.35
C SER B 14 49.88 13.44 -17.97
N THR B 15 48.57 13.24 -17.96
CA THR B 15 47.83 13.04 -16.73
C THR B 15 48.26 11.71 -16.11
N PHE B 16 48.43 10.69 -16.96
CA PHE B 16 48.87 9.39 -16.50
C PHE B 16 50.30 9.45 -15.99
N SER B 17 51.13 10.22 -16.68
CA SER B 17 52.52 10.40 -16.27
C SER B 17 52.58 11.07 -14.90
N LYS B 18 51.79 12.12 -14.73
CA LYS B 18 51.75 12.85 -13.46
C LYS B 18 50.99 12.04 -12.39
N LEU B 19 50.50 10.88 -12.79
CA LEU B 19 49.80 9.99 -11.88
C LEU B 19 50.74 8.87 -11.47
N ARG B 20 51.46 8.32 -12.44
CA ARG B 20 52.42 7.25 -12.19
C ARG B 20 53.61 7.76 -11.40
N GLU B 21 54.17 8.88 -11.84
CA GLU B 21 55.32 9.50 -11.16
C GLU B 21 54.90 10.03 -9.80
N GLN B 22 53.59 10.10 -9.58
CA GLN B 22 53.03 10.57 -8.33
C GLN B 22 52.78 9.37 -7.42
N LEU B 23 52.15 8.34 -7.98
CA LEU B 23 51.85 7.13 -7.25
C LEU B 23 53.13 6.45 -6.79
N GLY B 24 54.20 6.61 -7.56
CA GLY B 24 55.49 6.02 -7.21
C GLY B 24 55.89 6.36 -5.78
N PRO B 25 56.31 7.60 -5.51
CA PRO B 25 56.70 8.03 -4.17
C PRO B 25 55.58 7.84 -3.17
N VAL B 26 54.34 8.11 -3.60
CA VAL B 26 53.17 7.97 -2.74
C VAL B 26 53.02 6.54 -2.23
N THR B 27 53.13 5.56 -3.12
CA THR B 27 53.00 4.17 -2.73
C THR B 27 54.21 3.72 -1.91
N GLN B 28 55.38 4.27 -2.23
CA GLN B 28 56.59 3.97 -1.50
C GLN B 28 56.39 4.28 -0.03
N GLU B 29 55.98 5.52 0.24
CA GLU B 29 55.73 5.94 1.60
C GLU B 29 54.43 5.35 2.14
N PHE B 30 53.53 4.98 1.25
CA PHE B 30 52.27 4.36 1.65
C PHE B 30 52.58 3.01 2.29
N TRP B 31 53.44 2.26 1.63
CA TRP B 31 53.86 0.96 2.13
C TRP B 31 54.74 1.17 3.35
N ASP B 32 55.44 2.31 3.36
CA ASP B 32 56.29 2.68 4.49
C ASP B 32 55.41 2.95 5.69
N ASN B 33 54.24 3.54 5.42
CA ASN B 33 53.26 3.82 6.46
C ASN B 33 52.68 2.51 6.94
N LEU B 34 52.45 1.60 5.99
CA LEU B 34 51.93 0.28 6.29
C LEU B 34 52.93 -0.48 7.16
N GLU B 35 54.21 -0.17 6.97
CA GLU B 35 55.26 -0.79 7.76
C GLU B 35 55.09 -0.38 9.21
N LYS B 36 54.86 0.91 9.42
CA LYS B 36 54.65 1.44 10.76
C LYS B 36 53.34 0.88 11.31
N GLU B 37 52.35 0.80 10.43
CA GLU B 37 51.03 0.27 10.77
C GLU B 37 51.15 -1.18 11.23
N THR B 38 51.82 -2.01 10.42
CA THR B 38 51.99 -3.41 10.76
C THR B 38 52.84 -3.56 12.02
N GLU B 39 53.86 -2.71 12.16
CA GLU B 39 54.70 -2.73 13.34
C GLU B 39 53.87 -2.48 14.59
N GLY B 40 53.02 -1.46 14.51
CA GLY B 40 52.15 -1.14 15.62
C GLY B 40 51.15 -2.27 15.85
N LEU B 41 50.47 -2.69 14.78
CA LEU B 41 49.49 -3.76 14.86
C LEU B 41 50.10 -5.04 15.42
N ARG B 42 51.33 -5.35 15.01
CA ARG B 42 52.00 -6.54 15.51
C ARG B 42 52.29 -6.41 17.00
N GLN B 43 52.68 -5.21 17.40
CA GLN B 43 52.95 -4.92 18.81
C GLN B 43 51.68 -5.06 19.63
N GLU B 44 50.57 -4.62 19.03
CA GLU B 44 49.28 -4.71 19.67
C GLU B 44 48.81 -6.15 19.70
N MET B 45 48.84 -6.79 18.53
CA MET B 45 48.39 -8.18 18.37
C MET B 45 49.19 -9.16 19.20
N SER B 46 50.50 -8.92 19.37
CA SER B 46 51.31 -9.82 20.16
C SER B 46 50.79 -9.86 21.60
N LYS B 47 50.64 -8.69 22.20
CA LYS B 47 50.14 -8.60 23.55
C LYS B 47 48.67 -8.99 23.60
N ASP B 48 47.94 -8.63 22.55
CA ASP B 48 46.52 -8.94 22.43
C ASP B 48 46.31 -10.45 22.46
N LEU B 49 46.99 -11.15 21.55
CA LEU B 49 46.87 -12.60 21.46
C LEU B 49 47.40 -13.30 22.70
N GLU B 50 48.52 -12.82 23.24
CA GLU B 50 49.09 -13.40 24.45
C GLU B 50 48.09 -13.29 25.58
N GLU B 51 47.58 -12.07 25.78
CA GLU B 51 46.60 -11.83 26.81
C GLU B 51 45.29 -12.53 26.49
N VAL B 52 45.00 -12.71 25.19
CA VAL B 52 43.80 -13.40 24.75
C VAL B 52 43.86 -14.85 25.20
N LYS B 53 45.02 -15.48 24.99
CA LYS B 53 45.22 -16.86 25.39
C LYS B 53 45.16 -16.97 26.92
N ALA B 54 45.67 -15.95 27.59
CA ALA B 54 45.67 -15.90 29.04
C ALA B 54 44.30 -15.46 29.57
N LYS B 55 43.40 -15.13 28.65
CA LYS B 55 42.06 -14.69 29.00
C LYS B 55 41.05 -15.78 28.65
N VAL B 56 41.28 -16.45 27.52
CA VAL B 56 40.41 -17.52 27.04
C VAL B 56 40.45 -18.70 28.01
N GLN B 57 41.64 -19.02 28.52
CA GLN B 57 41.80 -20.13 29.46
C GLN B 57 40.89 -19.94 30.68
N PRO B 58 41.05 -18.83 31.44
CA PRO B 58 40.21 -18.55 32.62
C PRO B 58 38.75 -18.32 32.21
N TYR B 59 38.54 -17.93 30.96
CA TYR B 59 37.19 -17.70 30.46
C TYR B 59 36.49 -19.05 30.32
N LEU B 60 37.17 -19.99 29.67
CA LEU B 60 36.63 -21.33 29.49
C LEU B 60 36.54 -22.01 30.84
N ASP B 61 37.48 -21.70 31.71
CA ASP B 61 37.51 -22.25 33.07
C ASP B 61 36.25 -21.84 33.82
N ASP B 62 36.00 -20.54 33.84
CA ASP B 62 34.83 -20.00 34.53
C ASP B 62 33.54 -20.41 33.82
N PHE B 63 33.61 -20.48 32.50
CA PHE B 63 32.47 -20.87 31.69
C PHE B 63 32.16 -22.34 31.92
N GLN B 64 33.20 -23.14 32.14
CA GLN B 64 33.03 -24.56 32.39
C GLN B 64 32.24 -24.77 33.67
N LYS B 65 32.57 -23.99 34.69
CA LYS B 65 31.88 -24.07 35.97
C LYS B 65 30.42 -23.75 35.76
N LYS B 66 30.16 -22.67 35.02
CA LYS B 66 28.79 -22.24 34.73
C LYS B 66 28.08 -23.32 33.93
N TRP B 67 28.79 -23.90 32.97
CA TRP B 67 28.25 -24.95 32.13
C TRP B 67 27.89 -26.18 32.98
N GLN B 68 28.78 -26.53 33.90
CA GLN B 68 28.54 -27.67 34.78
C GLN B 68 27.34 -27.39 35.68
N GLU B 69 27.23 -26.16 36.16
CA GLU B 69 26.13 -25.76 37.01
C GLU B 69 24.80 -25.84 36.27
N GLU B 70 24.79 -25.35 35.04
CA GLU B 70 23.58 -25.37 34.23
C GLU B 70 23.28 -26.72 33.61
N MET B 71 24.28 -27.33 32.97
CA MET B 71 24.09 -28.64 32.33
C MET B 71 23.61 -29.65 33.35
N GLU B 72 24.36 -29.80 34.43
CA GLU B 72 24.00 -30.74 35.49
C GLU B 72 22.78 -30.23 36.22
N LEU B 73 22.67 -28.91 36.30
CA LEU B 73 21.52 -28.26 36.94
C LEU B 73 20.24 -28.68 36.22
N TYR B 74 20.29 -28.65 34.89
CA TYR B 74 19.16 -29.05 34.07
C TYR B 74 18.90 -30.54 34.23
N ARG B 75 19.93 -31.29 34.54
CA ARG B 75 19.80 -32.73 34.75
C ARG B 75 19.04 -32.98 36.05
N GLN B 76 19.13 -32.03 36.97
CA GLN B 76 18.45 -32.12 38.25
C GLN B 76 17.14 -31.34 38.24
N LYS B 77 16.84 -30.71 37.11
CA LYS B 77 15.62 -29.93 36.98
C LYS B 77 14.71 -30.50 35.90
N VAL B 78 15.24 -30.58 34.68
CA VAL B 78 14.48 -31.09 33.54
C VAL B 78 14.14 -32.56 33.71
N GLU B 79 15.07 -33.33 34.26
CA GLU B 79 14.85 -34.77 34.46
C GLU B 79 13.60 -35.05 35.32
N PRO B 80 13.57 -34.56 36.58
CA PRO B 80 12.40 -34.78 37.46
C PRO B 80 11.17 -34.08 36.88
N LEU B 81 11.36 -32.89 36.32
CA LEU B 81 10.25 -32.15 35.73
C LEU B 81 9.66 -32.91 34.57
N ARG B 82 10.52 -33.52 33.75
CA ARG B 82 10.06 -34.29 32.60
C ARG B 82 9.21 -35.45 33.07
N ALA B 83 9.64 -36.09 34.14
CA ALA B 83 8.91 -37.21 34.71
C ALA B 83 7.55 -36.74 35.20
N GLU B 84 7.55 -35.66 35.99
CA GLU B 84 6.33 -35.08 36.51
C GLU B 84 5.44 -34.60 35.37
N LEU B 85 6.06 -34.01 34.35
CA LEU B 85 5.33 -33.54 33.19
C LEU B 85 4.74 -34.71 32.43
N GLN B 86 5.50 -35.81 32.37
CA GLN B 86 5.04 -37.02 31.70
C GLN B 86 3.86 -37.59 32.47
N GLU B 87 3.94 -37.54 33.79
CA GLU B 87 2.86 -38.03 34.63
C GLU B 87 1.64 -37.16 34.42
N GLY B 88 1.86 -35.84 34.43
CA GLY B 88 0.79 -34.90 34.21
C GLY B 88 0.23 -35.04 32.82
N ALA B 89 1.10 -35.35 31.86
CA ALA B 89 0.71 -35.56 30.48
C ALA B 89 -0.06 -36.86 30.38
N ARG B 90 0.34 -37.84 31.17
CA ARG B 90 -0.34 -39.13 31.19
C ARG B 90 -1.76 -38.92 31.67
N GLN B 91 -1.91 -38.09 32.70
CA GLN B 91 -3.22 -37.75 33.23
C GLN B 91 -4.00 -37.04 32.13
N LYS B 92 -3.32 -36.14 31.42
CA LYS B 92 -3.91 -35.39 30.33
C LYS B 92 -4.32 -36.33 29.20
N LEU B 93 -3.47 -37.32 28.93
CA LEU B 93 -3.73 -38.32 27.91
C LEU B 93 -4.93 -39.16 28.31
N HIS B 94 -4.97 -39.53 29.60
CA HIS B 94 -6.07 -40.31 30.12
C HIS B 94 -7.35 -39.51 29.91
N GLU B 95 -7.29 -38.22 30.25
CA GLU B 95 -8.41 -37.33 30.08
C GLU B 95 -8.80 -37.28 28.60
N LEU B 96 -7.84 -36.95 27.76
CA LEU B 96 -8.07 -36.85 26.33
C LEU B 96 -8.68 -38.14 25.78
N GLN B 97 -8.06 -39.27 26.08
CA GLN B 97 -8.54 -40.56 25.59
C GLN B 97 -9.93 -40.89 26.12
N GLU B 98 -10.11 -40.80 27.43
CA GLU B 98 -11.38 -41.13 28.07
C GLU B 98 -12.49 -40.12 27.76
N LYS B 99 -12.13 -38.98 27.20
CA LYS B 99 -13.11 -37.96 26.86
C LYS B 99 -13.32 -37.88 25.36
N LEU B 100 -12.27 -38.14 24.59
CA LEU B 100 -12.37 -38.13 23.14
C LEU B 100 -13.10 -39.35 22.62
N SER B 101 -13.11 -40.43 23.42
CA SER B 101 -13.81 -41.63 23.04
C SER B 101 -15.32 -41.37 23.00
N PRO B 102 -15.95 -40.95 24.13
CA PRO B 102 -17.37 -40.64 24.15
C PRO B 102 -17.69 -39.49 23.20
N LEU B 103 -16.77 -38.52 23.13
CA LEU B 103 -16.94 -37.38 22.24
C LEU B 103 -16.90 -37.85 20.79
N GLY B 104 -15.99 -38.79 20.49
CA GLY B 104 -15.89 -39.32 19.16
C GLY B 104 -17.14 -40.07 18.77
N GLU B 105 -17.61 -40.92 19.68
CA GLU B 105 -18.83 -41.69 19.47
C GLU B 105 -19.99 -40.73 19.30
N GLU B 106 -19.99 -39.67 20.11
CA GLU B 106 -21.02 -38.66 20.06
C GLU B 106 -20.94 -37.92 18.72
N MET B 107 -19.71 -37.56 18.32
CA MET B 107 -19.48 -36.86 17.07
C MET B 107 -19.93 -37.73 15.90
N ARG B 108 -19.70 -39.03 16.01
CA ARG B 108 -20.10 -39.98 14.98
C ARG B 108 -21.63 -40.03 14.93
N ASP B 109 -22.25 -39.98 16.11
CA ASP B 109 -23.71 -39.98 16.19
C ASP B 109 -24.22 -38.68 15.60
N ARG B 110 -23.52 -37.58 15.91
CA ARG B 110 -23.87 -36.26 15.39
C ARG B 110 -23.74 -36.28 13.88
N ALA B 111 -22.70 -36.95 13.39
CA ALA B 111 -22.46 -37.07 11.95
C ALA B 111 -23.61 -37.81 11.29
N ARG B 112 -24.14 -38.80 11.98
CA ARG B 112 -25.27 -39.58 11.46
C ARG B 112 -26.54 -38.74 11.48
N ALA B 113 -26.48 -37.64 12.23
CA ALA B 113 -27.60 -36.72 12.34
C ALA B 113 -27.27 -35.43 11.61
N HIS B 114 -26.16 -35.46 10.87
CA HIS B 114 -25.70 -34.31 10.11
C HIS B 114 -25.47 -34.69 8.66
N VAL B 115 -24.46 -35.52 8.43
CA VAL B 115 -24.12 -35.98 7.09
C VAL B 115 -25.19 -36.91 6.55
N ASP B 116 -25.61 -37.87 7.37
CA ASP B 116 -26.65 -38.81 6.96
C ASP B 116 -27.96 -38.08 6.77
N ALA B 117 -28.19 -37.06 7.61
CA ALA B 117 -29.39 -36.26 7.50
C ALA B 117 -29.30 -35.39 6.25
N LEU B 118 -28.07 -35.07 5.87
CA LEU B 118 -27.83 -34.28 4.67
C LEU B 118 -28.17 -35.09 3.42
N ARG B 119 -28.16 -36.41 3.55
CA ARG B 119 -28.50 -37.28 2.43
C ARG B 119 -29.96 -37.04 2.03
N THR B 120 -30.85 -37.12 3.01
CA THR B 120 -32.27 -36.90 2.78
C THR B 120 -32.57 -35.42 2.55
N HIS B 121 -31.55 -34.59 2.68
CA HIS B 121 -31.70 -33.15 2.50
C HIS B 121 -31.12 -32.69 1.16
N LEU B 122 -30.02 -33.32 0.75
CA LEU B 122 -29.34 -32.95 -0.49
C LEU B 122 -29.79 -33.80 -1.68
N ALA B 123 -30.15 -35.04 -1.45
CA ALA B 123 -30.59 -35.92 -2.54
C ALA B 123 -31.77 -35.32 -3.31
N PRO B 124 -32.90 -35.01 -2.63
CA PRO B 124 -34.05 -34.40 -3.30
C PRO B 124 -33.72 -32.99 -3.76
N TYR B 125 -32.85 -32.33 -3.01
CA TYR B 125 -32.41 -30.96 -3.33
C TYR B 125 -31.68 -30.94 -4.66
N SER B 126 -30.79 -31.90 -4.87
CA SER B 126 -30.06 -32.00 -6.11
C SER B 126 -31.01 -32.28 -7.26
N ASP B 127 -32.05 -33.07 -6.98
CA ASP B 127 -33.05 -33.38 -8.00
C ASP B 127 -33.88 -32.15 -8.29
N GLU B 128 -34.20 -31.39 -7.25
CA GLU B 128 -34.95 -30.16 -7.40
C GLU B 128 -34.16 -29.20 -8.25
N LEU B 129 -32.85 -29.16 -8.00
CA LEU B 129 -31.95 -28.32 -8.77
C LEU B 129 -31.94 -28.79 -10.22
N ARG B 130 -31.95 -30.11 -10.41
CA ARG B 130 -31.96 -30.70 -11.74
C ARG B 130 -33.23 -30.32 -12.48
N GLN B 131 -34.36 -30.32 -11.76
CA GLN B 131 -35.65 -29.96 -12.33
C GLN B 131 -35.62 -28.51 -12.79
N ARG B 132 -35.08 -27.64 -11.94
CA ARG B 132 -34.98 -26.23 -12.26
C ARG B 132 -33.97 -26.04 -13.38
N LEU B 133 -32.83 -26.72 -13.27
CA LEU B 133 -31.78 -26.64 -14.28
C LEU B 133 -32.30 -27.12 -15.63
N ALA B 134 -33.26 -28.05 -15.60
CA ALA B 134 -33.85 -28.57 -16.84
C ALA B 134 -34.58 -27.45 -17.55
N ALA B 135 -35.30 -26.64 -16.78
CA ALA B 135 -36.03 -25.51 -17.32
C ALA B 135 -35.05 -24.41 -17.71
N ARG B 136 -34.01 -24.25 -16.88
CA ARG B 136 -32.97 -23.26 -17.13
C ARG B 136 -32.26 -23.60 -18.43
N LEU B 137 -31.95 -24.88 -18.61
CA LEU B 137 -31.31 -25.36 -19.82
C LEU B 137 -32.24 -25.19 -21.00
N GLU B 138 -33.54 -25.38 -20.75
CA GLU B 138 -34.53 -25.22 -21.80
C GLU B 138 -34.58 -23.76 -22.23
N ALA B 139 -34.52 -22.86 -21.25
CA ALA B 139 -34.52 -21.44 -21.52
C ALA B 139 -33.25 -21.09 -22.29
N LEU B 140 -32.15 -21.71 -21.88
CA LEU B 140 -30.86 -21.49 -22.54
C LEU B 140 -30.85 -22.11 -23.93
N LYS B 141 -31.81 -23.00 -24.20
CA LYS B 141 -31.93 -23.61 -25.51
C LYS B 141 -32.79 -22.74 -26.40
N GLU B 142 -33.90 -22.27 -25.84
CA GLU B 142 -34.82 -21.39 -26.56
C GLU B 142 -34.12 -20.08 -26.89
N ASN B 143 -33.61 -19.44 -25.86
CA ASN B 143 -32.90 -18.18 -26.01
C ASN B 143 -31.56 -18.41 -26.66
N GLY B 144 -30.96 -19.57 -26.37
CA GLY B 144 -29.68 -19.90 -26.95
C GLY B 144 -29.79 -20.06 -28.45
N GLY B 145 -30.76 -20.86 -28.87
CA GLY B 145 -30.98 -21.08 -30.29
C GLY B 145 -31.39 -19.79 -30.96
N ALA B 146 -32.24 -19.02 -30.29
CA ALA B 146 -32.69 -17.74 -30.81
C ALA B 146 -31.50 -16.81 -30.96
N ARG B 147 -30.67 -16.75 -29.92
CA ARG B 147 -29.48 -15.91 -29.93
C ARG B 147 -28.53 -16.38 -31.01
N LEU B 148 -28.40 -17.69 -31.19
CA LEU B 148 -27.52 -18.23 -32.23
C LEU B 148 -28.03 -17.82 -33.61
N ALA B 149 -29.34 -17.78 -33.75
CA ALA B 149 -29.95 -17.36 -35.01
C ALA B 149 -29.75 -15.86 -35.16
N GLU B 150 -30.00 -15.14 -34.08
CA GLU B 150 -29.82 -13.70 -34.06
C GLU B 150 -28.37 -13.35 -34.37
N TYR B 151 -27.44 -14.03 -33.72
CA TYR B 151 -26.01 -13.81 -33.94
C TYR B 151 -25.64 -14.11 -35.37
N HIS B 152 -26.27 -15.13 -35.95
CA HIS B 152 -26.01 -15.50 -37.33
C HIS B 152 -26.53 -14.42 -38.27
N ALA B 153 -27.71 -13.90 -37.96
CA ALA B 153 -28.30 -12.84 -38.75
C ALA B 153 -27.45 -11.57 -38.59
N LYS B 154 -27.10 -11.27 -37.36
CA LYS B 154 -26.27 -10.11 -37.04
C LYS B 154 -24.89 -10.25 -37.65
N ALA B 155 -24.44 -11.50 -37.79
CA ALA B 155 -23.15 -11.77 -38.39
C ALA B 155 -23.17 -11.33 -39.85
N THR B 156 -24.23 -11.71 -40.55
CA THR B 156 -24.38 -11.33 -41.94
C THR B 156 -24.53 -9.81 -42.04
N GLU B 157 -25.28 -9.23 -41.10
CA GLU B 157 -25.47 -7.78 -41.05
C GLU B 157 -24.12 -7.09 -40.87
N HIS B 158 -23.28 -7.68 -40.04
CA HIS B 158 -21.96 -7.14 -39.77
C HIS B 158 -21.02 -7.38 -40.94
N LEU B 159 -21.07 -8.58 -41.49
CA LEU B 159 -20.21 -8.95 -42.62
C LEU B 159 -20.51 -8.10 -43.85
N SER B 160 -21.79 -7.86 -44.10
CA SER B 160 -22.20 -7.05 -45.24
C SER B 160 -21.75 -5.61 -45.06
N THR B 161 -22.04 -5.04 -43.90
CA THR B 161 -21.66 -3.66 -43.60
C THR B 161 -20.13 -3.52 -43.61
N LEU B 162 -19.44 -4.54 -43.10
CA LEU B 162 -17.99 -4.54 -43.07
C LEU B 162 -17.42 -4.56 -44.49
N SER B 163 -17.89 -5.48 -45.31
CA SER B 163 -17.40 -5.57 -46.69
C SER B 163 -17.83 -4.35 -47.50
N GLU B 164 -19.01 -3.82 -47.18
CA GLU B 164 -19.55 -2.64 -47.85
C GLU B 164 -18.63 -1.45 -47.63
N LYS B 165 -17.92 -1.45 -46.51
CA LYS B 165 -17.01 -0.38 -46.17
C LYS B 165 -15.56 -0.77 -46.46
N ALA B 166 -15.25 -2.05 -46.27
CA ALA B 166 -13.90 -2.56 -46.49
C ALA B 166 -13.43 -2.35 -47.93
N LYS B 167 -14.28 -2.72 -48.89
CA LYS B 167 -13.94 -2.58 -50.31
C LYS B 167 -13.55 -1.14 -50.67
N PRO B 168 -14.45 -0.15 -50.45
CA PRO B 168 -14.14 1.25 -50.76
C PRO B 168 -12.98 1.77 -49.90
N ALA B 169 -12.91 1.31 -48.65
CA ALA B 169 -11.84 1.73 -47.75
C ALA B 169 -10.50 1.22 -48.24
N LEU B 170 -10.49 -0.02 -48.74
CA LEU B 170 -9.26 -0.62 -49.25
C LEU B 170 -8.78 0.16 -50.46
N GLU B 171 -9.71 0.47 -51.35
CA GLU B 171 -9.38 1.23 -52.55
C GLU B 171 -9.03 2.67 -52.19
N ASP B 172 -9.64 3.15 -51.11
CA ASP B 172 -9.38 4.51 -50.62
C ASP B 172 -7.98 4.55 -50.04
N LEU B 173 -7.69 3.59 -49.17
CA LEU B 173 -6.39 3.48 -48.54
C LEU B 173 -5.31 3.28 -49.60
N ARG B 174 -5.57 2.41 -50.56
CA ARG B 174 -4.60 2.16 -51.63
C ARG B 174 -4.48 3.38 -52.53
N GLN B 175 -5.61 4.07 -52.74
CA GLN B 175 -5.62 5.27 -53.55
C GLN B 175 -4.84 6.39 -52.87
N GLY B 176 -4.80 6.32 -51.55
CA GLY B 176 -4.06 7.29 -50.76
C GLY B 176 -2.61 6.86 -50.65
N LEU B 177 -2.41 5.57 -50.43
CA LEU B 177 -1.07 5.00 -50.30
C LEU B 177 -0.20 5.29 -51.51
N LEU B 178 -0.81 5.31 -52.70
CA LEU B 178 -0.06 5.58 -53.92
C LEU B 178 0.68 6.92 -53.85
N PRO B 179 -0.03 8.07 -53.79
CA PRO B 179 0.63 9.38 -53.70
C PRO B 179 1.33 9.58 -52.36
N VAL B 180 0.75 9.03 -51.29
CA VAL B 180 1.33 9.18 -49.95
C VAL B 180 2.71 8.55 -49.87
N LEU B 181 2.83 7.31 -50.32
CA LEU B 181 4.12 6.62 -50.29
C LEU B 181 5.14 7.37 -51.13
N GLU B 182 4.72 7.88 -52.28
CA GLU B 182 5.60 8.63 -53.15
C GLU B 182 5.99 9.97 -52.53
N SER B 183 5.01 10.70 -52.00
CA SER B 183 5.26 11.98 -51.35
C SER B 183 6.17 11.78 -50.13
N PHE B 184 5.95 10.67 -49.42
CA PHE B 184 6.76 10.33 -48.27
C PHE B 184 8.17 9.99 -48.72
N LYS B 185 8.27 9.23 -49.82
CA LYS B 185 9.56 8.86 -50.37
C LYS B 185 10.38 10.09 -50.70
N VAL B 186 9.73 11.08 -51.32
CA VAL B 186 10.39 12.33 -51.68
C VAL B 186 10.90 13.04 -50.42
N SER B 187 10.10 13.00 -49.38
CA SER B 187 10.46 13.62 -48.11
C SER B 187 11.62 12.87 -47.47
N PHE B 188 11.56 11.54 -47.51
CA PHE B 188 12.61 10.70 -46.96
C PHE B 188 13.89 10.80 -47.79
N LEU B 189 13.71 10.86 -49.10
CA LEU B 189 14.83 10.97 -50.03
C LEU B 189 15.66 12.20 -49.71
N SER B 190 15.01 13.35 -49.70
CA SER B 190 15.70 14.60 -49.41
C SER B 190 16.27 14.59 -47.98
N ALA B 191 15.52 14.01 -47.05
CA ALA B 191 15.96 13.92 -45.66
C ALA B 191 17.30 13.20 -45.56
N LEU B 192 17.38 12.02 -46.15
CA LEU B 192 18.61 11.24 -46.12
C LEU B 192 19.68 11.87 -47.01
N GLU B 193 19.26 12.46 -48.12
CA GLU B 193 20.16 13.11 -49.07
C GLU B 193 20.84 14.31 -48.44
N GLU B 194 20.15 14.97 -47.52
CA GLU B 194 20.69 16.14 -46.83
C GLU B 194 21.49 15.73 -45.60
N TYR B 195 20.96 14.75 -44.86
CA TYR B 195 21.61 14.26 -43.65
C TYR B 195 22.98 13.65 -43.93
N THR B 196 23.11 12.96 -45.06
CA THR B 196 24.37 12.32 -45.44
C THR B 196 25.48 13.36 -45.64
N LYS B 197 25.08 14.57 -46.02
CA LYS B 197 26.03 15.66 -46.25
C LYS B 197 26.70 16.09 -44.93
N LYS B 198 26.15 15.61 -43.82
CA LYS B 198 26.69 15.92 -42.50
C LYS B 198 27.17 14.66 -41.80
N LEU B 199 27.04 13.52 -42.46
CA LEU B 199 27.48 12.25 -41.90
C LEU B 199 28.87 11.89 -42.44
N ASN B 200 29.41 12.80 -43.25
CA ASN B 200 30.71 12.64 -43.85
C ASN B 200 31.33 14.01 -44.04
N MET C 3 -7.27 12.13 20.18
CA MET C 3 -6.73 10.92 19.53
C MET C 3 -7.84 10.13 18.82
N THR C 4 -8.87 9.75 19.57
CA THR C 4 -9.98 9.00 19.03
C THR C 4 -11.14 9.93 18.69
N GLU C 5 -11.07 11.15 19.17
CA GLU C 5 -12.09 12.16 18.90
C GLU C 5 -11.74 12.91 17.64
N TYR C 6 -12.73 13.20 16.81
CA TYR C 6 -12.50 13.91 15.56
C TYR C 6 -13.35 15.17 15.49
N LYS C 7 -12.71 16.32 15.64
CA LYS C 7 -13.40 17.60 15.61
C LYS C 7 -13.44 18.15 14.18
N LEU C 8 -14.61 18.13 13.57
CA LEU C 8 -14.79 18.58 12.21
C LEU C 8 -15.75 19.77 12.14
N VAL C 9 -15.49 20.68 11.20
CA VAL C 9 -16.35 21.85 11.01
C VAL C 9 -16.82 21.92 9.56
N VAL C 10 -18.13 22.06 9.36
CA VAL C 10 -18.69 22.14 8.02
C VAL C 10 -19.01 23.59 7.66
N VAL C 11 -18.46 24.05 6.55
CA VAL C 11 -18.67 25.41 6.09
C VAL C 11 -19.28 25.42 4.68
N GLY C 12 -19.81 26.58 4.29
CA GLY C 12 -20.42 26.71 2.98
C GLY C 12 -21.40 27.85 2.95
N ALA C 13 -22.05 28.05 1.82
CA ALA C 13 -23.03 29.13 1.66
C ALA C 13 -24.39 28.75 2.25
N GLY C 14 -25.31 29.71 2.24
CA GLY C 14 -26.63 29.47 2.77
C GLY C 14 -27.52 28.75 1.78
N GLY C 15 -27.82 27.50 2.06
CA GLY C 15 -28.66 26.72 1.17
C GLY C 15 -28.00 25.42 0.74
N VAL C 16 -26.72 25.28 1.02
CA VAL C 16 -25.98 24.07 0.66
C VAL C 16 -26.34 22.89 1.56
N GLY C 17 -27.03 23.17 2.66
CA GLY C 17 -27.43 22.12 3.57
C GLY C 17 -26.53 21.98 4.78
N LYS C 18 -25.96 23.10 5.24
CA LYS C 18 -25.07 23.07 6.41
C LYS C 18 -25.78 22.52 7.64
N SER C 19 -27.00 22.99 7.87
CA SER C 19 -27.78 22.52 9.01
C SER C 19 -28.72 21.40 8.57
N ALA C 20 -28.29 20.64 7.56
CA ALA C 20 -29.10 19.54 7.04
C ALA C 20 -28.26 18.26 6.92
N LEU C 21 -27.06 18.39 6.34
CA LEU C 21 -26.15 17.25 6.17
C LEU C 21 -25.82 16.64 7.52
N THR C 22 -25.71 17.50 8.52
CA THR C 22 -25.39 17.09 9.87
C THR C 22 -26.47 16.17 10.43
N ILE C 23 -27.73 16.53 10.20
CA ILE C 23 -28.85 15.75 10.68
C ILE C 23 -28.93 14.39 9.97
N GLN C 24 -28.54 14.37 8.71
CA GLN C 24 -28.56 13.14 7.92
C GLN C 24 -27.54 12.14 8.45
N LEU C 25 -26.54 12.63 9.16
CA LEU C 25 -25.50 11.78 9.71
C LEU C 25 -25.75 11.50 11.19
N ILE C 26 -26.25 12.51 11.91
CA ILE C 26 -26.50 12.36 13.34
C ILE C 26 -27.82 11.65 13.62
N GLN C 27 -28.92 12.20 13.09
CA GLN C 27 -30.23 11.60 13.31
C GLN C 27 -30.58 10.61 12.20
N ASN C 28 -29.72 10.57 11.18
CA ASN C 28 -29.88 9.66 10.04
C ASN C 28 -31.12 9.94 9.21
N HIS C 29 -31.58 11.19 9.21
CA HIS C 29 -32.75 11.57 8.44
C HIS C 29 -32.60 13.00 7.91
N PHE C 30 -33.34 13.32 6.86
CA PHE C 30 -33.29 14.64 6.26
C PHE C 30 -34.41 15.51 6.81
N VAL C 31 -34.22 16.83 6.77
CA VAL C 31 -35.21 17.76 7.26
C VAL C 31 -35.78 18.58 6.12
N ASP C 32 -37.07 18.88 6.20
CA ASP C 32 -37.73 19.68 5.18
C ASP C 32 -37.48 21.16 5.42
N GLU C 33 -37.47 21.53 6.70
CA GLU C 33 -37.23 22.90 7.10
C GLU C 33 -36.28 22.95 8.28
N TYR C 34 -35.42 23.95 8.28
CA TYR C 34 -34.45 24.17 9.33
C TYR C 34 -33.86 25.57 9.18
N ASP C 35 -34.00 26.37 10.23
CA ASP C 35 -33.51 27.74 10.21
C ASP C 35 -32.03 27.81 9.85
N PRO C 36 -31.69 28.65 8.86
CA PRO C 36 -30.31 28.83 8.41
C PRO C 36 -29.39 29.33 9.52
N THR C 37 -29.97 30.04 10.49
CA THR C 37 -29.19 30.59 11.59
C THR C 37 -28.83 29.53 12.63
N ILE C 38 -29.33 28.31 12.42
CA ILE C 38 -29.04 27.22 13.33
C ILE C 38 -27.57 26.79 13.23
N GLU C 39 -26.83 27.18 14.25
CA GLU C 39 -25.41 26.88 14.37
C GLU C 39 -25.17 26.17 15.69
N ASP C 40 -24.93 24.86 15.61
CA ASP C 40 -24.70 24.05 16.81
C ASP C 40 -23.75 22.91 16.49
N SER C 41 -23.30 22.22 17.53
CA SER C 41 -22.39 21.11 17.36
C SER C 41 -23.09 19.79 17.68
N TYR C 42 -22.75 18.75 16.94
CA TYR C 42 -23.35 17.45 17.13
C TYR C 42 -22.27 16.41 17.39
N ARG C 43 -22.57 15.44 18.24
CA ARG C 43 -21.62 14.39 18.57
C ARG C 43 -22.22 13.00 18.43
N LYS C 44 -21.57 12.17 17.62
CA LYS C 44 -22.03 10.81 17.37
C LYS C 44 -20.83 9.89 17.14
N GLN C 45 -20.81 8.77 17.84
CA GLN C 45 -19.73 7.81 17.71
C GLN C 45 -20.02 6.84 16.56
N VAL C 46 -19.03 6.62 15.73
CA VAL C 46 -19.18 5.73 14.58
C VAL C 46 -18.01 4.75 14.48
N VAL C 47 -18.15 3.75 13.63
CA VAL C 47 -17.11 2.75 13.42
C VAL C 47 -16.54 2.88 12.01
N ILE C 48 -15.55 3.75 11.86
CA ILE C 48 -14.94 3.98 10.56
C ILE C 48 -13.79 3.01 10.31
N ASP C 49 -14.06 1.99 9.50
CA ASP C 49 -13.06 0.96 9.14
C ASP C 49 -12.59 0.19 10.36
N GLY C 50 -13.37 0.22 11.43
CA GLY C 50 -13.00 -0.46 12.65
C GLY C 50 -12.64 0.51 13.74
N GLU C 51 -12.33 1.74 13.36
CA GLU C 51 -11.96 2.76 14.32
C GLU C 51 -13.21 3.35 14.97
N THR C 52 -13.40 3.05 16.24
CA THR C 52 -14.54 3.55 16.98
C THR C 52 -14.27 4.97 17.43
N CYS C 53 -14.41 5.91 16.52
CA CYS C 53 -14.15 7.31 16.81
C CYS C 53 -15.43 8.10 17.03
N LEU C 54 -15.30 9.21 17.75
CA LEU C 54 -16.44 10.07 18.03
C LEU C 54 -16.39 11.30 17.14
N LEU C 55 -17.44 11.53 16.40
CA LEU C 55 -17.51 12.68 15.50
C LEU C 55 -18.03 13.92 16.21
N ASP C 56 -17.17 14.91 16.31
CA ASP C 56 -17.51 16.19 16.92
C ASP C 56 -17.59 17.22 15.81
N ILE C 57 -18.77 17.32 15.18
CA ILE C 57 -18.96 18.22 14.06
C ILE C 57 -19.78 19.45 14.42
N LEU C 58 -19.37 20.58 13.87
CA LEU C 58 -20.06 21.85 14.11
C LEU C 58 -20.71 22.35 12.82
N ASP C 59 -21.99 22.67 12.90
CA ASP C 59 -22.73 23.20 11.77
C ASP C 59 -22.75 24.72 11.86
N THR C 60 -21.99 25.37 10.98
CA THR C 60 -21.89 26.82 10.97
C THR C 60 -23.09 27.48 10.31
N ALA C 61 -23.36 28.71 10.72
CA ALA C 61 -24.44 29.49 10.15
C ALA C 61 -23.85 30.53 9.21
N GLY C 62 -22.85 31.24 9.71
CA GLY C 62 -22.19 32.27 8.91
C GLY C 62 -22.68 33.65 9.26
N GLN C 63 -23.53 33.72 10.28
CA GLN C 63 -24.09 34.99 10.74
C GLN C 63 -23.11 35.76 11.60
N GLU C 64 -23.40 37.04 11.80
CA GLU C 64 -22.56 37.91 12.61
C GLU C 64 -22.73 37.64 14.10
N GLU C 65 -23.60 36.67 14.41
CA GLU C 65 -23.86 36.30 15.80
C GLU C 65 -22.56 35.86 16.46
N TYR C 66 -22.38 36.27 17.71
CA TYR C 66 -21.18 35.95 18.45
C TYR C 66 -21.31 34.62 19.16
N SER C 67 -20.73 33.58 18.57
CA SER C 67 -20.76 32.26 19.15
C SER C 67 -19.38 31.88 19.65
N ALA C 68 -19.25 31.66 20.95
CA ALA C 68 -17.98 31.29 21.55
C ALA C 68 -17.60 29.89 21.07
N MET C 69 -18.63 29.08 20.83
CA MET C 69 -18.44 27.72 20.35
C MET C 69 -17.72 27.72 19.00
N ARG C 70 -18.06 28.68 18.14
CA ARG C 70 -17.45 28.79 16.83
C ARG C 70 -15.97 29.12 16.94
N ASP C 71 -15.62 30.03 17.83
CA ASP C 71 -14.23 30.44 18.03
C ASP C 71 -13.42 29.26 18.57
N GLN C 72 -14.06 28.48 19.45
CA GLN C 72 -13.42 27.30 20.03
C GLN C 72 -13.09 26.30 18.94
N TYR C 73 -14.05 26.06 18.05
CA TYR C 73 -13.89 25.11 16.96
C TYR C 73 -12.88 25.59 15.92
N MET C 74 -12.68 26.89 15.84
CA MET C 74 -11.72 27.44 14.90
C MET C 74 -10.31 27.11 15.32
N ARG C 75 -10.09 27.09 16.63
CA ARG C 75 -8.77 26.81 17.18
C ARG C 75 -8.55 25.31 17.36
N THR C 76 -9.49 24.65 18.02
CA THR C 76 -9.37 23.21 18.29
C THR C 76 -9.82 22.35 17.11
N GLY C 77 -10.25 22.98 16.03
CA GLY C 77 -10.70 22.25 14.87
C GLY C 77 -9.59 21.44 14.24
N GLU C 78 -9.89 20.20 13.93
CA GLU C 78 -8.90 19.31 13.34
C GLU C 78 -9.15 19.14 11.84
N GLY C 79 -10.41 18.95 11.49
CA GLY C 79 -10.77 18.77 10.10
C GLY C 79 -11.83 19.74 9.66
N PHE C 80 -11.61 20.39 8.53
CA PHE C 80 -12.58 21.35 8.00
C PHE C 80 -13.12 20.86 6.67
N LEU C 81 -14.43 20.98 6.50
CA LEU C 81 -15.07 20.54 5.26
C LEU C 81 -15.74 21.69 4.53
N CYS C 82 -15.20 22.03 3.37
CA CYS C 82 -15.76 23.10 2.55
C CYS C 82 -16.75 22.50 1.56
N VAL C 83 -18.03 22.64 1.87
CA VAL C 83 -19.07 22.10 1.02
C VAL C 83 -19.65 23.17 0.11
N PHE C 84 -19.50 22.98 -1.20
CA PHE C 84 -20.02 23.92 -2.16
C PHE C 84 -21.01 23.22 -3.11
N ALA C 85 -21.85 24.01 -3.75
CA ALA C 85 -22.84 23.46 -4.68
C ALA C 85 -22.28 23.45 -6.09
N ILE C 86 -22.24 22.27 -6.70
CA ILE C 86 -21.71 22.13 -8.05
C ILE C 86 -22.66 22.71 -9.10
N ASN C 87 -23.86 23.05 -8.68
CA ASN C 87 -24.85 23.62 -9.58
C ASN C 87 -24.83 25.14 -9.52
N ASN C 88 -23.90 25.67 -8.73
CA ASN C 88 -23.77 27.11 -8.57
C ASN C 88 -22.29 27.49 -8.53
N THR C 89 -21.86 28.26 -9.53
CA THR C 89 -20.48 28.68 -9.63
C THR C 89 -20.08 29.62 -8.50
N LYS C 90 -21.05 30.32 -7.93
CA LYS C 90 -20.77 31.26 -6.83
C LYS C 90 -20.13 30.56 -5.64
N SER C 91 -20.62 29.37 -5.32
CA SER C 91 -20.09 28.59 -4.22
C SER C 91 -18.64 28.19 -4.47
N PHE C 92 -18.33 27.90 -5.73
CA PHE C 92 -16.99 27.50 -6.12
C PHE C 92 -16.05 28.71 -6.09
N GLU C 93 -16.60 29.88 -6.38
CA GLU C 93 -15.81 31.10 -6.40
C GLU C 93 -15.49 31.61 -4.99
N ASP C 94 -16.11 31.01 -3.98
CA ASP C 94 -15.87 31.41 -2.60
C ASP C 94 -15.03 30.38 -1.86
N ILE C 95 -14.62 29.34 -2.58
CA ILE C 95 -13.81 28.27 -2.00
C ILE C 95 -12.46 28.80 -1.52
N HIS C 96 -11.81 29.62 -2.34
CA HIS C 96 -10.52 30.19 -1.97
C HIS C 96 -10.68 31.10 -0.75
N HIS C 97 -11.80 31.80 -0.71
CA HIS C 97 -12.12 32.70 0.38
C HIS C 97 -12.16 31.94 1.71
N TYR C 98 -12.98 30.89 1.76
CA TYR C 98 -13.11 30.08 2.95
C TYR C 98 -11.78 29.42 3.32
N ARG C 99 -11.03 29.00 2.30
CA ARG C 99 -9.73 28.37 2.51
C ARG C 99 -8.77 29.31 3.25
N GLU C 100 -8.68 30.55 2.78
CA GLU C 100 -7.81 31.54 3.38
C GLU C 100 -8.24 31.89 4.80
N GLN C 101 -9.55 32.02 5.01
CA GLN C 101 -10.10 32.36 6.31
C GLN C 101 -9.64 31.37 7.38
N ILE C 102 -9.95 30.10 7.15
CA ILE C 102 -9.59 29.04 8.09
C ILE C 102 -8.09 28.86 8.20
N LYS C 103 -7.39 29.02 7.09
CA LYS C 103 -5.93 28.87 7.07
C LYS C 103 -5.25 29.89 7.97
N ARG C 104 -5.76 31.12 7.94
CA ARG C 104 -5.20 32.20 8.75
C ARG C 104 -5.38 31.94 10.24
N VAL C 105 -6.35 31.12 10.58
CA VAL C 105 -6.62 30.78 11.98
C VAL C 105 -5.47 29.94 12.54
N LYS C 106 -5.10 28.91 11.80
CA LYS C 106 -4.00 28.02 12.20
C LYS C 106 -2.66 28.66 11.87
N ASP C 107 -2.69 29.59 10.91
CA ASP C 107 -1.51 30.32 10.46
C ASP C 107 -0.52 29.41 9.73
N SER C 108 -1.07 28.43 9.03
CA SER C 108 -0.26 27.47 8.28
C SER C 108 -1.12 26.82 7.20
N GLU C 109 -0.49 26.38 6.11
CA GLU C 109 -1.20 25.73 5.01
C GLU C 109 -1.56 24.30 5.43
N ASP C 110 -0.91 23.82 6.48
CA ASP C 110 -1.17 22.48 7.00
C ASP C 110 -2.49 22.44 7.75
N VAL C 111 -3.58 22.38 6.99
CA VAL C 111 -4.92 22.33 7.56
C VAL C 111 -5.73 21.25 6.85
N PRO C 112 -6.03 20.14 7.56
CA PRO C 112 -6.82 19.03 7.00
C PRO C 112 -8.19 19.52 6.53
N MET C 113 -8.33 19.65 5.23
CA MET C 113 -9.56 20.13 4.64
C MET C 113 -9.83 19.41 3.32
N VAL C 114 -11.07 19.00 3.13
CA VAL C 114 -11.46 18.28 1.92
C VAL C 114 -12.48 19.10 1.14
N LEU C 115 -12.31 19.16 -0.18
CA LEU C 115 -13.22 19.89 -1.03
C LEU C 115 -14.42 18.99 -1.35
N VAL C 116 -15.60 19.39 -0.90
CA VAL C 116 -16.80 18.58 -1.11
C VAL C 116 -17.86 19.33 -1.93
N GLY C 117 -18.29 18.71 -3.00
CA GLY C 117 -19.31 19.29 -3.85
C GLY C 117 -20.65 18.61 -3.62
N ASN C 118 -21.60 19.34 -3.05
CA ASN C 118 -22.91 18.79 -2.76
C ASN C 118 -23.84 18.88 -3.97
N LYS C 119 -24.88 18.05 -3.95
CA LYS C 119 -25.88 18.01 -5.01
C LYS C 119 -25.28 17.52 -6.33
N CYS C 120 -24.46 16.47 -6.25
CA CYS C 120 -23.82 15.91 -7.42
C CYS C 120 -24.80 15.15 -8.29
N ASP C 121 -25.99 14.89 -7.75
CA ASP C 121 -27.03 14.17 -8.46
C ASP C 121 -27.77 15.09 -9.42
N LEU C 122 -27.45 16.38 -9.37
CA LEU C 122 -28.06 17.36 -10.23
C LEU C 122 -27.33 17.42 -11.57
N PRO C 123 -28.03 17.10 -12.67
CA PRO C 123 -27.44 17.13 -14.01
C PRO C 123 -27.13 18.55 -14.46
N SER C 124 -27.82 19.50 -13.85
CA SER C 124 -27.67 20.91 -14.14
C SER C 124 -26.47 21.49 -13.38
N ARG C 125 -25.35 20.79 -13.47
CA ARG C 125 -24.14 21.20 -12.79
C ARG C 125 -23.27 22.08 -13.69
N THR C 126 -22.82 23.21 -13.14
CA THR C 126 -21.98 24.13 -13.89
C THR C 126 -20.51 23.83 -13.62
N VAL C 127 -20.22 23.43 -12.39
CA VAL C 127 -18.86 23.10 -11.99
C VAL C 127 -18.51 21.69 -12.46
N ASP C 128 -17.55 21.61 -13.38
CA ASP C 128 -17.12 20.31 -13.90
C ASP C 128 -16.11 19.65 -12.98
N THR C 129 -16.23 18.35 -12.83
CA THR C 129 -15.35 17.56 -11.97
C THR C 129 -13.87 17.76 -12.30
N LYS C 130 -13.54 17.79 -13.60
CA LYS C 130 -12.15 17.94 -14.03
C LYS C 130 -11.53 19.26 -13.55
N GLN C 131 -12.37 20.28 -13.41
CA GLN C 131 -11.91 21.59 -12.97
C GLN C 131 -11.62 21.57 -11.47
N ALA C 132 -12.54 20.98 -10.72
CA ALA C 132 -12.39 20.91 -9.28
C ALA C 132 -11.21 20.04 -8.89
N GLN C 133 -11.00 18.95 -9.63
CA GLN C 133 -9.89 18.04 -9.38
C GLN C 133 -8.56 18.77 -9.55
N ASP C 134 -8.44 19.52 -10.64
CA ASP C 134 -7.22 20.26 -10.93
C ASP C 134 -6.95 21.32 -9.88
N LEU C 135 -7.99 22.03 -9.45
CA LEU C 135 -7.83 23.07 -8.44
C LEU C 135 -7.44 22.44 -7.10
N ALA C 136 -8.07 21.32 -6.77
CA ALA C 136 -7.79 20.61 -5.52
C ALA C 136 -6.35 20.11 -5.50
N ARG C 137 -5.88 19.55 -6.61
CA ARG C 137 -4.52 19.05 -6.70
C ARG C 137 -3.50 20.17 -6.60
N SER C 138 -3.92 21.37 -6.99
CA SER C 138 -3.04 22.53 -6.94
C SER C 138 -2.75 22.91 -5.48
N TYR C 139 -3.70 22.64 -4.60
CA TYR C 139 -3.54 22.93 -3.19
C TYR C 139 -2.98 21.72 -2.46
N GLY C 140 -3.23 20.54 -3.03
CA GLY C 140 -2.75 19.31 -2.44
C GLY C 140 -3.82 18.66 -1.57
N ILE C 141 -5.07 18.95 -1.88
CA ILE C 141 -6.20 18.40 -1.12
C ILE C 141 -7.10 17.57 -2.04
N PRO C 142 -7.85 16.61 -1.47
CA PRO C 142 -8.76 15.76 -2.24
C PRO C 142 -10.12 16.41 -2.48
N PHE C 143 -10.78 15.98 -3.56
CA PHE C 143 -12.09 16.48 -3.92
C PHE C 143 -13.09 15.33 -3.98
N ILE C 144 -14.23 15.51 -3.33
CA ILE C 144 -15.28 14.48 -3.29
C ILE C 144 -16.66 15.08 -3.60
N GLU C 145 -17.43 14.40 -4.44
CA GLU C 145 -18.77 14.85 -4.80
C GLU C 145 -19.77 14.12 -3.90
N THR C 146 -20.81 14.83 -3.45
CA THR C 146 -21.80 14.23 -2.55
C THR C 146 -23.22 14.61 -2.93
N SER C 147 -24.16 13.82 -2.42
CA SER C 147 -25.58 14.06 -2.64
C SER C 147 -26.35 13.63 -1.40
N ALA C 148 -26.95 14.60 -0.72
CA ALA C 148 -27.73 14.31 0.49
C ALA C 148 -29.08 13.69 0.13
N LYS C 149 -29.36 13.63 -1.16
CA LYS C 149 -30.59 13.07 -1.66
C LYS C 149 -30.55 11.55 -1.62
N THR C 150 -29.58 10.96 -2.30
CA THR C 150 -29.43 9.51 -2.35
C THR C 150 -28.32 9.05 -1.41
N ARG C 151 -27.84 9.98 -0.57
CA ARG C 151 -26.76 9.70 0.39
C ARG C 151 -25.49 9.27 -0.32
N GLN C 152 -25.36 9.70 -1.57
CA GLN C 152 -24.21 9.35 -2.40
C GLN C 152 -22.95 10.10 -1.97
N GLY C 153 -21.93 9.34 -1.58
CA GLY C 153 -20.65 9.90 -1.18
C GLY C 153 -20.65 10.58 0.17
N VAL C 154 -21.83 10.72 0.79
CA VAL C 154 -21.94 11.39 2.09
C VAL C 154 -21.00 10.79 3.13
N ASP C 155 -21.12 9.49 3.36
CA ASP C 155 -20.28 8.80 4.34
C ASP C 155 -18.80 8.89 3.97
N ASP C 156 -18.49 8.61 2.71
CA ASP C 156 -17.10 8.64 2.24
C ASP C 156 -16.46 10.02 2.36
N ALA C 157 -17.27 11.07 2.21
CA ALA C 157 -16.77 12.43 2.33
C ALA C 157 -16.18 12.64 3.73
N PHE C 158 -16.92 12.21 4.75
CA PHE C 158 -16.48 12.33 6.12
C PHE C 158 -15.30 11.39 6.35
N TYR C 159 -15.36 10.20 5.75
CA TYR C 159 -14.30 9.22 5.87
C TYR C 159 -12.99 9.78 5.32
N THR C 160 -13.09 10.49 4.19
CA THR C 160 -11.92 11.09 3.56
C THR C 160 -11.22 12.05 4.52
N LEU C 161 -12.01 12.88 5.19
CA LEU C 161 -11.46 13.83 6.15
C LEU C 161 -10.71 13.09 7.24
N VAL C 162 -11.28 11.97 7.67
CA VAL C 162 -10.66 11.15 8.70
C VAL C 162 -9.39 10.48 8.15
N ARG C 163 -9.46 10.04 6.89
CA ARG C 163 -8.33 9.40 6.22
C ARG C 163 -7.13 10.35 6.21
N GLU C 164 -7.39 11.61 5.88
CA GLU C 164 -6.35 12.62 5.82
C GLU C 164 -5.74 12.87 7.20
N ILE C 165 -6.60 12.88 8.22
CA ILE C 165 -6.14 13.08 9.59
C ILE C 165 -5.29 11.89 10.04
N ARG C 166 -5.68 10.70 9.62
CA ARG C 166 -4.94 9.49 9.95
C ARG C 166 -3.56 9.56 9.32
N LYS C 167 -3.51 9.96 8.05
CA LYS C 167 -2.24 10.10 7.33
C LYS C 167 -1.39 11.18 7.97
N HIS C 168 -2.07 12.17 8.55
CA HIS C 168 -1.39 13.26 9.23
C HIS C 168 -0.69 12.72 10.47
N LYS C 169 -1.38 11.85 11.19
CA LYS C 169 -0.83 11.21 12.39
C LYS C 169 0.38 10.36 12.00
N GLU C 170 0.25 9.68 10.86
CA GLU C 170 1.28 8.83 10.32
C GLU C 170 2.58 9.61 10.12
N LYS C 171 2.50 10.69 9.34
CA LYS C 171 3.66 11.52 9.04
C LYS C 171 4.17 12.26 10.28
N MET C 172 3.25 12.67 11.16
CA MET C 172 3.63 13.39 12.37
C MET C 172 4.46 12.51 13.30
N SER C 173 4.25 11.21 13.20
CA SER C 173 4.99 10.26 14.02
C SER C 173 6.39 10.00 13.45
N LYS C 174 6.64 10.52 12.27
CA LYS C 174 7.93 10.35 11.61
C LYS C 174 8.75 11.64 11.73
N ASP C 175 8.04 12.78 11.78
CA ASP C 175 8.67 14.09 11.88
C ASP C 175 9.35 14.50 10.58
N GLY C 176 8.66 15.33 9.81
CA GLY C 176 9.18 15.78 8.54
C GLY C 176 10.32 16.75 8.69
N LYS C 177 11.45 16.46 8.06
CA LYS C 177 12.62 17.32 8.16
C LYS C 177 13.00 17.96 6.82
N LYS C 178 12.21 17.68 5.78
CA LYS C 178 12.45 18.23 4.45
C LYS C 178 12.19 19.75 4.44
N LYS C 179 13.28 20.51 4.41
CA LYS C 179 13.22 21.99 4.39
C LYS C 179 12.69 22.56 5.72
N LYS C 180 12.45 21.68 6.68
CA LYS C 180 11.95 22.07 7.99
C LYS C 180 13.01 21.77 9.04
N LYS C 181 14.19 21.42 8.57
CA LYS C 181 15.31 21.10 9.45
C LYS C 181 16.57 21.77 8.94
N LYS C 182 17.22 22.53 9.80
CA LYS C 182 18.43 23.24 9.45
C LYS C 182 19.63 22.62 10.16
N SER C 183 20.65 22.26 9.39
CA SER C 183 21.87 21.67 9.95
C SER C 183 23.09 22.17 9.21
N LYS C 184 24.25 22.00 9.82
CA LYS C 184 25.51 22.41 9.22
C LYS C 184 26.62 21.43 9.58
N THR C 185 26.78 21.21 10.88
CA THR C 185 27.81 20.30 11.36
C THR C 185 27.28 19.48 12.54
N LYS C 186 26.67 18.33 12.23
CA LYS C 186 26.15 17.46 13.27
C LYS C 186 27.22 16.49 13.77
N CYS C 187 28.16 16.18 12.90
CA CYS C 187 29.25 15.26 13.23
C CYS C 187 30.61 15.93 13.00
C1 PCW D . 12.74 15.90 -3.37
C2 PCW D . 13.61 15.57 -4.65
C3 PCW D . 14.69 16.69 -4.88
C4 PCW D . 10.52 14.17 -1.04
C5 PCW D . 9.51 15.08 -1.74
C6 PCW D . 7.64 13.56 -2.59
C7 PCW D . 7.13 15.70 -1.50
C8 PCW D . 8.02 15.42 -3.09
C11 PCW D . 16.28 17.33 -6.57
C12 PCW D . 16.99 16.78 -7.78
C13 PCW D . 17.21 17.94 -8.82
C14 PCW D . 17.93 17.55 -10.10
C15 PCW D . 19.41 18.02 -10.22
C16 PCW D . 20.30 16.91 -10.86
C17 PCW D . 20.60 17.03 -12.40
C18 PCW D . 21.94 16.40 -12.81
C19 PCW D . 22.78 17.32 -13.74
C20 PCW D . 23.74 16.82 -14.59
C21 PCW D . 24.23 15.44 -14.86
C22 PCW D . 25.33 15.12 -13.81
C23 PCW D . 25.40 13.68 -13.26
C24 PCW D . 25.42 13.52 -11.76
C25 PCW D . 26.72 13.13 -11.01
C26 PCW D . 26.81 13.56 -9.55
C27 PCW D . 28.20 13.53 -8.88
C28 PCW D . 28.43 14.80 -8.09
C31 PCW D . 13.65 13.21 -4.85
C32 PCW D . 14.53 11.97 -4.63
C33 PCW D . 13.82 10.56 -4.92
C34 PCW D . 14.24 9.95 -6.26
C35 PCW D . 15.35 8.88 -5.92
C36 PCW D . 16.60 9.03 -6.81
C37 PCW D . 17.75 8.01 -6.52
C38 PCW D . 17.69 6.83 -7.45
C39 PCW D . 18.78 5.84 -7.19
C40 PCW D . 18.65 4.57 -6.83
C41 PCW D . 17.30 3.89 -6.58
C42 PCW D . 17.22 2.60 -7.53
C43 PCW D . 16.72 1.30 -6.94
C44 PCW D . 16.74 0.27 -8.05
C45 PCW D . 17.63 -0.92 -7.80
C46 PCW D . 18.53 -1.26 -8.97
C47 PCW D . 18.34 -2.62 -9.59
C48 PCW D . 19.31 -2.83 -10.76
N PCW D . 8.13 14.70 -1.79
O2 PCW D . 14.34 14.29 -4.48
O3 PCW D . 15.47 16.38 -6.05
O11 PCW D . 16.43 18.44 -6.13
O31 PCW D . 12.47 13.20 -5.31
O1P PCW D . 13.15 13.32 -1.89
O2P PCW D . 13.90 14.61 0.10
O3P PCW D . 13.49 15.81 -2.13
O4P PCW D . 11.68 14.98 -0.72
P PCW D . 13.10 14.60 -1.14
C1 PCW E . 33.25 13.71 6.11
C2 PCW E . 34.36 13.69 4.99
C3 PCW E . 35.46 12.64 5.36
C4 PCW E . 28.52 14.85 6.12
C5 PCW E . 27.70 15.52 7.22
C6 PCW E . 25.52 15.11 8.46
C7 PCW E . 27.51 13.79 8.99
C8 PCW E . 27.25 15.62 9.22
C11 PCW E . 37.74 12.96 4.68
C12 PCW E . 38.63 12.88 3.46
C13 PCW E . 39.20 14.31 3.17
C14 PCW E . 40.12 14.40 1.96
C15 PCW E . 40.08 15.75 1.17
C16 PCW E . 40.70 15.57 -0.26
C17 PCW E . 42.10 16.23 -0.52
C18 PCW E . 42.73 15.80 -1.84
C19 PCW E . 43.84 14.74 -1.66
C20 PCW E . 43.63 13.40 -1.97
C21 PCW E . 42.47 12.66 -2.51
C22 PCW E . 43.01 11.72 -3.61
C23 PCW E . 42.74 12.11 -5.09
C24 PCW E . 43.95 12.32 -5.96
C25 PCW E . 44.70 11.12 -6.61
C26 PCW E . 43.97 10.39 -7.73
C27 PCW E . 43.38 9.00 -7.43
C28 PCW E . 44.18 7.94 -8.15
C31 PCW E . 34.13 14.00 2.65
C32 PCW E . 33.44 13.44 1.39
C33 PCW E . 34.00 12.04 0.86
C34 PCW E . 35.50 12.07 0.52
C35 PCW E . 36.10 10.75 1.16
C36 PCW E . 36.50 9.71 0.11
C37 PCW E . 37.10 8.37 0.66
C38 PCW E . 38.13 7.81 -0.25
C39 PCW E . 38.72 6.52 0.26
C40 PCW E . 39.12 5.48 -0.46
C41 PCW E . 39.05 5.42 -1.98
C42 PCW E . 38.24 4.09 -2.38
C43 PCW E . 37.35 4.14 -3.60
C44 PCW E . 36.72 2.76 -3.74
C45 PCW E . 36.09 2.48 -5.07
C46 PCW E . 36.64 1.24 -5.74
C47 PCW E . 35.62 0.31 -6.35
C48 PCW E . 36.31 -0.90 -7.00
N PCW E . 26.88 14.72 8.08
O2 PCW E . 33.75 13.26 3.69
O3 PCW E . 36.46 12.61 4.32
O11 PCW E . 38.10 13.28 5.77
O31 PCW E . 34.92 14.99 2.68
O1P PCW E . 30.56 13.34 7.49
O2P PCW E . 31.50 15.60 7.95
O3P PCW E . 32.04 14.41 5.74
O4P PCW E . 29.86 15.39 6.23
P PCW E . 30.99 14.67 6.94
C1 PCW F . -12.16 -4.14 20.73
C2 PCW F . -11.68 -5.64 20.91
C3 PCW F . -12.52 -6.33 22.04
C4 PCW F . -15.26 -5.75 17.81
C5 PCW F . -15.03 -7.26 17.70
C6 PCW F . -17.48 -7.99 17.90
C7 PCW F . -15.83 -9.45 16.86
C8 PCW F . -15.89 -8.88 18.61
C11 PCW F . -12.92 -8.68 21.77
C12 PCW F . -12.27 -10.02 22.04
C13 PCW F . -13.25 -10.84 22.95
C14 PCW F . -12.77 -12.25 23.33
C15 PCW F . -13.45 -12.89 24.58
C16 PCW F . -14.91 -13.36 24.23
C17 PCW F . -15.15 -14.90 24.07
C18 PCW F . -16.57 -15.25 23.61
C19 PCW F . -17.49 -15.70 24.77
C20 PCW F . -17.58 -17.03 25.17
C21 PCW F . -16.92 -18.26 24.69
C22 PCW F . -16.03 -18.77 25.86
C23 PCW F . -14.67 -19.41 25.49
C24 PCW F . -13.46 -18.53 25.62
C25 PCW F . -12.59 -18.53 26.91
C26 PCW F . -11.64 -19.70 27.10
C27 PCW F . -12.12 -20.86 27.99
C28 PCW F . -10.94 -21.41 28.78
C31 PCW F . -10.86 -6.38 18.81
C32 PCW F . -11.24 -7.20 17.57
C33 PCW F . -11.64 -8.73 17.84
C34 PCW F . -10.50 -9.71 17.59
C35 PCW F . -10.81 -10.97 18.48
C36 PCW F . -9.68 -11.30 19.48
C37 PCW F . -9.93 -12.54 20.39
C38 PCW F . -9.14 -12.47 21.67
C39 PCW F . -9.37 -13.65 22.56
C40 PCW F . -8.51 -14.18 23.43
C41 PCW F . -7.12 -13.65 23.65
C42 PCW F . -6.07 -14.75 23.15
C43 PCW F . -5.16 -15.41 24.17
C44 PCW F . -4.28 -16.39 23.41
C45 PCW F . -4.62 -17.85 23.63
C46 PCW F . -4.00 -18.43 24.88
C47 PCW F . -2.88 -19.42 24.68
C48 PCW F . -2.36 -19.92 26.03
N PCW F . -16.11 -8.13 17.35
O2 PCW F . -11.90 -6.39 19.65
O3 PCW F . -12.09 -7.69 22.20
O11 PCW F . -13.99 -8.52 21.26
O31 PCW F . -9.76 -5.79 19.00
O1P PCW F . -15.22 -3.00 18.79
O2P PCW F . -12.80 -3.13 18.12
O3P PCW F . -13.57 -4.01 20.41
O4P PCW F . -14.03 -5.18 18.33
P PCW F . -13.91 -3.76 18.86
C1 PCW G . -2.25 14.80 -19.05
C2 PCW G . -2.27 14.60 -20.62
C3 PCW G . -2.97 15.81 -21.32
C4 PCW G . -0.31 18.61 -16.64
C5 PCW G . -1.20 19.74 -16.11
C6 PCW G . -0.68 22.16 -16.71
C7 PCW G . -2.67 21.07 -17.61
C8 PCW G . -2.29 21.46 -15.85
C11 PCW G . -2.48 16.61 -23.53
C12 PCW G . -2.58 16.18 -24.97
C13 PCW G . -1.16 15.70 -25.44
C14 PCW G . -1.09 15.23 -26.91
C15 PCW G . 0.22 14.47 -27.31
C16 PCW G . 1.41 15.47 -27.51
C17 PCW G . 2.56 15.03 -28.46
C18 PCW G . 3.52 16.15 -28.84
C19 PCW G . 4.99 15.67 -29.02
C20 PCW G . 5.76 16.03 -30.12
C21 PCW G . 5.46 16.87 -31.31
C22 PCW G . 6.67 16.72 -32.27
C23 PCW G . 6.60 17.44 -33.64
C24 PCW G . 7.77 17.27 -34.56
C25 PCW G . 8.76 18.43 -34.85
C26 PCW G . 9.19 19.27 -33.66
C27 PCW G . 10.19 18.67 -32.66
C28 PCW G . 11.50 19.41 -32.72
C31 PCW G . -0.63 13.48 -21.92
C32 PCW G . 0.84 13.56 -22.36
C33 PCW G . 1.49 12.16 -22.81
C34 PCW G . 1.84 12.10 -24.31
C35 PCW G . 0.68 11.26 -24.98
C36 PCW G . 1.12 10.62 -26.32
C37 PCW G . 0.02 9.77 -27.04
C38 PCW G . 0.60 8.93 -28.14
C39 PCW G . -0.43 8.10 -28.85
C40 PCW G . -0.26 6.91 -29.42
C41 PCW G . 1.06 6.16 -29.43
C42 PCW G . 0.74 4.60 -29.35
C43 PCW G . 1.30 3.81 -28.19
C44 PCW G . 0.84 2.36 -28.37
C45 PCW G . 0.18 1.75 -27.16
C46 PCW G . 0.01 0.26 -27.26
C47 PCW G . -1.41 -0.27 -27.22
C48 PCW G . -1.43 -1.80 -27.33
N PCW G . -1.42 20.91 -16.92
O2 PCW G . -0.87 14.54 -21.13
O3 PCW G . -2.98 15.61 -22.74
O11 PCW G . -2.03 17.64 -23.15
O31 PCW G . -1.45 12.57 -22.23
O1P PCW G . -1.78 18.23 -19.08
O2P PCW G . -3.37 17.01 -17.60
O3P PCW G . -1.31 15.80 -18.59
O4P PCW G . -1.16 17.44 -16.79
P PCW G . -1.97 17.17 -18.04
C1 PCW H . 25.87 17.38 5.13
C2 PCW H . 26.34 17.91 3.72
C3 PCW H . 27.52 17.03 3.19
C4 PCW H . 25.14 21.45 5.89
C5 PCW H . 25.24 21.68 4.38
C6 PCW H . 23.25 23.24 3.99
C7 PCW H . 25.30 23.45 2.65
C8 PCW H . 24.11 22.04 2.70
C11 PCW H . 29.00 16.90 1.29
C12 PCW H . 29.27 17.57 -0.03
C13 PCW H . 27.97 17.50 -0.91
C14 PCW H . 28.07 18.15 -2.29
C15 PCW H . 28.51 17.19 -3.45
C16 PCW H . 28.39 17.92 -4.83
C17 PCW H . 29.61 18.79 -5.28
C18 PCW H . 30.81 17.95 -5.74
C19 PCW H . 31.84 18.78 -6.54
C20 PCW H . 32.13 18.52 -7.86
C21 PCW H . 31.61 17.50 -8.82
C22 PCW H . 32.31 17.77 -10.18
C23 PCW H . 32.78 16.56 -11.00
C24 PCW H . 33.65 16.83 -12.19
C25 PCW H . 33.56 15.94 -13.47
C26 PCW H . 34.52 14.77 -13.54
C27 PCW H . 34.12 13.57 -14.42
C28 PCW H . 35.13 12.45 -14.27
C31 PCW H . 25.18 18.80 1.85
C32 PCW H . 23.99 18.55 0.92
C33 PCW H . 24.24 18.87 -0.63
C34 PCW H . 24.26 17.62 -1.51
C35 PCW H . 22.75 17.16 -1.61
C36 PCW H . 22.60 15.63 -1.65
C37 PCW H . 21.15 15.10 -1.75
C38 PCW H . 21.07 13.78 -2.46
C39 PCW H . 19.66 13.25 -2.58
C40 PCW H . 19.17 12.15 -2.00
C41 PCW H . 19.98 11.21 -1.13
C42 PCW H . 19.84 9.72 -1.71
C43 PCW H . 18.65 8.89 -1.27
C44 PCW H . 18.76 7.54 -1.97
C45 PCW H . 19.33 6.43 -1.13
C46 PCW H . 20.44 5.67 -1.81
C47 PCW H . 21.34 4.85 -0.92
C48 PCW H . 22.42 4.14 -1.75
N PCW H . 24.68 22.87 3.81
O2 PCW H . 25.23 17.80 2.74
O3 PCW H . 27.95 17.52 1.90
O11 PCW H . 29.60 15.97 1.73
O31 PCW H . 25.98 19.78 1.79
O1P PCW H . 23.39 19.50 7.15
O2P PCW H . 25.53 18.48 7.93
O3P PCW H . 24.62 17.96 5.59
O4P PCW H . 25.61 20.09 6.13
P PCW H . 24.76 19.02 6.78
C1 PCW I . -5.19 11.92 -8.24
C2 PCW I . -4.99 10.35 -8.29
C3 PCW I . -6.34 9.61 -7.98
C4 PCW I . -9.33 13.13 -8.49
C5 PCW I . -9.85 12.71 -7.11
C6 PCW I . -11.47 11.24 -5.82
C7 PCW I . -10.14 10.30 -7.64
C8 PCW I . -9.54 10.99 -6.05
C11 PCW I . -7.03 7.38 -7.39
C12 PCW I . -6.62 5.94 -7.55
C13 PCW I . -7.61 5.25 -8.56
C14 PCW I . -7.33 3.76 -8.83
C15 PCW I . -8.36 2.76 -8.24
C16 PCW I . -7.65 1.62 -7.44
C17 PCW I . -8.52 0.41 -7.00
C18 PCW I . -9.20 0.61 -5.63
C19 PCW I . -8.72 -0.40 -4.56
C20 PCW I . -9.28 -1.65 -4.38
C21 PCW I . -10.40 -2.34 -5.08
C22 PCW I . -9.76 -3.46 -5.95
C23 PCW I . -10.62 -4.08 -7.08
C24 PCW I . -9.98 -4.22 -8.42
C25 PCW I . -10.77 -3.88 -9.73
C26 PCW I . -10.15 -4.34 -11.03
C27 PCW I . -10.93 -5.37 -11.88
C28 PCW I . -10.26 -6.72 -11.80
C31 PCW I . -3.30 9.47 -9.72
C32 PCW I . -3.00 9.06 -11.18
C33 PCW I . -1.45 9.10 -11.61
C34 PCW I . -0.69 7.83 -11.21
C35 PCW I . 0.07 7.38 -12.52
C36 PCW I . -0.10 5.87 -12.81
C37 PCW I . 0.63 5.36 -14.09
C38 PCW I . 2.00 4.84 -13.79
C39 PCW I . 2.71 4.33 -15.02
C40 PCW I . 3.92 4.68 -15.44
C41 PCW I . 4.82 5.67 -14.73
C42 PCW I . 6.17 5.81 -15.57
C43 PCW I . 6.10 6.37 -16.97
C44 PCW I . 7.52 6.39 -17.53
C45 PCW I . 7.81 5.36 -18.60
C46 PCW I . 8.20 4.01 -18.06
C47 PCW I . 9.54 3.93 -17.37
C48 PCW I . 9.83 2.51 -16.87
N PCW I . -10.59 11.49 -6.98
O2 PCW I . -4.56 9.92 -9.66
O3 PCW I . -6.12 8.19 -8.02
O11 PCW I . -7.99 7.77 -6.79
O31 PCW I . -2.48 9.41 -8.75
O1P PCW I . -7.38 13.88 -10.84
O2P PCW I . -6.86 14.03 -8.88
O3P PCW I . -5.51 12.53 -9.51
O4P PCW I . -8.02 12.52 -8.63
P PCW I . -7.07 12.85 -9.75
C1 PCW J . -1.29 16.09 -12.98
C2 PCW J . -1.03 14.55 -13.14
C3 PCW J . -1.86 14.00 -14.36
C4 PCW J . 1.94 18.19 -11.08
C5 PCW J . 1.96 18.14 -9.55
C6 PCW J . 1.94 20.45 -8.85
C7 PCW J . 3.98 19.41 -9.29
C8 PCW J . 2.91 18.81 -7.38
C11 PCW J . -1.90 12.02 -15.71
C12 PCW J . -1.53 10.56 -15.67
C13 PCW J . 0.02 10.45 -15.84
C14 PCW J . 0.58 9.02 -15.82
C15 PCW J . 2.13 8.89 -15.69
C16 PCW J . 2.84 9.32 -17.02
C17 PCW J . 3.34 10.80 -17.13
C18 PCW J . 4.67 10.95 -17.86
C19 PCW J . 4.51 11.21 -19.38
C20 PCW J . 4.71 10.20 -20.32
C21 PCW J . 5.07 8.78 -20.21
C22 PCW J . 5.89 8.42 -21.49
C23 PCW J . 5.36 7.27 -22.39
C24 PCW J . 4.59 7.67 -23.61
C25 PCW J . 3.45 6.77 -24.16
C26 PCW J . 3.09 6.96 -25.62
C27 PCW J . 3.96 6.26 -26.68
C28 PCW J . 4.33 7.23 -27.77
C31 PCW J . 1.22 14.31 -12.39
C32 PCW J . 2.66 14.05 -12.87
C33 PCW J . 2.99 12.52 -13.21
C34 PCW J . 4.24 12.01 -12.50
C35 PCW J . 5.22 11.54 -13.65
C36 PCW J . 5.40 10.00 -13.69
C37 PCW J . 6.36 9.48 -14.80
C38 PCW J . 7.78 9.87 -14.54
C39 PCW J . 8.73 9.38 -15.60
C40 PCW J . 9.82 8.63 -15.42
C41 PCW J . 10.29 8.14 -14.07
C42 PCW J . 10.72 6.61 -14.22
C43 PCW J . 12.10 6.20 -13.72
C44 PCW J . 12.24 4.71 -13.99
C45 PCW J . 13.59 4.28 -14.51
C46 PCW J . 13.51 3.49 -15.78
C47 PCW J . 14.05 2.08 -15.74
C48 PCW J . 13.91 1.40 -17.11
N PCW J . 2.65 19.15 -8.80
O2 PCW J . 0.42 14.31 -13.46
O3 PCW J . -1.61 12.59 -14.51
O11 PCW J . -2.35 12.59 -16.66
O31 PCW J . 0.88 14.49 -11.19
O1P PCW J . 1.00 19.09 -13.68
O2P PCW J . -1.21 19.06 -12.54
O3P PCW J . -0.26 16.92 -13.57
O4P PCW J . 0.59 17.88 -11.50
P PCW J . 0.01 18.32 -12.84
C1 PCW K . 23.09 0.10 32.65
C2 PCW K . 23.79 -0.84 31.59
C3 PCW K . 25.15 -1.37 32.17
C4 PCW K . 18.34 1.24 32.41
C5 PCW K . 17.44 1.90 33.45
C6 PCW K . 15.23 2.56 34.18
C7 PCW K . 15.89 0.33 34.40
C8 PCW K . 15.40 1.07 32.30
C11 PCW K . 26.41 -1.65 30.13
C12 PCW K . 27.03 -2.72 29.29
C13 PCW K . 26.08 -3.03 28.08
C14 PCW K . 26.58 -4.11 27.12
C15 PCW K . 27.79 -3.71 26.22
C16 PCW K . 29.11 -4.38 26.73
C17 PCW K . 29.41 -5.84 26.25
C18 PCW K . 30.84 -6.29 26.53
C19 PCW K . 30.91 -7.60 27.35
C20 PCW K . 31.37 -8.79 26.82
C21 PCW K . 31.89 -9.15 25.47
C22 PCW K . 31.31 -10.56 25.14
C23 PCW K . 32.13 -11.44 24.15
C24 PCW K . 31.41 -11.88 22.91
C25 PCW K . 32.19 -12.31 21.63
C26 PCW K . 31.53 -13.33 20.73
C27 PCW K . 32.10 -14.76 20.72
C28 PCW K . 31.20 -15.68 21.54
C31 PCW K . 22.66 -2.18 30.01
C32 PCW K . 21.77 -3.42 29.86
C33 PCW K . 20.88 -3.49 28.53
C34 PCW K . 21.69 -3.71 27.26
C35 PCW K . 21.80 -5.29 27.10
C36 PCW K . 23.24 -5.78 26.88
C37 PCW K . 23.42 -7.31 26.71
C38 PCW K . 23.57 -8.02 28.03
C39 PCW K . 23.73 -9.51 27.87
C40 PCW K . 24.85 -10.22 28.04
C41 PCW K . 26.19 -9.63 28.42
C42 PCW K . 26.88 -9.06 27.10
C43 PCW K . 27.04 -9.99 25.90
C44 PCW K . 27.73 -9.18 24.81
C45 PCW K . 26.81 -8.30 24.00
C46 PCW K . 27.52 -7.16 23.32
C47 PCW K . 26.65 -5.98 22.91
C48 PCW K . 27.50 -4.90 22.22
N PCW K . 16.06 1.49 33.57
O2 PCW K . 22.94 -2.02 31.30
O3 PCW K . 25.80 -2.23 31.21
O11 PCW K . 26.45 -0.46 29.90
O31 PCW K . 23.03 -1.43 29.06
O1P PCW K . 20.02 -0.90 31.39
O2P PCW K . 20.73 -1.06 33.79
O3P PCW K . 21.83 0.65 32.20
O4P PCW K . 19.58 0.93 33.08
P PCW K . 20.52 -0.18 32.62
C1 PCW L . -4.26 5.84 4.67
C2 PCW L . -4.10 5.20 3.23
C3 PCW L . -2.74 5.67 2.60
C4 PCW L . -2.19 4.93 8.84
C5 PCW L . -1.45 3.62 9.16
C6 PCW L . 0.50 2.82 10.34
C7 PCW L . -1.61 2.56 11.31
C8 PCW L . -0.73 4.65 11.31
C11 PCW L . -1.92 5.80 0.35
C12 PCW L . -1.89 5.03 -0.94
C13 PCW L . -0.88 3.85 -0.78
C14 PCW L . -0.73 2.95 -2.02
C15 PCW L . 0.67 2.27 -2.21
C16 PCW L . 1.50 3.00 -3.31
C17 PCW L . 1.91 4.50 -3.03
C18 PCW L . 3.13 4.64 -2.13
C19 PCW L . 3.89 5.97 -2.36
C20 PCW L . 5.02 6.05 -3.15
C21 PCW L . 5.78 5.04 -3.94
C22 PCW L . 5.11 4.97 -5.34
C23 PCW L . 5.90 4.23 -6.46
C24 PCW L . 5.34 2.92 -6.92
C25 PCW L . 6.27 1.81 -7.49
C26 PCW L . 6.33 0.51 -6.71
C27 PCW L . 7.23 0.47 -5.45
C28 PCW L . 6.76 -0.62 -4.52
C31 PCW L . -5.19 3.12 2.92
C32 PCW L . -5.02 1.60 3.07
C33 PCW L . -5.29 1.04 4.54
C34 PCW L . -6.66 0.40 4.69
C35 PCW L . -6.43 -0.91 5.57
C36 PCW L . -7.34 -2.09 5.12
C37 PCW L . -7.16 -3.41 5.93
C38 PCW L . -8.04 -4.50 5.42
C39 PCW L . -7.88 -5.78 6.18
C40 PCW L . -8.48 -6.96 5.93
C41 PCW L . -9.44 -7.18 4.78
C42 PCW L . -8.86 -8.35 3.87
C43 PCW L . -9.69 -8.86 2.70
C44 PCW L . -8.88 -9.95 2.03
C45 PCW L . -9.09 -10.07 0.53
C46 PCW L . -8.25 -9.12 -0.27
C47 PCW L . -6.94 -9.66 -0.80
C48 PCW L . -6.19 -8.58 -1.61
N PCW L . -0.85 3.43 10.47
O2 PCW L . -4.06 3.72 3.33
O3 PCW L . -2.60 5.09 1.29
O11 PCW L . -1.42 6.88 0.52
O31 PCW L . -6.22 3.71 2.47
O1P PCW L . -3.63 6.92 7.25
O2P PCW L . -5.57 5.44 7.70
O3P PCW L . -3.97 4.92 5.75
O4P PCW L . -3.37 4.55 8.09
P PCW L . -4.17 5.53 7.23
C1 PCW M . 23.11 10.62 19.51
C2 PCW M . 24.04 9.34 19.45
C3 PCW M . 23.30 8.11 20.11
C4 PCW M . 20.36 9.30 17.05
C5 PCW M . 19.68 9.00 15.72
C6 PCW M . 17.53 8.20 16.84
C7 PCW M . 17.63 8.47 14.40
C8 PCW M . 18.60 7.29 15.46
C11 PCW M . 25.05 6.76 21.05
C12 PCW M . 25.82 5.49 20.80
C13 PCW M . 27.12 5.87 20.00
C14 PCW M . 28.04 4.69 19.65
C15 PCW M . 27.92 3.43 20.55
C16 PCW M . 28.19 2.13 19.71
C17 PCW M . 26.95 1.26 19.34
C18 PCW M . 27.21 -0.24 19.46
C19 PCW M . 26.56 -0.88 20.71
C20 PCW M . 25.78 -2.02 20.64
C21 PCW M . 25.37 -2.89 19.51
C22 PCW M . 23.82 -3.05 19.60
C23 PCW M . 23.27 -4.02 20.69
C24 PCW M . 22.60 -5.27 20.20
C25 PCW M . 22.71 -6.60 21.02
C26 PCW M . 21.40 -7.29 21.37
C27 PCW M . 20.95 -7.29 22.83
C28 PCW M . 19.71 -6.46 22.99
C31 PCW M . 25.62 8.96 17.75
C32 PCW M . 25.78 8.56 16.27
C33 PCW M . 26.35 7.08 16.03
C34 PCW M . 27.88 7.02 15.95
C35 PCW M . 28.22 5.55 15.50
C36 PCW M . 29.72 5.21 15.71
C37 PCW M . 30.14 3.76 15.28
C38 PCW M . 31.48 3.39 15.80
C39 PCW M . 31.90 2.00 15.38
C40 PCW M . 33.08 1.43 15.56
C41 PCW M . 34.27 2.10 16.23
C42 PCW M . 35.60 1.42 15.66
C43 PCW M . 36.08 0.13 16.28
C44 PCW M . 37.36 -0.26 15.54
C45 PCW M . 37.71 -1.73 15.60
C46 PCW M . 37.12 -2.54 14.47
C47 PCW M . 37.96 -3.68 13.95
C48 PCW M . 37.25 -4.41 12.81
N PCW M . 18.27 8.73 15.68
O2 PCW M . 24.32 8.97 18.03
O3 PCW M . 24.14 6.95 20.05
O11 PCW M . 25.22 7.49 21.99
O31 PCW M . 26.57 9.22 18.54
O1P PCW M . 20.58 11.58 18.84
O2P PCW M . 21.43 12.72 16.79
O3P PCW M . 23.02 11.34 18.26
O4P PCW M . 21.36 10.32 16.80
P PCW M . 21.54 11.54 17.68
C1 PCW N . -6.77 5.32 -3.76
C2 PCW N . -5.81 4.06 -3.79
C3 PCW N . -6.59 2.79 -3.29
C4 PCW N . -9.17 7.61 -2.59
C5 PCW N . -10.57 7.89 -3.15
C6 PCW N . -11.39 9.02 -1.17
C7 PCW N . -12.09 6.84 -1.62
C8 PCW N . -12.96 8.50 -2.91
C11 PCW N . -5.77 0.78 -2.28
C12 PCW N . -4.80 -0.35 -2.53
C13 PCW N . -3.34 0.22 -2.42
C14 PCW N . -2.23 -0.82 -2.65
C15 PCW N . -1.75 -0.98 -4.12
C16 PCW N . -1.97 -2.47 -4.62
C17 PCW N . -2.89 -2.68 -5.86
C18 PCW N . -3.72 -3.96 -5.78
C19 PCW N . -3.38 -4.96 -6.91
C20 PCW N . -2.93 -6.25 -6.64
C21 PCW N . -2.68 -6.98 -5.38
C22 PCW N . -1.48 -7.94 -5.65
C23 PCW N . -0.72 -8.51 -4.42
C24 PCW N . -1.20 -9.81 -3.87
C25 PCW N . -0.91 -11.15 -4.60
C26 PCW N . -2.11 -11.87 -5.19
C27 PCW N . -2.93 -12.77 -4.26
C28 PCW N . -3.96 -13.54 -5.05
C31 PCW N . -4.08 3.51 -5.31
C32 PCW N . -3.78 3.25 -6.80
C33 PCW N . -2.98 1.89 -7.12
C34 PCW N . -3.37 1.26 -8.46
C35 PCW N . -2.56 -0.10 -8.54
C36 PCW N . -2.93 -0.94 -9.78
C37 PCW N . -2.17 -2.30 -9.93
C38 PCW N . -2.65 -3.07 -11.11
C39 PCW N . -1.94 -4.39 -11.29
C40 PCW N . -1.61 -5.00 -12.43
C41 PCW N . -1.92 -4.43 -13.80
C42 PCW N . -2.18 -5.65 -14.81
C43 PCW N . -1.35 -5.71 -16.07
C44 PCW N . -1.80 -6.96 -16.84
C45 PCW N . -0.72 -7.66 -17.61
C46 PCW N . -1.22 -8.36 -18.84
C47 PCW N . -0.21 -9.20 -19.61
C48 PCW N . -0.86 -9.86 -20.83
N PCW N . -11.69 8.06 -2.26
O2 PCW N . -5.37 3.79 -5.20
O3 PCW N . -5.73 1.65 -3.32
O11 PCW N . -6.46 0.89 -1.30
O31 PCW N . -3.23 3.46 -4.38
O1P PCW N . -6.33 7.88 -2.05
O2P PCW N . -6.35 9.11 -4.21
O3P PCW N . -6.15 6.55 -4.19
O4P PCW N . -8.23 7.74 -3.69
P PCW N . -6.73 7.88 -3.49
C1 PCW O . 15.34 3.24 14.47
C2 PCW O . 16.62 2.34 14.61
C3 PCW O . 16.28 0.86 14.20
C4 PCW O . 13.83 5.20 18.73
C5 PCW O . 12.40 5.69 18.97
C6 PCW O . 13.05 7.87 19.82
C7 PCW O . 12.32 6.22 21.31
C8 PCW O . 10.74 7.20 20.00
C11 PCW O . 17.56 -0.78 15.42
C12 PCW O . 18.88 -1.51 15.37
C13 PCW O . 19.96 -0.57 16.01
C14 PCW O . 21.39 -1.14 16.04
C15 PCW O . 22.37 -0.59 14.98
C16 PCW O . 22.37 -1.48 13.68
C17 PCW O . 22.66 -3.02 13.87
C18 PCW O . 24.13 -3.39 13.70
C19 PCW O . 24.37 -4.92 13.71
C20 PCW O . 25.30 -5.52 14.54
C21 PCW O . 26.24 -4.99 15.55
C22 PCW O . 27.67 -5.42 15.11
C23 PCW O . 28.37 -6.52 15.95
C24 PCW O . 28.52 -7.86 15.31
C25 PCW O . 29.47 -8.94 15.91
C26 PCW O . 28.94 -10.36 15.99
C27 PCW O . 28.82 -11.01 17.38
C28 PCW O . 28.10 -12.34 17.27
C31 PCW O . 18.51 3.71 14.23
C32 PCW O . 19.55 4.10 13.17
C33 PCW O . 21.06 3.67 13.49
C34 PCW O . 22.09 4.67 12.97
C35 PCW O . 22.62 4.05 11.62
C36 PCW O . 22.44 5.03 10.42
C37 PCW O . 22.94 4.48 9.04
C38 PCW O . 21.79 4.13 8.15
C39 PCW O . 22.25 3.61 6.80
C40 PCW O . 21.59 3.66 5.66
C41 PCW O . 20.20 4.28 5.49
C42 PCW O . 19.48 3.55 4.27
C43 PCW O . 20.02 3.76 2.87
C44 PCW O . 19.14 2.94 1.93
C45 PCW O . 19.59 1.52 1.70
C46 PCW O . 20.77 1.40 0.78
C47 PCW O . 22.02 0.79 1.37
C48 PCW O . 23.14 0.72 0.33
N PCW O . 12.14 6.70 19.97
O2 PCW O . 17.68 2.82 13.69
O3 PCW O . 17.46 0.06 14.34
O11 PCW O . 16.73 -0.91 16.27
O31 PCW O . 18.45 4.17 15.40
O1P PCW O . 16.25 4.09 17.60
O2P PCW O . 15.86 5.80 15.83
O3P PCW O . 14.66 3.51 15.73
O4P PCW O . 14.05 5.25 17.29
P PCW O . 15.29 4.68 16.62
C1 PCW P . -1.70 -5.88 19.66
C2 PCW P . -1.29 -7.34 20.11
C3 PCW P . -1.29 -8.31 18.87
C4 PCW P . 1.27 -1.99 19.92
C5 PCW P . 2.56 -1.94 19.09
C6 PCW P . 1.55 -0.51 17.24
C7 PCW P . 3.97 -0.84 17.38
C8 PCW P . 2.68 -2.10 17.05
C11 PCW P . 0.15 -10.21 18.64
C12 PCW P . 0.39 -11.57 19.23
C13 PCW P . 0.02 -12.65 18.15
C14 PCW P . 0.22 -14.10 18.58
C15 PCW P . -0.37 -15.18 17.63
C16 PCW P . 0.72 -15.63 16.57
C17 PCW P . 1.82 -16.62 17.07
C18 PCW P . 1.64 -18.04 16.53
C19 PCW P . 2.18 -19.12 17.51
C20 PCW P . 1.37 -20.11 18.04
C21 PCW P . -0.07 -20.42 17.88
C22 PCW P . -0.73 -20.30 19.28
C23 PCW P . -1.21 -21.61 19.96
C24 PCW P . -2.12 -21.46 21.14
C25 PCW P . -3.21 -22.52 21.44
C26 PCW P . -4.26 -22.15 22.48
C27 PCW P . -5.20 -23.26 23.00
C28 PCW P . -4.81 -23.64 24.41
C31 PCW P . 0.18 -7.62 21.95
C32 PCW P . 1.66 -7.56 22.36
C33 PCW P . 2.43 -8.97 22.30
C34 PCW P . 3.40 -9.18 23.47
C35 PCW P . 2.60 -10.07 24.52
C36 PCW P . 3.55 -10.95 25.38
C37 PCW P . 2.84 -11.85 26.44
C38 PCW P . 3.68 -13.01 26.85
C39 PCW P . 3.02 -13.90 27.88
C40 PCW P . 3.59 -14.85 28.59
C41 PCW P . 5.05 -15.22 28.49
C42 PCW P . 5.18 -16.81 28.52
C43 PCW P . 5.00 -17.57 27.22
C44 PCW P . 5.16 -19.04 27.54
C45 PCW P . 3.97 -19.70 28.19
C46 PCW P . 3.25 -20.66 27.30
C47 PCW P . 1.74 -20.56 27.28
C48 PCW P . 1.13 -21.60 26.34
N PCW P . 2.69 -0.98 18.04
O2 PCW P . 0.11 -7.32 20.65
O3 PCW P . -0.90 -9.63 19.30
O11 PCW P . 0.78 -9.72 17.76
O31 PCW P . -0.78 -7.88 22.72
O1P PCW P . -1.40 -2.89 20.60
O2P PCW P . -0.16 -4.57 21.96
O3P PCW P . -0.59 -4.98 19.45
O4P PCW P . 1.05 -3.37 20.27
P PCW P . -0.32 -3.94 20.64
C1 PCW Q . -3.93 -0.69 14.97
C2 PCW Q . -2.96 -1.86 14.55
C3 PCW Q . -2.99 -3.01 15.62
C4 PCW Q . -5.89 0.13 11.49
C5 PCW Q . -6.70 1.10 10.65
C6 PCW Q . -8.59 -0.14 9.49
C7 PCW Q . -9.03 1.94 10.72
C8 PCW Q . -8.01 1.72 9.20
C11 PCW Q . -0.79 -3.99 15.57
C12 PCW Q . -0.06 -5.20 15.04
C13 PCW Q . 0.71 -5.88 16.21
C14 PCW Q . 1.52 -7.12 15.83
C15 PCW Q . 2.99 -7.16 16.32
C16 PCW Q . 3.96 -6.61 15.22
C17 PCW Q . 4.93 -7.65 14.54
C18 PCW Q . 6.37 -7.57 15.06
C19 PCW Q . 7.41 -7.40 13.94
C20 PCW Q . 8.29 -8.40 13.58
C21 PCW Q . 8.50 -9.78 14.10
C22 PCW Q . 8.36 -10.74 12.89
C23 PCW Q . 9.63 -11.03 12.04
C24 PCW Q . 10.53 -12.12 12.53
C25 PCW Q . 12.07 -12.03 12.32
C26 PCW Q . 12.86 -13.26 12.70
C27 PCW Q . 13.98 -13.73 11.75
C28 PCW Q . 14.04 -15.24 11.72
C31 PCW Q . -2.74 -2.01 12.19
C32 PCW Q . -3.30 -2.72 10.95
C33 PCW Q . -2.58 -4.10 10.56
C34 PCW Q . -1.16 -3.91 10.03
C35 PCW Q . -1.24 -4.32 8.50
C36 PCW Q . 0.06 -5.02 8.02
C37 PCW Q . 0.06 -5.47 6.52
C38 PCW Q . 0.77 -6.77 6.32
C39 PCW Q . 0.78 -7.22 4.88
C40 PCW Q . 1.44 -8.25 4.37
C41 PCW Q . 2.31 -9.19 5.19
C42 PCW Q . 3.83 -8.86 4.87
C43 PCW Q . 4.75 -8.47 6.01
C44 PCW Q . 6.13 -8.21 5.42
C45 PCW Q . 7.24 -8.05 6.41
C46 PCW Q . 8.04 -9.30 6.64
C47 PCW Q . 9.22 -9.19 7.59
C48 PCW Q . 9.94 -10.53 7.74
N PCW Q . -8.09 0.88 10.44
O2 PCW Q . -3.40 -2.46 13.26
O3 PCW Q . -2.11 -4.07 15.22
O11 PCW Q . -0.29 -3.11 16.21
O31 PCW Q . -1.82 -1.15 12.20
O1P PCW Q . -6.20 0.76 14.30
O2P PCW Q . -4.84 2.75 13.69
O3P PCW Q . -3.67 0.54 14.26
O4P PCW Q . -4.88 0.91 12.18
P PCW Q . -4.96 1.28 13.64
C1 PCW R . -17.68 7.26 -17.23
C2 PCW R . -18.04 6.12 -18.26
C3 PCW R . -17.36 6.41 -19.64
C4 PCW R . -16.49 10.49 -17.84
C5 PCW R . -15.66 11.39 -18.75
C6 PCW R . -14.91 12.95 -17.05
C7 PCW R . -16.73 13.52 -18.41
C8 PCW R . -14.67 13.56 -19.37
C11 PCW R . -18.81 5.51 -21.32
C12 PCW R . -18.96 4.30 -22.22
C13 PCW R . -18.61 4.75 -23.69
C14 PCW R . -18.72 3.65 -24.75
C15 PCW R . -17.64 2.53 -24.66
C16 PCW R . -16.47 2.82 -25.67
C17 PCW R . -16.38 1.89 -26.94
C18 PCW R . -14.97 1.33 -27.17
C19 PCW R . -14.67 1.03 -28.67
C20 PCW R . -14.96 -0.18 -29.26
C21 PCW R . -15.57 -1.43 -28.74
C22 PCW R . -15.71 -2.40 -29.96
C23 PCW R . -17.11 -2.98 -30.26
C24 PCW R . -17.17 -4.12 -31.24
C25 PCW R . -18.53 -4.66 -31.74
C26 PCW R . -18.68 -4.82 -33.24
C27 PCW R . -19.15 -6.19 -33.78
C28 PCW R . -18.64 -6.40 -35.18
C31 PCW R . -18.45 3.96 -17.40
C32 PCW R . -17.76 2.67 -16.91
C33 PCW R . -18.08 1.36 -17.76
C34 PCW R . -17.10 1.13 -18.92
C35 PCW R . -18.02 0.83 -20.18
C36 PCW R . -17.72 -0.55 -20.80
C37 PCW R . -18.59 -0.92 -22.04
C38 PCW R . -19.66 -1.90 -21.70
C39 PCW R . -20.52 -2.27 -22.88
C40 PCW R . -21.72 -2.85 -22.87
C41 PCW R . -22.47 -3.23 -21.61
C42 PCW R . -23.24 -4.60 -21.87
C43 PCW R . -24.30 -5.04 -20.89
C44 PCW R . -24.86 -6.36 -21.38
C45 PCW R . -26.30 -6.62 -21.01
C46 PCW R . -27.23 -6.72 -22.18
C47 PCW R . -28.29 -5.64 -22.29
C48 PCW R . -29.16 -5.85 -23.54
N PCW R . -15.50 12.78 -18.41
O2 PCW R . -17.51 4.82 -17.76
O3 PCW R . -17.68 5.37 -20.57
O11 PCW R . -19.56 6.44 -21.28
O31 PCW R . -19.70 4.14 -17.44
O1P PCW R . -15.93 9.21 -15.28
O2P PCW R . -14.04 8.20 -16.56
O3P PCW R . -16.38 7.12 -16.63
O4P PCW R . -15.82 9.20 -17.80
P PCW R . -15.49 8.46 -16.51
C1 PCW S . -5.42 9.59 -13.55
C2 PCW S . -6.21 8.96 -14.77
C3 PCW S . -7.18 10.03 -15.39
C4 PCW S . -5.83 14.13 -13.59
C5 PCW S . -6.69 13.86 -14.82
C6 PCW S . -8.93 13.28 -14.10
C7 PCW S . -8.62 14.37 -16.14
C8 PCW S . -8.35 15.61 -14.26
C11 PCW S . -8.82 10.24 -17.14
C12 PCW S . -9.43 9.46 -18.27
C13 PCW S . -10.43 8.42 -17.66
C14 PCW S . -11.14 7.54 -18.68
C15 PCW S . -11.00 5.99 -18.47
C16 PCW S . -12.22 5.23 -19.08
C17 PCW S . -13.57 5.29 -18.27
C18 PCW S . -13.67 4.20 -17.20
C19 PCW S . -14.00 4.76 -15.80
C20 PCW S . -14.53 3.96 -14.79
C21 PCW S . -14.88 2.52 -14.73
C22 PCW S . -15.42 2.25 -13.30
C23 PCW S . -15.73 0.78 -12.91
C24 PCW S . -14.65 -0.23 -13.18
C25 PCW S . -14.88 -1.38 -14.20
C26 PCW S . -13.95 -1.42 -15.41
C27 PCW S . -14.50 -0.90 -16.75
C28 PCW S . -13.94 -1.70 -17.90
C31 PCW S . -4.60 7.42 -15.59
C32 PCW S . -3.65 7.13 -16.76
C33 PCW S . -2.30 6.37 -16.37
C34 PCW S . -2.26 4.91 -16.85
C35 PCW S . -2.47 4.02 -15.55
C36 PCW S . -3.91 3.48 -15.44
C37 PCW S . -4.20 2.59 -14.20
C38 PCW S . -5.62 2.11 -14.18
C39 PCW S . -5.92 1.23 -12.99
C40 PCW S . -5.84 -0.09 -12.92
C41 PCW S . -5.39 -0.98 -14.06
C42 PCW S . -6.59 -1.11 -15.11
C43 PCW S . -6.24 -1.23 -16.58
C44 PCW S . -7.56 -1.33 -17.33
C45 PCW S . -7.43 -1.28 -18.83
C46 PCW S . -8.46 -2.10 -19.55
C47 PCW S . -7.95 -3.23 -20.42
C48 PCW S . -9.11 -3.97 -21.09
N PCW S . -8.08 14.26 -14.83
O2 PCW S . -5.25 8.56 -15.84
O3 PCW S . -7.89 9.46 -16.50
O11 PCW S . -9.08 11.37 -16.84
O31 PCW S . -4.75 6.70 -14.56
O1P PCW S . -5.87 11.76 -11.93
O2P PCW S . -3.40 12.00 -12.01
O3P PCW S . -4.66 10.76 -13.89
O4P PCW S . -4.72 13.19 -13.63
P PCW S . -4.66 11.93 -12.79
C1 PCW T . 22.46 14.79 6.73
C2 PCW T . 23.49 14.08 5.76
C3 PCW T . 23.56 12.55 6.09
C4 PCW T . 19.97 15.20 3.14
C5 PCW T . 18.83 15.81 2.31
C6 PCW T . 17.95 13.63 1.31
C7 PCW T . 16.50 15.61 1.47
C8 PCW T . 18.05 15.41 0.47
C11 PCW T . 25.82 12.05 5.49
C12 PCW T . 26.64 11.36 4.42
C13 PCW T . 26.16 9.87 4.33
C14 PCW T . 26.88 9.01 3.29
C15 PCW T . 26.31 9.08 1.84
C16 PCW T . 24.86 8.47 1.80
C17 PCW T . 23.84 9.11 0.80
C18 PCW T . 23.58 8.25 -0.44
C19 PCW T . 24.67 8.46 -1.54
C20 PCW T . 25.59 7.47 -1.86
C21 PCW T . 25.81 6.10 -1.34
C22 PCW T . 27.27 6.06 -0.79
C23 PCW T . 27.48 5.53 0.66
C24 PCW T . 28.73 5.94 1.35
C25 PCW T . 28.85 5.92 2.90
C26 PCW T . 30.23 5.69 3.47
C27 PCW T . 30.38 4.66 4.61
C28 PCW T . 30.79 3.32 4.04
C31 PCW T . 24.04 14.52 3.50
C32 PCW T . 23.44 14.62 2.09
C33 PCW T . 23.57 13.32 1.18
C34 PCW T . 24.98 12.73 1.15
C35 PCW T . 25.43 12.76 -0.38
C36 PCW T . 26.35 13.97 -0.71
C37 PCW T . 26.83 14.06 -2.19
C38 PCW T . 25.70 14.39 -3.13
C39 PCW T . 26.16 14.49 -4.55
C40 PCW T . 25.66 13.83 -5.60
C41 PCW T . 24.53 12.82 -5.52
C42 PCW T . 24.76 11.73 -6.67
C43 PCW T . 25.15 10.32 -6.25
C44 PCW T . 25.30 9.51 -7.52
C45 PCW T . 26.58 8.73 -7.64
C46 PCW T . 27.80 9.59 -7.87
C47 PCW T . 28.96 9.39 -6.93
C48 PCW T . 30.13 10.32 -7.27
N PCW T . 17.75 14.98 1.86
O2 PCW T . 23.05 14.22 4.35
O3 PCW T . 24.50 11.93 5.20
O11 PCW T . 26.28 12.66 6.42
O31 PCW T . 25.26 14.67 3.80
O1P PCW T . 19.94 14.21 5.85
O2P PCW T . 19.31 16.55 6.41
O3P PCW T . 21.78 15.92 6.14
O4P PCW T . 20.24 16.10 4.24
P PCW T . 20.25 15.66 5.69
C1 PCW U . -7.04 -7.04 20.48
C2 PCW U . -5.80 -7.99 20.70
C3 PCW U . -5.39 -8.00 22.21
C4 PCW U . -5.10 -3.26 21.91
C5 PCW U . -4.42 -3.34 23.28
C6 PCW U . -2.67 -2.18 24.72
C7 PCW U . -4.72 -1.01 24.10
C8 PCW U . -4.55 -2.53 25.15
C11 PCW U . -4.09 -9.42 23.65
C12 PCW U . -2.87 -10.31 23.63
C13 PCW U . -3.35 -11.80 23.74
C14 PCW U . -2.25 -12.85 23.74
C15 PCW U . -1.47 -13.00 22.40
C16 PCW U . 0.08 -13.01 22.66
C17 PCW U . 0.89 -14.25 22.14
C18 PCW U . 1.37 -15.17 23.26
C19 PCW U . 2.71 -14.71 23.88
C20 PCW U . 3.94 -15.25 23.50
C21 PCW U . 4.30 -16.30 22.52
C22 PCW U . 4.60 -15.57 21.17
C23 PCW U . 5.81 -16.07 20.34
C24 PCW U . 5.77 -17.50 19.89
C25 PCW U . 6.55 -17.97 18.63
C26 PCW U . 5.90 -19.04 17.79
C27 PCW U . 6.00 -20.50 18.29
C28 PCW U . 5.85 -21.46 17.12
C31 PCW U . -5.24 -10.00 19.57
C32 PCW U . -5.74 -11.43 19.28
C33 PCW U . -5.02 -12.58 20.14
C34 PCW U . -3.98 -13.37 19.35
C35 PCW U . -4.06 -14.85 19.91
C36 PCW U . -3.79 -15.91 18.82
C37 PCW U . -3.86 -17.40 19.31
C38 PCW U . -5.09 -18.10 18.82
C39 PCW U . -5.17 -19.53 19.28
C40 PCW U . -5.63 -20.57 18.58
C41 PCW U . -6.17 -20.47 17.17
C42 PCW U . -6.73 -21.91 16.75
C43 PCW U . -5.84 -22.83 15.94
C44 PCW U . -6.63 -24.11 15.69
C45 PCW U . -6.04 -25.36 16.29
C46 PCW U . -5.47 -26.32 15.28
C47 PCW U . -4.34 -27.20 15.75
C48 PCW U . -3.86 -28.13 14.63
N PCW U . -3.87 -2.16 23.88
O2 PCW U . -6.16 -9.39 20.33
O3 PCW U . -4.27 -8.88 22.40
O11 PCW U . -4.78 -9.22 24.61
O31 PCW U . -4.16 -9.50 19.16
O1P PCW U . -7.22 -3.28 19.91
O2P PCW U . -8.36 -4.71 21.58
O3P PCW U . -6.69 -5.75 19.93
O4P PCW U . -6.01 -4.38 21.82
P PCW U . -7.13 -4.48 20.80
C1 PCW V . -18.05 -10.62 13.12
C2 PCW V . -17.02 -11.39 14.03
C3 PCW V . -17.73 -12.58 14.75
C4 PCW V . -15.69 -6.62 11.49
C5 PCW V . -14.23 -6.20 11.66
C6 PCW V . -14.94 -3.97 12.31
C7 PCW V . -13.64 -4.26 10.39
C8 PCW V . -12.59 -4.51 12.39
C11 PCW V . -17.11 -13.51 16.89
C12 PCW V . -15.98 -14.23 17.56
C13 PCW V . -14.94 -13.18 18.07
C14 PCW V . -13.71 -13.76 18.79
C15 PCW V . -13.93 -14.18 20.27
C16 PCW V . -13.10 -15.46 20.61
C17 PCW V . -13.79 -16.85 20.34
C18 PCW V . -14.05 -17.67 21.60
C19 PCW V . -13.84 -19.19 21.38
C20 PCW V . -12.72 -19.86 21.83
C21 PCW V . -11.51 -19.40 22.55
C22 PCW V . -10.33 -20.30 22.08
C23 PCW V . -8.95 -19.62 21.84
C24 PCW V . -8.12 -19.37 23.04
C25 PCW V . -8.34 -18.10 23.93
C26 PCW V . -8.35 -18.32 25.43
C27 PCW V . -8.24 -17.08 26.33
C28 PCW V . -7.00 -17.17 27.18
C31 PCW V . -14.70 -11.54 13.55
C32 PCW V . -13.68 -12.21 12.62
C33 PCW V . -13.33 -13.74 12.95
C34 PCW V . -12.96 -14.56 11.72
C35 PCW V . -13.78 -15.92 11.86
C36 PCW V . -12.85 -17.16 11.86
C37 PCW V . -13.58 -18.53 11.98
C38 PCW V . -12.61 -19.67 11.94
C39 PCW V . -13.28 -21.01 12.06
C40 PCW V . -13.45 -21.73 13.16
C41 PCW V . -12.98 -21.30 14.54
C42 PCW V . -12.67 -22.61 15.39
C43 PCW V . -11.38 -22.68 16.20
C44 PCW V . -11.37 -24.03 16.90
C45 PCW V . -10.55 -25.10 16.21
C46 PCW V . -11.37 -26.17 15.57
C47 PCW V . -10.64 -27.43 15.15
C48 PCW V . -11.60 -28.44 14.51
N PCW V . -13.87 -4.81 11.68
O2 PCW V . -15.92 -11.96 13.20
O3 PCW V . -16.78 -13.27 15.58
O11 PCW V . -18.14 -13.17 17.41
O31 PCW V . -14.43 -10.74 14.49
O1P PCW V . -18.38 -7.30 12.38
O2P PCW V . -17.16 -8.16 14.38
O3P PCW V . -17.44 -9.63 12.26
O4P PCW V . -15.90 -7.75 12.38
P PCW V . -17.28 -8.16 12.89
C1 PCW W . -24.28 3.04 -9.40
C2 PCW W . -25.27 1.86 -9.75
C3 PCW W . -24.48 0.65 -10.34
C4 PCW W . -24.55 2.55 -5.58
C5 PCW W . -25.39 2.44 -4.30
C6 PCW W . -25.00 0.45 -2.75
C7 PCW W . -24.48 2.71 -2.02
C8 PCW W . -26.13 2.02 -2.44
C11 PCW W . -25.73 -0.61 -11.97
C12 PCW W . -26.70 -1.76 -12.08
C13 PCW W . -25.87 -3.08 -12.23
C14 PCW W . -26.71 -4.37 -12.36
C15 PCW W . -25.94 -5.69 -12.08
C16 PCW W . -26.25 -6.76 -13.19
C17 PCW W . -25.05 -7.63 -13.71
C18 PCW W . -25.23 -9.13 -13.45
C19 PCW W . -25.74 -9.90 -14.69
C20 PCW W . -25.24 -11.15 -15.02
C21 PCW W . -24.23 -12.03 -14.37
C22 PCW W . -23.45 -12.73 -15.52
C23 PCW W . -22.12 -12.07 -15.99
C24 PCW W . -21.10 -12.98 -16.60
C25 PCW W . -19.81 -12.40 -17.28
C26 PCW W . -19.24 -13.19 -18.44
C27 PCW W . -19.99 -13.13 -19.80
C28 PCW W . -19.58 -11.91 -20.57
C31 PCW W . -27.27 1.66 -8.48
C32 PCW W . -27.83 1.12 -7.15
C33 PCW W . -28.55 -0.31 -7.23
C34 PCW W . -29.96 -0.25 -7.82
C35 PCW W . -30.71 -1.54 -7.31
C36 PCW W . -30.95 -2.57 -8.44
C37 PCW W . -31.67 -3.89 -8.01
C38 PCW W . -31.60 -4.94 -9.05
C39 PCW W . -32.30 -6.21 -8.65
C40 PCW W . -32.45 -7.31 -9.39
C41 PCW W . -31.92 -7.48 -10.81
C42 PCW W . -30.49 -8.16 -10.73
C43 PCW W . -29.94 -8.88 -11.95
C44 PCW W . -28.57 -9.42 -11.58
C45 PCW W . -28.56 -10.82 -11.00
C46 PCW W . -28.86 -11.89 -12.02
C47 PCW W . -27.68 -12.69 -12.52
C48 PCW W . -28.12 -13.76 -13.54
N PCW W . -24.82 1.86 -3.12
O2 PCW W . -25.96 1.40 -8.51
O3 PCW W . -25.40 -0.41 -10.66
O11 PCW W . -25.31 0.03 -12.90
O31 PCW W . -27.94 2.25 -9.37
O1P PCW W . -22.90 4.26 -7.21
O2P PCW W . -24.75 5.90 -6.85
O3P PCW W . -24.92 4.16 -8.74
O4P PCW W . -25.17 3.59 -6.39
P PCW W . -24.37 4.53 -7.27
C1 PCW X . 23.67 11.62 12.79
C2 PCW X . 24.16 10.69 11.62
C3 PCW X . 24.96 11.53 10.57
C4 PCW X . 26.91 12.86 16.26
C5 PCW X . 26.54 12.68 17.74
C6 PCW X . 26.83 13.37 20.17
C7 PCW X . 27.57 14.86 18.36
C8 PCW X . 25.84 14.33 18.75
C11 PCW X . 26.74 10.37 9.49
C12 PCW X . 27.04 9.46 8.31
C13 PCW X . 28.53 9.71 7.87
C14 PCW X . 29.01 8.88 6.68
C15 PCW X . 30.48 8.37 6.76
C16 PCW X . 31.30 8.88 5.53
C17 PCW X . 32.69 9.56 5.79
C18 PCW X . 33.88 8.58 5.73
C19 PCW X . 34.91 8.96 4.64
C20 PCW X . 36.13 8.32 4.52
C21 PCW X . 36.76 7.21 5.29
C22 PCW X . 37.84 7.85 6.21
C23 PCW X . 39.32 7.75 5.76
C24 PCW X . 40.25 8.83 6.21
C25 PCW X . 41.78 8.59 6.33
C26 PCW X . 42.26 7.88 7.58
C27 PCW X . 42.96 8.71 8.67
C28 PCW X . 42.05 8.84 9.87
C31 PCW X . 24.56 8.41 12.12
C32 PCW X . 25.60 7.44 12.69
C33 PCW X . 25.81 6.09 11.86
C34 PCW X . 26.40 6.31 10.47
C35 PCW X . 26.96 4.89 10.02
C36 PCW X . 27.85 5.00 8.76
C37 PCW X . 28.45 3.65 8.26
C38 PCW X . 29.94 3.66 8.24
C39 PCW X . 30.54 2.37 7.76
C40 PCW X . 31.15 1.45 8.50
C41 PCW X . 31.36 1.55 10.00
C42 PCW X . 32.93 1.67 10.28
C43 PCW X . 33.74 0.40 10.39
C44 PCW X . 35.18 0.83 10.66
C45 PCW X . 35.97 -0.09 11.57
C46 PCW X . 37.35 -0.40 11.07
C47 PCW X . 38.50 0.21 11.85
C48 PCW X . 39.85 -0.19 11.23
N PCW X . 27.11 13.53 18.74
O2 PCW X . 25.07 9.63 12.14
O3 PCW X . 25.42 10.68 9.51
O11 PCW X . 27.56 10.75 10.29
O31 PCW X . 23.40 8.09 11.72
O1P PCW X . 24.17 13.55 15.57
O2P PCW X . 23.85 11.09 15.61
O3P PCW X . 24.74 12.26 13.50
O4P PCW X . 26.09 11.93 15.50
P PCW X . 24.65 12.22 15.10
C1 PCW Y . 18.28 3.28 21.73
C2 PCW Y . 18.93 1.84 21.55
C3 PCW Y . 18.69 1.32 20.10
C4 PCW Y . 17.46 1.40 25.24
C5 PCW Y . 17.21 -0.01 24.73
C6 PCW Y . 18.69 -2.08 24.51
C7 PCW Y . 17.51 -1.62 26.61
C8 PCW Y . 16.78 -2.00 24.96
C11 PCW Y . 18.74 -1.03 20.64
C12 PCW Y . 19.48 -2.30 20.32
C13 PCW Y . 18.74 -3.01 19.13
C14 PCW Y . 19.38 -4.33 18.67
C15 PCW Y . 18.48 -5.24 17.78
C16 PCW Y . 17.44 -6.01 18.65
C17 PCW Y . 17.85 -7.41 19.23
C18 PCW Y . 17.73 -8.54 18.21
C19 PCW Y . 18.97 -9.47 18.18
C20 PCW Y . 19.91 -9.45 17.17
C21 PCW Y . 20.02 -8.63 15.93
C22 PCW Y . 21.30 -7.77 16.08
C23 PCW Y . 22.67 -8.44 15.73
C24 PCW Y . 22.82 -9.00 14.35
C25 PCW Y . 23.90 -10.07 14.04
C26 PCW Y . 25.34 -9.59 14.01
C27 PCW Y . 26.10 -9.66 12.67
C28 PCW Y . 26.00 -8.33 11.94
C31 PCW Y . 20.84 1.19 22.81
C32 PCW Y . 22.36 1.37 22.92
C33 PCW Y . 23.16 1.50 21.54
C34 PCW Y . 22.81 0.41 20.52
C35 PCW Y . 23.22 1.00 19.11
C36 PCW Y . 22.31 2.17 18.66
C37 PCW Y . 22.67 2.81 17.28
C38 PCW Y . 24.07 3.31 17.23
C39 PCW Y . 24.42 3.93 15.91
C40 PCW Y . 25.16 3.39 14.93
C41 PCW Y . 25.78 2.01 15.00
C42 PCW Y . 26.64 1.79 13.67
C43 PCW Y . 25.90 1.46 12.39
C44 PCW Y . 26.95 1.31 11.29
C45 PCW Y . 27.27 -0.11 10.91
C46 PCW Y . 26.30 -0.72 9.95
C47 PCW Y . 25.61 -1.99 10.40
C48 PCW Y . 24.63 -2.49 9.32
N PCW Y . 17.92 -1.11 25.31
O2 PCW Y . 20.40 1.93 21.78
O3 PCW Y . 19.29 0.01 19.96
O11 PCW Y . 17.78 -0.96 21.37
O31 PCW Y . 20.11 0.48 23.57
O1P PCW Y . 18.15 4.22 25.44
O2P PCW Y . 16.26 4.50 23.83
O3P PCW Y . 18.62 3.91 22.99
O4P PCW Y . 17.19 2.30 24.13
P PCW Y . 17.52 3.78 24.15
C1 PCW Z . -8.99 -3.84 12.56
C2 PCW Z . -7.96 -4.74 13.35
C3 PCW Z . -8.59 -5.28 14.67
C4 PCW Z . -7.73 -1.22 16.03
C5 PCW Z . -8.42 -0.70 17.30
C6 PCW Z . -9.62 -2.88 17.88
C7 PCW Z . -9.24 -1.18 19.59
C8 PCW Z . -10.29 -1.04 18.07
C11 PCW Z . -6.82 -5.48 16.27
C12 PCW Z . -5.87 -6.49 16.84
C13 PCW Z . -4.74 -6.75 15.79
C14 PCW Z . -3.67 -7.75 16.21
C15 PCW Z . -3.33 -8.87 15.17
C16 PCW Z . -3.56 -10.29 15.78
C17 PCW Z . -4.09 -11.40 14.81
C18 PCW Z . -5.57 -11.72 14.98
C19 PCW Z . -6.19 -12.38 13.73
C20 PCW Z . -6.20 -13.76 13.55
C21 PCW Z . -5.71 -14.89 14.38
C22 PCW Z . -4.45 -15.47 13.65
C23 PCW Z . -4.12 -16.96 13.87
C24 PCW Z . -4.16 -17.85 12.67
C25 PCW Z . -3.11 -18.98 12.47
C26 PCW Z . -2.06 -18.75 11.40
C27 PCW Z . -0.96 -19.81 11.24
C28 PCW Z . -0.07 -19.46 10.06
C31 PCW Z . -6.32 -5.86 12.06
C32 PCW Z . -6.08 -7.14 11.24
C33 PCW Z . -6.05 -8.51 12.07
C34 PCW Z . -5.41 -9.67 11.31
C35 PCW Z . -6.40 -9.99 10.12
C36 PCW Z . -6.56 -11.51 9.88
C37 PCW Z . -7.53 -11.90 8.71
C38 PCW Z . -8.81 -12.47 9.21
C39 PCW Z . -9.75 -12.84 8.10
C40 PCW Z . -10.47 -13.95 7.99
C41 PCW Z . -10.47 -15.08 9.01
C42 PCW Z . -11.14 -16.36 8.35
C43 PCW Z . -12.65 -16.39 8.16
C44 PCW Z . -12.99 -17.72 7.51
C45 PCW Z . -14.22 -18.41 8.06
C46 PCW Z . -14.38 -19.82 7.58
C47 PCW Z . -15.12 -20.01 6.27
C48 PCW Z . -15.21 -21.49 5.90
N PCW Z . -8.93 -1.64 18.25
O2 PCW Z . -7.57 -5.92 12.52
O3 PCW Z . -7.63 -6.09 15.36
O11 PCW Z . -6.85 -4.31 16.55
O31 PCW Z . -5.49 -4.94 12.25
O1P PCW Z . -7.04 -2.02 13.32
O2P PCW Z . -8.73 -0.32 12.67
O3P PCW Z . -9.47 -2.69 13.30
O4P PCW Z . -8.71 -1.09 14.96
P PCW Z . -8.41 -1.48 13.52
C1 PCW AA . -13.04 5.06 -7.48
C2 PCW AA . -13.31 3.59 -7.99
C3 PCW AA . -12.27 2.60 -7.37
C4 PCW AA . -16.75 6.92 -4.81
C5 PCW AA . -16.71 6.49 -3.34
C6 PCW AA . -18.41 4.57 -3.34
C7 PCW AA . -16.44 4.50 -1.88
C8 PCW AA . -17.85 5.70 -1.83
C11 PCW AA . -12.13 0.94 -9.11
C12 PCW AA . -12.51 -0.49 -9.40
C13 PCW AA . -14.08 -0.56 -9.51
C14 PCW AA . -14.65 -1.95 -9.82
C15 PCW AA . -16.19 -2.10 -9.65
C16 PCW AA . -16.53 -2.87 -8.32
C17 PCW AA . -17.38 -4.18 -8.45
C18 PCW AA . -16.55 -5.46 -8.29
C19 PCW AA . -16.05 -6.02 -9.65
C20 PCW AA . -14.75 -6.47 -9.82
C21 PCW AA . -13.59 -6.55 -8.90
C22 PCW AA . -12.93 -7.95 -9.13
C23 PCW AA . -12.39 -8.69 -7.89
C24 PCW AA . -10.96 -9.14 -7.94
C25 PCW AA . -9.79 -8.10 -7.90
C26 PCW AA . -9.11 -7.90 -6.55
C27 PCW AA . -7.88 -8.76 -6.23
C28 PCW AA . -8.08 -9.51 -4.94
C31 PCW AA . -15.50 2.86 -8.55
C32 PCW AA . -16.83 2.42 -7.94
C33 PCW AA . -17.99 3.54 -7.93
C34 PCW AA . -18.70 3.69 -9.28
C35 PCW AA . -19.87 2.63 -9.25
C36 PCW AA . -19.63 1.45 -10.22
C37 PCW AA . -20.77 0.37 -10.23
C38 PCW AA . -20.82 -0.36 -11.54
C39 PCW AA . -21.90 -1.42 -11.57
C40 PCW AA . -21.94 -2.50 -12.33
C41 PCW AA . -20.85 -2.88 -13.33
C42 PCW AA . -20.90 -4.47 -13.53
C43 PCW AA . -20.70 -5.03 -14.93
C44 PCW AA . -20.80 -6.54 -14.81
C45 PCW AA . -19.96 -7.32 -15.81
C46 PCW AA . -18.58 -7.64 -15.32
C47 PCW AA . -18.01 -8.97 -15.74
C48 PCW AA . -16.61 -9.17 -15.17
N PCW AA . -17.10 5.15 -2.98
O2 PCW AA . -14.66 3.14 -7.56
O3 PCW AA . -12.52 1.26 -7.85
O11 PCW AA . -11.57 1.68 -9.88
O31 PCW AA . -15.23 2.92 -9.79
O1P PCW AA . -15.20 4.50 -5.08
O2P PCW AA . -13.28 6.02 -4.67
O3P PCW AA . -14.23 5.75 -7.05
O4P PCW AA . -15.38 6.99 -5.29
P PCW AA . -14.49 5.76 -5.46
C1 PCW BA . -16.84 0.82 -1.67
C2 PCW BA . -16.42 -0.70 -1.79
C3 PCW BA . -15.88 -0.99 -3.23
C4 PCW BA . -16.46 2.46 2.95
C5 PCW BA . -16.76 1.83 4.30
C6 PCW BA . -14.59 0.56 4.71
C7 PCW BA . -15.91 1.39 6.58
C8 PCW BA . -16.39 0.11 5.34
C11 PCW BA . -14.18 -2.70 -3.18
C12 PCW BA . -14.02 -4.19 -3.33
C13 PCW BA . -13.63 -4.50 -4.82
C14 PCW BA . -13.43 -5.98 -5.16
C15 PCW BA . -12.43 -6.76 -4.24
C16 PCW BA . -13.07 -8.09 -3.73
C17 PCW BA . -12.48 -8.72 -2.42
C18 PCW BA . -11.33 -9.69 -2.68
C19 PCW BA . -11.82 -11.15 -2.92
C20 PCW BA . -10.94 -12.22 -2.92
C21 PCW BA . -9.47 -12.33 -2.75
C22 PCW BA . -9.02 -13.61 -3.50
C23 PCW BA . -8.65 -13.46 -5.00
C24 PCW BA . -8.40 -14.73 -5.77
C25 PCW BA . -7.06 -14.98 -6.50
C26 PCW BA . -7.12 -15.86 -7.73
C27 PCW BA . -5.80 -16.47 -8.25
C28 PCW BA . -5.44 -15.88 -9.59
C31 PCW BA . -15.71 -1.65 0.26
C32 PCW BA . -14.47 -1.88 1.14
C33 PCW BA . -13.58 -3.15 0.74
C34 PCW BA . -13.86 -4.39 1.59
C35 PCW BA . -14.88 -5.26 0.75
C36 PCW BA . -16.22 -5.47 1.49
C37 PCW BA . -17.28 -6.33 0.72
C38 PCW BA . -17.52 -7.64 1.38
C39 PCW BA . -18.54 -8.47 0.64
C40 PCW BA . -18.29 -9.51 -0.15
C41 PCW BA . -16.90 -10.03 -0.46
C42 PCW BA . -17.04 -11.53 -0.97
C43 PCW BA . -16.56 -12.66 -0.06
C44 PCW BA . -16.81 -13.97 -0.80
C45 PCW BA . -15.67 -14.94 -0.78
C46 PCW BA . -15.93 -16.19 -1.56
C47 PCW BA . -14.91 -16.56 -2.61
C48 PCW BA . -15.30 -17.86 -3.34
N PCW BA . -15.70 1.42 5.16
O2 PCW BA . -15.32 -0.99 -0.83
O3 PCW BA . -15.49 -2.37 -3.34
O11 PCW BA . -13.29 -1.93 -2.95
O31 PCW BA . -16.89 -2.01 0.54
O1P PCW BA . -18.05 3.04 0.57
O2P PCW BA . -18.55 0.59 0.68
O3P PCW BA . -16.40 1.46 -0.45
O4P PCW BA . -16.69 1.43 1.95
P PCW BA . -17.51 1.65 0.69
C1 PCW CA . 7.87 10.29 -0.50
C2 PCW CA . 8.74 8.98 -0.28
C3 PCW CA . 8.47 7.95 -1.42
C4 PCW CA . 4.69 9.11 0.57
C5 PCW CA . 3.24 9.42 0.20
C6 PCW CA . 3.23 9.37 -2.35
C7 PCW CA . 1.39 8.38 -1.08
C8 PCW CA . 1.90 10.16 -1.16
C11 PCW CA . 8.64 5.70 -0.62
C12 PCW CA . 9.65 4.58 -0.47
C13 PCW CA . 9.93 3.99 -1.91
C14 PCW CA . 10.93 2.84 -1.97
C15 PCW CA . 11.88 2.82 -3.20
C16 PCW CA . 12.47 1.39 -3.46
C17 PCW CA . 11.83 0.55 -4.62
C18 PCW CA . 12.79 0.30 -5.79
C19 PCW CA . 13.35 -1.14 -5.81
C20 PCW CA . 13.52 -1.85 -6.98
C21 PCW CA . 13.24 -1.52 -8.41
C22 PCW CA . 14.25 -2.37 -9.26
C23 PCW CA . 13.67 -3.55 -10.08
C24 PCW CA . 14.63 -4.29 -10.97
C25 PCW CA . 14.82 -5.82 -10.81
C26 PCW CA . 16.00 -6.43 -11.55
C27 PCW CA . 16.22 -7.96 -11.42
C28 PCW CA . 17.04 -8.46 -12.59
C31 PCW CA . 10.78 9.28 0.88
C32 PCW CA . 12.27 9.64 0.68
C33 PCW CA . 13.27 8.40 0.70
C34 PCW CA . 13.95 8.16 -0.65
C35 PCW CA . 12.97 7.21 -1.46
C36 PCW CA . 12.54 7.83 -2.82
C37 PCW CA . 11.57 6.96 -3.67
C38 PCW CA . 12.00 6.87 -5.10
C39 PCW CA . 11.08 6.02 -5.94
C40 PCW CA . 11.42 5.12 -6.85
C41 PCW CA . 12.87 4.77 -7.20
C42 PCW CA . 12.86 3.75 -8.42
C43 PCW CA . 13.69 4.08 -9.66
C44 PCW CA . 13.48 2.95 -10.65
C45 PCW CA . 14.45 1.80 -10.52
C46 PCW CA . 14.83 1.19 -11.83
C47 PCW CA . 15.85 0.08 -11.79
C48 PCW CA . 16.15 -0.45 -13.21
N PCW CA . 2.72 8.92 -1.04
O2 PCW CA . 10.19 9.31 -0.31
O3 PCW CA . 9.24 6.78 -1.21
O11 PCW CA . 7.50 5.66 -0.26
O31 PCW CA . 10.23 9.00 1.98
O1P PCW CA . 7.00 9.26 2.31
O2P PCW CA . 6.16 11.57 2.73
O3P PCW CA . 7.67 11.08 0.69
O4P PCW CA . 5.34 10.39 0.82
P PCW CA . 6.54 10.55 1.72
C1 PCW DA . 6.96 -6.42 32.22
C2 PCW DA . 8.47 -6.65 31.81
C3 PCW DA . 9.18 -7.62 32.81
C4 PCW DA . 5.49 -1.75 31.74
C5 PCW DA . 6.22 -0.61 31.01
C6 PCW DA . 5.58 1.08 32.61
C7 PCW DA . 7.04 1.63 30.88
C8 PCW DA . 7.87 0.35 32.57
C11 PCW DA . 11.52 -7.50 33.33
C12 PCW DA . 12.87 -7.75 32.71
C13 PCW DA . 13.29 -9.22 33.06
C14 PCW DA . 14.66 -9.65 32.50
C15 PCW DA . 15.82 -9.73 33.53
C16 PCW DA . 15.78 -11.11 34.29
C17 PCW DA . 16.86 -12.18 33.88
C18 PCW DA . 17.83 -12.53 35.00
C19 PCW DA . 17.87 -14.06 35.31
C20 PCW DA . 18.99 -14.66 35.84
C21 PCW DA . 20.33 -14.15 36.24
C22 PCW DA . 21.38 -14.96 35.44
C23 PCW DA . 21.91 -14.35 34.12
C24 PCW DA . 22.80 -13.15 34.22
C25 PCW DA . 22.73 -12.00 33.18
C26 PCW DA . 24.02 -11.62 32.51
C27 PCW DA . 24.46 -12.45 31.27
C28 PCW DA . 25.94 -12.76 31.37
C31 PCW DA . 7.90 -8.40 30.26
C32 PCW DA . 8.12 -8.85 28.81
C33 PCW DA . 9.32 -9.89 28.58
C34 PCW DA . 10.67 -9.23 28.37
C35 PCW DA . 11.63 -10.37 27.85
C36 PCW DA . 12.46 -11.01 28.97
C37 PCW DA . 13.43 -12.15 28.54
C38 PCW DA . 14.85 -11.87 28.91
C39 PCW DA . 15.79 -12.96 28.50
C40 PCW DA . 16.70 -12.91 27.52
C41 PCW DA . 16.93 -11.69 26.64
C42 PCW DA . 17.51 -12.21 25.24
C43 PCW DA . 17.11 -11.48 23.98
C44 PCW DA . 17.81 -12.17 22.82
C45 PCW DA . 18.64 -11.28 21.94
C46 PCW DA . 20.09 -11.22 22.34
C47 PCW DA . 21.01 -12.21 21.66
C48 PCW DA . 22.46 -12.05 22.14
N PCW DA . 6.64 0.55 31.74
O2 PCW DA . 8.57 -7.25 30.44
O3 PCW DA . 10.55 -7.79 32.42
O11 PCW DA . 11.33 -7.10 34.44
O31 PCW DA . 7.23 -9.04 31.12
O1P PCW DA . 4.79 -4.09 33.31
O2P PCW DA . 7.22 -4.07 33.88
O3P PCW DA . 6.40 -5.19 31.72
O4P PCW DA . 6.49 -2.77 31.99
P PCW DA . 6.20 -4.03 32.81
C1 PCW EA . 4.70 9.81 -6.57
C2 PCW EA . 4.09 8.89 -7.70
C3 PCW EA . 5.14 7.81 -8.13
C4 PCW EA . 1.06 12.75 -6.17
C5 PCW EA . 0.77 12.89 -7.67
C6 PCW EA . -0.30 11.80 -9.71
C7 PCW EA . -1.56 12.05 -7.61
C8 PCW EA . -0.91 13.38 -8.72
C11 PCW EA . 5.42 6.17 -9.85
C12 PCW EA . 4.63 5.39 -10.87
C13 PCW EA . 4.92 3.86 -10.65
C14 PCW EA . 4.21 2.92 -11.61
C15 PCW EA . 4.92 1.57 -11.91
C16 PCW EA . 3.90 0.47 -12.35
C17 PCW EA . 4.17 -0.26 -13.70
C18 PCW EA . 4.33 -1.77 -13.56
C19 PCW EA . 4.31 -2.52 -14.91
C20 PCW EA . 5.31 -3.38 -15.30
C21 PCW EA . 6.58 -3.83 -14.64
C22 PCW EA . 6.81 -5.30 -15.06
C23 PCW EA . 7.12 -6.32 -13.93
C24 PCW EA . 8.13 -7.38 -14.23
C25 PCW EA . 7.79 -8.89 -14.05
C26 PCW EA . 7.65 -9.71 -15.31
C27 PCW EA . 8.80 -10.71 -15.64
C28 PCW EA . 8.54 -11.35 -16.98
C31 PCW EA . 1.73 8.78 -7.40
C32 PCW EA . 0.60 7.91 -6.82
C33 PCW EA . 1.05 6.52 -6.17
C34 PCW EA . 0.30 5.32 -6.74
C35 PCW EA . 1.43 4.30 -7.20
C36 PCW EA . 0.88 3.22 -8.17
C37 PCW EA . 1.94 2.19 -8.66
C38 PCW EA . 1.70 0.82 -8.11
C39 PCW EA . 2.71 -0.19 -8.57
C40 PCW EA . 3.20 -1.22 -7.88
C41 PCW EA . 2.80 -1.56 -6.44
C42 PCW EA . 2.51 -3.12 -6.35
C43 PCW EA . 3.47 -3.99 -5.57
C44 PCW EA . 2.95 -5.41 -5.66
C45 PCW EA . 3.88 -6.41 -6.31
C46 PCW EA . 3.40 -7.84 -6.21
C47 PCW EA . 2.40 -8.27 -7.25
C48 PCW EA . 2.01 -9.74 -7.04
N PCW EA . -0.27 12.12 -8.26
O2 PCW EA . 2.89 8.17 -7.18
O3 PCW EA . 4.58 6.98 -9.15
O11 PCW EA . 6.61 6.09 -9.70
O31 PCW EA . 1.57 9.88 -8.00
O1P PCW EA . 2.44 10.50 -4.97
O2P PCW EA . 4.07 12.24 -4.27
O3P PCW EA . 4.24 11.18 -6.62
O4P PCW EA . 2.50 12.78 -6.02
P PCW EA . 3.30 11.65 -5.40
C1 PCW FA . -21.49 -4.50 5.81
C2 PCW FA . -21.76 -5.83 5.02
C3 PCW FA . -22.41 -5.51 3.63
C4 PCW FA . -20.09 -5.91 9.83
C5 PCW FA . -21.03 -6.10 11.03
C6 PCW FA . -21.15 -6.56 13.53
C7 PCW FA . -19.83 -4.68 12.67
C8 PCW FA . -21.65 -4.92 12.57
C11 PCW FA . -23.84 -7.37 3.10
C12 PCW FA . -23.89 -8.60 2.23
C13 PCW FA . -25.14 -8.46 1.28
C14 PCW FA . -25.35 -9.63 0.31
C15 PCW FA . -26.83 -10.07 0.09
C16 PCW FA . -27.37 -9.57 -1.30
C17 PCW FA . -27.06 -10.45 -2.55
C18 PCW FA . -27.96 -11.68 -2.68
C19 PCW FA . -27.22 -13.01 -2.40
C20 PCW FA . -27.90 -14.18 -2.10
C21 PCW FA . -29.34 -14.50 -1.98
C22 PCW FA . -29.68 -15.45 -3.16
C23 PCW FA . -29.70 -16.97 -2.87
C24 PCW FA . -30.73 -17.48 -1.93
C25 PCW FA . -30.46 -17.56 -0.40
C26 PCW FA . -29.14 -18.17 0.01
C27 PCW FA . -29.14 -19.22 1.13
C28 PCW FA . -29.09 -20.61 0.52
C31 PCW FA . -20.18 -7.50 5.61
C32 PCW FA . -18.84 -8.13 5.21
C33 PCW FA . -18.18 -9.10 6.28
C34 PCW FA . -17.66 -10.42 5.69
C35 PCW FA . -16.33 -10.04 4.93
C36 PCW FA . -16.15 -10.84 3.61
C37 PCW FA . -14.86 -10.52 2.80
C38 PCW FA . -13.94 -11.69 2.73
C39 PCW FA . -12.68 -11.39 1.96
C40 PCW FA . -12.07 -12.18 1.08
C41 PCW FA . -12.54 -13.57 0.71
C42 PCW FA . -11.27 -14.41 0.20
C43 PCW FA . -11.51 -15.63 -0.66
C44 PCW FA . -10.15 -16.21 -0.98
C45 PCW FA . -9.68 -17.31 -0.06
C46 PCW FA . -8.88 -18.37 -0.74
C47 PCW FA . -7.79 -19.02 0.10
C48 PCW FA . -7.04 -20.09 -0.72
N PCW FA . -20.55 -5.90 12.36
O2 PCW FA . -20.47 -6.53 4.74
O3 PCW FA . -22.66 -6.72 2.91
O11 PCW FA . -24.71 -7.01 3.83
O31 PCW FA . -20.89 -7.86 6.60
O1P PCW FA . -19.04 -3.53 8.56
O2P PCW FA . -21.46 -2.97 8.28
O3P PCW FA . -20.26 -4.49 6.57
O4P PCW FA . -20.87 -5.24 8.81
P PCW FA . -20.39 -3.99 8.09
C1 PCW GA . 7.66 3.71 12.07
C2 PCW GA . 8.82 3.72 10.99
C3 PCW GA . 10.11 3.05 11.61
C4 PCW GA . 6.12 5.78 14.38
C5 PCW GA . 7.36 5.33 15.16
C6 PCW GA . 7.50 4.19 17.28
C7 PCW GA . 6.30 6.19 17.14
C8 PCW GA . 8.57 6.34 17.07
C11 PCW GA . 12.30 2.36 10.96
C12 PCW GA . 13.30 2.48 9.84
C13 PCW GA . 14.72 2.72 10.48
C14 PCW GA . 15.88 2.86 9.48
C15 PCW GA . 16.78 1.60 9.29
C16 PCW GA . 18.15 1.77 10.05
C17 PCW GA . 18.54 0.67 11.09
C18 PCW GA . 18.41 -0.75 10.54
C19 PCW GA . 19.77 -1.50 10.48
C20 PCW GA . 20.62 -1.40 9.39
C21 PCW GA . 20.53 -0.66 8.10
C22 PCW GA . 21.98 -0.43 7.62
C23 PCW GA . 22.23 -0.41 6.09
C24 PCW GA . 22.90 -1.62 5.50
C25 PCW GA . 23.45 -1.59 4.04
C26 PCW GA . 23.63 -2.94 3.37
C27 PCW GA . 22.56 -3.38 2.36
C28 PCW GA . 21.89 -4.65 2.83
C31 PCW GA . 7.89 3.62 8.80
C32 PCW GA . 7.54 2.65 7.66
C33 PCW GA . 8.70 2.41 6.59
C34 PCW GA . 9.86 1.58 7.14
C35 PCW GA . 9.57 0.10 6.66
C36 PCW GA . 9.68 -0.92 7.83
C37 PCW GA . 9.40 -2.42 7.44
C38 PCW GA . 9.67 -3.35 8.58
C39 PCW GA . 9.41 -4.79 8.22
C40 PCW GA . 10.24 -5.82 8.41
C41 PCW GA . 11.62 -5.69 9.02
C42 PCW GA . 12.68 -6.26 7.97
C43 PCW GA . 13.68 -7.30 8.44
C44 PCW GA . 14.56 -7.65 7.25
C45 PCW GA . 14.99 -9.09 7.19
C46 PCW GA . 15.47 -9.52 5.82
C47 PCW GA . 16.13 -10.88 5.73
C48 PCW GA . 16.56 -11.17 4.28
N PCW GA . 7.42 5.50 16.59
O2 PCW GA . 8.43 2.90 9.80
O3 PCW GA . 11.18 3.05 10.64
O11 PCW GA . 12.48 1.75 11.98
O31 PCW GA . 7.70 4.88 8.80
O1P PCW GA . 5.44 6.03 11.55
O2P PCW GA . 3.88 4.16 12.10
O3P PCW GA . 6.33 3.67 11.51
O4P PCW GA . 5.63 4.63 13.64
P PCW GA . 5.25 4.66 12.18
C1 PCW HA . -20.90 0.62 -6.00
C2 PCW HA . -21.86 -0.62 -6.05
C3 PCW HA . -22.91 -0.47 -7.21
C4 PCW HA . -20.29 -0.45 -1.45
C5 PCW HA . -20.20 -1.96 -1.26
C6 PCW HA . -20.15 -2.18 1.28
C7 PCW HA . -21.32 -3.84 -0.08
C8 PCW HA . -19.50 -3.47 -0.06
C11 PCW HA . -24.89 -1.59 -6.48
C12 PCW HA . -25.64 -2.89 -6.65
C13 PCW HA . -26.20 -2.95 -8.11
C14 PCW HA . -26.98 -4.23 -8.46
C15 PCW HA . -27.79 -4.88 -7.30
C16 PCW HA . -27.45 -6.40 -7.16
C17 PCW HA . -28.57 -7.42 -7.53
C18 PCW HA . -29.41 -7.87 -6.33
C19 PCW HA . -30.43 -8.97 -6.68
C20 PCW HA . -30.17 -10.32 -6.52
C21 PCW HA . -28.97 -11.05 -6.03
C22 PCW HA . -28.22 -11.59 -7.27
C23 PCW HA . -26.79 -12.14 -7.07
C24 PCW HA . -25.66 -11.20 -7.34
C25 PCW HA . -25.03 -11.10 -8.77
C26 PCW HA . -23.60 -11.56 -8.92
C27 PCW HA . -23.35 -12.90 -9.64
C28 PCW HA . -22.19 -13.63 -8.99
C31 PCW HA . -21.19 -2.80 -5.38
C32 PCW HA . -20.33 -4.00 -5.81
C33 PCW HA . -21.16 -5.33 -6.17
C34 PCW HA . -22.03 -5.18 -7.42
C35 PCW HA . -21.09 -5.60 -8.64
C36 PCW HA . -21.68 -6.76 -9.48
C37 PCW HA . -20.81 -7.22 -10.69
C38 PCW HA . -20.94 -8.68 -10.95
C39 PCW HA . -20.11 -9.14 -12.12
C40 PCW HA . -20.00 -10.38 -12.59
C41 PCW HA . -20.69 -11.60 -12.01
C42 PCW HA . -20.21 -12.89 -12.81
C43 PCW HA . -19.70 -14.08 -12.03
C44 PCW HA . -19.31 -15.14 -13.04
C45 PCW HA . -18.51 -16.29 -12.48
C46 PCW HA . -18.63 -17.56 -13.29
C47 PCW HA . -18.16 -18.83 -12.61
C48 PCW HA . -18.33 -20.04 -13.54
N PCW HA . -20.68 -2.54 -0.04
O2 PCW HA . -21.08 -1.87 -6.33
O3 PCW HA . -23.77 -1.61 -7.24
O11 PCW HA . -25.24 -0.68 -5.77
O31 PCW HA . -21.87 -2.71 -4.32
O1P PCW HA . -20.05 2.14 -2.76
O2P PCW HA . -22.28 1.52 -3.72
O3P PCW HA . -20.09 0.69 -4.81
O4P PCW HA . -20.95 -0.21 -2.72
P PCW HA . -20.87 1.10 -3.47
C1 PCW IA . 15.75 25.44 -15.26
C2 PCW IA . 15.37 24.52 -16.49
C3 PCW IA . 16.67 24.16 -17.30
C4 PCW IA . 12.73 27.76 -12.95
C5 PCW IA . 12.15 28.06 -11.58
C6 PCW IA . 11.59 29.57 -9.78
C7 PCW IA . 10.55 29.84 -11.85
C8 PCW IA . 12.73 30.47 -11.70
C11 PCW IA . 16.12 23.93 -19.62
C12 PCW IA . 15.74 22.89 -20.64
C13 PCW IA . 14.17 22.89 -20.77
C14 PCW IA . 13.59 21.89 -21.77
C15 PCW IA . 12.34 22.37 -22.55
C16 PCW IA . 11.07 21.54 -22.14
C17 PCW IA . 10.86 20.14 -22.84
C18 PCW IA . 9.42 19.92 -23.30
C19 PCW IA . 9.16 20.43 -24.74
C20 PCW IA . 8.71 19.62 -25.75
C21 PCW IA . 8.38 18.17 -25.81
C22 PCW IA . 8.09 17.83 -27.30
C23 PCW IA . 9.30 17.70 -28.26
C24 PCW IA . 9.43 16.42 -29.03
C25 PCW IA . 9.99 15.14 -28.33
C26 PCW IA . 11.42 15.18 -27.88
C27 PCW IA . 12.52 15.24 -28.96
C28 PCW IA . 13.62 14.25 -28.64
C31 PCW IA . 13.72 22.83 -16.68
C32 PCW IA . 13.22 21.52 -16.05
C33 PCW IA . 14.36 20.55 -15.48
C34 PCW IA . 14.68 19.37 -16.40
C35 PCW IA . 15.64 19.95 -17.52
C36 PCW IA . 17.12 19.92 -17.11
C37 PCW IA . 18.13 20.48 -18.17
C38 PCW IA . 19.52 20.51 -17.66
C39 PCW IA . 20.50 21.03 -18.67
C40 PCW IA . 21.66 20.48 -19.04
C41 PCW IA . 22.19 19.17 -18.47
C42 PCW IA . 22.21 18.09 -19.64
C43 PCW IA . 21.17 16.99 -19.60
C44 PCW IA . 21.41 16.12 -20.82
C45 PCW IA . 22.21 14.86 -20.56
C46 PCW IA . 21.55 13.61 -21.06
C47 PCW IA . 22.46 12.42 -21.27
C48 PCW IA . 21.67 11.20 -21.77
N PCW IA . 11.78 29.41 -11.24
O2 PCW IA . 14.78 23.24 -15.99
O3 PCW IA . 16.31 23.33 -18.42
O11 PCW IA . 16.22 25.11 -19.84
O31 PCW IA . 13.20 23.42 -17.66
O1P PCW IA . 13.14 26.34 -15.43
O2P PCW IA . 12.53 24.35 -14.07
O3P PCW IA . 14.96 25.21 -14.07
O4P PCW IA . 13.15 26.37 -12.93
P PCW IA . 13.39 25.55 -14.18
C1 17F JA . 1.29 21.74 -12.40
N1 17F JA . 1.66 23.55 -14.10
O1 17F JA . 4.11 24.11 -11.60
P1 17F JA . 3.59 22.74 -12.00
C2 17F JA . 0.68 22.81 -13.32
O2 17F JA . 3.96 22.18 -10.66
C3 17F JA . -0.15 23.80 -12.49
O3 17F JA . 2.20 22.29 -11.51
C4 17F JA . 4.21 20.33 -12.82
O4 17F JA . 0.04 25.07 -12.53
C5 17F JA . 5.40 19.38 -13.19
O5 17F JA . -1.05 23.40 -11.75
C6 17F JA . 4.84 18.04 -13.74
O6 17F JA . 4.63 21.62 -12.43
C7 17F JA . 5.60 16.13 -14.85
O7 17F JA . 5.88 17.14 -14.08
C8 17F JA . 6.88 15.28 -15.02
O8 17F JA . 4.55 15.81 -15.36
C9 17F JA . 7.32 14.58 -13.71
O9 17F JA . 6.33 19.97 -14.11
C10 17F JA . 8.61 13.69 -13.80
O10 17F JA . 7.56 20.71 -12.31
C11 17F JA . 8.92 12.86 -12.50
C12 17F JA . 10.22 11.99 -12.66
C17 17F JA . 7.38 20.49 -13.51
C18 17F JA . 8.48 20.84 -14.49
C19 17F JA . 9.12 19.63 -15.20
C20 17F JA . 9.23 19.83 -16.77
C1X 17F JA . 10.50 11.19 -11.38
C1Y 17F JA . 9.89 18.59 -17.43
C1Z 17F JA . 11.27 18.94 -18.00
C2X 17F JA . 11.82 10.29 -11.51
C21 17F JA . 12.70 10.32 -10.22
C22 17F JA . 13.81 9.68 -10.08
C23 17F JA . 14.47 8.82 -11.08
C24 17F JA . 15.23 7.64 -10.48
C25 17F JA . 15.94 6.73 -11.48
C26 17F JA . 16.78 5.52 -10.84
C27 17F JA . 17.48 4.64 -11.84
C28 17F JA . 18.26 3.52 -11.02
C29 17F JA . 18.88 2.58 -11.98
C30 17F JA . 19.65 1.47 -11.35
C31 17F JA . 11.71 18.22 -19.31
C32 17F JA . 13.11 18.60 -19.85
C33 17F JA . 13.33 17.93 -21.20
C34 17F JA . 14.42 18.05 -21.93
C35 17F JA . 15.66 18.85 -21.59
C36 17F JA . 16.94 18.00 -21.35
C37 17F JA . 18.13 18.90 -21.41
C38 17F JA . 18.93 18.83 -22.73
C39 17F JA . 20.14 19.78 -22.70
C40 17F JA . 21.01 19.57 -23.94
C41 17F JA . 22.43 19.02 -23.54
C42 17F JA . 22.91 17.68 -24.13
C1 17F KA . 1.08 2.84 18.23
N1 17F KA . 1.04 0.99 19.92
O1 17F KA . 3.92 1.81 18.79
P1 17F KA . 3.57 2.74 17.65
C2 17F KA . 1.11 2.42 19.72
O2 17F KA . 4.59 3.76 17.27
C3 17F KA . -0.06 3.10 20.47
O3 17F KA . 2.24 3.52 17.89
C4 17F KA . 2.95 2.58 15.10
O4 17F KA . -0.93 2.42 21.16
C5 17F KA . 2.75 1.58 13.91
O5 17F KA . -0.21 4.32 20.45
C6 17F KA . 4.11 1.32 13.22
O6 17F KA . 3.30 1.93 16.31
C7 17F KA . 4.96 0.34 11.28
O7 17F KA . 3.99 0.42 12.13
C8 17F KA . 4.56 -0.71 10.21
O8 17F KA . 6.02 0.91 11.25
C9 17F KA . 5.77 -1.25 9.40
O9 17F KA . 2.12 0.37 14.33
C10 17F KA . 5.43 -2.30 8.28
O10 17F KA . 0.56 0.53 12.64
C11 17F KA . 5.59 -1.78 6.81
C12 17F KA . 5.23 -2.89 5.75
C17 17F KA . 1.26 -0.10 13.45
C18 17F KA . 1.14 -1.61 13.51
C19 17F KA . 1.84 -2.35 12.34
C20 17F KA . 2.91 -3.39 12.85
C1X 17F KA . 5.39 -2.36 4.32
C1Y 17F KA . 3.58 -4.11 11.66
C1Z 17F KA . 2.60 -5.08 10.99
C2X 17F KA . 5.03 -3.46 3.21
C21 17F KA . 5.86 -3.28 1.90
C22 17F KA . 7.02 -3.82 1.70
C23 17F KA . 7.78 -4.68 2.62
C24 17F KA . 8.94 -3.98 3.34
C25 17F KA . 9.76 -4.83 4.29
C26 17F KA . 10.54 -6.06 3.64
C27 17F KA . 11.35 -6.90 4.62
C28 17F KA . 12.04 -8.04 3.80
C29 17F KA . 11.67 -9.34 4.41
C30 17F KA . 12.26 -10.54 3.73
C31 17F KA . 2.21 -6.37 11.78
C32 17F KA . 1.21 -7.32 11.06
C33 17F KA . 1.99 -8.31 10.22
C34 17F KA . 1.44 -9.26 9.47
C35 17F KA . -0.03 -9.55 9.31
C36 17F KA . -0.40 -10.38 8.04
C37 17F KA . -1.78 -10.03 7.61
C38 17F KA . -1.94 -9.73 6.10
C39 17F KA . -3.40 -9.38 5.75
C40 17F KA . -3.49 -7.94 5.23
C41 17F KA . -3.88 -7.92 3.69
C42 17F KA . -5.12 -7.14 3.25
C1 17F LA . 10.13 20.38 -3.81
N1 17F LA . 9.91 18.22 -2.53
O1 17F LA . 13.05 19.09 -3.59
P1 17F LA . 12.32 19.60 -4.82
C2 17F LA . 9.59 19.63 -2.58
O2 17F LA . 12.62 21.02 -5.26
C3 17F LA . 8.07 19.83 -2.47
O3 17F LA . 10.77 19.51 -4.68
C4 17F LA . 12.04 18.98 -7.37
O4 17F LA . 7.26 18.83 -2.38
C5 17F LA . 12.47 17.99 -8.50
O5 17F LA . 7.58 20.95 -2.49
C6 17F LA . 13.64 18.60 -9.31
O6 17F LA . 12.63 18.70 -6.09
C7 17F LA . 13.84 18.08 -11.58
O7 17F LA . 14.06 17.74 -10.35
C8 17F LA . 14.43 16.99 -12.50
O8 17F LA . 13.29 19.06 -12.04
C9 17F LA . 13.35 16.09 -13.16
O9 17F LA . 12.79 16.69 -7.99
C10 17F LA . 13.90 14.96 -14.11
O10 17F LA . 11.02 15.78 -9.16
C11 17F LA . 13.32 13.53 -13.85
C12 17F LA . 13.91 12.46 -14.83
C17 17F LA . 12.12 15.72 -8.60
C18 17F LA . 12.86 14.40 -8.54
C19 17F LA . 14.34 14.47 -9.00
C20 17F LA . 15.00 13.05 -9.08
C1X 17F LA . 13.32 11.07 -14.56
C1Y 17F LA . 16.49 13.15 -9.54
C1Z 17F LA . 16.59 13.30 -11.05
C2X 17F LA . 13.92 9.95 -15.54
C21 17F LA . 12.98 9.68 -16.77
C22 17F LA . 13.32 8.99 -17.81
C23 17F LA . 14.61 8.34 -18.05
C24 17F LA . 15.10 8.41 -19.50
C25 17F LA . 16.42 7.73 -19.79
C26 17F LA . 16.35 6.17 -20.12
C27 17F LA . 17.68 5.53 -20.41
C28 17F LA . 17.42 4.00 -20.71
C29 17F LA . 18.42 3.53 -21.69
C30 17F LA . 18.28 2.08 -22.07
C31 17F LA . 17.95 13.80 -11.61
C32 17F LA . 18.04 13.96 -13.16
C33 17F LA . 17.58 15.35 -13.54
C34 17F LA . 17.53 15.82 -14.78
C35 17F LA . 17.90 15.08 -16.05
C36 17F LA . 19.34 15.36 -16.56
C37 17F LA . 19.99 14.08 -16.92
C38 17F LA . 21.53 14.09 -16.88
C39 17F LA . 22.13 12.72 -17.26
C40 17F LA . 22.80 12.07 -16.04
C41 17F LA . 22.20 10.64 -15.77
C42 17F LA . 20.92 10.52 -14.93
C1 17F MA . 19.74 13.85 11.74
N1 17F MA . 20.14 12.47 13.80
O1 17F MA . 23.32 14.48 10.60
P1 17F MA . 21.87 14.15 10.37
C2 17F MA . 19.22 13.34 13.09
O2 17F MA . 21.04 15.22 9.72
C3 17F MA . 17.88 12.60 12.89
O3 17F MA . 21.13 13.74 11.67
C4 17F MA . 20.43 12.37 9.05
O4 17F MA . 17.69 11.40 13.32
C5 17F MA . 20.49 11.11 8.12
O5 17F MA . 16.94 13.15 12.31
C6 17F MA . 19.81 11.45 6.77
O6 17F MA . 21.72 12.87 9.43
C7 17F MA . 20.30 10.52 4.67
O7 17F MA . 19.83 10.34 5.87
C8 17F MA . 20.15 9.19 3.91
O8 17F MA . 20.75 11.51 4.14
C9 17F MA . 18.79 9.04 3.19
O9 17F MA . 21.82 10.61 7.94
C10 17F MA . 18.56 7.71 2.39
O10 17F MA . 21.87 8.95 9.52
C11 17F MA . 17.12 7.09 2.52
C12 17F MA . 16.97 5.76 1.71
C17 17F MA . 21.95 9.37 8.37
C18 17F MA . 22.23 8.41 7.24
C19 17F MA . 23.74 8.09 7.03
C20 17F MA . 23.95 6.93 5.98
C1X 17F MA . 15.55 5.19 1.86
C1Y 17F MA . 25.46 6.63 5.79
C1Z 17F MA . 25.72 5.12 5.81
C2X 17F MA . 15.36 3.82 1.04
C21 17F MA . 14.73 4.06 -0.37
C22 17F MA . 15.40 4.03 -1.48
C23 17F MA . 16.84 3.78 -1.66
C24 17F MA . 17.18 2.41 -2.21
C25 17F MA . 18.66 2.11 -2.41
C26 17F MA . 19.12 1.84 -3.92
C27 17F MA . 20.59 1.55 -4.10
C28 17F MA . 20.84 1.33 -5.64
C29 17F MA . 22.16 0.72 -5.84
C30 17F MA . 22.52 0.45 -7.27
C31 17F MA . 25.60 4.38 4.43
C32 17F MA . 25.87 2.85 4.48
C33 17F MA . 26.87 2.49 3.39
C34 17F MA . 27.32 1.26 3.16
C35 17F MA . 26.94 0.00 3.90
C36 17F MA . 27.76 -0.27 5.19
C37 17F MA . 27.17 -1.41 5.92
C38 17F MA . 27.72 -2.81 5.54
C39 17F MA . 27.04 -3.93 6.35
C40 17F MA . 27.12 -5.25 5.59
C41 17F MA . 25.68 -5.71 5.11
C42 17F MA . 25.55 -6.65 3.90
C1 17F NA . 8.12 5.95 22.20
N1 17F NA . 7.32 5.67 19.85
O1 17F NA . 10.59 4.18 23.12
P1 17F NA . 9.56 3.87 22.06
C2 17F NA . 7.10 6.34 21.11
O2 17F NA . 9.94 4.17 20.63
C3 17F NA . 7.12 7.87 20.90
O3 17F NA . 8.20 4.57 22.31
C4 17F NA . 8.21 1.79 21.15
O4 17F NA . 7.31 8.39 19.73
C5 17F NA . 8.00 0.26 21.33
O5 17F NA . 6.93 8.64 21.84
C6 17F NA . 6.64 -0.16 20.71
O6 17F NA . 9.18 2.33 22.06
C7 17F NA . 6.49 -2.32 19.81
O7 17F NA . 6.40 -1.56 20.85
C8 17F NA . 6.18 -3.77 20.25
O8 17F NA . 6.75 -2.05 18.66
C9 17F NA . 6.28 -4.80 19.09
O9 17F NA . 9.07 -0.52 20.79
C10 17F NA . 5.99 -6.30 19.49
O10 17F NA . 10.88 -0.08 22.15
C11 17F NA . 6.98 -7.35 18.85
C12 17F NA . 6.63 -8.82 19.29
C17 17F NA . 10.00 -0.80 21.70
C18 17F NA . 9.89 -2.23 22.18
C19 17F NA . 9.98 -3.31 21.08
C20 17F NA . 9.76 -4.77 21.65
C1X 17F NA . 7.61 -9.81 18.64
C1Y 17F NA . 9.85 -5.81 20.51
C1Z 17F NA . 10.44 -7.13 21.02
C2X 17F NA . 7.30 -11.33 19.06
C21 17F NA . 7.07 -12.26 17.82
C22 17F NA . 7.97 -13.03 17.31
C23 17F NA . 9.37 -13.19 17.75
C24 17F NA . 10.38 -13.40 16.63
C25 17F NA . 11.83 -13.57 17.05
C26 17F NA . 12.62 -14.80 16.37
C27 17F NA . 14.06 -14.95 16.80
C28 17F NA . 14.65 -16.20 16.05
C29 17F NA . 16.02 -15.87 15.59
C30 17F NA . 16.71 -16.98 14.85
C31 17F NA . 11.19 -8.02 19.97
C32 17F NA . 11.78 -9.36 20.50
C33 17F NA . 13.09 -9.64 19.79
C34 17F NA . 13.86 -10.70 20.00
C35 17F NA . 13.61 -11.84 20.97
C36 17F NA . 13.92 -13.25 20.39
C37 17F NA . 13.89 -14.25 21.49
C38 17F NA . 12.57 -15.07 21.58
C39 17F NA . 12.61 -16.07 22.74
C40 17F NA . 12.13 -15.42 24.04
C41 17F NA . 12.57 -16.26 25.29
C42 17F NA . 13.93 -15.98 25.95
C1 17F OA . 16.24 20.76 0.21
N1 17F OA . 13.86 21.29 -0.35
O1 17F OA . 15.98 17.39 -1.15
P1 17F OA . 16.89 18.58 -0.91
C2 17F OA . 15.09 21.80 0.22
O2 17F OA . 17.74 18.53 0.33
C3 17F OA . 15.54 23.05 -0.56
O3 17F OA . 16.11 19.91 -0.88
C4 17F OA . 18.87 19.83 -2.10
O4 17F OA . 14.86 23.52 -1.55
C5 17F OA . 19.80 19.88 -3.35
O5 17F OA . 16.57 23.65 -0.26
C6 17F OA . 20.72 21.12 -3.26
O6 17F OA . 17.92 18.77 -2.11
C7 17F OA . 22.79 20.73 -4.29
O7 17F OA . 21.59 21.24 -4.38
C8 17F OA . 23.54 21.05 -5.61
O8 17F OA . 23.32 20.15 -3.39
C9 17F OA . 25.00 21.52 -5.37
O9 17F OA . 20.56 18.68 -3.51
C10 17F OA . 25.83 21.86 -6.66
O10 17F OA . 18.80 17.63 -4.60
C11 17F OA . 26.90 20.79 -7.06
C12 17F OA . 27.71 21.21 -8.34
C17 17F OA . 20.00 17.85 -4.39
C18 17F OA . 21.03 17.09 -5.18
C19 17F OA . 21.54 17.83 -6.45
C20 17F OA . 23.04 17.46 -6.79
C1X 17F OA . 28.74 20.14 -8.71
C1Y 17F OA . 23.51 18.22 -8.06
C1Z 17F OA . 24.76 17.57 -8.64
C2X 17F OA . 29.60 20.53 -10.02
C21 17F OA . 28.71 20.84 -11.26
C22 17F OA . 29.17 21.04 -12.45
C23 17F OA . 30.58 21.01 -12.86
C24 17F OA . 30.85 20.28 -14.17
C25 17F OA . 32.29 20.24 -14.65
C26 17F OA . 32.71 18.94 -15.50
C27 17F OA . 34.15 18.92 -15.95
C28 17F OA . 34.38 17.59 -16.77
C29 17F OA . 35.75 17.11 -16.51
C30 17F OA . 36.11 15.84 -17.23
C31 17F OA . 25.11 17.93 -10.13
C32 17F OA . 26.38 17.25 -10.70
C33 17F OA . 26.74 17.92 -12.03
C34 17F OA . 27.78 17.59 -12.78
C35 17F OA . 28.81 16.53 -12.50
C36 17F OA . 29.12 15.58 -13.70
C37 17F OA . 30.11 14.57 -13.28
C38 17F OA . 29.69 13.10 -13.53
C39 17F OA . 30.78 12.11 -13.07
C40 17F OA . 30.73 11.93 -11.54
C41 17F OA . 29.82 10.70 -11.15
C42 17F OA . 30.45 9.30 -11.07
C1 17F PA . -12.80 10.63 -10.62
N1 17F PA . -12.56 12.20 -8.67
O1 17F PA . -9.09 11.18 -10.93
P1 17F PA . -10.40 10.66 -11.48
C2 17F PA . -13.47 11.36 -9.44
O2 17F PA . -11.07 11.51 -12.52
C3 17F PA . -14.13 10.32 -8.51
O3 17F PA . -11.45 10.41 -10.36
C4 17F PA . -11.33 8.54 -12.75
O4 17F PA . -13.88 10.27 -7.25
C5 17F PA . -10.95 7.17 -13.36
O5 17F PA . -14.94 9.50 -8.95
C6 17F PA . -9.82 7.37 -14.40
O6 17F PA . -10.22 9.23 -12.15
C7 17F PA . -8.32 5.58 -14.63
O7 17F PA . -9.43 6.15 -15.02
C8 17F PA . -8.11 4.31 -15.49
O8 17F PA . -7.52 5.92 -13.80
C9 17F PA . -7.32 4.58 -16.78
O9 17F PA . -10.57 6.19 -12.37
C10 17F PA . -7.06 3.34 -17.71
O10 17F PA . -12.67 5.26 -12.19
C11 17F PA . -6.14 3.64 -18.97
C12 17F PA . -5.92 2.35 -19.86
C17 17F PA . -11.43 5.21 -12.28
C18 17F PA . -10.75 3.86 -12.31
C19 17F PA . -11.22 2.92 -13.44
C20 17F PA . -10.22 1.72 -13.68
C1X 17F PA . -5.03 2.70 -21.06
C1Y 17F PA . -10.73 0.80 -14.83
C1Z 17F PA . -10.20 1.29 -16.18
C2X 17F PA . -4.77 1.42 -22.00
C21 17F PA . -3.85 1.76 -23.22
C22 17F PA . -2.93 0.98 -23.68
C23 17F PA . -2.57 -0.35 -23.18
C24 17F PA . -1.17 -0.44 -22.57
C25 17F PA . -0.74 -1.80 -22.05
C26 17F PA . 0.45 -1.79 -20.98
C27 17F PA . 0.86 -3.16 -20.47
C28 17F PA . 2.02 -2.95 -19.44
C29 17F PA . 3.07 -3.95 -19.71
C30 17F PA . 4.26 -3.86 -18.80
C31 17F PA . -11.08 0.95 -17.43
C32 17F PA . -10.53 1.46 -18.79
C33 17F PA . -11.34 0.83 -19.92
C34 17F PA . -11.13 1.06 -21.21
C35 17F PA . -10.08 1.95 -21.83
C36 17F PA . -8.92 1.18 -22.54
C37 17F PA . -8.16 2.14 -23.38
C38 17F PA . -7.99 1.70 -24.86
C39 17F PA . -7.19 2.74 -25.68
C40 17F PA . -6.02 2.07 -26.41
C41 17F PA . -4.92 3.14 -26.77
C42 17F PA . -4.01 2.90 -27.99
C1 17F QA . 11.45 12.93 6.27
N1 17F QA . 12.52 12.32 8.44
O1 17F QA . 8.99 12.89 4.64
P1 17F QA . 9.16 11.96 5.83
C2 17F QA . 12.66 12.33 7.00
O2 17F QA . 7.91 11.74 6.67
C3 17F QA . 13.92 13.12 6.61
O3 17F QA . 10.26 12.44 6.80
C4 17F QA . 9.84 9.49 6.35
O4 17F QA . 14.70 13.66 7.48
C5 17F QA . 10.30 8.13 5.72
O5 17F QA . 14.25 13.26 5.43
C6 17F QA . 11.53 7.59 6.49
O6 17F QA . 9.63 10.51 5.39
C7 17F QA . 11.85 5.28 6.63
O7 17F QA . 12.00 6.37 5.95
C8 17F QA . 12.47 4.12 5.84
O8 17F QA . 11.34 5.10 7.71
C9 17F QA . 14.02 4.19 5.79
O9 17F QA . 9.26 7.16 5.66
C10 17F QA . 14.74 3.03 4.99
O10 17F QA . 9.57 6.63 3.44
C11 17F QA . 15.90 2.31 5.79
C12 17F QA . 16.58 1.17 4.94
C17 17F QA . 8.88 6.91 4.43
C18 17F QA . 7.37 6.99 4.28
C19 17F QA . 6.77 6.03 3.22
C20 17F QA . 6.34 4.65 3.86
C1X 17F QA . 17.70 0.49 5.75
C1Y 17F QA . 5.75 3.71 2.77
C1Z 17F QA . 6.77 2.66 2.35
C2X 17F QA . 18.44 -0.67 4.93
C21 17F QA . 17.46 -1.80 4.48
C22 17F QA . 17.65 -2.56 3.45
C23 17F QA . 18.80 -2.51 2.52
C24 17F QA . 18.43 -2.13 1.10
C25 17F QA . 19.57 -2.06 0.10
C26 17F QA . 19.16 -2.15 -1.45
C27 17F QA . 20.33 -2.08 -2.41
C28 17F QA . 19.75 -2.19 -3.87
C29 17F QA . 20.74 -2.87 -4.73
C30 17F QA . 20.32 -3.04 -6.16
C31 17F QA . 7.05 1.50 3.37
C32 17F QA . 8.09 0.44 2.92
C33 17F QA . 9.47 1.09 2.86
C34 17F QA . 10.58 0.46 2.51
C35 17F QA . 10.72 -1.00 2.11
C36 17F QA . 11.91 -1.29 1.14
C37 17F QA . 12.03 -2.76 0.97
C38 17F QA . 11.10 -3.36 -0.12
C39 17F QA . 11.28 -4.88 -0.25
C40 17F QA . 9.94 -5.56 -0.57
C41 17F QA . 9.89 -7.03 0.02
C42 17F QA . 8.58 -7.82 -0.03
C1 PCW RA . 12.17 -11.78 -33.05
C2 PCW RA . 12.02 -10.22 -32.86
C3 PCW RA . 10.72 -9.71 -33.58
C4 PCW RA . 15.73 -12.20 -33.39
C5 PCW RA . 17.06 -11.69 -33.94
C6 PCW RA . 19.32 -11.28 -32.84
C7 PCW RA . 18.78 -13.47 -33.79
C8 PCW RA . 18.98 -11.86 -34.68
C11 PCW RA . 11.19 -7.47 -34.31
C12 PCW RA . 10.93 -6.03 -33.95
C13 PCW RA . 9.48 -5.68 -34.42
C14 PCW RA . 9.04 -4.24 -34.12
C15 PCW RA . 7.69 -4.08 -33.34
C16 PCW RA . 7.80 -2.93 -32.28
C17 PCW RA . 6.46 -2.31 -31.76
C18 PCW RA . 6.47 -0.79 -31.71
C19 PCW RA . 5.06 -0.16 -31.66
C20 PCW RA . 4.76 0.95 -30.88
C21 PCW RA . 5.59 1.78 -29.98
C22 PCW RA . 5.92 3.09 -30.75
C23 PCW RA . 5.14 4.38 -30.36
C24 PCW RA . 4.26 4.98 -31.42
C25 PCW RA . 4.86 5.55 -32.73
C26 PCW RA . 4.31 4.97 -34.03
C27 PCW RA . 5.01 3.71 -34.59
C28 PCW RA . 3.98 2.64 -34.88
C31 PCW RA . 13.04 -9.85 -30.75
C32 PCW RA . 12.73 -9.51 -29.29
C33 PCW RA . 13.19 -8.04 -28.82
C34 PCW RA . 12.26 -6.93 -29.31
C35 PCW RA . 13.11 -5.60 -29.23
C36 PCW RA . 12.23 -4.32 -29.37
C37 PCW RA . 13.03 -2.97 -29.29
C38 PCW RA . 12.12 -1.79 -29.44
C39 PCW RA . 12.85 -0.47 -29.38
C40 PCW RA . 12.32 0.73 -29.34
C41 PCW RA . 10.82 1.01 -29.36
C42 PCW RA . 10.54 2.19 -28.30
C43 PCW RA . 9.34 2.05 -27.38
C44 PCW RA . 9.32 3.29 -26.51
C45 PCW RA . 9.18 3.04 -25.02
C46 PCW RA . 8.95 4.28 -24.21
C47 PCW RA . 9.55 4.30 -22.82
C48 PCW RA . 9.24 5.62 -22.10
N PCW RA . 18.29 -12.17 -33.38
O2 PCW RA . 11.88 -9.89 -31.41
O3 PCW RA . 10.60 -8.29 -33.40
O11 PCW RA . 11.85 -7.84 -35.25
O31 PCW RA . 14.19 -10.06 -31.24
O1P PCW RA . 13.76 -14.22 -34.09
O2P PCW RA . 13.84 -13.07 -36.30
O3P PCW RA . 12.31 -12.18 -34.43
O4P PCW RA . 14.74 -11.92 -34.42
P PCW RA . 13.68 -12.92 -34.83
C1 PCW SA . 16.72 -19.59 -20.29
C2 PCW SA . 15.49 -18.69 -20.72
C3 PCW SA . 14.60 -18.33 -19.49
C4 PCW SA . 14.49 -22.54 -20.34
C5 PCW SA . 12.99 -22.27 -20.44
C6 PCW SA . 11.15 -22.31 -22.21
C7 PCW SA . 12.02 -24.39 -21.27
C8 PCW SA . 11.11 -23.04 -20.38
C11 PCW SA . 12.48 -18.09 -20.59
C12 PCW SA . 11.42 -17.06 -20.90
C13 PCW SA . 11.52 -16.72 -22.43
C14 PCW SA . 10.52 -15.67 -22.93
C15 PCW SA . 10.58 -14.30 -22.21
C16 PCW SA . 9.13 -13.73 -21.98
C17 PCW SA . 9.00 -12.20 -21.67
C18 PCW SA . 9.55 -11.30 -22.78
C19 PCW SA . 8.44 -10.47 -23.48
C20 PCW SA . 8.72 -9.62 -24.54
C21 PCW SA . 9.98 -9.26 -25.25
C22 PCW SA . 9.75 -7.89 -25.92
C23 PCW SA . 10.35 -6.64 -25.21
C24 PCW SA . 10.59 -5.44 -26.07
C25 PCW SA . 9.85 -4.09 -25.79
C26 PCW SA . 8.65 -3.79 -26.68
C27 PCW SA . 8.75 -2.62 -27.66
C28 PCW SA . 8.07 -1.40 -27.09
C31 PCW SA . 15.63 -17.19 -22.56
C32 PCW SA . 16.21 -15.83 -23.00
C33 PCW SA . 15.49 -14.54 -22.37
C34 PCW SA . 16.48 -13.45 -21.97
C35 PCW SA . 15.66 -12.09 -22.05
C36 PCW SA . 16.36 -10.95 -21.28
C37 PCW SA . 15.62 -9.57 -21.30
C38 PCW SA . 14.71 -9.40 -20.12
C39 PCW SA . 13.99 -8.08 -20.13
C40 PCW SA . 12.69 -7.87 -20.34
C41 PCW SA . 11.67 -8.98 -20.61
C42 PCW SA . 10.22 -8.33 -20.54
C43 PCW SA . 9.42 -8.48 -19.26
C44 PCW SA . 8.09 -7.77 -19.46
C45 PCW SA . 7.94 -6.46 -18.76
C46 PCW SA . 7.63 -5.30 -19.68
C47 PCW SA . 8.83 -4.59 -20.27
C48 PCW SA . 8.38 -3.43 -21.19
N PCW SA . 12.19 -22.96 -21.40
O2 PCW SA . 15.98 -17.40 -21.29
O3 PCW SA . 13.49 -17.51 -19.89
O11 PCW SA . 12.42 -19.26 -20.90
O31 PCW SA . 14.95 -17.96 -23.29
O1P PCW SA . 17.36 -22.37 -19.73
O2P PCW SA . 16.54 -22.14 -17.38
O3P PCW SA . 16.66 -20.10 -18.94
O4P PCW SA . 14.95 -21.82 -19.17
P PCW SA . 16.43 -21.68 -18.79
C1 PCW TA . 21.89 -21.23 -12.63
C2 PCW TA . 20.79 -20.25 -12.06
C3 PCW TA . 20.33 -19.25 -13.18
C4 PCW TA . 18.37 -23.92 -14.02
C5 PCW TA . 16.99 -23.33 -13.73
C6 PCW TA . 14.87 -22.43 -14.81
C7 PCW TA . 15.65 -24.69 -15.31
C8 PCW TA . 15.06 -24.02 -13.69
C11 PCW TA . 18.04 -18.54 -13.02
C12 PCW TA . 17.17 -17.52 -12.35
C13 PCW TA . 17.35 -16.15 -13.10
C14 PCW TA . 16.53 -14.99 -12.54
C15 PCW TA . 17.16 -13.57 -12.73
C16 PCW TA . 17.11 -12.75 -11.38
C17 PCW TA . 18.48 -12.26 -10.80
C18 PCW TA . 18.32 -11.20 -9.72
C19 PCW TA . 19.60 -11.02 -8.86
C20 PCW TA . 20.19 -9.78 -8.64
C21 PCW TA . 19.83 -8.41 -9.11
C22 PCW TA . 19.50 -7.57 -7.84
C23 PCW TA . 18.00 -7.36 -7.49
C24 PCW TA . 17.45 -5.99 -7.70
C25 PCW TA . 16.11 -5.56 -7.01
C26 PCW TA . 16.20 -4.39 -6.05
C27 PCW TA . 16.89 -4.62 -4.69
C28 PCW TA . 15.93 -4.33 -3.55
C31 PCW TA . 19.60 -21.38 -10.36
C32 PCW TA . 18.31 -22.16 -10.06
C33 PCW TA . 16.95 -21.32 -10.22
C34 PCW TA . 16.23 -21.11 -8.90
C35 PCW TA . 16.32 -19.55 -8.61
C36 PCW TA . 15.10 -19.02 -7.81
C37 PCW TA . 15.13 -17.50 -7.49
C38 PCW TA . 15.61 -17.22 -6.10
C39 PCW TA . 15.64 -15.75 -5.78
C40 PCW TA . 16.70 -15.03 -5.40
C41 PCW TA . 18.09 -15.60 -5.22
C42 PCW TA . 19.14 -14.56 -5.85
C43 PCW TA . 20.46 -14.33 -5.13
C44 PCW TA . 21.24 -13.31 -5.94
C45 PCW TA . 22.01 -12.29 -5.14
C46 PCW TA . 23.48 -12.56 -5.10
C47 PCW TA . 24.18 -12.30 -3.78
C48 PCW TA . 25.68 -12.61 -3.87
N PCW TA . 15.96 -23.41 -14.71
O2 PCW TA . 19.58 -21.01 -11.64
O3 PCW TA . 19.34 -18.36 -12.64
O11 PCW TA . 17.65 -19.40 -13.77
O31 PCW TA . 20.52 -21.15 -9.52
O1P PCW TA . 21.21 -24.60 -14.11
O2P PCW TA . 21.17 -23.83 -11.73
O3P PCW TA . 21.42 -22.13 -13.65
O4P PCW TA . 19.31 -23.24 -13.15
P PCW TA . 20.80 -23.53 -13.14
C1 PCW UA . 23.61 -9.21 -22.95
C2 PCW UA . 24.13 -7.89 -23.64
C3 PCW UA . 22.97 -6.85 -23.78
C4 PCW UA . 25.48 -10.46 -26.08
C5 PCW UA . 25.19 -11.54 -27.13
C6 PCW UA . 27.59 -12.41 -27.20
C7 PCW UA . 25.76 -13.72 -28.18
C8 PCW UA . 26.38 -12.07 -28.71
C11 PCW UA . 22.74 -4.51 -24.21
C12 PCW UA . 23.41 -3.38 -24.95
C13 PCW UA . 23.02 -3.47 -26.48
C14 PCW UA . 23.63 -2.38 -27.36
C15 PCW UA . 24.61 -2.88 -28.46
C16 PCW UA . 25.56 -1.72 -28.93
C17 PCW UA . 27.03 -2.10 -29.29
C18 PCW UA . 27.94 -0.89 -29.51
C19 PCW UA . 28.39 -0.23 -28.19
C20 PCW UA . 29.33 0.79 -28.14
C21 PCW UA . 30.09 1.49 -29.19
C22 PCW UA . 30.09 3.01 -28.83
C23 PCW UA . 31.32 3.56 -28.08
C24 PCW UA . 31.85 4.88 -28.56
C25 PCW UA . 31.85 6.14 -27.63
C26 PCW UA . 30.51 6.75 -27.32
C27 PCW UA . 30.10 8.04 -28.08
C28 PCW UA . 28.75 7.85 -28.73
C31 PCW UA . 26.44 -7.63 -23.13
C32 PCW UA . 27.40 -6.90 -22.19
C33 PCW UA . 27.69 -7.65 -20.80
C34 PCW UA . 26.60 -7.42 -19.75
C35 PCW UA . 26.95 -6.04 -19.05
C36 PCW UA . 27.89 -6.22 -17.84
C37 PCW UA . 28.28 -4.89 -17.11
C38 PCW UA . 29.31 -4.12 -17.87
C39 PCW UA . 29.71 -2.84 -17.19
C40 PCW UA . 30.29 -1.77 -17.75
C41 PCW UA . 30.66 -1.68 -19.22
C42 PCW UA . 31.17 -0.19 -19.49
C43 PCW UA . 30.50 0.60 -20.60
C44 PCW UA . 31.16 1.97 -20.64
C45 PCW UA . 30.29 3.11 -20.18
C46 PCW UA . 30.92 3.95 -19.11
C47 PCW UA . 29.98 4.52 -18.07
C48 PCW UA . 30.74 5.36 -17.02
N PCW UA . 26.13 -12.60 -27.35
O2 PCW UA . 25.20 -7.26 -22.81
O3 PCW UA . 23.44 -5.66 -24.41
O11 PCW UA . 21.74 -4.41 -23.56
O31 PCW UA . 26.76 -8.42 -24.06
O1P PCW UA . 26.46 -11.60 -23.61
O2P PCW UA . 24.15 -12.50 -23.46
O3P PCW UA . 24.67 -10.14 -22.59
O4P PCW UA . 24.56 -10.70 -24.98
P PCW UA . 24.99 -11.31 -23.65
C1 PCW VA . 18.40 -27.95 -9.07
C2 PCW VA . 17.58 -26.81 -8.35
C3 PCW VA . 16.31 -26.44 -9.19
C4 PCW VA . 21.49 -26.69 -7.01
C5 PCW VA . 21.72 -25.29 -7.55
C6 PCW VA . 23.00 -23.47 -6.33
C7 PCW VA . 24.03 -24.67 -8.20
C8 PCW VA . 22.56 -23.56 -8.25
C11 PCW VA . 14.61 -24.74 -9.20
C12 PCW VA . 13.99 -23.72 -8.30
C13 PCW VA . 12.82 -24.40 -7.49
C14 PCW VA . 12.08 -23.49 -6.52
C15 PCW VA . 12.60 -23.48 -5.06
C16 PCW VA . 13.04 -22.03 -4.63
C17 PCW VA . 14.18 -21.93 -3.55
C18 PCW VA . 14.09 -20.66 -2.70
C19 PCW VA . 14.27 -20.94 -1.19
C20 PCW VA . 13.20 -21.14 -0.33
C21 PCW VA . 11.73 -21.13 -0.56
C22 PCW VA . 11.07 -21.57 0.78
C23 PCW VA . 9.74 -20.88 1.18
C24 PCW VA . 9.45 -20.75 2.65
C25 PCW VA . 9.16 -19.37 3.30
C26 PCW VA . 7.71 -18.93 3.34
C27 PCW VA . 7.14 -18.17 2.12
C28 PCW VA . 6.59 -16.83 2.55
C31 PCW VA . 17.70 -26.73 -5.98
C32 PCW VA . 17.10 -27.34 -4.70
C33 PCW VA . 15.55 -27.02 -4.45
C34 PCW VA . 14.60 -27.94 -5.23
C35 PCW VA . 14.54 -29.28 -4.40
C36 PCW VA . 13.24 -29.41 -3.56
C37 PCW VA . 13.09 -30.71 -2.71
C38 PCW VA . 12.12 -31.67 -3.31
C39 PCW VA . 11.97 -32.93 -2.50
C40 PCW VA . 10.87 -33.66 -2.35
C41 PCW VA . 9.53 -33.33 -3.00
C42 PCW VA . 8.77 -32.28 -2.07
C43 PCW VA . 7.26 -32.22 -2.11
C44 PCW VA . 6.82 -31.14 -1.14
C45 PCW VA . 5.35 -31.12 -0.81
C46 PCW VA . 5.05 -30.90 0.64
C47 PCW VA . 4.47 -32.08 1.40
C48 PCW VA . 4.21 -31.71 2.87
N PCW VA . 22.93 -24.61 -7.25
O2 PCW VA . 17.10 -27.30 -7.03
O3 PCW VA . 15.58 -25.41 -8.51
O11 PCW VA . 14.30 -24.94 -10.34
O31 PCW VA . 18.61 -25.86 -6.03
O1P PCW VA . 20.85 -29.49 -6.62
O2P PCW VA . 21.26 -29.62 -9.07
O3P PCW VA . 18.94 -28.94 -8.18
O4P PCW VA . 20.90 -27.46 -8.09
P PCW VA . 20.54 -28.93 -7.97
C1 PCW WA . 39.42 -20.62 5.08
C2 PCW WA . 39.00 -19.19 5.60
C3 PCW WA . 39.18 -18.13 4.47
C4 PCW WA . 39.70 -22.70 9.37
C5 PCW WA . 40.19 -22.01 10.65
C6 PCW WA . 41.48 -23.56 12.23
C7 PCW WA . 42.50 -21.48 11.39
C8 PCW WA . 41.02 -21.66 12.48
C11 PCW WA . 39.56 -15.77 4.60
C12 PCW WA . 38.99 -14.52 5.22
C13 PCW WA . 38.55 -13.56 4.05
C14 PCW WA . 37.94 -12.23 4.51
C15 PCW WA . 38.70 -10.94 4.05
C16 PCW WA . 38.49 -9.78 5.09
C17 PCW WA . 39.77 -9.03 5.60
C18 PCW WA . 40.21 -9.47 7.00
C19 PCW WA . 39.98 -8.38 8.07
C20 PCW WA . 39.37 -8.66 9.28
C21 PCW WA . 38.81 -9.89 9.87
C22 PCW WA . 37.84 -9.47 11.00
C23 PCW WA . 36.36 -9.95 10.89
C24 PCW WA . 35.71 -10.45 12.14
C25 PCW WA . 34.18 -10.25 12.38
C26 PCW WA . 33.75 -9.90 13.79
C27 PCW WA . 33.76 -8.41 14.18
C28 PCW WA . 34.63 -8.20 15.40
C31 PCW WA . 37.31 -18.91 7.24
C32 PCW WA . 35.79 -18.96 7.46
C33 PCW WA . 34.95 -17.78 6.75
C34 PCW WA . 33.87 -18.30 5.81
C35 PCW WA . 32.53 -18.31 6.66
C36 PCW WA . 31.27 -18.05 5.80
C37 PCW WA . 29.91 -18.03 6.57
C38 PCW WA . 28.89 -17.19 5.88
C39 PCW WA . 27.57 -17.18 6.62
C40 PCW WA . 26.40 -17.62 6.16
C41 PCW WA . 26.19 -18.22 4.78
C42 PCW WA . 25.03 -17.40 4.05
C43 PCW WA . 23.65 -18.01 3.97
C44 PCW WA . 22.76 -17.02 3.23
C45 PCW WA . 21.50 -16.61 3.95
C46 PCW WA . 21.73 -15.65 5.08
C47 PCW WA . 20.91 -14.38 5.08
C48 PCW WA . 21.25 -13.50 6.29
N PCW WA . 41.41 -22.43 11.27
O2 PCW WA . 37.55 -19.21 5.97
O3 PCW WA . 38.78 -16.83 4.95
O11 PCW WA . 40.54 -15.83 3.93
O31 PCW WA . 38.18 -18.63 8.12
O1P PCW WA . 40.38 -23.76 6.73
O2P PCW WA . 41.63 -21.61 6.54
O3P PCW WA . 39.11 -21.69 5.99
O4P PCW WA . 39.98 -21.79 8.27
P PCW WA . 40.34 -22.26 6.86
C1 PCW XA . 27.72 -25.72 6.85
C2 PCW XA . 26.82 -24.94 7.89
C3 PCW XA . 27.35 -25.17 9.34
C4 PCW XA . 24.60 -27.31 3.66
C5 PCW XA . 23.14 -27.21 4.11
C6 PCW XA . 22.32 -29.41 4.66
C7 PCW XA . 22.37 -28.75 2.43
C8 PCW XA . 20.77 -27.81 3.76
C11 PCW XA . 25.54 -25.15 10.91
C12 PCW XA . 24.77 -24.22 11.80
C13 PCW XA . 24.52 -24.94 13.18
C14 PCW XA . 23.75 -24.12 14.21
C15 PCW XA . 24.38 -24.03 15.62
C16 PCW XA . 23.51 -23.11 16.56
C17 PCW XA . 22.48 -23.82 17.49
C18 PCW XA . 21.07 -23.90 16.90
C19 PCW XA . 20.08 -24.67 17.80
C20 PCW XA . 19.38 -24.06 18.83
C21 PCW XA . 19.37 -22.67 19.34
C22 PCW XA . 19.30 -22.76 20.89
C23 PCW XA . 20.15 -21.74 21.71
C24 PCW XA . 19.44 -21.00 22.79
C25 PCW XA . 20.07 -20.83 24.21
C26 PCW XA . 19.16 -21.06 25.39
C27 PCW XA . 19.80 -21.18 26.79
C28 PCW XA . 18.73 -21.38 27.84
C31 PCW XA . 25.71 -22.87 7.61
C32 PCW XA . 25.94 -21.37 7.33
C33 PCW XA . 26.83 -20.59 8.41
C34 PCW XA . 26.27 -20.68 9.83
C35 PCW XA . 25.36 -19.39 10.00
C36 PCW XA . 26.07 -18.26 10.75
C37 PCW XA . 25.23 -16.96 10.96
C38 PCW XA . 25.98 -15.73 10.61
C39 PCW XA . 25.18 -14.47 10.80
C40 PCW XA . 25.20 -13.67 11.86
C41 PCW XA . 26.06 -13.88 13.10
C42 PCW XA . 25.12 -13.83 14.39
C43 PCW XA . 25.07 -15.04 15.30
C44 PCW XA . 24.09 -14.73 16.42
C45 PCW XA . 24.72 -14.15 17.67
C46 PCW XA . 23.88 -13.09 18.32
C47 PCW XA . 24.13 -11.67 17.89
C48 PCW XA . 23.21 -10.69 18.63
N PCW XA . 22.20 -28.24 3.76
O2 PCW XA . 26.89 -23.48 7.61
O3 PCW XA . 26.53 -24.46 10.27
O11 PCW XA . 25.31 -26.32 10.76
O31 PCW XA . 24.58 -23.40 7.82
O1P PCW XA . 27.49 -27.18 3.47
O2P PCW XA . 27.38 -28.29 5.71
O3P PCW XA . 27.21 -25.72 5.51
O4P PCW XA . 25.41 -27.23 4.87
P PCW XA . 26.92 -27.16 4.85
C1 PCW YA . -4.64 -15.92 -41.81
C2 PCW YA . -5.74 -15.05 -41.08
C3 PCW YA . -6.80 -14.53 -42.13
C4 PCW YA . -2.56 -14.36 -39.02
C5 PCW YA . -1.20 -13.67 -39.00
C6 PCW YA . 0.27 -12.08 -37.94
C7 PCW YA . 0.12 -14.23 -37.07
C8 PCW YA . -1.65 -12.84 -36.71
C11 PCW YA . -7.59 -12.40 -41.32
C12 PCW YA . -8.76 -11.79 -40.59
C13 PCW YA . -8.36 -11.59 -39.08
C14 PCW YA . -9.44 -10.97 -38.19
C15 PCW YA . -9.46 -9.42 -38.15
C16 PCW YA . -10.72 -8.86 -38.91
C17 PCW YA . -10.72 -7.34 -39.30
C18 PCW YA . -11.93 -6.57 -38.77
C19 PCW YA . -12.46 -5.52 -39.77
C20 PCW YA . -12.62 -4.19 -39.43
C21 PCW YA . -12.38 -3.44 -38.17
C22 PCW YA . -13.75 -2.89 -37.69
C23 PCW YA . -14.32 -3.45 -36.35
C24 PCW YA . -13.81 -2.81 -35.09
C25 PCW YA . -14.74 -2.62 -33.87
C26 PCW YA . -15.73 -1.47 -33.94
C27 PCW YA . -15.31 -0.12 -33.34
C28 PCW YA . -15.64 1.00 -34.30
C31 PCW YA . -6.53 -15.34 -38.87
C32 PCW YA . -7.31 -16.30 -37.96
C33 PCW YA . -8.82 -16.57 -38.39
C34 PCW YA . -9.84 -15.71 -37.62
C35 PCW YA . -10.78 -16.73 -36.87
C36 PCW YA . -12.16 -16.13 -36.52
C37 PCW YA . -13.14 -17.10 -35.77
C38 PCW YA . -14.56 -16.64 -35.89
C39 PCW YA . -15.53 -17.55 -35.18
C40 PCW YA . -16.09 -17.35 -33.98
C41 PCW YA . -15.84 -16.13 -33.11
C42 PCW YA . -17.04 -15.09 -33.36
C43 PCW YA . -16.69 -13.67 -33.75
C44 PCW YA . -18.00 -12.92 -33.91
C45 PCW YA . -18.32 -11.95 -32.80
C46 PCW YA . -17.91 -10.52 -33.10
C47 PCW YA . -16.60 -10.07 -32.51
C48 PCW YA . -16.30 -8.61 -32.87
N PCW YA . -0.65 -13.22 -37.75
O2 PCW YA . -6.48 -15.88 -40.09
O3 PCW YA . -7.79 -13.75 -41.44
O11 PCW YA . -6.63 -11.80 -41.72
O31 PCW YA . -6.04 -14.24 -38.53
O1P PCW YA . -2.59 -17.27 -38.95
O2P PCW YA . -1.51 -17.04 -41.18
O3P PCW YA . -4.08 -16.96 -40.97
O4P PCW YA . -2.62 -15.11 -40.27
P PCW YA . -2.64 -16.64 -40.31
C1 PCW ZA . 10.16 -33.08 2.24
C2 PCW ZA . 10.70 -31.59 2.20
C3 PCW ZA . 10.63 -31.04 0.73
C4 PCW ZA . 11.78 -37.29 2.64
C5 PCW ZA . 11.52 -38.38 3.68
C6 PCW ZA . 9.37 -38.93 4.95
C7 PCW ZA . 9.94 -40.12 2.87
C8 PCW ZA . 10.85 -40.14 4.48
C11 PCW ZA . 12.46 -29.48 0.71
C12 PCW ZA . 12.75 -28.00 0.70
C13 PCW ZA . 12.39 -27.42 2.12
C14 PCW ZA . 12.62 -25.92 2.28
C15 PCW ZA . 12.75 -25.41 3.75
C16 PCW ZA . 13.72 -24.17 3.83
C17 PCW ZA . 14.79 -24.18 4.97
C18 PCW ZA . 14.19 -24.24 6.38
C19 PCW ZA . 14.97 -23.40 7.41
C20 PCW ZA . 14.36 -22.84 8.54
C21 PCW ZA . 12.96 -22.88 9.02
C22 PCW ZA . 12.78 -21.66 9.98
C23 PCW ZA . 11.45 -21.54 10.75
C24 PCW ZA . 10.88 -20.16 10.91
C25 PCW ZA . 11.10 -19.34 12.23
C26 PCW ZA . 9.95 -18.44 12.65
C27 PCW ZA . 10.22 -16.92 12.71
C28 PCW ZA . 8.92 -16.17 12.90
C31 PCW ZA . 10.51 -30.11 4.03
C32 PCW ZA . 9.50 -29.25 4.82
C33 PCW ZA . 8.69 -30.04 5.96
C34 PCW ZA . 9.24 -29.79 7.36
C35 PCW ZA . 7.97 -29.47 8.26
C36 PCW ZA . 7.94 -28.01 8.76
C37 PCW ZA . 6.72 -27.63 9.65
C38 PCW ZA . 6.77 -26.20 10.09
C39 PCW ZA . 5.60 -25.82 10.95
C40 PCW ZA . 5.62 -25.56 12.26
C41 PCW ZA . 6.87 -25.60 13.12
C42 PCW ZA . 6.45 -25.97 14.61
C43 PCW ZA . 6.41 -27.43 15.02
C44 PCW ZA . 5.98 -27.47 16.47
C45 PCW ZA . 4.53 -27.84 16.70
C46 PCW ZA . 4.35 -28.97 17.67
C47 PCW ZA . 2.93 -29.23 18.13
C48 PCW ZA . 2.88 -30.41 19.11
N PCW ZA . 10.23 -39.00 3.74
O2 PCW ZA . 9.84 -30.73 3.05
O3 PCW ZA . 11.12 -29.69 0.72
O11 PCW ZA . 13.29 -30.34 0.72
O31 PCW ZA . 11.74 -30.20 4.27
O1P PCW ZA . 12.09 -34.80 1.21
O2P PCW ZA . 13.40 -34.13 3.23
O3P PCW ZA . 10.82 -33.91 3.22
O4P PCW ZA . 11.96 -36.05 3.39
P PCW ZA . 12.13 -34.70 2.71
C1 PCW AB . -7.23 -37.06 -11.89
C2 PCW AB . -8.14 -36.30 -10.85
C3 PCW AB . -7.29 -35.86 -9.61
C4 PCW AB . -6.25 -36.32 -15.55
C5 PCW AB . -5.34 -35.09 -15.47
C6 PCW AB . -6.87 -33.39 -16.25
C7 PCW AB . -5.38 -34.38 -17.75
C8 PCW AB . -4.50 -32.92 -16.26
C11 PCW AB . -8.96 -35.90 -7.88
C12 PCW AB . -9.72 -34.97 -6.97
C13 PCW AB . -11.26 -35.24 -7.16
C14 PCW AB . -12.19 -34.39 -6.29
C15 PCW AB . -13.22 -35.17 -5.43
C16 PCW AB . -12.64 -35.47 -4.00
C17 PCW AB . -13.19 -36.74 -3.26
C18 PCW AB . -13.12 -36.62 -1.74
C19 PCW AB . -13.08 -37.99 -1.03
C20 PCW AB . -12.68 -38.15 0.29
C21 PCW AB . -12.22 -37.18 1.32
C22 PCW AB . -13.29 -37.16 2.45
C23 PCW AB . -12.90 -36.47 3.78
C24 PCW AB . -13.40 -35.08 4.00
C25 PCW AB . -13.07 -34.31 5.31
C26 PCW AB . -14.16 -33.42 5.87
C27 PCW AB . -14.27 -33.28 7.40
C28 PCW AB . -15.68 -32.86 7.79
C31 PCW AB . -10.01 -34.96 -11.42
C32 PCW AB . -10.42 -33.63 -12.09
C33 PCW AB . -10.85 -32.46 -11.08
C34 PCW AB . -12.21 -32.70 -10.42
C35 PCW AB . -13.03 -31.36 -10.65
C36 PCW AB . -14.32 -31.30 -9.81
C37 PCW AB . -15.18 -30.00 -9.98
C38 PCW AB . -15.60 -29.43 -8.66
C39 PCW AB . -16.42 -28.17 -8.82
C40 PCW AB . -16.17 -26.98 -8.29
C41 PCW AB . -14.96 -26.67 -7.41
C42 PCW AB . -15.50 -26.22 -5.98
C43 PCW AB . -15.22 -24.81 -5.50
C44 PCW AB . -15.84 -24.67 -4.13
C45 PCW AB . -14.98 -23.98 -3.10
C46 PCW AB . -15.73 -22.96 -2.28
C47 PCW AB . -14.93 -22.26 -1.20
C48 PCW AB . -15.81 -21.25 -0.45
N PCW AB . -5.51 -34.00 -16.38
O2 PCW AB . -8.68 -35.05 -11.48
O3 PCW AB . -8.12 -35.16 -8.66
O11 PCW AB . -9.07 -37.10 -7.92
O31 PCW AB . -10.81 -35.80 -10.91
O1P PCW AB . -8.39 -38.24 -15.29
O2P PCW AB . -9.55 -36.36 -14.16
O3P PCW AB . -7.96 -37.88 -12.83
O4P PCW AB . -7.18 -36.22 -14.44
P PCW AB . -8.33 -37.18 -14.24
C1 PCW BB . 42.37 -11.84 -3.59
C2 PCW BB . 41.23 -10.87 -3.08
C3 PCW BB . 41.66 -9.39 -3.31
C4 PCW BB . 41.20 -15.82 -4.42
C5 PCW BB . 41.38 -16.85 -3.31
C6 PCW BB . 40.85 -19.24 -2.57
C7 PCW BB . 41.92 -18.81 -4.74
C8 PCW BB . 42.60 -18.49 -3.06
C11 PCW BB . 40.86 -7.17 -2.88
C12 PCW BB . 39.67 -6.44 -2.33
C13 PCW BB . 39.97 -6.10 -0.83
C14 PCW BB . 38.85 -5.34 -0.09
C15 PCW BB . 39.19 -4.91 1.37
C16 PCW BB . 38.40 -3.61 1.75
C17 PCW BB . 37.90 -3.48 3.23
C18 PCW BB . 37.52 -2.05 3.62
C19 PCW BB . 36.22 -1.99 4.46
C20 PCW BB . 35.67 -0.78 4.89
C21 PCW BB . 36.10 0.64 4.72
C22 PCW BB . 35.88 1.34 6.09
C23 PCW BB . 34.75 2.40 6.17
C24 PCW BB . 34.98 3.57 7.08
C25 PCW BB . 33.92 4.68 7.25
C26 PCW BB . 33.91 5.41 8.58
C27 PCW BB . 32.60 6.11 9.01
C28 PCW BB . 32.77 6.75 10.36
C31 PCW BB . 39.06 -11.82 -3.22
C32 PCW BB . 37.84 -11.95 -4.14
C33 PCW BB . 36.41 -11.81 -3.43
C34 PCW BB . 35.25 -12.24 -4.32
C35 PCW BB . 34.01 -12.41 -3.33
C36 PCW BB . 32.69 -11.90 -3.96
C37 PCW BB . 31.43 -12.03 -3.04
C38 PCW BB . 30.46 -10.92 -3.25
C39 PCW BB . 29.24 -11.04 -2.39
C40 PCW BB . 28.22 -10.19 -2.29
C41 PCW BB . 28.13 -8.89 -3.09
C42 PCW BB . 26.67 -8.81 -3.73
C43 PCW BB . 25.66 -7.84 -3.13
C44 PCW BB . 24.38 -7.98 -3.93
C45 PCW BB . 23.19 -8.50 -3.18
C46 PCW BB . 22.37 -7.43 -2.52
C47 PCW BB . 20.98 -7.20 -3.05
C48 PCW BB . 20.27 -6.09 -2.28
N PCW BB . 41.22 -18.25 -3.60
O2 PCW BB . 39.98 -11.10 -3.86
O3 PCW BB . 40.63 -8.51 -2.84
O11 PCW BB . 41.87 -6.66 -3.28
O31 PCW BB . 39.16 -12.31 -2.06
O1P PCW BB . 42.46 -14.28 -6.55
O2P PCW BB . 44.23 -13.92 -4.83
O3P PCW BB . 42.13 -12.41 -4.89
O4P PCW BB . 42.08 -14.72 -4.09
P PCW BB . 42.77 -13.86 -5.14
C1 PCW CB . 11.23 -16.17 -31.65
C2 PCW CB . 10.44 -15.00 -30.93
C3 PCW CB . 8.91 -15.10 -31.26
C4 PCW CB . 8.69 -19.85 -30.23
C5 PCW CB . 8.67 -21.22 -29.55
C6 PCW CB . 6.50 -21.64 -28.27
C7 PCW CB . 7.29 -23.24 -29.95
C8 PCW CB . 8.10 -22.78 -28.35
C11 PCW CB . 7.27 -14.39 -29.66
C12 PCW CB . 6.68 -13.13 -29.06
C13 PCW CB . 7.06 -13.11 -27.53
C14 PCW CB . 6.55 -11.90 -26.75
C15 PCW CB . 5.01 -11.69 -26.73
C16 PCW CB . 4.62 -10.30 -26.13
C17 PCW CB . 5.33 -9.04 -26.73
C18 PCW CB . 4.36 -8.10 -27.47
C19 PCW CB . 4.99 -7.50 -28.75
C20 PCW CB . 4.64 -6.24 -29.21
C21 PCW CB . 3.69 -5.21 -28.71
C22 PCW CB . 4.34 -3.84 -29.02
C23 PCW CB . 3.59 -2.56 -28.55
C24 PCW CB . 4.40 -1.53 -27.83
C25 PCW CB . 3.73 -0.29 -27.17
C26 PCW CB . 4.61 0.58 -26.30
C27 PCW CB . 4.43 2.11 -26.41
C28 PCW CB . 5.36 2.81 -25.45
C31 PCW CB . 11.09 -14.04 -28.86
C32 PCW CB . 11.16 -14.31 -27.35
C33 PCW CB . 11.09 -13.01 -26.42
C34 PCW CB . 12.30 -12.85 -25.50
C35 PCW CB . 13.24 -11.80 -26.23
C36 PCW CB . 13.89 -10.80 -25.24
C37 PCW CB . 14.84 -9.74 -25.89
C38 PCW CB . 14.90 -8.49 -25.06
C39 PCW CB . 15.81 -7.44 -25.67
C40 PCW CB . 15.57 -6.13 -25.74
C41 PCW CB . 14.31 -5.46 -25.20
C42 PCW CB . 14.38 -3.91 -25.57
C43 PCW CB . 13.40 -2.97 -24.91
C44 PCW CB . 13.69 -1.57 -25.44
C45 PCW CB . 12.47 -0.69 -25.60
C46 PCW CB . 12.14 0.11 -24.36
C47 PCW CB . 10.97 -0.38 -23.55
C48 PCW CB . 10.74 0.52 -22.32
N PCW CB . 7.43 -21.92 -29.39
O2 PCW CB . 10.58 -15.12 -29.45
O3 PCW CB . 8.21 -14.05 -30.60
O11 PCW CB . 6.97 -15.50 -29.36
O31 PCW CB . 11.43 -12.97 -29.43
O1P PCW CB . 9.38 -18.14 -32.49
O2P PCW CB . 11.51 -19.43 -32.46
O3P PCW CB . 11.22 -17.41 -30.92
O4P PCW CB . 10.09 -19.55 -30.52
P PCW CB . 10.53 -18.66 -31.67
C1 PCW DB . 35.84 -10.99 -19.57
C2 PCW DB . 36.03 -10.11 -18.27
C3 PCW DB . 37.41 -9.37 -18.31
C4 PCW DB . 32.13 -14.00 -20.69
C5 PCW DB . 30.99 -14.76 -20.00
C6 PCW DB . 30.69 -17.29 -19.81
C7 PCW DB . 31.67 -16.01 -17.97
C8 PCW DB . 29.95 -15.89 -18.65
C11 PCW DB . 38.72 -7.87 -16.96
C12 PCW DB . 38.65 -7.11 -15.67
C13 PCW DB . 38.78 -5.58 -15.99
C14 PCW DB . 38.74 -4.66 -14.77
C15 PCW DB . 37.87 -3.38 -14.92
C16 PCW DB . 37.20 -3.01 -13.55
C17 PCW DB . 37.31 -1.52 -13.07
C18 PCW DB . 36.68 -1.28 -11.71
C19 PCW DB . 35.17 -0.95 -11.79
C20 PCW DB . 34.69 0.35 -11.92
C21 PCW DB . 35.37 1.66 -12.01
C22 PCW DB . 35.05 2.41 -10.69
C23 PCW DB . 36.02 2.23 -9.51
C24 PCW DB . 37.42 2.72 -9.70
C25 PCW DB . 37.98 3.91 -8.88
C26 PCW DB . 39.16 4.66 -9.49
C27 PCW DB . 40.54 4.45 -8.85
C28 PCW DB . 41.48 3.84 -9.85
C31 PCW DB . 33.93 -9.38 -17.44
C32 PCW DB . 32.94 -8.20 -17.47
C33 PCW DB . 33.38 -6.90 -16.65
C34 PCW DB . 32.24 -5.93 -16.39
C35 PCW DB . 32.64 -5.16 -15.07
C36 PCW DB . 31.44 -4.91 -14.13
C37 PCW DB . 31.76 -4.14 -12.80
C38 PCW DB . 31.01 -4.71 -11.64
C39 PCW DB . 31.30 -3.99 -10.36
C40 PCW DB . 30.57 -3.04 -9.78
C41 PCW DB . 29.28 -2.49 -10.35
C42 PCW DB . 29.19 -0.94 -10.00
C43 PCW DB . 29.82 0.06 -10.95
C44 PCW DB . 29.60 1.44 -10.36
C45 PCW DB . 28.45 2.21 -10.97
C46 PCW DB . 27.48 2.75 -9.94
C47 PCW DB . 26.06 2.91 -10.39
C48 PCW DB . 25.18 3.46 -9.25
N PCW DB . 31.26 -16.01 -19.35
O2 PCW DB . 34.97 -9.06 -18.21
O3 PCW DB . 37.56 -8.57 -17.13
O11 PCW DB . 39.64 -7.85 -17.73
O31 PCW DB . 33.78 -10.45 -16.79
O1P PCW DB . 35.01 -13.65 -20.98
O2P PCW DB . 34.96 -13.72 -18.49
O3P PCW DB . 34.51 -11.51 -19.74
O4P PCW DB . 32.90 -13.34 -19.64
P PCW DB . 34.39 -13.11 -19.72
C1 PCW EB . -4.18 -20.17 -32.85
C2 PCW EB . -4.83 -18.74 -32.61
C3 PCW EB . -5.48 -18.23 -33.94
C4 PCW EB . -3.79 -23.85 -31.03
C5 PCW EB . -5.04 -24.71 -30.82
C6 PCW EB . -5.67 -27.07 -30.08
C7 PCW EB . -4.75 -25.46 -28.47
C8 PCW EB . -6.36 -25.36 -29.39
C11 PCW EB . -5.58 -15.88 -34.45
C12 PCW EB . -6.33 -14.63 -34.07
C13 PCW EB . -7.79 -14.73 -34.65
C14 PCW EB . -8.68 -13.53 -34.36
C15 PCW EB . -10.18 -13.87 -34.05
C16 PCW EB . -11.08 -12.58 -34.23
C17 PCW EB . -12.49 -12.78 -34.87
C18 PCW EB . -12.96 -11.58 -35.70
C19 PCW EB . -14.21 -11.88 -36.56
C20 PCW EB . -14.14 -12.04 -37.93
C21 PCW EB . -13.02 -11.98 -38.89
C22 PCW EB . -12.47 -13.43 -39.04
C23 PCW EB . -13.07 -14.30 -40.19
C24 PCW EB . -14.19 -15.23 -39.82
C25 PCW EB . -15.62 -15.04 -40.41
C26 PCW EB . -16.60 -14.24 -39.57
C27 PCW EB . -17.68 -15.01 -38.79
C28 PCW EB . -18.55 -14.05 -38.02
C31 PCW EB . -5.97 -17.79 -30.75
C32 PCW EB . -7.11 -18.05 -29.76
C33 PCW EB . -8.50 -18.51 -30.42
C34 PCW EB . -8.61 -20.02 -30.61
C35 PCW EB . -10.08 -20.29 -31.12
C36 PCW EB . -10.30 -21.76 -31.52
C37 PCW EB . -11.74 -22.11 -32.03
C38 PCW EB . -11.79 -22.29 -33.50
C39 PCW EB . -13.16 -22.62 -34.01
C40 PCW EB . -13.81 -22.05 -35.02
C41 PCW EB . -13.23 -20.93 -35.87
C42 PCW EB . -14.16 -20.76 -37.16
C43 PCW EB . -13.62 -19.98 -38.34
C44 PCW EB . -14.70 -19.99 -39.41
C45 PCW EB . -15.56 -18.75 -39.47
C46 PCW EB . -16.60 -18.79 -40.55
C47 PCW EB . -18.03 -18.98 -40.11
C48 PCW EB . -18.98 -19.01 -41.31
N PCW EB . -5.00 -25.77 -29.86
O2 PCW EB . -5.89 -18.84 -31.58
O3 PCW EB . -6.06 -16.93 -33.72
O11 PCW EB . -4.70 -15.95 -35.26
O31 PCW EB . -5.22 -16.77 -30.78
O1P PCW EB . -2.22 -21.68 -29.92
O2P PCW EB . -4.44 -20.57 -29.75
O3P PCW EB . -3.10 -20.48 -31.95
O4P PCW EB . -4.25 -22.48 -31.17
P PCW EB . -3.49 -21.29 -30.62
C1 PCW FB . 35.01 -3.74 -25.97
C2 PCW FB . 34.78 -2.19 -26.19
C3 PCW FB . 35.08 -1.39 -24.87
C4 PCW FB . 35.79 -7.76 -27.43
C5 PCW FB . 37.19 -8.37 -27.24
C6 PCW FB . 38.79 -10.12 -27.69
C7 PCW FB . 38.31 -8.56 -29.36
C8 PCW FB . 36.72 -10.14 -28.91
C11 PCW FB . 33.66 0.54 -24.77
C12 PCW FB . 33.61 2.00 -25.12
C13 PCW FB . 33.31 2.83 -23.83
C14 PCW FB . 33.24 4.35 -24.03
C15 PCW FB . 33.28 5.21 -22.73
C16 PCW FB . 31.87 5.81 -22.42
C17 PCW FB . 31.52 7.20 -23.05
C18 PCW FB . 30.04 7.35 -23.42
C19 PCW FB . 29.45 8.70 -22.95
C20 PCW FB . 28.96 8.90 -21.67
C21 PCW FB . 28.86 8.01 -20.49
C22 PCW FB . 27.43 7.43 -20.47
C23 PCW FB . 26.89 6.86 -19.13
C24 PCW FB . 25.90 5.74 -19.23
C25 PCW FB . 25.89 4.60 -18.17
C26 PCW FB . 26.08 3.19 -18.69
C27 PCW FB . 26.68 2.14 -17.74
C28 PCW FB . 26.40 0.75 -18.23
C31 PCW FB . 37.00 -1.86 -27.07
C32 PCW FB . 37.74 -1.24 -28.27
C33 PCW FB . 38.28 0.26 -28.03
C34 PCW FB . 37.17 1.26 -27.76
C35 PCW FB . 37.87 2.47 -27.02
C36 PCW FB . 36.87 3.26 -26.14
C37 PCW FB . 37.47 4.47 -25.37
C38 PCW FB . 36.49 5.59 -25.24
C39 PCW FB . 37.05 6.79 -24.50
C40 PCW FB . 36.67 8.06 -24.60
C41 PCW FB . 35.55 8.53 -25.52
C42 PCW FB . 34.41 9.19 -24.62
C43 PCW FB . 33.46 10.18 -25.26
C44 PCW FB . 32.49 10.64 -24.19
C45 PCW FB . 32.38 12.14 -24.02
C46 PCW FB . 31.55 12.54 -22.84
C47 PCW FB . 32.25 12.59 -21.50
C48 PCW FB . 31.27 13.01 -20.38
N PCW FB . 37.72 -9.25 -28.25
O2 PCW FB . 35.69 -1.67 -27.26
O3 PCW FB . 34.86 0.01 -25.12
O11 PCW FB . 32.75 -0.08 -24.26
O31 PCW FB . 37.56 -2.46 -26.11
O1P PCW FB . 34.20 -5.93 -29.01
O2P PCW FB . 36.14 -4.41 -28.65
O3P PCW FB . 34.28 -4.58 -26.88
O4P PCW FB . 35.93 -6.34 -27.24
P PCW FB . 35.14 -5.30 -28.02
C1 PCW GB . 37.26 -13.15 -8.50
C2 PCW GB . 37.96 -11.76 -8.23
C3 PCW GB . 39.20 -11.94 -7.29
C4 PCW GB . 40.51 -14.13 -10.56
C5 PCW GB . 41.45 -13.85 -11.73
C6 PCW GB . 43.91 -13.29 -12.11
C7 PCW GB . 43.24 -15.55 -11.47
C8 PCW GB . 42.82 -14.65 -13.04
C11 PCW GB . 41.11 -10.50 -7.45
C12 PCW GB . 41.58 -9.12 -7.07
C13 PCW GB . 41.02 -8.11 -8.13
C14 PCW GB . 41.40 -6.64 -7.88
C15 PCW GB . 40.24 -5.61 -7.97
C16 PCW GB . 40.60 -4.28 -7.23
C17 PCW GB . 39.43 -3.50 -6.55
C18 PCW GB . 39.03 -4.05 -5.18
C19 PCW GB . 37.63 -3.58 -4.71
C20 PCW GB . 37.44 -2.83 -3.56
C21 PCW GB . 38.39 -2.31 -2.54
C22 PCW GB . 38.08 -0.79 -2.38
C23 PCW GB . 38.54 -0.10 -1.07
C24 PCW GB . 37.66 -0.27 0.13
C25 PCW GB . 36.24 0.37 0.17
C26 PCW GB . 35.11 -0.55 0.57
C27 PCW GB . 33.66 -0.07 0.33
C28 PCW GB . 32.86 -0.15 1.61
C31 PCW GB . 37.57 -10.40 -10.12
C32 PCW GB . 38.20 -9.87 -11.42
C33 PCW GB . 39.45 -8.89 -11.22
C34 PCW GB . 39.46 -7.71 -12.19
C35 PCW GB . 40.29 -6.56 -11.47
C36 PCW GB . 41.26 -5.83 -12.41
C37 PCW GB . 42.10 -4.69 -11.76
C38 PCW GB . 41.86 -3.37 -12.41
C39 PCW GB . 42.67 -2.25 -11.79
C40 PCW GB . 42.22 -1.12 -11.28
C41 PCW GB . 40.74 -0.74 -11.22
C42 PCW GB . 40.52 0.18 -9.93
C43 PCW GB . 39.99 -0.47 -8.67
C44 PCW GB . 39.88 0.62 -7.63
C45 PCW GB . 40.59 0.35 -6.32
C46 PCW GB . 40.55 1.51 -5.38
C47 PCW GB . 41.60 2.58 -5.56
C48 PCW GB . 41.44 3.70 -4.53
N PCW GB . 42.83 -14.17 -11.61
O2 PCW GB . 38.45 -11.18 -9.51
O3 PCW GB . 39.83 -10.68 -7.04
O11 PCW GB . 41.78 -11.33 -8.01
O31 PCW GB . 36.39 -10.13 -9.72
O1P PCW GB . 38.32 -15.60 -9.36
O2P PCW GB . 37.31 -15.33 -11.64
O3P PCW GB . 37.07 -13.45 -9.90
O4P PCW GB . 39.16 -13.93 -11.05
P PCW GB . 37.95 -14.66 -10.48
C1 PCW HB . 18.97 -32.55 8.21
C2 PCW HB . 17.40 -32.40 8.11
C3 PCW HB . 16.70 -33.53 8.93
C4 PCW HB . 17.13 -32.54 4.71
C5 PCW HB . 16.74 -33.00 3.30
C6 PCW HB . 15.17 -32.81 1.30
C7 PCW HB . 14.82 -31.42 3.28
C8 PCW HB . 16.25 -31.39 2.12
C11 PCW HB . 14.57 -33.07 9.95
C12 PCW HB . 13.12 -32.94 9.60
C13 PCW HB . 12.32 -33.99 10.46
C14 PCW HB . 10.79 -34.01 10.24
C15 PCW HB . 10.17 -32.69 9.69
C16 PCW HB . 9.40 -31.93 10.82
C17 PCW HB . 10.17 -30.80 11.59
C18 PCW HB . 10.55 -31.20 13.01
C19 PCW HB . 9.33 -31.39 13.93
C20 PCW HB . 9.13 -30.62 15.07
C21 PCW HB . 9.91 -29.52 15.68
C22 PCW HB . 10.19 -29.94 17.15
C23 PCW HB . 9.38 -29.22 18.26
C24 PCW HB . 9.89 -27.89 18.73
C25 PCW HB . 10.45 -27.71 20.16
C26 PCW HB . 9.89 -26.57 20.98
C27 PCW HB . 10.85 -25.75 21.86
C28 PCW HB . 10.86 -26.29 23.27
C31 PCW HB . 16.28 -30.32 7.85
C32 PCW HB . 15.91 -29.04 8.60
C33 PCW HB . 14.85 -28.08 7.85
C34 PCW HB . 13.43 -28.22 8.39
C35 PCW HB . 12.48 -27.72 7.23
C36 PCW HB . 11.48 -26.65 7.69
C37 PCW HB . 10.51 -26.11 6.58
C38 PCW HB . 10.38 -24.63 6.62
C39 PCW HB . 9.46 -24.11 5.55
C40 PCW HB . 8.78 -22.96 5.58
C41 PCW HB . 8.82 -21.96 6.72
C42 PCW HB . 7.32 -21.49 7.01
C43 PCW HB . 6.44 -22.36 7.90
C44 PCW HB . 5.09 -21.68 7.98
C45 PCW HB . 4.47 -21.68 9.36
C46 PCW HB . 3.41 -22.73 9.55
C47 PCW HB . 2.41 -22.49 10.64
C48 PCW HB . 1.39 -23.63 10.73
N PCW HB . 15.52 -32.55 2.71
O2 PCW HB . 16.96 -31.09 8.69
O3 PCW HB . 15.27 -33.38 8.83
O11 PCW HB . 15.05 -32.89 11.04
O31 PCW HB . 15.99 -30.59 6.65
O1P PCW HB . 19.56 -31.31 5.74
O2P PCW HB . 20.63 -33.37 4.85
O3P PCW HB . 19.56 -33.38 7.19
O4P PCW HB . 18.24 -33.38 5.14
P PCW HB . 19.55 -32.81 5.69
C1 PCW IB . 4.90 -11.79 -40.68
C2 PCW IB . 4.23 -10.36 -40.53
C3 PCW IB . 2.83 -10.36 -41.25
C4 PCW IB . 4.89 -16.07 -39.98
C5 PCW IB . 4.17 -17.07 -40.88
C6 PCW IB . 4.42 -18.53 -42.95
C7 PCW IB . 5.97 -18.77 -41.07
C8 PCW IB . 4.14 -19.11 -41.10
C11 PCW IB . 1.65 -8.50 -42.22
C12 PCW IB . 1.09 -7.15 -41.86
C13 PCW IB . -0.25 -6.95 -42.66
C14 PCW IB . -0.95 -5.61 -42.42
C15 PCW IB . -0.67 -4.51 -43.49
C16 PCW IB . -1.18 -3.11 -42.99
C17 PCW IB . -2.00 -2.25 -44.00
C18 PCW IB . -2.81 -1.14 -43.34
C19 PCW IB . -4.14 -1.65 -42.74
C20 PCW IB . -4.52 -1.38 -41.42
C21 PCW IB . -3.86 -0.64 -40.32
C22 PCW IB . -4.64 0.71 -40.18
C23 PCW IB . -3.98 1.82 -39.33
C24 PCW IB . -4.70 3.14 -39.26
C25 PCW IB . -3.94 4.46 -38.95
C26 PCW IB . -4.09 5.58 -39.95
C27 PCW IB . -2.82 6.31 -40.43
C28 PCW IB . -3.02 6.87 -41.82
C31 PCW IB . 4.92 -9.28 -38.55
C32 PCW IB . 4.55 -9.06 -37.07
C33 PCW IB . 3.03 -8.62 -36.78
C34 PCW IB . 2.21 -9.72 -36.09
C35 PCW IB . 1.45 -9.00 -34.91
C36 PCW IB . 0.00 -8.63 -35.28
C37 PCW IB . -0.82 -7.92 -34.17
C38 PCW IB . -1.34 -6.59 -34.61
C39 PCW IB . -2.13 -5.88 -33.55
C40 PCW IB . -1.99 -4.62 -33.14
C41 PCW IB . -0.97 -3.65 -33.70
C42 PCW IB . -0.74 -2.49 -32.63
C43 PCW IB . 0.60 -1.79 -32.59
C44 PCW IB . 0.53 -0.75 -31.47
C45 PCW IB . 1.13 0.59 -31.82
C46 PCW IB . 0.10 1.67 -32.07
C47 PCW IB . 0.60 2.94 -32.70
C48 PCW IB . -0.55 3.94 -32.89
N PCW IB . 4.93 -17.98 -41.68
O2 PCW IB . 3.99 -10.06 -39.09
O3 PCW IB . 2.23 -9.06 -41.12
O11 PCW IB . 1.60 -9.01 -43.30
O31 PCW IB . 5.93 -8.79 -39.13
O1P PCW IB . 3.84 -14.26 -37.95
O2P PCW IB . 2.52 -13.37 -39.88
O3P PCW IB . 4.92 -12.55 -39.45
O4P PCW IB . 4.42 -14.75 -40.35
P PCW IB . 3.86 -13.75 -39.37
C1 PCW JB . 17.88 -5.40 -33.73
C2 PCW JB . 18.36 -3.97 -34.21
C3 PCW JB . 17.85 -3.69 -35.66
C4 PCW JB . 21.09 -7.45 -36.45
C5 PCW JB . 22.07 -6.40 -36.96
C6 PCW JB . 23.27 -6.21 -39.20
C7 PCW JB . 21.13 -5.07 -38.83
C8 PCW JB . 22.74 -4.76 -37.98
C11 PCW JB . 19.59 -2.25 -36.49
C12 PCW JB . 19.83 -0.81 -36.89
C13 PCW JB . 21.25 -0.38 -36.35
C14 PCW JB . 21.65 1.05 -36.67
C15 PCW JB . 23.15 1.40 -36.43
C16 PCW JB . 23.32 2.86 -35.91
C17 PCW JB . 24.38 3.10 -34.78
C18 PCW JB . 24.35 4.52 -34.21
C19 PCW JB . 24.59 4.57 -32.69
C20 PCW JB . 23.78 5.30 -31.82
C21 PCW JB . 22.60 6.16 -32.06
C22 PCW JB . 21.70 6.02 -30.80
C23 PCW JB . 20.26 6.59 -30.88
C24 PCW JB . 19.42 6.50 -29.64
C25 PCW JB . 19.09 7.78 -28.80
C26 PCW JB . 19.77 7.89 -27.46
C27 PCW JB . 20.84 8.99 -27.26
C28 PCW JB . 20.80 9.50 -25.84
C31 PCW JB . 18.41 -2.78 -32.15
C32 PCW JB . 17.71 -1.66 -31.36
C33 PCW JB . 18.02 -1.63 -29.79
C34 PCW JB . 16.77 -1.74 -28.93
C35 PCW JB . 17.01 -0.78 -27.70
C36 PCW JB . 16.21 0.55 -27.80
C37 PCW JB . 16.40 1.55 -26.62
C38 PCW JB . 15.09 1.98 -26.05
C39 PCW JB . 15.24 2.95 -24.91
C40 PCW JB . 14.32 3.79 -24.45
C41 PCW JB . 12.92 3.92 -25.01
C42 PCW JB . 12.88 5.19 -25.98
C43 PCW JB . 12.90 4.97 -27.47
C44 PCW JB . 12.85 6.34 -28.13
C45 PCW JB . 13.02 6.32 -29.63
C46 PCW JB . 13.42 7.66 -30.20
C47 PCW JB . 12.30 8.55 -30.70
C48 PCW JB . 12.86 9.87 -31.26
N PCW JB . 22.08 -6.04 -38.35
O2 PCW JB . 17.80 -2.91 -33.33
O3 PCW JB . 18.29 -2.39 -36.08
O11 PCW JB . 20.41 -3.12 -36.52
O31 PCW JB . 19.40 -3.46 -31.74
O1P PCW JB . 19.14 -8.76 -34.74
O2P PCW JB . 17.54 -7.22 -35.88
O3P PCW JB . 18.89 -6.42 -33.83
O4P PCW JB . 19.89 -6.74 -36.03
P PCW JB . 18.83 -7.35 -35.14
C1 PCW KB . -1.41 -17.66 -32.07
C2 PCW KB . -1.26 -16.11 -31.79
C3 PCW KB . -2.47 -15.34 -32.43
C4 PCW KB . 2.05 -16.14 -33.29
C5 PCW KB . 3.11 -15.68 -34.29
C6 PCW KB . 4.93 -13.97 -34.81
C7 PCW KB . 4.90 -15.15 -32.65
C8 PCW KB . 5.15 -15.86 -34.35
C11 PCW KB . -1.49 -13.21 -32.98
C12 PCW KB . -1.48 -11.77 -32.52
C13 PCW KB . -2.95 -11.21 -32.64
C14 PCW KB . -3.10 -9.74 -32.21
C15 PCW KB . -4.54 -9.14 -32.37
C16 PCW KB . -4.91 -8.23 -31.16
C17 PCW KB . -5.29 -6.74 -31.45
C18 PCW KB . -5.88 -6.01 -30.25
C19 PCW KB . -7.00 -5.02 -30.63
C20 PCW KB . -8.26 -5.06 -30.06
C21 PCW KB . -8.87 -5.94 -29.04
C22 PCW KB . -9.62 -5.02 -28.04
C23 PCW KB . -9.41 -5.29 -26.53
C24 PCW KB . -9.80 -4.18 -25.59
C25 PCW KB . -9.18 -2.76 -25.72
C26 PCW KB . -8.26 -2.32 -24.59
C27 PCW KB . -6.78 -2.07 -24.91
C28 PCW KB . -5.98 -1.92 -23.64
C31 PCW KB . -0.10 -15.55 -29.82
C32 PCW KB . -0.28 -15.29 -28.31
C33 PCW KB . -1.06 -13.95 -27.92
C34 PCW KB . -0.73 -13.45 -26.51
C35 PCW KB . -2.13 -13.29 -25.78
C36 PCW KB . -2.40 -11.84 -25.33
C37 PCW KB . -3.76 -11.60 -24.60
C38 PCW KB . -3.58 -10.86 -23.32
C39 PCW KB . -4.88 -10.63 -22.59
C40 PCW KB . -5.27 -11.18 -21.45
C41 PCW KB . -4.44 -12.17 -20.64
C42 PCW KB . -4.78 -11.94 -19.09
C43 PCW KB . -3.77 -11.19 -18.24
C44 PCW KB . -4.34 -11.14 -16.83
C45 PCW KB . -3.81 -10.02 -15.96
C46 PCW KB . -2.74 -10.47 -15.01
C47 PCW KB . -2.38 -9.49 -13.91
C48 PCW KB . -1.28 -10.06 -13.01
N PCW KB . 4.18 -14.84 -33.87
O2 PCW KB . -1.29 -15.85 -30.33
O3 PCW KB . -2.32 -13.94 -32.17
O11 PCW KB . -0.87 -13.65 -33.91
O31 PCW KB . 1.00 -15.49 -30.44
O1P PCW KB . 1.19 -18.70 -32.16
O2P PCW KB . 0.98 -19.31 -34.57
O3P PCW KB . -0.94 -18.09 -33.37
O4P PCW KB . 1.13 -16.99 -34.02
P PCW KB . 0.64 -18.33 -33.51
C1 PCW LB . 14.63 -4.58 -42.26
C2 PCW LB . 13.81 -4.49 -40.91
C3 PCW LB . 13.50 -2.99 -40.56
C4 PCW LB . 15.54 -8.45 -40.65
C5 PCW LB . 15.88 -8.37 -39.16
C6 PCW LB . 14.76 -7.70 -36.96
C7 PCW LB . 14.12 -9.77 -38.12
C8 PCW LB . 15.76 -9.35 -37.36
C11 PCW LB . 13.42 -3.02 -38.16
C12 PCW LB . 12.45 -2.92 -37.01
C13 PCW LB . 12.26 -1.40 -36.66
C14 PCW LB . 11.29 -1.12 -35.51
C15 PCW LB . 11.95 -0.96 -34.10
C16 PCW LB . 12.30 0.55 -33.81
C17 PCW LB . 11.09 1.53 -33.60
C18 PCW LB . 11.51 2.99 -33.45
C19 PCW LB . 11.09 3.88 -34.64
C20 PCW LB . 9.83 4.45 -34.73
C21 PCW LB . 8.65 4.42 -33.84
C22 PCW LB . 8.76 5.65 -32.89
C23 PCW LB . 9.01 5.38 -31.39
C24 PCW LB . 8.54 6.43 -30.42
C25 PCW LB . 8.93 6.35 -28.92
C26 PCW LB . 8.80 7.64 -28.12
C27 PCW LB . 9.05 7.57 -26.60
C28 PCW LB . 7.74 7.58 -25.85
C31 PCW LB . 12.37 -6.28 -40.32
C32 PCW LB . 10.97 -6.86 -40.58
C33 PCW LB . 9.98 -6.87 -39.31
C34 PCW LB . 9.20 -5.57 -39.15
C35 PCW LB . 7.75 -5.88 -39.75
C36 PCW LB . 6.62 -5.21 -38.94
C37 PCW LB . 5.18 -5.48 -39.48
C38 PCW LB . 4.25 -4.35 -39.18
C39 PCW LB . 2.86 -4.59 -39.70
C40 PCW LB . 1.92 -3.69 -39.96
C41 PCW LB . 2.12 -2.19 -39.78
C42 PCW LB . 1.65 -1.80 -38.31
C43 PCW LB . 0.19 -1.45 -38.09
C44 PCW LB . 0.03 -1.12 -36.61
C45 PCW LB . -1.05 -0.13 -36.28
C46 PCW LB . -0.54 1.26 -36.01
C47 PCW LB . -0.88 2.31 -37.05
C48 PCW LB . -0.30 3.68 -36.65
N PCW LB . 14.84 -8.52 -38.20
O2 PCW LB . 12.49 -5.18 -41.06
O3 PCW LB . 12.74 -2.92 -39.34
O11 PCW LB . 14.61 -3.16 -38.05
O31 PCW LB . 13.23 -6.76 -39.54
O1P PCW LB . 14.64 -7.16 -43.13
O2P PCW LB . 17.11 -6.99 -43.55
O3P PCW LB . 15.91 -5.23 -42.11
O4P PCW LB . 16.38 -7.47 -41.32
P PCW LB . 15.99 -6.77 -42.60
C1 PCW MB . -3.07 -22.45 -25.73
C2 PCW MB . -3.73 -21.04 -25.44
C3 PCW MB . -3.57 -20.12 -26.70
C4 PCW MB . -2.71 -26.43 -22.89
C5 PCW MB . -1.71 -27.57 -23.01
C6 PCW MB . -3.22 -29.45 -22.16
C7 PCW MB . -1.33 -29.94 -23.64
C8 PCW MB . -1.30 -29.25 -21.91
C11 PCW MB . -3.37 -17.74 -26.51
C12 PCW MB . -4.18 -16.50 -26.20
C13 PCW MB . -4.50 -15.78 -27.55
C14 PCW MB . -5.32 -14.49 -27.43
C15 PCW MB . -6.43 -14.29 -28.50
C16 PCW MB . -7.80 -13.96 -27.82
C17 PCW MB . -8.51 -12.62 -28.25
C18 PCW MB . -8.30 -11.47 -27.26
C19 PCW MB . -9.57 -11.13 -26.43
C20 PCW MB . -9.49 -10.70 -25.12
C21 PCW MB . -8.35 -10.46 -24.21
C22 PCW MB . -8.41 -8.96 -23.80
C23 PCW MB . -7.33 -8.01 -24.37
C24 PCW MB . -7.07 -6.76 -23.60
C25 PCW MB . -5.74 -6.55 -22.81
C26 PCW MB . -5.86 -6.47 -21.29
C27 PCW MB . -4.55 -6.39 -20.47
C28 PCW MB . -4.88 -6.22 -19.00
C31 PCW MB . -5.53 -21.14 -23.90
C32 PCW MB . -7.05 -21.33 -23.80
C33 PCW MB . -7.77 -20.47 -22.66
C34 PCW MB . -9.06 -21.10 -22.15
C35 PCW MB . -10.20 -20.03 -22.46
C36 PCW MB . -11.20 -19.87 -21.29
C37 PCW MB . -12.35 -18.84 -21.54
C38 PCW MB . -13.14 -18.57 -20.30
C39 PCW MB . -14.25 -17.57 -20.52
C40 PCW MB . -14.34 -16.33 -20.02
C41 PCW MB . -13.28 -15.69 -19.14
C42 PCW MB . -12.29 -14.85 -20.06
C43 PCW MB . -11.60 -13.64 -19.47
C44 PCW MB . -10.73 -13.04 -20.57
C45 PCW MB . -10.71 -11.54 -20.62
C46 PCW MB . -9.35 -10.95 -20.39
C47 PCW MB . -9.31 -9.55 -19.80
C48 PCW MB . -7.87 -9.07 -19.61
N PCW MB . -2.19 -28.93 -23.07
O2 PCW MB . -5.19 -21.21 -25.19
O3 PCW MB . -4.17 -18.84 -26.44
O11 PCW MB . -2.20 -17.75 -26.78
O31 PCW MB . -4.73 -20.96 -22.93
O1P PCW MB . -3.92 -25.78 -25.45
O2P PCW MB . -1.63 -24.92 -25.96
O3P PCW MB . -3.33 -23.45 -24.71
O4P PCW MB . -2.19 -25.33 -23.66
P PCW MB . -2.76 -24.92 -25.02
C1 PCW NB . 5.69 -25.05 -22.39
C2 PCW NB . 5.25 -23.70 -21.69
C3 PCW NB . 6.53 -22.86 -21.32
C4 PCW NB . 3.65 -24.73 -26.79
C5 PCW NB . 2.25 -25.30 -26.60
C6 PCW NB . 0.35 -26.06 -28.13
C7 PCW NB . 2.26 -27.53 -27.67
C8 PCW NB . 0.99 -26.91 -26.47
C11 PCW NB . 6.63 -20.48 -21.18
C12 PCW NB . 6.12 -19.32 -20.37
C13 PCW NB . 7.33 -18.38 -20.02
C14 PCW NB . 6.99 -17.14 -19.19
C15 PCW NB . 6.21 -16.02 -19.93
C16 PCW NB . 5.71 -14.93 -18.92
C17 PCW NB . 6.27 -13.49 -19.11
C18 PCW NB . 5.21 -12.40 -18.92
C19 PCW NB . 5.61 -11.05 -19.57
C20 PCW NB . 5.10 -9.84 -19.14
C21 PCW NB . 4.15 -9.48 -18.06
C22 PCW NB . 4.74 -8.24 -17.33
C23 PCW NB . 3.74 -7.29 -16.62
C24 PCW NB . 3.33 -7.65 -15.24
C25 PCW NB . 2.07 -7.03 -14.58
C26 PCW NB . 2.28 -5.76 -13.77
C27 PCW NB . 2.52 -5.91 -12.25
C28 PCW NB . 3.93 -5.46 -11.91
C31 PCW NB . 3.14 -23.23 -22.66
C32 PCW NB . 2.43 -22.30 -23.66
C33 PCW NB . 1.91 -20.91 -23.05
C34 PCW NB . 1.05 -21.09 -21.79
C35 PCW NB . 0.59 -19.62 -21.38
C36 PCW NB . 1.38 -19.05 -20.18
C37 PCW NB . 0.97 -17.62 -19.73
C38 PCW NB . 1.06 -17.45 -18.25
C39 PCW NB . 0.67 -16.07 -17.80
C40 PCW NB . 1.32 -15.29 -16.94
C41 PCW NB . 2.62 -15.67 -16.25
C42 PCW NB . 3.51 -14.36 -16.08
C43 PCW NB . 4.09 -14.04 -14.71
C44 PCW NB . 4.88 -12.76 -14.86
C45 PCW NB . 4.25 -11.54 -14.22
C46 PCW NB . 4.88 -11.15 -12.92
C47 PCW NB . 4.40 -9.85 -12.31
C48 PCW NB . 5.11 -9.56 -10.98
N PCW NB . 1.72 -26.20 -27.57
O2 PCW NB . 4.43 -22.88 -22.62
O3 PCW NB . 6.14 -21.64 -20.68
O11 PCW NB . 7.37 -20.38 -22.12
O31 PCW NB . 2.60 -24.17 -22.01
O1P PCW NB . 5.95 -26.58 -25.71
O2P PCW NB . 6.10 -24.55 -25.81
O3P PCW NB . 6.23 -24.86 -23.72
O4P PCW NB . 4.22 -24.56 -25.46
P PCW NB . 5.33 -25.45 -24.91
C1 PCW OB . 37.31 -6.96 -22.76
C2 PCW OB . 36.80 -5.80 -21.82
C3 PCW OB . 36.42 -6.37 -20.42
C4 PCW OB . 40.67 -6.49 -20.22
C5 PCW OB . 42.06 -6.97 -19.81
C6 PCW OB . 42.55 -6.61 -17.33
C7 PCW OB . 42.72 -8.85 -18.32
C8 PCW OB . 43.74 -7.36 -18.70
C11 PCW OB . 34.66 -4.90 -19.71
C12 PCW OB . 34.38 -3.76 -18.78
C13 PCW OB . 34.89 -2.42 -19.44
C14 PCW OB . 34.69 -1.16 -18.61
C15 PCW OB . 35.36 -1.14 -17.19
C16 PCW OB . 36.58 -0.16 -17.17
C17 PCW OB . 37.97 -0.73 -17.62
C18 PCW OB . 39.09 0.31 -17.57
C19 PCW OB . 40.23 -0.08 -16.59
C20 PCW OB . 40.25 0.34 -15.27
C21 PCW OB . 39.34 1.20 -14.47
C22 PCW OB . 39.95 2.63 -14.46
C23 PCW OB . 39.49 3.59 -13.34
C24 PCW OB . 38.03 3.94 -13.30
C25 PCW OB . 37.49 5.19 -14.04
C26 PCW OB . 36.75 6.22 -13.20
C27 PCW OB . 35.45 5.77 -12.49
C28 PCW OB . 34.25 6.00 -13.40
C31 PCW OB . 37.73 -3.68 -22.32
C32 PCW OB . 38.90 -2.74 -22.00
C33 PCW OB . 38.51 -1.34 -21.33
C34 PCW OB . 37.94 -0.33 -22.34
C35 PCW OB . 37.80 1.03 -21.54
C36 PCW OB . 36.33 1.49 -21.41
C37 PCW OB . 36.11 2.83 -20.64
C38 PCW OB . 35.00 2.74 -19.66
C39 PCW OB . 34.77 4.03 -18.90
C40 PCW OB . 34.79 4.19 -17.58
C41 PCW OB . 35.04 3.07 -16.58
C42 PCW OB . 33.74 2.92 -15.66
C43 PCW OB . 33.19 1.52 -15.42
C44 PCW OB . 31.97 1.69 -14.52
C45 PCW OB . 30.63 1.54 -15.22
C46 PCW OB . 29.85 0.34 -14.77
C47 PCW OB . 28.35 0.52 -14.65
C48 PCW OB . 27.68 -0.78 -14.18
N PCW OB . 42.27 -7.49 -18.48
O2 PCW OB . 37.89 -4.80 -21.62
O3 PCW OB . 35.95 -5.30 -19.59
O11 PCW OB . 33.87 -5.38 -20.48
O31 PCW OB . 36.77 -3.42 -23.10
O1P PCW OB . 39.05 -8.58 -21.41
O2P PCW OB . 40.70 -8.42 -23.25
O3P PCW OB . 38.69 -6.81 -23.18
O4P PCW OB . 40.60 -6.62 -21.66
P PCW OB . 39.77 -7.68 -22.36
C1 PCW PB . -1.30 -35.87 6.86
C2 PCW PB . -1.03 -36.10 8.40
C3 PCW PB . 0.14 -35.19 8.89
C4 PCW PB . -1.14 -39.75 7.34
C5 PCW PB . 0.24 -39.94 7.98
C6 PCW PB . -0.50 -40.59 10.19
C7 PCW PB . 1.75 -40.85 9.61
C8 PCW PB . 0.27 -42.31 8.69
C11 PCW PB . 0.93 -36.58 10.69
C12 PCW PB . 1.08 -36.59 12.18
C13 PCW PB . 2.32 -35.70 12.56
C14 PCW PB . 2.62 -35.60 14.05
C15 PCW PB . 4.11 -35.74 14.46
C16 PCW PB . 4.25 -36.02 16.00
C17 PCW PB . 3.85 -37.45 16.51
C18 PCW PB . 4.81 -38.00 17.55
C19 PCW PB . 4.18 -38.11 18.96
C20 PCW PB . 4.22 -37.05 19.87
C21 PCW PB . 4.81 -35.69 19.80
C22 PCW PB . 4.21 -34.90 21.00
C23 PCW PB . 3.22 -33.76 20.68
C24 PCW PB . 1.76 -34.07 20.86
C25 PCW PB . 1.06 -33.90 22.23
C26 PCW PB . 0.47 -35.15 22.86
C27 PCW PB . 1.23 -35.79 24.05
C28 PCW PB . 1.83 -37.10 23.62
C31 PCW PB . -2.78 -36.75 9.86
C32 PCW PB . -4.02 -36.22 10.61
C33 PCW PB . -4.64 -37.22 11.69
C34 PCW PB . -6.09 -37.60 11.40
C35 PCW PB . -6.75 -37.84 12.83
C36 PCW PB . -7.71 -36.70 13.25
C37 PCW PB . -8.38 -36.87 14.64
C38 PCW PB . -7.50 -36.40 15.75
C39 PCW PB . -8.14 -36.56 17.11
C40 PCW PB . -7.54 -36.90 18.25
C41 PCW PB . -6.05 -37.20 18.36
C42 PCW PB . -5.44 -36.23 19.47
C43 PCW PB . -4.26 -35.35 19.09
C44 PCW PB . -3.90 -34.54 20.33
C45 PCW PB . -3.29 -33.19 20.06
C46 PCW PB . -4.31 -32.10 19.84
C47 PCW PB . -4.03 -31.15 18.69
C48 PCW PB . -5.15 -30.10 18.56
N PCW PB . 0.43 -40.88 9.06
O2 PCW PB . -2.25 -35.73 9.17
O3 PCW PB . 0.36 -35.41 10.29
O11 PCW PB . 1.26 -37.48 9.95
O31 PCW PB . -2.34 -37.93 9.89
O1P PCW PB . -3.45 -38.82 5.81
O2P PCW PB . -1.69 -37.91 4.29
O3P PCW PB . -2.46 -36.57 6.36
O4P PCW PB . -1.04 -38.55 6.51
P PCW PB . -2.19 -38.01 5.69
C1 PCW QB . 3.85 -34.56 -1.63
C2 PCW QB . 2.62 -33.83 -2.29
C3 PCW QB . 2.25 -34.54 -3.64
C4 PCW QB . 0.72 -37.22 0.14
C5 PCW QB . 0.26 -38.29 1.13
C6 PCW QB . -1.30 -39.87 2.08
C7 PCW QB . -1.40 -39.38 -0.19
C8 PCW QB . -2.16 -37.78 1.24
C11 PCW QB . -0.09 -34.50 -4.23
C12 PCW QB . -1.10 -33.65 -4.94
C13 PCW QB . -2.00 -32.93 -3.88
C14 PCW QB . -3.10 -32.03 -4.45
C15 PCW QB . -2.68 -31.11 -5.64
C16 PCW QB . -2.68 -29.60 -5.21
C17 PCW QB . -3.32 -28.57 -6.21
C18 PCW QB . -2.56 -28.46 -7.53
C19 PCW QB . -3.40 -28.93 -8.74
C20 PCW QB . -3.94 -28.04 -9.65
C21 PCW QB . -3.90 -26.56 -9.75
C22 PCW QB . -5.33 -26.10 -10.17
C23 PCW QB . -6.42 -26.08 -9.07
C24 PCW QB . -7.33 -24.90 -9.05
C25 PCW QB . -8.83 -25.05 -8.65
C26 PCW QB . -9.10 -25.53 -7.24
C27 PCW QB . -10.45 -26.25 -6.98
C28 PCW QB . -10.20 -27.73 -6.74
C31 PCW QB . 1.18 -32.79 -0.72
C32 PCW QB . -0.05 -33.03 0.17
C33 PCW QB . -1.26 -33.85 -0.51
C34 PCW QB . -2.55 -33.81 0.30
C35 PCW QB . -3.58 -32.99 -0.59
C36 PCW QB . -3.57 -31.48 -0.26
C37 PCW QB . -4.56 -30.61 -1.10
C38 PCW QB . -4.30 -29.15 -0.91
C39 PCW QB . -5.25 -28.29 -1.70
C40 PCW QB . -4.93 -27.23 -2.45
C41 PCW QB . -3.51 -26.72 -2.65
C42 PCW QB . -3.28 -25.51 -1.63
C43 PCW QB . -2.47 -24.32 -2.09
C44 PCW QB . -2.43 -23.34 -0.92
C45 PCW QB . -1.16 -22.53 -0.81
C46 PCW QB . -1.41 -21.05 -0.71
C47 PCW QB . -1.11 -20.41 0.64
C48 PCW QB . -1.39 -18.91 0.59
N PCW QB . -1.08 -38.81 1.07
O2 PCW QB . 1.43 -33.91 -1.39
O3 PCW QB . 1.12 -33.88 -4.24
O11 PCW QB . -0.32 -35.57 -3.73
O31 PCW QB . 1.83 -31.71 -0.80
O1P PCW QB . 2.98 -37.17 -1.69
O2P PCW QB . 4.29 -37.49 0.42
O3P PCW QB . 3.57 -35.12 -0.32
O4P PCW QB . 2.01 -36.76 0.61
P PCW QB . 3.24 -36.69 -0.29
C1 PCW RB . 0.75 -28.86 -17.01
C2 PCW RB . 0.90 -27.55 -16.14
C3 PCW RB . 2.12 -26.70 -16.64
C4 PCW RB . -0.69 -30.27 -14.05
C5 PCW RB . -1.91 -31.03 -13.54
C6 PCW RB . -3.35 -31.24 -11.43
C7 PCW RB . -3.39 -29.19 -12.78
C8 PCW RB . -3.94 -30.88 -13.28
C11 PCW RB . 3.48 -25.12 -15.45
C12 PCW RB . 3.38 -23.87 -14.63
C13 PCW RB . 3.85 -22.66 -15.53
C14 PCW RB . 3.81 -21.29 -14.85
C15 PCW RB . 3.34 -20.11 -15.74
C16 PCW RB . 4.57 -19.21 -16.16
C17 PCW RB . 5.18 -18.29 -15.06
C18 PCW RB . 6.19 -17.28 -15.62
C19 PCW RB . 7.66 -17.67 -15.35
C20 PCW RB . 8.69 -16.73 -15.37
C21 PCW RB . 8.71 -15.28 -15.63
C22 PCW RB . 9.21 -14.60 -14.32
C23 PCW RB . 8.16 -13.87 -13.45
C24 PCW RB . 8.63 -13.36 -12.12
C25 PCW RB . 9.20 -11.92 -11.98
C26 PCW RB . 9.58 -11.49 -10.57
C27 PCW RB . 8.77 -10.36 -9.91
C28 PCW RB . 8.84 -10.47 -8.41
C31 PCW RB . -1.04 -26.62 -15.15
C32 PCW RB . -2.25 -25.71 -15.42
C33 PCW RB . -2.16 -24.24 -14.80
C34 PCW RB . -3.15 -24.00 -13.66
C35 PCW RB . -2.40 -23.05 -12.64
C36 PCW RB . -3.38 -22.38 -11.65
C37 PCW RB . -2.73 -21.42 -10.60
C38 PCW RB . -3.61 -20.25 -10.28
C39 PCW RB . -3.00 -19.32 -9.27
C40 PCW RB . -3.16 -19.35 -7.95
C41 PCW RB . -4.01 -20.38 -7.22
C42 PCW RB . -4.30 -19.83 -5.75
C43 PCW RB . -5.65 -19.20 -5.46
C44 PCW RB . -5.65 -18.77 -4.00
C45 PCW RB . -6.30 -17.45 -3.71
C46 PCW RB . -5.51 -16.56 -2.78
C47 PCW RB . -6.29 -15.57 -1.97
C48 PCW RB . -5.37 -14.74 -1.06
N PCW RB . -2.73 -30.45 -12.52
O2 PCW RB . -0.31 -26.69 -16.26
O3 PCW RB . 2.24 -25.52 -15.84
O11 PCW RB . 4.52 -25.70 -15.72
O31 PCW RB . -0.80 -27.20 -14.05
O1P PCW RB . -2.62 -29.22 -15.97
O2P PCW RB . -2.00 -31.25 -17.26
O3P PCW RB . -0.60 -29.11 -17.47
O4P PCW RB . -0.56 -30.57 -15.47
P PCW RB . -1.51 -30.06 -16.53
C1 PCW SB . 27.35 -15.39 -15.99
C2 PCW SB . 26.77 -14.06 -16.60
C3 PCW SB . 27.06 -12.85 -15.64
C4 PCW SB . 25.96 -19.39 -14.75
C5 PCW SB . 25.04 -20.61 -14.91
C6 PCW SB . 25.76 -22.33 -16.66
C7 PCW SB . 25.58 -22.95 -14.29
C8 PCW SB . 24.22 -22.40 -15.43
C11 PCW SB . 25.18 -11.44 -16.17
C12 PCW SB . 24.84 -10.12 -16.81
C13 PCW SB . 24.51 -9.10 -15.65
C14 PCW SB . 24.14 -7.68 -16.11
C15 PCW SB . 23.22 -6.88 -15.15
C16 PCW SB . 23.98 -5.67 -14.53
C17 PCW SB . 23.63 -4.23 -15.06
C18 PCW SB . 22.20 -3.77 -14.71
C19 PCW SB . 22.19 -2.54 -13.78
C20 PCW SB . 21.87 -1.27 -14.24
C21 PCW SB . 21.50 -0.75 -15.59
C22 PCW SB . 19.98 -0.39 -15.52
C23 PCW SB . 19.27 -0.08 -16.86
C24 PCW SB . 18.07 0.81 -16.81
C25 PCW SB . 18.16 2.32 -17.19
C26 PCW SB . 17.66 3.30 -16.14
C27 PCW SB . 17.97 4.79 -16.35
C28 PCW SB . 16.89 5.64 -15.74
C31 PCW SB . 26.63 -13.78 -18.95
C32 PCW SB . 27.46 -13.46 -20.21
C33 PCW SB . 27.77 -11.90 -20.44
C34 PCW SB . 29.23 -11.54 -20.16
C35 PCW SB . 29.19 -10.33 -19.16
C36 PCW SB . 29.68 -10.72 -17.74
C37 PCW SB . 29.65 -9.57 -16.69
C38 PCW SB . 29.30 -10.08 -15.32
C39 PCW SB . 29.27 -8.98 -14.30
C40 PCW SB . 30.29 -8.57 -13.54
C41 PCW SB . 31.68 -9.15 -13.60
C42 PCW SB . 32.59 -8.39 -12.52
C43 PCW SB . 34.08 -8.68 -12.51
C44 PCW SB . 34.69 -7.83 -11.40
C45 PCW SB . 35.44 -6.60 -11.87
C46 PCW SB . 35.45 -5.49 -10.88
C47 PCW SB . 36.75 -5.23 -10.16
C48 PCW SB . 36.62 -4.06 -9.17
N PCW SB . 25.61 -21.86 -15.26
O2 PCW SB . 27.44 -13.75 -17.91
O3 PCW SB . 26.53 -11.64 -16.21
O11 PCW SB . 24.38 -12.21 -15.71
O31 PCW SB . 25.38 -14.03 -18.94
O1P PCW SB . 25.16 -16.60 -14.89
O2P PCW SB . 24.51 -17.22 -17.22
O3P PCW SB . 26.94 -16.59 -16.68
O4P PCW SB . 25.96 -18.70 -16.02
P PCW SB . 25.56 -17.24 -16.18
C1 PCW TB . 19.90 -20.02 -17.19
C2 PCW TB . 19.63 -18.46 -17.31
C3 PCW TB . 18.12 -18.15 -16.99
C4 PCW TB . 22.99 -18.45 -19.56
C5 PCW TB . 22.53 -17.66 -20.80
C6 PCW TB . 20.78 -15.85 -21.09
C7 PCW TB . 23.10 -15.26 -20.59
C8 PCW TB . 22.44 -16.09 -22.11
C11 PCW TB . 17.88 -16.19 -18.35
C12 PCW TB . 17.61 -14.71 -18.24
C13 PCW TB . 16.04 -14.52 -18.25
C14 PCW TB . 15.56 -13.07 -18.15
C15 PCW TB . 14.01 -12.88 -18.09
C16 PCW TB . 13.65 -11.59 -17.28
C17 PCW TB . 12.39 -11.65 -16.35
C18 PCW TB . 12.74 -11.78 -14.86
C19 PCW TB . 13.65 -10.64 -14.34
C20 PCW TB . 13.18 -9.58 -13.59
C21 PCW TB . 11.81 -9.23 -13.10
C22 PCW TB . 11.94 -7.84 -12.43
C23 PCW TB . 10.87 -7.46 -11.37
C24 PCW TB . 10.32 -6.06 -11.43
C25 PCW TB . 9.64 -5.41 -10.20
C26 PCW TB . 9.42 -3.91 -10.26
C27 PCW TB . 8.30 -3.30 -9.38
C28 PCW TB . 7.85 -1.98 -9.96
C31 PCW TB . 21.17 -16.72 -16.84
C32 PCW TB . 21.97 -16.06 -15.70
C33 PCW TB . 21.12 -15.61 -14.42
C34 PCW TB . 21.64 -14.33 -13.78
C35 PCW TB . 20.58 -13.21 -14.17
C36 PCW TB . 21.25 -11.96 -14.80
C37 PCW TB . 20.27 -10.81 -15.21
C38 PCW TB . 19.56 -11.13 -16.49
C39 PCW TB . 18.61 -10.04 -16.91
C40 PCW TB . 18.50 -9.50 -18.12
C41 PCW TB . 19.35 -9.91 -19.32
C42 PCW TB . 20.08 -8.61 -19.88
C43 PCW TB . 21.53 -8.37 -19.50
C44 PCW TB . 21.94 -7.06 -20.17
C45 PCW TB . 22.90 -6.21 -19.37
C46 PCW TB . 23.19 -4.89 -20.03
C47 PCW TB . 23.39 -3.71 -19.10
C48 PCW TB . 23.69 -2.43 -19.89
N PCW TB . 22.11 -16.31 -20.66
O2 PCW TB . 20.47 -17.73 -16.32
O3 PCW TB . 17.89 -16.74 -17.11
O11 PCW TB . 18.07 -16.78 -19.38
O31 PCW TB . 21.16 -16.37 -18.05
O1P PCW TB . 23.51 -20.91 -18.10
O2P PCW TB . 21.44 -21.67 -19.26
O3P PCW TB . 21.30 -20.35 -17.07
O4P PCW TB . 21.90 -19.32 -19.20
P PCW TB . 22.08 -20.62 -18.45
C1 PCW UB . 32.43 -20.35 -12.22
C2 PCW UB . 32.11 -18.80 -12.20
C3 PCW UB . 30.61 -18.56 -12.60
C4 PCW UB . 35.88 -18.66 -13.71
C5 PCW UB . 35.32 -17.41 -14.38
C6 PCW UB . 35.09 -14.94 -13.80
C7 PCW UB . 37.22 -15.83 -14.62
C8 PCW UB . 35.62 -15.74 -15.52
C11 PCW UB . 30.29 -16.49 -13.77
C12 PCW UB . 29.96 -15.04 -13.54
C13 PCW UB . 31.27 -14.31 -13.04
C14 PCW UB . 31.11 -12.82 -12.76
C15 PCW UB . 29.84 -12.41 -11.95
C16 PCW UB . 30.22 -12.08 -10.46
C17 PCW UB . 30.05 -10.59 -9.98
C18 PCW UB . 28.75 -10.33 -9.24
C19 PCW UB . 28.96 -9.64 -7.87
C20 PCW UB . 28.17 -8.59 -7.44
C21 PCW UB . 27.01 -7.89 -8.06
C22 PCW UB . 27.52 -6.48 -8.49
C23 PCW UB . 27.57 -6.17 -10.01
C24 PCW UB . 26.29 -5.71 -10.65
C25 PCW UB . 26.23 -4.38 -11.45
C26 PCW UB . 25.24 -3.34 -10.94
C27 PCW UB . 25.57 -1.85 -11.15
C28 PCW UB . 24.36 -1.00 -10.89
C31 PCW UB . 33.35 -17.47 -10.66
C32 PCW UB . 33.40 -17.02 -9.20
C33 PCW UB . 32.48 -15.76 -8.84
C34 PCW UB . 32.90 -15.02 -7.57
C35 PCW UB . 32.13 -15.72 -6.38
C36 PCW UB . 33.06 -16.20 -5.26
C37 PCW UB . 32.35 -16.91 -4.05
C38 PCW UB . 32.08 -15.96 -2.94
C39 PCW UB . 31.40 -16.62 -1.76
C40 PCW UB . 30.46 -16.10 -0.98
C41 PCW UB . 29.89 -14.70 -1.13
C42 PCW UB . 28.44 -14.67 -0.48
C43 PCW UB . 28.28 -14.06 0.91
C44 PCW UB . 26.81 -14.16 1.26
C45 PCW UB . 26.33 -13.19 2.31
C46 PCW UB . 25.76 -13.85 3.53
C47 PCW UB . 25.84 -13.07 4.83
C48 PCW UB . 25.24 -13.85 6.00
N PCW UB . 35.91 -16.13 -14.11
O2 PCW UB . 32.30 -18.27 -10.81
O3 PCW UB . 30.33 -17.15 -12.58
O11 PCW UB . 30.47 -16.99 -14.84
O31 PCW UB . 34.18 -17.14 -11.57
O1P PCW UB . 36.19 -21.08 -12.15
O2P PCW UB . 34.54 -22.01 -13.78
O3P PCW UB . 33.74 -20.68 -11.73
O4P PCW UB . 34.80 -19.62 -13.64
P PCW UB . 34.88 -20.91 -12.84
C1 PCW VB . 38.09 -26.38 2.06
C2 PCW VB . 37.57 -24.95 1.59
C3 PCW VB . 36.85 -25.07 0.22
C4 PCW VB . 33.59 -27.33 2.63
C5 PCW VB . 32.71 -26.24 2.02
C6 PCW VB . 31.75 -26.31 -0.34
C7 PCW VB . 30.32 -26.76 1.59
C8 PCW VB . 31.19 -25.18 1.16
C11 PCW VB . 35.04 -23.58 -0.24
C12 PCW VB . 34.75 -22.17 -0.70
C13 PCW VB . 33.49 -21.65 0.07
C14 PCW VB . 33.05 -20.23 -0.28
C15 PCW VB . 31.86 -20.12 -1.29
C16 PCW VB . 30.58 -20.80 -0.70
C17 PCW VB . 29.27 -19.95 -0.62
C18 PCW VB . 28.23 -20.34 -1.67
C19 PCW VB . 27.10 -21.23 -1.11
C20 PCW VB . 25.78 -20.80 -1.04
C21 PCW VB . 25.11 -19.54 -1.44
C22 PCW VB . 24.83 -18.75 -0.13
C23 PCW VB . 24.46 -17.24 -0.27
C24 PCW VB . 23.23 -16.92 -1.06
C25 PCW VB . 21.82 -16.99 -0.41
C26 PCW VB . 21.10 -18.32 -0.49
C27 PCW VB . 19.55 -18.30 -0.37
C28 PCW VB . 19.02 -19.71 -0.34
C31 PCW VB . 37.13 -23.79 3.62
C32 PCW VB . 35.99 -23.29 4.51
C33 PCW VB . 35.88 -21.70 4.66
C34 PCW VB . 35.14 -21.02 3.51
C35 PCW VB . 36.27 -20.39 2.59
C36 PCW VB . 35.91 -18.97 2.10
C37 PCW VB . 36.98 -18.29 1.19
C38 PCW VB . 36.91 -18.76 -0.23
C39 PCW VB . 37.95 -18.11 -1.11
C40 PCW VB . 37.74 -17.16 -2.03
C41 PCW VB . 36.39 -16.56 -2.34
C42 PCW VB . 36.30 -15.14 -1.61
C43 PCW VB . 35.39 -14.99 -0.42
C44 PCW VB . 35.52 -13.55 0.07
C45 PCW VB . 34.71 -13.22 1.29
C46 PCW VB . 33.38 -12.59 0.99
C47 PCW VB . 33.39 -11.11 0.69
C48 PCW VB . 31.99 -10.59 0.40
N PCW VB . 31.67 -26.59 1.10
O2 PCW VB . 36.59 -24.42 2.57
O3 PCW VB . 36.38 -23.78 -0.19
O11 PCW VB . 34.20 -24.40 0.03
O31 PCW VB . 38.37 -23.65 3.84
O1P PCW VB . 35.79 -29.01 3.47
O2P PCW VB . 36.64 -26.89 4.49
O3P PCW VB . 37.08 -27.42 2.00
O4P PCW VB . 34.90 -26.75 2.83
P PCW VB . 36.10 -27.55 3.28
C1 PCW WB . -9.83 -23.07 -28.03
C2 PCW WB . -10.14 -22.08 -26.83
C3 PCW WB . -10.34 -20.63 -27.39
C4 PCW WB . -10.37 -26.92 -25.57
C5 PCW WB . -9.50 -27.64 -24.55
C6 PCW WB . -11.37 -27.85 -23.04
C7 PCW WB . -9.26 -28.58 -22.36
C8 PCW WB . -10.36 -29.86 -23.89
C11 PCW WB . -11.78 -19.02 -26.34
C12 PCW WB . -11.86 -18.12 -25.13
C13 PCW WB . -11.16 -16.77 -25.49
C14 PCW WB . -11.15 -15.72 -24.38
C15 PCW WB . -10.12 -14.56 -24.55
C16 PCW WB . -9.13 -14.50 -23.34
C17 PCW WB . -7.60 -14.63 -23.64
C18 PCW WB . -6.80 -15.14 -22.44
C19 PCW WB . -6.94 -16.67 -22.21
C20 PCW WB . -7.43 -17.20 -21.03
C21 PCW WB . -7.90 -16.58 -19.78
C22 PCW WB . -9.09 -17.44 -19.25
C23 PCW WB . -8.76 -18.56 -18.23
C24 PCW WB . -9.93 -19.33 -17.68
C25 PCW WB . -11.11 -18.60 -16.97
C26 PCW WB . -10.85 -18.12 -15.57
C27 PCW WB . -10.31 -16.68 -15.38
C28 PCW WB . -11.46 -15.70 -15.46
C31 PCW WB . -11.25 -23.35 -25.17
C32 PCW WB . -12.64 -23.66 -24.58
C33 PCW WB . -12.92 -23.09 -23.13
C34 PCW WB . -12.68 -24.11 -22.01
C35 PCW WB . -13.84 -23.87 -20.98
C36 PCW WB . -13.86 -24.93 -19.84
C37 PCW WB . -14.99 -24.74 -18.78
C38 PCW WB . -14.81 -23.50 -17.98
C39 PCW WB . -15.90 -23.30 -16.95
C40 PCW WB . -16.26 -22.15 -16.37
C41 PCW WB . -15.62 -20.81 -16.67
C42 PCW WB . -16.59 -20.01 -17.64
C43 PCW WB . -17.45 -18.90 -17.06
C44 PCW WB . -18.27 -18.32 -18.21
C45 PCW WB . -18.87 -16.96 -17.94
C46 PCW WB . -20.37 -16.99 -17.81
C47 PCW WB . -20.92 -16.84 -16.41
C48 PCW WB . -22.46 -16.87 -16.42
N PCW WB . -10.09 -28.44 -23.51
O2 PCW WB . -11.41 -22.48 -26.16
O3 PCW WB . -10.62 -19.73 -26.30
O11 PCW WB . -12.61 -19.08 -27.20
O31 PCW WB . -10.17 -23.85 -24.77
O1P PCW WB . -11.46 -25.32 -27.73
O2P PCW WB . -9.63 -26.37 -29.06
O3P PCW WB . -9.15 -24.28 -27.64
O4P PCW WB . -9.51 -26.47 -26.65
P PCW WB . -10.00 -25.63 -27.82
C1 17F XB . 34.19 -28.68 11.98
N1 17F XB . 36.12 -29.68 10.73
O1 17F XB . 37.01 -28.01 13.04
P1 17F XB . 35.86 -28.52 13.88
C2 17F XB . 34.74 -29.21 10.65
O2 17F XB . 36.23 -29.41 15.04
C3 17F XB . 34.64 -28.10 9.58
O3 17F XB . 34.82 -29.31 13.05
C4 17F XB . 33.91 -27.59 15.36
O4 17F XB . 35.67 -27.69 8.90
C5 17F XB . 33.23 -26.29 15.90
O5 17F XB . 33.57 -27.55 9.33
C6 17F XB . 34.11 -25.68 17.02
O6 17F XB . 35.03 -27.33 14.52
C7 17F XB . 33.71 -24.24 18.82
O7 17F XB . 33.54 -24.49 17.56
C8 17F XB . 32.98 -22.90 19.13
O8 17F XB . 34.29 -24.85 19.68
C9 17F XB . 33.59 -21.68 18.38
O9 17F XB . 32.97 -25.32 14.87
C10 17F XB . 32.89 -20.30 18.65
O10 17F XB . 30.97 -24.81 15.93
C11 17F XB . 31.37 -20.22 18.21
C12 17F XB . 30.75 -18.81 18.51
C17 17F XB . 31.75 -24.82 14.96
C18 17F XB . 31.30 -24.21 13.65
C19 17F XB . 30.66 -22.80 13.77
C20 17F XB . 29.13 -22.81 13.42
C1X 17F XB . 29.28 -18.77 18.06
C1Y 17F XB . 28.54 -21.39 13.54
C1Z 17F XB . 27.04 -21.44 13.90
C2X 17F XB . 28.59 -17.35 18.35
C21 17F XB . 27.53 -17.42 19.49
C22 17F XB . 27.19 -16.42 20.23
C23 17F XB . 27.71 -15.05 20.20
C24 17F XB . 27.29 -14.17 21.37
C25 17F XB . 27.81 -12.75 21.36
C26 17F XB . 26.78 -11.63 20.87
C27 17F XB . 27.31 -10.21 20.87
C28 17F XB . 26.15 -9.26 20.36
C29 17F XB . 26.71 -8.34 19.35
C30 17F XB . 25.71 -7.38 18.78
C31 17F XB . 26.37 -20.08 14.32
C32 17F XB . 24.86 -20.17 14.68
C33 17F XB . 24.05 -20.12 13.39
C34 17F XB . 22.72 -20.17 13.32
C35 17F XB . 21.77 -20.27 14.48
C36 17F XB . 21.01 -18.95 14.81
C37 17F XB . 19.94 -19.23 15.81
C38 17F XB . 20.13 -18.52 17.19
C39 17F XB . 19.00 -18.85 18.16
C40 17F XB . 19.02 -17.90 19.36
C41 17F XB . 18.31 -16.53 19.01
C42 17F XB . 16.97 -16.20 19.68
C1 17F YB . 16.87 -29.37 -12.45
N1 17F YB . 16.36 -26.95 -12.85
O1 17F YB . 16.48 -31.60 -9.68
P1 17F YB . 15.70 -30.72 -10.64
C2 17F YB . 17.40 -27.95 -12.75
O2 17F YB . 15.15 -31.39 -11.87
C3 17F YB . 18.24 -27.97 -14.04
O3 17F YB . 16.50 -29.48 -11.11
C4 17F YB . 13.55 -29.21 -10.65
O4 17F YB . 17.99 -27.18 -15.04
C5 17F YB . 12.36 -28.68 -9.79
O5 17F YB . 19.18 -28.75 -14.18
C6 17F YB . 12.89 -28.11 -8.45
O6 17F YB . 14.43 -30.07 -9.94
C7 17F YB . 11.26 -28.42 -6.78
O7 17F YB . 11.83 -27.62 -7.63
C8 17F YB . 10.15 -27.64 -6.05
O8 17F YB . 11.48 -29.59 -6.53
C9 17F YB . 10.52 -27.25 -4.60
O9 17F YB . 11.55 -27.72 -10.48
C10 17F YB . 9.42 -26.45 -3.81
O10 17F YB . 9.98 -29.08 -11.47
C11 17F YB . 9.50 -24.89 -3.99
C12 17F YB . 8.39 -24.15 -3.18
C17 17F YB . 10.34 -28.17 -10.69
C18 17F YB . 9.30 -27.45 -9.87
C19 17F YB . 8.91 -26.05 -10.41
C20 17F YB . 7.82 -26.13 -11.54
C1X 17F YB . 8.50 -22.63 -3.38
C1Y 17F YB . 7.46 -24.71 -12.07
C1Z 17F YB . 6.54 -23.99 -11.07
C2X 17F YB . 7.38 -21.83 -2.56
C21 17F YB . 6.67 -20.75 -3.43
C22 17F YB . 6.78 -19.48 -3.26
C23 17F YB . 7.57 -18.79 -2.24
C24 17F YB . 8.67 -17.89 -2.81
C25 17F YB . 9.54 -17.16 -1.79
C26 17F YB . 9.02 -15.71 -1.35
C27 17F YB . 9.90 -15.01 -0.34
C28 17F YB . 9.24 -13.60 -0.04
C29 17F YB . 9.19 -13.40 1.42
C30 17F YB . 8.58 -12.09 1.83
C31 17F YB . 5.01 -24.26 -11.20
C32 17F YB . 4.11 -23.51 -10.18
C33 17F YB . 2.88 -22.97 -10.89
C34 17F YB . 1.91 -22.28 -10.30
C35 17F YB . 1.82 -21.90 -8.85
C36 17F YB . 0.61 -20.99 -8.49
C37 17F YB . 1.07 -19.86 -7.65
C38 17F YB . 0.31 -19.69 -6.31
C39 17F YB . 0.84 -18.50 -5.50
C40 17F YB . 0.02 -18.29 -4.23
C41 17F YB . -1.32 -17.52 -4.56
C42 17F YB . -1.83 -16.47 -3.56
C1 17F ZB . 10.01 -26.20 -18.33
N1 17F ZB . 8.57 -24.94 -19.95
O1 17F ZB . 13.17 -24.43 -18.02
P1 17F ZB . 12.00 -25.01 -17.27
C2 17F ZB . 9.30 -26.17 -19.69
O2 17F ZB . 12.18 -26.40 -16.73
C3 17F ZB . 8.34 -27.37 -19.80
O3 17F ZB . 10.69 -25.01 -18.09
C4 17F ZB . 10.55 -24.50 -15.13
O4 17F ZB . 7.09 -27.22 -20.08
C5 17F ZB . 10.34 -23.53 -13.95
O5 17F ZB . 8.73 -28.52 -19.63
C6 17F ZB . 11.11 -24.04 -12.71
O6 17F ZB . 11.63 -24.14 -15.99
C7 17F ZB . 11.94 -22.45 -11.19
O7 17F ZB . 10.94 -23.17 -11.59
C8 17F ZB . 11.47 -21.64 -9.96
O8 17F ZB . 13.07 -22.37 -11.60
C9 17F ZB . 11.17 -20.15 -10.29
O9 17F ZB . 10.70 -22.18 -14.26
C10 17F ZB . 10.67 -19.27 -9.08
O10 17F ZB . 8.97 -21.47 -15.61
C11 17F ZB . 10.43 -17.74 -9.43
C12 17F ZB . 9.94 -16.93 -8.19
C17 17F ZB . 9.66 -21.45 -14.58
C18 17F ZB . 9.33 -20.44 -13.50
C19 17F ZB . 8.11 -20.83 -12.62
C20 17F ZB . 7.32 -19.55 -12.13
C1X 17F ZB . 9.71 -15.46 -8.56
C1Y 17F ZB . 6.11 -19.97 -11.25
C1Z 17F ZB . 6.26 -19.43 -9.83
C2X 17F ZB . 9.21 -14.58 -7.31
C21 17F ZB . 10.37 -13.84 -6.60
C22 17F ZB . 10.31 -13.36 -5.40
C23 17F ZB . 9.18 -13.41 -4.47
C24 17F ZB . 8.65 -12.05 -4.04
C25 17F ZB . 7.47 -12.05 -3.08
C26 17F ZB . 6.61 -10.69 -3.04
C27 17F ZB . 5.45 -10.71 -2.08
C28 17F ZB . 4.73 -9.31 -2.17
C29 17F ZB . 3.28 -9.54 -2.35
C30 17F ZB . 2.46 -8.28 -2.45
C31 17F ZB . 5.18 -18.39 -9.36
C32 17F ZB . 5.35 -17.86 -7.92
C33 17F ZB . 4.32 -16.77 -7.65
C34 17F ZB . 4.19 -16.10 -6.51
C35 17F ZB . 5.04 -16.27 -5.27
C36 17F ZB . 4.24 -16.65 -3.99
C37 17F ZB . 4.31 -15.54 -3.01
C38 17F ZB . 5.16 -15.82 -1.75
C39 17F ZB . 5.18 -14.61 -0.79
C40 17F ZB . 4.14 -14.78 0.32
C41 17F ZB . 3.05 -13.64 0.25
C42 17F ZB . 2.41 -13.14 1.55
C1 17F AC . 28.38 -28.05 16.90
N1 17F AC . 28.98 -29.06 14.69
O1 17F AC . 28.83 -28.48 19.80
P1 17F AC . 27.88 -29.36 19.02
C2 17F AC . 28.14 -28.11 15.38
O2 17F AC . 27.87 -30.82 19.36
C3 17F AC . 28.36 -26.71 14.78
O3 17F AC . 28.08 -29.28 17.49
C4 17F AC . 25.29 -29.55 18.59
O4 17F AC . 29.18 -26.50 13.81
C5 17F AC . 23.90 -28.92 18.93
O5 17F AC . 27.73 -25.74 15.21
C6 17F AC . 22.85 -30.04 19.12
O6 17F AC . 26.37 -28.88 19.23
C7 17F AC . 20.52 -30.18 19.04
O7 17F AC . 21.57 -29.52 19.42
C8 17F AC . 19.27 -29.39 19.51
O8 17F AC . 20.41 -31.21 18.43
C9 17F AC . 18.96 -29.58 21.02
O9 17F AC . 23.95 -28.05 20.06
C10 17F AC . 17.70 -28.82 21.55
O10 17F AC . 24.27 -25.97 19.14
C11 17F AC . 17.81 -27.24 21.48
C12 17F AC . 16.52 -26.55 22.04
C17 17F AC . 23.62 -26.82 19.76
C18 17F AC . 22.23 -26.46 20.27
C19 17F AC . 22.22 -25.72 21.63
C20 17F AC . 21.08 -26.24 22.58
C1X 17F AC . 16.66 -25.02 21.96
C1Y 17F AC . 21.10 -25.48 23.92
C1Z 17F AC . 19.73 -24.83 24.21
C2X 17F AC . 15.37 -24.25 22.51
C21 17F AC . 14.25 -24.09 21.42
C22 17F AC . 13.60 -23.00 21.22
C23 17F AC . 13.75 -21.71 21.92
C24 17F AC . 14.47 -20.64 21.12
C25 17F AC . 14.66 -19.29 21.81
C26 17F AC . 16.08 -19.06 22.51
C27 17F AC . 16.24 -17.71 23.19
C28 17F AC . 17.68 -17.67 23.82
C29 17F AC . 18.13 -16.27 23.87
C30 17F AC . 19.50 -16.07 24.44
C31 17F AC . 18.94 -25.36 25.45
C32 17F AC . 17.57 -24.69 25.70
C33 17F AC . 16.55 -25.76 26.11
C34 17F AC . 15.28 -25.51 26.40
C35 17F AC . 14.58 -24.17 26.38
C36 17F AC . 14.84 -23.28 27.63
C37 17F AC . 13.90 -23.66 28.71
C38 17F AC . 14.57 -24.01 30.07
C39 17F AC . 13.52 -24.39 31.13
C40 17F AC . 13.65 -25.87 31.51
C41 17F AC . 13.40 -26.08 33.06
C42 17F AC . 14.58 -26.00 34.03
C1 17F BC . 28.16 -6.75 -30.31
N1 17F BC . 27.98 -9.24 -30.63
O1 17F BC . 30.21 -5.76 -33.21
P1 17F BC . 28.88 -5.65 -32.46
C2 17F BC . 27.99 -8.14 -29.67
O2 17F BC . 28.16 -6.38 -33.57
C3 17F BC . 26.67 -8.16 -28.86
O3 17F BC . 28.35 -6.87 -31.69
C4 17F BC . 26.59 -4.38 -32.26
O4 17F BC . 25.76 -9.04 -29.06
C5 17F BC . 25.72 -3.24 -32.87
O5 17F BC . 26.46 -7.33 -27.99
C6 17F BC . 24.34 -3.22 -32.18
O6 17F BC . 27.85 -4.54 -32.93
C7 17F BC . 22.54 -1.74 -31.94
O7 17F BC . 23.51 -2.18 -32.68
C8 17F BC . 21.81 -0.63 -32.72
O8 17F BC . 22.19 -2.06 -30.83
C9 17F BC . 21.92 0.77 -32.05
O9 17F BC . 26.37 -1.96 -32.78
C10 17F BC . 21.20 1.94 -32.79
O10 17F BC . 25.34 -0.19 -33.83
C11 17F BC . 19.62 1.92 -32.70
C12 17F BC . 18.97 3.13 -33.47
C17 17F BC . 26.08 -1.18 -33.80
C18 17F BC . 26.80 -1.61 -35.07
C19 17F BC . 25.95 -1.57 -36.35
C20 17F BC . 26.39 -2.66 -37.40
C1X 17F BC . 17.44 3.07 -33.35
C1Y 17F BC . 25.52 -2.58 -38.68
C1Z 17F BC . 25.66 -1.21 -39.35
C2X 17F BC . 16.72 4.28 -34.12
C21 17F BC . 15.39 4.71 -33.44
C22 17F BC . 14.90 5.91 -33.47
C23 17F BC . 15.46 7.09 -34.13
C24 17F BC . 16.38 7.94 -33.26
C25 17F BC . 16.99 9.17 -33.91
C26 17F BC . 18.59 9.21 -33.97
C27 17F BC . 19.18 10.43 -34.62
C28 17F BC . 20.75 10.28 -34.59
C29 17F BC . 21.30 10.72 -35.89
C30 17F BC . 22.79 10.63 -36.01
C31 17F BC . 26.99 -0.96 -40.14
C32 17F BC . 27.12 0.43 -40.82
C33 17F BC . 28.00 1.33 -39.94
C34 17F BC . 28.31 2.58 -40.22
C35 17F BC . 27.89 3.38 -41.43
C36 17F BC . 28.95 4.38 -41.96
C37 17F BC . 28.90 5.62 -41.14
C38 17F BC . 30.25 6.39 -41.05
C39 17F BC . 30.11 7.66 -40.19
C40 17F BC . 31.49 8.19 -39.78
C41 17F BC . 31.99 9.29 -40.81
C42 17F BC . 33.04 8.90 -41.86
C1 17F CC . -3.81 -36.58 -8.89
N1 17F CC . -3.42 -36.82 -11.36
O1 17F CC . -1.86 -33.79 -8.73
P1 17F CC . -3.29 -34.16 -8.36
C2 17F CC . -3.39 -37.48 -10.06
O2 17F CC . -3.53 -34.61 -6.95
C3 17F CC . -4.28 -38.73 -10.12
O3 17F CC . -3.88 -35.25 -9.29
C4 17F CC . -5.66 -33.06 -8.30
O4 17F CC . -4.93 -39.08 -11.18
C5 17F CC . -6.49 -31.77 -8.57
O5 17F CC . -4.42 -39.45 -9.13
C6 17F CC . -7.31 -31.97 -9.86
O6 17F CC . -4.27 -32.94 -8.58
C7 17F CC . -7.55 -29.85 -10.82
O7 17F CC . -8.10 -30.83 -10.18
C8 17F CC . -8.64 -28.78 -11.07
O8 17F CC . -6.42 -29.70 -11.22
C9 17F CC . -9.44 -29.05 -12.37
O9 17F CC . -7.32 -31.39 -7.47
C10 17F CC . -10.58 -28.02 -12.73
O10 17F CC . -6.59 -29.22 -7.26
C11 17F CC . -10.63 -26.72 -11.83
C12 17F CC . -11.80 -25.75 -12.25
C17 17F CC . -6.84 -30.35 -6.83
C18 17F CC . -6.59 -30.64 -5.37
C19 17F CC . -7.19 -29.61 -4.39
C20 17F CC . -8.37 -30.22 -3.53
C1X 17F CC . -11.83 -24.51 -11.36
C1Y 17F CC . -8.94 -29.16 -2.57
C1Z 17F CC . -10.47 -29.21 -2.53
C2X 17F CC . -13.01 -23.50 -11.78
C21 17F CC . -13.42 -22.55 -10.61
C22 17F CC . -14.08 -21.45 -10.78
C23 17F CC . -14.56 -20.89 -12.05
C24 17F CC . -13.84 -19.61 -12.49
C25 17F CC . -14.30 -18.99 -13.79
C26 17F CC . -14.66 -17.43 -13.73
C27 17F CC . -15.10 -16.82 -15.04
C28 17F CC . -15.41 -15.31 -14.79
C29 17F CC . -16.10 -14.76 -15.97
C30 17F CC . -16.46 -13.31 -15.86
C31 17F CC . -11.23 -27.92 -3.00
C32 17F CC . -12.78 -28.02 -2.95
C33 17F CC . -13.26 -27.62 -1.56
C34 17F CC . -14.54 -27.59 -1.18
C35 17F CC . -15.74 -27.93 -2.02
C36 17F CC . -17.01 -28.34 -1.20
C37 17F CC . -18.05 -27.29 -1.36
C38 17F CC . -19.32 -27.51 -0.49
C39 17F CC . -20.34 -26.39 -0.70
C40 17F CC . -20.70 -25.72 0.64
C41 17F CC . -19.87 -24.38 0.83
C42 17F CC . -20.53 -23.18 1.51
C1 17F DC . 4.65 -31.82 -9.32
N1 17F DC . 7.15 -31.91 -9.09
O1 17F DC . 3.92 -33.56 -6.36
P1 17F DC . 3.48 -32.35 -7.13
C2 17F DC . 5.99 -32.43 -9.79
O2 17F DC . 2.32 -32.53 -8.08
C3 17F DC . 6.15 -32.19 -11.30
O3 17F DC . 4.62 -31.69 -7.94
C4 17F DC . 2.56 -29.92 -6.65
O4 17F DC . 7.20 -31.62 -11.80
C5 17F DC . 2.16 -28.90 -5.54
O5 17F DC . 5.29 -32.55 -12.10
C6 17F DC . 2.08 -27.49 -6.15
O6 17F DC . 3.02 -31.18 -6.16
C7 17F DC . 1.22 -25.38 -5.62
O7 17F DC . 1.72 -26.50 -5.20
C8 17F DC . 0.93 -24.48 -4.40
O8 17F DC . 0.99 -25.01 -6.75
C9 17F DC . 1.61 -23.09 -4.49
O9 17F DC . 0.93 -29.26 -4.90
C10 17F DC . 1.37 -22.11 -3.29
O10 17F DC . 2.09 -30.63 -3.43
C11 17F DC . 2.69 -21.62 -2.57
C12 17F DC . 2.38 -20.65 -1.37
C17 17F DC . 1.12 -29.93 -3.77
C18 17F DC . -0.05 -29.77 -2.81
C19 17F DC . -0.15 -28.38 -2.14
C20 17F DC . 1.13 -28.04 -1.29
C1X 17F DC . 3.69 -20.20 -0.70
C1Y 17F DC . 0.99 -26.64 -0.63
C1Z 17F DC . 1.41 -26.69 0.84
C2X 17F DC . 3.43 -19.20 0.54
C21 17F DC . 2.67 -19.88 1.72
C22 17F DC . 3.21 -20.67 2.58
C23 17F DC . 4.62 -21.11 2.65
C24 17F DC . 4.79 -22.62 2.74
C25 17F DC . 6.21 -23.14 2.81
C26 17F DC . 6.67 -24.09 1.60
C27 17F DC . 8.09 -24.59 1.69
C28 17F DC . 8.35 -25.49 0.42
C29 17F DC . 8.35 -26.90 0.85
C30 17F DC . 8.59 -27.89 -0.25
C31 17F DC . 0.27 -26.67 1.91
C32 17F DC . 0.73 -26.72 3.39
C33 17F DC . 0.24 -28.03 4.01
C34 17F DC . 0.46 -28.39 5.27
C35 17F DC . 1.23 -27.64 6.32
C36 17F DC . 0.34 -26.86 7.34
C37 17F DC . 0.82 -25.46 7.43
C38 17F DC . 0.08 -24.45 6.51
C39 17F DC . 0.64 -23.02 6.67
C40 17F DC . -0.37 -22.12 7.41
C41 17F DC . -0.78 -20.89 6.51
C42 17F DC . -2.27 -20.66 6.21
C1 17F EC . 10.22 -41.79 9.77
N1 17F EC . 9.81 -39.82 8.25
O1 17F EC . 8.61 -43.09 11.88
P1 17F EC . 7.95 -42.26 10.80
C2 17F EC . 10.61 -40.36 9.35
O2 17F EC . 6.64 -42.78 10.25
C3 17F EC . 12.09 -40.33 8.95
O3 17F EC . 8.86 -42.01 9.57
C4 17F EC . 6.99 -39.82 10.50
O4 17F EC . 12.51 -39.90 7.81
C5 17F EC . 6.77 -38.47 11.24
O5 17F EC . 12.95 -40.75 9.73
C6 17F EC . 8.11 -37.91 11.76
O6 17F EC . 7.61 -40.81 11.32
C7 17F EC . 8.54 -36.53 13.59
O7 17F EC . 7.95 -36.68 12.45
C8 17F EC . 8.19 -35.12 14.13
O8 17F EC . 9.26 -37.27 14.21
C9 17F EC . 7.81 -35.13 15.64
O9 17F EC . 6.06 -37.50 10.43
C10 17F EC . 7.44 -33.73 16.27
O10 17F EC . 7.70 -37.50 8.78
C11 17F EC . 7.37 -33.72 17.84
C12 17F EC . 6.99 -32.30 18.40
C17 17F EC . 6.79 -36.98 9.44
C18 17F EC . 6.40 -35.55 9.15
C19 17F EC . 6.76 -34.54 10.27
C20 17F EC . 5.49 -34.04 11.05
C1X 17F EC . 6.93 -32.33 19.93
C1Y 17F EC . 5.89 -33.04 12.16
C1Z 17F EC . 4.64 -32.39 12.79
C2X 17F EC . 6.54 -30.90 20.55
C21 17F EC . 5.88 -31.00 21.95
C22 17F EC . 5.27 -30.04 22.56
C23 17F EC . 5.11 -28.66 22.07
C24 17F EC . 5.68 -27.59 22.99
C25 17F EC . 5.52 -26.14 22.53
C26 17F EC . 6.83 -25.22 22.72
C27 17F EC . 6.66 -23.79 22.25
C28 17F EC . 8.02 -23.04 22.51
C29 17F EC . 8.15 -21.93 21.53
C30 17F EC . 9.41 -21.14 21.66
C31 17F EC . 4.88 -31.07 13.60
C32 17F EC . 3.61 -30.43 14.22
C33 17F EC . 2.85 -29.67 13.15
C34 17F EC . 1.71 -29.00 13.34
C35 17F EC . 0.95 -28.85 14.64
C36 17F EC . -0.24 -29.86 14.81
C37 17F EC . -0.05 -30.62 16.07
C38 17F EC . -0.38 -32.13 15.96
C39 17F EC . -0.16 -32.85 17.31
C40 17F EC . 0.78 -34.05 17.14
C41 17F EC . -0.04 -35.40 17.08
C42 17F EC . -0.09 -36.30 18.33
PB GDP FC . -30.93 23.96 5.62
O1B GDP FC . -30.97 23.05 6.83
O2B GDP FC . -31.46 25.32 5.97
O3B GDP FC . -29.51 24.12 5.15
O3A GDP FC . -31.81 23.35 4.42
PA GDP FC . -33.12 22.44 4.67
O1A GDP FC . -34.18 23.20 5.41
O2A GDP FC . -32.78 21.16 5.40
O5' GDP FC . -33.58 22.12 3.17
C5' GDP FC . -34.41 23.05 2.47
C4' GDP FC . -34.71 22.52 1.09
O4' GDP FC . -33.59 22.74 0.23
C3' GDP FC . -35.00 21.02 1.09
O3' GDP FC . -36.40 20.82 0.91
C2' GDP FC . -34.16 20.44 -0.03
O2' GDP FC . -34.94 20.11 -1.19
C1' GDP FC . -33.11 21.50 -0.32
N9 GDP FC . -31.79 21.15 0.26
C8 GDP FC . -31.17 21.70 1.32
N7 GDP FC . -29.98 21.08 1.55
C5 GDP FC . -29.83 20.14 0.61
C6 GDP FC . -28.81 19.11 0.28
O6 GDP FC . -27.75 19.01 0.94
N1 GDP FC . -29.04 18.31 -0.78
C2 GDP FC . -30.17 18.38 -1.52
N2 GDP FC . -30.32 17.53 -2.57
N3 GDP FC . -31.13 19.30 -1.27
C4 GDP FC . -31.02 20.17 -0.22
MG MG GC . -26.64 24.89 11.24
#